data_6YFC
#
_entry.id   6YFC
#
_cell.length_a   269.417
_cell.length_b   277.201
_cell.length_c   277.444
_cell.angle_alpha   103.910
_cell.angle_beta   117.390
_cell.angle_gamma   106.960
#
_symmetry.space_group_name_H-M   'P 1'
#
loop_
_entity.id
_entity.type
_entity.pdbx_description
1 polymer 'coat protein'
2 non-polymer 'CALCIUM ION'
#
_entity_poly.entity_id   1
_entity_poly.type   'polypeptide(L)'
_entity_poly.pdbx_seq_one_letter_code
;MRLTDVDLTVGEETREYAVSEQQGTLFRFVDKSGTVANNTGVFSLEQRFGAANSNRKVTMLLTDPVVVKDASGADMTIKA
NASVTFSLPKTYPNEHITKLRQTLIAWLGQQCVSDPVDSGLNNY
;
_entity_poly.pdbx_strand_id   AA,AB,AC,AD,AE,AF,AG,AH,AI,AJ,AK,AL,AM,AN,AO,AP,AQ,AR,AS,AT,AU,AV,AW,AX,AY,AZ,BA,BB,BC,BD,BE,BF,BG,BH,BI,BJ,BK,BL,BM,BN,BO,BP,BQ,BR,BS,BT,BU,BV,BW,BX,BY,BZ,CA,CB,CC,CD,CE,CF,CG,CH,CI,CJ,CK,CL,CM,CN,CO,CP,CQ,CR,CS,CT,CU,CV,CW,CX,CY,CZ,DA,DB,DC,DD,DE,DF,DG,DH,DI,DJ,DK,DL,DM,DN,DO,DP,DQ,DR,DS,DT,DU,DV,DW,DX,DY,DZ,EA,EB,EC,ED,EE,EF,EG,EH,EI,EJ,EK,EL,EM,EN,EO,EP,EQ,ER,ES,ET,EU,EV,EW,EX,EY,EZ,FA,FB,FC,FD,FE,FF,FG,FH,FI,FJ,FK,FL,FM,FN,FO,FP,FQ,FR,FS,FT,FU,FV,FW,FX,FY,FZ,GA,GB,GC,GD,GE,GF,GG,GH,GI,GJ,GK,GL,GM,GN,GO,GP,GQ,GR,GS,GT,GU,GV,GW,GX
#
# COMPACT_ATOMS: atom_id res chain seq x y z
N MET A 1 115.54 44.12 -49.44
CA MET A 1 116.80 43.61 -49.96
C MET A 1 116.62 42.30 -50.71
N ARG A 2 117.29 42.17 -51.85
CA ARG A 2 117.32 40.90 -52.55
C ARG A 2 118.06 39.86 -51.71
N LEU A 3 117.33 38.84 -51.27
CA LEU A 3 117.88 37.88 -50.33
C LEU A 3 119.02 37.10 -50.94
N THR A 4 120.03 36.81 -50.11
CA THR A 4 121.14 35.96 -50.48
C THR A 4 121.52 35.16 -49.27
N ASP A 5 122.16 34.01 -49.50
CA ASP A 5 122.69 33.23 -48.39
C ASP A 5 123.54 34.13 -47.50
N VAL A 6 123.58 33.81 -46.22
CA VAL A 6 124.15 34.72 -45.23
C VAL A 6 125.24 33.98 -44.46
N ASP A 7 126.35 34.65 -44.23
CA ASP A 7 127.42 34.12 -43.40
C ASP A 7 127.64 35.06 -42.23
N LEU A 8 127.48 34.54 -41.01
CA LEU A 8 127.56 35.30 -39.78
C LEU A 8 128.86 34.96 -39.06
N THR A 9 129.50 35.98 -38.52
CA THR A 9 130.65 35.77 -37.64
C THR A 9 130.12 35.71 -36.22
N VAL A 10 130.33 34.59 -35.54
CA VAL A 10 129.75 34.32 -34.23
C VAL A 10 130.88 34.00 -33.28
N GLY A 11 131.21 34.96 -32.41
CA GLY A 11 132.34 34.79 -31.52
C GLY A 11 133.58 34.52 -32.33
N GLU A 12 134.10 33.30 -32.25
CA GLU A 12 135.31 32.95 -32.96
C GLU A 12 135.07 31.86 -33.99
N GLU A 13 133.83 31.68 -34.41
CA GLU A 13 133.46 30.71 -35.43
C GLU A 13 132.67 31.44 -36.51
N THR A 14 132.44 30.78 -37.64
CA THR A 14 131.62 31.33 -38.70
C THR A 14 130.47 30.38 -39.01
N ARG A 15 129.27 30.92 -39.01
CA ARG A 15 128.03 30.17 -39.18
C ARG A 15 127.43 30.53 -40.53
N GLU A 16 127.06 29.53 -41.32
CA GLU A 16 126.58 29.74 -42.68
C GLU A 16 125.12 29.31 -42.79
N TYR A 17 124.26 30.24 -43.21
CA TYR A 17 122.84 30.01 -43.42
C TYR A 17 122.51 30.14 -44.90
N ALA A 18 121.47 29.41 -45.31
CA ALA A 18 120.98 29.45 -46.68
C ALA A 18 119.48 29.74 -46.68
N VAL A 19 119.04 30.48 -47.70
CA VAL A 19 117.63 30.83 -47.81
C VAL A 19 116.81 29.58 -48.00
N SER A 20 115.79 29.40 -47.15
CA SER A 20 114.86 28.27 -47.26
C SER A 20 113.51 28.65 -47.84
N GLU A 21 112.94 29.81 -47.48
CA GLU A 21 111.76 30.27 -48.19
C GLU A 21 111.60 31.77 -48.00
N GLN A 22 110.96 32.41 -48.98
CA GLN A 22 110.69 33.84 -48.93
C GLN A 22 109.26 34.10 -49.39
N GLN A 23 108.48 34.73 -48.53
CA GLN A 23 107.13 35.17 -48.85
C GLN A 23 107.11 36.69 -48.90
N GLY A 24 105.91 37.25 -49.05
CA GLY A 24 105.81 38.69 -49.18
C GLY A 24 106.33 39.41 -47.96
N THR A 25 105.96 38.94 -46.77
CA THR A 25 106.35 39.56 -45.51
C THR A 25 107.06 38.58 -44.57
N LEU A 26 107.55 37.46 -45.09
CA LEU A 26 108.17 36.44 -44.26
C LEU A 26 109.34 35.81 -45.01
N PHE A 27 110.39 35.46 -44.27
CA PHE A 27 111.48 34.66 -44.83
C PHE A 27 112.07 33.74 -43.77
N ARG A 28 112.77 32.73 -44.25
CA ARG A 28 113.36 31.70 -43.41
C ARG A 28 114.66 31.22 -44.00
N PHE A 29 115.70 31.22 -43.16
CA PHE A 29 117.01 30.65 -43.40
C PHE A 29 117.21 29.37 -42.58
N VAL A 30 118.05 28.50 -43.11
CA VAL A 30 118.44 27.26 -42.44
C VAL A 30 119.96 27.19 -42.33
N ASP A 31 120.45 26.67 -41.20
CA ASP A 31 121.89 26.48 -41.00
C ASP A 31 122.40 25.41 -41.96
N LYS A 32 123.41 25.77 -42.77
CA LYS A 32 123.96 24.83 -43.75
C LYS A 32 124.60 23.60 -43.10
N SER A 33 124.80 23.62 -41.78
CA SER A 33 125.36 22.48 -41.07
C SER A 33 124.43 21.27 -41.09
N GLY A 34 123.15 21.46 -41.43
CA GLY A 34 122.13 20.48 -41.18
C GLY A 34 121.43 19.96 -42.42
N THR A 35 120.65 18.90 -42.21
CA THR A 35 119.83 18.22 -43.20
C THR A 35 118.36 18.48 -42.89
N VAL A 36 117.51 18.23 -43.89
CA VAL A 36 116.09 18.03 -43.61
C VAL A 36 115.93 17.07 -42.44
N ALA A 37 116.63 15.94 -42.49
CA ALA A 37 116.56 14.93 -41.44
C ALA A 37 117.04 15.50 -40.11
N ASN A 38 118.29 15.90 -40.04
CA ASN A 38 118.87 16.44 -38.82
C ASN A 38 119.13 17.93 -39.02
N ASN A 39 118.43 18.76 -38.25
CA ASN A 39 118.51 20.21 -38.36
C ASN A 39 119.45 20.78 -37.30
N THR A 40 120.27 21.74 -37.71
CA THR A 40 121.21 22.39 -36.80
C THR A 40 120.81 23.80 -36.40
N GLY A 41 119.92 24.46 -37.15
CA GLY A 41 119.52 25.81 -36.82
C GLY A 41 118.54 26.40 -37.80
N VAL A 42 117.66 27.28 -37.32
CA VAL A 42 116.68 27.92 -38.18
C VAL A 42 116.50 29.36 -37.74
N PHE A 43 116.25 30.23 -38.71
CA PHE A 43 115.93 31.63 -38.44
C PHE A 43 114.77 32.05 -39.32
N SER A 44 113.80 32.74 -38.71
CA SER A 44 112.62 33.18 -39.42
C SER A 44 112.27 34.61 -39.00
N LEU A 45 111.78 35.39 -39.96
CA LEU A 45 111.41 36.78 -39.71
C LEU A 45 110.13 37.10 -40.47
N GLU A 46 109.18 37.79 -39.80
CA GLU A 46 107.91 38.18 -40.39
C GLU A 46 107.52 39.58 -39.94
N GLN A 47 107.03 40.39 -40.88
CA GLN A 47 106.52 41.71 -40.58
C GLN A 47 105.01 41.76 -40.75
N ARG A 48 104.34 42.45 -39.82
CA ARG A 48 102.89 42.63 -39.81
C ARG A 48 102.62 44.13 -39.76
N PHE A 49 102.29 44.69 -40.92
CA PHE A 49 101.93 46.09 -41.06
C PHE A 49 100.45 46.23 -40.67
N GLY A 50 100.18 46.94 -39.57
CA GLY A 50 98.81 47.12 -39.10
C GLY A 50 98.10 48.25 -39.80
N ALA A 51 96.95 48.64 -39.22
CA ALA A 51 96.28 49.84 -39.70
C ALA A 51 97.05 51.09 -39.28
N ALA A 52 96.62 52.24 -39.82
CA ALA A 52 97.34 53.49 -39.58
C ALA A 52 97.32 53.89 -38.11
N ASN A 53 96.35 53.40 -37.33
CA ASN A 53 96.37 53.59 -35.89
C ASN A 53 97.18 52.52 -35.16
N SER A 54 97.52 51.43 -35.85
CA SER A 54 98.26 50.33 -35.25
C SER A 54 99.76 50.47 -35.49
N ASN A 55 100.53 49.96 -34.55
CA ASN A 55 101.98 49.86 -34.74
C ASN A 55 102.29 48.67 -35.63
N ARG A 56 103.20 48.87 -36.59
CA ARG A 56 103.68 47.70 -37.31
C ARG A 56 104.59 46.89 -36.40
N LYS A 57 104.61 45.59 -36.64
CA LYS A 57 105.32 44.68 -35.76
C LYS A 57 106.23 43.78 -36.59
N VAL A 58 107.37 43.43 -36.01
CA VAL A 58 108.37 42.63 -36.71
C VAL A 58 108.88 41.57 -35.74
N THR A 59 108.78 40.30 -36.11
CA THR A 59 109.11 39.23 -35.18
C THR A 59 110.11 38.26 -35.80
N MET A 60 111.08 37.85 -34.98
CA MET A 60 112.15 36.94 -35.35
C MET A 60 112.16 35.76 -34.40
N LEU A 61 112.39 34.59 -34.96
CA LEU A 61 112.58 33.36 -34.19
C LEU A 61 113.86 32.68 -34.63
N LEU A 62 114.76 32.45 -33.68
CA LEU A 62 116.01 31.75 -33.88
C LEU A 62 115.96 30.47 -33.05
N THR A 63 116.08 29.33 -33.72
CA THR A 63 116.02 28.03 -33.06
C THR A 63 117.32 27.28 -33.26
N ASP A 64 117.91 26.83 -32.15
CA ASP A 64 119.16 26.05 -32.16
C ASP A 64 118.91 24.73 -31.48
N PRO A 65 118.80 23.65 -32.25
CA PRO A 65 118.71 22.31 -31.66
C PRO A 65 120.08 21.67 -31.50
N VAL A 66 120.22 20.91 -30.42
CA VAL A 66 121.45 20.21 -30.07
C VAL A 66 121.07 18.78 -29.66
N VAL A 67 121.94 17.84 -30.01
CA VAL A 67 121.75 16.46 -29.57
C VAL A 67 122.46 16.29 -28.22
N VAL A 68 121.73 15.74 -27.25
CA VAL A 68 122.21 15.54 -25.90
C VAL A 68 122.04 14.08 -25.53
N LYS A 69 122.91 13.58 -24.67
CA LYS A 69 122.82 12.23 -24.14
C LYS A 69 121.65 12.12 -23.17
N ASP A 70 120.90 11.04 -23.28
CA ASP A 70 119.83 10.75 -22.35
C ASP A 70 120.40 10.29 -21.01
N ALA A 71 119.57 10.35 -19.97
CA ALA A 71 119.98 9.77 -18.68
C ALA A 71 120.20 8.28 -18.81
N SER A 72 119.45 7.63 -19.70
CA SER A 72 119.70 6.23 -20.05
C SER A 72 120.88 6.09 -21.02
N GLY A 73 121.13 7.12 -21.83
CA GLY A 73 122.20 7.11 -22.82
C GLY A 73 121.73 7.30 -24.25
N ALA A 74 120.42 7.25 -24.50
CA ALA A 74 119.90 7.41 -25.85
C ALA A 74 120.23 8.81 -26.39
N ASP A 75 120.17 8.91 -27.72
CA ASP A 75 120.36 10.20 -28.38
C ASP A 75 119.04 10.96 -28.40
N MET A 76 119.05 12.21 -27.93
CA MET A 76 117.83 12.98 -27.81
C MET A 76 118.09 14.40 -28.31
N THR A 77 117.17 14.96 -29.09
CA THR A 77 117.34 16.30 -29.64
C THR A 77 116.56 17.32 -28.82
N ILE A 78 117.22 18.41 -28.45
CA ILE A 78 116.68 19.44 -27.57
C ILE A 78 116.88 20.78 -28.24
N LYS A 79 115.81 21.57 -28.33
CA LYS A 79 115.85 22.87 -28.98
C LYS A 79 115.88 23.99 -27.93
N ALA A 80 116.60 25.06 -28.25
CA ALA A 80 116.59 26.30 -27.49
C ALA A 80 116.14 27.43 -28.41
N ASN A 81 115.24 28.26 -27.91
CA ASN A 81 114.59 29.27 -28.74
C ASN A 81 114.96 30.67 -28.26
N ALA A 82 115.09 31.60 -29.20
CA ALA A 82 115.18 33.01 -28.88
C ALA A 82 114.27 33.74 -29.84
N SER A 83 113.48 34.68 -29.32
CA SER A 83 112.52 35.38 -30.15
C SER A 83 112.57 36.87 -29.84
N VAL A 84 112.63 37.68 -30.90
CA VAL A 84 112.66 39.13 -30.78
C VAL A 84 111.40 39.69 -31.45
N THR A 85 110.87 40.76 -30.87
CA THR A 85 109.69 41.43 -31.43
C THR A 85 109.88 42.94 -31.32
N PHE A 86 109.85 43.62 -32.47
CA PHE A 86 109.93 45.06 -32.56
C PHE A 86 108.52 45.60 -32.77
N SER A 87 108.03 46.40 -31.81
CA SER A 87 106.79 47.13 -31.97
C SER A 87 107.14 48.57 -32.30
N LEU A 88 106.84 48.96 -33.54
CA LEU A 88 107.26 50.25 -34.10
C LEU A 88 106.03 51.01 -34.57
N PRO A 89 105.65 52.08 -33.87
CA PRO A 89 104.57 52.93 -34.35
C PRO A 89 104.93 53.65 -35.64
N LYS A 90 103.91 54.00 -36.40
CA LYS A 90 104.11 54.57 -37.72
C LYS A 90 104.32 56.08 -37.69
N THR A 91 104.37 56.68 -36.51
CA THR A 91 104.80 58.05 -36.32
C THR A 91 106.22 58.13 -35.78
N TYR A 92 106.82 56.99 -35.51
CA TYR A 92 108.18 56.89 -34.98
C TYR A 92 109.18 56.98 -36.14
N PRO A 93 110.24 57.76 -36.01
CA PRO A 93 111.17 57.93 -37.14
C PRO A 93 112.12 56.76 -37.34
N ASN A 94 112.39 56.49 -38.62
CA ASN A 94 113.22 55.35 -38.99
C ASN A 94 114.61 55.45 -38.38
N GLU A 95 115.15 56.66 -38.27
CA GLU A 95 116.44 56.85 -37.62
C GLU A 95 116.44 56.25 -36.23
N HIS A 96 115.46 56.62 -35.41
CA HIS A 96 115.41 56.11 -34.05
C HIS A 96 115.09 54.63 -34.00
N ILE A 97 114.42 54.08 -35.01
CA ILE A 97 114.29 52.62 -35.08
C ILE A 97 115.68 51.97 -35.22
N THR A 98 116.51 52.51 -36.11
CA THR A 98 117.86 51.98 -36.25
C THR A 98 118.64 52.11 -34.94
N LYS A 99 118.52 53.27 -34.29
CA LYS A 99 119.13 53.47 -32.98
C LYS A 99 118.69 52.40 -32.00
N LEU A 100 117.39 52.10 -31.97
CA LEU A 100 116.85 51.08 -31.09
C LEU A 100 117.46 49.71 -31.37
N ARG A 101 117.50 49.32 -32.64
CA ARG A 101 118.06 48.02 -33.00
C ARG A 101 119.52 47.91 -32.55
N GLN A 102 120.29 48.97 -32.77
CA GLN A 102 121.69 48.91 -32.40
C GLN A 102 121.88 48.86 -30.89
N THR A 103 121.10 49.65 -30.13
CA THR A 103 121.18 49.56 -28.68
C THR A 103 120.81 48.17 -28.19
N LEU A 104 119.87 47.50 -28.86
CA LEU A 104 119.53 46.14 -28.49
C LEU A 104 120.71 45.21 -28.72
N ILE A 105 121.39 45.35 -29.86
CA ILE A 105 122.58 44.54 -30.10
C ILE A 105 123.61 44.76 -29.00
N ALA A 106 123.85 46.02 -28.66
CA ALA A 106 124.82 46.34 -27.61
C ALA A 106 124.42 45.72 -26.28
N TRP A 107 123.13 45.80 -25.93
CA TRP A 107 122.67 45.21 -24.68
C TRP A 107 122.86 43.70 -24.67
N LEU A 108 122.52 43.04 -25.80
CA LEU A 108 122.72 41.60 -25.89
C LEU A 108 124.17 41.21 -25.76
N GLY A 109 125.09 42.15 -26.05
CA GLY A 109 126.50 41.92 -25.80
C GLY A 109 126.91 41.97 -24.34
N GLN A 110 126.16 42.69 -23.51
CA GLN A 110 126.59 43.03 -22.16
C GLN A 110 126.67 41.80 -21.27
N GLN A 111 127.51 41.90 -20.24
CA GLN A 111 127.65 40.78 -19.31
C GLN A 111 126.42 40.65 -18.43
N CYS A 112 125.79 41.77 -18.07
CA CYS A 112 124.60 41.71 -17.23
C CYS A 112 123.43 41.05 -17.94
N VAL A 113 123.44 41.03 -19.27
CA VAL A 113 122.48 40.23 -20.03
C VAL A 113 123.02 38.81 -20.25
N SER A 114 124.33 38.67 -20.40
CA SER A 114 124.92 37.36 -20.70
C SER A 114 124.75 36.39 -19.54
N ASP A 115 125.03 36.83 -18.31
CA ASP A 115 125.02 35.92 -17.17
C ASP A 115 123.69 35.22 -16.97
N PRO A 116 122.54 35.89 -16.91
CA PRO A 116 121.28 35.15 -16.78
C PRO A 116 120.96 34.29 -17.98
N VAL A 117 121.16 34.80 -19.20
CA VAL A 117 120.86 34.04 -20.40
C VAL A 117 121.79 32.83 -20.50
N ASP A 118 123.10 33.06 -20.51
CA ASP A 118 124.03 31.98 -20.84
C ASP A 118 124.11 30.95 -19.70
N SER A 119 124.14 31.40 -18.45
CA SER A 119 124.42 30.50 -17.34
C SER A 119 123.32 30.43 -16.29
N GLY A 120 122.34 31.33 -16.31
CA GLY A 120 121.28 31.31 -15.33
C GLY A 120 121.54 32.10 -14.07
N LEU A 121 122.73 32.68 -13.93
CA LEU A 121 123.01 33.49 -12.75
C LEU A 121 122.32 34.84 -12.87
N ASN A 122 121.63 35.25 -11.81
CA ASN A 122 121.07 36.59 -11.76
C ASN A 122 122.13 37.61 -11.31
N ASN A 123 121.90 38.87 -11.68
CA ASN A 123 122.82 39.91 -11.25
C ASN A 123 122.39 40.44 -9.88
N TYR A 124 123.34 41.10 -9.21
CA TYR A 124 123.09 41.56 -7.85
C TYR A 124 123.64 42.96 -7.59
N MET B 1 108.72 41.00 -65.12
CA MET B 1 110.07 41.56 -65.12
C MET B 1 110.76 41.32 -63.78
N ARG B 2 112.08 41.47 -63.76
CA ARG B 2 112.85 41.38 -62.52
C ARG B 2 112.83 42.73 -61.83
N LEU B 3 112.14 42.81 -60.70
CA LEU B 3 111.94 44.06 -59.99
C LEU B 3 113.27 44.69 -59.58
N THR B 4 113.41 45.98 -59.91
CA THR B 4 114.54 46.79 -59.51
C THR B 4 114.00 48.12 -59.03
N ASP B 5 114.72 48.75 -58.11
CA ASP B 5 114.32 50.07 -57.63
C ASP B 5 114.13 51.00 -58.82
N VAL B 6 113.15 51.89 -58.72
CA VAL B 6 112.68 52.65 -59.87
C VAL B 6 112.87 54.14 -59.58
N ASP B 7 113.26 54.88 -60.60
CA ASP B 7 113.34 56.33 -60.51
C ASP B 7 112.47 56.96 -61.59
N LEU B 8 111.51 57.76 -61.15
CA LEU B 8 110.50 58.36 -62.01
C LEU B 8 110.81 59.83 -62.20
N THR B 9 110.72 60.28 -63.44
CA THR B 9 110.86 61.69 -63.74
C THR B 9 109.46 62.31 -63.66
N VAL B 10 109.24 63.15 -62.66
CA VAL B 10 107.94 63.71 -62.35
C VAL B 10 108.02 65.21 -62.53
N GLY B 11 107.53 65.70 -63.67
CA GLY B 11 107.67 67.10 -64.00
C GLY B 11 109.13 67.47 -64.05
N GLU B 12 109.59 68.29 -63.11
CA GLU B 12 110.98 68.70 -63.07
C GLU B 12 111.71 68.13 -61.87
N GLU B 13 111.18 67.09 -61.26
CA GLU B 13 111.77 66.47 -60.09
C GLU B 13 111.97 64.99 -60.39
N THR B 14 112.70 64.31 -59.52
CA THR B 14 112.90 62.87 -59.65
C THR B 14 112.49 62.20 -58.35
N ARG B 15 111.49 61.32 -58.44
CA ARG B 15 111.05 60.48 -57.33
C ARG B 15 111.80 59.16 -57.39
N GLU B 16 112.17 58.64 -56.22
CA GLU B 16 112.99 57.43 -56.16
C GLU B 16 112.35 56.40 -55.23
N TYR B 17 111.85 55.32 -55.81
CA TYR B 17 111.16 54.28 -55.07
C TYR B 17 112.04 53.04 -54.97
N ALA B 18 111.89 52.34 -53.84
CA ALA B 18 112.58 51.09 -53.56
C ALA B 18 111.57 49.97 -53.37
N VAL B 19 111.94 48.77 -53.84
CA VAL B 19 111.07 47.61 -53.68
C VAL B 19 110.87 47.33 -52.21
N SER B 20 109.60 47.23 -51.80
CA SER B 20 109.26 46.97 -50.41
C SER B 20 108.62 45.61 -50.16
N GLU B 21 107.89 45.05 -51.14
CA GLU B 21 107.55 43.64 -51.02
C GLU B 21 107.18 43.08 -52.39
N GLN B 22 107.43 41.77 -52.54
CA GLN B 22 107.09 41.03 -53.75
C GLN B 22 106.43 39.73 -53.34
N GLN B 23 105.17 39.55 -53.74
CA GLN B 23 104.45 38.31 -53.53
C GLN B 23 104.29 37.62 -54.87
N GLY B 24 103.36 36.68 -54.94
CA GLY B 24 103.11 35.99 -56.19
C GLY B 24 102.61 36.94 -57.24
N THR B 25 101.48 37.58 -56.98
CA THR B 25 100.81 38.46 -57.93
C THR B 25 100.80 39.91 -57.49
N LEU B 26 101.51 40.24 -56.41
CA LEU B 26 101.47 41.57 -55.81
C LEU B 26 102.90 42.07 -55.57
N PHE B 27 103.08 43.38 -55.77
CA PHE B 27 104.34 44.04 -55.41
C PHE B 27 104.04 45.42 -54.85
N ARG B 28 105.05 45.96 -54.16
CA ARG B 28 104.91 47.25 -53.49
C ARG B 28 106.27 47.94 -53.44
N PHE B 29 106.30 49.17 -53.96
CA PHE B 29 107.41 50.11 -53.88
C PHE B 29 107.12 51.18 -52.84
N VAL B 30 108.19 51.84 -52.41
CA VAL B 30 108.13 52.80 -51.32
C VAL B 30 109.05 53.99 -51.65
N ASP B 31 108.57 55.21 -51.40
CA ASP B 31 109.38 56.40 -51.66
C ASP B 31 110.61 56.43 -50.77
N LYS B 32 111.80 56.39 -51.38
CA LYS B 32 113.03 56.35 -50.61
C LYS B 32 113.18 57.58 -49.72
N SER B 33 112.63 58.72 -50.15
CA SER B 33 112.76 59.98 -49.44
C SER B 33 111.95 60.04 -48.16
N GLY B 34 111.32 58.93 -47.75
CA GLY B 34 110.49 58.95 -46.56
C GLY B 34 111.33 58.85 -45.30
N THR B 35 110.99 59.67 -44.30
CA THR B 35 111.65 59.64 -43.01
C THR B 35 110.90 58.81 -41.99
N VAL B 36 109.57 58.85 -42.03
CA VAL B 36 108.72 58.11 -41.12
C VAL B 36 107.77 57.28 -41.95
N ALA B 37 107.20 56.24 -41.32
CA ALA B 37 106.19 55.43 -41.99
C ALA B 37 105.06 56.30 -42.55
N ASN B 38 104.50 57.19 -41.71
CA ASN B 38 103.43 58.07 -42.17
C ASN B 38 103.91 59.09 -43.17
N ASN B 39 105.17 59.53 -43.04
CA ASN B 39 105.76 60.42 -44.03
C ASN B 39 105.85 59.78 -45.41
N THR B 40 105.93 58.44 -45.46
CA THR B 40 106.40 57.74 -46.64
C THR B 40 105.28 57.43 -47.64
N GLY B 41 105.46 57.89 -48.87
CA GLY B 41 104.55 57.51 -49.94
C GLY B 41 104.81 56.10 -50.42
N VAL B 42 103.77 55.48 -51.00
CA VAL B 42 103.86 54.09 -51.41
C VAL B 42 103.10 53.87 -52.72
N PHE B 43 103.46 52.78 -53.39
CA PHE B 43 102.78 52.37 -54.62
C PHE B 43 102.70 50.85 -54.66
N SER B 44 101.52 50.34 -54.91
CA SER B 44 101.28 48.90 -54.86
C SER B 44 100.48 48.47 -56.09
N LEU B 45 100.74 47.25 -56.55
CA LEU B 45 100.04 46.70 -57.71
C LEU B 45 99.79 45.22 -57.47
N GLU B 46 98.61 44.76 -57.90
CA GLU B 46 98.19 43.38 -57.73
C GLU B 46 97.37 42.95 -58.94
N GLN B 47 97.66 41.75 -59.45
CA GLN B 47 96.87 41.16 -60.52
C GLN B 47 96.05 40.01 -59.98
N ARG B 48 94.78 39.96 -60.40
CA ARG B 48 93.84 38.91 -60.05
C ARG B 48 93.39 38.28 -61.36
N PHE B 49 93.99 37.14 -61.67
CA PHE B 49 93.65 36.37 -62.87
C PHE B 49 92.42 35.52 -62.56
N GLY B 50 91.37 35.67 -63.37
CA GLY B 50 90.13 34.97 -63.13
C GLY B 50 90.06 33.64 -63.87
N ALA B 51 88.88 33.03 -63.81
CA ALA B 51 88.62 31.84 -64.63
C ALA B 51 88.56 32.24 -66.10
N ALA B 52 88.38 31.25 -66.98
CA ALA B 52 88.40 31.52 -68.41
C ALA B 52 87.20 32.36 -68.85
N ASN B 53 86.09 32.28 -68.12
CA ASN B 53 84.96 33.15 -68.40
C ASN B 53 85.10 34.53 -67.78
N SER B 54 86.08 34.72 -66.91
CA SER B 54 86.28 35.99 -66.24
C SER B 54 87.29 36.86 -66.99
N ASN B 55 87.35 38.12 -66.59
CA ASN B 55 88.39 39.03 -67.05
C ASN B 55 89.45 39.11 -65.97
N ARG B 56 90.71 39.14 -66.37
CA ARG B 56 91.75 39.41 -65.38
C ARG B 56 91.70 40.89 -65.02
N LYS B 57 92.03 41.18 -63.76
CA LYS B 57 91.96 42.54 -63.24
C LYS B 57 93.31 42.91 -62.65
N VAL B 58 93.79 44.11 -62.98
CA VAL B 58 95.03 44.62 -62.38
C VAL B 58 94.69 45.91 -61.67
N THR B 59 95.12 46.03 -60.41
CA THR B 59 94.81 47.19 -59.60
C THR B 59 96.09 47.79 -59.06
N MET B 60 96.12 49.12 -59.00
CA MET B 60 97.23 49.88 -58.48
C MET B 60 96.71 50.93 -57.51
N LEU B 61 97.45 51.11 -56.42
CA LEU B 61 97.20 52.16 -55.45
C LEU B 61 98.46 52.98 -55.24
N LEU B 62 98.33 54.29 -55.38
CA LEU B 62 99.40 55.25 -55.15
C LEU B 62 98.97 56.16 -54.00
N THR B 63 99.78 56.20 -52.94
CA THR B 63 99.49 56.98 -51.74
C THR B 63 100.59 58.00 -51.53
N ASP B 64 100.21 59.28 -51.44
CA ASP B 64 101.17 60.38 -51.25
C ASP B 64 100.76 61.21 -50.05
N PRO B 65 101.29 60.92 -48.87
CA PRO B 65 101.02 61.76 -47.70
C PRO B 65 101.88 63.01 -47.66
N VAL B 66 101.36 64.04 -46.99
CA VAL B 66 102.03 65.33 -46.81
C VAL B 66 101.76 65.81 -45.38
N VAL B 67 102.70 66.58 -44.84
CA VAL B 67 102.56 67.12 -43.49
C VAL B 67 101.96 68.51 -43.55
N VAL B 68 100.89 68.73 -42.78
CA VAL B 68 100.22 70.03 -42.69
C VAL B 68 100.22 70.51 -41.24
N MET B 76 99.92 67.43 -38.28
CA MET B 76 99.11 66.38 -38.89
C MET B 76 99.60 66.01 -40.29
N THR B 77 99.47 64.73 -40.65
CA THR B 77 99.81 64.23 -41.98
C THR B 77 98.54 63.75 -42.69
N ILE B 78 98.36 64.22 -43.92
CA ILE B 78 97.17 64.00 -44.71
C ILE B 78 97.55 63.19 -45.94
N LYS B 79 96.75 62.16 -46.24
CA LYS B 79 97.05 61.22 -47.32
C LYS B 79 96.05 61.38 -48.46
N ALA B 80 96.57 61.39 -49.69
CA ALA B 80 95.75 61.39 -50.91
C ALA B 80 96.07 60.17 -51.75
N ASN B 81 95.03 59.60 -52.36
CA ASN B 81 95.15 58.32 -53.05
C ASN B 81 94.77 58.45 -54.52
N ALA B 82 95.50 57.77 -55.37
CA ALA B 82 95.07 57.50 -56.73
C ALA B 82 95.01 55.99 -56.90
N SER B 83 93.94 55.51 -57.54
CA SER B 83 93.78 54.07 -57.73
C SER B 83 93.36 53.81 -59.17
N VAL B 84 94.10 52.96 -59.85
CA VAL B 84 93.81 52.57 -61.23
C VAL B 84 93.44 51.10 -61.24
N THR B 85 92.48 50.74 -62.10
CA THR B 85 92.05 49.35 -62.25
C THR B 85 91.82 49.07 -63.73
N PHE B 86 92.52 48.06 -64.25
CA PHE B 86 92.40 47.60 -65.62
C PHE B 86 91.61 46.30 -65.62
N SER B 87 90.44 46.32 -66.26
CA SER B 87 89.65 45.11 -66.47
C SER B 87 89.87 44.67 -67.92
N LEU B 88 90.52 43.52 -68.07
CA LEU B 88 91.00 43.04 -69.37
C LEU B 88 90.46 41.65 -69.63
N PRO B 89 89.56 41.49 -70.61
CA PRO B 89 89.13 40.15 -71.00
C PRO B 89 90.28 39.40 -71.66
N LYS B 90 90.26 38.07 -71.50
CA LYS B 90 91.40 37.28 -71.96
C LYS B 90 91.47 37.28 -73.49
N THR B 91 90.32 37.18 -74.16
CA THR B 91 90.31 37.20 -75.62
C THR B 91 90.79 38.52 -76.21
N TYR B 92 90.82 39.58 -75.39
CA TYR B 92 91.23 40.90 -75.87
C TYR B 92 92.73 40.91 -76.18
N PRO B 93 93.17 41.51 -77.28
CA PRO B 93 94.57 41.34 -77.72
C PRO B 93 95.56 42.24 -76.97
N ASN B 94 96.71 41.65 -76.65
CA ASN B 94 97.72 42.33 -75.86
C ASN B 94 98.14 43.65 -76.49
N GLU B 95 98.18 43.72 -77.82
CA GLU B 95 98.55 44.96 -78.48
C GLU B 95 97.58 46.08 -78.14
N HIS B 96 96.28 45.83 -78.28
CA HIS B 96 95.29 46.84 -77.91
C HIS B 96 95.29 47.16 -76.43
N ILE B 97 95.73 46.24 -75.57
CA ILE B 97 95.91 46.59 -74.16
C ILE B 97 97.02 47.62 -73.98
N THR B 98 98.18 47.39 -74.62
CA THR B 98 99.26 48.39 -74.56
C THR B 98 98.74 49.73 -75.03
N LYS B 99 97.95 49.73 -76.11
CA LYS B 99 97.31 50.95 -76.59
C LYS B 99 96.48 51.62 -75.50
N LEU B 100 95.60 50.85 -74.85
CA LEU B 100 94.75 51.39 -73.81
C LEU B 100 95.56 52.08 -72.72
N ARG B 101 96.60 51.40 -72.23
CA ARG B 101 97.43 51.98 -71.17
C ARG B 101 98.04 53.30 -71.63
N GLN B 102 98.59 53.33 -72.84
CA GLN B 102 99.24 54.56 -73.31
C GLN B 102 98.24 55.71 -73.44
N THR B 103 97.03 55.42 -73.94
CA THR B 103 96.04 56.49 -74.06
C THR B 103 95.57 56.98 -72.71
N LEU B 104 95.54 56.11 -71.69
CA LEU B 104 95.23 56.60 -70.35
C LEU B 104 96.30 57.56 -69.86
N ILE B 105 97.57 57.23 -70.10
CA ILE B 105 98.65 58.16 -69.77
C ILE B 105 98.41 59.51 -70.45
N ALA B 106 98.14 59.47 -71.75
CA ALA B 106 97.91 60.70 -72.51
C ALA B 106 96.75 61.51 -71.92
N TRP B 107 95.66 60.83 -71.56
CA TRP B 107 94.52 61.51 -70.98
C TRP B 107 94.88 62.19 -69.67
N LEU B 108 95.56 61.46 -68.79
CA LEU B 108 96.01 62.02 -67.51
C LEU B 108 96.93 63.21 -67.70
N GLY B 109 97.53 63.36 -68.88
CA GLY B 109 98.26 64.57 -69.21
C GLY B 109 97.43 65.81 -69.44
N GLN B 110 96.22 65.65 -69.96
CA GLN B 110 95.46 66.76 -70.54
C GLN B 110 94.92 67.72 -69.49
N GLN B 111 94.62 68.95 -69.95
CA GLN B 111 94.10 69.97 -69.05
C GLN B 111 92.73 69.62 -68.53
N CYS B 112 91.87 69.07 -69.40
CA CYS B 112 90.52 68.73 -68.97
C CYS B 112 90.51 67.71 -67.85
N VAL B 113 91.62 67.01 -67.64
CA VAL B 113 91.78 66.11 -66.51
C VAL B 113 92.50 66.78 -65.35
N SER B 114 93.53 67.57 -65.65
CA SER B 114 94.31 68.19 -64.56
C SER B 114 93.48 69.21 -63.80
N ASP B 115 92.67 70.01 -64.50
CA ASP B 115 91.91 71.06 -63.84
C ASP B 115 90.99 70.52 -62.72
N PRO B 116 90.18 69.48 -62.96
CA PRO B 116 89.41 68.94 -61.82
C PRO B 116 90.26 68.20 -60.79
N VAL B 117 91.21 67.37 -61.24
CA VAL B 117 92.05 66.63 -60.29
C VAL B 117 92.88 67.60 -59.46
N ASP B 118 93.70 68.42 -60.12
CA ASP B 118 94.67 69.24 -59.41
C ASP B 118 93.98 70.28 -58.54
N SER B 119 93.12 71.11 -59.14
CA SER B 119 92.57 72.26 -58.43
C SER B 119 91.07 72.22 -58.22
N GLY B 120 90.36 71.26 -58.81
CA GLY B 120 88.92 71.16 -58.61
C GLY B 120 88.08 71.95 -59.59
N LEU B 121 88.67 72.54 -60.62
CA LEU B 121 87.91 73.23 -61.65
C LEU B 121 87.24 72.20 -62.54
N ASN B 122 85.92 72.28 -62.67
CA ASN B 122 85.26 71.45 -63.66
C ASN B 122 85.33 72.11 -65.03
N ASN B 123 85.10 71.32 -66.06
CA ASN B 123 85.15 71.85 -67.41
C ASN B 123 83.78 72.33 -67.83
N TYR B 124 83.77 73.38 -68.65
CA TYR B 124 82.54 74.04 -69.02
C TYR B 124 82.56 74.42 -70.49
N MET C 1 117.26 28.27 -54.58
CA MET C 1 117.75 28.88 -55.81
C MET C 1 117.09 30.23 -56.02
N ARG C 2 117.87 31.20 -56.49
CA ARG C 2 117.33 32.49 -56.92
C ARG C 2 116.61 32.32 -58.26
N LEU C 3 115.29 32.34 -58.24
CA LEU C 3 114.54 32.02 -59.44
C LEU C 3 114.75 33.07 -60.51
N THR C 4 115.07 32.61 -61.71
CA THR C 4 115.10 33.45 -62.90
C THR C 4 114.59 32.63 -64.08
N ASP C 5 114.27 33.34 -65.16
CA ASP C 5 113.78 32.68 -66.37
C ASP C 5 114.75 31.58 -66.79
N VAL C 6 114.22 30.53 -67.39
CA VAL C 6 115.05 29.42 -67.84
C VAL C 6 114.73 29.08 -69.28
N ASP C 7 115.71 28.47 -69.94
CA ASP C 7 115.56 27.94 -71.29
C ASP C 7 115.93 26.47 -71.24
N LEU C 8 115.05 25.63 -71.81
CA LEU C 8 115.21 24.19 -71.78
C LEU C 8 115.59 23.68 -73.15
N THR C 9 116.48 22.71 -73.17
CA THR C 9 116.84 22.02 -74.39
C THR C 9 115.94 20.81 -74.53
N VAL C 10 115.10 20.80 -75.57
CA VAL C 10 114.08 19.79 -75.74
C VAL C 10 114.30 19.12 -77.09
N GLY C 11 114.93 17.94 -77.08
CA GLY C 11 115.28 17.29 -78.32
C GLY C 11 116.15 18.19 -79.17
N GLU C 12 115.62 18.65 -80.30
CA GLU C 12 116.36 19.51 -81.20
C GLU C 12 115.74 20.90 -81.31
N GLU C 13 115.02 21.32 -80.27
CA GLU C 13 114.47 22.67 -80.21
C GLU C 13 114.80 23.26 -78.85
N THR C 14 114.61 24.57 -78.73
CA THR C 14 114.83 25.27 -77.47
C THR C 14 113.52 25.89 -77.02
N ARG C 15 113.16 25.64 -75.77
CA ARG C 15 111.91 26.06 -75.17
C ARG C 15 112.21 27.14 -74.15
N GLU C 16 111.58 28.30 -74.25
CA GLU C 16 111.90 29.43 -73.40
C GLU C 16 110.75 29.70 -72.44
N TYR C 17 111.01 29.57 -71.14
CA TYR C 17 110.02 29.89 -70.13
C TYR C 17 110.43 31.18 -69.41
N ALA C 18 109.43 31.82 -68.81
CA ALA C 18 109.63 33.03 -68.02
C ALA C 18 108.87 32.90 -66.71
N VAL C 19 109.47 33.43 -65.64
CA VAL C 19 108.83 33.35 -64.33
C VAL C 19 107.53 34.13 -64.38
N SER C 20 106.43 33.45 -64.03
CA SER C 20 105.12 34.07 -63.97
C SER C 20 104.63 34.35 -62.55
N GLU C 21 105.07 33.57 -61.56
CA GLU C 21 104.86 33.99 -60.17
C GLU C 21 105.80 33.18 -59.27
N GLN C 22 106.16 33.79 -58.15
CA GLN C 22 106.96 33.12 -57.13
C GLN C 22 106.39 33.41 -55.76
N GLN C 23 105.98 32.36 -55.06
CA GLN C 23 105.50 32.42 -53.68
C GLN C 23 106.47 31.66 -52.78
N GLY C 24 106.09 31.57 -51.51
CA GLY C 24 107.01 30.97 -50.53
C GLY C 24 107.32 29.53 -50.84
N THR C 25 106.29 28.73 -51.12
CA THR C 25 106.42 27.31 -51.40
C THR C 25 106.01 26.94 -52.82
N LEU C 26 105.67 27.92 -53.65
CA LEU C 26 105.13 27.67 -54.98
C LEU C 26 105.78 28.61 -55.99
N PHE C 27 105.95 28.12 -57.22
CA PHE C 27 106.37 28.97 -58.32
C PHE C 27 105.75 28.49 -59.62
N ARG C 28 105.71 29.40 -60.60
CA ARG C 28 105.07 29.13 -61.89
C ARG C 28 105.83 29.84 -62.99
N PHE C 29 106.17 29.07 -64.03
CA PHE C 29 106.74 29.54 -65.29
C PHE C 29 105.71 29.44 -66.40
N VAL C 30 105.87 30.29 -67.42
CA VAL C 30 105.01 30.32 -68.59
C VAL C 30 105.88 30.30 -69.85
N ASP C 31 105.45 29.55 -70.87
CA ASP C 31 106.17 29.50 -72.15
C ASP C 31 106.12 30.86 -72.83
N LYS C 32 107.30 31.39 -73.15
CA LYS C 32 107.41 32.75 -73.70
C LYS C 32 106.73 32.89 -75.06
N SER C 33 106.42 31.79 -75.73
CA SER C 33 105.78 31.84 -77.04
C SER C 33 104.28 32.07 -76.97
N GLY C 34 103.72 32.41 -75.81
CA GLY C 34 102.30 32.40 -75.59
C GLY C 34 101.71 33.75 -75.17
N THR C 35 100.38 33.80 -75.21
CA THR C 35 99.58 34.95 -74.83
C THR C 35 98.56 34.51 -73.79
N VAL C 36 97.98 35.48 -73.06
CA VAL C 36 96.82 35.16 -72.25
C VAL C 36 95.73 34.54 -73.13
N ALA C 37 95.54 35.10 -74.32
CA ALA C 37 94.51 34.58 -75.22
C ALA C 37 94.88 33.19 -75.72
N ASN C 38 96.08 33.02 -76.23
CA ASN C 38 96.52 31.72 -76.72
C ASN C 38 97.73 31.27 -75.91
N ASN C 39 97.49 30.46 -74.89
CA ASN C 39 98.57 29.95 -74.07
C ASN C 39 99.21 28.73 -74.72
N THR C 40 100.50 28.56 -74.47
CA THR C 40 101.28 27.53 -75.13
C THR C 40 101.97 26.58 -74.16
N GLY C 41 102.04 26.90 -72.87
CA GLY C 41 102.68 26.02 -71.92
C GLY C 41 102.81 26.66 -70.56
N VAL C 42 102.64 25.88 -69.51
CA VAL C 42 102.83 26.35 -68.15
C VAL C 42 103.49 25.24 -67.35
N PHE C 43 104.29 25.65 -66.37
CA PHE C 43 104.90 24.73 -65.43
C PHE C 43 104.76 25.31 -64.03
N SER C 44 104.39 24.48 -63.07
CA SER C 44 104.19 24.94 -61.71
C SER C 44 104.71 23.89 -60.75
N LEU C 45 105.25 24.35 -59.61
CA LEU C 45 105.80 23.44 -58.60
C LEU C 45 105.48 23.99 -57.22
N GLU C 46 105.12 23.09 -56.31
CA GLU C 46 104.78 23.44 -54.93
C GLU C 46 105.34 22.39 -53.99
N GLN C 47 105.89 22.83 -52.86
CA GLN C 47 106.31 21.92 -51.80
C GLN C 47 105.39 22.11 -50.60
N ARG C 48 104.82 21.01 -50.12
CA ARG C 48 104.15 20.94 -48.84
C ARG C 48 105.10 20.22 -47.89
N PHE C 49 105.88 21.00 -47.15
CA PHE C 49 106.71 20.44 -46.09
C PHE C 49 105.79 19.96 -44.98
N GLY C 50 105.80 18.66 -44.73
CA GLY C 50 104.82 18.08 -43.83
C GLY C 50 105.12 18.31 -42.36
N ALA C 51 104.19 17.87 -41.53
CA ALA C 51 104.43 17.83 -40.09
C ALA C 51 105.64 16.95 -39.78
N ALA C 52 106.15 17.09 -38.56
CA ALA C 52 107.40 16.42 -38.20
C ALA C 52 107.29 14.90 -38.33
N ASN C 53 106.09 14.35 -38.22
CA ASN C 53 105.89 12.91 -38.40
C ASN C 53 105.73 12.52 -39.86
N SER C 54 105.19 13.40 -40.69
CA SER C 54 104.83 13.07 -42.06
C SER C 54 106.01 13.30 -43.01
N ASN C 55 105.85 12.76 -44.22
CA ASN C 55 106.77 13.04 -45.31
C ASN C 55 106.47 14.40 -45.91
N ARG C 56 107.49 15.00 -46.52
CA ARG C 56 107.24 16.21 -47.29
C ARG C 56 106.94 15.81 -48.74
N LYS C 57 106.10 16.62 -49.38
CA LYS C 57 105.63 16.34 -50.72
C LYS C 57 106.05 17.50 -51.64
N VAL C 58 106.50 17.16 -52.84
CA VAL C 58 106.77 18.15 -53.88
C VAL C 58 105.97 17.74 -55.11
N THR C 59 105.19 18.66 -55.65
CA THR C 59 104.36 18.36 -56.78
C THR C 59 104.63 19.35 -57.91
N MET C 60 104.61 18.82 -59.14
CA MET C 60 104.83 19.60 -60.35
C MET C 60 103.73 19.29 -61.34
N LEU C 61 103.28 20.34 -62.03
CA LEU C 61 102.32 20.21 -63.11
C LEU C 61 102.86 20.93 -64.34
N LEU C 62 102.95 20.19 -65.45
CA LEU C 62 103.32 20.70 -66.76
C LEU C 62 102.12 20.58 -67.66
N THR C 63 101.70 21.70 -68.26
CA THR C 63 100.54 21.72 -69.13
C THR C 63 100.92 22.29 -70.49
N ASP C 64 100.67 21.51 -71.54
CA ASP C 64 100.92 21.94 -72.91
C ASP C 64 99.60 21.94 -73.66
N PRO C 65 99.06 23.11 -73.96
CA PRO C 65 97.86 23.19 -74.80
C PRO C 65 98.21 23.38 -76.27
N VAL C 66 97.37 22.79 -77.12
CA VAL C 66 97.51 22.84 -78.57
C VAL C 66 96.15 23.13 -79.17
N VAL C 67 96.16 23.89 -80.25
CA VAL C 67 94.94 24.13 -81.01
C VAL C 67 94.75 23.01 -82.02
N VAL C 68 93.51 22.54 -82.16
CA VAL C 68 93.16 21.45 -83.04
C VAL C 68 91.86 21.81 -83.75
N LYS C 69 91.79 21.57 -85.04
CA LYS C 69 90.56 21.77 -85.77
C LYS C 69 89.54 20.72 -85.35
N ASP C 70 88.27 21.12 -85.32
CA ASP C 70 87.18 20.25 -84.92
C ASP C 70 86.57 19.58 -86.15
N ALA C 71 85.78 18.52 -85.90
CA ALA C 71 85.00 17.93 -86.98
C ALA C 71 84.07 18.95 -87.61
N SER C 72 83.55 19.88 -86.81
CA SER C 72 82.77 21.00 -87.31
C SER C 72 83.62 22.08 -87.96
N GLY C 73 84.95 21.93 -87.95
CA GLY C 73 85.85 22.95 -88.45
C GLY C 73 86.28 23.97 -87.41
N ALA C 74 85.47 24.19 -86.39
CA ALA C 74 85.77 25.18 -85.36
C ALA C 74 87.11 24.88 -84.70
N ASP C 75 87.79 25.94 -84.28
CA ASP C 75 89.08 25.80 -83.61
C ASP C 75 88.86 25.50 -82.14
N MET C 76 89.58 24.51 -81.61
CA MET C 76 89.35 23.97 -80.28
C MET C 76 90.70 23.80 -79.59
N THR C 77 90.83 24.36 -78.39
CA THR C 77 92.09 24.29 -77.65
C THR C 77 92.04 23.11 -76.68
N ILE C 78 93.06 22.26 -76.72
CA ILE C 78 93.11 21.01 -75.99
C ILE C 78 94.39 20.97 -75.17
N LYS C 79 94.28 20.58 -73.90
CA LYS C 79 95.42 20.55 -73.01
C LYS C 79 95.82 19.10 -72.72
N ALA C 80 97.13 18.86 -72.66
CA ALA C 80 97.71 17.61 -72.16
C ALA C 80 98.54 17.91 -70.93
N ASN C 81 98.43 17.05 -69.92
CA ASN C 81 99.06 17.34 -68.64
C ASN C 81 100.02 16.24 -68.24
N ALA C 82 101.09 16.65 -67.57
CA ALA C 82 101.98 15.72 -66.90
C ALA C 82 102.15 16.21 -65.47
N SER C 83 102.05 15.30 -64.51
CA SER C 83 102.16 15.68 -63.10
C SER C 83 103.13 14.73 -62.41
N VAL C 84 104.08 15.29 -61.68
CA VAL C 84 105.06 14.51 -60.93
C VAL C 84 104.91 14.85 -59.46
N THR C 85 105.04 13.83 -58.60
CA THR C 85 104.94 14.02 -57.16
C THR C 85 106.03 13.19 -56.47
N PHE C 86 106.85 13.87 -55.68
CA PHE C 86 107.89 13.25 -54.87
C PHE C 86 107.40 13.22 -53.43
N SER C 87 107.28 12.01 -52.88
CA SER C 87 107.02 11.81 -51.46
C SER C 87 108.34 11.43 -50.82
N LEU C 88 108.87 12.33 -49.99
CA LEU C 88 110.20 12.18 -49.42
C LEU C 88 110.11 12.23 -47.91
N PRO C 89 110.35 11.11 -47.22
CA PRO C 89 110.39 11.12 -45.76
C PRO C 89 111.57 11.94 -45.26
N LYS C 90 111.41 12.49 -44.05
CA LYS C 90 112.46 13.36 -43.52
C LYS C 90 113.75 12.60 -43.30
N THR C 91 113.67 11.38 -42.75
CA THR C 91 114.87 10.60 -42.44
C THR C 91 115.59 10.12 -43.69
N TYR C 92 114.97 10.22 -44.85
CA TYR C 92 115.61 9.80 -46.09
C TYR C 92 116.73 10.76 -46.47
N PRO C 93 117.91 10.28 -46.86
CA PRO C 93 119.05 11.19 -47.08
C PRO C 93 118.99 11.94 -48.41
N ASN C 94 119.37 13.21 -48.35
CA ASN C 94 119.32 14.07 -49.53
C ASN C 94 120.06 13.45 -50.72
N GLU C 95 121.14 12.72 -50.45
CA GLU C 95 121.90 12.08 -51.52
C GLU C 95 121.02 11.11 -52.30
N HIS C 96 120.41 10.14 -51.62
CA HIS C 96 119.54 9.19 -52.30
C HIS C 96 118.32 9.85 -52.93
N ILE C 97 117.89 11.01 -52.42
CA ILE C 97 116.84 11.77 -53.10
C ILE C 97 117.31 12.21 -54.50
N THR C 98 118.49 12.84 -54.57
CA THR C 98 119.01 13.23 -55.89
C THR C 98 119.13 12.02 -56.81
N LYS C 99 119.57 10.89 -56.24
CA LYS C 99 119.61 9.63 -56.99
C LYS C 99 118.25 9.29 -57.59
N LEU C 100 117.20 9.35 -56.75
CA LEU C 100 115.84 9.06 -57.21
C LEU C 100 115.44 9.96 -58.38
N ARG C 101 115.66 11.28 -58.22
CA ARG C 101 115.27 12.21 -59.28
C ARG C 101 115.99 11.89 -60.59
N GLN C 102 117.30 11.61 -60.52
CA GLN C 102 118.03 11.34 -61.74
C GLN C 102 117.58 10.04 -62.40
N THR C 103 117.34 8.99 -61.60
CA THR C 103 116.83 7.75 -62.19
C THR C 103 115.46 7.96 -62.83
N LEU C 104 114.64 8.85 -62.28
CA LEU C 104 113.36 9.14 -62.92
C LEU C 104 113.55 9.81 -64.27
N ILE C 105 114.48 10.77 -64.36
CA ILE C 105 114.80 11.37 -65.65
C ILE C 105 115.23 10.29 -66.64
N ALA C 106 116.12 9.40 -66.21
CA ALA C 106 116.60 8.32 -67.07
C ALA C 106 115.45 7.47 -67.58
N TRP C 107 114.56 7.07 -66.67
CA TRP C 107 113.41 6.26 -67.05
C TRP C 107 112.54 6.98 -68.07
N LEU C 108 112.26 8.27 -67.83
CA LEU C 108 111.42 9.05 -68.73
C LEU C 108 112.03 9.13 -70.12
N GLY C 109 113.35 8.99 -70.23
CA GLY C 109 113.99 8.93 -71.53
C GLY C 109 113.81 7.62 -72.28
N GLN C 110 113.56 6.53 -71.56
CA GLN C 110 113.60 5.20 -72.12
C GLN C 110 112.46 4.96 -73.11
N GLN C 111 112.67 4.00 -74.01
CA GLN C 111 111.63 3.69 -74.99
C GLN C 111 110.47 2.96 -74.37
N CYS C 112 110.71 2.10 -73.37
CA CYS C 112 109.61 1.40 -72.72
C CYS C 112 108.65 2.37 -72.03
N VAL C 113 109.12 3.57 -71.73
CA VAL C 113 108.26 4.61 -71.17
C VAL C 113 107.69 5.50 -72.27
N SER C 114 108.50 5.85 -73.28
CA SER C 114 108.04 6.77 -74.31
C SER C 114 106.96 6.15 -75.18
N ASP C 115 107.12 4.88 -75.55
CA ASP C 115 106.16 4.24 -76.46
C ASP C 115 104.72 4.28 -75.92
N PRO C 116 104.43 3.90 -74.68
CA PRO C 116 103.05 4.06 -74.20
C PRO C 116 102.63 5.51 -74.00
N VAL C 117 103.52 6.34 -73.47
CA VAL C 117 103.19 7.75 -73.26
C VAL C 117 102.97 8.45 -74.60
N ASP C 118 103.93 8.36 -75.51
CA ASP C 118 103.87 9.15 -76.74
C ASP C 118 102.81 8.61 -77.69
N SER C 119 102.79 7.29 -77.92
CA SER C 119 101.98 6.71 -78.98
C SER C 119 100.84 5.83 -78.50
N GLY C 120 100.74 5.58 -77.20
CA GLY C 120 99.66 4.74 -76.69
C GLY C 120 99.83 3.26 -76.92
N LEU C 121 100.99 2.81 -77.36
CA LEU C 121 101.26 1.39 -77.54
C LEU C 121 101.84 0.81 -76.26
N ASN C 122 101.30 -0.31 -75.81
CA ASN C 122 101.84 -0.97 -74.64
C ASN C 122 103.05 -1.82 -75.00
N ASN C 123 103.81 -2.20 -73.98
CA ASN C 123 104.98 -3.02 -74.19
C ASN C 123 104.62 -4.50 -74.12
N TYR C 124 105.53 -5.33 -74.60
CA TYR C 124 105.32 -6.78 -74.69
C TYR C 124 106.62 -7.59 -74.56
N MET D 1 -12.31 -129.36 26.41
CA MET D 1 -13.14 -130.32 27.13
C MET D 1 -14.61 -129.88 27.14
N ARG D 2 -15.52 -130.84 26.91
CA ARG D 2 -16.93 -130.55 27.06
C ARG D 2 -17.24 -130.25 28.52
N LEU D 3 -17.65 -129.02 28.79
CA LEU D 3 -17.83 -128.56 30.16
C LEU D 3 -18.94 -129.33 30.86
N THR D 4 -18.71 -129.60 32.14
CA THR D 4 -19.71 -130.21 33.00
C THR D 4 -19.56 -129.57 34.38
N ASP D 5 -20.64 -129.62 35.15
CA ASP D 5 -20.57 -129.17 36.54
C ASP D 5 -19.40 -129.85 37.23
N VAL D 6 -18.81 -129.16 38.20
CA VAL D 6 -17.55 -129.61 38.78
C VAL D 6 -17.72 -129.74 40.28
N ASP D 7 -17.16 -130.81 40.83
CA ASP D 7 -17.15 -131.01 42.27
C ASP D 7 -15.69 -131.10 42.72
N LEU D 8 -15.30 -130.21 43.61
CA LEU D 8 -13.93 -130.10 44.09
C LEU D 8 -13.84 -130.60 45.52
N THR D 9 -12.79 -131.34 45.82
CA THR D 9 -12.49 -131.74 47.19
C THR D 9 -11.56 -130.68 47.76
N VAL D 10 -12.00 -130.01 48.82
CA VAL D 10 -11.30 -128.87 49.39
C VAL D 10 -11.02 -129.15 50.85
N GLY D 11 -9.77 -129.48 51.17
CA GLY D 11 -9.45 -129.87 52.52
C GLY D 11 -10.29 -131.04 52.94
N GLU D 12 -11.21 -130.83 53.87
CA GLU D 12 -12.06 -131.90 54.36
C GLU D 12 -13.53 -131.64 54.05
N GLU D 13 -13.81 -130.79 53.07
CA GLU D 13 -15.17 -130.49 52.64
C GLU D 13 -15.23 -130.72 51.14
N THR D 14 -16.45 -130.71 50.58
CA THR D 14 -16.63 -130.82 49.14
C THR D 14 -17.43 -129.63 48.65
N ARG D 15 -16.90 -128.96 47.63
CA ARG D 15 -17.46 -127.75 47.06
C ARG D 15 -17.99 -128.04 45.67
N GLU D 16 -19.22 -127.63 45.40
CA GLU D 16 -19.90 -127.96 44.14
C GLU D 16 -20.15 -126.69 43.34
N TYR D 17 -19.64 -126.67 42.12
CA TYR D 17 -19.81 -125.57 41.18
C TYR D 17 -20.63 -126.03 39.98
N ALA D 18 -21.34 -125.08 39.39
CA ALA D 18 -22.15 -125.31 38.21
C ALA D 18 -21.78 -124.30 37.12
N VAL D 19 -21.84 -124.76 35.86
CA VAL D 19 -21.50 -123.91 34.73
C VAL D 19 -22.49 -122.77 34.65
N SER D 20 -21.97 -121.54 34.61
CA SER D 20 -22.79 -120.34 34.46
C SER D 20 -22.74 -119.73 33.06
N GLU D 21 -21.58 -119.70 32.41
CA GLU D 21 -21.58 -119.33 31.00
C GLU D 21 -20.31 -119.85 30.34
N GLN D 22 -20.40 -120.08 29.03
CA GLN D 22 -19.25 -120.54 28.25
C GLN D 22 -19.21 -119.79 26.93
N GLN D 23 -18.10 -119.12 26.68
CA GLN D 23 -17.84 -118.44 25.43
C GLN D 23 -16.73 -119.17 24.70
N GLY D 24 -16.28 -118.59 23.59
CA GLY D 24 -15.25 -119.25 22.79
C GLY D 24 -13.98 -119.46 23.56
N THR D 25 -13.53 -118.43 24.29
CA THR D 25 -12.28 -118.48 25.04
C THR D 25 -12.48 -118.13 26.51
N LEU D 26 -13.72 -118.20 27.00
CA LEU D 26 -14.02 -117.82 28.38
C LEU D 26 -15.09 -118.75 28.94
N PHE D 27 -14.98 -119.05 30.24
CA PHE D 27 -16.06 -119.74 30.94
C PHE D 27 -16.12 -119.29 32.38
N ARG D 28 -17.28 -119.55 33.00
CA ARG D 28 -17.57 -119.13 34.36
C ARG D 28 -18.44 -120.17 35.04
N PHE D 29 -18.00 -120.59 36.22
CA PHE D 29 -18.72 -121.43 37.17
C PHE D 29 -19.17 -120.60 38.38
N VAL D 30 -20.26 -121.06 38.99
CA VAL D 30 -20.81 -120.47 40.21
C VAL D 30 -20.93 -121.55 41.27
N ASP D 31 -20.65 -121.18 42.54
CA ASP D 31 -20.81 -122.10 43.66
C ASP D 31 -22.29 -122.39 43.87
N LYS D 32 -22.65 -123.69 43.85
CA LYS D 32 -24.04 -124.09 44.01
C LYS D 32 -24.61 -123.72 45.38
N SER D 33 -23.76 -123.30 46.33
CA SER D 33 -24.23 -122.87 47.63
C SER D 33 -25.05 -121.59 47.58
N GLY D 34 -25.01 -120.86 46.46
CA GLY D 34 -25.48 -119.50 46.41
C GLY D 34 -26.61 -119.26 45.41
N THR D 35 -27.19 -118.07 45.52
CA THR D 35 -28.27 -117.56 44.68
C THR D 35 -27.71 -116.43 43.82
N VAL D 36 -28.47 -116.09 42.76
CA VAL D 36 -28.29 -114.79 42.13
C VAL D 36 -28.25 -113.70 43.18
N ALA D 37 -29.22 -113.72 44.10
CA ALA D 37 -29.28 -112.72 45.17
C ALA D 37 -28.04 -112.77 46.05
N ASN D 38 -27.82 -113.89 46.71
CA ASN D 38 -26.68 -114.06 47.60
C ASN D 38 -25.70 -115.05 46.97
N ASN D 39 -24.50 -114.57 46.64
CA ASN D 39 -23.50 -115.39 45.97
C ASN D 39 -22.47 -115.90 46.96
N THR D 40 -22.09 -117.17 46.81
CA THR D 40 -21.10 -117.79 47.68
C THR D 40 -19.74 -117.99 47.04
N GLY D 41 -19.64 -117.94 45.71
CA GLY D 41 -18.37 -118.14 45.06
C GLY D 41 -18.46 -118.11 43.55
N VAL D 42 -17.39 -117.64 42.89
CA VAL D 42 -17.37 -117.58 41.44
C VAL D 42 -15.97 -117.93 40.96
N PHE D 43 -15.93 -118.59 39.80
CA PHE D 43 -14.66 -118.90 39.14
C PHE D 43 -14.79 -118.59 37.65
N SER D 44 -13.79 -117.92 37.11
CA SER D 44 -13.79 -117.54 35.70
C SER D 44 -12.41 -117.77 35.11
N LEU D 45 -12.38 -118.19 33.84
CA LEU D 45 -11.14 -118.46 33.14
C LEU D 45 -11.25 -117.97 31.70
N GLU D 46 -10.20 -117.28 31.21
CA GLU D 46 -10.17 -116.75 29.85
C GLU D 46 -8.77 -116.94 29.24
N GLN D 47 -8.72 -117.35 27.98
CA GLN D 47 -7.48 -117.47 27.25
C GLN D 47 -7.41 -116.41 26.16
N ARG D 48 -6.21 -115.83 26.00
CA ARG D 48 -5.93 -114.81 25.00
C ARG D 48 -4.73 -115.29 24.18
N PHE D 49 -5.02 -115.81 23.00
CA PHE D 49 -4.02 -116.27 22.04
C PHE D 49 -3.52 -115.04 21.28
N GLY D 50 -2.25 -114.69 21.46
CA GLY D 50 -1.67 -113.52 20.82
C GLY D 50 -1.18 -113.83 19.42
N ALA D 51 -0.41 -112.89 18.86
CA ALA D 51 0.26 -113.15 17.59
C ALA D 51 1.40 -114.15 17.79
N ALA D 52 1.96 -114.61 16.66
CA ALA D 52 2.99 -115.65 16.71
C ALA D 52 4.24 -115.18 17.43
N ASN D 53 4.48 -113.87 17.52
CA ASN D 53 5.55 -113.33 18.35
C ASN D 53 5.13 -113.13 19.79
N SER D 54 3.83 -113.17 20.08
CA SER D 54 3.31 -112.94 21.41
C SER D 54 3.11 -114.25 22.16
N ASN D 55 3.26 -114.20 23.48
CA ASN D 55 2.92 -115.33 24.31
C ASN D 55 1.41 -115.39 24.50
N ARG D 56 0.85 -116.59 24.40
CA ARG D 56 -0.56 -116.73 24.77
C ARG D 56 -0.67 -116.64 26.29
N LYS D 57 -1.81 -116.13 26.75
CA LYS D 57 -2.00 -115.85 28.15
C LYS D 57 -3.30 -116.48 28.62
N VAL D 58 -3.32 -116.93 29.87
CA VAL D 58 -4.48 -117.62 30.44
C VAL D 58 -4.69 -117.08 31.83
N THR D 59 -5.88 -116.56 32.11
CA THR D 59 -6.12 -115.89 33.39
C THR D 59 -7.35 -116.46 34.08
N MET D 60 -7.23 -116.64 35.39
CA MET D 60 -8.26 -117.19 36.25
C MET D 60 -8.54 -116.22 37.38
N LEU D 61 -9.82 -116.08 37.72
CA LEU D 61 -10.26 -115.31 38.86
C LEU D 61 -11.19 -116.14 39.71
N LEU D 62 -10.83 -116.31 40.99
CA LEU D 62 -11.63 -117.02 41.98
C LEU D 62 -12.05 -116.00 43.03
N THR D 63 -13.36 -115.84 43.22
CA THR D 63 -13.90 -114.88 44.16
C THR D 63 -14.73 -115.62 45.21
N ASP D 64 -14.41 -115.37 46.48
CA ASP D 64 -15.13 -115.94 47.61
C ASP D 64 -15.67 -114.82 48.48
N PRO D 65 -16.97 -114.56 48.42
CA PRO D 65 -17.58 -113.59 49.32
C PRO D 65 -18.10 -114.26 50.58
N VAL D 66 -17.99 -113.54 51.70
CA VAL D 66 -18.42 -113.98 53.02
C VAL D 66 -19.20 -112.84 53.67
N VAL D 67 -20.22 -113.20 54.43
CA VAL D 67 -20.95 -112.20 55.21
C VAL D 67 -20.29 -112.07 56.57
N VAL D 68 -20.00 -110.83 56.96
CA VAL D 68 -19.33 -110.51 58.21
C VAL D 68 -20.17 -109.52 58.98
N LYS D 69 -20.08 -109.57 60.30
CA LYS D 69 -20.75 -108.62 61.17
C LYS D 69 -20.08 -107.26 61.08
N ASP D 70 -20.90 -106.22 61.02
CA ASP D 70 -20.40 -104.86 61.04
C ASP D 70 -19.94 -104.49 62.45
N ALA D 71 -19.13 -103.43 62.55
CA ALA D 71 -18.79 -102.90 63.87
C ALA D 71 -20.03 -102.42 64.59
N SER D 72 -21.02 -101.91 63.85
CA SER D 72 -22.32 -101.60 64.43
C SER D 72 -23.17 -102.85 64.64
N GLY D 73 -22.94 -103.89 63.83
CA GLY D 73 -23.70 -105.12 63.91
C GLY D 73 -24.43 -105.49 62.63
N ALA D 74 -24.51 -104.58 61.66
CA ALA D 74 -25.20 -104.86 60.41
C ALA D 74 -24.54 -106.00 59.65
N ASP D 75 -25.30 -106.60 58.74
CA ASP D 75 -24.78 -107.64 57.86
C ASP D 75 -24.08 -107.00 56.67
N MET D 76 -22.84 -107.41 56.42
CA MET D 76 -22.06 -106.79 55.35
C MET D 76 -21.34 -107.88 54.57
N THR D 77 -21.33 -107.78 53.24
CA THR D 77 -20.69 -108.80 52.42
C THR D 77 -19.30 -108.34 51.97
N ILE D 78 -18.31 -109.20 52.13
CA ILE D 78 -16.91 -108.89 51.86
C ILE D 78 -16.34 -109.97 50.97
N LYS D 79 -15.69 -109.58 49.88
CA LYS D 79 -15.14 -110.52 48.92
C LYS D 79 -13.62 -110.60 49.09
N ALA D 80 -13.10 -111.81 48.87
CA ALA D 80 -11.65 -112.06 48.78
C ALA D 80 -11.36 -112.65 47.41
N ASN D 81 -10.31 -112.16 46.77
CA ASN D 81 -10.03 -112.50 45.39
C ASN D 81 -8.69 -113.22 45.30
N ALA D 82 -8.62 -114.19 44.38
CA ALA D 82 -7.35 -114.80 44.00
C ALA D 82 -7.33 -114.87 42.49
N SER D 83 -6.20 -114.49 41.89
CA SER D 83 -6.11 -114.45 40.44
C SER D 83 -4.79 -115.07 39.99
N VAL D 84 -4.87 -115.96 39.01
CA VAL D 84 -3.70 -116.63 38.45
C VAL D 84 -3.59 -116.22 36.99
N THR D 85 -2.35 -116.07 36.51
CA THR D 85 -2.09 -115.74 35.11
C THR D 85 -0.90 -116.57 34.63
N PHE D 86 -1.12 -117.36 33.58
CA PHE D 86 -0.10 -118.15 32.93
C PHE D 86 0.31 -117.42 31.66
N SER D 87 1.58 -117.03 31.57
CA SER D 87 2.17 -116.48 30.35
C SER D 87 2.99 -117.59 29.72
N LEU D 88 2.52 -118.09 28.58
CA LEU D 88 3.09 -119.26 27.93
C LEU D 88 3.48 -118.89 26.51
N PRO D 89 4.78 -118.81 26.22
CA PRO D 89 5.23 -118.59 24.84
C PRO D 89 4.89 -119.78 23.95
N LYS D 90 4.77 -119.50 22.66
CA LYS D 90 4.32 -120.51 21.70
C LYS D 90 5.46 -121.37 21.19
N THR D 91 6.68 -121.17 21.69
CA THR D 91 7.80 -122.09 21.46
C THR D 91 8.06 -122.96 22.67
N TYR D 92 7.32 -122.76 23.75
CA TYR D 92 7.45 -123.52 24.98
C TYR D 92 6.66 -124.82 24.86
N PRO D 93 7.23 -125.96 25.27
CA PRO D 93 6.53 -127.24 25.07
C PRO D 93 5.42 -127.50 26.09
N ASN D 94 4.37 -128.13 25.58
CA ASN D 94 3.17 -128.38 26.40
C ASN D 94 3.52 -129.21 27.63
N GLU D 95 4.44 -130.16 27.49
CA GLU D 95 4.87 -130.95 28.64
C GLU D 95 5.32 -130.06 29.78
N HIS D 96 6.23 -129.13 29.49
CA HIS D 96 6.73 -128.25 30.54
C HIS D 96 5.68 -127.27 31.03
N ILE D 97 4.67 -126.94 30.23
CA ILE D 97 3.55 -126.18 30.75
C ILE D 97 2.82 -126.99 31.84
N THR D 98 2.57 -128.26 31.57
CA THR D 98 1.94 -129.11 32.59
C THR D 98 2.80 -129.19 33.85
N LYS D 99 4.12 -129.37 33.66
CA LYS D 99 5.06 -129.35 34.77
C LYS D 99 4.92 -128.08 35.58
N LEU D 100 4.85 -126.94 34.91
CA LEU D 100 4.70 -125.64 35.57
C LEU D 100 3.43 -125.58 36.40
N ARG D 101 2.30 -125.99 35.81
CA ARG D 101 1.03 -125.94 36.53
C ARG D 101 1.08 -126.82 37.79
N GLN D 102 1.67 -128.00 37.67
CA GLN D 102 1.72 -128.88 38.82
C GLN D 102 2.65 -128.34 39.91
N THR D 103 3.81 -127.78 39.52
CA THR D 103 4.68 -127.16 40.53
C THR D 103 3.98 -126.00 41.21
N LEU D 104 3.14 -125.27 40.49
CA LEU D 104 2.38 -124.19 41.12
C LEU D 104 1.41 -124.74 42.16
N ILE D 105 0.71 -125.83 41.81
CA ILE D 105 -0.17 -126.47 42.79
C ILE D 105 0.60 -126.87 44.04
N ALA D 106 1.76 -127.51 43.83
CA ALA D 106 2.57 -127.94 44.96
C ALA D 106 3.01 -126.75 45.82
N TRP D 107 3.42 -125.65 45.18
CA TRP D 107 3.83 -124.47 45.92
C TRP D 107 2.67 -123.90 46.72
N LEU D 108 1.49 -123.82 46.11
CA LEU D 108 0.32 -123.32 46.82
C LEU D 108 -0.04 -124.20 48.01
N GLY D 109 0.38 -125.46 47.99
CA GLY D 109 0.24 -126.31 49.15
C GLY D 109 1.18 -126.01 50.30
N GLN D 110 2.34 -125.43 50.01
CA GLN D 110 3.42 -125.32 50.98
C GLN D 110 3.06 -124.40 52.15
N GLN D 111 3.71 -124.65 53.28
CA GLN D 111 3.46 -123.81 54.44
C GLN D 111 4.05 -122.42 54.27
N CYS D 112 5.21 -122.31 53.58
CA CYS D 112 5.81 -121.00 53.38
C CYS D 112 4.97 -120.12 52.48
N VAL D 113 4.09 -120.70 51.67
CA VAL D 113 3.10 -119.93 50.94
C VAL D 113 1.83 -119.74 51.78
N SER D 114 1.49 -120.75 52.60
CA SER D 114 0.25 -120.70 53.37
C SER D 114 0.29 -119.61 54.42
N ASP D 115 1.39 -119.49 55.17
CA ASP D 115 1.44 -118.55 56.28
C ASP D 115 1.17 -117.11 55.87
N PRO D 116 1.84 -116.53 54.87
CA PRO D 116 1.48 -115.15 54.49
C PRO D 116 0.08 -115.03 53.91
N VAL D 117 -0.33 -115.97 53.06
CA VAL D 117 -1.66 -115.90 52.46
C VAL D 117 -2.73 -116.06 53.53
N ASP D 118 -2.70 -117.19 54.25
CA ASP D 118 -3.81 -117.53 55.14
C ASP D 118 -3.86 -116.59 56.35
N SER D 119 -2.72 -116.28 56.95
CA SER D 119 -2.70 -115.58 58.24
C SER D 119 -1.97 -114.25 58.21
N GLY D 120 -1.20 -113.95 57.17
CA GLY D 120 -0.48 -112.69 57.11
C GLY D 120 0.91 -112.71 57.71
N LEU D 121 1.33 -113.83 58.29
CA LEU D 121 2.66 -113.92 58.84
C LEU D 121 3.68 -114.08 57.72
N ASN D 122 4.76 -113.30 57.76
CA ASN D 122 5.84 -113.49 56.83
C ASN D 122 6.80 -114.58 57.34
N ASN D 123 7.53 -115.17 56.40
CA ASN D 123 8.51 -116.17 56.77
C ASN D 123 9.84 -115.50 57.12
N TYR D 124 10.68 -116.24 57.85
CA TYR D 124 11.93 -115.67 58.33
C TYR D 124 13.10 -116.66 58.21
N MET E 1 -24.13 -129.55 13.69
CA MET E 1 -23.84 -130.85 14.29
C MET E 1 -23.23 -130.68 15.67
N ARG E 2 -23.23 -131.74 16.46
CA ARG E 2 -22.58 -131.74 17.77
C ARG E 2 -21.11 -132.07 17.59
N LEU E 3 -20.24 -131.09 17.81
CA LEU E 3 -18.82 -131.23 17.55
C LEU E 3 -18.21 -132.36 18.37
N THR E 4 -17.47 -133.21 17.69
CA THR E 4 -16.71 -134.30 18.29
C THR E 4 -15.34 -134.30 17.64
N ASP E 5 -14.33 -134.76 18.41
CA ASP E 5 -12.99 -134.87 17.86
C ASP E 5 -13.04 -135.68 16.57
N VAL E 6 -12.20 -135.32 15.61
CA VAL E 6 -12.33 -135.84 14.25
C VAL E 6 -11.04 -136.56 13.88
N ASP E 7 -11.17 -137.65 13.16
CA ASP E 7 -10.02 -138.37 12.61
C ASP E 7 -10.17 -138.47 11.10
N LEU E 8 -9.18 -137.93 10.40
CA LEU E 8 -9.19 -137.83 8.96
C LEU E 8 -8.23 -138.85 8.37
N THR E 9 -8.67 -139.53 7.34
CA THR E 9 -7.82 -140.45 6.61
C THR E 9 -7.16 -139.65 5.49
N VAL E 10 -5.86 -139.44 5.59
CA VAL E 10 -5.10 -138.57 4.70
C VAL E 10 -4.09 -139.44 3.96
N GLY E 11 -4.42 -139.79 2.72
CA GLY E 11 -3.58 -140.71 1.98
C GLY E 11 -3.48 -142.03 2.71
N GLU E 12 -2.29 -142.35 3.22
CA GLU E 12 -2.10 -143.59 3.95
C GLU E 12 -1.83 -143.36 5.43
N GLU E 13 -2.17 -142.17 5.93
CA GLU E 13 -1.94 -141.82 7.31
C GLU E 13 -3.26 -141.39 7.92
N THR E 14 -3.30 -141.25 9.24
CA THR E 14 -4.49 -140.77 9.93
C THR E 14 -4.12 -139.57 10.78
N ARG E 15 -4.74 -138.43 10.48
CA ARG E 15 -4.60 -137.21 11.26
C ARG E 15 -5.71 -137.17 12.29
N GLU E 16 -5.40 -136.70 13.51
CA GLU E 16 -6.35 -136.72 14.62
C GLU E 16 -6.45 -135.34 15.24
N TYR E 17 -7.60 -134.69 15.06
CA TYR E 17 -7.83 -133.35 15.54
C TYR E 17 -8.79 -133.38 16.72
N ALA E 18 -8.58 -132.44 17.64
CA ALA E 18 -9.41 -132.24 18.82
C ALA E 18 -10.03 -130.86 18.80
N VAL E 19 -11.28 -130.77 19.27
CA VAL E 19 -11.97 -129.49 19.34
C VAL E 19 -11.21 -128.55 20.25
N SER E 20 -10.88 -127.37 19.75
CA SER E 20 -10.15 -126.36 20.52
C SER E 20 -10.96 -125.12 20.86
N GLU E 21 -11.93 -124.73 20.04
CA GLU E 21 -12.90 -123.74 20.53
C GLU E 21 -14.17 -123.79 19.70
N GLN E 22 -15.27 -123.43 20.35
CA GLN E 22 -16.59 -123.34 19.71
C GLN E 22 -17.24 -122.04 20.12
N GLN E 23 -17.50 -121.17 19.15
CA GLN E 23 -18.22 -119.94 19.37
C GLN E 23 -19.61 -120.07 18.75
N GLY E 24 -20.26 -118.94 18.53
CA GLY E 24 -21.56 -118.97 17.90
C GLY E 24 -21.48 -119.52 16.50
N THR E 25 -20.71 -118.83 15.65
CA THR E 25 -20.59 -119.16 14.23
C THR E 25 -19.21 -119.66 13.86
N LEU E 26 -18.34 -119.88 14.84
CA LEU E 26 -16.94 -120.23 14.59
C LEU E 26 -16.55 -121.44 15.42
N PHE E 27 -15.71 -122.30 14.83
CA PHE E 27 -15.11 -123.41 15.56
C PHE E 27 -13.67 -123.60 15.09
N ARG E 28 -12.92 -124.32 15.93
CA ARG E 28 -11.49 -124.54 15.68
C ARG E 28 -11.08 -125.88 16.26
N PHE E 29 -10.48 -126.72 15.42
CA PHE E 29 -9.84 -127.98 15.75
C PHE E 29 -8.32 -127.81 15.74
N VAL E 30 -7.65 -128.76 16.39
CA VAL E 30 -6.21 -128.69 16.59
C VAL E 30 -5.62 -130.09 16.45
N ASP E 31 -4.49 -130.21 15.75
CA ASP E 31 -3.85 -131.51 15.57
C ASP E 31 -3.36 -132.06 16.91
N LYS E 32 -3.91 -133.22 17.29
CA LYS E 32 -3.57 -133.80 18.59
C LYS E 32 -2.08 -134.11 18.69
N SER E 33 -1.44 -134.43 17.55
CA SER E 33 -0.04 -134.82 17.51
C SER E 33 0.91 -133.66 17.76
N GLY E 34 0.40 -132.48 18.12
CA GLY E 34 1.27 -131.33 18.32
C GLY E 34 1.92 -131.36 19.69
N THR E 35 3.22 -131.07 19.71
CA THR E 35 3.97 -131.00 20.96
C THR E 35 4.08 -129.58 21.49
N VAL E 36 4.22 -128.61 20.59
CA VAL E 36 4.33 -127.20 20.96
C VAL E 36 3.26 -126.44 20.20
N ALA E 37 2.95 -125.25 20.69
CA ALA E 37 2.00 -124.38 20.00
C ALA E 37 2.41 -124.17 18.54
N ASN E 38 3.68 -123.81 18.30
CA ASN E 38 4.15 -123.60 16.93
C ASN E 38 4.24 -124.91 16.16
N ASN E 39 4.52 -126.02 16.85
CA ASN E 39 4.50 -127.33 16.21
C ASN E 39 3.11 -127.68 15.69
N THR E 40 2.06 -127.13 16.31
CA THR E 40 0.72 -127.67 16.20
C THR E 40 -0.05 -127.11 14.99
N GLY E 41 -0.53 -128.01 14.14
CA GLY E 41 -1.41 -127.60 13.05
C GLY E 41 -2.82 -127.34 13.56
N VAL E 42 -3.54 -126.51 12.81
CA VAL E 42 -4.89 -126.09 13.23
C VAL E 42 -5.81 -125.98 12.03
N PHE E 43 -7.11 -126.01 12.33
CA PHE E 43 -8.14 -125.85 11.31
C PHE E 43 -9.31 -125.08 11.92
N SER E 44 -9.74 -124.04 11.24
CA SER E 44 -10.77 -123.16 11.76
C SER E 44 -11.80 -122.89 10.67
N LEU E 45 -13.05 -122.71 11.10
CA LEU E 45 -14.15 -122.41 10.18
C LEU E 45 -15.09 -121.41 10.83
N GLU E 46 -15.60 -120.48 10.01
CA GLU E 46 -16.50 -119.42 10.48
C GLU E 46 -17.52 -119.13 9.39
N GLN E 47 -18.78 -119.00 9.80
CA GLN E 47 -19.84 -118.59 8.89
C GLN E 47 -20.28 -117.18 9.22
N ARG E 48 -20.46 -116.37 8.17
CA ARG E 48 -20.93 -114.99 8.26
C ARG E 48 -22.21 -114.93 7.43
N PHE E 49 -23.33 -114.97 8.13
CA PHE E 49 -24.65 -114.88 7.52
C PHE E 49 -24.97 -113.40 7.30
N GLY E 50 -25.28 -113.02 6.07
CA GLY E 50 -25.53 -111.64 5.72
C GLY E 50 -27.00 -111.28 5.82
N ALA E 51 -27.32 -110.06 5.38
CA ALA E 51 -28.70 -109.65 5.23
C ALA E 51 -29.36 -110.44 4.10
N ALA E 52 -30.66 -110.22 3.89
CA ALA E 52 -31.38 -110.99 2.88
C ALA E 52 -30.91 -110.68 1.46
N ASN E 53 -30.37 -109.48 1.24
CA ASN E 53 -29.79 -109.14 -0.05
C ASN E 53 -28.36 -109.64 -0.19
N SER E 54 -27.75 -110.09 0.90
CA SER E 54 -26.38 -110.55 0.87
C SER E 54 -26.32 -112.07 0.66
N ASN E 55 -25.12 -112.54 0.38
CA ASN E 55 -24.82 -113.97 0.35
C ASN E 55 -24.17 -114.34 1.68
N ARG E 56 -24.53 -115.50 2.21
CA ARG E 56 -23.80 -115.98 3.37
C ARG E 56 -22.43 -116.48 2.90
N LYS E 57 -21.43 -116.33 3.76
CA LYS E 57 -20.07 -116.70 3.42
C LYS E 57 -19.53 -117.64 4.49
N VAL E 58 -18.90 -118.73 4.07
CA VAL E 58 -18.25 -119.65 5.00
C VAL E 58 -16.78 -119.69 4.65
N THR E 59 -15.92 -119.52 5.65
CA THR E 59 -14.49 -119.49 5.42
C THR E 59 -13.81 -120.52 6.32
N MET E 60 -12.77 -121.14 5.79
CA MET E 60 -11.96 -122.12 6.49
C MET E 60 -10.49 -121.81 6.28
N LEU E 61 -9.73 -121.98 7.35
CA LEU E 61 -8.28 -121.85 7.32
C LEU E 61 -7.65 -123.11 7.89
N LEU E 62 -6.73 -123.71 7.13
CA LEU E 62 -5.97 -124.88 7.52
C LEU E 62 -4.49 -124.48 7.56
N THR E 63 -3.86 -124.65 8.72
CA THR E 63 -2.47 -124.27 8.92
C THR E 63 -1.67 -125.51 9.31
N ASP E 64 -0.61 -125.79 8.55
CA ASP E 64 0.25 -126.97 8.79
C ASP E 64 1.69 -126.51 8.90
N PRO E 65 2.19 -126.28 10.10
CA PRO E 65 3.60 -125.95 10.28
C PRO E 65 4.49 -127.19 10.30
N VAL E 66 5.76 -126.99 9.92
CA VAL E 66 6.78 -128.03 9.87
C VAL E 66 8.09 -127.44 10.38
N VAL E 67 8.93 -128.29 10.98
CA VAL E 67 10.23 -127.84 11.49
C VAL E 67 11.30 -128.08 10.43
N VAL E 68 12.06 -127.03 10.13
CA VAL E 68 13.18 -127.10 9.18
C VAL E 68 14.48 -126.69 9.87
N MET E 76 14.10 -123.70 12.90
CA MET E 76 13.00 -122.84 12.48
C MET E 76 11.75 -123.65 12.08
N THR E 77 10.57 -123.10 12.36
CA THR E 77 9.30 -123.70 11.96
C THR E 77 8.61 -122.82 10.93
N ILE E 78 8.18 -123.45 9.84
CA ILE E 78 7.62 -122.78 8.67
C ILE E 78 6.17 -123.22 8.51
N LYS E 79 5.29 -122.25 8.28
CA LYS E 79 3.85 -122.51 8.22
C LYS E 79 3.33 -122.33 6.80
N ALA E 80 2.48 -123.26 6.36
CA ALA E 80 1.78 -123.17 5.08
C ALA E 80 0.28 -123.20 5.31
N ASN E 81 -0.44 -122.40 4.52
CA ASN E 81 -1.86 -122.19 4.74
C ASN E 81 -2.68 -122.59 3.52
N ALA E 82 -3.82 -123.20 3.77
CA ALA E 82 -4.86 -123.35 2.76
C ALA E 82 -6.10 -122.66 3.28
N SER E 83 -6.77 -121.89 2.43
CA SER E 83 -7.97 -121.17 2.85
C SER E 83 -9.05 -121.35 1.80
N VAL E 84 -10.22 -121.81 2.24
CA VAL E 84 -11.36 -122.01 1.36
C VAL E 84 -12.45 -121.02 1.78
N THR E 85 -13.18 -120.51 0.80
CA THR E 85 -14.28 -119.58 1.05
C THR E 85 -15.43 -119.91 0.11
N PHE E 86 -16.60 -120.19 0.68
CA PHE E 86 -17.83 -120.49 -0.05
C PHE E 86 -18.73 -119.26 0.03
N SER E 87 -19.01 -118.66 -1.12
CA SER E 87 -19.98 -117.58 -1.22
C SER E 87 -21.27 -118.16 -1.78
N LEU E 88 -22.31 -118.19 -0.94
CA LEU E 88 -23.55 -118.89 -1.23
C LEU E 88 -24.71 -117.93 -1.12
N PRO E 89 -25.38 -117.60 -2.22
CA PRO E 89 -26.61 -116.81 -2.15
C PRO E 89 -27.72 -117.60 -1.49
N LYS E 90 -28.61 -116.89 -0.80
CA LYS E 90 -29.63 -117.57 -0.01
C LYS E 90 -30.62 -118.30 -0.90
N THR E 91 -31.03 -117.68 -2.02
CA THR E 91 -31.96 -118.31 -2.95
C THR E 91 -31.38 -119.57 -3.60
N TYR E 92 -30.05 -119.74 -3.55
CA TYR E 92 -29.40 -120.89 -4.18
C TYR E 92 -29.75 -122.17 -3.40
N PRO E 93 -30.06 -123.27 -4.09
CA PRO E 93 -30.60 -124.45 -3.39
C PRO E 93 -29.54 -125.30 -2.69
N ASN E 94 -29.90 -125.76 -1.49
CA ASN E 94 -28.97 -126.51 -0.65
C ASN E 94 -28.43 -127.74 -1.37
N GLU E 95 -29.24 -128.38 -2.22
CA GLU E 95 -28.77 -129.55 -2.95
C GLU E 95 -27.60 -129.19 -3.85
N HIS E 96 -27.75 -128.13 -4.66
CA HIS E 96 -26.65 -127.70 -5.52
C HIS E 96 -25.45 -127.21 -4.74
N ILE E 97 -25.63 -126.74 -3.50
CA ILE E 97 -24.47 -126.42 -2.66
C ILE E 97 -23.68 -127.68 -2.32
N THR E 98 -24.40 -128.73 -1.86
CA THR E 98 -23.71 -130.00 -1.58
C THR E 98 -22.94 -130.46 -2.82
N LYS E 99 -23.57 -130.33 -3.99
CA LYS E 99 -22.89 -130.64 -5.25
C LYS E 99 -21.59 -129.85 -5.40
N LEU E 100 -21.68 -128.53 -5.21
CA LEU E 100 -20.49 -127.67 -5.36
C LEU E 100 -19.36 -128.14 -4.46
N ARG E 101 -19.65 -128.39 -3.19
CA ARG E 101 -18.62 -128.84 -2.26
C ARG E 101 -17.97 -130.13 -2.75
N GLN E 102 -18.80 -131.10 -3.16
CA GLN E 102 -18.24 -132.38 -3.59
C GLN E 102 -17.36 -132.23 -4.83
N THR E 103 -17.77 -131.38 -5.79
CA THR E 103 -16.94 -131.19 -6.97
C THR E 103 -15.64 -130.47 -6.65
N LEU E 104 -15.64 -129.59 -5.65
CA LEU E 104 -14.38 -128.99 -5.22
C LEU E 104 -13.44 -130.06 -4.67
N ILE E 105 -13.98 -130.98 -3.86
CA ILE E 105 -13.16 -132.10 -3.39
C ILE E 105 -12.56 -132.86 -4.56
N ALA E 106 -13.41 -133.21 -5.53
CA ALA E 106 -12.95 -133.95 -6.71
C ALA E 106 -11.84 -133.20 -7.44
N TRP E 107 -12.01 -131.89 -7.61
CA TRP E 107 -10.99 -131.08 -8.28
C TRP E 107 -9.67 -131.11 -7.53
N LEU E 108 -9.72 -130.89 -6.22
CA LEU E 108 -8.52 -130.94 -5.39
C LEU E 108 -7.84 -132.29 -5.45
N GLY E 109 -8.55 -133.33 -5.88
CA GLY E 109 -7.92 -134.61 -6.15
C GLY E 109 -7.04 -134.68 -7.39
N GLN E 110 -7.38 -133.90 -8.42
CA GLN E 110 -6.84 -134.11 -9.77
C GLN E 110 -5.38 -133.70 -9.89
N GLN E 111 -4.73 -134.25 -10.91
CA GLN E 111 -3.31 -133.95 -11.14
C GLN E 111 -3.11 -132.51 -11.54
N CYS E 112 -4.00 -131.97 -12.39
CA CYS E 112 -3.84 -130.60 -12.84
C CYS E 112 -3.88 -129.61 -11.68
N VAL E 113 -4.39 -130.03 -10.52
CA VAL E 113 -4.36 -129.21 -9.32
C VAL E 113 -3.18 -129.59 -8.42
N SER E 114 -2.86 -130.89 -8.30
CA SER E 114 -1.78 -131.30 -7.41
C SER E 114 -0.43 -130.82 -7.92
N ASP E 115 -0.19 -130.89 -9.24
CA ASP E 115 1.10 -130.52 -9.78
C ASP E 115 1.50 -129.07 -9.44
N PRO E 116 0.65 -128.06 -9.63
CA PRO E 116 1.06 -126.72 -9.17
C PRO E 116 1.07 -126.56 -7.66
N VAL E 117 0.07 -127.08 -6.96
CA VAL E 117 0.04 -126.96 -5.50
C VAL E 117 1.22 -127.69 -4.88
N ASP E 118 1.33 -129.00 -5.14
CA ASP E 118 2.32 -129.82 -4.44
C ASP E 118 3.74 -129.41 -4.81
N SER E 119 4.06 -129.40 -6.10
CA SER E 119 5.44 -129.22 -6.53
C SER E 119 5.70 -127.96 -7.35
N GLY E 120 4.67 -127.22 -7.73
CA GLY E 120 4.87 -126.00 -8.48
C GLY E 120 4.90 -126.16 -9.99
N LEU E 121 4.63 -127.35 -10.51
CA LEU E 121 4.56 -127.55 -11.95
C LEU E 121 3.27 -126.94 -12.48
N ASN E 122 3.38 -126.02 -13.43
CA ASN E 122 2.18 -125.56 -14.11
C ASN E 122 1.79 -126.53 -15.22
N ASN E 123 0.54 -126.43 -15.65
CA ASN E 123 0.06 -127.31 -16.69
C ASN E 123 0.30 -126.68 -18.06
N TYR E 124 0.55 -127.53 -19.04
CA TYR E 124 0.94 -127.08 -20.36
C TYR E 124 0.28 -127.91 -21.42
N MET F 1 -27.78 -125.37 31.43
CA MET F 1 -28.17 -126.58 30.70
C MET F 1 -27.21 -126.81 29.54
N ARG F 2 -26.86 -128.08 29.31
CA ARG F 2 -26.11 -128.46 28.11
C ARG F 2 -27.04 -128.42 26.90
N LEU F 3 -26.88 -127.42 26.06
CA LEU F 3 -27.82 -127.21 24.97
C LEU F 3 -27.74 -128.35 23.97
N THR F 4 -28.90 -128.89 23.63
CA THR F 4 -29.04 -129.84 22.53
C THR F 4 -30.37 -129.58 21.84
N ASP F 5 -30.51 -130.15 20.64
CA ASP F 5 -31.73 -130.00 19.87
C ASP F 5 -32.93 -130.39 20.73
N VAL F 6 -34.07 -129.74 20.48
CA VAL F 6 -35.28 -130.05 21.23
C VAL F 6 -36.44 -130.27 20.27
N ASP F 7 -37.42 -131.03 20.75
CA ASP F 7 -38.67 -131.24 20.07
C ASP F 7 -39.79 -130.80 20.99
N LEU F 8 -40.70 -129.99 20.47
CA LEU F 8 -41.78 -129.40 21.23
C LEU F 8 -43.11 -130.05 20.84
N THR F 9 -43.94 -130.27 21.84
CA THR F 9 -45.29 -130.76 21.62
C THR F 9 -46.20 -129.55 21.49
N VAL F 10 -46.80 -129.36 20.31
CA VAL F 10 -47.58 -128.17 20.00
C VAL F 10 -48.97 -128.61 19.60
N GLY F 11 -49.91 -128.53 20.54
CA GLY F 11 -51.25 -129.03 20.29
C GLY F 11 -51.20 -130.49 19.92
N GLU F 12 -51.53 -130.80 18.67
CA GLU F 12 -51.55 -132.18 18.19
C GLU F 12 -50.50 -132.41 17.11
N GLU F 13 -49.44 -131.61 17.10
CA GLU F 13 -48.33 -131.81 16.18
C GLU F 13 -47.03 -131.75 16.97
N THR F 14 -45.95 -132.18 16.34
CA THR F 14 -44.62 -132.12 16.95
C THR F 14 -43.73 -131.22 16.11
N ARG F 15 -43.08 -130.27 16.78
CA ARG F 15 -42.24 -129.26 16.15
C ARG F 15 -40.79 -129.56 16.51
N GLU F 16 -39.93 -129.67 15.51
CA GLU F 16 -38.55 -130.09 15.74
C GLU F 16 -37.60 -128.92 15.48
N TYR F 17 -36.90 -128.49 16.52
CA TYR F 17 -35.89 -127.45 16.38
C TYR F 17 -34.51 -128.05 16.50
N ALA F 18 -33.52 -127.34 15.95
CA ALA F 18 -32.12 -127.71 16.03
C ALA F 18 -31.30 -126.50 16.42
N VAL F 19 -30.26 -126.74 17.23
CA VAL F 19 -29.41 -125.64 17.67
C VAL F 19 -28.72 -125.04 16.46
N SER F 20 -28.90 -123.73 16.28
CA SER F 20 -28.25 -123.01 15.20
C SER F 20 -27.08 -122.15 15.64
N GLU F 21 -27.06 -121.67 16.89
CA GLU F 21 -25.84 -121.11 17.45
C GLU F 21 -25.95 -121.04 18.96
N GLN F 22 -24.80 -121.12 19.62
CA GLN F 22 -24.74 -120.95 21.07
C GLN F 22 -23.57 -120.05 21.43
N GLN F 23 -23.87 -118.93 22.08
CA GLN F 23 -22.89 -118.00 22.60
C GLN F 23 -22.98 -117.97 24.12
N GLY F 24 -22.18 -117.09 24.72
CA GLY F 24 -22.09 -117.08 26.18
C GLY F 24 -23.41 -116.77 26.84
N THR F 25 -24.09 -115.72 26.36
CA THR F 25 -25.35 -115.27 26.91
C THR F 25 -26.51 -115.39 25.93
N LEU F 26 -26.28 -115.97 24.76
CA LEU F 26 -27.28 -116.03 23.70
C LEU F 26 -27.28 -117.42 23.06
N PHE F 27 -28.46 -117.84 22.62
CA PHE F 27 -28.58 -119.06 21.81
C PHE F 27 -29.72 -118.92 20.82
N ARG F 28 -29.67 -119.74 19.78
CA ARG F 28 -30.63 -119.70 18.69
C ARG F 28 -30.89 -121.10 18.17
N PHE F 29 -32.17 -121.45 18.09
CA PHE F 29 -32.70 -122.65 17.46
C PHE F 29 -33.39 -122.31 16.14
N VAL F 30 -33.42 -123.28 15.23
CA VAL F 30 -34.07 -123.16 13.94
C VAL F 30 -34.99 -124.36 13.71
N ASP F 31 -36.17 -124.12 13.13
CA ASP F 31 -37.11 -125.20 12.82
C ASP F 31 -36.52 -126.11 11.76
N LYS F 32 -36.44 -127.41 12.07
CA LYS F 32 -35.79 -128.38 11.19
C LYS F 32 -36.49 -128.52 9.85
N SER F 33 -37.73 -128.06 9.72
CA SER F 33 -38.47 -128.17 8.47
C SER F 33 -38.11 -127.10 7.45
N GLY F 34 -37.03 -126.33 7.67
CA GLY F 34 -36.76 -125.14 6.90
C GLY F 34 -35.41 -125.16 6.18
N THR F 35 -35.27 -124.18 5.28
CA THR F 35 -34.07 -123.96 4.48
C THR F 35 -33.62 -122.52 4.69
N VAL F 36 -32.36 -122.22 4.34
CA VAL F 36 -31.96 -120.82 4.24
C VAL F 36 -32.89 -120.08 3.27
N ALA F 37 -33.22 -120.73 2.16
CA ALA F 37 -34.09 -120.09 1.17
C ALA F 37 -35.50 -119.92 1.72
N ASN F 38 -36.08 -120.98 2.25
CA ASN F 38 -37.43 -120.93 2.80
C ASN F 38 -37.36 -121.27 4.29
N ASN F 39 -37.29 -120.25 5.13
CA ASN F 39 -37.24 -120.47 6.57
C ASN F 39 -38.65 -120.66 7.12
N THR F 40 -38.75 -121.45 8.17
CA THR F 40 -40.03 -121.85 8.73
C THR F 40 -40.20 -121.50 10.20
N GLY F 41 -39.13 -121.14 10.89
CA GLY F 41 -39.24 -120.79 12.29
C GLY F 41 -37.89 -120.60 12.94
N VAL F 42 -37.78 -119.63 13.84
CA VAL F 42 -36.56 -119.41 14.60
C VAL F 42 -36.94 -119.03 16.02
N PHE F 43 -36.09 -119.41 16.96
CA PHE F 43 -36.24 -119.02 18.35
C PHE F 43 -34.87 -118.58 18.86
N SER F 44 -34.84 -117.48 19.60
CA SER F 44 -33.60 -116.95 20.11
C SER F 44 -33.82 -116.43 21.53
N LEU F 45 -32.80 -116.56 22.37
CA LEU F 45 -32.88 -116.10 23.75
C LEU F 45 -31.53 -115.51 24.17
N GLU F 46 -31.59 -114.40 24.91
CA GLU F 46 -30.41 -113.71 25.39
C GLU F 46 -30.64 -113.23 26.80
N GLN F 47 -29.63 -113.36 27.67
CA GLN F 47 -29.67 -112.79 29.00
C GLN F 47 -28.66 -111.65 29.09
N ARG F 48 -29.14 -110.49 29.52
CA ARG F 48 -28.28 -109.37 29.92
C ARG F 48 -28.31 -109.34 31.45
N PHE F 49 -27.32 -109.98 32.05
CA PHE F 49 -27.14 -109.88 33.49
C PHE F 49 -26.68 -108.47 33.81
N GLY F 50 -27.50 -107.74 34.55
CA GLY F 50 -27.27 -106.33 34.75
C GLY F 50 -26.17 -106.03 35.75
N ALA F 51 -25.87 -104.74 35.88
CA ALA F 51 -25.00 -104.27 36.95
C ALA F 51 -25.59 -104.64 38.31
N ALA F 52 -24.74 -104.56 39.34
CA ALA F 52 -25.14 -105.03 40.66
C ALA F 52 -26.35 -104.28 41.20
N ASN F 53 -26.59 -103.06 40.73
CA ASN F 53 -27.76 -102.30 41.14
C ASN F 53 -29.00 -102.64 40.31
N SER F 54 -28.80 -102.99 39.05
CA SER F 54 -29.90 -103.17 38.11
C SER F 54 -30.47 -104.58 38.17
N ASN F 55 -31.64 -104.75 37.56
CA ASN F 55 -32.23 -106.05 37.35
C ASN F 55 -31.57 -106.74 36.16
N ARG F 56 -31.61 -108.07 36.17
CA ARG F 56 -31.17 -108.80 34.98
C ARG F 56 -32.37 -109.01 34.07
N LYS F 57 -32.09 -109.03 32.77
CA LYS F 57 -33.13 -109.14 31.76
C LYS F 57 -32.89 -110.40 30.93
N VAL F 58 -33.97 -111.11 30.64
CA VAL F 58 -33.92 -112.24 29.70
C VAL F 58 -34.94 -111.99 28.62
N THR F 59 -34.52 -112.06 27.37
CA THR F 59 -35.40 -111.78 26.25
C THR F 59 -35.41 -112.96 25.28
N MET F 60 -36.60 -113.23 24.74
CA MET F 60 -36.82 -114.30 23.77
C MET F 60 -37.59 -113.74 22.58
N LEU F 61 -37.20 -114.20 21.40
CA LEU F 61 -37.89 -113.88 20.17
C LEU F 61 -38.20 -115.17 19.42
N LEU F 62 -39.49 -115.37 19.13
CA LEU F 62 -39.97 -116.48 18.32
C LEU F 62 -40.54 -115.90 17.03
N THR F 63 -40.04 -116.38 15.90
CA THR F 63 -40.47 -115.88 14.61
C THR F 63 -40.94 -117.04 13.75
N ASP F 64 -42.19 -116.95 13.28
CA ASP F 64 -42.79 -117.94 12.39
C ASP F 64 -43.14 -117.25 11.08
N PRO F 65 -42.40 -117.54 10.02
CA PRO F 65 -42.76 -117.03 8.70
C PRO F 65 -43.59 -118.03 7.92
N VAL F 66 -44.51 -117.48 7.11
CA VAL F 66 -45.43 -118.24 6.28
C VAL F 66 -45.47 -117.62 4.90
N VAL F 67 -45.59 -118.45 3.89
CA VAL F 67 -45.78 -117.97 2.52
C VAL F 67 -47.26 -117.73 2.28
N VAL F 68 -47.57 -116.63 1.62
CA VAL F 68 -48.94 -116.22 1.32
C VAL F 68 -48.99 -115.72 -0.11
N LYS F 69 -50.01 -116.12 -0.85
CA LYS F 69 -50.20 -115.60 -2.19
C LYS F 69 -50.62 -114.13 -2.11
N ASP F 70 -50.18 -113.35 -3.07
CA ASP F 70 -50.46 -111.92 -3.14
C ASP F 70 -51.71 -111.67 -3.98
N ALA F 71 -52.26 -110.46 -3.86
CA ALA F 71 -53.33 -110.06 -4.76
C ALA F 71 -52.87 -110.10 -6.22
N SER F 72 -51.59 -109.81 -6.46
CA SER F 72 -50.99 -109.96 -7.78
C SER F 72 -50.68 -111.41 -8.12
N GLY F 73 -50.93 -112.35 -7.20
CA GLY F 73 -50.57 -113.74 -7.39
C GLY F 73 -49.17 -114.10 -6.94
N ALA F 74 -48.25 -113.13 -6.91
CA ALA F 74 -46.88 -113.39 -6.52
C ALA F 74 -46.81 -113.98 -5.12
N ASP F 75 -45.80 -114.82 -4.90
CA ASP F 75 -45.61 -115.44 -3.60
C ASP F 75 -44.86 -114.49 -2.68
N MET F 76 -45.34 -114.33 -1.44
CA MET F 76 -44.87 -113.32 -0.52
C MET F 76 -44.68 -113.96 0.85
N THR F 77 -43.49 -113.81 1.43
CA THR F 77 -43.20 -114.40 2.73
C THR F 77 -43.45 -113.37 3.83
N ILE F 78 -44.22 -113.77 4.84
CA ILE F 78 -44.70 -112.88 5.89
C ILE F 78 -44.33 -113.48 7.23
N LYS F 79 -43.79 -112.65 8.13
CA LYS F 79 -43.35 -113.12 9.44
C LYS F 79 -44.29 -112.61 10.52
N ALA F 80 -44.57 -113.46 11.51
CA ALA F 80 -45.26 -113.10 12.74
C ALA F 80 -44.31 -113.32 13.91
N ASN F 81 -44.29 -112.40 14.86
CA ASN F 81 -43.31 -112.45 15.92
C ASN F 81 -43.98 -112.48 17.28
N ALA F 82 -43.34 -113.19 18.20
CA ALA F 82 -43.70 -113.15 19.61
C ALA F 82 -42.41 -112.88 20.39
N SER F 83 -42.47 -111.95 21.34
CA SER F 83 -41.29 -111.60 22.12
C SER F 83 -41.65 -111.57 23.59
N VAL F 84 -40.85 -112.25 24.40
CA VAL F 84 -41.06 -112.30 25.85
C VAL F 84 -39.83 -111.70 26.52
N THR F 85 -40.07 -110.93 27.59
CA THR F 85 -38.97 -110.32 28.34
C THR F 85 -39.26 -110.45 29.83
N PHE F 86 -38.32 -111.05 30.55
CA PHE F 86 -38.36 -111.20 32.00
C PHE F 86 -37.41 -110.18 32.60
N SER F 87 -37.95 -109.27 33.41
CA SER F 87 -37.15 -108.36 34.22
C SER F 87 -37.17 -108.90 35.64
N LEU F 88 -36.02 -109.36 36.09
CA LEU F 88 -35.88 -110.06 37.36
C LEU F 88 -34.86 -109.35 38.22
N PRO F 89 -35.28 -108.70 39.30
CA PRO F 89 -34.33 -108.10 40.23
C PRO F 89 -33.51 -109.16 40.94
N LYS F 90 -32.30 -108.78 41.34
CA LYS F 90 -31.40 -109.75 41.96
C LYS F 90 -31.96 -110.29 43.26
N THR F 91 -32.52 -109.40 44.10
CA THR F 91 -33.02 -109.80 45.41
C THR F 91 -34.27 -110.68 45.31
N TYR F 92 -34.89 -110.76 44.13
CA TYR F 92 -36.08 -111.59 43.96
C TYR F 92 -35.69 -113.07 44.02
N PRO F 93 -36.44 -113.92 44.74
CA PRO F 93 -36.01 -115.31 44.93
C PRO F 93 -36.30 -116.20 43.73
N ASN F 94 -35.34 -117.08 43.43
CA ASN F 94 -35.45 -117.96 42.27
C ASN F 94 -36.75 -118.75 42.28
N GLU F 95 -37.25 -119.10 43.46
CA GLU F 95 -38.50 -119.84 43.57
C GLU F 95 -39.65 -119.06 42.95
N HIS F 96 -39.88 -117.83 43.43
CA HIS F 96 -40.95 -117.01 42.88
C HIS F 96 -40.73 -116.67 41.42
N ILE F 97 -39.47 -116.68 40.93
CA ILE F 97 -39.26 -116.53 39.50
C ILE F 97 -39.88 -117.72 38.73
N THR F 98 -39.56 -118.95 39.15
CA THR F 98 -40.16 -120.11 38.48
C THR F 98 -41.68 -120.02 38.55
N LYS F 99 -42.22 -119.57 39.68
CA LYS F 99 -43.66 -119.33 39.79
C LYS F 99 -44.17 -118.39 38.71
N LEU F 100 -43.47 -117.26 38.54
CA LEU F 100 -43.86 -116.29 37.51
C LEU F 100 -43.88 -116.92 36.13
N ARG F 101 -42.82 -117.65 35.78
CA ARG F 101 -42.75 -118.26 34.44
C ARG F 101 -43.92 -119.23 34.23
N GLN F 102 -44.21 -120.06 35.23
CA GLN F 102 -45.29 -121.02 35.06
C GLN F 102 -46.64 -120.35 34.95
N THR F 103 -46.90 -119.31 35.77
CA THR F 103 -48.16 -118.59 35.63
C THR F 103 -48.28 -117.93 34.26
N LEU F 104 -47.17 -117.50 33.67
CA LEU F 104 -47.23 -116.93 32.33
C LEU F 104 -47.63 -118.00 31.31
N ILE F 105 -47.05 -119.19 31.42
CA ILE F 105 -47.47 -120.30 30.55
C ILE F 105 -48.97 -120.53 30.68
N ALA F 106 -49.45 -120.61 31.93
CA ALA F 106 -50.87 -120.83 32.18
C ALA F 106 -51.73 -119.77 31.51
N TRP F 107 -51.35 -118.50 31.68
CA TRP F 107 -52.10 -117.41 31.07
C TRP F 107 -52.11 -117.53 29.56
N LEU F 108 -50.97 -117.82 28.95
CA LEU F 108 -50.89 -117.96 27.51
C LEU F 108 -51.77 -119.07 26.99
N GLY F 109 -52.09 -120.05 27.83
CA GLY F 109 -53.03 -121.08 27.46
C GLY F 109 -54.49 -120.65 27.46
N GLN F 110 -54.82 -119.63 28.24
CA GLN F 110 -56.20 -119.27 28.51
C GLN F 110 -56.90 -118.71 27.27
N GLN F 111 -58.23 -118.82 27.28
CA GLN F 111 -58.99 -118.32 26.14
C GLN F 111 -59.03 -116.79 26.11
N CYS F 112 -59.06 -116.14 27.27
CA CYS F 112 -59.05 -114.68 27.30
C CYS F 112 -57.78 -114.11 26.69
N VAL F 113 -56.72 -114.91 26.62
CA VAL F 113 -55.48 -114.51 25.95
C VAL F 113 -55.46 -114.98 24.50
N SER F 114 -55.95 -116.19 24.24
CA SER F 114 -55.87 -116.74 22.89
C SER F 114 -56.80 -116.00 21.93
N ASP F 115 -58.01 -115.68 22.37
CA ASP F 115 -58.98 -115.03 21.48
C ASP F 115 -58.47 -113.73 20.88
N PRO F 116 -57.91 -112.78 21.63
CA PRO F 116 -57.35 -111.59 20.97
C PRO F 116 -56.09 -111.88 20.18
N VAL F 117 -55.19 -112.73 20.71
CA VAL F 117 -53.97 -113.05 19.99
C VAL F 117 -54.28 -113.79 18.70
N ASP F 118 -55.04 -114.89 18.79
CA ASP F 118 -55.23 -115.75 17.64
C ASP F 118 -56.15 -115.12 16.60
N SER F 119 -57.28 -114.56 17.04
CA SER F 119 -58.33 -114.15 16.12
C SER F 119 -58.56 -112.64 16.09
N GLY F 120 -57.91 -111.87 16.94
CA GLY F 120 -58.10 -110.43 16.95
C GLY F 120 -59.39 -109.95 17.58
N LEU F 121 -60.12 -110.82 18.25
CA LEU F 121 -61.34 -110.42 18.95
C LEU F 121 -61.01 -110.03 20.38
N ASN F 122 -61.51 -108.89 20.82
CA ASN F 122 -61.30 -108.47 22.19
C ASN F 122 -62.31 -109.15 23.12
N ASN F 123 -62.01 -109.09 24.42
CA ASN F 123 -62.88 -109.69 25.41
C ASN F 123 -63.91 -108.67 25.88
N TYR F 124 -64.95 -109.18 26.54
CA TYR F 124 -66.08 -108.37 27.00
C TYR F 124 -66.74 -108.92 28.28
N MET G 1 -78.40 85.93 64.45
CA MET G 1 -78.54 87.35 64.75
C MET G 1 -78.05 88.21 63.60
N ARG G 2 -78.79 89.27 63.27
CA ARG G 2 -78.32 90.24 62.30
C ARG G 2 -77.10 90.96 62.86
N LEU G 3 -75.96 90.76 62.20
CA LEU G 3 -74.70 91.27 62.73
C LEU G 3 -74.68 92.79 62.76
N THR G 4 -74.07 93.32 63.81
CA THR G 4 -73.84 94.75 63.93
C THR G 4 -72.48 94.93 64.58
N ASP G 5 -71.88 96.10 64.37
CA ASP G 5 -70.64 96.43 65.06
C ASP G 5 -70.82 96.22 66.55
N VAL G 6 -69.75 95.86 67.24
CA VAL G 6 -69.84 95.40 68.62
C VAL G 6 -68.94 96.27 69.48
N ASP G 7 -69.43 96.65 70.65
CA ASP G 7 -68.63 97.38 71.63
C ASP G 7 -68.59 96.54 72.90
N LEU G 8 -67.37 96.19 73.32
CA LEU G 8 -67.13 95.33 74.46
C LEU G 8 -66.59 96.16 75.62
N THR G 9 -67.06 95.89 76.82
CA THR G 9 -66.48 96.47 78.02
C THR G 9 -65.43 95.50 78.53
N VAL G 10 -64.18 95.96 78.59
CA VAL G 10 -63.03 95.10 78.91
C VAL G 10 -62.32 95.71 80.10
N GLY G 11 -62.50 95.09 81.27
CA GLY G 11 -61.93 95.63 82.48
C GLY G 11 -62.44 97.05 82.67
N GLU G 12 -61.56 98.03 82.54
CA GLU G 12 -61.93 99.41 82.75
C GLU G 12 -61.77 100.24 81.47
N GLU G 13 -61.75 99.58 80.32
CA GLU G 13 -61.66 100.24 79.03
C GLU G 13 -62.80 99.73 78.17
N THR G 14 -63.03 100.38 77.03
CA THR G 14 -64.04 99.94 76.07
C THR G 14 -63.38 99.71 74.71
N ARG G 15 -63.62 98.53 74.16
CA ARG G 15 -63.02 98.07 72.92
C ARG G 15 -64.09 98.00 71.84
N GLU G 16 -63.83 98.58 70.68
CA GLU G 16 -64.82 98.69 69.61
C GLU G 16 -64.37 97.88 68.41
N TYR G 17 -65.21 96.94 67.98
CA TYR G 17 -64.99 96.10 66.83
C TYR G 17 -66.03 96.41 65.76
N ALA G 18 -65.62 96.19 64.51
CA ALA G 18 -66.48 96.38 63.35
C ALA G 18 -66.50 95.12 62.50
N VAL G 19 -67.66 94.84 61.90
CA VAL G 19 -67.81 93.65 61.06
C VAL G 19 -66.90 93.77 59.86
N SER G 20 -66.07 92.74 59.64
CA SER G 20 -65.19 92.67 58.48
C SER G 20 -65.66 91.72 57.39
N GLU G 21 -66.20 90.55 57.75
CA GLU G 21 -66.84 89.74 56.73
C GLU G 21 -67.81 88.77 57.40
N GLN G 22 -68.84 88.38 56.65
CA GLN G 22 -69.82 87.41 57.13
C GLN G 22 -70.13 86.42 56.03
N GLN G 23 -69.94 85.14 56.32
CA GLN G 23 -70.27 84.05 55.43
C GLN G 23 -71.43 83.28 56.04
N GLY G 24 -71.78 82.16 55.42
CA GLY G 24 -72.91 81.38 55.89
C GLY G 24 -72.71 80.89 57.31
N THR G 25 -71.52 80.35 57.59
CA THR G 25 -71.21 79.79 58.90
C THR G 25 -69.96 80.42 59.50
N LEU G 26 -69.54 81.58 59.02
CA LEU G 26 -68.32 82.22 59.49
C LEU G 26 -68.51 83.74 59.53
N PHE G 27 -67.90 84.38 60.52
CA PHE G 27 -67.83 85.84 60.55
C PHE G 27 -66.53 86.30 61.18
N ARG G 28 -66.19 87.55 60.90
CA ARG G 28 -64.96 88.16 61.36
C ARG G 28 -65.18 89.64 61.64
N PHE G 29 -64.76 90.04 62.84
CA PHE G 29 -64.67 91.42 63.31
C PHE G 29 -63.21 91.87 63.38
N VAL G 30 -63.03 93.19 63.23
CA VAL G 30 -61.72 93.82 63.36
C VAL G 30 -61.82 94.93 64.39
N ASP G 31 -60.75 95.10 65.19
CA ASP G 31 -60.67 96.18 66.16
C ASP G 31 -60.58 97.52 65.44
N LYS G 32 -61.51 98.43 65.75
CA LYS G 32 -61.55 99.74 65.10
C LYS G 32 -60.31 100.57 65.40
N SER G 33 -59.47 100.15 66.35
CA SER G 33 -58.23 100.86 66.65
C SER G 33 -57.22 100.80 65.52
N GLY G 34 -57.42 99.89 64.54
CA GLY G 34 -56.38 99.54 63.61
C GLY G 34 -56.73 99.81 62.15
N THR G 35 -55.70 99.69 61.32
CA THR G 35 -55.75 99.85 59.87
C THR G 35 -55.54 98.48 59.21
N VAL G 36 -55.89 98.41 57.93
CA VAL G 36 -55.37 97.33 57.09
C VAL G 36 -53.87 97.21 57.28
N ALA G 37 -53.17 98.34 57.21
CA ALA G 37 -51.72 98.36 57.38
C ALA G 37 -51.32 97.85 58.76
N ASN G 38 -51.74 98.55 59.81
CA ASN G 38 -51.41 98.19 61.18
C ASN G 38 -52.67 97.69 61.87
N ASN G 39 -52.68 96.42 62.26
CA ASN G 39 -53.84 95.79 62.86
C ASN G 39 -53.69 95.73 64.38
N THR G 40 -54.77 96.03 65.08
CA THR G 40 -54.78 96.00 66.55
C THR G 40 -55.51 94.80 67.14
N GLY G 41 -56.36 94.12 66.38
CA GLY G 41 -57.08 92.99 66.91
C GLY G 41 -58.04 92.36 65.92
N VAL G 42 -58.25 91.06 66.02
CA VAL G 42 -59.16 90.36 65.12
C VAL G 42 -59.91 89.30 65.91
N PHE G 43 -61.17 89.08 65.52
CA PHE G 43 -61.97 88.01 66.09
C PHE G 43 -62.70 87.29 64.97
N SER G 44 -62.68 85.97 65.02
CA SER G 44 -63.32 85.15 63.99
C SER G 44 -64.04 83.98 64.64
N LEU G 45 -65.19 83.62 64.07
CA LEU G 45 -66.00 82.52 64.58
C LEU G 45 -66.57 81.72 63.41
N GLU G 46 -66.50 80.38 63.52
CA GLU G 46 -67.01 79.48 62.48
C GLU G 46 -67.70 78.28 63.12
N GLN G 47 -68.85 77.89 62.56
CA GLN G 47 -69.56 76.70 62.99
C GLN G 47 -69.50 75.63 61.91
N ARG G 48 -69.31 74.39 62.35
CA ARG G 48 -69.24 73.21 61.49
C ARG G 48 -70.27 72.21 62.00
N PHE G 49 -71.40 72.17 61.31
CA PHE G 49 -72.49 71.23 61.59
C PHE G 49 -72.13 69.90 60.92
N GLY G 50 -71.90 68.87 61.73
CA GLY G 50 -71.53 67.56 61.21
C GLY G 50 -72.73 66.73 60.81
N ALA G 51 -72.49 65.45 60.57
CA ALA G 51 -73.59 64.52 60.35
C ALA G 51 -74.35 64.27 61.67
N ALA G 52 -75.49 63.58 61.55
CA ALA G 52 -76.35 63.37 62.72
C ALA G 52 -75.67 62.53 63.79
N ASN G 53 -74.67 61.72 63.42
CA ASN G 53 -73.85 61.03 64.40
C ASN G 53 -72.69 61.87 64.91
N SER G 54 -72.39 62.98 64.25
CA SER G 54 -71.27 63.85 64.62
C SER G 54 -71.74 64.99 65.51
N ASN G 55 -70.85 65.44 66.38
CA ASN G 55 -71.10 66.63 67.17
C ASN G 55 -70.86 67.86 66.30
N ARG G 56 -71.75 68.84 66.39
CA ARG G 56 -71.44 70.11 65.75
C ARG G 56 -70.36 70.82 66.56
N LYS G 57 -69.56 71.60 65.86
CA LYS G 57 -68.40 72.23 66.47
C LYS G 57 -68.40 73.73 66.16
N VAL G 58 -67.92 74.52 67.11
CA VAL G 58 -67.92 75.97 66.98
C VAL G 58 -66.58 76.48 67.47
N THR G 59 -65.86 77.21 66.61
CA THR G 59 -64.50 77.62 66.95
C THR G 59 -64.33 79.13 66.79
N MET G 60 -63.62 79.71 67.76
CA MET G 60 -63.34 81.13 67.83
C MET G 60 -61.84 81.34 67.91
N LEU G 61 -61.37 82.37 67.20
CA LEU G 61 -59.98 82.81 67.28
C LEU G 61 -59.95 84.31 67.55
N LEU G 62 -59.27 84.68 68.63
CA LEU G 62 -59.05 86.07 69.01
C LEU G 62 -57.56 86.33 68.94
N THR G 63 -57.17 87.29 68.11
CA THR G 63 -55.76 87.63 67.91
C THR G 63 -55.52 89.08 68.32
N ASP G 64 -54.54 89.28 69.19
CA ASP G 64 -54.13 90.61 69.66
C ASP G 64 -52.67 90.82 69.34
N PRO G 65 -52.37 91.63 68.33
CA PRO G 65 -50.98 91.99 68.05
C PRO G 65 -50.60 93.28 68.77
N VAL G 66 -49.33 93.32 69.20
CA VAL G 66 -48.75 94.45 69.91
C VAL G 66 -47.38 94.73 69.30
N VAL G 67 -47.02 96.00 69.24
CA VAL G 67 -45.69 96.39 68.80
C VAL G 67 -44.77 96.44 70.01
N VAL G 68 -43.62 95.77 69.90
CA VAL G 68 -42.64 95.65 70.97
C VAL G 68 -41.30 96.11 70.44
N LYS G 69 -40.48 96.66 71.34
CA LYS G 69 -39.13 97.07 71.01
C LYS G 69 -38.25 95.84 70.80
N ASP G 70 -37.43 95.89 69.77
CA ASP G 70 -36.45 94.84 69.52
C ASP G 70 -35.30 94.94 70.53
N ALA G 71 -34.54 93.85 70.66
CA ALA G 71 -33.32 93.91 71.47
C ALA G 71 -32.33 94.90 70.87
N SER G 72 -32.34 95.06 69.55
CA SER G 72 -31.58 96.12 68.89
C SER G 72 -32.28 97.46 69.00
N GLY G 73 -33.60 97.47 69.12
CA GLY G 73 -34.38 98.69 69.19
C GLY G 73 -35.41 98.84 68.10
N ALA G 74 -35.36 98.02 67.05
CA ALA G 74 -36.30 98.12 65.95
C ALA G 74 -37.73 97.86 66.43
N ASP G 75 -38.69 98.33 65.62
CA ASP G 75 -40.10 98.08 65.89
C ASP G 75 -40.49 96.71 65.35
N MET G 76 -41.10 95.90 66.19
CA MET G 76 -41.44 94.53 65.79
C MET G 76 -42.85 94.20 66.28
N THR G 77 -43.66 93.56 65.44
CA THR G 77 -45.02 93.23 65.80
C THR G 77 -45.13 91.77 66.24
N ILE G 78 -45.78 91.55 67.38
CA ILE G 78 -45.88 90.23 68.01
C ILE G 78 -47.35 89.97 68.30
N LYS G 79 -47.84 88.81 67.89
CA LYS G 79 -49.24 88.44 68.09
C LYS G 79 -49.37 87.45 69.23
N ALA G 80 -50.47 87.57 69.98
CA ALA G 80 -50.89 86.59 70.98
C ALA G 80 -52.26 86.06 70.61
N ASN G 81 -52.43 84.75 70.69
CA ASN G 81 -53.64 84.11 70.19
C ASN G 81 -54.39 83.45 71.33
N ALA G 82 -55.71 83.47 71.23
CA ALA G 82 -56.56 82.67 72.11
C ALA G 82 -57.62 82.02 71.24
N SER G 83 -57.86 80.73 71.45
CA SER G 83 -58.80 80.00 70.62
C SER G 83 -59.71 79.15 71.49
N VAL G 84 -61.00 79.22 71.22
CA VAL G 84 -62.00 78.44 71.95
C VAL G 84 -62.68 77.51 70.96
N THR G 85 -63.02 76.30 71.42
CA THR G 85 -63.73 75.33 70.60
C THR G 85 -64.79 74.65 71.45
N PHE G 86 -66.04 74.76 71.01
CA PHE G 86 -67.19 74.10 71.64
C PHE G 86 -67.53 72.86 70.82
N SER G 87 -67.43 71.69 71.44
CA SER G 87 -67.90 70.45 70.84
C SER G 87 -69.23 70.12 71.50
N LEU G 88 -70.30 70.21 70.71
CA LEU G 88 -71.67 70.10 71.18
C LEU G 88 -72.38 68.99 70.42
N PRO G 89 -72.66 67.86 71.07
CA PRO G 89 -73.46 66.81 70.44
C PRO G 89 -74.88 67.27 70.19
N LYS G 90 -75.50 66.64 69.20
CA LYS G 90 -76.83 67.06 68.76
C LYS G 90 -77.96 66.43 69.58
N THR G 91 -77.62 65.65 70.60
CA THR G 91 -78.57 65.18 71.59
C THR G 91 -78.45 65.97 72.89
N TYR G 92 -77.51 66.89 72.96
CA TYR G 92 -77.29 67.72 74.13
C TYR G 92 -78.24 68.91 74.11
N PRO G 93 -78.88 69.25 75.23
CA PRO G 93 -79.88 70.33 75.20
C PRO G 93 -79.28 71.73 75.21
N ASN G 94 -79.96 72.61 74.46
CA ASN G 94 -79.48 73.98 74.28
C ASN G 94 -79.32 74.70 75.62
N GLU G 95 -80.23 74.43 76.57
CA GLU G 95 -80.11 75.02 77.89
C GLU G 95 -78.74 74.74 78.49
N HIS G 96 -78.35 73.46 78.52
CA HIS G 96 -77.06 73.11 79.11
C HIS G 96 -75.89 73.62 78.28
N ILE G 97 -76.06 73.83 76.97
CA ILE G 97 -75.02 74.52 76.22
C ILE G 97 -74.81 75.94 76.76
N THR G 98 -75.92 76.66 76.98
CA THR G 98 -75.80 78.00 77.55
C THR G 98 -75.13 77.95 78.92
N LYS G 99 -75.54 76.99 79.76
CA LYS G 99 -74.91 76.79 81.06
C LYS G 99 -73.41 76.60 80.91
N LEU G 100 -73.00 75.78 79.94
CA LEU G 100 -71.59 75.52 79.69
C LEU G 100 -70.85 76.80 79.33
N ARG G 101 -71.40 77.58 78.39
CA ARG G 101 -70.75 78.81 77.97
C ARG G 101 -70.58 79.78 79.15
N GLN G 102 -71.61 79.88 79.99
CA GLN G 102 -71.50 80.81 81.10
C GLN G 102 -70.50 80.33 82.15
N THR G 103 -70.47 79.02 82.44
CA THR G 103 -69.45 78.50 83.36
C THR G 103 -68.05 78.73 82.81
N LEU G 104 -67.89 78.67 81.49
CA LEU G 104 -66.58 78.97 80.90
C LEU G 104 -66.20 80.42 81.13
N ILE G 105 -67.15 81.34 80.93
CA ILE G 105 -66.88 82.74 81.21
C ILE G 105 -66.45 82.93 82.66
N ALA G 106 -67.19 82.31 83.58
CA ALA G 106 -66.86 82.42 85.00
C ALA G 106 -65.46 81.88 85.30
N TRP G 107 -65.12 80.74 84.71
CA TRP G 107 -63.80 80.16 84.91
C TRP G 107 -62.70 81.09 84.38
N LEU G 108 -62.92 81.65 83.18
CA LEU G 108 -61.95 82.58 82.63
C LEU G 108 -61.77 83.81 83.49
N GLY G 109 -62.77 84.13 84.32
CA GLY G 109 -62.63 85.18 85.30
C GLY G 109 -61.75 84.84 86.49
N GLN G 110 -61.65 83.55 86.82
CA GLN G 110 -61.05 83.13 88.08
C GLN G 110 -59.56 83.45 88.16
N GLN G 111 -59.07 83.59 89.39
CA GLN G 111 -57.66 83.87 89.57
C GLN G 111 -56.80 82.65 89.25
N CYS G 112 -57.31 81.44 89.55
CA CYS G 112 -56.54 80.23 89.25
C CYS G 112 -56.37 80.01 87.76
N VAL G 113 -57.24 80.60 86.94
CA VAL G 113 -57.02 80.62 85.50
C VAL G 113 -56.20 81.83 85.10
N SER G 114 -56.37 82.96 85.80
CA SER G 114 -55.68 84.19 85.44
C SER G 114 -54.17 84.08 85.61
N ASP G 115 -53.73 83.53 86.75
CA ASP G 115 -52.30 83.52 87.05
C ASP G 115 -51.47 82.80 86.00
N PRO G 116 -51.77 81.58 85.58
CA PRO G 116 -50.96 80.97 84.51
C PRO G 116 -51.08 81.69 83.18
N VAL G 117 -52.29 82.09 82.80
CA VAL G 117 -52.47 82.77 81.52
C VAL G 117 -51.77 84.13 81.54
N ASP G 118 -52.14 84.99 82.49
CA ASP G 118 -51.68 86.37 82.44
C ASP G 118 -50.19 86.48 82.74
N SER G 119 -49.69 85.74 83.72
CA SER G 119 -48.33 85.93 84.20
C SER G 119 -47.43 84.71 84.11
N GLY G 120 -47.98 83.53 83.85
CA GLY G 120 -47.17 82.33 83.74
C GLY G 120 -46.96 81.59 85.03
N LEU G 121 -47.45 82.10 86.16
CA LEU G 121 -47.31 81.40 87.42
C LEU G 121 -48.29 80.23 87.48
N ASN G 122 -47.80 79.06 87.87
CA ASN G 122 -48.68 77.94 88.11
C ASN G 122 -49.27 78.00 89.52
N ASN G 123 -50.41 77.35 89.70
CA ASN G 123 -51.03 77.29 91.01
C ASN G 123 -50.45 76.14 91.81
N TYR G 124 -50.62 76.21 93.13
CA TYR G 124 -50.03 75.21 94.01
C TYR G 124 -50.97 74.78 95.14
N MET H 1 -85.55 89.13 48.94
CA MET H 1 -86.15 89.85 50.07
C MET H 1 -85.18 89.92 51.23
N ARG H 2 -85.46 90.81 52.19
CA ARG H 2 -84.67 90.91 53.41
C ARG H 2 -85.21 89.89 54.42
N LEU H 3 -84.43 88.86 54.69
CA LEU H 3 -84.87 87.77 55.55
C LEU H 3 -85.24 88.25 56.94
N THR H 4 -86.41 87.84 57.39
CA THR H 4 -86.91 88.09 58.73
C THR H 4 -87.49 86.79 59.26
N ASP H 5 -87.45 86.61 60.58
CA ASP H 5 -88.05 85.44 61.18
C ASP H 5 -89.49 85.31 60.72
N VAL H 6 -89.96 84.08 60.54
CA VAL H 6 -91.22 83.83 59.85
C VAL H 6 -92.14 83.08 60.79
N ASP H 7 -93.42 83.42 60.74
CA ASP H 7 -94.44 82.69 61.48
C ASP H 7 -95.50 82.18 60.51
N LEU H 8 -95.68 80.86 60.51
CA LEU H 8 -96.54 80.17 59.58
C LEU H 8 -97.79 79.72 60.30
N THR H 9 -98.94 79.94 59.68
CA THR H 9 -100.20 79.45 60.19
C THR H 9 -100.41 78.06 59.59
N VAL H 10 -100.35 77.05 60.44
CA VAL H 10 -100.37 75.65 60.02
C VAL H 10 -101.62 75.01 60.61
N GLY H 11 -102.66 74.89 59.79
CA GLY H 11 -103.93 74.40 60.30
C GLY H 11 -104.44 75.31 61.38
N GLU H 12 -104.48 74.84 62.62
CA GLU H 12 -104.94 75.64 63.73
C GLU H 12 -103.83 75.97 64.71
N GLU H 13 -102.58 75.86 64.27
CA GLU H 13 -101.44 76.11 65.12
C GLU H 13 -100.57 77.15 64.42
N THR H 14 -99.59 77.68 65.14
CA THR H 14 -98.65 78.62 64.56
C THR H 14 -97.23 78.12 64.81
N ARG H 15 -96.51 77.87 63.71
CA ARG H 15 -95.10 77.49 63.75
C ARG H 15 -94.26 78.76 63.63
N GLU H 16 -93.15 78.81 64.37
CA GLU H 16 -92.32 80.03 64.43
C GLU H 16 -90.88 79.68 64.14
N TYR H 17 -90.38 80.11 62.98
CA TYR H 17 -89.04 79.83 62.53
C TYR H 17 -88.17 81.07 62.63
N ALA H 18 -86.90 80.84 62.91
CA ALA H 18 -85.88 81.89 63.01
C ALA H 18 -84.79 81.63 61.98
N VAL H 19 -84.26 82.72 61.40
CA VAL H 19 -83.20 82.61 60.43
C VAL H 19 -81.98 81.98 61.08
N SER H 20 -81.46 80.92 60.46
CA SER H 20 -80.31 80.21 60.99
C SER H 20 -79.06 80.33 60.12
N GLU H 21 -79.19 80.48 58.81
CA GLU H 21 -78.03 80.91 58.04
C GLU H 21 -78.45 81.50 56.71
N GLN H 22 -77.64 82.44 56.21
CA GLN H 22 -77.84 83.07 54.92
C GLN H 22 -76.52 83.07 54.17
N GLN H 23 -76.49 82.40 53.02
CA GLN H 23 -75.33 82.41 52.14
C GLN H 23 -75.69 83.22 50.91
N GLY H 24 -74.91 83.04 49.85
CA GLY H 24 -75.19 83.74 48.62
C GLY H 24 -76.54 83.34 48.06
N THR H 25 -76.67 82.05 47.75
CA THR H 25 -77.87 81.51 47.10
C THR H 25 -78.64 80.56 48.00
N LEU H 26 -78.26 80.47 49.28
CA LEU H 26 -78.84 79.49 50.19
C LEU H 26 -79.25 80.18 51.50
N PHE H 27 -80.37 79.74 52.07
CA PHE H 27 -80.79 80.17 53.39
C PHE H 27 -81.40 79.00 54.15
N ARG H 28 -81.48 79.18 55.46
CA ARG H 28 -81.96 78.13 56.36
C ARG H 28 -82.63 78.77 57.57
N PHE H 29 -83.88 78.37 57.81
CA PHE H 29 -84.67 78.67 58.99
C PHE H 29 -84.73 77.46 59.92
N VAL H 30 -85.08 77.74 61.17
CA VAL H 30 -85.06 76.73 62.22
C VAL H 30 -86.27 76.95 63.13
N ASP H 31 -86.95 75.86 63.51
CA ASP H 31 -88.11 75.96 64.39
C ASP H 31 -87.70 76.47 65.77
N LYS H 32 -88.25 77.63 66.15
CA LYS H 32 -87.87 78.24 67.42
C LYS H 32 -88.20 77.35 68.59
N SER H 33 -89.26 76.54 68.46
CA SER H 33 -89.74 75.67 69.54
C SER H 33 -88.81 74.50 69.81
N GLY H 34 -87.65 74.44 69.19
CA GLY H 34 -86.76 73.30 69.38
C GLY H 34 -85.97 73.45 70.66
N THR H 35 -85.88 72.34 71.42
CA THR H 35 -85.08 72.30 72.64
C THR H 35 -83.70 71.74 72.41
N VAL H 36 -83.58 70.75 71.54
CA VAL H 36 -82.31 70.11 71.23
C VAL H 36 -82.12 70.19 69.72
N ALA H 37 -80.87 70.02 69.29
CA ALA H 37 -80.57 69.98 67.87
C ALA H 37 -81.43 68.92 67.15
N ASN H 38 -81.45 67.69 67.69
CA ASN H 38 -82.26 66.64 67.08
C ASN H 38 -83.75 66.89 67.24
N ASN H 39 -84.15 67.55 68.32
CA ASN H 39 -85.55 67.95 68.49
C ASN H 39 -85.99 68.92 67.41
N THR H 40 -85.05 69.70 66.86
CA THR H 40 -85.37 70.92 66.13
C THR H 40 -85.66 70.66 64.65
N GLY H 41 -86.83 71.09 64.19
CA GLY H 41 -87.14 71.06 62.78
C GLY H 41 -86.45 72.18 62.03
N VAL H 42 -86.24 71.98 60.73
CA VAL H 42 -85.50 72.94 59.92
C VAL H 42 -86.10 73.04 58.53
N PHE H 43 -85.78 74.15 57.87
CA PHE H 43 -86.20 74.38 56.50
C PHE H 43 -85.09 75.12 55.76
N SER H 44 -84.72 74.61 54.60
CA SER H 44 -83.60 75.16 53.85
C SER H 44 -83.99 75.31 52.38
N LEU H 45 -83.43 76.32 51.73
CA LEU H 45 -83.69 76.58 50.32
C LEU H 45 -82.41 77.06 49.65
N GLU H 46 -82.20 76.60 48.41
CA GLU H 46 -81.00 76.93 47.65
C GLU H 46 -81.38 77.06 46.18
N GLN H 47 -80.87 78.11 45.53
CA GLN H 47 -81.04 78.28 44.10
C GLN H 47 -79.72 78.03 43.39
N ARG H 48 -79.79 77.29 42.29
CA ARG H 48 -78.65 76.98 41.43
C ARG H 48 -79.00 77.53 40.05
N PHE H 49 -78.44 78.70 39.75
CA PHE H 49 -78.62 79.35 38.46
C PHE H 49 -77.63 78.75 37.47
N GLY H 50 -78.12 78.23 36.35
CA GLY H 50 -77.28 77.57 35.37
C GLY H 50 -76.78 78.52 34.30
N ALA H 51 -76.13 77.93 33.29
CA ALA H 51 -75.77 78.69 32.11
C ALA H 51 -77.03 79.06 31.33
N ALA H 52 -76.84 79.83 30.24
CA ALA H 52 -78.00 80.30 29.48
C ALA H 52 -78.75 79.17 28.80
N ASN H 53 -78.06 78.07 28.48
CA ASN H 53 -78.73 76.90 27.94
C ASN H 53 -79.35 76.02 29.02
N SER H 54 -79.05 76.29 30.28
CA SER H 54 -79.58 75.50 31.38
C SER H 54 -80.85 76.12 31.95
N ASN H 55 -81.52 75.35 32.78
CA ASN H 55 -82.64 75.84 33.59
C ASN H 55 -82.13 76.13 34.99
N ARG H 56 -82.59 77.23 35.57
CA ARG H 56 -82.27 77.44 36.98
C ARG H 56 -83.11 76.48 37.82
N LYS H 57 -82.54 76.03 38.93
CA LYS H 57 -83.20 75.07 39.80
C LYS H 57 -83.26 75.63 41.22
N VAL H 58 -84.42 75.51 41.84
CA VAL H 58 -84.57 75.91 43.24
C VAL H 58 -85.01 74.70 44.02
N THR H 59 -84.31 74.42 45.12
CA THR H 59 -84.60 73.24 45.94
C THR H 59 -84.86 73.66 47.37
N MET H 60 -85.80 72.96 48.01
CA MET H 60 -86.17 73.18 49.39
C MET H 60 -86.24 71.84 50.10
N LEU H 61 -85.75 71.84 51.34
CA LEU H 61 -85.84 70.70 52.23
C LEU H 61 -86.47 71.12 53.54
N LEU H 62 -87.52 70.40 53.95
CA LEU H 62 -88.23 70.60 55.20
C LEU H 62 -88.08 69.32 56.02
N THR H 63 -87.51 69.45 57.22
CA THR H 63 -87.26 68.33 58.12
C THR H 63 -88.01 68.54 59.42
N ASP H 64 -88.85 67.56 59.77
CA ASP H 64 -89.66 67.62 60.99
C ASP H 64 -89.43 66.37 61.83
N PRO H 65 -88.51 66.43 62.79
CA PRO H 65 -88.31 65.29 63.69
C PRO H 65 -89.33 65.27 64.83
N VAL H 66 -89.58 64.06 65.34
CA VAL H 66 -90.50 63.82 66.46
C VAL H 66 -89.88 62.77 67.37
N VAL H 67 -90.21 62.83 68.66
CA VAL H 67 -89.70 61.88 69.64
C VAL H 67 -90.69 60.74 69.81
N VAL H 68 -90.20 59.50 69.68
CA VAL H 68 -91.00 58.30 69.87
C VAL H 68 -90.40 57.43 70.97
N MET H 76 -86.12 57.55 71.27
CA MET H 76 -85.65 57.74 69.90
C MET H 76 -86.36 58.89 69.19
N THR H 77 -85.64 59.61 68.33
CA THR H 77 -86.20 60.68 67.52
C THR H 77 -86.14 60.29 66.04
N ILE H 78 -87.28 60.43 65.36
CA ILE H 78 -87.48 59.99 64.00
C ILE H 78 -87.74 61.22 63.13
N LYS H 79 -87.08 61.28 61.98
CA LYS H 79 -87.14 62.44 61.10
C LYS H 79 -87.87 62.11 59.81
N ALA H 80 -88.76 63.02 59.39
CA ALA H 80 -89.45 62.92 58.12
C ALA H 80 -89.15 64.14 57.26
N ASN H 81 -89.00 63.93 55.95
CA ASN H 81 -88.52 64.97 55.05
C ASN H 81 -89.54 65.24 53.95
N ALA H 82 -89.70 66.50 53.61
CA ALA H 82 -90.34 66.90 52.37
C ALA H 82 -89.34 67.70 51.56
N SER H 83 -89.25 67.42 50.26
CA SER H 83 -88.30 68.14 49.41
C SER H 83 -89.01 68.57 48.13
N VAL H 84 -88.92 69.85 47.83
CA VAL H 84 -89.51 70.41 46.62
C VAL H 84 -88.38 70.89 45.72
N THR H 85 -88.55 70.74 44.42
CA THR H 85 -87.58 71.20 43.44
C THR H 85 -88.31 71.80 42.24
N PHE H 86 -88.00 73.06 41.94
CA PHE H 86 -88.56 73.79 40.81
C PHE H 86 -87.49 73.87 39.73
N SER H 87 -87.77 73.27 38.57
CA SER H 87 -86.91 73.39 37.41
C SER H 87 -87.56 74.40 36.46
N LEU H 88 -86.91 75.54 36.29
CA LEU H 88 -87.49 76.70 35.60
C LEU H 88 -86.57 77.12 34.48
N PRO H 89 -86.97 76.96 33.22
CA PRO H 89 -86.19 77.50 32.11
C PRO H 89 -86.21 79.02 32.12
N LYS H 90 -85.13 79.62 31.64
CA LYS H 90 -85.01 81.06 31.75
C LYS H 90 -86.01 81.77 30.86
N THR H 91 -86.24 81.26 29.65
CA THR H 91 -87.21 81.86 28.74
C THR H 91 -88.64 81.78 29.27
N TYR H 92 -88.89 80.92 30.25
CA TYR H 92 -90.23 80.74 30.80
C TYR H 92 -90.64 81.98 31.60
N PRO H 93 -91.88 82.46 31.46
CA PRO H 93 -92.24 83.77 32.04
C PRO H 93 -92.53 83.72 33.54
N ASN H 94 -92.03 84.76 34.22
CA ASN H 94 -92.15 84.82 35.68
C ASN H 94 -93.61 84.72 36.14
N GLU H 95 -94.54 85.28 35.36
CA GLU H 95 -95.95 85.20 35.74
C GLU H 95 -96.41 83.75 35.81
N HIS H 96 -96.15 82.97 34.75
CA HIS H 96 -96.52 81.56 34.77
C HIS H 96 -95.77 80.76 35.83
N ILE H 97 -94.58 81.20 36.26
CA ILE H 97 -93.93 80.55 37.39
C ILE H 97 -94.73 80.76 38.68
N THR H 98 -95.13 82.03 38.94
CA THR H 98 -95.97 82.28 40.12
C THR H 98 -97.22 81.41 40.07
N LYS H 99 -97.81 81.28 38.89
CA LYS H 99 -98.96 80.38 38.71
C LYS H 99 -98.61 78.95 39.12
N LEU H 100 -97.49 78.43 38.61
CA LEU H 100 -97.09 77.05 38.94
C LEU H 100 -96.99 76.85 40.45
N ARG H 101 -96.29 77.76 41.13
CA ARG H 101 -96.14 77.63 42.58
C ARG H 101 -97.50 77.59 43.27
N GLN H 102 -98.40 78.50 42.89
CA GLN H 102 -99.70 78.55 43.56
C GLN H 102 -100.50 77.27 43.33
N THR H 103 -100.45 76.74 42.10
CA THR H 103 -101.19 75.49 41.84
C THR H 103 -100.59 74.31 42.59
N LEU H 104 -99.28 74.30 42.81
CA LEU H 104 -98.70 73.25 43.65
C LEU H 104 -99.23 73.36 45.07
N ILE H 105 -99.32 74.57 45.61
CA ILE H 105 -99.94 74.75 46.93
C ILE H 105 -101.35 74.17 46.94
N ALA H 106 -102.15 74.54 45.94
CA ALA H 106 -103.52 74.05 45.85
C ALA H 106 -103.58 72.53 45.81
N TRP H 107 -102.69 71.91 45.03
CA TRP H 107 -102.66 70.46 44.94
C TRP H 107 -102.34 69.83 46.28
N LEU H 108 -101.30 70.34 46.96
CA LEU H 108 -100.94 69.84 48.27
C LEU H 108 -102.06 70.00 49.27
N GLY H 109 -103.04 70.86 49.00
CA GLY H 109 -104.24 70.92 49.81
C GLY H 109 -105.20 69.76 49.66
N GLN H 110 -105.26 69.16 48.48
CA GLN H 110 -106.36 68.28 48.11
C GLN H 110 -106.31 66.93 48.83
N GLN H 111 -107.47 66.27 48.88
CA GLN H 111 -107.56 64.97 49.53
C GLN H 111 -106.77 63.91 48.80
N CYS H 112 -106.83 63.92 47.46
CA CYS H 112 -106.12 62.91 46.69
C CYS H 112 -104.62 62.95 46.95
N VAL H 113 -104.11 64.06 47.50
CA VAL H 113 -102.72 64.15 47.91
C VAL H 113 -102.54 63.86 49.39
N SER H 114 -103.46 64.34 50.23
CA SER H 114 -103.31 64.13 51.67
C SER H 114 -103.44 62.67 52.04
N ASP H 115 -104.39 61.95 51.43
CA ASP H 115 -104.62 60.56 51.80
C ASP H 115 -103.37 59.68 51.65
N PRO H 116 -102.64 59.73 50.52
CA PRO H 116 -101.38 58.94 50.49
C PRO H 116 -100.28 59.52 51.35
N VAL H 117 -100.09 60.84 51.34
CA VAL H 117 -99.03 61.45 52.16
C VAL H 117 -99.32 61.21 53.64
N ASP H 118 -100.46 61.69 54.12
CA ASP H 118 -100.73 61.68 55.55
C ASP H 118 -100.83 60.25 56.09
N SER H 119 -101.71 59.44 55.52
CA SER H 119 -102.03 58.14 56.09
C SER H 119 -101.66 56.95 55.22
N GLY H 120 -101.24 57.17 53.98
CA GLY H 120 -100.84 56.07 53.12
C GLY H 120 -101.95 55.45 52.30
N LEU H 121 -103.15 56.02 52.32
CA LEU H 121 -104.23 55.54 51.48
C LEU H 121 -103.98 55.96 50.04
N ASN H 122 -103.95 54.98 49.13
CA ASN H 122 -103.90 55.34 47.72
C ASN H 122 -105.31 55.63 47.20
N ASN H 123 -105.37 56.31 46.08
CA ASN H 123 -106.66 56.65 45.50
C ASN H 123 -107.12 55.55 44.55
N TYR H 124 -108.42 55.36 44.50
CA TYR H 124 -109.00 54.26 43.75
C TYR H 124 -110.24 54.69 43.02
N MET I 1 -70.34 97.58 55.51
CA MET I 1 -71.66 98.15 55.34
C MET I 1 -72.72 97.05 55.36
N ARG I 2 -73.86 97.33 56.01
CA ARG I 2 -75.01 96.44 55.94
C ARG I 2 -75.68 96.57 54.58
N LEU I 3 -75.51 95.57 53.74
CA LEU I 3 -75.95 95.68 52.35
C LEU I 3 -77.46 95.75 52.29
N THR I 4 -77.97 96.74 51.56
CA THR I 4 -79.38 96.82 51.20
C THR I 4 -79.47 97.38 49.79
N ASP I 5 -80.68 97.23 49.22
CA ASP I 5 -80.93 97.72 47.86
C ASP I 5 -80.52 99.19 47.77
N VAL I 6 -80.07 99.59 46.58
CA VAL I 6 -79.66 100.97 46.37
C VAL I 6 -80.33 101.52 45.12
N ASP I 7 -80.45 102.84 45.09
CA ASP I 7 -80.92 103.58 43.93
C ASP I 7 -79.85 104.58 43.55
N LEU I 8 -79.48 104.61 42.28
CA LEU I 8 -78.43 105.45 41.77
C LEU I 8 -79.01 106.59 40.93
N THR I 9 -78.42 107.77 41.09
CA THR I 9 -78.78 108.91 40.28
C THR I 9 -77.86 108.92 39.07
N VAL I 10 -78.42 108.74 37.88
CA VAL I 10 -77.65 108.57 36.65
C VAL I 10 -78.08 109.65 35.68
N GLY I 11 -77.28 110.73 35.59
CA GLY I 11 -77.67 111.84 34.76
C GLY I 11 -79.01 112.39 35.20
N GLU I 12 -80.02 112.24 34.36
CA GLU I 12 -81.36 112.74 34.65
C GLU I 12 -82.37 111.61 34.80
N GLU I 13 -81.90 110.41 35.14
CA GLU I 13 -82.78 109.28 35.40
C GLU I 13 -82.37 108.64 36.73
N THR I 14 -83.23 107.78 37.24
CA THR I 14 -82.94 107.04 38.46
C THR I 14 -82.93 105.55 38.16
N ARG I 15 -81.86 104.89 38.58
CA ARG I 15 -81.62 103.48 38.31
C ARG I 15 -81.77 102.72 39.63
N GLU I 16 -82.60 101.69 39.64
CA GLU I 16 -82.93 100.98 40.88
C GLU I 16 -82.33 99.58 40.84
N TYR I 17 -81.41 99.29 41.74
CA TYR I 17 -80.84 97.96 41.86
C TYR I 17 -81.37 97.29 43.13
N ALA I 18 -81.31 95.96 43.14
CA ALA I 18 -81.72 95.15 44.27
C ALA I 18 -80.65 94.10 44.53
N VAL I 19 -80.41 93.82 45.82
CA VAL I 19 -79.40 92.82 46.18
C VAL I 19 -79.83 91.47 45.64
N SER I 20 -78.95 90.86 44.84
CA SER I 20 -79.20 89.53 44.28
C SER I 20 -78.41 88.43 44.96
N GLU I 21 -77.24 88.73 45.52
CA GLU I 21 -76.59 87.78 46.42
C GLU I 21 -75.53 88.51 47.24
N GLN I 22 -75.29 87.99 48.45
CA GLN I 22 -74.22 88.50 49.30
C GLN I 22 -73.45 87.33 49.90
N GLN I 23 -72.15 87.28 49.61
CA GLN I 23 -71.23 86.31 50.18
C GLN I 23 -70.20 87.04 51.03
N GLY I 24 -69.24 86.27 51.54
CA GLY I 24 -68.28 86.84 52.47
C GLY I 24 -67.46 87.94 51.87
N THR I 25 -66.92 87.71 50.67
CA THR I 25 -66.07 88.66 49.97
C THR I 25 -66.67 89.14 48.66
N LEU I 26 -67.91 88.74 48.35
CA LEU I 26 -68.53 89.04 47.07
C LEU I 26 -69.98 89.47 47.28
N PHE I 27 -70.46 90.36 46.42
CA PHE I 27 -71.87 90.71 46.39
C PHE I 27 -72.28 91.04 44.96
N ARG I 28 -73.59 90.95 44.71
CA ARG I 28 -74.17 91.17 43.40
C ARG I 28 -75.53 91.84 43.52
N PHE I 29 -75.69 92.93 42.77
CA PHE I 29 -76.94 93.64 42.56
C PHE I 29 -77.46 93.39 41.15
N VAL I 30 -78.79 93.51 41.00
CA VAL I 30 -79.47 93.36 39.72
C VAL I 30 -80.41 94.55 39.51
N ASP I 31 -80.47 95.04 38.26
CA ASP I 31 -81.37 96.15 37.93
C ASP I 31 -82.82 95.70 38.06
N LYS I 32 -83.59 96.44 38.87
CA LYS I 32 -84.96 96.05 39.18
C LYS I 32 -85.88 96.05 37.96
N SER I 33 -85.47 96.68 36.87
CA SER I 33 -86.28 96.73 35.66
C SER I 33 -86.20 95.47 34.81
N GLY I 34 -85.61 94.38 35.33
CA GLY I 34 -85.27 93.24 34.52
C GLY I 34 -85.92 91.93 34.99
N THR I 35 -85.79 90.93 34.11
CA THR I 35 -86.28 89.57 34.32
C THR I 35 -85.13 88.60 34.11
N VAL I 36 -85.29 87.36 34.61
CA VAL I 36 -84.36 86.31 34.21
C VAL I 36 -84.33 86.20 32.68
N ALA I 37 -85.50 86.28 32.06
CA ALA I 37 -85.58 86.16 30.61
C ALA I 37 -84.93 87.35 29.93
N ASN I 38 -85.31 88.56 30.32
CA ASN I 38 -84.74 89.78 29.75
C ASN I 38 -84.03 90.55 30.85
N ASN I 39 -82.73 90.36 30.96
CA ASN I 39 -81.95 91.08 31.96
C ASN I 39 -81.56 92.46 31.44
N THR I 40 -81.45 93.40 32.37
CA THR I 40 -81.23 94.79 32.03
C THR I 40 -79.99 95.39 32.66
N GLY I 41 -79.39 94.73 33.64
CA GLY I 41 -78.19 95.25 34.27
C GLY I 41 -77.78 94.45 35.48
N VAL I 42 -76.48 94.28 35.67
CA VAL I 42 -75.96 93.59 36.84
C VAL I 42 -74.70 94.32 37.29
N PHE I 43 -74.46 94.29 38.60
CA PHE I 43 -73.23 94.81 39.18
C PHE I 43 -72.73 93.81 40.20
N SER I 44 -71.43 93.56 40.19
CA SER I 44 -70.84 92.60 41.11
C SER I 44 -69.49 93.13 41.58
N LEU I 45 -69.16 92.81 42.83
CA LEU I 45 -67.89 93.24 43.43
C LEU I 45 -67.34 92.14 44.31
N GLU I 46 -66.02 91.95 44.25
CA GLU I 46 -65.33 90.94 45.03
C GLU I 46 -64.00 91.50 45.52
N GLN I 47 -63.66 91.19 46.77
CA GLN I 47 -62.35 91.53 47.31
C GLN I 47 -61.56 90.24 47.53
N ARG I 48 -60.36 90.19 46.98
CA ARG I 48 -59.36 89.17 47.31
C ARG I 48 -58.33 89.86 48.20
N PHE I 49 -58.53 89.72 49.50
CA PHE I 49 -57.53 90.17 50.46
C PHE I 49 -56.32 89.26 50.34
N GLY I 50 -55.19 89.83 49.93
CA GLY I 50 -54.04 89.02 49.59
C GLY I 50 -53.28 88.50 50.80
N ALA I 51 -52.28 87.69 50.51
CA ALA I 51 -51.32 87.27 51.53
C ALA I 51 -50.64 88.50 52.13
N ALA I 52 -50.00 88.28 53.30
CA ALA I 52 -49.43 89.41 54.04
C ALA I 52 -48.39 90.17 53.23
N ASN I 53 -47.75 89.51 52.26
CA ASN I 53 -46.78 90.18 51.41
C ASN I 53 -47.43 90.90 50.23
N SER I 54 -48.56 90.37 49.74
CA SER I 54 -49.18 90.86 48.51
C SER I 54 -50.13 92.02 48.79
N ASN I 55 -50.51 92.69 47.72
CA ASN I 55 -51.56 93.71 47.76
C ASN I 55 -52.93 93.04 47.78
N ARG I 56 -53.91 93.74 48.34
CA ARG I 56 -55.27 93.26 48.22
C ARG I 56 -55.89 93.85 46.96
N LYS I 57 -56.80 93.08 46.37
CA LYS I 57 -57.43 93.45 45.11
C LYS I 57 -58.93 93.55 45.32
N VAL I 58 -59.54 94.57 44.72
CA VAL I 58 -60.98 94.69 44.68
C VAL I 58 -61.39 94.84 43.23
N THR I 59 -62.33 94.02 42.78
CA THR I 59 -62.75 94.03 41.39
C THR I 59 -64.26 94.20 41.31
N MET I 60 -64.69 94.99 40.31
CA MET I 60 -66.09 95.25 40.04
C MET I 60 -66.37 95.03 38.57
N LEU I 61 -67.53 94.44 38.31
CA LEU I 61 -68.03 94.24 36.95
C LEU I 61 -69.43 94.80 36.85
N LEU I 62 -69.63 95.72 35.91
CA LEU I 62 -70.93 96.28 35.58
C LEU I 62 -71.28 95.84 34.17
N THR I 63 -72.44 95.20 34.02
CA THR I 63 -72.87 94.71 32.73
C THR I 63 -74.25 95.27 32.39
N ASP I 64 -74.33 95.92 31.23
CA ASP I 64 -75.60 96.48 30.72
C ASP I 64 -75.91 95.81 29.40
N PRO I 65 -76.89 94.93 29.38
CA PRO I 65 -77.35 94.36 28.11
C PRO I 65 -78.50 95.15 27.52
N VAL I 66 -78.53 95.19 26.18
CA VAL I 66 -79.53 95.88 25.40
C VAL I 66 -79.97 94.97 24.25
N VAL I 67 -81.24 95.04 23.92
CA VAL I 67 -81.76 94.33 22.76
C VAL I 67 -81.57 95.20 21.53
N VAL I 68 -81.15 94.58 20.43
CA VAL I 68 -80.88 95.25 19.17
C VAL I 68 -81.44 94.40 18.05
N LYS I 69 -82.11 95.03 17.09
CA LYS I 69 -82.58 94.32 15.92
C LYS I 69 -81.39 93.92 15.06
N ASP I 70 -81.49 92.77 14.42
CA ASP I 70 -80.44 92.22 13.57
C ASP I 70 -80.67 92.64 12.12
N ALA I 71 -79.62 92.49 11.31
CA ALA I 71 -79.78 92.69 9.87
C ALA I 71 -80.83 91.72 9.30
N SER I 72 -80.92 90.52 9.87
CA SER I 72 -81.97 89.57 9.53
C SER I 72 -83.31 89.93 10.16
N GLY I 73 -83.38 90.99 10.97
CA GLY I 73 -84.58 91.34 11.69
C GLY I 73 -84.71 90.69 13.06
N ALA I 74 -84.08 89.53 13.26
CA ALA I 74 -84.17 88.82 14.52
C ALA I 74 -83.70 89.69 15.68
N ASP I 75 -84.30 89.47 16.85
CA ASP I 75 -83.92 90.22 18.04
C ASP I 75 -82.70 89.58 18.68
N MET I 76 -81.71 90.41 19.05
CA MET I 76 -80.41 89.95 19.48
C MET I 76 -80.00 90.75 20.72
N THR I 77 -79.65 90.05 21.79
CA THR I 77 -79.27 90.71 23.04
C THR I 77 -77.75 90.86 23.09
N ILE I 78 -77.30 92.08 23.37
CA ILE I 78 -75.88 92.45 23.30
C ILE I 78 -75.49 93.08 24.63
N LYS I 79 -74.35 92.66 25.18
CA LYS I 79 -73.88 93.15 26.47
C LYS I 79 -72.68 94.07 26.28
N ALA I 80 -72.65 95.14 27.07
CA ALA I 80 -71.47 96.00 27.20
C ALA I 80 -70.98 95.94 28.64
N ASN I 81 -69.67 95.88 28.83
CA ASN I 81 -69.12 95.64 30.15
C ASN I 81 -68.17 96.75 30.55
N ALA I 82 -68.17 97.06 31.84
CA ALA I 82 -67.17 97.92 32.45
C ALA I 82 -66.61 97.19 33.65
N SER I 83 -65.29 97.17 33.79
CA SER I 83 -64.65 96.47 34.90
C SER I 83 -63.61 97.37 35.54
N VAL I 84 -63.69 97.48 36.86
CA VAL I 84 -62.75 98.31 37.62
C VAL I 84 -62.00 97.38 38.58
N THR I 85 -60.70 97.64 38.75
CA THR I 85 -59.87 96.86 39.67
C THR I 85 -58.96 97.81 40.44
N PHE I 86 -59.04 97.73 41.77
CA PHE I 86 -58.20 98.48 42.68
C PHE I 86 -57.14 97.52 43.23
N SER I 87 -55.87 97.82 42.97
CA SER I 87 -54.75 97.13 43.59
C SER I 87 -54.22 98.04 44.68
N LEU I 88 -54.41 97.62 45.93
CA LEU I 88 -54.10 98.44 47.09
C LEU I 88 -53.13 97.70 47.99
N PRO I 89 -51.89 98.17 48.08
CA PRO I 89 -50.93 97.57 49.02
C PRO I 89 -51.36 97.82 50.46
N LYS I 90 -50.95 96.90 51.33
CA LYS I 90 -51.37 97.00 52.73
C LYS I 90 -50.84 98.27 53.38
N THR I 91 -49.57 98.60 53.14
CA THR I 91 -48.95 99.76 53.77
C THR I 91 -49.52 101.09 53.28
N TYR I 92 -50.28 101.06 52.19
CA TYR I 92 -50.87 102.28 51.65
C TYR I 92 -51.99 102.78 52.58
N PRO I 93 -52.05 104.07 52.90
CA PRO I 93 -53.01 104.54 53.90
C PRO I 93 -54.44 104.67 53.36
N ASN I 94 -55.40 104.27 54.20
CA ASN I 94 -56.81 104.29 53.81
C ASN I 94 -57.23 105.67 53.30
N GLU I 95 -56.66 106.74 53.85
CA GLU I 95 -57.00 108.08 53.40
C GLU I 95 -56.68 108.27 51.92
N HIS I 96 -55.43 108.02 51.53
CA HIS I 96 -55.06 108.16 50.12
C HIS I 96 -55.80 107.17 49.23
N ILE I 97 -56.26 106.03 49.77
CA ILE I 97 -57.13 105.16 48.98
C ILE I 97 -58.44 105.88 48.61
N THR I 98 -59.12 106.46 49.62
CA THR I 98 -60.36 107.19 49.31
C THR I 98 -60.07 108.30 48.31
N LYS I 99 -58.92 108.97 48.45
CA LYS I 99 -58.50 109.97 47.46
C LYS I 99 -58.46 109.38 46.05
N LEU I 100 -57.81 108.22 45.92
CA LEU I 100 -57.72 107.56 44.61
C LEU I 100 -59.10 107.28 44.02
N ARG I 101 -60.00 106.71 44.83
CA ARG I 101 -61.33 106.39 44.33
C ARG I 101 -62.05 107.64 43.85
N GLN I 102 -61.98 108.72 44.63
CA GLN I 102 -62.69 109.92 44.23
C GLN I 102 -62.10 110.55 42.96
N THR I 103 -60.77 110.57 42.85
CA THR I 103 -60.17 111.08 41.61
C THR I 103 -60.57 110.23 40.40
N LEU I 104 -60.75 108.92 40.60
CA LEU I 104 -61.22 108.08 39.49
C LEU I 104 -62.63 108.47 39.08
N ILE I 105 -63.51 108.70 40.04
CA ILE I 105 -64.85 109.18 39.71
C ILE I 105 -64.78 110.47 38.91
N ALA I 106 -63.95 111.41 39.38
CA ALA I 106 -63.79 112.69 38.69
C ALA I 106 -63.34 112.48 37.24
N TRP I 107 -62.34 111.64 37.06
CA TRP I 107 -61.83 111.37 35.71
C TRP I 107 -62.92 110.79 34.83
N LEU I 108 -63.66 109.81 35.36
CA LEU I 108 -64.72 109.17 34.58
C LEU I 108 -65.80 110.16 34.17
N GLY I 109 -65.93 111.26 34.89
CA GLY I 109 -66.83 112.33 34.49
C GLY I 109 -66.34 113.19 33.34
N GLN I 110 -65.03 113.25 33.15
CA GLN I 110 -64.43 114.21 32.24
C GLN I 110 -64.74 113.90 30.78
N GLN I 111 -64.66 114.94 29.95
CA GLN I 111 -64.95 114.75 28.53
C GLN I 111 -63.83 113.99 27.82
N CYS I 112 -62.57 114.19 28.24
CA CYS I 112 -61.48 113.45 27.61
C CYS I 112 -61.61 111.96 27.83
N VAL I 113 -62.36 111.55 28.84
CA VAL I 113 -62.64 110.14 29.08
C VAL I 113 -63.95 109.72 28.42
N SER I 114 -64.97 110.57 28.47
CA SER I 114 -66.27 110.19 27.93
C SER I 114 -66.25 110.08 26.41
N ASP I 115 -65.58 111.01 25.74
CA ASP I 115 -65.58 111.01 24.27
C ASP I 115 -65.07 109.70 23.68
N PRO I 116 -63.92 109.14 24.09
CA PRO I 116 -63.53 107.83 23.55
C PRO I 116 -64.42 106.70 24.03
N VAL I 117 -64.80 106.70 25.31
CA VAL I 117 -65.65 105.64 25.83
C VAL I 117 -67.03 105.67 25.15
N ASP I 118 -67.69 106.82 25.19
CA ASP I 118 -69.08 106.90 24.74
C ASP I 118 -69.18 106.80 23.21
N SER I 119 -68.34 107.54 22.49
CA SER I 119 -68.51 107.70 21.05
C SER I 119 -67.39 107.11 20.22
N GLY I 120 -66.33 106.60 20.84
CA GLY I 120 -65.23 106.01 20.09
C GLY I 120 -64.30 107.00 19.41
N LEU I 121 -64.42 108.29 19.71
CA LEU I 121 -63.53 109.30 19.16
C LEU I 121 -62.34 109.49 20.08
N ASN I 122 -61.14 109.47 19.51
CA ASN I 122 -59.95 109.72 20.31
C ASN I 122 -59.73 111.21 20.50
N ASN I 123 -58.88 111.53 21.47
CA ASN I 123 -58.56 112.92 21.75
C ASN I 123 -57.38 113.38 20.92
N TYR I 124 -57.20 114.70 20.86
CA TYR I 124 -56.16 115.32 20.03
C TYR I 124 -55.65 116.65 20.61
N MET J 1 -111.51 -47.02 55.60
CA MET J 1 -112.37 -46.78 56.76
C MET J 1 -112.40 -45.31 57.15
N ARG J 2 -113.59 -44.81 57.48
CA ARG J 2 -113.70 -43.47 58.03
C ARG J 2 -113.03 -43.43 59.40
N LEU J 3 -111.95 -42.66 59.51
CA LEU J 3 -111.14 -42.66 60.71
C LEU J 3 -111.93 -42.12 61.90
N THR J 4 -111.68 -42.73 63.06
CA THR J 4 -112.23 -42.27 64.32
C THR J 4 -111.17 -42.49 65.38
N ASP J 5 -111.27 -41.72 66.47
CA ASP J 5 -110.37 -41.95 67.60
C ASP J 5 -110.43 -43.42 67.99
N VAL J 6 -109.32 -43.93 68.52
CA VAL J 6 -109.15 -45.36 68.72
C VAL J 6 -108.84 -45.61 70.18
N ASP J 7 -109.45 -46.64 70.75
CA ASP J 7 -109.15 -47.08 72.11
C ASP J 7 -108.68 -48.52 72.04
N LEU J 8 -107.46 -48.76 72.51
CA LEU J 8 -106.81 -50.05 72.46
C LEU J 8 -106.77 -50.66 73.86
N THR J 9 -107.03 -51.95 73.94
CA THR J 9 -106.84 -52.68 75.18
C THR J 9 -105.44 -53.27 75.15
N VAL J 10 -104.61 -52.87 76.12
CA VAL J 10 -103.19 -53.20 76.13
C VAL J 10 -102.89 -53.91 77.45
N GLY J 11 -102.72 -55.23 77.39
CA GLY J 11 -102.53 -55.99 78.61
C GLY J 11 -103.70 -55.77 79.53
N GLU J 12 -103.46 -55.08 80.66
CA GLU J 12 -104.51 -54.84 81.63
C GLU J 12 -104.80 -53.36 81.78
N GLU J 13 -104.44 -52.56 80.79
CA GLU J 13 -104.71 -51.13 80.79
C GLU J 13 -105.42 -50.80 79.48
N THR J 14 -105.96 -49.58 79.39
CA THR J 14 -106.57 -49.10 78.17
C THR J 14 -105.90 -47.82 77.71
N ARG J 15 -105.49 -47.81 76.45
CA ARG J 15 -104.74 -46.71 75.85
C ARG J 15 -105.62 -46.01 74.83
N GLU J 16 -105.69 -44.69 74.90
CA GLU J 16 -106.60 -43.91 74.05
C GLU J 16 -105.80 -43.02 73.12
N TYR J 17 -106.02 -43.17 71.82
CA TYR J 17 -105.40 -42.39 70.77
C TYR J 17 -106.44 -41.54 70.06
N ALA J 18 -105.98 -40.40 69.54
CA ALA J 18 -106.82 -39.49 68.79
C ALA J 18 -106.17 -39.19 67.44
N VAL J 19 -107.01 -39.00 66.42
CA VAL J 19 -106.51 -38.72 65.08
C VAL J 19 -105.80 -37.39 65.07
N SER J 20 -104.56 -37.38 64.58
CA SER J 20 -103.77 -36.15 64.46
C SER J 20 -103.67 -35.63 63.03
N GLU J 21 -103.52 -36.51 62.03
CA GLU J 21 -103.65 -36.03 60.66
C GLU J 21 -103.97 -37.22 59.74
N GLN J 22 -104.64 -36.91 58.63
CA GLN J 22 -104.97 -37.92 57.63
C GLN J 22 -104.72 -37.36 56.25
N GLN J 23 -103.87 -38.04 55.49
CA GLN J 23 -103.60 -37.72 54.10
C GLN J 23 -104.19 -38.82 53.22
N GLY J 24 -103.90 -38.74 51.92
CA GLY J 24 -104.45 -39.71 51.00
C GLY J 24 -104.02 -41.13 51.33
N THR J 25 -102.72 -41.31 51.60
CA THR J 25 -102.15 -42.62 51.88
C THR J 25 -101.42 -42.67 53.21
N LEU J 26 -101.69 -41.70 54.10
CA LEU J 26 -100.98 -41.62 55.37
C LEU J 26 -101.93 -41.14 56.45
N PHE J 27 -101.75 -41.66 57.67
CA PHE J 27 -102.46 -41.13 58.83
C PHE J 27 -101.58 -41.24 60.07
N ARG J 28 -101.95 -40.44 61.07
CA ARG J 28 -101.20 -40.36 62.32
C ARG J 28 -102.17 -40.13 63.48
N PHE J 29 -102.03 -40.97 64.50
CA PHE J 29 -102.67 -40.86 65.81
C PHE J 29 -101.67 -40.43 66.87
N VAL J 30 -102.20 -39.77 67.91
CA VAL J 30 -101.41 -39.35 69.07
C VAL J 30 -102.08 -39.91 70.33
N ASP J 31 -101.25 -40.32 71.30
CA ASP J 31 -101.75 -40.79 72.58
C ASP J 31 -102.37 -39.62 73.35
N LYS J 32 -103.64 -39.78 73.74
CA LYS J 32 -104.35 -38.72 74.46
C LYS J 32 -103.73 -38.40 75.81
N SER J 33 -102.80 -39.22 76.29
CA SER J 33 -102.11 -38.96 77.55
C SER J 33 -101.23 -37.73 77.48
N GLY J 34 -100.92 -37.23 76.28
CA GLY J 34 -99.85 -36.27 76.09
C GLY J 34 -100.29 -34.94 75.50
N THR J 35 -99.35 -34.00 75.54
CA THR J 35 -99.47 -32.64 75.01
C THR J 35 -98.59 -32.51 73.79
N VAL J 36 -98.85 -31.45 73.00
CA VAL J 36 -97.85 -30.97 72.06
C VAL J 36 -96.50 -30.85 72.77
N ALA J 37 -96.49 -30.21 73.94
CA ALA J 37 -95.27 -30.03 74.70
C ALA J 37 -94.65 -31.38 75.10
N ASN J 38 -95.39 -32.16 75.88
CA ASN J 38 -94.91 -33.46 76.35
C ASN J 38 -95.73 -34.54 75.67
N ASN J 39 -95.07 -35.36 74.85
CA ASN J 39 -95.73 -36.41 74.09
C ASN J 39 -95.56 -37.76 74.77
N THR J 40 -96.65 -38.54 74.78
CA THR J 40 -96.64 -39.87 75.39
C THR J 40 -96.63 -41.01 74.38
N GLY J 41 -97.00 -40.76 73.13
CA GLY J 41 -97.02 -41.83 72.15
C GLY J 41 -97.51 -41.37 70.79
N VAL J 42 -97.01 -41.99 69.72
CA VAL J 42 -97.41 -41.64 68.37
C VAL J 42 -97.50 -42.91 67.54
N PHE J 43 -98.46 -42.92 66.62
CA PHE J 43 -98.58 -44.01 65.65
C PHE J 43 -98.83 -43.42 64.27
N SER J 44 -98.13 -43.95 63.29
CA SER J 44 -98.24 -43.47 61.92
C SER J 44 -98.25 -44.65 60.96
N LEU J 45 -99.03 -44.52 59.89
CA LEU J 45 -99.15 -45.58 58.89
C LEU J 45 -99.22 -44.95 57.50
N GLU J 46 -98.46 -45.50 56.54
CA GLU J 46 -98.42 -45.02 55.17
C GLU J 46 -98.38 -46.19 54.19
N GLN J 47 -99.15 -46.09 53.11
CA GLN J 47 -99.15 -47.08 52.04
C GLN J 47 -98.53 -46.49 50.78
N ARG J 48 -97.72 -47.30 50.10
CA ARG J 48 -97.04 -46.93 48.86
C ARG J 48 -97.40 -47.99 47.83
N PHE J 49 -98.35 -47.64 46.96
CA PHE J 49 -98.78 -48.48 45.85
C PHE J 49 -97.79 -48.29 44.70
N GLY J 50 -97.04 -49.34 44.36
CA GLY J 50 -96.04 -49.27 43.31
C GLY J 50 -96.63 -49.49 41.94
N ALA J 51 -95.75 -49.69 40.96
CA ALA J 51 -96.21 -50.08 39.64
C ALA J 51 -96.72 -51.53 39.65
N ALA J 52 -97.34 -51.93 38.54
CA ALA J 52 -97.95 -53.25 38.48
C ALA J 52 -96.93 -54.38 38.59
N ASN J 53 -95.67 -54.11 38.30
CA ASN J 53 -94.60 -55.07 38.57
C ASN J 53 -94.06 -54.96 39.98
N SER J 54 -94.38 -53.88 40.70
CA SER J 54 -93.88 -53.66 42.04
C SER J 54 -94.88 -54.14 43.09
N ASN J 55 -94.34 -54.57 44.24
CA ASN J 55 -95.19 -54.89 45.38
C ASN J 55 -95.62 -53.60 46.06
N ARG J 56 -96.89 -53.52 46.43
CA ARG J 56 -97.30 -52.41 47.27
C ARG J 56 -96.74 -52.63 48.68
N LYS J 57 -96.47 -51.53 49.36
CA LYS J 57 -95.81 -51.59 50.65
C LYS J 57 -96.59 -50.77 51.66
N VAL J 58 -96.60 -51.23 52.91
CA VAL J 58 -97.36 -50.58 53.97
C VAL J 58 -96.48 -50.52 55.21
N THR J 59 -96.26 -49.33 55.74
CA THR J 59 -95.31 -49.17 56.84
C THR J 59 -95.95 -48.44 58.02
N MET J 60 -95.65 -48.93 59.21
CA MET J 60 -96.16 -48.42 60.47
C MET J 60 -94.99 -48.07 61.38
N LEU J 61 -95.12 -46.95 62.07
CA LEU J 61 -94.18 -46.54 63.10
C LEU J 61 -94.92 -46.23 64.39
N LEU J 62 -94.54 -46.90 65.46
CA LEU J 62 -95.08 -46.70 66.80
C LEU J 62 -93.94 -46.20 67.67
N THR J 63 -94.11 -45.01 68.25
CA THR J 63 -93.10 -44.39 69.08
C THR J 63 -93.65 -44.18 70.49
N ASP J 64 -92.91 -44.66 71.48
CA ASP J 64 -93.27 -44.51 72.90
C ASP J 64 -92.13 -43.81 73.62
N PRO J 65 -92.29 -42.53 73.93
CA PRO J 65 -91.30 -41.84 74.75
C PRO J 65 -91.64 -41.93 76.23
N VAL J 66 -90.58 -42.02 77.04
CA VAL J 66 -90.68 -42.11 78.49
C VAL J 66 -89.66 -41.14 79.09
N VAL J 67 -90.02 -40.54 80.22
CA VAL J 67 -89.09 -39.70 80.94
C VAL J 67 -88.33 -40.56 81.94
N VAL J 68 -87.00 -40.46 81.92
CA VAL J 68 -86.11 -41.24 82.76
C VAL J 68 -85.21 -40.29 83.53
N LYS J 69 -84.79 -40.71 84.71
CA LYS J 69 -83.85 -39.96 85.52
C LYS J 69 -82.46 -40.03 84.90
N ASP J 70 -81.78 -38.89 84.88
CA ASP J 70 -80.40 -38.83 84.43
C ASP J 70 -79.47 -39.44 85.48
N ALA J 71 -78.25 -39.79 85.05
CA ALA J 71 -77.25 -40.22 86.01
C ALA J 71 -76.92 -39.09 87.00
N SER J 72 -77.01 -37.85 86.55
CA SER J 72 -76.92 -36.70 87.43
C SER J 72 -78.22 -36.46 88.18
N GLY J 73 -79.35 -36.86 87.61
CA GLY J 73 -80.65 -36.65 88.22
C GLY J 73 -81.61 -35.84 87.38
N ALA J 74 -81.14 -35.19 86.32
CA ALA J 74 -81.99 -34.38 85.47
C ALA J 74 -83.08 -35.22 84.81
N ASP J 75 -84.14 -34.54 84.37
CA ASP J 75 -85.22 -35.19 83.63
C ASP J 75 -84.83 -35.30 82.17
N MET J 76 -84.92 -36.50 81.61
CA MET J 76 -84.49 -36.71 80.23
C MET J 76 -85.52 -37.58 79.53
N THR J 77 -85.87 -37.24 78.28
CA THR J 77 -86.87 -37.99 77.54
C THR J 77 -86.20 -38.95 76.56
N ILE J 78 -86.63 -40.21 76.57
CA ILE J 78 -86.04 -41.28 75.78
C ILE J 78 -87.15 -41.98 75.02
N LYS J 79 -86.96 -42.15 73.71
CA LYS J 79 -87.96 -42.78 72.85
C LYS J 79 -87.55 -44.21 72.52
N ALA J 80 -88.55 -45.08 72.41
CA ALA J 80 -88.40 -46.43 71.91
C ALA J 80 -89.29 -46.60 70.69
N ASN J 81 -88.75 -47.20 69.63
CA ASN J 81 -89.44 -47.25 68.34
C ASN J 81 -89.74 -48.70 67.98
N ALA J 82 -90.88 -48.91 67.34
CA ALA J 82 -91.18 -50.17 66.70
C ALA J 82 -91.75 -49.87 65.32
N SER J 83 -91.27 -50.59 64.31
CA SER J 83 -91.68 -50.32 62.94
C SER J 83 -92.02 -51.62 62.23
N VAL J 84 -93.16 -51.64 61.57
CA VAL J 84 -93.60 -52.82 60.81
C VAL J 84 -93.69 -52.41 59.35
N THR J 85 -93.35 -53.36 58.45
CA THR J 85 -93.45 -53.14 57.01
C THR J 85 -94.00 -54.39 56.36
N PHE J 86 -95.12 -54.24 55.67
CA PHE J 86 -95.76 -55.30 54.89
C PHE J 86 -95.40 -55.09 53.43
N SER J 87 -94.70 -56.06 52.83
CA SER J 87 -94.45 -56.09 51.40
C SER J 87 -95.41 -57.10 50.79
N LEU J 88 -96.37 -56.59 50.03
CA LEU J 88 -97.48 -57.38 49.49
C LEU J 88 -97.50 -57.25 47.98
N PRO J 89 -97.15 -58.32 47.27
CA PRO J 89 -97.28 -58.31 45.80
C PRO J 89 -98.74 -58.24 45.38
N LYS J 90 -98.95 -57.72 44.18
CA LYS J 90 -100.29 -57.47 43.68
C LYS J 90 -100.92 -58.69 43.02
N THR J 91 -100.22 -59.82 43.01
CA THR J 91 -100.79 -61.10 42.64
C THR J 91 -101.11 -61.96 43.85
N TYR J 92 -100.78 -61.48 45.05
CA TYR J 92 -101.02 -62.18 46.29
C TYR J 92 -102.46 -61.93 46.76
N PRO J 93 -103.18 -62.96 47.19
CA PRO J 93 -104.59 -62.78 47.53
C PRO J 93 -104.82 -62.12 48.90
N ASN J 94 -105.86 -61.29 48.93
CA ASN J 94 -106.16 -60.51 50.13
C ASN J 94 -106.40 -61.42 51.34
N GLU J 95 -107.03 -62.57 51.11
CA GLU J 95 -107.24 -63.53 52.19
C GLU J 95 -105.93 -63.86 52.89
N HIS J 96 -104.92 -64.26 52.10
CA HIS J 96 -103.65 -64.63 52.69
C HIS J 96 -102.92 -63.44 53.28
N ILE J 97 -103.18 -62.23 52.80
CA ILE J 97 -102.64 -61.05 53.49
C ILE J 97 -103.21 -60.96 54.92
N THR J 98 -104.53 -61.16 55.03
CA THR J 98 -105.13 -61.15 56.38
C THR J 98 -104.54 -62.26 57.24
N LYS J 99 -104.39 -63.45 56.67
CA LYS J 99 -103.73 -64.56 57.37
C LYS J 99 -102.35 -64.14 57.87
N LEU J 100 -101.58 -63.49 57.02
CA LEU J 100 -100.24 -63.05 57.38
C LEU J 100 -100.28 -62.07 58.56
N ARG J 101 -101.16 -61.07 58.48
CA ARG J 101 -101.25 -60.09 59.56
C ARG J 101 -101.61 -60.76 60.89
N GLN J 102 -102.54 -61.71 60.85
CA GLN J 102 -102.94 -62.35 62.10
C GLN J 102 -101.83 -63.25 62.65
N THR J 103 -101.11 -63.99 61.78
CA THR J 103 -99.97 -64.77 62.26
C THR J 103 -98.91 -63.88 62.87
N LEU J 104 -98.73 -62.67 62.32
CA LEU J 104 -97.77 -61.74 62.91
C LEU J 104 -98.21 -61.33 64.30
N ILE J 105 -99.50 -61.03 64.48
CA ILE J 105 -100.00 -60.70 65.81
C ILE J 105 -99.74 -61.85 66.78
N ALA J 106 -100.03 -63.06 66.35
CA ALA J 106 -99.81 -64.24 67.19
C ALA J 106 -98.34 -64.37 67.56
N TRP J 107 -97.45 -64.18 66.59
CA TRP J 107 -96.02 -64.28 66.87
C TRP J 107 -95.58 -63.23 67.86
N LEU J 108 -96.05 -61.99 67.69
CA LEU J 108 -95.72 -60.92 68.62
C LEU J 108 -96.21 -61.21 70.01
N GLY J 109 -97.22 -62.06 70.15
CA GLY J 109 -97.66 -62.53 71.45
C GLY J 109 -96.72 -63.53 72.12
N GLN J 110 -95.97 -64.28 71.32
CA GLN J 110 -95.23 -65.44 71.81
C GLN J 110 -94.13 -65.05 72.80
N GLN J 111 -93.78 -66.00 73.66
CA GLN J 111 -92.72 -65.74 74.63
C GLN J 111 -91.36 -65.71 73.95
N CYS J 112 -91.15 -66.54 72.91
CA CYS J 112 -89.88 -66.55 72.22
C CYS J 112 -89.61 -65.24 71.48
N VAL J 113 -90.66 -64.48 71.17
CA VAL J 113 -90.49 -63.13 70.67
C VAL J 113 -90.42 -62.12 71.82
N SER J 114 -91.15 -62.38 72.91
CA SER J 114 -91.21 -61.44 74.02
C SER J 114 -89.87 -61.31 74.73
N ASP J 115 -89.20 -62.43 75.01
CA ASP J 115 -87.97 -62.39 75.80
C ASP J 115 -86.89 -61.51 75.19
N PRO J 116 -86.50 -61.66 73.91
CA PRO J 116 -85.50 -60.73 73.38
C PRO J 116 -85.98 -59.29 73.31
N VAL J 117 -87.23 -59.08 72.86
CA VAL J 117 -87.74 -57.72 72.75
C VAL J 117 -87.85 -57.08 74.13
N ASP J 118 -88.61 -57.70 75.04
CA ASP J 118 -88.94 -57.04 76.30
C ASP J 118 -87.73 -56.93 77.21
N SER J 119 -86.92 -57.98 77.30
CA SER J 119 -85.86 -58.04 78.31
C SER J 119 -84.45 -58.19 77.74
N GLY J 120 -84.30 -58.51 76.47
CA GLY J 120 -83.00 -58.68 75.88
C GLY J 120 -82.41 -60.06 75.96
N LEU J 121 -83.10 -61.00 76.60
CA LEU J 121 -82.61 -62.37 76.68
C LEU J 121 -82.84 -63.08 75.34
N ASN J 122 -81.81 -63.74 74.85
CA ASN J 122 -81.98 -64.58 73.67
C ASN J 122 -82.52 -65.96 74.05
N ASN J 123 -83.15 -66.62 73.08
CA ASN J 123 -83.64 -67.96 73.32
C ASN J 123 -82.54 -68.98 73.03
N TYR J 124 -82.72 -70.17 73.58
CA TYR J 124 -81.69 -71.20 73.48
C TYR J 124 -82.27 -72.58 73.19
N MET K 1 -119.28 -33.46 48.01
CA MET K 1 -120.17 -34.34 48.76
C MET K 1 -119.38 -35.15 49.78
N ARG K 2 -120.08 -35.75 50.75
CA ARG K 2 -119.46 -36.64 51.72
C ARG K 2 -119.40 -38.04 51.12
N LEU K 3 -118.18 -38.49 50.81
CA LEU K 3 -117.98 -39.77 50.13
C LEU K 3 -118.54 -40.92 50.93
N THR K 4 -119.33 -41.75 50.25
CA THR K 4 -119.89 -42.98 50.79
C THR K 4 -119.71 -44.06 49.74
N ASP K 5 -119.58 -45.31 50.19
CA ASP K 5 -119.47 -46.42 49.26
C ASP K 5 -120.65 -46.37 48.28
N VAL K 6 -120.39 -46.77 47.04
CA VAL K 6 -121.34 -46.52 45.96
C VAL K 6 -121.73 -47.86 45.36
N ASP K 7 -123.00 -47.98 44.98
CA ASP K 7 -123.49 -49.14 44.26
C ASP K 7 -124.12 -48.69 42.95
N LEU K 8 -123.58 -49.21 41.85
CA LEU K 8 -123.97 -48.82 40.52
C LEU K 8 -124.79 -49.93 39.89
N THR K 9 -125.89 -49.53 39.25
CA THR K 9 -126.70 -50.47 38.50
C THR K 9 -126.15 -50.48 37.08
N VAL K 10 -125.56 -51.60 36.69
CA VAL K 10 -124.85 -51.74 35.42
C VAL K 10 -125.58 -52.79 34.60
N GLY K 11 -126.41 -52.34 33.66
CA GLY K 11 -127.24 -53.26 32.90
C GLY K 11 -128.15 -54.01 33.83
N GLU K 12 -127.93 -55.32 33.98
CA GLU K 12 -128.74 -56.13 34.85
C GLU K 12 -127.97 -56.64 36.06
N GLU K 13 -126.85 -56.00 36.36
CA GLU K 13 -126.00 -56.42 37.46
C GLU K 13 -125.80 -55.22 38.38
N THR K 14 -125.25 -55.45 39.56
CA THR K 14 -124.93 -54.37 40.48
C THR K 14 -123.46 -54.45 40.86
N ARG K 15 -122.72 -53.39 40.54
CA ARG K 15 -121.33 -53.24 40.93
C ARG K 15 -121.27 -52.48 42.25
N GLU K 16 -120.35 -52.88 43.13
CA GLU K 16 -120.28 -52.30 44.48
C GLU K 16 -118.87 -51.83 44.77
N TYR K 17 -118.68 -50.52 44.84
CA TYR K 17 -117.38 -49.91 45.06
C TYR K 17 -117.29 -49.35 46.47
N ALA K 18 -116.09 -49.41 47.02
CA ALA K 18 -115.76 -48.88 48.33
C ALA K 18 -114.70 -47.80 48.22
N VAL K 19 -114.82 -46.76 49.06
CA VAL K 19 -113.85 -45.67 49.04
C VAL K 19 -112.49 -46.22 49.42
N SER K 20 -111.50 -45.94 48.58
CA SER K 20 -110.13 -46.41 48.80
C SER K 20 -109.14 -45.31 49.11
N GLU K 21 -109.33 -44.09 48.60
CA GLU K 21 -108.56 -42.97 49.15
C GLU K 21 -109.24 -41.66 48.84
N GLN K 22 -109.02 -40.68 49.72
CA GLN K 22 -109.54 -39.32 49.57
C GLN K 22 -108.41 -38.35 49.86
N GLN K 23 -108.03 -37.55 48.87
CA GLN K 23 -107.06 -36.50 49.04
C GLN K 23 -107.79 -35.17 48.97
N GLY K 24 -107.03 -34.10 48.74
CA GLY K 24 -107.63 -32.80 48.62
C GLY K 24 -108.56 -32.74 47.43
N THR K 25 -108.01 -32.97 46.23
CA THR K 25 -108.74 -32.86 44.97
C THR K 25 -108.90 -34.19 44.27
N LEU K 26 -108.54 -35.29 44.93
CA LEU K 26 -108.52 -36.61 44.31
C LEU K 26 -109.23 -37.62 45.20
N PHE K 27 -109.96 -38.55 44.57
CA PHE K 27 -110.54 -39.69 45.28
C PHE K 27 -110.45 -40.93 44.43
N ARG K 28 -110.61 -42.07 45.09
CA ARG K 28 -110.47 -43.37 44.43
C ARG K 28 -111.37 -44.38 45.13
N PHE K 29 -112.22 -45.03 44.34
CA PHE K 29 -113.05 -46.16 44.71
C PHE K 29 -112.47 -47.45 44.15
N VAL K 30 -112.92 -48.56 44.73
CA VAL K 30 -112.38 -49.88 44.42
C VAL K 30 -113.52 -50.89 44.41
N ASP K 31 -113.52 -51.79 43.41
CA ASP K 31 -114.56 -52.81 43.32
C ASP K 31 -114.49 -53.77 44.50
N LYS K 32 -115.55 -53.80 45.31
CA LYS K 32 -115.55 -54.64 46.51
C LYS K 32 -115.37 -56.12 46.16
N SER K 33 -115.84 -56.53 44.98
CA SER K 33 -115.80 -57.92 44.56
C SER K 33 -114.40 -58.40 44.20
N GLY K 34 -113.37 -57.59 44.44
CA GLY K 34 -112.02 -57.99 44.06
C GLY K 34 -111.41 -58.91 45.10
N THR K 35 -110.77 -59.96 44.62
CA THR K 35 -110.07 -60.91 45.50
C THR K 35 -108.59 -60.61 45.62
N VAL K 36 -107.97 -60.15 44.54
CA VAL K 36 -106.56 -59.81 44.51
C VAL K 36 -106.44 -58.38 44.00
N ALA K 37 -105.28 -57.77 44.29
CA ALA K 37 -105.01 -56.44 43.78
C ALA K 37 -105.19 -56.37 42.25
N ASN K 38 -104.57 -57.31 41.53
CA ASN K 38 -104.70 -57.33 40.07
C ASN K 38 -106.10 -57.72 39.63
N ASN K 39 -106.79 -58.55 40.42
CA ASN K 39 -108.18 -58.87 40.14
C ASN K 39 -109.07 -57.63 40.22
N THR K 40 -108.68 -56.64 41.01
CA THR K 40 -109.59 -55.61 41.49
C THR K 40 -109.70 -54.43 40.52
N GLY K 41 -110.93 -54.12 40.10
CA GLY K 41 -111.17 -52.92 39.32
C GLY K 41 -111.18 -51.69 40.19
N VAL K 42 -110.90 -50.54 39.57
CA VAL K 42 -110.76 -49.29 40.31
C VAL K 42 -111.33 -48.13 39.51
N PHE K 43 -111.64 -47.05 40.23
CA PHE K 43 -112.12 -45.82 39.61
C PHE K 43 -111.57 -44.64 40.38
N SER K 44 -110.98 -43.69 39.67
CA SER K 44 -110.32 -42.57 40.30
C SER K 44 -110.72 -41.28 39.59
N LEU K 45 -110.78 -40.20 40.36
CA LEU K 45 -111.13 -38.88 39.83
C LEU K 45 -110.29 -37.81 40.51
N GLU K 46 -109.87 -36.82 39.73
CA GLU K 46 -109.03 -35.74 40.21
C GLU K 46 -109.42 -34.45 39.50
N GLN K 47 -109.53 -33.36 40.27
CA GLN K 47 -109.77 -32.05 39.69
C GLN K 47 -108.51 -31.20 39.82
N ARG K 48 -108.19 -30.49 38.75
CA ARG K 48 -107.06 -29.57 38.68
C ARG K 48 -107.64 -28.20 38.34
N PHE K 49 -107.78 -27.38 39.37
CA PHE K 49 -108.27 -26.02 39.24
C PHE K 49 -107.10 -25.12 38.82
N GLY K 50 -107.27 -24.42 37.70
CA GLY K 50 -106.20 -23.59 37.17
C GLY K 50 -106.27 -22.15 37.67
N ALA K 51 -105.41 -21.31 37.09
CA ALA K 51 -105.50 -19.88 37.33
C ALA K 51 -106.77 -19.32 36.69
N ALA K 52 -107.01 -18.02 36.89
CA ALA K 52 -108.25 -17.43 36.39
C ALA K 52 -108.29 -17.39 34.87
N ASN K 53 -107.13 -17.36 34.22
CA ASN K 53 -107.09 -17.45 32.76
C ASN K 53 -107.17 -18.89 32.26
N SER K 54 -107.04 -19.86 33.15
CA SER K 54 -107.07 -21.26 32.77
C SER K 54 -108.48 -21.83 32.90
N ASN K 55 -108.65 -23.02 32.34
CA ASN K 55 -109.86 -23.81 32.53
C ASN K 55 -109.57 -24.86 33.61
N ARG K 56 -110.54 -25.09 34.48
CA ARG K 56 -110.38 -26.20 35.40
C ARG K 56 -110.60 -27.50 34.63
N LYS K 57 -109.88 -28.54 35.04
CA LYS K 57 -109.93 -29.82 34.36
C LYS K 57 -110.27 -30.91 35.37
N VAL K 58 -111.20 -31.79 35.00
CA VAL K 58 -111.54 -32.94 35.84
C VAL K 58 -111.27 -34.19 35.04
N THR K 59 -110.54 -35.14 35.63
CA THR K 59 -110.17 -36.35 34.94
C THR K 59 -110.61 -37.56 35.76
N MET K 60 -111.04 -38.60 35.04
CA MET K 60 -111.47 -39.86 35.64
C MET K 60 -110.82 -41.00 34.88
N LEU K 61 -110.41 -42.01 35.65
CA LEU K 61 -109.88 -43.26 35.10
C LEU K 61 -110.64 -44.43 35.70
N LEU K 62 -111.17 -45.28 34.82
CA LEU K 62 -111.87 -46.50 35.19
C LEU K 62 -111.07 -47.68 34.64
N THR K 63 -110.66 -48.58 35.52
CA THR K 63 -109.85 -49.75 35.15
C THR K 63 -110.61 -51.02 35.52
N ASP K 64 -110.81 -51.89 34.53
CA ASP K 64 -111.53 -53.15 34.71
C ASP K 64 -110.67 -54.31 34.22
N PRO K 65 -109.93 -54.95 35.11
CA PRO K 65 -109.15 -56.13 34.72
C PRO K 65 -110.02 -57.40 34.71
N VAL K 66 -109.59 -58.36 33.89
CA VAL K 66 -110.25 -59.67 33.74
C VAL K 66 -109.17 -60.74 33.64
N VAL K 67 -109.49 -61.95 34.08
CA VAL K 67 -108.55 -63.07 34.01
C VAL K 67 -108.79 -63.87 32.73
N VAL K 68 -107.74 -64.09 31.96
CA VAL K 68 -107.79 -64.89 30.74
C VAL K 68 -106.82 -66.06 30.84
N MET K 76 -103.24 -65.33 33.06
CA MET K 76 -102.93 -63.91 32.85
C MET K 76 -104.15 -63.01 33.09
N THR K 77 -103.90 -61.80 33.61
CA THR K 77 -104.94 -60.80 33.82
C THR K 77 -104.69 -59.61 32.91
N ILE K 78 -105.73 -59.19 32.20
CA ILE K 78 -105.68 -58.17 31.17
C ILE K 78 -106.55 -57.00 31.62
N LYS K 79 -106.00 -55.78 31.48
CA LYS K 79 -106.67 -54.58 31.98
C LYS K 79 -107.12 -53.70 30.81
N ALA K 80 -108.36 -53.19 30.91
CA ALA K 80 -108.90 -52.23 29.96
C ALA K 80 -109.28 -50.94 30.67
N ASN K 81 -109.04 -49.81 30.01
CA ASN K 81 -109.18 -48.51 30.65
C ASN K 81 -110.18 -47.64 29.90
N ALA K 82 -110.98 -46.90 30.65
CA ALA K 82 -111.74 -45.78 30.12
C ALA K 82 -111.31 -44.53 30.86
N SER K 83 -111.09 -43.45 30.13
CA SER K 83 -110.64 -42.20 30.76
C SER K 83 -111.47 -41.05 30.21
N VAL K 84 -112.07 -40.29 31.11
CA VAL K 84 -112.88 -39.13 30.74
C VAL K 84 -112.17 -37.88 31.26
N THR K 85 -112.23 -36.80 30.49
CA THR K 85 -111.64 -35.52 30.89
C THR K 85 -112.57 -34.39 30.49
N PHE K 86 -112.97 -33.59 31.47
CA PHE K 86 -113.83 -32.43 31.29
C PHE K 86 -112.97 -31.18 31.39
N SER K 87 -112.89 -30.42 30.30
CA SER K 87 -112.23 -29.12 30.29
C SER K 87 -113.31 -28.06 30.35
N LEU K 88 -113.35 -27.34 31.46
CA LEU K 88 -114.44 -26.42 31.77
C LEU K 88 -113.88 -25.04 32.05
N PRO K 89 -114.13 -24.06 31.20
CA PRO K 89 -113.75 -22.68 31.50
C PRO K 89 -114.57 -22.14 32.67
N LYS K 90 -113.96 -21.24 33.43
CA LYS K 90 -114.61 -20.78 34.65
C LYS K 90 -115.85 -19.94 34.34
N THR K 91 -115.77 -19.09 33.32
CA THR K 91 -116.91 -18.27 32.93
C THR K 91 -118.09 -19.10 32.42
N TYR K 92 -117.85 -20.36 32.06
CA TYR K 92 -118.90 -21.23 31.52
C TYR K 92 -119.89 -21.58 32.63
N PRO K 93 -121.20 -21.56 32.36
CA PRO K 93 -122.19 -21.68 33.45
C PRO K 93 -122.42 -23.11 33.92
N ASN K 94 -122.53 -23.24 35.24
CA ASN K 94 -122.67 -24.56 35.87
C ASN K 94 -123.85 -25.34 35.30
N GLU K 95 -124.94 -24.65 34.95
CA GLU K 95 -126.09 -25.33 34.39
C GLU K 95 -125.74 -26.03 33.08
N HIS K 96 -125.10 -25.31 32.16
CA HIS K 96 -124.68 -25.93 30.90
C HIS K 96 -123.62 -27.01 31.10
N ILE K 97 -122.84 -26.96 32.19
CA ILE K 97 -121.94 -28.07 32.48
C ILE K 97 -122.75 -29.33 32.82
N THR K 98 -123.74 -29.20 33.72
CA THR K 98 -124.60 -30.36 34.03
C THR K 98 -125.20 -30.92 32.75
N LYS K 99 -125.64 -30.04 31.85
CA LYS K 99 -126.13 -30.45 30.54
C LYS K 99 -125.09 -31.28 29.78
N LEU K 100 -123.87 -30.76 29.69
CA LEU K 100 -122.82 -31.46 28.96
C LEU K 100 -122.62 -32.88 29.50
N ARG K 101 -122.50 -33.01 30.82
CA ARG K 101 -122.30 -34.32 31.43
C ARG K 101 -123.44 -35.27 31.06
N GLN K 102 -124.68 -34.80 31.16
CA GLN K 102 -125.82 -35.68 30.88
C GLN K 102 -125.82 -36.12 29.42
N THR K 103 -125.51 -35.20 28.49
CA THR K 103 -125.48 -35.58 27.08
C THR K 103 -124.36 -36.56 26.78
N LEU K 104 -123.24 -36.46 27.49
CA LEU K 104 -122.19 -37.48 27.32
C LEU K 104 -122.69 -38.85 27.75
N ILE K 105 -123.41 -38.91 28.88
CA ILE K 105 -124.03 -40.17 29.29
C ILE K 105 -124.93 -40.71 28.18
N ALA K 106 -125.80 -39.85 27.66
CA ALA K 106 -126.72 -40.26 26.60
C ALA K 106 -125.96 -40.80 25.39
N TRP K 107 -124.89 -40.11 24.99
CA TRP K 107 -124.11 -40.55 23.85
C TRP K 107 -123.50 -41.93 24.09
N LEU K 108 -122.88 -42.12 25.27
CA LEU K 108 -122.31 -43.41 25.63
C LEU K 108 -123.35 -44.51 25.65
N GLY K 109 -124.63 -44.16 25.73
CA GLY K 109 -125.69 -45.14 25.56
C GLY K 109 -125.91 -45.66 24.14
N GLN K 110 -125.64 -44.82 23.15
CA GLN K 110 -126.11 -45.06 21.78
C GLN K 110 -125.36 -46.19 21.08
N GLN K 111 -126.00 -46.74 20.05
CA GLN K 111 -125.41 -47.83 19.30
C GLN K 111 -124.18 -47.37 18.53
N CYS K 112 -124.24 -46.18 17.94
CA CYS K 112 -123.11 -45.70 17.17
C CYS K 112 -121.85 -45.57 18.02
N VAL K 113 -121.99 -45.55 19.33
CA VAL K 113 -120.86 -45.56 20.24
C VAL K 113 -120.55 -46.96 20.75
N SER K 114 -121.58 -47.76 21.04
CA SER K 114 -121.35 -49.10 21.59
C SER K 114 -120.69 -50.01 20.55
N ASP K 115 -121.12 -49.93 19.29
CA ASP K 115 -120.60 -50.82 18.27
C ASP K 115 -119.06 -50.73 18.12
N PRO K 116 -118.47 -49.54 18.01
CA PRO K 116 -116.99 -49.51 17.98
C PRO K 116 -116.35 -49.82 19.32
N VAL K 117 -116.88 -49.28 20.42
CA VAL K 117 -116.30 -49.57 21.74
C VAL K 117 -116.41 -51.04 22.06
N ASP K 118 -117.64 -51.56 22.09
CA ASP K 118 -117.85 -52.93 22.58
C ASP K 118 -117.20 -53.96 21.67
N SER K 119 -117.52 -53.93 20.38
CA SER K 119 -117.11 -55.01 19.47
C SER K 119 -116.17 -54.57 18.36
N GLY K 120 -115.92 -53.27 18.19
CA GLY K 120 -115.03 -52.82 17.16
C GLY K 120 -115.65 -52.55 15.80
N LEU K 121 -116.97 -52.62 15.69
CA LEU K 121 -117.63 -52.29 14.44
C LEU K 121 -117.64 -50.78 14.25
N ASN K 122 -117.10 -50.31 13.14
CA ASN K 122 -117.25 -48.90 12.83
C ASN K 122 -118.60 -48.65 12.17
N ASN K 123 -119.01 -47.39 12.17
CA ASN K 123 -120.28 -47.04 11.58
C ASN K 123 -120.10 -46.69 10.11
N TYR K 124 -121.12 -47.01 9.32
CA TYR K 124 -121.03 -46.86 7.88
C TYR K 124 -122.32 -46.33 7.32
N MET L 1 -110.73 -32.84 64.51
CA MET L 1 -112.16 -32.79 64.26
C MET L 1 -112.48 -33.44 62.92
N ARG L 2 -113.59 -34.18 62.88
CA ARG L 2 -114.12 -34.71 61.62
C ARG L 2 -114.75 -33.58 60.82
N LEU L 3 -114.09 -33.15 59.77
CA LEU L 3 -114.52 -31.96 59.04
C LEU L 3 -115.85 -32.22 58.36
N THR L 4 -116.80 -31.30 58.56
CA THR L 4 -118.04 -31.27 57.82
C THR L 4 -118.41 -29.82 57.58
N ASP L 5 -119.37 -29.62 56.66
CA ASP L 5 -119.84 -28.29 56.34
C ASP L 5 -120.25 -27.56 57.61
N VAL L 6 -120.08 -26.25 57.62
CA VAL L 6 -120.46 -25.46 58.79
C VAL L 6 -121.31 -24.28 58.35
N ASP L 7 -122.11 -23.79 59.31
CA ASP L 7 -122.89 -22.59 59.15
C ASP L 7 -122.51 -21.64 60.26
N LEU L 8 -122.22 -20.39 59.91
CA LEU L 8 -121.75 -19.38 60.84
C LEU L 8 -122.84 -18.34 61.08
N THR L 9 -122.96 -17.92 62.32
CA THR L 9 -123.86 -16.85 62.69
C THR L 9 -123.08 -15.55 62.61
N VAL L 10 -123.47 -14.66 61.68
CA VAL L 10 -122.72 -13.44 61.39
C VAL L 10 -123.66 -12.26 61.61
N GLY L 11 -123.54 -11.61 62.76
CA GLY L 11 -124.46 -10.54 63.09
C GLY L 11 -125.89 -11.04 63.07
N GLU L 12 -126.67 -10.56 62.11
CA GLU L 12 -128.06 -10.95 61.99
C GLU L 12 -128.34 -11.72 60.70
N GLU L 13 -127.31 -12.36 60.14
CA GLU L 13 -127.47 -13.22 58.98
C GLU L 13 -126.77 -14.55 59.25
N THR L 14 -127.06 -15.53 58.40
CA THR L 14 -126.43 -16.84 58.50
C THR L 14 -125.64 -17.11 57.23
N ARG L 15 -124.38 -17.48 57.40
CA ARG L 15 -123.44 -17.71 56.33
C ARG L 15 -123.16 -19.21 56.23
N GLU L 16 -123.34 -19.79 55.05
CA GLU L 16 -123.24 -21.23 54.89
C GLU L 16 -122.01 -21.58 54.07
N TYR L 17 -121.07 -22.29 54.68
CA TYR L 17 -119.90 -22.77 53.97
C TYR L 17 -119.99 -24.27 53.76
N ALA L 18 -119.25 -24.75 52.76
CA ALA L 18 -119.17 -26.17 52.44
C ALA L 18 -117.70 -26.54 52.24
N VAL L 19 -117.35 -27.75 52.69
CA VAL L 19 -115.97 -28.21 52.55
C VAL L 19 -115.64 -28.32 51.08
N SER L 20 -114.57 -27.62 50.67
CA SER L 20 -114.08 -27.66 49.31
C SER L 20 -112.83 -28.50 49.12
N GLU L 21 -111.98 -28.64 50.15
CA GLU L 21 -110.94 -29.65 50.11
C GLU L 21 -110.41 -29.89 51.52
N GLN L 22 -109.93 -31.10 51.76
CA GLN L 22 -109.30 -31.45 53.02
C GLN L 22 -108.03 -32.24 52.75
N GLN L 23 -106.90 -31.72 53.19
CA GLN L 23 -105.60 -32.37 53.12
C GLN L 23 -105.10 -32.63 54.54
N GLY L 24 -103.88 -33.16 54.63
CA GLY L 24 -103.36 -33.58 55.91
C GLY L 24 -103.24 -32.44 56.89
N THR L 25 -102.65 -31.32 56.45
CA THR L 25 -102.44 -30.16 57.28
C THR L 25 -103.21 -28.93 56.80
N LEU L 26 -104.04 -29.08 55.78
CA LEU L 26 -104.73 -27.96 55.16
C LEU L 26 -106.18 -28.31 54.89
N PHE L 27 -107.06 -27.31 55.00
CA PHE L 27 -108.45 -27.47 54.57
C PHE L 27 -108.98 -26.15 54.02
N ARG L 28 -110.05 -26.27 53.23
CA ARG L 28 -110.64 -25.14 52.55
C ARG L 28 -112.16 -25.31 52.48
N PHE L 29 -112.87 -24.26 52.92
CA PHE L 29 -114.31 -24.09 52.80
C PHE L 29 -114.63 -23.02 51.75
N VAL L 30 -115.82 -23.15 51.15
CA VAL L 30 -116.32 -22.21 50.15
C VAL L 30 -117.74 -21.79 50.54
N ASP L 31 -118.06 -20.50 50.35
CA ASP L 31 -119.40 -20.00 50.63
C ASP L 31 -120.40 -20.61 49.67
N LYS L 32 -121.44 -21.24 50.22
CA LYS L 32 -122.41 -21.97 49.41
C LYS L 32 -123.19 -21.09 48.45
N SER L 33 -123.17 -19.77 48.65
CA SER L 33 -123.90 -18.85 47.79
C SER L 33 -123.16 -18.52 46.49
N GLY L 34 -122.09 -19.25 46.15
CA GLY L 34 -121.20 -18.87 45.08
C GLY L 34 -121.07 -19.91 43.97
N THR L 35 -120.43 -19.46 42.89
CA THR L 35 -120.15 -20.26 41.70
C THR L 35 -118.66 -20.18 41.41
N VAL L 36 -118.15 -21.11 40.59
CA VAL L 36 -116.80 -20.92 40.06
C VAL L 36 -116.72 -19.58 39.33
N ALA L 37 -117.76 -19.25 38.56
CA ALA L 37 -117.78 -18.00 37.81
C ALA L 37 -117.84 -16.81 38.74
N ASN L 38 -118.79 -16.80 39.66
CA ASN L 38 -118.94 -15.71 40.62
C ASN L 38 -118.75 -16.26 42.02
N ASN L 39 -117.53 -16.15 42.54
CA ASN L 39 -117.24 -16.60 43.88
C ASN L 39 -117.64 -15.55 44.91
N THR L 40 -118.04 -16.01 46.09
CA THR L 40 -118.57 -15.14 47.12
C THR L 40 -117.82 -15.21 48.43
N GLY L 41 -116.97 -16.20 48.63
CA GLY L 41 -116.22 -16.30 49.86
C GLY L 41 -115.45 -17.60 49.96
N VAL L 42 -114.25 -17.54 50.52
CA VAL L 42 -113.44 -18.73 50.75
C VAL L 42 -112.75 -18.58 52.10
N PHE L 43 -112.54 -19.72 52.76
CA PHE L 43 -111.76 -19.78 53.98
C PHE L 43 -110.82 -20.95 53.89
N SER L 44 -109.57 -20.74 54.31
CA SER L 44 -108.56 -21.79 54.24
C SER L 44 -107.69 -21.72 55.48
N LEU L 45 -107.24 -22.89 55.94
CA LEU L 45 -106.39 -22.97 57.12
C LEU L 45 -105.34 -24.06 56.92
N GLU L 46 -104.12 -23.77 57.37
CA GLU L 46 -103.00 -24.69 57.24
C GLU L 46 -102.16 -24.63 58.51
N GLN L 47 -101.70 -25.79 58.98
CA GLN L 47 -100.76 -25.85 60.08
C GLN L 47 -99.42 -26.35 59.57
N ARG L 48 -98.36 -25.60 59.86
CA ARG L 48 -96.99 -26.04 59.68
C ARG L 48 -96.46 -26.36 61.07
N PHE L 49 -96.55 -27.64 61.44
CA PHE L 49 -95.94 -28.11 62.67
C PHE L 49 -94.43 -28.06 62.50
N GLY L 50 -93.77 -27.23 63.29
CA GLY L 50 -92.37 -26.96 63.07
C GLY L 50 -91.45 -28.07 63.55
N ALA L 51 -90.16 -27.88 63.26
CA ALA L 51 -89.14 -28.74 63.83
C ALA L 51 -89.19 -28.68 65.37
N ALA L 52 -88.54 -29.66 66.00
CA ALA L 52 -88.64 -29.79 67.45
C ALA L 52 -88.14 -28.55 68.19
N ASN L 53 -87.26 -27.77 67.55
CA ASN L 53 -86.79 -26.53 68.16
C ASN L 53 -87.71 -25.35 67.89
N SER L 54 -88.40 -25.36 66.76
CA SER L 54 -89.18 -24.21 66.31
C SER L 54 -90.60 -24.25 66.87
N ASN L 55 -91.29 -23.12 66.75
CA ASN L 55 -92.70 -23.03 67.05
C ASN L 55 -93.52 -23.60 65.90
N ARG L 56 -94.72 -24.07 66.22
CA ARG L 56 -95.63 -24.44 65.16
C ARG L 56 -96.48 -23.23 64.78
N LYS L 57 -96.84 -23.18 63.50
CA LYS L 57 -97.58 -22.06 62.94
C LYS L 57 -98.91 -22.54 62.40
N VAL L 58 -99.96 -21.77 62.65
CA VAL L 58 -101.26 -22.02 62.04
C VAL L 58 -101.69 -20.74 61.34
N THR L 59 -102.05 -20.85 60.06
CA THR L 59 -102.42 -19.69 59.29
C THR L 59 -103.80 -19.89 58.67
N MET L 60 -104.57 -18.80 58.63
CA MET L 60 -105.90 -18.78 58.07
C MET L 60 -106.02 -17.60 57.12
N LEU L 61 -106.71 -17.83 56.01
CA LEU L 61 -107.03 -16.80 55.03
C LEU L 61 -108.52 -16.82 54.76
N LEU L 62 -109.17 -15.68 54.96
CA LEU L 62 -110.57 -15.47 54.65
C LEU L 62 -110.64 -14.44 53.53
N THR L 63 -111.30 -14.80 52.43
CA THR L 63 -111.41 -13.91 51.28
C THR L 63 -112.87 -13.71 50.93
N ASP L 64 -113.30 -12.45 50.89
CA ASP L 64 -114.65 -12.08 50.51
C ASP L 64 -114.57 -11.19 49.28
N PRO L 65 -114.96 -11.71 48.11
CA PRO L 65 -115.04 -10.88 46.92
C PRO L 65 -116.44 -10.31 46.72
N VAL L 66 -116.48 -9.11 46.16
CA VAL L 66 -117.71 -8.37 45.89
C VAL L 66 -117.60 -7.77 44.49
N VAL L 67 -118.72 -7.74 43.80
CA VAL L 67 -118.79 -7.06 42.51
C VAL L 67 -119.08 -5.59 42.74
N VAL L 68 -118.41 -4.73 41.98
CA VAL L 68 -118.53 -3.29 42.09
C VAL L 68 -118.56 -2.71 40.68
N LYS L 69 -119.46 -1.77 40.44
CA LYS L 69 -119.48 -1.08 39.16
C LYS L 69 -118.26 -0.18 39.05
N ASP L 70 -117.75 -0.05 37.84
CA ASP L 70 -116.57 0.75 37.55
C ASP L 70 -116.99 2.16 37.14
N ALA L 71 -116.01 3.08 37.17
CA ALA L 71 -116.25 4.41 36.62
C ALA L 71 -116.64 4.33 35.14
N SER L 72 -116.09 3.36 34.42
CA SER L 72 -116.49 3.07 33.04
C SER L 72 -117.82 2.34 32.96
N GLY L 73 -118.43 1.98 34.09
CA GLY L 73 -119.64 1.19 34.12
C GLY L 73 -119.40 -0.31 34.14
N ALA L 74 -118.26 -0.77 33.63
CA ALA L 74 -117.97 -2.19 33.58
C ALA L 74 -118.02 -2.82 34.97
N ASP L 75 -118.42 -4.09 35.03
CA ASP L 75 -118.49 -4.80 36.29
C ASP L 75 -117.10 -5.33 36.66
N MET L 76 -116.71 -5.14 37.91
CA MET L 76 -115.35 -5.41 38.37
C MET L 76 -115.42 -6.14 39.70
N THR L 77 -114.75 -7.29 39.80
CA THR L 77 -114.77 -8.08 41.02
C THR L 77 -113.56 -7.73 41.87
N ILE L 78 -113.80 -7.43 43.15
CA ILE L 78 -112.80 -6.92 44.08
C ILE L 78 -112.79 -7.80 45.31
N LYS L 79 -111.60 -8.18 45.77
CA LYS L 79 -111.46 -9.06 46.91
C LYS L 79 -110.91 -8.28 48.11
N ALA L 80 -111.44 -8.59 49.29
CA ALA L 80 -110.89 -8.13 50.57
C ALA L 80 -110.45 -9.35 51.37
N ASN L 81 -109.29 -9.24 52.02
CA ASN L 81 -108.69 -10.39 52.67
C ASN L 81 -108.48 -10.13 54.14
N ALA L 82 -108.64 -11.19 54.94
CA ALA L 82 -108.23 -11.19 56.33
C ALA L 82 -107.36 -12.42 56.54
N SER L 83 -106.23 -12.25 57.22
CA SER L 83 -105.32 -13.36 57.45
C SER L 83 -104.91 -13.38 58.91
N VAL L 84 -105.03 -14.54 59.54
CA VAL L 84 -104.65 -14.72 60.94
C VAL L 84 -103.53 -15.76 61.00
N THR L 85 -102.56 -15.52 61.89
CA THR L 85 -101.45 -16.44 62.08
C THR L 85 -101.15 -16.59 63.56
N PHE L 86 -101.19 -17.83 64.03
CA PHE L 86 -100.86 -18.19 65.40
C PHE L 86 -99.46 -18.80 65.41
N SER L 87 -98.54 -18.16 66.12
CA SER L 87 -97.22 -18.74 66.38
C SER L 87 -97.24 -19.26 67.81
N LEU L 88 -97.19 -20.58 67.93
CA LEU L 88 -97.35 -21.26 69.21
C LEU L 88 -96.13 -22.12 69.49
N PRO L 89 -95.32 -21.76 70.46
CA PRO L 89 -94.19 -22.61 70.87
C PRO L 89 -94.68 -23.91 71.47
N LYS L 90 -93.86 -24.95 71.34
CA LYS L 90 -94.26 -26.27 71.81
C LYS L 90 -94.47 -26.27 73.33
N THR L 91 -93.56 -25.64 74.08
CA THR L 91 -93.65 -25.64 75.53
C THR L 91 -94.82 -24.84 76.07
N TYR L 92 -95.46 -24.03 75.22
CA TYR L 92 -96.61 -23.24 75.65
C TYR L 92 -97.81 -24.15 75.90
N PRO L 93 -98.54 -23.98 77.01
CA PRO L 93 -99.61 -24.92 77.34
C PRO L 93 -100.89 -24.70 76.54
N ASN L 94 -101.50 -25.83 76.15
CA ASN L 94 -102.71 -25.79 75.34
C ASN L 94 -103.79 -24.91 75.96
N GLU L 95 -103.86 -24.89 77.29
CA GLU L 95 -104.85 -24.07 77.98
C GLU L 95 -104.68 -22.60 77.63
N HIS L 96 -103.48 -22.05 77.85
CA HIS L 96 -103.24 -20.65 77.53
C HIS L 96 -103.35 -20.37 76.04
N ILE L 97 -103.16 -21.38 75.18
CA ILE L 97 -103.44 -21.19 73.76
C ILE L 97 -104.93 -20.89 73.53
N THR L 98 -105.81 -21.73 74.10
CA THR L 98 -107.25 -21.46 73.94
C THR L 98 -107.59 -20.09 74.50
N LYS L 99 -106.96 -19.71 75.61
CA LYS L 99 -107.12 -18.35 76.16
C LYS L 99 -106.79 -17.29 75.12
N LEU L 100 -105.63 -17.45 74.47
CA LEU L 100 -105.20 -16.49 73.45
C LEU L 100 -106.23 -16.37 72.34
N ARG L 101 -106.69 -17.52 71.81
CA ARG L 101 -107.67 -17.48 70.72
C ARG L 101 -108.94 -16.76 71.13
N GLN L 102 -109.44 -17.04 72.33
CA GLN L 102 -110.68 -16.41 72.76
C GLN L 102 -110.50 -14.90 72.96
N THR L 103 -109.38 -14.48 73.56
CA THR L 103 -109.13 -13.05 73.70
C THR L 103 -109.03 -12.36 72.35
N LEU L 104 -108.50 -13.06 71.34
CA LEU L 104 -108.46 -12.47 69.99
C LEU L 104 -109.87 -12.27 69.44
N ILE L 105 -110.74 -13.26 69.62
CA ILE L 105 -112.14 -13.09 69.21
C ILE L 105 -112.74 -11.87 69.89
N ALA L 106 -112.53 -11.77 71.21
CA ALA L 106 -113.07 -10.64 71.97
C ALA L 106 -112.57 -9.32 71.41
N TRP L 107 -111.27 -9.22 71.15
CA TRP L 107 -110.71 -7.99 70.60
C TRP L 107 -111.33 -7.66 69.25
N LEU L 108 -111.46 -8.66 68.38
CA LEU L 108 -112.02 -8.44 67.06
C LEU L 108 -113.45 -7.94 67.13
N GLY L 109 -114.14 -8.22 68.23
CA GLY L 109 -115.47 -7.67 68.45
C GLY L 109 -115.50 -6.21 68.84
N GLN L 110 -114.42 -5.71 69.43
CA GLN L 110 -114.40 -4.40 70.07
C GLN L 110 -114.52 -3.28 69.05
N GLN L 111 -114.99 -2.12 69.52
CA GLN L 111 -115.13 -0.98 68.64
C GLN L 111 -113.79 -0.37 68.27
N CYS L 112 -112.82 -0.38 69.20
CA CYS L 112 -111.51 0.16 68.88
C CYS L 112 -110.82 -0.62 67.76
N VAL L 113 -111.26 -1.85 67.53
CA VAL L 113 -110.76 -2.64 66.42
C VAL L 113 -111.65 -2.50 65.19
N SER L 114 -112.98 -2.46 65.38
CA SER L 114 -113.88 -2.41 64.24
C SER L 114 -113.81 -1.07 63.52
N ASP L 115 -113.73 0.03 64.26
CA ASP L 115 -113.72 1.36 63.62
C ASP L 115 -112.60 1.52 62.61
N PRO L 116 -111.33 1.20 62.90
CA PRO L 116 -110.32 1.30 61.84
C PRO L 116 -110.48 0.24 60.75
N VAL L 117 -110.80 -0.99 61.13
CA VAL L 117 -110.97 -2.04 60.12
C VAL L 117 -112.17 -1.73 59.22
N ASP L 118 -113.33 -1.49 59.81
CA ASP L 118 -114.55 -1.37 59.01
C ASP L 118 -114.58 -0.05 58.24
N SER L 119 -114.26 1.06 58.89
CA SER L 119 -114.49 2.38 58.31
C SER L 119 -113.22 3.16 58.02
N GLY L 120 -112.05 2.65 58.41
CA GLY L 120 -110.82 3.37 58.15
C GLY L 120 -110.55 4.56 59.05
N LEU L 121 -111.33 4.73 60.12
CA LEU L 121 -111.08 5.80 61.07
C LEU L 121 -110.16 5.30 62.17
N ASN L 122 -109.14 6.08 62.48
CA ASN L 122 -108.25 5.72 63.57
C ASN L 122 -108.84 6.15 64.92
N ASN L 123 -108.28 5.59 65.98
CA ASN L 123 -108.74 5.91 67.32
C ASN L 123 -107.97 7.11 67.87
N TYR L 124 -108.52 7.69 68.95
CA TYR L 124 -107.95 8.89 69.56
C TYR L 124 -108.22 8.96 71.07
N MET M 1 13.86 130.18 -18.65
CA MET M 1 14.85 131.24 -18.60
C MET M 1 16.23 130.74 -19.03
N ARG M 2 16.93 131.54 -19.83
CA ARG M 2 18.32 131.22 -20.16
C ARG M 2 19.17 131.32 -18.90
N LEU M 3 19.72 130.18 -18.48
CA LEU M 3 20.42 130.11 -17.21
C LEU M 3 21.67 130.98 -17.22
N THR M 4 21.93 131.61 -16.09
CA THR M 4 23.16 132.37 -15.86
C THR M 4 23.57 132.16 -14.43
N ASP M 5 24.87 132.35 -14.15
CA ASP M 5 25.35 132.29 -12.79
C ASP M 5 24.49 133.21 -11.92
N VAL M 6 24.35 132.86 -10.65
CA VAL M 6 23.38 133.51 -9.78
C VAL M 6 24.10 134.06 -8.56
N ASP M 7 23.75 135.26 -8.15
CA ASP M 7 24.26 135.85 -6.93
C ASP M 7 23.09 136.15 -6.02
N LEU M 8 23.10 135.56 -4.82
CA LEU M 8 22.02 135.66 -3.86
C LEU M 8 22.47 136.55 -2.71
N THR M 9 21.56 137.41 -2.25
CA THR M 9 21.80 138.17 -1.04
C THR M 9 21.21 137.38 0.12
N VAL M 10 22.05 137.00 1.08
CA VAL M 10 21.67 136.11 2.16
C VAL M 10 21.96 136.81 3.47
N GLY M 11 20.91 137.28 4.14
CA GLY M 11 21.10 138.04 5.35
C GLY M 11 21.98 139.23 5.07
N GLU M 12 23.20 139.23 5.61
CA GLU M 12 24.11 140.34 5.42
C GLU M 12 25.37 139.93 4.66
N GLU M 13 25.30 138.82 3.93
CA GLU M 13 26.40 138.34 3.12
C GLU M 13 25.88 138.13 1.69
N THR M 14 26.79 137.92 0.75
CA THR M 14 26.41 137.60 -0.62
C THR M 14 27.02 136.28 -1.03
N ARG M 15 26.18 135.38 -1.54
CA ARG M 15 26.54 134.03 -1.92
C ARG M 15 26.49 133.90 -3.43
N GLU M 16 27.56 133.35 -4.03
CA GLU M 16 27.67 133.29 -5.48
C GLU M 16 27.67 131.83 -5.93
N TYR M 17 26.74 131.49 -6.81
CA TYR M 17 26.60 130.17 -7.40
C TYR M 17 26.87 130.24 -8.90
N ALA M 18 27.35 129.12 -9.42
CA ALA M 18 27.64 128.97 -10.83
C ALA M 18 26.93 127.73 -11.37
N VAL M 19 26.49 127.82 -12.64
CA VAL M 19 25.80 126.71 -13.27
C VAL M 19 26.74 125.53 -13.40
N SER M 20 26.31 124.36 -12.89
CA SER M 20 27.07 123.13 -13.01
C SER M 20 26.53 122.17 -14.05
N GLU M 21 25.22 122.02 -14.18
CA GLU M 21 24.69 121.27 -15.33
C GLU M 21 23.24 121.66 -15.58
N GLN M 22 22.82 121.53 -16.83
CA GLN M 22 21.44 121.82 -17.20
C GLN M 22 20.94 120.72 -18.14
N GLN M 23 19.85 120.08 -17.76
CA GLN M 23 19.18 119.09 -18.58
C GLN M 23 17.83 119.67 -19.00
N GLY M 24 17.03 118.82 -19.66
CA GLY M 24 15.75 119.30 -20.15
C GLY M 24 14.84 119.79 -19.04
N THR M 25 14.75 119.02 -17.95
CA THR M 25 13.89 119.34 -16.83
C THR M 25 14.66 119.42 -15.51
N LEU M 26 15.97 119.55 -15.56
CA LEU M 26 16.80 119.55 -14.35
C LEU M 26 17.95 120.52 -14.52
N PHE M 27 18.32 121.18 -13.42
CA PHE M 27 19.55 121.98 -13.40
C PHE M 27 20.18 121.94 -12.02
N ARG M 28 21.46 122.29 -12.00
CA ARG M 28 22.27 122.25 -10.78
C ARG M 28 23.29 123.38 -10.80
N PHE M 29 23.30 124.14 -9.70
CA PHE M 29 24.28 125.16 -9.37
C PHE M 29 25.21 124.67 -8.25
N VAL M 30 26.42 125.21 -8.25
CA VAL M 30 27.42 124.95 -7.22
C VAL M 30 27.88 126.28 -6.63
N ASP M 31 28.12 126.29 -5.30
CA ASP M 31 28.64 127.48 -4.62
C ASP M 31 30.08 127.73 -5.08
N LYS M 32 30.33 128.94 -5.59
CA LYS M 32 31.65 129.29 -6.09
C LYS M 32 32.72 129.28 -5.00
N SER M 33 32.32 129.19 -3.73
CA SER M 33 33.27 129.12 -2.62
C SER M 33 34.08 127.82 -2.63
N GLY M 34 33.65 126.81 -3.39
CA GLY M 34 34.14 125.46 -3.24
C GLY M 34 34.81 124.90 -4.48
N THR M 35 35.46 123.75 -4.28
CA THR M 35 36.15 122.96 -5.28
C THR M 35 35.38 121.67 -5.52
N VAL M 36 35.69 121.02 -6.65
CA VAL M 36 35.37 119.60 -6.79
C VAL M 36 35.78 118.85 -5.54
N ALA M 37 37.02 119.06 -5.09
CA ALA M 37 37.53 118.40 -3.90
C ALA M 37 36.72 118.76 -2.66
N ASN M 38 36.71 120.03 -2.30
CA ASN M 38 35.98 120.50 -1.13
C ASN M 38 34.79 121.34 -1.60
N ASN M 39 33.59 120.86 -1.30
CA ASN M 39 32.36 121.52 -1.74
C ASN M 39 31.77 122.34 -0.61
N THR M 40 31.28 123.54 -0.96
CA THR M 40 30.67 124.44 0.01
C THR M 40 29.16 124.53 -0.10
N GLY M 41 28.57 124.12 -1.22
CA GLY M 41 27.13 124.20 -1.36
C GLY M 41 26.64 123.75 -2.72
N VAL M 42 25.43 123.19 -2.77
CA VAL M 42 24.86 122.72 -4.02
C VAL M 42 23.37 123.01 -4.03
N PHE M 43 22.85 123.33 -5.21
CA PHE M 43 21.42 123.51 -5.40
C PHE M 43 20.99 122.80 -6.67
N SER M 44 19.88 122.07 -6.58
CA SER M 44 19.39 121.32 -7.72
C SER M 44 17.87 121.46 -7.79
N LEU M 45 17.34 121.50 -9.02
CA LEU M 45 15.91 121.64 -9.24
C LEU M 45 15.49 120.77 -10.42
N GLU M 46 14.38 120.03 -10.26
CA GLU M 46 13.85 119.15 -11.30
C GLU M 46 12.33 119.24 -11.36
N GLN M 47 11.79 119.29 -12.57
CA GLN M 47 10.34 119.28 -12.77
C GLN M 47 9.92 117.97 -13.42
N ARG M 48 8.79 117.44 -12.95
CA ARG M 48 8.20 116.19 -13.44
C ARG M 48 6.76 116.50 -13.84
N PHE M 49 6.55 116.66 -15.15
CA PHE M 49 5.25 116.88 -15.73
C PHE M 49 4.55 115.53 -15.88
N GLY M 50 3.47 115.32 -15.13
CA GLY M 50 2.75 114.06 -15.16
C GLY M 50 1.75 113.98 -16.30
N ALA M 51 0.88 112.98 -16.23
CA ALA M 51 -0.23 112.92 -17.18
C ALA M 51 -1.27 114.00 -16.85
N ALA M 52 -2.24 114.17 -17.76
CA ALA M 52 -3.23 115.23 -17.61
C ALA M 52 -4.08 115.06 -16.37
N ASN M 53 -4.19 113.83 -15.84
CA ASN M 53 -4.85 113.61 -14.56
C ASN M 53 -3.91 113.79 -13.38
N SER M 54 -2.60 113.84 -13.63
CA SER M 54 -1.60 113.95 -12.58
C SER M 54 -1.20 115.41 -12.37
N ASN M 55 -0.82 115.72 -11.14
CA ASN M 55 -0.26 117.03 -10.83
C ASN M 55 1.20 117.05 -11.26
N ARG M 56 1.62 118.14 -11.90
CA ARG M 56 3.05 118.29 -12.14
C ARG M 56 3.74 118.61 -10.82
N LYS M 57 4.99 118.18 -10.71
CA LYS M 57 5.71 118.30 -9.45
C LYS M 57 7.07 118.95 -9.70
N VAL M 58 7.52 119.74 -8.74
CA VAL M 58 8.77 120.48 -8.87
C VAL M 58 9.53 120.34 -7.57
N THR M 59 10.77 119.84 -7.63
CA THR M 59 11.50 119.54 -6.40
C THR M 59 12.88 120.20 -6.42
N MET M 60 13.25 120.75 -5.26
CA MET M 60 14.51 121.46 -5.05
C MET M 60 15.24 120.82 -3.89
N LEU M 61 16.55 120.70 -4.04
CA LEU M 61 17.44 120.25 -2.98
C LEU M 61 18.58 121.25 -2.81
N LEU M 62 18.72 121.76 -1.60
CA LEU M 62 19.79 122.67 -1.22
C LEU M 62 20.63 121.97 -0.17
N THR M 63 21.91 121.78 -0.45
CA THR M 63 22.84 121.10 0.44
C THR M 63 23.96 122.04 0.85
N ASP M 64 24.16 122.16 2.17
CA ASP M 64 25.23 123.00 2.74
C ASP M 64 26.11 122.12 3.61
N PRO M 65 27.30 121.78 3.13
CA PRO M 65 28.26 121.07 3.96
C PRO M 65 29.18 122.04 4.70
N VAL M 66 29.54 121.64 5.92
CA VAL M 66 30.42 122.41 6.80
C VAL M 66 31.44 121.46 7.40
N VAL M 67 32.66 121.94 7.58
CA VAL M 67 33.68 121.17 8.26
C VAL M 67 33.59 121.46 9.75
N VAL M 68 33.54 120.39 10.55
CA VAL M 68 33.40 120.46 12.00
C VAL M 68 34.53 119.68 12.64
N LYS M 69 34.95 120.10 13.82
CA LYS M 69 35.95 119.39 14.60
C LYS M 69 35.36 118.10 15.15
N ASP M 70 36.15 117.03 15.07
CA ASP M 70 35.77 115.76 15.67
C ASP M 70 35.90 115.83 17.19
N ALA M 71 35.26 114.89 17.87
CA ALA M 71 35.46 114.77 19.31
C ALA M 71 36.91 114.42 19.63
N SER M 72 37.57 113.69 18.73
CA SER M 72 39.01 113.46 18.83
C SER M 72 39.80 114.67 18.34
N GLY M 73 39.23 115.46 17.44
CA GLY M 73 39.90 116.62 16.87
C GLY M 73 40.06 116.57 15.36
N ALA M 74 39.82 115.44 14.73
CA ALA M 74 39.97 115.31 13.29
C ALA M 74 39.00 116.23 12.55
N ASP M 75 39.33 116.51 11.30
CA ASP M 75 38.47 117.30 10.43
C ASP M 75 37.41 116.40 9.82
N MET M 76 36.14 116.79 9.95
CA MET M 76 35.04 115.95 9.48
C MET M 76 34.02 116.82 8.76
N THR M 77 33.52 116.37 7.62
CA THR M 77 32.55 117.15 6.84
C THR M 77 31.14 116.66 7.11
N ILE M 78 30.23 117.58 7.39
CA ILE M 78 28.85 117.29 7.77
C ILE M 78 27.93 118.13 6.89
N LYS M 79 26.95 117.48 6.28
CA LYS M 79 26.02 118.15 5.38
C LYS M 79 24.68 118.37 6.09
N ALA M 80 24.04 119.49 5.75
CA ALA M 80 22.67 119.79 6.15
C ALA M 80 21.84 120.00 4.89
N ASN M 81 20.65 119.41 4.86
CA ASN M 81 19.84 119.38 3.65
C ASN M 81 18.55 120.13 3.87
N ALA M 82 18.08 120.80 2.83
CA ALA M 82 16.73 121.34 2.80
C ALA M 82 16.12 121.01 1.45
N SER M 83 14.88 120.54 1.46
CA SER M 83 14.24 120.11 0.22
C SER M 83 12.83 120.66 0.15
N VAL M 84 12.48 121.23 -1.00
CA VAL M 84 11.16 121.78 -1.22
C VAL M 84 10.52 121.00 -2.36
N THR M 85 9.19 120.80 -2.27
CA THR M 85 8.44 120.11 -3.32
C THR M 85 7.12 120.83 -3.52
N PHE M 86 6.89 121.30 -4.74
CA PHE M 86 5.65 121.93 -5.16
C PHE M 86 4.82 120.91 -5.92
N SER M 87 3.65 120.58 -5.40
CA SER M 87 2.67 119.76 -6.11
C SER M 87 1.61 120.70 -6.66
N LEU M 88 1.58 120.83 -7.99
CA LEU M 88 0.75 121.80 -8.67
C LEU M 88 -0.14 121.08 -9.68
N PRO M 89 -1.44 121.00 -9.42
CA PRO M 89 -2.37 120.44 -10.40
C PRO M 89 -2.45 121.31 -11.65
N LYS M 90 -2.81 120.68 -12.76
CA LYS M 90 -2.82 121.35 -14.04
C LYS M 90 -4.11 122.11 -14.31
N THR M 91 -5.03 122.13 -13.36
CA THR M 91 -6.20 123.00 -13.39
C THR M 91 -6.04 124.20 -12.46
N TYR M 92 -4.93 124.25 -11.74
CA TYR M 92 -4.63 125.33 -10.81
C TYR M 92 -4.01 126.51 -11.57
N PRO M 93 -4.43 127.73 -11.31
CA PRO M 93 -3.94 128.87 -12.10
C PRO M 93 -2.54 129.34 -11.70
N ASN M 94 -1.79 129.74 -12.72
CA ASN M 94 -0.40 130.14 -12.53
C ASN M 94 -0.28 131.29 -11.54
N GLU M 95 -1.23 132.22 -11.57
CA GLU M 95 -1.24 133.32 -10.61
C GLU M 95 -1.17 132.80 -9.19
N HIS M 96 -2.08 131.88 -8.84
CA HIS M 96 -2.10 131.36 -7.48
C HIS M 96 -0.89 130.51 -7.18
N ILE M 97 -0.25 129.90 -8.19
CA ILE M 97 1.04 129.25 -7.93
C ILE M 97 2.08 130.29 -7.47
N THR M 98 2.13 131.42 -8.16
CA THR M 98 3.06 132.48 -7.73
C THR M 98 2.73 132.94 -6.31
N LYS M 99 1.43 133.15 -6.04
CA LYS M 99 0.99 133.50 -4.69
C LYS M 99 1.50 132.49 -3.66
N LEU M 100 1.37 131.20 -3.98
CA LEU M 100 1.82 130.14 -3.10
C LEU M 100 3.31 130.24 -2.83
N ARG M 101 4.11 130.39 -3.89
CA ARG M 101 5.56 130.48 -3.71
C ARG M 101 5.94 131.65 -2.83
N GLN M 102 5.29 132.79 -3.04
CA GLN M 102 5.64 133.97 -2.24
C GLN M 102 5.22 133.80 -0.78
N THR M 103 4.03 133.23 -0.53
CA THR M 103 3.64 132.96 0.86
C THR M 103 4.61 132.00 1.52
N LEU M 104 5.15 131.04 0.77
CA LEU M 104 6.15 130.14 1.34
C LEU M 104 7.41 130.90 1.73
N ILE M 105 7.86 131.81 0.86
CA ILE M 105 9.02 132.63 1.21
C ILE M 105 8.76 133.41 2.49
N ALA M 106 7.58 134.04 2.57
CA ALA M 106 7.23 134.80 3.77
C ALA M 106 7.22 133.93 5.01
N TRP M 107 6.66 132.73 4.90
CA TRP M 107 6.62 131.82 6.05
C TRP M 107 8.02 131.42 6.48
N LEU M 108 8.89 131.11 5.51
CA LEU M 108 10.27 130.77 5.83
C LEU M 108 11.01 131.91 6.50
N GLY M 109 10.54 133.14 6.30
CA GLY M 109 11.07 134.27 7.03
C GLY M 109 10.66 134.36 8.48
N GLN M 110 9.50 133.78 8.82
CA GLN M 110 8.87 134.01 10.13
C GLN M 110 9.70 133.43 11.27
N GLN M 111 9.51 134.01 12.45
CA GLN M 111 10.23 133.52 13.62
C GLN M 111 9.68 132.18 14.07
N CYS M 112 8.38 131.95 13.93
CA CYS M 112 7.79 130.67 14.35
C CYS M 112 8.28 129.52 13.47
N VAL M 113 8.76 129.81 12.27
CA VAL M 113 9.43 128.80 11.46
C VAL M 113 10.94 128.79 11.77
N SER M 114 11.51 129.95 12.09
CA SER M 114 12.95 130.05 12.32
C SER M 114 13.38 129.29 13.56
N ASP M 115 12.65 129.46 14.67
CA ASP M 115 13.08 128.86 15.93
C ASP M 115 13.24 127.35 15.87
N PRO M 116 12.28 126.56 15.40
CA PRO M 116 12.53 125.11 15.31
C PRO M 116 13.61 124.76 14.30
N VAL M 117 13.61 125.40 13.13
CA VAL M 117 14.62 125.08 12.12
C VAL M 117 16.00 125.48 12.61
N ASP M 118 16.19 126.76 12.96
CA ASP M 118 17.54 127.25 13.22
C ASP M 118 18.10 126.70 14.53
N SER M 119 17.29 126.63 15.58
CA SER M 119 17.79 126.31 16.91
C SER M 119 17.18 125.07 17.55
N GLY M 120 16.09 124.54 17.00
CA GLY M 120 15.46 123.36 17.56
C GLY M 120 14.42 123.63 18.61
N LEU M 121 14.19 124.88 18.98
CA LEU M 121 13.16 125.21 19.94
C LEU M 121 11.78 125.11 19.30
N ASN M 122 10.86 124.42 19.96
CA ASN M 122 9.48 124.42 19.49
C ASN M 122 8.73 125.67 19.99
N ASN M 123 7.66 126.01 19.27
CA ASN M 123 6.85 127.14 19.70
C ASN M 123 5.80 126.67 20.69
N TYR M 124 5.25 127.62 21.45
CA TYR M 124 4.31 127.29 22.52
C TYR M 124 3.14 128.26 22.57
N MET N 1 19.94 126.14 -34.42
CA MET N 1 19.84 127.57 -34.13
C MET N 1 19.81 127.82 -32.63
N ARG N 2 20.05 129.07 -32.23
CA ARG N 2 19.94 129.47 -30.83
C ARG N 2 18.49 129.82 -30.53
N LEU N 3 17.84 128.98 -29.74
CA LEU N 3 16.41 129.12 -29.45
C LEU N 3 16.11 130.47 -28.81
N THR N 4 15.11 131.15 -29.38
CA THR N 4 14.59 132.40 -28.86
C THR N 4 13.07 132.31 -28.91
N ASP N 5 12.41 133.01 -27.98
CA ASP N 5 10.95 133.04 -27.99
C ASP N 5 10.46 133.46 -29.37
N VAL N 6 9.34 132.91 -29.80
CA VAL N 6 8.92 133.01 -31.19
C VAL N 6 7.55 133.68 -31.23
N ASP N 7 7.34 134.53 -32.22
CA ASP N 7 6.03 135.13 -32.47
C ASP N 7 5.59 134.81 -33.88
N LEU N 8 4.44 134.15 -33.98
CA LEU N 8 3.90 133.65 -35.23
C LEU N 8 2.74 134.51 -35.66
N THR N 9 2.73 134.86 -36.94
CA THR N 9 1.60 135.60 -37.51
C THR N 9 0.63 134.55 -38.03
N VAL N 10 -0.54 134.46 -37.38
CA VAL N 10 -1.53 133.42 -37.64
C VAL N 10 -2.78 134.11 -38.15
N GLY N 11 -2.97 134.09 -39.47
CA GLY N 11 -4.07 134.81 -40.06
C GLY N 11 -3.96 136.29 -39.74
N GLU N 12 -4.88 136.81 -38.93
CA GLU N 12 -4.84 138.21 -38.56
C GLU N 12 -4.52 138.41 -37.09
N GLU N 13 -3.96 137.39 -36.46
CA GLU N 13 -3.63 137.45 -35.04
C GLU N 13 -2.15 137.13 -34.89
N THR N 14 -1.61 137.35 -33.69
CA THR N 14 -0.22 137.02 -33.41
C THR N 14 -0.18 136.12 -32.18
N ARG N 15 0.34 134.91 -32.37
CA ARG N 15 0.58 133.96 -31.28
C ARG N 15 2.00 134.15 -30.77
N GLU N 16 2.19 134.04 -29.46
CA GLU N 16 3.49 134.32 -28.84
C GLU N 16 3.89 133.16 -27.94
N TYR N 17 4.91 132.42 -28.37
CA TYR N 17 5.39 131.25 -27.66
C TYR N 17 6.72 131.54 -26.99
N ALA N 18 6.93 130.91 -25.84
CA ALA N 18 8.14 131.01 -25.06
C ALA N 18 8.79 129.64 -24.92
N VAL N 19 10.13 129.61 -24.95
CA VAL N 19 10.86 128.35 -24.80
C VAL N 19 10.55 127.76 -23.45
N SER N 20 10.12 126.50 -23.44
CA SER N 20 9.79 125.80 -22.21
C SER N 20 10.73 124.65 -21.86
N GLU N 21 11.34 123.99 -22.84
CA GLU N 21 12.47 123.12 -22.50
C GLU N 21 13.32 122.86 -23.74
N GLN N 22 14.61 122.63 -23.48
CA GLN N 22 15.59 122.29 -24.51
C GLN N 22 16.41 121.12 -24.03
N GLN N 23 16.33 120.00 -24.75
CA GLN N 23 17.15 118.84 -24.48
C GLN N 23 18.18 118.71 -25.60
N GLY N 24 18.77 117.53 -25.72
CA GLY N 24 19.73 117.31 -26.78
C GLY N 24 19.09 117.45 -28.14
N THR N 25 18.09 116.61 -28.41
CA THR N 25 17.44 116.54 -29.71
C THR N 25 15.98 116.99 -29.65
N LEU N 26 15.54 117.53 -28.52
CA LEU N 26 14.14 117.87 -28.31
C LEU N 26 14.03 119.29 -27.76
N PHE N 27 12.98 119.99 -28.20
CA PHE N 27 12.64 121.29 -27.64
C PHE N 27 11.13 121.44 -27.55
N ARG N 28 10.71 122.40 -26.74
CA ARG N 28 9.29 122.63 -26.47
C ARG N 28 9.06 124.10 -26.18
N PHE N 29 8.14 124.70 -26.93
CA PHE N 29 7.60 126.04 -26.74
C PHE N 29 6.21 125.97 -26.13
N VAL N 30 5.79 127.09 -25.56
CA VAL N 30 4.54 127.17 -24.82
C VAL N 30 3.88 128.51 -25.12
N ASP N 31 2.56 128.49 -25.33
CA ASP N 31 1.81 129.73 -25.62
C ASP N 31 1.85 130.65 -24.41
N LYS N 32 2.43 131.85 -24.59
CA LYS N 32 2.58 132.79 -23.48
C LYS N 32 1.23 133.19 -22.92
N SER N 33 0.20 133.22 -23.76
CA SER N 33 -1.13 133.66 -23.38
C SER N 33 -1.86 132.67 -22.47
N GLY N 34 -1.20 131.61 -22.02
CA GLY N 34 -1.86 130.62 -21.19
C GLY N 34 -1.94 131.08 -19.75
N THR N 35 -3.11 130.87 -19.15
CA THR N 35 -3.33 131.19 -17.75
C THR N 35 -3.16 129.98 -16.84
N VAL N 36 -3.57 128.81 -17.32
CA VAL N 36 -3.47 127.57 -16.56
C VAL N 36 -2.72 126.56 -17.43
N ALA N 37 -2.18 125.54 -16.78
CA ALA N 37 -1.54 124.46 -17.51
C ALA N 37 -2.45 123.88 -18.58
N ASN N 38 -3.69 123.54 -18.22
CA ASN N 38 -4.63 122.99 -19.19
C ASN N 38 -5.08 124.03 -20.20
N ASN N 39 -5.14 125.31 -19.79
CA ASN N 39 -5.43 126.38 -20.72
C ASN N 39 -4.36 126.50 -21.81
N THR N 40 -3.13 126.08 -21.51
CA THR N 40 -1.96 126.49 -22.26
C THR N 40 -1.68 125.58 -23.46
N GLY N 41 -1.61 126.17 -24.65
CA GLY N 41 -1.18 125.43 -25.82
C GLY N 41 0.32 125.23 -25.84
N VAL N 42 0.76 124.19 -26.56
CA VAL N 42 2.17 123.82 -26.56
C VAL N 42 2.58 123.34 -27.94
N PHE N 43 3.90 123.37 -28.18
CA PHE N 43 4.46 122.88 -29.42
C PHE N 43 5.81 122.24 -29.11
N SER N 44 6.01 121.02 -29.59
CA SER N 44 7.20 120.27 -29.28
C SER N 44 7.76 119.64 -30.55
N LEU N 45 9.08 119.51 -30.60
CA LEU N 45 9.76 118.91 -31.74
C LEU N 45 10.94 118.07 -31.25
N GLU N 46 11.15 116.93 -31.91
CA GLU N 46 12.21 115.98 -31.54
C GLU N 46 12.76 115.34 -32.80
N GLN N 47 14.08 115.26 -32.89
CA GLN N 47 14.73 114.55 -33.98
C GLN N 47 15.34 113.25 -33.46
N ARG N 48 15.15 112.19 -34.23
CA ARG N 48 15.69 110.87 -33.95
C ARG N 48 16.56 110.50 -35.14
N PHE N 49 17.87 110.67 -34.97
CA PHE N 49 18.85 110.33 -35.98
C PHE N 49 19.15 108.84 -35.89
N GLY N 50 18.98 108.11 -36.99
CA GLY N 50 19.16 106.68 -36.99
C GLY N 50 20.58 106.26 -37.36
N ALA N 51 20.76 104.96 -37.54
CA ALA N 51 22.01 104.46 -38.09
C ALA N 51 22.13 104.86 -39.56
N ALA N 52 23.28 104.51 -40.17
CA ALA N 52 23.51 104.93 -41.55
C ALA N 52 22.56 104.26 -42.53
N ASN N 53 22.04 103.07 -42.19
CA ASN N 53 21.03 102.43 -43.02
C ASN N 53 19.63 102.95 -42.74
N SER N 54 19.46 103.72 -41.67
CA SER N 54 18.16 104.24 -41.30
C SER N 54 17.94 105.64 -41.89
N ASN N 55 16.69 106.09 -41.81
CA ASN N 55 16.34 107.46 -42.12
C ASN N 55 16.22 108.23 -40.82
N ARG N 56 16.69 109.47 -40.80
CA ARG N 56 16.43 110.29 -39.62
C ARG N 56 14.97 110.72 -39.67
N LYS N 57 14.38 110.86 -38.48
CA LYS N 57 12.98 111.22 -38.37
C LYS N 57 12.84 112.45 -37.48
N VAL N 58 12.03 113.41 -37.91
CA VAL N 58 11.73 114.59 -37.11
C VAL N 58 10.23 114.61 -36.88
N THR N 59 9.84 114.78 -35.62
CA THR N 59 8.43 114.77 -35.25
C THR N 59 8.08 116.05 -34.50
N MET N 60 6.88 116.56 -34.75
CA MET N 60 6.36 117.75 -34.11
C MET N 60 4.94 117.46 -33.64
N LEU N 61 4.63 117.98 -32.45
CA LEU N 61 3.29 117.93 -31.90
C LEU N 61 2.86 119.34 -31.50
N LEU N 62 1.69 119.74 -31.99
CA LEU N 62 1.07 121.02 -31.68
C LEU N 62 -0.25 120.74 -30.98
N THR N 63 -0.40 121.25 -29.75
CA THR N 63 -1.60 121.04 -28.95
C THR N 63 -2.25 122.38 -28.64
N ASP N 64 -3.53 122.50 -28.99
CA ASP N 64 -4.30 123.74 -28.79
C ASP N 64 -5.57 123.42 -28.02
N PRO N 65 -5.56 123.56 -26.70
CA PRO N 65 -6.77 123.37 -25.92
C PRO N 65 -7.65 124.62 -25.91
N VAL N 66 -8.97 124.39 -25.71
CA VAL N 66 -9.97 125.44 -25.65
C VAL N 66 -10.96 125.09 -24.55
N VAL N 67 -11.56 126.11 -23.93
CA VAL N 67 -12.54 125.91 -22.87
C VAL N 67 -13.95 125.91 -23.46
N VAL N 68 -14.71 124.86 -23.15
CA VAL N 68 -16.10 124.73 -23.57
C VAL N 68 -17.02 124.60 -22.36
N MET N 76 -15.36 122.56 -18.99
CA MET N 76 -14.46 121.55 -19.56
C MET N 76 -13.50 122.14 -20.60
N THR N 77 -12.28 121.62 -20.66
CA THR N 77 -11.28 122.02 -21.65
C THR N 77 -10.99 120.84 -22.57
N ILE N 78 -11.04 121.11 -23.88
CA ILE N 78 -10.94 120.13 -24.94
C ILE N 78 -9.68 120.42 -25.74
N LYS N 79 -8.90 119.38 -26.02
CA LYS N 79 -7.61 119.52 -26.68
C LYS N 79 -7.65 118.92 -28.09
N ALA N 80 -7.09 119.65 -29.05
CA ALA N 80 -6.93 119.16 -30.43
C ALA N 80 -5.45 119.16 -30.80
N ASN N 81 -5.04 118.14 -31.56
CA ASN N 81 -3.63 117.91 -31.83
C ASN N 81 -3.37 117.92 -33.33
N ALA N 82 -2.25 118.50 -33.72
CA ALA N 82 -1.68 118.30 -35.04
C ALA N 82 -0.29 117.71 -34.86
N SER N 83 0.04 116.70 -35.65
CA SER N 83 1.34 116.05 -35.53
C SER N 83 1.94 115.87 -36.91
N VAL N 84 3.15 116.36 -37.10
CA VAL N 84 3.88 116.24 -38.37
C VAL N 84 5.08 115.35 -38.13
N THR N 85 5.42 114.54 -39.13
CA THR N 85 6.57 113.66 -39.08
C THR N 85 7.26 113.65 -40.44
N PHE N 86 8.54 114.01 -40.44
CA PHE N 86 9.38 114.01 -41.63
C PHE N 86 10.31 112.81 -41.56
N SER N 87 10.17 111.90 -42.53
CA SER N 87 11.09 110.78 -42.68
C SER N 87 12.04 111.10 -43.83
N LEU N 88 13.30 111.30 -43.48
CA LEU N 88 14.31 111.82 -44.41
C LEU N 88 15.48 110.87 -44.48
N PRO N 89 15.69 110.20 -45.60
CA PRO N 89 16.90 109.39 -45.79
C PRO N 89 18.13 110.28 -45.85
N LYS N 90 19.25 109.72 -45.38
CA LYS N 90 20.45 110.55 -45.26
C LYS N 90 21.00 110.94 -46.63
N THR N 91 20.97 110.01 -47.59
CA THR N 91 21.45 110.31 -48.94
C THR N 91 20.60 111.36 -49.65
N TYR N 92 19.39 111.61 -49.15
CA TYR N 92 18.49 112.59 -49.77
C TYR N 92 19.03 114.01 -49.58
N PRO N 93 19.00 114.86 -50.62
CA PRO N 93 19.70 116.15 -50.52
C PRO N 93 18.95 117.22 -49.74
N ASN N 94 19.71 117.97 -48.95
CA ASN N 94 19.13 118.98 -48.07
C ASN N 94 18.29 119.99 -48.83
N GLU N 95 18.69 120.32 -50.06
CA GLU N 95 17.92 121.26 -50.85
C GLU N 95 16.51 120.74 -51.12
N HIS N 96 16.39 119.50 -51.58
CA HIS N 96 15.08 118.92 -51.82
C HIS N 96 14.29 118.73 -50.53
N ILE N 97 14.96 118.60 -49.38
CA ILE N 97 14.21 118.59 -48.10
C ILE N 97 13.56 119.95 -47.85
N THR N 98 14.33 121.04 -48.02
CA THR N 98 13.74 122.37 -47.86
C THR N 98 12.53 122.52 -48.79
N LYS N 99 12.67 122.03 -50.03
CA LYS N 99 11.55 122.02 -50.97
C LYS N 99 10.34 121.29 -50.39
N LEU N 100 10.56 120.07 -49.88
CA LEU N 100 9.46 119.29 -49.33
C LEU N 100 8.72 120.06 -48.24
N ARG N 101 9.47 120.62 -47.29
CA ARG N 101 8.83 121.38 -46.20
C ARG N 101 7.98 122.52 -46.75
N GLN N 102 8.54 123.28 -47.70
CA GLN N 102 7.78 124.43 -48.22
C GLN N 102 6.51 123.98 -48.93
N THR N 103 6.57 122.89 -49.70
CA THR N 103 5.37 122.42 -50.39
C THR N 103 4.33 121.91 -49.41
N LEU N 104 4.76 121.33 -48.28
CA LEU N 104 3.78 120.95 -47.26
C LEU N 104 3.08 122.18 -46.71
N ILE N 105 3.82 123.25 -46.45
CA ILE N 105 3.19 124.51 -46.04
C ILE N 105 2.15 124.95 -47.06
N ALA N 106 2.55 124.96 -48.34
CA ALA N 106 1.63 125.37 -49.40
C ALA N 106 0.38 124.52 -49.42
N TRP N 107 0.53 123.21 -49.27
CA TRP N 107 -0.61 122.30 -49.26
C TRP N 107 -1.54 122.61 -48.10
N LEU N 108 -1.00 122.77 -46.90
CA LEU N 108 -1.79 123.12 -45.73
C LEU N 108 -2.52 124.43 -45.91
N GLY N 109 -2.07 125.27 -46.84
CA GLY N 109 -2.83 126.47 -47.20
C GLY N 109 -4.11 126.24 -47.97
N GLN N 110 -4.16 125.19 -48.80
CA GLN N 110 -5.17 125.05 -49.84
C GLN N 110 -6.54 124.70 -49.28
N GLN N 111 -7.57 124.98 -50.08
CA GLN N 111 -8.94 124.72 -49.67
C GLN N 111 -9.21 123.23 -49.54
N CYS N 112 -8.68 122.44 -50.48
CA CYS N 112 -8.92 121.00 -50.44
C CYS N 112 -8.40 120.37 -49.16
N VAL N 113 -7.51 121.07 -48.44
CA VAL N 113 -7.04 120.63 -47.14
C VAL N 113 -7.80 121.29 -46.01
N SER N 114 -8.12 122.58 -46.15
CA SER N 114 -8.81 123.29 -45.06
C SER N 114 -10.22 122.77 -44.87
N ASP N 115 -10.95 122.49 -45.96
CA ASP N 115 -12.32 122.06 -45.86
C ASP N 115 -12.49 120.79 -44.98
N PRO N 116 -11.71 119.73 -45.20
CA PRO N 116 -11.85 118.58 -44.27
C PRO N 116 -11.28 118.86 -42.89
N VAL N 117 -10.11 119.49 -42.79
CA VAL N 117 -9.53 119.77 -41.48
C VAL N 117 -10.43 120.72 -40.69
N ASP N 118 -10.69 121.91 -41.24
CA ASP N 118 -11.38 122.93 -40.47
C ASP N 118 -12.82 122.53 -40.15
N SER N 119 -13.60 122.18 -41.16
CA SER N 119 -15.04 121.97 -40.97
C SER N 119 -15.51 120.56 -41.25
N GLY N 120 -14.67 119.67 -41.77
CA GLY N 120 -15.07 118.31 -42.02
C GLY N 120 -15.69 118.04 -43.38
N LEU N 121 -15.69 119.03 -44.27
CA LEU N 121 -16.18 118.81 -45.63
C LEU N 121 -15.16 118.00 -46.42
N ASN N 122 -15.58 116.87 -46.96
CA ASN N 122 -14.70 116.17 -47.88
C ASN N 122 -14.81 116.78 -49.28
N ASN N 123 -13.81 116.48 -50.10
CA ASN N 123 -13.82 117.00 -51.45
C ASN N 123 -14.52 116.04 -52.38
N TYR N 124 -15.18 116.61 -53.39
CA TYR N 124 -16.01 115.82 -54.29
C TYR N 124 -15.84 116.28 -55.71
N MET O 1 30.27 126.82 -18.98
CA MET O 1 30.29 127.76 -20.09
C MET O 1 28.96 127.72 -20.82
N ARG O 2 28.47 128.88 -21.24
CA ARG O 2 27.30 128.98 -22.13
C ARG O 2 27.71 128.54 -23.53
N LEU O 3 27.28 127.35 -23.94
CA LEU O 3 27.76 126.80 -25.19
C LEU O 3 27.24 127.62 -26.36
N THR O 4 28.16 127.98 -27.26
CA THR O 4 27.81 128.57 -28.54
C THR O 4 28.79 128.05 -29.58
N ASP O 5 28.44 128.26 -30.85
CA ASP O 5 29.29 127.83 -31.95
C ASP O 5 30.69 128.37 -31.76
N VAL O 6 31.69 127.62 -32.23
CA VAL O 6 33.07 128.05 -32.10
C VAL O 6 33.76 127.93 -33.46
N ASP O 7 34.81 128.73 -33.60
CA ASP O 7 35.70 128.67 -34.76
C ASP O 7 37.11 128.44 -34.23
N LEU O 8 37.79 127.46 -34.82
CA LEU O 8 39.12 127.05 -34.40
C LEU O 8 40.16 127.47 -35.42
N THR O 9 41.29 127.92 -34.92
CA THR O 9 42.43 128.25 -35.76
C THR O 9 43.30 127.00 -35.88
N VAL O 10 43.40 126.47 -37.09
CA VAL O 10 44.07 125.19 -37.33
C VAL O 10 45.19 125.42 -38.34
N GLY O 11 46.41 125.54 -37.84
CA GLY O 11 47.53 125.88 -38.71
C GLY O 11 47.26 127.17 -39.43
N GLU O 12 47.08 127.11 -40.74
CA GLU O 12 46.83 128.29 -41.55
C GLU O 12 45.44 128.28 -42.17
N GLU O 13 44.50 127.57 -41.56
CA GLU O 13 43.12 127.58 -42.00
C GLU O 13 42.22 127.82 -40.79
N THR O 14 40.96 128.12 -41.06
CA THR O 14 39.97 128.31 -40.01
C THR O 14 38.87 127.27 -40.16
N ARG O 15 38.58 126.57 -39.06
CA ARG O 15 37.62 125.49 -39.01
C ARG O 15 36.41 125.95 -38.23
N GLU O 16 35.21 125.83 -38.81
CA GLU O 16 34.01 126.38 -38.21
C GLU O 16 33.10 125.25 -37.76
N TYR O 17 32.86 125.15 -36.45
CA TYR O 17 31.94 124.17 -35.90
C TYR O 17 30.67 124.87 -35.44
N ALA O 18 29.59 124.09 -35.35
CA ALA O 18 28.30 124.56 -34.86
C ALA O 18 27.75 123.55 -33.87
N VAL O 19 27.10 124.06 -32.82
CA VAL O 19 26.54 123.18 -31.81
C VAL O 19 25.47 122.31 -32.45
N SER O 20 25.63 120.99 -32.31
CA SER O 20 24.66 120.04 -32.82
C SER O 20 23.80 119.40 -31.74
N GLU O 21 24.29 119.29 -30.51
CA GLU O 21 23.39 118.97 -29.40
C GLU O 21 24.07 119.32 -28.09
N GLN O 22 23.26 119.65 -27.08
CA GLN O 22 23.76 119.90 -25.74
C GLN O 22 22.86 119.21 -24.73
N GLN O 23 23.45 118.29 -23.96
CA GLN O 23 22.78 117.60 -22.87
C GLN O 23 23.45 117.99 -21.55
N GLY O 24 22.99 117.35 -20.47
CA GLY O 24 23.46 117.74 -19.15
C GLY O 24 24.94 117.55 -18.98
N THR O 25 25.44 116.38 -19.37
CA THR O 25 26.85 116.03 -19.23
C THR O 25 27.54 115.80 -20.57
N LEU O 26 26.84 116.05 -21.68
CA LEU O 26 27.36 115.75 -23.01
C LEU O 26 27.05 116.91 -23.96
N PHE O 27 27.95 117.12 -24.91
CA PHE O 27 27.68 118.06 -26.01
C PHE O 27 28.38 117.58 -27.27
N ARG O 28 27.88 118.09 -28.41
CA ARG O 28 28.36 117.69 -29.72
C ARG O 28 28.33 118.88 -30.67
N PHE O 29 29.46 119.11 -31.33
CA PHE O 29 29.65 120.06 -32.41
C PHE O 29 29.80 119.32 -33.74
N VAL O 30 29.44 120.01 -34.82
CA VAL O 30 29.55 119.49 -36.18
C VAL O 30 30.25 120.54 -37.06
N ASP O 31 31.14 120.07 -37.95
CA ASP O 31 31.83 120.97 -38.88
C ASP O 31 30.83 121.58 -39.86
N LYS O 32 30.81 122.92 -39.91
CA LYS O 32 29.83 123.64 -40.71
C LYS O 32 29.95 123.37 -42.20
N SER O 33 31.08 122.82 -42.65
CA SER O 33 31.28 122.54 -44.06
C SER O 33 30.61 121.25 -44.53
N GLY O 34 29.74 120.63 -43.71
CA GLY O 34 29.26 119.29 -43.97
C GLY O 34 27.74 119.19 -44.10
N THR O 35 27.32 118.02 -44.56
CA THR O 35 25.92 117.65 -44.75
C THR O 35 25.66 116.35 -44.00
N VAL O 36 24.38 116.03 -43.76
CA VAL O 36 24.05 114.70 -43.29
C VAL O 36 24.57 113.67 -44.29
N ALA O 37 24.43 113.96 -45.58
CA ALA O 37 24.89 113.02 -46.62
C ALA O 37 26.40 112.92 -46.61
N ASN O 38 27.09 114.06 -46.66
CA ASN O 38 28.55 114.07 -46.66
C ASN O 38 29.03 114.82 -45.42
N ASN O 39 29.33 114.09 -44.37
CA ASN O 39 29.83 114.69 -43.14
C ASN O 39 31.33 114.93 -43.24
N THR O 40 31.78 115.99 -42.57
CA THR O 40 33.15 116.45 -42.67
C THR O 40 33.88 116.51 -41.34
N GLY O 41 33.18 116.42 -40.22
CA GLY O 41 33.83 116.46 -38.93
C GLY O 41 32.85 116.54 -37.80
N VAL O 42 33.14 115.87 -36.69
CA VAL O 42 32.31 115.93 -35.50
C VAL O 42 33.22 115.94 -34.29
N PHE O 43 32.77 116.62 -33.23
CA PHE O 43 33.45 116.62 -31.96
C PHE O 43 32.40 116.42 -30.86
N SER O 44 32.72 115.57 -29.90
CA SER O 44 31.79 115.28 -28.82
C SER O 44 32.57 115.14 -27.51
N LEU O 45 31.93 115.57 -26.42
CA LEU O 45 32.55 115.50 -25.11
C LEU O 45 31.51 115.14 -24.06
N GLU O 46 31.89 114.28 -23.12
CA GLU O 46 31.01 113.82 -22.05
C GLU O 46 31.79 113.73 -20.76
N GLN O 47 31.18 114.15 -19.65
CA GLN O 47 31.76 113.97 -18.33
C GLN O 47 30.92 112.96 -17.56
N ARG O 48 31.58 111.94 -17.03
CA ARG O 48 31.00 111.03 -16.05
C ARG O 48 31.62 111.41 -14.71
N PHE O 49 30.89 112.26 -13.97
CA PHE O 49 31.27 112.57 -12.60
C PHE O 49 31.06 111.33 -11.75
N GLY O 50 32.14 110.79 -11.21
CA GLY O 50 32.06 109.50 -10.56
C GLY O 50 31.45 109.56 -9.17
N ALA O 51 31.29 108.36 -8.58
CA ALA O 51 30.91 108.27 -7.19
C ALA O 51 31.95 108.97 -6.31
N ALA O 52 31.56 109.22 -5.06
CA ALA O 52 32.41 110.02 -4.17
C ALA O 52 33.77 109.38 -3.95
N ASN O 53 33.87 108.06 -4.11
CA ASN O 53 35.16 107.38 -3.98
C ASN O 53 35.96 107.39 -5.28
N SER O 54 35.29 107.41 -6.42
CA SER O 54 35.93 107.25 -7.71
C SER O 54 36.41 108.59 -8.26
N ASN O 55 37.24 108.51 -9.29
CA ASN O 55 37.65 109.67 -10.07
C ASN O 55 36.55 110.04 -11.05
N ARG O 56 36.51 111.31 -11.43
CA ARG O 56 35.63 111.71 -12.51
C ARG O 56 36.38 111.58 -13.83
N LYS O 57 35.62 111.27 -14.88
CA LYS O 57 36.18 111.03 -16.20
C LYS O 57 35.59 112.03 -17.19
N VAL O 58 36.43 112.56 -18.06
CA VAL O 58 35.97 113.38 -19.17
C VAL O 58 36.53 112.78 -20.45
N THR O 59 35.65 112.54 -21.42
CA THR O 59 36.06 111.91 -22.65
C THR O 59 35.64 112.76 -23.84
N MET O 60 36.51 112.81 -24.85
CA MET O 60 36.29 113.55 -26.07
C MET O 60 36.58 112.64 -27.26
N LEU O 61 35.74 112.78 -28.28
CA LEU O 61 35.94 112.09 -29.55
C LEU O 61 35.88 113.11 -30.68
N LEU O 62 36.94 113.14 -31.49
CA LEU O 62 37.03 113.95 -32.69
C LEU O 62 37.09 113.01 -33.88
N THR O 63 36.17 113.19 -34.82
CA THR O 63 36.11 112.32 -35.99
C THR O 63 36.16 113.17 -37.25
N ASP O 64 37.14 112.87 -38.11
CA ASP O 64 37.30 113.54 -39.40
C ASP O 64 37.16 112.50 -40.50
N PRO O 65 36.06 112.52 -41.23
CA PRO O 65 35.92 111.66 -42.40
C PRO O 65 36.35 112.35 -43.67
N VAL O 66 36.90 111.55 -44.59
CA VAL O 66 37.40 112.00 -45.88
C VAL O 66 36.94 111.01 -46.94
N VAL O 67 36.63 111.52 -48.11
CA VAL O 67 36.31 110.67 -49.25
C VAL O 67 37.60 110.29 -49.96
N VAL O 68 37.69 109.03 -50.36
CA VAL O 68 38.87 108.48 -51.02
C VAL O 68 38.40 107.60 -52.16
N LYS O 69 39.04 107.72 -53.32
CA LYS O 69 38.73 106.83 -54.43
C LYS O 69 39.22 105.43 -54.10
N ASP O 70 38.49 104.43 -54.57
CA ASP O 70 38.81 103.03 -54.34
C ASP O 70 39.65 102.49 -55.49
N ALA O 71 40.27 101.32 -55.25
CA ALA O 71 40.94 100.62 -56.34
C ALA O 71 39.96 100.30 -57.46
N SER O 72 38.71 100.02 -57.12
CA SER O 72 37.64 99.84 -58.10
C SER O 72 37.14 101.15 -58.69
N GLY O 73 37.67 102.29 -58.23
CA GLY O 73 37.20 103.59 -58.64
C GLY O 73 36.06 104.15 -57.81
N ALA O 74 35.27 103.27 -57.17
CA ALA O 74 34.13 103.71 -56.38
C ALA O 74 34.58 104.68 -55.28
N ASP O 75 33.69 105.61 -54.94
CA ASP O 75 33.97 106.56 -53.89
C ASP O 75 33.67 105.95 -52.52
N MET O 76 34.59 106.12 -51.58
CA MET O 76 34.56 105.42 -50.30
C MET O 76 34.87 106.43 -49.20
N THR O 77 34.00 106.52 -48.20
CA THR O 77 34.19 107.46 -47.10
C THR O 77 34.90 106.77 -45.94
N ILE O 78 35.97 107.37 -45.45
CA ILE O 78 36.86 106.79 -44.45
C ILE O 78 37.00 107.76 -43.30
N LYS O 79 36.88 107.24 -42.07
CA LYS O 79 36.95 108.08 -40.88
C LYS O 79 38.26 107.83 -40.14
N ALA O 80 38.85 108.91 -39.61
CA ALA O 80 39.96 108.86 -38.68
C ALA O 80 39.52 109.45 -37.36
N ASN O 81 39.91 108.83 -36.25
CA ASN O 81 39.41 109.22 -34.95
C ASN O 81 40.54 109.60 -34.01
N ALA O 82 40.27 110.58 -33.16
CA ALA O 82 41.13 110.90 -32.03
C ALA O 82 40.25 110.93 -30.80
N SER O 83 40.72 110.30 -29.72
CA SER O 83 39.94 110.25 -28.49
C SER O 83 40.84 110.60 -27.31
N VAL O 84 40.37 111.53 -26.48
CA VAL O 84 41.11 111.96 -25.29
C VAL O 84 40.26 111.63 -24.08
N THR O 85 40.91 111.19 -23.00
CA THR O 85 40.23 110.88 -21.75
C THR O 85 41.05 111.39 -20.58
N PHE O 86 40.43 112.23 -19.75
CA PHE O 86 41.01 112.77 -18.54
C PHE O 86 40.41 112.01 -17.36
N SER O 87 41.27 111.33 -16.60
CA SER O 87 40.89 110.72 -15.34
C SER O 87 41.41 111.63 -14.24
N LEU O 88 40.49 112.27 -13.53
CA LEU O 88 40.81 113.29 -12.55
C LEU O 88 40.23 112.92 -11.20
N PRO O 89 41.06 112.57 -10.23
CA PRO O 89 40.57 112.30 -8.88
C PRO O 89 40.02 113.57 -8.24
N LYS O 90 39.08 113.39 -7.32
CA LYS O 90 38.43 114.53 -6.71
C LYS O 90 39.42 115.38 -5.92
N THR O 91 40.29 114.73 -5.15
CA THR O 91 41.24 115.44 -4.29
C THR O 91 42.31 116.19 -5.09
N TYR O 92 42.43 115.91 -6.38
CA TYR O 92 43.42 116.58 -7.22
C TYR O 92 43.01 118.04 -7.44
N PRO O 93 43.92 119.00 -7.31
CA PRO O 93 43.52 120.41 -7.37
C PRO O 93 43.29 120.92 -8.80
N ASN O 94 42.24 121.73 -8.93
CA ASN O 94 41.86 122.26 -10.24
C ASN O 94 43.02 122.94 -10.95
N GLU O 95 43.90 123.59 -10.19
CA GLU O 95 45.07 124.24 -10.77
C GLU O 95 45.94 123.25 -11.53
N HIS O 96 46.39 122.20 -10.86
CA HIS O 96 47.22 121.19 -11.53
C HIS O 96 46.48 120.48 -12.64
N ILE O 97 45.14 120.42 -12.59
CA ILE O 97 44.39 119.90 -13.74
C ILE O 97 44.61 120.79 -14.98
N THR O 98 44.42 122.10 -14.83
CA THR O 98 44.66 123.00 -15.98
C THR O 98 46.09 122.84 -16.47
N LYS O 99 47.04 122.69 -15.54
CA LYS O 99 48.43 122.41 -15.92
C LYS O 99 48.53 121.18 -16.81
N LEU O 100 47.89 120.08 -16.38
CA LEU O 100 47.90 118.85 -17.16
C LEU O 100 47.37 119.07 -18.57
N ARG O 101 46.22 119.73 -18.68
CA ARG O 101 45.62 119.96 -20.01
C ARG O 101 46.57 120.75 -20.91
N GLN O 102 47.17 121.81 -20.36
CA GLN O 102 48.04 122.63 -21.18
C GLN O 102 49.29 121.87 -21.61
N THR O 103 49.90 121.09 -20.70
CA THR O 103 51.05 120.29 -21.11
C THR O 103 50.67 119.26 -22.17
N LEU O 104 49.45 118.75 -22.14
CA LEU O 104 49.02 117.83 -23.21
C LEU O 104 48.94 118.55 -24.54
N ILE O 105 48.39 119.76 -24.55
CA ILE O 105 48.39 120.55 -25.79
C ILE O 105 49.81 120.73 -26.31
N ALA O 106 50.72 121.11 -25.42
CA ALA O 106 52.12 121.32 -25.79
C ALA O 106 52.71 120.06 -26.41
N TRP O 107 52.50 118.92 -25.76
CA TRP O 107 53.02 117.66 -26.28
C TRP O 107 52.46 117.36 -27.66
N LEU O 108 51.14 117.54 -27.83
CA LEU O 108 50.51 117.27 -29.12
C LEU O 108 51.07 118.13 -30.23
N GLY O 109 51.63 119.29 -29.87
CA GLY O 109 52.31 120.13 -30.85
C GLY O 109 53.68 119.63 -31.28
N GLN O 110 54.33 118.84 -30.43
CA GLN O 110 55.74 118.49 -30.61
C GLN O 110 55.94 117.58 -31.82
N GLN O 111 57.16 117.59 -32.35
CA GLN O 111 57.47 116.76 -33.50
C GLN O 111 57.57 115.28 -33.11
N CYS O 112 58.07 114.98 -31.91
CA CYS O 112 58.15 113.59 -31.49
C CYS O 112 56.77 112.95 -31.40
N VAL O 113 55.73 113.75 -31.27
CA VAL O 113 54.36 113.26 -31.28
C VAL O 113 53.76 113.31 -32.68
N SER O 114 54.04 114.37 -33.44
CA SER O 114 53.42 114.53 -34.74
C SER O 114 53.96 113.50 -35.75
N ASP O 115 55.27 113.24 -35.72
CA ASP O 115 55.85 112.32 -36.70
C ASP O 115 55.21 110.94 -36.67
N PRO O 116 55.05 110.27 -35.53
CA PRO O 116 54.34 108.98 -35.57
C PRO O 116 52.85 109.11 -35.87
N VAL O 117 52.19 110.12 -35.30
CA VAL O 117 50.76 110.30 -35.56
C VAL O 117 50.52 110.64 -37.03
N ASP O 118 51.20 111.68 -37.53
CA ASP O 118 50.90 112.17 -38.87
C ASP O 118 51.39 111.22 -39.96
N SER O 119 52.63 110.74 -39.84
CA SER O 119 53.27 110.02 -40.94
C SER O 119 53.55 108.56 -40.64
N GLY O 120 53.32 108.09 -39.41
CA GLY O 120 53.57 106.71 -39.08
C GLY O 120 55.01 106.34 -38.89
N LEU O 121 55.91 107.32 -38.81
CA LEU O 121 57.32 107.06 -38.55
C LEU O 121 57.58 107.10 -37.04
N ASN O 122 58.27 106.09 -36.53
CA ASN O 122 58.61 106.08 -35.13
C ASN O 122 59.87 106.93 -34.87
N ASN O 123 60.08 107.25 -33.61
CA ASN O 123 61.23 108.05 -33.22
C ASN O 123 62.41 107.15 -32.92
N TYR O 124 63.60 107.76 -32.86
CA TYR O 124 64.86 107.04 -32.66
C TYR O 124 65.92 107.89 -31.94
N MET P 1 83.94 -84.05 -59.16
CA MET P 1 84.66 -85.30 -58.92
C MET P 1 83.85 -86.26 -58.06
N ARG P 2 83.84 -87.54 -58.41
CA ARG P 2 83.24 -88.55 -57.56
C ARG P 2 84.04 -88.66 -56.27
N LEU P 3 83.40 -88.31 -55.16
CA LEU P 3 84.09 -88.22 -53.88
C LEU P 3 84.59 -89.59 -53.43
N THR P 4 85.78 -89.57 -52.83
CA THR P 4 86.35 -90.76 -52.21
C THR P 4 87.07 -90.31 -50.96
N ASP P 5 87.25 -91.23 -50.02
CA ASP P 5 88.04 -90.94 -48.84
C ASP P 5 89.39 -90.38 -49.27
N VAL P 6 89.97 -89.53 -48.43
CA VAL P 6 91.13 -88.75 -48.83
C VAL P 6 92.25 -89.00 -47.83
N ASP P 7 93.46 -89.15 -48.34
CA ASP P 7 94.65 -89.28 -47.50
C ASP P 7 95.59 -88.15 -47.86
N LEU P 8 95.92 -87.33 -46.86
CA LEU P 8 96.75 -86.14 -47.03
C LEU P 8 98.11 -86.40 -46.41
N THR P 9 99.16 -85.95 -47.10
CA THR P 9 100.49 -85.96 -46.53
C THR P 9 100.72 -84.60 -45.88
N VAL P 10 100.95 -84.60 -44.57
CA VAL P 10 101.03 -83.38 -43.77
C VAL P 10 102.37 -83.35 -43.08
N GLY P 11 103.28 -82.51 -43.57
CA GLY P 11 104.63 -82.50 -43.03
C GLY P 11 105.23 -83.87 -43.13
N GLU P 12 105.44 -84.52 -41.99
CA GLU P 12 106.05 -85.84 -41.98
C GLU P 12 105.11 -86.89 -41.42
N GLU P 13 103.81 -86.62 -41.45
CA GLU P 13 102.79 -87.56 -41.01
C GLU P 13 101.77 -87.71 -42.12
N THR P 14 100.90 -88.70 -42.00
CA THR P 14 99.81 -88.88 -42.96
C THR P 14 98.47 -88.86 -42.23
N ARG P 15 97.57 -88.02 -42.74
CA ARG P 15 96.27 -87.78 -42.14
C ARG P 15 95.20 -88.36 -43.04
N GLU P 16 94.27 -89.14 -42.46
CA GLU P 16 93.26 -89.85 -43.24
C GLU P 16 91.88 -89.33 -42.89
N TYR P 17 91.16 -88.86 -43.91
CA TYR P 17 89.80 -88.36 -43.81
C TYR P 17 88.85 -89.28 -44.56
N ALA P 18 87.61 -89.31 -44.08
CA ALA P 18 86.55 -90.09 -44.69
C ALA P 18 85.34 -89.19 -44.97
N VAL P 19 84.64 -89.48 -46.07
CA VAL P 19 83.47 -88.69 -46.44
C VAL P 19 82.40 -88.85 -45.39
N SER P 20 81.90 -87.73 -44.87
CA SER P 20 80.80 -87.72 -43.91
C SER P 20 79.47 -87.32 -44.49
N GLU P 21 79.42 -86.33 -45.38
CA GLU P 21 78.18 -86.08 -46.11
C GLU P 21 78.48 -85.32 -47.39
N GLN P 22 77.60 -85.50 -48.38
CA GLN P 22 77.73 -84.81 -49.65
C GLN P 22 76.36 -84.32 -50.08
N GLN P 23 76.24 -83.02 -50.31
CA GLN P 23 75.05 -82.39 -50.84
C GLN P 23 75.35 -81.88 -52.23
N GLY P 24 74.40 -81.16 -52.81
CA GLY P 24 74.57 -80.68 -54.17
C GLY P 24 75.77 -79.76 -54.31
N THR P 25 75.90 -78.82 -53.36
CA THR P 25 76.97 -77.83 -53.39
C THR P 25 77.80 -77.83 -52.11
N LEU P 26 77.71 -78.90 -51.31
CA LEU P 26 78.40 -78.96 -50.03
C LEU P 26 78.90 -80.38 -49.78
N PHE P 27 80.06 -80.49 -49.14
CA PHE P 27 80.54 -81.78 -48.66
C PHE P 27 81.33 -81.60 -47.37
N ARG P 28 81.46 -82.71 -46.65
CA ARG P 28 82.14 -82.74 -45.36
C ARG P 28 82.86 -84.06 -45.18
N PHE P 29 84.14 -83.95 -44.82
CA PHE P 29 85.01 -85.04 -44.40
C PHE P 29 85.27 -84.97 -42.90
N VAL P 30 85.55 -86.14 -42.32
CA VAL P 30 85.90 -86.28 -40.91
C VAL P 30 87.24 -87.01 -40.82
N ASP P 31 88.07 -86.59 -39.85
CA ASP P 31 89.34 -87.27 -39.59
C ASP P 31 89.08 -88.66 -39.02
N LYS P 32 89.63 -89.69 -39.69
CA LYS P 32 89.42 -91.06 -39.26
C LYS P 32 90.00 -91.35 -37.88
N SER P 33 90.80 -90.43 -37.33
CA SER P 33 91.35 -90.60 -35.99
C SER P 33 90.28 -90.55 -34.91
N GLY P 34 89.08 -90.07 -35.22
CA GLY P 34 88.11 -89.69 -34.22
C GLY P 34 86.80 -90.46 -34.29
N THR P 35 86.00 -90.27 -33.25
CA THR P 35 84.68 -90.84 -33.06
C THR P 35 83.63 -89.73 -33.17
N VAL P 36 82.37 -90.15 -33.36
CA VAL P 36 81.26 -89.25 -33.07
C VAL P 36 81.46 -88.62 -31.70
N ALA P 37 81.77 -89.43 -30.70
CA ALA P 37 81.99 -88.94 -29.34
C ALA P 37 83.15 -87.97 -29.28
N ASN P 38 84.34 -88.44 -29.62
CA ASN P 38 85.54 -87.61 -29.59
C ASN P 38 86.00 -87.35 -31.02
N ASN P 39 85.97 -86.10 -31.44
CA ASN P 39 86.32 -85.72 -32.80
C ASN P 39 87.74 -85.18 -32.86
N THR P 40 88.47 -85.58 -33.90
CA THR P 40 89.85 -85.14 -34.10
C THR P 40 90.01 -84.13 -35.22
N GLY P 41 89.04 -83.99 -36.12
CA GLY P 41 89.17 -83.04 -37.20
C GLY P 41 88.01 -83.06 -38.16
N VAL P 42 87.69 -81.92 -38.76
CA VAL P 42 86.59 -81.83 -39.71
C VAL P 42 86.97 -80.88 -40.83
N PHE P 43 86.50 -81.18 -42.03
CA PHE P 43 86.68 -80.30 -43.17
C PHE P 43 85.37 -80.21 -43.94
N SER P 44 85.00 -78.98 -44.30
CA SER P 44 83.75 -78.75 -45.01
C SER P 44 83.98 -77.73 -46.12
N LEU P 45 83.28 -77.92 -47.23
CA LEU P 45 83.40 -77.03 -48.40
C LEU P 45 82.03 -76.82 -49.02
N GLU P 46 81.70 -75.57 -49.34
CA GLU P 46 80.42 -75.20 -49.95
C GLU P 46 80.63 -74.15 -51.04
N GLN P 47 79.93 -74.33 -52.16
CA GLN P 47 79.95 -73.35 -53.25
C GLN P 47 78.60 -72.66 -53.36
N ARG P 48 78.63 -71.36 -53.60
CA ARG P 48 77.44 -70.52 -53.75
C ARG P 48 77.58 -69.79 -55.09
N PHE P 49 76.87 -70.31 -56.09
CA PHE P 49 76.81 -69.72 -57.43
C PHE P 49 75.77 -68.59 -57.39
N GLY P 50 76.23 -67.36 -57.57
CA GLY P 50 75.34 -66.21 -57.52
C GLY P 50 74.66 -65.95 -58.86
N ALA P 51 74.04 -64.77 -58.96
CA ALA P 51 73.51 -64.35 -60.26
C ALA P 51 74.65 -63.97 -61.21
N ALA P 52 74.30 -63.76 -62.49
CA ALA P 52 75.31 -63.50 -63.50
C ALA P 52 76.08 -62.21 -63.24
N ASN P 53 75.52 -61.28 -62.47
CA ASN P 53 76.25 -60.11 -62.02
C ASN P 53 77.04 -60.36 -60.75
N SER P 54 76.77 -61.47 -60.06
CA SER P 54 77.43 -61.78 -58.80
C SER P 54 78.61 -62.71 -59.02
N ASN P 55 79.61 -62.59 -58.16
CA ASN P 55 80.73 -63.52 -58.15
C ASN P 55 80.29 -64.80 -57.45
N ARG P 56 80.66 -65.95 -58.02
CA ARG P 56 80.45 -67.19 -57.29
C ARG P 56 81.47 -67.26 -56.16
N LYS P 57 81.08 -67.92 -55.08
CA LYS P 57 81.89 -67.94 -53.88
C LYS P 57 82.07 -69.38 -53.41
N VAL P 58 83.24 -69.67 -52.85
CA VAL P 58 83.57 -71.02 -52.42
C VAL P 58 84.22 -70.92 -51.05
N THR P 59 83.67 -71.61 -50.05
CA THR P 59 84.16 -71.46 -48.70
C THR P 59 84.49 -72.81 -48.07
N MET P 60 85.61 -72.83 -47.35
CA MET P 60 86.13 -74.01 -46.69
C MET P 60 86.32 -73.71 -45.22
N LEU P 61 86.00 -74.69 -44.38
CA LEU P 61 86.24 -74.64 -42.94
C LEU P 61 86.97 -75.90 -42.51
N LEU P 62 88.14 -75.72 -41.89
CA LEU P 62 88.95 -76.80 -41.34
C LEU P 62 89.00 -76.58 -39.84
N THR P 63 88.54 -77.56 -39.08
CA THR P 63 88.49 -77.49 -37.62
C THR P 63 89.34 -78.61 -37.04
N ASP P 64 90.27 -78.23 -36.15
CA ASP P 64 91.13 -79.17 -35.45
C ASP P 64 90.95 -79.00 -33.95
N PRO P 65 90.25 -79.92 -33.30
CA PRO P 65 90.15 -79.89 -31.85
C PRO P 65 91.25 -80.73 -31.20
N VAL P 66 91.70 -80.24 -30.05
CA VAL P 66 92.75 -80.88 -29.26
C VAL P 66 92.30 -80.88 -27.81
N VAL P 67 92.66 -81.94 -27.09
CA VAL P 67 92.40 -81.99 -25.66
C VAL P 67 93.60 -81.40 -24.92
N VAL P 68 93.32 -80.46 -24.02
CA VAL P 68 94.33 -79.75 -23.25
C VAL P 68 94.02 -79.90 -21.78
N LYS P 69 95.06 -79.88 -20.96
CA LYS P 69 94.93 -79.91 -19.51
C LYS P 69 94.37 -78.58 -19.01
N ASP P 70 93.43 -78.67 -18.09
CA ASP P 70 92.90 -77.48 -17.42
C ASP P 70 93.93 -76.92 -16.43
N ALA P 71 93.73 -75.66 -16.05
CA ALA P 71 94.55 -75.10 -14.97
C ALA P 71 94.34 -75.86 -13.67
N SER P 72 93.13 -76.38 -13.47
CA SER P 72 92.87 -77.28 -12.36
C SER P 72 93.37 -78.69 -12.64
N GLY P 73 93.44 -79.08 -13.91
CA GLY P 73 93.87 -80.40 -14.31
C GLY P 73 92.83 -81.19 -15.10
N ALA P 74 91.59 -80.73 -15.16
CA ALA P 74 90.54 -81.43 -15.89
C ALA P 74 90.87 -81.50 -17.38
N ASP P 75 90.23 -82.46 -18.05
CA ASP P 75 90.35 -82.60 -19.49
C ASP P 75 89.40 -81.65 -20.18
N MET P 76 89.92 -80.85 -21.12
CA MET P 76 89.11 -79.84 -21.77
C MET P 76 89.41 -79.85 -23.26
N THR P 77 88.39 -79.76 -24.11
CA THR P 77 88.58 -79.78 -25.55
C THR P 77 88.54 -78.37 -26.12
N ILE P 78 89.53 -78.05 -26.96
CA ILE P 78 89.71 -76.71 -27.52
C ILE P 78 89.87 -76.85 -29.02
N LYS P 79 89.10 -76.07 -29.78
CA LYS P 79 89.13 -76.13 -31.23
C LYS P 79 89.90 -74.94 -31.78
N ALA P 80 90.60 -75.18 -32.89
CA ALA P 80 91.24 -74.14 -33.69
C ALA P 80 90.67 -74.20 -35.11
N ASN P 81 90.34 -73.04 -35.66
CA ASN P 81 89.62 -72.98 -36.92
C ASN P 81 90.47 -72.30 -37.97
N ALA P 82 90.36 -72.76 -39.21
CA ALA P 82 90.90 -72.05 -40.36
C ALA P 82 89.83 -72.04 -41.44
N SER P 83 89.63 -70.88 -42.06
CA SER P 83 88.58 -70.76 -43.06
C SER P 83 89.11 -70.02 -44.28
N VAL P 84 88.83 -70.58 -45.46
CA VAL P 84 89.25 -69.98 -46.71
C VAL P 84 87.99 -69.62 -47.50
N THR P 85 88.05 -68.51 -48.23
CA THR P 85 86.94 -68.09 -49.09
C THR P 85 87.50 -67.56 -50.40
N PHE P 86 87.08 -68.17 -51.50
CA PHE P 86 87.43 -67.77 -52.86
C PHE P 86 86.25 -67.00 -53.44
N SER P 87 86.48 -65.72 -53.75
CA SER P 87 85.51 -64.91 -54.48
C SER P 87 85.98 -64.84 -55.93
N LEU P 88 85.22 -65.49 -56.81
CA LEU P 88 85.60 -65.68 -58.21
C LEU P 88 84.51 -65.11 -59.10
N PRO P 89 84.76 -64.00 -59.77
CA PRO P 89 83.80 -63.48 -60.75
C PRO P 89 83.67 -64.42 -61.94
N LYS P 90 82.51 -64.33 -62.59
CA LYS P 90 82.17 -65.25 -63.67
C LYS P 90 82.71 -64.80 -65.02
N THR P 91 83.46 -63.69 -65.06
CA THR P 91 84.22 -63.29 -66.23
C THR P 91 85.70 -63.58 -66.06
N TYR P 92 86.09 -64.10 -64.90
CA TYR P 92 87.47 -64.45 -64.60
C TYR P 92 87.79 -65.84 -65.15
N PRO P 93 88.94 -66.02 -65.80
CA PRO P 93 89.22 -67.32 -66.45
C PRO P 93 89.67 -68.40 -65.47
N ASN P 94 89.23 -69.62 -65.77
CA ASN P 94 89.49 -70.76 -64.89
C ASN P 94 91.00 -70.98 -64.71
N GLU P 95 91.78 -70.75 -65.76
CA GLU P 95 93.23 -70.87 -65.65
C GLU P 95 93.75 -70.00 -64.51
N HIS P 96 93.39 -68.72 -64.50
CA HIS P 96 93.89 -67.83 -63.46
C HIS P 96 93.31 -68.16 -62.10
N ILE P 97 92.13 -68.78 -62.04
CA ILE P 97 91.66 -69.29 -60.74
C ILE P 97 92.61 -70.37 -60.21
N THR P 98 93.01 -71.29 -61.09
CA THR P 98 93.98 -72.31 -60.65
C THR P 98 95.29 -71.66 -60.22
N LYS P 99 95.76 -70.68 -60.99
CA LYS P 99 96.96 -69.91 -60.61
C LYS P 99 96.80 -69.32 -59.22
N LEU P 100 95.64 -68.73 -58.94
CA LEU P 100 95.37 -68.12 -57.64
C LEU P 100 95.45 -69.16 -56.52
N ARG P 101 94.78 -70.30 -56.71
CA ARG P 101 94.79 -71.33 -55.68
C ARG P 101 96.22 -71.81 -55.40
N GLN P 102 97.02 -72.00 -56.44
CA GLN P 102 98.37 -72.48 -56.23
C GLN P 102 99.24 -71.42 -55.54
N THR P 103 99.11 -70.14 -55.93
CA THR P 103 99.85 -69.10 -55.22
C THR P 103 99.45 -69.03 -53.76
N LEU P 104 98.18 -69.29 -53.45
CA LEU P 104 97.76 -69.31 -52.06
C LEU P 104 98.45 -70.45 -51.30
N ILE P 105 98.52 -71.63 -51.91
CA ILE P 105 99.23 -72.74 -51.29
C ILE P 105 100.67 -72.36 -51.01
N ALA P 106 101.33 -71.76 -52.01
CA ALA P 106 102.72 -71.35 -51.85
C ALA P 106 102.87 -70.34 -50.72
N TRP P 107 101.97 -69.37 -50.64
CA TRP P 107 102.03 -68.38 -49.58
C TRP P 107 101.85 -69.02 -48.21
N LEU P 108 100.89 -69.94 -48.09
CA LEU P 108 100.68 -70.63 -46.84
C LEU P 108 101.89 -71.44 -46.43
N GLY P 109 102.74 -71.80 -47.39
CA GLY P 109 104.00 -72.44 -47.07
C GLY P 109 105.06 -71.52 -46.49
N GLN P 110 104.98 -70.23 -46.81
CA GLN P 110 106.07 -69.29 -46.53
C GLN P 110 106.28 -69.08 -45.03
N GLN P 111 107.51 -68.71 -44.68
CA GLN P 111 107.81 -68.46 -43.28
C GLN P 111 107.16 -67.18 -42.78
N CYS P 112 107.05 -66.16 -43.65
CA CYS P 112 106.42 -64.91 -43.24
C CYS P 112 104.94 -65.09 -42.95
N VAL P 113 104.32 -66.12 -43.49
CA VAL P 113 102.96 -66.50 -43.10
C VAL P 113 102.98 -67.45 -41.91
N SER P 114 103.99 -68.31 -41.83
CA SER P 114 104.05 -69.32 -40.78
C SER P 114 104.25 -68.70 -39.41
N ASP P 115 105.17 -67.73 -39.29
CA ASP P 115 105.50 -67.18 -37.97
C ASP P 115 104.30 -66.58 -37.26
N PRO P 116 103.50 -65.68 -37.86
CA PRO P 116 102.33 -65.18 -37.12
C PRO P 116 101.29 -66.26 -36.86
N VAL P 117 101.01 -67.11 -37.85
CA VAL P 117 100.01 -68.15 -37.66
C VAL P 117 100.46 -69.15 -36.60
N ASP P 118 101.63 -69.78 -36.82
CA ASP P 118 102.02 -70.90 -35.97
C ASP P 118 102.39 -70.44 -34.56
N SER P 119 103.12 -69.33 -34.43
CA SER P 119 103.68 -68.94 -33.15
C SER P 119 103.23 -67.58 -32.64
N GLY P 120 102.59 -66.76 -33.46
CA GLY P 120 102.15 -65.45 -33.03
C GLY P 120 103.15 -64.33 -33.21
N LEU P 121 104.35 -64.64 -33.67
CA LEU P 121 105.34 -63.59 -33.91
C LEU P 121 105.00 -62.83 -35.18
N ASN P 122 105.02 -61.51 -35.09
CA ASN P 122 104.87 -60.69 -36.30
C ASN P 122 106.21 -60.54 -37.02
N ASN P 123 106.14 -60.25 -38.31
CA ASN P 123 107.34 -60.02 -39.08
C ASN P 123 107.76 -58.55 -38.98
N TYR P 124 109.03 -58.30 -39.28
CA TYR P 124 109.57 -56.96 -39.11
C TYR P 124 110.47 -56.54 -40.28
N MET Q 1 69.98 -93.66 -63.03
CA MET Q 1 71.25 -94.17 -63.54
C MET Q 1 72.41 -93.59 -62.74
N ARG Q 2 73.58 -94.21 -62.87
CA ARG Q 2 74.80 -93.70 -62.25
C ARG Q 2 75.43 -92.67 -63.18
N LEU Q 3 75.39 -91.40 -62.77
CA LEU Q 3 75.84 -90.30 -63.62
C LEU Q 3 77.31 -90.46 -64.01
N THR Q 4 77.56 -90.32 -65.31
CA THR Q 4 78.90 -90.33 -65.87
C THR Q 4 78.97 -89.19 -66.86
N ASP Q 5 80.18 -88.63 -67.05
CA ASP Q 5 80.35 -87.58 -68.03
C ASP Q 5 79.83 -88.05 -69.38
N VAL Q 6 79.26 -87.14 -70.15
CA VAL Q 6 78.48 -87.51 -71.34
C VAL Q 6 79.12 -86.85 -72.55
N ASP Q 7 79.14 -87.57 -73.66
CA ASP Q 7 79.57 -87.02 -74.93
C ASP Q 7 78.46 -87.17 -75.96
N LEU Q 8 78.04 -86.03 -76.50
CA LEU Q 8 76.91 -85.95 -77.41
C LEU Q 8 77.41 -85.73 -78.82
N THR Q 9 76.85 -86.47 -79.76
CA THR Q 9 77.15 -86.27 -81.16
C THR Q 9 76.14 -85.25 -81.69
N VAL Q 10 76.62 -84.07 -82.03
CA VAL Q 10 75.79 -82.93 -82.40
C VAL Q 10 76.11 -82.58 -83.85
N GLY Q 11 75.27 -83.02 -84.77
CA GLY Q 11 75.55 -82.84 -86.17
C GLY Q 11 76.85 -83.52 -86.53
N GLU Q 12 77.87 -82.74 -86.87
CA GLU Q 12 79.17 -83.30 -87.22
C GLU Q 12 80.23 -82.96 -86.19
N GLU Q 13 79.82 -82.59 -84.99
CA GLU Q 13 80.74 -82.22 -83.94
C GLU Q 13 80.43 -83.08 -82.72
N THR Q 14 81.32 -83.05 -81.73
CA THR Q 14 81.09 -83.77 -80.49
C THR Q 14 81.21 -82.81 -79.32
N ARG Q 15 80.12 -82.66 -78.56
CA ARG Q 15 80.09 -81.88 -77.35
C ARG Q 15 80.39 -82.79 -76.17
N GLU Q 16 81.15 -82.28 -75.19
CA GLU Q 16 81.61 -83.09 -74.07
C GLU Q 16 81.27 -82.42 -72.75
N TYR Q 17 80.33 -82.98 -72.02
CA TYR Q 17 79.85 -82.43 -70.77
C TYR Q 17 80.37 -83.26 -69.60
N ALA Q 18 80.61 -82.56 -68.48
CA ALA Q 18 81.05 -83.16 -67.23
C ALA Q 18 80.03 -82.88 -66.14
N VAL Q 19 79.85 -83.87 -65.25
CA VAL Q 19 78.91 -83.71 -64.15
C VAL Q 19 79.38 -82.57 -63.25
N SER Q 20 78.48 -81.62 -63.00
CA SER Q 20 78.79 -80.47 -62.17
C SER Q 20 78.06 -80.43 -60.84
N GLU Q 21 76.85 -80.99 -60.75
CA GLU Q 21 76.29 -81.23 -59.43
C GLU Q 21 75.19 -82.29 -59.50
N GLN Q 22 75.04 -83.01 -58.39
CA GLN Q 22 74.01 -84.03 -58.22
C GLN Q 22 73.34 -83.83 -56.87
N GLN Q 23 72.05 -83.54 -56.89
CA GLN Q 23 71.25 -83.44 -55.68
C GLN Q 23 70.32 -84.65 -55.63
N GLY Q 24 69.28 -84.54 -54.81
CA GLY Q 24 68.33 -85.62 -54.71
C GLY Q 24 67.62 -85.83 -56.03
N THR Q 25 66.92 -84.79 -56.50
CA THR Q 25 66.10 -84.86 -57.70
C THR Q 25 66.64 -83.99 -58.83
N LEU Q 26 67.83 -83.42 -58.66
CA LEU Q 26 68.38 -82.46 -59.61
C LEU Q 26 69.81 -82.84 -59.96
N PHE Q 27 70.18 -82.62 -61.23
CA PHE Q 27 71.56 -82.77 -61.67
C PHE Q 27 71.90 -81.69 -62.68
N ARG Q 28 73.19 -81.50 -62.87
CA ARG Q 28 73.70 -80.44 -63.75
C ARG Q 28 75.02 -80.88 -64.36
N PHE Q 29 75.08 -80.84 -65.69
CA PHE Q 29 76.28 -81.02 -66.50
C PHE Q 29 76.78 -79.68 -67.02
N VAL Q 30 78.03 -79.68 -67.44
CA VAL Q 30 78.73 -78.47 -67.85
C VAL Q 30 79.61 -78.78 -69.05
N ASP Q 31 79.60 -77.90 -70.05
CA ASP Q 31 80.44 -78.10 -71.25
C ASP Q 31 81.92 -78.04 -70.88
N LYS Q 32 82.62 -79.16 -71.10
CA LYS Q 32 84.03 -79.22 -70.74
C LYS Q 32 84.86 -78.18 -71.46
N SER Q 33 84.45 -77.82 -72.68
CA SER Q 33 85.18 -76.88 -73.53
C SER Q 33 85.11 -75.45 -73.03
N GLY Q 34 84.53 -75.20 -71.85
CA GLY Q 34 84.39 -73.84 -71.38
C GLY Q 34 85.68 -73.35 -70.73
N THR Q 35 86.05 -72.11 -71.07
CA THR Q 35 87.23 -71.47 -70.48
C THR Q 35 86.89 -70.59 -69.30
N VAL Q 36 85.74 -69.91 -69.36
CA VAL Q 36 85.29 -69.03 -68.30
C VAL Q 36 83.89 -69.47 -67.91
N ALA Q 37 83.48 -69.05 -66.71
CA ALA Q 37 82.12 -69.32 -66.26
C ALA Q 37 81.09 -68.84 -67.28
N ASN Q 38 81.21 -67.59 -67.74
CA ASN Q 38 80.28 -67.06 -68.73
C ASN Q 38 80.46 -67.71 -70.09
N ASN Q 39 81.68 -68.12 -70.42
CA ASN Q 39 81.92 -68.87 -71.65
C ASN Q 39 81.18 -70.20 -71.65
N THR Q 40 80.92 -70.77 -70.47
CA THR Q 40 80.61 -72.18 -70.32
C THR Q 40 79.11 -72.47 -70.48
N GLY Q 41 78.77 -73.35 -71.41
CA GLY Q 41 77.41 -73.82 -71.53
C GLY Q 41 77.08 -74.84 -70.46
N VAL Q 42 75.78 -74.96 -70.15
CA VAL Q 42 75.34 -75.83 -69.06
C VAL Q 42 74.03 -76.51 -69.42
N PHE Q 43 73.76 -77.60 -68.71
CA PHE Q 43 72.52 -78.34 -68.87
C PHE Q 43 72.09 -78.87 -67.51
N SER Q 44 70.83 -78.63 -67.16
CA SER Q 44 70.34 -78.99 -65.85
C SER Q 44 68.98 -79.66 -65.98
N LEU Q 45 68.70 -80.60 -65.07
CA LEU Q 45 67.42 -81.32 -65.07
C LEU Q 45 66.98 -81.54 -63.63
N GLU Q 46 65.67 -81.41 -63.40
CA GLU Q 46 65.08 -81.56 -62.08
C GLU Q 46 63.71 -82.21 -62.20
N GLN Q 47 63.45 -83.19 -61.34
CA GLN Q 47 62.13 -83.81 -61.26
C GLN Q 47 61.42 -83.37 -60.00
N ARG Q 48 60.14 -83.04 -60.14
CA ARG Q 48 59.28 -82.65 -59.04
C ARG Q 48 58.13 -83.65 -59.03
N PHE Q 49 58.22 -84.61 -58.13
CA PHE Q 49 57.19 -85.64 -57.95
C PHE Q 49 56.10 -85.06 -57.05
N GLY Q 50 54.86 -85.07 -57.52
CA GLY Q 50 53.76 -84.48 -56.79
C GLY Q 50 53.04 -85.50 -55.90
N ALA Q 51 51.93 -85.05 -55.33
CA ALA Q 51 51.05 -85.97 -54.61
C ALA Q 51 50.38 -86.93 -55.61
N ALA Q 52 49.60 -87.87 -55.07
CA ALA Q 52 49.00 -88.88 -55.93
C ALA Q 52 47.96 -88.29 -56.88
N ASN Q 53 47.35 -87.15 -56.51
CA ASN Q 53 46.43 -86.46 -57.41
C ASN Q 53 47.16 -85.56 -58.40
N SER Q 54 48.46 -85.34 -58.19
CA SER Q 54 49.24 -84.48 -59.05
C SER Q 54 49.94 -85.27 -60.15
N ASN Q 55 50.47 -84.56 -61.12
CA ASN Q 55 51.34 -85.11 -62.14
C ASN Q 55 52.78 -84.81 -61.75
N ARG Q 56 53.66 -85.78 -61.95
CA ARG Q 56 55.07 -85.47 -61.76
C ARG Q 56 55.54 -84.63 -62.94
N LYS Q 57 56.48 -83.73 -62.67
CA LYS Q 57 56.98 -82.82 -63.68
C LYS Q 57 58.49 -82.93 -63.77
N VAL Q 58 59.02 -83.01 -64.98
CA VAL Q 58 60.46 -83.03 -65.19
C VAL Q 58 60.82 -81.83 -66.05
N THR Q 59 61.80 -81.04 -65.62
CA THR Q 59 62.19 -79.84 -66.33
C THR Q 59 63.67 -79.88 -66.65
N MET Q 60 64.03 -79.37 -67.82
CA MET Q 60 65.39 -79.28 -68.28
C MET Q 60 65.65 -77.89 -68.83
N LEU Q 61 66.84 -77.38 -68.52
CA LEU Q 61 67.33 -76.12 -69.05
C LEU Q 61 68.69 -76.31 -69.70
N LEU Q 62 68.81 -75.89 -70.96
CA LEU Q 62 70.04 -75.93 -71.73
C LEU Q 62 70.42 -74.49 -72.05
N THR Q 63 71.63 -74.09 -71.63
CA THR Q 63 72.13 -72.73 -71.84
C THR Q 63 73.41 -72.78 -72.66
N ASP Q 64 73.41 -72.07 -73.78
CA ASP Q 64 74.56 -72.02 -74.69
C ASP Q 64 74.97 -70.58 -74.94
N PRO Q 65 75.93 -70.06 -74.17
CA PRO Q 65 76.44 -68.71 -74.43
C PRO Q 65 77.47 -68.68 -75.54
N VAL Q 66 77.58 -67.52 -76.19
CA VAL Q 66 78.52 -67.27 -77.28
C VAL Q 66 79.10 -65.87 -77.11
N VAL Q 67 80.33 -65.67 -77.57
CA VAL Q 67 80.97 -64.36 -77.49
C VAL Q 67 80.74 -63.58 -78.78
N VAL Q 68 80.25 -62.35 -78.65
CA VAL Q 68 80.03 -61.46 -79.79
C VAL Q 68 80.82 -60.17 -79.59
N MET Q 76 81.29 -58.84 -75.55
CA MET Q 76 80.06 -59.26 -74.87
C MET Q 76 79.73 -60.74 -75.13
N THR Q 77 79.15 -61.40 -74.12
CA THR Q 77 78.70 -62.78 -74.23
C THR Q 77 77.17 -62.83 -74.11
N ILE Q 78 76.54 -63.52 -75.06
CA ILE Q 78 75.10 -63.57 -75.21
C ILE Q 78 74.65 -65.01 -74.99
N LYS Q 79 73.60 -65.19 -74.19
CA LYS Q 79 73.13 -66.52 -73.80
C LYS Q 79 71.77 -66.81 -74.43
N ALA Q 80 71.63 -68.03 -74.96
CA ALA Q 80 70.36 -68.53 -75.48
C ALA Q 80 69.95 -69.79 -74.73
N ASN Q 81 68.64 -69.91 -74.48
CA ASN Q 81 68.13 -70.97 -73.62
C ASN Q 81 67.13 -71.85 -74.36
N ALA Q 82 67.20 -73.14 -74.10
CA ALA Q 82 66.13 -74.06 -74.44
C ALA Q 82 65.64 -74.70 -73.15
N SER Q 83 64.32 -74.80 -72.98
CA SER Q 83 63.77 -75.39 -71.77
C SER Q 83 62.67 -76.35 -72.14
N VAL Q 84 62.78 -77.58 -71.65
CA VAL Q 84 61.79 -78.63 -71.90
C VAL Q 84 61.13 -78.96 -70.58
N THR Q 85 59.83 -79.25 -70.61
CA THR Q 85 59.07 -79.64 -69.43
C THR Q 85 58.11 -80.76 -69.80
N PHE Q 86 58.23 -81.89 -69.11
CA PHE Q 86 57.37 -83.05 -69.28
C PHE Q 86 56.40 -83.10 -68.10
N SER Q 87 55.10 -82.97 -68.40
CA SER Q 87 54.06 -83.15 -67.39
C SER Q 87 53.45 -84.54 -67.61
N LEU Q 88 53.68 -85.42 -66.64
CA LEU Q 88 53.36 -86.84 -66.75
C LEU Q 88 52.46 -87.25 -65.61
N PRO Q 89 51.20 -87.59 -65.88
CA PRO Q 89 50.34 -88.16 -64.84
C PRO Q 89 50.83 -89.53 -64.43
N LYS Q 90 50.60 -89.88 -63.16
CA LYS Q 90 51.15 -91.11 -62.65
C LYS Q 90 50.50 -92.34 -63.28
N THR Q 91 49.18 -92.29 -63.49
CA THR Q 91 48.47 -93.40 -64.13
C THR Q 91 48.90 -93.62 -65.57
N TYR Q 92 49.55 -92.63 -66.19
CA TYR Q 92 49.98 -92.74 -67.58
C TYR Q 92 51.11 -93.76 -67.71
N PRO Q 93 51.09 -94.63 -68.73
CA PRO Q 93 52.04 -95.75 -68.75
C PRO Q 93 53.43 -95.37 -69.24
N ASN Q 94 54.43 -95.95 -68.56
CA ASN Q 94 55.82 -95.64 -68.84
C ASN Q 94 56.17 -95.87 -70.31
N GLU Q 95 55.58 -96.89 -70.94
CA GLU Q 95 55.87 -97.15 -72.34
C GLU Q 95 55.46 -95.96 -73.21
N HIS Q 96 54.23 -95.48 -73.05
CA HIS Q 96 53.80 -94.31 -73.81
C HIS Q 96 54.59 -93.05 -73.47
N ILE Q 97 55.16 -92.95 -72.26
CA ILE Q 97 56.06 -91.84 -71.98
C ILE Q 97 57.32 -91.92 -72.85
N THR Q 98 57.95 -93.10 -72.89
CA THR Q 98 59.11 -93.26 -73.77
C THR Q 98 58.76 -92.88 -75.19
N LYS Q 99 57.57 -93.29 -75.65
CA LYS Q 99 57.08 -92.88 -76.97
C LYS Q 99 57.04 -91.36 -77.10
N LEU Q 100 56.44 -90.68 -76.13
CA LEU Q 100 56.33 -89.23 -76.19
C LEU Q 100 57.69 -88.57 -76.35
N ARG Q 101 58.66 -88.98 -75.51
CA ARG Q 101 59.99 -88.40 -75.58
C ARG Q 101 60.60 -88.59 -76.98
N GLN Q 102 60.49 -89.81 -77.51
CA GLN Q 102 61.10 -90.08 -78.82
C GLN Q 102 60.45 -89.23 -79.92
N THR Q 103 59.12 -89.08 -79.88
CA THR Q 103 58.46 -88.26 -80.89
C THR Q 103 58.82 -86.79 -80.76
N LEU Q 104 59.08 -86.31 -79.55
CA LEU Q 104 59.56 -84.94 -79.41
C LEU Q 104 60.93 -84.79 -80.08
N ILE Q 105 61.82 -85.77 -79.88
CA ILE Q 105 63.10 -85.73 -80.58
C ILE Q 105 62.89 -85.65 -82.09
N ALA Q 106 62.02 -86.53 -82.61
CA ALA Q 106 61.74 -86.54 -84.05
C ALA Q 106 61.23 -85.19 -84.53
N TRP Q 107 60.32 -84.58 -83.77
CA TRP Q 107 59.78 -83.28 -84.14
C TRP Q 107 60.87 -82.23 -84.19
N LEU Q 108 61.70 -82.17 -83.15
CA LEU Q 108 62.81 -81.23 -83.12
C LEU Q 108 63.77 -81.43 -84.27
N GLY Q 109 63.75 -82.60 -84.90
CA GLY Q 109 64.50 -82.81 -86.13
C GLY Q 109 63.97 -82.09 -87.36
N GLN Q 110 62.65 -81.90 -87.44
CA GLN Q 110 61.98 -81.56 -88.70
C GLN Q 110 62.24 -80.11 -89.13
N GLN Q 111 62.05 -79.87 -90.42
CA GLN Q 111 62.27 -78.54 -90.97
C GLN Q 111 61.26 -77.54 -90.44
N CYS Q 112 60.00 -77.95 -90.32
CA CYS Q 112 58.97 -77.03 -89.84
C CYS Q 112 59.28 -76.52 -88.43
N VAL Q 113 60.16 -77.21 -87.70
CA VAL Q 113 60.62 -76.74 -86.40
C VAL Q 113 61.95 -76.00 -86.51
N SER Q 114 62.86 -76.48 -87.35
CA SER Q 114 64.17 -75.83 -87.45
C SER Q 114 64.06 -74.44 -88.05
N ASP Q 115 63.23 -74.26 -89.09
CA ASP Q 115 63.13 -72.98 -89.75
C ASP Q 115 62.76 -71.82 -88.79
N PRO Q 116 61.72 -71.96 -87.94
CA PRO Q 116 61.49 -70.87 -86.97
C PRO Q 116 62.53 -70.80 -85.88
N VAL Q 117 62.94 -71.93 -85.30
CA VAL Q 117 63.94 -71.91 -84.23
C VAL Q 117 65.26 -71.37 -84.75
N ASP Q 118 65.82 -72.02 -85.77
CA ASP Q 118 67.18 -71.68 -86.20
C ASP Q 118 67.25 -70.27 -86.79
N SER Q 119 66.41 -69.97 -87.78
CA SER Q 119 66.54 -68.73 -88.53
C SER Q 119 65.35 -67.79 -88.41
N GLY Q 120 64.25 -68.21 -87.79
CA GLY Q 120 63.11 -67.34 -87.63
C GLY Q 120 62.10 -67.37 -88.75
N LEU Q 121 62.25 -68.26 -89.73
CA LEU Q 121 61.27 -68.40 -90.80
C LEU Q 121 60.04 -69.11 -90.25
N ASN Q 122 58.88 -68.48 -90.37
CA ASN Q 122 57.65 -69.19 -90.05
C ASN Q 122 57.22 -70.05 -91.24
N ASN Q 123 56.35 -71.00 -90.95
CA ASN Q 123 55.86 -71.88 -92.00
C ASN Q 123 54.60 -71.30 -92.63
N TYR Q 124 54.46 -71.55 -93.92
CA TYR Q 124 53.38 -70.95 -94.69
C TYR Q 124 52.79 -71.95 -95.65
N MET R 1 79.35 -94.62 -47.00
CA MET R 1 79.33 -95.62 -48.07
C MET R 1 78.97 -94.95 -49.39
N ARG R 2 79.63 -95.36 -50.47
CA ARG R 2 79.26 -94.94 -51.82
C ARG R 2 77.97 -95.67 -52.23
N LEU R 3 76.87 -94.95 -52.25
CA LEU R 3 75.57 -95.57 -52.47
C LEU R 3 75.49 -96.14 -53.87
N THR R 4 75.09 -97.40 -53.97
CA THR R 4 74.73 -98.02 -55.24
C THR R 4 73.56 -98.95 -55.00
N ASP R 5 72.93 -99.38 -56.10
CA ASP R 5 71.79 -100.28 -56.03
C ASP R 5 72.17 -101.51 -55.20
N VAL R 6 71.19 -102.08 -54.50
CA VAL R 6 71.43 -103.26 -53.69
C VAL R 6 70.39 -104.32 -54.01
N ASP R 7 70.77 -105.56 -53.73
CA ASP R 7 69.88 -106.71 -53.82
C ASP R 7 69.89 -107.40 -52.47
N LEU R 8 68.69 -107.67 -51.96
CA LEU R 8 68.50 -108.25 -50.64
C LEU R 8 68.05 -109.69 -50.75
N THR R 9 68.58 -110.53 -49.88
CA THR R 9 68.16 -111.91 -49.78
C THR R 9 67.04 -111.97 -48.75
N VAL R 10 65.83 -112.33 -49.18
CA VAL R 10 64.64 -112.29 -48.33
C VAL R 10 64.04 -113.69 -48.31
N GLY R 11 64.32 -114.43 -47.24
CA GLY R 11 63.88 -115.81 -47.17
C GLY R 11 64.42 -116.59 -48.34
N GLU R 12 63.53 -117.02 -49.24
CA GLU R 12 63.93 -117.79 -50.41
C GLU R 12 63.67 -117.05 -51.71
N GLU R 13 63.64 -115.72 -51.65
CA GLU R 13 63.51 -114.90 -52.85
C GLU R 13 64.58 -113.81 -52.81
N THR R 14 64.77 -113.15 -53.94
CA THR R 14 65.70 -112.04 -54.04
C THR R 14 64.95 -110.78 -54.42
N ARG R 15 65.18 -109.72 -53.65
CA ARG R 15 64.50 -108.45 -53.79
C ARG R 15 65.50 -107.43 -54.32
N GLU R 16 65.17 -106.76 -55.42
CA GLU R 16 66.11 -105.86 -56.09
C GLU R 16 65.65 -104.43 -55.92
N TYR R 17 66.46 -103.61 -55.25
CA TYR R 17 66.18 -102.19 -55.11
C TYR R 17 67.15 -101.39 -55.97
N ALA R 18 66.74 -100.17 -56.30
CA ALA R 18 67.56 -99.23 -57.06
C ALA R 18 67.50 -97.87 -56.39
N VAL R 19 68.64 -97.17 -56.40
CA VAL R 19 68.71 -95.85 -55.78
C VAL R 19 67.75 -94.93 -56.51
N SER R 20 66.83 -94.32 -55.75
CA SER R 20 65.89 -93.35 -56.29
C SER R 20 66.22 -91.92 -55.95
N GLU R 21 66.87 -91.66 -54.82
CA GLU R 21 67.46 -90.34 -54.59
C GLU R 21 68.50 -90.42 -53.49
N GLN R 22 69.48 -89.53 -53.56
CA GLN R 22 70.50 -89.41 -52.51
C GLN R 22 70.72 -87.95 -52.19
N GLN R 23 70.46 -87.57 -50.94
CA GLN R 23 70.74 -86.24 -50.42
C GLN R 23 71.81 -86.34 -49.34
N GLY R 24 72.09 -85.19 -48.71
CA GLY R 24 73.18 -85.13 -47.77
C GLY R 24 72.98 -86.06 -46.58
N THR R 25 71.78 -86.02 -45.99
CA THR R 25 71.44 -86.81 -44.82
C THR R 25 70.34 -87.82 -45.08
N LEU R 26 69.87 -87.93 -46.33
CA LEU R 26 68.73 -88.76 -46.67
C LEU R 26 69.02 -89.54 -47.95
N PHE R 27 68.46 -90.75 -48.03
CA PHE R 27 68.48 -91.51 -49.27
C PHE R 27 67.22 -92.35 -49.39
N ARG R 28 66.92 -92.76 -50.61
CA ARG R 28 65.72 -93.50 -50.94
C ARG R 28 66.00 -94.51 -52.05
N PHE R 29 65.62 -95.76 -51.79
CA PHE R 29 65.61 -96.87 -52.74
C PHE R 29 64.18 -97.21 -53.13
N VAL R 30 64.03 -97.77 -54.33
CA VAL R 30 62.75 -98.21 -54.87
C VAL R 30 62.88 -99.65 -55.38
N ASP R 31 61.86 -100.47 -55.14
CA ASP R 31 61.85 -101.85 -55.63
C ASP R 31 61.79 -101.86 -57.15
N LYS R 32 62.76 -102.54 -57.78
CA LYS R 32 62.90 -102.54 -59.23
C LYS R 32 61.71 -103.17 -59.94
N SER R 33 60.87 -103.92 -59.22
CA SER R 33 59.72 -104.57 -59.83
C SER R 33 58.53 -103.65 -60.01
N GLY R 34 58.69 -102.33 -59.83
CA GLY R 34 57.58 -101.42 -59.73
C GLY R 34 57.58 -100.31 -60.79
N THR R 35 56.45 -99.62 -60.85
CA THR R 35 56.21 -98.48 -61.73
C THR R 35 55.74 -97.30 -60.89
N VAL R 36 55.82 -96.09 -61.46
CA VAL R 36 55.15 -94.95 -60.82
C VAL R 36 53.66 -95.29 -60.64
N ALA R 37 53.06 -95.91 -61.66
CA ALA R 37 51.63 -96.24 -61.58
C ALA R 37 51.39 -97.31 -60.53
N ASN R 38 52.13 -98.40 -60.58
CA ASN R 38 51.98 -99.49 -59.62
C ASN R 38 53.29 -99.66 -58.87
N ASN R 39 53.38 -99.04 -57.70
CA ASN R 39 54.58 -99.16 -56.87
C ASN R 39 54.54 -100.43 -56.05
N THR R 40 55.72 -100.99 -55.79
CA THR R 40 55.83 -102.28 -55.14
C THR R 40 56.66 -102.24 -53.86
N GLY R 41 57.41 -101.17 -53.60
CA GLY R 41 58.20 -101.09 -52.40
C GLY R 41 59.11 -99.88 -52.40
N VAL R 42 59.29 -99.27 -51.23
CA VAL R 42 60.20 -98.15 -51.09
C VAL R 42 60.90 -98.28 -49.74
N PHE R 43 62.13 -97.80 -49.69
CA PHE R 43 62.89 -97.73 -48.46
C PHE R 43 63.56 -96.37 -48.40
N SER R 44 63.52 -95.74 -47.23
CA SER R 44 64.11 -94.42 -47.07
C SER R 44 64.77 -94.33 -45.71
N LEU R 45 65.87 -93.59 -45.63
CA LEU R 45 66.60 -93.41 -44.38
C LEU R 45 67.13 -91.98 -44.29
N GLU R 46 67.04 -91.41 -43.09
CA GLU R 46 67.49 -90.06 -42.82
C GLU R 46 68.17 -90.00 -41.46
N GLN R 47 69.28 -89.26 -41.38
CA GLN R 47 69.93 -88.99 -40.11
C GLN R 47 69.77 -87.52 -39.76
N ARG R 48 69.27 -87.26 -38.57
CA ARG R 48 69.29 -85.93 -37.97
C ARG R 48 70.39 -85.97 -36.91
N PHE R 49 71.57 -85.52 -37.30
CA PHE R 49 72.66 -85.35 -36.34
C PHE R 49 72.30 -84.18 -35.44
N GLY R 50 72.12 -84.46 -34.15
CA GLY R 50 71.59 -83.47 -33.25
C GLY R 50 72.60 -82.41 -32.84
N ALA R 51 72.10 -81.43 -32.07
CA ALA R 51 72.98 -80.48 -31.43
C ALA R 51 73.95 -81.19 -30.50
N ALA R 52 75.01 -80.47 -30.10
CA ALA R 52 76.09 -81.09 -29.34
C ALA R 52 75.60 -81.68 -28.02
N ASN R 53 74.49 -81.17 -27.48
CA ASN R 53 73.91 -81.71 -26.26
C ASN R 53 72.99 -82.90 -26.53
N SER R 54 72.34 -82.92 -27.68
CA SER R 54 71.30 -83.91 -27.97
C SER R 54 71.90 -85.18 -28.57
N ASN R 55 71.08 -86.22 -28.60
CA ASN R 55 71.40 -87.45 -29.30
C ASN R 55 71.16 -87.26 -30.80
N ARG R 56 71.88 -88.05 -31.60
CA ARG R 56 71.57 -88.08 -33.01
C ARG R 56 70.54 -89.17 -33.27
N LYS R 57 69.70 -88.93 -34.28
CA LYS R 57 68.61 -89.83 -34.61
C LYS R 57 68.79 -90.33 -36.03
N VAL R 58 68.53 -91.61 -36.24
CA VAL R 58 68.47 -92.19 -37.58
C VAL R 58 67.12 -92.87 -37.73
N THR R 59 66.41 -92.55 -38.80
CA THR R 59 65.09 -93.09 -39.01
C THR R 59 65.01 -93.74 -40.38
N MET R 60 64.30 -94.87 -40.44
CA MET R 60 64.07 -95.63 -41.65
C MET R 60 62.60 -95.93 -41.80
N LEU R 61 62.13 -95.84 -43.03
CA LEU R 61 60.77 -96.21 -43.40
C LEU R 61 60.80 -97.19 -44.56
N LEU R 62 60.18 -98.35 -44.36
CA LEU R 62 60.01 -99.37 -45.39
C LEU R 62 58.52 -99.48 -45.66
N THR R 63 58.14 -99.32 -46.93
CA THR R 63 56.74 -99.37 -47.32
C THR R 63 56.55 -100.40 -48.42
N ASP R 64 55.66 -101.36 -48.16
CA ASP R 64 55.31 -102.40 -49.13
C ASP R 64 53.83 -102.27 -49.45
N PRO R 65 53.50 -101.80 -50.64
CA PRO R 65 52.10 -101.78 -51.08
C PRO R 65 51.75 -103.03 -51.87
N VAL R 66 50.49 -103.46 -51.71
CA VAL R 66 49.93 -104.63 -52.36
C VAL R 66 48.55 -104.27 -52.90
N VAL R 67 48.21 -104.83 -54.04
CA VAL R 67 46.87 -104.68 -54.58
C VAL R 67 45.98 -105.77 -54.00
N VAL R 68 44.76 -105.38 -53.63
CA VAL R 68 43.78 -106.27 -53.02
C VAL R 68 42.43 -106.00 -53.66
N LYS R 69 41.69 -107.06 -54.00
CA LYS R 69 40.34 -106.89 -54.49
C LYS R 69 39.44 -106.40 -53.36
N ASP R 70 38.47 -105.58 -53.72
CA ASP R 70 37.54 -104.99 -52.76
C ASP R 70 36.27 -105.86 -52.68
N ALA R 71 35.49 -105.63 -51.62
CA ALA R 71 34.18 -106.27 -51.54
C ALA R 71 33.32 -105.89 -52.74
N SER R 72 33.48 -104.66 -53.24
CA SER R 72 32.82 -104.23 -54.48
C SER R 72 33.48 -104.79 -55.72
N GLY R 73 34.58 -105.55 -55.58
CA GLY R 73 35.34 -106.03 -56.71
C GLY R 73 36.42 -105.10 -57.19
N ALA R 74 36.28 -103.79 -56.96
CA ALA R 74 37.25 -102.81 -57.41
C ALA R 74 38.64 -103.12 -56.86
N ASP R 75 39.65 -102.78 -57.64
CA ASP R 75 41.03 -102.99 -57.22
C ASP R 75 41.49 -101.85 -56.32
N MET R 76 42.12 -102.19 -55.20
CA MET R 76 42.43 -101.24 -54.14
C MET R 76 43.87 -101.47 -53.69
N THR R 77 44.69 -100.42 -53.70
CA THR R 77 46.09 -100.54 -53.30
C THR R 77 46.23 -100.19 -51.82
N ILE R 78 46.89 -101.07 -51.07
CA ILE R 78 46.99 -100.98 -49.62
C ILE R 78 48.46 -101.04 -49.24
N LYS R 79 48.89 -100.14 -48.34
CA LYS R 79 50.28 -100.07 -47.93
C LYS R 79 50.42 -100.58 -46.49
N ALA R 80 51.51 -101.31 -46.24
CA ALA R 80 51.95 -101.68 -44.90
C ALA R 80 53.31 -101.07 -44.65
N ASN R 81 53.50 -100.54 -43.44
CA ASN R 81 54.71 -99.77 -43.15
C ASN R 81 55.47 -100.37 -41.99
N ALA R 82 56.79 -100.28 -42.06
CA ALA R 82 57.66 -100.56 -40.94
C ALA R 82 58.60 -99.37 -40.78
N SER R 83 58.77 -98.91 -39.55
CA SER R 83 59.62 -97.76 -39.29
C SER R 83 60.55 -98.07 -38.13
N VAL R 84 61.83 -97.81 -38.33
CA VAL R 84 62.85 -98.03 -37.30
C VAL R 84 63.49 -96.69 -36.97
N THR R 85 63.78 -96.47 -35.69
CA THR R 85 64.44 -95.24 -35.25
C THR R 85 65.49 -95.58 -34.21
N PHE R 86 66.72 -95.16 -34.48
CA PHE R 86 67.85 -95.30 -33.57
C PHE R 86 68.12 -93.96 -32.92
N SER R 87 68.00 -93.91 -31.60
CA SER R 87 68.41 -92.74 -30.81
C SER R 87 69.74 -93.09 -30.18
N LEU R 88 70.79 -92.41 -30.64
CA LEU R 88 72.17 -92.72 -30.27
C LEU R 88 72.82 -91.49 -29.67
N PRO R 89 73.09 -91.50 -28.37
CA PRO R 89 73.82 -90.38 -27.76
C PRO R 89 75.25 -90.33 -28.27
N LYS R 90 75.81 -89.13 -28.26
CA LYS R 90 77.15 -88.95 -28.82
C LYS R 90 78.19 -89.74 -28.03
N THR R 91 78.10 -89.71 -26.70
CA THR R 91 79.09 -90.38 -25.85
C THR R 91 79.01 -91.91 -25.95
N TYR R 92 77.94 -92.43 -26.54
CA TYR R 92 77.80 -93.87 -26.68
C TYR R 92 78.80 -94.41 -27.71
N PRO R 93 79.50 -95.51 -27.43
CA PRO R 93 80.57 -95.95 -28.34
C PRO R 93 80.05 -96.68 -29.58
N ASN R 94 80.70 -96.37 -30.72
CA ASN R 94 80.29 -96.94 -31.99
C ASN R 94 80.20 -98.46 -31.94
N GLU R 95 81.09 -99.09 -31.16
CA GLU R 95 81.07 -100.55 -31.03
C GLU R 95 79.73 -101.04 -30.50
N HIS R 96 79.31 -100.54 -29.32
CA HIS R 96 78.04 -100.95 -28.76
C HIS R 96 76.86 -100.54 -29.62
N ILE R 97 77.00 -99.50 -30.47
CA ILE R 97 75.95 -99.22 -31.43
C ILE R 97 75.79 -100.38 -32.43
N THR R 98 76.90 -100.83 -33.03
CA THR R 98 76.80 -101.97 -33.96
C THR R 98 76.20 -103.17 -33.24
N LYS R 99 76.58 -103.38 -31.97
CA LYS R 99 75.96 -104.43 -31.16
C LYS R 99 74.46 -104.29 -31.10
N LEU R 100 73.98 -103.08 -30.81
CA LEU R 100 72.54 -102.82 -30.75
C LEU R 100 71.85 -103.18 -32.05
N ARG R 101 72.40 -102.71 -33.18
CA ARG R 101 71.79 -102.97 -34.47
C ARG R 101 71.69 -104.49 -34.74
N GLN R 102 72.77 -105.20 -34.46
CA GLN R 102 72.76 -106.64 -34.73
C GLN R 102 71.76 -107.38 -33.83
N THR R 103 71.70 -107.02 -32.54
CA THR R 103 70.70 -107.65 -31.68
C THR R 103 69.29 -107.34 -32.14
N LEU R 104 69.05 -106.16 -32.72
CA LEU R 104 67.73 -105.87 -33.25
C LEU R 104 67.40 -106.77 -34.43
N ILE R 105 68.37 -106.98 -35.33
CA ILE R 105 68.16 -107.94 -36.42
C ILE R 105 67.80 -109.32 -35.87
N ALA R 106 68.56 -109.77 -34.89
CA ALA R 106 68.32 -111.07 -34.27
C ALA R 106 66.90 -111.15 -33.72
N TRP R 107 66.49 -110.14 -32.97
CA TRP R 107 65.14 -110.11 -32.41
C TRP R 107 64.09 -110.19 -33.50
N LEU R 108 64.25 -109.38 -34.56
CA LEU R 108 63.29 -109.36 -35.64
C LEU R 108 63.17 -110.71 -36.32
N GLY R 109 64.20 -111.55 -36.23
CA GLY R 109 64.12 -112.91 -36.73
C GLY R 109 63.31 -113.86 -35.87
N GLN R 110 63.20 -113.56 -34.57
CA GLN R 110 62.66 -114.51 -33.60
C GLN R 110 61.16 -114.74 -33.81
N GLN R 111 60.70 -115.89 -33.32
CA GLN R 111 59.28 -116.21 -33.47
C GLN R 111 58.41 -115.39 -32.54
N CYS R 112 58.90 -115.06 -31.34
CA CYS R 112 58.11 -114.23 -30.43
C CYS R 112 57.86 -112.84 -31.01
N VAL R 113 58.67 -112.42 -31.98
CA VAL R 113 58.44 -111.17 -32.69
C VAL R 113 57.64 -111.38 -33.96
N SER R 114 57.92 -112.47 -34.70
CA SER R 114 57.25 -112.68 -35.97
C SER R 114 55.77 -113.01 -35.79
N ASP R 115 55.44 -113.84 -34.79
CA ASP R 115 54.04 -114.25 -34.61
C ASP R 115 53.09 -113.08 -34.42
N PRO R 116 53.35 -112.10 -33.55
CA PRO R 116 52.43 -110.94 -33.49
C PRO R 116 52.52 -110.06 -34.72
N VAL R 117 53.71 -109.81 -35.25
CA VAL R 117 53.84 -108.97 -36.43
C VAL R 117 53.17 -109.62 -37.64
N ASP R 118 53.55 -110.87 -37.93
CA ASP R 118 53.09 -111.50 -39.17
C ASP R 118 51.61 -111.88 -39.09
N SER R 119 51.19 -112.50 -38.00
CA SER R 119 49.86 -113.11 -37.93
C SER R 119 48.92 -112.45 -36.93
N GLY R 120 49.39 -111.49 -36.15
CA GLY R 120 48.53 -110.83 -35.19
C GLY R 120 48.22 -111.62 -33.94
N LEU R 121 48.91 -112.74 -33.71
CA LEU R 121 48.72 -113.53 -32.51
C LEU R 121 49.70 -113.05 -31.44
N ASN R 122 49.19 -112.84 -30.23
CA ASN R 122 50.07 -112.45 -29.13
C ASN R 122 50.73 -113.68 -28.51
N ASN R 123 51.77 -113.43 -27.73
CA ASN R 123 52.49 -114.50 -27.08
C ASN R 123 51.87 -114.79 -25.71
N TYR R 124 52.23 -115.95 -25.16
CA TYR R 124 51.68 -116.41 -23.88
C TYR R 124 52.66 -117.30 -23.09
N MET S 1 73.06 53.30 97.29
CA MET S 1 74.07 52.93 98.27
C MET S 1 75.00 51.85 97.73
N ARG S 2 76.31 51.99 97.97
CA ARG S 2 77.24 50.92 97.64
C ARG S 2 76.96 49.71 98.52
N LEU S 3 76.54 48.61 97.89
CA LEU S 3 76.09 47.44 98.63
C LEU S 3 77.23 46.83 99.43
N THR S 4 76.88 46.35 100.62
CA THR S 4 77.79 45.61 101.46
C THR S 4 76.99 44.53 102.15
N ASP S 5 77.69 43.47 102.58
CA ASP S 5 77.04 42.43 103.37
C ASP S 5 76.33 43.09 104.55
N VAL S 6 75.24 42.46 104.98
CA VAL S 6 74.33 43.09 105.94
C VAL S 6 74.18 42.17 107.14
N ASP S 7 74.20 42.77 108.33
CA ASP S 7 73.94 42.04 109.56
C ASP S 7 72.73 42.67 110.23
N LEU S 8 71.69 41.86 110.44
CA LEU S 8 70.43 42.31 111.00
C LEU S 8 70.30 41.79 112.43
N THR S 9 69.79 42.64 113.31
CA THR S 9 69.45 42.22 114.66
C THR S 9 67.98 41.82 114.63
N VAL S 10 67.69 40.56 114.96
CA VAL S 10 66.35 39.99 114.82
C VAL S 10 65.94 39.43 116.17
N GLY S 11 65.05 40.15 116.86
CA GLY S 11 64.68 39.75 118.19
C GLY S 11 65.91 39.69 119.07
N GLU S 12 66.29 38.48 119.47
CA GLU S 12 67.43 38.31 120.34
C GLU S 12 68.54 37.49 119.67
N GLU S 13 68.53 37.44 118.35
CA GLU S 13 69.55 36.75 117.58
C GLU S 13 70.09 37.72 116.54
N THR S 14 71.19 37.36 115.89
CA THR S 14 71.74 38.16 114.81
C THR S 14 71.85 37.32 113.55
N ARG S 15 71.31 37.85 112.46
CA ARG S 15 71.21 37.18 111.18
C ARG S 15 72.14 37.87 110.19
N GLU S 16 72.95 37.09 109.49
CA GLU S 16 73.98 37.63 108.60
C GLU S 16 73.68 37.25 107.16
N TYR S 17 73.55 38.25 106.30
CA TYR S 17 73.30 38.09 104.87
C TYR S 17 74.50 38.59 104.09
N ALA S 18 74.69 37.99 102.91
CA ALA S 18 75.75 38.36 102.00
C ALA S 18 75.17 38.66 100.62
N VAL S 19 75.77 39.62 99.92
CA VAL S 19 75.30 40.01 98.60
C VAL S 19 75.48 38.84 97.64
N SER S 20 74.40 38.47 96.96
CA SER S 20 74.42 37.41 95.95
C SER S 20 74.39 37.93 94.52
N GLU S 21 73.60 38.95 94.22
CA GLU S 21 73.74 39.59 92.91
C GLU S 21 73.19 41.00 92.97
N GLN S 22 73.71 41.86 92.09
CA GLN S 22 73.23 43.24 91.99
C GLN S 22 73.12 43.61 90.53
N GLN S 23 71.92 44.03 90.12
CA GLN S 23 71.64 44.54 88.80
C GLN S 23 71.34 46.02 88.91
N GLY S 24 70.93 46.61 87.78
CA GLY S 24 70.68 48.04 87.77
C GLY S 24 69.58 48.45 88.73
N THR S 25 68.48 47.69 88.74
CA THR S 25 67.33 47.99 89.59
C THR S 25 66.95 46.81 90.47
N LEU S 26 67.84 45.85 90.65
CA LEU S 26 67.54 44.64 91.42
C LEU S 26 68.76 44.21 92.21
N PHE S 27 68.53 43.67 93.41
CA PHE S 27 69.60 43.04 94.17
C PHE S 27 69.04 41.88 94.99
N ARG S 28 69.96 41.00 95.40
CA ARG S 28 69.62 39.80 96.14
C ARG S 28 70.72 39.47 97.13
N PHE S 29 70.32 39.27 98.38
CA PHE S 29 71.11 38.76 99.47
C PHE S 29 70.73 37.32 99.81
N VAL S 30 71.71 36.58 100.35
CA VAL S 30 71.51 35.21 100.82
C VAL S 30 71.95 35.12 102.28
N ASP S 31 71.21 34.33 103.07
CA ASP S 31 71.57 34.09 104.47
C ASP S 31 72.86 33.28 104.53
N LYS S 32 73.87 33.81 105.23
CA LYS S 32 75.16 33.14 105.35
C LYS S 32 75.07 31.80 106.06
N SER S 33 73.94 31.48 106.68
CA SER S 33 73.75 30.20 107.34
C SER S 33 73.70 29.04 106.35
N GLY S 34 73.53 29.32 105.05
CA GLY S 34 73.17 28.31 104.09
C GLY S 34 74.18 28.12 102.97
N THR S 35 73.95 27.04 102.21
CA THR S 35 74.73 26.63 101.05
C THR S 35 73.87 26.82 99.80
N VAL S 36 74.55 26.82 98.64
CA VAL S 36 73.85 26.57 97.38
C VAL S 36 72.95 25.36 97.54
N ALA S 37 73.49 24.27 98.07
CA ALA S 37 72.73 23.04 98.27
C ALA S 37 71.56 23.25 99.21
N ASN S 38 71.84 23.62 100.45
CA ASN S 38 70.81 23.84 101.44
C ASN S 38 70.74 25.34 101.76
N ASN S 39 69.61 25.95 101.44
CA ASN S 39 69.42 27.39 101.62
C ASN S 39 68.65 27.69 102.90
N THR S 40 69.09 28.71 103.63
CA THR S 40 68.43 29.11 104.87
C THR S 40 67.61 30.39 104.75
N GLY S 41 67.84 31.20 103.72
CA GLY S 41 67.10 32.43 103.58
C GLY S 41 67.52 33.26 102.39
N VAL S 42 66.57 34.00 101.80
CA VAL S 42 66.87 34.84 100.65
C VAL S 42 66.08 36.13 100.77
N PHE S 43 66.69 37.22 100.29
CA PHE S 43 66.01 38.49 100.21
C PHE S 43 66.31 39.13 98.86
N SER S 44 65.26 39.66 98.23
CA SER S 44 65.40 40.27 96.91
C SER S 44 64.58 41.55 96.87
N LEU S 45 65.10 42.55 96.15
CA LEU S 45 64.43 43.84 96.01
C LEU S 45 64.61 44.35 94.58
N GLU S 46 63.51 44.85 93.99
CA GLU S 46 63.52 45.38 92.62
C GLU S 46 62.66 46.65 92.54
N GLN S 47 63.16 47.65 91.84
CA GLN S 47 62.42 48.88 91.58
C GLN S 47 62.03 48.97 90.11
N ARG S 48 60.81 49.43 89.86
CA ARG S 48 60.26 49.60 88.52
C ARG S 48 59.77 51.05 88.43
N PHE S 49 60.58 51.88 87.78
CA PHE S 49 60.27 53.27 87.51
C PHE S 49 59.37 53.33 86.27
N GLY S 50 58.12 53.75 86.44
CA GLY S 50 57.18 53.80 85.34
C GLY S 50 57.31 55.09 84.54
N ALA S 51 56.30 55.33 83.69
CA ALA S 51 56.23 56.62 83.01
C ALA S 51 55.83 57.72 83.98
N ALA S 52 55.92 58.97 83.51
CA ALA S 52 55.66 60.11 84.38
C ALA S 52 54.22 60.15 84.89
N ASN S 53 53.29 59.49 84.20
CA ASN S 53 51.94 59.32 84.70
C ASN S 53 51.80 58.10 85.61
N SER S 54 52.79 57.21 85.62
CA SER S 54 52.74 55.99 86.40
C SER S 54 53.46 56.18 87.74
N ASN S 55 52.99 55.44 88.74
CA ASN S 55 53.68 55.38 90.01
C ASN S 55 54.87 54.45 89.90
N ARG S 56 56.01 54.86 90.45
CA ARG S 56 57.10 53.91 90.56
C ARG S 56 56.77 52.89 91.63
N LYS S 57 57.29 51.68 91.46
CA LYS S 57 56.94 50.58 92.34
C LYS S 57 58.21 49.90 92.83
N VAL S 58 58.16 49.41 94.07
CA VAL S 58 59.33 48.80 94.69
C VAL S 58 58.85 47.54 95.40
N THR S 59 59.45 46.40 95.06
CA THR S 59 58.96 45.13 95.59
C THR S 59 60.08 44.33 96.24
N MET S 60 59.76 43.73 97.37
CA MET S 60 60.69 42.94 98.17
C MET S 60 60.09 41.55 98.39
N LEU S 61 60.94 40.55 98.31
CA LEU S 61 60.59 39.18 98.64
C LEU S 61 61.59 38.61 99.64
N LEU S 62 61.08 38.15 100.78
CA LEU S 62 61.86 37.50 101.81
C LEU S 62 61.37 36.07 101.93
N THR S 63 62.27 35.11 101.72
CA THR S 63 61.94 33.70 101.76
C THR S 63 62.76 33.02 102.85
N ASP S 64 62.05 32.30 103.73
CA ASP S 64 62.67 31.54 104.82
C ASP S 64 62.27 30.08 104.70
N PRO S 65 63.17 29.23 104.24
CA PRO S 65 62.90 27.80 104.23
C PRO S 65 63.38 27.13 105.51
N VAL S 66 62.61 26.12 105.94
CA VAL S 66 62.88 25.35 107.14
C VAL S 66 62.71 23.87 106.79
N VAL S 67 63.53 23.03 107.40
CA VAL S 67 63.37 21.59 107.24
C VAL S 67 62.44 21.08 108.34
N VAL S 68 61.43 20.33 107.94
CA VAL S 68 60.40 19.79 108.82
C VAL S 68 60.33 18.29 108.65
N LYS S 69 59.97 17.59 109.71
CA LYS S 69 59.77 16.15 109.68
C LYS S 69 58.49 15.82 108.90
N ASP S 70 58.59 14.80 108.06
CA ASP S 70 57.43 14.31 107.33
C ASP S 70 56.52 13.52 108.28
N ALA S 71 55.26 13.33 107.86
CA ALA S 71 54.37 12.45 108.62
C ALA S 71 54.91 11.04 108.64
N SER S 72 55.60 10.62 107.58
CA SER S 72 56.32 9.35 107.58
C SER S 72 57.64 9.46 108.34
N GLY S 73 58.23 10.64 108.40
CA GLY S 73 59.50 10.86 109.07
C GLY S 73 60.59 11.41 108.17
N ALA S 74 60.39 11.42 106.86
CA ALA S 74 61.40 11.92 105.93
C ALA S 74 61.70 13.39 106.18
N ASP S 75 62.86 13.83 105.69
CA ASP S 75 63.23 15.23 105.76
C ASP S 75 62.62 15.98 104.60
N MET S 76 61.92 17.08 104.88
CA MET S 76 61.21 17.82 103.84
C MET S 76 61.44 19.31 104.04
N THR S 77 61.69 20.05 102.96
CA THR S 77 61.95 21.48 103.08
C THR S 77 60.70 22.27 102.71
N ILE S 78 60.35 23.24 103.55
CA ILE S 78 59.13 24.02 103.43
C ILE S 78 59.51 25.49 103.52
N LYS S 79 59.03 26.28 102.55
CA LYS S 79 59.34 27.70 102.50
C LYS S 79 58.15 28.52 102.98
N ALA S 80 58.45 29.64 103.65
CA ALA S 80 57.47 30.66 104.00
C ALA S 80 57.89 31.98 103.37
N ASN S 81 56.94 32.68 102.77
CA ASN S 81 57.25 33.87 101.98
C ASN S 81 56.62 35.09 102.61
N ALA S 82 57.31 36.22 102.50
CA ALA S 82 56.74 37.51 102.83
C ALA S 82 57.12 38.47 101.71
N SER S 83 56.16 39.25 101.23
CA SER S 83 56.42 40.15 100.11
C SER S 83 55.83 41.52 100.41
N VAL S 84 56.63 42.56 100.18
CA VAL S 84 56.20 43.94 100.39
C VAL S 84 56.24 44.64 99.03
N THR S 85 55.29 45.55 98.81
CA THR S 85 55.24 46.35 97.59
C THR S 85 54.88 47.78 97.94
N PHE S 86 55.75 48.71 97.59
CA PHE S 86 55.54 50.14 97.77
C PHE S 86 55.12 50.72 96.42
N SER S 87 53.90 51.27 96.37
CA SER S 87 53.44 52.03 95.21
C SER S 87 53.54 53.51 95.55
N LEU S 88 54.48 54.19 94.89
CA LEU S 88 54.83 55.57 95.22
C LEU S 88 54.66 56.42 93.98
N PRO S 89 53.66 57.30 93.95
CA PRO S 89 53.52 58.25 92.86
C PRO S 89 54.67 59.25 92.83
N LYS S 90 54.92 59.79 91.65
CA LYS S 90 56.07 60.66 91.45
C LYS S 90 55.78 62.12 91.79
N THR S 91 54.57 62.41 92.28
CA THR S 91 54.25 63.70 92.88
C THR S 91 54.22 63.62 94.40
N TYR S 92 54.44 62.45 94.95
CA TYR S 92 54.45 62.22 96.40
C TYR S 92 55.84 62.57 96.95
N PRO S 93 55.91 63.30 98.07
CA PRO S 93 57.22 63.73 98.56
C PRO S 93 58.00 62.64 99.30
N ASN S 94 59.33 62.69 99.10
CA ASN S 94 60.20 61.66 99.64
C ASN S 94 60.09 61.59 101.16
N GLU S 95 59.92 62.74 101.82
CA GLU S 95 59.73 62.75 103.26
C GLU S 95 58.60 61.83 103.67
N HIS S 96 57.43 62.00 103.05
CA HIS S 96 56.29 61.18 103.42
C HIS S 96 56.47 59.74 103.00
N ILE S 97 57.28 59.45 101.99
CA ILE S 97 57.62 58.06 101.71
C ILE S 97 58.38 57.44 102.90
N THR S 98 59.35 58.19 103.42
CA THR S 98 60.07 57.68 104.61
C THR S 98 59.12 57.49 105.78
N LYS S 99 58.23 58.46 105.99
CA LYS S 99 57.20 58.33 107.03
C LYS S 99 56.41 57.05 106.84
N LEU S 100 56.00 56.77 105.61
CA LEU S 100 55.23 55.57 105.29
C LEU S 100 56.01 54.31 105.66
N ARG S 101 57.27 54.24 105.23
CA ARG S 101 58.08 53.05 105.52
C ARG S 101 58.21 52.83 107.02
N GLN S 102 58.43 53.91 107.77
CA GLN S 102 58.60 53.74 109.21
C GLN S 102 57.30 53.33 109.89
N THR S 103 56.16 53.91 109.47
CA THR S 103 54.87 53.47 110.03
C THR S 103 54.61 52.01 109.71
N LEU S 104 55.06 51.53 108.54
CA LEU S 104 54.91 50.12 108.23
C LEU S 104 55.74 49.26 109.17
N ILE S 105 56.97 49.68 109.45
CA ILE S 105 57.80 48.95 110.41
C ILE S 105 57.10 48.88 111.76
N ALA S 106 56.58 50.01 112.22
CA ALA S 106 55.89 50.06 113.51
C ALA S 106 54.68 49.14 113.52
N TRP S 107 53.90 49.14 112.44
CA TRP S 107 52.74 48.26 112.36
C TRP S 107 53.15 46.80 112.40
N LEU S 108 54.19 46.43 111.66
CA LEU S 108 54.68 45.06 111.67
C LEU S 108 55.16 44.65 113.05
N GLY S 109 55.52 45.62 113.89
CA GLY S 109 55.84 45.32 115.28
C GLY S 109 54.64 45.01 116.16
N GLN S 110 53.45 45.52 115.80
CA GLN S 110 52.30 45.51 116.68
C GLN S 110 51.80 44.10 116.95
N GLN S 111 51.13 43.93 118.09
CA GLN S 111 50.57 42.63 118.43
C GLN S 111 49.38 42.30 117.55
N CYS S 112 48.58 43.30 117.18
CA CYS S 112 47.41 43.04 116.34
C CYS S 112 47.81 42.58 114.94
N VAL S 113 49.03 42.89 114.51
CA VAL S 113 49.57 42.31 113.29
C VAL S 113 50.27 40.99 113.59
N SER S 114 50.90 40.86 114.76
CA SER S 114 51.67 39.67 115.08
C SER S 114 50.78 38.45 115.23
N ASP S 115 49.66 38.57 115.94
CA ASP S 115 48.82 37.40 116.24
C ASP S 115 48.34 36.69 114.99
N PRO S 116 47.73 37.34 113.99
CA PRO S 116 47.35 36.59 112.79
C PRO S 116 48.53 36.05 112.01
N VAL S 117 49.58 36.85 111.84
CA VAL S 117 50.75 36.40 111.08
C VAL S 117 51.43 35.24 111.81
N ASP S 118 51.85 35.47 113.06
CA ASP S 118 52.70 34.49 113.73
C ASP S 118 51.94 33.22 114.08
N SER S 119 50.70 33.35 114.57
CA SER S 119 49.99 32.21 115.12
C SER S 119 48.67 31.89 114.44
N GLY S 120 48.15 32.77 113.60
CA GLY S 120 46.89 32.52 112.92
C GLY S 120 45.66 32.97 113.66
N LEU S 121 45.80 33.49 114.86
CA LEU S 121 44.65 33.99 115.60
C LEU S 121 44.21 35.34 115.04
N ASN S 122 42.91 35.47 114.78
CA ASN S 122 42.38 36.78 114.40
C ASN S 122 42.10 37.64 115.63
N ASN S 123 42.07 38.95 115.41
CA ASN S 123 41.76 39.85 116.50
C ASN S 123 40.25 40.04 116.62
N TYR S 124 39.82 40.50 117.78
CA TYR S 124 38.38 40.62 118.05
C TYR S 124 38.03 41.91 118.77
N MET T 1 85.68 54.14 85.39
CA MET T 1 86.02 54.68 86.70
C MET T 1 85.10 54.11 87.77
N ARG T 2 85.50 54.25 89.03
CA ARG T 2 84.66 53.85 90.16
C ARG T 2 83.72 55.00 90.50
N LEU T 3 82.43 54.80 90.22
CA LEU T 3 81.44 55.84 90.39
C LEU T 3 81.38 56.35 91.82
N THR T 4 81.43 57.67 91.97
CA THR T 4 81.28 58.36 93.24
C THR T 4 80.36 59.52 93.02
N ASP T 5 79.62 59.91 94.07
CA ASP T 5 78.75 61.08 93.97
C ASP T 5 79.56 62.27 93.47
N VAL T 6 78.92 63.12 92.67
CA VAL T 6 79.64 64.15 91.92
C VAL T 6 79.10 65.51 92.32
N ASP T 7 80.00 66.48 92.42
CA ASP T 7 79.61 67.86 92.66
C ASP T 7 80.15 68.74 91.53
N LEU T 8 79.24 69.41 90.85
CA LEU T 8 79.54 70.21 89.67
C LEU T 8 79.48 71.68 90.03
N THR T 9 80.47 72.42 89.57
CA THR T 9 80.48 73.87 89.73
C THR T 9 79.79 74.45 88.51
N VAL T 10 78.61 75.02 88.71
CA VAL T 10 77.75 75.49 87.65
C VAL T 10 77.60 77.01 87.80
N GLY T 11 78.37 77.76 87.00
CA GLY T 11 78.38 79.19 87.16
C GLY T 11 78.86 79.56 88.54
N GLU T 12 77.97 80.12 89.36
CA GLU T 12 78.32 80.50 90.72
C GLU T 12 77.62 79.64 91.75
N GLU T 13 77.11 78.48 91.35
CA GLU T 13 76.39 77.60 92.24
C GLU T 13 77.06 76.24 92.20
N THR T 14 76.69 75.36 93.12
CA THR T 14 77.20 73.99 93.13
C THR T 14 76.03 73.03 93.10
N ARG T 15 75.96 72.21 92.06
CA ARG T 15 74.99 71.13 91.95
C ARG T 15 75.60 69.85 92.50
N GLU T 16 74.78 69.06 93.20
CA GLU T 16 75.28 67.86 93.88
C GLU T 16 74.44 66.65 93.50
N TYR T 17 75.04 65.74 92.74
CA TYR T 17 74.37 64.56 92.24
C TYR T 17 74.87 63.33 92.99
N ALA T 18 73.95 62.37 93.16
CA ALA T 18 74.21 61.09 93.79
C ALA T 18 73.94 59.95 92.80
N VAL T 19 74.77 58.91 92.88
CA VAL T 19 74.59 57.76 92.00
C VAL T 19 73.24 57.12 92.28
N SER T 20 72.45 56.94 91.22
CA SER T 20 71.13 56.34 91.35
C SER T 20 70.99 54.98 90.70
N GLU T 21 71.74 54.68 89.64
CA GLU T 21 71.84 53.28 89.23
C GLU T 21 73.09 53.06 88.38
N GLN T 22 73.61 51.84 88.45
CA GLN T 22 74.76 51.42 87.65
C GLN T 22 74.44 50.06 87.05
N GLN T 23 74.42 49.99 85.72
CA GLN T 23 74.25 48.75 85.00
C GLN T 23 75.58 48.40 84.33
N GLY T 24 75.53 47.51 83.36
CA GLY T 24 76.73 47.15 82.65
C GLY T 24 77.31 48.35 81.92
N THR T 25 76.53 48.90 81.00
CA THR T 25 76.98 49.99 80.13
C THR T 25 76.24 51.29 80.40
N LEU T 26 75.43 51.35 81.46
CA LEU T 26 74.57 52.48 81.75
C LEU T 26 74.72 52.90 83.20
N PHE T 27 74.68 54.22 83.43
CA PHE T 27 74.64 54.76 84.79
C PHE T 27 73.71 55.97 84.83
N ARG T 28 73.31 56.32 86.05
CA ARG T 28 72.37 57.40 86.26
C ARG T 28 72.64 58.05 87.61
N PHE T 29 72.82 59.37 87.59
CA PHE T 29 72.93 60.25 88.73
C PHE T 29 71.64 61.04 88.92
N VAL T 30 71.47 61.57 90.11
CA VAL T 30 70.24 62.24 90.51
C VAL T 30 70.59 63.45 91.37
N ASP T 31 69.92 64.59 91.13
CA ASP T 31 70.18 65.80 91.90
C ASP T 31 69.77 65.60 93.36
N LYS T 32 70.75 65.71 94.27
CA LYS T 32 70.48 65.47 95.68
C LYS T 32 69.44 66.44 96.22
N SER T 33 69.40 67.65 95.68
CA SER T 33 68.50 68.71 96.14
C SER T 33 67.04 68.45 95.81
N GLY T 34 66.71 67.28 95.27
CA GLY T 34 65.34 67.02 94.88
C GLY T 34 64.50 66.61 96.08
N THR T 35 63.29 67.17 96.17
CA THR T 35 62.34 66.81 97.22
C THR T 35 61.34 65.76 96.78
N VAL T 36 60.92 65.82 95.53
CA VAL T 36 59.96 64.89 94.97
C VAL T 36 60.58 64.29 93.72
N ALA T 37 60.04 63.15 93.31
CA ALA T 37 60.48 62.52 92.05
C ALA T 37 60.39 63.51 90.89
N ASN T 38 59.25 64.17 90.72
CA ASN T 38 59.09 65.14 89.64
C ASN T 38 59.94 66.39 89.86
N ASN T 39 60.16 66.77 91.12
CA ASN T 39 61.06 67.87 91.43
C ASN T 39 62.49 67.57 90.98
N THR T 40 62.86 66.30 90.92
CA THR T 40 64.27 65.89 90.91
C THR T 40 64.85 65.85 89.50
N GLY T 41 65.94 66.59 89.29
CA GLY T 41 66.68 66.49 88.04
C GLY T 41 67.53 65.24 88.00
N VAL T 42 67.83 64.79 86.78
CA VAL T 42 68.56 63.54 86.59
C VAL T 42 69.53 63.65 85.43
N PHE T 43 70.51 62.75 85.43
CA PHE T 43 71.49 62.66 84.36
C PHE T 43 71.84 61.20 84.13
N SER T 44 71.78 60.77 82.88
CA SER T 44 71.98 59.37 82.56
C SER T 44 72.91 59.26 81.36
N LEU T 45 73.71 58.19 81.33
CA LEU T 45 74.64 57.94 80.24
C LEU T 45 74.67 56.44 79.93
N GLU T 46 74.76 56.11 78.65
CA GLU T 46 74.76 54.73 78.18
C GLU T 46 75.69 54.62 76.98
N GLN T 47 76.52 53.58 76.97
CA GLN T 47 77.36 53.28 75.81
C GLN T 47 76.84 52.03 75.12
N ARG T 48 76.79 52.09 73.79
CA ARG T 48 76.38 51.00 72.93
C ARG T 48 77.57 50.72 72.01
N PHE T 49 78.32 49.67 72.36
CA PHE T 49 79.46 49.22 71.58
C PHE T 49 78.95 48.34 70.45
N GLY T 50 79.28 48.68 69.21
CA GLY T 50 78.79 47.95 68.05
C GLY T 50 79.75 46.84 67.62
N ALA T 51 79.42 46.24 66.48
CA ALA T 51 80.34 45.30 65.86
C ALA T 51 81.58 46.05 65.34
N ALA T 52 82.54 45.30 64.79
CA ALA T 52 83.79 45.91 64.35
C ALA T 52 83.58 46.84 63.16
N ASN T 53 82.54 46.60 62.35
CA ASN T 53 82.21 47.51 61.27
C ASN T 53 81.39 48.70 61.74
N SER T 54 80.88 48.66 62.97
CA SER T 54 80.06 49.72 63.51
C SER T 54 80.90 50.74 64.27
N ASN T 55 80.27 51.87 64.58
CA ASN T 55 80.83 52.86 65.48
C ASN T 55 80.21 52.67 66.85
N ARG T 56 81.01 52.80 67.90
CA ARG T 56 80.40 52.80 69.23
C ARG T 56 79.72 54.14 69.44
N LYS T 57 78.62 54.12 70.19
CA LYS T 57 77.82 55.31 70.42
C LYS T 57 77.66 55.52 71.92
N VAL T 58 77.85 56.75 72.38
CA VAL T 58 77.63 57.09 73.78
C VAL T 58 76.56 58.17 73.82
N THR T 59 75.55 57.98 74.65
CA THR T 59 74.44 58.91 74.74
C THR T 59 74.25 59.36 76.18
N MET T 60 73.90 60.62 76.35
CA MET T 60 73.65 61.23 77.64
C MET T 60 72.34 62.01 77.57
N LEU T 61 71.57 61.92 78.64
CA LEU T 61 70.36 62.70 78.83
C LEU T 61 70.42 63.42 80.16
N LEU T 62 70.21 64.74 80.11
CA LEU T 62 70.14 65.61 81.27
C LEU T 62 68.75 66.22 81.33
N THR T 63 68.05 65.98 82.45
CA THR T 63 66.69 66.45 82.64
C THR T 63 66.64 67.38 83.85
N ASP T 64 66.14 68.60 83.64
CA ASP T 64 66.06 69.62 84.70
C ASP T 64 64.63 70.14 84.79
N PRO T 65 63.81 69.56 85.66
CA PRO T 65 62.46 70.09 85.86
C PRO T 65 62.44 71.29 86.81
N VAL T 66 61.41 72.13 86.63
CA VAL T 66 61.19 73.33 87.43
C VAL T 66 59.69 73.45 87.71
N VAL T 67 59.35 74.06 88.84
CA VAL T 67 57.94 74.25 89.22
C VAL T 67 57.48 75.63 88.75
N VAL T 68 56.35 75.66 88.03
CA VAL T 68 55.74 76.90 87.55
C VAL T 68 54.32 77.00 88.07
N MET T 76 52.22 73.30 88.51
CA MET T 76 52.72 72.44 87.44
C MET T 76 54.26 72.42 87.39
N THR T 77 54.83 71.26 87.05
CA THR T 77 56.27 71.11 86.87
C THR T 77 56.58 70.83 85.40
N ILE T 78 57.53 71.57 84.87
CA ILE T 78 57.89 71.57 83.46
C ILE T 78 59.33 71.08 83.33
N LYS T 79 59.56 70.16 82.39
CA LYS T 79 60.85 69.51 82.23
C LYS T 79 61.51 69.94 80.92
N ALA T 80 62.81 70.24 81.00
CA ALA T 80 63.64 70.56 79.83
C ALA T 80 64.79 69.58 79.73
N ASN T 81 65.11 69.18 78.50
CA ASN T 81 66.07 68.10 78.27
C ASN T 81 67.24 68.59 77.42
N ALA T 82 68.43 68.13 77.77
CA ALA T 82 69.58 68.21 76.89
C ALA T 82 70.06 66.79 76.63
N SER T 83 70.38 66.48 75.37
CA SER T 83 70.83 65.13 75.03
C SER T 83 72.04 65.23 74.13
N VAL T 84 73.11 64.56 74.52
CA VAL T 84 74.36 64.53 73.76
C VAL T 84 74.56 63.11 73.26
N THR T 85 75.10 62.98 72.05
CA THR T 85 75.41 61.67 71.47
C THR T 85 76.74 61.75 70.73
N PHE T 86 77.67 60.91 71.12
CA PHE T 86 78.99 60.80 70.50
C PHE T 86 79.01 59.54 69.64
N SER T 87 79.19 59.71 68.33
CA SER T 87 79.39 58.61 67.40
C SER T 87 80.87 58.53 67.09
N LEU T 88 81.50 57.45 67.55
CA LEU T 88 82.95 57.30 67.52
C LEU T 88 83.31 56.02 66.80
N PRO T 89 83.92 56.11 65.63
CA PRO T 89 84.45 54.91 64.97
C PRO T 89 85.61 54.32 65.75
N LYS T 90 85.75 53.00 65.66
CA LYS T 90 86.75 52.35 66.50
C LYS T 90 88.17 52.70 66.07
N THR T 91 88.42 52.78 64.76
CA THR T 91 89.73 53.16 64.25
C THR T 91 90.12 54.58 64.64
N TYR T 92 89.17 55.41 65.03
CA TYR T 92 89.43 56.80 65.38
C TYR T 92 90.23 56.88 66.68
N PRO T 93 91.25 57.73 66.77
CA PRO T 93 92.17 57.66 67.93
C PRO T 93 91.63 58.34 69.19
N ASN T 94 91.87 57.67 70.32
CA ASN T 94 91.35 58.14 71.60
C ASN T 94 91.76 59.57 71.90
N GLU T 95 92.98 59.96 71.49
CA GLU T 95 93.44 61.32 71.73
C GLU T 95 92.52 62.33 71.04
N HIS T 96 92.25 62.13 69.75
CA HIS T 96 91.36 63.03 69.03
C HIS T 96 89.93 62.98 69.57
N ILE T 97 89.51 61.87 70.19
CA ILE T 97 88.20 61.87 70.85
C ILE T 97 88.20 62.82 72.05
N THR T 98 89.23 62.74 72.90
CA THR T 98 89.33 63.69 74.02
C THR T 98 89.28 65.11 73.51
N LYS T 99 89.99 65.38 72.41
CA LYS T 99 89.92 66.69 71.75
C LYS T 99 88.49 67.07 71.39
N LEU T 100 87.77 66.17 70.72
CA LEU T 100 86.40 66.46 70.31
C LEU T 100 85.54 66.85 71.51
N ARG T 101 85.60 66.05 72.59
CA ARG T 101 84.79 66.35 73.77
C ARG T 101 85.12 67.76 74.31
N GLN T 102 86.41 68.07 74.42
CA GLN T 102 86.78 69.37 74.98
C GLN T 102 86.30 70.52 74.11
N THR T 103 86.39 70.37 72.79
CA THR T 103 85.92 71.44 71.91
C THR T 103 84.40 71.59 71.97
N LEU T 104 83.67 70.50 72.19
CA LEU T 104 82.24 70.65 72.39
C LEU T 104 81.95 71.46 73.66
N ILE T 105 82.68 71.18 74.74
CA ILE T 105 82.54 72.00 75.94
C ILE T 105 82.78 73.48 75.61
N ALA T 106 83.87 73.76 74.92
CA ALA T 106 84.20 75.14 74.56
C ALA T 106 83.09 75.79 73.75
N TRP T 107 82.53 75.05 72.78
CA TRP T 107 81.45 75.58 71.97
C TRP T 107 80.23 75.91 72.82
N LEU T 108 79.83 74.98 73.68
CA LEU T 108 78.70 75.21 74.58
C LEU T 108 78.92 76.40 75.48
N GLY T 109 80.17 76.83 75.66
CA GLY T 109 80.45 78.08 76.35
C GLY T 109 80.09 79.35 75.61
N GLN T 110 80.17 79.34 74.28
CA GLN T 110 80.19 80.55 73.48
C GLN T 110 78.82 81.24 73.42
N GLN T 111 78.87 82.53 73.09
CA GLN T 111 77.63 83.31 73.00
C GLN T 111 76.77 82.85 71.85
N CYS T 112 77.39 82.54 70.70
CA CYS T 112 76.61 82.11 69.54
C CYS T 112 75.81 80.86 69.82
N VAL T 113 76.16 80.12 70.87
CA VAL T 113 75.39 78.96 71.31
C VAL T 113 74.44 79.32 72.44
N SER T 114 74.88 80.16 73.39
CA SER T 114 74.03 80.48 74.53
C SER T 114 72.81 81.30 74.10
N ASP T 115 72.98 82.26 73.18
CA ASP T 115 71.89 83.11 72.78
C ASP T 115 70.67 82.32 72.24
N PRO T 116 70.85 81.38 71.32
CA PRO T 116 69.67 80.58 70.92
C PRO T 116 69.20 79.61 71.99
N VAL T 117 70.11 78.90 72.65
CA VAL T 117 69.70 77.96 73.69
C VAL T 117 69.02 78.69 74.84
N ASP T 118 69.73 79.63 75.47
CA ASP T 118 69.22 80.25 76.69
C ASP T 118 67.96 81.07 76.43
N SER T 119 68.01 82.00 75.49
CA SER T 119 66.92 82.95 75.31
C SER T 119 66.21 82.88 73.96
N GLY T 120 66.72 82.09 73.03
CA GLY T 120 66.07 81.96 71.74
C GLY T 120 66.50 82.97 70.68
N LEU T 121 67.49 83.79 70.95
CA LEU T 121 68.01 84.71 69.96
C LEU T 121 68.83 83.94 68.93
N ASN T 122 68.47 84.05 67.66
CA ASN T 122 69.33 83.50 66.63
C ASN T 122 70.46 84.48 66.30
N ASN T 123 71.49 83.96 65.67
CA ASN T 123 72.62 84.80 65.32
C ASN T 123 72.42 85.38 63.93
N TYR T 124 72.92 86.59 63.76
CA TYR T 124 72.69 87.34 62.53
C TYR T 124 73.94 88.07 62.09
N MET U 1 81.93 39.16 95.75
CA MET U 1 83.07 40.06 95.87
C MET U 1 82.74 41.42 95.30
N ARG U 2 83.21 42.48 95.95
CA ARG U 2 83.12 43.84 95.41
C ARG U 2 84.14 43.99 94.29
N LEU U 3 83.65 44.03 93.06
CA LEU U 3 84.55 44.01 91.91
C LEU U 3 85.37 45.29 91.85
N THR U 4 86.67 45.14 91.71
CA THR U 4 87.58 46.24 91.42
C THR U 4 88.65 45.73 90.47
N ASP U 5 89.37 46.69 89.88
CA ASP U 5 90.46 46.35 88.95
C ASP U 5 91.41 45.38 89.62
N VAL U 6 92.03 44.51 88.83
CA VAL U 6 92.97 43.53 89.36
C VAL U 6 94.25 43.57 88.54
N ASP U 7 95.33 43.14 89.19
CA ASP U 7 96.62 42.94 88.55
C ASP U 7 97.04 41.50 88.77
N LEU U 8 97.44 40.83 87.70
CA LEU U 8 97.79 39.43 87.72
C LEU U 8 99.29 39.26 87.55
N THR U 9 99.84 38.31 88.30
CA THR U 9 101.23 37.95 88.18
C THR U 9 101.32 36.82 87.17
N VAL U 10 101.97 37.07 86.03
CA VAL U 10 102.01 36.13 84.92
C VAL U 10 103.47 35.81 84.62
N GLY U 11 103.94 34.67 85.10
CA GLY U 11 105.34 34.33 84.96
C GLY U 11 106.20 35.40 85.58
N GLU U 12 106.95 36.12 84.74
CA GLU U 12 107.83 37.18 85.21
C GLU U 12 107.39 38.55 84.74
N GLU U 13 106.11 38.71 84.43
CA GLU U 13 105.57 40.01 84.06
C GLU U 13 104.30 40.25 84.88
N THR U 14 103.83 41.50 84.87
CA THR U 14 102.60 41.86 85.55
C THR U 14 101.60 42.37 84.53
N ARG U 15 100.39 41.81 84.59
CA ARG U 15 99.31 42.09 83.65
C ARG U 15 98.25 42.88 84.39
N GLU U 16 97.86 44.04 83.85
CA GLU U 16 96.94 44.93 84.54
C GLU U 16 95.61 44.97 83.81
N TYR U 17 94.54 44.52 84.47
CA TYR U 17 93.20 44.59 83.92
C TYR U 17 92.40 45.65 84.65
N ALA U 18 91.36 46.14 83.98
CA ALA U 18 90.43 47.12 84.54
C ALA U 18 89.02 46.68 84.25
N VAL U 19 88.12 46.93 85.22
CA VAL U 19 86.73 46.53 85.05
C VAL U 19 86.15 47.31 83.88
N SER U 20 85.60 46.59 82.91
CA SER U 20 84.95 47.18 81.75
C SER U 20 83.43 47.11 81.80
N GLU U 21 82.85 46.11 82.46
CA GLU U 21 81.43 46.17 82.78
C GLU U 21 81.11 45.16 83.88
N GLN U 22 80.07 45.48 84.65
CA GLN U 22 79.58 44.57 85.69
C GLN U 22 78.07 44.53 85.62
N GLN U 23 77.52 43.33 85.38
CA GLN U 23 76.10 43.07 85.40
C GLN U 23 75.79 42.10 86.53
N GLY U 24 74.51 41.70 86.62
CA GLY U 24 74.08 40.89 87.73
C GLY U 24 74.79 39.55 87.79
N THR U 25 74.87 38.86 86.66
CA THR U 25 75.49 37.54 86.56
C THR U 25 76.73 37.53 85.67
N LEU U 26 77.14 38.70 85.16
CA LEU U 26 78.22 38.78 84.19
C LEU U 26 79.15 39.93 84.55
N PHE U 27 80.44 39.76 84.25
CA PHE U 27 81.40 40.85 84.35
C PHE U 27 82.48 40.69 83.29
N ARG U 28 83.15 41.81 83.00
CA ARG U 28 84.15 41.88 81.96
C ARG U 28 85.27 42.83 82.37
N PHE U 29 86.50 42.33 82.27
CA PHE U 29 87.75 43.08 82.43
C PHE U 29 88.42 43.28 81.07
N VAL U 30 89.20 44.34 80.96
CA VAL U 30 89.98 44.67 79.76
C VAL U 30 91.42 44.95 80.17
N ASP U 31 92.38 44.48 79.35
CA ASP U 31 93.79 44.73 79.59
C ASP U 31 94.10 46.21 79.44
N LYS U 32 94.67 46.80 80.49
CA LYS U 32 94.91 48.25 80.54
C LYS U 32 95.88 48.73 79.45
N SER U 33 96.63 47.83 78.84
CA SER U 33 97.59 48.20 77.80
C SER U 33 96.96 48.40 76.43
N GLY U 34 95.62 48.47 76.34
CA GLY U 34 94.94 48.41 75.08
C GLY U 34 94.05 49.63 74.79
N THR U 35 93.61 49.69 73.53
CA THR U 35 92.73 50.73 73.00
C THR U 35 91.52 50.05 72.36
N VAL U 36 90.44 50.81 72.16
CA VAL U 36 89.37 50.31 71.30
C VAL U 36 89.93 49.93 69.93
N ALA U 37 90.83 50.77 69.40
CA ALA U 37 91.41 50.50 68.10
C ALA U 37 92.30 49.26 68.13
N ASN U 38 93.22 49.21 69.08
CA ASN U 38 94.13 48.07 69.22
C ASN U 38 93.90 47.44 70.59
N ASN U 39 93.07 46.40 70.62
CA ASN U 39 92.81 45.69 71.86
C ASN U 39 93.90 44.66 72.13
N THR U 40 94.16 44.43 73.41
CA THR U 40 95.26 43.59 73.84
C THR U 40 94.84 42.42 74.71
N GLY U 41 93.62 42.43 75.24
CA GLY U 41 93.17 41.33 76.07
C GLY U 41 91.83 41.62 76.71
N VAL U 42 91.00 40.59 76.84
CA VAL U 42 89.72 40.73 77.51
C VAL U 42 89.47 39.45 78.29
N PHE U 43 88.77 39.60 79.41
CA PHE U 43 88.31 38.48 80.21
C PHE U 43 86.86 38.71 80.60
N SER U 44 86.05 37.66 80.49
CA SER U 44 84.64 37.78 80.81
C SER U 44 84.19 36.52 81.52
N LEU U 45 83.24 36.68 82.45
CA LEU U 45 82.70 35.56 83.21
C LEU U 45 81.21 35.76 83.43
N GLU U 46 80.46 34.66 83.31
CA GLU U 46 79.01 34.66 83.48
C GLU U 46 78.59 33.41 84.23
N GLN U 47 77.65 33.57 85.17
CA GLN U 47 77.03 32.43 85.83
C GLN U 47 75.58 32.31 85.39
N ARG U 48 75.20 31.13 84.92
CA ARG U 48 73.81 30.76 84.71
C ARG U 48 73.44 29.82 85.85
N PHE U 49 72.86 30.39 86.90
CA PHE U 49 72.32 29.59 87.98
C PHE U 49 71.08 28.86 87.45
N GLY U 50 71.16 27.54 87.41
CA GLY U 50 70.14 26.76 86.74
C GLY U 50 68.85 26.62 87.54
N ALA U 51 67.87 25.99 86.90
CA ALA U 51 66.66 25.61 87.61
C ALA U 51 66.99 24.67 88.76
N ALA U 52 66.02 24.50 89.66
CA ALA U 52 66.28 23.76 90.90
C ALA U 52 66.70 22.32 90.62
N ASN U 53 66.32 21.77 89.47
CA ASN U 53 66.74 20.42 89.10
C ASN U 53 68.10 20.39 88.42
N SER U 54 68.46 21.46 87.71
CA SER U 54 69.66 21.48 86.90
C SER U 54 70.89 21.91 87.70
N ASN U 55 72.05 21.69 87.10
CA ASN U 55 73.30 22.22 87.63
C ASN U 55 73.44 23.69 87.27
N ARG U 56 74.21 24.41 88.07
CA ARG U 56 74.55 25.76 87.69
C ARG U 56 75.85 25.74 86.89
N LYS U 57 75.96 26.68 85.96
CA LYS U 57 77.08 26.75 85.06
C LYS U 57 77.80 28.09 85.24
N VAL U 58 79.13 28.04 85.24
CA VAL U 58 79.94 29.26 85.22
C VAL U 58 80.88 29.17 84.04
N THR U 59 80.89 30.20 83.20
CA THR U 59 81.71 30.19 82.01
C THR U 59 82.60 31.43 81.98
N MET U 60 83.83 31.22 81.51
CA MET U 60 84.83 32.26 81.37
C MET U 60 85.43 32.21 79.98
N LEU U 61 85.66 33.40 79.43
CA LEU U 61 86.34 33.55 78.15
C LEU U 61 87.49 34.53 78.31
N LEU U 62 88.69 34.09 77.96
CA LEU U 62 89.89 34.91 77.92
C LEU U 62 90.33 35.02 76.48
N THR U 63 90.47 36.24 75.99
CA THR U 63 90.86 36.49 74.61
C THR U 63 92.09 37.37 74.57
N ASP U 64 93.14 36.88 73.91
CA ASP U 64 94.39 37.63 73.72
C ASP U 64 94.61 37.81 72.23
N PRO U 65 94.43 39.03 71.73
CA PRO U 65 94.76 39.31 70.34
C PRO U 65 96.17 39.85 70.19
N VAL U 66 96.79 39.51 69.07
CA VAL U 66 98.16 39.90 68.72
C VAL U 66 98.17 40.34 67.26
N VAL U 67 98.98 41.34 66.98
CA VAL U 67 99.19 41.77 65.60
C VAL U 67 100.30 40.93 65.00
N VAL U 68 100.10 40.52 63.74
CA VAL U 68 101.03 39.67 63.01
C VAL U 68 101.14 40.21 61.59
N LYS U 69 102.36 40.29 61.07
CA LYS U 69 102.54 40.67 59.69
C LYS U 69 102.04 39.56 58.77
N ASP U 70 101.49 39.95 57.64
CA ASP U 70 100.95 39.02 56.67
C ASP U 70 102.01 38.67 55.62
N ALA U 71 101.74 37.59 54.87
CA ALA U 71 102.59 37.27 53.73
C ALA U 71 102.61 38.43 52.73
N SER U 72 101.49 39.15 52.60
CA SER U 72 101.42 40.36 51.80
C SER U 72 102.06 41.56 52.48
N GLY U 73 102.55 41.40 53.71
CA GLY U 73 103.08 42.50 54.49
C GLY U 73 102.05 43.24 55.32
N ALA U 74 100.79 43.20 54.93
CA ALA U 74 99.73 43.90 55.65
C ALA U 74 99.67 43.46 57.10
N ASP U 75 99.29 44.38 57.98
CA ASP U 75 99.15 44.06 59.39
C ASP U 75 97.80 43.42 59.65
N MET U 76 97.80 42.32 60.41
CA MET U 76 96.63 41.48 60.59
C MET U 76 96.51 41.13 62.07
N THR U 77 95.33 41.39 62.66
CA THR U 77 95.11 41.12 64.07
C THR U 77 94.47 39.74 64.23
N ILE U 78 95.06 38.93 65.10
CA ILE U 78 94.70 37.52 65.28
C ILE U 78 94.40 37.28 66.75
N LYS U 79 93.30 36.59 67.04
CA LYS U 79 92.89 36.33 68.41
C LYS U 79 93.09 34.86 68.74
N ALA U 80 93.54 34.60 69.97
CA ALA U 80 93.57 33.27 70.56
C ALA U 80 92.67 33.25 71.78
N ASN U 81 91.91 32.18 71.94
CA ASN U 81 90.88 32.14 72.98
C ASN U 81 91.11 30.96 73.92
N ALA U 82 90.78 31.18 75.18
CA ALA U 82 90.68 30.11 76.17
C ALA U 82 89.33 30.25 76.84
N SER U 83 88.63 29.14 76.99
CA SER U 83 87.30 29.16 77.61
C SER U 83 87.21 28.05 78.64
N VAL U 84 86.75 28.41 79.84
CA VAL U 84 86.60 27.47 80.94
C VAL U 84 85.12 27.44 81.31
N THR U 85 84.62 26.24 81.63
CA THR U 85 83.23 26.07 82.04
C THR U 85 83.16 25.10 83.21
N PHE U 86 82.58 25.56 84.30
CA PHE U 86 82.34 24.76 85.50
C PHE U 86 80.86 24.37 85.53
N SER U 87 80.60 23.07 85.48
CA SER U 87 79.26 22.53 85.69
C SER U 87 79.22 21.98 87.10
N LEU U 88 78.44 22.65 87.96
CA LEU U 88 78.42 22.36 89.38
C LEU U 88 77.00 22.04 89.81
N PRO U 89 76.71 20.79 90.16
CA PRO U 89 75.39 20.45 90.69
C PRO U 89 75.16 21.11 92.04
N LYS U 90 73.89 21.34 92.35
CA LYS U 90 73.56 22.05 93.58
C LYS U 90 73.98 21.25 94.81
N THR U 91 73.73 19.93 94.81
CA THR U 91 74.04 19.09 95.95
C THR U 91 75.54 18.93 96.18
N TYR U 92 76.37 19.31 95.21
CA TYR U 92 77.81 19.20 95.35
C TYR U 92 78.31 20.22 96.38
N PRO U 93 79.19 19.84 97.31
CA PRO U 93 79.57 20.76 98.38
C PRO U 93 80.60 21.81 97.95
N ASN U 94 80.39 23.03 98.44
CA ASN U 94 81.26 24.16 98.07
C ASN U 94 82.73 23.84 98.32
N GLU U 95 83.03 23.06 99.35
CA GLU U 95 84.41 22.69 99.64
C GLU U 95 85.04 21.94 98.48
N HIS U 96 84.42 20.85 98.04
CA HIS U 96 84.96 20.09 96.91
C HIS U 96 84.95 20.90 95.62
N ILE U 97 84.08 21.91 95.49
CA ILE U 97 84.18 22.81 94.34
C ILE U 97 85.51 23.57 94.36
N THR U 98 85.84 24.20 95.50
CA THR U 98 87.13 24.89 95.58
C THR U 98 88.27 23.94 95.28
N LYS U 99 88.17 22.70 95.78
CA LYS U 99 89.15 21.68 95.45
C LYS U 99 89.30 21.50 93.94
N LEU U 100 88.16 21.35 93.25
CA LEU U 100 88.18 21.19 91.79
C LEU U 100 88.89 22.36 91.11
N ARG U 101 88.54 23.59 91.50
CA ARG U 101 89.15 24.75 90.86
C ARG U 101 90.66 24.76 91.06
N GLN U 102 91.11 24.46 92.28
CA GLN U 102 92.54 24.50 92.54
C GLN U 102 93.27 23.40 91.77
N THR U 103 92.70 22.19 91.72
CA THR U 103 93.34 21.13 90.94
C THR U 103 93.41 21.51 89.46
N LEU U 104 92.43 22.24 88.95
CA LEU U 104 92.49 22.69 87.56
C LEU U 104 93.64 23.66 87.36
N ILE U 105 93.82 24.61 88.29
CA ILE U 105 94.98 25.49 88.21
C ILE U 105 96.27 24.69 88.18
N ALA U 106 96.39 23.72 89.08
CA ALA U 106 97.58 22.88 89.14
C ALA U 106 97.83 22.19 87.80
N TRP U 107 96.79 21.58 87.24
CA TRP U 107 96.93 20.90 85.97
C TRP U 107 97.39 21.85 84.87
N LEU U 108 96.77 23.04 84.81
CA LEU U 108 97.13 24.02 83.79
C LEU U 108 98.58 24.44 83.91
N GLY U 109 99.18 24.32 85.10
CA GLY U 109 100.60 24.57 85.26
C GLY U 109 101.51 23.49 84.72
N GLN U 110 101.02 22.26 84.63
CA GLN U 110 101.85 21.10 84.35
C GLN U 110 102.40 21.12 82.93
N GLN U 111 103.51 20.41 82.75
CA GLN U 111 104.12 20.36 81.42
C GLN U 111 103.32 19.50 80.45
N CYS U 112 102.68 18.42 80.94
CA CYS U 112 101.87 17.60 80.07
C CYS U 112 100.69 18.36 79.49
N VAL U 113 100.31 19.46 80.14
CA VAL U 113 99.26 20.34 79.61
C VAL U 113 99.86 21.48 78.80
N SER U 114 100.99 22.04 79.24
CA SER U 114 101.55 23.20 78.55
C SER U 114 102.12 22.82 77.18
N ASP U 115 102.80 21.67 77.09
CA ASP U 115 103.43 21.28 75.83
C ASP U 115 102.44 21.21 74.67
N PRO U 116 101.29 20.54 74.78
CA PRO U 116 100.34 20.58 73.65
C PRO U 116 99.69 21.94 73.46
N VAL U 117 99.32 22.61 74.55
CA VAL U 117 98.70 23.93 74.43
C VAL U 117 99.68 24.95 73.84
N ASP U 118 100.86 25.06 74.44
CA ASP U 118 101.79 26.13 74.05
C ASP U 118 102.42 25.84 72.68
N SER U 119 102.90 24.62 72.46
CA SER U 119 103.73 24.33 71.30
C SER U 119 103.09 23.37 70.31
N GLY U 120 101.93 22.80 70.62
CA GLY U 120 101.29 21.88 69.71
C GLY U 120 101.88 20.49 69.64
N LEU U 121 102.79 20.16 70.56
CA LEU U 121 103.37 18.82 70.62
C LEU U 121 102.54 17.95 71.54
N ASN U 122 102.19 16.75 71.08
CA ASN U 122 101.46 15.82 71.92
C ASN U 122 102.40 15.07 72.86
N ASN U 123 101.82 14.45 73.87
CA ASN U 123 102.60 13.70 74.83
C ASN U 123 102.75 12.25 74.37
N TYR U 124 103.70 11.55 75.00
CA TYR U 124 104.02 10.17 74.64
C TYR U 124 104.54 9.35 75.83
N MET V 1 95.28 -38.06 84.98
CA MET V 1 95.52 -38.20 86.42
C MET V 1 94.25 -38.58 87.16
N ARG V 2 94.37 -39.51 88.11
CA ARG V 2 93.25 -39.82 88.99
C ARG V 2 92.93 -38.61 89.86
N LEU V 3 91.75 -38.04 89.66
CA LEU V 3 91.40 -36.79 90.32
C LEU V 3 91.33 -36.97 91.83
N THR V 4 91.77 -35.93 92.54
CA THR V 4 91.65 -35.86 93.98
C THR V 4 91.38 -34.42 94.34
N ASP V 5 90.78 -34.21 95.51
CA ASP V 5 90.58 -32.86 96.01
C ASP V 5 91.91 -32.11 95.98
N VAL V 6 91.85 -30.81 95.78
CA VAL V 6 93.05 -30.02 95.51
C VAL V 6 93.15 -28.91 96.54
N ASP V 7 94.37 -28.68 97.01
CA ASP V 7 94.64 -27.56 97.91
C ASP V 7 95.68 -26.68 97.26
N LEU V 8 95.33 -25.41 97.04
CA LEU V 8 96.16 -24.44 96.35
C LEU V 8 96.71 -23.45 97.36
N THR V 9 97.98 -23.09 97.20
CA THR V 9 98.57 -22.01 97.98
C THR V 9 98.43 -20.74 97.16
N VAL V 10 97.71 -19.76 97.71
CA VAL V 10 97.33 -18.55 96.98
C VAL V 10 97.84 -17.36 97.77
N GLY V 11 98.92 -16.74 97.30
CA GLY V 11 99.54 -15.66 98.04
C GLY V 11 99.91 -16.14 99.41
N GLU V 12 99.22 -15.64 100.43
CA GLU V 12 99.53 -16.01 101.81
C GLU V 12 98.36 -16.72 102.48
N GLU V 13 97.46 -17.29 101.68
CA GLU V 13 96.33 -18.05 102.18
C GLU V 13 96.33 -19.41 101.48
N THR V 14 95.52 -20.33 101.98
CA THR V 14 95.36 -21.64 101.34
C THR V 14 93.90 -21.86 101.00
N ARG V 15 93.65 -22.22 99.73
CA ARG V 15 92.33 -22.40 99.18
C ARG V 15 92.10 -23.87 98.90
N GLU V 16 90.97 -24.40 99.35
CA GLU V 16 90.70 -25.84 99.25
C GLU V 16 89.50 -26.07 98.33
N TYR V 17 89.71 -26.87 97.28
CA TYR V 17 88.70 -27.25 96.33
C TYR V 17 88.43 -28.75 96.42
N ALA V 18 87.20 -29.11 96.08
CA ALA V 18 86.77 -30.50 96.06
C ALA V 18 86.16 -30.84 94.70
N VAL V 19 86.38 -32.08 94.27
CA VAL V 19 85.86 -32.53 92.98
C VAL V 19 84.34 -32.51 93.00
N SER V 20 83.74 -31.84 92.03
CA SER V 20 82.28 -31.78 91.88
C SER V 20 81.75 -32.67 90.77
N GLU V 21 82.41 -32.73 89.62
CA GLU V 21 82.02 -33.74 88.64
C GLU V 21 83.19 -34.00 87.69
N GLN V 22 83.22 -35.22 87.13
CA GLN V 22 84.24 -35.60 86.17
C GLN V 22 83.59 -36.36 85.03
N GLN V 23 83.78 -35.85 83.81
CA GLN V 23 83.32 -36.51 82.60
C GLN V 23 84.55 -36.98 81.82
N GLY V 24 84.31 -37.48 80.61
CA GLY V 24 85.41 -38.00 79.82
C GLY V 24 86.45 -36.96 79.52
N THR V 25 86.01 -35.76 79.11
CA THR V 25 86.91 -34.67 78.74
C THR V 25 86.64 -33.41 79.53
N LEU V 26 85.92 -33.50 80.65
CA LEU V 26 85.55 -32.34 81.44
C LEU V 26 85.60 -32.67 82.92
N PHE V 27 86.02 -31.69 83.73
CA PHE V 27 85.90 -31.82 85.18
C PHE V 27 85.62 -30.46 85.81
N ARG V 28 85.12 -30.52 87.04
CA ARG V 28 84.73 -29.33 87.79
C ARG V 28 85.00 -29.54 89.26
N PHE V 29 85.70 -28.57 89.85
CA PHE V 29 85.94 -28.40 91.27
C PHE V 29 85.11 -27.26 91.84
N VAL V 30 84.81 -27.37 93.13
CA VAL V 30 84.10 -26.33 93.88
C VAL V 30 84.93 -25.94 95.10
N ASP V 31 84.93 -24.65 95.44
CA ASP V 31 85.61 -24.17 96.64
C ASP V 31 84.90 -24.69 97.88
N LYS V 32 85.65 -25.38 98.75
CA LYS V 32 85.07 -25.95 99.96
C LYS V 32 84.52 -24.90 100.92
N SER V 33 84.83 -23.62 100.68
CA SER V 33 84.30 -22.54 101.51
C SER V 33 82.79 -22.38 101.38
N GLY V 34 82.17 -22.98 100.35
CA GLY V 34 80.83 -22.64 99.95
C GLY V 34 79.85 -23.80 100.02
N THR V 35 78.58 -23.44 99.86
CA THR V 35 77.42 -24.34 99.84
C THR V 35 76.86 -24.37 98.43
N VAL V 36 76.03 -25.39 98.17
CA VAL V 36 75.10 -25.32 97.04
C VAL V 36 74.38 -23.98 97.05
N ALA V 37 73.85 -23.60 98.22
CA ALA V 37 73.14 -22.34 98.36
C ALA V 37 74.05 -21.14 98.06
N ASN V 38 75.09 -20.98 98.85
CA ASN V 38 76.01 -19.87 98.68
C ASN V 38 77.35 -20.42 98.19
N ASN V 39 77.74 -20.03 96.97
CA ASN V 39 78.95 -20.53 96.34
C ASN V 39 80.08 -19.53 96.49
N THR V 40 81.29 -20.03 96.78
CA THR V 40 82.46 -19.19 96.94
C THR V 40 83.43 -19.26 95.77
N GLY V 41 83.35 -20.30 94.94
CA GLY V 41 84.29 -20.42 93.83
C GLY V 41 84.08 -21.69 93.03
N VAL V 42 84.37 -21.63 91.73
CA VAL V 42 84.22 -22.79 90.86
C VAL V 42 85.35 -22.79 89.84
N PHE V 43 85.79 -24.00 89.49
CA PHE V 43 86.79 -24.18 88.45
C PHE V 43 86.36 -25.32 87.55
N SER V 44 86.46 -25.10 86.24
CA SER V 44 86.05 -26.10 85.27
C SER V 44 87.07 -26.15 84.13
N LEU V 45 87.30 -27.36 83.61
CA LEU V 45 88.26 -27.56 82.53
C LEU V 45 87.71 -28.59 81.55
N GLU V 46 87.82 -28.30 80.25
CA GLU V 46 87.34 -29.18 79.19
C GLU V 46 88.33 -29.22 78.03
N GLN V 47 88.57 -30.41 77.49
CA GLN V 47 89.41 -30.58 76.32
C GLN V 47 88.58 -31.01 75.12
N ARG V 48 88.89 -30.44 73.96
CA ARG V 48 88.21 -30.72 72.70
C ARG V 48 89.29 -31.13 71.69
N PHE V 49 89.40 -32.43 71.48
CA PHE V 49 90.32 -33.02 70.50
C PHE V 49 89.66 -32.95 69.14
N GLY V 50 90.22 -32.15 68.23
CA GLY V 50 89.66 -31.98 66.91
C GLY V 50 90.11 -33.08 65.94
N ALA V 51 89.84 -32.84 64.66
CA ALA V 51 90.37 -33.73 63.64
C ALA V 51 91.89 -33.55 63.50
N ALA V 52 92.51 -34.45 62.72
CA ALA V 52 93.97 -34.43 62.59
C ALA V 52 94.47 -33.15 61.93
N ASN V 53 93.63 -32.45 61.17
CA ASN V 53 93.98 -31.13 60.67
C ASN V 53 93.67 -30.01 61.65
N SER V 54 92.89 -30.31 62.69
CA SER V 54 92.48 -29.31 63.67
C SER V 54 93.40 -29.32 64.88
N ASN V 55 93.56 -28.15 65.50
CA ASN V 55 94.27 -28.06 66.76
C ASN V 55 93.35 -28.53 67.88
N ARG V 56 93.90 -29.33 68.80
CA ARG V 56 93.13 -29.62 70.00
C ARG V 56 93.10 -28.38 70.88
N LYS V 57 92.01 -28.24 71.63
CA LYS V 57 91.79 -27.03 72.41
C LYS V 57 91.46 -27.41 73.85
N VAL V 58 91.90 -26.58 74.78
CA VAL V 58 91.71 -26.85 76.21
C VAL V 58 91.27 -25.55 76.86
N THR V 59 90.13 -25.57 77.55
CA THR V 59 89.57 -24.34 78.09
C THR V 59 89.26 -24.49 79.57
N MET V 60 89.58 -23.43 80.32
CA MET V 60 89.40 -23.36 81.75
C MET V 60 88.56 -22.14 82.09
N LEU V 61 87.66 -22.30 83.04
CA LEU V 61 86.87 -21.20 83.60
C LEU V 61 86.98 -21.21 85.12
N LEU V 62 87.43 -20.09 85.67
CA LEU V 62 87.54 -19.88 87.11
C LEU V 62 86.58 -18.75 87.46
N THR V 63 85.63 -19.04 88.35
CA THR V 63 84.61 -18.08 88.76
C THR V 63 84.73 -17.84 90.26
N ASP V 64 84.84 -16.56 90.64
CA ASP V 64 84.89 -16.15 92.04
C ASP V 64 83.77 -15.18 92.32
N PRO V 65 82.73 -15.64 93.01
CA PRO V 65 81.66 -14.71 93.44
C PRO V 65 81.94 -14.16 94.83
N VAL V 66 81.54 -12.91 95.02
CA VAL V 66 81.70 -12.17 96.27
C VAL V 66 80.38 -11.47 96.56
N VAL V 67 80.06 -11.39 97.84
CA VAL V 67 78.89 -10.62 98.27
C VAL V 67 79.33 -9.19 98.54
N VAL V 68 78.60 -8.23 97.94
CA VAL V 68 78.89 -6.82 98.04
C VAL V 68 77.65 -6.10 98.53
N LYS V 69 77.85 -4.99 99.24
CA LYS V 69 76.77 -4.15 99.70
C LYS V 69 76.15 -3.40 98.52
N ASP V 70 74.82 -3.34 98.50
CA ASP V 70 74.12 -2.56 97.51
C ASP V 70 74.24 -1.07 97.82
N ALA V 71 73.96 -0.24 96.80
CA ALA V 71 73.89 1.20 97.05
C ALA V 71 72.78 1.52 98.03
N SER V 72 71.70 0.74 98.03
CA SER V 72 70.67 0.83 99.04
C SER V 72 71.08 0.14 100.34
N GLY V 73 71.96 -0.85 100.26
CA GLY V 73 72.42 -1.59 101.42
C GLY V 73 72.13 -3.08 101.36
N ALA V 74 71.30 -3.54 100.42
CA ALA V 74 70.96 -4.95 100.31
C ALA V 74 72.21 -5.79 100.01
N ASP V 75 72.09 -7.08 100.31
CA ASP V 75 73.16 -8.02 100.00
C ASP V 75 73.03 -8.47 98.55
N MET V 76 74.12 -8.37 97.79
CA MET V 76 74.07 -8.69 96.37
C MET V 76 75.31 -9.50 96.00
N THR V 77 75.14 -10.55 95.20
CA THR V 77 76.27 -11.40 94.82
C THR V 77 76.76 -11.04 93.42
N ILE V 78 78.08 -10.88 93.29
CA ILE V 78 78.72 -10.42 92.07
C ILE V 78 79.84 -11.39 91.74
N LYS V 79 79.87 -11.87 90.50
CA LYS V 79 80.87 -12.83 90.07
C LYS V 79 81.93 -12.14 89.21
N ALA V 80 83.17 -12.62 89.34
CA ALA V 80 84.27 -12.24 88.47
C ALA V 80 84.82 -13.49 87.80
N ASN V 81 85.06 -13.40 86.49
CA ASN V 81 85.41 -14.58 85.70
C ASN V 81 86.81 -14.44 85.14
N ALA V 82 87.51 -15.57 85.06
CA ALA V 82 88.76 -15.64 84.31
C ALA V 82 88.72 -16.90 83.48
N SER V 83 89.11 -16.80 82.21
CA SER V 83 89.03 -17.94 81.32
C SER V 83 90.31 -18.06 80.51
N VAL V 84 90.86 -19.26 80.46
CA VAL V 84 92.08 -19.54 79.70
C VAL V 84 91.73 -20.53 78.60
N THR V 85 92.38 -20.38 77.45
CA THR V 85 92.19 -21.29 76.33
C THR V 85 93.54 -21.57 75.68
N PHE V 86 93.92 -22.84 75.65
CA PHE V 86 95.14 -23.31 75.00
C PHE V 86 94.75 -23.90 73.64
N SER V 87 95.26 -23.31 72.57
CA SER V 87 95.13 -23.86 71.23
C SER V 87 96.45 -24.52 70.88
N LEU V 88 96.44 -25.85 70.80
CA LEU V 88 97.64 -26.66 70.64
C LEU V 88 97.51 -27.51 69.40
N PRO V 89 98.26 -27.22 68.34
CA PRO V 89 98.28 -28.09 67.16
C PRO V 89 98.90 -29.44 67.48
N LYS V 90 98.50 -30.43 66.70
CA LYS V 90 98.91 -31.80 66.96
C LYS V 90 100.26 -32.15 66.35
N THR V 91 100.93 -31.19 65.73
CA THR V 91 102.33 -31.32 65.33
C THR V 91 103.26 -30.58 66.27
N TYR V 92 102.70 -29.90 67.26
CA TYR V 92 103.47 -29.14 68.25
C TYR V 92 103.94 -30.09 69.36
N PRO V 93 105.20 -30.00 69.78
CA PRO V 93 105.71 -30.96 70.77
C PRO V 93 105.27 -30.67 72.20
N ASN V 94 105.04 -31.76 72.93
CA ASN V 94 104.52 -31.66 74.29
C ASN V 94 105.46 -30.85 75.18
N GLU V 95 106.77 -31.00 74.97
CA GLU V 95 107.74 -30.21 75.73
C GLU V 95 107.44 -28.72 75.63
N HIS V 96 107.29 -28.23 74.40
CA HIS V 96 107.04 -26.80 74.22
C HIS V 96 105.65 -26.41 74.70
N ILE V 97 104.68 -27.33 74.74
CA ILE V 97 103.42 -27.01 75.39
C ILE V 97 103.65 -26.73 76.89
N THR V 98 104.44 -27.58 77.54
CA THR V 98 104.76 -27.33 78.96
C THR V 98 105.47 -25.99 79.13
N LYS V 99 106.44 -25.72 78.25
CA LYS V 99 107.12 -24.43 78.25
C LYS V 99 106.12 -23.28 78.17
N LEU V 100 105.15 -23.41 77.25
CA LEU V 100 104.14 -22.38 77.07
C LEU V 100 103.33 -22.16 78.36
N ARG V 101 102.86 -23.26 78.96
CA ARG V 101 102.07 -23.14 80.19
C ARG V 101 102.86 -22.44 81.29
N GLN V 102 104.13 -22.81 81.43
CA GLN V 102 104.92 -22.19 82.49
C GLN V 102 105.20 -20.72 82.21
N THR V 103 105.49 -20.36 80.96
CA THR V 103 105.66 -18.93 80.64
C THR V 103 104.38 -18.15 80.90
N LEU V 104 103.22 -18.78 80.69
CA LEU V 104 101.97 -18.10 81.00
C LEU V 104 101.84 -17.86 82.49
N ILE V 105 102.19 -18.86 83.30
CA ILE V 105 102.17 -18.67 84.76
C ILE V 105 103.08 -17.51 85.15
N ALA V 106 104.28 -17.49 84.60
CA ALA V 106 105.23 -16.41 84.91
C ALA V 106 104.67 -15.06 84.51
N TRP V 107 104.06 -14.97 83.33
CA TRP V 107 103.48 -13.71 82.88
C TRP V 107 102.36 -13.25 83.81
N LEU V 108 101.49 -14.19 84.20
CA LEU V 108 100.41 -13.86 85.13
C LEU V 108 100.93 -13.39 86.47
N GLY V 109 102.17 -13.75 86.81
CA GLY V 109 102.81 -13.21 87.98
C GLY V 109 103.28 -11.77 87.87
N GLN V 110 103.56 -11.32 86.64
CA GLN V 110 104.25 -10.05 86.42
C GLN V 110 103.41 -8.86 86.86
N GLN V 111 104.10 -7.76 87.19
CA GLN V 111 103.40 -6.55 87.59
C GLN V 111 102.71 -5.89 86.40
N CYS V 112 103.32 -5.97 85.21
CA CYS V 112 102.70 -5.37 84.03
C CYS V 112 101.42 -6.07 83.64
N VAL V 113 101.23 -7.31 84.06
CA VAL V 113 99.95 -7.98 83.92
C VAL V 113 99.06 -7.71 85.12
N SER V 114 99.66 -7.58 86.31
CA SER V 114 98.89 -7.41 87.53
C SER V 114 98.15 -6.07 87.56
N ASP V 115 98.84 -4.98 87.19
CA ASP V 115 98.24 -3.65 87.32
C ASP V 115 96.94 -3.50 86.54
N PRO V 116 96.86 -3.83 85.25
CA PRO V 116 95.55 -3.72 84.58
C PRO V 116 94.51 -4.67 85.12
N VAL V 117 94.89 -5.93 85.37
CA VAL V 117 93.94 -6.91 85.87
C VAL V 117 93.45 -6.52 87.27
N ASP V 118 94.38 -6.37 88.21
CA ASP V 118 93.99 -6.21 89.61
C ASP V 118 93.34 -4.85 89.87
N SER V 119 93.89 -3.78 89.29
CA SER V 119 93.47 -2.43 89.65
C SER V 119 92.92 -1.60 88.49
N GLY V 120 93.10 -2.04 87.25
CA GLY V 120 92.62 -1.30 86.11
C GLY V 120 93.57 -0.28 85.55
N LEU V 121 94.74 -0.09 86.16
CA LEU V 121 95.71 0.85 85.64
C LEU V 121 96.41 0.25 84.41
N ASN V 122 96.50 1.03 83.34
CA ASN V 122 97.28 0.60 82.19
C ASN V 122 98.77 0.94 82.40
N ASN V 123 99.61 0.20 81.68
CA ASN V 123 101.04 0.48 81.75
C ASN V 123 101.41 1.55 80.74
N TYR V 124 102.56 2.17 80.96
CA TYR V 124 102.98 3.30 80.13
C TYR V 124 104.47 3.25 79.78
N MET W 1 86.81 -53.22 85.70
CA MET W 1 88.03 -53.15 86.50
C MET W 1 88.40 -51.70 86.79
N ARG W 2 89.27 -51.49 87.77
CA ARG W 2 89.79 -50.17 88.07
C ARG W 2 90.98 -49.88 87.16
N LEU W 3 90.79 -48.94 86.22
CA LEU W 3 91.81 -48.67 85.22
C LEU W 3 93.11 -48.21 85.84
N THR W 4 94.20 -48.84 85.40
CA THR W 4 95.55 -48.50 85.78
C THR W 4 96.40 -48.50 84.52
N ASP W 5 97.44 -47.67 84.52
CA ASP W 5 98.36 -47.65 83.38
C ASP W 5 98.84 -49.07 83.09
N VAL W 6 99.04 -49.38 81.82
CA VAL W 6 99.24 -50.76 81.39
C VAL W 6 100.59 -50.86 80.70
N ASP W 7 101.29 -51.97 80.94
CA ASP W 7 102.52 -52.26 80.22
C ASP W 7 102.40 -53.60 79.52
N LEU W 8 102.57 -53.58 78.21
CA LEU W 8 102.37 -54.73 77.35
C LEU W 8 103.72 -55.25 76.90
N THR W 9 103.88 -56.56 76.96
CA THR W 9 105.07 -57.21 76.44
C THR W 9 104.79 -57.54 74.98
N VAL W 10 105.49 -56.87 74.07
CA VAL W 10 105.25 -56.95 72.64
C VAL W 10 106.49 -57.52 72.00
N GLY W 11 106.46 -58.81 71.69
CA GLY W 11 107.64 -59.48 71.18
C GLY W 11 108.76 -59.38 72.19
N GLU W 12 109.81 -58.63 71.86
CA GLU W 12 110.93 -58.48 72.76
C GLU W 12 111.03 -57.06 73.30
N GLU W 13 109.96 -56.29 73.21
CA GLU W 13 109.96 -54.91 73.65
C GLU W 13 108.83 -54.75 74.66
N THR W 14 108.80 -53.62 75.34
CA THR W 14 107.72 -53.32 76.28
C THR W 14 107.11 -51.97 75.91
N ARG W 15 105.81 -51.99 75.58
CA ARG W 15 105.04 -50.78 75.33
C ARG W 15 104.37 -50.34 76.62
N GLU W 16 104.31 -49.03 76.85
CA GLU W 16 103.80 -48.50 78.11
C GLU W 16 102.73 -47.45 77.84
N TYR W 17 101.49 -47.78 78.16
CA TYR W 17 100.34 -46.92 77.92
C TYR W 17 99.85 -46.34 79.23
N ALA W 18 99.34 -45.11 79.13
CA ALA W 18 98.75 -44.38 80.25
C ALA W 18 97.29 -44.07 79.96
N VAL W 19 96.46 -44.12 80.99
CA VAL W 19 95.04 -43.81 80.84
C VAL W 19 94.89 -42.38 80.39
N SER W 20 94.16 -42.17 79.29
CA SER W 20 93.93 -40.84 78.75
C SER W 20 92.50 -40.36 78.84
N GLU W 21 91.50 -41.25 78.83
CA GLU W 21 90.17 -40.81 79.24
C GLU W 21 89.32 -42.01 79.64
N GLN W 22 88.38 -41.75 80.55
CA GLN W 22 87.43 -42.76 81.01
C GLN W 22 86.04 -42.12 81.01
N GLN W 23 85.14 -42.67 80.21
CA GLN W 23 83.75 -42.25 80.20
C GLN W 23 82.91 -43.37 80.82
N GLY W 24 81.61 -43.33 80.57
CA GLY W 24 80.74 -44.37 81.09
C GLY W 24 81.11 -45.71 80.51
N THR W 25 81.02 -45.83 79.19
CA THR W 25 81.24 -47.09 78.48
C THR W 25 82.47 -47.06 77.60
N LEU W 26 83.29 -46.01 77.70
CA LEU W 26 84.42 -45.82 76.81
C LEU W 26 85.67 -45.48 77.62
N PHE W 27 86.82 -46.00 77.17
CA PHE W 27 88.10 -45.62 77.74
C PHE W 27 89.14 -45.52 76.63
N ARG W 28 90.24 -44.85 76.95
CA ARG W 28 91.30 -44.59 76.00
C ARG W 28 92.63 -44.51 76.72
N PHE W 29 93.59 -45.31 76.27
CA PHE W 29 94.98 -45.30 76.66
C PHE W 29 95.83 -44.66 75.58
N VAL W 30 97.04 -44.25 75.98
CA VAL W 30 97.94 -43.50 75.11
C VAL W 30 99.37 -43.97 75.36
N ASP W 31 100.13 -44.15 74.27
CA ASP W 31 101.53 -44.59 74.39
C ASP W 31 102.36 -43.53 75.11
N LYS W 32 102.92 -43.91 76.26
CA LYS W 32 103.69 -42.94 77.05
C LYS W 32 104.89 -42.42 76.28
N SER W 33 105.45 -43.23 75.39
CA SER W 33 106.64 -42.88 74.63
C SER W 33 106.39 -41.83 73.57
N GLY W 34 105.20 -41.24 73.52
CA GLY W 34 104.90 -40.27 72.48
C GLY W 34 105.46 -38.90 72.85
N THR W 35 106.07 -38.25 71.85
CA THR W 35 106.59 -36.89 72.02
C THR W 35 105.63 -35.83 71.54
N VAL W 36 104.91 -36.12 70.46
CA VAL W 36 103.95 -35.19 69.89
C VAL W 36 102.62 -35.92 69.78
N ALA W 37 101.54 -35.13 69.66
CA ALA W 37 100.22 -35.72 69.45
C ALA W 37 100.22 -36.67 68.27
N ASN W 38 100.74 -36.23 67.12
CA ASN W 38 100.78 -37.09 65.94
C ASN W 38 101.77 -38.24 66.10
N ASN W 39 102.84 -38.01 66.86
CA ASN W 39 103.78 -39.09 67.17
C ASN W 39 103.11 -40.20 67.97
N THR W 40 102.07 -39.88 68.73
CA THR W 40 101.60 -40.71 69.82
C THR W 40 100.59 -41.76 69.37
N GLY W 41 100.90 -43.03 69.64
CA GLY W 41 99.92 -44.09 69.42
C GLY W 41 98.86 -44.12 70.49
N VAL W 42 97.70 -44.68 70.14
CA VAL W 42 96.56 -44.68 71.04
C VAL W 42 95.78 -45.98 70.93
N PHE W 43 94.99 -46.25 71.97
CA PHE W 43 94.12 -47.42 72.00
C PHE W 43 92.83 -47.05 72.71
N SER W 44 91.71 -47.36 72.09
CA SER W 44 90.42 -46.96 72.63
C SER W 44 89.46 -48.14 72.56
N LEU W 45 88.54 -48.20 73.53
CA LEU W 45 87.54 -49.27 73.59
C LEU W 45 86.22 -48.68 74.07
N GLU W 46 85.13 -49.17 73.48
CA GLU W 46 83.79 -48.70 73.80
C GLU W 46 82.81 -49.86 73.72
N GLN W 47 81.93 -49.97 74.71
CA GLN W 47 80.87 -50.97 74.69
C GLN W 47 79.53 -50.28 74.45
N ARG W 48 78.72 -50.88 73.58
CA ARG W 48 77.39 -50.41 73.25
C ARG W 48 76.45 -51.57 73.60
N PHE W 49 75.81 -51.45 74.75
CA PHE W 49 74.84 -52.42 75.22
C PHE W 49 73.49 -52.12 74.57
N GLY W 50 72.91 -53.09 73.89
CA GLY W 50 71.67 -52.89 73.18
C GLY W 50 70.45 -53.23 74.02
N ALA W 51 69.29 -53.22 73.36
CA ALA W 51 68.08 -53.72 73.99
C ALA W 51 68.17 -55.23 74.17
N ALA W 52 67.14 -55.82 74.80
CA ALA W 52 67.19 -57.25 75.09
C ALA W 52 67.14 -58.10 73.83
N ASN W 53 66.55 -57.57 72.76
CA ASN W 53 66.57 -58.28 71.48
C ASN W 53 67.86 -58.04 70.71
N SER W 54 68.68 -57.09 71.14
CA SER W 54 69.92 -56.77 70.46
C SER W 54 71.09 -57.55 71.06
N ASN W 55 72.21 -57.51 70.34
CA ASN W 55 73.48 -58.01 70.84
C ASN W 55 74.29 -56.82 71.35
N ARG W 56 74.98 -57.00 72.47
CA ARG W 56 75.90 -55.96 72.88
C ARG W 56 77.13 -56.02 71.98
N LYS W 57 77.72 -54.86 71.72
CA LYS W 57 78.86 -54.77 70.82
C LYS W 57 80.00 -54.06 71.54
N VAL W 58 81.21 -54.61 71.43
CA VAL W 58 82.40 -53.98 71.98
C VAL W 58 83.36 -53.72 70.84
N THR W 59 83.85 -52.48 70.75
CA THR W 59 84.74 -52.10 69.67
C THR W 59 86.03 -51.52 70.24
N MET W 60 87.13 -51.82 69.56
CA MET W 60 88.45 -51.35 69.92
C MET W 60 89.14 -50.81 68.68
N LEU W 61 89.86 -49.71 68.87
CA LEU W 61 90.69 -49.11 67.83
C LEU W 61 92.10 -48.91 68.37
N LEU W 62 93.08 -49.43 67.63
CA LEU W 62 94.49 -49.29 67.94
C LEU W 62 95.14 -48.53 66.80
N THR W 63 95.76 -47.39 67.11
CA THR W 63 96.40 -46.54 66.13
C THR W 63 97.88 -46.41 66.44
N ASP W 64 98.72 -46.74 65.46
CA ASP W 64 100.18 -46.70 65.60
C ASP W 64 100.79 -45.86 64.50
N PRO W 65 101.02 -44.58 64.73
CA PRO W 65 101.69 -43.74 63.73
C PRO W 65 103.21 -43.90 63.77
N VAL W 66 103.84 -43.65 62.63
CA VAL W 66 105.29 -43.71 62.46
C VAL W 66 105.72 -42.54 61.59
N VAL W 67 106.97 -42.07 61.78
CA VAL W 67 107.49 -40.96 61.00
C VAL W 67 108.29 -41.51 59.82
N VAL W 68 107.96 -41.02 58.61
CA VAL W 68 108.66 -41.40 57.39
C VAL W 68 109.24 -40.16 56.71
N MET W 76 106.95 -36.57 57.18
CA MET W 76 105.55 -37.00 57.23
C MET W 76 105.34 -38.15 58.23
N THR W 77 104.18 -38.15 58.89
CA THR W 77 103.79 -39.22 59.80
C THR W 77 102.60 -39.98 59.23
N ILE W 78 102.71 -41.30 59.21
CA ILE W 78 101.75 -42.20 58.60
C ILE W 78 101.14 -43.07 59.68
N LYS W 79 99.81 -43.21 59.65
CA LYS W 79 99.08 -43.92 60.68
C LYS W 79 98.49 -45.22 60.14
N ALA W 80 98.62 -46.30 60.92
CA ALA W 80 98.01 -47.58 60.61
C ALA W 80 97.07 -47.99 61.75
N ASN W 81 95.94 -48.59 61.37
CA ASN W 81 94.88 -48.88 62.33
C ASN W 81 94.57 -50.37 62.38
N ALA W 82 94.31 -50.86 63.58
CA ALA W 82 93.67 -52.15 63.78
C ALA W 82 92.38 -51.91 64.54
N SER W 83 91.30 -52.57 64.11
CA SER W 83 90.02 -52.39 64.78
C SER W 83 89.38 -53.74 64.99
N VAL W 84 89.01 -54.03 66.23
CA VAL W 84 88.35 -55.27 66.59
C VAL W 84 86.94 -54.94 67.04
N THR W 85 85.98 -55.83 66.71
CA THR W 85 84.59 -55.67 67.12
C THR W 85 84.03 -57.03 67.51
N PHE W 86 83.54 -57.11 68.75
CA PHE W 86 82.91 -58.32 69.29
C PHE W 86 81.41 -58.10 69.31
N SER W 87 80.68 -58.91 68.56
CA SER W 87 79.22 -58.91 68.59
C SER W 87 78.79 -60.12 69.42
N LEU W 88 78.20 -59.85 70.58
CA LEU W 88 77.92 -60.86 71.58
C LEU W 88 76.44 -60.83 71.94
N PRO W 89 75.67 -61.85 71.58
CA PRO W 89 74.29 -61.94 72.05
C PRO W 89 74.23 -62.16 73.55
N LYS W 90 73.17 -61.64 74.16
CA LYS W 90 73.10 -61.67 75.62
C LYS W 90 72.94 -63.09 76.14
N THR W 91 72.12 -63.91 75.46
CA THR W 91 71.92 -65.30 75.87
C THR W 91 73.20 -66.12 75.75
N TYR W 92 74.19 -65.64 74.99
CA TYR W 92 75.43 -66.38 74.79
C TYR W 92 76.24 -66.42 76.09
N PRO W 93 76.84 -67.55 76.46
CA PRO W 93 77.43 -67.68 77.80
C PRO W 93 78.82 -67.04 77.92
N ASN W 94 79.02 -66.38 79.06
CA ASN W 94 80.26 -65.64 79.29
C ASN W 94 81.49 -66.53 79.15
N GLU W 95 81.39 -67.80 79.54
CA GLU W 95 82.52 -68.71 79.40
C GLU W 95 82.93 -68.85 77.94
N HIS W 96 81.98 -69.13 77.05
CA HIS W 96 82.29 -69.24 75.64
C HIS W 96 82.76 -67.92 75.03
N ILE W 97 82.37 -66.78 75.61
CA ILE W 97 82.94 -65.51 75.16
C ILE W 97 84.44 -65.44 75.47
N THR W 98 84.81 -65.78 76.72
CA THR W 98 86.23 -65.80 77.06
C THR W 98 86.98 -66.72 76.09
N LYS W 99 86.39 -67.87 75.78
CA LYS W 99 86.97 -68.77 74.78
C LYS W 99 87.18 -68.06 73.44
N LEU W 100 86.14 -67.39 72.94
CA LEU W 100 86.24 -66.70 71.66
C LEU W 100 87.41 -65.72 71.65
N ARG W 101 87.50 -64.88 72.68
CA ARG W 101 88.59 -63.90 72.75
C ARG W 101 89.96 -64.59 72.70
N GLN W 102 90.12 -65.66 73.48
CA GLN W 102 91.42 -66.32 73.52
C GLN W 102 91.78 -66.93 72.16
N THR W 103 90.80 -67.53 71.48
CA THR W 103 91.09 -68.11 70.17
C THR W 103 91.41 -67.04 69.14
N LEU W 104 90.81 -65.84 69.26
CA LEU W 104 91.21 -64.76 68.37
C LEU W 104 92.67 -64.38 68.60
N ILE W 105 93.09 -64.30 69.86
CA ILE W 105 94.50 -64.05 70.16
C ILE W 105 95.37 -65.11 69.49
N ALA W 106 95.02 -66.38 69.66
CA ALA W 106 95.78 -67.47 69.07
C ALA W 106 95.86 -67.33 67.55
N TRP W 107 94.75 -66.99 66.91
CA TRP W 107 94.74 -66.83 65.47
C TRP W 107 95.67 -65.71 65.03
N LEU W 108 95.57 -64.55 65.69
CA LEU W 108 96.44 -63.43 65.40
C LEU W 108 97.91 -63.77 65.59
N GLY W 109 98.21 -64.83 66.34
CA GLY W 109 99.57 -65.35 66.41
C GLY W 109 100.09 -66.05 65.17
N GLN W 110 99.21 -66.71 64.42
CA GLN W 110 99.61 -67.69 63.42
C GLN W 110 100.23 -67.05 62.18
N GLN W 111 100.99 -67.86 61.45
CA GLN W 111 101.66 -67.38 60.24
C GLN W 111 100.65 -67.03 59.16
N CYS W 112 99.61 -67.85 59.00
CA CYS W 112 98.63 -67.60 57.95
C CYS W 112 97.95 -66.25 58.14
N VAL W 113 98.03 -65.67 59.33
CA VAL W 113 97.52 -64.33 59.59
C VAL W 113 98.64 -63.29 59.50
N SER W 114 99.83 -63.60 60.01
CA SER W 114 100.91 -62.62 60.00
C SER W 114 101.37 -62.32 58.59
N ASP W 115 101.49 -63.34 57.73
CA ASP W 115 101.99 -63.13 56.38
C ASP W 115 101.18 -62.09 55.58
N PRO W 116 99.85 -62.16 55.54
CA PRO W 116 99.13 -61.07 54.85
C PRO W 116 99.14 -59.75 55.61
N VAL W 117 98.93 -59.78 56.93
CA VAL W 117 98.94 -58.54 57.70
C VAL W 117 100.31 -57.87 57.64
N ASP W 118 101.35 -58.59 58.09
CA ASP W 118 102.66 -57.96 58.24
C ASP W 118 103.25 -57.55 56.89
N SER W 119 103.34 -58.48 55.95
CA SER W 119 104.06 -58.23 54.71
C SER W 119 103.21 -58.28 53.44
N GLY W 120 101.95 -58.69 53.54
CA GLY W 120 101.09 -58.73 52.38
C GLY W 120 101.11 -60.01 51.58
N LEU W 121 101.81 -61.04 52.07
CA LEU W 121 101.80 -62.35 51.40
C LEU W 121 100.46 -63.03 51.65
N ASN W 122 99.76 -63.39 50.57
CA ASN W 122 98.58 -64.22 50.76
C ASN W 122 98.99 -65.69 50.88
N ASN W 123 98.07 -66.48 51.41
CA ASN W 123 98.35 -67.89 51.58
C ASN W 123 97.92 -68.66 50.33
N TYR W 124 98.66 -69.72 50.05
CA TYR W 124 98.46 -70.47 48.82
C TYR W 124 98.58 -71.95 49.07
N MET X 1 82.64 -38.30 95.99
CA MET X 1 83.26 -39.54 96.44
C MET X 1 83.96 -40.23 95.27
N ARG X 2 85.14 -40.80 95.55
CA ARG X 2 85.83 -41.65 94.57
C ARG X 2 85.09 -43.00 94.48
N LEU X 3 84.38 -43.22 93.40
CA LEU X 3 83.52 -44.39 93.30
C LEU X 3 84.37 -45.65 93.25
N THR X 4 84.01 -46.61 94.10
CA THR X 4 84.54 -47.96 94.05
C THR X 4 83.44 -48.93 94.40
N ASP X 5 83.69 -50.21 94.10
CA ASP X 5 82.72 -51.26 94.40
C ASP X 5 82.31 -51.18 95.86
N VAL X 6 81.08 -51.56 96.15
CA VAL X 6 80.59 -51.54 97.52
C VAL X 6 79.93 -52.88 97.86
N ASP X 7 79.91 -53.16 99.15
CA ASP X 7 79.20 -54.31 99.71
C ASP X 7 78.22 -53.80 100.74
N LEU X 8 76.97 -54.25 100.63
CA LEU X 8 75.89 -53.81 101.48
C LEU X 8 75.50 -54.90 102.45
N THR X 9 75.21 -54.50 103.68
CA THR X 9 74.70 -55.41 104.69
C THR X 9 73.18 -55.37 104.61
N VAL X 10 72.56 -56.49 104.25
CA VAL X 10 71.12 -56.56 103.99
C VAL X 10 70.53 -57.61 104.90
N GLY X 11 69.93 -57.17 106.01
CA GLY X 11 69.43 -58.10 106.99
C GLY X 11 70.54 -59.00 107.49
N GLU X 12 70.47 -60.28 107.16
CA GLU X 12 71.47 -61.25 107.58
C GLU X 12 72.24 -61.83 106.40
N GLU X 13 72.31 -61.10 105.30
CA GLU X 13 73.11 -61.50 104.16
C GLU X 13 73.96 -60.31 103.72
N THR X 14 74.94 -60.59 102.86
CA THR X 14 75.79 -59.56 102.31
C THR X 14 75.63 -59.53 100.79
N ARG X 15 75.37 -58.34 100.27
CA ARG X 15 75.10 -58.11 98.86
C ARG X 15 76.29 -57.37 98.26
N GLU X 16 76.85 -57.90 97.18
CA GLU X 16 78.08 -57.35 96.61
C GLU X 16 77.78 -56.72 95.26
N TYR X 17 77.99 -55.40 95.15
CA TYR X 17 77.83 -54.71 93.90
C TYR X 17 79.20 -54.31 93.35
N ALA X 18 79.24 -54.07 92.04
CA ALA X 18 80.44 -53.63 91.35
C ALA X 18 80.08 -52.49 90.42
N VAL X 19 80.99 -51.51 90.31
CA VAL X 19 80.74 -50.37 89.46
C VAL X 19 80.63 -50.85 88.02
N SER X 20 79.51 -50.53 87.38
CA SER X 20 79.29 -50.86 85.98
C SER X 20 79.43 -49.69 85.03
N GLU X 21 79.17 -48.46 85.48
CA GLU X 21 79.58 -47.29 84.71
C GLU X 21 79.57 -46.05 85.59
N GLN X 22 80.43 -45.09 85.25
CA GLN X 22 80.45 -43.81 85.95
C GLN X 22 80.56 -42.69 84.93
N GLN X 23 79.55 -41.81 84.93
CA GLN X 23 79.53 -40.61 84.11
C GLN X 23 79.57 -39.39 85.01
N GLY X 24 79.45 -38.21 84.38
CA GLY X 24 79.60 -36.98 85.13
C GLY X 24 78.57 -36.81 86.22
N THR X 25 77.30 -37.04 85.87
CA THR X 25 76.18 -36.88 86.79
C THR X 25 75.45 -38.20 87.06
N LEU X 26 75.96 -39.32 86.54
CA LEU X 26 75.27 -40.60 86.62
C LEU X 26 76.28 -41.70 86.96
N PHE X 27 75.81 -42.70 87.71
CA PHE X 27 76.59 -43.91 87.93
C PHE X 27 75.67 -45.11 88.06
N ARG X 28 76.25 -46.29 87.85
CA ARG X 28 75.52 -47.54 87.85
C ARG X 28 76.37 -48.66 88.43
N PHE X 29 75.80 -49.36 89.41
CA PHE X 29 76.33 -50.58 90.00
C PHE X 29 75.51 -51.80 89.54
N VAL X 30 76.17 -52.95 89.54
CA VAL X 30 75.56 -54.23 89.18
C VAL X 30 75.86 -55.26 90.26
N ASP X 31 74.87 -56.10 90.59
CA ASP X 31 75.06 -57.16 91.58
C ASP X 31 76.05 -58.20 91.05
N LYS X 32 77.12 -58.45 91.82
CA LYS X 32 78.21 -59.31 91.38
C LYS X 32 77.76 -60.76 91.16
N SER X 33 76.59 -61.15 91.66
CA SER X 33 76.10 -62.51 91.51
C SER X 33 75.44 -62.76 90.17
N GLY X 34 75.57 -61.85 89.20
CA GLY X 34 74.78 -61.88 87.98
C GLY X 34 75.62 -61.97 86.70
N THR X 35 74.90 -62.24 85.61
CA THR X 35 75.43 -62.34 84.26
C THR X 35 74.65 -61.40 83.36
N VAL X 36 75.20 -61.08 82.18
CA VAL X 36 74.39 -60.42 81.16
C VAL X 36 73.15 -61.27 80.87
N ALA X 37 73.34 -62.59 80.77
CA ALA X 37 72.22 -63.47 80.48
C ALA X 37 71.22 -63.50 81.62
N ASN X 38 71.70 -63.73 82.83
CA ASN X 38 70.83 -63.77 84.01
C ASN X 38 71.25 -62.67 84.96
N ASN X 39 70.59 -61.52 84.88
CA ASN X 39 70.89 -60.41 85.77
C ASN X 39 70.17 -60.59 87.10
N THR X 40 70.80 -60.09 88.16
CA THR X 40 70.31 -60.29 89.51
C THR X 40 70.05 -59.00 90.28
N GLY X 41 70.53 -57.86 89.78
CA GLY X 41 70.29 -56.61 90.47
C GLY X 41 71.07 -55.47 89.85
N VAL X 42 70.47 -54.29 89.80
CA VAL X 42 71.15 -53.10 89.31
C VAL X 42 70.72 -51.92 90.18
N PHE X 43 71.63 -50.97 90.32
CA PHE X 43 71.36 -49.72 91.01
C PHE X 43 71.94 -48.59 90.19
N SER X 44 71.18 -47.52 90.03
CA SER X 44 71.62 -46.39 89.23
C SER X 44 71.18 -45.09 89.92
N LEU X 45 72.01 -44.06 89.77
CA LEU X 45 71.72 -42.76 90.38
C LEU X 45 72.18 -41.65 89.44
N GLU X 46 71.35 -40.61 89.34
CA GLU X 46 71.63 -39.46 88.48
C GLU X 46 71.21 -38.18 89.18
N GLN X 47 72.04 -37.14 89.07
CA GLN X 47 71.68 -35.82 89.56
C GLN X 47 71.47 -34.88 88.38
N ARG X 48 70.32 -34.24 88.35
CA ARG X 48 70.05 -33.11 87.45
C ARG X 48 70.12 -31.85 88.31
N PHE X 49 71.30 -31.24 88.33
CA PHE X 49 71.45 -29.94 88.96
C PHE X 49 70.70 -28.91 88.14
N GLY X 50 69.67 -28.32 88.73
CA GLY X 50 68.76 -27.48 87.98
C GLY X 50 69.32 -26.11 87.67
N ALA X 51 68.54 -25.35 86.90
CA ALA X 51 68.83 -23.94 86.69
C ALA X 51 68.84 -23.20 88.03
N ALA X 52 69.41 -21.99 88.01
CA ALA X 52 69.61 -21.25 89.26
C ALA X 52 68.30 -20.97 89.98
N ASN X 53 67.18 -20.94 89.26
CA ASN X 53 65.88 -20.74 89.88
C ASN X 53 65.28 -22.05 90.39
N SER X 54 65.58 -23.17 89.74
CA SER X 54 64.93 -24.44 90.02
C SER X 54 65.65 -25.19 91.13
N ASN X 55 64.96 -26.22 91.65
CA ASN X 55 65.55 -27.17 92.57
C ASN X 55 66.42 -28.16 91.81
N ARG X 56 67.41 -28.72 92.50
CA ARG X 56 68.14 -29.83 91.92
C ARG X 56 67.46 -31.14 92.29
N LYS X 57 67.55 -32.10 91.39
CA LYS X 57 66.89 -33.39 91.56
C LYS X 57 67.94 -34.49 91.57
N VAL X 58 67.76 -35.46 92.47
CA VAL X 58 68.58 -36.67 92.47
C VAL X 58 67.64 -37.86 92.41
N THR X 59 67.87 -38.75 91.47
CA THR X 59 67.00 -39.90 91.28
C THR X 59 67.81 -41.19 91.33
N MET X 60 67.22 -42.21 91.94
CA MET X 60 67.81 -43.53 92.08
C MET X 60 66.80 -44.58 91.64
N LEU X 61 67.31 -45.59 90.95
CA LEU X 61 66.53 -46.75 90.55
C LEU X 61 67.25 -48.01 90.98
N LEU X 62 66.55 -48.83 91.77
CA LEU X 62 67.01 -50.15 92.18
C LEU X 62 66.11 -51.18 91.55
N THR X 63 66.71 -52.13 90.81
CA THR X 63 65.95 -53.15 90.12
C THR X 63 66.45 -54.53 90.54
N ASP X 64 65.54 -55.35 91.04
CA ASP X 64 65.84 -56.73 91.43
C ASP X 64 64.99 -57.66 90.58
N PRO X 65 65.61 -58.36 89.64
CA PRO X 65 64.88 -59.38 88.88
C PRO X 65 65.04 -60.76 89.50
N VAL X 66 63.98 -61.55 89.37
CA VAL X 66 63.90 -62.91 89.89
C VAL X 66 63.29 -63.80 88.81
N VAL X 67 63.77 -65.03 88.74
CA VAL X 67 63.18 -66.03 87.86
C VAL X 67 62.03 -66.70 88.58
N VAL X 68 60.93 -66.91 87.87
CA VAL X 68 59.71 -67.51 88.39
C VAL X 68 59.18 -68.50 87.37
N LYS X 69 58.78 -69.68 87.82
CA LYS X 69 58.15 -70.64 86.93
C LYS X 69 56.77 -70.13 86.52
N ASP X 70 56.39 -70.43 85.29
CA ASP X 70 55.11 -70.00 84.74
C ASP X 70 54.06 -71.08 84.95
N ALA X 71 52.79 -70.69 84.77
CA ALA X 71 51.72 -71.68 84.78
C ALA X 71 51.94 -72.72 83.68
N SER X 72 52.52 -72.30 82.55
CA SER X 72 52.93 -73.22 81.49
C SER X 72 54.19 -73.98 81.82
N GLY X 73 54.82 -73.70 82.97
CA GLY X 73 56.10 -74.29 83.32
C GLY X 73 57.31 -73.53 82.84
N ALA X 74 57.16 -72.75 81.77
CA ALA X 74 58.27 -72.00 81.20
C ALA X 74 58.89 -71.07 82.25
N ASP X 75 60.19 -70.85 82.13
CA ASP X 75 60.88 -69.95 83.04
C ASP X 75 60.71 -68.51 82.59
N MET X 76 60.38 -67.62 83.53
CA MET X 76 60.00 -66.25 83.23
C MET X 76 60.70 -65.32 84.19
N THR X 77 61.40 -64.31 83.67
CA THR X 77 62.14 -63.37 84.49
C THR X 77 61.28 -62.14 84.76
N ILE X 78 61.17 -61.78 86.04
CA ILE X 78 60.26 -60.73 86.50
C ILE X 78 61.06 -59.73 87.32
N LYS X 79 60.85 -58.44 87.05
CA LYS X 79 61.59 -57.38 87.73
C LYS X 79 60.67 -56.64 88.70
N ALA X 80 61.22 -56.30 89.87
CA ALA X 80 60.59 -55.39 90.83
C ALA X 80 61.47 -54.16 90.98
N ASN X 81 60.85 -52.99 91.03
CA ASN X 81 61.61 -51.75 91.01
C ASN X 81 61.31 -50.90 92.23
N ALA X 82 62.33 -50.20 92.69
CA ALA X 82 62.18 -49.15 93.69
C ALA X 82 62.86 -47.91 93.14
N SER X 83 62.19 -46.76 93.26
CA SER X 83 62.75 -45.52 92.74
C SER X 83 62.61 -44.43 93.80
N VAL X 84 63.70 -43.73 94.07
CA VAL X 84 63.72 -42.65 95.03
C VAL X 84 64.10 -41.36 94.30
N THR X 85 63.46 -40.26 94.68
CA THR X 85 63.75 -38.95 94.08
C THR X 85 63.78 -37.90 95.17
N PHE X 86 64.90 -37.19 95.26
CA PHE X 86 65.10 -36.08 96.17
C PHE X 86 64.98 -34.78 95.38
N SER X 87 64.00 -33.95 95.73
CA SER X 87 63.89 -32.60 95.20
C SER X 87 64.40 -31.66 96.28
N LEU X 88 65.54 -31.04 96.00
CA LEU X 88 66.25 -30.23 96.98
C LEU X 88 66.43 -28.82 96.44
N PRO X 89 65.75 -27.84 97.00
CA PRO X 89 65.98 -26.44 96.59
C PRO X 89 67.37 -25.99 96.99
N LYS X 90 67.90 -25.03 96.22
CA LYS X 90 69.26 -24.58 96.46
C LYS X 90 69.40 -23.93 97.84
N THR X 91 68.44 -23.09 98.23
CA THR X 91 68.52 -22.39 99.50
C THR X 91 68.38 -23.30 100.71
N TYR X 92 67.95 -24.55 100.50
CA TYR X 92 67.80 -25.50 101.59
C TYR X 92 69.17 -25.92 102.11
N PRO X 93 69.39 -25.95 103.43
CA PRO X 93 70.74 -26.21 103.94
C PRO X 93 71.13 -27.69 103.91
N ASN X 94 72.40 -27.92 103.55
CA ASN X 94 72.91 -29.28 103.42
C ASN X 94 72.68 -30.10 104.68
N GLU X 95 72.73 -29.48 105.84
CA GLU X 95 72.48 -30.17 107.10
C GLU X 95 71.09 -30.80 107.12
N HIS X 96 70.05 -29.99 106.91
CA HIS X 96 68.69 -30.53 106.91
C HIS X 96 68.47 -31.51 105.76
N ILE X 97 69.24 -31.42 104.68
CA ILE X 97 69.16 -32.46 103.65
C ILE X 97 69.59 -33.82 104.21
N THR X 98 70.78 -33.86 104.87
CA THR X 98 71.22 -35.12 105.46
C THR X 98 70.17 -35.63 106.45
N LYS X 99 69.57 -34.71 107.22
CA LYS X 99 68.47 -35.07 108.11
C LYS X 99 67.35 -35.78 107.36
N LEU X 100 66.92 -35.18 106.25
CA LEU X 100 65.85 -35.77 105.44
C LEU X 100 66.21 -37.19 104.98
N ARG X 101 67.42 -37.37 104.46
CA ARG X 101 67.82 -38.70 103.97
C ARG X 101 67.79 -39.73 105.10
N GLN X 102 68.31 -39.35 106.26
CA GLN X 102 68.35 -40.31 107.37
C GLN X 102 66.93 -40.65 107.86
N THR X 103 66.05 -39.66 107.97
CA THR X 103 64.68 -39.96 108.37
C THR X 103 63.99 -40.86 107.34
N LEU X 104 64.33 -40.72 106.06
CA LEU X 104 63.76 -41.63 105.07
C LEU X 104 64.23 -43.06 105.28
N ILE X 105 65.52 -43.23 105.57
CA ILE X 105 66.02 -44.57 105.90
C ILE X 105 65.25 -45.14 107.09
N ALA X 106 65.09 -44.34 108.14
CA ALA X 106 64.36 -44.77 109.32
C ALA X 106 62.95 -45.22 108.97
N TRP X 107 62.25 -44.41 108.19
CA TRP X 107 60.89 -44.74 107.79
C TRP X 107 60.85 -46.05 107.02
N LEU X 108 61.77 -46.22 106.06
CA LEU X 108 61.81 -47.44 105.27
C LEU X 108 62.05 -48.67 106.11
N GLY X 109 62.65 -48.50 107.29
CA GLY X 109 62.79 -49.61 108.22
C GLY X 109 61.53 -49.99 108.96
N GLN X 110 60.60 -49.05 109.11
CA GLN X 110 59.45 -49.21 109.99
C GLN X 110 58.48 -50.28 109.48
N GLN X 111 57.71 -50.83 110.41
CA GLN X 111 56.74 -51.86 110.01
C GLN X 111 55.56 -51.27 109.26
N CYS X 112 55.14 -50.05 109.61
CA CYS X 112 54.03 -49.43 108.88
C CYS X 112 54.38 -49.20 107.42
N VAL X 113 55.66 -49.17 107.08
CA VAL X 113 56.10 -49.08 105.70
C VAL X 113 56.36 -50.45 105.10
N SER X 114 56.95 -51.37 105.88
CA SER X 114 57.30 -52.67 105.34
C SER X 114 56.08 -53.52 105.04
N ASP X 115 55.08 -53.49 105.93
CA ASP X 115 53.90 -54.34 105.74
C ASP X 115 53.20 -54.09 104.41
N PRO X 116 52.89 -52.86 104.00
CA PRO X 116 52.30 -52.69 102.66
C PRO X 116 53.27 -52.97 101.53
N VAL X 117 54.53 -52.54 101.66
CA VAL X 117 55.51 -52.78 100.61
C VAL X 117 55.77 -54.29 100.46
N ASP X 118 56.13 -54.94 101.57
CA ASP X 118 56.57 -56.34 101.48
C ASP X 118 55.40 -57.28 101.18
N SER X 119 54.29 -57.13 101.89
CA SER X 119 53.22 -58.13 101.85
C SER X 119 51.92 -57.62 101.24
N GLY X 120 51.82 -56.34 100.90
CA GLY X 120 50.61 -55.82 100.31
C GLY X 120 49.46 -55.60 101.27
N LEU X 121 49.70 -55.69 102.57
CA LEU X 121 48.67 -55.43 103.56
C LEU X 121 48.70 -53.96 103.94
N ASN X 122 47.53 -53.32 103.95
CA ASN X 122 47.46 -51.94 104.38
C ASN X 122 47.41 -51.83 105.91
N ASN X 123 47.65 -50.63 106.41
CA ASN X 123 47.62 -50.40 107.84
C ASN X 123 46.22 -50.00 108.27
N TYR X 124 45.99 -50.06 109.59
CA TYR X 124 44.68 -49.79 110.18
C TYR X 124 44.77 -49.22 111.61
N MET Y 1 15.99 -13.99 130.74
CA MET Y 1 16.81 -13.49 131.85
C MET Y 1 17.14 -12.01 131.67
N ARG Y 2 17.05 -11.24 132.75
CA ARG Y 2 17.53 -9.86 132.72
C ARG Y 2 19.03 -9.85 132.53
N LEU Y 3 19.47 -9.31 131.39
CA LEU Y 3 20.87 -9.37 131.03
C LEU Y 3 21.74 -8.59 131.99
N THR Y 4 22.91 -9.13 132.27
CA THR Y 4 23.93 -8.46 133.07
C THR Y 4 25.28 -8.80 132.47
N ASP Y 5 26.27 -7.93 132.73
CA ASP Y 5 27.63 -8.24 132.31
C ASP Y 5 28.01 -9.63 132.81
N VAL Y 6 28.87 -10.31 132.07
CA VAL Y 6 29.14 -11.72 132.31
C VAL Y 6 30.63 -11.91 132.53
N ASP Y 7 30.98 -12.73 133.51
CA ASP Y 7 32.36 -13.10 133.75
C ASP Y 7 32.48 -14.61 133.62
N LEU Y 8 33.33 -15.05 132.70
CA LEU Y 8 33.51 -16.45 132.37
C LEU Y 8 34.86 -16.93 132.91
N THR Y 9 34.86 -18.13 133.48
CA THR Y 9 36.10 -18.77 133.86
C THR Y 9 36.55 -19.64 132.69
N VAL Y 10 37.72 -19.34 132.13
CA VAL Y 10 38.20 -19.97 130.91
C VAL Y 10 39.55 -20.60 131.20
N GLY Y 11 39.58 -21.92 131.32
CA GLY Y 11 40.80 -22.60 131.70
C GLY Y 11 41.29 -22.06 133.02
N GLU Y 12 42.41 -21.34 132.99
CA GLU Y 12 43.00 -20.80 134.20
C GLU Y 12 43.03 -19.28 134.19
N GLU Y 13 42.19 -18.67 133.37
CA GLU Y 13 42.08 -17.21 133.29
C GLU Y 13 40.61 -16.85 133.46
N THR Y 14 40.33 -15.57 133.66
CA THR Y 14 38.96 -15.08 133.73
C THR Y 14 38.74 -14.01 132.68
N ARG Y 15 37.68 -14.20 131.89
CA ARG Y 15 37.33 -13.35 130.77
C ARG Y 15 36.06 -12.57 131.10
N GLU Y 16 36.09 -11.25 130.89
CA GLU Y 16 34.99 -10.39 131.29
C GLU Y 16 34.35 -9.76 130.06
N TYR Y 17 33.05 -9.98 129.90
CA TYR Y 17 32.25 -9.44 128.81
C TYR Y 17 31.23 -8.45 129.36
N ALA Y 18 30.87 -7.49 128.52
CA ALA Y 18 29.87 -6.49 128.84
C ALA Y 18 28.80 -6.45 127.76
N VAL Y 19 27.57 -6.19 128.18
CA VAL Y 19 26.45 -6.12 127.24
C VAL Y 19 26.66 -4.97 126.27
N SER Y 20 26.60 -5.27 124.97
CA SER Y 20 26.71 -4.26 123.92
C SER Y 20 25.39 -3.90 123.28
N GLU Y 21 24.51 -4.86 123.02
CA GLU Y 21 23.16 -4.50 122.59
C GLU Y 21 22.21 -5.65 122.87
N GLN Y 22 20.93 -5.32 123.08
CA GLN Y 22 19.90 -6.32 123.30
C GLN Y 22 18.67 -5.94 122.50
N GLN Y 23 18.23 -6.85 121.64
CA GLN Y 23 17.00 -6.72 120.88
C GLN Y 23 16.00 -7.75 121.39
N GLY Y 24 14.87 -7.84 120.70
CA GLY Y 24 13.82 -8.75 121.15
C GLY Y 24 14.30 -10.19 121.17
N THR Y 25 14.97 -10.62 120.10
CA THR Y 25 15.44 -11.99 119.96
C THR Y 25 16.95 -12.07 119.71
N LEU Y 26 17.68 -11.00 120.01
CA LEU Y 26 19.10 -10.96 119.74
C LEU Y 26 19.82 -10.19 120.85
N PHE Y 27 21.04 -10.63 121.18
CA PHE Y 27 21.90 -9.86 122.08
C PHE Y 27 23.36 -10.05 121.68
N ARG Y 28 24.17 -9.11 122.16
CA ARG Y 28 25.59 -9.08 121.85
C ARG Y 28 26.37 -8.54 123.04
N PHE Y 29 27.40 -9.30 123.43
CA PHE Y 29 28.42 -8.95 124.40
C PHE Y 29 29.75 -8.65 123.71
N VAL Y 30 30.54 -7.80 124.37
CA VAL Y 30 31.88 -7.46 123.92
C VAL Y 30 32.88 -7.75 125.05
N ASP Y 31 34.06 -8.23 124.68
CA ASP Y 31 35.13 -8.48 125.66
C ASP Y 31 35.62 -7.15 126.21
N LYS Y 32 35.59 -7.00 127.54
CA LYS Y 32 36.02 -5.76 128.18
C LYS Y 32 37.50 -5.46 127.96
N SER Y 33 38.27 -6.41 127.43
CA SER Y 33 39.68 -6.19 127.13
C SER Y 33 39.89 -5.18 126.01
N GLY Y 34 38.84 -4.86 125.24
CA GLY Y 34 39.00 -4.18 123.98
C GLY Y 34 38.28 -2.84 123.90
N THR Y 35 38.60 -2.11 122.83
CA THR Y 35 38.04 -0.81 122.48
C THR Y 35 37.16 -0.97 121.24
N VAL Y 36 36.32 0.04 121.00
CA VAL Y 36 35.75 0.22 119.66
C VAL Y 36 36.85 0.11 118.62
N ALA Y 37 37.95 0.83 118.84
CA ALA Y 37 39.08 0.82 117.91
C ALA Y 37 39.67 -0.58 117.77
N ASN Y 38 40.19 -1.11 118.87
CA ASN Y 38 40.80 -2.44 118.86
C ASN Y 38 39.91 -3.39 119.66
N ASN Y 39 39.37 -4.40 118.97
CA ASN Y 39 38.44 -5.34 119.57
C ASN Y 39 39.16 -6.64 119.95
N THR Y 40 38.83 -7.17 121.12
CA THR Y 40 39.43 -8.41 121.61
C THR Y 40 38.50 -9.60 121.55
N GLY Y 41 37.19 -9.40 121.44
CA GLY Y 41 36.26 -10.51 121.39
C GLY Y 41 34.82 -10.09 121.32
N VAL Y 42 33.98 -10.89 120.66
CA VAL Y 42 32.56 -10.59 120.54
C VAL Y 42 31.77 -11.87 120.64
N PHE Y 43 30.58 -11.77 121.23
CA PHE Y 43 29.65 -12.89 121.29
C PHE Y 43 28.25 -12.39 120.96
N SER Y 44 27.56 -13.13 120.11
CA SER Y 44 26.23 -12.75 119.68
C SER Y 44 25.33 -13.99 119.66
N LEU Y 45 24.06 -13.79 120.01
CA LEU Y 45 23.09 -14.88 120.04
C LEU Y 45 21.74 -14.38 119.53
N GLU Y 46 21.10 -15.16 118.66
CA GLU Y 46 19.80 -14.82 118.08
C GLU Y 46 18.90 -16.05 118.01
N GLN Y 47 17.63 -15.88 118.36
CA GLN Y 47 16.64 -16.94 118.24
C GLN Y 47 15.64 -16.61 117.14
N ARG Y 48 15.27 -17.63 116.37
CA ARG Y 48 14.32 -17.52 115.28
C ARG Y 48 13.23 -18.57 115.52
N PHE Y 49 12.10 -18.10 116.03
CA PHE Y 49 10.92 -18.93 116.28
C PHE Y 49 10.16 -19.05 114.96
N GLY Y 50 10.10 -20.26 114.40
CA GLY Y 50 9.43 -20.48 113.14
C GLY Y 50 7.94 -20.70 113.31
N ALA Y 51 7.30 -21.16 112.23
CA ALA Y 51 5.90 -21.57 112.32
C ALA Y 51 5.78 -22.87 113.13
N ALA Y 52 4.53 -23.23 113.44
CA ALA Y 52 4.29 -24.40 114.29
C ALA Y 52 4.76 -25.69 113.65
N ASN Y 53 4.89 -25.73 112.32
CA ASN Y 53 5.50 -26.86 111.64
C ASN Y 53 7.01 -26.74 111.55
N SER Y 54 7.56 -25.56 111.83
CA SER Y 54 9.00 -25.33 111.74
C SER Y 54 9.67 -25.49 113.09
N ASN Y 55 10.92 -25.92 113.06
CA ASN Y 55 11.74 -25.96 114.27
C ASN Y 55 12.23 -24.56 114.59
N ARG Y 56 12.16 -24.18 115.86
CA ARG Y 56 12.81 -22.95 116.25
C ARG Y 56 14.33 -23.15 116.23
N LYS Y 57 15.05 -22.08 115.94
CA LYS Y 57 16.47 -22.16 115.75
C LYS Y 57 17.17 -21.10 116.61
N VAL Y 58 18.35 -21.44 117.10
CA VAL Y 58 19.09 -20.56 117.99
C VAL Y 58 20.55 -20.58 117.54
N THR Y 59 21.11 -19.41 117.25
CA THR Y 59 22.45 -19.36 116.68
C THR Y 59 23.35 -18.42 117.47
N MET Y 60 24.59 -18.86 117.68
CA MET Y 60 25.60 -18.14 118.43
C MET Y 60 26.84 -17.97 117.56
N LEU Y 61 27.44 -16.79 117.64
CA LEU Y 61 28.71 -16.49 116.99
C LEU Y 61 29.68 -15.92 118.02
N LEU Y 62 30.83 -16.57 118.16
CA LEU Y 62 31.91 -16.14 119.03
C LEU Y 62 33.10 -15.81 118.14
N THR Y 63 33.57 -14.57 118.20
CA THR Y 63 34.68 -14.10 117.39
C THR Y 63 35.82 -13.65 118.30
N ASP Y 64 37.01 -14.20 118.04
CA ASP Y 64 38.23 -13.85 118.77
C ASP Y 64 39.27 -13.34 117.79
N PRO Y 65 39.50 -12.04 117.74
CA PRO Y 65 40.58 -11.50 116.93
C PRO Y 65 41.88 -11.39 117.73
N VAL Y 66 42.99 -11.62 117.03
CA VAL Y 66 44.33 -11.57 117.59
C VAL Y 66 45.22 -10.79 116.63
N VAL Y 67 46.15 -10.02 117.17
CA VAL Y 67 47.13 -9.34 116.35
C VAL Y 67 48.33 -10.25 116.15
N VAL Y 68 48.74 -10.43 114.90
CA VAL Y 68 49.83 -11.30 114.51
C VAL Y 68 50.84 -10.50 113.71
N LYS Y 69 52.10 -10.88 113.79
CA LYS Y 69 53.16 -10.29 113.00
C LYS Y 69 53.03 -10.70 111.55
N ASP Y 70 53.22 -9.74 110.66
CA ASP Y 70 53.23 -10.01 109.22
C ASP Y 70 54.54 -10.70 108.85
N ALA Y 71 54.54 -11.33 107.66
CA ALA Y 71 55.79 -11.88 107.13
C ALA Y 71 56.80 -10.76 106.89
N SER Y 72 56.32 -9.57 106.54
CA SER Y 72 57.17 -8.39 106.47
C SER Y 72 57.46 -7.82 107.85
N GLY Y 73 56.56 -8.03 108.81
CA GLY Y 73 56.70 -7.51 110.16
C GLY Y 73 55.59 -6.58 110.59
N ALA Y 74 54.73 -6.14 109.68
CA ALA Y 74 53.63 -5.24 110.02
C ALA Y 74 52.67 -5.90 111.01
N ASP Y 75 51.90 -5.05 111.69
CA ASP Y 75 50.86 -5.52 112.60
C ASP Y 75 49.60 -5.83 111.81
N MET Y 76 49.06 -7.03 111.99
CA MET Y 76 47.90 -7.45 111.22
C MET Y 76 46.90 -8.14 112.13
N THR Y 77 45.61 -7.85 111.99
CA THR Y 77 44.60 -8.44 112.86
C THR Y 77 43.91 -9.60 112.14
N ILE Y 78 43.80 -10.74 112.83
CA ILE Y 78 43.26 -11.97 112.28
C ILE Y 78 42.19 -12.49 113.22
N LYS Y 79 41.02 -12.80 112.68
CA LYS Y 79 39.89 -13.28 113.47
C LYS Y 79 39.74 -14.78 113.31
N ALA Y 80 39.31 -15.44 114.39
CA ALA Y 80 38.91 -16.84 114.39
C ALA Y 80 37.47 -16.92 114.88
N ASN Y 81 36.66 -17.70 114.18
CA ASN Y 81 35.22 -17.73 114.44
C ASN Y 81 34.79 -19.10 114.92
N ALA Y 82 33.81 -19.12 115.82
CA ALA Y 82 33.13 -20.35 116.19
C ALA Y 82 31.65 -20.05 116.20
N SER Y 83 30.85 -20.94 115.61
CA SER Y 83 29.42 -20.71 115.51
C SER Y 83 28.66 -21.97 115.88
N VAL Y 84 27.66 -21.81 116.74
CA VAL Y 84 26.82 -22.93 117.18
C VAL Y 84 25.40 -22.64 116.70
N THR Y 85 24.68 -23.71 116.33
CA THR Y 85 23.29 -23.60 115.91
C THR Y 85 22.51 -24.77 116.49
N PHE Y 86 21.48 -24.45 117.28
CA PHE Y 86 20.55 -25.41 117.86
C PHE Y 86 19.28 -25.41 117.04
N SER Y 87 18.97 -26.55 116.42
CA SER Y 87 17.70 -26.76 115.75
C SER Y 87 16.83 -27.59 116.67
N LEU Y 88 15.77 -26.96 117.20
CA LEU Y 88 14.93 -27.54 118.23
C LEU Y 88 13.49 -27.55 117.75
N PRO Y 89 12.94 -28.72 117.45
CA PRO Y 89 11.51 -28.82 117.11
C PRO Y 89 10.64 -28.48 118.30
N LYS Y 90 9.43 -28.03 118.00
CA LYS Y 90 8.52 -27.55 119.03
C LYS Y 90 7.71 -28.67 119.67
N THR Y 91 7.95 -29.92 119.29
CA THR Y 91 7.42 -31.08 119.98
C THR Y 91 8.49 -31.76 120.85
N TYR Y 92 9.71 -31.24 120.81
CA TYR Y 92 10.83 -31.76 121.59
C TYR Y 92 10.79 -31.18 123.00
N PRO Y 93 10.98 -31.99 124.03
CA PRO Y 93 10.84 -31.49 125.41
C PRO Y 93 12.06 -30.68 125.89
N ASN Y 94 11.73 -29.65 126.67
CA ASN Y 94 12.76 -28.73 127.15
C ASN Y 94 13.83 -29.45 127.95
N GLU Y 95 13.43 -30.46 128.73
CA GLU Y 95 14.41 -31.26 129.48
C GLU Y 95 15.49 -31.80 128.56
N HIS Y 96 15.08 -32.46 127.47
CA HIS Y 96 16.06 -33.04 126.58
C HIS Y 96 16.83 -31.99 125.80
N ILE Y 97 16.27 -30.79 125.62
CA ILE Y 97 17.08 -29.70 125.08
C ILE Y 97 18.24 -29.36 126.03
N THR Y 98 17.93 -29.27 127.33
CA THR Y 98 19.01 -29.03 128.30
C THR Y 98 20.04 -30.15 128.28
N LYS Y 99 19.57 -31.39 128.23
CA LYS Y 99 20.45 -32.55 128.09
C LYS Y 99 21.37 -32.40 126.89
N LEU Y 100 20.80 -31.99 125.76
CA LEU Y 100 21.57 -31.80 124.53
C LEU Y 100 22.66 -30.74 124.72
N ARG Y 101 22.29 -29.59 125.28
CA ARG Y 101 23.27 -28.52 125.47
C ARG Y 101 24.42 -28.99 126.37
N GLN Y 102 24.09 -29.72 127.44
CA GLN Y 102 25.15 -30.16 128.34
C GLN Y 102 26.04 -31.21 127.69
N THR Y 103 25.46 -32.16 126.93
CA THR Y 103 26.30 -33.11 126.21
C THR Y 103 27.21 -32.42 125.20
N LEU Y 104 26.73 -31.32 124.60
CA LEU Y 104 27.58 -30.57 123.69
C LEU Y 104 28.75 -29.95 124.44
N ILE Y 105 28.49 -29.38 125.61
CA ILE Y 105 29.59 -28.83 126.43
C ILE Y 105 30.60 -29.91 126.74
N ALA Y 106 30.12 -31.09 127.16
CA ALA Y 106 31.01 -32.19 127.48
C ALA Y 106 31.84 -32.60 126.27
N TRP Y 107 31.21 -32.69 125.11
CA TRP Y 107 31.94 -33.06 123.89
C TRP Y 107 33.01 -32.04 123.56
N LEU Y 108 32.67 -30.75 123.66
CA LEU Y 108 33.64 -29.69 123.39
C LEU Y 108 34.81 -29.75 124.35
N GLY Y 109 34.61 -30.37 125.52
CA GLY Y 109 35.71 -30.62 126.44
C GLY Y 109 36.66 -31.73 126.02
N GLN Y 110 36.17 -32.68 125.24
CA GLN Y 110 36.88 -33.92 124.97
C GLN Y 110 38.16 -33.69 124.18
N GLN Y 111 39.12 -34.61 124.35
CA GLN Y 111 40.36 -34.49 123.61
C GLN Y 111 40.17 -34.81 122.13
N CYS Y 112 39.26 -35.75 121.81
CA CYS Y 112 39.03 -36.07 120.41
C CYS Y 112 38.40 -34.92 119.65
N VAL Y 113 37.75 -34.00 120.35
CA VAL Y 113 37.30 -32.76 119.72
C VAL Y 113 38.40 -31.70 119.79
N SER Y 114 39.20 -31.71 120.86
CA SER Y 114 40.21 -30.68 121.05
C SER Y 114 41.32 -30.77 120.01
N ASP Y 115 41.82 -31.97 119.73
CA ASP Y 115 42.97 -32.12 118.84
C ASP Y 115 42.72 -31.55 117.46
N PRO Y 116 41.65 -31.87 116.73
CA PRO Y 116 41.45 -31.23 115.42
C PRO Y 116 41.20 -29.74 115.52
N VAL Y 117 40.39 -29.30 116.48
CA VAL Y 117 40.09 -27.88 116.62
C VAL Y 117 41.34 -27.12 117.00
N ASP Y 118 41.97 -27.48 118.13
CA ASP Y 118 43.04 -26.66 118.68
C ASP Y 118 44.30 -26.73 117.81
N SER Y 119 44.67 -27.92 117.34
CA SER Y 119 45.96 -28.11 116.69
C SER Y 119 45.89 -28.60 115.26
N GLY Y 120 44.73 -29.06 114.79
CA GLY Y 120 44.60 -29.55 113.43
C GLY Y 120 44.89 -31.01 113.24
N LEU Y 121 45.29 -31.72 114.28
CA LEU Y 121 45.53 -33.15 114.17
C LEU Y 121 44.21 -33.90 114.11
N ASN Y 122 44.09 -34.81 113.15
CA ASN Y 122 42.93 -35.69 113.14
C ASN Y 122 43.14 -36.88 114.06
N ASN Y 123 42.02 -37.48 114.49
CA ASN Y 123 42.11 -38.66 115.32
C ASN Y 123 42.22 -39.91 114.45
N TYR Y 124 42.70 -41.00 115.06
CA TYR Y 124 42.94 -42.22 114.31
C TYR Y 124 42.50 -43.47 115.07
N MET Z 1 6.09 0.19 132.48
CA MET Z 1 6.53 -0.43 133.73
C MET Z 1 7.75 -1.29 133.50
N ARG Z 2 8.45 -1.65 134.58
CA ARG Z 2 9.58 -2.56 134.52
C ARG Z 2 9.06 -3.99 134.58
N LEU Z 3 9.17 -4.71 133.47
CA LEU Z 3 8.61 -6.05 133.36
C LEU Z 3 9.20 -6.99 134.40
N THR Z 4 8.31 -7.69 135.10
CA THR Z 4 8.66 -8.72 136.05
C THR Z 4 7.74 -9.91 135.81
N ASP Z 5 8.23 -11.11 136.10
CA ASP Z 5 7.40 -12.30 135.97
C ASP Z 5 6.10 -12.09 136.73
N VAL Z 6 5.01 -12.63 136.20
CA VAL Z 6 3.68 -12.29 136.67
C VAL Z 6 2.99 -13.57 137.15
N ASP Z 7 2.23 -13.45 138.24
CA ASP Z 7 1.41 -14.54 138.72
C ASP Z 7 -0.04 -14.09 138.80
N LEU Z 8 -0.89 -14.80 138.07
CA LEU Z 8 -2.29 -14.46 137.91
C LEU Z 8 -3.13 -15.41 138.73
N THR Z 9 -4.10 -14.86 139.45
CA THR Z 9 -5.06 -15.66 140.18
C THR Z 9 -6.23 -15.92 139.24
N VAL Z 10 -6.39 -17.17 138.82
CA VAL Z 10 -7.36 -17.56 137.81
C VAL Z 10 -8.35 -18.51 138.46
N GLY Z 11 -9.53 -17.98 138.82
CA GLY Z 11 -10.49 -18.76 139.55
C GLY Z 11 -9.89 -19.23 140.86
N GLU Z 12 -9.67 -20.53 141.00
CA GLU Z 12 -9.09 -21.08 142.22
C GLU Z 12 -7.69 -21.62 141.99
N GLU Z 13 -7.05 -21.22 140.90
CA GLU Z 13 -5.73 -21.70 140.56
C GLU Z 13 -4.82 -20.49 140.39
N THR Z 14 -3.51 -20.73 140.30
CA THR Z 14 -2.56 -19.65 140.06
C THR Z 14 -1.72 -20.02 138.84
N ARG Z 15 -1.79 -19.17 137.82
CA ARG Z 15 -0.97 -19.29 136.62
C ARG Z 15 0.28 -18.44 136.80
N GLU Z 16 1.42 -18.93 136.33
CA GLU Z 16 2.70 -18.27 136.55
C GLU Z 16 3.44 -18.09 135.23
N TYR Z 17 3.54 -16.85 134.78
CA TYR Z 17 4.15 -16.51 133.52
C TYR Z 17 5.51 -15.85 133.75
N ALA Z 18 6.43 -16.12 132.83
CA ALA Z 18 7.77 -15.55 132.81
C ALA Z 18 7.99 -14.73 131.56
N VAL Z 19 8.72 -13.61 131.70
CA VAL Z 19 9.02 -12.77 130.55
C VAL Z 19 9.82 -13.55 129.53
N SER Z 20 9.34 -13.56 128.29
CA SER Z 20 10.01 -14.28 127.21
C SER Z 20 10.61 -13.39 126.14
N GLU Z 21 10.04 -12.21 125.89
CA GLU Z 21 10.79 -11.23 125.09
C GLU Z 21 10.25 -9.83 125.32
N GLN Z 22 11.14 -8.85 125.18
CA GLN Z 22 10.81 -7.44 125.30
C GLN Z 22 11.45 -6.70 124.14
N GLN Z 23 10.61 -6.10 123.28
CA GLN Z 23 11.08 -5.25 122.21
C GLN Z 23 10.74 -3.80 122.56
N GLY Z 24 10.76 -2.94 121.55
CA GLY Z 24 10.43 -1.56 121.77
C GLY Z 24 8.99 -1.41 122.24
N THR Z 25 8.06 -1.85 121.41
CA THR Z 25 6.63 -1.70 121.67
C THR Z 25 5.93 -3.03 121.90
N LEU Z 26 6.68 -4.12 122.02
CA LEU Z 26 6.12 -5.46 122.10
C LEU Z 26 6.75 -6.22 123.26
N PHE Z 27 5.94 -7.04 123.94
CA PHE Z 27 6.44 -7.94 124.96
C PHE Z 27 5.68 -9.26 124.88
N ARG Z 28 6.26 -10.28 125.50
CA ARG Z 28 5.71 -11.62 125.47
C ARG Z 28 6.10 -12.36 126.74
N PHE Z 29 5.08 -12.89 127.42
CA PHE Z 29 5.19 -13.78 128.57
C PHE Z 29 4.85 -15.21 128.15
N VAL Z 30 5.29 -16.15 128.99
CA VAL Z 30 5.17 -17.57 128.69
C VAL Z 30 4.81 -18.32 129.97
N ASP Z 31 3.89 -19.28 129.86
CA ASP Z 31 3.47 -20.06 131.03
C ASP Z 31 4.63 -20.91 131.54
N LYS Z 32 5.05 -20.65 132.79
CA LYS Z 32 6.19 -21.36 133.35
C LYS Z 32 5.95 -22.87 133.41
N SER Z 33 4.69 -23.28 133.57
CA SER Z 33 4.31 -24.68 133.71
C SER Z 33 4.44 -25.46 132.42
N GLY Z 34 4.99 -24.87 131.35
CA GLY Z 34 5.08 -25.57 130.09
C GLY Z 34 6.28 -26.51 130.06
N THR Z 35 6.04 -27.72 129.54
CA THR Z 35 7.11 -28.70 129.39
C THR Z 35 7.71 -28.70 128.00
N VAL Z 36 6.87 -28.48 126.99
CA VAL Z 36 7.30 -28.45 125.60
C VAL Z 36 6.85 -27.13 125.01
N ALA Z 37 7.48 -26.76 123.89
CA ALA Z 37 7.06 -25.55 123.18
C ALA Z 37 5.57 -25.58 122.85
N ASN Z 38 5.09 -26.70 122.26
CA ASN Z 38 3.68 -26.82 121.94
C ASN Z 38 2.81 -26.93 123.18
N ASN Z 39 3.33 -27.53 124.24
CA ASN Z 39 2.63 -27.58 125.52
C ASN Z 39 2.39 -26.18 126.09
N THR Z 40 3.26 -25.23 125.75
CA THR Z 40 3.40 -23.98 126.50
C THR Z 40 2.42 -22.90 126.03
N GLY Z 41 1.63 -22.39 126.97
CA GLY Z 41 0.79 -21.24 126.68
C GLY Z 41 1.60 -19.96 126.67
N VAL Z 42 1.08 -18.95 125.95
CA VAL Z 42 1.81 -17.70 125.78
C VAL Z 42 0.85 -16.51 125.79
N PHE Z 43 1.41 -15.34 126.06
CA PHE Z 43 0.65 -14.09 126.03
C PHE Z 43 1.55 -13.00 125.49
N SER Z 44 1.04 -12.25 124.52
CA SER Z 44 1.84 -11.25 123.85
C SER Z 44 1.02 -9.97 123.70
N LEU Z 45 1.71 -8.82 123.75
CA LEU Z 45 1.07 -7.53 123.62
C LEU Z 45 1.98 -6.60 122.81
N GLU Z 46 1.35 -5.78 121.96
CA GLU Z 46 2.07 -4.86 121.09
C GLU Z 46 1.25 -3.59 120.93
N GLN Z 47 1.93 -2.45 121.04
CA GLN Z 47 1.29 -1.16 120.78
C GLN Z 47 1.81 -0.59 119.47
N ARG Z 48 0.89 -0.06 118.67
CA ARG Z 48 1.17 0.60 117.40
C ARG Z 48 0.64 2.02 117.52
N PHE Z 49 1.56 2.94 117.79
CA PHE Z 49 1.25 4.36 117.89
C PHE Z 49 1.22 4.95 116.48
N GLY Z 50 0.10 5.58 116.12
CA GLY Z 50 -0.07 6.11 114.78
C GLY Z 50 0.37 7.57 114.68
N ALA Z 51 0.08 8.15 113.51
CA ALA Z 51 0.27 9.59 113.35
C ALA Z 51 -0.77 10.34 114.19
N ALA Z 52 -0.67 11.68 114.19
CA ALA Z 52 -1.56 12.47 115.03
C ALA Z 52 -3.02 12.38 114.59
N ASN Z 53 -3.26 12.11 113.30
CA ASN Z 53 -4.62 11.89 112.83
C ASN Z 53 -5.09 10.47 113.06
N SER Z 54 -4.19 9.56 113.45
CA SER Z 54 -4.54 8.17 113.68
C SER Z 54 -4.87 7.93 115.15
N ASN Z 55 -5.44 6.75 115.40
CA ASN Z 55 -5.63 6.25 116.75
C ASN Z 55 -4.51 5.28 117.06
N ARG Z 56 -3.99 5.32 118.28
CA ARG Z 56 -3.05 4.28 118.67
C ARG Z 56 -3.83 3.00 118.93
N LYS Z 57 -3.20 1.87 118.63
CA LYS Z 57 -3.83 0.57 118.76
C LYS Z 57 -2.98 -0.33 119.62
N VAL Z 58 -3.61 -1.02 120.57
CA VAL Z 58 -2.92 -2.00 121.41
C VAL Z 58 -3.57 -3.34 121.19
N THR Z 59 -2.76 -4.36 120.91
CA THR Z 59 -3.27 -5.69 120.63
C THR Z 59 -2.63 -6.70 121.56
N MET Z 60 -3.42 -7.68 121.97
CA MET Z 60 -2.98 -8.76 122.83
C MET Z 60 -3.47 -10.08 122.27
N LEU Z 61 -2.60 -11.08 122.35
CA LEU Z 61 -2.93 -12.45 121.98
C LEU Z 61 -2.59 -13.39 123.13
N LEU Z 62 -3.57 -14.19 123.53
CA LEU Z 62 -3.44 -15.20 124.57
C LEU Z 62 -3.68 -16.56 123.93
N THR Z 63 -2.70 -17.45 124.02
CA THR Z 63 -2.77 -18.78 123.43
C THR Z 63 -2.65 -19.83 124.53
N ASP Z 64 -3.64 -20.72 124.60
CA ASP Z 64 -3.68 -21.78 125.62
C ASP Z 64 -3.84 -23.13 124.93
N PRO Z 65 -2.76 -23.84 124.67
CA PRO Z 65 -2.85 -25.19 124.10
C PRO Z 65 -3.12 -26.24 125.17
N VAL Z 66 -3.75 -27.34 124.75
CA VAL Z 66 -4.08 -28.48 125.60
C VAL Z 66 -3.82 -29.76 124.81
N VAL Z 67 -3.48 -30.84 125.53
CA VAL Z 67 -3.22 -32.12 124.88
C VAL Z 67 -4.50 -32.97 124.89
N VAL Z 68 -4.88 -33.47 123.72
CA VAL Z 68 -6.04 -34.34 123.57
C VAL Z 68 -5.62 -35.68 122.97
N MET Z 76 -2.36 -35.51 120.20
CA MET Z 76 -2.49 -34.22 119.52
C MET Z 76 -2.66 -33.07 120.52
N THR Z 77 -2.11 -31.90 120.18
CA THR Z 77 -2.27 -30.69 120.98
C THR Z 77 -3.07 -29.66 120.19
N ILE Z 78 -4.08 -29.10 120.85
CA ILE Z 78 -5.06 -28.20 120.24
C ILE Z 78 -4.93 -26.84 120.91
N LYS Z 79 -4.90 -25.78 120.11
CA LYS Z 79 -4.67 -24.43 120.59
C LYS Z 79 -5.93 -23.58 120.44
N ALA Z 80 -6.25 -22.81 121.50
CA ALA Z 80 -7.33 -21.85 121.48
C ALA Z 80 -6.80 -20.45 121.78
N ASN Z 81 -7.36 -19.46 121.09
CA ASN Z 81 -6.82 -18.11 121.13
C ASN Z 81 -7.88 -17.12 121.62
N ALA Z 82 -7.43 -16.16 122.42
CA ALA Z 82 -8.20 -14.97 122.70
C ALA Z 82 -7.38 -13.78 122.25
N SER Z 83 -8.01 -12.82 121.57
CA SER Z 83 -7.30 -11.65 121.08
C SER Z 83 -8.10 -10.41 121.41
N VAL Z 84 -7.46 -9.45 122.07
CA VAL Z 84 -8.08 -8.19 122.43
C VAL Z 84 -7.38 -7.08 121.66
N THR Z 85 -8.15 -6.07 121.23
CA THR Z 85 -7.60 -4.92 120.53
C THR Z 85 -8.29 -3.66 121.01
N PHE Z 86 -7.50 -2.71 121.50
CA PHE Z 86 -7.97 -1.42 121.98
C PHE Z 86 -7.62 -0.38 120.93
N SER Z 87 -8.64 0.26 120.34
CA SER Z 87 -8.45 1.38 119.44
C SER Z 87 -8.76 2.65 120.21
N LEU Z 88 -7.73 3.46 120.44
CA LEU Z 88 -7.80 4.61 121.33
C LEU Z 88 -7.37 5.86 120.59
N PRO Z 89 -8.28 6.79 120.33
CA PRO Z 89 -7.89 8.08 119.77
C PRO Z 89 -7.07 8.89 120.76
N LYS Z 90 -6.16 9.69 120.23
CA LYS Z 90 -5.23 10.39 121.11
C LYS Z 90 -5.93 11.44 121.97
N THR Z 91 -6.89 12.16 121.38
CA THR Z 91 -7.64 13.16 122.13
C THR Z 91 -8.49 12.55 123.24
N TYR Z 92 -8.74 11.25 123.19
CA TYR Z 92 -9.57 10.58 124.19
C TYR Z 92 -8.84 10.53 125.54
N PRO Z 93 -9.52 10.81 126.66
CA PRO Z 93 -8.81 10.99 127.93
C PRO Z 93 -8.41 9.69 128.61
N ASN Z 94 -7.19 9.69 129.17
CA ASN Z 94 -6.64 8.49 129.78
C ASN Z 94 -7.55 7.93 130.87
N GLU Z 95 -8.24 8.81 131.61
CA GLU Z 95 -9.13 8.34 132.65
C GLU Z 95 -10.25 7.46 132.07
N HIS Z 96 -10.92 7.95 131.03
CA HIS Z 96 -11.96 7.15 130.39
C HIS Z 96 -11.42 5.89 129.72
N ILE Z 97 -10.14 5.88 129.33
CA ILE Z 97 -9.54 4.62 128.85
C ILE Z 97 -9.46 3.60 129.98
N THR Z 98 -8.95 4.01 131.15
CA THR Z 98 -8.91 3.09 132.30
C THR Z 98 -10.31 2.55 132.57
N LYS Z 99 -11.31 3.43 132.51
CA LYS Z 99 -12.71 3.01 132.65
C LYS Z 99 -13.07 1.93 131.63
N LEU Z 100 -12.78 2.17 130.36
CA LEU Z 100 -13.10 1.20 129.32
C LEU Z 100 -12.50 -0.17 129.62
N ARG Z 101 -11.21 -0.21 129.96
CA ARG Z 101 -10.56 -1.48 130.26
C ARG Z 101 -11.27 -2.20 131.40
N GLN Z 102 -11.57 -1.47 132.48
CA GLN Z 102 -12.21 -2.11 133.63
C GLN Z 102 -13.58 -2.66 133.28
N THR Z 103 -14.37 -1.92 132.50
CA THR Z 103 -15.69 -2.41 132.12
C THR Z 103 -15.60 -3.63 131.21
N LEU Z 104 -14.55 -3.71 130.37
CA LEU Z 104 -14.37 -4.93 129.58
C LEU Z 104 -14.10 -6.12 130.50
N ILE Z 105 -13.26 -5.93 131.52
CA ILE Z 105 -13.06 -6.99 132.50
C ILE Z 105 -14.39 -7.43 133.11
N ALA Z 106 -15.19 -6.46 133.56
CA ALA Z 106 -16.48 -6.76 134.17
C ALA Z 106 -17.36 -7.55 133.21
N TRP Z 107 -17.40 -7.15 131.94
CA TRP Z 107 -18.22 -7.84 130.96
C TRP Z 107 -17.77 -9.27 130.79
N LEU Z 108 -16.46 -9.49 130.62
CA LEU Z 108 -15.92 -10.83 130.51
C LEU Z 108 -16.22 -11.68 131.72
N GLY Z 109 -16.56 -11.07 132.84
CA GLY Z 109 -17.05 -11.82 133.99
C GLY Z 109 -18.45 -12.40 133.86
N GLN Z 110 -19.32 -11.73 133.12
CA GLN Z 110 -20.76 -11.98 133.19
C GLN Z 110 -21.16 -13.30 132.52
N GLN Z 111 -22.34 -13.79 132.92
CA GLN Z 111 -22.85 -15.05 132.38
C GLN Z 111 -23.17 -14.92 130.90
N CYS Z 112 -23.77 -13.80 130.50
CA CYS Z 112 -24.15 -13.63 129.11
C CYS Z 112 -22.93 -13.70 128.19
N VAL Z 113 -21.73 -13.54 128.72
CA VAL Z 113 -20.50 -13.70 127.96
C VAL Z 113 -19.90 -15.09 128.16
N SER Z 114 -19.95 -15.62 129.38
CA SER Z 114 -19.34 -16.93 129.63
C SER Z 114 -20.10 -18.04 128.92
N ASP Z 115 -21.44 -17.99 128.90
CA ASP Z 115 -22.21 -19.05 128.29
C ASP Z 115 -21.85 -19.29 126.81
N PRO Z 116 -21.78 -18.26 125.97
CA PRO Z 116 -21.33 -18.55 124.59
C PRO Z 116 -19.85 -18.87 124.49
N VAL Z 117 -18.98 -18.14 125.19
CA VAL Z 117 -17.55 -18.42 125.13
C VAL Z 117 -17.26 -19.82 125.67
N ASP Z 118 -17.62 -20.07 126.93
CA ASP Z 118 -17.20 -21.30 127.59
C ASP Z 118 -17.84 -22.52 126.94
N SER Z 119 -19.17 -22.54 126.82
CA SER Z 119 -19.87 -23.75 126.41
C SER Z 119 -20.62 -23.62 125.09
N GLY Z 120 -20.73 -22.42 124.52
CA GLY Z 120 -21.42 -22.25 123.26
C GLY Z 120 -22.90 -21.98 123.35
N LEU Z 121 -23.44 -21.79 124.55
CA LEU Z 121 -24.84 -21.43 124.71
C LEU Z 121 -25.04 -19.99 124.31
N ASN Z 122 -25.93 -19.73 123.35
CA ASN Z 122 -26.30 -18.35 123.08
C ASN Z 122 -27.37 -17.89 124.06
N ASN Z 123 -27.51 -16.58 124.15
CA ASN Z 123 -28.49 -16.02 125.06
C ASN Z 123 -29.82 -15.85 124.35
N TYR Z 124 -30.89 -16.01 125.11
CA TYR Z 124 -32.23 -16.02 124.56
C TYR Z 124 -33.20 -15.28 125.45
N MET AA 1 24.46 0.43 129.61
CA MET AA 1 23.75 0.77 130.85
C MET AA 1 22.40 0.08 130.87
N ARG AA 2 22.00 -0.42 132.05
CA ARG AA 2 20.65 -0.94 132.26
C ARG AA 2 19.68 0.24 132.33
N LEU AA 3 18.89 0.42 131.29
CA LEU AA 3 18.04 1.61 131.20
C LEU AA 3 16.96 1.57 132.27
N THR AA 4 16.84 2.67 133.00
CA THR AA 4 15.73 2.90 133.91
C THR AA 4 15.36 4.38 133.85
N ASP AA 5 14.18 4.68 134.39
CA ASP AA 5 13.70 6.06 134.42
C ASP AA 5 14.76 6.95 135.04
N VAL AA 6 14.81 8.22 134.60
CA VAL AA 6 15.78 9.16 135.13
C VAL AA 6 15.07 10.45 135.51
N ASP AA 7 15.70 11.17 136.43
CA ASP AA 7 15.28 12.50 136.83
C ASP AA 7 16.45 13.44 136.62
N LEU AA 8 16.19 14.56 135.95
CA LEU AA 8 17.20 15.53 135.59
C LEU AA 8 17.05 16.78 136.43
N THR AA 9 18.19 17.33 136.84
CA THR AA 9 18.23 18.60 137.54
C THR AA 9 18.39 19.70 136.49
N VAL AA 10 17.37 20.56 136.37
CA VAL AA 10 17.32 21.56 135.32
C VAL AA 10 17.21 22.93 135.98
N GLY AA 11 18.32 23.64 136.08
CA GLY AA 11 18.33 24.89 136.79
C GLY AA 11 17.84 24.71 138.22
N GLU AA 12 16.67 25.25 138.53
CA GLU AA 12 16.11 25.16 139.87
C GLU AA 12 14.82 24.35 139.88
N GLU AA 13 14.63 23.46 138.91
CA GLU AA 13 13.49 22.56 138.89
C GLU AA 13 14.00 21.14 138.63
N THR AA 14 13.12 20.17 138.86
CA THR AA 14 13.43 18.78 138.60
C THR AA 14 12.49 18.23 137.53
N ARG AA 15 13.07 17.62 136.51
CA ARG AA 15 12.37 17.11 135.35
C ARG AA 15 12.38 15.59 135.41
N GLU AA 16 11.22 14.96 135.33
CA GLU AA 16 11.12 13.52 135.52
C GLU AA 16 10.74 12.85 134.20
N TYR AA 17 11.64 12.01 133.69
CA TYR AA 17 11.36 11.24 132.48
C TYR AA 17 11.14 9.78 132.86
N ALA AA 18 10.45 9.07 131.96
CA ALA AA 18 10.20 7.64 132.10
C ALA AA 18 10.50 6.95 130.78
N VAL AA 19 11.05 5.74 130.87
CA VAL AA 19 11.37 5.00 129.67
C VAL AA 19 10.09 4.70 128.91
N SER AA 20 10.05 5.11 127.64
CA SER AA 20 8.91 4.84 126.77
C SER AA 20 9.16 3.75 125.74
N GLU AA 21 10.40 3.54 125.32
CA GLU AA 21 10.72 2.32 124.58
C GLU AA 21 12.23 2.11 124.58
N GLN AA 22 12.63 0.84 124.49
CA GLN AA 22 14.04 0.48 124.38
C GLN AA 22 14.20 -0.58 123.31
N GLN AA 23 14.98 -0.25 122.28
CA GLN AA 23 15.35 -1.17 121.20
C GLN AA 23 16.86 -1.41 121.25
N GLY AA 24 17.33 -2.17 120.27
CA GLY AA 24 18.73 -2.59 120.29
C GLY AA 24 19.68 -1.41 120.23
N THR AA 25 19.43 -0.49 119.30
CA THR AA 25 20.28 0.68 119.09
C THR AA 25 19.55 1.99 119.37
N LEU AA 26 18.31 1.94 119.86
CA LEU AA 26 17.49 3.12 120.04
C LEU AA 26 16.77 3.05 121.39
N PHE AA 27 16.56 4.21 122.00
CA PHE AA 27 15.71 4.31 123.18
C PHE AA 27 15.01 5.66 123.20
N ARG AA 28 13.91 5.71 123.96
CA ARG AA 28 13.06 6.88 124.05
C ARG AA 28 12.50 7.03 125.46
N PHE AA 29 12.67 8.22 126.01
CA PHE AA 29 12.08 8.68 127.27
C PHE AA 29 10.97 9.69 127.00
N VAL AA 30 10.02 9.77 127.93
CA VAL AA 30 8.90 10.71 127.87
C VAL AA 30 8.80 11.44 129.20
N ASP AA 31 8.51 12.75 129.14
CA ASP AA 31 8.32 13.55 130.36
C ASP AA 31 7.09 13.08 131.12
N LYS AA 32 7.29 12.72 132.39
CA LYS AA 32 6.22 12.14 133.20
C LYS AA 32 5.04 13.09 133.42
N SER AA 33 5.22 14.38 133.16
CA SER AA 33 4.16 15.35 133.35
C SER AA 33 3.16 15.41 132.21
N GLY AA 34 3.21 14.44 131.27
CA GLY AA 34 2.48 14.54 130.03
C GLY AA 34 1.48 13.39 129.79
N THR AA 35 0.65 13.60 128.77
CA THR AA 35 -0.37 12.67 128.31
C THR AA 35 -0.16 12.42 126.82
N VAL AA 36 -0.75 11.33 126.31
CA VAL AA 36 -0.82 11.18 124.86
C VAL AA 36 -1.51 12.40 124.26
N ALA AA 37 -2.57 12.88 124.91
CA ALA AA 37 -3.31 14.03 124.40
C ALA AA 37 -2.46 15.29 124.48
N ASN AA 38 -1.91 15.57 125.65
CA ASN AA 38 -1.07 16.75 125.83
C ASN AA 38 0.34 16.30 126.22
N ASN AA 39 1.22 16.20 125.23
CA ASN AA 39 2.59 15.81 125.49
C ASN AA 39 3.42 17.02 125.94
N THR AA 40 4.41 16.74 126.78
CA THR AA 40 5.19 17.80 127.40
C THR AA 40 6.69 17.69 127.14
N GLY AA 41 7.17 16.56 126.63
CA GLY AA 41 8.57 16.41 126.35
C GLY AA 41 8.94 15.00 125.96
N VAL AA 42 9.86 14.85 125.02
CA VAL AA 42 10.35 13.54 124.62
C VAL AA 42 11.85 13.66 124.37
N PHE AA 43 12.55 12.56 124.63
CA PHE AA 43 13.97 12.46 124.32
C PHE AA 43 14.21 11.10 123.68
N SER AA 44 15.01 11.09 122.62
CA SER AA 44 15.29 9.85 121.90
C SER AA 44 16.74 9.84 121.47
N LEU AA 45 17.33 8.65 121.46
CA LEU AA 45 18.74 8.49 121.07
C LEU AA 45 18.89 7.20 120.28
N GLU AA 46 19.71 7.26 119.22
CA GLU AA 46 19.97 6.12 118.36
C GLU AA 46 21.45 6.11 117.97
N GLN AA 47 22.05 4.93 117.96
CA GLN AA 47 23.41 4.77 117.45
C GLN AA 47 23.36 3.95 116.16
N ARG AA 48 23.96 4.49 115.11
CA ARG AA 48 24.25 3.76 113.89
C ARG AA 48 25.74 3.46 113.92
N PHE AA 49 26.08 2.27 114.40
CA PHE AA 49 27.45 1.79 114.32
C PHE AA 49 27.78 1.51 112.87
N GLY AA 50 28.72 2.25 112.32
CA GLY AA 50 28.97 2.20 110.89
C GLY AA 50 29.73 0.96 110.45
N ALA AA 51 29.89 0.85 109.13
CA ALA AA 51 30.77 -0.15 108.56
C ALA AA 51 32.20 0.05 109.07
N ALA AA 52 33.02 -0.97 108.89
CA ALA AA 52 34.37 -0.96 109.46
C ALA AA 52 35.20 0.20 108.96
N ASN AA 53 34.88 0.73 107.77
CA ASN AA 53 35.59 1.89 107.24
C ASN AA 53 35.02 3.20 107.75
N SER AA 54 33.71 3.24 108.03
CA SER AA 54 33.03 4.49 108.35
C SER AA 54 33.10 4.80 109.85
N ASN AA 55 32.74 6.03 110.18
CA ASN AA 55 32.57 6.44 111.56
C ASN AA 55 31.22 5.95 112.09
N ARG AA 56 31.14 5.78 113.40
CA ARG AA 56 29.85 5.51 113.99
C ARG AA 56 29.19 6.84 114.38
N LYS AA 57 27.86 6.85 114.30
CA LYS AA 57 27.08 8.05 114.55
C LYS AA 57 26.14 7.81 115.72
N VAL AA 58 26.02 8.80 116.59
CA VAL AA 58 25.03 8.78 117.66
C VAL AA 58 24.21 10.05 117.55
N THR AA 59 22.90 9.91 117.50
CA THR AA 59 22.01 11.05 117.34
C THR AA 59 20.99 11.09 118.46
N MET AA 60 20.69 12.31 118.91
CA MET AA 60 19.72 12.56 119.96
C MET AA 60 18.77 13.65 119.51
N LEU AA 61 17.50 13.47 119.85
CA LEU AA 61 16.46 14.46 119.60
C LEU AA 61 15.72 14.72 120.91
N LEU AA 62 15.68 15.99 121.30
CA LEU AA 62 14.92 16.46 122.45
C LEU AA 62 13.83 17.38 121.93
N THR AA 63 12.58 17.07 122.28
CA THR AA 63 11.44 17.86 121.81
C THR AA 63 10.63 18.33 123.01
N ASP AA 64 10.44 19.64 123.10
CA ASP AA 64 9.63 20.26 124.15
C ASP AA 64 8.48 21.00 123.49
N PRO AA 65 7.27 20.47 123.60
CA PRO AA 65 6.09 21.19 123.11
C PRO AA 65 5.44 22.01 124.22
N VAL AA 66 4.89 23.14 123.81
CA VAL AA 66 4.22 24.10 124.68
C VAL AA 66 2.91 24.54 124.02
N VAL AA 67 1.90 24.75 124.82
CA VAL AA 67 0.64 25.31 124.33
C VAL AA 67 0.74 26.82 124.35
N VAL AA 68 0.24 27.45 123.28
CA VAL AA 68 0.28 28.89 123.10
C VAL AA 68 -1.07 29.34 122.56
N LYS AA 69 -1.60 30.42 123.11
CA LYS AA 69 -2.84 30.98 122.57
C LYS AA 69 -2.56 31.60 121.20
N ASP AA 70 -3.54 31.51 120.32
CA ASP AA 70 -3.43 32.02 118.97
C ASP AA 70 -3.99 33.45 118.90
N ALA AA 71 -3.65 34.14 117.81
CA ALA AA 71 -4.27 35.44 117.56
C ALA AA 71 -5.79 35.31 117.47
N SER AA 72 -6.28 34.19 116.95
CA SER AA 72 -7.70 33.87 116.95
C SER AA 72 -8.21 33.42 118.32
N GLY AA 73 -7.33 33.31 119.32
CA GLY AA 73 -7.69 32.79 120.61
C GLY AA 73 -7.57 31.28 120.75
N ALA AA 74 -7.67 30.55 119.65
CA ALA AA 74 -7.60 29.09 119.68
C ALA AA 74 -6.29 28.62 120.30
N ASP AA 75 -6.35 27.48 120.97
CA ASP AA 75 -5.17 26.91 121.59
C ASP AA 75 -4.37 26.12 120.55
N MET AA 76 -3.05 26.34 120.53
CA MET AA 76 -2.17 25.84 119.48
C MET AA 76 -0.93 25.26 120.14
N THR AA 77 -0.60 24.01 119.81
CA THR AA 77 0.56 23.34 120.38
C THR AA 77 1.75 23.51 119.45
N ILE AA 78 2.88 23.96 120.02
CA ILE AA 78 4.06 24.33 119.26
C ILE AA 78 5.26 23.58 119.84
N LYS AA 79 6.07 22.99 118.96
CA LYS AA 79 7.23 22.21 119.39
C LYS AA 79 8.52 22.96 119.09
N ALA AA 80 9.47 22.87 120.01
CA ALA AA 80 10.85 23.31 119.81
C ALA AA 80 11.77 22.11 119.93
N ASN AA 81 12.75 22.03 119.03
CA ASN AA 81 13.58 20.84 118.95
C ASN AA 81 15.04 21.17 119.16
N ALA AA 82 15.76 20.25 119.78
CA ALA AA 82 17.21 20.28 119.85
C ALA AA 82 17.71 18.92 119.40
N SER AA 83 18.72 18.91 118.53
CA SER AA 83 19.25 17.66 118.01
C SER AA 83 20.77 17.69 118.10
N VAL AA 84 21.34 16.63 118.66
CA VAL AA 84 22.79 16.50 118.79
C VAL AA 84 23.22 15.26 118.01
N THR AA 85 24.37 15.36 117.34
CA THR AA 85 24.92 14.25 116.58
C THR AA 85 26.42 14.18 116.81
N PHE AA 86 26.88 13.02 117.27
CA PHE AA 86 28.28 12.72 117.47
C PHE AA 86 28.75 11.82 116.33
N SER AA 87 29.72 12.32 115.55
CA SER AA 87 30.40 11.51 114.55
C SER AA 87 31.74 11.13 115.13
N LEU AA 88 31.91 9.84 115.41
CA LEU AA 88 33.06 9.32 116.13
C LEU AA 88 33.74 8.25 115.28
N PRO AA 89 34.93 8.53 114.76
CA PRO AA 89 35.68 7.50 114.03
C PRO AA 89 36.11 6.39 114.97
N LYS AA 90 36.28 5.19 114.40
CA LYS AA 90 36.62 4.03 115.22
C LYS AA 90 37.97 4.21 115.89
N THR AA 91 38.96 4.69 115.15
CA THR AA 91 40.32 4.83 115.68
C THR AA 91 40.43 5.91 116.75
N TYR AA 92 39.41 6.75 116.89
CA TYR AA 92 39.43 7.81 117.90
C TYR AA 92 39.30 7.19 119.30
N PRO AA 93 40.10 7.61 120.28
CA PRO AA 93 40.09 6.94 121.58
C PRO AA 93 38.91 7.34 122.47
N ASN AA 94 38.35 6.35 123.16
CA ASN AA 94 37.19 6.57 124.01
C ASN AA 94 37.42 7.70 125.01
N GLU AA 95 38.66 7.85 125.49
CA GLU AA 95 38.97 8.92 126.43
C GLU AA 95 38.67 10.29 125.83
N HIS AA 96 39.27 10.59 124.67
CA HIS AA 96 39.02 11.88 124.03
C HIS AA 96 37.57 12.05 123.60
N ILE AA 97 36.83 10.94 123.38
CA ILE AA 97 35.40 11.07 123.15
C ILE AA 97 34.70 11.65 124.39
N THR AA 98 34.95 11.07 125.57
CA THR AA 98 34.34 11.61 126.79
C THR AA 98 34.73 13.07 126.97
N LYS AA 99 35.99 13.40 126.65
CA LYS AA 99 36.42 14.80 126.67
C LYS AA 99 35.54 15.67 125.78
N LEU AA 100 35.30 15.23 124.54
CA LEU AA 100 34.46 15.98 123.61
C LEU AA 100 33.06 16.21 124.19
N ARG AA 101 32.44 15.15 124.72
CA ARG AA 101 31.09 15.29 125.26
C ARG AA 101 31.05 16.31 126.40
N GLN AA 102 32.04 16.24 127.30
CA GLN AA 102 32.03 17.15 128.44
C GLN AA 102 32.25 18.59 128.00
N THR AA 103 33.18 18.82 127.05
CA THR AA 103 33.37 20.18 126.55
C THR AA 103 32.11 20.71 125.87
N LEU AA 104 31.33 19.82 125.22
CA LEU AA 104 30.08 20.27 124.63
C LEU AA 104 29.09 20.71 125.72
N ILE AA 105 28.99 19.95 126.79
CA ILE AA 105 28.15 20.37 127.92
C ILE AA 105 28.58 21.75 128.42
N ALA AA 106 29.89 21.92 128.61
CA ALA AA 106 30.42 23.19 129.08
C ALA AA 106 30.02 24.33 128.15
N TRP AA 107 30.21 24.13 126.85
CA TRP AA 107 29.86 25.16 125.88
C TRP AA 107 28.38 25.50 125.95
N LEU AA 108 27.51 24.47 126.03
CA LEU AA 108 26.08 24.69 126.09
C LEU AA 108 25.68 25.49 127.31
N GLY AA 109 26.50 25.45 128.36
CA GLY AA 109 26.26 26.29 129.53
C GLY AA 109 26.60 27.75 129.35
N GLN AA 110 27.51 28.06 128.43
CA GLN AA 110 28.09 29.39 128.31
C GLN AA 110 27.08 30.42 127.84
N GLN AA 111 27.36 31.68 128.16
CA GLN AA 111 26.45 32.75 127.76
C GLN AA 111 26.54 33.02 126.27
N CYS AA 112 27.73 32.90 125.67
CA CYS AA 112 27.85 33.12 124.24
C CYS AA 112 27.03 32.12 123.44
N VAL AA 113 26.67 30.99 124.04
CA VAL AA 113 25.79 30.02 123.41
C VAL AA 113 24.34 30.24 123.82
N SER AA 114 24.10 30.57 125.09
CA SER AA 114 22.73 30.71 125.56
C SER AA 114 22.04 31.93 124.96
N ASP AA 115 22.76 33.05 124.87
CA ASP AA 115 22.14 34.28 124.36
C ASP AA 115 21.53 34.12 122.98
N PRO AA 116 22.23 33.58 121.97
CA PRO AA 116 21.56 33.36 120.68
C PRO AA 116 20.49 32.28 120.73
N VAL AA 117 20.75 31.17 121.41
CA VAL AA 117 19.77 30.09 121.50
C VAL AA 117 18.53 30.57 122.24
N ASP AA 118 18.69 31.10 123.45
CA ASP AA 118 17.55 31.41 124.30
C ASP AA 118 16.78 32.63 123.79
N SER AA 119 17.49 33.70 123.45
CA SER AA 119 16.84 34.99 123.18
C SER AA 119 16.97 35.45 121.74
N GLY AA 120 17.71 34.75 120.90
CA GLY AA 120 17.87 35.16 119.52
C GLY AA 120 18.79 36.34 119.29
N LEU AA 121 19.55 36.76 120.29
CA LEU AA 121 20.51 37.84 120.13
C LEU AA 121 21.86 37.27 119.74
N ASN AA 122 22.48 37.83 118.71
CA ASN AA 122 23.80 37.39 118.32
C ASN AA 122 24.87 38.05 119.18
N ASN AA 123 26.07 37.48 119.13
CA ASN AA 123 27.18 38.00 119.90
C ASN AA 123 27.93 39.05 119.09
N TYR AA 124 28.76 39.83 119.80
CA TYR AA 124 29.51 40.94 119.19
C TYR AA 124 30.85 41.20 119.91
N MET BA 1 22.77 -120.15 52.19
CA MET BA 1 23.17 -120.79 53.43
C MET BA 1 22.68 -120.02 54.64
N ARG BA 2 22.18 -120.73 55.65
CA ARG BA 2 21.85 -120.10 56.92
C ARG BA 2 23.11 -119.58 57.58
N LEU BA 3 23.20 -118.25 57.71
CA LEU BA 3 24.43 -117.63 58.19
C LEU BA 3 24.73 -118.03 59.62
N THR BA 4 26.01 -118.21 59.90
CA THR BA 4 26.51 -118.46 61.25
C THR BA 4 27.83 -117.73 61.38
N ASP BA 5 28.20 -117.44 62.63
CA ASP BA 5 29.52 -116.87 62.88
C ASP BA 5 30.58 -117.74 62.23
N VAL BA 6 31.67 -117.13 61.82
CA VAL BA 6 32.65 -117.79 60.96
C VAL BA 6 34.01 -117.72 61.65
N ASP BA 7 34.74 -118.83 61.60
CA ASP BA 7 36.11 -118.87 62.10
C ASP BA 7 37.01 -119.28 60.94
N LEU BA 8 37.97 -118.40 60.62
CA LEU BA 8 38.88 -118.59 59.50
C LEU BA 8 40.27 -118.95 60.02
N THR BA 9 40.91 -119.89 59.35
CA THR BA 9 42.31 -120.19 59.62
C THR BA 9 43.15 -119.34 58.68
N VAL BA 10 43.98 -118.47 59.24
CA VAL BA 10 44.73 -117.48 58.47
C VAL BA 10 46.20 -117.68 58.77
N GLY BA 11 46.94 -118.27 57.82
CA GLY BA 11 48.33 -118.57 58.06
C GLY BA 11 48.45 -119.45 59.28
N GLU BA 12 49.02 -118.92 60.36
CA GLU BA 12 49.22 -119.69 61.57
C GLU BA 12 48.42 -119.12 62.74
N GLU BA 13 47.39 -118.34 62.46
CA GLU BA 13 46.52 -117.77 63.47
C GLU BA 13 45.09 -118.11 63.11
N THR BA 14 44.17 -117.88 64.04
CA THR BA 14 42.74 -118.09 63.77
C THR BA 14 41.98 -116.80 64.02
N ARG BA 15 41.20 -116.40 63.04
CA ARG BA 15 40.46 -115.14 63.04
C ARG BA 15 38.97 -115.45 63.16
N GLU BA 16 38.29 -114.77 64.08
CA GLU BA 16 36.89 -115.07 64.39
C GLU BA 16 36.02 -113.86 64.02
N TYR BA 17 35.04 -114.09 63.16
CA TYR BA 17 34.08 -113.09 62.72
C TYR BA 17 32.69 -113.46 63.20
N ALA BA 18 31.88 -112.43 63.41
CA ALA BA 18 30.49 -112.59 63.83
C ALA BA 18 29.57 -111.83 62.88
N VAL BA 19 28.39 -112.39 62.65
CA VAL BA 19 27.42 -111.77 61.75
C VAL BA 19 26.98 -110.43 62.32
N SER BA 20 27.10 -109.37 61.51
CA SER BA 20 26.65 -108.03 61.89
C SER BA 20 25.34 -107.61 61.25
N GLU BA 21 25.12 -107.93 59.97
CA GLU BA 21 23.78 -107.72 59.41
C GLU BA 21 23.60 -108.61 58.19
N GLN BA 22 22.34 -108.95 57.91
CA GLN BA 22 22.00 -109.75 56.74
C GLN BA 22 20.76 -109.17 56.10
N GLN BA 23 20.88 -108.82 54.82
CA GLN BA 23 19.78 -108.37 54.00
C GLN BA 23 19.49 -109.43 52.95
N GLY BA 24 18.58 -109.10 52.03
CA GLY BA 24 18.19 -110.06 51.02
C GLY BA 24 19.35 -110.50 50.16
N THR BA 25 20.15 -109.53 49.71
CA THR BA 25 21.29 -109.80 48.83
C THR BA 25 22.60 -109.26 49.40
N LEU BA 26 22.65 -108.98 50.69
CA LEU BA 26 23.83 -108.40 51.30
C LEU BA 26 24.02 -108.97 52.71
N PHE BA 27 25.28 -109.15 53.10
CA PHE BA 27 25.59 -109.48 54.49
C PHE BA 27 26.93 -108.87 54.88
N ARG BA 28 27.12 -108.78 56.20
CA ARG BA 28 28.29 -108.16 56.78
C ARG BA 28 28.67 -108.88 58.08
N PHE BA 29 29.94 -109.26 58.16
CA PHE BA 29 30.60 -109.79 59.34
C PHE BA 29 31.57 -108.76 59.92
N VAL BA 30 31.79 -108.86 61.23
CA VAL BA 30 32.74 -108.04 61.96
C VAL BA 30 33.72 -108.94 62.70
N ASP BA 31 34.99 -108.52 62.74
CA ASP BA 31 36.01 -109.24 63.49
C ASP BA 31 35.73 -109.15 64.99
N LYS BA 32 35.61 -110.30 65.65
CA LYS BA 32 35.30 -110.34 67.08
C LYS BA 32 36.39 -109.69 67.93
N SER BA 33 37.56 -109.40 67.35
CA SER BA 33 38.63 -108.73 68.08
C SER BA 33 38.27 -107.30 68.47
N GLY BA 34 37.22 -106.72 67.88
CA GLY BA 34 37.00 -105.30 67.93
C GLY BA 34 35.67 -104.90 68.57
N THR BA 35 35.56 -103.60 68.82
CA THR BA 35 34.39 -102.93 69.39
C THR BA 35 33.74 -102.07 68.32
N VAL BA 36 32.50 -101.67 68.58
CA VAL BA 36 31.92 -100.53 67.87
C VAL BA 36 32.91 -99.38 67.88
N ALA BA 37 33.46 -99.06 69.05
CA ALA BA 37 34.42 -97.97 69.18
C ALA BA 37 35.67 -98.23 68.35
N ASN BA 38 36.38 -99.29 68.66
CA ASN BA 38 37.61 -99.64 67.95
C ASN BA 38 37.36 -100.90 67.13
N ASN BA 39 37.44 -100.77 65.81
CA ASN BA 39 37.17 -101.87 64.89
C ASN BA 39 38.46 -102.51 64.41
N THR BA 40 38.47 -103.84 64.35
CA THR BA 40 39.63 -104.59 63.91
C THR BA 40 39.48 -105.18 62.51
N GLY BA 41 38.26 -105.31 61.99
CA GLY BA 41 38.09 -105.88 60.67
C GLY BA 41 36.64 -105.99 60.26
N VAL BA 42 36.36 -105.87 58.96
CA VAL BA 42 35.01 -105.96 58.46
C VAL BA 42 35.02 -106.70 57.13
N PHE BA 43 33.96 -107.47 56.88
CA PHE BA 43 33.77 -108.13 55.61
C PHE BA 43 32.32 -107.97 55.17
N SER BA 44 32.13 -107.63 53.91
CA SER BA 44 30.81 -107.41 53.36
C SER BA 44 30.71 -108.03 51.97
N LEU BA 45 29.54 -108.57 51.66
CA LEU BA 45 29.30 -109.22 50.37
C LEU BA 45 27.90 -108.87 49.88
N GLU BA 46 27.78 -108.51 48.60
CA GLU BA 46 26.50 -108.15 47.98
C GLU BA 46 26.40 -108.73 46.57
N GLN BA 47 25.23 -109.28 46.24
CA GLN BA 47 24.96 -109.77 44.89
C GLN BA 47 23.93 -108.89 44.20
N ARG BA 48 24.18 -108.64 42.91
CA ARG BA 48 23.32 -107.83 42.06
C ARG BA 48 22.96 -108.68 40.84
N PHE BA 49 21.76 -109.23 40.86
CA PHE BA 49 21.20 -110.01 39.77
C PHE BA 49 20.63 -109.03 38.74
N GLY BA 50 21.22 -108.98 37.55
CA GLY BA 50 20.79 -108.08 36.51
C GLY BA 50 19.64 -108.64 35.70
N ALA BA 51 19.36 -107.98 34.57
CA ALA BA 51 18.39 -108.53 33.63
C ALA BA 51 18.97 -109.75 32.91
N ALA BA 52 18.11 -110.45 32.17
CA ALA BA 52 18.52 -111.69 31.52
C ALA BA 52 19.62 -111.47 30.49
N ASN BA 53 19.76 -110.26 29.96
CA ASN BA 53 20.88 -109.92 29.10
C ASN BA 53 22.10 -109.46 29.89
N SER BA 54 21.94 -109.16 31.18
CA SER BA 54 23.02 -108.67 32.02
C SER BA 54 23.67 -109.81 32.78
N ASN BA 55 24.96 -109.65 33.06
CA ASN BA 55 25.67 -110.57 33.94
C ASN BA 55 25.32 -110.24 35.39
N ARG BA 56 25.06 -111.27 36.19
CA ARG BA 56 24.95 -111.02 37.61
C ARG BA 56 26.33 -110.74 38.17
N LYS BA 57 26.36 -109.93 39.22
CA LYS BA 57 27.63 -109.47 39.77
C LYS BA 57 27.64 -109.69 41.28
N VAL BA 58 28.82 -110.01 41.80
CA VAL BA 58 28.98 -110.32 43.22
C VAL BA 58 30.21 -109.59 43.72
N THR BA 59 30.07 -108.77 44.76
CA THR BA 59 31.17 -107.94 45.20
C THR BA 59 31.42 -108.11 46.70
N MET BA 60 32.70 -108.18 47.05
CA MET BA 60 33.17 -108.36 48.41
C MET BA 60 34.12 -107.24 48.77
N LEU BA 61 34.00 -106.76 50.01
CA LEU BA 61 34.93 -105.77 50.56
C LEU BA 61 35.43 -106.28 51.91
N LEU BA 62 36.75 -106.38 52.03
CA LEU BA 62 37.43 -106.77 53.26
C LEU BA 62 38.26 -105.57 53.70
N THR BA 63 37.99 -105.08 54.91
CA THR BA 63 38.69 -103.92 55.46
C THR BA 63 39.41 -104.32 56.73
N ASP BA 64 40.71 -104.02 56.79
CA ASP BA 64 41.55 -104.27 57.96
C ASP BA 64 42.16 -102.97 58.43
N PRO BA 65 41.66 -102.41 59.53
CA PRO BA 65 42.29 -101.24 60.11
C PRO BA 65 43.32 -101.62 61.16
N VAL BA 66 44.38 -100.82 61.23
CA VAL BA 66 45.49 -101.01 62.16
C VAL BA 66 45.82 -99.66 62.76
N VAL BA 67 46.20 -99.67 64.03
CA VAL BA 67 46.66 -98.45 64.69
C VAL BA 67 48.17 -98.34 64.48
N VAL BA 68 48.62 -97.18 64.02
CA VAL BA 68 50.01 -96.89 63.72
C VAL BA 68 50.43 -95.66 64.47
N LYS BA 69 51.71 -95.58 64.82
CA LYS BA 69 52.28 -94.42 65.46
C LYS BA 69 52.40 -93.28 64.45
N ASP BA 70 52.04 -92.08 64.90
CA ASP BA 70 52.21 -90.88 64.09
C ASP BA 70 53.69 -90.49 64.03
N ALA BA 71 54.03 -89.65 63.04
CA ALA BA 71 55.38 -89.09 63.01
C ALA BA 71 55.64 -88.24 64.24
N SER BA 72 54.60 -87.61 64.78
CA SER BA 72 54.70 -86.92 66.06
C SER BA 72 54.63 -87.90 67.23
N GLY BA 73 53.98 -89.04 67.04
CA GLY BA 73 53.81 -90.03 68.08
C GLY BA 73 52.37 -90.35 68.43
N ALA BA 74 51.40 -89.55 67.96
CA ALA BA 74 50.00 -89.78 68.27
C ALA BA 74 49.53 -91.12 67.71
N ASP BA 75 48.43 -91.61 68.27
CA ASP BA 75 47.79 -92.83 67.80
C ASP BA 75 46.89 -92.51 66.62
N MET BA 76 47.08 -93.23 65.52
CA MET BA 76 46.33 -92.94 64.30
C MET BA 76 45.86 -94.26 63.69
N THR BA 77 44.61 -94.31 63.22
CA THR BA 77 44.07 -95.53 62.65
C THR BA 77 44.10 -95.46 61.12
N ILE BA 78 44.60 -96.53 60.50
CA ILE BA 78 44.83 -96.59 59.06
C ILE BA 78 44.18 -97.89 58.55
N LYS BA 79 43.37 -97.77 57.51
CA LYS BA 79 42.67 -98.90 56.94
C LYS BA 79 43.34 -99.34 55.65
N ALA BA 80 43.33 -100.66 55.41
CA ALA BA 80 43.73 -101.27 54.14
C ALA BA 80 42.56 -102.05 53.59
N ASN BA 81 42.29 -101.89 52.29
CA ASN BA 81 41.10 -102.44 51.69
C ASN BA 81 41.46 -103.48 50.64
N ALA BA 82 40.65 -104.52 50.54
CA ALA BA 82 40.73 -105.46 49.43
C ALA BA 82 39.31 -105.70 48.94
N SER BA 83 39.13 -105.66 47.62
CA SER BA 83 37.78 -105.80 47.06
C SER BA 83 37.82 -106.77 45.90
N VAL BA 84 36.88 -107.71 45.88
CA VAL BA 84 36.77 -108.70 44.82
C VAL BA 84 35.41 -108.49 44.13
N THR BA 85 35.38 -108.71 42.82
CA THR BA 85 34.15 -108.60 42.04
C THR BA 85 34.11 -109.73 41.03
N PHE BA 86 33.07 -110.56 41.11
CA PHE BA 86 32.81 -111.64 40.18
C PHE BA 86 31.73 -111.18 39.21
N SER BA 87 32.08 -111.11 37.93
CA SER BA 87 31.12 -110.86 36.86
C SER BA 87 30.82 -112.20 36.20
N LEU BA 88 29.60 -112.68 36.39
CA LEU BA 88 29.19 -114.02 35.98
C LEU BA 88 27.97 -113.91 35.06
N PRO BA 89 28.14 -114.18 33.78
CA PRO BA 89 26.99 -114.22 32.87
C PRO BA 89 26.06 -115.38 33.21
N LYS BA 90 24.80 -115.22 32.83
CA LYS BA 90 23.77 -116.17 33.20
C LYS BA 90 23.67 -117.35 32.23
N THR BA 91 24.55 -117.40 31.23
CA THR BA 91 24.73 -118.57 30.39
C THR BA 91 25.98 -119.35 30.76
N TYR BA 92 26.74 -118.86 31.73
CA TYR BA 92 27.95 -119.50 32.21
C TYR BA 92 27.61 -120.58 33.23
N PRO BA 93 28.20 -121.76 33.15
CA PRO BA 93 27.80 -122.85 34.06
C PRO BA 93 28.39 -122.72 35.46
N ASN BA 94 27.56 -123.13 36.44
CA ASN BA 94 27.94 -122.99 37.83
C ASN BA 94 29.22 -123.75 38.15
N GLU BA 95 29.43 -124.90 37.51
CA GLU BA 95 30.67 -125.64 37.70
C GLU BA 95 31.88 -124.77 37.41
N HIS BA 96 31.90 -124.12 36.24
CA HIS BA 96 33.04 -123.30 35.90
C HIS BA 96 33.12 -122.05 36.75
N ILE BA 97 32.02 -121.57 37.31
CA ILE BA 97 32.12 -120.50 38.31
C ILE BA 97 32.92 -120.98 39.54
N THR BA 98 32.60 -122.19 40.01
CA THR BA 98 33.37 -122.73 41.14
C THR BA 98 34.84 -122.89 40.77
N LYS BA 99 35.11 -123.41 39.56
CA LYS BA 99 36.47 -123.50 39.06
C LYS BA 99 37.17 -122.16 39.10
N LEU BA 100 36.48 -121.10 38.65
CA LEU BA 100 37.03 -119.77 38.65
C LEU BA 100 37.39 -119.31 40.06
N ARG BA 101 36.46 -119.47 41.00
CA ARG BA 101 36.72 -119.04 42.37
C ARG BA 101 37.93 -119.76 42.96
N GLN BA 102 38.04 -121.06 42.70
CA GLN BA 102 39.15 -121.80 43.27
C GLN BA 102 40.48 -121.39 42.62
N THR BA 103 40.50 -121.18 41.30
CA THR BA 103 41.73 -120.68 40.66
C THR BA 103 42.12 -119.33 41.20
N LEU BA 104 41.15 -118.49 41.55
CA LEU BA 104 41.47 -117.20 42.16
C LEU BA 104 42.12 -117.39 43.51
N ILE BA 105 41.58 -118.31 44.32
CA ILE BA 105 42.21 -118.59 45.61
C ILE BA 105 43.65 -119.05 45.42
N ALA BA 106 43.87 -119.96 44.47
CA ALA BA 106 45.22 -120.45 44.20
C ALA BA 106 46.14 -119.32 43.76
N TRP BA 107 45.66 -118.44 42.89
CA TRP BA 107 46.48 -117.32 42.44
C TRP BA 107 46.83 -116.39 43.60
N LEU BA 108 45.86 -116.10 44.46
CA LEU BA 108 46.11 -115.25 45.62
C LEU BA 108 47.13 -115.88 46.56
N GLY BA 109 47.29 -117.21 46.50
CA GLY BA 109 48.34 -117.88 47.23
C GLY BA 109 49.74 -117.69 46.67
N GLN BA 110 49.84 -117.44 45.35
CA GLN BA 110 51.12 -117.50 44.66
C GLN BA 110 52.07 -116.41 45.11
N GLN BA 111 53.37 -116.67 44.95
CA GLN BA 111 54.36 -115.68 45.32
C GLN BA 111 54.38 -114.51 44.35
N CYS BA 112 54.11 -114.77 43.06
CA CYS BA 112 54.10 -113.67 42.10
C CYS BA 112 52.95 -112.70 42.34
N VAL BA 113 51.91 -113.14 43.03
CA VAL BA 113 50.88 -112.22 43.50
C VAL BA 113 51.23 -111.65 44.87
N SER BA 114 51.91 -112.45 45.71
CA SER BA 114 52.22 -112.02 47.07
C SER BA 114 53.20 -110.85 47.09
N ASP BA 115 54.26 -110.94 46.29
CA ASP BA 115 55.32 -109.93 46.35
C ASP BA 115 54.82 -108.51 46.08
N PRO BA 116 54.09 -108.23 45.00
CA PRO BA 116 53.58 -106.86 44.84
C PRO BA 116 52.57 -106.45 45.89
N VAL BA 117 51.64 -107.35 46.24
CA VAL BA 117 50.63 -107.02 47.24
C VAL BA 117 51.28 -106.82 48.60
N ASP BA 118 51.99 -107.82 49.10
CA ASP BA 118 52.46 -107.78 50.48
C ASP BA 118 53.57 -106.74 50.67
N SER BA 119 54.51 -106.66 49.74
CA SER BA 119 55.71 -105.85 49.95
C SER BA 119 55.92 -104.75 48.92
N GLY BA 120 55.19 -104.74 47.81
CA GLY BA 120 55.34 -103.73 46.80
C GLY BA 120 56.38 -104.02 45.74
N LEU BA 121 57.09 -105.14 45.84
CA LEU BA 121 58.06 -105.50 44.82
C LEU BA 121 57.35 -106.02 43.58
N ASN BA 122 57.73 -105.52 42.42
CA ASN BA 122 57.22 -106.08 41.18
C ASN BA 122 58.04 -107.30 40.76
N ASN BA 123 57.41 -108.16 39.95
CA ASN BA 123 58.11 -109.32 39.45
C ASN BA 123 58.88 -108.96 38.17
N TYR BA 124 59.85 -109.80 37.83
CA TYR BA 124 60.72 -109.51 36.70
C TYR BA 124 61.02 -110.75 35.86
N MET CA 1 6.80 -118.79 58.92
CA MET CA 1 7.50 -120.05 59.20
C MET CA 1 9.01 -119.88 59.04
N ARG CA 2 9.76 -120.83 59.58
CA ARG CA 2 11.22 -120.84 59.40
C ARG CA 2 11.54 -121.54 58.09
N LEU CA 3 12.02 -120.77 57.11
CA LEU CA 3 12.27 -121.29 55.77
C LEU CA 3 13.26 -122.44 55.78
N THR CA 4 12.89 -123.52 55.11
CA THR CA 4 13.73 -124.68 54.91
C THR CA 4 13.58 -125.10 53.45
N ASP CA 5 14.64 -125.69 52.91
CA ASP CA 5 14.58 -126.19 51.53
C ASP CA 5 13.36 -127.11 51.39
N VAL CA 6 12.73 -127.06 50.22
CA VAL CA 6 11.42 -127.66 50.04
C VAL CA 6 11.53 -128.71 48.94
N ASP CA 7 10.81 -129.82 49.13
CA ASP CA 7 10.71 -130.84 48.09
C ASP CA 7 9.24 -131.07 47.76
N LEU CA 8 8.90 -130.86 46.50
CA LEU CA 8 7.54 -130.92 46.01
C LEU CA 8 7.32 -132.19 45.22
N THR CA 9 6.21 -132.86 45.49
CA THR CA 9 5.83 -134.03 44.72
C THR CA 9 4.98 -133.53 43.55
N VAL CA 10 5.52 -133.64 42.34
CA VAL CA 10 4.91 -133.08 41.14
C VAL CA 10 4.57 -134.24 40.21
N GLY CA 11 3.29 -134.64 40.21
CA GLY CA 11 2.90 -135.81 39.46
C GLY CA 11 3.65 -137.03 39.95
N GLU CA 12 4.53 -137.57 39.12
CA GLU CA 12 5.31 -138.74 39.50
C GLU CA 12 6.78 -138.41 39.66
N GLU CA 13 7.12 -137.14 39.83
CA GLU CA 13 8.49 -136.71 39.96
C GLU CA 13 8.61 -135.91 41.25
N THR CA 14 9.85 -135.63 41.66
CA THR CA 14 10.08 -134.80 42.83
C THR CA 14 10.98 -133.64 42.45
N ARG CA 15 10.47 -132.42 42.62
CA ARG CA 15 11.23 -131.20 42.42
C ARG CA 15 11.83 -130.77 43.75
N GLU CA 16 13.07 -130.27 43.72
CA GLU CA 16 13.80 -129.94 44.95
C GLU CA 16 14.33 -128.52 44.88
N TYR CA 17 13.75 -127.63 45.68
CA TYR CA 17 14.10 -126.23 45.70
C TYR CA 17 14.90 -125.91 46.96
N ALA CA 18 15.81 -124.95 46.81
CA ALA CA 18 16.64 -124.44 47.88
C ALA CA 18 16.39 -122.95 48.08
N VAL CA 19 16.42 -122.51 49.34
CA VAL CA 19 16.22 -121.09 49.65
C VAL CA 19 17.32 -120.29 49.00
N SER CA 20 16.93 -119.27 48.23
CA SER CA 20 17.88 -118.41 47.55
C SER CA 20 17.92 -116.98 48.06
N GLU CA 21 16.81 -116.45 48.57
CA GLU CA 21 16.93 -115.21 49.34
C GLU CA 21 15.71 -115.03 50.24
N GLN CA 22 15.95 -114.34 51.36
CA GLN CA 22 14.91 -114.01 52.33
C GLN CA 22 15.06 -112.55 52.71
N GLN CA 23 14.03 -111.75 52.40
CA GLN CA 23 13.99 -110.37 52.81
C GLN CA 23 12.93 -110.22 53.90
N GLY CA 24 12.49 -108.99 54.13
CA GLY CA 24 11.46 -108.77 55.13
C GLY CA 24 10.18 -109.47 54.74
N THR CA 25 9.63 -109.09 53.59
CA THR CA 25 8.33 -109.58 53.12
C THR CA 25 8.45 -110.43 51.87
N LEU CA 26 9.67 -110.76 51.46
CA LEU CA 26 9.91 -111.46 50.20
C LEU CA 26 10.84 -112.64 50.42
N PHE CA 27 10.59 -113.73 49.70
CA PHE CA 27 11.50 -114.87 49.68
C PHE CA 27 11.55 -115.46 48.28
N ARG CA 28 12.60 -116.24 48.04
CA ARG CA 28 12.84 -116.83 46.74
C ARG CA 28 13.56 -118.17 46.91
N PHE CA 29 12.98 -119.20 46.30
CA PHE CA 29 13.53 -120.54 46.16
C PHE CA 29 14.02 -120.76 44.73
N VAL CA 30 14.88 -121.75 44.58
CA VAL CA 30 15.56 -122.03 43.33
C VAL CA 30 15.65 -123.53 43.12
N ASP CA 31 15.37 -124.00 41.89
CA ASP CA 31 15.44 -125.43 41.59
C ASP CA 31 16.87 -125.94 41.73
N LYS CA 32 17.07 -126.89 42.65
CA LYS CA 32 18.42 -127.39 42.90
C LYS CA 32 19.01 -128.04 41.68
N SER CA 33 18.16 -128.62 40.82
CA SER CA 33 18.60 -129.34 39.63
C SER CA 33 19.14 -128.43 38.54
N GLY CA 34 19.29 -127.14 38.81
CA GLY CA 34 19.74 -126.22 37.77
C GLY CA 34 21.25 -126.27 37.63
N THR CA 35 21.71 -126.30 36.37
CA THR CA 35 23.14 -126.28 36.07
C THR CA 35 23.65 -124.89 35.76
N VAL CA 36 22.83 -124.08 35.09
CA VAL CA 36 23.18 -122.72 34.73
C VAL CA 36 22.10 -121.80 35.27
N ALA CA 37 22.43 -120.51 35.39
CA ALA CA 37 21.44 -119.52 35.79
C ALA CA 37 20.21 -119.58 34.90
N ASN CA 38 20.40 -119.56 33.58
CA ASN CA 38 19.26 -119.63 32.65
C ASN CA 38 18.59 -120.99 32.67
N ASN CA 39 19.35 -122.05 32.93
CA ASN CA 39 18.77 -123.38 33.10
C ASN CA 39 17.82 -123.43 34.29
N THR CA 40 18.04 -122.58 35.29
CA THR CA 40 17.50 -122.78 36.63
C THR CA 40 16.10 -122.18 36.79
N GLY CA 41 15.14 -123.02 37.19
CA GLY CA 41 13.82 -122.53 37.53
C GLY CA 41 13.82 -121.87 38.90
N VAL CA 42 12.85 -120.98 39.11
CA VAL CA 42 12.79 -120.20 40.35
C VAL CA 42 11.35 -120.00 40.78
N PHE CA 43 11.19 -119.69 42.07
CA PHE CA 43 9.90 -119.37 42.64
C PHE CA 43 10.06 -118.29 43.69
N SER CA 44 9.25 -117.26 43.58
CA SER CA 44 9.37 -116.10 44.46
C SER CA 44 8.00 -115.70 44.97
N LEU CA 45 7.98 -115.17 46.20
CA LEU CA 45 6.73 -114.72 46.82
C LEU CA 45 7.01 -113.45 47.63
N GLU CA 46 6.06 -112.52 47.57
CA GLU CA 46 6.17 -111.23 48.25
C GLU CA 46 4.80 -110.81 48.77
N GLN CA 47 4.75 -110.33 50.01
CA GLN CA 47 3.53 -109.77 50.57
C GLN CA 47 3.67 -108.27 50.70
N ARG CA 48 2.61 -107.56 50.31
CA ARG CA 48 2.51 -106.11 50.40
C ARG CA 48 1.31 -105.82 51.28
N PHE CA 49 1.59 -105.52 52.54
CA PHE CA 49 0.56 -105.17 53.52
C PHE CA 49 0.22 -103.69 53.35
N GLY CA 50 -1.04 -103.38 53.13
CA GLY CA 50 -1.48 -102.02 52.89
C GLY CA 50 -1.88 -101.29 54.16
N ALA CA 51 -2.43 -100.09 53.97
CA ALA CA 51 -3.04 -99.38 55.10
C ALA CA 51 -4.32 -100.11 55.52
N ALA CA 52 -4.96 -99.59 56.59
CA ALA CA 52 -6.13 -100.28 57.13
C ALA CA 52 -7.31 -100.22 56.16
N ASN CA 53 -7.37 -99.22 55.28
CA ASN CA 53 -8.39 -99.18 54.26
C ASN CA 53 -8.04 -100.02 53.03
N SER CA 54 -6.80 -100.49 52.96
CA SER CA 54 -6.35 -101.28 51.81
C SER CA 54 -6.51 -102.77 52.10
N ASN CA 55 -6.36 -103.55 51.04
CA ASN CA 55 -6.26 -105.00 51.14
C ASN CA 55 -4.80 -105.39 51.07
N ARG CA 56 -4.38 -106.35 51.88
CA ARG CA 56 -3.04 -106.87 51.71
C ARG CA 56 -3.00 -107.74 50.45
N LYS CA 57 -1.87 -107.74 49.78
CA LYS CA 57 -1.71 -108.48 48.53
C LYS CA 57 -0.52 -109.40 48.63
N VAL CA 58 -0.68 -110.64 48.20
CA VAL CA 58 0.42 -111.59 48.16
C VAL CA 58 0.59 -112.04 46.72
N THR CA 59 1.82 -111.97 46.22
CA THR CA 59 2.10 -112.31 44.84
C THR CA 59 3.18 -113.38 44.77
N MET CA 60 3.04 -114.30 43.82
CA MET CA 60 3.99 -115.36 43.58
C MET CA 60 4.27 -115.44 42.09
N LEU CA 61 5.55 -115.69 41.79
CA LEU CA 61 6.01 -115.92 40.42
C LEU CA 61 6.79 -117.22 40.37
N LEU CA 62 6.39 -118.10 39.45
CA LEU CA 62 7.03 -119.37 39.18
C LEU CA 62 7.55 -119.35 37.76
N THR CA 63 8.86 -119.54 37.60
CA THR CA 63 9.51 -119.51 36.30
C THR CA 63 10.18 -120.85 36.02
N ASP CA 64 9.81 -121.46 34.89
CA ASP CA 64 10.35 -122.77 34.49
C ASP CA 64 10.93 -122.68 33.10
N PRO CA 65 12.23 -122.45 32.97
CA PRO CA 65 12.87 -122.45 31.65
C PRO CA 65 13.20 -123.87 31.18
N VAL CA 66 13.26 -124.02 29.85
CA VAL CA 66 13.59 -125.28 29.19
C VAL CA 66 14.50 -124.98 28.00
N VAL CA 67 15.36 -125.94 27.64
CA VAL CA 67 16.26 -125.77 26.52
C VAL CA 67 15.63 -126.37 25.26
N VAL CA 68 15.59 -125.58 24.19
CA VAL CA 68 15.07 -126.02 22.90
C VAL CA 68 16.15 -125.87 21.82
N MET CA 76 18.83 -122.57 22.34
CA MET CA 76 18.04 -121.52 22.99
C MET CA 76 17.26 -122.05 24.20
N THR CA 77 17.11 -121.19 25.22
CA THR CA 77 16.33 -121.51 26.41
C THR CA 77 15.10 -120.59 26.48
N ILE CA 78 13.94 -121.21 26.68
CA ILE CA 78 12.64 -120.56 26.64
C ILE CA 78 12.02 -120.64 28.02
N LYS CA 79 11.49 -119.52 28.50
CA LYS CA 79 10.95 -119.42 29.85
C LYS CA 79 9.42 -119.26 29.82
N ALA CA 80 8.74 -120.00 30.71
CA ALA CA 80 7.31 -119.89 30.91
C ALA CA 80 7.02 -119.52 32.35
N ASN CA 81 6.02 -118.66 32.55
CA ASN CA 81 5.74 -118.08 33.85
C ASN CA 81 4.33 -118.41 34.30
N ALA CA 82 4.18 -118.68 35.59
CA ALA CA 82 2.89 -118.68 36.25
C ALA CA 82 2.95 -117.65 37.37
N SER CA 83 1.91 -116.84 37.50
CA SER CA 83 1.89 -115.80 38.53
C SER CA 83 0.55 -115.82 39.23
N VAL CA 84 0.57 -115.93 40.56
CA VAL CA 84 -0.64 -115.94 41.37
C VAL CA 84 -0.63 -114.68 42.22
N THR CA 85 -1.80 -114.11 42.43
CA THR CA 85 -1.96 -112.92 43.27
C THR CA 85 -3.23 -113.05 44.10
N PHE CA 86 -3.07 -112.98 45.42
CA PHE CA 86 -4.16 -113.04 46.39
C PHE CA 86 -4.41 -111.63 46.91
N SER CA 87 -5.60 -111.10 46.64
CA SER CA 87 -6.05 -109.83 47.20
C SER CA 87 -6.99 -110.14 48.35
N LEU CA 88 -6.55 -109.82 49.57
CA LEU CA 88 -7.24 -110.23 50.79
C LEU CA 88 -7.54 -109.00 51.63
N PRO CA 89 -8.80 -108.63 51.79
CA PRO CA 89 -9.15 -107.56 52.72
C PRO CA 89 -8.89 -107.99 54.16
N LYS CA 90 -8.55 -107.01 55.00
CA LYS CA 90 -8.15 -107.35 56.35
C LYS CA 90 -9.30 -107.89 57.18
N THR CA 91 -10.50 -107.32 57.02
CA THR CA 91 -11.68 -107.80 57.73
C THR CA 91 -12.08 -109.22 57.33
N TYR CA 92 -11.58 -109.71 56.20
CA TYR CA 92 -11.93 -111.04 55.71
C TYR CA 92 -11.30 -112.10 56.60
N PRO CA 93 -12.03 -113.17 56.96
CA PRO CA 93 -11.53 -114.09 57.99
C PRO CA 93 -10.50 -115.10 57.48
N ASN CA 94 -9.49 -115.32 58.31
CA ASN CA 94 -8.37 -116.18 57.93
C ASN CA 94 -8.85 -117.58 57.53
N GLU CA 95 -9.89 -118.09 58.18
CA GLU CA 95 -10.41 -119.40 57.82
C GLU CA 95 -10.88 -119.44 56.38
N HIS CA 96 -11.71 -118.48 55.97
CA HIS CA 96 -12.16 -118.42 54.59
C HIS CA 96 -11.02 -118.16 53.61
N ILE CA 97 -9.93 -117.52 54.04
CA ILE CA 97 -8.76 -117.40 53.18
C ILE CA 97 -8.14 -118.78 52.90
N THR CA 98 -7.93 -119.57 53.97
CA THR CA 98 -7.41 -120.93 53.77
C THR CA 98 -8.32 -121.70 52.81
N LYS CA 99 -9.63 -121.54 52.96
CA LYS CA 99 -10.59 -122.13 52.03
C LYS CA 99 -10.31 -121.70 50.59
N LEU CA 100 -10.17 -120.39 50.38
CA LEU CA 100 -9.94 -119.88 49.03
C LEU CA 100 -8.70 -120.52 48.40
N ARG CA 101 -7.59 -120.54 49.15
CA ARG CA 101 -6.36 -121.13 48.62
C ARG CA 101 -6.58 -122.60 48.22
N GLN CA 102 -7.23 -123.37 49.09
CA GLN CA 102 -7.43 -124.78 48.79
C GLN CA 102 -8.29 -124.98 47.55
N THR CA 103 -9.35 -124.17 47.40
CA THR CA 103 -10.19 -124.30 46.22
C THR CA 103 -9.47 -123.89 44.94
N LEU CA 104 -8.54 -122.94 45.03
CA LEU CA 104 -7.72 -122.64 43.85
C LEU CA 104 -6.86 -123.83 43.47
N ILE CA 105 -6.27 -124.50 44.45
CA ILE CA 105 -5.53 -125.73 44.16
C ILE CA 105 -6.42 -126.74 43.44
N ALA CA 106 -7.62 -126.97 43.99
CA ALA CA 106 -8.55 -127.91 43.40
C ALA CA 106 -8.88 -127.54 41.96
N TRP CA 107 -9.11 -126.25 41.71
CA TRP CA 107 -9.44 -125.80 40.36
C TRP CA 107 -8.28 -126.06 39.41
N LEU CA 108 -7.06 -125.70 39.81
CA LEU CA 108 -5.88 -125.96 39.00
C LEU CA 108 -5.68 -127.44 38.72
N GLY CA 109 -6.31 -128.31 39.51
CA GLY CA 109 -6.33 -129.72 39.19
C GLY CA 109 -7.20 -130.14 38.01
N GLN CA 110 -8.29 -129.41 37.78
CA GLN CA 110 -9.37 -129.89 36.92
C GLN CA 110 -9.00 -129.86 35.43
N GLN CA 111 -9.74 -130.66 34.66
CA GLN CA 111 -9.49 -130.75 33.23
C GLN CA 111 -9.83 -129.44 32.53
N CYS CA 112 -10.93 -128.80 32.92
CA CYS CA 112 -11.32 -127.56 32.27
C CYS CA 112 -10.27 -126.48 32.42
N VAL CA 113 -9.34 -126.64 33.36
CA VAL CA 113 -8.20 -125.73 33.50
C VAL CA 113 -6.96 -126.29 32.81
N SER CA 114 -6.72 -127.60 32.91
CA SER CA 114 -5.51 -128.16 32.32
C SER CA 114 -5.55 -128.09 30.80
N ASP CA 115 -6.70 -128.35 30.18
CA ASP CA 115 -6.79 -128.37 28.73
C ASP CA 115 -6.35 -127.03 28.08
N PRO CA 116 -6.84 -125.87 28.54
CA PRO CA 116 -6.29 -124.63 27.95
C PRO CA 116 -4.87 -124.33 28.38
N VAL CA 117 -4.54 -124.51 29.66
CA VAL CA 117 -3.17 -124.23 30.11
C VAL CA 117 -2.19 -125.16 29.44
N ASP CA 118 -2.36 -126.47 29.61
CA ASP CA 118 -1.36 -127.42 29.15
C ASP CA 118 -1.24 -127.42 27.62
N SER CA 119 -2.34 -127.62 26.91
CA SER CA 119 -2.29 -127.84 25.47
C SER CA 119 -2.99 -126.78 24.65
N GLY CA 120 -3.72 -125.84 25.27
CA GLY CA 120 -4.38 -124.80 24.52
C GLY CA 120 -5.78 -125.12 24.04
N LEU CA 121 -6.34 -126.26 24.44
CA LEU CA 121 -7.73 -126.58 24.10
C LEU CA 121 -8.67 -125.74 24.94
N ASN CA 122 -9.55 -124.98 24.30
CA ASN CA 122 -10.59 -124.31 25.05
C ASN CA 122 -11.75 -125.27 25.31
N ASN CA 123 -12.57 -124.91 26.27
CA ASN CA 123 -13.71 -125.75 26.61
C ASN CA 123 -14.91 -125.34 25.80
N TYR CA 124 -15.73 -126.33 25.47
CA TYR CA 124 -16.87 -126.13 24.58
C TYR CA 124 -18.08 -126.89 25.06
N MET DA 1 22.21 -111.98 66.81
CA MET DA 1 21.43 -113.13 67.24
C MET DA 1 20.65 -113.71 66.07
N ARG DA 2 20.57 -115.04 66.01
CA ARG DA 2 19.71 -115.72 65.05
C ARG DA 2 18.26 -115.58 65.49
N LEU DA 3 17.50 -114.75 64.81
CA LEU DA 3 16.15 -114.43 65.26
C LEU DA 3 15.26 -115.65 65.17
N THR DA 4 14.56 -115.94 66.26
CA THR DA 4 13.49 -116.92 66.29
C THR DA 4 12.40 -116.42 67.20
N ASP DA 5 11.23 -117.06 67.10
CA ASP DA 5 10.09 -116.70 67.93
C ASP DA 5 10.50 -116.70 69.40
N VAL DA 6 9.88 -115.82 70.19
CA VAL DA 6 10.19 -115.74 71.60
C VAL DA 6 8.89 -115.78 72.41
N ASP DA 7 9.04 -116.21 73.65
CA ASP DA 7 7.97 -116.18 74.64
C ASP DA 7 8.45 -115.38 75.83
N LEU DA 8 7.63 -114.44 76.27
CA LEU DA 8 7.97 -113.52 77.35
C LEU DA 8 7.17 -113.86 78.60
N THR DA 9 7.85 -113.77 79.73
CA THR DA 9 7.19 -113.93 81.02
C THR DA 9 6.75 -112.56 81.49
N VAL DA 10 5.43 -112.36 81.60
CA VAL DA 10 4.86 -111.05 81.90
C VAL DA 10 4.01 -111.18 83.16
N GLY DA 11 4.58 -110.76 84.29
CA GLY DA 11 3.91 -110.95 85.55
C GLY DA 11 3.59 -112.41 85.78
N GLU DA 12 2.31 -112.76 85.77
CA GLU DA 12 1.89 -114.13 85.99
C GLU DA 12 1.22 -114.73 84.76
N GLU DA 13 1.55 -114.22 83.58
CA GLU DA 13 1.07 -114.78 82.33
C GLU DA 13 2.25 -114.95 81.38
N THR DA 14 2.02 -115.70 80.31
CA THR DA 14 3.04 -115.90 79.29
C THR DA 14 2.54 -115.34 77.96
N ARG DA 15 3.37 -114.52 77.34
CA ARG DA 15 3.04 -113.82 76.10
C ARG DA 15 3.87 -114.42 74.98
N GLU DA 16 3.23 -114.84 73.90
CA GLU DA 16 3.92 -115.55 72.83
C GLU DA 16 3.96 -114.70 71.58
N TYR DA 17 5.17 -114.34 71.15
CA TYR DA 17 5.35 -113.59 69.92
C TYR DA 17 5.95 -114.50 68.86
N ALA DA 18 5.75 -114.12 67.60
CA ALA DA 18 6.30 -114.81 66.44
C ALA DA 18 6.92 -113.80 65.50
N VAL DA 19 8.04 -114.20 64.88
CA VAL DA 19 8.72 -113.30 63.96
C VAL DA 19 7.80 -113.03 62.78
N SER DA 20 7.55 -111.73 62.53
CA SER DA 20 6.73 -111.31 61.41
C SER DA 20 7.53 -110.72 60.26
N GLU DA 21 8.70 -110.13 60.52
CA GLU DA 21 9.63 -109.83 59.43
C GLU DA 21 11.01 -109.57 60.00
N GLN DA 22 12.03 -109.86 59.19
CA GLN DA 22 13.41 -109.58 59.55
C GLN DA 22 14.12 -108.95 58.36
N GLN DA 23 14.61 -107.73 58.54
CA GLN DA 23 15.42 -107.02 57.56
C GLN DA 23 16.81 -106.80 58.13
N GLY DA 24 17.64 -106.09 57.36
CA GLY DA 24 19.03 -105.93 57.74
C GLY DA 24 19.21 -105.25 59.07
N THR DA 25 18.51 -104.12 59.26
CA THR DA 25 18.60 -103.31 60.47
C THR DA 25 17.29 -103.26 61.24
N LEU DA 26 16.27 -104.00 60.80
CA LEU DA 26 14.93 -103.92 61.38
C LEU DA 26 14.36 -105.32 61.56
N PHE DA 27 13.56 -105.49 62.60
CA PHE DA 27 12.79 -106.72 62.77
C PHE DA 27 11.46 -106.41 63.46
N ARG DA 28 10.51 -107.33 63.29
CA ARG DA 28 9.17 -107.17 63.81
C ARG DA 28 8.61 -108.52 64.25
N PHE DA 29 8.11 -108.55 65.49
CA PHE DA 29 7.36 -109.64 66.09
C PHE DA 29 5.87 -109.28 66.20
N VAL DA 30 5.03 -110.31 66.19
CA VAL DA 30 3.59 -110.16 66.34
C VAL DA 30 3.10 -111.13 67.42
N ASP DA 31 2.14 -110.66 68.25
CA ASP DA 31 1.56 -111.50 69.29
C ASP DA 31 0.77 -112.64 68.65
N LYS DA 32 1.12 -113.88 69.03
CA LYS DA 32 0.52 -115.07 68.41
C LYS DA 32 -0.98 -115.18 68.66
N SER DA 33 -1.52 -114.44 69.62
CA SER DA 33 -2.94 -114.50 69.93
C SER DA 33 -3.80 -113.66 68.99
N GLY DA 34 -3.24 -113.16 67.88
CA GLY DA 34 -3.90 -112.17 67.07
C GLY DA 34 -4.13 -112.59 65.61
N THR DA 35 -4.94 -111.78 64.94
CA THR DA 35 -5.30 -111.94 63.53
C THR DA 35 -4.98 -110.63 62.80
N VAL DA 36 -4.90 -110.69 61.47
CA VAL DA 36 -4.87 -109.45 60.70
C VAL DA 36 -6.10 -108.61 61.04
N ALA DA 37 -7.25 -109.27 61.16
CA ALA DA 37 -8.49 -108.56 61.46
C ALA DA 37 -8.45 -107.98 62.87
N ASN DA 38 -8.14 -108.81 63.86
CA ASN DA 38 -8.05 -108.37 65.24
C ASN DA 38 -6.64 -108.57 65.74
N ASN DA 39 -5.84 -107.51 65.68
CA ASN DA 39 -4.47 -107.57 66.16
C ASN DA 39 -4.42 -107.35 67.66
N THR DA 40 -3.44 -107.99 68.31
CA THR DA 40 -3.35 -107.99 69.75
C THR DA 40 -2.02 -107.46 70.27
N GLY DA 41 -1.01 -107.30 69.43
CA GLY DA 41 0.26 -106.79 69.88
C GLY DA 41 1.33 -106.87 68.81
N VAL DA 42 2.19 -105.86 68.76
CA VAL DA 42 3.31 -105.87 67.83
C VAL DA 42 4.51 -105.26 68.52
N PHE DA 43 5.69 -105.74 68.14
CA PHE DA 43 6.94 -105.17 68.62
C PHE DA 43 7.88 -105.03 67.43
N SER DA 44 8.57 -103.90 67.35
CA SER DA 44 9.46 -103.65 66.24
C SER DA 44 10.70 -102.93 66.75
N LEU DA 45 11.85 -103.22 66.12
CA LEU DA 45 13.11 -102.61 66.51
C LEU DA 45 13.94 -102.33 65.27
N GLU DA 46 14.60 -101.18 65.27
CA GLU DA 46 15.44 -100.75 64.15
C GLU DA 46 16.69 -100.06 64.70
N GLN DA 47 17.84 -100.35 64.09
CA GLN DA 47 19.07 -99.65 64.40
C GLN DA 47 19.48 -98.79 63.21
N ARG DA 48 19.70 -97.51 63.46
CA ARG DA 48 20.34 -96.60 62.52
C ARG DA 48 21.77 -96.40 63.02
N PHE DA 49 22.68 -97.19 62.48
CA PHE DA 49 24.09 -97.00 62.76
C PHE DA 49 24.53 -95.71 62.07
N GLY DA 50 24.94 -94.73 62.86
CA GLY DA 50 25.18 -93.40 62.33
C GLY DA 50 26.48 -93.28 61.58
N ALA DA 51 26.68 -92.09 61.00
CA ALA DA 51 27.97 -91.74 60.42
C ALA DA 51 29.06 -91.81 61.49
N ALA DA 52 30.31 -91.84 61.02
CA ALA DA 52 31.43 -92.05 61.94
C ALA DA 52 31.52 -90.97 63.02
N ASN DA 53 30.98 -89.79 62.75
CA ASN DA 53 30.95 -88.72 63.75
C ASN DA 53 29.76 -88.83 64.70
N SER DA 54 28.64 -89.37 64.22
CA SER DA 54 27.39 -89.36 64.97
C SER DA 54 27.28 -90.58 65.87
N ASN DA 55 26.32 -90.51 66.78
CA ASN DA 55 25.95 -91.66 67.60
C ASN DA 55 25.07 -92.60 66.81
N ARG DA 56 25.08 -93.88 67.19
CA ARG DA 56 24.12 -94.80 66.61
C ARG DA 56 22.87 -94.81 67.47
N LYS DA 57 21.73 -95.04 66.80
CA LYS DA 57 20.43 -95.00 67.45
C LYS DA 57 19.77 -96.35 67.31
N VAL DA 58 19.12 -96.81 68.38
CA VAL DA 58 18.29 -98.01 68.33
C VAL DA 58 16.92 -97.62 68.86
N THR DA 59 15.89 -97.95 68.09
CA THR DA 59 14.54 -97.57 68.46
C THR DA 59 13.64 -98.80 68.48
N MET DA 60 12.73 -98.84 69.45
CA MET DA 60 11.77 -99.91 69.63
C MET DA 60 10.38 -99.32 69.80
N LEU DA 61 9.41 -99.98 69.19
CA LEU DA 61 8.01 -99.63 69.33
C LEU DA 61 7.23 -100.88 69.74
N LEU DA 62 6.52 -100.78 70.85
CA LEU DA 62 5.62 -101.82 71.34
C LEU DA 62 4.20 -101.26 71.28
N THR DA 63 3.31 -101.97 70.59
CA THR DA 63 1.94 -101.52 70.44
C THR DA 63 0.99 -102.61 70.91
N ASP DA 64 0.13 -102.25 71.87
CA ASP DA 64 -0.89 -103.17 72.39
C ASP DA 64 -2.26 -102.56 72.11
N PRO DA 65 -3.00 -103.12 71.16
CA PRO DA 65 -4.37 -102.68 70.94
C PRO DA 65 -5.37 -103.52 71.72
N VAL DA 66 -6.45 -102.87 72.14
CA VAL DA 66 -7.53 -103.47 72.92
C VAL DA 66 -8.85 -102.99 72.34
N VAL DA 67 -9.83 -103.88 72.36
CA VAL DA 67 -11.19 -103.50 71.95
C VAL DA 67 -11.91 -102.94 73.16
N VAL DA 68 -12.67 -101.87 72.95
CA VAL DA 68 -13.41 -101.18 73.99
C VAL DA 68 -14.77 -100.83 73.44
N LYS DA 69 -15.82 -101.05 74.24
CA LYS DA 69 -17.15 -100.63 73.85
C LYS DA 69 -17.24 -99.12 73.87
N ASP DA 70 -18.01 -98.57 72.94
CA ASP DA 70 -18.20 -97.13 72.81
C ASP DA 70 -19.42 -96.68 73.60
N ALA DA 71 -19.51 -95.36 73.81
CA ALA DA 71 -20.73 -94.80 74.40
C ALA DA 71 -21.94 -95.12 73.53
N SER DA 72 -21.75 -95.17 72.21
CA SER DA 72 -22.78 -95.60 71.28
C SER DA 72 -22.98 -97.11 71.28
N GLY DA 73 -22.18 -97.86 72.04
CA GLY DA 73 -22.21 -99.31 72.02
C GLY DA 73 -21.30 -99.95 71.00
N ALA DA 74 -20.99 -99.24 69.92
CA ALA DA 74 -20.15 -99.77 68.85
C ALA DA 74 -18.80 -100.22 69.40
N ASP DA 75 -18.24 -101.25 68.78
CA ASP DA 75 -16.94 -101.75 69.19
C ASP DA 75 -15.84 -100.92 68.54
N MET DA 76 -14.84 -100.53 69.33
CA MET DA 76 -13.83 -99.57 68.92
C MET DA 76 -12.46 -100.09 69.36
N THR DA 77 -11.52 -100.17 68.43
CA THR DA 77 -10.19 -100.68 68.74
C THR DA 77 -9.25 -99.51 69.03
N ILE DA 78 -8.56 -99.60 70.17
CA ILE DA 78 -7.75 -98.51 70.71
C ILE DA 78 -6.34 -99.04 70.96
N LYS DA 79 -5.33 -98.28 70.54
CA LYS DA 79 -3.94 -98.69 70.67
C LYS DA 79 -3.25 -97.85 71.75
N ALA DA 80 -2.40 -98.51 72.53
CA ALA DA 80 -1.48 -97.86 73.46
C ALA DA 80 -0.05 -98.19 73.03
N ASN DA 81 0.83 -97.20 73.08
CA ASN DA 81 2.17 -97.37 72.52
C ASN DA 81 3.22 -97.10 73.58
N ALA DA 82 4.32 -97.84 73.49
CA ALA DA 82 5.52 -97.56 74.25
C ALA DA 82 6.67 -97.54 73.26
N SER DA 83 7.53 -96.52 73.37
CA SER DA 83 8.66 -96.40 72.45
C SER DA 83 9.92 -96.13 73.24
N VAL DA 84 10.97 -96.88 72.96
CA VAL DA 84 12.27 -96.73 73.61
C VAL DA 84 13.30 -96.38 72.56
N THR DA 85 14.21 -95.47 72.90
CA THR DA 85 15.28 -95.07 71.99
C THR DA 85 16.59 -94.97 72.76
N PHE DA 86 17.59 -95.70 72.29
CA PHE DA 86 18.94 -95.68 72.84
C PHE DA 86 19.82 -94.86 71.90
N SER DA 87 20.38 -93.77 72.40
CA SER DA 87 21.38 -93.00 71.69
C SER DA 87 22.73 -93.36 72.30
N LEU DA 88 23.55 -94.05 71.52
CA LEU DA 88 24.80 -94.62 72.00
C LEU DA 88 25.95 -94.09 71.14
N PRO DA 89 26.81 -93.25 71.70
CA PRO DA 89 28.00 -92.80 70.98
C PRO DA 89 28.95 -93.96 70.74
N LYS DA 90 29.73 -93.84 69.66
CA LYS DA 90 30.63 -94.93 69.30
C LYS DA 90 31.68 -95.17 70.37
N THR DA 91 32.26 -94.10 70.91
CA THR DA 91 33.34 -94.22 71.90
C THR DA 91 32.84 -94.77 73.24
N TYR DA 92 31.53 -94.82 73.44
CA TYR DA 92 30.98 -95.34 74.69
C TYR DA 92 31.19 -96.86 74.75
N PRO DA 93 31.64 -97.42 75.88
CA PRO DA 93 31.98 -98.85 75.92
C PRO DA 93 30.76 -99.76 76.04
N ASN DA 94 30.82 -100.87 75.30
CA ASN DA 94 29.72 -101.82 75.27
C ASN DA 94 29.30 -102.26 76.67
N GLU DA 95 30.26 -102.37 77.58
CA GLU DA 95 29.95 -102.75 78.96
C GLU DA 95 28.97 -101.78 79.61
N HIS DA 96 29.32 -100.48 79.63
CA HIS DA 96 28.42 -99.50 80.22
C HIS DA 96 27.11 -99.37 79.45
N ILE DA 97 27.08 -99.74 78.16
CA ILE DA 97 25.79 -99.81 77.46
C ILE DA 97 24.89 -100.87 78.09
N THR DA 98 25.42 -102.10 78.27
CA THR DA 98 24.60 -103.14 78.92
C THR DA 98 24.14 -102.68 80.29
N LYS DA 99 25.03 -101.99 81.02
CA LYS DA 99 24.65 -101.40 82.30
C LYS DA 99 23.44 -100.48 82.16
N LEU DA 100 23.49 -99.58 81.18
CA LEU DA 100 22.38 -98.66 80.95
C LEU DA 100 21.08 -99.41 80.70
N ARG DA 101 21.12 -100.40 79.81
CA ARG DA 101 19.89 -101.15 79.49
C ARG DA 101 19.32 -101.82 80.74
N GLN DA 102 20.18 -102.43 81.54
CA GLN DA 102 19.68 -103.13 82.72
C GLN DA 102 19.11 -102.16 83.74
N THR DA 103 19.77 -101.01 83.97
CA THR DA 103 19.19 -100.02 84.88
C THR DA 103 17.85 -99.51 84.38
N LEU DA 104 17.67 -99.42 83.05
CA LEU DA 104 16.37 -99.00 82.53
C LEU DA 104 15.30 -100.04 82.86
N ILE DA 105 15.62 -101.31 82.69
CA ILE DA 105 14.68 -102.36 83.08
C ILE DA 105 14.30 -102.22 84.55
N ALA DA 106 15.31 -102.04 85.40
CA ALA DA 106 15.08 -101.88 86.83
C ALA DA 106 14.14 -100.72 87.11
N TRP DA 107 14.41 -99.57 86.49
CA TRP DA 107 13.56 -98.40 86.68
C TRP DA 107 12.13 -98.68 86.26
N LEU DA 108 11.96 -99.30 85.09
CA LEU DA 108 10.62 -99.61 84.58
C LEU DA 108 9.86 -100.51 85.52
N GLY DA 109 10.56 -101.29 86.34
CA GLY DA 109 9.91 -102.09 87.36
C GLY DA 109 9.42 -101.32 88.57
N GLN DA 110 10.03 -100.18 88.84
CA GLN DA 110 9.81 -99.46 90.09
C GLN DA 110 8.39 -98.88 90.18
N GLN DA 111 7.96 -98.66 91.42
CA GLN DA 111 6.62 -98.11 91.62
C GLN DA 111 6.55 -96.63 91.24
N CYS DA 112 7.63 -95.87 91.46
CA CYS DA 112 7.62 -94.46 91.08
C CYS DA 112 7.46 -94.29 89.57
N VAL DA 113 7.77 -95.33 88.79
CA VAL DA 113 7.55 -95.31 87.36
C VAL DA 113 6.20 -95.92 87.00
N SER DA 114 5.82 -97.01 87.68
CA SER DA 114 4.58 -97.69 87.31
C SER DA 114 3.35 -96.86 87.66
N ASP DA 115 3.35 -96.21 88.83
CA ASP DA 115 2.17 -95.44 89.25
C ASP DA 115 1.76 -94.38 88.23
N PRO DA 116 2.64 -93.52 87.73
CA PRO DA 116 2.19 -92.58 86.69
C PRO DA 116 1.87 -93.25 85.36
N VAL DA 117 2.68 -94.23 84.94
CA VAL DA 117 2.43 -94.91 83.69
C VAL DA 117 1.12 -95.70 83.75
N ASP DA 118 0.97 -96.55 84.77
CA ASP DA 118 -0.16 -97.46 84.80
C ASP DA 118 -1.46 -96.73 85.14
N SER DA 119 -1.44 -95.87 86.16
CA SER DA 119 -2.67 -95.30 86.70
C SER DA 119 -2.81 -93.81 86.51
N GLY DA 120 -1.79 -93.13 85.98
CA GLY DA 120 -1.88 -91.70 85.78
C GLY DA 120 -1.72 -90.85 87.02
N LEU DA 121 -1.32 -91.44 88.14
CA LEU DA 121 -1.09 -90.68 89.36
C LEU DA 121 0.37 -90.24 89.41
N ASN DA 122 0.59 -88.96 89.70
CA ASN DA 122 1.95 -88.47 89.84
C ASN DA 122 2.50 -88.78 91.23
N ASN DA 123 3.81 -88.66 91.36
CA ASN DA 123 4.46 -88.93 92.63
C ASN DA 123 4.55 -87.63 93.45
N TYR DA 124 4.83 -87.81 94.74
CA TYR DA 124 4.87 -86.69 95.69
C TYR DA 124 5.85 -86.93 96.85
N MET EA 1 -58.43 66.48 99.28
CA MET EA 1 -58.14 67.04 100.59
C MET EA 1 -56.71 67.56 100.67
N ARG EA 2 -56.54 68.74 101.29
CA ARG EA 2 -55.20 69.23 101.57
C ARG EA 2 -54.52 68.33 102.58
N LEU EA 3 -53.46 67.66 102.14
CA LEU EA 3 -52.81 66.65 102.96
C LEU EA 3 -52.20 67.25 104.22
N THR EA 4 -52.31 66.50 105.31
CA THR EA 4 -51.67 66.85 106.56
C THR EA 4 -51.19 65.56 107.20
N ASP EA 5 -50.19 65.68 108.08
CA ASP EA 5 -49.74 64.53 108.84
C ASP EA 5 -50.95 63.88 109.51
N VAL EA 6 -50.87 62.57 109.71
CA VAL EA 6 -52.04 61.78 110.11
C VAL EA 6 -51.69 61.04 111.39
N ASP EA 7 -52.63 61.02 112.33
CA ASP EA 7 -52.50 60.24 113.55
C ASP EA 7 -53.65 59.25 113.60
N LEU EA 8 -53.31 57.96 113.65
CA LEU EA 8 -54.27 56.87 113.63
C LEU EA 8 -54.36 56.24 115.01
N THR EA 9 -55.58 55.92 115.43
CA THR EA 9 -55.78 55.15 116.64
C THR EA 9 -55.86 53.68 116.24
N VAL EA 10 -54.92 52.88 116.75
CA VAL EA 10 -54.77 51.50 116.33
C VAL EA 10 -54.88 50.61 117.57
N GLY EA 11 -56.02 49.94 117.71
CA GLY EA 11 -56.25 49.15 118.90
C GLY EA 11 -56.13 50.04 120.13
N GLU EA 12 -55.09 49.82 120.92
CA GLU EA 12 -54.90 50.59 122.13
C GLU EA 12 -53.62 51.41 122.10
N GLU EA 13 -53.11 51.68 120.90
CA GLU EA 13 -51.93 52.50 120.71
C GLU EA 13 -52.26 53.58 119.71
N THR EA 14 -51.39 54.57 119.57
CA THR EA 14 -51.55 55.62 118.57
C THR EA 14 -50.33 55.66 117.66
N ARG EA 15 -50.58 55.62 116.36
CA ARG EA 15 -49.56 55.56 115.33
C ARG EA 15 -49.55 56.87 114.57
N GLU EA 16 -48.36 57.46 114.40
CA GLU EA 16 -48.23 58.78 113.79
C GLU EA 16 -47.47 58.68 112.48
N TYR EA 17 -48.09 59.14 111.40
CA TYR EA 17 -47.53 59.17 110.06
C TYR EA 17 -47.33 60.62 109.62
N ALA EA 18 -46.34 60.81 108.76
CA ALA EA 18 -46.03 62.11 108.19
C ALA EA 18 -45.97 62.00 106.67
N VAL EA 19 -46.41 63.07 106.00
CA VAL EA 19 -46.42 63.09 104.54
C VAL EA 19 -45.00 63.01 104.02
N SER EA 20 -44.75 62.04 103.13
CA SER EA 20 -43.44 61.88 102.49
C SER EA 20 -43.40 62.37 101.05
N GLU EA 21 -44.45 62.13 100.26
CA GLU EA 21 -44.50 62.78 98.96
C GLU EA 21 -45.94 62.81 98.46
N GLN EA 22 -46.24 63.80 97.62
CA GLN EA 22 -47.56 63.94 97.03
C GLN EA 22 -47.42 64.29 95.56
N GLN EA 23 -48.00 63.47 94.71
CA GLN EA 23 -48.06 63.70 93.27
C GLN EA 23 -49.52 63.98 92.89
N GLY EA 24 -49.76 64.09 91.59
CA GLY EA 24 -51.10 64.42 91.13
C GLY EA 24 -52.12 63.38 91.55
N THR EA 25 -51.78 62.10 91.39
CA THR EA 25 -52.68 61.00 91.69
C THR EA 25 -52.05 60.00 92.67
N LEU EA 26 -51.00 60.40 93.37
CA LEU EA 26 -50.29 59.49 94.27
C LEU EA 26 -49.83 60.25 95.51
N PHE EA 27 -49.85 59.57 96.66
CA PHE EA 27 -49.23 60.11 97.86
C PHE EA 27 -48.65 58.99 98.71
N ARG EA 28 -47.75 59.39 99.61
CA ARG EA 28 -47.04 58.45 100.47
C ARG EA 28 -46.77 59.10 101.82
N PHE EA 29 -47.16 58.38 102.87
CA PHE EA 29 -46.85 58.66 104.27
C PHE EA 29 -45.81 57.69 104.80
N VAL EA 30 -45.07 58.15 105.80
CA VAL EA 30 -44.08 57.36 106.51
C VAL EA 30 -44.38 57.39 108.00
N ASP EA 31 -44.17 56.24 108.67
CA ASP EA 31 -44.33 56.17 110.13
C ASP EA 31 -43.26 57.01 110.81
N LYS EA 32 -43.69 57.95 111.65
CA LYS EA 32 -42.75 58.84 112.35
C LYS EA 32 -41.84 58.08 113.31
N SER EA 33 -42.11 56.80 113.58
CA SER EA 33 -41.26 55.99 114.44
C SER EA 33 -39.89 55.72 113.82
N GLY EA 34 -39.73 55.96 112.51
CA GLY EA 34 -38.60 55.46 111.77
C GLY EA 34 -37.73 56.54 111.13
N THR EA 35 -36.59 56.09 110.63
CA THR EA 35 -35.58 56.88 109.93
C THR EA 35 -35.56 56.46 108.47
N VAL EA 36 -34.95 57.32 107.64
CA VAL EA 36 -34.50 56.87 106.33
C VAL EA 36 -33.73 55.56 106.47
N ALA EA 37 -32.79 55.52 107.41
CA ALA EA 37 -32.00 54.33 107.65
C ALA EA 37 -32.87 53.14 108.06
N ASN EA 38 -33.55 53.27 109.19
CA ASN EA 38 -34.40 52.20 109.71
C ASN EA 38 -35.85 52.65 109.59
N ASN EA 39 -36.63 51.95 108.77
CA ASN EA 39 -38.02 52.29 108.50
C ASN EA 39 -38.96 51.43 109.34
N THR EA 40 -39.99 52.05 109.89
CA THR EA 40 -40.98 51.35 110.70
C THR EA 40 -42.31 51.13 110.01
N GLY EA 41 -42.61 51.87 108.93
CA GLY EA 41 -43.88 51.71 108.25
C GLY EA 41 -44.06 52.67 107.10
N VAL EA 42 -44.79 52.24 106.07
CA VAL EA 42 -45.04 53.09 104.91
C VAL EA 42 -46.46 52.85 104.43
N PHE EA 43 -47.08 53.92 103.93
CA PHE EA 43 -48.39 53.83 103.31
C PHE EA 43 -48.39 54.63 102.02
N SER EA 44 -48.95 54.04 100.97
CA SER EA 44 -48.98 54.69 99.67
C SER EA 44 -50.34 54.45 99.02
N LEU EA 45 -50.82 55.46 98.29
CA LEU EA 45 -52.12 55.39 97.62
C LEU EA 45 -52.02 56.05 96.25
N GLU EA 46 -52.58 55.40 95.22
CA GLU EA 46 -52.57 55.91 93.85
C GLU EA 46 -53.91 55.64 93.18
N GLN EA 47 -54.41 56.64 92.45
CA GLN EA 47 -55.63 56.49 91.65
C GLN EA 47 -55.30 56.52 90.17
N ARG EA 48 -55.98 55.64 89.42
CA ARG EA 48 -55.82 55.51 87.98
C ARG EA 48 -57.21 55.65 87.36
N PHE EA 49 -57.48 56.84 86.84
CA PHE EA 49 -58.72 57.16 86.13
C PHE EA 49 -58.60 56.66 84.70
N GLY EA 50 -59.40 55.66 84.34
CA GLY EA 50 -59.34 55.07 83.02
C GLY EA 50 -60.17 55.85 82.00
N ALA EA 51 -60.37 55.24 80.83
CA ALA EA 51 -61.29 55.82 79.86
C ALA EA 51 -62.74 55.68 80.34
N ALA EA 52 -63.65 56.34 79.63
CA ALA EA 52 -65.05 56.35 80.05
C ALA EA 52 -65.68 54.96 80.02
N ASN EA 53 -65.13 54.04 79.25
CA ASN EA 53 -65.56 52.65 79.31
C ASN EA 53 -64.84 51.85 80.39
N SER EA 54 -63.76 52.40 80.95
CA SER EA 54 -62.96 51.70 81.95
C SER EA 54 -63.38 52.13 83.36
N ASN EA 55 -63.23 51.20 84.30
CA ASN EA 55 -63.43 51.52 85.70
C ASN EA 55 -62.20 52.25 86.22
N ARG EA 56 -62.43 53.31 87.00
CA ARG EA 56 -61.30 53.90 87.69
C ARG EA 56 -60.87 52.98 88.83
N LYS EA 57 -59.58 53.01 89.14
CA LYS EA 57 -59.02 52.08 90.11
C LYS EA 57 -58.21 52.85 91.14
N VAL EA 58 -58.24 52.35 92.38
CA VAL EA 58 -57.57 53.02 93.48
C VAL EA 58 -56.83 51.95 94.29
N THR EA 59 -55.52 52.12 94.46
CA THR EA 59 -54.73 51.08 95.10
C THR EA 59 -53.92 51.63 96.25
N MET EA 60 -53.89 50.87 97.35
CA MET EA 60 -53.18 51.21 98.58
C MET EA 60 -52.22 50.09 98.92
N LEU EA 61 -51.03 50.49 99.39
CA LEU EA 61 -50.04 49.56 99.91
C LEU EA 61 -49.59 50.03 101.29
N LEU EA 62 -49.74 49.15 102.27
CA LEU EA 62 -49.30 49.37 103.64
C LEU EA 62 -48.21 48.35 103.94
N THR EA 63 -47.02 48.84 104.29
CA THR EA 63 -45.88 47.99 104.57
C THR EA 63 -45.41 48.22 106.01
N ASP EA 64 -45.30 47.12 106.76
CA ASP EA 64 -44.83 47.13 108.14
C ASP EA 64 -43.61 46.24 108.26
N PRO EA 65 -42.42 46.82 108.36
CA PRO EA 65 -41.22 46.03 108.62
C PRO EA 65 -40.94 45.92 110.10
N VAL EA 66 -40.43 44.75 110.50
CA VAL EA 66 -40.08 44.42 111.87
C VAL EA 66 -38.70 43.78 111.87
N VAL EA 67 -37.92 44.06 112.90
CA VAL EA 67 -36.64 43.40 113.08
C VAL EA 67 -36.85 42.12 113.89
N VAL EA 68 -36.34 41.01 113.37
CA VAL EA 68 -36.47 39.69 113.98
C VAL EA 68 -35.10 39.10 114.18
N LYS EA 69 -34.96 38.26 115.20
CA LYS EA 69 -33.73 37.53 115.46
C LYS EA 69 -33.54 36.45 114.42
N ASP EA 70 -32.31 36.32 113.93
CA ASP EA 70 -31.96 35.25 113.02
C ASP EA 70 -31.86 33.92 113.78
N ALA EA 71 -31.91 32.81 113.03
CA ALA EA 71 -31.67 31.51 113.64
C ALA EA 71 -30.25 31.44 114.19
N SER EA 72 -29.31 32.14 113.56
CA SER EA 72 -27.97 32.29 114.12
C SER EA 72 -27.95 33.35 115.22
N GLY EA 73 -28.85 34.32 115.18
CA GLY EA 73 -28.90 35.39 116.15
C GLY EA 73 -28.75 36.78 115.56
N ALA EA 74 -28.35 36.90 114.29
CA ALA EA 74 -28.17 38.19 113.66
C ALA EA 74 -29.48 38.97 113.60
N ASP EA 75 -29.36 40.28 113.45
CA ASP EA 75 -30.51 41.15 113.28
C ASP EA 75 -30.95 41.14 111.82
N MET EA 76 -32.23 40.88 111.58
CA MET EA 76 -32.72 40.76 110.21
C MET EA 76 -34.05 41.49 110.09
N THR EA 77 -34.25 42.24 109.03
CA THR EA 77 -35.49 43.00 108.85
C THR EA 77 -36.43 42.27 107.89
N ILE EA 78 -37.69 42.13 108.31
CA ILE EA 78 -38.70 41.37 107.59
C ILE EA 78 -39.93 42.26 107.42
N LYS EA 79 -40.43 42.35 106.19
CA LYS EA 79 -41.57 43.19 105.89
C LYS EA 79 -42.83 42.33 105.73
N ALA EA 80 -43.97 42.88 106.14
CA ALA EA 80 -45.29 42.32 105.89
C ALA EA 80 -46.11 43.34 105.13
N ASN EA 81 -46.80 42.89 104.08
CA ASN EA 81 -47.49 43.80 103.18
C ASN EA 81 -48.98 43.57 103.23
N ALA EA 82 -49.74 44.64 103.08
CA ALA EA 82 -51.18 44.55 102.86
C ALA EA 82 -51.53 45.52 101.74
N SER EA 83 -52.33 45.06 100.79
CA SER EA 83 -52.66 45.89 99.63
C SER EA 83 -54.15 45.82 99.35
N VAL EA 84 -54.75 46.99 99.15
CA VAL EA 84 -56.18 47.08 98.84
C VAL EA 84 -56.31 47.69 97.45
N THR EA 85 -57.33 47.24 96.72
CA THR EA 85 -57.62 47.78 95.38
C THR EA 85 -59.12 47.91 95.22
N PHE EA 86 -59.57 49.14 94.96
CA PHE EA 86 -60.96 49.45 94.68
C PHE EA 86 -61.13 49.60 93.18
N SER EA 87 -61.95 48.74 92.58
CA SER EA 87 -62.35 48.87 91.19
C SER EA 87 -63.75 49.46 91.17
N LEU EA 88 -63.85 50.70 90.71
CA LEU EA 88 -65.08 51.49 90.77
C LEU EA 88 -65.46 51.93 89.37
N PRO EA 89 -66.52 51.37 88.80
CA PRO EA 89 -67.02 51.86 87.51
C PRO EA 89 -67.56 53.28 87.62
N LYS EA 90 -67.55 53.97 86.50
CA LYS EA 90 -67.91 55.37 86.47
C LYS EA 90 -69.41 55.60 86.32
N THR EA 91 -70.20 54.53 86.30
CA THR EA 91 -71.65 54.60 86.41
C THR EA 91 -72.13 54.21 87.79
N TYR EA 92 -71.21 53.83 88.67
CA TYR EA 92 -71.52 53.44 90.05
C TYR EA 92 -71.61 54.69 90.93
N PRO EA 93 -72.64 54.80 91.78
CA PRO EA 93 -72.81 56.02 92.55
C PRO EA 93 -71.87 56.14 93.75
N ASN EA 94 -71.45 57.40 93.99
CA ASN EA 94 -70.48 57.67 95.04
C ASN EA 94 -70.98 57.21 96.41
N GLU EA 95 -72.28 57.35 96.66
CA GLU EA 95 -72.85 56.87 97.90
C GLU EA 95 -72.52 55.41 98.13
N HIS EA 96 -72.80 54.56 97.14
CA HIS EA 96 -72.53 53.14 97.30
C HIS EA 96 -71.05 52.83 97.35
N ILE EA 97 -70.19 53.68 96.75
CA ILE EA 97 -68.76 53.50 96.97
C ILE EA 97 -68.41 53.69 98.46
N THR EA 98 -68.97 54.73 99.07
CA THR EA 98 -68.74 54.93 100.51
C THR EA 98 -69.26 53.74 101.31
N LYS EA 99 -70.45 53.26 100.96
CA LYS EA 99 -71.01 52.06 101.59
C LYS EA 99 -70.03 50.90 101.49
N LEU EA 100 -69.47 50.70 100.30
CA LEU EA 100 -68.53 49.61 100.07
C LEU EA 100 -67.31 49.75 100.98
N ARG EA 101 -66.71 50.95 101.02
CA ARG EA 101 -65.52 51.15 101.85
C ARG EA 101 -65.82 50.85 103.31
N GLN EA 102 -66.97 51.30 103.79
CA GLN EA 102 -67.29 51.08 105.20
C GLN EA 102 -67.55 49.60 105.49
N THR EA 103 -68.25 48.89 104.59
CA THR EA 103 -68.44 47.44 104.78
C THR EA 103 -67.10 46.72 104.77
N LEU EA 104 -66.14 47.19 103.99
CA LEU EA 104 -64.82 46.58 104.00
C LEU EA 104 -64.14 46.79 105.35
N ILE EA 105 -64.24 47.99 105.90
CA ILE EA 105 -63.68 48.24 107.24
C ILE EA 105 -64.31 47.29 108.25
N ALA EA 106 -65.64 47.17 108.21
CA ALA EA 106 -66.34 46.28 109.14
C ALA EA 106 -65.88 44.84 108.98
N TRP EA 107 -65.73 44.38 107.74
CA TRP EA 107 -65.27 43.02 107.51
C TRP EA 107 -63.86 42.80 108.05
N LEU EA 108 -62.97 43.77 107.81
CA LEU EA 108 -61.61 43.67 108.33
C LEU EA 108 -61.58 43.64 109.84
N GLY EA 109 -62.63 44.15 110.49
CA GLY EA 109 -62.77 44.01 111.92
C GLY EA 109 -63.16 42.62 112.41
N GLN EA 110 -63.84 41.85 111.55
CA GLN EA 110 -64.48 40.61 111.97
C GLN EA 110 -63.46 39.56 112.40
N GLN EA 111 -63.92 38.64 113.27
CA GLN EA 111 -63.04 37.58 113.72
C GLN EA 111 -62.79 36.55 112.61
N CYS EA 112 -63.78 36.31 111.75
CA CYS EA 112 -63.60 35.35 110.67
C CYS EA 112 -62.59 35.85 109.65
N VAL EA 113 -62.34 37.14 109.59
CA VAL EA 113 -61.24 37.67 108.80
C VAL EA 113 -59.96 37.73 109.63
N SER EA 114 -60.09 37.99 110.93
CA SER EA 114 -58.91 38.15 111.78
C SER EA 114 -58.13 36.84 111.93
N ASP EA 115 -58.83 35.73 112.17
CA ASP EA 115 -58.15 34.47 112.46
C ASP EA 115 -57.21 34.03 111.34
N PRO EA 116 -57.62 33.96 110.07
CA PRO EA 116 -56.64 33.59 109.04
C PRO EA 116 -55.54 34.61 108.85
N VAL EA 117 -55.87 35.91 108.85
CA VAL EA 117 -54.86 36.94 108.67
C VAL EA 117 -53.89 36.96 109.84
N ASP EA 118 -54.41 37.14 111.05
CA ASP EA 118 -53.53 37.38 112.19
C ASP EA 118 -52.75 36.13 112.58
N SER EA 119 -53.39 34.96 112.59
CA SER EA 119 -52.79 33.76 113.13
C SER EA 119 -52.65 32.60 112.16
N GLY EA 120 -53.29 32.67 111.00
CA GLY EA 120 -53.20 31.59 110.03
C GLY EA 120 -54.23 30.50 110.18
N LEU EA 121 -55.09 30.56 111.20
CA LEU EA 121 -56.12 29.56 111.36
C LEU EA 121 -57.24 29.80 110.35
N ASN EA 122 -57.66 28.74 109.67
CA ASN EA 122 -58.84 28.85 108.82
C ASN EA 122 -60.12 28.67 109.63
N ASN EA 123 -61.22 29.20 109.09
CA ASN EA 123 -62.49 29.03 109.75
C ASN EA 123 -63.14 27.71 109.30
N TYR EA 124 -64.09 27.25 110.10
CA TYR EA 124 -64.72 25.95 109.84
C TYR EA 124 -66.23 25.97 110.06
N MET FA 1 -51.25 80.74 92.41
CA MET FA 1 -52.09 80.96 93.58
C MET FA 1 -52.24 79.69 94.40
N ARG FA 2 -52.68 79.82 95.64
CA ARG FA 2 -52.98 78.66 96.49
C ARG FA 2 -54.39 78.18 96.19
N LEU FA 3 -54.50 77.01 95.58
CA LEU FA 3 -55.78 76.49 95.13
C LEU FA 3 -56.75 76.32 96.29
N THR FA 4 -57.96 76.85 96.10
CA THR FA 4 -59.06 76.69 97.03
C THR FA 4 -60.30 76.36 96.23
N ASP FA 5 -61.22 75.62 96.84
CA ASP FA 5 -62.48 75.31 96.17
C ASP FA 5 -63.13 76.60 95.69
N VAL FA 6 -63.78 76.53 94.54
CA VAL FA 6 -64.22 77.74 93.83
C VAL FA 6 -65.73 77.69 93.68
N ASP FA 7 -66.37 78.85 93.81
CA ASP FA 7 -67.79 78.99 93.56
C ASP FA 7 -68.01 80.05 92.49
N LEU FA 8 -68.64 79.64 91.40
CA LEU FA 8 -68.85 80.48 90.24
C LEU FA 8 -70.29 80.91 90.17
N THR FA 9 -70.50 82.19 89.90
CA THR FA 9 -71.84 82.71 89.69
C THR FA 9 -72.13 82.59 88.20
N VAL FA 10 -73.06 81.71 87.85
CA VAL FA 10 -73.35 81.35 86.47
C VAL FA 10 -74.79 81.77 86.18
N GLY FA 11 -74.95 82.91 85.52
CA GLY FA 11 -76.27 83.46 85.31
C GLY FA 11 -76.94 83.72 86.64
N GLU FA 12 -77.99 82.96 86.94
CA GLU FA 12 -78.70 83.13 88.20
C GLU FA 12 -78.52 81.93 89.11
N GLU FA 13 -77.50 81.13 88.87
CA GLU FA 13 -77.24 79.94 89.66
C GLU FA 13 -75.82 80.02 90.19
N THR FA 14 -75.47 79.15 91.13
CA THR FA 14 -74.11 79.08 91.64
C THR FA 14 -73.59 77.66 91.49
N ARG FA 15 -72.51 77.52 90.72
CA ARG FA 15 -71.80 76.25 90.56
C ARG FA 15 -70.69 76.19 91.59
N GLU FA 16 -70.46 75.00 92.16
CA GLU FA 16 -69.50 74.83 93.24
C GLU FA 16 -68.54 73.70 92.93
N TYR FA 17 -67.28 74.06 92.66
CA TYR FA 17 -66.26 73.11 92.28
C TYR FA 17 -65.28 72.90 93.43
N ALA FA 18 -64.77 71.68 93.52
CA ALA FA 18 -63.77 71.28 94.50
C ALA FA 18 -62.49 70.83 93.80
N VAL FA 19 -61.35 71.15 94.40
CA VAL FA 19 -60.08 70.73 93.85
C VAL FA 19 -59.99 69.22 93.81
N SER FA 20 -59.69 68.67 92.63
CA SER FA 20 -59.60 67.22 92.46
C SER FA 20 -58.20 66.72 92.16
N GLU FA 21 -57.34 67.51 91.53
CA GLU FA 21 -55.92 67.16 91.54
C GLU FA 21 -55.06 68.38 91.23
N GLN FA 22 -53.84 68.36 91.77
CA GLN FA 22 -52.85 69.40 91.54
C GLN FA 22 -51.52 68.74 91.23
N GLN FA 23 -51.00 68.97 90.02
CA GLN FA 23 -49.69 68.50 89.63
C GLN FA 23 -48.76 69.71 89.55
N GLY FA 24 -47.64 69.53 88.86
CA GLY FA 24 -46.71 70.63 88.71
C GLY FA 24 -47.34 71.77 87.95
N THR FA 25 -47.75 71.49 86.70
CA THR FA 25 -48.28 72.49 85.79
C THR FA 25 -49.75 72.27 85.47
N LEU FA 26 -50.40 71.33 86.15
CA LEU FA 26 -51.76 70.94 85.83
C LEU FA 26 -52.62 70.92 87.10
N PHE FA 27 -53.88 71.33 86.97
CA PHE FA 27 -54.84 71.21 88.05
C PHE FA 27 -56.21 70.84 87.48
N ARG FA 28 -57.07 70.35 88.36
CA ARG FA 28 -58.39 69.87 87.98
C ARG FA 28 -59.36 70.06 89.13
N PHE FA 29 -60.46 70.75 88.84
CA PHE FA 29 -61.62 70.92 89.70
C PHE FA 29 -62.76 70.03 89.24
N VAL FA 30 -63.71 69.82 90.13
CA VAL FA 30 -64.81 68.89 89.92
C VAL FA 30 -66.08 69.48 90.51
N ASP FA 31 -67.20 69.37 89.78
CA ASP FA 31 -68.48 69.89 90.27
C ASP FA 31 -68.93 69.14 91.50
N LYS FA 32 -69.06 69.86 92.63
CA LYS FA 32 -69.42 69.22 93.89
C LYS FA 32 -70.79 68.54 93.80
N SER FA 33 -71.67 69.08 92.98
CA SER FA 33 -73.04 68.59 92.84
C SER FA 33 -73.13 67.25 92.12
N GLY FA 34 -72.00 66.62 91.81
CA GLY FA 34 -72.03 65.37 91.07
C GLY FA 34 -72.34 64.20 91.98
N THR FA 35 -73.23 63.31 91.52
CA THR FA 35 -73.56 62.10 92.26
C THR FA 35 -72.78 60.89 91.79
N VAL FA 36 -72.51 60.81 90.49
CA VAL FA 36 -71.76 59.71 89.90
C VAL FA 36 -70.61 60.32 89.12
N ALA FA 37 -69.60 59.49 88.85
CA ALA FA 37 -68.48 59.91 88.01
C ALA FA 37 -68.96 60.48 86.68
N ASN FA 38 -69.84 59.74 85.98
CA ASN FA 38 -70.36 60.21 84.70
C ASN FA 38 -71.29 61.40 84.87
N ASN FA 39 -72.00 61.46 85.99
CA ASN FA 39 -72.84 62.63 86.30
C ASN FA 39 -71.99 63.89 86.44
N THR FA 40 -70.73 63.75 86.83
CA THR FA 40 -69.95 64.85 87.38
C THR FA 40 -69.24 65.68 86.31
N GLY FA 41 -69.51 66.98 86.29
CA GLY FA 41 -68.76 67.88 85.43
C GLY FA 41 -67.38 68.16 85.98
N VAL FA 42 -66.46 68.54 85.09
CA VAL FA 42 -65.07 68.74 85.47
C VAL FA 42 -64.47 69.92 84.71
N PHE FA 43 -63.38 70.45 85.27
CA PHE FA 43 -62.64 71.53 84.64
C PHE FA 43 -61.15 71.32 84.91
N SER FA 44 -60.35 71.37 83.86
CA SER FA 44 -58.93 71.10 83.98
C SER FA 44 -58.14 72.15 83.22
N LEU FA 45 -56.94 72.45 83.73
CA LEU FA 45 -56.06 73.43 83.11
C LEU FA 45 -54.62 72.96 83.23
N GLU FA 46 -53.84 73.19 82.17
CA GLU FA 46 -52.45 72.77 82.10
C GLU FA 46 -51.65 73.82 81.33
N GLN FA 47 -50.48 74.16 81.86
CA GLN FA 47 -49.56 75.05 81.16
C GLN FA 47 -48.36 74.26 80.67
N ARG FA 48 -47.96 74.54 79.43
CA ARG FA 48 -46.80 73.93 78.79
C ARG FA 48 -45.88 75.09 78.42
N PHE FA 49 -44.86 75.28 79.24
CA PHE FA 49 -43.84 76.31 79.02
C PHE FA 49 -42.81 75.76 78.06
N GLY FA 50 -42.59 76.46 76.95
CA GLY FA 50 -41.67 76.00 75.92
C GLY FA 50 -40.25 76.51 76.13
N ALA FA 51 -39.41 76.24 75.12
CA ALA FA 51 -38.08 76.85 75.10
C ALA FA 51 -38.20 78.36 74.85
N ALA FA 52 -37.06 79.05 74.86
CA ALA FA 52 -37.08 80.50 74.72
C ALA FA 52 -37.55 80.93 73.34
N ASN FA 53 -37.35 80.10 72.32
CA ASN FA 53 -37.87 80.38 71.00
C ASN FA 53 -39.35 80.00 70.85
N SER FA 54 -39.89 79.27 71.81
CA SER FA 54 -41.26 78.81 71.75
C SER FA 54 -42.19 79.80 72.47
N ASN FA 55 -43.48 79.60 72.27
CA ASN FA 55 -44.51 80.28 73.02
C ASN FA 55 -45.01 79.34 74.10
N ARG FA 56 -45.26 79.87 75.30
CA ARG FA 56 -45.91 79.05 76.31
C ARG FA 56 -47.38 78.90 75.94
N LYS FA 57 -47.95 77.75 76.26
CA LYS FA 57 -49.33 77.44 75.91
C LYS FA 57 -50.09 77.04 77.17
N VAL FA 58 -51.29 77.60 77.33
CA VAL FA 58 -52.15 77.22 78.44
C VAL FA 58 -53.44 76.67 77.86
N THR FA 59 -53.85 75.49 78.33
CA THR FA 59 -55.04 74.85 77.81
C THR FA 59 -56.00 74.53 78.94
N MET FA 60 -57.30 74.68 78.65
CA MET FA 60 -58.36 74.39 79.59
C MET FA 60 -59.41 73.54 78.90
N LEU FA 61 -59.94 72.57 79.65
CA LEU FA 61 -61.05 71.75 79.21
C LEU FA 61 -62.15 71.78 80.26
N LEU FA 62 -63.37 72.11 79.81
CA LEU FA 62 -64.57 72.14 80.63
C LEU FA 62 -65.53 71.10 80.07
N THR FA 63 -65.93 70.15 80.92
CA THR FA 63 -66.82 69.07 80.52
C THR FA 63 -68.08 69.11 81.38
N ASP FA 64 -69.23 69.18 80.72
CA ASP FA 64 -70.53 69.25 81.39
C ASP FA 64 -71.45 68.16 80.87
N PRO FA 65 -71.49 67.02 81.53
CA PRO FA 65 -72.43 65.96 81.15
C PRO FA 65 -73.83 66.19 81.69
N VAL FA 66 -74.82 65.64 80.97
CA VAL FA 66 -76.23 65.73 81.34
C VAL FA 66 -76.88 64.37 81.06
N VAL FA 67 -77.93 64.04 81.83
CA VAL FA 67 -78.64 62.79 81.64
C VAL FA 67 -79.84 63.00 80.72
N VAL FA 68 -79.93 62.17 79.69
CA VAL FA 68 -81.05 62.20 78.74
C VAL FA 68 -81.75 60.84 78.71
N MET FA 76 -79.23 57.43 79.35
CA MET FA 76 -77.95 57.79 78.76
C MET FA 76 -77.46 59.17 79.24
N THR FA 77 -76.13 59.31 79.40
CA THR FA 77 -75.51 60.58 79.75
C THR FA 77 -74.65 61.08 78.60
N ILE FA 78 -74.85 62.35 78.23
CA ILE FA 78 -74.25 62.97 77.06
C ILE FA 78 -73.33 64.09 77.55
N LYS FA 79 -72.12 64.15 77.00
CA LYS FA 79 -71.11 65.10 77.44
C LYS FA 79 -70.83 66.15 76.37
N ALA FA 80 -70.74 67.41 76.79
CA ALA FA 80 -70.37 68.52 75.93
C ALA FA 80 -69.12 69.20 76.47
N ASN FA 81 -68.24 69.61 75.55
CA ASN FA 81 -66.92 70.11 75.93
C ASN FA 81 -66.71 71.53 75.43
N ALA FA 82 -66.06 72.34 76.26
CA ALA FA 82 -65.49 73.60 75.81
C ALA FA 82 -63.99 73.54 76.09
N SER FA 83 -63.19 73.98 75.13
CA SER FA 83 -61.74 73.93 75.31
C SER FA 83 -61.15 75.27 74.87
N VAL FA 84 -60.38 75.89 75.74
CA VAL FA 84 -59.71 77.15 75.47
C VAL FA 84 -58.22 76.90 75.44
N THR FA 85 -57.51 77.60 74.56
CA THR FA 85 -56.05 77.50 74.46
C THR FA 85 -55.48 78.88 74.20
N PHE FA 86 -54.58 79.31 75.08
CA PHE FA 86 -53.87 80.58 74.99
C PHE FA 86 -52.46 80.30 74.52
N SER FA 87 -52.11 80.82 73.35
CA SER FA 87 -50.74 80.77 72.85
C SER FA 87 -50.11 82.13 73.08
N LEU FA 88 -49.13 82.19 73.97
CA LEU FA 88 -48.56 83.44 74.46
C LEU FA 88 -47.06 83.44 74.25
N PRO FA 89 -46.54 84.28 73.36
CA PRO FA 89 -45.09 84.43 73.24
C PRO FA 89 -44.51 85.07 74.48
N LYS FA 90 -43.26 84.71 74.79
CA LYS FA 90 -42.67 85.16 76.04
C LYS FA 90 -42.42 86.66 76.03
N THR FA 91 -41.97 87.20 74.89
CA THR FA 91 -41.72 88.64 74.79
C THR FA 91 -43.00 89.46 74.90
N TYR FA 92 -44.16 88.83 74.73
CA TYR FA 92 -45.45 89.53 74.79
C TYR FA 92 -45.73 89.99 76.21
N PRO FA 93 -46.22 91.21 76.43
CA PRO FA 93 -46.30 91.75 77.80
C PRO FA 93 -47.50 91.25 78.59
N ASN FA 94 -47.25 90.96 79.87
CA ASN FA 94 -48.27 90.38 80.74
C ASN FA 94 -49.52 91.25 80.80
N GLU FA 95 -49.36 92.57 80.73
CA GLU FA 95 -50.52 93.45 80.76
C GLU FA 95 -51.44 93.19 79.57
N HIS FA 96 -50.89 93.15 78.36
CA HIS FA 96 -51.70 92.85 77.18
C HIS FA 96 -52.27 91.44 77.21
N ILE FA 97 -51.62 90.50 77.92
CA ILE FA 97 -52.23 89.17 78.08
C ILE FA 97 -53.51 89.27 78.93
N THR FA 98 -53.43 89.99 80.08
CA THR FA 98 -54.64 90.18 80.89
C THR FA 98 -55.74 90.80 80.04
N LYS FA 99 -55.38 91.79 79.20
CA LYS FA 99 -56.32 92.37 78.27
C LYS FA 99 -56.97 91.31 77.37
N LEU FA 100 -56.14 90.47 76.75
CA LEU FA 100 -56.66 89.44 75.85
C LEU FA 100 -57.68 88.56 76.55
N ARG FA 101 -57.34 88.07 77.75
CA ARG FA 101 -58.26 87.21 78.49
C ARG FA 101 -59.59 87.91 78.73
N GLN FA 102 -59.54 89.17 79.18
CA GLN FA 102 -60.77 89.88 79.49
C GLN FA 102 -61.64 90.08 78.25
N THR FA 103 -61.01 90.40 77.11
CA THR FA 103 -61.78 90.58 75.88
C THR FA 103 -62.39 89.27 75.40
N LEU FA 104 -61.71 88.15 75.63
CA LEU FA 104 -62.34 86.86 75.31
C LEU FA 104 -63.58 86.64 76.16
N ILE FA 105 -63.52 86.96 77.44
CA ILE FA 105 -64.70 86.88 78.29
C ILE FA 105 -65.83 87.73 77.70
N ALA FA 106 -65.51 88.98 77.36
CA ALA FA 106 -66.51 89.88 76.80
C ALA FA 106 -67.13 89.31 75.52
N TRP FA 107 -66.30 88.74 74.65
CA TRP FA 107 -66.80 88.16 73.42
C TRP FA 107 -67.75 87.01 73.70
N LEU FA 108 -67.35 86.10 74.59
CA LEU FA 108 -68.20 84.98 74.97
C LEU FA 108 -69.52 85.44 75.57
N GLY FA 109 -69.58 86.68 76.03
CA GLY FA 109 -70.85 87.26 76.45
C GLY FA 109 -71.84 87.59 75.33
N GLN FA 110 -71.32 87.95 74.16
CA GLN FA 110 -72.12 88.62 73.13
C GLN FA 110 -73.10 87.67 72.44
N GLN FA 111 -74.13 88.27 71.83
CA GLN FA 111 -75.16 87.49 71.15
C GLN FA 111 -74.59 86.79 69.93
N CYS FA 112 -73.74 87.48 69.17
CA CYS FA 112 -73.18 86.87 67.97
C CYS FA 112 -72.39 85.61 68.27
N VAL FA 113 -72.00 85.40 69.52
CA VAL FA 113 -71.35 84.17 69.96
C VAL FA 113 -72.35 83.22 70.59
N SER FA 114 -73.30 83.72 71.38
CA SER FA 114 -74.25 82.83 72.06
C SER FA 114 -75.17 82.15 71.06
N ASP FA 115 -75.65 82.88 70.04
CA ASP FA 115 -76.60 82.31 69.10
C ASP FA 115 -76.06 81.04 68.40
N PRO FA 116 -74.84 81.04 67.86
CA PRO FA 116 -74.35 79.74 67.30
C PRO FA 116 -74.00 78.72 68.36
N VAL FA 117 -73.34 79.12 69.45
CA VAL FA 117 -72.98 78.17 70.49
C VAL FA 117 -74.23 77.58 71.13
N ASP FA 118 -75.09 78.45 71.69
CA ASP FA 118 -76.21 77.95 72.49
C ASP FA 118 -77.22 77.19 71.63
N SER FA 119 -77.71 77.81 70.55
CA SER FA 119 -78.82 77.24 69.79
C SER FA 119 -78.48 76.87 68.36
N GLY FA 120 -77.30 77.23 67.86
CA GLY FA 120 -76.92 76.88 66.50
C GLY FA 120 -77.31 77.88 65.44
N LEU FA 121 -77.85 79.04 65.81
CA LEU FA 121 -78.16 80.08 64.84
C LEU FA 121 -76.87 80.74 64.38
N ASN FA 122 -76.63 80.74 63.07
CA ASN FA 122 -75.53 81.53 62.57
C ASN FA 122 -75.94 82.98 62.39
N ASN FA 123 -74.95 83.85 62.29
CA ASN FA 123 -75.24 85.26 62.13
C ASN FA 123 -75.33 85.61 60.65
N TYR FA 124 -76.20 86.57 60.36
CA TYR FA 124 -76.50 86.91 58.98
C TYR FA 124 -76.62 88.40 58.81
N MET GA 1 -42.71 69.33 104.35
CA MET GA 1 -43.21 70.67 104.61
C MET GA 1 -44.32 71.03 103.64
N ARG GA 2 -45.35 71.71 104.13
CA ARG GA 2 -46.39 72.27 103.27
C ARG GA 2 -45.84 73.48 102.54
N LEU GA 3 -45.57 73.34 101.26
CA LEU GA 3 -44.89 74.39 100.52
C LEU GA 3 -45.76 75.62 100.41
N THR GA 4 -45.18 76.77 100.75
CA THR GA 4 -45.80 78.07 100.51
C THR GA 4 -44.70 79.05 100.14
N ASP GA 5 -45.12 80.19 99.59
CA ASP GA 5 -44.18 81.23 99.20
C ASP GA 5 -43.27 81.57 100.37
N VAL GA 6 -42.03 81.95 100.06
CA VAL GA 6 -41.08 82.32 101.11
C VAL GA 6 -40.45 83.66 100.77
N ASP GA 7 -39.97 84.30 101.83
CA ASP GA 7 -39.20 85.54 101.72
C ASP GA 7 -37.87 85.31 102.43
N LEU GA 8 -36.78 85.63 101.75
CA LEU GA 8 -35.43 85.41 102.23
C LEU GA 8 -34.78 86.72 102.63
N THR GA 9 -34.05 86.69 103.73
CA THR GA 9 -33.26 87.83 104.17
C THR GA 9 -31.88 87.69 103.56
N VAL GA 10 -31.50 88.62 102.69
CA VAL GA 10 -30.27 88.54 101.92
C VAL GA 10 -29.46 89.78 102.21
N GLY GA 11 -28.47 89.66 103.10
CA GLY GA 11 -27.71 90.82 103.52
C GLY GA 11 -28.62 91.87 104.09
N GLU GA 12 -28.75 93.00 103.40
CA GLU GA 12 -29.59 94.09 103.85
C GLU GA 12 -30.76 94.34 102.92
N GLU GA 13 -31.19 93.32 102.19
CA GLU GA 13 -32.37 93.41 101.35
C GLU GA 13 -33.25 92.18 101.61
N THR GA 14 -34.48 92.26 101.13
CA THR GA 14 -35.41 91.15 101.25
C THR GA 14 -35.80 90.66 99.86
N ARG GA 15 -35.67 89.35 99.65
CA ARG GA 15 -35.91 88.70 98.37
C ARG GA 15 -37.19 87.88 98.49
N GLU GA 16 -38.15 88.10 97.59
CA GLU GA 16 -39.45 87.46 97.69
C GLU GA 16 -39.62 86.44 96.57
N TYR GA 17 -39.76 85.18 96.94
CA TYR GA 17 -40.03 84.13 95.97
C TYR GA 17 -41.47 83.66 96.10
N ALA GA 18 -41.98 83.06 95.02
CA ALA GA 18 -43.31 82.48 94.98
C ALA GA 18 -43.24 81.10 94.36
N VAL GA 19 -44.06 80.18 94.88
CA VAL GA 19 -44.07 78.82 94.37
C VAL GA 19 -44.52 78.85 92.92
N SER GA 20 -43.68 78.29 92.03
CA SER GA 20 -44.00 78.20 90.61
C SER GA 20 -44.41 76.80 90.17
N GLU GA 21 -43.92 75.75 90.83
CA GLU GA 21 -44.51 74.43 90.63
C GLU GA 21 -44.10 73.51 91.77
N GLN GA 22 -44.95 72.54 92.07
CA GLN GA 22 -44.65 71.53 93.06
C GLN GA 22 -45.04 70.16 92.52
N GLN GA 23 -44.06 69.27 92.41
CA GLN GA 23 -44.25 67.88 92.03
C GLN GA 23 -43.87 66.98 93.20
N GLY GA 24 -43.93 65.67 92.96
CA GLY GA 24 -43.72 64.72 94.03
C GLY GA 24 -42.36 64.84 94.65
N THR GA 25 -41.32 64.89 93.82
CA THR GA 25 -39.94 64.96 94.28
C THR GA 25 -39.24 66.25 93.88
N LEU GA 26 -39.96 67.19 93.26
CA LEU GA 26 -39.38 68.41 92.72
C LEU GA 26 -40.26 69.60 93.06
N PHE GA 27 -39.62 70.75 93.26
CA PHE GA 27 -40.35 72.01 93.39
C PHE GA 27 -39.52 73.15 92.82
N ARG GA 28 -40.21 74.24 92.50
CA ARG GA 28 -39.60 75.40 91.87
C ARG GA 28 -40.27 76.68 92.37
N PHE GA 29 -39.43 77.62 92.82
CA PHE GA 29 -39.77 78.98 93.17
C PHE GA 29 -39.26 79.96 92.12
N VAL GA 30 -39.95 81.10 92.02
CA VAL GA 30 -39.59 82.18 91.11
C VAL GA 30 -39.55 83.49 91.87
N ASP GA 31 -38.56 84.35 91.56
CA ASP GA 31 -38.45 85.67 92.19
C ASP GA 31 -39.63 86.53 91.78
N LYS GA 32 -40.35 87.06 92.78
CA LYS GA 32 -41.58 87.81 92.53
C LYS GA 32 -41.34 89.10 91.75
N SER GA 33 -40.10 89.56 91.67
CA SER GA 33 -39.78 90.79 90.95
C SER GA 33 -39.68 90.61 89.45
N GLY GA 34 -40.08 89.46 88.90
CA GLY GA 34 -39.79 89.10 87.53
C GLY GA 34 -41.03 88.83 86.67
N THR GA 35 -40.77 88.74 85.38
CA THR GA 35 -41.76 88.46 84.34
C THR GA 35 -41.29 87.26 83.53
N VAL GA 36 -42.22 86.64 82.79
CA VAL GA 36 -41.79 85.67 81.78
C VAL GA 36 -40.81 86.33 80.82
N ALA GA 37 -41.10 87.57 80.42
CA ALA GA 37 -40.22 88.27 79.50
C ALA GA 37 -38.87 88.59 80.14
N ASN GA 38 -38.89 89.20 81.32
CA ASN GA 38 -37.66 89.52 82.03
C ASN GA 38 -37.64 88.78 83.36
N ASN GA 39 -36.99 87.62 83.38
CA ASN GA 39 -36.87 86.85 84.60
C ASN GA 39 -35.73 87.37 85.46
N THR GA 40 -35.91 87.23 86.77
CA THR GA 40 -34.97 87.80 87.73
C THR GA 40 -34.38 86.78 88.68
N GLY GA 41 -34.92 85.57 88.76
CA GLY GA 41 -34.38 84.56 89.64
C GLY GA 41 -35.25 83.34 89.70
N VAL GA 42 -34.63 82.16 89.80
CA VAL GA 42 -35.37 80.92 89.95
C VAL GA 42 -34.59 80.03 90.90
N PHE GA 43 -35.33 79.21 91.65
CA PHE GA 43 -34.73 78.20 92.52
C PHE GA 43 -35.51 76.91 92.33
N SER GA 44 -34.78 75.81 92.23
CA SER GA 44 -35.41 74.52 92.01
C SER GA 44 -34.67 73.46 92.83
N LEU GA 45 -35.43 72.47 93.32
CA LEU GA 45 -34.86 71.39 94.12
C LEU GA 45 -35.55 70.08 93.77
N GLU GA 46 -34.76 69.01 93.69
CA GLU GA 46 -35.25 67.69 93.36
C GLU GA 46 -34.53 66.65 94.22
N GLN GA 47 -35.27 65.66 94.72
CA GLN GA 47 -34.67 64.53 95.40
C GLN GA 47 -34.85 63.28 94.56
N ARG GA 48 -33.74 62.59 94.30
CA ARG GA 48 -33.75 61.24 93.73
C ARG GA 48 -33.43 60.30 94.89
N PHE GA 49 -34.48 59.77 95.51
CA PHE GA 49 -34.31 58.73 96.50
C PHE GA 49 -33.83 57.47 95.81
N GLY GA 50 -32.63 57.02 96.13
CA GLY GA 50 -32.00 55.97 95.38
C GLY GA 50 -32.55 54.59 95.71
N ALA GA 51 -32.04 53.60 94.97
CA ALA GA 51 -32.31 52.21 95.30
C ALA GA 51 -31.79 51.89 96.69
N ALA GA 52 -32.24 50.77 97.24
CA ALA GA 52 -31.94 50.43 98.63
C ALA GA 52 -30.44 50.32 98.88
N ASN GA 53 -29.66 50.02 97.84
CA ASN GA 53 -28.20 49.96 97.99
C ASN GA 53 -27.54 51.31 97.83
N SER GA 54 -28.13 52.20 97.04
CA SER GA 54 -27.49 53.47 96.68
C SER GA 54 -27.81 54.55 97.70
N ASN GA 55 -27.06 55.65 97.61
CA ASN GA 55 -27.34 56.86 98.37
C ASN GA 55 -28.49 57.63 97.72
N ARG GA 56 -29.18 58.41 98.52
CA ARG GA 56 -30.15 59.33 97.95
C ARG GA 56 -29.46 60.65 97.65
N LYS GA 57 -29.94 61.32 96.61
CA LYS GA 57 -29.35 62.57 96.14
C LYS GA 57 -30.39 63.67 96.21
N VAL GA 58 -29.96 64.85 96.66
CA VAL GA 58 -30.79 66.05 96.61
C VAL GA 58 -30.01 67.11 95.86
N THR GA 59 -30.63 67.71 94.85
CA THR GA 59 -29.96 68.70 94.04
C THR GA 59 -30.77 69.98 94.00
N MET GA 60 -30.07 71.11 94.02
CA MET GA 60 -30.65 72.43 93.98
C MET GA 60 -29.94 73.26 92.93
N LEU GA 61 -30.72 74.04 92.19
CA LEU GA 61 -30.21 74.99 91.22
C LEU GA 61 -30.81 76.37 91.50
N LEU GA 62 -29.94 77.35 91.69
CA LEU GA 62 -30.30 78.74 91.85
C LEU GA 62 -29.76 79.51 90.65
N THR GA 63 -30.64 80.21 89.95
CA THR GA 63 -30.24 80.95 88.76
C THR GA 63 -30.65 82.41 88.92
N ASP GA 64 -29.67 83.31 88.79
CA ASP GA 64 -29.90 84.75 88.84
C ASP GA 64 -29.48 85.34 87.51
N PRO GA 65 -30.43 85.76 86.69
CA PRO GA 65 -30.10 86.48 85.46
C PRO GA 65 -30.11 87.98 85.67
N VAL GA 66 -29.22 88.65 84.93
CA VAL GA 66 -29.04 90.10 84.96
C VAL GA 66 -28.92 90.61 83.53
N VAL GA 67 -29.46 91.78 83.29
CA VAL GA 67 -29.30 92.44 82.00
C VAL GA 67 -28.01 93.25 82.03
N VAL GA 68 -27.26 93.18 80.92
CA VAL GA 68 -25.98 93.85 80.78
C VAL GA 68 -25.92 94.46 79.39
N LYS GA 69 -25.45 95.70 79.31
CA LYS GA 69 -25.25 96.32 78.01
C LYS GA 69 -24.09 95.64 77.29
N ASP GA 70 -24.19 95.56 75.98
CA ASP GA 70 -23.19 94.92 75.15
C ASP GA 70 -22.19 95.96 74.64
N ALA GA 71 -21.05 95.48 74.14
CA ALA GA 71 -20.11 96.37 73.46
C ALA GA 71 -20.78 97.04 72.27
N SER GA 72 -21.70 96.34 71.60
CA SER GA 72 -22.51 96.93 70.55
C SER GA 72 -23.63 97.82 71.08
N GLY GA 73 -23.79 97.92 72.40
CA GLY GA 73 -24.87 98.65 73.00
C GLY GA 73 -26.13 97.84 73.24
N ALA GA 74 -26.33 96.77 72.47
CA ALA GA 74 -27.52 95.94 72.59
C ALA GA 74 -27.65 95.39 74.00
N ASP GA 75 -28.90 95.21 74.44
CA ASP GA 75 -29.16 94.65 75.76
C ASP GA 75 -29.07 93.13 75.72
N MET GA 76 -28.37 92.55 76.69
CA MET GA 76 -28.02 91.13 76.68
C MET GA 76 -28.28 90.56 78.06
N THR GA 77 -29.06 89.48 78.14
CA THR GA 77 -29.38 88.87 79.43
C THR GA 77 -28.41 87.73 79.70
N ILE GA 78 -27.81 87.75 80.90
CA ILE GA 78 -26.74 86.84 81.28
C ILE GA 78 -27.13 86.17 82.58
N LYS GA 79 -26.95 84.84 82.65
CA LYS GA 79 -27.32 84.08 83.83
C LYS GA 79 -26.07 83.61 84.57
N ALA GA 80 -26.14 83.65 85.91
CA ALA GA 80 -25.15 83.04 86.78
C ALA GA 80 -25.84 81.95 87.61
N ASN GA 81 -25.16 80.82 87.77
CA ASN GA 81 -25.79 79.66 88.38
C ASN GA 81 -25.02 79.20 89.59
N ALA GA 82 -25.76 78.71 90.59
CA ALA GA 82 -25.19 78.00 91.72
C ALA GA 82 -25.94 76.69 91.85
N SER GA 83 -25.21 75.59 92.03
CA SER GA 83 -25.83 74.28 92.14
C SER GA 83 -25.25 73.55 93.34
N VAL GA 84 -26.12 73.02 94.19
CA VAL GA 84 -25.73 72.27 95.37
C VAL GA 84 -26.26 70.84 95.22
N THR GA 85 -25.46 69.87 95.65
CA THR GA 85 -25.87 68.46 95.61
C THR GA 85 -25.43 67.78 96.89
N PHE GA 86 -26.40 67.18 97.59
CA PHE GA 86 -26.18 66.39 98.78
C PHE GA 86 -26.28 64.92 98.42
N SER GA 87 -25.18 64.19 98.62
CA SER GA 87 -25.18 62.73 98.50
C SER GA 87 -25.21 62.18 99.91
N LEU GA 88 -26.32 61.56 100.27
CA LEU GA 88 -26.58 61.11 101.63
C LEU GA 88 -26.87 59.62 101.62
N PRO GA 89 -25.97 58.81 102.16
CA PRO GA 89 -26.23 57.37 102.30
C PRO GA 89 -27.37 57.12 103.28
N LYS GA 90 -28.06 56.00 103.07
CA LYS GA 90 -29.22 55.71 103.91
C LYS GA 90 -28.81 55.52 105.37
N THR GA 91 -27.72 54.78 105.61
CA THR GA 91 -27.29 54.48 106.97
C THR GA 91 -26.78 55.71 107.71
N TYR GA 92 -26.54 56.81 107.02
CA TYR GA 92 -26.06 58.03 107.65
C TYR GA 92 -27.18 58.65 108.48
N PRO GA 93 -26.91 59.09 109.72
CA PRO GA 93 -28.00 59.56 110.60
C PRO GA 93 -28.47 60.97 110.27
N ASN GA 94 -29.80 61.14 110.35
CA ASN GA 94 -30.41 62.43 110.02
C ASN GA 94 -29.78 63.58 110.81
N GLU GA 95 -29.36 63.31 112.04
CA GLU GA 95 -28.73 64.34 112.85
C GLU GA 95 -27.46 64.88 112.19
N HIS GA 96 -26.52 64.00 111.86
CA HIS GA 96 -25.30 64.45 111.21
C HIS GA 96 -25.55 65.03 109.83
N ILE GA 97 -26.67 64.66 109.18
CA ILE GA 97 -27.03 65.34 107.93
C ILE GA 97 -27.32 66.83 108.20
N THR GA 98 -28.18 67.12 109.19
CA THR GA 98 -28.45 68.54 109.51
C THR GA 98 -27.16 69.25 109.86
N LYS GA 99 -26.27 68.57 110.58
CA LYS GA 99 -24.94 69.13 110.88
C LYS GA 99 -24.21 69.52 109.59
N LEU GA 100 -24.18 68.60 108.62
CA LEU GA 100 -23.52 68.87 107.35
C LEU GA 100 -24.10 70.11 106.66
N ARG GA 101 -25.43 70.19 106.58
CA ARG GA 101 -26.06 71.32 105.91
C ARG GA 101 -25.69 72.64 106.60
N GLN GA 102 -25.73 72.65 107.94
CA GLN GA 102 -25.43 73.89 108.63
C GLN GA 102 -23.97 74.30 108.46
N THR GA 103 -23.03 73.33 108.54
CA THR GA 103 -21.64 73.67 108.29
C THR GA 103 -21.42 74.19 106.88
N LEU GA 104 -22.19 73.71 105.90
CA LEU GA 104 -22.08 74.25 104.55
C LEU GA 104 -22.53 75.71 104.50
N ILE GA 105 -23.64 76.01 105.17
CA ILE GA 105 -24.07 77.42 105.26
C ILE GA 105 -22.95 78.27 105.86
N ALA GA 106 -22.38 77.80 106.96
CA ALA GA 106 -21.31 78.53 107.62
C ALA GA 106 -20.14 78.78 106.67
N TRP GA 107 -19.72 77.74 105.96
CA TRP GA 107 -18.61 77.89 105.01
C TRP GA 107 -18.95 78.90 103.94
N LEU GA 108 -20.16 78.83 103.38
CA LEU GA 108 -20.56 79.75 102.33
C LEU GA 108 -20.55 81.19 102.80
N GLY GA 109 -20.68 81.42 104.11
CA GLY GA 109 -20.54 82.75 104.66
C GLY GA 109 -19.12 83.28 104.75
N GLN GA 110 -18.15 82.37 104.81
CA GLN GA 110 -16.78 82.73 105.14
C GLN GA 110 -16.13 83.54 104.01
N GLN GA 111 -15.11 84.31 104.39
CA GLN GA 111 -14.42 85.13 103.40
C GLN GA 111 -13.55 84.29 102.47
N CYS GA 112 -12.95 83.20 102.98
CA CYS GA 112 -12.15 82.34 102.11
C CYS GA 112 -12.98 81.71 101.01
N VAL GA 113 -14.29 81.65 101.19
CA VAL GA 113 -15.19 81.17 100.15
C VAL GA 113 -15.74 82.32 99.32
N SER GA 114 -16.07 83.45 99.96
CA SER GA 114 -16.68 84.56 99.23
C SER GA 114 -15.69 85.22 98.27
N ASP GA 115 -14.45 85.40 98.70
CA ASP GA 115 -13.47 86.09 97.86
C ASP GA 115 -13.28 85.44 96.50
N PRO GA 116 -13.06 84.12 96.38
CA PRO GA 116 -12.99 83.53 95.03
C PRO GA 116 -14.32 83.52 94.31
N VAL GA 117 -15.41 83.21 95.00
CA VAL GA 117 -16.72 83.18 94.36
C VAL GA 117 -17.11 84.58 93.89
N ASP GA 118 -17.08 85.56 94.80
CA ASP GA 118 -17.62 86.88 94.48
C ASP GA 118 -16.70 87.64 93.51
N SER GA 119 -15.40 87.65 93.78
CA SER GA 119 -14.48 88.53 93.07
C SER GA 119 -13.46 87.81 92.20
N GLY GA 120 -13.42 86.48 92.23
CA GLY GA 120 -12.47 85.75 91.43
C GLY GA 120 -11.04 85.77 91.93
N LEU GA 121 -10.79 86.25 93.13
CA LEU GA 121 -9.46 86.23 93.72
C LEU GA 121 -9.25 84.95 94.50
N ASN GA 122 -8.13 84.28 94.27
CA ASN GA 122 -7.81 83.08 95.02
C ASN GA 122 -7.20 83.43 96.38
N ASN GA 123 -7.18 82.45 97.25
CA ASN GA 123 -6.62 82.65 98.58
C ASN GA 123 -5.13 82.32 98.58
N TYR GA 124 -4.45 82.77 99.65
CA TYR GA 124 -3.00 82.61 99.76
C TYR GA 124 -2.53 82.49 101.23
N MET HA 1 120.79 54.20 -6.33
CA MET HA 1 122.02 54.28 -5.56
C MET HA 1 122.30 52.99 -4.80
N ARG HA 2 123.55 52.55 -4.80
CA ARG HA 2 123.94 51.42 -3.96
C ARG HA 2 123.82 51.81 -2.49
N LEU HA 3 122.91 51.15 -1.79
CA LEU HA 3 122.60 51.54 -0.42
C LEU HA 3 123.79 51.34 0.50
N THR HA 4 123.94 52.27 1.43
CA THR HA 4 124.93 52.17 2.48
C THR HA 4 124.31 52.73 3.75
N ASP HA 5 124.86 52.31 4.89
CA ASP HA 5 124.43 52.90 6.16
C ASP HA 5 124.51 54.41 6.06
N VAL HA 6 123.65 55.09 6.80
CA VAL HA 6 123.47 56.53 6.63
C VAL HA 6 123.69 57.22 7.96
N ASP HA 7 124.39 58.33 7.95
CA ASP HA 7 124.57 59.16 9.14
C ASP HA 7 124.01 60.54 8.83
N LEU HA 8 123.03 60.96 9.64
CA LEU HA 8 122.32 62.21 9.46
C LEU HA 8 122.75 63.19 10.53
N THR HA 9 122.94 64.45 10.14
CA THR HA 9 123.16 65.51 11.09
C THR HA 9 121.81 66.12 11.42
N VAL HA 10 121.41 66.06 12.69
CA VAL HA 10 120.08 66.45 13.12
C VAL HA 10 120.23 67.52 14.20
N GLY HA 11 119.96 68.77 13.84
CA GLY HA 11 120.17 69.86 14.76
C GLY HA 11 121.61 69.86 15.22
N GLU HA 12 121.83 69.55 16.50
CA GLU HA 12 123.17 69.56 17.05
C GLU HA 12 123.61 68.17 17.50
N GLU HA 13 122.96 67.13 16.98
CA GLU HA 13 123.31 65.75 17.29
C GLU HA 13 123.52 65.01 15.97
N THR HA 14 124.07 63.80 16.04
CA THR HA 14 124.23 62.97 14.86
C THR HA 14 123.53 61.63 15.07
N ARG HA 15 122.68 61.28 14.11
CA ARG HA 15 121.84 60.09 14.16
C ARG HA 15 122.34 59.09 13.13
N GLU HA 16 122.52 57.84 13.55
CA GLU HA 16 123.11 56.81 12.69
C GLU HA 16 122.09 55.72 12.41
N TYR HA 17 121.82 55.48 11.14
CA TYR HA 17 120.91 54.46 10.66
C TYR HA 17 121.68 53.40 9.90
N ALA HA 18 121.15 52.17 9.93
CA ALA HA 18 121.71 51.04 9.21
C ALA HA 18 120.64 50.39 8.35
N VAL HA 19 121.06 49.89 7.18
CA VAL HA 19 120.14 49.25 6.26
C VAL HA 19 119.56 48.00 6.90
N SER HA 20 118.23 47.91 6.93
CA SER HA 20 117.53 46.73 7.44
C SER HA 20 116.96 45.83 6.36
N GLU HA 21 116.40 46.38 5.29
CA GLU HA 21 116.05 45.52 4.15
C GLU HA 21 115.94 46.37 2.90
N GLN HA 22 116.18 45.72 1.76
CA GLN HA 22 116.06 46.39 0.46
C GLN HA 22 115.36 45.46 -0.51
N GLN HA 23 114.26 45.92 -1.08
CA GLN HA 23 113.52 45.23 -2.12
C GLN HA 23 113.67 46.00 -3.41
N GLY HA 24 112.94 45.56 -4.44
CA GLY HA 24 113.06 46.20 -5.73
C GLY HA 24 112.67 47.67 -5.69
N THR HA 25 111.56 47.97 -5.04
CA THR HA 25 111.05 49.33 -4.96
C THR HA 25 110.84 49.80 -3.52
N LEU HA 26 111.47 49.11 -2.55
CA LEU HA 26 111.28 49.44 -1.14
C LEU HA 26 112.59 49.25 -0.39
N PHE HA 27 112.83 50.11 0.61
CA PHE HA 27 113.94 49.91 1.53
C PHE HA 27 113.56 50.41 2.91
N ARG HA 28 114.33 49.94 3.89
CA ARG HA 28 114.09 50.25 5.29
C ARG HA 28 115.42 50.31 6.04
N PHE HA 29 115.61 51.42 6.75
CA PHE HA 29 116.69 51.67 7.70
C PHE HA 29 116.16 51.61 9.13
N VAL HA 30 117.07 51.26 10.05
CA VAL HA 30 116.80 51.22 11.48
C VAL HA 30 117.83 52.09 12.20
N ASP HA 31 117.38 52.80 13.24
CA ASP HA 31 118.29 53.61 14.06
C ASP HA 31 119.22 52.69 14.85
N LYS HA 32 120.54 52.90 14.68
CA LYS HA 32 121.53 52.07 15.36
C LYS HA 32 121.46 52.18 16.87
N SER HA 33 120.71 53.15 17.41
CA SER HA 33 120.55 53.28 18.85
C SER HA 33 119.78 52.13 19.47
N GLY HA 34 119.09 51.32 18.66
CA GLY HA 34 118.09 50.40 19.15
C GLY HA 34 118.38 48.93 18.85
N THR HA 35 117.59 48.08 19.49
CA THR HA 35 117.60 46.64 19.37
C THR HA 35 116.33 46.18 18.65
N VAL HA 36 116.37 44.94 18.16
CA VAL HA 36 115.13 44.24 17.84
C VAL HA 36 114.14 44.40 18.98
N ALA HA 37 114.60 44.13 20.20
CA ALA HA 37 113.75 44.24 21.39
C ALA HA 37 113.24 45.66 21.58
N ASN HA 38 114.15 46.60 21.79
CA ASN HA 38 113.78 47.99 22.00
C ASN HA 38 114.22 48.80 20.78
N ASN HA 39 113.25 49.38 20.07
CA ASN HA 39 113.53 50.13 18.85
C ASN HA 39 113.53 51.62 19.13
N THR HA 40 114.49 52.32 18.52
CA THR HA 40 114.61 53.77 18.68
C THR HA 40 114.16 54.57 17.47
N GLY HA 41 114.07 53.95 16.29
CA GLY HA 41 113.66 54.68 15.11
C GLY HA 41 113.66 53.83 13.86
N VAL HA 42 112.76 54.14 12.92
CA VAL HA 42 112.68 53.39 11.67
C VAL HA 42 112.36 54.36 10.55
N PHE HA 43 112.92 54.06 9.37
CA PHE HA 43 112.62 54.82 8.16
C PHE HA 43 112.38 53.85 7.01
N SER HA 44 111.33 54.09 6.25
CA SER HA 44 110.99 53.23 5.13
C SER HA 44 110.56 54.08 3.94
N LEU HA 45 110.91 53.61 2.74
CA LEU HA 45 110.59 54.32 1.51
C LEU HA 45 110.18 53.31 0.44
N GLU HA 46 109.10 53.60 -0.29
CA GLU HA 46 108.60 52.75 -1.36
C GLU HA 46 108.13 53.58 -2.55
N GLN HA 47 108.46 53.13 -3.76
CA GLN HA 47 108.00 53.77 -4.98
C GLN HA 47 107.01 52.86 -5.70
N ARG HA 48 105.97 53.48 -6.24
CA ARG HA 48 104.91 52.80 -6.99
C ARG HA 48 104.80 53.50 -8.34
N PHE HA 49 105.38 52.87 -9.35
CA PHE HA 49 105.32 53.33 -10.73
C PHE HA 49 104.00 52.86 -11.33
N GLY HA 50 103.11 53.80 -11.65
CA GLY HA 50 101.81 53.46 -12.20
C GLY HA 50 101.85 53.25 -13.70
N ALA HA 51 100.66 53.19 -14.31
CA ALA HA 51 100.57 53.17 -15.76
C ALA HA 51 100.95 54.53 -16.34
N ALA HA 52 101.11 54.57 -17.67
CA ALA HA 52 101.57 55.79 -18.33
C ALA HA 52 100.59 56.95 -18.17
N ASN HA 53 99.32 56.66 -17.89
CA ASN HA 53 98.36 57.70 -17.54
C ASN HA 53 98.37 58.03 -16.06
N SER HA 54 99.00 57.19 -15.23
CA SER HA 54 99.04 57.38 -13.79
C SER HA 54 100.31 58.11 -13.37
N ASN HA 55 100.21 58.87 -12.28
CA ASN HA 55 101.38 59.47 -11.68
C ASN HA 55 102.13 58.42 -10.86
N ARG HA 56 103.44 58.41 -10.97
CA ARG HA 56 104.20 57.57 -10.05
C ARG HA 56 104.18 58.21 -8.67
N LYS HA 57 104.25 57.37 -7.66
CA LYS HA 57 104.10 57.83 -6.28
C LYS HA 57 105.24 57.30 -5.44
N VAL HA 58 105.67 58.11 -4.47
CA VAL HA 58 106.81 57.76 -3.63
C VAL HA 58 106.43 58.10 -2.19
N THR HA 59 106.51 57.12 -1.29
CA THR HA 59 106.03 57.33 0.07
C THR HA 59 107.10 56.94 1.09
N MET HA 60 107.23 57.78 2.12
CA MET HA 60 108.18 57.63 3.19
C MET HA 60 107.45 57.61 4.52
N LEU HA 61 107.91 56.74 5.42
CA LEU HA 61 107.42 56.69 6.79
C LEU HA 61 108.60 56.72 7.74
N LEU HA 62 108.60 57.71 8.64
CA LEU HA 62 109.60 57.88 9.68
C LEU HA 62 108.88 57.70 11.02
N THR HA 63 109.34 56.72 11.80
CA THR HA 63 108.73 56.42 13.09
C THR HA 63 109.76 56.59 14.19
N ASP HA 64 109.41 57.38 15.21
CA ASP HA 64 110.27 57.63 16.37
C ASP HA 64 109.51 57.22 17.63
N PRO HA 65 109.87 56.08 18.22
CA PRO HA 65 109.29 55.70 19.50
C PRO HA 65 110.13 56.20 20.66
N VAL HA 66 109.44 56.57 21.74
CA VAL HA 66 110.04 57.08 22.97
C VAL HA 66 109.38 56.37 24.14
N VAL HA 67 110.16 56.10 25.18
CA VAL HA 67 109.61 55.56 26.41
C VAL HA 67 109.21 56.70 27.32
N VAL HA 68 107.98 56.66 27.82
CA VAL HA 68 107.39 57.68 28.66
C VAL HA 68 106.90 57.04 29.94
N LYS HA 69 106.92 57.80 31.02
CA LYS HA 69 106.38 57.36 32.30
C LYS HA 69 104.86 57.31 32.24
N ASP HA 70 104.30 56.24 32.80
CA ASP HA 70 102.86 56.12 32.92
C ASP HA 70 102.34 57.04 34.01
N ALA HA 71 101.03 57.31 33.98
CA ALA HA 71 100.41 58.04 35.08
C ALA HA 71 100.54 57.27 36.39
N SER HA 72 100.54 55.94 36.31
CA SER HA 72 100.85 55.10 37.46
C SER HA 72 102.35 55.03 37.73
N GLY HA 73 103.16 55.21 36.69
CA GLY HA 73 104.61 55.14 36.80
C GLY HA 73 105.25 54.06 35.94
N ALA HA 74 104.48 53.15 35.36
CA ALA HA 74 105.02 52.10 34.54
C ALA HA 74 105.74 52.66 33.31
N ASP HA 75 106.60 51.84 32.73
CA ASP HA 75 107.29 52.20 31.49
C ASP HA 75 106.40 51.88 30.30
N MET HA 76 106.20 52.87 29.43
CA MET HA 76 105.29 52.69 28.30
C MET HA 76 105.93 53.27 27.05
N THR HA 77 105.82 52.57 25.92
CA THR HA 77 106.43 53.04 24.69
C THR HA 77 105.39 53.69 23.79
N ILE HA 78 105.72 54.88 23.28
CA ILE HA 78 104.80 55.71 22.49
C ILE HA 78 105.52 56.10 21.21
N LYS HA 79 104.85 55.89 20.08
CA LYS HA 79 105.43 56.19 18.77
C LYS HA 79 104.83 57.48 18.22
N ALA HA 80 105.67 58.24 17.51
CA ALA HA 80 105.24 59.40 16.73
C ALA HA 80 105.62 59.16 15.27
N ASN HA 81 104.69 59.45 14.36
CA ASN HA 81 104.87 59.10 12.97
C ASN HA 81 104.92 60.37 12.12
N ALA HA 82 105.73 60.32 11.06
CA ALA HA 82 105.70 61.34 10.02
C ALA HA 82 105.74 60.63 8.68
N SER HA 83 104.89 61.04 7.76
CA SER HA 83 104.80 60.37 6.47
C SER HA 83 104.76 61.39 5.35
N VAL HA 84 105.57 61.17 4.33
CA VAL HA 84 105.63 62.04 3.17
C VAL HA 84 105.22 61.23 1.96
N THR HA 85 104.51 61.89 1.02
CA THR HA 85 104.10 61.25 -0.22
C THR HA 85 104.29 62.25 -1.37
N PHE HA 86 105.09 61.84 -2.35
CA PHE HA 86 105.32 62.61 -3.56
C PHE HA 86 104.49 62.00 -4.68
N SER HA 87 103.56 62.78 -5.22
CA SER HA 87 102.80 62.41 -6.41
C SER HA 87 103.40 63.15 -7.58
N LEU HA 88 104.05 62.39 -8.48
CA LEU HA 88 104.84 62.95 -9.57
C LEU HA 88 104.32 62.40 -10.89
N PRO HA 89 103.66 63.21 -11.70
CA PRO HA 89 103.26 62.78 -13.04
C PRO HA 89 104.46 62.52 -13.93
N LYS HA 90 104.26 61.67 -14.92
CA LYS HA 90 105.34 61.22 -15.78
C LYS HA 90 105.60 62.17 -16.94
N THR HA 91 104.88 63.29 -17.01
CA THR HA 91 105.18 64.38 -17.92
C THR HA 91 105.86 65.54 -17.21
N TYR HA 92 106.02 65.43 -15.90
CA TYR HA 92 106.64 66.46 -15.08
C TYR HA 92 108.17 66.29 -15.12
N PRO HA 93 108.93 67.37 -15.30
CA PRO HA 93 110.38 67.22 -15.46
C PRO HA 93 111.13 66.99 -14.14
N ASN HA 94 112.17 66.16 -14.25
CA ASN HA 94 112.93 65.75 -13.08
C ASN HA 94 113.53 66.96 -12.36
N GLU HA 95 113.96 67.97 -13.12
CA GLU HA 95 114.48 69.18 -12.51
C GLU HA 95 113.49 69.76 -11.52
N HIS HA 96 112.23 69.96 -11.96
CA HIS HA 96 111.24 70.54 -11.08
C HIS HA 96 110.86 69.61 -9.95
N ILE HA 97 111.00 68.29 -10.12
CA ILE HA 97 110.84 67.40 -8.97
C ILE HA 97 111.90 67.70 -7.89
N THR HA 98 113.14 67.87 -8.32
CA THR HA 98 114.19 68.22 -7.36
C THR HA 98 113.88 69.56 -6.69
N LYS HA 99 113.45 70.54 -7.48
CA LYS HA 99 113.02 71.83 -6.94
C LYS HA 99 111.95 71.65 -5.87
N LEU HA 100 110.96 70.80 -6.16
CA LEU HA 100 109.88 70.53 -5.22
C LEU HA 100 110.41 69.95 -3.92
N ARG HA 101 111.27 68.93 -4.01
CA ARG HA 101 111.80 68.31 -2.81
C ARG HA 101 112.57 69.32 -1.95
N GLN HA 102 113.36 70.17 -2.61
CA GLN HA 102 114.14 71.13 -1.83
C GLN HA 102 113.24 72.19 -1.19
N THR HA 103 112.22 72.68 -1.91
CA THR HA 103 111.28 73.61 -1.30
C THR HA 103 110.56 72.99 -0.11
N LEU HA 104 110.29 71.69 -0.18
CA LEU HA 104 109.67 71.01 0.95
C LEU HA 104 110.61 70.99 2.15
N ILE HA 105 111.90 70.71 1.91
CA ILE HA 105 112.87 70.75 3.00
C ILE HA 105 112.89 72.14 3.63
N ALA HA 106 112.94 73.17 2.79
CA ALA HA 106 112.96 74.55 3.29
C ALA HA 106 111.71 74.86 4.12
N TRP HA 107 110.54 74.42 3.63
CA TRP HA 107 109.31 74.67 4.37
C TRP HA 107 109.32 73.96 5.73
N LEU HA 108 109.79 72.71 5.74
CA LEU HA 108 109.87 71.97 6.99
C LEU HA 108 110.83 72.63 7.98
N GLY HA 109 111.76 73.44 7.48
CA GLY HA 109 112.60 74.25 8.33
C GLY HA 109 111.92 75.43 8.98
N GLN HA 110 110.87 75.95 8.34
CA GLN HA 110 110.29 77.24 8.71
C GLN HA 110 109.65 77.21 10.10
N GLN HA 111 109.57 78.38 10.73
CA GLN HA 111 108.95 78.45 12.04
C GLN HA 111 107.44 78.29 11.94
N CYS HA 112 106.83 78.78 10.86
CA CYS HA 112 105.38 78.64 10.72
C CYS HA 112 104.96 77.20 10.53
N VAL HA 113 105.88 76.34 10.09
CA VAL HA 113 105.62 74.90 10.09
C VAL HA 113 106.04 74.28 11.43
N SER HA 114 107.09 74.82 12.05
CA SER HA 114 107.62 74.24 13.28
C SER HA 114 106.63 74.38 14.43
N ASP HA 115 106.04 75.55 14.61
CA ASP HA 115 105.19 75.80 15.78
C ASP HA 115 104.02 74.83 15.87
N PRO HA 116 103.19 74.62 14.85
CA PRO HA 116 102.12 73.62 15.00
C PRO HA 116 102.64 72.20 15.16
N VAL HA 117 103.66 71.81 14.39
CA VAL HA 117 104.18 70.46 14.49
C VAL HA 117 104.83 70.24 15.86
N ASP HA 118 105.83 71.06 16.20
CA ASP HA 118 106.63 70.78 17.39
C ASP HA 118 105.84 71.00 18.68
N SER HA 119 105.04 72.07 18.75
CA SER HA 119 104.42 72.46 20.00
C SER HA 119 102.90 72.51 19.98
N GLY HA 120 102.28 72.45 18.81
CA GLY HA 120 100.83 72.49 18.72
C GLY HA 120 100.23 73.87 18.62
N LEU HA 121 101.04 74.92 18.66
CA LEU HA 121 100.53 76.27 18.52
C LEU HA 121 100.21 76.54 17.04
N ASN HA 122 99.02 77.08 16.79
CA ASN HA 122 98.70 77.54 15.44
C ASN HA 122 99.24 78.93 15.19
N ASN HA 123 99.42 79.25 13.92
CA ASN HA 123 99.88 80.59 13.56
C ASN HA 123 98.69 81.53 13.42
N TYR HA 124 98.98 82.83 13.50
CA TYR HA 124 97.91 83.83 13.48
C TYR HA 124 98.26 85.04 12.63
N MET IA 1 126.18 38.69 -12.01
CA MET IA 1 127.22 39.73 -11.93
C MET IA 1 126.80 40.83 -10.97
N ARG IA 2 127.76 41.64 -10.55
CA ARG IA 2 127.48 42.81 -9.71
C ARG IA 2 127.10 43.98 -10.61
N LEU IA 3 125.83 44.37 -10.58
CA LEU IA 3 125.31 45.39 -11.47
C LEU IA 3 126.05 46.72 -11.30
N THR IA 4 126.48 47.28 -12.43
CA THR IA 4 127.11 48.57 -12.50
C THR IA 4 126.50 49.31 -13.67
N ASP IA 5 126.44 50.65 -13.58
CA ASP IA 5 125.93 51.44 -14.69
C ASP IA 5 126.67 51.06 -15.97
N VAL IA 6 125.97 51.08 -17.09
CA VAL IA 6 126.46 50.50 -18.32
C VAL IA 6 126.53 51.59 -19.39
N ASP IA 7 127.57 51.53 -20.21
CA ASP IA 7 127.68 52.41 -21.36
C ASP IA 7 127.82 51.58 -22.62
N LEU IA 8 126.89 51.78 -23.55
CA LEU IA 8 126.79 51.00 -24.77
C LEU IA 8 127.25 51.84 -25.94
N THR IA 9 128.06 51.23 -26.79
CA THR IA 9 128.49 51.87 -28.01
C THR IA 9 127.46 51.50 -29.09
N VAL IA 10 126.69 52.48 -29.54
CA VAL IA 10 125.57 52.28 -30.43
C VAL IA 10 125.88 53.01 -31.74
N GLY IA 11 126.34 52.26 -32.74
CA GLY IA 11 126.77 52.89 -33.97
C GLY IA 11 127.91 53.84 -33.69
N GLU IA 12 127.67 55.14 -33.87
CA GLU IA 12 128.69 56.14 -33.61
C GLU IA 12 128.36 57.00 -32.41
N GLU IA 13 127.48 56.54 -31.55
CA GLU IA 13 127.06 57.29 -30.38
C GLU IA 13 127.29 56.40 -29.16
N THR IA 14 127.19 57.01 -27.97
CA THR IA 14 127.30 56.25 -26.73
C THR IA 14 126.07 56.51 -25.88
N ARG IA 15 125.33 55.43 -25.59
CA ARG IA 15 124.19 55.47 -24.69
C ARG IA 15 124.66 55.12 -23.29
N GLU IA 16 124.10 55.80 -22.28
CA GLU IA 16 124.56 55.64 -20.90
C GLU IA 16 123.39 55.34 -19.99
N TYR IA 17 123.32 54.12 -19.49
CA TYR IA 17 122.23 53.65 -18.65
C TYR IA 17 122.70 53.53 -17.21
N ALA IA 18 121.77 53.80 -16.29
CA ALA IA 18 121.99 53.69 -14.85
C ALA IA 18 121.04 52.66 -14.26
N VAL IA 19 121.52 51.91 -13.27
CA VAL IA 19 120.69 50.91 -12.61
C VAL IA 19 119.52 51.61 -11.93
N SER IA 20 118.31 51.14 -12.24
CA SER IA 20 117.09 51.71 -11.67
C SER IA 20 116.35 50.79 -10.72
N GLU IA 21 116.43 49.47 -10.89
CA GLU IA 21 115.99 48.60 -9.81
C GLU IA 21 116.59 47.21 -9.96
N GLN IA 22 116.78 46.55 -8.82
CA GLN IA 22 117.29 45.18 -8.76
C GLN IA 22 116.42 44.39 -7.80
N GLN IA 23 115.76 43.37 -8.32
CA GLN IA 23 114.98 42.44 -7.50
C GLN IA 23 115.72 41.11 -7.46
N GLY IA 24 115.01 40.06 -7.08
CA GLY IA 24 115.62 38.75 -7.03
C GLY IA 24 116.05 38.31 -8.42
N THR IA 25 115.10 38.21 -9.34
CA THR IA 25 115.32 37.71 -10.68
C THR IA 25 115.13 38.77 -11.75
N LEU IA 26 114.95 40.03 -11.35
CA LEU IA 26 114.62 41.11 -12.28
C LEU IA 26 115.54 42.30 -12.03
N PHE IA 27 115.92 42.98 -13.10
CA PHE IA 27 116.64 44.24 -13.01
C PHE IA 27 116.17 45.19 -14.11
N ARG IA 28 116.48 46.46 -13.90
CA ARG IA 28 116.03 47.52 -14.80
C ARG IA 28 117.05 48.65 -14.80
N PHE IA 29 117.51 49.00 -16.00
CA PHE IA 29 118.34 50.16 -16.29
C PHE IA 29 117.51 51.25 -16.95
N VAL IA 30 118.06 52.47 -16.91
CA VAL IA 30 117.36 53.65 -17.37
C VAL IA 30 118.35 54.57 -18.08
N ASP IA 31 117.92 55.13 -19.22
CA ASP IA 31 118.80 56.04 -19.98
C ASP IA 31 119.08 57.30 -19.17
N LYS IA 32 120.36 57.53 -18.87
CA LYS IA 32 120.74 58.68 -18.05
C LYS IA 32 120.35 59.99 -18.70
N SER IA 33 120.34 60.02 -20.04
CA SER IA 33 120.05 61.23 -20.80
C SER IA 33 118.59 61.65 -20.74
N GLY IA 34 117.77 60.98 -19.93
CA GLY IA 34 116.35 61.31 -19.87
C GLY IA 34 116.11 62.52 -19.00
N THR IA 35 115.25 63.42 -19.48
CA THR IA 35 114.86 64.61 -18.73
C THR IA 35 113.54 64.42 -17.99
N VAL IA 36 112.61 63.69 -18.60
CA VAL IA 36 111.31 63.43 -18.00
C VAL IA 36 111.11 61.92 -18.00
N ALA IA 37 110.18 61.47 -17.15
CA ALA IA 37 109.82 60.06 -17.12
C ALA IA 37 109.45 59.55 -18.51
N ASN IA 38 108.55 60.27 -19.20
CA ASN IA 38 108.14 59.86 -20.54
C ASN IA 38 109.26 60.03 -21.55
N ASN IA 39 110.13 61.03 -21.35
CA ASN IA 39 111.31 61.19 -22.20
C ASN IA 39 112.25 59.98 -22.10
N THR IA 40 112.24 59.29 -20.98
CA THR IA 40 113.32 58.40 -20.58
C THR IA 40 113.15 56.99 -21.15
N GLY IA 41 114.16 56.53 -21.89
CA GLY IA 41 114.18 55.13 -22.32
C GLY IA 41 114.59 54.20 -21.19
N VAL IA 42 114.18 52.94 -21.31
CA VAL IA 42 114.41 51.97 -20.25
C VAL IA 42 114.72 50.61 -20.84
N PHE IA 43 115.34 49.77 -20.01
CA PHE IA 43 115.65 48.39 -20.38
C PHE IA 43 115.49 47.52 -19.15
N SER IA 44 114.75 46.43 -19.29
CA SER IA 44 114.44 45.56 -18.18
C SER IA 44 114.64 44.10 -18.58
N LEU IA 45 115.05 43.28 -17.61
CA LEU IA 45 115.28 41.86 -17.84
C LEU IA 45 114.82 41.08 -16.63
N GLU IA 46 114.21 39.91 -16.88
CA GLU IA 46 113.67 39.05 -15.83
C GLU IA 46 113.86 37.60 -16.23
N GLN IA 47 114.32 36.79 -15.29
CA GLN IA 47 114.42 35.35 -15.50
C GLN IA 47 113.36 34.63 -14.69
N ARG IA 48 112.71 33.65 -15.32
CA ARG IA 48 111.70 32.80 -14.70
C ARG IA 48 112.21 31.37 -14.83
N PHE IA 49 112.77 30.88 -13.73
CA PHE IA 49 113.27 29.52 -13.64
C PHE IA 49 112.09 28.60 -13.33
N GLY IA 50 111.88 27.59 -14.18
CA GLY IA 50 110.76 26.69 -14.02
C GLY IA 50 111.10 25.46 -13.19
N ALA IA 51 110.15 24.52 -13.15
CA ALA IA 51 110.41 23.22 -12.55
C ALA IA 51 111.40 22.45 -13.43
N ALA IA 52 111.78 21.25 -12.97
CA ALA IA 52 112.80 20.48 -13.69
C ALA IA 52 112.29 20.01 -15.04
N ASN IA 53 110.98 19.84 -15.19
CA ASN IA 53 110.40 19.50 -16.49
C ASN IA 53 110.20 20.73 -17.37
N SER IA 54 110.33 21.92 -16.82
CA SER IA 54 110.13 23.15 -17.57
C SER IA 54 111.45 23.66 -18.14
N ASN IA 55 111.33 24.64 -19.03
CA ASN IA 55 112.47 25.40 -19.53
C ASN IA 55 112.53 26.71 -18.77
N ARG IA 56 113.73 27.16 -18.41
CA ARG IA 56 113.83 28.49 -17.86
C ARG IA 56 113.66 29.50 -18.99
N LYS IA 57 113.07 30.64 -18.66
CA LYS IA 57 112.79 31.67 -19.65
C LYS IA 57 113.40 32.99 -19.20
N VAL IA 58 114.07 33.68 -20.11
CA VAL IA 58 114.62 35.01 -19.81
C VAL IA 58 113.98 35.98 -20.79
N THR IA 59 113.45 37.08 -20.27
CA THR IA 59 112.78 38.07 -21.09
C THR IA 59 113.40 39.44 -20.88
N MET IA 60 113.48 40.21 -21.96
CA MET IA 60 114.00 41.56 -21.95
C MET IA 60 113.06 42.46 -22.71
N LEU IA 61 112.88 43.67 -22.17
CA LEU IA 61 112.11 44.73 -22.82
C LEU IA 61 112.95 45.99 -22.90
N LEU IA 62 113.06 46.52 -24.11
CA LEU IA 62 113.76 47.77 -24.40
C LEU IA 62 112.75 48.77 -24.93
N THR IA 63 112.62 49.91 -24.26
CA THR IA 63 111.66 50.95 -24.62
C THR IA 63 112.41 52.24 -24.93
N ASP IA 64 112.18 52.78 -26.14
CA ASP IA 64 112.84 54.01 -26.59
C ASP IA 64 111.78 55.00 -27.05
N PRO IA 65 111.36 55.91 -26.17
CA PRO IA 65 110.43 56.96 -26.57
C PRO IA 65 111.14 58.13 -27.25
N VAL IA 66 110.38 58.83 -28.10
CA VAL IA 66 110.86 59.99 -28.84
C VAL IA 66 109.73 61.04 -28.86
N VAL IA 67 110.12 62.32 -28.92
CA VAL IA 67 109.14 63.40 -28.97
C VAL IA 67 108.85 63.79 -30.41
N VAL IA 68 107.57 63.82 -30.77
CA VAL IA 68 107.12 64.22 -32.10
C VAL IA 68 106.18 65.42 -32.00
N MET IA 76 103.71 65.52 -28.50
CA MET IA 76 103.44 64.12 -28.18
C MET IA 76 104.72 63.27 -28.15
N THR IA 77 104.76 62.29 -27.25
CA THR IA 77 105.87 61.34 -27.17
C THR IA 77 105.39 59.95 -27.54
N ILE IA 78 106.13 59.30 -28.43
CA ILE IA 78 105.78 58.03 -29.03
C ILE IA 78 106.81 56.99 -28.61
N LYS IA 79 106.35 55.82 -28.19
CA LYS IA 79 107.23 54.78 -27.65
C LYS IA 79 107.28 53.58 -28.59
N ALA IA 80 108.50 53.07 -28.81
CA ALA IA 80 108.72 51.85 -29.58
C ALA IA 80 109.43 50.82 -28.72
N ASN IA 81 109.04 49.55 -28.89
CA ASN IA 81 109.49 48.48 -28.01
C ASN IA 81 110.21 47.40 -28.79
N ALA IA 82 111.27 46.87 -28.20
CA ALA IA 82 111.86 45.61 -28.64
C ALA IA 82 111.81 44.65 -27.46
N SER IA 83 111.42 43.41 -27.72
CA SER IA 83 111.32 42.43 -26.65
C SER IA 83 111.96 41.13 -27.11
N VAL IA 84 112.90 40.63 -26.31
CA VAL IA 84 113.59 39.38 -26.60
C VAL IA 84 113.20 38.37 -25.52
N THR IA 85 113.06 37.12 -25.91
CA THR IA 85 112.74 36.04 -24.98
C THR IA 85 113.54 34.80 -25.36
N PHE IA 86 114.32 34.30 -24.40
CA PHE IA 86 115.13 33.09 -24.54
C PHE IA 86 114.45 31.97 -23.79
N SER IA 87 114.03 30.93 -24.50
CA SER IA 87 113.49 29.72 -23.90
C SER IA 87 114.59 28.66 -23.94
N LEU IA 88 115.09 28.30 -22.76
CA LEU IA 88 116.28 27.46 -22.62
C LEU IA 88 115.95 26.25 -21.77
N PRO IA 89 115.94 25.06 -22.34
CA PRO IA 89 115.78 23.84 -21.53
C PRO IA 89 117.01 23.63 -20.66
N LYS IA 90 116.78 23.01 -19.50
CA LYS IA 90 117.86 22.90 -18.52
C LYS IA 90 118.95 21.95 -19.01
N THR IA 91 118.56 20.84 -19.65
CA THR IA 91 119.54 19.90 -20.17
C THR IA 91 120.40 20.50 -21.29
N TYR IA 92 119.95 21.60 -21.88
CA TYR IA 92 120.68 22.23 -22.99
C TYR IA 92 121.98 22.84 -22.47
N PRO IA 93 123.11 22.69 -23.18
CA PRO IA 93 124.40 23.08 -22.61
C PRO IA 93 124.69 24.58 -22.69
N ASN IA 94 125.27 25.09 -21.60
CA ASN IA 94 125.53 26.51 -21.48
C ASN IA 94 126.37 27.04 -22.63
N GLU IA 95 127.31 26.24 -23.14
CA GLU IA 95 128.13 26.67 -24.25
C GLU IA 95 127.28 26.97 -25.48
N HIS IA 96 126.39 26.05 -25.86
CA HIS IA 96 125.51 26.29 -27.00
C HIS IA 96 124.53 27.43 -26.74
N ILE IA 97 124.20 27.73 -25.48
CA ILE IA 97 123.40 28.93 -25.20
C ILE IA 97 124.18 30.20 -25.55
N THR IA 98 125.44 30.28 -25.10
CA THR IA 98 126.26 31.44 -25.46
C THR IA 98 126.32 31.58 -26.98
N LYS IA 99 126.47 30.45 -27.68
CA LYS IA 99 126.43 30.45 -29.14
C LYS IA 99 125.13 31.07 -29.66
N LEU IA 100 124.00 30.60 -29.16
CA LEU IA 100 122.71 31.11 -29.62
C LEU IA 100 122.61 32.62 -29.47
N ARG IA 101 122.98 33.13 -28.29
CA ARG IA 101 122.92 34.57 -28.06
C ARG IA 101 123.78 35.33 -29.08
N GLN IA 102 125.02 34.85 -29.30
CA GLN IA 102 125.90 35.56 -30.22
C GLN IA 102 125.35 35.55 -31.64
N THR IA 103 124.78 34.42 -32.08
CA THR IA 103 124.23 34.37 -33.43
C THR IA 103 123.00 35.27 -33.57
N LEU IA 104 122.22 35.44 -32.50
CA LEU IA 104 121.13 36.41 -32.57
C LEU IA 104 121.66 37.81 -32.75
N ILE IA 105 122.72 38.17 -32.04
CA ILE IA 105 123.36 39.47 -32.26
C ILE IA 105 123.76 39.63 -33.72
N ALA IA 106 124.44 38.60 -34.26
CA ALA IA 106 124.88 38.66 -35.66
C ALA IA 106 123.71 38.85 -36.60
N TRP IA 107 122.61 38.13 -36.36
CA TRP IA 107 121.44 38.25 -37.22
C TRP IA 107 120.87 39.66 -37.17
N LEU IA 108 120.70 40.21 -35.96
CA LEU IA 108 120.22 41.57 -35.80
C LEU IA 108 121.12 42.59 -36.48
N GLY IA 109 122.36 42.23 -36.77
CA GLY IA 109 123.22 43.06 -37.58
C GLY IA 109 122.87 43.13 -39.07
N GLN IA 110 122.33 42.06 -39.62
CA GLN IA 110 122.25 41.87 -41.06
C GLN IA 110 121.23 42.78 -41.73
N GLN IA 111 121.41 42.98 -43.04
CA GLN IA 111 120.52 43.82 -43.80
C GLN IA 111 119.12 43.22 -43.90
N CYS IA 112 119.05 41.91 -44.11
CA CYS IA 112 117.74 41.27 -44.23
C CYS IA 112 116.88 41.45 -42.99
N VAL IA 113 117.50 41.80 -41.87
CA VAL IA 113 116.78 42.13 -40.65
C VAL IA 113 116.57 43.64 -40.49
N SER IA 114 117.59 44.43 -40.84
CA SER IA 114 117.47 45.88 -40.65
C SER IA 114 116.43 46.48 -41.59
N ASP IA 115 116.38 46.03 -42.85
CA ASP IA 115 115.46 46.60 -43.81
C ASP IA 115 113.99 46.54 -43.36
N PRO IA 116 113.49 45.39 -42.89
CA PRO IA 116 112.10 45.42 -42.37
C PRO IA 116 111.97 46.14 -41.05
N VAL IA 117 112.89 45.92 -40.10
CA VAL IA 117 112.80 46.59 -38.81
C VAL IA 117 112.93 48.10 -38.98
N ASP IA 118 114.05 48.55 -39.55
CA ASP IA 118 114.33 49.98 -39.59
C ASP IA 118 113.33 50.74 -40.45
N SER IA 119 113.17 50.32 -41.71
CA SER IA 119 112.38 51.10 -42.66
C SER IA 119 111.13 50.40 -43.18
N GLY IA 120 110.93 49.13 -42.88
CA GLY IA 120 109.75 48.42 -43.32
C GLY IA 120 109.86 47.75 -44.67
N LEU IA 121 111.04 47.73 -45.29
CA LEU IA 121 111.23 47.02 -46.54
C LEU IA 121 111.27 45.53 -46.26
N ASN IA 122 110.39 44.77 -46.92
CA ASN IA 122 110.52 43.32 -46.86
C ASN IA 122 111.55 42.84 -47.86
N ASN IA 123 112.02 41.62 -47.65
CA ASN IA 123 113.01 41.05 -48.54
C ASN IA 123 112.33 40.30 -49.67
N TYR IA 124 112.97 40.34 -50.84
CA TYR IA 124 112.38 39.79 -52.03
C TYR IA 124 113.41 39.05 -52.85
N MET JA 1 124.24 43.27 5.90
CA MET JA 1 125.49 43.09 5.16
C MET JA 1 125.27 43.32 3.68
N ARG JA 2 126.23 43.96 3.02
CA ARG JA 2 126.23 44.07 1.56
C ARG JA 2 126.60 42.73 0.95
N LEU JA 3 125.63 42.04 0.38
CA LEU JA 3 125.85 40.68 -0.09
C LEU JA 3 126.82 40.68 -1.25
N THR JA 4 127.83 39.82 -1.15
CA THR JA 4 128.72 39.52 -2.26
C THR JA 4 129.09 38.04 -2.18
N ASP JA 5 129.65 37.54 -3.29
CA ASP JA 5 130.05 36.14 -3.38
C ASP JA 5 130.96 35.81 -2.19
N VAL JA 6 130.89 34.56 -1.73
CA VAL JA 6 131.71 34.13 -0.61
C VAL JA 6 132.44 32.84 -0.97
N ASP JA 7 133.55 32.61 -0.29
CA ASP JA 7 134.30 31.38 -0.37
C ASP JA 7 134.42 30.81 1.03
N LEU JA 8 134.10 29.53 1.18
CA LEU JA 8 134.07 28.85 2.46
C LEU JA 8 135.24 27.89 2.57
N THR JA 9 135.83 27.84 3.75
CA THR JA 9 136.87 26.88 4.06
C THR JA 9 136.20 25.65 4.65
N VAL JA 10 136.30 24.51 3.94
CA VAL JA 10 135.58 23.30 4.30
C VAL JA 10 136.60 22.19 4.48
N GLY JA 11 136.95 21.91 5.73
CA GLY JA 11 138.00 20.94 6.00
C GLY JA 11 139.29 21.35 5.31
N GLU JA 12 139.70 20.58 4.31
CA GLU JA 12 140.92 20.86 3.58
C GLU JA 12 140.66 21.21 2.12
N GLU JA 13 139.46 21.71 1.82
CA GLU JA 13 139.13 22.19 0.49
C GLU JA 13 138.50 23.56 0.60
N THR JA 14 138.39 24.23 -0.54
CA THR JA 14 137.75 25.54 -0.59
C THR JA 14 136.54 25.47 -1.50
N ARG JA 15 135.40 25.94 -1.00
CA ARG JA 15 134.12 25.88 -1.68
C ARG JA 15 133.73 27.29 -2.08
N GLU JA 16 133.43 27.50 -3.36
CA GLU JA 16 133.18 28.83 -3.88
C GLU JA 16 131.72 28.98 -4.25
N TYR JA 17 131.01 29.88 -3.58
CA TYR JA 17 129.63 30.18 -3.91
C TYR JA 17 129.55 31.55 -4.57
N ALA JA 18 128.46 31.75 -5.31
CA ALA JA 18 128.17 33.02 -5.97
C ALA JA 18 126.71 33.39 -5.73
N VAL JA 19 126.46 34.69 -5.55
CA VAL JA 19 125.11 35.15 -5.29
C VAL JA 19 124.25 34.84 -6.49
N SER JA 20 123.15 34.10 -6.27
CA SER JA 20 122.21 33.77 -7.32
C SER JA 20 120.91 34.57 -7.26
N GLU JA 21 120.50 35.03 -6.08
CA GLU JA 21 119.44 36.04 -6.02
C GLU JA 21 119.44 36.69 -4.65
N GLN JA 22 119.00 37.95 -4.61
CA GLN JA 22 118.85 38.67 -3.36
C GLN JA 22 117.52 39.41 -3.36
N GLN JA 23 116.66 39.08 -2.40
CA GLN JA 23 115.38 39.74 -2.17
C GLN JA 23 115.42 40.43 -0.82
N GLY JA 24 114.27 41.01 -0.45
CA GLY JA 24 114.23 41.81 0.77
C GLY JA 24 114.55 41.01 2.00
N THR JA 25 113.92 39.84 2.14
CA THR JA 25 114.10 38.97 3.30
C THR JA 25 114.72 37.63 2.94
N LEU JA 26 115.12 37.43 1.69
CA LEU JA 26 115.61 36.15 1.20
C LEU JA 26 116.85 36.36 0.34
N PHE JA 27 117.76 35.39 0.38
CA PHE JA 27 118.89 35.36 -0.54
C PHE JA 27 119.27 33.91 -0.84
N ARG JA 28 119.97 33.75 -1.96
CA ARG JA 28 120.36 32.44 -2.46
C ARG JA 28 121.73 32.51 -3.12
N PHE JA 29 122.61 31.62 -2.70
CA PHE JA 29 123.92 31.36 -3.29
C PHE JA 29 123.91 30.02 -4.03
N VAL JA 30 124.79 29.91 -5.03
CA VAL JA 30 124.96 28.70 -5.83
C VAL JA 30 126.45 28.35 -5.88
N ASP JA 31 126.76 27.04 -5.80
CA ASP JA 31 128.14 26.58 -5.89
C ASP JA 31 128.68 26.85 -7.29
N LYS JA 32 129.81 27.57 -7.36
CA LYS JA 32 130.37 28.00 -8.64
C LYS JA 32 130.81 26.82 -9.53
N SER JA 33 130.95 25.63 -8.97
CA SER JA 33 131.37 24.47 -9.73
C SER JA 33 130.24 23.81 -10.52
N GLY JA 34 129.08 24.46 -10.64
CA GLY JA 34 127.89 23.81 -11.14
C GLY JA 34 127.29 24.49 -12.37
N THR JA 35 126.34 23.78 -12.99
CA THR JA 35 125.59 24.20 -14.15
C THR JA 35 124.10 24.11 -13.85
N VAL JA 36 123.27 24.78 -14.64
CA VAL JA 36 121.84 24.50 -14.57
C VAL JA 36 121.59 23.02 -14.81
N ALA JA 37 122.31 22.44 -15.78
CA ALA JA 37 122.12 21.03 -16.09
C ALA JA 37 122.61 20.15 -14.95
N ASN JA 38 123.83 20.37 -14.48
CA ASN JA 38 124.38 19.60 -13.38
C ASN JA 38 124.68 20.55 -12.21
N ASN JA 39 123.74 20.63 -11.27
CA ASN JA 39 123.93 21.48 -10.11
C ASN JA 39 124.73 20.74 -9.04
N THR JA 40 125.50 21.52 -8.28
CA THR JA 40 126.44 20.96 -7.32
C THR JA 40 126.21 21.44 -5.90
N GLY JA 41 125.41 22.49 -5.69
CA GLY JA 41 125.16 22.97 -4.35
C GLY JA 41 124.39 24.27 -4.35
N VAL JA 42 123.48 24.43 -3.40
CA VAL JA 42 122.74 25.67 -3.25
C VAL JA 42 122.59 25.95 -1.76
N PHE JA 43 122.55 27.24 -1.43
CA PHE JA 43 122.28 27.69 -0.07
C PHE JA 43 121.28 28.83 -0.14
N SER JA 44 120.29 28.80 0.75
CA SER JA 44 119.27 29.82 0.75
C SER JA 44 118.91 30.16 2.19
N LEU JA 45 118.57 31.43 2.42
CA LEU JA 45 118.20 31.89 3.77
C LEU JA 45 117.08 32.91 3.66
N GLU JA 46 116.13 32.82 4.58
CA GLU JA 46 114.97 33.71 4.62
C GLU JA 46 114.65 34.06 6.07
N GLN JA 47 114.33 35.33 6.31
CA GLN JA 47 113.84 35.75 7.62
C GLN JA 47 112.38 36.14 7.51
N ARG JA 48 111.55 35.55 8.37
CA ARG JA 48 110.18 35.98 8.59
C ARG JA 48 110.18 36.71 9.93
N PHE JA 49 110.30 38.03 9.85
CA PHE JA 49 110.15 38.87 11.03
C PHE JA 49 108.68 38.84 11.44
N GLY JA 50 108.41 38.29 12.62
CA GLY JA 50 107.04 38.04 13.01
C GLY JA 50 106.29 39.28 13.45
N ALA JA 51 105.01 39.07 13.74
CA ALA JA 51 104.21 40.11 14.37
C ALA JA 51 104.81 40.49 15.72
N ALA JA 52 104.37 41.64 16.24
CA ALA JA 52 104.98 42.19 17.45
C ALA JA 52 104.87 41.24 18.64
N ASN JA 53 103.87 40.34 18.63
CA ASN JA 53 103.73 39.36 19.69
C ASN JA 53 104.58 38.11 19.45
N SER JA 54 104.81 37.76 18.18
CA SER JA 54 105.45 36.50 17.84
C SER JA 54 106.97 36.64 17.81
N ASN JA 55 107.64 35.49 17.77
CA ASN JA 55 109.06 35.43 17.54
C ASN JA 55 109.37 35.60 16.07
N ARG JA 56 110.57 36.09 15.77
CA ARG JA 56 111.01 36.10 14.40
C ARG JA 56 111.74 34.80 14.09
N LYS JA 57 111.62 34.36 12.84
CA LYS JA 57 112.18 33.08 12.41
C LYS JA 57 113.19 33.34 11.29
N VAL JA 58 114.30 32.62 11.34
CA VAL JA 58 115.28 32.62 10.27
C VAL JA 58 115.50 31.18 9.85
N THR JA 59 115.38 30.91 8.56
CA THR JA 59 115.51 29.55 8.06
C THR JA 59 116.56 29.51 6.96
N MET JA 60 117.33 28.42 6.96
CA MET JA 60 118.38 28.17 5.97
C MET JA 60 118.22 26.76 5.44
N LEU JA 61 118.43 26.64 4.12
CA LEU JA 61 118.46 25.35 3.45
C LEU JA 61 119.74 25.23 2.65
N LEU JA 62 120.50 24.17 2.92
CA LEU JA 62 121.70 23.81 2.19
C LEU JA 62 121.43 22.50 1.47
N THR JA 63 121.61 22.49 0.15
CA THR JA 63 121.36 21.31 -0.65
C THR JA 63 122.60 20.95 -1.44
N ASP JA 64 123.07 19.71 -1.27
CA ASP JA 64 124.22 19.19 -2.00
C ASP JA 64 123.75 17.99 -2.81
N PRO JA 65 123.66 18.13 -4.12
CA PRO JA 65 123.37 16.99 -4.98
C PRO JA 65 124.63 16.33 -5.51
N VAL JA 66 124.54 15.01 -5.67
CA VAL JA 66 125.64 14.17 -6.15
C VAL JA 66 125.08 13.19 -7.18
N VAL JA 67 125.88 12.91 -8.19
CA VAL JA 67 125.51 11.89 -9.17
C VAL JA 67 125.97 10.54 -8.65
N VAL JA 68 125.11 9.53 -8.82
CA VAL JA 68 125.37 8.16 -8.37
C VAL JA 68 124.93 7.22 -9.45
N LYS JA 69 125.74 6.20 -9.73
CA LYS JA 69 125.35 5.17 -10.67
C LYS JA 69 124.23 4.33 -10.07
N ASP JA 70 123.33 3.88 -10.92
CA ASP JA 70 122.18 3.08 -10.51
C ASP JA 70 122.51 1.59 -10.62
N ALA JA 71 121.68 0.77 -9.98
CA ALA JA 71 121.80 -0.68 -10.18
C ALA JA 71 121.62 -1.04 -11.65
N SER JA 72 120.77 -0.30 -12.36
CA SER JA 72 120.63 -0.44 -13.81
C SER JA 72 121.79 0.18 -14.59
N GLY JA 73 122.73 0.82 -13.90
CA GLY JA 73 123.81 1.53 -14.55
C GLY JA 73 123.51 2.98 -14.87
N ALA JA 74 122.23 3.32 -15.04
CA ALA JA 74 121.84 4.69 -15.38
C ALA JA 74 122.35 5.68 -14.34
N ASP JA 75 122.66 6.89 -14.81
CA ASP JA 75 123.13 7.93 -13.92
C ASP JA 75 121.94 8.62 -13.24
N MET JA 76 122.03 8.81 -11.92
CA MET JA 76 120.93 9.26 -11.10
C MET JA 76 121.42 10.34 -10.16
N THR JA 77 120.76 11.49 -10.16
CA THR JA 77 121.16 12.61 -9.30
C THR JA 77 120.37 12.58 -8.01
N ILE JA 78 121.09 12.64 -6.88
CA ILE JA 78 120.52 12.47 -5.55
C ILE JA 78 120.90 13.67 -4.70
N LYS JA 79 119.93 14.22 -3.98
CA LYS JA 79 120.15 15.41 -3.16
C LYS JA 79 120.12 15.03 -1.68
N ALA JA 80 121.03 15.64 -0.90
CA ALA JA 80 121.02 15.60 0.55
C ALA JA 80 120.80 17.01 1.08
N ASN JA 81 119.97 17.15 2.11
CA ASN JA 81 119.58 18.47 2.57
C ASN JA 81 119.93 18.65 4.04
N ALA JA 82 120.28 19.89 4.38
CA ALA JA 82 120.42 20.32 5.76
C ALA JA 82 119.61 21.59 5.91
N SER JA 83 118.81 21.67 6.98
CA SER JA 83 117.98 22.84 7.20
C SER JA 83 118.12 23.30 8.64
N VAL JA 84 118.37 24.60 8.82
CA VAL JA 84 118.53 25.19 10.14
C VAL JA 84 117.44 26.24 10.31
N THR JA 85 116.87 26.31 11.51
CA THR JA 85 115.84 27.30 11.82
C THR JA 85 116.09 27.89 13.20
N PHE JA 86 116.21 29.21 13.26
CA PHE JA 86 116.38 29.97 14.49
C PHE JA 86 115.04 30.61 14.83
N SER JA 87 114.48 30.25 15.98
CA SER JA 87 113.31 30.93 16.53
C SER JA 87 113.82 31.84 17.63
N LEU JA 88 113.71 33.14 17.39
CA LEU JA 88 114.29 34.16 18.26
C LEU JA 88 113.20 35.12 18.70
N PRO JA 89 112.82 35.08 19.98
CA PRO JA 89 111.86 36.06 20.50
C PRO JA 89 112.45 37.46 20.49
N LYS JA 90 111.56 38.45 20.38
CA LYS JA 90 112.02 39.83 20.27
C LYS JA 90 112.77 40.27 21.53
N THR JA 91 112.24 39.92 22.71
CA THR JA 91 112.84 40.35 23.97
C THR JA 91 114.18 39.67 24.24
N TYR JA 92 114.53 38.64 23.49
CA TYR JA 92 115.79 37.95 23.67
C TYR JA 92 116.94 38.84 23.20
N PRO JA 93 118.04 38.96 23.96
CA PRO JA 93 119.09 39.92 23.60
C PRO JA 93 120.01 39.43 22.48
N ASN JA 94 120.35 40.36 21.59
CA ASN JA 94 121.18 40.03 20.43
C ASN JA 94 122.48 39.33 20.84
N GLU JA 95 123.02 39.69 22.00
CA GLU JA 95 124.25 39.06 22.48
C GLU JA 95 124.06 37.56 22.66
N HIS JA 96 123.07 37.16 23.45
CA HIS JA 96 122.82 35.73 23.66
C HIS JA 96 122.41 35.03 22.37
N ILE JA 97 121.84 35.75 21.40
CA ILE JA 97 121.60 35.14 20.09
C ILE JA 97 122.93 34.72 19.42
N THR JA 98 123.89 35.65 19.36
CA THR JA 98 125.20 35.30 18.78
C THR JA 98 125.80 34.12 19.53
N LYS JA 99 125.65 34.11 20.87
CA LYS JA 99 126.09 32.97 21.67
C LYS JA 99 125.47 31.67 21.18
N LEU JA 100 124.15 31.68 21.00
CA LEU JA 100 123.44 30.49 20.51
C LEU JA 100 124.01 30.01 19.18
N ARG JA 101 124.17 30.93 18.22
CA ARG JA 101 124.68 30.53 16.91
C ARG JA 101 126.06 29.90 17.02
N GLN JA 102 126.94 30.50 17.81
CA GLN JA 102 128.29 29.96 17.92
C GLN JA 102 128.30 28.60 18.60
N THR JA 103 127.50 28.41 19.66
CA THR JA 103 127.43 27.09 20.28
C THR JA 103 126.88 26.06 19.32
N LEU JA 104 125.98 26.45 18.41
CA LEU JA 104 125.50 25.49 17.41
C LEU JA 104 126.61 25.08 16.46
N ILE JA 105 127.43 26.05 16.02
CA ILE JA 105 128.58 25.70 15.20
C ILE JA 105 129.48 24.71 15.92
N ALA JA 106 129.76 25.00 17.20
CA ALA JA 106 130.61 24.12 18.00
C ALA JA 106 130.04 22.71 18.06
N TRP JA 107 128.74 22.61 18.33
CA TRP JA 107 128.10 21.29 18.40
C TRP JA 107 128.22 20.56 17.09
N LEU JA 108 127.95 21.25 15.97
CA LEU JA 108 128.02 20.64 14.66
C LEU JA 108 129.40 20.11 14.34
N GLY JA 109 130.43 20.68 14.98
CA GLY JA 109 131.78 20.15 14.85
C GLY JA 109 132.05 18.86 15.60
N GLN JA 110 131.29 18.61 16.67
CA GLN JA 110 131.59 17.55 17.61
C GLN JA 110 131.40 16.17 16.99
N GLN JA 111 132.10 15.18 17.57
CA GLN JA 111 131.98 13.82 17.05
C GLN JA 111 130.64 13.19 17.40
N CYS JA 112 130.08 13.52 18.58
CA CYS JA 112 128.77 12.97 18.93
C CYS JA 112 127.68 13.42 17.96
N VAL JA 113 127.91 14.51 17.24
CA VAL JA 113 127.00 14.97 16.21
C VAL JA 113 127.39 14.43 14.84
N SER JA 114 128.70 14.39 14.55
CA SER JA 114 129.13 13.97 13.20
C SER JA 114 128.89 12.49 12.98
N ASP JA 115 129.16 11.65 13.98
CA ASP JA 115 129.01 10.21 13.80
C ASP JA 115 127.61 9.80 13.36
N PRO JA 116 126.52 10.24 13.98
CA PRO JA 116 125.20 9.88 13.45
C PRO JA 116 124.88 10.57 12.12
N VAL JA 117 125.23 11.85 11.98
CA VAL JA 117 124.96 12.55 10.73
C VAL JA 117 125.76 11.95 9.58
N ASP JA 118 127.08 11.83 9.75
CA ASP JA 118 127.93 11.42 8.63
C ASP JA 118 127.77 9.94 8.30
N SER JA 119 127.78 9.08 9.33
CA SER JA 119 127.88 7.65 9.10
C SER JA 119 126.64 6.86 9.53
N GLY JA 120 125.66 7.51 10.16
CA GLY JA 120 124.47 6.81 10.58
C GLY JA 120 124.62 5.96 11.82
N LEU JA 121 125.74 6.06 12.53
CA LEU JA 121 125.93 5.33 13.76
C LEU JA 121 125.45 6.17 14.95
N ASN JA 122 124.66 5.55 15.82
CA ASN JA 122 124.20 6.25 17.00
C ASN JA 122 125.27 6.21 18.09
N ASN JA 123 125.09 7.08 19.08
CA ASN JA 123 126.03 7.14 20.19
C ASN JA 123 125.59 6.19 21.30
N TYR JA 124 126.52 5.93 22.23
CA TYR JA 124 126.30 4.97 23.32
C TYR JA 124 127.10 5.33 24.59
N MET KA 1 -76.88 26.22 104.75
CA MET KA 1 -77.38 25.61 105.98
C MET KA 1 -76.34 24.69 106.60
N ARG KA 2 -76.19 24.75 107.93
CA ARG KA 2 -75.35 23.80 108.63
C ARG KA 2 -75.96 22.41 108.52
N LEU KA 3 -75.26 21.51 107.85
CA LEU KA 3 -75.80 20.19 107.54
C LEU KA 3 -76.04 19.38 108.80
N THR KA 4 -77.13 18.63 108.79
CA THR KA 4 -77.46 17.69 109.84
C THR KA 4 -78.08 16.48 109.19
N ASP KA 5 -78.00 15.34 109.89
CA ASP KA 5 -78.69 14.14 109.41
C ASP KA 5 -80.15 14.48 109.13
N VAL KA 6 -80.74 13.78 108.17
CA VAL KA 6 -82.04 14.16 107.63
C VAL KA 6 -82.98 12.98 107.77
N ASP KA 7 -84.22 13.25 108.18
CA ASP KA 7 -85.25 12.24 108.24
C ASP KA 7 -86.39 12.68 107.33
N LEU KA 8 -86.71 11.86 106.34
CA LEU KA 8 -87.72 12.16 105.34
C LEU KA 8 -88.96 11.30 105.58
N THR KA 9 -90.12 11.90 105.43
CA THR KA 9 -91.37 11.17 105.46
C THR KA 9 -91.71 10.80 104.01
N VAL KA 10 -91.78 9.50 103.73
CA VAL KA 10 -91.93 8.99 102.38
C VAL KA 10 -93.18 8.11 102.34
N GLY KA 11 -94.25 8.65 101.75
CA GLY KA 11 -95.50 7.93 101.75
C GLY KA 11 -95.93 7.64 103.17
N GLU KA 12 -95.89 6.36 103.55
CA GLU KA 12 -96.30 5.97 104.88
C GLU KA 12 -95.16 5.34 105.67
N GLU KA 13 -93.93 5.62 105.26
CA GLU KA 13 -92.74 5.13 105.96
C GLU KA 13 -91.85 6.34 106.25
N THR KA 14 -90.83 6.14 107.07
CA THR KA 14 -89.85 7.18 107.36
C THR KA 14 -88.45 6.68 107.01
N ARG KA 15 -87.74 7.48 106.22
CA ARG KA 15 -86.43 7.15 105.70
C ARG KA 15 -85.40 8.06 106.35
N GLU KA 16 -84.31 7.47 106.86
CA GLU KA 16 -83.32 8.21 107.62
C GLU KA 16 -81.99 8.20 106.88
N TYR KA 17 -81.47 9.38 106.59
CA TYR KA 17 -80.20 9.59 105.92
C TYR KA 17 -79.22 10.26 106.89
N ALA KA 18 -77.94 9.98 106.66
CA ALA KA 18 -76.85 10.56 107.44
C ALA KA 18 -75.83 11.20 106.50
N VAL KA 19 -75.23 12.30 106.96
CA VAL KA 19 -74.24 13.01 106.16
C VAL KA 19 -73.04 12.12 105.95
N SER KA 20 -72.65 11.94 104.68
CA SER KA 20 -71.46 11.17 104.31
C SER KA 20 -70.27 12.03 103.92
N GLU KA 21 -70.47 13.11 103.17
CA GLU KA 21 -69.37 14.05 102.97
C GLU KA 21 -69.93 15.41 102.57
N GLN KA 22 -69.17 16.46 102.88
CA GLN KA 22 -69.54 17.81 102.51
C GLN KA 22 -68.32 18.55 102.00
N GLN KA 23 -68.42 19.06 100.78
CA GLN KA 23 -67.40 19.89 100.17
C GLN KA 23 -67.93 21.30 100.04
N GLY KA 24 -67.17 22.16 99.37
CA GLY KA 24 -67.57 23.54 99.25
C GLY KA 24 -68.89 23.70 98.53
N THR KA 25 -69.05 22.98 97.42
CA THR KA 25 -70.25 23.06 96.59
C THR KA 25 -70.90 21.70 96.39
N LEU KA 26 -70.57 20.71 97.22
CA LEU KA 26 -71.09 19.36 97.04
C LEU KA 26 -71.34 18.74 98.41
N PHE KA 27 -72.40 17.92 98.50
CA PHE KA 27 -72.62 17.10 99.68
C PHE KA 27 -73.26 15.78 99.29
N ARG KA 28 -73.15 14.82 100.21
CA ARG KA 28 -73.66 13.47 100.00
C ARG KA 28 -74.16 12.90 101.32
N PHE KA 29 -75.38 12.39 101.27
CA PHE KA 29 -76.04 11.61 102.32
C PHE KA 29 -76.12 10.14 101.93
N VAL KA 30 -76.16 9.28 102.95
CA VAL KA 30 -76.31 7.84 102.79
C VAL KA 30 -77.51 7.39 103.63
N ASP KA 31 -78.28 6.43 103.09
CA ASP KA 31 -79.40 5.84 103.82
C ASP KA 31 -78.87 5.03 105.00
N LYS KA 32 -79.34 5.36 106.21
CA LYS KA 32 -78.89 4.67 107.42
C LYS KA 32 -79.25 3.19 107.43
N SER KA 33 -80.11 2.75 106.50
CA SER KA 33 -80.46 1.34 106.41
C SER KA 33 -79.29 0.46 105.98
N GLY KA 34 -78.21 1.05 105.46
CA GLY KA 34 -77.20 0.31 104.75
C GLY KA 34 -75.81 0.41 105.36
N THR KA 35 -74.93 -0.44 104.84
CA THR KA 35 -73.51 -0.55 105.19
C THR KA 35 -72.66 -0.04 104.04
N VAL KA 36 -71.40 0.25 104.33
CA VAL KA 36 -70.40 0.32 103.28
C VAL KA 36 -70.52 -0.89 102.36
N ALA KA 37 -70.59 -2.08 102.96
CA ALA KA 37 -70.70 -3.31 102.18
C ALA KA 37 -71.98 -3.32 101.35
N ASN KA 38 -73.13 -3.29 102.03
CA ASN KA 38 -74.42 -3.31 101.34
C ASN KA 38 -75.08 -1.95 101.50
N ASN KA 39 -75.28 -1.26 100.38
CA ASN KA 39 -75.84 0.09 100.37
C ASN KA 39 -77.32 0.05 100.03
N THR KA 40 -78.10 0.86 100.75
CA THR KA 40 -79.54 0.94 100.53
C THR KA 40 -79.98 2.22 99.82
N GLY KA 41 -79.16 3.26 99.81
CA GLY KA 41 -79.56 4.49 99.15
C GLY KA 41 -78.53 5.59 99.28
N VAL KA 42 -78.44 6.46 98.27
CA VAL KA 42 -77.48 7.56 98.28
C VAL KA 42 -78.14 8.79 97.67
N PHE KA 43 -77.77 9.95 98.20
CA PHE KA 43 -78.21 11.22 97.65
C PHE KA 43 -77.02 12.17 97.59
N SER KA 44 -76.88 12.85 96.46
CA SER KA 44 -75.77 13.77 96.25
C SER KA 44 -76.28 15.03 95.56
N LEU KA 45 -75.69 16.17 95.93
CA LEU KA 45 -76.08 17.46 95.36
C LEU KA 45 -74.83 18.31 95.16
N GLU KA 46 -74.73 18.96 93.98
CA GLU KA 46 -73.60 19.81 93.63
C GLU KA 46 -74.08 21.06 92.90
N GLN KA 47 -73.52 22.21 93.25
CA GLN KA 47 -73.80 23.46 92.57
C GLN KA 47 -72.58 23.92 91.79
N ARG KA 48 -72.83 24.44 90.58
CA ARG KA 48 -71.81 24.95 89.68
C ARG KA 48 -72.20 26.38 89.30
N PHE KA 49 -71.56 27.33 89.97
CA PHE KA 49 -71.74 28.76 89.70
C PHE KA 49 -70.87 29.13 88.49
N GLY KA 50 -71.52 29.50 87.38
CA GLY KA 50 -70.80 29.84 86.17
C GLY KA 50 -70.33 31.28 86.16
N ALA KA 51 -69.91 31.74 84.98
CA ALA KA 51 -69.60 33.16 84.82
C ALA KA 51 -70.89 33.99 84.82
N ALA KA 52 -70.72 35.32 84.86
CA ALA KA 52 -71.88 36.20 84.97
C ALA KA 52 -72.79 36.12 83.75
N ASN KA 53 -72.28 35.67 82.60
CA ASN KA 53 -73.12 35.39 81.46
C ASN KA 53 -73.71 33.97 81.49
N SER KA 54 -73.19 33.11 82.35
CA SER KA 54 -73.65 31.73 82.44
C SER KA 54 -74.70 31.56 83.52
N ASN KA 55 -75.60 30.61 83.30
CA ASN KA 55 -76.56 30.23 84.34
C ASN KA 55 -75.85 29.34 85.36
N ARG KA 56 -76.13 29.59 86.64
CA ARG KA 56 -75.66 28.64 87.63
C ARG KA 56 -76.52 27.38 87.54
N LYS KA 57 -75.91 26.25 87.88
CA LYS KA 57 -76.56 24.97 87.72
C LYS KA 57 -76.47 24.18 89.01
N VAL KA 58 -77.51 23.40 89.29
CA VAL KA 58 -77.59 22.63 90.54
C VAL KA 58 -78.09 21.24 90.19
N THR KA 59 -77.32 20.22 90.56
CA THR KA 59 -77.66 18.86 90.14
C THR KA 59 -77.72 17.91 91.32
N MET KA 60 -78.74 17.05 91.31
CA MET KA 60 -79.00 16.07 92.35
C MET KA 60 -79.06 14.68 91.73
N LEU KA 61 -78.48 13.72 92.45
CA LEU KA 61 -78.57 12.31 92.08
C LEU KA 61 -79.05 11.51 93.28
N LEU KA 62 -80.15 10.78 93.09
CA LEU KA 62 -80.71 9.89 94.08
C LEU KA 62 -80.63 8.48 93.53
N THR KA 63 -79.93 7.60 94.25
CA THR KA 63 -79.74 6.22 93.83
C THR KA 63 -80.34 5.27 94.86
N ASP KA 64 -81.19 4.37 94.39
CA ASP KA 64 -81.84 3.35 95.23
C ASP KA 64 -81.49 1.98 94.68
N PRO KA 65 -80.59 1.26 95.34
CA PRO KA 65 -80.33 -0.13 94.96
C PRO KA 65 -81.21 -1.10 95.73
N VAL KA 66 -81.59 -2.17 95.04
CA VAL KA 66 -82.44 -3.23 95.59
C VAL KA 66 -81.82 -4.57 95.20
N VAL KA 67 -81.93 -5.54 96.09
CA VAL KA 67 -81.50 -6.89 95.78
C VAL KA 67 -82.67 -7.65 95.16
N VAL KA 68 -82.44 -8.27 94.01
CA VAL KA 68 -83.44 -9.01 93.26
C VAL KA 68 -82.93 -10.41 93.02
N LYS KA 69 -83.86 -11.36 92.92
CA LYS KA 69 -83.55 -12.73 92.59
C LYS KA 69 -83.14 -12.85 91.13
N ASP KA 70 -82.09 -13.62 90.88
CA ASP KA 70 -81.67 -13.91 89.53
C ASP KA 70 -82.63 -14.90 88.87
N ALA KA 71 -82.59 -14.97 87.53
CA ALA KA 71 -83.34 -16.00 86.83
C ALA KA 71 -82.86 -17.39 87.23
N SER KA 72 -81.57 -17.52 87.54
CA SER KA 72 -81.05 -18.75 88.13
C SER KA 72 -81.37 -18.86 89.61
N GLY KA 73 -81.54 -17.73 90.29
CA GLY KA 73 -81.82 -17.70 91.72
C GLY KA 73 -80.79 -16.96 92.54
N ALA KA 74 -79.64 -16.62 91.97
CA ALA KA 74 -78.60 -15.91 92.70
C ALA KA 74 -79.09 -14.53 93.17
N ASP KA 75 -78.39 -14.01 94.18
CA ASP KA 75 -78.67 -12.67 94.67
C ASP KA 75 -77.96 -11.64 93.81
N MET KA 76 -78.69 -10.65 93.32
CA MET KA 76 -78.12 -9.67 92.40
C MET KA 76 -78.59 -8.28 92.80
N THR KA 77 -77.70 -7.30 92.79
CA THR KA 77 -78.06 -5.94 93.19
C THR KA 77 -78.29 -5.07 91.96
N ILE KA 78 -79.40 -4.34 91.95
CA ILE KA 78 -79.85 -3.54 90.81
C ILE KA 78 -80.15 -2.14 91.33
N LYS KA 79 -79.60 -1.13 90.66
CA LYS KA 79 -79.79 0.25 91.06
C LYS KA 79 -80.79 0.94 90.13
N ALA KA 80 -81.57 1.85 90.71
CA ALA KA 80 -82.45 2.75 89.97
C ALA KA 80 -82.05 4.18 90.30
N ASN KA 81 -81.96 5.02 89.27
CA ASN KA 81 -81.41 6.36 89.43
C ASN KA 81 -82.47 7.40 89.12
N ALA KA 82 -82.43 8.51 89.84
CA ALA KA 82 -83.21 9.69 89.50
C ALA KA 82 -82.29 10.89 89.62
N SER KA 83 -82.33 11.77 88.63
CA SER KA 83 -81.43 12.93 88.63
C SER KA 83 -82.21 14.18 88.26
N VAL KA 84 -82.00 15.23 89.05
CA VAL KA 84 -82.64 16.52 88.82
C VAL KA 84 -81.55 17.54 88.52
N THR KA 85 -81.85 18.48 87.62
CA THR KA 85 -80.93 19.57 87.29
C THR KA 85 -81.71 20.86 87.16
N PHE KA 86 -81.34 21.85 87.97
CA PHE KA 86 -81.90 23.20 87.93
C PHE KA 86 -80.92 24.10 87.19
N SER KA 87 -81.37 24.65 86.07
CA SER KA 87 -80.62 25.68 85.35
C SER KA 87 -81.27 27.02 85.68
N LEU KA 88 -80.53 27.84 86.43
CA LEU KA 88 -81.04 29.09 86.98
C LEU KA 88 -80.16 30.23 86.52
N PRO KA 89 -80.65 31.09 85.64
CA PRO KA 89 -79.90 32.29 85.26
C PRO KA 89 -79.76 33.26 86.43
N LYS KA 90 -78.73 34.07 86.37
CA LYS KA 90 -78.40 34.95 87.48
C LYS KA 90 -79.15 36.28 87.42
N THR KA 91 -80.04 36.45 86.44
CA THR KA 91 -80.99 37.55 86.42
C THR KA 91 -82.38 37.10 86.83
N TYR KA 92 -82.55 35.82 87.10
CA TYR KA 92 -83.82 35.23 87.52
C TYR KA 92 -84.00 35.42 89.03
N PRO KA 93 -85.18 35.84 89.48
CA PRO KA 93 -85.34 36.12 90.92
C PRO KA 93 -85.52 34.88 91.78
N ASN KA 94 -84.94 34.97 92.98
CA ASN KA 94 -84.93 33.84 93.89
C ASN KA 94 -86.35 33.39 94.24
N GLU KA 95 -87.28 34.33 94.35
CA GLU KA 95 -88.68 33.98 94.60
C GLU KA 95 -89.18 33.00 93.57
N HIS KA 96 -89.01 33.33 92.28
CA HIS KA 96 -89.50 32.44 91.24
C HIS KA 96 -88.72 31.16 91.16
N ILE KA 97 -87.46 31.12 91.62
CA ILE KA 97 -86.77 29.84 91.74
C ILE KA 97 -87.50 28.95 92.76
N THR KA 98 -87.86 29.52 93.91
CA THR KA 98 -88.61 28.74 94.90
C THR KA 98 -89.94 28.27 94.31
N LYS KA 99 -90.64 29.16 93.61
CA LYS KA 99 -91.87 28.78 92.91
C LYS KA 99 -91.64 27.59 92.00
N LEU KA 100 -90.56 27.63 91.22
CA LEU KA 100 -90.22 26.56 90.31
C LEU KA 100 -90.02 25.24 91.04
N ARG KA 101 -89.22 25.26 92.12
CA ARG KA 101 -88.96 24.03 92.87
C ARG KA 101 -90.26 23.45 93.42
N GLN KA 102 -91.13 24.29 93.94
CA GLN KA 102 -92.37 23.78 94.51
C GLN KA 102 -93.30 23.22 93.43
N THR KA 103 -93.40 23.90 92.27
CA THR KA 103 -94.19 23.34 91.17
C THR KA 103 -93.64 22.00 90.72
N LEU KA 104 -92.32 21.83 90.75
CA LEU KA 104 -91.74 20.55 90.40
C LEU KA 104 -92.15 19.48 91.39
N ILE KA 105 -92.13 19.79 92.68
CA ILE KA 105 -92.59 18.84 93.69
C ILE KA 105 -94.03 18.44 93.41
N ALA KA 106 -94.89 19.43 93.15
CA ALA KA 106 -96.30 19.16 92.87
C ALA KA 106 -96.46 18.27 91.65
N TRP KA 107 -95.70 18.55 90.59
CA TRP KA 107 -95.77 17.74 89.39
C TRP KA 107 -95.34 16.30 89.67
N LEU KA 108 -94.25 16.12 90.41
CA LEU KA 108 -93.79 14.78 90.77
C LEU KA 108 -94.81 14.04 91.59
N GLY KA 109 -95.71 14.76 92.26
CA GLY KA 109 -96.83 14.13 92.93
C GLY KA 109 -97.92 13.61 92.03
N GLN KA 110 -98.08 14.21 90.84
CA GLN KA 110 -99.24 13.98 89.99
C GLN KA 110 -99.30 12.55 89.47
N GLN KA 111 -100.52 12.12 89.17
CA GLN KA 111 -100.69 10.77 88.63
C GLN KA 111 -100.17 10.68 87.20
N CYS KA 112 -100.31 11.74 86.42
CA CYS KA 112 -99.82 11.71 85.03
C CYS KA 112 -98.30 11.62 84.97
N VAL KA 113 -97.62 12.01 86.03
CA VAL KA 113 -96.18 11.76 86.14
C VAL KA 113 -95.93 10.40 86.78
N SER KA 114 -96.79 9.98 87.71
CA SER KA 114 -96.57 8.74 88.44
C SER KA 114 -96.69 7.52 87.53
N ASP KA 115 -97.72 7.48 86.68
CA ASP KA 115 -97.96 6.29 85.88
C ASP KA 115 -96.79 5.90 84.98
N PRO KA 116 -96.21 6.79 84.17
CA PRO KA 116 -95.04 6.37 83.39
C PRO KA 116 -93.83 6.03 84.24
N VAL KA 117 -93.55 6.84 85.26
CA VAL KA 117 -92.39 6.58 86.12
C VAL KA 117 -92.57 5.28 86.89
N ASP KA 118 -93.65 5.18 87.66
CA ASP KA 118 -93.78 4.06 88.59
C ASP KA 118 -94.04 2.75 87.86
N SER KA 119 -94.89 2.76 86.84
CA SER KA 119 -95.35 1.52 86.22
C SER KA 119 -95.04 1.39 84.74
N GLY KA 120 -94.63 2.46 84.07
CA GLY KA 120 -94.33 2.40 82.66
C GLY KA 120 -95.50 2.66 81.74
N LEU KA 121 -96.70 2.87 82.27
CA LEU KA 121 -97.84 3.17 81.43
C LEU KA 121 -97.77 4.62 80.95
N ASN KA 122 -97.97 4.83 79.66
CA ASN KA 122 -98.09 6.18 79.14
C ASN KA 122 -99.51 6.72 79.32
N ASN KA 123 -99.63 8.04 79.34
CA ASN KA 123 -100.94 8.64 79.44
C ASN KA 123 -101.55 8.80 78.05
N TYR KA 124 -102.87 8.96 78.01
CA TYR KA 124 -103.58 9.02 76.73
C TYR KA 124 -104.66 10.10 76.72
N MET LA 1 -62.24 29.92 113.36
CA MET LA 1 -63.48 30.11 114.12
C MET LA 1 -64.61 29.29 113.51
N ARG LA 2 -65.69 29.11 114.26
CA ARG LA 2 -66.88 28.45 113.76
C ARG LA 2 -67.76 29.49 113.06
N LEU LA 3 -67.85 29.37 111.74
CA LEU LA 3 -68.56 30.35 110.92
C LEU LA 3 -70.02 30.47 111.34
N THR LA 4 -70.45 31.72 111.54
CA THR LA 4 -71.83 32.06 111.82
C THR LA 4 -72.19 33.26 110.97
N ASP LA 5 -73.47 33.38 110.61
CA ASP LA 5 -73.92 34.54 109.86
C ASP LA 5 -73.49 35.81 110.57
N VAL LA 6 -73.15 36.84 109.80
CA VAL LA 6 -72.48 38.01 110.36
C VAL LA 6 -73.34 39.23 110.08
N ASP LA 7 -73.38 40.15 111.04
CA ASP LA 7 -74.04 41.43 110.86
C ASP LA 7 -73.04 42.55 111.11
N LEU LA 8 -72.86 43.39 110.10
CA LEU LA 8 -71.88 44.45 110.11
C LEU LA 8 -72.57 45.78 110.28
N THR LA 9 -72.03 46.61 111.16
CA THR LA 9 -72.51 47.97 111.33
C THR LA 9 -71.73 48.84 110.37
N VAL LA 10 -72.42 49.36 109.36
CA VAL LA 10 -71.81 50.09 108.26
C VAL LA 10 -72.34 51.51 108.30
N GLY LA 11 -71.56 52.43 108.85
CA GLY LA 11 -72.03 53.79 109.04
C GLY LA 11 -73.25 53.79 109.93
N GLU LA 12 -74.41 54.13 109.36
CA GLU LA 12 -75.64 54.16 110.13
C GLU LA 12 -76.61 53.08 109.69
N GLU LA 13 -76.12 52.06 109.00
CA GLU LA 13 -76.95 50.99 108.49
C GLU LA 13 -76.38 49.67 109.00
N THR LA 14 -77.14 48.59 108.84
CA THR LA 14 -76.66 47.27 109.21
C THR LA 14 -76.78 46.34 108.02
N ARG LA 15 -75.64 45.81 107.58
CA ARG LA 15 -75.57 44.80 106.53
C ARG LA 15 -75.60 43.42 107.16
N GLU LA 16 -76.30 42.49 106.53
CA GLU LA 16 -76.51 41.15 107.10
C GLU LA 16 -76.11 40.08 106.09
N TYR LA 17 -75.02 39.39 106.36
CA TYR LA 17 -74.49 38.38 105.47
C TYR LA 17 -74.73 37.00 106.06
N ALA LA 18 -74.93 36.04 105.15
CA ALA LA 18 -75.14 34.63 105.47
C ALA LA 18 -74.04 33.79 104.84
N VAL LA 19 -73.61 32.75 105.55
CA VAL LA 19 -72.59 31.85 105.04
C VAL LA 19 -73.11 31.18 103.78
N SER LA 20 -72.32 31.27 102.71
CA SER LA 20 -72.70 30.67 101.42
C SER LA 20 -71.82 29.52 100.99
N GLU LA 21 -70.54 29.48 101.38
CA GLU LA 21 -69.80 28.24 101.24
C GLU LA 21 -68.58 28.23 102.15
N GLN LA 22 -68.20 27.02 102.56
CA GLN LA 22 -67.01 26.81 103.40
C GLN LA 22 -66.23 25.65 102.80
N GLN LA 23 -65.00 25.92 102.38
CA GLN LA 23 -64.10 24.90 101.90
C GLN LA 23 -63.00 24.72 102.95
N GLY LA 24 -61.90 24.10 102.54
CA GLY LA 24 -60.78 23.92 103.44
C GLY LA 24 -60.22 25.25 103.88
N THR LA 25 -59.74 26.04 102.92
CA THR LA 25 -59.06 27.29 103.18
C THR LA 25 -59.85 28.49 102.67
N LEU LA 26 -61.09 28.28 102.20
CA LEU LA 26 -61.88 29.33 101.57
C LEU LA 26 -63.27 29.36 102.18
N PHE LA 27 -63.81 30.58 102.31
CA PHE LA 27 -65.20 30.77 102.72
C PHE LA 27 -65.81 31.93 101.94
N ARG LA 28 -67.14 31.97 101.96
CA ARG LA 28 -67.89 32.97 101.21
C ARG LA 28 -69.19 33.26 101.91
N PHE LA 29 -69.42 34.54 102.20
CA PHE LA 29 -70.66 35.10 102.71
C PHE LA 29 -71.40 35.83 101.60
N VAL LA 30 -72.70 36.04 101.83
CA VAL LA 30 -73.60 36.60 100.83
C VAL LA 30 -74.57 37.56 101.53
N ASP LA 31 -74.82 38.72 100.90
CA ASP LA 31 -75.74 39.70 101.47
C ASP LA 31 -77.16 39.14 101.50
N LYS LA 32 -77.72 39.02 102.71
CA LYS LA 32 -79.05 38.42 102.85
C LYS LA 32 -80.10 39.24 102.10
N SER LA 33 -79.89 40.55 101.99
CA SER LA 33 -80.85 41.46 101.38
C SER LA 33 -80.92 41.31 99.86
N GLY LA 34 -80.25 40.32 99.29
CA GLY LA 34 -80.25 40.17 97.84
C GLY LA 34 -81.51 39.47 97.36
N THR LA 35 -82.09 40.01 96.29
CA THR LA 35 -83.27 39.41 95.67
C THR LA 35 -82.93 38.51 94.49
N VAL LA 36 -81.91 38.89 93.73
CA VAL LA 36 -81.46 38.13 92.57
C VAL LA 36 -79.98 37.86 92.74
N ALA LA 37 -79.49 36.86 92.01
CA ALA LA 37 -78.06 36.57 92.02
C ALA LA 37 -77.24 37.82 91.67
N ASN LA 38 -77.59 38.51 90.58
CA ASN LA 38 -76.87 39.72 90.21
C ASN LA 38 -77.10 40.86 91.17
N ASN LA 39 -78.30 40.91 91.78
CA ASN LA 39 -78.57 41.89 92.83
C ASN LA 39 -77.65 41.71 94.03
N THR LA 40 -77.18 40.48 94.27
CA THR LA 40 -76.64 40.09 95.56
C THR LA 40 -75.16 40.39 95.70
N GLY LA 41 -74.81 41.15 96.75
CA GLY LA 41 -73.41 41.37 97.08
C GLY LA 41 -72.81 40.15 97.77
N VAL LA 42 -71.48 40.03 97.67
CA VAL LA 42 -70.79 38.85 98.20
C VAL LA 42 -69.46 39.25 98.79
N PHE LA 43 -68.95 38.37 99.64
CA PHE LA 43 -67.63 38.53 100.25
C PHE LA 43 -66.98 37.18 100.40
N SER LA 44 -65.74 37.08 99.94
CA SER LA 44 -65.04 35.81 99.92
C SER LA 44 -63.63 35.99 100.45
N LEU LA 45 -63.11 34.95 101.10
CA LEU LA 45 -61.75 34.98 101.65
C LEU LA 45 -61.11 33.61 101.46
N GLU LA 46 -59.82 33.61 101.15
CA GLU LA 46 -59.06 32.39 100.90
C GLU LA 46 -57.64 32.57 101.42
N GLN LA 47 -57.14 31.56 102.12
CA GLN LA 47 -55.75 31.55 102.55
C GLN LA 47 -54.96 30.52 101.76
N ARG LA 48 -53.76 30.92 101.32
CA ARG LA 48 -52.84 30.08 100.59
C ARG LA 48 -51.56 30.03 101.42
N PHE LA 49 -51.41 28.93 102.15
CA PHE LA 49 -50.23 28.69 102.97
C PHE LA 49 -49.14 28.11 102.08
N GLY LA 50 -47.97 28.75 102.07
CA GLY LA 50 -46.89 28.33 101.20
C GLY LA 50 -45.94 27.37 101.89
N ALA LA 51 -44.83 27.08 101.19
CA ALA LA 51 -43.76 26.32 101.81
C ALA LA 51 -43.08 27.16 102.90
N ALA LA 52 -42.10 26.55 103.59
CA ALA LA 52 -41.47 27.25 104.71
C ALA LA 52 -40.66 28.45 104.24
N ASN LA 53 -40.17 28.44 103.00
CA ASN LA 53 -39.48 29.59 102.44
C ASN LA 53 -40.45 30.63 101.88
N SER LA 54 -41.72 30.29 101.77
CA SER LA 54 -42.72 31.19 101.22
C SER LA 54 -43.41 31.98 102.33
N ASN LA 55 -44.16 32.99 101.93
CA ASN LA 55 -45.05 33.72 102.81
C ASN LA 55 -46.47 33.19 102.59
N ARG LA 56 -47.22 33.04 103.67
CA ARG LA 56 -48.62 32.72 103.49
C ARG LA 56 -49.35 33.97 103.01
N LYS LA 57 -50.37 33.77 102.18
CA LYS LA 57 -51.11 34.88 101.59
C LYS LA 57 -52.59 34.70 101.89
N VAL LA 58 -53.25 35.78 102.31
CA VAL LA 58 -54.68 35.75 102.54
C VAL LA 58 -55.31 36.80 101.63
N THR LA 59 -56.33 36.41 100.88
CA THR LA 59 -56.97 37.30 99.94
C THR LA 59 -58.47 37.37 100.22
N MET LA 60 -59.02 38.57 100.04
CA MET LA 60 -60.44 38.82 100.22
C MET LA 60 -60.96 39.62 99.03
N LEU LA 61 -62.15 39.26 98.60
CA LEU LA 61 -62.88 39.97 97.56
C LEU LA 61 -64.26 40.35 98.06
N LEU LA 62 -64.59 41.64 97.96
CA LEU LA 62 -65.89 42.19 98.32
C LEU LA 62 -66.52 42.76 97.06
N THR LA 63 -67.70 42.26 96.70
CA THR LA 63 -68.41 42.68 95.50
C THR LA 63 -69.76 43.27 95.89
N ASP LA 64 -70.00 44.52 95.46
CA ASP LA 64 -71.25 45.23 95.77
C ASP LA 64 -71.88 45.73 94.47
N PRO LA 65 -72.81 44.96 93.91
CA PRO LA 65 -73.54 45.43 92.72
C PRO LA 65 -74.69 46.35 93.08
N VAL LA 66 -75.05 47.22 92.12
CA VAL LA 66 -76.13 48.18 92.24
C VAL LA 66 -76.88 48.24 90.91
N VAL LA 67 -78.17 48.55 90.96
CA VAL LA 67 -78.98 48.65 89.75
C VAL LA 67 -79.03 50.11 89.28
N VAL LA 68 -78.70 50.32 88.01
CA VAL LA 68 -78.75 51.65 87.40
C VAL LA 68 -79.69 51.64 86.19
N MET LA 76 -79.86 47.96 84.01
CA MET LA 76 -78.52 47.39 84.11
C MET LA 76 -78.00 47.36 85.55
N THR LA 77 -77.22 46.33 85.90
CA THR LA 77 -76.58 46.21 87.21
C THR LA 77 -75.07 46.30 87.05
N ILE LA 78 -74.46 47.16 87.87
CA ILE LA 78 -73.05 47.50 87.79
C ILE LA 78 -72.38 47.04 89.08
N LYS LA 79 -71.23 46.39 88.94
CA LYS LA 79 -70.53 45.80 90.07
C LYS LA 79 -69.23 46.54 90.36
N ALA LA 80 -68.97 46.80 91.65
CA ALA LA 80 -67.72 47.39 92.10
C ALA LA 80 -67.05 46.45 93.10
N ASN LA 81 -65.71 46.38 93.02
CA ASN LA 81 -64.95 45.38 93.77
C ASN LA 81 -63.93 46.06 94.67
N ALA LA 82 -63.78 45.51 95.87
CA ALA LA 82 -62.63 45.81 96.72
C ALA LA 82 -61.91 44.50 96.98
N SER LA 83 -60.58 44.50 96.88
CA SER LA 83 -59.81 43.29 97.10
C SER LA 83 -58.64 43.60 98.01
N VAL LA 84 -58.51 42.85 99.09
CA VAL LA 84 -57.42 43.00 100.04
C VAL LA 84 -56.57 41.74 99.97
N THR LA 85 -55.25 41.91 100.12
CA THR LA 85 -54.31 40.80 100.13
C THR LA 85 -53.24 41.06 101.18
N PHE LA 86 -53.12 40.12 102.12
CA PHE LA 86 -52.13 40.16 103.19
C PHE LA 86 -51.03 39.15 102.85
N SER LA 87 -49.81 39.66 102.65
CA SER LA 87 -48.64 38.81 102.47
C SER LA 87 -47.88 38.80 103.78
N LEU LA 88 -47.85 37.64 104.43
CA LEU LA 88 -47.34 37.49 105.79
C LEU LA 88 -46.26 36.43 105.82
N PRO LA 89 -45.01 36.80 106.06
CA PRO LA 89 -43.96 35.81 106.27
C PRO LA 89 -44.19 35.03 107.56
N LYS LA 90 -43.75 33.77 107.56
CA LYS LA 90 -44.07 32.92 108.70
C LYS LA 90 -43.32 33.36 109.95
N THR LA 91 -42.06 33.77 109.80
CA THR LA 91 -41.29 34.24 110.95
C THR LA 91 -41.85 35.52 111.55
N TYR LA 92 -42.70 36.24 110.82
CA TYR LA 92 -43.28 37.50 111.30
C TYR LA 92 -44.24 37.22 112.45
N PRO LA 93 -44.22 38.02 113.53
CA PRO LA 93 -45.00 37.65 114.72
C PRO LA 93 -46.49 38.00 114.63
N ASN LA 94 -47.30 37.08 115.14
CA ASN LA 94 -48.75 37.21 115.05
C ASN LA 94 -49.24 38.52 115.66
N GLU LA 95 -48.58 38.98 116.73
CA GLU LA 95 -48.99 40.24 117.35
C GLU LA 95 -48.87 41.40 116.37
N HIS LA 96 -47.70 41.53 115.71
CA HIS LA 96 -47.54 42.59 114.72
C HIS LA 96 -48.45 42.42 113.52
N ILE LA 97 -48.89 41.18 113.21
CA ILE LA 97 -49.90 41.03 112.16
C ILE LA 97 -51.22 41.65 112.59
N THR LA 98 -51.67 41.36 113.81
CA THR LA 98 -52.91 41.98 114.31
C THR LA 98 -52.79 43.50 114.23
N LYS LA 99 -51.62 44.02 114.61
CA LYS LA 99 -51.34 45.45 114.46
C LYS LA 99 -51.54 45.93 113.03
N LEU LA 100 -50.93 45.23 112.07
CA LEU LA 100 -51.04 45.62 110.67
C LEU LA 100 -52.49 45.70 110.23
N ARG LA 101 -53.28 44.67 110.53
CA ARG LA 101 -54.69 44.67 110.14
C ARG LA 101 -55.42 45.88 110.72
N GLN LA 102 -55.20 46.15 112.01
CA GLN LA 102 -55.92 47.26 112.65
C GLN LA 102 -55.53 48.60 112.02
N THR LA 103 -54.24 48.79 111.71
CA THR LA 103 -53.83 50.05 111.09
C THR LA 103 -54.38 50.20 109.69
N LEU LA 104 -54.56 49.08 108.96
CA LEU LA 104 -55.22 49.19 107.66
C LEU LA 104 -56.66 49.66 107.82
N ILE LA 105 -57.37 49.11 108.81
CA ILE LA 105 -58.71 49.61 109.10
C ILE LA 105 -58.70 51.11 109.36
N ALA LA 106 -57.79 51.56 110.23
CA ALA LA 106 -57.68 52.98 110.55
C ALA LA 106 -57.43 53.81 109.30
N TRP LA 107 -56.53 53.35 108.44
CA TRP LA 107 -56.23 54.08 107.21
C TRP LA 107 -57.46 54.20 106.33
N LEU LA 108 -58.16 53.08 106.10
CA LEU LA 108 -59.38 53.09 105.31
C LEU LA 108 -60.44 54.01 105.90
N GLY LA 109 -60.32 54.37 107.18
CA GLY LA 109 -61.17 55.40 107.74
C GLY LA 109 -60.90 56.82 107.29
N GLN LA 110 -59.64 57.14 106.98
CA GLN LA 110 -59.19 58.51 106.87
C GLN LA 110 -59.70 59.21 105.61
N GLN LA 111 -59.70 60.54 105.66
CA GLN LA 111 -60.17 61.34 104.53
C GLN LA 111 -59.27 61.18 103.32
N CYS LA 112 -57.95 61.17 103.55
CA CYS LA 112 -57.01 61.06 102.44
C CYS LA 112 -57.22 59.77 101.65
N VAL LA 113 -57.90 58.79 102.23
CA VAL LA 113 -58.27 57.56 101.53
C VAL LA 113 -59.69 57.63 100.99
N SER LA 114 -60.62 58.21 101.75
CA SER LA 114 -62.01 58.24 101.30
C SER LA 114 -62.18 59.14 100.08
N ASP LA 115 -61.50 60.30 100.06
CA ASP LA 115 -61.67 61.24 98.97
C ASP LA 115 -61.36 60.63 97.59
N PRO LA 116 -60.23 59.93 97.40
CA PRO LA 116 -60.04 59.28 96.09
C PRO LA 116 -60.94 58.07 95.87
N VAL LA 117 -61.10 57.22 96.88
CA VAL LA 117 -61.95 56.04 96.72
C VAL LA 117 -63.39 56.46 96.47
N ASP LA 118 -63.98 57.21 97.41
CA ASP LA 118 -65.42 57.51 97.33
C ASP LA 118 -65.75 58.37 96.12
N SER LA 119 -65.09 59.52 95.97
CA SER LA 119 -65.49 60.49 94.97
C SER LA 119 -64.44 60.76 93.89
N GLY LA 120 -63.22 60.24 94.03
CA GLY LA 120 -62.21 60.44 93.03
C GLY LA 120 -61.35 61.67 93.21
N LEU LA 121 -61.49 62.40 94.31
CA LEU LA 121 -60.63 63.54 94.59
C LEU LA 121 -59.25 63.03 95.01
N ASN LA 122 -58.21 63.47 94.29
CA ASN LA 122 -56.87 63.18 94.77
C ASN LA 122 -56.45 64.21 95.82
N ASN LA 123 -55.43 63.85 96.58
CA ASN LA 123 -54.96 64.74 97.63
C ASN LA 123 -53.89 65.66 97.07
N TYR LA 124 -53.86 66.87 97.60
CA TYR LA 124 -52.98 67.90 97.08
C TYR LA 124 -52.37 68.70 98.21
N MET MA 1 -69.41 12.86 111.56
CA MET MA 1 -69.37 13.68 112.76
C MET MA 1 -69.27 15.15 112.38
N ARG MA 2 -69.98 16.00 113.12
CA ARG MA 2 -69.84 17.45 112.99
C ARG MA 2 -68.52 17.88 113.64
N LEU MA 3 -67.54 18.22 112.83
CA LEU MA 3 -66.22 18.49 113.34
C LEU MA 3 -66.21 19.73 114.20
N THR MA 4 -65.64 19.60 115.40
CA THR MA 4 -65.36 20.75 116.27
C THR MA 4 -64.04 20.48 116.97
N ASP MA 5 -63.50 21.54 117.56
CA ASP MA 5 -62.24 21.45 118.29
C ASP MA 5 -62.33 20.33 119.33
N VAL MA 6 -61.20 19.68 119.60
CA VAL MA 6 -61.19 18.59 120.57
C VAL MA 6 -60.04 18.82 121.56
N ASP MA 7 -60.21 18.23 122.74
CA ASP MA 7 -59.18 18.19 123.76
C ASP MA 7 -58.92 16.74 124.10
N LEU MA 8 -57.64 16.37 124.11
CA LEU MA 8 -57.21 14.99 124.33
C LEU MA 8 -56.58 14.86 125.71
N THR MA 9 -56.88 13.76 126.37
CA THR MA 9 -56.25 13.41 127.62
C THR MA 9 -55.02 12.57 127.32
N VAL MA 10 -53.83 13.09 127.63
CA VAL MA 10 -52.58 12.47 127.26
C VAL MA 10 -51.77 12.22 128.53
N GLY MA 11 -51.81 10.99 129.02
CA GLY MA 11 -51.17 10.69 130.29
C GLY MA 11 -51.73 11.57 131.38
N GLU MA 12 -50.91 12.47 131.91
CA GLU MA 12 -51.33 13.36 132.98
C GLU MA 12 -51.34 14.82 132.54
N GLU MA 13 -51.49 15.06 131.24
CA GLU MA 13 -51.62 16.41 130.72
C GLU MA 13 -52.82 16.46 129.78
N THR MA 14 -53.24 17.66 129.43
CA THR MA 14 -54.34 17.86 128.49
C THR MA 14 -53.82 18.61 127.28
N ARG MA 15 -54.11 18.06 126.10
CA ARG MA 15 -53.63 18.58 124.83
C ARG MA 15 -54.82 19.17 124.08
N GLU MA 16 -54.73 20.42 123.65
CA GLU MA 16 -55.85 21.13 123.06
C GLU MA 16 -55.60 21.35 121.58
N TYR MA 17 -56.43 20.76 120.72
CA TYR MA 17 -56.33 20.98 119.29
C TYR MA 17 -57.51 21.84 118.83
N ALA MA 18 -57.32 22.48 117.69
CA ALA MA 18 -58.35 23.30 117.05
C ALA MA 18 -58.42 22.96 115.57
N VAL MA 19 -59.64 22.96 115.02
CA VAL MA 19 -59.81 22.64 113.62
C VAL MA 19 -59.10 23.68 112.79
N SER MA 20 -58.19 23.22 111.92
CA SER MA 20 -57.46 24.10 111.01
C SER MA 20 -57.95 24.04 109.58
N GLU MA 21 -58.51 22.91 109.13
CA GLU MA 21 -59.24 22.90 107.88
C GLU MA 21 -60.12 21.65 107.80
N GLN MA 22 -61.23 21.77 107.08
CA GLN MA 22 -62.11 20.64 106.84
C GLN MA 22 -62.50 20.61 105.37
N GLN MA 23 -62.17 19.53 104.67
CA GLN MA 23 -62.55 19.27 103.30
C GLN MA 23 -63.47 18.06 103.25
N GLY MA 24 -63.83 17.67 102.03
CA GLY MA 24 -64.80 16.59 101.88
C GLY MA 24 -64.33 15.29 102.46
N THR MA 25 -63.09 14.90 102.15
CA THR MA 25 -62.50 13.65 102.60
C THR MA 25 -61.30 13.84 103.51
N LEU MA 26 -60.98 15.09 103.87
CA LEU MA 26 -59.77 15.41 104.61
C LEU MA 26 -60.09 16.43 105.70
N PHE MA 27 -59.39 16.33 106.82
CA PHE MA 27 -59.45 17.35 107.87
C PHE MA 27 -58.10 17.46 108.56
N ARG MA 28 -57.90 18.61 109.21
CA ARG MA 28 -56.65 18.92 109.86
C ARG MA 28 -56.91 19.74 111.13
N PHE MA 29 -56.33 19.27 112.24
CA PHE MA 29 -56.26 19.95 113.53
C PHE MA 29 -54.85 20.46 113.79
N VAL MA 30 -54.78 21.52 114.60
CA VAL MA 30 -53.51 22.13 115.00
C VAL MA 30 -53.50 22.29 116.53
N ASP MA 31 -52.34 22.03 117.16
CA ASP MA 31 -52.20 22.20 118.60
C ASP MA 31 -52.32 23.67 118.96
N LYS MA 32 -53.25 23.98 119.87
CA LYS MA 32 -53.56 25.36 120.23
C LYS MA 32 -52.39 26.09 120.88
N SER MA 33 -51.37 25.36 121.34
CA SER MA 33 -50.21 25.98 121.98
C SER MA 33 -49.20 26.52 121.00
N GLY MA 34 -49.52 26.61 119.70
CA GLY MA 34 -48.56 26.90 118.67
C GLY MA 34 -48.85 28.14 117.84
N THR MA 35 -47.83 28.52 117.06
CA THR MA 35 -47.86 29.66 116.15
C THR MA 35 -47.48 29.19 114.76
N VAL MA 36 -47.80 29.99 113.74
CA VAL MA 36 -47.23 29.72 112.42
C VAL MA 36 -45.70 29.70 112.53
N ALA MA 37 -45.13 30.62 113.30
CA ALA MA 37 -43.68 30.69 113.45
C ALA MA 37 -43.16 29.48 114.20
N ASN MA 38 -43.73 29.18 115.36
CA ASN MA 38 -43.32 28.04 116.16
C ASN MA 38 -44.49 27.08 116.29
N ASN MA 39 -44.53 26.07 115.43
CA ASN MA 39 -45.59 25.07 115.48
C ASN MA 39 -45.26 24.00 116.50
N THR MA 40 -46.32 23.46 117.11
CA THR MA 40 -46.17 22.52 118.21
C THR MA 40 -46.83 21.19 117.97
N GLY MA 41 -47.69 21.06 116.96
CA GLY MA 41 -48.33 19.80 116.69
C GLY MA 41 -49.40 19.93 115.63
N VAL MA 42 -49.53 18.92 114.78
CA VAL MA 42 -50.57 18.88 113.76
C VAL MA 42 -51.07 17.45 113.65
N PHE MA 43 -52.35 17.33 113.32
CA PHE MA 43 -52.96 16.04 113.04
C PHE MA 43 -53.81 16.18 111.79
N SER MA 44 -53.72 15.20 110.90
CA SER MA 44 -54.46 15.24 109.66
C SER MA 44 -54.96 13.84 109.32
N LEU MA 45 -56.14 13.78 108.71
CA LEU MA 45 -56.74 12.51 108.33
C LEU MA 45 -57.45 12.65 106.98
N GLU MA 46 -57.31 11.63 106.14
CA GLU MA 46 -57.91 11.61 104.81
C GLU MA 46 -58.43 10.21 104.51
N GLN MA 47 -59.61 10.13 103.91
CA GLN MA 47 -60.14 8.87 103.43
C GLN MA 47 -60.16 8.87 101.91
N ARG MA 48 -59.55 7.85 101.31
CA ARG MA 48 -59.70 7.56 99.89
C ARG MA 48 -60.64 6.37 99.79
N PHE MA 49 -61.92 6.65 99.60
CA PHE MA 49 -62.89 5.62 99.32
C PHE MA 49 -62.61 5.05 97.94
N GLY MA 50 -62.23 3.78 97.88
CA GLY MA 50 -61.74 3.20 96.65
C GLY MA 50 -62.85 2.89 95.65
N ALA MA 51 -62.41 2.45 94.47
CA ALA MA 51 -63.33 1.90 93.48
C ALA MA 51 -64.07 0.70 94.06
N ALA MA 52 -65.16 0.32 93.39
CA ALA MA 52 -66.04 -0.71 93.94
C ALA MA 52 -65.32 -2.04 94.14
N ASN MA 53 -64.24 -2.28 93.38
CA ASN MA 53 -63.45 -3.49 93.56
C ASN MA 53 -62.41 -3.36 94.66
N SER MA 54 -61.90 -2.15 94.89
CA SER MA 54 -60.78 -1.95 95.79
C SER MA 54 -61.25 -1.73 97.22
N ASN MA 55 -60.29 -1.81 98.15
CA ASN MA 55 -60.52 -1.44 99.53
C ASN MA 55 -60.50 0.07 99.69
N ARG MA 56 -61.18 0.57 100.72
CA ARG MA 56 -61.04 1.97 101.04
C ARG MA 56 -59.90 2.13 102.04
N LYS MA 57 -59.24 3.28 101.96
CA LYS MA 57 -58.06 3.56 102.77
C LYS MA 57 -58.34 4.81 103.62
N VAL MA 58 -57.92 4.75 104.88
CA VAL MA 58 -57.95 5.93 105.74
C VAL MA 58 -56.54 6.13 106.29
N THR MA 59 -56.03 7.34 106.14
CA THR MA 59 -54.67 7.62 106.57
C THR MA 59 -54.65 8.81 107.52
N MET MA 60 -53.80 8.72 108.53
CA MET MA 60 -53.62 9.76 109.54
C MET MA 60 -52.14 10.05 109.69
N LEU MA 61 -51.84 11.34 109.85
CA LEU MA 61 -50.49 11.80 110.14
C LEU MA 61 -50.52 12.71 111.36
N LEU MA 62 -49.73 12.35 112.37
CA LEU MA 62 -49.53 13.14 113.56
C LEU MA 62 -48.07 13.61 113.57
N THR MA 63 -47.88 14.92 113.67
CA THR MA 63 -46.55 15.50 113.65
C THR MA 63 -46.35 16.36 114.89
N ASP MA 64 -45.30 16.03 115.66
CA ASP MA 64 -44.92 16.79 116.85
C ASP MA 64 -43.52 17.35 116.64
N PRO MA 65 -43.41 18.65 116.42
CA PRO MA 65 -42.08 19.28 116.35
C PRO MA 65 -41.65 19.83 117.71
N VAL MA 66 -40.34 19.76 117.94
CA VAL MA 66 -39.70 20.21 119.16
C VAL MA 66 -38.46 21.01 118.79
N VAL MA 67 -38.18 22.05 119.56
CA VAL MA 67 -36.94 22.80 119.40
C VAL MA 67 -35.85 22.13 120.20
N VAL MA 68 -34.66 22.05 119.61
CA VAL MA 68 -33.50 21.41 120.21
C VAL MA 68 -32.28 22.28 119.94
N LYS MA 69 -31.46 22.49 120.96
CA LYS MA 69 -30.21 23.20 120.77
C LYS MA 69 -29.26 22.36 119.93
N ASP MA 70 -28.47 23.02 119.11
CA ASP MA 70 -27.52 22.37 118.22
C ASP MA 70 -26.14 22.29 118.89
N ALA MA 71 -25.28 21.43 118.33
CA ALA MA 71 -23.89 21.40 118.78
C ALA MA 71 -23.25 22.78 118.60
N SER MA 72 -23.63 23.51 117.55
CA SER MA 72 -23.20 24.89 117.35
C SER MA 72 -23.91 25.87 118.27
N GLY MA 73 -24.86 25.41 119.08
CA GLY MA 73 -25.68 26.27 119.91
C GLY MA 73 -26.94 26.78 119.24
N ALA MA 74 -26.96 26.86 117.91
CA ALA MA 74 -28.10 27.37 117.18
C ALA MA 74 -29.35 26.57 117.51
N ASP MA 75 -30.50 27.25 117.47
CA ASP MA 75 -31.77 26.58 117.73
C ASP MA 75 -32.27 25.90 116.47
N MET MA 76 -32.71 24.65 116.60
CA MET MA 76 -33.04 23.80 115.47
C MET MA 76 -34.35 23.09 115.75
N THR MA 77 -35.31 23.20 114.83
CA THR MA 77 -36.62 22.59 115.00
C THR MA 77 -36.65 21.22 114.32
N ILE MA 78 -37.08 20.21 115.08
CA ILE MA 78 -37.01 18.81 114.66
C ILE MA 78 -38.40 18.21 114.79
N LYS MA 79 -38.84 17.49 113.76
CA LYS MA 79 -40.17 16.89 113.75
C LYS MA 79 -40.07 15.38 113.92
N ALA MA 80 -41.00 14.81 114.69
CA ALA MA 80 -41.22 13.38 114.78
C ALA MA 80 -42.62 13.06 114.28
N ASN MA 81 -42.74 11.98 113.51
CA ASN MA 81 -44.00 11.69 112.84
C ASN MA 81 -44.52 10.32 113.22
N ALA MA 82 -45.84 10.23 113.29
CA ALA MA 82 -46.53 8.94 113.41
C ALA MA 82 -47.59 8.91 112.32
N SER MA 83 -47.68 7.79 111.60
CA SER MA 83 -48.65 7.68 110.52
C SER MA 83 -49.38 6.35 110.65
N VAL MA 84 -50.70 6.40 110.60
CA VAL MA 84 -51.54 5.22 110.69
C VAL MA 84 -52.33 5.10 109.38
N THR MA 85 -52.49 3.87 108.90
CA THR MA 85 -53.27 3.61 107.68
C THR MA 85 -54.12 2.37 107.88
N PHE MA 86 -55.43 2.55 107.68
CA PHE MA 86 -56.41 1.47 107.73
C PHE MA 86 -56.79 1.11 106.31
N SER MA 87 -56.52 -0.14 105.93
CA SER MA 87 -57.00 -0.70 104.67
C SER MA 87 -58.18 -1.58 105.01
N LEU MA 88 -59.37 -1.14 104.57
CA LEU MA 88 -60.62 -1.79 104.94
C LEU MA 88 -61.37 -2.19 103.68
N PRO MA 89 -61.48 -3.48 103.41
CA PRO MA 89 -62.29 -3.94 102.28
C PRO MA 89 -63.77 -3.64 102.51
N LYS MA 90 -64.49 -3.47 101.40
CA LYS MA 90 -65.89 -3.11 101.51
C LYS MA 90 -66.71 -4.18 102.21
N THR MA 91 -66.48 -5.45 101.86
CA THR MA 91 -67.24 -6.56 102.41
C THR MA 91 -66.95 -6.79 103.89
N TYR MA 92 -65.90 -6.18 104.42
CA TYR MA 92 -65.57 -6.34 105.84
C TYR MA 92 -66.59 -5.61 106.70
N PRO MA 93 -67.10 -6.22 107.78
CA PRO MA 93 -68.19 -5.59 108.54
C PRO MA 93 -67.73 -4.49 109.47
N ASN MA 94 -68.54 -3.43 109.53
CA ASN MA 94 -68.20 -2.25 110.34
C ASN MA 94 -67.91 -2.63 111.79
N GLU MA 95 -68.58 -3.65 112.30
CA GLU MA 95 -68.34 -4.10 113.67
C GLU MA 95 -66.89 -4.52 113.87
N HIS MA 96 -66.42 -5.47 113.06
CA HIS MA 96 -65.04 -5.92 113.19
C HIS MA 96 -64.03 -4.82 112.87
N ILE MA 97 -64.43 -3.80 112.08
CA ILE MA 97 -63.55 -2.64 111.91
C ILE MA 97 -63.34 -1.92 113.25
N THR MA 98 -64.44 -1.60 113.95
CA THR MA 98 -64.29 -0.96 115.26
C THR MA 98 -63.44 -1.81 116.19
N LYS MA 99 -63.63 -3.14 116.13
CA LYS MA 99 -62.79 -4.06 116.89
C LYS MA 99 -61.31 -3.86 116.56
N LEU MA 100 -60.98 -3.80 115.27
CA LEU MA 100 -59.59 -3.60 114.84
C LEU MA 100 -59.02 -2.30 115.42
N ARG MA 101 -59.77 -1.21 115.29
CA ARG MA 101 -59.28 0.08 115.79
C ARG MA 101 -59.00 0.02 117.29
N GLN MA 102 -59.92 -0.58 118.05
CA GLN MA 102 -59.74 -0.62 119.50
C GLN MA 102 -58.55 -1.50 119.88
N THR MA 103 -58.38 -2.66 119.22
CA THR MA 103 -57.21 -3.49 119.51
C THR MA 103 -55.92 -2.76 119.16
N LEU MA 104 -55.93 -1.90 118.14
CA LEU MA 104 -54.73 -1.13 117.84
C LEU MA 104 -54.42 -0.14 118.95
N ILE MA 105 -55.44 0.53 119.48
CA ILE MA 105 -55.23 1.41 120.63
C ILE MA 105 -54.62 0.62 121.79
N ALA MA 106 -55.19 -0.55 122.08
CA ALA MA 106 -54.68 -1.38 123.16
C ALA MA 106 -53.21 -1.72 122.95
N TRP MA 107 -52.87 -2.15 121.74
CA TRP MA 107 -51.48 -2.49 121.44
C TRP MA 107 -50.57 -1.30 121.64
N LEU MA 108 -50.97 -0.13 121.14
CA LEU MA 108 -50.16 1.08 121.27
C LEU MA 108 -49.92 1.44 122.72
N GLY MA 109 -50.81 1.02 123.62
CA GLY MA 109 -50.59 1.21 125.04
C GLY MA 109 -49.55 0.29 125.67
N GLN MA 110 -49.33 -0.87 125.06
CA GLN MA 110 -48.54 -1.93 125.68
C GLN MA 110 -47.07 -1.56 125.79
N GLN MA 111 -46.39 -2.21 126.73
CA GLN MA 111 -44.97 -1.93 126.91
C GLN MA 111 -44.12 -2.52 125.80
N CYS MA 112 -44.51 -3.68 125.25
CA CYS MA 112 -43.75 -4.25 124.14
C CYS MA 112 -43.77 -3.35 122.92
N VAL MA 113 -44.74 -2.44 122.83
CA VAL MA 113 -44.78 -1.45 121.76
C VAL MA 113 -44.11 -0.16 122.19
N SER MA 114 -44.32 0.27 123.44
CA SER MA 114 -43.77 1.56 123.87
C SER MA 114 -42.26 1.53 123.98
N ASP MA 115 -41.70 0.44 124.50
CA ASP MA 115 -40.24 0.37 124.70
C ASP MA 115 -39.46 0.59 123.42
N PRO MA 116 -39.75 -0.07 122.30
CA PRO MA 116 -39.01 0.27 121.07
C PRO MA 116 -39.36 1.63 120.51
N VAL MA 117 -40.63 2.01 120.53
CA VAL MA 117 -41.02 3.32 120.01
C VAL MA 117 -40.41 4.44 120.85
N ASP MA 118 -40.64 4.40 122.17
CA ASP MA 118 -40.24 5.52 123.02
C ASP MA 118 -38.73 5.58 123.19
N SER MA 119 -38.09 4.45 123.49
CA SER MA 119 -36.70 4.45 123.91
C SER MA 119 -35.74 3.78 122.94
N GLY MA 120 -36.25 3.16 121.88
CA GLY MA 120 -35.38 2.50 120.91
C GLY MA 120 -34.82 1.17 121.36
N LEU MA 121 -35.31 0.61 122.46
CA LEU MA 121 -34.87 -0.70 122.91
C LEU MA 121 -35.78 -1.77 122.32
N ASN MA 122 -35.16 -2.81 121.76
CA ASN MA 122 -35.94 -3.91 121.23
C ASN MA 122 -36.34 -4.88 122.34
N ASN MA 123 -37.31 -5.73 122.03
CA ASN MA 123 -37.78 -6.72 122.99
C ASN MA 123 -36.97 -8.00 122.87
N TYR MA 124 -37.10 -8.84 123.90
CA TYR MA 124 -36.33 -10.09 123.99
C TYR MA 124 -37.08 -11.19 124.76
N MET NA 1 96.93 90.78 2.40
CA MET NA 1 97.35 91.99 3.11
C MET NA 1 96.93 91.95 4.58
N ARG NA 2 97.83 92.36 5.47
CA ARG NA 2 97.46 92.51 6.87
C ARG NA 2 96.43 93.63 7.01
N LEU NA 3 95.22 93.27 7.42
CA LEU NA 3 94.12 94.22 7.45
C LEU NA 3 94.38 95.34 8.44
N THR NA 4 93.95 96.54 8.05
CA THR NA 4 93.99 97.70 8.91
C THR NA 4 92.75 98.52 8.63
N ASP NA 5 92.35 99.33 9.60
CA ASP NA 5 91.24 100.26 9.37
C ASP NA 5 91.52 101.06 8.11
N VAL NA 6 90.45 101.45 7.43
CA VAL NA 6 90.57 102.02 6.10
C VAL NA 6 89.89 103.39 6.08
N ASP NA 7 90.55 104.34 5.43
CA ASP NA 7 89.97 105.67 5.23
C ASP NA 7 89.87 105.91 3.73
N LEU NA 8 88.65 106.16 3.25
CA LEU NA 8 88.36 106.34 1.84
C LEU NA 8 88.06 107.80 1.57
N THR NA 9 88.57 108.30 0.46
CA THR NA 9 88.21 109.63 -0.01
C THR NA 9 87.04 109.47 -0.97
N VAL NA 10 85.90 110.07 -0.64
CA VAL NA 10 84.66 109.87 -1.37
C VAL NA 10 84.15 111.23 -1.83
N GLY NA 11 84.31 111.52 -3.12
CA GLY NA 11 83.95 112.83 -3.61
C GLY NA 11 84.72 113.88 -2.86
N GLU NA 12 84.01 114.67 -2.05
CA GLU NA 12 84.64 115.74 -1.31
C GLU NA 12 84.54 115.53 0.20
N GLU NA 13 84.31 114.30 0.61
CA GLU NA 13 84.24 113.93 2.03
C GLU NA 13 85.20 112.79 2.27
N THR NA 14 85.44 112.47 3.53
CA THR NA 14 86.27 111.33 3.89
C THR NA 14 85.48 110.39 4.78
N ARG NA 15 85.45 109.11 4.40
CA ARG NA 15 84.70 108.07 5.07
C ARG NA 15 85.65 107.10 5.76
N GLU NA 16 85.39 106.82 7.02
CA GLU NA 16 86.30 106.00 7.83
C GLU NA 16 85.62 104.70 8.22
N TYR NA 17 86.25 103.58 7.87
CA TYR NA 17 85.79 102.24 8.18
C TYR NA 17 86.78 101.57 9.12
N ALA NA 18 86.24 100.66 9.94
CA ALA NA 18 87.04 99.88 10.87
C ALA NA 18 86.75 98.39 10.67
N VAL NA 19 87.79 97.57 10.86
CA VAL NA 19 87.66 96.13 10.69
C VAL NA 19 86.69 95.59 11.72
N SER NA 20 85.67 94.85 11.25
CA SER NA 20 84.70 94.20 12.13
C SER NA 20 84.91 92.70 12.28
N GLU NA 21 85.25 91.99 11.20
CA GLU NA 21 85.67 90.60 11.38
C GLU NA 21 86.50 90.16 10.18
N GLN NA 22 87.37 89.19 10.42
CA GLN NA 22 88.20 88.62 9.36
C GLN NA 22 88.24 87.11 9.52
N GLN NA 23 87.84 86.41 8.46
CA GLN NA 23 87.92 84.97 8.38
C GLN NA 23 88.96 84.60 7.33
N GLY NA 24 89.05 83.30 7.05
CA GLY NA 24 90.06 82.85 6.10
C GLY NA 24 89.88 83.46 4.73
N THR NA 25 88.64 83.48 4.24
CA THR NA 25 88.33 83.99 2.91
C THR NA 25 87.27 85.08 2.94
N LEU NA 26 87.03 85.69 4.10
CA LEU NA 26 85.99 86.69 4.25
C LEU NA 26 86.45 87.78 5.21
N PHE NA 27 86.05 89.02 4.94
CA PHE NA 27 86.25 90.10 5.89
C PHE NA 27 85.10 91.10 5.80
N ARG NA 28 84.96 91.89 6.86
CA ARG NA 28 83.90 92.86 6.99
C ARG NA 28 84.40 94.08 7.75
N PHE NA 29 84.17 95.26 7.15
CA PHE NA 29 84.36 96.58 7.72
C PHE NA 29 83.02 97.22 8.06
N VAL NA 30 83.06 98.11 9.05
CA VAL NA 30 81.90 98.89 9.46
C VAL NA 30 82.27 100.38 9.42
N ASP NA 31 81.31 101.22 9.00
CA ASP NA 31 81.51 102.67 8.99
C ASP NA 31 81.60 103.18 10.42
N LYS NA 32 82.71 103.87 10.74
CA LYS NA 32 82.92 104.39 12.09
C LYS NA 32 81.88 105.43 12.50
N SER NA 33 81.06 105.90 11.56
CA SER NA 33 80.00 106.84 11.88
C SER NA 33 78.90 106.23 12.74
N GLY NA 34 78.85 104.90 12.86
CA GLY NA 34 77.70 104.22 13.39
C GLY NA 34 77.98 103.39 14.63
N THR NA 35 76.88 102.94 15.24
CA THR NA 35 76.84 102.09 16.41
C THR NA 35 76.35 100.70 16.02
N VAL NA 36 76.58 99.73 16.90
CA VAL NA 36 75.80 98.49 16.86
C VAL NA 36 74.32 98.82 16.72
N ALA NA 37 73.83 99.73 17.56
CA ALA NA 37 72.43 100.11 17.53
C ALA NA 37 72.05 100.74 16.19
N ASN NA 38 72.67 101.86 15.86
CA ASN NA 38 72.39 102.55 14.61
C ASN NA 38 73.60 102.41 13.69
N ASN NA 39 73.41 101.75 12.55
CA ASN NA 39 74.48 101.48 11.61
C ASN NA 39 74.44 102.46 10.45
N THR NA 40 75.62 102.94 10.05
CA THR NA 40 75.73 103.88 8.95
C THR NA 40 76.29 103.27 7.66
N GLY NA 41 76.93 102.12 7.73
CA GLY NA 41 77.49 101.51 6.53
C GLY NA 41 78.23 100.23 6.81
N VAL NA 42 78.21 99.30 5.85
CA VAL NA 42 78.90 98.03 6.00
C VAL NA 42 79.52 97.64 4.66
N PHE NA 43 80.67 96.99 4.73
CA PHE NA 43 81.31 96.44 3.55
C PHE NA 43 81.81 95.04 3.87
N SER NA 44 81.56 94.11 2.95
CA SER NA 44 81.97 92.72 3.15
C SER NA 44 82.51 92.17 1.84
N LEU NA 45 83.52 91.31 1.96
CA LEU NA 45 84.18 90.70 0.79
C LEU NA 45 84.49 89.24 1.10
N GLU NA 46 84.19 88.34 0.14
CA GLU NA 46 84.44 86.91 0.29
C GLU NA 46 84.96 86.33 -1.02
N GLN NA 47 85.98 85.46 -0.93
CA GLN NA 47 86.49 84.75 -2.09
C GLN NA 47 86.16 83.27 -2.00
N ARG NA 48 85.79 82.70 -3.14
CA ARG NA 48 85.44 81.29 -3.27
C ARG NA 48 86.31 80.70 -4.37
N PHE NA 49 87.35 80.00 -3.96
CA PHE NA 49 88.27 79.30 -4.85
C PHE NA 49 87.63 77.96 -5.21
N GLY NA 50 87.28 77.79 -6.48
CA GLY NA 50 86.64 76.57 -6.94
C GLY NA 50 87.64 75.48 -7.26
N ALA NA 51 87.15 74.43 -7.93
CA ALA NA 51 88.06 73.41 -8.45
C ALA NA 51 88.86 73.95 -9.64
N ALA NA 52 89.85 73.17 -10.07
CA ALA NA 52 90.74 73.62 -11.14
C ALA NA 52 90.01 73.84 -12.46
N ASN NA 53 88.85 73.21 -12.65
CA ASN NA 53 88.00 73.50 -13.79
C ASN NA 53 87.07 74.67 -13.55
N SER NA 54 86.91 75.09 -12.29
CA SER NA 54 86.00 76.17 -11.94
C SER NA 54 86.74 77.50 -11.88
N ASN NA 55 86.01 78.57 -12.17
CA ASN NA 55 86.54 79.91 -11.98
C ASN NA 55 86.44 80.28 -10.50
N ARG NA 56 87.50 80.89 -9.98
CA ARG NA 56 87.37 81.44 -8.64
C ARG NA 56 86.51 82.69 -8.70
N LYS NA 57 85.81 82.95 -7.61
CA LYS NA 57 84.83 84.03 -7.58
C LYS NA 57 85.08 84.91 -6.36
N VAL NA 58 84.82 86.20 -6.52
CA VAL NA 58 85.07 87.17 -5.46
C VAL NA 58 83.88 88.10 -5.40
N THR NA 59 83.25 88.21 -4.23
CA THR NA 59 82.01 88.98 -4.13
C THR NA 59 82.10 90.01 -3.01
N MET NA 60 81.59 91.20 -3.30
CA MET NA 60 81.57 92.34 -2.40
C MET NA 60 80.15 92.82 -2.22
N LEU NA 61 79.81 93.18 -0.98
CA LEU NA 61 78.53 93.81 -0.67
C LEU NA 61 78.79 95.09 0.13
N LEU NA 62 78.28 96.20 -0.38
CA LEU NA 62 78.34 97.50 0.26
C LEU NA 62 76.91 97.92 0.58
N THR NA 63 76.64 98.15 1.86
CA THR NA 63 75.31 98.52 2.32
C THR NA 63 75.37 99.90 2.99
N ASP NA 64 74.51 100.81 2.53
CA ASP NA 64 74.39 102.15 3.10
C ASP NA 64 72.96 102.37 3.55
N PRO NA 65 72.73 102.33 4.86
CA PRO NA 65 71.41 102.68 5.39
C PRO NA 65 71.32 104.16 5.73
N VAL NA 66 70.12 104.70 5.52
CA VAL NA 66 69.80 106.11 5.77
C VAL NA 66 68.48 106.16 6.50
N VAL NA 67 68.35 107.11 7.41
CA VAL NA 67 67.07 107.35 8.07
C VAL NA 67 66.27 108.36 7.26
N VAL NA 68 65.02 108.01 6.96
CA VAL NA 68 64.12 108.82 6.15
C VAL NA 68 62.85 109.06 6.93
N LYS NA 69 62.21 110.20 6.68
CA LYS NA 69 60.93 110.52 7.27
C LYS NA 69 59.83 109.66 6.66
N ASP NA 70 58.95 109.17 7.52
CA ASP NA 70 57.79 108.42 7.07
C ASP NA 70 56.75 109.38 6.46
N ALA NA 71 55.83 108.81 5.67
CA ALA NA 71 54.71 109.61 5.20
C ALA NA 71 53.87 110.13 6.36
N SER NA 72 53.80 109.36 7.44
CA SER NA 72 53.18 109.84 8.67
C SER NA 72 54.13 110.76 9.44
N GLY NA 73 55.43 110.59 9.28
CA GLY NA 73 56.42 111.39 9.98
C GLY NA 73 57.37 110.59 10.85
N ALA NA 74 57.10 109.30 11.08
CA ALA NA 74 57.95 108.47 11.91
C ALA NA 74 59.34 108.33 11.30
N ASP NA 75 60.30 107.96 12.15
CA ASP NA 75 61.66 107.70 11.71
C ASP NA 75 61.76 106.28 11.18
N MET NA 76 62.28 106.12 9.97
CA MET NA 76 62.33 104.80 9.34
C MET NA 76 63.68 104.63 8.68
N THR NA 77 64.30 103.45 8.83
CA THR NA 77 65.61 103.19 8.25
C THR NA 77 65.49 102.40 6.96
N ILE NA 78 66.18 102.87 5.91
CA ILE NA 78 66.10 102.31 4.57
C ILE NA 78 67.51 102.05 4.09
N LYS NA 79 67.76 100.85 3.59
CA LYS NA 79 69.07 100.44 3.13
C LYS NA 79 69.11 100.45 1.60
N ALA NA 80 70.28 100.82 1.06
CA ALA NA 80 70.59 100.71 -0.37
C ALA NA 80 71.81 99.81 -0.52
N ASN NA 81 71.75 98.88 -1.46
CA ASN NA 81 72.78 97.86 -1.59
C ASN NA 81 73.49 98.00 -2.93
N ALA NA 82 74.79 97.71 -2.91
CA ALA NA 82 75.55 97.54 -4.15
C ALA NA 82 76.40 96.30 -3.99
N SER NA 83 76.41 95.46 -5.03
CA SER NA 83 77.13 94.20 -4.95
C SER NA 83 77.94 93.99 -6.21
N VAL NA 84 79.20 93.62 -6.05
CA VAL NA 84 80.11 93.35 -7.17
C VAL NA 84 80.52 91.88 -7.08
N THR NA 85 80.68 91.26 -8.26
CA THR NA 85 81.13 89.87 -8.33
C THR NA 85 82.12 89.74 -9.48
N PHE NA 86 83.34 89.30 -9.16
CA PHE NA 86 84.39 89.03 -10.12
C PHE NA 86 84.45 87.52 -10.35
N SER NA 87 84.18 87.10 -11.59
CA SER NA 87 84.37 85.72 -12.00
C SER NA 87 85.67 85.66 -12.79
N LEU NA 88 86.67 85.01 -12.20
CA LEU NA 88 88.03 84.98 -12.71
C LEU NA 88 88.46 83.53 -12.93
N PRO NA 89 88.59 83.10 -14.18
CA PRO NA 89 89.14 81.77 -14.45
C PRO NA 89 90.60 81.66 -14.04
N LYS NA 90 91.02 80.45 -13.76
CA LYS NA 90 92.36 80.21 -13.24
C LYS NA 90 93.41 80.08 -14.32
N THR NA 91 93.02 80.25 -15.59
CA THR NA 91 93.95 80.40 -16.70
C THR NA 91 94.09 81.84 -17.14
N TYR NA 92 93.32 82.74 -16.52
CA TYR NA 92 93.34 84.16 -16.83
C TYR NA 92 94.49 84.83 -16.08
N PRO NA 93 95.27 85.70 -16.73
CA PRO NA 93 96.44 86.27 -16.06
C PRO NA 93 96.10 87.41 -15.09
N ASN NA 94 96.87 87.43 -14.00
CA ASN NA 94 96.63 88.39 -12.93
C ASN NA 94 96.72 89.83 -13.44
N GLU NA 95 97.62 90.09 -14.37
CA GLU NA 95 97.72 91.42 -14.97
C GLU NA 95 96.38 91.87 -15.52
N HIS NA 96 95.76 91.03 -16.36
CA HIS NA 96 94.49 91.41 -16.96
C HIS NA 96 93.37 91.45 -15.93
N ILE NA 97 93.47 90.70 -14.82
CA ILE NA 97 92.50 90.90 -13.75
C ILE NA 97 92.60 92.33 -13.18
N THR NA 98 93.84 92.79 -12.95
CA THR NA 98 94.00 94.17 -12.48
C THR NA 98 93.45 95.16 -13.50
N LYS NA 99 93.75 94.94 -14.77
CA LYS NA 99 93.19 95.76 -15.84
C LYS NA 99 91.67 95.81 -15.76
N LEU NA 100 91.04 94.65 -15.56
CA LEU NA 100 89.60 94.56 -15.47
C LEU NA 100 89.07 95.40 -14.29
N ARG NA 101 89.68 95.23 -13.12
CA ARG NA 101 89.23 95.97 -11.95
C ARG NA 101 89.32 97.48 -12.18
N GLN NA 102 90.42 97.93 -12.79
CA GLN NA 102 90.58 99.35 -13.01
C GLN NA 102 89.58 99.88 -14.04
N THR NA 103 89.34 99.13 -15.12
CA THR NA 103 88.32 99.55 -16.09
C THR NA 103 86.96 99.62 -15.45
N LEU NA 104 86.67 98.73 -14.49
CA LEU NA 104 85.40 98.80 -13.78
C LEU NA 104 85.30 100.08 -12.96
N ILE NA 105 86.38 100.44 -12.26
CA ILE NA 105 86.40 101.70 -11.51
C ILE NA 105 86.12 102.87 -12.45
N ALA NA 106 86.81 102.89 -13.59
CA ALA NA 106 86.62 103.97 -14.56
C ALA NA 106 85.17 104.02 -15.06
N TRP NA 107 84.59 102.87 -15.35
CA TRP NA 107 83.20 102.83 -15.81
C TRP NA 107 82.26 103.36 -14.73
N LEU NA 108 82.46 102.94 -13.48
CA LEU NA 108 81.64 103.43 -12.39
C LEU NA 108 81.76 104.92 -12.20
N GLY NA 109 82.85 105.51 -12.67
CA GLY NA 109 82.99 106.96 -12.70
C GLY NA 109 82.16 107.67 -13.76
N GLN NA 110 81.85 106.97 -14.85
CA GLN NA 110 81.30 107.60 -16.04
C GLN NA 110 79.89 108.16 -15.79
N GLN NA 111 79.54 109.17 -16.58
CA GLN NA 111 78.22 109.75 -16.45
C GLN NA 111 77.13 108.81 -16.98
N CYS NA 112 77.43 108.04 -18.02
CA CYS NA 112 76.44 107.11 -18.56
C CYS NA 112 76.12 105.99 -17.58
N VAL NA 113 77.01 105.72 -16.64
CA VAL NA 113 76.69 104.82 -15.53
C VAL NA 113 76.06 105.59 -14.38
N SER NA 114 76.49 106.84 -14.17
CA SER NA 114 76.00 107.62 -13.03
C SER NA 114 74.52 107.94 -13.15
N ASP NA 115 74.07 108.38 -14.33
CA ASP NA 115 72.69 108.84 -14.48
C ASP NA 115 71.67 107.78 -14.12
N PRO NA 116 71.71 106.55 -14.65
CA PRO NA 116 70.72 105.54 -14.20
C PRO NA 116 70.87 105.17 -12.74
N VAL NA 117 72.10 104.98 -12.26
CA VAL NA 117 72.30 104.60 -10.86
C VAL NA 117 71.86 105.72 -9.94
N ASP NA 118 72.45 106.92 -10.09
CA ASP NA 118 72.23 107.97 -9.11
C ASP NA 118 70.81 108.53 -9.17
N SER NA 119 70.27 108.74 -10.37
CA SER NA 119 69.01 109.45 -10.52
C SER NA 119 67.90 108.66 -11.19
N GLY NA 120 68.21 107.52 -11.82
CA GLY NA 120 67.20 106.74 -12.49
C GLY NA 120 66.95 107.10 -13.93
N LEU NA 121 67.61 108.11 -14.46
CA LEU NA 121 67.46 108.46 -15.86
C LEU NA 121 68.21 107.47 -16.73
N ASN NA 122 67.55 106.97 -17.77
CA ASN NA 122 68.24 106.15 -18.75
C ASN NA 122 68.94 107.03 -19.79
N ASN NA 123 69.96 106.45 -20.43
CA ASN NA 123 70.66 107.16 -21.49
C ASN NA 123 69.94 106.95 -22.81
N TYR NA 124 70.23 107.85 -23.76
CA TYR NA 124 69.53 107.82 -25.04
C TYR NA 124 70.47 108.07 -26.22
N MET OA 1 103.28 81.53 15.66
CA MET OA 1 104.09 82.69 15.25
C MET OA 1 103.24 83.69 14.49
N ARG OA 2 103.75 84.91 14.36
CA ARG OA 2 103.09 85.94 13.56
C ARG OA 2 103.52 85.78 12.10
N LEU OA 3 102.58 85.34 11.26
CA LEU OA 3 102.89 85.03 9.87
C LEU OA 3 103.45 86.24 9.13
N THR OA 4 104.57 86.01 8.45
CA THR OA 4 105.20 87.00 7.58
C THR OA 4 105.59 86.29 6.30
N ASP OA 5 105.62 87.04 5.20
CA ASP OA 5 106.04 86.47 3.93
C ASP OA 5 107.41 85.80 4.11
N VAL OA 6 107.62 84.71 3.40
CA VAL OA 6 108.75 83.83 3.67
C VAL OA 6 109.60 83.74 2.41
N ASP OA 7 110.92 83.71 2.60
CA ASP OA 7 111.85 83.48 1.50
C ASP OA 7 112.71 82.27 1.81
N LEU OA 8 112.65 81.28 0.93
CA LEU OA 8 113.31 80.00 1.13
C LEU OA 8 114.51 79.92 0.21
N THR OA 9 115.61 79.45 0.75
CA THR OA 9 116.81 79.20 -0.03
C THR OA 9 116.72 77.75 -0.52
N VAL OA 10 116.54 77.59 -1.83
CA VAL OA 10 116.28 76.29 -2.43
C VAL OA 10 117.44 75.99 -3.38
N GLY OA 11 118.38 75.16 -2.92
CA GLY OA 11 119.57 74.90 -3.69
C GLY OA 11 120.32 76.20 -3.92
N GLU OA 12 120.38 76.65 -5.17
CA GLU OA 12 121.07 77.89 -5.50
C GLU OA 12 120.10 78.98 -5.93
N GLU OA 13 118.83 78.84 -5.61
CA GLU OA 13 117.82 79.80 -6.01
C GLU OA 13 117.09 80.25 -4.74
N THR OA 14 116.29 81.30 -4.87
CA THR OA 14 115.48 81.78 -3.75
C THR OA 14 114.02 81.83 -4.18
N ARG OA 15 113.19 81.06 -3.49
CA ARG OA 15 111.74 81.09 -3.68
C ARG OA 15 111.13 82.07 -2.69
N GLU OA 16 110.12 82.81 -3.14
CA GLU OA 16 109.53 83.88 -2.34
C GLU OA 16 108.02 83.71 -2.27
N TYR OA 17 107.52 83.35 -1.09
CA TYR OA 17 106.12 83.10 -0.86
C TYR OA 17 105.51 84.23 -0.05
N ALA OA 18 104.22 84.49 -0.34
CA ALA OA 18 103.43 85.50 0.34
C ALA OA 18 102.23 84.84 1.02
N VAL OA 19 101.86 85.35 2.19
CA VAL OA 19 100.72 84.81 2.92
C VAL OA 19 99.46 85.02 2.09
N SER OA 20 98.72 83.93 1.87
CA SER OA 20 97.49 83.97 1.07
C SER OA 20 96.22 83.73 1.88
N GLU OA 21 96.28 82.94 2.95
CA GLU OA 21 95.15 82.97 3.88
C GLU OA 21 95.58 82.44 5.25
N GLN OA 22 94.90 82.93 6.28
CA GLN OA 22 95.11 82.52 7.66
C GLN OA 22 93.75 82.26 8.29
N GLN OA 23 93.51 81.02 8.70
CA GLN OA 23 92.31 80.67 9.44
C GLN OA 23 92.71 80.37 10.88
N GLY OA 24 91.83 79.69 11.60
CA GLY OA 24 92.14 79.33 12.96
C GLY OA 24 93.33 78.41 13.03
N THR OA 25 93.21 77.24 12.39
CA THR OA 25 94.23 76.20 12.44
C THR OA 25 94.90 75.97 11.10
N LEU OA 26 94.61 76.81 10.10
CA LEU OA 26 95.08 76.61 8.74
C LEU OA 26 95.70 77.89 8.20
N PHE OA 27 96.77 77.73 7.41
CA PHE OA 27 97.36 78.85 6.69
C PHE OA 27 97.81 78.39 5.31
N ARG OA 28 98.03 79.37 4.44
CA ARG OA 28 98.39 79.10 3.06
C ARG OA 28 99.25 80.23 2.53
N PHE OA 29 100.42 79.88 2.01
CA PHE OA 29 101.35 80.73 1.29
C PHE OA 29 101.26 80.46 -0.21
N VAL OA 30 101.75 81.42 -0.99
CA VAL OA 30 101.64 81.38 -2.44
C VAL OA 30 102.93 81.91 -3.05
N ASP OA 31 103.44 81.24 -4.09
CA ASP OA 31 104.66 81.69 -4.75
C ASP OA 31 104.46 83.04 -5.41
N LYS OA 32 105.23 84.05 -4.96
CA LYS OA 32 105.08 85.40 -5.48
C LYS OA 32 105.34 85.46 -6.97
N SER OA 33 106.22 84.59 -7.48
CA SER OA 33 106.62 84.58 -8.88
C SER OA 33 105.52 84.08 -9.82
N GLY OA 34 104.32 83.83 -9.31
CA GLY OA 34 103.26 83.31 -10.16
C GLY OA 34 102.61 84.41 -10.98
N THR OA 35 102.39 84.12 -12.26
CA THR OA 35 101.70 85.05 -13.15
C THR OA 35 100.21 84.75 -13.28
N VAL OA 36 99.85 83.47 -13.26
CA VAL OA 36 98.48 83.04 -13.38
C VAL OA 36 98.18 82.14 -12.19
N ALA OA 37 96.88 81.96 -11.90
CA ALA OA 37 96.48 81.04 -10.85
C ALA OA 37 97.06 79.65 -11.08
N ASN OA 38 96.92 79.10 -12.29
CA ASN OA 38 97.47 77.78 -12.59
C ASN OA 38 98.99 77.79 -12.62
N ASN OA 39 99.59 78.92 -13.02
CA ASN OA 39 101.04 79.06 -12.97
C ASN OA 39 101.56 78.97 -11.54
N THR OA 40 100.74 79.34 -10.56
CA THR OA 40 101.21 79.69 -9.23
C THR OA 40 101.33 78.47 -8.31
N GLY OA 41 102.52 78.26 -7.75
CA GLY OA 41 102.71 77.24 -6.73
C GLY OA 41 102.17 77.70 -5.39
N VAL OA 42 101.83 76.73 -4.55
CA VAL OA 42 101.20 77.02 -3.26
C VAL OA 42 101.70 76.07 -2.19
N PHE OA 43 101.53 76.49 -0.94
CA PHE OA 43 101.88 75.68 0.22
C PHE OA 43 100.86 75.93 1.32
N SER OA 44 100.32 74.87 1.87
CA SER OA 44 99.27 74.99 2.86
C SER OA 44 99.55 74.04 4.02
N LEU OA 45 99.14 74.46 5.22
CA LEU OA 45 99.32 73.66 6.43
C LEU OA 45 98.10 73.80 7.32
N GLU OA 46 97.71 72.69 7.95
CA GLU OA 46 96.54 72.65 8.81
C GLU OA 46 96.81 71.70 9.97
N GLN OA 47 96.45 72.13 11.18
CA GLN OA 47 96.54 71.28 12.36
C GLN OA 47 95.13 70.88 12.81
N ARG OA 48 94.98 69.60 13.13
CA ARG OA 48 93.75 69.01 13.63
C ARG OA 48 94.07 68.44 15.00
N PHE OA 49 93.72 69.19 16.03
CA PHE OA 49 93.90 68.78 17.42
C PHE OA 49 92.75 67.87 17.82
N GLY OA 50 93.05 66.66 18.28
CA GLY OA 50 92.03 65.69 18.62
C GLY OA 50 91.62 65.77 20.08
N ALA OA 51 90.80 64.80 20.48
CA ALA OA 51 90.48 64.64 21.89
C ALA OA 51 91.72 64.15 22.65
N ALA OA 52 91.60 64.02 23.97
CA ALA OA 52 92.76 63.66 24.79
C ALA OA 52 93.23 62.23 24.50
N ASN OA 53 92.33 61.36 24.04
CA ASN OA 53 92.74 60.02 23.63
C ASN OA 53 93.28 59.98 22.22
N SER OA 54 93.13 61.07 21.46
CA SER OA 54 93.58 61.13 20.08
C SER OA 54 94.99 61.71 20.00
N ASN OA 55 95.58 61.58 18.81
CA ASN OA 55 96.82 62.26 18.49
C ASN OA 55 96.49 63.49 17.66
N ARG OA 56 97.18 64.59 17.92
CA ARG OA 56 97.02 65.73 17.03
C ARG OA 56 97.74 65.43 15.72
N LYS OA 57 97.19 65.95 14.63
CA LYS OA 57 97.73 65.70 13.31
C LYS OA 57 98.01 67.03 12.62
N VAL OA 58 99.17 67.14 11.99
CA VAL OA 58 99.51 68.34 11.21
C VAL OA 58 99.77 67.88 9.79
N THR OA 59 99.13 68.54 8.83
CA THR OA 59 99.27 68.17 7.43
C THR OA 59 99.71 69.37 6.61
N MET OA 60 100.56 69.11 5.63
CA MET OA 60 101.07 70.11 4.71
C MET OA 60 100.95 69.60 3.29
N LEU OA 61 100.57 70.50 2.40
CA LEU OA 61 100.52 70.24 0.97
C LEU OA 61 101.33 71.31 0.23
N LEU OA 62 102.26 70.86 -0.61
CA LEU OA 62 103.09 71.71 -1.46
C LEU OA 62 102.78 71.34 -2.90
N THR OA 63 102.35 72.34 -3.68
CA THR OA 63 101.97 72.15 -5.08
C THR OA 63 102.84 73.03 -5.96
N ASP OA 64 103.52 72.39 -6.93
CA ASP OA 64 104.42 73.09 -7.85
C ASP OA 64 104.04 72.78 -9.27
N PRO OA 65 103.23 73.63 -9.91
CA PRO OA 65 102.90 73.43 -11.32
C PRO OA 65 103.98 73.99 -12.24
N VAL OA 66 104.05 73.39 -13.45
CA VAL OA 66 105.00 73.78 -14.49
C VAL OA 66 104.27 73.74 -15.83
N VAL OA 67 104.71 74.58 -16.77
CA VAL OA 67 104.12 74.63 -18.11
C VAL OA 67 104.90 73.73 -19.05
N VAL OA 68 104.18 72.83 -19.74
CA VAL OA 68 104.77 71.94 -20.73
C VAL OA 68 104.11 72.15 -22.08
N MET OA 76 99.96 73.22 -21.98
CA MET OA 76 99.42 72.54 -20.80
C MET OA 76 100.28 72.78 -19.55
N THR OA 77 99.62 72.87 -18.39
CA THR OA 77 100.30 73.01 -17.10
C THR OA 77 100.06 71.75 -16.25
N ILE OA 78 101.15 71.21 -15.72
CA ILE OA 78 101.16 69.94 -15.01
C ILE OA 78 101.56 70.21 -13.57
N LYS OA 79 100.83 69.62 -12.62
CA LYS OA 79 101.02 69.88 -11.20
C LYS OA 79 101.59 68.64 -10.50
N ALA OA 80 102.59 68.86 -9.64
CA ALA OA 80 103.15 67.81 -8.79
C ALA OA 80 103.00 68.19 -7.33
N ASN OA 81 102.71 67.20 -6.49
CA ASN OA 81 102.36 67.45 -5.10
C ASN OA 81 103.31 66.73 -4.16
N ALA OA 82 103.67 67.39 -3.07
CA ALA OA 82 104.28 66.74 -1.93
C ALA OA 82 103.38 66.97 -0.72
N SER OA 83 103.14 65.93 0.06
CA SER OA 83 102.26 66.06 1.23
C SER OA 83 102.92 65.40 2.42
N VAL OA 84 103.05 66.15 3.50
CA VAL OA 84 103.64 65.65 4.75
C VAL OA 84 102.54 65.62 5.79
N THR OA 85 102.58 64.60 6.67
CA THR OA 85 101.62 64.47 7.76
C THR OA 85 102.35 63.99 9.01
N PHE OA 86 102.26 64.77 10.08
CA PHE OA 86 102.84 64.45 11.37
C PHE OA 86 101.73 63.99 12.30
N SER OA 87 101.80 62.73 12.74
CA SER OA 87 100.89 62.20 13.76
C SER OA 87 101.63 62.20 15.09
N LEU OA 88 101.18 63.04 16.01
CA LEU OA 88 101.90 63.31 17.26
C LEU OA 88 100.97 63.05 18.43
N PRO OA 89 101.24 62.02 19.23
CA PRO OA 89 100.49 61.83 20.47
C PRO OA 89 100.79 62.93 21.46
N LYS OA 90 99.79 63.25 22.28
CA LYS OA 90 99.94 64.40 23.17
C LYS OA 90 100.99 64.14 24.25
N THR OA 91 101.02 62.93 24.80
CA THR OA 91 102.01 62.58 25.82
C THR OA 91 103.44 62.61 25.28
N TYR OA 92 103.60 62.57 23.95
CA TYR OA 92 104.93 62.57 23.35
C TYR OA 92 105.62 63.91 23.55
N PRO OA 93 106.91 63.94 23.90
CA PRO OA 93 107.53 65.21 24.32
C PRO OA 93 107.93 66.12 23.15
N ASN OA 94 107.69 67.41 23.34
CA ASN OA 94 107.93 68.40 22.30
C ASN OA 94 109.37 68.36 21.80
N GLU OA 95 110.33 68.08 22.69
CA GLU OA 95 111.72 68.00 22.28
C GLU OA 95 111.93 66.91 21.23
N HIS OA 96 111.44 65.70 21.52
CA HIS OA 96 111.56 64.61 20.55
C HIS OA 96 110.77 64.87 19.27
N ILE OA 97 109.71 65.70 19.33
CA ILE OA 97 109.05 66.10 18.09
C ILE OA 97 109.97 66.96 17.22
N THR OA 98 110.61 67.97 17.84
CA THR OA 98 111.57 68.78 17.07
C THR OA 98 112.63 67.88 16.46
N LYS OA 99 113.11 66.89 17.22
CA LYS OA 99 114.04 65.90 16.68
C LYS OA 99 113.49 65.21 15.44
N LEU OA 100 112.26 64.70 15.55
CA LEU OA 100 111.64 63.99 14.42
C LEU OA 100 111.62 64.85 13.17
N ARG OA 101 111.16 66.10 13.30
CA ARG OA 101 111.11 66.99 12.14
C ARG OA 101 112.49 67.17 11.52
N GLN OA 102 113.50 67.42 12.35
CA GLN OA 102 114.83 67.65 11.80
C GLN OA 102 115.37 66.41 11.08
N THR OA 103 115.14 65.22 11.64
CA THR OA 103 115.61 64.01 10.97
C THR OA 103 114.88 63.76 9.66
N LEU OA 104 113.60 64.15 9.57
CA LEU OA 104 112.91 64.04 8.29
C LEU OA 104 113.57 64.95 7.26
N ILE OA 105 113.91 66.18 7.66
CA ILE OA 105 114.66 67.06 6.75
C ILE OA 105 115.94 66.39 6.27
N ALA OA 106 116.71 65.85 7.23
CA ALA OA 106 117.97 65.18 6.88
C ALA OA 106 117.74 64.04 5.90
N TRP OA 107 116.70 63.24 6.13
CA TRP OA 107 116.40 62.13 5.24
C TRP OA 107 116.08 62.62 3.83
N LEU OA 108 115.21 63.62 3.73
CA LEU OA 108 114.87 64.20 2.44
C LEU OA 108 116.08 64.77 1.72
N GLY OA 109 117.16 65.03 2.44
CA GLY OA 109 118.42 65.38 1.81
C GLY OA 109 119.15 64.26 1.09
N GLN OA 110 119.00 63.03 1.57
CA GLN OA 110 119.90 61.94 1.19
C GLN OA 110 119.65 61.44 -0.23
N GLN OA 111 120.67 60.78 -0.77
CA GLN OA 111 120.59 60.26 -2.14
C GLN OA 111 119.57 59.15 -2.25
N CYS OA 112 119.52 58.26 -1.24
CA CYS OA 112 118.58 57.16 -1.29
C CYS OA 112 117.13 57.63 -1.36
N VAL OA 113 116.87 58.88 -1.01
CA VAL OA 113 115.56 59.49 -1.16
C VAL OA 113 115.46 60.30 -2.45
N SER OA 114 116.52 61.02 -2.83
CA SER OA 114 116.44 61.86 -4.01
C SER OA 114 116.34 61.01 -5.28
N ASP OA 115 117.09 59.91 -5.37
CA ASP OA 115 117.10 59.10 -6.56
C ASP OA 115 115.70 58.59 -6.97
N PRO OA 116 114.91 58.02 -6.04
CA PRO OA 116 113.54 57.66 -6.47
C PRO OA 116 112.63 58.85 -6.66
N VAL OA 117 112.67 59.85 -5.76
CA VAL OA 117 111.80 61.02 -5.91
C VAL OA 117 112.15 61.78 -7.19
N ASP OA 118 113.41 62.22 -7.30
CA ASP OA 118 113.78 63.12 -8.40
C ASP OA 118 113.67 62.43 -9.75
N SER OA 119 114.35 61.28 -9.91
CA SER OA 119 114.46 60.65 -11.22
C SER OA 119 113.81 59.29 -11.33
N GLY OA 120 113.34 58.70 -10.24
CA GLY OA 120 112.70 57.41 -10.30
C GLY OA 120 113.60 56.21 -10.16
N LEU OA 121 114.89 56.41 -9.88
CA LEU OA 121 115.80 55.30 -9.64
C LEU OA 121 115.51 54.70 -8.26
N ASN OA 122 115.23 53.40 -8.23
CA ASN OA 122 115.13 52.74 -6.94
C ASN OA 122 116.52 52.35 -6.46
N ASN OA 123 116.62 52.08 -5.16
CA ASN OA 123 117.90 51.71 -4.58
C ASN OA 123 118.06 50.20 -4.64
N TYR OA 124 119.32 49.78 -4.80
CA TYR OA 124 119.62 48.38 -5.01
C TYR OA 124 120.86 47.99 -4.25
N MET PA 1 90.40 94.84 17.28
CA MET PA 1 91.79 94.90 17.70
C MET PA 1 92.63 93.92 16.90
N ARG PA 2 93.84 94.34 16.53
CA ARG PA 2 94.82 93.43 15.92
C ARG PA 2 95.37 92.50 16.99
N LEU PA 3 94.96 91.25 16.97
CA LEU PA 3 95.31 90.33 18.03
C LEU PA 3 96.80 90.06 18.04
N THR PA 4 97.41 90.20 19.21
CA THR PA 4 98.78 89.77 19.45
C THR PA 4 98.87 89.21 20.86
N ASP PA 5 99.97 88.51 21.13
CA ASP PA 5 100.20 87.92 22.44
C ASP PA 5 100.05 88.99 23.51
N VAL PA 6 99.59 88.59 24.69
CA VAL PA 6 99.42 89.54 25.78
C VAL PA 6 100.07 88.97 27.05
N ASP PA 7 100.43 89.90 27.94
CA ASP PA 7 100.94 89.58 29.26
C ASP PA 7 100.03 90.26 30.27
N LEU PA 8 99.58 89.51 31.27
CA LEU PA 8 98.65 89.98 32.27
C LEU PA 8 99.35 90.14 33.60
N THR PA 9 99.00 91.21 34.31
CA THR PA 9 99.49 91.44 35.65
C THR PA 9 98.49 90.82 36.62
N VAL PA 10 98.92 89.79 37.35
CA VAL PA 10 98.04 89.00 38.21
C VAL PA 10 98.57 89.07 39.63
N GLY PA 11 97.98 89.93 40.45
CA GLY PA 11 98.49 90.14 41.78
C GLY PA 11 99.94 90.58 41.73
N GLU PA 12 100.84 89.72 42.20
CA GLU PA 12 102.26 90.02 42.22
C GLU PA 12 103.06 89.10 41.31
N GLU PA 13 102.42 88.55 40.29
CA GLU PA 13 103.10 87.75 39.28
C GLU PA 13 102.68 88.23 37.90
N THR PA 14 103.41 87.78 36.90
CA THR PA 14 103.09 88.10 35.51
C THR PA 14 102.79 86.83 34.75
N ARG PA 15 101.66 86.82 34.06
CA ARG PA 15 101.14 85.66 33.34
C ARG PA 15 101.26 85.95 31.85
N GLU PA 16 101.91 85.05 31.11
CA GLU PA 16 102.18 85.30 29.70
C GLU PA 16 101.36 84.36 28.83
N TYR PA 17 100.47 84.92 28.01
CA TYR PA 17 99.69 84.15 27.08
C TYR PA 17 100.19 84.40 25.66
N ALA PA 18 99.90 83.45 24.78
CA ALA PA 18 100.23 83.53 23.36
C ALA PA 18 99.02 83.14 22.54
N VAL PA 19 98.83 83.82 21.40
CA VAL PA 19 97.70 83.52 20.55
C VAL PA 19 97.83 82.11 20.03
N SER PA 20 96.80 81.29 20.28
CA SER PA 20 96.76 79.93 19.79
C SER PA 20 95.83 79.72 18.60
N GLU PA 21 94.78 80.52 18.45
CA GLU PA 21 94.06 80.55 17.19
C GLU PA 21 93.20 81.81 17.11
N GLN PA 22 92.97 82.28 15.89
CA GLN PA 22 92.09 83.42 15.66
C GLN PA 22 91.18 83.11 14.49
N GLN PA 23 89.86 83.12 14.75
CA GLN PA 23 88.83 82.95 13.73
C GLN PA 23 88.02 84.24 13.65
N GLY PA 24 86.98 84.20 12.81
CA GLY PA 24 86.21 85.42 12.54
C GLY PA 24 85.56 85.97 13.78
N THR PA 25 84.90 85.10 14.56
CA THR PA 25 84.17 85.49 15.76
C THR PA 25 84.75 84.87 17.03
N LEU PA 26 85.86 84.15 16.92
CA LEU PA 26 86.43 83.39 18.03
C LEU PA 26 87.94 83.57 18.06
N PHE PA 27 88.50 83.57 19.27
CA PHE PA 27 89.95 83.52 19.45
C PHE PA 27 90.30 82.76 20.71
N ARG PA 28 91.54 82.29 20.75
CA ARG PA 28 92.05 81.47 21.84
C ARG PA 28 93.50 81.78 22.10
N PHE PA 29 93.80 82.04 23.39
CA PHE PA 29 95.13 82.19 23.94
C PHE PA 29 95.49 80.98 24.79
N VAL PA 30 96.80 80.72 24.90
CA VAL PA 30 97.35 79.64 25.71
C VAL PA 30 98.46 80.19 26.60
N ASP PA 31 98.51 79.71 27.86
CA ASP PA 31 99.57 80.12 28.78
C ASP PA 31 100.92 79.62 28.30
N LYS PA 32 101.87 80.55 28.14
CA LYS PA 32 103.17 80.23 27.57
C LYS PA 32 103.97 79.24 28.42
N SER PA 33 103.59 79.05 29.68
CA SER PA 33 104.31 78.13 30.57
C SER PA 33 103.93 76.68 30.37
N GLY PA 34 103.20 76.33 29.30
CA GLY PA 34 102.60 75.03 29.16
C GLY PA 34 103.03 74.26 27.91
N THR PA 35 102.66 72.98 27.90
CA THR PA 35 102.92 72.04 26.82
C THR PA 35 101.59 71.42 26.41
N VAL PA 36 101.57 70.81 25.21
CA VAL PA 36 100.43 69.96 24.87
C VAL PA 36 100.27 68.87 25.92
N ALA PA 37 101.39 68.30 26.38
CA ALA PA 37 101.33 67.24 27.37
C ALA PA 37 100.84 67.79 28.71
N ASN PA 38 101.46 68.86 29.19
CA ASN PA 38 101.08 69.46 30.47
C ASN PA 38 100.62 70.88 30.20
N ASN PA 39 99.31 71.07 30.06
CA ASN PA 39 98.74 72.39 29.85
C ASN PA 39 98.57 73.12 31.16
N THR PA 40 98.72 74.45 31.10
CA THR PA 40 98.72 75.27 32.29
C THR PA 40 97.65 76.36 32.30
N GLY PA 41 97.03 76.64 31.16
CA GLY PA 41 95.99 77.65 31.11
C GLY PA 41 95.54 77.94 29.70
N VAL PA 42 94.25 78.18 29.53
CA VAL PA 42 93.71 78.57 28.23
C VAL PA 42 92.64 79.62 28.45
N PHE PA 43 92.51 80.50 27.47
CA PHE PA 43 91.45 81.51 27.46
C PHE PA 43 90.86 81.55 26.06
N SER PA 44 89.53 81.60 25.99
CA SER PA 44 88.86 81.61 24.70
C SER PA 44 87.67 82.56 24.77
N LEU PA 45 87.38 83.21 23.65
CA LEU PA 45 86.27 84.16 23.58
C LEU PA 45 85.60 84.05 22.21
N GLU PA 46 84.26 84.11 22.21
CA GLU PA 46 83.47 84.02 21.01
C GLU PA 46 82.31 84.99 21.09
N GLN PA 47 82.01 85.67 19.97
CA GLN PA 47 80.83 86.50 19.87
C GLN PA 47 79.84 85.88 18.90
N ARG PA 48 78.61 85.69 19.36
CA ARG PA 48 77.48 85.35 18.50
C ARG PA 48 76.67 86.62 18.35
N PHE PA 49 76.93 87.36 17.27
CA PHE PA 49 76.11 88.50 16.92
C PHE PA 49 74.75 87.99 16.47
N GLY PA 50 73.72 88.33 17.23
CA GLY PA 50 72.41 87.75 17.01
C GLY PA 50 71.68 88.30 15.81
N ALA PA 51 70.51 87.71 15.55
CA ALA PA 51 69.59 88.26 14.56
C ALA PA 51 69.18 89.68 14.97
N ALA PA 52 68.61 90.41 14.01
CA ALA PA 52 68.32 91.82 14.22
C ALA PA 52 67.36 92.04 15.40
N ASN PA 53 66.55 91.04 15.73
CA ASN PA 53 65.65 91.14 16.86
C ASN PA 53 66.32 90.75 18.17
N SER PA 54 67.29 89.85 18.13
CA SER PA 54 67.89 89.27 19.33
C SER PA 54 69.05 90.12 19.84
N ASN PA 55 69.46 89.83 21.07
CA ASN PA 55 70.67 90.40 21.64
C ASN PA 55 71.89 89.68 21.09
N ARG PA 56 73.02 90.37 21.08
CA ARG PA 56 74.27 89.69 20.78
C ARG PA 56 74.88 89.17 22.06
N LYS PA 57 75.59 88.05 21.95
CA LYS PA 57 76.18 87.37 23.09
C LYS PA 57 77.69 87.30 22.91
N VAL PA 58 78.41 87.53 23.99
CA VAL PA 58 79.85 87.34 24.01
C VAL PA 58 80.16 86.40 25.18
N THR PA 59 80.90 85.34 24.90
CA THR PA 59 81.20 84.35 25.93
C THR PA 59 82.71 84.14 26.02
N MET PA 60 83.18 83.96 27.24
CA MET PA 60 84.58 83.72 27.55
C MET PA 60 84.70 82.53 28.48
N LEU PA 61 85.71 81.70 28.21
CA LEU PA 61 86.06 80.58 29.06
C LEU PA 61 87.54 80.66 29.42
N LEU PA 62 87.82 80.66 30.72
CA LEU PA 62 89.16 80.62 31.26
C LEU PA 62 89.32 79.30 31.99
N THR PA 63 90.33 78.51 31.62
CA THR PA 63 90.56 77.21 32.23
C THR PA 63 91.98 77.14 32.76
N ASP PA 64 92.09 76.85 34.06
CA ASP PA 64 93.39 76.69 34.72
C ASP PA 64 93.46 75.26 35.25
N PRO PA 65 94.28 74.41 34.63
CA PRO PA 65 94.52 73.08 35.17
C PRO PA 65 95.75 73.05 36.07
N VAL PA 66 95.67 72.19 37.09
CA VAL PA 66 96.72 71.99 38.07
C VAL PA 66 96.90 70.49 38.29
N VAL PA 67 98.13 70.08 38.51
CA VAL PA 67 98.41 68.70 38.87
C VAL PA 67 98.29 68.56 40.38
N VAL PA 68 97.68 67.46 40.81
CA VAL PA 68 97.44 67.17 42.22
C VAL PA 68 97.74 65.70 42.46
N LYS PA 69 98.44 65.40 43.54
CA LYS PA 69 98.67 64.02 43.92
C LYS PA 69 97.37 63.39 44.37
N ASP PA 70 97.21 62.10 44.07
CA ASP PA 70 96.02 61.35 44.41
C ASP PA 70 96.20 60.65 45.76
N ALA PA 71 95.08 60.19 46.33
CA ALA PA 71 95.16 59.36 47.52
C ALA PA 71 95.97 58.09 47.24
N SER PA 72 95.89 57.57 46.02
CA SER PA 72 96.72 56.46 45.57
C SER PA 72 98.15 56.89 45.26
N GLY PA 73 98.47 58.18 45.36
CA GLY PA 73 99.76 58.69 44.98
C GLY PA 73 99.89 59.10 43.52
N ALA PA 74 99.08 58.50 42.65
CA ALA PA 74 99.14 58.81 41.22
C ALA PA 74 98.93 60.30 40.96
N ASP PA 75 99.57 60.79 39.91
CA ASP PA 75 99.42 62.19 39.54
C ASP PA 75 98.15 62.38 38.71
N MET PA 76 97.38 63.41 39.05
CA MET PA 76 96.04 63.61 38.50
C MET PA 76 95.89 65.08 38.13
N THR PA 77 95.50 65.35 36.88
CA THR PA 77 95.35 66.72 36.41
C THR PA 77 93.89 67.15 36.57
N ILE PA 78 93.68 68.31 37.20
CA ILE PA 78 92.36 68.79 37.58
C ILE PA 78 92.19 70.20 37.02
N LYS PA 79 91.04 70.47 36.41
CA LYS PA 79 90.77 71.76 35.81
C LYS PA 79 89.74 72.53 36.62
N ALA PA 80 89.95 73.83 36.75
CA ALA PA 80 88.98 74.77 37.29
C ALA PA 80 88.61 75.77 36.20
N ASN PA 81 87.32 76.09 36.10
CA ASN PA 81 86.84 76.90 34.99
C ASN PA 81 86.15 78.15 35.50
N ALA PA 82 86.30 79.22 34.73
CA ALA PA 82 85.52 80.44 34.91
C ALA PA 82 84.94 80.80 33.56
N SER PA 83 83.65 81.13 33.53
CA SER PA 83 82.99 81.47 32.27
C SER PA 83 82.18 82.74 32.46
N VAL PA 84 82.38 83.69 31.55
CA VAL PA 84 81.66 84.96 31.57
C VAL PA 84 80.84 85.06 30.29
N THR PA 85 79.62 85.61 30.42
CA THR PA 85 78.75 85.80 29.26
C THR PA 85 78.08 87.17 29.37
N PHE PA 86 78.25 87.97 28.32
CA PHE PA 86 77.63 89.27 28.18
C PHE PA 86 76.47 89.15 27.21
N SER PA 87 75.26 89.43 27.68
CA SER PA 87 74.09 89.54 26.81
C SER PA 87 73.81 91.02 26.65
N LEU PA 88 74.02 91.50 25.43
CA LEU PA 88 73.97 92.93 25.12
C LEU PA 88 72.95 93.17 24.02
N PRO PA 89 71.82 93.80 24.33
CA PRO PA 89 70.85 94.16 23.30
C PRO PA 89 71.43 95.21 22.36
N LYS PA 90 70.93 95.21 21.12
CA LYS PA 90 71.47 96.11 20.12
C LYS PA 90 71.23 97.57 20.50
N THR PA 91 70.03 97.89 20.99
CA THR PA 91 69.68 99.26 21.32
C THR PA 91 70.43 99.79 22.54
N TYR PA 92 71.09 98.91 23.29
CA TYR PA 92 71.85 99.33 24.46
C TYR PA 92 73.10 100.10 24.02
N PRO PA 93 73.42 101.24 24.65
CA PRO PA 93 74.53 102.07 24.15
C PRO PA 93 75.91 101.55 24.55
N ASN PA 94 76.84 101.63 23.61
CA ASN PA 94 78.19 101.12 23.82
C ASN PA 94 78.82 101.70 25.09
N GLU PA 95 78.50 102.95 25.42
CA GLU PA 95 79.03 103.57 26.63
C GLU PA 95 78.63 102.79 27.87
N HIS PA 96 77.33 102.57 28.08
CA HIS PA 96 76.88 101.81 29.24
C HIS PA 96 77.36 100.37 29.21
N ILE PA 97 77.65 99.81 28.03
CA ILE PA 97 78.29 98.49 27.99
C ILE PA 97 79.67 98.53 28.64
N THR PA 98 80.51 99.50 28.25
CA THR PA 98 81.83 99.60 28.89
C THR PA 98 81.67 99.78 30.39
N LYS PA 99 80.69 100.58 30.80
CA LYS PA 99 80.36 100.73 32.22
C LYS PA 99 80.11 99.38 32.89
N LEU PA 100 79.26 98.56 32.26
CA LEU PA 100 78.94 97.24 32.80
C LEU PA 100 80.20 96.40 32.97
N ARG PA 101 81.05 96.34 31.93
CA ARG PA 101 82.26 95.53 32.01
C ARG PA 101 83.15 95.99 33.16
N GLN PA 102 83.33 97.30 33.30
CA GLN PA 102 84.22 97.79 34.35
C GLN PA 102 83.65 97.51 35.73
N THR PA 103 82.33 97.69 35.93
CA THR PA 103 81.74 97.36 37.23
C THR PA 103 81.88 95.87 37.53
N LEU PA 104 81.84 95.01 36.51
CA LEU PA 104 82.06 93.59 36.76
C LEU PA 104 83.48 93.33 37.23
N ILE PA 105 84.47 93.97 36.60
CA ILE PA 105 85.85 93.85 37.10
C ILE PA 105 85.93 94.28 38.56
N ALA PA 106 85.33 95.42 38.88
CA ALA PA 106 85.35 95.92 40.25
C ALA PA 106 84.75 94.90 41.21
N TRP PA 107 83.59 94.35 40.86
CA TRP PA 107 82.95 93.37 41.71
C TRP PA 107 83.84 92.15 41.92
N LEU PA 108 84.44 91.65 40.84
CA LEU PA 108 85.31 90.48 40.92
C LEU PA 108 86.50 90.71 41.83
N GLY PA 109 86.90 91.98 42.00
CA GLY PA 109 87.94 92.31 42.96
C GLY PA 109 87.51 92.27 44.42
N GLN PA 110 86.22 92.45 44.69
CA GLN PA 110 85.73 92.65 46.04
C GLN PA 110 85.87 91.40 46.90
N GLN PA 111 85.91 91.62 48.21
CA GLN PA 111 86.04 90.49 49.11
C GLN PA 111 84.75 89.68 49.22
N CYS PA 112 83.59 90.34 49.12
CA CYS PA 112 82.34 89.59 49.16
C CYS PA 112 82.21 88.63 47.99
N VAL PA 113 82.96 88.86 46.92
CA VAL PA 113 83.00 87.94 45.80
C VAL PA 113 84.15 86.95 45.93
N SER PA 114 85.32 87.41 46.40
CA SER PA 114 86.48 86.53 46.47
C SER PA 114 86.32 85.46 47.53
N ASP PA 115 85.77 85.81 48.70
CA ASP PA 115 85.65 84.84 49.78
C ASP PA 115 84.87 83.59 49.39
N PRO PA 116 83.68 83.68 48.77
CA PRO PA 116 83.02 82.44 48.34
C PRO PA 116 83.73 81.76 47.17
N VAL PA 117 84.20 82.54 46.20
CA VAL PA 117 84.89 81.94 45.05
C VAL PA 117 86.18 81.28 45.50
N ASP PA 118 87.05 82.01 46.20
CA ASP PA 118 88.38 81.51 46.50
C ASP PA 118 88.34 80.41 47.56
N SER PA 119 87.60 80.63 48.65
CA SER PA 119 87.68 79.76 49.82
C SER PA 119 86.41 78.98 50.10
N GLY PA 120 85.33 79.23 49.37
CA GLY PA 120 84.09 78.51 49.62
C GLY PA 120 83.30 78.95 50.83
N LEU PA 121 83.68 80.07 51.46
CA LEU PA 121 82.94 80.60 52.59
C LEU PA 121 81.87 81.57 52.09
N ASN PA 122 80.64 81.40 52.59
CA ASN PA 122 79.59 82.33 52.23
C ASN PA 122 79.66 83.59 53.08
N ASN PA 123 78.95 84.62 52.63
CA ASN PA 123 78.92 85.88 53.36
C ASN PA 123 77.77 85.88 54.36
N TYR PA 124 77.82 86.83 55.29
CA TYR PA 124 76.85 86.92 56.37
C TYR PA 124 76.64 88.38 56.86
N MET QA 1 58.71 -116.60 26.01
CA MET QA 1 60.03 -117.20 26.18
C MET QA 1 61.00 -116.22 26.83
N ARG QA 2 61.81 -116.72 27.78
CA ARG QA 2 62.88 -115.91 28.34
C ARG QA 2 63.91 -115.63 27.25
N LEU QA 3 64.06 -114.36 26.90
CA LEU QA 3 64.90 -113.99 25.77
C LEU QA 3 66.36 -114.30 26.04
N THR QA 4 67.04 -114.75 25.00
CA THR QA 4 68.48 -114.98 25.03
C THR QA 4 69.04 -114.57 23.68
N ASP QA 5 70.34 -114.25 23.67
CA ASP QA 5 71.00 -113.97 22.39
C ASP QA 5 70.73 -115.12 21.44
N VAL QA 6 70.70 -114.81 20.14
CA VAL QA 6 70.23 -115.76 19.14
C VAL QA 6 71.31 -115.93 18.09
N ASP QA 7 71.53 -117.17 17.68
CA ASP QA 7 72.45 -117.48 16.60
C ASP QA 7 71.66 -118.18 15.50
N LEU QA 8 71.66 -117.59 14.31
CA LEU QA 8 70.90 -118.07 13.17
C LEU QA 8 71.86 -118.68 12.15
N THR QA 9 71.44 -119.80 11.58
CA THR QA 9 72.17 -120.38 10.45
C THR QA 9 71.54 -119.84 9.18
N VAL QA 10 72.33 -119.13 8.37
CA VAL QA 10 71.84 -118.42 7.21
C VAL QA 10 72.62 -118.91 6.00
N GLY QA 11 71.97 -119.73 5.17
CA GLY QA 11 72.66 -120.32 4.06
C GLY QA 11 73.86 -121.10 4.54
N GLU QA 12 75.05 -120.60 4.23
CA GLU QA 12 76.27 -121.29 4.62
C GLU QA 12 77.11 -120.45 5.57
N GLU QA 13 76.50 -119.48 6.24
CA GLU QA 13 77.16 -118.64 7.22
C GLU QA 13 76.34 -118.69 8.50
N THR QA 14 76.92 -118.17 9.59
CA THR QA 14 76.21 -118.07 10.86
C THR QA 14 76.18 -116.62 11.32
N ARG QA 15 74.98 -116.15 11.63
CA ARG QA 15 74.72 -114.76 12.00
C ARG QA 15 74.35 -114.71 13.48
N GLU QA 16 75.00 -113.82 14.24
CA GLU QA 16 74.82 -113.76 15.69
C GLU QA 16 74.17 -112.43 16.07
N TYR QA 17 73.03 -112.51 16.75
CA TYR QA 17 72.30 -111.36 17.24
C TYR QA 17 72.31 -111.36 18.77
N ALA QA 18 72.22 -110.16 19.32
CA ALA QA 18 72.15 -109.95 20.76
C ALA QA 18 70.95 -109.10 21.12
N VAL QA 19 70.35 -109.39 22.27
CA VAL QA 19 69.18 -108.65 22.73
C VAL QA 19 69.55 -107.20 22.98
N SER QA 20 68.81 -106.28 22.36
CA SER QA 20 69.02 -104.85 22.56
C SER QA 20 67.97 -104.21 23.45
N GLU QA 21 66.69 -104.58 23.33
CA GLU QA 21 65.73 -104.12 24.33
C GLU QA 21 64.51 -105.05 24.33
N GLN QA 22 63.85 -105.13 25.48
CA GLN QA 22 62.64 -105.93 25.61
C GLN QA 22 61.61 -105.14 26.40
N GLN QA 23 60.44 -104.96 25.81
CA GLN QA 23 59.30 -104.34 26.44
C GLN QA 23 58.22 -105.39 26.64
N GLY QA 24 57.05 -104.95 27.10
CA GLY QA 24 55.99 -105.88 27.38
C GLY QA 24 55.55 -106.65 26.14
N THR QA 25 55.39 -105.94 25.03
CA THR QA 25 54.93 -106.54 23.78
C THR QA 25 55.89 -106.27 22.63
N LEU QA 26 57.13 -105.88 22.92
CA LEU QA 26 58.09 -105.53 21.88
C LEU QA 26 59.48 -105.99 22.30
N PHE QA 27 60.27 -106.42 21.31
CA PHE QA 27 61.69 -106.69 21.54
C PHE QA 27 62.50 -106.36 20.29
N ARG QA 28 63.80 -106.19 20.51
CA ARG QA 28 64.73 -105.82 19.46
C ARG QA 28 66.09 -106.47 19.71
N PHE QA 29 66.59 -107.13 18.67
CA PHE QA 29 67.92 -107.68 18.56
C PHE QA 29 68.78 -106.84 17.61
N VAL QA 30 70.09 -106.88 17.85
CA VAL QA 30 71.08 -106.22 17.00
C VAL QA 30 72.12 -107.25 16.56
N ASP QA 31 72.57 -107.12 15.31
CA ASP QA 31 73.62 -107.99 14.78
C ASP QA 31 74.94 -107.70 15.49
N LYS QA 32 75.53 -108.73 16.10
CA LYS QA 32 76.79 -108.56 16.84
C LYS QA 32 77.94 -108.12 15.95
N SER QA 33 77.78 -108.14 14.63
CA SER QA 33 78.81 -107.67 13.72
C SER QA 33 79.04 -106.17 13.81
N GLY QA 34 78.13 -105.43 14.45
CA GLY QA 34 78.09 -103.99 14.33
C GLY QA 34 78.25 -103.24 15.65
N THR QA 35 78.43 -101.93 15.51
CA THR QA 35 78.58 -100.96 16.59
C THR QA 35 77.35 -100.09 16.65
N VAL QA 36 77.17 -99.39 17.77
CA VAL QA 36 76.31 -98.22 17.79
C VAL QA 36 76.62 -97.33 16.60
N ALA QA 37 77.91 -97.03 16.40
CA ALA QA 37 78.34 -96.19 15.30
C ALA QA 37 77.96 -96.79 13.95
N ASN QA 38 78.51 -97.96 13.65
CA ASN QA 38 78.25 -98.63 12.38
C ASN QA 38 77.40 -99.87 12.67
N ASN QA 39 76.18 -99.89 12.14
CA ASN QA 39 75.23 -100.98 12.37
C ASN QA 39 75.22 -101.93 11.18
N THR QA 40 75.18 -103.24 11.48
CA THR QA 40 75.15 -104.27 10.47
C THR QA 40 73.79 -104.93 10.30
N GLY QA 41 72.89 -104.82 11.28
CA GLY QA 41 71.60 -105.45 11.17
C GLY QA 41 70.73 -105.26 12.40
N VAL QA 42 69.42 -105.21 12.21
CA VAL QA 42 68.50 -105.04 13.31
C VAL QA 42 67.25 -105.88 13.05
N PHE QA 43 66.69 -106.40 14.14
CA PHE QA 43 65.43 -107.13 14.07
C PHE QA 43 64.53 -106.68 15.22
N SER QA 44 63.27 -106.43 14.91
CA SER QA 44 62.31 -105.95 15.90
C SER QA 44 60.98 -106.67 15.69
N LEU QA 45 60.30 -106.96 16.81
CA LEU QA 45 59.02 -107.64 16.78
C LEU QA 45 58.09 -107.03 17.83
N GLU QA 46 56.83 -106.77 17.44
CA GLU QA 46 55.83 -106.19 18.33
C GLU QA 46 54.47 -106.86 18.12
N GLN QA 47 53.77 -107.16 19.21
CA GLN QA 47 52.43 -107.71 19.16
C GLN QA 47 51.42 -106.67 19.66
N ARG QA 48 50.28 -106.61 18.97
CA ARG QA 48 49.19 -105.71 19.29
C ARG QA 48 47.93 -106.55 19.43
N PHE QA 49 47.56 -106.81 20.69
CA PHE QA 49 46.35 -107.55 21.04
C PHE QA 49 45.18 -106.56 21.00
N GLY QA 50 44.26 -106.76 20.06
CA GLY QA 50 43.12 -105.87 19.91
C GLY QA 50 41.98 -106.23 20.85
N ALA QA 51 40.81 -105.64 20.59
CA ALA QA 51 39.62 -106.03 21.32
C ALA QA 51 39.15 -107.42 20.85
N ALA QA 52 38.17 -107.98 21.57
CA ALA QA 52 37.71 -109.33 21.29
C ALA QA 52 37.09 -109.45 19.90
N ASN QA 53 36.62 -108.36 19.32
CA ASN QA 53 36.17 -108.36 17.93
C ASN QA 53 37.32 -108.12 16.96
N SER QA 54 38.47 -107.67 17.44
CA SER QA 54 39.62 -107.36 16.59
C SER QA 54 40.57 -108.54 16.52
N ASN QA 55 41.26 -108.66 15.38
CA ASN QA 55 42.33 -109.62 15.24
C ASN QA 55 43.58 -109.10 15.93
N ARG QA 56 44.26 -109.97 16.67
CA ARG QA 56 45.56 -109.57 17.17
C ARG QA 56 46.55 -109.56 16.01
N LYS QA 57 47.53 -108.69 16.11
CA LYS QA 57 48.47 -108.47 15.01
C LYS QA 57 49.89 -108.56 15.53
N VAL QA 58 50.78 -109.08 14.70
CA VAL QA 58 52.18 -109.29 15.08
C VAL QA 58 53.05 -108.83 13.93
N THR QA 59 53.97 -107.90 14.19
CA THR QA 59 54.74 -107.30 13.12
C THR QA 59 56.24 -107.38 13.40
N MET QA 60 57.00 -107.71 12.36
CA MET QA 60 58.44 -107.88 12.40
C MET QA 60 59.07 -106.96 11.37
N LEU QA 61 60.20 -106.36 11.75
CA LEU QA 61 61.01 -105.57 10.85
C LEU QA 61 62.46 -106.04 10.93
N LEU QA 62 63.01 -106.43 9.78
CA LEU QA 62 64.39 -106.85 9.64
C LEU QA 62 65.08 -105.84 8.72
N THR QA 63 66.11 -105.19 9.24
CA THR QA 63 66.85 -104.17 8.49
C THR QA 63 68.29 -104.60 8.33
N ASP QA 64 68.77 -104.60 7.08
CA ASP QA 64 70.16 -104.93 6.75
C ASP QA 64 70.79 -103.77 6.02
N PRO QA 65 71.64 -103.01 6.69
CA PRO QA 65 72.39 -101.96 6.00
C PRO QA 65 73.73 -102.46 5.50
N VAL QA 66 74.13 -101.93 4.34
CA VAL QA 66 75.38 -102.28 3.67
C VAL QA 66 76.04 -100.98 3.23
N VAL QA 67 77.38 -100.96 3.29
CA VAL QA 67 78.12 -99.83 2.76
C VAL QA 67 78.43 -100.09 1.30
N VAL QA 68 78.12 -99.09 0.45
CA VAL QA 68 78.29 -99.16 -0.99
C VAL QA 68 79.12 -97.99 -1.44
N LYS QA 69 79.88 -98.18 -2.51
CA LYS QA 69 80.66 -97.12 -3.13
C LYS QA 69 79.73 -96.13 -3.83
N ASP QA 70 80.02 -94.85 -3.65
CA ASP QA 70 79.30 -93.80 -4.35
C ASP QA 70 79.73 -93.77 -5.82
N ALA QA 71 78.89 -93.13 -6.65
CA ALA QA 71 79.29 -92.89 -8.04
C ALA QA 71 80.54 -92.01 -8.10
N SER QA 72 80.70 -91.10 -7.13
CA SER QA 72 81.93 -90.34 -6.97
C SER QA 72 83.02 -91.17 -6.30
N GLY QA 73 82.64 -92.14 -5.48
CA GLY QA 73 83.58 -92.98 -4.76
C GLY QA 73 83.44 -92.92 -3.25
N ALA QA 74 82.67 -91.98 -2.72
CA ALA QA 74 82.50 -91.85 -1.28
C ALA QA 74 81.84 -93.10 -0.69
N ASP QA 75 82.01 -93.27 0.62
CA ASP QA 75 81.38 -94.35 1.34
C ASP QA 75 79.95 -93.95 1.71
N MET QA 76 78.98 -94.79 1.37
CA MET QA 76 77.58 -94.45 1.61
C MET QA 76 76.86 -95.67 2.16
N THR QA 77 76.01 -95.48 3.17
CA THR QA 77 75.31 -96.60 3.78
C THR QA 77 73.88 -96.68 3.26
N ILE QA 78 73.47 -97.88 2.86
CA ILE QA 78 72.18 -98.12 2.21
C ILE QA 78 71.50 -99.28 2.95
N LYS QA 79 70.25 -99.07 3.35
CA LYS QA 79 69.50 -100.08 4.09
C LYS QA 79 68.50 -100.77 3.17
N ALA QA 80 68.29 -102.06 3.42
CA ALA QA 80 67.24 -102.85 2.79
C ALA QA 80 66.33 -103.40 3.89
N ASN QA 81 65.03 -103.31 3.68
CA ASN QA 81 64.06 -103.62 4.73
C ASN QA 81 63.21 -104.82 4.31
N ALA QA 82 62.86 -105.65 5.28
CA ALA QA 82 61.84 -106.67 5.09
C ALA QA 82 60.92 -106.63 6.29
N SER QA 83 59.61 -106.68 6.03
CA SER QA 83 58.65 -106.56 7.11
C SER QA 83 57.56 -107.62 6.95
N VAL QA 84 57.25 -108.31 8.04
CA VAL QA 84 56.23 -109.34 8.05
C VAL QA 84 55.14 -108.90 9.02
N THR QA 85 53.89 -109.21 8.68
CA THR QA 85 52.75 -108.91 9.55
C THR QA 85 51.79 -110.08 9.54
N PHE QA 86 51.53 -110.64 10.72
CA PHE QA 86 50.58 -111.72 10.93
C PHE QA 86 49.30 -111.11 11.49
N SER QA 87 48.20 -111.24 10.75
CA SER QA 87 46.87 -110.88 11.24
C SER QA 87 46.17 -112.17 11.62
N LEU QA 88 45.96 -112.34 12.92
CA LEU QA 88 45.45 -113.58 13.50
C LEU QA 88 44.19 -113.29 14.29
N PRO QA 89 43.03 -113.71 13.80
CA PRO QA 89 41.79 -113.57 14.58
C PRO QA 89 41.82 -114.45 15.82
N LYS QA 90 41.05 -114.05 16.82
CA LYS QA 90 41.07 -114.71 18.10
C LYS QA 90 40.14 -115.91 18.17
N THR QA 91 39.48 -116.25 17.07
CA THR QA 91 38.75 -117.50 16.92
C THR QA 91 39.53 -118.52 16.09
N TYR QA 92 40.69 -118.12 15.58
CA TYR QA 92 41.54 -118.96 14.77
C TYR QA 92 42.42 -119.84 15.67
N PRO QA 93 42.55 -121.13 15.39
CA PRO QA 93 43.29 -122.01 16.31
C PRO QA 93 44.80 -121.89 16.19
N ASN QA 94 45.46 -122.01 17.34
CA ASN QA 94 46.90 -121.83 17.42
C ASN QA 94 47.63 -122.83 16.51
N GLU QA 95 47.11 -124.05 16.41
CA GLU QA 95 47.70 -125.04 15.52
C GLU QA 95 47.82 -124.49 14.10
N HIS QA 96 46.71 -123.98 13.56
CA HIS QA 96 46.75 -123.47 12.20
C HIS QA 96 47.57 -122.20 12.09
N ILE QA 97 47.73 -121.43 13.16
CA ILE QA 97 48.69 -120.33 13.13
C ILE QA 97 50.12 -120.86 12.90
N THR QA 98 50.48 -121.91 13.64
CA THR QA 98 51.81 -122.52 13.41
C THR QA 98 51.94 -123.04 11.99
N LYS QA 99 50.90 -123.70 11.50
CA LYS QA 99 50.87 -124.15 10.10
C LYS QA 99 51.13 -122.99 9.14
N LEU QA 100 50.46 -121.87 9.38
CA LEU QA 100 50.62 -120.69 8.54
C LEU QA 100 52.07 -120.20 8.55
N ARG QA 101 52.65 -120.07 9.75
CA ARG QA 101 54.03 -119.58 9.85
C ARG QA 101 54.98 -120.50 9.09
N GLN QA 102 54.80 -121.81 9.23
CA GLN QA 102 55.70 -122.73 8.55
C GLN QA 102 55.53 -122.70 7.04
N THR QA 103 54.28 -122.60 6.55
CA THR QA 103 54.08 -122.47 5.10
C THR QA 103 54.71 -121.19 4.59
N LEU QA 104 54.70 -120.12 5.39
CA LEU QA 104 55.35 -118.89 4.97
C LEU QA 104 56.86 -119.10 4.85
N ILE QA 105 57.46 -119.79 5.81
CA ILE QA 105 58.89 -120.10 5.72
C ILE QA 105 59.18 -120.87 4.44
N ALA QA 106 58.37 -121.90 4.17
CA ALA QA 106 58.56 -122.70 2.98
C ALA QA 106 58.45 -121.86 1.71
N TRP QA 107 57.46 -120.97 1.67
CA TRP QA 107 57.28 -120.11 0.50
C TRP QA 107 58.48 -119.20 0.32
N LEU QA 108 58.97 -118.60 1.41
CA LEU QA 108 60.15 -117.74 1.33
C LEU QA 108 61.37 -118.49 0.85
N GLY QA 109 61.38 -119.81 1.01
CA GLY QA 109 62.43 -120.64 0.44
C GLY QA 109 62.35 -120.82 -1.07
N GLN QA 110 61.14 -120.72 -1.63
CA GLN QA 110 60.91 -121.13 -3.01
C GLN QA 110 61.63 -120.25 -4.01
N GLN QA 111 61.91 -120.82 -5.19
CA GLN QA 111 62.58 -120.05 -6.22
C GLN QA 111 61.65 -119.00 -6.83
N CYS QA 112 60.36 -119.30 -6.93
CA CYS QA 112 59.42 -118.33 -7.50
C CYS QA 112 59.26 -117.12 -6.60
N VAL QA 113 59.59 -117.24 -5.32
CA VAL QA 113 59.67 -116.07 -4.45
C VAL QA 113 61.08 -115.48 -4.47
N SER QA 114 62.10 -116.32 -4.64
CA SER QA 114 63.47 -115.85 -4.59
C SER QA 114 63.81 -114.94 -5.77
N ASP QA 115 63.41 -115.34 -6.98
CA ASP QA 115 63.80 -114.59 -8.18
C ASP QA 115 63.37 -113.14 -8.14
N PRO QA 116 62.10 -112.78 -7.88
CA PRO QA 116 61.76 -111.35 -7.81
C PRO QA 116 62.42 -110.65 -6.64
N VAL QA 117 62.45 -111.26 -5.47
CA VAL QA 117 63.06 -110.62 -4.30
C VAL QA 117 64.56 -110.45 -4.52
N ASP QA 118 65.28 -111.54 -4.76
CA ASP QA 118 66.73 -111.48 -4.77
C ASP QA 118 67.27 -110.71 -5.98
N SER QA 119 66.69 -110.94 -7.16
CA SER QA 119 67.27 -110.40 -8.39
C SER QA 119 66.36 -109.47 -9.17
N GLY QA 120 65.07 -109.41 -8.86
CA GLY QA 120 64.16 -108.54 -9.57
C GLY QA 120 63.50 -109.16 -10.78
N LEU QA 121 63.85 -110.39 -11.13
CA LEU QA 121 63.21 -111.06 -12.25
C LEU QA 121 61.80 -111.51 -11.86
N ASN QA 122 60.83 -111.22 -12.71
CA ASN QA 122 59.50 -111.76 -12.51
C ASN QA 122 59.38 -113.17 -13.07
N ASN QA 123 58.42 -113.93 -12.56
CA ASN QA 123 58.19 -115.26 -13.07
C ASN QA 123 57.23 -115.20 -14.26
N TYR QA 124 57.25 -116.27 -15.06
CA TYR QA 124 56.46 -116.28 -16.28
C TYR QA 124 55.78 -117.63 -16.52
N MET RA 1 59.80 -111.05 42.43
CA MET RA 1 60.31 -112.40 42.19
C MET RA 1 60.65 -112.59 40.73
N ARG RA 2 61.42 -113.64 40.43
CA ARG RA 2 61.73 -114.00 39.05
C ARG RA 2 60.61 -114.87 38.50
N LEU RA 3 59.84 -114.32 37.56
CA LEU RA 3 58.66 -115.00 37.04
C LEU RA 3 59.01 -116.34 36.41
N THR RA 4 58.27 -117.37 36.82
CA THR RA 4 58.36 -118.71 36.26
C THR RA 4 56.94 -119.20 36.03
N ASP RA 5 56.78 -120.07 35.03
CA ASP RA 5 55.48 -120.67 34.78
C ASP RA 5 54.94 -121.29 36.07
N VAL RA 6 53.63 -121.22 36.26
CA VAL RA 6 53.04 -121.52 37.55
C VAL RA 6 52.04 -122.66 37.37
N ASP RA 7 52.00 -123.55 38.35
CA ASP RA 7 51.00 -124.61 38.37
C ASP RA 7 50.22 -124.53 39.67
N LEU RA 8 48.91 -124.38 39.54
CA LEU RA 8 48.00 -124.15 40.64
C LEU RA 8 47.20 -125.42 40.89
N THR RA 9 47.09 -125.79 42.16
CA THR RA 9 46.25 -126.90 42.55
C THR RA 9 44.87 -126.34 42.84
N VAL RA 10 43.90 -126.68 42.00
CA VAL RA 10 42.56 -126.11 42.03
C VAL RA 10 41.59 -127.24 42.33
N GLY RA 11 41.17 -127.34 43.60
CA GLY RA 11 40.34 -128.44 44.01
C GLY RA 11 41.07 -129.75 43.78
N GLU RA 12 40.59 -130.55 42.83
CA GLU RA 12 41.21 -131.83 42.53
C GLU RA 12 41.85 -131.84 41.15
N GLU RA 13 42.10 -130.66 40.58
CA GLU RA 13 42.67 -130.55 39.26
C GLU RA 13 43.92 -129.68 39.37
N THR RA 14 44.71 -129.65 38.30
CA THR RA 14 45.88 -128.80 38.25
C THR RA 14 45.81 -127.91 37.01
N ARG RA 15 45.78 -126.60 37.25
CA ARG RA 15 45.84 -125.60 36.18
C ARG RA 15 47.28 -125.20 35.95
N GLU RA 16 47.66 -124.99 34.69
CA GLU RA 16 49.04 -124.73 34.32
C GLU RA 16 49.13 -123.47 33.47
N TYR RA 17 49.69 -122.42 34.04
CA TYR RA 17 49.81 -121.13 33.38
C TYR RA 17 51.26 -120.88 32.98
N ALA RA 18 51.40 -120.18 31.85
CA ALA RA 18 52.69 -119.76 31.30
C ALA RA 18 52.77 -118.25 31.23
N VAL RA 19 53.96 -117.71 31.50
CA VAL RA 19 54.17 -116.27 31.44
C VAL RA 19 53.92 -115.79 30.03
N SER RA 20 53.04 -114.79 29.89
CA SER RA 20 52.70 -114.23 28.59
C SER RA 20 53.18 -112.80 28.38
N GLU RA 21 53.30 -111.99 29.42
CA GLU RA 21 54.04 -110.75 29.25
C GLU RA 21 54.50 -110.22 30.60
N GLN RA 22 55.62 -109.51 30.58
CA GLN RA 22 56.19 -108.86 31.75
C GLN RA 22 56.58 -107.43 31.38
N GLN RA 23 55.94 -106.46 32.03
CA GLN RA 23 56.29 -105.07 31.87
C GLN RA 23 56.97 -104.59 33.15
N GLY RA 24 57.04 -103.28 33.33
CA GLY RA 24 57.63 -102.74 34.52
C GLY RA 24 56.86 -103.16 35.75
N THR RA 25 55.58 -102.77 35.81
CA THR RA 25 54.72 -103.00 36.96
C THR RA 25 53.59 -103.97 36.66
N LEU RA 26 53.59 -104.60 35.48
CA LEU RA 26 52.50 -105.44 35.04
C LEU RA 26 53.03 -106.78 34.55
N PHE RA 27 52.28 -107.85 34.81
CA PHE RA 27 52.57 -109.16 34.26
C PHE RA 27 51.27 -109.87 33.90
N ARG RA 28 51.41 -110.89 33.07
CA ARG RA 28 50.27 -111.64 32.57
C ARG RA 28 50.67 -113.08 32.29
N PHE RA 29 49.93 -114.01 32.89
CA PHE RA 29 49.99 -115.44 32.66
C PHE RA 29 48.81 -115.89 31.80
N VAL RA 30 48.96 -117.07 31.22
CA VAL RA 30 47.99 -117.60 30.26
C VAL RA 30 47.85 -119.10 30.49
N ASP RA 31 46.61 -119.60 30.47
CA ASP RA 31 46.36 -121.03 30.66
C ASP RA 31 46.97 -121.83 29.52
N LYS RA 32 47.92 -122.72 29.85
CA LYS RA 32 48.61 -123.49 28.82
C LYS RA 32 47.64 -124.37 28.04
N SER RA 33 46.57 -124.81 28.69
CA SER RA 33 45.60 -125.72 28.09
C SER RA 33 44.73 -125.06 27.03
N GLY RA 34 45.02 -123.81 26.66
CA GLY RA 34 44.17 -123.12 25.70
C GLY RA 34 44.54 -123.53 24.28
N THR RA 35 43.51 -123.77 23.47
CA THR RA 35 43.69 -124.10 22.06
C THR RA 35 43.55 -122.90 21.15
N VAL RA 36 42.64 -121.99 21.49
CA VAL RA 36 42.40 -120.78 20.72
C VAL RA 36 42.54 -119.59 21.66
N ALA RA 37 42.74 -118.41 21.08
CA ALA RA 37 42.79 -117.19 21.88
C ALA RA 37 41.54 -117.04 22.75
N ASN RA 38 40.35 -117.19 22.14
CA ASN RA 38 39.11 -117.08 22.90
C ASN RA 38 38.93 -118.25 23.86
N ASN RA 39 39.44 -119.43 23.50
CA ASN RA 39 39.41 -120.57 24.41
C ASN RA 39 40.23 -120.29 25.68
N THR RA 40 41.24 -119.43 25.58
CA THR RA 40 42.32 -119.38 26.56
C THR RA 40 42.00 -118.47 27.74
N GLY RA 41 42.08 -119.03 28.95
CA GLY RA 41 41.96 -118.22 30.14
C GLY RA 41 43.25 -117.46 30.43
N VAL RA 42 43.11 -116.35 31.16
CA VAL RA 42 44.26 -115.47 31.41
C VAL RA 42 44.19 -114.91 32.83
N PHE RA 43 45.34 -114.45 33.30
CA PHE RA 43 45.45 -113.80 34.60
C PHE RA 43 46.48 -112.69 34.51
N SER RA 44 46.11 -111.52 34.98
CA SER RA 44 46.96 -110.35 34.85
C SER RA 44 46.99 -109.59 36.17
N LEU RA 45 48.13 -108.97 36.45
CA LEU RA 45 48.31 -108.19 37.68
C LEU RA 45 49.14 -106.95 37.37
N GLU RA 46 48.77 -105.83 38.01
CA GLU RA 46 49.43 -104.55 37.80
C GLU RA 46 49.46 -103.79 39.11
N GLN RA 47 50.62 -103.20 39.43
CA GLN RA 47 50.73 -102.34 40.59
C GLN RA 47 50.88 -100.89 40.14
N ARG RA 48 50.16 -100.00 40.82
CA ARG RA 48 50.19 -98.56 40.58
C ARG RA 48 50.63 -97.93 41.90
N PHE RA 49 51.90 -97.59 41.97
CA PHE RA 49 52.49 -96.92 43.13
C PHE RA 49 52.20 -95.43 43.03
N GLY RA 50 51.56 -94.86 44.05
CA GLY RA 50 51.18 -93.46 44.03
C GLY RA 50 52.25 -92.56 44.63
N ALA RA 51 51.87 -91.29 44.78
CA ALA RA 51 52.71 -90.36 45.52
C ALA RA 51 52.71 -90.72 47.01
N ALA RA 52 53.50 -89.99 47.80
CA ALA RA 52 53.62 -90.33 49.22
C ALA RA 52 52.32 -90.11 49.98
N ASN RA 53 51.47 -89.20 49.51
CA ASN RA 53 50.16 -89.02 50.11
C ASN RA 53 49.13 -90.03 49.61
N SER RA 54 49.47 -90.77 48.56
CA SER RA 54 48.55 -91.74 47.98
C SER RA 54 48.78 -93.13 48.57
N ASN RA 55 47.85 -94.02 48.29
CA ASN RA 55 47.99 -95.44 48.59
C ASN RA 55 48.42 -96.15 47.31
N ARG RA 56 49.32 -97.10 47.44
CA ARG RA 56 49.61 -97.94 46.27
C ARG RA 56 48.44 -98.89 46.06
N LYS RA 57 48.19 -99.21 44.80
CA LYS RA 57 47.06 -100.07 44.45
C LYS RA 57 47.57 -101.24 43.60
N VAL RA 58 47.12 -102.44 43.92
CA VAL RA 58 47.45 -103.61 43.13
C VAL RA 58 46.16 -104.22 42.63
N THR RA 59 46.09 -104.47 41.32
CA THR RA 59 44.87 -105.00 40.71
C THR RA 59 45.19 -106.28 39.96
N MET RA 60 44.25 -107.22 40.01
CA MET RA 60 44.35 -108.50 39.33
C MET RA 60 43.04 -108.77 38.61
N LEU RA 61 43.17 -109.32 37.40
CA LEU RA 61 42.05 -109.78 36.62
C LEU RA 61 42.26 -111.22 36.20
N LEU RA 62 41.27 -112.07 36.50
CA LEU RA 62 41.25 -113.48 36.13
C LEU RA 62 40.07 -113.69 35.19
N THR RA 63 40.36 -114.19 33.99
CA THR RA 63 39.33 -114.43 32.97
C THR RA 63 39.32 -115.90 32.60
N ASP RA 64 38.14 -116.52 32.72
CA ASP RA 64 37.96 -117.94 32.43
C ASP RA 64 36.82 -118.12 31.44
N PRO RA 65 37.13 -118.20 30.14
CA PRO RA 65 36.09 -118.47 29.15
C PRO RA 65 35.78 -119.96 29.03
N VAL RA 66 34.54 -120.24 28.59
CA VAL RA 66 34.03 -121.60 28.39
C VAL RA 66 33.21 -121.62 27.11
N VAL RA 67 33.17 -122.78 26.45
CA VAL RA 67 32.40 -122.93 25.21
C VAL RA 67 31.02 -123.48 25.54
N VAL RA 68 29.98 -122.80 25.05
CA VAL RA 68 28.59 -123.23 25.22
C VAL RA 68 27.94 -123.42 23.86
N MET RA 76 29.27 -120.78 20.76
CA MET RA 76 29.59 -119.53 21.43
C MET RA 76 30.50 -119.74 22.66
N THR RA 77 31.41 -118.79 22.91
CA THR RA 77 32.27 -118.81 24.08
C THR RA 77 31.91 -117.65 25.00
N ILE RA 78 31.73 -117.96 26.29
CA ILE RA 78 31.25 -117.04 27.30
C ILE RA 78 32.36 -116.85 28.33
N LYS RA 79 32.62 -115.59 28.70
CA LYS RA 79 33.73 -115.25 29.59
C LYS RA 79 33.20 -114.76 30.94
N ALA RA 80 33.81 -115.24 32.02
CA ALA RA 80 33.53 -114.78 33.38
C ALA RA 80 34.79 -114.24 34.01
N ASN RA 81 34.64 -113.16 34.78
CA ASN RA 81 35.77 -112.41 35.31
C ASN RA 81 35.74 -112.37 36.82
N ALA RA 82 36.92 -112.48 37.43
CA ALA RA 82 37.11 -112.12 38.83
C ALA RA 82 38.17 -111.04 38.87
N SER RA 83 37.94 -110.00 39.67
CA SER RA 83 38.90 -108.90 39.76
C SER RA 83 39.12 -108.55 41.22
N VAL RA 84 40.37 -108.55 41.64
CA VAL RA 84 40.75 -108.21 43.00
C VAL RA 84 41.53 -106.91 42.96
N THR RA 85 41.34 -106.06 43.97
CA THR RA 85 42.08 -104.81 44.09
C THR RA 85 42.45 -104.57 45.55
N PHE RA 86 43.73 -104.42 45.81
CA PHE RA 86 44.29 -104.14 47.13
C PHE RA 86 44.68 -102.67 47.18
N SER RA 87 44.03 -101.91 48.06
CA SER RA 87 44.40 -100.53 48.33
C SER RA 87 45.18 -100.51 49.63
N LEU RA 88 46.46 -100.19 49.54
CA LEU RA 88 47.41 -100.31 50.65
C LEU RA 88 48.08 -98.99 50.89
N PRO RA 89 47.82 -98.33 52.01
CA PRO RA 89 48.56 -97.12 52.38
C PRO RA 89 50.01 -97.46 52.69
N LYS RA 90 50.90 -96.51 52.41
CA LYS RA 90 52.32 -96.80 52.54
C LYS RA 90 52.72 -97.00 54.01
N THR RA 91 52.17 -96.19 54.91
CA THR RA 91 52.47 -96.33 56.33
C THR RA 91 51.97 -97.64 56.91
N TYR RA 92 51.07 -98.33 56.22
CA TYR RA 92 50.51 -99.58 56.71
C TYR RA 92 51.57 -100.68 56.67
N PRO RA 93 51.68 -101.52 57.71
CA PRO RA 93 52.84 -102.43 57.81
C PRO RA 93 52.70 -103.69 56.95
N ASN RA 94 53.82 -104.06 56.34
CA ASN RA 94 53.84 -105.19 55.40
C ASN RA 94 53.32 -106.47 56.05
N GLU RA 95 53.59 -106.66 57.34
CA GLU RA 95 53.11 -107.85 58.02
C GLU RA 95 51.59 -107.92 58.00
N HIS RA 96 50.92 -106.82 58.40
CA HIS RA 96 49.46 -106.80 58.36
C HIS RA 96 48.91 -106.89 56.94
N ILE RA 97 49.67 -106.48 55.93
CA ILE RA 97 49.23 -106.71 54.55
C ILE RA 97 49.21 -108.21 54.23
N THR RA 98 50.29 -108.93 54.58
CA THR RA 98 50.29 -110.38 54.37
C THR RA 98 49.09 -111.01 55.08
N LYS RA 99 48.81 -110.55 56.29
CA LYS RA 99 47.61 -110.99 57.01
C LYS RA 99 46.34 -110.76 56.20
N LEU RA 100 46.16 -109.54 55.69
CA LEU RA 100 44.96 -109.22 54.91
C LEU RA 100 44.79 -110.17 53.74
N ARG RA 101 45.86 -110.38 52.97
CA ARG RA 101 45.77 -111.28 51.82
C ARG RA 101 45.34 -112.69 52.24
N GLN RA 102 45.95 -113.21 53.31
CA GLN RA 102 45.62 -114.57 53.74
C GLN RA 102 44.17 -114.68 54.19
N THR RA 103 43.67 -113.67 54.91
CA THR RA 103 42.28 -113.71 55.35
C THR RA 103 41.31 -113.60 54.18
N LEU RA 104 41.69 -112.87 53.12
CA LEU RA 104 40.84 -112.87 51.92
C LEU RA 104 40.77 -114.26 51.31
N ILE RA 105 41.91 -114.95 51.24
CA ILE RA 105 41.89 -116.34 50.76
C ILE RA 105 40.93 -117.18 51.60
N ALA RA 106 41.06 -117.08 52.93
CA ALA RA 106 40.19 -117.84 53.82
C ALA RA 106 38.73 -117.53 53.58
N TRP RA 107 38.39 -116.25 53.41
CA TRP RA 107 37.02 -115.87 53.15
C TRP RA 107 36.50 -116.47 51.86
N LEU RA 108 37.28 -116.36 50.79
CA LEU RA 108 36.90 -116.96 49.51
C LEU RA 108 36.72 -118.45 49.60
N GLY RA 109 37.26 -119.08 50.63
CA GLY RA 109 36.98 -120.49 50.90
C GLY RA 109 35.58 -120.79 51.42
N GLN RA 110 34.99 -119.87 52.18
CA GLN RA 110 33.84 -120.16 53.01
C GLN RA 110 32.56 -120.36 52.20
N GLN RA 111 31.59 -121.03 52.82
CA GLN RA 111 30.32 -121.31 52.15
C GLN RA 111 29.54 -120.02 51.92
N CYS RA 112 29.53 -119.12 52.90
CA CYS RA 112 28.78 -117.88 52.76
C CYS RA 112 29.24 -117.07 51.57
N VAL RA 113 30.44 -117.34 51.05
CA VAL RA 113 30.94 -116.70 49.85
C VAL RA 113 30.70 -117.59 48.62
N SER RA 114 30.89 -118.90 48.75
CA SER RA 114 30.74 -119.78 47.59
C SER RA 114 29.29 -119.83 47.13
N ASP RA 115 28.33 -119.90 48.05
CA ASP RA 115 26.93 -120.02 47.68
C ASP RA 115 26.46 -118.88 46.75
N PRO RA 116 26.72 -117.61 47.06
CA PRO RA 116 26.32 -116.58 46.07
C PRO RA 116 27.19 -116.57 44.82
N VAL RA 117 28.51 -116.70 44.96
CA VAL RA 117 29.38 -116.69 43.79
C VAL RA 117 29.07 -117.88 42.90
N ASP RA 118 29.20 -119.10 43.44
CA ASP RA 118 29.10 -120.29 42.60
C ASP RA 118 27.70 -120.46 42.01
N SER RA 119 26.67 -120.48 42.85
CA SER RA 119 25.34 -120.82 42.40
C SER RA 119 24.31 -119.70 42.52
N GLY RA 120 24.64 -118.59 43.15
CA GLY RA 120 23.71 -117.49 43.27
C GLY RA 120 22.80 -117.52 44.48
N LEU RA 121 23.00 -118.46 45.40
CA LEU RA 121 22.23 -118.50 46.63
C LEU RA 121 22.71 -117.39 47.56
N ASN RA 122 21.80 -116.52 47.97
CA ASN RA 122 22.16 -115.57 49.01
C ASN RA 122 22.04 -116.21 50.38
N ASN RA 123 22.67 -115.58 51.36
CA ASN RA 123 22.63 -116.11 52.71
C ASN RA 123 21.45 -115.51 53.46
N TYR RA 124 20.89 -116.31 54.35
CA TYR RA 124 19.68 -115.94 55.05
C TYR RA 124 19.74 -116.36 56.50
N MET SA 1 72.23 -107.22 29.15
CA MET SA 1 72.40 -108.12 30.28
C MET SA 1 71.05 -108.62 30.77
N ARG SA 2 70.97 -109.89 31.14
CA ARG SA 2 69.79 -110.45 31.80
C ARG SA 2 69.74 -109.94 33.24
N LEU SA 3 68.84 -109.02 33.51
CA LEU SA 3 68.82 -108.36 34.81
C LEU SA 3 68.45 -109.36 35.90
N THR SA 4 69.25 -109.37 36.96
CA THR SA 4 68.94 -110.10 38.18
C THR SA 4 69.43 -109.27 39.36
N ASP SA 5 68.96 -109.63 40.55
CA ASP SA 5 69.36 -108.95 41.77
C ASP SA 5 70.88 -108.90 41.85
N VAL SA 6 71.41 -107.84 42.47
CA VAL SA 6 72.86 -107.71 42.61
C VAL SA 6 73.19 -107.37 44.06
N ASP SA 7 74.42 -107.71 44.43
CA ASP SA 7 74.99 -107.36 45.71
C ASP SA 7 76.27 -106.58 45.45
N LEU SA 8 76.40 -105.44 46.11
CA LEU SA 8 77.52 -104.53 45.91
C LEU SA 8 78.44 -104.57 47.12
N THR SA 9 79.74 -104.53 46.85
CA THR SA 9 80.74 -104.42 47.89
C THR SA 9 81.02 -102.95 48.12
N VAL SA 10 80.69 -102.44 49.31
CA VAL SA 10 80.76 -101.02 49.61
C VAL SA 10 81.67 -100.83 50.81
N GLY SA 11 82.93 -100.46 50.55
CA GLY SA 11 83.90 -100.37 51.62
C GLY SA 11 84.03 -101.69 52.33
N GLU SA 12 83.60 -101.75 53.59
CA GLU SA 12 83.69 -102.96 54.38
C GLU SA 12 82.31 -103.50 54.74
N GLU SA 13 81.30 -103.18 53.94
CA GLU SA 13 79.96 -103.73 54.13
C GLU SA 13 79.47 -104.25 52.78
N THR SA 14 78.38 -105.03 52.84
CA THR SA 14 77.76 -105.54 51.63
C THR SA 14 76.33 -105.01 51.54
N ARG SA 15 76.01 -104.45 50.38
CA ARG SA 15 74.73 -103.81 50.12
C ARG SA 15 73.95 -104.69 49.14
N GLU SA 16 72.72 -105.06 49.50
CA GLU SA 16 71.95 -106.00 48.71
C GLU SA 16 70.77 -105.28 48.05
N TYR SA 17 70.76 -105.25 46.72
CA TYR SA 17 69.65 -104.68 45.99
C TYR SA 17 68.85 -105.80 45.33
N ALA SA 18 67.59 -105.49 45.01
CA ALA SA 18 66.70 -106.40 44.31
C ALA SA 18 65.99 -105.65 43.20
N VAL SA 19 65.78 -106.34 42.07
CA VAL SA 19 65.13 -105.71 40.94
C VAL SA 19 63.71 -105.33 41.34
N SER SA 20 63.38 -104.05 41.18
CA SER SA 20 62.03 -103.55 41.47
C SER SA 20 61.20 -103.27 40.23
N GLU SA 21 61.83 -102.94 39.09
CA GLU SA 21 61.10 -102.96 37.83
C GLU SA 21 62.10 -102.97 36.67
N GLN SA 22 61.66 -103.55 35.56
CA GLN SA 22 62.46 -103.55 34.33
C GLN SA 22 61.56 -103.23 33.16
N GLN SA 23 61.88 -102.13 32.46
CA GLN SA 23 61.21 -101.71 31.24
C GLN SA 23 62.21 -101.77 30.09
N GLY SA 24 61.74 -101.33 28.92
CA GLY SA 24 62.55 -101.47 27.72
C GLY SA 24 63.86 -100.72 27.81
N THR SA 25 63.80 -99.45 28.24
CA THR SA 25 64.96 -98.58 28.35
C THR SA 25 65.26 -98.15 29.77
N LEU SA 26 64.51 -98.68 30.76
CA LEU SA 26 64.63 -98.25 32.14
C LEU SA 26 64.61 -99.47 33.07
N PHE SA 27 65.34 -99.36 34.18
CA PHE SA 27 65.25 -100.36 35.24
C PHE SA 27 65.47 -99.68 36.59
N ARG SA 28 65.01 -100.38 37.63
CA ARG SA 28 65.06 -99.88 38.99
C ARG SA 28 65.30 -101.01 39.97
N PHE SA 29 66.31 -100.81 40.82
CA PHE SA 29 66.64 -101.65 41.97
C PHE SA 29 66.25 -100.96 43.27
N VAL SA 30 65.98 -101.76 44.29
CA VAL SA 30 65.64 -101.28 45.63
C VAL SA 30 66.52 -102.01 46.67
N ASP SA 31 66.98 -101.27 47.68
CA ASP SA 31 67.78 -101.86 48.76
C ASP SA 31 66.94 -102.84 49.56
N LYS SA 32 67.42 -104.09 49.66
CA LYS SA 32 66.65 -105.16 50.29
C LYS SA 32 66.39 -104.91 51.77
N SER SA 33 67.11 -103.98 52.40
CA SER SA 33 66.94 -103.68 53.81
C SER SA 33 65.76 -102.76 54.10
N GLY SA 34 64.88 -102.51 53.11
CA GLY SA 34 63.88 -101.47 53.22
C GLY SA 34 62.44 -101.96 53.07
N THR SA 35 61.53 -101.05 53.40
CA THR SA 35 60.09 -101.25 53.32
C THR SA 35 59.49 -100.13 52.48
N VAL SA 36 58.26 -100.33 51.99
CA VAL SA 36 57.53 -99.20 51.42
C VAL SA 36 57.43 -98.08 52.46
N ALA SA 37 57.17 -98.44 53.72
CA ALA SA 37 57.04 -97.43 54.77
C ALA SA 37 58.38 -96.76 55.04
N ASN SA 38 59.43 -97.55 55.26
CA ASN SA 38 60.75 -97.00 55.52
C ASN SA 38 61.69 -97.48 54.42
N ASN SA 39 61.88 -96.63 53.41
CA ASN SA 39 62.79 -96.97 52.32
C ASN SA 39 64.22 -96.62 52.71
N THR SA 40 65.16 -97.41 52.16
CA THR SA 40 66.56 -97.30 52.53
C THR SA 40 67.48 -97.03 51.36
N GLY SA 41 67.02 -97.19 50.13
CA GLY SA 41 67.86 -96.94 48.98
C GLY SA 41 67.20 -97.35 47.69
N VAL SA 42 67.41 -96.58 46.64
CA VAL SA 42 66.90 -96.92 45.31
C VAL SA 42 67.96 -96.54 44.29
N PHE SA 43 67.99 -97.31 43.20
CA PHE SA 43 68.84 -97.01 42.06
C PHE SA 43 68.02 -97.19 40.79
N SER SA 44 68.16 -96.25 39.87
CA SER SA 44 67.40 -96.30 38.63
C SER SA 44 68.29 -95.85 37.48
N LEU SA 45 68.08 -96.45 36.31
CA LEU SA 45 68.85 -96.10 35.11
C LEU SA 45 67.95 -96.13 33.89
N GLU SA 46 68.15 -95.16 33.01
CA GLU SA 46 67.37 -95.03 31.78
C GLU SA 46 68.28 -94.61 30.64
N GLN SA 47 68.09 -95.20 29.47
CA GLN SA 47 68.78 -94.77 28.27
C GLN SA 47 67.78 -94.14 27.30
N ARG SA 48 68.08 -92.92 26.87
CA ARG SA 48 67.39 -92.28 25.75
C ARG SA 48 68.33 -92.36 24.57
N PHE SA 49 68.14 -93.39 23.75
CA PHE SA 49 68.85 -93.48 22.49
C PHE SA 49 68.34 -92.40 21.56
N GLY SA 50 69.20 -91.47 21.20
CA GLY SA 50 68.76 -90.29 20.49
C GLY SA 50 68.48 -90.53 19.02
N ALA SA 51 67.99 -89.47 18.37
CA ALA SA 51 67.86 -89.48 16.92
C ALA SA 51 69.23 -89.70 16.27
N ALA SA 52 69.21 -90.04 14.98
CA ALA SA 52 70.44 -90.43 14.29
C ALA SA 52 71.47 -89.31 14.31
N ASN SA 53 71.03 -88.06 14.42
CA ASN SA 53 71.96 -86.93 14.50
C ASN SA 53 72.45 -86.68 15.91
N SER SA 54 71.64 -86.98 16.92
CA SER SA 54 71.93 -86.63 18.30
C SER SA 54 72.77 -87.71 18.99
N ASN SA 55 73.32 -87.34 20.14
CA ASN SA 55 73.98 -88.29 21.03
C ASN SA 55 72.94 -89.08 21.80
N ARG SA 56 73.33 -90.28 22.23
CA ARG SA 56 72.48 -91.02 23.14
C ARG SA 56 72.87 -90.66 24.58
N LYS SA 57 71.88 -90.69 25.45
CA LYS SA 57 72.05 -90.30 26.84
C LYS SA 57 71.73 -91.47 27.74
N VAL SA 58 72.52 -91.68 28.78
CA VAL SA 58 72.22 -92.64 29.82
C VAL SA 58 72.26 -91.91 31.15
N THR SA 59 71.20 -92.06 31.93
CA THR SA 59 71.10 -91.36 33.20
C THR SA 59 70.83 -92.34 34.32
N MET SA 60 71.46 -92.08 35.48
CA MET SA 60 71.32 -92.90 36.67
C MET SA 60 71.02 -91.99 37.85
N LEU SA 61 70.13 -92.46 38.71
CA LEU SA 61 69.80 -91.80 39.97
C LEU SA 61 69.94 -92.79 41.11
N LEU SA 62 70.76 -92.44 42.09
CA LEU SA 62 70.93 -93.20 43.32
C LEU SA 62 70.41 -92.34 44.46
N THR SA 63 69.48 -92.89 45.23
CA THR SA 63 68.87 -92.15 46.34
C THR SA 63 69.01 -92.95 47.62
N ASP SA 64 69.63 -92.33 48.62
CA ASP SA 64 69.80 -92.93 49.95
C ASP SA 64 69.08 -92.06 50.96
N PRO SA 65 67.95 -92.53 51.48
CA PRO SA 65 67.28 -91.81 52.57
C PRO SA 65 67.70 -92.33 53.93
N VAL SA 66 67.74 -91.40 54.89
CA VAL SA 66 68.12 -91.67 56.27
C VAL SA 66 67.13 -90.96 57.19
N VAL SA 67 66.83 -91.59 58.30
CA VAL SA 67 66.00 -90.97 59.33
C VAL SA 67 66.91 -90.15 60.24
N VAL SA 68 66.43 -88.96 60.60
CA VAL SA 68 67.17 -88.02 61.44
C VAL SA 68 66.19 -87.42 62.44
N LYS SA 69 66.61 -87.33 63.70
CA LYS SA 69 65.79 -86.66 64.70
C LYS SA 69 65.76 -85.17 64.41
N ASP SA 70 64.63 -84.55 64.70
CA ASP SA 70 64.42 -83.12 64.47
C ASP SA 70 64.76 -82.33 65.73
N ALA SA 71 64.92 -81.02 65.57
CA ALA SA 71 65.07 -80.15 66.73
C ALA SA 71 63.86 -80.26 67.64
N SER SA 72 62.67 -80.47 67.06
CA SER SA 72 61.46 -80.74 67.82
C SER SA 72 61.41 -82.16 68.37
N GLY SA 73 62.40 -83.00 68.05
CA GLY SA 73 62.39 -84.39 68.43
C GLY SA 73 61.72 -85.31 67.43
N ALA SA 74 60.80 -84.80 66.63
CA ALA SA 74 60.08 -85.61 65.66
C ALA SA 74 61.05 -86.30 64.70
N ASP SA 75 60.65 -87.48 64.24
CA ASP SA 75 61.47 -88.23 63.30
C ASP SA 75 61.21 -87.72 61.88
N MET SA 76 62.29 -87.50 61.13
CA MET SA 76 62.23 -86.83 59.84
C MET SA 76 63.10 -87.60 58.84
N THR SA 77 62.52 -87.98 57.71
CA THR SA 77 63.26 -88.75 56.71
C THR SA 77 63.84 -87.80 55.66
N ILE SA 78 65.14 -87.94 55.40
CA ILE SA 78 65.90 -87.02 54.56
C ILE SA 78 66.61 -87.83 53.48
N LYS SA 79 66.53 -87.36 52.24
CA LYS SA 79 67.13 -88.06 51.11
C LYS SA 79 68.35 -87.31 50.61
N ALA SA 80 69.39 -88.06 50.25
CA ALA SA 80 70.54 -87.55 49.53
C ALA SA 80 70.62 -88.23 48.17
N ASN SA 81 70.94 -87.47 47.13
CA ASN SA 81 70.87 -87.99 45.77
C ASN SA 81 72.21 -87.87 45.07
N ALA SA 82 72.49 -88.85 44.23
CA ALA SA 82 73.60 -88.78 43.29
C ALA SA 82 73.05 -89.11 41.92
N SER SA 83 73.42 -88.31 40.91
CA SER SA 83 72.92 -88.53 39.56
C SER SA 83 74.08 -88.47 38.59
N VAL SA 84 74.16 -89.48 37.72
CA VAL SA 84 75.22 -89.56 36.71
C VAL SA 84 74.54 -89.54 35.34
N THR SA 85 75.17 -88.85 34.39
CA THR SA 85 74.65 -88.78 33.02
C THR SA 85 75.81 -88.91 32.04
N PHE SA 86 75.70 -89.89 31.15
CA PHE SA 86 76.66 -90.12 30.08
C PHE SA 86 76.05 -89.61 28.79
N SER SA 87 76.71 -88.64 28.17
CA SER SA 87 76.36 -88.18 26.83
C SER SA 87 77.38 -88.78 25.88
N LEU SA 88 76.91 -89.71 25.05
CA LEU SA 88 77.78 -90.49 24.18
C LEU SA 88 77.35 -90.33 22.74
N PRO SA 89 78.16 -89.64 21.92
CA PRO SA 89 77.86 -89.55 20.49
C PRO SA 89 77.95 -90.91 19.82
N LYS SA 90 77.20 -91.07 18.74
CA LYS SA 90 77.16 -92.36 18.06
C LYS SA 90 78.52 -92.74 17.50
N THR SA 91 79.21 -91.78 16.87
CA THR SA 91 80.49 -92.05 16.23
C THR SA 91 81.60 -92.35 17.24
N TYR SA 92 81.37 -92.08 18.52
CA TYR SA 92 82.37 -92.35 19.55
C TYR SA 92 82.51 -93.86 19.75
N PRO SA 93 83.74 -94.40 19.83
CA PRO SA 93 83.90 -95.87 19.87
C PRO SA 93 83.62 -96.46 21.25
N ASN SA 94 82.96 -97.62 21.24
CA ASN SA 94 82.57 -98.30 22.48
C ASN SA 94 83.77 -98.50 23.40
N GLU SA 95 84.95 -98.73 22.84
CA GLU SA 95 86.14 -98.91 23.66
C GLU SA 95 86.42 -97.69 24.52
N HIS SA 96 86.54 -96.51 23.89
CA HIS SA 96 86.79 -95.30 24.66
C HIS SA 96 85.65 -94.96 25.60
N ILE SA 97 84.42 -95.42 25.30
CA ILE SA 97 83.34 -95.26 26.27
C ILE SA 97 83.64 -96.03 27.56
N THR SA 98 84.00 -97.32 27.43
CA THR SA 98 84.35 -98.08 28.64
C THR SA 98 85.50 -97.41 29.39
N LYS SA 99 86.47 -96.88 28.63
CA LYS SA 99 87.55 -96.10 29.24
C LYS SA 99 87.01 -94.95 30.08
N LEU SA 100 86.08 -94.17 29.50
CA LEU SA 100 85.48 -93.04 30.22
C LEU SA 100 84.83 -93.50 31.52
N ARG SA 101 84.02 -94.56 31.45
CA ARG SA 101 83.33 -95.04 32.65
C ARG SA 101 84.32 -95.45 33.74
N GLN SA 102 85.36 -96.16 33.35
CA GLN SA 102 86.32 -96.61 34.36
C GLN SA 102 87.09 -95.45 34.97
N THR SA 103 87.50 -94.46 34.15
CA THR SA 103 88.17 -93.30 34.72
C THR SA 103 87.24 -92.53 35.67
N LEU SA 104 85.94 -92.53 35.39
CA LEU SA 104 85.01 -91.88 36.32
C LEU SA 104 84.97 -92.61 37.66
N ILE SA 105 84.93 -93.94 37.61
CA ILE SA 105 85.00 -94.71 38.87
C ILE SA 105 86.27 -94.35 39.64
N ALA SA 106 87.41 -94.32 38.93
CA ALA SA 106 88.68 -93.99 39.56
C ALA SA 106 88.62 -92.62 40.23
N TRP SA 107 88.10 -91.62 39.51
CA TRP SA 107 87.99 -90.28 40.06
C TRP SA 107 87.12 -90.27 41.30
N LEU SA 108 85.98 -90.94 41.24
CA LEU SA 108 85.06 -90.97 42.38
C LEU SA 108 85.70 -91.60 43.61
N GLY SA 109 86.71 -92.43 43.41
CA GLY SA 109 87.48 -92.98 44.52
C GLY SA 109 88.45 -92.00 45.18
N GLN SA 110 88.90 -91.00 44.42
CA GLN SA 110 90.00 -90.14 44.84
C GLN SA 110 89.61 -89.26 46.02
N GLN SA 111 90.63 -88.82 46.76
CA GLN SA 111 90.37 -87.98 47.92
C GLN SA 111 89.97 -86.57 47.49
N CYS SA 112 90.53 -86.05 46.39
CA CYS SA 112 90.14 -84.72 45.94
C CYS SA 112 88.67 -84.66 45.56
N VAL SA 113 88.06 -85.80 45.29
CA VAL SA 113 86.62 -85.86 45.03
C VAL SA 113 85.84 -86.19 46.30
N SER SA 114 86.37 -87.09 47.14
CA SER SA 114 85.63 -87.50 48.32
C SER SA 114 85.54 -86.39 49.36
N ASP SA 115 86.63 -85.64 49.56
CA ASP SA 115 86.63 -84.60 50.59
C ASP SA 115 85.53 -83.57 50.39
N PRO SA 116 85.33 -82.97 49.21
CA PRO SA 116 84.18 -82.06 49.06
C PRO SA 116 82.83 -82.76 49.10
N VAL SA 117 82.72 -83.93 48.47
CA VAL SA 117 81.46 -84.65 48.47
C VAL SA 117 81.09 -85.11 49.88
N ASP SA 118 82.02 -85.81 50.54
CA ASP SA 118 81.69 -86.44 51.82
C ASP SA 118 81.57 -85.40 52.94
N SER SA 119 82.53 -84.48 53.03
CA SER SA 119 82.64 -83.61 54.19
C SER SA 119 82.39 -82.13 53.89
N GLY SA 120 82.21 -81.76 52.63
CA GLY SA 120 81.98 -80.37 52.29
C GLY SA 120 83.19 -79.47 52.34
N LEU SA 121 84.39 -80.03 52.47
CA LEU SA 121 85.61 -79.24 52.46
C LEU SA 121 86.12 -79.13 51.03
N ASN SA 122 86.46 -77.92 50.61
CA ASN SA 122 87.04 -77.73 49.29
C ASN SA 122 88.53 -78.03 49.30
N ASN SA 123 89.08 -78.21 48.10
CA ASN SA 123 90.50 -78.48 47.97
C ASN SA 123 91.29 -77.18 47.84
N TYR SA 124 92.60 -77.30 48.03
CA TYR SA 124 93.49 -76.14 48.03
C TYR SA 124 94.92 -76.49 47.55
N MET TA 1 111.46 -50.32 -50.09
CA MET TA 1 112.90 -50.37 -49.85
C MET TA 1 113.22 -50.40 -48.36
N ARG TA 2 114.17 -51.24 -47.96
CA ARG TA 2 114.67 -51.22 -46.59
C ARG TA 2 115.38 -49.89 -46.33
N LEU TA 3 114.82 -49.10 -45.43
CA LEU TA 3 115.32 -47.74 -45.22
C LEU TA 3 116.73 -47.77 -44.65
N THR TA 4 117.53 -46.80 -45.11
CA THR TA 4 118.86 -46.58 -44.58
C THR TA 4 119.09 -45.08 -44.56
N ASP TA 5 120.02 -44.64 -43.71
CA ASP TA 5 120.42 -43.25 -43.70
C ASP TA 5 120.78 -42.83 -45.12
N VAL TA 6 120.56 -41.56 -45.43
CA VAL TA 6 120.66 -41.08 -46.81
C VAL TA 6 121.65 -39.94 -46.87
N ASP TA 7 122.48 -39.94 -47.90
CA ASP TA 7 123.40 -38.84 -48.16
C ASP TA 7 123.08 -38.27 -49.52
N LEU TA 8 122.75 -36.98 -49.56
CA LEU TA 8 122.35 -36.29 -50.77
C LEU TA 8 123.45 -35.36 -51.22
N THR TA 9 123.69 -35.31 -52.52
CA THR TA 9 124.60 -34.33 -53.09
C THR TA 9 123.76 -33.13 -53.50
N VAL TA 10 124.03 -31.97 -52.92
CA VAL TA 10 123.22 -30.77 -53.08
C VAL TA 10 124.11 -29.66 -53.60
N GLY TA 11 123.98 -29.35 -54.89
CA GLY TA 11 124.86 -28.36 -55.49
C GLY TA 11 126.30 -28.80 -55.31
N GLU TA 12 127.05 -28.07 -54.50
CA GLU TA 12 128.45 -28.37 -54.27
C GLU TA 12 128.74 -28.75 -52.83
N GLU TA 13 127.71 -29.17 -52.10
CA GLU TA 13 127.84 -29.61 -50.71
C GLU TA 13 127.20 -30.99 -50.60
N THR TA 14 127.43 -31.65 -49.48
CA THR TA 14 126.80 -32.94 -49.21
C THR TA 14 126.02 -32.87 -47.92
N ARG TA 15 124.75 -33.27 -47.98
CA ARG TA 15 123.81 -33.19 -46.88
C ARG TA 15 123.49 -34.60 -46.41
N GLU TA 16 123.57 -34.83 -45.09
CA GLU TA 16 123.42 -36.16 -44.52
C GLU TA 16 122.18 -36.21 -43.64
N TYR TA 17 121.26 -37.12 -43.95
CA TYR TA 17 120.04 -37.35 -43.22
C TYR TA 17 120.07 -38.73 -42.58
N ALA TA 18 119.37 -38.85 -41.45
CA ALA TA 18 119.23 -40.10 -40.73
C ALA TA 18 117.77 -40.41 -40.49
N VAL TA 19 117.44 -41.70 -40.52
CA VAL TA 19 116.05 -42.14 -40.33
C VAL TA 19 115.61 -41.78 -38.91
N SER TA 20 114.49 -41.07 -38.81
CA SER TA 20 113.89 -40.71 -37.52
C SER TA 20 112.68 -41.54 -37.14
N GLU TA 21 111.80 -41.87 -38.09
CA GLU TA 21 110.76 -42.84 -37.79
C GLU TA 21 110.23 -43.44 -39.08
N GLN TA 22 109.72 -44.67 -38.97
CA GLN TA 22 109.12 -45.35 -40.12
C GLN TA 22 107.85 -46.04 -39.68
N GLN TA 23 106.75 -45.70 -40.33
CA GLN TA 23 105.46 -46.34 -40.13
C GLN TA 23 105.11 -47.14 -41.37
N GLY TA 24 103.89 -47.68 -41.39
CA GLY TA 24 103.49 -48.51 -42.52
C GLY TA 24 103.52 -47.75 -43.83
N THR TA 25 102.97 -46.53 -43.83
CA THR TA 25 102.88 -45.71 -45.02
C THR TA 25 103.53 -44.34 -44.84
N LEU TA 26 104.37 -44.18 -43.82
CA LEU TA 26 104.99 -42.90 -43.53
C LEU TA 26 106.42 -43.10 -43.05
N PHE TA 27 107.30 -42.17 -43.42
CA PHE TA 27 108.65 -42.14 -42.86
C PHE TA 27 109.14 -40.70 -42.73
N ARG TA 28 110.16 -40.54 -41.89
CA ARG TA 28 110.72 -39.24 -41.59
C ARG TA 28 112.22 -39.37 -41.36
N PHE TA 29 112.98 -38.53 -42.06
CA PHE TA 29 114.40 -38.30 -41.90
C PHE TA 29 114.67 -36.95 -41.24
N VAL TA 30 115.80 -36.88 -40.55
CA VAL TA 30 116.27 -35.65 -39.92
C VAL TA 30 117.69 -35.36 -40.41
N ASP TA 31 117.99 -34.06 -40.61
CA ASP TA 31 119.33 -33.64 -41.00
C ASP TA 31 120.30 -33.88 -39.86
N LYS TA 32 121.37 -34.64 -40.11
CA LYS TA 32 122.36 -34.96 -39.09
C LYS TA 32 123.07 -33.73 -38.55
N SER TA 33 122.93 -32.57 -39.21
CA SER TA 33 123.54 -31.34 -38.73
C SER TA 33 122.93 -30.86 -37.42
N GLY TA 34 121.77 -31.39 -37.01
CA GLY TA 34 120.98 -30.80 -35.96
C GLY TA 34 120.75 -31.70 -34.76
N THR TA 35 120.20 -31.09 -33.72
CA THR TA 35 119.84 -31.70 -32.45
C THR TA 35 118.32 -31.73 -32.33
N VAL TA 36 117.83 -32.55 -31.41
CA VAL TA 36 116.47 -32.37 -30.90
C VAL TA 36 116.24 -30.92 -30.55
N ALA TA 37 117.18 -30.32 -29.80
CA ALA TA 37 117.07 -28.93 -29.40
C ALA TA 37 117.05 -28.00 -30.61
N ASN TA 38 118.12 -28.00 -31.38
CA ASN TA 38 118.23 -27.15 -32.56
C ASN TA 38 118.19 -28.03 -33.81
N ASN TA 39 117.15 -27.84 -34.62
CA ASN TA 39 116.94 -28.65 -35.81
C ASN TA 39 117.41 -27.91 -37.05
N THR TA 40 118.06 -28.64 -37.95
CA THR TA 40 118.57 -28.07 -39.20
C THR TA 40 117.77 -28.48 -40.43
N GLY TA 41 116.97 -29.53 -40.35
CA GLY TA 41 116.21 -29.96 -41.50
C GLY TA 41 115.39 -31.21 -41.26
N VAL TA 42 114.25 -31.32 -41.92
CA VAL TA 42 113.39 -32.49 -41.78
C VAL TA 42 112.79 -32.84 -43.13
N PHE TA 43 112.60 -34.14 -43.35
CA PHE TA 43 111.91 -34.62 -44.54
C PHE TA 43 110.94 -35.72 -44.13
N SER TA 44 109.73 -35.65 -44.67
CA SER TA 44 108.69 -36.61 -44.35
C SER TA 44 107.93 -36.99 -45.62
N LEU TA 45 107.53 -38.26 -45.69
CA LEU TA 45 106.80 -38.77 -46.85
C LEU TA 45 105.71 -39.73 -46.38
N GLU TA 46 104.51 -39.58 -46.95
CA GLU TA 46 103.36 -40.44 -46.60
C GLU TA 46 102.56 -40.79 -47.86
N GLN TA 47 102.15 -42.05 -47.96
CA GLN TA 47 101.30 -42.51 -49.04
C GLN TA 47 99.91 -42.84 -48.52
N ARG TA 48 98.89 -42.46 -49.30
CA ARG TA 48 97.49 -42.70 -48.98
C ARG TA 48 96.88 -43.42 -50.18
N PHE TA 49 96.72 -44.73 -50.03
CA PHE TA 49 96.09 -45.59 -51.03
C PHE TA 49 94.58 -45.49 -50.84
N GLY TA 50 93.89 -44.93 -51.83
CA GLY TA 50 92.45 -44.75 -51.74
C GLY TA 50 91.70 -45.99 -52.18
N ALA TA 51 90.38 -45.82 -52.37
CA ALA TA 51 89.59 -46.89 -52.95
C ALA TA 51 89.92 -47.06 -54.44
N ALA TA 52 89.40 -48.15 -55.03
CA ALA TA 52 89.72 -48.46 -56.42
C ALA TA 52 89.24 -47.40 -57.40
N ASN TA 53 88.25 -46.60 -57.01
CA ASN TA 53 87.84 -45.44 -57.80
C ASN TA 53 88.67 -44.19 -57.48
N SER TA 54 89.43 -44.21 -56.38
CA SER TA 54 90.21 -43.06 -55.96
C SER TA 54 91.65 -43.18 -56.45
N ASN TA 55 92.26 -42.03 -56.67
CA ASN TA 55 93.69 -41.99 -56.98
C ASN TA 55 94.48 -42.14 -55.69
N ARG TA 56 95.53 -42.95 -55.73
CA ARG TA 56 96.43 -42.96 -54.59
C ARG TA 56 97.24 -41.66 -54.60
N LYS TA 57 97.62 -41.22 -53.41
CA LYS TA 57 98.27 -39.94 -53.25
C LYS TA 57 99.54 -40.10 -52.43
N VAL TA 58 100.55 -39.31 -52.75
CA VAL TA 58 101.85 -39.41 -52.10
C VAL TA 58 102.33 -37.99 -51.80
N THR TA 59 102.61 -37.70 -50.54
CA THR TA 59 102.94 -36.33 -50.16
C THR TA 59 104.26 -36.27 -49.39
N MET TA 60 105.05 -35.25 -49.72
CA MET TA 60 106.35 -35.01 -49.13
C MET TA 60 106.39 -33.61 -48.57
N LEU TA 61 107.03 -33.48 -47.40
CA LEU TA 61 107.29 -32.19 -46.78
C LEU TA 61 108.76 -32.10 -46.42
N LEU TA 62 109.42 -31.06 -46.93
CA LEU TA 62 110.81 -30.75 -46.66
C LEU TA 62 110.84 -29.41 -45.93
N THR TA 63 111.38 -29.40 -44.72
CA THR TA 63 111.45 -28.20 -43.90
C THR TA 63 112.90 -27.86 -43.60
N ASP TA 64 113.28 -26.62 -43.90
CA ASP TA 64 114.63 -26.11 -43.64
C ASP TA 64 114.53 -24.88 -42.74
N PRO TA 65 114.87 -25.03 -41.46
CA PRO TA 65 114.93 -23.87 -40.58
C PRO TA 65 116.33 -23.27 -40.55
N VAL TA 66 116.36 -21.94 -40.43
CA VAL TA 66 117.59 -21.16 -40.39
C VAL TA 66 117.46 -20.15 -39.24
N VAL TA 67 118.57 -19.89 -38.57
CA VAL TA 67 118.60 -18.85 -37.56
C VAL TA 67 118.97 -17.52 -38.22
N VAL TA 68 118.17 -16.49 -37.96
CA VAL TA 68 118.32 -15.18 -38.53
C VAL TA 68 118.39 -14.16 -37.40
N LYS TA 69 119.11 -13.07 -37.65
CA LYS TA 69 119.20 -11.97 -36.71
C LYS TA 69 117.88 -11.20 -36.68
N ASP TA 70 117.45 -10.85 -35.47
CA ASP TA 70 116.27 -10.02 -35.30
C ASP TA 70 116.58 -8.57 -35.68
N ALA TA 71 115.52 -7.80 -35.92
CA ALA TA 71 115.71 -6.36 -36.12
C ALA TA 71 116.30 -5.71 -34.88
N SER TA 72 115.96 -6.24 -33.70
CA SER TA 72 116.62 -5.83 -32.46
C SER TA 72 117.99 -6.46 -32.30
N GLY TA 73 118.19 -7.63 -32.90
CA GLY TA 73 119.45 -8.36 -32.79
C GLY TA 73 119.33 -9.74 -32.18
N ALA TA 74 118.18 -10.09 -31.60
CA ALA TA 74 118.00 -11.39 -30.99
C ALA TA 74 118.11 -12.51 -32.02
N ASP TA 75 118.37 -13.72 -31.52
CA ASP TA 75 118.42 -14.90 -32.36
C ASP TA 75 117.01 -15.44 -32.57
N MET TA 76 116.62 -15.64 -33.83
CA MET TA 76 115.27 -16.07 -34.13
C MET TA 76 115.31 -17.16 -35.19
N THR TA 77 114.51 -18.21 -35.02
CA THR TA 77 114.51 -19.32 -35.97
C THR TA 77 113.34 -19.21 -36.93
N ILE TA 78 113.61 -19.35 -38.23
CA ILE TA 78 112.64 -19.16 -39.29
C ILE TA 78 112.70 -20.38 -40.20
N LYS TA 79 111.53 -20.97 -40.47
CA LYS TA 79 111.44 -22.16 -41.30
C LYS TA 79 110.95 -21.80 -42.69
N ALA TA 80 111.47 -22.53 -43.69
CA ALA TA 80 110.98 -22.48 -45.06
C ALA TA 80 110.53 -23.88 -45.47
N ASN TA 81 109.36 -23.96 -46.10
CA ASN TA 81 108.74 -25.24 -46.37
C ASN TA 81 108.64 -25.47 -47.87
N ALA TA 82 108.79 -26.73 -48.27
CA ALA TA 82 108.48 -27.15 -49.63
C ALA TA 82 107.69 -28.44 -49.54
N SER TA 83 106.60 -28.53 -50.30
CA SER TA 83 105.74 -29.70 -50.23
C SER TA 83 105.38 -30.17 -51.62
N VAL TA 84 105.52 -31.48 -51.85
CA VAL TA 84 105.19 -32.08 -53.14
C VAL TA 84 104.04 -33.06 -52.91
N THR TA 85 103.15 -33.17 -53.89
CA THR TA 85 102.03 -34.11 -53.82
C THR TA 85 101.84 -34.73 -55.21
N PHE TA 86 101.95 -36.06 -55.26
CA PHE TA 86 101.71 -36.84 -56.46
C PHE TA 86 100.32 -37.45 -56.37
N SER TA 87 99.44 -37.08 -57.30
CA SER TA 87 98.14 -37.71 -57.45
C SER TA 87 98.22 -38.67 -58.63
N LEU TA 88 98.17 -39.96 -58.31
CA LEU TA 88 98.40 -41.03 -59.28
C LEU TA 88 97.19 -41.94 -59.32
N PRO TA 89 96.41 -41.92 -60.40
CA PRO TA 89 95.32 -42.86 -60.56
C PRO TA 89 95.83 -44.29 -60.71
N LYS TA 90 94.98 -45.23 -60.35
CA LYS TA 90 95.37 -46.64 -60.31
C LYS TA 90 95.22 -47.33 -61.66
N THR TA 91 94.82 -46.59 -62.69
CA THR TA 91 94.87 -47.07 -64.07
C THR TA 91 96.04 -46.47 -64.83
N TYR TA 92 96.81 -45.61 -64.19
CA TYR TA 92 97.98 -44.96 -64.78
C TYR TA 92 99.19 -45.88 -64.66
N PRO TA 93 99.98 -46.04 -65.72
CA PRO TA 93 101.09 -47.00 -65.67
C PRO TA 93 102.31 -46.49 -64.90
N ASN TA 94 102.94 -47.43 -64.20
CA ASN TA 94 104.08 -47.09 -63.34
C ASN TA 94 105.21 -46.45 -64.14
N GLU TA 95 105.41 -46.90 -65.38
CA GLU TA 95 106.43 -46.29 -66.23
C GLU TA 95 106.21 -44.78 -66.34
N HIS TA 96 104.99 -44.37 -66.70
CA HIS TA 96 104.72 -42.95 -66.85
C HIS TA 96 104.74 -42.21 -65.53
N ILE TA 97 104.49 -42.89 -64.40
CA ILE TA 97 104.72 -42.25 -63.11
C ILE TA 97 106.21 -41.90 -62.94
N THR TA 98 107.09 -42.84 -63.28
CA THR TA 98 108.52 -42.54 -63.20
C THR TA 98 108.88 -41.39 -64.13
N LYS TA 99 108.35 -41.42 -65.36
CA LYS TA 99 108.54 -40.31 -66.30
C LYS TA 99 108.13 -38.99 -65.68
N LEU TA 100 106.98 -38.97 -65.03
CA LEU TA 100 106.46 -37.76 -64.38
C LEU TA 100 107.44 -37.26 -63.31
N ARG TA 101 107.88 -38.16 -62.43
CA ARG TA 101 108.79 -37.77 -61.37
C ARG TA 101 110.08 -37.17 -61.93
N GLN TA 102 110.61 -37.78 -62.98
CA GLN TA 102 111.86 -37.28 -63.55
C GLN TA 102 111.66 -35.93 -64.23
N THR TA 103 110.55 -35.75 -64.96
CA THR TA 103 110.27 -34.44 -65.56
C THR TA 103 110.12 -33.38 -64.48
N LEU TA 104 109.56 -33.74 -63.33
CA LEU TA 104 109.46 -32.78 -62.23
C LEU TA 104 110.84 -32.39 -61.73
N ILE TA 105 111.74 -33.36 -61.57
CA ILE TA 105 113.11 -33.05 -61.17
C ILE TA 105 113.75 -32.09 -62.16
N ALA TA 106 113.60 -32.38 -63.45
CA ALA TA 106 114.17 -31.52 -64.49
C ALA TA 106 113.60 -30.12 -64.42
N TRP TA 107 112.28 -30.00 -64.22
CA TRP TA 107 111.67 -28.68 -64.12
C TRP TA 107 112.19 -27.92 -62.91
N LEU TA 108 112.31 -28.59 -61.77
CA LEU TA 108 112.84 -27.95 -60.58
C LEU TA 108 114.27 -27.49 -60.78
N GLY TA 109 114.98 -28.09 -61.74
CA GLY TA 109 116.30 -27.60 -62.10
C GLY TA 109 116.31 -26.32 -62.91
N GLN TA 110 115.22 -26.05 -63.65
CA GLN TA 110 115.21 -25.00 -64.65
C GLN TA 110 115.34 -23.61 -64.04
N GLN TA 111 115.85 -22.68 -64.85
CA GLN TA 111 115.99 -21.31 -64.35
C GLN TA 111 114.65 -20.62 -64.24
N CYS TA 112 113.70 -20.93 -65.13
CA CYS TA 112 112.39 -20.31 -65.06
C CYS TA 112 111.62 -20.74 -63.82
N VAL TA 113 111.98 -21.88 -63.23
CA VAL TA 113 111.45 -22.24 -61.92
C VAL TA 113 112.32 -21.67 -60.81
N SER TA 114 113.64 -21.58 -61.04
CA SER TA 114 114.56 -21.13 -60.00
C SER TA 114 114.34 -19.67 -59.63
N ASP TA 115 114.19 -18.80 -60.63
CA ASP TA 115 114.10 -17.36 -60.36
C ASP TA 115 112.96 -17.00 -59.43
N PRO TA 116 111.70 -17.40 -59.66
CA PRO TA 116 110.66 -17.06 -58.68
C PRO TA 116 110.86 -17.71 -57.33
N VAL TA 117 111.24 -18.99 -57.31
CA VAL TA 117 111.43 -19.69 -56.04
C VAL TA 117 112.61 -19.08 -55.27
N ASP TA 118 113.79 -19.07 -55.88
CA ASP TA 118 114.99 -18.70 -55.14
C ASP TA 118 115.01 -17.21 -54.80
N SER TA 119 114.63 -16.35 -55.73
CA SER TA 119 114.81 -14.91 -55.55
C SER TA 119 113.53 -14.09 -55.59
N GLY TA 120 112.41 -14.66 -56.03
CA GLY TA 120 111.17 -13.93 -56.10
C GLY TA 120 110.92 -13.20 -57.39
N LEU TA 121 111.86 -13.22 -58.32
CA LEU TA 121 111.65 -12.58 -59.61
C LEU TA 121 110.71 -13.43 -60.48
N ASN TA 122 109.70 -12.78 -61.06
CA ASN TA 122 108.87 -13.47 -62.03
C ASN TA 122 109.51 -13.46 -63.41
N ASN TA 123 109.11 -14.42 -64.23
CA ASN TA 123 109.61 -14.47 -65.60
C ASN TA 123 108.75 -13.60 -66.50
N TYR TA 124 109.32 -13.23 -67.65
CA TYR TA 124 108.64 -12.31 -68.56
C TYR TA 124 108.76 -12.73 -70.02
N MET UA 1 109.74 -63.07 -38.42
CA MET UA 1 110.88 -63.20 -39.32
C MET UA 1 111.24 -61.85 -39.92
N ARG UA 2 112.45 -61.77 -40.49
CA ARG UA 2 112.87 -60.56 -41.20
C ARG UA 2 112.38 -60.63 -42.63
N LEU UA 3 111.42 -59.77 -42.96
CA LEU UA 3 110.76 -59.80 -44.27
C LEU UA 3 111.76 -59.62 -45.41
N THR UA 4 111.69 -60.51 -46.38
CA THR UA 4 112.46 -60.44 -47.60
C THR UA 4 111.53 -60.74 -48.76
N ASP UA 5 111.84 -60.17 -49.92
CA ASP UA 5 111.04 -60.46 -51.11
C ASP UA 5 110.93 -61.97 -51.31
N VAL UA 6 109.79 -62.42 -51.79
CA VAL UA 6 109.47 -63.84 -51.78
C VAL UA 6 109.23 -64.30 -53.21
N ASP UA 7 109.69 -65.51 -53.52
CA ASP UA 7 109.41 -66.14 -54.80
C ASP UA 7 108.72 -67.46 -54.57
N LEU UA 8 107.52 -67.59 -55.13
CA LEU UA 8 106.66 -68.75 -54.93
C LEU UA 8 106.66 -69.59 -56.18
N THR UA 9 106.78 -70.90 -55.99
CA THR UA 9 106.67 -71.84 -57.09
C THR UA 9 105.20 -72.23 -57.20
N VAL UA 10 104.55 -71.80 -58.27
CA VAL UA 10 103.11 -71.96 -58.45
C VAL UA 10 102.89 -72.84 -59.66
N GLY UA 11 102.61 -74.13 -59.41
CA GLY UA 11 102.50 -75.08 -60.49
C GLY UA 11 103.80 -75.15 -61.26
N GLU UA 12 103.81 -74.69 -62.50
CA GLU UA 12 105.01 -74.69 -63.31
C GLU UA 12 105.52 -73.29 -63.59
N GLU UA 13 105.10 -72.32 -62.79
CA GLU UA 13 105.50 -70.94 -62.99
C GLU UA 13 106.10 -70.45 -61.68
N THR UA 14 106.74 -69.28 -61.72
CA THR UA 14 107.28 -68.67 -60.52
C THR UA 14 106.72 -67.26 -60.39
N ARG UA 15 106.01 -67.01 -59.29
CA ARG UA 15 105.50 -65.70 -58.94
C ARG UA 15 106.51 -65.00 -58.04
N GLU UA 16 106.70 -63.70 -58.23
CA GLU UA 16 107.74 -62.95 -57.51
C GLU UA 16 107.13 -61.72 -56.85
N TYR UA 17 107.05 -61.74 -55.53
CA TYR UA 17 106.46 -60.67 -54.75
C TYR UA 17 107.54 -59.87 -54.04
N ALA UA 18 107.27 -58.58 -53.89
CA ALA UA 18 108.13 -57.63 -53.20
C ALA UA 18 107.40 -57.03 -52.01
N VAL UA 19 108.13 -56.81 -50.91
CA VAL UA 19 107.54 -56.22 -49.73
C VAL UA 19 107.04 -54.82 -50.07
N SER UA 20 105.77 -54.55 -49.77
CA SER UA 20 105.16 -53.26 -50.04
C SER UA 20 104.81 -52.46 -48.79
N GLU UA 21 104.49 -53.11 -47.67
CA GLU UA 21 104.47 -52.35 -46.42
C GLU UA 21 104.59 -53.28 -45.23
N GLN UA 22 105.16 -52.75 -44.15
CA GLN UA 22 105.33 -53.47 -42.89
C GLN UA 22 104.89 -52.55 -41.76
N GLN UA 23 103.84 -52.94 -41.03
CA GLN UA 23 103.40 -52.23 -39.86
C GLN UA 23 103.75 -53.06 -38.63
N GLY UA 24 103.10 -52.77 -37.51
CA GLY UA 24 103.34 -53.53 -36.31
C GLY UA 24 102.93 -54.97 -36.49
N THR UA 25 101.64 -55.19 -36.78
CA THR UA 25 101.05 -56.51 -36.89
C THR UA 25 100.61 -56.85 -38.31
N LEU UA 26 100.93 -56.00 -39.28
CA LEU UA 26 100.43 -56.14 -40.64
C LEU UA 26 101.59 -56.02 -41.62
N PHE UA 27 101.53 -56.82 -42.70
CA PHE UA 27 102.46 -56.69 -43.81
C PHE UA 27 101.72 -56.92 -45.12
N ARG UA 28 102.37 -56.48 -46.19
CA ARG UA 28 101.78 -56.55 -47.53
C ARG UA 28 102.89 -56.70 -48.56
N PHE UA 29 102.76 -57.74 -49.38
CA PHE UA 29 103.58 -58.02 -50.56
C PHE UA 29 102.79 -57.67 -51.82
N VAL UA 30 103.54 -57.51 -52.92
CA VAL UA 30 102.98 -57.05 -54.18
C VAL UA 30 103.67 -57.81 -55.32
N ASP UA 31 102.88 -58.25 -56.30
CA ASP UA 31 103.43 -58.98 -57.45
C ASP UA 31 104.35 -58.08 -58.26
N LYS UA 32 105.64 -58.46 -58.35
CA LYS UA 32 106.61 -57.63 -59.05
C LYS UA 32 106.25 -57.45 -60.52
N SER UA 33 105.58 -58.45 -61.11
CA SER UA 33 105.23 -58.44 -62.52
C SER UA 33 104.13 -57.45 -62.86
N GLY UA 34 103.69 -56.62 -61.92
CA GLY UA 34 102.61 -55.70 -62.18
C GLY UA 34 103.10 -54.46 -62.92
N THR UA 35 102.34 -54.06 -63.93
CA THR UA 35 102.65 -52.85 -64.68
C THR UA 35 101.87 -51.64 -64.20
N VAL UA 36 100.62 -51.85 -63.79
CA VAL UA 36 99.77 -50.79 -63.29
C VAL UA 36 99.27 -51.21 -61.91
N ALA UA 37 98.80 -50.22 -61.14
CA ALA UA 37 98.22 -50.51 -59.85
C ALA UA 37 97.10 -51.54 -59.96
N ASN UA 38 96.15 -51.32 -60.89
CA ASN UA 38 95.05 -52.27 -61.08
C ASN UA 38 95.54 -53.60 -61.67
N ASN UA 39 96.58 -53.55 -62.49
CA ASN UA 39 97.19 -54.77 -63.00
C ASN UA 39 97.76 -55.64 -61.88
N THR UA 40 98.15 -55.02 -60.77
CA THR UA 40 99.06 -55.63 -59.81
C THR UA 40 98.33 -56.47 -58.76
N GLY UA 41 98.71 -57.74 -58.66
CA GLY UA 41 98.20 -58.58 -57.58
C GLY UA 41 98.89 -58.27 -56.26
N VAL UA 42 98.21 -58.59 -55.16
CA VAL UA 42 98.71 -58.24 -53.84
C VAL UA 42 98.38 -59.35 -52.84
N PHE UA 43 99.13 -59.35 -51.75
CA PHE UA 43 98.90 -60.28 -50.65
C PHE UA 43 99.18 -59.57 -49.33
N SER UA 44 98.24 -59.67 -48.41
CA SER UA 44 98.34 -58.96 -47.15
C SER UA 44 98.00 -59.89 -46.00
N LEU UA 45 98.64 -59.66 -44.85
CA LEU UA 45 98.39 -60.46 -43.66
C LEU UA 45 98.44 -59.56 -42.43
N GLU UA 46 97.54 -59.84 -41.48
CA GLU UA 46 97.42 -59.06 -40.26
C GLU UA 46 97.06 -59.97 -39.11
N GLN UA 47 97.73 -59.80 -37.97
CA GLN UA 47 97.40 -60.53 -36.76
C GLN UA 47 96.74 -59.59 -35.75
N ARG UA 48 95.67 -60.06 -35.13
CA ARG UA 48 94.94 -59.34 -34.10
C ARG UA 48 94.99 -60.23 -32.85
N PHE UA 49 95.89 -59.86 -31.94
CA PHE UA 49 96.05 -60.55 -30.67
C PHE UA 49 95.01 -60.01 -29.70
N GLY UA 50 94.20 -60.89 -29.13
CA GLY UA 50 93.12 -60.48 -28.24
C GLY UA 50 93.56 -60.47 -26.78
N ALA UA 51 92.57 -60.25 -25.92
CA ALA UA 51 92.80 -60.41 -24.48
C ALA UA 51 93.02 -61.88 -24.14
N ALA UA 52 93.31 -62.17 -22.88
CA ALA UA 52 93.63 -63.54 -22.48
C ALA UA 52 92.42 -64.46 -22.61
N ASN UA 53 91.21 -63.92 -22.51
CA ASN UA 53 90.01 -64.72 -22.74
C ASN UA 53 89.67 -64.84 -24.22
N SER UA 54 90.33 -64.07 -25.08
CA SER UA 54 90.06 -64.09 -26.50
C SER UA 54 91.00 -65.06 -27.23
N ASN UA 55 90.67 -65.33 -28.48
CA ASN UA 55 91.54 -66.06 -29.38
C ASN UA 55 92.27 -65.05 -30.26
N ARG UA 56 93.54 -65.27 -30.52
CA ARG UA 56 94.20 -64.43 -31.51
C ARG UA 56 93.73 -64.84 -32.90
N LYS UA 57 93.65 -63.87 -33.79
CA LYS UA 57 93.15 -64.11 -35.14
C LYS UA 57 94.18 -63.62 -36.15
N VAL UA 58 94.45 -64.43 -37.17
CA VAL UA 58 95.35 -64.04 -38.25
C VAL UA 58 94.55 -64.10 -39.54
N THR UA 59 94.61 -63.01 -40.32
CA THR UA 59 93.85 -62.93 -41.55
C THR UA 59 94.78 -62.62 -42.71
N MET UA 60 94.48 -63.21 -43.86
CA MET UA 60 95.22 -63.01 -45.09
C MET UA 60 94.25 -62.76 -46.22
N LEU UA 61 94.64 -61.83 -47.09
CA LEU UA 61 93.91 -61.53 -48.31
C LEU UA 61 94.85 -61.60 -49.50
N LEU UA 62 94.47 -62.39 -50.50
CA LEU UA 62 95.19 -62.54 -51.75
C LEU UA 62 94.29 -62.05 -52.88
N THR UA 63 94.78 -61.05 -53.63
CA THR UA 63 94.01 -60.44 -54.72
C THR UA 63 94.78 -60.63 -56.03
N ASP UA 64 94.10 -61.23 -57.01
CA ASP UA 64 94.70 -61.51 -58.33
C ASP UA 64 93.81 -60.92 -59.42
N PRO UA 65 94.10 -59.70 -59.87
CA PRO UA 65 93.35 -59.13 -60.99
C PRO UA 65 93.86 -59.62 -62.34
N VAL UA 66 92.96 -59.60 -63.33
CA VAL UA 66 93.25 -60.01 -64.70
C VAL UA 66 92.54 -59.05 -65.64
N VAL UA 67 93.10 -58.85 -66.84
CA VAL UA 67 92.50 -57.96 -67.84
C VAL UA 67 91.64 -58.77 -68.79
N VAL UA 68 90.39 -58.34 -68.95
CA VAL UA 68 89.44 -58.98 -69.88
C VAL UA 68 88.96 -57.96 -70.91
N MET UA 76 88.64 -53.92 -69.52
CA MET UA 76 88.26 -54.02 -68.12
C MET UA 76 89.17 -54.99 -67.34
N THR UA 77 89.43 -54.68 -66.07
CA THR UA 77 90.19 -55.55 -65.19
C THR UA 77 89.29 -56.07 -64.07
N ILE UA 78 89.33 -57.38 -63.87
CA ILE UA 78 88.45 -58.10 -62.95
C ILE UA 78 89.31 -58.71 -61.85
N LYS UA 79 88.87 -58.55 -60.60
CA LYS UA 79 89.64 -58.99 -59.44
C LYS UA 79 88.96 -60.16 -58.74
N ALA UA 80 89.75 -61.18 -58.38
CA ALA UA 80 89.29 -62.31 -57.59
C ALA UA 80 90.08 -62.40 -56.30
N ASN UA 81 89.39 -62.76 -55.22
CA ASN UA 81 89.97 -62.72 -53.87
C ASN UA 81 89.95 -64.09 -53.23
N ALA UA 82 91.01 -64.41 -52.51
CA ALA UA 82 91.01 -65.50 -51.56
C ALA UA 82 91.34 -64.91 -50.19
N SER UA 83 90.60 -65.34 -49.17
CA SER UA 83 90.83 -64.82 -47.82
C SER UA 83 90.86 -65.98 -46.84
N VAL UA 84 91.93 -66.06 -46.06
CA VAL UA 84 92.09 -67.09 -45.05
C VAL UA 84 92.07 -66.42 -43.69
N THR UA 85 91.48 -67.09 -42.69
CA THR UA 85 91.43 -66.59 -41.32
C THR UA 85 91.65 -67.75 -40.37
N PHE UA 86 92.67 -67.62 -39.52
CA PHE UA 86 93.01 -68.60 -38.50
C PHE UA 86 92.56 -68.04 -37.15
N SER UA 87 91.62 -68.73 -36.50
CA SER UA 87 91.21 -68.42 -35.14
C SER UA 87 91.88 -69.42 -34.21
N LEU UA 88 92.79 -68.91 -33.39
CA LEU UA 88 93.67 -69.75 -32.58
C LEU UA 88 93.55 -69.36 -31.12
N PRO UA 89 93.00 -70.21 -30.27
CA PRO UA 89 93.00 -69.94 -28.84
C PRO UA 89 94.41 -70.01 -28.28
N LYS UA 90 94.66 -69.22 -27.24
CA LYS UA 90 96.01 -69.10 -26.73
C LYS UA 90 96.49 -70.41 -26.08
N THR UA 91 95.60 -71.08 -25.34
CA THR UA 91 95.96 -72.34 -24.70
C THR UA 91 96.25 -73.44 -25.72
N TYR UA 92 95.83 -73.26 -26.98
CA TYR UA 92 96.03 -74.28 -28.01
C TYR UA 92 97.52 -74.37 -28.37
N PRO UA 93 98.07 -75.58 -28.52
CA PRO UA 93 99.53 -75.72 -28.65
C PRO UA 93 100.07 -75.39 -30.04
N ASN UA 94 101.21 -74.70 -30.06
CA ASN UA 94 101.81 -74.24 -31.30
C ASN UA 94 102.06 -75.39 -32.28
N GLU UA 95 102.41 -76.56 -31.75
CA GLU UA 95 102.64 -77.71 -32.62
C GLU UA 95 101.38 -78.07 -33.40
N HIS UA 96 100.25 -78.21 -32.72
CA HIS UA 96 99.00 -78.52 -33.41
C HIS UA 96 98.56 -77.38 -34.33
N ILE UA 97 98.97 -76.13 -34.07
CA ILE UA 97 98.70 -75.06 -35.04
C ILE UA 97 99.46 -75.32 -36.34
N THR UA 98 100.76 -75.61 -36.24
CA THR UA 98 101.53 -75.92 -37.45
C THR UA 98 100.86 -77.06 -38.21
N LYS UA 99 100.40 -78.08 -37.48
CA LYS UA 99 99.63 -79.16 -38.09
C LYS UA 99 98.42 -78.65 -38.86
N LEU UA 100 97.62 -77.80 -38.21
CA LEU UA 100 96.41 -77.27 -38.86
C LEU UA 100 96.75 -76.58 -40.17
N ARG UA 101 97.76 -75.69 -40.14
CA ARG UA 101 98.14 -74.99 -41.36
C ARG UA 101 98.53 -75.96 -42.48
N GLN UA 102 99.34 -76.96 -42.15
CA GLN UA 102 99.79 -77.89 -43.18
C GLN UA 102 98.62 -78.68 -43.76
N THR UA 103 97.68 -79.11 -42.91
CA THR UA 103 96.53 -79.84 -43.44
C THR UA 103 95.63 -78.97 -44.29
N LEU UA 104 95.54 -77.67 -44.00
CA LEU UA 104 94.80 -76.79 -44.89
C LEU UA 104 95.47 -76.72 -46.25
N ILE UA 105 96.80 -76.62 -46.28
CA ILE UA 105 97.51 -76.68 -47.56
C ILE UA 105 97.16 -77.96 -48.31
N ALA UA 106 97.24 -79.09 -47.63
CA ALA UA 106 96.93 -80.38 -48.25
C ALA UA 106 95.52 -80.39 -48.82
N TRP UA 107 94.55 -79.87 -48.06
CA TRP UA 107 93.17 -79.84 -48.52
C TRP UA 107 93.03 -79.00 -49.77
N LEU UA 108 93.62 -77.80 -49.77
CA LEU UA 108 93.59 -76.92 -50.94
C LEU UA 108 94.23 -77.57 -52.15
N GLY UA 109 95.05 -78.59 -51.95
CA GLY UA 109 95.55 -79.39 -53.06
C GLY UA 109 94.54 -80.30 -53.74
N GLN UA 110 93.57 -80.80 -52.98
CA GLN UA 110 92.76 -81.93 -53.42
C GLN UA 110 91.76 -81.56 -54.52
N GLN UA 111 91.32 -82.59 -55.24
CA GLN UA 111 90.37 -82.38 -56.33
C GLN UA 111 89.02 -81.92 -55.82
N CYS UA 112 88.56 -82.49 -54.70
CA CYS UA 112 87.25 -82.11 -54.16
C CYS UA 112 87.19 -80.64 -53.81
N VAL UA 113 88.35 -79.99 -53.66
CA VAL UA 113 88.42 -78.55 -53.45
C VAL UA 113 88.66 -77.80 -54.75
N SER UA 114 89.52 -78.32 -55.62
CA SER UA 114 89.83 -77.61 -56.86
C SER UA 114 88.63 -77.54 -57.78
N ASP UA 115 87.86 -78.63 -57.90
CA ASP UA 115 86.74 -78.66 -58.82
C ASP UA 115 85.71 -77.54 -58.56
N PRO UA 116 85.26 -77.32 -57.31
CA PRO UA 116 84.36 -76.16 -57.12
C PRO UA 116 85.07 -74.81 -57.22
N VAL UA 117 86.26 -74.68 -56.63
CA VAL UA 117 86.97 -73.41 -56.69
C VAL UA 117 87.33 -73.08 -58.14
N ASP UA 118 88.09 -73.96 -58.80
CA ASP UA 118 88.63 -73.63 -60.12
C ASP UA 118 87.53 -73.47 -61.15
N SER UA 119 86.67 -74.49 -61.31
CA SER UA 119 85.72 -74.51 -62.40
C SER UA 119 84.25 -74.48 -61.97
N GLY UA 120 83.96 -74.59 -60.68
CA GLY UA 120 82.58 -74.54 -60.24
C GLY UA 120 81.86 -75.87 -60.19
N LEU UA 121 82.55 -76.98 -60.43
CA LEU UA 121 81.93 -78.29 -60.31
C LEU UA 121 81.76 -78.64 -58.85
N ASN UA 122 80.53 -78.93 -58.42
CA ASN UA 122 80.35 -79.46 -57.08
C ASN UA 122 80.61 -80.95 -57.07
N ASN UA 123 80.84 -81.48 -55.87
CA ASN UA 123 81.11 -82.90 -55.75
C ASN UA 123 79.81 -83.66 -55.53
N TYR UA 124 79.77 -84.87 -56.05
CA TYR UA 124 78.56 -85.66 -56.04
C TYR UA 124 78.86 -87.11 -55.73
N MET VA 1 118.01 -46.76 -35.08
CA MET VA 1 118.64 -48.06 -35.21
C MET VA 1 117.77 -48.99 -36.05
N ARG VA 2 118.40 -49.78 -36.91
CA ARG VA 2 117.69 -50.85 -37.63
C ARG VA 2 117.40 -51.99 -36.66
N LEU VA 3 116.15 -52.14 -36.27
CA LEU VA 3 115.81 -53.10 -35.23
C LEU VA 3 116.05 -54.52 -35.72
N THR VA 4 116.75 -55.29 -34.90
CA THR VA 4 116.89 -56.73 -35.10
C THR VA 4 116.90 -57.39 -33.73
N ASP VA 5 116.71 -58.72 -33.74
CA ASP VA 5 116.71 -59.49 -32.51
C ASP VA 5 117.98 -59.20 -31.72
N VAL VA 6 117.87 -59.26 -30.40
CA VAL VA 6 119.03 -59.01 -29.55
C VAL VA 6 119.16 -60.13 -28.52
N ASP VA 7 120.39 -60.29 -28.04
CA ASP VA 7 120.71 -61.21 -26.96
C ASP VA 7 121.37 -60.40 -25.85
N LEU VA 8 120.89 -60.57 -24.64
CA LEU VA 8 121.36 -59.82 -23.48
C LEU VA 8 122.17 -60.72 -22.56
N THR VA 9 123.24 -60.15 -22.03
CA THR VA 9 124.05 -60.83 -21.04
C THR VA 9 123.51 -60.46 -19.66
N VAL VA 10 122.99 -61.43 -18.94
CA VAL VA 10 122.30 -61.20 -17.68
C VAL VA 10 123.00 -62.01 -16.60
N GLY VA 11 123.86 -61.35 -15.82
CA GLY VA 11 124.65 -62.06 -14.84
C GLY VA 11 125.48 -63.13 -15.51
N GLU VA 12 125.16 -64.39 -15.22
CA GLU VA 12 125.90 -65.52 -15.80
C GLU VA 12 125.02 -66.36 -16.72
N GLU VA 13 123.98 -65.76 -17.29
CA GLU VA 13 123.15 -66.43 -18.27
C GLU VA 13 122.98 -65.52 -19.47
N THR VA 14 122.47 -66.07 -20.57
CA THR VA 14 122.20 -65.31 -21.77
C THR VA 14 120.71 -65.38 -22.08
N ARG VA 15 120.11 -64.20 -22.28
CA ARG VA 15 118.68 -64.04 -22.50
C ARG VA 15 118.47 -63.65 -23.95
N GLU VA 16 117.63 -64.39 -24.67
CA GLU VA 16 117.45 -64.17 -26.10
C GLU VA 16 116.07 -63.61 -26.39
N TYR VA 17 116.02 -62.39 -26.92
CA TYR VA 17 114.76 -61.79 -27.31
C TYR VA 17 114.67 -61.75 -28.83
N ALA VA 18 113.43 -61.66 -29.32
CA ALA VA 18 113.14 -61.55 -30.75
C ALA VA 18 112.12 -60.45 -30.97
N VAL VA 19 112.30 -59.71 -32.07
CA VAL VA 19 111.38 -58.62 -32.38
C VAL VA 19 110.00 -59.19 -32.58
N SER VA 20 109.02 -58.68 -31.82
CA SER VA 20 107.63 -59.08 -31.95
C SER VA 20 106.76 -58.06 -32.65
N GLU VA 21 107.09 -56.76 -32.56
CA GLU VA 21 106.46 -55.79 -33.45
C GLU VA 21 107.29 -54.51 -33.48
N GLN VA 22 107.21 -53.80 -34.60
CA GLN VA 22 107.86 -52.50 -34.72
C GLN VA 22 106.90 -51.53 -35.39
N GLN VA 23 106.58 -50.45 -34.68
CA GLN VA 23 105.78 -49.35 -35.18
C GLN VA 23 106.63 -48.08 -35.24
N GLY VA 24 105.98 -46.98 -35.61
CA GLY VA 24 106.73 -45.75 -35.83
C GLY VA 24 107.43 -45.27 -34.58
N THR VA 25 106.71 -45.23 -33.46
CA THR VA 25 107.24 -44.75 -32.18
C THR VA 25 107.28 -45.84 -31.11
N LEU VA 26 106.96 -47.08 -31.47
CA LEU VA 26 106.85 -48.17 -30.50
C LEU VA 26 107.49 -49.43 -31.06
N PHE VA 27 108.08 -50.23 -30.17
CA PHE VA 27 108.55 -51.56 -30.54
C PHE VA 27 108.41 -52.51 -29.36
N ARG VA 28 108.40 -53.80 -29.68
CA ARG VA 28 108.20 -54.85 -28.70
C ARG VA 28 109.03 -56.08 -29.05
N PHE VA 29 109.79 -56.55 -28.07
CA PHE VA 29 110.53 -57.80 -28.08
C PHE VA 29 109.86 -58.83 -27.18
N VAL VA 30 110.08 -60.11 -27.50
CA VAL VA 30 109.57 -61.24 -26.74
C VAL VA 30 110.70 -62.22 -26.45
N ASP VA 31 110.72 -62.77 -25.24
CA ASP VA 31 111.74 -63.77 -24.87
C ASP VA 31 111.56 -65.03 -25.69
N LYS VA 32 112.63 -65.45 -26.38
CA LYS VA 32 112.56 -66.57 -27.32
C LYS VA 32 112.23 -67.89 -26.63
N SER VA 33 112.35 -67.97 -25.31
CA SER VA 33 112.08 -69.19 -24.57
C SER VA 33 110.59 -69.41 -24.30
N GLY VA 34 109.70 -68.64 -24.93
CA GLY VA 34 108.31 -68.61 -24.55
C GLY VA 34 107.34 -68.98 -25.67
N THR VA 35 106.09 -69.18 -25.27
CA THR VA 35 104.98 -69.51 -26.15
C THR VA 35 103.86 -68.51 -25.91
N VAL VA 36 102.90 -68.42 -26.85
CA VAL VA 36 101.68 -67.69 -26.57
C VAL VA 36 101.02 -68.27 -25.32
N ALA VA 37 101.02 -69.60 -25.20
CA ALA VA 37 100.39 -70.23 -24.04
C ALA VA 37 101.17 -69.93 -22.77
N ASN VA 38 102.48 -70.16 -22.79
CA ASN VA 38 103.32 -69.90 -21.62
C ASN VA 38 104.35 -68.84 -22.00
N ASN VA 39 104.05 -67.59 -21.69
CA ASN VA 39 104.97 -66.50 -21.96
C ASN VA 39 106.01 -66.39 -20.86
N THR VA 40 107.21 -65.95 -21.24
CA THR VA 40 108.35 -65.92 -20.35
C THR VA 40 108.96 -64.55 -20.18
N GLY VA 41 108.63 -63.58 -21.04
CA GLY VA 41 109.19 -62.25 -20.93
C GLY VA 41 108.83 -61.38 -22.10
N VAL VA 42 108.58 -60.10 -21.84
CA VAL VA 42 108.31 -59.14 -22.90
C VAL VA 42 108.98 -57.83 -22.54
N PHE VA 43 109.39 -57.10 -23.56
CA PHE VA 43 109.93 -55.76 -23.40
C PHE VA 43 109.32 -54.87 -24.45
N SER VA 44 108.92 -53.67 -24.05
CA SER VA 44 108.28 -52.74 -24.97
C SER VA 44 108.77 -51.33 -24.67
N LEU VA 45 108.89 -50.52 -25.73
CA LEU VA 45 109.35 -49.14 -25.58
C LEU VA 45 108.58 -48.24 -26.55
N GLU VA 46 108.20 -47.06 -26.07
CA GLU VA 46 107.46 -46.09 -26.86
C GLU VA 46 107.99 -44.68 -26.57
N GLN VA 47 108.12 -43.87 -27.61
CA GLN VA 47 108.45 -42.47 -27.45
C GLN VA 47 107.25 -41.62 -27.84
N ARG VA 48 106.85 -40.73 -26.93
CA ARG VA 48 105.91 -39.66 -27.23
C ARG VA 48 106.73 -38.38 -27.33
N PHE VA 49 107.09 -38.04 -28.57
CA PHE VA 49 107.73 -36.76 -28.82
C PHE VA 49 106.70 -35.67 -28.62
N GLY VA 50 106.93 -34.80 -27.64
CA GLY VA 50 105.92 -33.86 -27.22
C GLY VA 50 105.79 -32.67 -28.16
N ALA VA 51 104.79 -31.83 -27.86
CA ALA VA 51 104.66 -30.56 -28.52
C ALA VA 51 105.92 -29.72 -28.31
N ALA VA 52 106.06 -28.68 -29.13
CA ALA VA 52 107.30 -27.89 -29.12
C ALA VA 52 107.58 -27.26 -27.77
N ASN VA 53 106.55 -27.04 -26.95
CA ASN VA 53 106.74 -26.51 -25.61
C ASN VA 53 107.05 -27.59 -24.59
N SER VA 54 106.54 -28.80 -24.79
CA SER VA 54 106.63 -29.87 -23.80
C SER VA 54 107.92 -30.67 -23.95
N ASN VA 55 108.21 -31.46 -22.93
CA ASN VA 55 109.29 -32.43 -22.97
C ASN VA 55 108.85 -33.66 -23.75
N ARG VA 56 109.81 -34.36 -24.32
CA ARG VA 56 109.50 -35.65 -24.91
C ARG VA 56 109.67 -36.74 -23.86
N LYS VA 57 108.85 -37.78 -23.98
CA LYS VA 57 108.83 -38.87 -23.02
C LYS VA 57 109.18 -40.16 -23.72
N VAL VA 58 109.99 -40.99 -23.05
CA VAL VA 58 110.27 -42.34 -23.52
C VAL VA 58 109.94 -43.29 -22.38
N THR VA 59 109.13 -44.30 -22.67
CA THR VA 59 108.70 -45.23 -21.64
C THR VA 59 109.02 -46.66 -22.07
N MET VA 60 109.43 -47.47 -21.09
CA MET VA 60 109.76 -48.86 -21.28
C MET VA 60 109.04 -49.69 -20.22
N LEU VA 61 108.55 -50.85 -20.66
CA LEU VA 61 107.95 -51.83 -19.78
C LEU VA 61 108.60 -53.18 -20.01
N LEU VA 62 109.14 -53.76 -18.94
CA LEU VA 62 109.71 -55.10 -18.92
C LEU VA 62 108.83 -55.97 -18.03
N THR VA 63 108.34 -57.08 -18.58
CA THR VA 63 107.46 -57.96 -17.84
C THR VA 63 108.03 -59.38 -17.86
N ASP VA 64 108.24 -59.93 -16.66
CA ASP VA 64 108.72 -61.30 -16.49
C ASP VA 64 107.67 -62.08 -15.74
N PRO VA 65 106.97 -62.98 -16.42
CA PRO VA 65 106.04 -63.88 -15.73
C PRO VA 65 106.69 -65.20 -15.37
N VAL VA 66 106.26 -65.75 -14.23
CA VAL VA 66 106.74 -67.00 -13.68
C VAL VA 66 105.55 -67.83 -13.22
N VAL VA 67 105.66 -69.13 -13.39
CA VAL VA 67 104.64 -70.04 -12.87
C VAL VA 67 104.98 -70.38 -11.43
N VAL VA 68 103.96 -70.40 -10.58
CA VAL VA 68 104.10 -70.67 -9.16
C VAL VA 68 102.97 -71.60 -8.74
N LYS VA 69 103.30 -72.61 -7.94
CA LYS VA 69 102.27 -73.48 -7.40
C LYS VA 69 101.45 -72.71 -6.37
N ASP VA 70 100.16 -73.03 -6.32
CA ASP VA 70 99.22 -72.37 -5.41
C ASP VA 70 99.12 -73.17 -4.10
N ALA VA 71 98.55 -72.52 -3.08
CA ALA VA 71 98.23 -73.24 -1.85
C ALA VA 71 97.28 -74.40 -2.14
N SER VA 72 96.38 -74.23 -3.11
CA SER VA 72 95.51 -75.29 -3.57
C SER VA 72 96.23 -76.29 -4.47
N GLY VA 73 97.51 -76.07 -4.77
CA GLY VA 73 98.25 -76.89 -5.70
C GLY VA 73 98.16 -76.46 -7.15
N ALA VA 74 97.08 -75.77 -7.52
CA ALA VA 74 96.88 -75.33 -8.89
C ALA VA 74 98.05 -74.47 -9.37
N ASP VA 75 98.34 -74.56 -10.66
CA ASP VA 75 99.41 -73.76 -11.25
C ASP VA 75 98.90 -72.36 -11.58
N MET VA 76 99.67 -71.35 -11.20
CA MET VA 76 99.25 -69.96 -11.25
C MET VA 76 100.38 -69.12 -11.86
N THR VA 77 100.08 -68.35 -12.90
CA THR VA 77 101.08 -67.54 -13.55
C THR VA 77 101.06 -66.12 -12.97
N ILE VA 78 102.22 -65.63 -12.57
CA ILE VA 78 102.37 -64.37 -11.84
C ILE VA 78 103.38 -63.50 -12.59
N LYS VA 79 103.04 -62.23 -12.78
CA LYS VA 79 103.90 -61.31 -13.51
C LYS VA 79 104.53 -60.30 -12.56
N ALA VA 80 105.80 -59.98 -12.80
CA ALA VA 80 106.50 -58.88 -12.15
C ALA VA 80 106.91 -57.87 -13.22
N ASN VA 81 106.74 -56.59 -12.89
CA ASN VA 81 106.93 -55.55 -13.90
C ASN VA 81 107.99 -54.56 -13.46
N ALA VA 82 108.74 -54.06 -14.45
CA ALA VA 82 109.62 -52.93 -14.25
C ALA VA 82 109.31 -51.91 -15.34
N SER VA 83 109.18 -50.65 -14.97
CA SER VA 83 108.85 -49.61 -15.94
C SER VA 83 109.78 -48.42 -15.74
N VAL VA 84 110.37 -47.97 -16.84
CA VAL VA 84 111.29 -46.83 -16.83
C VAL VA 84 110.68 -45.74 -17.70
N THR VA 85 110.83 -44.49 -17.27
CA THR VA 85 110.33 -43.34 -18.04
C THR VA 85 111.36 -42.22 -17.99
N PHE VA 86 111.77 -41.78 -19.17
CA PHE VA 86 112.70 -40.66 -19.33
C PHE VA 86 111.89 -39.45 -19.78
N SER VA 87 111.91 -38.40 -18.97
CA SER VA 87 111.35 -37.10 -19.34
C SER VA 87 112.51 -36.21 -19.71
N LEU VA 88 112.60 -35.89 -20.99
CA LEU VA 88 113.73 -35.17 -21.56
C LEU VA 88 113.25 -33.90 -22.23
N PRO VA 89 113.56 -32.74 -21.67
CA PRO VA 89 113.23 -31.48 -22.34
C PRO VA 89 114.02 -31.30 -23.62
N LYS VA 90 113.45 -30.56 -24.56
CA LYS VA 90 114.09 -30.40 -25.85
C LYS VA 90 115.44 -29.69 -25.73
N THR VA 91 115.50 -28.63 -24.92
CA THR VA 91 116.73 -27.84 -24.79
C THR VA 91 117.84 -28.60 -24.06
N TYR VA 92 117.52 -29.73 -23.44
CA TYR VA 92 118.53 -30.53 -22.75
C TYR VA 92 119.46 -31.19 -23.77
N PRO VA 93 120.78 -31.16 -23.56
CA PRO VA 93 121.70 -31.67 -24.59
C PRO VA 93 121.80 -33.19 -24.62
N ASN VA 94 121.85 -33.73 -25.83
CA ASN VA 94 121.91 -35.17 -26.03
C ASN VA 94 123.04 -35.81 -25.23
N GLU VA 95 124.16 -35.11 -25.08
CA GLU VA 95 125.29 -35.62 -24.32
C GLU VA 95 124.88 -35.93 -22.87
N HIS VA 96 124.35 -34.92 -22.17
CA HIS VA 96 123.94 -35.14 -20.79
C HIS VA 96 122.79 -36.14 -20.68
N ILE VA 97 121.99 -36.32 -21.74
CA ILE VA 97 121.01 -37.40 -21.73
C ILE VA 97 121.70 -38.77 -21.64
N THR VA 98 122.69 -39.01 -22.52
CA THR VA 98 123.41 -40.29 -22.45
C THR VA 98 124.04 -40.46 -21.07
N LYS VA 99 124.57 -39.37 -20.51
CA LYS VA 99 125.08 -39.40 -19.13
C LYS VA 99 124.02 -39.89 -18.15
N LEU VA 100 122.82 -39.32 -18.23
CA LEU VA 100 121.73 -39.72 -17.35
C LEU VA 100 121.44 -41.22 -17.47
N ARG VA 101 121.31 -41.71 -18.70
CA ARG VA 101 120.99 -43.12 -18.90
C ARG VA 101 122.07 -44.02 -18.30
N GLN VA 102 123.34 -43.67 -18.51
CA GLN VA 102 124.41 -44.52 -17.98
C GLN VA 102 124.45 -44.49 -16.45
N THR VA 103 124.26 -43.31 -15.84
CA THR VA 103 124.21 -43.27 -14.38
C THR VA 103 123.04 -44.07 -13.84
N LEU VA 104 121.93 -44.13 -14.57
CA LEU VA 104 120.81 -44.97 -14.12
C LEU VA 104 121.19 -46.45 -14.15
N ILE VA 105 121.86 -46.88 -15.21
CA ILE VA 105 122.36 -48.27 -15.25
C ILE VA 105 123.25 -48.54 -14.05
N ALA VA 106 124.19 -47.63 -13.79
CA ALA VA 106 125.09 -47.79 -12.66
C ALA VA 106 124.34 -47.94 -11.35
N TRP VA 107 123.36 -47.05 -11.13
CA TRP VA 107 122.56 -47.12 -9.90
C TRP VA 107 121.83 -48.44 -9.79
N LEU VA 108 121.21 -48.90 -10.88
CA LEU VA 108 120.48 -50.15 -10.87
C LEU VA 108 121.38 -51.33 -10.53
N GLY VA 109 122.68 -51.21 -10.79
CA GLY VA 109 123.64 -52.23 -10.38
C GLY VA 109 123.95 -52.25 -8.89
N GLN VA 110 123.78 -51.11 -8.22
CA GLN VA 110 124.26 -50.95 -6.85
C GLN VA 110 123.50 -51.81 -5.86
N GLN VA 111 124.14 -52.09 -4.74
CA GLN VA 111 123.50 -52.90 -3.71
C GLN VA 111 122.40 -52.13 -2.99
N CYS VA 112 122.58 -50.82 -2.78
CA CYS VA 112 121.53 -50.04 -2.12
C CYS VA 112 120.25 -50.02 -2.93
N VAL VA 113 120.33 -50.31 -4.23
CA VAL VA 113 119.14 -50.43 -5.06
C VAL VA 113 118.68 -51.89 -5.16
N SER VA 114 119.62 -52.83 -5.25
CA SER VA 114 119.23 -54.23 -5.44
C SER VA 114 118.58 -54.80 -4.18
N ASP VA 115 119.11 -54.47 -3.00
CA ASP VA 115 118.58 -55.05 -1.77
C ASP VA 115 117.09 -54.77 -1.57
N PRO VA 116 116.59 -53.54 -1.70
CA PRO VA 116 115.13 -53.36 -1.60
C PRO VA 116 114.36 -53.95 -2.76
N VAL VA 117 114.87 -53.80 -3.99
CA VAL VA 117 114.19 -54.36 -5.15
C VAL VA 117 114.14 -55.88 -5.09
N ASP VA 118 115.31 -56.50 -4.92
CA ASP VA 118 115.39 -57.96 -5.02
C ASP VA 118 114.76 -58.65 -3.81
N SER VA 119 115.08 -58.19 -2.60
CA SER VA 119 114.73 -58.92 -1.39
C SER VA 119 113.74 -58.20 -0.50
N GLY VA 120 113.37 -56.96 -0.81
CA GLY VA 120 112.42 -56.23 0.01
C GLY VA 120 112.96 -55.68 1.30
N LEU VA 121 114.28 -55.70 1.49
CA LEU VA 121 114.90 -55.14 2.68
C LEU VA 121 115.26 -53.67 2.41
N ASN VA 122 114.89 -52.80 3.35
CA ASN VA 122 115.26 -51.40 3.21
C ASN VA 122 116.68 -51.16 3.69
N ASN VA 123 117.22 -50.00 3.32
CA ASN VA 123 118.57 -49.65 3.72
C ASN VA 123 118.54 -48.90 5.05
N TYR VA 124 119.72 -48.80 5.66
CA TYR VA 124 119.86 -48.19 6.98
C TYR VA 124 121.24 -47.53 7.19
N MET WA 1 -83.90 -80.85 64.97
CA MET WA 1 -83.93 -81.79 66.10
C MET WA 1 -83.01 -81.34 67.21
N ARG WA 2 -83.47 -81.43 68.46
CA ARG WA 2 -82.59 -81.19 69.60
C ARG WA 2 -81.52 -82.27 69.65
N LEU WA 3 -80.27 -81.85 69.46
CA LEU WA 3 -79.17 -82.79 69.33
C LEU WA 3 -78.96 -83.57 70.63
N THR WA 4 -78.64 -84.85 70.46
CA THR WA 4 -78.26 -85.71 71.57
C THR WA 4 -77.16 -86.63 71.08
N ASP WA 5 -76.38 -87.14 72.03
CA ASP WA 5 -75.37 -88.14 71.67
C ASP WA 5 -76.03 -89.27 70.89
N VAL WA 6 -75.27 -89.88 70.00
CA VAL WA 6 -75.84 -90.81 69.02
C VAL WA 6 -75.13 -92.14 69.15
N ASP WA 7 -75.90 -93.22 69.09
CA ASP WA 7 -75.35 -94.57 69.07
C ASP WA 7 -75.80 -95.24 67.79
N LEU WA 8 -74.83 -95.66 66.98
CA LEU WA 8 -75.07 -96.27 65.68
C LEU WA 8 -74.79 -97.75 65.74
N THR WA 9 -75.64 -98.54 65.10
CA THR WA 9 -75.38 -99.96 64.92
C THR WA 9 -74.68 -100.13 63.58
N VAL WA 10 -73.46 -100.66 63.62
CA VAL WA 10 -72.59 -100.73 62.45
C VAL WA 10 -72.20 -102.18 62.25
N GLY WA 11 -72.80 -102.83 61.26
CA GLY WA 11 -72.57 -104.24 61.05
C GLY WA 11 -72.92 -105.00 62.31
N GLU WA 12 -71.91 -105.55 62.97
CA GLU WA 12 -72.14 -106.34 64.17
C GLU WA 12 -71.50 -105.70 65.40
N GLU WA 13 -71.22 -104.40 65.34
CA GLU WA 13 -70.65 -103.66 66.45
C GLU WA 13 -71.54 -102.44 66.69
N THR WA 14 -71.31 -101.76 67.82
CA THR WA 14 -72.03 -100.53 68.11
C THR WA 14 -71.03 -99.41 68.34
N ARG WA 15 -71.24 -98.30 67.63
CA ARG WA 15 -70.35 -97.15 67.63
C ARG WA 15 -71.06 -95.98 68.32
N GLU WA 16 -70.36 -95.34 69.26
CA GLU WA 16 -70.96 -94.30 70.09
C GLU WA 16 -70.29 -92.97 69.80
N TYR WA 17 -71.08 -91.97 69.41
CA TYR WA 17 -70.63 -90.62 69.14
C TYR WA 17 -71.24 -89.66 70.15
N ALA WA 18 -70.50 -88.58 70.40
CA ALA WA 18 -70.94 -87.52 71.29
C ALA WA 18 -70.86 -86.18 70.59
N VAL WA 19 -71.80 -85.29 70.91
CA VAL WA 19 -71.85 -83.97 70.31
C VAL WA 19 -70.60 -83.19 70.70
N SER WA 20 -69.89 -82.67 69.70
CA SER WA 20 -68.71 -81.83 69.92
C SER WA 20 -68.95 -80.36 69.70
N GLU WA 21 -69.72 -79.98 68.68
CA GLU WA 21 -70.14 -78.57 68.60
C GLU WA 21 -71.38 -78.46 67.73
N GLN WA 22 -72.17 -77.42 67.99
CA GLN WA 22 -73.37 -77.15 67.21
C GLN WA 22 -73.46 -75.66 66.93
N GLN WA 23 -73.53 -75.31 65.65
CA GLN WA 23 -73.74 -73.96 65.19
C GLN WA 23 -75.11 -73.86 64.55
N GLY WA 24 -75.40 -72.70 63.96
CA GLY WA 24 -76.71 -72.50 63.39
C GLY WA 24 -77.02 -73.48 62.29
N THR WA 25 -76.05 -73.69 61.39
CA THR WA 25 -76.22 -74.59 60.25
C THR WA 25 -75.15 -75.67 60.19
N LEU WA 26 -74.45 -75.91 61.30
CA LEU WA 26 -73.37 -76.88 61.32
C LEU WA 26 -73.35 -77.62 62.65
N PHE WA 27 -73.00 -78.90 62.61
CA PHE WA 27 -72.75 -79.66 63.84
C PHE WA 27 -71.65 -80.68 63.60
N ARG WA 28 -71.08 -81.14 64.72
CA ARG WA 28 -69.97 -82.08 64.71
C ARG WA 28 -70.07 -83.01 65.91
N PHE WA 29 -69.99 -84.31 65.62
CA PHE WA 29 -69.87 -85.40 66.58
C PHE WA 29 -68.46 -85.97 66.55
N VAL WA 30 -68.06 -86.54 67.69
CA VAL WA 30 -66.78 -87.23 67.85
C VAL WA 30 -67.04 -88.64 68.37
N ASP WA 31 -66.24 -89.60 67.88
CA ASP WA 31 -66.34 -90.98 68.36
C ASP WA 31 -65.85 -91.05 69.80
N LYS WA 32 -66.70 -91.58 70.69
CA LYS WA 32 -66.37 -91.67 72.11
C LYS WA 32 -65.18 -92.59 72.37
N SER WA 33 -64.73 -93.35 71.38
CA SER WA 33 -63.56 -94.21 71.53
C SER WA 33 -62.28 -93.42 71.70
N GLY WA 34 -62.28 -92.11 71.41
CA GLY WA 34 -61.06 -91.36 71.24
C GLY WA 34 -60.91 -90.19 72.20
N THR WA 35 -59.71 -89.63 72.20
CA THR WA 35 -59.29 -88.48 72.98
C THR WA 35 -59.08 -87.29 72.05
N VAL WA 36 -59.02 -86.10 72.65
CA VAL WA 36 -58.42 -84.96 71.95
C VAL WA 36 -57.08 -85.38 71.37
N ALA WA 37 -56.24 -86.02 72.19
CA ALA WA 37 -54.93 -86.46 71.74
C ALA WA 37 -55.03 -87.46 70.60
N ASN WA 38 -55.66 -88.61 70.86
CA ASN WA 38 -55.82 -89.64 69.85
C ASN WA 38 -57.28 -89.73 69.46
N ASN WA 39 -57.57 -89.42 68.19
CA ASN WA 39 -58.94 -89.40 67.68
C ASN WA 39 -59.26 -90.68 66.93
N THR WA 40 -60.47 -91.20 67.15
CA THR WA 40 -60.92 -92.41 66.49
C THR WA 40 -61.95 -92.18 65.39
N GLY WA 41 -62.60 -91.02 65.37
CA GLY WA 41 -63.60 -90.76 64.35
C GLY WA 41 -64.29 -89.42 64.50
N VAL WA 42 -64.68 -88.82 63.39
CA VAL WA 42 -65.36 -87.53 63.42
C VAL WA 42 -66.45 -87.52 62.36
N PHE WA 43 -67.54 -86.83 62.68
CA PHE WA 43 -68.61 -86.62 61.72
C PHE WA 43 -69.06 -85.16 61.79
N SER WA 44 -69.23 -84.54 60.62
CA SER WA 44 -69.62 -83.15 60.55
C SER WA 44 -70.67 -82.97 59.44
N LEU WA 45 -71.62 -82.07 59.68
CA LEU WA 45 -72.69 -81.80 58.72
C LEU WA 45 -72.98 -80.31 58.70
N GLU WA 46 -73.11 -79.73 57.49
CA GLU WA 46 -73.39 -78.32 57.30
C GLU WA 46 -74.40 -78.12 56.18
N GLN WA 47 -75.36 -77.22 56.39
CA GLN WA 47 -76.33 -76.85 55.36
C GLN WA 47 -76.09 -75.42 54.90
N ARG WA 48 -76.21 -75.21 53.58
CA ARG WA 48 -76.03 -73.92 52.94
C ARG WA 48 -77.29 -73.65 52.13
N PHE WA 49 -78.16 -72.81 52.69
CA PHE WA 49 -79.38 -72.36 52.05
C PHE WA 49 -79.03 -71.22 51.10
N GLY WA 50 -79.19 -71.43 49.81
CA GLY WA 50 -78.85 -70.42 48.82
C GLY WA 50 -79.98 -69.42 48.60
N ALA WA 51 -79.84 -68.64 47.52
CA ALA WA 51 -80.94 -67.77 47.12
C ALA WA 51 -82.08 -68.60 46.52
N ALA WA 52 -83.22 -67.94 46.29
CA ALA WA 52 -84.41 -68.65 45.81
C ALA WA 52 -84.21 -69.26 44.45
N ASN WA 53 -83.25 -68.77 43.66
CA ASN WA 53 -82.87 -69.41 42.40
C ASN WA 53 -81.83 -70.50 42.60
N SER WA 54 -81.19 -70.55 43.77
CA SER WA 54 -80.14 -71.52 44.05
C SER WA 54 -80.70 -72.74 44.77
N ASN WA 55 -80.07 -73.88 44.53
CA ASN WA 55 -80.39 -75.09 45.28
C ASN WA 55 -79.73 -75.01 46.66
N ARG WA 56 -80.47 -75.39 47.69
CA ARG WA 56 -79.81 -75.54 48.98
C ARG WA 56 -78.95 -76.79 48.95
N LYS WA 57 -77.87 -76.76 49.73
CA LYS WA 57 -76.88 -77.82 49.69
C LYS WA 57 -76.59 -78.29 51.10
N VAL WA 58 -76.32 -79.59 51.24
CA VAL WA 58 -76.11 -80.20 52.55
C VAL WA 58 -74.91 -81.13 52.42
N THR WA 59 -73.88 -80.92 53.24
CA THR WA 59 -72.65 -81.67 53.08
C THR WA 59 -72.23 -82.33 54.40
N MET WA 60 -71.78 -83.57 54.29
CA MET WA 60 -71.35 -84.40 55.41
C MET WA 60 -69.94 -84.88 55.16
N LEU WA 61 -69.14 -84.88 56.22
CA LEU WA 61 -67.79 -85.44 56.22
C LEU WA 61 -67.64 -86.42 57.36
N LEU WA 62 -67.28 -87.66 57.04
CA LEU WA 62 -67.01 -88.72 58.00
C LEU WA 62 -65.54 -89.08 57.87
N THR WA 63 -64.79 -88.95 58.95
CA THR WA 63 -63.37 -89.23 58.96
C THR WA 63 -63.07 -90.34 59.97
N ASP WA 64 -62.38 -91.37 59.50
CA ASP WA 64 -61.97 -92.51 60.32
C ASP WA 64 -60.47 -92.65 60.27
N PRO WA 65 -59.76 -92.24 61.32
CA PRO WA 65 -58.32 -92.48 61.38
C PRO WA 65 -58.00 -93.80 62.08
N VAL WA 66 -56.94 -94.44 61.59
CA VAL WA 66 -56.46 -95.72 62.09
C VAL WA 66 -54.95 -95.62 62.25
N VAL WA 67 -54.43 -96.27 63.27
CA VAL WA 67 -52.98 -96.35 63.45
C VAL WA 67 -52.47 -97.59 62.72
N VAL WA 68 -51.45 -97.40 61.88
CA VAL WA 68 -50.86 -98.45 61.06
C VAL WA 68 -49.38 -98.51 61.35
N LYS WA 69 -48.80 -99.70 61.20
CA LYS WA 69 -47.37 -99.89 61.33
C LYS WA 69 -46.64 -99.30 60.14
N ASP WA 70 -45.54 -98.60 60.42
CA ASP WA 70 -44.69 -98.08 59.38
C ASP WA 70 -43.89 -99.22 58.72
N ALA WA 71 -43.36 -98.94 57.53
CA ALA WA 71 -42.45 -99.90 56.91
C ALA WA 71 -41.21 -100.09 57.75
N SER WA 72 -40.79 -99.05 58.47
CA SER WA 72 -39.73 -99.17 59.46
C SER WA 72 -40.25 -99.79 60.76
N GLY WA 73 -41.53 -99.63 61.06
CA GLY WA 73 -42.13 -100.13 62.28
C GLY WA 73 -42.74 -99.07 63.17
N ALA WA 74 -42.49 -97.79 62.90
CA ALA WA 74 -43.03 -96.72 63.72
C ALA WA 74 -44.56 -96.70 63.67
N ASP WA 75 -45.15 -96.06 64.68
CA ASP WA 75 -46.60 -95.88 64.72
C ASP WA 75 -46.98 -94.66 63.88
N MET WA 76 -47.92 -94.84 62.96
CA MET WA 76 -48.30 -93.76 62.06
C MET WA 76 -49.82 -93.72 61.94
N THR WA 77 -50.40 -92.53 61.96
CA THR WA 77 -51.86 -92.39 61.88
C THR WA 77 -52.28 -92.02 60.46
N ILE WA 78 -53.27 -92.73 59.94
CA ILE WA 78 -53.73 -92.60 58.56
C ILE WA 78 -55.24 -92.43 58.59
N LYS WA 79 -55.74 -91.40 57.91
CA LYS WA 79 -57.17 -91.10 57.88
C LYS WA 79 -57.77 -91.55 56.55
N ALA WA 80 -59.02 -92.01 56.61
CA ALA WA 80 -59.84 -92.30 55.44
C ALA WA 80 -61.09 -91.44 55.51
N ASN WA 81 -61.45 -90.83 54.39
CA ASN WA 81 -62.52 -89.84 54.37
C ASN WA 81 -63.67 -90.32 53.50
N ALA WA 82 -64.89 -89.98 53.91
CA ALA WA 82 -66.06 -90.16 53.07
C ALA WA 82 -66.88 -88.88 53.17
N SER WA 83 -67.34 -88.37 52.03
CA SER WA 83 -68.07 -87.12 52.01
C SER WA 83 -69.30 -87.25 51.14
N VAL WA 84 -70.43 -86.79 51.66
CA VAL WA 84 -71.70 -86.82 50.94
C VAL WA 84 -72.16 -85.38 50.74
N THR WA 85 -72.78 -85.11 49.59
CA THR WA 85 -73.33 -83.78 49.30
C THR WA 85 -74.68 -83.95 48.62
N PHE WA 86 -75.72 -83.38 49.24
CA PHE WA 86 -77.07 -83.36 48.70
C PHE WA 86 -77.31 -81.98 48.09
N SER WA 87 -77.56 -81.95 46.78
CA SER WA 87 -77.98 -80.73 46.10
C SER WA 87 -79.48 -80.84 45.88
N LEU WA 88 -80.24 -80.01 46.59
CA LEU WA 88 -81.70 -80.07 46.64
C LEU WA 88 -82.27 -78.74 46.20
N PRO WA 89 -82.88 -78.68 45.02
CA PRO WA 89 -83.58 -77.46 44.61
C PRO WA 89 -84.78 -77.18 45.49
N LYS WA 90 -85.16 -75.92 45.56
CA LYS WA 90 -86.22 -75.48 46.46
C LYS WA 90 -87.61 -75.63 45.85
N THR WA 91 -87.71 -76.17 44.64
CA THR WA 91 -88.98 -76.59 44.04
C THR WA 91 -89.16 -78.09 44.11
N TYR WA 92 -88.17 -78.80 44.63
CA TYR WA 92 -88.20 -80.26 44.77
C TYR WA 92 -88.93 -80.63 46.07
N PRO WA 93 -89.83 -81.61 46.02
CA PRO WA 93 -90.63 -81.91 47.22
C PRO WA 93 -89.88 -82.73 48.27
N ASN WA 94 -90.18 -82.40 49.53
CA ASN WA 94 -89.49 -83.03 50.66
C ASN WA 94 -89.65 -84.54 50.65
N GLU WA 95 -90.82 -85.03 50.24
CA GLU WA 95 -91.04 -86.47 50.13
C GLU WA 95 -89.98 -87.11 49.27
N HIS WA 96 -89.78 -86.58 48.06
CA HIS WA 96 -88.79 -87.17 47.16
C HIS WA 96 -87.37 -86.96 47.64
N ILE WA 97 -87.11 -85.92 48.45
CA ILE WA 97 -85.79 -85.83 49.10
C ILE WA 97 -85.58 -87.04 50.04
N THR WA 98 -86.59 -87.35 50.84
CA THR WA 98 -86.48 -88.53 51.71
C THR WA 98 -86.28 -89.80 50.89
N LYS WA 99 -87.05 -89.94 49.81
CA LYS WA 99 -86.87 -91.07 48.89
C LYS WA 99 -85.42 -91.15 48.40
N LEU WA 100 -84.86 -90.02 48.01
CA LEU WA 100 -83.48 -89.96 47.53
C LEU WA 100 -82.51 -90.44 48.60
N ARG WA 101 -82.65 -89.92 49.82
CA ARG WA 101 -81.73 -90.32 50.90
C ARG WA 101 -81.80 -91.82 51.15
N GLN WA 102 -83.02 -92.37 51.16
CA GLN WA 102 -83.14 -93.80 51.43
C GLN WA 102 -82.57 -94.64 50.30
N THR WA 103 -82.81 -94.24 49.03
CA THR WA 103 -82.19 -94.97 47.92
C THR WA 103 -80.68 -94.91 47.99
N LEU WA 104 -80.12 -93.80 48.48
CA LEU WA 104 -78.68 -93.71 48.64
C LEU WA 104 -78.19 -94.70 49.70
N ILE WA 105 -78.91 -94.80 50.82
CA ILE WA 105 -78.55 -95.78 51.83
C ILE WA 105 -78.57 -97.18 51.24
N ALA WA 106 -79.62 -97.50 50.50
CA ALA WA 106 -79.73 -98.82 49.88
C ALA WA 106 -78.58 -99.09 48.92
N TRP WA 107 -78.22 -98.09 48.11
CA TRP WA 107 -77.11 -98.26 47.17
C TRP WA 107 -75.80 -98.48 47.91
N LEU WA 108 -75.56 -97.72 48.98
CA LEU WA 108 -74.35 -97.90 49.78
C LEU WA 108 -74.29 -99.27 50.40
N GLY WA 109 -75.44 -99.92 50.57
CA GLY WA 109 -75.46 -101.31 51.01
C GLY WA 109 -75.05 -102.32 49.97
N GLN WA 110 -75.22 -101.98 48.69
CA GLN WA 110 -75.10 -102.96 47.61
C GLN WA 110 -73.68 -103.49 47.46
N GLN WA 111 -73.57 -104.70 46.91
CA GLN WA 111 -72.25 -105.27 46.71
C GLN WA 111 -71.51 -104.58 45.57
N CYS WA 112 -72.24 -104.13 44.53
CA CYS WA 112 -71.58 -103.44 43.43
C CYS WA 112 -71.00 -102.10 43.84
N VAL WA 113 -71.49 -101.52 44.94
CA VAL WA 113 -70.85 -100.36 45.52
C VAL WA 113 -69.78 -100.79 46.54
N SER WA 114 -70.00 -101.90 47.23
CA SER WA 114 -69.09 -102.33 48.27
C SER WA 114 -67.73 -102.75 47.71
N ASP WA 115 -67.73 -103.53 46.62
CA ASP WA 115 -66.47 -104.07 46.10
C ASP WA 115 -65.46 -103.00 45.73
N PRO WA 116 -65.78 -101.96 44.94
CA PRO WA 116 -64.78 -100.93 44.67
C PRO WA 116 -64.39 -100.14 45.91
N VAL WA 117 -65.36 -99.76 46.74
CA VAL WA 117 -65.06 -98.98 47.94
C VAL WA 117 -64.22 -99.81 48.91
N ASP WA 118 -64.74 -100.97 49.33
CA ASP WA 118 -64.11 -101.70 50.42
C ASP WA 118 -62.78 -102.31 49.99
N SER WA 119 -62.71 -102.88 48.78
CA SER WA 119 -61.54 -103.67 48.39
C SER WA 119 -60.83 -103.16 47.14
N GLY WA 120 -61.42 -102.24 46.39
CA GLY WA 120 -60.79 -101.72 45.19
C GLY WA 120 -61.07 -102.50 43.92
N LEU WA 121 -61.82 -103.59 44.01
CA LEU WA 121 -62.16 -104.34 42.81
C LEU WA 121 -63.26 -103.61 42.04
N ASN WA 122 -63.07 -103.46 40.74
CA ASN WA 122 -64.13 -102.94 39.89
C ASN WA 122 -65.10 -104.04 39.49
N ASN WA 123 -66.32 -103.63 39.15
CA ASN WA 123 -67.31 -104.58 38.69
C ASN WA 123 -67.16 -104.80 37.18
N TYR WA 124 -67.71 -105.92 36.71
CA TYR WA 124 -67.55 -106.29 35.31
C TYR WA 124 -68.84 -106.84 34.70
N MET XA 1 -85.49 -67.88 76.42
CA MET XA 1 -86.30 -69.07 76.69
C MET XA 1 -85.73 -70.29 75.98
N ARG XA 2 -86.17 -71.48 76.40
CA ARG XA 2 -85.79 -72.72 75.75
C ARG XA 2 -86.74 -72.96 74.57
N LEU XA 3 -86.22 -72.84 73.35
CA LEU XA 3 -87.04 -72.93 72.15
C LEU XA 3 -87.74 -74.28 72.06
N THR XA 4 -89.04 -74.21 71.81
CA THR XA 4 -89.89 -75.36 71.57
C THR XA 4 -90.78 -75.04 70.38
N ASP XA 5 -91.15 -76.08 69.63
CA ASP XA 5 -92.06 -75.88 68.52
C ASP XA 5 -93.30 -75.14 68.99
N VAL XA 6 -93.85 -74.29 68.13
CA VAL XA 6 -94.86 -73.32 68.56
C VAL XA 6 -96.12 -73.56 67.74
N ASP XA 7 -97.27 -73.43 68.38
CA ASP XA 7 -98.55 -73.48 67.70
C ASP XA 7 -99.31 -72.19 67.96
N LEU XA 8 -99.66 -71.50 66.88
CA LEU XA 8 -100.28 -70.20 66.93
C LEU XA 8 -101.74 -70.33 66.55
N THR XA 9 -102.60 -69.67 67.32
CA THR XA 9 -104.01 -69.62 67.00
C THR XA 9 -104.22 -68.39 66.13
N VAL XA 10 -104.54 -68.60 64.86
CA VAL XA 10 -104.63 -67.55 63.86
C VAL XA 10 -106.07 -67.49 63.37
N GLY XA 11 -106.82 -66.52 63.90
CA GLY XA 11 -108.24 -66.45 63.59
C GLY XA 11 -108.92 -67.71 64.04
N GLU XA 12 -109.40 -68.51 63.09
CA GLU XA 12 -110.07 -69.76 63.41
C GLU XA 12 -109.27 -70.97 62.98
N GLU XA 13 -107.99 -70.80 62.74
CA GLU XA 13 -107.12 -71.87 62.29
C GLU XA 13 -105.95 -71.97 63.26
N THR XA 14 -105.18 -73.05 63.14
CA THR XA 14 -103.99 -73.21 63.95
C THR XA 14 -102.79 -73.45 63.04
N ARG XA 15 -101.81 -72.55 63.12
CA ARG XA 15 -100.55 -72.69 62.41
C ARG XA 15 -99.54 -73.39 63.34
N GLU XA 16 -98.71 -74.27 62.76
CA GLU XA 16 -97.80 -75.08 63.56
C GLU XA 16 -96.38 -74.96 63.01
N TYR XA 17 -95.52 -74.29 63.77
CA TYR XA 17 -94.15 -74.04 63.36
C TYR XA 17 -93.20 -74.92 64.16
N ALA XA 18 -92.11 -75.32 63.50
CA ALA XA 18 -91.04 -76.11 64.09
C ALA XA 18 -89.73 -75.34 64.04
N VAL XA 19 -88.92 -75.50 65.09
CA VAL XA 19 -87.62 -74.83 65.14
C VAL XA 19 -86.76 -75.32 64.00
N SER XA 20 -86.23 -74.38 63.22
CA SER XA 20 -85.39 -74.71 62.07
C SER XA 20 -83.93 -74.29 62.23
N GLU XA 21 -83.64 -73.23 62.98
CA GLU XA 21 -82.25 -73.03 63.38
C GLU XA 21 -82.17 -72.11 64.59
N GLN XA 22 -81.12 -72.32 65.39
CA GLN XA 22 -80.83 -71.51 66.56
C GLN XA 22 -79.36 -71.14 66.55
N GLN XA 23 -79.07 -69.85 66.46
CA GLN XA 23 -77.71 -69.35 66.55
C GLN XA 23 -77.56 -68.63 67.89
N GLY XA 24 -76.53 -67.80 68.00
CA GLY XA 24 -76.33 -67.05 69.21
C GLY XA 24 -77.48 -66.10 69.46
N THR XA 25 -77.69 -65.17 68.53
CA THR XA 25 -78.69 -64.12 68.65
C THR XA 25 -79.82 -64.26 67.65
N LEU XA 26 -79.87 -65.37 66.91
CA LEU XA 26 -80.82 -65.54 65.82
C LEU XA 26 -81.50 -66.89 65.95
N PHE XA 27 -82.79 -66.93 65.61
CA PHE XA 27 -83.53 -68.18 65.51
C PHE XA 27 -84.50 -68.12 64.34
N ARG XA 28 -84.95 -69.30 63.93
CA ARG XA 28 -85.82 -69.44 62.76
C ARG XA 28 -86.73 -70.63 62.95
N PHE XA 29 -88.04 -70.39 62.83
CA PHE XA 29 -89.10 -71.38 62.78
C PHE XA 29 -89.60 -71.55 61.35
N VAL XA 30 -90.27 -72.66 61.13
CA VAL XA 30 -90.72 -73.06 59.80
C VAL XA 30 -92.11 -73.70 59.90
N ASP XA 31 -93.00 -73.33 58.98
CA ASP XA 31 -94.36 -73.89 58.98
C ASP XA 31 -94.31 -75.39 58.71
N LYS XA 32 -94.79 -76.18 59.68
CA LYS XA 32 -94.74 -77.63 59.55
C LYS XA 32 -95.54 -78.11 58.34
N SER XA 33 -96.60 -77.39 57.98
CA SER XA 33 -97.49 -77.76 56.90
C SER XA 33 -96.87 -77.61 55.52
N GLY XA 34 -95.58 -77.28 55.44
CA GLY XA 34 -94.96 -77.07 54.14
C GLY XA 34 -94.57 -78.38 53.49
N THR XA 35 -94.86 -78.49 52.19
CA THR XA 35 -94.50 -79.67 51.42
C THR XA 35 -93.19 -79.48 50.66
N VAL XA 36 -92.94 -78.28 50.16
CA VAL XA 36 -91.74 -77.96 49.43
C VAL XA 36 -91.09 -76.76 50.11
N ALA XA 37 -89.80 -76.57 49.82
CA ALA XA 37 -89.09 -75.40 50.33
C ALA XA 37 -89.82 -74.11 49.96
N ASN XA 38 -90.17 -73.95 48.69
CA ASN XA 38 -90.89 -72.74 48.25
C ASN XA 38 -92.31 -72.70 48.80
N ASN XA 39 -92.93 -73.87 48.99
CA ASN XA 39 -94.24 -73.92 49.62
C ASN XA 39 -94.20 -73.40 51.06
N THR XA 40 -93.05 -73.50 51.72
CA THR XA 40 -92.96 -73.43 53.16
C THR XA 40 -92.81 -71.99 53.67
N GLY XA 41 -93.74 -71.58 54.55
CA GLY XA 41 -93.59 -70.30 55.23
C GLY XA 41 -92.56 -70.37 56.34
N VAL XA 42 -92.00 -69.21 56.68
CA VAL XA 42 -90.93 -69.16 57.67
C VAL XA 42 -91.05 -67.90 58.52
N PHE XA 43 -90.41 -67.97 59.69
CA PHE XA 43 -90.35 -66.83 60.59
C PHE XA 43 -88.99 -66.81 61.27
N SER XA 44 -88.35 -65.65 61.24
CA SER XA 44 -87.00 -65.51 61.75
C SER XA 44 -86.89 -64.27 62.61
N LEU XA 45 -86.04 -64.33 63.64
CA LEU XA 45 -85.81 -63.22 64.54
C LEU XA 45 -84.34 -63.15 64.91
N GLU XA 46 -83.82 -61.92 65.00
CA GLU XA 46 -82.42 -61.68 65.31
C GLU XA 46 -82.30 -60.43 66.17
N GLN XA 47 -81.49 -60.50 67.22
CA GLN XA 47 -81.19 -59.34 68.04
C GLN XA 47 -79.77 -58.89 67.80
N ARG XA 48 -79.59 -57.57 67.67
CA ARG XA 48 -78.30 -56.93 67.48
C ARG XA 48 -78.14 -55.96 68.65
N PHE XA 49 -77.37 -56.40 69.63
CA PHE XA 49 -77.05 -55.60 70.81
C PHE XA 49 -75.90 -54.67 70.47
N GLY XA 50 -76.09 -53.36 70.64
CA GLY XA 50 -75.09 -52.38 70.28
C GLY XA 50 -74.16 -52.05 71.44
N ALA XA 51 -73.32 -51.04 71.20
CA ALA XA 51 -72.51 -50.49 72.29
C ALA XA 51 -73.41 -49.75 73.28
N ALA XA 52 -72.82 -49.25 74.37
CA ALA XA 52 -73.61 -48.61 75.42
C ALA XA 52 -74.25 -47.32 74.94
N ASN XA 53 -73.66 -46.65 73.95
CA ASN XA 53 -74.28 -45.47 73.35
C ASN XA 53 -75.31 -45.82 72.29
N SER XA 54 -75.37 -47.08 71.89
CA SER XA 54 -76.30 -47.52 70.86
C SER XA 54 -77.60 -48.05 71.48
N ASN XA 55 -78.60 -48.24 70.63
CA ASN XA 55 -79.82 -48.92 70.99
C ASN XA 55 -79.73 -50.35 70.49
N ARG XA 56 -80.20 -51.30 71.30
CA ARG XA 56 -80.30 -52.65 70.77
C ARG XA 56 -81.47 -52.72 69.81
N LYS XA 57 -81.33 -53.56 68.79
CA LYS XA 57 -82.34 -53.68 67.76
C LYS XA 57 -82.76 -55.13 67.62
N VAL XA 58 -84.06 -55.38 67.54
CA VAL XA 58 -84.58 -56.72 67.32
C VAL XA 58 -85.39 -56.70 66.03
N THR XA 59 -85.10 -57.63 65.13
CA THR XA 59 -85.78 -57.67 63.85
C THR XA 59 -86.41 -59.04 63.63
N MET XA 60 -87.59 -59.04 63.01
CA MET XA 60 -88.32 -60.25 62.67
C MET XA 60 -88.78 -60.17 61.23
N LEU XA 61 -88.70 -61.31 60.56
CA LEU XA 61 -89.21 -61.47 59.21
C LEU XA 61 -90.14 -62.67 59.17
N LEU XA 62 -91.35 -62.44 58.65
CA LEU XA 62 -92.37 -63.46 58.45
C LEU XA 62 -92.64 -63.55 56.96
N THR XA 63 -92.46 -64.74 56.39
CA THR XA 63 -92.65 -64.99 54.97
C THR XA 63 -93.72 -66.04 54.77
N ASP XA 64 -94.76 -65.70 53.99
CA ASP XA 64 -95.88 -66.58 53.72
C ASP XA 64 -96.08 -66.72 52.22
N PRO XA 65 -95.50 -67.74 51.60
CA PRO XA 65 -95.74 -67.98 50.18
C PRO XA 65 -97.05 -68.73 49.92
N VAL XA 66 -97.60 -68.51 48.72
CA VAL XA 66 -98.84 -69.14 48.27
C VAL XA 66 -98.67 -69.53 46.80
N VAL XA 67 -99.37 -70.58 46.38
CA VAL XA 67 -99.31 -71.03 44.99
C VAL XA 67 -100.45 -70.42 44.19
N VAL XA 68 -100.11 -69.79 43.06
CA VAL XA 68 -101.08 -69.19 42.16
C VAL XA 68 -100.96 -69.81 40.77
N MET XA 76 -97.01 -71.00 39.61
CA MET XA 76 -96.12 -70.03 40.26
C MET XA 76 -96.43 -69.86 41.74
N THR XA 77 -95.38 -69.64 42.55
CA THR XA 77 -95.52 -69.36 43.98
C THR XA 77 -95.07 -67.93 44.27
N ILE XA 78 -95.91 -67.21 45.00
CA ILE XA 78 -95.75 -65.79 45.28
C ILE XA 78 -95.57 -65.61 46.77
N LYS XA 79 -94.58 -64.81 47.16
CA LYS XA 79 -94.22 -64.63 48.56
C LYS XA 79 -94.56 -63.22 49.04
N ALA XA 80 -95.15 -63.13 50.23
CA ALA XA 80 -95.43 -61.86 50.90
C ALA XA 80 -94.72 -61.82 52.24
N ASN XA 81 -94.21 -60.64 52.59
CA ASN XA 81 -93.36 -60.49 53.76
C ASN XA 81 -93.94 -59.47 54.74
N ALA XA 82 -93.81 -59.78 56.02
CA ALA XA 82 -94.00 -58.79 57.07
C ALA XA 82 -92.70 -58.72 57.86
N SER XA 83 -92.26 -57.50 58.17
CA SER XA 83 -91.01 -57.32 58.89
C SER XA 83 -91.22 -56.32 60.01
N VAL XA 84 -90.88 -56.72 61.23
CA VAL XA 84 -90.99 -55.86 62.40
C VAL XA 84 -89.60 -55.56 62.91
N THR XA 85 -89.38 -54.34 63.40
CA THR XA 85 -88.09 -53.94 63.97
C THR XA 85 -88.34 -53.09 65.21
N PHE XA 86 -87.79 -53.51 66.34
CA PHE XA 86 -87.88 -52.82 67.61
C PHE XA 86 -86.53 -52.16 67.87
N SER XA 87 -86.52 -50.83 67.94
CA SER XA 87 -85.34 -50.07 68.34
C SER XA 87 -85.54 -49.64 69.79
N LEU XA 88 -84.72 -50.20 70.67
CA LEU XA 88 -84.90 -50.07 72.11
C LEU XA 88 -83.63 -49.51 72.73
N PRO XA 89 -83.64 -48.29 73.24
CA PRO XA 89 -82.50 -47.77 73.99
C PRO XA 89 -82.33 -48.53 75.30
N LYS XA 90 -81.08 -48.65 75.74
CA LYS XA 90 -80.80 -49.47 76.90
C LYS XA 90 -81.39 -48.87 78.18
N THR XA 91 -81.30 -47.55 78.33
CA THR XA 91 -81.86 -46.88 79.50
C THR XA 91 -83.39 -47.00 79.57
N TYR XA 92 -84.04 -47.34 78.46
CA TYR XA 92 -85.49 -47.45 78.42
C TYR XA 92 -85.95 -48.65 79.24
N PRO XA 93 -87.01 -48.53 80.04
CA PRO XA 93 -87.35 -49.59 81.00
C PRO XA 93 -88.09 -50.77 80.38
N ASN XA 94 -87.70 -51.97 80.83
CA ASN XA 94 -88.25 -53.21 80.28
C ASN XA 94 -89.77 -53.25 80.38
N GLU XA 95 -90.34 -52.68 81.44
CA GLU XA 95 -91.79 -52.66 81.58
C GLU XA 95 -92.44 -51.91 80.42
N HIS XA 96 -91.97 -50.70 80.14
CA HIS XA 96 -92.52 -49.93 79.02
C HIS XA 96 -92.25 -50.59 77.67
N ILE XA 97 -91.19 -51.41 77.56
CA ILE XA 97 -91.01 -52.18 76.33
C ILE XA 97 -92.13 -53.21 76.16
N THR XA 98 -92.42 -53.97 77.24
CA THR XA 98 -93.54 -54.92 77.16
C THR XA 98 -94.81 -54.20 76.74
N LYS XA 99 -95.04 -53.01 77.32
CA LYS XA 99 -96.17 -52.17 76.92
C LYS XA 99 -96.16 -51.89 75.42
N LEU XA 100 -95.02 -51.43 74.90
CA LEU XA 100 -94.92 -51.11 73.47
C LEU XA 100 -95.31 -52.30 72.61
N ARG XA 101 -94.75 -53.47 72.90
CA ARG XA 101 -95.05 -54.66 72.12
C ARG XA 101 -96.56 -54.96 72.14
N GLN XA 102 -97.17 -54.90 73.32
CA GLN XA 102 -98.59 -55.22 73.41
C GLN XA 102 -99.45 -54.23 72.62
N THR XA 103 -99.10 -52.94 72.69
CA THR XA 103 -99.88 -51.95 71.93
C THR XA 103 -99.70 -52.12 70.43
N LEU XA 104 -98.53 -52.58 69.98
CA LEU XA 104 -98.38 -52.88 68.56
C LEU XA 104 -99.31 -54.03 68.16
N ILE XA 105 -99.39 -55.07 68.99
CA ILE XA 105 -100.35 -56.14 68.73
C ILE XA 105 -101.77 -55.58 68.59
N ALA XA 106 -102.16 -54.75 69.56
CA ALA XA 106 -103.50 -54.16 69.54
C ALA XA 106 -103.73 -53.36 68.27
N TRP XA 107 -102.74 -52.57 67.85
CA TRP XA 107 -102.87 -51.78 66.63
C TRP XA 107 -103.07 -52.67 65.42
N LEU XA 108 -102.23 -53.70 65.28
CA LEU XA 108 -102.34 -54.65 64.18
C LEU XA 108 -103.70 -55.34 64.17
N GLY XA 109 -104.42 -55.33 65.29
CA GLY XA 109 -105.79 -55.80 65.30
C GLY XA 109 -106.81 -54.91 64.62
N GLN XA 110 -106.59 -53.59 64.64
CA GLN XA 110 -107.62 -52.62 64.33
C GLN XA 110 -107.97 -52.57 62.84
N GLN XA 111 -109.17 -52.06 62.56
CA GLN XA 111 -109.63 -51.95 61.18
C GLN XA 111 -108.80 -50.96 60.38
N CYS XA 112 -108.44 -49.82 61.00
CA CYS XA 112 -107.67 -48.82 60.29
C CYS XA 112 -106.33 -49.37 59.81
N VAL XA 113 -105.87 -50.47 60.38
CA VAL XA 113 -104.67 -51.15 59.93
C VAL XA 113 -104.99 -52.30 58.98
N SER XA 114 -106.06 -53.05 59.26
CA SER XA 114 -106.37 -54.21 58.41
C SER XA 114 -106.81 -53.77 57.02
N ASP XA 115 -107.62 -52.70 56.91
CA ASP XA 115 -108.12 -52.28 55.63
C ASP XA 115 -107.01 -51.97 54.61
N PRO XA 116 -105.98 -51.19 54.96
CA PRO XA 116 -104.89 -51.03 53.97
C PRO XA 116 -104.04 -52.26 53.79
N VAL XA 117 -103.67 -52.95 54.88
CA VAL XA 117 -102.85 -54.15 54.76
C VAL XA 117 -103.59 -55.23 53.98
N ASP XA 118 -104.76 -55.64 54.48
CA ASP XA 118 -105.45 -56.80 53.91
C ASP XA 118 -105.91 -56.52 52.48
N SER XA 119 -106.67 -55.45 52.26
CA SER XA 119 -107.31 -55.23 50.98
C SER XA 119 -106.84 -53.98 50.24
N GLY XA 120 -106.05 -53.12 50.86
CA GLY XA 120 -105.57 -51.94 50.20
C GLY XA 120 -106.44 -50.71 50.32
N LEU XA 121 -107.50 -50.77 51.11
CA LEU XA 121 -108.33 -49.59 51.35
C LEU XA 121 -107.60 -48.64 52.28
N ASN XA 122 -107.41 -47.40 51.84
CA ASN XA 122 -106.90 -46.39 52.75
C ASN XA 122 -108.03 -45.82 53.59
N ASN XA 123 -107.65 -45.18 54.69
CA ASN XA 123 -108.65 -44.60 55.58
C ASN XA 123 -108.93 -43.18 55.16
N TYR XA 124 -110.18 -42.77 55.37
CA TYR XA 124 -110.64 -41.47 54.90
C TYR XA 124 -111.53 -40.82 55.93
N MET YA 1 -72.02 -80.71 76.78
CA MET YA 1 -73.15 -80.59 77.70
C MET YA 1 -74.29 -79.84 77.02
N ARG YA 2 -75.52 -80.29 77.27
CA ARG YA 2 -76.72 -79.56 76.84
C ARG YA 2 -76.90 -78.34 77.73
N LEU YA 3 -76.62 -77.16 77.20
CA LEU YA 3 -76.61 -75.96 78.01
C LEU YA 3 -78.01 -75.64 78.50
N THR YA 4 -78.12 -75.40 79.80
CA THR YA 4 -79.33 -74.86 80.41
C THR YA 4 -78.93 -73.91 81.52
N ASP YA 5 -79.90 -73.12 81.97
CA ASP YA 5 -79.66 -72.16 83.05
C ASP YA 5 -79.06 -72.89 84.24
N VAL YA 6 -78.22 -72.18 85.00
CA VAL YA 6 -77.59 -72.78 86.16
C VAL YA 6 -77.76 -71.85 87.37
N ASP YA 7 -77.69 -72.46 88.54
CA ASP YA 7 -77.68 -71.74 89.80
C ASP YA 7 -76.43 -72.14 90.57
N LEU YA 8 -75.70 -71.15 91.05
CA LEU YA 8 -74.42 -71.35 91.72
C LEU YA 8 -74.57 -71.09 93.21
N THR YA 9 -73.91 -71.92 94.00
CA THR YA 9 -73.84 -71.73 95.44
C THR YA 9 -72.60 -70.90 95.73
N VAL YA 10 -72.80 -69.69 96.26
CA VAL YA 10 -71.72 -68.73 96.45
C VAL YA 10 -71.68 -68.35 97.92
N GLY YA 11 -70.77 -68.96 98.67
CA GLY YA 11 -70.73 -68.76 100.10
C GLY YA 11 -72.06 -69.12 100.72
N GLU YA 12 -72.78 -68.13 101.23
CA GLU YA 12 -74.06 -68.35 101.87
C GLU YA 12 -75.21 -67.70 101.11
N GLU YA 13 -75.03 -67.49 99.81
CA GLU YA 13 -76.09 -66.98 98.94
C GLU YA 13 -76.18 -67.86 97.70
N THR YA 14 -77.27 -67.70 96.97
CA THR YA 14 -77.47 -68.42 95.72
C THR YA 14 -77.55 -67.44 94.56
N ARG YA 15 -76.76 -67.68 93.54
CA ARG YA 15 -76.64 -66.81 92.37
C ARG YA 15 -77.28 -67.51 91.19
N GLU YA 16 -78.21 -66.84 90.51
CA GLU YA 16 -78.98 -67.47 89.45
C GLU YA 16 -78.60 -66.86 88.11
N TYR YA 17 -78.05 -67.68 87.22
CA TYR YA 17 -77.73 -67.23 85.87
C TYR YA 17 -78.69 -67.86 84.88
N ALA YA 18 -78.82 -67.22 83.73
CA ALA YA 18 -79.65 -67.71 82.63
C ALA YA 18 -78.87 -67.61 81.33
N VAL YA 19 -79.07 -68.60 80.47
CA VAL YA 19 -78.35 -68.62 79.19
C VAL YA 19 -78.77 -67.42 78.38
N SER YA 20 -77.78 -66.60 77.97
CA SER YA 20 -78.03 -65.43 77.14
C SER YA 20 -77.63 -65.62 75.68
N GLU YA 21 -76.66 -66.49 75.40
CA GLU YA 21 -76.45 -66.92 74.01
C GLU YA 21 -75.60 -68.18 73.98
N GLN YA 22 -75.80 -68.99 72.95
CA GLN YA 22 -74.99 -70.18 72.74
C GLN YA 22 -74.61 -70.27 71.28
N GLN YA 23 -73.30 -70.26 71.01
CA GLN YA 23 -72.73 -70.45 69.69
C GLN YA 23 -71.92 -71.74 69.67
N GLY YA 24 -71.27 -71.99 68.53
CA GLY YA 24 -70.58 -73.25 68.36
C GLY YA 24 -69.47 -73.45 69.37
N THR YA 25 -68.62 -72.43 69.54
CA THR YA 25 -67.49 -72.48 70.44
C THR YA 25 -67.60 -71.49 71.60
N LEU YA 26 -68.72 -70.79 71.71
CA LEU YA 26 -68.88 -69.72 72.69
C LEU YA 26 -70.25 -69.82 73.34
N PHE YA 27 -70.32 -69.43 74.62
CA PHE YA 27 -71.60 -69.28 75.31
C PHE YA 27 -71.51 -68.16 76.33
N ARG YA 28 -72.69 -67.65 76.70
CA ARG YA 28 -72.79 -66.53 77.61
C ARG YA 28 -74.02 -66.68 78.49
N PHE YA 29 -73.81 -66.55 79.80
CA PHE YA 29 -74.82 -66.48 80.84
C PHE YA 29 -74.92 -65.05 81.39
N VAL YA 30 -76.11 -64.72 81.89
CA VAL YA 30 -76.39 -63.43 82.50
C VAL YA 30 -77.05 -63.64 83.86
N ASP YA 31 -76.66 -62.83 84.86
CA ASP YA 31 -77.27 -62.90 86.19
C ASP YA 31 -78.73 -62.50 86.13
N LYS YA 32 -79.60 -63.39 86.61
CA LYS YA 32 -81.05 -63.19 86.50
C LYS YA 32 -81.54 -61.97 87.27
N SER YA 33 -80.73 -61.44 88.19
CA SER YA 33 -81.13 -60.28 88.98
C SER YA 33 -80.96 -58.95 88.25
N GLY YA 34 -80.70 -58.97 86.93
CA GLY YA 34 -80.29 -57.79 86.21
C GLY YA 34 -81.20 -57.41 85.06
N THR YA 35 -80.96 -56.20 84.54
CA THR YA 35 -81.67 -55.59 83.42
C THR YA 35 -80.64 -55.17 82.37
N VAL YA 36 -81.11 -54.95 81.14
CA VAL YA 36 -80.24 -54.29 80.16
C VAL YA 36 -79.77 -52.95 80.73
N ALA YA 37 -80.68 -52.22 81.39
CA ALA YA 37 -80.32 -50.92 81.95
C ALA YA 37 -79.35 -51.07 83.09
N ASN YA 38 -79.66 -51.92 84.05
CA ASN YA 38 -78.79 -52.15 85.20
C ASN YA 38 -78.35 -53.61 85.20
N ASN YA 39 -77.18 -53.88 84.63
CA ASN YA 39 -76.65 -55.24 84.61
C ASN YA 39 -75.95 -55.56 85.92
N THR YA 40 -76.02 -56.83 86.30
CA THR YA 40 -75.52 -57.28 87.58
C THR YA 40 -74.46 -58.36 87.50
N GLY YA 41 -74.28 -58.99 86.34
CA GLY YA 41 -73.26 -60.02 86.19
C GLY YA 41 -73.35 -60.72 84.86
N VAL YA 42 -72.20 -61.06 84.29
CA VAL YA 42 -72.16 -61.82 83.05
C VAL YA 42 -71.02 -62.82 83.15
N PHE YA 43 -71.19 -63.96 82.48
CA PHE YA 43 -70.15 -64.95 82.36
C PHE YA 43 -70.12 -65.43 80.92
N SER YA 44 -68.92 -65.56 80.36
CA SER YA 44 -68.77 -65.98 78.99
C SER YA 44 -67.57 -66.92 78.87
N LEU YA 45 -67.68 -67.88 77.95
CA LEU YA 45 -66.61 -68.85 77.74
C LEU YA 45 -66.51 -69.17 76.26
N GLU YA 46 -65.27 -69.29 75.78
CA GLU YA 46 -64.99 -69.59 74.38
C GLU YA 46 -63.81 -70.54 74.29
N GLN YA 47 -63.91 -71.53 73.40
CA GLN YA 47 -62.79 -72.40 73.10
C GLN YA 47 -62.29 -72.13 71.69
N ARG YA 48 -60.99 -71.87 71.57
CA ARG YA 48 -60.29 -71.84 70.29
C ARG YA 48 -59.50 -73.15 70.22
N PHE YA 49 -60.09 -74.15 69.57
CA PHE YA 49 -59.38 -75.38 69.28
C PHE YA 49 -58.33 -75.08 68.24
N GLY YA 50 -57.06 -75.23 68.61
CA GLY YA 50 -55.98 -74.79 67.76
C GLY YA 50 -55.70 -75.70 66.59
N ALA YA 51 -54.77 -75.26 65.75
CA ALA YA 51 -54.24 -76.12 64.69
C ALA YA 51 -53.61 -77.37 65.30
N ALA YA 52 -53.39 -78.38 64.44
CA ALA YA 52 -52.94 -79.67 64.93
C ALA YA 52 -51.60 -79.58 65.66
N ASN YA 53 -50.80 -78.57 65.35
CA ASN YA 53 -49.53 -78.37 66.06
C ASN YA 53 -49.70 -77.60 67.35
N SER YA 54 -50.68 -76.70 67.42
CA SER YA 54 -50.82 -75.78 68.53
C SER YA 54 -51.65 -76.40 69.66
N ASN YA 55 -51.59 -75.74 70.82
CA ASN YA 55 -52.46 -76.07 71.94
C ASN YA 55 -53.85 -75.47 71.72
N ARG YA 56 -54.85 -76.09 72.34
CA ARG YA 56 -56.16 -75.48 72.33
C ARG YA 56 -56.29 -74.57 73.55
N LYS YA 57 -57.06 -73.51 73.39
CA LYS YA 57 -57.22 -72.51 74.43
C LYS YA 57 -58.69 -72.42 74.82
N VAL YA 58 -58.95 -72.31 76.12
CA VAL YA 58 -60.28 -72.03 76.62
C VAL YA 58 -60.21 -70.80 77.49
N THR YA 59 -61.07 -69.82 77.23
CA THR YA 59 -61.04 -68.57 77.96
C THR YA 59 -62.41 -68.28 78.54
N MET YA 60 -62.41 -67.73 79.76
CA MET YA 60 -63.61 -67.35 80.48
C MET YA 60 -63.45 -65.94 81.00
N LEU YA 61 -64.55 -65.19 80.93
CA LEU YA 61 -64.63 -63.85 81.48
C LEU YA 61 -65.85 -63.76 82.38
N LEU YA 62 -65.63 -63.37 83.63
CA LEU YA 62 -66.68 -63.11 84.60
C LEU YA 62 -66.64 -61.62 84.93
N THR YA 63 -67.77 -60.95 84.75
CA THR YA 63 -67.86 -59.52 85.01
C THR YA 63 -68.98 -59.23 86.00
N ASP YA 64 -68.62 -58.57 87.10
CA ASP YA 64 -69.58 -58.16 88.12
C ASP YA 64 -69.55 -56.64 88.22
N PRO YA 65 -70.60 -55.99 87.73
CA PRO YA 65 -70.72 -54.53 87.92
C PRO YA 65 -71.52 -54.19 89.15
N VAL YA 66 -71.13 -53.08 89.78
CA VAL YA 66 -71.75 -52.55 90.99
C VAL YA 66 -71.94 -51.05 90.82
N VAL YA 67 -73.03 -50.55 91.37
CA VAL YA 67 -73.25 -49.11 91.40
C VAL YA 67 -72.58 -48.54 92.65
N VAL YA 68 -71.93 -47.39 92.48
CA VAL YA 68 -71.20 -46.71 93.55
C VAL YA 68 -71.50 -45.23 93.45
N LYS YA 69 -71.77 -44.59 94.59
CA LYS YA 69 -71.94 -43.16 94.61
C LYS YA 69 -70.60 -42.48 94.34
N ASP YA 70 -70.67 -41.35 93.65
CA ASP YA 70 -69.48 -40.57 93.29
C ASP YA 70 -69.20 -39.50 94.34
N ALA YA 71 -67.98 -38.96 94.30
CA ALA YA 71 -67.68 -37.81 95.15
C ALA YA 71 -68.62 -36.65 94.84
N SER YA 72 -69.04 -36.51 93.58
CA SER YA 72 -70.05 -35.54 93.19
C SER YA 72 -71.46 -35.97 93.57
N GLY YA 73 -71.63 -37.16 94.14
CA GLY YA 73 -72.93 -37.71 94.44
C GLY YA 73 -73.55 -38.51 93.32
N ALA YA 74 -73.18 -38.24 92.07
CA ALA YA 74 -73.75 -38.93 90.92
C ALA YA 74 -73.53 -40.44 91.04
N ASP YA 75 -74.48 -41.19 90.49
CA ASP YA 75 -74.39 -42.65 90.51
C ASP YA 75 -73.52 -43.13 89.36
N MET YA 76 -72.59 -44.04 89.66
CA MET YA 76 -71.56 -44.45 88.73
C MET YA 76 -71.45 -45.97 88.76
N THR YA 77 -71.53 -46.61 87.59
CA THR YA 77 -71.46 -48.06 87.52
C THR YA 77 -70.03 -48.49 87.22
N ILE YA 78 -69.52 -49.42 88.03
CA ILE YA 78 -68.12 -49.83 88.01
C ILE YA 78 -68.07 -51.35 87.86
N LYS YA 79 -67.22 -51.83 86.96
CA LYS YA 79 -67.10 -53.26 86.69
C LYS YA 79 -65.79 -53.79 87.24
N ALA YA 80 -65.86 -55.01 87.81
CA ALA YA 80 -64.68 -55.79 88.18
C ALA YA 80 -64.67 -57.07 87.36
N ASN YA 81 -63.49 -57.46 86.89
CA ASN YA 81 -63.40 -58.57 85.96
C ASN YA 81 -62.49 -59.66 86.50
N ALA YA 82 -62.84 -60.90 86.19
CA ALA YA 82 -61.96 -62.04 86.39
C ALA YA 82 -61.90 -62.80 85.09
N SER YA 83 -60.70 -63.18 84.67
CA SER YA 83 -60.53 -63.90 83.41
C SER YA 83 -59.62 -65.10 83.63
N VAL YA 84 -60.07 -66.26 83.17
CA VAL YA 84 -59.31 -67.50 83.28
C VAL YA 84 -59.02 -68.00 81.87
N THR YA 85 -57.81 -68.54 81.68
CA THR YA 85 -57.43 -69.10 80.39
C THR YA 85 -56.67 -70.41 80.62
N PHE YA 86 -57.16 -71.47 79.99
CA PHE YA 86 -56.54 -72.79 80.01
C PHE YA 86 -55.85 -73.00 78.68
N SER YA 87 -54.53 -73.18 78.72
CA SER YA 87 -53.75 -73.59 77.55
C SER YA 87 -53.46 -75.07 77.72
N LEU YA 88 -54.08 -75.87 76.86
CA LEU YA 88 -54.03 -77.33 76.97
C LEU YA 88 -53.48 -77.92 75.68
N PRO YA 89 -52.28 -78.47 75.72
CA PRO YA 89 -51.74 -79.17 74.55
C PRO YA 89 -52.55 -80.41 74.23
N LYS YA 90 -52.55 -80.79 72.96
CA LYS YA 90 -53.36 -81.93 72.53
C LYS YA 90 -52.90 -83.22 73.20
N THR YA 91 -51.58 -83.44 73.26
CA THR YA 91 -51.04 -84.68 73.81
C THR YA 91 -51.25 -84.79 75.32
N TYR YA 92 -51.64 -83.70 75.98
CA TYR YA 92 -51.87 -83.74 77.42
C TYR YA 92 -53.13 -84.54 77.72
N PRO YA 93 -53.12 -85.44 78.71
CA PRO YA 93 -54.27 -86.32 78.92
C PRO YA 93 -55.44 -85.64 79.66
N ASN YA 94 -56.65 -85.95 79.19
CA ASN YA 94 -57.85 -85.35 79.75
C ASN YA 94 -57.92 -85.51 81.27
N GLU YA 95 -57.41 -86.62 81.78
CA GLU YA 95 -57.41 -86.84 83.23
C GLU YA 95 -56.64 -85.74 83.96
N HIS YA 96 -55.36 -85.54 83.59
CA HIS YA 96 -54.58 -84.50 84.23
C HIS YA 96 -55.12 -83.10 83.97
N ILE YA 97 -55.88 -82.90 82.88
CA ILE YA 97 -56.57 -81.63 82.70
C ILE YA 97 -57.60 -81.41 83.83
N THR YA 98 -58.47 -82.41 84.05
CA THR YA 98 -59.45 -82.26 85.14
C THR YA 98 -58.73 -82.02 86.47
N LYS YA 99 -57.60 -82.70 86.68
CA LYS YA 99 -56.77 -82.45 87.86
C LYS YA 99 -56.37 -80.98 87.97
N LEU YA 100 -55.88 -80.42 86.86
CA LEU YA 100 -55.48 -79.01 86.84
C LEU YA 100 -56.64 -78.10 87.23
N ARG YA 101 -57.80 -78.31 86.61
CA ARG YA 101 -58.95 -77.46 86.90
C ARG YA 101 -59.33 -77.52 88.39
N GLN YA 102 -59.35 -78.72 88.95
CA GLN YA 102 -59.74 -78.85 90.34
C GLN YA 102 -58.72 -78.20 91.28
N THR YA 103 -57.42 -78.38 91.00
CA THR YA 103 -56.42 -77.71 91.84
C THR YA 103 -56.54 -76.20 91.73
N LEU YA 104 -56.94 -75.67 90.57
CA LEU YA 104 -57.15 -74.23 90.47
C LEU YA 104 -58.31 -73.78 91.34
N ILE YA 105 -59.41 -74.54 91.34
CA ILE YA 105 -60.51 -74.22 92.26
C ILE YA 105 -60.01 -74.19 93.70
N ALA YA 106 -59.25 -75.22 94.09
CA ALA YA 106 -58.73 -75.30 95.45
C ALA YA 106 -57.89 -74.08 95.78
N TRP YA 107 -56.98 -73.71 94.87
CA TRP YA 107 -56.15 -72.54 95.11
C TRP YA 107 -56.98 -71.28 95.28
N LEU YA 108 -57.97 -71.09 94.40
CA LEU YA 108 -58.82 -69.91 94.47
C LEU YA 108 -59.56 -69.83 95.78
N GLY YA 109 -59.78 -70.95 96.45
CA GLY YA 109 -60.36 -70.95 97.78
C GLY YA 109 -59.43 -70.51 98.89
N GLN YA 110 -58.13 -70.66 98.70
CA GLN YA 110 -57.15 -70.49 99.76
C GLN YA 110 -57.06 -69.04 100.22
N GLN YA 111 -56.58 -68.86 101.45
CA GLN YA 111 -56.45 -67.51 101.98
C GLN YA 111 -55.28 -66.77 101.36
N CYS YA 112 -54.19 -67.46 101.02
CA CYS YA 112 -53.07 -66.80 100.37
C CYS YA 112 -53.45 -66.23 99.02
N VAL YA 113 -54.53 -66.73 98.42
CA VAL YA 113 -55.06 -66.17 97.18
C VAL YA 113 -56.14 -65.14 97.45
N SER YA 114 -57.01 -65.39 98.44
CA SER YA 114 -58.12 -64.48 98.68
C SER YA 114 -57.65 -63.15 99.25
N ASP YA 115 -56.69 -63.17 100.17
CA ASP YA 115 -56.24 -61.94 100.81
C ASP YA 115 -55.75 -60.89 99.82
N PRO YA 116 -54.87 -61.20 98.86
CA PRO YA 116 -54.51 -60.17 97.87
C PRO YA 116 -55.64 -59.83 96.91
N VAL YA 117 -56.40 -60.84 96.45
CA VAL YA 117 -57.50 -60.57 95.53
C VAL YA 117 -58.58 -59.75 96.22
N ASP YA 118 -59.07 -60.21 97.38
CA ASP YA 118 -60.22 -59.58 98.00
C ASP YA 118 -59.87 -58.22 98.61
N SER YA 119 -58.76 -58.15 99.35
CA SER YA 119 -58.46 -56.98 100.17
C SER YA 119 -57.23 -56.21 99.72
N GLY YA 120 -56.48 -56.70 98.73
CA GLY YA 120 -55.30 -56.01 98.27
C GLY YA 120 -54.10 -56.10 99.18
N LEU YA 121 -54.12 -56.97 100.18
CA LEU YA 121 -52.98 -57.18 101.06
C LEU YA 121 -52.12 -58.30 100.50
N ASN YA 122 -50.81 -58.05 100.43
CA ASN YA 122 -49.89 -59.09 99.97
C ASN YA 122 -49.55 -60.04 101.11
N ASN YA 123 -48.99 -61.19 100.74
CA ASN YA 123 -48.60 -62.18 101.72
C ASN YA 123 -47.17 -61.94 102.18
N TYR YA 124 -46.81 -62.58 103.29
CA TYR YA 124 -45.50 -62.40 103.92
C TYR YA 124 -45.02 -63.66 104.67
N MET ZA 1 -8.43 130.81 19.73
CA MET ZA 1 -8.39 131.82 20.77
C MET ZA 1 -7.44 131.43 21.89
N ARG ZA 2 -6.64 132.38 22.38
CA ARG ZA 2 -5.82 132.14 23.56
C ARG ZA 2 -6.72 131.93 24.77
N LEU ZA 3 -6.68 130.72 25.31
CA LEU ZA 3 -7.60 130.34 26.37
C LEU ZA 3 -7.37 131.18 27.63
N THR ZA 4 -8.47 131.51 28.29
CA THR ZA 4 -8.44 132.18 29.57
C THR ZA 4 -9.58 131.63 30.41
N ASP ZA 5 -9.44 131.74 31.72
CA ASP ZA 5 -10.54 131.36 32.62
C ASP ZA 5 -11.81 132.05 32.16
N VAL ZA 6 -12.94 131.40 32.40
CA VAL ZA 6 -14.21 131.84 31.81
C VAL ZA 6 -15.21 132.06 32.93
N ASP ZA 7 -15.97 133.15 32.82
CA ASP ZA 7 -17.05 133.42 33.75
C ASP ZA 7 -18.35 133.50 32.95
N LEU ZA 8 -19.30 132.65 33.29
CA LEU ZA 8 -20.57 132.53 32.59
C LEU ZA 8 -21.68 133.10 33.45
N THR ZA 9 -22.59 133.84 32.81
CA THR ZA 9 -23.80 134.28 33.48
C THR ZA 9 -24.87 133.25 33.22
N VAL ZA 10 -25.39 132.64 34.29
CA VAL ZA 10 -26.31 131.52 34.19
C VAL ZA 10 -27.57 131.88 34.94
N GLY ZA 11 -28.64 132.19 34.20
CA GLY ZA 11 -29.85 132.64 34.83
C GLY ZA 11 -29.57 133.86 35.68
N GLU ZA 12 -29.66 133.71 36.99
CA GLU ZA 12 -29.44 134.82 37.90
C GLU ZA 12 -28.25 134.60 38.81
N GLU ZA 13 -27.35 133.70 38.42
CA GLU ZA 13 -26.13 133.42 39.16
C GLU ZA 13 -24.96 133.55 38.19
N THR ZA 14 -23.74 133.56 38.74
CA THR ZA 14 -22.54 133.60 37.92
C THR ZA 14 -21.66 132.39 38.25
N ARG ZA 15 -21.27 131.66 37.22
CA ARG ZA 15 -20.50 130.43 37.33
C ARG ZA 15 -19.10 130.67 36.79
N GLU ZA 16 -18.09 130.27 37.55
CA GLU ZA 16 -16.70 130.54 37.21
C GLU ZA 16 -15.96 129.24 36.94
N TYR ZA 17 -15.39 129.13 35.75
CA TYR ZA 17 -14.60 128.00 35.31
C TYR ZA 17 -13.14 128.41 35.11
N ALA ZA 18 -12.25 127.45 35.31
CA ALA ZA 18 -10.83 127.64 35.11
C ALA ZA 18 -10.28 126.57 34.17
N VAL ZA 19 -9.30 126.97 33.36
CA VAL ZA 19 -8.69 126.05 32.40
C VAL ZA 19 -8.00 124.92 33.14
N SER ZA 20 -8.35 123.68 32.80
CA SER ZA 20 -7.71 122.50 33.37
C SER ZA 20 -6.71 121.82 32.45
N GLU ZA 21 -7.00 121.72 31.16
CA GLU ZA 21 -5.95 121.27 30.24
C GLU ZA 21 -6.29 121.72 28.83
N GLN ZA 22 -5.24 121.89 28.01
CA GLN ZA 22 -5.42 122.28 26.62
C GLN ZA 22 -4.47 121.45 25.76
N GLN ZA 23 -5.04 120.73 24.79
CA GLN ZA 23 -4.29 119.98 23.80
C GLN ZA 23 -4.47 120.64 22.45
N GLY ZA 24 -3.94 120.00 21.42
CA GLY ZA 24 -4.01 120.59 20.08
C GLY ZA 24 -5.44 120.81 19.63
N THR ZA 25 -6.29 119.81 19.83
CA THR ZA 25 -7.69 119.86 19.39
C THR ZA 25 -8.66 119.61 20.54
N LEU ZA 26 -8.20 119.73 21.79
CA LEU ZA 26 -9.04 119.44 22.93
C LEU ZA 26 -8.73 120.41 24.06
N PHE ZA 27 -9.77 120.79 24.82
CA PHE ZA 27 -9.56 121.54 26.05
C PHE ZA 27 -10.61 121.16 27.08
N ARG ZA 28 -10.29 121.49 28.33
CA ARG ZA 28 -11.13 121.15 29.47
C ARG ZA 28 -11.04 122.25 30.53
N PHE ZA 29 -12.21 122.72 30.95
CA PHE ZA 29 -12.42 123.62 32.07
C PHE ZA 29 -13.04 122.88 33.25
N VAL ZA 30 -12.76 123.40 34.45
CA VAL ZA 30 -13.33 122.87 35.69
C VAL ZA 30 -14.02 124.03 36.43
N ASP ZA 31 -15.16 123.71 37.08
CA ASP ZA 31 -15.86 124.70 37.89
C ASP ZA 31 -15.04 125.04 39.12
N LYS ZA 32 -14.76 126.34 39.30
CA LYS ZA 32 -13.94 126.79 40.43
C LYS ZA 32 -14.59 126.50 41.78
N SER ZA 33 -15.87 126.11 41.79
CA SER ZA 33 -16.55 125.77 43.04
C SER ZA 33 -16.00 124.50 43.68
N GLY ZA 34 -15.21 123.71 42.95
CA GLY ZA 34 -14.88 122.36 43.34
C GLY ZA 34 -13.40 122.10 43.53
N THR ZA 35 -13.13 120.93 44.11
CA THR ZA 35 -11.80 120.41 44.39
C THR ZA 35 -11.54 119.21 43.46
N VAL ZA 36 -10.26 118.83 43.35
CA VAL ZA 36 -9.92 117.50 42.87
C VAL ZA 36 -10.77 116.47 43.59
N ALA ZA 37 -10.83 116.57 44.92
CA ALA ZA 37 -11.60 115.63 45.74
C ALA ZA 37 -13.08 115.69 45.39
N ASN ZA 38 -13.70 116.83 45.60
CA ASN ZA 38 -15.12 117.02 45.32
C ASN ZA 38 -15.26 117.95 44.13
N ASN ZA 39 -15.82 117.44 43.03
CA ASN ZA 39 -15.97 118.19 41.80
C ASN ZA 39 -17.39 118.72 41.66
N THR ZA 40 -17.49 119.98 41.20
CA THR ZA 40 -18.79 120.62 41.01
C THR ZA 40 -19.20 120.74 39.54
N GLY ZA 41 -18.28 120.62 38.61
CA GLY ZA 41 -18.62 120.76 37.21
C GLY ZA 41 -17.44 120.64 36.28
N VAL ZA 42 -17.66 120.12 35.07
CA VAL ZA 42 -16.60 119.97 34.09
C VAL ZA 42 -17.15 120.27 32.71
N PHE ZA 43 -16.31 120.86 31.87
CA PHE ZA 43 -16.64 121.10 30.48
C PHE ZA 43 -15.45 120.72 29.61
N SER ZA 44 -15.73 119.99 28.53
CA SER ZA 44 -14.68 119.54 27.63
C SER ZA 44 -15.15 119.71 26.18
N LEU ZA 45 -14.20 120.05 25.31
CA LEU ZA 45 -14.50 120.25 23.89
C LEU ZA 45 -13.36 119.68 23.05
N GLU ZA 46 -13.70 118.95 21.99
CA GLU ZA 46 -12.72 118.35 21.08
C GLU ZA 46 -13.19 118.46 19.63
N GLN ZA 47 -12.26 118.81 18.74
CA GLN ZA 47 -12.55 118.85 17.31
C GLN ZA 47 -11.80 117.73 16.59
N ARG ZA 48 -12.48 117.12 15.62
CA ARG ZA 48 -11.96 116.04 14.81
C ARG ZA 48 -12.13 116.44 13.35
N PHE ZA 49 -11.03 116.91 12.75
CA PHE ZA 49 -10.97 117.28 11.35
C PHE ZA 49 -10.76 116.01 10.53
N GLY ZA 50 -11.76 115.63 9.73
CA GLY ZA 50 -11.68 114.42 8.93
C GLY ZA 50 -10.94 114.64 7.62
N ALA ZA 51 -11.07 113.65 6.73
CA ALA ZA 51 -10.55 113.83 5.38
C ALA ZA 51 -11.43 114.81 4.59
N ALA ZA 52 -10.96 115.20 3.41
CA ALA ZA 52 -11.65 116.21 2.61
C ALA ZA 52 -13.03 115.75 2.18
N ASN ZA 53 -13.28 114.43 2.14
CA ASN ZA 53 -14.63 113.92 1.90
C ASN ZA 53 -15.44 113.80 3.19
N SER ZA 54 -14.78 113.90 4.35
CA SER ZA 54 -15.45 113.75 5.63
C SER ZA 54 -15.84 115.11 6.20
N ASN ZA 55 -16.93 115.12 6.97
CA ASN ZA 55 -17.30 116.30 7.72
C ASN ZA 55 -16.43 116.42 8.96
N ARG ZA 56 -15.95 117.62 9.26
CA ARG ZA 56 -15.30 117.81 10.54
C ARG ZA 56 -16.36 117.80 11.63
N LYS ZA 57 -15.95 117.35 12.81
CA LYS ZA 57 -16.89 117.15 13.91
C LYS ZA 57 -16.36 117.83 15.16
N VAL ZA 58 -17.28 118.35 15.96
CA VAL ZA 58 -16.92 119.10 17.16
C VAL ZA 58 -17.84 118.65 18.28
N THR ZA 59 -17.26 118.16 19.39
CA THR ZA 59 -18.07 117.58 20.44
C THR ZA 59 -17.76 118.21 21.80
N MET ZA 60 -18.82 118.46 22.56
CA MET ZA 60 -18.76 119.09 23.88
C MET ZA 60 -19.44 118.17 24.88
N LEU ZA 61 -18.85 118.09 26.07
CA LEU ZA 61 -19.44 117.39 27.20
C LEU ZA 61 -19.44 118.31 28.41
N LEU ZA 62 -20.62 118.52 28.98
CA LEU ZA 62 -20.82 119.30 30.19
C LEU ZA 62 -21.36 118.35 31.25
N THR ZA 63 -20.63 118.23 32.36
CA THR ZA 63 -21.01 117.34 33.45
C THR ZA 63 -21.22 118.15 34.72
N ASP ZA 64 -22.39 117.96 35.34
CA ASP ZA 64 -22.75 118.62 36.60
C ASP ZA 64 -23.06 117.56 37.64
N PRO ZA 65 -22.15 117.33 38.58
CA PRO ZA 65 -22.45 116.42 39.69
C PRO ZA 65 -23.03 117.18 40.88
N VAL ZA 66 -23.95 116.50 41.57
CA VAL ZA 66 -24.65 117.04 42.73
C VAL ZA 66 -24.64 115.95 43.80
N VAL ZA 67 -24.53 116.37 45.06
CA VAL ZA 67 -24.64 115.44 46.17
C VAL ZA 67 -26.11 115.37 46.60
N VAL ZA 68 -26.62 114.14 46.70
CA VAL ZA 68 -28.01 113.87 47.04
C VAL ZA 68 -28.04 112.94 48.23
N LYS ZA 69 -29.09 113.06 49.04
CA LYS ZA 69 -29.33 112.18 50.16
C LYS ZA 69 -29.73 110.79 49.67
N ASP ZA 70 -29.17 109.77 50.30
CA ASP ZA 70 -29.55 108.41 50.02
C ASP ZA 70 -30.92 108.11 50.64
N ALA ZA 71 -31.55 107.03 50.15
CA ALA ZA 71 -32.77 106.57 50.79
C ALA ZA 71 -32.52 106.15 52.23
N SER ZA 72 -31.31 105.64 52.50
CA SER ZA 72 -30.88 105.38 53.88
C SER ZA 72 -30.44 106.66 54.58
N GLY ZA 73 -29.98 107.65 53.82
CA GLY ZA 73 -29.50 108.91 54.37
C GLY ZA 73 -28.05 109.22 54.05
N ALA ZA 74 -27.29 108.27 53.52
CA ALA ZA 74 -25.89 108.49 53.19
C ALA ZA 74 -25.73 109.58 52.13
N ASP ZA 75 -24.54 110.15 52.07
CA ASP ZA 75 -24.20 111.12 51.04
C ASP ZA 75 -23.79 110.40 49.76
N MET ZA 76 -24.41 110.77 48.65
CA MET ZA 76 -24.14 110.07 47.39
C MET ZA 76 -24.02 111.10 46.29
N THR ZA 77 -23.04 110.93 45.40
CA THR ZA 77 -22.82 111.89 44.31
C THR ZA 77 -23.41 111.36 43.01
N ILE ZA 78 -24.17 112.21 42.32
CA ILE ZA 78 -24.91 111.85 41.12
C ILE ZA 78 -24.59 112.88 40.05
N LYS ZA 79 -24.21 112.40 38.86
CA LYS ZA 79 -23.84 113.27 37.76
C LYS ZA 79 -24.97 113.33 36.74
N ALA ZA 80 -25.12 114.51 36.12
CA ALA ZA 80 -26.01 114.71 34.98
C ALA ZA 80 -25.17 115.23 33.82
N ASN ZA 81 -25.39 114.66 32.63
CA ASN ZA 81 -24.53 114.93 31.49
C ASN ZA 81 -25.33 115.62 30.40
N ALA ZA 82 -24.67 116.53 29.68
CA ALA ZA 82 -25.22 117.08 28.44
C ALA ZA 82 -24.11 117.07 27.42
N SER ZA 83 -24.41 116.64 26.20
CA SER ZA 83 -23.39 116.51 25.18
C SER ZA 83 -23.91 117.08 23.87
N VAL ZA 84 -23.10 117.91 23.23
CA VAL ZA 84 -23.45 118.51 21.95
C VAL ZA 84 -22.44 118.03 20.92
N THR ZA 85 -22.91 117.82 19.68
CA THR ZA 85 -22.04 117.41 18.57
C THR ZA 85 -22.45 118.17 17.33
N PHE ZA 86 -21.50 118.93 16.76
CA PHE ZA 86 -21.67 119.65 15.51
C PHE ZA 86 -21.01 118.85 14.41
N SER ZA 87 -21.81 118.42 13.43
CA SER ZA 87 -21.30 117.80 12.21
C SER ZA 87 -21.34 118.85 11.11
N LEU ZA 88 -20.16 119.30 10.69
CA LEU ZA 88 -20.02 120.41 9.76
C LEU ZA 88 -19.23 119.96 8.54
N PRO ZA 89 -19.87 119.84 7.39
CA PRO ZA 89 -19.15 119.53 6.15
C PRO ZA 89 -18.23 120.68 5.76
N LYS ZA 90 -17.19 120.33 5.01
CA LYS ZA 90 -16.17 121.29 4.66
C LYS ZA 90 -16.50 122.11 3.42
N THR ZA 91 -17.69 121.90 2.85
CA THR ZA 91 -18.23 122.77 1.81
C THR ZA 91 -19.30 123.70 2.36
N TYR ZA 92 -19.61 123.57 3.64
CA TYR ZA 92 -20.61 124.40 4.32
C TYR ZA 92 -19.97 125.71 4.76
N PRO ZA 93 -20.62 126.85 4.55
CA PRO ZA 93 -19.98 128.14 4.86
C PRO ZA 93 -20.00 128.48 6.35
N ASN ZA 94 -18.91 129.11 6.77
CA ASN ZA 94 -18.72 129.43 8.18
C ASN ZA 94 -19.84 130.32 8.71
N GLU ZA 95 -20.34 131.24 7.87
CA GLU ZA 95 -21.46 132.08 8.26
C GLU ZA 95 -22.63 131.23 8.74
N HIS ZA 96 -23.04 130.26 7.91
CA HIS ZA 96 -24.18 129.44 8.28
C HIS ZA 96 -23.88 128.52 9.44
N ILE ZA 97 -22.60 128.17 9.68
CA ILE ZA 97 -22.27 127.46 10.91
C ILE ZA 97 -22.59 128.34 12.14
N THR ZA 98 -22.18 129.61 12.07
CA THR ZA 98 -22.52 130.53 13.17
C THR ZA 98 -24.03 130.65 13.35
N LYS ZA 99 -24.75 130.78 12.23
CA LYS ZA 99 -26.21 130.81 12.27
C LYS ZA 99 -26.76 129.58 12.98
N LEU ZA 100 -26.22 128.40 12.65
CA LEU ZA 100 -26.66 127.16 13.26
C LEU ZA 100 -26.43 127.18 14.77
N ARG ZA 101 -25.23 127.57 15.20
CA ARG ZA 101 -24.93 127.59 16.63
C ARG ZA 101 -25.89 128.53 17.37
N GLN ZA 102 -26.16 129.70 16.79
CA GLN ZA 102 -27.03 130.64 17.46
C GLN ZA 102 -28.48 130.13 17.52
N THR ZA 103 -28.97 129.52 16.43
CA THR ZA 103 -30.31 128.94 16.48
C THR ZA 103 -30.40 127.84 17.52
N LEU ZA 104 -29.31 127.08 17.71
CA LEU ZA 104 -29.31 126.07 18.76
C LEU ZA 104 -29.42 126.70 20.13
N ILE ZA 105 -28.68 127.78 20.37
CA ILE ZA 105 -28.81 128.49 21.65
C ILE ZA 105 -30.24 128.94 21.87
N ALA ZA 106 -30.84 129.54 20.84
CA ALA ZA 106 -32.22 130.00 20.95
C ALA ZA 106 -33.18 128.85 21.26
N TRP ZA 107 -32.99 127.72 20.58
CA TRP ZA 107 -33.85 126.56 20.83
C TRP ZA 107 -33.70 126.06 22.26
N LEU ZA 108 -32.45 125.99 22.74
CA LEU ZA 108 -32.22 125.56 24.12
C LEU ZA 108 -32.85 126.50 25.12
N GLY ZA 109 -33.09 127.74 24.72
CA GLY ZA 109 -33.84 128.67 25.55
C GLY ZA 109 -35.33 128.41 25.63
N GLN ZA 110 -35.89 127.77 24.60
CA GLN ZA 110 -37.34 127.69 24.44
C GLN ZA 110 -37.99 126.85 25.52
N GLN ZA 111 -39.27 127.13 25.77
CA GLN ZA 111 -40.00 126.36 26.78
C GLN ZA 111 -40.29 124.96 26.29
N CYS ZA 112 -40.54 124.79 24.99
CA CYS ZA 112 -40.82 123.45 24.47
C CYS ZA 112 -39.61 122.54 24.54
N VAL ZA 113 -38.41 123.10 24.64
CA VAL ZA 113 -37.23 122.31 24.94
C VAL ZA 113 -37.02 122.22 26.45
N SER ZA 114 -37.38 123.26 27.20
CA SER ZA 114 -37.14 123.29 28.63
C SER ZA 114 -37.98 122.25 29.37
N ASP ZA 115 -39.26 122.14 29.04
CA ASP ZA 115 -40.15 121.27 29.80
C ASP ZA 115 -39.70 119.81 29.80
N PRO ZA 116 -39.41 119.17 28.67
CA PRO ZA 116 -38.92 117.78 28.76
C PRO ZA 116 -37.56 117.67 29.43
N VAL ZA 117 -36.63 118.56 29.12
CA VAL ZA 117 -35.31 118.49 29.73
C VAL ZA 117 -35.39 118.75 31.22
N ASP ZA 118 -35.92 119.91 31.62
CA ASP ZA 118 -35.84 120.31 33.02
C ASP ZA 118 -36.74 119.46 33.91
N SER ZA 119 -37.95 119.15 33.47
CA SER ZA 119 -38.94 118.51 34.34
C SER ZA 119 -39.44 117.16 33.86
N GLY ZA 120 -39.18 116.79 32.61
CA GLY ZA 120 -39.64 115.52 32.09
C GLY ZA 120 -41.01 115.54 31.46
N LEU ZA 121 -41.69 116.67 31.47
CA LEU ZA 121 -43.00 116.76 30.82
C LEU ZA 121 -42.82 116.83 29.31
N ASN ZA 122 -43.58 116.02 28.59
CA ASN ZA 122 -43.61 116.15 27.14
C ASN ZA 122 -44.58 117.24 26.70
N ASN ZA 123 -44.36 117.75 25.49
CA ASN ZA 123 -45.26 118.75 24.96
C ASN ZA 123 -46.42 118.06 24.23
N TYR ZA 124 -47.51 118.82 24.05
CA TYR ZA 124 -48.72 118.25 23.46
C TYR ZA 124 -49.37 119.19 22.45
N MET AB 1 8.93 130.60 20.14
CA MET AB 1 8.32 131.93 20.25
C MET AB 1 6.88 131.81 20.72
N ARG AB 2 6.31 132.93 21.18
CA ARG AB 2 4.90 132.98 21.56
C ARG AB 2 4.07 133.26 20.32
N LEU AB 3 3.31 132.26 19.87
CA LEU AB 3 2.55 132.35 18.63
C LEU AB 3 1.57 133.51 18.66
N THR AB 4 1.61 134.31 17.61
CA THR AB 4 0.67 135.40 17.37
C THR AB 4 0.25 135.34 15.93
N ASP AB 5 -0.97 135.80 15.65
CA ASP AB 5 -1.45 135.85 14.28
C ASP AB 5 -0.43 136.60 13.42
N VAL AB 6 -0.29 136.16 12.17
CA VAL AB 6 0.82 136.60 11.34
C VAL AB 6 0.26 137.27 10.10
N ASP AB 7 0.92 138.34 9.66
CA ASP AB 7 0.58 138.99 8.40
C ASP AB 7 1.81 139.02 7.50
N LEU AB 8 1.67 138.42 6.32
CA LEU AB 8 2.75 138.24 5.38
C LEU AB 8 2.57 139.19 4.22
N THR AB 9 3.66 139.84 3.83
CA THR AB 9 3.66 140.70 2.66
C THR AB 9 4.05 139.81 1.47
N VAL AB 10 3.09 139.58 0.58
CA VAL AB 10 3.24 138.65 -0.52
C VAL AB 10 3.14 139.45 -1.82
N GLY AB 11 4.29 139.74 -2.41
CA GLY AB 11 4.31 140.60 -3.58
C GLY AB 11 3.74 141.95 -3.24
N GLU AB 12 2.57 142.27 -3.81
CA GLU AB 12 1.92 143.54 -3.54
C GLU AB 12 0.64 143.38 -2.76
N GLU AB 13 0.46 142.24 -2.10
CA GLU AB 13 -0.74 141.95 -1.35
C GLU AB 13 -0.32 141.59 0.08
N THR AB 14 -1.30 141.52 0.98
CA THR AB 14 -1.03 141.11 2.35
C THR AB 14 -1.94 139.95 2.70
N ARG AB 15 -1.32 138.81 3.02
CA ARG AB 15 -2.03 137.63 3.52
C ARG AB 15 -2.07 137.67 5.03
N GLU AB 16 -3.20 137.26 5.62
CA GLU AB 16 -3.40 137.36 7.07
C GLU AB 16 -3.82 136.02 7.63
N TYR AB 17 -2.94 135.39 8.40
CA TYR AB 17 -3.17 134.08 8.97
C TYR AB 17 -3.42 134.20 10.46
N ALA AB 18 -4.27 133.31 10.97
CA ALA AB 18 -4.61 133.20 12.38
C ALA AB 18 -4.21 131.83 12.91
N VAL AB 19 -3.74 131.80 14.15
CA VAL AB 19 -3.36 130.54 14.78
C VAL AB 19 -4.58 129.64 14.87
N SER AB 20 -4.44 128.41 14.36
CA SER AB 20 -5.53 127.44 14.37
C SER AB 20 -5.28 126.24 15.28
N GLU AB 21 -4.03 125.83 15.48
CA GLU AB 21 -3.78 124.89 16.57
C GLU AB 21 -2.32 124.92 16.98
N GLN AB 22 -2.07 124.63 18.26
CA GLN AB 22 -0.73 124.55 18.82
C GLN AB 22 -0.64 123.28 19.65
N GLN AB 23 0.24 122.37 19.25
CA GLN AB 23 0.52 121.17 20.01
C GLN AB 23 1.92 121.30 20.61
N GLY AB 24 2.49 120.18 21.03
CA GLY AB 24 3.82 120.21 21.59
C GLY AB 24 4.82 120.68 20.56
N THR AB 25 4.94 119.93 19.47
CA THR AB 25 5.93 120.18 18.43
C THR AB 25 5.30 120.61 17.11
N LEU AB 26 3.99 120.87 17.10
CA LEU AB 26 3.26 121.16 15.87
C LEU AB 26 2.41 122.41 16.06
N PHE AB 27 2.32 123.21 14.99
CA PHE AB 27 1.40 124.34 14.96
C PHE AB 27 0.79 124.47 13.57
N ARG AB 28 -0.31 125.23 13.52
CA ARG AB 28 -1.07 125.39 12.28
C ARG AB 28 -1.74 126.75 12.28
N PHE AB 29 -1.48 127.52 11.23
CA PHE AB 29 -2.13 128.79 10.90
C PHE AB 29 -3.13 128.58 9.77
N VAL AB 30 -4.05 129.54 9.65
CA VAL AB 30 -5.15 129.45 8.71
C VAL AB 30 -5.40 130.83 8.11
N ASP AB 31 -5.63 130.88 6.78
CA ASP AB 31 -5.88 132.15 6.11
C ASP AB 31 -7.19 132.76 6.60
N LYS AB 32 -7.10 133.95 7.20
CA LYS AB 32 -8.27 134.59 7.76
C LYS AB 32 -9.33 134.87 6.70
N SER AB 33 -8.90 135.11 5.46
CA SER AB 33 -9.78 135.46 4.36
C SER AB 33 -10.63 134.30 3.88
N GLY AB 34 -10.59 133.15 4.56
CA GLY AB 34 -11.35 132.00 4.11
C GLY AB 34 -12.80 132.09 4.52
N THR AB 35 -13.69 131.75 3.58
CA THR AB 35 -15.12 131.73 3.85
C THR AB 35 -15.63 130.34 4.20
N VAL AB 36 -15.07 129.32 3.55
CA VAL AB 36 -15.45 127.94 3.79
C VAL AB 36 -14.18 127.16 4.13
N ALA AB 37 -14.38 126.00 4.75
CA ALA AB 37 -13.25 125.12 5.04
C ALA AB 37 -12.44 124.83 3.79
N ASN AB 38 -13.10 124.42 2.70
CA ASN AB 38 -12.40 124.13 1.45
C ASN AB 38 -11.85 125.39 0.81
N ASN AB 39 -12.52 126.52 0.99
CA ASN AB 39 -12.00 127.81 0.52
C ASN AB 39 -10.68 128.16 1.20
N THR AB 40 -10.46 127.67 2.42
CA THR AB 40 -9.47 128.25 3.32
C THR AB 40 -8.08 127.64 3.12
N GLY AB 41 -7.10 128.50 2.86
CA GLY AB 41 -5.72 128.05 2.83
C GLY AB 41 -5.17 127.85 4.23
N VAL AB 42 -4.13 127.01 4.33
CA VAL AB 42 -3.58 126.64 5.63
C VAL AB 42 -2.07 126.49 5.53
N PHE AB 43 -1.43 126.58 6.71
CA PHE AB 43 0.01 126.38 6.81
C PHE AB 43 0.30 125.68 8.13
N SER AB 44 1.09 124.61 8.06
CA SER AB 44 1.35 123.79 9.22
C SER AB 44 2.84 123.48 9.29
N LEU AB 45 3.36 123.35 10.52
CA LEU AB 45 4.76 123.03 10.74
C LEU AB 45 4.89 122.09 11.93
N GLU AB 46 5.81 121.14 11.83
CA GLU AB 46 6.03 120.14 12.85
C GLU AB 46 7.51 119.81 12.92
N GLN AB 47 8.04 119.73 14.14
CA GLN AB 47 9.41 119.30 14.35
C GLN AB 47 9.42 117.91 14.97
N ARG AB 48 10.31 117.06 14.47
CA ARG AB 48 10.52 115.70 14.95
C ARG AB 48 11.99 115.63 15.36
N PHE AB 49 12.21 115.74 16.66
CA PHE AB 49 13.54 115.64 17.25
C PHE AB 49 13.88 114.17 17.43
N GLY AB 50 15.00 113.73 16.85
CA GLY AB 50 15.39 112.33 16.90
C GLY AB 50 16.28 112.01 18.08
N ALA AB 51 16.79 110.78 18.09
CA ALA AB 51 17.82 110.41 19.05
C ALA AB 51 19.12 111.14 18.74
N ALA AB 52 20.13 110.95 19.59
CA ALA AB 52 21.39 111.68 19.42
C ALA AB 52 22.12 111.28 18.15
N ASN AB 53 21.91 110.05 17.67
CA ASN AB 53 22.48 109.63 16.40
C ASN AB 53 21.65 110.08 15.21
N SER AB 54 20.43 110.58 15.44
CA SER AB 54 19.55 111.01 14.38
C SER AB 54 19.71 112.50 14.11
N ASN AB 55 19.14 112.94 12.99
CA ASN AB 55 18.99 114.34 12.68
C ASN AB 55 17.58 114.78 13.04
N ARG AB 56 17.45 115.97 13.61
CA ARG AB 56 16.10 116.49 13.80
C ARG AB 56 15.56 116.94 12.45
N LYS AB 57 14.25 116.79 12.27
CA LYS AB 57 13.61 117.13 11.02
C LYS AB 57 12.47 118.11 11.27
N VAL AB 58 12.39 119.14 10.45
CA VAL AB 58 11.29 120.10 10.53
C VAL AB 58 10.58 120.09 9.20
N THR AB 59 9.26 119.95 9.23
CA THR AB 59 8.46 119.88 8.01
C THR AB 59 7.38 120.93 8.04
N MET AB 60 7.10 121.50 6.87
CA MET AB 60 6.07 122.50 6.68
C MET AB 60 5.24 122.13 5.45
N LEU AB 61 3.94 122.35 5.59
CA LEU AB 61 2.99 122.18 4.48
C LEU AB 61 2.18 123.46 4.33
N LEU AB 62 2.15 123.98 3.11
CA LEU AB 62 1.38 125.16 2.73
C LEU AB 62 0.36 124.73 1.67
N THR AB 63 -0.92 124.93 1.96
CA THR AB 63 -2.00 124.54 1.07
C THR AB 63 -2.80 125.78 0.67
N ASP AB 64 -2.92 125.99 -0.64
CA ASP AB 64 -3.64 127.14 -1.19
C ASP AB 64 -4.69 126.67 -2.18
N PRO AB 65 -5.93 126.49 -1.73
CA PRO AB 65 -7.01 126.13 -2.66
C PRO AB 65 -7.58 127.35 -3.38
N VAL AB 66 -8.13 127.09 -4.56
CA VAL AB 66 -8.76 128.11 -5.41
C VAL AB 66 -10.03 127.50 -6.03
N VAL AB 67 -11.01 128.37 -6.31
CA VAL AB 67 -12.25 127.92 -6.92
C VAL AB 67 -12.17 128.06 -8.43
N VAL AB 68 -12.48 126.98 -9.15
CA VAL AB 68 -12.51 126.97 -10.62
C VAL AB 68 -13.90 126.56 -11.11
N MET AB 76 -15.99 123.76 -8.64
CA MET AB 76 -14.96 122.90 -8.06
C MET AB 76 -13.81 123.72 -7.44
N THR AB 77 -13.25 123.22 -6.34
CA THR AB 77 -12.10 123.84 -5.68
C THR AB 77 -10.88 122.91 -5.81
N ILE AB 78 -9.77 123.49 -6.25
CA ILE AB 78 -8.54 122.78 -6.57
C ILE AB 78 -7.46 123.24 -5.61
N LYS AB 79 -6.71 122.29 -5.04
CA LYS AB 79 -5.71 122.57 -4.02
C LYS AB 79 -4.31 122.33 -4.56
N ALA AB 80 -3.39 123.26 -4.26
CA ALA AB 80 -1.98 123.12 -4.59
C ALA AB 80 -1.15 123.20 -3.32
N ASN AB 81 -0.10 122.38 -3.26
CA ASN AB 81 0.68 122.21 -2.04
C ASN AB 81 2.14 122.58 -2.26
N ALA AB 82 2.73 123.22 -1.27
CA ALA AB 82 4.17 123.34 -1.17
C ALA AB 82 4.59 122.71 0.15
N SER AB 83 5.66 121.92 0.13
CA SER AB 83 6.12 121.25 1.33
C SER AB 83 7.62 121.40 1.45
N VAL AB 84 8.08 121.91 2.59
CA VAL AB 84 9.50 122.09 2.85
C VAL AB 84 9.88 121.16 3.99
N THR AB 85 11.10 120.60 3.92
CA THR AB 85 11.61 119.72 4.96
C THR AB 85 13.09 120.03 5.17
N PHE AB 86 13.43 120.38 6.42
CA PHE AB 86 14.80 120.66 6.83
C PHE AB 86 15.31 119.47 7.62
N SER AB 87 16.35 118.81 7.11
CA SER AB 87 17.04 117.75 7.83
C SER AB 87 18.33 118.33 8.39
N LEU AB 88 18.39 118.42 9.71
CA LEU AB 88 19.45 119.15 10.42
C LEU AB 88 20.12 118.22 11.41
N PRO AB 89 21.37 117.85 11.20
CA PRO AB 89 22.12 117.09 12.22
C PRO AB 89 22.37 117.94 13.44
N LYS AB 90 22.43 117.30 14.60
CA LYS AB 90 22.53 118.05 15.84
C LYS AB 90 23.89 118.75 15.97
N THR AB 91 24.96 118.09 15.55
CA THR AB 91 26.29 118.70 15.60
C THR AB 91 26.43 119.89 14.67
N TYR AB 92 25.52 120.04 13.71
CA TYR AB 92 25.58 121.13 12.74
C TYR AB 92 25.27 122.46 13.43
N PRO AB 93 26.01 123.54 13.15
CA PRO AB 93 25.87 124.76 13.96
C PRO AB 93 24.66 125.63 13.58
N ASN AB 94 24.01 126.15 14.62
CA ASN AB 94 22.79 126.93 14.43
C ASN AB 94 22.99 128.10 13.49
N GLU AB 95 24.18 128.71 13.51
CA GLU AB 95 24.45 129.83 12.61
C GLU AB 95 24.35 129.39 11.15
N HIS AB 96 25.01 128.30 10.79
CA HIS AB 96 24.93 127.80 9.42
C HIS AB 96 23.52 127.31 9.06
N ILE AB 97 22.71 126.91 10.04
CA ILE AB 97 21.31 126.60 9.75
C ILE AB 97 20.56 127.87 9.32
N THR AB 98 20.72 128.95 10.10
CA THR AB 98 20.08 130.22 9.70
C THR AB 98 20.51 130.60 8.29
N LYS AB 99 21.80 130.42 7.98
CA LYS AB 99 22.29 130.64 6.63
C LYS AB 99 21.53 129.81 5.60
N LEU AB 100 21.41 128.50 5.86
CA LEU AB 100 20.72 127.62 4.92
C LEU AB 100 19.31 128.11 4.64
N ARG AB 101 18.55 128.43 5.69
CA ARG AB 101 17.18 128.90 5.51
C ARG AB 101 17.15 130.15 4.63
N GLN AB 102 18.03 131.11 4.91
CA GLN AB 102 18.01 132.35 4.15
C GLN AB 102 18.34 132.11 2.68
N THR AB 103 19.31 131.23 2.40
CA THR AB 103 19.66 130.95 1.01
C THR AB 103 18.53 130.22 0.29
N LEU AB 104 17.76 129.39 1.00
CA LEU AB 104 16.59 128.79 0.36
C LEU AB 104 15.58 129.86 -0.03
N ILE AB 105 15.35 130.84 0.86
CA ILE AB 105 14.48 131.96 0.50
C ILE AB 105 14.98 132.64 -0.76
N ALA AB 106 16.27 132.96 -0.80
CA ALA AB 106 16.86 133.62 -1.96
C ALA AB 106 16.66 132.80 -3.23
N TRP AB 107 16.86 131.49 -3.14
CA TRP AB 107 16.68 130.62 -4.31
C TRP AB 107 15.25 130.66 -4.80
N LEU AB 108 14.29 130.50 -3.87
CA LEU AB 108 12.88 130.57 -4.23
C LEU AB 108 12.50 131.90 -4.86
N GLY AB 109 13.32 132.94 -4.66
CA GLY AB 109 13.13 134.19 -5.38
C GLY AB 109 13.48 134.17 -6.86
N GLN AB 110 14.45 133.34 -7.26
CA GLN AB 110 15.11 133.46 -8.55
C GLN AB 110 14.22 133.01 -9.70
N GLN AB 111 14.57 133.49 -10.91
CA GLN AB 111 13.79 133.14 -12.09
C GLN AB 111 13.92 131.67 -12.44
N CYS AB 112 15.13 131.12 -12.30
CA CYS AB 112 15.33 129.71 -12.64
C CYS AB 112 14.47 128.80 -11.79
N VAL AB 113 13.95 129.28 -10.67
CA VAL AB 113 13.00 128.54 -9.85
C VAL AB 113 11.57 128.93 -10.16
N SER AB 114 11.31 130.22 -10.38
CA SER AB 114 9.93 130.65 -10.62
C SER AB 114 9.40 130.11 -11.95
N ASP AB 115 10.23 130.10 -13.01
CA ASP AB 115 9.77 129.67 -14.31
C ASP AB 115 9.21 128.23 -14.31
N PRO AB 116 9.90 127.25 -13.74
CA PRO AB 116 9.25 125.91 -13.67
C PRO AB 116 8.11 125.85 -12.67
N VAL AB 117 8.26 126.42 -11.48
CA VAL AB 117 7.19 126.38 -10.49
C VAL AB 117 5.95 127.12 -11.01
N ASP AB 118 6.11 128.41 -11.32
CA ASP AB 118 4.94 129.23 -11.64
C ASP AB 118 4.27 128.77 -12.93
N SER AB 119 5.03 128.68 -14.03
CA SER AB 119 4.43 128.44 -15.34
C SER AB 119 4.83 127.14 -16.00
N GLY AB 120 5.79 126.40 -15.44
CA GLY AB 120 6.20 125.15 -16.02
C GLY AB 120 7.29 125.22 -17.06
N LEU AB 121 7.90 126.39 -17.26
CA LEU AB 121 9.02 126.50 -18.17
C LEU AB 121 10.27 125.91 -17.52
N ASN AB 122 10.88 124.93 -18.19
CA ASN AB 122 12.18 124.46 -17.71
C ASN AB 122 13.29 125.39 -18.20
N ASN AB 123 14.43 125.29 -17.55
CA ASN AB 123 15.55 126.12 -17.94
C ASN AB 123 16.40 125.42 -18.98
N TYR AB 124 16.97 126.21 -19.86
CA TYR AB 124 17.70 125.68 -20.99
C TYR AB 124 18.96 126.46 -21.26
N MET BB 1 -2.02 127.47 34.84
CA MET BB 1 -1.20 128.65 34.57
C MET BB 1 -0.95 128.79 33.09
N ARG BB 2 -0.98 130.04 32.59
CA ARG BB 2 -0.58 130.34 31.23
C ARG BB 2 0.95 130.26 31.12
N LEU BB 3 1.44 129.21 30.50
CA LEU BB 3 2.88 128.97 30.49
C LEU BB 3 3.60 130.04 29.71
N THR BB 4 4.64 130.61 30.32
CA THR BB 4 5.57 131.49 29.65
C THR BB 4 6.96 131.22 30.20
N ASP BB 5 7.97 131.74 29.48
CA ASP BB 5 9.36 131.58 29.89
C ASP BB 5 9.52 132.04 31.33
N VAL BB 6 10.44 131.41 32.06
CA VAL BB 6 10.68 131.79 33.44
C VAL BB 6 12.18 131.99 33.66
N ASP BB 7 12.49 132.79 34.68
CA ASP BB 7 13.84 133.01 35.14
C ASP BB 7 13.88 132.64 36.62
N LEU BB 8 14.85 131.82 36.99
CA LEU BB 8 15.00 131.30 38.33
C LEU BB 8 16.17 131.95 39.04
N THR BB 9 15.99 132.26 40.30
CA THR BB 9 17.05 132.77 41.14
C THR BB 9 17.73 131.58 41.81
N VAL BB 10 19.00 131.34 41.49
CA VAL BB 10 19.72 130.16 41.93
C VAL BB 10 20.96 130.61 42.69
N GLY BB 11 20.88 130.60 44.02
CA GLY BB 11 21.96 131.12 44.81
C GLY BB 11 22.25 132.56 44.46
N GLU BB 12 23.41 132.81 43.86
CA GLU BB 12 23.81 134.16 43.48
C GLU BB 12 23.93 134.30 41.97
N GLU BB 13 23.22 133.47 41.21
CA GLU BB 13 23.17 133.60 39.76
C GLU BB 13 21.71 133.55 39.32
N THR BB 14 21.48 133.92 38.07
CA THR BB 14 20.15 133.86 37.49
C THR BB 14 20.15 132.90 36.30
N ARG BB 15 19.21 131.96 36.32
CA ARG BB 15 19.09 130.91 35.33
C ARG BB 15 17.86 131.19 34.47
N GLU BB 16 18.05 131.22 33.16
CA GLU BB 16 16.96 131.62 32.26
C GLU BB 16 16.51 130.41 31.44
N TYR BB 17 15.25 130.02 31.62
CA TYR BB 17 14.67 128.94 30.83
C TYR BB 17 13.67 129.52 29.84
N ALA BB 18 13.41 128.76 28.79
CA ALA BB 18 12.43 129.10 27.76
C ALA BB 18 11.56 127.89 27.47
N VAL BB 19 10.28 128.14 27.22
CA VAL BB 19 9.36 127.05 26.94
C VAL BB 19 9.79 126.37 25.66
N SER BB 20 10.02 125.05 25.73
CA SER BB 20 10.38 124.25 24.58
C SER BB 20 9.25 123.39 24.04
N GLU BB 21 8.30 122.98 24.89
CA GLU BB 21 7.05 122.42 24.36
C GLU BB 21 5.99 122.43 25.45
N GLN BB 22 4.73 122.52 25.02
CA GLN BB 22 3.60 122.44 25.95
C GLN BB 22 2.54 121.54 25.36
N GLN BB 23 2.22 120.45 26.07
CA GLN BB 23 1.16 119.52 25.73
C GLN BB 23 0.09 119.58 26.81
N GLY BB 24 -0.91 118.71 26.66
CA GLY BB 24 -2.06 118.77 27.55
C GLY BB 24 -1.69 118.53 29.00
N THR BB 25 -0.90 117.47 29.25
CA THR BB 25 -0.49 117.09 30.58
C THR BB 25 1.01 117.18 30.80
N LEU BB 26 1.75 117.70 29.81
CA LEU BB 26 3.21 117.72 29.85
C LEU BB 26 3.72 119.07 29.35
N PHE BB 27 4.85 119.52 29.93
CA PHE BB 27 5.56 120.68 29.41
C PHE BB 27 7.05 120.51 29.62
N ARG BB 28 7.81 121.28 28.85
CA ARG BB 28 9.26 121.21 28.85
C ARG BB 28 9.86 122.58 28.62
N PHE BB 29 10.78 122.96 29.50
CA PHE BB 29 11.64 124.13 29.42
C PHE BB 29 13.07 123.73 29.08
N VAL BB 30 13.78 124.67 28.45
CA VAL BB 30 15.19 124.49 28.08
C VAL BB 30 15.98 125.70 28.55
N ASP BB 31 17.20 125.46 29.07
CA ASP BB 31 18.08 126.54 29.51
C ASP BB 31 18.51 127.38 28.32
N LYS BB 32 18.26 128.69 28.40
CA LYS BB 32 18.50 129.59 27.27
C LYS BB 32 19.98 129.69 26.90
N SER BB 33 20.88 129.24 27.77
CA SER BB 33 22.31 129.31 27.49
C SER BB 33 22.81 128.17 26.61
N GLY BB 34 21.91 127.39 25.98
CA GLY BB 34 22.28 126.16 25.34
C GLY BB 34 21.93 126.10 23.84
N THR BB 35 22.47 125.07 23.19
CA THR BB 35 22.28 124.78 21.79
C THR BB 35 21.78 123.34 21.66
N VAL BB 36 21.21 123.00 20.50
CA VAL BB 36 20.98 121.58 20.22
C VAL BB 36 22.29 120.81 20.32
N ALA BB 37 23.37 121.40 19.79
CA ALA BB 37 24.67 120.74 19.82
C ALA BB 37 25.19 120.64 21.24
N ASN BB 38 25.21 121.73 21.98
CA ASN BB 38 25.69 121.74 23.36
C ASN BB 38 24.54 122.16 24.26
N ASN BB 39 23.84 121.20 24.83
CA ASN BB 39 22.75 121.48 25.73
C ASN BB 39 23.26 121.74 27.13
N THR BB 40 22.56 122.59 27.86
CA THR BB 40 23.00 123.05 29.17
C THR BB 40 22.01 122.78 30.29
N GLY BB 41 20.77 122.44 29.97
CA GLY BB 41 19.79 122.16 30.99
C GLY BB 41 18.40 121.98 30.42
N VAL BB 42 17.63 121.05 30.99
CA VAL BB 42 16.25 120.84 30.60
C VAL BB 42 15.44 120.55 31.84
N PHE BB 43 14.18 120.96 31.80
CA PHE BB 43 13.22 120.65 32.85
C PHE BB 43 11.92 120.20 32.20
N SER BB 44 11.33 119.14 32.73
CA SER BB 44 10.10 118.61 32.16
C SER BB 44 9.18 118.17 33.30
N LEU BB 45 7.87 118.32 33.07
CA LEU BB 45 6.88 117.93 34.07
C LEU BB 45 5.66 117.34 33.38
N GLU BB 46 5.13 116.28 33.97
CA GLU BB 46 3.96 115.59 33.43
C GLU BB 46 3.04 115.18 34.58
N GLN BB 47 1.74 115.34 34.38
CA GLN BB 47 0.75 114.83 35.32
C GLN BB 47 -0.01 113.68 34.70
N ARG BB 48 -0.05 112.55 35.39
CA ARG BB 48 -0.94 111.44 35.08
C ARG BB 48 -2.06 111.49 36.11
N PHE BB 49 -3.15 112.13 35.74
CA PHE BB 49 -4.36 112.11 36.56
C PHE BB 49 -4.93 110.71 36.52
N GLY BB 50 -4.96 110.04 37.66
CA GLY BB 50 -5.30 108.63 37.69
C GLY BB 50 -6.78 108.37 37.55
N ALA BB 51 -7.10 107.07 37.48
CA ALA BB 51 -8.49 106.64 37.55
C ALA BB 51 -9.11 107.10 38.87
N ALA BB 52 -10.44 107.05 38.93
CA ALA BB 52 -11.16 107.60 40.07
C ALA BB 52 -10.76 106.92 41.38
N ASN BB 53 -10.29 105.67 41.31
CA ASN BB 53 -9.84 104.97 42.51
C ASN BB 53 -8.40 105.30 42.85
N SER BB 54 -7.57 105.58 41.86
CA SER BB 54 -6.13 105.73 42.06
C SER BB 54 -5.77 107.17 42.43
N ASN BB 55 -4.53 107.32 42.90
CA ASN BB 55 -3.95 108.63 43.13
C ASN BB 55 -3.49 109.24 41.81
N ARG BB 56 -3.44 110.56 41.77
CA ARG BB 56 -2.82 111.21 40.63
C ARG BB 56 -1.34 111.40 40.91
N LYS BB 57 -0.55 111.35 39.84
CA LYS BB 57 0.90 111.43 39.93
C LYS BB 57 1.38 112.64 39.14
N VAL BB 58 2.35 113.35 39.71
CA VAL BB 58 3.03 114.43 39.00
C VAL BB 58 4.52 114.14 39.06
N THR BB 59 5.17 114.15 37.91
CA THR BB 59 6.59 113.83 37.85
C THR BB 59 7.35 114.94 37.15
N MET BB 60 8.55 115.22 37.67
CA MET BB 60 9.44 116.24 37.14
C MET BB 60 10.83 115.64 36.96
N LEU BB 61 11.46 116.02 35.85
CA LEU BB 61 12.85 115.66 35.57
C LEU BB 61 13.63 116.91 35.25
N LEU BB 62 14.71 117.13 36.00
CA LEU BB 62 15.66 118.20 35.77
C LEU BB 62 16.99 117.58 35.37
N THR BB 63 17.51 117.97 34.22
CA THR BB 63 18.76 117.42 33.71
C THR BB 63 19.75 118.55 33.44
N ASP BB 64 20.92 118.46 34.07
CA ASP BB 64 22.01 119.41 33.87
C ASP BB 64 23.20 118.67 33.31
N PRO BB 65 23.51 118.87 32.03
CA PRO BB 65 24.73 118.31 31.45
C PRO BB 65 25.88 119.28 31.51
N VAL BB 66 27.07 118.71 31.69
CA VAL BB 66 28.33 119.46 31.79
C VAL BB 66 29.38 118.75 30.93
N VAL BB 67 30.23 119.54 30.31
CA VAL BB 67 31.37 118.99 29.57
C VAL BB 67 32.51 118.78 30.53
N VAL BB 68 33.20 117.64 30.39
CA VAL BB 68 34.32 117.26 31.25
C VAL BB 68 35.40 116.68 30.36
N LYS BB 69 36.66 117.07 30.61
CA LYS BB 69 37.77 116.48 29.89
C LYS BB 69 37.95 115.03 30.35
N ASP BB 70 38.36 114.19 29.41
CA ASP BB 70 38.56 112.76 29.66
C ASP BB 70 40.01 112.51 30.04
N ALA BB 71 40.26 111.32 30.60
CA ALA BB 71 41.64 110.88 30.84
C ALA BB 71 42.42 110.84 29.53
N SER BB 72 41.75 110.50 28.42
CA SER BB 72 42.34 110.57 27.10
C SER BB 72 42.43 111.99 26.56
N GLY BB 73 41.93 112.98 27.29
CA GLY BB 73 41.86 114.34 26.83
C GLY BB 73 40.60 114.70 26.07
N ALA BB 74 39.95 113.71 25.45
CA ALA BB 74 38.75 113.95 24.67
C ALA BB 74 37.67 114.62 25.51
N ASP BB 75 36.86 115.45 24.85
CA ASP BB 75 35.78 116.13 25.54
C ASP BB 75 34.56 115.21 25.63
N MET BB 76 33.96 115.14 26.82
CA MET BB 76 32.93 114.16 27.13
C MET BB 76 31.79 114.87 27.86
N THR BB 77 30.57 114.72 27.37
CA THR BB 77 29.41 115.38 27.98
C THR BB 77 28.73 114.41 28.94
N ILE BB 78 28.51 114.88 30.17
CA ILE BB 78 28.01 114.06 31.27
C ILE BB 78 26.77 114.73 31.86
N LYS BB 79 25.73 113.94 32.09
CA LYS BB 79 24.46 114.46 32.60
C LYS BB 79 24.28 114.03 34.05
N ALA BB 80 23.74 114.95 34.86
CA ALA BB 80 23.26 114.66 36.21
C ALA BB 80 21.77 114.94 36.26
N ASN BB 81 21.02 114.06 36.93
CA ASN BB 81 19.57 114.13 36.90
C ASN BB 81 18.99 114.25 38.29
N ALA BB 82 17.91 115.00 38.39
CA ALA BB 82 17.08 115.05 39.59
C ALA BB 82 15.65 114.79 39.16
N SER BB 83 14.95 113.92 39.88
CA SER BB 83 13.59 113.57 39.53
C SER BB 83 12.72 113.63 40.78
N VAL BB 84 11.59 114.33 40.68
CA VAL BB 84 10.66 114.47 41.79
C VAL BB 84 9.33 113.86 41.34
N THR BB 85 8.66 113.17 42.26
CA THR BB 85 7.36 112.58 41.99
C THR BB 85 6.43 112.79 43.17
N PHE BB 86 5.29 113.40 42.92
CA PHE BB 86 4.24 113.63 43.90
C PHE BB 86 3.13 112.62 43.65
N SER BB 87 2.87 111.76 44.63
CA SER BB 87 1.71 110.88 44.62
C SER BB 87 0.67 111.49 45.55
N LEU BB 88 -0.42 111.96 44.94
CA LEU BB 88 -1.44 112.71 45.65
C LEU BB 88 -2.79 112.03 45.49
N PRO BB 89 -3.32 111.45 46.56
CA PRO BB 89 -4.67 110.88 46.50
C PRO BB 89 -5.72 111.95 46.29
N LYS BB 90 -6.83 111.56 45.68
CA LYS BB 90 -7.86 112.54 45.36
C LYS BB 90 -8.45 113.16 46.62
N THR BB 91 -8.74 112.33 47.63
CA THR BB 91 -9.36 112.82 48.85
C THR BB 91 -8.44 113.73 49.67
N TYR BB 92 -7.16 113.75 49.36
CA TYR BB 92 -6.21 114.61 50.08
C TYR BB 92 -6.48 116.07 49.76
N PRO BB 93 -6.51 116.97 50.74
CA PRO BB 93 -6.90 118.36 50.46
C PRO BB 93 -5.78 119.19 49.84
N ASN BB 94 -6.18 120.03 48.88
CA ASN BB 94 -5.22 120.86 48.15
C ASN BB 94 -4.34 121.68 49.09
N GLU BB 95 -4.90 122.11 50.21
CA GLU BB 95 -4.12 122.88 51.19
C GLU BB 95 -2.92 122.09 51.68
N HIS BB 96 -3.16 120.90 52.23
CA HIS BB 96 -2.05 120.08 52.72
C HIS BB 96 -1.10 119.65 51.60
N ILE BB 97 -1.58 119.61 50.34
CA ILE BB 97 -0.66 119.39 49.23
C ILE BB 97 0.36 120.54 49.12
N THR BB 98 -0.14 121.78 49.11
CA THR BB 98 0.80 122.92 49.05
C THR BB 98 1.75 122.87 50.22
N LYS BB 99 1.25 122.49 51.40
CA LYS BB 99 2.11 122.30 52.57
C LYS BB 99 3.23 121.31 52.28
N LEU BB 100 2.88 120.16 51.72
CA LEU BB 100 3.87 119.14 51.37
C LEU BB 100 4.95 119.70 50.44
N ARG BB 101 4.53 120.38 49.38
CA ARG BB 101 5.48 120.92 48.42
C ARG BB 101 6.45 121.89 49.09
N GLN BB 102 5.91 122.79 49.92
CA GLN BB 102 6.77 123.78 50.56
C GLN BB 102 7.74 123.12 51.54
N THR BB 103 7.28 122.14 52.33
CA THR BB 103 8.20 121.45 53.23
C THR BB 103 9.29 120.72 52.45
N LEU BB 104 8.98 120.23 51.25
CA LEU BB 104 10.02 119.59 50.44
C LEU BB 104 11.06 120.61 50.00
N ILE BB 105 10.62 121.80 49.58
CA ILE BB 105 11.58 122.86 49.26
C ILE BB 105 12.48 123.14 50.46
N ALA BB 106 11.87 123.29 51.63
CA ALA BB 106 12.63 123.57 52.85
C ALA BB 106 13.68 122.49 53.10
N TRP BB 107 13.26 121.22 53.00
CA TRP BB 107 14.19 120.12 53.22
C TRP BB 107 15.34 120.17 52.23
N LEU BB 108 15.03 120.40 50.95
CA LEU BB 108 16.06 120.45 49.92
C LEU BB 108 17.07 121.55 50.18
N GLY BB 109 16.67 122.58 50.92
CA GLY BB 109 17.60 123.61 51.33
C GLY BB 109 18.56 123.23 52.44
N GLN BB 110 18.16 122.25 53.27
CA GLN BB 110 18.87 121.94 54.50
C GLN BB 110 20.25 121.34 54.23
N GLN BB 111 21.13 121.47 55.22
CA GLN BB 111 22.47 120.94 55.07
C GLN BB 111 22.49 119.41 55.16
N CYS BB 112 21.61 118.83 55.99
CA CYS BB 112 21.56 117.37 56.07
C CYS BB 112 21.17 116.73 54.74
N VAL BB 113 20.52 117.50 53.86
CA VAL BB 113 20.20 117.03 52.53
C VAL BB 113 21.27 117.42 51.53
N SER BB 114 21.82 118.63 51.65
CA SER BB 114 22.79 119.11 50.66
C SER BB 114 24.11 118.34 50.76
N ASP BB 115 24.58 118.08 51.98
CA ASP BB 115 25.88 117.41 52.15
C ASP BB 115 25.95 116.07 51.43
N PRO BB 116 24.99 115.13 51.58
CA PRO BB 116 25.09 113.90 50.78
C PRO BB 116 24.85 114.12 49.30
N VAL BB 117 23.88 114.97 48.94
CA VAL BB 117 23.61 115.22 47.52
C VAL BB 117 24.81 115.90 46.86
N ASP BB 118 25.26 117.02 47.44
CA ASP BB 118 26.28 117.83 46.77
C ASP BB 118 27.64 117.15 46.81
N SER BB 119 28.06 116.65 47.97
CA SER BB 119 29.42 116.22 48.17
C SER BB 119 29.58 114.72 48.40
N GLY BB 120 28.47 113.98 48.52
CA GLY BB 120 28.57 112.55 48.74
C GLY BB 120 28.94 112.13 50.15
N LEU BB 121 28.95 113.05 51.10
CA LEU BB 121 29.22 112.72 52.49
C LEU BB 121 27.92 112.41 53.21
N ASN BB 122 27.91 111.30 53.94
CA ASN BB 122 26.72 110.95 54.72
C ASN BB 122 26.71 111.70 56.04
N ASN BB 123 25.55 111.71 56.68
CA ASN BB 123 25.39 112.38 57.96
C ASN BB 123 25.71 111.42 59.10
N TYR BB 124 25.90 112.00 60.29
CA TYR BB 124 26.29 111.23 61.47
C TYR BB 124 25.79 111.86 62.78
N MET CB 1 -127.28 0.22 -36.66
CA MET CB 1 -128.42 -0.70 -36.79
C MET CB 1 -128.40 -1.75 -35.69
N ARG CB 2 -129.57 -2.04 -35.12
CA ARG CB 2 -129.68 -3.15 -34.18
C ARG CB 2 -129.45 -4.46 -34.92
N LEU CB 3 -128.37 -5.14 -34.57
CA LEU CB 3 -127.94 -6.33 -35.29
C LEU CB 3 -128.97 -7.44 -35.18
N THR CB 4 -129.13 -8.17 -36.29
CA THR CB 4 -129.97 -9.35 -36.33
C THR CB 4 -129.29 -10.35 -37.24
N ASP CB 5 -129.63 -11.63 -37.05
CA ASP CB 5 -129.12 -12.66 -37.96
C ASP CB 5 -129.45 -12.24 -39.39
N VAL CB 6 -128.60 -12.67 -40.33
CA VAL CB 6 -128.67 -12.16 -41.70
C VAL CB 6 -128.81 -13.33 -42.65
N ASP CB 7 -129.67 -13.17 -43.64
CA ASP CB 7 -129.83 -14.16 -44.69
C ASP CB 7 -129.51 -13.49 -46.02
N LEU CB 8 -128.51 -14.02 -46.72
CA LEU CB 8 -128.01 -13.46 -47.97
C LEU CB 8 -128.45 -14.35 -49.12
N THR CB 9 -128.86 -13.72 -50.22
CA THR CB 9 -129.12 -14.44 -51.45
C THR CB 9 -127.84 -14.42 -52.27
N VAL CB 10 -127.29 -15.59 -52.56
CA VAL CB 10 -125.98 -15.72 -53.19
C VAL CB 10 -126.15 -16.55 -54.46
N GLY CB 11 -126.12 -15.88 -55.61
CA GLY CB 11 -126.36 -16.57 -56.85
C GLY CB 11 -127.73 -17.23 -56.81
N GLU CB 12 -127.74 -18.56 -56.78
CA GLU CB 12 -129.00 -19.29 -56.76
C GLU CB 12 -129.16 -20.10 -55.49
N GLU CB 13 -128.45 -19.73 -54.43
CA GLU CB 13 -128.54 -20.39 -53.14
C GLU CB 13 -128.80 -19.30 -52.09
N THR CB 14 -129.16 -19.72 -50.87
CA THR CB 14 -129.34 -18.79 -49.77
C THR CB 14 -128.43 -19.18 -48.62
N ARG CB 15 -127.67 -18.21 -48.13
CA ARG CB 15 -126.67 -18.39 -47.11
C ARG CB 15 -127.13 -17.69 -45.83
N GLU CB 16 -127.08 -18.40 -44.70
CA GLU CB 16 -127.61 -17.90 -43.44
C GLU CB 16 -126.48 -17.71 -42.44
N TYR CB 17 -126.34 -16.48 -41.94
CA TYR CB 17 -125.35 -16.11 -40.94
C TYR CB 17 -126.06 -15.73 -39.64
N ALA CB 18 -125.35 -15.95 -38.54
CA ALA CB 18 -125.82 -15.59 -37.21
C ALA CB 18 -124.79 -14.73 -36.50
N VAL CB 19 -125.27 -13.80 -35.69
CA VAL CB 19 -124.39 -12.90 -34.95
C VAL CB 19 -123.56 -13.71 -33.96
N SER CB 20 -122.24 -13.54 -34.03
CA SER CB 20 -121.31 -14.19 -33.10
C SER CB 20 -120.75 -13.26 -32.03
N GLU CB 21 -120.41 -12.03 -32.38
CA GLU CB 21 -120.09 -11.07 -31.32
C GLU CB 21 -120.25 -9.65 -31.85
N GLN CB 22 -120.54 -8.73 -30.93
CA GLN CB 22 -120.67 -7.32 -31.27
C GLN CB 22 -119.97 -6.48 -30.22
N GLN CB 23 -119.02 -5.66 -30.66
CA GLN CB 23 -118.32 -4.71 -29.83
C GLN CB 23 -118.74 -3.30 -30.25
N GLY CB 24 -118.09 -2.30 -29.67
CA GLY CB 24 -118.45 -0.93 -29.95
C GLY CB 24 -118.29 -0.59 -31.42
N THR CB 25 -117.15 -0.99 -32.01
CA THR CB 25 -116.84 -0.68 -33.40
C THR CB 25 -116.53 -1.94 -34.21
N LEU CB 26 -116.92 -3.11 -33.71
CA LEU CB 26 -116.61 -4.37 -34.37
C LEU CB 26 -117.78 -5.34 -34.23
N PHE CB 27 -118.02 -6.14 -35.27
CA PHE CB 27 -118.97 -7.24 -35.17
C PHE CB 27 -118.51 -8.41 -36.02
N ARG CB 28 -119.06 -9.58 -35.71
CA ARG CB 28 -118.72 -10.82 -36.37
C ARG CB 28 -119.94 -11.73 -36.46
N PHE CB 29 -120.18 -12.21 -37.68
CA PHE CB 29 -121.17 -13.23 -38.02
C PHE CB 29 -120.47 -14.54 -38.37
N VAL CB 30 -121.20 -15.64 -38.14
CA VAL CB 30 -120.75 -16.98 -38.48
C VAL CB 30 -121.81 -17.64 -39.37
N ASP CB 31 -121.34 -18.42 -40.36
CA ASP CB 31 -122.25 -19.19 -41.22
C ASP CB 31 -122.93 -20.28 -40.42
N LYS CB 32 -124.27 -20.27 -40.44
CA LYS CB 32 -125.04 -21.26 -39.68
C LYS CB 32 -124.81 -22.69 -40.15
N SER CB 33 -124.14 -22.87 -41.30
CA SER CB 33 -123.83 -24.21 -41.80
C SER CB 33 -122.84 -24.94 -40.91
N GLY CB 34 -122.14 -24.23 -40.01
CA GLY CB 34 -120.96 -24.76 -39.36
C GLY CB 34 -121.07 -24.84 -37.84
N THR CB 35 -120.08 -25.51 -37.27
CA THR CB 35 -119.90 -25.72 -35.84
C THR CB 35 -118.69 -24.93 -35.37
N VAL CB 36 -118.60 -24.73 -34.05
CA VAL CB 36 -117.31 -24.38 -33.45
C VAL CB 36 -116.23 -25.30 -33.98
N ALA CB 37 -116.49 -26.61 -33.97
CA ALA CB 37 -115.53 -27.59 -34.44
C ALA CB 37 -115.21 -27.39 -35.92
N ASN CB 38 -116.21 -27.52 -36.77
CA ASN CB 38 -116.03 -27.37 -38.20
C ASN CB 38 -116.73 -26.09 -38.64
N ASN CB 39 -115.96 -25.13 -39.14
CA ASN CB 39 -116.47 -23.83 -39.54
C ASN CB 39 -116.66 -23.77 -41.05
N THR CB 40 -117.78 -23.17 -41.48
CA THR CB 40 -118.09 -23.03 -42.90
C THR CB 40 -117.92 -21.62 -43.42
N GLY CB 41 -117.88 -20.61 -42.56
CA GLY CB 41 -117.73 -19.24 -43.03
C GLY CB 41 -117.76 -18.22 -41.91
N VAL CB 42 -117.03 -17.12 -42.09
CA VAL CB 42 -116.99 -16.06 -41.08
C VAL CB 42 -116.97 -14.71 -41.78
N PHE CB 43 -117.61 -13.73 -41.16
CA PHE CB 43 -117.57 -12.36 -41.63
C PHE CB 43 -117.35 -11.43 -40.45
N SER CB 44 -116.44 -10.48 -40.62
CA SER CB 44 -116.10 -9.55 -39.56
C SER CB 44 -115.97 -8.14 -40.15
N LEU CB 45 -116.39 -7.14 -39.37
CA LEU CB 45 -116.32 -5.75 -39.80
C LEU CB 45 -115.91 -4.88 -38.62
N GLU CB 46 -114.98 -3.95 -38.84
CA GLU CB 46 -114.49 -3.03 -37.81
C GLU CB 46 -114.30 -1.63 -38.40
N GLN CB 47 -114.72 -0.61 -37.64
CA GLN CB 47 -114.50 0.78 -38.02
C GLN CB 47 -113.48 1.43 -37.09
N ARG CB 48 -112.61 2.24 -37.67
CA ARG CB 48 -111.57 2.97 -36.95
C ARG CB 48 -111.71 4.44 -37.31
N PHE CB 49 -112.32 5.20 -36.40
CA PHE CB 49 -112.50 6.64 -36.52
C PHE CB 49 -111.21 7.30 -36.08
N GLY CB 50 -110.52 7.97 -37.00
CA GLY CB 50 -109.26 8.61 -36.70
C GLY CB 50 -109.45 10.00 -36.13
N ALA CB 51 -108.34 10.75 -36.08
CA ALA CB 51 -108.44 12.16 -35.71
C ALA CB 51 -109.08 12.97 -36.84
N ALA CB 52 -109.40 14.24 -36.54
CA ALA CB 52 -110.11 15.07 -37.52
C ALA CB 52 -109.30 15.32 -38.78
N ASN CB 53 -107.97 15.18 -38.71
CA ASN CB 53 -107.13 15.21 -39.91
C ASN CB 53 -107.02 13.84 -40.58
N SER CB 54 -107.41 12.78 -39.89
CA SER CB 54 -107.30 11.43 -40.43
C SER CB 54 -108.61 10.99 -41.07
N ASN CB 55 -108.48 10.12 -42.08
CA ASN CB 55 -109.65 9.49 -42.68
C ASN CB 55 -110.12 8.36 -41.77
N ARG CB 56 -111.43 8.26 -41.58
CA ARG CB 56 -111.93 7.08 -40.91
C ARG CB 56 -111.84 5.89 -41.85
N LYS CB 57 -111.66 4.71 -41.28
CA LYS CB 57 -111.41 3.52 -42.06
C LYS CB 57 -112.36 2.41 -41.62
N VAL CB 58 -112.78 1.60 -42.58
CA VAL CB 58 -113.74 0.52 -42.32
C VAL CB 58 -113.25 -0.72 -43.03
N THR CB 59 -113.07 -1.81 -42.29
CA THR CB 59 -112.47 -3.01 -42.87
C THR CB 59 -113.33 -4.24 -42.63
N MET CB 60 -113.45 -5.06 -43.66
CA MET CB 60 -114.24 -6.28 -43.66
C MET CB 60 -113.35 -7.46 -44.05
N LEU CB 61 -113.56 -8.57 -43.36
CA LEU CB 61 -112.91 -9.83 -43.70
C LEU CB 61 -113.96 -10.92 -43.83
N LEU CB 62 -113.99 -11.58 -44.98
CA LEU CB 62 -114.87 -12.70 -45.28
C LEU CB 62 -113.98 -13.91 -45.52
N THR CB 63 -114.17 -14.95 -44.70
CA THR CB 63 -113.39 -16.16 -44.78
C THR CB 63 -114.29 -17.35 -45.10
N ASP CB 64 -113.94 -18.10 -46.14
CA ASP CB 64 -114.67 -19.30 -46.55
C ASP CB 64 -113.71 -20.47 -46.55
N PRO CB 65 -113.82 -21.34 -45.55
CA PRO CB 65 -113.05 -22.58 -45.56
C PRO CB 65 -113.80 -23.72 -46.22
N VAL CB 66 -113.04 -24.57 -46.91
CA VAL CB 66 -113.56 -25.73 -47.62
C VAL CB 66 -112.67 -26.93 -47.29
N VAL CB 67 -113.28 -28.10 -47.19
CA VAL CB 67 -112.50 -29.33 -47.02
C VAL CB 67 -112.16 -29.88 -48.40
N VAL CB 68 -110.88 -30.19 -48.60
CA VAL CB 68 -110.35 -30.69 -49.86
C VAL CB 68 -109.62 -31.99 -49.60
N LYS CB 69 -109.62 -32.87 -50.59
CA LYS CB 69 -108.86 -34.11 -50.53
C LYS CB 69 -107.38 -33.83 -50.64
N ASP CB 70 -106.60 -34.51 -49.81
CA ASP CB 70 -105.16 -34.44 -49.87
C ASP CB 70 -104.63 -35.21 -51.09
N ALA CB 71 -103.40 -34.92 -51.49
CA ALA CB 71 -102.76 -35.73 -52.52
C ALA CB 71 -102.62 -37.18 -52.08
N SER CB 72 -102.44 -37.40 -50.78
CA SER CB 72 -102.48 -38.74 -50.20
C SER CB 72 -103.91 -39.24 -50.03
N GLY CB 73 -104.85 -38.32 -49.86
CA GLY CB 73 -106.25 -38.67 -49.65
C GLY CB 73 -106.83 -38.18 -48.34
N ALA CB 74 -106.01 -37.69 -47.42
CA ALA CB 74 -106.50 -37.21 -46.13
C ALA CB 74 -107.43 -36.02 -46.31
N ASP CB 75 -108.23 -35.77 -45.28
CA ASP CB 75 -109.11 -34.60 -45.25
C ASP CB 75 -108.33 -33.39 -44.77
N MET CB 76 -108.38 -32.31 -45.53
CA MET CB 76 -107.61 -31.12 -45.20
C MET CB 76 -108.47 -29.88 -45.39
N THR CB 77 -108.40 -28.93 -44.46
CA THR CB 77 -109.22 -27.72 -44.54
C THR CB 77 -108.39 -26.56 -45.08
N ILE CB 78 -108.96 -25.86 -46.06
CA ILE CB 78 -108.27 -24.78 -46.78
C ILE CB 78 -109.19 -23.56 -46.77
N LYS CB 79 -108.65 -22.42 -46.37
CA LYS CB 79 -109.41 -21.19 -46.29
C LYS CB 79 -109.08 -20.28 -47.47
N ALA CB 80 -110.10 -19.55 -47.94
CA ALA CB 80 -109.95 -18.48 -48.93
C ALA CB 80 -110.46 -17.19 -48.30
N ASN CB 81 -109.71 -16.11 -48.47
CA ASN CB 81 -110.00 -14.86 -47.78
C ASN CB 81 -110.34 -13.77 -48.78
N ALA CB 82 -111.26 -12.90 -48.41
CA ALA CB 82 -111.50 -11.67 -49.15
C ALA CB 82 -111.60 -10.54 -48.13
N SER CB 83 -110.94 -9.43 -48.41
CA SER CB 83 -110.91 -8.32 -47.46
C SER CB 83 -111.16 -7.01 -48.19
N VAL CB 84 -112.05 -6.20 -47.64
CA VAL CB 84 -112.38 -4.90 -48.20
C VAL CB 84 -111.99 -3.84 -47.18
N THR CB 85 -111.52 -2.69 -47.67
CA THR CB 85 -111.17 -1.56 -46.81
C THR CB 85 -111.63 -0.28 -47.47
N PHE CB 86 -112.49 0.46 -46.76
CA PHE CB 86 -112.98 1.77 -47.17
C PHE CB 86 -112.21 2.83 -46.42
N SER CB 87 -111.47 3.67 -47.15
CA SER CB 87 -110.82 4.84 -46.59
C SER CB 87 -111.67 6.05 -46.96
N LEU CB 88 -112.30 6.63 -45.95
CA LEU CB 88 -113.29 7.70 -46.13
C LEU CB 88 -112.85 8.92 -45.34
N PRO CB 89 -112.43 9.98 -46.02
CA PRO CB 89 -112.13 11.24 -45.32
C PRO CB 89 -113.38 11.86 -44.73
N LYS CB 90 -113.18 12.66 -43.69
CA LYS CB 90 -114.28 13.22 -42.94
C LYS CB 90 -114.83 14.51 -43.54
N THR CB 91 -114.28 14.94 -44.68
CA THR CB 91 -114.85 16.01 -45.49
C THR CB 91 -115.59 15.48 -46.70
N TYR CB 92 -115.58 14.16 -46.89
CA TYR CB 92 -116.25 13.49 -48.00
C TYR CB 92 -117.72 13.28 -47.66
N PRO CB 93 -118.65 13.56 -48.58
CA PRO CB 93 -120.07 13.46 -48.24
C PRO CB 93 -120.60 12.03 -48.23
N ASN CB 94 -121.52 11.79 -47.28
CA ASN CB 94 -122.07 10.46 -47.09
C ASN CB 94 -122.74 9.94 -48.35
N GLU CB 95 -123.40 10.83 -49.10
CA GLU CB 95 -124.02 10.43 -50.36
C GLU CB 95 -123.00 9.75 -51.27
N HIS CB 96 -121.86 10.41 -51.50
CA HIS CB 96 -120.87 9.84 -52.38
C HIS CB 96 -120.20 8.60 -51.79
N ILE CB 97 -120.18 8.45 -50.46
CA ILE CB 97 -119.74 7.19 -49.89
C ILE CB 97 -120.69 6.05 -50.32
N THR CB 98 -122.00 6.30 -50.23
CA THR CB 98 -122.96 5.29 -50.69
C THR CB 98 -122.77 4.99 -52.17
N LYS CB 99 -122.58 6.04 -52.98
CA LYS CB 99 -122.29 5.86 -54.40
C LYS CB 99 -121.07 4.96 -54.60
N LEU CB 100 -120.02 5.20 -53.83
CA LEU CB 100 -118.80 4.41 -53.92
C LEU CB 100 -119.07 2.93 -53.60
N ARG CB 101 -119.79 2.68 -52.50
CA ARG CB 101 -120.07 1.30 -52.12
C ARG CB 101 -120.87 0.58 -53.21
N GLN CB 102 -121.85 1.28 -53.79
CA GLN CB 102 -122.66 0.62 -54.81
C GLN CB 102 -121.86 0.38 -56.09
N THR CB 103 -121.00 1.33 -56.50
CA THR CB 103 -120.15 1.08 -57.66
C THR CB 103 -119.21 -0.08 -57.41
N LEU CB 104 -118.75 -0.26 -56.18
CA LEU CB 104 -117.92 -1.40 -55.86
C LEU CB 104 -118.69 -2.71 -56.03
N ILE CB 105 -119.94 -2.74 -55.55
CA ILE CB 105 -120.77 -3.93 -55.75
C ILE CB 105 -120.91 -4.23 -57.23
N ALA CB 106 -121.21 -3.20 -58.02
CA ALA CB 106 -121.37 -3.39 -59.46
C ALA CB 106 -120.09 -3.93 -60.09
N TRP CB 107 -118.95 -3.38 -59.71
CA TRP CB 107 -117.67 -3.85 -60.25
C TRP CB 107 -117.42 -5.30 -59.88
N LEU CB 108 -117.68 -5.67 -58.63
CA LEU CB 108 -117.51 -7.05 -58.20
C LEU CB 108 -118.43 -8.00 -58.97
N GLY CB 109 -119.52 -7.47 -59.52
CA GLY CB 109 -120.36 -8.26 -60.41
C GLY CB 109 -119.78 -8.52 -61.79
N GLN CB 110 -118.91 -7.62 -62.25
CA GLN CB 110 -118.48 -7.61 -63.66
C GLN CB 110 -117.67 -8.85 -64.02
N GLN CB 111 -117.70 -9.19 -65.31
CA GLN CB 111 -116.93 -10.34 -65.76
C GLN CB 111 -115.44 -10.06 -65.76
N CYS CB 112 -115.04 -8.81 -66.04
CA CYS CB 112 -113.62 -8.49 -66.04
C CYS CB 112 -113.02 -8.56 -64.65
N VAL CB 113 -113.84 -8.47 -63.61
CA VAL CB 113 -113.38 -8.75 -62.25
C VAL CB 113 -113.55 -10.23 -61.92
N SER CB 114 -114.58 -10.87 -62.47
CA SER CB 114 -114.86 -12.26 -62.14
C SER CB 114 -113.77 -13.19 -62.67
N ASP CB 115 -113.35 -13.01 -63.91
CA ASP CB 115 -112.40 -13.95 -64.52
C ASP CB 115 -111.10 -14.09 -63.74
N PRO CB 116 -110.38 -13.01 -63.39
CA PRO CB 116 -109.16 -13.22 -62.58
C PRO CB 116 -109.45 -13.77 -61.19
N VAL CB 117 -110.48 -13.26 -60.52
CA VAL CB 117 -110.79 -13.74 -59.17
C VAL CB 117 -111.23 -15.20 -59.21
N ASP CB 118 -112.28 -15.50 -59.98
CA ASP CB 118 -112.89 -16.82 -59.91
C ASP CB 118 -111.98 -17.89 -60.51
N SER CB 119 -111.34 -17.61 -61.65
CA SER CB 119 -110.64 -18.65 -62.40
C SER CB 119 -109.16 -18.38 -62.60
N GLY CB 120 -108.67 -17.17 -62.34
CA GLY CB 120 -107.28 -16.85 -62.52
C GLY CB 120 -106.90 -16.35 -63.90
N LEU CB 121 -107.85 -16.30 -64.83
CA LEU CB 121 -107.55 -15.78 -66.15
C LEU CB 121 -107.46 -14.25 -66.11
N ASN CB 122 -106.40 -13.71 -66.70
CA ASN CB 122 -106.31 -12.26 -66.85
C ASN CB 122 -107.09 -11.79 -68.08
N ASN CB 123 -107.47 -10.53 -68.07
CA ASN CB 123 -108.15 -9.96 -69.21
C ASN CB 123 -107.14 -9.44 -70.23
N TYR CB 124 -107.60 -9.27 -71.46
CA TYR CB 124 -106.70 -8.87 -72.54
C TYR CB 124 -107.32 -7.84 -73.47
N MET DB 1 -131.02 1.48 -19.74
CA MET DB 1 -132.18 1.45 -20.65
C MET DB 1 -131.80 0.84 -21.98
N ARG DB 2 -132.82 0.46 -22.75
CA ARG DB 2 -132.60 -0.05 -24.11
C ARG DB 2 -132.52 1.14 -25.06
N LEU DB 3 -131.31 1.38 -25.60
CA LEU DB 3 -131.07 2.54 -26.44
C LEU DB 3 -131.97 2.57 -27.67
N THR DB 4 -132.60 3.71 -27.88
CA THR DB 4 -133.42 3.97 -29.05
C THR DB 4 -133.07 5.35 -29.55
N ASP DB 5 -133.20 5.56 -30.86
CA ASP DB 5 -132.95 6.89 -31.43
C ASP DB 5 -133.78 7.92 -30.67
N VAL DB 6 -133.22 9.11 -30.51
CA VAL DB 6 -133.78 10.09 -29.59
C VAL DB 6 -134.13 11.35 -30.38
N ASP DB 7 -135.24 11.97 -30.02
CA ASP DB 7 -135.62 13.26 -30.59
C ASP DB 7 -135.79 14.28 -29.46
N LEU DB 8 -135.02 15.35 -29.55
CA LEU DB 8 -134.95 16.36 -28.51
C LEU DB 8 -135.69 17.60 -28.98
N THR DB 9 -136.49 18.17 -28.11
CA THR DB 9 -137.15 19.44 -28.38
C THR DB 9 -136.23 20.53 -27.88
N VAL DB 10 -135.67 21.30 -28.81
CA VAL DB 10 -134.65 22.30 -28.53
C VAL DB 10 -135.21 23.66 -28.89
N GLY DB 11 -135.68 24.40 -27.88
CA GLY DB 11 -136.35 25.65 -28.14
C GLY DB 11 -137.57 25.42 -29.00
N GLU DB 12 -137.54 25.91 -30.23
CA GLU DB 12 -138.66 25.73 -31.14
C GLU DB 12 -138.32 24.82 -32.30
N GLU DB 13 -137.27 24.01 -32.16
CA GLU DB 13 -136.83 23.11 -33.21
C GLU DB 13 -136.78 21.71 -32.63
N THR DB 14 -136.62 20.71 -33.49
CA THR DB 14 -136.47 19.34 -33.05
C THR DB 14 -135.19 18.76 -33.63
N ARG DB 15 -134.27 18.36 -32.76
CA ARG DB 15 -133.05 17.67 -33.13
C ARG DB 15 -133.29 16.17 -33.07
N GLU DB 16 -132.72 15.44 -34.03
CA GLU DB 16 -132.98 14.00 -34.15
C GLU DB 16 -131.66 13.24 -34.22
N TYR DB 17 -131.36 12.50 -33.16
CA TYR DB 17 -130.13 11.75 -33.05
C TYR DB 17 -130.39 10.26 -33.21
N ALA DB 18 -129.42 9.58 -33.79
CA ALA DB 18 -129.42 8.14 -34.00
C ALA DB 18 -128.26 7.49 -33.26
N VAL DB 19 -128.51 6.30 -32.71
CA VAL DB 19 -127.47 5.57 -32.01
C VAL DB 19 -126.34 5.25 -32.97
N SER DB 20 -125.12 5.62 -32.58
CA SER DB 20 -123.94 5.39 -33.41
C SER DB 20 -122.97 4.38 -32.83
N GLU DB 21 -122.87 4.25 -31.51
CA GLU DB 21 -122.17 3.08 -30.97
C GLU DB 21 -122.59 2.83 -29.53
N GLN DB 22 -122.54 1.55 -29.14
CA GLN DB 22 -122.83 1.12 -27.78
C GLN DB 22 -121.75 0.15 -27.34
N GLN DB 23 -121.00 0.52 -26.30
CA GLN DB 23 -120.01 -0.34 -25.69
C GLN DB 23 -120.54 -0.79 -24.34
N GLY DB 24 -119.64 -1.28 -23.50
CA GLY DB 24 -120.05 -1.70 -22.17
C GLY DB 24 -120.58 -0.53 -21.38
N THR DB 25 -119.74 0.47 -21.16
CA THR DB 25 -120.05 1.62 -20.33
C THR DB 25 -120.15 2.92 -21.13
N LEU DB 26 -120.11 2.84 -22.46
CA LEU DB 26 -120.06 4.00 -23.31
C LEU DB 26 -121.09 3.89 -24.42
N PHE DB 27 -121.69 5.03 -24.78
CA PHE DB 27 -122.58 5.11 -25.93
C PHE DB 27 -122.38 6.44 -26.64
N ARG DB 28 -122.85 6.47 -27.89
CA ARG DB 28 -122.66 7.64 -28.74
C ARG DB 28 -123.83 7.74 -29.72
N PHE DB 29 -124.48 8.90 -29.72
CA PHE DB 29 -125.51 9.31 -30.66
C PHE DB 29 -124.94 10.31 -31.67
N VAL DB 30 -125.64 10.45 -32.78
CA VAL DB 30 -125.18 11.25 -33.90
C VAL DB 30 -126.37 11.99 -34.50
N ASP DB 31 -126.19 13.29 -34.82
CA ASP DB 31 -127.26 14.08 -35.41
C ASP DB 31 -127.62 13.54 -36.79
N LYS DB 32 -128.88 13.10 -36.93
CA LYS DB 32 -129.32 12.50 -38.20
C LYS DB 32 -129.20 13.49 -39.35
N SER DB 33 -129.36 14.77 -39.07
CA SER DB 33 -129.34 15.82 -40.08
C SER DB 33 -127.96 16.07 -40.67
N GLY DB 34 -126.96 15.27 -40.32
CA GLY DB 34 -125.62 15.51 -40.80
C GLY DB 34 -125.44 14.97 -42.21
N THR DB 35 -124.79 15.77 -43.07
CA THR DB 35 -124.49 15.36 -44.43
C THR DB 35 -123.08 14.80 -44.57
N VAL DB 36 -122.13 15.37 -43.83
CA VAL DB 36 -120.74 14.94 -43.87
C VAL DB 36 -120.33 14.63 -42.43
N ALA DB 37 -119.25 13.86 -42.30
CA ALA DB 37 -118.69 13.57 -40.99
C ALA DB 37 -118.41 14.86 -40.21
N ASN DB 38 -117.72 15.82 -40.83
CA ASN DB 38 -117.42 17.09 -40.16
C ASN DB 38 -118.68 17.93 -39.97
N ASN DB 39 -119.64 17.82 -40.88
CA ASN DB 39 -120.93 18.50 -40.71
C ASN DB 39 -121.66 18.00 -39.46
N THR DB 40 -121.41 16.75 -39.05
CA THR DB 40 -122.30 16.02 -38.17
C THR DB 40 -122.00 16.28 -36.69
N GLY DB 41 -123.01 16.74 -35.95
CA GLY DB 41 -122.89 16.84 -34.51
C GLY DB 41 -123.01 15.49 -33.83
N VAL DB 42 -122.44 15.40 -32.63
CA VAL DB 42 -122.39 14.12 -31.92
C VAL DB 42 -122.58 14.34 -30.43
N PHE DB 43 -122.96 13.26 -29.75
CA PHE DB 43 -123.10 13.27 -28.30
C PHE DB 43 -122.68 11.91 -27.76
N SER DB 44 -121.80 11.93 -26.76
CA SER DB 44 -121.24 10.71 -26.23
C SER DB 44 -121.28 10.75 -24.70
N LEU DB 45 -121.45 9.56 -24.10
CA LEU DB 45 -121.48 9.44 -22.64
C LEU DB 45 -120.77 8.17 -22.23
N GLU DB 46 -120.04 8.25 -21.12
CA GLU DB 46 -119.26 7.13 -20.60
C GLU DB 46 -119.28 7.17 -19.08
N GLN DB 47 -119.49 6.02 -18.46
CA GLN DB 47 -119.41 5.88 -17.01
C GLN DB 47 -118.16 5.11 -16.64
N ARG DB 48 -117.46 5.60 -15.61
CA ARG DB 48 -116.27 4.98 -15.07
C ARG DB 48 -116.58 4.70 -13.60
N PHE DB 49 -116.92 3.45 -13.32
CA PHE DB 49 -117.20 2.99 -11.96
C PHE DB 49 -115.88 2.67 -11.28
N GLY DB 50 -115.63 3.29 -10.13
CA GLY DB 50 -114.37 3.12 -9.43
C GLY DB 50 -114.43 1.99 -8.41
N ALA DB 51 -113.36 1.89 -7.62
CA ALA DB 51 -113.36 1.00 -6.47
C ALA DB 51 -114.32 1.52 -5.40
N ALA DB 52 -114.47 0.75 -4.32
CA ALA DB 52 -115.44 1.13 -3.29
C ALA DB 52 -115.03 2.40 -2.57
N ASN DB 53 -113.74 2.71 -2.52
CA ASN DB 53 -113.29 3.98 -1.95
C ASN DB 53 -113.37 5.12 -2.93
N SER DB 54 -113.61 4.83 -4.22
CA SER DB 54 -113.68 5.85 -5.24
C SER DB 54 -115.12 6.31 -5.45
N ASN DB 55 -115.25 7.40 -6.19
CA ASN DB 55 -116.54 7.88 -6.68
C ASN DB 55 -116.69 7.43 -8.12
N ARG DB 56 -117.89 7.00 -8.49
CA ARG DB 56 -118.12 6.74 -9.91
C ARG DB 56 -118.24 8.08 -10.63
N LYS DB 57 -117.79 8.11 -11.88
CA LYS DB 57 -117.78 9.32 -12.66
C LYS DB 57 -118.52 9.09 -13.97
N VAL DB 58 -119.38 10.01 -14.35
CA VAL DB 58 -120.08 9.94 -15.64
C VAL DB 58 -119.72 11.19 -16.42
N THR DB 59 -119.30 11.01 -17.66
CA THR DB 59 -118.88 12.12 -18.49
C THR DB 59 -119.66 12.12 -19.80
N MET DB 60 -119.98 13.33 -20.28
CA MET DB 60 -120.69 13.53 -21.52
C MET DB 60 -119.98 14.61 -22.32
N LEU DB 61 -119.92 14.38 -23.63
CA LEU DB 61 -119.40 15.35 -24.57
C LEU DB 61 -120.42 15.58 -25.69
N LEU DB 62 -120.76 16.85 -25.91
CA LEU DB 62 -121.66 17.28 -26.96
C LEU DB 62 -120.87 18.18 -27.90
N THR DB 63 -120.83 17.80 -29.18
CA THR DB 63 -120.09 18.52 -30.21
C THR DB 63 -121.05 19.00 -31.29
N ASP DB 64 -121.04 20.31 -31.55
CA ASP DB 64 -121.92 20.91 -32.55
C ASP DB 64 -121.09 21.73 -33.52
N PRO DB 65 -120.70 21.15 -34.65
CA PRO DB 65 -119.99 21.91 -35.68
C PRO DB 65 -120.93 22.72 -36.57
N VAL DB 66 -120.39 23.81 -37.12
CA VAL DB 66 -121.12 24.70 -38.02
C VAL DB 66 -120.18 25.12 -39.16
N VAL DB 67 -120.74 25.41 -40.33
CA VAL DB 67 -119.95 25.83 -41.48
C VAL DB 67 -119.90 27.35 -41.53
N VAL DB 68 -118.69 27.90 -41.63
CA VAL DB 68 -118.48 29.34 -41.75
C VAL DB 68 -117.70 29.65 -43.02
N MET DB 76 -114.86 26.68 -44.24
CA MET DB 76 -114.35 26.10 -43.00
C MET DB 76 -115.49 25.69 -42.04
N THR DB 77 -115.27 24.60 -41.30
CA THR DB 77 -116.22 24.14 -40.28
C THR DB 77 -115.58 24.27 -38.91
N ILE DB 78 -116.33 24.87 -37.98
CA ILE DB 78 -115.87 25.22 -36.65
C ILE DB 78 -116.70 24.44 -35.64
N LYS DB 79 -116.02 23.84 -34.66
CA LYS DB 79 -116.66 22.96 -33.69
C LYS DB 79 -116.66 23.60 -32.29
N ALA DB 80 -117.80 23.51 -31.62
CA ALA DB 80 -117.93 23.95 -30.23
C ALA DB 80 -118.38 22.78 -29.35
N ASN DB 81 -117.83 22.73 -28.14
CA ASN DB 81 -118.01 21.57 -27.27
C ASN DB 81 -118.65 21.98 -25.95
N ALA DB 82 -119.55 21.14 -25.46
CA ALA DB 82 -120.00 21.18 -24.08
C ALA DB 82 -119.67 19.85 -23.44
N SER DB 83 -119.12 19.88 -22.22
CA SER DB 83 -118.75 18.66 -21.54
C SER DB 83 -119.25 18.71 -20.11
N VAL DB 84 -120.01 17.70 -19.71
CA VAL DB 84 -120.54 17.59 -18.36
C VAL DB 84 -119.87 16.39 -17.69
N THR DB 85 -119.60 16.51 -16.39
CA THR DB 85 -119.02 15.42 -15.61
C THR DB 85 -119.67 15.40 -14.23
N PHE DB 86 -120.25 14.24 -13.89
CA PHE DB 86 -120.89 13.99 -12.61
C PHE DB 86 -119.95 13.13 -11.78
N SER DB 87 -119.49 13.65 -10.65
CA SER DB 87 -118.71 12.89 -9.68
C SER DB 87 -119.64 12.52 -8.54
N LEU DB 88 -119.93 11.23 -8.41
CA LEU DB 88 -120.96 10.73 -7.51
C LEU DB 88 -120.36 9.69 -6.58
N PRO DB 89 -120.24 9.98 -5.29
CA PRO DB 89 -119.82 8.97 -4.32
C PRO DB 89 -120.88 7.88 -4.18
N LYS DB 90 -120.42 6.66 -3.91
CA LYS DB 90 -121.35 5.54 -3.90
C LYS DB 90 -122.33 5.64 -2.75
N THR DB 91 -121.88 6.06 -1.57
CA THR DB 91 -122.76 6.21 -0.42
C THR DB 91 -123.83 7.29 -0.63
N TYR DB 92 -123.63 8.17 -1.61
CA TYR DB 92 -124.56 9.27 -1.88
C TYR DB 92 -125.87 8.71 -2.44
N PRO DB 93 -127.04 9.18 -1.99
CA PRO DB 93 -128.30 8.52 -2.35
C PRO DB 93 -128.81 8.88 -3.76
N ASN DB 94 -129.31 7.85 -4.44
CA ASN DB 94 -129.76 8.00 -5.81
C ASN DB 94 -130.81 9.10 -5.95
N GLU DB 95 -131.67 9.27 -4.95
CA GLU DB 95 -132.68 10.32 -5.01
C GLU DB 95 -132.03 11.70 -5.11
N HIS DB 96 -131.08 12.00 -4.22
CA HIS DB 96 -130.39 13.28 -4.29
C HIS DB 96 -129.56 13.44 -5.56
N ILE DB 97 -129.12 12.34 -6.18
CA ILE DB 97 -128.48 12.46 -7.50
C ILE DB 97 -129.48 12.96 -8.55
N THR DB 98 -130.66 12.34 -8.60
CA THR DB 98 -131.69 12.82 -9.53
C THR DB 98 -131.95 14.31 -9.30
N LYS DB 99 -132.02 14.70 -8.03
CA LYS DB 99 -132.15 16.12 -7.68
C LYS DB 99 -131.04 16.96 -8.30
N LEU DB 100 -129.78 16.54 -8.10
CA LEU DB 100 -128.66 17.29 -8.62
C LEU DB 100 -128.77 17.49 -10.13
N ARG DB 101 -129.06 16.41 -10.87
CA ARG DB 101 -129.18 16.52 -12.31
C ARG DB 101 -130.26 17.54 -12.71
N GLN DB 102 -131.42 17.45 -12.06
CA GLN DB 102 -132.51 18.36 -12.42
C GLN DB 102 -132.15 19.81 -12.14
N THR DB 103 -131.47 20.08 -11.01
CA THR DB 103 -131.09 21.46 -10.70
C THR DB 103 -130.04 21.97 -11.66
N LEU DB 104 -129.16 21.10 -12.18
CA LEU DB 104 -128.23 21.54 -13.21
C LEU DB 104 -128.98 21.95 -14.47
N ILE DB 105 -130.00 21.17 -14.86
CA ILE DB 105 -130.84 21.58 -15.99
C ILE DB 105 -131.43 22.95 -15.75
N ALA DB 106 -132.02 23.15 -14.57
CA ALA DB 106 -132.63 24.44 -14.23
C ALA DB 106 -131.62 25.57 -14.32
N TRP DB 107 -130.41 25.34 -13.81
CA TRP DB 107 -129.38 26.38 -13.86
C TRP DB 107 -129.02 26.73 -15.29
N LEU DB 108 -128.79 25.71 -16.13
CA LEU DB 108 -128.49 25.92 -17.53
C LEU DB 108 -129.61 26.67 -18.26
N GLY DB 109 -130.81 26.68 -17.69
CA GLY DB 109 -131.87 27.52 -18.20
C GLY DB 109 -131.73 29.02 -17.97
N GLN DB 110 -131.09 29.40 -16.85
CA GLN DB 110 -131.17 30.75 -16.34
C GLN DB 110 -130.38 31.76 -17.17
N GLN DB 111 -130.75 33.03 -17.03
CA GLN DB 111 -130.08 34.10 -17.77
C GLN DB 111 -128.65 34.26 -17.33
N CYS DB 112 -128.40 34.19 -16.02
CA CYS DB 112 -127.05 34.37 -15.51
C CYS DB 112 -126.08 33.34 -16.08
N VAL DB 113 -126.60 32.24 -16.62
CA VAL DB 113 -125.78 31.25 -17.31
C VAL DB 113 -125.79 31.46 -18.82
N SER DB 114 -126.95 31.81 -19.39
CA SER DB 114 -127.02 31.98 -20.84
C SER DB 114 -126.20 33.17 -21.32
N ASP DB 115 -126.23 34.29 -20.58
CA ASP DB 115 -125.54 35.48 -21.01
C ASP DB 115 -124.02 35.25 -21.22
N PRO DB 116 -123.30 34.63 -20.29
CA PRO DB 116 -121.87 34.35 -20.60
C PRO DB 116 -121.70 33.24 -21.62
N VAL DB 117 -122.46 32.15 -21.53
CA VAL DB 117 -122.30 31.07 -22.50
C VAL DB 117 -122.67 31.54 -23.90
N ASP DB 118 -123.90 32.03 -24.07
CA ASP DB 118 -124.40 32.33 -25.41
C ASP DB 118 -123.63 33.48 -26.05
N SER DB 119 -123.56 34.62 -25.37
CA SER DB 119 -123.02 35.83 -25.98
C SER DB 119 -121.76 36.37 -25.32
N GLY DB 120 -121.34 35.82 -24.18
CA GLY DB 120 -120.13 36.28 -23.54
C GLY DB 120 -120.30 37.42 -22.55
N LEU DB 121 -121.53 37.82 -22.26
CA LEU DB 121 -121.77 38.85 -21.25
C LEU DB 121 -121.56 38.25 -19.87
N ASN DB 122 -120.67 38.85 -19.08
CA ASN DB 122 -120.57 38.45 -17.70
C ASN DB 122 -121.64 39.16 -16.87
N ASN DB 123 -121.89 38.61 -15.69
CA ASN DB 123 -122.90 39.19 -14.82
C ASN DB 123 -122.25 40.22 -13.90
N TYR DB 124 -123.03 41.25 -13.59
CA TYR DB 124 -122.52 42.38 -12.84
C TYR DB 124 -123.53 42.85 -11.82
N MET EB 1 -127.59 -14.48 -28.64
CA MET EB 1 -128.87 -14.01 -28.14
C MET EB 1 -128.87 -12.50 -28.04
N ARG EB 2 -129.99 -11.87 -28.38
CA ARG EB 2 -130.18 -10.43 -28.16
C ARG EB 2 -130.42 -10.20 -26.67
N LEU EB 3 -129.44 -9.66 -25.98
CA LEU EB 3 -129.52 -9.54 -24.54
C LEU EB 3 -130.61 -8.57 -24.13
N THR EB 4 -131.47 -9.01 -23.22
CA THR EB 4 -132.44 -8.14 -22.57
C THR EB 4 -132.57 -8.59 -21.12
N ASP EB 5 -133.19 -7.71 -20.32
CA ASP EB 5 -133.40 -8.01 -18.90
C ASP EB 5 -134.08 -9.36 -18.75
N VAL EB 6 -133.78 -10.06 -17.66
CA VAL EB 6 -134.39 -11.36 -17.42
C VAL EB 6 -134.95 -11.41 -16.01
N ASP EB 7 -135.93 -12.29 -15.84
CA ASP EB 7 -136.51 -12.59 -14.54
C ASP EB 7 -136.36 -14.09 -14.30
N LEU EB 8 -135.84 -14.46 -13.14
CA LEU EB 8 -135.56 -15.84 -12.80
C LEU EB 8 -136.56 -16.34 -11.76
N THR EB 9 -136.98 -17.58 -11.93
CA THR EB 9 -137.83 -18.24 -10.96
C THR EB 9 -136.92 -18.98 -9.97
N VAL EB 10 -136.93 -18.57 -8.72
CA VAL EB 10 -136.00 -19.07 -7.71
C VAL EB 10 -136.83 -19.64 -6.57
N GLY EB 11 -136.99 -20.96 -6.56
CA GLY EB 11 -137.83 -21.59 -5.57
C GLY EB 11 -139.24 -21.03 -5.65
N GLU EB 12 -139.66 -20.30 -4.62
CA GLU EB 12 -140.99 -19.73 -4.58
C GLU EB 12 -140.96 -18.21 -4.60
N GLU EB 13 -139.89 -17.62 -5.15
CA GLU EB 13 -139.80 -16.18 -5.32
C GLU EB 13 -139.36 -15.89 -6.75
N THR EB 14 -139.50 -14.63 -7.14
CA THR EB 14 -139.07 -14.19 -8.46
C THR EB 14 -137.98 -13.14 -8.31
N ARG EB 15 -136.87 -13.36 -9.01
CA ARG EB 15 -135.68 -12.53 -8.93
C ARG EB 15 -135.56 -11.76 -10.25
N GLU EB 16 -135.45 -10.43 -10.17
CA GLU EB 16 -135.46 -9.60 -11.37
C GLU EB 16 -134.09 -8.98 -11.59
N TYR EB 17 -133.45 -9.33 -12.71
CA TYR EB 17 -132.17 -8.73 -13.07
C TYR EB 17 -132.37 -7.79 -14.25
N ALA EB 18 -131.42 -6.86 -14.39
CA ALA EB 18 -131.40 -5.91 -15.48
C ALA EB 18 -130.00 -5.84 -16.06
N VAL EB 19 -129.92 -5.70 -17.38
CA VAL EB 19 -128.62 -5.63 -18.04
C VAL EB 19 -127.88 -4.40 -17.55
N SER EB 20 -126.67 -4.62 -17.02
CA SER EB 20 -125.82 -3.53 -16.55
C SER EB 20 -124.67 -3.22 -17.49
N GLU EB 21 -124.18 -4.19 -18.25
CA GLU EB 21 -123.29 -3.86 -19.37
C GLU EB 21 -123.21 -5.04 -20.33
N GLN EB 22 -122.95 -4.73 -21.60
CA GLN EB 22 -122.75 -5.76 -22.62
C GLN EB 22 -121.56 -5.39 -23.47
N GLN EB 23 -120.55 -6.26 -23.47
CA GLN EB 23 -119.36 -6.13 -24.32
C GLN EB 23 -119.34 -7.30 -25.30
N GLY EB 24 -118.25 -7.35 -26.08
CA GLY EB 24 -118.17 -8.33 -27.14
C GLY EB 24 -118.22 -9.74 -26.62
N THR EB 25 -117.42 -10.05 -25.60
CA THR EB 25 -117.32 -11.38 -25.01
C THR EB 25 -117.78 -11.43 -23.57
N LEU EB 26 -118.30 -10.32 -23.04
CA LEU EB 26 -118.65 -10.21 -21.63
C LEU EB 26 -120.00 -9.52 -21.48
N PHE EB 27 -120.76 -9.92 -20.45
CA PHE EB 27 -121.96 -9.20 -20.08
C PHE EB 27 -122.17 -9.29 -18.57
N ARG EB 28 -122.97 -8.35 -18.06
CA ARG EB 28 -123.23 -8.22 -16.63
C ARG EB 28 -124.66 -7.78 -16.40
N PHE EB 29 -125.35 -8.52 -15.53
CA PHE EB 29 -126.67 -8.21 -14.99
C PHE EB 29 -126.55 -7.78 -13.53
N VAL EB 30 -127.52 -6.98 -13.09
CA VAL EB 30 -127.60 -6.50 -11.71
C VAL EB 30 -129.02 -6.75 -11.19
N ASP EB 31 -129.13 -7.17 -9.92
CA ASP EB 31 -130.44 -7.39 -9.29
C ASP EB 31 -131.17 -6.06 -9.15
N LYS EB 32 -132.40 -6.01 -9.70
CA LYS EB 32 -133.16 -4.77 -9.75
C LYS EB 32 -133.53 -4.25 -8.37
N SER EB 33 -133.43 -5.07 -7.32
CA SER EB 33 -133.77 -4.66 -5.97
C SER EB 33 -132.66 -3.86 -5.28
N GLY EB 34 -131.63 -3.44 -6.01
CA GLY EB 34 -130.42 -2.91 -5.40
C GLY EB 34 -130.09 -1.47 -5.84
N THR EB 35 -129.13 -0.90 -5.11
CA THR EB 35 -128.59 0.44 -5.33
C THR EB 35 -127.08 0.34 -5.47
N VAL EB 36 -126.46 1.38 -6.03
CA VAL EB 36 -125.01 1.48 -5.93
C VAL EB 36 -124.57 1.42 -4.48
N ALA EB 37 -125.31 2.11 -3.60
CA ALA EB 37 -124.97 2.13 -2.19
C ALA EB 37 -125.17 0.76 -1.56
N ASN EB 38 -126.35 0.18 -1.75
CA ASN EB 38 -126.65 -1.15 -1.20
C ASN EB 38 -126.93 -2.10 -2.36
N ASN EB 39 -125.91 -2.84 -2.77
CA ASN EB 39 -126.06 -3.81 -3.84
C ASN EB 39 -126.62 -5.12 -3.29
N THR EB 40 -127.39 -5.80 -4.13
CA THR EB 40 -128.11 -6.99 -3.71
C THR EB 40 -127.79 -8.23 -4.55
N GLY EB 41 -127.13 -8.07 -5.69
CA GLY EB 41 -126.80 -9.21 -6.51
C GLY EB 41 -126.23 -8.80 -7.85
N VAL EB 42 -125.25 -9.56 -8.33
CA VAL EB 42 -124.68 -9.31 -9.66
C VAL EB 42 -124.38 -10.67 -10.30
N PHE EB 43 -124.49 -10.70 -11.62
CA PHE EB 43 -124.12 -11.87 -12.40
C PHE EB 43 -123.32 -11.40 -13.60
N SER EB 44 -122.23 -12.11 -13.90
CA SER EB 44 -121.38 -11.73 -15.00
C SER EB 44 -120.89 -12.99 -15.71
N LEU EB 45 -120.72 -12.88 -17.03
CA LEU EB 45 -120.26 -14.01 -17.83
C LEU EB 45 -119.33 -13.51 -18.92
N GLU EB 46 -118.25 -14.28 -19.16
CA GLU EB 46 -117.26 -13.95 -20.16
C GLU EB 46 -116.81 -15.21 -20.88
N GLN EB 47 -116.65 -15.13 -22.19
CA GLN EB 47 -116.08 -16.21 -22.97
C GLN EB 47 -114.70 -15.80 -23.48
N ARG EB 48 -113.71 -16.63 -23.21
CA ARG EB 48 -112.39 -16.54 -23.83
C ARG EB 48 -112.33 -17.66 -24.86
N PHE EB 49 -112.66 -17.32 -26.10
CA PHE EB 49 -112.48 -18.25 -27.21
C PHE EB 49 -110.99 -18.43 -27.44
N GLY EB 50 -110.50 -19.64 -27.23
CA GLY EB 50 -109.07 -19.87 -27.23
C GLY EB 50 -108.46 -19.91 -28.62
N ALA EB 51 -107.13 -20.02 -28.63
CA ALA EB 51 -106.42 -20.29 -29.87
C ALA EB 51 -106.90 -21.60 -30.49
N ALA EB 52 -106.57 -21.79 -31.77
CA ALA EB 52 -107.10 -22.92 -32.52
C ALA EB 52 -106.71 -24.25 -31.89
N ASN EB 53 -105.60 -24.29 -31.14
CA ASN EB 53 -105.20 -25.51 -30.46
C ASN EB 53 -105.87 -25.68 -29.11
N SER EB 54 -106.20 -24.58 -28.44
CA SER EB 54 -106.69 -24.61 -27.07
C SER EB 54 -108.21 -24.79 -27.03
N ASN EB 55 -108.69 -25.11 -25.84
CA ASN EB 55 -110.12 -25.12 -25.56
C ASN EB 55 -110.63 -23.70 -25.34
N ARG EB 56 -111.91 -23.50 -25.61
CA ARG EB 56 -112.51 -22.23 -25.24
C ARG EB 56 -113.07 -22.34 -23.82
N LYS EB 57 -113.05 -21.21 -23.11
CA LYS EB 57 -113.46 -21.16 -21.73
C LYS EB 57 -114.63 -20.18 -21.59
N VAL EB 58 -115.62 -20.56 -20.79
CA VAL EB 58 -116.70 -19.67 -20.42
C VAL EB 58 -116.77 -19.63 -18.90
N THR EB 59 -116.76 -18.43 -18.35
CA THR EB 59 -116.75 -18.26 -16.90
C THR EB 59 -117.90 -17.37 -16.48
N MET EB 60 -118.51 -17.72 -15.35
CA MET EB 60 -119.62 -16.98 -14.75
C MET EB 60 -119.33 -16.75 -13.28
N LEU EB 61 -119.69 -15.55 -12.82
CA LEU EB 61 -119.60 -15.18 -11.43
C LEU EB 61 -120.94 -14.63 -10.97
N LEU EB 62 -121.50 -15.25 -9.93
CA LEU EB 62 -122.72 -14.81 -9.27
C LEU EB 62 -122.35 -14.35 -7.86
N THR EB 63 -122.69 -13.12 -7.52
CA THR EB 63 -122.37 -12.56 -6.21
C THR EB 63 -123.64 -12.06 -5.54
N ASP EB 64 -123.89 -12.58 -4.33
CA ASP EB 64 -125.03 -12.17 -3.53
C ASP EB 64 -124.50 -11.58 -2.23
N PRO EB 65 -124.59 -10.26 -2.07
CA PRO EB 65 -124.23 -9.65 -0.79
C PRO EB 65 -125.45 -9.48 0.12
N VAL EB 66 -125.19 -9.60 1.42
CA VAL EB 66 -126.20 -9.49 2.46
C VAL EB 66 -125.64 -8.63 3.58
N VAL EB 67 -126.50 -7.84 4.19
CA VAL EB 67 -126.12 -7.07 5.36
C VAL EB 67 -126.31 -7.93 6.60
N VAL EB 68 -125.34 -7.86 7.51
CA VAL EB 68 -125.34 -8.63 8.75
C VAL EB 68 -124.89 -7.73 9.87
N LYS EB 69 -125.58 -7.81 11.01
CA LYS EB 69 -125.16 -7.06 12.19
C LYS EB 69 -123.87 -7.66 12.72
N ASP EB 70 -123.02 -6.80 13.26
CA ASP EB 70 -121.73 -7.20 13.81
C ASP EB 70 -121.86 -7.46 15.31
N ALA EB 71 -120.84 -8.14 15.86
CA ALA EB 71 -120.76 -8.29 17.31
C ALA EB 71 -120.72 -6.92 17.99
N SER EB 72 -120.08 -5.93 17.35
CA SER EB 72 -120.10 -4.56 17.82
C SER EB 72 -121.41 -3.85 17.53
N GLY EB 73 -122.36 -4.51 16.85
CA GLY EB 73 -123.60 -3.89 16.45
C GLY EB 73 -123.56 -3.21 15.09
N ALA EB 74 -122.37 -2.78 14.65
CA ALA EB 74 -122.22 -2.10 13.38
C ALA EB 74 -122.75 -2.96 12.23
N ASP EB 75 -123.27 -2.30 11.21
CA ASP EB 75 -123.78 -3.00 10.04
C ASP EB 75 -122.64 -3.32 9.09
N MET EB 76 -122.60 -4.56 8.60
CA MET EB 76 -121.47 -5.08 7.84
C MET EB 76 -121.99 -5.82 6.63
N THR EB 77 -121.51 -5.47 5.45
CA THR EB 77 -121.97 -6.10 4.21
C THR EB 77 -121.02 -7.25 3.84
N ILE EB 78 -121.60 -8.42 3.59
CA ILE EB 78 -120.86 -9.66 3.38
C ILE EB 78 -121.29 -10.28 2.06
N LYS EB 79 -120.34 -10.70 1.25
CA LYS EB 79 -120.63 -11.27 -0.06
C LYS EB 79 -120.37 -12.78 -0.05
N ALA EB 80 -121.25 -13.52 -0.73
CA ALA EB 80 -121.05 -14.92 -1.04
C ALA EB 80 -120.99 -15.09 -2.55
N ASN EB 81 -120.07 -15.93 -3.02
CA ASN EB 81 -119.81 -16.02 -4.45
C ASN EB 81 -120.00 -17.44 -4.94
N ALA EB 82 -120.49 -17.56 -6.16
CA ALA EB 82 -120.51 -18.82 -6.89
C ALA EB 82 -119.88 -18.56 -8.24
N SER EB 83 -118.98 -19.44 -8.67
CA SER EB 83 -118.30 -19.27 -9.95
C SER EB 83 -118.34 -20.58 -10.72
N VAL EB 84 -118.75 -20.51 -11.98
CA VAL EB 84 -118.82 -21.67 -12.84
C VAL EB 84 -117.89 -21.44 -14.02
N THR EB 85 -117.19 -22.50 -14.45
CA THR EB 85 -116.29 -22.43 -15.59
C THR EB 85 -116.46 -23.66 -16.45
N PHE EB 86 -116.76 -23.45 -17.73
CA PHE EB 86 -116.88 -24.49 -18.74
C PHE EB 86 -115.63 -24.47 -19.59
N SER EB 87 -114.88 -25.57 -19.58
CA SER EB 87 -113.77 -25.78 -20.49
C SER EB 87 -114.25 -26.72 -21.58
N LEU EB 88 -114.37 -26.18 -22.79
CA LEU EB 88 -114.97 -26.88 -23.91
C LEU EB 88 -113.99 -26.94 -25.07
N PRO EB 89 -113.46 -28.11 -25.38
CA PRO EB 89 -112.59 -28.25 -26.56
C PRO EB 89 -113.38 -28.03 -27.84
N LYS EB 90 -112.66 -27.56 -28.87
CA LYS EB 90 -113.33 -27.23 -30.12
C LYS EB 90 -113.97 -28.46 -30.75
N THR EB 91 -113.25 -29.59 -30.76
CA THR EB 91 -113.76 -30.80 -31.41
C THR EB 91 -114.94 -31.41 -30.67
N TYR EB 92 -115.21 -30.97 -29.45
CA TYR EB 92 -116.34 -31.50 -28.69
C TYR EB 92 -117.66 -31.02 -29.31
N PRO EB 93 -118.65 -31.89 -29.48
CA PRO EB 93 -119.87 -31.49 -30.20
C PRO EB 93 -120.84 -30.67 -29.35
N ASN EB 94 -121.42 -29.65 -30.00
CA ASN EB 94 -122.34 -28.74 -29.31
C ASN EB 94 -123.45 -29.48 -28.59
N GLU EB 95 -123.90 -30.61 -29.16
CA GLU EB 95 -124.95 -31.39 -28.53
C GLU EB 95 -124.53 -31.87 -27.13
N HIS EB 96 -123.40 -32.58 -27.04
CA HIS EB 96 -122.93 -33.04 -25.75
C HIS EB 96 -122.57 -31.89 -24.81
N ILE EB 97 -122.25 -30.71 -25.34
CA ILE EB 97 -122.08 -29.54 -24.46
C ILE EB 97 -123.40 -29.20 -23.76
N THR EB 98 -124.49 -29.09 -24.53
CA THR EB 98 -125.78 -28.81 -23.90
C THR EB 98 -126.12 -29.88 -22.88
N LYS EB 99 -125.80 -31.14 -23.21
CA LYS EB 99 -125.97 -32.24 -22.25
C LYS EB 99 -125.23 -31.96 -20.94
N LEU EB 100 -123.95 -31.57 -21.05
CA LEU EB 100 -123.16 -31.26 -19.87
C LEU EB 100 -123.81 -30.17 -19.03
N ARG EB 101 -124.22 -29.07 -19.66
CA ARG EB 101 -124.82 -27.96 -18.93
C ARG EB 101 -126.07 -28.42 -18.18
N GLN EB 102 -126.93 -29.19 -18.85
CA GLN EB 102 -128.16 -29.62 -18.20
C GLN EB 102 -127.89 -30.57 -17.04
N THR EB 103 -126.94 -31.51 -17.21
CA THR EB 103 -126.61 -32.39 -16.09
C THR EB 103 -126.03 -31.60 -14.92
N LEU EB 104 -125.32 -30.51 -15.19
CA LEU EB 104 -124.83 -29.68 -14.09
C LEU EB 104 -125.98 -29.03 -13.34
N ILE EB 105 -126.97 -28.51 -14.07
CA ILE EB 105 -128.16 -27.98 -13.41
C ILE EB 105 -128.80 -29.03 -12.52
N ALA EB 106 -128.97 -30.24 -13.07
CA ALA EB 106 -129.58 -31.33 -12.32
C ALA EB 106 -128.80 -31.61 -11.03
N TRP EB 107 -127.48 -31.70 -11.14
CA TRP EB 107 -126.65 -31.96 -9.98
C TRP EB 107 -126.82 -30.86 -8.94
N LEU EB 108 -126.79 -29.60 -9.38
CA LEU EB 108 -126.93 -28.48 -8.46
C LEU EB 108 -128.25 -28.51 -7.73
N GLY EB 109 -129.27 -29.15 -8.30
CA GLY EB 109 -130.52 -29.34 -7.61
C GLY EB 109 -130.52 -30.40 -6.51
N GLN EB 110 -129.60 -31.37 -6.62
CA GLN EB 110 -129.63 -32.55 -5.78
C GLN EB 110 -129.32 -32.22 -4.32
N GLN EB 111 -129.79 -33.10 -3.42
CA GLN EB 111 -129.54 -32.89 -2.01
C GLN EB 111 -128.09 -33.16 -1.63
N CYS EB 112 -127.44 -34.12 -2.29
CA CYS EB 112 -126.03 -34.39 -1.99
C CYS EB 112 -125.16 -33.20 -2.32
N VAL EB 113 -125.63 -32.30 -3.18
CA VAL EB 113 -124.92 -31.07 -3.47
C VAL EB 113 -125.40 -29.92 -2.59
N SER EB 114 -126.71 -29.84 -2.33
CA SER EB 114 -127.23 -28.72 -1.56
C SER EB 114 -126.81 -28.78 -0.10
N ASP EB 115 -126.82 -29.97 0.51
CA ASP EB 115 -126.49 -30.09 1.92
C ASP EB 115 -125.12 -29.54 2.26
N PRO EB 116 -124.03 -29.89 1.56
CA PRO EB 116 -122.75 -29.24 1.88
C PRO EB 116 -122.70 -27.77 1.50
N VAL EB 117 -123.25 -27.40 0.34
CA VAL EB 117 -123.24 -26.01 -0.07
C VAL EB 117 -124.07 -25.15 0.88
N ASP EB 118 -125.33 -25.54 1.09
CA ASP EB 118 -126.24 -24.69 1.85
C ASP EB 118 -125.91 -24.67 3.34
N SER EB 119 -125.67 -25.85 3.93
CA SER EB 119 -125.58 -25.96 5.39
C SER EB 119 -124.20 -26.35 5.90
N GLY EB 120 -123.26 -26.67 5.01
CA GLY EB 120 -121.93 -27.05 5.45
C GLY EB 120 -121.81 -28.45 5.99
N LEU EB 121 -122.84 -29.29 5.85
CA LEU EB 121 -122.77 -30.67 6.29
C LEU EB 121 -122.27 -31.54 5.15
N ASN EB 122 -121.30 -32.40 5.44
CA ASN EB 122 -120.81 -33.32 4.43
C ASN EB 122 -121.71 -34.54 4.33
N ASN EB 123 -121.55 -35.28 3.24
CA ASN EB 123 -122.34 -36.48 3.03
C ASN EB 123 -121.64 -37.69 3.62
N TYR EB 124 -122.40 -38.77 3.77
CA TYR EB 124 -121.92 -40.01 4.39
C TYR EB 124 -122.60 -41.27 3.85
N MET FB 1 -9.08 78.24 -106.16
CA MET FB 1 -9.69 79.48 -106.62
C MET FB 1 -9.78 80.51 -105.50
N ARG FB 2 -9.46 81.76 -105.80
CA ARG FB 2 -9.68 82.84 -104.83
C ARG FB 2 -11.17 83.01 -104.60
N LEU FB 3 -11.60 82.73 -103.37
CA LEU FB 3 -13.01 82.71 -103.05
C LEU FB 3 -13.65 84.09 -103.21
N THR FB 4 -14.88 84.09 -103.71
CA THR FB 4 -15.68 85.30 -103.80
C THR FB 4 -17.11 84.90 -103.50
N ASP FB 5 -17.91 85.89 -103.07
CA ASP FB 5 -19.34 85.66 -102.88
C ASP FB 5 -19.91 85.04 -104.15
N VAL FB 6 -20.94 84.23 -104.00
CA VAL FB 6 -21.44 83.40 -105.09
C VAL FB 6 -22.91 83.69 -105.29
N ASP FB 7 -23.32 83.80 -106.55
CA ASP FB 7 -24.72 83.95 -106.90
C ASP FB 7 -25.11 82.78 -107.78
N LEU FB 8 -26.10 82.01 -107.33
CA LEU FB 8 -26.57 80.80 -108.00
C LEU FB 8 -27.92 81.06 -108.64
N THR FB 9 -28.09 80.56 -109.85
CA THR FB 9 -29.40 80.57 -110.49
C THR FB 9 -30.08 79.26 -110.16
N VAL FB 10 -31.23 79.33 -109.49
CA VAL FB 10 -31.91 78.16 -108.95
C VAL FB 10 -33.32 78.15 -109.50
N GLY FB 11 -33.57 77.26 -110.47
CA GLY FB 11 -34.86 77.25 -111.12
C GLY FB 11 -35.14 78.60 -111.73
N GLU FB 12 -36.12 79.32 -111.17
CA GLU FB 12 -36.49 80.61 -111.70
C GLU FB 12 -36.25 81.73 -110.68
N GLU FB 13 -35.39 81.48 -109.70
CA GLU FB 13 -35.02 82.46 -108.70
C GLU FB 13 -33.51 82.56 -108.67
N THR FB 14 -32.98 83.57 -107.98
CA THR FB 14 -31.55 83.73 -107.80
C THR FB 14 -31.22 83.77 -106.32
N ARG FB 15 -30.29 82.92 -105.91
CA ARG FB 15 -29.89 82.75 -104.53
C ARG FB 15 -28.48 83.28 -104.34
N GLU FB 16 -28.28 84.12 -103.31
CA GLU FB 16 -27.01 84.80 -103.10
C GLU FB 16 -26.37 84.33 -101.80
N TYR FB 17 -25.15 83.82 -101.90
CA TYR FB 17 -24.37 83.35 -100.78
C TYR FB 17 -23.14 84.24 -100.60
N ALA FB 18 -22.69 84.32 -99.35
CA ALA FB 18 -21.49 85.08 -98.99
C ALA FB 18 -20.54 84.20 -98.21
N VAL FB 19 -19.24 84.42 -98.42
CA VAL FB 19 -18.21 83.65 -97.75
C VAL FB 19 -18.28 83.89 -96.25
N SER FB 20 -18.39 82.81 -95.47
CA SER FB 20 -18.41 82.88 -94.02
C SER FB 20 -17.10 82.47 -93.37
N GLU FB 21 -16.42 81.42 -93.87
CA GLU FB 21 -15.07 81.16 -93.38
C GLU FB 21 -14.32 80.32 -94.41
N GLN FB 22 -13.00 80.46 -94.42
CA GLN FB 22 -12.15 79.68 -95.30
C GLN FB 22 -10.93 79.20 -94.52
N GLN FB 23 -10.74 77.89 -94.51
CA GLN FB 23 -9.57 77.26 -93.93
C GLN FB 23 -8.74 76.65 -95.04
N GLY FB 24 -7.69 75.92 -94.65
CA GLY FB 24 -6.80 75.35 -95.65
C GLY FB 24 -7.52 74.40 -96.59
N THR FB 25 -8.35 73.52 -96.02
CA THR FB 25 -9.06 72.51 -96.80
C THR FB 25 -10.57 72.57 -96.58
N LEU FB 26 -11.07 73.69 -96.05
CA LEU FB 26 -12.49 73.81 -95.74
C LEU FB 26 -12.96 75.23 -96.02
N PHE FB 27 -14.20 75.36 -96.49
CA PHE FB 27 -14.83 76.66 -96.60
C PHE FB 27 -16.33 76.54 -96.35
N ARG FB 28 -16.93 77.70 -96.04
CA ARG FB 28 -18.34 77.79 -95.70
C ARG FB 28 -18.91 79.11 -96.20
N PHE FB 29 -20.02 79.00 -96.93
CA PHE FB 29 -20.88 80.09 -97.37
C PHE FB 29 -22.18 80.10 -96.58
N VAL FB 30 -22.76 81.30 -96.47
CA VAL FB 30 -24.05 81.52 -95.83
C VAL FB 30 -24.98 82.23 -96.81
N ASP FB 31 -26.27 81.85 -96.78
CA ASP FB 31 -27.27 82.52 -97.61
C ASP FB 31 -27.48 83.95 -97.12
N LYS FB 32 -27.31 84.92 -98.02
CA LYS FB 32 -27.45 86.33 -97.66
C LYS FB 32 -28.86 86.69 -97.21
N SER FB 33 -29.84 85.79 -97.41
CA SER FB 33 -31.20 86.03 -96.95
C SER FB 33 -31.31 86.06 -95.43
N GLY FB 34 -30.30 85.58 -94.70
CA GLY FB 34 -30.43 85.28 -93.30
C GLY FB 34 -29.49 86.08 -92.39
N THR FB 35 -29.76 85.96 -91.10
CA THR FB 35 -29.02 86.57 -90.01
C THR FB 35 -28.29 85.49 -89.24
N VAL FB 36 -27.30 85.91 -88.44
CA VAL FB 36 -26.81 85.06 -87.36
C VAL FB 36 -28.00 84.49 -86.58
N ALA FB 37 -28.94 85.37 -86.20
CA ALA FB 37 -30.11 84.96 -85.45
C ALA FB 37 -30.96 83.96 -86.24
N ASN FB 38 -31.47 84.39 -87.38
CA ASN FB 38 -32.31 83.54 -88.22
C ASN FB 38 -31.54 83.19 -89.48
N ASN FB 39 -31.24 81.91 -89.67
CA ASN FB 39 -30.46 81.44 -90.80
C ASN FB 39 -31.36 80.87 -91.89
N THR FB 40 -31.04 81.20 -93.14
CA THR FB 40 -31.80 80.73 -94.28
C THR FB 40 -31.11 79.63 -95.08
N GLY FB 41 -29.80 79.46 -94.94
CA GLY FB 41 -29.10 78.45 -95.70
C GLY FB 41 -27.61 78.44 -95.45
N VAL FB 42 -26.99 77.26 -95.52
CA VAL FB 42 -25.55 77.13 -95.31
C VAL FB 42 -24.99 76.11 -96.29
N PHE FB 43 -23.77 76.35 -96.73
CA PHE FB 43 -23.05 75.40 -97.57
C PHE FB 43 -21.61 75.29 -97.07
N SER FB 44 -21.13 74.05 -96.96
CA SER FB 44 -19.80 73.81 -96.47
C SER FB 44 -19.14 72.71 -97.31
N LEU FB 45 -17.84 72.85 -97.53
CA LEU FB 45 -17.07 71.89 -98.33
C LEU FB 45 -15.71 71.67 -97.68
N GLU FB 46 -15.28 70.40 -97.59
CA GLU FB 46 -14.00 70.03 -97.00
C GLU FB 46 -13.35 68.92 -97.81
N GLN FB 47 -12.04 69.03 -98.05
CA GLN FB 47 -11.27 67.99 -98.70
C GLN FB 47 -10.32 67.32 -97.72
N ARG FB 48 -10.20 66.00 -97.84
CA ARG FB 48 -9.33 65.19 -96.99
C ARG FB 48 -8.44 64.38 -97.93
N PHE FB 49 -7.20 64.84 -98.08
CA PHE FB 49 -6.18 64.18 -98.87
C PHE FB 49 -5.56 63.07 -98.01
N GLY FB 50 -5.77 61.82 -98.39
CA GLY FB 50 -5.25 60.69 -97.64
C GLY FB 50 -3.80 60.37 -97.98
N ALA FB 51 -3.36 59.20 -97.53
CA ALA FB 51 -2.05 58.71 -97.94
C ALA FB 51 -2.09 58.26 -99.41
N ALA FB 52 -0.91 57.97 -99.96
CA ALA FB 52 -0.81 57.63 -101.37
C ALA FB 52 -1.56 56.34 -101.71
N ASN FB 53 -1.80 55.47 -100.73
CA ASN FB 53 -2.66 54.31 -100.94
C ASN FB 53 -4.13 54.63 -100.71
N SER FB 54 -4.44 55.78 -100.11
CA SER FB 54 -5.81 56.16 -99.80
C SER FB 54 -6.39 57.05 -100.90
N ASN FB 55 -7.69 56.95 -101.07
CA ASN FB 55 -8.40 57.87 -101.95
C ASN FB 55 -8.59 59.20 -101.25
N ARG FB 56 -8.37 60.30 -101.96
CA ARG FB 56 -8.75 61.58 -101.40
C ARG FB 56 -10.27 61.70 -101.43
N LYS FB 57 -10.81 62.43 -100.46
CA LYS FB 57 -12.25 62.52 -100.29
C LYS FB 57 -12.67 63.97 -100.19
N VAL FB 58 -13.84 64.27 -100.73
CA VAL FB 58 -14.35 65.65 -100.76
C VAL FB 58 -15.81 65.61 -100.36
N THR FB 59 -16.17 66.37 -99.33
CA THR FB 59 -17.53 66.29 -98.79
C THR FB 59 -18.17 67.67 -98.70
N MET FB 60 -19.44 67.72 -99.09
CA MET FB 60 -20.25 68.92 -99.11
C MET FB 60 -21.50 68.71 -98.28
N LEU FB 61 -21.87 69.74 -97.53
CA LEU FB 61 -23.12 69.77 -96.78
C LEU FB 61 -23.88 71.05 -97.12
N LEU FB 62 -25.11 70.88 -97.58
CA LEU FB 62 -26.03 71.97 -97.89
C LEU FB 62 -27.21 71.84 -96.93
N THR FB 63 -27.44 72.89 -96.14
CA THR FB 63 -28.52 72.90 -95.15
C THR FB 63 -29.48 74.03 -95.46
N ASP FB 64 -30.77 73.69 -95.56
CA ASP FB 64 -31.84 74.66 -95.81
C ASP FB 64 -32.84 74.57 -94.68
N PRO FB 65 -32.84 75.55 -93.78
CA PRO FB 65 -33.88 75.61 -92.75
C PRO FB 65 -35.05 76.46 -93.20
N VAL FB 66 -36.24 76.04 -92.77
CA VAL FB 66 -37.51 76.70 -93.08
C VAL FB 66 -38.31 76.80 -91.78
N VAL FB 67 -39.04 77.90 -91.64
CA VAL FB 67 -39.95 78.03 -90.51
C VAL FB 67 -41.31 77.47 -90.90
N VAL FB 68 -41.84 76.59 -90.05
CA VAL FB 68 -43.10 75.91 -90.27
C VAL FB 68 -44.01 76.15 -89.08
N LYS FB 69 -45.31 76.16 -89.33
CA LYS FB 69 -46.31 76.29 -88.28
C LYS FB 69 -46.37 75.00 -87.46
N ASP FB 70 -46.46 75.15 -86.15
CA ASP FB 70 -46.64 74.02 -85.26
C ASP FB 70 -48.07 73.51 -85.35
N ALA FB 71 -48.28 72.27 -84.89
CA ALA FB 71 -49.64 71.77 -84.78
C ALA FB 71 -50.45 72.60 -83.81
N SER FB 72 -49.81 73.16 -82.78
CA SER FB 72 -50.44 74.13 -81.91
C SER FB 72 -50.51 75.51 -82.55
N GLY FB 73 -49.58 75.81 -83.46
CA GLY FB 73 -49.52 77.11 -84.10
C GLY FB 73 -48.22 77.87 -83.89
N ALA FB 74 -47.37 77.42 -82.97
CA ALA FB 74 -46.12 78.10 -82.69
C ALA FB 74 -45.20 78.08 -83.91
N ASP FB 75 -44.25 79.00 -83.92
CA ASP FB 75 -43.24 79.07 -84.97
C ASP FB 75 -42.12 78.09 -84.65
N MET FB 76 -41.79 77.22 -85.61
CA MET FB 76 -40.79 76.19 -85.37
C MET FB 76 -39.87 76.10 -86.57
N THR FB 77 -38.56 75.97 -86.35
CA THR FB 77 -37.60 75.92 -87.45
C THR FB 77 -37.18 74.48 -87.71
N ILE FB 78 -37.21 74.08 -88.98
CA ILE FB 78 -36.97 72.71 -89.41
C ILE FB 78 -35.92 72.76 -90.53
N LYS FB 79 -34.88 71.94 -90.40
CA LYS FB 79 -33.80 71.91 -91.37
C LYS FB 79 -33.92 70.67 -92.25
N ALA FB 80 -33.54 70.83 -93.52
CA ALA FB 80 -33.39 69.74 -94.47
C ALA FB 80 -31.96 69.73 -94.96
N ASN FB 81 -31.36 68.54 -95.01
CA ASN FB 81 -29.93 68.41 -95.29
C ASN FB 81 -29.73 67.65 -96.59
N ALA FB 82 -28.69 68.04 -97.33
CA ALA FB 82 -28.21 67.26 -98.46
C ALA FB 82 -26.70 67.21 -98.37
N SER FB 83 -26.13 66.02 -98.55
CA SER FB 83 -24.70 65.85 -98.40
C SER FB 83 -24.14 65.03 -99.56
N VAL FB 84 -23.07 65.52 -100.16
CA VAL FB 84 -22.40 64.83 -101.26
C VAL FB 84 -21.00 64.46 -100.80
N THR FB 85 -20.52 63.31 -101.28
CA THR FB 85 -19.16 62.85 -100.96
C THR FB 85 -18.56 62.23 -102.22
N PHE FB 86 -17.43 62.80 -102.65
CA PHE FB 86 -16.66 62.29 -103.78
C PHE FB 86 -15.48 61.51 -103.23
N SER FB 87 -15.42 60.21 -103.55
CA SER FB 87 -14.27 59.39 -103.25
C SER FB 87 -13.48 59.22 -104.54
N LEU FB 88 -12.30 59.83 -104.59
CA LEU FB 88 -11.48 59.93 -105.79
C LEU FB 88 -10.12 59.32 -105.52
N PRO FB 89 -9.82 58.17 -106.10
CA PRO FB 89 -8.46 57.61 -105.98
C PRO FB 89 -7.44 58.48 -106.71
N LYS FB 90 -6.20 58.38 -106.25
CA LYS FB 90 -5.14 59.23 -106.77
C LYS FB 90 -4.49 58.69 -108.03
N THR FB 91 -4.98 57.57 -108.55
CA THR FB 91 -4.63 57.08 -109.87
C THR FB 91 -5.71 57.36 -110.89
N TYR FB 92 -6.82 57.93 -110.46
CA TYR FB 92 -7.94 58.28 -111.32
C TYR FB 92 -7.69 59.62 -112.00
N PRO FB 93 -7.94 59.74 -113.30
CA PRO FB 93 -7.60 60.99 -114.00
C PRO FB 93 -8.60 62.12 -113.76
N ASN FB 94 -8.04 63.33 -113.69
CA ASN FB 94 -8.84 64.51 -113.38
C ASN FB 94 -9.95 64.71 -114.40
N GLU FB 95 -9.69 64.40 -115.67
CA GLU FB 95 -10.72 64.50 -116.69
C GLU FB 95 -11.95 63.70 -116.30
N HIS FB 96 -11.76 62.43 -115.96
CA HIS FB 96 -12.90 61.59 -115.60
C HIS FB 96 -13.53 62.01 -114.29
N ILE FB 97 -12.78 62.66 -113.39
CA ILE FB 97 -13.43 63.25 -112.22
C ILE FB 97 -14.43 64.34 -112.64
N THR FB 98 -14.00 65.21 -113.57
CA THR FB 98 -14.93 66.22 -114.07
C THR FB 98 -16.14 65.58 -114.74
N LYS FB 99 -15.90 64.54 -115.55
CA LYS FB 99 -16.99 63.78 -116.16
C LYS FB 99 -17.96 63.28 -115.10
N LEU FB 100 -17.42 62.72 -114.02
CA LEU FB 100 -18.24 62.20 -112.93
C LEU FB 100 -19.10 63.30 -112.31
N ARG FB 101 -18.49 64.45 -112.00
CA ARG FB 101 -19.25 65.54 -111.38
C ARG FB 101 -20.38 66.00 -112.30
N GLN FB 102 -20.10 66.11 -113.59
CA GLN FB 102 -21.14 66.58 -114.50
C GLN FB 102 -22.27 65.55 -114.65
N THR FB 103 -21.93 64.25 -114.74
CA THR FB 103 -22.98 63.23 -114.78
C THR FB 103 -23.82 63.26 -113.52
N LEU FB 104 -23.21 63.57 -112.37
CA LEU FB 104 -23.99 63.69 -111.14
C LEU FB 104 -24.97 64.84 -111.22
N ILE FB 105 -24.50 65.99 -111.75
CA ILE FB 105 -25.41 67.12 -111.93
C ILE FB 105 -26.59 66.72 -112.83
N ALA FB 106 -26.29 66.07 -113.94
CA ALA FB 106 -27.33 65.64 -114.86
C ALA FB 106 -28.32 64.69 -114.18
N TRP FB 107 -27.81 63.74 -113.39
CA TRP FB 107 -28.69 62.81 -112.69
C TRP FB 107 -29.58 63.54 -111.69
N LEU FB 108 -29.00 64.48 -110.94
CA LEU FB 108 -29.80 65.26 -109.99
C LEU FB 108 -30.87 66.07 -110.69
N GLY FB 109 -30.69 66.35 -111.97
CA GLY FB 109 -31.74 66.98 -112.76
C GLY FB 109 -32.90 66.07 -113.12
N GLN FB 110 -32.65 64.77 -113.19
CA GLN FB 110 -33.60 63.83 -113.78
C GLN FB 110 -34.88 63.71 -112.96
N GLN FB 111 -35.97 63.33 -113.64
CA GLN FB 111 -37.23 63.17 -112.93
C GLN FB 111 -37.21 61.93 -112.04
N CYS FB 112 -36.52 60.87 -112.47
CA CYS FB 112 -36.46 59.66 -111.66
C CYS FB 112 -35.70 59.88 -110.36
N VAL FB 113 -34.84 60.89 -110.31
CA VAL FB 113 -34.24 61.31 -109.05
C VAL FB 113 -35.12 62.33 -108.34
N SER FB 114 -35.81 63.18 -109.10
CA SER FB 114 -36.61 64.25 -108.50
C SER FB 114 -37.79 63.70 -107.72
N ASP FB 115 -38.52 62.73 -108.28
CA ASP FB 115 -39.75 62.26 -107.64
C ASP FB 115 -39.52 61.71 -106.24
N PRO FB 116 -38.59 60.80 -105.97
CA PRO FB 116 -38.38 60.37 -104.59
C PRO FB 116 -37.85 61.48 -103.69
N VAL FB 117 -36.90 62.28 -104.17
CA VAL FB 117 -36.35 63.35 -103.35
C VAL FB 117 -37.41 64.40 -103.05
N ASP FB 118 -37.99 64.99 -104.11
CA ASP FB 118 -38.85 66.15 -103.92
C ASP FB 118 -40.17 65.77 -103.24
N SER FB 119 -40.78 64.66 -103.65
CA SER FB 119 -42.14 64.34 -103.21
C SER FB 119 -42.27 63.02 -102.46
N GLY FB 120 -41.25 62.16 -102.48
CA GLY FB 120 -41.32 60.89 -101.79
C GLY FB 120 -41.90 59.75 -102.59
N LEU FB 121 -42.33 59.99 -103.83
CA LEU FB 121 -42.83 58.93 -104.67
C LEU FB 121 -41.68 58.09 -105.21
N ASN FB 122 -41.79 56.76 -105.09
CA ASN FB 122 -40.82 55.90 -105.73
C ASN FB 122 -41.16 55.67 -107.20
N ASN FB 123 -40.14 55.30 -107.96
CA ASN FB 123 -40.37 55.00 -109.37
C ASN FB 123 -40.77 53.55 -109.54
N TYR FB 124 -41.37 53.24 -110.68
CA TYR FB 124 -41.90 51.90 -110.90
C TYR FB 124 -41.63 51.40 -112.33
N MET GB 1 3.32 87.85 -98.69
CA MET GB 1 2.88 88.31 -100.01
C MET GB 1 1.50 87.76 -100.33
N ARG GB 2 0.84 88.36 -101.34
CA ARG GB 2 -0.43 87.86 -101.83
C ARG GB 2 -0.18 86.76 -102.85
N LEU GB 3 -0.50 85.52 -102.49
CA LEU GB 3 -0.20 84.37 -103.32
C LEU GB 3 -0.86 84.47 -104.69
N THR GB 4 -0.06 84.25 -105.71
CA THR GB 4 -0.51 84.19 -107.10
C THR GB 4 0.16 82.99 -107.74
N ASP GB 5 -0.52 82.40 -108.74
CA ASP GB 5 0.08 81.28 -109.47
C ASP GB 5 1.45 81.69 -109.98
N VAL GB 6 2.38 80.74 -110.00
CA VAL GB 6 3.79 81.06 -110.21
C VAL GB 6 4.26 80.31 -111.44
N ASP GB 7 5.12 80.97 -112.23
CA ASP GB 7 5.77 80.33 -113.36
C ASP GB 7 7.28 80.43 -113.20
N LEU GB 8 7.94 79.28 -113.17
CA LEU GB 8 9.35 79.16 -112.91
C LEU GB 8 10.08 78.85 -114.20
N THR GB 9 11.18 79.54 -114.43
CA THR GB 9 12.04 79.25 -115.57
C THR GB 9 13.07 78.22 -115.10
N VAL GB 10 12.96 77.00 -115.62
CA VAL GB 10 13.76 75.87 -115.17
C VAL GB 10 14.62 75.42 -116.34
N GLY GB 11 15.89 75.83 -116.32
CA GLY GB 11 16.75 75.56 -117.44
C GLY GB 11 16.19 76.18 -118.70
N GLU GB 12 15.75 75.37 -119.65
CA GLU GB 12 15.18 75.88 -120.88
C GLU GB 12 13.70 75.59 -121.00
N GLU GB 13 13.05 75.30 -119.88
CA GLU GB 13 11.63 74.97 -119.86
C GLU GB 13 10.95 75.91 -118.88
N THR GB 14 9.62 75.92 -118.91
CA THR GB 14 8.85 76.73 -117.96
C THR GB 14 7.87 75.82 -117.23
N ARG GB 15 8.01 75.75 -115.91
CA ARG GB 15 7.08 75.04 -115.04
C ARG GB 15 6.03 76.02 -114.54
N GLU GB 16 4.78 75.55 -114.45
CA GLU GB 16 3.65 76.42 -114.11
C GLU GB 16 2.87 75.82 -112.96
N TYR GB 17 2.96 76.46 -111.80
CA TYR GB 17 2.30 75.99 -110.59
C TYR GB 17 1.11 76.88 -110.25
N ALA GB 18 0.09 76.25 -109.68
CA ALA GB 18 -1.12 76.91 -109.23
C ALA GB 18 -1.29 76.72 -107.72
N VAL GB 19 -1.80 77.76 -107.06
CA VAL GB 19 -2.03 77.69 -105.62
C VAL GB 19 -3.05 76.61 -105.32
N SER GB 20 -2.68 75.69 -104.43
CA SER GB 20 -3.55 74.58 -104.05
C SER GB 20 -4.06 74.64 -102.62
N GLU GB 21 -3.32 75.22 -101.69
CA GLU GB 21 -3.95 75.56 -100.41
C GLU GB 21 -3.14 76.64 -99.69
N GLN GB 22 -3.86 77.42 -98.89
CA GLN GB 22 -3.27 78.47 -98.07
C GLN GB 22 -3.85 78.37 -96.67
N GLN GB 23 -3.00 78.10 -95.68
CA GLN GB 23 -3.39 78.09 -94.30
C GLN GB 23 -2.78 79.30 -93.61
N GLY GB 24 -2.73 79.27 -92.29
CA GLY GB 24 -2.13 80.38 -91.56
C GLY GB 24 -0.66 80.51 -91.91
N THR GB 25 0.11 79.48 -91.63
CA THR GB 25 1.55 79.48 -91.80
C THR GB 25 2.02 78.54 -92.90
N LEU GB 26 1.10 77.95 -93.65
CA LEU GB 26 1.42 76.92 -94.64
C LEU GB 26 0.76 77.26 -95.97
N PHE GB 27 1.46 76.96 -97.06
CA PHE GB 27 0.90 77.05 -98.39
C PHE GB 27 1.40 75.90 -99.25
N ARG GB 28 0.70 75.67 -100.35
CA ARG GB 28 0.98 74.56 -101.25
C ARG GB 28 0.59 74.92 -102.67
N PHE GB 29 1.54 74.80 -103.59
CA PHE GB 29 1.38 74.93 -105.02
C PHE GB 29 1.41 73.55 -105.67
N VAL GB 30 0.90 73.49 -106.89
CA VAL GB 30 0.72 72.24 -107.62
C VAL GB 30 1.04 72.46 -109.09
N ASP GB 31 1.78 71.52 -109.69
CA ASP GB 31 2.13 71.63 -111.11
C ASP GB 31 0.88 71.57 -111.98
N LYS GB 32 0.63 72.65 -112.73
CA LYS GB 32 -0.58 72.72 -113.55
C LYS GB 32 -0.60 71.61 -114.60
N SER GB 33 0.57 71.19 -115.07
CA SER GB 33 0.70 70.19 -116.12
C SER GB 33 0.32 68.78 -115.66
N GLY GB 34 -0.19 68.62 -114.44
CA GLY GB 34 -0.51 67.29 -113.94
C GLY GB 34 -1.84 66.82 -114.48
N THR GB 35 -1.88 65.55 -114.90
CA THR GB 35 -3.11 64.94 -115.37
C THR GB 35 -3.81 64.12 -114.29
N VAL GB 36 -3.04 63.47 -113.43
CA VAL GB 36 -3.57 62.66 -112.35
C VAL GB 36 -2.93 63.15 -111.05
N ALA GB 37 -3.58 62.81 -109.94
CA ALA GB 37 -3.01 63.14 -108.63
C ALA GB 37 -1.58 62.62 -108.51
N ASN GB 38 -1.36 61.33 -108.82
CA ASN GB 38 -0.02 60.77 -108.74
C ASN GB 38 0.91 61.33 -109.80
N ASN GB 39 0.37 61.70 -110.97
CA ASN GB 39 1.16 62.37 -111.98
C ASN GB 39 1.69 63.72 -111.50
N THR GB 40 0.99 64.35 -110.57
CA THR GB 40 1.13 65.78 -110.31
C THR GB 40 2.24 66.09 -109.30
N GLY GB 41 3.20 66.92 -109.71
CA GLY GB 41 4.19 67.42 -108.78
C GLY GB 41 3.63 68.50 -107.88
N VAL GB 42 4.26 68.66 -106.71
CA VAL GB 42 3.76 69.60 -105.71
C VAL GB 42 4.91 70.29 -104.99
N PHE GB 43 4.60 71.43 -104.39
CA PHE GB 43 5.56 72.17 -103.59
C PHE GB 43 4.83 72.79 -102.41
N SER GB 44 5.37 72.59 -101.23
CA SER GB 44 4.72 73.05 -100.01
C SER GB 44 5.75 73.74 -99.11
N LEU GB 45 5.27 74.73 -98.35
CA LEU GB 45 6.12 75.47 -97.42
C LEU GB 45 5.34 75.79 -96.16
N GLU GB 46 6.02 75.70 -95.02
CA GLU GB 46 5.42 75.94 -93.72
C GLU GB 46 6.43 76.62 -92.80
N GLN GB 47 5.98 77.64 -92.09
CA GLN GB 47 6.81 78.29 -91.08
C GLN GB 47 6.30 77.95 -89.69
N ARG GB 48 7.24 77.63 -88.80
CA ARG GB 48 6.97 77.32 -87.40
C ARG GB 48 7.76 78.35 -86.58
N PHE GB 49 7.04 79.37 -86.12
CA PHE GB 49 7.61 80.41 -85.29
C PHE GB 49 7.63 79.92 -83.84
N GLY GB 50 8.81 79.92 -83.22
CA GLY GB 50 8.96 79.40 -81.88
C GLY GB 50 8.78 80.48 -80.81
N ALA GB 51 9.07 80.09 -79.57
CA ALA GB 51 9.14 81.07 -78.49
C ALA GB 51 10.36 81.98 -78.69
N ALA GB 52 10.51 82.96 -77.80
CA ALA GB 52 11.58 83.93 -77.96
C ALA GB 52 12.95 83.30 -77.77
N ASN GB 53 13.04 82.22 -77.00
CA ASN GB 53 14.30 81.48 -76.86
C ASN GB 53 14.53 80.51 -78.02
N SER GB 54 13.52 80.28 -78.84
CA SER GB 54 13.63 79.34 -79.95
C SER GB 54 14.03 80.07 -81.24
N ASN GB 55 14.39 79.27 -82.23
CA ASN GB 55 14.60 79.76 -83.59
C ASN GB 55 13.35 79.45 -84.39
N ARG GB 56 12.95 80.39 -85.25
CA ARG GB 56 11.88 80.06 -86.17
C ARG GB 56 12.43 79.14 -87.26
N LYS GB 57 11.59 78.25 -87.74
CA LYS GB 57 11.99 77.26 -88.73
C LYS GB 57 11.06 77.34 -89.93
N VAL GB 58 11.63 77.33 -91.12
CA VAL GB 58 10.85 77.30 -92.35
C VAL GB 58 11.23 76.05 -93.11
N THR GB 59 10.22 75.28 -93.53
CA THR GB 59 10.47 74.03 -94.23
C THR GB 59 9.72 74.02 -95.56
N MET GB 60 10.37 73.43 -96.56
CA MET GB 60 9.81 73.29 -97.88
C MET GB 60 10.01 71.86 -98.36
N LEU GB 61 8.98 71.34 -99.04
CA LEU GB 61 9.03 70.05 -99.67
C LEU GB 61 8.62 70.18 -101.14
N LEU GB 62 9.47 69.67 -102.03
CA LEU GB 62 9.25 69.64 -103.46
C LEU GB 62 9.19 68.18 -103.89
N THR GB 63 8.07 67.78 -104.50
CA THR GB 63 7.87 66.40 -104.93
C THR GB 63 7.64 66.39 -106.44
N ASP GB 64 8.46 65.60 -107.14
CA ASP GB 64 8.38 65.48 -108.60
C ASP GB 64 8.25 64.01 -108.99
N PRO GB 65 7.04 63.52 -109.18
CA PRO GB 65 6.85 62.15 -109.67
C PRO GB 65 7.01 62.03 -111.18
N VAL GB 66 7.39 60.83 -111.61
CA VAL GB 66 7.58 60.50 -113.03
C VAL GB 66 7.04 59.09 -113.27
N VAL GB 67 6.57 58.84 -114.49
CA VAL GB 67 6.03 57.53 -114.85
C VAL GB 67 7.14 56.68 -115.48
N VAL GB 68 7.32 55.47 -114.96
CA VAL GB 68 8.29 54.52 -115.48
C VAL GB 68 7.59 53.23 -115.89
N MET GB 76 4.20 52.14 -113.52
CA MET GB 76 4.50 52.61 -112.17
C MET GB 76 4.96 54.07 -112.16
N THR GB 77 4.60 54.82 -111.12
CA THR GB 77 5.03 56.20 -110.92
C THR GB 77 5.94 56.28 -109.69
N ILE GB 78 7.09 56.92 -109.87
CA ILE GB 78 8.16 57.00 -108.88
C ILE GB 78 8.33 58.46 -108.48
N LYS GB 79 8.42 58.71 -107.18
CA LYS GB 79 8.47 60.06 -106.63
C LYS GB 79 9.85 60.35 -106.04
N ALA GB 80 10.38 61.53 -106.34
CA ALA GB 80 11.63 62.02 -105.76
C ALA GB 80 11.38 63.33 -105.02
N ASN GB 81 12.04 63.51 -103.88
CA ASN GB 81 11.76 64.62 -102.99
C ASN GB 81 13.01 65.46 -102.77
N ALA GB 82 12.81 66.77 -102.71
CA ALA GB 82 13.81 67.69 -102.18
C ALA GB 82 13.17 68.42 -101.01
N SER GB 83 13.91 68.54 -99.91
CA SER GB 83 13.38 69.21 -98.73
C SER GB 83 14.42 70.18 -98.20
N VAL GB 84 14.02 71.44 -98.03
CA VAL GB 84 14.88 72.48 -97.50
C VAL GB 84 14.33 72.91 -96.15
N THR GB 85 15.22 73.23 -95.22
CA THR GB 85 14.83 73.71 -93.90
C THR GB 85 15.79 74.82 -93.46
N PHE GB 86 15.22 75.98 -93.16
CA PHE GB 86 15.95 77.15 -92.70
C PHE GB 86 15.71 77.29 -91.20
N SER GB 87 16.77 77.17 -90.40
CA SER GB 87 16.71 77.43 -88.97
C SER GB 87 17.31 78.81 -88.73
N LEU GB 88 16.46 79.74 -88.32
CA LEU GB 88 16.81 81.15 -88.22
C LEU GB 88 16.55 81.66 -86.81
N PRO GB 89 17.59 82.00 -86.06
CA PRO GB 89 17.39 82.64 -84.77
C PRO GB 89 16.81 84.04 -84.94
N LYS GB 90 16.02 84.46 -83.95
CA LYS GB 90 15.30 85.71 -84.10
C LYS GB 90 16.25 86.91 -84.09
N THR GB 91 17.27 86.87 -83.23
CA THR GB 91 18.25 87.96 -83.17
C THR GB 91 19.06 88.09 -84.45
N TYR GB 92 19.07 87.05 -85.30
CA TYR GB 92 19.84 87.06 -86.54
C TYR GB 92 19.23 88.04 -87.53
N PRO GB 93 20.04 88.86 -88.22
CA PRO GB 93 19.48 89.96 -89.02
C PRO GB 93 18.92 89.52 -90.37
N ASN GB 94 17.77 90.13 -90.71
CA ASN GB 94 17.05 89.76 -91.93
C ASN GB 94 17.93 89.90 -93.16
N GLU GB 95 18.83 90.89 -93.19
CA GLU GB 95 19.71 91.06 -94.33
C GLU GB 95 20.59 89.83 -94.53
N HIS GB 96 21.26 89.38 -93.47
CA HIS GB 96 22.09 88.18 -93.58
C HIS GB 96 21.27 86.93 -93.88
N ILE GB 97 19.98 86.90 -93.52
CA ILE GB 97 19.14 85.77 -93.95
C ILE GB 97 18.96 85.78 -95.47
N THR GB 98 18.63 86.95 -96.04
CA THR GB 98 18.52 87.03 -97.50
C THR GB 98 19.83 86.56 -98.15
N LYS GB 99 20.95 86.97 -97.57
CA LYS GB 99 22.26 86.50 -98.04
C LYS GB 99 22.34 84.97 -98.02
N LEU GB 100 21.99 84.36 -96.89
CA LEU GB 100 22.05 82.91 -96.77
C LEU GB 100 21.25 82.22 -97.86
N ARG GB 101 20.00 82.67 -98.06
CA ARG GB 101 19.16 82.06 -99.09
C ARG GB 101 19.82 82.15 -100.47
N GLN GB 102 20.34 83.33 -100.81
CA GLN GB 102 20.93 83.51 -102.14
C GLN GB 102 22.16 82.60 -102.31
N THR GB 103 22.99 82.49 -101.28
CA THR GB 103 24.17 81.62 -101.40
C THR GB 103 23.79 80.16 -101.51
N LEU GB 104 22.69 79.74 -100.87
CA LEU GB 104 22.22 78.37 -101.08
C LEU GB 104 21.82 78.15 -102.54
N ILE GB 105 21.12 79.13 -103.13
CA ILE GB 105 20.80 79.04 -104.56
C ILE GB 105 22.08 78.87 -105.38
N ALA GB 106 23.06 79.72 -105.11
CA ALA GB 106 24.33 79.65 -105.84
C ALA GB 106 24.98 78.28 -105.70
N TRP GB 107 24.98 77.74 -104.48
CA TRP GB 107 25.58 76.43 -104.25
C TRP GB 107 24.87 75.35 -105.05
N LEU GB 108 23.54 75.34 -104.99
CA LEU GB 108 22.75 74.38 -105.76
C LEU GB 108 23.00 74.50 -107.25
N GLY GB 109 23.53 75.62 -107.70
CA GLY GB 109 23.98 75.74 -109.08
C GLY GB 109 25.23 74.96 -109.45
N GLN GB 110 26.15 74.80 -108.50
CA GLN GB 110 27.52 74.39 -108.80
C GLN GB 110 27.61 72.91 -109.19
N GLN GB 111 28.72 72.60 -109.89
CA GLN GB 111 28.94 71.23 -110.34
C GLN GB 111 29.16 70.28 -109.17
N CYS GB 112 29.92 70.73 -108.16
CA CYS GB 112 30.20 69.87 -107.03
C CYS GB 112 28.92 69.44 -106.30
N VAL GB 113 27.82 70.14 -106.53
CA VAL GB 113 26.53 69.75 -106.01
C VAL GB 113 25.70 68.98 -107.03
N SER GB 114 25.76 69.39 -108.30
CA SER GB 114 24.95 68.72 -109.31
C SER GB 114 25.43 67.29 -109.56
N ASP GB 115 26.75 67.06 -109.59
CA ASP GB 115 27.27 65.74 -109.88
C ASP GB 115 26.76 64.66 -108.90
N PRO GB 116 26.80 64.87 -107.59
CA PRO GB 116 26.19 63.83 -106.71
C PRO GB 116 24.68 63.81 -106.77
N VAL GB 117 24.01 64.97 -106.77
CA VAL GB 117 22.56 64.99 -106.82
C VAL GB 117 22.06 64.40 -108.13
N ASP GB 118 22.48 64.97 -109.26
CA ASP GB 118 21.91 64.58 -110.54
C ASP GB 118 22.26 63.13 -110.90
N SER GB 119 23.55 62.80 -110.90
CA SER GB 119 23.98 61.51 -111.42
C SER GB 119 24.64 60.60 -110.39
N GLY GB 120 24.90 61.08 -109.19
CA GLY GB 120 25.51 60.24 -108.17
C GLY GB 120 27.02 60.22 -108.15
N LEU GB 121 27.67 61.05 -108.95
CA LEU GB 121 29.13 61.15 -108.91
C LEU GB 121 29.56 61.92 -107.67
N ASN GB 122 30.39 61.30 -106.84
CA ASN GB 122 30.98 62.06 -105.74
C ASN GB 122 32.18 62.84 -106.23
N ASN GB 123 32.57 63.83 -105.45
CA ASN GB 123 33.71 64.65 -105.81
C ASN GB 123 34.98 64.06 -105.24
N TYR GB 124 36.07 64.23 -105.99
CA TYR GB 124 37.33 63.61 -105.65
C TYR GB 124 38.48 64.57 -105.89
N MET HB 1 -14.89 89.62 -95.33
CA MET HB 1 -14.04 90.53 -96.07
C MET HB 1 -12.82 89.79 -96.62
N ARG HB 2 -12.43 90.14 -97.85
CA ARG HB 2 -11.18 89.64 -98.42
C ARG HB 2 -10.01 90.36 -97.76
N LEU HB 3 -9.29 89.66 -96.91
CA LEU HB 3 -8.25 90.30 -96.11
C LEU HB 3 -7.12 90.78 -97.00
N THR HB 4 -6.74 92.04 -96.81
CA THR HB 4 -5.54 92.60 -97.42
C THR HB 4 -4.92 93.57 -96.42
N ASP HB 5 -3.66 93.93 -96.69
CA ASP HB 5 -2.94 94.86 -95.84
C ASP HB 5 -3.76 96.12 -95.64
N VAL HB 6 -3.62 96.75 -94.48
CA VAL HB 6 -4.36 97.98 -94.21
C VAL HB 6 -3.41 99.04 -93.68
N ASP HB 7 -3.82 100.29 -93.86
CA ASP HB 7 -3.14 101.44 -93.31
C ASP HB 7 -4.13 102.21 -92.46
N LEU HB 8 -3.73 102.53 -91.24
CA LEU HB 8 -4.58 103.19 -90.26
C LEU HB 8 -4.14 104.64 -90.08
N THR HB 9 -5.13 105.52 -89.96
CA THR HB 9 -4.88 106.92 -89.64
C THR HB 9 -4.92 107.06 -88.13
N VAL HB 10 -3.79 107.42 -87.52
CA VAL HB 10 -3.65 107.45 -86.07
C VAL HB 10 -3.23 108.86 -85.68
N GLY HB 11 -4.19 109.65 -85.23
CA GLY HB 11 -3.90 111.04 -84.92
C GLY HB 11 -3.35 111.74 -86.13
N GLU HB 12 -2.08 112.14 -86.08
CA GLU HB 12 -1.44 112.84 -87.19
C GLU HB 12 -0.31 112.01 -87.80
N GLU HB 13 -0.38 110.69 -87.67
CA GLU HB 13 0.58 109.80 -88.32
C GLU HB 13 -0.19 108.70 -89.03
N THR HB 14 0.52 107.96 -89.88
CA THR HB 14 -0.05 106.84 -90.59
C THR HB 14 0.67 105.57 -90.20
N ARG HB 15 -0.09 104.56 -89.81
CA ARG HB 15 0.42 103.28 -89.32
C ARG HB 15 0.14 102.22 -90.37
N GLU HB 16 1.17 101.49 -90.80
CA GLU HB 16 1.02 100.54 -91.89
C GLU HB 16 1.16 99.12 -91.37
N TYR HB 17 0.09 98.34 -91.49
CA TYR HB 17 0.13 96.93 -91.11
C TYR HB 17 0.10 96.07 -92.36
N ALA HB 18 0.57 94.83 -92.20
CA ALA HB 18 0.58 93.84 -93.26
C ALA HB 18 0.07 92.51 -92.71
N VAL HB 19 -0.69 91.79 -93.53
CA VAL HB 19 -1.25 90.52 -93.11
C VAL HB 19 -0.11 89.56 -92.81
N SER HB 20 -0.09 89.03 -91.59
CA SER HB 20 0.91 88.04 -91.18
C SER HB 20 0.39 86.62 -91.12
N GLU HB 21 -0.90 86.42 -90.87
CA GLU HB 21 -1.50 85.11 -91.09
C GLU HB 21 -3.01 85.24 -91.15
N GLN HB 22 -3.64 84.32 -91.89
CA GLN HB 22 -5.09 84.26 -91.97
C GLN HB 22 -5.53 82.81 -91.85
N GLN HB 23 -6.32 82.50 -90.82
CA GLN HB 23 -6.93 81.20 -90.61
C GLN HB 23 -8.45 81.35 -90.71
N GLY HB 24 -9.13 80.24 -90.45
CA GLY HB 24 -10.58 80.21 -90.66
C GLY HB 24 -11.30 81.21 -89.78
N THR HB 25 -10.97 81.22 -88.48
CA THR HB 25 -11.61 82.10 -87.51
C THR HB 25 -10.64 83.11 -86.90
N LEU HB 26 -9.39 83.15 -87.38
CA LEU HB 26 -8.35 83.98 -86.78
C LEU HB 26 -7.56 84.67 -87.87
N PHE HB 27 -7.09 85.90 -87.58
CA PHE HB 27 -6.14 86.58 -88.45
C PHE HB 27 -5.21 87.44 -87.61
N ARG HB 28 -4.07 87.77 -88.22
CA ARG HB 28 -3.02 88.52 -87.56
C ARG HB 28 -2.33 89.45 -88.55
N PHE HB 29 -2.23 90.73 -88.17
CA PHE HB 29 -1.47 91.77 -88.84
C PHE HB 29 -0.22 92.11 -88.03
N VAL HB 30 0.79 92.60 -88.74
CA VAL HB 30 2.06 93.05 -88.14
C VAL HB 30 2.41 94.44 -88.66
N ASP HB 31 2.92 95.30 -87.78
CA ASP HB 31 3.34 96.65 -88.16
C ASP HB 31 4.53 96.57 -89.11
N LYS HB 32 4.38 97.19 -90.29
CA LYS HB 32 5.38 97.08 -91.35
C LYS HB 32 6.72 97.70 -90.95
N SER HB 33 6.76 98.51 -89.89
CA SER HB 33 8.00 99.15 -89.46
C SER HB 33 8.88 98.24 -88.62
N GLY HB 34 8.59 96.93 -88.55
CA GLY HB 34 9.22 96.05 -87.61
C GLY HB 34 9.97 94.87 -88.23
N THR HB 35 10.74 94.20 -87.38
CA THR HB 35 11.53 93.02 -87.72
C THR HB 35 11.16 91.90 -86.76
N VAL HB 36 11.50 90.66 -87.12
CA VAL HB 36 11.43 89.58 -86.13
C VAL HB 36 12.27 89.95 -84.91
N ALA HB 37 13.46 90.52 -85.15
CA ALA HB 37 14.35 90.89 -84.05
C ALA HB 37 13.75 92.02 -83.23
N ASN HB 38 13.34 93.10 -83.89
CA ASN HB 38 12.75 94.24 -83.20
C ASN HB 38 11.33 94.43 -83.71
N ASN HB 39 10.36 93.88 -82.98
CA ASN HB 39 8.96 94.02 -83.35
C ASN HB 39 8.41 95.35 -82.84
N THR HB 40 7.46 95.89 -83.60
CA THR HB 40 6.92 97.21 -83.32
C THR HB 40 5.42 97.25 -83.12
N GLY HB 41 4.71 96.17 -83.46
CA GLY HB 41 3.28 96.16 -83.26
C GLY HB 41 2.65 94.93 -83.87
N VAL HB 42 1.63 94.39 -83.21
CA VAL HB 42 0.88 93.25 -83.75
C VAL HB 42 -0.59 93.45 -83.40
N PHE HB 43 -1.45 92.96 -84.27
CA PHE HB 43 -2.88 92.95 -84.03
C PHE HB 43 -3.41 91.58 -84.43
N SER HB 44 -4.29 91.02 -83.59
CA SER HB 44 -4.84 89.70 -83.85
C SER HB 44 -6.31 89.69 -83.46
N LEU HB 45 -7.10 88.92 -84.21
CA LEU HB 45 -8.53 88.81 -83.93
C LEU HB 45 -8.99 87.38 -84.18
N GLU HB 46 -9.86 86.89 -83.30
CA GLU HB 46 -10.40 85.53 -83.40
C GLU HB 46 -11.87 85.55 -83.03
N GLN HB 47 -12.68 84.80 -83.77
CA GLN HB 47 -14.08 84.59 -83.41
C GLN HB 47 -14.28 83.15 -82.99
N ARG HB 48 -14.86 82.96 -81.80
CA ARG HB 48 -15.38 81.67 -81.35
C ARG HB 48 -16.89 81.76 -81.48
N PHE HB 49 -17.40 81.27 -82.62
CA PHE HB 49 -18.83 81.13 -82.80
C PHE HB 49 -19.32 80.03 -81.88
N GLY HB 50 -20.16 80.38 -80.92
CA GLY HB 50 -20.53 79.45 -79.86
C GLY HB 50 -21.54 78.41 -80.30
N ALA HB 51 -21.82 77.49 -79.38
CA ALA HB 51 -22.91 76.56 -79.56
C ALA HB 51 -24.23 77.31 -79.73
N ALA HB 52 -25.24 76.59 -80.22
CA ALA HB 52 -26.50 77.23 -80.56
C ALA HB 52 -27.15 77.91 -79.36
N ASN HB 53 -26.85 77.45 -78.15
CA ASN HB 53 -27.38 78.08 -76.95
C ASN HB 53 -26.54 79.27 -76.50
N SER HB 54 -25.23 79.24 -76.75
CA SER HB 54 -24.31 80.23 -76.22
C SER HB 54 -24.20 81.45 -77.12
N ASN HB 55 -23.60 82.50 -76.59
CA ASN HB 55 -23.24 83.67 -77.36
C ASN HB 55 -21.97 83.40 -78.15
N ARG HB 56 -21.81 84.13 -79.25
CA ARG HB 56 -20.54 84.08 -79.95
C ARG HB 56 -19.63 85.17 -79.40
N LYS HB 57 -18.33 84.89 -79.41
CA LYS HB 57 -17.33 85.78 -78.86
C LYS HB 57 -16.36 86.20 -79.95
N VAL HB 58 -16.00 87.47 -79.95
CA VAL HB 58 -14.93 87.97 -80.83
C VAL HB 58 -13.91 88.67 -79.94
N THR HB 59 -12.65 88.29 -80.09
CA THR HB 59 -11.60 88.84 -79.26
C THR HB 59 -10.50 89.41 -80.13
N MET HB 60 -9.94 90.54 -79.70
CA MET HB 60 -8.86 91.24 -80.36
C MET HB 60 -7.77 91.56 -79.36
N LEU HB 61 -6.53 91.41 -79.81
CA LEU HB 61 -5.35 91.78 -79.04
C LEU HB 61 -4.47 92.68 -79.88
N LEU HB 62 -4.17 93.87 -79.35
CA LEU HB 62 -3.25 94.82 -79.94
C LEU HB 62 -2.06 94.94 -79.01
N THR HB 63 -0.87 94.71 -79.53
CA THR HB 63 0.35 94.77 -78.73
C THR HB 63 1.33 95.74 -79.37
N ASP HB 64 1.76 96.73 -78.58
CA ASP HB 64 2.76 97.71 -79.02
C ASP HB 64 3.96 97.59 -78.09
N PRO HB 65 5.06 97.06 -78.60
CA PRO HB 65 6.30 97.05 -77.82
C PRO HB 65 7.18 98.25 -78.14
N VAL HB 66 7.89 98.71 -77.12
CA VAL HB 66 8.79 99.85 -77.19
C VAL HB 66 10.10 99.49 -76.48
N VAL HB 67 11.19 99.99 -77.00
CA VAL HB 67 12.48 99.82 -76.34
C VAL HB 67 12.65 100.96 -75.34
N VAL HB 68 13.17 100.63 -74.17
CA VAL HB 68 13.38 101.57 -73.08
C VAL HB 68 14.73 101.28 -72.45
N LYS HB 69 15.50 102.33 -72.18
CA LYS HB 69 16.77 102.17 -71.47
C LYS HB 69 16.49 101.76 -70.03
N ASP HB 70 17.36 100.93 -69.48
CA ASP HB 70 17.24 100.43 -68.12
C ASP HB 70 18.03 101.33 -67.16
N ALA HB 71 17.75 101.18 -65.87
CA ALA HB 71 18.56 101.84 -64.86
C ALA HB 71 20.02 101.41 -64.97
N SER HB 72 20.25 100.16 -65.35
CA SER HB 72 21.60 99.66 -65.64
C SER HB 72 22.13 100.14 -66.99
N GLY HB 73 21.33 100.87 -67.76
CA GLY HB 73 21.68 101.28 -69.10
C GLY HB 73 21.31 100.29 -70.18
N ALA HB 74 21.19 99.01 -69.85
CA ALA HB 74 20.86 97.98 -70.82
C ALA HB 74 19.54 98.30 -71.53
N ASP HB 75 19.46 97.89 -72.79
CA ASP HB 75 18.24 98.10 -73.56
C ASP HB 75 17.23 97.00 -73.26
N MET HB 76 15.98 97.40 -73.01
CA MET HB 76 14.94 96.50 -72.52
C MET HB 76 13.67 96.74 -73.32
N THR HB 77 13.10 95.67 -73.87
CA THR HB 77 11.89 95.79 -74.69
C THR HB 77 10.67 95.52 -73.81
N ILE HB 78 9.70 96.43 -73.86
CA ILE HB 78 8.53 96.43 -72.98
C ILE HB 78 7.28 96.48 -73.84
N LYS HB 79 6.31 95.64 -73.53
CA LYS HB 79 5.07 95.56 -74.29
C LYS HB 79 3.91 96.15 -73.49
N ALA HB 80 3.04 96.88 -74.19
CA ALA HB 80 1.75 97.32 -73.67
C ALA HB 80 0.64 96.69 -74.50
N ASN HB 81 -0.42 96.23 -73.82
CA ASN HB 81 -1.45 95.47 -74.50
C ASN HB 81 -2.80 96.12 -74.35
N ALA HB 82 -3.62 95.99 -75.39
CA ALA HB 82 -5.03 96.33 -75.33
C ALA HB 82 -5.80 95.14 -75.86
N SER HB 83 -6.86 94.74 -75.16
CA SER HB 83 -7.65 93.59 -75.57
C SER HB 83 -9.12 93.95 -75.53
N VAL HB 84 -9.82 93.66 -76.60
CA VAL HB 84 -11.25 93.93 -76.72
C VAL HB 84 -11.97 92.59 -76.91
N THR HB 85 -13.13 92.44 -76.28
CA THR HB 85 -13.94 91.23 -76.42
C THR HB 85 -15.40 91.61 -76.55
N PHE HB 86 -16.02 91.15 -77.63
CA PHE HB 86 -17.44 91.34 -77.90
C PHE HB 86 -18.14 90.02 -77.60
N SER HB 87 -19.07 90.04 -76.64
CA SER HB 87 -19.97 88.93 -76.38
C SER HB 87 -21.31 89.28 -76.99
N LEU HB 88 -21.67 88.55 -78.04
CA LEU HB 88 -22.84 88.87 -78.84
C LEU HB 88 -23.76 87.65 -78.88
N PRO HB 89 -24.92 87.74 -78.24
CA PRO HB 89 -25.91 86.66 -78.33
C PRO HB 89 -26.45 86.54 -79.75
N LYS HB 90 -26.87 85.33 -80.10
CA LYS HB 90 -27.34 85.09 -81.46
C LYS HB 90 -28.58 85.90 -81.77
N THR HB 91 -29.54 85.96 -80.83
CA THR HB 91 -30.79 86.66 -81.05
C THR HB 91 -30.62 88.18 -81.14
N TYR HB 92 -29.46 88.69 -80.75
CA TYR HB 92 -29.21 90.13 -80.82
C TYR HB 92 -29.07 90.57 -82.27
N PRO HB 93 -29.70 91.67 -82.69
CA PRO HB 93 -29.70 92.04 -84.11
C PRO HB 93 -28.40 92.69 -84.57
N ASN HB 94 -27.99 92.31 -85.77
CA ASN HB 94 -26.73 92.82 -86.33
C ASN HB 94 -26.67 94.34 -86.33
N GLU HB 95 -27.82 94.99 -86.51
CA GLU HB 95 -27.86 96.45 -86.49
C GLU HB 95 -27.37 97.00 -85.16
N HIS HB 96 -27.99 96.57 -84.05
CA HIS HB 96 -27.57 97.05 -82.74
C HIS HB 96 -26.16 96.62 -82.40
N ILE HB 97 -25.65 95.53 -83.00
CA ILE HB 97 -24.23 95.20 -82.83
C ILE HB 97 -23.35 96.31 -83.42
N THR HB 98 -23.61 96.69 -84.68
CA THR HB 98 -22.81 97.78 -85.26
C THR HB 98 -22.91 99.04 -84.41
N LYS HB 99 -24.11 99.31 -83.87
CA LYS HB 99 -24.29 100.43 -82.94
C LYS HB 99 -23.34 100.31 -81.75
N LEU HB 100 -23.28 99.13 -81.14
CA LEU HB 100 -22.40 98.91 -79.99
C LEU HB 100 -20.94 99.20 -80.35
N ARG HB 101 -20.49 98.65 -81.48
CA ARG HB 101 -19.09 98.86 -81.88
C ARG HB 101 -18.78 100.34 -82.06
N GLN HB 102 -19.68 101.06 -82.73
CA GLN HB 102 -19.41 102.47 -82.98
C GLN HB 102 -19.42 103.28 -81.68
N THR HB 103 -20.36 103.00 -80.76
CA THR HB 103 -20.34 103.70 -79.48
C THR HB 103 -19.07 103.39 -78.70
N LEU HB 104 -18.52 102.19 -78.84
CA LEU HB 104 -17.24 101.89 -78.18
C LEU HB 104 -16.12 102.74 -78.76
N ILE HB 105 -16.07 102.87 -80.08
CA ILE HB 105 -15.07 103.75 -80.69
C ILE HB 105 -15.21 105.17 -80.13
N ALA HB 106 -16.44 105.67 -80.08
CA ALA HB 106 -16.70 107.01 -79.57
C ALA HB 106 -16.18 107.16 -78.15
N TRP HB 107 -16.51 106.19 -77.29
CA TRP HB 107 -16.05 106.23 -75.90
C TRP HB 107 -14.54 106.25 -75.82
N LEU HB 108 -13.87 105.39 -76.60
CA LEU HB 108 -12.42 105.32 -76.58
C LEU HB 108 -11.79 106.63 -77.01
N GLY HB 109 -12.51 107.45 -77.77
CA GLY HB 109 -12.04 108.78 -78.10
C GLY HB 109 -12.12 109.80 -76.98
N GLN HB 110 -13.03 109.59 -76.04
CA GLN HB 110 -13.38 110.59 -75.04
C GLN HB 110 -12.24 110.84 -74.06
N GLN HB 111 -12.25 112.03 -73.47
CA GLN HB 111 -11.21 112.37 -72.52
C GLN HB 111 -11.36 111.61 -71.20
N CYS HB 112 -12.61 111.35 -70.77
CA CYS HB 112 -12.79 110.59 -69.54
C CYS HB 112 -12.23 109.17 -69.65
N VAL HB 113 -12.05 108.68 -70.87
CA VAL HB 113 -11.41 107.39 -71.09
C VAL HB 113 -9.91 107.55 -71.33
N SER HB 114 -9.51 108.58 -72.08
CA SER HB 114 -8.10 108.73 -72.42
C SER HB 114 -7.26 109.11 -71.20
N ASP HB 115 -7.77 109.99 -70.35
CA ASP HB 115 -6.98 110.44 -69.20
C ASP HB 115 -6.53 109.30 -68.30
N PRO HB 116 -7.40 108.37 -67.86
CA PRO HB 116 -6.87 107.25 -67.08
C PRO HB 116 -6.03 106.28 -67.89
N VAL HB 117 -6.42 105.98 -69.13
CA VAL HB 117 -5.64 105.07 -69.95
C VAL HB 117 -4.28 105.67 -70.27
N ASP HB 118 -4.26 106.88 -70.81
CA ASP HB 118 -3.00 107.45 -71.31
C ASP HB 118 -2.07 107.85 -70.17
N SER HB 119 -2.60 108.55 -69.16
CA SER HB 119 -1.76 109.18 -68.16
C SER HB 119 -1.92 108.61 -66.76
N GLY HB 120 -2.85 107.68 -66.54
CA GLY HB 120 -3.03 107.10 -65.23
C GLY HB 120 -3.74 107.97 -64.23
N LEU HB 121 -4.33 109.09 -64.66
CA LEU HB 121 -5.09 109.95 -63.77
C LEU HB 121 -6.56 109.53 -63.79
N ASN HB 122 -7.13 109.39 -62.60
CA ASN HB 122 -8.55 109.06 -62.52
C ASN HB 122 -9.41 110.31 -62.68
N ASN HB 123 -10.69 110.09 -62.93
CA ASN HB 123 -11.63 111.19 -63.10
C ASN HB 123 -12.25 111.56 -61.76
N TYR HB 124 -12.86 112.74 -61.74
CA TYR HB 124 -13.44 113.30 -60.52
C TYR HB 124 -14.65 114.21 -60.79
N MET IB 1 -9.74 -79.95 -105.85
CA MET IB 1 -9.02 -80.31 -107.08
C MET IB 1 -7.51 -80.25 -106.88
N ARG IB 2 -6.79 -81.25 -107.39
CA ARG IB 2 -5.34 -81.18 -107.40
C ARG IB 2 -4.88 -80.06 -108.30
N LEU IB 3 -4.24 -79.05 -107.71
CA LEU IB 3 -3.89 -77.84 -108.43
C LEU IB 3 -2.88 -78.13 -109.53
N THR IB 4 -3.05 -77.43 -110.64
CA THR IB 4 -2.11 -77.47 -111.74
C THR IB 4 -2.04 -76.08 -112.34
N ASP IB 5 -0.93 -75.78 -113.01
CA ASP IB 5 -0.82 -74.52 -113.73
C ASP IB 5 -2.04 -74.35 -114.63
N VAL IB 6 -2.43 -73.11 -114.86
CA VAL IB 6 -3.70 -72.81 -115.51
C VAL IB 6 -3.44 -71.95 -116.72
N ASP IB 7 -4.12 -72.25 -117.82
CA ASP IB 7 -4.06 -71.44 -119.03
C ASP IB 7 -5.48 -70.96 -119.33
N LEU IB 8 -5.65 -69.65 -119.37
CA LEU IB 8 -6.94 -69.00 -119.57
C LEU IB 8 -6.99 -68.41 -120.97
N THR IB 9 -8.14 -68.56 -121.62
CA THR IB 9 -8.38 -67.88 -122.88
C THR IB 9 -9.09 -66.57 -122.56
N VAL IB 10 -8.46 -65.45 -122.91
CA VAL IB 10 -8.92 -64.12 -122.53
C VAL IB 10 -9.12 -63.30 -123.80
N GLY IB 11 -10.38 -63.12 -124.18
CA GLY IB 11 -10.66 -62.44 -125.43
C GLY IB 11 -10.00 -63.17 -126.56
N GLU IB 12 -8.99 -62.55 -127.16
CA GLU IB 12 -8.30 -63.14 -128.29
C GLU IB 12 -6.83 -63.43 -127.98
N GLU IB 13 -6.50 -63.51 -126.71
CA GLU IB 13 -5.15 -63.82 -126.27
C GLU IB 13 -5.23 -65.00 -125.29
N THR IB 14 -4.08 -65.58 -124.96
CA THR IB 14 -4.02 -66.64 -123.97
C THR IB 14 -3.07 -66.24 -122.84
N ARG IB 15 -3.56 -66.35 -121.62
CA ARG IB 15 -2.85 -65.94 -120.42
C ARG IB 15 -2.48 -67.18 -119.62
N GLU IB 16 -1.21 -67.27 -119.21
CA GLU IB 16 -0.71 -68.47 -118.53
C GLU IB 16 -0.30 -68.12 -117.10
N TYR IB 17 -0.89 -68.82 -116.15
CA TYR IB 17 -0.62 -68.69 -114.73
C TYR IB 17 0.03 -69.97 -114.20
N ALA IB 18 0.84 -69.79 -113.17
CA ALA IB 18 1.51 -70.89 -112.48
C ALA IB 18 1.23 -70.82 -110.99
N VAL IB 19 1.11 -71.99 -110.37
CA VAL IB 19 0.84 -72.07 -108.93
C VAL IB 19 2.00 -71.47 -108.17
N SER IB 20 1.70 -70.52 -107.29
CA SER IB 20 2.70 -69.89 -106.42
C SER IB 20 2.65 -70.37 -104.98
N GLU IB 21 1.46 -70.58 -104.40
CA GLU IB 21 1.42 -71.25 -103.11
C GLU IB 21 0.03 -71.84 -102.90
N GLN IB 22 -0.03 -72.90 -102.08
CA GLN IB 22 -1.28 -73.54 -101.75
C GLN IB 22 -1.29 -73.87 -100.26
N GLN IB 23 -2.30 -73.35 -99.56
CA GLN IB 23 -2.52 -73.65 -98.16
C GLN IB 23 -3.80 -74.47 -98.04
N GLY IB 24 -4.23 -74.71 -96.81
CA GLY IB 24 -5.41 -75.54 -96.60
C GLY IB 24 -6.64 -74.95 -97.24
N THR IB 25 -6.85 -73.64 -97.05
CA THR IB 25 -8.03 -72.95 -97.57
C THR IB 25 -7.66 -71.76 -98.45
N LEU IB 26 -6.42 -71.70 -98.93
CA LEU IB 26 -5.96 -70.57 -99.72
C LEU IB 26 -5.02 -71.05 -100.81
N PHE IB 27 -5.08 -70.39 -101.98
CA PHE IB 27 -4.09 -70.62 -103.02
C PHE IB 27 -3.84 -69.33 -103.79
N ARG IB 28 -2.70 -69.32 -104.49
CA ARG IB 28 -2.25 -68.16 -105.25
C ARG IB 28 -1.50 -68.61 -106.49
N PHE IB 29 -1.93 -68.05 -107.62
CA PHE IB 29 -1.29 -68.15 -108.93
C PHE IB 29 -0.61 -66.83 -109.30
N VAL IB 30 0.43 -66.95 -110.13
CA VAL IB 30 1.15 -65.81 -110.67
C VAL IB 30 1.18 -65.91 -112.19
N ASP IB 31 1.06 -64.75 -112.86
CA ASP IB 31 1.15 -64.69 -114.32
C ASP IB 31 2.57 -65.03 -114.76
N LYS IB 32 2.70 -66.05 -115.63
CA LYS IB 32 4.01 -66.47 -116.10
C LYS IB 32 4.73 -65.40 -116.90
N SER IB 33 4.05 -64.31 -117.26
CA SER IB 33 4.67 -63.21 -117.98
C SER IB 33 5.69 -62.47 -117.13
N GLY IB 34 5.68 -62.67 -115.80
CA GLY IB 34 6.39 -61.79 -114.89
C GLY IB 34 7.46 -62.49 -114.06
N THR IB 35 8.23 -61.65 -113.38
CA THR IB 35 9.31 -62.03 -112.47
C THR IB 35 8.90 -61.69 -111.04
N VAL IB 36 9.61 -62.27 -110.08
CA VAL IB 36 9.62 -61.73 -108.73
C VAL IB 36 9.84 -60.23 -108.79
N ALA IB 37 10.85 -59.79 -109.54
CA ALA IB 37 11.16 -58.38 -109.67
C ALA IB 37 10.00 -57.60 -110.28
N ASN IB 38 9.65 -57.94 -111.52
CA ASN IB 38 8.56 -57.26 -112.21
C ASN IB 38 7.39 -58.24 -112.35
N ASN IB 39 6.27 -57.90 -111.72
CA ASN IB 39 5.09 -58.76 -111.71
C ASN IB 39 4.07 -58.29 -112.74
N THR IB 40 3.47 -59.25 -113.44
CA THR IB 40 2.46 -58.95 -114.45
C THR IB 40 1.04 -59.28 -114.03
N GLY IB 41 0.85 -60.11 -113.00
CA GLY IB 41 -0.48 -60.47 -112.57
C GLY IB 41 -0.50 -61.46 -111.44
N VAL IB 42 -1.52 -61.37 -110.58
CA VAL IB 42 -1.65 -62.29 -109.45
C VAL IB 42 -3.11 -62.62 -109.25
N PHE IB 43 -3.36 -63.86 -108.82
CA PHE IB 43 -4.70 -64.30 -108.47
C PHE IB 43 -4.63 -65.08 -107.16
N SER IB 44 -5.55 -64.79 -106.26
CA SER IB 44 -5.59 -65.44 -104.97
C SER IB 44 -7.03 -65.76 -104.59
N LEU IB 45 -7.21 -66.90 -103.92
CA LEU IB 45 -8.54 -67.36 -103.52
C LEU IB 45 -8.45 -67.98 -102.12
N GLU IB 46 -9.40 -67.62 -101.25
CA GLU IB 46 -9.45 -68.13 -99.88
C GLU IB 46 -10.89 -68.42 -99.47
N GLN IB 47 -11.10 -69.56 -98.81
CA GLN IB 47 -12.41 -69.91 -98.26
C GLN IB 47 -12.39 -69.86 -96.74
N ARG IB 48 -13.47 -69.34 -96.17
CA ARG IB 48 -13.65 -69.20 -94.73
C ARG IB 48 -14.98 -69.89 -94.39
N PHE IB 49 -14.87 -71.10 -93.87
CA PHE IB 49 -16.00 -71.89 -93.40
C PHE IB 49 -16.35 -71.42 -91.98
N GLY IB 50 -17.51 -70.82 -91.82
CA GLY IB 50 -17.93 -70.31 -90.52
C GLY IB 50 -18.57 -71.38 -89.66
N ALA IB 51 -19.21 -70.92 -88.57
CA ALA IB 51 -20.01 -71.84 -87.77
C ALA IB 51 -21.29 -72.24 -88.51
N ALA IB 52 -22.00 -73.23 -87.96
CA ALA IB 52 -23.18 -73.76 -88.63
C ALA IB 52 -24.28 -72.72 -88.77
N ASN IB 53 -24.28 -71.67 -87.95
CA ASN IB 53 -25.19 -70.54 -88.14
C ASN IB 53 -24.63 -69.51 -89.10
N SER IB 54 -23.34 -69.57 -89.43
CA SER IB 54 -22.69 -68.61 -90.30
C SER IB 54 -22.66 -69.11 -91.73
N ASN IB 55 -22.69 -68.16 -92.67
CA ASN IB 55 -22.48 -68.47 -94.07
C ASN IB 55 -21.00 -68.68 -94.33
N ARG IB 56 -20.65 -69.71 -95.09
CA ARG IB 56 -19.28 -69.81 -95.53
C ARG IB 56 -19.03 -68.75 -96.61
N LYS IB 57 -17.80 -68.28 -96.67
CA LYS IB 57 -17.45 -67.17 -97.54
C LYS IB 57 -16.23 -67.54 -98.39
N VAL IB 58 -16.21 -67.05 -99.62
CA VAL IB 58 -15.15 -67.37 -100.55
C VAL IB 58 -14.74 -66.09 -101.25
N THR IB 59 -13.46 -65.73 -101.18
CA THR IB 59 -13.01 -64.44 -101.70
C THR IB 59 -11.85 -64.61 -102.66
N MET IB 60 -11.91 -63.85 -103.76
CA MET IB 60 -10.91 -63.86 -104.81
C MET IB 60 -10.39 -62.45 -105.02
N LEU IB 61 -9.09 -62.35 -105.25
CA LEU IB 61 -8.44 -61.10 -105.61
C LEU IB 61 -7.60 -61.32 -106.86
N LEU IB 62 -7.87 -60.52 -107.89
CA LEU IB 62 -7.14 -60.51 -109.15
C LEU IB 62 -6.49 -59.15 -109.28
N THR IB 63 -5.16 -59.14 -109.38
CA THR IB 63 -4.39 -57.91 -109.48
C THR IB 63 -3.62 -57.89 -110.79
N ASP IB 64 -3.79 -56.80 -111.55
CA ASP IB 64 -3.09 -56.59 -112.82
C ASP IB 64 -2.32 -55.31 -112.75
N PRO IB 65 -1.00 -55.39 -112.60
CA PRO IB 65 -0.17 -54.18 -112.67
C PRO IB 65 0.33 -53.92 -114.08
N VAL IB 66 0.42 -52.64 -114.42
CA VAL IB 66 0.87 -52.16 -115.72
C VAL IB 66 1.88 -51.04 -115.49
N VAL IB 67 2.89 -50.97 -116.35
CA VAL IB 67 3.82 -49.86 -116.30
C VAL IB 67 3.30 -48.75 -117.19
N VAL IB 68 3.24 -47.53 -116.63
CA VAL IB 68 2.74 -46.35 -117.31
C VAL IB 68 3.80 -45.27 -117.27
N LYS IB 69 3.79 -44.40 -118.28
CA LYS IB 69 4.68 -43.25 -118.34
C LYS IB 69 4.24 -42.21 -117.32
N ASP IB 70 5.22 -41.64 -116.62
CA ASP IB 70 4.96 -40.55 -115.71
C ASP IB 70 4.68 -39.26 -116.49
N ALA IB 71 4.07 -38.29 -115.80
CA ALA IB 71 3.92 -36.96 -116.41
C ALA IB 71 5.28 -36.35 -116.69
N SER IB 72 6.28 -36.66 -115.87
CA SER IB 72 7.65 -36.27 -116.16
C SER IB 72 8.29 -37.19 -117.19
N GLY IB 73 7.83 -38.44 -117.28
CA GLY IB 73 8.38 -39.42 -118.20
C GLY IB 73 8.93 -40.66 -117.54
N ALA IB 74 9.09 -40.66 -116.22
CA ALA IB 74 9.63 -41.81 -115.51
C ALA IB 74 8.73 -43.04 -115.68
N ASP IB 75 9.31 -44.21 -115.44
CA ASP IB 75 8.55 -45.45 -115.46
C ASP IB 75 7.89 -45.66 -114.10
N MET IB 76 6.58 -45.91 -114.11
CA MET IB 76 5.84 -46.03 -112.86
C MET IB 76 4.88 -47.22 -112.97
N THR IB 77 4.79 -48.02 -111.92
CA THR IB 77 3.92 -49.20 -111.95
C THR IB 77 2.61 -48.91 -111.22
N ILE IB 78 1.50 -49.26 -111.87
CA ILE IB 78 0.16 -48.96 -111.38
C ILE IB 78 -0.65 -50.26 -111.41
N LYS IB 79 -1.30 -50.57 -110.29
CA LYS IB 79 -2.08 -51.79 -110.17
C LYS IB 79 -3.56 -51.48 -110.27
N ALA IB 80 -4.31 -52.41 -110.87
CA ALA IB 80 -5.77 -52.39 -110.90
C ALA IB 80 -6.26 -53.69 -110.26
N ASN IB 81 -7.27 -53.56 -109.38
CA ASN IB 81 -7.70 -54.69 -108.57
C ASN IB 81 -9.14 -55.05 -108.92
N ALA IB 82 -9.45 -56.34 -108.87
CA ALA IB 82 -10.82 -56.80 -108.92
C ALA IB 82 -10.97 -57.87 -107.84
N SER IB 83 -12.06 -57.78 -107.07
CA SER IB 83 -12.26 -58.71 -105.97
C SER IB 83 -13.68 -59.23 -105.99
N VAL IB 84 -13.83 -60.53 -105.84
CA VAL IB 84 -15.14 -61.18 -105.81
C VAL IB 84 -15.29 -61.84 -104.44
N THR IB 85 -16.51 -61.83 -103.92
CA THR IB 85 -16.83 -62.48 -102.64
C THR IB 85 -18.17 -63.19 -102.76
N PHE IB 86 -18.16 -64.49 -102.54
CA PHE IB 86 -19.35 -65.33 -102.52
C PHE IB 86 -19.73 -65.58 -101.06
N SER IB 87 -20.91 -65.11 -100.66
CA SER IB 87 -21.49 -65.44 -99.37
C SER IB 87 -22.54 -66.51 -99.58
N LEU IB 88 -22.24 -67.72 -99.10
CA LEU IB 88 -23.04 -68.90 -99.36
C LEU IB 88 -23.48 -69.51 -98.03
N PRO IB 89 -24.76 -69.42 -97.69
CA PRO IB 89 -25.27 -70.10 -96.49
C PRO IB 89 -25.21 -71.61 -96.65
N LYS IB 90 -25.13 -72.28 -95.51
CA LYS IB 90 -24.94 -73.73 -95.50
C LYS IB 90 -26.24 -74.50 -95.63
N THR IB 91 -27.37 -73.81 -95.80
CA THR IB 91 -28.64 -74.43 -96.17
C THR IB 91 -28.96 -74.20 -97.63
N TYR IB 92 -28.11 -73.47 -98.34
CA TYR IB 92 -28.27 -73.19 -99.75
C TYR IB 92 -27.73 -74.35 -100.59
N PRO IB 93 -28.44 -74.80 -101.61
CA PRO IB 93 -27.99 -75.98 -102.36
C PRO IB 93 -26.88 -75.69 -103.36
N ASN IB 94 -25.97 -76.68 -103.46
CA ASN IB 94 -24.78 -76.52 -104.30
C ASN IB 94 -25.16 -76.25 -105.75
N GLU IB 95 -26.25 -76.87 -106.23
CA GLU IB 95 -26.72 -76.60 -107.59
C GLU IB 95 -26.92 -75.11 -107.80
N HIS IB 96 -27.68 -74.47 -106.92
CA HIS IB 96 -27.96 -73.05 -107.08
C HIS IB 96 -26.71 -72.20 -106.86
N ILE IB 97 -25.73 -72.67 -106.09
CA ILE IB 97 -24.45 -71.97 -106.04
C ILE IB 97 -23.79 -71.95 -107.43
N THR IB 98 -23.78 -73.11 -108.09
CA THR IB 98 -23.23 -73.15 -109.46
C THR IB 98 -24.00 -72.22 -110.39
N LYS IB 99 -25.33 -72.25 -110.29
CA LYS IB 99 -26.17 -71.33 -111.06
C LYS IB 99 -25.76 -69.88 -110.82
N LEU IB 100 -25.55 -69.53 -109.56
CA LEU IB 100 -25.14 -68.17 -109.20
C LEU IB 100 -23.81 -67.80 -109.85
N ARG IB 101 -22.81 -68.68 -109.74
CA ARG IB 101 -21.51 -68.39 -110.32
C ARG IB 101 -21.61 -68.18 -111.83
N GLN IB 102 -22.40 -69.01 -112.50
CA GLN IB 102 -22.50 -68.88 -113.94
C GLN IB 102 -23.25 -67.60 -114.34
N THR IB 103 -24.32 -67.25 -113.61
CA THR IB 103 -25.00 -65.98 -113.89
C THR IB 103 -24.07 -64.80 -113.68
N LEU IB 104 -23.17 -64.90 -112.69
CA LEU IB 104 -22.19 -63.83 -112.50
C LEU IB 104 -21.25 -63.72 -113.68
N ILE IB 105 -20.78 -64.85 -114.20
CA ILE IB 105 -19.93 -64.82 -115.39
C ILE IB 105 -20.67 -64.15 -116.54
N ALA IB 106 -21.93 -64.54 -116.75
CA ALA IB 106 -22.73 -63.95 -117.83
C ALA IB 106 -22.89 -62.45 -117.65
N TRP IB 107 -23.15 -62.01 -116.42
CA TRP IB 107 -23.31 -60.58 -116.16
C TRP IB 107 -22.00 -59.84 -116.43
N LEU IB 108 -20.88 -60.39 -116.00
CA LEU IB 108 -19.58 -59.77 -116.27
C LEU IB 108 -19.29 -59.68 -117.74
N GLY IB 109 -19.93 -60.53 -118.55
CA GLY IB 109 -19.84 -60.40 -119.99
C GLY IB 109 -20.62 -59.25 -120.59
N GLN IB 110 -21.69 -58.82 -119.92
CA GLN IB 110 -22.66 -57.91 -120.50
C GLN IB 110 -22.07 -56.53 -120.78
N GLN IB 111 -22.66 -55.83 -121.75
CA GLN IB 111 -22.19 -54.49 -122.06
C GLN IB 111 -22.56 -53.50 -120.97
N CYS IB 112 -23.70 -53.68 -120.33
CA CYS IB 112 -24.11 -52.76 -119.27
C CYS IB 112 -23.20 -52.87 -118.06
N VAL IB 113 -22.49 -53.97 -117.90
CA VAL IB 113 -21.44 -54.07 -116.90
C VAL IB 113 -20.11 -53.61 -117.47
N SER IB 114 -19.87 -53.85 -118.77
CA SER IB 114 -18.59 -53.52 -119.37
C SER IB 114 -18.35 -52.02 -119.43
N ASP IB 115 -19.37 -51.25 -119.84
CA ASP IB 115 -19.17 -49.81 -120.04
C ASP IB 115 -18.70 -49.09 -118.79
N PRO IB 116 -19.33 -49.22 -117.62
CA PRO IB 116 -18.77 -48.54 -116.44
C PRO IB 116 -17.42 -49.08 -116.01
N VAL IB 117 -17.24 -50.40 -116.02
CA VAL IB 117 -15.97 -50.98 -115.61
C VAL IB 117 -14.86 -50.57 -116.59
N ASP IB 118 -15.03 -50.90 -117.86
CA ASP IB 118 -13.93 -50.76 -118.81
C ASP IB 118 -13.62 -49.28 -119.10
N SER IB 119 -14.66 -48.46 -119.27
CA SER IB 119 -14.45 -47.09 -119.75
C SER IB 119 -14.96 -46.01 -118.81
N GLY IB 120 -15.73 -46.34 -117.79
CA GLY IB 120 -16.24 -45.35 -116.86
C GLY IB 120 -17.56 -44.72 -117.24
N LEU IB 121 -18.11 -45.07 -118.39
CA LEU IB 121 -19.41 -44.54 -118.79
C LEU IB 121 -20.51 -45.22 -118.00
N ASN IB 122 -21.43 -44.43 -117.45
CA ASN IB 122 -22.60 -45.01 -116.82
C ASN IB 122 -23.69 -45.30 -117.87
N ASN IB 123 -24.58 -46.22 -117.52
CA ASN IB 123 -25.68 -46.53 -118.42
C ASN IB 123 -26.84 -45.58 -118.15
N TYR IB 124 -27.74 -45.48 -119.13
CA TYR IB 124 -28.84 -44.53 -119.04
C TYR IB 124 -30.16 -45.11 -119.53
N MET JB 1 0.90 -90.63 -97.21
CA MET JB 1 0.44 -91.12 -98.51
C MET JB 1 -0.03 -89.97 -99.39
N ARG JB 2 -0.15 -90.22 -100.69
CA ARG JB 2 -0.69 -89.23 -101.62
C ARG JB 2 -2.21 -89.34 -101.61
N LEU JB 3 -2.87 -88.32 -101.07
CA LEU JB 3 -4.32 -88.34 -100.90
C LEU JB 3 -5.04 -88.50 -102.22
N THR JB 4 -5.97 -89.46 -102.24
CA THR JB 4 -6.85 -89.70 -103.37
C THR JB 4 -8.25 -89.90 -102.82
N ASP JB 5 -9.26 -89.54 -103.63
CA ASP JB 5 -10.63 -89.75 -103.21
C ASP JB 5 -10.82 -91.21 -102.80
N VAL JB 6 -11.66 -91.44 -101.80
CA VAL JB 6 -11.72 -92.74 -101.14
C VAL JB 6 -13.14 -93.28 -101.27
N ASP JB 7 -13.25 -94.58 -101.48
CA ASP JB 7 -14.54 -95.27 -101.48
C ASP JB 7 -14.53 -96.37 -100.44
N LEU JB 8 -15.47 -96.26 -99.50
CA LEU JB 8 -15.55 -97.15 -98.36
C LEU JB 8 -16.71 -98.10 -98.55
N THR JB 9 -16.46 -99.38 -98.26
CA THR JB 9 -17.51 -100.38 -98.28
C THR JB 9 -18.10 -100.43 -96.87
N VAL JB 10 -19.34 -99.97 -96.74
CA VAL JB 10 -20.01 -99.80 -95.46
C VAL JB 10 -21.21 -100.74 -95.42
N GLY JB 11 -21.03 -101.89 -94.77
CA GLY JB 11 -22.07 -102.90 -94.78
C GLY JB 11 -22.34 -103.35 -96.19
N GLU JB 12 -23.51 -103.04 -96.72
CA GLU JB 12 -23.86 -103.41 -98.07
C GLU JB 12 -23.97 -102.22 -99.00
N GLU JB 13 -23.40 -101.10 -98.60
CA GLU JB 13 -23.47 -99.88 -99.37
C GLU JB 13 -22.05 -99.39 -99.62
N THR JB 14 -21.90 -98.42 -100.51
CA THR JB 14 -20.59 -97.82 -100.77
C THR JB 14 -20.69 -96.31 -100.58
N ARG JB 15 -19.91 -95.80 -99.63
CA ARG JB 15 -19.78 -94.36 -99.40
C ARG JB 15 -18.60 -93.84 -100.20
N GLU JB 16 -18.74 -92.64 -100.77
CA GLU JB 16 -17.73 -92.08 -101.66
C GLU JB 16 -17.35 -90.68 -101.21
N TYR JB 17 -16.13 -90.54 -100.71
CA TYR JB 17 -15.62 -89.28 -100.18
C TYR JB 17 -14.60 -88.69 -101.13
N ALA JB 18 -14.57 -87.36 -101.18
CA ALA JB 18 -13.65 -86.58 -101.97
C ALA JB 18 -12.80 -85.69 -101.07
N VAL JB 19 -11.52 -85.53 -101.44
CA VAL JB 19 -10.63 -84.69 -100.66
C VAL JB 19 -11.14 -83.27 -100.68
N SER JB 20 -11.30 -82.68 -99.49
CA SER JB 20 -11.79 -81.32 -99.35
C SER JB 20 -10.77 -80.32 -98.83
N GLU JB 21 -9.80 -80.76 -98.01
CA GLU JB 21 -8.66 -79.89 -97.78
C GLU JB 21 -7.47 -80.70 -97.26
N GLN JB 22 -6.27 -80.20 -97.56
CA GLN JB 22 -5.02 -80.79 -97.12
C GLN JB 22 -4.14 -79.68 -96.58
N GLN JB 23 -3.80 -79.74 -95.30
CA GLN JB 23 -2.86 -78.82 -94.69
C GLN JB 23 -1.58 -79.59 -94.38
N GLY JB 24 -0.75 -79.02 -93.52
CA GLY JB 24 0.48 -79.69 -93.15
C GLY JB 24 0.19 -81.00 -92.47
N THR JB 25 -0.52 -80.94 -91.33
CA THR JB 25 -0.78 -82.10 -90.49
C THR JB 25 -2.26 -82.47 -90.45
N LEU JB 26 -3.08 -81.83 -91.29
CA LEU JB 26 -4.53 -82.00 -91.25
C LEU JB 26 -5.06 -82.26 -92.65
N PHE JB 27 -6.07 -83.12 -92.74
CA PHE JB 27 -6.79 -83.34 -93.99
C PHE JB 27 -8.27 -83.53 -93.69
N ARG JB 28 -9.08 -83.37 -94.74
CA ARG JB 28 -10.53 -83.44 -94.63
C ARG JB 28 -11.12 -83.96 -95.93
N PHE JB 29 -11.91 -85.02 -95.81
CA PHE JB 29 -12.73 -85.59 -96.87
C PHE JB 29 -14.20 -85.22 -96.66
N VAL JB 30 -14.96 -85.35 -97.74
CA VAL JB 30 -16.35 -84.92 -97.76
C VAL JB 30 -17.18 -85.93 -98.56
N ASP JB 31 -18.36 -86.28 -98.05
CA ASP JB 31 -19.23 -87.24 -98.74
C ASP JB 31 -19.70 -86.66 -100.07
N LYS JB 32 -19.32 -87.34 -101.17
CA LYS JB 32 -19.67 -86.84 -102.50
C LYS JB 32 -21.17 -86.74 -102.70
N SER JB 33 -21.93 -87.60 -102.03
CA SER JB 33 -23.38 -87.68 -102.18
C SER JB 33 -24.10 -86.50 -101.53
N GLY JB 34 -23.38 -85.49 -101.04
CA GLY JB 34 -24.03 -84.37 -100.37
C GLY JB 34 -24.57 -83.38 -101.38
N THR JB 35 -25.79 -82.91 -101.13
CA THR JB 35 -26.42 -81.90 -101.96
C THR JB 35 -26.25 -80.50 -101.40
N VAL JB 36 -26.29 -80.36 -100.08
CA VAL JB 36 -26.14 -79.09 -99.40
C VAL JB 36 -25.01 -79.22 -98.40
N ALA JB 37 -24.47 -78.08 -97.98
CA ALA JB 37 -23.44 -78.09 -96.94
C ALA JB 37 -23.92 -78.83 -95.69
N ASN JB 38 -25.12 -78.51 -95.20
CA ASN JB 38 -25.65 -79.18 -94.02
C ASN JB 38 -26.01 -80.63 -94.32
N ASN JB 39 -26.43 -80.92 -95.55
CA ASN JB 39 -26.68 -82.30 -95.95
C ASN JB 39 -25.41 -83.15 -95.88
N THR JB 40 -24.24 -82.52 -96.04
CA THR JB 40 -23.01 -83.23 -96.39
C THR JB 40 -22.27 -83.76 -95.17
N GLY JB 41 -22.01 -85.07 -95.16
CA GLY JB 41 -21.15 -85.64 -94.13
C GLY JB 41 -19.69 -85.36 -94.40
N VAL JB 42 -18.88 -85.38 -93.34
CA VAL JB 42 -17.47 -85.04 -93.45
C VAL JB 42 -16.63 -85.92 -92.54
N PHE JB 43 -15.34 -85.98 -92.87
CA PHE JB 43 -14.37 -86.70 -92.06
C PHE JB 43 -13.06 -85.95 -92.07
N SER JB 44 -12.50 -85.73 -90.89
CA SER JB 44 -11.30 -84.93 -90.76
C SER JB 44 -10.33 -85.62 -89.81
N LEU JB 45 -9.03 -85.43 -90.09
CA LEU JB 45 -7.97 -86.02 -89.27
C LEU JB 45 -6.82 -85.03 -89.14
N GLU JB 46 -6.23 -84.98 -87.95
CA GLU JB 46 -5.14 -84.07 -87.64
C GLU JB 46 -4.17 -84.76 -86.69
N GLN JB 47 -2.88 -84.61 -86.98
CA GLN JB 47 -1.84 -85.11 -86.09
C GLN JB 47 -1.13 -83.94 -85.41
N ARG JB 48 -0.90 -84.09 -84.11
CA ARG JB 48 -0.21 -83.11 -83.28
C ARG JB 48 1.00 -83.84 -82.70
N PHE JB 49 2.16 -83.60 -83.32
CA PHE JB 49 3.41 -84.17 -82.87
C PHE JB 49 3.97 -83.30 -81.75
N GLY JB 50 4.23 -83.90 -80.59
CA GLY JB 50 4.69 -83.17 -79.44
C GLY JB 50 6.21 -83.09 -79.35
N ALA JB 51 6.69 -82.56 -78.22
CA ALA JB 51 8.12 -82.61 -77.93
C ALA JB 51 8.53 -84.06 -77.64
N ALA JB 52 9.83 -84.26 -77.42
CA ALA JB 52 10.33 -85.62 -77.23
C ALA JB 52 9.82 -86.25 -75.94
N ASN JB 53 9.49 -85.43 -74.94
CA ASN JB 53 8.87 -85.94 -73.72
C ASN JB 53 7.37 -86.14 -73.86
N SER JB 54 6.78 -85.64 -74.94
CA SER JB 54 5.34 -85.75 -75.16
C SER JB 54 5.01 -86.98 -76.00
N ASN JB 55 3.73 -87.31 -76.04
CA ASN JB 55 3.19 -88.30 -76.95
C ASN JB 55 2.60 -87.59 -78.14
N ARG JB 56 2.80 -88.13 -79.33
CA ARG JB 56 2.08 -87.58 -80.47
C ARG JB 56 0.62 -88.01 -80.39
N LYS JB 57 -0.26 -87.16 -80.86
CA LYS JB 57 -1.70 -87.41 -80.79
C LYS JB 57 -2.31 -87.29 -82.18
N VAL JB 58 -3.15 -88.24 -82.54
CA VAL JB 58 -3.87 -88.19 -83.82
C VAL JB 58 -5.36 -88.20 -83.50
N THR JB 59 -6.09 -87.25 -84.08
CA THR JB 59 -7.51 -87.12 -83.81
C THR JB 59 -8.29 -87.16 -85.12
N MET JB 60 -9.45 -87.78 -85.07
CA MET JB 60 -10.36 -87.89 -86.20
C MET JB 60 -11.76 -87.54 -85.76
N LEU JB 61 -12.46 -86.82 -86.62
CA LEU JB 61 -13.87 -86.50 -86.44
C LEU JB 61 -14.66 -86.91 -87.67
N LEU JB 62 -15.71 -87.69 -87.45
CA LEU JB 62 -16.63 -88.14 -88.47
C LEU JB 62 -18.01 -87.58 -88.15
N THR JB 63 -18.57 -86.81 -89.08
CA THR JB 63 -19.87 -86.16 -88.91
C THR JB 63 -20.83 -86.66 -89.98
N ASP JB 64 -21.97 -87.18 -89.54
CA ASP JB 64 -22.99 -87.73 -90.44
C ASP JB 64 -24.33 -87.07 -90.13
N PRO JB 65 -24.69 -86.01 -90.85
CA PRO JB 65 -26.01 -85.40 -90.68
C PRO JB 65 -27.09 -86.13 -91.47
N VAL JB 66 -28.33 -86.02 -90.97
CA VAL JB 66 -29.51 -86.63 -91.58
C VAL JB 66 -30.66 -85.63 -91.49
N VAL JB 67 -31.59 -85.70 -92.44
CA VAL JB 67 -32.75 -84.81 -92.45
C VAL JB 67 -33.93 -85.49 -91.76
N VAL JB 68 -34.53 -84.80 -90.80
CA VAL JB 68 -35.70 -85.29 -90.08
C VAL JB 68 -36.86 -84.30 -90.24
N MET JB 76 -35.75 -80.17 -90.52
CA MET JB 76 -34.56 -80.03 -89.69
C MET JB 76 -33.50 -81.10 -90.01
N THR JB 77 -32.22 -80.74 -89.92
CA THR JB 77 -31.10 -81.65 -90.10
C THR JB 77 -30.35 -81.82 -88.78
N ILE JB 78 -30.12 -83.08 -88.41
CA ILE JB 78 -29.56 -83.47 -87.14
C ILE JB 78 -28.20 -84.14 -87.40
N LYS JB 79 -27.19 -83.75 -86.63
CA LYS JB 79 -25.84 -84.23 -86.84
C LYS JB 79 -25.39 -85.14 -85.69
N ALA JB 80 -24.75 -86.26 -86.04
CA ALA JB 80 -24.15 -87.17 -85.07
C ALA JB 80 -22.65 -87.30 -85.34
N ASN JB 81 -21.87 -87.37 -84.27
CA ASN JB 81 -20.42 -87.32 -84.37
C ASN JB 81 -19.78 -88.57 -83.79
N ALA JB 82 -18.74 -89.05 -84.44
CA ALA JB 82 -17.82 -90.01 -83.85
C ALA JB 82 -16.44 -89.38 -83.85
N SER JB 83 -15.72 -89.50 -82.74
CA SER JB 83 -14.39 -88.91 -82.64
C SER JB 83 -13.43 -89.93 -82.05
N VAL JB 84 -12.33 -90.18 -82.75
CA VAL JB 84 -11.31 -91.10 -82.29
C VAL JB 84 -10.05 -90.31 -82.00
N THR JB 85 -9.31 -90.71 -80.97
CA THR JB 85 -8.05 -90.07 -80.60
C THR JB 85 -7.05 -91.14 -80.19
N PHE JB 86 -5.90 -91.16 -80.88
CA PHE JB 86 -4.81 -92.08 -80.60
C PHE JB 86 -3.71 -91.29 -79.90
N SER JB 87 -3.40 -91.68 -78.65
CA SER JB 87 -2.28 -91.12 -77.91
C SER JB 87 -1.15 -92.14 -77.96
N LEU JB 88 -0.08 -91.79 -78.66
CA LEU JB 88 1.00 -92.71 -78.98
C LEU JB 88 2.32 -92.14 -78.49
N PRO JB 89 2.94 -92.75 -77.49
CA PRO JB 89 4.29 -92.34 -77.09
C PRO JB 89 5.29 -92.68 -78.18
N LYS JB 90 6.35 -91.86 -78.26
CA LYS JB 90 7.28 -92.01 -79.37
C LYS JB 90 8.08 -93.31 -79.25
N THR JB 91 8.48 -93.67 -78.03
CA THR JB 91 9.23 -94.91 -77.82
C THR JB 91 8.39 -96.15 -78.14
N TYR JB 92 7.08 -96.01 -78.21
CA TYR JB 92 6.19 -97.16 -78.48
C TYR JB 92 6.38 -97.63 -79.92
N PRO JB 93 6.44 -98.94 -80.16
CA PRO JB 93 6.83 -99.42 -81.50
C PRO JB 93 5.69 -99.39 -82.53
N ASN JB 94 6.06 -98.99 -83.74
CA ASN JB 94 5.08 -98.81 -84.81
C ASN JB 94 4.28 -100.09 -85.07
N GLU JB 95 4.91 -101.25 -84.92
CA GLU JB 95 4.20 -102.50 -85.12
C GLU JB 95 3.04 -102.64 -84.14
N HIS JB 96 3.31 -102.44 -82.85
CA HIS JB 96 2.23 -102.51 -81.85
C HIS JB 96 1.19 -101.42 -82.04
N ILE JB 97 1.55 -100.27 -82.65
CA ILE JB 97 0.53 -99.28 -82.99
C ILE JB 97 -0.43 -99.83 -84.06
N THR JB 98 0.12 -100.42 -85.12
CA THR JB 98 -0.75 -101.04 -86.14
C THR JB 98 -1.67 -102.06 -85.49
N LYS JB 99 -1.12 -102.85 -84.57
CA LYS JB 99 -1.94 -103.79 -83.80
C LYS JB 99 -3.08 -103.09 -83.07
N LEU JB 100 -2.77 -102.01 -82.35
CA LEU JB 100 -3.79 -101.29 -81.60
C LEU JB 100 -4.93 -100.84 -82.52
N ARG JB 101 -4.59 -100.22 -83.65
CA ARG JB 101 -5.60 -99.74 -84.58
C ARG JB 101 -6.50 -100.89 -85.04
N GLN JB 102 -5.88 -102.02 -85.42
CA GLN JB 102 -6.68 -103.14 -85.93
C GLN JB 102 -7.61 -103.69 -84.86
N THR JB 103 -7.13 -103.79 -83.61
CA THR JB 103 -8.01 -104.30 -82.54
C THR JB 103 -9.14 -103.33 -82.23
N LEU JB 104 -8.92 -102.02 -82.38
CA LEU JB 104 -10.03 -101.08 -82.23
C LEU JB 104 -11.08 -101.33 -83.30
N ILE JB 105 -10.65 -101.55 -84.55
CA ILE JB 105 -11.61 -101.90 -85.60
C ILE JB 105 -12.41 -103.14 -85.20
N ALA JB 106 -11.71 -104.18 -84.76
CA ALA JB 106 -12.38 -105.42 -84.35
C ALA JB 106 -13.40 -105.17 -83.24
N TRP JB 107 -13.02 -104.35 -82.25
CA TRP JB 107 -13.93 -104.04 -81.15
C TRP JB 107 -15.18 -103.34 -81.66
N LEU JB 108 -14.99 -102.31 -82.49
CA LEU JB 108 -16.11 -101.58 -83.07
C LEU JB 108 -17.02 -102.49 -83.88
N GLY JB 109 -16.53 -103.65 -84.30
CA GLY JB 109 -17.38 -104.66 -84.92
C GLY JB 109 -18.35 -105.37 -83.99
N GLN JB 110 -17.97 -105.55 -82.72
CA GLN JB 110 -18.63 -106.50 -81.84
C GLN JB 110 -20.01 -106.02 -81.38
N GLN JB 111 -20.82 -106.99 -80.95
CA GLN JB 111 -22.18 -106.68 -80.50
C GLN JB 111 -22.16 -105.86 -79.23
N CYS JB 112 -21.27 -106.19 -78.30
CA CYS JB 112 -21.22 -105.46 -77.03
C CYS JB 112 -20.93 -103.99 -77.24
N VAL JB 113 -20.42 -103.61 -78.41
CA VAL JB 113 -20.22 -102.21 -78.76
C VAL JB 113 -21.37 -101.68 -79.61
N SER JB 114 -21.88 -102.49 -80.54
CA SER JB 114 -22.95 -102.00 -81.41
C SER JB 114 -24.24 -101.75 -80.64
N ASP JB 115 -24.58 -102.64 -79.69
CA ASP JB 115 -25.83 -102.51 -78.96
C ASP JB 115 -25.96 -101.15 -78.23
N PRO JB 116 -24.96 -100.70 -77.47
CA PRO JB 116 -25.10 -99.35 -76.90
C PRO JB 116 -24.98 -98.23 -77.92
N VAL JB 117 -24.02 -98.31 -78.83
CA VAL JB 117 -23.87 -97.27 -79.84
C VAL JB 117 -25.11 -97.17 -80.71
N ASP JB 118 -25.46 -98.27 -81.40
CA ASP JB 118 -26.51 -98.23 -82.40
C ASP JB 118 -27.86 -97.93 -81.78
N SER JB 119 -28.28 -98.73 -80.78
CA SER JB 119 -29.64 -98.65 -80.26
C SER JB 119 -29.74 -98.23 -78.81
N GLY JB 120 -28.63 -98.12 -78.09
CA GLY JB 120 -28.67 -97.71 -76.70
C GLY JB 120 -28.85 -98.81 -75.69
N LEU JB 121 -28.82 -100.07 -76.10
CA LEU JB 121 -28.90 -101.19 -75.17
C LEU JB 121 -27.56 -101.32 -74.45
N ASN JB 122 -27.59 -101.28 -73.12
CA ASN JB 122 -26.38 -101.60 -72.38
C ASN JB 122 -26.25 -103.10 -72.23
N ASN JB 123 -25.04 -103.54 -71.92
CA ASN JB 123 -24.79 -104.96 -71.75
C ASN JB 123 -25.02 -105.36 -70.30
N TYR JB 124 -25.49 -106.59 -70.14
CA TYR JB 124 -25.89 -107.07 -68.82
C TYR JB 124 -25.46 -108.50 -68.63
N MET KB 1 6.53 -76.43 -107.81
CA MET KB 1 6.65 -77.86 -108.10
C MET KB 1 5.59 -78.63 -107.34
N ARG KB 2 5.00 -79.65 -107.99
CA ARG KB 2 4.11 -80.59 -107.32
C ARG KB 2 4.95 -81.53 -106.45
N LEU KB 3 4.88 -81.33 -105.14
CA LEU KB 3 5.76 -82.07 -104.25
C LEU KB 3 5.42 -83.54 -104.26
N THR KB 4 6.44 -84.38 -104.44
CA THR KB 4 6.33 -85.81 -104.26
C THR KB 4 7.63 -86.31 -103.65
N ASP KB 5 7.58 -87.56 -103.14
CA ASP KB 5 8.75 -88.17 -102.54
C ASP KB 5 9.92 -88.10 -103.50
N VAL KB 6 11.14 -87.99 -102.97
CA VAL KB 6 12.32 -87.92 -103.80
C VAL KB 6 13.36 -88.93 -103.30
N ASP KB 7 14.23 -89.33 -104.22
CA ASP KB 7 15.38 -90.16 -103.93
C ASP KB 7 16.63 -89.42 -104.38
N LEU KB 8 17.61 -89.34 -103.50
CA LEU KB 8 18.84 -88.60 -103.73
C LEU KB 8 20.00 -89.56 -103.95
N THR KB 9 20.86 -89.21 -104.89
CA THR KB 9 22.07 -89.94 -105.13
C THR KB 9 23.17 -89.31 -104.29
N VAL KB 10 23.70 -90.06 -103.32
CA VAL KB 10 24.64 -89.54 -102.34
C VAL KB 10 25.92 -90.37 -102.42
N GLY KB 11 26.92 -89.85 -103.11
CA GLY KB 11 28.13 -90.61 -103.33
C GLY KB 11 27.81 -91.92 -104.03
N GLU KB 12 27.99 -93.03 -103.33
CA GLU KB 12 27.73 -94.36 -103.89
C GLU KB 12 26.58 -95.06 -103.18
N GLU KB 13 25.67 -94.30 -102.58
CA GLU KB 13 24.48 -94.85 -101.97
C GLU KB 13 23.27 -94.06 -102.45
N THR KB 14 22.09 -94.60 -102.19
CA THR KB 14 20.84 -93.92 -102.53
C THR KB 14 20.05 -93.67 -101.26
N ARG KB 15 19.63 -92.42 -101.08
CA ARG KB 15 18.92 -91.96 -99.90
C ARG KB 15 17.48 -91.68 -100.28
N GLU KB 16 16.54 -92.28 -99.57
CA GLU KB 16 15.12 -92.19 -99.93
C GLU KB 16 14.37 -91.34 -98.91
N TYR KB 17 13.83 -90.21 -99.35
CA TYR KB 17 13.01 -89.37 -98.48
C TYR KB 17 11.55 -89.49 -98.90
N ALA KB 18 10.67 -89.16 -97.97
CA ALA KB 18 9.23 -89.14 -98.19
C ALA KB 18 8.65 -87.85 -97.62
N VAL KB 19 7.66 -87.31 -98.32
CA VAL KB 19 7.04 -86.06 -97.87
C VAL KB 19 6.38 -86.31 -96.53
N SER KB 20 6.76 -85.51 -95.53
CA SER KB 20 6.16 -85.59 -94.20
C SER KB 20 5.19 -84.47 -93.90
N GLU KB 21 5.35 -83.29 -94.50
CA GLU KB 21 4.28 -82.29 -94.47
C GLU KB 21 4.52 -81.26 -95.55
N GLN KB 22 3.43 -80.67 -96.03
CA GLN KB 22 3.50 -79.58 -97.00
C GLN KB 22 2.53 -78.49 -96.60
N GLN KB 23 3.06 -77.29 -96.35
CA GLN KB 23 2.29 -76.10 -96.06
C GLN KB 23 2.50 -75.08 -97.18
N GLY KB 24 1.91 -73.90 -96.99
CA GLY KB 24 1.93 -72.90 -98.06
C GLY KB 24 3.33 -72.47 -98.41
N THR KB 25 4.15 -72.15 -97.40
CA THR KB 25 5.50 -71.67 -97.58
C THR KB 25 6.55 -72.62 -97.00
N LEU KB 26 6.14 -73.78 -96.50
CA LEU KB 26 7.03 -74.71 -95.81
C LEU KB 26 6.74 -76.14 -96.26
N PHE KB 27 7.81 -76.95 -96.29
CA PHE KB 27 7.64 -78.39 -96.50
C PHE KB 27 8.72 -79.14 -95.74
N ARG KB 28 8.45 -80.43 -95.52
CA ARG KB 28 9.32 -81.28 -94.74
C ARG KB 28 9.29 -82.70 -95.30
N PHE KB 29 10.50 -83.23 -95.54
CA PHE KB 29 10.76 -84.62 -95.90
C PHE KB 29 11.40 -85.37 -94.73
N VAL KB 30 11.20 -86.68 -94.71
CA VAL KB 30 11.76 -87.57 -93.71
C VAL KB 30 12.44 -88.75 -94.40
N ASP KB 31 13.60 -89.17 -93.87
CA ASP KB 31 14.31 -90.32 -94.43
C ASP KB 31 13.50 -91.59 -94.21
N LYS KB 32 13.23 -92.32 -95.30
CA LYS KB 32 12.35 -93.48 -95.25
C LYS KB 32 12.92 -94.61 -94.39
N SER KB 33 14.21 -94.57 -94.06
CA SER KB 33 14.83 -95.61 -93.25
C SER KB 33 14.58 -95.45 -91.75
N GLY KB 34 13.67 -94.56 -91.35
CA GLY KB 34 13.54 -94.16 -89.96
C GLY KB 34 12.16 -94.42 -89.35
N THR KB 35 12.11 -94.28 -88.04
CA THR KB 35 10.91 -94.44 -87.22
C THR KB 35 10.73 -93.17 -86.38
N VAL KB 36 9.52 -92.97 -85.84
CA VAL KB 36 9.35 -91.95 -84.82
C VAL KB 36 10.31 -92.22 -83.67
N ALA KB 37 10.45 -93.49 -83.29
CA ALA KB 37 11.34 -93.84 -82.18
C ALA KB 37 12.79 -93.59 -82.55
N ASN KB 38 13.23 -94.12 -83.69
CA ASN KB 38 14.60 -93.94 -84.15
C ASN KB 38 14.58 -93.20 -85.47
N ASN KB 39 14.75 -91.88 -85.41
CA ASN KB 39 14.78 -91.08 -86.62
C ASN KB 39 16.17 -91.10 -87.24
N THR KB 40 16.22 -90.98 -88.56
CA THR KB 40 17.44 -91.12 -89.31
C THR KB 40 17.78 -89.92 -90.17
N GLY KB 41 16.84 -89.01 -90.39
CA GLY KB 41 17.11 -87.85 -91.21
C GLY KB 41 15.87 -87.05 -91.48
N VAL KB 42 16.00 -85.72 -91.51
CA VAL KB 42 14.89 -84.84 -91.84
C VAL KB 42 15.44 -83.70 -92.67
N PHE KB 43 14.60 -83.19 -93.57
CA PHE KB 43 14.92 -82.01 -94.36
C PHE KB 43 13.69 -81.11 -94.36
N SER KB 44 13.92 -79.82 -94.18
CA SER KB 44 12.81 -78.87 -94.14
C SER KB 44 13.23 -77.59 -94.85
N LEU KB 45 12.26 -76.94 -95.50
CA LEU KB 45 12.52 -75.70 -96.23
C LEU KB 45 11.33 -74.76 -96.07
N GLU KB 46 11.63 -73.47 -95.88
CA GLU KB 46 10.62 -72.45 -95.70
C GLU KB 46 11.04 -71.19 -96.45
N GLN KB 47 10.09 -70.54 -97.12
CA GLN KB 47 10.32 -69.24 -97.73
C GLN KB 47 9.53 -68.18 -96.99
N ARG KB 48 10.22 -67.13 -96.54
CA ARG KB 48 9.60 -65.91 -96.05
C ARG KB 48 9.75 -64.88 -97.16
N PHE KB 49 8.72 -64.77 -97.99
CA PHE KB 49 8.66 -63.71 -98.98
C PHE KB 49 8.47 -62.38 -98.25
N GLY KB 50 9.47 -61.51 -98.36
CA GLY KB 50 9.48 -60.31 -97.55
C GLY KB 50 8.53 -59.23 -98.04
N ALA KB 51 8.47 -58.16 -97.25
CA ALA KB 51 7.77 -56.95 -97.68
C ALA KB 51 8.38 -56.42 -98.97
N ALA KB 52 7.64 -55.54 -99.64
CA ALA KB 52 8.06 -55.06 -100.96
C ALA KB 52 9.42 -54.38 -100.93
N ASN KB 53 9.82 -53.84 -99.78
CA ASN KB 53 11.13 -53.23 -99.65
C ASN KB 53 12.22 -54.23 -99.32
N SER KB 54 11.88 -55.31 -98.61
CA SER KB 54 12.87 -56.25 -98.10
C SER KB 54 13.18 -57.34 -99.12
N ASN KB 55 14.26 -58.06 -98.84
CA ASN KB 55 14.61 -59.26 -99.59
C ASN KB 55 13.74 -60.43 -99.13
N ARG KB 56 13.56 -61.40 -100.02
CA ARG KB 56 12.92 -62.63 -99.60
C ARG KB 56 14.00 -63.60 -99.12
N LYS KB 57 13.62 -64.44 -98.16
CA LYS KB 57 14.54 -65.38 -97.55
C LYS KB 57 14.03 -66.79 -97.76
N VAL KB 58 14.94 -67.70 -98.07
CA VAL KB 58 14.63 -69.12 -98.13
C VAL KB 58 15.61 -69.84 -97.21
N THR KB 59 15.08 -70.66 -96.31
CA THR KB 59 15.91 -71.35 -95.34
C THR KB 59 15.66 -72.85 -95.40
N MET KB 60 16.73 -73.62 -95.25
CA MET KB 60 16.70 -75.07 -95.26
C MET KB 60 17.46 -75.60 -94.06
N LEU KB 61 16.91 -76.64 -93.46
CA LEU KB 61 17.55 -77.36 -92.37
C LEU KB 61 17.59 -78.85 -92.70
N LEU KB 62 18.79 -79.41 -92.68
CA LEU KB 62 19.02 -80.84 -92.86
C LEU KB 62 19.57 -81.38 -91.55
N THR KB 63 18.91 -82.39 -90.99
CA THR KB 63 19.33 -82.97 -89.72
C THR KB 63 19.54 -84.46 -89.89
N ASP KB 64 20.74 -84.92 -89.54
CA ASP KB 64 21.09 -86.34 -89.58
C ASP KB 64 21.46 -86.77 -88.17
N PRO KB 65 20.59 -87.55 -87.53
CA PRO KB 65 20.94 -88.13 -86.23
C PRO KB 65 21.53 -89.52 -86.37
N VAL KB 66 22.46 -89.82 -85.46
CA VAL KB 66 23.18 -91.09 -85.40
C VAL KB 66 23.22 -91.56 -83.95
N VAL KB 67 23.12 -92.86 -83.77
CA VAL KB 67 23.28 -93.45 -82.44
C VAL KB 67 24.75 -93.70 -82.19
N VAL KB 68 25.21 -93.40 -80.98
CA VAL KB 68 26.60 -93.53 -80.57
C VAL KB 68 26.62 -94.12 -79.18
N LYS KB 69 27.49 -95.10 -78.95
CA LYS KB 69 27.68 -95.64 -77.62
C LYS KB 69 28.34 -94.59 -76.73
N ASP KB 70 27.96 -94.59 -75.46
CA ASP KB 70 28.48 -93.64 -74.48
C ASP KB 70 29.67 -94.25 -73.75
N ALA KB 71 30.43 -93.39 -73.06
CA ALA KB 71 31.49 -93.88 -72.19
C ALA KB 71 30.93 -94.80 -71.12
N SER KB 72 29.70 -94.53 -70.66
CA SER KB 72 28.99 -95.40 -69.75
C SER KB 72 28.41 -96.64 -70.44
N GLY KB 73 28.56 -96.74 -71.77
CA GLY KB 73 27.97 -97.82 -72.53
C GLY KB 73 26.56 -97.53 -73.04
N ALA KB 74 25.83 -96.65 -72.35
CA ALA KB 74 24.45 -96.33 -72.74
C ALA KB 74 24.39 -95.82 -74.17
N ASP KB 75 23.29 -96.11 -74.84
CA ASP KB 75 23.09 -95.65 -76.21
C ASP KB 75 22.57 -94.22 -76.20
N MET KB 76 23.17 -93.38 -77.04
CA MET KB 76 22.94 -91.94 -77.03
C MET KB 76 22.75 -91.46 -78.46
N THR KB 77 21.66 -90.76 -78.73
CA THR KB 77 21.36 -90.27 -80.07
C THR KB 77 21.87 -88.83 -80.22
N ILE KB 78 22.64 -88.59 -81.27
CA ILE KB 78 23.34 -87.33 -81.49
C ILE KB 78 22.97 -86.80 -82.87
N LYS KB 79 22.65 -85.52 -82.96
CA LYS KB 79 22.24 -84.90 -84.21
C LYS KB 79 23.33 -83.98 -84.73
N ALA KB 80 23.54 -84.00 -86.04
CA ALA KB 80 24.36 -83.02 -86.75
C ALA KB 80 23.48 -82.25 -87.72
N ASN KB 81 23.70 -80.94 -87.80
CA ASN KB 81 22.80 -80.08 -88.57
C ASN KB 81 23.55 -79.33 -89.65
N ALA KB 82 22.88 -79.12 -90.77
CA ALA KB 82 23.34 -78.22 -91.80
C ALA KB 82 22.19 -77.29 -92.13
N SER KB 83 22.47 -75.99 -92.22
CA SER KB 83 21.43 -75.01 -92.50
C SER KB 83 21.90 -74.07 -93.59
N VAL KB 84 21.06 -73.88 -94.60
CA VAL KB 84 21.35 -72.99 -95.72
C VAL KB 84 20.30 -71.89 -95.74
N THR KB 85 20.74 -70.67 -96.04
CA THR KB 85 19.83 -69.53 -96.14
C THR KB 85 20.20 -68.68 -97.34
N PHE KB 86 19.23 -68.48 -98.23
CA PHE KB 86 19.36 -67.62 -99.40
C PHE KB 86 18.64 -66.32 -99.12
N SER KB 87 19.39 -65.22 -99.14
CA SER KB 87 18.82 -63.87 -99.08
C SER KB 87 18.85 -63.32 -100.49
N LEU KB 88 17.67 -63.16 -101.08
CA LEU KB 88 17.52 -62.80 -102.48
C LEU KB 88 16.70 -61.53 -102.59
N PRO KB 89 17.31 -60.42 -102.97
CA PRO KB 89 16.54 -59.19 -103.22
C PRO KB 89 15.61 -59.35 -104.40
N LYS KB 90 14.51 -58.59 -104.38
CA LYS KB 90 13.50 -58.73 -105.43
C LYS KB 90 14.07 -58.34 -106.79
N THR KB 91 14.83 -57.25 -106.86
CA THR KB 91 15.36 -56.76 -108.12
C THR KB 91 16.42 -57.67 -108.71
N TYR KB 92 16.94 -58.62 -107.93
CA TYR KB 92 17.95 -59.54 -108.42
C TYR KB 92 17.33 -60.51 -109.42
N PRO KB 93 17.96 -60.78 -110.56
CA PRO KB 93 17.32 -61.59 -111.60
C PRO KB 93 17.37 -63.10 -111.32
N ASN KB 94 16.25 -63.75 -111.63
CA ASN KB 94 16.12 -65.19 -111.37
C ASN KB 94 17.27 -65.98 -111.97
N GLU KB 95 17.79 -65.54 -113.12
CA GLU KB 95 18.90 -66.22 -113.77
C GLU KB 95 20.13 -66.27 -112.86
N HIS KB 96 20.58 -65.10 -112.39
CA HIS KB 96 21.74 -65.06 -111.50
C HIS KB 96 21.47 -65.75 -110.18
N ILE KB 97 20.20 -65.86 -109.76
CA ILE KB 97 19.89 -66.67 -108.58
C ILE KB 97 20.25 -68.15 -108.83
N THR KB 98 19.76 -68.70 -109.95
CA THR KB 98 20.11 -70.10 -110.25
C THR KB 98 21.62 -70.26 -110.33
N LYS KB 99 22.31 -69.27 -110.91
CA LYS KB 99 23.78 -69.27 -110.92
C LYS KB 99 24.35 -69.39 -109.52
N LEU KB 100 23.85 -68.57 -108.59
CA LEU KB 100 24.31 -68.62 -107.21
C LEU KB 100 24.12 -70.00 -106.59
N ARG KB 101 22.93 -70.58 -106.76
CA ARG KB 101 22.67 -71.90 -106.18
C ARG KB 101 23.63 -72.95 -106.73
N GLN KB 102 23.85 -72.93 -108.04
CA GLN KB 102 24.73 -73.94 -108.63
C GLN KB 102 26.17 -73.76 -108.17
N THR KB 103 26.66 -72.51 -108.10
CA THR KB 103 28.01 -72.30 -107.59
C THR KB 103 28.15 -72.76 -106.14
N LEU KB 104 27.07 -72.63 -105.35
CA LEU KB 104 27.13 -73.13 -103.97
C LEU KB 104 27.26 -74.65 -103.95
N ILE KB 105 26.51 -75.34 -104.80
CA ILE KB 105 26.67 -76.79 -104.91
C ILE KB 105 28.11 -77.14 -105.26
N ALA KB 106 28.66 -76.45 -106.25
CA ALA KB 106 30.04 -76.69 -106.68
C ALA KB 106 31.00 -76.52 -105.52
N TRP KB 107 30.86 -75.41 -104.78
CA TRP KB 107 31.74 -75.16 -103.64
C TRP KB 107 31.62 -76.26 -102.60
N LEU KB 108 30.39 -76.68 -102.28
CA LEU KB 108 30.18 -77.72 -101.29
C LEU KB 108 30.82 -79.02 -101.69
N GLY KB 109 31.04 -79.24 -102.99
CA GLY KB 109 31.77 -80.39 -103.47
C GLY KB 109 33.27 -80.34 -103.26
N GLN KB 110 33.83 -79.13 -103.18
CA GLN KB 110 35.27 -78.93 -103.22
C GLN KB 110 35.95 -79.48 -101.97
N GLN KB 111 37.25 -79.78 -102.12
CA GLN KB 111 37.99 -80.31 -100.99
C GLN KB 111 38.28 -79.24 -99.95
N CYS KB 112 38.50 -77.98 -100.38
CA CYS KB 112 38.75 -76.91 -99.42
C CYS KB 112 37.54 -76.68 -98.51
N VAL KB 113 36.37 -77.12 -98.93
CA VAL KB 113 35.18 -77.05 -98.10
C VAL KB 113 34.96 -78.35 -97.34
N SER KB 114 35.21 -79.50 -97.98
CA SER KB 114 34.94 -80.78 -97.33
C SER KB 114 35.90 -81.04 -96.18
N ASP KB 115 37.19 -80.73 -96.36
CA ASP KB 115 38.17 -81.03 -95.32
C ASP KB 115 37.85 -80.40 -93.98
N PRO KB 116 37.53 -79.10 -93.88
CA PRO KB 116 37.12 -78.58 -92.57
C PRO KB 116 35.77 -79.09 -92.10
N VAL KB 117 34.79 -79.20 -93.00
CA VAL KB 117 33.48 -79.70 -92.61
C VAL KB 117 33.55 -81.15 -92.17
N ASP KB 118 34.13 -82.01 -93.02
CA ASP KB 118 34.08 -83.45 -92.74
C ASP KB 118 35.01 -83.83 -91.60
N SER KB 119 36.26 -83.33 -91.62
CA SER KB 119 37.29 -83.83 -90.72
C SER KB 119 37.77 -82.81 -89.71
N GLY KB 120 37.32 -81.56 -89.79
CA GLY KB 120 37.75 -80.54 -88.85
C GLY KB 120 39.15 -80.01 -89.06
N LEU KB 121 39.78 -80.32 -90.19
CA LEU KB 121 41.09 -79.78 -90.52
C LEU KB 121 40.94 -78.48 -91.29
N ASN KB 122 41.66 -77.45 -90.88
CA ASN KB 122 41.63 -76.20 -91.62
C ASN KB 122 42.57 -76.25 -92.82
N ASN KB 123 42.39 -75.29 -93.72
CA ASN KB 123 43.21 -75.22 -94.91
C ASN KB 123 44.44 -74.35 -94.64
N TYR KB 124 45.41 -74.47 -95.53
CA TYR KB 124 46.69 -73.77 -95.39
C TYR KB 124 47.35 -73.43 -96.75
N MET LB 1 33.31 65.48 -110.39
CA MET LB 1 34.08 66.62 -110.84
C MET LB 1 35.33 66.83 -110.00
N ARG LB 2 36.45 67.13 -110.66
CA ARG LB 2 37.65 67.51 -109.94
C ARG LB 2 37.42 68.83 -109.22
N LEU LB 3 37.45 68.78 -107.88
CA LEU LB 3 37.08 69.94 -107.09
C LEU LB 3 38.06 71.08 -107.29
N THR LB 4 37.53 72.30 -107.30
CA THR LB 4 38.32 73.51 -107.35
C THR LB 4 37.62 74.54 -106.48
N ASP LB 5 38.39 75.52 -106.02
CA ASP LB 5 37.80 76.63 -105.28
C ASP LB 5 36.66 77.21 -106.10
N VAL LB 6 35.66 77.76 -105.41
CA VAL LB 6 34.41 78.14 -106.06
C VAL LB 6 34.14 79.61 -105.77
N ASP LB 7 33.70 80.33 -106.79
CA ASP LB 7 33.27 81.71 -106.63
C ASP LB 7 31.82 81.81 -107.05
N LEU LB 8 30.97 82.26 -106.13
CA LEU LB 8 29.54 82.34 -106.32
C LEU LB 8 29.13 83.80 -106.47
N THR LB 9 28.23 84.07 -107.40
CA THR LB 9 27.62 85.39 -107.52
C THR LB 9 26.35 85.37 -106.69
N VAL LB 10 26.28 86.24 -105.67
CA VAL LB 10 25.21 86.23 -104.70
C VAL LB 10 24.56 87.61 -104.70
N GLY LB 11 23.38 87.72 -105.29
CA GLY LB 11 22.76 89.01 -105.43
C GLY LB 11 23.68 89.96 -106.16
N GLU LB 12 24.19 90.96 -105.46
CA GLU LB 12 25.06 91.95 -106.07
C GLU LB 12 26.46 91.92 -105.47
N GLU LB 13 26.83 90.82 -104.84
CA GLU LB 13 28.15 90.64 -104.26
C GLU LB 13 28.72 89.33 -104.81
N THR LB 14 30.01 89.11 -104.57
CA THR LB 14 30.66 87.86 -104.95
C THR LB 14 31.28 87.21 -103.73
N ARG LB 15 30.95 85.94 -103.53
CA ARG LB 15 31.37 85.16 -102.37
C ARG LB 15 32.36 84.09 -102.82
N GLU LB 16 33.50 84.00 -102.14
CA GLU LB 16 34.58 83.11 -102.54
C GLU LB 16 34.77 82.03 -101.49
N TYR LB 17 34.67 80.77 -101.91
CA TYR LB 17 34.87 79.60 -101.07
C TYR LB 17 36.10 78.83 -101.54
N ALA LB 18 36.73 78.15 -100.59
CA ALA LB 18 37.89 77.32 -100.84
C ALA LB 18 37.66 75.91 -100.30
N VAL LB 19 38.19 74.92 -101.00
CA VAL LB 19 38.04 73.53 -100.60
C VAL LB 19 38.73 73.32 -99.25
N SER LB 20 38.00 72.78 -98.29
CA SER LB 20 38.54 72.44 -96.97
C SER LB 20 38.79 70.96 -96.76
N GLU LB 21 37.90 70.08 -97.24
CA GLU LB 21 38.25 68.66 -97.23
C GLU LB 21 37.40 67.93 -98.26
N GLN LB 22 37.94 66.82 -98.76
CA GLN LB 22 37.21 65.98 -99.72
C GLN LB 22 37.42 64.53 -99.34
N GLN LB 23 36.31 63.82 -99.13
CA GLN LB 23 36.31 62.40 -98.88
C GLN LB 23 35.66 61.70 -100.06
N GLY LB 24 35.46 60.39 -99.93
CA GLY LB 24 34.90 59.63 -101.04
C GLY LB 24 33.53 60.11 -101.43
N THR LB 25 32.66 60.34 -100.44
CA THR LB 25 31.29 60.77 -100.68
C THR LB 25 30.94 62.06 -99.95
N LEU LB 26 31.96 62.82 -99.52
CA LEU LB 26 31.72 64.04 -98.75
C LEU LB 26 32.75 65.09 -99.14
N PHE LB 27 32.32 66.36 -99.14
CA PHE LB 27 33.25 67.47 -99.30
C PHE LB 27 32.77 68.67 -98.50
N ARG LB 28 33.70 69.58 -98.25
CA ARG LB 28 33.46 70.78 -97.45
C ARG LB 28 34.29 71.93 -97.98
N PHE LB 29 33.61 73.04 -98.22
CA PHE LB 29 34.17 74.35 -98.54
C PHE LB 29 34.04 75.31 -97.36
N VAL LB 30 34.96 76.26 -97.31
CA VAL LB 30 34.97 77.33 -96.30
C VAL LB 30 34.99 78.68 -97.01
N ASP LB 31 34.26 79.65 -96.45
CA ASP LB 31 34.27 81.02 -96.97
C ASP LB 31 35.64 81.64 -96.76
N LYS LB 32 36.26 82.11 -97.85
CA LYS LB 32 37.59 82.72 -97.76
C LYS LB 32 37.61 83.98 -96.92
N SER LB 33 36.45 84.52 -96.55
CA SER LB 33 36.39 85.70 -95.70
C SER LB 33 36.88 85.43 -94.29
N GLY LB 34 37.02 84.17 -93.89
CA GLY LB 34 37.17 83.80 -92.50
C GLY LB 34 38.46 83.07 -92.18
N THR LB 35 38.70 82.94 -90.89
CA THR LB 35 39.84 82.24 -90.29
C THR LB 35 39.35 80.96 -89.63
N VAL LB 36 40.30 80.06 -89.34
CA VAL LB 36 40.05 79.02 -88.35
C VAL LB 36 39.44 79.64 -87.10
N ALA LB 37 40.05 80.72 -86.61
CA ALA LB 37 39.56 81.40 -85.41
C ALA LB 37 38.15 81.93 -85.62
N ASN LB 38 37.99 82.85 -86.55
CA ASN LB 38 36.70 83.46 -86.84
C ASN LB 38 36.22 82.97 -88.20
N ASN LB 39 35.10 82.24 -88.20
CA ASN LB 39 34.56 81.65 -89.42
C ASN LB 39 33.41 82.50 -89.96
N THR LB 40 33.39 82.66 -91.28
CA THR LB 40 32.34 83.43 -91.94
C THR LB 40 31.33 82.59 -92.69
N GLY LB 41 31.64 81.33 -92.99
CA GLY LB 41 30.70 80.50 -93.72
C GLY LB 41 31.24 79.12 -94.03
N VAL LB 42 30.35 78.12 -94.08
CA VAL LB 42 30.75 76.76 -94.37
C VAL LB 42 29.70 76.11 -95.24
N PHE LB 43 30.15 75.23 -96.14
CA PHE LB 43 29.26 74.44 -96.96
C PHE LB 43 29.76 73.00 -96.99
N SER LB 44 28.85 72.05 -96.81
CA SER LB 44 29.20 70.64 -96.79
C SER LB 44 28.15 69.85 -97.56
N LEU LB 45 28.61 68.81 -98.26
CA LEU LB 45 27.74 67.95 -99.06
C LEU LB 45 28.18 66.50 -98.92
N GLU LB 46 27.21 65.60 -98.71
CA GLU LB 46 27.47 64.17 -98.57
C GLU LB 46 26.41 63.35 -99.29
N GLN LB 47 26.85 62.30 -100.00
CA GLN LB 47 25.94 61.37 -100.66
C GLN LB 47 25.97 60.02 -99.97
N ARG LB 48 24.79 59.41 -99.84
CA ARG LB 48 24.61 58.11 -99.21
C ARG LB 48 23.85 57.24 -100.22
N PHE LB 49 24.61 56.38 -100.89
CA PHE LB 49 24.08 55.41 -101.84
C PHE LB 49 23.57 54.21 -101.05
N GLY LB 50 22.26 53.98 -101.06
CA GLY LB 50 21.67 52.88 -100.32
C GLY LB 50 21.71 51.57 -101.09
N ALA LB 51 20.96 50.59 -100.58
CA ALA LB 51 20.79 49.35 -101.33
C ALA LB 51 19.90 49.58 -102.55
N ALA LB 52 19.83 48.56 -103.42
CA ALA LB 52 19.09 48.70 -104.67
C ALA LB 52 17.60 48.93 -104.44
N ASN LB 53 17.07 48.54 -103.28
CA ASN LB 53 15.71 48.88 -102.91
C ASN LB 53 15.60 50.25 -102.25
N SER LB 54 16.72 50.82 -101.83
CA SER LB 54 16.74 52.10 -101.13
C SER LB 54 16.99 53.24 -102.11
N ASN LB 55 16.44 54.40 -101.78
CA ASN LB 55 16.75 55.62 -102.53
C ASN LB 55 18.10 56.15 -102.09
N ARG LB 56 18.92 56.58 -103.04
CA ARG LB 56 20.14 57.28 -102.67
C ARG LB 56 19.75 58.67 -102.17
N LYS LB 57 20.55 59.19 -101.25
CA LYS LB 57 20.24 60.44 -100.60
C LYS LB 57 21.43 61.38 -100.67
N VAL LB 58 21.16 62.67 -100.80
CA VAL LB 58 22.21 63.67 -100.94
C VAL LB 58 21.86 64.84 -100.04
N THR LB 59 22.76 65.21 -99.13
CA THR LB 59 22.45 66.22 -98.14
C THR LB 59 23.50 67.33 -98.12
N MET LB 60 23.02 68.57 -98.02
CA MET LB 60 23.84 69.77 -98.01
C MET LB 60 23.54 70.56 -96.75
N LEU LB 61 24.59 71.12 -96.16
CA LEU LB 61 24.47 72.03 -95.03
C LEU LB 61 25.26 73.30 -95.33
N LEU LB 62 24.57 74.44 -95.27
CA LEU LB 62 25.16 75.76 -95.46
C LEU LB 62 24.99 76.50 -94.13
N THR LB 63 26.11 76.92 -93.55
CA THR LB 63 26.11 77.62 -92.27
C THR LB 63 26.72 79.00 -92.45
N ASP LB 64 25.98 80.02 -92.00
CA ASP LB 64 26.43 81.41 -92.04
C ASP LB 64 26.42 81.98 -90.65
N PRO LB 65 27.58 82.14 -90.03
CA PRO LB 65 27.64 82.82 -88.74
C PRO LB 65 27.90 84.30 -88.89
N VAL LB 66 27.29 85.07 -87.98
CA VAL LB 66 27.38 86.53 -87.95
C VAL LB 66 27.66 86.94 -86.51
N VAL LB 67 28.44 88.00 -86.35
CA VAL LB 67 28.66 88.57 -85.02
C VAL LB 67 27.61 89.63 -84.77
N VAL LB 68 26.93 89.53 -83.63
CA VAL LB 68 25.85 90.42 -83.23
C VAL LB 68 26.18 91.01 -81.87
N LYS LB 69 25.70 92.22 -81.63
CA LYS LB 69 25.84 92.88 -80.35
C LYS LB 69 24.95 92.22 -79.31
N ASP LB 70 25.50 92.01 -78.12
CA ASP LB 70 24.73 91.49 -77.01
C ASP LB 70 23.79 92.57 -76.46
N ALA LB 71 22.78 92.14 -75.70
CA ALA LB 71 21.93 93.11 -75.01
C ALA LB 71 22.75 93.91 -74.00
N SER LB 72 23.78 93.30 -73.43
CA SER LB 72 24.74 94.02 -72.60
C SER LB 72 25.74 94.80 -73.46
N GLY LB 73 26.01 94.34 -74.68
CA GLY LB 73 26.96 94.98 -75.57
C GLY LB 73 28.11 94.09 -75.99
N ALA LB 74 28.28 92.92 -75.36
CA ALA LB 74 29.37 92.02 -75.71
C ALA LB 74 29.24 91.52 -77.15
N ASP LB 75 30.35 91.05 -77.69
CA ASP LB 75 30.38 90.45 -79.02
C ASP LB 75 29.95 88.99 -78.93
N MET LB 76 28.97 88.60 -79.73
CA MET LB 76 28.44 87.24 -79.66
C MET LB 76 28.26 86.71 -81.07
N THR LB 77 28.63 85.45 -81.30
CA THR LB 77 28.51 84.87 -82.64
C THR LB 77 27.26 83.99 -82.72
N ILE LB 78 26.48 84.18 -83.79
CA ILE LB 78 25.20 83.52 -83.99
C ILE LB 78 25.20 82.90 -85.38
N LYS LB 79 24.85 81.62 -85.46
CA LYS LB 79 24.84 80.91 -86.73
C LYS LB 79 23.40 80.75 -87.22
N ALA LB 80 23.24 80.80 -88.54
CA ALA LB 80 22.00 80.46 -89.23
C ALA LB 80 22.27 79.33 -90.20
N ASN LB 81 21.39 78.33 -90.20
CA ASN LB 81 21.63 77.10 -90.94
C ASN LB 81 20.59 76.95 -92.04
N ALA LB 82 21.01 76.38 -93.17
CA ALA LB 82 20.09 75.93 -94.20
C ALA LB 82 20.55 74.55 -94.65
N SER LB 83 19.60 73.62 -94.77
CA SER LB 83 19.95 72.26 -95.11
C SER LB 83 19.01 71.74 -96.19
N VAL LB 84 19.58 71.13 -97.23
CA VAL LB 84 18.82 70.57 -98.32
C VAL LB 84 19.08 69.06 -98.34
N THR LB 85 18.04 68.30 -98.69
CA THR LB 85 18.15 66.84 -98.80
C THR LB 85 17.38 66.38 -100.03
N PHE LB 86 18.09 65.72 -100.94
CA PHE LB 86 17.51 65.13 -102.14
C PHE LB 86 17.37 63.63 -101.90
N SER LB 87 16.13 63.14 -101.94
CA SER LB 87 15.84 61.72 -101.91
C SER LB 87 15.51 61.29 -103.33
N LEU LB 88 16.41 60.51 -103.92
CA LEU LB 88 16.35 60.14 -105.34
C LEU LB 88 16.33 58.63 -105.45
N PRO LB 89 15.21 58.04 -105.84
CA PRO LB 89 15.17 56.60 -106.11
C PRO LB 89 16.02 56.23 -107.31
N LYS LB 90 16.46 54.99 -107.33
CA LYS LB 90 17.40 54.53 -108.35
C LYS LB 90 16.69 54.06 -109.62
N THR LB 91 15.37 54.17 -109.69
CA THR LB 91 14.60 53.99 -110.91
C THR LB 91 14.18 55.32 -111.51
N TYR LB 92 14.50 56.42 -110.84
CA TYR LB 92 14.16 57.77 -111.29
C TYR LB 92 15.22 58.26 -112.28
N PRO LB 93 14.82 58.85 -113.39
CA PRO LB 93 15.81 59.24 -114.41
C PRO LB 93 16.58 60.51 -114.08
N ASN LB 94 17.86 60.48 -114.47
CA ASN LB 94 18.76 61.58 -114.14
C ASN LB 94 18.26 62.90 -114.71
N GLU LB 95 17.65 62.87 -115.90
CA GLU LB 95 17.07 64.07 -116.48
C GLU LB 95 16.12 64.74 -115.52
N HIS LB 96 15.15 63.97 -115.00
CA HIS LB 96 14.17 64.54 -114.10
C HIS LB 96 14.77 64.94 -112.76
N ILE LB 97 15.88 64.31 -112.35
CA ILE LB 97 16.60 64.82 -111.18
C ILE LB 97 17.11 66.24 -111.44
N THR LB 98 17.71 66.45 -112.61
CA THR LB 98 18.17 67.81 -112.96
C THR LB 98 16.99 68.78 -112.99
N LYS LB 99 15.88 68.36 -113.59
CA LYS LB 99 14.67 69.18 -113.59
C LYS LB 99 14.25 69.55 -112.18
N LEU LB 100 14.29 68.58 -111.27
CA LEU LB 100 13.93 68.81 -109.88
C LEU LB 100 14.84 69.86 -109.24
N ARG LB 101 16.15 69.70 -109.41
CA ARG LB 101 17.09 70.64 -108.81
C ARG LB 101 16.85 72.06 -109.33
N GLN LB 102 16.61 72.18 -110.63
CA GLN LB 102 16.41 73.52 -111.18
C GLN LB 102 15.09 74.13 -110.70
N THR LB 103 14.01 73.34 -110.63
CA THR LB 103 12.76 73.86 -110.07
C THR LB 103 12.94 74.30 -108.63
N LEU LB 104 13.78 73.59 -107.87
CA LEU LB 104 14.05 74.01 -106.50
C LEU LB 104 14.75 75.35 -106.46
N ILE LB 105 15.74 75.54 -107.35
CA ILE LB 105 16.41 76.84 -107.42
C ILE LB 105 15.39 77.95 -107.73
N ALA LB 106 14.53 77.70 -108.71
CA ALA LB 106 13.51 78.67 -109.09
C ALA LB 106 12.60 78.99 -107.92
N TRP LB 107 12.16 77.97 -107.18
CA TRP LB 107 11.30 78.18 -106.04
C TRP LB 107 11.99 79.01 -104.97
N LEU LB 108 13.26 78.69 -104.68
CA LEU LB 108 14.02 79.46 -103.70
C LEU LB 108 14.18 80.91 -104.12
N GLY LB 109 14.06 81.19 -105.41
CA GLY LB 109 14.04 82.56 -105.87
C GLY LB 109 12.75 83.31 -105.60
N GLN LB 110 11.63 82.59 -105.48
CA GLN LB 110 10.31 83.20 -105.47
C GLN LB 110 10.08 84.06 -104.24
N GLN LB 111 9.17 85.04 -104.39
CA GLN LB 111 8.87 85.91 -103.26
C GLN LB 111 8.07 85.17 -102.20
N CYS LB 112 7.19 84.25 -102.61
CA CYS LB 112 6.40 83.50 -101.64
C CYS LB 112 7.26 82.58 -100.78
N VAL LB 113 8.45 82.23 -101.25
CA VAL LB 113 9.42 81.54 -100.41
C VAL LB 113 10.30 82.54 -99.67
N SER LB 114 10.58 83.69 -100.28
CA SER LB 114 11.48 84.67 -99.68
C SER LB 114 10.88 85.29 -98.43
N ASP LB 115 9.61 85.69 -98.47
CA ASP LB 115 9.01 86.40 -97.36
C ASP LB 115 9.06 85.64 -96.05
N PRO LB 116 8.63 84.38 -95.95
CA PRO LB 116 8.77 83.67 -94.67
C PRO LB 116 10.22 83.43 -94.27
N VAL LB 117 11.06 83.02 -95.22
CA VAL LB 117 12.46 82.77 -94.90
C VAL LB 117 13.17 84.05 -94.48
N ASP LB 118 13.16 85.05 -95.35
CA ASP LB 118 13.99 86.24 -95.10
C ASP LB 118 13.46 87.07 -93.95
N SER LB 119 12.14 87.26 -93.85
CA SER LB 119 11.58 88.22 -92.90
C SER LB 119 10.62 87.61 -91.90
N GLY LB 120 10.16 86.38 -92.10
CA GLY LB 120 9.24 85.76 -91.17
C GLY LB 120 7.77 86.01 -91.47
N LEU LB 121 7.45 86.79 -92.48
CA LEU LB 121 6.07 87.02 -92.84
C LEU LB 121 5.50 85.81 -93.57
N ASN LB 122 4.33 85.35 -93.15
CA ASN LB 122 3.65 84.30 -93.89
C ASN LB 122 2.85 84.89 -95.06
N ASN LB 123 2.59 84.04 -96.04
CA ASN LB 123 1.80 84.48 -97.18
C ASN LB 123 0.31 84.29 -96.87
N TYR LB 124 -0.52 84.99 -97.64
CA TYR LB 124 -1.97 84.97 -97.37
C TYR LB 124 -2.79 84.90 -98.65
N MET MB 1 48.20 56.53 -110.06
CA MET MB 1 48.03 57.44 -111.21
C MET MB 1 47.01 58.51 -110.89
N ARG MB 2 47.00 59.57 -111.70
CA ARG MB 2 46.00 60.62 -111.57
C ARG MB 2 44.76 60.21 -112.37
N LEU MB 3 43.68 59.91 -111.65
CA LEU MB 3 42.47 59.40 -112.28
C LEU MB 3 41.90 60.37 -113.30
N THR MB 4 41.62 59.84 -114.49
CA THR MB 4 40.97 60.56 -115.57
C THR MB 4 39.89 59.66 -116.14
N ASP MB 5 38.84 60.27 -116.68
CA ASP MB 5 37.79 59.48 -117.32
C ASP MB 5 38.41 58.56 -118.37
N VAL MB 6 37.84 57.37 -118.52
CA VAL MB 6 38.50 56.31 -119.28
C VAL MB 6 37.57 55.91 -120.41
N ASP MB 7 38.16 55.61 -121.57
CA ASP MB 7 37.42 55.08 -122.70
C ASP MB 7 38.04 53.75 -123.12
N LEU MB 8 37.23 52.71 -123.09
CA LEU MB 8 37.65 51.34 -123.34
C LEU MB 8 37.16 50.91 -124.71
N THR MB 9 38.06 50.28 -125.46
CA THR MB 9 37.68 49.69 -126.73
C THR MB 9 37.25 48.26 -126.46
N VAL MB 10 35.96 47.99 -126.64
CA VAL MB 10 35.34 46.73 -126.28
C VAL MB 10 34.83 46.08 -127.56
N GLY MB 11 35.59 45.13 -128.08
CA GLY MB 11 35.24 44.55 -129.37
C GLY MB 11 35.23 45.61 -130.43
N GLU MB 12 34.05 45.90 -130.96
CA GLU MB 12 33.91 46.92 -131.99
C GLU MB 12 33.15 48.14 -131.50
N GLU MB 13 33.06 48.31 -130.19
CA GLU MB 13 32.33 49.42 -129.60
C GLU MB 13 33.29 50.16 -128.66
N THR MB 14 32.87 51.34 -128.20
CA THR MB 14 33.66 52.09 -127.23
C THR MB 14 32.78 52.41 -126.03
N ARG MB 15 33.20 51.92 -124.87
CA ARG MB 15 32.56 52.23 -123.60
C ARG MB 15 33.27 53.42 -122.97
N GLU MB 16 32.50 54.31 -122.34
CA GLU MB 16 33.04 55.56 -121.80
C GLU MB 16 32.65 55.73 -120.35
N TYR MB 17 33.61 55.61 -119.45
CA TYR MB 17 33.39 55.68 -118.02
C TYR MB 17 33.92 57.00 -117.49
N ALA MB 18 33.24 57.50 -116.45
CA ALA MB 18 33.60 58.72 -115.75
C ALA MB 18 33.87 58.41 -114.28
N VAL MB 19 34.86 59.11 -113.71
CA VAL MB 19 35.19 58.91 -112.31
C VAL MB 19 34.00 59.29 -111.44
N SER MB 20 33.59 58.37 -110.57
CA SER MB 20 32.45 58.60 -109.69
C SER MB 20 32.82 58.71 -108.21
N GLU MB 21 33.89 58.06 -107.76
CA GLU MB 21 34.41 58.41 -106.44
C GLU MB 21 35.85 57.96 -106.30
N GLN MB 22 36.60 58.70 -105.48
CA GLN MB 22 37.99 58.39 -105.16
C GLN MB 22 38.17 58.50 -103.66
N GLN MB 23 38.52 57.39 -103.01
CA GLN MB 23 38.85 57.38 -101.60
C GLN MB 23 40.35 57.16 -101.47
N GLY MB 24 40.77 56.76 -100.27
CA GLY MB 24 42.19 56.49 -100.06
C GLY MB 24 42.65 55.35 -100.93
N THR MB 25 42.05 54.18 -100.74
CA THR MB 25 42.45 52.96 -101.41
C THR MB 25 41.40 52.44 -102.38
N LEU MB 26 40.34 53.21 -102.61
CA LEU MB 26 39.20 52.78 -103.40
C LEU MB 26 38.85 53.82 -104.45
N PHE MB 27 38.44 53.36 -105.63
CA PHE MB 27 37.91 54.24 -106.67
C PHE MB 27 36.76 53.55 -107.38
N ARG MB 28 35.97 54.36 -108.07
CA ARG MB 28 34.79 53.88 -108.76
C ARG MB 28 34.52 54.75 -109.99
N PHE MB 29 34.41 54.09 -111.13
CA PHE MB 29 33.98 54.64 -112.41
C PHE MB 29 32.55 54.23 -112.72
N VAL MB 30 31.93 54.98 -113.63
CA VAL MB 30 30.53 54.82 -113.96
C VAL MB 30 30.35 55.00 -115.47
N ASP MB 31 29.53 54.13 -116.08
CA ASP MB 31 29.28 54.21 -117.52
C ASP MB 31 28.55 55.51 -117.86
N LYS MB 32 29.18 56.36 -118.67
CA LYS MB 32 28.60 57.66 -119.00
C LYS MB 32 27.27 57.50 -119.70
N SER MB 33 27.10 56.42 -120.47
CA SER MB 33 25.89 56.17 -121.25
C SER MB 33 24.68 55.82 -120.40
N GLY MB 34 24.78 55.90 -119.08
CA GLY MB 34 23.66 55.52 -118.24
C GLY MB 34 22.64 56.64 -118.14
N THR MB 35 21.36 56.27 -118.25
CA THR MB 35 20.27 57.22 -118.11
C THR MB 35 19.69 57.24 -116.70
N VAL MB 36 19.63 56.08 -116.06
CA VAL MB 36 19.10 55.94 -114.72
C VAL MB 36 20.16 55.25 -113.87
N ALA MB 37 20.03 55.40 -112.55
CA ALA MB 37 20.93 54.70 -111.64
C ALA MB 37 20.95 53.21 -111.92
N ASN MB 38 19.77 52.57 -112.02
CA ASN MB 38 19.71 51.14 -112.30
C ASN MB 38 20.15 50.82 -113.72
N ASN MB 39 19.92 51.74 -114.67
CA ASN MB 39 20.43 51.57 -116.03
C ASN MB 39 21.96 51.52 -116.06
N THR MB 40 22.62 52.16 -115.08
CA THR MB 40 24.01 52.54 -115.20
C THR MB 40 24.96 51.43 -114.74
N GLY MB 41 25.87 51.03 -115.64
CA GLY MB 41 26.93 50.11 -115.26
C GLY MB 41 28.02 50.81 -114.47
N VAL MB 42 28.75 50.03 -113.66
CA VAL MB 42 29.75 50.60 -112.77
C VAL MB 42 30.96 49.67 -112.68
N PHE MB 43 32.08 50.26 -112.25
CA PHE MB 43 33.30 49.51 -112.03
C PHE MB 43 34.02 50.09 -110.82
N SER MB 44 34.41 49.23 -109.90
CA SER MB 44 35.00 49.67 -108.66
C SER MB 44 36.24 48.83 -108.35
N LEU MB 45 37.22 49.44 -107.70
CA LEU MB 45 38.45 48.76 -107.32
C LEU MB 45 38.90 49.25 -105.96
N GLU MB 46 39.42 48.33 -105.15
CA GLU MB 46 39.87 48.62 -103.79
C GLU MB 46 41.08 47.77 -103.47
N GLN MB 47 42.10 48.40 -102.88
CA GLN MB 47 43.27 47.67 -102.40
C GLN MB 47 43.26 47.62 -100.88
N ARG MB 48 43.56 46.45 -100.33
CA ARG MB 48 43.67 46.21 -98.91
C ARG MB 48 45.09 45.73 -98.66
N PHE MB 49 45.93 46.64 -98.19
CA PHE MB 49 47.32 46.34 -97.85
C PHE MB 49 47.35 45.76 -96.45
N GLY MB 50 47.93 44.56 -96.30
CA GLY MB 50 47.96 43.88 -95.03
C GLY MB 50 49.21 44.20 -94.22
N ALA MB 51 49.36 43.47 -93.12
CA ALA MB 51 50.61 43.53 -92.37
C ALA MB 51 51.74 42.88 -93.17
N ALA MB 52 52.96 42.92 -92.62
CA ALA MB 52 54.11 42.40 -93.36
C ALA MB 52 54.03 40.89 -93.55
N ASN MB 53 53.35 40.18 -92.65
CA ASN MB 53 53.13 38.75 -92.83
C ASN MB 53 51.96 38.45 -93.75
N SER MB 54 51.15 39.45 -94.09
CA SER MB 54 50.00 39.27 -94.94
C SER MB 54 50.34 39.53 -96.41
N ASN MB 55 49.42 39.15 -97.27
CA ASN MB 55 49.47 39.50 -98.68
C ASN MB 55 48.54 40.68 -98.91
N ARG MB 56 48.97 41.62 -99.74
CA ARG MB 56 48.04 42.68 -100.13
C ARG MB 56 47.04 42.09 -101.11
N LYS MB 57 45.82 42.60 -101.05
CA LYS MB 57 44.74 42.10 -101.89
C LYS MB 57 44.13 43.26 -102.67
N VAL MB 58 43.90 43.06 -103.96
CA VAL MB 58 43.23 44.05 -104.79
C VAL MB 58 41.97 43.41 -105.35
N THR MB 59 40.85 44.08 -105.21
CA THR MB 59 39.57 43.54 -105.68
C THR MB 59 38.90 44.53 -106.61
N MET MB 60 38.24 43.99 -107.62
CA MET MB 60 37.50 44.76 -108.61
C MET MB 60 36.13 44.13 -108.81
N LEU MB 61 35.13 45.00 -108.94
CA LEU MB 61 33.78 44.60 -109.27
C LEU MB 61 33.29 45.38 -110.48
N LEU MB 62 32.81 44.65 -111.49
CA LEU MB 62 32.24 45.21 -112.70
C LEU MB 62 30.78 44.78 -112.77
N THR MB 63 29.88 45.75 -112.84
CA THR MB 63 28.44 45.50 -112.86
C THR MB 63 27.85 46.07 -114.15
N ASP MB 64 27.18 45.21 -114.91
CA ASP MB 64 26.57 45.60 -116.19
C ASP MB 64 25.10 45.22 -116.19
N PRO MB 65 24.21 46.15 -115.83
CA PRO MB 65 22.78 45.89 -115.91
C PRO MB 65 22.22 46.09 -117.32
N VAL MB 66 21.12 45.38 -117.60
CA VAL MB 66 20.42 45.44 -118.88
C VAL MB 66 18.93 45.41 -118.60
N VAL MB 67 18.15 46.04 -119.49
CA VAL MB 67 16.70 46.06 -119.35
C VAL MB 67 16.08 44.92 -120.15
N VAL MB 68 15.22 44.13 -119.49
CA VAL MB 68 14.50 43.03 -120.11
C VAL MB 68 13.01 43.23 -119.96
N MET MB 76 11.75 45.18 -116.35
CA MET MB 76 12.72 44.76 -115.33
C MET MB 76 14.17 44.94 -115.81
N THR MB 77 15.06 45.30 -114.87
CA THR MB 77 16.49 45.41 -115.14
C THR MB 77 17.24 44.35 -114.37
N ILE MB 78 18.12 43.63 -115.09
CA ILE MB 78 18.85 42.47 -114.59
C ILE MB 78 20.33 42.81 -114.58
N LYS MB 79 21.01 42.49 -113.48
CA LYS MB 79 22.41 42.84 -113.30
C LYS MB 79 23.30 41.60 -113.32
N ALA MB 80 24.42 41.68 -114.03
CA ALA MB 80 25.43 40.64 -114.05
C ALA MB 80 26.76 41.20 -113.57
N ASN MB 81 27.50 40.39 -112.81
CA ASN MB 81 28.70 40.85 -112.12
C ASN MB 81 29.92 40.04 -112.55
N ALA MB 82 31.04 40.72 -112.70
CA ALA MB 82 32.34 40.09 -112.77
C ALA MB 82 33.19 40.64 -111.63
N SER MB 83 33.89 39.75 -110.93
CA SER MB 83 34.71 40.20 -109.80
C SER MB 83 36.07 39.54 -109.89
N VAL MB 84 37.12 40.35 -109.86
CA VAL MB 84 38.49 39.88 -109.91
C VAL MB 84 39.15 40.19 -108.58
N THR MB 85 40.02 39.29 -108.11
CA THR MB 85 40.76 39.49 -106.87
C THR MB 85 42.18 38.99 -107.05
N PHE MB 86 43.15 39.88 -106.82
CA PHE MB 86 44.57 39.58 -106.90
C PHE MB 86 45.11 39.47 -105.48
N SER MB 87 45.60 38.29 -105.11
CA SER MB 87 46.28 38.08 -103.84
C SER MB 87 47.78 38.04 -104.14
N LEU MB 88 48.47 39.06 -103.64
CA LEU MB 88 49.87 39.30 -103.99
C LEU MB 88 50.71 39.37 -102.72
N PRO MB 89 51.59 38.40 -102.49
CA PRO MB 89 52.52 38.51 -101.37
C PRO MB 89 53.53 39.63 -101.60
N LYS MB 90 53.98 40.23 -100.51
CA LYS MB 90 54.83 41.41 -100.66
C LYS MB 90 56.19 41.05 -101.24
N THR MB 91 56.77 39.92 -100.82
CA THR MB 91 58.05 39.48 -101.34
C THR MB 91 58.00 39.14 -102.83
N TYR MB 92 56.80 38.93 -103.38
CA TYR MB 92 56.64 38.57 -104.78
C TYR MB 92 57.01 39.76 -105.67
N PRO MB 93 57.74 39.55 -106.77
CA PRO MB 93 58.29 40.69 -107.52
C PRO MB 93 57.29 41.36 -108.45
N ASN MB 94 57.35 42.69 -108.48
CA ASN MB 94 56.40 43.49 -109.25
C ASN MB 94 56.39 43.09 -110.73
N GLU MB 95 57.55 42.70 -111.27
CA GLU MB 95 57.60 42.28 -112.66
C GLU MB 95 56.72 41.06 -112.91
N HIS MB 96 56.86 40.02 -112.09
CA HIS MB 96 56.02 38.84 -112.23
C HIS MB 96 54.55 39.14 -111.95
N ILE MB 97 54.24 40.16 -111.16
CA ILE MB 97 52.84 40.57 -111.00
C ILE MB 97 52.28 41.11 -112.33
N THR MB 98 53.04 42.02 -112.97
CA THR MB 98 52.60 42.51 -114.28
C THR MB 98 52.37 41.35 -115.24
N LYS MB 99 53.28 40.38 -115.21
CA LYS MB 99 53.11 39.15 -115.99
C LYS MB 99 51.78 38.46 -115.69
N LEU MB 100 51.49 38.25 -114.40
CA LEU MB 100 50.27 37.57 -114.01
C LEU MB 100 49.04 38.28 -114.57
N ARG MB 101 48.97 39.60 -114.40
CA ARG MB 101 47.83 40.36 -114.90
C ARG MB 101 47.67 40.17 -116.41
N GLN MB 102 48.77 40.27 -117.16
CA GLN MB 102 48.68 40.16 -118.61
C GLN MB 102 48.20 38.77 -119.02
N THR MB 103 48.69 37.71 -118.36
CA THR MB 103 48.25 36.38 -118.71
C THR MB 103 46.79 36.15 -118.36
N LEU MB 104 46.29 36.79 -117.30
CA LEU MB 104 44.86 36.70 -117.04
C LEU MB 104 44.05 37.33 -118.17
N ILE MB 105 44.50 38.49 -118.66
CA ILE MB 105 43.85 39.09 -119.82
C ILE MB 105 43.82 38.11 -121.00
N ALA MB 106 44.98 37.52 -121.29
CA ALA MB 106 45.08 36.57 -122.40
C ALA MB 106 44.11 35.40 -122.21
N TRP MB 107 44.03 34.87 -120.99
CA TRP MB 107 43.12 33.76 -120.72
C TRP MB 107 41.68 34.16 -120.96
N LEU MB 108 41.27 35.31 -120.42
CA LEU MB 108 39.92 35.81 -120.64
C LEU MB 108 39.61 36.03 -122.11
N GLY MB 109 40.63 36.12 -122.95
CA GLY MB 109 40.42 36.14 -124.39
C GLY MB 109 39.99 34.80 -125.01
N GLN MB 110 40.44 33.70 -124.45
CA GLN MB 110 40.41 32.40 -125.12
C GLN MB 110 39.00 31.82 -125.21
N GLN MB 111 38.83 30.90 -126.16
CA GLN MB 111 37.53 30.27 -126.37
C GLN MB 111 37.15 29.40 -125.19
N CYS MB 112 38.11 28.66 -124.63
CA CYS MB 112 37.79 27.77 -123.51
C CYS MB 112 37.26 28.54 -122.31
N VAL MB 113 37.46 29.85 -122.28
CA VAL MB 113 36.88 30.70 -121.24
C VAL MB 113 35.61 31.37 -121.73
N SER MB 114 35.57 31.81 -122.99
CA SER MB 114 34.38 32.51 -123.48
C SER MB 114 33.18 31.58 -123.56
N ASP MB 115 33.38 30.34 -124.02
CA ASP MB 115 32.27 29.42 -124.20
C ASP MB 115 31.46 29.19 -122.90
N PRO MB 116 32.10 28.90 -121.76
CA PRO MB 116 31.27 28.80 -120.54
C PRO MB 116 30.76 30.14 -120.04
N VAL MB 117 31.59 31.18 -120.03
CA VAL MB 117 31.14 32.49 -119.57
C VAL MB 117 30.02 33.02 -120.45
N ASP MB 118 30.29 33.17 -121.75
CA ASP MB 118 29.35 33.85 -122.63
C ASP MB 118 28.05 33.05 -122.78
N SER MB 119 28.15 31.78 -123.17
CA SER MB 119 26.97 31.01 -123.53
C SER MB 119 26.69 29.80 -122.64
N GLY MB 120 27.61 29.46 -121.74
CA GLY MB 120 27.39 28.33 -120.85
C GLY MB 120 27.85 26.99 -121.37
N LEU MB 121 28.52 26.94 -122.51
CA LEU MB 121 29.08 25.69 -123.02
C LEU MB 121 30.30 25.31 -122.20
N ASN MB 122 30.29 24.11 -121.61
CA ASN MB 122 31.49 23.63 -120.99
C ASN MB 122 32.42 23.00 -122.03
N ASN MB 123 33.68 22.86 -121.66
CA ASN MB 123 34.64 22.29 -122.59
C ASN MB 123 34.69 20.78 -122.40
N TYR MB 124 34.95 20.09 -123.51
CA TYR MB 124 34.90 18.64 -123.52
C TYR MB 124 36.02 18.07 -124.35
N MET NB 1 45.20 72.39 -100.84
CA MET NB 1 46.05 72.19 -102.01
C MET NB 1 45.58 70.97 -102.80
N ARG NB 2 45.60 71.08 -104.12
CA ARG NB 2 45.36 69.92 -104.99
C ARG NB 2 46.58 69.02 -104.97
N LEU NB 3 46.47 67.89 -104.30
CA LEU NB 3 47.62 67.03 -104.07
C LEU NB 3 48.11 66.45 -105.39
N THR NB 4 49.41 66.57 -105.63
CA THR NB 4 50.09 65.89 -106.72
C THR NB 4 51.47 65.48 -106.25
N ASP NB 5 52.10 64.59 -107.02
CA ASP NB 5 53.43 64.11 -106.70
C ASP NB 5 54.36 65.30 -106.50
N VAL NB 6 55.35 65.13 -105.62
CA VAL NB 6 56.31 66.20 -105.36
C VAL NB 6 57.72 65.65 -105.44
N ASP NB 7 58.65 66.57 -105.72
CA ASP NB 7 60.08 66.28 -105.71
C ASP NB 7 60.73 67.26 -104.75
N LEU NB 8 61.54 66.71 -103.85
CA LEU NB 8 62.19 67.49 -102.80
C LEU NB 8 63.67 67.64 -103.08
N THR NB 9 64.19 68.82 -102.80
CA THR NB 9 65.61 69.09 -102.90
C THR NB 9 66.23 68.80 -101.54
N VAL NB 10 67.09 67.79 -101.47
CA VAL NB 10 67.64 67.31 -100.22
C VAL NB 10 69.17 67.40 -100.31
N GLY NB 11 69.72 68.45 -99.71
CA GLY NB 11 71.15 68.68 -99.83
C GLY NB 11 71.54 68.79 -101.29
N GLU NB 12 72.31 67.81 -101.77
CA GLU NB 12 72.77 67.81 -103.15
C GLU NB 12 72.19 66.65 -103.95
N GLU NB 13 71.03 66.13 -103.53
CA GLU NB 13 70.33 65.11 -104.26
C GLU NB 13 68.86 65.51 -104.41
N THR NB 14 68.15 64.81 -105.28
CA THR NB 14 66.73 65.06 -105.48
C THR NB 14 65.96 63.80 -105.12
N ARG NB 15 64.95 63.96 -104.28
CA ARG NB 15 64.14 62.87 -103.75
C ARG NB 15 62.75 62.97 -104.38
N GLU NB 16 62.28 61.88 -104.99
CA GLU NB 16 61.03 61.91 -105.73
C GLU NB 16 59.97 61.09 -105.00
N TYR NB 17 58.90 61.73 -104.56
CA TYR NB 17 57.80 61.05 -103.93
C TYR NB 17 56.60 61.04 -104.88
N ALA NB 18 55.70 60.08 -104.65
CA ALA NB 18 54.46 59.94 -105.40
C ALA NB 18 53.31 59.73 -104.44
N VAL NB 19 52.16 60.32 -104.77
CA VAL NB 19 50.99 60.19 -103.91
C VAL NB 19 50.59 58.72 -103.85
N SER NB 20 50.52 58.18 -102.64
CA SER NB 20 50.09 56.80 -102.42
C SER NB 20 48.68 56.67 -101.88
N GLU NB 21 48.18 57.67 -101.14
CA GLU NB 21 46.75 57.72 -100.85
C GLU NB 21 46.37 59.12 -100.39
N GLN NB 22 45.13 59.49 -100.65
CA GLN NB 22 44.58 60.77 -100.17
C GLN NB 22 43.19 60.53 -99.61
N GLN NB 23 43.02 60.85 -98.32
CA GLN NB 23 41.75 60.81 -97.64
C GLN NB 23 41.36 62.23 -97.22
N GLY NB 24 40.24 62.32 -96.50
CA GLY NB 24 39.70 63.63 -96.17
C GLY NB 24 40.66 64.44 -95.32
N THR NB 25 41.20 63.83 -94.26
CA THR NB 25 42.10 64.50 -93.33
C THR NB 25 43.50 63.89 -93.33
N LEU NB 26 43.78 62.94 -94.23
CA LEU NB 26 45.04 62.21 -94.23
C LEU NB 26 45.54 62.06 -95.66
N PHE NB 27 46.87 62.06 -95.81
CA PHE NB 27 47.49 61.73 -97.08
C PHE NB 27 48.83 61.04 -96.85
N ARG NB 28 49.27 60.32 -97.88
CA ARG NB 28 50.49 59.53 -97.82
C ARG NB 28 51.21 59.55 -99.16
N PHE NB 29 52.50 59.88 -99.10
CA PHE NB 29 53.44 59.80 -100.21
C PHE NB 29 54.40 58.64 -100.00
N VAL NB 30 54.92 58.11 -101.11
CA VAL NB 30 55.90 57.03 -101.12
C VAL NB 30 57.08 57.41 -102.01
N ASP NB 31 58.31 57.08 -101.57
CA ASP NB 31 59.50 57.36 -102.36
C ASP NB 31 59.49 56.52 -103.63
N LYS NB 32 59.61 57.20 -104.78
CA LYS NB 32 59.49 56.55 -106.08
C LYS NB 32 60.59 55.51 -106.33
N SER NB 33 61.67 55.54 -105.55
CA SER NB 33 62.76 54.59 -105.73
C SER NB 33 62.50 53.23 -105.10
N GLY NB 34 61.27 52.94 -104.66
CA GLY NB 34 61.00 51.80 -103.83
C GLY NB 34 59.97 50.82 -104.43
N THR NB 35 59.89 49.66 -103.79
CA THR NB 35 58.98 48.58 -104.13
C THR NB 35 58.18 48.20 -102.88
N VAL NB 36 57.06 47.51 -103.07
CA VAL NB 36 56.41 46.88 -101.92
C VAL NB 36 57.40 45.98 -101.20
N ALA NB 37 58.19 45.23 -101.96
CA ALA NB 37 59.16 44.32 -101.35
C ALA NB 37 60.26 45.09 -100.64
N ASN NB 38 60.88 46.05 -101.32
CA ASN NB 38 61.93 46.85 -100.72
C ASN NB 38 61.48 48.31 -100.71
N ASN NB 39 60.94 48.75 -99.58
CA ASN NB 39 60.51 50.13 -99.45
C ASN NB 39 61.68 51.02 -99.07
N THR NB 40 61.62 52.26 -99.52
CA THR NB 40 62.73 53.20 -99.36
C THR NB 40 62.36 54.47 -98.64
N GLY NB 41 61.07 54.76 -98.47
CA GLY NB 41 60.66 55.96 -97.76
C GLY NB 41 59.17 56.18 -97.84
N VAL NB 42 58.59 56.69 -96.76
CA VAL NB 42 57.17 57.03 -96.75
C VAL NB 42 57.01 58.31 -95.93
N PHE NB 43 56.01 59.10 -96.32
CA PHE NB 43 55.63 60.29 -95.58
C PHE NB 43 54.12 60.31 -95.46
N SER NB 44 53.63 60.64 -94.27
CA SER NB 44 52.18 60.66 -94.04
C SER NB 44 51.85 61.85 -93.15
N LEU NB 45 50.67 62.42 -93.38
CA LEU NB 45 50.21 63.57 -92.59
C LEU NB 45 48.72 63.46 -92.36
N GLU NB 46 48.30 63.81 -91.14
CA GLU NB 46 46.90 63.76 -90.74
C GLU NB 46 46.57 64.97 -89.88
N GLN NB 47 45.40 65.57 -90.11
CA GLN NB 47 44.91 66.63 -89.24
C GLN NB 47 43.69 66.12 -88.48
N ARG NB 48 43.74 66.26 -87.15
CA ARG NB 48 42.57 66.07 -86.29
C ARG NB 48 42.13 67.48 -85.88
N PHE NB 49 41.17 68.01 -86.62
CA PHE NB 49 40.54 69.25 -86.24
C PHE NB 49 39.70 69.00 -85.00
N GLY NB 50 40.08 69.65 -83.90
CA GLY NB 50 39.48 69.33 -82.62
C GLY NB 50 38.09 69.91 -82.43
N ALA NB 51 37.49 69.55 -81.30
CA ALA NB 51 36.26 70.18 -80.87
C ALA NB 51 36.45 71.69 -80.71
N ALA NB 52 35.34 72.41 -80.65
CA ALA NB 52 35.40 73.87 -80.64
C ALA NB 52 36.21 74.41 -79.46
N ASN NB 53 36.29 73.65 -78.37
CA ASN NB 53 37.09 74.06 -77.22
C ASN NB 53 38.55 73.68 -77.35
N SER NB 54 38.85 72.58 -78.05
CA SER NB 54 40.19 72.04 -78.11
C SER NB 54 41.01 72.66 -79.23
N ASN NB 55 42.32 72.42 -79.17
CA ASN NB 55 43.22 72.77 -80.25
C ASN NB 55 43.12 71.75 -81.37
N ARG NB 56 43.45 72.18 -82.59
CA ARG NB 56 43.57 71.22 -83.67
C ARG NB 56 45.01 70.72 -83.72
N LYS NB 57 45.15 69.47 -84.14
CA LYS NB 57 46.45 68.80 -84.18
C LYS NB 57 46.76 68.39 -85.61
N VAL NB 58 48.00 68.58 -86.01
CA VAL NB 58 48.49 68.07 -87.29
C VAL NB 58 49.72 67.23 -87.01
N THR NB 59 49.73 66.01 -87.51
CA THR NB 59 50.84 65.09 -87.25
C THR NB 59 51.40 64.57 -88.56
N MET NB 60 52.72 64.43 -88.60
CA MET NB 60 53.46 63.93 -89.74
C MET NB 60 54.42 62.84 -89.29
N LEU NB 61 54.51 61.81 -90.11
CA LEU NB 61 55.46 60.72 -89.90
C LEU NB 61 56.27 60.53 -91.18
N LEU NB 62 57.59 60.61 -91.05
CA LEU NB 62 58.54 60.33 -92.11
C LEU NB 62 59.32 59.09 -91.73
N THR NB 63 59.31 58.08 -92.59
CA THR NB 63 60.01 56.83 -92.31
C THR NB 63 60.97 56.52 -93.45
N ASP NB 64 62.24 56.34 -93.09
CA ASP NB 64 63.29 55.97 -94.05
C ASP NB 64 63.87 54.63 -93.62
N PRO NB 65 63.56 53.57 -94.36
CA PRO NB 65 64.19 52.28 -94.11
C PRO NB 65 65.43 52.08 -94.96
N VAL NB 66 66.40 51.36 -94.38
CA VAL NB 66 67.67 51.05 -95.00
C VAL NB 66 67.99 49.58 -94.75
N VAL NB 67 68.60 48.95 -95.72
CA VAL NB 67 69.09 47.58 -95.56
C VAL NB 67 70.48 47.63 -94.95
N VAL NB 68 70.73 46.74 -93.99
CA VAL NB 68 71.99 46.65 -93.28
C VAL NB 68 72.37 45.19 -93.13
N LYS NB 69 73.63 44.87 -93.38
CA LYS NB 69 74.11 43.51 -93.16
C LYS NB 69 74.14 43.23 -91.66
N ASP NB 70 73.85 41.98 -91.30
CA ASP NB 70 73.82 41.54 -89.92
C ASP NB 70 75.18 40.97 -89.53
N ALA NB 71 75.38 40.83 -88.21
CA ALA NB 71 76.56 40.12 -87.73
C ALA NB 71 76.59 38.69 -88.25
N SER NB 72 75.42 38.07 -88.43
CA SER NB 72 75.30 36.77 -89.07
C SER NB 72 75.45 36.84 -90.59
N GLY NB 73 75.59 38.04 -91.15
CA GLY NB 73 75.63 38.22 -92.59
C GLY NB 73 74.28 38.43 -93.23
N ALA NB 74 73.20 37.94 -92.61
CA ALA NB 74 71.87 38.07 -93.16
C ALA NB 74 71.51 39.52 -93.40
N ASP NB 75 70.69 39.76 -94.42
CA ASP NB 75 70.26 41.11 -94.73
C ASP NB 75 69.06 41.48 -93.86
N MET NB 76 69.10 42.68 -93.28
CA MET NB 76 68.15 43.10 -92.27
C MET NB 76 67.69 44.52 -92.58
N THR NB 77 66.39 44.74 -92.66
CA THR NB 77 65.85 46.05 -92.98
C THR NB 77 65.52 46.80 -91.69
N ILE NB 78 66.01 48.04 -91.59
CA ILE NB 78 65.93 48.83 -90.37
C ILE NB 78 65.31 50.18 -90.71
N LYS NB 79 64.35 50.62 -89.90
CA LYS NB 79 63.65 51.87 -90.14
C LYS NB 79 64.08 52.91 -89.12
N ALA NB 80 64.21 54.16 -89.60
CA ALA NB 80 64.39 55.33 -88.75
C ALA NB 80 63.20 56.26 -88.97
N ASN NB 81 62.70 56.85 -87.88
CA ASN NB 81 61.46 57.61 -87.96
C ASN NB 81 61.68 59.03 -87.47
N ALA NB 82 60.97 59.96 -88.10
CA ALA NB 82 60.85 61.33 -87.61
C ALA NB 82 59.37 61.66 -87.57
N SER NB 83 58.92 62.25 -86.47
CA SER NB 83 57.51 62.59 -86.31
C SER NB 83 57.38 64.02 -85.82
N VAL NB 84 56.55 64.79 -86.49
CA VAL NB 84 56.31 66.18 -86.13
C VAL NB 84 54.83 66.33 -85.77
N THR NB 85 54.54 67.13 -84.74
CA THR NB 85 53.17 67.39 -84.33
C THR NB 85 53.01 68.86 -84.00
N PHE NB 86 52.05 69.50 -84.67
CA PHE NB 86 51.68 70.88 -84.44
C PHE NB 86 50.39 70.90 -83.64
N SER NB 87 50.44 71.49 -82.44
CA SER NB 87 49.25 71.75 -81.65
C SER NB 87 48.95 73.23 -81.80
N LEU NB 88 47.84 73.53 -82.47
CA LEU NB 88 47.48 74.89 -82.84
C LEU NB 88 46.10 75.22 -82.29
N PRO NB 89 46.03 76.11 -81.30
CA PRO NB 89 44.73 76.56 -80.81
C PRO NB 89 43.99 77.36 -81.87
N LYS NB 90 42.66 77.32 -81.78
CA LYS NB 90 41.85 78.00 -82.80
C LYS NB 90 42.09 79.49 -82.81
N THR NB 91 42.15 80.12 -81.62
CA THR NB 91 42.31 81.56 -81.53
C THR NB 91 43.69 82.04 -81.99
N TYR NB 92 44.64 81.12 -82.16
CA TYR NB 92 45.97 81.49 -82.61
C TYR NB 92 45.93 81.93 -84.07
N PRO NB 93 46.58 83.03 -84.46
CA PRO NB 93 46.43 83.54 -85.83
C PRO NB 93 47.28 82.77 -86.86
N ASN NB 94 46.67 82.56 -88.02
CA ASN NB 94 47.32 81.81 -89.08
C ASN NB 94 48.71 82.36 -89.42
N GLU NB 95 48.87 83.67 -89.31
CA GLU NB 95 50.16 84.29 -89.58
C GLU NB 95 51.24 83.75 -88.67
N HIS NB 96 51.03 83.85 -87.35
CA HIS NB 96 52.02 83.33 -86.41
C HIS NB 96 52.19 81.82 -86.52
N ILE NB 97 51.18 81.09 -87.01
CA ILE NB 97 51.38 79.67 -87.29
C ILE NB 97 52.45 79.48 -88.38
N THR NB 98 52.30 80.19 -89.51
CA THR NB 98 53.33 80.07 -90.57
C THR NB 98 54.70 80.45 -90.01
N LYS NB 99 54.74 81.48 -89.15
CA LYS NB 99 55.99 81.84 -88.48
C LYS NB 99 56.58 80.66 -87.72
N LEU NB 100 55.74 79.99 -86.92
CA LEU NB 100 56.19 78.83 -86.15
C LEU NB 100 56.78 77.76 -87.06
N ARG NB 101 56.07 77.41 -88.14
CA ARG NB 101 56.56 76.37 -89.04
C ARG NB 101 57.91 76.75 -89.64
N GLN NB 102 58.06 78.00 -90.07
CA GLN NB 102 59.33 78.39 -90.69
C GLN NB 102 60.47 78.38 -89.68
N THR NB 103 60.22 78.87 -88.46
CA THR NB 103 61.28 78.81 -87.44
C THR NB 103 61.66 77.37 -87.13
N LEU NB 104 60.71 76.43 -87.20
CA LEU NB 104 61.06 75.03 -86.98
C LEU NB 104 61.97 74.52 -88.09
N ILE NB 105 61.66 74.87 -89.34
CA ILE NB 105 62.57 74.50 -90.44
C ILE NB 105 63.97 75.05 -90.17
N ALA NB 106 64.05 76.33 -89.79
CA ALA NB 106 65.33 76.96 -89.52
C ALA NB 106 66.10 76.20 -88.44
N TRP NB 107 65.41 75.88 -87.35
CA TRP NB 107 66.05 75.15 -86.25
C TRP NB 107 66.56 73.80 -86.73
N LEU NB 108 65.74 73.06 -87.49
CA LEU NB 108 66.14 71.76 -87.99
C LEU NB 108 67.37 71.83 -88.88
N GLY NB 109 67.62 72.99 -89.48
CA GLY NB 109 68.85 73.19 -90.24
C GLY NB 109 70.09 73.40 -89.40
N GLN NB 110 69.93 73.87 -88.17
CA GLN NB 110 71.05 74.32 -87.35
C GLN NB 110 71.95 73.16 -86.93
N GLN NB 111 73.20 73.51 -86.63
CA GLN NB 111 74.14 72.48 -86.21
C GLN NB 111 73.85 71.98 -84.80
N CYS NB 112 73.38 72.85 -83.90
CA CYS NB 112 73.04 72.40 -82.55
C CYS NB 112 71.92 71.37 -82.56
N VAL NB 113 71.14 71.33 -83.63
CA VAL NB 113 70.11 70.30 -83.78
C VAL NB 113 70.64 69.11 -84.58
N SER NB 114 71.44 69.36 -85.62
CA SER NB 114 71.90 68.27 -86.47
C SER NB 114 72.90 67.36 -85.74
N ASP NB 115 73.81 67.95 -84.97
CA ASP NB 115 74.84 67.14 -84.30
C ASP NB 115 74.25 66.06 -83.41
N PRO NB 116 73.30 66.34 -82.51
CA PRO NB 116 72.71 65.23 -81.74
C PRO NB 116 71.85 64.29 -82.58
N VAL NB 117 71.06 64.84 -83.50
CA VAL NB 117 70.21 64.00 -84.34
C VAL NB 117 71.06 63.12 -85.25
N ASP NB 118 71.98 63.72 -86.00
CA ASP NB 118 72.71 62.98 -87.02
C ASP NB 118 73.73 62.03 -86.41
N SER NB 119 74.53 62.52 -85.45
CA SER NB 119 75.69 61.79 -84.97
C SER NB 119 75.58 61.34 -83.52
N GLY NB 120 74.54 61.73 -82.79
CA GLY NB 120 74.39 61.32 -81.41
C GLY NB 120 75.28 62.04 -80.43
N LEU NB 121 75.96 63.11 -80.84
CA LEU NB 121 76.78 63.90 -79.95
C LEU NB 121 75.94 65.02 -79.34
N ASN NB 122 76.02 65.18 -78.02
CA ASN NB 122 75.32 66.27 -77.37
C ASN NB 122 76.11 67.57 -77.47
N ASN NB 123 75.42 68.68 -77.20
CA ASN NB 123 76.05 69.98 -77.25
C ASN NB 123 76.64 70.33 -75.89
N TYR NB 124 77.51 71.34 -75.89
CA TYR NB 124 78.23 71.76 -74.69
C TYR NB 124 78.57 73.26 -74.69
N MET OB 1 -26.93 -106.82 -74.73
CA MET OB 1 -26.44 -108.17 -74.98
C MET OB 1 -25.88 -108.80 -73.71
N ARG OB 2 -26.20 -110.08 -73.49
CA ARG OB 2 -25.57 -110.82 -72.39
C ARG OB 2 -24.09 -110.99 -72.68
N LEU OB 3 -23.26 -110.37 -71.84
CA LEU OB 3 -21.83 -110.32 -72.09
C LEU OB 3 -21.22 -111.71 -72.05
N THR OB 4 -20.25 -111.93 -72.93
CA THR OB 4 -19.47 -113.15 -72.95
C THR OB 4 -18.05 -112.76 -73.34
N ASP OB 5 -17.09 -113.61 -72.95
CA ASP OB 5 -15.72 -113.41 -73.38
C ASP OB 5 -15.69 -113.24 -74.90
N VAL OB 6 -14.73 -112.48 -75.39
CA VAL OB 6 -14.73 -112.05 -76.79
C VAL OB 6 -13.40 -112.46 -77.42
N ASP OB 7 -13.49 -112.97 -78.64
CA ASP OB 7 -12.29 -113.30 -79.42
C ASP OB 7 -12.34 -112.47 -80.70
N LEU OB 8 -11.30 -111.66 -80.90
CA LEU OB 8 -11.20 -110.74 -82.02
C LEU OB 8 -10.17 -111.25 -83.01
N THR OB 9 -10.48 -111.16 -84.29
CA THR OB 9 -9.51 -111.43 -85.33
C THR OB 9 -8.84 -110.10 -85.69
N VAL OB 10 -7.52 -110.04 -85.49
CA VAL OB 10 -6.77 -108.80 -85.63
C VAL OB 10 -5.66 -109.03 -86.65
N GLY OB 11 -5.84 -108.50 -87.86
CA GLY OB 11 -4.89 -108.75 -88.91
C GLY OB 11 -4.75 -110.24 -89.13
N GLU OB 12 -3.61 -110.79 -88.79
CA GLU OB 12 -3.36 -112.21 -88.99
C GLU OB 12 -3.14 -112.95 -87.67
N GLU OB 13 -3.60 -112.36 -86.57
CA GLU OB 13 -3.50 -112.97 -85.26
C GLU OB 13 -4.89 -112.98 -84.64
N THR OB 14 -5.05 -113.70 -83.53
CA THR OB 14 -6.31 -113.72 -82.80
C THR OB 14 -6.07 -113.29 -81.36
N ARG OB 15 -6.84 -112.31 -80.92
CA ARG OB 15 -6.72 -111.70 -79.61
C ARG OB 15 -7.93 -112.08 -78.76
N GLU OB 16 -7.67 -112.55 -77.54
CA GLU OB 16 -8.72 -113.07 -76.67
C GLU OB 16 -8.87 -112.19 -75.45
N TYR OB 17 -10.07 -111.67 -75.23
CA TYR OB 17 -10.42 -110.84 -74.09
C TYR OB 17 -11.44 -111.56 -73.22
N ALA OB 18 -11.40 -111.24 -71.93
CA ALA OB 18 -12.32 -111.78 -70.94
C ALA OB 18 -12.98 -110.66 -70.17
N VAL OB 19 -14.25 -110.87 -69.81
CA VAL OB 19 -15.00 -109.87 -69.07
C VAL OB 19 -14.37 -109.65 -67.71
N SER OB 20 -14.06 -108.39 -67.39
CA SER OB 20 -13.51 -108.01 -66.09
C SER OB 20 -14.52 -107.35 -65.16
N GLU OB 21 -15.38 -106.48 -65.67
CA GLU OB 21 -16.48 -106.02 -64.83
C GLU OB 21 -17.60 -105.49 -65.71
N GLN OB 22 -18.83 -105.55 -65.18
CA GLN OB 22 -20.00 -105.03 -65.89
C GLN OB 22 -20.87 -104.27 -64.90
N GLN OB 23 -21.14 -103.02 -65.21
CA GLN OB 23 -22.04 -102.18 -64.45
C GLN OB 23 -23.26 -101.90 -65.31
N GLY OB 24 -24.13 -101.02 -64.81
CA GLY OB 24 -25.36 -100.74 -65.52
C GLY OB 24 -25.12 -100.16 -66.89
N THR OB 25 -24.19 -99.19 -66.97
CA THR OB 25 -23.89 -98.51 -68.23
C THR OB 25 -22.40 -98.59 -68.57
N LEU OB 26 -21.66 -99.50 -67.96
CA LEU OB 26 -20.22 -99.60 -68.17
C LEU OB 26 -19.80 -101.06 -68.16
N PHE OB 27 -18.81 -101.40 -69.00
CA PHE OB 27 -18.18 -102.70 -68.93
C PHE OB 27 -16.70 -102.60 -69.30
N ARG OB 28 -15.96 -103.63 -68.90
CA ARG OB 28 -14.52 -103.68 -69.10
C ARG OB 28 -14.08 -105.12 -69.34
N PHE OB 29 -13.33 -105.30 -70.43
CA PHE OB 29 -12.62 -106.51 -70.80
C PHE OB 29 -11.13 -106.35 -70.58
N VAL OB 30 -10.47 -107.50 -70.33
CA VAL OB 30 -9.02 -107.57 -70.18
C VAL OB 30 -8.47 -108.60 -71.17
N ASP OB 31 -7.30 -108.30 -71.74
CA ASP OB 31 -6.62 -109.23 -72.63
C ASP OB 31 -6.15 -110.46 -71.85
N LYS OB 32 -6.58 -111.64 -72.28
CA LYS OB 32 -6.23 -112.88 -71.59
C LYS OB 32 -4.72 -113.16 -71.62
N SER OB 33 -3.96 -112.41 -72.41
CA SER OB 33 -2.50 -112.57 -72.44
C SER OB 33 -1.83 -112.15 -71.14
N GLY OB 34 -2.54 -111.42 -70.27
CA GLY OB 34 -1.92 -110.72 -69.17
C GLY OB 34 -2.42 -111.14 -67.79
N THR OB 35 -1.69 -110.65 -66.79
CA THR OB 35 -1.95 -110.86 -65.37
C THR OB 35 -2.41 -109.56 -64.75
N VAL OB 36 -3.01 -109.66 -63.56
CA VAL OB 36 -3.11 -108.49 -62.69
C VAL OB 36 -1.77 -107.78 -62.61
N ALA OB 37 -0.70 -108.55 -62.36
CA ALA OB 37 0.64 -108.00 -62.25
C ALA OB 37 1.07 -107.33 -63.56
N ASN OB 38 1.16 -108.11 -64.62
CA ASN OB 38 1.57 -107.60 -65.93
C ASN OB 38 0.36 -107.62 -66.86
N ASN OB 39 -0.07 -106.44 -67.31
CA ASN OB 39 -1.24 -106.30 -68.15
C ASN OB 39 -0.84 -106.15 -69.61
N THR OB 40 -1.58 -106.82 -70.49
CA THR OB 40 -1.32 -106.75 -71.93
C THR OB 40 -2.32 -105.92 -72.70
N GLY OB 41 -3.50 -105.65 -72.14
CA GLY OB 41 -4.49 -104.88 -72.85
C GLY OB 41 -5.79 -104.71 -72.09
N VAL OB 42 -6.46 -103.59 -72.29
CA VAL OB 42 -7.73 -103.32 -71.61
C VAL OB 42 -8.67 -102.62 -72.57
N PHE OB 43 -9.96 -102.91 -72.44
CA PHE OB 43 -10.99 -102.23 -73.19
C PHE OB 43 -12.14 -101.90 -72.26
N SER OB 44 -12.63 -100.66 -72.36
CA SER OB 44 -13.72 -100.20 -71.51
C SER OB 44 -14.70 -99.39 -72.35
N LEU OB 45 -15.99 -99.52 -72.00
CA LEU OB 45 -17.06 -98.81 -72.72
C LEU OB 45 -18.10 -98.33 -71.71
N GLU OB 46 -18.54 -97.08 -71.85
CA GLU OB 46 -19.54 -96.47 -70.98
C GLU OB 46 -20.51 -95.62 -71.79
N GLN OB 47 -21.80 -95.74 -71.47
CA GLN OB 47 -22.84 -94.91 -72.09
C GLN OB 47 -23.40 -93.93 -71.06
N ARG OB 48 -23.64 -92.70 -71.52
CA ARG OB 48 -24.18 -91.62 -70.72
C ARG OB 48 -25.42 -91.09 -71.45
N PHE OB 49 -26.59 -91.51 -70.99
CA PHE OB 49 -27.87 -91.06 -71.50
C PHE OB 49 -28.20 -89.73 -70.85
N GLY OB 50 -28.23 -88.65 -71.65
CA GLY OB 50 -28.51 -87.33 -71.13
C GLY OB 50 -29.99 -87.05 -71.00
N ALA OB 51 -30.32 -85.78 -70.79
CA ALA OB 51 -31.72 -85.37 -70.83
C ALA OB 51 -32.25 -85.38 -72.26
N ALA OB 52 -33.57 -85.22 -72.39
CA ALA OB 52 -34.20 -85.32 -73.71
C ALA OB 52 -33.72 -84.25 -74.67
N ASN OB 53 -33.19 -83.13 -74.16
CA ASN OB 53 -32.55 -82.13 -75.01
C ASN OB 53 -31.08 -82.44 -75.25
N SER OB 54 -30.50 -83.37 -74.50
CA SER OB 54 -29.09 -83.70 -74.61
C SER OB 54 -28.90 -84.92 -75.52
N ASN OB 55 -27.74 -84.95 -76.19
CA ASN OB 55 -27.35 -86.13 -76.95
C ASN OB 55 -26.82 -87.19 -75.99
N ARG OB 56 -27.22 -88.44 -76.20
CA ARG OB 56 -26.58 -89.50 -75.45
C ARG OB 56 -25.18 -89.71 -76.01
N LYS OB 57 -24.28 -90.13 -75.14
CA LYS OB 57 -22.87 -90.24 -75.49
C LYS OB 57 -22.35 -91.62 -75.12
N VAL OB 58 -21.43 -92.13 -75.94
CA VAL OB 58 -20.90 -93.47 -75.74
C VAL OB 58 -19.39 -93.39 -75.93
N THR OB 59 -18.62 -93.83 -74.93
CA THR OB 59 -17.18 -93.65 -74.99
C THR OB 59 -16.45 -94.97 -74.74
N MET OB 60 -15.41 -95.20 -75.52
CA MET OB 60 -14.58 -96.40 -75.48
C MET OB 60 -13.14 -96.00 -75.27
N LEU OB 61 -12.44 -96.78 -74.43
CA LEU OB 61 -11.01 -96.65 -74.23
C LEU OB 61 -10.35 -97.99 -74.42
N LEU OB 62 -9.38 -98.04 -75.34
CA LEU OB 62 -8.57 -99.22 -75.61
C LEU OB 62 -7.13 -98.88 -75.24
N THR OB 63 -6.56 -99.63 -74.32
CA THR OB 63 -5.20 -99.41 -73.84
C THR OB 63 -4.35 -100.63 -74.13
N ASP OB 64 -3.21 -100.40 -74.80
CA ASP OB 64 -2.25 -101.46 -75.12
C ASP OB 64 -0.90 -101.08 -74.53
N PRO OB 65 -0.51 -101.74 -73.43
CA PRO OB 65 0.83 -101.54 -72.89
C PRO OB 65 1.82 -102.54 -73.46
N VAL OB 66 3.06 -102.06 -73.65
CA VAL OB 66 4.16 -102.85 -74.19
C VAL OB 66 5.38 -102.60 -73.31
N VAL OB 67 6.19 -103.64 -73.13
CA VAL OB 67 7.46 -103.47 -72.44
C VAL OB 67 8.54 -103.13 -73.45
N VAL OB 68 9.29 -102.06 -73.17
CA VAL OB 68 10.32 -101.54 -74.03
C VAL OB 68 11.62 -101.46 -73.25
N LYS OB 69 12.74 -101.62 -73.94
CA LYS OB 69 14.05 -101.46 -73.35
C LYS OB 69 14.33 -100.00 -73.05
N ASP OB 70 14.89 -99.74 -71.88
CA ASP OB 70 15.32 -98.41 -71.50
C ASP OB 70 16.59 -98.02 -72.27
N ALA OB 71 16.86 -96.71 -72.31
CA ALA OB 71 18.14 -96.27 -72.87
C ALA OB 71 19.30 -96.82 -72.06
N SER OB 72 19.11 -97.00 -70.75
CA SER OB 72 20.08 -97.68 -69.92
C SER OB 72 20.01 -99.20 -70.09
N GLY OB 73 18.83 -99.72 -70.45
CA GLY OB 73 18.62 -101.15 -70.62
C GLY OB 73 17.55 -101.72 -69.72
N ALA OB 74 17.07 -100.98 -68.73
CA ALA OB 74 16.05 -101.47 -67.82
C ALA OB 74 14.75 -101.79 -68.57
N ASP OB 75 13.92 -102.61 -67.93
CA ASP OB 75 12.61 -102.94 -68.46
C ASP OB 75 11.62 -101.85 -68.07
N MET OB 76 10.90 -101.31 -69.05
CA MET OB 76 10.00 -100.19 -68.79
C MET OB 76 8.69 -100.43 -69.53
N THR OB 77 7.56 -100.17 -68.89
CA THR OB 77 6.25 -100.40 -69.51
C THR OB 77 5.67 -99.09 -70.03
N ILE OB 78 5.21 -99.10 -71.28
CA ILE OB 78 4.73 -97.92 -71.98
C ILE OB 78 3.36 -98.25 -72.57
N LYS OB 79 2.38 -97.38 -72.30
CA LYS OB 79 1.02 -97.59 -72.76
C LYS OB 79 0.74 -96.69 -73.96
N ALA OB 80 -0.07 -97.21 -74.89
CA ALA OB 80 -0.63 -96.44 -76.00
C ALA OB 80 -2.15 -96.51 -75.91
N ASN OB 81 -2.81 -95.36 -76.09
CA ASN OB 81 -4.24 -95.26 -75.85
C ASN OB 81 -4.96 -94.92 -77.14
N ALA OB 82 -6.16 -95.46 -77.30
CA ALA OB 82 -7.07 -95.03 -78.35
C ALA OB 82 -8.44 -94.87 -77.72
N SER OB 83 -9.12 -93.78 -78.04
CA SER OB 83 -10.40 -93.49 -77.42
C SER OB 83 -11.40 -93.04 -78.48
N VAL OB 84 -12.59 -93.62 -78.46
CA VAL OB 84 -13.65 -93.28 -79.40
C VAL OB 84 -14.81 -92.71 -78.58
N THR OB 85 -15.50 -91.73 -79.17
CA THR OB 85 -16.68 -91.12 -78.54
C THR OB 85 -17.74 -90.89 -79.61
N PHE OB 86 -18.91 -91.50 -79.40
CA PHE OB 86 -20.08 -91.33 -80.26
C PHE OB 86 -21.02 -90.36 -79.57
N SER OB 87 -21.27 -89.22 -80.22
CA SER OB 87 -22.29 -88.27 -79.79
C SER OB 87 -23.50 -88.46 -80.68
N LEU OB 88 -24.57 -89.00 -80.10
CA LEU OB 88 -25.77 -89.41 -80.84
C LEU OB 88 -26.97 -88.69 -80.27
N PRO OB 89 -27.55 -87.75 -81.01
CA PRO OB 89 -28.80 -87.12 -80.59
C PRO OB 89 -29.95 -88.11 -80.59
N LYS OB 90 -30.94 -87.80 -79.76
CA LYS OB 90 -32.06 -88.71 -79.56
C LYS OB 90 -33.16 -88.55 -80.59
N THR OB 91 -32.97 -87.67 -81.57
CA THR OB 91 -33.82 -87.59 -82.75
C THR OB 91 -33.17 -88.23 -83.97
N TYR OB 92 -31.95 -88.71 -83.81
CA TYR OB 92 -31.19 -89.35 -84.89
C TYR OB 92 -31.59 -90.82 -84.98
N PRO OB 93 -31.82 -91.34 -86.18
CA PRO OB 93 -32.31 -92.73 -86.29
C PRO OB 93 -31.23 -93.79 -86.11
N ASN OB 94 -31.64 -94.89 -85.47
CA ASN OB 94 -30.70 -95.95 -85.14
C ASN OB 94 -30.03 -96.51 -86.39
N GLU OB 95 -30.77 -96.59 -87.49
CA GLU OB 95 -30.18 -97.05 -88.75
C GLU OB 95 -28.94 -96.24 -89.10
N HIS OB 96 -29.08 -94.91 -89.11
CA HIS OB 96 -27.95 -94.07 -89.47
C HIS OB 96 -26.85 -94.10 -88.42
N ILE OB 97 -27.17 -94.40 -87.15
CA ILE OB 97 -26.10 -94.64 -86.19
C ILE OB 97 -25.26 -95.86 -86.61
N THR OB 98 -25.94 -96.94 -87.00
CA THR OB 98 -25.20 -98.12 -87.48
C THR OB 98 -24.36 -97.77 -88.70
N LYS OB 99 -24.95 -97.02 -89.64
CA LYS OB 99 -24.21 -96.54 -90.81
C LYS OB 99 -22.96 -95.79 -90.39
N LEU OB 100 -23.09 -94.90 -89.41
CA LEU OB 100 -21.96 -94.12 -88.91
C LEU OB 100 -20.86 -95.02 -88.35
N ARG OB 101 -21.24 -95.98 -87.50
CA ARG OB 101 -20.25 -96.87 -86.91
C ARG OB 101 -19.49 -97.65 -87.99
N GLN OB 102 -20.22 -98.12 -89.00
CA GLN OB 102 -19.56 -98.91 -90.04
C GLN OB 102 -18.64 -98.03 -90.89
N THR OB 103 -19.07 -96.81 -91.24
CA THR OB 103 -18.19 -95.91 -91.97
C THR OB 103 -16.93 -95.59 -91.17
N LEU OB 104 -17.06 -95.51 -89.84
CA LEU OB 104 -15.88 -95.28 -89.01
C LEU OB 104 -14.93 -96.47 -89.09
N ILE OB 105 -15.47 -97.69 -89.04
CA ILE OB 105 -14.62 -98.88 -89.19
C ILE OB 105 -13.88 -98.83 -90.52
N ALA OB 106 -14.62 -98.52 -91.60
CA ALA OB 106 -14.01 -98.44 -92.93
C ALA OB 106 -12.91 -97.40 -92.98
N TRP OB 107 -13.16 -96.22 -92.39
CA TRP OB 107 -12.15 -95.18 -92.37
C TRP OB 107 -10.91 -95.61 -91.60
N LEU OB 108 -11.10 -96.25 -90.45
CA LEU OB 108 -9.97 -96.74 -89.67
C LEU OB 108 -9.16 -97.78 -90.43
N GLY OB 109 -9.78 -98.43 -91.41
CA GLY OB 109 -9.06 -99.32 -92.30
C GLY OB 109 -8.19 -98.63 -93.32
N GLN OB 110 -8.53 -97.40 -93.68
CA GLN OB 110 -7.92 -96.73 -94.84
C GLN OB 110 -6.44 -96.44 -94.61
N GLN OB 111 -5.70 -96.34 -95.73
CA GLN OB 111 -4.29 -96.03 -95.63
C GLN OB 111 -4.06 -94.60 -95.22
N CYS OB 112 -4.92 -93.67 -95.66
CA CYS OB 112 -4.77 -92.27 -95.29
C CYS OB 112 -4.98 -92.04 -93.80
N VAL OB 113 -5.68 -92.95 -93.13
CA VAL OB 113 -5.76 -92.93 -91.68
C VAL OB 113 -4.62 -93.73 -91.07
N SER OB 114 -4.19 -94.80 -91.74
CA SER OB 114 -3.16 -95.68 -91.19
C SER OB 114 -1.82 -94.98 -91.10
N ASP OB 115 -1.40 -94.28 -92.15
CA ASP OB 115 -0.07 -93.69 -92.18
C ASP OB 115 0.20 -92.74 -91.03
N PRO OB 116 -0.63 -91.73 -90.73
CA PRO OB 116 -0.34 -90.89 -89.56
C PRO OB 116 -0.42 -91.65 -88.25
N VAL OB 117 -1.43 -92.49 -88.08
CA VAL OB 117 -1.58 -93.24 -86.83
C VAL OB 117 -0.42 -94.20 -86.65
N ASP OB 118 -0.22 -95.12 -87.61
CA ASP OB 118 0.73 -96.21 -87.41
C ASP OB 118 2.17 -95.71 -87.42
N SER OB 119 2.52 -94.81 -88.33
CA SER OB 119 3.92 -94.44 -88.54
C SER OB 119 4.23 -92.97 -88.34
N GLY OB 120 3.22 -92.10 -88.24
CA GLY OB 120 3.46 -90.70 -88.03
C GLY OB 120 3.61 -89.87 -89.31
N LEU OB 121 3.57 -90.51 -90.47
CA LEU OB 121 3.67 -89.77 -91.72
C LEU OB 121 2.34 -89.09 -92.01
N ASN OB 122 2.40 -87.80 -92.36
CA ASN OB 122 1.20 -87.12 -92.82
C ASN OB 122 0.97 -87.37 -94.31
N ASN OB 123 -0.29 -87.20 -94.72
CA ASN OB 123 -0.61 -87.36 -96.13
C ASN OB 123 -0.40 -86.03 -96.86
N TYR OB 124 -0.27 -86.13 -98.18
CA TYR OB 124 0.04 -84.95 -98.99
C TYR OB 124 -0.76 -84.90 -100.29
N MET PB 1 -35.04 -113.03 -60.68
CA MET PB 1 -35.09 -113.88 -61.86
C MET PB 1 -33.97 -113.53 -62.83
N ARG PB 2 -33.69 -114.44 -63.77
CA ARG PB 2 -32.71 -114.18 -64.82
C ARG PB 2 -33.41 -113.44 -65.96
N LEU PB 3 -33.05 -112.16 -66.13
CA LEU PB 3 -33.72 -111.30 -67.10
C LEU PB 3 -33.59 -111.85 -68.51
N THR PB 4 -34.73 -111.92 -69.19
CA THR PB 4 -34.82 -112.30 -70.59
C THR PB 4 -35.75 -111.33 -71.27
N ASP PB 5 -35.53 -111.11 -72.56
CA ASP PB 5 -36.43 -110.23 -73.33
C ASP PB 5 -37.86 -110.71 -73.14
N VAL PB 6 -38.80 -109.76 -73.11
CA VAL PB 6 -40.16 -110.05 -72.68
C VAL PB 6 -41.11 -109.69 -73.82
N ASP PB 7 -42.14 -110.51 -73.98
CA ASP PB 7 -43.21 -110.21 -74.93
C ASP PB 7 -44.54 -110.18 -74.20
N LEU PB 8 -45.22 -109.04 -74.30
CA LEU PB 8 -46.44 -108.78 -73.58
C LEU PB 8 -47.60 -108.83 -74.54
N THR PB 9 -48.66 -109.50 -74.12
CA THR PB 9 -49.90 -109.52 -74.89
C THR PB 9 -50.74 -108.35 -74.41
N VAL PB 10 -50.92 -107.37 -75.28
CA VAL PB 10 -51.57 -106.11 -74.93
C VAL PB 10 -52.83 -105.99 -75.78
N GLY PB 11 -53.97 -106.30 -75.17
CA GLY PB 11 -55.21 -106.35 -75.92
C GLY PB 11 -55.11 -107.36 -77.03
N GLU PB 12 -55.10 -106.89 -78.28
CA GLU PB 12 -54.99 -107.78 -79.42
C GLU PB 12 -53.67 -107.62 -80.16
N GLU PB 13 -52.68 -107.03 -79.50
CA GLU PB 13 -51.38 -106.79 -80.11
C GLU PB 13 -50.33 -107.42 -79.22
N THR PB 14 -49.10 -107.51 -79.72
CA THR PB 14 -47.99 -108.03 -78.94
C THR PB 14 -46.87 -107.00 -78.93
N ARG PB 15 -46.52 -106.52 -77.74
CA ARG PB 15 -45.40 -105.63 -77.53
C ARG PB 15 -44.17 -106.46 -77.20
N GLU PB 16 -43.01 -106.05 -77.71
CA GLU PB 16 -41.78 -106.84 -77.55
C GLU PB 16 -40.66 -105.97 -77.02
N TYR PB 17 -40.27 -106.21 -75.78
CA TYR PB 17 -39.26 -105.43 -75.10
C TYR PB 17 -37.97 -106.24 -74.98
N ALA PB 18 -36.84 -105.52 -75.04
CA ALA PB 18 -35.52 -106.06 -74.88
C ALA PB 18 -34.82 -105.44 -73.68
N VAL PB 19 -34.03 -106.25 -72.97
CA VAL PB 19 -33.30 -105.76 -71.81
C VAL PB 19 -32.33 -104.68 -72.26
N SER PB 20 -32.39 -103.52 -71.61
CA SER PB 20 -31.52 -102.40 -71.95
C SER PB 20 -30.52 -102.05 -70.87
N GLU PB 21 -30.83 -102.28 -69.59
CA GLU PB 21 -29.75 -102.24 -68.60
C GLU PB 21 -30.16 -103.00 -67.34
N GLN PB 22 -29.15 -103.54 -66.66
CA GLN PB 22 -29.33 -104.26 -65.40
C GLN PB 22 -28.28 -103.75 -64.42
N GLN PB 23 -28.73 -103.16 -63.32
CA GLN PB 23 -27.86 -102.74 -62.25
C GLN PB 23 -28.09 -103.67 -61.06
N GLY PB 24 -27.66 -103.23 -59.88
CA GLY PB 24 -27.88 -104.02 -58.69
C GLY PB 24 -29.35 -104.19 -58.40
N THR PB 25 -30.04 -103.06 -58.20
CA THR PB 25 -31.44 -103.05 -57.81
C THR PB 25 -32.34 -102.46 -58.88
N LEU PB 26 -31.80 -102.18 -60.07
CA LEU PB 26 -32.52 -101.50 -61.13
C LEU PB 26 -32.38 -102.25 -62.44
N PHE PB 27 -33.45 -102.27 -63.23
CA PHE PB 27 -33.41 -102.79 -64.59
C PHE PB 27 -34.27 -101.93 -65.50
N ARG PB 28 -34.03 -102.08 -66.79
CA ARG PB 28 -34.71 -101.29 -67.81
C ARG PB 28 -34.83 -102.09 -69.09
N PHE PB 29 -36.06 -102.20 -69.58
CA PHE PB 29 -36.43 -102.77 -70.87
C PHE PB 29 -36.79 -101.65 -71.85
N VAL PB 30 -36.75 -102.00 -73.12
CA VAL PB 30 -36.94 -101.04 -74.20
C VAL PB 30 -37.76 -101.68 -75.31
N ASP PB 31 -38.74 -100.93 -75.86
CA ASP PB 31 -39.58 -101.45 -76.94
C ASP PB 31 -38.75 -101.73 -78.19
N LYS PB 32 -38.71 -102.99 -78.61
CA LYS PB 32 -37.89 -103.37 -79.75
C LYS PB 32 -38.32 -102.64 -81.01
N SER PB 33 -39.61 -102.32 -81.12
CA SER PB 33 -40.18 -101.68 -82.30
C SER PB 33 -39.76 -100.23 -82.46
N GLY PB 34 -38.85 -99.73 -81.63
CA GLY PB 34 -38.46 -98.33 -81.72
C GLY PB 34 -37.44 -98.11 -82.81
N THR PB 35 -37.64 -97.04 -83.59
CA THR PB 35 -36.72 -96.66 -84.64
C THR PB 35 -35.73 -95.60 -84.20
N VAL PB 36 -36.18 -94.67 -83.35
CA VAL PB 36 -35.34 -93.60 -82.84
C VAL PB 36 -35.42 -93.64 -81.33
N ALA PB 37 -34.43 -93.01 -80.68
CA ALA PB 37 -34.46 -92.89 -79.23
C ALA PB 37 -35.77 -92.28 -78.75
N ASN PB 38 -36.18 -91.15 -79.32
CA ASN PB 38 -37.43 -90.51 -78.93
C ASN PB 38 -38.65 -91.33 -79.35
N ASN PB 39 -38.55 -92.05 -80.46
CA ASN PB 39 -39.62 -92.96 -80.87
C ASN PB 39 -39.84 -94.07 -79.84
N THR PB 40 -38.80 -94.42 -79.08
CA THR PB 40 -38.75 -95.69 -78.37
C THR PB 40 -39.38 -95.62 -76.99
N GLY PB 41 -40.36 -96.48 -76.74
CA GLY PB 41 -40.91 -96.62 -75.40
C GLY PB 41 -39.99 -97.40 -74.49
N VAL PB 42 -40.14 -97.17 -73.18
CA VAL PB 42 -39.24 -97.79 -72.20
C VAL PB 42 -40.00 -98.16 -70.95
N PHE PB 43 -39.41 -99.08 -70.19
CA PHE PB 43 -39.96 -99.50 -68.90
C PHE PB 43 -38.81 -99.75 -67.94
N SER PB 44 -38.90 -99.18 -66.76
CA SER PB 44 -37.81 -99.28 -65.79
C SER PB 44 -38.39 -99.59 -64.42
N LEU PB 45 -37.60 -100.34 -63.63
CA LEU PB 45 -38.01 -100.71 -62.27
C LEU PB 45 -36.79 -100.67 -61.36
N GLU PB 46 -37.01 -100.20 -60.12
CA GLU PB 46 -35.95 -100.06 -59.13
C GLU PB 46 -36.52 -100.38 -57.76
N GLN PB 47 -35.77 -101.16 -56.99
CA GLN PB 47 -36.13 -101.42 -55.60
C GLN PB 47 -35.17 -100.69 -54.66
N ARG PB 48 -35.73 -100.08 -53.63
CA ARG PB 48 -35.00 -99.37 -52.59
C ARG PB 48 -35.35 -100.05 -51.28
N PHE PB 49 -34.45 -100.92 -50.82
CA PHE PB 49 -34.60 -101.62 -49.56
C PHE PB 49 -34.13 -100.71 -48.44
N GLY PB 50 -34.99 -100.46 -47.45
CA GLY PB 50 -34.68 -99.56 -46.37
C GLY PB 50 -34.05 -100.27 -45.18
N ALA PB 51 -33.88 -99.50 -44.10
CA ALA PB 51 -33.49 -100.10 -42.84
C ALA PB 51 -34.62 -100.95 -42.27
N ALA PB 52 -34.37 -101.62 -41.14
CA ALA PB 52 -35.37 -102.54 -40.59
C ALA PB 52 -36.61 -101.80 -40.11
N ASN PB 53 -36.48 -100.53 -39.73
CA ASN PB 53 -37.64 -99.73 -39.38
C ASN PB 53 -38.35 -99.14 -40.59
N SER PB 54 -37.73 -99.22 -41.76
CA SER PB 54 -38.30 -98.67 -42.98
C SER PB 54 -39.09 -99.72 -43.74
N ASN PB 55 -39.84 -99.25 -44.72
CA ASN PB 55 -40.51 -100.11 -45.69
C ASN PB 55 -39.67 -100.14 -46.96
N ARG PB 56 -39.55 -101.31 -47.56
CA ARG PB 56 -38.91 -101.34 -48.87
C ARG PB 56 -39.89 -100.77 -49.90
N LYS PB 57 -39.34 -100.11 -50.91
CA LYS PB 57 -40.14 -99.45 -51.92
C LYS PB 57 -39.71 -99.93 -53.30
N VAL PB 58 -40.68 -100.27 -54.15
CA VAL PB 58 -40.40 -100.66 -55.52
C VAL PB 58 -41.12 -99.68 -56.43
N THR PB 59 -40.39 -99.13 -57.40
CA THR PB 59 -40.96 -98.13 -58.30
C THR PB 59 -40.76 -98.57 -59.74
N MET PB 60 -41.76 -98.28 -60.57
CA MET PB 60 -41.74 -98.59 -61.99
C MET PB 60 -42.19 -97.36 -62.75
N LEU PB 61 -41.52 -97.13 -63.88
CA LEU PB 61 -41.89 -96.08 -64.83
C LEU PB 61 -42.04 -96.69 -66.21
N LEU PB 62 -43.18 -96.43 -66.83
CA LEU PB 62 -43.51 -96.84 -68.19
C LEU PB 62 -43.71 -95.59 -69.03
N THR PB 63 -42.92 -95.45 -70.09
CA THR PB 63 -42.98 -94.30 -70.98
C THR PB 63 -43.32 -94.74 -72.39
N ASP PB 64 -44.39 -94.16 -72.95
CA ASP PB 64 -44.87 -94.50 -74.28
C ASP PB 64 -44.99 -93.23 -75.12
N PRO PB 65 -43.96 -92.89 -75.89
CA PRO PB 65 -44.06 -91.74 -76.79
C PRO PB 65 -44.77 -92.09 -78.10
N VAL PB 66 -45.36 -91.06 -78.70
CA VAL PB 66 -46.08 -91.17 -79.98
C VAL PB 66 -45.75 -89.93 -80.82
N VAL PB 67 -45.78 -90.09 -82.14
CA VAL PB 67 -45.51 -88.97 -83.05
C VAL PB 67 -46.81 -88.31 -83.46
N VAL PB 68 -46.88 -86.99 -83.30
CA VAL PB 68 -48.03 -86.18 -83.69
C VAL PB 68 -47.62 -85.12 -84.69
N MET PB 76 -43.67 -83.54 -84.19
CA MET PB 76 -43.42 -83.57 -82.75
C MET PB 76 -43.75 -84.93 -82.13
N THR PB 77 -42.98 -85.34 -81.12
CA THR PB 77 -43.23 -86.56 -80.37
C THR PB 77 -43.61 -86.22 -78.94
N ILE PB 78 -44.69 -86.82 -78.47
CA ILE PB 78 -45.32 -86.54 -77.18
C ILE PB 78 -45.23 -87.79 -76.33
N LYS PB 79 -44.82 -87.62 -75.06
CA LYS PB 79 -44.59 -88.75 -74.17
C LYS PB 79 -45.63 -88.76 -73.05
N ALA PB 80 -46.16 -89.95 -72.76
CA ALA PB 80 -47.06 -90.18 -71.64
C ALA PB 80 -46.47 -91.22 -70.69
N ASN PB 81 -46.66 -90.99 -69.39
CA ASN PB 81 -46.01 -91.79 -68.36
C ASN PB 81 -47.02 -92.47 -67.46
N ALA PB 82 -46.73 -93.70 -67.09
CA ALA PB 82 -47.40 -94.36 -65.98
C ALA PB 82 -46.33 -94.73 -64.95
N SER PB 83 -46.61 -94.48 -63.68
CA SER PB 83 -45.64 -94.78 -62.64
C SER PB 83 -46.34 -95.49 -61.50
N VAL PB 84 -45.82 -96.65 -61.12
CA VAL PB 84 -46.36 -97.43 -60.02
C VAL PB 84 -45.32 -97.45 -58.91
N THR PB 85 -45.79 -97.43 -57.65
CA THR PB 85 -44.91 -97.50 -56.49
C THR PB 85 -45.56 -98.37 -55.43
N PHE PB 86 -44.85 -99.42 -55.02
CA PHE PB 86 -45.27 -100.34 -53.98
C PHE PB 86 -44.50 -100.03 -52.72
N SER PB 87 -45.20 -99.62 -51.66
CA SER PB 87 -44.60 -99.44 -50.35
C SER PB 87 -44.97 -100.64 -49.49
N LEU PB 88 -43.97 -101.44 -49.16
CA LEU PB 88 -44.17 -102.74 -48.52
C LEU PB 88 -43.38 -102.80 -47.24
N PRO PB 89 -44.04 -102.85 -46.09
CA PRO PB 89 -43.34 -103.08 -44.82
C PRO PB 89 -42.77 -104.48 -44.77
N LYS PB 90 -41.64 -104.62 -44.07
CA LYS PB 90 -40.95 -105.90 -44.08
C LYS PB 90 -41.75 -106.99 -43.36
N THR PB 91 -42.38 -106.63 -42.24
CA THR PB 91 -43.20 -107.59 -41.49
C THR PB 91 -44.41 -108.06 -42.29
N TYR PB 92 -44.80 -107.33 -43.33
CA TYR PB 92 -45.97 -107.68 -44.14
C TYR PB 92 -45.70 -108.96 -44.93
N PRO PB 93 -46.66 -109.90 -45.01
CA PRO PB 93 -46.35 -111.22 -45.58
C PRO PB 93 -46.36 -111.25 -47.11
N ASN PB 94 -45.37 -111.98 -47.64
CA ASN PB 94 -45.18 -112.05 -49.09
C ASN PB 94 -46.45 -112.51 -49.81
N GLU PB 95 -47.21 -113.41 -49.19
CA GLU PB 95 -48.44 -113.88 -49.82
C GLU PB 95 -49.41 -112.72 -50.05
N HIS PB 96 -49.67 -111.93 -49.01
CA HIS PB 96 -50.57 -110.78 -49.16
C HIS PB 96 -50.00 -109.72 -50.10
N ILE PB 97 -48.67 -109.65 -50.27
CA ILE PB 97 -48.12 -108.77 -51.30
C ILE PB 97 -48.52 -109.24 -52.69
N THR PB 98 -48.34 -110.55 -52.97
CA THR PB 98 -48.77 -111.08 -54.27
C THR PB 98 -50.24 -110.76 -54.49
N LYS PB 99 -51.06 -110.92 -53.45
CA LYS PB 99 -52.47 -110.53 -53.52
C LYS PB 99 -52.64 -109.08 -53.94
N LEU PB 100 -51.93 -108.17 -53.26
CA LEU PB 100 -52.05 -106.74 -53.57
C LEU PB 100 -51.76 -106.47 -55.03
N ARG PB 101 -50.64 -107.01 -55.54
CA ARG PB 101 -50.28 -106.80 -56.93
C ARG PB 101 -51.38 -107.27 -57.87
N GLN PB 102 -51.92 -108.48 -57.62
CA GLN PB 102 -52.94 -109.00 -58.51
C GLN PB 102 -54.20 -108.15 -58.50
N THR PB 103 -54.61 -107.67 -57.31
CA THR PB 103 -55.80 -106.83 -57.24
C THR PB 103 -55.58 -105.48 -57.92
N LEU PB 104 -54.35 -104.96 -57.91
CA LEU PB 104 -54.09 -103.74 -58.67
C LEU PB 104 -54.26 -104.00 -60.16
N ILE PB 105 -53.77 -105.13 -60.64
CA ILE PB 105 -54.00 -105.50 -62.05
C ILE PB 105 -55.50 -105.52 -62.35
N ALA PB 106 -56.26 -106.21 -61.49
CA ALA PB 106 -57.71 -106.30 -61.69
C ALA PB 106 -58.36 -104.92 -61.73
N TRP PB 107 -57.94 -104.03 -60.82
CA TRP PB 107 -58.50 -102.68 -60.80
C TRP PB 107 -58.20 -101.94 -62.09
N LEU PB 108 -56.95 -101.97 -62.52
CA LEU PB 108 -56.56 -101.34 -63.79
C LEU PB 108 -57.33 -101.89 -64.97
N GLY PB 109 -57.92 -103.08 -64.84
CA GLY PB 109 -58.83 -103.58 -65.85
C GLY PB 109 -60.18 -102.89 -65.94
N GLN PB 110 -60.70 -102.40 -64.82
CA GLN PB 110 -62.10 -102.03 -64.70
C GLN PB 110 -62.44 -100.74 -65.46
N GLN PB 111 -63.73 -100.59 -65.75
CA GLN PB 111 -64.20 -99.42 -66.48
C GLN PB 111 -64.04 -98.15 -65.66
N CYS PB 112 -64.34 -98.23 -64.36
CA CYS PB 112 -64.24 -97.04 -63.52
C CYS PB 112 -62.82 -96.48 -63.49
N VAL PB 113 -61.83 -97.28 -63.88
CA VAL PB 113 -60.46 -96.81 -64.01
C VAL PB 113 -60.13 -96.44 -65.46
N SER PB 114 -60.62 -97.21 -66.43
CA SER PB 114 -60.29 -96.92 -67.82
C SER PB 114 -60.91 -95.62 -68.29
N ASP PB 115 -62.16 -95.34 -67.89
CA ASP PB 115 -62.85 -94.14 -68.36
C ASP PB 115 -62.08 -92.85 -68.02
N PRO PB 116 -61.62 -92.65 -66.78
CA PRO PB 116 -60.81 -91.43 -66.56
C PRO PB 116 -59.42 -91.50 -67.17
N VAL PB 117 -58.73 -92.64 -67.06
CA VAL PB 117 -57.40 -92.76 -67.63
C VAL PB 117 -57.46 -92.61 -69.15
N ASP PB 118 -58.22 -93.48 -69.82
CA ASP PB 118 -58.18 -93.53 -71.27
C ASP PB 118 -58.74 -92.25 -71.89
N SER PB 119 -59.96 -91.86 -71.52
CA SER PB 119 -60.63 -90.77 -72.21
C SER PB 119 -60.93 -89.56 -71.34
N GLY PB 120 -60.70 -89.63 -70.03
CA GLY PB 120 -60.94 -88.49 -69.17
C GLY PB 120 -62.33 -88.38 -68.60
N LEU PB 121 -63.19 -89.38 -68.81
CA LEU PB 121 -64.51 -89.38 -68.21
C LEU PB 121 -64.40 -89.71 -66.72
N ASN PB 122 -64.91 -88.83 -65.88
CA ASN PB 122 -65.01 -89.18 -64.47
C ASN PB 122 -66.25 -90.02 -64.22
N ASN PB 123 -66.26 -90.70 -63.08
CA ASN PB 123 -67.40 -91.53 -62.74
C ASN PB 123 -68.41 -90.73 -61.95
N TYR PB 124 -69.67 -91.07 -62.15
CA TYR PB 124 -70.76 -90.30 -61.57
C TYR PB 124 -71.85 -91.21 -61.08
N MET QB 1 -16.80 -114.63 -63.91
CA MET QB 1 -17.80 -115.68 -63.97
C MET QB 1 -19.18 -115.09 -64.23
N ARG QB 2 -19.97 -115.77 -65.06
CA ARG QB 2 -21.38 -115.40 -65.26
C ARG QB 2 -22.17 -115.83 -64.02
N LEU QB 3 -22.57 -114.86 -63.21
CA LEU QB 3 -23.19 -115.17 -61.94
C LEU QB 3 -24.54 -115.84 -62.16
N THR QB 4 -24.75 -116.96 -61.48
CA THR QB 4 -26.05 -117.61 -61.39
C THR QB 4 -26.19 -118.20 -59.99
N ASP QB 5 -27.44 -118.55 -59.65
CA ASP QB 5 -27.73 -119.14 -58.36
C ASP QB 5 -26.81 -120.33 -58.11
N VAL QB 6 -26.47 -120.57 -56.85
CA VAL QB 6 -25.59 -121.68 -56.51
C VAL QB 6 -26.22 -122.48 -55.36
N ASP QB 7 -25.83 -123.74 -55.31
CA ASP QB 7 -26.18 -124.64 -54.21
C ASP QB 7 -24.89 -125.16 -53.61
N LEU QB 8 -24.80 -125.08 -52.29
CA LEU QB 8 -23.61 -125.45 -51.54
C LEU QB 8 -23.85 -126.75 -50.78
N THR QB 9 -22.83 -127.59 -50.77
CA THR QB 9 -22.85 -128.82 -49.99
C THR QB 9 -22.25 -128.49 -48.63
N VAL QB 10 -23.06 -128.59 -47.57
CA VAL QB 10 -22.65 -128.17 -46.23
C VAL QB 10 -22.81 -129.37 -45.30
N GLY QB 11 -21.70 -130.03 -45.01
CA GLY QB 11 -21.75 -131.25 -44.23
C GLY QB 11 -22.67 -132.26 -44.88
N GLU QB 12 -23.80 -132.55 -44.24
CA GLU QB 12 -24.76 -133.51 -44.77
C GLU QB 12 -26.08 -132.86 -45.14
N GLU QB 13 -26.06 -131.56 -45.45
CA GLU QB 13 -27.24 -130.87 -45.92
C GLU QB 13 -26.87 -130.07 -47.17
N THR QB 14 -27.89 -129.60 -47.88
CA THR QB 14 -27.69 -128.78 -49.06
C THR QB 14 -28.31 -127.41 -48.83
N ARG QB 15 -27.52 -126.37 -49.08
CA ARG QB 15 -27.90 -124.98 -48.84
C ARG QB 15 -28.09 -124.31 -50.19
N GLU QB 16 -29.25 -123.69 -50.41
CA GLU QB 16 -29.58 -123.13 -51.71
C GLU QB 16 -29.60 -121.61 -51.63
N TYR QB 17 -28.71 -120.96 -52.37
CA TYR QB 17 -28.69 -119.51 -52.44
C TYR QB 17 -29.19 -119.06 -53.82
N ALA QB 18 -29.66 -117.82 -53.88
CA ALA QB 18 -30.12 -117.20 -55.10
C ALA QB 18 -29.52 -115.80 -55.20
N VAL QB 19 -29.18 -115.41 -56.44
CA VAL QB 19 -28.59 -114.09 -56.65
C VAL QB 19 -29.60 -113.03 -56.26
N SER QB 20 -29.21 -112.15 -55.34
CA SER QB 20 -30.05 -111.04 -54.91
C SER QB 20 -29.63 -109.70 -55.48
N GLU QB 21 -28.36 -109.49 -55.80
CA GLU QB 21 -27.97 -108.35 -56.61
C GLU QB 21 -26.58 -108.57 -57.18
N GLN QB 22 -26.34 -107.96 -58.34
CA GLN QB 22 -25.01 -107.99 -58.96
C GLN QB 22 -24.66 -106.60 -59.46
N GLN QB 23 -23.57 -106.05 -58.94
CA GLN QB 23 -23.01 -104.78 -59.37
C GLN QB 23 -21.64 -105.02 -59.98
N GLY QB 24 -20.97 -103.92 -60.34
CA GLY QB 24 -19.71 -104.04 -61.05
C GLY QB 24 -18.65 -104.76 -60.25
N THR QB 25 -18.49 -104.36 -58.99
CA THR QB 25 -17.48 -104.92 -58.10
C THR QB 25 -18.08 -105.65 -56.90
N LEU QB 26 -19.41 -105.78 -56.84
CA LEU QB 26 -20.10 -106.33 -55.69
C LEU QB 26 -21.20 -107.27 -56.15
N PHE QB 27 -21.44 -108.32 -55.35
CA PHE QB 27 -22.59 -109.19 -55.56
C PHE QB 27 -23.10 -109.70 -54.21
N ARG QB 28 -24.36 -110.14 -54.23
CA ARG QB 28 -25.04 -110.60 -53.03
C ARG QB 28 -25.98 -111.74 -53.37
N PHE QB 29 -25.85 -112.84 -52.61
CA PHE QB 29 -26.73 -113.99 -52.60
C PHE QB 29 -27.56 -114.00 -51.32
N VAL QB 30 -28.74 -114.64 -51.42
CA VAL QB 30 -29.66 -114.80 -50.30
C VAL QB 30 -30.08 -116.27 -50.21
N ASP QB 31 -30.18 -116.79 -48.98
CA ASP QB 31 -30.62 -118.17 -48.76
C ASP QB 31 -32.08 -118.32 -49.18
N LYS QB 32 -32.33 -119.27 -50.08
CA LYS QB 32 -33.66 -119.46 -50.67
C LYS QB 32 -34.72 -119.85 -49.64
N SER QB 33 -34.30 -120.29 -48.45
CA SER QB 33 -35.25 -120.69 -47.42
C SER QB 33 -35.83 -119.53 -46.64
N GLY QB 34 -35.62 -118.28 -47.07
CA GLY QB 34 -35.91 -117.12 -46.28
C GLY QB 34 -36.91 -116.15 -46.91
N THR QB 35 -37.36 -115.21 -46.08
CA THR QB 35 -38.29 -114.16 -46.43
C THR QB 35 -37.68 -112.81 -46.07
N VAL QB 36 -38.21 -111.72 -46.64
CA VAL QB 36 -37.85 -110.40 -46.12
C VAL QB 36 -38.16 -110.34 -44.63
N ALA QB 37 -39.31 -110.89 -44.23
CA ALA QB 37 -39.70 -110.85 -42.83
C ALA QB 37 -38.77 -111.72 -41.98
N ASN QB 38 -38.57 -112.97 -42.38
CA ASN QB 38 -37.69 -113.88 -41.65
C ASN QB 38 -36.54 -114.27 -42.57
N ASN QB 39 -35.41 -113.58 -42.45
CA ASN QB 39 -34.25 -113.91 -43.25
C ASN QB 39 -33.46 -115.04 -42.61
N THR QB 40 -32.81 -115.84 -43.45
CA THR QB 40 -32.13 -117.05 -43.01
C THR QB 40 -30.66 -117.08 -43.37
N GLY QB 41 -30.20 -116.21 -44.25
CA GLY QB 41 -28.79 -116.20 -44.62
C GLY QB 41 -28.51 -115.27 -45.77
N VAL QB 42 -27.37 -114.60 -45.72
CA VAL QB 42 -26.94 -113.72 -46.81
C VAL QB 42 -25.44 -113.89 -46.99
N PHE QB 43 -24.98 -113.73 -48.23
CA PHE QB 43 -23.58 -113.72 -48.54
C PHE QB 43 -23.32 -112.57 -49.50
N SER QB 44 -22.24 -111.83 -49.26
CA SER QB 44 -21.91 -110.68 -50.10
C SER QB 44 -20.41 -110.62 -50.29
N LEU QB 45 -19.99 -110.17 -51.47
CA LEU QB 45 -18.57 -110.05 -51.79
C LEU QB 45 -18.34 -108.80 -52.62
N GLU QB 46 -17.24 -108.10 -52.32
CA GLU QB 46 -16.86 -106.87 -53.00
C GLU QB 46 -15.35 -106.84 -53.21
N GLN QB 47 -14.93 -106.40 -54.39
CA GLN QB 47 -13.51 -106.18 -54.65
C GLN QB 47 -13.26 -104.68 -54.80
N ARG QB 48 -12.31 -104.18 -54.03
CA ARG QB 48 -11.75 -102.85 -54.22
C ARG QB 48 -10.38 -103.04 -54.86
N PHE QB 49 -10.36 -102.94 -56.19
CA PHE QB 49 -9.11 -102.95 -56.92
C PHE QB 49 -8.39 -101.64 -56.62
N GLY QB 50 -7.23 -101.73 -55.98
CA GLY QB 50 -6.58 -100.55 -55.48
C GLY QB 50 -5.86 -99.74 -56.55
N ALA QB 51 -5.33 -98.60 -56.11
CA ALA QB 51 -4.44 -97.82 -56.96
C ALA QB 51 -3.23 -98.66 -57.37
N ALA QB 52 -2.52 -98.18 -58.39
CA ALA QB 52 -1.43 -98.96 -58.98
C ALA QB 52 -0.35 -99.28 -57.95
N ASN QB 53 -0.21 -98.45 -56.92
CA ASN QB 53 0.76 -98.72 -55.86
C ASN QB 53 0.23 -99.66 -54.79
N SER QB 54 -1.08 -99.64 -54.54
CA SER QB 54 -1.68 -100.37 -53.43
C SER QB 54 -2.03 -101.80 -53.82
N ASN QB 55 -2.31 -102.61 -52.81
CA ASN QB 55 -2.85 -103.93 -53.00
C ASN QB 55 -4.35 -103.86 -53.31
N ARG QB 56 -4.85 -104.88 -54.00
CA ARG QB 56 -6.28 -104.97 -54.16
C ARG QB 56 -6.85 -105.79 -53.02
N LYS QB 57 -8.08 -105.46 -52.62
CA LYS QB 57 -8.74 -106.09 -51.50
C LYS QB 57 -10.02 -106.76 -51.97
N VAL QB 58 -10.27 -107.96 -51.45
CA VAL QB 58 -11.55 -108.64 -51.68
C VAL QB 58 -12.13 -108.98 -50.32
N THR QB 59 -13.38 -108.60 -50.10
CA THR QB 59 -14.01 -108.83 -48.81
C THR QB 59 -15.33 -109.57 -48.99
N MET QB 60 -15.59 -110.48 -48.06
CA MET QB 60 -16.80 -111.29 -48.04
C MET QB 60 -17.42 -111.23 -46.66
N LEU QB 61 -18.74 -111.15 -46.65
CA LEU QB 61 -19.53 -111.21 -45.41
C LEU QB 61 -20.59 -112.28 -45.55
N LEU QB 62 -20.59 -113.23 -44.62
CA LEU QB 62 -21.61 -114.27 -44.52
C LEU QB 62 -22.37 -114.04 -43.21
N THR QB 63 -23.68 -113.91 -43.31
CA THR QB 63 -24.52 -113.66 -42.14
C THR QB 63 -25.59 -114.73 -42.04
N ASP QB 64 -25.64 -115.40 -40.89
CA ASP QB 64 -26.65 -116.42 -40.61
C ASP QB 64 -27.44 -115.97 -39.40
N PRO QB 65 -28.68 -115.55 -39.59
CA PRO QB 65 -29.55 -115.23 -38.46
C PRO QB 65 -30.40 -116.43 -38.05
N VAL QB 66 -30.65 -116.51 -36.75
CA VAL QB 66 -31.44 -117.57 -36.13
C VAL QB 66 -32.40 -116.94 -35.14
N VAL QB 67 -33.59 -117.51 -35.04
CA VAL QB 67 -34.55 -117.10 -34.03
C VAL QB 67 -34.27 -117.87 -32.74
N VAL QB 68 -34.34 -117.16 -31.61
CA VAL QB 68 -34.08 -117.71 -30.29
C VAL QB 68 -35.12 -117.18 -29.35
N LYS QB 69 -35.67 -118.05 -28.50
CA LYS QB 69 -36.58 -117.61 -27.47
C LYS QB 69 -35.83 -116.80 -26.42
N ASP QB 70 -36.50 -115.80 -25.87
CA ASP QB 70 -35.92 -114.92 -24.87
C ASP QB 70 -36.23 -115.44 -23.47
N ALA QB 71 -35.50 -114.92 -22.48
CA ALA QB 71 -35.85 -115.19 -21.08
C ALA QB 71 -37.27 -114.74 -20.78
N SER QB 72 -37.72 -113.65 -21.41
CA SER QB 72 -39.10 -113.20 -21.31
C SER QB 72 -40.05 -114.03 -22.16
N GLY QB 73 -39.54 -115.01 -22.91
CA GLY QB 73 -40.34 -115.78 -23.83
C GLY QB 73 -40.46 -115.20 -25.22
N ALA QB 74 -40.30 -113.88 -25.35
CA ALA QB 74 -40.43 -113.22 -26.65
C ALA QB 74 -39.45 -113.81 -27.66
N ASP QB 75 -39.85 -113.80 -28.92
CA ASP QB 75 -38.99 -114.31 -29.99
C ASP QB 75 -38.01 -113.22 -30.42
N MET QB 76 -36.74 -113.59 -30.56
CA MET QB 76 -35.65 -112.64 -30.77
C MET QB 76 -34.75 -113.18 -31.87
N THR QB 77 -34.49 -112.37 -32.90
CA THR QB 77 -33.66 -112.79 -34.01
C THR QB 77 -32.22 -112.32 -33.78
N ILE QB 78 -31.29 -113.25 -33.91
CA ILE QB 78 -29.88 -113.05 -33.56
C ILE QB 78 -29.03 -113.43 -34.76
N LYS QB 79 -28.06 -112.59 -35.11
CA LYS QB 79 -27.21 -112.82 -36.26
C LYS QB 79 -25.80 -113.19 -35.81
N ALA QB 80 -25.20 -114.14 -36.53
CA ALA QB 80 -23.79 -114.47 -36.40
C ALA QB 80 -23.10 -114.18 -37.73
N ASN QB 81 -21.91 -113.60 -37.67
CA ASN QB 81 -21.25 -113.13 -38.88
C ASN QB 81 -19.89 -113.78 -39.04
N ALA QB 82 -19.53 -114.02 -40.30
CA ALA QB 82 -18.17 -114.39 -40.66
C ALA QB 82 -17.73 -113.46 -41.77
N SER QB 83 -16.51 -112.93 -41.66
CA SER QB 83 -16.01 -112.00 -42.66
C SER QB 83 -14.60 -112.40 -43.07
N VAL QB 84 -14.36 -112.49 -44.37
CA VAL QB 84 -13.06 -112.86 -44.91
C VAL QB 84 -12.56 -111.69 -45.75
N THR QB 85 -11.26 -111.41 -45.66
CA THR QB 85 -10.64 -110.34 -46.45
C THR QB 85 -9.30 -110.82 -47.00
N PHE QB 86 -9.15 -110.75 -48.31
CA PHE QB 86 -7.92 -111.08 -49.01
C PHE QB 86 -7.25 -109.78 -49.42
N SER QB 87 -6.03 -109.56 -48.90
CA SER QB 87 -5.18 -108.46 -49.33
C SER QB 87 -4.14 -109.06 -50.27
N LEU QB 88 -4.24 -108.71 -51.54
CA LEU QB 88 -3.43 -109.31 -52.59
C LEU QB 88 -2.67 -108.23 -53.33
N PRO QB 89 -1.34 -108.16 -53.17
CA PRO QB 89 -0.54 -107.21 -53.93
C PRO QB 89 -0.56 -107.56 -55.41
N LYS QB 90 -0.38 -106.53 -56.25
CA LYS QB 90 -0.46 -106.75 -57.69
C LYS QB 90 0.64 -107.68 -58.17
N THR QB 91 1.87 -107.51 -57.69
CA THR QB 91 2.99 -108.31 -58.13
C THR QB 91 2.90 -109.77 -57.69
N TYR QB 92 2.00 -110.07 -56.76
CA TYR QB 92 1.84 -111.44 -56.28
C TYR QB 92 1.21 -112.30 -57.39
N PRO QB 93 1.72 -113.51 -57.65
CA PRO QB 93 1.22 -114.29 -58.79
C PRO QB 93 -0.11 -114.99 -58.52
N ASN QB 94 -0.97 -114.98 -59.54
CA ASN QB 94 -2.30 -115.55 -59.41
C ASN QB 94 -2.25 -117.00 -58.92
N GLU QB 95 -1.22 -117.73 -59.31
CA GLU QB 95 -1.07 -119.12 -58.87
C GLU QB 95 -1.00 -119.21 -57.35
N HIS QB 96 -0.04 -118.50 -56.74
CA HIS QB 96 0.08 -118.53 -55.28
C HIS QB 96 -1.14 -117.94 -54.59
N ILE QB 97 -1.90 -117.06 -55.26
CA ILE QB 97 -3.17 -116.62 -54.69
C ILE QB 97 -4.15 -117.80 -54.54
N THR QB 98 -4.34 -118.58 -55.63
CA THR QB 98 -5.22 -119.74 -55.52
C THR QB 98 -4.72 -120.68 -54.43
N LYS QB 99 -3.40 -120.85 -54.32
CA LYS QB 99 -2.82 -121.62 -53.23
C LYS QB 99 -3.27 -121.11 -51.86
N LEU QB 100 -3.17 -119.79 -51.66
CA LEU QB 100 -3.59 -119.19 -50.40
C LEU QB 100 -5.05 -119.49 -50.09
N ARG QB 101 -5.93 -119.29 -51.07
CA ARG QB 101 -7.36 -119.53 -50.84
C ARG QB 101 -7.61 -120.98 -50.45
N GLN QB 102 -6.97 -121.92 -51.15
CA GLN QB 102 -7.21 -123.33 -50.83
C GLN QB 102 -6.68 -123.70 -49.46
N THR QB 103 -5.50 -123.20 -49.08
CA THR QB 103 -5.00 -123.48 -47.74
C THR QB 103 -5.91 -122.88 -46.67
N LEU QB 104 -6.55 -121.75 -46.96
CA LEU QB 104 -7.50 -121.19 -45.99
C LEU QB 104 -8.71 -122.11 -45.83
N ILE QB 105 -9.23 -122.64 -46.94
CA ILE QB 105 -10.31 -123.62 -46.83
C ILE QB 105 -9.89 -124.80 -45.97
N ALA QB 106 -8.70 -125.32 -46.24
CA ALA QB 106 -8.18 -126.46 -45.47
C ALA QB 106 -8.13 -126.13 -43.98
N TRP QB 107 -7.58 -124.97 -43.64
CA TRP QB 107 -7.49 -124.56 -42.24
C TRP QB 107 -8.87 -124.48 -41.61
N LEU QB 108 -9.82 -123.86 -42.31
CA LEU QB 108 -11.17 -123.71 -41.78
C LEU QB 108 -11.83 -125.05 -41.52
N GLY QB 109 -11.38 -126.10 -42.21
CA GLY QB 109 -11.86 -127.44 -41.92
C GLY QB 109 -11.31 -128.07 -40.66
N GLN QB 110 -10.12 -127.63 -40.23
CA GLN QB 110 -9.37 -128.31 -39.18
C GLN QB 110 -10.06 -128.18 -37.82
N GLN QB 111 -9.74 -129.13 -36.94
CA GLN QB 111 -10.34 -129.11 -35.62
C GLN QB 111 -9.76 -128.00 -34.75
N CYS QB 112 -8.47 -127.68 -34.90
CA CYS QB 112 -7.89 -126.59 -34.13
C CYS QB 112 -8.54 -125.26 -34.45
N VAL QB 113 -9.19 -125.15 -35.59
CA VAL QB 113 -9.96 -123.95 -35.94
C VAL QB 113 -11.42 -124.10 -35.56
N SER QB 114 -12.00 -125.28 -35.75
CA SER QB 114 -13.43 -125.46 -35.49
C SER QB 114 -13.73 -125.39 -34.00
N ASP QB 115 -12.89 -126.01 -33.16
CA ASP QB 115 -13.17 -126.05 -31.73
C ASP QB 115 -13.33 -124.66 -31.12
N PRO QB 116 -12.44 -123.69 -31.34
CA PRO QB 116 -12.70 -122.35 -30.79
C PRO QB 116 -13.86 -121.64 -31.48
N VAL QB 117 -13.96 -121.75 -32.81
CA VAL QB 117 -15.04 -121.09 -33.52
C VAL QB 117 -16.39 -121.68 -33.12
N ASP QB 118 -16.53 -123.00 -33.22
CA ASP QB 118 -17.84 -123.62 -33.03
C ASP QB 118 -18.25 -123.62 -31.56
N SER QB 119 -17.34 -124.00 -30.66
CA SER QB 119 -17.71 -124.25 -29.26
C SER QB 119 -17.09 -123.29 -28.26
N GLY QB 120 -16.21 -122.39 -28.70
CA GLY QB 120 -15.59 -121.44 -27.80
C GLY QB 120 -14.51 -122.02 -26.91
N LEU QB 121 -14.06 -123.23 -27.16
CA LEU QB 121 -12.97 -123.82 -26.41
C LEU QB 121 -11.63 -123.50 -27.08
N ASN QB 122 -10.67 -123.03 -26.30
CA ASN QB 122 -9.35 -122.77 -26.86
C ASN QB 122 -8.53 -124.06 -26.93
N ASN QB 123 -7.45 -123.98 -27.71
CA ASN QB 123 -6.58 -125.13 -27.87
C ASN QB 123 -5.49 -125.11 -26.80
N TYR QB 124 -4.83 -126.26 -26.64
CA TYR QB 124 -3.80 -126.45 -25.61
C TYR QB 124 -2.72 -127.46 -26.03
N MET RB 1 -125.79 40.43 -17.36
CA MET RB 1 -127.02 40.63 -16.60
C MET RB 1 -126.73 41.09 -15.18
N ARG RB 2 -127.52 42.07 -14.70
CA ARG RB 2 -127.43 42.46 -13.31
C ARG RB 2 -127.90 41.31 -12.42
N LEU RB 3 -126.99 40.77 -11.63
CA LEU RB 3 -127.28 39.57 -10.86
C LEU RB 3 -128.37 39.83 -9.83
N THR RB 4 -129.21 38.82 -9.64
CA THR RB 4 -130.23 38.83 -8.61
C THR RB 4 -130.34 37.42 -8.07
N ASP RB 5 -130.84 37.29 -6.83
CA ASP RB 5 -131.11 35.98 -6.29
C ASP RB 5 -131.97 35.19 -7.26
N VAL RB 6 -131.82 33.88 -7.26
CA VAL RB 6 -132.41 33.04 -8.30
C VAL RB 6 -133.28 31.98 -7.65
N ASP RB 7 -134.45 31.74 -8.23
CA ASP RB 7 -135.33 30.67 -7.78
C ASP RB 7 -135.54 29.72 -8.95
N LEU RB 8 -135.16 28.46 -8.75
CA LEU RB 8 -135.21 27.43 -9.77
C LEU RB 8 -136.36 26.47 -9.46
N THR RB 9 -137.08 26.07 -10.51
CA THR RB 9 -138.08 25.02 -10.37
C THR RB 9 -137.38 23.71 -10.72
N VAL RB 10 -137.35 22.78 -9.77
CA VAL RB 10 -136.59 21.54 -9.89
C VAL RB 10 -137.55 20.39 -9.69
N GLY RB 11 -137.91 19.71 -10.77
CA GLY RB 11 -138.89 18.65 -10.69
C GLY RB 11 -140.17 19.20 -10.10
N GLU RB 12 -140.49 18.77 -8.88
CA GLU RB 12 -141.72 19.21 -8.23
C GLU RB 12 -141.44 19.99 -6.95
N GLU RB 13 -140.24 20.54 -6.83
CA GLU RB 13 -139.85 21.36 -5.70
C GLU RB 13 -139.30 22.68 -6.24
N THR RB 14 -139.11 23.65 -5.35
CA THR RB 14 -138.51 24.92 -5.73
C THR RB 14 -137.28 25.17 -4.87
N ARG RB 15 -136.16 25.47 -5.54
CA ARG RB 15 -134.87 25.65 -4.91
C ARG RB 15 -134.47 27.12 -5.01
N GLU RB 16 -134.06 27.70 -3.90
CA GLU RB 16 -133.77 29.14 -3.84
C GLU RB 16 -132.29 29.37 -3.56
N TYR RB 17 -131.63 30.09 -4.45
CA TYR RB 17 -130.22 30.45 -4.34
C TYR RB 17 -130.09 31.96 -4.16
N ALA RB 18 -129.01 32.35 -3.48
CA ALA RB 18 -128.68 33.74 -3.24
C ALA RB 18 -127.25 34.02 -3.70
N VAL RB 19 -127.05 35.23 -4.21
CA VAL RB 19 -125.73 35.63 -4.70
C VAL RB 19 -124.75 35.66 -3.53
N SER RB 20 -123.63 34.94 -3.68
CA SER RB 20 -122.57 34.93 -2.68
C SER RB 20 -121.35 35.76 -3.06
N GLU RB 21 -120.93 35.74 -4.33
CA GLU RB 21 -119.92 36.71 -4.73
C GLU RB 21 -119.95 36.89 -6.25
N GLN RB 22 -119.53 38.07 -6.70
CA GLN RB 22 -119.46 38.36 -8.13
C GLN RB 22 -118.16 39.08 -8.43
N GLN RB 23 -117.39 38.50 -9.34
CA GLN RB 23 -116.16 39.11 -9.84
C GLN RB 23 -116.37 39.49 -11.29
N GLY RB 24 -115.29 39.93 -11.94
CA GLY RB 24 -115.41 40.39 -13.31
C GLY RB 24 -115.90 39.29 -14.24
N THR RB 25 -115.32 38.10 -14.10
CA THR RB 25 -115.66 36.96 -14.96
C THR RB 25 -116.09 35.75 -14.16
N LEU RB 26 -116.47 35.93 -12.90
CA LEU RB 26 -116.84 34.81 -12.03
C LEU RB 26 -117.98 35.22 -11.11
N PHE RB 27 -118.88 34.28 -10.83
CA PHE RB 27 -119.90 34.49 -9.80
C PHE RB 27 -120.21 33.18 -9.10
N ARG RB 28 -120.81 33.31 -7.92
CA ARG RB 28 -121.15 32.18 -7.07
C ARG RB 28 -122.43 32.47 -6.31
N PHE RB 29 -123.36 31.50 -6.40
CA PHE RB 29 -124.59 31.42 -5.65
C PHE RB 29 -124.49 30.32 -4.59
N VAL RB 30 -125.26 30.51 -3.51
CA VAL RB 30 -125.38 29.53 -2.43
C VAL RB 30 -126.85 29.20 -2.23
N ASP RB 31 -127.13 27.93 -1.93
CA ASP RB 31 -128.50 27.49 -1.63
C ASP RB 31 -128.95 28.09 -0.30
N LYS RB 32 -130.08 28.81 -0.34
CA LYS RB 32 -130.61 29.46 0.85
C LYS RB 32 -130.99 28.47 1.95
N SER RB 33 -131.03 27.18 1.65
CA SER RB 33 -131.34 26.17 2.65
C SER RB 33 -130.25 26.04 3.71
N GLY RB 34 -129.06 26.60 3.46
CA GLY RB 34 -127.88 26.29 4.24
C GLY RB 34 -127.25 27.47 4.95
N THR RB 35 -126.31 27.14 5.82
CA THR RB 35 -125.52 28.07 6.63
C THR RB 35 -124.08 28.05 6.13
N VAL RB 36 -123.32 29.08 6.51
CA VAL RB 36 -121.87 28.97 6.47
C VAL RB 36 -121.42 27.65 7.11
N ALA RB 37 -121.96 27.36 8.30
CA ALA RB 37 -121.63 26.13 9.00
C ALA RB 37 -122.02 24.89 8.20
N ASN RB 38 -123.31 24.74 7.94
CA ASN RB 38 -123.82 23.59 7.19
C ASN RB 38 -124.31 24.08 5.82
N ASN RB 39 -123.66 23.62 4.76
CA ASN RB 39 -123.97 24.03 3.40
C ASN RB 39 -124.84 23.01 2.71
N THR RB 40 -125.84 23.49 1.97
CA THR RB 40 -126.76 22.62 1.24
C THR RB 40 -126.52 22.61 -0.27
N GLY RB 41 -125.82 23.60 -0.82
CA GLY RB 41 -125.59 23.63 -2.25
C GLY RB 41 -124.83 24.86 -2.70
N VAL RB 42 -124.03 24.72 -3.76
CA VAL RB 42 -123.26 25.83 -4.29
C VAL RB 42 -123.25 25.75 -5.80
N PHE RB 43 -123.24 26.91 -6.44
CA PHE RB 43 -123.11 27.00 -7.88
C PHE RB 43 -122.12 28.12 -8.22
N SER RB 44 -121.21 27.83 -9.14
CA SER RB 44 -120.18 28.78 -9.53
C SER RB 44 -120.00 28.73 -11.05
N LEU RB 45 -119.74 29.90 -11.63
CA LEU RB 45 -119.55 30.03 -13.08
C LEU RB 45 -118.43 31.01 -13.35
N GLU RB 46 -117.52 30.65 -14.28
CA GLU RB 46 -116.39 31.49 -14.67
C GLU RB 46 -116.17 31.43 -16.17
N GLN RB 47 -115.90 32.59 -16.77
CA GLN RB 47 -115.56 32.66 -18.19
C GLN RB 47 -114.10 33.05 -18.37
N ARG RB 48 -113.45 32.41 -19.33
CA ARG RB 48 -112.05 32.65 -19.67
C ARG RB 48 -111.99 32.97 -21.17
N PHE RB 49 -111.89 34.25 -21.47
CA PHE RB 49 -111.74 34.76 -22.82
C PHE RB 49 -110.27 34.63 -23.23
N GLY RB 50 -109.98 33.77 -24.20
CA GLY RB 50 -108.61 33.55 -24.63
C GLY RB 50 -108.15 34.57 -25.66
N ALA RB 51 -107.02 34.27 -26.30
CA ALA RB 51 -106.59 35.10 -27.42
C ALA RB 51 -107.47 34.85 -28.63
N ALA RB 52 -107.29 35.69 -29.66
CA ALA RB 52 -108.14 35.62 -30.84
C ALA RB 52 -108.02 34.30 -31.58
N ASN RB 53 -106.90 33.58 -31.41
CA ASN RB 53 -106.78 32.23 -31.93
C ASN RB 53 -107.34 31.18 -30.97
N SER RB 54 -107.60 31.55 -29.73
CA SER RB 54 -108.08 30.61 -28.72
C SER RB 54 -109.60 30.67 -28.63
N ASN RB 55 -110.20 29.53 -28.27
CA ASN RB 55 -111.61 29.49 -27.96
C ASN RB 55 -111.85 30.05 -26.56
N ARG RB 56 -112.88 30.87 -26.42
CA ARG RB 56 -113.27 31.25 -25.07
C ARG RB 56 -113.94 30.06 -24.40
N LYS RB 57 -113.80 29.99 -23.08
CA LYS RB 57 -114.27 28.84 -22.33
C LYS RB 57 -115.11 29.31 -21.16
N VAL RB 58 -116.13 28.52 -20.83
CA VAL RB 58 -117.07 28.87 -19.78
C VAL RB 58 -117.31 27.63 -18.93
N THR RB 59 -117.06 27.72 -17.63
CA THR RB 59 -117.13 26.53 -16.79
C THR RB 59 -118.03 26.76 -15.58
N MET RB 60 -118.84 25.75 -15.28
CA MET RB 60 -119.80 25.75 -14.19
C MET RB 60 -119.53 24.57 -13.28
N LEU RB 61 -119.65 24.82 -11.98
CA LEU RB 61 -119.57 23.78 -10.96
C LEU RB 61 -120.79 23.87 -10.04
N LEU RB 62 -121.52 22.77 -9.95
CA LEU RB 62 -122.68 22.63 -9.08
C LEU RB 62 -122.34 21.55 -8.06
N THR RB 63 -122.37 21.92 -6.77
CA THR RB 63 -122.04 21.01 -5.69
C THR RB 63 -123.24 20.84 -4.77
N ASP RB 64 -123.63 19.59 -4.53
CA ASP RB 64 -124.74 19.26 -3.63
C ASP RB 64 -124.23 18.34 -2.55
N PRO RB 65 -124.05 18.86 -1.33
CA PRO RB 65 -123.69 18.00 -0.20
C PRO RB 65 -124.93 17.51 0.53
N VAL RB 66 -124.84 16.28 1.03
CA VAL RB 66 -125.90 15.61 1.77
C VAL RB 66 -125.27 14.96 3.00
N VAL RB 67 -126.02 14.96 4.09
CA VAL RB 67 -125.59 14.25 5.29
C VAL RB 67 -126.11 12.83 5.23
N VAL RB 68 -125.21 11.87 5.43
CA VAL RB 68 -125.49 10.45 5.37
C VAL RB 68 -125.07 9.79 6.67
N LYS RB 69 -125.76 8.73 7.04
CA LYS RB 69 -125.40 7.94 8.21
C LYS RB 69 -124.14 7.14 7.95
N ASP RB 70 -123.25 7.12 8.93
CA ASP RB 70 -122.05 6.31 8.86
C ASP RB 70 -122.39 4.83 9.05
N ALA RB 71 -121.46 3.96 8.65
CA ALA RB 71 -121.63 2.54 8.95
C ALA RB 71 -121.65 2.31 10.45
N SER RB 72 -120.92 3.13 11.21
CA SER RB 72 -121.01 3.12 12.66
C SER RB 72 -122.24 3.86 13.16
N GLY RB 73 -122.74 4.82 12.39
CA GLY RB 73 -123.89 5.61 12.76
C GLY RB 73 -123.63 7.10 12.85
N ALA RB 74 -122.37 7.53 12.82
CA ALA RB 74 -122.03 8.94 12.93
C ALA RB 74 -122.61 9.73 11.75
N ASP RB 75 -122.73 11.04 11.95
CA ASP RB 75 -123.17 11.94 10.89
C ASP RB 75 -121.99 12.30 10.01
N MET RB 76 -122.13 12.13 8.70
CA MET RB 76 -121.03 12.37 7.78
C MET RB 76 -121.55 13.12 6.56
N THR RB 77 -120.81 14.13 6.10
CA THR RB 77 -121.25 14.93 4.96
C THR RB 77 -120.53 14.47 3.69
N ILE RB 78 -121.30 14.26 2.62
CA ILE RB 78 -120.82 13.72 1.37
C ILE RB 78 -121.28 14.64 0.24
N LYS RB 79 -120.36 15.06 -0.61
CA LYS RB 79 -120.66 15.96 -1.71
C LYS RB 79 -120.74 15.19 -3.02
N ALA RB 80 -121.63 15.64 -3.90
CA ALA RB 80 -121.73 15.17 -5.29
C ALA RB 80 -121.54 16.38 -6.20
N ASN RB 81 -120.73 16.20 -7.24
CA ASN RB 81 -120.33 17.33 -8.08
C ASN RB 81 -120.83 17.12 -9.50
N ALA RB 82 -121.21 18.21 -10.15
CA ALA RB 82 -121.47 18.21 -11.58
C ALA RB 82 -120.79 19.42 -12.18
N SER RB 83 -120.09 19.23 -13.28
CA SER RB 83 -119.34 20.33 -13.88
C SER RB 83 -119.58 20.37 -15.38
N VAL RB 84 -119.87 21.55 -15.90
CA VAL RB 84 -120.10 21.75 -17.33
C VAL RB 84 -119.02 22.69 -17.84
N THR RB 85 -118.59 22.46 -19.09
CA THR RB 85 -117.60 23.32 -19.73
C THR RB 85 -118.00 23.51 -21.19
N PHE RB 86 -118.19 24.77 -21.57
CA PHE RB 86 -118.49 25.17 -22.95
C PHE RB 86 -117.21 25.70 -23.57
N SER RB 87 -116.74 25.03 -24.62
CA SER RB 87 -115.64 25.51 -25.44
C SER RB 87 -116.23 26.11 -26.71
N LEU RB 88 -116.13 27.43 -26.83
CA LEU RB 88 -116.79 28.20 -27.88
C LEU RB 88 -115.74 28.98 -28.65
N PRO RB 89 -115.45 28.61 -29.89
CA PRO RB 89 -114.56 29.41 -30.72
C PRO RB 89 -115.18 30.76 -31.05
N LYS RB 90 -114.31 31.72 -31.33
CA LYS RB 90 -114.74 33.09 -31.55
C LYS RB 90 -115.17 33.37 -32.98
N THR RB 91 -115.16 32.35 -33.84
CA THR RB 91 -115.77 32.42 -35.16
C THR RB 91 -117.10 31.70 -35.21
N TYR RB 92 -117.51 31.09 -34.10
CA TYR RB 92 -118.76 30.37 -33.98
C TYR RB 92 -119.89 31.36 -33.66
N PRO RB 93 -121.04 31.26 -34.32
CA PRO RB 93 -122.10 32.25 -34.12
C PRO RB 93 -122.90 32.05 -32.83
N ASN RB 94 -123.26 33.19 -32.23
CA ASN RB 94 -123.96 33.18 -30.95
C ASN RB 94 -125.26 32.39 -31.02
N GLU RB 95 -125.96 32.48 -32.16
CA GLU RB 95 -127.18 31.71 -32.34
C GLU RB 95 -126.94 30.23 -32.10
N HIS RB 96 -125.93 29.67 -32.76
CA HIS RB 96 -125.66 28.26 -32.61
C HIS RB 96 -125.12 27.93 -31.23
N ILE RB 97 -124.49 28.87 -30.53
CA ILE RB 97 -124.16 28.63 -29.12
C ILE RB 97 -125.44 28.43 -28.29
N THR RB 98 -126.43 29.29 -28.52
CA THR RB 98 -127.72 29.11 -27.81
C THR RB 98 -128.34 27.76 -28.17
N LYS RB 99 -128.32 27.41 -29.46
CA LYS RB 99 -128.80 26.09 -29.89
C LYS RB 99 -128.10 24.98 -29.13
N LEU RB 100 -126.78 25.09 -29.01
CA LEU RB 100 -125.99 24.08 -28.30
C LEU RB 100 -126.43 23.96 -26.84
N ARG RB 101 -126.56 25.09 -26.15
CA ARG RB 101 -126.95 25.07 -24.74
C ARG RB 101 -128.33 24.40 -24.58
N GLN RB 102 -129.26 24.74 -25.46
CA GLN RB 102 -130.59 24.17 -25.32
C GLN RB 102 -130.60 22.67 -25.63
N THR RB 103 -129.85 22.22 -26.65
CA THR RB 103 -129.75 20.78 -26.90
C THR RB 103 -129.13 20.06 -25.72
N LEU RB 104 -128.18 20.71 -25.02
CA LEU RB 104 -127.61 20.09 -23.84
C LEU RB 104 -128.66 19.93 -22.74
N ILE RB 105 -129.48 20.97 -22.54
CA ILE RB 105 -130.57 20.86 -21.56
C ILE RB 105 -131.48 19.69 -21.92
N ALA RB 106 -131.86 19.60 -23.19
CA ALA RB 106 -132.74 18.52 -23.64
C ALA RB 106 -132.10 17.16 -23.40
N TRP RB 107 -130.81 17.03 -23.70
CA TRP RB 107 -130.12 15.76 -23.49
C TRP RB 107 -130.10 15.39 -22.01
N LEU RB 108 -129.79 16.37 -21.14
CA LEU RB 108 -129.79 16.12 -19.71
C LEU RB 108 -131.15 15.71 -19.20
N GLY RB 109 -132.21 16.06 -19.92
CA GLY RB 109 -133.53 15.55 -19.61
C GLY RB 109 -133.78 14.09 -19.95
N GLN RB 110 -133.06 13.58 -20.94
CA GLN RB 110 -133.37 12.28 -21.53
C GLN RB 110 -133.17 11.13 -20.54
N GLN RB 111 -133.90 10.04 -20.79
CA GLN RB 111 -133.76 8.88 -19.92
C GLN RB 111 -132.43 8.17 -20.15
N CYS RB 112 -131.92 8.17 -21.39
CA CYS RB 112 -130.65 7.51 -21.66
C CYS RB 112 -129.48 8.23 -20.99
N VAL RB 113 -129.66 9.51 -20.64
CA VAL RB 113 -128.68 10.20 -19.81
C VAL RB 113 -129.03 10.02 -18.34
N SER RB 114 -130.32 9.95 -18.00
CA SER RB 114 -130.73 9.86 -16.61
C SER RB 114 -130.30 8.55 -15.97
N ASP RB 115 -130.49 7.43 -16.65
CA ASP RB 115 -130.23 6.12 -16.04
C ASP RB 115 -128.79 5.97 -15.57
N PRO RB 116 -127.75 6.22 -16.36
CA PRO RB 116 -126.38 6.11 -15.82
C PRO RB 116 -126.09 7.14 -14.74
N VAL RB 117 -126.51 8.39 -14.93
CA VAL RB 117 -126.23 9.43 -13.94
C VAL RB 117 -126.98 9.12 -12.64
N ASP RB 118 -128.30 9.00 -12.71
CA ASP RB 118 -129.10 8.93 -11.49
C ASP RB 118 -128.90 7.60 -10.76
N SER RB 119 -128.85 6.48 -11.48
CA SER RB 119 -128.86 5.17 -10.85
C SER RB 119 -127.66 4.30 -11.16
N GLY RB 120 -126.83 4.66 -12.13
CA GLY RB 120 -125.67 3.88 -12.47
C GLY RB 120 -125.89 2.79 -13.50
N LEU RB 121 -127.12 2.60 -13.96
CA LEU RB 121 -127.40 1.62 -14.98
C LEU RB 121 -126.91 2.13 -16.34
N ASN RB 122 -126.18 1.29 -17.07
CA ASN RB 122 -125.82 1.62 -18.43
C ASN RB 122 -126.96 1.27 -19.40
N ASN RB 123 -126.97 1.92 -20.55
CA ASN RB 123 -127.96 1.62 -21.56
C ASN RB 123 -127.47 0.47 -22.44
N TYR RB 124 -128.41 -0.17 -23.13
CA TYR RB 124 -128.09 -1.34 -23.93
C TYR RB 124 -128.79 -1.36 -25.28
N MET SB 1 -120.43 55.85 -11.40
CA MET SB 1 -121.84 55.78 -11.79
C MET SB 1 -122.32 54.34 -11.79
N ARG SB 2 -123.64 54.17 -11.79
CA ARG SB 2 -124.25 52.84 -11.91
C ARG SB 2 -124.35 52.47 -13.38
N LEU SB 3 -123.54 51.49 -13.80
CA LEU SB 3 -123.46 51.13 -15.21
C LEU SB 3 -124.80 50.67 -15.76
N THR SB 4 -125.16 51.25 -16.90
CA THR SB 4 -126.34 50.88 -17.65
C THR SB 4 -125.96 50.79 -19.11
N ASP SB 5 -126.65 49.93 -19.85
CA ASP SB 5 -126.40 49.82 -21.28
C ASP SB 5 -126.48 51.21 -21.93
N VAL SB 6 -125.63 51.45 -22.92
CA VAL SB 6 -125.42 52.79 -23.44
C VAL SB 6 -125.79 52.81 -24.91
N ASP SB 7 -126.40 53.90 -25.34
CA ASP SB 7 -126.67 54.12 -26.76
C ASP SB 7 -126.03 55.43 -27.21
N LEU SB 8 -125.15 55.32 -28.19
CA LEU SB 8 -124.35 56.43 -28.68
C LEU SB 8 -124.89 56.88 -30.02
N THR SB 9 -125.01 58.20 -30.17
CA THR SB 9 -125.38 58.78 -31.44
C THR SB 9 -124.10 59.04 -32.21
N VAL SB 10 -123.90 58.30 -33.29
CA VAL SB 10 -122.65 58.30 -34.05
C VAL SB 10 -122.98 58.81 -35.46
N GLY SB 11 -122.70 60.08 -35.70
CA GLY SB 11 -123.08 60.68 -36.96
C GLY SB 11 -124.57 60.61 -37.14
N GLU SB 12 -125.03 59.81 -38.10
CA GLU SB 12 -126.45 59.67 -38.35
C GLU SB 12 -126.95 58.27 -37.99
N GLU SB 13 -126.20 57.54 -37.19
CA GLU SB 13 -126.55 56.18 -36.82
C GLU SB 13 -126.57 56.11 -35.30
N THR SB 14 -127.10 55.02 -34.75
CA THR SB 14 -127.09 54.80 -33.32
C THR SB 14 -126.44 53.46 -33.02
N ARG SB 15 -125.34 53.50 -32.27
CA ARG SB 15 -124.67 52.31 -31.78
C ARG SB 15 -125.21 51.96 -30.41
N GLU SB 16 -125.37 50.66 -30.13
CA GLU SB 16 -126.00 50.22 -28.88
C GLU SB 16 -125.12 49.19 -28.20
N TYR SB 17 -124.53 49.58 -27.08
CA TYR SB 17 -123.61 48.74 -26.32
C TYR SB 17 -124.29 48.24 -25.05
N ALA SB 18 -123.90 47.03 -24.66
CA ALA SB 18 -124.37 46.38 -23.45
C ALA SB 18 -123.20 46.09 -22.52
N VAL SB 19 -123.44 46.22 -21.22
CA VAL SB 19 -122.40 45.95 -20.23
C VAL SB 19 -121.99 44.49 -20.33
N SER SB 20 -120.68 44.25 -20.48
CA SER SB 20 -120.15 42.90 -20.60
C SER SB 20 -119.29 42.47 -19.42
N GLU SB 21 -118.61 43.39 -18.74
CA GLU SB 21 -118.04 43.01 -17.44
C GLU SB 21 -117.76 44.25 -16.61
N GLN SB 22 -117.84 44.08 -15.29
CA GLN SB 22 -117.53 45.13 -14.33
C GLN SB 22 -116.64 44.54 -13.25
N GLN SB 23 -115.43 45.07 -13.12
CA GLN SB 23 -114.51 44.69 -12.06
C GLN SB 23 -114.41 45.87 -11.10
N GLY SB 24 -113.36 45.86 -10.28
CA GLY SB 24 -113.16 46.94 -9.34
C GLY SB 24 -112.94 48.25 -10.08
N THR SB 25 -111.88 48.29 -10.88
CA THR SB 25 -111.46 49.51 -11.57
C THR SB 25 -111.62 49.39 -13.09
N LEU SB 26 -112.24 48.33 -13.58
CA LEU SB 26 -112.33 48.05 -15.01
C LEU SB 26 -113.76 47.73 -15.39
N PHE SB 27 -114.17 48.18 -16.57
CA PHE SB 27 -115.45 47.80 -17.16
C PHE SB 27 -115.31 47.60 -18.65
N ARG SB 28 -116.29 46.92 -19.23
CA ARG SB 28 -116.27 46.57 -20.64
C ARG SB 28 -117.70 46.49 -21.16
N PHE SB 29 -117.96 47.24 -22.22
CA PHE SB 29 -119.18 47.22 -23.02
C PHE SB 29 -118.93 46.48 -24.34
N VAL SB 30 -120.03 46.06 -24.95
CA VAL SB 30 -119.99 45.24 -26.15
C VAL SB 30 -121.11 45.67 -27.09
N ASP SB 31 -120.78 45.78 -28.40
CA ASP SB 31 -121.78 46.18 -29.39
C ASP SB 31 -122.89 45.14 -29.48
N LYS SB 32 -124.12 45.56 -29.17
CA LYS SB 32 -125.25 44.62 -29.17
C LYS SB 32 -125.47 44.01 -30.55
N SER SB 33 -125.15 44.76 -31.61
CA SER SB 33 -125.37 44.34 -32.98
C SER SB 33 -124.43 43.23 -33.43
N GLY SB 34 -123.61 42.68 -32.53
CA GLY SB 34 -122.66 41.66 -32.94
C GLY SB 34 -123.33 40.29 -33.04
N THR SB 35 -123.00 39.58 -34.11
CA THR SB 35 -123.50 38.23 -34.31
C THR SB 35 -122.53 37.15 -33.84
N VAL SB 36 -121.23 37.41 -34.02
CA VAL SB 36 -120.18 36.48 -33.62
C VAL SB 36 -119.22 37.25 -32.72
N ALA SB 37 -118.43 36.49 -31.95
CA ALA SB 37 -117.40 37.10 -31.12
C ALA SB 37 -116.48 37.99 -31.96
N ASN SB 38 -115.97 37.46 -33.08
CA ASN SB 38 -115.08 38.26 -33.94
C ASN SB 38 -115.84 39.38 -34.64
N ASN SB 39 -117.11 39.16 -34.94
CA ASN SB 39 -117.95 40.23 -35.50
C ASN SB 39 -118.08 41.40 -34.53
N THR SB 40 -117.98 41.15 -33.23
CA THR SB 40 -118.47 42.06 -32.21
C THR SB 40 -117.44 43.11 -31.81
N GLY SB 41 -117.83 44.39 -31.93
CA GLY SB 41 -117.00 45.46 -31.42
C GLY SB 41 -117.10 45.58 -29.91
N VAL SB 42 -116.07 46.15 -29.30
CA VAL SB 42 -115.99 46.23 -27.85
C VAL SB 42 -115.37 47.55 -27.42
N PHE SB 43 -115.63 47.90 -26.16
CA PHE SB 43 -115.05 49.09 -25.55
C PHE SB 43 -114.76 48.80 -24.09
N SER SB 44 -113.54 49.10 -23.67
CA SER SB 44 -113.10 48.78 -22.33
C SER SB 44 -112.39 49.99 -21.72
N LEU SB 45 -112.52 50.13 -20.40
CA LEU SB 45 -111.88 51.23 -19.67
C LEU SB 45 -111.39 50.71 -18.32
N GLU SB 46 -110.21 51.19 -17.91
CA GLU SB 46 -109.57 50.79 -16.67
C GLU SB 46 -108.86 51.97 -16.06
N GLN SB 47 -109.02 52.16 -14.76
CA GLN SB 47 -108.28 53.17 -14.02
C GLN SB 47 -107.23 52.52 -13.13
N ARG SB 48 -106.04 53.09 -13.14
CA ARG SB 48 -104.92 52.66 -12.31
C ARG SB 48 -104.54 53.85 -11.45
N PHE SB 49 -104.99 53.81 -10.20
CA PHE SB 49 -104.69 54.85 -9.22
C PHE SB 49 -103.32 54.54 -8.61
N GLY SB 50 -102.40 55.50 -8.68
CA GLY SB 50 -101.05 55.30 -8.20
C GLY SB 50 -100.88 55.73 -6.75
N ALA SB 51 -99.62 55.71 -6.31
CA ALA SB 51 -99.28 56.27 -5.01
C ALA SB 51 -99.45 57.79 -5.05
N ALA SB 52 -99.24 58.45 -3.90
CA ALA SB 52 -99.46 59.89 -3.83
C ALA SB 52 -98.46 60.66 -4.67
N ASN SB 53 -97.26 60.10 -4.90
CA ASN SB 53 -96.30 60.73 -5.79
C ASN SB 53 -96.57 60.42 -7.26
N SER SB 54 -97.47 59.47 -7.53
CA SER SB 54 -97.78 59.07 -8.89
C SER SB 54 -98.97 59.85 -9.43
N ASN SB 55 -99.18 59.73 -10.74
CA ASN SB 55 -100.38 60.22 -11.39
C ASN SB 55 -101.31 59.04 -11.60
N ARG SB 56 -102.61 59.26 -11.39
CA ARG SB 56 -103.55 58.21 -11.77
C ARG SB 56 -103.67 58.19 -13.29
N LYS SB 57 -103.89 57.01 -13.82
CA LYS SB 57 -103.97 56.82 -15.26
C LYS SB 57 -105.28 56.13 -15.61
N VAL SB 58 -105.97 56.64 -16.64
CA VAL SB 58 -107.19 56.00 -17.12
C VAL SB 58 -106.96 55.64 -18.58
N THR SB 59 -107.25 54.39 -18.93
CA THR SB 59 -107.03 53.92 -20.29
C THR SB 59 -108.32 53.34 -20.85
N MET SB 60 -108.53 53.58 -22.15
CA MET SB 60 -109.67 53.07 -22.87
C MET SB 60 -109.20 52.45 -24.18
N LEU SB 61 -109.84 51.33 -24.53
CA LEU SB 61 -109.63 50.66 -25.79
C LEU SB 61 -110.96 50.45 -26.49
N LEU SB 62 -111.04 50.90 -27.74
CA LEU SB 62 -112.21 50.74 -28.60
C LEU SB 62 -111.78 49.89 -29.80
N THR SB 63 -112.46 48.76 -29.99
CA THR SB 63 -112.15 47.82 -31.06
C THR SB 63 -113.36 47.67 -31.98
N ASP SB 64 -113.17 47.93 -33.27
CA ASP SB 64 -114.24 47.85 -34.26
C ASP SB 64 -113.82 46.93 -35.40
N PRO SB 65 -114.18 45.66 -35.35
CA PRO SB 65 -113.89 44.75 -36.45
C PRO SB 65 -114.92 44.86 -37.57
N VAL SB 66 -114.47 44.52 -38.79
CA VAL SB 66 -115.30 44.54 -39.99
C VAL SB 66 -114.95 43.31 -40.83
N VAL SB 67 -115.93 42.82 -41.60
CA VAL SB 67 -115.71 41.65 -42.45
C VAL SB 67 -115.33 42.11 -43.86
N VAL SB 68 -114.22 41.57 -44.37
CA VAL SB 68 -113.74 41.87 -45.72
C VAL SB 68 -113.65 40.57 -46.53
N MET SB 76 -112.57 37.08 -44.30
CA MET SB 76 -111.68 37.55 -43.24
C MET SB 76 -112.27 38.75 -42.48
N THR SB 77 -111.99 38.83 -41.18
CA THR SB 77 -112.41 39.96 -40.34
C THR SB 77 -111.18 40.72 -39.86
N ILE SB 78 -111.21 42.03 -40.04
CA ILE SB 78 -110.10 42.93 -39.79
C ILE SB 78 -110.49 43.87 -38.66
N LYS SB 79 -109.59 44.05 -37.69
CA LYS SB 79 -109.87 44.84 -36.50
C LYS SB 79 -109.05 46.12 -36.49
N ALA SB 80 -109.70 47.24 -36.13
CA ALA SB 80 -109.03 48.53 -35.95
C ALA SB 80 -109.26 49.02 -34.53
N ASN SB 81 -108.23 49.64 -33.95
CA ASN SB 81 -108.24 50.01 -32.54
C ASN SB 81 -108.05 51.49 -32.37
N ALA SB 82 -108.77 52.07 -31.41
CA ALA SB 82 -108.46 53.38 -30.89
C ALA SB 82 -108.19 53.23 -29.39
N SER SB 83 -107.15 53.89 -28.91
CA SER SB 83 -106.80 53.78 -27.49
C SER SB 83 -106.52 55.17 -26.95
N VAL SB 84 -107.20 55.52 -25.87
CA VAL SB 84 -107.02 56.81 -25.21
C VAL SB 84 -106.43 56.55 -23.84
N THR SB 85 -105.55 57.44 -23.39
CA THR SB 85 -104.94 57.35 -22.06
C THR SB 85 -104.83 58.74 -21.47
N PHE SB 86 -105.44 58.92 -20.29
CA PHE SB 86 -105.42 60.16 -19.53
C PHE SB 86 -104.44 59.98 -18.37
N SER SB 87 -103.36 60.78 -18.37
CA SER SB 87 -102.44 60.83 -17.25
C SER SB 87 -102.75 62.09 -16.45
N LEU SB 88 -103.25 61.89 -15.23
CA LEU SB 88 -103.80 62.98 -14.41
C LEU SB 88 -103.09 63.00 -13.07
N PRO SB 89 -102.30 64.03 -12.79
CA PRO SB 89 -101.73 64.18 -11.44
C PRO SB 89 -102.82 64.48 -10.43
N LYS SB 90 -102.59 64.04 -9.19
CA LYS SB 90 -103.64 64.15 -8.19
C LYS SB 90 -103.90 65.60 -7.81
N THR SB 91 -102.83 66.40 -7.69
CA THR SB 91 -102.99 67.81 -7.35
C THR SB 91 -103.71 68.60 -8.44
N TYR SB 92 -103.81 68.05 -9.65
CA TYR SB 92 -104.46 68.74 -10.76
C TYR SB 92 -105.97 68.81 -10.53
N PRO SB 93 -106.61 69.95 -10.79
CA PRO SB 93 -108.01 70.13 -10.37
C PRO SB 93 -109.03 69.47 -11.29
N ASN SB 94 -110.03 68.86 -10.67
CA ASN SB 94 -111.04 68.10 -11.40
C ASN SB 94 -111.72 68.94 -12.48
N GLU SB 95 -111.91 70.23 -12.21
CA GLU SB 95 -112.54 71.09 -13.21
C GLU SB 95 -111.70 71.15 -14.49
N HIS SB 96 -110.40 71.41 -14.36
CA HIS SB 96 -109.54 71.43 -15.54
C HIS SB 96 -109.42 70.07 -16.20
N ILE SB 97 -109.62 68.97 -15.47
CA ILE SB 97 -109.69 67.65 -16.12
C ILE SB 97 -110.91 67.57 -17.03
N THR SB 98 -112.09 67.96 -16.52
CA THR SB 98 -113.29 67.96 -17.37
C THR SB 98 -113.02 68.79 -18.62
N LYS SB 99 -112.38 69.95 -18.45
CA LYS SB 99 -111.98 70.77 -19.59
C LYS SB 99 -111.13 69.99 -20.58
N LEU SB 100 -110.08 69.32 -20.09
CA LEU SB 100 -109.20 68.56 -20.98
C LEU SB 100 -109.98 67.54 -21.79
N ARG SB 101 -110.84 66.76 -21.14
CA ARG SB 101 -111.62 65.75 -21.85
C ARG SB 101 -112.47 66.40 -22.96
N GLN SB 102 -113.15 67.49 -22.63
CA GLN SB 102 -114.02 68.13 -23.62
C GLN SB 102 -113.22 68.64 -24.82
N THR SB 103 -112.05 69.24 -24.56
CA THR SB 103 -111.24 69.74 -25.67
C THR SB 103 -110.69 68.60 -26.53
N LEU SB 104 -110.42 67.44 -25.93
CA LEU SB 104 -110.04 66.29 -26.75
C LEU SB 104 -111.17 65.88 -27.68
N ILE SB 105 -112.40 65.86 -27.16
CA ILE SB 105 -113.56 65.59 -28.02
C ILE SB 105 -113.60 66.57 -29.17
N ALA SB 106 -113.48 67.86 -28.86
CA ALA SB 106 -113.51 68.90 -29.89
C ALA SB 106 -112.43 68.68 -30.94
N TRP SB 107 -111.22 68.33 -30.50
CA TRP SB 107 -110.13 68.09 -31.44
C TRP SB 107 -110.44 66.93 -32.35
N LEU SB 108 -110.90 65.81 -31.77
CA LEU SB 108 -111.28 64.65 -32.57
C LEU SB 108 -112.37 64.95 -33.56
N GLY SB 109 -113.12 66.04 -33.36
CA GLY SB 109 -114.05 66.51 -34.36
C GLY SB 109 -113.44 67.14 -35.61
N GLN SB 110 -112.28 67.78 -35.47
CA GLN SB 110 -111.77 68.69 -36.49
C GLN SB 110 -111.27 67.97 -37.73
N GLN SB 111 -111.20 68.72 -38.83
CA GLN SB 111 -110.74 68.16 -40.09
C GLN SB 111 -109.27 67.78 -40.03
N CYS SB 112 -108.44 68.62 -39.40
CA CYS SB 112 -107.02 68.34 -39.33
C CYS SB 112 -106.74 67.02 -38.62
N VAL SB 113 -107.70 66.51 -37.87
CA VAL SB 113 -107.59 65.20 -37.24
C VAL SB 113 -108.27 64.12 -38.08
N SER SB 114 -109.44 64.43 -38.65
CA SER SB 114 -110.17 63.41 -39.42
C SER SB 114 -109.41 63.02 -40.68
N ASP SB 115 -108.82 63.98 -41.38
CA ASP SB 115 -108.14 63.69 -42.63
C ASP SB 115 -107.03 62.63 -42.49
N PRO SB 116 -106.12 62.74 -41.52
CA PRO SB 116 -105.15 61.64 -41.36
C PRO SB 116 -105.76 60.37 -40.79
N VAL SB 117 -106.62 60.47 -39.78
CA VAL SB 117 -107.23 59.27 -39.20
C VAL SB 117 -108.09 58.57 -40.23
N ASP SB 118 -109.10 59.27 -40.76
CA ASP SB 118 -110.08 58.61 -41.62
C ASP SB 118 -109.46 58.10 -42.92
N SER SB 119 -108.80 58.99 -43.67
CA SER SB 119 -108.34 58.64 -45.01
C SER SB 119 -106.84 58.65 -45.19
N GLY SB 120 -106.06 59.10 -44.21
CA GLY SB 120 -104.63 59.10 -44.33
C GLY SB 120 -104.01 60.35 -44.95
N LEU SB 121 -104.81 61.38 -45.20
CA LEU SB 121 -104.27 62.64 -45.72
C LEU SB 121 -103.57 63.37 -44.58
N ASN SB 122 -102.30 63.70 -44.78
CA ASN SB 122 -101.64 64.57 -43.82
C ASN SB 122 -101.97 66.03 -44.13
N ASN SB 123 -101.74 66.88 -43.14
CA ASN SB 123 -102.02 68.29 -43.33
C ASN SB 123 -100.79 69.00 -43.85
N TYR SB 124 -101.03 70.02 -44.66
CA TYR SB 124 -99.96 70.71 -45.37
C TYR SB 124 -100.20 72.20 -45.38
N MET TB 1 -125.75 41.64 -0.65
CA MET TB 1 -126.47 42.88 -0.89
C MET TB 1 -126.05 43.49 -2.21
N ARG TB 2 -127.01 44.04 -2.96
CA ARG TB 2 -126.71 44.82 -4.16
C ARG TB 2 -126.14 46.18 -3.75
N LEU TB 3 -124.84 46.36 -3.94
CA LEU TB 3 -124.18 47.55 -3.43
C LEU TB 3 -124.67 48.78 -4.16
N THR TB 4 -125.05 49.79 -3.39
CA THR TB 4 -125.34 51.12 -3.91
C THR TB 4 -124.86 52.14 -2.90
N ASP TB 5 -124.77 53.40 -3.37
CA ASP TB 5 -124.33 54.49 -2.50
C ASP TB 5 -125.17 54.51 -1.23
N VAL TB 6 -124.57 54.94 -0.13
CA VAL TB 6 -125.28 55.00 1.14
C VAL TB 6 -125.07 56.38 1.77
N ASP TB 7 -126.03 56.73 2.62
CA ASP TB 7 -125.95 57.93 3.44
C ASP TB 7 -126.09 57.50 4.90
N LEU TB 8 -125.19 57.99 5.73
CA LEU TB 8 -125.12 57.62 7.13
C LEU TB 8 -125.57 58.79 8.01
N THR TB 9 -126.31 58.46 9.05
CA THR TB 9 -126.71 59.43 10.05
C THR TB 9 -125.66 59.43 11.14
N VAL TB 10 -124.96 60.55 11.30
CA VAL TB 10 -123.81 60.65 12.21
C VAL TB 10 -124.09 61.76 13.19
N GLY TB 11 -124.53 61.40 14.40
CA GLY TB 11 -124.92 62.40 15.36
C GLY TB 11 -126.01 63.29 14.80
N GLU TB 12 -125.69 64.56 14.56
CA GLU TB 12 -126.65 65.51 14.03
C GLU TB 12 -126.25 66.00 12.64
N GLU TB 13 -125.48 65.21 11.91
CA GLU TB 13 -125.13 65.53 10.53
C GLU TB 13 -125.39 64.30 9.67
N THR TB 14 -125.39 64.51 8.36
CA THR TB 14 -125.55 63.41 7.41
C THR TB 14 -124.31 63.30 6.55
N ARG TB 15 -123.77 62.09 6.46
CA ARG TB 15 -122.53 61.80 5.76
C ARG TB 15 -122.88 60.99 4.52
N GLU TB 16 -122.43 61.44 3.35
CA GLU TB 16 -122.82 60.83 2.09
C GLU TB 16 -121.62 60.12 1.46
N TYR TB 17 -121.70 58.81 1.32
CA TYR TB 17 -120.66 58.04 0.65
C TYR TB 17 -121.17 57.59 -0.71
N ALA TB 18 -120.22 57.28 -1.59
CA ALA TB 18 -120.49 56.76 -2.93
C ALA TB 18 -119.58 55.58 -3.20
N VAL TB 19 -120.12 54.57 -3.89
CA VAL TB 19 -119.33 53.38 -4.20
C VAL TB 19 -118.17 53.79 -5.09
N SER TB 20 -116.95 53.47 -4.65
CA SER TB 20 -115.74 53.74 -5.41
C SER TB 20 -115.15 52.51 -6.08
N GLU TB 21 -115.35 51.32 -5.51
CA GLU TB 21 -115.05 50.10 -6.26
C GLU TB 21 -115.74 48.91 -5.60
N GLN TB 22 -116.07 47.91 -6.41
CA GLN TB 22 -116.64 46.67 -5.91
C GLN TB 22 -115.96 45.49 -6.58
N GLN TB 23 -115.32 44.64 -5.78
CA GLN TB 23 -114.71 43.39 -6.23
C GLN TB 23 -115.44 42.22 -5.59
N GLY TB 24 -114.92 41.02 -5.85
CA GLY TB 24 -115.62 39.82 -5.40
C GLY TB 24 -115.75 39.76 -3.90
N THR TB 25 -114.65 40.00 -3.18
CA THR TB 25 -114.61 39.93 -1.73
C THR TB 25 -114.31 41.28 -1.08
N LEU TB 26 -114.22 42.35 -1.87
CA LEU TB 26 -113.80 43.65 -1.38
C LEU TB 26 -114.69 44.74 -1.97
N PHE TB 27 -114.93 45.80 -1.19
CA PHE TB 27 -115.59 46.99 -1.70
C PHE TB 27 -115.05 48.22 -0.99
N ARG TB 28 -115.26 49.36 -1.64
CA ARG TB 28 -114.74 50.64 -1.16
C ARG TB 28 -115.72 51.75 -1.48
N PHE TB 29 -116.07 52.54 -0.46
CA PHE TB 29 -116.83 53.77 -0.53
C PHE TB 29 -115.93 54.98 -0.30
N VAL TB 30 -116.33 56.12 -0.86
CA VAL TB 30 -115.63 57.38 -0.71
C VAL TB 30 -116.62 58.47 -0.29
N ASP TB 31 -116.20 59.35 0.63
CA ASP TB 31 -117.05 60.46 1.06
C ASP TB 31 -117.27 61.43 -0.09
N LYS TB 32 -118.56 61.69 -0.40
CA LYS TB 32 -118.92 62.50 -1.56
C LYS TB 32 -118.42 63.95 -1.45
N SER TB 33 -118.03 64.39 -0.26
CA SER TB 33 -117.57 65.76 -0.07
C SER TB 33 -116.12 65.96 -0.47
N GLY TB 34 -115.49 64.99 -1.15
CA GLY TB 34 -114.06 64.98 -1.36
C GLY TB 34 -113.63 64.97 -2.83
N THR TB 35 -112.33 65.20 -3.02
CA THR TB 35 -111.67 65.22 -4.31
C THR TB 35 -110.49 64.25 -4.26
N VAL TB 36 -109.99 63.85 -5.43
CA VAL TB 36 -108.70 63.16 -5.45
C VAL TB 36 -107.64 64.02 -4.77
N ALA TB 37 -107.67 65.33 -5.04
CA ALA TB 37 -106.68 66.24 -4.45
C ALA TB 37 -106.89 66.36 -2.95
N ASN TB 38 -108.11 66.64 -2.52
CA ASN TB 38 -108.42 66.76 -1.10
C ASN TB 38 -109.45 65.70 -0.73
N ASN TB 39 -108.97 64.58 -0.21
CA ASN TB 39 -109.86 63.51 0.21
C ASN TB 39 -110.38 63.78 1.62
N THR TB 40 -111.60 63.32 1.86
CA THR TB 40 -112.30 63.61 3.11
C THR TB 40 -112.73 62.37 3.87
N GLY TB 41 -112.70 61.19 3.26
CA GLY TB 41 -113.09 59.99 3.96
C GLY TB 41 -113.15 58.80 3.04
N VAL TB 42 -112.75 57.63 3.53
CA VAL TB 42 -112.85 56.40 2.77
C VAL TB 42 -113.25 55.28 3.71
N PHE TB 43 -113.99 54.30 3.19
CA PHE TB 43 -114.34 53.11 3.92
C PHE TB 43 -114.13 51.92 3.00
N SER TB 44 -113.53 50.86 3.54
CA SER TB 44 -113.25 49.68 2.75
C SER TB 44 -113.50 48.44 3.59
N LEU TB 45 -113.96 47.37 2.94
CA LEU TB 45 -114.25 46.12 3.64
C LEU TB 45 -113.87 44.95 2.74
N GLU TB 46 -113.27 43.92 3.35
CA GLU TB 46 -112.83 42.72 2.65
C GLU TB 46 -113.12 41.50 3.50
N GLN TB 47 -113.59 40.43 2.87
CA GLN TB 47 -113.75 39.15 3.54
C GLN TB 47 -112.75 38.15 2.97
N ARG TB 48 -111.97 37.54 3.86
CA ARG TB 48 -111.16 36.38 3.53
C ARG TB 48 -111.88 35.17 4.12
N PHE TB 49 -112.67 34.52 3.28
CA PHE TB 49 -113.28 33.25 3.66
C PHE TB 49 -112.18 32.20 3.75
N GLY TB 50 -111.97 31.68 4.94
CA GLY TB 50 -110.82 30.82 5.18
C GLY TB 50 -110.99 29.42 4.64
N ALA TB 51 -109.91 28.65 4.77
CA ALA TB 51 -109.97 27.22 4.49
C ALA TB 51 -110.99 26.55 5.40
N ALA TB 52 -111.39 25.33 5.04
CA ALA TB 52 -112.47 24.65 5.74
C ALA TB 52 -112.16 24.46 7.22
N ASN TB 53 -110.88 24.41 7.59
CA ASN TB 53 -110.50 24.29 8.99
C ASN TB 53 -110.46 25.64 9.70
N SER TB 54 -110.14 26.71 8.98
CA SER TB 54 -109.90 28.01 9.59
C SER TB 54 -111.20 28.81 9.73
N ASN TB 55 -111.11 29.87 10.52
CA ASN TB 55 -112.17 30.86 10.62
C ASN TB 55 -112.15 31.78 9.42
N ARG TB 56 -113.30 32.36 9.10
CA ARG TB 56 -113.33 33.40 8.09
C ARG TB 56 -113.13 34.75 8.77
N LYS TB 57 -112.49 35.66 8.06
CA LYS TB 57 -112.16 36.98 8.58
C LYS TB 57 -112.84 38.05 7.75
N VAL TB 58 -113.37 39.06 8.41
CA VAL TB 58 -113.89 40.24 7.73
C VAL TB 58 -113.20 41.46 8.33
N THR TB 59 -112.63 42.29 7.48
CA THR TB 59 -111.89 43.45 7.94
C THR TB 59 -112.43 44.72 7.29
N MET TB 60 -112.48 45.79 8.08
CA MET TB 60 -112.94 47.09 7.65
C MET TB 60 -111.93 48.15 8.06
N LEU TB 61 -111.71 49.10 7.16
CA LEU TB 61 -110.87 50.26 7.42
C LEU TB 61 -111.66 51.53 7.10
N LEU TB 62 -111.76 52.41 8.09
CA LEU TB 62 -112.36 53.73 7.94
C LEU TB 62 -111.25 54.76 8.13
N THR TB 63 -111.08 55.64 7.14
CA THR TB 63 -110.04 56.65 7.21
C THR TB 63 -110.66 58.03 7.01
N ASP TB 64 -110.41 58.91 7.98
CA ASP TB 64 -110.88 60.30 7.93
C ASP TB 64 -109.66 61.20 7.96
N PRO TB 65 -109.34 61.83 6.83
CA PRO TB 65 -108.27 62.83 6.82
C PRO TB 65 -108.82 64.23 7.03
N VAL TB 66 -108.00 65.05 7.70
CA VAL TB 66 -108.31 66.43 8.02
C VAL TB 66 -107.08 67.29 7.72
N VAL TB 67 -107.32 68.49 7.24
CA VAL TB 67 -106.25 69.46 7.06
C VAL TB 67 -106.02 70.20 8.36
N VAL TB 68 -104.75 70.41 8.70
CA VAL TB 68 -104.33 71.08 9.93
C VAL TB 68 -103.20 72.02 9.59
N LYS TB 69 -103.25 73.23 10.13
CA LYS TB 69 -102.14 74.17 9.96
C LYS TB 69 -100.93 73.66 10.76
N ASP TB 70 -99.75 73.92 10.22
CA ASP TB 70 -98.50 73.50 10.84
C ASP TB 70 -97.95 74.62 11.71
N ALA TB 71 -96.98 74.26 12.57
CA ALA TB 71 -96.26 75.28 13.32
C ALA TB 71 -95.56 76.25 12.38
N SER TB 72 -95.10 75.75 11.23
CA SER TB 72 -94.55 76.60 10.17
C SER TB 72 -95.62 77.34 9.38
N GLY TB 73 -96.90 77.11 9.68
CA GLY TB 73 -97.99 77.68 8.92
C GLY TB 73 -98.44 76.85 7.74
N ALA TB 74 -97.55 76.02 7.18
CA ALA TB 74 -97.88 75.20 6.03
C ALA TB 74 -99.08 74.32 6.31
N ASP TB 75 -99.87 74.05 5.26
CA ASP TB 75 -101.03 73.18 5.39
C ASP TB 75 -100.59 71.72 5.30
N MET TB 76 -101.11 70.89 6.22
CA MET TB 76 -100.65 69.52 6.40
C MET TB 76 -101.87 68.62 6.54
N THR TB 77 -101.94 67.58 5.74
CA THR TB 77 -103.08 66.66 5.79
C THR TB 77 -102.75 65.47 6.68
N ILE TB 78 -103.64 65.18 7.62
CA ILE TB 78 -103.41 64.19 8.66
C ILE TB 78 -104.58 63.21 8.65
N LYS TB 79 -104.26 61.91 8.71
CA LYS TB 79 -105.28 60.86 8.67
C LYS TB 79 -105.43 60.21 10.04
N ALA TB 80 -106.67 59.92 10.41
CA ALA TB 80 -107.00 59.08 11.56
C ALA TB 80 -107.72 57.84 11.08
N ASN TB 81 -107.38 56.68 11.65
CA ASN TB 81 -107.88 55.42 11.13
C ASN TB 81 -108.62 54.66 12.21
N ALA TB 82 -109.66 53.95 11.79
CA ALA TB 82 -110.33 52.96 12.62
C ALA TB 82 -110.39 51.67 11.82
N SER TB 83 -110.07 50.56 12.46
CA SER TB 83 -110.07 49.27 11.78
C SER TB 83 -110.79 48.24 12.64
N VAL TB 84 -111.73 47.53 12.03
CA VAL TB 84 -112.50 46.50 12.72
C VAL TB 84 -112.22 45.17 12.02
N THR TB 85 -112.10 44.10 12.82
CA THR TB 85 -111.88 42.76 12.28
C THR TB 85 -112.74 41.76 13.04
N PHE TB 86 -113.55 41.03 12.29
CA PHE TB 86 -114.39 39.96 12.81
C PHE TB 86 -113.76 38.63 12.45
N SER TB 87 -113.39 37.85 13.47
CA SER TB 87 -112.94 36.48 13.29
C SER TB 87 -114.11 35.58 13.66
N LEU TB 88 -114.66 34.91 12.67
CA LEU TB 88 -115.88 34.13 12.82
C LEU TB 88 -115.63 32.70 12.40
N PRO TB 89 -115.62 31.76 13.34
CA PRO TB 89 -115.50 30.34 12.98
C PRO TB 89 -116.72 29.87 12.22
N LYS TB 90 -116.51 28.85 11.38
CA LYS TB 90 -117.59 28.37 10.54
C LYS TB 90 -118.75 27.81 11.37
N THR TB 91 -118.42 27.01 12.40
CA THR TB 91 -119.45 26.37 13.22
C THR TB 91 -120.24 27.37 14.07
N TYR TB 92 -119.77 28.61 14.18
CA TYR TB 92 -120.48 29.62 14.95
C TYR TB 92 -121.76 30.02 14.23
N PRO TB 93 -122.89 30.13 14.92
CA PRO TB 93 -124.18 30.37 14.24
C PRO TB 93 -124.37 31.84 13.83
N ASN TB 94 -124.93 32.00 12.63
CA ASN TB 94 -125.14 33.34 12.08
C ASN TB 94 -125.91 34.24 13.04
N GLU TB 95 -126.84 33.66 13.80
CA GLU TB 95 -127.61 34.44 14.77
C GLU TB 95 -126.69 35.12 15.78
N HIS TB 96 -125.87 34.32 16.49
CA HIS TB 96 -124.96 34.91 17.47
C HIS TB 96 -123.93 35.82 16.84
N ILE TB 97 -123.62 35.65 15.54
CA ILE TB 97 -122.77 36.64 14.87
C ILE TB 97 -123.46 38.01 14.82
N THR TB 98 -124.73 38.05 14.37
CA THR TB 98 -125.43 39.33 14.36
C THR TB 98 -125.48 39.92 15.76
N LYS TB 99 -125.68 39.07 16.78
CA LYS TB 99 -125.63 39.51 18.17
C LYS TB 99 -124.31 40.20 18.47
N LEU TB 100 -123.19 39.57 18.10
CA LEU TB 100 -121.88 40.15 18.33
C LEU TB 100 -121.74 41.52 17.69
N ARG TB 101 -122.13 41.64 16.43
CA ARG TB 101 -122.01 42.91 15.73
C ARG TB 101 -122.81 44.00 16.43
N GLN TB 102 -124.04 43.68 16.82
CA GLN TB 102 -124.87 44.70 17.47
C GLN TB 102 -124.31 45.11 18.82
N THR TB 103 -123.82 44.14 19.63
CA THR TB 103 -123.22 44.51 20.89
C THR TB 103 -121.98 45.37 20.69
N LEU TB 104 -121.24 45.16 19.60
CA LEU TB 104 -120.10 46.03 19.33
C LEU TB 104 -120.54 47.45 19.03
N ILE TB 105 -121.60 47.60 18.23
CA ILE TB 105 -122.15 48.94 18.01
C ILE TB 105 -122.53 49.60 19.33
N ALA TB 106 -123.22 48.86 20.18
CA ALA TB 106 -123.63 49.38 21.48
C ALA TB 106 -122.43 49.85 22.29
N TRP TB 107 -121.39 49.01 22.35
CA TRP TB 107 -120.20 49.37 23.10
C TRP TB 107 -119.56 50.64 22.54
N LEU TB 108 -119.44 50.73 21.21
CA LEU TB 108 -118.84 51.89 20.58
C LEU TB 108 -119.60 53.16 20.89
N GLY TB 109 -120.89 53.05 21.21
CA GLY TB 109 -121.66 54.19 21.66
C GLY TB 109 -121.38 54.65 23.08
N GLN TB 110 -120.90 53.75 23.92
CA GLN TB 110 -120.80 54.00 25.35
C GLN TB 110 -119.76 55.06 25.69
N GLN TB 111 -119.93 55.69 26.84
CA GLN TB 111 -118.99 56.71 27.26
C GLN TB 111 -117.65 56.13 27.69
N CYS TB 112 -117.67 54.94 28.30
CA CYS TB 112 -116.40 54.31 28.70
C CYS TB 112 -115.53 54.00 27.49
N VAL TB 113 -116.12 53.91 26.30
CA VAL TB 113 -115.36 53.73 25.08
C VAL TB 113 -115.07 55.06 24.41
N SER TB 114 -116.02 55.99 24.42
CA SER TB 114 -115.82 57.25 23.71
C SER TB 114 -114.77 58.12 24.40
N ASP TB 115 -114.78 58.17 25.73
CA ASP TB 115 -113.84 59.05 26.45
C ASP TB 115 -112.38 58.74 26.12
N PRO TB 116 -111.90 57.51 26.16
CA PRO TB 116 -110.51 57.28 25.73
C PRO TB 116 -110.29 57.47 24.24
N VAL TB 117 -111.23 57.01 23.40
CA VAL TB 117 -111.08 57.17 21.96
C VAL TB 117 -111.10 58.65 21.58
N ASP TB 118 -112.15 59.37 22.00
CA ASP TB 118 -112.35 60.73 21.53
C ASP TB 118 -111.34 61.69 22.15
N SER TB 119 -111.15 61.61 23.47
CA SER TB 119 -110.39 62.63 24.19
C SER TB 119 -109.09 62.13 24.79
N GLY TB 120 -108.79 60.84 24.71
CA GLY TB 120 -107.56 60.32 25.27
C GLY TB 120 -107.53 60.20 26.77
N LEU TB 121 -108.67 60.35 27.45
CA LEU TB 121 -108.74 60.17 28.88
C LEU TB 121 -109.09 58.72 29.21
N ASN TB 122 -108.34 58.12 30.12
CA ASN TB 122 -108.64 56.76 30.54
C ASN TB 122 -109.75 56.75 31.59
N ASN TB 123 -110.31 55.57 31.80
CA ASN TB 123 -111.38 55.42 32.77
C ASN TB 123 -110.79 55.08 34.15
N TYR TB 124 -111.63 55.23 35.17
CA TYR TB 124 -111.22 55.02 36.55
C TYR TB 124 -112.36 54.53 37.46
N MET UB 1 -8.82 11.00 -131.93
CA MET UB 1 -8.88 10.20 -133.16
C MET UB 1 -9.64 8.89 -132.92
N ARG UB 2 -10.50 8.52 -133.87
CA ARG UB 2 -11.13 7.20 -133.81
C ARG UB 2 -10.08 6.12 -133.99
N LEU UB 3 -9.88 5.32 -132.95
CA LEU UB 3 -8.79 4.35 -132.94
C LEU UB 3 -9.00 3.30 -134.01
N THR UB 4 -7.88 2.89 -134.61
CA THR UB 4 -7.87 1.78 -135.56
C THR UB 4 -6.57 1.03 -135.35
N ASP UB 5 -6.56 -0.24 -135.75
CA ASP UB 5 -5.33 -1.01 -135.71
C ASP UB 5 -4.23 -0.24 -136.42
N VAL UB 6 -3.00 -0.44 -135.99
CA VAL UB 6 -1.88 0.41 -136.43
C VAL UB 6 -0.80 -0.48 -137.02
N ASP UB 7 -0.23 -0.03 -138.13
CA ASP UB 7 0.90 -0.71 -138.74
C ASP UB 7 2.06 0.27 -138.79
N LEU UB 8 3.16 -0.10 -138.15
CA LEU UB 8 4.35 0.74 -138.02
C LEU UB 8 5.45 0.21 -138.91
N THR UB 9 6.16 1.10 -139.58
CA THR UB 9 7.36 0.74 -140.31
C THR UB 9 8.55 0.92 -139.37
N VAL UB 10 9.26 -0.16 -139.10
CA VAL UB 10 10.32 -0.18 -138.09
C VAL UB 10 11.60 -0.64 -138.77
N GLY UB 11 12.50 0.30 -139.02
CA GLY UB 11 13.71 -0.03 -139.75
C GLY UB 11 13.35 -0.62 -141.09
N GLU UB 12 13.62 -1.91 -141.26
CA GLU UB 12 13.34 -2.58 -142.53
C GLU UB 12 12.31 -3.68 -142.37
N GLU UB 13 11.51 -3.63 -141.31
CA GLU UB 13 10.45 -4.59 -141.07
C GLU UB 13 9.16 -3.80 -140.83
N THR UB 14 8.03 -4.51 -140.82
CA THR UB 14 6.75 -3.89 -140.52
C THR UB 14 6.11 -4.60 -139.34
N ARG UB 15 5.71 -3.80 -138.35
CA ARG UB 15 5.16 -4.29 -137.09
C ARG UB 15 3.68 -3.93 -137.03
N GLU UB 16 2.83 -4.90 -136.70
CA GLU UB 16 1.39 -4.72 -136.73
C GLU UB 16 0.82 -4.85 -135.32
N TYR UB 17 0.13 -3.79 -134.87
CA TYR UB 17 -0.53 -3.73 -133.57
C TYR UB 17 -2.03 -3.66 -133.76
N ALA UB 18 -2.74 -4.19 -132.77
CA ALA UB 18 -4.19 -4.17 -132.73
C ALA UB 18 -4.68 -3.57 -131.43
N VAL UB 19 -5.81 -2.86 -131.50
CA VAL UB 19 -6.37 -2.22 -130.32
C VAL UB 19 -6.79 -3.28 -129.32
N SER UB 20 -6.32 -3.16 -128.08
CA SER UB 20 -6.70 -4.06 -127.00
C SER UB 20 -7.68 -3.48 -126.01
N GLU UB 21 -7.54 -2.19 -125.64
CA GLU UB 21 -8.60 -1.56 -124.87
C GLU UB 21 -8.51 -0.05 -125.03
N GLN UB 22 -9.66 0.62 -124.88
CA GLN UB 22 -9.71 2.07 -124.94
C GLN UB 22 -10.61 2.59 -123.83
N GLN UB 23 -10.07 3.44 -122.99
CA GLN UB 23 -10.81 4.13 -121.94
C GLN UB 23 -10.89 5.60 -122.30
N GLY UB 24 -11.43 6.39 -121.37
CA GLY UB 24 -11.60 7.81 -121.63
C GLY UB 24 -10.29 8.52 -121.91
N THR UB 25 -9.27 8.23 -121.08
CA THR UB 25 -7.97 8.87 -121.20
C THR UB 25 -6.84 7.85 -121.34
N LEU UB 26 -7.16 6.61 -121.70
CA LEU UB 26 -6.15 5.56 -121.77
C LEU UB 26 -6.48 4.63 -122.94
N PHE UB 27 -5.43 4.14 -123.60
CA PHE UB 27 -5.60 3.08 -124.59
C PHE UB 27 -4.39 2.16 -124.59
N ARG UB 28 -4.60 0.97 -125.16
CA ARG UB 28 -3.59 -0.07 -125.20
C ARG UB 28 -3.72 -0.87 -126.48
N PHE UB 29 -2.60 -1.00 -127.18
CA PHE UB 29 -2.38 -1.87 -128.34
C PHE UB 29 -1.54 -3.07 -127.96
N VAL UB 30 -1.74 -4.17 -128.71
CA VAL UB 30 -0.97 -5.39 -128.57
C VAL UB 30 -0.37 -5.75 -129.93
N ASP UB 31 0.87 -6.28 -129.91
CA ASP UB 31 1.52 -6.75 -131.14
C ASP UB 31 0.80 -7.99 -131.66
N LYS UB 32 0.35 -7.92 -132.92
CA LYS UB 32 -0.39 -9.04 -133.52
C LYS UB 32 0.46 -10.31 -133.63
N SER UB 33 1.77 -10.22 -133.41
CA SER UB 33 2.63 -11.38 -133.44
C SER UB 33 2.35 -12.37 -132.31
N GLY UB 34 1.61 -11.94 -131.28
CA GLY UB 34 1.54 -12.66 -130.03
C GLY UB 34 0.15 -13.12 -129.65
N THR UB 35 0.12 -13.97 -128.62
CA THR UB 35 -1.08 -14.54 -128.02
C THR UB 35 -1.26 -13.95 -126.62
N VAL UB 36 -2.48 -14.10 -126.09
CA VAL UB 36 -2.66 -13.98 -124.65
C VAL UB 36 -1.59 -14.77 -123.92
N ALA UB 37 -1.40 -16.02 -124.32
CA ALA UB 37 -0.40 -16.89 -123.69
C ALA UB 37 1.00 -16.32 -123.85
N ASN UB 38 1.46 -16.20 -125.08
CA ASN UB 38 2.80 -15.67 -125.36
C ASN UB 38 2.66 -14.29 -126.01
N ASN UB 39 3.16 -13.28 -125.31
CA ASN UB 39 3.05 -11.90 -125.77
C ASN UB 39 4.34 -11.43 -126.43
N THR UB 40 4.21 -10.71 -127.54
CA THR UB 40 5.35 -10.20 -128.27
C THR UB 40 5.58 -8.71 -128.10
N GLY UB 41 4.57 -7.96 -127.66
CA GLY UB 41 4.74 -6.52 -127.50
C GLY UB 41 3.48 -5.83 -127.04
N VAL UB 42 3.63 -4.74 -126.28
CA VAL UB 42 2.49 -3.99 -125.78
C VAL UB 42 2.83 -2.51 -125.81
N PHE UB 43 1.81 -1.69 -126.09
CA PHE UB 43 1.94 -0.25 -126.04
C PHE UB 43 0.73 0.33 -125.33
N SER UB 44 0.98 1.27 -124.41
CA SER UB 44 -0.09 1.88 -123.63
C SER UB 44 0.18 3.38 -123.51
N LEU UB 45 -0.90 4.16 -123.53
CA LEU UB 45 -0.81 5.61 -123.43
C LEU UB 45 -1.95 6.13 -122.56
N GLU UB 46 -1.61 7.05 -121.64
CA GLU UB 46 -2.60 7.65 -120.73
C GLU UB 46 -2.33 9.14 -120.56
N GLN UB 47 -3.39 9.94 -120.58
CA GLN UB 47 -3.29 11.38 -120.32
C GLN UB 47 -3.94 11.73 -119.00
N ARG UB 48 -3.29 12.63 -118.26
CA ARG UB 48 -3.75 13.10 -116.96
C ARG UB 48 -3.81 14.63 -117.04
N PHE UB 49 -5.02 15.14 -117.22
CA PHE UB 49 -5.31 16.56 -117.24
C PHE UB 49 -5.41 17.05 -115.80
N GLY UB 50 -4.47 17.89 -115.37
CA GLY UB 50 -4.46 18.39 -114.00
C GLY UB 50 -5.37 19.60 -113.82
N ALA UB 51 -5.21 20.27 -112.67
CA ALA UB 51 -5.90 21.54 -112.47
C ALA UB 51 -5.28 22.63 -113.34
N ALA UB 52 -5.94 23.79 -113.38
CA ALA UB 52 -5.50 24.87 -114.25
C ALA UB 52 -4.12 25.40 -113.87
N ASN UB 53 -3.69 25.19 -112.62
CA ASN UB 53 -2.32 25.51 -112.23
C ASN UB 53 -1.36 24.36 -112.51
N SER UB 54 -1.88 23.17 -112.79
CA SER UB 54 -1.05 21.99 -113.03
C SER UB 54 -0.80 21.79 -114.52
N ASN UB 55 0.34 21.21 -114.83
CA ASN UB 55 0.63 20.79 -116.20
C ASN UB 55 -0.09 19.49 -116.49
N ARG UB 56 -0.70 19.41 -117.67
CA ARG UB 56 -1.23 18.10 -118.07
C ARG UB 56 -0.05 17.21 -118.44
N LYS UB 57 -0.24 15.91 -118.24
CA LYS UB 57 0.83 14.95 -118.41
C LYS UB 57 0.36 13.80 -119.29
N VAL UB 58 1.28 13.28 -120.09
CA VAL UB 58 0.95 12.22 -121.04
C VAL UB 58 2.05 11.18 -120.97
N THR UB 59 1.69 9.92 -120.70
CA THR UB 59 2.70 8.90 -120.48
C THR UB 59 2.46 7.69 -121.36
N MET UB 60 3.54 7.16 -121.92
CA MET UB 60 3.55 6.01 -122.81
C MET UB 60 4.47 4.95 -122.24
N LEU UB 61 4.04 3.69 -122.36
CA LEU UB 61 4.86 2.54 -122.02
C LEU UB 61 4.86 1.57 -123.19
N LEU UB 62 6.06 1.24 -123.66
CA LEU UB 62 6.28 0.27 -124.73
C LEU UB 62 7.07 -0.88 -124.12
N THR UB 63 6.50 -2.09 -124.17
CA THR UB 63 7.13 -3.28 -123.61
C THR UB 63 7.37 -4.29 -124.72
N ASP UB 64 8.62 -4.77 -124.81
CA ASP UB 64 9.01 -5.78 -125.78
C ASP UB 64 9.61 -6.97 -125.04
N PRO UB 65 8.87 -8.06 -124.92
CA PRO UB 65 9.43 -9.28 -124.35
C PRO UB 65 10.02 -10.18 -125.43
N VAL UB 66 11.11 -10.86 -125.04
CA VAL UB 66 11.85 -11.76 -125.91
C VAL UB 66 12.13 -13.03 -125.10
N VAL UB 67 12.10 -14.17 -125.79
CA VAL UB 67 12.49 -15.43 -125.17
C VAL UB 67 13.98 -15.63 -125.36
N VAL UB 68 14.68 -15.91 -124.27
CA VAL UB 68 16.13 -16.10 -124.24
C VAL UB 68 16.44 -17.45 -123.63
N LYS UB 69 17.54 -18.05 -124.06
CA LYS UB 69 18.03 -19.28 -123.50
C LYS UB 69 18.58 -19.05 -122.10
N ASP UB 70 18.25 -19.96 -121.19
CA ASP UB 70 18.80 -19.93 -119.85
C ASP UB 70 20.26 -20.38 -119.86
N ALA UB 71 20.98 -20.05 -118.79
CA ALA UB 71 22.34 -20.58 -118.63
C ALA UB 71 22.30 -22.10 -118.53
N SER UB 72 21.23 -22.65 -117.96
CA SER UB 72 21.01 -24.10 -117.99
C SER UB 72 20.46 -24.56 -119.33
N GLY UB 73 19.78 -23.69 -120.05
CA GLY UB 73 19.18 -24.02 -121.34
C GLY UB 73 17.67 -23.85 -121.40
N ALA UB 74 17.01 -23.66 -120.26
CA ALA UB 74 15.56 -23.52 -120.23
C ALA UB 74 15.12 -22.27 -121.02
N ASP UB 75 13.85 -22.27 -121.41
CA ASP UB 75 13.26 -21.12 -122.07
C ASP UB 75 12.81 -20.11 -121.03
N MET UB 76 13.24 -18.85 -121.19
CA MET UB 76 12.94 -17.83 -120.21
C MET UB 76 12.52 -16.56 -120.93
N THR UB 77 11.49 -15.88 -120.45
CA THR UB 77 11.00 -14.66 -121.09
C THR UB 77 11.51 -13.43 -120.34
N ILE UB 78 12.05 -12.48 -121.09
CA ILE UB 78 12.68 -11.28 -120.55
C ILE UB 78 12.09 -10.07 -121.26
N LYS UB 79 11.65 -9.09 -120.47
CA LYS UB 79 11.02 -7.89 -121.02
C LYS UB 79 12.01 -6.73 -120.97
N ALA UB 80 11.92 -5.86 -121.98
CA ALA UB 80 12.61 -4.57 -122.03
C ALA UB 80 11.58 -3.47 -122.15
N ASN UB 81 11.75 -2.41 -121.36
CA ASN UB 81 10.74 -1.37 -121.26
C ASN UB 81 11.29 -0.05 -121.76
N ALA UB 82 10.42 0.73 -122.38
CA ALA UB 82 10.73 2.12 -122.70
C ALA UB 82 9.51 2.95 -122.33
N SER UB 83 9.73 4.06 -121.65
CA SER UB 83 8.62 4.89 -121.18
C SER UB 83 8.91 6.35 -121.48
N VAL UB 84 7.91 7.03 -122.04
CA VAL UB 84 8.01 8.44 -122.37
C VAL UB 84 6.96 9.19 -121.54
N THR UB 85 7.32 10.40 -121.11
CA THR UB 85 6.40 11.26 -120.36
C THR UB 85 6.54 12.69 -120.85
N PHE UB 86 5.43 13.25 -121.32
CA PHE UB 86 5.34 14.64 -121.76
C PHE UB 86 4.68 15.44 -120.65
N SER UB 87 5.41 16.41 -120.09
CA SER UB 87 4.86 17.38 -119.16
C SER UB 87 4.62 18.66 -119.92
N LEU UB 88 3.34 19.00 -120.11
CA LEU UB 88 2.93 20.11 -120.95
C LEU UB 88 2.08 21.07 -120.15
N PRO UB 89 2.60 22.25 -119.84
CA PRO UB 89 1.78 23.27 -119.17
C PRO UB 89 0.66 23.77 -120.07
N LYS UB 90 -0.39 24.26 -119.45
CA LYS UB 90 -1.59 24.65 -120.17
C LYS UB 90 -1.51 26.07 -120.70
N THR UB 91 -0.39 26.76 -120.52
CA THR UB 91 -0.10 28.02 -121.18
C THR UB 91 0.87 27.85 -122.33
N TYR UB 92 1.34 26.64 -122.54
CA TYR UB 92 2.28 26.31 -123.61
C TYR UB 92 1.51 26.07 -124.91
N PRO UB 93 1.95 26.62 -126.04
CA PRO UB 93 1.18 26.48 -127.28
C PRO UB 93 1.31 25.12 -127.96
N ASN UB 94 0.19 24.69 -128.53
CA ASN UB 94 0.12 23.37 -129.15
C ASN UB 94 1.16 23.22 -130.27
N GLU UB 95 1.40 24.30 -131.01
CA GLU UB 95 2.43 24.27 -132.05
C GLU UB 95 3.76 23.80 -131.48
N HIS UB 96 4.22 24.45 -130.40
CA HIS UB 96 5.50 24.09 -129.83
C HIS UB 96 5.47 22.72 -129.17
N ILE UB 97 4.30 22.23 -128.73
CA ILE UB 97 4.22 20.84 -128.30
C ILE UB 97 4.55 19.89 -129.48
N THR UB 98 3.96 20.17 -130.64
CA THR UB 98 4.28 19.34 -131.81
C THR UB 98 5.76 19.44 -132.15
N LYS UB 99 6.32 20.64 -132.11
CA LYS UB 99 7.76 20.83 -132.31
C LYS UB 99 8.55 19.96 -131.36
N LEU UB 100 8.17 19.96 -130.08
CA LEU UB 100 8.85 19.16 -129.07
C LEU UB 100 8.81 17.67 -129.42
N ARG UB 101 7.62 17.16 -129.76
CA ARG UB 101 7.49 15.75 -130.07
C ARG UB 101 8.38 15.36 -131.26
N GLN UB 102 8.40 16.22 -132.28
CA GLN UB 102 9.20 15.89 -133.46
C GLN UB 102 10.70 15.95 -133.15
N THR UB 103 11.14 16.95 -132.37
CA THR UB 103 12.56 16.98 -131.97
C THR UB 103 12.93 15.74 -131.16
N LEU UB 104 12.00 15.24 -130.34
CA LEU UB 104 12.26 14.01 -129.61
C LEU UB 104 12.44 12.84 -130.55
N ILE UB 105 11.58 12.72 -131.57
CA ILE UB 105 11.75 11.66 -132.56
C ILE UB 105 13.11 11.76 -133.22
N ALA UB 106 13.50 12.97 -133.62
CA ALA UB 106 14.80 13.17 -134.26
C ALA UB 106 15.94 12.77 -133.34
N TRP UB 107 15.85 13.15 -132.06
CA TRP UB 107 16.90 12.79 -131.11
C TRP UB 107 16.99 11.27 -130.94
N LEU UB 108 15.83 10.60 -130.82
CA LEU UB 108 15.83 9.16 -130.70
C LEU UB 108 16.42 8.48 -131.92
N GLY UB 109 16.43 9.17 -133.06
CA GLY UB 109 17.13 8.68 -134.23
C GLY UB 109 18.64 8.77 -134.18
N GLN UB 110 19.16 9.71 -133.39
CA GLN UB 110 20.58 10.06 -133.44
C GLN UB 110 21.47 8.92 -132.97
N GLN UB 111 22.72 8.93 -133.45
CA GLN UB 111 23.66 7.91 -133.02
C GLN UB 111 24.10 8.12 -131.59
N CYS UB 112 24.22 9.38 -131.15
CA CYS UB 112 24.63 9.64 -129.77
C CYS UB 112 23.58 9.18 -128.76
N VAL UB 113 22.34 9.04 -129.19
CA VAL UB 113 21.33 8.40 -128.36
C VAL UB 113 21.31 6.89 -128.59
N SER UB 114 21.60 6.45 -129.82
CA SER UB 114 21.52 5.03 -130.15
C SER UB 114 22.58 4.23 -129.41
N ASP UB 115 23.83 4.70 -129.39
CA ASP UB 115 24.92 3.92 -128.82
C ASP UB 115 24.69 3.54 -127.36
N PRO UB 116 24.37 4.45 -126.44
CA PRO UB 116 24.10 4.00 -125.08
C PRO UB 116 22.87 3.12 -124.96
N VAL UB 117 21.79 3.48 -125.64
CA VAL UB 117 20.56 2.68 -125.56
C VAL UB 117 20.78 1.30 -126.16
N ASP UB 118 21.18 1.25 -127.43
CA ASP UB 118 21.21 -0.02 -128.14
C ASP UB 118 22.32 -0.95 -127.62
N SER UB 119 23.51 -0.40 -127.37
CA SER UB 119 24.67 -1.23 -127.07
C SER UB 119 25.32 -0.98 -125.72
N GLY UB 120 24.96 0.10 -125.03
CA GLY UB 120 25.54 0.40 -123.74
C GLY UB 120 26.80 1.22 -123.77
N LEU UB 121 27.31 1.56 -124.95
CA LEU UB 121 28.50 2.39 -125.05
C LEU UB 121 28.15 3.84 -124.75
N ASN UB 122 28.92 4.48 -123.88
CA ASN UB 122 28.76 5.91 -123.66
C ASN UB 122 29.51 6.70 -124.74
N ASN UB 123 29.07 7.95 -124.92
CA ASN UB 123 29.75 8.81 -125.88
C ASN UB 123 30.90 9.54 -125.18
N TYR UB 124 31.83 10.04 -126.00
CA TYR UB 124 33.03 10.66 -125.45
C TYR UB 124 33.42 11.94 -126.20
N MET VB 1 -25.80 7.99 -129.78
CA MET VB 1 -25.37 8.26 -131.17
C MET VB 1 -23.89 7.99 -131.33
N ARG VB 2 -23.44 7.86 -132.57
CA ARG VB 2 -22.02 7.72 -132.88
C ARG VB 2 -21.39 9.10 -132.96
N LEU VB 3 -20.55 9.43 -131.98
CA LEU VB 3 -19.97 10.76 -131.87
C LEU VB 3 -19.17 11.12 -133.11
N THR VB 4 -19.46 12.31 -133.64
CA THR VB 4 -18.73 12.91 -134.75
C THR VB 4 -18.46 14.35 -134.41
N ASP VB 5 -17.37 14.89 -134.94
CA ASP VB 5 -17.07 16.31 -134.72
C ASP VB 5 -18.28 17.15 -135.12
N VAL VB 6 -18.51 18.23 -134.39
CA VAL VB 6 -19.76 18.97 -134.50
C VAL VB 6 -19.45 20.40 -134.91
N ASP VB 7 -20.31 20.96 -135.77
CA ASP VB 7 -20.22 22.36 -136.15
C ASP VB 7 -21.54 23.05 -135.81
N LEU VB 8 -21.44 24.08 -134.98
CA LEU VB 8 -22.59 24.79 -134.46
C LEU VB 8 -22.69 26.13 -135.13
N THR VB 9 -23.91 26.49 -135.54
CA THR VB 9 -24.17 27.81 -136.08
C THR VB 9 -24.56 28.70 -134.92
N VAL VB 10 -23.69 29.66 -134.60
CA VAL VB 10 -23.82 30.52 -133.43
C VAL VB 10 -24.00 31.94 -133.90
N GLY VB 11 -25.24 32.41 -133.92
CA GLY VB 11 -25.53 33.72 -134.47
C GLY VB 11 -25.12 33.77 -135.92
N GLU VB 12 -24.10 34.56 -136.24
CA GLU VB 12 -23.62 34.66 -137.61
C GLU VB 12 -22.24 34.05 -137.78
N GLU VB 13 -21.82 33.21 -136.86
CA GLU VB 13 -20.51 32.59 -136.89
C GLU VB 13 -20.70 31.09 -136.82
N THR VB 14 -19.62 30.34 -137.09
CA THR VB 14 -19.67 28.89 -136.97
C THR VB 14 -18.56 28.44 -136.04
N ARG VB 15 -18.95 27.78 -134.94
CA ARG VB 15 -18.03 27.16 -134.01
C ARG VB 15 -17.82 25.71 -134.40
N GLU VB 16 -16.58 25.23 -134.27
CA GLU VB 16 -16.23 23.88 -134.73
C GLU VB 16 -15.54 23.11 -133.61
N TYR VB 17 -16.23 22.11 -133.08
CA TYR VB 17 -15.74 21.31 -131.98
C TYR VB 17 -15.33 19.93 -132.47
N ALA VB 18 -14.31 19.38 -131.83
CA ALA VB 18 -13.80 18.05 -132.09
C ALA VB 18 -13.91 17.18 -130.85
N VAL VB 19 -14.22 15.90 -131.05
CA VAL VB 19 -14.34 14.97 -129.94
C VAL VB 19 -13.00 14.86 -129.22
N SER VB 20 -13.01 15.08 -127.91
CA SER VB 20 -11.81 15.02 -127.10
C SER VB 20 -11.76 13.86 -126.12
N GLU VB 21 -12.90 13.38 -125.62
CA GLU VB 21 -12.89 12.09 -124.94
C GLU VB 21 -14.28 11.49 -124.89
N GLN VB 22 -14.32 10.15 -124.88
CA GLN VB 22 -15.56 9.40 -124.77
C GLN VB 22 -15.36 8.31 -123.73
N GLN VB 23 -16.15 8.37 -122.65
CA GLN VB 23 -16.15 7.33 -121.63
C GLN VB 23 -17.47 6.57 -121.74
N GLY VB 24 -17.81 5.85 -120.68
CA GLY VB 24 -19.06 5.12 -120.69
C GLY VB 24 -20.24 6.06 -120.78
N THR VB 25 -20.37 6.95 -119.79
CA THR VB 25 -21.50 7.86 -119.67
C THR VB 25 -21.10 9.31 -119.87
N LEU VB 26 -19.86 9.57 -120.27
CA LEU VB 26 -19.33 10.93 -120.35
C LEU VB 26 -18.66 11.14 -121.69
N PHE VB 27 -18.81 12.36 -122.23
CA PHE VB 27 -18.08 12.77 -123.43
C PHE VB 27 -17.67 14.22 -123.31
N ARG VB 28 -16.70 14.60 -124.15
CA ARG VB 28 -16.13 15.93 -124.11
C ARG VB 28 -15.67 16.33 -125.50
N PHE VB 29 -16.16 17.47 -125.97
CA PHE VB 29 -15.75 18.16 -127.18
C PHE VB 29 -14.87 19.36 -126.85
N VAL VB 30 -14.13 19.81 -127.85
CA VAL VB 30 -13.13 20.87 -127.68
C VAL VB 30 -13.17 21.78 -128.91
N ASP VB 31 -13.11 23.10 -128.66
CA ASP VB 31 -13.13 24.06 -129.77
C ASP VB 31 -11.88 23.91 -130.63
N LYS VB 32 -12.08 23.57 -131.91
CA LYS VB 32 -10.94 23.33 -132.79
C LYS VB 32 -10.08 24.57 -132.94
N SER VB 33 -10.68 25.76 -132.84
CA SER VB 33 -9.99 27.03 -133.02
C SER VB 33 -9.04 27.37 -131.88
N GLY VB 34 -8.83 26.46 -130.93
CA GLY VB 34 -7.98 26.76 -129.80
C GLY VB 34 -6.51 26.60 -130.16
N THR VB 35 -5.70 27.56 -129.73
CA THR VB 35 -4.25 27.51 -129.93
C THR VB 35 -3.51 26.95 -128.73
N VAL VB 36 -3.98 27.27 -127.54
CA VAL VB 36 -3.38 26.81 -126.29
C VAL VB 36 -4.47 26.13 -125.48
N ALA VB 37 -4.04 25.30 -124.52
CA ALA VB 37 -4.98 24.67 -123.62
C ALA VB 37 -5.88 25.71 -122.94
N ASN VB 38 -5.29 26.76 -122.37
CA ASN VB 38 -6.08 27.79 -121.72
C ASN VB 38 -6.89 28.61 -122.72
N ASN VB 39 -6.38 28.78 -123.94
CA ASN VB 39 -7.13 29.43 -125.00
C ASN VB 39 -8.40 28.66 -125.35
N THR VB 40 -8.39 27.35 -125.13
CA THR VB 40 -9.34 26.44 -125.77
C THR VB 40 -10.64 26.30 -124.98
N GLY VB 41 -11.77 26.59 -125.63
CA GLY VB 41 -13.06 26.32 -125.04
C GLY VB 41 -13.41 24.84 -125.10
N VAL VB 42 -14.29 24.42 -124.18
CA VAL VB 42 -14.63 23.00 -124.07
C VAL VB 42 -16.10 22.83 -123.73
N PHE VB 43 -16.60 21.63 -124.01
CA PHE VB 43 -17.97 21.27 -123.67
C PHE VB 43 -18.01 19.81 -123.25
N SER VB 44 -18.62 19.53 -122.12
CA SER VB 44 -18.63 18.19 -121.57
C SER VB 44 -20.03 17.84 -121.11
N LEU VB 45 -20.37 16.55 -121.20
CA LEU VB 45 -21.67 16.06 -120.79
C LEU VB 45 -21.51 14.69 -120.14
N GLU VB 46 -22.29 14.45 -119.08
CA GLU VB 46 -22.24 13.21 -118.33
C GLU VB 46 -23.64 12.85 -117.85
N GLN VB 47 -24.01 11.59 -117.99
CA GLN VB 47 -25.27 11.09 -117.47
C GLN VB 47 -25.00 10.18 -116.27
N ARG VB 48 -25.80 10.37 -115.23
CA ARG VB 48 -25.75 9.59 -114.00
C ARG VB 48 -27.13 8.95 -113.85
N PHE VB 49 -27.22 7.68 -114.24
CA PHE VB 49 -28.43 6.90 -114.11
C PHE VB 49 -28.53 6.36 -112.70
N GLY VB 50 -29.63 6.65 -112.01
CA GLY VB 50 -29.79 6.26 -110.62
C GLY VB 50 -30.49 4.91 -110.49
N ALA VB 51 -30.81 4.56 -109.24
CA ALA VB 51 -31.65 3.40 -108.98
C ALA VB 51 -33.07 3.67 -109.47
N ALA VB 52 -33.93 2.65 -109.35
CA ALA VB 52 -35.29 2.80 -109.87
C ALA VB 52 -36.11 3.82 -109.10
N ASN VB 53 -35.78 4.06 -107.83
CA ASN VB 53 -36.42 5.11 -107.06
C ASN VB 53 -35.81 6.48 -107.32
N SER VB 54 -34.67 6.53 -108.00
CA SER VB 54 -33.98 7.79 -108.27
C SER VB 54 -34.40 8.34 -109.63
N ASN VB 55 -34.02 9.60 -109.86
CA ASN VB 55 -34.13 10.22 -111.16
C ASN VB 55 -32.77 10.18 -111.83
N ARG VB 56 -32.75 9.91 -113.13
CA ARG VB 56 -31.49 10.03 -113.84
C ARG VB 56 -31.17 11.51 -114.02
N LYS VB 57 -29.89 11.84 -114.00
CA LYS VB 57 -29.46 13.22 -114.10
C LYS VB 57 -28.45 13.36 -115.23
N VAL VB 58 -28.63 14.38 -116.06
CA VAL VB 58 -27.69 14.66 -117.14
C VAL VB 58 -27.14 16.06 -116.91
N THR VB 59 -25.81 16.19 -116.93
CA THR VB 59 -25.16 17.47 -116.66
C THR VB 59 -24.25 17.83 -117.82
N MET VB 60 -24.20 19.13 -118.12
CA MET VB 60 -23.36 19.68 -119.17
C MET VB 60 -22.64 20.90 -118.63
N LEU VB 61 -21.38 21.01 -119.03
CA LEU VB 61 -20.55 22.17 -118.72
C LEU VB 61 -19.95 22.72 -120.01
N LEU VB 62 -20.16 24.02 -120.24
CA LEU VB 62 -19.61 24.75 -121.38
C LEU VB 62 -18.68 25.82 -120.83
N THR VB 63 -17.41 25.78 -121.26
CA THR VB 63 -16.39 26.71 -120.79
C THR VB 63 -15.85 27.49 -121.99
N ASP VB 64 -15.91 28.82 -121.90
CA ASP VB 64 -15.44 29.71 -122.98
C ASP VB 64 -14.45 30.71 -122.41
N PRO VB 65 -13.16 30.43 -122.49
CA PRO VB 65 -12.16 31.40 -122.06
C PRO VB 65 -11.86 32.44 -123.13
N VAL VB 66 -11.42 33.62 -122.68
CA VAL VB 66 -11.06 34.75 -123.53
C VAL VB 66 -9.80 35.40 -122.96
N VAL VB 67 -8.99 36.00 -123.84
CA VAL VB 67 -7.76 36.67 -123.41
C VAL VB 67 -8.05 38.16 -123.20
N VAL VB 68 -7.67 38.66 -122.02
CA VAL VB 68 -7.81 40.07 -121.68
C VAL VB 68 -6.46 40.67 -121.33
N MET VB 76 -3.69 38.00 -119.44
CA MET VB 76 -4.51 37.10 -118.63
C MET VB 76 -5.67 36.51 -119.44
N THR VB 77 -6.03 35.25 -119.13
CA THR VB 77 -7.18 34.59 -119.74
C THR VB 77 -8.24 34.33 -118.68
N ILE VB 78 -9.47 34.71 -119.00
CA ILE VB 78 -10.61 34.68 -118.10
C ILE VB 78 -11.63 33.70 -118.64
N LYS VB 79 -12.15 32.83 -117.76
CA LYS VB 79 -13.06 31.77 -118.16
C LYS VB 79 -14.47 32.02 -117.63
N ALA VB 80 -15.46 31.80 -118.48
CA ALA VB 80 -16.87 31.88 -118.11
C ALA VB 80 -17.55 30.55 -118.38
N ASN VB 81 -18.46 30.15 -117.48
CA ASN VB 81 -19.05 28.82 -117.51
C ASN VB 81 -20.56 28.90 -117.64
N ALA VB 82 -21.12 28.00 -118.42
CA ALA VB 82 -22.55 27.70 -118.39
C ALA VB 82 -22.70 26.24 -118.03
N SER VB 83 -23.64 25.94 -117.14
CA SER VB 83 -23.85 24.55 -116.72
C SER VB 83 -25.33 24.25 -116.71
N VAL VB 84 -25.72 23.21 -117.41
CA VAL VB 84 -27.12 22.77 -117.48
C VAL VB 84 -27.22 21.43 -116.80
N THR VB 85 -28.34 21.19 -116.10
CA THR VB 85 -28.60 19.92 -115.44
C THR VB 85 -30.07 19.56 -115.61
N PHE VB 86 -30.31 18.38 -116.19
CA PHE VB 86 -31.65 17.84 -116.40
C PHE VB 86 -31.87 16.74 -115.37
N SER VB 87 -32.86 16.94 -114.49
CA SER VB 87 -33.30 15.93 -113.55
C SER VB 87 -34.58 15.31 -114.09
N LEU VB 88 -34.50 14.04 -114.48
CA LEU VB 88 -35.56 13.37 -115.21
C LEU VB 88 -35.96 12.11 -114.48
N PRO VB 89 -37.16 12.04 -113.92
CA PRO VB 89 -37.66 10.80 -113.34
C PRO VB 89 -37.90 9.76 -114.42
N LYS VB 90 -37.72 8.50 -114.05
CA LYS VB 90 -37.79 7.44 -115.05
C LYS VB 90 -39.20 7.28 -115.61
N THR VB 91 -40.22 7.36 -114.73
CA THR VB 91 -41.60 7.25 -115.17
C THR VB 91 -42.02 8.39 -116.10
N TYR VB 92 -41.27 9.49 -116.12
CA TYR VB 92 -41.60 10.65 -116.95
C TYR VB 92 -41.42 10.30 -118.43
N PRO VB 93 -42.34 10.70 -119.31
CA PRO VB 93 -42.29 10.21 -120.70
C PRO VB 93 -41.28 10.93 -121.59
N ASN VB 94 -40.59 10.13 -122.41
CA ASN VB 94 -39.53 10.66 -123.27
C ASN VB 94 -40.02 11.80 -124.15
N GLU VB 95 -41.27 11.73 -124.60
CA GLU VB 95 -41.80 12.80 -125.44
C GLU VB 95 -41.80 14.13 -124.70
N HIS VB 96 -42.35 14.15 -123.48
CA HIS VB 96 -42.34 15.38 -122.69
C HIS VB 96 -40.93 15.82 -122.30
N ILE VB 97 -39.97 14.91 -122.24
CA ILE VB 97 -38.57 15.33 -122.04
C ILE VB 97 -38.07 16.14 -123.26
N THR VB 98 -38.30 15.59 -124.47
CA THR VB 98 -37.91 16.34 -125.67
C THR VB 98 -38.55 17.72 -125.65
N LYS VB 99 -39.83 17.79 -125.26
CA LYS VB 99 -40.51 19.07 -125.10
C LYS VB 99 -39.75 20.00 -124.14
N LEU VB 100 -39.41 19.49 -122.96
CA LEU VB 100 -38.71 20.30 -121.97
C LEU VB 100 -37.43 20.89 -122.54
N ARG VB 101 -36.61 20.05 -123.19
CA ARG VB 101 -35.36 20.53 -123.76
C ARG VB 101 -35.62 21.65 -124.77
N GLN VB 102 -36.59 21.45 -125.66
CA GLN VB 102 -36.85 22.47 -126.69
C GLN VB 102 -37.31 23.78 -126.07
N THR VB 103 -38.16 23.72 -125.04
CA THR VB 103 -38.62 24.95 -124.40
C THR VB 103 -37.50 25.66 -123.67
N LEU VB 104 -36.52 24.91 -123.12
CA LEU VB 104 -35.36 25.56 -122.53
C LEU VB 104 -34.58 26.32 -123.59
N ILE VB 105 -34.39 25.71 -124.77
CA ILE VB 105 -33.74 26.42 -125.87
C ILE VB 105 -34.49 27.72 -126.18
N ALA VB 106 -35.81 27.62 -126.32
CA ALA VB 106 -36.62 28.80 -126.62
C ALA VB 106 -36.45 29.88 -125.56
N TRP VB 107 -36.45 29.48 -124.29
CA TRP VB 107 -36.28 30.45 -123.20
C TRP VB 107 -34.93 31.14 -123.30
N LEU VB 108 -33.87 30.36 -123.48
CA LEU VB 108 -32.52 30.93 -123.63
C LEU VB 108 -32.43 31.87 -124.81
N GLY VB 109 -33.37 31.79 -125.77
CA GLY VB 109 -33.46 32.78 -126.82
C GLY VB 109 -33.96 34.15 -126.41
N GLN VB 110 -34.84 34.20 -125.41
CA GLN VB 110 -35.66 35.39 -125.15
C GLN VB 110 -34.85 36.54 -124.55
N GLN VB 111 -35.40 37.75 -124.69
CA GLN VB 111 -34.73 38.94 -124.18
C GLN VB 111 -34.68 38.93 -122.66
N CYS VB 112 -35.77 38.50 -122.01
CA CYS VB 112 -35.80 38.50 -120.55
C CYS VB 112 -34.71 37.62 -119.97
N VAL VB 113 -34.15 36.72 -120.76
CA VAL VB 113 -33.01 35.91 -120.35
C VAL VB 113 -31.69 36.50 -120.81
N SER VB 114 -31.65 37.03 -122.04
CA SER VB 114 -30.39 37.56 -122.56
C SER VB 114 -29.95 38.80 -121.80
N ASP VB 115 -30.89 39.69 -121.45
CA ASP VB 115 -30.53 40.93 -120.78
C ASP VB 115 -29.75 40.70 -119.46
N PRO VB 116 -30.22 39.83 -118.56
CA PRO VB 116 -29.38 39.58 -117.37
C PRO VB 116 -28.12 38.77 -117.67
N VAL VB 117 -28.23 37.73 -118.48
CA VAL VB 117 -27.05 36.92 -118.80
C VAL VB 117 -26.01 37.76 -119.53
N ASP VB 118 -26.39 38.31 -120.69
CA ASP VB 118 -25.41 38.98 -121.55
C ASP VB 118 -24.83 40.22 -120.88
N SER VB 119 -25.69 41.15 -120.45
CA SER VB 119 -25.21 42.45 -119.99
C SER VB 119 -25.50 42.75 -118.53
N GLY VB 120 -26.26 41.91 -117.83
CA GLY VB 120 -26.54 42.14 -116.44
C GLY VB 120 -27.76 42.99 -116.13
N LEU VB 121 -28.54 43.35 -117.15
CA LEU VB 121 -29.78 44.09 -116.92
C LEU VB 121 -30.83 43.15 -116.34
N ASN VB 122 -31.37 43.49 -115.17
CA ASN VB 122 -32.51 42.75 -114.69
C ASN VB 122 -33.79 43.25 -115.33
N ASN VB 123 -34.84 42.43 -115.25
CA ASN VB 123 -36.10 42.81 -115.83
C ASN VB 123 -36.94 43.54 -114.80
N TYR VB 124 -37.74 44.48 -115.29
CA TYR VB 124 -38.51 45.36 -114.43
C TYR VB 124 -39.88 45.59 -114.99
N MET WB 1 -12.85 -5.25 -131.48
CA MET WB 1 -13.87 -4.87 -132.45
C MET WB 1 -14.31 -3.44 -132.22
N ARG WB 2 -14.52 -2.70 -133.30
CA ARG WB 2 -15.12 -1.37 -133.24
C ARG WB 2 -16.61 -1.51 -132.95
N LEU WB 3 -17.02 -1.20 -131.73
CA LEU WB 3 -18.39 -1.47 -131.32
C LEU WB 3 -19.35 -0.58 -132.09
N THR WB 4 -20.39 -1.20 -132.66
CA THR WB 4 -21.51 -0.50 -133.24
C THR WB 4 -22.77 -1.29 -132.95
N ASP WB 5 -23.92 -0.64 -133.16
CA ASP WB 5 -25.21 -1.28 -132.94
C ASP WB 5 -25.27 -2.60 -133.70
N VAL WB 6 -26.00 -3.56 -133.16
CA VAL WB 6 -26.13 -4.86 -133.81
C VAL WB 6 -27.61 -5.25 -133.88
N ASP WB 7 -27.90 -6.10 -134.85
CA ASP WB 7 -29.21 -6.72 -135.00
C ASP WB 7 -29.02 -8.22 -134.99
N LEU WB 8 -29.81 -8.90 -134.17
CA LEU WB 8 -29.72 -10.33 -133.97
C LEU WB 8 -30.90 -11.04 -134.62
N THR WB 9 -30.60 -12.17 -135.23
CA THR WB 9 -31.63 -13.03 -135.79
C THR WB 9 -32.04 -14.03 -134.72
N VAL WB 10 -33.29 -13.96 -134.27
CA VAL WB 10 -33.77 -14.74 -133.13
C VAL WB 10 -34.96 -15.55 -133.60
N GLY WB 11 -34.72 -16.83 -133.91
CA GLY WB 11 -35.78 -17.65 -134.47
C GLY WB 11 -36.31 -17.04 -135.74
N GLU WB 12 -37.56 -16.58 -135.70
CA GLU WB 12 -38.19 -15.98 -136.87
C GLU WB 12 -38.50 -14.52 -136.65
N GLU WB 13 -37.78 -13.85 -135.76
CA GLU WB 13 -37.91 -12.42 -135.54
C GLU WB 13 -36.53 -11.79 -135.57
N THR WB 14 -36.51 -10.47 -135.66
CA THR WB 14 -35.25 -9.72 -135.63
C THR WB 14 -35.26 -8.79 -134.42
N ARG WB 15 -34.18 -8.85 -133.64
CA ARG WB 15 -34.03 -8.12 -132.40
C ARG WB 15 -32.97 -7.05 -132.62
N GLU WB 16 -33.31 -5.80 -132.32
CA GLU WB 16 -32.41 -4.68 -132.63
C GLU WB 16 -31.88 -4.08 -131.32
N TYR WB 17 -30.57 -4.15 -131.14
CA TYR WB 17 -29.92 -3.55 -129.98
C TYR WB 17 -29.14 -2.31 -130.43
N ALA WB 18 -28.90 -1.42 -129.47
CA ALA WB 18 -28.12 -0.21 -129.68
C ALA WB 18 -27.12 -0.06 -128.55
N VAL WB 19 -25.92 0.43 -128.90
CA VAL WB 19 -24.89 0.60 -127.88
C VAL WB 19 -25.36 1.63 -126.88
N SER WB 20 -25.37 1.24 -125.60
CA SER WB 20 -25.76 2.13 -124.51
C SER WB 20 -24.58 2.63 -123.69
N GLU WB 21 -23.48 1.88 -123.61
CA GLU WB 21 -22.24 2.44 -123.09
C GLU WB 21 -21.07 1.55 -123.47
N GLN WB 22 -19.90 2.16 -123.61
CA GLN WB 22 -18.67 1.42 -123.88
C GLN WB 22 -17.56 1.95 -122.99
N GLN WB 23 -17.01 1.08 -122.15
CA GLN WB 23 -15.86 1.36 -121.30
C GLN WB 23 -14.69 0.50 -121.73
N GLY WB 24 -13.59 0.60 -120.98
CA GLY WB 24 -12.37 -0.07 -121.39
C GLY WB 24 -12.53 -1.57 -121.44
N THR WB 25 -13.12 -2.16 -120.39
CA THR WB 25 -13.30 -3.60 -120.27
C THR WB 25 -14.78 -4.00 -120.25
N LEU WB 26 -15.69 -3.05 -120.42
CA LEU WB 26 -17.12 -3.30 -120.28
C LEU WB 26 -17.88 -2.61 -121.41
N PHE WB 27 -18.99 -3.23 -121.82
CA PHE WB 27 -19.91 -2.59 -122.75
C PHE WB 27 -21.33 -3.05 -122.46
N ARG WB 28 -22.28 -2.24 -122.93
CA ARG WB 28 -23.70 -2.48 -122.69
C ARG WB 28 -24.52 -2.05 -123.89
N PHE WB 29 -25.38 -2.97 -124.35
CA PHE WB 29 -26.40 -2.75 -125.37
C PHE WB 29 -27.78 -2.72 -124.74
N VAL WB 30 -28.70 -2.03 -125.40
CA VAL WB 30 -30.10 -1.91 -124.98
C VAL WB 30 -31.00 -2.23 -126.17
N ASP WB 31 -32.10 -2.96 -125.91
CA ASP WB 31 -33.07 -3.28 -126.96
C ASP WB 31 -33.76 -2.01 -127.44
N LYS WB 32 -33.70 -1.77 -128.76
CA LYS WB 32 -34.20 -0.53 -129.33
C LYS WB 32 -35.71 -0.37 -129.16
N SER WB 33 -36.43 -1.43 -128.83
CA SER WB 33 -37.87 -1.37 -128.66
C SER WB 33 -38.30 -0.82 -127.30
N GLY WB 34 -37.37 -0.27 -126.50
CA GLY WB 34 -37.63 0.05 -125.12
C GLY WB 34 -37.44 1.53 -124.76
N THR WB 35 -37.91 1.85 -123.55
CA THR WB 35 -37.84 3.18 -122.96
C THR WB 35 -37.16 3.06 -121.60
N VAL WB 36 -36.68 4.19 -121.07
CA VAL WB 36 -36.28 4.20 -119.67
C VAL WB 36 -37.45 3.75 -118.79
N ALA WB 37 -38.64 4.22 -119.11
CA ALA WB 37 -39.83 3.85 -118.33
C ALA WB 37 -40.15 2.38 -118.48
N ASN WB 38 -40.25 1.91 -119.72
CA ASN WB 38 -40.55 0.51 -119.99
C ASN WB 38 -39.38 -0.10 -120.75
N ASN WB 39 -38.48 -0.75 -120.02
CA ASN WB 39 -37.34 -1.41 -120.64
C ASN WB 39 -37.73 -2.79 -121.15
N THR WB 40 -37.08 -3.20 -122.23
CA THR WB 40 -37.43 -4.43 -122.93
C THR WB 40 -36.28 -5.42 -123.04
N GLY WB 41 -35.05 -4.99 -122.78
CA GLY WB 41 -33.92 -5.90 -122.87
C GLY WB 41 -32.60 -5.19 -122.72
N VAL WB 42 -31.65 -5.83 -122.06
CA VAL WB 42 -30.31 -5.27 -121.92
C VAL WB 42 -29.31 -6.43 -122.02
N PHE WB 43 -28.14 -6.11 -122.56
CA PHE WB 43 -27.04 -7.05 -122.62
C PHE WB 43 -25.77 -6.32 -122.19
N SER WB 44 -24.97 -6.97 -121.36
CA SER WB 44 -23.74 -6.36 -120.85
C SER WB 44 -22.64 -7.41 -120.80
N LEU WB 45 -21.42 -6.97 -121.05
CA LEU WB 45 -20.26 -7.87 -121.02
C LEU WB 45 -19.06 -7.15 -120.44
N GLU WB 46 -18.30 -7.87 -119.62
CA GLU WB 46 -17.12 -7.33 -118.96
C GLU WB 46 -16.02 -8.39 -118.94
N GLN WB 47 -14.79 -7.97 -119.20
CA GLN WB 47 -13.64 -8.84 -119.05
C GLN WB 47 -12.78 -8.37 -117.88
N ARG WB 48 -12.51 -9.27 -116.96
CA ARG WB 48 -11.50 -9.08 -115.92
C ARG WB 48 -10.29 -9.90 -116.34
N PHE WB 49 -9.34 -9.24 -117.01
CA PHE WB 49 -8.07 -9.87 -117.31
C PHE WB 49 -7.30 -10.03 -116.01
N GLY WB 50 -7.04 -11.27 -115.64
CA GLY WB 50 -6.50 -11.55 -114.33
C GLY WB 50 -5.01 -11.26 -114.21
N ALA WB 51 -4.52 -11.43 -112.99
CA ALA WB 51 -3.08 -11.38 -112.75
C ALA WB 51 -2.39 -12.47 -113.58
N ALA WB 52 -1.06 -12.33 -113.71
CA ALA WB 52 -0.30 -13.21 -114.59
C ALA WB 52 -0.43 -14.68 -114.18
N ASN WB 53 -0.72 -14.95 -112.90
CA ASN WB 53 -0.93 -16.32 -112.45
C ASN WB 53 -2.36 -16.80 -112.67
N SER WB 54 -3.33 -15.90 -112.62
CA SER WB 54 -4.74 -16.27 -112.65
C SER WB 54 -5.26 -16.39 -114.07
N ASN WB 55 -6.45 -16.98 -114.19
CA ASN WB 55 -7.18 -17.01 -115.43
C ASN WB 55 -7.87 -15.67 -115.66
N ARG WB 56 -8.13 -15.37 -116.92
CA ARG WB 56 -8.97 -14.21 -117.20
C ARG WB 56 -10.42 -14.65 -117.28
N LYS WB 57 -11.31 -13.76 -116.89
CA LYS WB 57 -12.73 -14.04 -116.82
C LYS WB 57 -13.48 -13.09 -117.75
N VAL WB 58 -14.47 -13.62 -118.46
CA VAL WB 58 -15.38 -12.81 -119.25
C VAL WB 58 -16.79 -13.15 -118.81
N THR WB 59 -17.58 -12.14 -118.47
CA THR WB 59 -18.92 -12.36 -117.97
C THR WB 59 -19.92 -11.56 -118.80
N MET WB 60 -21.08 -12.16 -119.05
CA MET WB 60 -22.16 -11.57 -119.79
C MET WB 60 -23.45 -11.73 -119.02
N LEU WB 61 -24.26 -10.68 -119.06
CA LEU WB 61 -25.60 -10.69 -118.47
C LEU WB 61 -26.61 -10.22 -119.52
N LEU WB 62 -27.61 -11.06 -119.78
CA LEU WB 62 -28.72 -10.75 -120.64
C LEU WB 62 -29.97 -10.70 -119.79
N THR WB 63 -30.69 -9.58 -119.84
CA THR WB 63 -31.89 -9.39 -119.05
C THR WB 63 -33.06 -9.03 -119.95
N ASP WB 64 -34.12 -9.84 -119.86
CA ASP WB 64 -35.36 -9.60 -120.62
C ASP WB 64 -36.48 -9.39 -119.63
N PRO WB 65 -36.96 -8.16 -119.49
CA PRO WB 65 -38.14 -7.90 -118.66
C PRO WB 65 -39.42 -7.92 -119.49
N VAL WB 66 -40.49 -8.39 -118.84
CA VAL WB 66 -41.81 -8.51 -119.43
C VAL WB 66 -42.84 -7.99 -118.43
N VAL WB 67 -43.87 -7.35 -118.94
CA VAL WB 67 -44.99 -6.93 -118.10
C VAL WB 67 -45.97 -8.07 -117.99
N VAL WB 68 -46.50 -8.27 -116.78
CA VAL WB 68 -47.43 -9.35 -116.47
C VAL WB 68 -48.52 -8.78 -115.58
N LYS WB 69 -49.77 -9.11 -115.86
CA LYS WB 69 -50.86 -8.72 -115.00
C LYS WB 69 -50.77 -9.49 -113.68
N ASP WB 70 -51.16 -8.83 -112.60
CA ASP WB 70 -51.11 -9.41 -111.26
C ASP WB 70 -52.46 -10.04 -110.93
N ALA WB 71 -52.46 -10.88 -109.87
CA ALA WB 71 -53.72 -11.39 -109.36
C ALA WB 71 -54.64 -10.26 -108.92
N SER WB 72 -54.06 -9.17 -108.42
CA SER WB 72 -54.81 -7.96 -108.11
C SER WB 72 -55.16 -7.15 -109.34
N GLY WB 73 -54.73 -7.57 -110.53
CA GLY WB 73 -54.92 -6.83 -111.75
C GLY WB 73 -53.83 -5.82 -112.05
N ALA WB 74 -53.11 -5.34 -111.04
CA ALA WB 74 -52.07 -4.36 -111.22
C ALA WB 74 -51.01 -4.86 -112.20
N ASP WB 75 -50.41 -3.94 -112.94
CA ASP WB 75 -49.36 -4.30 -113.88
C ASP WB 75 -48.03 -4.40 -113.16
N MET WB 76 -47.29 -5.48 -113.43
CA MET WB 76 -46.09 -5.83 -112.69
C MET WB 76 -44.99 -6.22 -113.68
N THR WB 77 -43.83 -5.60 -113.56
CA THR WB 77 -42.72 -5.87 -114.47
C THR WB 77 -41.80 -6.91 -113.85
N ILE WB 78 -41.49 -7.96 -114.61
CA ILE WB 78 -40.76 -9.12 -114.14
C ILE WB 78 -39.57 -9.36 -115.07
N LYS WB 79 -38.41 -9.60 -114.48
CA LYS WB 79 -37.18 -9.80 -115.25
C LYS WB 79 -36.76 -11.26 -115.20
N ALA WB 80 -36.28 -11.77 -116.33
CA ALA WB 80 -35.60 -13.06 -116.42
C ALA WB 80 -34.17 -12.83 -116.87
N ASN WB 81 -33.24 -13.56 -116.27
CA ASN WB 81 -31.82 -13.29 -116.50
C ASN WB 81 -31.12 -14.53 -117.02
N ALA WB 82 -30.15 -14.31 -117.90
CA ALA WB 82 -29.21 -15.33 -118.31
C ALA WB 82 -27.81 -14.76 -118.13
N SER WB 83 -26.92 -15.54 -117.54
CA SER WB 83 -25.55 -15.06 -117.29
C SER WB 83 -24.57 -16.13 -117.74
N VAL WB 84 -23.58 -15.73 -118.53
CA VAL WB 84 -22.55 -16.62 -119.02
C VAL WB 84 -21.21 -16.13 -118.50
N THR WB 85 -20.34 -17.07 -118.12
CA THR WB 85 -19.00 -16.73 -117.64
C THR WB 85 -17.99 -17.70 -118.23
N PHE WB 86 -16.99 -17.14 -118.89
CA PHE WB 86 -15.87 -17.90 -119.47
C PHE WB 86 -14.66 -17.70 -118.57
N SER WB 87 -14.16 -18.80 -118.00
CA SER WB 87 -12.90 -18.81 -117.27
C SER WB 87 -11.86 -19.41 -118.21
N LEU WB 88 -10.92 -18.58 -118.64
CA LEU WB 88 -9.95 -18.94 -119.67
C LEU WB 88 -8.55 -18.73 -119.13
N PRO WB 89 -7.81 -19.81 -118.87
CA PRO WB 89 -6.41 -19.68 -118.47
C PRO WB 89 -5.57 -19.09 -119.59
N LYS WB 90 -4.49 -18.41 -119.20
CA LYS WB 90 -3.66 -17.74 -120.18
C LYS WB 90 -3.03 -18.73 -121.15
N THR WB 91 -2.51 -19.85 -120.62
CA THR WB 91 -1.82 -20.83 -121.45
C THR WB 91 -2.76 -21.58 -122.40
N TYR WB 92 -4.06 -21.45 -122.21
CA TYR WB 92 -5.03 -22.11 -123.08
C TYR WB 92 -5.03 -21.43 -124.45
N PRO WB 93 -5.01 -22.19 -125.55
CA PRO WB 93 -4.87 -21.58 -126.88
C PRO WB 93 -6.17 -20.95 -127.41
N ASN WB 94 -6.01 -19.79 -128.04
CA ASN WB 94 -7.16 -19.05 -128.55
C ASN WB 94 -8.04 -19.91 -129.45
N GLU WB 95 -7.43 -20.82 -130.20
CA GLU WB 95 -8.18 -21.71 -131.08
C GLU WB 95 -9.19 -22.54 -130.30
N HIS WB 96 -8.72 -23.28 -129.29
CA HIS WB 96 -9.63 -24.09 -128.49
C HIS WB 96 -10.61 -23.25 -127.70
N ILE WB 97 -10.30 -21.98 -127.43
CA ILE WB 97 -11.30 -21.09 -126.84
C ILE WB 97 -12.48 -20.88 -127.80
N THR WB 98 -12.18 -20.53 -129.07
CA THR WB 98 -13.27 -20.37 -130.04
C THR WB 98 -14.07 -21.66 -130.15
N LYS WB 99 -13.37 -22.80 -130.13
CA LYS WB 99 -14.05 -24.10 -130.10
C LYS WB 99 -15.05 -24.19 -128.96
N LEU WB 100 -14.60 -23.84 -127.74
CA LEU WB 100 -15.46 -23.88 -126.57
C LEU WB 100 -16.70 -23.01 -126.77
N ARG WB 101 -16.52 -21.78 -127.23
CA ARG WB 101 -17.66 -20.88 -127.41
C ARG WB 101 -18.66 -21.45 -128.40
N GLN WB 102 -18.17 -22.00 -129.51
CA GLN WB 102 -19.09 -22.53 -130.52
C GLN WB 102 -19.82 -23.76 -130.00
N THR WB 103 -19.13 -24.67 -129.29
CA THR WB 103 -19.84 -25.81 -128.71
C THR WB 103 -20.88 -25.38 -127.70
N LEU WB 104 -20.65 -24.28 -126.98
CA LEU WB 104 -21.66 -23.78 -126.06
C LEU WB 104 -22.90 -23.30 -126.81
N ILE WB 105 -22.69 -22.57 -127.91
CA ILE WB 105 -23.83 -22.18 -128.74
C ILE WB 105 -24.61 -23.40 -129.20
N ALA WB 106 -23.90 -24.41 -129.69
CA ALA WB 106 -24.54 -25.64 -130.15
C ALA WB 106 -25.37 -26.27 -129.04
N TRP WB 107 -24.79 -26.38 -127.85
CA TRP WB 107 -25.51 -26.97 -126.72
C TRP WB 107 -26.76 -26.17 -126.40
N LEU WB 108 -26.65 -24.85 -126.36
CA LEU WB 108 -27.79 -24.00 -126.05
C LEU WB 108 -28.91 -24.16 -127.05
N GLY WB 109 -28.59 -24.59 -128.27
CA GLY WB 109 -29.61 -24.91 -129.26
C GLY WB 109 -30.36 -26.21 -129.02
N GLN WB 110 -29.73 -27.15 -128.32
CA GLN WB 110 -30.23 -28.51 -128.22
C GLN WB 110 -31.53 -28.59 -127.42
N GLN WB 111 -32.30 -29.64 -127.68
CA GLN WB 111 -33.55 -29.81 -126.96
C GLN WB 111 -33.33 -30.22 -125.51
N CYS WB 112 -32.28 -31.01 -125.23
CA CYS WB 112 -32.02 -31.41 -123.85
C CYS WB 112 -31.68 -30.20 -122.98
N VAL WB 113 -31.27 -29.09 -123.59
CA VAL WB 113 -31.04 -27.85 -122.86
C VAL WB 113 -32.27 -26.97 -122.88
N SER WB 114 -32.98 -26.91 -124.02
CA SER WB 114 -34.12 -25.99 -124.12
C SER WB 114 -35.28 -26.45 -123.26
N ASP WB 115 -35.56 -27.75 -123.23
CA ASP WB 115 -36.72 -28.25 -122.47
C ASP WB 115 -36.67 -27.85 -121.00
N PRO WB 116 -35.58 -28.05 -120.25
CA PRO WB 116 -35.57 -27.57 -118.87
C PRO WB 116 -35.55 -26.05 -118.76
N VAL WB 117 -34.77 -25.38 -119.61
CA VAL WB 117 -34.70 -23.92 -119.55
C VAL WB 117 -36.06 -23.30 -119.92
N ASP WB 118 -36.60 -23.68 -121.07
CA ASP WB 118 -37.79 -23.02 -121.58
C ASP WB 118 -39.05 -23.41 -120.78
N SER WB 119 -39.23 -24.70 -120.51
CA SER WB 119 -40.49 -25.19 -119.97
C SER WB 119 -40.39 -25.76 -118.57
N GLY WB 120 -39.19 -25.87 -118.00
CA GLY WB 120 -39.03 -26.40 -116.67
C GLY WB 120 -39.17 -27.90 -116.55
N LEU WB 121 -39.21 -28.62 -117.66
CA LEU WB 121 -39.27 -30.08 -117.63
C LEU WB 121 -37.85 -30.65 -117.64
N ASN WB 122 -37.58 -31.59 -116.74
CA ASN WB 122 -36.29 -32.24 -116.73
C ASN WB 122 -36.23 -33.36 -117.77
N ASN WB 123 -35.01 -33.80 -118.06
CA ASN WB 123 -34.81 -34.86 -119.02
C ASN WB 123 -34.84 -36.22 -118.32
N TYR WB 124 -34.98 -37.26 -119.13
CA TYR WB 124 -35.11 -38.64 -118.62
C TYR WB 124 -34.55 -39.69 -119.60
N MET XB 1 -76.84 -57.56 -91.85
CA MET XB 1 -78.25 -57.62 -92.26
C MET XB 1 -78.95 -56.30 -92.02
N ARG XB 2 -79.77 -55.87 -92.99
CA ARG XB 2 -80.62 -54.70 -92.78
C ARG XB 2 -81.65 -55.00 -91.71
N LEU XB 3 -81.55 -54.30 -90.59
CA LEU XB 3 -82.38 -54.60 -89.43
C LEU XB 3 -83.85 -54.37 -89.73
N THR XB 4 -84.68 -55.25 -89.17
CA THR XB 4 -86.12 -55.11 -89.23
C THR XB 4 -86.68 -55.59 -87.90
N ASP XB 5 -87.88 -55.11 -87.57
CA ASP XB 5 -88.56 -55.62 -86.39
C ASP XB 5 -88.61 -57.14 -86.44
N VAL XB 6 -88.60 -57.76 -85.27
CA VAL XB 6 -88.39 -59.20 -85.18
C VAL XB 6 -89.56 -59.82 -84.43
N ASP XB 7 -90.05 -60.94 -84.92
CA ASP XB 7 -91.08 -61.70 -84.23
C ASP XB 7 -90.53 -63.09 -83.93
N LEU XB 8 -90.50 -63.45 -82.65
CA LEU XB 8 -89.93 -64.69 -82.17
C LEU XB 8 -91.05 -65.63 -81.74
N THR XB 9 -90.92 -66.89 -82.07
CA THR XB 9 -91.82 -67.92 -81.56
C THR XB 9 -91.19 -68.48 -80.30
N VAL XB 10 -91.87 -68.34 -79.17
CA VAL XB 10 -91.33 -68.70 -77.86
C VAL XB 10 -92.27 -69.70 -77.21
N GLY XB 11 -91.86 -70.96 -77.19
CA GLY XB 11 -92.72 -72.00 -76.68
C GLY XB 11 -94.02 -72.00 -77.46
N GLU XB 12 -95.11 -71.62 -76.80
CA GLU XB 12 -96.41 -71.61 -77.44
C GLU XB 12 -97.00 -70.21 -77.53
N GLU XB 13 -96.15 -69.19 -77.45
CA GLU XB 13 -96.57 -67.80 -77.57
C GLU XB 13 -95.70 -67.15 -78.63
N THR XB 14 -96.07 -65.95 -79.06
CA THR XB 14 -95.27 -65.17 -80.00
C THR XB 14 -94.92 -63.83 -79.40
N ARG XB 15 -93.63 -63.51 -79.42
CA ARG XB 15 -93.07 -62.31 -78.81
C ARG XB 15 -92.60 -61.38 -79.91
N GLU XB 16 -92.99 -60.10 -79.83
CA GLU XB 16 -92.71 -59.14 -80.89
C GLU XB 16 -91.79 -58.05 -80.37
N TYR XB 17 -90.65 -57.88 -81.02
CA TYR XB 17 -89.65 -56.87 -80.70
C TYR XB 17 -89.56 -55.86 -81.84
N ALA XB 18 -89.20 -54.64 -81.48
CA ALA XB 18 -89.00 -53.55 -82.43
C ALA XB 18 -87.61 -52.94 -82.23
N VAL XB 19 -87.01 -52.50 -83.34
CA VAL XB 19 -85.69 -51.89 -83.29
C VAL XB 19 -85.75 -50.61 -82.49
N SER XB 20 -84.88 -50.48 -81.49
CA SER XB 20 -84.77 -49.28 -80.67
C SER XB 20 -83.55 -48.43 -81.01
N GLU XB 21 -82.39 -49.04 -81.27
CA GLU XB 21 -81.29 -48.23 -81.79
C GLU XB 21 -80.30 -49.14 -82.50
N GLN XB 22 -79.58 -48.57 -83.47
CA GLN XB 22 -78.56 -49.30 -84.20
C GLN XB 22 -77.34 -48.42 -84.37
N GLN XB 23 -76.19 -48.90 -83.88
CA GLN XB 23 -74.91 -48.25 -84.06
C GLN XB 23 -74.06 -49.10 -84.99
N GLY XB 24 -72.80 -48.71 -85.14
CA GLY XB 24 -71.92 -49.42 -86.05
C GLY XB 24 -71.75 -50.87 -85.67
N THR XB 25 -71.51 -51.13 -84.38
CA THR XB 25 -71.28 -52.47 -83.87
C THR XB 25 -72.24 -52.85 -82.75
N LEU XB 26 -73.34 -52.12 -82.62
CA LEU XB 26 -74.28 -52.36 -81.53
C LEU XB 26 -75.71 -52.16 -82.02
N PHE XB 27 -76.64 -52.96 -81.50
CA PHE XB 27 -78.06 -52.73 -81.73
C PHE XB 27 -78.86 -53.15 -80.52
N ARG XB 28 -80.09 -52.63 -80.47
CA ARG XB 28 -81.00 -52.85 -79.35
C ARG XB 28 -82.43 -52.90 -79.85
N PHE XB 29 -83.12 -53.97 -79.46
CA PHE XB 29 -84.55 -54.18 -79.64
C PHE XB 29 -85.28 -54.04 -78.30
N VAL XB 30 -86.55 -53.65 -78.40
CA VAL XB 30 -87.45 -53.53 -77.24
C VAL XB 30 -88.70 -54.38 -77.50
N ASP XB 31 -89.20 -55.02 -76.44
CA ASP XB 31 -90.44 -55.79 -76.53
C ASP XB 31 -91.62 -54.84 -76.76
N LYS XB 32 -92.37 -55.08 -77.84
CA LYS XB 32 -93.50 -54.23 -78.18
C LYS XB 32 -94.61 -54.25 -77.13
N SER XB 33 -94.53 -55.18 -76.17
CA SER XB 33 -95.51 -55.24 -75.08
C SER XB 33 -95.43 -54.03 -74.15
N GLY XB 34 -94.35 -53.25 -74.21
CA GLY XB 34 -94.02 -52.30 -73.18
C GLY XB 34 -93.94 -50.86 -73.67
N THR XB 35 -93.87 -49.95 -72.69
CA THR XB 35 -93.74 -48.52 -72.86
C THR XB 35 -92.35 -48.08 -72.41
N VAL XB 36 -91.96 -46.87 -72.82
CA VAL XB 36 -90.87 -46.18 -72.13
C VAL XB 36 -91.08 -46.25 -70.63
N ALA XB 37 -92.29 -45.92 -70.18
CA ALA XB 37 -92.63 -45.95 -68.76
C ALA XB 37 -92.47 -47.35 -68.18
N ASN XB 38 -93.26 -48.29 -68.67
CA ASN XB 38 -93.22 -49.67 -68.20
C ASN XB 38 -92.64 -50.54 -69.29
N ASN XB 39 -91.47 -51.14 -69.01
CA ASN XB 39 -90.76 -51.96 -69.98
C ASN XB 39 -91.02 -53.44 -69.72
N THR XB 40 -91.22 -54.19 -70.81
CA THR XB 40 -91.46 -55.63 -70.72
C THR XB 40 -90.29 -56.48 -71.15
N GLY XB 41 -89.33 -55.93 -71.88
CA GLY XB 41 -88.20 -56.72 -72.33
C GLY XB 41 -87.23 -55.94 -73.19
N VAL XB 42 -85.95 -56.29 -73.12
CA VAL XB 42 -84.93 -55.62 -73.92
C VAL XB 42 -83.91 -56.64 -74.39
N PHE XB 43 -83.39 -56.42 -75.59
CA PHE XB 43 -82.30 -57.24 -76.12
C PHE XB 43 -81.27 -56.32 -76.76
N SER XB 44 -80.00 -56.60 -76.46
CA SER XB 44 -78.91 -55.79 -76.98
C SER XB 44 -77.76 -56.70 -77.41
N LEU XB 45 -77.08 -56.30 -78.48
CA LEU XB 45 -75.96 -57.08 -79.02
C LEU XB 45 -74.86 -56.13 -79.48
N GLU XB 46 -73.61 -56.44 -79.12
CA GLU XB 46 -72.45 -55.63 -79.49
C GLU XB 46 -71.28 -56.53 -79.89
N GLN XB 47 -70.58 -56.16 -80.97
CA GLN XB 47 -69.37 -56.86 -81.39
C GLN XB 47 -68.15 -55.98 -81.17
N ARG XB 48 -67.07 -56.61 -80.71
CA ARG XB 48 -65.80 -55.95 -80.45
C ARG XB 48 -64.73 -56.72 -81.22
N PHE XB 49 -64.34 -56.16 -82.36
CA PHE XB 49 -63.28 -56.69 -83.21
C PHE XB 49 -61.94 -56.24 -82.63
N GLY XB 50 -61.15 -57.18 -82.14
CA GLY XB 50 -59.86 -56.86 -81.53
C GLY XB 50 -58.75 -56.72 -82.57
N ALA XB 51 -57.52 -56.69 -82.08
CA ALA XB 51 -56.37 -56.74 -82.98
C ALA XB 51 -56.23 -58.14 -83.58
N ALA XB 52 -55.33 -58.25 -84.57
CA ALA XB 52 -55.18 -59.52 -85.29
C ALA XB 52 -54.69 -60.64 -84.39
N ASN XB 53 -54.05 -60.32 -83.27
CA ASN XB 53 -53.72 -61.33 -82.27
C ASN XB 53 -54.85 -61.58 -81.28
N SER XB 54 -55.86 -60.70 -81.25
CA SER XB 54 -56.97 -60.81 -80.32
C SER XB 54 -58.15 -61.54 -80.96
N ASN XB 55 -58.91 -62.23 -80.13
CA ASN XB 55 -60.16 -62.82 -80.56
C ASN XB 55 -61.23 -61.74 -80.64
N ARG XB 56 -62.02 -61.74 -81.71
CA ARG XB 56 -63.18 -60.87 -81.70
C ARG XB 56 -64.22 -61.44 -80.75
N LYS XB 57 -65.01 -60.54 -80.16
CA LYS XB 57 -65.95 -60.92 -79.13
C LYS XB 57 -67.32 -60.36 -79.45
N VAL XB 58 -68.36 -61.12 -79.10
CA VAL XB 58 -69.73 -60.74 -79.41
C VAL XB 58 -70.57 -60.99 -78.16
N THR XB 59 -71.26 -59.96 -77.67
CA THR XB 59 -71.97 -60.10 -76.41
C THR XB 59 -73.42 -59.67 -76.55
N MET XB 60 -74.30 -60.45 -75.92
CA MET XB 60 -75.75 -60.25 -75.95
C MET XB 60 -76.25 -60.15 -74.52
N LEU XB 61 -77.19 -59.23 -74.30
CA LEU XB 61 -77.90 -59.10 -73.04
C LEU XB 61 -79.39 -59.10 -73.30
N LEU XB 62 -80.10 -60.03 -72.65
CA LEU XB 62 -81.54 -60.15 -72.69
C LEU XB 62 -82.07 -59.89 -71.29
N THR XB 63 -82.92 -58.88 -71.16
CA THR XB 63 -83.48 -58.49 -69.88
C THR XB 63 -85.00 -58.62 -69.91
N ASP XB 64 -85.54 -59.35 -68.94
CA ASP XB 64 -86.98 -59.54 -68.79
C ASP XB 64 -87.41 -59.05 -67.43
N PRO XB 65 -88.05 -57.88 -67.36
CA PRO XB 65 -88.62 -57.43 -66.09
C PRO XB 65 -90.06 -57.87 -65.94
N VAL XB 66 -90.42 -58.17 -64.68
CA VAL XB 66 -91.76 -58.62 -64.31
C VAL XB 66 -92.18 -57.83 -63.07
N VAL XB 67 -93.46 -57.52 -62.99
CA VAL XB 67 -94.00 -56.90 -61.79
C VAL XB 67 -94.47 -57.99 -60.83
N VAL XB 68 -94.01 -57.89 -59.57
CA VAL XB 68 -94.29 -58.86 -58.53
C VAL XB 68 -94.90 -58.13 -57.35
N LYS XB 69 -95.74 -58.83 -56.61
CA LYS XB 69 -96.34 -58.32 -55.38
C LYS XB 69 -95.29 -58.24 -54.29
N ASP XB 70 -95.29 -57.14 -53.55
CA ASP XB 70 -94.42 -56.99 -52.40
C ASP XB 70 -94.93 -57.84 -51.24
N ALA XB 71 -94.04 -58.09 -50.26
CA ALA XB 71 -94.49 -58.74 -49.04
C ALA XB 71 -95.52 -57.90 -48.30
N SER XB 72 -95.43 -56.58 -48.43
CA SER XB 72 -96.46 -55.68 -47.94
C SER XB 72 -97.66 -55.62 -48.89
N GLY XB 73 -97.42 -55.87 -50.17
CA GLY XB 73 -98.46 -55.81 -51.19
C GLY XB 73 -98.22 -54.80 -52.29
N ALA XB 74 -97.24 -53.92 -52.14
CA ALA XB 74 -96.94 -52.91 -53.14
C ALA XB 74 -96.52 -53.56 -54.46
N ASP XB 75 -96.63 -52.78 -55.54
CA ASP XB 75 -96.18 -53.22 -56.85
C ASP XB 75 -94.68 -52.96 -56.98
N MET XB 76 -93.92 -53.98 -57.36
CA MET XB 76 -92.47 -53.86 -57.43
C MET XB 76 -91.98 -54.52 -58.71
N THR XB 77 -91.04 -53.89 -59.41
CA THR XB 77 -90.53 -54.43 -60.66
C THR XB 77 -89.19 -55.11 -60.44
N ILE XB 78 -89.05 -56.34 -60.96
CA ILE XB 78 -87.89 -57.19 -60.76
C ILE XB 78 -87.42 -57.67 -62.12
N LYS XB 79 -86.12 -57.50 -62.38
CA LYS XB 79 -85.54 -57.90 -63.66
C LYS XB 79 -84.77 -59.20 -63.52
N ALA XB 80 -84.81 -60.02 -64.57
CA ALA XB 80 -83.98 -61.21 -64.71
C ALA XB 80 -83.14 -61.06 -65.97
N ASN XB 81 -81.86 -61.39 -65.86
CA ASN XB 81 -80.91 -61.12 -66.94
C ASN XB 81 -80.35 -62.42 -67.48
N ALA XB 82 -80.10 -62.46 -68.78
CA ALA XB 82 -79.33 -63.53 -69.39
C ALA XB 82 -78.33 -62.89 -70.33
N SER XB 83 -77.08 -63.34 -70.29
CA SER XB 83 -76.04 -62.75 -71.10
C SER XB 83 -75.21 -63.83 -71.76
N VAL XB 84 -74.98 -63.67 -73.06
CA VAL XB 84 -74.18 -64.62 -73.83
C VAL XB 84 -72.96 -63.87 -74.36
N THR XB 85 -71.82 -64.56 -74.42
CA THR XB 85 -70.59 -64.00 -74.96
C THR XB 85 -69.89 -65.05 -75.81
N PHE XB 86 -69.68 -64.72 -77.08
CA PHE XB 86 -68.95 -65.55 -78.02
C PHE XB 86 -67.54 -64.99 -78.16
N SER XB 87 -66.54 -65.79 -77.77
CA SER XB 87 -65.14 -65.47 -78.01
C SER XB 87 -64.68 -66.29 -79.21
N LEU XB 88 -64.43 -65.60 -80.32
CA LEU XB 88 -64.13 -66.22 -81.61
C LEU XB 88 -62.79 -65.73 -82.11
N PRO XB 89 -61.77 -66.59 -82.11
CA PRO XB 89 -60.49 -66.22 -82.72
C PRO XB 89 -60.61 -66.04 -84.22
N LYS XB 90 -59.70 -65.24 -84.76
CA LYS XB 90 -59.76 -64.86 -86.16
C LYS XB 90 -59.10 -65.88 -87.08
N THR XB 91 -58.60 -66.97 -86.53
CA THR XB 91 -58.16 -68.13 -87.31
C THR XB 91 -59.17 -69.26 -87.28
N TYR XB 92 -60.26 -69.07 -86.55
CA TYR XB 92 -61.33 -70.06 -86.42
C TYR XB 92 -62.28 -69.92 -87.60
N PRO XB 93 -62.70 -71.02 -88.23
CA PRO XB 93 -63.54 -70.92 -89.43
C PRO XB 93 -65.00 -70.61 -89.14
N ASN XB 94 -65.58 -69.80 -90.03
CA ASN XB 94 -66.95 -69.35 -89.84
C ASN XB 94 -67.93 -70.52 -89.76
N GLU XB 95 -67.68 -71.58 -90.53
CA GLU XB 95 -68.51 -72.77 -90.46
C GLU XB 95 -68.62 -73.27 -89.03
N HIS XB 96 -67.48 -73.48 -88.38
CA HIS XB 96 -67.49 -74.00 -87.02
C HIS XB 96 -68.05 -72.99 -86.03
N ILE XB 97 -67.98 -71.68 -86.32
CA ILE XB 97 -68.69 -70.73 -85.48
C ILE XB 97 -70.22 -70.98 -85.55
N THR XB 98 -70.72 -71.19 -86.76
CA THR XB 98 -72.15 -71.51 -86.88
C THR XB 98 -72.49 -72.80 -86.15
N LYS XB 99 -71.64 -73.82 -86.30
CA LYS XB 99 -71.80 -75.07 -85.56
C LYS XB 99 -71.89 -74.81 -84.06
N LEU XB 100 -70.99 -73.96 -83.55
CA LEU XB 100 -70.97 -73.63 -82.13
C LEU XB 100 -72.27 -72.98 -81.70
N ARG XB 101 -72.74 -71.98 -82.46
CA ARG XB 101 -73.98 -71.30 -82.10
C ARG XB 101 -75.15 -72.27 -82.05
N GLN XB 102 -75.22 -73.17 -83.03
CA GLN XB 102 -76.34 -74.11 -83.06
C GLN XB 102 -76.27 -75.11 -81.91
N THR XB 103 -75.06 -75.62 -81.60
CA THR XB 103 -74.93 -76.52 -80.44
C THR XB 103 -75.33 -75.80 -79.15
N LEU XB 104 -75.05 -74.50 -79.06
CA LEU XB 104 -75.48 -73.75 -77.88
C LEU XB 104 -76.99 -73.68 -77.80
N ILE XB 105 -77.65 -73.43 -78.93
CA ILE XB 105 -79.12 -73.43 -78.94
C ILE XB 105 -79.65 -74.79 -78.46
N ALA XB 106 -79.08 -75.86 -79.00
CA ALA XB 106 -79.51 -77.20 -78.62
C ALA XB 106 -79.32 -77.45 -77.13
N TRP XB 107 -78.17 -77.03 -76.59
CA TRP XB 107 -77.91 -77.21 -75.16
C TRP XB 107 -78.91 -76.42 -74.32
N LEU XB 108 -79.19 -75.17 -74.72
CA LEU XB 108 -80.16 -74.38 -73.99
C LEU XB 108 -81.54 -75.00 -74.02
N GLY XB 109 -81.81 -75.85 -75.02
CA GLY XB 109 -83.04 -76.62 -75.04
C GLY XB 109 -83.11 -77.75 -74.05
N GLN XB 110 -81.95 -78.29 -73.65
CA GLN XB 110 -81.89 -79.55 -72.91
C GLN XB 110 -82.49 -79.42 -71.52
N GLN XB 111 -82.96 -80.56 -70.99
CA GLN XB 111 -83.52 -80.56 -69.65
C GLN XB 111 -82.46 -80.36 -68.59
N CYS XB 112 -81.26 -80.92 -68.82
CA CYS XB 112 -80.18 -80.76 -67.84
C CYS XB 112 -79.71 -79.32 -67.72
N VAL XB 113 -79.97 -78.50 -68.73
CA VAL XB 113 -79.76 -77.07 -68.62
C VAL XB 113 -81.01 -76.37 -68.08
N SER XB 114 -82.19 -76.89 -68.43
CA SER XB 114 -83.45 -76.25 -68.04
C SER XB 114 -83.66 -76.31 -66.53
N ASP XB 115 -83.44 -77.47 -65.91
CA ASP XB 115 -83.75 -77.63 -64.50
C ASP XB 115 -83.02 -76.64 -63.60
N PRO XB 116 -81.70 -76.47 -63.67
CA PRO XB 116 -81.07 -75.45 -62.82
C PRO XB 116 -81.50 -74.04 -63.17
N VAL XB 117 -81.57 -73.70 -64.45
CA VAL XB 117 -81.96 -72.36 -64.86
C VAL XB 117 -83.40 -72.07 -64.45
N ASP XB 118 -84.34 -72.89 -64.93
CA ASP XB 118 -85.75 -72.56 -64.76
C ASP XB 118 -86.20 -72.69 -63.31
N SER XB 119 -85.76 -73.73 -62.61
CA SER XB 119 -86.31 -74.05 -61.29
C SER XB 119 -85.28 -74.07 -60.17
N GLY XB 120 -83.99 -74.07 -60.48
CA GLY XB 120 -82.97 -74.10 -59.45
C GLY XB 120 -82.53 -75.47 -59.00
N LEU XB 121 -83.14 -76.52 -59.52
CA LEU XB 121 -82.73 -77.88 -59.17
C LEU XB 121 -81.43 -78.23 -59.89
N ASN XB 122 -80.47 -78.76 -59.14
CA ASN XB 122 -79.26 -79.28 -59.76
C ASN XB 122 -79.48 -80.70 -60.27
N ASN XB 123 -78.66 -81.10 -61.24
CA ASN XB 123 -78.73 -82.45 -61.75
C ASN XB 123 -77.88 -83.38 -60.89
N TYR XB 124 -78.16 -84.68 -61.00
CA TYR XB 124 -77.48 -85.66 -60.16
C TYR XB 124 -77.10 -86.92 -60.92
N MET YB 1 -75.67 -42.49 -100.41
CA MET YB 1 -76.45 -43.54 -101.07
C MET YB 1 -76.93 -44.57 -100.07
N ARG YB 2 -77.90 -45.37 -100.47
CA ARG YB 2 -78.38 -46.48 -99.65
C ARG YB 2 -77.49 -47.70 -99.91
N LEU YB 3 -76.70 -48.07 -98.91
CA LEU YB 3 -75.72 -49.13 -99.06
C LEU YB 3 -76.37 -50.45 -99.44
N THR YB 4 -75.82 -51.08 -100.48
CA THR YB 4 -76.23 -52.40 -100.93
C THR YB 4 -74.97 -53.19 -101.21
N ASP YB 5 -75.05 -54.51 -101.05
CA ASP YB 5 -73.91 -55.36 -101.35
C ASP YB 5 -73.43 -55.06 -102.77
N VAL YB 6 -72.11 -55.14 -102.98
CA VAL YB 6 -71.51 -54.63 -104.20
C VAL YB 6 -70.78 -55.78 -104.90
N ASP YB 7 -70.85 -55.80 -106.22
CA ASP YB 7 -70.10 -56.74 -107.02
C ASP YB 7 -69.22 -55.98 -108.00
N LEU YB 8 -67.92 -56.21 -107.90
CA LEU YB 8 -66.91 -55.50 -108.66
C LEU YB 8 -66.37 -56.41 -109.75
N THR YB 9 -66.25 -55.87 -110.95
CA THR YB 9 -65.63 -56.58 -112.05
C THR YB 9 -64.14 -56.25 -112.01
N VAL YB 10 -63.33 -57.25 -111.68
CA VAL YB 10 -61.89 -57.07 -111.44
C VAL YB 10 -61.16 -57.88 -112.50
N GLY YB 11 -60.68 -57.20 -113.54
CA GLY YB 11 -60.06 -57.90 -114.65
C GLY YB 11 -61.06 -58.86 -115.27
N GLU YB 12 -60.81 -60.15 -115.14
CA GLU YB 12 -61.70 -61.16 -115.69
C GLU YB 12 -62.42 -61.94 -114.61
N GLU YB 13 -62.46 -61.42 -113.40
CA GLU YB 13 -63.08 -62.09 -112.28
C GLU YB 13 -64.13 -61.16 -111.68
N THR YB 14 -64.96 -61.68 -110.79
CA THR YB 14 -65.94 -60.85 -110.10
C THR YB 14 -65.77 -61.05 -108.60
N ARG YB 15 -65.46 -59.94 -107.91
CA ARG YB 15 -65.39 -59.91 -106.46
C ARG YB 15 -66.74 -59.49 -105.90
N GLU YB 16 -67.15 -60.10 -104.78
CA GLU YB 16 -68.48 -59.87 -104.22
C GLU YB 16 -68.37 -59.51 -102.75
N TYR YB 17 -68.67 -58.26 -102.44
CA TYR YB 17 -68.56 -57.73 -101.09
C TYR YB 17 -69.95 -57.54 -100.50
N ALA YB 18 -70.03 -57.74 -99.18
CA ALA YB 18 -71.24 -57.55 -98.40
C ALA YB 18 -71.02 -56.48 -97.34
N VAL YB 19 -72.06 -55.68 -97.08
CA VAL YB 19 -71.97 -54.63 -96.07
C VAL YB 19 -71.72 -55.26 -94.72
N SER YB 20 -70.68 -54.81 -94.04
CA SER YB 20 -70.32 -55.31 -92.72
C SER YB 20 -70.52 -54.33 -91.59
N GLU YB 21 -70.39 -53.03 -91.83
CA GLU YB 21 -70.88 -52.09 -90.82
C GLU YB 21 -71.13 -50.72 -91.45
N GLN YB 22 -72.08 -50.00 -90.86
CA GLN YB 22 -72.43 -48.64 -91.27
C GLN YB 22 -72.54 -47.79 -90.03
N GLN YB 23 -71.68 -46.78 -89.92
CA GLN YB 23 -71.75 -45.80 -88.85
C GLN YB 23 -72.23 -44.48 -89.44
N GLY YB 24 -72.02 -43.40 -88.71
CA GLY YB 24 -72.41 -42.09 -89.20
C GLY YB 24 -71.65 -41.74 -90.46
N THR YB 25 -70.32 -41.68 -90.35
CA THR YB 25 -69.45 -41.25 -91.44
C THR YB 25 -68.56 -42.37 -91.94
N LEU YB 26 -68.78 -43.61 -91.49
CA LEU YB 26 -67.90 -44.72 -91.80
C LEU YB 26 -68.73 -45.92 -92.26
N PHE YB 27 -68.19 -46.66 -93.23
CA PHE YB 27 -68.78 -47.93 -93.65
C PHE YB 27 -67.68 -48.93 -93.96
N ARG YB 28 -68.07 -50.20 -93.99
CA ARG YB 28 -67.14 -51.29 -94.20
C ARG YB 28 -67.85 -52.44 -94.91
N PHE YB 29 -67.27 -52.86 -96.02
CA PHE YB 29 -67.64 -54.05 -96.79
C PHE YB 29 -66.63 -55.16 -96.55
N VAL YB 30 -67.05 -56.38 -96.87
CA VAL YB 30 -66.29 -57.58 -96.59
C VAL YB 30 -66.44 -58.56 -97.76
N ASP YB 31 -65.33 -59.17 -98.17
CA ASP YB 31 -65.36 -60.13 -99.28
C ASP YB 31 -66.20 -61.35 -98.90
N LYS YB 32 -67.28 -61.58 -99.65
CA LYS YB 32 -68.18 -62.68 -99.33
C LYS YB 32 -67.46 -64.03 -99.40
N SER YB 33 -66.47 -64.15 -100.27
CA SER YB 33 -65.74 -65.38 -100.50
C SER YB 33 -64.83 -65.77 -99.34
N GLY YB 34 -64.88 -65.05 -98.23
CA GLY YB 34 -63.99 -65.36 -97.11
C GLY YB 34 -64.52 -66.51 -96.28
N THR YB 35 -63.62 -67.43 -95.93
CA THR YB 35 -63.97 -68.56 -95.07
C THR YB 35 -63.64 -68.31 -93.61
N VAL YB 36 -62.55 -67.60 -93.34
CA VAL YB 36 -62.12 -67.28 -92.00
C VAL YB 36 -61.95 -65.78 -91.92
N ALA YB 37 -61.95 -65.26 -90.69
CA ALA YB 37 -61.70 -63.84 -90.47
C ALA YB 37 -60.39 -63.41 -91.13
N ASN YB 38 -59.30 -64.14 -90.87
CA ASN YB 38 -58.01 -63.81 -91.48
C ASN YB 38 -57.99 -64.06 -92.98
N ASN YB 39 -58.75 -65.05 -93.44
CA ASN YB 39 -58.90 -65.28 -94.87
C ASN YB 39 -59.56 -64.09 -95.57
N THR YB 40 -60.38 -63.33 -94.85
CA THR YB 40 -61.36 -62.44 -95.45
C THR YB 40 -60.79 -61.06 -95.77
N GLY YB 41 -60.88 -60.65 -97.04
CA GLY YB 41 -60.53 -59.30 -97.41
C GLY YB 41 -61.61 -58.31 -97.01
N VAL YB 42 -61.20 -57.04 -96.85
CA VAL YB 42 -62.13 -56.02 -96.37
C VAL YB 42 -61.84 -54.69 -97.06
N PHE YB 43 -62.86 -53.82 -97.02
CA PHE YB 43 -62.74 -52.48 -97.56
C PHE YB 43 -63.52 -51.52 -96.67
N SER YB 44 -62.89 -50.44 -96.27
CA SER YB 44 -63.50 -49.50 -95.34
C SER YB 44 -63.29 -48.08 -95.83
N LEU YB 45 -64.26 -47.21 -95.53
CA LEU YB 45 -64.18 -45.80 -95.92
C LEU YB 45 -64.77 -44.94 -94.81
N GLU YB 46 -64.14 -43.80 -94.58
CA GLU YB 46 -64.54 -42.86 -93.53
C GLU YB 46 -64.32 -41.44 -94.01
N GLN YB 47 -65.30 -40.58 -93.77
CA GLN YB 47 -65.17 -39.16 -94.05
C GLN YB 47 -65.05 -38.38 -92.76
N ARG YB 48 -64.12 -37.43 -92.74
CA ARG YB 48 -63.88 -36.54 -91.62
C ARG YB 48 -64.09 -35.12 -92.15
N PHE YB 49 -65.26 -34.57 -91.86
CA PHE YB 49 -65.61 -33.22 -92.25
C PHE YB 49 -65.04 -32.26 -91.21
N GLY YB 50 -64.24 -31.30 -91.66
CA GLY YB 50 -63.58 -30.37 -90.76
C GLY YB 50 -64.39 -29.10 -90.52
N ALA YB 51 -63.76 -28.16 -89.83
CA ALA YB 51 -64.35 -26.82 -89.71
C ALA YB 51 -64.31 -26.11 -91.07
N ALA YB 52 -64.88 -24.90 -91.11
CA ALA YB 52 -64.98 -24.19 -92.38
C ALA YB 52 -63.60 -23.78 -92.91
N ASN YB 53 -62.62 -23.61 -92.04
CA ASN YB 53 -61.26 -23.33 -92.48
C ASN YB 53 -60.50 -24.59 -92.85
N SER YB 54 -61.05 -25.76 -92.52
CA SER YB 54 -60.39 -27.03 -92.80
C SER YB 54 -60.86 -27.60 -94.14
N ASN YB 55 -60.15 -28.61 -94.60
CA ASN YB 55 -60.55 -29.42 -95.74
C ASN YB 55 -61.19 -30.70 -95.22
N ARG YB 56 -62.27 -31.13 -95.86
CA ARG YB 56 -62.80 -32.44 -95.51
C ARG YB 56 -61.87 -33.51 -96.08
N LYS YB 57 -61.76 -34.62 -95.37
CA LYS YB 57 -60.87 -35.69 -95.76
C LYS YB 57 -61.65 -37.00 -95.85
N VAL YB 58 -61.44 -37.75 -96.92
CA VAL YB 58 -62.05 -39.06 -97.07
C VAL YB 58 -60.94 -40.08 -97.19
N THR YB 59 -61.01 -41.14 -96.39
CA THR YB 59 -59.98 -42.16 -96.39
C THR YB 59 -60.60 -43.53 -96.64
N MET YB 60 -59.87 -44.36 -97.38
CA MET YB 60 -60.26 -45.72 -97.70
C MET YB 60 -59.09 -46.65 -97.44
N LEU YB 61 -59.41 -47.81 -96.90
CA LEU YB 61 -58.45 -48.89 -96.70
C LEU YB 61 -58.99 -50.17 -97.32
N LEU YB 62 -58.17 -50.79 -98.18
CA LEU YB 62 -58.47 -52.05 -98.83
C LEU YB 62 -57.42 -53.06 -98.37
N THR YB 63 -57.88 -54.16 -97.77
CA THR YB 63 -57.01 -55.20 -97.25
C THR YB 63 -57.31 -56.51 -97.95
N ASP YB 64 -56.27 -57.12 -98.55
CA ASP YB 64 -56.40 -58.38 -99.28
C ASP YB 64 -55.39 -59.38 -98.74
N PRO YB 65 -55.80 -60.24 -97.80
CA PRO YB 65 -54.91 -61.29 -97.32
C PRO YB 65 -54.92 -62.51 -98.24
N VAL YB 66 -53.79 -63.24 -98.20
CA VAL YB 66 -53.59 -64.46 -98.99
C VAL YB 66 -52.88 -65.49 -98.10
N VAL YB 67 -53.12 -66.77 -98.37
CA VAL YB 67 -52.48 -67.84 -97.61
C VAL YB 67 -51.21 -68.30 -98.33
N VAL YB 68 -50.10 -68.33 -97.61
CA VAL YB 68 -48.82 -68.80 -98.14
C VAL YB 68 -48.30 -69.97 -97.30
N MET YB 76 -49.29 -69.83 -93.13
CA MET YB 76 -49.30 -68.42 -92.78
C MET YB 76 -50.16 -67.59 -93.76
N THR YB 77 -50.82 -66.56 -93.25
CA THR YB 77 -51.59 -65.62 -94.07
C THR YB 77 -50.95 -64.25 -94.02
N ILE YB 78 -50.75 -63.66 -95.21
CA ILE YB 78 -50.02 -62.42 -95.40
C ILE YB 78 -51.00 -61.38 -95.96
N LYS YB 79 -50.97 -60.17 -95.38
CA LYS YB 79 -51.91 -59.12 -95.74
C LYS YB 79 -51.22 -57.99 -96.47
N ALA YB 80 -51.84 -57.50 -97.54
CA ALA YB 80 -51.37 -56.33 -98.27
C ALA YB 80 -52.46 -55.26 -98.29
N ASN YB 81 -52.03 -54.00 -98.17
CA ASN YB 81 -52.95 -52.89 -97.98
C ASN YB 81 -52.81 -51.87 -99.09
N ALA YB 82 -53.93 -51.32 -99.52
CA ALA YB 82 -53.96 -50.11 -100.32
C ALA YB 82 -54.78 -49.08 -99.54
N SER YB 83 -54.28 -47.84 -99.48
CA SER YB 83 -54.99 -46.80 -98.74
C SER YB 83 -55.03 -45.54 -99.59
N VAL YB 84 -56.24 -45.01 -99.80
CA VAL YB 84 -56.43 -43.80 -100.56
C VAL YB 84 -56.95 -42.72 -99.61
N THR YB 85 -56.52 -41.48 -99.83
CA THR YB 85 -56.98 -40.35 -99.03
C THR YB 85 -57.18 -39.14 -99.93
N PHE YB 86 -58.41 -38.60 -99.91
CA PHE YB 86 -58.79 -37.43 -100.67
C PHE YB 86 -58.88 -36.26 -99.71
N SER YB 87 -58.02 -35.25 -99.93
CA SER YB 87 -58.09 -33.99 -99.19
C SER YB 87 -58.75 -32.96 -100.09
N LEU YB 88 -59.95 -32.54 -99.69
CA LEU YB 88 -60.82 -31.72 -100.54
C LEU YB 88 -61.20 -30.45 -99.78
N PRO YB 89 -60.73 -29.29 -100.21
CA PRO YB 89 -61.19 -28.04 -99.64
C PRO YB 89 -62.65 -27.79 -99.97
N LYS YB 90 -63.35 -27.11 -99.07
CA LYS YB 90 -64.79 -26.95 -99.24
C LYS YB 90 -65.12 -26.06 -100.42
N THR YB 91 -64.35 -24.98 -100.61
CA THR YB 91 -64.57 -24.07 -101.74
C THR YB 91 -64.32 -24.75 -103.08
N TYR YB 92 -63.62 -25.88 -103.09
CA TYR YB 92 -63.29 -26.59 -104.34
C TYR YB 92 -64.56 -27.19 -104.94
N PRO YB 93 -64.76 -27.09 -106.26
CA PRO YB 93 -66.06 -27.47 -106.84
C PRO YB 93 -66.25 -28.97 -107.03
N ASN YB 94 -67.46 -29.43 -106.72
CA ASN YB 94 -67.77 -30.85 -106.76
C ASN YB 94 -67.48 -31.45 -108.13
N GLU YB 95 -67.70 -30.69 -109.20
CA GLU YB 95 -67.41 -31.21 -110.54
C GLU YB 95 -65.94 -31.57 -110.69
N HIS YB 96 -65.05 -30.64 -110.33
CA HIS YB 96 -63.62 -30.93 -110.40
C HIS YB 96 -63.19 -32.05 -109.45
N ILE YB 97 -63.92 -32.27 -108.35
CA ILE YB 97 -63.64 -33.44 -107.51
C ILE YB 97 -63.94 -34.73 -108.27
N THR YB 98 -65.11 -34.81 -108.90
CA THR YB 98 -65.42 -36.01 -109.70
C THR YB 98 -64.33 -36.23 -110.73
N LYS YB 99 -63.87 -35.15 -111.37
CA LYS YB 99 -62.75 -35.23 -112.31
C LYS YB 99 -61.51 -35.85 -111.65
N LEU YB 100 -61.14 -35.33 -110.48
CA LEU YB 100 -59.95 -35.85 -109.79
C LEU YB 100 -60.05 -37.35 -109.56
N ARG YB 101 -61.19 -37.80 -109.02
CA ARG YB 101 -61.37 -39.23 -108.77
C ARG YB 101 -61.20 -40.05 -110.04
N GLN YB 102 -61.84 -39.61 -111.13
CA GLN YB 102 -61.76 -40.38 -112.37
C GLN YB 102 -60.33 -40.44 -112.90
N THR YB 103 -59.58 -39.32 -112.82
CA THR YB 103 -58.20 -39.35 -113.30
C THR YB 103 -57.32 -40.23 -112.42
N LEU YB 104 -57.61 -40.33 -111.13
CA LEU YB 104 -56.86 -41.27 -110.29
C LEU YB 104 -57.12 -42.70 -110.75
N ILE YB 105 -58.37 -43.03 -111.06
CA ILE YB 105 -58.67 -44.35 -111.61
C ILE YB 105 -57.84 -44.60 -112.88
N ALA YB 106 -57.86 -43.63 -113.80
CA ALA YB 106 -57.11 -43.76 -115.04
C ALA YB 106 -55.62 -43.99 -114.79
N TRP YB 107 -55.06 -43.24 -113.84
CA TRP YB 107 -53.65 -43.39 -113.51
C TRP YB 107 -53.35 -44.79 -112.99
N LEU YB 108 -54.16 -45.26 -112.04
CA LEU YB 108 -54.00 -46.61 -111.50
C LEU YB 108 -54.12 -47.67 -112.57
N GLY YB 109 -54.72 -47.34 -113.72
CA GLY YB 109 -54.70 -48.24 -114.86
C GLY YB 109 -53.36 -48.39 -115.57
N GLN YB 110 -52.55 -47.34 -115.57
CA GLN YB 110 -51.42 -47.23 -116.49
C GLN YB 110 -50.27 -48.16 -116.11
N GLN YB 111 -49.42 -48.43 -117.11
CA GLN YB 111 -48.27 -49.31 -116.90
C GLN YB 111 -47.27 -48.70 -115.95
N CYS YB 112 -47.01 -47.39 -116.09
CA CYS YB 112 -46.03 -46.73 -115.23
C CYS YB 112 -46.41 -46.83 -113.76
N VAL YB 113 -47.67 -47.14 -113.46
CA VAL YB 113 -48.11 -47.39 -112.09
C VAL YB 113 -48.14 -48.87 -111.78
N SER YB 114 -48.58 -49.70 -112.72
CA SER YB 114 -48.69 -51.13 -112.44
C SER YB 114 -47.31 -51.77 -112.25
N ASP YB 115 -46.33 -51.38 -113.06
CA ASP YB 115 -45.01 -51.99 -112.98
C ASP YB 115 -44.38 -51.89 -111.58
N PRO YB 116 -44.35 -50.70 -110.95
CA PRO YB 116 -43.83 -50.69 -109.56
C PRO YB 116 -44.76 -51.32 -108.56
N VAL YB 117 -46.07 -51.06 -108.64
CA VAL YB 117 -47.00 -51.66 -107.68
C VAL YB 117 -47.00 -53.19 -107.82
N ASP YB 118 -47.33 -53.69 -109.01
CA ASP YB 118 -47.54 -55.12 -109.19
C ASP YB 118 -46.25 -55.90 -108.96
N SER YB 119 -45.18 -55.56 -109.68
CA SER YB 119 -43.97 -56.37 -109.69
C SER YB 119 -42.73 -55.68 -109.13
N GLY YB 120 -42.79 -54.39 -108.85
CA GLY YB 120 -41.65 -53.69 -108.29
C GLY YB 120 -40.69 -53.10 -109.29
N LEU YB 121 -41.02 -53.14 -110.58
CA LEU YB 121 -40.19 -52.50 -111.59
C LEU YB 121 -40.36 -50.99 -111.51
N ASN YB 122 -39.27 -50.27 -111.33
CA ASN YB 122 -39.36 -48.82 -111.45
C ASN YB 122 -39.27 -48.41 -112.91
N ASN YB 123 -39.70 -47.18 -113.18
CA ASN YB 123 -39.67 -46.69 -114.54
C ASN YB 123 -38.36 -45.99 -114.81
N TYR YB 124 -37.90 -46.10 -116.05
CA TYR YB 124 -36.60 -45.61 -116.44
C TYR YB 124 -36.64 -44.94 -117.79
N MET ZB 1 -87.95 -46.03 -86.90
CA MET ZB 1 -88.22 -45.90 -88.33
C MET ZB 1 -86.96 -46.20 -89.12
N ARG ZB 2 -87.13 -46.89 -90.25
CA ARG ZB 2 -86.04 -47.10 -91.21
C ARG ZB 2 -85.78 -45.79 -91.95
N LEU ZB 3 -84.69 -45.12 -91.63
CA LEU ZB 3 -84.44 -43.80 -92.18
C LEU ZB 3 -84.22 -43.87 -93.67
N THR ZB 4 -84.94 -43.03 -94.41
CA THR ZB 4 -84.69 -42.80 -95.82
C THR ZB 4 -84.93 -41.33 -96.12
N ASP ZB 5 -84.46 -40.91 -97.30
CA ASP ZB 5 -84.63 -39.52 -97.72
C ASP ZB 5 -86.10 -39.14 -97.63
N VAL ZB 6 -86.35 -37.86 -97.34
CA VAL ZB 6 -87.73 -37.39 -97.25
C VAL ZB 6 -87.89 -36.12 -98.08
N ASP ZB 7 -89.14 -35.88 -98.48
CA ASP ZB 7 -89.53 -34.66 -99.16
C ASP ZB 7 -90.65 -34.02 -98.35
N LEU ZB 8 -90.50 -32.73 -98.07
CA LEU ZB 8 -91.42 -31.98 -97.24
C LEU ZB 8 -92.24 -31.02 -98.09
N THR ZB 9 -93.52 -30.93 -97.75
CA THR ZB 9 -94.41 -29.96 -98.38
C THR ZB 9 -94.36 -28.68 -97.55
N VAL ZB 10 -93.87 -27.61 -98.14
CA VAL ZB 10 -93.62 -26.35 -97.42
C VAL ZB 10 -94.40 -25.26 -98.13
N GLY ZB 11 -95.56 -24.91 -97.58
CA GLY ZB 11 -96.42 -23.94 -98.23
C GLY ZB 11 -96.77 -24.42 -99.63
N GLU ZB 12 -96.27 -23.70 -100.64
CA GLU ZB 12 -96.54 -24.04 -102.03
C GLU ZB 12 -95.28 -24.47 -102.77
N GLU ZB 13 -94.28 -24.97 -102.05
CA GLU ZB 13 -93.08 -25.51 -102.66
C GLU ZB 13 -92.79 -26.88 -102.04
N THR ZB 14 -91.89 -27.61 -102.68
CA THR ZB 14 -91.46 -28.90 -102.17
C THR ZB 14 -89.98 -28.86 -101.86
N ARG ZB 15 -89.62 -29.28 -100.66
CA ARG ZB 15 -88.26 -29.24 -100.15
C ARG ZB 15 -87.74 -30.67 -100.07
N GLU ZB 16 -86.60 -30.94 -100.67
CA GLU ZB 16 -86.08 -32.30 -100.77
C GLU ZB 16 -84.84 -32.45 -99.90
N TYR ZB 17 -84.91 -33.30 -98.89
CA TYR ZB 17 -83.75 -33.59 -98.05
C TYR ZB 17 -83.25 -34.99 -98.36
N ALA ZB 18 -81.98 -35.23 -98.03
CA ALA ZB 18 -81.33 -36.52 -98.18
C ALA ZB 18 -80.57 -36.85 -96.91
N VAL ZB 19 -80.58 -38.13 -96.53
CA VAL ZB 19 -79.89 -38.55 -95.33
C VAL ZB 19 -78.41 -38.29 -95.50
N SER ZB 20 -77.82 -37.53 -94.57
CA SER ZB 20 -76.39 -37.24 -94.56
C SER ZB 20 -75.61 -38.01 -93.52
N GLU ZB 21 -76.24 -38.40 -92.40
CA GLU ZB 21 -75.61 -39.39 -91.53
C GLU ZB 21 -76.66 -39.97 -90.58
N GLN ZB 22 -76.44 -41.21 -90.17
CA GLN ZB 22 -77.30 -41.87 -89.19
C GLN ZB 22 -76.43 -42.58 -88.16
N GLN ZB 23 -76.57 -42.18 -86.91
CA GLN ZB 23 -75.92 -42.81 -85.76
C GLN ZB 23 -76.98 -43.42 -84.86
N GLY ZB 24 -76.52 -43.96 -83.72
CA GLY ZB 24 -77.43 -44.69 -82.86
C GLY ZB 24 -78.54 -43.82 -82.32
N THR ZB 25 -78.19 -42.64 -81.81
CA THR ZB 25 -79.15 -41.71 -81.23
C THR ZB 25 -79.25 -40.40 -81.99
N LEU ZB 26 -78.57 -40.28 -83.13
CA LEU ZB 26 -78.50 -39.04 -83.87
C LEU ZB 26 -78.66 -39.32 -85.37
N PHE ZB 27 -79.28 -38.36 -86.06
CA PHE ZB 27 -79.33 -38.40 -87.53
C PHE ZB 27 -79.31 -36.98 -88.08
N ARG ZB 28 -78.93 -36.89 -89.35
CA ARG ZB 28 -78.78 -35.62 -90.04
C ARG ZB 28 -79.18 -35.75 -91.49
N PHE ZB 29 -80.06 -34.84 -91.93
CA PHE ZB 29 -80.47 -34.63 -93.31
C PHE ZB 29 -79.86 -33.34 -93.85
N VAL ZB 30 -79.70 -33.31 -95.17
CA VAL ZB 30 -79.18 -32.15 -95.89
C VAL ZB 30 -80.11 -31.82 -97.06
N ASP ZB 31 -80.34 -30.52 -97.30
CA ASP ZB 31 -81.17 -30.08 -98.42
C ASP ZB 31 -80.49 -30.44 -99.74
N LYS ZB 32 -81.21 -31.18 -100.60
CA LYS ZB 32 -80.63 -31.68 -101.84
C LYS ZB 32 -80.22 -30.58 -102.81
N SER ZB 33 -80.70 -29.35 -102.60
CA SER ZB 33 -80.37 -28.24 -103.48
C SER ZB 33 -79.01 -27.61 -103.19
N GLY ZB 34 -78.17 -28.25 -102.36
CA GLY ZB 34 -76.98 -27.62 -101.84
C GLY ZB 34 -75.69 -28.35 -102.17
N THR ZB 35 -74.58 -27.66 -101.89
CA THR ZB 35 -73.22 -28.14 -102.09
C THR ZB 35 -72.46 -28.00 -100.77
N VAL ZB 36 -71.34 -28.71 -100.64
CA VAL ZB 36 -70.43 -28.40 -99.53
C VAL ZB 36 -70.04 -26.93 -99.58
N ALA ZB 37 -69.78 -26.41 -100.78
CA ALA ZB 37 -69.38 -25.02 -100.92
C ALA ZB 37 -70.52 -24.09 -100.56
N ASN ZB 38 -71.68 -24.30 -101.16
CA ASN ZB 38 -72.86 -23.48 -100.89
C ASN ZB 38 -73.95 -24.35 -100.30
N ASN ZB 39 -74.04 -24.38 -98.97
CA ASN ZB 39 -75.06 -25.15 -98.29
C ASN ZB 39 -76.37 -24.38 -98.24
N THR ZB 40 -77.47 -25.12 -98.27
CA THR ZB 40 -78.80 -24.53 -98.37
C THR ZB 40 -79.72 -24.92 -97.23
N GLY ZB 41 -79.38 -25.94 -96.45
CA GLY ZB 41 -80.24 -26.34 -95.35
C GLY ZB 41 -79.77 -27.63 -94.72
N VAL ZB 42 -79.89 -27.73 -93.40
CA VAL ZB 42 -79.55 -28.94 -92.67
C VAL ZB 42 -80.57 -29.14 -91.57
N PHE ZB 43 -80.84 -30.40 -91.25
CA PHE ZB 43 -81.68 -30.76 -90.13
C PHE ZB 43 -81.00 -31.89 -89.37
N SER ZB 44 -81.01 -31.80 -88.05
CA SER ZB 44 -80.37 -32.81 -87.22
C SER ZB 44 -81.22 -33.06 -85.99
N LEU ZB 45 -81.22 -34.30 -85.52
CA LEU ZB 45 -81.99 -34.68 -84.34
C LEU ZB 45 -81.20 -35.69 -83.51
N GLU ZB 46 -81.25 -35.54 -82.20
CA GLU ZB 46 -80.56 -36.40 -81.26
C GLU ZB 46 -81.43 -36.66 -80.05
N GLN ZB 47 -81.45 -37.91 -79.58
CA GLN ZB 47 -82.11 -38.25 -78.34
C GLN ZB 47 -81.07 -38.62 -77.29
N ARG ZB 48 -81.15 -37.97 -76.13
CA ARG ZB 48 -80.42 -38.36 -74.94
C ARG ZB 48 -81.44 -39.03 -74.02
N PHE ZB 49 -81.51 -40.35 -74.09
CA PHE ZB 49 -82.31 -41.11 -73.16
C PHE ZB 49 -81.65 -41.04 -71.80
N GLY ZB 50 -82.34 -40.43 -70.84
CA GLY ZB 50 -81.72 -40.12 -69.56
C GLY ZB 50 -81.59 -41.32 -68.65
N ALA ZB 51 -80.95 -41.09 -67.51
CA ALA ZB 51 -80.92 -42.07 -66.44
C ALA ZB 51 -82.35 -42.39 -65.99
N ALA ZB 52 -82.48 -43.49 -65.25
CA ALA ZB 52 -83.81 -43.98 -64.89
C ALA ZB 52 -84.59 -42.96 -64.07
N ASN ZB 53 -83.90 -42.05 -63.37
CA ASN ZB 53 -84.58 -41.01 -62.61
C ASN ZB 53 -84.90 -39.79 -63.47
N SER ZB 54 -84.11 -39.51 -64.49
CA SER ZB 54 -84.22 -38.29 -65.26
C SER ZB 54 -85.22 -38.46 -66.41
N ASN ZB 55 -85.59 -37.32 -66.99
CA ASN ZB 55 -86.37 -37.29 -68.22
C ASN ZB 55 -85.47 -37.55 -69.42
N ARG ZB 56 -86.06 -38.07 -70.49
CA ARG ZB 56 -85.32 -38.17 -71.72
C ARG ZB 56 -85.53 -36.89 -72.53
N LYS ZB 57 -84.51 -36.53 -73.29
CA LYS ZB 57 -84.51 -35.29 -74.06
C LYS ZB 57 -84.35 -35.62 -75.53
N VAL ZB 58 -85.11 -34.93 -76.37
CA VAL ZB 58 -84.94 -35.01 -77.81
C VAL ZB 58 -84.74 -33.59 -78.34
N THR ZB 59 -83.68 -33.39 -79.10
CA THR ZB 59 -83.36 -32.06 -79.60
C THR ZB 59 -83.22 -32.09 -81.11
N MET ZB 60 -83.70 -31.02 -81.75
CA MET ZB 60 -83.64 -30.85 -83.19
C MET ZB 60 -83.09 -29.47 -83.50
N LEU ZB 61 -82.25 -29.42 -84.54
CA LEU ZB 61 -81.71 -28.18 -85.06
C LEU ZB 61 -81.96 -28.12 -86.56
N LEU ZB 62 -82.63 -27.06 -86.99
CA LEU ZB 62 -82.87 -26.77 -88.40
C LEU ZB 62 -82.11 -25.49 -88.74
N THR ZB 63 -81.24 -25.55 -89.75
CA THR ZB 63 -80.44 -24.42 -90.14
C THR ZB 63 -80.65 -24.13 -91.62
N ASP ZB 64 -81.06 -22.88 -91.91
CA ASP ZB 64 -81.25 -22.42 -93.28
C ASP ZB 64 -80.30 -21.25 -93.52
N PRO ZB 65 -79.26 -21.48 -94.31
CA PRO ZB 65 -78.38 -20.38 -94.72
C PRO ZB 65 -78.81 -19.77 -96.04
N VAL ZB 66 -78.60 -18.47 -96.15
CA VAL ZB 66 -78.93 -17.67 -97.33
C VAL ZB 66 -77.75 -16.74 -97.63
N VAL ZB 67 -77.51 -16.53 -98.91
CA VAL ZB 67 -76.52 -15.56 -99.34
C VAL ZB 67 -77.16 -14.19 -99.40
N VAL ZB 68 -76.44 -13.17 -98.93
CA VAL ZB 68 -76.90 -11.80 -98.88
C VAL ZB 68 -75.76 -10.90 -99.33
N LYS ZB 69 -76.06 -9.92 -100.16
CA LYS ZB 69 -75.06 -8.93 -100.54
C LYS ZB 69 -74.75 -8.04 -99.35
N ASP ZB 70 -73.50 -7.63 -99.25
CA ASP ZB 70 -73.03 -6.79 -98.16
C ASP ZB 70 -73.11 -5.31 -98.56
N ALA ZB 71 -73.01 -4.44 -97.55
CA ALA ZB 71 -72.90 -3.01 -97.84
C ALA ZB 71 -71.67 -2.73 -98.69
N SER ZB 72 -70.60 -3.50 -98.50
CA SER ZB 72 -69.41 -3.43 -99.35
C SER ZB 72 -69.62 -4.11 -100.70
N GLY ZB 73 -70.77 -4.72 -100.93
CA GLY ZB 73 -71.02 -5.49 -102.13
C GLY ZB 73 -70.64 -6.95 -102.05
N ALA ZB 74 -69.67 -7.29 -101.18
CA ALA ZB 74 -69.21 -8.66 -101.04
C ALA ZB 74 -70.35 -9.60 -100.69
N ASP ZB 75 -70.24 -10.84 -101.17
CA ASP ZB 75 -71.25 -11.84 -100.88
C ASP ZB 75 -71.00 -12.46 -99.51
N MET ZB 76 -72.05 -12.58 -98.71
CA MET ZB 76 -71.95 -12.96 -97.31
C MET ZB 76 -73.02 -14.00 -97.01
N THR ZB 77 -72.62 -15.14 -96.45
CA THR ZB 77 -73.55 -16.22 -96.14
C THR ZB 77 -74.00 -16.09 -94.69
N ILE ZB 78 -75.32 -16.12 -94.47
CA ILE ZB 78 -75.93 -15.86 -93.18
C ILE ZB 78 -76.86 -17.01 -92.84
N LYS ZB 79 -76.78 -17.51 -91.61
CA LYS ZB 79 -77.57 -18.64 -91.18
C LYS ZB 79 -78.65 -18.18 -90.20
N ALA ZB 80 -79.85 -18.77 -90.34
CA ALA ZB 80 -80.93 -18.65 -89.37
C ALA ZB 80 -81.23 -20.02 -88.79
N ASN ZB 81 -81.45 -20.09 -87.48
CA ASN ZB 81 -81.58 -21.38 -86.82
C ASN ZB 81 -82.92 -21.48 -86.10
N ALA ZB 82 -83.45 -22.70 -86.08
CA ALA ZB 82 -84.58 -23.05 -85.25
C ALA ZB 82 -84.20 -24.31 -84.48
N SER ZB 83 -84.48 -24.31 -83.18
CA SER ZB 83 -84.12 -25.45 -82.34
C SER ZB 83 -85.31 -25.84 -81.48
N VAL ZB 84 -85.65 -27.11 -81.49
CA VAL ZB 84 -86.76 -27.64 -80.70
C VAL ZB 84 -86.20 -28.66 -79.72
N THR ZB 85 -86.73 -28.66 -78.50
CA THR ZB 85 -86.31 -29.61 -77.47
C THR ZB 85 -87.53 -30.12 -76.72
N PHE ZB 86 -87.70 -31.44 -76.71
CA PHE ZB 86 -88.75 -32.12 -75.98
C PHE ZB 86 -88.14 -32.73 -74.73
N SER ZB 87 -88.62 -32.31 -73.56
CA SER ZB 87 -88.28 -32.92 -72.29
C SER ZB 87 -89.46 -33.78 -71.89
N LEU ZB 88 -89.25 -35.10 -71.92
CA LEU ZB 88 -90.32 -36.08 -71.72
C LEU ZB 88 -89.96 -36.98 -70.56
N PRO ZB 89 -90.66 -36.88 -69.44
CA PRO ZB 89 -90.46 -37.80 -68.33
C PRO ZB 89 -90.87 -39.21 -68.71
N LYS ZB 90 -90.24 -40.19 -68.06
CA LYS ZB 90 -90.51 -41.58 -68.42
C LYS ZB 90 -91.95 -41.96 -68.12
N THR ZB 91 -92.48 -41.55 -66.97
CA THR ZB 91 -93.83 -41.91 -66.56
C THR ZB 91 -94.90 -41.24 -67.42
N TYR ZB 92 -94.54 -40.25 -68.22
CA TYR ZB 92 -95.49 -39.58 -69.09
C TYR ZB 92 -95.93 -40.51 -70.22
N PRO ZB 93 -97.22 -40.60 -70.53
CA PRO ZB 93 -97.67 -41.61 -71.51
C PRO ZB 93 -97.43 -41.18 -72.96
N ASN ZB 94 -97.02 -42.17 -73.77
CA ASN ZB 94 -96.70 -41.92 -75.16
C ASN ZB 94 -97.84 -41.22 -75.90
N GLU ZB 95 -99.09 -41.52 -75.53
CA GLU ZB 95 -100.23 -40.88 -76.15
C GLU ZB 95 -100.20 -39.38 -75.97
N HIS ZB 96 -100.12 -38.91 -74.73
CA HIS ZB 96 -100.06 -37.48 -74.47
C HIS ZB 96 -98.81 -36.83 -75.05
N ILE ZB 97 -97.72 -37.60 -75.23
CA ILE ZB 97 -96.57 -37.06 -75.95
C ILE ZB 97 -96.94 -36.71 -77.40
N THR ZB 98 -97.56 -37.66 -78.11
CA THR ZB 98 -97.97 -37.35 -79.49
C THR ZB 98 -98.90 -36.14 -79.51
N LYS ZB 99 -99.80 -36.06 -78.52
CA LYS ZB 99 -100.66 -34.88 -78.37
C LYS ZB 99 -99.83 -33.60 -78.28
N LEU ZB 100 -98.82 -33.59 -77.42
CA LEU ZB 100 -97.95 -32.43 -77.27
C LEU ZB 100 -97.31 -32.03 -78.60
N ARG ZB 101 -96.73 -33.00 -79.31
CA ARG ZB 101 -96.08 -32.69 -80.58
C ARG ZB 101 -97.05 -32.07 -81.58
N GLN ZB 102 -98.25 -32.65 -81.68
CA GLN ZB 102 -99.21 -32.13 -82.65
C GLN ZB 102 -99.68 -30.72 -82.27
N THR ZB 103 -99.93 -30.46 -80.98
CA THR ZB 103 -100.32 -29.11 -80.58
C THR ZB 103 -99.19 -28.12 -80.86
N LEU ZB 104 -97.93 -28.56 -80.76
CA LEU ZB 104 -96.84 -27.65 -81.10
C LEU ZB 104 -96.86 -27.31 -82.59
N ILE ZB 105 -97.08 -28.31 -83.44
CA ILE ZB 105 -97.22 -28.03 -84.87
C ILE ZB 105 -98.34 -27.01 -85.10
N ALA ZB 106 -99.49 -27.24 -84.47
CA ALA ZB 106 -100.63 -26.33 -84.62
C ALA ZB 106 -100.24 -24.90 -84.22
N TRP ZB 107 -99.58 -24.76 -83.07
CA TRP ZB 107 -99.17 -23.44 -82.61
C TRP ZB 107 -98.23 -22.78 -83.60
N LEU ZB 108 -97.24 -23.53 -84.10
CA LEU ZB 108 -96.28 -22.99 -85.05
C LEU ZB 108 -96.95 -22.51 -86.32
N GLY ZB 109 -98.13 -23.06 -86.64
CA GLY ZB 109 -98.90 -22.56 -87.77
C GLY ZB 109 -99.61 -21.23 -87.54
N GLN ZB 110 -99.90 -20.91 -86.28
CA GLN ZB 110 -100.77 -19.80 -85.93
C GLN ZB 110 -100.13 -18.45 -86.27
N GLN ZB 111 -100.99 -17.45 -86.45
CA GLN ZB 111 -100.49 -16.12 -86.78
C GLN ZB 111 -99.84 -15.45 -85.58
N CYS ZB 112 -100.35 -15.70 -84.36
CA CYS ZB 112 -99.74 -15.11 -83.17
C CYS ZB 112 -98.31 -15.60 -82.98
N VAL ZB 113 -97.96 -16.73 -83.58
CA VAL ZB 113 -96.60 -17.22 -83.54
C VAL ZB 113 -95.81 -16.77 -84.77
N SER ZB 114 -96.46 -16.78 -85.95
CA SER ZB 114 -95.73 -16.45 -87.17
C SER ZB 114 -95.35 -14.97 -87.22
N ASP ZB 115 -96.25 -14.08 -86.80
CA ASP ZB 115 -95.97 -12.64 -86.88
C ASP ZB 115 -94.70 -12.24 -86.14
N PRO ZB 116 -94.46 -12.63 -84.88
CA PRO ZB 116 -93.17 -12.28 -84.27
C PRO ZB 116 -92.00 -13.03 -84.87
N VAL ZB 117 -92.16 -14.32 -85.17
CA VAL ZB 117 -91.07 -15.10 -85.75
C VAL ZB 117 -90.71 -14.56 -87.14
N ASP ZB 118 -91.70 -14.46 -88.02
CA ASP ZB 118 -91.42 -14.13 -89.42
C ASP ZB 118 -91.03 -12.67 -89.59
N SER ZB 119 -91.77 -11.75 -88.97
CA SER ZB 119 -91.62 -10.33 -89.26
C SER ZB 119 -91.10 -9.51 -88.08
N GLY ZB 120 -90.94 -10.11 -86.90
CA GLY ZB 120 -90.45 -9.36 -85.76
C GLY ZB 120 -91.45 -8.44 -85.10
N LEU ZB 121 -92.72 -8.53 -85.47
CA LEU ZB 121 -93.76 -7.72 -84.83
C LEU ZB 121 -94.34 -8.48 -83.65
N ASN ZB 122 -94.45 -7.81 -82.51
CA ASN ZB 122 -95.07 -8.43 -81.35
C ASN ZB 122 -96.59 -8.35 -81.43
N ASN ZB 123 -97.24 -9.16 -80.60
CA ASN ZB 123 -98.69 -9.18 -80.57
C ASN ZB 123 -99.20 -8.16 -79.55
N TYR ZB 124 -100.50 -7.86 -79.66
CA TYR ZB 124 -101.14 -6.85 -78.82
C TYR ZB 124 -102.63 -7.13 -78.57
N MET AC 1 -94.43 45.51 -82.15
CA MET AC 1 -94.61 46.38 -83.30
C MET AC 1 -93.38 46.36 -84.21
N ARG AC 2 -93.61 46.31 -85.53
CA ARG AC 2 -92.51 46.46 -86.47
C ARG AC 2 -91.94 47.86 -86.37
N LEU AC 3 -90.69 47.96 -85.94
CA LEU AC 3 -90.08 49.24 -85.66
C LEU AC 3 -89.95 50.08 -86.91
N THR AC 4 -90.18 51.38 -86.75
CA THR AC 4 -89.96 52.36 -87.81
C THR AC 4 -89.41 53.62 -87.17
N ASP AC 5 -88.71 54.43 -87.97
CA ASP AC 5 -88.26 55.71 -87.48
C ASP AC 5 -89.43 56.47 -86.88
N VAL AC 6 -89.14 57.31 -85.89
CA VAL AC 6 -90.20 57.91 -85.08
C VAL AC 6 -90.04 59.42 -85.14
N ASP AC 7 -91.17 60.12 -85.26
CA ASP AC 7 -91.19 61.58 -85.20
C ASP AC 7 -92.10 61.98 -84.05
N LEU AC 8 -91.53 62.71 -83.10
CA LEU AC 8 -92.23 63.14 -81.89
C LEU AC 8 -92.53 64.62 -81.96
N THR AC 9 -93.73 64.99 -81.53
CA THR AC 9 -94.06 66.40 -81.37
C THR AC 9 -93.74 66.79 -79.93
N VAL AC 10 -92.83 67.75 -79.77
CA VAL AC 10 -92.29 68.11 -78.46
C VAL AC 10 -92.54 69.59 -78.25
N GLY AC 11 -93.51 69.93 -77.42
CA GLY AC 11 -93.88 71.31 -77.24
C GLY AC 11 -94.26 71.92 -78.57
N GLU AC 12 -93.43 72.83 -79.07
CA GLU AC 12 -93.72 73.50 -80.32
C GLU AC 12 -92.67 73.21 -81.37
N GLU AC 13 -91.92 72.11 -81.20
CA GLU AC 13 -90.92 71.68 -82.15
C GLU AC 13 -91.20 70.22 -82.51
N THR AC 14 -90.53 69.72 -83.53
CA THR AC 14 -90.65 68.31 -83.92
C THR AC 14 -89.28 67.67 -83.90
N ARG AC 15 -89.17 66.55 -83.19
CA ARG AC 15 -87.93 65.83 -82.98
C ARG AC 15 -87.99 64.51 -83.74
N GLU AC 16 -86.94 64.21 -84.51
CA GLU AC 16 -86.93 63.04 -85.38
C GLU AC 16 -85.85 62.07 -84.92
N TYR AC 17 -86.27 60.84 -84.64
CA TYR AC 17 -85.40 59.75 -84.22
C TYR AC 17 -85.39 58.66 -85.29
N ALA AC 18 -84.26 57.95 -85.35
CA ALA AC 18 -84.08 56.84 -86.27
C ALA AC 18 -83.63 55.60 -85.50
N VAL AC 19 -84.08 54.43 -85.96
CA VAL AC 19 -83.73 53.18 -85.32
C VAL AC 19 -82.23 52.95 -85.43
N SER AC 20 -81.57 52.71 -84.29
CA SER AC 20 -80.15 52.41 -84.25
C SER AC 20 -79.84 50.94 -84.02
N GLU AC 21 -80.58 50.26 -83.14
CA GLU AC 21 -80.43 48.81 -83.08
C GLU AC 21 -81.67 48.20 -82.45
N GLN AC 22 -81.94 46.94 -82.81
CA GLN AC 22 -83.08 46.21 -82.25
C GLN AC 22 -82.64 44.79 -81.92
N GLN AC 23 -82.80 44.40 -80.66
CA GLN AC 23 -82.54 43.06 -80.19
C GLN AC 23 -83.87 42.42 -79.82
N GLY AC 24 -83.80 41.23 -79.25
CA GLY AC 24 -85.02 40.50 -78.91
C GLY AC 24 -85.88 41.27 -77.93
N THR AC 25 -85.26 41.80 -76.88
CA THR AC 25 -85.97 42.53 -75.82
C THR AC 25 -85.43 43.94 -75.62
N LEU AC 26 -84.68 44.46 -76.59
CA LEU AC 26 -84.07 45.78 -76.45
C LEU AC 26 -84.09 46.51 -77.79
N PHE AC 27 -84.26 47.83 -77.75
CA PHE AC 27 -84.10 48.65 -78.93
C PHE AC 27 -83.54 50.02 -78.55
N ARG AC 28 -82.99 50.68 -79.56
CA ARG AC 28 -82.35 51.98 -79.39
C ARG AC 28 -82.57 52.84 -80.62
N PHE AC 29 -83.05 54.06 -80.38
CA PHE AC 29 -83.18 55.14 -81.34
C PHE AC 29 -82.14 56.22 -81.09
N VAL AC 30 -81.78 56.93 -82.16
CA VAL AC 30 -80.86 58.05 -82.11
C VAL AC 30 -81.53 59.28 -82.73
N ASP AC 31 -81.28 60.46 -82.14
CA ASP AC 31 -81.80 61.71 -82.69
C ASP AC 31 -81.11 62.00 -84.02
N LYS AC 32 -81.92 62.18 -85.07
CA LYS AC 32 -81.39 62.46 -86.40
C LYS AC 32 -80.62 63.76 -86.48
N SER AC 33 -80.69 64.61 -85.45
CA SER AC 33 -79.93 65.85 -85.42
C SER AC 33 -78.43 65.63 -85.33
N GLY AC 34 -77.99 64.41 -84.98
CA GLY AC 34 -76.64 64.18 -84.56
C GLY AC 34 -75.87 63.18 -85.43
N THR AC 35 -74.57 63.13 -85.18
CA THR AC 35 -73.60 62.26 -85.82
C THR AC 35 -73.13 61.21 -84.81
N VAL AC 36 -72.51 60.14 -85.33
CA VAL AC 36 -71.65 59.31 -84.50
C VAL AC 36 -70.71 60.19 -83.70
N ALA AC 37 -70.04 61.14 -84.37
CA ALA AC 37 -69.11 62.04 -83.71
C ALA AC 37 -69.80 62.88 -82.65
N ASN AC 38 -70.76 63.71 -83.06
CA ASN AC 38 -71.49 64.57 -82.15
C ASN AC 38 -72.93 64.07 -82.04
N ASN AC 39 -73.30 63.63 -80.84
CA ASN AC 39 -74.62 63.07 -80.59
C ASN AC 39 -75.54 64.10 -79.96
N THR AC 40 -76.79 64.13 -80.43
CA THR AC 40 -77.79 65.06 -79.92
C THR AC 40 -78.84 64.41 -79.01
N GLY AC 41 -78.99 63.08 -79.06
CA GLY AC 41 -79.99 62.44 -78.24
C GLY AC 41 -80.06 60.94 -78.45
N VAL AC 42 -80.40 60.19 -77.41
CA VAL AC 42 -80.52 58.75 -77.50
C VAL AC 42 -81.69 58.28 -76.66
N PHE AC 43 -82.36 57.23 -77.14
CA PHE AC 43 -83.42 56.59 -76.39
C PHE AC 43 -83.25 55.09 -76.48
N SER AC 44 -83.40 54.42 -75.34
CA SER AC 44 -83.23 52.98 -75.28
C SER AC 44 -84.30 52.38 -74.38
N LEU AC 45 -84.78 51.18 -74.75
CA LEU AC 45 -85.81 50.49 -73.99
C LEU AC 45 -85.51 49.00 -73.96
N GLU AC 46 -85.65 48.39 -72.77
CA GLU AC 46 -85.39 46.97 -72.58
C GLU AC 46 -86.43 46.35 -71.64
N GLN AC 47 -86.92 45.17 -72.00
CA GLN AC 47 -87.84 44.42 -71.15
C GLN AC 47 -87.16 43.18 -70.59
N ARG AC 48 -87.44 42.90 -69.32
CA ARG AC 48 -86.89 41.76 -68.59
C ARG AC 48 -88.08 40.99 -68.02
N PHE AC 49 -88.44 39.91 -68.69
CA PHE AC 49 -89.50 39.00 -68.27
C PHE AC 49 -88.92 38.05 -67.22
N GLY AC 50 -89.39 38.14 -65.98
CA GLY AC 50 -88.88 37.32 -64.91
C GLY AC 50 -89.56 35.96 -64.85
N ALA AC 51 -89.34 35.25 -63.74
CA ALA AC 51 -90.07 34.02 -63.51
C ALA AC 51 -91.54 34.32 -63.17
N ALA AC 52 -92.35 33.26 -63.13
CA ALA AC 52 -93.78 33.44 -62.91
C ALA AC 52 -94.10 34.05 -61.54
N ASN AC 53 -93.19 33.93 -60.58
CA ASN AC 53 -93.33 34.64 -59.31
C ASN AC 53 -92.77 36.04 -59.36
N SER AC 54 -91.99 36.37 -60.40
CA SER AC 54 -91.36 37.68 -60.51
C SER AC 54 -92.20 38.62 -61.37
N ASN AC 55 -92.11 39.91 -61.08
CA ASN AC 55 -92.71 40.92 -61.93
C ASN AC 55 -91.84 41.15 -63.14
N ARG AC 56 -92.45 41.24 -64.32
CA ARG AC 56 -91.68 41.67 -65.47
C ARG AC 56 -91.38 43.16 -65.34
N LYS AC 57 -90.25 43.56 -65.89
CA LYS AC 57 -89.77 44.92 -65.72
C LYS AC 57 -89.43 45.52 -67.08
N VAL AC 58 -89.66 46.81 -67.22
CA VAL AC 58 -89.44 47.50 -68.49
C VAL AC 58 -88.74 48.82 -68.18
N THR AC 59 -87.58 49.05 -68.80
CA THR AC 59 -86.79 50.21 -68.45
C THR AC 59 -86.41 51.03 -69.69
N MET AC 60 -86.51 52.34 -69.55
CA MET AC 60 -86.23 53.30 -70.60
C MET AC 60 -85.17 54.28 -70.12
N LEU AC 61 -84.26 54.62 -71.03
CA LEU AC 61 -83.26 55.66 -70.79
C LEU AC 61 -83.29 56.65 -71.94
N LEU AC 62 -83.49 57.92 -71.60
CA LEU AC 62 -83.48 59.03 -72.54
C LEU AC 62 -82.31 59.93 -72.15
N THR AC 63 -81.38 60.13 -73.08
CA THR AC 63 -80.19 60.94 -72.83
C THR AC 63 -80.17 62.11 -73.81
N ASP AC 64 -80.03 63.32 -73.27
CA ASP AC 64 -79.94 64.54 -74.06
C ASP AC 64 -78.64 65.25 -73.73
N PRO AC 65 -77.65 65.18 -74.62
CA PRO AC 65 -76.42 65.95 -74.43
C PRO AC 65 -76.52 67.31 -75.10
N VAL AC 66 -75.89 68.30 -74.46
CA VAL AC 66 -75.85 69.68 -74.92
C VAL AC 66 -74.42 70.18 -74.79
N VAL AC 67 -74.00 71.01 -75.73
CA VAL AC 67 -72.69 71.65 -75.64
C VAL AC 67 -72.85 72.96 -74.89
N VAL AC 68 -72.00 73.15 -73.87
CA VAL AC 68 -72.03 74.31 -73.00
C VAL AC 68 -70.65 74.95 -73.00
N LYS AC 69 -70.62 76.27 -72.81
CA LYS AC 69 -69.37 77.01 -72.68
C LYS AC 69 -68.71 76.69 -71.35
N ASP AC 70 -67.39 76.49 -71.40
CA ASP AC 70 -66.62 76.31 -70.18
C ASP AC 70 -66.46 77.63 -69.44
N ALA AC 71 -66.09 77.55 -68.17
CA ALA AC 71 -65.76 78.76 -67.42
C ALA AC 71 -64.54 79.44 -68.04
N SER AC 72 -63.62 78.66 -68.62
CA SER AC 72 -62.54 79.22 -69.41
C SER AC 72 -62.99 79.63 -70.80
N GLY AC 73 -64.04 79.00 -71.32
CA GLY AC 73 -64.55 79.27 -72.65
C GLY AC 73 -64.53 78.08 -73.59
N ALA AC 74 -63.86 76.99 -73.23
CA ALA AC 74 -63.79 75.82 -74.08
C ALA AC 74 -65.17 75.22 -74.32
N ASP AC 75 -65.27 74.43 -75.38
CA ASP AC 75 -66.50 73.71 -75.68
C ASP AC 75 -66.54 72.41 -74.89
N MET AC 76 -67.63 72.19 -74.17
CA MET AC 76 -67.72 71.02 -73.30
C MET AC 76 -69.11 70.39 -73.46
N THR AC 77 -69.18 69.06 -73.53
CA THR AC 77 -70.46 68.38 -73.72
C THR AC 77 -70.95 67.83 -72.38
N ILE AC 78 -72.23 68.09 -72.08
CA ILE AC 78 -72.85 67.75 -70.82
C ILE AC 78 -74.15 67.00 -71.12
N LYS AC 79 -74.33 65.85 -70.49
CA LYS AC 79 -75.50 65.02 -70.70
C LYS AC 79 -76.47 65.16 -69.53
N ALA AC 80 -77.77 65.10 -69.85
CA ALA AC 80 -78.84 65.01 -68.86
C ALA AC 80 -79.62 63.74 -69.13
N ASN AC 81 -79.93 63.01 -68.07
CA ASN AC 81 -80.52 61.68 -68.20
C ASN AC 81 -81.90 61.66 -67.58
N ALA AC 82 -82.80 60.90 -68.19
CA ALA AC 82 -84.09 60.57 -67.59
C ALA AC 82 -84.32 59.08 -67.78
N SER AC 83 -84.75 58.41 -66.72
CA SER AC 83 -84.93 56.97 -66.79
C SER AC 83 -86.26 56.58 -66.16
N VAL AC 84 -87.01 55.75 -66.85
CA VAL AC 84 -88.31 55.26 -66.38
C VAL AC 84 -88.20 53.75 -66.22
N THR AC 85 -88.87 53.23 -65.19
CA THR AC 85 -88.92 51.78 -64.95
C THR AC 85 -90.33 51.39 -64.54
N PHE AC 86 -90.93 50.49 -65.30
CA PHE AC 86 -92.24 49.93 -65.03
C PHE AC 86 -92.05 48.54 -64.42
N SER AC 87 -92.50 48.38 -63.18
CA SER AC 87 -92.56 47.08 -62.53
C SER AC 87 -94.00 46.59 -62.60
N LEU AC 88 -94.22 45.55 -63.39
CA LEU AC 88 -95.55 45.06 -63.71
C LEU AC 88 -95.65 43.59 -63.33
N PRO AC 89 -96.39 43.26 -62.29
CA PRO AC 89 -96.64 41.85 -61.95
C PRO AC 89 -97.46 41.16 -63.03
N LYS AC 90 -97.30 39.85 -63.11
CA LYS AC 90 -97.92 39.06 -64.16
C LYS AC 90 -99.35 38.65 -63.83
N THR AC 91 -99.88 39.08 -62.68
CA THR AC 91 -101.29 38.96 -62.36
C THR AC 91 -102.03 40.27 -62.53
N TYR AC 92 -101.30 41.33 -62.88
CA TYR AC 92 -101.86 42.66 -63.09
C TYR AC 92 -102.42 42.77 -64.50
N PRO AC 93 -103.62 43.32 -64.68
CA PRO AC 93 -104.23 43.33 -66.01
C PRO AC 93 -103.67 44.41 -66.95
N ASN AC 94 -103.59 44.03 -68.22
CA ASN AC 94 -102.99 44.91 -69.23
C ASN AC 94 -103.72 46.24 -69.30
N GLU AC 95 -105.04 46.22 -69.14
CA GLU AC 95 -105.81 47.46 -69.14
C GLU AC 95 -105.25 48.44 -68.12
N HIS AC 96 -105.09 48.00 -66.87
CA HIS AC 96 -104.61 48.88 -65.84
C HIS AC 96 -103.14 49.26 -66.05
N ILE AC 97 -102.36 48.43 -66.75
CA ILE AC 97 -101.02 48.87 -67.13
C ILE AC 97 -101.11 50.10 -68.07
N THR AC 98 -102.00 50.02 -69.06
CA THR AC 98 -102.19 51.18 -69.95
C THR AC 98 -102.64 52.40 -69.16
N LYS AC 99 -103.59 52.20 -68.24
CA LYS AC 99 -104.03 53.28 -67.35
C LYS AC 99 -102.86 53.89 -66.61
N LEU AC 100 -101.98 53.05 -66.07
CA LEU AC 100 -100.80 53.51 -65.35
C LEU AC 100 -99.91 54.37 -66.24
N ARG AC 101 -99.60 53.87 -67.44
CA ARG AC 101 -98.73 54.62 -68.35
C ARG AC 101 -99.32 55.99 -68.68
N GLN AC 102 -100.63 56.03 -68.92
CA GLN AC 102 -101.24 57.30 -69.28
C GLN AC 102 -101.26 58.27 -68.10
N THR AC 103 -101.55 57.78 -66.88
CA THR AC 103 -101.49 58.65 -65.71
C THR AC 103 -100.08 59.18 -65.50
N LEU AC 104 -99.06 58.38 -65.82
CA LEU AC 104 -97.69 58.86 -65.72
C LEU AC 104 -97.43 60.00 -66.70
N ILE AC 105 -97.91 59.83 -67.94
CA ILE AC 105 -97.78 60.92 -68.92
C ILE AC 105 -98.43 62.19 -68.41
N ALA AC 106 -99.65 62.06 -67.88
CA ALA AC 106 -100.37 63.21 -67.35
C ALA AC 106 -99.60 63.86 -66.21
N TRP AC 107 -99.06 63.06 -65.31
CA TRP AC 107 -98.29 63.61 -64.19
C TRP AC 107 -97.05 64.34 -64.68
N LEU AC 108 -96.34 63.77 -65.65
CA LEU AC 108 -95.16 64.42 -66.21
C LEU AC 108 -95.52 65.73 -66.88
N GLY AC 109 -96.77 65.90 -67.29
CA GLY AC 109 -97.25 67.18 -67.79
C GLY AC 109 -97.46 68.24 -66.72
N GLN AC 110 -97.72 67.83 -65.49
CA GLN AC 110 -98.20 68.74 -64.45
C GLN AC 110 -97.13 69.76 -64.06
N GLN AC 111 -97.60 70.91 -63.56
CA GLN AC 111 -96.67 71.95 -63.13
C GLN AC 111 -95.94 71.54 -61.85
N CYS AC 112 -96.62 70.82 -60.96
CA CYS AC 112 -95.97 70.40 -59.71
C CYS AC 112 -94.85 69.40 -59.96
N VAL AC 113 -94.88 68.72 -61.09
CA VAL AC 113 -93.74 67.91 -61.52
C VAL AC 113 -92.75 68.75 -62.32
N SER AC 114 -93.24 69.71 -63.09
CA SER AC 114 -92.38 70.50 -63.96
C SER AC 114 -91.43 71.38 -63.17
N ASP AC 115 -91.93 72.07 -62.14
CA ASP AC 115 -91.09 73.03 -61.42
C ASP AC 115 -89.84 72.41 -60.83
N PRO AC 116 -89.89 71.33 -60.06
CA PRO AC 116 -88.62 70.75 -59.57
C PRO AC 116 -87.74 70.20 -60.68
N VAL AC 117 -88.33 69.50 -61.66
CA VAL AC 117 -87.53 68.94 -62.75
C VAL AC 117 -86.91 70.06 -63.58
N ASP AC 118 -87.74 70.94 -64.14
CA ASP AC 118 -87.25 71.89 -65.12
C ASP AC 118 -86.35 72.96 -64.49
N SER AC 119 -86.74 73.47 -63.31
CA SER AC 119 -86.05 74.63 -62.74
C SER AC 119 -85.45 74.40 -61.37
N GLY AC 120 -85.77 73.29 -60.69
CA GLY AC 120 -85.22 73.02 -59.38
C GLY AC 120 -86.01 73.58 -58.22
N LEU AC 121 -87.09 74.32 -58.48
CA LEU AC 121 -87.91 74.84 -57.41
C LEU AC 121 -88.77 73.72 -56.83
N ASN AC 122 -88.78 73.61 -55.50
CA ASN AC 122 -89.70 72.69 -54.85
C ASN AC 122 -91.08 73.32 -54.68
N ASN AC 123 -92.09 72.47 -54.55
CA ASN AC 123 -93.43 72.95 -54.32
C ASN AC 123 -93.66 73.16 -52.83
N TYR AC 124 -94.68 73.97 -52.52
CA TYR AC 124 -94.94 74.33 -51.13
C TYR AC 124 -96.43 74.32 -50.78
N MET BC 1 -88.76 33.29 -93.12
CA MET BC 1 -89.89 34.08 -93.59
C MET BC 1 -89.98 35.39 -92.85
N ARG BC 2 -90.75 36.33 -93.39
CA ARG BC 2 -91.01 37.60 -92.72
C ARG BC 2 -92.18 37.43 -91.77
N LEU BC 3 -91.88 37.49 -90.46
CA LEU BC 3 -92.88 37.22 -89.44
C LEU BC 3 -94.06 38.17 -89.53
N THR BC 4 -95.26 37.60 -89.53
CA THR BC 4 -96.51 38.34 -89.50
C THR BC 4 -97.40 37.67 -88.48
N ASP BC 5 -98.29 38.46 -87.86
CA ASP BC 5 -99.25 37.88 -86.92
C ASP BC 5 -99.99 36.74 -87.58
N VAL BC 6 -100.31 35.71 -86.81
CA VAL BC 6 -100.79 34.45 -87.37
C VAL BC 6 -102.16 34.16 -86.80
N ASP BC 7 -103.03 33.61 -87.65
CA ASP BC 7 -104.34 33.15 -87.21
C ASP BC 7 -104.49 31.67 -87.56
N LEU BC 8 -104.74 30.87 -86.53
CA LEU BC 8 -104.79 29.43 -86.63
C LEU BC 8 -106.23 28.97 -86.53
N THR BC 9 -106.62 28.07 -87.43
CA THR BC 9 -107.94 27.46 -87.36
C THR BC 9 -107.80 26.22 -86.49
N VAL BC 10 -108.42 26.25 -85.31
CA VAL BC 10 -108.28 25.23 -84.30
C VAL BC 10 -109.65 24.59 -84.09
N GLY BC 11 -109.86 23.43 -84.70
CA GLY BC 11 -111.17 22.81 -84.66
C GLY BC 11 -112.19 23.72 -85.28
N GLU BC 12 -113.11 24.24 -84.47
CA GLU BC 12 -114.13 25.14 -84.96
C GLU BC 12 -113.96 26.56 -84.44
N GLU BC 13 -112.77 26.88 -83.96
CA GLU BC 13 -112.49 28.19 -83.41
C GLU BC 13 -111.29 28.77 -84.14
N THR BC 14 -111.02 30.06 -83.94
CA THR BC 14 -109.85 30.70 -84.52
C THR BC 14 -109.04 31.35 -83.42
N ARG BC 15 -107.79 30.90 -83.27
CA ARG BC 15 -106.83 31.49 -82.36
C ARG BC 15 -106.03 32.53 -83.10
N GLU BC 16 -105.71 33.65 -82.44
CA GLU BC 16 -105.05 34.78 -83.08
C GLU BC 16 -103.83 35.20 -82.28
N TYR BC 17 -102.65 34.93 -82.83
CA TYR BC 17 -101.39 35.23 -82.16
C TYR BC 17 -100.72 36.43 -82.82
N ALA BC 18 -100.01 37.19 -81.99
CA ALA BC 18 -99.24 38.35 -82.40
C ALA BC 18 -97.76 38.14 -82.07
N VAL BC 19 -96.90 38.63 -82.96
CA VAL BC 19 -95.46 38.52 -82.76
C VAL BC 19 -95.08 39.27 -81.49
N SER BC 20 -94.39 38.58 -80.58
CA SER BC 20 -93.95 39.17 -79.32
C SER BC 20 -92.45 39.35 -79.19
N GLU BC 21 -91.64 38.51 -79.81
CA GLU BC 21 -90.23 38.87 -79.94
C GLU BC 21 -89.58 38.08 -81.08
N GLN BC 22 -88.57 38.71 -81.68
CA GLN BC 22 -87.78 38.11 -82.74
C GLN BC 22 -86.31 38.34 -82.44
N GLN BC 23 -85.56 37.25 -82.25
CA GLN BC 23 -84.12 37.31 -82.07
C GLN BC 23 -83.46 36.75 -83.31
N GLY BC 24 -82.20 36.39 -83.20
CA GLY BC 24 -81.50 35.81 -84.33
C GLY BC 24 -82.12 34.51 -84.74
N THR BC 25 -82.13 33.53 -83.82
CA THR BC 25 -82.61 32.18 -84.09
C THR BC 25 -83.87 31.85 -83.31
N LEU BC 26 -84.48 32.83 -82.63
CA LEU BC 26 -85.61 32.59 -81.76
C LEU BC 26 -86.73 33.57 -82.07
N PHE BC 27 -87.97 33.10 -81.98
CA PHE BC 27 -89.14 33.97 -82.07
C PHE BC 27 -90.20 33.50 -81.09
N ARG BC 28 -91.15 34.41 -80.82
CA ARG BC 28 -92.20 34.16 -79.85
C ARG BC 28 -93.45 34.92 -80.25
N PHE BC 29 -94.55 34.19 -80.35
CA PHE BC 29 -95.90 34.69 -80.55
C PHE BC 29 -96.70 34.61 -79.25
N VAL BC 30 -97.77 35.38 -79.20
CA VAL BC 30 -98.57 35.53 -77.99
C VAL BC 30 -100.05 35.58 -78.37
N ASP BC 31 -100.90 34.87 -77.61
CA ASP BC 31 -102.34 34.87 -77.89
C ASP BC 31 -102.93 36.26 -77.68
N LYS BC 32 -103.47 36.83 -78.76
CA LYS BC 32 -104.01 38.19 -78.69
C LYS BC 32 -105.14 38.28 -77.67
N SER BC 33 -105.89 37.21 -77.48
CA SER BC 33 -107.05 37.17 -76.60
C SER BC 33 -106.68 37.22 -75.12
N GLY BC 34 -105.41 37.42 -74.79
CA GLY BC 34 -105.00 37.41 -73.39
C GLY BC 34 -105.28 38.75 -72.74
N THR BC 35 -105.82 38.70 -71.53
CA THR BC 35 -106.09 39.91 -70.75
C THR BC 35 -104.98 40.21 -69.75
N VAL BC 36 -104.39 39.18 -69.17
CA VAL BC 36 -103.31 39.32 -68.22
C VAL BC 36 -102.13 38.49 -68.70
N ALA BC 37 -100.95 38.81 -68.18
CA ALA BC 37 -99.77 38.02 -68.50
C ALA BC 37 -99.99 36.54 -68.22
N ASN BC 38 -100.50 36.21 -67.02
CA ASN BC 38 -100.76 34.81 -66.67
C ASN BC 38 -101.93 34.24 -67.46
N ASN BC 39 -102.90 35.07 -67.82
CA ASN BC 39 -103.99 34.64 -68.69
C ASN BC 39 -103.48 34.22 -70.06
N THR BC 40 -102.36 34.78 -70.50
CA THR BC 40 -101.98 34.79 -71.91
C THR BC 40 -101.21 33.54 -72.32
N GLY BC 41 -101.71 32.84 -73.32
CA GLY BC 41 -100.97 31.74 -73.91
C GLY BC 41 -99.85 32.23 -74.82
N VAL BC 42 -98.84 31.38 -75.00
CA VAL BC 42 -97.66 31.78 -75.76
C VAL BC 42 -97.14 30.61 -76.57
N PHE BC 43 -96.36 30.94 -77.61
CA PHE BC 43 -95.70 29.95 -78.45
C PHE BC 43 -94.33 30.46 -78.84
N SER BC 44 -93.32 29.64 -78.65
CA SER BC 44 -91.95 30.06 -78.89
C SER BC 44 -91.22 28.97 -79.68
N LEU BC 45 -90.27 29.40 -80.51
CA LEU BC 45 -89.47 28.48 -81.31
C LEU BC 45 -88.04 29.00 -81.41
N GLU BC 46 -87.09 28.07 -81.35
CA GLU BC 46 -85.66 28.39 -81.38
C GLU BC 46 -84.93 27.31 -82.14
N GLN BC 47 -84.03 27.72 -83.03
CA GLN BC 47 -83.16 26.79 -83.74
C GLN BC 47 -81.73 26.92 -83.21
N ARG BC 48 -81.10 25.77 -83.00
CA ARG BC 48 -79.72 25.66 -82.54
C ARG BC 48 -78.98 24.87 -83.62
N PHE BC 49 -78.27 25.61 -84.47
CA PHE BC 49 -77.46 25.02 -85.52
C PHE BC 49 -76.12 24.60 -84.94
N GLY BC 50 -75.77 23.32 -85.09
CA GLY BC 50 -74.55 22.79 -84.51
C GLY BC 50 -73.36 22.88 -85.45
N ALA BC 51 -72.26 22.26 -85.03
CA ALA BC 51 -71.12 22.09 -85.92
C ALA BC 51 -71.47 21.10 -87.03
N ALA BC 52 -70.52 20.91 -87.96
CA ALA BC 52 -70.81 20.05 -89.11
C ALA BC 52 -70.98 18.58 -88.70
N ASN BC 53 -70.38 18.17 -87.59
CA ASN BC 53 -70.59 16.82 -87.07
C ASN BC 53 -71.85 16.71 -86.24
N SER BC 54 -72.47 17.85 -85.90
CA SER BC 54 -73.67 17.86 -85.08
C SER BC 54 -74.93 17.87 -85.96
N ASN BC 55 -76.07 17.62 -85.31
CA ASN BC 55 -77.37 17.80 -85.93
C ASN BC 55 -77.92 19.14 -85.48
N ARG BC 56 -78.57 19.86 -86.39
CA ARG BC 56 -79.27 21.06 -85.96
C ARG BC 56 -80.54 20.63 -85.22
N LYS BC 57 -80.93 21.43 -84.24
CA LYS BC 57 -82.07 21.12 -83.41
C LYS BC 57 -83.04 22.30 -83.43
N VAL BC 58 -84.33 22.02 -83.60
CA VAL BC 58 -85.35 23.06 -83.53
C VAL BC 58 -86.31 22.67 -82.42
N THR BC 59 -86.59 23.62 -81.53
CA THR BC 59 -87.44 23.36 -80.39
C THR BC 59 -88.58 24.37 -80.35
N MET BC 60 -89.76 23.90 -79.95
CA MET BC 60 -90.95 24.71 -79.82
C MET BC 60 -91.60 24.43 -78.48
N LEU BC 61 -92.09 25.49 -77.86
CA LEU BC 61 -92.87 25.40 -76.64
C LEU BC 61 -94.19 26.14 -76.81
N LEU BC 62 -95.29 25.45 -76.51
CA LEU BC 62 -96.64 25.99 -76.55
C LEU BC 62 -97.20 25.92 -75.14
N THR BC 63 -97.60 27.08 -74.60
CA THR BC 63 -98.12 27.19 -73.25
C THR BC 63 -99.54 27.73 -73.30
N ASP BC 64 -100.49 27.00 -72.71
CA ASP BC 64 -101.90 27.37 -72.69
C ASP BC 64 -102.41 27.37 -71.26
N PRO BC 65 -102.39 28.52 -70.59
CA PRO BC 65 -102.97 28.61 -69.25
C PRO BC 65 -104.48 28.79 -69.28
N VAL BC 66 -105.12 28.33 -68.19
CA VAL BC 66 -106.57 28.43 -68.00
C VAL BC 66 -106.84 28.80 -66.54
N VAL BC 67 -107.96 29.49 -66.31
CA VAL BC 67 -108.34 29.90 -64.95
C VAL BC 67 -109.28 28.86 -64.35
N VAL BC 68 -108.94 28.38 -63.15
CA VAL BC 68 -109.76 27.42 -62.41
C VAL BC 68 -110.15 28.00 -61.06
N MET BC 76 -107.24 30.57 -59.25
CA MET BC 76 -105.94 30.05 -59.66
C MET BC 76 -105.87 29.81 -61.18
N THR BC 77 -104.70 30.04 -61.77
CA THR BC 77 -104.45 29.77 -63.19
C THR BC 77 -103.44 28.64 -63.33
N ILE BC 78 -103.79 27.66 -64.16
CA ILE BC 78 -103.05 26.42 -64.34
C ILE BC 78 -102.54 26.38 -65.77
N LYS BC 79 -101.26 26.03 -65.94
CA LYS BC 79 -100.60 26.05 -67.24
C LYS BC 79 -100.29 24.63 -67.71
N ALA BC 80 -100.56 24.36 -68.99
CA ALA BC 80 -100.20 23.10 -69.64
C ALA BC 80 -99.29 23.38 -70.83
N ASN BC 81 -98.31 22.49 -71.02
CA ASN BC 81 -97.26 22.73 -72.00
C ASN BC 81 -97.22 21.59 -73.02
N ALA BC 82 -96.98 21.96 -74.28
CA ALA BC 82 -96.57 21.02 -75.30
C ALA BC 82 -95.23 21.48 -75.83
N SER BC 83 -94.31 20.53 -75.99
CA SER BC 83 -92.97 20.87 -76.47
C SER BC 83 -92.57 19.90 -77.56
N VAL BC 84 -92.18 20.42 -78.72
CA VAL BC 84 -91.74 19.63 -79.85
C VAL BC 84 -90.26 19.92 -80.09
N THR BC 85 -89.50 18.89 -80.47
CA THR BC 85 -88.09 19.03 -80.78
C THR BC 85 -87.75 18.18 -81.99
N PHE BC 86 -87.22 18.83 -83.02
CA PHE BC 86 -86.79 18.19 -84.25
C PHE BC 86 -85.27 18.11 -84.24
N SER BC 87 -84.73 16.89 -84.24
CA SER BC 87 -83.29 16.66 -84.38
C SER BC 87 -83.04 16.23 -85.83
N LEU BC 88 -82.35 17.08 -86.57
CA LEU BC 88 -82.19 16.94 -88.01
C LEU BC 88 -80.71 16.94 -88.36
N PRO BC 89 -80.16 15.82 -88.82
CA PRO BC 89 -78.79 15.82 -89.32
C PRO BC 89 -78.68 16.61 -90.60
N LYS BC 90 -77.51 17.21 -90.80
CA LYS BC 90 -77.37 18.12 -91.94
C LYS BC 90 -77.42 17.38 -93.27
N THR BC 91 -76.81 16.19 -93.35
CA THR BC 91 -76.85 15.40 -94.56
C THR BC 91 -78.25 14.93 -94.92
N TYR BC 92 -79.18 14.96 -93.96
CA TYR BC 92 -80.55 14.50 -94.20
C TYR BC 92 -81.27 15.46 -95.14
N PRO BC 93 -82.03 14.95 -96.12
CA PRO BC 93 -82.57 15.84 -97.18
C PRO BC 93 -83.81 16.62 -96.75
N ASN BC 94 -83.83 17.89 -97.17
CA ASN BC 94 -84.90 18.80 -96.79
C ASN BC 94 -86.27 18.25 -97.16
N GLU BC 95 -86.37 17.55 -98.29
CA GLU BC 95 -87.66 16.98 -98.68
C GLU BC 95 -88.17 16.00 -97.64
N HIS BC 96 -87.33 15.04 -97.23
CA HIS BC 96 -87.74 14.10 -96.19
C HIS BC 96 -88.00 14.77 -94.85
N ILE BC 97 -87.37 15.93 -94.58
CA ILE BC 97 -87.74 16.67 -93.36
C ILE BC 97 -89.18 17.18 -93.45
N THR BC 98 -89.53 17.81 -94.59
CA THR BC 98 -90.92 18.26 -94.76
C THR BC 98 -91.87 17.08 -94.57
N LYS BC 99 -91.51 15.92 -95.12
CA LYS BC 99 -92.30 14.70 -94.90
C LYS BC 99 -92.46 14.39 -93.42
N LEU BC 100 -91.35 14.39 -92.67
CA LEU BC 100 -91.40 14.08 -91.25
C LEU BC 100 -92.37 15.01 -90.52
N ARG BC 101 -92.26 16.32 -90.75
CA ARG BC 101 -93.15 17.27 -90.09
C ARG BC 101 -94.61 16.96 -90.40
N GLN BC 102 -94.92 16.71 -91.67
CA GLN BC 102 -96.31 16.47 -92.03
C GLN BC 102 -96.85 15.20 -91.37
N THR BC 103 -96.03 14.14 -91.32
CA THR BC 103 -96.49 12.91 -90.68
C THR BC 103 -96.67 13.09 -89.18
N LEU BC 104 -95.88 13.95 -88.54
CA LEU BC 104 -96.13 14.24 -87.14
C LEU BC 104 -97.48 14.93 -86.95
N ILE BC 105 -97.80 15.87 -87.83
CA ILE BC 105 -99.12 16.49 -87.80
C ILE BC 105 -100.21 15.42 -87.91
N ALA BC 106 -100.08 14.54 -88.89
CA ALA BC 106 -101.06 13.47 -89.09
C ALA BC 106 -101.21 12.61 -87.84
N TRP BC 107 -100.08 12.25 -87.22
CA TRP BC 107 -100.13 11.44 -86.02
C TRP BC 107 -100.87 12.15 -84.90
N LEU BC 108 -100.53 13.41 -84.66
CA LEU BC 108 -101.21 14.20 -83.63
C LEU BC 108 -102.70 14.32 -83.90
N GLY BC 109 -103.14 14.08 -85.13
CA GLY BC 109 -104.55 13.98 -85.42
C GLY BC 109 -105.26 12.75 -84.90
N GLN BC 110 -104.55 11.62 -84.81
CA GLN BC 110 -105.18 10.30 -84.67
C GLN BC 110 -105.75 10.08 -83.27
N GLN BC 111 -106.69 9.13 -83.19
CA GLN BC 111 -107.32 8.82 -81.91
C GLN BC 111 -106.34 8.21 -80.94
N CYS BC 112 -105.48 7.31 -81.43
CA CYS BC 112 -104.52 6.66 -80.54
C CYS BC 112 -103.60 7.66 -79.85
N VAL BC 113 -103.51 8.88 -80.37
CA VAL BC 113 -102.76 9.95 -79.74
C VAL BC 113 -103.67 10.85 -78.92
N SER BC 114 -104.87 11.15 -79.42
CA SER BC 114 -105.76 12.06 -78.69
C SER BC 114 -106.24 11.45 -77.40
N ASP BC 115 -106.58 10.15 -77.39
CA ASP BC 115 -107.12 9.52 -76.20
C ASP BC 115 -106.19 9.64 -74.98
N PRO BC 116 -104.89 9.33 -75.10
CA PRO BC 116 -104.03 9.56 -73.92
C PRO BC 116 -103.76 11.03 -73.65
N VAL BC 117 -103.49 11.84 -74.67
CA VAL BC 117 -103.23 13.26 -74.46
C VAL BC 117 -104.47 13.95 -73.88
N ASP BC 118 -105.59 13.89 -74.60
CA ASP BC 118 -106.76 14.67 -74.22
C ASP BC 118 -107.33 14.20 -72.88
N SER BC 119 -107.65 12.91 -72.77
CA SER BC 119 -108.38 12.43 -71.61
C SER BC 119 -107.63 11.42 -70.75
N GLY BC 120 -106.46 10.96 -71.17
CA GLY BC 120 -105.69 10.03 -70.39
C GLY BC 120 -105.99 8.56 -70.61
N LEU BC 121 -106.82 8.23 -71.60
CA LEU BC 121 -107.08 6.83 -71.93
C LEU BC 121 -105.87 6.26 -72.66
N ASN BC 122 -105.32 5.18 -72.13
CA ASN BC 122 -104.29 4.47 -72.89
C ASN BC 122 -104.94 3.54 -73.90
N ASN BC 123 -104.15 3.14 -74.88
CA ASN BC 123 -104.66 2.25 -75.91
C ASN BC 123 -104.44 0.80 -75.49
N TYR BC 124 -105.38 -0.04 -75.91
CA TYR BC 124 -105.39 -1.44 -75.48
C TYR BC 124 -105.76 -2.35 -76.62
N MET CC 1 -81.42 50.30 -91.56
CA MET CC 1 -82.23 49.78 -92.66
C MET CC 1 -83.10 48.64 -92.18
N ARG CC 2 -84.34 48.59 -92.67
CA ARG CC 2 -85.23 47.44 -92.43
C ARG CC 2 -84.75 46.26 -93.29
N LEU CC 3 -84.15 45.28 -92.66
CA LEU CC 3 -83.52 44.20 -93.41
C LEU CC 3 -84.58 43.38 -94.12
N THR CC 4 -84.34 43.16 -95.42
CA THR CC 4 -85.11 42.21 -96.21
C THR CC 4 -84.18 41.53 -97.19
N ASP CC 5 -84.67 40.43 -97.77
CA ASP CC 5 -83.89 39.68 -98.74
C ASP CC 5 -83.39 40.62 -99.84
N VAL CC 6 -82.22 40.31 -100.39
CA VAL CC 6 -81.66 41.14 -101.45
C VAL CC 6 -81.24 40.25 -102.62
N ASP CC 7 -81.19 40.88 -103.79
CA ASP CC 7 -80.67 40.26 -105.00
C ASP CC 7 -79.55 41.14 -105.53
N LEU CC 8 -78.41 40.52 -105.82
CA LEU CC 8 -77.22 41.22 -106.26
C LEU CC 8 -76.98 40.97 -107.74
N THR CC 9 -76.55 42.02 -108.43
CA THR CC 9 -76.14 41.91 -109.82
C THR CC 9 -74.65 41.63 -109.84
N VAL CC 10 -74.27 40.45 -110.34
CA VAL CC 10 -72.89 39.99 -110.29
C VAL CC 10 -72.44 39.70 -111.71
N GLY CC 11 -71.70 40.64 -112.31
CA GLY CC 11 -71.32 40.51 -113.69
C GLY CC 11 -72.54 40.35 -114.56
N GLU CC 12 -72.71 39.18 -115.16
CA GLU CC 12 -73.85 38.91 -116.03
C GLU CC 12 -74.77 37.85 -115.46
N GLU CC 13 -74.77 37.68 -114.14
CA GLU CC 13 -75.71 36.78 -113.47
C GLU CC 13 -76.36 37.51 -112.31
N THR CC 14 -77.42 36.92 -111.78
CA THR CC 14 -78.11 37.47 -110.62
C THR CC 14 -78.02 36.49 -109.46
N ARG CC 15 -77.59 36.99 -108.32
CA ARG CC 15 -77.36 36.20 -107.12
C ARG CC 15 -78.43 36.56 -106.09
N GLU CC 16 -79.14 35.56 -105.58
CA GLU CC 16 -80.28 35.81 -104.71
C GLU CC 16 -79.96 35.35 -103.29
N TYR CC 17 -79.92 36.29 -102.35
CA TYR CC 17 -79.72 35.96 -100.95
C TYR CC 17 -81.03 36.14 -100.19
N ALA CC 18 -81.11 35.47 -99.04
CA ALA CC 18 -82.25 35.56 -98.13
C ALA CC 18 -81.74 35.74 -96.72
N VAL CC 19 -82.47 36.54 -95.94
CA VAL CC 19 -82.07 36.79 -94.56
C VAL CC 19 -82.13 35.49 -93.80
N SER CC 20 -81.01 35.12 -93.17
CA SER CC 20 -80.93 33.93 -92.35
C SER CC 20 -80.91 34.20 -90.86
N GLU CC 21 -80.42 35.36 -90.43
CA GLU CC 21 -80.65 35.79 -89.05
C GLU CC 21 -80.38 37.29 -88.92
N GLN CC 22 -81.06 37.92 -87.98
CA GLN CC 22 -80.83 39.32 -87.68
C GLN CC 22 -80.79 39.51 -86.18
N GLN CC 23 -79.65 39.99 -85.68
CA GLN CC 23 -79.46 40.34 -84.27
C GLN CC 23 -79.22 41.85 -84.16
N GLY CC 24 -78.94 42.28 -82.94
CA GLY CC 24 -78.83 43.72 -82.69
C GLY CC 24 -77.72 44.36 -83.48
N THR CC 25 -76.54 43.75 -83.46
CA THR CC 25 -75.35 44.27 -84.14
C THR CC 25 -74.86 43.35 -85.25
N LEU CC 26 -75.58 42.27 -85.54
CA LEU CC 26 -75.13 41.25 -86.48
C LEU CC 26 -76.29 40.83 -87.38
N PHE CC 27 -75.97 40.49 -88.63
CA PHE CC 27 -76.94 39.88 -89.53
C PHE CC 27 -76.23 38.92 -90.47
N ARG CC 28 -77.03 38.00 -91.03
CA ARG CC 28 -76.53 36.95 -91.90
C ARG CC 28 -77.54 36.66 -93.00
N PHE CC 29 -77.04 36.66 -94.24
CA PHE CC 29 -77.74 36.23 -95.44
C PHE CC 29 -77.19 34.90 -95.93
N VAL CC 30 -78.04 34.14 -96.63
CA VAL CC 30 -77.68 32.86 -97.23
C VAL CC 30 -78.10 32.85 -98.70
N ASP CC 31 -77.26 32.27 -99.56
CA ASP CC 31 -77.58 32.15 -100.99
C ASP CC 31 -78.76 31.23 -101.18
N LYS CC 32 -79.80 31.72 -101.85
CA LYS CC 32 -81.05 30.98 -102.00
C LYS CC 32 -80.89 29.68 -102.80
N SER CC 33 -79.78 29.53 -103.52
CA SER CC 33 -79.55 28.33 -104.32
C SER CC 33 -79.02 27.15 -103.51
N GLY CC 34 -79.05 27.23 -102.17
CA GLY CC 34 -78.35 26.28 -101.34
C GLY CC 34 -79.25 25.53 -100.35
N THR CC 35 -78.66 24.49 -99.76
CA THR CC 35 -79.28 23.64 -98.76
C THR CC 35 -78.39 23.61 -97.52
N VAL CC 36 -78.94 23.18 -96.39
CA VAL CC 36 -78.10 22.87 -95.25
C VAL CC 36 -77.05 21.84 -95.65
N ALA CC 37 -77.47 20.84 -96.43
CA ALA CC 37 -76.54 19.79 -96.86
C ALA CC 37 -75.51 20.34 -97.81
N ASN CC 38 -75.94 21.04 -98.86
CA ASN CC 38 -75.02 21.62 -99.83
C ASN CC 38 -75.19 23.14 -99.81
N ASN CC 39 -74.34 23.82 -99.06
CA ASN CC 39 -74.38 25.27 -98.98
C ASN CC 39 -73.63 25.88 -100.16
N THR CC 40 -74.10 27.04 -100.60
CA THR CC 40 -73.58 27.69 -101.79
C THR CC 40 -73.05 29.10 -101.55
N GLY CC 41 -73.34 29.70 -100.41
CA GLY CC 41 -72.86 31.03 -100.13
C GLY CC 41 -73.46 31.61 -98.87
N VAL CC 42 -72.65 32.35 -98.11
CA VAL CC 42 -73.14 33.03 -96.91
C VAL CC 42 -72.46 34.39 -96.84
N PHE CC 43 -73.19 35.35 -96.28
CA PHE CC 43 -72.64 36.67 -96.00
C PHE CC 43 -73.07 37.07 -94.60
N SER CC 44 -72.13 37.64 -93.85
CA SER CC 44 -72.42 38.04 -92.48
C SER CC 44 -71.72 39.36 -92.19
N LEU CC 45 -72.37 40.18 -91.35
CA LEU CC 45 -71.80 41.49 -90.98
C LEU CC 45 -72.11 41.77 -89.52
N GLU CC 46 -71.13 42.34 -88.83
CA GLU CC 46 -71.24 42.67 -87.42
C GLU CC 46 -70.56 44.02 -87.15
N GLN CC 47 -71.20 44.85 -86.34
CA GLN CC 47 -70.57 46.08 -85.88
C GLN CC 47 -70.28 45.97 -84.39
N ARG CC 48 -69.03 46.24 -84.03
CA ARG CC 48 -68.62 46.44 -82.64
C ARG CC 48 -68.42 47.94 -82.47
N PHE CC 49 -69.46 48.62 -81.99
CA PHE CC 49 -69.35 50.02 -81.63
C PHE CC 49 -68.48 50.11 -80.39
N GLY CC 50 -67.33 50.76 -80.54
CA GLY CC 50 -66.33 50.73 -79.49
C GLY CC 50 -66.65 51.65 -78.33
N ALA CC 51 -65.79 51.58 -77.31
CA ALA CC 51 -65.84 52.53 -76.21
C ALA CC 51 -65.64 53.95 -76.74
N ALA CC 52 -65.99 54.93 -75.90
CA ALA CC 52 -65.98 56.33 -76.36
C ALA CC 52 -64.60 56.77 -76.82
N ASN CC 53 -63.54 56.14 -76.34
CA ASN CC 53 -62.19 56.47 -76.77
C ASN CC 53 -61.80 55.73 -78.05
N SER CC 54 -62.33 54.53 -78.25
CA SER CC 54 -61.90 53.66 -79.34
C SER CC 54 -62.67 53.94 -80.63
N ASN CC 55 -62.15 53.40 -81.72
CA ASN CC 55 -62.86 53.40 -82.99
C ASN CC 55 -63.93 52.31 -83.00
N ARG CC 56 -64.95 52.52 -83.82
CA ARG CC 56 -65.91 51.45 -84.03
C ARG CC 56 -65.45 50.60 -85.22
N LYS CC 57 -65.76 49.32 -85.15
CA LYS CC 57 -65.34 48.36 -86.16
C LYS CC 57 -66.55 47.74 -86.81
N VAL CC 58 -66.50 47.56 -88.13
CA VAL CC 58 -67.52 46.82 -88.86
C VAL CC 58 -66.80 45.73 -89.65
N THR CC 59 -67.25 44.50 -89.50
CA THR CC 59 -66.61 43.37 -90.16
C THR CC 59 -67.64 42.60 -90.98
N MET CC 60 -67.19 42.13 -92.14
CA MET CC 60 -68.01 41.35 -93.06
C MET CC 60 -67.22 40.11 -93.48
N LEU CC 61 -67.94 39.00 -93.57
CA LEU CC 61 -67.39 37.75 -94.07
C LEU CC 61 -68.30 37.22 -95.17
N LEU CC 62 -67.72 36.98 -96.35
CA LEU CC 62 -68.38 36.37 -97.48
C LEU CC 62 -67.72 35.02 -97.74
N THR CC 63 -68.52 33.96 -97.74
CA THR CC 63 -67.99 32.62 -97.95
C THR CC 63 -68.71 31.96 -99.11
N ASP CC 64 -67.93 31.52 -100.09
CA ASP CC 64 -68.45 30.80 -101.26
C ASP CC 64 -67.83 29.42 -101.28
N PRO CC 65 -68.61 28.39 -100.97
CA PRO CC 65 -68.12 27.02 -101.11
C PRO CC 65 -68.49 26.42 -102.46
N VAL CC 66 -67.60 25.57 -102.95
CA VAL CC 66 -67.73 24.89 -104.24
C VAL CC 66 -67.35 23.42 -104.04
N VAL CC 67 -68.04 22.55 -104.75
CA VAL CC 67 -67.69 21.14 -104.76
C VAL CC 67 -66.63 20.91 -105.84
N VAL CC 68 -65.63 20.09 -105.50
CA VAL CC 68 -64.51 19.79 -106.39
C VAL CC 68 -64.23 18.30 -106.29
N LYS CC 69 -64.01 17.65 -107.42
CA LYS CC 69 -63.62 16.26 -107.41
C LYS CC 69 -62.20 16.13 -106.87
N ASP CC 70 -61.95 15.04 -106.15
CA ASP CC 70 -60.65 14.78 -105.55
C ASP CC 70 -59.79 13.93 -106.50
N ALA CC 71 -58.48 13.89 -106.20
CA ALA CC 71 -57.61 12.97 -106.92
C ALA CC 71 -58.07 11.54 -106.75
N SER CC 72 -58.63 11.20 -105.57
CA SER CC 72 -59.26 9.91 -105.33
C SER CC 72 -60.62 9.78 -105.99
N GLY CC 73 -61.13 10.83 -106.63
CA GLY CC 73 -62.46 10.85 -107.20
C GLY CC 73 -63.54 11.31 -106.24
N ALA CC 74 -63.33 11.17 -104.93
CA ALA CC 74 -64.32 11.55 -103.94
C ALA CC 74 -64.68 13.02 -104.08
N ASP CC 75 -65.93 13.34 -103.76
CA ASP CC 75 -66.40 14.71 -103.82
C ASP CC 75 -66.01 15.45 -102.54
N MET CC 76 -65.48 16.67 -102.71
CA MET CC 76 -64.86 17.41 -101.62
C MET CC 76 -65.34 18.86 -101.70
N THR CC 77 -65.88 19.37 -100.61
CA THR CC 77 -66.39 20.74 -100.57
C THR CC 77 -65.31 21.68 -100.04
N ILE CC 78 -65.06 22.76 -100.78
CA ILE CC 78 -63.96 23.68 -100.51
C ILE CC 78 -64.52 25.09 -100.42
N LYS CC 79 -64.10 25.84 -99.41
CA LYS CC 79 -64.60 27.19 -99.18
C LYS CC 79 -63.51 28.20 -99.51
N ALA CC 80 -63.92 29.31 -100.13
CA ALA CC 80 -63.09 30.50 -100.30
C ALA CC 80 -63.73 31.66 -99.57
N ASN CC 81 -62.91 32.46 -98.89
CA ASN CC 81 -63.43 33.49 -98.02
C ASN CC 81 -62.91 34.86 -98.42
N ALA CC 82 -63.76 35.86 -98.23
CA ALA CC 82 -63.38 37.26 -98.33
C ALA CC 82 -63.86 37.95 -97.07
N SER CC 83 -62.99 38.74 -96.45
CA SER CC 83 -63.35 39.43 -95.22
C SER CC 83 -62.95 40.89 -95.32
N VAL CC 84 -63.88 41.77 -94.99
CA VAL CC 84 -63.65 43.21 -95.02
C VAL CC 84 -63.85 43.74 -93.61
N THR CC 85 -63.00 44.70 -93.22
CA THR CC 85 -63.09 45.33 -91.91
C THR CC 85 -62.87 46.83 -92.05
N PHE CC 86 -63.85 47.60 -91.57
CA PHE CC 86 -63.78 49.05 -91.53
C PHE CC 86 -63.48 49.48 -90.11
N SER CC 87 -62.36 50.15 -89.90
CA SER CC 87 -62.03 50.79 -88.64
C SER CC 87 -62.30 52.27 -88.81
N LEU CC 88 -63.32 52.75 -88.11
CA LEU CC 88 -63.82 54.12 -88.28
C LEU CC 88 -63.79 54.83 -86.94
N PRO CC 89 -62.91 55.81 -86.78
CA PRO CC 89 -62.92 56.62 -85.55
C PRO CC 89 -64.18 57.45 -85.45
N LYS CC 90 -64.56 57.76 -84.21
CA LYS CC 90 -65.81 58.48 -84.00
C LYS CC 90 -65.76 59.88 -84.62
N THR CC 91 -64.64 60.58 -84.44
CA THR CC 91 -64.52 61.96 -84.94
C THR CC 91 -64.48 62.02 -86.47
N TYR CC 92 -64.28 60.90 -87.14
CA TYR CC 92 -64.24 60.87 -88.60
C TYR CC 92 -65.64 61.14 -89.17
N PRO CC 93 -65.79 62.00 -90.17
CA PRO CC 93 -67.13 62.38 -90.64
C PRO CC 93 -67.78 61.32 -91.53
N ASN CC 94 -69.08 61.14 -91.32
CA ASN CC 94 -69.84 60.13 -92.06
C ASN CC 94 -69.68 60.30 -93.57
N GLU CC 95 -69.54 61.54 -94.04
CA GLU CC 95 -69.36 61.78 -95.46
C GLU CC 95 -68.10 61.10 -95.99
N HIS CC 96 -66.95 61.38 -95.38
CA HIS CC 96 -65.71 60.75 -95.82
C HIS CC 96 -65.72 59.24 -95.61
N ILE CC 97 -66.53 58.74 -94.67
CA ILE CC 97 -66.70 57.28 -94.56
C ILE CC 97 -67.34 56.72 -95.85
N THR CC 98 -68.46 57.32 -96.28
CA THR CC 98 -69.08 56.84 -97.52
C THR CC 98 -68.09 56.93 -98.68
N LYS CC 99 -67.29 58.01 -98.71
CA LYS CC 99 -66.23 58.13 -99.71
C LYS CC 99 -65.29 56.92 -99.66
N LEU CC 100 -64.83 56.57 -98.47
CA LEU CC 100 -63.93 55.42 -98.31
C LEU CC 100 -64.56 54.15 -98.86
N ARG CC 101 -65.81 53.87 -98.48
CA ARG CC 101 -66.46 52.65 -98.94
C ARG CC 101 -66.56 52.61 -100.48
N GLN CC 102 -66.93 53.74 -101.08
CA GLN CC 102 -67.08 53.74 -102.53
C GLN CC 102 -65.73 53.57 -103.23
N THR CC 103 -64.67 54.23 -102.73
CA THR CC 103 -63.36 54.02 -103.32
C THR CC 103 -62.89 52.57 -103.18
N LEU CC 104 -63.28 51.89 -102.10
CA LEU CC 104 -62.94 50.49 -101.96
C LEU CC 104 -63.64 49.65 -103.03
N ILE CC 105 -64.92 49.93 -103.26
CA ILE CC 105 -65.63 49.23 -104.35
C ILE CC 105 -64.90 49.44 -105.67
N ALA CC 106 -64.54 50.70 -105.96
CA ALA CC 106 -63.85 51.02 -107.19
C ALA CC 106 -62.56 50.22 -107.32
N TRP CC 107 -61.76 50.20 -106.24
CA TRP CC 107 -60.51 49.46 -106.27
C TRP CC 107 -60.75 47.98 -106.53
N LEU CC 108 -61.74 47.39 -105.85
CA LEU CC 108 -62.04 45.97 -106.02
C LEU CC 108 -62.44 45.65 -107.45
N GLY CC 109 -62.94 46.63 -108.19
CA GLY CC 109 -63.22 46.45 -109.60
C GLY CC 109 -62.00 46.43 -110.51
N GLN CC 110 -60.91 47.07 -110.08
CA GLN CC 110 -59.77 47.32 -110.94
C GLN CC 110 -59.03 46.03 -111.30
N GLN CC 111 -58.31 46.09 -112.42
CA GLN CC 111 -57.58 44.91 -112.86
C GLN CC 111 -56.35 44.66 -111.99
N CYS CC 112 -55.70 45.71 -111.49
CA CYS CC 112 -54.54 45.51 -110.62
C CYS CC 112 -54.92 44.78 -109.34
N VAL CC 113 -56.20 44.81 -108.97
CA VAL CC 113 -56.69 44.06 -107.83
C VAL CC 113 -57.22 42.70 -108.25
N SER CC 114 -57.92 42.63 -109.39
CA SER CC 114 -58.54 41.37 -109.80
C SER CC 114 -57.50 40.34 -110.21
N ASP CC 115 -56.46 40.76 -110.94
CA ASP CC 115 -55.47 39.81 -111.43
C ASP CC 115 -54.80 39.01 -110.31
N PRO CC 116 -54.31 39.61 -109.22
CA PRO CC 116 -53.77 38.76 -108.14
C PRO CC 116 -54.84 37.98 -107.40
N VAL CC 117 -55.99 38.60 -107.12
CA VAL CC 117 -57.06 37.91 -106.42
C VAL CC 117 -57.60 36.75 -107.25
N ASP CC 118 -58.00 37.03 -108.49
CA ASP CC 118 -58.69 36.02 -109.30
C ASP CC 118 -57.73 34.92 -109.77
N SER CC 119 -56.57 35.31 -110.29
CA SER CC 119 -55.70 34.37 -110.98
C SER CC 119 -54.37 34.11 -110.28
N GLY CC 120 -54.06 34.82 -109.20
CA GLY CC 120 -52.81 34.62 -108.51
C GLY CC 120 -51.59 35.20 -109.18
N LEU CC 121 -51.77 36.03 -110.21
CA LEU CC 121 -50.64 36.69 -110.86
C LEU CC 121 -50.39 38.04 -110.20
N ASN CC 122 -49.14 38.31 -109.88
CA ASN CC 122 -48.80 39.60 -109.30
C ASN CC 122 -48.63 40.65 -110.41
N ASN CC 123 -48.64 41.91 -109.99
CA ASN CC 123 -48.48 43.00 -110.92
C ASN CC 123 -47.00 43.35 -111.09
N TYR CC 124 -46.72 44.11 -112.15
CA TYR CC 124 -45.35 44.47 -112.52
C TYR CC 124 -45.25 45.84 -113.22
N MET DC 1 -105.24 68.45 -45.41
CA MET DC 1 -105.87 69.76 -45.30
C MET DC 1 -104.84 70.86 -45.11
N ARG DC 2 -105.03 71.99 -45.81
CA ARG DC 2 -104.20 73.15 -45.56
C ARG DC 2 -104.46 73.69 -44.16
N LEU DC 3 -103.45 73.63 -43.31
CA LEU DC 3 -103.62 73.95 -41.91
C LEU DC 3 -103.98 75.42 -41.72
N THR DC 4 -104.85 75.67 -40.75
CA THR DC 4 -105.21 77.01 -40.34
C THR DC 4 -105.41 76.99 -38.84
N ASP DC 5 -105.26 78.16 -38.22
CA ASP DC 5 -105.56 78.28 -36.80
C ASP DC 5 -106.95 77.71 -36.53
N VAL DC 6 -107.14 77.17 -35.33
CA VAL DC 6 -108.33 76.39 -35.02
C VAL DC 6 -109.00 77.00 -33.81
N ASP DC 7 -110.33 77.08 -33.87
CA ASP DC 7 -111.13 77.54 -32.73
C ASP DC 7 -112.09 76.42 -32.36
N LEU DC 8 -111.99 75.94 -31.13
CA LEU DC 8 -112.77 74.82 -30.63
C LEU DC 8 -113.82 75.33 -29.66
N THR DC 9 -115.03 74.78 -29.76
CA THR DC 9 -116.06 75.03 -28.77
C THR DC 9 -115.97 73.94 -27.72
N VAL DC 10 -115.71 74.34 -26.48
CA VAL DC 10 -115.43 73.41 -25.38
C VAL DC 10 -116.42 73.68 -24.27
N GLY DC 11 -117.41 72.79 -24.13
CA GLY DC 11 -118.46 73.02 -23.16
C GLY DC 11 -119.12 74.34 -23.43
N GLU DC 12 -118.92 75.31 -22.54
CA GLU DC 12 -119.54 76.61 -22.68
C GLU DC 12 -118.51 77.72 -22.85
N GLU DC 13 -117.30 77.36 -23.26
CA GLU DC 13 -116.24 78.32 -23.52
C GLU DC 13 -115.71 78.07 -24.92
N THR DC 14 -114.89 78.98 -25.42
CA THR DC 14 -114.25 78.82 -26.72
C THR DC 14 -112.73 78.91 -26.55
N ARG DC 15 -112.04 77.90 -27.08
CA ARG DC 15 -110.61 77.75 -26.95
C ARG DC 15 -109.95 77.98 -28.31
N GLU DC 16 -108.93 78.82 -28.37
CA GLU DC 16 -108.31 79.21 -29.63
C GLU DC 16 -106.87 78.71 -29.68
N TYR DC 17 -106.56 77.93 -30.71
CA TYR DC 17 -105.23 77.38 -30.95
C TYR DC 17 -104.67 77.98 -32.23
N ALA DC 18 -103.34 78.07 -32.27
CA ALA DC 18 -102.61 78.56 -33.43
C ALA DC 18 -101.55 77.54 -33.84
N VAL DC 19 -101.32 77.45 -35.15
CA VAL DC 19 -100.34 76.51 -35.69
C VAL DC 19 -98.96 76.90 -35.19
N SER DC 20 -98.25 75.93 -34.59
CA SER DC 20 -96.88 76.13 -34.12
C SER DC 20 -95.83 75.49 -35.01
N GLU DC 21 -96.08 74.28 -35.53
CA GLU DC 21 -95.17 73.75 -36.55
C GLU DC 21 -95.89 72.68 -37.35
N GLN DC 22 -95.45 72.50 -38.60
CA GLN DC 22 -96.01 71.48 -39.47
C GLN DC 22 -94.87 70.80 -40.22
N GLN DC 23 -94.79 69.48 -40.08
CA GLN DC 23 -93.85 68.64 -40.80
C GLN DC 23 -94.62 67.78 -41.76
N GLY DC 24 -93.91 66.86 -42.41
CA GLY DC 24 -94.54 66.02 -43.40
C GLY DC 24 -95.66 65.18 -42.82
N THR DC 25 -95.41 64.56 -41.66
CA THR DC 25 -96.37 63.69 -41.01
C THR DC 25 -96.67 64.12 -39.57
N LEU DC 26 -96.33 65.36 -39.22
CA LEU DC 26 -96.52 65.83 -37.85
C LEU DC 26 -96.94 67.29 -37.86
N PHE DC 27 -97.80 67.66 -36.91
CA PHE DC 27 -98.12 69.06 -36.69
C PHE DC 27 -98.37 69.32 -35.20
N ARG DC 28 -98.28 70.59 -34.85
CA ARG DC 28 -98.43 71.04 -33.47
C ARG DC 28 -99.09 72.41 -33.43
N PHE DC 29 -100.14 72.49 -32.62
CA PHE DC 29 -100.85 73.71 -32.25
C PHE DC 29 -100.54 74.09 -30.80
N VAL DC 30 -100.63 75.40 -30.54
CA VAL DC 30 -100.45 75.96 -29.21
C VAL DC 30 -101.69 76.78 -28.84
N ASP DC 31 -102.09 76.72 -27.56
CA ASP DC 31 -103.20 77.53 -27.07
C ASP DC 31 -102.82 79.00 -27.08
N LYS DC 32 -103.61 79.82 -27.77
CA LYS DC 32 -103.33 81.26 -27.87
C LYS DC 32 -103.37 81.96 -26.51
N SER DC 33 -103.87 81.30 -25.46
CA SER DC 33 -103.89 81.89 -24.13
C SER DC 33 -102.51 82.07 -23.54
N GLY DC 34 -101.48 81.44 -24.13
CA GLY DC 34 -100.19 81.30 -23.48
C GLY DC 34 -99.03 81.93 -24.25
N THR DC 35 -97.90 81.99 -23.56
CA THR DC 35 -96.63 82.50 -24.05
C THR DC 35 -95.65 81.34 -24.20
N VAL DC 36 -94.57 81.58 -24.94
CA VAL DC 36 -93.38 80.75 -24.82
C VAL DC 36 -93.04 80.55 -23.36
N ALA DC 37 -93.00 81.64 -22.60
CA ALA DC 37 -92.68 81.58 -21.18
C ALA DC 37 -93.70 80.73 -20.42
N ASN DC 38 -94.95 81.18 -20.42
CA ASN DC 38 -96.01 80.48 -19.71
C ASN DC 38 -96.95 79.86 -20.74
N ASN DC 39 -97.03 78.53 -20.75
CA ASN DC 39 -97.83 77.79 -21.71
C ASN DC 39 -99.15 77.36 -21.10
N THR DC 40 -100.23 77.50 -21.87
CA THR DC 40 -101.56 77.11 -21.42
C THR DC 40 -102.08 75.83 -22.04
N GLY DC 41 -101.51 75.37 -23.15
CA GLY DC 41 -101.98 74.17 -23.79
C GLY DC 41 -101.25 73.83 -25.07
N VAL DC 42 -101.13 72.54 -25.37
CA VAL DC 42 -100.45 72.10 -26.59
C VAL DC 42 -101.17 70.90 -27.15
N PHE DC 43 -101.19 70.81 -28.49
CA PHE DC 43 -101.74 69.65 -29.18
C PHE DC 43 -100.79 69.26 -30.30
N SER DC 44 -100.54 67.96 -30.40
CA SER DC 44 -99.63 67.45 -31.41
C SER DC 44 -100.20 66.16 -32.00
N LEU DC 45 -99.97 65.97 -33.31
CA LEU DC 45 -100.47 64.81 -34.03
C LEU DC 45 -99.40 64.33 -35.01
N GLU DC 46 -99.17 63.01 -35.05
CA GLU DC 46 -98.19 62.40 -35.95
C GLU DC 46 -98.73 61.10 -36.54
N GLN DC 47 -98.52 60.90 -37.83
CA GLN DC 47 -98.88 59.65 -38.49
C GLN DC 47 -97.64 58.87 -38.89
N ARG DC 48 -97.70 57.56 -38.70
CA ARG DC 48 -96.61 56.62 -39.02
C ARG DC 48 -97.20 55.56 -39.94
N PHE DC 49 -96.94 55.72 -41.24
CA PHE DC 49 -97.35 54.76 -42.26
C PHE DC 49 -96.32 53.63 -42.28
N GLY DC 50 -96.74 52.42 -41.91
CA GLY DC 50 -95.86 51.28 -41.86
C GLY DC 50 -95.70 50.61 -43.21
N ALA DC 51 -95.12 49.41 -43.18
CA ALA DC 51 -95.08 48.59 -44.40
C ALA DC 51 -96.47 48.04 -44.71
N ALA DC 52 -96.60 47.44 -45.90
CA ALA DC 52 -97.90 46.97 -46.36
C ALA DC 52 -98.47 45.87 -45.48
N ASN DC 53 -97.62 45.16 -44.72
CA ASN DC 53 -98.09 44.22 -43.72
C ASN DC 53 -98.36 44.89 -42.38
N SER DC 54 -97.90 46.12 -42.19
CA SER DC 54 -98.07 46.84 -40.93
C SER DC 54 -99.29 47.73 -40.97
N ASN DC 55 -99.90 47.93 -39.80
CA ASN DC 55 -100.97 48.91 -39.67
C ASN DC 55 -100.37 50.30 -39.59
N ARG DC 56 -100.97 51.26 -40.29
CA ARG DC 56 -100.57 52.63 -40.08
C ARG DC 56 -101.09 53.09 -38.73
N LYS DC 57 -100.37 54.01 -38.11
CA LYS DC 57 -100.69 54.44 -36.75
C LYS DC 57 -100.74 55.96 -36.70
N VAL DC 58 -101.63 56.48 -35.86
CA VAL DC 58 -101.84 57.92 -35.76
C VAL DC 58 -101.94 58.25 -34.29
N THR DC 59 -101.09 59.17 -33.81
CA THR DC 59 -101.04 59.45 -32.38
C THR DC 59 -101.17 60.93 -32.10
N MET DC 60 -101.95 61.25 -31.07
CA MET DC 60 -102.25 62.60 -30.63
C MET DC 60 -101.87 62.74 -29.17
N LEU DC 61 -101.30 63.90 -28.85
CA LEU DC 61 -101.00 64.28 -27.47
C LEU DC 61 -101.57 65.66 -27.19
N LEU DC 62 -102.42 65.75 -26.17
CA LEU DC 62 -103.01 66.99 -25.70
C LEU DC 62 -102.50 67.22 -24.29
N THR DC 63 -101.83 68.35 -24.07
CA THR DC 63 -101.26 68.69 -22.79
C THR DC 63 -101.88 69.99 -22.28
N ASP DC 64 -102.40 69.95 -21.05
CA ASP DC 64 -102.99 71.11 -20.39
C ASP DC 64 -102.26 71.36 -19.08
N PRO DC 65 -101.41 72.38 -19.04
CA PRO DC 65 -100.79 72.76 -17.77
C PRO DC 65 -101.60 73.83 -17.05
N VAL DC 66 -101.58 73.73 -15.72
CA VAL DC 66 -102.30 74.63 -14.83
C VAL DC 66 -101.34 75.03 -13.71
N VAL DC 67 -101.45 76.27 -13.26
CA VAL DC 67 -100.69 76.71 -12.09
C VAL DC 67 -101.51 76.44 -10.85
N VAL DC 68 -100.88 75.79 -9.86
CA VAL DC 68 -101.50 75.39 -8.61
C VAL DC 68 -100.68 75.94 -7.46
N LYS DC 69 -101.34 76.23 -6.35
CA LYS DC 69 -100.69 76.66 -5.14
C LYS DC 69 -99.94 75.51 -4.50
N ASP DC 70 -98.72 75.79 -4.05
CA ASP DC 70 -97.93 74.81 -3.31
C ASP DC 70 -98.50 74.63 -1.90
N ALA DC 71 -98.12 73.52 -1.25
CA ALA DC 71 -98.47 73.35 0.15
C ALA DC 71 -97.82 74.43 1.00
N SER DC 72 -96.65 74.91 0.59
CA SER DC 72 -96.03 76.08 1.22
C SER DC 72 -96.66 77.38 0.73
N GLY DC 73 -97.21 77.38 -0.48
CA GLY DC 73 -97.82 78.56 -1.06
C GLY DC 73 -97.18 79.01 -2.37
N ALA DC 74 -96.02 78.46 -2.74
CA ALA DC 74 -95.36 78.86 -3.97
C ALA DC 74 -96.21 78.53 -5.20
N ASP DC 75 -95.89 79.20 -6.30
CA ASP DC 75 -96.55 78.93 -7.57
C ASP DC 75 -95.88 77.75 -8.24
N MET DC 76 -96.67 76.76 -8.65
CA MET DC 76 -96.12 75.54 -9.23
C MET DC 76 -96.94 75.15 -10.44
N THR DC 77 -96.30 74.74 -11.53
CA THR DC 77 -97.01 74.37 -12.74
C THR DC 77 -97.12 72.86 -12.86
N ILE DC 78 -98.32 72.37 -13.13
CA ILE DC 78 -98.65 70.95 -13.17
C ILE DC 78 -99.35 70.66 -14.49
N LYS DC 79 -98.88 69.64 -15.21
CA LYS DC 79 -99.44 69.28 -16.49
C LYS DC 79 -100.31 68.03 -16.36
N ALA DC 80 -101.37 68.00 -17.15
CA ALA DC 80 -102.22 66.82 -17.32
C ALA DC 80 -102.21 66.42 -18.79
N ASN DC 81 -102.05 65.14 -19.07
CA ASN DC 81 -101.85 64.66 -20.43
C ASN DC 81 -103.00 63.77 -20.84
N ALA DC 82 -103.36 63.84 -22.12
CA ALA DC 82 -104.26 62.88 -22.73
C ALA DC 82 -103.67 62.48 -24.07
N SER DC 83 -103.66 61.19 -24.36
CA SER DC 83 -103.04 60.70 -25.59
C SER DC 83 -103.95 59.69 -26.25
N VAL DC 84 -104.15 59.86 -27.55
CA VAL DC 84 -104.97 58.94 -28.34
C VAL DC 84 -104.07 58.30 -29.40
N THR DC 85 -104.35 57.03 -29.69
CA THR DC 85 -103.61 56.30 -30.72
C THR DC 85 -104.59 55.45 -31.54
N PHE DC 86 -104.63 55.70 -32.84
CA PHE DC 86 -105.43 54.95 -33.79
C PHE DC 86 -104.52 53.96 -34.50
N SER DC 87 -104.80 52.67 -34.33
CA SER DC 87 -104.13 51.62 -35.09
C SER DC 87 -105.10 51.17 -36.17
N LEU DC 88 -104.74 51.48 -37.42
CA LEU DC 88 -105.62 51.29 -38.57
C LEU DC 88 -104.91 50.41 -39.59
N PRO DC 89 -105.34 49.17 -39.77
CA PRO DC 89 -104.79 48.33 -40.83
C PRO DC 89 -105.13 48.86 -42.22
N LYS DC 90 -104.30 48.52 -43.18
CA LYS DC 90 -104.43 49.06 -44.53
C LYS DC 90 -105.41 48.28 -45.38
N THR DC 91 -106.05 47.27 -44.83
CA THR DC 91 -107.18 46.59 -45.47
C THR DC 91 -108.50 47.02 -44.86
N TYR DC 92 -108.46 47.88 -43.86
CA TYR DC 92 -109.65 48.39 -43.18
C TYR DC 92 -110.21 49.59 -43.96
N PRO DC 93 -111.52 49.65 -44.18
CA PRO DC 93 -112.08 50.72 -45.02
C PRO DC 93 -112.19 52.06 -44.31
N ASN DC 94 -111.93 53.11 -45.09
CA ASN DC 94 -111.91 54.47 -44.56
C ASN DC 94 -113.25 54.84 -43.91
N GLU DC 95 -114.35 54.38 -44.49
CA GLU DC 95 -115.67 54.61 -43.90
C GLU DC 95 -115.70 54.16 -42.45
N HIS DC 96 -115.31 52.91 -42.19
CA HIS DC 96 -115.35 52.39 -40.84
C HIS DC 96 -114.31 53.05 -39.94
N ILE DC 97 -113.22 53.59 -40.50
CA ILE DC 97 -112.33 54.41 -39.68
C ILE DC 97 -113.07 55.66 -39.16
N THR DC 98 -113.80 56.32 -40.07
CA THR DC 98 -114.59 57.48 -39.63
C THR DC 98 -115.62 57.08 -38.58
N LYS DC 99 -116.30 55.95 -38.81
CA LYS DC 99 -117.23 55.42 -37.81
C LYS DC 99 -116.55 55.24 -36.46
N LEU DC 100 -115.35 54.66 -36.47
CA LEU DC 100 -114.60 54.45 -35.24
C LEU DC 100 -114.30 55.76 -34.52
N ARG DC 101 -113.80 56.75 -35.27
CA ARG DC 101 -113.48 58.04 -34.65
C ARG DC 101 -114.71 58.67 -34.02
N GLN DC 102 -115.85 58.61 -34.71
CA GLN DC 102 -117.05 59.22 -34.17
C GLN DC 102 -117.56 58.47 -32.94
N THR DC 103 -117.53 57.13 -32.95
CA THR DC 103 -117.92 56.38 -31.75
C THR DC 103 -117.00 56.71 -30.58
N LEU DC 104 -115.72 56.97 -30.85
CA LEU DC 104 -114.82 57.36 -29.78
C LEU DC 104 -115.22 58.71 -29.19
N ILE DC 105 -115.57 59.66 -30.07
CA ILE DC 105 -116.04 60.96 -29.57
C ILE DC 105 -117.27 60.77 -28.68
N ALA DC 106 -118.22 59.96 -29.15
CA ALA DC 106 -119.44 59.71 -28.39
C ALA DC 106 -119.11 59.08 -27.03
N TRP DC 107 -118.20 58.11 -27.01
CA TRP DC 107 -117.82 57.47 -25.76
C TRP DC 107 -117.19 58.46 -24.80
N LEU DC 108 -116.30 59.31 -25.32
CA LEU DC 108 -115.66 60.33 -24.48
C LEU DC 108 -116.68 61.30 -23.92
N GLY DC 109 -117.84 61.43 -24.56
CA GLY DC 109 -118.92 62.21 -24.01
C GLY DC 109 -119.66 61.57 -22.84
N GLN DC 110 -119.63 60.24 -22.78
CA GLN DC 110 -120.49 59.50 -21.85
C GLN DC 110 -120.13 59.76 -20.40
N GLN DC 111 -121.14 59.57 -19.53
CA GLN DC 111 -120.88 59.77 -18.11
C GLN DC 111 -120.04 58.64 -17.53
N CYS DC 112 -120.21 57.42 -18.04
CA CYS DC 112 -119.42 56.30 -17.53
C CYS DC 112 -117.95 56.44 -17.88
N VAL DC 113 -117.61 57.23 -18.89
CA VAL DC 113 -116.23 57.60 -19.14
C VAL DC 113 -115.86 58.86 -18.36
N SER DC 114 -116.80 59.77 -18.18
CA SER DC 114 -116.52 61.04 -17.52
C SER DC 114 -116.16 60.86 -16.06
N ASP DC 115 -116.93 60.04 -15.34
CA ASP DC 115 -116.73 59.91 -13.89
C ASP DC 115 -115.32 59.46 -13.51
N PRO DC 116 -114.77 58.38 -14.06
CA PRO DC 116 -113.38 58.03 -13.70
C PRO DC 116 -112.36 59.07 -14.16
N VAL DC 117 -112.50 59.57 -15.39
CA VAL DC 117 -111.56 60.55 -15.89
C VAL DC 117 -111.63 61.85 -15.09
N ASP DC 118 -112.82 62.46 -15.04
CA ASP DC 118 -112.93 63.80 -14.46
C ASP DC 118 -112.73 63.79 -12.95
N SER DC 119 -113.31 62.82 -12.25
CA SER DC 119 -113.35 62.86 -10.79
C SER DC 119 -112.68 61.68 -10.11
N GLY DC 120 -112.36 60.61 -10.83
CA GLY DC 120 -111.72 59.46 -10.24
C GLY DC 120 -112.67 58.40 -9.69
N LEU DC 121 -113.97 58.64 -9.75
CA LEU DC 121 -114.93 57.65 -9.30
C LEU DC 121 -115.05 56.52 -10.32
N ASN DC 122 -114.97 55.29 -9.86
CA ASN DC 122 -115.25 54.15 -10.73
C ASN DC 122 -116.75 53.89 -10.83
N ASN DC 123 -117.14 53.24 -11.93
CA ASN DC 123 -118.53 52.88 -12.10
C ASN DC 123 -118.82 51.54 -11.42
N TYR DC 124 -120.10 51.29 -11.15
CA TYR DC 124 -120.48 50.09 -10.42
C TYR DC 124 -121.73 49.43 -11.00
N MET EC 1 -94.11 75.55 -56.71
CA MET EC 1 -95.51 75.97 -56.85
C MET EC 1 -96.27 75.74 -55.55
N ARG EC 2 -97.43 76.38 -55.42
CA ARG EC 2 -98.31 76.14 -54.29
C ARG EC 2 -99.20 74.93 -54.58
N LEU EC 3 -98.95 73.84 -53.86
CA LEU EC 3 -99.63 72.58 -54.12
C LEU EC 3 -101.14 72.71 -53.97
N THR EC 4 -101.85 72.23 -54.99
CA THR EC 4 -103.29 72.16 -55.00
C THR EC 4 -103.68 70.79 -55.52
N ASP EC 5 -104.84 70.29 -55.09
CA ASP EC 5 -105.32 69.01 -55.59
C ASP EC 5 -105.35 69.04 -57.10
N VAL EC 6 -105.07 67.90 -57.73
CA VAL EC 6 -104.80 67.86 -59.16
C VAL EC 6 -105.81 66.93 -59.81
N ASP EC 7 -106.26 67.30 -61.00
CA ASP EC 7 -107.11 66.43 -61.80
C ASP EC 7 -106.46 66.20 -63.16
N LEU EC 8 -106.21 64.93 -63.46
CA LEU EC 8 -105.49 64.51 -64.65
C LEU EC 8 -106.48 63.93 -65.65
N THR EC 9 -106.33 64.33 -66.90
CA THR EC 9 -107.12 63.75 -67.98
C THR EC 9 -106.33 62.57 -68.51
N VAL EC 10 -106.85 61.36 -68.29
CA VAL EC 10 -106.16 60.11 -68.59
C VAL EC 10 -106.97 59.38 -69.64
N GLY EC 11 -106.54 59.49 -70.90
CA GLY EC 11 -107.31 58.92 -71.99
C GLY EC 11 -108.69 59.56 -72.03
N GLU EC 12 -109.73 58.79 -71.73
CA GLU EC 12 -111.08 59.31 -71.73
C GLU EC 12 -111.67 59.36 -70.34
N GLU EC 13 -110.83 59.32 -69.32
CA GLU EC 13 -111.28 59.34 -67.94
C GLU EC 13 -110.60 60.49 -67.23
N THR EC 14 -111.05 60.81 -66.02
CA THR EC 14 -110.42 61.84 -65.21
C THR EC 14 -110.05 61.25 -63.85
N ARG EC 15 -108.75 61.26 -63.54
CA ARG EC 15 -108.24 60.86 -62.25
C ARG EC 15 -108.13 62.10 -61.36
N GLU EC 16 -108.45 61.94 -60.08
CA GLU EC 16 -108.50 63.07 -59.16
C GLU EC 16 -107.68 62.78 -57.91
N TYR EC 17 -106.56 63.47 -57.78
CA TYR EC 17 -105.63 63.26 -56.68
C TYR EC 17 -105.72 64.43 -55.70
N ALA EC 18 -105.51 64.11 -54.43
CA ALA EC 18 -105.48 65.06 -53.33
C ALA EC 18 -104.12 65.05 -52.66
N VAL EC 19 -103.66 66.24 -52.23
CA VAL EC 19 -102.39 66.33 -51.54
C VAL EC 19 -102.44 65.54 -50.26
N SER EC 20 -101.47 64.65 -50.07
CA SER EC 20 -101.40 63.81 -48.89
C SER EC 20 -100.22 64.10 -47.97
N GLU EC 21 -99.09 64.58 -48.50
CA GLU EC 21 -98.10 65.16 -47.60
C GLU EC 21 -97.16 66.07 -48.37
N GLN EC 22 -96.64 67.07 -47.65
CA GLN EC 22 -95.67 68.02 -48.18
C GLN EC 22 -94.54 68.17 -47.17
N GLN EC 23 -93.33 67.79 -47.57
CA GLN EC 23 -92.15 68.00 -46.76
C GLN EC 23 -91.31 69.10 -47.41
N GLY EC 24 -90.04 69.17 -47.03
CA GLY EC 24 -89.16 70.15 -47.62
C GLY EC 24 -89.01 69.92 -49.09
N THR EC 25 -88.48 68.76 -49.46
CA THR EC 25 -88.17 68.41 -50.84
C THR EC 25 -89.04 67.29 -51.39
N LEU EC 26 -90.06 66.88 -50.64
CA LEU EC 26 -90.88 65.73 -51.00
C LEU EC 26 -92.36 66.09 -50.90
N PHE EC 27 -93.15 65.55 -51.82
CA PHE EC 27 -94.60 65.65 -51.75
C PHE EC 27 -95.24 64.35 -52.21
N ARG EC 28 -96.51 64.20 -51.85
CA ARG EC 28 -97.25 62.98 -52.14
C ARG EC 28 -98.72 63.30 -52.31
N PHE EC 29 -99.27 62.89 -53.45
CA PHE EC 29 -100.68 62.92 -53.79
C PHE EC 29 -101.28 61.52 -53.69
N VAL EC 30 -102.60 61.48 -53.59
CA VAL EC 30 -103.34 60.25 -53.35
C VAL EC 30 -104.63 60.27 -54.17
N ASP EC 31 -104.95 59.13 -54.81
CA ASP EC 31 -106.17 59.04 -55.62
C ASP EC 31 -107.40 59.19 -54.74
N LYS EC 32 -108.19 60.23 -55.01
CA LYS EC 32 -109.36 60.51 -54.19
C LYS EC 32 -110.35 59.35 -54.23
N SER EC 33 -110.41 58.63 -55.34
CA SER EC 33 -111.36 57.55 -55.55
C SER EC 33 -111.04 56.31 -54.71
N GLY EC 34 -110.06 56.38 -53.82
CA GLY EC 34 -109.69 55.20 -53.05
C GLY EC 34 -110.64 55.01 -51.87
N THR EC 35 -111.05 53.75 -51.66
CA THR EC 35 -111.89 53.40 -50.53
C THR EC 35 -111.11 52.86 -49.36
N VAL EC 36 -110.04 52.12 -49.62
CA VAL EC 36 -109.19 51.55 -48.60
C VAL EC 36 -107.76 51.99 -48.88
N ALA EC 37 -106.92 51.91 -47.85
CA ALA EC 37 -105.50 52.21 -48.03
C ALA EC 37 -104.90 51.38 -49.17
N ASN EC 38 -105.12 50.06 -49.16
CA ASN EC 38 -104.60 49.21 -50.22
C ASN EC 38 -105.29 49.45 -51.55
N ASN EC 39 -106.57 49.83 -51.52
CA ASN EC 39 -107.28 50.20 -52.73
C ASN EC 39 -106.65 51.43 -53.39
N THR EC 40 -106.00 52.29 -52.61
CA THR EC 40 -105.71 53.67 -53.01
C THR EC 40 -104.40 53.79 -53.77
N GLY EC 41 -104.47 54.34 -54.98
CA GLY EC 41 -103.27 54.67 -55.72
C GLY EC 41 -102.61 55.93 -55.19
N VAL EC 42 -101.29 56.04 -55.43
CA VAL EC 42 -100.52 57.15 -54.88
C VAL EC 42 -99.47 57.61 -55.88
N PHE EC 43 -99.01 58.83 -55.67
CA PHE EC 43 -97.94 59.41 -56.48
C PHE EC 43 -97.06 60.28 -55.59
N SER EC 44 -95.76 60.06 -55.66
CA SER EC 44 -94.84 60.76 -54.79
C SER EC 44 -93.65 61.26 -55.60
N LEU EC 45 -93.10 62.39 -55.17
CA LEU EC 45 -91.94 62.99 -55.84
C LEU EC 45 -91.01 63.59 -54.78
N GLU EC 46 -89.71 63.46 -55.02
CA GLU EC 46 -88.68 63.93 -54.11
C GLU EC 46 -87.49 64.42 -54.91
N GLN EC 47 -86.96 65.59 -54.53
CA GLN EC 47 -85.74 66.10 -55.12
C GLN EC 47 -84.60 66.01 -54.13
N ARG EC 48 -83.45 65.57 -54.62
CA ARG EC 48 -82.22 65.45 -53.85
C ARG EC 48 -81.19 66.33 -54.56
N PHE EC 49 -80.98 67.52 -54.01
CA PHE EC 49 -80.02 68.47 -54.52
C PHE EC 49 -78.64 68.11 -53.95
N GLY EC 50 -77.67 67.90 -54.83
CA GLY EC 50 -76.35 67.48 -54.42
C GLY EC 50 -75.41 68.64 -54.19
N ALA EC 51 -74.14 68.30 -53.95
CA ALA EC 51 -73.10 69.33 -53.90
C ALA EC 51 -72.88 69.91 -55.30
N ALA EC 52 -72.00 70.92 -55.39
CA ALA EC 52 -71.80 71.60 -56.68
C ALA EC 52 -71.16 70.68 -57.71
N ASN EC 53 -70.40 69.67 -57.28
CA ASN EC 53 -69.86 68.68 -58.21
C ASN EC 53 -70.86 67.59 -58.55
N SER EC 54 -71.98 67.52 -57.83
CA SER EC 54 -72.99 66.50 -58.05
C SER EC 54 -74.06 66.99 -59.01
N ASN EC 55 -74.89 66.06 -59.46
CA ASN EC 55 -76.09 66.37 -60.22
C ASN EC 55 -77.27 66.30 -59.26
N ARG EC 56 -78.21 67.22 -59.40
CA ARG EC 56 -79.44 67.08 -58.63
C ARG EC 56 -80.28 65.96 -59.25
N LYS EC 57 -81.00 65.25 -58.41
CA LYS EC 57 -81.80 64.12 -58.85
C LYS EC 57 -83.24 64.30 -58.41
N VAL EC 58 -84.18 64.06 -59.31
CA VAL EC 58 -85.60 64.11 -58.97
C VAL EC 58 -86.19 62.75 -59.26
N THR EC 59 -86.91 62.19 -58.29
CA THR EC 59 -87.48 60.87 -58.43
C THR EC 59 -88.98 60.91 -58.18
N MET EC 60 -89.71 60.11 -58.94
CA MET EC 60 -91.15 59.99 -58.82
C MET EC 60 -91.53 58.52 -58.80
N LEU EC 61 -92.49 58.20 -57.95
CA LEU EC 61 -93.08 56.88 -57.87
C LEU EC 61 -94.60 56.98 -58.01
N LEU EC 62 -95.16 56.21 -58.94
CA LEU EC 62 -96.58 56.12 -59.19
C LEU EC 62 -97.00 54.67 -58.92
N THR EC 63 -97.93 54.49 -57.99
CA THR EC 63 -98.42 53.17 -57.60
C THR EC 63 -99.92 53.08 -57.87
N ASP EC 64 -100.30 52.06 -58.65
CA ASP EC 64 -101.70 51.84 -59.03
C ASP EC 64 -102.10 50.41 -58.67
N PRO EC 65 -102.69 50.20 -57.50
CA PRO EC 65 -103.20 48.88 -57.14
C PRO EC 65 -104.57 48.60 -57.74
N VAL EC 66 -104.86 47.31 -57.94
CA VAL EC 66 -106.12 46.82 -58.48
C VAL EC 66 -106.53 45.56 -57.71
N VAL EC 67 -107.84 45.33 -57.61
CA VAL EC 67 -108.34 44.14 -56.92
C VAL EC 67 -108.58 43.02 -57.91
N VAL EC 68 -108.01 41.85 -57.62
CA VAL EC 68 -108.19 40.65 -58.45
C VAL EC 68 -108.79 39.53 -57.62
N MET EC 76 -107.69 39.46 -53.48
CA MET EC 76 -106.31 39.96 -53.44
C MET EC 76 -106.16 41.28 -54.23
N THR EC 77 -105.28 42.17 -53.73
CA THR EC 77 -104.97 43.42 -54.41
C THR EC 77 -103.51 43.40 -54.87
N ILE EC 78 -103.30 43.74 -56.14
CA ILE EC 78 -102.02 43.65 -56.82
C ILE EC 78 -101.58 45.06 -57.20
N LYS EC 79 -100.32 45.39 -56.92
CA LYS EC 79 -99.80 46.73 -57.14
C LYS EC 79 -98.78 46.74 -58.28
N ALA EC 80 -98.89 47.75 -59.16
CA ALA EC 80 -97.93 47.99 -60.23
C ALA EC 80 -97.33 49.37 -60.08
N ASN EC 81 -96.03 49.48 -60.37
CA ASN EC 81 -95.29 50.70 -60.11
C ASN EC 81 -94.67 51.26 -61.38
N ALA EC 82 -94.69 52.57 -61.51
CA ALA EC 82 -93.86 53.27 -62.47
C ALA EC 82 -92.96 54.23 -61.69
N SER EC 83 -91.68 54.27 -62.06
CA SER EC 83 -90.75 55.14 -61.36
C SER EC 83 -89.91 55.90 -62.36
N VAL EC 84 -89.89 57.22 -62.26
CA VAL EC 84 -89.11 58.07 -63.14
C VAL EC 84 -88.02 58.73 -62.30
N THR EC 85 -86.84 58.90 -62.90
CA THR EC 85 -85.72 59.57 -62.23
C THR EC 85 -85.00 60.47 -63.24
N PHE EC 86 -84.91 61.75 -62.92
CA PHE EC 86 -84.23 62.75 -63.73
C PHE EC 86 -82.90 63.07 -63.05
N SER EC 87 -81.80 62.78 -63.74
CA SER EC 87 -80.47 63.17 -63.29
C SER EC 87 -80.05 64.39 -64.10
N LEU EC 88 -79.93 65.53 -63.42
CA LEU EC 88 -79.75 66.82 -64.06
C LEU EC 88 -78.51 67.49 -63.50
N PRO EC 89 -77.45 67.64 -64.29
CA PRO EC 89 -76.29 68.42 -63.86
C PRO EC 89 -76.65 69.89 -63.72
N LYS EC 90 -75.99 70.57 -62.78
CA LYS EC 90 -76.37 71.94 -62.48
C LYS EC 90 -76.05 72.88 -63.63
N THR EC 91 -74.90 72.68 -64.29
CA THR EC 91 -74.52 73.51 -65.43
C THR EC 91 -75.47 73.33 -66.61
N TYR EC 92 -76.26 72.26 -66.63
CA TYR EC 92 -77.17 71.99 -67.75
C TYR EC 92 -78.30 73.00 -67.75
N PRO EC 93 -78.70 73.54 -68.91
CA PRO EC 93 -79.64 74.67 -68.92
C PRO EC 93 -81.10 74.27 -68.73
N ASN EC 94 -81.80 75.08 -67.94
CA ASN EC 94 -83.19 74.79 -67.58
C ASN EC 94 -84.07 74.62 -68.82
N GLU EC 95 -83.79 75.37 -69.89
CA GLU EC 95 -84.58 75.23 -71.10
C GLU EC 95 -84.47 73.82 -71.67
N HIS EC 96 -83.25 73.32 -71.84
CA HIS EC 96 -83.07 71.95 -72.33
C HIS EC 96 -83.63 70.91 -71.37
N ILE EC 97 -83.71 71.20 -70.07
CA ILE EC 97 -84.39 70.27 -69.16
C ILE EC 97 -85.89 70.19 -69.49
N THR EC 98 -86.54 71.35 -69.65
CA THR EC 98 -87.95 71.33 -70.05
C THR EC 98 -88.13 70.53 -71.32
N LYS EC 99 -87.21 70.71 -72.28
CA LYS EC 99 -87.22 69.90 -73.50
C LYS EC 99 -87.17 68.41 -73.20
N LEU EC 100 -86.22 68.00 -72.36
CA LEU EC 100 -86.07 66.58 -72.02
C LEU EC 100 -87.37 66.01 -71.47
N ARG EC 101 -87.97 66.70 -70.50
CA ARG EC 101 -89.22 66.23 -69.91
C ARG EC 101 -90.30 66.04 -70.98
N GLN EC 102 -90.46 67.04 -71.86
CA GLN EC 102 -91.51 66.97 -72.86
C GLN EC 102 -91.27 65.80 -73.82
N THR EC 103 -90.02 65.58 -74.22
CA THR EC 103 -89.74 64.46 -75.12
C THR EC 103 -89.96 63.11 -74.45
N LEU EC 104 -89.73 63.02 -73.13
CA LEU EC 104 -90.07 61.78 -72.44
C LEU EC 104 -91.58 61.54 -72.49
N ILE EC 105 -92.38 62.59 -72.27
CA ILE EC 105 -93.82 62.46 -72.42
C ILE EC 105 -94.18 61.92 -73.81
N ALA EC 106 -93.61 62.55 -74.84
CA ALA EC 106 -93.87 62.13 -76.21
C ALA EC 106 -93.51 60.67 -76.43
N TRP EC 107 -92.36 60.24 -75.91
CA TRP EC 107 -91.94 58.86 -76.05
C TRP EC 107 -92.92 57.90 -75.40
N LEU EC 108 -93.31 58.21 -74.15
CA LEU EC 108 -94.29 57.39 -73.44
C LEU EC 108 -95.62 57.32 -74.17
N GLY EC 109 -95.88 58.26 -75.09
CA GLY EC 109 -97.03 58.14 -75.96
C GLY EC 109 -96.95 57.07 -77.04
N GLN EC 110 -95.76 56.78 -77.53
CA GLN EC 110 -95.58 56.04 -78.78
C GLN EC 110 -95.92 54.56 -78.64
N GLN EC 111 -96.20 53.94 -79.78
CA GLN EC 111 -96.55 52.52 -79.80
C GLN EC 111 -95.37 51.66 -79.40
N CYS EC 112 -94.17 52.00 -79.88
CA CYS EC 112 -93.00 51.19 -79.55
C CYS EC 112 -92.75 51.13 -78.06
N VAL EC 113 -93.33 52.05 -77.29
CA VAL EC 113 -93.26 52.02 -75.83
C VAL EC 113 -94.50 51.36 -75.23
N SER EC 114 -95.68 51.64 -75.78
CA SER EC 114 -96.90 51.09 -75.21
C SER EC 114 -96.97 49.58 -75.37
N ASP EC 115 -96.56 49.05 -76.53
CA ASP EC 115 -96.65 47.63 -76.78
C ASP EC 115 -95.90 46.77 -75.73
N PRO EC 116 -94.65 47.08 -75.40
CA PRO EC 116 -94.02 46.30 -74.30
C PRO EC 116 -94.58 46.62 -72.93
N VAL EC 117 -94.79 47.89 -72.61
CA VAL EC 117 -95.33 48.25 -71.30
C VAL EC 117 -96.72 47.68 -71.11
N ASP EC 118 -97.66 48.04 -72.00
CA ASP EC 118 -99.06 47.68 -71.79
C ASP EC 118 -99.27 46.17 -71.87
N SER EC 119 -98.85 45.55 -72.97
CA SER EC 119 -99.19 44.15 -73.21
C SER EC 119 -98.00 43.21 -73.27
N GLY EC 120 -96.76 43.72 -73.24
CA GLY EC 120 -95.60 42.86 -73.26
C GLY EC 120 -95.09 42.49 -74.63
N LEU EC 121 -95.63 43.07 -75.69
CA LEU EC 121 -95.10 42.83 -77.03
C LEU EC 121 -93.80 43.58 -77.21
N ASN EC 122 -92.73 42.86 -77.56
CA ASN EC 122 -91.51 43.55 -77.92
C ASN EC 122 -91.58 43.99 -79.39
N ASN EC 123 -90.71 44.93 -79.73
CA ASN EC 123 -90.69 45.42 -81.09
C ASN EC 123 -89.72 44.61 -81.94
N TYR EC 124 -90.07 44.46 -83.20
CA TYR EC 124 -89.32 43.60 -84.10
C TYR EC 124 -89.17 44.23 -85.46
N MET FC 1 -96.97 81.74 -39.41
CA MET FC 1 -97.39 82.37 -40.66
C MET FC 1 -97.51 81.32 -41.76
N ARG FC 2 -98.54 81.46 -42.60
CA ARG FC 2 -98.67 80.64 -43.80
C ARG FC 2 -97.66 81.12 -44.84
N LEU FC 3 -96.61 80.35 -45.05
CA LEU FC 3 -95.52 80.81 -45.90
C LEU FC 3 -95.98 80.93 -47.34
N THR FC 4 -95.69 82.08 -47.94
CA THR FC 4 -95.85 82.29 -49.37
C THR FC 4 -94.72 83.17 -49.86
N ASP FC 5 -94.56 83.21 -51.18
CA ASP FC 5 -93.52 84.01 -51.81
C ASP FC 5 -93.61 85.45 -51.30
N VAL FC 6 -92.47 86.13 -51.20
CA VAL FC 6 -92.46 87.50 -50.74
C VAL FC 6 -91.65 88.35 -51.71
N ASP FC 7 -91.97 89.65 -51.70
CA ASP FC 7 -91.22 90.66 -52.43
C ASP FC 7 -90.75 91.70 -51.44
N LEU FC 8 -89.47 92.03 -51.49
CA LEU FC 8 -88.83 92.95 -50.56
C LEU FC 8 -88.52 94.27 -51.26
N THR FC 9 -88.73 95.36 -50.54
CA THR FC 9 -88.36 96.68 -51.01
C THR FC 9 -86.94 96.95 -50.52
N VAL FC 10 -86.01 97.09 -51.45
CA VAL FC 10 -84.58 97.22 -51.13
C VAL FC 10 -84.08 98.51 -51.73
N GLY FC 11 -83.96 99.55 -50.90
CA GLY FC 11 -83.60 100.85 -51.40
C GLY FC 11 -84.57 101.30 -52.47
N GLU FC 12 -84.09 101.39 -53.71
CA GLU FC 12 -84.92 101.83 -54.83
C GLU FC 12 -85.13 100.72 -55.85
N GLU FC 13 -85.03 99.46 -55.43
CA GLU FC 13 -85.31 98.33 -56.29
C GLU FC 13 -86.24 97.37 -55.55
N THR FC 14 -86.80 96.43 -56.29
CA THR FC 14 -87.66 95.41 -55.71
C THR FC 14 -87.05 94.04 -55.94
N ARG FC 15 -86.92 93.27 -54.87
CA ARG FC 15 -86.29 91.96 -54.87
C ARG FC 15 -87.36 90.91 -54.68
N GLU FC 16 -87.43 89.92 -55.57
CA GLU FC 16 -88.50 88.94 -55.55
C GLU FC 16 -87.96 87.57 -55.16
N TYR FC 17 -88.42 87.05 -54.03
CA TYR FC 17 -88.05 85.72 -53.60
C TYR FC 17 -89.23 84.78 -53.76
N ALA FC 18 -88.92 83.49 -53.85
CA ALA FC 18 -89.91 82.43 -53.95
C ALA FC 18 -89.56 81.32 -52.97
N VAL FC 19 -90.59 80.72 -52.37
CA VAL FC 19 -90.36 79.65 -51.41
C VAL FC 19 -89.70 78.49 -52.13
N SER FC 20 -88.55 78.06 -51.61
CA SER FC 20 -87.82 76.92 -52.16
C SER FC 20 -87.94 75.67 -51.32
N GLU FC 21 -88.12 75.79 -50.00
CA GLU FC 21 -88.53 74.63 -49.21
C GLU FC 21 -89.08 75.10 -47.87
N GLN FC 22 -89.99 74.30 -47.31
CA GLN FC 22 -90.54 74.57 -45.98
C GLN FC 22 -90.57 73.27 -45.19
N GLN FC 23 -89.86 73.25 -44.06
CA GLN FC 23 -89.86 72.15 -43.12
C GLN FC 23 -90.46 72.62 -41.80
N GLY FC 24 -90.43 71.73 -40.80
CA GLY FC 24 -91.11 72.03 -39.55
C GLY FC 24 -90.51 73.23 -38.86
N THR FC 25 -89.19 73.28 -38.74
CA THR FC 25 -88.48 74.35 -38.07
C THR FC 25 -87.59 75.17 -39.00
N LEU FC 26 -87.63 74.88 -40.31
CA LEU FC 26 -86.73 75.50 -41.27
C LEU FC 26 -87.49 75.89 -42.52
N PHE FC 27 -87.07 76.99 -43.15
CA PHE FC 27 -87.58 77.36 -44.46
C PHE FC 27 -86.49 78.04 -45.27
N ARG FC 28 -86.69 78.06 -46.59
CA ARG FC 28 -85.71 78.60 -47.52
C ARG FC 28 -86.42 79.25 -48.70
N PHE FC 29 -86.03 80.50 -48.98
CA PHE FC 29 -86.41 81.28 -50.15
C PHE FC 29 -85.24 81.39 -51.12
N VAL FC 30 -85.57 81.58 -52.39
CA VAL FC 30 -84.60 81.75 -53.46
C VAL FC 30 -84.97 82.99 -54.29
N ASP FC 31 -83.97 83.78 -54.69
CA ASP FC 31 -84.21 84.95 -55.53
C ASP FC 31 -84.71 84.52 -56.90
N LYS FC 32 -85.87 85.05 -57.29
CA LYS FC 32 -86.54 84.64 -58.53
C LYS FC 32 -85.72 84.95 -59.78
N SER FC 33 -84.72 85.82 -59.68
CA SER FC 33 -83.89 86.19 -60.81
C SER FC 33 -82.80 85.18 -61.14
N GLY FC 34 -82.84 83.99 -60.54
CA GLY FC 34 -81.73 83.06 -60.58
C GLY FC 34 -82.06 81.69 -61.18
N THR FC 35 -81.01 80.94 -61.45
CA THR FC 35 -81.06 79.59 -61.99
C THR FC 35 -80.27 78.66 -61.07
N VAL FC 36 -80.49 77.35 -61.18
CA VAL FC 36 -79.58 76.41 -60.54
C VAL FC 36 -78.15 76.67 -61.01
N ALA FC 37 -77.99 76.93 -62.32
CA ALA FC 37 -76.66 77.18 -62.85
C ALA FC 37 -76.09 78.49 -62.33
N ASN FC 38 -76.84 79.57 -62.44
CA ASN FC 38 -76.40 80.86 -61.96
C ASN FC 38 -77.35 81.34 -60.86
N ASN FC 39 -76.98 81.09 -59.61
CA ASN FC 39 -77.79 81.52 -58.48
C ASN FC 39 -77.50 82.97 -58.14
N THR FC 40 -78.53 83.65 -57.65
CA THR FC 40 -78.45 85.08 -57.40
C THR FC 40 -78.75 85.48 -55.97
N GLY FC 41 -79.30 84.58 -55.16
CA GLY FC 41 -79.60 84.90 -53.78
C GLY FC 41 -80.38 83.82 -53.09
N VAL FC 42 -80.09 83.57 -51.82
CA VAL FC 42 -80.84 82.61 -51.03
C VAL FC 42 -80.99 83.17 -49.63
N PHE FC 43 -82.11 82.81 -48.99
CA PHE FC 43 -82.35 83.15 -47.60
C PHE FC 43 -82.90 81.91 -46.90
N SER FC 44 -82.40 81.64 -45.70
CA SER FC 44 -82.82 80.47 -44.96
C SER FC 44 -82.94 80.83 -43.48
N LEU FC 45 -83.90 80.21 -42.81
CA LEU FC 45 -84.12 80.45 -41.39
C LEU FC 45 -84.50 79.15 -40.69
N GLU FC 46 -83.96 78.95 -39.50
CA GLU FC 46 -84.21 77.75 -38.70
C GLU FC 46 -84.35 78.14 -37.24
N GLN FC 47 -85.32 77.53 -36.55
CA GLN FC 47 -85.44 77.69 -35.11
C GLN FC 47 -85.10 76.37 -34.42
N ARG FC 48 -84.18 76.43 -33.47
CA ARG FC 48 -83.93 75.34 -32.54
C ARG FC 48 -84.55 75.75 -31.22
N PHE FC 49 -85.78 75.30 -31.00
CA PHE FC 49 -86.43 75.48 -29.71
C PHE FC 49 -85.72 74.61 -28.70
N GLY FC 50 -85.09 75.23 -27.71
CA GLY FC 50 -84.22 74.49 -26.81
C GLY FC 50 -84.96 73.69 -25.78
N ALA FC 51 -84.17 72.94 -25.00
CA ALA FC 51 -84.71 72.27 -23.82
C ALA FC 51 -85.30 73.28 -22.85
N ALA FC 52 -86.10 72.78 -21.90
CA ALA FC 52 -86.85 73.66 -21.02
C ALA FC 52 -85.93 74.57 -20.20
N ASN FC 53 -84.68 74.17 -19.99
CA ASN FC 53 -83.73 75.00 -19.28
C ASN FC 53 -83.02 75.99 -20.19
N SER FC 54 -82.83 75.64 -21.46
CA SER FC 54 -82.03 76.43 -22.38
C SER FC 54 -82.86 77.51 -23.06
N ASN FC 55 -82.15 78.44 -23.69
CA ASN FC 55 -82.77 79.43 -24.56
C ASN FC 55 -83.10 78.81 -25.91
N ARG FC 56 -84.08 79.38 -26.59
CA ARG FC 56 -84.32 78.97 -27.96
C ARG FC 56 -83.51 79.87 -28.88
N LYS FC 57 -83.08 79.30 -30.00
CA LYS FC 57 -82.22 79.99 -30.96
C LYS FC 57 -82.94 80.06 -32.31
N VAL FC 58 -82.83 81.22 -32.96
CA VAL FC 58 -83.30 81.38 -34.33
C VAL FC 58 -82.14 81.89 -35.15
N THR FC 59 -81.85 81.22 -36.26
CA THR FC 59 -80.72 81.59 -37.09
C THR FC 59 -81.19 81.82 -38.53
N MET FC 60 -80.58 82.82 -39.17
CA MET FC 60 -80.86 83.19 -40.54
C MET FC 60 -79.55 83.34 -41.29
N LEU FC 61 -79.57 82.86 -42.54
CA LEU FC 61 -78.45 83.02 -43.45
C LEU FC 61 -78.95 83.62 -44.76
N LEU FC 62 -78.37 84.74 -45.14
CA LEU FC 62 -78.62 85.40 -46.41
C LEU FC 62 -77.34 85.32 -47.23
N THR FC 63 -77.44 84.77 -48.45
CA THR FC 63 -76.29 84.62 -49.31
C THR FC 63 -76.56 85.28 -50.65
N ASP FC 64 -75.69 86.21 -51.03
CA ASP FC 64 -75.77 86.89 -52.33
C ASP FC 64 -74.50 86.59 -53.10
N PRO FC 65 -74.61 85.77 -54.14
CA PRO FC 65 -73.47 85.53 -55.03
C PRO FC 65 -73.49 86.47 -56.23
N VAL FC 66 -72.28 86.84 -56.66
CA VAL FC 66 -72.05 87.73 -57.79
C VAL FC 66 -70.95 87.14 -58.66
N VAL FC 67 -71.08 87.32 -59.95
CA VAL FC 67 -70.03 86.92 -60.89
C VAL FC 67 -69.04 88.07 -61.01
N VAL FC 68 -67.75 87.73 -61.02
CA VAL FC 68 -66.65 88.68 -61.09
C VAL FC 68 -65.62 88.15 -62.07
N LYS FC 69 -65.12 89.01 -62.94
CA LYS FC 69 -64.03 88.61 -63.83
C LYS FC 69 -62.76 88.41 -63.01
N ASP FC 70 -61.95 87.46 -63.43
CA ASP FC 70 -60.71 87.12 -62.76
C ASP FC 70 -59.54 87.88 -63.39
N ALA FC 71 -58.41 87.91 -62.68
CA ALA FC 71 -57.19 88.45 -63.28
C ALA FC 71 -56.82 87.69 -64.54
N SER FC 72 -57.09 86.38 -64.56
CA SER FC 72 -56.91 85.57 -65.76
C SER FC 72 -58.02 85.79 -66.80
N GLY FC 73 -59.01 86.63 -66.49
CA GLY FC 73 -60.16 86.82 -67.35
C GLY FC 73 -61.30 85.87 -67.11
N ALA FC 74 -61.02 84.68 -66.57
CA ALA FC 74 -62.04 83.67 -66.33
C ALA FC 74 -63.15 84.22 -65.43
N ASP FC 75 -64.37 83.73 -65.65
CA ASP FC 75 -65.49 84.16 -64.84
C ASP FC 75 -65.53 83.35 -63.54
N MET FC 76 -65.73 84.04 -62.43
CA MET FC 76 -65.60 83.46 -61.09
C MET FC 76 -66.77 83.91 -60.24
N THR FC 77 -67.49 82.97 -59.65
CA THR FC 77 -68.65 83.29 -58.82
C THR FC 77 -68.23 83.38 -57.35
N ILE FC 78 -68.60 84.49 -56.71
CA ILE FC 78 -68.16 84.83 -55.37
C ILE FC 78 -69.38 85.10 -54.51
N LYS FC 79 -69.41 84.53 -53.31
CA LYS FC 79 -70.54 84.67 -52.41
C LYS FC 79 -70.18 85.59 -51.23
N ALA FC 80 -71.12 86.43 -50.83
CA ALA FC 80 -71.05 87.21 -49.60
C ALA FC 80 -72.21 86.78 -48.70
N ASN FC 81 -71.92 86.64 -47.40
CA ASN FC 81 -72.90 86.07 -46.48
C ASN FC 81 -73.19 87.03 -45.36
N ALA FC 82 -74.45 87.01 -44.91
CA ALA FC 82 -74.87 87.66 -43.69
C ALA FC 82 -75.62 86.64 -42.85
N SER FC 83 -75.31 86.57 -41.56
CA SER FC 83 -75.95 85.59 -40.70
C SER FC 83 -76.39 86.29 -39.42
N VAL FC 84 -77.65 86.07 -39.05
CA VAL FC 84 -78.22 86.65 -37.84
C VAL FC 84 -78.65 85.51 -36.92
N THR FC 85 -78.43 85.69 -35.62
CA THR FC 85 -78.82 84.69 -34.63
C THR FC 85 -79.44 85.38 -33.42
N PHE FC 86 -80.66 84.99 -33.10
CA PHE FC 86 -81.38 85.47 -31.93
C PHE FC 86 -81.33 84.38 -30.86
N SER FC 87 -80.74 84.71 -29.72
CA SER FC 87 -80.78 83.85 -28.53
C SER FC 87 -81.80 84.46 -27.59
N LEU FC 88 -82.91 83.74 -27.42
CA LEU FC 88 -84.06 84.25 -26.67
C LEU FC 88 -84.39 83.28 -25.55
N PRO FC 89 -84.17 83.68 -24.30
CA PRO FC 89 -84.58 82.85 -23.17
C PRO FC 89 -86.09 82.74 -23.09
N LYS FC 90 -86.56 81.63 -22.52
CA LYS FC 90 -87.99 81.40 -22.47
C LYS FC 90 -88.71 82.45 -21.63
N THR FC 91 -88.14 82.81 -20.48
CA THR FC 91 -88.77 83.76 -19.57
C THR FC 91 -88.80 85.17 -20.13
N TYR FC 92 -88.05 85.44 -21.19
CA TYR FC 92 -88.03 86.77 -21.80
C TYR FC 92 -89.36 87.04 -22.49
N PRO FC 93 -89.96 88.22 -22.32
CA PRO FC 93 -91.31 88.46 -22.86
C PRO FC 93 -91.32 88.75 -24.36
N ASN FC 94 -92.32 88.19 -25.05
CA ASN FC 94 -92.43 88.33 -26.49
C ASN FC 94 -92.40 89.79 -26.92
N GLU FC 95 -92.96 90.68 -26.09
CA GLU FC 95 -92.97 92.11 -26.41
C GLU FC 95 -91.55 92.64 -26.57
N HIS FC 96 -90.71 92.47 -25.53
CA HIS FC 96 -89.33 92.93 -25.61
C HIS FC 96 -88.54 92.21 -26.69
N ILE FC 97 -88.93 91.00 -27.07
CA ILE FC 97 -88.30 90.37 -28.24
C ILE FC 97 -88.56 91.18 -29.51
N THR FC 98 -89.84 91.51 -29.77
CA THR FC 98 -90.13 92.33 -30.96
C THR FC 98 -89.36 93.65 -30.90
N LYS FC 99 -89.27 94.24 -29.69
CA LYS FC 99 -88.44 95.43 -29.51
C LYS FC 99 -87.01 95.21 -29.98
N LEU FC 100 -86.40 94.10 -29.53
CA LEU FC 100 -85.03 93.78 -29.92
C LEU FC 100 -84.89 93.69 -31.44
N ARG FC 101 -85.80 92.96 -32.08
CA ARG FC 101 -85.71 92.80 -33.54
C ARG FC 101 -85.79 94.16 -34.25
N GLN FC 102 -86.72 95.00 -33.81
CA GLN FC 102 -86.87 96.29 -34.48
C GLN FC 102 -85.64 97.18 -34.27
N THR FC 103 -85.10 97.20 -33.04
CA THR FC 103 -83.88 97.99 -32.83
C THR FC 103 -82.73 97.48 -33.66
N LEU FC 104 -82.68 96.16 -33.91
CA LEU FC 104 -81.63 95.64 -34.78
C LEU FC 104 -81.79 96.14 -36.21
N ILE FC 105 -83.03 96.14 -36.71
CA ILE FC 105 -83.28 96.72 -38.03
C ILE FC 105 -82.80 98.18 -38.08
N ALA FC 106 -83.17 98.95 -37.06
CA ALA FC 106 -82.77 100.35 -37.00
C ALA FC 106 -81.26 100.50 -37.04
N TRP FC 107 -80.56 99.70 -36.23
CA TRP FC 107 -79.10 99.77 -36.22
C TRP FC 107 -78.52 99.44 -37.59
N LEU FC 108 -79.03 98.38 -38.23
CA LEU FC 108 -78.54 97.98 -39.53
C LEU FC 108 -78.73 99.06 -40.57
N GLY FC 109 -79.68 99.96 -40.36
CA GLY FC 109 -79.85 101.11 -41.23
C GLY FC 109 -78.82 102.22 -41.04
N GLN FC 110 -78.23 102.30 -39.85
CA GLN FC 110 -77.42 103.44 -39.46
C GLN FC 110 -76.11 103.50 -40.26
N GLN FC 111 -75.56 104.71 -40.34
CA GLN FC 111 -74.32 104.88 -41.08
C GLN FC 111 -73.12 104.30 -40.33
N CYS FC 112 -73.13 104.36 -38.99
CA CYS FC 112 -72.03 103.77 -38.23
C CYS FC 112 -71.94 102.26 -38.44
N VAL FC 113 -73.02 101.64 -38.87
CA VAL FC 113 -73.01 100.22 -39.20
C VAL FC 113 -72.75 100.01 -40.70
N SER FC 114 -73.32 100.85 -41.55
CA SER FC 114 -73.18 100.64 -43.00
C SER FC 114 -71.76 100.91 -43.46
N ASP FC 115 -71.12 101.96 -42.95
CA ASP FC 115 -69.78 102.32 -43.41
C ASP FC 115 -68.78 101.18 -43.25
N PRO FC 116 -68.65 100.51 -42.10
CA PRO FC 116 -67.73 99.37 -42.04
C PRO FC 116 -68.21 98.17 -42.84
N VAL FC 117 -69.51 97.87 -42.80
CA VAL FC 117 -70.03 96.73 -43.55
C VAL FC 117 -69.88 96.96 -45.06
N ASP FC 118 -70.39 98.10 -45.54
CA ASP FC 118 -70.44 98.31 -47.00
C ASP FC 118 -69.06 98.59 -47.58
N SER FC 119 -68.29 99.47 -46.94
CA SER FC 119 -67.06 99.98 -47.54
C SER FC 119 -65.79 99.57 -46.81
N GLY FC 120 -65.90 98.91 -45.65
CA GLY FC 120 -64.72 98.50 -44.92
C GLY FC 120 -64.01 99.60 -44.17
N LEU FC 121 -64.62 100.78 -44.04
CA LEU FC 121 -64.03 101.86 -43.28
C LEU FC 121 -64.53 101.80 -41.83
N ASN FC 122 -63.60 101.90 -40.89
CA ASN FC 122 -63.99 101.90 -39.49
C ASN FC 122 -64.44 103.30 -39.06
N ASN FC 123 -65.10 103.36 -37.92
CA ASN FC 123 -65.57 104.62 -37.39
C ASN FC 123 -64.51 105.24 -36.49
N TYR FC 124 -64.69 106.54 -36.20
CA TYR FC 124 -63.74 107.31 -35.43
C TYR FC 124 -64.40 108.45 -34.62
N MET GC 1 33.48 23.84 -126.41
CA MET GC 1 34.59 23.72 -127.34
C MET GC 1 35.42 22.47 -127.04
N ARG GC 2 35.83 21.75 -128.08
CA ARG GC 2 36.76 20.65 -127.91
C ARG GC 2 38.11 21.20 -127.47
N LEU GC 3 38.51 20.85 -126.25
CA LEU GC 3 39.70 21.42 -125.64
C LEU GC 3 40.95 21.04 -126.42
N THR GC 4 41.86 22.00 -126.50
CA THR GC 4 43.18 21.77 -127.08
C THR GC 4 44.17 22.59 -126.27
N ASP GC 5 45.44 22.16 -126.32
CA ASP GC 5 46.49 22.95 -125.69
C ASP GC 5 46.41 24.39 -126.17
N VAL GC 6 46.82 25.33 -125.33
CA VAL GC 6 46.57 26.74 -125.57
C VAL GC 6 47.89 27.48 -125.53
N ASP GC 7 48.07 28.40 -126.48
CA ASP GC 7 49.23 29.27 -126.49
C ASP GC 7 48.75 30.70 -126.40
N LEU GC 8 49.18 31.42 -125.36
CA LEU GC 8 48.78 32.77 -125.07
C LEU GC 8 49.91 33.73 -125.39
N THR GC 9 49.57 34.87 -125.99
CA THR GC 9 50.52 35.94 -126.18
C THR GC 9 50.40 36.87 -124.99
N VAL GC 10 51.47 37.03 -124.23
CA VAL GC 10 51.47 37.75 -122.96
C VAL GC 10 52.51 38.85 -123.04
N GLY GC 11 52.05 40.10 -123.21
CA GLY GC 11 52.97 41.19 -123.39
C GLY GC 11 53.86 40.91 -124.58
N GLU GC 12 55.14 40.67 -124.34
CA GLU GC 12 56.10 40.43 -125.41
C GLU GC 12 56.69 39.03 -125.33
N GLU GC 13 56.02 38.12 -124.63
CA GLU GC 13 56.45 36.73 -124.51
C GLU GC 13 55.28 35.84 -124.92
N THR GC 14 55.54 34.56 -125.11
CA THR GC 14 54.49 33.60 -125.40
C THR GC 14 54.49 32.49 -124.36
N ARG GC 15 53.33 32.24 -123.77
CA ARG GC 15 53.13 31.30 -122.70
C ARG GC 15 52.33 30.11 -123.21
N GLU GC 16 52.81 28.89 -122.94
CA GLU GC 16 52.20 27.68 -123.48
C GLU GC 16 51.64 26.83 -122.36
N TYR GC 17 50.34 26.54 -122.44
CA TYR GC 17 49.63 25.71 -121.48
C TYR GC 17 49.17 24.42 -122.16
N ALA GC 18 49.05 23.38 -121.35
CA ALA GC 18 48.58 22.08 -121.81
C ALA GC 18 47.43 21.61 -120.92
N VAL GC 19 46.47 20.91 -121.54
CA VAL GC 19 45.31 20.41 -120.80
C VAL GC 19 45.77 19.40 -119.78
N SER GC 20 45.37 19.61 -118.51
CA SER GC 20 45.67 18.69 -117.42
C SER GC 20 44.49 17.84 -117.00
N GLU GC 21 43.28 18.39 -116.94
CA GLU GC 21 42.11 17.54 -116.75
C GLU GC 21 40.86 18.26 -117.23
N GLN GC 22 39.87 17.47 -117.64
CA GLN GC 22 38.58 18.02 -118.08
C GLN GC 22 37.47 17.18 -117.50
N GLN GC 23 36.57 17.83 -116.77
CA GLN GC 23 35.37 17.22 -116.23
C GLN GC 23 34.17 17.82 -116.94
N GLY GC 24 32.97 17.46 -116.47
CA GLY GC 24 31.77 17.92 -117.13
C GLY GC 24 31.66 19.43 -117.13
N THR GC 25 31.92 20.05 -115.97
CA THR GC 25 31.81 21.49 -115.81
C THR GC 25 33.10 22.13 -115.32
N LEU GC 26 34.23 21.42 -115.42
CA LEU GC 26 35.50 21.92 -114.91
C LEU GC 26 36.63 21.50 -115.84
N PHE GC 27 37.62 22.38 -115.98
CA PHE GC 27 38.86 22.01 -116.67
C PHE GC 27 40.05 22.73 -116.05
N ARG GC 28 41.23 22.18 -116.33
CA ARG GC 28 42.48 22.68 -115.78
C ARG GC 28 43.60 22.51 -116.79
N PHE GC 29 44.31 23.61 -117.03
CA PHE GC 29 45.55 23.69 -117.80
C PHE GC 29 46.75 23.90 -116.87
N VAL GC 30 47.90 23.43 -117.35
CA VAL GC 30 49.18 23.60 -116.65
C VAL GC 30 50.17 24.28 -117.60
N ASP GC 31 51.00 25.17 -117.06
CA ASP GC 31 52.05 25.82 -117.84
C ASP GC 31 53.10 24.79 -118.24
N LYS GC 32 53.36 24.68 -119.55
CA LYS GC 32 54.33 23.70 -120.05
C LYS GC 32 55.75 23.98 -119.57
N SER GC 33 56.00 25.14 -118.96
CA SER GC 33 57.31 25.44 -118.41
C SER GC 33 57.68 24.57 -117.23
N GLY GC 34 56.71 23.85 -116.63
CA GLY GC 34 56.88 23.25 -115.34
C GLY GC 34 56.72 21.74 -115.32
N THR GC 35 57.10 21.16 -114.19
CA THR GC 35 57.01 19.74 -113.88
C THR GC 35 55.94 19.52 -112.83
N VAL GC 36 55.51 18.26 -112.70
CA VAL GC 36 54.83 17.84 -111.47
C VAL GC 36 55.60 18.33 -110.25
N ALA GC 37 56.91 18.08 -110.25
CA ALA GC 37 57.76 18.49 -109.14
C ALA GC 37 57.75 20.01 -108.96
N ASN GC 38 58.22 20.73 -109.96
CA ASN GC 38 58.27 22.18 -109.92
C ASN GC 38 57.25 22.75 -110.90
N ASN GC 39 56.26 23.45 -110.35
CA ASN GC 39 55.16 24.00 -111.15
C ASN GC 39 55.40 25.48 -111.44
N THR GC 40 55.11 25.88 -112.69
CA THR GC 40 55.27 27.26 -113.10
C THR GC 40 53.97 28.02 -113.26
N GLY GC 41 52.83 27.34 -113.37
CA GLY GC 41 51.56 28.02 -113.53
C GLY GC 41 50.39 27.07 -113.70
N VAL GC 42 49.22 27.48 -113.23
CA VAL GC 42 48.02 26.67 -113.34
C VAL GC 42 46.83 27.56 -113.63
N PHE GC 43 45.89 27.04 -114.42
CA PHE GC 43 44.64 27.72 -114.69
C PHE GC 43 43.50 26.72 -114.58
N SER GC 44 42.44 27.13 -113.90
CA SER GC 44 41.29 26.25 -113.70
C SER GC 44 40.00 27.06 -113.88
N LEU GC 45 38.99 26.41 -114.44
CA LEU GC 45 37.69 27.06 -114.69
C LEU GC 45 36.57 26.07 -114.39
N GLU GC 46 35.54 26.54 -113.68
CA GLU GC 46 34.38 25.71 -113.33
C GLU GC 46 33.09 26.51 -113.46
N GLN GC 47 32.06 25.88 -114.02
CA GLN GC 47 30.73 26.49 -114.12
C GLN GC 47 29.76 25.77 -113.20
N ARG GC 48 28.90 26.56 -112.55
CA ARG GC 48 27.88 26.06 -111.63
C ARG GC 48 26.55 26.63 -112.10
N PHE GC 49 25.79 25.79 -112.80
CA PHE GC 49 24.44 26.11 -113.27
C PHE GC 49 23.47 25.91 -112.11
N GLY GC 50 22.86 27.00 -111.63
CA GLY GC 50 21.95 26.91 -110.51
C GLY GC 50 20.54 26.54 -110.94
N ALA GC 51 19.59 26.71 -110.01
CA ALA GC 51 18.18 26.57 -110.37
C ALA GC 51 17.73 27.74 -111.23
N ALA GC 52 16.51 27.61 -111.77
CA ALA GC 52 16.00 28.62 -112.70
C ALA GC 52 15.83 29.99 -112.04
N ASN GC 53 15.70 30.03 -110.71
CA ASN GC 53 15.71 31.29 -109.99
C ASN GC 53 17.12 31.75 -109.63
N SER GC 54 18.11 30.88 -109.76
CA SER GC 54 19.48 31.20 -109.40
C SER GC 54 20.27 31.64 -110.64
N ASN GC 55 21.25 32.51 -110.39
CA ASN GC 55 22.19 32.88 -111.44
C ASN GC 55 23.22 31.77 -111.62
N ARG GC 56 23.53 31.45 -112.87
CA ARG GC 56 24.65 30.55 -113.08
C ARG GC 56 25.95 31.31 -112.81
N LYS GC 57 26.95 30.57 -112.36
CA LYS GC 57 28.19 31.19 -111.92
C LYS GC 57 29.37 30.50 -112.59
N VAL GC 58 30.40 31.27 -112.90
CA VAL GC 58 31.57 30.76 -113.61
C VAL GC 58 32.80 31.31 -112.91
N THR GC 59 33.70 30.43 -112.46
CA THR GC 59 34.84 30.87 -111.68
C THR GC 59 36.16 30.36 -112.26
N MET GC 60 37.15 31.24 -112.27
CA MET GC 60 38.48 30.98 -112.80
C MET GC 60 39.51 31.26 -111.71
N LEU GC 61 40.52 30.40 -111.65
CA LEU GC 61 41.67 30.59 -110.77
C LEU GC 61 42.95 30.45 -111.60
N LEU GC 62 43.77 31.49 -111.55
CA LEU GC 62 45.08 31.52 -112.21
C LEU GC 62 46.12 31.64 -111.11
N THR GC 63 47.02 30.67 -111.04
CA THR GC 63 48.06 30.64 -110.03
C THR GC 63 49.43 30.67 -110.70
N ASP GC 64 50.27 31.62 -110.25
CA ASP GC 64 51.64 31.77 -110.75
C ASP GC 64 52.60 31.68 -109.58
N PRO GC 65 53.29 30.55 -109.45
CA PRO GC 65 54.34 30.44 -108.44
C PRO GC 65 55.69 30.84 -109.00
N VAL GC 66 56.49 31.46 -108.12
CA VAL GC 66 57.83 31.93 -108.44
C VAL GC 66 58.75 31.51 -107.30
N VAL GC 67 59.98 31.17 -107.64
CA VAL GC 67 60.99 30.89 -106.64
C VAL GC 67 61.72 32.18 -106.27
N VAL GC 68 61.79 32.47 -104.97
CA VAL GC 68 62.39 33.68 -104.44
C VAL GC 68 63.47 33.29 -103.44
N LYS GC 69 64.49 34.13 -103.32
CA LYS GC 69 65.53 33.95 -102.34
C LYS GC 69 65.00 34.24 -100.94
N ASP GC 70 65.38 33.40 -99.99
CA ASP GC 70 65.04 33.62 -98.59
C ASP GC 70 65.89 34.74 -98.02
N ALA GC 71 65.45 35.29 -96.88
CA ALA GC 71 66.28 36.25 -96.17
C ALA GC 71 67.58 35.60 -95.70
N SER GC 72 67.53 34.30 -95.39
CA SER GC 72 68.74 33.54 -95.13
C SER GC 72 69.46 33.16 -96.41
N GLY GC 73 68.73 33.03 -97.52
CA GLY GC 73 69.30 32.63 -98.80
C GLY GC 73 68.71 31.37 -99.38
N ALA GC 74 67.93 30.61 -98.61
CA ALA GC 74 67.34 29.38 -99.10
C ALA GC 74 66.38 29.65 -100.27
N ASP GC 75 66.12 28.59 -101.04
CA ASP GC 75 65.16 28.66 -102.13
C ASP GC 75 63.76 28.45 -101.59
N MET GC 76 62.84 29.36 -101.92
CA MET GC 76 61.50 29.29 -101.37
C MET GC 76 60.50 29.59 -102.48
N THR GC 77 59.41 28.83 -102.55
CA THR GC 77 58.41 29.01 -103.60
C THR GC 77 57.22 29.80 -103.06
N ILE GC 78 56.81 30.83 -103.81
CA ILE GC 78 55.76 31.76 -103.41
C ILE GC 78 54.77 31.85 -104.55
N LYS GC 79 53.48 31.69 -104.23
CA LYS GC 79 52.43 31.73 -105.23
C LYS GC 79 51.69 33.06 -105.16
N ALA GC 80 51.25 33.53 -106.33
CA ALA GC 80 50.36 34.68 -106.46
C ALA GC 80 49.10 34.22 -107.19
N ASN GC 81 47.94 34.63 -106.68
CA ASN GC 81 46.67 34.11 -107.18
C ASN GC 81 45.86 35.24 -107.79
N ALA GC 82 45.12 34.91 -108.84
CA ALA GC 82 44.10 35.80 -109.38
C ALA GC 82 42.85 34.97 -109.64
N SER GC 83 41.69 35.48 -109.23
CA SER GC 83 40.46 34.72 -109.37
C SER GC 83 39.37 35.61 -109.92
N VAL GC 84 38.67 35.11 -110.93
CA VAL GC 84 37.56 35.84 -111.55
C VAL GC 84 36.29 35.03 -111.32
N THR GC 85 35.18 35.74 -111.13
CA THR GC 85 33.87 35.09 -110.96
C THR GC 85 32.82 35.90 -111.72
N PHE GC 86 32.16 35.23 -112.66
CA PHE GC 86 31.06 35.80 -113.43
C PHE GC 86 29.75 35.29 -112.84
N SER GC 87 28.93 36.22 -112.34
CA SER GC 87 27.57 35.91 -111.90
C SER GC 87 26.63 36.37 -113.00
N LEU GC 88 26.01 35.41 -113.67
CA LEU GC 88 25.20 35.66 -114.87
C LEU GC 88 23.80 35.11 -114.64
N PRO GC 89 22.81 35.98 -114.49
CA PRO GC 89 21.42 35.52 -114.41
C PRO GC 89 20.96 34.91 -115.72
N LYS GC 90 19.97 34.03 -115.61
CA LYS GC 90 19.51 33.27 -116.76
C LYS GC 90 18.46 34.01 -117.58
N THR GC 91 18.15 35.26 -117.22
CA THR GC 91 17.36 36.16 -118.04
C THR GC 91 18.22 37.19 -118.73
N TYR GC 92 19.52 37.18 -118.47
CA TYR GC 92 20.48 38.11 -119.05
C TYR GC 92 20.91 37.60 -120.43
N PRO GC 93 20.97 38.44 -121.45
CA PRO GC 93 21.28 37.96 -122.80
C PRO GC 93 22.76 37.68 -123.03
N ASN GC 94 23.00 36.63 -123.81
CA ASN GC 94 24.36 36.17 -124.06
C ASN GC 94 25.20 37.27 -124.70
N GLU GC 95 24.60 38.08 -125.58
CA GLU GC 95 25.32 39.20 -126.17
C GLU GC 95 25.94 40.08 -125.10
N HIS GC 96 25.12 40.52 -124.14
CA HIS GC 96 25.63 41.40 -123.10
C HIS GC 96 26.60 40.69 -122.17
N ILE GC 97 26.51 39.37 -122.03
CA ILE GC 97 27.56 38.65 -121.31
C ILE GC 97 28.92 38.81 -122.03
N THR GC 98 28.90 38.64 -123.36
CA THR GC 98 30.14 38.83 -124.12
C THR GC 98 30.65 40.26 -123.96
N LYS GC 99 29.73 41.24 -124.05
CA LYS GC 99 30.09 42.63 -123.81
C LYS GC 99 30.77 42.81 -122.46
N LEU GC 100 30.20 42.19 -121.43
CA LEU GC 100 30.75 42.27 -120.08
C LEU GC 100 32.18 41.71 -120.04
N ARG GC 101 32.38 40.52 -120.60
CA ARG GC 101 33.70 39.90 -120.58
C ARG GC 101 34.73 40.79 -121.28
N GLN GC 102 34.35 41.36 -122.41
CA GLN GC 102 35.30 42.19 -123.14
C GLN GC 102 35.61 43.49 -122.38
N THR GC 103 34.59 44.12 -121.77
CA THR GC 103 34.86 45.31 -120.96
C THR GC 103 35.77 44.98 -119.80
N LEU GC 104 35.65 43.77 -119.24
CA LEU GC 104 36.55 43.37 -118.16
C LEU GC 104 37.97 43.26 -118.66
N ILE GC 105 38.17 42.66 -119.85
CA ILE GC 105 39.50 42.59 -120.42
C ILE GC 105 40.08 43.99 -120.60
N ALA GC 106 39.27 44.90 -121.15
CA ALA GC 106 39.72 46.27 -121.36
C ALA GC 106 40.11 46.94 -120.04
N TRP GC 107 39.29 46.74 -119.01
CA TRP GC 107 39.60 47.33 -117.71
C TRP GC 107 40.90 46.77 -117.14
N LEU GC 108 41.09 45.46 -117.25
CA LEU GC 108 42.33 44.84 -116.77
C LEU GC 108 43.53 45.36 -117.52
N GLY GC 109 43.34 45.88 -118.73
CA GLY GC 109 44.41 46.55 -119.44
C GLY GC 109 44.78 47.92 -118.92
N GLN GC 110 43.82 48.60 -118.27
CA GLN GC 110 43.97 50.02 -117.95
C GLN GC 110 45.08 50.26 -116.94
N GLN GC 111 45.63 51.48 -116.97
CA GLN GC 111 46.68 51.82 -116.02
C GLN GC 111 46.13 52.00 -114.61
N CYS GC 112 44.89 52.52 -114.49
CA CYS GC 112 44.30 52.71 -113.17
C CYS GC 112 44.02 51.37 -112.48
N VAL GC 113 43.91 50.29 -113.24
CA VAL GC 113 43.87 48.96 -112.65
C VAL GC 113 45.27 48.39 -112.48
N SER GC 114 46.18 48.73 -113.40
CA SER GC 114 47.53 48.16 -113.37
C SER GC 114 48.31 48.64 -112.15
N ASP GC 115 48.26 49.94 -111.85
CA ASP GC 115 49.10 50.48 -110.78
C ASP GC 115 48.85 49.82 -109.42
N PRO GC 116 47.61 49.70 -108.92
CA PRO GC 116 47.45 48.99 -107.64
C PRO GC 116 47.79 47.52 -107.72
N VAL GC 117 47.39 46.84 -108.78
CA VAL GC 117 47.68 45.42 -108.91
C VAL GC 117 49.18 45.18 -109.04
N ASP GC 118 49.80 45.78 -110.05
CA ASP GC 118 51.19 45.45 -110.37
C ASP GC 118 52.16 45.96 -109.31
N SER GC 119 51.96 47.19 -108.83
CA SER GC 119 52.94 47.83 -107.96
C SER GC 119 52.44 48.22 -106.59
N GLY GC 120 51.13 48.20 -106.35
CA GLY GC 120 50.59 48.56 -105.05
C GLY GC 120 50.27 50.02 -104.88
N LEU GC 121 50.55 50.86 -105.87
CA LEU GC 121 50.22 52.27 -105.77
C LEU GC 121 48.72 52.47 -105.99
N ASN GC 122 48.09 53.23 -105.10
CA ASN GC 122 46.71 53.62 -105.32
C ASN GC 122 46.62 54.83 -106.25
N ASN GC 123 45.46 54.96 -106.88
CA ASN GC 123 45.23 56.12 -107.74
C ASN GC 123 44.71 57.29 -106.92
N TYR GC 124 44.84 58.49 -107.48
CA TYR GC 124 44.48 59.70 -106.75
C TYR GC 124 43.74 60.71 -107.62
N MET HC 1 30.09 7.04 -129.24
CA MET HC 1 30.48 7.80 -130.42
C MET HC 1 31.24 9.06 -130.02
N ARG HC 2 31.93 9.67 -130.98
CA ARG HC 2 32.60 10.94 -130.76
C ARG HC 2 31.60 12.07 -130.98
N LEU HC 3 31.23 12.75 -129.88
CA LEU HC 3 30.19 13.78 -129.93
C LEU HC 3 30.56 14.90 -130.89
N THR HC 4 29.62 15.23 -131.76
CA THR HC 4 29.71 16.34 -132.69
C THR HC 4 28.39 17.08 -132.65
N ASP HC 5 28.45 18.39 -132.91
CA ASP HC 5 27.22 19.18 -132.98
C ASP HC 5 26.24 18.52 -133.94
N VAL HC 6 24.96 18.59 -133.63
CA VAL HC 6 23.95 17.79 -134.32
C VAL HC 6 22.94 18.73 -134.96
N ASP HC 7 22.48 18.36 -136.15
CA ASP HC 7 21.41 19.08 -136.82
C ASP HC 7 20.28 18.11 -137.13
N LEU HC 8 19.10 18.43 -136.59
CA LEU HC 8 17.93 17.57 -136.67
C LEU HC 8 16.94 18.17 -137.66
N THR HC 9 16.40 17.31 -138.51
CA THR HC 9 15.36 17.71 -139.43
C THR HC 9 14.03 17.48 -138.72
N VAL HC 10 13.34 18.57 -138.38
CA VAL HC 10 12.14 18.54 -137.57
C VAL HC 10 10.99 19.05 -138.43
N GLY HC 11 10.19 18.14 -138.97
CA GLY HC 11 9.15 18.52 -139.89
C GLY HC 11 9.75 19.21 -141.09
N GLU HC 12 9.49 20.50 -141.24
CA GLU HC 12 10.02 21.26 -142.36
C GLU HC 12 11.05 22.28 -141.91
N GLU HC 13 11.59 22.12 -140.72
CA GLU HC 13 12.56 23.06 -140.18
C GLU HC 13 13.81 22.27 -139.79
N THR HC 14 14.89 22.98 -139.49
CA THR HC 14 16.12 22.35 -139.04
C THR HC 14 16.53 22.96 -137.71
N ARG HC 15 16.59 22.12 -136.68
CA ARG HC 15 17.09 22.51 -135.37
C ARG HC 15 18.58 22.19 -135.30
N GLU HC 16 19.34 23.08 -134.64
CA GLU HC 16 20.80 22.95 -134.62
C GLU HC 16 21.31 23.03 -133.18
N TYR HC 17 21.78 21.90 -132.67
CA TYR HC 17 22.25 21.79 -131.30
C TYR HC 17 23.77 21.70 -131.28
N ALA HC 18 24.34 22.26 -130.21
CA ALA HC 18 25.77 22.24 -129.95
C ALA HC 18 26.05 21.53 -128.63
N VAL HC 19 27.16 20.78 -128.60
CA VAL HC 19 27.55 20.07 -127.38
C VAL HC 19 27.81 21.07 -126.28
N SER HC 20 27.15 20.88 -125.14
CA SER HC 20 27.29 21.76 -123.99
C SER HC 20 27.98 21.13 -122.80
N GLU HC 21 27.87 19.82 -122.59
CA GLU HC 21 28.77 19.17 -121.64
C GLU HC 21 28.85 17.68 -121.90
N GLN HC 22 30.01 17.11 -121.56
CA GLN HC 22 30.25 15.68 -121.68
C GLN HC 22 30.90 15.20 -120.39
N GLN HC 23 30.22 14.30 -119.68
CA GLN HC 23 30.77 13.67 -118.50
C GLN HC 23 31.07 12.22 -118.84
N GLY HC 24 31.23 11.40 -117.80
CA GLY HC 24 31.49 10.00 -118.03
C GLY HC 24 30.33 9.34 -118.73
N THR HC 25 29.16 9.37 -118.10
CA THR HC 25 27.96 8.70 -118.59
C THR HC 25 26.86 9.67 -119.00
N LEU HC 26 27.16 10.97 -119.02
CA LEU HC 26 26.16 12.00 -119.27
C LEU HC 26 26.66 12.97 -120.33
N PHE HC 27 25.74 13.43 -121.17
CA PHE HC 27 26.03 14.49 -122.13
C PHE HC 27 24.82 15.42 -122.25
N ARG HC 28 25.09 16.60 -122.79
CA ARG HC 28 24.07 17.64 -122.91
C ARG HC 28 24.37 18.50 -124.13
N PHE HC 29 23.37 18.62 -125.00
CA PHE HC 29 23.33 19.52 -126.14
C PHE HC 29 22.42 20.71 -125.85
N VAL HC 30 22.60 21.75 -126.64
CA VAL HC 30 21.93 23.03 -126.43
C VAL HC 30 21.54 23.62 -127.78
N ASP HC 31 20.32 24.15 -127.87
CA ASP HC 31 19.85 24.75 -129.13
C ASP HC 31 20.68 25.99 -129.47
N LYS HC 32 21.37 25.94 -130.61
CA LYS HC 32 22.25 27.05 -130.99
C LYS HC 32 21.47 28.34 -131.15
N SER HC 33 20.21 28.25 -131.55
CA SER HC 33 19.37 29.41 -131.82
C SER HC 33 18.96 30.16 -130.55
N GLY HC 34 19.48 29.79 -129.39
CA GLY HC 34 19.08 30.43 -128.16
C GLY HC 34 19.81 31.75 -127.96
N THR HC 35 19.06 32.77 -127.55
CA THR HC 35 19.63 34.08 -127.25
C THR HC 35 19.92 34.27 -125.77
N VAL HC 36 19.07 33.72 -124.91
CA VAL HC 36 19.22 33.82 -123.47
C VAL HC 36 19.20 32.41 -122.91
N ALA HC 37 19.72 32.27 -121.69
CA ALA HC 37 19.66 30.98 -121.01
C ALA HC 37 18.23 30.45 -120.95
N ASN HC 38 17.29 31.27 -120.50
CA ASN HC 38 15.89 30.84 -120.43
C ASN HC 38 15.28 30.66 -121.81
N ASN HC 39 15.73 31.44 -122.79
CA ASN HC 39 15.28 31.25 -124.18
C ASN HC 39 15.70 29.88 -124.72
N THR HC 40 16.78 29.31 -124.19
CA THR HC 40 17.51 28.24 -124.85
C THR HC 40 16.96 26.86 -124.52
N GLY HC 41 16.57 26.11 -125.55
CA GLY HC 41 16.20 24.71 -125.36
C GLY HC 41 17.41 23.82 -125.16
N VAL HC 42 17.20 22.69 -124.51
CA VAL HC 42 18.30 21.79 -124.16
C VAL HC 42 17.86 20.34 -124.28
N PHE HC 43 18.86 19.47 -124.39
CA PHE HC 43 18.64 18.03 -124.44
C PHE HC 43 19.77 17.33 -123.72
N SER HC 44 19.43 16.44 -122.81
CA SER HC 44 20.41 15.78 -121.97
C SER HC 44 20.12 14.29 -121.92
N LEU HC 45 21.19 13.50 -121.80
CA LEU HC 45 21.07 12.04 -121.72
C LEU HC 45 22.09 11.51 -120.74
N GLU HC 46 21.69 10.49 -119.97
CA GLU HC 46 22.53 9.89 -118.95
C GLU HC 46 22.23 8.40 -118.88
N GLN HC 47 23.29 7.59 -118.81
CA GLN HC 47 23.15 6.16 -118.61
C GLN HC 47 23.61 5.79 -117.21
N ARG HC 48 22.82 4.92 -116.57
CA ARG HC 48 23.11 4.40 -115.24
C ARG HC 48 23.18 2.88 -115.39
N PHE HC 49 24.40 2.38 -115.46
CA PHE HC 49 24.67 0.95 -115.55
C PHE HC 49 24.62 0.35 -114.14
N GLY HC 50 23.77 -0.65 -113.95
CA GLY HC 50 23.58 -1.25 -112.65
C GLY HC 50 24.50 -2.43 -112.40
N ALA HC 51 24.26 -3.12 -111.29
CA ALA HC 51 24.94 -4.38 -111.03
C ALA HC 51 24.43 -5.44 -112.02
N ALA HC 52 25.02 -6.65 -111.93
CA ALA HC 52 24.66 -7.69 -112.89
C ALA HC 52 23.22 -8.17 -112.70
N ASN HC 53 22.67 -8.04 -111.50
CA ASN HC 53 21.26 -8.37 -111.28
C ASN HC 53 20.35 -7.22 -111.65
N SER HC 54 20.89 -6.04 -111.91
CA SER HC 54 20.09 -4.87 -112.25
C SER HC 54 19.95 -4.73 -113.76
N ASN HC 55 19.05 -3.85 -114.16
CA ASN HC 55 18.92 -3.42 -115.55
C ASN HC 55 19.63 -2.09 -115.70
N ARG HC 56 20.34 -1.90 -116.81
CA ARG HC 56 20.86 -0.58 -117.08
C ARG HC 56 19.72 0.33 -117.52
N LYS HC 57 19.83 1.60 -117.16
CA LYS HC 57 18.78 2.56 -117.45
C LYS HC 57 19.37 3.75 -118.20
N VAL HC 58 18.70 4.18 -119.26
CA VAL HC 58 19.12 5.36 -120.00
C VAL HC 58 17.98 6.36 -119.96
N THR HC 59 18.29 7.59 -119.59
CA THR HC 59 17.27 8.62 -119.46
C THR HC 59 17.65 9.83 -120.30
N MET HC 60 16.63 10.45 -120.89
CA MET HC 60 16.78 11.64 -121.71
C MET HC 60 15.73 12.66 -121.29
N LEU HC 61 16.17 13.92 -121.26
CA LEU HC 61 15.29 15.05 -121.01
C LEU HC 61 15.44 16.07 -122.13
N LEU HC 62 14.33 16.46 -122.73
CA LEU HC 62 14.25 17.48 -123.77
C LEU HC 62 13.40 18.62 -123.24
N THR HC 63 13.98 19.82 -123.21
CA THR HC 63 13.31 21.01 -122.69
C THR HC 63 13.22 22.06 -123.79
N ASP HC 64 12.00 22.52 -124.07
CA ASP HC 64 11.74 23.51 -125.12
C ASP HC 64 10.97 24.68 -124.53
N PRO HC 65 11.64 25.74 -124.11
CA PRO HC 65 10.95 26.93 -123.63
C PRO HC 65 10.49 27.83 -124.77
N VAL HC 66 9.44 28.60 -124.51
CA VAL HC 66 8.86 29.56 -125.46
C VAL HC 66 8.48 30.82 -124.69
N VAL HC 67 8.51 31.96 -125.38
CA VAL HC 67 8.13 33.24 -124.76
C VAL HC 67 6.67 33.53 -125.03
N VAL HC 68 5.92 33.82 -123.96
CA VAL HC 68 4.51 34.19 -124.05
C VAL HC 68 4.29 35.57 -123.44
N MET HC 76 6.83 36.57 -120.14
CA MET HC 76 7.07 35.31 -119.44
C MET HC 76 7.52 34.20 -120.41
N THR HC 77 8.41 33.32 -119.94
CA THR HC 77 8.86 32.16 -120.69
C THR HC 77 8.39 30.88 -120.01
N ILE HC 78 7.79 30.00 -120.80
CA ILE HC 78 7.12 28.79 -120.34
C ILE HC 78 7.88 27.59 -120.92
N LYS HC 79 8.16 26.60 -120.07
CA LYS HC 79 8.96 25.45 -120.46
C LYS HC 79 8.10 24.18 -120.50
N ALA HC 80 8.29 23.39 -121.56
CA ALA HC 80 7.66 22.08 -121.70
C ALA HC 80 8.72 21.00 -121.83
N ASN HC 81 8.47 19.85 -121.20
CA ASN HC 81 9.47 18.79 -121.09
C ASN HC 81 8.97 17.50 -121.72
N ALA HC 82 9.87 16.81 -122.39
CA ALA HC 82 9.68 15.41 -122.75
C ALA HC 82 10.79 14.61 -122.11
N SER HC 83 10.45 13.47 -121.52
CA SER HC 83 11.45 12.65 -120.86
C SER HC 83 11.25 11.19 -121.27
N VAL HC 84 12.31 10.57 -121.76
CA VAL HC 84 12.28 9.17 -122.18
C VAL HC 84 13.19 8.40 -121.25
N THR HC 85 12.81 7.16 -120.92
CA THR HC 85 13.61 6.29 -120.08
C THR HC 85 13.53 4.87 -120.62
N PHE HC 86 14.69 4.30 -120.94
CA PHE HC 86 14.84 2.93 -121.42
C PHE HC 86 15.37 2.07 -120.29
N SER HC 87 14.57 1.09 -119.86
CA SER HC 87 15.00 0.09 -118.88
C SER HC 87 15.34 -1.17 -119.64
N LEU HC 88 16.61 -1.53 -119.65
CA LEU HC 88 17.15 -2.60 -120.50
C LEU HC 88 17.87 -3.61 -119.64
N PRO HC 89 17.35 -4.82 -119.51
CA PRO HC 89 18.09 -5.89 -118.83
C PRO HC 89 19.32 -6.28 -119.63
N LYS HC 90 20.36 -6.72 -118.92
CA LYS HC 90 21.62 -6.98 -119.60
C LYS HC 90 21.52 -8.19 -120.51
N THR HC 91 20.81 -9.24 -120.07
CA THR HC 91 20.65 -10.43 -120.90
C THR HC 91 19.84 -10.16 -122.17
N TYR HC 92 19.12 -9.05 -122.21
CA TYR HC 92 18.28 -8.71 -123.37
C TYR HC 92 19.17 -8.37 -124.57
N PRO HC 93 18.85 -8.84 -125.78
CA PRO HC 93 19.79 -8.71 -126.90
C PRO HC 93 19.78 -7.33 -127.56
N ASN HC 94 20.99 -6.87 -127.89
CA ASN HC 94 21.16 -5.53 -128.45
C ASN HC 94 20.31 -5.32 -129.70
N GLU HC 95 20.15 -6.37 -130.51
CA GLU HC 95 19.33 -6.24 -131.71
C GLU HC 95 17.89 -5.87 -131.37
N HIS HC 96 17.27 -6.61 -130.44
CA HIS HC 96 15.91 -6.28 -130.03
C HIS HC 96 15.83 -4.92 -129.33
N ILE HC 97 16.91 -4.43 -128.73
CA ILE HC 97 16.90 -3.07 -128.20
C ILE HC 97 16.78 -2.05 -129.34
N THR HC 98 17.61 -2.21 -130.39
CA THR HC 98 17.51 -1.32 -131.54
C THR HC 98 16.08 -1.34 -132.08
N LYS HC 99 15.49 -2.53 -132.16
CA LYS HC 99 14.08 -2.67 -132.56
C LYS HC 99 13.17 -1.83 -131.67
N LEU HC 100 13.30 -1.96 -130.35
CA LEU HC 100 12.45 -1.23 -129.43
C LEU HC 100 12.53 0.28 -129.67
N ARG HC 101 13.76 0.81 -129.79
CA ARG HC 101 13.92 2.24 -130.03
C ARG HC 101 13.22 2.67 -131.31
N GLN HC 102 13.39 1.91 -132.39
CA GLN HC 102 12.80 2.30 -133.66
C GLN HC 102 11.27 2.27 -133.58
N THR HC 103 10.70 1.28 -132.91
CA THR HC 103 9.24 1.22 -132.78
C THR HC 103 8.71 2.35 -131.92
N LEU HC 104 9.47 2.80 -130.92
CA LEU HC 104 9.05 3.98 -130.17
C LEU HC 104 9.01 5.21 -131.07
N ILE HC 105 10.02 5.38 -131.93
CA ILE HC 105 9.98 6.47 -132.90
C ILE HC 105 8.72 6.39 -133.74
N ALA HC 106 8.44 5.19 -134.28
CA ALA HC 106 7.25 5.01 -135.12
C ALA HC 106 5.98 5.37 -134.37
N TRP HC 107 5.88 4.94 -133.11
CA TRP HC 107 4.69 5.26 -132.32
C TRP HC 107 4.54 6.75 -132.13
N LEU HC 108 5.62 7.44 -131.75
CA LEU HC 108 5.59 8.89 -131.60
C LEU HC 108 5.20 9.60 -132.87
N GLY HC 109 5.33 8.93 -134.03
CA GLY HC 109 4.80 9.46 -135.27
C GLY HC 109 3.29 9.48 -135.41
N GLN HC 110 2.61 8.50 -134.80
CA GLN HC 110 1.22 8.19 -135.12
C GLN HC 110 0.25 9.25 -134.60
N GLN HC 111 -0.94 9.27 -135.21
CA GLN HC 111 -1.96 10.23 -134.82
C GLN HC 111 -2.48 9.95 -133.43
N CYS HC 112 -2.67 8.67 -133.08
CA CYS HC 112 -3.20 8.34 -131.76
C CYS HC 112 -2.29 8.84 -130.65
N VAL HC 113 -1.04 9.15 -130.96
CA VAL HC 113 -0.12 9.75 -130.01
C VAL HC 113 -0.06 11.27 -130.17
N SER HC 114 -0.08 11.77 -131.40
CA SER HC 114 0.02 13.21 -131.60
C SER HC 114 -1.20 13.95 -131.07
N ASP HC 115 -2.40 13.39 -131.28
CA ASP HC 115 -3.62 14.07 -130.87
C ASP HC 115 -3.65 14.38 -129.35
N PRO HC 116 -3.34 13.43 -128.46
CA PRO HC 116 -3.28 13.84 -127.03
C PRO HC 116 -2.08 14.69 -126.70
N VAL HC 117 -0.89 14.35 -127.21
CA VAL HC 117 0.29 15.15 -126.91
C VAL HC 117 0.14 16.57 -127.45
N ASP HC 118 -0.06 16.69 -128.77
CA ASP HC 118 -0.03 18.01 -129.39
C ASP HC 118 -1.19 18.89 -128.92
N SER HC 119 -2.43 18.40 -129.04
CA SER HC 119 -3.59 19.25 -128.79
C SER HC 119 -4.46 18.80 -127.63
N GLY HC 120 -4.21 17.65 -127.04
CA GLY HC 120 -4.99 17.19 -125.91
C GLY HC 120 -6.22 16.38 -126.24
N LEU HC 121 -6.43 16.04 -127.51
CA LEU HC 121 -7.55 15.18 -127.89
C LEU HC 121 -7.25 13.75 -127.48
N ASN HC 122 -8.13 13.16 -126.67
CA ASN HC 122 -8.00 11.74 -126.41
C ASN HC 122 -8.61 10.93 -127.55
N ASN HC 123 -8.24 9.67 -127.60
CA ASN HC 123 -8.76 8.80 -128.64
C ASN HC 123 -10.04 8.13 -128.17
N TYR HC 124 -10.94 7.89 -129.12
CA TYR HC 124 -12.26 7.38 -128.79
C TYR HC 124 -12.70 6.35 -129.81
N MET IC 1 46.39 13.65 -123.21
CA MET IC 1 46.09 13.11 -124.53
C MET IC 1 44.60 13.24 -124.83
N ARG IC 2 44.26 13.58 -126.07
CA ARG IC 2 42.87 13.55 -126.54
C ARG IC 2 42.44 12.10 -126.73
N LEU IC 3 41.61 11.60 -125.84
CA LEU IC 3 41.27 10.19 -125.84
C LEU IC 3 40.47 9.85 -127.08
N THR IC 4 40.90 8.80 -127.77
CA THR IC 4 40.13 8.19 -128.85
C THR IC 4 40.34 6.69 -128.80
N ASP IC 5 39.48 5.97 -129.52
CA ASP IC 5 39.57 4.52 -129.58
C ASP IC 5 40.97 4.10 -129.97
N VAL IC 6 41.41 2.94 -129.46
CA VAL IC 6 42.74 2.45 -129.78
C VAL IC 6 42.65 0.99 -130.22
N ASP IC 7 43.66 0.60 -130.99
CA ASP IC 7 43.85 -0.79 -131.40
C ASP IC 7 45.23 -1.23 -130.95
N LEU IC 8 45.29 -2.37 -130.28
CA LEU IC 8 46.51 -2.90 -129.72
C LEU IC 8 47.00 -4.10 -130.52
N THR IC 9 48.31 -4.17 -130.69
CA THR IC 9 48.95 -5.30 -131.33
C THR IC 9 49.32 -6.29 -130.23
N VAL IC 10 48.70 -7.48 -130.24
CA VAL IC 10 48.85 -8.45 -129.17
C VAL IC 10 49.36 -9.74 -129.77
N GLY IC 11 50.67 -9.97 -129.65
CA GLY IC 11 51.26 -11.12 -130.30
C GLY IC 11 51.01 -11.09 -131.80
N GLU IC 12 50.21 -12.03 -132.29
CA GLU IC 12 49.89 -12.10 -133.71
C GLU IC 12 48.42 -11.85 -133.98
N GLU IC 13 47.75 -11.12 -133.10
CA GLU IC 13 46.38 -10.72 -133.30
C GLU IC 13 46.24 -9.23 -133.03
N THR IC 14 45.12 -8.66 -133.44
CA THR IC 14 44.84 -7.24 -133.19
C THR IC 14 43.59 -7.13 -132.33
N ARG IC 15 43.71 -6.37 -131.25
CA ARG IC 15 42.66 -6.20 -130.25
C ARG IC 15 42.12 -4.79 -130.37
N GLU IC 16 40.81 -4.63 -130.53
CA GLU IC 16 40.21 -3.33 -130.79
C GLU IC 16 39.39 -2.89 -129.59
N TYR IC 17 39.80 -1.79 -128.96
CA TYR IC 17 39.05 -1.22 -127.86
C TYR IC 17 38.36 0.07 -128.32
N ALA IC 18 37.31 0.45 -127.60
CA ALA IC 18 36.57 1.66 -127.84
C ALA IC 18 36.34 2.38 -126.52
N VAL IC 19 36.41 3.71 -126.55
CA VAL IC 19 36.21 4.49 -125.35
C VAL IC 19 34.80 4.28 -124.84
N SER IC 20 34.69 3.83 -123.58
CA SER IC 20 33.40 3.63 -122.94
C SER IC 20 33.03 4.71 -121.93
N GLU IC 21 34.01 5.37 -121.30
CA GLU IC 21 33.71 6.60 -120.57
C GLU IC 21 35.00 7.35 -120.32
N GLN IC 22 34.87 8.68 -120.21
CA GLN IC 22 36.00 9.54 -119.87
C GLN IC 22 35.56 10.55 -118.84
N GLN IC 23 36.21 10.51 -117.67
CA GLN IC 23 36.01 11.48 -116.59
C GLN IC 23 37.29 12.27 -116.40
N GLY IC 24 37.27 13.13 -115.38
CA GLY IC 24 38.39 14.04 -115.16
C GLY IC 24 39.68 13.30 -114.89
N THR IC 25 39.65 12.33 -113.98
CA THR IC 25 40.81 11.56 -113.58
C THR IC 25 40.70 10.08 -113.92
N LEU IC 26 39.64 9.68 -114.62
CA LEU IC 26 39.36 8.28 -114.90
C LEU IC 26 38.92 8.12 -116.35
N PHE IC 27 39.28 6.96 -116.94
CA PHE IC 27 38.75 6.59 -118.24
C PHE IC 27 38.62 5.08 -118.33
N ARG IC 28 37.78 4.65 -119.27
CA ARG IC 28 37.45 3.24 -119.45
C ARG IC 28 37.25 2.93 -120.93
N PHE IC 29 37.95 1.90 -121.40
CA PHE IC 29 37.81 1.29 -122.71
C PHE IC 29 37.13 -0.07 -122.59
N VAL IC 30 36.46 -0.47 -123.67
CA VAL IC 30 35.79 -1.77 -123.77
C VAL IC 30 36.21 -2.45 -125.07
N ASP IC 31 36.42 -3.78 -125.00
CA ASP IC 31 36.76 -4.55 -126.20
C ASP IC 31 35.61 -4.56 -127.18
N LYS IC 32 35.88 -4.13 -128.41
CA LYS IC 32 34.82 -3.96 -129.42
C LYS IC 32 34.15 -5.28 -129.80
N SER IC 33 34.76 -6.42 -129.47
CA SER IC 33 34.18 -7.72 -129.80
C SER IC 33 33.10 -8.16 -128.83
N GLY IC 34 32.61 -7.28 -127.95
CA GLY IC 34 31.76 -7.68 -126.85
C GLY IC 34 30.39 -7.00 -126.83
N THR IC 35 29.53 -7.54 -125.96
CA THR IC 35 28.17 -7.06 -125.74
C THR IC 35 28.00 -6.80 -124.25
N VAL IC 36 26.97 -6.02 -123.89
CA VAL IC 36 26.58 -5.96 -122.48
C VAL IC 36 26.31 -7.36 -121.95
N ALA IC 37 25.64 -8.18 -122.76
CA ALA IC 37 25.31 -9.54 -122.34
C ALA IC 37 26.57 -10.39 -122.22
N ASN IC 38 27.39 -10.40 -123.25
CA ASN IC 38 28.62 -11.18 -123.25
C ASN IC 38 29.80 -10.22 -123.40
N ASN IC 39 30.39 -9.82 -122.28
CA ASN IC 39 31.54 -8.94 -122.31
C ASN IC 39 32.82 -9.73 -122.55
N THR IC 40 33.77 -9.09 -123.22
CA THR IC 40 34.99 -9.75 -123.65
C THR IC 40 36.26 -9.09 -123.14
N GLY IC 41 36.18 -7.88 -122.61
CA GLY IC 41 37.37 -7.22 -122.09
C GLY IC 41 37.09 -5.78 -121.70
N VAL IC 42 37.72 -5.33 -120.63
CA VAL IC 42 37.60 -3.93 -120.20
C VAL IC 42 38.96 -3.49 -119.68
N PHE IC 43 39.23 -2.20 -119.86
CA PHE IC 43 40.42 -1.57 -119.32
C PHE IC 43 40.02 -0.25 -118.70
N SER IC 44 40.55 0.03 -117.52
CA SER IC 44 40.21 1.27 -116.83
C SER IC 44 41.46 1.81 -116.15
N LEU IC 45 41.55 3.14 -116.08
CA LEU IC 45 42.70 3.81 -115.46
C LEU IC 45 42.22 5.04 -114.71
N GLU IC 46 42.80 5.26 -113.53
CA GLU IC 46 42.45 6.40 -112.68
C GLU IC 46 43.72 6.94 -112.04
N GLN IC 47 43.82 8.27 -111.98
CA GLN IC 47 44.91 8.92 -111.25
C GLN IC 47 44.33 9.62 -110.03
N ARG IC 48 44.89 9.32 -108.87
CA ARG IC 48 44.67 10.07 -107.63
C ARG IC 48 45.92 10.91 -107.42
N PHE IC 49 45.85 12.16 -107.89
CA PHE IC 49 46.91 13.12 -107.60
C PHE IC 49 46.84 13.46 -106.12
N GLY IC 50 47.88 13.12 -105.38
CA GLY IC 50 47.84 13.21 -103.94
C GLY IC 50 48.00 14.63 -103.42
N ALA IC 51 47.86 14.76 -102.10
CA ALA IC 51 48.19 16.01 -101.43
C ALA IC 51 49.65 16.37 -101.67
N ALA IC 52 49.99 17.63 -101.39
CA ALA IC 52 51.31 18.14 -101.73
C ALA IC 52 52.42 17.35 -101.04
N ASN IC 53 52.12 16.72 -99.90
CA ASN IC 53 53.10 15.90 -99.21
C ASN IC 53 53.16 14.47 -99.75
N SER IC 54 52.05 13.95 -100.25
CA SER IC 54 51.94 12.56 -100.63
C SER IC 54 52.39 12.34 -102.08
N ASN IC 55 52.59 11.07 -102.41
CA ASN IC 55 52.82 10.66 -103.79
C ASN IC 55 51.51 10.62 -104.55
N ARG IC 56 51.61 10.79 -105.87
CA ARG IC 56 50.43 10.56 -106.70
C ARG IC 56 50.40 9.10 -107.12
N LYS IC 57 49.19 8.58 -107.29
CA LYS IC 57 48.97 7.18 -107.61
C LYS IC 57 48.23 7.09 -108.94
N VAL IC 58 48.65 6.14 -109.77
CA VAL IC 58 47.93 5.82 -111.00
C VAL IC 58 47.64 4.33 -110.97
N THR IC 59 46.38 3.97 -111.17
CA THR IC 59 45.98 2.57 -111.11
C THR IC 59 45.26 2.18 -112.39
N MET IC 60 45.52 0.95 -112.84
CA MET IC 60 44.92 0.38 -114.03
C MET IC 60 44.39 -1.01 -113.70
N LEU IC 61 43.22 -1.30 -114.26
CA LEU IC 61 42.61 -2.62 -114.17
C LEU IC 61 42.26 -3.11 -115.56
N LEU IC 62 42.77 -4.28 -115.91
CA LEU IC 62 42.46 -4.97 -117.15
C LEU IC 62 41.72 -6.25 -116.78
N THR IC 63 40.53 -6.43 -117.35
CA THR IC 63 39.71 -7.60 -117.06
C THR IC 63 39.36 -8.31 -118.36
N ASP IC 64 39.70 -9.59 -118.43
CA ASP IC 64 39.38 -10.44 -119.58
C ASP IC 64 38.49 -11.57 -119.10
N PRO IC 65 37.21 -11.53 -119.44
CA PRO IC 65 36.32 -12.67 -119.14
C PRO IC 65 36.23 -13.64 -120.30
N VAL IC 66 36.08 -14.91 -119.94
CA VAL IC 66 35.99 -16.02 -120.88
C VAL IC 66 34.85 -16.94 -120.44
N VAL IC 67 34.15 -17.50 -121.40
CA VAL IC 67 33.13 -18.50 -121.10
C VAL IC 67 33.79 -19.86 -121.04
N VAL IC 68 33.38 -20.67 -120.05
CA VAL IC 68 33.92 -21.99 -119.81
C VAL IC 68 32.78 -22.92 -119.49
N LYS IC 69 32.78 -24.11 -120.08
CA LYS IC 69 31.78 -25.11 -119.74
C LYS IC 69 32.03 -25.61 -118.32
N ASP IC 70 30.94 -25.92 -117.63
CA ASP IC 70 30.99 -26.39 -116.25
C ASP IC 70 31.01 -27.93 -116.22
N ALA IC 71 31.38 -28.47 -115.06
CA ALA IC 71 31.26 -29.91 -114.86
C ALA IC 71 29.82 -30.36 -115.05
N SER IC 72 28.85 -29.52 -114.68
CA SER IC 72 27.44 -29.77 -114.94
C SER IC 72 27.05 -29.51 -116.39
N GLY IC 73 27.99 -29.04 -117.22
CA GLY IC 73 27.69 -28.66 -118.58
C GLY IC 73 27.27 -27.22 -118.76
N ALA IC 74 26.70 -26.61 -117.71
CA ALA IC 74 26.23 -25.23 -117.80
C ALA IC 74 27.35 -24.29 -118.21
N ASP IC 75 26.98 -23.23 -118.93
CA ASP IC 75 27.95 -22.24 -119.35
C ASP IC 75 28.21 -21.24 -118.22
N MET IC 76 29.49 -20.95 -117.96
CA MET IC 76 29.91 -20.18 -116.81
C MET IC 76 30.94 -19.15 -117.26
N THR IC 77 30.71 -17.88 -116.93
CA THR IC 77 31.62 -16.82 -117.33
C THR IC 77 32.60 -16.54 -116.20
N ILE IC 78 33.89 -16.52 -116.53
CA ILE IC 78 34.98 -16.44 -115.56
C ILE IC 78 35.88 -15.28 -115.95
N LYS IC 79 36.25 -14.45 -114.98
CA LYS IC 79 37.08 -13.28 -115.23
C LYS IC 79 38.48 -13.49 -114.68
N ALA IC 80 39.48 -13.03 -115.43
CA ALA IC 80 40.86 -12.93 -114.96
C ALA IC 80 41.26 -11.46 -114.97
N ASN IC 81 41.98 -11.03 -113.93
CA ASN IC 81 42.26 -9.62 -113.76
C ASN IC 81 43.76 -9.38 -113.67
N ALA IC 82 44.17 -8.24 -114.22
CA ALA IC 82 45.52 -7.72 -114.03
C ALA IC 82 45.39 -6.29 -113.55
N SER IC 83 46.15 -5.92 -112.52
CA SER IC 83 46.06 -4.57 -111.97
C SER IC 83 47.46 -4.02 -111.79
N VAL IC 84 47.69 -2.82 -112.29
CA VAL IC 84 48.98 -2.15 -112.18
C VAL IC 84 48.78 -0.85 -111.39
N THR IC 85 49.75 -0.54 -110.52
CA THR IC 85 49.69 0.68 -109.73
C THR IC 85 51.07 1.33 -109.70
N PHE IC 86 51.13 2.59 -110.12
CA PHE IC 86 52.33 3.39 -110.08
C PHE IC 86 52.22 4.36 -108.92
N SER IC 87 53.14 4.26 -107.97
CA SER IC 87 53.29 5.23 -106.88
C SER IC 87 54.47 6.12 -107.24
N LEU IC 88 54.18 7.37 -107.54
CA LEU IC 88 55.17 8.31 -108.06
C LEU IC 88 55.24 9.53 -107.16
N PRO IC 89 56.32 9.71 -106.43
CA PRO IC 89 56.50 10.92 -105.63
C PRO IC 89 56.64 12.14 -106.52
N LYS IC 90 56.24 13.30 -105.99
CA LYS IC 90 56.25 14.51 -106.79
C LYS IC 90 57.67 14.88 -107.20
N THR IC 91 58.62 14.79 -106.27
CA THR IC 91 60.01 15.19 -106.56
C THR IC 91 60.70 14.26 -107.55
N TYR IC 92 60.12 13.09 -107.82
CA TYR IC 92 60.71 12.15 -108.77
C TYR IC 92 60.60 12.71 -110.19
N PRO IC 93 61.66 12.65 -111.00
CA PRO IC 93 61.63 13.31 -112.32
C PRO IC 93 60.87 12.50 -113.38
N ASN IC 94 60.11 13.24 -114.19
CA ASN IC 94 59.28 12.62 -115.23
C ASN IC 94 60.09 11.68 -116.12
N GLU IC 95 61.36 12.02 -116.37
CA GLU IC 95 62.21 11.18 -117.19
C GLU IC 95 62.35 9.78 -116.60
N HIS IC 96 62.80 9.70 -115.34
CA HIS IC 96 62.95 8.38 -114.70
C HIS IC 96 61.61 7.68 -114.53
N ILE IC 97 60.49 8.41 -114.49
CA ILE IC 97 59.19 7.74 -114.50
C ILE IC 97 58.99 6.98 -115.82
N THR IC 98 59.21 7.66 -116.96
CA THR IC 98 59.08 6.95 -118.24
C THR IC 98 60.01 5.75 -118.28
N LYS IC 99 61.22 5.91 -117.74
CA LYS IC 99 62.15 4.78 -117.62
C LYS IC 99 61.51 3.61 -116.87
N LEU IC 100 60.92 3.90 -115.71
CA LEU IC 100 60.26 2.87 -114.91
C LEU IC 100 59.18 2.14 -115.71
N ARG IC 101 58.31 2.90 -116.38
CA ARG IC 101 57.23 2.28 -117.15
C ARG IC 101 57.78 1.36 -118.23
N GLN IC 102 58.81 1.82 -118.95
CA GLN IC 102 59.34 1.00 -120.03
C GLN IC 102 60.02 -0.26 -119.49
N THR IC 103 60.77 -0.16 -118.39
CA THR IC 103 61.37 -1.35 -117.81
C THR IC 103 60.30 -2.34 -117.34
N LEU IC 104 59.15 -1.83 -116.87
CA LEU IC 104 58.07 -2.74 -116.49
C LEU IC 104 57.53 -3.48 -117.71
N ILE IC 105 57.34 -2.79 -118.83
CA ILE IC 105 56.94 -3.46 -120.06
C ILE IC 105 57.94 -4.56 -120.41
N ALA IC 106 59.23 -4.22 -120.36
CA ALA IC 106 60.26 -5.18 -120.69
C ALA IC 106 60.17 -6.42 -119.79
N TRP IC 107 60.03 -6.19 -118.49
CA TRP IC 107 59.92 -7.31 -117.56
C TRP IC 107 58.71 -8.18 -117.87
N LEU IC 108 57.56 -7.54 -118.13
CA LEU IC 108 56.35 -8.30 -118.43
C LEU IC 108 56.50 -9.15 -119.67
N GLY IC 109 57.41 -8.77 -120.57
CA GLY IC 109 57.73 -9.60 -121.72
C GLY IC 109 58.55 -10.84 -121.42
N GLN IC 110 59.33 -10.80 -120.34
CA GLN IC 110 60.34 -11.81 -120.08
C GLN IC 110 59.72 -13.17 -119.75
N GLN IC 111 60.50 -14.22 -119.96
CA GLN IC 111 60.01 -15.57 -119.67
C GLN IC 111 59.93 -15.83 -118.19
N CYS IC 112 60.86 -15.28 -117.40
CA CYS IC 112 60.79 -15.48 -115.94
C CYS IC 112 59.53 -14.89 -115.35
N VAL IC 113 58.89 -13.96 -116.05
CA VAL IC 113 57.61 -13.40 -115.62
C VAL IC 113 56.45 -14.14 -116.27
N SER IC 114 56.58 -14.50 -117.55
CA SER IC 114 55.47 -15.14 -118.25
C SER IC 114 55.20 -16.54 -117.72
N ASP IC 115 56.25 -17.32 -117.45
CA ASP IC 115 56.06 -18.70 -117.02
C ASP IC 115 55.21 -18.82 -115.76
N PRO IC 116 55.45 -18.08 -114.68
CA PRO IC 116 54.53 -18.18 -113.53
C PRO IC 116 53.16 -17.57 -113.81
N VAL IC 117 53.11 -16.42 -114.49
CA VAL IC 117 51.82 -15.80 -114.79
C VAL IC 117 51.00 -16.69 -115.72
N ASP IC 118 51.58 -17.08 -116.86
CA ASP IC 118 50.79 -17.78 -117.88
C ASP IC 118 50.45 -19.21 -117.45
N SER IC 119 51.45 -19.94 -116.95
CA SER IC 119 51.30 -21.38 -116.74
C SER IC 119 51.33 -21.81 -115.29
N GLY IC 120 51.61 -20.90 -114.36
CA GLY IC 120 51.64 -21.26 -112.95
C GLY IC 120 52.88 -22.00 -112.51
N LEU IC 121 53.91 -22.09 -113.36
CA LEU IC 121 55.16 -22.72 -112.99
C LEU IC 121 56.11 -21.69 -112.38
N ASN IC 122 56.69 -22.02 -111.24
CA ASN IC 122 57.67 -21.12 -110.65
C ASN IC 122 59.04 -21.30 -111.29
N ASN IC 123 59.91 -20.32 -111.05
CA ASN IC 123 61.26 -20.37 -111.60
C ASN IC 123 62.19 -21.08 -110.62
N TYR IC 124 63.36 -21.46 -111.14
CA TYR IC 124 64.34 -22.23 -110.38
C TYR IC 124 65.79 -21.95 -110.81
N MET JC 1 -68.47 -93.09 -66.03
CA MET JC 1 -69.30 -94.27 -65.80
C MET JC 1 -70.12 -94.13 -64.52
N ARG JC 2 -71.39 -94.52 -64.57
CA ARG JC 2 -72.19 -94.59 -63.35
C ARG JC 2 -71.64 -95.67 -62.44
N LEU JC 3 -71.15 -95.24 -61.27
CA LEU JC 3 -70.45 -96.15 -60.38
C LEU JC 3 -71.38 -97.23 -59.85
N THR JC 4 -70.83 -98.43 -59.73
CA THR JC 4 -71.53 -99.55 -59.11
C THR JC 4 -70.50 -100.34 -58.32
N ASP JC 5 -70.99 -101.09 -57.32
CA ASP JC 5 -70.11 -101.99 -56.59
C ASP JC 5 -69.35 -102.87 -57.59
N VAL JC 6 -68.14 -103.27 -57.22
CA VAL JC 6 -67.23 -103.91 -58.15
C VAL JC 6 -66.80 -105.24 -57.58
N ASP JC 7 -66.77 -106.26 -58.44
CA ASP JC 7 -66.27 -107.57 -58.06
C ASP JC 7 -65.08 -107.90 -58.97
N LEU JC 8 -63.93 -108.13 -58.36
CA LEU JC 8 -62.68 -108.38 -59.06
C LEU JC 8 -62.31 -109.85 -58.93
N THR JC 9 -61.83 -110.43 -60.02
CA THR JC 9 -61.27 -111.77 -59.98
C THR JC 9 -59.77 -111.62 -59.76
N VAL JC 10 -59.28 -112.17 -58.64
CA VAL JC 10 -57.90 -111.97 -58.22
C VAL JC 10 -57.25 -113.33 -58.05
N GLY JC 11 -56.40 -113.70 -59.01
CA GLY JC 11 -55.80 -115.02 -59.00
C GLY JC 11 -56.90 -116.07 -59.01
N GLU JC 12 -57.06 -116.78 -57.90
CA GLU JC 12 -58.06 -117.84 -57.81
C GLU JC 12 -59.11 -117.53 -56.75
N GLU JC 13 -59.25 -116.27 -56.37
CA GLU JC 13 -60.24 -115.83 -55.40
C GLU JC 13 -61.03 -114.69 -56.03
N THR JC 14 -62.14 -114.31 -55.39
CA THR JC 14 -62.94 -113.18 -55.84
C THR JC 14 -63.06 -112.16 -54.72
N ARG JC 15 -62.72 -110.92 -55.04
CA ARG JC 15 -62.69 -109.82 -54.09
C ARG JC 15 -63.82 -108.85 -54.40
N GLU JC 16 -64.59 -108.47 -53.38
CA GLU JC 16 -65.78 -107.65 -53.58
C GLU JC 16 -65.60 -106.31 -52.89
N TYR JC 17 -65.72 -105.23 -53.67
CA TYR JC 17 -65.63 -103.87 -53.20
C TYR JC 17 -66.98 -103.17 -53.35
N ALA JC 18 -67.21 -102.20 -52.47
CA ALA JC 18 -68.41 -101.38 -52.48
C ALA JC 18 -68.04 -99.91 -52.50
N VAL JC 19 -68.86 -99.12 -53.19
CA VAL JC 19 -68.62 -97.68 -53.29
C VAL JC 19 -68.73 -97.05 -51.92
N SER JC 20 -67.69 -96.31 -51.52
CA SER JC 20 -67.69 -95.58 -50.24
C SER JC 20 -67.91 -94.09 -50.40
N GLU JC 21 -67.32 -93.44 -51.41
CA GLU JC 21 -67.69 -92.06 -51.68
C GLU JC 21 -67.34 -91.71 -53.12
N GLN JC 22 -68.08 -90.76 -53.68
CA GLN JC 22 -67.82 -90.28 -55.03
C GLN JC 22 -67.93 -88.77 -55.05
N GLN JC 23 -66.86 -88.12 -55.48
CA GLN JC 23 -66.82 -86.68 -55.69
C GLN JC 23 -66.72 -86.40 -57.17
N GLY JC 24 -66.54 -85.12 -57.51
CA GLY JC 24 -66.50 -84.75 -58.91
C GLY JC 24 -65.37 -85.43 -59.66
N THR JC 25 -64.18 -85.44 -59.06
CA THR JC 25 -62.99 -86.02 -59.67
C THR JC 25 -62.34 -87.07 -58.80
N LEU JC 26 -63.06 -87.60 -57.82
CA LEU JC 26 -62.49 -88.57 -56.89
C LEU JC 26 -63.55 -89.61 -56.52
N PHE JC 27 -63.10 -90.85 -56.32
CA PHE JC 27 -63.96 -91.89 -55.77
C PHE JC 27 -63.16 -92.85 -54.92
N ARG JC 28 -63.88 -93.58 -54.07
CA ARG JC 28 -63.29 -94.51 -53.13
C ARG JC 28 -64.21 -95.70 -52.93
N PHE JC 29 -63.63 -96.89 -53.08
CA PHE JC 29 -64.21 -98.18 -52.77
C PHE JC 29 -63.59 -98.78 -51.50
N VAL JC 30 -64.37 -99.61 -50.83
CA VAL JC 30 -63.94 -100.33 -49.63
C VAL JC 30 -64.18 -101.83 -49.86
N ASP JC 31 -63.25 -102.66 -49.37
CA ASP JC 31 -63.40 -104.12 -49.43
C ASP JC 31 -64.54 -104.54 -48.52
N LYS JC 32 -65.52 -105.26 -49.10
CA LYS JC 32 -66.68 -105.70 -48.34
C LYS JC 32 -66.32 -106.68 -47.22
N SER JC 33 -65.08 -107.18 -47.20
CA SER JC 33 -64.64 -108.07 -46.14
C SER JC 33 -64.54 -107.38 -44.79
N GLY JC 34 -64.57 -106.04 -44.75
CA GLY JC 34 -64.19 -105.29 -43.58
C GLY JC 34 -65.28 -104.40 -43.02
N THR JC 35 -64.99 -103.88 -41.82
CA THR JC 35 -65.83 -102.98 -41.06
C THR JC 35 -65.18 -101.60 -41.04
N VAL JC 36 -65.96 -100.59 -40.69
CA VAL JC 36 -65.40 -99.33 -40.22
C VAL JC 36 -64.32 -99.61 -39.18
N ALA JC 37 -64.64 -100.46 -38.20
CA ALA JC 37 -63.69 -100.81 -37.15
C ALA JC 37 -62.45 -101.49 -37.71
N ASN JC 38 -62.64 -102.64 -38.34
CA ASN JC 38 -61.53 -103.40 -38.91
C ASN JC 38 -61.64 -103.35 -40.43
N ASN JC 39 -60.66 -102.74 -41.08
CA ASN JC 39 -60.66 -102.56 -42.53
C ASN JC 39 -59.79 -103.60 -43.20
N THR JC 40 -60.29 -104.14 -44.32
CA THR JC 40 -59.55 -105.15 -45.08
C THR JC 40 -58.94 -104.63 -46.37
N GLY JC 41 -59.41 -103.49 -46.88
CA GLY JC 41 -58.86 -102.97 -48.12
C GLY JC 41 -59.53 -101.69 -48.58
N VAL JC 42 -58.79 -100.82 -49.25
CA VAL JC 42 -59.34 -99.56 -49.75
C VAL JC 42 -58.73 -99.27 -51.11
N PHE JC 43 -59.54 -98.65 -51.97
CA PHE JC 43 -59.07 -98.19 -53.27
C PHE JC 43 -59.61 -96.79 -53.52
N SER JC 44 -58.74 -95.90 -53.99
CA SER JC 44 -59.12 -94.53 -54.24
C SER JC 44 -58.50 -94.07 -55.56
N LEU JC 45 -59.24 -93.22 -56.29
CA LEU JC 45 -58.79 -92.70 -57.57
C LEU JC 45 -59.20 -91.24 -57.69
N GLU JC 46 -58.27 -90.39 -58.16
CA GLU JC 46 -58.51 -88.97 -58.34
C GLU JC 46 -57.86 -88.46 -59.62
N GLN JC 47 -58.59 -87.63 -60.37
CA GLN JC 47 -58.05 -87.01 -61.58
C GLN JC 47 -57.87 -85.51 -61.35
N ARG JC 48 -56.76 -84.98 -61.86
CA ARG JC 48 -56.39 -83.57 -61.77
C ARG JC 48 -56.14 -83.08 -63.18
N PHE JC 49 -57.14 -82.39 -63.74
CA PHE JC 49 -57.06 -81.77 -65.06
C PHE JC 49 -56.33 -80.43 -64.90
N GLY JC 50 -55.14 -80.32 -65.49
CA GLY JC 50 -54.36 -79.10 -65.38
C GLY JC 50 -54.76 -78.06 -66.42
N ALA JC 51 -53.91 -77.05 -66.56
CA ALA JC 51 -54.11 -76.08 -67.63
C ALA JC 51 -53.76 -76.71 -68.98
N ALA JC 52 -54.07 -75.99 -70.06
CA ALA JC 52 -53.88 -76.53 -71.40
C ALA JC 52 -52.41 -76.80 -71.72
N ASN JC 53 -51.49 -76.14 -71.03
CA ASN JC 53 -50.07 -76.46 -71.13
C ASN JC 53 -49.66 -77.59 -70.19
N SER JC 54 -50.50 -77.94 -69.23
CA SER JC 54 -50.18 -78.96 -68.24
C SER JC 54 -50.75 -80.31 -68.67
N ASN JC 55 -50.07 -81.38 -68.26
CA ASN JC 55 -50.59 -82.72 -68.44
C ASN JC 55 -51.65 -83.00 -67.37
N ARG JC 56 -52.75 -83.61 -67.78
CA ARG JC 56 -53.68 -84.08 -66.77
C ARG JC 56 -53.08 -85.31 -66.08
N LYS JC 57 -53.43 -85.49 -64.82
CA LYS JC 57 -52.83 -86.53 -64.00
C LYS JC 57 -53.92 -87.34 -63.33
N VAL JC 58 -53.66 -88.64 -63.17
CA VAL JC 58 -54.64 -89.55 -62.60
C VAL JC 58 -53.92 -90.45 -61.61
N THR JC 59 -54.37 -90.47 -60.36
CA THR JC 59 -53.65 -91.19 -59.33
C THR JC 59 -54.56 -92.16 -58.58
N MET JC 60 -54.03 -93.35 -58.32
CA MET JC 60 -54.72 -94.43 -57.64
C MET JC 60 -53.91 -94.86 -56.43
N LEU JC 61 -54.62 -95.14 -55.35
CA LEU JC 61 -54.02 -95.72 -54.13
C LEU JC 61 -54.82 -96.95 -53.73
N LEU JC 62 -54.11 -98.08 -53.62
CA LEU JC 62 -54.66 -99.34 -53.16
C LEU JC 62 -53.96 -99.70 -51.86
N THR JC 63 -54.74 -99.85 -50.79
CA THR JC 63 -54.20 -100.15 -49.47
C THR JC 63 -54.78 -101.48 -48.99
N ASP JC 64 -53.88 -102.39 -48.59
CA ASP JC 64 -54.25 -103.69 -48.06
C ASP JC 64 -53.65 -103.85 -46.67
N PRO JC 65 -54.48 -103.73 -45.63
CA PRO JC 65 -54.00 -104.01 -44.27
C PRO JC 65 -54.22 -105.46 -43.89
N VAL JC 66 -53.28 -105.98 -43.11
CA VAL JC 66 -53.29 -107.36 -42.62
C VAL JC 66 -52.94 -107.33 -41.14
N VAL JC 67 -53.57 -108.23 -40.38
CA VAL JC 67 -53.22 -108.38 -38.97
C VAL JC 67 -52.10 -109.41 -38.86
N VAL JC 68 -51.04 -109.05 -38.14
CA VAL JC 68 -49.85 -109.87 -37.96
C VAL JC 68 -49.59 -110.02 -36.47
N LYS JC 69 -49.01 -111.15 -36.10
CA LYS JC 69 -48.60 -111.41 -34.74
C LYS JC 69 -47.41 -110.55 -34.37
N ASP JC 70 -47.45 -109.98 -33.16
CA ASP JC 70 -46.32 -109.22 -32.65
C ASP JC 70 -45.20 -110.17 -32.22
N ALA JC 71 -43.98 -109.63 -32.08
CA ALA JC 71 -42.89 -110.42 -31.52
C ALA JC 71 -43.22 -110.84 -30.09
N SER JC 72 -43.97 -110.02 -29.36
CA SER JC 72 -44.50 -110.41 -28.06
C SER JC 72 -45.71 -111.31 -28.19
N GLY JC 73 -46.45 -111.19 -29.29
CA GLY JC 73 -47.66 -111.98 -29.52
C GLY JC 73 -48.92 -111.16 -29.70
N ALA JC 74 -48.88 -109.85 -29.42
CA ALA JC 74 -50.05 -109.01 -29.56
C ALA JC 74 -50.52 -108.95 -31.02
N ASP JC 75 -51.78 -108.56 -31.19
CA ASP JC 75 -52.34 -108.36 -32.51
C ASP JC 75 -51.99 -106.97 -33.01
N MET JC 76 -51.42 -106.90 -34.22
CA MET JC 76 -50.96 -105.63 -34.75
C MET JC 76 -51.37 -105.52 -36.21
N THR JC 77 -51.86 -104.36 -36.64
CA THR JC 77 -52.30 -104.18 -38.02
C THR JC 77 -51.23 -103.46 -38.83
N ILE JC 78 -50.92 -104.00 -40.01
CA ILE JC 78 -49.85 -103.52 -40.87
C ILE JC 78 -50.42 -103.33 -42.26
N LYS JC 79 -50.19 -102.16 -42.84
CA LYS JC 79 -50.71 -101.83 -44.17
C LYS JC 79 -49.59 -101.93 -45.20
N ALA JC 80 -49.96 -102.36 -46.40
CA ALA JC 80 -49.11 -102.33 -47.58
C ALA JC 80 -49.79 -101.49 -48.66
N ASN JC 81 -49.02 -100.61 -49.29
CA ASN JC 81 -49.59 -99.63 -50.21
C ASN JC 81 -49.07 -99.86 -51.61
N ALA JC 82 -49.92 -99.61 -52.60
CA ALA JC 82 -49.51 -99.54 -53.99
C ALA JC 82 -50.16 -98.32 -54.60
N SER JC 83 -49.38 -97.54 -55.34
CA SER JC 83 -49.90 -96.30 -55.90
C SER JC 83 -49.48 -96.18 -57.36
N VAL JC 84 -50.44 -95.84 -58.22
CA VAL JC 84 -50.19 -95.67 -59.64
C VAL JC 84 -50.50 -94.22 -59.99
N THR JC 85 -49.72 -93.66 -60.91
CA THR JC 85 -49.93 -92.29 -61.40
C THR JC 85 -49.73 -92.26 -62.91
N PHE JC 86 -50.77 -91.83 -63.62
CA PHE JC 86 -50.74 -91.65 -65.06
C PHE JC 86 -50.58 -90.16 -65.34
N SER JC 87 -49.47 -89.80 -66.00
CA SER JC 87 -49.26 -88.44 -66.49
C SER JC 87 -49.53 -88.47 -67.99
N LEU JC 88 -50.62 -87.82 -68.38
CA LEU JC 88 -51.14 -87.86 -69.74
C LEU JC 88 -51.24 -86.45 -70.29
N PRO JC 89 -50.38 -86.08 -71.24
CA PRO JC 89 -50.51 -84.79 -71.90
C PRO JC 89 -51.79 -84.71 -72.73
N LYS JC 90 -52.25 -83.49 -72.94
CA LYS JC 90 -53.53 -83.26 -73.60
C LYS JC 90 -53.40 -83.23 -75.12
N THR JC 91 -52.21 -83.46 -75.65
CA THR JC 91 -52.00 -83.70 -77.08
C THR JC 91 -51.79 -85.17 -77.38
N TYR JC 92 -51.77 -86.00 -76.36
CA TYR JC 92 -51.57 -87.44 -76.49
C TYR JC 92 -52.91 -88.11 -76.81
N PRO JC 93 -52.96 -89.02 -77.77
CA PRO JC 93 -54.26 -89.60 -78.17
C PRO JC 93 -54.78 -90.67 -77.20
N ASN JC 94 -56.11 -90.66 -77.05
CA ASN JC 94 -56.76 -91.55 -76.10
C ASN JC 94 -56.47 -93.01 -76.42
N GLU JC 95 -56.38 -93.36 -77.70
CA GLU JC 95 -56.03 -94.72 -78.08
C GLU JC 95 -54.73 -95.15 -77.41
N HIS JC 96 -53.68 -94.34 -77.56
CA HIS JC 96 -52.40 -94.71 -76.99
C HIS JC 96 -52.41 -94.67 -75.47
N ILE JC 97 -53.29 -93.86 -74.86
CA ILE JC 97 -53.47 -93.97 -73.42
C ILE JC 97 -53.99 -95.37 -73.03
N THR JC 98 -54.99 -95.85 -73.76
CA THR JC 98 -55.47 -97.21 -73.49
C THR JC 98 -54.37 -98.23 -73.69
N LYS JC 99 -53.61 -98.09 -74.78
CA LYS JC 99 -52.45 -98.96 -75.02
C LYS JC 99 -51.51 -98.95 -73.83
N LEU JC 100 -51.22 -97.77 -73.30
CA LEU JC 100 -50.33 -97.63 -72.15
C LEU JC 100 -50.87 -98.37 -70.94
N ARG JC 101 -52.14 -98.16 -70.63
CA ARG JC 101 -52.74 -98.83 -69.46
C ARG JC 101 -52.66 -100.35 -69.60
N GLN JC 102 -52.94 -100.86 -70.80
CA GLN JC 102 -52.92 -102.30 -70.97
C GLN JC 102 -51.49 -102.86 -70.88
N THR JC 103 -50.51 -102.16 -71.47
CA THR JC 103 -49.12 -102.60 -71.33
C THR JC 103 -48.69 -102.60 -69.87
N LEU JC 104 -49.20 -101.64 -69.07
CA LEU JC 104 -48.88 -101.63 -67.65
C LEU JC 104 -49.46 -102.86 -66.96
N ILE JC 105 -50.70 -103.21 -67.29
CA ILE JC 105 -51.29 -104.43 -66.73
C ILE JC 105 -50.45 -105.64 -67.06
N ALA JC 106 -50.04 -105.75 -68.33
CA ALA JC 106 -49.21 -106.87 -68.77
C ALA JC 106 -47.89 -106.91 -68.01
N TRP JC 107 -47.25 -105.75 -67.83
CA TRP JC 107 -45.99 -105.70 -67.11
C TRP JC 107 -46.17 -106.14 -65.66
N LEU JC 108 -47.25 -105.66 -65.01
CA LEU JC 108 -47.52 -106.06 -63.64
C LEU JC 108 -47.77 -107.55 -63.52
N GLY JC 109 -48.16 -108.20 -64.62
CA GLY JC 109 -48.26 -109.64 -64.63
C GLY JC 109 -46.94 -110.38 -64.69
N GLN JC 110 -45.90 -109.74 -65.22
CA GLN JC 110 -44.65 -110.42 -65.56
C GLN JC 110 -43.93 -110.92 -64.31
N GLN JC 111 -43.11 -111.96 -64.51
CA GLN JC 111 -42.35 -112.49 -63.40
C GLN JC 111 -41.22 -111.55 -63.00
N CYS JC 112 -40.62 -110.84 -63.96
CA CYS JC 112 -39.54 -109.92 -63.63
C CYS JC 112 -40.03 -108.73 -62.81
N VAL JC 113 -41.32 -108.43 -62.86
CA VAL JC 113 -41.92 -107.47 -61.95
C VAL JC 113 -42.38 -108.16 -60.67
N SER JC 114 -42.84 -109.41 -60.77
CA SER JC 114 -43.38 -110.10 -59.61
C SER JC 114 -42.32 -110.39 -58.56
N ASP JC 115 -41.15 -110.87 -58.99
CA ASP JC 115 -40.13 -111.30 -58.02
C ASP JC 115 -39.69 -110.18 -57.08
N PRO JC 116 -39.31 -108.99 -57.54
CA PRO JC 116 -38.96 -107.94 -56.56
C PRO JC 116 -40.14 -107.49 -55.73
N VAL JC 117 -41.32 -107.30 -56.34
CA VAL JC 117 -42.48 -106.86 -55.60
C VAL JC 117 -42.91 -107.91 -54.57
N ASP JC 118 -43.20 -109.12 -55.04
CA ASP JC 118 -43.82 -110.12 -54.18
C ASP JC 118 -42.85 -110.63 -53.12
N SER JC 119 -41.59 -110.88 -53.50
CA SER JC 119 -40.66 -111.57 -52.61
C SER JC 119 -39.40 -110.79 -52.28
N GLY JC 120 -39.12 -109.70 -52.99
CA GLY JC 120 -37.93 -108.91 -52.72
C GLY JC 120 -36.69 -109.35 -53.48
N LEU JC 121 -36.76 -110.41 -54.26
CA LEU JC 121 -35.61 -110.84 -55.05
C LEU JC 121 -35.44 -109.92 -56.25
N ASN JC 122 -34.22 -109.46 -56.47
CA ASN JC 122 -33.92 -108.72 -57.69
C ASN JC 122 -33.64 -109.66 -58.85
N ASN JC 123 -33.82 -109.15 -60.06
CA ASN JC 123 -33.52 -109.95 -61.24
C ASN JC 123 -32.04 -109.79 -61.60
N TYR JC 124 -31.54 -110.75 -62.39
CA TYR JC 124 -30.12 -110.77 -62.72
C TYR JC 124 -29.87 -111.12 -64.19
N MET KC 1 -82.40 -83.32 -62.54
CA MET KC 1 -82.66 -84.52 -63.35
C MET KC 1 -81.54 -85.54 -63.16
N ARG KC 2 -81.81 -86.78 -63.56
CA ARG KC 2 -80.79 -87.83 -63.53
C ARG KC 2 -79.99 -87.76 -64.83
N LEU KC 3 -78.73 -87.36 -64.71
CA LEU KC 3 -77.89 -87.12 -65.88
C LEU KC 3 -77.73 -88.39 -66.71
N THR KC 4 -77.96 -88.23 -68.01
CA THR KC 4 -77.75 -89.28 -69.00
C THR KC 4 -77.04 -88.65 -70.18
N ASP KC 5 -76.24 -89.47 -70.89
CA ASP KC 5 -75.57 -88.98 -72.09
C ASP KC 5 -76.60 -88.36 -73.02
N VAL KC 6 -76.18 -87.30 -73.72
CA VAL KC 6 -77.13 -86.45 -74.44
C VAL KC 6 -76.75 -86.46 -75.91
N ASP KC 7 -77.76 -86.46 -76.78
CA ASP KC 7 -77.55 -86.31 -78.21
C ASP KC 7 -78.34 -85.12 -78.71
N LEU KC 8 -77.61 -84.18 -79.31
CA LEU KC 8 -78.16 -82.91 -79.75
C LEU KC 8 -78.27 -82.92 -81.27
N THR KC 9 -79.42 -82.46 -81.75
CA THR KC 9 -79.61 -82.29 -83.18
C THR KC 9 -79.16 -80.87 -83.53
N VAL KC 10 -78.06 -80.77 -84.26
CA VAL KC 10 -77.40 -79.51 -84.56
C VAL KC 10 -77.46 -79.28 -86.06
N GLY KC 11 -78.41 -78.46 -86.51
CA GLY KC 11 -78.62 -78.29 -87.93
C GLY KC 11 -78.98 -79.61 -88.56
N GLU KC 12 -78.09 -80.14 -89.40
CA GLU KC 12 -78.33 -81.41 -90.06
C GLU KC 12 -77.39 -82.49 -89.56
N GLU KC 13 -76.78 -82.29 -88.41
CA GLU KC 13 -75.83 -83.24 -87.86
C GLU KC 13 -76.31 -83.60 -86.45
N THR KC 14 -75.70 -84.64 -85.87
CA THR KC 14 -76.00 -85.02 -84.50
C THR KC 14 -74.71 -85.06 -83.69
N ARG KC 15 -74.66 -84.23 -82.65
CA ARG KC 15 -73.56 -84.21 -81.70
C ARG KC 15 -73.91 -85.13 -80.54
N GLU KC 16 -72.91 -85.86 -80.02
CA GLU KC 16 -73.15 -86.86 -78.99
C GLU KC 16 -72.20 -86.64 -77.83
N TYR KC 17 -72.75 -86.20 -76.70
CA TYR KC 17 -71.98 -85.89 -75.51
C TYR KC 17 -72.19 -86.95 -74.44
N ALA KC 18 -71.14 -87.19 -73.67
CA ALA KC 18 -71.13 -88.14 -72.56
C ALA KC 18 -70.83 -87.41 -71.26
N VAL KC 19 -71.47 -87.83 -70.18
CA VAL KC 19 -71.24 -87.23 -68.88
C VAL KC 19 -69.79 -87.43 -68.47
N SER KC 20 -69.11 -86.34 -68.14
CA SER KC 20 -67.71 -86.39 -67.74
C SER KC 20 -67.46 -86.06 -66.28
N GLU KC 21 -68.29 -85.22 -65.65
CA GLU KC 21 -68.23 -85.15 -64.19
C GLU KC 21 -69.51 -84.56 -63.63
N GLN KC 22 -69.85 -84.99 -62.41
CA GLN KC 22 -71.01 -84.49 -61.69
C GLN KC 22 -70.58 -84.17 -60.26
N GLN KC 23 -70.70 -82.89 -59.89
CA GLN KC 23 -70.45 -82.47 -58.53
C GLN KC 23 -71.78 -82.10 -57.88
N GLY KC 24 -71.72 -81.35 -56.79
CA GLY KC 24 -72.93 -80.93 -56.14
C GLY KC 24 -73.76 -80.04 -57.05
N THR KC 25 -73.18 -78.91 -57.45
CA THR KC 25 -73.87 -77.90 -58.25
C THR KC 25 -73.30 -77.76 -59.65
N LEU KC 26 -72.39 -78.65 -60.03
CA LEU KC 26 -71.68 -78.53 -61.30
C LEU KC 26 -71.72 -79.86 -62.04
N PHE KC 27 -71.83 -79.78 -63.37
CA PHE KC 27 -71.71 -80.96 -64.22
C PHE KC 27 -70.97 -80.59 -65.51
N ARG KC 28 -70.48 -81.62 -66.18
CA ARG KC 28 -69.68 -81.45 -67.38
C ARG KC 28 -69.88 -82.64 -68.31
N PHE KC 29 -70.26 -82.34 -69.55
CA PHE KC 29 -70.36 -83.26 -70.67
C PHE KC 29 -69.18 -83.06 -71.62
N VAL KC 30 -68.94 -84.09 -72.43
CA VAL KC 30 -67.79 -84.13 -73.31
C VAL KC 30 -68.20 -84.74 -74.66
N ASP KC 31 -67.74 -84.15 -75.76
CA ASP KC 31 -68.07 -84.65 -77.10
C ASP KC 31 -67.47 -86.04 -77.29
N LYS KC 32 -68.34 -87.03 -77.51
CA LYS KC 32 -67.88 -88.41 -77.65
C LYS KC 32 -66.93 -88.56 -78.84
N SER KC 33 -67.13 -87.75 -79.88
CA SER KC 33 -66.35 -87.83 -81.11
C SER KC 33 -64.91 -87.35 -80.95
N GLY KC 34 -64.47 -87.03 -79.72
CA GLY KC 34 -63.13 -86.53 -79.53
C GLY KC 34 -62.11 -87.65 -79.52
N THR KC 35 -61.00 -87.43 -80.21
CA THR KC 35 -59.90 -88.38 -80.24
C THR KC 35 -58.81 -88.05 -79.23
N VAL KC 36 -58.55 -86.75 -79.02
CA VAL KC 36 -57.54 -86.28 -78.10
C VAL KC 36 -58.21 -85.31 -77.14
N ALA KC 37 -57.57 -85.09 -76.00
CA ALA KC 37 -58.05 -84.09 -75.06
C ALA KC 37 -58.26 -82.73 -75.73
N ASN KC 38 -57.24 -82.25 -76.46
CA ASN KC 38 -57.35 -80.96 -77.14
C ASN KC 38 -58.34 -81.03 -78.30
N ASN KC 39 -58.46 -82.19 -78.94
CA ASN KC 39 -59.47 -82.37 -79.98
C ASN KC 39 -60.88 -82.22 -79.43
N THR KC 40 -61.08 -82.50 -78.15
CA THR KC 40 -62.39 -82.79 -77.60
C THR KC 40 -63.13 -81.54 -77.15
N GLY KC 41 -64.33 -81.34 -77.69
CA GLY KC 41 -65.19 -80.27 -77.20
C GLY KC 41 -65.85 -80.63 -75.89
N VAL KC 42 -66.24 -79.60 -75.13
CA VAL KC 42 -66.79 -79.81 -73.79
C VAL KC 42 -67.90 -78.81 -73.52
N PHE KC 43 -68.73 -79.17 -72.55
CA PHE KC 43 -69.81 -78.30 -72.08
C PHE KC 43 -69.96 -78.46 -70.58
N SER KC 44 -69.98 -77.35 -69.87
CA SER KC 44 -70.03 -77.37 -68.42
C SER KC 44 -71.07 -76.38 -67.92
N LEU KC 45 -71.69 -76.71 -66.79
CA LEU KC 45 -72.71 -75.85 -66.18
C LEU KC 45 -72.56 -75.92 -64.66
N GLU KC 46 -72.75 -74.76 -64.02
CA GLU KC 46 -72.62 -74.63 -62.57
C GLU KC 46 -73.65 -73.63 -62.07
N GLN KC 47 -74.32 -73.98 -60.98
CA GLN KC 47 -75.23 -73.06 -60.31
C GLN KC 47 -74.63 -72.59 -59.00
N ARG KC 48 -74.75 -71.29 -58.74
CA ARG KC 48 -74.29 -70.65 -57.52
C ARG KC 48 -75.53 -70.00 -56.90
N PHE KC 49 -76.07 -70.68 -55.89
CA PHE KC 49 -77.22 -70.21 -55.15
C PHE KC 49 -76.73 -69.25 -54.08
N GLY KC 50 -77.25 -68.02 -54.06
CA GLY KC 50 -76.80 -67.01 -53.13
C GLY KC 50 -77.63 -66.98 -51.86
N ALA KC 51 -77.36 -65.97 -51.04
CA ALA KC 51 -78.20 -65.72 -49.88
C ALA KC 51 -79.58 -65.23 -50.33
N ALA KC 52 -80.49 -65.02 -49.37
CA ALA KC 52 -81.86 -64.65 -49.71
C ALA KC 52 -81.92 -63.26 -50.34
N ASN KC 53 -80.97 -62.39 -50.03
CA ASN KC 53 -80.90 -61.08 -50.69
C ASN KC 53 -80.20 -61.14 -52.03
N SER KC 54 -79.56 -62.26 -52.35
CA SER KC 54 -78.83 -62.41 -53.60
C SER KC 54 -79.72 -63.05 -54.67
N ASN KC 55 -79.23 -62.99 -55.90
CA ASN KC 55 -79.82 -63.73 -57.01
C ASN KC 55 -79.01 -65.00 -57.23
N ARG KC 56 -79.69 -66.10 -57.51
CA ARG KC 56 -78.94 -67.28 -57.91
C ARG KC 56 -78.43 -67.07 -59.33
N LYS KC 57 -77.27 -67.64 -59.61
CA LYS KC 57 -76.63 -67.48 -60.91
C LYS KC 57 -76.32 -68.85 -61.49
N VAL KC 58 -76.63 -69.05 -62.77
CA VAL KC 58 -76.29 -70.28 -63.46
C VAL KC 58 -75.40 -69.92 -64.64
N THR KC 59 -74.27 -70.61 -64.76
CA THR KC 59 -73.30 -70.32 -65.81
C THR KC 59 -73.01 -71.58 -66.60
N MET KC 60 -72.83 -71.40 -67.91
CA MET KC 60 -72.51 -72.47 -68.83
C MET KC 60 -71.36 -72.03 -69.71
N LEU KC 61 -70.46 -72.97 -69.97
CA LEU KC 61 -69.36 -72.79 -70.91
C LEU KC 61 -69.35 -73.91 -71.93
N LEU KC 62 -69.35 -73.53 -73.20
CA LEU KC 62 -69.27 -74.45 -74.33
C LEU KC 62 -67.98 -74.17 -75.08
N THR KC 63 -67.13 -75.19 -75.21
CA THR KC 63 -65.84 -75.07 -75.87
C THR KC 63 -65.77 -76.02 -77.05
N ASP KC 64 -65.49 -75.47 -78.24
CA ASP KC 64 -65.42 -76.25 -79.48
C ASP KC 64 -64.08 -76.00 -80.15
N PRO KC 65 -63.10 -76.85 -79.92
CA PRO KC 65 -61.82 -76.72 -80.62
C PRO KC 65 -61.86 -77.35 -82.01
N VAL KC 66 -60.99 -76.84 -82.88
CA VAL KC 66 -60.85 -77.31 -84.26
C VAL KC 66 -59.36 -77.33 -84.61
N VAL KC 67 -58.98 -78.24 -85.52
CA VAL KC 67 -57.59 -78.34 -85.94
C VAL KC 67 -57.37 -77.51 -87.21
N VAL KC 68 -56.37 -76.64 -87.19
CA VAL KC 68 -56.00 -75.81 -88.33
C VAL KC 68 -54.55 -76.08 -88.72
N MET KC 76 -51.91 -77.02 -85.49
CA MET KC 76 -52.40 -76.25 -84.35
C MET KC 76 -53.91 -76.45 -84.15
N THR KC 77 -54.35 -76.45 -82.88
CA THR KC 77 -55.76 -76.53 -82.53
C THR KC 77 -56.20 -75.24 -81.87
N ILE KC 78 -57.32 -74.70 -82.35
CA ILE KC 78 -57.83 -73.39 -81.97
C ILE KC 78 -59.18 -73.60 -81.30
N LYS KC 79 -59.39 -72.93 -80.16
CA LYS KC 79 -60.59 -73.11 -79.35
C LYS KC 79 -61.46 -71.86 -79.38
N ALA KC 80 -62.77 -72.05 -79.54
CA ALA KC 80 -63.75 -70.98 -79.47
C ALA KC 80 -64.77 -71.28 -78.37
N ASN KC 81 -65.17 -70.23 -77.65
CA ASN KC 81 -65.99 -70.39 -76.46
C ASN KC 81 -67.30 -69.65 -76.59
N ALA KC 82 -68.37 -70.26 -76.09
CA ALA KC 82 -69.62 -69.57 -75.83
C ALA KC 82 -69.91 -69.71 -74.34
N SER KC 83 -70.33 -68.62 -73.71
CA SER KC 83 -70.61 -68.65 -72.28
C SER KC 83 -71.93 -67.95 -72.02
N VAL KC 84 -72.84 -68.64 -71.34
CA VAL KC 84 -74.14 -68.08 -70.99
C VAL KC 84 -74.20 -67.96 -69.48
N THR KC 85 -74.86 -66.91 -68.99
CA THR KC 85 -75.04 -66.69 -67.56
C THR KC 85 -76.44 -66.15 -67.32
N PHE KC 86 -77.20 -66.87 -66.49
CA PHE KC 86 -78.55 -66.50 -66.08
C PHE KC 86 -78.49 -65.95 -64.66
N SER KC 87 -78.85 -64.68 -64.50
CA SER KC 87 -78.98 -64.06 -63.18
C SER KC 87 -80.47 -64.00 -62.86
N LEU KC 88 -80.88 -64.78 -61.86
CA LEU KC 88 -82.29 -65.01 -61.55
C LEU KC 88 -82.55 -64.65 -60.11
N PRO KC 89 -83.31 -63.59 -59.84
CA PRO KC 89 -83.73 -63.30 -58.45
C PRO KC 89 -84.69 -64.36 -57.96
N LYS KC 90 -84.64 -64.61 -56.65
CA LYS KC 90 -85.43 -65.70 -56.10
C LYS KC 90 -86.93 -65.42 -56.19
N THR KC 91 -87.34 -64.17 -55.92
CA THR KC 91 -88.75 -63.81 -56.01
C THR KC 91 -89.30 -63.91 -57.43
N TYR KC 92 -88.42 -63.95 -58.44
CA TYR KC 92 -88.84 -64.02 -59.83
C TYR KC 92 -89.48 -65.37 -60.13
N PRO KC 93 -90.60 -65.43 -60.85
CA PRO KC 93 -91.35 -66.69 -60.97
C PRO KC 93 -90.77 -67.67 -61.99
N ASN KC 94 -90.78 -68.94 -61.59
CA ASN KC 94 -90.18 -69.99 -62.41
C ASN KC 94 -90.76 -70.02 -63.82
N GLU KC 95 -92.06 -69.73 -63.96
CA GLU KC 95 -92.67 -69.71 -65.28
C GLU KC 95 -92.01 -68.69 -66.19
N HIS KC 96 -91.87 -67.45 -65.71
CA HIS KC 96 -91.19 -66.41 -66.51
C HIS KC 96 -89.72 -66.73 -66.74
N ILE KC 97 -89.08 -67.52 -65.88
CA ILE KC 97 -87.71 -67.97 -66.17
C ILE KC 97 -87.71 -68.90 -67.39
N THR KC 98 -88.61 -69.90 -67.40
CA THR KC 98 -88.70 -70.78 -68.57
C THR KC 98 -88.92 -69.94 -69.83
N LYS KC 99 -89.79 -68.93 -69.73
CA LYS KC 99 -89.99 -68.00 -70.85
C LYS KC 99 -88.67 -67.36 -71.29
N LEU KC 100 -87.93 -66.81 -70.34
CA LEU KC 100 -86.67 -66.14 -70.67
C LEU KC 100 -85.73 -67.08 -71.43
N ARG KC 101 -85.55 -68.29 -70.93
CA ARG KC 101 -84.66 -69.25 -71.59
C ARG KC 101 -85.12 -69.50 -73.03
N GLN KC 102 -86.42 -69.74 -73.22
CA GLN KC 102 -86.91 -70.03 -74.56
C GLN KC 102 -86.70 -68.86 -75.52
N THR KC 103 -86.93 -67.64 -75.04
CA THR KC 103 -86.72 -66.47 -75.91
C THR KC 103 -85.25 -66.28 -76.24
N LEU KC 104 -84.35 -66.63 -75.33
CA LEU KC 104 -82.93 -66.58 -75.67
C LEU KC 104 -82.61 -67.57 -76.79
N ILE KC 105 -83.16 -68.78 -76.72
CA ILE KC 105 -83.00 -69.73 -77.82
C ILE KC 105 -83.48 -69.12 -79.13
N ALA KC 106 -84.69 -68.55 -79.11
CA ALA KC 106 -85.25 -67.95 -80.31
C ALA KC 106 -84.34 -66.85 -80.87
N TRP KC 107 -83.81 -66.01 -79.98
CA TRP KC 107 -82.91 -64.94 -80.42
C TRP KC 107 -81.67 -65.50 -81.07
N LEU KC 108 -81.03 -66.47 -80.43
CA LEU KC 108 -79.85 -67.12 -81.00
C LEU KC 108 -80.14 -67.77 -82.34
N GLY KC 109 -81.40 -68.02 -82.66
CA GLY KC 109 -81.77 -68.45 -83.99
C GLY KC 109 -81.69 -67.39 -85.08
N GLN KC 110 -81.92 -66.13 -84.73
CA GLN KC 110 -82.21 -65.09 -85.71
C GLN KC 110 -80.98 -64.67 -86.51
N GLN KC 111 -81.24 -64.07 -87.67
CA GLN KC 111 -80.16 -63.62 -88.54
C GLN KC 111 -79.38 -62.48 -87.91
N CYS KC 112 -80.07 -61.55 -87.27
CA CYS KC 112 -79.38 -60.41 -86.67
C CYS KC 112 -78.38 -60.84 -85.61
N VAL KC 113 -78.51 -62.07 -85.11
CA VAL KC 113 -77.53 -62.63 -84.19
C VAL KC 113 -76.51 -63.51 -84.91
N SER KC 114 -76.95 -64.29 -85.90
CA SER KC 114 -76.02 -65.18 -86.58
C SER KC 114 -75.00 -64.42 -87.40
N ASP KC 115 -75.41 -63.34 -88.09
CA ASP KC 115 -74.51 -62.59 -88.93
C ASP KC 115 -73.26 -62.07 -88.18
N PRO KC 116 -73.42 -61.42 -87.02
CA PRO KC 116 -72.18 -61.05 -86.29
C PRO KC 116 -71.45 -62.22 -85.67
N VAL KC 117 -72.17 -63.15 -85.05
CA VAL KC 117 -71.52 -64.31 -84.43
C VAL KC 117 -70.82 -65.15 -85.49
N ASP KC 118 -71.57 -65.64 -86.47
CA ASP KC 118 -71.01 -66.61 -87.42
C ASP KC 118 -69.91 -65.99 -88.28
N SER KC 119 -70.22 -64.87 -88.96
CA SER KC 119 -69.30 -64.33 -89.95
C SER KC 119 -68.76 -62.94 -89.62
N GLY KC 120 -69.26 -62.29 -88.59
CA GLY KC 120 -68.75 -60.97 -88.22
C GLY KC 120 -69.44 -59.80 -88.89
N LEU KC 121 -70.51 -60.03 -89.63
CA LEU KC 121 -71.26 -58.94 -90.22
C LEU KC 121 -72.09 -58.25 -89.14
N ASN KC 122 -71.90 -56.95 -88.98
CA ASN KC 122 -72.78 -56.21 -88.09
C ASN KC 122 -74.06 -55.84 -88.83
N ASN KC 123 -75.09 -55.50 -88.07
CA ASN KC 123 -76.35 -55.14 -88.66
C ASN KC 123 -76.40 -53.65 -88.91
N TYR KC 124 -77.10 -53.27 -89.98
CA TYR KC 124 -77.12 -51.89 -90.43
C TYR KC 124 -78.50 -51.50 -90.88
N MET LC 1 -75.34 -96.11 -51.05
CA MET LC 1 -76.58 -96.20 -51.81
C MET LC 1 -76.51 -95.29 -53.02
N ARG LC 2 -77.05 -95.76 -54.14
CA ARG LC 2 -77.22 -94.92 -55.34
C ARG LC 2 -78.37 -93.95 -55.10
N LEU LC 3 -78.05 -92.68 -54.89
CA LEU LC 3 -79.06 -91.72 -54.49
C LEU LC 3 -80.05 -91.50 -55.62
N THR LC 4 -81.34 -91.59 -55.29
CA THR LC 4 -82.42 -91.19 -56.18
C THR LC 4 -83.52 -90.56 -55.34
N ASP LC 5 -84.43 -89.87 -56.04
CA ASP LC 5 -85.56 -89.22 -55.38
C ASP LC 5 -86.27 -90.24 -54.49
N VAL LC 6 -86.84 -89.76 -53.39
CA VAL LC 6 -87.57 -90.62 -52.48
C VAL LC 6 -88.93 -90.03 -52.16
N ASP LC 7 -89.85 -90.91 -51.78
CA ASP LC 7 -91.17 -90.53 -51.30
C ASP LC 7 -91.35 -91.13 -49.92
N LEU LC 8 -91.76 -90.30 -48.97
CA LEU LC 8 -91.91 -90.69 -47.58
C LEU LC 8 -93.38 -90.79 -47.21
N THR LC 9 -93.69 -91.81 -46.42
CA THR LC 9 -95.03 -91.98 -45.88
C THR LC 9 -95.07 -91.28 -44.53
N VAL LC 10 -95.88 -90.23 -44.43
CA VAL LC 10 -95.92 -89.37 -43.25
C VAL LC 10 -97.33 -89.37 -42.71
N GLY LC 11 -97.57 -90.16 -41.67
CA GLY LC 11 -98.91 -90.31 -41.15
C GLY LC 11 -99.85 -90.80 -42.24
N GLU LC 12 -100.78 -89.94 -42.65
CA GLU LC 12 -101.74 -90.29 -43.68
C GLU LC 12 -101.57 -89.44 -44.94
N GLU LC 13 -100.38 -88.93 -45.16
CA GLU LC 13 -100.06 -88.21 -46.39
C GLU LC 13 -98.76 -88.75 -46.97
N THR LC 14 -98.48 -88.38 -48.21
CA THR LC 14 -97.25 -88.78 -48.87
C THR LC 14 -96.45 -87.53 -49.22
N ARG LC 15 -95.18 -87.52 -48.83
CA ARG LC 15 -94.27 -86.40 -48.99
C ARG LC 15 -93.25 -86.77 -50.05
N GLU LC 16 -93.10 -85.94 -51.07
CA GLU LC 16 -92.24 -86.26 -52.20
C GLU LC 16 -91.02 -85.36 -52.22
N TYR LC 17 -89.84 -85.94 -52.05
CA TYR LC 17 -88.60 -85.18 -52.14
C TYR LC 17 -87.88 -85.53 -53.43
N ALA LC 18 -87.00 -84.62 -53.86
CA ALA LC 18 -86.17 -84.79 -55.04
C ALA LC 18 -84.74 -84.41 -54.71
N VAL LC 19 -83.79 -85.15 -55.28
CA VAL LC 19 -82.39 -84.87 -55.02
C VAL LC 19 -82.05 -83.49 -55.54
N SER LC 20 -81.53 -82.63 -54.67
CA SER LC 20 -81.12 -81.28 -55.04
C SER LC 20 -79.61 -81.11 -55.15
N GLU LC 21 -78.82 -81.90 -54.41
CA GLU LC 21 -77.39 -81.97 -54.70
C GLU LC 21 -76.80 -83.21 -54.04
N GLN LC 22 -75.73 -83.74 -54.64
CA GLN LC 22 -75.01 -84.86 -54.07
C GLN LC 22 -73.52 -84.59 -54.18
N GLN LC 23 -72.84 -84.54 -53.03
CA GLN LC 23 -71.39 -84.41 -52.94
C GLN LC 23 -70.82 -85.67 -52.32
N GLY LC 24 -69.50 -85.64 -52.10
CA GLY LC 24 -68.82 -86.83 -51.63
C GLY LC 24 -69.33 -87.31 -50.29
N THR LC 25 -69.44 -86.38 -49.33
CA THR LC 25 -69.86 -86.68 -47.97
C THR LC 25 -71.18 -86.00 -47.61
N LEU LC 26 -71.83 -85.32 -48.55
CA LEU LC 26 -73.02 -84.52 -48.28
C LEU LC 26 -74.05 -84.75 -49.38
N PHE LC 27 -75.32 -84.70 -48.99
CA PHE LC 27 -76.41 -84.68 -49.96
C PHE LC 27 -77.57 -83.86 -49.44
N ARG LC 28 -78.42 -83.43 -50.37
CA ARG LC 28 -79.54 -82.56 -50.07
C ARG LC 28 -80.73 -82.90 -50.96
N PHE LC 29 -81.88 -83.10 -50.32
CA PHE LC 29 -83.19 -83.27 -50.94
C PHE LC 29 -84.04 -82.02 -50.71
N VAL LC 30 -84.98 -81.80 -51.64
CA VAL LC 30 -85.93 -80.69 -51.57
C VAL LC 30 -87.34 -81.22 -51.78
N ASP LC 31 -88.30 -80.68 -51.02
CA ASP LC 31 -89.71 -81.07 -51.16
C ASP LC 31 -90.23 -80.64 -52.52
N LYS LC 32 -90.76 -81.60 -53.29
CA LYS LC 32 -91.20 -81.35 -54.65
C LYS LC 32 -92.35 -80.35 -54.74
N SER LC 33 -93.03 -80.07 -53.65
CA SER LC 33 -94.15 -79.14 -53.65
C SER LC 33 -93.72 -77.68 -53.58
N GLY LC 34 -92.43 -77.38 -53.76
CA GLY LC 34 -91.90 -76.07 -53.49
C GLY LC 34 -91.23 -75.38 -54.68
N THR LC 35 -90.95 -74.10 -54.49
CA THR LC 35 -90.30 -73.22 -55.45
C THR LC 35 -89.09 -72.57 -54.78
N VAL LC 36 -88.17 -72.04 -55.59
CA VAL LC 36 -87.15 -71.18 -55.02
C VAL LC 36 -87.81 -70.03 -54.26
N ALA LC 37 -88.87 -69.47 -54.83
CA ALA LC 37 -89.56 -68.35 -54.19
C ALA LC 37 -90.25 -68.80 -52.91
N ASN LC 38 -91.05 -69.86 -52.99
CA ASN LC 38 -91.74 -70.38 -51.82
C ASN LC 38 -91.26 -71.81 -51.56
N ASN LC 39 -90.29 -71.96 -50.67
CA ASN LC 39 -89.79 -73.27 -50.32
C ASN LC 39 -90.68 -73.92 -49.27
N THR LC 40 -90.76 -75.25 -49.33
CA THR LC 40 -91.67 -76.01 -48.50
C THR LC 40 -90.98 -77.05 -47.63
N GLY LC 41 -89.73 -77.38 -47.90
CA GLY LC 41 -89.03 -78.36 -47.10
C GLY LC 41 -87.68 -78.71 -47.69
N VAL LC 42 -86.69 -78.93 -46.81
CA VAL LC 42 -85.37 -79.36 -47.25
C VAL LC 42 -84.85 -80.37 -46.24
N PHE LC 43 -84.05 -81.31 -46.74
CA PHE LC 43 -83.36 -82.27 -45.89
C PHE LC 43 -81.92 -82.37 -46.37
N SER LC 44 -80.98 -82.39 -45.43
CA SER LC 44 -79.57 -82.45 -45.78
C SER LC 44 -78.85 -83.36 -44.79
N LEU LC 45 -77.85 -84.07 -45.28
CA LEU LC 45 -77.07 -84.98 -44.44
C LEU LC 45 -75.60 -84.92 -44.85
N GLU LC 46 -74.72 -84.94 -43.84
CA GLU LC 46 -73.28 -84.89 -44.05
C GLU LC 46 -72.59 -85.83 -43.08
N GLN LC 47 -71.58 -86.55 -43.56
CA GLN LC 47 -70.73 -87.35 -42.69
C GLN LC 47 -69.35 -86.75 -42.64
N ARG LC 48 -68.86 -86.50 -41.43
CA ARG LC 48 -67.46 -86.17 -41.17
C ARG LC 48 -66.83 -87.44 -40.58
N PHE LC 49 -66.22 -88.22 -41.45
CA PHE LC 49 -65.44 -89.36 -41.00
C PHE LC 49 -64.19 -88.84 -40.31
N GLY LC 50 -64.07 -89.11 -39.02
CA GLY LC 50 -63.03 -88.49 -38.23
C GLY LC 50 -61.67 -89.10 -38.43
N ALA LC 51 -60.68 -88.48 -37.78
CA ALA LC 51 -59.35 -89.05 -37.70
C ALA LC 51 -59.40 -90.43 -37.05
N ALA LC 52 -58.32 -91.20 -37.22
CA ALA LC 52 -58.31 -92.59 -36.77
C ALA LC 52 -58.56 -92.71 -35.27
N ASN LC 53 -58.24 -91.66 -34.50
CA ASN LC 53 -58.51 -91.67 -33.06
C ASN LC 53 -59.92 -91.23 -32.73
N SER LC 54 -60.51 -90.36 -33.53
CA SER LC 54 -61.80 -89.75 -33.22
C SER LC 54 -62.96 -90.60 -33.70
N ASN LC 55 -64.15 -90.26 -33.21
CA ASN LC 55 -65.38 -90.83 -33.71
C ASN LC 55 -65.78 -90.18 -35.02
N ARG LC 56 -66.54 -90.91 -35.83
CA ARG LC 56 -67.12 -90.29 -37.00
C ARG LC 56 -68.48 -89.70 -36.64
N LYS LC 57 -68.83 -88.62 -37.30
CA LYS LC 57 -70.07 -87.90 -37.03
C LYS LC 57 -70.93 -87.88 -38.28
N VAL LC 58 -72.23 -88.08 -38.09
CA VAL LC 58 -73.20 -87.91 -39.17
C VAL LC 58 -74.26 -86.94 -38.68
N THR LC 59 -74.51 -85.90 -39.48
CA THR LC 59 -75.46 -84.87 -39.08
C THR LC 59 -76.52 -84.71 -40.17
N MET LC 60 -77.76 -84.48 -39.72
CA MET LC 60 -78.90 -84.26 -40.58
C MET LC 60 -79.65 -83.03 -40.13
N LEU LC 61 -80.11 -82.26 -41.11
CA LEU LC 61 -80.95 -81.09 -40.87
C LEU LC 61 -82.21 -81.20 -41.72
N LEU LC 62 -83.36 -81.14 -41.08
CA LEU LC 62 -84.65 -81.10 -41.73
C LEU LC 62 -85.28 -79.75 -41.44
N THR LC 63 -85.66 -79.02 -42.49
CA THR LC 63 -86.24 -77.70 -42.34
C THR LC 63 -87.58 -77.65 -43.04
N ASP LC 64 -88.62 -77.28 -42.29
CA ASP LC 64 -89.97 -77.12 -42.83
C ASP LC 64 -90.39 -75.67 -42.61
N PRO LC 65 -90.44 -74.89 -43.69
CA PRO LC 65 -90.98 -73.53 -43.59
C PRO LC 65 -92.46 -73.48 -43.91
N VAL LC 66 -93.15 -72.57 -43.24
CA VAL LC 66 -94.59 -72.35 -43.37
C VAL LC 66 -94.84 -70.84 -43.45
N VAL LC 67 -95.82 -70.48 -44.25
CA VAL LC 67 -96.24 -69.08 -44.30
C VAL LC 67 -97.28 -68.85 -43.23
N VAL LC 68 -97.18 -67.71 -42.55
CA VAL LC 68 -98.06 -67.33 -41.45
C VAL LC 68 -98.41 -65.86 -41.61
N LYS LC 69 -99.68 -65.52 -41.43
CA LYS LC 69 -100.09 -64.13 -41.44
C LYS LC 69 -99.54 -63.44 -40.20
N ASP LC 70 -99.19 -62.17 -40.37
CA ASP LC 70 -98.64 -61.36 -39.29
C ASP LC 70 -99.75 -60.59 -38.58
N ALA LC 71 -99.43 -60.07 -37.39
CA ALA LC 71 -100.35 -59.17 -36.71
C ALA LC 71 -100.65 -57.95 -37.57
N SER LC 72 -99.67 -57.49 -38.36
CA SER LC 72 -99.87 -56.44 -39.35
C SER LC 72 -100.59 -56.92 -40.60
N GLY LC 73 -100.91 -58.22 -40.68
CA GLY LC 73 -101.49 -58.79 -41.87
C GLY LC 73 -100.49 -59.28 -42.90
N ALA LC 74 -99.29 -58.71 -42.92
CA ALA LC 74 -98.27 -59.09 -43.88
C ALA LC 74 -97.97 -60.58 -43.81
N ASP LC 75 -97.62 -61.16 -44.96
CA ASP LC 75 -97.28 -62.58 -45.01
C ASP LC 75 -95.82 -62.77 -44.60
N MET LC 76 -95.58 -63.75 -43.73
CA MET LC 76 -94.28 -63.94 -43.09
C MET LC 76 -93.93 -65.43 -43.14
N THR LC 77 -92.76 -65.75 -43.65
CA THR LC 77 -92.33 -67.14 -43.76
C THR LC 77 -91.48 -67.52 -42.55
N ILE LC 78 -91.84 -68.63 -41.91
CA ILE LC 78 -91.25 -69.05 -40.64
C ILE LC 78 -90.76 -70.48 -40.80
N LYS LC 79 -89.54 -70.75 -40.33
CA LYS LC 79 -88.94 -72.06 -40.45
C LYS LC 79 -88.88 -72.75 -39.10
N ALA LC 80 -89.15 -74.05 -39.09
CA ALA LC 80 -88.92 -74.93 -37.94
C ALA LC 80 -87.88 -75.97 -38.33
N ASN LC 81 -86.96 -76.26 -37.41
CA ASN LC 81 -85.82 -77.11 -37.74
C ASN LC 81 -85.77 -78.31 -36.82
N ALA LC 82 -85.32 -79.44 -37.37
CA ALA LC 82 -84.96 -80.61 -36.60
C ALA LC 82 -83.57 -81.03 -37.04
N SER LC 83 -82.71 -81.32 -36.08
CA SER LC 83 -81.33 -81.71 -36.39
C SER LC 83 -80.96 -82.94 -35.60
N VAL LC 84 -80.42 -83.94 -36.28
CA VAL LC 84 -80.00 -85.19 -35.66
C VAL LC 84 -78.50 -85.34 -35.88
N THR LC 85 -77.80 -85.84 -34.86
CA THR LC 85 -76.36 -86.07 -34.96
C THR LC 85 -76.01 -87.40 -34.31
N PHE LC 86 -75.38 -88.27 -35.08
CA PHE LC 86 -74.88 -89.55 -34.62
C PHE LC 86 -73.38 -89.45 -34.43
N SER LC 87 -72.93 -89.66 -33.19
CA SER LC 87 -71.51 -89.79 -32.87
C SER LC 87 -71.23 -91.27 -32.69
N LEU LC 88 -70.47 -91.82 -33.63
CA LEU LC 88 -70.23 -93.26 -33.70
C LEU LC 88 -68.74 -93.53 -33.65
N PRO LC 89 -68.24 -94.10 -32.57
CA PRO LC 89 -66.82 -94.49 -32.51
C PRO LC 89 -66.53 -95.61 -33.50
N LYS LC 90 -65.28 -95.67 -33.95
CA LYS LC 90 -64.91 -96.64 -34.96
C LYS LC 90 -65.07 -98.06 -34.44
N THR LC 91 -64.63 -98.31 -33.20
CA THR LC 91 -64.68 -99.67 -32.63
C THR LC 91 -66.10 -100.14 -32.37
N TYR LC 92 -67.08 -99.24 -32.41
CA TYR LC 92 -68.47 -99.63 -32.17
C TYR LC 92 -68.99 -100.45 -33.35
N PRO LC 93 -69.69 -101.57 -33.12
CA PRO LC 93 -70.07 -102.46 -34.22
C PRO LC 93 -71.28 -101.94 -35.01
N ASN LC 94 -71.19 -102.12 -36.33
CA ASN LC 94 -72.24 -101.64 -37.23
C ASN LC 94 -73.62 -102.16 -36.82
N GLU LC 95 -73.68 -103.38 -36.28
CA GLU LC 95 -74.94 -103.95 -35.84
C GLU LC 95 -75.60 -103.09 -34.78
N HIS LC 96 -74.88 -102.83 -33.68
CA HIS LC 96 -75.43 -101.99 -32.62
C HIS LC 96 -75.69 -100.56 -33.08
N ILE LC 97 -75.00 -100.08 -34.12
CA ILE LC 97 -75.35 -98.79 -34.69
C ILE LC 97 -76.78 -98.83 -35.29
N THR LC 98 -77.06 -99.85 -36.13
CA THR LC 98 -78.41 -99.94 -36.69
C THR LC 98 -79.43 -100.05 -35.56
N LYS LC 99 -79.10 -100.79 -34.49
CA LYS LC 99 -79.95 -100.85 -33.31
C LYS LC 99 -80.25 -99.46 -32.76
N LEU LC 100 -79.20 -98.65 -32.59
CA LEU LC 100 -79.37 -97.29 -32.07
C LEU LC 100 -80.31 -96.48 -32.96
N ARG LC 101 -80.10 -96.52 -34.28
CA ARG LC 101 -80.94 -95.73 -35.17
C ARG LC 101 -82.41 -96.16 -35.06
N GLN LC 102 -82.65 -97.47 -35.02
CA GLN LC 102 -84.04 -97.92 -34.96
C GLN LC 102 -84.69 -97.54 -33.62
N THR LC 103 -83.96 -97.68 -32.50
CA THR LC 103 -84.54 -97.25 -31.23
C THR LC 103 -84.82 -95.76 -31.22
N LEU LC 104 -84.02 -94.95 -31.92
CA LEU LC 104 -84.32 -93.53 -32.00
C LEU LC 104 -85.61 -93.28 -32.76
N ILE LC 105 -85.81 -93.99 -33.88
CA ILE LC 105 -87.09 -93.89 -34.58
C ILE LC 105 -88.25 -94.23 -33.66
N ALA LC 106 -88.12 -95.34 -32.93
CA ALA LC 106 -89.16 -95.76 -32.00
C ALA LC 106 -89.46 -94.67 -30.99
N TRP LC 107 -88.42 -94.11 -30.38
CA TRP LC 107 -88.61 -93.05 -29.40
C TRP LC 107 -89.32 -91.86 -30.00
N LEU LC 108 -88.90 -91.43 -31.20
CA LEU LC 108 -89.52 -90.29 -31.86
C LEU LC 108 -90.99 -90.52 -32.13
N GLY LC 109 -91.41 -91.77 -32.23
CA GLY LC 109 -92.82 -92.09 -32.35
C GLY LC 109 -93.63 -91.95 -31.08
N GLN LC 110 -92.98 -92.07 -29.92
CA GLN LC 110 -93.67 -92.19 -28.65
C GLN LC 110 -94.38 -90.90 -28.26
N GLN LC 111 -95.40 -91.04 -27.41
CA GLN LC 111 -96.14 -89.88 -26.97
C GLN LC 111 -95.33 -89.02 -26.00
N CYS LC 112 -94.51 -89.64 -25.15
CA CYS LC 112 -93.68 -88.86 -24.23
C CYS LC 112 -92.71 -87.95 -24.97
N VAL LC 113 -92.41 -88.27 -26.22
CA VAL LC 113 -91.58 -87.41 -27.05
C VAL LC 113 -92.42 -86.45 -27.89
N SER LC 114 -93.56 -86.92 -28.42
CA SER LC 114 -94.37 -86.09 -29.30
C SER LC 114 -95.02 -84.95 -28.53
N ASP LC 115 -95.54 -85.21 -27.33
CA ASP LC 115 -96.26 -84.19 -26.58
C ASP LC 115 -95.41 -82.94 -26.33
N PRO LC 116 -94.17 -83.02 -25.85
CA PRO LC 116 -93.38 -81.78 -25.72
C PRO LC 116 -92.96 -81.20 -27.06
N VAL LC 117 -92.57 -82.04 -28.01
CA VAL LC 117 -92.15 -81.54 -29.32
C VAL LC 117 -93.33 -80.88 -30.03
N ASP LC 118 -94.45 -81.60 -30.16
CA ASP LC 118 -95.55 -81.12 -30.99
C ASP LC 118 -96.29 -79.97 -30.33
N SER LC 119 -96.61 -80.11 -29.04
CA SER LC 119 -97.52 -79.18 -28.38
C SER LC 119 -96.87 -78.34 -27.28
N GLY LC 120 -95.62 -78.60 -26.94
CA GLY LC 120 -94.96 -77.83 -25.91
C GLY LC 120 -95.36 -78.17 -24.49
N LEU LC 121 -96.09 -79.27 -24.28
CA LEU LC 121 -96.45 -79.71 -22.95
C LEU LC 121 -95.40 -80.67 -22.42
N ASN LC 122 -94.95 -80.44 -21.19
CA ASN LC 122 -94.00 -81.35 -20.58
C ASN LC 122 -94.71 -82.56 -19.99
N ASN LC 123 -93.93 -83.59 -19.70
CA ASN LC 123 -94.47 -84.81 -19.12
C ASN LC 123 -94.46 -84.72 -17.60
N TYR LC 124 -95.22 -85.62 -16.97
CA TYR LC 124 -95.38 -85.63 -15.52
C TYR LC 124 -95.63 -87.03 -14.95
N MET MC 1 104.11 -18.10 -79.82
CA MET MC 1 105.09 -17.38 -80.63
C MET MC 1 105.45 -16.04 -79.98
N ARG MC 2 106.73 -15.70 -79.98
CA ARG MC 2 107.15 -14.37 -79.55
C ARG MC 2 106.62 -13.33 -80.52
N LEU MC 3 105.73 -12.47 -80.03
CA LEU MC 3 105.03 -11.54 -80.90
C LEU MC 3 106.00 -10.53 -81.51
N THR MC 4 105.73 -10.20 -82.77
CA THR MC 4 106.46 -9.16 -83.48
C THR MC 4 105.46 -8.43 -84.36
N ASP MC 5 105.80 -7.18 -84.71
CA ASP MC 5 104.98 -6.44 -85.65
C ASP MC 5 104.76 -7.28 -86.89
N VAL MC 6 103.63 -7.09 -87.55
CA VAL MC 6 103.20 -7.99 -88.62
C VAL MC 6 102.95 -7.17 -89.87
N ASP MC 7 103.39 -7.70 -91.01
CA ASP MC 7 103.12 -7.09 -92.30
C ASP MC 7 102.36 -8.10 -93.14
N LEU MC 8 101.16 -7.72 -93.57
CA LEU MC 8 100.26 -8.59 -94.32
C LEU MC 8 100.21 -8.13 -95.77
N THR MC 9 100.21 -9.09 -96.68
CA THR MC 9 99.99 -8.80 -98.09
C THR MC 9 98.50 -8.96 -98.34
N VAL MC 10 97.85 -7.88 -98.77
CA VAL MC 10 96.40 -7.83 -98.91
C VAL MC 10 96.07 -7.45 -100.34
N GLY MC 11 95.63 -8.42 -101.12
CA GLY MC 11 95.39 -8.17 -102.53
C GLY MC 11 96.65 -7.65 -103.18
N GLU MC 12 96.65 -6.38 -103.57
CA GLU MC 12 97.79 -5.79 -104.24
C GLU MC 12 98.39 -4.65 -103.42
N GLU MC 13 98.12 -4.61 -102.12
CA GLU MC 13 98.67 -3.62 -101.22
C GLU MC 13 99.32 -4.35 -100.06
N THR MC 14 100.08 -3.61 -99.25
CA THR MC 14 100.69 -4.19 -98.04
C THR MC 14 100.25 -3.38 -96.83
N ARG MC 15 99.73 -4.09 -95.83
CA ARG MC 15 99.18 -3.53 -94.62
C ARG MC 15 100.09 -3.85 -93.45
N GLU MC 16 100.44 -2.83 -92.65
CA GLU MC 16 101.41 -2.98 -91.58
C GLU MC 16 100.74 -2.76 -90.24
N TYR MC 17 100.82 -3.76 -89.36
CA TYR MC 17 100.28 -3.72 -88.01
C TYR MC 17 101.42 -3.76 -86.99
N ALA MC 18 101.15 -3.15 -85.84
CA ALA MC 18 102.09 -3.13 -84.73
C ALA MC 18 101.41 -3.63 -83.46
N VAL MC 19 102.19 -4.33 -82.63
CA VAL MC 19 101.66 -4.88 -81.39
C VAL MC 19 101.22 -3.74 -80.48
N SER MC 20 99.97 -3.80 -80.01
CA SER MC 20 99.43 -2.82 -79.07
C SER MC 20 99.33 -3.33 -77.65
N GLU MC 21 98.93 -4.58 -77.43
CA GLU MC 21 99.04 -5.14 -76.09
C GLU MC 21 99.04 -6.66 -76.17
N GLN MC 22 99.67 -7.29 -75.17
CA GLN MC 22 99.71 -8.75 -75.08
C GLN MC 22 99.47 -9.15 -73.65
N GLN MC 23 98.45 -9.99 -73.45
CA GLN MC 23 98.13 -10.58 -72.16
C GLN MC 23 98.40 -12.07 -72.25
N GLY MC 24 98.04 -12.79 -71.17
CA GLY MC 24 98.31 -14.22 -71.13
C GLY MC 24 97.63 -14.97 -72.26
N THR MC 25 96.35 -14.66 -72.50
CA THR MC 25 95.56 -15.33 -73.51
C THR MC 25 94.95 -14.36 -74.51
N LEU MC 26 95.45 -13.14 -74.58
CA LEU MC 26 94.89 -12.12 -75.45
C LEU MC 26 96.00 -11.26 -76.04
N PHE MC 27 95.82 -10.83 -77.29
CA PHE MC 27 96.70 -9.83 -77.88
C PHE MC 27 95.93 -8.94 -78.84
N ARG MC 28 96.53 -7.79 -79.13
CA ARG MC 28 95.92 -6.77 -79.97
C ARG MC 28 97.00 -6.05 -80.76
N PHE MC 29 96.77 -5.99 -82.08
CA PHE MC 29 97.53 -5.21 -83.04
C PHE MC 29 96.72 -4.01 -83.52
N VAL MC 30 97.45 -2.96 -83.91
CA VAL MC 30 96.87 -1.74 -84.48
C VAL MC 30 97.50 -1.48 -85.84
N ASP MC 31 96.69 -1.00 -86.79
CA ASP MC 31 97.19 -0.62 -88.12
C ASP MC 31 98.09 0.61 -87.99
N LYS MC 32 99.33 0.48 -88.48
CA LYS MC 32 100.30 1.57 -88.40
C LYS MC 32 99.86 2.80 -89.18
N SER MC 33 98.82 2.70 -90.01
CA SER MC 33 98.32 3.84 -90.76
C SER MC 33 97.68 4.89 -89.85
N GLY MC 34 97.38 4.55 -88.59
CA GLY MC 34 96.52 5.35 -87.76
C GLY MC 34 97.16 5.88 -86.49
N THR MC 35 96.44 6.78 -85.84
CA THR MC 35 96.79 7.42 -84.59
C THR MC 35 95.86 6.92 -83.50
N VAL MC 36 96.25 7.15 -82.24
CA VAL MC 36 95.30 7.10 -81.14
C VAL MC 36 94.07 7.91 -81.50
N ALA MC 37 94.27 9.14 -82.00
CA ALA MC 37 93.18 10.02 -82.37
C ALA MC 37 92.35 9.40 -83.50
N ASN MC 38 92.96 9.18 -84.65
CA ASN MC 38 92.28 8.61 -85.80
C ASN MC 38 92.80 7.20 -86.04
N ASN MC 39 91.93 6.21 -85.91
CA ASN MC 39 92.30 4.81 -86.03
C ASN MC 39 91.93 4.28 -87.41
N THR MC 40 92.83 3.49 -88.00
CA THR MC 40 92.60 2.91 -89.31
C THR MC 40 92.28 1.42 -89.28
N GLY MC 41 92.60 0.72 -88.18
CA GLY MC 41 92.33 -0.70 -88.11
C GLY MC 41 92.79 -1.33 -86.82
N VAL MC 42 92.09 -2.37 -86.38
CA VAL MC 42 92.45 -3.07 -85.14
C VAL MC 42 92.21 -4.55 -85.34
N PHE MC 43 93.06 -5.35 -84.70
CA PHE MC 43 92.89 -6.80 -84.68
C PHE MC 43 93.15 -7.30 -83.27
N SER MC 44 92.27 -8.18 -82.79
CA SER MC 44 92.37 -8.72 -81.45
C SER MC 44 92.06 -10.21 -81.48
N LEU MC 45 92.77 -10.97 -80.64
CA LEU MC 45 92.59 -12.42 -80.55
C LEU MC 45 92.67 -12.84 -79.09
N GLU MC 46 91.74 -13.72 -78.67
CA GLU MC 46 91.69 -14.23 -77.31
C GLU MC 46 91.34 -15.72 -77.30
N GLN MC 47 92.04 -16.50 -76.47
CA GLN MC 47 91.73 -17.91 -76.29
C GLN MC 47 91.16 -18.16 -74.91
N ARG MC 48 90.15 -19.03 -74.85
CA ARG MC 48 89.46 -19.41 -73.63
C ARG MC 48 89.52 -20.93 -73.53
N PHE MC 49 90.44 -21.42 -72.72
CA PHE MC 49 90.60 -22.84 -72.43
C PHE MC 49 89.58 -23.23 -71.37
N GLY MC 50 88.61 -24.08 -71.74
CA GLY MC 50 87.57 -24.49 -70.82
C GLY MC 50 88.00 -25.66 -69.95
N ALA MC 51 87.01 -26.25 -69.27
CA ALA MC 51 87.28 -27.49 -68.55
C ALA MC 51 87.48 -28.65 -69.52
N ALA MC 52 87.93 -29.79 -68.98
CA ALA MC 52 88.25 -30.94 -69.82
C ALA MC 52 87.04 -31.48 -70.57
N ASN MC 53 85.83 -31.21 -70.08
CA ASN MC 53 84.62 -31.53 -70.83
C ASN MC 53 84.22 -30.43 -71.81
N SER MC 54 84.81 -29.24 -71.68
CA SER MC 54 84.48 -28.11 -72.52
C SER MC 54 85.44 -28.00 -73.70
N ASN MC 55 84.93 -27.47 -74.81
CA ASN MC 55 85.78 -27.15 -75.94
C ASN MC 55 86.51 -25.86 -75.67
N ARG MC 56 87.80 -25.82 -75.99
CA ARG MC 56 88.48 -24.54 -75.96
C ARG MC 56 88.01 -23.69 -77.13
N LYS MC 57 88.02 -22.38 -76.92
CA LYS MC 57 87.47 -21.46 -77.90
C LYS MC 57 88.47 -20.36 -78.20
N VAL MC 58 88.49 -19.91 -79.45
CA VAL MC 58 89.45 -18.91 -79.90
C VAL MC 58 88.70 -17.89 -80.73
N THR MC 59 88.77 -16.61 -80.36
CA THR MC 59 87.96 -15.60 -81.03
C THR MC 59 88.82 -14.43 -81.50
N MET MC 60 88.53 -13.97 -82.72
CA MET MC 60 89.23 -12.89 -83.38
C MET MC 60 88.23 -11.81 -83.77
N LEU MC 61 88.64 -10.56 -83.60
CA LEU MC 61 87.88 -9.40 -84.05
C LEU MC 61 88.77 -8.51 -84.88
N LEU MC 62 88.36 -8.24 -86.11
CA LEU MC 62 89.03 -7.34 -87.04
C LEU MC 62 88.09 -6.17 -87.30
N THR MC 63 88.54 -4.97 -86.98
CA THR MC 63 87.74 -3.76 -87.16
C THR MC 63 88.43 -2.82 -88.13
N ASP MC 64 87.69 -2.39 -89.14
CA ASP MC 64 88.19 -1.44 -90.15
C ASP MC 64 87.27 -0.23 -90.17
N PRO MC 65 87.71 0.88 -89.61
CA PRO MC 65 86.95 2.12 -89.72
C PRO MC 65 87.38 2.94 -90.93
N VAL MC 66 86.40 3.61 -91.53
CA VAL MC 66 86.59 4.45 -92.71
C VAL MC 66 85.84 5.76 -92.48
N VAL MC 67 86.40 6.85 -92.97
CA VAL MC 67 85.71 8.13 -92.93
C VAL MC 67 84.88 8.29 -94.19
N VAL MC 68 83.60 8.62 -94.01
CA VAL MC 68 82.63 8.76 -95.09
C VAL MC 68 82.01 10.14 -95.00
N LYS MC 69 81.62 10.68 -96.14
CA LYS MC 69 80.91 11.93 -96.22
C LYS MC 69 79.49 11.78 -95.69
N ASP MC 70 79.06 12.75 -94.90
CA ASP MC 70 77.69 12.78 -94.42
C ASP MC 70 76.74 13.20 -95.56
N ALA MC 71 75.45 12.91 -95.37
CA ALA MC 71 74.45 13.42 -96.31
C ALA MC 71 74.44 14.94 -96.32
N SER MC 72 74.74 15.56 -95.17
CA SER MC 72 74.94 17.00 -95.11
C SER MC 72 76.33 17.39 -95.62
N GLY MC 73 77.30 16.50 -95.52
CA GLY MC 73 78.67 16.76 -95.94
C GLY MC 73 79.70 16.65 -94.84
N ALA MC 74 79.28 16.53 -93.59
CA ALA MC 74 80.22 16.42 -92.47
C ALA MC 74 81.06 15.14 -92.59
N ASP MC 75 82.19 15.16 -91.89
CA ASP MC 75 83.04 13.98 -91.82
C ASP MC 75 82.54 13.04 -90.74
N MET MC 76 82.34 11.77 -91.08
CA MET MC 76 81.77 10.82 -90.14
C MET MC 76 82.54 9.51 -90.23
N THR MC 77 82.84 8.90 -89.09
CA THR MC 77 83.62 7.66 -89.08
C THR MC 77 82.68 6.46 -88.89
N ILE MC 78 82.86 5.44 -89.74
CA ILE MC 78 82.00 4.27 -89.79
C ILE MC 78 82.88 3.03 -89.73
N LYS MC 79 82.57 2.11 -88.83
CA LYS MC 79 83.35 0.91 -88.65
C LYS MC 79 82.63 -0.29 -89.28
N ALA MC 80 83.43 -1.21 -89.82
CA ALA MC 80 82.96 -2.50 -90.29
C ALA MC 80 83.70 -3.60 -89.54
N ASN MC 81 82.97 -4.61 -89.08
CA ASN MC 81 83.53 -5.61 -88.18
C ASN MC 81 83.51 -6.97 -88.86
N ALA MC 82 84.52 -7.78 -88.57
CA ALA MC 82 84.52 -9.19 -88.92
C ALA MC 82 85.01 -9.95 -87.71
N SER MC 83 84.33 -11.04 -87.37
CA SER MC 83 84.69 -11.80 -86.18
C SER MC 83 84.69 -13.28 -86.50
N VAL MC 84 85.74 -13.97 -86.08
CA VAL MC 84 85.88 -15.40 -86.29
C VAL MC 84 85.92 -16.07 -84.91
N THR MC 85 85.34 -17.26 -84.83
CA THR MC 85 85.36 -18.05 -83.58
C THR MC 85 85.59 -19.51 -83.92
N PHE MC 86 86.66 -20.06 -83.38
CA PHE MC 86 87.01 -21.48 -83.51
C PHE MC 86 86.59 -22.19 -82.24
N SER MC 87 85.66 -23.14 -82.36
CA SER MC 87 85.30 -24.03 -81.27
C SER MC 87 85.98 -25.36 -81.52
N LEU MC 88 86.96 -25.67 -80.68
CA LEU MC 88 87.84 -26.82 -80.85
C LEU MC 88 87.77 -27.71 -79.62
N PRO MC 89 87.16 -28.88 -79.72
CA PRO MC 89 87.17 -29.84 -78.62
C PRO MC 89 88.58 -30.36 -78.35
N LYS MC 90 88.79 -30.78 -77.11
CA LYS MC 90 90.11 -31.19 -76.67
C LYS MC 90 90.42 -32.64 -76.99
N THR MC 91 89.52 -33.35 -77.66
CA THR MC 91 89.78 -34.65 -78.24
C THR MC 91 90.01 -34.57 -79.74
N TYR MC 92 89.89 -33.39 -80.31
CA TYR MC 92 90.08 -33.15 -81.73
C TYR MC 92 91.58 -32.96 -82.03
N PRO MC 93 92.10 -33.60 -83.07
CA PRO MC 93 93.55 -33.52 -83.31
C PRO MC 93 94.01 -32.21 -83.95
N ASN MC 94 95.20 -31.78 -83.51
CA ASN MC 94 95.75 -30.51 -83.95
C ASN MC 94 95.90 -30.46 -85.46
N GLU MC 95 96.26 -31.58 -86.08
CA GLU MC 95 96.37 -31.63 -87.53
C GLU MC 95 95.07 -31.17 -88.18
N HIS MC 96 93.94 -31.78 -87.77
CA HIS MC 96 92.67 -31.41 -88.38
C HIS MC 96 92.24 -30.00 -88.01
N ILE MC 97 92.70 -29.45 -86.88
CA ILE MC 97 92.46 -28.03 -86.61
C ILE MC 97 93.16 -27.18 -87.69
N THR MC 98 94.42 -27.51 -87.99
CA THR MC 98 95.11 -26.77 -89.06
C THR MC 98 94.38 -26.91 -90.38
N LYS MC 99 93.95 -28.13 -90.70
CA LYS MC 99 93.14 -28.36 -91.91
C LYS MC 99 91.92 -27.46 -91.93
N LEU MC 100 91.22 -27.37 -90.80
CA LEU MC 100 90.04 -26.53 -90.69
C LEU MC 100 90.36 -25.06 -90.97
N ARG MC 101 91.42 -24.54 -90.33
CA ARG MC 101 91.79 -23.14 -90.53
C ARG MC 101 92.11 -22.87 -92.00
N GLN MC 102 92.83 -23.78 -92.65
CA GLN MC 102 93.19 -23.55 -94.04
C GLN MC 102 91.97 -23.62 -94.96
N THR MC 103 91.06 -24.58 -94.72
CA THR MC 103 89.82 -24.62 -95.51
C THR MC 103 89.01 -23.36 -95.32
N LEU MC 104 89.04 -22.78 -94.13
CA LEU MC 104 88.33 -21.52 -93.91
C LEU MC 104 88.96 -20.40 -94.73
N ILE MC 105 90.29 -20.33 -94.76
CA ILE MC 105 90.96 -19.34 -95.61
C ILE MC 105 90.54 -19.51 -97.06
N ALA MC 106 90.56 -20.75 -97.54
CA ALA MC 106 90.17 -21.03 -98.92
C ALA MC 106 88.74 -20.60 -99.20
N TRP MC 107 87.83 -20.90 -98.27
CA TRP MC 107 86.43 -20.49 -98.45
C TRP MC 107 86.29 -18.99 -98.49
N LEU MC 108 86.99 -18.28 -97.60
CA LEU MC 108 86.95 -16.82 -97.59
C LEU MC 108 87.48 -16.24 -98.89
N GLY MC 109 88.31 -17.00 -99.60
CA GLY MC 109 88.74 -16.60 -100.92
C GLY MC 109 87.69 -16.72 -102.02
N GLN MC 110 86.73 -17.63 -101.83
CA GLN MC 110 85.82 -18.02 -102.91
C GLN MC 110 84.91 -16.88 -103.33
N GLN MC 111 84.45 -16.95 -104.59
CA GLN MC 111 83.54 -15.93 -105.08
C GLN MC 111 82.16 -16.06 -104.44
N CYS MC 112 81.72 -17.30 -104.17
CA CYS MC 112 80.41 -17.48 -103.56
C CYS MC 112 80.35 -16.94 -102.14
N VAL MC 113 81.50 -16.79 -101.49
CA VAL MC 113 81.57 -16.07 -100.22
C VAL MC 113 81.79 -14.58 -100.45
N SER MC 114 82.54 -14.22 -101.50
CA SER MC 114 82.87 -12.83 -101.75
C SER MC 114 81.65 -12.00 -102.11
N ASP MC 115 80.80 -12.52 -103.00
CA ASP MC 115 79.67 -11.73 -103.50
C ASP MC 115 78.74 -11.26 -102.39
N PRO MC 116 78.23 -12.10 -101.48
CA PRO MC 116 77.39 -11.56 -100.40
C PRO MC 116 78.14 -10.64 -99.45
N VAL MC 117 79.36 -11.00 -99.07
CA VAL MC 117 80.14 -10.18 -98.14
C VAL MC 117 80.49 -8.84 -98.80
N ASP MC 118 81.18 -8.88 -99.94
CA ASP MC 118 81.73 -7.64 -100.50
C ASP MC 118 80.64 -6.74 -101.05
N SER MC 119 79.63 -7.28 -101.74
CA SER MC 119 78.68 -6.47 -102.47
C SER MC 119 77.24 -6.66 -102.04
N GLY MC 120 76.92 -7.68 -101.25
CA GLY MC 120 75.55 -7.92 -100.82
C GLY MC 120 74.71 -8.77 -101.74
N LEU MC 121 75.26 -9.19 -102.88
CA LEU MC 121 74.52 -10.05 -103.78
C LEU MC 121 74.49 -11.48 -103.23
N ASN MC 122 73.30 -12.08 -103.21
CA ASN MC 122 73.21 -13.49 -102.86
C ASN MC 122 73.49 -14.38 -104.07
N ASN MC 123 73.89 -15.61 -103.80
CA ASN MC 123 74.12 -16.55 -104.88
C ASN MC 123 72.83 -17.26 -105.24
N TYR MC 124 72.81 -17.83 -106.44
CA TYR MC 124 71.58 -18.45 -106.95
C TYR MC 124 71.85 -19.78 -107.65
N MET NC 1 113.81 -14.53 -65.86
CA MET NC 1 114.55 -14.88 -67.06
C MET NC 1 113.70 -14.67 -68.30
N ARG NC 2 114.34 -14.64 -69.47
CA ARG NC 2 113.64 -14.54 -70.74
C ARG NC 2 113.24 -15.95 -71.18
N LEU NC 3 111.95 -16.23 -71.15
CA LEU NC 3 111.44 -17.57 -71.43
C LEU NC 3 111.83 -18.03 -72.83
N THR NC 4 112.37 -19.24 -72.89
CA THR NC 4 112.71 -19.92 -74.13
C THR NC 4 112.24 -21.35 -74.02
N ASP NC 5 111.90 -21.96 -75.15
CA ASP NC 5 111.49 -23.36 -75.15
C ASP NC 5 112.57 -24.20 -74.46
N VAL NC 6 112.14 -25.22 -73.74
CA VAL NC 6 113.03 -25.93 -72.82
C VAL NC 6 113.10 -27.39 -73.25
N ASP NC 7 114.28 -27.98 -73.13
CA ASP NC 7 114.47 -29.40 -73.36
C ASP NC 7 115.07 -30.03 -72.12
N LEU NC 8 114.35 -31.01 -71.57
CA LEU NC 8 114.70 -31.66 -70.32
C LEU NC 8 115.24 -33.04 -70.61
N THR NC 9 116.33 -33.39 -69.95
CA THR NC 9 116.87 -34.73 -70.03
C THR NC 9 116.23 -35.54 -68.92
N VAL NC 10 115.40 -36.50 -69.30
CA VAL NC 10 114.58 -37.27 -68.38
C VAL NC 10 115.01 -38.73 -68.47
N GLY NC 11 115.84 -39.16 -67.52
CA GLY NC 11 116.40 -40.49 -67.59
C GLY NC 11 117.21 -40.64 -68.85
N GLU NC 12 116.75 -41.47 -69.78
CA GLU NC 12 117.45 -41.68 -71.04
C GLU NC 12 116.69 -41.12 -72.22
N GLU NC 13 115.75 -40.23 -71.97
CA GLU NC 13 114.92 -39.65 -73.01
C GLU NC 13 115.04 -38.14 -72.92
N THR NC 14 114.55 -37.44 -73.95
CA THR NC 14 114.53 -35.98 -73.93
C THR NC 14 113.11 -35.50 -74.17
N ARG NC 15 112.57 -34.77 -73.19
CA ARG NC 15 111.27 -34.13 -73.31
C ARG NC 15 111.47 -32.70 -73.81
N GLU NC 16 110.57 -32.24 -74.68
CA GLU NC 16 110.73 -30.94 -75.33
C GLU NC 16 109.46 -30.12 -75.16
N TYR NC 17 109.55 -29.07 -74.35
CA TYR NC 17 108.41 -28.21 -74.04
C TYR NC 17 108.56 -26.87 -74.75
N ALA NC 18 107.41 -26.31 -75.13
CA ALA NC 18 107.31 -25.01 -75.77
C ALA NC 18 106.48 -24.07 -74.90
N VAL NC 19 106.88 -22.79 -74.89
CA VAL NC 19 106.14 -21.80 -74.12
C VAL NC 19 104.73 -21.68 -74.66
N SER NC 20 103.75 -21.81 -73.77
CA SER NC 20 102.34 -21.74 -74.15
C SER NC 20 101.61 -20.51 -73.61
N GLU NC 21 102.00 -19.99 -72.45
CA GLU NC 21 101.52 -18.66 -72.10
C GLU NC 21 102.42 -18.01 -71.06
N GLN NC 22 102.49 -16.68 -71.10
CA GLN NC 22 103.24 -15.88 -70.14
C GLN NC 22 102.35 -14.74 -69.66
N GLN NC 23 102.06 -14.72 -68.36
CA GLN NC 23 101.35 -13.63 -67.75
C GLN NC 23 102.31 -12.84 -66.88
N GLY NC 24 101.77 -12.03 -65.98
CA GLY NC 24 102.62 -11.27 -65.09
C GLY NC 24 103.44 -12.19 -64.21
N THR NC 25 102.75 -13.01 -63.41
CA THR NC 25 103.39 -13.88 -62.43
C THR NC 25 103.23 -15.36 -62.76
N LEU NC 26 102.70 -15.68 -63.94
CA LEU NC 26 102.37 -17.05 -64.31
C LEU NC 26 102.93 -17.36 -65.69
N PHE NC 27 103.40 -18.60 -65.86
CA PHE NC 27 103.80 -19.10 -67.17
C PHE NC 27 103.39 -20.55 -67.31
N ARG NC 28 103.37 -21.01 -68.55
CA ARG NC 28 102.93 -22.36 -68.89
C ARG NC 28 103.66 -22.85 -70.13
N PHE NC 29 104.30 -24.01 -70.00
CA PHE NC 29 104.91 -24.77 -71.06
C PHE NC 29 104.04 -25.97 -71.43
N VAL NC 30 104.30 -26.51 -72.62
CA VAL NC 30 103.49 -27.56 -73.18
C VAL NC 30 104.40 -28.56 -73.91
N ASP NC 31 104.14 -29.85 -73.72
CA ASP NC 31 104.95 -30.89 -74.38
C ASP NC 31 104.77 -30.83 -75.89
N LYS NC 32 105.87 -30.55 -76.60
CA LYS NC 32 105.80 -30.41 -78.05
C LYS NC 32 105.30 -31.69 -78.72
N SER NC 33 105.58 -32.84 -78.13
CA SER NC 33 105.23 -34.13 -78.69
C SER NC 33 103.74 -34.42 -78.63
N GLY NC 34 102.91 -33.47 -78.22
CA GLY NC 34 101.49 -33.73 -78.09
C GLY NC 34 100.79 -33.62 -79.44
N THR NC 35 99.91 -34.58 -79.71
CA THR NC 35 99.11 -34.57 -80.93
C THR NC 35 97.74 -33.96 -80.73
N VAL NC 36 97.13 -34.19 -79.56
CA VAL NC 36 95.82 -33.68 -79.23
C VAL NC 36 95.95 -32.92 -77.92
N ALA NC 37 94.97 -32.04 -77.67
CA ALA NC 37 94.92 -31.33 -76.40
C ALA NC 37 94.99 -32.29 -75.21
N ASN NC 38 94.14 -33.33 -75.22
CA ASN NC 38 94.15 -34.31 -74.13
C ASN NC 38 95.41 -35.16 -74.13
N ASN NC 39 95.98 -35.41 -75.32
CA ASN NC 39 97.25 -36.11 -75.41
C ASN NC 39 98.38 -35.33 -74.73
N THR NC 40 98.25 -34.00 -74.67
CA THR NC 40 99.39 -33.12 -74.43
C THR NC 40 99.66 -32.89 -72.95
N GLY NC 41 100.87 -33.19 -72.51
CA GLY NC 41 101.29 -32.85 -71.17
C GLY NC 41 101.61 -31.38 -71.04
N VAL NC 42 101.52 -30.87 -69.81
CA VAL NC 42 101.69 -29.44 -69.56
C VAL NC 42 102.41 -29.22 -68.24
N PHE NC 43 102.99 -28.03 -68.12
CA PHE NC 43 103.66 -27.60 -66.90
C PHE NC 43 103.41 -26.12 -66.69
N SER NC 44 102.98 -25.76 -65.50
CA SER NC 44 102.61 -24.39 -65.20
C SER NC 44 103.20 -23.96 -63.87
N LEU NC 45 103.54 -22.68 -63.75
CA LEU NC 45 104.10 -22.13 -62.53
C LEU NC 45 103.55 -20.73 -62.30
N GLU NC 46 103.28 -20.41 -61.04
CA GLU NC 46 102.71 -19.12 -60.65
C GLU NC 46 103.29 -18.70 -59.32
N GLN NC 47 103.68 -17.44 -59.21
CA GLN NC 47 104.13 -16.87 -57.95
C GLN NC 47 103.08 -15.90 -57.42
N ARG NC 48 102.83 -16.01 -56.11
CA ARG NC 48 101.89 -15.14 -55.40
C ARG NC 48 102.71 -14.46 -54.30
N PHE NC 49 103.10 -13.22 -54.57
CA PHE NC 49 103.84 -12.40 -53.62
C PHE NC 49 102.85 -11.77 -52.65
N GLY NC 50 103.05 -11.99 -51.35
CA GLY NC 50 102.13 -11.51 -50.34
C GLY NC 50 102.53 -10.14 -49.81
N ALA NC 51 101.82 -9.71 -48.76
CA ALA NC 51 102.21 -8.52 -48.04
C ALA NC 51 103.51 -8.77 -47.28
N ALA NC 52 104.03 -7.73 -46.61
CA ALA NC 52 105.31 -7.87 -45.94
C ALA NC 52 105.24 -8.83 -44.75
N ASN NC 53 104.06 -8.99 -44.15
CA ASN NC 53 103.88 -9.97 -43.09
C ASN NC 53 103.63 -11.37 -43.63
N SER NC 54 103.38 -11.50 -44.94
CA SER NC 54 103.10 -12.78 -45.55
C SER NC 54 104.37 -13.41 -46.11
N ASN NC 55 104.26 -14.68 -46.46
CA ASN NC 55 105.29 -15.39 -47.19
C ASN NC 55 104.90 -15.41 -48.67
N ARG NC 56 105.86 -15.22 -49.55
CA ARG NC 56 105.55 -15.43 -50.96
C ARG NC 56 105.44 -16.92 -51.22
N LYS NC 57 104.57 -17.29 -52.15
CA LYS NC 57 104.31 -18.68 -52.46
C LYS NC 57 104.50 -18.91 -53.96
N VAL NC 58 105.20 -19.98 -54.30
CA VAL NC 58 105.38 -20.36 -55.69
C VAL NC 58 104.79 -21.76 -55.87
N THR NC 59 103.93 -21.93 -56.88
CA THR NC 59 103.28 -23.19 -57.11
C THR NC 59 103.52 -23.65 -58.54
N MET NC 60 103.69 -24.96 -58.70
CA MET NC 60 103.90 -25.60 -59.98
C MET NC 60 102.98 -26.80 -60.10
N LEU NC 61 102.43 -26.97 -61.30
CA LEU NC 61 101.63 -28.13 -61.64
C LEU NC 61 102.19 -28.77 -62.91
N LEU NC 62 102.46 -30.08 -62.83
CA LEU NC 62 102.93 -30.89 -63.94
C LEU NC 62 101.86 -31.95 -64.22
N THR NC 63 101.35 -31.97 -65.44
CA THR NC 63 100.31 -32.90 -65.85
C THR NC 63 100.81 -33.76 -67.00
N ASP NC 64 100.76 -35.08 -66.82
CA ASP NC 64 101.22 -36.04 -67.83
C ASP NC 64 100.12 -37.03 -68.13
N PRO NC 65 99.33 -36.79 -69.17
CA PRO NC 65 98.31 -37.76 -69.58
C PRO NC 65 98.89 -38.88 -70.45
N VAL NC 66 98.22 -40.03 -70.41
CA VAL NC 66 98.59 -41.22 -71.17
C VAL NC 66 97.31 -41.87 -71.70
N VAL NC 67 97.42 -42.54 -72.85
CA VAL NC 67 96.27 -43.23 -73.44
C VAL NC 67 96.25 -44.68 -73.01
N VAL NC 68 95.11 -45.12 -72.48
CA VAL NC 68 94.90 -46.50 -72.06
C VAL NC 68 93.73 -47.11 -72.82
N MET NC 76 90.56 -44.42 -73.81
CA MET NC 76 90.52 -43.45 -72.71
C MET NC 76 91.91 -42.87 -72.40
N THR NC 77 91.95 -41.60 -72.01
CA THR NC 77 93.19 -40.92 -71.60
C THR NC 77 93.11 -40.57 -70.11
N ILE NC 78 94.16 -40.94 -69.38
CA ILE NC 78 94.22 -40.83 -67.93
C ILE NC 78 95.34 -39.86 -67.58
N LYS NC 79 95.05 -38.93 -66.66
CA LYS NC 79 95.97 -37.86 -66.31
C LYS NC 79 96.50 -38.04 -64.89
N ALA NC 80 97.81 -37.86 -64.72
CA ALA NC 80 98.45 -37.87 -63.41
C ALA NC 80 99.15 -36.54 -63.16
N ASN NC 81 99.08 -36.07 -61.91
CA ASN NC 81 99.53 -34.73 -61.58
C ASN NC 81 100.63 -34.77 -60.52
N ALA NC 82 101.61 -33.91 -60.67
CA ALA NC 82 102.54 -33.58 -59.60
C ALA NC 82 102.42 -32.09 -59.33
N SER NC 83 102.37 -31.71 -58.06
CA SER NC 83 102.24 -30.30 -57.71
C SER NC 83 103.22 -29.97 -56.61
N VAL NC 84 104.04 -28.95 -56.84
CA VAL NC 84 105.03 -28.48 -55.87
C VAL NC 84 104.62 -27.09 -55.42
N THR NC 85 104.85 -26.79 -54.14
CA THR NC 85 104.55 -25.47 -53.59
C THR NC 85 105.66 -25.09 -52.62
N PHE NC 86 106.29 -23.94 -52.88
CA PHE NC 86 107.35 -23.37 -52.06
C PHE NC 86 106.76 -22.22 -51.27
N SER NC 87 106.75 -22.34 -49.94
CA SER NC 87 106.36 -21.25 -49.05
C SER NC 87 107.64 -20.63 -48.49
N LEU NC 88 107.91 -19.40 -48.89
CA LEU NC 88 109.19 -18.74 -48.61
C LEU NC 88 108.93 -17.43 -47.90
N PRO NC 89 109.31 -17.30 -46.64
CA PRO NC 89 109.24 -16.01 -45.95
C PRO NC 89 110.24 -15.03 -46.55
N LYS NC 90 109.88 -13.75 -46.51
CA LYS NC 90 110.71 -12.76 -47.19
C LYS NC 90 112.06 -12.60 -46.50
N THR NC 91 112.08 -12.60 -45.17
CA THR NC 91 113.32 -12.47 -44.42
C THR NC 91 114.27 -13.66 -44.65
N TYR NC 92 113.75 -14.77 -45.16
CA TYR NC 92 114.55 -15.97 -45.39
C TYR NC 92 115.55 -15.73 -46.53
N PRO NC 93 116.82 -16.16 -46.40
CA PRO NC 93 117.83 -15.74 -47.37
C PRO NC 93 117.81 -16.55 -48.67
N ASN NC 94 118.00 -15.83 -49.77
CA ASN NC 94 117.92 -16.42 -51.10
C ASN NC 94 118.88 -17.61 -51.25
N GLU NC 95 120.05 -17.54 -50.62
CA GLU NC 95 120.99 -18.65 -50.70
C GLU NC 95 120.39 -19.92 -50.13
N HIS NC 96 119.84 -19.85 -48.92
CA HIS NC 96 119.21 -21.03 -48.34
C HIS NC 96 117.98 -21.49 -49.10
N ILE NC 97 117.31 -20.60 -49.85
CA ILE NC 97 116.24 -21.04 -50.72
C ILE NC 97 116.79 -21.93 -51.86
N THR NC 98 117.87 -21.46 -52.51
CA THR NC 98 118.49 -22.28 -53.56
C THR NC 98 118.86 -23.65 -52.98
N LYS NC 99 119.41 -23.65 -51.76
CA LYS NC 99 119.70 -24.91 -51.07
C LYS NC 99 118.46 -25.79 -50.95
N LEU NC 100 117.36 -25.22 -50.46
CA LEU NC 100 116.13 -25.99 -50.28
C LEU NC 100 115.69 -26.65 -51.58
N ARG NC 101 115.65 -25.88 -52.67
CA ARG NC 101 115.24 -26.42 -53.97
C ARG NC 101 116.14 -27.60 -54.37
N GLN NC 102 117.46 -27.42 -54.24
CA GLN NC 102 118.37 -28.49 -54.65
C GLN NC 102 118.17 -29.76 -53.82
N THR NC 103 117.96 -29.60 -52.51
CA THR NC 103 117.76 -30.78 -51.67
C THR NC 103 116.44 -31.47 -51.98
N LEU NC 104 115.41 -30.72 -52.39
CA LEU NC 104 114.19 -31.37 -52.84
C LEU NC 104 114.44 -32.21 -54.09
N ILE NC 105 115.21 -31.66 -55.04
CA ILE NC 105 115.59 -32.47 -56.20
C ILE NC 105 116.27 -33.76 -55.77
N ALA NC 106 117.26 -33.64 -54.88
CA ALA NC 106 117.99 -34.81 -54.40
C ALA NC 106 117.05 -35.83 -53.76
N TRP NC 107 116.10 -35.35 -52.95
CA TRP NC 107 115.16 -36.26 -52.30
C TRP NC 107 114.31 -36.99 -53.33
N LEU NC 108 113.76 -36.25 -54.31
CA LEU NC 108 112.97 -36.87 -55.37
C LEU NC 108 113.77 -37.88 -56.17
N GLY NC 109 115.09 -37.82 -56.10
CA GLY NC 109 115.92 -38.88 -56.67
C GLY NC 109 115.91 -40.20 -55.93
N GLN NC 110 115.75 -40.18 -54.61
CA GLN NC 110 116.05 -41.32 -53.75
C GLN NC 110 115.03 -42.45 -53.89
N GLN NC 111 115.47 -43.65 -53.51
CA GLN NC 111 114.61 -44.82 -53.59
C GLN NC 111 113.44 -44.72 -52.63
N CYS NC 112 113.69 -44.23 -51.42
CA CYS NC 112 112.61 -44.14 -50.43
C CYS NC 112 111.48 -43.25 -50.91
N VAL NC 113 111.73 -42.41 -51.92
CA VAL NC 113 110.69 -41.60 -52.54
C VAL NC 113 110.16 -42.26 -53.81
N SER NC 114 111.03 -42.87 -54.61
CA SER NC 114 110.57 -43.46 -55.87
C SER NC 114 109.67 -44.67 -55.62
N ASP NC 115 110.01 -45.51 -54.64
CA ASP NC 115 109.23 -46.72 -54.39
C ASP NC 115 107.74 -46.42 -54.11
N PRO NC 116 107.39 -45.49 -53.22
CA PRO NC 116 105.95 -45.19 -53.08
C PRO NC 116 105.37 -44.43 -54.27
N VAL NC 117 106.08 -43.44 -54.80
CA VAL NC 117 105.55 -42.68 -55.94
C VAL NC 117 105.39 -43.59 -57.14
N ASP NC 118 106.50 -44.21 -57.58
CA ASP NC 118 106.47 -44.94 -58.85
C ASP NC 118 105.56 -46.16 -58.78
N SER NC 119 105.77 -47.04 -57.79
CA SER NC 119 105.08 -48.32 -57.76
C SER NC 119 104.16 -48.52 -56.57
N GLY NC 120 104.18 -47.62 -55.59
CA GLY NC 120 103.30 -47.75 -54.44
C GLY NC 120 103.85 -48.55 -53.28
N LEU NC 121 105.11 -48.96 -53.34
CA LEU NC 121 105.74 -49.65 -52.22
C LEU NC 121 106.03 -48.65 -51.10
N ASN NC 122 105.50 -48.91 -49.91
CA ASN NC 122 105.92 -48.09 -48.78
C ASN NC 122 107.23 -48.61 -48.20
N ASN NC 123 107.88 -47.76 -47.43
CA ASN NC 123 109.14 -48.13 -46.84
C ASN NC 123 108.92 -48.78 -45.48
N TYR NC 124 109.78 -49.74 -45.16
CA TYR NC 124 109.61 -50.53 -43.95
C TYR NC 124 110.93 -50.76 -43.28
N MET OC 1 106.90 -1.75 -77.47
CA MET OC 1 108.29 -2.16 -77.34
C MET OC 1 108.36 -3.57 -76.76
N ARG OC 2 109.30 -4.38 -77.28
CA ARG OC 2 109.61 -5.69 -76.69
C ARG OC 2 110.38 -5.48 -75.40
N LEU OC 3 109.73 -5.71 -74.27
CA LEU OC 3 110.34 -5.38 -72.99
C LEU OC 3 111.53 -6.28 -72.73
N THR OC 4 112.65 -5.67 -72.36
CA THR OC 4 113.82 -6.38 -71.86
C THR OC 4 114.45 -5.54 -70.77
N ASP OC 5 115.34 -6.17 -70.01
CA ASP OC 5 116.05 -5.49 -68.93
C ASP OC 5 116.71 -4.22 -69.46
N VAL OC 6 116.80 -3.20 -68.62
CA VAL OC 6 117.42 -1.95 -69.04
C VAL OC 6 118.46 -1.53 -67.99
N ASP OC 7 119.41 -0.73 -68.46
CA ASP OC 7 120.40 -0.09 -67.62
C ASP OC 7 120.31 1.41 -67.84
N LEU OC 8 120.24 2.16 -66.75
CA LEU OC 8 120.07 3.60 -66.77
C LEU OC 8 121.35 4.30 -66.37
N THR OC 9 121.65 5.38 -67.06
CA THR OC 9 122.78 6.23 -66.71
C THR OC 9 122.26 7.30 -65.76
N VAL OC 10 122.76 7.28 -64.51
CA VAL OC 10 122.24 8.15 -63.46
C VAL OC 10 123.41 8.97 -62.92
N GLY OC 11 123.52 10.22 -63.37
CA GLY OC 11 124.66 11.03 -63.01
C GLY OC 11 125.95 10.35 -63.40
N GLU OC 12 126.73 9.93 -62.42
CA GLU OC 12 128.01 9.28 -62.68
C GLU OC 12 128.01 7.83 -62.20
N GLU OC 13 126.84 7.21 -62.13
CA GLU OC 13 126.73 5.80 -61.80
C GLU OC 13 125.81 5.13 -62.81
N THR OC 14 125.83 3.80 -62.81
CA THR OC 14 124.96 3.03 -63.68
C THR OC 14 124.02 2.18 -62.83
N ARG OC 15 122.74 2.27 -63.13
CA ARG OC 15 121.68 1.59 -62.37
C ARG OC 15 121.11 0.49 -63.25
N GLU OC 16 121.07 -0.73 -62.73
CA GLU OC 16 120.67 -1.89 -63.53
C GLU OC 16 119.34 -2.42 -63.03
N TYR OC 17 118.32 -2.37 -63.90
CA TYR OC 17 117.02 -2.93 -63.58
C TYR OC 17 116.81 -4.20 -64.39
N ALA OC 18 115.90 -5.05 -63.89
CA ALA OC 18 115.51 -6.28 -64.55
C ALA OC 18 113.99 -6.38 -64.54
N VAL OC 19 113.44 -6.92 -65.63
CA VAL OC 19 111.99 -7.06 -65.73
C VAL OC 19 111.52 -8.01 -64.65
N SER OC 20 110.58 -7.54 -63.82
CA SER OC 20 109.99 -8.36 -62.76
C SER OC 20 108.58 -8.84 -63.07
N GLU OC 21 107.81 -8.10 -63.89
CA GLU OC 21 106.59 -8.67 -64.44
C GLU OC 21 106.14 -7.83 -65.63
N GLN OC 22 105.44 -8.48 -66.56
CA GLN OC 22 104.86 -7.79 -67.70
C GLN OC 22 103.44 -8.30 -67.92
N GLN OC 23 102.47 -7.39 -67.83
CA GLN OC 23 101.07 -7.65 -68.11
C GLN OC 23 100.64 -6.85 -69.33
N GLY OC 24 99.35 -6.93 -69.66
CA GLY OC 24 98.86 -6.31 -70.87
C GLY OC 24 99.06 -4.81 -70.88
N THR OC 25 98.68 -4.15 -69.78
CA THR OC 25 98.76 -2.71 -69.65
C THR OC 25 99.71 -2.26 -68.56
N LEU OC 26 100.43 -3.19 -67.92
CA LEU OC 26 101.27 -2.91 -66.78
C LEU OC 26 102.60 -3.64 -66.91
N PHE OC 27 103.67 -3.01 -66.40
CA PHE OC 27 104.95 -3.69 -66.27
C PHE OC 27 105.68 -3.17 -65.04
N ARG OC 28 106.64 -3.98 -64.59
CA ARG OC 28 107.40 -3.70 -63.38
C ARG OC 28 108.84 -4.17 -63.54
N PHE OC 29 109.77 -3.27 -63.26
CA PHE OC 29 111.21 -3.52 -63.15
C PHE OC 29 111.65 -3.48 -61.69
N VAL OC 30 112.73 -4.18 -61.39
CA VAL OC 30 113.33 -4.23 -60.06
C VAL OC 30 114.84 -3.97 -60.19
N ASP OC 31 115.38 -3.20 -59.24
CA ASP OC 31 116.82 -2.92 -59.22
C ASP OC 31 117.60 -4.19 -58.94
N LYS OC 32 118.54 -4.52 -59.84
CA LYS OC 32 119.27 -5.79 -59.77
C LYS OC 32 120.14 -5.89 -58.51
N SER OC 33 120.39 -4.79 -57.82
CA SER OC 33 121.21 -4.81 -56.62
C SER OC 33 120.46 -5.25 -55.37
N GLY OC 34 119.24 -5.79 -55.51
CA GLY OC 34 118.37 -6.00 -54.39
C GLY OC 34 117.93 -7.47 -54.19
N THR OC 35 117.32 -7.70 -53.04
CA THR OC 35 116.79 -8.99 -52.62
C THR OC 35 115.32 -8.81 -52.24
N VAL OC 36 114.57 -9.91 -52.17
CA VAL OC 36 113.25 -9.84 -51.56
C VAL OC 36 113.38 -9.31 -50.13
N ALA OC 37 114.41 -9.77 -49.41
CA ALA OC 37 114.61 -9.33 -48.04
C ALA OC 37 114.99 -7.86 -47.99
N ASN OC 38 115.99 -7.46 -48.76
CA ASN OC 38 116.43 -6.07 -48.79
C ASN OC 38 116.24 -5.54 -50.21
N ASN OC 39 115.12 -4.87 -50.44
CA ASN OC 39 114.85 -4.29 -51.74
C ASN OC 39 115.54 -2.93 -51.87
N THR OC 40 115.93 -2.60 -53.10
CA THR OC 40 116.71 -1.41 -53.36
C THR OC 40 116.07 -0.47 -54.36
N GLY OC 41 115.05 -0.89 -55.09
CA GLY OC 41 114.40 -0.03 -56.04
C GLY OC 41 113.39 -0.77 -56.89
N VAL OC 42 112.28 -0.11 -57.21
CA VAL OC 42 111.27 -0.69 -58.09
C VAL OC 42 110.73 0.42 -58.97
N PHE OC 43 110.34 0.05 -60.19
CA PHE OC 43 109.68 0.95 -61.10
C PHE OC 43 108.51 0.22 -61.72
N SER OC 44 107.37 0.90 -61.83
CA SER OC 44 106.18 0.29 -62.37
C SER OC 44 105.44 1.31 -63.22
N LEU OC 45 104.79 0.83 -64.29
CA LEU OC 45 104.05 1.70 -65.20
C LEU OC 45 102.79 0.99 -65.66
N GLU OC 46 101.68 1.72 -65.73
CA GLU OC 46 100.40 1.20 -66.15
C GLU OC 46 99.69 2.23 -67.02
N GLN OC 47 99.05 1.76 -68.09
CA GLN OC 47 98.20 2.62 -68.91
C GLN OC 47 96.75 2.19 -68.75
N ARG OC 48 95.90 3.14 -68.41
CA ARG OC 48 94.45 2.99 -68.47
C ARG OC 48 94.00 3.75 -69.70
N PHE OC 49 93.85 3.03 -70.80
CA PHE OC 49 93.25 3.59 -72.00
C PHE OC 49 91.79 3.82 -71.73
N GLY OC 50 91.37 5.08 -71.75
CA GLY OC 50 90.03 5.42 -71.31
C GLY OC 50 88.96 5.10 -72.33
N ALA OC 51 87.71 5.33 -71.91
CA ALA OC 51 86.58 5.26 -72.82
C ALA OC 51 86.77 6.28 -73.96
N ALA OC 52 85.99 6.09 -75.03
CA ALA OC 52 86.18 6.91 -76.23
C ALA OC 52 86.00 8.40 -75.95
N ASN OC 53 85.25 8.75 -74.91
CA ASN OC 53 85.07 10.15 -74.55
C ASN OC 53 86.20 10.66 -73.65
N SER OC 54 86.77 9.78 -72.83
CA SER OC 54 87.73 10.19 -71.81
C SER OC 54 89.16 10.23 -72.37
N ASN OC 55 90.04 10.86 -71.59
CA ASN OC 55 91.46 10.82 -71.86
C ASN OC 55 92.05 9.49 -71.41
N ARG OC 56 93.17 9.10 -72.03
CA ARG OC 56 93.89 7.95 -71.52
C ARG OC 56 94.92 8.44 -70.51
N LYS OC 57 95.19 7.58 -69.53
CA LYS OC 57 96.09 7.91 -68.44
C LYS OC 57 97.25 6.94 -68.42
N VAL OC 58 98.45 7.44 -68.18
CA VAL OC 58 99.62 6.60 -67.98
C VAL OC 58 100.23 7.01 -66.64
N THR OC 59 100.46 6.04 -65.78
CA THR OC 59 100.99 6.32 -64.45
C THR OC 59 102.25 5.50 -64.20
N MET OC 60 103.22 6.12 -63.54
CA MET OC 60 104.49 5.51 -63.18
C MET OC 60 104.77 5.75 -61.71
N LEU OC 61 105.29 4.72 -61.06
CA LEU OC 61 105.74 4.80 -59.67
C LEU OC 61 107.17 4.30 -59.59
N LEU OC 62 108.05 5.15 -59.05
CA LEU OC 62 109.43 4.81 -58.76
C LEU OC 62 109.62 4.85 -57.26
N THR OC 63 110.10 3.74 -56.69
CA THR OC 63 110.29 3.64 -55.25
C THR OC 63 111.73 3.26 -54.96
N ASP OC 64 112.39 4.08 -54.15
CA ASP OC 64 113.77 3.83 -53.71
C ASP OC 64 113.76 3.72 -52.20
N PRO OC 65 113.94 2.51 -51.68
CA PRO OC 65 114.09 2.34 -50.23
C PRO OC 65 115.56 2.34 -49.82
N VAL OC 66 115.79 2.88 -48.61
CA VAL OC 66 117.12 2.99 -48.02
C VAL OC 66 117.03 2.56 -46.56
N VAL OC 67 118.07 1.91 -46.08
CA VAL OC 67 118.17 1.57 -44.67
C VAL OC 67 118.77 2.75 -43.92
N VAL OC 68 118.21 3.03 -42.75
CA VAL OC 68 118.63 4.15 -41.90
C VAL OC 68 118.67 3.67 -40.46
N LYS OC 69 119.72 4.02 -39.74
CA LYS OC 69 119.78 3.71 -38.32
C LYS OC 69 118.75 4.56 -37.58
N ASP OC 70 118.18 3.98 -36.53
CA ASP OC 70 117.16 4.63 -35.71
C ASP OC 70 117.82 5.32 -34.52
N ALA OC 71 117.06 6.22 -33.88
CA ALA OC 71 117.51 6.80 -32.63
C ALA OC 71 117.77 5.72 -31.58
N SER OC 72 116.97 4.65 -31.61
CA SER OC 72 117.19 3.48 -30.78
C SER OC 72 118.33 2.60 -31.28
N GLY OC 73 118.95 2.94 -32.41
CA GLY OC 73 119.97 2.13 -33.02
C GLY OC 73 119.45 1.07 -33.99
N ALA OC 74 118.20 0.64 -33.82
CA ALA OC 74 117.62 -0.39 -34.67
C ALA OC 74 117.66 0.04 -36.13
N ASP OC 75 117.80 -0.95 -37.02
CA ASP OC 75 117.82 -0.67 -38.45
C ASP OC 75 116.40 -0.56 -38.98
N MET OC 76 116.15 0.48 -39.78
CA MET OC 76 114.81 0.85 -40.21
C MET OC 76 114.84 1.14 -41.70
N THR OC 77 113.96 0.49 -42.46
CA THR OC 77 113.92 0.68 -43.91
C THR OC 77 112.88 1.73 -44.25
N ILE OC 78 113.28 2.73 -45.05
CA ILE OC 78 112.47 3.90 -45.36
C ILE OC 78 112.38 4.05 -46.87
N LYS OC 79 111.18 4.29 -47.38
CA LYS OC 79 110.96 4.41 -48.82
C LYS OC 79 110.68 5.87 -49.18
N ALA OC 80 111.23 6.29 -50.32
CA ALA OC 80 110.88 7.56 -50.97
C ALA OC 80 110.27 7.27 -52.33
N ASN OC 81 109.22 7.99 -52.67
CA ASN OC 81 108.46 7.68 -53.87
C ASN OC 81 108.42 8.87 -54.81
N ALA OC 82 108.42 8.56 -56.10
CA ALA OC 82 108.14 9.53 -57.15
C ALA OC 82 107.06 8.93 -58.03
N SER OC 83 106.05 9.73 -58.37
CA SER OC 83 104.95 9.24 -59.20
C SER OC 83 104.67 10.25 -60.29
N VAL OC 84 104.59 9.77 -61.52
CA VAL OC 84 104.30 10.61 -62.69
C VAL OC 84 103.01 10.11 -63.31
N THR OC 85 102.18 11.05 -63.77
CA THR OC 85 100.92 10.71 -64.43
C THR OC 85 100.73 11.61 -65.64
N PHE OC 86 100.55 10.99 -66.80
CA PHE OC 86 100.26 11.68 -68.06
C PHE OC 86 98.78 11.51 -68.35
N SER OC 87 98.06 12.63 -68.43
CA SER OC 87 96.69 12.64 -68.90
C SER OC 87 96.71 13.17 -70.33
N LEU OC 88 96.40 12.28 -71.27
CA LEU OC 88 96.53 12.56 -72.69
C LEU OC 88 95.19 12.35 -73.37
N PRO OC 89 94.55 13.41 -73.83
CA PRO OC 89 93.31 13.27 -74.60
C PRO OC 89 93.57 12.60 -75.93
N LYS OC 90 92.55 11.92 -76.44
CA LYS OC 90 92.72 11.16 -77.67
C LYS OC 90 93.05 12.08 -78.85
N THR OC 91 92.35 13.21 -78.96
CA THR OC 91 92.54 14.12 -80.08
C THR OC 91 93.89 14.83 -80.04
N TYR OC 92 94.61 14.76 -78.93
CA TYR OC 92 95.92 15.38 -78.83
C TYR OC 92 96.94 14.62 -79.68
N PRO OC 93 97.77 15.31 -80.47
CA PRO OC 93 98.66 14.61 -81.42
C PRO OC 93 99.89 13.99 -80.75
N ASN OC 94 100.22 12.78 -81.21
CA ASN OC 94 101.35 12.04 -80.64
C ASN OC 94 102.64 12.87 -80.64
N GLU OC 95 102.81 13.72 -81.65
CA GLU OC 95 103.99 14.57 -81.71
C GLU OC 95 104.10 15.47 -80.48
N HIS OC 96 103.05 16.27 -80.23
CA HIS OC 96 103.07 17.15 -79.06
C HIS OC 96 103.12 16.37 -77.74
N ILE OC 97 102.66 15.12 -77.72
CA ILE OC 97 102.86 14.29 -76.53
C ILE OC 97 104.36 14.06 -76.27
N THR OC 98 105.09 13.61 -77.31
CA THR OC 98 106.54 13.42 -77.12
C THR OC 98 107.19 14.73 -76.68
N LYS OC 99 106.74 15.85 -77.25
CA LYS OC 99 107.21 17.16 -76.81
C LYS OC 99 107.01 17.35 -75.31
N LEU OC 100 105.80 17.07 -74.83
CA LEU OC 100 105.48 17.20 -73.41
C LEU OC 100 106.43 16.37 -72.55
N ARG OC 101 106.61 15.09 -72.92
CA ARG OC 101 107.48 14.22 -72.13
C ARG OC 101 108.91 14.76 -72.07
N GLN OC 102 109.43 15.22 -73.20
CA GLN OC 102 110.81 15.71 -73.20
C GLN OC 102 110.94 16.99 -72.38
N THR OC 103 109.97 17.91 -72.49
CA THR OC 103 110.05 19.12 -71.65
C THR OC 103 109.96 18.76 -70.18
N LEU OC 104 109.23 17.71 -69.81
CA LEU OC 104 109.21 17.29 -68.41
C LEU OC 104 110.57 16.80 -67.96
N ILE OC 105 111.24 16.00 -68.80
CA ILE OC 105 112.60 15.58 -68.47
C ILE OC 105 113.50 16.81 -68.25
N ALA OC 106 113.42 17.77 -69.16
CA ALA OC 106 114.23 18.98 -69.06
C ALA OC 106 113.96 19.69 -67.74
N TRP OC 107 112.69 19.87 -67.40
CA TRP OC 107 112.34 20.54 -66.16
C TRP OC 107 112.90 19.80 -64.96
N LEU OC 108 112.75 18.47 -64.94
CA LEU OC 108 113.25 17.68 -63.83
C LEU OC 108 114.75 17.80 -63.66
N GLY OC 109 115.47 18.15 -64.73
CA GLY OC 109 116.89 18.42 -64.63
C GLY OC 109 117.24 19.76 -64.00
N GLN OC 110 116.33 20.73 -64.05
CA GLN OC 110 116.62 22.10 -63.69
C GLN OC 110 116.88 22.25 -62.20
N GLN OC 111 117.61 23.32 -61.86
CA GLN OC 111 117.91 23.57 -60.45
C GLN OC 111 116.69 24.06 -59.69
N CYS OC 112 115.82 24.85 -60.34
CA CYS OC 112 114.62 25.31 -59.66
C CYS OC 112 113.71 24.15 -59.26
N VAL OC 113 113.86 23.00 -59.91
CA VAL OC 113 113.12 21.80 -59.53
C VAL OC 113 113.93 20.94 -58.56
N SER OC 114 115.24 20.83 -58.78
CA SER OC 114 116.05 19.94 -57.93
C SER OC 114 116.19 20.48 -56.51
N ASP OC 115 116.39 21.79 -56.37
CA ASP OC 115 116.59 22.37 -55.04
C ASP OC 115 115.46 22.06 -54.08
N PRO OC 116 114.17 22.27 -54.41
CA PRO OC 116 113.12 21.88 -53.47
C PRO OC 116 112.98 20.37 -53.33
N VAL OC 117 113.08 19.63 -54.43
CA VAL OC 117 112.95 18.17 -54.35
C VAL OC 117 114.10 17.57 -53.54
N ASP OC 118 115.34 17.90 -53.92
CA ASP OC 118 116.49 17.23 -53.32
C ASP OC 118 116.72 17.70 -51.89
N SER OC 119 116.68 19.01 -51.64
CA SER OC 119 117.13 19.56 -50.37
C SER OC 119 116.03 20.21 -49.56
N GLY OC 120 114.81 20.33 -50.10
CA GLY OC 120 113.72 20.94 -49.36
C GLY OC 120 113.77 22.45 -49.26
N LEU OC 121 114.65 23.11 -50.02
CA LEU OC 121 114.71 24.55 -50.05
C LEU OC 121 113.79 25.09 -51.15
N ASN OC 122 112.98 26.07 -50.81
CA ASN OC 122 112.13 26.69 -51.81
C ASN OC 122 112.90 27.74 -52.61
N ASN OC 123 112.32 28.13 -53.74
CA ASN OC 123 112.95 29.13 -54.59
C ASN OC 123 112.48 30.52 -54.19
N TYR OC 124 113.21 31.52 -54.67
CA TYR OC 124 112.94 32.92 -54.32
C TYR OC 124 113.35 33.90 -55.45
N MET PC 1 -78.02 -104.58 27.62
CA MET PC 1 -78.08 -106.03 27.43
C MET PC 1 -76.69 -106.65 27.49
N ARG PC 2 -76.56 -107.79 28.17
CA ARG PC 2 -75.31 -108.54 28.14
C ARG PC 2 -75.09 -109.07 26.73
N LEU PC 3 -74.02 -108.59 26.09
CA LEU PC 3 -73.79 -108.91 24.69
C LEU PC 3 -73.52 -110.39 24.49
N THR PC 4 -74.03 -110.91 23.38
CA THR PC 4 -73.77 -112.27 22.96
C THR PC 4 -73.66 -112.27 21.45
N ASP PC 5 -72.96 -113.27 20.91
CA ASP PC 5 -72.92 -113.43 19.46
C ASP PC 5 -74.34 -113.43 18.91
N VAL PC 6 -74.48 -112.95 17.67
CA VAL PC 6 -75.80 -112.67 17.12
C VAL PC 6 -75.96 -113.44 15.82
N ASP PC 7 -77.13 -114.03 15.62
CA ASP PC 7 -77.46 -114.69 14.37
C ASP PC 7 -78.69 -114.00 13.79
N LEU PC 8 -78.55 -113.48 12.58
CA LEU PC 8 -79.59 -112.73 11.91
C LEU PC 8 -80.16 -113.56 10.77
N THR PC 9 -81.48 -113.51 10.61
CA THR PC 9 -82.12 -114.11 9.46
C THR PC 9 -82.25 -113.02 8.40
N VAL PC 10 -81.63 -113.23 7.25
CA VAL PC 10 -81.53 -112.22 6.21
C VAL PC 10 -82.11 -112.79 4.92
N GLY PC 11 -83.31 -112.36 4.57
CA GLY PC 11 -83.99 -112.92 3.43
C GLY PC 11 -84.13 -114.42 3.61
N GLU PC 12 -83.42 -115.19 2.80
CA GLU PC 12 -83.51 -116.64 2.87
C GLU PC 12 -82.18 -117.27 3.28
N GLU PC 13 -81.30 -116.50 3.90
CA GLU PC 13 -80.03 -116.99 4.39
C GLU PC 13 -79.91 -116.61 5.86
N THR PC 14 -78.91 -117.16 6.54
CA THR PC 14 -78.65 -116.81 7.93
C THR PC 14 -77.21 -116.32 8.06
N ARG PC 15 -77.07 -115.15 8.67
CA ARG PC 15 -75.80 -114.46 8.81
C ARG PC 15 -75.40 -114.47 10.29
N GLU PC 16 -74.15 -114.87 10.56
CA GLU PC 16 -73.68 -115.04 11.93
C GLU PC 16 -72.58 -114.04 12.24
N TYR PC 17 -72.79 -113.23 13.27
CA TYR PC 17 -71.85 -112.24 13.75
C TYR PC 17 -71.35 -112.62 15.14
N ALA PC 18 -70.13 -112.19 15.44
CA ALA PC 18 -69.51 -112.42 16.73
C ALA PC 18 -69.01 -111.09 17.30
N VAL PC 19 -69.09 -110.98 18.63
CA VAL PC 19 -68.66 -109.75 19.31
C VAL PC 19 -67.17 -109.56 19.11
N SER PC 20 -66.78 -108.38 18.61
CA SER PC 20 -65.38 -108.02 18.43
C SER PC 20 -64.85 -107.07 19.48
N GLU PC 21 -65.63 -106.06 19.89
CA GLU PC 21 -65.21 -105.28 21.05
C GLU PC 21 -66.42 -104.59 21.66
N GLN PC 22 -66.33 -104.32 22.96
CA GLN PC 22 -67.39 -103.62 23.68
C GLN PC 22 -66.76 -102.59 24.60
N GLN PC 23 -67.16 -101.33 24.43
CA GLN PC 23 -66.76 -100.23 25.28
C GLN PC 23 -67.98 -99.76 26.06
N GLY PC 24 -67.81 -98.67 26.80
CA GLY PC 24 -68.91 -98.18 27.62
C GLY PC 24 -70.12 -97.81 26.80
N THR PC 25 -69.91 -97.10 25.70
CA THR PC 25 -70.99 -96.62 24.84
C THR PC 25 -70.81 -97.07 23.39
N LEU PC 26 -69.98 -98.08 23.14
CA LEU PC 26 -69.70 -98.52 21.79
C LEU PC 26 -69.53 -100.03 21.77
N PHE PC 27 -69.97 -100.66 20.68
CA PHE PC 27 -69.69 -102.07 20.45
C PHE PC 27 -69.53 -102.34 18.96
N ARG PC 28 -68.90 -103.48 18.67
CA ARG PC 28 -68.61 -103.89 17.31
C ARG PC 28 -68.67 -105.40 17.19
N PHE PC 29 -69.44 -105.85 16.19
CA PHE PC 29 -69.54 -107.22 15.73
C PHE PC 29 -68.83 -107.40 14.40
N VAL PC 30 -68.37 -108.63 14.17
CA VAL PC 30 -67.74 -109.02 12.91
C VAL PC 30 -68.47 -110.24 12.35
N ASP PC 31 -68.62 -110.28 11.01
CA ASP PC 31 -69.23 -111.43 10.34
C ASP PC 31 -68.32 -112.64 10.47
N LYS PC 32 -68.85 -113.74 11.03
CA LYS PC 32 -68.07 -114.95 11.22
C LYS PC 32 -67.57 -115.57 9.92
N SER PC 33 -68.08 -115.10 8.78
CA SER PC 33 -67.62 -115.60 7.48
C SER PC 33 -66.18 -115.21 7.18
N GLY PC 34 -65.61 -114.27 7.93
CA GLY PC 34 -64.37 -113.62 7.54
C GLY PC 34 -63.23 -113.79 8.53
N THR PC 35 -62.06 -113.39 8.07
CA THR PC 35 -60.79 -113.39 8.81
C THR PC 35 -60.39 -111.96 9.11
N VAL PC 36 -59.46 -111.81 10.06
CA VAL PC 36 -58.68 -110.57 10.14
C VAL PC 36 -58.18 -110.19 8.76
N ALA PC 37 -57.57 -111.16 8.06
CA ALA PC 37 -57.04 -110.92 6.73
C ALA PC 37 -58.13 -110.50 5.76
N ASN PC 38 -59.10 -111.37 5.53
CA ASN PC 38 -60.19 -111.10 4.61
C ASN PC 38 -61.48 -110.93 5.41
N ASN PC 39 -62.05 -109.73 5.36
CA ASN PC 39 -63.24 -109.40 6.13
C ASN PC 39 -64.48 -109.48 5.26
N THR PC 40 -65.55 -110.05 5.82
CA THR PC 40 -66.82 -110.18 5.10
C THR PC 40 -67.90 -109.22 5.56
N GLY PC 41 -67.77 -108.64 6.75
CA GLY PC 41 -68.78 -107.72 7.23
C GLY PC 41 -68.49 -107.18 8.62
N VAL PC 42 -68.92 -105.96 8.90
CA VAL PC 42 -68.71 -105.35 10.20
C VAL PC 42 -69.94 -104.54 10.58
N PHE PC 43 -70.23 -104.52 11.87
CA PHE PC 43 -71.30 -103.69 12.41
C PHE PC 43 -70.82 -103.01 13.67
N SER PC 44 -71.10 -101.71 13.78
CA SER PC 44 -70.66 -100.93 14.93
C SER PC 44 -71.78 -100.00 15.36
N LEU PC 45 -71.89 -99.79 16.68
CA LEU PC 45 -72.93 -98.93 17.24
C LEU PC 45 -72.34 -98.12 18.40
N GLU PC 46 -72.63 -96.82 18.43
CA GLU PC 46 -72.16 -95.92 19.48
C GLU PC 46 -73.25 -94.95 19.90
N GLN PC 47 -73.39 -94.73 21.21
CA GLN PC 47 -74.32 -93.74 21.75
C GLN PC 47 -73.56 -92.57 22.34
N ARG PC 48 -74.09 -91.37 22.11
CA ARG PC 48 -73.52 -90.12 22.60
C ARG PC 48 -74.64 -89.39 23.35
N PHE PC 49 -74.58 -89.49 24.67
CA PHE PC 49 -75.51 -88.81 25.56
C PHE PC 49 -75.02 -87.36 25.74
N GLY PC 50 -75.80 -86.40 25.25
CA GLY PC 50 -75.42 -85.00 25.33
C GLY PC 50 -75.80 -84.38 26.67
N ALA PC 51 -75.72 -83.04 26.71
CA ALA PC 51 -76.23 -82.33 27.87
C ALA PC 51 -77.76 -82.36 27.90
N ALA PC 52 -78.33 -81.91 29.03
CA ALA PC 52 -79.78 -81.99 29.21
C ALA PC 52 -80.54 -81.15 28.19
N ASN PC 53 -79.89 -80.14 27.59
CA ASN PC 53 -80.49 -79.42 26.49
C ASN PC 53 -80.23 -80.08 25.14
N SER PC 54 -79.31 -81.03 25.08
CA SER PC 54 -78.94 -81.70 23.84
C SER PC 54 -79.71 -83.01 23.68
N ASN PC 55 -79.96 -83.37 22.43
CA ASN PC 55 -80.53 -84.67 22.12
C ASN PC 55 -79.44 -85.73 22.20
N ARG PC 56 -79.75 -86.86 22.81
CA ARG PC 56 -78.82 -87.97 22.73
C ARG PC 56 -78.87 -88.55 21.32
N LYS PC 57 -77.74 -89.09 20.88
CA LYS PC 57 -77.61 -89.55 19.52
C LYS PC 57 -77.07 -90.97 19.51
N VAL PC 58 -77.51 -91.76 18.53
CA VAL PC 58 -77.13 -93.16 18.44
C VAL PC 58 -76.81 -93.46 16.98
N THR PC 59 -75.61 -93.94 16.71
CA THR PC 59 -75.18 -94.13 15.33
C THR PC 59 -74.69 -95.55 15.08
N MET PC 60 -75.08 -96.08 13.93
CA MET PC 60 -74.74 -97.43 13.49
C MET PC 60 -74.07 -97.36 12.14
N LEU PC 61 -73.04 -98.19 11.97
CA LEU PC 61 -72.36 -98.37 10.69
C LEU PC 61 -72.30 -99.86 10.36
N LEU PC 62 -72.85 -100.22 9.20
CA LEU PC 62 -72.81 -101.57 8.66
C LEU PC 62 -72.00 -101.54 7.38
N THR PC 63 -70.92 -102.32 7.35
CA THR PC 63 -70.02 -102.35 6.21
C THR PC 63 -69.99 -103.77 5.63
N ASP PC 64 -70.25 -103.88 4.32
CA ASP PC 64 -70.21 -105.15 3.61
C ASP PC 64 -69.20 -105.04 2.47
N PRO PC 65 -68.04 -105.66 2.62
CA PRO PC 65 -67.08 -105.73 1.52
C PRO PC 65 -67.27 -106.98 0.69
N VAL PC 66 -67.05 -106.84 -0.62
CA VAL PC 66 -67.17 -107.90 -1.59
C VAL PC 66 -65.94 -107.86 -2.50
N VAL PC 67 -65.48 -109.03 -2.92
CA VAL PC 67 -64.41 -109.10 -3.89
C VAL PC 67 -65.01 -109.11 -5.29
N VAL PC 68 -64.51 -108.23 -6.15
CA VAL PC 68 -64.98 -108.05 -7.51
C VAL PC 68 -63.81 -108.19 -8.47
N LYS PC 69 -64.09 -108.66 -9.66
CA LYS PC 69 -63.09 -108.76 -10.72
C LYS PC 69 -62.73 -107.37 -11.24
N ASP PC 70 -61.45 -107.16 -11.45
CA ASP PC 70 -60.97 -105.93 -12.04
C ASP PC 70 -61.27 -105.92 -13.54
N ALA PC 71 -61.24 -104.72 -14.14
CA ALA PC 71 -61.35 -104.64 -15.60
C ALA PC 71 -60.19 -105.36 -16.26
N SER PC 72 -59.01 -105.36 -15.62
CA SER PC 72 -57.90 -106.18 -16.08
C SER PC 72 -58.06 -107.64 -15.67
N GLY PC 73 -58.79 -107.91 -14.59
CA GLY PC 73 -59.00 -109.25 -14.09
C GLY PC 73 -58.50 -109.48 -12.68
N ALA PC 74 -57.74 -108.55 -12.11
CA ALA PC 74 -57.21 -108.71 -10.76
C ALA PC 74 -58.35 -108.78 -9.74
N ASP PC 75 -58.02 -109.33 -8.57
CA ASP PC 75 -58.96 -109.39 -7.46
C ASP PC 75 -58.92 -108.06 -6.70
N MET PC 76 -60.09 -107.47 -6.51
CA MET PC 76 -60.17 -106.15 -5.87
C MET PC 76 -61.30 -106.16 -4.86
N THR PC 77 -61.07 -105.58 -3.67
CA THR PC 77 -62.10 -105.56 -2.63
C THR PC 77 -62.80 -104.21 -2.59
N ILE PC 78 -64.13 -104.23 -2.57
CA ILE PC 78 -64.97 -103.05 -2.65
C ILE PC 78 -65.96 -103.10 -1.50
N LYS PC 79 -66.06 -102.01 -0.74
CA LYS PC 79 -66.95 -101.93 0.40
C LYS PC 79 -68.18 -101.12 0.06
N ALA PC 80 -69.32 -101.52 0.63
CA ALA PC 80 -70.57 -100.76 0.59
C ALA PC 80 -70.99 -100.46 2.02
N ASN PC 81 -71.39 -99.22 2.28
CA ASN PC 81 -71.64 -98.76 3.64
C ASN PC 81 -73.11 -98.39 3.80
N ALA PC 82 -73.65 -98.64 4.98
CA ALA PC 82 -74.95 -98.13 5.37
C ALA PC 82 -74.82 -97.60 6.78
N SER PC 83 -75.36 -96.40 7.02
CA SER PC 83 -75.21 -95.77 8.33
C SER PC 83 -76.55 -95.21 8.78
N VAL PC 84 -76.92 -95.49 10.02
CA VAL PC 84 -78.16 -95.00 10.60
C VAL PC 84 -77.79 -94.10 11.78
N THR PC 85 -78.59 -93.05 11.98
CA THR PC 85 -78.40 -92.13 13.10
C THR PC 85 -79.76 -91.76 13.68
N PHE PC 86 -79.95 -92.06 14.95
CA PHE PC 86 -81.15 -91.71 15.71
C PHE PC 86 -80.83 -90.48 16.54
N SER PC 87 -81.54 -89.39 16.28
CA SER PC 87 -81.48 -88.19 17.12
C SER PC 87 -82.73 -88.18 17.98
N LEU PC 88 -82.54 -88.39 19.28
CA LEU PC 88 -83.61 -88.59 20.24
C LEU PC 88 -83.50 -87.55 21.35
N PRO PC 89 -84.41 -86.58 21.40
CA PRO PC 89 -84.43 -85.64 22.51
C PRO PC 89 -84.80 -86.33 23.81
N LYS PC 90 -84.36 -85.73 24.91
CA LYS PC 90 -84.52 -86.34 26.23
C LYS PC 90 -85.88 -86.03 26.86
N THR PC 91 -86.75 -85.31 26.15
CA THR PC 91 -88.14 -85.14 26.53
C THR PC 91 -89.06 -86.03 25.70
N TYR PC 92 -88.50 -86.76 24.75
CA TYR PC 92 -89.25 -87.66 23.89
C TYR PC 92 -89.45 -89.00 24.59
N PRO PC 93 -90.65 -89.57 24.55
CA PRO PC 93 -90.91 -90.80 25.31
C PRO PC 93 -90.35 -92.06 24.63
N ASN PC 94 -89.87 -92.97 25.49
CA ASN PC 94 -89.23 -94.19 25.01
C ASN PC 94 -90.18 -95.00 24.13
N GLU PC 95 -91.47 -95.02 24.47
CA GLU PC 95 -92.44 -95.71 23.65
C GLU PC 95 -92.38 -95.26 22.21
N HIS PC 96 -92.45 -93.94 21.99
CA HIS PC 96 -92.42 -93.42 20.64
C HIS PC 96 -91.06 -93.61 19.98
N ILE PC 97 -89.99 -93.70 20.75
CA ILE PC 97 -88.71 -94.08 20.14
C ILE PC 97 -88.80 -95.50 19.54
N THR PC 98 -89.38 -96.43 20.31
CA THR PC 98 -89.57 -97.79 19.77
C THR PC 98 -90.45 -97.76 18.53
N LYS PC 99 -91.54 -96.98 18.58
CA LYS PC 99 -92.40 -96.81 17.41
C LYS PC 99 -91.59 -96.33 16.21
N LEU PC 100 -90.73 -95.34 16.43
CA LEU PC 100 -89.89 -94.80 15.36
C LEU PC 100 -88.99 -95.87 14.75
N ARG PC 101 -88.30 -96.63 15.62
CA ARG PC 101 -87.40 -97.67 15.12
C ARG PC 101 -88.16 -98.69 14.28
N GLN PC 102 -89.34 -99.10 14.75
CA GLN PC 102 -90.09 -100.10 14.00
C GLN PC 102 -90.60 -99.55 12.67
N THR PC 103 -91.08 -98.30 12.65
CA THR PC 103 -91.50 -97.70 11.37
C THR PC 103 -90.32 -97.61 10.40
N LEU PC 104 -89.12 -97.37 10.93
CA LEU PC 104 -87.95 -97.35 10.06
C LEU PC 104 -87.68 -98.72 9.46
N ILE PC 105 -87.80 -99.78 10.27
CA ILE PC 105 -87.64 -101.13 9.75
C ILE PC 105 -88.66 -101.39 8.63
N ALA PC 106 -89.90 -101.02 8.89
CA ALA PC 106 -90.96 -101.22 7.90
C ALA PC 106 -90.65 -100.46 6.61
N TRP PC 107 -90.19 -99.21 6.73
CA TRP PC 107 -89.86 -98.43 5.55
C TRP PC 107 -88.72 -99.06 4.77
N LEU PC 108 -87.68 -99.53 5.48
CA LEU PC 108 -86.57 -100.19 4.81
C LEU PC 108 -87.00 -101.46 4.10
N GLY PC 109 -88.12 -102.04 4.51
CA GLY PC 109 -88.70 -103.15 3.79
C GLY PC 109 -89.39 -102.79 2.48
N GLN PC 110 -89.87 -101.55 2.37
CA GLN PC 110 -90.75 -101.15 1.28
C GLN PC 110 -90.05 -101.20 -0.07
N GLN PC 111 -90.86 -101.38 -1.12
CA GLN PC 111 -90.29 -101.41 -2.47
C GLN PC 111 -89.84 -100.01 -2.91
N CYS PC 112 -90.57 -98.96 -2.48
CA CYS PC 112 -90.18 -97.61 -2.86
C CYS PC 112 -88.85 -97.19 -2.25
N VAL PC 113 -88.45 -97.85 -1.16
CA VAL PC 113 -87.10 -97.66 -0.63
C VAL PC 113 -86.13 -98.65 -1.28
N SER PC 114 -86.61 -99.86 -1.61
CA SER PC 114 -85.74 -100.89 -2.15
C SER PC 114 -85.21 -100.52 -3.53
N ASP PC 115 -86.08 -100.03 -4.42
CA ASP PC 115 -85.67 -99.77 -5.80
C ASP PC 115 -84.50 -98.81 -5.91
N PRO PC 116 -84.52 -97.62 -5.31
CA PRO PC 116 -83.33 -96.76 -5.41
C PRO PC 116 -82.11 -97.33 -4.73
N VAL PC 117 -82.27 -97.91 -3.53
CA VAL PC 117 -81.13 -98.47 -2.82
C VAL PC 117 -80.56 -99.66 -3.59
N ASP PC 118 -81.38 -100.68 -3.84
CA ASP PC 118 -80.86 -101.94 -4.37
C ASP PC 118 -80.40 -101.80 -5.82
N SER PC 119 -81.16 -101.08 -6.64
CA SER PC 119 -80.89 -101.07 -8.08
C SER PC 119 -80.61 -99.71 -8.66
N GLY PC 120 -80.87 -98.62 -7.93
CA GLY PC 120 -80.62 -97.29 -8.44
C GLY PC 120 -81.77 -96.66 -9.19
N LEU PC 121 -82.88 -97.38 -9.37
CA LEU PC 121 -84.03 -96.81 -10.04
C LEU PC 121 -84.77 -95.86 -9.10
N ASN PC 122 -85.08 -94.67 -9.59
CA ASN PC 122 -85.93 -93.76 -8.82
C ASN PC 122 -87.40 -94.10 -9.01
N ASN PC 123 -88.21 -93.69 -8.04
CA ASN PC 123 -89.65 -93.90 -8.15
C ASN PC 123 -90.28 -92.75 -8.91
N TYR PC 124 -91.49 -92.99 -9.43
CA TYR PC 124 -92.15 -92.00 -10.27
C TYR PC 124 -93.65 -91.88 -9.97
N MET QC 1 -67.41 -107.37 41.09
CA MET QC 1 -68.53 -108.30 40.97
C MET QC 1 -69.07 -108.32 39.54
N ARG QC 2 -69.85 -109.34 39.22
CA ARG QC 2 -70.51 -109.42 37.93
C ARG QC 2 -71.83 -108.64 38.01
N LEU QC 3 -71.89 -107.52 37.31
CA LEU QC 3 -73.03 -106.62 37.38
C LEU QC 3 -74.32 -107.32 36.95
N THR QC 4 -75.34 -107.18 37.80
CA THR QC 4 -76.68 -107.66 37.54
C THR QC 4 -77.65 -106.56 37.93
N ASP QC 5 -78.80 -106.53 37.25
CA ASP QC 5 -79.83 -105.56 37.61
C ASP QC 5 -80.14 -105.66 39.10
N VAL QC 6 -80.42 -104.53 39.72
CA VAL QC 6 -80.48 -104.44 41.17
C VAL QC 6 -81.86 -103.99 41.58
N ASP QC 7 -82.35 -104.55 42.68
CA ASP QC 7 -83.61 -104.12 43.28
C ASP QC 7 -83.37 -103.71 44.72
N LEU QC 8 -83.70 -102.46 45.02
CA LEU QC 8 -83.42 -101.85 46.31
C LEU QC 8 -84.73 -101.72 47.07
N THR QC 9 -84.68 -102.09 48.35
CA THR QC 9 -85.81 -101.90 49.23
C THR QC 9 -85.66 -100.52 49.87
N VAL QC 10 -86.55 -99.60 49.50
CA VAL QC 10 -86.45 -98.20 49.89
C VAL QC 10 -87.67 -97.88 50.74
N GLY QC 11 -87.48 -97.86 52.06
CA GLY QC 11 -88.61 -97.69 52.95
C GLY QC 11 -89.61 -98.79 52.75
N GLU QC 12 -90.78 -98.46 52.24
CA GLU QC 12 -91.82 -99.46 51.99
C GLU QC 12 -92.07 -99.68 50.52
N GLU QC 13 -91.12 -99.29 49.67
CA GLU QC 13 -91.27 -99.40 48.23
C GLU QC 13 -90.07 -100.18 47.71
N THR QC 14 -90.13 -100.60 46.46
CA THR QC 14 -89.01 -101.27 45.82
C THR QC 14 -88.64 -100.54 44.54
N ARG QC 15 -87.41 -100.04 44.49
CA ARG QC 15 -86.85 -99.42 43.29
C ARG QC 15 -86.10 -100.48 42.48
N GLU QC 16 -86.21 -100.41 41.16
CA GLU QC 16 -85.65 -101.43 40.28
C GLU QC 16 -84.78 -100.80 39.22
N TYR QC 17 -83.48 -101.00 39.32
CA TYR QC 17 -82.50 -100.41 38.42
C TYR QC 17 -81.95 -101.48 37.49
N ALA QC 18 -81.64 -101.05 36.26
CA ALA QC 18 -81.05 -101.88 35.22
C ALA QC 18 -79.69 -101.32 34.82
N VAL QC 19 -78.75 -102.23 34.54
CA VAL QC 19 -77.42 -101.80 34.11
C VAL QC 19 -77.52 -101.03 32.80
N SER QC 20 -76.96 -99.82 32.78
CA SER QC 20 -76.99 -98.97 31.60
C SER QC 20 -75.64 -98.76 30.94
N GLU QC 21 -74.54 -98.80 31.70
CA GLU QC 21 -73.25 -98.91 31.01
C GLU QC 21 -72.19 -99.43 31.99
N GLN QC 22 -71.20 -100.12 31.42
CA GLN QC 22 -70.06 -100.64 32.16
C GLN QC 22 -68.80 -100.32 31.40
N GLN QC 23 -67.92 -99.53 32.01
CA GLN QC 23 -66.62 -99.23 31.45
C GLN QC 23 -65.56 -99.95 32.28
N GLY QC 24 -64.32 -99.52 32.14
CA GLY QC 24 -63.26 -100.12 32.92
C GLY QC 24 -63.48 -99.91 34.41
N THR QC 25 -63.52 -98.64 34.82
CA THR QC 25 -63.63 -98.27 36.22
C THR QC 25 -64.96 -97.59 36.55
N LEU QC 26 -65.89 -97.56 35.60
CA LEU QC 26 -67.14 -96.83 35.77
C LEU QC 26 -68.32 -97.72 35.39
N PHE QC 27 -69.43 -97.56 36.12
CA PHE QC 27 -70.68 -98.21 35.77
C PHE QC 27 -71.84 -97.26 36.06
N ARG QC 28 -72.98 -97.59 35.46
CA ARG QC 28 -74.17 -96.76 35.56
C ARG QC 28 -75.41 -97.63 35.46
N PHE QC 29 -76.29 -97.50 36.46
CA PHE QC 29 -77.61 -98.09 36.52
C PHE QC 29 -78.67 -97.02 36.25
N VAL QC 30 -79.86 -97.49 35.90
CA VAL QC 30 -80.95 -96.61 35.48
C VAL QC 30 -82.26 -97.16 36.05
N ASP QC 31 -83.11 -96.25 36.57
CA ASP QC 31 -84.40 -96.67 37.13
C ASP QC 31 -85.30 -97.25 36.03
N LYS QC 32 -85.66 -98.52 36.18
CA LYS QC 32 -86.46 -99.18 35.16
C LYS QC 32 -87.81 -98.51 34.97
N SER QC 33 -88.35 -97.90 36.03
CA SER QC 33 -89.65 -97.27 36.02
C SER QC 33 -89.69 -95.97 35.21
N GLY QC 34 -88.60 -95.62 34.52
CA GLY QC 34 -88.57 -94.37 33.79
C GLY QC 34 -89.27 -94.49 32.45
N THR QC 35 -90.08 -93.48 32.13
CA THR QC 35 -90.78 -93.43 30.84
C THR QC 35 -90.03 -92.60 29.81
N VAL QC 36 -89.41 -91.52 30.26
CA VAL QC 36 -88.65 -90.62 29.39
C VAL QC 36 -87.26 -90.50 29.96
N ALA QC 37 -86.33 -90.05 29.11
CA ALA QC 37 -84.97 -89.79 29.57
C ALA QC 37 -84.95 -88.85 30.77
N ASN QC 38 -85.66 -87.72 30.67
CA ASN QC 38 -85.71 -86.76 31.78
C ASN QC 38 -86.50 -87.31 32.96
N ASN QC 39 -87.50 -88.14 32.70
CA ASN QC 39 -88.23 -88.82 33.78
C ASN QC 39 -87.32 -89.74 34.59
N THR QC 40 -86.25 -90.25 33.97
CA THR QC 40 -85.55 -91.43 34.46
C THR QC 40 -84.46 -91.07 35.46
N GLY QC 41 -84.55 -91.66 36.66
CA GLY QC 41 -83.46 -91.53 37.63
C GLY QC 41 -82.29 -92.42 37.27
N VAL QC 42 -81.10 -92.04 37.76
CA VAL QC 42 -79.88 -92.75 37.41
C VAL QC 42 -78.94 -92.81 38.60
N PHE QC 43 -78.02 -93.76 38.54
CA PHE QC 43 -76.98 -93.91 39.55
C PHE QC 43 -75.69 -94.34 38.88
N SER QC 44 -74.61 -93.65 39.20
CA SER QC 44 -73.35 -93.90 38.54
C SER QC 44 -72.23 -93.95 39.59
N LEU QC 45 -71.21 -94.77 39.31
CA LEU QC 45 -70.07 -94.91 40.20
C LEU QC 45 -68.80 -95.06 39.37
N GLU QC 46 -67.72 -94.45 39.85
CA GLU QC 46 -66.44 -94.45 39.17
C GLU QC 46 -65.32 -94.49 40.21
N GLN QC 47 -64.32 -95.35 39.97
CA GLN QC 47 -63.14 -95.39 40.80
C GLN QC 47 -61.95 -94.82 40.04
N ARG QC 48 -61.17 -94.00 40.73
CA ARG QC 48 -59.96 -93.38 40.21
C ARG QC 48 -58.83 -93.84 41.13
N PHE QC 49 -58.09 -94.84 40.68
CA PHE QC 49 -56.94 -95.37 41.40
C PHE QC 49 -55.74 -94.49 41.09
N GLY QC 50 -55.10 -93.95 42.14
CA GLY QC 50 -53.98 -93.04 41.96
C GLY QC 50 -52.64 -93.76 41.95
N ALA QC 51 -51.58 -92.94 41.96
CA ALA QC 51 -50.24 -93.49 42.15
C ALA QC 51 -50.09 -94.00 43.58
N ALA QC 52 -48.92 -94.60 43.88
CA ALA QC 52 -48.73 -95.20 45.19
C ALA QC 52 -48.70 -94.16 46.30
N ASN QC 53 -48.32 -92.92 45.98
CA ASN QC 53 -48.38 -91.84 46.96
C ASN QC 53 -49.76 -91.23 47.07
N SER QC 54 -50.66 -91.56 46.15
CA SER QC 54 -52.01 -91.01 46.14
C SER QC 54 -52.98 -91.92 46.88
N ASN QC 55 -54.16 -91.39 47.14
CA ASN QC 55 -55.28 -92.16 47.65
C ASN QC 55 -56.20 -92.50 46.49
N ARG QC 56 -56.72 -93.72 46.48
CA ARG QC 56 -57.73 -94.02 45.48
C ARG QC 56 -59.03 -93.34 45.90
N LYS QC 57 -59.81 -92.93 44.91
CA LYS QC 57 -61.05 -92.20 45.15
C LYS QC 57 -62.19 -92.91 44.44
N VAL QC 58 -63.31 -93.08 45.14
CA VAL QC 58 -64.50 -93.65 44.54
C VAL QC 58 -65.62 -92.63 44.67
N THR QC 59 -66.30 -92.35 43.55
CA THR QC 59 -67.34 -91.35 43.53
C THR QC 59 -68.63 -91.96 42.99
N MET QC 60 -69.75 -91.52 43.57
CA MET QC 60 -71.08 -91.96 43.17
C MET QC 60 -71.97 -90.74 43.03
N LEU QC 61 -72.81 -90.79 42.00
CA LEU QC 61 -73.83 -89.78 41.77
C LEU QC 61 -75.19 -90.45 41.62
N LEU QC 62 -76.16 -89.99 42.40
CA LEU QC 62 -77.53 -90.46 42.36
C LEU QC 62 -78.41 -89.28 41.96
N THR QC 63 -79.15 -89.43 40.87
CA THR QC 63 -80.02 -88.38 40.34
C THR QC 63 -81.45 -88.87 40.32
N ASP QC 64 -82.34 -88.11 40.97
CA ASP QC 64 -83.77 -88.46 41.07
C ASP QC 64 -84.60 -87.29 40.59
N PRO QC 65 -85.00 -87.27 39.32
CA PRO QC 65 -85.89 -86.22 38.83
C PRO QC 65 -87.35 -86.51 39.14
N VAL QC 66 -88.14 -85.44 39.24
CA VAL QC 66 -89.57 -85.49 39.51
C VAL QC 66 -90.28 -84.45 38.63
N VAL QC 67 -91.53 -84.73 38.28
CA VAL QC 67 -92.31 -83.80 37.46
C VAL QC 67 -93.14 -82.89 38.36
N VAL QC 68 -93.02 -81.58 38.13
CA VAL QC 68 -93.79 -80.58 38.86
C VAL QC 68 -94.61 -79.73 37.89
N MET QC 76 -92.85 -79.08 34.05
CA MET QC 76 -91.40 -79.02 34.29
C MET QC 76 -90.91 -80.20 35.14
N THR QC 77 -89.69 -80.68 34.85
CA THR QC 77 -89.06 -81.74 35.62
C THR QC 77 -87.83 -81.18 36.35
N ILE QC 78 -87.76 -81.47 37.64
CA ILE QC 78 -86.75 -80.93 38.55
C ILE QC 78 -85.90 -82.08 39.06
N LYS QC 79 -84.58 -81.89 39.06
CA LYS QC 79 -83.64 -82.94 39.41
C LYS QC 79 -82.93 -82.61 40.72
N ALA QC 80 -82.81 -83.62 41.59
CA ALA QC 80 -82.05 -83.51 42.83
C ALA QC 80 -80.96 -84.57 42.86
N ASN QC 81 -79.80 -84.18 43.40
CA ASN QC 81 -78.60 -85.01 43.32
C ASN QC 81 -78.08 -85.34 44.71
N ALA QC 82 -77.61 -86.57 44.88
CA ALA QC 82 -76.78 -86.93 46.00
C ALA QC 82 -75.46 -87.45 45.44
N SER QC 83 -74.35 -87.02 46.05
CA SER QC 83 -73.05 -87.43 45.57
C SER QC 83 -72.19 -87.85 46.76
N VAL QC 84 -71.64 -89.05 46.70
CA VAL QC 84 -70.77 -89.58 47.74
C VAL QC 84 -69.38 -89.74 47.15
N THR QC 85 -68.37 -89.48 47.97
CA THR QC 85 -66.98 -89.64 47.55
C THR QC 85 -66.17 -90.24 48.71
N PHE QC 86 -65.53 -91.38 48.46
CA PHE QC 86 -64.68 -92.07 49.41
C PHE QC 86 -63.24 -91.83 49.02
N SER QC 87 -62.48 -91.17 49.90
CA SER QC 87 -61.04 -91.00 49.73
C SER QC 87 -60.35 -92.01 50.64
N LEU QC 88 -59.70 -92.98 50.04
CA LEU QC 88 -59.14 -94.13 50.75
C LEU QC 88 -57.67 -94.25 50.46
N PRO QC 89 -56.80 -94.03 51.44
CA PRO QC 89 -55.37 -94.29 51.25
C PRO QC 89 -55.12 -95.77 51.11
N LYS QC 90 -54.07 -96.11 50.34
CA LYS QC 90 -53.84 -97.50 50.02
C LYS QC 90 -53.41 -98.29 51.26
N THR QC 91 -52.57 -97.70 52.11
CA THR QC 91 -52.13 -98.38 53.32
C THR QC 91 -53.28 -98.62 54.30
N TYR QC 92 -54.40 -97.92 54.13
CA TYR QC 92 -55.55 -98.07 55.04
C TYR QC 92 -56.19 -99.44 54.86
N PRO QC 93 -56.56 -100.14 55.94
CA PRO QC 93 -56.98 -101.54 55.81
C PRO QC 93 -58.42 -101.72 55.33
N ASN QC 94 -58.60 -102.70 54.45
CA ASN QC 94 -59.89 -102.95 53.83
C ASN QC 94 -60.98 -103.17 54.86
N GLU QC 95 -60.65 -103.81 55.98
CA GLU QC 95 -61.65 -104.04 57.02
C GLU QC 95 -62.20 -102.72 57.56
N HIS QC 96 -61.32 -101.79 57.92
CA HIS QC 96 -61.77 -100.48 58.40
C HIS QC 96 -62.49 -99.69 57.32
N ILE QC 97 -62.20 -99.94 56.03
CA ILE QC 97 -62.99 -99.31 54.98
C ILE QC 97 -64.44 -99.82 55.01
N THR QC 98 -64.62 -101.14 55.09
CA THR QC 98 -65.99 -101.68 55.20
C THR QC 98 -66.69 -101.05 56.39
N LYS QC 99 -65.98 -100.91 57.51
CA LYS QC 99 -66.52 -100.22 58.68
C LYS QC 99 -67.00 -98.81 58.34
N LEU QC 100 -66.13 -98.03 57.68
CA LEU QC 100 -66.48 -96.66 57.33
C LEU QC 100 -67.76 -96.60 56.52
N ARG QC 101 -67.86 -97.43 55.48
CA ARG QC 101 -69.06 -97.43 54.65
C ARG QC 101 -70.31 -97.74 55.48
N GLN QC 102 -70.23 -98.75 56.34
CA GLN QC 102 -71.41 -99.12 57.13
C GLN QC 102 -71.82 -97.99 58.08
N THR QC 103 -70.85 -97.32 58.70
CA THR QC 103 -71.19 -96.22 59.60
C THR QC 103 -71.78 -95.04 58.84
N LEU QC 104 -71.36 -94.81 57.60
CA LEU QC 104 -72.00 -93.77 56.80
C LEU QC 104 -73.47 -94.12 56.56
N ILE QC 105 -73.75 -95.38 56.23
CA ILE QC 105 -75.14 -95.81 56.09
C ILE QC 105 -75.92 -95.52 57.37
N ALA QC 106 -75.36 -95.92 58.51
CA ALA QC 106 -76.02 -95.69 59.79
C ALA QC 106 -76.31 -94.21 60.03
N TRP QC 107 -75.33 -93.36 59.71
CA TRP QC 107 -75.50 -91.92 59.90
C TRP QC 107 -76.63 -91.40 59.03
N LEU QC 108 -76.63 -91.77 57.74
CA LEU QC 108 -77.69 -91.36 56.83
C LEU QC 108 -79.06 -91.83 57.28
N GLY QC 109 -79.11 -92.83 58.17
CA GLY QC 109 -80.36 -93.20 58.80
C GLY QC 109 -80.91 -92.24 59.83
N GLN QC 110 -80.03 -91.53 60.54
CA GLN QC 110 -80.39 -90.84 61.77
C GLN QC 110 -81.23 -89.58 61.51
N GLN QC 111 -81.94 -89.17 62.56
CA GLN QC 111 -82.81 -87.99 62.46
C GLN QC 111 -81.99 -86.72 62.26
N CYS QC 112 -80.87 -86.60 62.97
CA CYS QC 112 -80.06 -85.40 62.85
C CYS QC 112 -79.56 -85.18 61.43
N VAL QC 113 -79.59 -86.22 60.60
CA VAL QC 113 -79.27 -86.10 59.18
C VAL QC 113 -80.52 -85.95 58.33
N SER QC 114 -81.59 -86.67 58.65
CA SER QC 114 -82.79 -86.61 57.83
C SER QC 114 -83.46 -85.25 57.93
N ASP QC 115 -83.51 -84.65 59.12
CA ASP QC 115 -84.20 -83.38 59.30
C ASP QC 115 -83.64 -82.27 58.38
N PRO QC 116 -82.32 -82.05 58.31
CA PRO QC 116 -81.85 -81.05 57.33
C PRO QC 116 -81.97 -81.49 55.89
N VAL QC 117 -81.61 -82.75 55.58
CA VAL QC 117 -81.70 -83.22 54.20
C VAL QC 117 -83.16 -83.22 53.74
N ASP QC 118 -84.03 -83.95 54.44
CA ASP QC 118 -85.39 -84.14 53.95
C ASP QC 118 -86.18 -82.84 53.93
N SER QC 119 -86.24 -82.14 55.07
CA SER QC 119 -87.12 -80.99 55.20
C SER QC 119 -86.42 -79.67 55.45
N GLY QC 120 -85.12 -79.67 55.67
CA GLY QC 120 -84.40 -78.43 55.88
C GLY QC 120 -84.32 -77.94 57.31
N LEU QC 121 -84.80 -78.73 58.28
CA LEU QC 121 -84.68 -78.36 59.68
C LEU QC 121 -83.24 -78.57 60.13
N ASN QC 122 -82.62 -77.51 60.65
CA ASN QC 122 -81.31 -77.70 61.27
C ASN QC 122 -81.49 -78.19 62.70
N ASN QC 123 -80.41 -78.74 63.24
CA ASN QC 123 -80.46 -79.25 64.60
C ASN QC 123 -80.06 -78.16 65.58
N TYR QC 124 -80.67 -78.21 66.76
CA TYR QC 124 -80.50 -77.17 67.75
C TYR QC 124 -80.37 -77.75 69.13
N MET RC 1 -64.33 -113.45 23.79
CA MET RC 1 -64.70 -114.24 24.96
C MET RC 1 -65.42 -113.38 25.98
N ARG RC 2 -66.46 -113.92 26.61
CA ARG RC 2 -67.12 -113.27 27.73
C ARG RC 2 -66.23 -113.37 28.97
N LEU RC 3 -65.60 -112.27 29.35
CA LEU RC 3 -64.60 -112.31 30.40
C LEU RC 3 -65.25 -112.66 31.73
N THR RC 4 -64.67 -113.63 32.42
CA THR RC 4 -65.01 -113.95 33.80
C THR RC 4 -63.74 -114.36 34.52
N ASP RC 5 -63.83 -114.37 35.85
CA ASP RC 5 -62.70 -114.76 36.69
C ASP RC 5 -62.14 -116.09 36.22
N VAL RC 6 -60.83 -116.28 36.38
CA VAL RC 6 -60.21 -117.53 35.97
C VAL RC 6 -59.33 -118.05 37.10
N ASP RC 7 -59.12 -119.36 37.07
CA ASP RC 7 -58.20 -120.04 37.97
C ASP RC 7 -57.19 -120.79 37.12
N LEU RC 8 -55.91 -120.60 37.45
CA LEU RC 8 -54.81 -121.17 36.69
C LEU RC 8 -54.15 -122.30 37.47
N THR RC 9 -53.80 -123.34 36.76
CA THR RC 9 -53.05 -124.45 37.34
C THR RC 9 -51.57 -124.14 37.14
N VAL RC 10 -50.84 -123.95 38.24
CA VAL RC 10 -49.45 -123.51 38.20
C VAL RC 10 -48.61 -124.54 38.93
N GLY RC 11 -47.95 -125.42 38.18
CA GLY RC 11 -47.22 -126.50 38.79
C GLY RC 11 -48.13 -127.33 39.67
N GLU RC 12 -47.90 -127.28 40.98
CA GLU RC 12 -48.70 -128.04 41.93
C GLU RC 12 -49.50 -127.15 42.86
N GLU RC 13 -49.80 -125.93 42.41
CA GLU RC 13 -50.66 -125.03 43.16
C GLU RC 13 -51.72 -124.46 42.22
N THR RC 14 -52.74 -123.85 42.81
CA THR RC 14 -53.78 -123.20 42.04
C THR RC 14 -53.80 -121.71 42.34
N ARG RC 15 -53.78 -120.91 41.28
CA ARG RC 15 -53.71 -119.46 41.36
C ARG RC 15 -55.05 -118.89 40.93
N GLU RC 16 -55.65 -118.04 41.76
CA GLU RC 16 -57.00 -117.54 41.50
C GLU RC 16 -56.96 -116.06 41.17
N TYR RC 17 -57.35 -115.71 39.95
CA TYR RC 17 -57.44 -114.32 39.55
C TYR RC 17 -58.90 -113.91 39.46
N ALA RC 18 -59.14 -112.60 39.55
CA ALA RC 18 -60.45 -112.00 39.42
C ALA RC 18 -60.37 -110.80 38.50
N VAL RC 19 -61.42 -110.62 37.69
CA VAL RC 19 -61.43 -109.50 36.75
C VAL RC 19 -61.42 -108.20 37.54
N SER RC 20 -60.44 -107.35 37.25
CA SER RC 20 -60.33 -106.04 37.88
C SER RC 20 -60.74 -104.89 36.99
N GLU RC 21 -60.62 -105.03 35.66
CA GLU RC 21 -61.27 -104.07 34.76
C GLU RC 21 -61.34 -104.67 33.36
N GLN RC 22 -62.37 -104.25 32.61
CA GLN RC 22 -62.50 -104.65 31.22
C GLN RC 22 -62.88 -103.43 30.39
N GLN RC 23 -62.02 -103.10 29.42
CA GLN RC 23 -62.26 -102.04 28.45
C GLN RC 23 -62.38 -102.65 27.06
N GLY RC 24 -62.51 -101.78 26.06
CA GLY RC 24 -62.76 -102.25 24.72
C GLY RC 24 -61.64 -103.12 24.18
N THR RC 25 -60.39 -102.65 24.33
CA THR RC 25 -59.21 -103.34 23.84
C THR RC 25 -58.27 -103.79 24.96
N LEU RC 26 -58.67 -103.59 26.22
CA LEU RC 26 -57.80 -103.86 27.36
C LEU RC 26 -58.59 -104.57 28.45
N PHE RC 27 -57.90 -105.45 29.19
CA PHE RC 27 -58.47 -106.04 30.40
C PHE RC 27 -57.37 -106.29 31.42
N ARG RC 28 -57.80 -106.42 32.67
CA ARG RC 28 -56.89 -106.59 33.80
C ARG RC 28 -57.51 -107.52 34.83
N PHE RC 29 -56.73 -108.53 35.23
CA PHE RC 29 -57.00 -109.44 36.33
C PHE RC 29 -56.08 -109.15 37.51
N VAL RC 30 -56.56 -109.49 38.70
CA VAL RC 30 -55.81 -109.33 39.94
C VAL RC 30 -55.84 -110.65 40.73
N ASP RC 31 -54.70 -111.01 41.34
CA ASP RC 31 -54.63 -112.22 42.16
C ASP RC 31 -55.51 -112.07 43.39
N LYS RC 32 -56.43 -113.03 43.58
CA LYS RC 32 -57.42 -112.95 44.65
C LYS RC 32 -56.80 -112.98 46.04
N SER RC 33 -55.55 -113.39 46.16
CA SER RC 33 -54.88 -113.47 47.45
C SER RC 33 -54.34 -112.13 47.94
N GLY RC 34 -54.71 -111.01 47.30
CA GLY RC 34 -54.08 -109.74 47.53
C GLY RC 34 -55.02 -108.64 48.00
N THR RC 35 -54.39 -107.54 48.44
CA THR RC 35 -55.06 -106.34 48.91
C THR RC 35 -54.52 -105.15 48.13
N VAL RC 36 -55.25 -104.02 48.16
CA VAL RC 36 -54.66 -102.78 47.66
C VAL RC 36 -53.36 -102.50 48.41
N ALA RC 37 -53.36 -102.72 49.72
CA ALA RC 37 -52.16 -102.47 50.52
C ALA RC 37 -51.05 -103.44 50.16
N ASN RC 38 -51.35 -104.73 50.16
CA ASN RC 38 -50.35 -105.74 49.82
C ASN RC 38 -50.83 -106.49 48.58
N ASN RC 39 -50.34 -106.07 47.41
CA ASN RC 39 -50.70 -106.73 46.17
C ASN RC 39 -49.82 -107.95 45.94
N THR RC 40 -50.39 -108.95 45.28
CA THR RC 40 -49.73 -110.22 45.10
C THR RC 40 -49.58 -110.65 43.66
N GLY RC 41 -50.27 -109.99 42.72
CA GLY RC 41 -50.14 -110.34 41.33
C GLY RC 41 -51.15 -109.62 40.46
N VAL RC 42 -50.72 -109.22 39.27
CA VAL RC 42 -51.62 -108.59 38.31
C VAL RC 42 -51.29 -109.11 36.92
N PHE RC 43 -52.30 -109.18 36.07
CA PHE RC 43 -52.13 -109.52 34.68
C PHE RC 43 -52.96 -108.56 33.84
N SER RC 44 -52.38 -108.07 32.76
CA SER RC 44 -53.08 -107.12 31.90
C SER RC 44 -52.76 -107.44 30.45
N LEU RC 45 -53.74 -107.20 29.58
CA LEU RC 45 -53.57 -107.45 28.15
C LEU RC 45 -54.28 -106.36 27.35
N GLU RC 46 -53.64 -105.93 26.27
CA GLU RC 46 -54.18 -104.88 25.40
C GLU RC 46 -53.87 -105.23 23.96
N GLN RC 47 -54.84 -105.01 23.07
CA GLN RC 47 -54.62 -105.15 21.64
C GLN RC 47 -54.70 -103.77 20.99
N ARG RC 48 -53.66 -103.43 20.23
CA ARG RC 48 -53.66 -102.29 19.33
C ARG RC 48 -53.82 -102.85 17.93
N PHE RC 49 -55.06 -102.89 17.46
CA PHE RC 49 -55.33 -103.26 16.08
C PHE RC 49 -54.83 -102.13 15.19
N GLY RC 50 -53.84 -102.42 14.36
CA GLY RC 50 -53.16 -101.38 13.63
C GLY RC 50 -53.94 -100.88 12.43
N ALA RC 51 -53.37 -99.85 11.79
CA ALA RC 51 -53.88 -99.38 10.51
C ALA RC 51 -53.85 -100.51 9.49
N ALA RC 52 -54.59 -100.31 8.39
CA ALA RC 52 -54.75 -101.38 7.41
C ALA RC 52 -53.43 -101.84 6.82
N ASN RC 53 -52.41 -100.97 6.83
CA ASN RC 53 -51.09 -101.35 6.34
C ASN RC 53 -50.24 -102.03 7.41
N SER RC 54 -50.45 -101.68 8.68
CA SER RC 54 -49.60 -102.14 9.76
C SER RC 54 -50.07 -103.49 10.31
N ASN RC 55 -49.19 -104.11 11.10
CA ASN RC 55 -49.53 -105.29 11.86
C ASN RC 55 -50.32 -104.90 13.11
N ARG RC 56 -51.13 -105.83 13.60
CA ARG RC 56 -51.76 -105.61 14.88
C ARG RC 56 -50.85 -106.17 15.99
N LYS RC 57 -50.91 -105.52 17.14
CA LYS RC 57 -50.06 -105.86 18.27
C LYS RC 57 -50.92 -106.26 19.45
N VAL RC 58 -50.51 -107.31 20.15
CA VAL RC 58 -51.13 -107.70 21.41
C VAL RC 58 -50.04 -107.77 22.47
N THR RC 59 -50.25 -107.08 23.58
CA THR RC 59 -49.24 -107.03 24.63
C THR RC 59 -49.85 -107.47 25.95
N MET RC 60 -49.05 -108.19 26.73
CA MET RC 60 -49.43 -108.70 28.03
C MET RC 60 -48.32 -108.37 29.03
N LEU RC 61 -48.76 -107.98 30.23
CA LEU RC 61 -47.87 -107.74 31.35
C LEU RC 61 -48.34 -108.54 32.55
N LEU RC 62 -47.45 -109.37 33.09
CA LEU RC 62 -47.66 -110.13 34.31
C LEU RC 62 -46.70 -109.61 35.35
N THR RC 63 -47.23 -109.19 36.51
CA THR RC 63 -46.41 -108.64 37.57
C THR RC 63 -46.67 -109.41 38.85
N ASP RC 64 -45.59 -109.95 39.43
CA ASP RC 64 -45.64 -110.67 40.71
C ASP RC 64 -44.76 -109.93 41.70
N PRO RC 65 -45.37 -109.26 42.67
CA PRO RC 65 -44.61 -108.64 43.75
C PRO RC 65 -44.49 -109.56 44.96
N VAL RC 66 -43.35 -109.46 45.62
CA VAL RC 66 -43.01 -110.24 46.81
C VAL RC 66 -42.41 -109.32 47.85
N VAL RC 67 -42.70 -109.59 49.10
CA VAL RC 67 -42.07 -108.86 50.20
C VAL RC 67 -40.76 -109.54 50.56
N VAL RC 68 -39.74 -108.74 50.80
CA VAL RC 68 -38.39 -109.21 51.11
C VAL RC 68 -37.85 -108.36 52.25
N LYS RC 69 -37.22 -109.00 53.23
CA LYS RC 69 -36.56 -108.25 54.30
C LYS RC 69 -35.33 -107.55 53.73
N ASP RC 70 -35.05 -106.38 54.27
CA ASP RC 70 -33.93 -105.55 53.84
C ASP RC 70 -32.71 -105.85 54.71
N ALA RC 71 -31.54 -105.41 54.23
CA ALA RC 71 -30.34 -105.48 55.06
C ALA RC 71 -30.52 -104.68 56.34
N SER RC 72 -31.28 -103.58 56.27
CA SER RC 72 -31.66 -102.81 57.45
C SER RC 72 -32.77 -103.48 58.27
N GLY RC 73 -33.30 -104.61 57.80
CA GLY RC 73 -34.42 -105.27 58.43
C GLY RC 73 -35.78 -104.81 57.94
N ALA RC 74 -35.87 -103.59 57.43
CA ALA RC 74 -37.14 -103.03 56.96
C ALA RC 74 -37.75 -103.93 55.89
N ASP RC 75 -39.08 -103.95 55.86
CA ASP RC 75 -39.79 -104.74 54.85
C ASP RC 75 -39.89 -103.95 53.55
N MET RC 76 -39.58 -104.62 52.43
CA MET RC 76 -39.44 -103.98 51.14
C MET RC 76 -40.16 -104.81 50.10
N THR RC 77 -41.05 -104.18 49.33
CA THR RC 77 -41.83 -104.89 48.31
C THR RC 77 -41.13 -104.76 46.96
N ILE RC 78 -40.92 -105.89 46.30
CA ILE RC 78 -40.13 -105.98 45.07
C ILE RC 78 -40.97 -106.66 44.00
N LYS RC 79 -40.98 -106.09 42.80
CA LYS RC 79 -41.78 -106.63 41.71
C LYS RC 79 -40.88 -107.28 40.66
N ALA RC 80 -41.34 -108.41 40.12
CA ALA RC 80 -40.75 -109.04 38.94
C ALA RC 80 -41.78 -109.05 37.82
N ASN RC 81 -41.32 -108.76 36.60
CA ASN RC 81 -42.25 -108.56 35.51
C ASN RC 81 -41.95 -109.53 34.37
N ALA RC 82 -43.00 -109.96 33.70
CA ALA RC 82 -42.88 -110.68 32.43
C ALA RC 82 -43.80 -109.98 31.44
N SER RC 83 -43.31 -109.74 30.23
CA SER RC 83 -44.08 -109.05 29.21
C SER RC 83 -43.99 -109.81 27.90
N VAL RC 84 -45.13 -110.08 27.29
CA VAL RC 84 -45.20 -110.78 26.02
C VAL RC 84 -45.85 -109.85 25.00
N THR RC 85 -45.33 -109.87 23.77
CA THR RC 85 -45.88 -109.06 22.69
C THR RC 85 -45.93 -109.88 21.41
N PHE RC 86 -47.13 -109.97 20.84
CA PHE RC 86 -47.38 -110.65 19.57
C PHE RC 86 -47.54 -109.58 18.50
N SER RC 87 -46.66 -109.60 17.50
CA SER RC 87 -46.80 -108.77 16.31
C SER RC 87 -47.32 -109.69 15.20
N LEU RC 88 -48.56 -109.45 14.79
CA LEU RC 88 -49.27 -110.32 13.86
C LEU RC 88 -49.72 -109.51 12.66
N PRO RC 89 -49.13 -109.75 11.50
CA PRO RC 89 -49.60 -109.08 10.27
C PRO RC 89 -51.00 -109.56 9.91
N LYS RC 90 -51.73 -108.69 9.22
CA LYS RC 90 -53.11 -109.02 8.88
C LYS RC 90 -53.19 -110.23 7.96
N THR RC 91 -52.33 -110.29 6.95
CA THR RC 91 -52.36 -111.37 5.98
C THR RC 91 -51.95 -112.71 6.56
N TYR RC 92 -51.37 -112.71 7.77
CA TYR RC 92 -50.96 -113.96 8.41
C TYR RC 92 -52.19 -114.75 8.84
N PRO RC 93 -52.26 -116.07 8.60
CA PRO RC 93 -53.49 -116.81 8.89
C PRO RC 93 -53.66 -117.16 10.37
N ASN RC 94 -54.92 -117.04 10.82
CA ASN RC 94 -55.24 -117.28 12.22
C ASN RC 94 -54.74 -118.64 12.70
N GLU RC 95 -54.75 -119.63 11.81
CA GLU RC 95 -54.26 -120.96 12.17
C GLU RC 95 -52.80 -120.92 12.61
N HIS RC 96 -51.92 -120.40 11.75
CA HIS RC 96 -50.51 -120.32 12.11
C HIS RC 96 -50.27 -119.40 13.30
N ILE RC 97 -51.18 -118.43 13.57
CA ILE RC 97 -51.06 -117.65 14.80
C ILE RC 97 -51.23 -118.56 16.03
N THR RC 98 -52.31 -119.37 16.05
CA THR RC 98 -52.48 -120.28 17.19
C THR RC 98 -51.27 -121.20 17.32
N LYS RC 99 -50.73 -121.65 16.18
CA LYS RC 99 -49.49 -122.44 16.20
C LYS RC 99 -48.37 -121.70 16.92
N LEU RC 100 -48.16 -120.43 16.56
CA LEU RC 100 -47.13 -119.63 17.20
C LEU RC 100 -47.32 -119.56 18.71
N ARG RC 101 -48.54 -119.26 19.14
CA ARG RC 101 -48.80 -119.14 20.58
C ARG RC 101 -48.49 -120.44 21.30
N GLN RC 102 -48.93 -121.57 20.73
CA GLN RC 102 -48.70 -122.84 21.41
C GLN RC 102 -47.21 -123.19 21.46
N THR RC 103 -46.47 -122.95 20.37
CA THR RC 103 -45.03 -123.20 20.40
C THR RC 103 -44.34 -122.31 21.44
N LEU RC 104 -44.84 -121.10 21.65
CA LEU RC 104 -44.25 -120.25 22.69
C LEU RC 104 -44.49 -120.84 24.07
N ILE RC 105 -45.70 -121.34 24.32
CA ILE RC 105 -45.96 -122.02 25.59
C ILE RC 105 -44.98 -123.17 25.78
N ALA RC 106 -44.83 -123.99 24.74
CA ALA RC 106 -43.92 -125.13 24.79
C ALA RC 106 -42.51 -124.68 25.14
N TRP RC 107 -42.01 -123.66 24.46
CA TRP RC 107 -40.68 -123.16 24.72
C TRP RC 107 -40.53 -122.68 26.16
N LEU RC 108 -41.52 -121.92 26.65
CA LEU RC 108 -41.47 -121.42 28.02
C LEU RC 108 -41.43 -122.54 29.04
N GLY RC 109 -41.92 -123.73 28.68
CA GLY RC 109 -41.79 -124.89 29.53
C GLY RC 109 -40.40 -125.51 29.59
N GLN RC 110 -39.61 -125.32 28.54
CA GLN RC 110 -38.37 -126.04 28.36
C GLN RC 110 -37.32 -125.63 29.38
N GLN RC 111 -36.36 -126.54 29.62
CA GLN RC 111 -35.31 -126.25 30.58
C GLN RC 111 -34.33 -125.23 30.05
N CYS RC 112 -34.04 -125.24 28.74
CA CYS RC 112 -33.13 -124.24 28.19
C CYS RC 112 -33.66 -122.82 28.35
N VAL RC 113 -34.97 -122.68 28.56
CA VAL RC 113 -35.57 -121.38 28.83
C VAL RC 113 -35.69 -121.14 30.33
N SER RC 114 -36.05 -122.18 31.10
CA SER RC 114 -36.28 -121.99 32.53
C SER RC 114 -34.98 -121.71 33.28
N ASP RC 115 -33.90 -122.42 32.93
CA ASP RC 115 -32.64 -122.26 33.65
C ASP RC 115 -32.13 -120.82 33.65
N PRO RC 116 -32.06 -120.11 32.52
CA PRO RC 116 -31.65 -118.70 32.59
C PRO RC 116 -32.69 -117.80 33.25
N VAL RC 117 -33.98 -118.02 32.95
CA VAL RC 117 -35.02 -117.20 33.54
C VAL RC 117 -35.09 -117.42 35.05
N ASP RC 118 -35.21 -118.68 35.48
CA ASP RC 118 -35.46 -118.95 36.90
C ASP RC 118 -34.21 -118.71 37.75
N SER RC 119 -33.05 -119.21 37.30
CA SER RC 119 -31.86 -119.24 38.14
C SER RC 119 -30.73 -118.35 37.65
N GLY RC 120 -30.86 -117.72 36.48
CA GLY RC 120 -29.81 -116.87 35.97
C GLY RC 120 -28.60 -117.58 35.41
N LEU RC 121 -28.67 -118.89 35.21
CA LEU RC 121 -27.59 -119.65 34.61
C LEU RC 121 -27.79 -119.70 33.10
N ASN RC 122 -26.73 -119.40 32.35
CA ASN RC 122 -26.81 -119.50 30.90
C ASN RC 122 -26.61 -120.94 30.45
N ASN RC 123 -26.96 -121.20 29.20
CA ASN RC 123 -26.81 -122.53 28.63
C ASN RC 123 -25.44 -122.67 27.98
N TYR RC 124 -25.07 -123.91 27.71
CA TYR RC 124 -23.75 -124.24 27.15
C TYR RC 124 -23.76 -125.50 26.28
N MET SC 1 -51.29 122.28 10.92
CA MET SC 1 -52.48 122.99 11.39
C MET SC 1 -53.08 122.29 12.61
N ARG SC 2 -53.49 123.09 13.60
CA ARG SC 2 -54.23 122.54 14.73
C ARG SC 2 -55.58 122.03 14.25
N LEU SC 3 -55.78 120.72 14.34
CA LEU SC 3 -56.97 120.10 13.79
C LEU SC 3 -58.23 120.58 14.47
N THR SC 4 -59.28 120.75 13.68
CA THR SC 4 -60.61 121.06 14.19
C THR SC 4 -61.61 120.32 13.33
N ASP SC 5 -62.80 120.10 13.89
CA ASP SC 5 -63.88 119.50 13.10
C ASP SC 5 -64.05 120.31 11.83
N VAL SC 6 -64.50 119.65 10.77
CA VAL SC 6 -64.49 120.23 9.44
C VAL SC 6 -65.90 120.18 8.87
N ASP SC 7 -66.31 121.26 8.22
CA ASP SC 7 -67.58 121.30 7.53
C ASP SC 7 -67.30 121.61 6.07
N LEU SC 8 -67.72 120.70 5.19
CA LEU SC 8 -67.48 120.79 3.75
C LEU SC 8 -68.77 121.14 3.04
N THR SC 9 -68.67 122.03 2.06
CA THR SC 9 -69.79 122.31 1.17
C THR SC 9 -69.67 121.39 -0.03
N VAL SC 10 -70.67 120.53 -0.24
CA VAL SC 10 -70.62 119.48 -1.24
C VAL SC 10 -71.81 119.66 -2.16
N GLY SC 11 -71.56 120.17 -3.36
CA GLY SC 11 -72.65 120.45 -4.27
C GLY SC 11 -73.62 121.41 -3.62
N GLU SC 12 -74.81 120.93 -3.29
CA GLU SC 12 -75.83 121.77 -2.69
C GLU SC 12 -76.21 121.29 -1.29
N GLU SC 13 -75.34 120.52 -0.66
CA GLU SC 13 -75.54 120.03 0.70
C GLU SC 13 -74.31 120.39 1.51
N THR SC 14 -74.39 120.25 2.83
CA THR SC 14 -73.26 120.47 3.71
C THR SC 14 -72.98 119.21 4.51
N ARG SC 15 -71.74 118.77 4.48
CA ARG SC 15 -71.29 117.54 5.11
C ARG SC 15 -70.38 117.89 6.29
N GLU SC 16 -70.65 117.29 7.45
CA GLU SC 16 -69.93 117.62 8.68
C GLU SC 16 -69.13 116.43 9.16
N TYR SC 17 -67.82 116.63 9.31
CA TYR SC 17 -66.89 115.62 9.80
C TYR SC 17 -66.33 116.06 11.14
N ALA SC 18 -65.97 115.06 11.95
CA ALA SC 18 -65.36 115.28 13.25
C ALA SC 18 -64.07 114.48 13.35
N VAL SC 19 -63.09 115.05 14.06
CA VAL SC 19 -61.80 114.40 14.24
C VAL SC 19 -61.98 113.12 15.02
N SER SC 20 -61.48 112.01 14.46
CA SER SC 20 -61.51 110.70 15.12
C SER SC 20 -60.18 110.28 15.70
N GLU SC 21 -59.07 110.52 15.01
CA GLU SC 21 -57.77 110.31 15.66
C GLU SC 21 -56.71 111.12 14.93
N GLN SC 22 -55.65 111.48 15.68
CA GLN SC 22 -54.52 112.21 15.11
C GLN SC 22 -53.24 111.61 15.64
N GLN SC 23 -52.37 111.20 14.73
CA GLN SC 23 -51.04 110.71 15.05
C GLN SC 23 -50.02 111.70 14.51
N GLY SC 24 -48.75 111.33 14.62
CA GLY SC 24 -47.70 112.25 14.19
C GLY SC 24 -47.82 112.60 12.72
N THR SC 25 -48.04 111.59 11.87
CA THR SC 25 -48.12 111.77 10.42
C THR SC 25 -49.43 111.25 9.85
N LEU SC 26 -50.44 111.04 10.68
CA LEU SC 26 -51.71 110.47 10.23
C LEU SC 26 -52.86 111.11 10.98
N PHE SC 27 -53.99 111.30 10.29
CA PHE SC 27 -55.22 111.71 10.94
C PHE SC 27 -56.42 111.09 10.25
N ARG SC 28 -57.53 111.07 10.99
CA ARG SC 28 -58.78 110.48 10.51
C ARG SC 28 -59.96 111.25 11.05
N PHE SC 29 -60.85 111.62 10.13
CA PHE SC 29 -62.16 112.20 10.38
C PHE SC 29 -63.27 111.18 10.10
N VAL SC 30 -64.39 111.38 10.80
CA VAL SC 30 -65.59 110.57 10.61
C VAL SC 30 -66.77 111.49 10.30
N ASP SC 31 -67.66 111.04 9.41
CA ASP SC 31 -68.88 111.78 9.09
C ASP SC 31 -69.81 111.79 10.30
N LYS SC 32 -70.19 112.98 10.76
CA LYS SC 32 -71.05 113.12 11.92
C LYS SC 32 -72.43 112.51 11.71
N SER SC 33 -72.78 112.14 10.47
CA SER SC 33 -74.06 111.49 10.19
C SER SC 33 -74.15 110.11 10.80
N GLY SC 34 -73.03 109.51 11.23
CA GLY SC 34 -72.96 108.10 11.53
C GLY SC 34 -72.58 107.78 12.96
N THR SC 35 -72.74 106.50 13.29
CA THR SC 35 -72.42 105.90 14.57
C THR SC 35 -71.21 104.99 14.41
N VAL SC 36 -70.59 104.63 15.54
CA VAL SC 36 -69.71 103.46 15.57
C VAL SC 36 -70.41 102.29 14.90
N ALA SC 37 -71.66 102.04 15.28
CA ALA SC 37 -72.43 100.94 14.72
C ALA SC 37 -72.63 101.11 13.22
N ASN SC 38 -73.30 102.18 12.81
CA ASN SC 38 -73.57 102.45 11.40
C ASN SC 38 -72.74 103.66 10.98
N ASN SC 39 -71.82 103.44 10.05
CA ASN SC 39 -70.92 104.48 9.59
C ASN SC 39 -71.39 105.06 8.26
N THR SC 40 -71.31 106.39 8.14
CA THR SC 40 -71.72 107.09 6.94
C THR SC 40 -70.56 107.59 6.09
N GLY SC 41 -69.36 107.71 6.65
CA GLY SC 41 -68.23 108.20 5.88
C GLY SC 41 -66.97 108.32 6.69
N VAL SC 42 -65.82 108.12 6.04
CA VAL SC 42 -64.53 108.21 6.72
C VAL SC 42 -63.52 108.87 5.79
N PHE SC 43 -62.62 109.65 6.38
CA PHE SC 43 -61.51 110.24 5.64
C PHE SC 43 -60.23 110.08 6.45
N SER SC 44 -59.17 109.67 5.77
CA SER SC 44 -57.90 109.44 6.43
C SER SC 44 -56.77 109.98 5.54
N LEU SC 45 -55.74 110.53 6.19
CA LEU SC 45 -54.59 111.10 5.48
C LEU SC 45 -53.31 110.74 6.23
N GLU SC 46 -52.28 110.31 5.49
CA GLU SC 46 -50.98 109.95 6.07
C GLU SC 46 -49.85 110.44 5.17
N GLN SC 47 -48.80 110.99 5.80
CA GLN SC 47 -47.61 111.42 5.08
C GLN SC 47 -46.43 110.51 5.45
N ARG SC 48 -45.64 110.17 4.43
CA ARG SC 48 -44.46 109.33 4.55
C ARG SC 48 -43.28 110.11 3.97
N PHE SC 49 -42.49 110.69 4.86
CA PHE SC 49 -41.27 111.41 4.51
C PHE SC 49 -40.15 110.39 4.32
N GLY SC 50 -39.66 110.26 3.09
CA GLY SC 50 -38.63 109.29 2.78
C GLY SC 50 -37.23 109.83 3.08
N ALA SC 51 -36.22 109.11 2.58
CA ALA SC 51 -34.86 109.62 2.66
C ALA SC 51 -34.67 110.79 1.67
N ALA SC 52 -33.52 111.45 1.79
CA ALA SC 52 -33.28 112.65 0.98
C ALA SC 52 -33.23 112.33 -0.51
N ASN SC 53 -32.96 111.08 -0.89
CA ASN SC 53 -33.07 110.66 -2.28
C ASN SC 53 -34.48 110.23 -2.64
N SER SC 54 -35.35 110.01 -1.66
CA SER SC 54 -36.71 109.54 -1.89
C SER SC 54 -37.68 110.72 -1.94
N ASN SC 55 -38.75 110.54 -2.71
CA ASN SC 55 -39.84 111.50 -2.72
C ASN SC 55 -40.71 111.27 -1.49
N ARG SC 56 -41.11 112.35 -0.83
CA ARG SC 56 -42.10 112.20 0.21
C ARG SC 56 -43.45 111.92 -0.44
N LYS SC 57 -44.29 111.18 0.27
CA LYS SC 57 -45.54 110.71 -0.27
C LYS SC 57 -46.67 111.04 0.70
N VAL SC 58 -47.84 111.36 0.14
CA VAL SC 58 -48.99 111.76 0.94
C VAL SC 58 -50.21 111.04 0.39
N THR SC 59 -50.91 110.28 1.23
CA THR SC 59 -52.01 109.45 0.74
C THR SC 59 -53.28 109.71 1.53
N MET SC 60 -54.39 109.78 0.80
CA MET SC 60 -55.72 110.03 1.34
C MET SC 60 -56.65 108.91 0.92
N LEU SC 61 -57.52 108.50 1.86
CA LEU SC 61 -58.57 107.54 1.59
C LEU SC 61 -59.89 108.11 2.07
N LEU SC 62 -60.86 108.19 1.16
CA LEU SC 62 -62.21 108.64 1.43
C LEU SC 62 -63.14 107.46 1.17
N THR SC 63 -63.88 107.04 2.20
CA THR SC 63 -64.78 105.91 2.10
C THR SC 63 -66.21 106.36 2.39
N ASP SC 64 -67.11 106.03 1.46
CA ASP SC 64 -68.54 106.35 1.59
C ASP SC 64 -69.34 105.07 1.52
N PRO SC 65 -69.84 104.58 2.66
CA PRO SC 65 -70.74 103.43 2.64
C PRO SC 65 -72.19 103.86 2.54
N VAL SC 66 -72.97 103.04 1.83
CA VAL SC 66 -74.39 103.26 1.60
C VAL SC 66 -75.11 101.94 1.84
N VAL SC 67 -76.31 102.02 2.40
CA VAL SC 67 -77.14 100.84 2.54
C VAL SC 67 -78.00 100.68 1.29
N VAL SC 68 -77.98 99.48 0.72
CA VAL SC 68 -78.68 99.14 -0.51
C VAL SC 68 -79.57 97.94 -0.26
N LYS SC 69 -80.67 97.86 -0.97
CA LYS SC 69 -81.57 96.72 -0.92
C LYS SC 69 -80.93 95.52 -1.60
N ASP SC 70 -81.06 94.37 -0.97
CA ASP SC 70 -80.61 93.12 -1.55
C ASP SC 70 -81.56 92.69 -2.68
N ALA SC 71 -81.07 91.79 -3.54
CA ALA SC 71 -81.95 91.19 -4.53
C ALA SC 71 -83.08 90.41 -3.87
N SER SC 72 -82.81 89.82 -2.70
CA SER SC 72 -83.85 89.23 -1.88
C SER SC 72 -84.65 90.28 -1.12
N GLY SC 73 -84.04 91.41 -0.83
CA GLY SC 73 -84.68 92.48 -0.07
C GLY SC 73 -83.98 92.85 1.22
N ALA SC 74 -83.01 92.05 1.67
CA ALA SC 74 -82.30 92.32 2.91
C ALA SC 74 -81.54 93.65 2.82
N ASP SC 75 -81.22 94.20 3.99
CA ASP SC 75 -80.41 95.39 4.08
C ASP SC 75 -78.94 95.02 3.99
N MET SC 76 -78.21 95.67 3.09
CA MET SC 76 -76.81 95.33 2.87
C MET SC 76 -76.00 96.61 2.74
N THR SC 77 -74.82 96.66 3.35
CA THR SC 77 -73.99 97.86 3.32
C THR SC 77 -72.88 97.69 2.29
N ILE SC 78 -72.71 98.70 1.43
CA ILE SC 78 -71.77 98.67 0.31
C ILE SC 78 -70.92 99.94 0.39
N LYS SC 79 -69.61 99.78 0.32
CA LYS SC 79 -68.68 100.90 0.40
C LYS SC 79 -68.14 101.24 -0.98
N ALA SC 80 -67.92 102.53 -1.21
CA ALA SC 80 -67.22 103.05 -2.38
C ALA SC 80 -66.01 103.83 -1.91
N ASN SC 81 -64.87 103.59 -2.56
CA ASN SC 81 -63.60 104.14 -2.09
C ASN SC 81 -63.04 105.10 -3.13
N ALA SC 82 -62.38 106.15 -2.64
CA ALA SC 82 -61.57 107.01 -3.49
C ALA SC 82 -60.25 107.25 -2.77
N SER SC 83 -59.15 107.15 -3.48
CA SER SC 83 -57.83 107.28 -2.86
C SER SC 83 -56.96 108.18 -3.72
N VAL SC 84 -56.30 109.13 -3.08
CA VAL SC 84 -55.39 110.05 -3.75
C VAL SC 84 -54.00 109.84 -3.18
N THR SC 85 -52.98 109.96 -4.04
CA THR SC 85 -51.59 109.85 -3.61
C THR SC 85 -50.76 110.90 -4.32
N PHE SC 86 -50.12 111.76 -3.53
CA PHE SC 86 -49.21 112.79 -4.01
C PHE SC 86 -47.79 112.29 -3.82
N SER SC 87 -47.05 112.13 -4.93
CA SER SC 87 -45.62 111.84 -4.89
C SER SC 87 -44.89 113.13 -5.19
N LEU SC 88 -44.22 113.66 -4.17
CA LEU SC 88 -43.58 114.98 -4.21
C LEU SC 88 -42.11 114.84 -3.91
N PRO SC 89 -41.24 115.03 -4.89
CA PRO SC 89 -39.80 115.05 -4.63
C PRO SC 89 -39.41 116.24 -3.78
N LYS SC 90 -38.29 116.09 -3.07
CA LYS SC 90 -37.85 117.09 -2.12
C LYS SC 90 -37.04 118.20 -2.76
N THR SC 91 -36.86 118.17 -4.07
CA THR SC 91 -36.31 119.29 -4.84
C THR SC 91 -37.39 120.06 -5.57
N TYR SC 92 -38.63 119.61 -5.47
CA TYR SC 92 -39.78 120.25 -6.11
C TYR SC 92 -40.29 121.40 -5.24
N PRO SC 93 -40.57 122.55 -5.80
CA PRO SC 93 -40.96 123.71 -4.97
C PRO SC 93 -42.40 123.65 -4.48
N ASN SC 94 -42.57 124.14 -3.25
CA ASN SC 94 -43.88 124.08 -2.59
C ASN SC 94 -44.94 124.82 -3.40
N GLU SC 95 -44.56 125.93 -4.04
CA GLU SC 95 -45.49 126.65 -4.88
C GLU SC 95 -46.12 125.74 -5.92
N HIS SC 96 -45.26 125.01 -6.67
CA HIS SC 96 -45.78 124.14 -7.72
C HIS SC 96 -46.52 122.95 -7.14
N ILE SC 97 -46.23 122.53 -5.91
CA ILE SC 97 -47.08 121.53 -5.27
C ILE SC 97 -48.50 122.07 -5.08
N THR SC 98 -48.62 123.30 -4.60
CA THR SC 98 -49.95 123.90 -4.47
C THR SC 98 -50.64 124.00 -5.83
N LYS SC 99 -49.89 124.43 -6.85
CA LYS SC 99 -50.42 124.47 -8.21
C LYS SC 99 -50.96 123.10 -8.63
N LEU SC 100 -50.20 122.05 -8.34
CA LEU SC 100 -50.60 120.69 -8.68
C LEU SC 100 -51.91 120.32 -8.00
N ARG SC 101 -52.00 120.57 -6.68
CA ARG SC 101 -53.21 120.22 -5.94
C ARG SC 101 -54.43 120.94 -6.50
N GLN SC 102 -54.26 122.22 -6.83
CA GLN SC 102 -55.40 122.97 -7.35
C GLN SC 102 -55.81 122.49 -8.75
N THR SC 103 -54.84 122.19 -9.62
CA THR SC 103 -55.18 121.63 -10.93
C THR SC 103 -55.89 120.30 -10.78
N LEU SC 104 -55.54 119.51 -9.78
CA LEU SC 104 -56.24 118.25 -9.54
C LEU SC 104 -57.68 118.51 -9.14
N ILE SC 105 -57.92 119.48 -8.26
CA ILE SC 105 -59.28 119.84 -7.90
C ILE SC 105 -60.08 120.23 -9.14
N ALA SC 106 -59.48 121.09 -9.98
CA ALA SC 106 -60.15 121.53 -11.20
C ALA SC 106 -60.48 120.36 -12.10
N TRP SC 107 -59.53 119.43 -12.27
CA TRP SC 107 -59.77 118.26 -13.11
C TRP SC 107 -60.90 117.41 -12.56
N LEU SC 108 -60.91 117.19 -11.24
CA LEU SC 108 -61.98 116.41 -10.62
C LEU SC 108 -63.33 117.08 -10.80
N GLY SC 109 -63.34 118.39 -11.03
CA GLY SC 109 -64.57 119.08 -11.38
C GLY SC 109 -65.08 118.82 -12.79
N GLN SC 110 -64.17 118.48 -13.71
CA GLN SC 110 -64.49 118.46 -15.13
C GLN SC 110 -65.50 117.39 -15.48
N GLN SC 111 -66.22 117.61 -16.59
CA GLN SC 111 -67.20 116.63 -17.03
C GLN SC 111 -66.51 115.40 -17.60
N CYS SC 112 -65.36 115.57 -18.27
CA CYS SC 112 -64.67 114.42 -18.83
C CYS SC 112 -64.12 113.50 -17.76
N VAL SC 113 -63.93 114.01 -16.54
CA VAL SC 113 -63.63 113.15 -15.40
C VAL SC 113 -64.92 112.65 -14.73
N SER SC 114 -65.96 113.48 -14.73
CA SER SC 114 -67.19 113.13 -14.04
C SER SC 114 -67.90 111.95 -14.70
N ASP SC 115 -68.00 111.96 -16.03
CA ASP SC 115 -68.79 110.92 -16.72
C ASP SC 115 -68.29 109.51 -16.44
N PRO SC 116 -67.01 109.17 -16.59
CA PRO SC 116 -66.58 107.80 -16.23
C PRO SC 116 -66.72 107.49 -14.75
N VAL SC 117 -66.34 108.43 -13.88
CA VAL SC 117 -66.44 108.19 -12.44
C VAL SC 117 -67.89 108.06 -12.02
N ASP SC 118 -68.71 109.08 -12.29
CA ASP SC 118 -70.05 109.10 -11.72
C ASP SC 118 -70.96 108.06 -12.36
N SER SC 119 -70.88 107.89 -13.68
CA SER SC 119 -71.86 107.07 -14.39
C SER SC 119 -71.26 105.90 -15.16
N GLY SC 120 -69.94 105.85 -15.34
CA GLY SC 120 -69.33 104.76 -16.07
C GLY SC 120 -69.21 104.97 -17.56
N LEU SC 121 -69.72 106.07 -18.10
CA LEU SC 121 -69.59 106.34 -19.52
C LEU SC 121 -68.17 106.80 -19.83
N ASN SC 122 -67.56 106.22 -20.85
CA ASN SC 122 -66.28 106.71 -21.33
C ASN SC 122 -66.47 107.89 -22.28
N ASN SC 123 -65.42 108.70 -22.40
CA ASN SC 123 -65.47 109.81 -23.34
C ASN SC 123 -65.03 109.36 -24.72
N TYR SC 124 -65.41 110.15 -25.72
CA TYR SC 124 -65.14 109.77 -27.10
C TYR SC 124 -64.66 110.95 -27.95
N MET TC 1 -45.82 121.72 27.39
CA MET TC 1 -46.45 122.98 26.99
C MET TC 1 -47.33 122.77 25.77
N ARG TC 2 -48.20 123.73 25.49
CA ARG TC 2 -49.03 123.70 24.29
C ARG TC 2 -48.24 124.31 23.13
N LEU TC 3 -47.85 123.46 22.18
CA LEU TC 3 -47.00 123.89 21.08
C LEU TC 3 -47.63 125.01 20.27
N THR TC 4 -46.84 126.06 20.05
CA THR TC 4 -47.21 127.18 19.22
C THR TC 4 -46.01 127.51 18.34
N ASP TC 5 -46.29 128.05 17.14
CA ASP TC 5 -45.20 128.46 16.26
C ASP TC 5 -44.26 129.38 17.02
N VAL TC 6 -42.97 129.29 16.73
CA VAL TC 6 -41.94 129.91 17.55
C VAL TC 6 -41.16 130.88 16.68
N ASP TC 7 -40.79 132.02 17.28
CA ASP TC 7 -39.91 132.98 16.61
C ASP TC 7 -38.69 133.22 17.49
N LEU TC 8 -37.52 132.95 16.93
CA LEU TC 8 -36.26 133.00 17.62
C LEU TC 8 -35.49 134.23 17.18
N THR TC 9 -34.93 134.93 18.15
CA THR TC 9 -34.06 136.06 17.86
C THR TC 9 -32.64 135.51 17.76
N VAL TC 10 -32.09 135.54 16.55
CA VAL TC 10 -30.80 134.91 16.24
C VAL TC 10 -29.84 136.02 15.82
N GLY TC 11 -28.99 136.44 16.74
CA GLY TC 11 -28.12 137.57 16.48
C GLY TC 11 -28.95 138.80 16.18
N GLU TC 12 -28.90 139.27 14.93
CA GLU TC 12 -29.66 140.44 14.54
C GLU TC 12 -30.77 140.09 13.56
N GLU TC 13 -31.15 138.83 13.49
CA GLU TC 13 -32.18 138.37 12.56
C GLU TC 13 -33.24 137.66 13.37
N THR TC 14 -34.37 137.36 12.74
CA THR TC 14 -35.43 136.61 13.38
C THR TC 14 -35.79 135.40 12.53
N ARG TC 15 -35.61 134.22 13.09
CA ARG TC 15 -36.00 132.96 12.46
C ARG TC 15 -37.42 132.60 12.91
N GLU TC 16 -38.23 132.07 12.00
CA GLU TC 16 -39.64 131.81 12.28
C GLU TC 16 -39.98 130.37 11.92
N TYR TC 17 -40.22 129.56 12.94
CA TYR TC 17 -40.52 128.14 12.77
C TYR TC 17 -41.98 127.88 13.02
N ALA TC 18 -42.51 126.90 12.30
CA ALA TC 18 -43.89 126.43 12.41
C ALA TC 18 -43.91 124.97 12.82
N VAL TC 19 -44.88 124.60 13.66
CA VAL TC 19 -45.03 123.23 14.10
C VAL TC 19 -45.31 122.35 12.89
N SER TC 20 -44.49 121.29 12.74
CA SER TC 20 -44.64 120.36 11.62
C SER TC 20 -45.09 118.97 12.02
N GLU TC 21 -44.76 118.50 13.22
CA GLU TC 21 -45.45 117.31 13.71
C GLU TC 21 -45.34 117.21 15.22
N GLN TC 22 -46.35 116.59 15.83
CA GLN TC 22 -46.39 116.35 17.27
C GLN TC 22 -46.82 114.90 17.49
N GLN TC 23 -45.94 114.12 18.10
CA GLN TC 23 -46.25 112.76 18.49
C GLN TC 23 -46.37 112.71 20.01
N GLY TC 24 -46.30 111.51 20.57
CA GLY TC 24 -46.37 111.37 22.01
C GLY TC 24 -45.22 112.08 22.67
N THR TC 25 -43.99 111.64 22.35
CA THR TC 25 -42.78 112.14 22.99
C THR TC 25 -41.89 112.91 22.01
N LEU TC 26 -42.37 113.17 20.81
CA LEU TC 26 -41.57 113.79 19.75
C LEU TC 26 -42.32 114.96 19.14
N PHE TC 27 -41.57 116.01 18.78
CA PHE TC 27 -42.12 117.12 18.02
C PHE TC 27 -41.09 117.62 17.02
N ARG TC 28 -41.59 118.37 16.05
CA ARG TC 28 -40.75 118.86 14.95
C ARG TC 28 -41.30 120.19 14.45
N PHE TC 29 -40.44 121.20 14.43
CA PHE TC 29 -40.66 122.51 13.84
C PHE TC 29 -39.91 122.62 12.52
N VAL TC 30 -40.33 123.59 11.72
CA VAL TC 30 -39.82 123.77 10.36
C VAL TC 30 -39.69 125.26 10.07
N ASP TC 31 -38.57 125.64 9.45
CA ASP TC 31 -38.34 127.06 9.11
C ASP TC 31 -39.37 127.54 8.10
N LYS TC 32 -40.17 128.53 8.50
CA LYS TC 32 -41.24 129.02 7.63
C LYS TC 32 -40.69 129.58 6.32
N SER TC 33 -39.47 130.12 6.36
CA SER TC 33 -38.84 130.77 5.21
C SER TC 33 -38.42 129.77 4.14
N GLY TC 34 -38.74 128.49 4.28
CA GLY TC 34 -38.31 127.50 3.31
C GLY TC 34 -39.20 127.50 2.08
N THR TC 35 -38.55 127.44 0.91
CA THR TC 35 -39.28 127.37 -0.36
C THR TC 35 -39.42 125.95 -0.86
N VAL TC 36 -38.41 125.12 -0.64
CA VAL TC 36 -38.41 123.73 -1.07
C VAL TC 36 -38.13 122.87 0.16
N ALA TC 37 -38.47 121.59 0.06
CA ALA TC 37 -38.16 120.65 1.13
C ALA TC 37 -36.67 120.68 1.47
N ASN TC 38 -35.80 120.58 0.45
CA ASN TC 38 -34.36 120.61 0.69
C ASN TC 38 -33.89 121.99 1.13
N ASN TC 39 -34.55 123.04 0.67
CA ASN TC 39 -34.25 124.39 1.13
C ASN TC 39 -34.51 124.55 2.63
N THR TC 40 -35.44 123.76 3.17
CA THR TC 40 -36.06 124.05 4.46
C THR TC 40 -35.29 123.50 5.63
N GLY TC 41 -34.92 124.38 6.57
CA GLY TC 41 -34.33 123.94 7.82
C GLY TC 41 -35.36 123.37 8.76
N VAL TC 42 -34.91 122.52 9.68
CA VAL TC 42 -35.82 121.83 10.58
C VAL TC 42 -35.20 121.68 11.97
N PHE TC 43 -36.07 121.45 12.94
CA PHE TC 43 -35.65 121.22 14.32
C PHE TC 43 -36.57 120.19 14.95
N SER TC 44 -35.99 119.17 15.55
CA SER TC 44 -36.77 118.07 16.10
C SER TC 44 -36.26 117.73 17.49
N LEU TC 45 -37.18 117.28 18.35
CA LEU TC 45 -36.84 116.90 19.72
C LEU TC 45 -37.66 115.68 20.12
N GLU TC 46 -37.03 114.78 20.86
CA GLU TC 46 -37.65 113.53 21.29
C GLU TC 46 -37.14 113.17 22.68
N GLN TC 47 -38.06 112.78 23.56
CA GLN TC 47 -37.68 112.29 24.88
C GLN TC 47 -37.92 110.79 24.95
N ARG TC 48 -36.95 110.08 25.54
CA ARG TC 48 -36.99 108.64 25.75
C ARG TC 48 -36.87 108.44 27.25
N PHE TC 49 -38.00 108.21 27.90
CA PHE TC 49 -38.07 107.94 29.33
C PHE TC 49 -37.77 106.47 29.56
N GLY TC 50 -36.76 106.18 30.38
CA GLY TC 50 -36.36 104.81 30.63
C GLY TC 50 -37.06 104.18 31.81
N ALA TC 51 -36.59 102.98 32.18
CA ALA TC 51 -37.05 102.36 33.42
C ALA TC 51 -36.50 103.14 34.62
N ALA TC 52 -36.89 102.71 35.82
CA ALA TC 52 -36.49 103.45 37.02
C ALA TC 52 -34.99 103.37 37.27
N ASN TC 53 -34.33 102.31 36.79
CA ASN TC 53 -32.89 102.23 36.88
C ASN TC 53 -32.18 102.98 35.77
N SER TC 54 -32.92 103.42 34.75
CA SER TC 54 -32.34 104.13 33.62
C SER TC 54 -32.40 105.63 33.83
N ASN TC 55 -31.69 106.34 32.97
CA ASN TC 55 -31.78 107.79 32.88
C ASN TC 55 -32.68 108.14 31.71
N ARG TC 56 -33.54 109.15 31.89
CA ARG TC 56 -34.28 109.62 30.73
C ARG TC 56 -33.33 110.41 29.84
N LYS TC 57 -33.57 110.34 28.53
CA LYS TC 57 -32.72 110.98 27.55
C LYS TC 57 -33.57 111.89 26.66
N VAL TC 58 -33.10 113.11 26.42
CA VAL TC 58 -33.76 114.02 25.52
C VAL TC 58 -32.79 114.38 24.41
N THR TC 59 -33.23 114.25 23.16
CA THR TC 59 -32.36 114.49 22.02
C THR TC 59 -33.00 115.53 21.10
N MET TC 60 -32.15 116.38 20.54
CA MET TC 60 -32.57 117.41 19.60
C MET TC 60 -31.65 117.39 18.39
N LEU TC 61 -32.25 117.57 17.23
CA LEU TC 61 -31.53 117.72 15.98
C LEU TC 61 -31.96 119.00 15.28
N LEU TC 62 -30.98 119.83 14.92
CA LEU TC 62 -31.17 121.07 14.19
C LEU TC 62 -30.45 120.93 12.86
N THR TC 63 -31.19 121.09 11.76
CA THR TC 63 -30.64 120.95 10.41
C THR TC 63 -30.83 122.25 9.65
N ASP TC 64 -29.73 122.80 9.14
CA ASP TC 64 -29.74 124.08 8.40
C ASP TC 64 -29.08 123.89 7.04
N PRO TC 65 -29.85 123.62 6.00
CA PRO TC 65 -29.28 123.53 4.66
C PRO TC 65 -29.11 124.89 4.01
N VAL TC 66 -28.16 124.96 3.08
CA VAL TC 66 -27.83 126.17 2.32
C VAL TC 66 -27.55 125.77 0.88
N VAL TC 67 -27.82 126.68 -0.05
CA VAL TC 67 -27.58 126.43 -1.47
C VAL TC 67 -26.21 126.97 -1.87
N VAL TC 68 -25.40 126.11 -2.49
CA VAL TC 68 -24.08 126.48 -2.98
C VAL TC 68 -23.99 126.23 -4.48
N MET TC 76 -26.26 122.92 -5.95
CA MET TC 76 -26.24 121.92 -4.88
C MET TC 76 -26.62 122.54 -3.52
N THR TC 77 -27.32 121.76 -2.69
CA THR TC 77 -27.68 122.16 -1.33
C THR TC 77 -26.95 121.29 -0.32
N ILE TC 78 -26.31 121.95 0.66
CA ILE TC 78 -25.43 121.32 1.63
C ILE TC 78 -26.07 121.51 3.01
N LYS TC 79 -26.10 120.43 3.79
CA LYS TC 79 -26.76 120.42 5.09
C LYS TC 79 -25.75 120.30 6.22
N ALA TC 80 -25.93 121.11 7.27
CA ALA TC 80 -25.13 121.05 8.49
C ALA TC 80 -26.04 120.78 9.68
N ASN TC 81 -25.54 119.96 10.61
CA ASN TC 81 -26.36 119.47 11.71
C ASN TC 81 -25.76 119.85 13.05
N ALA TC 82 -26.62 120.22 13.99
CA ALA TC 82 -26.26 120.28 15.39
C ALA TC 82 -27.17 119.32 16.15
N SER TC 83 -26.59 118.55 17.06
CA SER TC 83 -27.39 117.58 17.81
C SER TC 83 -27.01 117.68 19.28
N VAL TC 84 -28.03 117.87 20.13
CA VAL TC 84 -27.84 117.96 21.57
C VAL TC 84 -28.52 116.75 22.20
N THR TC 85 -27.92 116.23 23.27
CA THR TC 85 -28.49 115.10 24.00
C THR TC 85 -28.27 115.32 25.50
N PHE TC 86 -29.36 115.32 26.25
CA PHE TC 86 -29.35 115.47 27.70
C PHE TC 86 -29.62 114.10 28.31
N SER TC 87 -28.65 113.58 29.06
CA SER TC 87 -28.82 112.37 29.84
C SER TC 87 -29.04 112.76 31.29
N LEU TC 88 -30.25 112.51 31.78
CA LEU TC 88 -30.71 113.01 33.07
C LEU TC 88 -31.18 111.85 33.92
N PRO TC 89 -30.47 111.53 35.00
CA PRO TC 89 -30.97 110.53 35.95
C PRO TC 89 -32.20 111.03 36.67
N LYS TC 90 -33.09 110.10 37.03
CA LYS TC 90 -34.36 110.50 37.59
C LYS TC 90 -34.20 111.13 38.98
N THR TC 91 -33.30 110.57 39.80
CA THR TC 91 -33.05 111.13 41.13
C THR TC 91 -32.44 112.53 41.07
N TYR TC 92 -31.89 112.93 39.93
CA TYR TC 92 -31.26 114.24 39.79
C TYR TC 92 -32.31 115.34 39.85
N PRO TC 93 -32.07 116.45 40.56
CA PRO TC 93 -33.14 117.43 40.81
C PRO TC 93 -33.40 118.37 39.64
N ASN TC 94 -34.69 118.62 39.41
CA ASN TC 94 -35.12 119.43 38.28
C ASN TC 94 -34.47 120.80 38.29
N GLU TC 95 -34.24 121.38 39.47
CA GLU TC 95 -33.59 122.68 39.54
C GLU TC 95 -32.20 122.64 38.93
N HIS TC 96 -31.38 121.68 39.35
CA HIS TC 96 -30.04 121.55 38.77
C HIS TC 96 -30.06 121.19 37.29
N ILE TC 97 -31.13 120.56 36.80
CA ILE TC 97 -31.26 120.36 35.36
C ILE TC 97 -31.43 121.70 34.64
N THR TC 98 -32.34 122.55 35.14
CA THR TC 98 -32.49 123.89 34.54
C THR TC 98 -31.15 124.60 34.53
N LYS TC 99 -30.40 124.49 35.63
CA LYS TC 99 -29.05 125.05 35.69
C LYS TC 99 -28.17 124.51 34.55
N LEU TC 100 -28.13 123.19 34.40
CA LEU TC 100 -27.31 122.59 33.36
C LEU TC 100 -27.63 123.16 31.98
N ARG TC 101 -28.92 123.21 31.64
CA ARG TC 101 -29.32 123.73 30.33
C ARG TC 101 -28.83 125.17 30.15
N GLN TC 102 -29.03 126.01 31.17
CA GLN TC 102 -28.62 127.41 31.03
C GLN TC 102 -27.12 127.55 30.85
N THR TC 103 -26.34 126.76 31.59
CA THR TC 103 -24.88 126.84 31.43
C THR TC 103 -24.43 126.34 30.08
N LEU TC 104 -25.14 125.37 29.49
CA LEU TC 104 -24.80 124.96 28.13
C LEU TC 104 -25.04 126.11 27.16
N ILE TC 105 -26.16 126.83 27.32
CA ILE TC 105 -26.39 128.02 26.50
C ILE TC 105 -25.23 129.00 26.63
N ALA TC 106 -24.84 129.29 27.88
CA ALA TC 106 -23.75 130.22 28.13
C ALA TC 106 -22.46 129.76 27.45
N TRP TC 107 -22.16 128.47 27.54
CA TRP TC 107 -20.96 127.94 26.92
C TRP TC 107 -20.99 128.12 25.40
N LEU TC 108 -22.12 127.76 24.78
CA LEU TC 108 -22.27 127.94 23.34
C LEU TC 108 -22.15 129.38 22.92
N GLY TC 109 -22.30 130.32 23.86
CA GLY TC 109 -22.01 131.71 23.58
C GLY TC 109 -20.54 132.07 23.43
N GLN TC 110 -19.65 131.36 24.14
CA GLN TC 110 -18.29 131.81 24.36
C GLN TC 110 -17.42 131.68 23.10
N GLN TC 111 -16.32 132.45 23.09
CA GLN TC 111 -15.42 132.43 21.95
C GLN TC 111 -14.71 131.09 21.83
N CYS TC 112 -14.30 130.50 22.95
CA CYS TC 112 -13.58 129.23 22.90
C CYS TC 112 -14.42 128.14 22.25
N VAL TC 113 -15.74 128.33 22.17
CA VAL TC 113 -16.62 127.42 21.47
C VAL TC 113 -16.92 127.90 20.05
N SER TC 114 -17.11 129.20 19.86
CA SER TC 114 -17.45 129.70 18.53
C SER TC 114 -16.29 129.53 17.56
N ASP TC 115 -15.05 129.78 18.00
CA ASP TC 115 -13.91 129.71 17.11
C ASP TC 115 -13.76 128.33 16.44
N PRO TC 116 -13.81 127.22 17.17
CA PRO TC 116 -13.77 125.92 16.45
C PRO TC 116 -15.04 125.62 15.68
N VAL TC 117 -16.22 125.86 16.26
CA VAL TC 117 -17.47 125.58 15.56
C VAL TC 117 -17.58 126.44 14.31
N ASP TC 118 -17.55 127.77 14.48
CA ASP TC 118 -17.85 128.67 13.37
C ASP TC 118 -16.78 128.56 12.27
N SER TC 119 -15.51 128.76 12.63
CA SER TC 119 -14.46 128.88 11.63
C SER TC 119 -13.41 127.78 11.67
N GLY TC 120 -13.43 126.91 12.68
CA GLY TC 120 -12.46 125.83 12.74
C GLY TC 120 -11.17 126.16 13.46
N LEU TC 121 -11.05 127.33 14.08
CA LEU TC 121 -9.88 127.66 14.86
C LEU TC 121 -9.91 126.89 16.18
N ASN TC 122 -8.87 126.12 16.45
CA ASN TC 122 -8.76 125.52 17.77
C ASN TC 122 -8.17 126.52 18.75
N ASN TC 123 -8.35 126.25 20.03
CA ASN TC 123 -7.83 127.13 21.06
C ASN TC 123 -6.43 126.70 21.45
N TYR TC 124 -5.61 127.69 21.79
CA TYR TC 124 -4.21 127.46 22.05
C TYR TC 124 -3.75 128.28 23.24
N MET UC 1 -62.14 115.06 21.45
CA MET UC 1 -61.91 116.25 22.26
C MET UC 1 -60.49 116.77 22.03
N ARG UC 2 -60.35 118.10 21.98
CA ARG UC 2 -59.04 118.74 21.95
C ARG UC 2 -58.43 118.66 23.34
N LEU UC 3 -57.43 117.81 23.50
CA LEU UC 3 -56.90 117.55 24.84
C LEU UC 3 -56.19 118.78 25.37
N THR UC 4 -56.54 119.16 26.59
CA THR UC 4 -55.83 120.17 27.36
C THR UC 4 -55.80 119.74 28.81
N ASP UC 5 -54.93 120.41 29.58
CA ASP UC 5 -54.81 120.13 31.00
C ASP UC 5 -56.18 120.20 31.67
N VAL UC 6 -56.38 119.40 32.70
CA VAL UC 6 -57.65 119.40 33.41
C VAL UC 6 -57.40 119.51 34.90
N ASP UC 7 -58.42 120.02 35.60
CA ASP UC 7 -58.44 120.09 37.05
C ASP UC 7 -59.69 119.35 37.52
N LEU UC 8 -59.50 118.45 38.48
CA LEU UC 8 -60.56 117.60 38.98
C LEU UC 8 -60.97 118.03 40.39
N THR UC 9 -62.26 118.00 40.64
CA THR UC 9 -62.78 118.26 41.97
C THR UC 9 -62.88 116.93 42.70
N VAL UC 10 -62.11 116.77 43.77
CA VAL UC 10 -61.98 115.49 44.47
C VAL UC 10 -62.38 115.72 45.92
N GLY UC 11 -63.61 115.37 46.27
CA GLY UC 11 -64.10 115.64 47.60
C GLY UC 11 -64.02 117.12 47.89
N GLU UC 12 -63.16 117.51 48.83
CA GLU UC 12 -62.99 118.90 49.21
C GLU UC 12 -61.61 119.43 48.86
N GLU UC 13 -60.96 118.84 47.86
CA GLU UC 13 -59.69 119.33 47.37
C GLU UC 13 -59.75 119.42 45.85
N THR UC 14 -58.77 120.11 45.27
CA THR UC 14 -58.68 120.22 43.82
C THR UC 14 -57.37 119.59 43.35
N ARG UC 15 -57.48 118.71 42.37
CA ARG UC 15 -56.36 117.93 41.85
C ARG UC 15 -56.06 118.44 40.45
N GLU UC 16 -54.80 118.82 40.20
CA GLU UC 16 -54.43 119.45 38.93
C GLU UC 16 -53.56 118.51 38.12
N TYR UC 17 -54.05 118.09 36.96
CA TYR UC 17 -53.26 117.27 36.05
C TYR UC 17 -52.83 118.10 34.85
N ALA UC 18 -51.77 117.63 34.19
CA ALA UC 18 -51.25 118.24 32.98
C ALA UC 18 -50.98 117.16 31.95
N VAL UC 19 -51.25 117.49 30.68
CA VAL UC 19 -51.03 116.52 29.61
C VAL UC 19 -49.55 116.19 29.54
N SER UC 20 -49.24 114.90 29.65
CA SER UC 20 -47.86 114.41 29.55
C SER UC 20 -47.55 113.74 28.21
N GLU UC 21 -48.55 113.15 27.55
CA GLU UC 21 -48.34 112.75 26.15
C GLU UC 21 -49.70 112.50 25.51
N GLN UC 22 -49.75 112.71 24.19
CA GLN UC 22 -50.95 112.41 23.41
C GLN UC 22 -50.54 111.69 22.14
N GLN UC 23 -51.05 110.48 21.96
CA GLN UC 23 -50.88 109.69 20.75
C GLN UC 23 -52.23 109.48 20.09
N GLY UC 24 -52.22 108.69 19.01
CA GLY UC 24 -53.42 108.53 18.22
C GLY UC 24 -54.56 107.92 19.01
N THR UC 25 -54.27 106.83 19.73
CA THR UC 25 -55.26 106.10 20.51
C THR UC 25 -54.97 106.12 21.99
N LEU UC 26 -53.95 106.85 22.43
CA LEU UC 26 -53.50 106.85 23.82
C LEU UC 26 -53.21 108.27 24.27
N PHE UC 27 -53.47 108.53 25.56
CA PHE UC 27 -53.04 109.78 26.18
C PHE UC 27 -52.69 109.55 27.64
N ARG UC 28 -51.91 110.48 28.18
CA ARG UC 28 -51.41 110.38 29.55
C ARG UC 28 -51.33 111.76 30.18
N PHE UC 29 -51.92 111.88 31.37
CA PHE UC 29 -51.84 113.03 32.25
C PHE UC 29 -50.95 112.71 33.45
N VAL UC 30 -50.37 113.76 34.03
CA VAL UC 30 -49.52 113.67 35.22
C VAL UC 30 -49.98 114.70 36.24
N ASP UC 31 -49.98 114.32 37.53
CA ASP UC 31 -50.35 115.24 38.60
C ASP UC 31 -49.32 116.35 38.71
N LYS UC 32 -49.79 117.60 38.63
CA LYS UC 32 -48.89 118.76 38.59
C LYS UC 32 -48.08 118.92 39.87
N SER UC 33 -48.47 118.26 40.96
CA SER UC 33 -47.75 118.36 42.22
C SER UC 33 -46.51 117.49 42.30
N GLY UC 34 -46.06 116.91 41.18
CA GLY UC 34 -45.05 115.89 41.19
C GLY UC 34 -43.79 116.23 40.38
N THR UC 35 -42.78 115.38 40.59
CA THR UC 35 -41.48 115.47 39.92
C THR UC 35 -41.19 114.11 39.28
N VAL UC 36 -40.24 114.09 38.33
CA VAL UC 36 -39.72 112.81 37.88
C VAL UC 36 -39.18 112.02 39.07
N ALA UC 37 -38.49 112.71 39.98
CA ALA UC 37 -37.93 112.04 41.15
C ALA UC 37 -39.02 111.56 42.08
N ASN UC 38 -39.94 112.44 42.45
CA ASN UC 38 -41.05 112.08 43.33
C ASN UC 38 -42.36 112.27 42.58
N ASN UC 39 -42.88 111.20 42.00
CA ASN UC 39 -44.14 111.26 41.30
C ASN UC 39 -45.31 111.13 42.25
N THR UC 40 -46.41 111.78 41.91
CA THR UC 40 -47.56 111.88 42.79
C THR UC 40 -48.84 111.34 42.18
N GLY UC 41 -48.89 111.12 40.87
CA GLY UC 41 -50.09 110.60 40.25
C GLY UC 41 -49.98 110.58 38.75
N VAL UC 42 -50.54 109.56 38.12
CA VAL UC 42 -50.58 109.47 36.66
C VAL UC 42 -51.92 108.89 36.26
N PHE UC 43 -52.40 109.31 35.09
CA PHE UC 43 -53.60 108.75 34.50
C PHE UC 43 -53.34 108.51 33.03
N SER UC 44 -53.76 107.35 32.53
CA SER UC 44 -53.53 107.01 31.14
C SER UC 44 -54.76 106.30 30.59
N LEU UC 45 -55.04 106.52 29.30
CA LEU UC 45 -56.19 105.91 28.64
C LEU UC 45 -55.82 105.53 27.22
N GLU UC 46 -56.29 104.36 26.79
CA GLU UC 46 -56.02 103.85 25.45
C GLU UC 46 -57.27 103.17 24.91
N GLN UC 47 -57.56 103.39 23.64
CA GLN UC 47 -58.63 102.67 22.96
C GLN UC 47 -58.04 101.73 21.92
N ARG UC 48 -58.41 100.47 22.00
CA ARG UC 48 -58.16 99.49 20.95
C ARG UC 48 -59.49 99.28 20.23
N PHE UC 49 -59.67 100.02 19.14
CA PHE UC 49 -60.81 99.81 18.27
C PHE UC 49 -60.63 98.47 17.57
N GLY UC 50 -61.52 97.53 17.84
CA GLY UC 50 -61.32 96.17 17.40
C GLY UC 50 -61.63 95.96 15.92
N ALA UC 51 -61.36 94.74 15.47
CA ALA UC 51 -61.79 94.32 14.15
C ALA UC 51 -63.31 94.43 14.02
N ALA UC 52 -63.79 94.40 12.78
CA ALA UC 52 -65.21 94.65 12.53
C ALA UC 52 -66.11 93.64 13.24
N ASN UC 53 -65.59 92.45 13.54
CA ASN UC 53 -66.36 91.46 14.28
C ASN UC 53 -66.27 91.65 15.78
N SER UC 54 -65.15 92.17 16.28
CA SER UC 54 -64.89 92.25 17.71
C SER UC 54 -65.46 93.52 18.32
N ASN UC 55 -65.51 93.54 19.64
CA ASN UC 55 -65.83 94.74 20.40
C ASN UC 55 -64.63 95.66 20.47
N ARG UC 56 -64.89 96.95 20.65
CA ARG UC 56 -63.79 97.86 20.92
C ARG UC 56 -63.60 97.95 22.42
N LYS UC 57 -62.35 98.17 22.82
CA LYS UC 57 -61.98 98.20 24.23
C LYS UC 57 -61.38 99.56 24.55
N VAL UC 58 -61.75 100.09 25.71
CA VAL UC 58 -61.13 101.30 26.23
C VAL UC 58 -60.62 100.99 27.64
N THR UC 59 -59.35 101.29 27.88
CA THR UC 59 -58.75 100.97 29.16
C THR UC 59 -58.12 102.22 29.77
N MET UC 60 -58.26 102.34 31.08
CA MET UC 60 -57.72 103.44 31.86
C MET UC 60 -56.95 102.89 33.05
N LEU UC 61 -55.83 103.54 33.34
CA LEU UC 61 -55.02 103.23 34.51
C LEU UC 61 -54.76 104.52 35.29
N LEU UC 62 -55.13 104.52 36.55
CA LEU UC 62 -54.87 105.61 37.49
C LEU UC 62 -53.91 105.07 38.55
N THR UC 63 -52.78 105.75 38.71
CA THR UC 63 -51.77 105.33 39.67
C THR UC 63 -51.47 106.47 40.63
N ASP UC 64 -51.62 106.20 41.93
CA ASP UC 64 -51.31 107.17 42.98
C ASP UC 64 -50.21 106.57 43.85
N PRO UC 65 -49.00 107.10 43.76
CA PRO UC 65 -47.94 106.68 44.66
C PRO UC 65 -47.83 107.59 45.87
N VAL UC 66 -47.46 106.99 47.00
CA VAL UC 66 -47.31 107.66 48.28
C VAL UC 66 -46.01 107.18 48.92
N VAL UC 67 -45.34 108.09 49.61
CA VAL UC 67 -44.16 107.73 50.40
C VAL UC 67 -44.61 107.26 51.77
N VAL UC 68 -43.97 106.20 52.25
CA VAL UC 68 -44.29 105.59 53.53
C VAL UC 68 -42.98 105.23 54.23
N LYS UC 69 -42.89 105.53 55.50
CA LYS UC 69 -41.72 105.13 56.28
C LYS UC 69 -41.72 103.61 56.44
N ASP UC 70 -40.53 103.03 56.45
CA ASP UC 70 -40.36 101.59 56.58
C ASP UC 70 -40.16 101.21 58.05
N ALA UC 71 -40.30 99.92 58.34
CA ALA UC 71 -39.95 99.43 59.66
C ALA UC 71 -38.49 99.72 59.98
N SER UC 72 -37.63 99.68 58.97
CA SER UC 72 -36.24 100.08 59.11
C SER UC 72 -36.05 101.59 59.17
N GLY UC 73 -37.13 102.36 59.02
CA GLY UC 73 -37.05 103.80 58.94
C GLY UC 73 -36.86 104.36 57.55
N ALA UC 74 -36.27 103.57 56.64
CA ALA UC 74 -36.02 104.02 55.28
C ALA UC 74 -37.31 104.48 54.61
N ASP UC 75 -37.18 105.45 53.72
CA ASP UC 75 -38.34 105.95 52.98
C ASP UC 75 -38.60 105.05 51.77
N MET UC 76 -39.87 104.68 51.57
CA MET UC 76 -40.26 103.68 50.60
C MET UC 76 -41.48 104.19 49.83
N THR UC 77 -41.40 104.19 48.51
CA THR UC 77 -42.50 104.68 47.68
C THR UC 77 -43.37 103.51 47.26
N ILE UC 78 -44.69 103.65 47.47
CA ILE UC 78 -45.66 102.58 47.29
C ILE UC 78 -46.76 103.09 46.36
N LYS UC 79 -47.13 102.28 45.38
CA LYS UC 79 -48.15 102.67 44.40
C LYS UC 79 -49.43 101.89 44.64
N ALA UC 80 -50.56 102.57 44.49
CA ALA UC 80 -51.89 101.95 44.43
C ALA UC 80 -52.50 102.22 43.07
N ASN UC 81 -53.14 101.21 42.49
CA ASN UC 81 -53.61 101.32 41.13
C ASN UC 81 -55.11 101.09 41.05
N ALA UC 82 -55.74 101.81 40.12
CA ALA UC 82 -57.12 101.54 39.74
C ALA UC 82 -57.14 101.42 38.21
N SER UC 83 -57.82 100.41 37.71
CA SER UC 83 -57.88 100.19 36.26
C SER UC 83 -59.32 99.93 35.86
N VAL UC 84 -59.77 100.65 34.84
CA VAL UC 84 -61.13 100.51 34.31
C VAL UC 84 -61.02 100.06 32.87
N THR UC 85 -61.93 99.16 32.46
CA THR UC 85 -61.96 98.68 31.08
C THR UC 85 -63.41 98.59 30.62
N PHE UC 86 -63.70 99.27 29.51
CA PHE UC 86 -65.00 99.25 28.86
C PHE UC 86 -64.90 98.35 27.63
N SER UC 87 -65.68 97.28 27.62
CA SER UC 87 -65.84 96.44 26.44
C SER UC 87 -67.17 96.82 25.81
N LEU UC 88 -67.11 97.43 24.64
CA LEU UC 88 -68.28 98.00 23.97
C LEU UC 88 -68.41 97.39 22.59
N PRO UC 89 -69.43 96.57 22.36
CA PRO UC 89 -69.69 96.05 21.02
C PRO UC 89 -70.11 97.16 20.07
N LYS UC 90 -69.82 96.96 18.78
CA LYS UC 90 -70.10 98.00 17.81
C LYS UC 90 -71.60 98.27 17.72
N THR UC 91 -72.42 97.23 17.69
CA THR UC 91 -73.87 97.39 17.53
C THR UC 91 -74.52 98.04 18.75
N TYR UC 92 -73.81 98.13 19.87
CA TYR UC 92 -74.36 98.74 21.07
C TYR UC 92 -74.50 100.25 20.87
N PRO UC 93 -75.63 100.87 21.24
CA PRO UC 93 -75.83 102.28 20.93
C PRO UC 93 -75.09 103.24 21.86
N ASN UC 94 -74.54 104.30 21.26
CA ASN UC 94 -73.76 105.28 22.02
C ASN UC 94 -74.51 105.81 23.22
N GLU UC 95 -75.83 105.94 23.11
CA GLU UC 95 -76.65 106.42 24.21
C GLU UC 95 -76.52 105.52 25.44
N HIS UC 96 -76.80 104.22 25.27
CA HIS UC 96 -76.68 103.29 26.39
C HIS UC 96 -75.25 103.15 26.88
N ILE UC 97 -74.25 103.44 26.03
CA ILE UC 97 -72.87 103.50 26.53
C ILE UC 97 -72.71 104.63 27.56
N THR UC 98 -73.16 105.84 27.21
CA THR UC 98 -73.06 106.94 28.18
C THR UC 98 -73.81 106.58 29.46
N LYS UC 99 -74.97 105.91 29.32
CA LYS UC 99 -75.69 105.42 30.49
C LYS UC 99 -74.82 104.52 31.35
N LEU UC 100 -74.14 103.56 30.72
CA LEU UC 100 -73.26 102.64 31.45
C LEU UC 100 -72.18 103.41 32.22
N ARG UC 101 -71.52 104.35 31.54
CA ARG UC 101 -70.44 105.10 32.20
C ARG UC 101 -70.97 105.86 33.42
N GLN UC 102 -72.13 106.51 33.27
CA GLN UC 102 -72.66 107.29 34.38
C GLN UC 102 -73.08 106.40 35.54
N THR UC 103 -73.71 105.25 35.26
CA THR UC 103 -74.05 104.33 36.35
C THR UC 103 -72.80 103.82 37.06
N LEU UC 104 -71.70 103.65 36.33
CA LEU UC 104 -70.46 103.23 36.98
C LEU UC 104 -69.95 104.31 37.93
N ILE UC 105 -70.00 105.58 37.50
CA ILE UC 105 -69.64 106.66 38.41
C ILE UC 105 -70.50 106.62 39.66
N ALA UC 106 -71.81 106.47 39.48
CA ALA UC 106 -72.73 106.41 40.61
C ALA UC 106 -72.35 105.29 41.56
N TRP UC 107 -72.11 104.11 41.02
CA TRP UC 107 -71.73 102.97 41.85
C TRP UC 107 -70.45 103.24 42.63
N LEU UC 108 -69.44 103.80 41.95
CA LEU UC 108 -68.18 104.10 42.60
C LEU UC 108 -68.34 105.08 43.74
N GLY UC 109 -69.39 105.90 43.71
CA GLY UC 109 -69.70 106.78 44.82
C GLY UC 109 -70.31 106.10 46.04
N GLN UC 110 -70.95 104.95 45.83
CA GLN UC 110 -71.77 104.32 46.85
C GLN UC 110 -70.92 103.79 48.00
N GLN UC 111 -71.57 103.65 49.17
CA GLN UC 111 -70.84 103.16 50.33
C GLN UC 111 -70.56 101.66 50.22
N CYS UC 112 -71.47 100.89 49.60
CA CYS UC 112 -71.21 99.46 49.45
C CYS UC 112 -69.98 99.20 48.58
N VAL UC 113 -69.58 100.17 47.78
CA VAL UC 113 -68.36 100.07 46.99
C VAL UC 113 -67.17 100.69 47.72
N SER UC 114 -67.39 101.83 48.40
CA SER UC 114 -66.28 102.51 49.05
C SER UC 114 -65.75 101.74 50.25
N ASP UC 115 -66.65 101.15 51.05
CA ASP UC 115 -66.21 100.45 52.26
C ASP UC 115 -65.21 99.34 51.97
N PRO UC 116 -65.43 98.42 51.02
CA PRO UC 116 -64.39 97.43 50.73
C PRO UC 116 -63.17 98.02 50.05
N VAL UC 117 -63.36 98.95 49.11
CA VAL UC 117 -62.22 99.57 48.43
C VAL UC 117 -61.38 100.38 49.41
N ASP UC 118 -62.02 101.30 50.14
CA ASP UC 118 -61.27 102.24 50.95
C ASP UC 118 -60.68 101.56 52.19
N SER UC 119 -61.49 100.77 52.90
CA SER UC 119 -61.10 100.27 54.22
C SER UC 119 -60.91 98.76 54.29
N GLY UC 120 -61.21 98.04 53.21
CA GLY UC 120 -61.04 96.59 53.23
C GLY UC 120 -62.09 95.83 53.98
N LEU UC 121 -63.19 96.47 54.38
CA LEU UC 121 -64.28 95.79 55.06
C LEU UC 121 -65.30 95.31 54.02
N ASN UC 122 -65.71 94.05 54.14
CA ASN UC 122 -66.73 93.54 53.24
C ASN UC 122 -68.12 93.91 53.72
N ASN UC 123 -69.08 93.77 52.83
CA ASN UC 123 -70.46 94.09 53.16
C ASN UC 123 -71.17 92.87 53.72
N TYR UC 124 -72.31 93.12 54.34
CA TYR UC 124 -73.09 92.06 55.01
C TYR UC 124 -74.61 92.34 55.01
N MET VC 1 -107.82 20.79 73.28
CA MET VC 1 -109.20 20.34 73.45
C MET VC 1 -109.34 18.84 73.16
N ARG VC 2 -110.10 18.14 74.00
CA ARG VC 2 -110.43 16.75 73.71
C ARG VC 2 -111.30 16.68 72.45
N LEU VC 3 -110.76 16.07 71.41
CA LEU VC 3 -111.42 16.08 70.11
C LEU VC 3 -112.75 15.33 70.17
N THR VC 4 -113.73 15.85 69.45
CA THR VC 4 -115.01 15.20 69.27
C THR VC 4 -115.47 15.48 67.84
N ASP VC 5 -116.34 14.61 67.34
CA ASP VC 5 -116.94 14.85 66.03
C ASP VC 5 -117.53 16.26 66.01
N VAL VC 6 -117.55 16.87 64.83
CA VAL VC 6 -117.86 18.28 64.71
C VAL VC 6 -119.02 18.45 63.74
N ASP VC 7 -119.95 19.32 64.09
CA ASP VC 7 -121.06 19.67 63.20
C ASP VC 7 -120.99 21.16 62.95
N LEU VC 8 -120.87 21.53 61.68
CA LEU VC 8 -120.71 22.90 61.24
C LEU VC 8 -121.99 23.38 60.58
N THR VC 9 -122.39 24.61 60.88
CA THR VC 9 -123.49 25.24 60.17
C THR VC 9 -122.90 26.03 59.01
N VAL VC 10 -123.28 25.67 57.79
CA VAL VC 10 -122.68 26.21 56.58
C VAL VC 10 -123.78 26.82 55.74
N GLY VC 11 -123.86 28.15 55.73
CA GLY VC 11 -124.94 28.81 55.03
C GLY VC 11 -126.27 28.34 55.57
N GLU VC 12 -127.01 27.59 54.77
CA GLU VC 12 -128.32 27.11 55.18
C GLU VC 12 -128.37 25.59 55.24
N GLU VC 13 -127.21 24.95 55.34
CA GLU VC 13 -127.11 23.50 55.45
C GLU VC 13 -126.26 23.18 56.68
N THR VC 14 -126.25 21.92 57.09
CA THR VC 14 -125.41 21.47 58.19
C THR VC 14 -124.50 20.36 57.70
N ARG VC 15 -123.20 20.52 57.96
CA ARG VC 15 -122.17 19.61 57.51
C ARG VC 15 -121.58 18.89 58.72
N GLU VC 16 -121.48 17.56 58.63
CA GLU VC 16 -121.05 16.75 59.77
C GLU VC 16 -119.73 16.07 59.45
N TYR VC 17 -118.73 16.31 60.29
CA TYR VC 17 -117.41 15.74 60.19
C TYR VC 17 -117.15 14.81 61.38
N ALA VC 18 -116.32 13.80 61.13
CA ALA VC 18 -115.91 12.85 62.15
C ALA VC 18 -114.39 12.77 62.21
N VAL VC 19 -113.88 12.56 63.43
CA VAL VC 19 -112.43 12.48 63.64
C VAL VC 19 -111.89 11.27 62.90
N SER VC 20 -110.87 11.49 62.06
CA SER VC 20 -110.20 10.42 61.33
C SER VC 20 -108.84 10.05 61.90
N GLU VC 21 -108.03 11.03 62.33
CA GLU VC 21 -106.83 10.67 63.07
C GLU VC 21 -106.37 11.87 63.89
N GLN VC 22 -105.67 11.58 64.99
CA GLN VC 22 -105.12 12.62 65.86
C GLN VC 22 -103.71 12.22 66.25
N GLN VC 23 -102.75 13.09 65.96
CA GLN VC 23 -101.37 12.95 66.37
C GLN VC 23 -101.06 14.03 67.39
N GLY VC 24 -99.78 14.11 67.77
CA GLY VC 24 -99.39 15.08 68.78
C GLY VC 24 -99.69 16.50 68.37
N THR VC 25 -99.33 16.85 67.13
CA THR VC 25 -99.51 18.20 66.61
C THR VC 25 -100.34 18.21 65.32
N LEU VC 26 -101.07 17.15 65.03
CA LEU VC 26 -101.83 17.06 63.79
C LEU VC 26 -103.15 16.34 64.05
N PHE VC 27 -104.20 16.76 63.35
CA PHE VC 27 -105.46 16.02 63.35
C PHE VC 27 -106.14 16.16 61.99
N ARG VC 28 -107.07 15.22 61.76
CA ARG VC 28 -107.79 15.14 60.50
C ARG VC 28 -109.21 14.65 60.75
N PHE VC 29 -110.16 15.41 60.20
CA PHE VC 29 -111.58 15.09 60.12
C PHE VC 29 -111.96 14.71 58.69
N VAL VC 30 -113.00 13.89 58.59
CA VAL VC 30 -113.59 13.48 57.31
C VAL VC 30 -115.08 13.81 57.32
N ASP VC 31 -115.58 14.25 56.16
CA ASP VC 31 -117.02 14.52 56.01
C ASP VC 31 -117.80 13.21 56.08
N LYS VC 32 -118.76 13.14 57.00
CA LYS VC 32 -119.56 11.93 57.19
C LYS VC 32 -120.39 11.57 55.96
N SER VC 33 -120.50 12.48 54.98
CA SER VC 33 -121.22 12.20 53.75
C SER VC 33 -120.56 11.12 52.90
N GLY VC 34 -119.29 10.80 53.18
CA GLY VC 34 -118.47 10.03 52.27
C GLY VC 34 -117.97 8.71 52.82
N THR VC 35 -117.41 7.92 51.91
CA THR VC 35 -116.81 6.61 52.16
C THR VC 35 -115.31 6.72 51.98
N VAL VC 36 -114.58 5.72 52.50
CA VAL VC 36 -113.21 5.48 52.04
C VAL VC 36 -113.17 5.50 50.52
N ALA VC 37 -114.10 4.76 49.88
CA ALA VC 37 -114.15 4.70 48.43
C ALA VC 37 -114.42 6.07 47.82
N ASN VC 38 -115.56 6.65 48.13
CA ASN VC 38 -115.94 7.96 47.61
C ASN VC 38 -115.90 8.97 48.74
N ASN VC 39 -115.01 9.95 48.64
CA ASN VC 39 -114.81 10.96 49.67
C ASN VC 39 -115.53 12.25 49.31
N THR VC 40 -116.18 12.86 50.31
CA THR VC 40 -116.90 14.10 50.11
C THR VC 40 -116.20 15.32 50.70
N GLY VC 41 -115.25 15.14 51.60
CA GLY VC 41 -114.57 16.28 52.20
C GLY VC 41 -113.55 15.89 53.25
N VAL VC 42 -112.48 16.67 53.37
CA VAL VC 42 -111.44 16.39 54.37
C VAL VC 42 -110.95 17.71 54.95
N PHE VC 43 -110.60 17.67 56.24
CA PHE VC 43 -110.01 18.81 56.90
C PHE VC 43 -108.83 18.32 57.74
N SER VC 44 -107.71 19.04 57.65
CA SER VC 44 -106.51 18.67 58.38
C SER VC 44 -105.87 19.92 58.95
N LEU VC 45 -105.28 19.78 60.15
CA LEU VC 45 -104.62 20.89 60.83
C LEU VC 45 -103.36 20.39 61.50
N GLU VC 46 -102.25 21.15 61.36
CA GLU VC 46 -100.97 20.80 61.96
C GLU VC 46 -100.28 22.05 62.50
N GLN VC 47 -99.69 21.93 63.69
CA GLN VC 47 -98.91 23.01 64.28
C GLN VC 47 -97.44 22.64 64.32
N ARG VC 48 -96.59 23.62 64.01
CA ARG VC 48 -95.14 23.47 63.99
C ARG VC 48 -94.57 24.56 64.90
N PHE VC 49 -94.21 24.16 66.11
CA PHE VC 49 -93.57 25.02 67.10
C PHE VC 49 -92.08 25.09 66.77
N GLY VC 50 -91.60 26.26 66.38
CA GLY VC 50 -90.20 26.44 66.02
C GLY VC 50 -89.32 26.69 67.23
N ALA VC 51 -88.09 27.11 66.95
CA ALA VC 51 -87.22 27.56 68.03
C ALA VC 51 -87.69 28.90 68.59
N ALA VC 52 -87.07 29.31 69.71
CA ALA VC 52 -87.51 30.53 70.38
C ALA VC 52 -87.31 31.78 69.52
N ASN VC 53 -86.41 31.73 68.54
CA ASN VC 53 -86.29 32.81 67.57
C ASN VC 53 -87.25 32.65 66.40
N SER VC 54 -87.86 31.48 66.24
CA SER VC 54 -88.76 31.20 65.12
C SER VC 54 -90.20 31.44 65.53
N ASN VC 55 -91.01 31.82 64.54
CA ASN VC 55 -92.44 31.91 64.75
C ASN VC 55 -93.05 30.51 64.69
N ARG VC 56 -93.97 30.22 65.60
CA ARG VC 56 -94.72 28.98 65.45
C ARG VC 56 -95.71 29.15 64.30
N LYS VC 57 -96.01 28.04 63.64
CA LYS VC 57 -96.83 28.08 62.44
C LYS VC 57 -97.95 27.06 62.56
N VAL VC 58 -99.10 27.40 62.00
CA VAL VC 58 -100.28 26.55 62.09
C VAL VC 58 -100.93 26.50 60.71
N THR VC 59 -101.10 25.30 60.16
CA THR VC 59 -101.59 25.19 58.79
C THR VC 59 -102.80 24.26 58.70
N MET VC 60 -103.77 24.69 57.91
CA MET VC 60 -105.02 23.99 57.69
C MET VC 60 -105.20 23.73 56.20
N LEU VC 61 -105.70 22.54 55.88
CA LEU VC 61 -106.09 22.18 54.52
C LEU VC 61 -107.51 21.64 54.52
N LEU VC 62 -108.37 22.27 53.73
CA LEU VC 62 -109.75 21.87 53.53
C LEU VC 62 -109.89 21.46 52.07
N THR VC 63 -110.29 20.21 51.84
CA THR VC 63 -110.44 19.67 50.50
C THR VC 63 -111.88 19.24 50.28
N ASP VC 64 -112.48 19.75 49.19
CA ASP VC 64 -113.85 19.40 48.79
C ASP VC 64 -113.83 18.82 47.40
N PRO VC 65 -113.99 17.51 47.27
CA PRO VC 65 -114.13 16.90 45.95
C PRO VC 65 -115.59 16.79 45.54
N VAL VC 66 -115.81 16.97 44.24
CA VAL VC 66 -117.13 16.91 43.61
C VAL VC 66 -117.02 16.05 42.36
N VAL VC 67 -118.07 15.30 42.08
CA VAL VC 67 -118.13 14.55 40.84
C VAL VC 67 -118.78 15.41 39.77
N VAL VC 68 -118.11 15.51 38.61
CA VAL VC 68 -118.53 16.32 37.49
C VAL VC 68 -118.63 15.45 36.25
N LYS VC 69 -119.53 15.81 35.35
CA LYS VC 69 -119.67 15.14 34.07
C LYS VC 69 -118.49 15.47 33.17
N ASP VC 70 -117.98 14.45 32.50
CA ASP VC 70 -116.93 14.64 31.51
C ASP VC 70 -117.50 15.28 30.24
N ALA VC 71 -116.61 15.85 29.43
CA ALA VC 71 -117.04 16.33 28.11
C ALA VC 71 -117.56 15.17 27.26
N SER VC 72 -117.01 13.97 27.46
CA SER VC 72 -117.57 12.77 26.84
C SER VC 72 -118.80 12.28 27.59
N GLY VC 73 -118.90 12.57 28.87
CA GLY VC 73 -120.00 12.12 29.70
C GLY VC 73 -119.61 11.24 30.87
N ALA VC 74 -118.37 10.78 30.93
CA ALA VC 74 -117.91 9.92 32.02
C ALA VC 74 -117.98 10.66 33.36
N ASP VC 75 -117.99 9.88 34.43
CA ASP VC 75 -117.95 10.42 35.77
C ASP VC 75 -116.51 10.71 36.17
N MET VC 76 -116.26 11.93 36.62
CA MET VC 76 -114.89 12.35 36.94
C MET VC 76 -114.89 13.11 38.26
N THR VC 77 -113.93 12.84 39.13
CA THR VC 77 -113.87 13.51 40.43
C THR VC 77 -112.85 14.64 40.39
N ILE VC 78 -113.25 15.82 40.88
CA ILE VC 78 -112.45 17.03 40.84
C ILE VC 78 -112.42 17.63 42.23
N LYS VC 79 -111.22 17.94 42.72
CA LYS VC 79 -111.05 18.49 44.05
C LYS VC 79 -110.79 19.98 43.98
N ALA VC 80 -111.29 20.71 44.98
CA ALA VC 80 -110.98 22.12 45.21
C ALA VC 80 -110.38 22.26 46.59
N ASN VC 81 -109.30 23.03 46.69
CA ASN VC 81 -108.52 23.10 47.91
C ASN VC 81 -108.57 24.51 48.47
N ALA VC 82 -108.57 24.61 49.80
CA ALA VC 82 -108.36 25.87 50.48
C ALA VC 82 -107.38 25.62 51.61
N SER VC 83 -106.39 26.49 51.76
CA SER VC 83 -105.36 26.29 52.76
C SER VC 83 -105.09 27.59 53.50
N VAL VC 84 -105.05 27.51 54.82
CA VAL VC 84 -104.78 28.66 55.68
C VAL VC 84 -103.50 28.39 56.43
N THR VC 85 -102.71 29.46 56.65
CA THR VC 85 -101.46 29.35 57.42
C THR VC 85 -101.35 30.57 58.32
N PHE VC 86 -101.25 30.32 59.62
CA PHE VC 86 -101.05 31.34 60.64
C PHE VC 86 -99.58 31.32 61.03
N SER VC 87 -98.88 32.44 60.79
CA SER VC 87 -97.52 32.64 61.27
C SER VC 87 -97.60 33.54 62.49
N LEU VC 88 -97.30 32.97 63.66
CA LEU VC 88 -97.49 33.63 64.95
C LEU VC 88 -96.17 33.65 65.69
N PRO VC 89 -95.54 34.81 65.82
CA PRO VC 89 -94.34 34.92 66.65
C PRO VC 89 -94.64 34.68 68.12
N LYS VC 90 -93.62 34.25 68.84
CA LYS VC 90 -93.78 33.85 70.23
C LYS VC 90 -93.69 35.02 71.20
N THR VC 91 -93.54 36.24 70.69
CA THR VC 91 -93.67 37.46 71.48
C THR VC 91 -95.00 38.15 71.23
N TYR VC 92 -95.80 37.60 70.33
CA TYR VC 92 -97.12 38.14 69.98
C TYR VC 92 -98.16 37.64 70.99
N PRO VC 93 -99.04 38.51 71.49
CA PRO VC 93 -99.97 38.08 72.54
C PRO VC 93 -101.16 37.27 72.02
N ASN VC 94 -101.56 36.30 72.83
CA ASN VC 94 -102.62 35.38 72.44
C ASN VC 94 -103.92 36.12 72.14
N GLU VC 95 -104.20 37.19 72.89
CA GLU VC 95 -105.38 37.99 72.63
C GLU VC 95 -105.42 38.46 71.18
N HIS VC 96 -104.32 39.08 70.72
CA HIS VC 96 -104.29 39.58 69.37
C HIS VC 96 -104.26 38.45 68.33
N ILE VC 97 -103.79 37.26 68.69
CA ILE VC 97 -103.96 36.12 67.79
C ILE VC 97 -105.45 35.82 67.59
N THR VC 98 -106.21 35.80 68.68
CA THR VC 98 -107.66 35.58 68.56
C THR VC 98 -108.30 36.68 67.71
N LYS VC 99 -107.91 37.93 67.96
CA LYS VC 99 -108.38 39.05 67.14
C LYS VC 99 -108.10 38.80 65.67
N LEU VC 100 -106.88 38.35 65.36
CA LEU VC 100 -106.50 38.06 63.98
C LEU VC 100 -107.40 37.00 63.36
N ARG VC 101 -107.60 35.89 64.07
CA ARG VC 101 -108.43 34.81 63.54
C ARG VC 101 -109.85 35.30 63.26
N GLN VC 102 -110.40 36.09 64.17
CA GLN VC 102 -111.76 36.55 63.97
C GLN VC 102 -111.86 37.54 62.81
N THR VC 103 -110.87 38.46 62.67
CA THR VC 103 -110.88 39.37 61.51
C THR VC 103 -110.77 38.58 60.21
N LEU VC 104 -110.02 37.46 60.23
CA LEU VC 104 -109.95 36.64 59.03
C LEU VC 104 -111.29 36.04 58.70
N ILE VC 105 -112.01 35.53 59.70
CA ILE VC 105 -113.35 35.01 59.47
C ILE VC 105 -114.24 36.09 58.86
N ALA VC 106 -114.20 37.29 59.43
CA ALA VC 106 -115.01 38.40 58.93
C ALA VC 106 -114.66 38.72 57.48
N TRP VC 107 -113.36 38.75 57.16
CA TRP VC 107 -112.94 39.03 55.80
C TRP VC 107 -113.43 37.96 54.84
N LEU VC 108 -113.31 36.69 55.22
CA LEU VC 108 -113.80 35.61 54.39
C LEU VC 108 -115.29 35.68 54.16
N GLY VC 109 -116.02 36.36 55.05
CA GLY VC 109 -117.42 36.64 54.83
C GLY VC 109 -117.72 37.70 53.78
N GLN VC 110 -116.78 38.63 53.57
CA GLN VC 110 -117.04 39.83 52.79
C GLN VC 110 -117.31 39.52 51.33
N GLN VC 111 -118.05 40.42 50.68
CA GLN VC 111 -118.34 40.23 49.27
C GLN VC 111 -117.10 40.47 48.41
N CYS VC 112 -116.24 41.40 48.81
CA CYS VC 112 -115.03 41.67 48.03
C CYS VC 112 -114.07 40.49 48.06
N VAL VC 113 -114.18 39.61 49.05
CA VAL VC 113 -113.46 38.35 49.03
C VAL VC 113 -114.27 37.27 48.33
N SER VC 114 -115.60 37.32 48.45
CA SER VC 114 -116.45 36.28 47.89
C SER VC 114 -116.41 36.28 46.36
N ASP VC 115 -116.51 37.47 45.74
CA ASP VC 115 -116.61 37.53 44.28
C ASP VC 115 -115.43 36.88 43.57
N PRO VC 116 -114.18 37.19 43.87
CA PRO VC 116 -113.08 36.48 43.17
C PRO VC 116 -113.03 35.01 43.51
N VAL VC 117 -113.20 34.65 44.79
CA VAL VC 117 -113.14 33.25 45.18
C VAL VC 117 -114.29 32.47 44.55
N ASP VC 118 -115.53 32.88 44.83
CA ASP VC 118 -116.68 32.06 44.43
C ASP VC 118 -116.89 32.05 42.92
N SER VC 119 -116.74 33.20 42.26
CA SER VC 119 -117.12 33.31 40.86
C SER VC 119 -116.00 33.73 39.93
N GLY VC 120 -114.86 34.19 40.44
CA GLY VC 120 -113.75 34.60 39.61
C GLY VC 120 -113.78 36.05 39.18
N LEU VC 121 -114.80 36.80 39.54
CA LEU VC 121 -114.84 38.21 39.20
C LEU VC 121 -113.90 39.00 40.11
N ASN VC 122 -113.08 39.86 39.50
CA ASN VC 122 -112.26 40.76 40.30
C ASN VC 122 -113.06 42.00 40.69
N ASN VC 123 -112.61 42.65 41.77
CA ASN VC 123 -113.26 43.88 42.20
C ASN VC 123 -112.65 45.07 41.46
N TYR VC 124 -113.39 46.17 41.45
CA TYR VC 124 -112.97 47.35 40.70
C TYR VC 124 -113.21 48.65 41.46
N MET WC 1 -102.84 7.00 82.60
CA MET WC 1 -104.04 7.68 83.08
C MET WC 1 -104.67 8.49 81.97
N ARG WC 2 -105.93 8.88 82.16
CA ARG WC 2 -106.63 9.77 81.22
C ARG WC 2 -106.29 11.21 81.56
N LEU WC 3 -105.51 11.86 80.70
CA LEU WC 3 -105.02 13.20 80.96
C LEU WC 3 -106.16 14.20 81.17
N THR WC 4 -106.07 14.95 82.25
CA THR WC 4 -106.98 16.03 82.57
C THR WC 4 -106.15 17.22 83.02
N ASP WC 5 -106.68 18.42 82.78
CA ASP WC 5 -105.99 19.62 83.25
C ASP WC 5 -105.69 19.49 84.73
N VAL WC 6 -104.55 20.03 85.15
CA VAL WC 6 -104.01 19.75 86.48
C VAL WC 6 -103.88 21.07 87.24
N ASP WC 7 -104.18 21.03 88.53
CA ASP WC 7 -103.96 22.17 89.40
C ASP WC 7 -103.06 21.76 90.55
N LEU WC 8 -101.93 22.46 90.66
CA LEU WC 8 -100.88 22.14 91.62
C LEU WC 8 -100.90 23.15 92.73
N THR WC 9 -100.80 22.68 93.96
CA THR WC 9 -100.68 23.54 95.12
C THR WC 9 -99.19 23.77 95.34
N VAL WC 10 -98.73 25.00 95.11
CA VAL WC 10 -97.33 25.36 95.12
C VAL WC 10 -97.12 26.36 96.24
N GLY WC 11 -96.62 25.88 97.39
CA GLY WC 11 -96.50 26.73 98.54
C GLY WC 11 -97.85 27.25 98.95
N GLU WC 12 -98.07 28.55 98.80
CA GLU WC 12 -99.34 29.16 99.14
C GLU WC 12 -100.09 29.66 97.92
N GLU WC 13 -99.74 29.17 96.75
CA GLU WC 13 -100.36 29.60 95.52
C GLU WC 13 -100.87 28.36 94.79
N THR WC 14 -101.67 28.56 93.76
CA THR WC 14 -102.16 27.46 92.95
C THR WC 14 -101.81 27.72 91.49
N ARG WC 15 -101.02 26.82 90.91
CA ARG WC 15 -100.68 26.84 89.49
C ARG WC 15 -101.68 25.97 88.74
N GLU WC 16 -102.08 26.42 87.54
CA GLU WC 16 -103.12 25.74 86.78
C GLU WC 16 -102.64 25.46 85.37
N TYR WC 17 -102.40 24.19 85.06
CA TYR WC 17 -101.89 23.77 83.77
C TYR WC 17 -102.99 23.09 82.96
N ALA WC 18 -102.90 23.27 81.65
CA ALA WC 18 -103.81 22.67 80.68
C ALA WC 18 -103.05 21.77 79.72
N VAL WC 19 -103.67 20.66 79.34
CA VAL WC 19 -103.04 19.74 78.41
C VAL WC 19 -102.81 20.44 77.09
N SER WC 20 -101.57 20.40 76.61
CA SER WC 20 -101.19 21.03 75.35
C SER WC 20 -100.82 20.06 74.24
N GLU WC 21 -100.28 18.89 74.56
CA GLU WC 21 -100.22 17.86 73.52
C GLU WC 21 -100.06 16.48 74.16
N GLN WC 22 -100.58 15.46 73.46
CA GLN WC 22 -100.48 14.07 73.87
C GLN WC 22 -100.06 13.26 72.66
N GLN WC 23 -98.90 12.62 72.75
CA GLN WC 23 -98.43 11.70 71.72
C GLN WC 23 -98.50 10.29 72.28
N GLY WC 24 -97.78 9.38 71.65
CA GLY WC 24 -97.76 8.00 72.13
C GLY WC 24 -97.15 7.93 73.51
N THR WC 25 -95.90 8.35 73.63
CA THR WC 25 -95.13 8.25 74.87
C THR WC 25 -94.80 9.61 75.46
N LEU WC 26 -95.36 10.69 74.92
CA LEU WC 26 -95.03 12.04 75.32
C LEU WC 26 -96.28 12.85 75.59
N PHE WC 27 -96.22 13.72 76.59
CA PHE WC 27 -97.29 14.68 76.85
C PHE WC 27 -96.69 16.01 77.30
N ARG WC 28 -97.51 17.04 77.21
CA ARG WC 28 -97.09 18.40 77.52
C ARG WC 28 -98.27 19.19 78.05
N PHE WC 29 -98.08 19.78 79.23
CA PHE WC 29 -98.97 20.74 79.87
C PHE WC 29 -98.41 22.15 79.75
N VAL WC 30 -99.29 23.12 79.93
CA VAL WC 30 -98.97 24.53 79.74
C VAL WC 30 -99.65 25.35 80.81
N ASP WC 31 -98.92 26.33 81.38
CA ASP WC 31 -99.49 27.19 82.42
C ASP WC 31 -100.63 28.04 81.85
N LYS WC 32 -101.84 27.84 82.39
CA LYS WC 32 -103.00 28.55 81.88
C LYS WC 32 -102.84 30.06 82.01
N SER WC 33 -102.11 30.51 83.03
CA SER WC 33 -101.93 31.92 83.32
C SER WC 33 -101.04 32.64 82.31
N GLY WC 34 -100.63 31.97 81.23
CA GLY WC 34 -99.73 32.60 80.28
C GLY WC 34 -100.49 33.50 79.32
N THR WC 35 -99.92 34.68 79.08
CA THR WC 35 -100.50 35.62 78.13
C THR WC 35 -99.86 35.54 76.75
N VAL WC 36 -98.56 35.28 76.71
CA VAL WC 36 -97.81 35.16 75.47
C VAL WC 36 -97.10 33.81 75.48
N ALA WC 37 -96.71 33.35 74.29
CA ALA WC 37 -95.93 32.13 74.19
C ALA WC 37 -94.69 32.19 75.08
N ASN WC 38 -93.91 33.27 74.98
CA ASN WC 38 -92.71 33.40 75.81
C ASN WC 38 -93.05 33.61 77.28
N ASN WC 39 -94.18 34.26 77.56
CA ASN WC 39 -94.65 34.40 78.94
C ASN WC 39 -94.95 33.04 79.57
N THR WC 40 -95.30 32.05 78.75
CA THR WC 40 -95.98 30.85 79.22
C THR WC 40 -95.02 29.77 79.70
N GLY WC 41 -95.18 29.33 80.94
CA GLY WC 41 -94.44 28.18 81.43
C GLY WC 41 -95.00 26.88 80.90
N VAL WC 42 -94.15 25.85 80.87
CA VAL WC 42 -94.54 24.58 80.28
C VAL WC 42 -93.94 23.42 81.07
N PHE WC 43 -94.55 22.25 80.90
CA PHE WC 43 -94.05 21.02 81.51
C PHE WC 43 -94.28 19.87 80.55
N SER WC 44 -93.24 19.09 80.31
CA SER WC 44 -93.30 18.02 79.34
C SER WC 44 -92.68 16.76 79.92
N LEU WC 45 -93.20 15.60 79.50
CA LEU WC 45 -92.71 14.31 79.96
C LEU WC 45 -92.74 13.31 78.81
N GLU WC 46 -91.72 12.48 78.74
CA GLU WC 46 -91.57 11.48 77.68
C GLU WC 46 -90.93 10.22 78.25
N GLN WC 47 -91.49 9.07 77.89
CA GLN WC 47 -90.91 7.79 78.26
C GLN WC 47 -90.30 7.13 77.04
N ARG WC 48 -89.10 6.57 77.22
CA ARG WC 48 -88.37 5.85 76.20
C ARG WC 48 -88.14 4.45 76.75
N PHE WC 49 -88.97 3.52 76.30
CA PHE WC 49 -88.88 2.12 76.68
C PHE WC 49 -87.83 1.46 75.80
N GLY WC 50 -86.83 0.83 76.42
CA GLY WC 50 -85.74 0.23 75.68
C GLY WC 50 -85.99 -1.24 75.38
N ALA WC 51 -84.95 -1.89 74.84
CA ALA WC 51 -84.99 -3.34 74.68
C ALA WC 51 -84.94 -4.01 76.05
N ALA WC 52 -85.03 -5.35 76.05
CA ALA WC 52 -85.09 -6.07 77.33
C ALA WC 52 -83.78 -5.97 78.09
N ASN WC 53 -82.65 -5.76 77.41
CA ASN WC 53 -81.39 -5.53 78.08
C ASN WC 53 -81.21 -4.08 78.52
N SER WC 54 -82.08 -3.19 78.06
CA SER WC 54 -81.97 -1.78 78.38
C SER WC 54 -82.83 -1.44 79.60
N ASN WC 55 -82.62 -0.24 80.12
CA ASN WC 55 -83.47 0.33 81.14
C ASN WC 55 -84.43 1.30 80.46
N ARG WC 56 -85.68 1.31 80.89
CA ARG WC 56 -86.58 2.34 80.40
C ARG WC 56 -86.20 3.68 81.07
N LYS WC 57 -86.39 4.76 80.33
CA LYS WC 57 -86.02 6.08 80.82
C LYS WC 57 -87.22 7.01 80.72
N VAL WC 58 -87.47 7.77 81.77
CA VAL WC 58 -88.54 8.77 81.76
C VAL WC 58 -87.90 10.12 82.02
N THR WC 59 -88.21 11.09 81.17
CA THR WC 59 -87.62 12.42 81.29
C THR WC 59 -88.73 13.47 81.38
N MET WC 60 -88.47 14.49 82.19
CA MET WC 60 -89.38 15.61 82.37
C MET WC 60 -88.60 16.90 82.28
N LEU WC 61 -89.22 17.88 81.63
CA LEU WC 61 -88.69 19.23 81.54
C LEU WC 61 -89.75 20.23 82.02
N LEU WC 62 -89.36 21.08 82.97
CA LEU WC 62 -90.19 22.14 83.50
C LEU WC 62 -89.52 23.47 83.18
N THR WC 63 -90.23 24.34 82.47
CA THR WC 63 -89.71 25.63 82.05
C THR WC 63 -90.58 26.74 82.62
N ASP WC 64 -89.95 27.67 83.36
CA ASP WC 64 -90.65 28.78 84.00
C ASP WC 64 -89.99 30.09 83.59
N PRO WC 65 -90.50 30.75 82.56
CA PRO WC 65 -89.99 32.06 82.19
C PRO WC 65 -90.58 33.18 83.04
N VAL WC 66 -89.81 34.28 83.15
CA VAL WC 66 -90.19 35.47 83.90
C VAL WC 66 -89.75 36.70 83.12
N VAL WC 67 -90.48 37.81 83.28
CA VAL WC 67 -90.14 39.05 82.59
C VAL WC 67 -89.27 39.92 83.49
N VAL WC 68 -88.13 40.36 82.96
CA VAL WC 68 -87.22 41.25 83.68
C VAL WC 68 -87.01 42.54 82.88
N MET WC 76 -87.16 42.14 78.63
CA MET WC 76 -86.60 40.82 78.34
C MET WC 76 -87.25 39.73 79.20
N THR WC 77 -87.40 38.52 78.63
CA THR WC 77 -87.93 37.36 79.35
C THR WC 77 -86.83 36.31 79.47
N ILE WC 78 -86.65 35.82 80.69
CA ILE WC 78 -85.57 34.91 81.07
C ILE WC 78 -86.19 33.59 81.49
N LYS WC 79 -85.63 32.48 81.00
CA LYS WC 79 -86.18 31.15 81.23
C LYS WC 79 -85.25 30.33 82.12
N ALA WC 80 -85.84 29.64 83.10
CA ALA WC 80 -85.13 28.70 83.96
C ALA WC 80 -85.73 27.31 83.83
N ASN WC 81 -84.87 26.30 83.84
CA ASN WC 81 -85.30 24.93 83.55
C ASN WC 81 -84.98 24.00 84.71
N ALA WC 82 -85.90 23.08 84.97
CA ALA WC 82 -85.63 21.92 85.81
C ALA WC 82 -85.88 20.68 84.95
N SER WC 83 -84.97 19.72 85.04
CA SER WC 83 -85.12 18.50 84.24
C SER WC 83 -84.85 17.29 85.13
N VAL WC 84 -85.79 16.37 85.15
CA VAL WC 84 -85.68 15.14 85.92
C VAL WC 84 -85.60 13.98 84.95
N THR WC 85 -84.81 12.96 85.29
CA THR WC 85 -84.68 11.76 84.47
C THR WC 85 -84.60 10.54 85.39
N PHE WC 86 -85.52 9.60 85.18
CA PHE WC 86 -85.59 8.35 85.93
C PHE WC 86 -85.07 7.25 85.02
N SER WC 87 -83.97 6.61 85.42
CA SER WC 87 -83.44 5.43 84.73
C SER WC 87 -83.84 4.21 85.56
N LEU WC 88 -84.72 3.39 84.99
CA LEU WC 88 -85.37 2.30 85.71
C LEU WC 88 -85.15 1.00 84.97
N PRO WC 89 -84.37 0.07 85.52
CA PRO WC 89 -84.24 -1.25 84.93
C PRO WC 89 -85.55 -2.01 85.02
N LYS WC 90 -85.79 -2.88 84.05
CA LYS WC 90 -87.09 -3.55 83.99
C LYS WC 90 -87.27 -4.53 85.13
N THR WC 91 -86.21 -5.26 85.50
CA THR WC 91 -86.29 -6.20 86.61
C THR WC 91 -86.54 -5.51 87.95
N TYR WC 92 -86.30 -4.20 88.03
CA TYR WC 92 -86.47 -3.45 89.27
C TYR WC 92 -87.95 -3.36 89.63
N PRO WC 93 -88.33 -3.54 90.89
CA PRO WC 93 -89.76 -3.67 91.23
C PRO WC 93 -90.49 -2.33 91.32
N ASN WC 94 -91.72 -2.34 90.79
CA ASN WC 94 -92.52 -1.13 90.71
C ASN WC 94 -92.71 -0.49 92.09
N GLU WC 95 -92.82 -1.29 93.14
CA GLU WC 95 -92.98 -0.74 94.47
C GLU WC 95 -91.78 0.13 94.86
N HIS WC 96 -90.56 -0.40 94.70
CA HIS WC 96 -89.37 0.38 94.99
C HIS WC 96 -89.22 1.58 94.07
N ILE WC 97 -89.78 1.55 92.86
CA ILE WC 97 -89.79 2.76 92.03
C ILE WC 97 -90.65 3.85 92.66
N THR WC 98 -91.87 3.49 93.09
CA THR WC 98 -92.73 4.47 93.77
C THR WC 98 -91.98 5.05 94.96
N LYS WC 99 -91.29 4.19 95.72
CA LYS WC 99 -90.44 4.66 96.82
C LYS WC 99 -89.42 5.70 96.35
N LEU WC 100 -88.68 5.38 95.29
CA LEU WC 100 -87.66 6.29 94.78
C LEU WC 100 -88.24 7.67 94.47
N ARG WC 101 -89.36 7.68 93.74
CA ARG WC 101 -89.99 8.96 93.38
C ARG WC 101 -90.35 9.76 94.63
N GLN WC 102 -90.96 9.09 95.61
CA GLN WC 102 -91.38 9.82 96.82
C GLN WC 102 -90.18 10.38 97.58
N THR WC 103 -89.09 9.62 97.66
CA THR WC 103 -87.91 10.12 98.37
C THR WC 103 -87.27 11.28 97.62
N LEU WC 104 -87.34 11.28 96.28
CA LEU WC 104 -86.85 12.46 95.55
C LEU WC 104 -87.68 13.69 95.90
N ILE WC 105 -89.00 13.54 95.97
CA ILE WC 105 -89.85 14.66 96.41
C ILE WC 105 -89.39 15.16 97.78
N ALA WC 106 -89.22 14.23 98.72
CA ALA WC 106 -88.80 14.60 100.07
C ALA WC 106 -87.47 15.35 100.05
N TRP WC 107 -86.51 14.87 99.25
CA TRP WC 107 -85.21 15.53 99.16
C TRP WC 107 -85.35 16.95 98.63
N LEU WC 108 -86.11 17.11 97.54
CA LEU WC 108 -86.34 18.44 96.97
C LEU WC 108 -87.03 19.37 97.96
N GLY WC 109 -87.65 18.83 99.01
CA GLY WC 109 -88.15 19.65 100.09
C GLY WC 109 -87.10 20.26 101.01
N GLN WC 110 -85.98 19.57 101.20
CA GLN WC 110 -85.06 19.86 102.30
C GLN WC 110 -84.27 21.14 102.07
N GLN WC 111 -83.76 21.69 103.19
CA GLN WC 111 -82.99 22.93 103.13
C GLN WC 111 -81.67 22.73 102.39
N CYS WC 112 -81.00 21.60 102.63
CA CYS WC 112 -79.72 21.36 101.99
C CYS WC 112 -79.85 21.34 100.46
N VAL WC 113 -81.06 21.18 99.95
CA VAL WC 113 -81.32 21.27 98.51
C VAL WC 113 -81.83 22.66 98.13
N SER WC 114 -82.69 23.26 98.95
CA SER WC 114 -83.25 24.56 98.59
C SER WC 114 -82.19 25.65 98.60
N ASP WC 115 -81.28 25.63 99.58
CA ASP WC 115 -80.28 26.68 99.70
C ASP WC 115 -79.41 26.82 98.43
N PRO WC 116 -78.86 25.75 97.87
CA PRO WC 116 -78.13 25.94 96.59
C PRO WC 116 -79.04 26.22 95.42
N VAL WC 117 -80.16 25.51 95.29
CA VAL WC 117 -81.07 25.75 94.17
C VAL WC 117 -81.63 27.16 94.23
N ASP WC 118 -82.32 27.49 95.32
CA ASP WC 118 -83.05 28.75 95.39
C ASP WC 118 -82.11 29.95 95.35
N SER WC 119 -81.14 30.00 96.27
CA SER WC 119 -80.33 31.19 96.43
C SER WC 119 -78.84 31.01 96.12
N GLY WC 120 -78.38 29.78 95.89
CA GLY WC 120 -76.99 29.56 95.56
C GLY WC 120 -76.07 29.34 96.74
N LEU WC 121 -76.61 29.23 97.95
CA LEU WC 121 -75.79 28.91 99.12
C LEU WC 121 -75.40 27.44 99.08
N ASN WC 122 -74.11 27.16 99.12
CA ASN WC 122 -73.69 25.78 99.29
C ASN WC 122 -73.71 25.40 100.76
N ASN WC 123 -73.72 24.09 101.00
CA ASN WC 123 -73.75 23.62 102.36
C ASN WC 123 -72.34 23.44 102.89
N TYR WC 124 -72.18 23.68 104.18
CA TYR WC 124 -70.86 23.68 104.80
C TYR WC 124 -70.90 23.02 106.16
N MET XC 1 -113.03 6.12 67.08
CA MET XC 1 -113.48 5.87 68.44
C MET XC 1 -112.57 6.60 69.43
N ARG XC 2 -113.17 7.17 70.48
CA ARG XC 2 -112.40 7.73 71.59
C ARG XC 2 -111.83 6.59 72.43
N LEU XC 3 -110.54 6.37 72.32
CA LEU XC 3 -109.93 5.21 72.96
C LEU XC 3 -110.00 5.33 74.48
N THR XC 4 -110.49 4.27 75.12
CA THR XC 4 -110.43 4.12 76.56
C THR XC 4 -110.18 2.65 76.88
N ASP XC 5 -109.79 2.42 78.13
CA ASP XC 5 -109.53 1.06 78.59
C ASP XC 5 -110.72 0.17 78.27
N VAL XC 6 -110.46 -1.11 78.01
CA VAL XC 6 -111.53 -2.05 77.70
C VAL XC 6 -111.37 -3.30 78.55
N ASP XC 7 -112.50 -3.98 78.74
CA ASP XC 7 -112.55 -5.27 79.41
C ASP XC 7 -113.19 -6.26 78.45
N LEU XC 8 -112.55 -7.40 78.26
CA LEU XC 8 -112.98 -8.42 77.32
C LEU XC 8 -113.54 -9.62 78.06
N THR XC 9 -114.62 -10.17 77.51
CA THR XC 9 -115.20 -11.40 78.03
C THR XC 9 -114.56 -12.56 77.28
N VAL XC 10 -113.81 -13.40 77.99
CA VAL XC 10 -113.02 -14.46 77.38
C VAL XC 10 -113.46 -15.78 77.99
N GLY XC 11 -114.31 -16.51 77.28
CA GLY XC 11 -114.87 -17.73 77.82
C GLY XC 11 -115.59 -17.44 79.12
N GLU XC 12 -115.06 -17.94 80.22
CA GLU XC 12 -115.68 -17.75 81.53
C GLU XC 12 -114.80 -16.92 82.46
N GLU XC 13 -113.93 -16.09 81.89
CA GLU XC 13 -113.13 -15.15 82.67
C GLU XC 13 -113.24 -13.77 82.04
N THR XC 14 -112.79 -12.77 82.79
CA THR XC 14 -112.77 -11.39 82.31
C THR XC 14 -111.34 -10.89 82.26
N ARG XC 15 -110.95 -10.35 81.10
CA ARG XC 15 -109.60 -9.89 80.84
C ARG XC 15 -109.63 -8.37 80.78
N GLU XC 16 -108.77 -7.71 81.55
CA GLU XC 16 -108.81 -6.27 81.67
C GLU XC 16 -107.57 -5.66 81.02
N TYR XC 17 -107.76 -4.87 79.97
CA TYR XC 17 -106.66 -4.17 79.32
C TYR XC 17 -106.75 -2.68 79.65
N ALA XC 18 -105.62 -2.01 79.53
CA ALA XC 18 -105.50 -0.57 79.72
C ALA XC 18 -104.70 0.03 78.59
N VAL XC 19 -105.11 1.23 78.17
CA VAL XC 19 -104.42 1.90 77.07
C VAL XC 19 -102.99 2.19 77.50
N SER XC 20 -102.03 1.70 76.72
CA SER XC 20 -100.61 1.95 76.96
C SER XC 20 -100.00 2.98 76.04
N GLU XC 21 -100.51 3.13 74.81
CA GLU XC 21 -100.14 4.29 74.01
C GLU XC 21 -101.15 4.47 72.88
N GLN XC 22 -101.32 5.72 72.45
CA GLN XC 22 -102.17 6.03 71.31
C GLN XC 22 -101.45 7.03 70.41
N GLN XC 23 -101.21 6.63 69.17
CA GLN XC 23 -100.65 7.48 68.12
C GLN XC 23 -101.68 7.68 67.02
N GLY XC 24 -101.26 8.38 65.97
CA GLY XC 24 -102.20 8.74 64.92
C GLY XC 24 -102.82 7.54 64.25
N THR XC 25 -101.99 6.57 63.86
CA THR XC 25 -102.42 5.37 63.16
C THR XC 25 -102.19 4.10 63.96
N LEU XC 26 -101.72 4.22 65.20
CA LEU XC 26 -101.33 3.07 66.00
C LEU XC 26 -101.85 3.24 67.43
N PHE XC 27 -102.19 2.10 68.06
CA PHE XC 27 -102.50 2.10 69.49
C PHE XC 27 -102.07 0.78 70.10
N ARG XC 28 -101.91 0.81 71.42
CA ARG XC 28 -101.43 -0.34 72.18
C ARG XC 28 -102.10 -0.39 73.54
N PHE XC 29 -102.66 -1.56 73.86
CA PHE XC 29 -103.20 -1.93 75.16
C PHE XC 29 -102.28 -2.93 75.86
N VAL XC 30 -102.35 -2.92 77.19
CA VAL XC 30 -101.58 -3.83 78.04
C VAL XC 30 -102.51 -4.49 79.05
N ASP XC 31 -102.31 -5.79 79.30
CA ASP XC 31 -103.11 -6.52 80.30
C ASP XC 31 -102.83 -5.97 81.68
N LYS XC 32 -103.91 -5.55 82.38
CA LYS XC 32 -103.77 -4.89 83.67
C LYS XC 32 -103.17 -5.80 84.74
N SER XC 33 -103.13 -7.11 84.52
CA SER XC 33 -102.58 -8.05 85.49
C SER XC 33 -101.06 -8.13 85.46
N GLY XC 34 -100.38 -7.22 84.75
CA GLY XC 34 -98.97 -7.37 84.47
C GLY XC 34 -98.10 -6.22 84.97
N THR XC 35 -96.79 -6.47 84.92
CA THR XC 35 -95.75 -5.53 85.32
C THR XC 35 -94.78 -5.37 84.16
N VAL XC 36 -93.96 -4.31 84.19
CA VAL XC 36 -92.83 -4.24 83.27
C VAL XC 36 -91.96 -5.47 83.44
N ALA XC 37 -91.74 -5.88 84.70
CA ALA XC 37 -90.90 -7.04 84.96
C ALA XC 37 -91.56 -8.32 84.46
N ASN XC 38 -92.81 -8.54 84.84
CA ASN XC 38 -93.53 -9.73 84.41
C ASN XC 38 -94.75 -9.29 83.61
N ASN XC 39 -94.61 -9.28 82.28
CA ASN XC 39 -95.71 -8.91 81.42
C ASN XC 39 -96.63 -10.11 81.18
N THR XC 40 -97.91 -9.82 80.99
CA THR XC 40 -98.92 -10.85 80.88
C THR XC 40 -99.72 -10.79 79.59
N GLY XC 41 -99.64 -9.71 78.83
CA GLY XC 41 -100.37 -9.61 77.59
C GLY XC 41 -100.29 -8.23 76.99
N VAL XC 42 -100.21 -8.16 75.66
CA VAL XC 42 -100.21 -6.89 74.95
C VAL XC 42 -101.03 -7.05 73.68
N PHE XC 43 -101.66 -5.97 73.27
CA PHE XC 43 -102.38 -5.91 72.00
C PHE XC 43 -102.03 -4.61 71.32
N SER XC 44 -101.78 -4.67 70.02
CA SER XC 44 -101.40 -3.49 69.27
C SER XC 44 -102.06 -3.54 67.90
N LEU XC 45 -102.42 -2.37 67.38
CA LEU XC 45 -103.06 -2.26 66.07
C LEU XC 45 -102.56 -1.02 65.35
N GLU XC 46 -102.32 -1.17 64.05
CA GLU XC 46 -101.83 -0.08 63.20
C GLU XC 46 -102.52 -0.14 61.85
N GLN XC 47 -102.89 1.03 61.33
CA GLN XC 47 -103.41 1.13 59.98
C GLN XC 47 -102.42 1.86 59.11
N ARG XC 48 -102.05 1.25 57.99
CA ARG XC 48 -101.31 1.91 56.91
C ARG XC 48 -102.32 2.18 55.80
N PHE XC 49 -102.88 3.38 55.82
CA PHE XC 49 -103.73 3.82 54.72
C PHE XC 49 -102.86 4.01 53.48
N GLY XC 50 -103.11 3.21 52.45
CA GLY XC 50 -102.21 3.18 51.33
C GLY XC 50 -102.37 4.36 50.39
N ALA XC 51 -101.48 4.39 49.39
CA ALA XC 51 -101.63 5.34 48.29
C ALA XC 51 -102.97 5.13 47.59
N ALA XC 52 -103.37 6.13 46.79
CA ALA XC 52 -104.69 6.11 46.18
C ALA XC 52 -104.91 4.89 45.29
N ASN XC 53 -103.82 4.30 44.77
CA ASN XC 53 -103.94 3.11 43.95
C ASN XC 53 -103.95 1.83 44.79
N SER XC 54 -103.29 1.84 45.95
CA SER XC 54 -103.10 0.64 46.75
C SER XC 54 -104.27 0.43 47.71
N ASN XC 55 -104.31 -0.79 48.27
CA ASN XC 55 -105.22 -1.11 49.34
C ASN XC 55 -104.70 -0.56 50.66
N ARG XC 56 -105.62 -0.32 51.59
CA ARG XC 56 -105.19 0.03 52.93
C ARG XC 56 -105.06 -1.26 53.74
N LYS XC 57 -104.12 -1.24 54.69
CA LYS XC 57 -103.81 -2.41 55.50
C LYS XC 57 -104.05 -2.07 56.96
N VAL XC 58 -104.64 -3.01 57.69
CA VAL XC 58 -104.76 -2.91 59.14
C VAL XC 58 -104.15 -4.16 59.75
N THR XC 59 -103.24 -3.98 60.69
CA THR XC 59 -102.56 -5.12 61.29
C THR XC 59 -102.70 -5.06 62.80
N MET XC 60 -102.87 -6.24 63.40
CA MET XC 60 -103.01 -6.42 64.84
C MET XC 60 -102.06 -7.51 65.30
N LEU XC 61 -101.45 -7.27 66.46
CA LEU XC 61 -100.61 -8.24 67.13
C LEU XC 61 -101.07 -8.42 68.56
N LEU XC 62 -101.38 -9.65 68.93
CA LEU XC 62 -101.73 -10.04 70.28
C LEU XC 62 -100.65 -10.96 70.80
N THR XC 63 -100.05 -10.61 71.93
CA THR XC 63 -98.97 -11.39 72.52
C THR XC 63 -99.31 -11.76 73.94
N ASP XC 64 -99.30 -13.07 74.22
CA ASP XC 64 -99.54 -13.60 75.56
C ASP XC 64 -98.30 -14.35 76.01
N PRO XC 65 -97.56 -13.78 76.95
CA PRO XC 65 -96.43 -14.50 77.54
C PRO XC 65 -96.84 -15.24 78.81
N VAL XC 66 -96.18 -16.39 79.01
CA VAL XC 66 -96.41 -17.27 80.15
C VAL XC 66 -95.06 -17.71 80.69
N VAL XC 67 -94.98 -17.85 82.00
CA VAL XC 67 -93.79 -18.40 82.63
C VAL XC 67 -93.90 -19.92 82.66
N VAL XC 68 -92.79 -20.60 82.36
CA VAL XC 68 -92.73 -22.04 82.29
C VAL XC 68 -91.43 -22.48 82.96
N LYS XC 69 -91.50 -23.52 83.78
CA LYS XC 69 -90.29 -24.08 84.36
C LYS XC 69 -89.48 -24.78 83.27
N ASP XC 70 -88.17 -24.72 83.41
CA ASP XC 70 -87.25 -25.30 82.45
C ASP XC 70 -86.87 -26.72 82.90
N ALA XC 71 -86.29 -27.48 81.96
CA ALA XC 71 -85.73 -28.78 82.33
C ALA XC 71 -84.65 -28.62 83.40
N SER XC 72 -83.90 -27.50 83.35
CA SER XC 72 -82.93 -27.16 84.39
C SER XC 72 -83.61 -26.62 85.65
N GLY XC 73 -84.92 -26.47 85.66
CA GLY XC 73 -85.64 -25.87 86.76
C GLY XC 73 -85.78 -24.37 86.68
N ALA XC 74 -84.87 -23.69 85.97
CA ALA XC 74 -84.90 -22.24 85.85
C ALA XC 74 -86.24 -21.76 85.28
N ASP XC 75 -86.66 -20.59 85.70
CA ASP XC 75 -87.90 -20.00 85.20
C ASP XC 75 -87.65 -19.31 83.87
N MET XC 76 -88.52 -19.56 82.89
CA MET XC 76 -88.32 -19.14 81.51
C MET XC 76 -89.62 -18.55 81.00
N THR XC 77 -89.56 -17.33 80.47
CA THR XC 77 -90.76 -16.66 79.95
C THR XC 77 -90.87 -16.91 78.44
N ILE XC 78 -92.05 -17.37 78.01
CA ILE XC 78 -92.30 -17.81 76.65
C ILE XC 78 -93.50 -17.05 76.11
N LYS XC 79 -93.39 -16.53 74.89
CA LYS XC 79 -94.45 -15.76 74.27
C LYS XC 79 -95.12 -16.55 73.15
N ALA XC 80 -96.44 -16.44 73.06
CA ALA XC 80 -97.22 -16.93 71.93
C ALA XC 80 -97.89 -15.74 71.25
N ASN XC 81 -97.90 -15.74 69.93
CA ASN XC 81 -98.36 -14.58 69.19
C ASN XC 81 -99.50 -14.94 68.25
N ALA XC 82 -100.41 -13.99 68.09
CA ALA XC 82 -101.43 -14.07 67.06
C ALA XC 82 -101.40 -12.75 66.31
N SER XC 83 -101.43 -12.81 64.98
CA SER XC 83 -101.37 -11.61 64.17
C SER XC 83 -102.45 -11.66 63.10
N VAL XC 84 -103.22 -10.59 63.00
CA VAL XC 84 -104.29 -10.49 62.01
C VAL XC 84 -103.97 -9.32 61.09
N THR XC 85 -104.25 -9.49 59.79
CA THR XC 85 -104.02 -8.42 58.81
C THR XC 85 -105.20 -8.38 57.85
N PHE XC 86 -105.82 -7.20 57.75
CA PHE XC 86 -106.90 -6.93 56.83
C PHE XC 86 -106.35 -6.12 55.66
N SER XC 87 -106.43 -6.68 54.46
CA SER XC 87 -106.12 -5.95 53.24
C SER XC 87 -107.45 -5.56 52.61
N LEU XC 88 -107.73 -4.27 52.61
CA LEU XC 88 -109.02 -3.74 52.18
C LEU XC 88 -108.81 -2.74 51.06
N PRO XC 89 -109.23 -3.07 49.84
CA PRO XC 89 -109.17 -2.10 48.74
C PRO XC 89 -110.13 -0.96 48.98
N LYS XC 90 -109.79 0.20 48.42
CA LYS XC 90 -110.59 1.40 48.65
C LYS XC 90 -112.01 1.23 48.09
N THR XC 91 -112.14 0.67 46.89
CA THR XC 91 -113.44 0.53 46.25
C THR XC 91 -114.34 -0.49 46.95
N TYR XC 92 -113.78 -1.29 47.85
CA TYR XC 92 -114.57 -2.29 48.57
C TYR XC 92 -115.49 -1.59 49.56
N PRO XC 93 -116.77 -1.97 49.64
CA PRO XC 93 -117.72 -1.23 50.49
C PRO XC 93 -117.60 -1.56 51.97
N ASN XC 94 -117.70 -0.51 52.80
CA ASN XC 94 -117.56 -0.65 54.24
C ASN XC 94 -118.49 -1.72 54.80
N GLU XC 95 -119.67 -1.88 54.21
CA GLU XC 95 -120.60 -2.90 54.67
C GLU XC 95 -120.00 -4.29 54.56
N HIS XC 96 -119.55 -4.68 53.37
CA HIS XC 96 -118.94 -5.99 53.19
C HIS XC 96 -117.65 -6.15 54.00
N ILE XC 97 -116.97 -5.04 54.33
CA ILE XC 97 -115.84 -5.14 55.26
C ILE XC 97 -116.30 -5.63 56.63
N THR XC 98 -117.33 -4.99 57.20
CA THR XC 98 -117.84 -5.44 58.50
C THR XC 98 -118.27 -6.91 58.40
N LYS XC 99 -118.88 -7.29 57.28
CA LYS XC 99 -119.23 -8.70 57.05
C LYS XC 99 -118.00 -9.59 57.16
N LEU XC 100 -116.92 -9.22 56.49
CA LEU XC 100 -115.68 -9.99 56.54
C LEU XC 100 -115.18 -10.16 57.97
N ARG XC 101 -115.12 -9.05 58.73
CA ARG XC 101 -114.63 -9.13 60.10
C ARG XC 101 -115.48 -10.07 60.94
N GLN XC 102 -116.80 -9.98 60.81
CA GLN XC 102 -117.66 -10.82 61.63
C GLN XC 102 -117.52 -12.30 61.25
N THR XC 103 -117.45 -12.60 59.94
CA THR XC 103 -117.23 -13.99 59.55
C THR XC 103 -115.90 -14.52 60.05
N LEU XC 104 -114.88 -13.66 60.15
CA LEU XC 104 -113.61 -14.11 60.71
C LEU XC 104 -113.76 -14.46 62.19
N ILE XC 105 -114.48 -13.63 62.95
CA ILE XC 105 -114.76 -13.97 64.34
C ILE XC 105 -115.45 -15.32 64.44
N ALA XC 106 -116.47 -15.52 63.61
CA ALA XC 106 -117.21 -16.78 63.60
C ALA XC 106 -116.29 -17.96 63.34
N TRP XC 107 -115.44 -17.84 62.32
CA TRP XC 107 -114.51 -18.90 61.99
C TRP XC 107 -113.58 -19.20 63.15
N LEU XC 108 -113.03 -18.15 63.79
CA LEU XC 108 -112.12 -18.33 64.90
C LEU XC 108 -112.78 -19.04 66.07
N GLY XC 109 -114.12 -18.97 66.16
CA GLY XC 109 -114.84 -19.74 67.16
C GLY XC 109 -114.97 -21.22 66.87
N GLN XC 110 -114.90 -21.59 65.59
CA GLN XC 110 -115.25 -22.94 65.17
C GLN XC 110 -114.24 -23.97 65.66
N GLN XC 111 -114.70 -25.22 65.74
CA GLN XC 111 -113.82 -26.28 66.22
C GLN XC 111 -112.78 -26.66 65.16
N CYS XC 112 -113.13 -26.58 63.88
CA CYS XC 112 -112.14 -26.90 62.84
C CYS XC 112 -110.98 -25.92 62.86
N VAL XC 113 -111.16 -24.75 63.45
CA VAL XC 113 -110.08 -23.79 63.63
C VAL XC 113 -109.42 -23.96 64.99
N SER XC 114 -110.20 -24.21 66.04
CA SER XC 114 -109.63 -24.28 67.38
C SER XC 114 -108.77 -25.52 67.56
N ASP XC 115 -109.19 -26.66 67.03
CA ASP XC 115 -108.45 -27.91 67.22
C ASP XC 115 -107.01 -27.80 66.73
N PRO XC 116 -106.71 -27.34 65.51
CA PRO XC 116 -105.29 -27.18 65.15
C PRO XC 116 -104.59 -26.07 65.90
N VAL XC 117 -105.26 -24.93 66.10
CA VAL XC 117 -104.63 -23.83 66.83
C VAL XC 117 -104.36 -24.22 68.28
N ASP XC 118 -105.39 -24.69 68.99
CA ASP XC 118 -105.25 -24.92 70.42
C ASP XC 118 -104.39 -26.15 70.72
N SER XC 119 -104.64 -27.27 70.03
CA SER XC 119 -104.03 -28.54 70.40
C SER XC 119 -103.06 -29.09 69.37
N GLY XC 120 -102.93 -28.46 68.21
CA GLY XC 120 -102.01 -28.95 67.21
C GLY XC 120 -102.49 -30.16 66.43
N LEU XC 121 -103.75 -30.54 66.57
CA LEU XC 121 -104.30 -31.65 65.81
C LEU XC 121 -104.91 -31.14 64.51
N ASN XC 122 -104.57 -31.78 63.40
CA ASN XC 122 -105.16 -31.41 62.13
C ASN XC 122 -106.54 -32.02 61.95
N ASN XC 123 -107.28 -31.49 60.99
CA ASN XC 123 -108.61 -32.01 60.71
C ASN XC 123 -108.55 -33.12 59.68
N TYR XC 124 -109.65 -33.87 59.58
CA TYR XC 124 -109.72 -35.03 58.69
C TYR XC 124 -111.16 -35.29 58.18
N MET YC 1 76.48 103.22 -35.25
CA MET YC 1 76.37 104.55 -35.85
C MET YC 1 75.06 105.23 -35.46
N ARG YC 2 75.14 106.52 -35.14
CA ARG YC 2 73.92 107.29 -34.92
C ARG YC 2 73.16 107.42 -36.24
N LEU YC 3 71.97 106.83 -36.27
CA LEU YC 3 71.21 106.74 -37.51
C LEU YC 3 70.81 108.11 -38.02
N THR YC 4 70.84 108.26 -39.33
CA THR YC 4 70.36 109.46 -39.99
C THR YC 4 69.71 109.03 -41.29
N ASP YC 5 68.80 109.87 -41.80
CA ASP YC 5 68.22 109.60 -43.11
C ASP YC 5 69.33 109.36 -44.12
N VAL YC 6 69.04 108.56 -45.13
CA VAL YC 6 70.08 108.06 -46.02
C VAL YC 6 69.69 108.41 -47.44
N ASP YC 7 70.67 108.85 -48.23
CA ASP YC 7 70.48 109.11 -49.65
C ASP YC 7 71.45 108.23 -50.41
N LEU YC 8 70.90 107.38 -51.28
CA LEU YC 8 71.66 106.41 -52.05
C LEU YC 8 71.72 106.85 -53.50
N THR YC 9 72.89 106.70 -54.11
CA THR YC 9 73.03 106.90 -55.54
C THR YC 9 72.83 105.55 -56.21
N VAL YC 10 71.82 105.45 -57.07
CA VAL YC 10 71.40 104.19 -57.66
C VAL YC 10 71.43 104.34 -59.17
N GLY YC 11 72.44 103.76 -59.81
CA GLY YC 11 72.61 103.93 -61.23
C GLY YC 11 72.73 105.41 -61.55
N GLU YC 12 71.72 105.95 -62.22
CA GLU YC 12 71.75 107.35 -62.60
C GLU YC 12 70.63 108.14 -61.93
N GLU YC 13 70.09 107.63 -60.84
CA GLU YC 13 69.05 108.31 -60.08
C GLU YC 13 69.50 108.38 -58.63
N THR YC 14 68.80 109.16 -57.82
CA THR YC 14 69.08 109.23 -56.39
C THR YC 14 67.83 108.87 -55.60
N ARG YC 15 67.99 107.94 -54.67
CA ARG YC 15 66.91 107.38 -53.87
C ARG YC 15 67.07 107.84 -52.43
N GLU YC 16 66.00 108.36 -51.84
CA GLU YC 16 66.06 108.95 -50.50
C GLU YC 16 65.21 108.13 -49.54
N TYR YC 17 65.83 107.65 -48.47
CA TYR YC 17 65.19 106.88 -47.42
C TYR YC 17 65.22 107.67 -46.12
N ALA YC 18 64.22 107.42 -45.28
CA ALA YC 18 64.10 108.03 -43.97
C ALA YC 18 63.93 106.96 -42.91
N VAL YC 19 64.50 107.22 -41.73
CA VAL YC 19 64.42 106.27 -40.62
C VAL YC 19 62.98 106.10 -40.20
N SER YC 20 62.51 104.85 -40.15
CA SER YC 20 61.16 104.54 -39.69
C SER YC 20 61.11 103.94 -38.29
N GLU YC 21 62.05 103.06 -37.93
CA GLU YC 21 62.13 102.67 -36.53
C GLU YC 21 63.52 102.12 -36.23
N GLN YC 22 63.93 102.24 -34.98
CA GLN YC 22 65.23 101.72 -34.53
C GLN YC 22 65.05 101.03 -33.19
N GLN YC 23 65.42 99.76 -33.13
CA GLN YC 23 65.43 98.98 -31.91
C GLN YC 23 66.88 98.69 -31.54
N GLY YC 24 67.05 97.86 -30.51
CA GLY YC 24 68.40 97.57 -30.05
C GLY YC 24 69.25 96.91 -31.12
N THR YC 25 68.69 95.93 -31.81
CA THR YC 25 69.41 95.17 -32.83
C THR YC 25 68.69 95.20 -34.18
N LEU YC 26 67.75 96.13 -34.37
CA LEU YC 26 66.96 96.19 -35.60
C LEU YC 26 66.71 97.64 -35.98
N PHE YC 27 66.70 97.91 -37.29
CA PHE YC 27 66.26 99.21 -37.79
C PHE YC 27 65.55 99.04 -39.13
N ARG YC 28 64.79 100.07 -39.48
CA ARG YC 28 63.99 100.09 -40.69
C ARG YC 28 63.92 101.50 -41.25
N PHE YC 29 64.23 101.60 -42.54
CA PHE YC 29 64.08 102.78 -43.38
C PHE YC 29 62.92 102.61 -44.35
N VAL YC 30 62.33 103.73 -44.74
CA VAL YC 30 61.26 103.79 -45.72
C VAL YC 30 61.66 104.75 -46.85
N ASP YC 31 61.30 104.40 -48.09
CA ASP YC 31 61.56 105.27 -49.24
C ASP YC 31 60.67 106.52 -49.12
N LYS YC 32 61.32 107.69 -49.15
CA LYS YC 32 60.59 108.96 -49.03
C LYS YC 32 59.61 109.20 -50.18
N SER YC 33 59.69 108.39 -51.25
CA SER YC 33 58.77 108.51 -52.37
C SER YC 33 57.34 108.14 -51.99
N GLY YC 34 57.12 107.48 -50.84
CA GLY YC 34 55.88 106.81 -50.55
C GLY YC 34 55.18 107.32 -49.30
N THR YC 35 53.94 106.86 -49.15
CA THR YC 35 53.04 107.16 -48.04
C THR YC 35 52.86 105.88 -47.22
N VAL YC 36 52.36 106.05 -45.99
CA VAL YC 36 51.75 104.94 -45.28
C VAL YC 36 50.79 104.21 -46.19
N ALA YC 37 49.91 104.96 -46.87
CA ALA YC 37 48.94 104.38 -47.78
C ALA YC 37 49.62 103.64 -48.93
N ASN YC 38 50.38 104.37 -49.74
CA ASN YC 38 51.07 103.78 -50.88
C ASN YC 38 52.57 103.79 -50.59
N ASN YC 39 53.16 102.60 -50.50
CA ASN YC 39 54.57 102.44 -50.17
C ASN YC 39 55.40 102.20 -51.43
N THR YC 40 56.56 102.85 -51.48
CA THR YC 40 57.46 102.70 -52.63
C THR YC 40 58.69 101.86 -52.34
N GLY YC 41 59.04 101.64 -51.07
CA GLY YC 41 60.22 100.86 -50.76
C GLY YC 41 60.49 100.76 -49.27
N VAL YC 42 61.06 99.65 -48.84
CA VAL YC 42 61.38 99.44 -47.43
C VAL YC 42 62.71 98.72 -47.32
N PHE YC 43 63.46 99.05 -46.28
CA PHE YC 43 64.70 98.35 -45.96
C PHE YC 43 64.75 98.09 -44.47
N SER YC 44 65.13 96.86 -44.11
CA SER YC 44 65.19 96.47 -42.71
C SER YC 44 66.45 95.64 -42.48
N LEU YC 45 67.05 95.82 -41.30
CA LEU YC 45 68.27 95.10 -40.93
C LEU YC 45 68.19 94.70 -39.46
N GLU YC 46 68.56 93.44 -39.17
CA GLU YC 46 68.56 92.90 -37.80
C GLU YC 46 69.79 92.04 -37.56
N GLN YC 47 70.40 92.20 -36.39
CA GLN YC 47 71.53 91.36 -35.98
C GLN YC 47 71.12 90.44 -34.83
N ARG YC 48 71.59 89.21 -34.90
CA ARG YC 48 71.32 88.18 -33.90
C ARG YC 48 72.68 87.64 -33.44
N PHE YC 49 73.10 88.11 -32.27
CA PHE YC 49 74.33 87.67 -31.62
C PHE YC 49 74.03 86.37 -30.88
N GLY YC 50 74.62 85.26 -31.32
CA GLY YC 50 74.39 83.98 -30.71
C GLY YC 50 75.27 83.73 -29.50
N ALA YC 51 75.29 82.48 -29.05
CA ALA YC 51 76.23 82.11 -28.00
C ALA YC 51 77.66 82.06 -28.55
N ALA YC 52 78.63 81.92 -27.64
CA ALA YC 52 80.03 81.97 -28.03
C ALA YC 52 80.42 80.83 -28.97
N ASN YC 53 79.66 79.74 -28.98
CA ASN YC 53 79.85 78.69 -29.97
C ASN YC 53 79.07 78.95 -31.26
N SER YC 54 78.14 79.90 -31.23
CA SER YC 54 77.30 80.20 -32.39
C SER YC 54 77.88 81.35 -33.19
N ASN YC 55 77.63 81.34 -34.50
CA ASN YC 55 77.96 82.47 -35.35
C ASN YC 55 76.92 83.56 -35.17
N ARG YC 56 77.37 84.80 -35.07
CA ARG YC 56 76.40 85.88 -35.12
C ARG YC 56 75.90 86.03 -36.56
N LYS YC 57 74.67 86.48 -36.67
CA LYS YC 57 74.00 86.54 -37.96
C LYS YC 57 73.41 87.92 -38.18
N VAL YC 58 73.43 88.37 -39.43
CA VAL YC 58 72.95 89.71 -39.77
C VAL YC 58 72.11 89.59 -41.03
N THR YC 59 70.86 90.04 -40.96
CA THR YC 59 69.94 89.84 -42.08
C THR YC 59 69.30 91.15 -42.52
N MET YC 60 69.21 91.32 -43.83
CA MET YC 60 68.66 92.50 -44.48
C MET YC 60 67.54 92.08 -45.41
N LEU YC 61 66.47 92.88 -45.42
CA LEU YC 61 65.37 92.72 -46.36
C LEU YC 61 65.10 94.04 -47.05
N LEU YC 62 65.15 94.03 -48.37
CA LEU YC 62 64.84 95.17 -49.22
C LEU YC 62 63.62 94.81 -50.05
N THR YC 63 62.55 95.60 -49.90
CA THR YC 63 61.30 95.37 -50.60
C THR YC 63 60.99 96.55 -51.50
N ASP YC 64 60.73 96.26 -52.77
CA ASP YC 64 60.35 97.28 -53.76
C ASP YC 64 59.02 96.90 -54.36
N PRO YC 65 57.95 97.61 -53.97
CA PRO YC 65 56.65 97.40 -54.62
C PRO YC 65 56.45 98.35 -55.78
N VAL YC 66 55.77 97.84 -56.81
CA VAL YC 66 55.46 98.57 -58.03
C VAL YC 66 54.00 98.33 -58.36
N VAL YC 67 53.35 99.36 -58.89
CA VAL YC 67 51.98 99.21 -59.38
C VAL YC 67 52.02 98.78 -60.84
N VAL YC 68 51.29 97.72 -61.16
CA VAL YC 68 51.24 97.13 -62.49
C VAL YC 68 49.79 97.06 -62.94
N LYS YC 69 49.58 97.15 -64.24
CA LYS YC 69 48.26 97.00 -64.84
C LYS YC 69 47.83 95.54 -64.77
N ASP YC 70 46.57 95.34 -64.41
CA ASP YC 70 45.98 94.01 -64.41
C ASP YC 70 45.71 93.56 -65.84
N ALA YC 71 45.52 92.25 -66.02
CA ALA YC 71 45.09 91.75 -67.32
C ALA YC 71 43.72 92.30 -67.69
N SER YC 72 42.88 92.55 -66.69
CA SER YC 72 41.62 93.26 -66.92
C SER YC 72 41.85 94.77 -67.04
N GLY YC 73 42.90 95.29 -66.42
CA GLY YC 73 43.20 96.71 -66.44
C GLY YC 73 43.24 97.36 -65.08
N ALA YC 74 42.79 96.67 -64.03
CA ALA YC 74 42.79 97.24 -62.69
C ALA YC 74 44.22 97.55 -62.22
N ASP YC 75 44.31 98.42 -61.22
CA ASP YC 75 45.58 98.74 -60.60
C ASP YC 75 45.92 97.70 -59.54
N MET YC 76 47.11 97.12 -59.63
CA MET YC 76 47.49 96.05 -58.71
C MET YC 76 48.91 96.28 -58.24
N THR YC 77 49.18 96.09 -56.95
CA THR YC 77 50.51 96.31 -56.40
C THR YC 77 51.25 94.98 -56.23
N ILE YC 78 52.50 94.95 -56.72
CA ILE YC 78 53.32 93.74 -56.76
C ILE YC 78 54.66 94.07 -56.13
N LYS YC 79 55.09 93.25 -55.18
CA LYS YC 79 56.34 93.45 -54.47
C LYS YC 79 57.41 92.50 -55.00
N ALA YC 80 58.66 92.99 -55.03
CA ALA YC 80 59.85 92.19 -55.31
C ALA YC 80 60.78 92.29 -54.11
N ASN YC 81 61.31 91.16 -53.68
CA ASN YC 81 62.08 91.09 -52.44
C ASN YC 81 63.52 90.71 -52.73
N ALA YC 82 64.44 91.27 -51.96
CA ALA YC 82 65.81 90.82 -51.94
C ALA YC 82 66.25 90.72 -50.49
N SER YC 83 66.91 89.62 -50.14
CA SER YC 83 67.30 89.40 -48.76
C SER YC 83 68.74 88.92 -48.69
N VAL YC 84 69.52 89.53 -47.81
CA VAL YC 84 70.92 89.16 -47.61
C VAL YC 84 71.07 88.66 -46.18
N THR YC 85 71.94 87.67 -46.00
CA THR YC 85 72.22 87.13 -44.66
C THR YC 85 73.72 86.86 -44.55
N PHE YC 86 74.35 87.50 -43.58
CA PHE YC 86 75.76 87.33 -43.26
C PHE YC 86 75.85 86.41 -42.05
N SER YC 87 76.48 85.24 -42.23
CA SER YC 87 76.80 84.34 -41.12
C SER YC 87 78.28 84.52 -40.83
N LEU YC 88 78.56 85.11 -39.66
CA LEU YC 88 79.90 85.51 -39.27
C LEU YC 88 80.26 84.85 -37.95
N PRO YC 89 81.18 83.88 -37.97
CA PRO YC 89 81.67 83.30 -36.71
C PRO YC 89 82.45 84.31 -35.90
N LYS YC 90 82.48 84.08 -34.59
CA LYS YC 90 83.09 85.03 -33.66
C LYS YC 90 84.59 84.84 -33.51
N THR YC 91 85.18 83.90 -34.26
CA THR YC 91 86.62 83.79 -34.39
C THR YC 91 87.12 84.34 -35.71
N TYR YC 92 86.21 84.79 -36.55
CA TYR YC 92 86.52 85.37 -37.86
C TYR YC 92 86.89 86.84 -37.70
N PRO YC 93 87.97 87.32 -38.33
CA PRO YC 93 88.40 88.70 -38.11
C PRO YC 93 87.57 89.73 -38.86
N ASN YC 94 87.39 90.88 -38.19
CA ASN YC 94 86.54 91.93 -38.72
C ASN YC 94 87.05 92.42 -40.08
N GLU YC 95 88.37 92.46 -40.26
CA GLU YC 95 88.93 92.85 -41.56
C GLU YC 95 88.36 91.99 -42.67
N HIS YC 96 88.43 90.67 -42.51
CA HIS YC 96 87.94 89.78 -43.55
C HIS YC 96 86.42 89.84 -43.68
N ILE YC 97 85.69 90.21 -42.63
CA ILE YC 97 84.26 90.47 -42.81
C ILE YC 97 84.05 91.66 -43.77
N THR YC 98 84.82 92.72 -43.58
CA THR YC 98 84.71 93.86 -44.51
C THR YC 98 85.07 93.43 -45.93
N LYS YC 99 86.15 92.65 -46.06
CA LYS YC 99 86.53 92.10 -47.36
C LYS YC 99 85.36 91.33 -47.99
N LEU YC 100 84.70 90.50 -47.19
CA LEU YC 100 83.57 89.72 -47.68
C LEU YC 100 82.45 90.62 -48.18
N ARG YC 101 82.07 91.62 -47.39
CA ARG YC 101 80.99 92.53 -47.79
C ARG YC 101 81.32 93.23 -49.10
N GLN YC 102 82.57 93.68 -49.24
CA GLN YC 102 82.93 94.39 -50.46
C GLN YC 102 82.95 93.46 -51.68
N THR YC 103 83.46 92.23 -51.52
CA THR YC 103 83.41 91.27 -52.62
C THR YC 103 81.98 90.96 -53.02
N LEU YC 104 81.05 90.95 -52.05
CA LEU YC 104 79.66 90.74 -52.37
C LEU YC 104 79.11 91.89 -53.20
N ILE YC 105 79.45 93.13 -52.82
CA ILE YC 105 79.03 94.28 -53.61
C ILE YC 105 79.55 94.16 -55.04
N ALA YC 106 80.83 93.81 -55.18
CA ALA YC 106 81.42 93.66 -56.51
C ALA YC 106 80.70 92.59 -57.32
N TRP YC 107 80.41 91.45 -56.68
CA TRP YC 107 79.70 90.38 -57.38
C TRP YC 107 78.32 90.82 -57.83
N LEU YC 108 77.59 91.52 -56.95
CA LEU YC 108 76.27 92.02 -57.32
C LEU YC 108 76.34 93.01 -58.46
N GLY YC 109 77.50 93.62 -58.68
CA GLY YC 109 77.70 94.45 -59.85
C GLY YC 109 77.88 93.69 -61.16
N GLN YC 110 78.34 92.45 -61.08
CA GLN YC 110 78.80 91.71 -62.26
C GLN YC 110 77.65 91.40 -63.20
N GLN YC 111 78.00 91.23 -64.49
CA GLN YC 111 76.98 90.90 -65.47
C GLN YC 111 76.49 89.47 -65.30
N CYS YC 112 77.37 88.55 -64.89
CA CYS YC 112 76.96 87.16 -64.70
C CYS YC 112 75.98 87.01 -63.54
N VAL YC 113 75.96 87.96 -62.62
CA VAL YC 113 74.91 88.02 -61.60
C VAL YC 113 73.72 88.83 -62.11
N SER YC 114 73.96 89.85 -62.92
CA SER YC 114 72.90 90.73 -63.37
C SER YC 114 71.92 90.01 -64.29
N ASP YC 115 72.43 89.24 -65.25
CA ASP YC 115 71.56 88.63 -66.25
C ASP YC 115 70.49 87.73 -65.64
N PRO YC 116 70.80 86.76 -64.77
CA PRO YC 116 69.71 85.97 -64.18
C PRO YC 116 68.79 86.79 -63.29
N VAL YC 117 69.35 87.67 -62.46
CA VAL YC 117 68.52 88.48 -61.57
C VAL YC 117 67.64 89.42 -62.37
N ASP YC 118 68.25 90.28 -63.20
CA ASP YC 118 67.49 91.36 -63.83
C ASP YC 118 66.54 90.83 -64.89
N SER YC 119 66.98 89.88 -65.70
CA SER YC 119 66.21 89.47 -66.87
C SER YC 119 65.81 88.00 -66.90
N GLY YC 120 66.38 87.16 -66.04
CA GLY YC 120 66.05 85.75 -66.01
C GLY YC 120 66.88 84.88 -66.92
N LEU YC 121 67.79 85.46 -67.70
CA LEU YC 121 68.66 84.65 -68.56
C LEU YC 121 69.74 83.99 -67.71
N ASN YC 122 69.93 82.68 -67.92
CA ASN YC 122 71.05 82.00 -67.29
C ASN YC 122 72.33 82.19 -68.11
N ASN YC 123 73.46 82.02 -67.44
CA ASN YC 123 74.73 82.12 -68.12
C ASN YC 123 75.11 80.76 -68.70
N TYR YC 124 76.02 80.78 -69.67
CA TYR YC 124 76.39 79.56 -70.37
C TYR YC 124 77.89 79.46 -70.63
N MET ZC 1 71.42 110.30 -20.21
CA MET ZC 1 72.36 111.10 -21.00
C MET ZC 1 72.34 110.68 -22.46
N ARG ZC 2 72.88 111.53 -23.33
CA ARG ZC 2 73.02 111.20 -24.74
C ARG ZC 2 74.32 110.40 -24.93
N LEU ZC 3 74.19 109.12 -25.25
CA LEU ZC 3 75.33 108.24 -25.35
C LEU ZC 3 76.32 108.71 -26.40
N THR ZC 4 77.58 108.76 -25.99
CA THR ZC 4 78.70 109.08 -26.87
C THR ZC 4 79.81 108.10 -26.57
N ASP ZC 5 80.63 107.80 -27.57
CA ASP ZC 5 81.78 106.92 -27.36
C ASP ZC 5 82.60 107.44 -26.19
N VAL ZC 6 83.16 106.51 -25.42
CA VAL ZC 6 83.74 106.85 -24.12
C VAL ZC 6 85.22 106.46 -24.14
N ASP ZC 7 86.04 107.29 -23.52
CA ASP ZC 7 87.46 106.97 -23.33
C ASP ZC 7 87.79 107.01 -21.85
N LEU ZC 8 88.27 105.89 -21.34
CA LEU ZC 8 88.54 105.68 -19.93
C LEU ZC 8 90.03 105.72 -19.70
N THR ZC 9 90.43 106.43 -18.66
CA THR ZC 9 91.83 106.45 -18.24
C THR ZC 9 92.00 105.32 -17.23
N VAL ZC 10 92.74 104.29 -17.62
CA VAL ZC 10 92.88 103.06 -16.85
C VAL ZC 10 94.35 102.93 -16.45
N GLY ZC 11 94.66 103.31 -15.21
CA GLY ZC 11 96.04 103.34 -14.77
C GLY ZC 11 96.83 104.29 -15.64
N GLU ZC 12 97.74 103.76 -16.44
CA GLU ZC 12 98.55 104.59 -17.32
C GLU ZC 12 98.23 104.37 -18.78
N GLU ZC 13 97.07 103.78 -19.07
CA GLU ZC 13 96.67 103.49 -20.43
C GLU ZC 13 95.31 104.14 -20.67
N THR ZC 14 94.88 104.18 -21.93
CA THR ZC 14 93.57 104.70 -22.26
C THR ZC 14 92.80 103.65 -23.05
N ARG ZC 15 91.67 103.22 -22.50
CA ARG ZC 15 90.74 102.32 -23.17
C ARG ZC 15 89.70 103.14 -23.91
N GLU ZC 16 89.32 102.68 -25.11
CA GLU ZC 16 88.41 103.45 -25.96
C GLU ZC 16 87.25 102.57 -26.41
N TYR ZC 17 86.06 102.86 -25.89
CA TYR ZC 17 84.86 102.10 -26.16
C TYR ZC 17 83.94 102.88 -27.09
N ALA ZC 18 83.23 102.13 -27.93
CA ALA ZC 18 82.25 102.66 -28.86
C ALA ZC 18 80.87 102.08 -28.56
N VAL ZC 19 79.83 102.91 -28.72
CA VAL ZC 19 78.48 102.45 -28.49
C VAL ZC 19 78.14 101.34 -29.46
N SER ZC 20 77.68 100.21 -28.92
CA SER ZC 20 77.32 99.05 -29.74
C SER ZC 20 75.84 98.73 -29.77
N GLU ZC 21 75.09 99.03 -28.70
CA GLU ZC 21 73.64 99.02 -28.85
C GLU ZC 21 72.98 99.85 -27.76
N GLN ZC 22 71.81 100.40 -28.10
CA GLN ZC 22 71.00 101.18 -27.16
C GLN ZC 22 69.56 100.72 -27.28
N GLN ZC 23 69.02 100.17 -26.19
CA GLN ZC 23 67.62 99.80 -26.12
C GLN ZC 23 66.91 100.78 -25.21
N GLY ZC 24 65.73 100.39 -24.74
CA GLY ZC 24 65.00 101.25 -23.84
C GLY ZC 24 65.77 101.46 -22.54
N THR ZC 25 66.03 100.37 -21.83
CA THR ZC 25 66.67 100.40 -20.53
C THR ZC 25 68.06 99.78 -20.53
N LEU ZC 26 68.59 99.43 -21.70
CA LEU ZC 26 69.84 98.71 -21.82
C LEU ZC 26 70.74 99.40 -22.83
N PHE ZC 27 72.05 99.39 -22.54
CA PHE ZC 27 73.05 99.85 -23.50
C PHE ZC 27 74.29 98.97 -23.41
N ARG ZC 28 75.10 99.05 -24.45
CA ARG ZC 28 76.29 98.22 -24.57
C ARG ZC 28 77.36 98.96 -25.36
N PHE ZC 29 78.54 99.07 -24.76
CA PHE ZC 29 79.77 99.58 -25.36
C PHE ZC 29 80.70 98.43 -25.68
N VAL ZC 30 81.66 98.71 -26.57
CA VAL ZC 30 82.57 97.70 -27.10
C VAL ZC 30 83.96 98.31 -27.24
N ASP ZC 31 84.98 97.56 -26.83
CA ASP ZC 31 86.36 98.04 -26.93
C ASP ZC 31 86.76 98.23 -28.39
N LYS ZC 32 87.08 99.47 -28.76
CA LYS ZC 32 87.41 99.78 -30.15
C LYS ZC 32 88.63 98.99 -30.62
N SER ZC 33 89.55 98.70 -29.71
CA SER ZC 33 90.80 98.02 -30.03
C SER ZC 33 90.60 96.55 -30.37
N GLY ZC 34 89.37 96.07 -30.49
CA GLY ZC 34 89.15 94.66 -30.76
C GLY ZC 34 89.29 94.36 -32.25
N THR ZC 35 89.99 93.27 -32.54
CA THR ZC 35 90.16 92.81 -33.92
C THR ZC 35 89.14 91.75 -34.32
N VAL ZC 36 88.79 90.88 -33.38
CA VAL ZC 36 87.84 89.81 -33.62
C VAL ZC 36 86.74 89.93 -32.56
N ALA ZC 37 85.60 89.31 -32.84
CA ALA ZC 37 84.52 89.26 -31.86
C ALA ZC 37 85.01 88.71 -30.53
N ASN ZC 38 85.69 87.56 -30.55
CA ASN ZC 38 86.21 86.97 -29.31
C ASN ZC 38 87.34 87.79 -28.72
N ASN ZC 39 88.13 88.45 -29.56
CA ASN ZC 39 89.16 89.37 -29.06
C ASN ZC 39 88.55 90.53 -28.28
N THR ZC 40 87.31 90.90 -28.58
CA THR ZC 40 86.77 92.21 -28.22
C THR ZC 40 86.14 92.20 -26.82
N GLY ZC 41 86.62 93.11 -25.97
CA GLY ZC 41 85.99 93.32 -24.68
C GLY ZC 41 84.71 94.13 -24.81
N VAL ZC 42 83.82 93.96 -23.83
CA VAL ZC 42 82.51 94.61 -23.89
C VAL ZC 42 82.08 95.06 -22.51
N PHE ZC 43 81.14 96.00 -22.49
CA PHE ZC 43 80.55 96.49 -21.25
C PHE ZC 43 79.07 96.79 -21.50
N SER ZC 44 78.23 96.27 -20.63
CA SER ZC 44 76.79 96.38 -20.81
C SER ZC 44 76.14 96.79 -19.49
N LEU ZC 45 75.05 97.55 -19.59
CA LEU ZC 45 74.31 98.00 -18.42
C LEU ZC 45 72.82 97.97 -18.73
N GLU ZC 46 72.03 97.58 -17.73
CA GLU ZC 46 70.58 97.46 -17.86
C GLU ZC 46 69.93 97.85 -16.55
N GLN ZC 47 68.87 98.65 -16.63
CA GLN ZC 47 68.07 99.00 -15.46
C GLN ZC 47 66.72 98.30 -15.54
N ARG ZC 48 66.30 97.74 -14.40
CA ARG ZC 48 65.02 97.08 -14.24
C ARG ZC 48 64.29 97.83 -13.14
N PHE ZC 49 63.36 98.70 -13.56
CA PHE ZC 49 62.54 99.47 -12.64
C PHE ZC 49 61.36 98.60 -12.22
N GLY ZC 50 61.19 98.42 -10.91
CA GLY ZC 50 60.14 97.56 -10.39
C GLY ZC 50 58.85 98.31 -10.11
N ALA ZC 51 57.92 97.60 -9.48
CA ALA ZC 51 56.71 98.24 -8.97
C ALA ZC 51 57.06 99.16 -7.80
N ALA ZC 52 56.06 99.87 -7.27
CA ALA ZC 52 56.33 100.83 -6.20
C ALA ZC 52 56.77 100.16 -4.92
N ASN ZC 53 56.37 98.90 -4.71
CA ASN ZC 53 56.85 98.15 -3.56
C ASN ZC 53 58.22 97.51 -3.80
N SER ZC 54 58.69 97.53 -5.04
CA SER ZC 54 59.97 96.92 -5.39
C SER ZC 54 61.09 97.95 -5.35
N ASN ZC 55 62.31 97.45 -5.40
CA ASN ZC 55 63.49 98.28 -5.58
C ASN ZC 55 63.89 98.23 -7.05
N ARG ZC 56 64.30 99.36 -7.60
CA ARG ZC 56 64.86 99.31 -8.95
C ARG ZC 56 66.26 98.71 -8.86
N LYS ZC 57 66.64 97.99 -9.91
CA LYS ZC 57 67.92 97.30 -9.93
C LYS ZC 57 68.68 97.71 -11.19
N VAL ZC 58 69.96 98.02 -11.04
CA VAL ZC 58 70.82 98.33 -12.17
C VAL ZC 58 71.95 97.33 -12.19
N THR ZC 59 72.18 96.71 -13.34
CA THR ZC 59 73.22 95.69 -13.46
C THR ZC 59 74.17 96.04 -14.58
N MET ZC 60 75.45 95.74 -14.36
CA MET ZC 60 76.51 95.97 -15.32
C MET ZC 60 77.36 94.72 -15.43
N LEU ZC 61 77.76 94.43 -16.66
CA LEU ZC 61 78.68 93.34 -16.95
C LEU ZC 61 79.84 93.87 -17.79
N LEU ZC 62 81.05 93.61 -17.31
CA LEU ZC 62 82.30 93.97 -17.99
C LEU ZC 62 83.03 92.68 -18.33
N THR ZC 63 83.31 92.47 -19.62
CA THR ZC 63 83.98 91.27 -20.10
C THR ZC 63 85.27 91.66 -20.79
N ASP ZC 64 86.38 91.08 -20.33
CA ASP ZC 64 87.72 91.36 -20.87
C ASP ZC 64 88.39 90.05 -21.27
N PRO ZC 65 88.29 89.65 -22.53
CA PRO ZC 65 89.00 88.46 -22.99
C PRO ZC 65 90.46 88.75 -23.33
N VAL ZC 66 91.29 87.70 -23.24
CA VAL ZC 66 92.71 87.76 -23.54
C VAL ZC 66 93.10 86.48 -24.28
N VAL ZC 67 94.12 86.57 -25.13
CA VAL ZC 67 94.60 85.42 -25.88
C VAL ZC 67 95.75 84.76 -25.14
N VAL ZC 68 95.64 83.45 -24.91
CA VAL ZC 68 96.67 82.66 -24.26
C VAL ZC 68 97.13 81.54 -25.19
N MET ZC 76 94.12 79.90 -27.74
CA MET ZC 76 92.87 79.99 -26.99
C MET ZC 76 92.66 81.38 -26.39
N THR ZC 77 91.40 81.82 -26.33
CA THR ZC 77 91.03 83.09 -25.72
C THR ZC 77 90.18 82.83 -24.47
N ILE ZC 78 90.57 83.48 -23.37
CA ILE ZC 78 90.01 83.27 -22.05
C ILE ZC 78 89.34 84.56 -21.60
N LYS ZC 79 88.12 84.45 -21.07
CA LYS ZC 79 87.32 85.61 -20.71
C LYS ZC 79 87.16 85.71 -19.20
N ALA ZC 80 87.32 86.92 -18.66
CA ALA ZC 80 87.08 87.23 -17.26
C ALA ZC 80 86.00 88.29 -17.13
N ASN ZC 81 85.15 88.14 -16.12
CA ASN ZC 81 83.96 88.97 -15.98
C ASN ZC 81 83.97 89.71 -14.66
N ALA ZC 82 83.53 90.96 -14.68
CA ALA ZC 82 83.14 91.68 -13.49
C ALA ZC 82 81.68 92.08 -13.64
N SER ZC 83 80.91 91.90 -12.58
CA SER ZC 83 79.48 92.24 -12.64
C SER ZC 83 79.11 93.01 -11.39
N VAL ZC 84 78.50 94.17 -11.59
CA VAL ZC 84 78.05 95.03 -10.50
C VAL ZC 84 76.54 95.08 -10.55
N THR ZC 85 75.90 95.12 -9.37
CA THR ZC 85 74.45 95.23 -9.27
C THR ZC 85 74.11 96.17 -8.12
N PHE ZC 86 73.35 97.23 -8.44
CA PHE ZC 86 72.87 98.21 -7.48
C PHE ZC 86 71.40 97.94 -7.22
N SER ZC 87 71.06 97.60 -5.98
CA SER ZC 87 69.67 97.46 -5.55
C SER ZC 87 69.31 98.72 -4.77
N LEU ZC 88 68.41 99.51 -5.34
CA LEU ZC 88 68.10 100.85 -4.85
C LEU ZC 88 66.61 100.97 -4.58
N PRO ZC 89 66.18 101.08 -3.33
CA PRO ZC 89 64.78 101.35 -3.04
C PRO ZC 89 64.39 102.74 -3.51
N LYS ZC 90 63.13 102.90 -3.88
CA LYS ZC 90 62.71 104.15 -4.48
C LYS ZC 90 62.72 105.28 -3.46
N THR ZC 91 62.28 105.00 -2.23
CA THR ZC 91 62.29 106.02 -1.18
C THR ZC 91 63.70 106.48 -0.81
N TYR ZC 92 64.72 105.71 -1.18
CA TYR ZC 92 66.11 106.05 -0.84
C TYR ZC 92 66.55 107.27 -1.63
N PRO ZC 93 67.26 108.23 -1.01
CA PRO ZC 93 67.51 109.51 -1.67
C PRO ZC 93 68.67 109.47 -2.69
N ASN ZC 94 68.44 110.15 -3.81
CA ASN ZC 94 69.40 110.13 -4.92
C ASN ZC 94 70.79 110.59 -4.46
N GLU ZC 95 70.85 111.54 -3.53
CA GLU ZC 95 72.14 111.99 -3.04
C GLU ZC 95 72.92 110.86 -2.40
N HIS ZC 96 72.30 110.12 -1.49
CA HIS ZC 96 72.97 108.99 -0.86
C HIS ZC 96 73.29 107.88 -1.85
N ILE ZC 97 72.54 107.76 -2.95
CA ILE ZC 97 72.92 106.81 -4.00
C ILE ZC 97 74.25 107.23 -4.65
N THR ZC 98 74.36 108.52 -5.02
CA THR ZC 98 75.64 108.99 -5.58
C THR ZC 98 76.78 108.70 -4.61
N LYS ZC 99 76.53 108.92 -3.32
CA LYS ZC 99 77.50 108.57 -2.29
C LYS ZC 99 77.90 107.09 -2.36
N LEU ZC 100 76.90 106.21 -2.40
CA LEU ZC 100 77.17 104.78 -2.44
C LEU ZC 100 78.08 104.42 -3.62
N ARG ZC 101 77.73 104.91 -4.81
CA ARG ZC 101 78.53 104.61 -5.99
C ARG ZC 101 79.98 105.07 -5.80
N GLN ZC 102 80.17 106.30 -5.30
CA GLN ZC 102 81.53 106.81 -5.15
C GLN ZC 102 82.33 105.99 -4.14
N THR ZC 103 81.70 105.57 -3.04
CA THR ZC 103 82.41 104.76 -2.05
C THR ZC 103 82.75 103.39 -2.60
N LEU ZC 104 81.92 102.83 -3.48
CA LEU ZC 104 82.28 101.57 -4.12
C LEU ZC 104 83.53 101.75 -4.99
N ILE ZC 105 83.59 102.85 -5.74
CA ILE ZC 105 84.80 103.16 -6.50
C ILE ZC 105 86.02 103.19 -5.57
N ALA ZC 106 85.90 103.94 -4.47
CA ALA ZC 106 87.01 104.06 -3.52
C ALA ZC 106 87.43 102.69 -3.00
N TRP ZC 107 86.46 101.84 -2.66
CA TRP ZC 107 86.77 100.51 -2.16
C TRP ZC 107 87.53 99.69 -3.19
N LEU ZC 108 87.03 99.68 -4.44
CA LEU ZC 108 87.70 98.98 -5.52
C LEU ZC 108 89.11 99.48 -5.75
N GLY ZC 109 89.43 100.68 -5.27
CA GLY ZC 109 90.80 101.16 -5.29
C GLY ZC 109 91.75 100.51 -4.30
N GLN ZC 110 91.24 100.07 -3.15
CA GLN ZC 110 92.06 99.74 -2.00
C GLN ZC 110 92.83 98.43 -2.18
N GLN ZC 111 93.91 98.29 -1.39
CA GLN ZC 111 94.73 97.10 -1.46
C GLN ZC 111 93.98 95.88 -0.98
N CYS ZC 112 93.21 96.02 0.10
CA CYS ZC 112 92.47 94.87 0.64
C CYS ZC 112 91.51 94.28 -0.37
N VAL ZC 113 91.17 95.04 -1.42
CA VAL ZC 113 90.35 94.54 -2.51
C VAL ZC 113 91.21 94.08 -3.69
N SER ZC 114 92.28 94.81 -4.00
CA SER ZC 114 93.10 94.45 -5.15
C SER ZC 114 93.83 93.14 -4.93
N ASP ZC 115 94.35 92.91 -3.72
CA ASP ZC 115 95.13 91.72 -3.46
C ASP ZC 115 94.35 90.41 -3.74
N PRO ZC 116 93.11 90.26 -3.26
CA PRO ZC 116 92.37 89.04 -3.66
C PRO ZC 116 91.92 89.05 -5.11
N VAL ZC 117 91.40 90.17 -5.61
CA VAL ZC 117 90.95 90.23 -7.00
C VAL ZC 117 92.13 90.01 -7.94
N ASP ZC 118 93.15 90.86 -7.85
CA ASP ZC 118 94.23 90.84 -8.84
C ASP ZC 118 95.02 89.54 -8.77
N SER ZC 119 95.54 89.20 -7.59
CA SER ZC 119 96.49 88.10 -7.48
C SER ZC 119 96.00 86.93 -6.62
N GLY ZC 120 94.87 87.06 -5.94
CA GLY ZC 120 94.35 85.98 -5.13
C GLY ZC 120 94.84 85.94 -3.70
N LEU ZC 121 95.59 86.94 -3.25
CA LEU ZC 121 96.01 87.00 -1.86
C LEU ZC 121 94.83 87.40 -0.99
N ASN ZC 122 94.51 86.58 0.00
CA ASN ZC 122 93.52 87.00 0.97
C ASN ZC 122 94.18 87.87 2.04
N ASN ZC 123 93.34 88.61 2.76
CA ASN ZC 123 93.86 89.48 3.79
C ASN ZC 123 93.92 88.74 5.12
N TYR ZC 124 94.91 89.10 5.92
CA TYR ZC 124 95.18 88.39 7.16
C TYR ZC 124 95.54 89.36 8.26
N MET AD 1 61.83 111.32 -36.11
CA MET AD 1 62.57 112.40 -35.44
C MET AD 1 63.66 111.82 -34.56
N ARG AD 2 64.82 112.48 -34.54
CA ARG AD 2 65.89 112.14 -33.60
C ARG AD 2 65.51 112.64 -32.21
N LEU AD 3 65.13 111.73 -31.33
CA LEU AD 3 64.59 112.12 -30.04
C LEU AD 3 65.67 112.79 -29.20
N THR AD 4 65.32 113.96 -28.66
CA THR AD 4 66.12 114.64 -27.66
C THR AD 4 65.18 115.30 -26.66
N ASP AD 5 65.76 115.70 -25.52
CA ASP AD 5 64.99 116.36 -24.48
C ASP AD 5 64.23 117.53 -25.07
N VAL AD 6 63.06 117.83 -24.50
CA VAL AD 6 62.25 118.93 -24.98
C VAL AD 6 61.83 119.81 -23.80
N ASP AD 7 61.55 121.06 -24.12
CA ASP AD 7 60.98 122.02 -23.18
C ASP AD 7 59.69 122.54 -23.78
N LEU AD 8 58.63 122.52 -22.97
CA LEU AD 8 57.30 122.91 -23.39
C LEU AD 8 56.91 124.24 -22.78
N THR AD 9 56.25 125.06 -23.58
CA THR AD 9 55.70 126.32 -23.10
C THR AD 9 54.27 126.05 -22.64
N VAL AD 10 54.02 126.22 -21.35
CA VAL AD 10 52.74 125.86 -20.75
C VAL AD 10 52.16 127.10 -20.08
N GLY AD 11 51.23 127.76 -20.76
CA GLY AD 11 50.71 129.02 -20.26
C GLY AD 11 51.82 130.01 -20.05
N GLU AD 12 52.10 130.35 -18.80
CA GLU AD 12 53.14 131.32 -18.47
C GLU AD 12 54.28 130.67 -17.69
N GLU AD 13 54.47 129.37 -17.85
CA GLU AD 13 55.60 128.67 -17.25
C GLU AD 13 56.27 127.81 -18.30
N THR AD 14 57.46 127.33 -17.98
CA THR AD 14 58.20 126.44 -18.87
C THR AD 14 58.40 125.10 -18.18
N ARG AD 15 58.05 124.03 -18.88
CA ARG AD 15 58.09 122.67 -18.36
C ARG AD 15 59.21 121.93 -19.09
N GLU AD 16 60.13 121.33 -18.33
CA GLU AD 16 61.31 120.71 -18.92
C GLU AD 16 61.23 119.20 -18.76
N TYR AD 17 61.18 118.49 -19.88
CA TYR AD 17 61.19 117.04 -19.87
C TYR AD 17 62.54 116.54 -20.38
N ALA AD 18 62.87 115.30 -20.01
CA ALA AD 18 64.09 114.63 -20.44
C ALA AD 18 63.74 113.22 -20.88
N VAL AD 19 64.42 112.75 -21.94
CA VAL AD 19 64.16 111.42 -22.45
C VAL AD 19 64.52 110.41 -21.38
N SER AD 20 63.54 109.55 -21.03
CA SER AD 20 63.76 108.49 -20.06
C SER AD 20 63.87 107.11 -20.67
N GLU AD 21 63.26 106.86 -21.84
CA GLU AD 21 63.60 105.67 -22.60
C GLU AD 21 63.12 105.83 -24.03
N GLN AD 22 63.81 105.16 -24.96
CA GLN AD 22 63.41 105.13 -26.35
C GLN AD 22 63.51 103.72 -26.88
N GLN AD 23 62.39 103.16 -27.32
CA GLN AD 23 62.31 101.86 -27.97
C GLN AD 23 61.86 102.04 -29.41
N GLY AD 24 61.68 100.91 -30.10
CA GLY AD 24 61.38 100.96 -31.52
C GLY AD 24 60.10 101.69 -31.82
N THR AD 25 59.03 101.36 -31.09
CA THR AD 25 57.71 101.94 -31.29
C THR AD 25 57.23 102.73 -30.08
N LEU AD 26 58.06 102.89 -29.06
CA LEU AD 26 57.66 103.52 -27.81
C LEU AD 26 58.76 104.47 -27.33
N PHE AD 27 58.33 105.56 -26.67
CA PHE AD 27 59.27 106.44 -25.99
C PHE AD 27 58.61 107.02 -24.75
N ARG AD 28 59.46 107.50 -23.83
CA ARG AD 28 59.03 108.04 -22.56
C ARG AD 28 59.92 109.18 -22.14
N PHE AD 29 59.29 110.30 -21.79
CA PHE AD 29 59.89 111.48 -21.18
C PHE AD 29 59.49 111.58 -19.71
N VAL AD 30 60.35 112.23 -18.92
CA VAL AD 30 60.12 112.47 -17.50
C VAL AD 30 60.36 113.95 -17.20
N ASP AD 31 59.51 114.53 -16.34
CA ASP AD 31 59.67 115.93 -15.93
C ASP AD 31 60.95 116.09 -15.13
N LYS AD 32 61.82 117.01 -15.58
CA LYS AD 32 63.14 117.18 -14.98
C LYS AD 32 63.07 117.65 -13.52
N SER AD 33 61.92 118.15 -13.07
CA SER AD 33 61.78 118.63 -11.70
C SER AD 33 61.54 117.51 -10.69
N GLY AD 34 61.71 116.24 -11.07
CA GLY AD 34 61.27 115.13 -10.27
C GLY AD 34 62.40 114.15 -9.89
N THR AD 35 62.04 113.27 -8.96
CA THR AD 35 62.91 112.22 -8.44
C THR AD 35 62.19 110.88 -8.60
N VAL AD 36 62.94 109.77 -8.52
CA VAL AD 36 62.29 108.48 -8.38
C VAL AD 36 61.38 108.49 -7.16
N ALA AD 37 61.85 109.09 -6.06
CA ALA AD 37 61.05 109.13 -4.84
C ALA AD 37 59.83 110.01 -5.03
N ASN AD 38 60.02 111.23 -5.51
CA ASN AD 38 58.91 112.16 -5.73
C ASN AD 38 58.85 112.48 -7.22
N ASN AD 39 58.00 111.78 -7.95
CA ASN AD 39 57.83 112.04 -9.37
C ASN AD 39 56.85 113.18 -9.59
N THR AD 40 57.08 113.92 -10.67
CA THR AD 40 56.34 115.13 -10.95
C THR AD 40 55.62 115.12 -12.30
N GLY AD 41 55.97 114.19 -13.18
CA GLY AD 41 55.31 114.13 -14.48
C GLY AD 41 55.97 113.13 -15.41
N VAL AD 42 55.16 112.43 -16.20
CA VAL AD 42 55.68 111.50 -17.19
C VAL AD 42 54.83 111.62 -18.44
N PHE AD 43 55.45 111.39 -19.59
CA PHE AD 43 54.76 111.33 -20.86
C PHE AD 43 55.28 110.13 -21.62
N SER AD 44 54.38 109.38 -22.24
CA SER AD 44 54.76 108.19 -22.98
C SER AD 44 53.91 108.08 -24.23
N LEU AD 45 54.52 107.56 -25.30
CA LEU AD 45 53.81 107.39 -26.57
C LEU AD 45 54.25 106.10 -27.23
N GLU AD 46 53.28 105.39 -27.82
CA GLU AD 46 53.52 104.13 -28.49
C GLU AD 46 52.69 104.06 -29.76
N GLN AD 47 53.28 103.54 -30.83
CA GLN AD 47 52.54 103.27 -32.05
C GLN AD 47 52.44 101.77 -32.26
N ARG AD 48 51.22 101.27 -32.45
CA ARG AD 48 50.97 99.92 -32.93
C ARG AD 48 50.55 100.06 -34.39
N PHE AD 49 51.54 99.89 -35.27
CA PHE AD 49 51.26 99.83 -36.70
C PHE AD 49 50.53 98.52 -36.98
N GLY AD 50 49.29 98.62 -37.43
CA GLY AD 50 48.45 97.45 -37.53
C GLY AD 50 48.76 96.58 -38.73
N ALA AD 51 48.06 95.44 -38.79
CA ALA AD 51 48.10 94.60 -39.97
C ALA AD 51 47.62 95.39 -41.19
N ALA AD 52 47.91 94.84 -42.38
CA ALA AD 52 47.64 95.58 -43.61
C ALA AD 52 46.17 95.91 -43.78
N ASN AD 53 45.28 95.14 -43.15
CA ASN AD 53 43.85 95.43 -43.20
C ASN AD 53 43.42 96.44 -42.14
N SER AD 54 44.10 96.46 -41.00
CA SER AD 54 43.68 97.25 -39.85
C SER AD 54 44.24 98.67 -39.92
N ASN AD 55 43.67 99.53 -39.07
CA ASN AD 55 44.21 100.87 -38.86
C ASN AD 55 45.42 100.81 -37.95
N ARG AD 56 46.29 101.81 -38.07
CA ARG AD 56 47.36 101.93 -37.10
C ARG AD 56 46.90 102.82 -35.96
N LYS AD 57 47.41 102.53 -34.77
CA LYS AD 57 47.01 103.23 -33.56
C LYS AD 57 48.23 103.91 -32.95
N VAL AD 58 48.04 105.13 -32.47
CA VAL AD 58 49.06 105.83 -31.70
C VAL AD 58 48.43 106.26 -30.38
N THR AD 59 49.08 105.91 -29.28
CA THR AD 59 48.54 106.21 -27.96
C THR AD 59 49.56 106.98 -27.14
N MET AD 60 49.06 107.95 -26.37
CA MET AD 60 49.85 108.78 -25.50
C MET AD 60 49.22 108.80 -24.11
N LEU AD 61 50.08 108.76 -23.11
CA LEU AD 61 49.68 108.90 -21.72
C LEU AD 61 50.51 109.98 -21.05
N LEU AD 62 49.83 110.97 -20.49
CA LEU AD 62 50.44 112.04 -19.71
C LEU AD 62 49.97 111.89 -18.27
N THR AD 63 50.91 111.79 -17.34
CA THR AD 63 50.57 111.62 -15.94
C THR AD 63 51.23 112.71 -15.11
N ASP AD 64 50.42 113.45 -14.36
CA ASP AD 64 50.89 114.49 -13.46
C ASP AD 64 50.49 114.12 -12.05
N PRO AD 65 51.45 113.73 -11.22
CA PRO AD 65 51.16 113.49 -9.80
C PRO AD 65 51.45 114.72 -8.96
N VAL AD 66 50.64 114.87 -7.91
CA VAL AD 66 50.72 115.98 -6.98
C VAL AD 66 50.59 115.43 -5.55
N VAL AD 67 51.32 116.03 -4.65
CA VAL AD 67 51.19 115.69 -3.23
C VAL AD 67 50.05 116.50 -2.63
N VAL AD 68 49.24 115.86 -1.80
CA VAL AD 68 48.08 116.48 -1.16
C VAL AD 68 48.05 116.01 0.28
N LYS AD 69 47.79 116.94 1.20
CA LYS AD 69 47.61 116.57 2.59
C LYS AD 69 46.30 115.80 2.75
N ASP AD 70 46.31 114.85 3.67
CA ASP AD 70 45.16 113.99 3.94
C ASP AD 70 44.32 114.59 5.08
N ALA AD 71 43.09 114.10 5.20
CA ALA AD 71 42.28 114.46 6.36
C ALA AD 71 42.98 114.05 7.65
N SER AD 72 43.72 112.94 7.64
CA SER AD 72 44.55 112.52 8.75
C SER AD 72 45.83 113.34 8.87
N GLY AD 73 46.09 114.26 7.95
CA GLY AD 73 47.33 115.01 7.90
C GLY AD 73 48.43 114.36 7.10
N ALA AD 74 48.40 113.04 6.96
CA ALA AD 74 49.44 112.32 6.24
C ALA AD 74 49.56 112.83 4.81
N ASP AD 75 50.78 112.77 4.28
CA ASP AD 75 51.02 113.21 2.91
C ASP AD 75 50.68 112.07 1.95
N MET AD 76 49.94 112.40 0.88
CA MET AD 76 49.37 111.42 -0.03
C MET AD 76 49.61 111.88 -1.46
N THR AD 77 50.19 111.01 -2.28
CA THR AD 77 50.49 111.35 -3.67
C THR AD 77 49.36 110.88 -4.57
N ILE AD 78 48.85 111.78 -5.41
CA ILE AD 78 47.66 111.56 -6.22
C ILE AD 78 48.01 111.86 -7.67
N LYS AD 79 47.61 110.98 -8.58
CA LYS AD 79 47.92 111.13 -10.00
C LYS AD 79 46.66 111.49 -10.77
N ALA AD 80 46.82 112.39 -11.74
CA ALA AD 80 45.80 112.70 -12.75
C ALA AD 80 46.34 112.33 -14.12
N ASN AD 81 45.49 111.72 -14.95
CA ASN AD 81 45.96 111.17 -16.21
C ASN AD 81 45.19 111.77 -17.38
N ALA AD 82 45.90 111.95 -18.49
CA ALA AD 82 45.29 112.27 -19.77
C ALA AD 82 45.81 111.27 -20.78
N SER AD 83 44.92 110.73 -21.60
CA SER AD 83 45.31 109.73 -22.58
C SER AD 83 44.69 110.09 -23.92
N VAL AD 84 45.52 110.11 -24.96
CA VAL AD 84 45.06 110.42 -26.32
C VAL AD 84 45.34 109.19 -27.19
N THR AD 85 44.41 108.90 -28.09
CA THR AD 85 44.57 107.77 -29.02
C THR AD 85 44.11 108.19 -30.41
N PHE AD 86 45.01 108.05 -31.38
CA PHE AD 86 44.73 108.31 -32.79
C PHE AD 86 44.54 106.98 -33.49
N SER AD 87 43.36 106.76 -34.05
CA SER AD 87 43.10 105.63 -34.92
C SER AD 87 43.12 106.15 -36.35
N LEU AD 88 44.13 105.74 -37.10
CA LEU AD 88 44.40 106.27 -38.43
C LEU AD 88 44.43 105.13 -39.43
N PRO AD 89 43.43 105.05 -40.31
CA PRO AD 89 43.45 104.04 -41.37
C PRO AD 89 44.59 104.32 -42.35
N LYS AD 90 45.06 103.24 -42.99
CA LYS AD 90 46.21 103.39 -43.88
C LYS AD 90 45.87 104.28 -45.08
N THR AD 91 44.69 104.08 -45.67
CA THR AD 91 44.29 104.84 -46.86
C THR AD 91 44.06 106.32 -46.56
N TYR AD 92 43.95 106.70 -45.30
CA TYR AD 92 43.74 108.09 -44.93
C TYR AD 92 45.00 108.91 -45.22
N PRO AD 93 44.89 110.09 -45.84
CA PRO AD 93 46.09 110.83 -46.25
C PRO AD 93 46.78 111.57 -45.10
N ASN AD 94 48.11 111.52 -45.13
CA ASN AD 94 48.92 112.14 -44.08
C ASN AD 94 48.55 113.60 -43.87
N GLU AD 95 48.17 114.30 -44.93
CA GLU AD 95 47.77 115.69 -44.82
C GLU AD 95 46.59 115.87 -43.88
N HIS AD 96 45.48 115.16 -44.16
CA HIS AD 96 44.31 115.27 -43.30
C HIS AD 96 44.58 114.73 -41.89
N ILE AD 97 45.57 113.84 -41.72
CA ILE AD 97 45.97 113.45 -40.37
C ILE AD 97 46.52 114.67 -39.60
N THR AD 98 47.48 115.39 -40.21
CA THR AD 98 48.01 116.58 -39.53
C THR AD 98 46.88 117.56 -39.23
N LYS AD 99 45.93 117.70 -40.17
CA LYS AD 99 44.75 118.52 -39.92
C LYS AD 99 44.01 118.09 -38.65
N LEU AD 100 43.76 116.78 -38.53
CA LEU AD 100 43.08 116.24 -37.36
C LEU AD 100 43.82 116.60 -36.07
N ARG AD 101 45.14 116.36 -36.05
CA ARG AD 101 45.91 116.65 -34.84
C ARG AD 101 45.81 118.13 -34.46
N GLN AD 102 45.93 119.02 -35.45
CA GLN AD 102 45.89 120.44 -35.13
C GLN AD 102 44.51 120.87 -34.63
N THR AD 103 43.44 120.36 -35.26
CA THR AD 103 42.10 120.69 -34.76
C THR AD 103 41.90 120.17 -33.35
N LEU AD 104 42.52 119.04 -33.00
CA LEU AD 104 42.40 118.56 -31.62
C LEU AD 104 43.09 119.51 -30.65
N ILE AD 105 44.29 119.99 -31.02
CA ILE AD 105 44.95 121.00 -30.18
C ILE AD 105 44.04 122.21 -29.99
N ALA AD 106 43.46 122.70 -31.08
CA ALA AD 106 42.58 123.85 -31.03
C ALA AD 106 41.41 123.61 -30.07
N TRP AD 107 40.77 122.45 -30.20
CA TRP AD 107 39.65 122.11 -29.33
C TRP AD 107 40.08 122.09 -27.87
N LEU AD 108 41.22 121.45 -27.58
CA LEU AD 108 41.71 121.37 -26.21
C LEU AD 108 41.98 122.73 -25.62
N GLY AD 109 42.23 123.73 -26.46
CA GLY AD 109 42.36 125.10 -25.98
C GLY AD 109 41.05 125.78 -25.61
N GLN AD 110 39.95 125.33 -26.19
CA GLN AD 110 38.67 126.04 -26.08
C GLN AD 110 38.11 126.01 -24.67
N GLN AD 111 37.25 126.99 -24.37
CA GLN AD 111 36.66 127.04 -23.05
C GLN AD 111 35.60 125.97 -22.86
N CYS AD 112 34.86 125.61 -23.92
CA CYS AD 112 33.87 124.54 -23.79
C CYS AD 112 34.50 123.21 -23.43
N VAL AD 113 35.80 123.06 -23.70
CA VAL AD 113 36.54 121.87 -23.29
C VAL AD 113 37.22 122.07 -21.95
N SER AD 114 37.77 123.25 -21.70
CA SER AD 114 38.52 123.48 -20.47
C SER AD 114 37.60 123.49 -19.25
N ASP AD 115 36.44 124.12 -19.36
CA ASP AD 115 35.54 124.24 -18.20
C ASP AD 115 35.15 122.89 -17.61
N PRO AD 116 34.70 121.89 -18.39
CA PRO AD 116 34.44 120.59 -17.76
C PRO AD 116 35.70 119.86 -17.32
N VAL AD 117 36.77 119.91 -18.11
CA VAL AD 117 38.01 119.25 -17.74
C VAL AD 117 38.61 119.89 -16.49
N ASP AD 118 38.81 121.20 -16.51
CA ASP AD 118 39.54 121.87 -15.43
C ASP AD 118 38.72 121.94 -14.16
N SER AD 119 37.45 122.34 -14.26
CA SER AD 119 36.65 122.67 -13.09
C SER AD 119 35.47 121.75 -12.85
N GLY AD 120 35.20 120.81 -13.76
CA GLY AD 120 34.08 119.90 -13.57
C GLY AD 120 32.72 120.48 -13.83
N LEU AD 121 32.64 121.68 -14.40
CA LEU AD 121 31.36 122.28 -14.75
C LEU AD 121 30.99 121.90 -16.18
N ASN AD 122 29.75 121.45 -16.36
CA ASN AD 122 29.29 121.13 -17.70
C ASN AD 122 28.83 122.39 -18.44
N ASN AD 123 28.70 122.26 -19.75
CA ASN AD 123 28.27 123.37 -20.57
C ASN AD 123 26.75 123.38 -20.68
N TYR AD 124 26.22 124.52 -21.13
CA TYR AD 124 24.77 124.73 -21.23
C TYR AD 124 24.39 125.69 -22.37
N MET BD 1 45.47 -123.63 -15.97
CA MET BD 1 46.06 -124.51 -16.98
C MET BD 1 46.99 -123.73 -17.91
N ARG BD 2 48.15 -124.31 -18.22
CA ARG BD 2 49.02 -123.72 -19.23
C ARG BD 2 48.33 -123.79 -20.59
N LEU BD 3 48.03 -122.62 -21.15
CA LEU BD 3 47.24 -122.55 -22.37
C LEU BD 3 47.97 -123.18 -23.54
N THR BD 4 47.21 -123.85 -24.39
CA THR BD 4 47.71 -124.41 -25.63
C THR BD 4 46.61 -124.27 -26.67
N ASP BD 5 47.02 -124.25 -27.94
CA ASP BD 5 46.03 -124.25 -29.01
C ASP BD 5 45.04 -125.39 -28.79
N VAL BD 6 43.81 -125.19 -29.24
CA VAL BD 6 42.71 -126.08 -28.89
C VAL BD 6 42.08 -126.59 -30.17
N ASP BD 7 41.77 -127.89 -30.18
CA ASP BD 7 41.04 -128.49 -31.30
C ASP BD 7 39.75 -129.08 -30.74
N LEU BD 8 38.62 -128.61 -31.27
CA LEU BD 8 37.30 -129.00 -30.81
C LEU BD 8 36.66 -129.91 -31.84
N THR BD 9 35.98 -130.94 -31.37
CA THR BD 9 35.16 -131.78 -32.24
C THR BD 9 33.75 -131.22 -32.20
N VAL BD 10 33.24 -130.78 -33.35
CA VAL BD 10 31.97 -130.07 -33.45
C VAL BD 10 31.08 -130.83 -34.42
N GLY BD 11 30.09 -131.55 -33.88
CA GLY BD 11 29.26 -132.39 -34.71
C GLY BD 11 30.11 -133.37 -35.47
N GLU BD 12 30.21 -133.19 -36.78
CA GLU BD 12 30.98 -134.11 -37.61
C GLU BD 12 32.15 -133.41 -38.28
N GLU BD 13 32.57 -132.27 -37.75
CA GLU BD 13 33.71 -131.52 -38.26
C GLU BD 13 34.66 -131.27 -37.10
N THR BD 14 35.87 -130.80 -37.41
CA THR BD 14 36.84 -130.44 -36.40
C THR BD 14 37.25 -128.99 -36.58
N ARG BD 15 37.16 -128.21 -35.50
CA ARG BD 15 37.42 -126.78 -35.49
C ARG BD 15 38.69 -126.52 -34.70
N GLU BD 16 39.60 -125.74 -35.28
CA GLU BD 16 40.92 -125.51 -34.68
C GLU BD 16 41.06 -124.05 -34.30
N TYR BD 17 41.34 -123.79 -33.02
CA TYR BD 17 41.56 -122.47 -32.47
C TYR BD 17 43.00 -122.34 -32.00
N ALA BD 18 43.50 -121.11 -32.04
CA ALA BD 18 44.83 -120.77 -31.58
C ALA BD 18 44.78 -119.63 -30.58
N VAL BD 19 45.67 -119.68 -29.60
CA VAL BD 19 45.72 -118.65 -28.56
C VAL BD 19 46.07 -117.31 -29.19
N SER BD 20 45.23 -116.30 -28.93
CA SER BD 20 45.48 -114.94 -29.40
C SER BD 20 45.98 -113.99 -28.33
N GLU BD 21 45.44 -114.07 -27.11
CA GLU BD 21 46.08 -113.32 -26.03
C GLU BD 21 45.69 -113.93 -24.69
N GLN BD 22 46.56 -113.76 -23.69
CA GLN BD 22 46.29 -114.24 -22.34
C GLN BD 22 46.71 -113.18 -21.34
N GLN BD 23 45.76 -112.76 -20.51
CA GLN BD 23 45.99 -111.85 -19.42
C GLN BD 23 45.83 -112.60 -18.11
N GLY BD 24 45.88 -111.86 -17.00
CA GLY BD 24 45.80 -112.50 -15.70
C GLY BD 24 44.51 -113.25 -15.50
N THR BD 25 43.39 -112.62 -15.87
CA THR BD 25 42.06 -113.20 -15.70
C THR BD 25 41.28 -113.26 -17.01
N LEU BD 26 41.96 -113.15 -18.14
CA LEU BD 26 41.29 -113.12 -19.44
C LEU BD 26 42.14 -113.86 -20.47
N PHE BD 27 41.47 -114.54 -21.40
CA PHE BD 27 42.14 -115.11 -22.55
C PHE BD 27 41.23 -115.09 -23.77
N ARG BD 28 41.86 -115.20 -24.94
CA ARG BD 28 41.17 -115.15 -26.21
C ARG BD 28 41.85 -116.08 -27.21
N PHE BD 29 41.02 -116.92 -27.84
CA PHE BD 29 41.36 -117.77 -28.97
C PHE BD 29 40.73 -117.24 -30.25
N VAL BD 30 41.38 -117.56 -31.37
CA VAL BD 30 40.90 -117.23 -32.70
C VAL BD 30 40.83 -118.51 -33.54
N ASP BD 31 39.78 -118.60 -34.38
CA ASP BD 31 39.63 -119.73 -35.29
C ASP BD 31 40.74 -119.69 -36.34
N LYS BD 32 41.50 -120.78 -36.45
CA LYS BD 32 42.62 -120.85 -37.40
C LYS BD 32 42.15 -120.75 -38.86
N SER BD 33 40.84 -120.84 -39.11
CA SER BD 33 40.32 -120.71 -40.46
C SER BD 33 40.47 -119.30 -41.02
N GLY BD 34 40.77 -118.32 -40.16
CA GLY BD 34 40.63 -116.92 -40.52
C GLY BD 34 41.93 -116.13 -40.44
N THR BD 35 41.85 -114.92 -40.97
CA THR BD 35 42.92 -113.92 -41.01
C THR BD 35 42.55 -112.77 -40.08
N VAL BD 36 43.56 -111.96 -39.74
CA VAL BD 36 43.30 -110.62 -39.23
C VAL BD 36 42.27 -109.93 -40.12
N ALA BD 37 42.49 -109.97 -41.43
CA ALA BD 37 41.57 -109.34 -42.38
C ALA BD 37 40.19 -109.96 -42.31
N ASN BD 38 40.08 -111.24 -42.61
CA ASN BD 38 38.81 -111.94 -42.60
C ASN BD 38 38.81 -112.92 -41.43
N ASN BD 39 37.91 -112.70 -40.47
CA ASN BD 39 37.83 -113.52 -39.26
C ASN BD 39 36.72 -114.55 -39.38
N THR BD 40 37.00 -115.77 -38.92
CA THR BD 40 36.02 -116.85 -38.96
C THR BD 40 35.43 -117.19 -37.60
N GLY BD 41 36.07 -116.79 -36.51
CA GLY BD 41 35.54 -117.12 -35.19
C GLY BD 41 36.43 -116.63 -34.06
N VAL BD 42 35.82 -116.28 -32.93
CA VAL BD 42 36.57 -115.80 -31.78
C VAL BD 42 35.92 -116.35 -30.52
N PHE BD 43 36.76 -116.65 -29.52
CA PHE BD 43 36.30 -117.06 -28.21
C PHE BD 43 37.10 -116.31 -27.15
N SER BD 44 36.39 -115.79 -26.15
CA SER BD 44 37.01 -115.04 -25.08
C SER BD 44 36.39 -115.43 -23.75
N LEU BD 45 37.23 -115.45 -22.70
CA LEU BD 45 36.78 -115.82 -21.37
C LEU BD 45 37.47 -114.93 -20.34
N GLU BD 46 36.69 -114.42 -19.36
CA GLU BD 46 37.20 -113.55 -18.31
C GLU BD 46 36.57 -113.90 -16.97
N GLN BD 47 37.37 -113.93 -15.91
CA GLN BD 47 36.89 -114.15 -14.56
C GLN BD 47 37.02 -112.87 -13.74
N ARG BD 48 36.01 -112.60 -12.92
CA ARG BD 48 35.95 -111.44 -12.05
C ARG BD 48 35.68 -111.97 -10.63
N PHE BD 49 36.75 -112.03 -9.84
CA PHE BD 49 36.70 -112.42 -8.44
C PHE BD 49 36.28 -111.20 -7.62
N GLY BD 50 35.08 -111.26 -7.02
CA GLY BD 50 34.57 -110.15 -6.25
C GLY BD 50 35.08 -110.15 -4.82
N ALA BD 51 34.45 -109.32 -3.98
CA ALA BD 51 34.75 -109.37 -2.56
C ALA BD 51 34.18 -110.64 -1.93
N ALA BD 52 34.54 -110.89 -0.66
CA ALA BD 52 34.14 -112.12 0.00
C ALA BD 52 32.62 -112.22 0.17
N ASN BD 53 31.91 -111.09 0.14
CA ASN BD 53 30.46 -111.12 0.12
C ASN BD 53 29.90 -111.24 -1.29
N SER BD 54 30.73 -111.03 -2.31
CA SER BD 54 30.30 -111.07 -3.70
C SER BD 54 30.54 -112.44 -4.31
N ASN BD 55 29.70 -112.80 -5.26
CA ASN BD 55 29.92 -114.01 -6.05
C ASN BD 55 30.97 -113.73 -7.11
N ARG BD 56 31.90 -114.66 -7.28
CA ARG BD 56 32.79 -114.54 -8.42
C ARG BD 56 32.02 -114.85 -9.70
N LYS BD 57 32.42 -114.23 -10.79
CA LYS BD 57 31.69 -114.34 -12.04
C LYS BD 57 32.65 -114.70 -13.16
N VAL BD 58 32.14 -115.49 -14.11
CA VAL BD 58 32.96 -115.98 -15.21
C VAL BD 58 32.15 -115.83 -16.48
N THR BD 59 32.70 -115.12 -17.48
CA THR BD 59 31.92 -114.83 -18.68
C THR BD 59 32.68 -115.22 -19.94
N MET BD 60 31.94 -115.81 -20.88
CA MET BD 60 32.45 -116.30 -22.14
C MET BD 60 31.68 -115.65 -23.28
N LEU BD 61 32.40 -115.29 -24.33
CA LEU BD 61 31.81 -114.79 -25.57
C LEU BD 61 32.36 -115.58 -26.74
N LEU BD 62 31.45 -116.19 -27.51
CA LEU BD 62 31.77 -116.93 -28.72
C LEU BD 62 31.12 -116.19 -29.89
N THR BD 63 31.94 -115.75 -30.84
CA THR BD 63 31.46 -115.00 -32.00
C THR BD 63 31.79 -115.77 -33.27
N ASP BD 64 30.75 -115.98 -34.10
CA ASP BD 64 30.90 -116.66 -35.39
C ASP BD 64 30.40 -115.74 -36.48
N PRO BD 65 31.31 -115.14 -37.24
CA PRO BD 65 30.90 -114.35 -38.41
C PRO BD 65 30.85 -115.21 -39.67
N VAL BD 66 29.89 -114.89 -40.53
CA VAL BD 66 29.66 -115.57 -41.80
C VAL BD 66 29.46 -114.50 -42.87
N VAL BD 67 29.94 -114.79 -44.07
CA VAL BD 67 29.68 -113.91 -45.20
C VAL BD 67 28.39 -114.35 -45.89
N VAL BD 68 27.48 -113.40 -46.10
CA VAL BD 68 26.18 -113.63 -46.70
C VAL BD 68 26.01 -112.73 -47.89
N LYS BD 69 25.25 -113.18 -48.87
CA LYS BD 69 24.92 -112.39 -50.04
C LYS BD 69 23.95 -111.27 -49.66
N ASP BD 70 24.20 -110.08 -50.18
CA ASP BD 70 23.29 -108.96 -50.00
C ASP BD 70 22.04 -109.15 -50.86
N ALA BD 71 20.98 -108.41 -50.52
CA ALA BD 71 19.80 -108.39 -51.39
C ALA BD 71 20.14 -107.83 -52.76
N SER BD 72 21.10 -106.91 -52.83
CA SER BD 72 21.64 -106.44 -54.10
C SER BD 72 22.63 -107.44 -54.68
N GLY BD 73 23.29 -108.22 -53.83
CA GLY BD 73 24.29 -109.19 -54.26
C GLY BD 73 25.67 -108.97 -53.68
N ALA BD 74 25.92 -107.83 -53.03
CA ALA BD 74 27.22 -107.54 -52.46
C ALA BD 74 27.57 -108.56 -51.36
N ASP BD 75 28.87 -108.64 -51.07
CA ASP BD 75 29.35 -109.48 -49.98
C ASP BD 75 29.24 -108.73 -48.67
N MET BD 76 28.61 -109.35 -47.68
CA MET BD 76 28.37 -108.67 -46.41
C MET BD 76 28.67 -109.65 -45.27
N THR BD 77 29.35 -109.18 -44.23
CA THR BD 77 29.71 -110.04 -43.10
C THR BD 77 28.74 -109.82 -41.94
N ILE BD 78 28.24 -110.93 -41.39
CA ILE BD 78 27.22 -110.92 -40.35
C ILE BD 78 27.71 -111.81 -39.22
N LYS BD 79 27.67 -111.30 -37.99
CA LYS BD 79 28.13 -112.03 -36.82
C LYS BD 79 26.94 -112.55 -36.02
N ALA BD 80 27.12 -113.73 -35.43
CA ALA BD 80 26.20 -114.31 -34.46
C ALA BD 80 26.94 -114.54 -33.16
N ASN BD 81 26.32 -114.16 -32.05
CA ASN BD 81 27.00 -114.16 -30.76
C ASN BD 81 26.33 -115.14 -29.82
N ALA BD 82 27.14 -115.77 -28.98
CA ALA BD 82 26.63 -116.55 -27.85
C ALA BD 82 27.47 -116.20 -26.64
N SER BD 83 26.81 -115.96 -25.52
CA SER BD 83 27.52 -115.53 -24.31
C SER BD 83 27.02 -116.32 -23.12
N VAL BD 84 27.95 -116.83 -22.32
CA VAL BD 84 27.63 -117.58 -21.12
C VAL BD 84 28.19 -116.81 -19.93
N THR BD 85 27.47 -116.86 -18.81
CA THR BD 85 27.91 -116.21 -17.57
C THR BD 85 27.60 -117.14 -16.39
N PHE BD 86 28.64 -117.52 -15.65
CA PHE BD 86 28.54 -118.32 -14.44
C PHE BD 86 28.65 -117.39 -13.25
N SER BD 87 27.59 -117.32 -12.44
CA SER BD 87 27.61 -116.62 -11.17
C SER BD 87 27.76 -117.67 -10.07
N LEU BD 88 28.93 -117.68 -9.44
CA LEU BD 88 29.31 -118.72 -8.48
C LEU BD 88 29.65 -118.07 -7.15
N PRO BD 89 28.81 -118.25 -6.13
CA PRO BD 89 29.14 -117.76 -4.79
C PRO BD 89 30.34 -118.51 -4.22
N LYS BD 90 31.02 -117.85 -3.29
CA LYS BD 90 32.26 -118.39 -2.74
C LYS BD 90 32.03 -119.33 -1.57
N THR BD 91 30.76 -119.61 -1.23
CA THR BD 91 30.40 -120.67 -0.30
C THR BD 91 29.87 -121.89 -1.02
N TYR BD 92 29.77 -121.82 -2.34
CA TYR BD 92 29.28 -122.91 -3.16
C TYR BD 92 30.43 -123.88 -3.47
N PRO BD 93 30.22 -125.19 -3.35
CA PRO BD 93 31.32 -126.13 -3.52
C PRO BD 93 31.70 -126.39 -4.98
N ASN BD 94 33.00 -126.55 -5.19
CA ASN BD 94 33.55 -126.70 -6.53
C ASN BD 94 32.93 -127.92 -7.24
N GLU BD 95 32.67 -128.99 -6.49
CA GLU BD 95 32.03 -130.16 -7.07
C GLU BD 95 30.73 -129.78 -7.76
N HIS BD 96 29.85 -129.07 -7.04
CA HIS BD 96 28.57 -128.70 -7.62
C HIS BD 96 28.72 -127.67 -8.73
N ILE BD 97 29.80 -126.87 -8.73
CA ILE BD 97 30.06 -126.03 -9.90
C ILE BD 97 30.31 -126.91 -11.15
N THR BD 98 31.13 -127.94 -10.98
CA THR BD 98 31.36 -128.85 -12.11
C THR BD 98 30.06 -129.51 -12.55
N LYS BD 99 29.25 -129.96 -11.59
CA LYS BD 99 27.93 -130.51 -11.89
C LYS BD 99 27.10 -129.53 -12.72
N LEU BD 100 27.11 -128.26 -12.31
CA LEU BD 100 26.36 -127.23 -13.01
C LEU BD 100 26.83 -127.08 -14.46
N ARG BD 101 28.15 -127.00 -14.66
CA ARG BD 101 28.69 -126.84 -16.01
C ARG BD 101 28.29 -128.02 -16.88
N GLN BD 102 28.36 -129.23 -16.35
CA GLN BD 102 28.03 -130.39 -17.16
C GLN BD 102 26.54 -130.45 -17.49
N THR BD 103 25.67 -130.11 -16.51
CA THR BD 103 24.24 -130.05 -16.82
C THR BD 103 23.94 -129.00 -17.87
N LEU BD 104 24.69 -127.90 -17.87
CA LEU BD 104 24.50 -126.90 -18.92
C LEU BD 104 24.88 -127.46 -20.28
N ILE BD 105 25.99 -128.18 -20.36
CA ILE BD 105 26.37 -128.82 -21.63
C ILE BD 105 25.26 -129.75 -22.09
N ALA BD 106 24.75 -130.58 -21.18
CA ALA BD 106 23.68 -131.51 -21.54
C ALA BD 106 22.44 -130.78 -22.04
N TRP BD 107 22.06 -129.69 -21.36
CA TRP BD 107 20.91 -128.92 -21.78
C TRP BD 107 21.12 -128.32 -23.16
N LEU BD 108 22.30 -127.77 -23.42
CA LEU BD 108 22.60 -127.21 -24.73
C LEU BD 108 22.56 -128.27 -25.82
N GLY BD 109 22.72 -129.54 -25.45
CA GLY BD 109 22.53 -130.63 -26.39
C GLY BD 109 21.07 -130.92 -26.74
N GLN BD 110 20.15 -130.59 -25.84
CA GLN BD 110 18.77 -131.05 -25.95
C GLN BD 110 18.06 -130.45 -27.16
N GLN BD 111 17.03 -131.17 -27.63
CA GLN BD 111 16.27 -130.67 -28.75
C GLN BD 111 15.39 -129.50 -28.36
N CYS BD 112 14.88 -129.49 -27.13
CA CYS BD 112 14.03 -128.39 -26.69
C CYS BD 112 14.82 -127.09 -26.56
N VAL BD 113 16.14 -127.17 -26.43
CA VAL BD 113 16.98 -125.99 -26.52
C VAL BD 113 17.41 -125.74 -27.96
N SER BD 114 17.59 -126.80 -28.74
CA SER BD 114 18.08 -126.67 -30.11
C SER BD 114 17.06 -125.97 -31.00
N ASP BD 115 15.79 -126.37 -30.92
CA ASP BD 115 14.78 -125.84 -31.84
C ASP BD 115 14.67 -124.32 -31.79
N PRO BD 116 14.49 -123.66 -30.63
CA PRO BD 116 14.44 -122.20 -30.65
C PRO BD 116 15.75 -121.56 -31.08
N VAL BD 117 16.89 -122.07 -30.58
CA VAL BD 117 18.18 -121.49 -30.93
C VAL BD 117 18.46 -121.68 -32.42
N ASP BD 118 18.47 -122.94 -32.88
CA ASP BD 118 18.93 -123.21 -34.23
C ASP BD 118 17.96 -122.69 -35.30
N SER BD 119 16.65 -122.88 -35.08
CA SER BD 119 15.68 -122.59 -36.13
C SER BD 119 14.63 -121.55 -35.77
N GLY BD 120 14.52 -121.16 -34.51
CA GLY BD 120 13.54 -120.18 -34.10
C GLY BD 120 12.18 -120.73 -33.72
N LEU BD 121 11.97 -122.04 -33.85
CA LEU BD 121 10.71 -122.63 -33.45
C LEU BD 121 10.63 -122.71 -31.93
N ASN BD 122 9.50 -122.27 -31.37
CA ASN BD 122 9.27 -122.47 -29.95
C ASN BD 122 8.71 -123.86 -29.68
N ASN BD 123 8.89 -124.32 -28.45
CA ASN BD 123 8.33 -125.61 -28.07
C ASN BD 123 6.90 -125.43 -27.57
N TYR BD 124 6.16 -126.54 -27.58
CA TYR BD 124 4.74 -126.48 -27.23
C TYR BD 124 4.30 -127.64 -26.34
N MET CD 1 61.33 -117.09 -13.20
CA MET CD 1 61.27 -118.53 -13.41
C MET CD 1 59.99 -118.92 -14.13
N ARG CD 2 59.96 -120.14 -14.67
CA ARG CD 2 58.76 -120.68 -15.30
C ARG CD 2 57.89 -121.32 -14.22
N LEU CD 3 56.76 -120.69 -13.95
CA LEU CD 3 55.87 -121.11 -12.86
C LEU CD 3 55.41 -122.55 -13.05
N THR CD 4 55.56 -123.33 -11.99
CA THR CD 4 55.07 -124.70 -11.92
C THR CD 4 54.40 -124.88 -10.57
N ASP CD 5 53.41 -125.77 -10.51
CA ASP CD 5 52.74 -126.06 -9.25
C ASP CD 5 53.79 -126.42 -8.20
N VAL CD 6 53.55 -126.03 -6.96
CA VAL CD 6 54.58 -126.08 -5.93
C VAL CD 6 54.09 -126.96 -4.80
N ASP CD 7 55.01 -127.74 -4.23
CA ASP CD 7 54.72 -128.54 -3.04
C ASP CD 7 55.69 -128.15 -1.94
N LEU CD 8 55.13 -127.71 -0.82
CA LEU CD 8 55.88 -127.19 0.30
C LEU CD 8 55.87 -128.20 1.43
N THR CD 9 57.03 -128.43 2.02
CA THR CD 9 57.14 -129.28 3.19
C THR CD 9 56.96 -128.38 4.41
N VAL CD 10 55.85 -128.57 5.11
CA VAL CD 10 55.44 -127.71 6.20
C VAL CD 10 55.42 -128.55 7.47
N GLY CD 11 56.48 -128.43 8.28
CA GLY CD 11 56.61 -129.28 9.44
C GLY CD 11 56.63 -130.73 9.02
N GLU CD 12 55.59 -131.48 9.38
CA GLU CD 12 55.51 -132.89 9.02
C GLU CD 12 54.42 -133.16 8.01
N GLU CD 13 53.96 -132.13 7.31
CA GLU CD 13 52.88 -132.27 6.34
C GLU CD 13 53.38 -131.70 5.02
N THR CD 14 52.63 -131.95 3.95
CA THR CD 14 52.97 -131.40 2.64
C THR CD 14 51.76 -130.63 2.10
N ARG CD 15 51.96 -129.33 1.88
CA ARG CD 15 50.97 -128.48 1.25
C ARG CD 15 51.22 -128.45 -0.25
N GLU CD 16 50.14 -128.44 -1.03
CA GLU CD 16 50.25 -128.54 -2.50
C GLU CD 16 49.47 -127.42 -3.15
N TYR CD 17 50.18 -126.47 -3.75
CA TYR CD 17 49.58 -125.31 -4.38
C TYR CD 17 49.67 -125.43 -5.89
N ALA CD 18 48.64 -124.89 -6.56
CA ALA CD 18 48.55 -124.84 -8.01
C ALA CD 18 48.50 -123.40 -8.48
N VAL CD 19 49.13 -123.13 -9.62
CA VAL CD 19 49.13 -121.79 -10.19
C VAL CD 19 47.71 -121.38 -10.52
N SER CD 20 47.29 -120.23 -10.02
CA SER CD 20 45.95 -119.72 -10.25
C SER CD 20 45.88 -118.46 -11.10
N GLU CD 21 46.90 -117.61 -11.08
CA GLU CD 21 46.98 -116.60 -12.13
C GLU CD 21 48.40 -116.07 -12.25
N GLN CD 22 48.74 -115.65 -13.47
CA GLN CD 22 50.04 -115.05 -13.78
C GLN CD 22 49.80 -113.79 -14.60
N GLN CD 23 50.20 -112.64 -14.07
CA GLN CD 23 50.14 -111.38 -14.78
C GLN CD 23 51.58 -110.97 -15.12
N GLY CD 24 51.76 -109.70 -15.45
CA GLY CD 24 53.08 -109.21 -15.75
C GLY CD 24 53.99 -109.33 -14.55
N THR CD 25 53.62 -108.66 -13.46
CA THR CD 25 54.43 -108.57 -12.26
C THR CD 25 53.79 -109.28 -11.06
N LEU CD 26 52.69 -110.00 -11.29
CA LEU CD 26 51.92 -110.60 -10.21
C LEU CD 26 51.63 -112.05 -10.52
N PHE CD 27 51.65 -112.89 -9.48
CA PHE CD 27 51.22 -114.29 -9.60
C PHE CD 27 50.48 -114.70 -8.35
N ARG CD 28 49.74 -115.80 -8.48
CA ARG CD 28 48.89 -116.29 -7.41
C ARG CD 28 48.78 -117.81 -7.51
N PHE CD 29 49.10 -118.48 -6.41
CA PHE CD 29 48.92 -119.91 -6.18
C PHE CD 29 47.73 -120.14 -5.26
N VAL CD 30 47.23 -121.36 -5.28
CA VAL CD 30 46.02 -121.74 -4.56
C VAL CD 30 46.20 -123.15 -3.99
N ASP CD 31 45.78 -123.34 -2.74
CA ASP CD 31 45.89 -124.66 -2.09
C ASP CD 31 45.01 -125.67 -2.81
N LYS CD 32 45.64 -126.71 -3.36
CA LYS CD 32 44.90 -127.72 -4.12
C LYS CD 32 43.86 -128.41 -3.26
N SER CD 33 44.12 -128.54 -1.97
CA SER CD 33 43.24 -129.24 -1.03
C SER CD 33 41.95 -128.48 -0.74
N GLY CD 34 41.69 -127.38 -1.42
CA GLY CD 34 40.50 -126.60 -1.13
C GLY CD 34 39.28 -127.20 -1.81
N THR CD 35 38.17 -127.27 -1.05
CA THR CD 35 36.91 -127.75 -1.58
C THR CD 35 35.99 -126.63 -2.04
N VAL CD 36 36.01 -125.50 -1.33
CA VAL CD 36 35.20 -124.34 -1.64
C VAL CD 36 36.13 -123.15 -1.76
N ALA CD 37 35.64 -122.10 -2.43
CA ALA CD 37 36.39 -120.86 -2.52
C ALA CD 37 36.81 -120.36 -1.14
N ASN CD 38 35.85 -120.28 -0.20
CA ASN CD 38 36.17 -119.82 1.15
C ASN CD 38 37.03 -120.82 1.91
N ASN CD 39 36.86 -122.11 1.62
CA ASN CD 39 37.72 -123.14 2.20
C ASN CD 39 39.18 -122.95 1.79
N THR CD 40 39.42 -122.35 0.62
CA THR CD 40 40.68 -122.47 -0.08
C THR CD 40 41.70 -121.41 0.35
N GLY CD 41 42.86 -121.87 0.80
CA GLY CD 41 43.96 -120.95 1.08
C GLY CD 41 44.63 -120.49 -0.20
N VAL CD 42 45.27 -119.32 -0.12
CA VAL CD 42 45.88 -118.71 -1.30
C VAL CD 42 47.19 -118.03 -0.94
N PHE CD 43 48.00 -117.82 -1.96
CA PHE CD 43 49.27 -117.10 -1.81
C PHE CD 43 49.51 -116.27 -3.07
N SER CD 44 49.82 -115.00 -2.86
CA SER CD 44 49.97 -114.08 -3.98
C SER CD 44 51.23 -113.24 -3.78
N LEU CD 45 51.86 -112.87 -4.89
CA LEU CD 45 53.07 -112.06 -4.86
C LEU CD 45 53.04 -111.07 -6.03
N GLU CD 46 53.51 -109.85 -5.77
CA GLU CD 46 53.52 -108.78 -6.75
C GLU CD 46 54.77 -107.93 -6.56
N GLN CD 47 55.44 -107.61 -7.66
CA GLN CD 47 56.58 -106.69 -7.63
C GLN CD 47 56.19 -105.37 -8.26
N ARG CD 48 56.58 -104.28 -7.61
CA ARG CD 48 56.37 -102.92 -8.07
C ARG CD 48 57.74 -102.29 -8.21
N PHE CD 49 58.22 -102.24 -9.44
CA PHE CD 49 59.50 -101.64 -9.78
C PHE CD 49 59.30 -100.14 -9.92
N GLY CD 50 60.06 -99.35 -9.16
CA GLY CD 50 59.91 -97.91 -9.16
C GLY CD 50 60.82 -97.22 -10.17
N ALA CD 51 60.83 -95.89 -10.09
CA ALA CD 51 61.79 -95.12 -10.86
C ALA CD 51 63.21 -95.35 -10.31
N ALA CD 52 64.20 -94.75 -10.96
CA ALA CD 52 65.59 -94.99 -10.55
C ALA CD 52 65.89 -94.41 -9.17
N ASN CD 53 65.16 -93.36 -8.76
CA ASN CD 53 65.30 -92.83 -7.42
C ASN CD 53 64.49 -93.61 -6.39
N SER CD 54 63.62 -94.50 -6.84
CA SER CD 54 62.78 -95.28 -5.94
C SER CD 54 63.43 -96.63 -5.62
N ASN CD 55 62.86 -97.31 -4.63
CA ASN CD 55 63.20 -98.68 -4.31
C ASN CD 55 62.13 -99.58 -4.92
N ARG CD 56 62.55 -100.70 -5.48
CA ARG CD 56 61.55 -101.67 -5.91
C ARG CD 56 60.98 -102.35 -4.67
N LYS CD 57 59.71 -102.70 -4.74
CA LYS CD 57 59.01 -103.32 -3.62
C LYS CD 57 58.39 -104.62 -4.06
N VAL CD 58 58.55 -105.67 -3.25
CA VAL CD 58 57.91 -106.95 -3.51
C VAL CD 58 57.02 -107.27 -2.33
N THR CD 59 55.77 -107.62 -2.61
CA THR CD 59 54.80 -107.90 -1.56
C THR CD 59 54.20 -109.28 -1.76
N MET CD 60 53.95 -109.97 -0.65
CA MET CD 60 53.35 -111.28 -0.63
C MET CD 60 52.24 -111.32 0.40
N LEU CD 61 51.15 -111.98 0.05
CA LEU CD 61 50.04 -112.22 0.94
C LEU CD 61 49.73 -113.72 0.97
N LEU CD 62 49.69 -114.28 2.18
CA LEU CD 62 49.34 -115.67 2.43
C LEU CD 62 48.09 -115.69 3.27
N THR CD 63 47.04 -116.35 2.76
CA THR CD 63 45.74 -116.42 3.43
C THR CD 63 45.40 -117.88 3.70
N ASP CD 64 45.14 -118.19 4.97
CA ASP CD 64 44.81 -119.55 5.40
C ASP CD 64 43.50 -119.55 6.17
N PRO CD 65 42.38 -119.81 5.50
CA PRO CD 65 41.10 -119.92 6.22
C PRO CD 65 40.90 -121.30 6.83
N VAL CD 66 40.09 -121.33 7.90
CA VAL CD 66 39.75 -122.54 8.63
C VAL CD 66 38.26 -122.48 8.99
N VAL CD 67 37.63 -123.64 9.11
CA VAL CD 67 36.22 -123.72 9.47
C VAL CD 67 36.07 -123.90 10.97
N VAL CD 68 35.27 -123.04 11.60
CA VAL CD 68 34.98 -123.12 13.03
C VAL CD 68 33.48 -123.27 13.26
N MET CD 76 30.98 -121.31 10.41
CA MET CD 76 31.71 -120.10 10.01
C MET CD 76 33.16 -120.42 9.62
N THR CD 77 33.68 -119.68 8.63
CA THR CD 77 35.08 -119.80 8.21
C THR CD 77 35.82 -118.51 8.54
N ILE CD 78 36.98 -118.66 9.18
CA ILE CD 78 37.78 -117.56 9.71
C ILE CD 78 39.11 -117.55 8.97
N LYS CD 79 39.53 -116.36 8.54
CA LYS CD 79 40.74 -116.20 7.72
C LYS CD 79 41.83 -115.50 8.50
N ALA CD 80 43.06 -116.02 8.40
CA ALA CD 80 44.24 -115.38 8.98
C ALA CD 80 45.26 -115.08 7.87
N ASN CD 81 45.92 -113.94 7.99
CA ASN CD 81 46.78 -113.44 6.93
C ASN CD 81 48.20 -113.26 7.43
N ALA CD 82 49.16 -113.59 6.56
CA ALA CD 82 50.55 -113.17 6.74
C ALA CD 82 50.93 -112.36 5.51
N SER CD 83 51.60 -111.23 5.71
CA SER CD 83 51.98 -110.38 4.60
C SER CD 83 53.44 -109.97 4.76
N VAL CD 84 54.24 -110.22 3.74
CA VAL CD 84 55.65 -109.85 3.74
C VAL CD 84 55.86 -108.78 2.69
N THR CD 85 56.74 -107.83 2.96
CA THR CD 85 57.08 -106.77 2.02
C THR CD 85 58.58 -106.50 2.08
N PHE CD 86 59.25 -106.63 0.93
CA PHE CD 86 60.67 -106.37 0.77
C PHE CD 86 60.83 -105.04 0.07
N SER CD 87 61.46 -104.07 0.75
CA SER CD 87 61.82 -102.80 0.16
C SER CD 87 63.31 -102.84 -0.16
N LEU CD 88 63.63 -102.84 -1.44
CA LEU CD 88 64.99 -103.09 -1.92
C LEU CD 88 65.43 -101.94 -2.81
N PRO CD 89 66.40 -101.14 -2.37
CA PRO CD 89 66.98 -100.11 -3.24
C PRO CD 89 67.74 -100.76 -4.38
N LYS CD 90 67.76 -100.07 -5.52
CA LYS CD 90 68.35 -100.67 -6.71
C LYS CD 90 69.86 -100.82 -6.57
N THR CD 91 70.53 -99.82 -5.98
CA THR CD 91 71.97 -99.90 -5.77
C THR CD 91 72.38 -101.02 -4.82
N TYR CD 92 71.44 -101.53 -4.03
CA TYR CD 92 71.73 -102.58 -3.05
C TYR CD 92 72.05 -103.89 -3.77
N PRO CD 93 73.07 -104.64 -3.33
CA PRO CD 93 73.54 -105.78 -4.13
C PRO CD 93 72.68 -107.03 -3.97
N ASN CD 94 72.47 -107.71 -5.10
CA ASN CD 94 71.61 -108.89 -5.12
C ASN CD 94 72.07 -109.96 -4.13
N GLU CD 95 73.38 -110.09 -3.94
CA GLU CD 95 73.87 -111.08 -2.97
C GLU CD 95 73.35 -110.78 -1.57
N HIS CD 96 73.51 -109.54 -1.11
CA HIS CD 96 73.00 -109.18 0.21
C HIS CD 96 71.48 -109.26 0.30
N ILE CD 97 70.76 -109.13 -0.83
CA ILE CD 97 69.32 -109.38 -0.79
C ILE CD 97 69.02 -110.84 -0.49
N THR CD 98 69.70 -111.77 -1.21
CA THR CD 98 69.52 -113.19 -0.91
C THR CD 98 69.79 -113.45 0.57
N LYS CD 99 70.86 -112.84 1.09
CA LYS CD 99 71.15 -112.93 2.52
C LYS CD 99 69.96 -112.48 3.38
N LEU CD 100 69.41 -111.30 3.08
CA LEU CD 100 68.30 -110.78 3.85
C LEU CD 100 67.13 -111.77 3.89
N ARG CD 101 66.75 -112.29 2.71
CA ARG CD 101 65.64 -113.24 2.65
C ARG CD 101 65.91 -114.45 3.53
N GLN CD 102 67.13 -115.02 3.43
CA GLN CD 102 67.43 -116.21 4.21
C GLN CD 102 67.38 -115.94 5.71
N THR CD 103 67.90 -114.78 6.14
CA THR CD 103 67.86 -114.47 7.56
C THR CD 103 66.44 -114.24 8.05
N LEU CD 104 65.56 -113.71 7.20
CA LEU CD 104 64.15 -113.61 7.60
C LEU CD 104 63.55 -115.00 7.82
N ILE CD 105 63.86 -115.94 6.92
CA ILE CD 105 63.41 -117.32 7.13
C ILE CD 105 63.90 -117.84 8.49
N ALA CD 106 65.19 -117.66 8.75
CA ALA CD 106 65.77 -118.12 10.02
C ALA CD 106 65.06 -117.50 11.21
N TRP CD 107 64.78 -116.20 11.15
CA TRP CD 107 64.09 -115.53 12.23
C TRP CD 107 62.71 -116.10 12.46
N LEU CD 108 61.94 -116.27 11.37
CA LEU CD 108 60.61 -116.87 11.47
C LEU CD 108 60.65 -118.27 12.04
N GLY CD 109 61.81 -118.93 12.02
CA GLY CD 109 61.98 -120.19 12.71
C GLY CD 109 62.02 -120.11 14.23
N GLN CD 110 62.54 -119.02 14.78
CA GLN CD 110 62.95 -118.95 16.17
C GLN CD 110 61.76 -118.92 17.14
N GLN CD 111 62.05 -119.30 18.39
CA GLN CD 111 61.01 -119.33 19.42
C GLN CD 111 60.53 -117.92 19.75
N CYS CD 112 61.45 -116.96 19.83
CA CYS CD 112 61.05 -115.60 20.17
C CYS CD 112 60.08 -115.02 19.17
N VAL CD 113 59.99 -115.61 17.97
CA VAL CD 113 58.99 -115.22 16.98
C VAL CD 113 57.77 -116.12 17.03
N SER CD 114 57.96 -117.43 17.23
CA SER CD 114 56.82 -118.35 17.22
C SER CD 114 55.91 -118.11 18.42
N ASP CD 115 56.47 -117.85 19.60
CA ASP CD 115 55.67 -117.68 20.80
C ASP CD 115 54.62 -116.55 20.67
N PRO CD 116 54.99 -115.35 20.20
CA PRO CD 116 53.92 -114.34 20.00
C PRO CD 116 53.02 -114.65 18.81
N VAL CD 117 53.59 -115.07 17.68
CA VAL CD 117 52.76 -115.37 16.51
C VAL CD 117 51.82 -116.53 16.80
N ASP CD 118 52.38 -117.69 17.17
CA ASP CD 118 51.57 -118.90 17.28
C ASP CD 118 50.56 -118.77 18.42
N SER CD 119 51.02 -118.48 19.63
CA SER CD 119 50.16 -118.54 20.80
C SER CD 119 49.93 -117.21 21.51
N GLY CD 120 50.63 -116.15 21.13
CA GLY CD 120 50.43 -114.86 21.75
C GLY CD 120 51.28 -114.59 22.96
N LEU CD 121 52.22 -115.46 23.29
CA LEU CD 121 53.14 -115.20 24.40
C LEU CD 121 54.16 -114.16 23.97
N ASN CD 122 54.25 -113.07 24.73
CA ASN CD 122 55.34 -112.14 24.48
C ASN CD 122 56.60 -112.61 25.19
N ASN CD 123 57.73 -112.07 24.75
CA ASN CD 123 59.00 -112.46 25.34
C ASN CD 123 59.33 -111.54 26.51
N TYR CD 124 59.99 -112.11 27.51
CA TYR CD 124 60.26 -111.41 28.75
C TYR CD 124 61.65 -111.71 29.25
N MET DD 1 52.77 -117.41 -29.71
CA MET DD 1 53.90 -118.23 -29.28
C MET DD 1 53.92 -118.35 -27.77
N ARG DD 2 54.27 -119.54 -27.28
CA ARG DD 2 54.50 -119.74 -25.84
C ARG DD 2 55.85 -119.11 -25.46
N LEU DD 3 55.80 -117.99 -24.78
CA LEU DD 3 57.02 -117.24 -24.52
C LEU DD 3 57.94 -118.02 -23.60
N THR DD 4 59.21 -118.13 -24.00
CA THR DD 4 60.26 -118.64 -23.15
C THR DD 4 61.53 -117.85 -23.44
N ASP DD 5 62.51 -118.00 -22.54
CA ASP DD 5 63.79 -117.33 -22.70
C ASP DD 5 64.36 -117.63 -24.07
N VAL DD 6 65.10 -116.67 -24.62
CA VAL DD 6 65.70 -116.86 -25.95
C VAL DD 6 67.18 -116.49 -25.87
N ASP DD 7 67.93 -117.07 -26.80
CA ASP DD 7 69.33 -116.75 -27.02
C ASP DD 7 69.49 -116.31 -28.46
N LEU DD 8 70.15 -115.17 -28.67
CA LEU DD 8 70.32 -114.58 -29.98
C LEU DD 8 71.77 -114.72 -30.43
N THR DD 9 71.93 -115.00 -31.71
CA THR DD 9 73.24 -115.04 -32.33
C THR DD 9 73.54 -113.65 -32.89
N VAL DD 10 74.55 -113.00 -32.34
CA VAL DD 10 74.85 -111.60 -32.66
C VAL DD 10 76.28 -111.54 -33.18
N GLY DD 11 76.43 -111.49 -34.49
CA GLY DD 11 77.76 -111.53 -35.07
C GLY DD 11 78.48 -112.78 -34.64
N GLU DD 12 79.53 -112.62 -33.83
CA GLU DD 12 80.33 -113.75 -33.36
C GLU DD 12 80.23 -113.92 -31.86
N GLU DD 13 79.14 -113.45 -31.25
CA GLU DD 13 78.88 -113.65 -29.84
C GLU DD 13 77.45 -114.16 -29.67
N THR DD 14 77.15 -114.65 -28.48
CA THR DD 14 75.82 -115.12 -28.15
C THR DD 14 75.26 -114.28 -27.01
N ARG DD 15 74.06 -113.77 -27.21
CA ARG DD 15 73.39 -112.87 -26.28
C ARG DD 15 72.22 -113.62 -25.65
N GLU DD 16 72.16 -113.66 -24.32
CA GLU DD 16 71.17 -114.46 -23.63
C GLU DD 16 70.16 -113.55 -22.93
N TYR DD 17 68.90 -113.63 -23.34
CA TYR DD 17 67.84 -112.89 -22.69
C TYR DD 17 66.96 -113.85 -21.90
N ALA DD 18 66.25 -113.28 -20.92
CA ALA DD 18 65.31 -114.01 -20.08
C ALA DD 18 64.01 -113.21 -19.98
N VAL DD 19 62.89 -113.93 -19.97
CA VAL DD 19 61.60 -113.27 -19.87
C VAL DD 19 61.52 -112.55 -18.54
N SER DD 20 61.25 -111.24 -18.61
CA SER DD 20 61.08 -110.41 -17.41
C SER DD 20 59.64 -110.06 -17.11
N GLU DD 21 58.77 -109.98 -18.12
CA GLU DD 21 57.34 -109.94 -17.84
C GLU DD 21 56.56 -110.28 -19.11
N GLN DD 22 55.37 -110.85 -18.92
CA GLN DD 22 54.48 -111.14 -20.03
C GLN DD 22 53.07 -110.71 -19.66
N GLN DD 23 52.51 -109.79 -20.44
CA GLN DD 23 51.13 -109.33 -20.32
C GLN DD 23 50.36 -109.72 -21.57
N GLY DD 24 49.10 -109.29 -21.63
CA GLY DD 24 48.24 -109.71 -22.72
C GLY DD 24 48.74 -109.28 -24.06
N THR DD 25 49.12 -108.01 -24.18
CA THR DD 25 49.59 -107.42 -25.44
C THR DD 25 51.03 -106.95 -25.36
N LEU DD 26 51.72 -107.21 -24.25
CA LEU DD 26 53.07 -106.70 -24.02
C LEU DD 26 53.94 -107.78 -23.42
N PHE DD 27 55.23 -107.75 -23.77
CA PHE DD 27 56.21 -108.61 -23.11
C PHE DD 27 57.56 -107.90 -23.05
N ARG DD 28 58.40 -108.37 -22.13
CA ARG DD 28 59.70 -107.77 -21.86
C ARG DD 28 60.70 -108.85 -21.51
N PHE DD 29 61.85 -108.81 -22.21
CA PHE DD 29 63.04 -109.60 -21.94
C PHE DD 29 64.14 -108.72 -21.36
N VAL DD 30 65.02 -109.36 -20.59
CA VAL DD 30 66.18 -108.70 -19.97
C VAL DD 30 67.44 -109.52 -20.28
N ASP DD 31 68.54 -108.82 -20.56
CA ASP DD 31 69.83 -109.48 -20.82
C ASP DD 31 70.32 -110.17 -19.54
N LYS DD 32 70.58 -111.48 -19.65
CA LYS DD 32 70.93 -112.28 -18.48
C LYS DD 32 72.25 -111.84 -17.85
N SER DD 33 73.07 -111.06 -18.54
CA SER DD 33 74.35 -110.61 -18.01
C SER DD 33 74.23 -109.42 -17.07
N GLY DD 34 73.01 -109.05 -16.63
CA GLY DD 34 72.78 -107.80 -15.95
C GLY DD 34 72.18 -107.96 -14.55
N THR DD 35 72.18 -106.84 -13.83
CA THR DD 35 71.64 -106.70 -12.48
C THR DD 35 70.65 -105.55 -12.48
N VAL DD 36 69.78 -105.50 -11.45
CA VAL DD 36 69.00 -104.28 -11.24
C VAL DD 36 69.95 -103.09 -11.10
N ALA DD 37 71.06 -103.27 -10.38
CA ALA DD 37 72.00 -102.18 -10.19
C ALA DD 37 72.69 -101.81 -11.50
N ASN DD 38 73.24 -102.80 -12.19
CA ASN DD 38 73.91 -102.56 -13.45
C ASN DD 38 73.18 -103.32 -14.55
N ASN DD 39 72.28 -102.65 -15.25
CA ASN DD 39 71.55 -103.27 -16.34
C ASN DD 39 72.37 -103.24 -17.62
N THR DD 40 72.17 -104.26 -18.45
CA THR DD 40 72.97 -104.45 -19.65
C THR DD 40 72.16 -104.51 -20.93
N GLY DD 41 70.85 -104.67 -20.84
CA GLY DD 41 70.03 -104.71 -22.04
C GLY DD 41 68.60 -105.07 -21.73
N VAL DD 42 67.67 -104.46 -22.46
CA VAL DD 42 66.25 -104.79 -22.31
C VAL DD 42 65.62 -104.76 -23.70
N PHE DD 43 64.61 -105.60 -23.87
CA PHE DD 43 63.81 -105.61 -25.09
C PHE DD 43 62.35 -105.70 -24.69
N SER DD 44 61.51 -104.90 -25.34
CA SER DD 44 60.09 -104.89 -25.02
C SER DD 44 59.29 -104.75 -26.31
N LEU DD 45 58.11 -105.38 -26.32
CA LEU DD 45 57.25 -105.33 -27.50
C LEU DD 45 55.79 -105.27 -27.05
N GLU DD 46 55.00 -104.44 -27.75
CA GLU DD 46 53.60 -104.25 -27.45
C GLU DD 46 52.81 -104.15 -28.75
N GLN DD 47 51.65 -104.78 -28.80
CA GLN DD 47 50.72 -104.62 -29.91
C GLN DD 47 49.49 -103.87 -29.45
N ARG DD 48 49.16 -102.79 -30.16
CA ARG DD 48 47.88 -102.10 -30.04
C ARG DD 48 47.07 -102.50 -31.25
N PHE DD 49 46.24 -103.53 -31.07
CA PHE DD 49 45.28 -103.90 -32.10
C PHE DD 49 44.22 -102.81 -32.18
N GLY DD 50 44.16 -102.14 -33.33
CA GLY DD 50 43.34 -100.95 -33.44
C GLY DD 50 41.85 -101.25 -33.58
N ALA DD 51 41.08 -100.17 -33.60
CA ALA DD 51 39.67 -100.27 -33.93
C ALA DD 51 39.50 -100.85 -35.33
N ALA DD 52 38.26 -101.30 -35.62
CA ALA DD 52 38.02 -102.02 -36.88
C ALA DD 52 38.36 -101.17 -38.10
N ASN DD 53 38.32 -99.84 -37.97
CA ASN DD 53 38.69 -98.96 -39.07
C ASN DD 53 40.18 -98.71 -39.15
N SER DD 54 40.87 -98.73 -38.01
CA SER DD 54 42.28 -98.33 -37.93
C SER DD 54 43.21 -99.51 -38.22
N ASN DD 55 44.47 -99.18 -38.45
CA ASN DD 55 45.52 -100.18 -38.55
C ASN DD 55 45.93 -100.64 -37.16
N ARG DD 56 46.47 -101.85 -37.09
CA ARG DD 56 47.06 -102.29 -35.84
C ARG DD 56 48.54 -101.91 -35.83
N LYS DD 57 49.04 -101.63 -34.64
CA LYS DD 57 50.41 -101.17 -34.46
C LYS DD 57 51.16 -102.16 -33.58
N VAL DD 58 52.41 -102.45 -33.95
CA VAL DD 58 53.30 -103.23 -33.10
C VAL DD 58 54.57 -102.42 -32.90
N THR DD 59 54.97 -102.24 -31.65
CA THR DD 59 56.13 -101.43 -31.34
C THR DD 59 57.10 -102.22 -30.49
N MET DD 60 58.40 -102.02 -30.77
CA MET DD 60 59.49 -102.66 -30.07
C MET DD 60 60.51 -101.62 -29.65
N LEU DD 61 61.02 -101.80 -28.44
CA LEU DD 61 62.11 -100.97 -27.92
C LEU DD 61 63.23 -101.86 -27.44
N LEU DD 62 64.43 -101.64 -27.97
CA LEU DD 62 65.65 -102.29 -27.56
C LEU DD 62 66.56 -101.25 -26.93
N THR DD 63 66.98 -101.48 -25.69
CA THR DD 63 67.83 -100.54 -24.98
C THR DD 63 69.09 -101.24 -24.51
N ASP DD 64 70.24 -100.69 -24.92
CA ASP DD 64 71.55 -101.20 -24.50
C ASP DD 64 72.27 -100.09 -23.74
N PRO DD 65 72.39 -100.24 -22.43
CA PRO DD 65 73.20 -99.30 -21.65
C PRO DD 65 74.62 -99.78 -21.48
N VAL DD 66 75.54 -98.81 -21.45
CA VAL DD 66 76.97 -99.03 -21.30
C VAL DD 66 77.52 -98.05 -20.28
N VAL DD 67 78.48 -98.49 -19.50
CA VAL DD 67 79.18 -97.61 -18.58
C VAL DD 67 80.33 -96.94 -19.31
N VAL DD 68 80.51 -95.64 -19.07
CA VAL DD 68 81.53 -94.83 -19.71
C VAL DD 68 82.16 -93.94 -18.65
N LYS DD 69 83.48 -93.84 -18.65
CA LYS DD 69 84.16 -92.91 -17.77
C LYS DD 69 83.87 -91.48 -18.20
N ASP DD 70 83.76 -90.60 -17.22
CA ASP DD 70 83.47 -89.19 -17.45
C ASP DD 70 84.77 -88.39 -17.58
N ALA DD 71 84.66 -87.17 -18.10
CA ALA DD 71 85.79 -86.26 -18.08
C ALA DD 71 86.26 -86.01 -16.66
N SER DD 72 85.33 -85.98 -15.70
CA SER DD 72 85.66 -85.90 -14.28
C SER DD 72 86.17 -87.22 -13.71
N GLY DD 73 86.21 -88.28 -14.52
CA GLY DD 73 86.56 -89.60 -14.04
C GLY DD 73 85.41 -90.43 -13.52
N ALA DD 74 84.35 -89.78 -13.05
CA ALA DD 74 83.19 -90.48 -12.49
C ALA DD 74 82.61 -91.45 -13.50
N ASP DD 75 82.06 -92.55 -13.00
CA ASP DD 75 81.44 -93.55 -13.86
C ASP DD 75 80.01 -93.12 -14.19
N MET DD 76 79.64 -93.21 -15.47
CA MET DD 76 78.39 -92.67 -15.98
C MET DD 76 77.75 -93.71 -16.89
N THR DD 77 76.49 -94.05 -16.63
CA THR DD 77 75.79 -95.04 -17.43
C THR DD 77 74.98 -94.34 -18.53
N ILE DD 78 75.16 -94.81 -19.77
CA ILE DD 78 74.61 -94.16 -20.95
C ILE DD 78 73.82 -95.21 -21.73
N LYS DD 79 72.62 -94.84 -22.17
CA LYS DD 79 71.75 -95.76 -22.90
C LYS DD 79 71.67 -95.35 -24.36
N ALA DD 80 71.67 -96.36 -25.24
CA ALA DD 80 71.35 -96.20 -26.66
C ALA DD 80 70.10 -97.00 -26.98
N ASN DD 81 69.22 -96.41 -27.79
CA ASN DD 81 67.92 -97.02 -28.02
C ASN DD 81 67.69 -97.27 -29.50
N ALA DD 82 66.99 -98.36 -29.77
CA ALA DD 82 66.46 -98.64 -31.10
C ALA DD 82 64.99 -98.94 -30.95
N SER DD 83 64.15 -98.35 -31.80
CA SER DD 83 62.71 -98.55 -31.71
C SER DD 83 62.17 -98.85 -33.10
N VAL DD 84 61.39 -99.93 -33.20
CA VAL DD 84 60.77 -100.34 -34.45
C VAL DD 84 59.25 -100.29 -34.27
N THR DD 85 58.55 -99.84 -35.31
CA THR DD 85 57.09 -99.77 -35.28
C THR DD 85 56.54 -100.24 -36.62
N PHE DD 86 55.67 -101.25 -36.56
CA PHE DD 86 54.98 -101.79 -37.71
C PHE DD 86 53.55 -101.28 -37.69
N SER DD 87 53.17 -100.52 -38.72
CA SER DD 87 51.78 -100.12 -38.94
C SER DD 87 51.22 -101.03 -40.02
N LEU DD 88 50.29 -101.88 -39.63
CA LEU DD 88 49.76 -102.92 -40.50
C LEU DD 88 48.26 -102.79 -40.60
N PRO DD 89 47.74 -102.40 -41.75
CA PRO DD 89 46.29 -102.35 -41.95
C PRO DD 89 45.69 -103.76 -41.92
N LYS DD 90 44.43 -103.83 -41.52
CA LYS DD 90 43.78 -105.13 -41.38
C LYS DD 90 43.70 -105.85 -42.72
N THR DD 91 43.31 -105.13 -43.78
CA THR DD 91 43.14 -105.76 -45.09
C THR DD 91 44.45 -106.21 -45.71
N TYR DD 92 45.58 -105.80 -45.16
CA TYR DD 92 46.88 -106.20 -45.69
C TYR DD 92 47.13 -107.68 -45.39
N PRO DD 93 47.60 -108.47 -46.35
CA PRO DD 93 47.71 -109.92 -46.12
C PRO DD 93 48.93 -110.33 -45.29
N ASN DD 94 48.70 -111.30 -44.41
CA ASN DD 94 49.75 -111.74 -43.50
C ASN DD 94 51.02 -112.15 -44.25
N GLU DD 95 50.87 -112.69 -45.45
CA GLU DD 95 52.03 -113.07 -46.25
C GLU DD 95 52.93 -111.88 -46.53
N HIS DD 96 52.38 -110.81 -47.13
CA HIS DD 96 53.17 -109.64 -47.42
C HIS DD 96 53.68 -108.95 -46.16
N ILE DD 97 53.01 -109.14 -45.02
CA ILE DD 97 53.57 -108.66 -43.75
C ILE DD 97 54.90 -109.35 -43.44
N THR DD 98 54.90 -110.70 -43.49
CA THR DD 98 56.16 -111.42 -43.25
C THR DD 98 57.23 -110.97 -44.23
N LYS DD 99 56.84 -110.74 -45.49
CA LYS DD 99 57.76 -110.18 -46.48
C LYS DD 99 58.36 -108.88 -46.01
N LEU DD 100 57.52 -107.95 -45.53
CA LEU DD 100 58.00 -106.66 -45.03
C LEU DD 100 59.01 -106.84 -43.92
N ARG DD 101 58.69 -107.68 -42.93
CA ARG DD 101 59.60 -107.88 -41.80
C ARG DD 101 60.96 -108.41 -42.27
N GLN DD 102 60.94 -109.39 -43.18
CA GLN DD 102 62.20 -109.96 -43.63
C GLN DD 102 63.02 -108.95 -44.43
N THR DD 103 62.37 -108.17 -45.30
CA THR DD 103 63.12 -107.14 -46.03
C THR DD 103 63.70 -106.10 -45.07
N LEU DD 104 63.02 -105.81 -43.96
CA LEU DD 104 63.60 -104.89 -42.98
C LEU DD 104 64.85 -105.47 -42.35
N ILE DD 105 64.81 -106.76 -41.99
CA ILE DD 105 66.02 -107.41 -41.48
C ILE DD 105 67.16 -107.29 -42.48
N ALA DD 106 66.87 -107.59 -43.75
CA ALA DD 106 67.86 -107.50 -44.80
C ALA DD 106 68.48 -106.11 -44.87
N TRP DD 107 67.61 -105.09 -44.88
CA TRP DD 107 68.09 -103.71 -44.95
C TRP DD 107 68.98 -103.39 -43.76
N LEU DD 108 68.56 -103.78 -42.55
CA LEU DD 108 69.34 -103.50 -41.35
C LEU DD 108 70.71 -104.15 -41.40
N GLY DD 109 70.86 -105.22 -42.19
CA GLY DD 109 72.17 -105.82 -42.40
C GLY DD 109 73.09 -105.04 -43.33
N GLN DD 110 72.52 -104.24 -44.22
CA GLN DD 110 73.26 -103.63 -45.31
C GLN DD 110 74.25 -102.58 -44.80
N GLN DD 111 75.27 -102.34 -45.62
CA GLN DD 111 76.27 -101.35 -45.23
C GLN DD 111 75.74 -99.93 -45.35
N CYS DD 112 74.88 -99.65 -46.33
CA CYS DD 112 74.31 -98.32 -46.45
C CYS DD 112 73.48 -97.94 -45.23
N VAL DD 113 73.02 -98.93 -44.47
CA VAL DD 113 72.32 -98.68 -43.22
C VAL DD 113 73.27 -98.71 -42.03
N SER DD 114 74.24 -99.62 -42.03
CA SER DD 114 75.12 -99.75 -40.87
C SER DD 114 76.06 -98.56 -40.75
N ASP DD 115 76.60 -98.08 -41.87
CA ASP DD 115 77.57 -96.98 -41.81
C ASP DD 115 77.02 -95.74 -41.11
N PRO DD 116 75.83 -95.22 -41.44
CA PRO DD 116 75.32 -94.08 -40.66
C PRO DD 116 74.92 -94.44 -39.25
N VAL DD 117 74.29 -95.60 -39.05
CA VAL DD 117 73.88 -96.01 -37.71
C VAL DD 117 75.10 -96.24 -36.82
N ASP DD 118 76.03 -97.09 -37.28
CA ASP DD 118 77.14 -97.51 -36.43
C ASP DD 118 78.15 -96.37 -36.23
N SER DD 119 78.54 -95.70 -37.31
CA SER DD 119 79.67 -94.77 -37.26
C SER DD 119 79.30 -93.32 -37.50
N GLY DD 120 78.04 -93.02 -37.82
CA GLY DD 120 77.64 -91.65 -38.05
C GLY DD 120 78.07 -91.05 -39.37
N LEU DD 121 78.58 -91.86 -40.28
CA LEU DD 121 78.96 -91.38 -41.61
C LEU DD 121 77.78 -91.53 -42.57
N ASN DD 122 77.49 -90.46 -43.30
CA ASN DD 122 76.42 -90.53 -44.29
C ASN DD 122 76.92 -91.17 -45.58
N ASN DD 123 75.97 -91.57 -46.41
CA ASN DD 123 76.31 -92.18 -47.69
C ASN DD 123 76.44 -91.12 -48.77
N TYR DD 124 77.04 -91.51 -49.89
CA TYR DD 124 77.32 -90.60 -51.00
C TYR DD 124 77.33 -91.31 -52.36
N MET ED 1 111.92 1.06 71.24
CA MET ED 1 112.79 1.99 71.95
C MET ED 1 111.98 3.11 72.61
N ARG ED 2 112.33 3.46 73.85
CA ARG ED 2 111.73 4.61 74.49
C ARG ED 2 112.16 5.87 73.76
N LEU ED 3 111.19 6.55 73.14
CA LEU ED 3 111.49 7.69 72.29
C LEU ED 3 112.13 8.83 73.07
N THR ED 4 113.08 9.49 72.44
CA THR ED 4 113.69 10.69 72.98
C THR ED 4 113.96 11.63 71.81
N ASP ED 5 114.06 12.92 72.12
CA ASP ED 5 114.44 13.89 71.09
C ASP ED 5 115.72 13.41 70.41
N VAL ED 6 115.88 13.77 69.14
CA VAL ED 6 116.93 13.19 68.32
C VAL ED 6 117.76 14.31 67.74
N ASP ED 7 119.08 14.11 67.74
CA ASP ED 7 119.99 15.05 67.11
C ASP ED 7 120.76 14.30 66.04
N LEU ED 8 120.65 14.76 64.79
CA LEU ED 8 121.24 14.14 63.63
C LEU ED 8 122.42 14.97 63.15
N THR ED 9 123.50 14.29 62.77
CA THR ED 9 124.61 14.95 62.12
C THR ED 9 124.39 14.85 60.62
N VAL ED 10 124.27 15.99 59.95
CA VAL ED 10 123.89 16.07 58.55
C VAL ED 10 124.97 16.82 57.80
N GLY ED 11 125.79 16.09 57.04
CA GLY ED 11 126.91 16.71 56.38
C GLY ED 11 127.79 17.41 57.39
N GLU ED 12 127.81 18.74 57.36
CA GLU ED 12 128.64 19.50 58.27
C GLU ED 12 127.81 20.38 59.20
N GLU ED 13 126.55 20.06 59.37
CA GLU ED 13 125.66 20.77 60.27
C GLU ED 13 125.01 19.76 61.21
N THR ED 14 124.34 20.25 62.24
CA THR ED 14 123.61 19.40 63.16
C THR ED 14 122.16 19.82 63.22
N ARG ED 15 121.26 18.85 63.00
CA ARG ED 15 119.83 19.07 62.92
C ARG ED 15 119.16 18.45 64.14
N GLU ED 16 118.30 19.22 64.81
CA GLU ED 16 117.70 18.79 66.06
C GLU ED 16 116.19 18.63 65.89
N TYR ED 17 115.69 17.44 66.18
CA TYR ED 17 114.28 17.09 66.11
C TYR ED 17 113.75 16.79 67.51
N ALA ED 18 112.46 17.06 67.69
CA ALA ED 18 111.77 16.79 68.94
C ALA ED 18 110.53 15.94 68.68
N VAL ED 19 110.22 15.06 69.62
CA VAL ED 19 109.05 14.19 69.49
C VAL ED 19 107.79 15.02 69.47
N SER ED 20 106.96 14.82 68.45
CA SER ED 20 105.67 15.50 68.33
C SER ED 20 104.48 14.62 68.67
N GLU ED 21 104.48 13.36 68.25
CA GLU ED 21 103.45 12.45 68.75
C GLU ED 21 103.92 11.01 68.60
N GLN ED 22 103.39 10.14 69.46
CA GLN ED 22 103.71 8.72 69.41
C GLN ED 22 102.43 7.93 69.63
N GLN ED 23 102.12 7.06 68.66
CA GLN ED 23 101.01 6.14 68.74
C GLN ED 23 101.56 4.72 68.85
N GLY ED 24 100.67 3.74 68.80
CA GLY ED 24 101.09 2.37 68.95
C GLY ED 24 102.08 1.94 67.89
N THR ED 25 101.77 2.28 66.63
CA THR ED 25 102.61 1.90 65.49
C THR ED 25 103.04 3.10 64.66
N LEU ED 26 102.97 4.31 65.22
CA LEU ED 26 103.29 5.52 64.48
C LEU ED 26 103.97 6.52 65.40
N PHE ED 27 104.93 7.28 64.86
CA PHE ED 27 105.50 8.40 65.58
C PHE ED 27 105.88 9.51 64.61
N ARG ED 28 106.04 10.70 65.17
CA ARG ED 28 106.33 11.90 64.41
C ARG ED 28 107.22 12.83 65.22
N PHE ED 29 108.33 13.25 64.58
CA PHE ED 29 109.25 14.27 65.04
C PHE ED 29 109.09 15.55 64.23
N VAL ED 30 109.42 16.67 64.86
CA VAL ED 30 109.42 17.99 64.23
C VAL ED 30 110.80 18.62 64.40
N ASP ED 31 111.25 19.34 63.36
CA ASP ED 31 112.52 20.06 63.43
C ASP ED 31 112.39 21.22 64.41
N LYS ED 32 113.29 21.25 65.42
CA LYS ED 32 113.25 22.29 66.43
C LYS ED 32 113.49 23.68 65.87
N SER ED 33 113.92 23.79 64.61
CA SER ED 33 114.13 25.09 63.98
C SER ED 33 112.82 25.85 63.77
N GLY ED 34 111.67 25.17 63.87
CA GLY ED 34 110.41 25.70 63.40
C GLY ED 34 109.35 25.87 64.47
N THR ED 35 108.28 26.55 64.07
CA THR ED 35 107.10 26.83 64.87
C THR ED 35 105.92 26.04 64.30
N VAL ED 36 104.87 25.91 65.11
CA VAL ED 36 103.56 25.57 64.57
C VAL ED 36 103.26 26.43 63.35
N ALA ED 37 103.46 27.75 63.49
CA ALA ED 37 103.20 28.68 62.40
C ALA ED 37 104.10 28.38 61.20
N ASN ED 38 105.40 28.50 61.39
CA ASN ED 38 106.36 28.26 60.31
C ASN ED 38 107.13 26.97 60.62
N ASN ED 39 106.95 25.97 59.76
CA ASN ED 39 107.57 24.66 59.96
C ASN ED 39 108.82 24.53 59.11
N THR ED 40 109.87 23.94 59.70
CA THR ED 40 111.12 23.73 59.00
C THR ED 40 111.38 22.29 58.60
N GLY ED 41 110.68 21.32 59.19
CA GLY ED 41 110.90 19.93 58.85
C GLY ED 41 110.06 18.97 59.65
N VAL ED 42 109.69 17.84 59.06
CA VAL ED 42 108.88 16.84 59.74
C VAL ED 42 109.35 15.46 59.33
N PHE ED 43 109.28 14.52 60.28
CA PHE ED 43 109.58 13.13 60.01
C PHE ED 43 108.51 12.26 60.67
N SER ED 44 108.02 11.28 59.92
CA SER ED 44 106.98 10.39 60.42
C SER ED 44 107.29 8.97 60.00
N LEU ED 45 106.96 8.01 60.88
CA LEU ED 45 107.20 6.59 60.62
C LEU ED 45 106.02 5.78 61.14
N GLU ED 46 105.56 4.82 60.33
CA GLU ED 46 104.44 3.95 60.69
C GLU ED 46 104.71 2.51 60.24
N GLN ED 47 104.38 1.55 61.11
CA GLN ED 47 104.49 0.14 60.77
C GLN ED 47 103.12 -0.49 60.65
N ARG ED 48 102.95 -1.35 59.66
CA ARG ED 48 101.71 -2.05 59.38
C ARG ED 48 102.04 -3.55 59.34
N PHE ED 49 101.74 -4.23 60.43
CA PHE ED 49 101.92 -5.67 60.57
C PHE ED 49 100.71 -6.36 59.92
N GLY ED 50 100.93 -7.07 58.82
CA GLY ED 50 99.85 -7.73 58.11
C GLY ED 50 99.51 -9.09 58.70
N ALA ED 51 98.73 -9.86 57.95
CA ALA ED 51 98.48 -11.24 58.34
C ALA ED 51 99.74 -12.09 58.12
N ALA ED 52 99.69 -13.33 58.61
CA ALA ED 52 100.87 -14.20 58.55
C ALA ED 52 101.27 -14.53 57.13
N ASN ED 53 100.35 -14.42 56.16
CA ASN ED 53 100.70 -14.54 54.75
C ASN ED 53 101.17 -13.23 54.16
N SER ED 54 100.93 -12.11 54.84
CA SER ED 54 101.29 -10.79 54.35
C SER ED 54 102.65 -10.36 54.87
N ASN ED 55 103.35 -9.55 54.08
CA ASN ED 55 104.58 -8.92 54.52
C ASN ED 55 104.24 -7.73 55.41
N ARG ED 56 104.96 -7.59 56.52
CA ARG ED 56 104.82 -6.36 57.28
C ARG ED 56 105.50 -5.23 56.52
N LYS ED 57 104.98 -4.03 56.70
CA LYS ED 57 105.43 -2.89 55.93
C LYS ED 57 105.76 -1.73 56.87
N VAL ED 58 106.77 -0.96 56.52
CA VAL ED 58 107.24 0.13 57.36
C VAL ED 58 107.48 1.33 56.45
N THR ED 59 106.83 2.46 56.75
CA THR ED 59 106.90 3.61 55.85
C THR ED 59 107.31 4.87 56.60
N MET ED 60 108.19 5.64 55.96
CA MET ED 60 108.75 6.87 56.49
C MET ED 60 108.48 8.01 55.51
N LEU ED 61 108.13 9.16 56.05
CA LEU ED 61 107.98 10.39 55.28
C LEU ED 61 108.80 11.50 55.93
N LEU ED 62 109.71 12.08 55.15
CA LEU ED 62 110.54 13.21 55.55
C LEU ED 62 110.16 14.39 54.67
N THR ED 63 109.71 15.47 55.31
CA THR ED 63 109.28 16.66 54.59
C THR ED 63 110.14 17.85 55.00
N ASP ED 64 110.71 18.53 54.00
CA ASP ED 64 111.53 19.72 54.21
C ASP ED 64 110.93 20.88 53.45
N PRO ED 65 110.27 21.81 54.14
CA PRO ED 65 109.79 23.02 53.49
C PRO ED 65 110.81 24.14 53.56
N VAL ED 66 110.86 24.94 52.49
CA VAL ED 66 111.76 26.07 52.35
C VAL ED 66 110.96 27.25 51.83
N VAL ED 67 111.31 28.45 52.29
CA VAL ED 67 110.70 29.66 51.76
C VAL ED 67 111.52 30.14 50.57
N VAL ED 68 110.84 30.39 49.45
CA VAL ED 68 111.45 30.82 48.20
C VAL ED 68 110.80 32.11 47.76
N LYS ED 69 111.57 32.94 47.05
CA LYS ED 69 111.06 34.17 46.47
C LYS ED 69 110.16 33.84 45.29
N ASP ED 70 109.04 34.56 45.23
CA ASP ED 70 108.13 34.44 44.09
C ASP ED 70 108.72 35.14 42.87
N ALA ED 71 108.20 34.80 41.69
CA ALA ED 71 108.58 35.53 40.48
C ALA ED 71 108.18 37.00 40.60
N SER ED 72 107.09 37.28 41.30
CA SER ED 72 106.72 38.66 41.63
C SER ED 72 107.55 39.20 42.80
N GLY ED 73 108.02 38.31 43.68
CA GLY ED 73 108.80 38.70 44.84
C GLY ED 73 108.19 38.30 46.17
N ALA ED 74 106.94 37.84 46.18
CA ALA ED 74 106.28 37.44 47.41
C ALA ED 74 106.99 36.26 48.06
N ASP ED 75 106.75 36.08 49.36
CA ASP ED 75 107.28 34.95 50.09
C ASP ED 75 106.37 33.74 49.89
N MET ED 76 106.95 32.62 49.50
CA MET ED 76 106.16 31.44 49.18
C MET ED 76 106.84 30.21 49.77
N THR ED 77 106.06 29.31 50.38
CA THR ED 77 106.65 28.13 51.01
C THR ED 77 106.47 26.91 50.10
N ILE ED 78 107.56 26.17 49.90
CA ILE ED 78 107.62 25.04 48.99
C ILE ED 78 108.19 23.85 49.73
N LYS ED 79 107.51 22.71 49.66
CA LYS ED 79 107.92 21.50 50.34
C LYS ED 79 108.56 20.53 49.37
N ALA ED 80 109.57 19.80 49.86
CA ALA ED 80 110.17 18.68 49.16
C ALA ED 80 110.02 17.43 50.03
N ASN ED 81 109.62 16.32 49.40
CA ASN ED 81 109.27 15.12 50.14
C ASN ED 81 110.21 13.99 49.79
N ALA ED 82 110.52 13.15 50.77
CA ALA ED 82 111.20 11.89 50.54
C ALA ED 82 110.47 10.83 51.34
N SER ED 83 110.22 9.69 50.72
CA SER ED 83 109.45 8.64 51.38
C SER ED 83 110.13 7.29 51.16
N VAL ED 84 110.29 6.53 52.23
CA VAL ED 84 110.90 5.20 52.18
C VAL ED 84 109.85 4.20 52.62
N THR ED 85 109.88 3.01 52.00
CA THR ED 85 108.97 1.92 52.36
C THR ED 85 109.73 0.62 52.35
N PHE ED 86 109.75 -0.06 53.49
CA PHE ED 86 110.36 -1.37 53.66
C PHE ED 86 109.25 -2.41 53.63
N SER ED 87 109.30 -3.31 52.64
CA SER ED 87 108.42 -4.47 52.58
C SER ED 87 109.22 -5.66 53.04
N LEU ED 88 108.87 -6.19 54.21
CA LEU ED 88 109.62 -7.24 54.88
C LEU ED 88 108.72 -8.42 55.14
N PRO ED 89 108.91 -9.53 54.44
CA PRO ED 89 108.17 -10.75 54.73
C PRO ED 89 108.53 -11.31 56.10
N LYS ED 90 107.60 -12.06 56.67
CA LYS ED 90 107.75 -12.56 58.03
C LYS ED 90 108.52 -13.86 58.10
N THR ED 91 109.01 -14.36 56.97
CA THR ED 91 109.97 -15.46 56.93
C THR ED 91 111.38 -14.97 56.65
N TYR ED 92 111.54 -13.68 56.46
CA TYR ED 92 112.84 -13.05 56.19
C TYR ED 92 113.55 -12.78 57.50
N PRO ED 93 114.84 -13.09 57.62
CA PRO ED 93 115.53 -12.95 58.90
C PRO ED 93 115.92 -11.50 59.24
N ASN ED 94 115.81 -11.19 60.53
CA ASN ED 94 116.06 -9.84 61.00
C ASN ED 94 117.47 -9.38 60.65
N GLU ED 95 118.45 -10.28 60.71
CA GLU ED 95 119.81 -9.93 60.31
C GLU ED 95 119.84 -9.34 58.92
N HIS ED 96 119.24 -10.03 57.95
CA HIS ED 96 119.26 -9.53 56.58
C HIS ED 96 118.41 -8.28 56.42
N ILE ED 97 117.40 -8.06 57.27
CA ILE ED 97 116.72 -6.77 57.24
C ILE ED 97 117.70 -5.65 57.61
N THR ED 98 118.48 -5.87 58.66
CA THR ED 98 119.49 -4.85 59.03
C THR ED 98 120.48 -4.63 57.89
N LYS ED 99 120.94 -5.73 57.28
CA LYS ED 99 121.81 -5.63 56.11
C LYS ED 99 121.19 -4.78 55.02
N LEU ED 100 119.90 -5.00 54.76
CA LEU ED 100 119.19 -4.24 53.74
C LEU ED 100 119.17 -2.75 54.08
N ARG ED 101 118.82 -2.41 55.31
CA ARG ED 101 118.76 -1.01 55.71
C ARG ED 101 120.12 -0.34 55.56
N GLN ED 102 121.19 -1.04 55.95
CA GLN ED 102 122.50 -0.42 55.84
C GLN ED 102 122.94 -0.26 54.39
N THR ED 103 122.67 -1.26 53.53
CA THR ED 103 122.98 -1.09 52.11
C THR ED 103 122.21 0.07 51.50
N LEU ED 104 120.97 0.30 51.97
CA LEU ED 104 120.22 1.45 51.48
C LEU ED 104 120.89 2.74 51.89
N ILE ED 105 121.34 2.83 53.14
CA ILE ED 105 122.08 4.03 53.58
C ILE ED 105 123.29 4.26 52.69
N ALA ED 106 124.05 3.19 52.44
CA ALA ED 106 125.24 3.30 51.60
C ALA ED 106 124.90 3.78 50.21
N TRP ED 107 123.83 3.22 49.62
CA TRP ED 107 123.41 3.63 48.29
C TRP ED 107 123.01 5.10 48.27
N LEU ED 108 122.25 5.54 49.28
CA LEU ED 108 121.86 6.94 49.35
C LEU ED 108 123.06 7.86 49.48
N GLY ED 109 124.18 7.33 49.96
CA GLY ED 109 125.42 8.10 49.97
C GLY ED 109 126.07 8.26 48.61
N GLN ED 110 125.82 7.33 47.69
CA GLN ED 110 126.60 7.23 46.46
C GLN ED 110 126.38 8.43 45.54
N GLN ED 111 127.37 8.69 44.70
CA GLN ED 111 127.23 9.80 43.76
C GLN ED 111 126.23 9.49 42.66
N CYS ED 112 126.15 8.22 42.24
CA CYS ED 112 125.21 7.86 41.19
C CYS ED 112 123.76 7.99 41.65
N VAL ED 113 123.52 7.97 42.95
CA VAL ED 113 122.21 8.31 43.49
C VAL ED 113 122.12 9.81 43.75
N SER ED 114 123.22 10.46 44.13
CA SER ED 114 123.19 11.86 44.48
C SER ED 114 122.89 12.75 43.28
N ASP ED 115 123.54 12.49 42.15
CA ASP ED 115 123.40 13.37 40.98
C ASP ED 115 121.95 13.51 40.51
N PRO ED 116 121.19 12.45 40.26
CA PRO ED 116 119.79 12.66 39.87
C PRO ED 116 118.95 13.30 40.97
N VAL ED 117 119.11 12.86 42.21
CA VAL ED 117 118.31 13.41 43.30
C VAL ED 117 118.67 14.87 43.53
N ASP ED 118 119.95 15.16 43.79
CA ASP ED 118 120.32 16.50 44.23
C ASP ED 118 120.20 17.51 43.10
N SER ED 119 120.64 17.16 41.89
CA SER ED 119 120.76 18.13 40.82
C SER ED 119 119.93 17.81 39.58
N GLY ED 120 119.39 16.61 39.45
CA GLY ED 120 118.59 16.25 38.30
C GLY ED 120 119.37 15.67 37.13
N LEU ED 121 120.69 15.59 37.24
CA LEU ED 121 121.48 14.99 36.17
C LEU ED 121 121.34 13.47 36.21
N ASN ED 122 121.08 12.87 35.06
CA ASN ED 122 121.09 11.43 34.96
C ASN ED 122 122.51 10.91 34.76
N ASN ED 123 122.72 9.65 35.13
CA ASN ED 123 124.03 9.04 34.92
C ASN ED 123 124.10 8.44 33.52
N TYR ED 124 125.32 8.22 33.06
CA TYR ED 124 125.54 7.74 31.69
C TYR ED 124 126.62 6.67 31.61
N MET FD 1 101.65 0.80 85.24
CA MET FD 1 103.08 0.80 85.52
C MET FD 1 103.86 1.33 84.33
N ARG FD 2 105.12 1.69 84.55
CA ARG FD 2 106.00 2.12 83.48
C ARG FD 2 106.64 0.88 82.84
N LEU FD 3 106.24 0.60 81.61
CA LEU FD 3 106.68 -0.62 80.93
C LEU FD 3 108.19 -0.68 80.79
N THR FD 4 108.75 -1.83 81.20
CA THR FD 4 110.16 -2.13 81.05
C THR FD 4 110.27 -3.55 80.52
N ASP FD 5 111.34 -3.82 79.78
CA ASP FD 5 111.57 -5.18 79.29
C ASP FD 5 111.52 -6.16 80.46
N VAL FD 6 111.00 -7.34 80.22
CA VAL FD 6 110.66 -8.27 81.29
C VAL FD 6 111.44 -9.55 81.10
N ASP FD 7 111.89 -10.13 82.20
CA ASP FD 7 112.53 -11.44 82.18
C ASP FD 7 111.78 -12.39 83.11
N LEU FD 8 111.30 -13.48 82.54
CA LEU FD 8 110.45 -14.44 83.21
C LEU FD 8 111.26 -15.69 83.52
N THR FD 9 111.11 -16.19 84.73
CA THR FD 9 111.73 -17.45 85.11
C THR FD 9 110.71 -18.55 84.80
N VAL FD 10 111.03 -19.37 83.81
CA VAL FD 10 110.12 -20.37 83.28
C VAL FD 10 110.73 -21.73 83.54
N GLY FD 11 110.25 -22.41 84.59
CA GLY FD 11 110.86 -23.66 84.99
C GLY FD 11 112.32 -23.45 85.33
N GLU FD 12 113.21 -24.01 84.52
CA GLU FD 12 114.64 -23.85 84.76
C GLU FD 12 115.31 -23.00 83.69
N GLU FD 13 114.53 -22.22 82.96
CA GLU FD 13 115.04 -21.39 81.89
C GLU FD 13 114.61 -19.96 82.15
N THR FD 14 115.18 -19.01 81.41
CA THR FD 14 114.79 -17.62 81.52
C THR FD 14 114.40 -17.10 80.15
N ARG FD 15 113.14 -16.67 80.01
CA ARG FD 15 112.64 -16.04 78.81
C ARG FD 15 112.79 -14.53 78.95
N GLU FD 16 113.15 -13.86 77.85
CA GLU FD 16 113.45 -12.43 77.89
C GLU FD 16 112.66 -11.70 76.82
N TYR FD 17 111.68 -10.91 77.25
CA TYR FD 17 110.79 -10.19 76.36
C TYR FD 17 111.13 -8.70 76.38
N ALA FD 18 110.93 -8.07 75.21
CA ALA FD 18 111.14 -6.64 75.01
C ALA FD 18 109.84 -5.99 74.60
N VAL FD 19 109.62 -4.77 75.08
CA VAL FD 19 108.42 -4.02 74.73
C VAL FD 19 108.40 -3.78 73.22
N SER FD 20 107.30 -4.17 72.58
CA SER FD 20 107.14 -4.00 71.13
C SER FD 20 106.10 -2.98 70.73
N GLU FD 21 105.04 -2.79 71.52
CA GLU FD 21 104.21 -1.60 71.29
C GLU FD 21 103.40 -1.26 72.54
N GLN FD 22 103.11 0.03 72.69
CA GLN FD 22 102.29 0.54 73.78
C GLN FD 22 101.27 1.50 73.20
N GLN FD 23 99.99 1.17 73.35
CA GLN FD 23 98.91 2.05 72.96
C GLN FD 23 98.25 2.58 74.22
N GLY FD 24 97.03 3.09 74.08
CA GLY FD 24 96.31 3.59 75.23
C GLY FD 24 96.04 2.48 76.22
N THR FD 25 95.30 1.47 75.77
CA THR FD 25 94.85 0.37 76.62
C THR FD 25 95.48 -0.96 76.24
N LEU FD 26 96.45 -0.95 75.32
CA LEU FD 26 97.04 -2.17 74.78
C LEU FD 26 98.56 -2.10 74.83
N PHE FD 27 99.19 -3.23 75.11
CA PHE FD 27 100.63 -3.35 75.02
C PHE FD 27 101.01 -4.71 74.47
N ARG FD 28 102.25 -4.81 74.01
CA ARG FD 28 102.75 -6.03 73.37
C ARG FD 28 104.24 -6.15 73.61
N PHE FD 29 104.65 -7.29 74.16
CA PHE FD 29 106.02 -7.73 74.32
C PHE FD 29 106.36 -8.79 73.30
N VAL FD 30 107.66 -8.98 73.10
CA VAL FD 30 108.18 -9.86 72.05
C VAL FD 30 109.41 -10.60 72.59
N ASP FD 31 109.49 -11.91 72.31
CA ASP FD 31 110.62 -12.71 72.77
C ASP FD 31 111.91 -12.24 72.11
N LYS FD 32 112.87 -11.78 72.94
CA LYS FD 32 114.10 -11.23 72.40
C LYS FD 32 114.88 -12.28 71.61
N SER FD 33 114.74 -13.56 71.98
CA SER FD 33 115.46 -14.65 71.36
C SER FD 33 114.98 -14.97 69.94
N GLY FD 34 114.08 -14.17 69.38
CA GLY FD 34 113.55 -14.47 68.07
C GLY FD 34 114.51 -14.00 66.99
N THR FD 35 114.70 -14.86 65.97
CA THR FD 35 115.53 -14.53 64.83
C THR FD 35 114.73 -14.02 63.65
N VAL FD 36 113.52 -14.57 63.45
CA VAL FD 36 112.65 -14.18 62.36
C VAL FD 36 111.30 -13.79 62.97
N ALA FD 37 110.51 -13.05 62.21
CA ALA FD 37 109.17 -12.71 62.64
C ALA FD 37 108.37 -13.95 63.02
N ASN FD 38 108.36 -14.96 62.13
CA ASN FD 38 107.64 -16.19 62.41
C ASN FD 38 108.29 -16.99 63.53
N ASN FD 39 109.61 -16.91 63.65
CA ASN FD 39 110.31 -17.55 64.77
C ASN FD 39 109.87 -16.96 66.11
N THR FD 40 109.43 -15.71 66.12
CA THR FD 40 109.37 -14.90 67.34
C THR FD 40 108.06 -15.09 68.10
N GLY FD 41 108.16 -15.48 69.37
CA GLY FD 41 106.99 -15.52 70.23
C GLY FD 41 106.60 -14.13 70.69
N VAL FD 42 105.32 -13.98 71.05
CA VAL FD 42 104.78 -12.67 71.41
C VAL FD 42 103.78 -12.81 72.55
N PHE FD 43 103.55 -11.69 73.22
CA PHE FD 43 102.56 -11.61 74.29
C PHE FD 43 101.90 -10.24 74.25
N SER FD 44 100.58 -10.22 74.26
CA SER FD 44 99.84 -8.99 74.12
C SER FD 44 98.72 -8.94 75.15
N LEU FD 45 98.40 -7.73 75.60
CA LEU FD 45 97.34 -7.53 76.59
C LEU FD 45 96.59 -6.25 76.25
N GLU FD 46 95.27 -6.28 76.44
CA GLU FD 46 94.39 -5.17 76.13
C GLU FD 46 93.26 -5.11 77.15
N GLN FD 47 92.96 -3.92 77.66
CA GLN FD 47 91.83 -3.72 78.54
C GLN FD 47 90.75 -2.95 77.81
N ARG FD 48 89.50 -3.40 77.98
CA ARG FD 48 88.32 -2.78 77.42
C ARG FD 48 87.43 -2.42 78.61
N PHE FD 49 87.47 -1.15 78.97
CA PHE FD 49 86.66 -0.61 80.05
C PHE FD 49 85.27 -0.29 79.49
N GLY FD 50 84.22 -0.85 80.09
CA GLY FD 50 82.87 -0.67 79.60
C GLY FD 50 82.17 0.52 80.25
N ALA FD 51 80.88 0.63 79.96
CA ALA FD 51 80.04 1.59 80.67
C ALA FD 51 79.86 1.15 82.12
N ALA FD 52 79.16 1.98 82.91
CA ALA FD 52 79.01 1.67 84.33
C ALA FD 52 78.17 0.43 84.58
N ASN FD 53 77.27 0.09 83.65
CA ASN FD 53 76.51 -1.15 83.75
C ASN FD 53 77.29 -2.34 83.22
N SER FD 54 78.41 -2.12 82.55
CA SER FD 54 79.21 -3.19 81.97
C SER FD 54 80.30 -3.63 82.94
N ASN FD 55 80.92 -4.75 82.62
CA ASN FD 55 82.12 -5.22 83.29
C ASN FD 55 83.32 -4.85 82.43
N ARG FD 56 84.40 -4.41 83.06
CA ARG FD 56 85.62 -4.22 82.29
C ARG FD 56 86.21 -5.60 81.98
N LYS FD 57 86.84 -5.70 80.82
CA LYS FD 57 87.40 -6.96 80.37
C LYS FD 57 88.88 -6.77 80.04
N VAL FD 58 89.71 -7.70 80.49
CA VAL FD 58 91.13 -7.68 80.17
C VAL FD 58 91.45 -8.98 79.46
N THR FD 59 92.11 -8.88 78.30
CA THR FD 59 92.43 -10.04 77.50
C THR FD 59 93.93 -10.09 77.23
N MET FD 60 94.47 -11.31 77.22
CA MET FD 60 95.87 -11.57 76.95
C MET FD 60 95.97 -12.70 75.95
N LEU FD 61 96.92 -12.54 75.03
CA LEU FD 61 97.27 -13.57 74.06
C LEU FD 61 98.77 -13.84 74.11
N LEU FD 62 99.12 -15.12 74.28
CA LEU FD 62 100.50 -15.59 74.29
C LEU FD 62 100.67 -16.54 73.13
N THR FD 63 101.61 -16.23 72.23
CA THR FD 63 101.86 -17.03 71.04
C THR FD 63 103.30 -17.53 71.07
N ASP FD 64 103.46 -18.86 70.97
CA ASP FD 64 104.78 -19.50 71.00
C ASP FD 64 104.94 -20.39 69.78
N PRO FD 65 105.55 -19.88 68.71
CA PRO FD 65 105.83 -20.72 67.55
C PRO FD 65 107.10 -21.54 67.72
N VAL FD 66 107.14 -22.67 67.01
CA VAL FD 66 108.27 -23.60 67.00
C VAL FD 66 108.49 -24.09 65.57
N VAL FD 67 109.74 -24.43 65.24
CA VAL FD 67 110.06 -24.94 63.90
C VAL FD 67 110.04 -26.46 63.92
N VAL FD 68 109.30 -27.04 62.98
CA VAL FD 68 109.21 -28.49 62.81
C VAL FD 68 109.65 -28.88 61.40
N MET FD 76 108.76 -26.05 58.31
CA MET FD 76 107.51 -25.41 58.73
C MET FD 76 107.55 -24.92 60.18
N THR FD 77 106.88 -23.81 60.45
CA THR FD 77 106.75 -23.26 61.80
C THR FD 77 105.29 -23.33 62.24
N ILE FD 78 105.08 -23.88 63.44
CA ILE FD 78 103.76 -24.17 63.99
C ILE FD 78 103.56 -23.30 65.23
N LYS FD 79 102.39 -22.67 65.33
CA LYS FD 79 102.11 -21.72 66.41
C LYS FD 79 101.05 -22.29 67.35
N ALA FD 80 101.30 -22.14 68.66
CA ALA FD 80 100.33 -22.50 69.70
C ALA FD 80 99.99 -21.28 70.54
N ASN FD 81 98.73 -21.17 70.93
CA ASN FD 81 98.22 -19.96 71.57
C ASN FD 81 97.64 -20.28 72.94
N ALA FD 82 97.89 -19.40 73.89
CA ALA FD 82 97.14 -19.37 75.14
C ALA FD 82 96.48 -18.01 75.24
N SER FD 83 95.20 -17.98 75.64
CA SER FD 83 94.48 -16.73 75.74
C SER FD 83 93.73 -16.69 77.06
N VAL FD 84 93.95 -15.65 77.84
CA VAL FD 84 93.28 -15.45 79.12
C VAL FD 84 92.38 -14.24 79.00
N THR FD 85 91.22 -14.29 79.66
CA THR FD 85 90.27 -13.18 79.67
C THR FD 85 89.67 -13.06 81.07
N PHE FD 86 89.83 -11.88 81.66
CA PHE FD 86 89.29 -11.55 82.98
C PHE FD 86 88.08 -10.66 82.78
N SER FD 87 86.90 -11.13 83.19
CA SER FD 87 85.68 -10.33 83.20
C SER FD 87 85.45 -9.88 84.64
N LEU FD 88 85.57 -8.58 84.88
CA LEU FD 88 85.58 -8.01 86.21
C LEU FD 88 84.51 -6.94 86.32
N PRO FD 89 83.46 -7.16 87.10
CA PRO FD 89 82.49 -6.11 87.36
C PRO FD 89 83.11 -4.99 88.19
N LYS FD 90 82.62 -3.78 87.97
CA LYS FD 90 83.26 -2.63 88.61
C LYS FD 90 83.04 -2.64 90.11
N THR FD 91 81.85 -3.01 90.56
CA THR FD 91 81.56 -3.08 91.99
C THR FD 91 82.40 -4.14 92.71
N TYR FD 92 82.98 -5.08 91.96
CA TYR FD 92 83.77 -6.17 92.56
C TYR FD 92 85.07 -5.61 93.13
N PRO FD 93 85.49 -6.04 94.33
CA PRO FD 93 86.61 -5.36 95.01
C PRO FD 93 87.98 -5.78 94.48
N ASN FD 94 88.86 -4.78 94.36
CA ASN FD 94 90.19 -5.00 93.80
C ASN FD 94 90.96 -6.08 94.56
N GLU FD 95 90.76 -6.18 95.87
CA GLU FD 95 91.44 -7.20 96.64
C GLU FD 95 91.06 -8.60 96.16
N HIS FD 96 89.76 -8.87 96.05
CA HIS FD 96 89.32 -10.17 95.55
C HIS FD 96 89.73 -10.41 94.10
N ILE FD 97 89.94 -9.36 93.30
CA ILE FD 97 90.48 -9.56 91.96
C ILE FD 97 91.92 -10.09 92.05
N THR FD 98 92.76 -9.46 92.88
CA THR FD 98 94.13 -9.96 93.06
C THR FD 98 94.08 -11.42 93.48
N LYS FD 99 93.17 -11.75 94.40
CA LYS FD 99 92.96 -13.15 94.80
C LYS FD 99 92.67 -14.04 93.59
N LEU FD 100 91.70 -13.64 92.77
CA LEU FD 100 91.33 -14.44 91.60
C LEU FD 100 92.54 -14.72 90.71
N ARG FD 101 93.31 -13.68 90.39
CA ARG FD 101 94.48 -13.87 89.53
C ARG FD 101 95.45 -14.87 90.15
N GLN FD 102 95.74 -14.73 91.44
CA GLN FD 102 96.70 -15.62 92.08
C GLN FD 102 96.21 -17.07 92.06
N THR FD 103 94.91 -17.29 92.32
CA THR FD 103 94.39 -18.66 92.29
C THR FD 103 94.41 -19.25 90.89
N LEU FD 104 94.24 -18.42 89.85
CA LEU FD 104 94.40 -18.94 88.50
C LEU FD 104 95.82 -19.40 88.26
N ILE FD 105 96.81 -18.62 88.72
CA ILE FD 105 98.20 -19.06 88.64
C ILE FD 105 98.37 -20.42 89.32
N ALA FD 106 97.87 -20.54 90.54
CA ALA FD 106 97.99 -21.78 91.28
C ALA FD 106 97.36 -22.94 90.53
N TRP FD 107 96.18 -22.73 89.94
CA TRP FD 107 95.51 -23.77 89.19
C TRP FD 107 96.35 -24.21 87.99
N LEU FD 108 96.85 -23.25 87.23
CA LEU FD 108 97.70 -23.55 86.08
C LEU FD 108 98.96 -24.30 86.49
N GLY FD 109 99.33 -24.25 87.76
CA GLY FD 109 100.40 -25.09 88.27
C GLY FD 109 100.08 -26.58 88.39
N GLN FD 110 98.82 -26.92 88.66
CA GLN FD 110 98.46 -28.24 89.15
C GLN FD 110 98.53 -29.30 88.05
N GLN FD 111 98.64 -30.56 88.49
CA GLN FD 111 98.73 -31.68 87.55
C GLN FD 111 97.44 -31.86 86.77
N CYS FD 112 96.29 -31.71 87.45
CA CYS FD 112 95.02 -31.90 86.77
C CYS FD 112 94.84 -30.92 85.61
N VAL FD 113 95.61 -29.85 85.59
CA VAL FD 113 95.62 -28.91 84.48
C VAL FD 113 96.75 -29.21 83.50
N SER FD 114 97.93 -29.56 84.01
CA SER FD 114 99.07 -29.79 83.12
C SER FD 114 98.85 -31.03 82.25
N ASP FD 115 98.30 -32.11 82.81
CA ASP FD 115 98.12 -33.34 82.07
C ASP FD 115 97.29 -33.16 80.78
N PRO FD 116 96.13 -32.50 80.83
CA PRO FD 116 95.44 -32.27 79.54
C PRO FD 116 96.11 -31.22 78.67
N VAL FD 117 96.56 -30.11 79.24
CA VAL FD 117 97.23 -29.08 78.44
C VAL FD 117 98.50 -29.63 77.82
N ASP FD 118 99.44 -30.09 78.66
CA ASP FD 118 100.76 -30.45 78.16
C ASP FD 118 100.70 -31.66 77.23
N SER FD 119 100.11 -32.76 77.68
CA SER FD 119 100.19 -34.01 76.93
C SER FD 119 98.85 -34.54 76.45
N GLY FD 120 97.74 -33.94 76.85
CA GLY FD 120 96.43 -34.40 76.40
C GLY FD 120 95.79 -35.47 77.23
N LEU FD 121 96.36 -35.84 78.37
CA LEU FD 121 95.74 -36.80 79.27
C LEU FD 121 94.58 -36.14 79.98
N ASN FD 122 93.38 -36.72 79.87
CA ASN FD 122 92.29 -36.24 80.69
C ASN FD 122 92.35 -36.87 82.07
N ASN FD 123 91.64 -36.27 83.00
CA ASN FD 123 91.64 -36.78 84.36
C ASN FD 123 90.51 -37.76 84.53
N TYR FD 124 90.75 -38.76 85.39
CA TYR FD 124 89.82 -39.85 85.55
C TYR FD 124 89.70 -40.24 87.00
N MET GD 1 106.47 16.19 75.97
CA MET GD 1 106.93 15.76 77.28
C MET GD 1 106.80 14.25 77.43
N ARG GD 2 107.80 13.64 78.08
CA ARG GD 2 107.71 12.23 78.45
C ARG GD 2 106.75 12.07 79.62
N LEU GD 3 105.58 11.55 79.36
CA LEU GD 3 104.53 11.51 80.38
C LEU GD 3 104.93 10.58 81.51
N THR GD 4 104.82 11.09 82.74
CA THR GD 4 104.95 10.29 83.95
C THR GD 4 103.95 10.80 84.97
N ASP GD 5 103.73 10.00 86.01
CA ASP GD 5 102.82 10.37 87.07
C ASP GD 5 103.20 11.75 87.62
N VAL GD 6 102.20 12.49 88.08
CA VAL GD 6 102.45 13.83 88.62
C VAL GD 6 101.76 13.96 89.97
N ASP GD 7 102.29 14.86 90.77
CA ASP GD 7 101.71 15.26 92.04
C ASP GD 7 101.48 16.76 92.00
N LEU GD 8 100.27 17.18 92.36
CA LEU GD 8 99.86 18.57 92.30
C LEU GD 8 99.75 19.14 93.71
N THR GD 9 100.18 20.38 93.85
CA THR GD 9 100.03 21.12 95.09
C THR GD 9 98.71 21.88 95.02
N VAL GD 10 97.76 21.53 95.88
CA VAL GD 10 96.41 22.07 95.82
C VAL GD 10 96.11 22.73 97.16
N GLY GD 11 96.23 24.05 97.21
CA GLY GD 11 96.07 24.74 98.47
C GLY GD 11 97.04 24.21 99.50
N GLU GD 12 96.53 23.56 100.53
CA GLU GD 12 97.36 23.01 101.59
C GLU GD 12 97.32 21.49 101.63
N GLU GD 13 97.01 20.86 100.50
CA GLU GD 13 97.04 19.41 100.39
C GLU GD 13 97.82 19.03 99.14
N THR GD 14 98.17 17.75 99.04
CA THR GD 14 98.87 17.23 97.87
C THR GD 14 98.00 16.17 97.21
N ARG GD 15 97.80 16.32 95.91
CA ARG GD 15 96.95 15.46 95.10
C ARG GD 15 97.84 14.62 94.19
N GLU GD 16 97.68 13.31 94.23
CA GLU GD 16 98.57 12.41 93.50
C GLU GD 16 97.81 11.75 92.36
N TYR GD 17 98.22 12.02 91.13
CA TYR GD 17 97.65 11.39 89.96
C TYR GD 17 98.64 10.38 89.38
N ALA GD 18 98.10 9.42 88.63
CA ALA GD 18 98.88 8.40 87.94
C ALA GD 18 98.39 8.28 86.51
N VAL GD 19 99.33 8.06 85.58
CA VAL GD 19 98.97 7.93 84.18
C VAL GD 19 98.08 6.71 84.01
N SER GD 20 96.89 6.94 83.45
CA SER GD 20 95.94 5.86 83.17
C SER GD 20 95.88 5.46 81.70
N GLU GD 21 96.16 6.38 80.78
CA GLU GD 21 96.40 5.98 79.40
C GLU GD 21 97.10 7.09 78.64
N GLN GD 22 97.87 6.71 77.63
CA GLN GD 22 98.54 7.68 76.76
C GLN GD 22 98.37 7.23 75.32
N GLN GD 23 97.73 8.08 74.52
CA GLN GD 23 97.59 7.88 73.07
C GLN GD 23 98.33 9.00 72.34
N GLY GD 24 98.21 8.98 71.02
CA GLY GD 24 98.98 9.90 70.20
C GLY GD 24 98.66 11.34 70.50
N THR GD 25 97.36 11.68 70.56
CA THR GD 25 96.89 13.04 70.80
C THR GD 25 96.12 13.17 72.10
N LEU GD 26 96.04 12.11 72.89
CA LEU GD 26 95.20 12.09 74.09
C LEU GD 26 95.96 11.43 75.24
N PHE GD 27 95.70 11.90 76.45
CA PHE GD 27 96.20 11.24 77.66
C PHE GD 27 95.20 11.41 78.79
N ARG GD 28 95.33 10.52 79.78
CA ARG GD 28 94.42 10.48 80.91
C ARG GD 28 95.17 10.07 82.18
N PHE GD 29 94.99 10.87 83.22
CA PHE GD 29 95.44 10.62 84.58
C PHE GD 29 94.25 10.28 85.48
N VAL GD 30 94.55 9.52 86.54
CA VAL GD 30 93.56 9.12 87.54
C VAL GD 30 94.10 9.43 88.94
N ASP GD 31 93.24 9.92 89.82
CA ASP GD 31 93.63 10.20 91.21
C ASP GD 31 93.98 8.91 91.92
N LYS GD 32 95.19 8.84 92.49
CA LYS GD 32 95.70 7.62 93.09
C LYS GD 32 94.90 7.18 94.31
N SER GD 33 94.06 8.06 94.87
CA SER GD 33 93.26 7.73 96.03
C SER GD 33 91.99 6.95 95.70
N GLY GD 34 91.84 6.45 94.47
CA GLY GD 34 90.59 5.92 93.99
C GLY GD 34 90.65 4.47 93.52
N THR GD 35 89.46 3.92 93.32
CA THR GD 35 89.24 2.56 92.85
C THR GD 35 88.35 2.61 91.61
N VAL GD 36 88.34 1.52 90.83
CA VAL GD 36 87.31 1.40 89.80
C VAL GD 36 85.93 1.52 90.43
N ALA GD 37 85.74 0.90 91.60
CA ALA GD 37 84.45 0.95 92.27
C ALA GD 37 84.15 2.36 92.77
N ASN GD 38 85.07 2.96 93.49
CA ASN GD 38 84.90 4.31 94.00
C ASN GD 38 85.97 5.21 93.42
N ASN GD 39 85.63 5.90 92.33
CA ASN GD 39 86.56 6.82 91.69
C ASN GD 39 86.55 8.16 92.41
N THR GD 40 87.71 8.82 92.40
CA THR GD 40 87.90 10.05 93.14
C THR GD 40 88.35 11.22 92.30
N GLY GD 41 88.77 10.99 91.06
CA GLY GD 41 89.19 12.08 90.20
C GLY GD 41 89.81 11.59 88.92
N VAL GD 42 89.54 12.29 87.82
CA VAL GD 42 90.16 11.97 86.54
C VAL GD 42 90.48 13.27 85.83
N PHE GD 43 91.55 13.24 85.04
CA PHE GD 43 91.92 14.35 84.19
C PHE GD 43 92.27 13.80 82.81
N SER GD 44 91.79 14.47 81.77
CA SER GD 44 92.06 14.02 80.41
C SER GD 44 92.30 15.22 79.52
N LEU GD 45 93.17 15.04 78.53
CA LEU GD 45 93.51 16.11 77.59
C LEU GD 45 93.70 15.54 76.20
N GLU GD 46 93.19 16.26 75.20
CA GLU GD 46 93.27 15.85 73.81
C GLU GD 46 93.55 17.07 72.94
N GLN GD 47 94.42 16.91 71.95
CA GLN GD 47 94.65 17.95 70.95
C GLN GD 47 94.13 17.47 69.61
N ARG GD 48 93.29 18.29 69.00
CA ARG GD 48 92.89 18.14 67.60
C ARG GD 48 93.65 19.20 66.82
N PHE GD 49 94.78 18.81 66.27
CA PHE GD 49 95.53 19.67 65.36
C PHE GD 49 94.72 19.80 64.08
N GLY GD 50 94.27 21.01 63.79
CA GLY GD 50 93.33 21.21 62.70
C GLY GD 50 93.97 21.16 61.33
N ALA GD 51 93.11 21.24 60.31
CA ALA GD 51 93.57 21.42 58.95
C ALA GD 51 94.40 22.71 58.83
N ALA GD 52 95.14 22.81 57.73
CA ALA GD 52 96.09 23.92 57.57
C ALA GD 52 95.39 25.28 57.63
N ASN GD 53 94.10 25.33 57.28
CA ASN GD 53 93.35 26.58 57.36
C ASN GD 53 92.78 26.83 58.75
N SER GD 54 92.46 25.77 59.49
CA SER GD 54 91.76 25.89 60.76
C SER GD 54 92.73 26.11 61.93
N ASN GD 55 92.16 26.50 63.06
CA ASN GD 55 92.91 26.56 64.31
C ASN GD 55 93.04 25.17 64.91
N ARG GD 56 94.07 24.98 65.72
CA ARG GD 56 94.17 23.75 66.47
C ARG GD 56 93.48 23.95 67.82
N LYS GD 57 92.90 22.86 68.32
CA LYS GD 57 92.13 22.88 69.55
C LYS GD 57 92.77 21.95 70.57
N VAL GD 58 92.83 22.39 71.81
CA VAL GD 58 93.24 21.54 72.92
C VAL GD 58 92.15 21.58 73.97
N THR GD 59 91.70 20.41 74.39
CA THR GD 59 90.60 20.33 75.34
C THR GD 59 91.02 19.48 76.54
N MET GD 60 90.58 19.91 77.72
CA MET GD 60 90.84 19.24 78.99
C MET GD 60 89.54 19.07 79.74
N LEU GD 61 89.40 17.91 80.38
CA LEU GD 61 88.28 17.61 81.25
C LEU GD 61 88.81 17.13 82.59
N LEU GD 62 88.41 17.81 83.66
CA LEU GD 62 88.70 17.42 85.03
C LEU GD 62 87.40 17.05 85.70
N THR GD 63 87.34 15.84 86.25
CA THR GD 63 86.13 15.35 86.90
C THR GD 63 86.44 14.91 88.31
N ASP GD 64 85.73 15.50 89.27
CA ASP GD 64 85.85 15.15 90.69
C ASP GD 64 84.52 14.63 91.17
N PRO GD 65 84.42 13.32 91.41
CA PRO GD 65 83.21 12.77 92.02
C PRO GD 65 83.33 12.68 93.53
N VAL GD 66 82.19 12.86 94.19
CA VAL GD 66 82.06 12.83 95.64
C VAL GD 66 80.82 12.02 96.00
N VAL GD 67 80.92 11.28 97.09
CA VAL GD 67 79.77 10.56 97.62
C VAL GD 67 78.98 11.49 98.53
N VAL GD 68 77.66 11.45 98.41
CA VAL GD 68 76.74 12.30 99.18
C VAL GD 68 75.58 11.44 99.63
N LYS GD 69 75.19 11.59 100.90
CA LYS GD 69 74.01 10.90 101.39
C LYS GD 69 72.76 11.50 100.74
N ASP GD 70 71.78 10.65 100.50
CA ASP GD 70 70.53 11.05 99.86
C ASP GD 70 69.49 11.40 100.93
N ALA GD 71 68.42 12.08 100.50
CA ALA GD 71 67.29 12.30 101.39
C ALA GD 71 66.71 10.98 101.87
N SER GD 72 66.75 9.94 101.02
CA SER GD 72 66.37 8.59 101.42
C SER GD 72 67.44 7.90 102.26
N GLY GD 73 68.58 8.54 102.49
CA GLY GD 73 69.69 7.92 103.18
C GLY GD 73 70.67 7.19 102.29
N ALA GD 74 70.21 6.70 101.14
CA ALA GD 74 71.05 5.94 100.22
C ALA GD 74 72.28 6.76 99.82
N ASP GD 75 73.38 6.05 99.58
CA ASP GD 75 74.61 6.70 99.15
C ASP GD 75 74.57 6.94 97.65
N MET GD 76 74.95 8.14 97.23
CA MET GD 76 74.78 8.61 95.86
C MET GD 76 76.06 9.30 95.43
N THR GD 77 76.63 8.87 94.30
CA THR GD 77 77.87 9.45 93.80
C THR GD 77 77.55 10.55 92.78
N ILE GD 78 78.15 11.71 92.98
CA ILE GD 78 77.85 12.93 92.22
C ILE GD 78 79.14 13.48 91.65
N LYS GD 79 79.13 13.84 90.38
CA LYS GD 79 80.32 14.34 89.70
C LYS GD 79 80.19 15.84 89.44
N ALA GD 80 81.29 16.56 89.61
CA ALA GD 80 81.42 17.95 89.18
C ALA GD 80 82.52 18.02 88.14
N ASN GD 81 82.30 18.82 87.09
CA ASN GD 81 83.20 18.83 85.96
C ASN GD 81 83.73 20.23 85.70
N ALA GD 82 84.98 20.29 85.25
CA ALA GD 82 85.57 21.50 84.72
C ALA GD 82 86.17 21.16 83.38
N SER GD 83 85.92 22.00 82.38
CA SER GD 83 86.42 21.75 81.04
C SER GD 83 87.06 23.02 80.49
N VAL GD 84 88.27 22.89 79.98
CA VAL GD 84 89.01 24.01 79.39
C VAL GD 84 89.26 23.69 77.92
N THR GD 85 89.15 24.71 77.07
CA THR GD 85 89.42 24.54 75.64
C THR GD 85 90.21 25.74 75.13
N PHE GD 86 91.36 25.46 74.53
CA PHE GD 86 92.22 26.45 73.91
C PHE GD 86 92.03 26.36 72.41
N SER GD 87 91.56 27.45 71.79
CA SER GD 87 91.52 27.57 70.35
C SER GD 87 92.68 28.46 69.95
N LEU GD 88 93.65 27.86 69.26
CA LEU GD 88 94.92 28.52 68.94
C LEU GD 88 95.13 28.49 67.45
N PRO GD 89 95.04 29.63 66.78
CA PRO GD 89 95.36 29.69 65.35
C PRO GD 89 96.83 29.40 65.11
N LYS GD 90 97.13 28.88 63.91
CA LYS GD 90 98.50 28.50 63.61
C LYS GD 90 99.43 29.70 63.61
N THR GD 91 98.99 30.81 63.01
CA THR GD 91 99.84 32.00 62.89
C THR GD 91 100.08 32.68 64.24
N TYR GD 92 99.33 32.31 65.27
CA TYR GD 92 99.52 32.90 66.59
C TYR GD 92 100.84 32.42 67.20
N PRO GD 93 101.65 33.30 67.78
CA PRO GD 93 102.99 32.89 68.24
C PRO GD 93 102.96 32.14 69.57
N ASN GD 94 103.80 31.11 69.65
CA ASN GD 94 103.86 30.25 70.83
C ASN GD 94 104.08 31.06 72.10
N GLU GD 95 104.83 32.16 72.01
CA GLU GD 95 105.06 33.01 73.17
C GLU GD 95 103.75 33.54 73.75
N HIS GD 96 102.96 34.23 72.92
CA HIS GD 96 101.69 34.75 73.39
C HIS GD 96 100.72 33.65 73.80
N ILE GD 97 100.87 32.42 73.27
CA ILE GD 97 100.08 31.32 73.78
C ILE GD 97 100.41 31.05 75.26
N THR GD 98 101.71 30.90 75.57
CA THR GD 98 102.08 30.69 76.98
C THR GD 98 101.56 31.83 77.84
N LYS GD 99 101.63 33.05 77.33
CA LYS GD 99 101.05 34.21 78.03
C LYS GD 99 99.57 33.97 78.34
N LEU GD 100 98.80 33.55 77.33
CA LEU GD 100 97.38 33.29 77.52
C LEU GD 100 97.15 32.26 78.62
N ARG GD 101 97.87 31.14 78.56
CA ARG GD 101 97.68 30.09 79.57
C ARG GD 101 97.96 30.61 80.98
N GLN GD 102 99.04 31.37 81.14
CA GLN GD 102 99.38 31.86 82.47
C GLN GD 102 98.35 32.87 82.97
N THR GD 103 97.89 33.77 82.10
CA THR GD 103 96.84 34.70 82.53
C THR GD 103 95.57 33.96 82.92
N LEU GD 104 95.26 32.84 82.27
CA LEU GD 104 94.10 32.06 82.67
C LEU GD 104 94.28 31.48 84.06
N ILE GD 105 95.47 30.95 84.34
CA ILE GD 105 95.74 30.47 85.70
C ILE GD 105 95.53 31.59 86.71
N ALA GD 106 96.08 32.77 86.42
CA ALA GD 106 95.95 33.91 87.31
C ALA GD 106 94.48 34.25 87.56
N TRP GD 107 93.69 34.30 86.48
CA TRP GD 107 92.27 34.60 86.62
C TRP GD 107 91.57 33.57 87.49
N LEU GD 108 91.84 32.28 87.24
CA LEU GD 108 91.22 31.22 88.01
C LEU GD 108 91.55 31.31 89.49
N GLY GD 109 92.66 31.95 89.83
CA GLY GD 109 92.98 32.21 91.22
C GLY GD 109 92.18 33.32 91.88
N GLN GD 110 91.68 34.26 91.08
CA GLN GD 110 91.09 35.49 91.59
C GLN GD 110 89.78 35.23 92.33
N GLN GD 111 89.44 36.17 93.22
CA GLN GD 111 88.21 36.02 93.98
C GLN GD 111 86.98 36.28 93.12
N CYS GD 112 87.07 37.20 92.15
CA CYS GD 112 85.92 37.44 91.28
C CYS GD 112 85.56 36.22 90.47
N VAL GD 113 86.49 35.28 90.31
CA VAL GD 113 86.21 34.01 89.64
C VAL GD 113 85.83 32.94 90.64
N SER GD 114 86.50 32.91 91.81
CA SER GD 114 86.25 31.83 92.77
C SER GD 114 84.88 31.97 93.40
N ASP GD 115 84.46 33.19 93.74
CA ASP GD 115 83.17 33.37 94.42
C ASP GD 115 82.00 32.81 93.64
N PRO GD 116 81.82 33.09 92.35
CA PRO GD 116 80.72 32.43 91.63
C PRO GD 116 80.93 30.94 91.42
N VAL GD 117 82.16 30.53 91.09
CA VAL GD 117 82.42 29.11 90.88
C VAL GD 117 82.24 28.33 92.18
N ASP GD 118 82.91 28.76 93.24
CA ASP GD 118 82.93 27.97 94.48
C ASP GD 118 81.59 28.02 95.20
N SER GD 119 81.02 29.22 95.36
CA SER GD 119 79.88 29.41 96.23
C SER GD 119 78.59 29.80 95.52
N GLY GD 120 78.64 30.05 94.20
CA GLY GD 120 77.44 30.42 93.47
C GLY GD 120 76.99 31.84 93.67
N LEU GD 121 77.79 32.69 94.30
CA LEU GD 121 77.45 34.10 94.47
C LEU GD 121 78.01 34.90 93.29
N ASN GD 122 77.16 35.74 92.71
CA ASN GD 122 77.62 36.60 91.63
C ASN GD 122 78.33 37.84 92.18
N ASN GD 123 79.05 38.51 91.30
CA ASN GD 123 79.77 39.71 91.69
C ASN GD 123 78.89 40.94 91.49
N TYR GD 124 79.31 42.04 92.10
CA TYR GD 124 78.55 43.29 92.09
C TYR GD 124 79.44 44.55 92.17
N MET HD 1 34.26 -51.93 116.40
CA MET HD 1 35.31 -52.72 117.04
C MET HD 1 36.68 -52.41 116.46
N ARG HD 2 37.68 -52.28 117.33
CA ARG HD 2 39.06 -52.16 116.86
C ARG HD 2 39.48 -53.44 116.16
N LEU HD 3 39.74 -53.35 114.86
CA LEU HD 3 40.01 -54.53 114.07
C LEU HD 3 41.28 -55.23 114.51
N THR HD 4 41.24 -56.55 114.47
CA THR HD 4 42.41 -57.37 114.72
C THR HD 4 42.34 -58.57 113.79
N ASP HD 5 43.50 -59.17 113.51
CA ASP HD 5 43.52 -60.40 112.74
C ASP HD 5 42.55 -61.40 113.36
N VAL HD 6 41.98 -62.26 112.52
CA VAL HD 6 40.87 -63.10 112.95
C VAL HD 6 41.23 -64.55 112.68
N ASP HD 7 40.91 -65.42 113.63
CA ASP HD 7 41.08 -66.86 113.46
C ASP HD 7 39.72 -67.51 113.61
N LEU HD 8 39.30 -68.22 112.56
CA LEU HD 8 38.00 -68.86 112.49
C LEU HD 8 38.15 -70.36 112.63
N THR HD 9 37.25 -70.97 113.39
CA THR HD 9 37.18 -72.43 113.44
C THR HD 9 36.17 -72.87 112.40
N VAL HD 10 36.64 -73.67 111.43
CA VAL HD 10 35.84 -74.04 110.27
C VAL HD 10 35.78 -75.56 110.21
N GLY HD 11 34.64 -76.13 110.59
CA GLY HD 11 34.54 -77.58 110.66
C GLY HD 11 35.59 -78.12 111.59
N GLU HD 12 36.56 -78.83 111.04
CA GLU HD 12 37.61 -79.43 111.85
C GLU HD 12 38.99 -78.86 111.52
N GLU HD 13 39.02 -77.67 110.92
CA GLU HD 13 40.26 -76.99 110.59
C GLU HD 13 40.18 -75.58 111.17
N THR HD 14 41.32 -74.88 111.17
CA THR HD 14 41.35 -73.49 111.61
C THR HD 14 41.90 -72.62 110.50
N ARG HD 15 41.17 -71.56 110.18
CA ARG HD 15 41.47 -70.65 109.08
C ARG HD 15 41.87 -69.30 109.66
N GLU HD 16 43.00 -68.76 109.19
CA GLU HD 16 43.56 -67.53 109.75
C GLU HD 16 43.54 -66.43 108.71
N TYR HD 17 42.89 -65.32 109.04
CA TYR HD 17 42.78 -64.14 108.21
C TYR HD 17 43.52 -62.97 108.85
N ALA HD 18 44.01 -62.08 108.00
CA ALA HD 18 44.70 -60.87 108.44
C ALA HD 18 44.07 -59.65 107.79
N VAL HD 19 44.05 -58.54 108.54
CA VAL HD 19 43.46 -57.31 108.03
C VAL HD 19 44.26 -56.81 106.84
N SER HD 20 43.57 -56.56 105.73
CA SER HD 20 44.18 -56.01 104.53
C SER HD 20 43.89 -54.54 104.31
N GLU HD 21 42.67 -54.08 104.57
CA GLU HD 21 42.45 -52.64 104.56
C GLU HD 21 41.20 -52.31 105.36
N GLN HD 22 41.17 -51.09 105.91
CA GLN HD 22 40.02 -50.62 106.67
C GLN HD 22 39.72 -49.18 106.28
N GLN HD 23 38.50 -48.95 105.83
CA GLN HD 23 38.00 -47.62 105.52
C GLN HD 23 36.92 -47.26 106.53
N GLY HD 24 36.27 -46.12 106.30
CA GLY HD 24 35.28 -45.66 107.25
C GLY HD 24 34.13 -46.64 107.40
N THR HD 25 33.63 -47.16 106.28
CA THR HD 25 32.50 -48.08 106.27
C THR HD 25 32.82 -49.38 105.55
N LEU HD 26 34.10 -49.69 105.36
CA LEU HD 26 34.49 -50.88 104.62
C LEU HD 26 35.75 -51.48 105.24
N PHE HD 27 35.84 -52.81 105.22
CA PHE HD 27 37.07 -53.49 105.60
C PHE HD 27 37.24 -54.76 104.79
N ARG HD 28 38.48 -55.24 104.75
CA ARG HD 28 38.86 -56.42 103.98
C ARG HD 28 39.95 -57.18 104.70
N PHE HD 29 39.71 -58.48 104.86
CA PHE HD 29 40.65 -59.49 105.35
C PHE HD 29 41.12 -60.38 104.20
N VAL HD 30 42.33 -60.91 104.37
CA VAL HD 30 42.92 -61.87 103.43
C VAL HD 30 43.32 -63.13 104.19
N ASP HD 31 43.13 -64.29 103.55
CA ASP HD 31 43.55 -65.56 104.14
C ASP HD 31 45.07 -65.62 104.20
N LYS HD 32 45.61 -65.84 105.41
CA LYS HD 32 47.05 -65.90 105.60
C LYS HD 32 47.72 -67.04 104.84
N SER HD 33 46.93 -67.97 104.29
CA SER HD 33 47.49 -69.06 103.49
C SER HD 33 48.10 -68.58 102.19
N GLY HD 34 47.81 -67.34 101.76
CA GLY HD 34 48.09 -66.92 100.41
C GLY HD 34 49.03 -65.73 100.30
N THR HD 35 49.45 -65.48 99.08
CA THR HD 35 50.33 -64.39 98.67
C THR HD 35 49.53 -63.38 97.87
N VAL HD 36 50.11 -62.18 97.72
CA VAL HD 36 49.66 -61.28 96.65
C VAL HD 36 49.59 -62.04 95.34
N ALA HD 37 50.64 -62.80 95.02
CA ALA HD 37 50.68 -63.58 93.78
C ALA HD 37 49.57 -64.62 93.75
N ASN HD 38 49.60 -65.55 94.69
CA ASN HD 38 48.60 -66.61 94.75
C ASN HD 38 47.72 -66.38 95.97
N ASN HD 39 46.43 -66.13 95.73
CA ASN HD 39 45.49 -65.82 96.80
C ASN HD 39 44.67 -67.05 97.15
N THR HD 40 44.46 -67.25 98.46
CA THR HD 40 43.68 -68.39 98.95
C THR HD 40 42.29 -68.02 99.45
N GLY HD 41 42.04 -66.74 99.75
CA GLY HD 41 40.73 -66.35 100.25
C GLY HD 41 40.65 -64.87 100.58
N VAL HD 42 39.46 -64.29 100.43
CA VAL HD 42 39.25 -62.88 100.73
C VAL HD 42 37.89 -62.70 101.35
N PHE HD 43 37.80 -61.76 102.28
CA PHE HD 43 36.53 -61.38 102.88
C PHE HD 43 36.43 -59.86 102.94
N SER HD 44 35.29 -59.32 102.55
CA SER HD 44 35.07 -57.89 102.53
C SER HD 44 33.68 -57.57 103.06
N LEU HD 45 33.58 -56.45 103.78
CA LEU HD 45 32.31 -56.02 104.36
C LEU HD 45 32.18 -54.51 104.24
N GLU HD 46 31.00 -54.03 103.81
CA GLU HD 46 30.72 -52.61 103.65
C GLU HD 46 29.32 -52.28 104.14
N GLN HD 47 29.18 -51.17 104.86
CA GLN HD 47 27.88 -50.67 105.30
C GLN HD 47 27.53 -49.38 104.56
N ARG HD 48 26.26 -49.27 104.18
CA ARG HD 48 25.72 -48.11 103.47
C ARG HD 48 24.52 -47.63 104.28
N PHE HD 49 24.74 -46.56 105.04
CA PHE HD 49 23.72 -45.89 105.83
C PHE HD 49 22.95 -44.95 104.90
N GLY HD 50 21.68 -45.23 104.66
CA GLY HD 50 20.86 -44.42 103.76
C GLY HD 50 20.27 -43.22 104.46
N ALA HD 51 19.31 -42.58 103.79
CA ALA HD 51 18.55 -41.52 104.43
C ALA HD 51 17.59 -42.11 105.47
N ALA HD 52 16.98 -41.22 106.26
CA ALA HD 52 16.12 -41.66 107.36
C ALA HD 52 14.90 -42.44 106.87
N ASN HD 53 14.50 -42.24 105.61
CA ASN HD 53 13.46 -43.06 105.02
C ASN HD 53 14.00 -44.34 104.41
N SER HD 54 15.32 -44.44 104.23
CA SER HD 54 15.95 -45.60 103.62
C SER HD 54 16.43 -46.59 104.67
N ASN HD 55 16.43 -47.86 104.30
CA ASN HD 55 17.02 -48.89 105.14
C ASN HD 55 18.53 -48.85 105.00
N ARG HD 56 19.25 -48.96 106.11
CA ARG HD 56 20.69 -49.14 105.99
C ARG HD 56 20.96 -50.55 105.50
N LYS HD 57 22.07 -50.71 104.77
CA LYS HD 57 22.38 -51.97 104.13
C LYS HD 57 23.80 -52.38 104.46
N VAL HD 58 24.02 -53.68 104.59
CA VAL HD 58 25.32 -54.21 104.98
C VAL HD 58 25.61 -55.40 104.08
N THR HD 59 26.75 -55.37 103.38
CA THR HD 59 27.03 -56.40 102.39
C THR HD 59 28.40 -57.02 102.63
N MET HD 60 28.46 -58.35 102.49
CA MET HD 60 29.66 -59.14 102.69
C MET HD 60 29.92 -59.96 101.44
N LEU HD 61 31.20 -60.06 101.08
CA LEU HD 61 31.65 -60.92 99.99
C LEU HD 61 32.79 -61.80 100.49
N LEU HD 62 32.61 -63.11 100.36
CA LEU HD 62 33.60 -64.12 100.70
C LEU HD 62 33.98 -64.82 99.41
N THR HD 63 35.27 -64.77 99.06
CA THR HD 63 35.77 -65.38 97.84
C THR HD 63 36.81 -66.44 98.19
N ASP HD 64 36.61 -67.65 97.66
CA ASP HD 64 37.54 -68.77 97.85
C ASP HD 64 38.01 -69.26 96.50
N PRO HD 65 39.23 -68.95 96.12
CA PRO HD 65 39.80 -69.50 94.90
C PRO HD 65 40.55 -70.79 95.17
N VAL HD 66 40.46 -71.71 94.20
CA VAL HD 66 41.10 -73.01 94.25
C VAL HD 66 41.77 -73.26 92.90
N VAL HD 67 42.92 -73.92 92.94
CA VAL HD 67 43.59 -74.33 91.71
C VAL HD 67 43.08 -75.71 91.31
N VAL HD 68 42.65 -75.84 90.06
CA VAL HD 68 42.09 -77.07 89.51
C VAL HD 68 42.87 -77.44 88.27
N LYS HD 69 42.93 -78.74 88.00
CA LYS HD 69 43.55 -79.26 86.79
C LYS HD 69 42.69 -78.95 85.58
N ASP HD 70 43.33 -78.53 84.50
CA ASP HD 70 42.65 -78.31 83.24
C ASP HD 70 42.32 -79.65 82.59
N ALA HD 71 41.37 -79.61 81.64
CA ALA HD 71 41.11 -80.80 80.84
C ALA HD 71 42.34 -81.21 80.04
N SER HD 72 43.16 -80.23 79.64
CA SER HD 72 44.46 -80.52 79.05
C SER HD 72 45.49 -80.88 80.10
N GLY HD 73 45.33 -80.39 81.33
CA GLY HD 73 46.26 -80.64 82.41
C GLY HD 73 46.88 -79.39 83.00
N ALA HD 74 46.72 -78.24 82.37
CA ALA HD 74 47.30 -77.00 82.86
C ALA HD 74 46.72 -76.63 84.23
N ASP HD 75 47.45 -75.78 84.95
CA ASP HD 75 46.99 -75.26 86.22
C ASP HD 75 46.08 -74.07 85.99
N MET HD 76 44.89 -74.09 86.58
CA MET HD 76 43.91 -73.05 86.34
C MET HD 76 43.27 -72.66 87.67
N THR HD 77 43.08 -71.37 87.91
CA THR HD 77 42.50 -70.90 89.17
C THR HD 77 41.03 -70.57 88.98
N ILE HD 78 40.19 -71.06 89.88
CA ILE HD 78 38.74 -70.94 89.81
C ILE HD 78 38.24 -70.42 91.15
N LYS HD 79 37.43 -69.38 91.11
CA LYS HD 79 36.90 -68.75 92.31
C LYS HD 79 35.45 -69.17 92.53
N ALA HD 80 35.08 -69.30 93.80
CA ALA HD 80 33.69 -69.49 94.22
C ALA HD 80 33.33 -68.36 95.17
N ASN HD 81 32.15 -67.77 94.97
CA ASN HD 81 31.76 -66.57 95.68
C ASN HD 81 30.55 -66.85 96.56
N ALA HD 82 30.51 -66.20 97.72
CA ALA HD 82 29.31 -66.17 98.53
C ALA HD 82 29.11 -64.73 99.00
N SER HD 83 27.89 -64.23 98.90
CA SER HD 83 27.62 -62.84 99.24
C SER HD 83 26.37 -62.75 100.10
N VAL HD 84 26.46 -62.00 101.19
CA VAL HD 84 25.35 -61.80 102.10
C VAL HD 84 25.00 -60.31 102.09
N THR HD 85 23.71 -60.00 102.20
CA THR HD 85 23.24 -58.61 102.27
C THR HD 85 22.13 -58.52 103.31
N PHE HD 86 22.36 -57.68 104.31
CA PHE HD 86 21.38 -57.37 105.36
C PHE HD 86 20.73 -56.04 105.02
N SER HD 87 19.41 -56.06 104.80
CA SER HD 87 18.62 -54.85 104.65
C SER HD 87 17.89 -54.63 105.97
N LEU HD 88 18.30 -53.58 106.68
CA LEU HD 88 17.84 -53.29 108.04
C LEU HD 88 17.23 -51.90 108.08
N PRO HD 89 15.92 -51.80 108.23
CA PRO HD 89 15.29 -50.49 108.42
C PRO HD 89 15.69 -49.87 109.74
N LYS HD 90 15.62 -48.54 109.78
CA LYS HD 90 16.09 -47.79 110.94
C LYS HD 90 15.04 -47.67 112.02
N THR HD 91 13.87 -48.28 111.84
CA THR HD 91 12.88 -48.44 112.90
C THR HD 91 12.88 -49.84 113.47
N TYR HD 92 13.70 -50.71 112.92
CA TYR HD 92 13.84 -52.09 113.36
C TYR HD 92 14.79 -52.18 114.55
N PRO HD 93 14.44 -52.92 115.60
CA PRO HD 93 15.29 -52.93 116.81
C PRO HD 93 16.53 -53.80 116.68
N ASN HD 94 17.61 -53.30 117.30
CA ASN HD 94 18.90 -53.96 117.20
C ASN HD 94 18.83 -55.40 117.73
N GLU HD 95 18.04 -55.62 118.78
CA GLU HD 95 17.87 -56.98 119.30
C GLU HD 95 17.43 -57.93 118.20
N HIS HD 96 16.37 -57.57 117.48
CA HIS HD 96 15.87 -58.44 116.43
C HIS HD 96 16.82 -58.53 115.25
N ILE HD 97 17.67 -57.52 115.03
CA ILE HD 97 18.71 -57.69 114.03
C ILE HD 97 19.68 -58.83 114.45
N THR HD 98 20.08 -58.82 115.72
CA THR HD 98 20.94 -59.92 116.20
C THR HD 98 20.24 -61.26 116.06
N LYS HD 99 18.96 -61.31 116.44
CA LYS HD 99 18.16 -62.52 116.24
C LYS HD 99 18.20 -62.99 114.80
N LEU HD 100 18.03 -62.05 113.87
CA LEU HD 100 18.06 -62.36 112.44
C LEU HD 100 19.40 -62.96 112.03
N ARG HD 101 20.50 -62.32 112.44
CA ARG HD 101 21.82 -62.83 112.07
C ARG HD 101 22.04 -64.24 112.60
N GLN HD 102 21.62 -64.49 113.83
CA GLN HD 102 21.83 -65.82 114.40
C GLN HD 102 20.97 -66.87 113.71
N THR HD 103 19.70 -66.54 113.41
CA THR HD 103 18.88 -67.49 112.65
C THR HD 103 19.47 -67.78 111.29
N LEU HD 104 20.11 -66.78 110.67
CA LEU HD 104 20.77 -67.03 109.39
C LEU HD 104 21.92 -68.00 109.55
N ILE HD 105 22.73 -67.84 110.61
CA ILE HD 105 23.81 -68.78 110.88
C ILE HD 105 23.25 -70.19 111.04
N ALA HD 106 22.18 -70.31 111.83
CA ALA HD 106 21.57 -71.62 112.05
C ALA HD 106 21.07 -72.23 110.75
N TRP HD 107 20.43 -71.42 109.90
CA TRP HD 107 19.94 -71.93 108.61
C TRP HD 107 21.09 -72.38 107.73
N LEU HD 108 22.18 -71.61 107.68
CA LEU HD 108 23.33 -72.00 106.90
C LEU HD 108 23.95 -73.29 107.40
N GLY HD 109 23.71 -73.64 108.66
CA GLY HD 109 24.12 -74.93 109.17
C GLY HD 109 23.28 -76.10 108.71
N GLN HD 110 22.02 -75.85 108.34
CA GLN HD 110 21.05 -76.92 108.11
C GLN HD 110 21.40 -77.77 106.91
N GLN HD 111 20.93 -79.02 106.92
CA GLN HD 111 21.19 -79.90 105.80
C GLN HD 111 20.38 -79.49 104.57
N CYS HD 112 19.16 -78.98 104.78
CA CYS HD 112 18.35 -78.57 103.64
C CYS HD 112 18.94 -77.37 102.91
N VAL HD 113 19.80 -76.60 103.59
CA VAL HD 113 20.57 -75.57 102.90
C VAL HD 113 21.90 -76.15 102.38
N SER HD 114 22.47 -77.12 103.10
CA SER HD 114 23.76 -77.67 102.72
C SER HD 114 23.70 -78.43 101.41
N ASP HD 115 22.68 -79.28 101.23
CA ASP HD 115 22.63 -80.14 100.06
C ASP HD 115 22.64 -79.37 98.74
N PRO HD 116 21.78 -78.37 98.51
CA PRO HD 116 21.88 -77.63 97.25
C PRO HD 116 23.17 -76.85 97.12
N VAL HD 117 23.62 -76.18 98.18
CA VAL HD 117 24.84 -75.40 98.12
C VAL HD 117 26.05 -76.31 97.89
N ASP HD 118 26.26 -77.27 98.79
CA ASP HD 118 27.50 -78.04 98.77
C ASP HD 118 27.56 -78.97 97.57
N SER HD 119 26.46 -79.65 97.24
CA SER HD 119 26.49 -80.72 96.25
C SER HD 119 25.57 -80.50 95.06
N GLY HD 120 24.65 -79.54 95.10
CA GLY HD 120 23.75 -79.29 94.00
C GLY HD 120 22.47 -80.08 94.03
N LEU HD 121 22.29 -80.96 95.01
CA LEU HD 121 21.04 -81.71 95.11
C LEU HD 121 19.94 -80.81 95.66
N ASN HD 122 18.78 -80.83 95.01
CA ASN HD 122 17.63 -80.14 95.55
C ASN HD 122 16.91 -81.01 96.59
N ASN HD 123 16.16 -80.36 97.47
CA ASN HD 123 15.39 -81.10 98.45
C ASN HD 123 14.03 -81.48 97.87
N TYR HD 124 13.40 -82.46 98.49
CA TYR HD 124 12.14 -82.99 97.96
C TYR HD 124 11.12 -83.27 99.07
N MET ID 1 44.44 -38.00 118.44
CA MET ID 1 44.41 -38.93 119.57
C MET ID 1 43.96 -40.31 119.13
N ARG ID 2 44.20 -41.32 119.96
CA ARG ID 2 43.71 -42.66 119.70
C ARG ID 2 42.28 -42.79 120.23
N LEU ID 3 41.32 -42.89 119.31
CA LEU ID 3 39.91 -42.89 119.68
C LEU ID 3 39.57 -44.04 120.63
N THR ID 4 38.89 -43.69 121.71
CA THR ID 4 38.37 -44.62 122.68
C THR ID 4 36.95 -44.22 123.00
N ASP ID 5 36.11 -45.20 123.35
CA ASP ID 5 34.74 -44.89 123.76
C ASP ID 5 34.76 -43.84 124.86
N VAL ID 6 33.77 -42.95 124.85
CA VAL ID 6 33.82 -41.74 125.67
C VAL ID 6 32.61 -41.75 126.60
N ASP ID 7 32.82 -41.29 127.82
CA ASP ID 7 31.73 -41.11 128.77
C ASP ID 7 31.71 -39.65 129.23
N LEU ID 8 30.58 -39.00 129.00
CA LEU ID 8 30.40 -37.59 129.26
C LEU ID 8 29.54 -37.41 130.49
N THR ID 9 29.96 -36.51 131.36
CA THR ID 9 29.17 -36.14 132.53
C THR ID 9 28.28 -34.98 132.11
N VAL ID 10 26.98 -35.23 132.03
CA VAL ID 10 26.01 -34.28 131.51
C VAL ID 10 25.06 -33.92 132.64
N GLY ID 11 25.29 -32.76 133.26
CA GLY ID 11 24.51 -32.38 134.41
C GLY ID 11 24.69 -33.41 135.51
N GLU ID 12 23.63 -34.15 135.82
CA GLU ID 12 23.70 -35.16 136.85
C GLU ID 12 23.58 -36.57 136.29
N GLU ID 13 23.80 -36.73 134.99
CA GLU ID 13 23.67 -38.00 134.33
C GLU ID 13 24.99 -38.30 133.62
N THR ID 14 25.15 -39.53 133.14
CA THR ID 14 26.32 -39.90 132.38
C THR ID 14 25.89 -40.49 131.06
N ARG ID 15 26.30 -39.84 129.96
CA ARG ID 15 26.08 -40.34 128.60
C ARG ID 15 27.29 -41.16 128.18
N GLU ID 16 27.04 -42.26 127.46
CA GLU ID 16 28.11 -43.19 127.10
C GLU ID 16 28.09 -43.45 125.60
N TYR ID 17 29.09 -42.96 124.90
CA TYR ID 17 29.19 -43.07 123.46
C TYR ID 17 30.27 -44.07 123.08
N ALA ID 18 30.04 -44.77 121.98
CA ALA ID 18 30.95 -45.74 121.40
C ALA ID 18 31.36 -45.30 119.99
N VAL ID 19 32.63 -45.55 119.66
CA VAL ID 19 33.13 -45.21 118.33
C VAL ID 19 32.36 -45.99 117.29
N SER ID 20 31.81 -45.27 116.31
CA SER ID 20 31.03 -45.89 115.24
C SER ID 20 31.68 -45.80 113.86
N GLU ID 21 32.49 -44.78 113.59
CA GLU ID 21 33.34 -44.88 112.40
C GLU ID 21 34.51 -43.91 112.51
N GLN ID 22 35.62 -44.28 111.88
CA GLN ID 22 36.81 -43.46 111.81
C GLN ID 22 37.32 -43.45 110.37
N GLN ID 23 37.33 -42.28 109.76
CA GLN ID 23 37.90 -42.11 108.43
C GLN ID 23 39.20 -41.33 108.57
N GLY ID 24 39.66 -40.75 107.46
CA GLY ID 24 40.87 -39.97 107.50
C GLY ID 24 40.70 -38.77 108.39
N THR ID 25 39.75 -37.90 108.03
CA THR ID 25 39.52 -36.63 108.72
C THR ID 25 38.19 -36.59 109.43
N LEU ID 26 37.47 -37.71 109.50
CA LEU ID 26 36.13 -37.75 110.05
C LEU ID 26 36.01 -38.88 111.06
N PHE ID 27 35.24 -38.65 112.12
CA PHE ID 27 34.90 -39.70 113.08
C PHE ID 27 33.46 -39.51 113.54
N ARG ID 28 32.92 -40.59 114.11
CA ARG ID 28 31.53 -40.61 114.54
C ARG ID 28 31.39 -41.55 115.73
N PHE ID 29 30.81 -41.01 116.81
CA PHE ID 29 30.40 -41.72 118.01
C PHE ID 29 28.89 -41.90 118.03
N VAL ID 30 28.44 -42.84 118.85
CA VAL ID 30 27.04 -43.23 118.90
C VAL ID 30 26.66 -43.51 120.35
N ASP ID 31 25.48 -43.03 120.76
CA ASP ID 31 25.01 -43.26 122.13
C ASP ID 31 24.77 -44.73 122.39
N LYS ID 32 25.52 -45.30 123.34
CA LYS ID 32 25.41 -46.73 123.61
C LYS ID 32 24.00 -47.12 124.05
N SER ID 33 23.30 -46.20 124.71
CA SER ID 33 21.97 -46.45 125.25
C SER ID 33 20.90 -46.57 124.18
N GLY ID 34 21.27 -46.56 122.90
CA GLY ID 34 20.27 -46.61 121.85
C GLY ID 34 19.79 -48.03 121.61
N THR ID 35 18.48 -48.18 121.46
CA THR ID 35 17.87 -49.48 121.16
C THR ID 35 17.61 -49.67 119.68
N VAL ID 36 17.25 -48.60 118.99
CA VAL ID 36 16.96 -48.64 117.56
C VAL ID 36 17.83 -47.57 116.90
N ALA ID 37 18.01 -47.72 115.58
CA ALA ID 37 18.73 -46.71 114.83
C ALA ID 37 18.13 -45.32 115.04
N ASN ID 38 16.81 -45.19 114.89
CA ASN ID 38 16.16 -43.89 115.09
C ASN ID 38 16.17 -43.47 116.55
N ASN ID 39 16.14 -44.43 117.47
CA ASN ID 39 16.27 -44.12 118.90
C ASN ID 39 17.64 -43.50 119.20
N THR ID 40 18.65 -43.81 118.40
CA THR ID 40 20.05 -43.63 118.80
C THR ID 40 20.57 -42.24 118.47
N GLY ID 41 21.08 -41.55 119.50
CA GLY ID 41 21.76 -40.29 119.28
C GLY ID 41 23.16 -40.49 118.74
N VAL ID 42 23.68 -39.48 118.05
CA VAL ID 42 24.97 -39.59 117.38
C VAL ID 42 25.73 -38.28 117.48
N PHE ID 43 27.04 -38.38 117.30
CA PHE ID 43 27.92 -37.22 117.27
C PHE ID 43 29.02 -37.45 116.25
N SER ID 44 29.22 -36.48 115.37
CA SER ID 44 30.17 -36.63 114.29
C SER ID 44 31.01 -35.37 114.17
N LEU ID 45 32.27 -35.56 113.75
CA LEU ID 45 33.19 -34.43 113.57
C LEU ID 45 34.05 -34.69 112.34
N GLU ID 46 34.32 -33.61 111.59
CA GLU ID 46 35.09 -33.68 110.36
C GLU ID 46 35.94 -32.42 110.24
N GLN ID 47 37.21 -32.59 109.87
CA GLN ID 47 38.08 -31.47 109.58
C GLN ID 47 38.34 -31.39 108.09
N ARG ID 48 38.28 -30.17 107.56
CA ARG ID 48 38.56 -29.86 106.17
C ARG ID 48 39.71 -28.87 106.17
N PHE ID 49 40.90 -29.38 105.91
CA PHE ID 49 42.11 -28.58 105.82
C PHE ID 49 42.19 -27.97 104.42
N GLY ID 50 42.29 -26.66 104.33
CA GLY ID 50 42.31 -25.97 103.05
C GLY ID 50 43.71 -25.77 102.51
N ALA ID 51 43.79 -25.00 101.42
CA ALA ID 51 45.08 -24.57 100.92
C ALA ID 51 45.70 -23.56 101.89
N ALA ID 52 46.92 -23.12 101.57
CA ALA ID 52 47.63 -22.22 102.50
C ALA ID 52 46.96 -20.85 102.59
N ASN ID 53 46.23 -20.44 101.55
CA ASN ID 53 45.46 -19.20 101.62
C ASN ID 53 44.11 -19.39 102.29
N SER ID 54 43.70 -20.64 102.53
CA SER ID 54 42.41 -20.93 103.13
C SER ID 54 42.55 -21.07 104.64
N ASN ID 55 41.41 -21.11 105.31
CA ASN ID 55 41.32 -21.44 106.72
C ASN ID 55 40.88 -22.90 106.82
N ARG ID 56 41.47 -23.64 107.76
CA ARG ID 56 40.95 -24.96 108.01
C ARG ID 56 39.63 -24.85 108.77
N LYS ID 57 38.73 -25.77 108.51
CA LYS ID 57 37.41 -25.74 109.11
C LYS ID 57 37.14 -27.06 109.81
N VAL ID 58 36.61 -27.01 111.02
CA VAL ID 58 36.22 -28.21 111.75
C VAL ID 58 34.74 -28.10 112.06
N THR ID 59 33.99 -29.14 111.73
CA THR ID 59 32.55 -29.14 111.91
C THR ID 59 32.13 -30.34 112.77
N MET ID 60 31.13 -30.11 113.61
CA MET ID 60 30.57 -31.13 114.47
C MET ID 60 29.06 -31.09 114.39
N LEU ID 61 28.46 -32.26 114.37
CA LEU ID 61 27.02 -32.42 114.42
C LEU ID 61 26.64 -33.36 115.56
N LEU ID 62 25.74 -32.90 116.42
CA LEU ID 62 25.20 -33.67 117.54
C LEU ID 62 23.70 -33.82 117.31
N THR ID 63 23.24 -35.07 117.25
CA THR ID 63 21.83 -35.38 117.00
C THR ID 63 21.28 -36.17 118.17
N ASP ID 64 20.19 -35.66 118.77
CA ASP ID 64 19.55 -36.28 119.91
C ASP ID 64 18.07 -36.49 119.63
N PRO ID 65 17.69 -37.67 119.15
CA PRO ID 65 16.27 -37.97 118.95
C PRO ID 65 15.58 -38.41 120.24
N VAL ID 66 14.26 -38.18 120.28
CA VAL ID 66 13.41 -38.54 121.41
C VAL ID 66 12.09 -39.07 120.86
N VAL ID 67 11.45 -39.98 121.62
CA VAL ID 67 10.17 -40.55 121.21
C VAL ID 67 9.03 -39.75 121.82
N VAL ID 68 8.09 -39.32 120.97
CA VAL ID 68 6.90 -38.59 121.41
C VAL ID 68 5.65 -39.35 120.99
N MET ID 76 5.93 -41.52 117.30
CA MET ID 76 6.84 -40.74 116.47
C MET ID 76 8.13 -40.37 117.21
N THR ID 77 9.25 -40.33 116.47
CA THR ID 77 10.54 -39.91 117.01
C THR ID 77 10.97 -38.61 116.34
N ILE ID 78 11.36 -37.64 117.17
CA ILE ID 78 11.67 -36.27 116.76
C ILE ID 78 13.14 -36.02 117.06
N LYS ID 79 13.85 -35.44 116.08
CA LYS ID 79 15.29 -35.23 116.18
C LYS ID 79 15.61 -33.75 116.30
N ALA ID 80 16.54 -33.41 117.22
CA ALA ID 80 17.05 -32.06 117.37
C ALA ID 80 18.56 -32.06 117.18
N ASN ID 81 19.07 -31.01 116.53
CA ASN ID 81 20.46 -30.97 116.11
C ASN ID 81 21.17 -29.77 116.71
N ALA ID 82 22.42 -29.98 117.10
CA ALA ID 82 23.34 -28.89 117.38
C ALA ID 82 24.53 -29.05 116.44
N SER ID 83 24.98 -27.95 115.84
CA SER ID 83 26.09 -28.01 114.91
C SER ID 83 27.07 -26.89 115.22
N VAL ID 84 28.32 -27.25 115.42
CA VAL ID 84 29.38 -26.28 115.72
C VAL ID 84 30.35 -26.29 114.53
N THR ID 85 30.89 -25.12 114.20
CA THR ID 85 31.87 -24.98 113.13
C THR ID 85 32.93 -23.98 113.55
N PHE ID 86 34.18 -24.43 113.55
CA PHE ID 86 35.34 -23.62 113.87
C PHE ID 86 36.06 -23.28 112.58
N SER ID 87 36.13 -21.98 112.25
CA SER ID 87 36.91 -21.49 111.13
C SER ID 87 38.20 -20.90 111.69
N LEU ID 88 39.31 -21.56 111.38
CA LEU ID 88 40.60 -21.26 112.00
C LEU ID 88 41.63 -20.98 110.90
N PRO ID 89 42.10 -19.74 110.79
CA PRO ID 89 43.21 -19.45 109.87
C PRO ID 89 44.49 -20.11 110.34
N LYS ID 90 45.34 -20.47 109.39
CA LYS ID 90 46.52 -21.24 109.74
C LYS ID 90 47.51 -20.40 110.55
N THR ID 91 47.68 -19.13 110.19
CA THR ID 91 48.58 -18.25 110.92
C THR ID 91 48.12 -18.00 112.36
N TYR ID 92 46.85 -18.28 112.66
CA TYR ID 92 46.31 -18.04 114.00
C TYR ID 92 46.92 -19.03 115.00
N PRO ID 93 47.30 -18.58 116.19
CA PRO ID 93 48.09 -19.45 117.09
C PRO ID 93 47.26 -20.47 117.85
N ASN ID 94 47.81 -21.68 117.95
CA ASN ID 94 47.10 -22.80 118.57
C ASN ID 94 46.66 -22.47 119.99
N GLU ID 95 47.46 -21.70 120.73
CA GLU ID 95 47.09 -21.33 122.08
C GLU ID 95 45.77 -20.55 122.09
N HIS ID 96 45.67 -19.51 121.27
CA HIS ID 96 44.44 -18.74 121.20
C HIS ID 96 43.27 -19.56 120.66
N ILE ID 97 43.52 -20.61 119.87
CA ILE ID 97 42.43 -21.50 119.49
C ILE ID 97 41.88 -22.26 120.71
N THR ID 98 42.79 -22.83 121.52
CA THR ID 98 42.33 -23.50 122.74
C THR ID 98 41.51 -22.53 123.59
N LYS ID 99 41.96 -21.28 123.68
CA LYS ID 99 41.20 -20.24 124.36
C LYS ID 99 39.78 -20.10 123.79
N LEU ID 100 39.70 -19.97 122.46
CA LEU ID 100 38.40 -19.80 121.82
C LEU ID 100 37.46 -20.94 122.17
N ARG ID 101 37.92 -22.18 122.05
CA ARG ID 101 37.08 -23.33 122.37
C ARG ID 101 36.57 -23.25 123.81
N GLN ID 102 37.47 -22.95 124.75
CA GLN ID 102 37.07 -22.92 126.15
C GLN ID 102 36.03 -21.84 126.41
N THR ID 103 36.21 -20.66 125.80
CA THR ID 103 35.23 -19.58 126.00
C THR ID 103 33.89 -19.92 125.37
N LEU ID 104 33.87 -20.68 124.27
CA LEU ID 104 32.60 -21.13 123.74
C LEU ID 104 31.89 -22.06 124.73
N ILE ID 105 32.64 -22.97 125.35
CA ILE ID 105 32.06 -23.81 126.41
C ILE ID 105 31.45 -22.94 127.50
N ALA ID 106 32.22 -21.97 127.98
CA ALA ID 106 31.73 -21.08 129.04
C ALA ID 106 30.46 -20.36 128.62
N TRP ID 107 30.41 -19.87 127.38
CA TRP ID 107 29.22 -19.18 126.89
C TRP ID 107 28.01 -20.10 126.88
N LEU ID 108 28.18 -21.31 126.33
CA LEU ID 108 27.11 -22.29 126.31
C LEU ID 108 26.62 -22.65 127.70
N GLY ID 109 27.42 -22.38 128.74
CA GLY ID 109 26.96 -22.51 130.10
C GLY ID 109 25.96 -21.46 130.58
N GLN ID 110 26.06 -20.24 130.05
CA GLN ID 110 25.41 -19.07 130.64
C GLN ID 110 23.90 -19.08 130.45
N GLN ID 111 23.21 -18.32 131.31
CA GLN ID 111 21.76 -18.23 131.24
C GLN ID 111 21.31 -17.54 129.97
N CYS ID 112 22.00 -16.47 129.57
CA CYS ID 112 21.60 -15.74 128.38
C CYS ID 112 21.63 -16.62 127.13
N VAL ID 113 22.32 -17.75 127.19
CA VAL ID 113 22.30 -18.73 126.11
C VAL ID 113 21.31 -19.85 126.38
N SER ID 114 21.20 -20.31 127.62
CA SER ID 114 20.30 -21.42 127.92
C SER ID 114 18.84 -21.01 127.74
N ASP ID 115 18.47 -19.80 128.16
CA ASP ID 115 17.08 -19.39 128.09
C ASP ID 115 16.50 -19.44 126.65
N PRO ID 116 17.19 -18.90 125.64
CA PRO ID 116 16.64 -19.08 124.28
C PRO ID 116 16.77 -20.50 123.75
N VAL ID 117 17.92 -21.15 123.96
CA VAL ID 117 18.10 -22.52 123.48
C VAL ID 117 17.11 -23.45 124.16
N ASP ID 118 17.17 -23.53 125.49
CA ASP ID 118 16.40 -24.54 126.21
C ASP ID 118 14.90 -24.30 126.07
N SER ID 119 14.43 -23.10 126.43
CA SER ID 119 13.00 -22.85 126.51
C SER ID 119 12.47 -21.81 125.54
N GLY ID 120 13.33 -21.11 124.80
CA GLY ID 120 12.88 -20.13 123.85
C GLY ID 120 12.68 -18.73 124.38
N LEU ID 121 13.06 -18.47 125.62
CA LEU ID 121 13.00 -17.12 126.16
C LEU ID 121 14.12 -16.28 125.56
N ASN ID 122 13.77 -15.16 124.94
CA ASN ID 122 14.81 -14.23 124.53
C ASN ID 122 15.20 -13.33 125.69
N ASN ID 123 16.36 -12.71 125.57
CA ASN ID 123 16.84 -11.84 126.61
C ASN ID 123 16.36 -10.42 126.37
N TYR ID 124 16.12 -9.72 127.48
CA TYR ID 124 15.52 -8.39 127.41
C TYR ID 124 16.17 -7.47 128.40
N MET JD 1 49.47 -53.54 109.56
CA MET JD 1 49.94 -53.07 110.86
C MET JD 1 48.91 -52.15 111.48
N ARG JD 2 48.71 -52.28 112.80
CA ARG JD 2 47.89 -51.33 113.55
C ARG JD 2 48.66 -50.02 113.71
N LEU JD 3 48.26 -49.00 112.97
CA LEU JD 3 49.03 -47.76 112.94
C LEU JD 3 48.99 -47.08 114.30
N THR JD 4 50.18 -46.71 114.78
CA THR JD 4 50.32 -45.85 115.95
C THR JD 4 51.50 -44.93 115.72
N ASP JD 5 51.59 -43.89 116.55
CA ASP JD 5 52.69 -42.93 116.46
C ASP JD 5 54.02 -43.68 116.49
N VAL JD 6 55.02 -43.12 115.81
CA VAL JD 6 56.33 -43.73 115.77
C VAL JD 6 57.40 -42.69 116.10
N ASP JD 7 58.53 -43.19 116.59
CA ASP JD 7 59.71 -42.39 116.83
C ASP JD 7 60.86 -43.01 116.04
N LEU JD 8 61.56 -42.18 115.29
CA LEU JD 8 62.64 -42.61 114.42
C LEU JD 8 63.98 -42.20 114.99
N THR JD 9 64.96 -43.10 114.86
CA THR JD 9 66.33 -42.80 115.23
C THR JD 9 67.03 -42.26 114.00
N VAL JD 10 67.45 -41.00 114.05
CA VAL JD 10 68.01 -40.30 112.89
C VAL JD 10 69.40 -39.82 113.26
N GLY JD 11 70.42 -40.56 112.83
CA GLY JD 11 71.77 -40.24 113.23
C GLY JD 11 71.89 -40.23 114.73
N GLU JD 12 72.13 -39.05 115.31
CA GLU JD 12 72.28 -38.91 116.75
C GLU JD 12 71.16 -38.08 117.37
N GLU JD 13 70.00 -38.04 116.72
CA GLU JD 13 68.83 -37.37 117.26
C GLU JD 13 67.63 -38.31 117.16
N THR JD 14 66.57 -37.96 117.85
CA THR JD 14 65.33 -38.72 117.79
C THR JD 14 64.22 -37.84 117.24
N ARG JD 15 63.53 -38.35 116.23
CA ARG JD 15 62.48 -37.64 115.51
C ARG JD 15 61.14 -38.27 115.87
N GLU JD 16 60.19 -37.47 116.32
CA GLU JD 16 58.92 -37.98 116.82
C GLU JD 16 57.80 -37.60 115.87
N TYR JD 17 57.16 -38.60 115.28
CA TYR JD 17 56.01 -38.37 114.41
C TYR JD 17 54.74 -38.83 115.13
N ALA JD 18 53.61 -38.29 114.68
CA ALA JD 18 52.30 -38.65 115.19
C ALA JD 18 51.35 -38.87 114.02
N VAL JD 19 50.47 -39.85 114.16
CA VAL JD 19 49.52 -40.15 113.09
C VAL JD 19 48.61 -38.95 112.89
N SER JD 20 48.58 -38.44 111.65
CA SER JD 20 47.71 -37.32 111.30
C SER JD 20 46.49 -37.73 110.50
N GLU JD 21 46.55 -38.81 109.73
CA GLU JD 21 45.32 -39.39 109.19
C GLU JD 21 45.60 -40.82 108.72
N GLN JD 22 44.56 -41.65 108.76
CA GLN JD 22 44.64 -43.01 108.26
C GLN JD 22 43.40 -43.31 107.44
N GLN JD 23 43.61 -43.63 106.16
CA GLN JD 23 42.56 -44.06 105.24
C GLN JD 23 42.83 -45.50 104.82
N GLY JD 24 41.99 -46.00 103.91
CA GLY JD 24 42.06 -47.40 103.54
C GLY JD 24 43.39 -47.76 102.93
N THR JD 25 43.85 -46.96 101.97
CA THR JD 25 45.10 -47.20 101.24
C THR JD 25 46.14 -46.12 101.49
N LEU JD 26 45.86 -45.16 102.36
CA LEU JD 26 46.73 -44.00 102.57
C LEU JD 26 46.85 -43.72 104.06
N PHE JD 27 48.03 -43.22 104.46
CA PHE JD 27 48.22 -42.71 105.81
C PHE JD 27 49.21 -41.56 105.79
N ARG JD 28 49.16 -40.76 106.85
CA ARG JD 28 49.97 -39.56 106.98
C ARG JD 28 50.37 -39.35 108.44
N PHE JD 29 51.68 -39.16 108.65
CA PHE JD 29 52.29 -38.76 109.90
C PHE JD 29 52.77 -37.31 109.81
N VAL JD 30 52.84 -36.66 110.98
CA VAL JD 30 53.31 -35.29 111.11
C VAL JD 30 54.36 -35.22 112.22
N ASP JD 31 55.42 -34.44 112.00
CA ASP JD 31 56.46 -34.26 113.01
C ASP JD 31 55.90 -33.52 114.23
N LYS JD 32 56.05 -34.14 115.40
CA LYS JD 32 55.44 -33.62 116.63
C LYS JD 32 55.99 -32.26 117.03
N SER JD 33 57.13 -31.84 116.47
CA SER JD 33 57.73 -30.56 116.80
C SER JD 33 57.11 -29.38 116.07
N GLY JD 34 55.96 -29.57 115.40
CA GLY JD 34 55.43 -28.59 114.49
C GLY JD 34 54.02 -28.10 114.84
N THR JD 35 53.63 -27.04 114.13
CA THR JD 35 52.33 -26.38 114.25
C THR JD 35 51.71 -26.31 112.86
N VAL JD 36 50.38 -26.09 112.81
CA VAL JD 36 49.77 -25.74 111.53
C VAL JD 36 50.46 -24.50 110.96
N ALA JD 37 50.77 -23.53 111.83
CA ALA JD 37 51.41 -22.30 111.37
C ALA JD 37 52.83 -22.58 110.90
N ASN JD 38 53.62 -23.25 111.73
CA ASN JD 38 55.00 -23.57 111.37
C ASN JD 38 55.15 -25.10 111.35
N ASN JD 39 55.03 -25.67 110.16
CA ASN JD 39 55.19 -27.11 110.01
C ASN JD 39 56.66 -27.48 109.90
N THR JD 40 57.00 -28.67 110.39
CA THR JD 40 58.38 -29.10 110.49
C THR JD 40 58.66 -30.40 109.76
N GLY JD 41 57.64 -31.16 109.36
CA GLY JD 41 57.85 -32.39 108.67
C GLY JD 41 56.57 -33.17 108.47
N VAL JD 42 56.45 -33.83 107.33
CA VAL JD 42 55.29 -34.68 107.05
C VAL JD 42 55.78 -35.91 106.30
N PHE JD 43 55.10 -37.03 106.52
CA PHE JD 43 55.35 -38.25 105.78
C PHE JD 43 54.00 -38.84 105.38
N SER JD 44 53.90 -39.29 104.15
CA SER JD 44 52.66 -39.85 103.65
C SER JD 44 52.97 -41.05 102.76
N LEU JD 45 52.07 -42.05 102.79
CA LEU JD 45 52.24 -43.26 102.00
C LEU JD 45 50.89 -43.72 101.48
N GLU JD 46 50.87 -44.16 100.22
CA GLU JD 46 49.65 -44.65 99.57
C GLU JD 46 49.99 -45.85 98.72
N GLN JD 47 49.11 -46.86 98.75
CA GLN JD 47 49.22 -48.00 97.85
C GLN JD 47 48.07 -47.97 96.85
N ARG JD 48 48.41 -48.04 95.57
CA ARG JD 48 47.46 -48.29 94.50
C ARG JD 48 47.67 -49.74 94.09
N PHE JD 49 46.85 -50.62 94.66
CA PHE JD 49 46.83 -52.00 94.22
C PHE JD 49 46.21 -52.05 92.83
N GLY JD 50 46.99 -52.47 91.86
CA GLY JD 50 46.58 -52.37 90.48
C GLY JD 50 45.58 -53.43 90.07
N ALA JD 51 45.11 -53.30 88.82
CA ALA JD 51 44.31 -54.33 88.20
C ALA JD 51 45.10 -55.64 88.14
N ALA JD 52 44.37 -56.74 87.91
CA ALA JD 52 44.98 -58.06 87.99
C ALA JD 52 46.13 -58.23 86.99
N ASN JD 53 46.13 -57.46 85.91
CA ASN JD 53 47.22 -57.50 84.95
C ASN JD 53 48.38 -56.60 85.34
N SER JD 54 48.10 -55.50 86.02
CA SER JD 54 49.11 -54.48 86.31
C SER JD 54 49.88 -54.77 87.58
N ASN JD 55 50.98 -54.06 87.76
CA ASN JD 55 51.72 -54.08 89.00
C ASN JD 55 51.03 -53.20 90.04
N ARG JD 56 51.26 -53.50 91.31
CA ARG JD 56 50.80 -52.60 92.35
C ARG JD 56 51.90 -51.59 92.65
N LYS JD 57 51.49 -50.39 93.02
CA LYS JD 57 52.40 -49.29 93.27
C LYS JD 57 52.25 -48.83 94.72
N VAL JD 58 53.38 -48.54 95.35
CA VAL JD 58 53.39 -47.92 96.68
C VAL JD 58 54.24 -46.66 96.58
N THR JD 59 53.69 -45.54 97.03
CA THR JD 59 54.39 -44.28 96.94
C THR JD 59 54.46 -43.61 98.30
N MET JD 60 55.59 -42.98 98.57
CA MET JD 60 55.86 -42.28 99.81
C MET JD 60 56.40 -40.89 99.49
N LEU JD 61 55.94 -39.92 100.27
CA LEU JD 61 56.44 -38.55 100.19
C LEU JD 61 56.85 -38.09 101.59
N LEU JD 62 58.10 -37.66 101.72
CA LEU JD 62 58.64 -37.08 102.93
C LEU JD 62 58.97 -35.63 102.63
N THR JD 63 58.42 -34.72 103.43
CA THR JD 63 58.63 -33.29 103.23
C THR JD 63 59.17 -32.67 104.51
N ASP JD 64 60.32 -32.01 104.39
CA ASP JD 64 60.94 -31.30 105.50
C ASP JD 64 61.04 -29.83 105.13
N PRO JD 65 60.22 -28.98 105.75
CA PRO JD 65 60.36 -27.54 105.55
C PRO JD 65 61.24 -26.91 106.62
N VAL JD 66 61.96 -25.88 106.19
CA VAL JD 66 62.88 -25.12 107.03
C VAL JD 66 62.66 -23.63 106.77
N VAL JD 67 62.79 -22.84 107.80
CA VAL JD 67 62.74 -21.39 107.67
C VAL JD 67 64.14 -20.89 107.34
N VAL JD 68 64.21 -19.93 106.40
CA VAL JD 68 65.46 -19.36 105.93
C VAL JD 68 65.27 -17.86 105.80
N LYS JD 69 66.25 -17.09 106.26
CA LYS JD 69 66.20 -15.65 106.07
C LYS JD 69 66.41 -15.34 104.59
N ASP JD 70 65.75 -14.28 104.13
CA ASP JD 70 65.82 -13.84 102.74
C ASP JD 70 66.91 -12.79 102.58
N ALA JD 71 67.28 -12.54 101.32
CA ALA JD 71 68.18 -11.42 101.04
C ALA JD 71 67.57 -10.11 101.50
N SER JD 72 66.24 -9.99 101.42
CA SER JD 72 65.52 -8.85 101.96
C SER JD 72 65.39 -8.89 103.48
N GLY JD 73 65.87 -9.97 104.12
CA GLY JD 73 65.70 -10.16 105.54
C GLY JD 73 64.42 -10.89 105.94
N ALA JD 74 63.39 -10.83 105.10
CA ALA JD 74 62.12 -11.47 105.40
C ALA JD 74 62.30 -12.96 105.63
N ASP JD 75 61.46 -13.51 106.50
CA ASP JD 75 61.51 -14.94 106.79
C ASP JD 75 60.74 -15.71 105.72
N MET JD 76 61.33 -16.78 105.22
CA MET JD 76 60.82 -17.52 104.06
C MET JD 76 60.88 -19.00 104.36
N THR JD 77 59.77 -19.70 104.20
CA THR JD 77 59.72 -21.13 104.48
C THR JD 77 59.95 -21.91 103.18
N ILE JD 78 60.88 -22.85 103.22
CA ILE JD 78 61.34 -23.60 102.05
C ILE JD 78 61.22 -25.08 102.34
N LYS JD 79 60.67 -25.83 101.38
CA LYS JD 79 60.45 -27.26 101.54
C LYS JD 79 61.44 -28.05 100.67
N ALA JD 80 61.94 -29.14 101.22
CA ALA JD 80 62.71 -30.15 100.48
C ALA JD 80 61.94 -31.46 100.51
N ASN JD 81 61.90 -32.16 99.38
CA ASN JD 81 61.06 -33.34 99.27
C ASN JD 81 61.88 -34.56 98.88
N ALA JD 82 61.47 -35.70 99.42
CA ALA JD 82 61.97 -36.99 98.98
C ALA JD 82 60.76 -37.86 98.67
N SER JD 83 60.80 -38.55 97.54
CA SER JD 83 59.67 -39.39 97.14
C SER JD 83 60.19 -40.75 96.70
N VAL JD 84 59.60 -41.81 97.24
CA VAL JD 84 59.97 -43.18 96.90
C VAL JD 84 58.75 -43.86 96.29
N THR JD 85 59.00 -44.68 95.25
CA THR JD 85 57.92 -45.42 94.61
C THR JD 85 58.40 -46.85 94.33
N PHE JD 86 57.64 -47.81 94.83
CA PHE JD 86 57.88 -49.23 94.60
C PHE JD 86 56.87 -49.72 93.58
N SER JD 87 57.36 -50.20 92.44
CA SER JD 87 56.53 -50.88 91.45
C SER JD 87 56.79 -52.37 91.60
N LEU JD 88 55.77 -53.08 92.07
CA LEU JD 88 55.89 -54.48 92.44
C LEU JD 88 54.88 -55.30 91.66
N PRO JD 89 55.32 -56.11 90.71
CA PRO JD 89 54.41 -57.02 90.01
C PRO JD 89 53.84 -58.06 90.95
N LYS JD 90 52.64 -58.53 90.62
CA LYS JD 90 51.96 -59.49 91.50
C LYS JD 90 52.75 -60.79 91.62
N THR JD 91 53.27 -61.30 90.50
CA THR JD 91 53.98 -62.58 90.50
C THR JD 91 55.32 -62.51 91.23
N TYR JD 92 55.80 -61.30 91.53
CA TYR JD 92 57.07 -61.16 92.23
C TYR JD 92 56.91 -61.61 93.68
N PRO JD 93 57.85 -62.39 94.23
CA PRO JD 93 57.64 -62.97 95.57
C PRO JD 93 57.93 -61.97 96.70
N ASN JD 94 57.07 -62.03 97.72
CA ASN JD 94 57.18 -61.11 98.85
C ASN JD 94 58.58 -61.11 99.47
N GLU JD 95 59.24 -62.26 99.46
CA GLU JD 95 60.59 -62.35 99.99
C GLU JD 95 61.55 -61.41 99.26
N HIS JD 96 61.64 -61.55 97.94
CA HIS JD 96 62.52 -60.67 97.18
C HIS JD 96 62.08 -59.21 97.24
N ILE JD 97 60.79 -58.93 97.51
CA ILE JD 97 60.39 -57.55 97.75
C ILE JD 97 61.08 -56.99 99.01
N THR JD 98 61.00 -57.74 100.12
CA THR JD 98 61.68 -57.27 101.34
C THR JD 98 63.17 -57.09 101.07
N LYS JD 99 63.76 -57.99 100.29
CA LYS JD 99 65.16 -57.85 99.87
C LYS JD 99 65.39 -56.51 99.18
N LEU JD 100 64.53 -56.18 98.21
CA LEU JD 100 64.65 -54.91 97.50
C LEU JD 100 64.61 -53.72 98.44
N ARG JD 101 63.62 -53.71 99.36
CA ARG JD 101 63.50 -52.58 100.29
C ARG JD 101 64.76 -52.43 101.14
N GLN JD 102 65.28 -53.54 101.64
CA GLN JD 102 66.45 -53.45 102.50
C GLN JD 102 67.68 -52.98 101.72
N THR JD 103 67.87 -53.48 100.50
CA THR JD 103 69.00 -53.00 99.70
C THR JD 103 68.86 -51.52 99.40
N LEU JD 104 67.63 -51.01 99.25
CA LEU JD 104 67.47 -49.57 99.03
C LEU JD 104 67.89 -48.79 100.27
N ILE JD 105 67.51 -49.26 101.45
CA ILE JD 105 67.98 -48.61 102.68
C ILE JD 105 69.50 -48.58 102.71
N ALA JD 106 70.13 -49.72 102.41
CA ALA JD 106 71.58 -49.81 102.41
C ALA JD 106 72.20 -48.79 101.45
N TRP JD 107 71.66 -48.72 100.24
CA TRP JD 107 72.17 -47.77 99.26
C TRP JD 107 72.04 -46.34 99.76
N LEU JD 108 70.87 -46.00 100.32
CA LEU JD 108 70.64 -44.65 100.82
C LEU JD 108 71.61 -44.27 101.92
N GLY JD 109 72.17 -45.27 102.61
CA GLY JD 109 73.20 -45.01 103.60
C GLY JD 109 74.58 -44.70 103.01
N GLN JD 110 74.84 -45.17 101.80
CA GLN JD 110 76.18 -45.14 101.22
C GLN JD 110 76.64 -43.72 100.93
N GLN JD 111 77.96 -43.55 100.87
CA GLN JD 111 78.50 -42.22 100.59
C GLN JD 111 78.32 -41.84 99.13
N CYS JD 112 78.39 -42.80 98.21
CA CYS JD 112 78.16 -42.47 96.80
C CYS JD 112 76.77 -41.95 96.55
N VAL JD 113 75.83 -42.22 97.45
CA VAL JD 113 74.49 -41.67 97.37
C VAL JD 113 74.37 -40.39 98.19
N SER JD 114 74.99 -40.35 99.37
CA SER JD 114 74.83 -39.19 100.24
C SER JD 114 75.53 -37.96 99.67
N ASP JD 115 76.72 -38.13 99.11
CA ASP JD 115 77.48 -36.98 98.61
C ASP JD 115 76.72 -36.17 97.56
N PRO JD 116 76.12 -36.76 96.52
CA PRO JD 116 75.32 -35.94 95.61
C PRO JD 116 74.03 -35.42 96.23
N VAL JD 117 73.34 -36.26 97.00
CA VAL JD 117 72.09 -35.83 97.63
C VAL JD 117 72.36 -34.71 98.64
N ASP JD 118 73.27 -34.95 99.58
CA ASP JD 118 73.46 -34.01 100.68
C ASP JD 118 74.15 -32.73 100.23
N SER JD 119 75.23 -32.85 99.45
CA SER JD 119 76.09 -31.72 99.16
C SER JD 119 76.11 -31.30 97.70
N GLY JD 120 75.45 -32.04 96.81
CA GLY JD 120 75.42 -31.68 95.41
C GLY JD 120 76.69 -31.98 94.64
N LEU JD 121 77.62 -32.72 95.23
CA LEU JD 121 78.84 -33.13 94.54
C LEU JD 121 78.62 -34.45 93.84
N ASN JD 122 79.00 -34.54 92.57
CA ASN JD 122 78.89 -35.79 91.86
C ASN JD 122 80.09 -36.69 92.15
N ASN JD 123 79.93 -37.96 91.82
CA ASN JD 123 80.99 -38.93 92.04
C ASN JD 123 81.91 -38.99 90.83
N TYR JD 124 83.08 -39.60 91.04
CA TYR JD 124 84.12 -39.68 90.01
C TYR JD 124 85.00 -40.94 90.15
N MET KD 1 33.35 52.68 117.47
CA MET KD 1 33.04 52.56 118.90
C MET KD 1 32.74 51.11 119.28
N ARG KD 2 33.27 50.67 120.42
CA ARG KD 2 32.89 49.36 120.95
C ARG KD 2 31.42 49.38 121.35
N LEU KD 3 30.61 48.58 120.66
CA LEU KD 3 29.17 48.63 120.85
C LEU KD 3 28.79 48.20 122.25
N THR KD 4 27.77 48.87 122.78
CA THR KD 4 27.17 48.50 124.06
C THR KD 4 25.69 48.74 123.95
N ASP KD 5 24.91 48.05 124.79
CA ASP KD 5 23.48 48.31 124.85
C ASP KD 5 23.25 49.80 125.05
N VAL KD 6 22.13 50.30 124.54
CA VAL KD 6 21.91 51.74 124.45
C VAL KD 6 20.60 52.07 125.16
N ASP KD 7 20.61 53.15 125.93
CA ASP KD 7 19.41 53.66 126.55
C ASP KD 7 19.17 55.08 126.06
N LEU KD 8 18.01 55.30 125.44
CA LEU KD 8 17.65 56.57 124.84
C LEU KD 8 16.60 57.25 125.69
N THR KD 9 16.74 58.56 125.85
CA THR KD 9 15.70 59.36 126.48
C THR KD 9 14.80 59.89 125.37
N VAL KD 10 13.53 59.53 125.40
CA VAL KD 10 12.59 59.82 124.33
C VAL KD 10 11.42 60.59 124.93
N GLY KD 11 11.37 61.89 124.67
CA GLY KD 11 10.36 62.72 125.28
C GLY KD 11 10.42 62.59 126.78
N GLU KD 12 9.41 61.97 127.38
CA GLU KD 12 9.36 61.82 128.82
C GLU KD 12 9.41 60.36 129.25
N GLU KD 13 9.89 59.49 128.37
CA GLU KD 13 10.05 58.07 128.67
C GLU KD 13 11.49 57.68 128.37
N THR KD 14 11.87 56.48 128.78
CA THR KD 14 13.20 55.95 128.48
C THR KD 14 13.07 54.63 127.76
N ARG KD 15 13.73 54.52 126.61
CA ARG KD 15 13.67 53.37 125.73
C ARG KD 15 15.01 52.64 125.76
N GLU KD 16 14.97 51.33 125.95
CA GLU KD 16 16.18 50.53 126.13
C GLU KD 16 16.33 49.56 124.96
N TYR KD 17 17.46 49.64 124.27
CA TYR KD 17 17.81 48.77 123.17
C TYR KD 17 19.02 47.92 123.54
N ALA KD 18 19.08 46.74 122.93
CA ALA KD 18 20.19 45.80 123.12
C ALA KD 18 20.76 45.40 121.76
N VAL KD 19 22.08 45.19 121.74
CA VAL KD 19 22.75 44.81 120.51
C VAL KD 19 22.26 43.45 120.06
N SER KD 20 21.80 43.36 118.80
CA SER KD 20 21.35 42.12 118.21
C SER KD 20 22.34 41.50 117.23
N GLU KD 21 23.01 42.32 116.40
CA GLU KD 21 24.12 41.76 115.62
C GLU KD 21 25.04 42.89 115.19
N GLN KD 22 26.31 42.55 114.98
CA GLN KD 22 27.30 43.51 114.51
C GLN KD 22 28.17 42.85 113.44
N GLN KD 23 28.20 43.46 112.27
CA GLN KD 23 29.05 43.04 111.16
C GLN KD 23 30.11 44.12 110.95
N GLY KD 24 30.90 43.95 109.89
CA GLY KD 24 31.98 44.87 109.64
C GLY KD 24 31.48 46.29 109.43
N THR KD 25 30.43 46.44 108.62
CA THR KD 25 29.87 47.75 108.30
C THR KD 25 28.39 47.85 108.62
N LEU KD 26 27.87 46.95 109.46
CA LEU KD 26 26.45 46.92 109.78
C LEU KD 26 26.25 46.54 111.24
N PHE KD 27 25.23 47.13 111.87
CA PHE KD 27 24.81 46.69 113.19
C PHE KD 27 23.31 46.84 113.34
N ARG KD 28 22.78 46.13 114.34
CA ARG KD 28 21.35 46.09 114.61
C ARG KD 28 21.11 45.96 116.10
N PHE KD 29 20.27 46.85 116.61
CA PHE KD 29 19.72 46.85 117.96
C PHE KD 29 18.24 46.45 117.93
N VAL KD 30 17.80 45.88 119.06
CA VAL KD 30 16.41 45.50 119.26
C VAL KD 30 15.91 46.15 120.55
N ASP KD 31 14.63 46.59 120.54
CA ASP KD 31 14.01 47.16 121.74
C ASP KD 31 13.83 46.06 122.78
N LYS KD 32 14.37 46.29 123.98
CA LYS KD 32 14.28 45.30 125.06
C LYS KD 32 12.85 45.04 125.50
N SER KD 33 11.88 45.86 125.06
CA SER KD 33 10.49 45.64 125.39
C SER KD 33 9.92 44.38 124.76
N GLY KD 34 10.61 43.80 123.77
CA GLY KD 34 10.03 42.81 122.91
C GLY KD 34 10.72 41.45 122.94
N THR KD 35 10.06 40.49 122.32
CA THR KD 35 10.51 39.11 122.15
C THR KD 35 10.84 38.86 120.68
N VAL KD 36 11.57 37.78 120.44
CA VAL KD 36 11.61 37.20 119.10
C VAL KD 36 10.19 37.08 118.55
N ALA KD 37 9.30 36.51 119.37
CA ALA KD 37 7.90 36.34 118.97
C ALA KD 37 7.23 37.69 118.68
N ASN KD 38 7.14 38.53 119.70
CA ASN KD 38 6.51 39.84 119.55
C ASN KD 38 7.59 40.91 119.65
N ASN KD 39 7.78 41.65 118.56
CA ASN KD 39 8.81 42.67 118.49
C ASN KD 39 8.22 44.06 118.73
N THR KD 40 8.94 44.88 119.49
CA THR KD 40 8.52 46.23 119.80
C THR KD 40 9.29 47.31 119.06
N GLY KD 41 10.47 47.00 118.53
CA GLY KD 41 11.25 48.00 117.83
C GLY KD 41 12.58 47.49 117.33
N VAL KD 42 13.06 48.02 116.21
CA VAL KD 42 14.34 47.61 115.65
C VAL KD 42 15.04 48.83 115.09
N PHE KD 43 16.38 48.82 115.19
CA PHE KD 43 17.20 49.85 114.59
C PHE KD 43 18.38 49.19 113.91
N SER KD 44 18.67 49.63 112.69
CA SER KD 44 19.77 49.07 111.91
C SER KD 44 20.52 50.18 111.20
N LEU KD 45 21.84 50.02 111.10
CA LEU KD 45 22.70 51.02 110.45
C LEU KD 45 23.77 50.30 109.63
N GLU KD 46 23.99 50.78 108.40
CA GLU KD 46 24.99 50.21 107.50
C GLU KD 46 25.73 51.32 106.75
N GLN KD 47 27.05 51.18 106.63
CA GLN KD 47 27.86 52.11 105.85
C GLN KD 47 28.39 51.42 104.59
N ARG KD 48 28.39 52.16 103.49
CA ARG KD 48 28.86 51.69 102.19
C ARG KD 48 29.90 52.70 101.71
N PHE KD 49 31.17 52.34 101.87
CA PHE KD 49 32.30 53.11 101.40
C PHE KD 49 32.51 52.82 99.92
N GLY KD 50 32.29 53.83 99.07
CA GLY KD 50 32.41 53.65 97.63
C GLY KD 50 33.85 53.80 97.16
N ALA KD 51 34.00 53.92 95.84
CA ALA KD 51 35.32 54.25 95.29
C ALA KD 51 35.67 55.71 95.59
N ALA KD 52 36.93 56.07 95.29
CA ALA KD 52 37.41 57.41 95.63
C ALA KD 52 36.66 58.50 94.87
N ASN KD 53 36.04 58.17 93.74
CA ASN KD 53 35.16 59.11 93.05
C ASN KD 53 33.73 59.06 93.58
N SER KD 54 33.39 58.04 94.37
CA SER KD 54 32.04 57.87 94.89
C SER KD 54 31.93 58.46 96.30
N ASN KD 55 30.73 58.93 96.62
CA ASN KD 55 30.44 59.35 97.98
C ASN KD 55 30.18 58.13 98.84
N ARG KD 56 30.73 58.12 100.05
CA ARG KD 56 30.34 57.08 100.98
C ARG KD 56 28.94 57.36 101.47
N LYS KD 57 28.21 56.29 101.79
CA LYS KD 57 26.80 56.40 102.14
C LYS KD 57 26.55 55.67 103.45
N VAL KD 58 25.62 56.21 104.24
CA VAL KD 58 25.32 55.65 105.55
C VAL KD 58 23.81 55.64 105.70
N THR KD 59 23.24 54.46 105.97
CA THR KD 59 21.78 54.34 105.99
C THR KD 59 21.30 53.71 107.29
N MET KD 60 20.21 54.27 107.83
CA MET KD 60 19.60 53.84 109.07
C MET KD 60 18.13 53.52 108.80
N LEU KD 61 17.67 52.44 109.44
CA LEU KD 61 16.26 52.07 109.43
C LEU KD 61 15.78 51.85 110.86
N LEU KD 62 14.74 52.59 111.24
CA LEU KD 62 14.09 52.48 112.53
C LEU KD 62 12.67 51.99 112.29
N THR KD 63 12.33 50.85 112.87
CA THR KD 63 11.02 50.25 112.70
C THR KD 63 10.33 50.14 114.05
N ASP KD 64 9.10 50.65 114.12
CA ASP KD 64 8.27 50.60 115.33
C ASP KD 64 6.96 49.90 114.99
N PRO KD 65 6.80 48.65 115.40
CA PRO KD 65 5.51 47.98 115.24
C PRO KD 65 4.63 48.17 116.47
N VAL KD 66 3.33 48.27 116.21
CA VAL KD 66 2.29 48.46 117.23
C VAL KD 66 1.16 47.49 116.92
N VAL KD 67 0.55 46.97 117.96
CA VAL KD 67 -0.65 46.14 117.80
C VAL KD 67 -1.87 47.05 117.83
N VAL KD 68 -2.73 46.89 116.82
CA VAL KD 68 -3.94 47.68 116.66
C VAL KD 68 -5.13 46.75 116.54
N LYS KD 69 -6.28 47.23 116.99
CA LYS KD 69 -7.53 46.50 116.86
C LYS KD 69 -7.98 46.48 115.40
N ASP KD 70 -8.44 45.32 114.96
CA ASP KD 70 -9.01 45.19 113.63
C ASP KD 70 -10.40 45.83 113.59
N ALA KD 71 -10.88 46.10 112.37
CA ALA KD 71 -12.26 46.56 112.22
C ALA KD 71 -13.23 45.49 112.70
N SER KD 72 -12.87 44.21 112.54
CA SER KD 72 -13.62 43.12 113.13
C SER KD 72 -13.34 42.96 114.62
N GLY KD 73 -12.15 43.38 115.06
CA GLY KD 73 -11.74 43.26 116.46
C GLY KD 73 -10.50 42.42 116.68
N ALA KD 74 -10.03 41.70 115.66
CA ALA KD 74 -8.85 40.87 115.81
C ALA KD 74 -7.62 41.70 116.13
N ASP KD 75 -6.60 41.04 116.68
CA ASP KD 75 -5.32 41.67 116.96
C ASP KD 75 -4.47 41.67 115.70
N MET KD 76 -3.96 42.84 115.32
CA MET KD 76 -3.21 42.96 114.08
C MET KD 76 -1.98 43.83 114.32
N THR KD 77 -0.83 43.42 113.79
CA THR KD 77 0.41 44.17 114.01
C THR KD 77 0.73 45.03 112.79
N ILE KD 78 1.03 46.31 113.05
CA ILE KD 78 1.25 47.31 112.01
C ILE KD 78 2.58 48.00 112.30
N LYS KD 79 3.43 48.08 111.29
CA LYS KD 79 4.75 48.68 111.44
C LYS KD 79 4.76 50.07 110.81
N ALA KD 80 5.53 50.98 111.43
CA ALA KD 80 5.83 52.29 110.89
C ALA KD 80 7.34 52.42 110.75
N ASN KD 81 7.80 52.93 109.61
CA ASN KD 81 9.21 52.94 109.28
C ASN KD 81 9.72 54.35 109.17
N ALA KD 82 10.96 54.56 109.58
CA ALA KD 82 11.67 55.80 109.31
C ALA KD 82 13.07 55.44 108.85
N SER KD 83 13.53 56.08 107.78
CA SER KD 83 14.83 55.74 107.21
C SER KD 83 15.61 57.01 106.91
N VAL KD 84 16.87 57.03 107.32
CA VAL KD 84 17.75 58.16 107.08
C VAL KD 84 18.90 57.68 106.20
N THR KD 85 19.37 58.55 105.31
CA THR KD 85 20.51 58.25 104.44
C THR KD 85 21.39 59.48 104.34
N PHE KD 86 22.65 59.33 104.75
CA PHE KD 86 23.68 60.36 104.64
C PHE KD 86 24.54 60.05 103.43
N SER KD 87 24.53 60.95 102.45
CA SER KD 87 25.45 60.89 101.32
C SER KD 87 26.56 61.89 101.57
N LEU KD 88 27.76 61.37 101.83
CA LEU KD 88 28.91 62.16 102.25
C LEU KD 88 30.06 61.95 101.27
N PRO KD 89 30.39 62.95 100.47
CA PRO KD 89 31.58 62.87 99.61
C PRO KD 89 32.85 62.82 100.43
N LYS KD 90 33.87 62.24 99.83
CA LYS KD 90 35.14 62.00 100.53
C LYS KD 90 36.07 63.20 100.48
N THR KD 91 35.64 64.31 99.88
CA THR KD 91 36.33 65.59 99.98
C THR KD 91 35.64 66.52 100.95
N TYR KD 92 34.52 66.10 101.53
CA TYR KD 92 33.76 66.88 102.49
C TYR KD 92 34.36 66.72 103.89
N PRO KD 93 34.53 67.79 104.65
CA PRO KD 93 35.21 67.67 105.94
C PRO KD 93 34.32 67.11 107.05
N ASN KD 94 34.95 66.32 107.91
CA ASN KD 94 34.23 65.63 108.98
C ASN KD 94 33.51 66.61 109.89
N GLU KD 95 34.12 67.78 110.14
CA GLU KD 95 33.46 68.80 110.95
C GLU KD 95 32.09 69.13 110.39
N HIS KD 96 32.02 69.44 109.10
CA HIS KD 96 30.74 69.81 108.50
C HIS KD 96 29.80 68.64 108.42
N ILE KD 97 30.30 67.40 108.37
CA ILE KD 97 29.40 66.26 108.51
C ILE KD 97 28.70 66.27 109.88
N THR KD 98 29.49 66.51 110.93
CA THR KD 98 28.88 66.61 112.27
C THR KD 98 27.86 67.74 112.32
N LYS KD 99 28.22 68.90 111.75
CA LYS KD 99 27.29 70.03 111.65
C LYS KD 99 25.99 69.60 110.98
N LEU KD 100 26.11 68.86 109.87
CA LEU KD 100 24.94 68.39 109.13
C LEU KD 100 24.06 67.50 110.00
N ARG KD 101 24.68 66.52 110.68
CA ARG KD 101 23.89 65.61 111.52
C ARG KD 101 23.16 66.38 112.61
N GLN KD 102 23.82 67.35 113.23
CA GLN KD 102 23.17 68.08 114.30
C GLN KD 102 22.04 68.97 113.77
N THR KD 103 22.24 69.62 112.62
CA THR KD 103 21.14 70.40 112.03
C THR KD 103 19.97 69.51 111.68
N LEU KD 104 20.22 68.27 111.27
CA LEU KD 104 19.13 67.34 111.00
C LEU KD 104 18.37 67.03 112.28
N ILE KD 105 19.08 66.79 113.38
CA ILE KD 105 18.40 66.55 114.65
C ILE KD 105 17.52 67.74 115.02
N ALA KD 106 18.07 68.95 114.88
CA ALA KD 106 17.31 70.15 115.19
C ALA KD 106 16.07 70.27 114.32
N TRP KD 107 16.21 69.99 113.03
CA TRP KD 107 15.06 70.05 112.13
C TRP KD 107 14.00 69.05 112.52
N LEU KD 108 14.41 67.81 112.84
CA LEU KD 108 13.47 66.80 113.26
C LEU KD 108 12.75 67.18 114.54
N GLY KD 109 13.34 68.08 115.32
CA GLY KD 109 12.66 68.64 116.48
C GLY KD 109 11.57 69.64 116.16
N GLN KD 110 11.68 70.31 115.01
CA GLN KD 110 10.85 71.49 114.72
C GLN KD 110 9.38 71.11 114.56
N GLN KD 111 8.52 72.10 114.81
CA GLN KD 111 7.09 71.87 114.66
C GLN KD 111 6.69 71.74 113.19
N CYS KD 112 7.36 72.49 112.31
CA CYS KD 112 7.03 72.42 110.89
C CYS KD 112 7.38 71.07 110.29
N VAL KD 113 8.29 70.32 110.92
CA VAL KD 113 8.53 68.94 110.55
C VAL KD 113 7.60 68.01 111.33
N SER KD 114 7.27 68.36 112.57
CA SER KD 114 6.45 67.48 113.41
C SER KD 114 5.03 67.35 112.88
N ASP KD 115 4.40 68.47 112.49
CA ASP KD 115 2.99 68.43 112.09
C ASP KD 115 2.72 67.48 110.94
N PRO KD 116 3.43 67.53 109.80
CA PRO KD 116 3.15 66.54 108.74
C PRO KD 116 3.49 65.12 109.16
N VAL KD 117 4.63 64.92 109.81
CA VAL KD 117 5.03 63.57 110.23
C VAL KD 117 4.05 63.02 111.25
N ASP KD 118 3.89 63.72 112.38
CA ASP KD 118 3.14 63.15 113.50
C ASP KD 118 1.65 63.06 113.19
N SER KD 119 1.08 64.08 112.57
CA SER KD 119 -0.38 64.17 112.44
C SER KD 119 -0.88 64.24 111.00
N GLY KD 120 -0.01 64.48 110.02
CA GLY KD 120 -0.43 64.56 108.64
C GLY KD 120 -0.85 65.94 108.17
N LEU KD 121 -0.86 66.93 109.05
CA LEU KD 121 -1.19 68.28 108.65
C LEU KD 121 -0.03 68.91 107.89
N ASN KD 122 -0.32 69.50 106.74
CA ASN KD 122 0.69 70.27 106.04
C ASN KD 122 0.79 71.69 106.61
N ASN KD 123 1.95 72.31 106.39
CA ASN KD 123 2.13 73.68 106.84
C ASN KD 123 1.64 74.64 105.76
N TYR KD 124 1.37 75.87 106.18
CA TYR KD 124 0.79 76.86 105.27
C TYR KD 124 1.43 78.24 105.42
N MET LD 1 43.87 38.96 119.21
CA MET LD 1 43.91 39.93 120.31
C MET LD 1 42.65 40.77 120.33
N ARG LD 2 42.40 41.44 121.45
CA ARG LD 2 41.28 42.36 121.56
C ARG LD 2 41.72 43.73 121.03
N LEU LD 3 41.16 44.12 119.89
CA LEU LD 3 41.56 45.34 119.21
C LEU LD 3 41.36 46.57 120.08
N THR LD 4 42.42 47.38 120.17
CA THR LD 4 42.40 48.64 120.86
C THR LD 4 43.10 49.66 119.97
N ASP LD 5 42.69 50.92 120.08
CA ASP LD 5 43.35 51.98 119.32
C ASP LD 5 44.86 51.92 119.55
N VAL LD 6 45.63 52.22 118.52
CA VAL LD 6 47.06 51.94 118.54
C VAL LD 6 47.81 53.26 118.35
N ASP LD 7 48.93 53.40 119.06
CA ASP LD 7 49.81 54.53 118.87
C ASP LD 7 51.21 54.02 118.51
N LEU LD 8 51.68 54.46 117.35
CA LEU LD 8 52.94 54.00 116.77
C LEU LD 8 53.98 55.09 116.91
N THR LD 9 55.18 54.70 117.34
CA THR LD 9 56.30 55.61 117.40
C THR LD 9 57.01 55.52 116.05
N VAL LD 10 56.94 56.60 115.27
CA VAL LD 10 57.42 56.64 113.90
C VAL LD 10 58.54 57.66 113.84
N GLY LD 11 59.78 57.18 113.86
CA GLY LD 11 60.91 58.08 113.93
C GLY LD 11 60.84 58.92 115.18
N GLU LD 12 60.61 60.22 115.02
CA GLU LD 12 60.51 61.12 116.17
C GLU LD 12 59.11 61.67 116.34
N GLU LD 13 58.12 61.01 115.73
CA GLU LD 13 56.75 61.47 115.80
C GLU LD 13 55.90 60.31 116.33
N THR LD 14 54.65 60.60 116.68
CA THR LD 14 53.73 59.56 117.12
C THR LD 14 52.48 59.62 116.26
N ARG LD 15 52.20 58.52 115.56
CA ARG LD 15 50.98 58.35 114.79
C ARG LD 15 49.94 57.66 115.65
N GLU LD 16 48.68 58.08 115.53
CA GLU LD 16 47.61 57.58 116.39
C GLU LD 16 46.45 57.09 115.56
N TYR LD 17 46.24 55.78 115.54
CA TYR LD 17 45.21 55.13 114.75
C TYR LD 17 44.08 54.66 115.65
N ALA LD 18 42.87 54.71 115.11
CA ALA LD 18 41.65 54.25 115.76
C ALA LD 18 41.02 53.13 114.96
N VAL LD 19 40.45 52.14 115.68
CA VAL LD 19 39.79 51.03 115.01
C VAL LD 19 38.62 51.54 114.20
N SER LD 20 38.59 51.19 112.92
CA SER LD 20 37.52 51.62 112.01
C SER LD 20 36.62 50.50 111.54
N GLU LD 21 37.10 49.26 111.43
CA GLU LD 21 36.16 48.16 111.28
C GLU LD 21 36.81 46.85 111.67
N GLN LD 22 35.98 45.92 112.17
CA GLN LD 22 36.41 44.58 112.54
C GLN LD 22 35.42 43.58 111.95
N GLN LD 23 35.89 42.72 111.05
CA GLN LD 23 35.10 41.64 110.51
C GLN LD 23 35.61 40.33 111.09
N GLY LD 24 35.25 39.22 110.45
CA GLY LD 24 35.72 37.94 110.91
C GLY LD 24 37.23 37.84 110.83
N THR LD 25 37.76 37.98 109.61
CA THR LD 25 39.18 37.82 109.34
C THR LD 25 39.85 39.12 108.91
N LEU LD 26 39.14 40.24 108.99
CA LEU LD 26 39.63 41.51 108.48
C LEU LD 26 39.44 42.60 109.53
N PHE LD 27 40.41 43.52 109.61
CA PHE LD 27 40.29 44.71 110.44
C PHE LD 27 40.90 45.90 109.72
N ARG LD 28 40.54 47.09 110.20
CA ARG LD 28 40.96 48.33 109.59
C ARG LD 28 41.06 49.42 110.65
N PHE LD 29 42.23 50.04 110.73
CA PHE LD 29 42.52 51.22 111.53
C PHE LD 29 42.59 52.46 110.64
N VAL LD 30 42.48 53.61 111.28
CA VAL LD 30 42.38 54.89 110.58
C VAL LD 30 43.17 55.94 111.37
N ASP LD 31 43.94 56.77 110.65
CA ASP LD 31 44.72 57.82 111.31
C ASP LD 31 43.80 58.85 111.96
N LYS LD 32 43.90 58.97 113.29
CA LYS LD 32 43.03 59.88 114.03
C LYS LD 32 43.19 61.32 113.56
N SER LD 33 44.39 61.68 113.12
CA SER LD 33 44.72 63.04 112.72
C SER LD 33 44.08 63.45 111.40
N GLY LD 34 43.20 62.62 110.84
CA GLY LD 34 42.60 62.94 109.55
C GLY LD 34 41.44 63.91 109.72
N THR LD 35 41.39 64.91 108.84
CA THR LD 35 40.30 65.88 108.83
C THR LD 35 39.22 65.53 107.83
N VAL LD 36 39.62 64.99 106.68
CA VAL LD 36 38.70 64.61 105.62
C VAL LD 36 38.96 63.14 105.29
N ALA LD 37 37.97 62.51 104.66
CA ALA LD 37 38.15 61.14 104.19
C ALA LD 37 39.41 60.99 103.34
N ASN LD 38 39.57 61.86 102.34
CA ASN LD 38 40.74 61.80 101.48
C ASN LD 38 42.01 62.21 102.22
N ASN LD 39 41.90 63.10 103.19
CA ASN LD 39 43.03 63.46 104.03
C ASN LD 39 43.54 62.26 104.84
N THR LD 40 42.66 61.30 105.12
CA THR LD 40 42.88 60.33 106.19
C THR LD 40 43.65 59.11 105.71
N GLY LD 41 44.78 58.82 106.38
CA GLY LD 41 45.49 57.58 106.13
C GLY LD 41 44.80 56.40 106.78
N VAL LD 42 45.06 55.21 106.23
CA VAL LD 42 44.39 54.01 106.70
C VAL LD 42 45.34 52.81 106.67
N PHE LD 43 44.98 51.80 107.46
CA PHE LD 43 45.73 50.54 107.49
C PHE LD 43 44.75 49.40 107.67
N SER LD 44 44.89 48.39 106.82
CA SER LD 44 43.96 47.28 106.81
C SER LD 44 44.72 45.97 106.72
N LEU LD 45 44.15 44.93 107.35
CA LEU LD 45 44.76 43.60 107.35
C LEU LD 45 43.67 42.54 107.24
N GLU LD 46 43.96 41.49 106.47
CA GLU LD 46 43.01 40.41 106.23
C GLU LD 46 43.77 39.10 106.14
N GLN LD 47 43.25 38.07 106.80
CA GLN LD 47 43.80 36.72 106.69
C GLN LD 47 42.86 35.84 105.89
N ARG LD 48 43.43 35.06 104.98
CA ARG LD 48 42.72 34.11 104.15
C ARG LD 48 43.33 32.74 104.46
N PHE LD 49 42.63 31.98 105.30
CA PHE LD 49 43.02 30.63 105.66
C PHE LD 49 42.56 29.67 104.57
N GLY LD 50 43.47 28.91 104.00
CA GLY LD 50 43.15 28.01 102.91
C GLY LD 50 42.78 26.61 103.38
N ALA LD 51 42.64 25.71 102.41
CA ALA LD 51 42.48 24.30 102.73
C ALA LD 51 43.79 23.75 103.30
N ALA LD 52 43.77 22.47 103.71
CA ALA LD 52 44.95 21.89 104.34
C ALA LD 52 46.12 21.76 103.37
N ASN LD 53 45.85 21.66 102.07
CA ASN LD 53 46.91 21.66 101.08
C ASN LD 53 47.37 23.06 100.71
N SER LD 54 46.64 24.08 101.14
CA SER LD 54 46.98 25.46 100.82
C SER LD 54 47.83 26.08 101.93
N ASN LD 55 48.39 27.24 101.61
CA ASN LD 55 49.06 28.08 102.59
C ASN LD 55 48.08 29.18 103.01
N ARG LD 56 48.07 29.50 104.30
CA ARG LD 56 47.30 30.66 104.71
C ARG LD 56 48.04 31.92 104.28
N LYS LD 57 47.30 32.95 103.95
CA LYS LD 57 47.86 34.20 103.46
C LYS LD 57 47.36 35.35 104.30
N VAL LD 58 48.26 36.24 104.70
CA VAL LD 58 47.89 37.45 105.43
C VAL LD 58 48.34 38.64 104.62
N THR LD 59 47.44 39.58 104.39
CA THR LD 59 47.74 40.75 103.58
C THR LD 59 47.44 42.02 104.37
N MET LD 60 48.28 43.03 104.16
CA MET LD 60 48.15 44.33 104.78
C MET LD 60 48.31 45.41 103.73
N LEU LD 61 47.49 46.44 103.85
CA LEU LD 61 47.59 47.63 103.02
C LEU LD 61 47.67 48.87 103.91
N LEU LD 62 48.68 49.69 103.66
CA LEU LD 62 48.90 50.96 104.35
C LEU LD 62 48.82 52.07 103.31
N THR LD 63 47.90 53.01 103.53
CA THR LD 63 47.68 54.11 102.60
C THR LD 63 47.92 55.43 103.33
N ASP LD 64 48.82 56.25 102.76
CA ASP LD 64 49.19 57.55 103.35
C ASP LD 64 49.01 58.64 102.31
N PRO LD 65 47.87 59.31 102.28
CA PRO LD 65 47.68 60.44 101.37
C PRO LD 65 48.28 61.73 101.93
N VAL LD 66 48.64 62.62 101.01
CA VAL LD 66 49.22 63.94 101.32
C VAL LD 66 48.62 64.96 100.37
N VAL LD 67 48.51 66.21 100.82
CA VAL LD 67 47.98 67.29 100.00
C VAL LD 67 49.12 68.02 99.29
N VAL LD 68 49.00 68.15 97.97
CA VAL LD 68 49.97 68.88 97.15
C VAL LD 68 49.28 70.02 96.41
N MET LD 76 45.23 69.30 95.24
CA MET LD 76 45.15 67.87 94.95
C MET LD 76 45.76 67.02 96.09
N THR LD 77 45.17 65.85 96.33
CA THR LD 77 45.68 64.89 97.32
C THR LD 77 46.17 63.63 96.60
N ILE LD 78 47.39 63.22 96.95
CA ILE LD 78 48.11 62.13 96.29
C ILE LD 78 48.30 61.02 97.31
N LYS LD 79 48.02 59.78 96.91
CA LYS LD 79 48.07 58.63 97.81
C LYS LD 79 49.22 57.70 97.44
N ALA LD 80 49.95 57.24 98.46
CA ALA LD 80 51.00 56.24 98.30
C ALA LD 80 50.68 55.02 99.15
N ASN LD 81 51.00 53.83 98.60
CA ASN LD 81 50.58 52.58 99.23
C ASN LD 81 51.79 51.71 99.53
N ALA LD 82 51.73 51.04 100.68
CA ALA LD 82 52.60 49.92 100.97
C ALA LD 82 51.73 48.70 101.21
N SER LD 83 52.12 47.57 100.64
CA SER LD 83 51.32 46.35 100.81
C SER LD 83 52.25 45.20 101.13
N VAL LD 84 51.96 44.51 102.23
CA VAL LD 84 52.74 43.35 102.66
C VAL LD 84 51.85 42.13 102.55
N THR LD 85 52.45 40.99 102.17
CA THR LD 85 51.73 39.73 102.07
C THR LD 85 52.63 38.60 102.59
N PHE LD 86 52.13 37.88 103.59
CA PHE LD 86 52.81 36.74 104.18
C PHE LD 86 52.13 35.48 103.68
N SER LD 87 52.89 34.64 102.95
CA SER LD 87 52.42 33.33 102.54
C SER LD 87 53.07 32.31 103.46
N LEU LD 88 52.24 31.66 104.27
CA LEU LD 88 52.71 30.79 105.35
C LEU LD 88 52.09 29.41 105.21
N PRO LD 89 52.88 28.39 104.90
CA PRO LD 89 52.37 27.02 104.91
C PRO LD 89 52.03 26.59 106.32
N LYS LD 90 51.02 25.71 106.42
CA LYS LD 90 50.54 25.35 107.74
C LYS LD 90 51.56 24.54 108.52
N THR LD 91 52.26 23.62 107.85
CA THR LD 91 53.29 22.82 108.50
C THR LD 91 54.46 23.65 109.00
N TYR LD 92 54.61 24.89 108.49
CA TYR LD 92 55.72 25.76 108.88
C TYR LD 92 55.56 26.21 110.33
N PRO LD 93 56.62 26.22 111.14
CA PRO LD 93 56.46 26.43 112.58
C PRO LD 93 56.29 27.90 112.97
N ASN LD 94 55.37 28.12 113.92
CA ASN LD 94 55.03 29.47 114.34
C ASN LD 94 56.25 30.25 114.81
N GLU LD 95 57.21 29.58 115.44
CA GLU LD 95 58.41 30.27 115.89
C GLU LD 95 59.17 30.87 114.71
N HIS LD 96 59.43 30.08 113.67
CA HIS LD 96 60.11 30.60 112.49
C HIS LD 96 59.29 31.66 111.77
N ILE LD 97 57.96 31.64 111.90
CA ILE LD 97 57.17 32.75 111.34
C ILE LD 97 57.47 34.05 112.09
N THR LD 98 57.46 34.01 113.43
CA THR LD 98 57.81 35.21 114.20
C THR LD 98 59.18 35.71 113.76
N LYS LD 99 60.12 34.79 113.58
CA LYS LD 99 61.45 35.16 113.05
C LYS LD 99 61.35 35.89 111.72
N LEU LD 100 60.60 35.33 110.78
CA LEU LD 100 60.46 35.95 109.46
C LEU LD 100 59.95 37.38 109.57
N ARG LD 101 58.89 37.59 110.34
CA ARG LD 101 58.33 38.93 110.51
C ARG LD 101 59.39 39.90 111.05
N GLN LD 102 60.11 39.47 112.10
CA GLN LD 102 61.09 40.37 112.70
C GLN LD 102 62.21 40.71 111.71
N THR LD 103 62.68 39.74 110.92
CA THR LD 103 63.73 40.03 109.95
C THR LD 103 63.24 40.94 108.84
N LEU LD 104 61.95 40.86 108.47
CA LEU LD 104 61.43 41.83 107.51
C LEU LD 104 61.46 43.24 108.09
N ILE LD 105 61.08 43.39 109.36
CA ILE LD 105 61.22 44.70 110.01
C ILE LD 105 62.65 45.20 109.93
N ALA LD 106 63.60 44.34 110.29
CA ALA LD 106 65.01 44.71 110.26
C ALA LD 106 65.44 45.16 108.86
N TRP LD 107 65.01 44.41 107.84
CA TRP LD 107 65.35 44.75 106.46
C TRP LD 107 64.80 46.11 106.09
N LEU LD 108 63.53 46.35 106.37
CA LEU LD 108 62.90 47.65 106.10
C LEU LD 108 63.60 48.78 106.82
N GLY LD 109 64.37 48.48 107.86
CA GLY LD 109 65.23 49.48 108.48
C GLY LD 109 66.44 49.92 107.68
N GLN LD 110 67.00 49.01 106.87
CA GLN LD 110 68.33 49.19 106.32
C GLN LD 110 68.39 50.24 105.22
N GLN LD 111 69.61 50.75 104.99
CA GLN LD 111 69.80 51.78 103.97
C GLN LD 111 69.55 51.23 102.57
N CYS LD 112 70.01 50.01 102.31
CA CYS LD 112 69.83 49.44 100.98
C CYS LD 112 68.36 49.32 100.60
N VAL LD 113 67.46 49.38 101.58
CA VAL LD 113 66.03 49.42 101.33
C VAL LD 113 65.49 50.84 101.33
N SER LD 114 65.96 51.68 102.25
CA SER LD 114 65.43 53.04 102.34
C SER LD 114 65.80 53.86 101.12
N ASP LD 115 67.03 53.73 100.61
CA ASP LD 115 67.47 54.54 99.49
C ASP LD 115 66.57 54.38 98.24
N PRO LD 116 66.23 53.16 97.81
CA PRO LD 116 65.27 53.08 96.68
C PRO LD 116 63.86 53.46 97.06
N VAL LD 117 63.36 53.00 98.22
CA VAL LD 117 61.99 53.34 98.62
C VAL LD 117 61.86 54.84 98.83
N ASP LD 118 62.66 55.40 99.73
CA ASP LD 118 62.46 56.80 100.12
C ASP LD 118 62.74 57.75 98.97
N SER LD 119 63.92 57.66 98.36
CA SER LD 119 64.35 58.66 97.39
C SER LD 119 64.56 58.12 95.98
N GLY LD 120 64.50 56.81 95.78
CA GLY LD 120 64.67 56.26 94.45
C GLY LD 120 66.08 55.93 94.05
N LEU LD 121 67.05 56.05 94.95
CA LEU LD 121 68.42 55.67 94.65
C LEU LD 121 68.53 54.15 94.64
N ASN LD 122 68.99 53.59 93.52
CA ASN LD 122 69.30 52.17 93.53
C ASN LD 122 70.68 51.93 94.13
N ASN LD 123 70.92 50.69 94.52
CA ASN LD 123 72.20 50.35 95.10
C ASN LD 123 73.17 49.91 94.02
N TYR LD 124 74.43 50.21 94.25
CA TYR LD 124 75.46 49.98 93.25
C TYR LD 124 76.72 49.46 93.87
N MET MD 1 25.82 39.05 123.68
CA MET MD 1 26.96 39.03 124.59
C MET MD 1 28.19 39.61 123.92
N ARG MD 2 28.97 40.39 124.67
CA ARG MD 2 30.28 40.87 124.20
C ARG MD 2 31.27 39.70 124.22
N LEU MD 3 31.61 39.19 123.06
CA LEU MD 3 32.41 37.98 122.98
C LEU MD 3 33.81 38.24 123.51
N THR MD 4 34.26 37.37 124.42
CA THR MD 4 35.64 37.34 124.87
C THR MD 4 36.03 35.89 125.08
N ASP MD 5 37.35 35.66 125.21
CA ASP MD 5 37.87 34.33 125.44
C ASP MD 5 37.17 33.70 126.64
N VAL MD 6 37.02 32.38 126.60
CA VAL MD 6 36.37 31.68 127.70
C VAL MD 6 37.23 30.50 128.13
N ASP MD 7 37.05 30.11 129.38
CA ASP MD 7 37.65 28.91 129.96
C ASP MD 7 36.53 28.02 130.46
N LEU MD 8 36.58 26.75 130.09
CA LEU MD 8 35.56 25.78 130.42
C LEU MD 8 36.07 24.80 131.46
N THR MD 9 35.21 24.46 132.40
CA THR MD 9 35.50 23.44 133.39
C THR MD 9 35.02 22.10 132.83
N VAL MD 10 35.94 21.18 132.58
CA VAL MD 10 35.64 19.92 131.91
C VAL MD 10 36.07 18.79 132.82
N GLY MD 11 35.12 18.21 133.54
CA GLY MD 11 35.44 17.19 134.51
C GLY MD 11 36.42 17.74 135.54
N GLU MD 12 37.65 17.23 135.53
CA GLU MD 12 38.67 17.66 136.47
C GLU MD 12 39.83 18.36 135.77
N GLU MD 13 39.59 18.93 134.59
CA GLU MD 13 40.58 19.72 133.90
C GLU MD 13 39.96 21.04 133.46
N THR MD 14 40.80 21.98 133.06
CA THR MD 14 40.34 23.27 132.56
C THR MD 14 40.78 23.43 131.11
N ARG MD 15 39.83 23.78 130.26
CA ARG MD 15 40.02 23.90 128.83
C ARG MD 15 39.94 25.38 128.46
N GLU MD 16 40.96 25.89 127.78
CA GLU MD 16 41.05 27.32 127.51
C GLU MD 16 40.86 27.58 126.02
N TYR MD 17 39.80 28.30 125.66
CA TYR MD 17 39.56 28.67 124.28
C TYR MD 17 39.83 30.17 124.13
N ALA MD 18 40.09 30.57 122.88
CA ALA MD 18 40.31 31.95 122.51
C ALA MD 18 39.50 32.27 121.26
N VAL MD 19 38.96 33.49 121.21
CA VAL MD 19 38.16 33.89 120.06
C VAL MD 19 39.04 33.90 118.83
N SER MD 20 38.63 33.14 117.80
CA SER MD 20 39.34 33.09 116.54
C SER MD 20 38.67 33.87 115.42
N GLU MD 21 37.35 34.03 115.45
CA GLU MD 21 36.70 35.01 114.57
C GLU MD 21 35.30 35.31 115.09
N GLN MD 22 34.83 36.52 114.81
CA GLN MD 22 33.47 36.92 115.14
C GLN MD 22 32.86 37.66 113.96
N GLN MD 23 31.77 37.11 113.43
CA GLN MD 23 30.98 37.71 112.37
C GLN MD 23 29.59 38.06 112.91
N GLY MD 24 28.74 38.54 112.01
CA GLY MD 24 27.43 39.02 112.45
C GLY MD 24 26.60 37.93 113.07
N THR MD 25 26.52 36.78 112.42
CA THR MD 25 25.71 35.65 112.87
C THR MD 25 26.55 34.43 113.22
N LEU MD 26 27.89 34.54 113.17
CA LEU MD 26 28.78 33.40 113.35
C LEU MD 26 29.94 33.80 114.24
N PHE MD 27 30.43 32.84 115.04
CA PHE MD 27 31.67 33.02 115.78
C PHE MD 27 32.39 31.69 115.90
N ARG MD 28 33.70 31.79 116.18
CA ARG MD 28 34.57 30.64 116.26
C ARG MD 28 35.63 30.86 117.34
N PHE MD 29 35.75 29.87 118.23
CA PHE MD 29 36.79 29.74 119.23
C PHE MD 29 37.76 28.63 118.85
N VAL MD 30 39.00 28.76 119.35
CA VAL MD 30 40.06 27.77 119.13
C VAL MD 30 40.70 27.42 120.47
N ASP MD 31 41.01 26.14 120.67
CA ASP MD 31 41.68 25.70 121.90
C ASP MD 31 43.08 26.28 121.97
N LYS MD 32 43.36 26.98 123.08
CA LYS MD 32 44.63 27.71 123.23
C LYS MD 32 45.85 26.79 123.24
N SER MD 33 45.65 25.49 123.44
CA SER MD 33 46.76 24.53 123.48
C SER MD 33 47.24 24.11 122.10
N GLY MD 34 46.80 24.78 121.02
CA GLY MD 34 47.00 24.30 119.68
C GLY MD 34 47.77 25.27 118.78
N THR MD 35 48.17 24.74 117.62
CA THR MD 35 48.88 25.45 116.58
C THR MD 35 48.12 25.28 115.27
N VAL MD 36 48.41 26.15 114.28
CA VAL MD 36 47.93 25.88 112.94
C VAL MD 36 48.39 24.51 112.48
N ALA MD 37 49.65 24.17 112.78
CA ALA MD 37 50.19 22.88 112.38
C ALA MD 37 49.51 21.74 113.13
N ASN MD 38 49.44 21.83 114.45
CA ASN MD 38 48.79 20.80 115.25
C ASN MD 38 47.63 21.43 116.00
N ASN MD 39 46.43 21.29 115.44
CA ASN MD 39 45.24 21.83 116.07
C ASN MD 39 44.71 20.85 117.11
N THR MD 40 44.10 21.40 118.16
CA THR MD 40 43.66 20.62 119.29
C THR MD 40 42.18 20.74 119.59
N GLY MD 41 41.49 21.71 119.01
CA GLY MD 41 40.07 21.86 119.25
C GLY MD 41 39.52 23.13 118.65
N VAL MD 42 38.30 23.06 118.13
CA VAL MD 42 37.63 24.24 117.60
C VAL MD 42 36.16 24.15 117.97
N PHE MD 43 35.55 25.32 118.16
CA PHE MD 43 34.12 25.42 118.40
C PHE MD 43 33.58 26.56 117.54
N SER MD 44 32.44 26.33 116.90
CA SER MD 44 31.86 27.33 116.04
C SER MD 44 30.35 27.31 116.19
N LEU MD 45 29.73 28.49 116.08
CA LEU MD 45 28.28 28.62 116.22
C LEU MD 45 27.77 29.65 115.22
N GLU MD 46 26.63 29.34 114.62
CA GLU MD 46 25.99 30.21 113.64
C GLU MD 46 24.48 30.20 113.84
N GLN MD 47 23.86 31.37 113.74
CA GLN MD 47 22.41 31.47 113.75
C GLN MD 47 21.92 31.90 112.37
N ARG MD 48 21.00 31.12 111.82
CA ARG MD 48 20.23 31.51 110.64
C ARG MD 48 18.84 31.89 111.14
N PHE MD 49 18.66 33.19 111.37
CA PHE MD 49 17.34 33.71 111.68
C PHE MD 49 16.47 33.61 110.44
N GLY MD 50 15.42 32.79 110.51
CA GLY MD 50 14.66 32.47 109.34
C GLY MD 50 13.71 33.56 108.89
N ALA MD 51 13.07 33.32 107.76
CA ALA MD 51 11.98 34.18 107.31
C ALA MD 51 10.87 34.22 108.35
N ALA MD 52 9.99 35.20 108.21
CA ALA MD 52 8.96 35.43 109.24
C ALA MD 52 8.06 34.22 109.43
N ASN MD 53 7.93 33.37 108.41
CA ASN MD 53 7.14 32.16 108.53
C ASN MD 53 7.92 31.00 109.13
N SER MD 54 9.24 30.95 108.90
CA SER MD 54 10.06 29.81 109.26
C SER MD 54 10.57 29.94 110.70
N ASN MD 55 11.09 28.82 111.20
CA ASN MD 55 11.79 28.79 112.47
C ASN MD 55 13.21 29.33 112.29
N ARG MD 56 13.78 29.85 113.37
CA ARG MD 56 15.18 30.19 113.34
C ARG MD 56 16.00 28.99 113.79
N LYS MD 57 17.20 28.87 113.23
CA LYS MD 57 18.07 27.74 113.49
C LYS MD 57 19.37 28.24 114.11
N VAL MD 58 19.86 27.53 115.10
CA VAL MD 58 21.19 27.78 115.67
C VAL MD 58 21.97 26.47 115.60
N THR MD 59 23.17 26.53 115.03
CA THR MD 59 23.97 25.33 114.87
C THR MD 59 25.34 25.54 115.48
N MET MD 60 25.85 24.48 116.11
CA MET MD 60 27.16 24.46 116.74
C MET MD 60 27.92 23.23 116.29
N LEU MD 61 29.21 23.43 116.05
CA LEU MD 61 30.13 22.35 115.72
C LEU MD 61 31.33 22.40 116.67
N LEU MD 62 31.57 21.31 117.36
CA LEU MD 62 32.73 21.12 118.22
C LEU MD 62 33.60 20.02 117.61
N THR MD 63 34.86 20.34 117.35
CA THR MD 63 35.77 19.39 116.73
C THR MD 63 37.01 19.23 117.61
N ASP MD 64 37.28 17.97 117.99
CA ASP MD 64 38.45 17.63 118.78
C ASP MD 64 39.30 16.67 117.96
N PRO MD 65 40.44 17.13 117.45
CA PRO MD 65 41.38 16.23 116.79
C PRO MD 65 42.44 15.71 117.75
N VAL MD 66 42.85 14.46 117.49
CA VAL MD 66 43.85 13.75 118.28
C VAL MD 66 44.82 13.08 117.32
N VAL MD 67 46.08 13.03 117.71
CA VAL MD 67 47.08 12.28 116.96
C VAL MD 67 47.07 10.84 117.43
N VAL MD 68 47.16 9.91 116.47
CA VAL MD 68 47.14 8.48 116.73
C VAL MD 68 48.20 7.82 115.86
N LYS MD 69 48.96 6.90 116.45
CA LYS MD 69 49.91 6.14 115.67
C LYS MD 69 49.17 5.19 114.74
N ASP MD 70 49.74 4.98 113.56
CA ASP MD 70 49.16 4.12 112.55
C ASP MD 70 49.71 2.70 112.68
N ALA MD 71 49.03 1.75 112.03
CA ALA MD 71 49.57 0.39 111.93
C ALA MD 71 50.93 0.40 111.25
N SER MD 72 51.13 1.32 110.29
CA SER MD 72 52.43 1.52 109.67
C SER MD 72 53.40 2.30 110.56
N GLY MD 73 52.95 2.74 111.74
CA GLY MD 73 53.75 3.58 112.61
C GLY MD 73 53.61 5.06 112.36
N ALA MD 74 53.26 5.46 111.14
CA ALA MD 74 53.12 6.86 110.79
C ALA MD 74 52.13 7.57 111.70
N ASP MD 75 52.38 8.85 111.94
CA ASP MD 75 51.49 9.64 112.79
C ASP MD 75 50.32 10.15 111.95
N MET MD 76 49.11 10.02 112.50
CA MET MD 76 47.88 10.26 111.76
C MET MD 76 46.94 11.08 112.64
N THR MD 77 46.46 12.21 112.13
CA THR MD 77 45.57 13.07 112.90
C THR MD 77 44.12 12.73 112.56
N ILE MD 78 43.32 12.52 113.61
CA ILE MD 78 41.95 12.03 113.49
C ILE MD 78 41.03 12.99 114.25
N LYS MD 79 39.91 13.35 113.62
CA LYS MD 79 38.97 14.29 114.21
C LYS MD 79 37.70 13.57 114.64
N ALA MD 80 37.17 13.96 115.80
CA ALA MD 80 35.84 13.57 116.26
C ALA MD 80 34.97 14.81 116.36
N ASN MD 81 33.72 14.70 115.94
CA ASN MD 81 32.86 15.87 115.84
C ASN MD 81 31.60 15.69 116.67
N ALA MD 82 31.14 16.80 117.23
CA ALA MD 82 29.83 16.87 117.84
C ALA MD 82 29.12 18.09 117.26
N SER MD 83 27.86 17.92 116.87
CA SER MD 83 27.11 19.01 116.26
C SER MD 83 25.74 19.10 116.91
N VAL MD 84 25.37 20.30 117.34
CA VAL MD 84 24.08 20.55 117.97
C VAL MD 84 23.32 21.54 117.09
N THR MD 85 22.01 21.33 116.96
CA THR MD 85 21.15 22.23 116.19
C THR MD 85 19.85 22.45 116.94
N PHE MD 86 19.54 23.73 117.19
CA PHE MD 86 18.31 24.15 117.82
C PHE MD 86 17.40 24.71 116.74
N SER MD 87 16.24 24.09 116.55
CA SER MD 87 15.19 24.63 115.70
C SER MD 87 14.14 25.24 116.61
N LEU MD 88 14.03 26.56 116.56
CA LEU MD 88 13.20 27.33 117.49
C LEU MD 88 12.21 28.16 116.70
N PRO MD 89 10.93 27.82 116.76
CA PRO MD 89 9.90 28.66 116.13
C PRO MD 89 9.80 30.01 116.81
N LYS MD 90 9.38 31.01 116.03
CA LYS MD 90 9.32 32.36 116.57
C LYS MD 90 8.33 32.47 117.71
N THR MD 91 7.15 31.85 117.56
CA THR MD 91 6.11 31.95 118.58
C THR MD 91 6.47 31.21 119.87
N TYR MD 92 7.50 30.39 119.85
CA TYR MD 92 7.92 29.66 121.04
C TYR MD 92 8.55 30.62 122.05
N PRO MD 93 8.19 30.54 123.33
CA PRO MD 93 8.67 31.55 124.30
C PRO MD 93 10.11 31.33 124.75
N ASN MD 94 10.83 32.45 124.87
CA ASN MD 94 12.24 32.39 125.24
C ASN MD 94 12.47 31.60 126.52
N GLU MD 95 11.51 31.66 127.46
CA GLU MD 95 11.64 30.91 128.71
C GLU MD 95 11.74 29.42 128.44
N HIS MD 96 10.77 28.84 127.73
CA HIS MD 96 10.83 27.42 127.43
C HIS MD 96 12.01 27.05 126.55
N ILE MD 97 12.56 28.01 125.78
CA ILE MD 97 13.80 27.73 125.06
C ILE MD 97 14.95 27.47 126.06
N THR MD 98 15.12 28.38 127.03
CA THR MD 98 16.19 28.16 128.03
C THR MD 98 15.96 26.83 128.73
N LYS MD 99 14.70 26.49 129.02
CA LYS MD 99 14.38 25.18 129.59
C LYS MD 99 14.89 24.05 128.72
N LEU MD 100 14.62 24.12 127.42
CA LEU MD 100 15.09 23.10 126.49
C LEU MD 100 16.61 22.95 126.53
N ARG MD 101 17.33 24.07 126.47
CA ARG MD 101 18.80 24.01 126.47
C ARG MD 101 19.31 23.34 127.76
N GLN MD 102 18.74 23.72 128.90
CA GLN MD 102 19.23 23.16 130.15
C GLN MD 102 18.92 21.66 130.25
N THR MD 103 17.72 21.24 129.82
CA THR MD 103 17.42 19.81 129.83
C THR MD 103 18.36 19.04 128.91
N LEU MD 104 18.78 19.66 127.80
CA LEU MD 104 19.74 18.98 126.93
C LEU MD 104 21.09 18.80 127.63
N ILE MD 105 21.55 19.84 128.34
CA ILE MD 105 22.78 19.69 129.13
C ILE MD 105 22.63 18.53 130.11
N ALA MD 106 21.51 18.49 130.82
CA ALA MD 106 21.27 17.44 131.80
C ALA MD 106 21.33 16.07 131.14
N TRP MD 107 20.66 15.92 130.01
CA TRP MD 107 20.67 14.64 129.30
C TRP MD 107 22.08 14.24 128.90
N LEU MD 108 22.84 15.19 128.35
CA LEU MD 108 24.21 14.91 127.93
C LEU MD 108 25.09 14.46 129.08
N GLY MD 109 24.72 14.84 130.31
CA GLY MD 109 25.42 14.34 131.48
C GLY MD 109 25.12 12.90 131.86
N GLN MD 110 23.94 12.42 131.47
CA GLN MD 110 23.43 11.15 131.97
C GLN MD 110 24.24 9.97 131.45
N GLN MD 111 24.17 8.86 132.20
CA GLN MD 111 24.91 7.67 131.79
C GLN MD 111 24.28 7.00 130.59
N CYS MD 112 22.94 7.02 130.47
CA CYS MD 112 22.31 6.42 129.30
C CYS MD 112 22.71 7.11 128.02
N VAL MD 113 23.21 8.34 128.11
CA VAL MD 113 23.73 9.05 126.94
C VAL MD 113 25.23 8.86 126.81
N SER MD 114 25.96 8.88 127.94
CA SER MD 114 27.42 8.79 127.88
C SER MD 114 27.88 7.41 127.43
N ASP MD 115 27.24 6.34 127.92
CA ASP MD 115 27.68 5.00 127.59
C ASP MD 115 27.71 4.73 126.09
N PRO MD 116 26.66 5.02 125.32
CA PRO MD 116 26.78 4.83 123.86
C PRO MD 116 27.73 5.82 123.19
N VAL MD 117 27.69 7.08 123.60
CA VAL MD 117 28.58 8.07 123.01
C VAL MD 117 30.04 7.75 123.32
N ASP MD 118 30.35 7.58 124.61
CA ASP MD 118 31.76 7.45 125.00
C ASP MD 118 32.34 6.10 124.61
N SER MD 119 31.60 5.01 124.86
CA SER MD 119 32.16 3.67 124.74
C SER MD 119 31.53 2.82 123.65
N GLY MD 120 30.48 3.31 122.99
CA GLY MD 120 29.84 2.55 121.94
C GLY MD 120 28.96 1.41 122.41
N LEU MD 121 28.66 1.33 123.70
CA LEU MD 121 27.76 0.31 124.23
C LEU MD 121 26.34 0.84 124.23
N ASN MD 122 25.41 0.04 123.72
CA ASN MD 122 24.02 0.44 123.74
C ASN MD 122 23.39 0.12 125.10
N ASN MD 123 22.23 0.72 125.34
CA ASN MD 123 21.52 0.49 126.59
C ASN MD 123 20.58 -0.69 126.45
N TYR MD 124 20.11 -1.18 127.60
CA TYR MD 124 19.26 -2.36 127.66
C TYR MD 124 18.29 -2.34 128.87
N MET ND 1 1.60 -79.83 105.46
CA MET ND 1 1.43 -81.23 105.86
C MET ND 1 1.95 -82.17 104.77
N ARG ND 2 2.66 -83.22 105.19
CA ARG ND 2 3.06 -84.26 104.25
C ARG ND 2 1.81 -84.98 103.75
N LEU ND 3 1.54 -84.85 102.45
CA LEU ND 3 0.30 -85.37 101.89
C LEU ND 3 0.24 -86.89 101.99
N THR ND 4 -0.96 -87.38 102.26
CA THR ND 4 -1.24 -88.81 102.26
C THR ND 4 -2.63 -88.99 101.70
N ASP ND 5 -2.90 -90.19 101.17
CA ASP ND 5 -4.24 -90.51 100.72
C ASP ND 5 -5.23 -90.21 101.84
N VAL ND 6 -6.46 -89.85 101.47
CA VAL ND 6 -7.41 -89.32 102.43
C VAL ND 6 -8.67 -90.16 102.37
N ASP ND 7 -9.23 -90.45 103.54
CA ASP ND 7 -10.51 -91.15 103.64
C ASP ND 7 -11.47 -90.25 104.40
N LEU ND 8 -12.58 -89.90 103.75
CA LEU ND 8 -13.58 -88.99 104.28
C LEU ND 8 -14.82 -89.77 104.68
N THR ND 9 -15.39 -89.41 105.82
CA THR ND 9 -16.69 -89.96 106.22
C THR ND 9 -17.75 -88.99 105.71
N VAL ND 10 -18.63 -89.48 104.85
CA VAL ND 10 -19.61 -88.65 104.16
C VAL ND 10 -21.00 -89.19 104.45
N GLY ND 11 -21.73 -88.50 105.32
CA GLY ND 11 -23.02 -89.01 105.74
C GLY ND 11 -22.86 -90.38 106.33
N GLU ND 12 -23.37 -91.40 105.64
CA GLU ND 12 -23.30 -92.76 106.14
C GLU ND 12 -22.47 -93.66 105.23
N GLU ND 13 -21.62 -93.06 104.41
CA GLU ND 13 -20.72 -93.80 103.53
C GLU ND 13 -19.31 -93.31 103.77
N THR ND 14 -18.33 -94.02 103.23
CA THR ND 14 -16.94 -93.60 103.31
C THR ND 14 -16.35 -93.47 101.91
N ARG ND 15 -15.76 -92.31 101.65
CA ARG ND 15 -15.22 -91.95 100.36
C ARG ND 15 -13.70 -91.90 100.44
N GLU ND 16 -13.03 -92.55 99.49
CA GLU ND 16 -11.58 -92.70 99.54
C GLU ND 16 -10.94 -91.98 98.36
N TYR ND 17 -10.05 -91.03 98.65
CA TYR ND 17 -9.32 -90.27 97.67
C TYR ND 17 -7.83 -90.60 97.75
N ALA ND 18 -7.17 -90.46 96.60
CA ALA ND 18 -5.73 -90.69 96.50
C ALA ND 18 -5.07 -89.48 95.86
N VAL ND 19 -3.84 -89.20 96.31
CA VAL ND 19 -3.09 -88.06 95.79
C VAL ND 19 -2.80 -88.28 94.32
N SER ND 20 -3.17 -87.29 93.49
CA SER ND 20 -2.89 -87.32 92.05
C SER ND 20 -1.74 -86.41 91.63
N GLU ND 21 -1.63 -85.20 92.20
CA GLU ND 21 -0.42 -84.43 91.96
C GLU ND 21 -0.25 -83.40 93.07
N GLN ND 22 1.00 -83.02 93.31
CA GLN ND 22 1.32 -81.99 94.30
C GLN ND 22 2.37 -81.06 93.74
N GLN ND 23 2.05 -79.77 93.70
CA GLN ND 23 2.96 -78.72 93.31
C GLN ND 23 3.29 -77.88 94.52
N GLY ND 24 4.02 -76.79 94.30
CA GLY ND 24 4.43 -75.95 95.41
C GLY ND 24 3.25 -75.37 96.17
N THR ND 25 2.26 -74.86 95.44
CA THR ND 25 1.08 -74.24 96.03
C THR ND 25 -0.21 -74.87 95.55
N LEU ND 26 -0.15 -76.08 94.99
CA LEU ND 26 -1.33 -76.73 94.43
C LEU ND 26 -1.26 -78.23 94.69
N PHE ND 27 -2.43 -78.84 94.93
CA PHE ND 27 -2.52 -80.29 94.98
C PHE ND 27 -3.87 -80.75 94.47
N ARG ND 28 -3.91 -82.04 94.10
CA ARG ND 28 -5.10 -82.65 93.52
C ARG ND 28 -5.19 -84.09 93.96
N PHE ND 29 -6.37 -84.45 94.47
CA PHE ND 29 -6.80 -85.79 94.80
C PHE ND 29 -7.83 -86.29 93.80
N VAL ND 30 -7.88 -87.62 93.63
CA VAL ND 30 -8.85 -88.29 92.78
C VAL ND 30 -9.60 -89.34 93.61
N ASP ND 31 -10.89 -89.49 93.35
CA ASP ND 31 -11.70 -90.52 94.00
C ASP ND 31 -11.25 -91.89 93.54
N LYS ND 32 -10.88 -92.76 94.50
CA LYS ND 32 -10.41 -94.10 94.17
C LYS ND 32 -11.47 -94.96 93.49
N SER ND 33 -12.73 -94.51 93.47
CA SER ND 33 -13.79 -95.24 92.80
C SER ND 33 -13.61 -95.26 91.28
N GLY ND 34 -12.74 -94.41 90.73
CA GLY ND 34 -12.72 -94.15 89.31
C GLY ND 34 -11.40 -94.49 88.62
N THR ND 35 -11.46 -94.45 87.30
CA THR ND 35 -10.36 -94.68 86.39
C THR ND 35 -9.97 -93.37 85.71
N VAL ND 36 -8.78 -93.36 85.11
CA VAL ND 36 -8.48 -92.35 84.09
C VAL ND 36 -9.63 -92.26 83.11
N ALA ND 37 -10.06 -93.42 82.61
CA ALA ND 37 -11.15 -93.47 81.63
C ALA ND 37 -12.44 -92.90 82.22
N ASN ND 38 -12.95 -93.53 83.27
CA ASN ND 38 -14.19 -93.10 83.91
C ASN ND 38 -13.85 -92.52 85.28
N ASN ND 39 -14.11 -91.23 85.46
CA ASN ND 39 -13.77 -90.53 86.69
C ASN ND 39 -15.01 -90.39 87.58
N THR ND 40 -14.82 -90.61 88.89
CA THR ND 40 -15.90 -90.50 89.85
C THR ND 40 -15.84 -89.26 90.72
N GLY ND 41 -14.69 -88.59 90.80
CA GLY ND 41 -14.58 -87.40 91.63
C GLY ND 41 -13.18 -86.81 91.65
N VAL ND 42 -13.09 -85.49 91.79
CA VAL ND 42 -11.80 -84.82 91.83
C VAL ND 42 -11.87 -83.68 92.84
N PHE ND 43 -10.74 -83.45 93.52
CA PHE ND 43 -10.61 -82.32 94.42
C PHE ND 43 -9.27 -81.65 94.18
N SER ND 44 -9.29 -80.33 94.11
CA SER ND 44 -8.08 -79.56 93.86
C SER ND 44 -8.06 -78.33 94.76
N LEU ND 45 -6.86 -77.96 95.21
CA LEU ND 45 -6.68 -76.80 96.09
C LEU ND 45 -5.41 -76.06 95.69
N GLU ND 46 -5.50 -74.72 95.62
CA GLU ND 46 -4.37 -73.86 95.27
C GLU ND 46 -4.36 -72.60 96.13
N GLN ND 47 -3.17 -72.22 96.58
CA GLN ND 47 -3.00 -70.98 97.33
C GLN ND 47 -2.21 -69.97 96.51
N ARG ND 48 -2.63 -68.71 96.59
CA ARG ND 48 -2.02 -67.59 95.88
C ARG ND 48 -1.68 -66.53 96.93
N PHE ND 49 -0.41 -66.49 97.32
CA PHE ND 49 0.12 -65.51 98.25
C PHE ND 49 0.41 -64.23 97.47
N GLY ND 50 -0.33 -63.16 97.76
CA GLY ND 50 -0.16 -61.90 97.06
C GLY ND 50 0.96 -61.06 97.64
N ALA ND 51 1.00 -59.79 97.22
CA ALA ND 51 1.92 -58.85 97.85
C ALA ND 51 1.44 -58.49 99.26
N ALA ND 52 2.31 -57.79 99.99
CA ALA ND 52 2.00 -57.48 101.40
C ALA ND 52 0.78 -56.60 101.55
N ASN ND 53 0.40 -55.85 100.50
CA ASN ND 53 -0.86 -55.13 100.50
C ASN ND 53 -2.03 -55.98 100.04
N SER ND 54 -1.76 -57.13 99.43
CA SER ND 54 -2.80 -58.00 98.91
C SER ND 54 -3.17 -59.08 99.91
N ASN ND 55 -4.43 -59.51 99.86
CA ASN ND 55 -4.87 -60.65 100.63
C ASN ND 55 -4.42 -61.93 99.95
N ARG ND 56 -3.92 -62.88 100.74
CA ARG ND 56 -3.66 -64.19 100.16
C ARG ND 56 -5.00 -64.88 99.93
N LYS ND 57 -5.03 -65.73 98.92
CA LYS ND 57 -6.27 -66.36 98.50
C LYS ND 57 -6.07 -67.86 98.38
N VAL ND 58 -7.12 -68.61 98.72
CA VAL ND 58 -7.05 -70.07 98.72
C VAL ND 58 -8.32 -70.59 98.06
N THR ND 59 -8.18 -71.40 97.02
CA THR ND 59 -9.33 -71.83 96.24
C THR ND 59 -9.37 -73.35 96.11
N MET ND 60 -10.57 -73.90 96.25
CA MET ND 60 -10.84 -75.32 96.18
C MET ND 60 -11.91 -75.58 95.12
N LEU ND 61 -11.72 -76.66 94.37
CA LEU ND 61 -12.70 -77.13 93.41
C LEU ND 61 -12.96 -78.61 93.65
N LEU ND 62 -14.22 -78.95 93.88
CA LEU ND 62 -14.69 -80.32 94.07
C LEU ND 62 -15.63 -80.63 92.92
N THR ND 63 -15.30 -81.65 92.14
CA THR ND 63 -16.09 -82.05 90.98
C THR ND 63 -16.58 -83.47 91.16
N ASP ND 64 -17.89 -83.66 91.01
CA ASP ND 64 -18.54 -84.97 91.10
C ASP ND 64 -19.28 -85.25 89.81
N PRO ND 65 -18.74 -86.11 88.97
CA PRO ND 65 -19.47 -86.53 87.77
C PRO ND 65 -20.29 -87.79 88.04
N VAL ND 66 -21.45 -87.84 87.39
CA VAL ND 66 -22.39 -88.95 87.50
C VAL ND 66 -22.85 -89.31 86.09
N VAL ND 67 -23.07 -90.60 85.86
CA VAL ND 67 -23.64 -91.05 84.59
C VAL ND 67 -25.15 -91.06 84.71
N VAL ND 68 -25.82 -90.43 83.75
CA VAL ND 68 -27.27 -90.28 83.71
C VAL ND 68 -27.78 -90.82 82.39
N LYS ND 69 -29.00 -91.34 82.41
CA LYS ND 69 -29.67 -91.80 81.20
C LYS ND 69 -30.07 -90.62 80.33
N ASP ND 70 -29.85 -90.75 79.04
CA ASP ND 70 -30.29 -89.75 78.08
C ASP ND 70 -31.81 -89.83 77.90
N ALA ND 71 -32.39 -88.76 77.35
CA ALA ND 71 -33.81 -88.81 76.98
C ALA ND 71 -34.04 -89.87 75.91
N SER ND 72 -33.05 -90.09 75.04
CA SER ND 72 -33.10 -91.21 74.11
C SER ND 72 -32.74 -92.53 74.79
N GLY ND 73 -31.95 -92.48 75.85
CA GLY ND 73 -31.51 -93.67 76.56
C GLY ND 73 -30.01 -93.86 76.60
N ALA ND 74 -29.25 -93.09 75.83
CA ALA ND 74 -27.79 -93.22 75.81
C ALA ND 74 -27.19 -92.90 77.18
N ASP ND 75 -25.97 -93.38 77.39
CA ASP ND 75 -25.23 -93.08 78.60
C ASP ND 75 -24.53 -91.74 78.45
N MET ND 76 -24.74 -90.84 79.42
CA MET ND 76 -24.19 -89.50 79.31
C MET ND 76 -23.61 -89.10 80.67
N THR ND 77 -22.42 -88.48 80.66
CA THR ND 77 -21.77 -88.09 81.91
C THR ND 77 -22.00 -86.60 82.19
N ILE ND 78 -22.41 -86.29 83.41
CA ILE ND 78 -22.78 -84.94 83.83
C ILE ND 78 -22.02 -84.62 85.11
N LYS ND 79 -21.37 -83.47 85.13
CA LYS ND 79 -20.57 -83.05 86.28
C LYS ND 79 -21.33 -81.98 87.08
N ALA ND 80 -21.15 -82.02 88.40
CA ALA ND 80 -21.60 -80.98 89.31
C ALA ND 80 -20.39 -80.44 90.05
N ASN ND 81 -20.31 -79.12 90.16
CA ASN ND 81 -19.12 -78.46 90.69
C ASN ND 81 -19.46 -77.71 91.97
N ALA ND 82 -18.50 -77.70 92.90
CA ALA ND 82 -18.58 -76.83 94.05
C ALA ND 82 -17.21 -76.20 94.23
N SER ND 83 -17.19 -74.89 94.47
CA SER ND 83 -15.93 -74.17 94.57
C SER ND 83 -15.95 -73.24 95.77
N VAL ND 84 -14.89 -73.30 96.56
CA VAL ND 84 -14.75 -72.45 97.75
C VAL ND 84 -13.54 -71.55 97.53
N THR ND 85 -13.64 -70.30 98.02
CA THR ND 85 -12.52 -69.36 97.95
C THR ND 85 -12.44 -68.59 99.26
N PHE ND 86 -11.28 -68.69 99.91
CA PHE ND 86 -10.97 -67.97 101.14
C PHE ND 86 -10.11 -66.78 100.78
N SER ND 87 -10.61 -65.57 101.04
CA SER ND 87 -9.83 -64.35 100.93
C SER ND 87 -9.42 -63.94 102.33
N LEU ND 88 -8.12 -64.04 102.60
CA LEU ND 88 -7.56 -63.85 103.94
C LEU ND 88 -6.51 -62.77 103.89
N PRO ND 89 -6.78 -61.60 104.46
CA PRO ND 89 -5.75 -60.56 104.58
C PRO ND 89 -4.62 -60.99 105.50
N LYS ND 90 -3.46 -60.40 105.28
CA LYS ND 90 -2.26 -60.80 105.99
C LYS ND 90 -2.11 -60.09 107.34
N THR ND 91 -3.08 -59.27 107.71
CA THR ND 91 -3.17 -58.71 109.05
C THR ND 91 -4.24 -59.43 109.88
N TYR ND 92 -4.94 -60.37 109.28
CA TYR ND 92 -5.98 -61.14 109.93
C TYR ND 92 -5.36 -62.30 110.71
N PRO ND 93 -5.77 -62.56 111.94
CA PRO ND 93 -5.11 -63.60 112.75
C PRO ND 93 -5.53 -65.02 112.38
N ASN ND 94 -4.55 -65.92 112.45
CA ASN ND 94 -4.77 -67.31 112.05
C ASN ND 94 -5.88 -67.96 112.87
N GLU ND 95 -5.98 -67.61 114.16
CA GLU ND 95 -7.06 -68.12 114.98
C GLU ND 95 -8.42 -67.85 114.35
N HIS ND 96 -8.67 -66.59 113.99
CA HIS ND 96 -9.96 -66.25 113.40
C HIS ND 96 -10.14 -66.83 112.01
N ILE ND 97 -9.04 -67.11 111.28
CA ILE ND 97 -9.19 -67.87 110.05
C ILE ND 97 -9.76 -69.28 110.34
N THR ND 98 -9.20 -69.94 111.36
CA THR ND 98 -9.75 -71.26 111.73
C THR ND 98 -11.20 -71.15 112.14
N LYS ND 99 -11.53 -70.12 112.94
CA LYS ND 99 -12.92 -69.87 113.31
C LYS ND 99 -13.80 -69.74 112.08
N LEU ND 100 -13.34 -68.99 111.09
CA LEU ND 100 -14.08 -68.79 109.85
C LEU ND 100 -14.33 -70.11 109.13
N ARG ND 101 -13.28 -70.92 108.98
CA ARG ND 101 -13.43 -72.20 108.29
C ARG ND 101 -14.45 -73.10 109.00
N GLN ND 102 -14.38 -73.12 110.33
CA GLN ND 102 -15.31 -73.99 111.05
C GLN ND 102 -16.75 -73.48 110.97
N THR ND 103 -16.95 -72.15 111.06
CA THR ND 103 -18.31 -71.62 110.87
C THR ND 103 -18.84 -71.93 109.48
N LEU ND 104 -17.96 -71.94 108.48
CA LEU ND 104 -18.40 -72.31 107.13
C LEU ND 104 -18.85 -73.76 107.09
N ILE ND 105 -18.09 -74.66 107.73
CA ILE ND 105 -18.51 -76.06 107.80
C ILE ND 105 -19.88 -76.17 108.45
N ALA ND 106 -20.06 -75.48 109.57
CA ALA ND 106 -21.34 -75.52 110.27
C ALA ND 106 -22.48 -75.01 109.39
N TRP ND 107 -22.24 -73.91 108.68
CA TRP ND 107 -23.26 -73.37 107.78
C TRP ND 107 -23.61 -74.35 106.68
N LEU ND 108 -22.60 -74.98 106.08
CA LEU ND 108 -22.84 -75.97 105.04
C LEU ND 108 -23.63 -77.15 105.57
N GLY ND 109 -23.59 -77.39 106.87
CA GLY ND 109 -24.44 -78.39 107.48
C GLY ND 109 -25.91 -78.02 107.60
N GLN ND 110 -26.19 -76.71 107.66
CA GLN ND 110 -27.53 -76.23 108.03
C GLN ND 110 -28.57 -76.59 106.98
N GLN ND 111 -29.82 -76.68 107.45
CA GLN ND 111 -30.91 -76.99 106.53
C GLN ND 111 -31.21 -75.82 105.61
N CYS ND 112 -31.07 -74.58 106.11
CA CYS ND 112 -31.34 -73.42 105.26
C CYS ND 112 -30.32 -73.28 104.13
N VAL ND 113 -29.15 -73.89 104.28
CA VAL ND 113 -28.22 -74.00 103.17
C VAL ND 113 -28.49 -75.27 102.35
N SER ND 114 -28.94 -76.34 103.01
CA SER ND 114 -29.14 -77.61 102.33
C SER ND 114 -30.28 -77.54 101.32
N ASP ND 115 -31.41 -76.95 101.71
CA ASP ND 115 -32.59 -76.96 100.84
C ASP ND 115 -32.34 -76.33 99.48
N PRO ND 116 -31.79 -75.12 99.35
CA PRO ND 116 -31.53 -74.59 98.00
C PRO ND 116 -30.47 -75.39 97.25
N VAL ND 117 -29.39 -75.77 97.93
CA VAL ND 117 -28.33 -76.52 97.26
C VAL ND 117 -28.83 -77.89 96.83
N ASP ND 118 -29.32 -78.68 97.79
CA ASP ND 118 -29.61 -80.08 97.49
C ASP ND 118 -30.84 -80.22 96.58
N SER ND 119 -31.89 -79.44 96.82
CA SER ND 119 -33.16 -79.65 96.14
C SER ND 119 -33.65 -78.47 95.33
N GLY ND 120 -33.07 -77.29 95.49
CA GLY ND 120 -33.49 -76.12 94.75
C GLY ND 120 -34.60 -75.31 95.40
N LEU ND 121 -35.11 -75.74 96.54
CA LEU ND 121 -36.13 -74.97 97.24
C LEU ND 121 -35.50 -73.77 97.93
N ASN ND 122 -36.10 -72.60 97.75
CA ASN ND 122 -35.66 -71.44 98.51
C ASN ND 122 -36.32 -71.41 99.88
N ASN ND 123 -35.68 -70.71 100.81
CA ASN ND 123 -36.25 -70.56 102.14
C ASN ND 123 -37.20 -69.37 102.17
N TYR ND 124 -38.07 -69.37 103.17
CA TYR ND 124 -39.10 -68.34 103.25
C TYR ND 124 -39.31 -67.82 104.68
N MET OD 1 17.85 -83.68 100.70
CA MET OD 1 17.40 -84.32 101.94
C MET OD 1 15.88 -84.35 102.00
N ARG OD 2 15.34 -85.18 102.89
CA ARG OD 2 13.90 -85.22 103.13
C ARG OD 2 13.52 -84.14 104.13
N LEU OD 3 12.82 -83.11 103.66
CA LEU OD 3 12.50 -81.97 104.49
C LEU OD 3 11.70 -82.36 105.72
N THR OD 4 12.15 -81.87 106.87
CA THR OD 4 11.48 -82.04 108.15
C THR OD 4 11.50 -80.70 108.85
N ASP OD 5 10.49 -80.45 109.68
CA ASP OD 5 10.47 -79.22 110.46
C ASP OD 5 11.78 -79.07 111.23
N VAL OD 6 12.24 -77.84 111.37
CA VAL OD 6 13.61 -77.59 111.84
C VAL OD 6 13.53 -76.76 113.11
N ASP OD 7 14.41 -77.07 114.05
CA ASP OD 7 14.56 -76.25 115.26
C ASP OD 7 15.99 -75.77 115.37
N LEU OD 8 16.14 -74.46 115.41
CA LEU OD 8 17.43 -73.79 115.41
C LEU OD 8 17.73 -73.25 116.80
N THR OD 9 18.96 -73.48 117.25
CA THR OD 9 19.42 -72.92 118.50
C THR OD 9 20.04 -71.56 118.18
N VAL OD 10 19.38 -70.50 118.62
CA VAL OD 10 19.75 -69.13 118.27
C VAL OD 10 20.15 -68.42 119.56
N GLY OD 11 21.46 -68.31 119.79
CA GLY OD 11 21.93 -67.76 121.04
C GLY OD 11 21.44 -68.60 122.19
N GLU OD 12 20.56 -68.03 123.01
CA GLU OD 12 20.02 -68.77 124.15
C GLU OD 12 18.54 -69.08 123.99
N GLU OD 13 18.04 -69.02 122.76
CA GLU OD 13 16.64 -69.26 122.48
C GLU OD 13 16.56 -70.37 121.44
N THR OD 14 15.35 -70.89 121.22
CA THR OD 14 15.14 -71.89 120.19
C THR OD 14 14.03 -71.42 119.26
N ARG OD 15 14.37 -71.26 117.98
CA ARG OD 15 13.41 -70.93 116.93
C ARG OD 15 12.92 -72.22 116.30
N GLU OD 16 11.63 -72.27 115.97
CA GLU OD 16 11.01 -73.49 115.47
C GLU OD 16 10.26 -73.22 114.17
N TYR OD 17 10.80 -73.73 113.06
CA TYR OD 17 10.24 -73.50 111.75
C TYR OD 17 9.57 -74.78 111.25
N ALA OD 18 8.51 -74.57 110.47
CA ALA OD 18 7.74 -75.63 109.83
C ALA OD 18 7.79 -75.48 108.32
N VAL OD 19 7.84 -76.61 107.61
CA VAL OD 19 7.86 -76.59 106.16
C VAL OD 19 6.58 -75.97 105.65
N SER OD 20 6.72 -74.95 104.80
CA SER OD 20 5.57 -74.26 104.23
C SER OD 20 5.38 -74.47 102.74
N GLU OD 21 6.46 -74.68 101.97
CA GLU OD 21 6.23 -75.19 100.62
C GLU OD 21 7.50 -75.86 100.09
N GLN OD 22 7.31 -76.83 99.20
CA GLN OD 22 8.40 -77.54 98.55
C GLN OD 22 8.08 -77.62 97.06
N GLN OD 23 8.92 -77.02 96.24
CA GLN OD 23 8.81 -77.11 94.79
C GLN OD 23 9.96 -77.98 94.28
N GLY OD 24 10.24 -77.89 92.99
CA GLY OD 24 11.33 -78.65 92.43
C GLY OD 24 12.64 -78.24 93.03
N THR OD 25 12.99 -76.95 92.86
CA THR OD 25 14.28 -76.42 93.28
C THR OD 25 14.14 -75.40 94.40
N LEU OD 26 12.94 -75.24 94.96
CA LEU OD 26 12.66 -74.20 95.95
C LEU OD 26 11.95 -74.80 97.15
N PHE OD 27 12.27 -74.29 98.33
CA PHE OD 27 11.55 -74.64 99.56
C PHE OD 27 11.42 -73.41 100.44
N ARG OD 28 10.49 -73.51 101.38
CA ARG OD 28 10.17 -72.40 102.27
C ARG OD 28 9.70 -72.93 103.61
N PHE OD 29 10.35 -72.49 104.67
CA PHE OD 29 9.99 -72.70 106.07
C PHE OD 29 9.37 -71.44 106.66
N VAL OD 30 8.67 -71.63 107.76
CA VAL OD 30 7.89 -70.57 108.38
C VAL OD 30 8.01 -70.70 109.91
N ASP OD 31 8.20 -69.56 110.59
CA ASP OD 31 8.33 -69.57 112.05
C ASP OD 31 7.01 -70.02 112.69
N LYS OD 32 7.06 -71.14 113.42
CA LYS OD 32 5.85 -71.69 114.01
C LYS OD 32 5.21 -70.72 115.00
N SER OD 33 6.03 -69.89 115.65
CA SER OD 33 5.57 -68.95 116.66
C SER OD 33 4.77 -67.78 116.09
N GLY OD 34 4.46 -67.80 114.80
CA GLY OD 34 3.76 -66.68 114.20
C GLY OD 34 2.26 -66.78 114.46
N THR OD 35 1.67 -65.63 114.82
CA THR OD 35 0.22 -65.56 115.05
C THR OD 35 -0.52 -65.04 113.83
N VAL OD 36 0.08 -64.11 113.10
CA VAL OD 36 -0.52 -63.54 111.90
C VAL OD 36 0.48 -63.70 110.76
N ALA OD 37 -0.03 -63.60 109.54
CA ALA OD 37 0.84 -63.64 108.37
C ALA OD 37 1.95 -62.61 108.47
N ASN OD 38 1.60 -61.35 108.78
CA ASN OD 38 2.61 -60.31 108.90
C ASN OD 38 3.49 -60.50 110.14
N ASN OD 39 2.93 -61.08 111.20
CA ASN OD 39 3.72 -61.43 112.37
C ASN OD 39 4.81 -62.45 112.04
N THR OD 40 4.58 -63.28 111.02
CA THR OD 40 5.31 -64.53 110.85
C THR OD 40 6.61 -64.35 110.07
N GLY OD 41 7.72 -64.77 110.68
CA GLY OD 41 8.98 -64.81 109.96
C GLY OD 41 9.05 -66.00 109.02
N VAL OD 42 9.89 -65.87 107.98
CA VAL OD 42 9.98 -66.90 106.96
C VAL OD 42 11.42 -67.06 106.49
N PHE OD 43 11.68 -68.22 105.88
CA PHE OD 43 12.97 -68.51 105.30
C PHE OD 43 12.77 -69.33 104.03
N SER OD 44 13.40 -68.90 102.94
CA SER OD 44 13.20 -69.53 101.65
C SER OD 44 14.55 -69.74 100.97
N LEU OD 45 14.64 -70.81 100.19
CA LEU OD 45 15.86 -71.13 99.46
C LEU OD 45 15.50 -71.69 98.09
N GLU OD 46 16.29 -71.32 97.09
CA GLU OD 46 16.06 -71.72 95.71
C GLU OD 46 17.40 -71.93 95.02
N GLN OD 47 17.52 -73.02 94.28
CA GLN OD 47 18.71 -73.27 93.46
C GLN OD 47 18.36 -73.11 91.99
N ARG OD 48 19.25 -72.43 91.27
CA ARG OD 48 19.13 -72.20 89.83
C ARG OD 48 20.38 -72.82 89.21
N PHE OD 49 20.21 -74.01 88.66
CA PHE OD 49 21.28 -74.74 87.98
C PHE OD 49 21.37 -74.22 86.55
N GLY OD 50 22.55 -73.76 86.14
CA GLY OD 50 22.73 -73.18 84.83
C GLY OD 50 23.17 -74.20 83.80
N ALA OD 51 23.51 -73.69 82.61
CA ALA OD 51 24.13 -74.53 81.60
C ALA OD 51 25.56 -74.91 82.04
N ALA OD 52 26.23 -75.74 81.24
CA ALA OD 52 27.55 -76.22 81.62
C ALA OD 52 28.58 -75.10 81.66
N ASN OD 53 28.38 -74.03 80.87
CA ASN OD 53 29.25 -72.88 80.94
C ASN OD 53 28.88 -71.93 82.06
N SER OD 54 27.73 -72.12 82.70
CA SER OD 54 27.27 -71.26 83.77
C SER OD 54 27.68 -71.81 85.12
N ASN OD 55 27.53 -70.97 86.14
CA ASN OD 55 27.67 -71.38 87.53
C ASN OD 55 26.28 -71.61 88.09
N ARG OD 56 26.12 -72.65 88.90
CA ARG OD 56 24.86 -72.79 89.60
C ARG OD 56 24.81 -71.77 90.72
N LYS OD 57 23.61 -71.28 91.01
CA LYS OD 57 23.42 -70.25 92.02
C LYS OD 57 22.39 -70.72 93.04
N VAL OD 58 22.69 -70.53 94.32
CA VAL OD 58 21.75 -70.84 95.38
C VAL OD 58 21.47 -69.56 96.15
N THR OD 59 20.20 -69.25 96.35
CA THR OD 59 19.82 -68.03 97.03
C THR OD 59 18.90 -68.35 98.20
N MET OD 60 19.07 -67.59 99.28
CA MET OD 60 18.27 -67.71 100.48
C MET OD 60 17.82 -66.34 100.92
N LEU OD 61 16.58 -66.28 101.38
CA LEU OD 61 16.00 -65.09 101.97
C LEU OD 61 15.42 -65.42 103.34
N LEU OD 62 15.84 -64.64 104.34
CA LEU OD 62 15.36 -64.75 105.71
C LEU OD 62 14.68 -63.44 106.07
N THR OD 63 13.41 -63.52 106.45
CA THR OD 63 12.60 -62.35 106.79
C THR OD 63 12.12 -62.45 108.23
N ASP OD 64 12.44 -61.43 109.03
CA ASP OD 64 12.06 -61.40 110.45
C ASP OD 64 11.32 -60.11 110.75
N PRO OD 65 9.99 -60.14 110.71
CA PRO OD 65 9.20 -58.96 111.09
C PRO OD 65 9.03 -58.84 112.59
N VAL OD 66 8.84 -57.60 113.06
CA VAL OD 66 8.63 -57.27 114.46
C VAL OD 66 7.55 -56.19 114.54
N VAL OD 67 6.81 -56.17 115.65
CA VAL OD 67 5.75 -55.18 115.86
C VAL OD 67 6.32 -54.00 116.64
N VAL OD 68 6.11 -52.79 116.11
CA VAL OD 68 6.53 -51.55 116.76
C VAL OD 68 5.33 -50.65 116.98
N MET OD 76 2.26 -50.87 114.01
CA MET OD 76 2.95 -51.15 112.75
C MET OD 76 3.94 -52.33 112.89
N THR OD 77 4.08 -53.11 111.82
CA THR OD 77 5.04 -54.21 111.76
C THR OD 77 6.11 -53.90 110.71
N ILE OD 78 7.37 -54.06 111.12
CA ILE OD 78 8.54 -53.69 110.35
C ILE OD 78 9.33 -54.95 110.04
N LYS OD 79 9.74 -55.10 108.78
CA LYS OD 79 10.42 -56.31 108.31
C LYS OD 79 11.88 -56.03 107.99
N ALA OD 80 12.76 -56.93 108.42
CA ALA OD 80 14.18 -56.88 108.09
C ALA OD 80 14.59 -58.16 107.38
N ASN OD 81 15.46 -58.03 106.38
CA ASN OD 81 15.80 -59.13 105.50
C ASN OD 81 17.28 -59.42 105.53
N ALA OD 82 17.62 -60.70 105.50
CA ALA OD 82 18.97 -61.15 105.19
C ALA OD 82 18.89 -62.02 103.95
N SER OD 83 19.81 -61.83 103.01
CA SER OD 83 19.80 -62.61 101.78
C SER OD 83 21.20 -63.09 101.47
N VAL OD 84 21.35 -64.40 101.29
CA VAL OD 84 22.63 -65.01 100.97
C VAL OD 84 22.53 -65.58 99.57
N THR OD 85 23.63 -65.49 98.81
CA THR OD 85 23.70 -66.03 97.46
C THR OD 85 25.06 -66.68 97.26
N PHE OD 86 25.06 -67.97 96.90
CA PHE OD 86 26.25 -68.74 96.62
C PHE OD 86 26.35 -68.92 95.11
N SER OD 87 27.41 -68.38 94.51
CA SER OD 87 27.71 -68.59 93.10
C SER OD 87 28.83 -69.63 93.02
N LEU OD 88 28.49 -70.80 92.50
CA LEU OD 88 29.37 -71.97 92.54
C LEU OD 88 29.58 -72.49 91.13
N PRO OD 89 30.78 -72.38 90.58
CA PRO OD 89 31.09 -73.00 89.30
C PRO OD 89 31.07 -74.52 89.43
N LYS OD 90 30.69 -75.18 88.33
CA LYS OD 90 30.49 -76.63 88.40
C LYS OD 90 31.82 -77.36 88.61
N THR OD 91 32.88 -76.91 87.94
CA THR OD 91 34.19 -77.52 88.09
C THR OD 91 34.75 -77.37 89.51
N TYR OD 92 34.21 -76.44 90.30
CA TYR OD 92 34.69 -76.19 91.65
C TYR OD 92 34.34 -77.37 92.56
N PRO OD 93 35.25 -77.82 93.42
CA PRO OD 93 35.03 -79.08 94.15
C PRO OD 93 34.11 -78.94 95.36
N ASN OD 94 33.25 -79.95 95.51
CA ASN OD 94 32.24 -79.93 96.57
C ASN OD 94 32.87 -79.76 97.95
N GLU OD 95 34.05 -80.33 98.17
CA GLU OD 95 34.71 -80.18 99.46
C GLU OD 95 35.00 -78.71 99.76
N HIS OD 96 35.62 -78.00 98.82
CA HIS OD 96 35.89 -76.58 99.02
C HIS OD 96 34.61 -75.75 99.11
N ILE OD 97 33.50 -76.21 98.54
CA ILE OD 97 32.23 -75.51 98.77
C ILE OD 97 31.80 -75.64 100.23
N THR OD 98 31.85 -76.86 100.78
CA THR OD 98 31.52 -77.03 102.20
C THR OD 98 32.40 -76.11 103.05
N LYS OD 99 33.69 -76.04 102.70
CA LYS OD 99 34.60 -75.11 103.36
C LYS OD 99 34.09 -73.67 103.30
N LEU OD 100 33.74 -73.21 102.11
CA LEU OD 100 33.27 -71.84 101.94
C LEU OD 100 32.07 -71.55 102.85
N ARG OD 101 31.08 -72.44 102.84
CA ARG OD 101 29.89 -72.24 103.68
C ARG OD 101 30.28 -72.11 105.15
N GLN OD 102 31.15 -73.02 105.63
CA GLN OD 102 31.52 -72.99 107.04
C GLN OD 102 32.25 -71.70 107.40
N THR OD 103 33.14 -71.23 106.53
CA THR OD 103 33.86 -69.99 106.81
C THR OD 103 32.93 -68.78 106.79
N LEU OD 104 31.88 -68.81 105.97
CA LEU OD 104 30.89 -67.72 106.03
C LEU OD 104 30.19 -67.73 107.37
N ILE OD 105 29.82 -68.91 107.88
CA ILE OD 105 29.24 -68.99 109.22
C ILE OD 105 30.18 -68.37 110.24
N ALA OD 106 31.45 -68.77 110.20
CA ALA OD 106 32.45 -68.25 111.13
C ALA OD 106 32.55 -66.73 111.06
N TRP OD 107 32.55 -66.18 109.83
CA TRP OD 107 32.63 -64.74 109.66
C TRP OD 107 31.43 -64.04 110.27
N LEU OD 108 30.22 -64.54 109.98
CA LEU OD 108 29.01 -63.98 110.56
C LEU OD 108 29.00 -64.05 112.07
N GLY OD 109 29.84 -64.90 112.66
CA GLY OD 109 30.04 -64.87 114.11
C GLY OD 109 30.81 -63.69 114.65
N GLN OD 110 31.75 -63.15 113.88
CA GLN OD 110 32.78 -62.26 114.39
C GLN OD 110 32.23 -60.87 114.74
N GLN OD 111 32.98 -60.18 115.61
CA GLN OD 111 32.59 -58.85 116.04
C GLN OD 111 32.63 -57.85 114.89
N CYS OD 112 33.66 -57.93 114.05
CA CYS OD 112 33.78 -56.99 112.94
C CYS OD 112 32.60 -57.07 111.99
N VAL OD 113 31.83 -58.15 112.05
CA VAL OD 113 30.59 -58.28 111.29
C VAL OD 113 29.38 -57.90 112.12
N SER OD 114 29.35 -58.30 113.39
CA SER OD 114 28.18 -58.03 114.22
C SER OD 114 28.02 -56.54 114.49
N ASP OD 115 29.12 -55.81 114.74
CA ASP OD 115 29.03 -54.41 115.07
C ASP OD 115 28.33 -53.58 113.98
N PRO OD 116 28.68 -53.71 112.70
CA PRO OD 116 27.89 -52.97 111.69
C PRO OD 116 26.50 -53.53 111.47
N VAL OD 117 26.35 -54.86 111.40
CA VAL OD 117 25.03 -55.44 111.20
C VAL OD 117 24.11 -55.12 112.37
N ASP OD 118 24.51 -55.53 113.58
CA ASP OD 118 23.61 -55.43 114.73
C ASP OD 118 23.30 -53.97 115.07
N SER OD 119 24.35 -53.16 115.30
CA SER OD 119 24.15 -51.82 115.83
C SER OD 119 24.59 -50.70 114.90
N GLY OD 120 25.22 -51.00 113.78
CA GLY OD 120 25.64 -49.97 112.85
C GLY OD 120 27.00 -49.36 113.10
N LEU OD 121 27.77 -49.89 114.04
CA LEU OD 121 29.12 -49.42 114.26
C LEU OD 121 30.03 -49.93 113.14
N ASN OD 122 30.70 -49.01 112.45
CA ASN OD 122 31.72 -49.45 111.51
C ASN OD 122 33.03 -49.73 112.24
N ASN OD 123 33.89 -50.46 111.57
CA ASN OD 123 35.17 -50.80 112.17
C ASN OD 123 36.20 -49.74 111.82
N TYR OD 124 37.12 -49.51 112.74
CA TYR OD 124 38.09 -48.44 112.60
C TYR OD 124 39.45 -48.87 113.08
N MET PD 1 2.65 -92.21 94.23
CA MET PD 1 3.64 -92.75 95.15
C MET PD 1 4.35 -91.62 95.88
N ARG PD 2 4.63 -91.83 97.17
CA ARG PD 2 5.46 -90.91 97.94
C ARG PD 2 6.92 -91.09 97.54
N LEU PD 3 7.45 -90.15 96.79
CA LEU PD 3 8.77 -90.31 96.21
C LEU PD 3 9.83 -90.34 97.30
N THR PD 4 10.70 -91.36 97.25
CA THR PD 4 11.89 -91.43 98.07
C THR PD 4 13.01 -92.05 97.25
N ASP PD 5 14.24 -91.90 97.75
CA ASP PD 5 15.40 -92.46 97.07
C ASP PD 5 15.17 -93.94 96.79
N VAL PD 6 15.75 -94.43 95.69
CA VAL PD 6 15.60 -95.83 95.33
C VAL PD 6 16.97 -96.42 95.03
N ASP PD 7 17.04 -97.74 95.19
CA ASP PD 7 18.20 -98.53 94.81
C ASP PD 7 17.75 -99.59 93.83
N LEU PD 8 18.46 -99.70 92.72
CA LEU PD 8 18.11 -100.60 91.64
C LEU PD 8 19.10 -101.76 91.59
N THR PD 9 18.57 -102.94 91.33
CA THR PD 9 19.38 -104.13 91.12
C THR PD 9 19.67 -104.23 89.63
N VAL PD 10 20.94 -104.10 89.25
CA VAL PD 10 21.35 -104.03 87.85
C VAL PD 10 22.34 -105.15 87.59
N GLY PD 11 21.86 -106.25 87.00
CA GLY PD 11 22.70 -107.41 86.82
C GLY PD 11 23.25 -107.88 88.15
N GLU PD 12 24.57 -107.75 88.32
CA GLU PD 12 25.22 -108.18 89.55
C GLU PD 12 25.81 -107.01 90.33
N GLU PD 13 25.27 -105.81 90.13
CA GLU PD 13 25.68 -104.64 90.90
C GLU PD 13 24.43 -103.94 91.42
N THR PD 14 24.64 -103.02 92.35
CA THR PD 14 23.56 -102.23 92.90
C THR PD 14 23.80 -100.76 92.60
N ARG PD 15 22.79 -100.11 92.05
CA ARG PD 15 22.85 -98.73 91.60
C ARG PD 15 21.99 -97.89 92.54
N GLU PD 16 22.56 -96.83 93.11
CA GLU PD 16 21.87 -96.05 94.12
C GLU PD 16 21.54 -94.67 93.57
N TYR PD 17 20.25 -94.36 93.46
CA TYR PD 17 19.82 -93.04 93.05
C TYR PD 17 19.24 -92.29 94.24
N ALA PD 18 19.22 -90.97 94.12
CA ALA PD 18 18.65 -90.08 95.11
C ALA PD 18 17.78 -89.04 94.43
N VAL PD 19 16.66 -88.69 95.08
CA VAL PD 19 15.75 -87.72 94.51
C VAL PD 19 16.46 -86.39 94.38
N SER PD 20 16.50 -85.84 93.16
CA SER PD 20 17.10 -84.55 92.90
C SER PD 20 16.09 -83.43 92.70
N GLU PD 21 14.88 -83.74 92.21
CA GLU PD 21 13.80 -82.76 92.27
C GLU PD 21 12.47 -83.47 92.06
N GLN PD 22 11.42 -82.89 92.65
CA GLN PD 22 10.06 -83.39 92.45
C GLN PD 22 9.13 -82.22 92.21
N GLN PD 23 8.48 -82.21 91.04
CA GLN PD 23 7.46 -81.24 90.68
C GLN PD 23 6.13 -81.95 90.51
N GLY PD 24 5.12 -81.19 90.09
CA GLY PD 24 3.78 -81.73 90.03
C GLY PD 24 3.66 -82.91 89.08
N THR PD 25 4.20 -82.74 87.87
CA THR PD 25 4.13 -83.77 86.82
C THR PD 25 5.50 -84.30 86.44
N LEU PD 26 6.57 -83.88 87.13
CA LEU PD 26 7.93 -84.23 86.77
C LEU PD 26 8.72 -84.60 88.01
N PHE PD 27 9.67 -85.53 87.85
CA PHE PD 27 10.63 -85.83 88.90
C PHE PD 27 11.96 -86.23 88.28
N ARG PD 28 13.01 -86.12 89.09
CA ARG PD 28 14.37 -86.38 88.66
C ARG PD 28 15.17 -87.01 89.79
N PHE PD 29 15.82 -88.13 89.48
CA PHE PD 29 16.80 -88.82 90.32
C PHE PD 29 18.20 -88.63 89.77
N VAL PD 30 19.18 -88.71 90.66
CA VAL PD 30 20.60 -88.61 90.32
C VAL PD 30 21.36 -89.78 90.94
N ASP PD 31 22.32 -90.35 90.20
CA ASP PD 31 23.15 -91.44 90.71
C ASP PD 31 24.02 -90.94 91.85
N LYS PD 32 23.91 -91.61 93.01
CA LYS PD 32 24.59 -91.17 94.22
C LYS PD 32 26.12 -91.20 94.09
N SER PD 33 26.65 -91.90 93.10
CA SER PD 33 28.09 -91.99 92.91
C SER PD 33 28.69 -90.79 92.21
N GLY PD 34 27.94 -89.69 92.04
CA GLY PD 34 28.34 -88.61 91.18
C GLY PD 34 28.45 -87.25 91.88
N THR PD 35 29.04 -86.32 91.15
CA THR PD 35 29.25 -84.93 91.57
C THR PD 35 28.66 -84.01 90.52
N VAL PD 36 28.41 -82.74 90.89
CA VAL PD 36 28.11 -81.75 89.86
C VAL PD 36 29.24 -81.72 88.83
N ALA PD 37 30.49 -81.79 89.30
CA ALA PD 37 31.63 -81.76 88.38
C ALA PD 37 31.67 -83.02 87.52
N ASN PD 38 31.60 -84.19 88.14
CA ASN PD 38 31.62 -85.44 87.40
C ASN PD 38 30.32 -86.18 87.65
N ASN PD 39 29.36 -86.02 86.74
CA ASN PD 39 28.09 -86.71 86.87
C ASN PD 39 28.19 -88.12 86.33
N THR PD 40 27.40 -89.01 86.92
CA THR PD 40 27.48 -90.43 86.62
C THR PD 40 26.16 -91.03 86.14
N GLY PD 41 25.05 -90.33 86.30
CA GLY PD 41 23.77 -90.86 85.86
C GLY PD 41 22.62 -90.00 86.30
N VAL PD 42 21.61 -89.86 85.45
CA VAL PD 42 20.40 -89.12 85.79
C VAL PD 42 19.21 -89.86 85.20
N PHE PD 43 18.08 -89.77 85.89
CA PHE PD 43 16.83 -90.30 85.40
C PHE PD 43 15.74 -89.25 85.64
N SER PD 44 14.89 -89.05 84.64
CA SER PD 44 13.84 -88.06 84.74
C SER PD 44 12.58 -88.59 84.09
N LEU PD 45 11.42 -88.21 84.65
CA LEU PD 45 10.14 -88.65 84.13
C LEU PD 45 9.12 -87.53 84.24
N GLU PD 46 8.31 -87.38 83.20
CA GLU PD 46 7.28 -86.34 83.14
C GLU PD 46 6.02 -86.91 82.51
N GLN PD 47 4.87 -86.55 83.07
CA GLN PD 47 3.59 -86.89 82.46
C GLN PD 47 2.92 -85.63 81.95
N ARG PD 48 2.54 -85.64 80.68
CA ARG PD 48 1.65 -84.63 80.09
C ARG PD 48 0.29 -85.29 79.96
N PHE PD 49 -0.56 -85.08 80.96
CA PHE PD 49 -1.93 -85.51 80.87
C PHE PD 49 -2.64 -84.65 79.85
N GLY PD 50 -3.10 -85.27 78.76
CA GLY PD 50 -3.59 -84.52 77.63
C GLY PD 50 -4.99 -83.96 77.83
N ALA PD 51 -5.42 -83.19 76.83
CA ALA PD 51 -6.81 -82.75 76.78
C ALA PD 51 -7.75 -83.96 76.74
N ALA PD 52 -9.03 -83.71 77.03
CA ALA PD 52 -9.99 -84.80 77.17
C ALA PD 52 -10.10 -85.64 75.90
N ASN PD 53 -9.78 -85.06 74.74
CA ASN PD 53 -9.80 -85.81 73.49
C ASN PD 53 -8.50 -86.56 73.24
N SER PD 54 -7.38 -86.03 73.72
CA SER PD 54 -6.06 -86.58 73.40
C SER PD 54 -5.66 -87.68 74.37
N ASN PD 55 -4.62 -88.41 73.98
CA ASN PD 55 -3.98 -89.38 74.85
C ASN PD 55 -3.08 -88.67 75.84
N ARG PD 56 -2.85 -89.31 76.98
CA ARG PD 56 -1.84 -88.80 77.90
C ARG PD 56 -0.50 -89.43 77.56
N LYS PD 57 0.56 -88.68 77.79
CA LYS PD 57 1.91 -89.10 77.45
C LYS PD 57 2.75 -89.14 78.72
N VAL PD 58 3.57 -90.17 78.84
CA VAL PD 58 4.57 -90.25 79.90
C VAL PD 58 5.93 -90.47 79.25
N THR PD 59 6.89 -89.64 79.60
CA THR PD 59 8.21 -89.72 78.99
C THR PD 59 9.28 -89.85 80.07
N MET PD 60 10.28 -90.67 79.78
CA MET PD 60 11.42 -90.92 80.66
C MET PD 60 12.71 -90.76 79.87
N LEU PD 61 13.69 -90.15 80.53
CA LEU PD 61 15.03 -90.02 79.99
C LEU PD 61 16.03 -90.54 81.02
N LEU PD 62 16.85 -91.49 80.59
CA LEU PD 62 17.94 -92.04 81.37
C LEU PD 62 19.24 -91.66 80.67
N THR PD 63 20.14 -91.00 81.40
CA THR PD 63 21.41 -90.56 80.84
C THR PD 63 22.55 -91.10 81.67
N ASP PD 64 23.46 -91.82 81.01
CA ASP PD 64 24.66 -92.36 81.65
C ASP PD 64 25.87 -91.77 80.96
N PRO PD 65 26.58 -90.86 81.63
CA PRO PD 65 27.84 -90.34 81.09
C PRO PD 65 29.03 -91.12 81.61
N VAL PD 66 30.04 -91.24 80.74
CA VAL PD 66 31.28 -91.95 81.01
C VAL PD 66 32.44 -91.09 80.53
N VAL PD 67 33.54 -91.14 81.26
CA VAL PD 67 34.76 -90.47 80.83
C VAL PD 67 35.53 -91.42 79.92
N VAL PD 68 36.09 -90.88 78.84
CA VAL PD 68 36.83 -91.63 77.85
C VAL PD 68 38.07 -90.83 77.46
N LYS PD 69 39.21 -91.49 77.38
CA LYS PD 69 40.41 -90.83 76.90
C LYS PD 69 40.27 -90.52 75.42
N ASP PD 70 40.84 -89.39 75.00
CA ASP PD 70 40.78 -88.94 73.62
C ASP PD 70 42.01 -89.43 72.85
N ALA PD 71 41.92 -89.36 71.52
CA ALA PD 71 43.10 -89.63 70.70
C ALA PD 71 44.23 -88.67 71.05
N SER PD 72 43.90 -87.43 71.42
CA SER PD 72 44.87 -86.47 71.92
C SER PD 72 45.29 -86.75 73.36
N GLY PD 73 44.71 -87.76 74.01
CA GLY PD 73 44.95 -88.04 75.41
C GLY PD 73 44.04 -87.30 76.37
N ALA PD 74 43.49 -86.16 75.96
CA ALA PD 74 42.62 -85.37 76.82
C ALA PD 74 41.43 -86.19 77.30
N ASP PD 75 40.96 -85.89 78.50
CA ASP PD 75 39.80 -86.57 79.05
C ASP PD 75 38.53 -85.95 78.53
N MET PD 76 37.59 -86.78 78.10
CA MET PD 76 36.39 -86.34 77.38
C MET PD 76 35.19 -87.07 77.95
N THR PD 77 34.17 -86.32 78.35
CA THR PD 77 32.97 -86.92 78.93
C THR PD 77 31.91 -87.12 77.85
N ILE PD 78 31.38 -88.34 77.76
CA ILE PD 78 30.48 -88.76 76.70
C ILE PD 78 29.21 -89.32 77.32
N LYS PD 79 28.06 -88.91 76.80
CA LYS PD 79 26.78 -89.33 77.34
C LYS PD 79 26.10 -90.29 76.37
N ALA PD 80 25.46 -91.32 76.93
CA ALA PD 80 24.56 -92.22 76.21
C ALA PD 80 23.16 -92.09 76.80
N ASN PD 81 22.15 -92.05 75.93
CA ASN PD 81 20.80 -91.76 76.38
C ASN PD 81 19.85 -92.88 76.01
N ALA PD 82 18.88 -93.11 76.88
CA ALA PD 82 17.74 -93.97 76.60
C ALA PD 82 16.49 -93.18 76.93
N SER PD 83 15.51 -93.20 76.04
CA SER PD 83 14.28 -92.46 76.25
C SER PD 83 13.09 -93.35 75.96
N VAL PD 84 12.14 -93.40 76.89
CA VAL PD 84 10.93 -94.19 76.76
C VAL PD 84 9.74 -93.24 76.77
N THR PD 85 8.74 -93.54 75.93
CA THR PD 85 7.52 -92.73 75.88
C THR PD 85 6.32 -93.65 75.76
N PHE PD 86 5.38 -93.50 76.70
CA PHE PD 86 4.12 -94.22 76.71
C PHE PD 86 3.03 -93.27 76.25
N SER PD 87 2.37 -93.62 75.14
CA SER PD 87 1.19 -92.93 74.68
C SER PD 87 -0.01 -93.80 75.06
N LEU PD 88 -0.80 -93.31 76.00
CA LEU PD 88 -1.89 -94.06 76.60
C LEU PD 88 -3.19 -93.31 76.42
N PRO PD 89 -4.10 -93.80 75.59
CA PRO PD 89 -5.42 -93.19 75.45
C PRO PD 89 -6.21 -93.33 76.74
N LYS PD 90 -7.13 -92.39 76.97
CA LYS PD 90 -7.88 -92.39 78.20
C LYS PD 90 -8.76 -93.63 78.33
N THR PD 91 -9.42 -94.02 77.24
CA THR PD 91 -10.33 -95.17 77.27
C THR PD 91 -9.61 -96.49 77.44
N TYR PD 92 -8.30 -96.51 77.29
CA TYR PD 92 -7.52 -97.74 77.45
C TYR PD 92 -7.49 -98.14 78.92
N PRO PD 93 -7.72 -99.41 79.27
CA PRO PD 93 -7.83 -99.80 80.68
C PRO PD 93 -6.48 -99.92 81.39
N ASN PD 94 -6.46 -99.44 82.64
CA ASN PD 94 -5.24 -99.44 83.42
C ASN PD 94 -4.59 -100.82 83.49
N GLU PD 95 -5.41 -101.88 83.50
CA GLU PD 95 -4.89 -103.23 83.53
C GLU PD 95 -3.99 -103.51 82.32
N HIS PD 96 -4.52 -103.33 81.11
CA HIS PD 96 -3.72 -103.56 79.91
C HIS PD 96 -2.54 -102.60 79.81
N ILE PD 97 -2.61 -101.42 80.45
CA ILE PD 97 -1.43 -100.57 80.52
C ILE PD 97 -0.30 -101.26 81.30
N THR PD 98 -0.61 -101.76 82.50
CA THR PD 98 0.42 -102.48 83.27
C THR PD 98 0.96 -103.64 82.45
N LYS PD 99 0.08 -104.34 81.73
CA LYS PD 99 0.51 -105.41 80.83
C LYS PD 99 1.54 -104.91 79.82
N LEU PD 100 1.25 -103.78 79.17
CA LEU PD 100 2.16 -103.19 78.20
C LEU PD 100 3.53 -102.91 78.82
N ARG PD 101 3.54 -102.26 80.00
CA ARG PD 101 4.81 -101.92 80.64
C ARG PD 101 5.62 -103.18 80.94
N GLN PD 102 4.97 -104.21 81.46
CA GLN PD 102 5.71 -105.42 81.81
C GLN PD 102 6.25 -106.12 80.57
N THR PD 103 5.45 -106.20 79.49
CA THR PD 103 5.97 -106.79 78.26
C THR PD 103 7.14 -106.00 77.70
N LEU PD 104 7.16 -104.68 77.89
CA LEU PD 104 8.30 -103.90 77.45
C LEU PD 104 9.55 -104.26 78.25
N ILE PD 105 9.41 -104.41 79.56
CA ILE PD 105 10.54 -104.86 80.38
C ILE PD 105 11.06 -106.20 79.86
N ALA PD 106 10.14 -107.13 79.63
CA ALA PD 106 10.52 -108.45 79.12
C ALA PD 106 11.30 -108.34 77.82
N TRP PD 107 10.79 -107.55 76.88
CA TRP PD 107 11.47 -107.37 75.60
C TRP PD 107 12.86 -106.80 75.79
N LEU PD 108 12.99 -105.77 76.64
CA LEU PD 108 14.28 -105.15 76.88
C LEU PD 108 15.28 -106.12 77.46
N GLY PD 109 14.81 -107.18 78.11
CA GLY PD 109 15.69 -108.23 78.58
C GLY PD 109 16.21 -109.17 77.50
N GLN PD 110 15.47 -109.30 76.41
CA GLN PD 110 15.71 -110.33 75.41
C GLN PD 110 17.03 -110.09 74.65
N GLN PD 111 17.58 -111.17 74.11
CA GLN PD 111 18.82 -111.05 73.38
C GLN PD 111 18.62 -110.37 72.03
N CYS PD 112 17.48 -110.59 71.37
CA CYS PD 112 17.23 -109.92 70.09
C CYS PD 112 17.18 -108.42 70.25
N VAL PD 113 16.94 -107.92 71.46
CA VAL PD 113 16.98 -106.50 71.74
C VAL PD 113 18.35 -106.07 72.25
N SER PD 114 18.98 -106.89 73.09
CA SER PD 114 20.25 -106.50 73.69
C SER PD 114 21.37 -106.47 72.66
N ASP PD 115 21.41 -107.47 71.76
CA ASP PD 115 22.50 -107.54 70.79
C ASP PD 115 22.63 -106.29 69.93
N PRO PD 116 21.57 -105.75 69.32
CA PRO PD 116 21.75 -104.48 68.59
C PRO PD 116 22.00 -103.29 69.50
N VAL PD 117 21.30 -103.21 70.63
CA VAL PD 117 21.51 -102.09 71.55
C VAL PD 117 22.92 -102.12 72.13
N ASP PD 118 23.31 -103.26 72.72
CA ASP PD 118 24.58 -103.31 73.45
C ASP PD 118 25.77 -103.29 72.51
N SER PD 119 25.75 -104.10 71.46
CA SER PD 119 26.93 -104.34 70.64
C SER PD 119 26.81 -103.82 69.20
N GLY PD 120 25.65 -103.32 68.80
CA GLY PD 120 25.50 -102.81 67.45
C GLY PD 120 25.38 -103.86 66.37
N LEU PD 121 25.19 -105.12 66.74
CA LEU PD 121 25.00 -106.19 65.76
C LEU PD 121 23.51 -106.37 65.50
N ASN PD 122 23.14 -106.42 64.23
CA ASN PD 122 21.74 -106.66 63.89
C ASN PD 122 21.41 -108.15 63.94
N ASN PD 123 20.12 -108.44 63.95
CA ASN PD 123 19.67 -109.82 64.00
C ASN PD 123 19.50 -110.36 62.59
N TYR PD 124 19.40 -111.69 62.50
CA TYR PD 124 19.31 -112.39 61.22
C TYR PD 124 18.51 -113.70 61.31
N MET QD 1 8.90 86.23 101.10
CA MET QD 1 8.10 87.22 101.82
C MET QD 1 6.64 86.81 101.88
N ARG QD 2 6.02 86.99 103.05
CA ARG QD 2 4.58 86.79 103.16
C ARG QD 2 3.85 87.85 102.34
N LEU QD 3 3.16 87.40 101.30
CA LEU QD 3 2.55 88.31 100.35
C LEU QD 3 1.47 89.16 101.02
N THR QD 4 1.41 90.42 100.60
CA THR QD 4 0.35 91.34 101.01
C THR QD 4 0.01 92.21 99.82
N ASP QD 5 -1.20 92.76 99.83
CA ASP QD 5 -1.57 93.71 98.80
C ASP QD 5 -0.52 94.80 98.71
N VAL QD 6 -0.34 95.36 97.53
CA VAL QD 6 0.80 96.24 97.26
C VAL QD 6 0.27 97.57 96.74
N ASP QD 7 0.85 98.66 97.24
CA ASP QD 7 0.54 99.99 96.74
C ASP QD 7 1.82 100.60 96.20
N LEU QD 8 1.80 100.97 94.91
CA LEU QD 8 2.94 101.49 94.20
C LEU QD 8 2.76 102.98 93.96
N THR QD 9 3.82 103.74 94.14
CA THR QD 9 3.82 105.14 93.75
C THR QD 9 4.35 105.24 92.34
N VAL QD 10 3.54 105.74 91.42
CA VAL QD 10 3.84 105.73 89.99
C VAL QD 10 3.77 107.17 89.49
N GLY QD 11 4.93 107.77 89.26
CA GLY QD 11 4.96 109.16 88.87
C GLY QD 11 4.28 110.00 89.93
N GLU QD 12 3.13 110.56 89.59
CA GLU QD 12 2.41 111.41 90.53
C GLU QD 12 1.05 110.83 90.89
N GLU QD 13 0.87 109.53 90.69
CA GLU QD 13 -0.35 108.84 91.04
C GLU QD 13 0.01 107.65 91.92
N THR QD 14 -0.99 107.03 92.54
CA THR QD 14 -0.78 105.82 93.33
C THR QD 14 -1.64 104.70 92.79
N ARG QD 15 -1.01 103.56 92.53
CA ARG QD 15 -1.62 102.39 91.92
C ARG QD 15 -1.71 101.28 92.96
N GLU QD 16 -2.89 100.69 93.10
CA GLU QD 16 -3.13 99.69 94.15
C GLU QD 16 -3.42 98.34 93.52
N TYR QD 17 -2.62 97.34 93.90
CA TYR QD 17 -2.75 95.97 93.45
C TYR QD 17 -3.13 95.07 94.61
N ALA QD 18 -3.84 93.99 94.29
CA ALA QD 18 -4.25 93.00 95.26
C ALA QD 18 -3.81 91.61 94.81
N VAL QD 19 -3.45 90.76 95.77
CA VAL QD 19 -3.01 89.41 95.47
C VAL QD 19 -4.14 88.63 94.84
N SER QD 20 -3.89 88.05 93.66
CA SER QD 20 -4.86 87.20 92.97
C SER QD 20 -4.57 85.72 93.08
N GLU QD 21 -3.31 85.29 93.00
CA GLU QD 21 -3.02 83.90 93.32
C GLU QD 21 -1.54 83.76 93.68
N GLN QD 22 -1.24 82.75 94.49
CA GLN QD 22 0.14 82.46 94.89
C GLN QD 22 0.36 80.97 94.84
N GLN QD 23 1.35 80.55 94.06
CA GLN QD 23 1.79 79.17 93.98
C GLN QD 23 3.18 79.06 94.60
N GLY QD 24 3.77 77.88 94.48
CA GLY QD 24 5.07 77.67 95.08
C GLY QD 24 6.13 78.60 94.53
N THR QD 25 6.16 78.75 93.20
CA THR QD 25 7.16 79.58 92.53
C THR QD 25 6.51 80.64 91.64
N LEU QD 26 5.23 80.94 91.85
CA LEU QD 26 4.52 81.88 90.99
C LEU QD 26 3.54 82.69 91.83
N PHE QD 27 3.37 83.97 91.47
CA PHE QD 27 2.31 84.78 92.06
C PHE QD 27 1.78 85.77 91.04
N ARG QD 28 0.58 86.27 91.33
CA ARG QD 28 -0.11 87.19 90.44
C ARG QD 28 -0.92 88.18 91.27
N PHE QD 29 -0.72 89.47 90.96
CA PHE QD 29 -1.49 90.60 91.44
C PHE QD 29 -2.39 91.16 90.34
N VAL QD 30 -3.49 91.77 90.78
CA VAL QD 30 -4.44 92.44 89.89
C VAL QD 30 -4.62 93.88 90.36
N ASP QD 31 -4.75 94.80 89.39
CA ASP QD 31 -5.01 96.21 89.71
C ASP QD 31 -6.41 96.35 90.29
N LYS QD 32 -6.49 96.93 91.49
CA LYS QD 32 -7.76 97.10 92.18
C LYS QD 32 -8.74 98.01 91.42
N SER QD 33 -8.26 98.71 90.38
CA SER QD 33 -9.12 99.55 89.57
C SER QD 33 -10.14 98.75 88.77
N GLY QD 34 -9.94 97.43 88.63
CA GLY QD 34 -10.65 96.64 87.65
C GLY QD 34 -11.50 95.53 88.24
N THR QD 35 -12.31 94.95 87.36
CA THR QD 35 -13.21 93.83 87.62
C THR QD 35 -12.69 92.59 86.90
N VAL QD 36 -13.20 91.43 87.32
CA VAL QD 36 -13.12 90.25 86.46
C VAL QD 36 -13.56 90.60 85.05
N ALA QD 37 -14.71 91.28 84.94
CA ALA QD 37 -15.24 91.68 83.64
C ALA QD 37 -14.28 92.61 82.91
N ASN QD 38 -14.02 93.78 83.48
CA ASN QD 38 -13.14 94.76 82.89
C ASN QD 38 -11.87 94.86 83.72
N ASN QD 39 -10.74 94.49 83.12
CA ASN QD 39 -9.45 94.45 83.81
C ASN QD 39 -8.64 95.70 83.49
N THR QD 40 -8.00 96.25 84.51
CA THR QD 40 -7.17 97.44 84.35
C THR QD 40 -5.67 97.17 84.40
N GLY QD 41 -5.25 96.01 84.93
CA GLY QD 41 -3.83 95.72 85.01
C GLY QD 41 -3.54 94.41 85.69
N VAL QD 42 -2.45 93.75 85.29
CA VAL QD 42 -2.06 92.48 85.88
C VAL QD 42 -0.55 92.42 85.99
N PHE QD 43 -0.07 91.77 87.05
CA PHE QD 43 1.35 91.53 87.22
C PHE QD 43 1.54 90.09 87.68
N SER QD 44 2.52 89.42 87.06
CA SER QD 44 2.79 88.03 87.38
C SER QD 44 4.30 87.81 87.43
N LEU QD 45 4.73 86.94 88.35
CA LEU QD 45 6.15 86.64 88.53
C LEU QD 45 6.31 85.14 88.80
N GLU QD 46 7.29 84.52 88.13
CA GLU QD 46 7.59 83.09 88.29
C GLU QD 46 9.09 82.85 88.30
N GLN QD 47 9.54 81.98 89.21
CA GLN QD 47 10.94 81.58 89.27
C GLN QD 47 11.08 80.12 88.86
N ARG QD 48 12.14 79.85 88.09
CA ARG QD 48 12.47 78.52 87.58
C ARG QD 48 13.91 78.22 88.01
N PHE QD 49 14.04 77.43 89.07
CA PHE QD 49 15.31 76.97 89.58
C PHE QD 49 15.75 75.77 88.75
N GLY QD 50 16.84 75.92 87.99
CA GLY QD 50 17.32 74.86 87.14
C GLY QD 50 18.21 73.86 87.88
N ALA QD 51 18.89 73.02 87.11
CA ALA QD 51 19.90 72.16 87.71
C ALA QD 51 21.13 72.97 88.12
N ALA QD 52 22.05 72.32 88.86
CA ALA QD 52 23.20 73.01 89.40
C ALA QD 52 24.12 73.56 88.31
N ASN QD 53 24.06 73.00 87.10
CA ASN QD 53 24.76 73.58 85.96
C ASN QD 53 23.95 74.65 85.25
N SER QD 54 22.65 74.76 85.54
CA SER QD 54 21.78 75.72 84.90
C SER QD 54 21.64 76.98 85.73
N ASN QD 55 21.43 78.09 85.05
CA ASN QD 55 21.11 79.35 85.72
C ASN QD 55 19.65 79.33 86.14
N ARG QD 56 19.38 79.78 87.35
CA ARG QD 56 17.99 79.99 87.72
C ARG QD 56 17.46 81.22 86.99
N LYS QD 57 16.17 81.20 86.70
CA LYS QD 57 15.57 82.25 85.88
C LYS QD 57 14.33 82.80 86.58
N VAL QD 58 14.09 84.09 86.41
CA VAL QD 58 12.99 84.76 87.07
C VAL QD 58 12.32 85.66 86.05
N THR QD 59 11.02 85.48 85.83
CA THR QD 59 10.33 86.21 84.77
C THR QD 59 9.10 86.93 85.30
N MET QD 60 8.91 88.15 84.82
CA MET QD 60 7.82 89.03 85.21
C MET QD 60 7.08 89.47 83.97
N LEU QD 61 5.75 89.52 84.07
CA LEU QD 61 4.88 90.05 83.02
C LEU QD 61 3.95 91.09 83.63
N LEU QD 62 3.99 92.30 83.09
CA LEU QD 62 3.12 93.40 83.47
C LEU QD 62 2.26 93.73 82.26
N THR QD 63 0.94 93.64 82.42
CA THR QD 63 0.00 93.90 81.35
C THR QD 63 -0.91 95.05 81.74
N ASP QD 64 -0.99 96.05 80.86
CA ASP QD 64 -1.86 97.22 81.05
C ASP QD 64 -2.80 97.33 79.88
N PRO QD 65 -4.07 96.97 80.07
CA PRO QD 65 -5.07 97.18 79.02
C PRO QD 65 -5.76 98.53 79.18
N VAL QD 66 -6.09 99.13 78.03
CA VAL QD 66 -6.74 100.42 77.94
C VAL QD 66 -7.86 100.30 76.91
N VAL QD 67 -8.96 100.99 77.17
CA VAL QD 67 -10.05 101.07 76.20
C VAL QD 67 -9.80 102.25 75.28
N VAL QD 68 -9.86 102.00 73.97
CA VAL QD 68 -9.61 102.98 72.94
C VAL QD 68 -10.81 103.03 72.01
N LYS QD 69 -11.05 104.21 71.43
CA LYS QD 69 -12.09 104.38 70.43
C LYS QD 69 -11.69 103.70 69.13
N ASP QD 70 -12.65 103.02 68.52
CA ASP QD 70 -12.46 102.43 67.22
C ASP QD 70 -12.47 103.50 66.14
N ALA QD 71 -11.93 103.16 64.96
CA ALA QD 71 -12.04 104.06 63.82
C ALA QD 71 -13.49 104.27 63.44
N SER QD 72 -14.35 103.27 63.66
CA SER QD 72 -15.79 103.43 63.52
C SER QD 72 -16.39 104.12 64.73
N GLY QD 73 -15.77 104.00 65.90
CA GLY QD 73 -16.27 104.58 67.13
C GLY QD 73 -16.56 103.57 68.23
N ALA QD 74 -16.56 102.28 67.93
CA ALA QD 74 -16.84 101.26 68.93
C ALA QD 74 -15.79 101.27 70.03
N ASP QD 75 -16.16 100.70 71.17
CA ASP QD 75 -15.25 100.54 72.29
C ASP QD 75 -14.41 99.30 72.08
N MET QD 76 -13.08 99.44 72.17
CA MET QD 76 -12.18 98.32 71.91
C MET QD 76 -11.09 98.31 72.97
N THR QD 77 -10.76 97.12 73.48
CA THR QD 77 -9.73 97.01 74.52
C THR QD 77 -8.41 96.57 73.92
N ILE QD 78 -7.34 97.27 74.27
CA ILE QD 78 -6.00 97.06 73.72
C ILE QD 78 -5.03 96.92 74.87
N LYS QD 79 -4.22 95.88 74.83
CA LYS QD 79 -3.25 95.59 75.90
C LYS QD 79 -1.85 95.98 75.45
N ALA QD 80 -1.05 96.47 76.40
CA ALA QD 80 0.37 96.71 76.23
C ALA QD 80 1.13 95.88 77.26
N ASN QD 81 2.19 95.20 76.82
CA ASN QD 81 2.88 94.24 77.65
C ASN QD 81 4.31 94.70 77.92
N ALA QD 82 4.80 94.41 79.11
CA ALA QD 82 6.21 94.55 79.42
C ALA QD 82 6.65 93.30 80.16
N SER QD 83 7.79 92.75 79.77
CA SER QD 83 8.25 91.50 80.36
C SER QD 83 9.72 91.60 80.71
N VAL QD 84 10.07 91.20 81.92
CA VAL QD 84 11.45 91.21 82.38
C VAL QD 84 11.86 89.77 82.67
N THR QD 85 13.13 89.45 82.39
CA THR QD 85 13.68 88.12 82.67
C THR QD 85 15.09 88.28 83.22
N PHE QD 86 15.29 87.76 84.43
CA PHE QD 86 16.59 87.73 85.09
C PHE QD 86 17.16 86.33 84.94
N SER QD 87 18.30 86.23 84.26
CA SER QD 87 19.07 84.98 84.18
C SER QD 87 20.24 85.11 85.16
N LEU QD 88 20.18 84.33 86.23
CA LEU QD 88 21.11 84.42 87.35
C LEU QD 88 21.78 83.08 87.55
N PRO QD 89 23.07 82.96 87.24
CA PRO QD 89 23.80 81.74 87.55
C PRO QD 89 23.94 81.53 89.05
N LYS QD 90 24.11 80.27 89.43
CA LYS QD 90 24.13 79.91 90.84
C LYS QD 90 25.50 80.05 91.47
N THR QD 91 26.49 80.53 90.72
CA THR QD 91 27.78 80.94 91.25
C THR QD 91 27.89 82.45 91.36
N TYR QD 92 26.87 83.17 90.93
CA TYR QD 92 26.83 84.62 90.98
C TYR QD 92 26.36 85.08 92.35
N PRO QD 93 27.01 86.07 92.95
CA PRO QD 93 26.65 86.46 94.32
C PRO QD 93 25.39 87.31 94.41
N ASN QD 94 24.64 87.06 95.49
CA ASN QD 94 23.36 87.72 95.69
C ASN QD 94 23.52 89.24 95.73
N GLU QD 95 24.62 89.73 96.31
CA GLU QD 95 24.89 91.16 96.33
C GLU QD 95 24.84 91.74 94.94
N HIS QD 96 25.59 91.14 94.01
CA HIS QD 96 25.63 91.66 92.65
C HIS QD 96 24.32 91.45 91.92
N ILE QD 97 23.52 90.46 92.31
CA ILE QD 97 22.16 90.38 91.76
C ILE QD 97 21.34 91.63 92.16
N THR QD 98 21.44 92.01 93.44
CA THR QD 98 20.73 93.23 93.87
C THR QD 98 21.25 94.45 93.11
N LYS QD 99 22.58 94.54 92.97
CA LYS QD 99 23.18 95.61 92.16
C LYS QD 99 22.59 95.65 90.76
N LEU QD 100 22.47 94.48 90.14
CA LEU QD 100 21.91 94.38 88.80
C LEU QD 100 20.48 94.89 88.75
N ARG QD 101 19.64 94.44 89.69
CA ARG QD 101 18.24 94.88 89.69
C ARG QD 101 18.14 96.39 89.84
N GLN QD 102 18.96 96.97 90.72
CA GLN QD 102 18.88 98.40 90.93
C GLN QD 102 19.37 99.18 89.70
N THR QD 103 20.46 98.72 89.07
CA THR QD 103 20.91 99.37 87.83
C THR QD 103 19.84 99.29 86.75
N LEU QD 104 19.09 98.20 86.71
CA LEU QD 104 18.00 98.09 85.75
C LEU QD 104 16.92 99.13 86.03
N ILE QD 105 16.56 99.30 87.31
CA ILE QD 105 15.59 100.33 87.67
C ILE QD 105 16.08 101.70 87.21
N ALA QD 106 17.35 102.00 87.50
CA ALA QD 106 17.92 103.29 87.11
C ALA QD 106 17.87 103.47 85.59
N TRP QD 107 18.22 102.43 84.84
CA TRP QD 107 18.18 102.52 83.38
C TRP QD 107 16.77 102.76 82.88
N LEU QD 108 15.79 102.05 83.44
CA LEU QD 108 14.41 102.26 83.05
C LEU QD 108 13.93 103.67 83.36
N GLY QD 109 14.58 104.34 84.30
CA GLY QD 109 14.31 105.74 84.55
C GLY QD 109 14.85 106.70 83.49
N GLN QD 110 15.90 106.29 82.78
CA GLN QD 110 16.66 107.22 81.93
C GLN QD 110 15.84 107.70 80.75
N GLN QD 111 16.21 108.88 80.24
CA GLN QD 111 15.51 109.42 79.08
C GLN QD 111 15.85 108.64 77.82
N CYS QD 112 17.08 108.16 77.70
CA CYS QD 112 17.47 107.40 76.51
C CYS QD 112 16.73 106.07 76.42
N VAL QD 113 16.22 105.56 77.54
CA VAL QD 113 15.32 104.43 77.51
C VAL QD 113 13.87 104.88 77.35
N SER QD 114 13.53 106.04 77.93
CA SER QD 114 12.15 106.51 77.91
C SER QD 114 11.69 106.87 76.50
N ASP QD 115 12.52 107.59 75.73
CA ASP QD 115 12.10 108.08 74.42
C ASP QD 115 11.67 106.97 73.49
N PRO QD 116 12.45 105.91 73.24
CA PRO QD 116 11.95 104.84 72.37
C PRO QD 116 10.74 104.11 72.93
N VAL QD 117 10.75 103.79 74.24
CA VAL QD 117 9.64 103.08 74.84
C VAL QD 117 8.38 103.94 74.82
N ASP QD 118 8.45 105.12 75.43
CA ASP QD 118 7.23 105.90 75.64
C ASP QD 118 6.69 106.47 74.32
N SER QD 119 7.55 106.97 73.45
CA SER QD 119 7.10 107.71 72.27
C SER QD 119 7.54 107.13 70.95
N GLY QD 120 8.47 106.18 70.93
CA GLY QD 120 8.93 105.58 69.70
C GLY QD 120 10.09 106.29 69.03
N LEU QD 121 10.56 107.41 69.58
CA LEU QD 121 11.70 108.10 69.01
C LEU QD 121 12.98 107.34 69.36
N ASN QD 122 13.83 107.13 68.36
CA ASN QD 122 15.15 106.57 68.62
C ASN QD 122 16.13 107.66 69.03
N ASN QD 123 17.18 107.26 69.73
CA ASN QD 123 18.21 108.21 70.12
C ASN QD 123 19.23 108.35 69.01
N TYR QD 124 19.99 109.44 69.04
CA TYR QD 124 20.94 109.73 67.98
C TYR QD 124 22.27 110.27 68.51
N MET RD 1 1.03 73.93 110.50
CA MET RD 1 1.39 75.14 111.23
C MET RD 1 1.58 76.31 110.28
N ARG RD 2 1.58 77.52 110.82
CA ARG RD 2 1.86 78.72 110.04
C ARG RD 2 3.38 78.92 109.96
N LEU RD 3 3.93 78.72 108.78
CA LEU RD 3 5.37 78.77 108.58
C LEU RD 3 5.96 80.11 108.99
N THR RD 4 7.00 80.05 109.80
CA THR RD 4 7.78 81.21 110.21
C THR RD 4 9.24 80.85 110.11
N ASP RD 5 10.09 81.85 109.84
CA ASP RD 5 11.52 81.61 109.79
C ASP RD 5 11.96 80.91 111.07
N VAL RD 6 12.94 80.02 110.95
CA VAL RD 6 13.27 79.10 112.04
C VAL RD 6 14.72 79.32 112.42
N ASP RD 7 15.00 79.24 113.72
CA ASP RD 7 16.36 79.28 114.23
C ASP RD 7 16.64 78.02 115.03
N LEU RD 8 17.65 77.28 114.61
CA LEU RD 8 18.00 75.99 115.17
C LEU RD 8 19.25 76.13 116.00
N THR RD 9 19.23 75.54 117.19
CA THR RD 9 20.41 75.48 118.04
C THR RD 9 21.16 74.21 117.67
N VAL RD 10 22.33 74.36 117.06
CA VAL RD 10 23.10 73.26 116.51
C VAL RD 10 24.42 73.20 117.27
N GLY RD 11 24.50 72.27 118.24
CA GLY RD 11 25.67 72.21 119.09
C GLY RD 11 25.82 73.51 119.83
N GLU RD 12 26.87 74.27 119.53
CA GLU RD 12 27.11 75.54 120.19
C GLU RD 12 26.94 76.71 119.24
N GLU RD 13 26.26 76.50 118.13
CA GLU RD 13 26.06 77.53 117.13
C GLU RD 13 24.56 77.67 116.89
N THR RD 14 24.17 78.72 116.19
CA THR RD 14 22.77 78.92 115.82
C THR RD 14 22.66 79.08 114.32
N ARG RD 15 21.93 78.17 113.68
CA ARG RD 15 21.62 78.25 112.26
C ARG RD 15 20.29 78.96 112.08
N GLU RD 16 20.19 79.80 111.05
CA GLU RD 16 19.01 80.64 110.85
C GLU RD 16 18.47 80.46 109.43
N TYR RD 17 17.32 79.83 109.31
CA TYR RD 17 16.71 79.53 108.03
C TYR RD 17 15.51 80.43 107.81
N ALA RD 18 15.29 80.77 106.54
CA ALA RD 18 14.16 81.57 106.09
C ALA RD 18 13.30 80.77 105.11
N VAL RD 19 11.98 80.98 105.19
CA VAL RD 19 11.07 80.29 104.29
C VAL RD 19 11.36 80.71 102.86
N SER RD 20 11.57 79.72 101.99
CA SER RD 20 11.87 79.96 100.59
C SER RD 20 10.78 79.53 99.63
N GLU RD 21 9.99 78.51 99.95
CA GLU RD 21 8.77 78.30 99.18
C GLU RD 21 7.79 77.45 99.98
N GLN RD 22 6.50 77.68 99.71
CA GLN RD 22 5.40 76.92 100.32
C GLN RD 22 4.43 76.53 99.23
N GLN RD 23 4.27 75.23 99.01
CA GLN RD 23 3.28 74.72 98.08
C GLN RD 23 2.16 74.06 98.89
N GLY RD 24 1.37 73.23 98.23
CA GLY RD 24 0.31 72.54 98.93
C GLY RD 24 0.85 71.62 99.99
N THR RD 25 1.67 70.66 99.58
CA THR RD 25 2.20 69.63 100.46
C THR RD 25 3.71 69.73 100.63
N LEU RD 26 4.33 70.80 100.12
CA LEU RD 26 5.78 70.94 100.11
C LEU RD 26 6.17 72.30 100.64
N PHE RD 27 7.29 72.34 101.39
CA PHE RD 27 7.89 73.60 101.81
C PHE RD 27 9.40 73.49 101.75
N ARG RD 28 10.04 74.66 101.77
CA ARG RD 28 11.49 74.74 101.64
C ARG RD 28 11.99 75.97 102.38
N PHE RD 29 12.94 75.74 103.29
CA PHE RD 29 13.72 76.75 104.00
C PHE RD 29 15.12 76.85 103.42
N VAL RD 30 15.77 77.97 103.72
CA VAL RD 30 17.07 78.30 103.16
C VAL RD 30 17.93 78.96 104.23
N ASP RD 31 19.21 78.56 104.30
CA ASP RD 31 20.12 79.15 105.29
C ASP RD 31 20.34 80.62 105.01
N LYS RD 32 19.95 81.48 105.97
CA LYS RD 32 20.05 82.92 105.77
C LYS RD 32 21.49 83.35 105.55
N SER RD 33 22.44 82.62 106.14
CA SER RD 33 23.86 82.96 106.07
C SER RD 33 24.47 82.72 104.69
N GLY RD 34 23.67 82.37 103.69
CA GLY RD 34 24.22 82.07 102.38
C GLY RD 34 24.49 83.34 101.60
N THR RD 35 25.65 83.38 100.95
CA THR RD 35 26.03 84.51 100.10
C THR RD 35 25.72 84.26 98.64
N VAL RD 36 25.89 83.03 98.18
CA VAL RD 36 25.64 82.64 96.81
C VAL RD 36 24.66 81.47 96.83
N ALA RD 37 24.00 81.25 95.69
CA ALA RD 37 23.12 80.09 95.55
C ALA RD 37 23.85 78.79 95.92
N ASN RD 38 25.03 78.57 95.34
CA ASN RD 38 25.79 77.36 95.65
C ASN RD 38 26.33 77.37 97.08
N ASN RD 39 26.63 78.55 97.61
CA ASN RD 39 27.04 78.67 99.01
C ASN RD 39 25.92 78.22 99.95
N THR RD 40 24.67 78.33 99.53
CA THR RD 40 23.52 78.34 100.42
C THR RD 40 23.01 76.94 100.72
N GLY RD 41 22.95 76.59 102.01
CA GLY RD 41 22.31 75.35 102.41
C GLY RD 41 20.80 75.46 102.38
N VAL RD 42 20.13 74.31 102.24
CA VAL RD 42 18.68 74.29 102.09
C VAL RD 42 18.09 73.09 102.81
N PHE RD 43 16.80 73.19 103.10
CA PHE RD 43 16.05 72.11 103.72
C PHE RD 43 14.64 72.09 103.14
N SER RD 44 14.20 70.93 102.70
CA SER RD 44 12.92 70.79 102.03
C SER RD 44 12.17 69.60 102.59
N LEU RD 45 10.84 69.71 102.62
CA LEU RD 45 9.99 68.63 103.11
C LEU RD 45 8.72 68.56 102.26
N GLU RD 46 8.28 67.33 102.00
CA GLU RD 46 7.11 67.08 101.16
C GLU RD 46 6.37 65.87 101.70
N GLN RD 47 5.04 65.99 101.79
CA GLN RD 47 4.19 64.87 102.16
C GLN RD 47 3.41 64.38 100.96
N ARG RD 48 3.36 63.06 100.81
CA ARG RD 48 2.63 62.38 99.74
C ARG RD 48 1.61 61.48 100.45
N PHE RD 49 0.38 61.94 100.50
CA PHE RD 49 -0.73 61.20 101.08
C PHE RD 49 -1.27 60.24 100.04
N GLY RD 50 -1.31 58.94 100.37
CA GLY RD 50 -1.73 57.94 99.42
C GLY RD 50 -3.22 57.64 99.51
N ALA RD 51 -3.64 56.61 98.78
CA ALA RD 51 -4.99 56.10 98.92
C ALA RD 51 -5.16 55.44 100.29
N ALA RD 52 -6.38 54.98 100.58
CA ALA RD 52 -6.66 54.42 101.90
C ALA RD 52 -5.91 53.11 102.13
N ASN RD 53 -5.59 52.38 101.06
CA ASN RD 53 -4.76 51.18 101.19
C ASN RD 53 -3.28 51.50 101.24
N SER RD 54 -2.89 52.74 100.96
CA SER RD 54 -1.50 53.13 100.95
C SER RD 54 -1.09 53.71 102.31
N ASN RD 55 0.22 53.88 102.48
CA ASN RD 55 0.79 54.59 103.60
C ASN RD 55 1.13 56.01 103.13
N ARG RD 56 0.87 56.99 103.97
CA ARG RD 56 1.36 58.33 103.63
C ARG RD 56 2.87 58.36 103.86
N LYS RD 57 3.56 59.13 103.04
CA LYS RD 57 5.01 59.22 103.11
C LYS RD 57 5.43 60.68 103.26
N VAL RD 58 6.36 60.94 104.17
CA VAL RD 58 6.91 62.27 104.34
C VAL RD 58 8.40 62.19 104.11
N THR RD 59 8.92 63.08 103.25
CA THR RD 59 10.33 63.06 102.90
C THR RD 59 10.94 64.43 103.16
N MET RD 60 12.19 64.41 103.62
CA MET RD 60 12.96 65.61 103.90
C MET RD 60 14.33 65.46 103.28
N LEU RD 61 14.81 66.56 102.72
CA LEU RD 61 16.17 66.67 102.20
C LEU RD 61 16.86 67.88 102.82
N LEU RD 62 18.04 67.64 103.38
CA LEU RD 62 18.89 68.66 103.97
C LEU RD 62 20.20 68.68 103.19
N THR RD 63 20.53 69.84 102.61
CA THR RD 63 21.73 70.01 101.80
C THR RD 63 22.62 71.07 102.42
N ASP RD 64 23.87 70.69 102.69
CA ASP RD 64 24.85 71.59 103.31
C ASP RD 64 26.11 71.65 102.46
N PRO RD 65 26.22 72.63 101.57
CA PRO RD 65 27.45 72.80 100.79
C PRO RD 65 28.53 73.55 101.57
N VAL RD 66 29.78 73.28 101.19
CA VAL RD 66 30.96 73.90 101.78
C VAL RD 66 31.96 74.21 100.68
N VAL RD 67 32.76 75.26 100.86
CA VAL RD 67 33.77 75.64 99.88
C VAL RD 67 35.11 74.99 100.23
N VAL RD 68 35.71 74.31 99.26
CA VAL RD 68 37.02 73.67 99.42
C VAL RD 68 37.99 74.22 98.38
N MET RD 76 36.27 75.26 94.60
CA MET RD 76 35.16 74.32 94.40
C MET RD 76 34.25 74.22 95.63
N THR RD 77 32.95 74.03 95.40
CA THR RD 77 31.97 73.83 96.46
C THR RD 77 31.41 72.42 96.38
N ILE RD 78 31.41 71.74 97.53
CA ILE RD 78 31.06 70.34 97.66
C ILE RD 78 29.81 70.24 98.53
N LYS RD 79 28.84 69.44 98.08
CA LYS RD 79 27.55 69.33 98.75
C LYS RD 79 27.38 67.95 99.40
N ALA RD 80 26.87 67.95 100.63
CA ALA RD 80 26.53 66.72 101.34
C ALA RD 80 25.05 66.73 101.71
N ASN RD 81 24.41 65.56 101.60
CA ASN RD 81 22.98 65.46 101.75
C ASN RD 81 22.60 64.52 102.88
N ALA RD 82 21.57 64.88 103.62
CA ALA RD 82 20.87 63.96 104.51
C ALA RD 82 19.42 63.90 104.05
N SER RD 83 18.86 62.70 103.99
CA SER RD 83 17.48 62.54 103.54
C SER RD 83 16.76 61.59 104.49
N VAL RD 84 15.63 62.05 105.02
CA VAL RD 84 14.82 61.25 105.93
C VAL RD 84 13.50 60.97 105.24
N THR RD 85 12.95 59.78 105.46
CA THR RD 85 11.66 59.39 104.90
C THR RD 85 10.88 58.60 105.94
N PHE RD 86 9.68 59.08 106.26
CA PHE RD 86 8.77 58.45 107.20
C PHE RD 86 7.66 57.79 106.40
N SER RD 87 7.56 56.46 106.50
CA SER RD 87 6.46 55.70 105.92
C SER RD 87 5.50 55.35 107.05
N LEU RD 88 4.31 55.95 106.99
CA LEU RD 88 3.34 55.89 108.08
C LEU RD 88 2.03 55.35 107.57
N PRO RD 89 1.62 54.16 107.98
CA PRO RD 89 0.28 53.67 107.65
C PRO RD 89 -0.79 54.49 108.35
N LYS RD 90 -1.95 54.60 107.70
CA LYS RD 90 -2.97 55.49 108.23
C LYS RD 90 -3.56 54.97 109.54
N THR RD 91 -3.76 53.65 109.63
CA THR RD 91 -4.28 53.06 110.86
C THR RD 91 -3.32 53.20 112.04
N TYR RD 92 -2.05 53.50 111.77
CA TYR RD 92 -1.04 53.64 112.83
C TYR RD 92 -1.32 54.88 113.66
N PRO RD 93 -1.22 54.83 114.99
CA PRO RD 93 -1.69 55.95 115.83
C PRO RD 93 -0.70 57.11 115.92
N ASN RD 94 -1.26 58.31 115.86
CA ASN RD 94 -0.45 59.53 115.84
C ASN RD 94 0.49 59.60 117.05
N GLU RD 95 0.06 59.11 118.20
CA GLU RD 95 0.92 59.12 119.38
C GLU RD 95 2.19 58.32 119.14
N HIS RD 96 2.05 57.08 118.66
CA HIS RD 96 3.23 56.27 118.36
C HIS RD 96 4.07 56.85 117.23
N ILE RD 97 3.49 57.64 116.33
CA ILE RD 97 4.31 58.34 115.34
C ILE RD 97 5.21 59.38 116.02
N THR RD 98 4.62 60.19 116.91
CA THR RD 98 5.45 61.17 117.64
C THR RD 98 6.58 60.44 118.36
N LYS RD 99 6.26 59.30 118.97
CA LYS RD 99 7.28 58.46 119.60
C LYS RD 99 8.40 58.10 118.61
N LEU RD 100 8.02 57.59 117.43
CA LEU RD 100 9.00 57.19 116.44
C LEU RD 100 9.95 58.34 116.10
N ARG RD 101 9.39 59.51 115.81
CA ARG RD 101 10.22 60.67 115.46
C ARG RD 101 11.21 60.99 116.58
N GLN RD 102 10.72 61.01 117.82
CA GLN RD 102 11.61 61.36 118.94
C GLN RD 102 12.73 60.34 119.10
N THR RD 103 12.42 59.05 118.94
CA THR RD 103 13.47 58.04 119.07
C THR RD 103 14.47 58.12 117.94
N LEU RD 104 14.05 58.53 116.75
CA LEU RD 104 15.02 58.76 115.68
C LEU RD 104 15.98 59.90 116.05
N ILE RD 105 15.44 60.97 116.61
CA ILE RD 105 16.30 62.05 117.10
C ILE RD 105 17.32 61.51 118.10
N ALA RD 106 16.84 60.75 119.08
CA ALA RD 106 17.72 60.18 120.09
C ALA RD 106 18.81 59.32 119.46
N TRP RD 107 18.44 58.49 118.49
CA TRP RD 107 19.42 57.64 117.82
C TRP RD 107 20.48 58.46 117.11
N LEU RD 108 20.06 59.46 116.35
CA LEU RD 108 20.98 60.36 115.66
C LEU RD 108 21.91 61.07 116.62
N GLY RD 109 21.55 61.14 117.91
CA GLY RD 109 22.46 61.63 118.92
C GLY RD 109 23.62 60.72 119.27
N GLN RD 110 23.42 59.40 119.18
CA GLN RD 110 24.31 58.43 119.80
C GLN RD 110 25.66 58.31 119.07
N GLN RD 111 26.65 57.80 119.81
CA GLN RD 111 27.99 57.63 119.25
C GLN RD 111 28.00 56.59 118.16
N CYS RD 112 27.27 55.48 118.34
CA CYS RD 112 27.26 54.42 117.35
C CYS RD 112 26.75 54.92 116.01
N VAL RD 113 26.04 56.05 115.99
CA VAL RD 113 25.61 56.67 114.75
C VAL RD 113 26.56 57.78 114.31
N SER RD 114 27.07 58.57 115.25
CA SER RD 114 27.95 59.68 114.87
C SER RD 114 29.27 59.18 114.31
N ASP RD 115 29.85 58.11 114.88
CA ASP RD 115 31.14 57.63 114.44
C ASP RD 115 31.16 57.25 112.94
N PRO RD 116 30.20 56.47 112.44
CA PRO RD 116 30.20 56.23 110.97
C PRO RD 116 29.80 57.45 110.16
N VAL RD 117 28.76 58.18 110.58
CA VAL RD 117 28.34 59.36 109.83
C VAL RD 117 29.45 60.41 109.82
N ASP RD 118 29.86 60.87 111.00
CA ASP RD 118 30.78 62.00 111.07
C ASP RD 118 32.14 61.67 110.48
N SER RD 119 32.78 60.60 110.96
CA SER RD 119 34.16 60.32 110.60
C SER RD 119 34.37 59.02 109.83
N GLY RD 120 33.35 58.19 109.68
CA GLY RD 120 33.49 56.95 108.94
C GLY RD 120 33.95 55.76 109.74
N LEU RD 121 34.05 55.87 111.06
CA LEU RD 121 34.40 54.72 111.89
C LEU RD 121 33.19 53.81 112.00
N ASN RD 122 33.37 52.54 111.63
CA ASN RD 122 32.32 51.58 111.90
C ASN RD 122 32.42 51.07 113.34
N ASN RD 123 31.33 50.49 113.81
CA ASN RD 123 31.32 49.97 115.17
C ASN RD 123 31.77 48.53 115.18
N TYR RD 124 32.43 48.16 116.26
CA TYR RD 124 33.05 46.85 116.37
C TYR RD 124 32.86 46.27 117.74
N MET SD 1 -7.83 86.50 100.04
CA MET SD 1 -7.76 86.45 101.50
C MET SD 1 -6.52 85.70 101.94
N ARG SD 2 -5.88 86.17 103.01
CA ARG SD 2 -4.78 85.45 103.65
C ARG SD 2 -5.36 84.28 104.44
N LEU SD 3 -5.19 83.08 103.93
CA LEU SD 3 -5.84 81.91 104.51
C LEU SD 3 -5.28 81.64 105.90
N THR SD 4 -6.18 81.48 106.86
CA THR SD 4 -5.84 81.00 108.20
C THR SD 4 -6.98 80.10 108.68
N ASP SD 5 -6.69 79.35 109.74
CA ASP SD 5 -7.68 78.45 110.33
C ASP SD 5 -8.96 79.23 110.62
N VAL SD 6 -10.10 78.54 110.53
CA VAL SD 6 -11.37 79.20 110.81
C VAL SD 6 -12.18 78.33 111.77
N ASP SD 7 -13.09 79.00 112.48
CA ASP SD 7 -14.05 78.36 113.34
C ASP SD 7 -15.44 78.78 112.88
N LEU SD 8 -16.32 77.80 112.70
CA LEU SD 8 -17.66 78.02 112.19
C LEU SD 8 -18.68 77.84 113.29
N THR SD 9 -19.69 78.70 113.28
CA THR SD 9 -20.81 78.59 114.19
C THR SD 9 -21.88 77.75 113.50
N VAL SD 10 -22.17 76.57 114.06
CA VAL SD 10 -23.06 75.60 113.43
C VAL SD 10 -24.20 75.30 114.39
N GLY SD 11 -25.35 75.94 114.17
CA GLY SD 11 -26.44 75.81 115.10
C GLY SD 11 -26.02 76.23 116.48
N GLU SD 12 -25.96 75.28 117.41
CA GLU SD 12 -25.57 75.56 118.78
C GLU SD 12 -24.26 74.89 119.16
N GLU SD 13 -23.41 74.61 118.17
CA GLU SD 13 -22.08 74.07 118.43
C GLU SD 13 -21.07 74.88 117.64
N THR SD 14 -19.79 74.71 117.97
CA THR SD 14 -18.71 75.36 117.26
C THR SD 14 -17.82 74.31 116.61
N ARG SD 15 -17.57 74.48 115.32
CA ARG SD 15 -16.81 73.56 114.50
C ARG SD 15 -15.48 74.20 114.16
N GLU SD 16 -14.37 73.51 114.45
CA GLU SD 16 -13.04 74.10 114.28
C GLU SD 16 -12.31 73.41 113.15
N TYR SD 17 -11.99 74.17 112.10
CA TYR SD 17 -11.22 73.64 110.99
C TYR SD 17 -9.81 74.24 111.03
N ALA SD 18 -8.89 73.54 110.39
CA ALA SD 18 -7.50 73.97 110.26
C ALA SD 18 -7.05 73.80 108.81
N VAL SD 19 -6.24 74.75 108.34
CA VAL SD 19 -5.76 74.68 106.96
C VAL SD 19 -4.91 73.44 106.80
N SER SD 20 -5.29 72.60 105.84
CA SER SD 20 -4.54 71.39 105.52
C SER SD 20 -3.71 71.49 104.25
N GLU SD 21 -4.11 72.32 103.28
CA GLU SD 21 -3.21 72.67 102.20
C GLU SD 21 -3.72 73.91 101.49
N GLN SD 22 -2.78 74.66 100.91
CA GLN SD 22 -3.13 75.84 100.11
C GLN SD 22 -2.29 75.83 98.84
N GLN SD 23 -2.96 75.78 97.69
CA GLN SD 23 -2.34 75.89 96.38
C GLN SD 23 -2.82 77.17 95.70
N GLY SD 24 -2.40 77.34 94.45
CA GLY SD 24 -2.69 78.58 93.76
C GLY SD 24 -4.17 78.81 93.57
N THR SD 25 -4.90 77.79 93.12
CA THR SD 25 -6.32 77.88 92.86
C THR SD 25 -7.14 76.94 93.75
N LEU SD 26 -6.50 76.27 94.70
CA LEU SD 26 -7.16 75.26 95.52
C LEU SD 26 -6.73 75.41 96.98
N PHE SD 27 -7.66 75.10 97.89
CA PHE SD 27 -7.32 75.01 99.31
C PHE SD 27 -8.18 73.95 99.97
N ARG SD 28 -7.69 73.48 101.12
CA ARG SD 28 -8.33 72.41 101.86
C ARG SD 28 -8.17 72.63 103.36
N PHE SD 29 -9.30 72.57 104.07
CA PHE SD 29 -9.40 72.57 105.52
C PHE SD 29 -9.78 71.18 106.02
N VAL SD 30 -9.39 70.90 107.27
CA VAL SD 30 -9.69 69.63 107.95
C VAL SD 30 -10.27 69.94 109.33
N ASP SD 31 -11.28 69.17 109.73
CA ASP SD 31 -11.89 69.32 111.07
C ASP SD 31 -10.87 68.95 112.14
N LYS SD 32 -10.63 69.89 113.07
CA LYS SD 32 -9.60 69.70 114.09
C LYS SD 32 -9.88 68.53 115.03
N SER SD 33 -11.12 68.04 115.05
CA SER SD 33 -11.48 66.93 115.93
C SER SD 33 -11.08 65.56 115.38
N GLY SD 34 -10.26 65.50 114.32
CA GLY SD 34 -10.04 64.29 113.60
C GLY SD 34 -8.57 63.85 113.53
N THR SD 35 -8.39 62.62 113.07
CA THR SD 35 -7.10 61.97 112.88
C THR SD 35 -7.01 61.48 111.44
N VAL SD 36 -5.78 61.19 110.98
CA VAL SD 36 -5.65 60.45 109.73
C VAL SD 36 -6.42 59.15 109.82
N ALA SD 37 -6.33 58.46 110.96
CA ALA SD 37 -7.01 57.19 111.13
C ALA SD 37 -8.52 57.38 111.15
N ASN SD 38 -9.00 58.30 111.99
CA ASN SD 38 -10.43 58.58 112.08
C ASN SD 38 -10.68 60.02 111.69
N ASN SD 39 -11.03 60.23 110.42
CA ASN SD 39 -11.32 61.57 109.94
C ASN SD 39 -12.76 61.97 110.27
N THR SD 40 -12.96 63.26 110.50
CA THR SD 40 -14.24 63.76 110.96
C THR SD 40 -14.84 64.82 110.04
N GLY SD 41 -14.08 65.38 109.12
CA GLY SD 41 -14.62 66.37 108.22
C GLY SD 41 -13.55 67.01 107.37
N VAL SD 42 -13.87 67.31 106.11
CA VAL SD 42 -12.95 68.00 105.22
C VAL SD 42 -13.76 68.97 104.38
N PHE SD 43 -13.11 70.07 104.02
CA PHE SD 43 -13.68 71.05 103.11
C PHE SD 43 -12.61 71.44 102.11
N SER SD 44 -12.99 71.52 100.84
CA SER SD 44 -12.04 71.86 99.79
C SER SD 44 -12.72 72.76 98.77
N LEU SD 45 -11.94 73.69 98.20
CA LEU SD 45 -12.46 74.63 97.22
C LEU SD 45 -11.42 74.86 96.13
N GLU SD 46 -11.88 74.93 94.88
CA GLU SD 46 -11.01 75.14 93.73
C GLU SD 46 -11.70 76.07 92.75
N GLN SD 47 -10.94 77.01 92.18
CA GLN SD 47 -11.43 77.85 91.11
C GLN SD 47 -10.72 77.48 89.81
N ARG SD 48 -11.50 77.20 88.77
CA ARG SD 48 -11.02 77.10 87.40
C ARG SD 48 -11.44 78.38 86.70
N PHE SD 49 -10.54 79.35 86.67
CA PHE SD 49 -10.75 80.56 85.88
C PHE SD 49 -10.68 80.18 84.41
N GLY SD 50 -11.79 80.33 83.71
CA GLY SD 50 -11.89 79.81 82.36
C GLY SD 50 -11.17 80.67 81.33
N ALA SD 51 -11.18 80.16 80.10
CA ALA SD 51 -10.72 80.95 78.97
C ALA SD 51 -11.54 82.22 78.84
N ALA SD 52 -11.03 83.18 78.06
CA ALA SD 52 -11.65 84.49 77.98
C ALA SD 52 -13.09 84.41 77.46
N ASN SD 53 -13.42 83.37 76.71
CA ASN SD 53 -14.80 83.19 76.23
C ASN SD 53 -15.68 82.49 77.25
N SER SD 54 -15.11 81.61 78.07
CA SER SD 54 -15.87 80.76 78.97
C SER SD 54 -16.15 81.45 80.30
N ASN SD 55 -17.07 80.86 81.06
CA ASN SD 55 -17.32 81.26 82.43
C ASN SD 55 -16.24 80.68 83.35
N ARG SD 56 -16.03 81.34 84.48
CA ARG SD 56 -15.17 80.76 85.49
C ARG SD 56 -16.03 79.93 86.43
N LYS SD 57 -15.42 78.86 86.96
CA LYS SD 57 -16.12 77.92 87.82
C LYS SD 57 -15.44 77.89 89.18
N VAL SD 58 -16.24 77.84 90.24
CA VAL SD 58 -15.73 77.63 91.58
C VAL SD 58 -16.48 76.44 92.17
N THR SD 59 -15.74 75.46 92.67
CA THR SD 59 -16.34 74.26 93.20
C THR SD 59 -15.87 74.01 94.62
N MET SD 60 -16.80 73.54 95.46
CA MET SD 60 -16.56 73.23 96.85
C MET SD 60 -17.09 71.84 97.15
N LEU SD 61 -16.31 71.10 97.95
CA LEU SD 61 -16.72 69.80 98.45
C LEU SD 61 -16.57 69.77 99.96
N LEU SD 62 -17.67 69.45 100.65
CA LEU SD 62 -17.71 69.27 102.09
C LEU SD 62 -18.03 67.80 102.36
N THR SD 63 -17.17 67.13 103.11
CA THR SD 63 -17.34 65.72 103.41
C THR SD 63 -17.34 65.51 104.92
N ASP SD 64 -18.42 64.89 105.41
CA ASP SD 64 -18.56 64.56 106.83
C ASP SD 64 -18.69 63.05 106.95
N PRO SD 65 -17.65 62.39 107.44
CA PRO SD 65 -17.76 60.96 107.73
C PRO SD 65 -18.15 60.69 109.17
N VAL SD 66 -18.91 59.61 109.34
CA VAL SD 66 -19.43 59.16 110.63
C VAL SD 66 -19.23 57.66 110.73
N VAL SD 67 -18.92 57.20 111.93
CA VAL SD 67 -18.83 55.77 112.20
C VAL SD 67 -20.22 55.26 112.54
N VAL SD 68 -20.56 54.09 112.01
CA VAL SD 68 -21.86 53.46 112.20
C VAL SD 68 -21.64 51.97 112.43
N LYS SD 69 -22.33 51.41 113.42
CA LYS SD 69 -22.27 49.97 113.64
C LYS SD 69 -22.97 49.26 112.48
N ASP SD 70 -22.45 48.09 112.13
CA ASP SD 70 -22.99 47.28 111.04
C ASP SD 70 -23.99 46.27 111.58
N ALA SD 71 -24.78 45.69 110.67
CA ALA SD 71 -25.64 44.58 111.06
C ALA SD 71 -24.83 43.43 111.62
N SER SD 72 -23.62 43.23 111.10
CA SER SD 72 -22.67 42.26 111.65
C SER SD 72 -22.02 42.73 112.94
N GLY SD 73 -22.30 43.96 113.38
CA GLY SD 73 -21.65 44.55 114.52
C GLY SD 73 -20.36 45.30 114.21
N ALA SD 74 -19.69 44.94 113.12
CA ALA SD 74 -18.44 45.59 112.74
C ALA SD 74 -18.62 47.10 112.59
N ASP SD 75 -17.55 47.83 112.91
CA ASP SD 75 -17.60 49.28 112.78
C ASP SD 75 -17.30 49.69 111.34
N MET SD 76 -18.11 50.60 110.80
CA MET SD 76 -18.09 50.94 109.38
C MET SD 76 -18.14 52.46 109.25
N THR SD 77 -17.21 53.04 108.51
CA THR SD 77 -17.15 54.48 108.33
C THR SD 77 -17.86 54.87 107.05
N ILE SD 78 -18.78 55.83 107.15
CA ILE SD 78 -19.67 56.22 106.07
C ILE SD 78 -19.56 57.72 105.86
N LYS SD 79 -19.43 58.14 104.60
CA LYS SD 79 -19.27 59.54 104.27
C LYS SD 79 -20.55 60.08 103.63
N ALA SD 80 -20.89 61.33 103.99
CA ALA SD 80 -21.93 62.11 103.32
C ALA SD 80 -21.29 63.34 102.71
N ASN SD 81 -21.70 63.69 101.49
CA ASN SD 81 -21.03 64.75 100.76
C ASN SD 81 -22.01 65.85 100.38
N ALA SD 82 -21.51 67.07 100.38
CA ALA SD 82 -22.21 68.21 99.81
C ALA SD 82 -21.25 68.89 98.85
N SER SD 83 -21.73 69.24 97.66
CA SER SD 83 -20.89 69.87 96.66
C SER SD 83 -21.61 71.07 96.08
N VAL SD 84 -20.94 72.21 96.05
CA VAL SD 84 -21.48 73.44 95.49
C VAL SD 84 -20.61 73.87 94.32
N THR SD 85 -21.26 74.37 93.26
CA THR SD 85 -20.54 74.86 92.08
C THR SD 85 -21.17 76.15 91.60
N PHE SD 86 -20.35 77.19 91.51
CA PHE SD 86 -20.74 78.49 90.99
C PHE SD 86 -20.20 78.62 89.58
N SER SD 87 -21.09 78.78 88.61
CA SER SD 87 -20.72 79.11 87.23
C SER SD 87 -21.00 80.59 87.05
N LEU SD 88 -19.93 81.36 86.90
CA LEU SD 88 -19.99 82.81 86.87
C LEU SD 88 -19.38 83.32 85.58
N PRO SD 89 -20.20 83.87 84.68
CA PRO SD 89 -19.65 84.49 83.47
C PRO SD 89 -18.85 85.73 83.81
N LYS SD 90 -17.88 86.04 82.94
CA LYS SD 90 -16.99 87.16 83.22
C LYS SD 90 -17.76 88.47 83.24
N THR SD 91 -18.68 88.67 82.28
CA THR SD 91 -19.42 89.93 82.18
C THR SD 91 -20.40 90.13 83.33
N TYR SD 92 -20.67 89.09 84.11
CA TYR SD 92 -21.58 89.20 85.24
C TYR SD 92 -20.95 90.04 86.35
N PRO SD 93 -21.67 90.99 86.95
CA PRO SD 93 -21.04 91.91 87.91
C PRO SD 93 -20.84 91.29 89.30
N ASN SD 94 -19.68 91.60 89.88
CA ASN SD 94 -19.31 91.05 91.18
C ASN SD 94 -20.40 91.29 92.23
N GLU SD 95 -21.09 92.41 92.14
CA GLU SD 95 -22.17 92.71 93.07
C GLU SD 95 -23.25 91.64 93.04
N HIS SD 96 -23.83 91.40 91.86
CA HIS SD 96 -24.86 90.39 91.74
C HIS SD 96 -24.34 88.98 92.04
N ILE SD 97 -23.03 88.73 91.90
CA ILE SD 97 -22.48 87.46 92.36
C ILE SD 97 -22.64 87.32 93.88
N THR SD 98 -22.21 88.35 94.64
CA THR SD 98 -22.38 88.28 96.10
C THR SD 98 -23.85 88.10 96.45
N LYS SD 99 -24.74 88.77 95.71
CA LYS SD 99 -26.17 88.57 95.88
C LYS SD 99 -26.56 87.10 95.73
N LEU SD 100 -26.08 86.47 94.65
CA LEU SD 100 -26.37 85.05 94.40
C LEU SD 100 -25.91 84.19 95.57
N ARG SD 101 -24.68 84.39 96.03
CA ARG SD 101 -24.16 83.57 97.13
C ARG SD 101 -25.01 83.72 98.39
N GLN SD 102 -25.39 84.96 98.71
CA GLN SD 102 -26.16 85.16 99.93
C GLN SD 102 -27.56 84.54 99.81
N THR SD 103 -28.21 84.69 98.65
CA THR SD 103 -29.51 84.04 98.48
C THR SD 103 -29.40 82.53 98.58
N LEU SD 104 -28.28 81.95 98.14
CA LEU SD 104 -28.10 80.51 98.30
C LEU SD 104 -28.01 80.12 99.76
N ILE SD 105 -27.25 80.91 100.55
CA ILE SD 105 -27.22 80.65 102.00
C ILE SD 105 -28.62 80.70 102.58
N ALA SD 106 -29.38 81.73 102.22
CA ALA SD 106 -30.75 81.88 102.72
C ALA SD 106 -31.59 80.66 102.38
N TRP SD 107 -31.53 80.22 101.12
CA TRP SD 107 -32.29 79.05 100.70
C TRP SD 107 -31.90 77.82 101.50
N LEU SD 108 -30.59 77.60 101.67
CA LEU SD 108 -30.11 76.43 102.41
C LEU SD 108 -30.59 76.44 103.84
N GLY SD 109 -30.92 77.61 104.39
CA GLY SD 109 -31.54 77.69 105.70
C GLY SD 109 -32.99 77.29 105.77
N GLN SD 110 -33.70 77.40 104.65
CA GLN SD 110 -35.15 77.27 104.63
C GLN SD 110 -35.60 75.84 104.93
N GLN SD 111 -36.84 75.73 105.41
CA GLN SD 111 -37.37 74.40 105.73
C GLN SD 111 -37.70 73.61 104.47
N CYS SD 112 -38.14 74.28 103.41
CA CYS SD 112 -38.43 73.55 102.16
C CYS SD 112 -37.18 72.91 101.58
N VAL SD 113 -36.01 73.39 101.97
CA VAL SD 113 -34.74 72.78 101.57
C VAL SD 113 -34.26 71.78 102.61
N SER SD 114 -34.41 72.10 103.90
CA SER SD 114 -33.88 71.23 104.94
C SER SD 114 -34.65 69.93 105.03
N ASP SD 115 -35.99 69.98 104.92
CA ASP SD 115 -36.79 68.77 105.08
C ASP SD 115 -36.40 67.67 104.09
N PRO SD 116 -36.26 67.91 102.78
CA PRO SD 116 -35.78 66.83 101.92
C PRO SD 116 -34.32 66.45 102.14
N VAL SD 117 -33.46 67.44 102.35
CA VAL SD 117 -32.05 67.15 102.59
C VAL SD 117 -31.86 66.38 103.89
N ASP SD 118 -32.39 66.92 104.99
CA ASP SD 118 -32.11 66.34 106.30
C ASP SD 118 -32.84 65.01 106.50
N SER SD 119 -34.13 64.97 106.17
CA SER SD 119 -34.97 63.83 106.55
C SER SD 119 -35.48 63.01 105.37
N GLY SD 120 -35.22 63.44 104.13
CA GLY SD 120 -35.68 62.70 102.98
C GLY SD 120 -37.16 62.82 102.67
N LEU SD 121 -37.87 63.74 103.32
CA LEU SD 121 -39.27 63.98 103.03
C LEU SD 121 -39.40 65.05 101.96
N ASN SD 122 -40.21 64.78 100.94
CA ASN SD 122 -40.46 65.77 99.91
C ASN SD 122 -41.51 66.78 100.36
N ASN SD 123 -41.57 67.89 99.64
CA ASN SD 123 -42.54 68.92 99.95
C ASN SD 123 -43.83 68.69 99.19
N TYR SD 124 -44.88 69.38 99.63
CA TYR SD 124 -46.22 69.21 99.07
C TYR SD 124 -47.08 70.50 99.15
N MET TD 1 129.15 -4.84 30.60
CA MET TD 1 130.45 -4.41 30.10
C MET TD 1 130.35 -3.09 29.34
N ARG TD 2 131.30 -2.19 29.57
CA ARG TD 2 131.37 -0.97 28.78
C ARG TD 2 131.71 -1.33 27.33
N LEU TD 3 130.77 -1.06 26.43
CA LEU TD 3 130.92 -1.49 25.04
C LEU TD 3 132.09 -0.81 24.37
N THR TD 4 132.78 -1.57 23.53
CA THR TD 4 133.85 -1.06 22.69
C THR TD 4 133.76 -1.78 21.36
N ASP TD 5 134.31 -1.14 20.32
CA ASP TD 5 134.41 -1.80 19.02
C ASP TD 5 135.06 -3.16 19.21
N VAL TD 6 134.69 -4.11 18.35
CA VAL TD 6 135.06 -5.51 18.56
C VAL TD 6 135.79 -6.00 17.32
N ASP TD 7 136.86 -6.76 17.53
CA ASP TD 7 137.58 -7.40 16.45
C ASP TD 7 137.56 -8.90 16.70
N LEU TD 8 137.00 -9.65 15.74
CA LEU TD 8 136.81 -11.08 15.83
C LEU TD 8 137.80 -11.78 14.92
N THR TD 9 138.38 -12.87 15.41
CA THR TD 9 139.18 -13.74 14.57
C THR TD 9 138.28 -14.82 14.01
N VAL TD 10 138.16 -14.88 12.69
CA VAL TD 10 137.20 -15.75 12.01
C VAL TD 10 137.96 -16.63 11.05
N GLY TD 11 138.13 -17.90 11.41
CA GLY TD 11 138.93 -18.79 10.59
C GLY TD 11 140.32 -18.21 10.43
N GLU TD 12 140.65 -17.78 9.22
CA GLU TD 12 141.97 -17.26 8.94
C GLU TD 12 141.91 -15.79 8.51
N GLU TD 13 140.83 -15.11 8.84
CA GLU TD 13 140.66 -13.69 8.53
C GLU TD 13 140.29 -12.98 9.84
N THR TD 14 140.33 -11.65 9.82
CA THR TD 14 139.91 -10.85 10.96
C THR TD 14 138.80 -9.90 10.55
N ARG TD 15 137.71 -9.93 11.30
CA ARG TD 15 136.50 -9.17 11.03
C ARG TD 15 136.35 -8.09 12.09
N GLU TD 16 136.11 -6.85 11.66
CA GLU TD 16 136.06 -5.71 12.56
C GLU TD 16 134.66 -5.12 12.58
N TYR TD 17 134.07 -5.04 13.76
CA TYR TD 17 132.76 -4.48 14.00
C TYR TD 17 132.88 -3.22 14.85
N ALA TD 18 131.93 -2.31 14.65
CA ALA TD 18 131.86 -1.07 15.41
C ALA TD 18 130.46 -0.92 16.01
N VAL TD 19 130.42 -0.32 17.21
CA VAL TD 19 129.15 -0.13 17.91
C VAL TD 19 128.28 0.81 17.10
N SER TD 20 127.04 0.37 16.81
CA SER TD 20 126.06 1.20 16.11
C SER TD 20 124.99 1.78 17.01
N GLU TD 21 124.48 1.01 17.98
CA GLU TD 21 123.60 1.62 18.98
C GLU TD 21 123.58 0.76 20.23
N GLN TD 22 123.32 1.41 21.37
CA GLN TD 22 123.21 0.71 22.64
C GLN TD 22 122.03 1.26 23.41
N GLN TD 23 121.10 0.37 23.77
CA GLN TD 23 119.97 0.69 24.61
C GLN TD 23 120.14 -0.01 25.95
N GLY TD 24 119.11 0.08 26.78
CA GLY TD 24 119.20 -0.50 28.11
C GLY TD 24 119.43 -1.99 28.07
N THR TD 25 118.68 -2.70 27.22
CA THR TD 25 118.77 -4.15 27.11
C THR TD 25 119.06 -4.60 25.68
N LEU TD 26 119.54 -3.70 24.82
CA LEU TD 26 119.78 -4.02 23.42
C LEU TD 26 121.04 -3.31 22.94
N PHE TD 27 121.78 -3.98 22.05
CA PHE TD 27 122.89 -3.32 21.36
C PHE TD 27 123.03 -3.89 19.95
N ARG TD 28 123.72 -3.12 19.12
CA ARG TD 28 123.92 -3.45 17.71
C ARG TD 28 125.28 -2.97 17.25
N PHE TD 29 126.03 -3.89 16.64
CA PHE TD 29 127.28 -3.67 15.93
C PHE TD 29 127.09 -3.77 14.43
N VAL TD 30 127.94 -3.06 13.70
CA VAL TD 30 127.96 -3.09 12.24
C VAL TD 30 129.38 -3.46 11.77
N ASP TD 31 129.46 -4.25 10.71
CA ASP TD 31 130.75 -4.61 10.11
C ASP TD 31 131.39 -3.38 9.49
N LYS TD 32 132.62 -3.06 9.91
CA LYS TD 32 133.32 -1.88 9.41
C LYS TD 32 133.61 -1.96 7.91
N SER TD 33 133.42 -3.13 7.29
CA SER TD 33 133.62 -3.27 5.85
C SER TD 33 132.59 -2.49 5.04
N GLY TD 34 131.49 -2.04 5.66
CA GLY TD 34 130.34 -1.58 4.94
C GLY TD 34 129.96 -0.12 5.21
N THR TD 35 129.05 0.37 4.39
CA THR TD 35 128.47 1.70 4.44
C THR TD 35 127.02 1.60 4.88
N VAL TD 36 126.46 2.74 5.30
CA VAL TD 36 125.01 2.88 5.34
C VAL TD 36 124.40 2.39 4.03
N ALA TD 37 124.96 2.85 2.91
CA ALA TD 37 124.47 2.46 1.59
C ALA TD 37 124.61 0.96 1.38
N ASN TD 38 125.84 0.46 1.40
CA ASN TD 38 126.09 -0.96 1.19
C ASN TD 38 126.57 -1.57 2.50
N ASN TD 39 125.78 -2.50 3.04
CA ASN TD 39 126.07 -3.13 4.33
C ASN TD 39 126.71 -4.49 4.13
N THR TD 40 127.73 -4.77 4.94
CA THR TD 40 128.43 -6.05 4.88
C THR TD 40 128.10 -7.00 6.01
N GLY TD 41 127.54 -6.51 7.11
CA GLY TD 41 127.22 -7.38 8.24
C GLY TD 41 126.64 -6.64 9.42
N VAL TD 42 125.76 -7.30 10.17
CA VAL TD 42 125.15 -6.69 11.34
C VAL TD 42 125.02 -7.74 12.44
N PHE TD 43 125.17 -7.30 13.68
CA PHE TD 43 124.95 -8.14 14.84
C PHE TD 43 124.13 -7.38 15.87
N SER TD 44 123.13 -8.04 16.43
CA SER TD 44 122.26 -7.42 17.41
C SER TD 44 121.97 -8.41 18.53
N LEU TD 45 121.86 -7.88 19.75
CA LEU TD 45 121.60 -8.71 20.93
C LEU TD 45 120.63 -7.96 21.85
N GLU TD 46 119.62 -8.69 22.36
CA GLU TD 46 118.63 -8.12 23.27
C GLU TD 46 118.29 -9.12 24.38
N GLN TD 47 118.18 -8.61 25.61
CA GLN TD 47 117.77 -9.42 26.75
C GLN TD 47 116.38 -9.00 27.22
N ARG TD 48 115.57 -10.00 27.58
CA ARG TD 48 114.21 -9.80 28.06
C ARG TD 48 114.11 -10.54 29.40
N PHE TD 49 114.19 -9.76 30.47
CA PHE TD 49 114.03 -10.25 31.84
C PHE TD 49 112.55 -10.36 32.14
N GLY TD 50 112.05 -11.58 32.33
CA GLY TD 50 110.64 -11.81 32.59
C GLY TD 50 110.29 -11.64 34.05
N ALA TD 51 109.08 -12.08 34.41
CA ALA TD 51 108.71 -12.13 35.82
C ALA TD 51 109.46 -13.26 36.53
N ALA TD 52 109.34 -13.28 37.87
CA ALA TD 52 110.11 -14.24 38.66
C ALA TD 52 109.71 -15.68 38.37
N ASN TD 53 108.51 -15.91 37.82
CA ASN TD 53 108.13 -17.23 37.35
C ASN TD 53 108.57 -17.47 35.91
N SER TD 54 108.97 -16.44 35.19
CA SER TD 54 109.37 -16.55 33.79
C SER TD 54 110.88 -16.70 33.66
N ASN TD 55 111.30 -17.40 32.62
CA ASN TD 55 112.71 -17.48 32.28
C ASN TD 55 113.12 -16.20 31.58
N ARG TD 56 114.28 -15.66 31.95
CA ARG TD 56 114.82 -14.57 31.16
C ARG TD 56 115.32 -15.12 29.83
N LYS TD 57 115.27 -14.29 28.81
CA LYS TD 57 115.59 -14.73 27.46
C LYS TD 57 116.58 -13.76 26.83
N VAL TD 58 117.47 -14.30 26.00
CA VAL TD 58 118.52 -13.52 25.38
C VAL TD 58 118.61 -13.93 23.92
N THR TD 59 118.47 -12.96 23.01
CA THR TD 59 118.40 -13.30 21.59
C THR TD 59 119.41 -12.49 20.78
N MET TD 60 120.05 -13.18 19.84
CA MET TD 60 121.08 -12.63 18.97
C MET TD 60 120.68 -12.86 17.53
N LEU TD 61 120.92 -11.85 16.69
CA LEU TD 61 120.74 -11.95 15.25
C LEU TD 61 122.01 -11.49 14.56
N LEU TD 62 122.56 -12.36 13.72
CA LEU TD 62 123.74 -12.09 12.91
C LEU TD 62 123.30 -12.16 11.45
N THR TD 63 123.46 -11.07 10.72
CA THR TD 63 123.07 -10.98 9.32
C THR TD 63 124.29 -10.69 8.46
N ASP TD 64 124.48 -11.52 7.43
CA ASP TD 64 125.57 -11.38 6.47
C ASP TD 64 124.99 -11.26 5.08
N PRO TD 65 124.98 -10.06 4.51
CA PRO TD 65 124.57 -9.89 3.12
C PRO TD 65 125.76 -9.99 2.18
N VAL TD 66 125.49 -10.55 1.00
CA VAL TD 66 126.47 -10.75 -0.05
C VAL TD 66 125.85 -10.32 -1.37
N VAL TD 67 126.65 -9.73 -2.24
CA VAL TD 67 126.19 -9.40 -3.58
C VAL TD 67 126.46 -10.59 -4.50
N VAL TD 68 125.43 -11.01 -5.23
CA VAL TD 68 125.47 -12.15 -6.13
C VAL TD 68 125.03 -11.71 -7.50
N LYS TD 69 125.56 -12.37 -8.52
CA LYS TD 69 125.17 -12.14 -9.91
C LYS TD 69 123.76 -12.69 -10.15
N ASP TD 70 122.96 -11.91 -10.85
CA ASP TD 70 121.64 -12.36 -11.27
C ASP TD 70 121.75 -13.38 -12.39
N ALA TD 71 120.67 -14.14 -12.60
CA ALA TD 71 120.62 -15.02 -13.76
C ALA TD 71 120.70 -14.21 -15.06
N SER TD 72 120.16 -12.99 -15.04
CA SER TD 72 120.35 -12.06 -16.15
C SER TD 72 121.71 -11.41 -16.12
N GLY TD 73 122.31 -11.28 -14.93
CA GLY TD 73 123.61 -10.64 -14.77
C GLY TD 73 123.60 -9.43 -13.85
N ALA TD 74 122.43 -8.92 -13.48
CA ALA TD 74 122.34 -7.76 -12.62
C ALA TD 74 122.95 -8.04 -11.24
N ASP TD 75 123.29 -6.96 -10.55
CA ASP TD 75 123.80 -7.06 -9.19
C ASP TD 75 122.64 -7.16 -8.21
N MET TD 76 122.68 -8.17 -7.35
CA MET TD 76 121.56 -8.40 -6.43
C MET TD 76 122.11 -8.73 -5.06
N THR TD 77 121.52 -8.17 -4.00
CA THR TD 77 122.00 -8.39 -2.65
C THR TD 77 121.14 -9.44 -1.94
N ILE TD 78 121.79 -10.42 -1.32
CA ILE TD 78 121.14 -11.55 -0.69
C ILE TD 78 121.68 -11.68 0.73
N LYS TD 79 120.78 -11.78 1.70
CA LYS TD 79 121.15 -11.88 3.10
C LYS TD 79 121.00 -13.32 3.58
N ALA TD 80 121.91 -13.71 4.48
CA ALA TD 80 121.82 -14.97 5.23
C ALA TD 80 121.79 -14.65 6.71
N ASN TD 81 120.89 -15.31 7.44
CA ASN TD 81 120.62 -14.96 8.83
C ASN TD 81 120.99 -16.13 9.72
N ALA TD 82 121.49 -15.81 10.92
CA ALA TD 82 121.65 -16.79 11.98
C ALA TD 82 121.15 -16.16 13.26
N SER TD 83 120.35 -16.91 14.01
CA SER TD 83 119.76 -16.37 15.22
C SER TD 83 119.89 -17.36 16.36
N VAL TD 84 120.34 -16.87 17.52
CA VAL TD 84 120.51 -17.68 18.71
C VAL TD 84 119.56 -17.14 19.78
N THR TD 85 119.02 -18.05 20.58
CA THR TD 85 118.13 -17.67 21.69
C THR TD 85 118.46 -18.55 22.90
N PHE TD 86 118.83 -17.90 24.00
CA PHE TD 86 119.10 -18.54 25.28
C PHE TD 86 117.88 -18.35 26.17
N SER TD 87 117.25 -19.46 26.55
CA SER TD 87 116.19 -19.44 27.55
C SER TD 87 116.79 -19.93 28.86
N LEU TD 88 116.90 -19.01 29.82
CA LEU TD 88 117.60 -19.24 31.08
C LEU TD 88 116.65 -18.99 32.23
N PRO TD 89 116.22 -20.02 32.94
CA PRO TD 89 115.42 -19.83 34.15
C PRO TD 89 116.21 -19.14 35.24
N LYS TD 90 115.50 -18.47 36.13
CA LYS TD 90 116.14 -17.66 37.16
C LYS TD 90 116.50 -18.47 38.40
N THR TD 91 116.28 -19.78 38.38
CA THR TD 91 116.79 -20.70 39.40
C THR TD 91 117.99 -21.48 38.88
N TYR TD 92 118.36 -21.27 37.63
CA TYR TD 92 119.49 -21.94 37.00
C TYR TD 92 120.78 -21.20 37.33
N PRO TD 93 121.86 -21.89 37.70
CA PRO TD 93 123.07 -21.20 38.14
C PRO TD 93 123.91 -20.64 36.98
N ASN TD 94 124.49 -19.47 37.25
CA ASN TD 94 125.26 -18.76 36.24
C ASN TD 94 126.41 -19.61 35.71
N GLU TD 95 127.04 -20.40 36.58
CA GLU TD 95 128.11 -21.29 36.15
C GLU TD 95 127.64 -22.18 35.01
N HIS TD 96 126.51 -22.87 35.21
CA HIS TD 96 126.01 -23.77 34.18
C HIS TD 96 125.53 -23.02 32.95
N ILE TD 97 125.11 -21.76 33.08
CA ILE TD 97 124.84 -20.96 31.88
C ILE TD 97 126.13 -20.79 31.05
N THR TD 98 127.23 -20.46 31.73
CA THR TD 98 128.50 -20.35 30.99
C THR TD 98 128.87 -21.68 30.34
N LYS TD 99 128.71 -22.77 31.09
CA LYS TD 99 128.94 -24.12 30.54
C LYS TD 99 128.12 -24.33 29.27
N LEU TD 100 126.84 -23.95 29.32
CA LEU TD 100 125.95 -24.10 28.18
C LEU TD 100 126.46 -23.31 26.98
N ARG TD 101 126.81 -22.04 27.18
CA ARG TD 101 127.30 -21.22 26.08
C ARG TD 101 128.55 -21.82 25.45
N GLN TD 102 129.46 -22.31 26.28
CA GLN TD 102 130.70 -22.87 25.73
C GLN TD 102 130.44 -24.17 24.98
N THR TD 103 129.56 -25.04 25.50
CA THR TD 103 129.20 -26.26 24.75
C THR TD 103 128.55 -25.91 23.43
N LEU TD 104 127.78 -24.82 23.38
CA LEU TD 104 127.18 -24.41 22.11
C LEU TD 104 128.27 -23.99 21.12
N ILE TD 105 129.26 -23.23 21.59
CA ILE TD 105 130.38 -22.86 20.72
C ILE TD 105 131.07 -24.10 20.17
N ALA TD 106 131.34 -25.07 21.06
CA ALA TD 106 131.99 -26.30 20.64
C ALA TD 106 131.16 -27.04 19.60
N TRP TD 107 129.84 -27.13 19.83
CA TRP TD 107 128.98 -27.81 18.87
C TRP TD 107 128.98 -27.11 17.52
N LEU TD 108 128.91 -25.77 17.52
CA LEU TD 108 128.96 -25.02 16.28
C LEU TD 108 130.26 -25.22 15.55
N GLY TD 109 131.31 -25.62 16.26
CA GLY TD 109 132.56 -25.99 15.62
C GLY TD 109 132.54 -27.34 14.91
N GLN TD 110 131.68 -28.24 15.36
CA GLN TD 110 131.74 -29.65 14.94
C GLN TD 110 131.41 -29.82 13.46
N GLN TD 111 131.94 -30.91 12.89
CA GLN TD 111 131.67 -31.18 11.49
C GLN TD 111 130.23 -31.62 11.27
N CYS TD 112 129.65 -32.35 12.23
CA CYS TD 112 128.27 -32.80 12.08
C CYS TD 112 127.28 -31.64 12.11
N VAL TD 113 127.68 -30.50 12.68
CA VAL TD 113 126.89 -29.28 12.56
C VAL TD 113 127.30 -28.50 11.31
N SER TD 114 128.58 -28.57 10.93
CA SER TD 114 129.06 -27.78 9.79
C SER TD 114 128.46 -28.26 8.48
N ASP TD 115 128.43 -29.58 8.25
CA ASP TD 115 128.00 -30.10 6.96
C ASP TD 115 126.59 -29.66 6.58
N PRO TD 116 125.55 -29.82 7.41
CA PRO TD 116 124.23 -29.32 7.00
C PRO TD 116 124.18 -27.80 6.87
N VAL TD 117 124.78 -27.08 7.81
CA VAL TD 117 124.75 -25.62 7.75
C VAL TD 117 125.52 -25.12 6.53
N ASP TD 118 126.80 -25.48 6.43
CA ASP TD 118 127.65 -24.87 5.42
C ASP TD 118 127.28 -25.33 4.01
N SER TD 119 127.00 -26.62 3.83
CA SER TD 119 126.85 -27.18 2.49
C SER TD 119 125.50 -27.82 2.22
N GLY TD 120 124.68 -28.05 3.24
CA GLY TD 120 123.38 -28.66 3.05
C GLY TD 120 123.36 -30.18 3.11
N LEU TD 121 124.51 -30.82 3.27
CA LEU TD 121 124.54 -32.27 3.38
C LEU TD 121 124.06 -32.70 4.77
N ASN TD 122 123.16 -33.66 4.81
CA ASN TD 122 122.78 -34.25 6.08
C ASN TD 122 123.77 -35.33 6.51
N ASN TD 123 123.80 -35.59 7.80
CA ASN TD 123 124.67 -36.65 8.31
C ASN TD 123 123.93 -37.99 8.25
N TYR TD 124 124.71 -39.06 8.30
CA TYR TD 124 124.14 -40.40 8.15
C TYR TD 124 124.74 -41.41 9.12
N MET UD 1 126.81 11.34 36.47
CA MET UD 1 128.16 10.81 36.64
C MET UD 1 128.40 9.66 35.67
N ARG UD 2 129.66 9.30 35.49
CA ARG UD 2 130.03 8.15 34.67
C ARG UD 2 129.97 6.89 35.54
N LEU UD 3 128.99 6.03 35.27
CA LEU UD 3 128.76 4.86 36.09
C LEU UD 3 129.96 3.95 36.14
N THR UD 4 130.34 3.56 37.36
CA THR UD 4 131.40 2.61 37.61
C THR UD 4 130.90 1.65 38.68
N ASP UD 5 131.40 0.41 38.64
CA ASP UD 5 131.03 -0.56 39.67
C ASP UD 5 131.28 0.04 41.04
N VAL UD 6 130.44 -0.30 42.00
CA VAL UD 6 130.41 0.40 43.28
C VAL UD 6 130.68 -0.61 44.38
N ASP UD 7 131.43 -0.18 45.40
CA ASP UD 7 131.64 -0.99 46.60
C ASP UD 7 131.20 -0.20 47.81
N LEU UD 8 130.25 -0.78 48.55
CA LEU UD 8 129.61 -0.14 49.68
C LEU UD 8 130.12 -0.77 50.96
N THR UD 9 130.44 0.08 51.93
CA THR UD 9 130.82 -0.38 53.24
C THR UD 9 129.55 -0.48 54.07
N VAL UD 10 129.15 -1.69 54.41
CA VAL UD 10 127.88 -1.98 55.06
C VAL UD 10 128.19 -2.58 56.42
N GLY UD 11 128.11 -1.74 57.46
CA GLY UD 11 128.49 -2.19 58.78
C GLY UD 11 129.95 -2.61 58.79
N GLU UD 12 130.20 -3.91 58.97
CA GLU UD 12 131.55 -4.41 58.98
C GLU UD 12 131.85 -5.29 57.77
N GLU UD 13 131.03 -5.19 56.73
CA GLU UD 13 131.19 -6.00 55.54
C GLU UD 13 131.30 -5.06 54.35
N THR UD 14 131.68 -5.61 53.20
CA THR UD 14 131.73 -4.84 51.96
C THR UD 14 130.89 -5.52 50.90
N ARG UD 15 129.87 -4.82 50.42
CA ARG UD 15 129.04 -5.27 49.31
C ARG UD 15 129.61 -4.72 48.02
N GLU UD 16 129.57 -5.52 46.95
CA GLU UD 16 130.19 -5.15 45.68
C GLU UD 16 129.21 -5.32 44.55
N TYR UD 17 128.77 -4.20 43.98
CA TYR UD 17 127.78 -4.17 42.92
C TYR UD 17 128.44 -3.83 41.59
N ALA UD 18 127.90 -4.41 40.53
CA ALA UD 18 128.33 -4.17 39.16
C ALA UD 18 127.19 -3.59 38.34
N VAL UD 19 127.53 -2.68 37.43
CA VAL UD 19 126.53 -2.07 36.58
C VAL UD 19 125.87 -3.14 35.71
N SER UD 20 124.55 -3.20 35.75
CA SER UD 20 123.79 -4.18 34.99
C SER UD 20 122.96 -3.60 33.86
N GLU UD 21 122.48 -2.35 33.99
CA GLU UD 21 121.95 -1.69 32.79
C GLU UD 21 121.93 -0.18 32.99
N GLN UD 22 122.06 0.54 31.88
CA GLN UD 22 122.01 1.99 31.85
C GLN UD 22 121.10 2.41 30.71
N GLN UD 23 120.00 3.09 31.03
CA GLN UD 23 119.10 3.65 30.04
C GLN UD 23 119.26 5.17 30.08
N GLY UD 24 118.29 5.87 29.51
CA GLY UD 24 118.32 7.31 29.53
C GLY UD 24 118.27 7.84 30.94
N THR UD 25 117.18 7.52 31.65
CA THR UD 25 116.93 8.03 32.99
C THR UD 25 116.96 6.95 34.04
N LEU UD 26 117.37 5.73 33.68
CA LEU UD 26 117.31 4.58 34.57
C LEU UD 26 118.65 3.85 34.56
N PHE UD 27 119.03 3.34 35.74
CA PHE UD 27 120.21 2.47 35.85
C PHE UD 27 119.92 1.38 36.86
N ARG UD 28 120.74 0.33 36.79
CA ARG UD 28 120.58 -0.84 37.63
C ARG UD 28 121.92 -1.49 37.89
N PHE UD 29 122.24 -1.67 39.17
CA PHE UD 29 123.39 -2.41 39.69
C PHE UD 29 122.94 -3.77 40.22
N VAL UD 30 123.91 -4.66 40.35
CA VAL UD 30 123.65 -6.05 40.71
C VAL UD 30 124.75 -6.53 41.65
N ASP UD 31 124.37 -7.24 42.72
CA ASP UD 31 125.35 -7.75 43.68
C ASP UD 31 126.26 -8.78 43.01
N LYS UD 32 127.57 -8.47 42.96
CA LYS UD 32 128.52 -9.35 42.29
C LYS UD 32 128.55 -10.74 42.92
N SER UD 33 128.28 -10.82 44.23
CA SER UD 33 128.35 -12.07 44.98
C SER UD 33 127.21 -13.01 44.65
N GLY UD 34 126.37 -12.71 43.65
CA GLY UD 34 125.24 -13.56 43.35
C GLY UD 34 125.67 -14.75 42.50
N THR UD 35 125.15 -15.92 42.85
CA THR UD 35 125.41 -17.14 42.09
C THR UD 35 124.31 -17.46 41.10
N VAL UD 36 123.07 -17.18 41.47
CA VAL UD 36 121.91 -17.42 40.63
C VAL UD 36 121.14 -16.12 40.50
N ALA UD 37 120.30 -16.04 39.47
CA ALA UD 37 119.45 -14.88 39.30
C ALA UD 37 118.62 -14.61 40.57
N ASN UD 38 117.96 -15.64 41.10
CA ASN UD 38 117.16 -15.47 42.32
C ASN UD 38 118.03 -15.23 43.54
N ASN UD 39 119.24 -15.78 43.55
CA ASN UD 39 120.19 -15.50 44.62
C ASN UD 39 120.59 -14.03 44.66
N THR UD 40 120.52 -13.35 43.51
CA THR UD 40 121.23 -12.09 43.30
C THR UD 40 120.42 -10.89 43.75
N GLY UD 41 121.00 -10.09 44.65
CA GLY UD 41 120.40 -8.82 45.02
C GLY UD 41 120.62 -7.77 43.94
N VAL UD 42 119.72 -6.77 43.92
CA VAL UD 42 119.76 -5.75 42.87
C VAL UD 42 119.39 -4.39 43.44
N PHE UD 43 119.79 -3.35 42.72
CA PHE UD 43 119.45 -1.98 43.06
C PHE UD 43 119.21 -1.19 41.79
N SER UD 44 118.11 -0.49 41.73
CA SER UD 44 117.71 0.22 40.54
C SER UD 44 117.23 1.63 40.90
N LEU UD 45 117.48 2.57 39.99
CA LEU UD 45 117.07 3.96 40.19
C LEU UD 45 116.60 4.54 38.87
N GLU UD 46 115.55 5.36 38.94
CA GLU UD 46 114.94 5.97 37.76
C GLU UD 46 114.47 7.38 38.13
N GLN UD 47 114.74 8.33 37.25
CA GLN UD 47 114.23 9.68 37.41
C GLN UD 47 113.16 9.96 36.36
N ARG UD 48 112.07 10.58 36.81
CA ARG UD 48 110.95 10.98 35.98
C ARG UD 48 110.83 12.50 36.12
N PHE UD 49 111.35 13.20 35.13
CA PHE UD 49 111.29 14.66 35.08
C PHE UD 49 109.94 15.06 34.50
N GLY UD 50 109.19 15.87 35.23
CA GLY UD 50 107.85 16.26 34.81
C GLY UD 50 107.84 17.55 34.01
N ALA UD 51 106.63 18.03 33.74
CA ALA UD 51 106.48 19.36 33.14
C ALA UD 51 106.89 20.43 34.16
N ALA UD 52 106.87 21.70 33.72
CA ALA UD 52 107.33 22.78 34.59
C ALA UD 52 106.41 22.97 35.79
N ASN UD 53 105.13 22.60 35.68
CA ASN UD 53 104.23 22.64 36.82
C ASN UD 53 104.34 21.41 37.70
N SER UD 54 105.05 20.38 37.24
CA SER UD 54 105.20 19.15 37.99
C SER UD 54 106.47 19.17 38.83
N ASN UD 55 106.57 18.20 39.73
CA ASN UD 55 107.78 17.93 40.47
C ASN UD 55 108.49 16.77 39.81
N ARG UD 56 109.82 16.85 39.72
CA ARG UD 56 110.55 15.68 39.27
C ARG UD 56 110.57 14.65 40.39
N LYS UD 57 110.55 13.38 40.01
CA LYS UD 57 110.51 12.29 40.98
C LYS UD 57 111.65 11.33 40.71
N VAL UD 58 112.35 10.93 41.77
CA VAL UD 58 113.41 9.94 41.66
C VAL UD 58 113.03 8.76 42.54
N THR UD 59 113.09 7.56 41.98
CA THR UD 59 112.70 6.36 42.70
C THR UD 59 113.84 5.35 42.67
N MET UD 60 114.00 4.64 43.79
CA MET UD 60 114.99 3.60 43.95
C MET UD 60 114.34 2.37 44.56
N LEU UD 61 114.76 1.22 44.05
CA LEU UD 61 114.36 -0.07 44.58
C LEU UD 61 115.59 -0.91 44.89
N LEU UD 62 115.66 -1.40 46.12
CA LEU UD 62 116.72 -2.28 46.61
C LEU UD 62 116.09 -3.61 46.98
N THR UD 63 116.55 -4.69 46.35
CA THR UD 63 116.03 -6.04 46.57
C THR UD 63 117.14 -6.94 47.08
N ASP UD 64 116.90 -7.55 48.23
CA ASP UD 64 117.88 -8.44 48.87
C ASP UD 64 117.24 -9.79 49.16
N PRO UD 65 117.39 -10.76 48.27
CA PRO UD 65 116.88 -12.11 48.53
C PRO UD 65 117.83 -12.93 49.39
N VAL UD 66 117.26 -13.90 50.12
CA VAL UD 66 118.00 -14.81 50.98
C VAL UD 66 117.39 -16.20 50.83
N VAL UD 67 118.22 -17.23 51.03
CA VAL UD 67 117.76 -18.62 50.93
C VAL UD 67 117.37 -19.13 52.32
N VAL UD 68 116.15 -19.67 52.41
CA VAL UD 68 115.65 -20.26 53.66
C VAL UD 68 115.28 -21.72 53.42
N MET UD 76 113.80 -22.67 49.52
CA MET UD 76 113.07 -21.48 49.08
C MET UD 76 113.90 -20.20 49.26
N THR UD 77 113.74 -19.25 48.34
CA THR UD 77 114.38 -17.94 48.42
C THR UD 77 113.32 -16.86 48.62
N ILE UD 78 113.56 -16.00 49.62
CA ILE UD 78 112.62 -14.99 50.08
C ILE UD 78 113.24 -13.62 49.82
N LYS UD 79 112.45 -12.70 49.25
CA LYS UD 79 112.93 -11.39 48.85
C LYS UD 79 112.34 -10.30 49.72
N ALA UD 80 113.18 -9.35 50.15
CA ALA UD 80 112.75 -8.18 50.89
C ALA UD 80 113.15 -6.92 50.13
N ASN UD 81 112.28 -5.91 50.16
CA ASN UD 81 112.44 -4.73 49.33
C ASN UD 81 112.51 -3.48 50.19
N ALA UD 82 113.37 -2.55 49.79
CA ALA UD 82 113.32 -1.18 50.27
C ALA UD 82 113.14 -0.28 49.06
N SER UD 83 112.24 0.69 49.18
CA SER UD 83 111.99 1.60 48.07
C SER UD 83 111.96 3.03 48.57
N VAL UD 84 112.77 3.88 47.96
CA VAL UD 84 112.84 5.29 48.31
C VAL UD 84 112.32 6.10 47.13
N THR UD 85 111.61 7.19 47.43
CA THR UD 85 111.09 8.08 46.40
C THR UD 85 111.26 9.53 46.86
N PHE UD 86 111.95 10.33 46.05
CA PHE UD 86 112.18 11.75 46.30
C PHE UD 86 111.27 12.53 45.37
N SER UD 87 110.35 13.30 45.94
CA SER UD 87 109.52 14.23 45.18
C SER UD 87 110.10 15.62 45.38
N LEU UD 88 110.62 16.19 44.29
CA LEU UD 88 111.40 17.43 44.36
C LEU UD 88 110.80 18.44 43.40
N PRO UD 89 110.21 19.52 43.90
CA PRO UD 89 109.75 20.61 43.03
C PRO UD 89 110.94 21.31 42.38
N LYS UD 90 110.73 21.82 41.17
CA LYS UD 90 111.85 22.38 40.43
C LYS UD 90 112.36 23.66 41.08
N THR UD 91 111.45 24.51 41.57
CA THR UD 91 111.86 25.75 42.23
C THR UD 91 112.63 25.50 43.52
N TYR UD 92 112.55 24.29 44.08
CA TYR UD 92 113.23 23.96 45.33
C TYR UD 92 114.75 23.92 45.11
N PRO UD 93 115.55 24.48 46.02
CA PRO UD 93 116.99 24.66 45.73
C PRO UD 93 117.82 23.39 45.94
N ASN UD 94 118.75 23.18 45.01
CA ASN UD 94 119.57 21.97 45.00
C ASN UD 94 120.31 21.78 46.33
N GLU UD 95 120.72 22.87 46.97
CA GLU UD 95 121.41 22.76 48.25
C GLU UD 95 120.51 22.10 49.30
N HIS UD 96 119.29 22.60 49.45
CA HIS UD 96 118.35 21.99 50.40
C HIS UD 96 117.98 20.56 50.02
N ILE UD 97 118.04 20.21 48.73
CA ILE UD 97 117.84 18.79 48.36
C ILE UD 97 118.98 17.93 48.92
N THR UD 98 120.23 18.36 48.72
CA THR UD 98 121.35 17.61 49.30
C THR UD 98 121.16 17.45 50.80
N LYS UD 99 120.71 18.53 51.46
CA LYS UD 99 120.38 18.45 52.88
C LYS UD 99 119.35 17.37 53.17
N LEU UD 100 118.25 17.37 52.43
CA LEU UD 100 117.19 16.38 52.65
C LEU UD 100 117.74 14.96 52.56
N ARG UD 101 118.51 14.66 51.51
CA ARG UD 101 119.06 13.33 51.34
C ARG UD 101 119.92 12.94 52.54
N GLN UD 102 120.80 13.85 52.98
CA GLN UD 102 121.69 13.52 54.08
C GLN UD 102 120.90 13.26 55.37
N THR UD 103 119.87 14.06 55.64
CA THR UD 103 119.08 13.84 56.85
C THR UD 103 118.30 12.54 56.78
N LEU UD 104 117.88 12.11 55.60
CA LEU UD 104 117.26 10.80 55.49
C LEU UD 104 118.25 9.70 55.85
N ILE UD 105 119.50 9.81 55.37
CA ILE UD 105 120.53 8.87 55.78
C ILE UD 105 120.66 8.83 57.29
N ALA UD 106 120.77 10.01 57.91
CA ALA UD 106 120.90 10.09 59.36
C ALA UD 106 119.73 9.42 60.07
N TRP UD 107 118.51 9.66 59.58
CA TRP UD 107 117.34 9.06 60.19
C TRP UD 107 117.38 7.55 60.11
N LEU UD 108 117.69 7.02 58.91
CA LEU UD 108 117.82 5.58 58.73
C LEU UD 108 118.89 4.97 59.62
N GLY UD 109 119.81 5.79 60.14
CA GLY UD 109 120.75 5.33 61.15
C GLY UD 109 120.16 5.08 62.53
N GLN UD 110 119.13 5.83 62.91
CA GLN UD 110 118.71 5.93 64.30
C GLN UD 110 118.00 4.67 64.80
N GLN UD 111 117.99 4.53 66.13
CA GLN UD 111 117.36 3.36 66.74
C GLN UD 111 115.85 3.37 66.53
N CYS UD 112 115.23 4.54 66.65
CA CYS UD 112 113.79 4.61 66.49
C CYS UD 112 113.34 4.15 65.12
N VAL UD 113 114.26 4.10 64.15
CA VAL UD 113 113.97 3.55 62.83
C VAL UD 113 114.41 2.10 62.71
N SER UD 114 115.57 1.75 63.29
CA SER UD 114 116.06 0.39 63.16
C SER UD 114 115.18 -0.60 63.90
N ASP UD 115 114.71 -0.25 65.10
CA ASP UD 115 113.91 -1.16 65.89
C ASP UD 115 112.65 -1.67 65.15
N PRO UD 116 111.83 -0.80 64.54
CA PRO UD 116 110.70 -1.35 63.76
C PRO UD 116 111.13 -2.03 62.47
N VAL UD 117 112.07 -1.43 61.72
CA VAL UD 117 112.51 -2.04 60.47
C VAL UD 117 113.19 -3.38 60.74
N ASP UD 118 114.24 -3.38 61.54
CA ASP UD 118 115.06 -4.58 61.70
C ASP UD 118 114.27 -5.70 62.39
N SER UD 119 113.71 -5.42 63.57
CA SER UD 119 113.12 -6.48 64.38
C SER UD 119 111.63 -6.34 64.60
N GLY UD 120 111.01 -5.24 64.21
CA GLY UD 120 109.58 -5.08 64.38
C GLY UD 120 109.15 -4.46 65.69
N LEU UD 121 110.08 -3.99 66.52
CA LEU UD 121 109.72 -3.31 67.75
C LEU UD 121 109.23 -1.90 67.42
N ASN UD 122 108.02 -1.58 67.85
CA ASN UD 122 107.58 -0.21 67.74
C ASN UD 122 108.11 0.62 68.90
N ASN UD 123 108.10 1.93 68.73
CA ASN UD 123 108.59 2.80 69.77
C ASN UD 123 107.46 3.19 70.70
N TYR UD 124 107.81 3.38 71.97
CA TYR UD 124 106.83 3.61 73.01
C TYR UD 124 107.30 4.67 73.98
N MET VD 1 130.44 6.95 18.77
CA MET VD 1 131.33 7.60 19.73
C MET VD 1 130.92 7.25 21.15
N ARG VD 2 131.90 7.02 22.02
CA ARG VD 2 131.66 6.86 23.45
C ARG VD 2 131.34 8.22 24.06
N LEU VD 3 130.09 8.46 24.39
CA LEU VD 3 129.67 9.78 24.82
C LEU VD 3 130.30 10.13 26.15
N THR VD 4 130.90 11.32 26.21
CA THR VD 4 131.36 11.91 27.46
C THR VD 4 131.12 13.40 27.39
N ASP VD 5 131.21 14.05 28.55
CA ASP VD 5 131.02 15.49 28.65
C ASP VD 5 131.93 16.19 27.64
N VAL VD 6 131.47 17.33 27.13
CA VAL VD 6 132.27 18.08 26.16
C VAL VD 6 132.34 19.55 26.60
N ASP VD 7 133.38 20.21 26.14
CA ASP VD 7 133.57 21.63 26.31
C ASP VD 7 133.74 22.25 24.93
N LEU VD 8 132.97 23.30 24.65
CA LEU VD 8 132.95 23.96 23.36
C LEU VD 8 133.63 25.31 23.44
N THR VD 9 134.38 25.62 22.39
CA THR VD 9 135.01 26.92 22.26
C THR VD 9 134.04 27.81 21.48
N VAL VD 10 133.53 28.87 22.14
CA VAL VD 10 132.49 29.72 21.58
C VAL VD 10 133.01 31.14 21.56
N GLY VD 11 133.47 31.58 20.38
CA GLY VD 11 134.09 32.88 20.28
C GLY VD 11 135.26 32.98 21.23
N GLU VD 12 135.13 33.83 22.25
CA GLU VD 12 136.20 34.03 23.22
C GLU VD 12 135.80 33.56 24.61
N GLU VD 13 134.86 32.62 24.69
CA GLU VD 13 134.49 32.01 25.96
C GLU VD 13 134.48 30.50 25.79
N THR VD 14 134.41 29.80 26.92
CA THR VD 14 134.33 28.35 26.91
C THR VD 14 133.03 27.91 27.56
N ARG VD 15 132.30 27.05 26.87
CA ARG VD 15 130.99 26.58 27.27
C ARG VD 15 131.11 25.12 27.67
N GLU VD 16 130.67 24.76 28.87
CA GLU VD 16 130.86 23.42 29.39
C GLU VD 16 129.52 22.70 29.48
N TYR VD 17 129.38 21.61 28.73
CA TYR VD 17 128.19 20.79 28.79
C TYR VD 17 128.52 19.47 29.49
N ALA VD 18 127.48 18.83 30.01
CA ALA VD 18 127.58 17.54 30.67
C ALA VD 18 126.47 16.63 30.15
N VAL VD 19 126.79 15.35 29.99
CA VAL VD 19 125.80 14.40 29.50
C VAL VD 19 124.66 14.32 30.49
N SER VD 20 123.44 14.57 30.02
CA SER VD 20 122.24 14.47 30.85
C SER VD 20 121.41 13.23 30.58
N GLU VD 21 121.45 12.67 29.36
CA GLU VD 21 120.91 11.34 29.15
C GLU VD 21 121.44 10.78 27.83
N GLN VD 22 121.54 9.46 27.77
CA GLN VD 22 121.93 8.77 26.55
C GLN VD 22 121.03 7.57 26.33
N GLN VD 23 120.31 7.57 25.21
CA GLN VD 23 119.48 6.47 24.77
C GLN VD 23 120.05 5.89 23.48
N GLY VD 24 119.32 4.92 22.91
CA GLY VD 24 119.83 4.20 21.76
C GLY VD 24 120.06 5.10 20.57
N THR VD 25 119.07 5.94 20.26
CA THR VD 25 119.11 6.84 19.11
C THR VD 25 119.08 8.31 19.52
N LEU VD 26 119.12 8.61 20.83
CA LEU VD 26 118.96 9.96 21.32
C LEU VD 26 119.97 10.24 22.43
N PHE VD 27 120.43 11.49 22.51
CA PHE VD 27 121.24 11.92 23.64
C PHE VD 27 120.96 13.38 23.94
N ARG VD 28 121.30 13.78 25.17
CA ARG VD 28 121.04 15.12 25.67
C ARG VD 28 122.16 15.56 26.59
N PHE VD 29 122.70 16.76 26.30
CA PHE VD 29 123.64 17.49 27.12
C PHE VD 29 122.97 18.68 27.78
N VAL VD 30 123.51 19.09 28.92
CA VAL VD 30 123.03 20.26 29.68
C VAL VD 30 124.22 21.16 30.01
N ASP VD 31 124.02 22.48 29.92
CA ASP VD 31 125.06 23.45 30.27
C ASP VD 31 125.37 23.37 31.75
N LYS VD 32 126.65 23.15 32.08
CA LYS VD 32 127.06 22.94 33.47
C LYS VD 32 126.82 24.15 34.36
N SER VD 33 126.59 25.32 33.78
CA SER VD 33 126.37 26.54 34.55
C SER VD 33 124.94 26.67 35.07
N GLY VD 34 124.11 25.61 34.99
CA GLY VD 34 122.70 25.71 35.22
C GLY VD 34 122.18 24.81 36.35
N THR VD 35 120.92 25.08 36.72
CA THR VD 35 120.19 24.36 37.74
C THR VD 35 118.87 23.88 37.13
N VAL VD 36 118.22 22.90 37.79
CA VAL VD 36 116.84 22.59 37.43
C VAL VD 36 116.00 23.85 37.54
N ALA VD 37 116.22 24.64 38.60
CA ALA VD 37 115.44 25.86 38.80
C ALA VD 37 115.76 26.88 37.73
N ASN VD 38 117.03 27.18 37.52
CA ASN VD 38 117.45 28.15 36.51
C ASN VD 38 118.32 27.43 35.48
N ASN VD 39 117.70 27.00 34.38
CA ASN VD 39 118.43 26.35 33.31
C ASN VD 39 119.08 27.37 32.40
N THR VD 40 120.22 26.99 31.84
CA THR VD 40 121.04 27.90 31.05
C THR VD 40 121.31 27.42 29.64
N GLY VD 41 121.04 26.15 29.33
CA GLY VD 41 121.27 25.64 28.00
C GLY VD 41 121.09 24.15 27.91
N VAL VD 42 120.53 23.67 26.80
CA VAL VD 42 120.37 22.25 26.57
C VAL VD 42 120.64 21.98 25.10
N PHE VD 43 121.18 20.79 24.82
CA PHE VD 43 121.38 20.32 23.46
C PHE VD 43 120.91 18.88 23.39
N SER VD 44 120.20 18.55 22.33
CA SER VD 44 119.67 17.20 22.17
C SER VD 44 119.77 16.80 20.70
N LEU VD 45 120.01 15.50 20.47
CA LEU VD 45 120.13 14.99 19.12
C LEU VD 45 119.50 13.59 19.06
N GLU VD 46 118.79 13.34 17.95
CA GLU VD 46 118.11 12.06 17.73
C GLU VD 46 118.25 11.67 16.27
N GLN VD 47 118.50 10.38 16.02
CA GLN VD 47 118.50 9.85 14.67
C GLN VD 47 117.31 8.92 14.51
N ARG VD 48 116.51 9.16 13.48
CA ARG VD 48 115.49 8.23 13.02
C ARG VD 48 116.03 7.60 11.74
N PHE VD 49 116.65 6.43 11.90
CA PHE VD 49 117.07 5.64 10.76
C PHE VD 49 115.83 5.11 10.07
N GLY VD 50 115.61 5.54 8.84
CA GLY VD 50 114.36 5.25 8.17
C GLY VD 50 114.25 3.83 7.65
N ALA VD 51 113.07 3.52 7.11
CA ALA VD 51 112.88 2.28 6.38
C ALA VD 51 113.84 2.21 5.20
N ALA VD 52 114.00 1.00 4.66
CA ALA VD 52 115.00 0.78 3.62
C ALA VD 52 114.77 1.65 2.39
N ASN VD 53 113.53 2.07 2.16
CA ASN VD 53 113.23 2.96 1.04
C ASN VD 53 113.46 4.43 1.38
N SER VD 54 113.26 4.80 2.65
CA SER VD 54 113.28 6.20 3.06
C SER VD 54 114.69 6.66 3.39
N ASN VD 55 114.84 7.98 3.50
CA ASN VD 55 116.06 8.59 4.00
C ASN VD 55 116.10 8.50 5.52
N ARG VD 56 117.31 8.52 6.06
CA ARG VD 56 117.44 8.63 7.51
C ARG VD 56 117.52 10.11 7.87
N LYS VD 57 116.99 10.42 9.05
CA LYS VD 57 116.90 11.80 9.53
C LYS VD 57 117.69 11.93 10.83
N VAL VD 58 118.43 13.03 10.96
CA VAL VD 58 119.09 13.37 12.22
C VAL VD 58 118.64 14.77 12.59
N THR VD 59 118.16 14.93 13.81
CA THR VD 59 117.65 16.22 14.25
C THR VD 59 118.36 16.64 15.55
N MET VD 60 118.63 17.93 15.65
CA MET VD 60 119.26 18.54 16.81
C MET VD 60 118.47 19.75 17.23
N LEU VD 61 118.36 19.92 18.55
CA LEU VD 61 117.74 21.08 19.16
C LEU VD 61 118.69 21.67 20.18
N LEU VD 62 119.00 22.95 20.01
CA LEU VD 62 119.80 23.73 20.95
C LEU VD 62 118.90 24.80 21.54
N THR VD 63 118.80 24.84 22.87
CA THR VD 63 117.95 25.81 23.54
C THR VD 63 118.77 26.59 24.55
N ASP VD 64 118.74 27.92 24.41
CA ASP VD 64 119.41 28.83 25.32
C ASP VD 64 118.37 29.73 25.97
N PRO VD 65 118.08 29.52 27.25
CA PRO VD 65 117.19 30.43 27.96
C PRO VD 65 117.96 31.51 28.69
N VAL VD 66 117.35 32.68 28.76
CA VAL VD 66 117.90 33.87 29.41
C VAL VD 66 116.81 34.50 30.26
N VAL VD 67 117.21 35.05 31.40
CA VAL VD 67 116.29 35.81 32.23
C VAL VD 67 116.28 37.25 31.75
N VAL VD 68 115.08 37.84 31.71
CA VAL VD 68 114.88 39.20 31.24
C VAL VD 68 113.89 39.87 32.17
N LYS VD 69 114.17 41.11 32.56
CA LYS VD 69 113.22 41.87 33.35
C LYS VD 69 112.01 42.22 32.49
N ASP VD 70 110.84 42.26 33.13
CA ASP VD 70 109.59 42.56 32.46
C ASP VD 70 109.28 44.05 32.56
N ALA VD 71 108.34 44.51 31.74
CA ALA VD 71 107.84 45.87 31.88
C ALA VD 71 107.24 46.09 33.26
N SER VD 72 106.64 45.06 33.84
CA SER VD 72 106.16 45.08 35.22
C SER VD 72 107.28 44.94 36.23
N GLY VD 73 108.52 44.74 35.78
CA GLY VD 73 109.64 44.49 36.66
C GLY VD 73 109.87 43.02 36.99
N ALA VD 74 108.83 42.20 36.92
CA ALA VD 74 108.94 40.79 37.24
C ALA VD 74 110.00 40.12 36.38
N ASP VD 75 110.64 39.11 36.95
CA ASP VD 75 111.66 38.36 36.21
C ASP VD 75 110.99 37.28 35.36
N MET VD 76 111.42 37.19 34.10
CA MET VD 76 110.75 36.37 33.10
C MET VD 76 111.82 35.60 32.33
N THR VD 77 111.68 34.28 32.25
CA THR VD 77 112.64 33.44 31.55
C THR VD 77 112.17 33.20 30.12
N ILE VD 78 113.07 33.45 29.16
CA ILE VD 78 112.75 33.43 27.74
C ILE VD 78 113.74 32.51 27.05
N LYS VD 79 113.22 31.65 26.17
CA LYS VD 79 114.05 30.68 25.46
C LYS VD 79 114.18 31.06 24.00
N ALA VD 80 115.38 30.87 23.44
CA ALA VD 80 115.64 30.95 22.02
C ALA VD 80 116.11 29.59 21.53
N ASN VD 81 115.63 29.17 20.36
CA ASN VD 81 115.88 27.82 19.90
C ASN VD 81 116.56 27.83 18.54
N ALA VD 82 117.43 26.86 18.34
CA ALA VD 82 117.99 26.56 17.03
C ALA VD 82 117.80 25.07 16.78
N SER VD 83 117.33 24.71 15.59
CA SER VD 83 117.07 23.32 15.27
C SER VD 83 117.67 23.00 13.91
N VAL VD 84 118.44 21.92 13.84
CA VAL VD 84 119.07 21.48 12.61
C VAL VD 84 118.54 20.09 12.29
N THR VD 85 118.30 19.84 10.99
CA THR VD 85 117.82 18.54 10.54
C THR VD 85 118.55 18.14 9.26
N PHE VD 86 119.20 16.97 9.30
CA PHE VD 86 119.87 16.39 8.17
C PHE VD 86 119.00 15.28 7.60
N SER VD 87 118.59 15.43 6.34
CA SER VD 87 117.91 14.37 5.61
C SER VD 87 118.94 13.76 4.68
N LEU VD 88 119.31 12.52 4.96
CA LEU VD 88 120.39 11.83 4.27
C LEU VD 88 119.87 10.54 3.66
N PRO VD 89 119.78 10.46 2.34
CA PRO VD 89 119.40 9.20 1.69
C PRO VD 89 120.48 8.15 1.89
N LYS VD 90 120.05 6.89 1.87
CA LYS VD 90 120.98 5.80 2.13
C LYS VD 90 122.08 5.73 1.06
N THR VD 91 121.69 5.87 -0.21
CA THR VD 91 122.65 5.76 -1.30
C THR VD 91 123.65 6.91 -1.34
N TYR VD 92 123.39 7.98 -0.59
CA TYR VD 92 124.31 9.12 -0.55
C TYR VD 92 125.60 8.73 0.18
N PRO VD 93 126.78 9.07 -0.34
CA PRO VD 93 128.03 8.59 0.27
C PRO VD 93 128.43 9.38 1.51
N ASN VD 94 128.93 8.62 2.50
CA ASN VD 94 129.31 9.22 3.77
C ASN VD 94 130.29 10.37 3.60
N GLU VD 95 131.16 10.30 2.59
CA GLU VD 95 132.11 11.37 2.33
C GLU VD 95 131.39 12.69 2.04
N HIS VD 96 130.50 12.70 1.05
CA HIS VD 96 129.76 13.92 0.74
C HIS VD 96 128.85 14.35 1.87
N ILE VD 97 128.44 13.44 2.76
CA ILE VD 97 127.71 13.87 3.95
C ILE VD 97 128.61 14.74 4.84
N THR VD 98 129.84 14.26 5.14
CA THR VD 98 130.74 15.09 5.95
C THR VD 98 130.99 16.43 5.28
N LYS VD 99 131.11 16.43 3.94
CA LYS VD 99 131.21 17.67 3.18
C LYS VD 99 130.05 18.61 3.48
N LEU VD 100 128.83 18.07 3.41
CA LEU VD 100 127.63 18.88 3.67
C LEU VD 100 127.69 19.49 5.07
N ARG VD 101 128.01 18.68 6.09
CA ARG VD 101 128.05 19.20 7.45
C ARG VD 101 129.06 20.33 7.58
N GLN VD 102 130.25 20.15 7.01
CA GLN VD 102 131.27 21.17 7.14
C GLN VD 102 130.88 22.46 6.42
N THR VD 103 130.30 22.35 5.20
CA THR VD 103 129.85 23.55 4.52
C THR VD 103 128.75 24.26 5.31
N LEU VD 104 127.92 23.52 6.04
CA LEU VD 104 126.91 24.17 6.87
C LEU VD 104 127.57 24.95 8.01
N ILE VD 105 128.58 24.37 8.64
CA ILE VD 105 129.33 25.12 9.66
C ILE VD 105 129.88 26.41 9.07
N ALA VD 106 130.51 26.29 7.89
CA ALA VD 106 131.09 27.46 7.24
C ALA VD 106 130.04 28.53 6.99
N TRP VD 107 128.88 28.13 6.46
CA TRP VD 107 127.81 29.09 6.20
C TRP VD 107 127.36 29.76 7.49
N LEU VD 108 127.16 28.98 8.55
CA LEU VD 108 126.72 29.53 9.82
C LEU VD 108 127.70 30.54 10.38
N GLY VD 109 128.97 30.45 9.98
CA GLY VD 109 129.95 31.46 10.35
C GLY VD 109 129.85 32.78 9.60
N GLN VD 110 129.28 32.74 8.39
CA GLN VD 110 129.32 33.87 7.48
C GLN VD 110 128.48 35.05 7.99
N GLN VD 111 128.84 36.24 7.51
CA GLN VD 111 128.10 37.43 7.93
C GLN VD 111 126.73 37.50 7.29
N CYS VD 112 126.58 37.01 6.05
CA CYS VD 112 125.26 37.02 5.42
C CYS VD 112 124.27 36.14 6.18
N VAL VD 113 124.76 35.21 6.97
CA VAL VD 113 123.90 34.40 7.83
C VAL VD 113 123.77 35.00 9.22
N SER VD 114 124.87 35.54 9.76
CA SER VD 114 124.84 36.05 11.13
C SER VD 114 123.99 37.31 11.24
N ASP VD 115 124.09 38.22 10.27
CA ASP VD 115 123.37 39.48 10.35
C ASP VD 115 121.86 39.29 10.49
N PRO VD 116 121.18 38.48 9.68
CA PRO VD 116 119.74 38.27 9.93
C PRO VD 116 119.46 37.47 11.20
N VAL VD 117 120.26 36.43 11.47
CA VAL VD 117 120.03 35.64 12.68
C VAL VD 117 120.28 36.46 13.93
N ASP VD 118 121.46 37.10 14.02
CA ASP VD 118 121.84 37.77 15.25
C ASP VD 118 121.05 39.05 15.47
N SER VD 119 120.94 39.89 14.43
CA SER VD 119 120.41 41.24 14.60
C SER VD 119 119.08 41.48 13.90
N GLY VD 120 118.58 40.53 13.12
CA GLY VD 120 117.31 40.72 12.44
C GLY VD 120 117.37 41.60 11.22
N LEU VD 121 118.55 41.97 10.75
CA LEU VD 121 118.69 42.76 9.54
C LEU VD 121 118.82 41.84 8.33
N ASN VD 122 118.04 42.12 7.29
CA ASN VD 122 118.14 41.34 6.08
C ASN VD 122 119.30 41.83 5.20
N ASN VD 123 119.69 41.00 4.25
CA ASN VD 123 120.77 41.34 3.35
C ASN VD 123 120.23 42.08 2.13
N TYR VD 124 121.15 42.72 1.41
CA TYR VD 124 120.79 43.54 0.24
C TYR VD 124 121.90 43.57 -0.83
N MET WD 1 -28.31 -18.45 128.52
CA MET WD 1 -28.90 -17.77 129.68
C MET WD 1 -30.03 -16.84 129.25
N ARG WD 2 -31.12 -16.84 130.01
CA ARG WD 2 -32.18 -15.86 129.78
C ARG WD 2 -31.67 -14.47 130.10
N LEU WD 3 -31.59 -13.62 129.08
CA LEU WD 3 -30.97 -12.31 129.22
C LEU WD 3 -31.74 -11.44 130.19
N THR WD 4 -31.00 -10.67 130.96
CA THR WD 4 -31.57 -9.66 131.85
C THR WD 4 -30.63 -8.47 131.84
N ASP WD 5 -31.18 -7.30 132.19
CA ASP WD 5 -30.34 -6.12 132.34
C ASP WD 5 -29.19 -6.44 133.28
N VAL WD 6 -28.06 -5.78 133.06
CA VAL WD 6 -26.82 -6.15 133.73
C VAL WD 6 -26.27 -4.94 134.46
N ASP WD 7 -25.79 -5.18 135.68
CA ASP WD 7 -25.13 -4.13 136.45
C ASP WD 7 -23.71 -4.61 136.75
N LEU WD 8 -22.73 -3.83 136.30
CA LEU WD 8 -21.32 -4.16 136.42
C LEU WD 8 -20.68 -3.27 137.48
N THR WD 9 -19.82 -3.85 138.29
CA THR WD 9 -19.00 -3.08 139.22
C THR WD 9 -17.69 -2.79 138.52
N VAL WD 10 -17.39 -1.51 138.33
CA VAL WD 10 -16.25 -1.06 137.53
C VAL WD 10 -15.38 -0.18 138.41
N GLY WD 11 -14.25 -0.70 138.86
CA GLY WD 11 -13.41 0.04 139.79
C GLY WD 11 -14.21 0.42 141.01
N GLU WD 12 -14.48 1.70 141.17
CA GLU WD 12 -15.22 2.18 142.32
C GLU WD 12 -16.54 2.82 141.94
N GLU WD 13 -17.06 2.50 140.76
CA GLU WD 13 -18.33 2.99 140.28
C GLU WD 13 -19.17 1.78 139.85
N THR WD 14 -20.46 2.01 139.61
CA THR WD 14 -21.33 0.96 139.11
C THR WD 14 -21.96 1.41 137.80
N ARG WD 15 -21.85 0.55 136.79
CA ARG WD 15 -22.31 0.83 135.43
C ARG WD 15 -23.49 -0.06 135.12
N GLU WD 16 -24.58 0.54 134.60
CA GLU WD 16 -25.82 -0.19 134.38
C GLU WD 16 -26.12 -0.25 132.89
N TYR WD 17 -26.28 -1.45 132.37
CA TYR WD 17 -26.61 -1.73 130.98
C TYR WD 17 -27.99 -2.37 130.89
N ALA WD 18 -28.64 -2.12 129.77
CA ALA WD 18 -29.95 -2.68 129.48
C ALA WD 18 -29.93 -3.38 128.13
N VAL WD 19 -30.69 -4.47 128.03
CA VAL WD 19 -30.76 -5.25 126.79
C VAL WD 19 -31.35 -4.40 125.69
N SER WD 20 -30.64 -4.29 124.56
CA SER WD 20 -31.13 -3.56 123.40
C SER WD 20 -31.63 -4.46 122.27
N GLU WD 21 -30.95 -5.58 121.99
CA GLU WD 21 -31.54 -6.55 121.08
C GLU WD 21 -30.91 -7.91 121.31
N GLN WD 22 -31.67 -8.96 120.98
CA GLN WD 22 -31.19 -10.33 121.10
C GLN WD 22 -31.61 -11.11 119.87
N GLN WD 23 -30.64 -11.69 119.18
CA GLN WD 23 -30.87 -12.57 118.04
C GLN WD 23 -30.45 -13.97 118.45
N GLY WD 24 -30.48 -14.88 117.46
CA GLY WD 24 -30.14 -16.26 117.76
C GLY WD 24 -28.74 -16.42 118.30
N THR WD 25 -27.78 -15.76 117.66
CA THR WD 25 -26.38 -15.86 118.04
C THR WD 25 -25.76 -14.50 118.33
N LEU WD 26 -26.57 -13.48 118.57
CA LEU WD 26 -26.07 -12.13 118.78
C LEU WD 26 -26.92 -11.42 119.83
N PHE WD 27 -26.28 -10.59 120.65
CA PHE WD 27 -27.02 -9.70 121.55
C PHE WD 27 -26.26 -8.40 121.72
N ARG WD 28 -27.00 -7.39 122.18
CA ARG WD 28 -26.48 -6.04 122.36
C ARG WD 28 -27.14 -5.39 123.57
N PHE WD 29 -26.29 -4.85 124.44
CA PHE WD 29 -26.64 -4.01 125.58
C PHE WD 29 -26.25 -2.57 125.32
N VAL WD 30 -26.98 -1.66 125.97
CA VAL WD 30 -26.71 -0.23 125.92
C VAL WD 30 -26.56 0.31 127.34
N ASP WD 31 -25.63 1.25 127.52
CA ASP WD 31 -25.44 1.90 128.82
C ASP WD 31 -26.65 2.76 129.15
N LYS WD 32 -27.27 2.50 130.31
CA LYS WD 32 -28.45 3.24 130.72
C LYS WD 32 -28.19 4.72 130.92
N SER WD 33 -26.92 5.14 130.95
CA SER WD 33 -26.58 6.55 131.08
C SER WD 33 -27.01 7.38 129.88
N GLY WD 34 -27.33 6.73 128.75
CA GLY WD 34 -27.43 7.42 127.48
C GLY WD 34 -28.81 7.32 126.83
N THR WD 35 -28.96 8.12 125.78
CA THR WD 35 -30.15 8.22 124.94
C THR WD 35 -29.84 7.64 123.57
N VAL WD 36 -30.91 7.35 122.82
CA VAL WD 36 -30.76 7.20 121.37
C VAL WD 36 -29.95 8.35 120.81
N ALA WD 37 -30.32 9.58 121.19
CA ALA WD 37 -29.62 10.77 120.71
C ALA WD 37 -28.17 10.77 121.14
N ASN WD 38 -27.92 10.79 122.45
CA ASN WD 38 -26.57 10.80 122.98
C ASN WD 38 -26.29 9.46 123.66
N ASN WD 39 -25.33 8.72 123.11
CA ASN WD 39 -25.00 7.39 123.59
C ASN WD 39 -23.77 7.44 124.49
N THR WD 40 -23.83 6.68 125.60
CA THR WD 40 -22.72 6.62 126.54
C THR WD 40 -21.93 5.33 126.48
N GLY WD 41 -22.47 4.26 125.90
CA GLY WD 41 -21.76 3.00 125.84
C GLY WD 41 -22.56 1.89 125.18
N VAL WD 42 -21.87 0.97 124.52
CA VAL WD 42 -22.54 -0.15 123.85
C VAL WD 42 -21.68 -1.39 124.01
N PHE WD 43 -22.35 -2.54 124.14
CA PHE WD 43 -21.68 -3.83 124.17
C PHE WD 43 -22.43 -4.80 123.28
N SER WD 44 -21.68 -5.54 122.47
CA SER WD 44 -22.28 -6.49 121.54
C SER WD 44 -21.45 -7.77 121.53
N LEU WD 45 -22.15 -8.90 121.39
CA LEU WD 45 -21.49 -10.21 121.37
C LEU WD 45 -22.18 -11.10 120.34
N GLU WD 46 -21.36 -11.81 119.53
CA GLU WD 46 -21.86 -12.70 118.49
C GLU WD 46 -21.02 -13.97 118.44
N GLN WD 47 -21.69 -15.12 118.30
CA GLN WD 47 -21.01 -16.40 118.13
C GLN WD 47 -21.23 -16.93 116.72
N ARG WD 48 -20.17 -17.50 116.15
CA ARG WD 48 -20.17 -18.08 114.81
C ARG WD 48 -19.67 -19.51 114.94
N PHE WD 49 -20.61 -20.45 114.93
CA PHE WD 49 -20.33 -21.87 114.97
C PHE WD 49 -19.98 -22.32 113.54
N GLY WD 50 -18.74 -22.74 113.33
CA GLY WD 50 -18.29 -23.16 112.01
C GLY WD 50 -18.63 -24.61 111.73
N ALA WD 51 -18.02 -25.14 110.66
CA ALA WD 51 -18.14 -26.57 110.38
C ALA WD 51 -17.32 -27.36 111.40
N ALA WD 52 -17.50 -28.69 111.37
CA ALA WD 52 -16.85 -29.56 112.36
C ALA WD 52 -15.33 -29.51 112.25
N ASN WD 53 -14.79 -29.13 111.09
CA ASN WD 53 -13.35 -28.90 110.97
C ASN WD 53 -12.96 -27.48 111.37
N SER WD 54 -13.93 -26.57 111.50
CA SER WD 54 -13.66 -25.18 111.83
C SER WD 54 -13.79 -24.94 113.32
N ASN WD 55 -13.02 -23.97 113.82
CA ASN WD 55 -13.16 -23.53 115.19
C ASN WD 55 -14.37 -22.60 115.29
N ARG WD 56 -15.17 -22.77 116.34
CA ARG WD 56 -16.20 -21.79 116.58
C ARG WD 56 -15.55 -20.51 117.12
N LYS WD 57 -16.17 -19.39 116.82
CA LYS WD 57 -15.58 -18.10 117.14
C LYS WD 57 -16.60 -17.24 117.87
N VAL WD 58 -16.12 -16.43 118.81
CA VAL WD 58 -16.99 -15.60 119.63
C VAL WD 58 -16.36 -14.22 119.71
N THR WD 59 -17.11 -13.19 119.33
CA THR WD 59 -16.54 -11.85 119.25
C THR WD 59 -17.38 -10.84 120.02
N MET WD 60 -16.68 -9.96 120.74
CA MET WD 60 -17.27 -8.92 121.57
C MET WD 60 -16.73 -7.57 121.13
N LEU WD 61 -17.62 -6.58 121.12
CA LEU WD 61 -17.25 -5.19 120.87
C LEU WD 61 -17.82 -4.32 121.97
N LEU WD 62 -16.95 -3.58 122.65
CA LEU WD 62 -17.30 -2.63 123.69
C LEU WD 62 -16.90 -1.24 123.19
N THR WD 63 -17.87 -0.34 123.08
CA THR WD 63 -17.66 1.00 122.59
C THR WD 63 -18.02 2.02 123.68
N ASP WD 64 -17.08 2.91 123.97
CA ASP WD 64 -17.28 3.98 124.95
C ASP WD 64 -17.05 5.32 124.28
N PRO WD 65 -18.11 6.06 123.98
CA PRO WD 65 -17.96 7.41 123.47
C PRO WD 65 -17.95 8.43 124.58
N VAL WD 66 -17.15 9.49 124.38
CA VAL WD 66 -16.98 10.58 125.32
C VAL WD 66 -17.05 11.89 124.53
N VAL WD 67 -17.63 12.90 125.14
CA VAL WD 67 -17.63 14.24 124.54
C VAL WD 67 -16.39 14.98 125.00
N VAL WD 68 -15.67 15.54 124.04
CA VAL WD 68 -14.42 16.25 124.27
C VAL WD 68 -14.52 17.64 123.67
N LYS WD 69 -13.82 18.59 124.25
CA LYS WD 69 -13.74 19.94 123.74
C LYS WD 69 -12.89 19.98 122.47
N ASP WD 70 -13.37 20.71 121.47
CA ASP WD 70 -12.61 20.92 120.25
C ASP WD 70 -11.46 21.89 120.51
N ALA WD 71 -10.48 21.89 119.60
CA ALA WD 71 -9.43 22.90 119.67
C ALA WD 71 -10.01 24.30 119.51
N SER WD 72 -11.08 24.43 118.72
CA SER WD 72 -11.83 25.67 118.64
C SER WD 72 -12.74 25.86 119.85
N GLY WD 73 -13.18 24.77 120.47
CA GLY WD 73 -14.08 24.82 121.61
C GLY WD 73 -15.39 24.10 121.41
N ALA WD 74 -15.71 23.70 120.17
CA ALA WD 74 -16.97 23.02 119.91
C ALA WD 74 -17.04 21.68 120.65
N ASP WD 75 -18.28 21.19 120.80
CA ASP WD 75 -18.50 19.89 121.40
C ASP WD 75 -18.34 18.81 120.34
N MET WD 76 -17.51 17.80 120.63
CA MET WD 76 -17.22 16.77 119.65
C MET WD 76 -17.24 15.41 120.34
N THR WD 77 -17.84 14.41 119.70
CA THR WD 77 -17.95 13.08 120.31
C THR WD 77 -16.89 12.14 119.72
N ILE WD 78 -16.18 11.44 120.59
CA ILE WD 78 -15.05 10.60 120.23
C ILE WD 78 -15.27 9.23 120.86
N LYS WD 79 -15.15 8.18 120.06
CA LYS WD 79 -15.36 6.82 120.54
C LYS WD 79 -14.03 6.10 120.73
N ALA WD 80 -13.98 5.24 121.74
CA ALA WD 80 -12.87 4.32 121.96
C ALA WD 80 -13.42 2.91 121.94
N ASN WD 81 -12.73 2.01 121.25
CA ASN WD 81 -13.23 0.67 121.00
C ASN WD 81 -12.33 -0.36 121.65
N ALA WD 82 -12.94 -1.43 122.15
CA ALA WD 82 -12.20 -2.60 122.57
C ALA WD 82 -12.92 -3.83 122.03
N SER WD 83 -12.18 -4.76 121.45
CA SER WD 83 -12.78 -5.92 120.83
C SER WD 83 -12.04 -7.18 121.23
N VAL WD 84 -12.80 -8.20 121.64
CA VAL WD 84 -12.23 -9.48 122.04
C VAL WD 84 -12.74 -10.54 121.07
N THR WD 85 -11.89 -11.52 120.77
CA THR WD 85 -12.27 -12.63 119.90
C THR WD 85 -11.69 -13.92 120.47
N PHE WD 86 -12.57 -14.87 120.77
CA PHE WD 86 -12.22 -16.20 121.24
C PHE WD 86 -12.31 -17.16 120.06
N SER WD 87 -11.18 -17.77 119.69
CA SER WD 87 -11.16 -18.84 118.70
C SER WD 87 -11.03 -20.15 119.47
N LEU WD 88 -12.09 -20.94 119.46
CA LEU WD 88 -12.20 -22.15 120.26
C LEU WD 88 -12.47 -23.35 119.35
N PRO WD 89 -11.50 -24.23 119.19
CA PRO WD 89 -11.73 -25.46 118.43
C PRO WD 89 -12.73 -26.37 119.14
N LYS WD 90 -13.39 -27.21 118.35
CA LYS WD 90 -14.46 -28.05 118.87
C LYS WD 90 -13.96 -29.35 119.47
N THR WD 91 -12.64 -29.56 119.51
CA THR WD 91 -12.03 -30.63 120.28
C THR WD 91 -11.42 -30.14 121.57
N TYR WD 92 -11.49 -28.84 121.82
CA TYR WD 92 -10.96 -28.21 123.02
C TYR WD 92 -11.99 -28.31 124.14
N PRO WD 93 -11.58 -28.68 125.36
CA PRO WD 93 -12.56 -28.89 126.43
C PRO WD 93 -13.08 -27.60 127.06
N ASN WD 94 -14.37 -27.63 127.41
CA ASN WD 94 -15.03 -26.45 127.95
C ASN WD 94 -14.35 -25.96 129.21
N GLU WD 95 -13.86 -26.88 130.05
CA GLU WD 95 -13.13 -26.48 131.25
C GLU WD 95 -11.99 -25.55 130.91
N HIS WD 96 -11.14 -25.95 129.95
CA HIS WD 96 -10.00 -25.11 129.60
C HIS WD 96 -10.42 -23.84 128.90
N ILE WD 97 -11.59 -23.81 128.24
CA ILE WD 97 -12.09 -22.55 127.74
C ILE WD 97 -12.38 -21.58 128.91
N THR WD 98 -13.02 -22.10 129.96
CA THR WD 98 -13.26 -21.24 131.13
C THR WD 98 -11.94 -20.77 131.73
N LYS WD 99 -10.97 -21.68 131.85
CA LYS WD 99 -9.63 -21.32 132.31
C LYS WD 99 -9.05 -20.18 131.48
N LEU WD 100 -9.18 -20.28 130.16
CA LEU WD 100 -8.67 -19.26 129.25
C LEU WD 100 -9.33 -17.92 129.51
N ARG WD 101 -10.67 -17.91 129.61
CA ARG WD 101 -11.37 -16.64 129.85
C ARG WD 101 -10.92 -16.00 131.15
N GLN WD 102 -10.77 -16.81 132.20
CA GLN WD 102 -10.38 -16.24 133.48
C GLN WD 102 -8.95 -15.71 133.45
N THR WD 103 -8.02 -16.45 132.80
CA THR WD 103 -6.65 -15.93 132.68
C THR WD 103 -6.63 -14.63 131.89
N LEU WD 104 -7.52 -14.48 130.90
CA LEU WD 104 -7.60 -13.23 130.16
C LEU WD 104 -8.06 -12.10 131.07
N ILE WD 105 -9.06 -12.35 131.92
CA ILE WD 105 -9.50 -11.33 132.87
C ILE WD 105 -8.33 -10.92 133.77
N ALA WD 106 -7.61 -11.91 134.29
CA ALA WD 106 -6.47 -11.62 135.16
C ALA WD 106 -5.41 -10.78 134.44
N TRP WD 107 -5.12 -11.14 133.18
CA TRP WD 107 -4.13 -10.39 132.42
C TRP WD 107 -4.58 -8.95 132.20
N LEU WD 108 -5.86 -8.75 131.86
CA LEU WD 108 -6.40 -7.42 131.67
C LEU WD 108 -6.33 -6.60 132.94
N GLY WD 109 -6.27 -7.27 134.10
CA GLY WD 109 -6.04 -6.58 135.36
C GLY WD 109 -4.61 -6.09 135.57
N GLN WD 110 -3.64 -6.75 134.94
CA GLN WD 110 -2.24 -6.54 135.26
C GLN WD 110 -1.76 -5.14 134.90
N GLN WD 111 -0.72 -4.69 135.60
CA GLN WD 111 -0.17 -3.37 135.31
C GLN WD 111 0.58 -3.37 133.98
N CYS WD 112 1.24 -4.48 133.63
CA CYS WD 112 1.96 -4.52 132.37
C CYS WD 112 1.03 -4.47 131.17
N VAL WD 113 -0.24 -4.81 131.36
CA VAL WD 113 -1.25 -4.58 130.33
C VAL WD 113 -1.87 -3.20 130.48
N SER WD 114 -1.99 -2.72 131.72
CA SER WD 114 -2.66 -1.44 131.97
C SER WD 114 -1.86 -0.27 131.40
N ASP WD 115 -0.54 -0.25 131.63
CA ASP WD 115 0.26 0.90 131.23
C ASP WD 115 0.17 1.22 129.74
N PRO WD 116 0.39 0.28 128.82
CA PRO WD 116 0.23 0.63 127.40
C PRO WD 116 -1.20 0.98 127.02
N VAL WD 117 -2.18 0.23 127.52
CA VAL WD 117 -3.56 0.50 127.18
C VAL WD 117 -4.00 1.85 127.75
N ASP WD 118 -3.89 2.01 129.08
CA ASP WD 118 -4.47 3.18 129.72
C ASP WD 118 -3.72 4.46 129.37
N SER WD 119 -2.38 4.41 129.35
CA SER WD 119 -1.59 5.63 129.24
C SER WD 119 -0.66 5.68 128.04
N GLY WD 120 -0.45 4.56 127.35
CA GLY WD 120 0.43 4.54 126.20
C GLY WD 120 1.88 4.25 126.49
N LEU WD 121 2.25 4.11 127.76
CA LEU WD 121 3.63 3.78 128.10
C LEU WD 121 3.90 2.31 127.80
N ASN WD 122 5.00 2.04 127.12
CA ASN WD 122 5.43 0.66 126.94
C ASN WD 122 6.22 0.17 128.16
N ASN WD 123 6.25 -1.15 128.33
CA ASN WD 123 7.02 -1.73 129.42
C ASN WD 123 8.47 -1.94 128.98
N TYR WD 124 9.34 -2.08 129.97
CA TYR WD 124 10.77 -2.18 129.68
C TYR WD 124 11.46 -3.24 130.54
N MET XD 1 -44.47 -22.01 123.23
CA MET XD 1 -44.24 -22.14 124.67
C MET XD 1 -43.02 -21.33 125.08
N ARG XD 2 -42.90 -21.08 126.38
CA ARG XD 2 -41.71 -20.42 126.93
C ARG XD 2 -40.63 -21.46 127.19
N LEU XD 3 -39.58 -21.42 126.39
CA LEU XD 3 -38.52 -22.43 126.45
C LEU XD 3 -37.88 -22.50 127.82
N THR XD 4 -37.79 -23.73 128.34
CA THR XD 4 -37.12 -24.02 129.59
C THR XD 4 -36.27 -25.26 129.37
N ASP XD 5 -35.17 -25.37 130.11
CA ASP XD 5 -34.33 -26.56 130.01
C ASP XD 5 -35.19 -27.80 130.22
N VAL XD 6 -34.85 -28.88 129.52
CA VAL XD 6 -35.73 -30.03 129.42
C VAL XD 6 -34.99 -31.25 129.95
N ASP XD 7 -35.72 -32.11 130.66
CA ASP XD 7 -35.18 -33.38 131.11
C ASP XD 7 -36.05 -34.50 130.57
N LEU XD 8 -35.43 -35.40 129.82
CA LEU XD 8 -36.10 -36.48 129.13
C LEU XD 8 -35.82 -37.79 129.84
N THR XD 9 -36.87 -38.58 130.03
CA THR XD 9 -36.71 -39.91 130.58
C THR XD 9 -36.51 -40.86 129.41
N VAL XD 10 -35.31 -41.41 129.29
CA VAL XD 10 -34.89 -42.21 128.15
C VAL XD 10 -34.61 -43.62 128.65
N GLY XD 11 -35.57 -44.52 128.46
CA GLY XD 11 -35.43 -45.85 129.01
C GLY XD 11 -35.31 -45.78 130.51
N GLU XD 12 -34.15 -46.14 131.04
CA GLU XD 12 -33.92 -46.10 132.47
C GLU XD 12 -32.92 -45.02 132.87
N GLU XD 13 -32.69 -44.05 131.99
CA GLU XD 13 -31.74 -42.99 132.24
C GLU XD 13 -32.46 -41.66 132.08
N THR XD 14 -31.82 -40.57 132.49
CA THR XD 14 -32.38 -39.24 132.31
C THR XD 14 -31.37 -38.38 131.57
N ARG XD 15 -31.77 -37.90 130.40
CA ARG XD 15 -30.99 -36.95 129.62
C ARG XD 15 -31.42 -35.54 129.97
N GLU XD 16 -30.45 -34.61 130.05
CA GLU XD 16 -30.71 -33.25 130.51
C GLU XD 16 -30.17 -32.25 129.50
N TYR XD 17 -31.09 -31.56 128.81
CA TYR XD 17 -30.73 -30.61 127.78
C TYR XD 17 -30.98 -29.19 128.28
N ALA XD 18 -30.14 -28.28 127.80
CA ALA XD 18 -30.21 -26.85 128.10
C ALA XD 18 -30.42 -26.07 126.80
N VAL XD 19 -31.22 -25.00 126.90
CA VAL XD 19 -31.48 -24.15 125.74
C VAL XD 19 -30.17 -23.53 125.28
N SER XD 20 -29.86 -23.70 123.99
CA SER XD 20 -28.63 -23.16 123.41
C SER XD 20 -28.85 -22.05 122.41
N GLU XD 21 -29.97 -22.02 121.69
CA GLU XD 21 -30.31 -20.79 120.98
C GLU XD 21 -31.80 -20.77 120.64
N GLN XD 22 -32.34 -19.55 120.56
CA GLN XD 22 -33.73 -19.31 120.20
C GLN XD 22 -33.77 -18.20 119.16
N GLN XD 23 -34.25 -18.52 117.96
CA GLN XD 23 -34.46 -17.54 116.93
C GLN XD 23 -35.96 -17.33 116.75
N GLY XD 24 -36.35 -16.76 115.62
CA GLY XD 24 -37.76 -16.56 115.37
C GLY XD 24 -38.50 -17.87 115.29
N THR XD 25 -38.10 -18.71 114.33
CA THR XD 25 -38.76 -19.98 114.06
C THR XD 25 -37.89 -21.18 114.37
N LEU XD 26 -36.74 -20.97 115.00
CA LEU XD 26 -35.76 -22.03 115.24
C LEU XD 26 -35.32 -22.01 116.70
N PHE XD 27 -35.10 -23.20 117.25
CA PHE XD 27 -34.50 -23.34 118.58
C PHE XD 27 -33.55 -24.53 118.59
N ARG XD 28 -32.69 -24.54 119.60
CA ARG XD 28 -31.66 -25.56 119.73
C ARG XD 28 -31.36 -25.78 121.21
N PHE XD 29 -31.46 -27.04 121.63
CA PHE XD 29 -31.05 -27.55 122.93
C PHE XD 29 -29.74 -28.33 122.80
N VAL XD 30 -29.08 -28.50 123.94
CA VAL XD 30 -27.75 -29.10 124.00
C VAL XD 30 -27.66 -29.99 125.24
N ASP XD 31 -27.07 -31.17 125.07
CA ASP XD 31 -26.93 -32.11 126.20
C ASP XD 31 -26.00 -31.51 127.26
N LYS XD 32 -26.55 -31.31 128.46
CA LYS XD 32 -25.77 -30.70 129.53
C LYS XD 32 -24.55 -31.52 129.89
N SER XD 33 -24.63 -32.84 129.73
CA SER XD 33 -23.56 -33.77 130.09
C SER XD 33 -22.36 -33.68 129.15
N GLY XD 34 -22.34 -32.75 128.22
CA GLY XD 34 -21.23 -32.67 127.27
C GLY XD 34 -20.03 -31.98 127.88
N THR XD 35 -18.85 -32.55 127.65
CA THR XD 35 -17.60 -31.97 128.11
C THR XD 35 -16.91 -31.14 127.04
N VAL XD 36 -17.00 -31.57 125.78
CA VAL XD 36 -16.40 -30.89 124.66
C VAL XD 36 -17.50 -30.64 123.63
N ALA XD 37 -17.23 -29.69 122.73
CA ALA XD 37 -18.16 -29.43 121.65
C ALA XD 37 -18.48 -30.70 120.86
N ASN XD 38 -17.44 -31.45 120.45
CA ASN XD 38 -17.65 -32.69 119.72
C ASN XD 38 -18.26 -33.78 120.59
N ASN XD 39 -17.95 -33.76 121.89
CA ASN XD 39 -18.58 -34.69 122.82
C ASN XD 39 -20.10 -34.46 122.90
N THR XD 40 -20.54 -33.24 122.64
CA THR XD 40 -21.87 -32.78 123.05
C THR XD 40 -22.95 -33.11 122.03
N GLY XD 41 -23.98 -33.82 122.49
CA GLY XD 41 -25.15 -34.05 121.66
C GLY XD 41 -26.03 -32.81 121.58
N VAL XD 42 -26.82 -32.72 120.51
CA VAL XD 42 -27.64 -31.53 120.28
C VAL XD 42 -28.98 -31.93 119.67
N PHE XD 43 -29.94 -31.02 119.80
CA PHE XD 43 -31.26 -31.18 119.20
C PHE XD 43 -31.76 -29.83 118.74
N SER XD 44 -32.22 -29.78 117.49
CA SER XD 44 -32.63 -28.52 116.88
C SER XD 44 -33.95 -28.71 116.16
N LEU XD 45 -34.75 -27.65 116.15
CA LEU XD 45 -36.06 -27.68 115.48
C LEU XD 45 -36.30 -26.33 114.81
N GLU XD 46 -36.90 -26.37 113.63
CA GLU XD 46 -37.18 -25.19 112.83
C GLU XD 46 -38.49 -25.37 112.09
N GLN XD 47 -39.33 -24.33 112.12
CA GLN XD 47 -40.57 -24.33 111.34
C GLN XD 47 -40.44 -23.37 110.18
N ARG XD 48 -40.91 -23.81 109.02
CA ARG XD 48 -40.94 -23.03 107.79
C ARG XD 48 -42.41 -22.96 107.37
N PHE XD 49 -43.02 -21.83 107.67
CA PHE XD 49 -44.41 -21.56 107.31
C PHE XD 49 -44.44 -21.06 105.87
N GLY XD 50 -45.20 -21.72 105.01
CA GLY XD 50 -45.24 -21.38 103.60
C GLY XD 50 -46.35 -20.38 103.28
N ALA XD 51 -46.55 -20.16 101.98
CA ALA XD 51 -47.69 -19.39 101.52
C ALA XD 51 -48.98 -20.19 101.75
N ALA XD 52 -50.12 -19.57 101.44
CA ALA XD 52 -51.40 -20.22 101.72
C ALA XD 52 -51.61 -21.46 100.86
N ASN XD 53 -50.98 -21.51 99.68
CA ASN XD 53 -51.04 -22.71 98.85
C ASN XD 53 -50.02 -23.76 99.28
N SER XD 54 -49.08 -23.40 100.15
CA SER XD 54 -48.05 -24.31 100.60
C SER XD 54 -48.46 -25.02 101.88
N ASN XD 55 -47.69 -26.04 102.23
CA ASN XD 55 -47.79 -26.71 103.52
C ASN XD 55 -46.70 -26.16 104.42
N ARG XD 56 -47.02 -25.94 105.69
CA ARG XD 56 -45.95 -25.59 106.62
C ARG XD 56 -45.14 -26.86 106.91
N LYS XD 57 -43.85 -26.67 107.14
CA LYS XD 57 -42.96 -27.79 107.37
C LYS XD 57 -42.21 -27.57 108.69
N VAL XD 58 -42.13 -28.61 109.51
CA VAL XD 58 -41.36 -28.56 110.75
C VAL XD 58 -40.29 -29.63 110.67
N THR XD 59 -39.05 -29.25 110.94
CA THR XD 59 -37.93 -30.19 110.85
C THR XD 59 -37.17 -30.20 112.18
N MET XD 60 -36.70 -31.39 112.55
CA MET XD 60 -35.93 -31.62 113.74
C MET XD 60 -34.71 -32.46 113.40
N LEU XD 61 -33.59 -32.10 114.02
CA LEU XD 61 -32.36 -32.86 113.92
C LEU XD 61 -31.84 -33.17 115.32
N LEU XD 62 -31.58 -34.45 115.56
CA LEU XD 62 -31.02 -34.96 116.81
C LEU XD 62 -29.67 -35.59 116.49
N THR XD 63 -28.61 -35.08 117.12
CA THR XD 63 -27.25 -35.55 116.91
C THR XD 63 -26.68 -36.10 118.21
N ASP XD 64 -26.23 -37.35 118.18
CA ASP XD 64 -25.67 -38.02 119.36
C ASP XD 64 -24.29 -38.57 119.02
N PRO XD 65 -23.23 -37.81 119.31
CA PRO XD 65 -21.87 -38.33 119.11
C PRO XD 65 -21.41 -39.21 120.27
N VAL XD 66 -20.48 -40.12 119.96
CA VAL XD 66 -19.89 -41.05 120.91
C VAL XD 66 -18.40 -41.16 120.61
N VAL XD 67 -17.60 -41.44 121.64
CA VAL XD 67 -16.15 -41.59 121.46
C VAL XD 67 -15.82 -43.06 121.27
N VAL XD 68 -15.06 -43.35 120.20
CA VAL XD 68 -14.60 -44.71 119.90
C VAL XD 68 -13.08 -44.74 119.84
N MET XD 76 -11.22 -41.17 118.36
CA MET XD 76 -12.16 -40.63 117.38
C MET XD 76 -13.59 -40.54 117.92
N THR XD 77 -14.32 -39.51 117.52
CA THR XD 77 -15.73 -39.33 117.87
C THR XD 77 -16.60 -39.46 116.64
N ILE XD 78 -17.64 -40.29 116.74
CA ILE XD 78 -18.52 -40.66 115.65
C ILE XD 78 -19.92 -40.15 115.95
N LYS XD 79 -20.54 -39.53 114.96
CA LYS XD 79 -21.84 -38.89 115.13
C LYS XD 79 -22.93 -39.65 114.37
N ALA XD 80 -24.08 -39.85 115.02
CA ALA XD 80 -25.26 -40.44 114.41
C ALA XD 80 -26.42 -39.46 114.49
N ASN XD 81 -27.23 -39.42 113.43
CA ASN XD 81 -28.27 -38.40 113.29
C ASN XD 81 -29.64 -39.05 113.14
N ALA XD 82 -30.63 -38.45 113.78
CA ALA XD 82 -32.02 -38.72 113.47
C ALA XD 82 -32.65 -37.41 113.04
N SER XD 83 -33.45 -37.45 111.97
CA SER XD 83 -34.08 -36.24 111.46
C SER XD 83 -35.55 -36.53 111.18
N VAL XD 84 -36.43 -35.72 111.75
CA VAL XD 84 -37.86 -35.85 111.55
C VAL XD 84 -38.34 -34.62 110.80
N THR XD 85 -39.31 -34.81 109.90
CA THR XD 85 -39.91 -33.71 109.14
C THR XD 85 -41.41 -33.94 109.03
N PHE XD 86 -42.18 -32.96 109.50
CA PHE XD 86 -43.63 -32.96 109.44
C PHE XD 86 -44.07 -32.01 108.34
N SER XD 87 -44.73 -32.54 107.31
CA SER XD 87 -45.33 -31.73 106.27
C SER XD 87 -46.82 -31.66 106.55
N LEU XD 88 -47.30 -30.47 106.88
CA LEU XD 88 -48.65 -30.26 107.38
C LEU XD 88 -49.36 -29.23 106.53
N PRO XD 89 -50.37 -29.61 105.76
CA PRO XD 89 -51.18 -28.62 105.04
C PRO XD 89 -51.99 -27.78 106.02
N LYS XD 90 -52.24 -26.54 105.63
CA LYS XD 90 -52.87 -25.61 106.57
C LYS XD 90 -54.32 -26.01 106.84
N THR XD 91 -55.05 -26.45 105.81
CA THR XD 91 -56.43 -26.88 105.99
C THR XD 91 -56.56 -28.11 106.87
N TYR XD 92 -55.46 -28.85 107.07
CA TYR XD 92 -55.48 -30.07 107.88
C TYR XD 92 -55.71 -29.72 109.35
N PRO XD 93 -56.56 -30.45 110.07
CA PRO XD 93 -56.96 -30.02 111.42
C PRO XD 93 -55.92 -30.33 112.51
N ASN XD 94 -55.75 -29.37 113.41
CA ASN XD 94 -54.75 -29.47 114.46
C ASN XD 94 -54.92 -30.73 115.29
N GLU XD 95 -56.18 -31.16 115.51
CA GLU XD 95 -56.41 -32.37 116.28
C GLU XD 95 -55.77 -33.59 115.61
N HIS XD 96 -56.04 -33.78 114.32
CA HIS XD 96 -55.43 -34.88 113.59
C HIS XD 96 -53.92 -34.75 113.49
N ILE XD 97 -53.36 -33.54 113.56
CA ILE XD 97 -51.91 -33.41 113.64
C ILE XD 97 -51.38 -33.99 114.96
N THR XD 98 -52.01 -33.61 116.08
CA THR XD 98 -51.59 -34.18 117.36
C THR XD 98 -51.66 -35.71 117.29
N LYS XD 99 -52.72 -36.23 116.68
CA LYS XD 99 -52.83 -37.68 116.45
C LYS XD 99 -51.61 -38.23 115.69
N LEU XD 100 -51.28 -37.59 114.57
CA LEU XD 100 -50.15 -38.06 113.76
C LEU XD 100 -48.87 -38.13 114.58
N ARG XD 101 -48.56 -37.06 115.32
CA ARG XD 101 -47.35 -37.05 116.13
C ARG XD 101 -47.34 -38.22 117.13
N GLN XD 102 -48.47 -38.43 117.82
CA GLN XD 102 -48.51 -39.48 118.82
C GLN XD 102 -48.32 -40.86 118.19
N THR XD 103 -48.93 -41.10 117.03
CA THR XD 103 -48.77 -42.40 116.37
C THR XD 103 -47.35 -42.60 115.88
N LEU XD 104 -46.65 -41.53 115.48
CA LEU XD 104 -45.24 -41.68 115.15
C LEU XD 104 -44.44 -42.11 116.36
N ILE XD 105 -44.71 -41.51 117.52
CA ILE XD 105 -44.06 -41.96 118.76
C ILE XD 105 -44.30 -43.45 118.98
N ALA XD 106 -45.57 -43.86 118.87
CA ALA XD 106 -45.92 -45.26 119.08
C ALA XD 106 -45.16 -46.18 118.11
N TRP XD 107 -45.07 -45.76 116.85
CA TRP XD 107 -44.36 -46.57 115.86
C TRP XD 107 -42.89 -46.71 116.22
N LEU XD 108 -42.24 -45.59 116.55
CA LEU XD 108 -40.84 -45.62 116.97
C LEU XD 108 -40.62 -46.48 118.19
N GLY XD 109 -41.68 -46.78 118.95
CA GLY XD 109 -41.58 -47.76 120.01
C GLY XD 109 -41.45 -49.21 119.59
N GLN XD 110 -42.04 -49.56 118.45
CA GLN XD 110 -42.29 -50.96 118.09
C GLN XD 110 -41.02 -51.70 117.70
N GLN XD 111 -41.09 -53.03 117.80
CA GLN XD 111 -39.94 -53.87 117.46
C GLN XD 111 -39.63 -53.80 115.98
N CYS XD 112 -40.65 -53.80 115.13
CA CYS XD 112 -40.41 -53.76 113.69
C CYS XD 112 -39.65 -52.52 113.27
N VAL XD 113 -39.62 -51.49 114.12
CA VAL XD 113 -38.82 -50.30 113.88
C VAL XD 113 -37.48 -50.37 114.61
N SER XD 114 -37.47 -50.89 115.84
CA SER XD 114 -36.22 -50.92 116.60
C SER XD 114 -35.21 -51.87 115.98
N ASP XD 115 -35.66 -53.05 115.51
CA ASP XD 115 -34.76 -54.03 114.97
C ASP XD 115 -33.90 -53.50 113.81
N PRO XD 116 -34.49 -52.85 112.80
CA PRO XD 116 -33.59 -52.26 111.77
C PRO XD 116 -32.82 -51.05 112.25
N VAL XD 117 -33.44 -50.14 112.99
CA VAL XD 117 -32.74 -48.95 113.47
C VAL XD 117 -31.61 -49.36 114.42
N ASP XD 118 -31.96 -50.05 115.52
CA ASP XD 118 -30.98 -50.32 116.56
C ASP XD 118 -29.86 -51.24 116.06
N SER XD 119 -30.21 -52.41 115.53
CA SER XD 119 -29.21 -53.42 115.22
C SER XD 119 -29.10 -53.76 113.75
N GLY XD 120 -29.97 -53.25 112.89
CA GLY XD 120 -29.88 -53.53 111.47
C GLY XD 120 -30.61 -54.77 111.00
N LEU XD 121 -31.38 -55.43 111.87
CA LEU XD 121 -32.17 -56.57 111.45
C LEU XD 121 -33.38 -56.08 110.65
N ASN XD 122 -33.53 -56.57 109.42
CA ASN XD 122 -34.75 -56.29 108.70
C ASN XD 122 -35.85 -57.27 109.13
N ASN XD 123 -37.08 -56.89 108.82
CA ASN XD 123 -38.20 -57.74 109.19
C ASN XD 123 -38.51 -58.71 108.06
N TYR XD 124 -38.97 -59.89 108.45
CA TYR XD 124 -39.17 -60.96 107.49
C TYR XD 124 -40.44 -61.72 107.80
N MET YD 1 -37.99 -4.91 126.62
CA MET YD 1 -38.95 -5.67 127.42
C MET YD 1 -38.77 -7.16 127.17
N ARG YD 2 -38.88 -7.96 128.24
CA ARG YD 2 -38.92 -9.42 128.12
C ARG YD 2 -40.28 -9.84 127.57
N LEU YD 3 -40.31 -10.24 126.31
CA LEU YD 3 -41.58 -10.51 125.65
C LEU YD 3 -42.26 -11.71 126.28
N THR YD 4 -43.53 -11.53 126.61
CA THR YD 4 -44.41 -12.63 127.02
C THR YD 4 -45.80 -12.35 126.47
N ASP YD 5 -46.63 -13.40 126.48
CA ASP YD 5 -48.00 -13.29 126.01
C ASP YD 5 -48.69 -12.12 126.69
N VAL YD 6 -49.61 -11.48 125.99
CA VAL YD 6 -50.34 -10.34 126.55
C VAL YD 6 -51.83 -10.55 126.33
N ASP YD 7 -52.60 -9.89 127.20
CA ASP YD 7 -54.04 -9.83 127.09
C ASP YD 7 -54.44 -8.35 127.04
N LEU YD 8 -55.26 -8.01 126.06
CA LEU YD 8 -55.68 -6.64 125.82
C LEU YD 8 -57.13 -6.44 126.22
N THR YD 9 -57.41 -5.30 126.82
CA THR YD 9 -58.77 -4.91 127.15
C THR YD 9 -59.31 -4.10 125.97
N VAL YD 10 -60.34 -4.64 125.31
CA VAL YD 10 -60.86 -4.06 124.07
C VAL YD 10 -62.34 -3.77 124.28
N GLY YD 11 -62.65 -2.50 124.58
CA GLY YD 11 -64.02 -2.15 124.91
C GLY YD 11 -64.51 -2.96 126.07
N GLU YD 12 -65.47 -3.85 125.84
CA GLU YD 12 -66.03 -4.68 126.90
C GLU YD 12 -65.72 -6.16 126.69
N GLU YD 13 -64.65 -6.46 125.98
CA GLU YD 13 -64.20 -7.84 125.80
C GLU YD 13 -62.70 -7.90 126.10
N THR YD 14 -62.20 -9.12 126.25
CA THR YD 14 -60.79 -9.34 126.48
C THR YD 14 -60.22 -10.16 125.35
N ARG YD 15 -59.13 -9.68 124.75
CA ARG YD 15 -58.48 -10.27 123.60
C ARG YD 15 -57.16 -10.87 124.05
N GLU YD 16 -56.93 -12.15 123.75
CA GLU YD 16 -55.76 -12.85 124.26
C GLU YD 16 -54.81 -13.16 123.12
N TYR YD 17 -53.61 -12.60 123.16
CA TYR YD 17 -52.59 -12.89 122.16
C TYR YD 17 -51.50 -13.75 122.80
N ALA YD 18 -50.77 -14.46 121.95
CA ALA YD 18 -49.64 -15.28 122.35
C ALA YD 18 -48.47 -15.02 121.42
N VAL YD 19 -47.26 -15.02 121.98
CA VAL YD 19 -46.07 -14.77 121.19
C VAL YD 19 -45.93 -15.87 120.16
N SER YD 20 -45.85 -15.48 118.89
CA SER YD 20 -45.66 -16.42 117.79
C SER YD 20 -44.25 -16.42 117.22
N GLU YD 21 -43.53 -15.30 117.30
CA GLU YD 21 -42.09 -15.34 117.03
C GLU YD 21 -41.44 -14.08 117.59
N GLN YD 22 -40.17 -14.21 117.96
CA GLN YD 22 -39.38 -13.08 118.42
C GLN YD 22 -38.01 -13.13 117.76
N GLN YD 23 -37.68 -12.09 117.00
CA GLN YD 23 -36.38 -11.89 116.39
C GLN YD 23 -35.72 -10.66 116.99
N GLY YD 24 -34.54 -10.32 116.44
CA GLY YD 24 -33.76 -9.25 117.03
C GLY YD 24 -34.48 -7.91 116.99
N THR YD 25 -35.04 -7.57 115.82
CA THR YD 25 -35.73 -6.31 115.61
C THR YD 25 -37.21 -6.49 115.30
N LEU YD 26 -37.72 -7.71 115.35
CA LEU YD 26 -39.08 -8.02 114.94
C LEU YD 26 -39.72 -8.98 115.95
N PHE YD 27 -41.04 -8.83 116.13
CA PHE YD 27 -41.81 -9.80 116.90
C PHE YD 27 -43.22 -9.90 116.35
N ARG YD 28 -43.87 -11.02 116.66
CA ARG YD 28 -45.20 -11.32 116.17
C ARG YD 28 -46.00 -12.06 117.23
N PHE YD 29 -47.20 -11.55 117.48
CA PHE YD 29 -48.24 -12.16 118.30
C PHE YD 29 -49.38 -12.69 117.43
N VAL YD 30 -50.06 -13.71 117.95
CA VAL YD 30 -51.21 -14.32 117.29
C VAL YD 30 -52.38 -14.41 118.28
N ASP YD 31 -53.60 -14.13 117.79
CA ASP YD 31 -54.79 -14.23 118.63
C ASP YD 31 -55.03 -15.68 119.04
N LYS YD 32 -55.13 -15.91 120.36
CA LYS YD 32 -55.22 -17.27 120.89
C LYS YD 32 -56.50 -18.00 120.46
N SER YD 33 -57.49 -17.26 119.95
CA SER YD 33 -58.75 -17.87 119.52
C SER YD 33 -58.69 -18.49 118.14
N GLY YD 34 -57.49 -18.64 117.55
CA GLY YD 34 -57.35 -18.99 116.16
C GLY YD 34 -56.57 -20.28 115.90
N THR YD 35 -56.64 -20.71 114.64
CA THR YD 35 -55.96 -21.90 114.13
C THR YD 35 -55.15 -21.49 112.91
N VAL YD 36 -54.19 -22.34 112.52
CA VAL YD 36 -53.56 -22.17 111.22
C VAL YD 36 -54.63 -22.16 110.14
N ALA YD 37 -55.61 -23.06 110.25
CA ALA YD 37 -56.67 -23.15 109.25
C ALA YD 37 -57.55 -21.91 109.29
N ASN YD 38 -58.05 -21.55 110.46
CA ASN YD 38 -58.89 -20.38 110.61
C ASN YD 38 -58.19 -19.38 111.54
N ASN YD 39 -57.49 -18.42 110.95
CA ASN YD 39 -56.81 -17.41 111.74
C ASN YD 39 -57.78 -16.28 112.11
N THR YD 40 -57.54 -15.68 113.27
CA THR YD 40 -58.45 -14.70 113.83
C THR YD 40 -57.80 -13.36 114.12
N GLY YD 41 -56.47 -13.28 114.10
CA GLY YD 41 -55.81 -12.01 114.35
C GLY YD 41 -54.31 -12.18 114.47
N VAL YD 42 -53.56 -11.21 113.96
CA VAL YD 42 -52.11 -11.21 114.09
C VAL YD 42 -51.66 -9.77 114.33
N PHE YD 43 -50.57 -9.64 115.08
CA PHE YD 43 -49.93 -8.35 115.29
C PHE YD 43 -48.43 -8.54 115.13
N SER YD 44 -47.79 -7.61 114.43
CA SER YD 44 -46.36 -7.71 114.19
C SER YD 44 -45.75 -6.31 114.29
N LEU YD 45 -44.51 -6.26 114.77
CA LEU YD 45 -43.80 -4.99 114.91
C LEU YD 45 -42.32 -5.19 114.58
N GLU YD 46 -41.75 -4.22 113.88
CA GLU YD 46 -40.35 -4.25 113.47
C GLU YD 46 -39.75 -2.86 113.60
N GLN YD 47 -38.52 -2.79 114.10
CA GLN YD 47 -37.78 -1.54 114.12
C GLN YD 47 -36.62 -1.63 113.15
N ARG YD 48 -36.53 -0.65 112.25
CA ARG YD 48 -35.35 -0.42 111.41
C ARG YD 48 -34.63 0.77 112.02
N PHE YD 49 -33.66 0.50 112.87
CA PHE YD 49 -32.78 1.55 113.37
C PHE YD 49 -31.91 2.03 112.23
N GLY YD 50 -32.08 3.29 111.85
CA GLY YD 50 -31.45 3.79 110.64
C GLY YD 50 -29.97 4.08 110.81
N ALA YD 51 -29.35 4.45 109.69
CA ALA YD 51 -27.99 4.96 109.72
C ALA YD 51 -27.91 6.21 110.60
N ALA YD 52 -26.68 6.57 110.97
CA ALA YD 52 -26.49 7.65 111.94
C ALA YD 52 -27.08 8.97 111.46
N ASN YD 53 -27.22 9.15 110.14
CA ASN YD 53 -27.82 10.35 109.60
C ASN YD 53 -29.34 10.26 109.54
N SER YD 54 -29.88 9.06 109.35
CA SER YD 54 -31.30 8.87 109.10
C SER YD 54 -32.08 8.74 110.40
N ASN YD 55 -33.40 8.84 110.28
CA ASN YD 55 -34.31 8.56 111.37
C ASN YD 55 -34.49 7.05 111.52
N ARG YD 56 -34.83 6.63 112.73
CA ARG YD 56 -35.21 5.24 112.92
C ARG YD 56 -36.71 5.10 112.70
N LYS YD 57 -37.11 3.94 112.20
CA LYS YD 57 -38.50 3.67 111.86
C LYS YD 57 -38.99 2.48 112.68
N VAL YD 58 -40.21 2.59 113.17
CA VAL YD 58 -40.89 1.47 113.83
C VAL YD 58 -42.22 1.27 113.13
N THR YD 59 -42.49 0.04 112.69
CA THR YD 59 -43.70 -0.25 111.96
C THR YD 59 -44.45 -1.39 112.62
N MET YD 60 -45.78 -1.26 112.63
CA MET YD 60 -46.68 -2.25 113.20
C MET YD 60 -47.78 -2.57 112.20
N LEU YD 61 -48.12 -3.85 112.13
CA LEU YD 61 -49.23 -4.32 111.32
C LEU YD 61 -50.16 -5.17 112.19
N LEU YD 62 -51.43 -4.77 112.23
CA LEU YD 62 -52.49 -5.51 112.89
C LEU YD 62 -53.46 -6.00 111.82
N THR YD 63 -53.69 -7.31 111.79
CA THR YD 63 -54.56 -7.92 110.81
C THR YD 63 -55.66 -8.71 111.50
N ASP YD 64 -56.91 -8.37 111.19
CA ASP YD 64 -58.08 -9.08 111.72
C ASP YD 64 -58.84 -9.66 110.55
N PRO YD 65 -58.79 -10.98 110.39
CA PRO YD 65 -59.62 -11.64 109.38
C PRO YD 65 -60.94 -12.13 109.94
N VAL YD 66 -61.96 -12.08 109.10
CA VAL YD 66 -63.32 -12.48 109.43
C VAL YD 66 -63.87 -13.32 108.29
N VAL YD 67 -64.66 -14.32 108.63
CA VAL YD 67 -65.36 -15.11 107.63
C VAL YD 67 -66.67 -14.42 107.29
N VAL YD 68 -67.00 -14.39 106.00
CA VAL YD 68 -68.19 -13.75 105.48
C VAL YD 68 -68.81 -14.66 104.43
N LYS YD 69 -70.13 -14.82 104.47
CA LYS YD 69 -70.81 -15.58 103.44
C LYS YD 69 -70.77 -14.79 102.13
N ASP YD 70 -70.68 -15.52 101.03
CA ASP YD 70 -70.61 -14.93 99.70
C ASP YD 70 -72.01 -14.84 99.09
N ALA YD 71 -72.12 -14.04 98.03
CA ALA YD 71 -73.37 -14.02 97.26
C ALA YD 71 -73.70 -15.40 96.72
N SER YD 72 -72.67 -16.18 96.38
CA SER YD 72 -72.84 -17.58 95.98
C SER YD 72 -73.09 -18.49 97.17
N GLY YD 73 -73.07 -17.97 98.40
CA GLY YD 73 -73.19 -18.78 99.60
C GLY YD 73 -71.87 -19.30 100.14
N ALA YD 74 -70.86 -19.44 99.29
CA ALA YD 74 -69.57 -19.97 99.71
C ALA YD 74 -68.97 -19.12 100.83
N ASP YD 75 -68.23 -19.78 101.71
CA ASP YD 75 -67.58 -19.08 102.81
C ASP YD 75 -66.27 -18.45 102.33
N MET YD 76 -66.05 -17.19 102.70
CA MET YD 76 -64.96 -16.39 102.16
C MET YD 76 -64.30 -15.64 103.31
N THR YD 77 -62.98 -15.78 103.44
CA THR YD 77 -62.24 -15.13 104.52
C THR YD 77 -61.69 -13.80 104.02
N ILE YD 78 -61.94 -12.75 104.79
CA ILE YD 78 -61.63 -11.37 104.40
C ILE YD 78 -60.81 -10.74 105.51
N LYS YD 79 -59.73 -10.05 105.14
CA LYS YD 79 -58.83 -9.43 106.11
C LYS YD 79 -58.99 -7.91 106.07
N ALA YD 80 -58.95 -7.29 107.24
CA ALA YD 80 -58.84 -5.85 107.39
C ALA YD 80 -57.54 -5.53 108.11
N ASN YD 81 -56.84 -4.49 107.66
CA ASN YD 81 -55.50 -4.21 108.16
C ASN YD 81 -55.42 -2.81 108.73
N ALA YD 82 -54.61 -2.68 109.78
CA ALA YD 82 -54.22 -1.39 110.31
C ALA YD 82 -52.71 -1.38 110.41
N SER YD 83 -52.07 -0.31 109.95
CA SER YD 83 -50.62 -0.22 109.98
C SER YD 83 -50.21 1.12 110.55
N VAL YD 84 -49.30 1.10 111.52
CA VAL YD 84 -48.79 2.30 112.15
C VAL YD 84 -47.29 2.36 111.90
N THR YD 85 -46.78 3.57 111.64
CA THR YD 85 -45.35 3.78 111.41
C THR YD 85 -44.91 5.04 112.14
N PHE YD 86 -43.91 4.89 113.00
CA PHE YD 86 -43.28 5.98 113.73
C PHE YD 86 -41.94 6.28 113.07
N SER YD 87 -41.81 7.51 112.56
CA SER YD 87 -40.52 8.01 112.07
C SER YD 87 -39.98 8.93 113.15
N LEU YD 88 -38.90 8.50 113.79
CA LEU YD 88 -38.33 9.18 114.94
C LEU YD 88 -36.89 9.54 114.67
N PRO YD 89 -36.57 10.81 114.52
CA PRO YD 89 -35.17 11.23 114.38
C PRO YD 89 -34.39 10.97 115.66
N LYS YD 90 -33.09 10.76 115.49
CA LYS YD 90 -32.26 10.43 116.65
C LYS YD 90 -32.23 11.56 117.66
N THR YD 91 -32.08 12.80 117.18
CA THR YD 91 -31.98 13.95 118.08
C THR YD 91 -33.28 14.25 118.81
N TYR YD 92 -34.39 13.65 118.39
CA TYR YD 92 -35.67 13.87 119.05
C TYR YD 92 -35.67 13.21 120.43
N PRO YD 93 -36.15 13.89 121.48
CA PRO YD 93 -36.03 13.33 122.84
C PRO YD 93 -37.07 12.26 123.15
N ASN YD 94 -36.61 11.21 123.84
CA ASN YD 94 -37.47 10.08 124.18
C ASN YD 94 -38.75 10.53 124.87
N GLU YD 95 -38.68 11.59 125.67
CA GLU YD 95 -39.86 12.10 126.37
C GLU YD 95 -40.94 12.51 125.37
N HIS YD 96 -40.61 13.40 124.44
CA HIS YD 96 -41.59 13.83 123.45
C HIS YD 96 -42.03 12.69 122.54
N ILE YD 97 -41.21 11.65 122.37
CA ILE YD 97 -41.67 10.46 121.65
C ILE YD 97 -42.85 9.80 122.40
N THR YD 98 -42.67 9.55 123.71
CA THR YD 98 -43.78 8.97 124.48
C THR YD 98 -45.01 9.85 124.40
N LYS YD 99 -44.81 11.18 124.44
CA LYS YD 99 -45.91 12.12 124.24
C LYS YD 99 -46.63 11.87 122.92
N LEU YD 100 -45.87 11.74 121.84
CA LEU YD 100 -46.45 11.49 120.52
C LEU YD 100 -47.30 10.21 120.53
N ARG YD 101 -46.74 9.12 121.06
CA ARG YD 101 -47.48 7.86 121.08
C ARG YD 101 -48.79 7.99 121.85
N GLN YD 102 -48.75 8.64 123.01
CA GLN YD 102 -49.97 8.76 123.80
C GLN YD 102 -51.01 9.63 123.11
N THR YD 103 -50.59 10.75 122.50
CA THR YD 103 -51.55 11.56 121.76
C THR YD 103 -52.15 10.79 120.59
N LEU YD 104 -51.39 9.88 119.97
CA LEU YD 104 -51.96 9.08 118.91
C LEU YD 104 -53.04 8.14 119.45
N ILE YD 105 -52.78 7.51 120.60
CA ILE YD 105 -53.82 6.69 121.23
C ILE YD 105 -55.07 7.52 121.48
N ALA YD 106 -54.89 8.72 122.04
CA ALA YD 106 -56.02 9.60 122.32
C ALA YD 106 -56.82 9.90 121.05
N TRP YD 107 -56.11 10.26 119.98
CA TRP YD 107 -56.78 10.56 118.73
C TRP YD 107 -57.56 9.36 118.22
N LEU YD 108 -56.95 8.16 118.25
CA LEU YD 108 -57.60 6.96 117.78
C LEU YD 108 -58.87 6.65 118.56
N GLY YD 109 -58.96 7.15 119.80
CA GLY YD 109 -60.19 7.03 120.57
C GLY YD 109 -61.31 7.95 120.14
N GLN YD 110 -60.96 9.08 119.53
CA GLN YD 110 -61.92 10.16 119.28
C GLN YD 110 -62.97 9.76 118.25
N GLN YD 111 -64.12 10.44 118.32
CA GLN YD 111 -65.19 10.15 117.38
C GLN YD 111 -64.88 10.65 115.98
N CYS YD 112 -64.18 11.78 115.87
CA CYS YD 112 -63.82 12.29 114.54
C CYS YD 112 -62.91 11.33 113.80
N VAL YD 113 -62.24 10.44 114.51
CA VAL YD 113 -61.42 9.40 113.90
C VAL YD 113 -62.21 8.11 113.74
N SER YD 114 -63.04 7.75 114.73
CA SER YD 114 -63.75 6.48 114.67
C SER YD 114 -64.82 6.48 113.58
N ASP YD 115 -65.56 7.59 113.44
CA ASP YD 115 -66.65 7.64 112.47
C ASP YD 115 -66.20 7.33 111.05
N PRO YD 116 -65.14 7.94 110.51
CA PRO YD 116 -64.70 7.53 109.16
C PRO YD 116 -64.09 6.13 109.13
N VAL YD 117 -63.28 5.78 110.13
CA VAL YD 117 -62.66 4.46 110.15
C VAL YD 117 -63.73 3.37 110.30
N ASP YD 118 -64.59 3.49 111.32
CA ASP YD 118 -65.51 2.41 111.63
C ASP YD 118 -66.64 2.32 110.60
N SER YD 119 -67.25 3.45 110.25
CA SER YD 119 -68.48 3.44 109.47
C SER YD 119 -68.34 4.05 108.08
N GLY YD 120 -67.18 4.62 107.74
CA GLY YD 120 -67.01 5.21 106.43
C GLY YD 120 -67.68 6.55 106.23
N LEU YD 121 -68.17 7.18 107.28
CA LEU YD 121 -68.77 8.51 107.18
C LEU YD 121 -67.70 9.56 107.42
N ASN YD 122 -67.65 10.55 106.54
CA ASN YD 122 -66.71 11.65 106.73
C ASN YD 122 -67.27 12.68 107.71
N ASN YD 123 -66.38 13.53 108.20
CA ASN YD 123 -66.77 14.56 109.13
C ASN YD 123 -67.18 15.83 108.39
N TYR YD 124 -67.86 16.73 109.10
CA TYR YD 124 -68.39 17.96 108.52
C TYR YD 124 -68.46 19.12 109.53
N MET ZD 1 73.28 87.41 68.39
CA MET ZD 1 74.61 88.00 68.39
C MET ZD 1 75.15 88.17 66.97
N ARG ZD 2 75.78 89.32 66.71
CA ARG ZD 2 76.47 89.51 65.45
C ARG ZD 2 77.65 88.55 65.37
N LEU ZD 3 77.59 87.62 64.42
CA LEU ZD 3 78.58 86.56 64.34
C LEU ZD 3 79.96 87.11 64.02
N THR ZD 4 80.96 86.50 64.64
CA THR ZD 4 82.36 86.81 64.37
C THR ZD 4 83.12 85.50 64.44
N ASP ZD 5 84.28 85.46 63.77
CA ASP ZD 5 85.15 84.31 63.89
C ASP ZD 5 85.40 84.02 65.37
N VAL ZD 6 85.62 82.75 65.69
CA VAL ZD 6 85.64 82.31 67.08
C VAL ZD 6 86.96 81.61 67.35
N ASP ZD 7 87.54 81.90 68.52
CA ASP ZD 7 88.75 81.21 68.96
C ASP ZD 7 88.44 80.53 70.29
N LEU ZD 8 88.59 79.21 70.32
CA LEU ZD 8 88.28 78.39 71.47
C LEU ZD 8 89.56 77.92 72.13
N THR ZD 9 89.56 77.95 73.46
CA THR ZD 9 90.66 77.34 74.22
C THR ZD 9 90.26 75.91 74.53
N VAL ZD 10 91.05 74.95 74.04
CA VAL ZD 10 90.71 73.54 74.12
C VAL ZD 10 91.85 72.82 74.82
N GLY ZD 11 91.63 72.45 76.09
CA GLY ZD 11 92.68 71.86 76.87
C GLY ZD 11 93.87 72.78 76.91
N GLU ZD 12 94.96 72.40 76.26
CA GLU ZD 12 96.17 73.21 76.28
C GLU ZD 12 96.54 73.71 74.88
N GLU ZD 13 95.57 73.73 73.97
CA GLU ZD 13 95.76 74.22 72.62
C GLU ZD 13 94.69 75.26 72.35
N THR ZD 14 94.85 76.00 71.25
CA THR ZD 14 93.84 76.97 70.83
C THR ZD 14 93.38 76.63 69.42
N ARG ZD 15 92.07 76.54 69.25
CA ARG ZD 15 91.41 76.15 68.01
C ARG ZD 15 90.69 77.35 67.43
N GLU ZD 16 90.91 77.63 66.15
CA GLU ZD 16 90.37 78.82 65.50
C GLU ZD 16 89.37 78.43 64.42
N TYR ZD 17 88.14 78.92 64.54
CA TYR ZD 17 87.07 78.70 63.60
C TYR ZD 17 86.70 80.02 62.91
N ALA ZD 18 86.20 79.88 61.69
CA ALA ZD 18 85.75 81.02 60.90
C ALA ZD 18 84.33 80.77 60.41
N VAL ZD 19 83.55 81.85 60.33
CA VAL ZD 19 82.16 81.74 59.88
C VAL ZD 19 82.13 81.28 58.43
N SER ZD 20 81.38 80.21 58.17
CA SER ZD 20 81.19 79.69 56.81
C SER ZD 20 79.84 80.03 56.21
N GLU ZD 21 78.76 79.97 56.97
CA GLU ZD 21 77.50 80.50 56.46
C GLU ZD 21 76.57 80.82 57.62
N GLN ZD 22 75.67 81.78 57.39
CA GLN ZD 22 74.68 82.17 58.38
C GLN ZD 22 73.34 82.35 57.70
N GLN ZD 23 72.34 81.62 58.18
CA GLN ZD 23 70.96 81.73 57.73
C GLN ZD 23 70.14 82.32 58.86
N GLY ZD 24 68.82 82.37 58.66
CA GLY ZD 24 67.96 82.96 59.67
C GLY ZD 24 68.03 82.23 60.99
N THR ZD 25 67.99 80.90 60.95
CA THR ZD 25 68.00 80.08 62.15
C THR ZD 25 69.13 79.05 62.13
N LEU ZD 26 70.14 79.24 61.28
CA LEU ZD 26 71.22 78.27 61.14
C LEU ZD 26 72.53 79.01 60.91
N PHE ZD 27 73.62 78.46 61.46
CA PHE ZD 27 74.95 78.94 61.14
C PHE ZD 27 75.95 77.80 61.15
N ARG ZD 28 77.08 78.04 60.50
CA ARG ZD 28 78.14 77.05 60.35
C ARG ZD 28 79.50 77.73 60.36
N PHE ZD 29 80.38 77.22 61.22
CA PHE ZD 29 81.79 77.54 61.31
C PHE ZD 29 82.64 76.39 60.76
N VAL ZD 30 83.83 76.76 60.28
CA VAL ZD 30 84.82 75.80 59.78
C VAL ZD 30 86.15 76.05 60.53
N ASP ZD 31 86.86 74.95 60.82
CA ASP ZD 31 88.17 75.05 61.46
C ASP ZD 31 89.16 75.66 60.47
N LYS ZD 32 89.81 76.75 60.88
CA LYS ZD 32 90.77 77.44 60.02
C LYS ZD 32 91.97 76.58 59.66
N SER ZD 33 92.15 75.43 60.33
CA SER ZD 33 93.25 74.53 60.01
C SER ZD 33 93.11 73.88 58.64
N GLY ZD 34 91.92 73.96 58.02
CA GLY ZD 34 91.59 73.14 56.89
C GLY ZD 34 91.25 73.92 55.62
N THR ZD 35 91.16 73.17 54.53
CA THR ZD 35 90.82 73.64 53.20
C THR ZD 35 89.44 73.11 52.83
N VAL ZD 36 88.84 73.72 51.79
CA VAL ZD 36 87.75 73.05 51.08
C VAL ZD 36 88.14 71.62 50.76
N ALA ZD 37 89.34 71.44 50.20
CA ALA ZD 37 89.83 70.12 49.84
C ALA ZD 37 89.94 69.21 51.07
N ASN ZD 38 90.80 69.59 52.01
CA ASN ZD 38 91.01 68.82 53.22
C ASN ZD 38 90.42 69.58 54.41
N ASN ZD 39 89.40 69.01 55.04
CA ASN ZD 39 88.71 69.65 56.14
C ASN ZD 39 89.19 69.11 57.48
N THR ZD 40 89.38 70.01 58.44
CA THR ZD 40 89.83 69.64 59.77
C THR ZD 40 88.75 69.69 60.84
N GLY ZD 41 87.64 70.38 60.59
CA GLY ZD 41 86.58 70.46 61.58
C GLY ZD 41 85.42 71.32 61.15
N VAL ZD 42 84.22 71.00 61.60
CA VAL ZD 42 83.03 71.77 61.26
C VAL ZD 42 82.12 71.83 62.47
N PHE ZD 43 81.43 72.97 62.62
CA PHE ZD 43 80.42 73.14 63.64
C PHE ZD 43 79.20 73.80 63.04
N SER ZD 44 78.03 73.27 63.36
CA SER ZD 44 76.78 73.79 62.83
C SER ZD 44 75.73 73.82 63.94
N LEU ZD 45 74.88 74.86 63.90
CA LEU ZD 45 73.83 75.04 64.90
C LEU ZD 45 72.56 75.54 64.21
N GLU ZD 46 71.41 74.94 64.56
CA GLU ZD 46 70.12 75.32 64.01
C GLU ZD 46 69.04 75.31 65.09
N GLN ZD 47 68.18 76.33 65.06
CA GLN ZD 47 67.04 76.41 65.98
C GLN ZD 47 65.75 76.22 65.21
N ARG ZD 48 64.82 75.47 65.82
CA ARG ZD 48 63.51 75.18 65.27
C ARG ZD 48 62.48 75.60 66.32
N PHE ZD 49 61.88 76.77 66.10
CA PHE ZD 49 60.82 77.31 66.93
C PHE ZD 49 59.51 76.66 66.50
N GLY ZD 50 58.91 75.85 67.37
CA GLY ZD 50 57.68 75.16 67.05
C GLY ZD 50 56.45 76.02 67.30
N ALA ZD 51 55.28 75.37 67.29
CA ALA ZD 51 54.07 76.07 67.68
C ALA ZD 51 54.05 76.31 69.18
N ALA ZD 52 53.07 77.10 69.64
CA ALA ZD 52 53.02 77.50 71.05
C ALA ZD 52 52.80 76.30 71.97
N ASN ZD 53 52.25 75.19 71.46
CA ASN ZD 53 52.18 73.96 72.22
C ASN ZD 53 53.44 73.11 72.09
N SER ZD 54 54.31 73.43 71.14
CA SER ZD 54 55.53 72.67 70.89
C SER ZD 54 56.72 73.29 71.61
N ASN ZD 55 57.66 72.45 72.00
CA ASN ZD 55 58.92 72.93 72.53
C ASN ZD 55 59.81 73.40 71.39
N ARG ZD 56 60.47 74.53 71.57
CA ARG ZD 56 61.49 74.90 70.60
C ARG ZD 56 62.70 74.00 70.79
N LYS ZD 57 63.41 73.76 69.70
CA LYS ZD 57 64.51 72.80 69.72
C LYS ZD 57 65.74 73.45 69.10
N VAL ZD 58 66.91 73.08 69.64
CA VAL ZD 58 68.18 73.67 69.20
C VAL ZD 58 69.18 72.54 69.05
N THR ZD 59 69.77 72.40 67.86
CA THR ZD 59 70.63 71.26 67.60
C THR ZD 59 71.99 71.70 67.07
N MET ZD 60 73.04 71.05 67.57
CA MET ZD 60 74.41 71.33 67.23
C MET ZD 60 75.07 70.05 66.72
N LEU ZD 61 75.88 70.19 65.69
CA LEU ZD 61 76.71 69.11 65.17
C LEU ZD 61 78.16 69.58 65.08
N LEU ZD 62 79.04 68.84 65.74
CA LEU ZD 62 80.49 69.07 65.71
C LEU ZD 62 81.13 67.85 65.05
N THR ZD 63 81.84 68.07 63.96
CA THR ZD 63 82.48 67.01 63.20
C THR ZD 63 83.98 67.24 63.18
N ASP ZD 64 84.73 66.21 63.58
CA ASP ZD 64 86.20 66.24 63.57
C ASP ZD 64 86.71 65.10 62.72
N PRO ZD 65 87.19 65.39 61.51
CA PRO ZD 65 87.82 64.36 60.69
C PRO ZD 65 89.32 64.32 60.93
N VAL ZD 66 89.86 63.10 60.87
CA VAL ZD 66 91.28 62.82 61.06
C VAL ZD 66 91.73 61.88 59.96
N VAL ZD 67 92.96 62.06 59.50
CA VAL ZD 67 93.54 61.12 58.54
C VAL ZD 67 94.25 60.01 59.32
N VAL ZD 68 93.94 58.76 58.96
CA VAL ZD 68 94.48 57.58 59.61
C VAL ZD 68 95.11 56.69 58.56
N LYS ZD 69 96.13 55.94 58.96
CA LYS ZD 69 96.77 54.98 58.10
C LYS ZD 69 95.86 53.78 57.88
N ASP ZD 70 95.79 53.31 56.63
CA ASP ZD 70 95.06 52.12 56.30
C ASP ZD 70 95.81 50.88 56.78
N ALA ZD 71 95.08 49.76 56.88
CA ALA ZD 71 95.76 48.49 57.18
C ALA ZD 71 96.73 48.13 56.07
N SER ZD 72 96.44 48.54 54.83
CA SER ZD 72 97.39 48.41 53.73
C SER ZD 72 98.44 49.52 53.78
N GLY ZD 73 98.11 50.67 54.35
CA GLY ZD 73 99.00 51.81 54.43
C GLY ZD 73 98.49 53.06 53.76
N ALA ZD 74 97.41 52.98 52.97
CA ALA ZD 74 96.86 54.13 52.28
C ALA ZD 74 96.39 55.19 53.27
N ASP ZD 75 96.26 56.42 52.77
CA ASP ZD 75 95.72 57.51 53.56
C ASP ZD 75 94.20 57.49 53.51
N MET ZD 76 93.56 57.50 54.68
CA MET ZD 76 92.11 57.39 54.74
C MET ZD 76 91.57 58.39 55.73
N THR ZD 77 90.48 59.08 55.39
CA THR ZD 77 89.90 60.09 56.28
C THR ZD 77 88.71 59.52 57.02
N ILE ZD 78 88.70 59.73 58.35
CA ILE ZD 78 87.69 59.17 59.24
C ILE ZD 78 87.13 60.30 60.09
N LYS ZD 79 85.81 60.40 60.15
CA LYS ZD 79 85.14 61.46 60.89
C LYS ZD 79 84.59 60.91 62.20
N ALA ZD 80 84.61 61.75 63.24
CA ALA ZD 80 83.96 61.49 64.51
C ALA ZD 80 82.96 62.62 64.77
N ASN ZD 81 81.75 62.25 65.19
CA ASN ZD 81 80.66 63.21 65.30
C ASN ZD 81 80.23 63.35 66.76
N ALA ZD 82 79.84 64.55 67.13
CA ALA ZD 82 79.17 64.79 68.39
C ALA ZD 82 77.99 65.71 68.12
N SER ZD 83 76.82 65.37 68.69
CA SER ZD 83 75.62 66.14 68.41
C SER ZD 83 74.88 66.42 69.71
N VAL ZD 84 74.48 67.67 69.91
CA VAL ZD 84 73.74 68.08 71.09
C VAL ZD 84 72.38 68.57 70.63
N THR ZD 85 71.35 68.30 71.44
CA THR ZD 85 70.00 68.78 71.16
C THR ZD 85 69.36 69.25 72.46
N PHE ZD 86 68.95 70.52 72.47
CA PHE ZD 86 68.24 71.14 73.59
C PHE ZD 86 66.76 71.18 73.23
N SER ZD 87 65.94 70.49 74.02
CA SER ZD 87 64.49 70.59 73.92
C SER ZD 87 64.01 71.48 75.06
N LEU ZD 88 63.53 72.67 74.68
CA LEU ZD 88 63.19 73.73 75.63
C LEU ZD 88 61.74 74.12 75.43
N PRO ZD 89 60.86 73.79 76.36
CA PRO ZD 89 59.48 74.26 76.30
C PRO ZD 89 59.39 75.76 76.47
N LYS ZD 90 58.33 76.35 75.94
CA LYS ZD 90 58.18 77.79 75.90
C LYS ZD 90 57.55 78.35 77.18
N THR ZD 91 57.28 77.49 78.17
CA THR ZD 91 56.92 77.91 79.51
C THR ZD 91 58.09 77.78 80.48
N TYR ZD 92 59.21 77.28 80.01
CA TYR ZD 92 60.41 77.09 80.81
C TYR ZD 92 61.20 78.39 80.86
N PRO ZD 93 61.69 78.81 82.03
CA PRO ZD 93 62.36 80.12 82.12
C PRO ZD 93 63.79 80.12 81.60
N ASN ZD 94 64.14 81.24 80.98
CA ASN ZD 94 65.45 81.37 80.33
C ASN ZD 94 66.59 81.16 81.34
N GLU ZD 95 66.39 81.63 82.58
CA GLU ZD 95 67.39 81.41 83.62
C GLU ZD 95 67.73 79.93 83.74
N HIS ZD 96 66.71 79.09 83.90
CA HIS ZD 96 66.96 77.67 84.07
C HIS ZD 96 67.48 77.03 82.79
N ILE ZD 97 67.19 77.59 81.62
CA ILE ZD 97 67.86 77.11 80.42
C ILE ZD 97 69.38 77.33 80.52
N THR ZD 98 69.77 78.53 80.95
CA THR ZD 98 71.21 78.79 81.14
C THR ZD 98 71.81 77.83 82.17
N LYS ZD 99 71.10 77.62 83.27
CA LYS ZD 99 71.53 76.65 84.28
C LYS ZD 99 71.74 75.28 83.66
N LEU ZD 100 70.80 74.84 82.81
CA LEU ZD 100 70.89 73.56 82.15
C LEU ZD 100 72.14 73.48 81.28
N ARG ZD 101 72.37 74.49 80.44
CA ARG ZD 101 73.54 74.48 79.56
C ARG ZD 101 74.83 74.40 80.37
N GLN ZD 102 74.91 75.15 81.46
CA GLN ZD 102 76.14 75.13 82.24
C GLN ZD 102 76.34 73.78 82.94
N THR ZD 103 75.26 73.19 83.49
CA THR ZD 103 75.39 71.85 84.07
C THR ZD 103 75.83 70.83 83.04
N LEU ZD 104 75.39 70.99 81.79
CA LEU ZD 104 75.83 70.09 80.74
C LEU ZD 104 77.32 70.25 80.49
N ILE ZD 105 77.80 71.49 80.45
CA ILE ZD 105 79.25 71.71 80.29
C ILE ZD 105 80.01 71.03 81.42
N ALA ZD 106 79.54 71.22 82.65
CA ALA ZD 106 80.20 70.61 83.80
C ALA ZD 106 80.22 69.09 83.70
N TRP ZD 107 79.09 68.50 83.28
CA TRP ZD 107 79.03 67.05 83.14
C TRP ZD 107 80.00 66.57 82.07
N LEU ZD 108 80.06 67.26 80.94
CA LEU ZD 108 80.98 66.89 79.88
C LEU ZD 108 82.43 66.99 80.33
N GLY ZD 109 82.69 67.78 81.36
CA GLY ZD 109 84.01 67.81 81.98
C GLY ZD 109 84.35 66.60 82.83
N GLN ZD 110 83.33 65.94 83.38
CA GLN ZD 110 83.53 64.93 84.41
C GLN ZD 110 84.28 63.70 83.88
N GLN ZD 111 84.95 63.01 84.80
CA GLN ZD 111 85.67 61.80 84.40
C GLN ZD 111 84.71 60.67 84.09
N CYS ZD 112 83.58 60.58 84.80
CA CYS ZD 112 82.61 59.53 84.53
C CYS ZD 112 81.97 59.66 83.16
N VAL ZD 113 81.98 60.86 82.59
CA VAL ZD 113 81.59 61.05 81.20
C VAL ZD 113 82.79 60.87 80.28
N SER ZD 114 83.98 61.26 80.73
CA SER ZD 114 85.16 61.21 79.87
C SER ZD 114 85.56 59.79 79.54
N ASP ZD 115 85.57 58.90 80.54
CA ASP ZD 115 86.07 57.54 80.31
C ASP ZD 115 85.32 56.79 79.22
N PRO ZD 116 83.99 56.71 79.22
CA PRO ZD 116 83.32 56.02 78.10
C PRO ZD 116 83.50 56.74 76.76
N VAL ZD 117 83.38 58.07 76.75
CA VAL ZD 117 83.52 58.81 75.51
C VAL ZD 117 84.94 58.69 74.98
N ASP ZD 118 85.93 59.10 75.78
CA ASP ZD 118 87.29 59.23 75.27
C ASP ZD 118 87.92 57.87 74.99
N SER ZD 119 87.72 56.89 75.88
CA SER ZD 119 88.45 55.63 75.80
C SER ZD 119 87.58 54.40 75.66
N GLY ZD 120 86.27 54.50 75.87
CA GLY ZD 120 85.39 53.36 75.76
C GLY ZD 120 85.21 52.56 77.03
N LEU ZD 121 85.89 52.90 78.10
CA LEU ZD 121 85.72 52.20 79.36
C LEU ZD 121 84.41 52.62 80.02
N ASN ZD 122 83.62 51.64 80.46
CA ASN ZD 122 82.44 51.94 81.24
C ASN ZD 122 82.80 52.14 82.72
N ASN ZD 123 81.93 52.86 83.41
CA ASN ZD 123 82.14 53.06 84.84
C ASN ZD 123 81.52 51.91 85.62
N TYR ZD 124 81.97 51.75 86.86
CA TYR ZD 124 81.54 50.62 87.67
C TYR ZD 124 81.25 51.02 89.13
N MET AE 1 69.00 98.89 56.07
CA MET AE 1 69.84 99.42 57.16
C MET AE 1 70.57 98.29 57.86
N ARG AE 2 71.61 98.63 58.62
CA ARG AE 2 72.32 97.66 59.44
C ARG AE 2 71.59 97.50 60.77
N LEU AE 3 70.97 96.34 60.97
CA LEU AE 3 70.14 96.10 62.14
C LEU AE 3 70.93 96.26 63.44
N THR AE 4 70.36 97.04 64.35
CA THR AE 4 70.89 97.24 65.68
C THR AE 4 69.73 97.15 66.65
N ASP AE 5 70.01 96.70 67.88
CA ASP AE 5 68.98 96.64 68.90
C ASP AE 5 68.30 98.00 69.02
N VAL AE 6 67.00 97.99 69.28
CA VAL AE 6 66.19 99.19 69.15
C VAL AE 6 65.56 99.49 70.51
N ASP AE 7 65.47 100.77 70.83
CA ASP AE 7 64.76 101.22 72.02
C ASP AE 7 63.68 102.21 71.62
N LEU AE 8 62.45 101.88 71.97
CA LEU AE 8 61.27 102.63 71.58
C LEU AE 8 60.75 103.38 72.78
N THR AE 9 60.41 104.65 72.56
CA THR AE 9 59.77 105.45 73.58
C THR AE 9 58.26 105.27 73.42
N VAL AE 10 57.64 104.61 74.39
CA VAL AE 10 56.24 104.21 74.32
C VAL AE 10 55.51 104.93 75.44
N GLY AE 11 54.82 106.02 75.09
CA GLY AE 11 54.18 106.84 76.10
C GLY AE 11 55.22 107.37 77.07
N GLU AE 12 55.17 106.91 78.31
CA GLU AE 12 56.14 107.34 79.31
C GLU AE 12 57.07 106.23 79.73
N GLU AE 13 57.18 105.19 78.93
CA GLU AE 13 58.02 104.05 79.24
C GLU AE 13 58.98 103.85 78.07
N THR AE 14 59.98 102.99 78.27
CA THR AE 14 60.91 102.65 77.20
C THR AE 14 60.94 101.13 77.03
N ARG AE 15 60.57 100.68 75.85
CA ARG AE 15 60.65 99.28 75.47
C ARG AE 15 61.99 99.04 74.77
N GLU AE 16 62.61 97.87 75.05
CA GLU AE 16 63.95 97.59 74.55
C GLU AE 16 63.95 96.24 73.84
N TYR AE 17 64.11 96.26 72.52
CA TYR AE 17 64.09 95.06 71.70
C TYR AE 17 65.50 94.73 71.22
N ALA AE 18 65.75 93.44 71.09
CA ALA AE 18 67.01 92.90 70.58
C ALA AE 18 66.77 92.10 69.31
N VAL AE 19 67.70 92.19 68.37
CA VAL AE 19 67.58 91.43 67.13
C VAL AE 19 67.58 89.95 67.43
N SER AE 20 66.57 89.25 66.93
CA SER AE 20 66.45 87.81 67.15
C SER AE 20 66.62 86.96 65.91
N GLU AE 21 66.30 87.48 64.72
CA GLU AE 21 66.77 86.79 63.52
C GLU AE 21 66.74 87.73 62.32
N GLN AE 22 67.64 87.48 61.38
CA GLN AE 22 67.74 88.23 60.13
C GLN AE 22 67.88 87.24 58.98
N GLN AE 23 66.91 87.25 58.08
CA GLN AE 23 66.96 86.44 56.88
C GLN AE 23 67.17 87.38 55.69
N GLY AE 24 66.89 86.89 54.49
CA GLY AE 24 67.03 87.71 53.32
C GLY AE 24 66.10 88.90 53.37
N THR AE 25 64.79 88.62 53.42
CA THR AE 25 63.75 89.63 53.38
C THR AE 25 62.97 89.74 54.68
N LEU AE 26 63.41 89.04 55.73
CA LEU AE 26 62.68 88.97 56.98
C LEU AE 26 63.61 89.25 58.16
N PHE AE 27 63.07 89.95 59.16
CA PHE AE 27 63.78 90.14 60.42
C PHE AE 27 62.81 90.05 61.59
N ARG AE 28 63.37 89.86 62.77
CA ARG AE 28 62.58 89.67 63.98
C ARG AE 28 63.36 90.20 65.18
N PHE AE 29 62.71 91.10 65.92
CA PHE AE 29 63.15 91.62 67.21
C PHE AE 29 62.35 90.99 68.34
N VAL AE 30 62.91 91.08 69.53
CA VAL AE 30 62.35 90.43 70.72
C VAL AE 30 62.50 91.35 71.92
N ASP AE 31 61.45 91.45 72.74
CA ASP AE 31 61.49 92.31 73.93
C ASP AE 31 62.52 91.78 74.93
N LYS AE 32 63.54 92.62 75.21
CA LYS AE 32 64.62 92.19 76.10
C LYS AE 32 64.10 91.85 77.48
N SER AE 33 63.03 92.52 77.91
CA SER AE 33 62.46 92.35 79.25
C SER AE 33 61.76 91.01 79.43
N GLY AE 34 61.83 90.10 78.47
CA GLY AE 34 61.13 88.85 78.59
C GLY AE 34 61.92 87.86 79.44
N THR AE 35 61.19 87.17 80.33
CA THR AE 35 61.79 86.15 81.18
C THR AE 35 61.61 84.75 80.62
N VAL AE 36 60.46 84.49 79.99
CA VAL AE 36 60.16 83.20 79.40
C VAL AE 36 59.78 83.44 77.95
N ALA AE 37 59.85 82.37 77.15
CA ALA AE 37 59.43 82.45 75.76
C ALA AE 37 58.01 82.99 75.65
N ASN AE 38 57.07 82.42 76.41
CA ASN AE 38 55.69 82.89 76.37
C ASN AE 38 55.54 84.28 76.98
N ASN AE 39 56.37 84.61 77.97
CA ASN AE 39 56.38 85.96 78.53
C ASN AE 39 56.77 86.99 77.48
N THR AE 40 57.55 86.59 76.48
CA THR AE 40 58.32 87.52 75.65
C THR AE 40 57.52 88.05 74.47
N GLY AE 41 57.42 89.38 74.38
CA GLY AE 41 56.84 89.99 73.19
C GLY AE 41 57.80 89.99 72.03
N VAL AE 42 57.25 90.06 70.82
CA VAL AE 42 58.06 89.97 69.61
C VAL AE 42 57.52 90.89 68.53
N PHE AE 43 58.39 91.19 67.57
CA PHE AE 43 58.03 92.00 66.42
C PHE AE 43 58.77 91.48 65.20
N SER AE 44 58.04 91.24 64.12
CA SER AE 44 58.61 90.65 62.93
C SER AE 44 58.14 91.42 61.70
N LEU AE 45 59.01 91.47 60.68
CA LEU AE 45 58.70 92.15 59.43
C LEU AE 45 59.28 91.36 58.27
N GLU AE 46 58.52 91.31 57.17
CA GLU AE 46 58.91 90.57 55.98
C GLU AE 46 58.44 91.31 54.75
N GLN AE 47 59.31 91.42 53.75
CA GLN AE 47 58.95 92.00 52.47
C GLN AE 47 58.87 90.91 51.41
N ARG AE 48 57.82 90.97 50.60
CA ARG AE 48 57.59 90.06 49.49
C ARG AE 48 57.54 90.92 48.23
N PHE AE 49 58.64 90.94 47.50
CA PHE AE 49 58.76 91.68 46.25
C PHE AE 49 58.17 90.81 45.14
N GLY AE 50 57.19 91.35 44.40
CA GLY AE 50 56.53 90.59 43.37
C GLY AE 50 57.17 90.77 42.01
N ALA AE 51 56.49 90.22 40.99
CA ALA AE 51 56.90 90.49 39.61
C ALA AE 51 56.61 91.95 39.25
N ALA AE 52 56.99 92.35 38.05
CA ALA AE 52 56.84 93.75 37.65
C ALA AE 52 55.38 94.16 37.54
N ASN AE 53 54.48 93.22 37.26
CA ASN AE 53 53.06 93.50 37.25
C ASN AE 53 52.45 93.45 38.65
N SER AE 54 53.18 92.96 39.64
CA SER AE 54 52.69 92.85 40.99
C SER AE 54 53.07 94.08 41.82
N ASN AE 55 52.45 94.18 42.99
CA ASN AE 55 52.83 95.15 44.00
C ASN AE 55 53.71 94.46 45.03
N ARG AE 56 54.75 95.13 45.48
CA ARG AE 56 55.50 94.57 46.60
C ARG AE 56 54.67 94.75 47.88
N LYS AE 57 54.81 93.79 48.78
CA LYS AE 57 54.03 93.80 50.01
C LYS AE 57 54.98 93.71 51.20
N VAL AE 58 54.74 94.53 52.21
CA VAL AE 58 55.53 94.47 53.44
C VAL AE 58 54.56 94.20 54.59
N THR AE 59 54.87 93.20 55.40
CA THR AE 59 54.00 92.82 56.50
C THR AE 59 54.76 92.83 57.81
N MET AE 60 54.08 93.24 58.87
CA MET AE 60 54.62 93.31 60.21
C MET AE 60 53.63 92.68 61.17
N LEU AE 61 54.17 91.94 62.13
CA LEU AE 61 53.41 91.36 63.22
C LEU AE 61 54.04 91.75 64.55
N LEU AE 62 53.23 92.32 65.44
CA LEU AE 62 53.62 92.70 66.78
C LEU AE 62 52.79 91.88 67.77
N THR AE 63 53.47 91.12 68.62
CA THR AE 63 52.81 90.25 69.60
C THR AE 63 53.22 90.67 71.01
N ASP AE 64 52.22 90.95 71.84
CA ASP AE 64 52.44 91.39 73.22
C ASP AE 64 51.65 90.50 74.17
N PRO AE 65 52.28 89.47 74.71
CA PRO AE 65 51.61 88.63 75.71
C PRO AE 65 51.67 89.24 77.11
N VAL AE 66 50.68 88.88 77.93
CA VAL AE 66 50.57 89.33 79.32
C VAL AE 66 50.10 88.14 80.17
N VAL AE 67 50.49 88.14 81.44
CA VAL AE 67 50.10 87.07 82.36
C VAL AE 67 48.85 87.48 83.12
N VAL AE 68 47.84 86.61 83.10
CA VAL AE 68 46.58 86.83 83.82
C VAL AE 68 46.34 85.68 84.79
N MET AE 76 47.76 81.84 83.55
CA MET AE 76 47.63 81.83 82.10
C MET AE 76 48.23 83.09 81.44
N THR AE 77 48.81 82.93 80.24
CA THR AE 77 49.33 84.03 79.47
C THR AE 77 48.51 84.20 78.19
N ILE AE 78 48.10 85.44 77.94
CA ILE AE 78 47.19 85.81 76.87
C ILE AE 78 47.93 86.72 75.89
N LYS AE 79 47.80 86.45 74.60
CA LYS AE 79 48.54 87.16 73.58
C LYS AE 79 47.60 88.02 72.72
N ALA AE 80 48.02 89.25 72.45
CA ALA AE 80 47.31 90.16 71.55
C ALA AE 80 48.23 90.57 70.41
N ASN AE 81 47.65 90.68 69.22
CA ASN AE 81 48.42 90.88 68.00
C ASN AE 81 48.01 92.16 67.30
N ALA AE 82 48.99 92.87 66.75
CA ALA AE 82 48.75 93.91 65.77
C ALA AE 82 49.50 93.52 64.50
N SER AE 83 48.84 93.66 63.36
CA SER AE 83 49.48 93.30 62.09
C SER AE 83 49.24 94.40 61.08
N VAL AE 84 50.32 94.89 60.49
CA VAL AE 84 50.26 95.94 59.47
C VAL AE 84 50.72 95.34 58.16
N THR AE 85 50.10 95.78 57.06
CA THR AE 85 50.48 95.32 55.72
C THR AE 85 50.41 96.50 54.75
N PHE AE 86 51.54 96.78 54.10
CA PHE AE 86 51.67 97.83 53.11
C PHE AE 86 51.69 97.19 51.73
N SER AE 87 50.69 97.50 50.91
CA SER AE 87 50.66 97.08 49.52
C SER AE 87 51.07 98.28 48.67
N LEU AE 88 52.23 98.17 48.03
CA LEU AE 88 52.87 99.29 47.35
C LEU AE 88 53.15 98.92 45.91
N PRO AE 89 52.47 99.52 44.94
CA PRO AE 89 52.82 99.31 43.54
C PRO AE 89 54.18 99.91 43.23
N LYS AE 90 54.87 99.29 42.27
CA LYS AE 90 56.25 99.70 42.01
C LYS AE 90 56.31 101.09 41.40
N THR AE 91 55.38 101.41 40.48
CA THR AE 91 55.34 102.73 39.87
C THR AE 91 55.03 103.84 40.87
N TYR AE 92 54.50 103.49 42.05
CA TYR AE 92 54.13 104.48 43.06
C TYR AE 92 55.39 105.11 43.65
N PRO AE 93 55.43 106.43 43.85
CA PRO AE 93 56.70 107.09 44.21
C PRO AE 93 57.06 106.96 45.68
N ASN AE 94 58.35 106.73 45.92
CA ASN AE 94 58.86 106.50 47.27
C ASN AE 94 58.50 107.64 48.22
N GLU AE 95 58.48 108.87 47.72
CA GLU AE 95 58.12 110.00 48.57
C GLU AE 95 56.71 109.86 49.11
N HIS AE 96 55.73 109.58 48.23
CA HIS AE 96 54.36 109.39 48.69
C HIS AE 96 54.21 108.14 49.58
N ILE AE 97 55.10 107.15 49.44
CA ILE AE 97 55.07 106.03 50.39
C ILE AE 97 55.46 106.51 51.80
N THR AE 98 56.56 107.27 51.90
CA THR AE 98 56.94 107.83 53.21
C THR AE 98 55.77 108.61 53.80
N LYS AE 99 55.10 109.40 52.95
CA LYS AE 99 53.89 110.11 53.39
C LYS AE 99 52.84 109.16 53.96
N LEU AE 100 52.53 108.10 53.22
CA LEU AE 100 51.52 107.15 53.67
C LEU AE 100 51.86 106.59 55.05
N ARG AE 101 53.10 106.14 55.24
CA ARG AE 101 53.51 105.59 56.53
C ARG AE 101 53.32 106.61 57.65
N GLN AE 102 53.75 107.85 57.42
CA GLN AE 102 53.64 108.87 58.47
C GLN AE 102 52.17 109.15 58.82
N THR AE 103 51.31 109.22 57.81
CA THR AE 103 49.89 109.47 58.10
C THR AE 103 49.24 108.30 58.83
N LEU AE 104 49.69 107.06 58.58
CA LEU AE 104 49.20 105.95 59.37
C LEU AE 104 49.59 106.10 60.83
N ILE AE 105 50.84 106.51 61.09
CA ILE AE 105 51.25 106.79 62.46
C ILE AE 105 50.33 107.82 63.10
N ALA AE 106 50.11 108.93 62.38
CA ALA AE 106 49.24 109.99 62.90
C ALA AE 106 47.84 109.47 63.21
N TRP AE 107 47.29 108.65 62.32
CA TRP AE 107 45.96 108.09 62.54
C TRP AE 107 45.93 107.23 63.80
N LEU AE 108 46.90 106.33 63.93
CA LEU AE 108 47.00 105.49 65.12
C LEU AE 108 47.14 106.29 66.39
N GLY AE 109 47.55 107.55 66.28
CA GLY AE 109 47.52 108.45 67.43
C GLY AE 109 46.15 108.90 67.89
N GLN AE 110 45.19 109.02 66.97
CA GLN AE 110 43.96 109.77 67.21
C GLN AE 110 43.00 109.03 68.14
N GLN AE 111 42.09 109.80 68.74
CA GLN AE 111 41.11 109.23 69.67
C GLN AE 111 40.15 108.31 68.94
N CYS AE 112 39.70 108.70 67.75
CA CYS AE 112 38.75 107.88 67.02
C CYS AE 112 39.30 106.49 66.71
N VAL AE 113 40.62 106.33 66.80
CA VAL AE 113 41.25 105.01 66.65
C VAL AE 113 41.52 104.38 68.00
N SER AE 114 41.96 105.16 68.99
CA SER AE 114 42.30 104.59 70.29
C SER AE 114 41.07 104.06 71.01
N ASP AE 115 39.93 104.79 70.94
CA ASP AE 115 38.74 104.38 71.65
C ASP AE 115 38.27 102.95 71.27
N PRO AE 116 38.15 102.62 69.99
CA PRO AE 116 37.79 101.21 69.68
C PRO AE 116 38.91 100.23 69.96
N VAL AE 117 40.15 100.55 69.59
CA VAL AE 117 41.27 99.64 69.83
C VAL AE 117 41.47 99.43 71.33
N ASP AE 118 41.73 100.51 72.06
CA ASP AE 118 42.11 100.37 73.46
C ASP AE 118 40.97 99.80 74.31
N SER AE 119 39.79 100.42 74.27
CA SER AE 119 38.72 100.06 75.18
C SER AE 119 37.47 99.50 74.52
N GLY AE 120 37.38 99.52 73.20
CA GLY AE 120 36.22 98.98 72.52
C GLY AE 120 35.08 99.94 72.30
N LEU AE 121 35.26 101.22 72.61
CA LEU AE 121 34.23 102.21 72.33
C LEU AE 121 34.20 102.51 70.84
N ASN AE 122 33.05 102.33 70.22
CA ASN AE 122 32.91 102.78 68.84
C ASN AE 122 32.61 104.28 68.81
N ASN AE 123 32.83 104.88 67.64
CA ASN AE 123 32.56 106.29 67.50
C ASN AE 123 31.14 106.53 67.05
N TYR AE 124 30.56 107.63 67.50
CA TYR AE 124 29.17 107.91 67.26
C TYR AE 124 28.96 109.38 66.94
N MET BE 1 83.14 86.87 54.85
CA MET BE 1 83.22 88.32 55.04
C MET BE 1 81.94 88.84 55.67
N ARG BE 2 82.06 89.79 56.59
CA ARG BE 2 80.91 90.51 57.14
C ARG BE 2 80.39 91.49 56.09
N LEU BE 3 79.26 91.16 55.48
CA LEU BE 3 78.78 91.96 54.37
C LEU BE 3 78.38 93.35 54.83
N THR BE 4 78.88 94.35 54.11
CA THR BE 4 78.44 95.73 54.26
C THR BE 4 78.44 96.38 52.90
N ASP BE 5 77.78 97.55 52.83
CA ASP BE 5 77.70 98.30 51.57
C ASP BE 5 79.10 98.50 51.02
N VAL BE 6 79.21 98.56 49.70
CA VAL BE 6 80.50 98.77 49.06
C VAL BE 6 80.39 99.89 48.03
N ASP BE 7 81.53 100.51 47.76
CA ASP BE 7 81.68 101.49 46.70
C ASP BE 7 82.77 101.01 45.77
N LEU BE 8 82.48 101.02 44.47
CA LEU BE 8 83.38 100.53 43.44
C LEU BE 8 83.95 101.68 42.64
N THR BE 9 85.23 101.57 42.32
CA THR BE 9 85.89 102.52 41.45
C THR BE 9 85.76 102.01 40.03
N VAL BE 10 85.05 102.74 39.18
CA VAL BE 10 84.72 102.30 37.83
C VAL BE 10 85.25 103.34 36.86
N GLY BE 11 86.40 103.06 36.26
CA GLY BE 11 87.04 104.03 35.40
C GLY BE 11 87.28 105.33 36.15
N GLU BE 12 86.58 106.39 35.77
CA GLU BE 12 86.74 107.69 36.40
C GLU BE 12 85.48 108.12 37.14
N GLU BE 13 84.65 107.17 37.55
CA GLU BE 13 83.47 107.46 38.34
C GLU BE 13 83.44 106.51 39.53
N THR BE 14 82.59 106.83 40.50
CA THR BE 14 82.41 105.98 41.67
C THR BE 14 80.97 105.48 41.73
N ARG BE 15 80.83 104.17 41.87
CA ARG BE 15 79.54 103.48 41.86
C ARG BE 15 79.25 103.01 43.28
N GLU BE 16 78.09 103.37 43.81
CA GLU BE 16 77.76 103.06 45.20
C GLU BE 16 76.66 102.03 45.26
N TYR BE 17 76.97 100.86 45.83
CA TYR BE 17 75.97 99.83 46.03
C TYR BE 17 75.63 99.73 47.52
N ALA BE 18 74.45 99.17 47.80
CA ALA BE 18 73.98 98.92 49.16
C ALA BE 18 73.43 97.52 49.25
N VAL BE 19 73.67 96.87 50.39
CA VAL BE 19 73.18 95.51 50.58
C VAL BE 19 71.67 95.52 50.54
N SER BE 20 71.10 94.71 49.64
CA SER BE 20 69.66 94.57 49.51
C SER BE 20 69.12 93.27 50.10
N GLU BE 21 69.91 92.20 50.12
CA GLU BE 21 69.54 91.04 50.93
C GLU BE 21 70.76 90.15 51.15
N GLN BE 22 70.77 89.44 52.27
CA GLN BE 22 71.82 88.48 52.56
C GLN BE 22 71.19 87.20 53.09
N GLN BE 23 71.42 86.09 52.38
CA GLN BE 23 71.00 84.76 52.79
C GLN BE 23 72.23 83.90 53.04
N GLY BE 24 71.99 82.63 53.34
CA GLY BE 24 73.08 81.75 53.73
C GLY BE 24 74.11 81.60 52.65
N THR BE 25 73.67 81.32 51.41
CA THR BE 25 74.53 81.11 50.27
C THR BE 25 74.36 82.16 49.18
N LEU BE 26 73.54 83.18 49.43
CA LEU BE 26 73.21 84.17 48.41
C LEU BE 26 73.24 85.57 49.02
N PHE BE 27 73.63 86.55 48.20
CA PHE BE 27 73.51 87.95 48.59
C PHE BE 27 73.23 88.81 47.36
N ARG BE 28 72.70 90.00 47.63
CA ARG BE 28 72.29 90.92 46.58
C ARG BE 28 72.54 92.36 47.02
N PHE BE 29 73.22 93.11 46.16
CA PHE BE 29 73.44 94.54 46.24
C PHE BE 29 72.60 95.27 45.20
N VAL BE 30 72.28 96.53 45.50
CA VAL BE 30 71.52 97.41 44.62
C VAL BE 30 72.25 98.75 44.49
N ASP BE 31 72.27 99.30 43.27
CA ASP BE 31 72.89 100.60 43.04
C ASP BE 31 72.11 101.69 43.77
N LYS BE 32 72.83 102.46 44.61
CA LYS BE 32 72.19 103.45 45.46
C LYS BE 32 71.53 104.57 44.67
N SER BE 33 71.84 104.72 43.39
CA SER BE 33 71.26 105.77 42.57
C SER BE 33 69.86 105.44 42.04
N GLY BE 34 69.23 104.37 42.55
CA GLY BE 34 68.03 103.83 41.94
C GLY BE 34 66.82 103.79 42.88
N THR BE 35 65.67 103.53 42.26
CA THR BE 35 64.38 103.41 42.93
C THR BE 35 63.77 102.06 42.55
N VAL BE 36 62.77 101.62 43.31
CA VAL BE 36 61.97 100.49 42.86
C VAL BE 36 61.37 100.81 41.49
N ALA BE 37 60.90 102.04 41.32
CA ALA BE 37 60.29 102.44 40.05
C ALA BE 37 61.33 102.48 38.94
N ASN BE 38 62.44 103.17 39.17
CA ASN BE 38 63.50 103.26 38.18
C ASN BE 38 64.77 102.65 38.76
N ASN BE 39 65.00 101.38 38.45
CA ASN BE 39 66.20 100.70 38.93
C ASN BE 39 67.38 101.01 38.01
N THR BE 40 68.57 101.04 38.62
CA THR BE 40 69.78 101.46 37.92
C THR BE 40 70.88 100.41 37.92
N GLY BE 41 70.78 99.38 38.75
CA GLY BE 41 71.80 98.35 38.79
C GLY BE 41 71.59 97.38 39.92
N VAL BE 42 71.88 96.11 39.67
CA VAL BE 42 71.80 95.09 40.71
C VAL BE 42 72.97 94.12 40.52
N PHE BE 43 73.44 93.57 41.63
CA PHE BE 43 74.45 92.54 41.61
C PHE BE 43 74.03 91.45 42.59
N SER BE 44 74.18 90.20 42.17
CA SER BE 44 73.79 89.09 43.01
C SER BE 44 74.80 87.96 42.85
N LEU BE 45 75.02 87.23 43.95
CA LEU BE 45 75.97 86.12 43.95
C LEU BE 45 75.43 84.98 44.81
N GLU BE 46 75.62 83.76 44.32
CA GLU BE 46 75.16 82.55 45.01
C GLU BE 46 76.21 81.46 44.87
N GLN BE 47 76.45 80.73 45.96
CA GLN BE 47 77.30 79.55 45.91
C GLN BE 47 76.45 78.30 46.12
N ARG BE 48 76.57 77.35 45.20
CA ARG BE 48 76.04 76.00 45.38
C ARG BE 48 77.24 75.11 45.67
N PHE BE 49 77.50 74.90 46.97
CA PHE BE 49 78.50 73.94 47.38
C PHE BE 49 78.01 72.55 47.05
N GLY BE 50 78.70 71.87 46.15
CA GLY BE 50 78.20 70.62 45.62
C GLY BE 50 78.35 69.44 46.56
N ALA BE 51 77.81 68.31 46.13
CA ALA BE 51 78.04 67.05 46.82
C ALA BE 51 79.54 66.75 46.86
N ALA BE 52 79.91 65.81 47.74
CA ALA BE 52 81.33 65.54 47.97
C ALA BE 52 82.05 65.09 46.70
N ASN BE 53 81.33 64.53 45.73
CA ASN BE 53 81.93 64.14 44.48
C ASN BE 53 81.99 65.28 43.47
N SER BE 54 81.04 66.21 43.53
CA SER BE 54 80.90 67.26 42.53
C SER BE 54 81.75 68.47 42.86
N ASN BE 55 81.91 69.34 41.86
CA ASN BE 55 82.53 70.64 42.06
C ASN BE 55 81.53 71.60 42.70
N ARG BE 56 82.06 72.60 43.39
CA ARG BE 56 81.20 73.67 43.87
C ARG BE 56 81.14 74.76 42.81
N LYS BE 57 79.99 75.42 42.76
CA LYS BE 57 79.73 76.44 41.75
C LYS BE 57 79.45 77.77 42.45
N VAL BE 58 80.00 78.84 41.90
CA VAL BE 58 79.68 80.20 42.35
C VAL BE 58 79.22 80.98 41.13
N THR BE 59 78.06 81.61 41.24
CA THR BE 59 77.50 82.34 40.11
C THR BE 59 77.19 83.78 40.52
N MET BE 60 77.43 84.70 39.60
CA MET BE 60 77.19 86.12 39.79
C MET BE 60 76.42 86.66 38.59
N LEU BE 61 75.47 87.53 38.89
CA LEU BE 61 74.71 88.24 37.88
C LEU BE 61 74.77 89.73 38.16
N LEU BE 62 75.23 90.50 37.18
CA LEU BE 62 75.25 91.95 37.21
C LEU BE 62 74.28 92.45 36.14
N THR BE 63 73.33 93.28 36.54
CA THR BE 63 72.33 93.81 35.63
C THR BE 63 72.33 95.32 35.69
N ASP BE 64 72.52 95.94 34.53
CA ASP BE 64 72.49 97.40 34.39
C ASP BE 64 71.36 97.76 33.43
N PRO BE 65 70.28 98.32 33.94
CA PRO BE 65 69.21 98.82 33.08
C PRO BE 65 69.39 100.30 32.77
N VAL BE 66 68.98 100.67 31.56
CA VAL BE 66 69.06 102.03 31.04
C VAL BE 66 67.74 102.36 30.35
N VAL BE 67 67.32 103.61 30.49
CA VAL BE 67 66.16 104.09 29.77
C VAL BE 67 66.59 104.57 28.39
N VAL BE 68 65.79 104.23 27.38
CA VAL BE 68 66.06 104.57 25.99
C VAL BE 68 64.77 105.02 25.35
N LYS BE 69 64.83 106.10 24.57
CA LYS BE 69 63.66 106.54 23.83
C LYS BE 69 63.37 105.55 22.72
N ASP BE 70 62.08 105.37 22.43
CA ASP BE 70 61.62 104.44 21.41
C ASP BE 70 61.46 105.16 20.08
N ALA BE 71 61.35 104.39 18.99
CA ALA BE 71 61.01 104.96 17.71
C ALA BE 71 59.66 105.67 17.77
N SER BE 72 58.73 105.15 18.58
CA SER BE 72 57.47 105.82 18.85
C SER BE 72 57.60 106.99 19.82
N GLY BE 73 58.81 107.24 20.34
CA GLY BE 73 59.02 108.26 21.35
C GLY BE 73 58.85 107.79 22.77
N ALA BE 74 58.05 106.74 22.99
CA ALA BE 74 57.80 106.23 24.33
C ALA BE 74 59.10 105.86 25.03
N ASP BE 75 59.11 106.01 26.35
CA ASP BE 75 60.28 105.66 27.14
C ASP BE 75 60.27 104.16 27.43
N MET BE 76 61.43 103.50 27.24
CA MET BE 76 61.54 102.06 27.28
C MET BE 76 62.77 101.69 28.08
N THR BE 77 62.59 100.84 29.09
CA THR BE 77 63.71 100.43 29.94
C THR BE 77 64.31 99.12 29.43
N ILE BE 78 65.62 99.11 29.25
CA ILE BE 78 66.35 98.01 28.61
C ILE BE 78 67.45 97.56 29.55
N LYS BE 79 67.58 96.25 29.74
CA LYS BE 79 68.59 95.69 30.64
C LYS BE 79 69.70 95.01 29.84
N ALA BE 80 70.93 95.19 30.30
CA ALA BE 80 72.09 94.44 29.83
C ALA BE 80 72.64 93.62 30.99
N ASN BE 81 73.03 92.38 30.70
CA ASN BE 81 73.41 91.46 31.77
C ASN BE 81 74.82 90.94 31.56
N ALA BE 82 75.52 90.72 32.66
CA ALA BE 82 76.78 90.01 32.67
C ALA BE 82 76.68 88.93 33.73
N SER BE 83 77.09 87.71 33.40
CA SER BE 83 77.00 86.59 34.33
C SER BE 83 78.33 85.86 34.35
N VAL BE 84 78.84 85.63 35.55
CA VAL BE 84 80.09 84.91 35.75
C VAL BE 84 79.80 83.65 36.56
N THR BE 85 80.47 82.55 36.19
CA THR BE 85 80.31 81.28 36.91
C THR BE 85 81.67 80.62 37.09
N PHE BE 86 82.02 80.34 38.34
CA PHE BE 86 83.23 79.63 38.71
C PHE BE 86 82.86 78.20 39.05
N SER BE 87 83.41 77.25 38.31
CA SER BE 87 83.31 75.84 38.63
C SER BE 87 84.64 75.43 39.23
N LEU BE 88 84.62 75.12 40.53
CA LEU BE 88 85.83 74.86 41.30
C LEU BE 88 85.74 73.49 41.93
N PRO BE 89 86.54 72.54 41.47
CA PRO BE 89 86.60 71.22 42.13
C PRO BE 89 87.16 71.33 43.53
N LYS BE 90 86.75 70.41 44.39
CA LYS BE 90 87.17 70.47 45.79
C LYS BE 90 88.69 70.31 45.92
N THR BE 91 89.27 69.36 45.17
CA THR BE 91 90.70 69.09 45.28
C THR BE 91 91.56 70.22 44.73
N TYR BE 92 90.96 71.17 44.01
CA TYR BE 92 91.71 72.29 43.47
C TYR BE 92 92.14 73.23 44.60
N PRO BE 93 93.39 73.70 44.62
CA PRO BE 93 93.87 74.49 45.77
C PRO BE 93 93.40 75.94 45.75
N ASN BE 94 93.05 76.43 46.94
CA ASN BE 94 92.52 77.79 47.08
C ASN BE 94 93.46 78.82 46.45
N GLU BE 95 94.76 78.57 46.52
CA GLU BE 95 95.74 79.49 45.94
C GLU BE 95 95.51 79.65 44.43
N HIS BE 96 95.52 78.55 43.69
CA HIS BE 96 95.28 78.62 42.25
C HIS BE 96 93.89 79.14 41.91
N ILE BE 97 92.91 78.99 42.82
CA ILE BE 97 91.62 79.63 42.60
C ILE BE 97 91.77 81.16 42.56
N THR BE 98 92.43 81.72 43.59
CA THR BE 98 92.63 83.19 43.58
C THR BE 98 93.38 83.60 42.33
N LYS BE 99 94.35 82.79 41.90
CA LYS BE 99 95.05 83.05 40.64
C LYS BE 99 94.08 83.14 39.47
N LEU BE 100 93.17 82.16 39.37
CA LEU BE 100 92.18 82.15 38.30
C LEU BE 100 91.33 83.43 38.31
N ARG BE 101 90.83 83.80 39.49
CA ARG BE 101 89.98 85.01 39.57
C ARG BE 101 90.74 86.25 39.12
N GLN BE 102 91.99 86.39 39.55
CA GLN BE 102 92.74 87.58 39.18
C GLN BE 102 93.05 87.61 37.68
N THR BE 103 93.41 86.46 37.10
CA THR BE 103 93.64 86.43 35.65
C THR BE 103 92.37 86.77 34.88
N LEU BE 104 91.20 86.39 35.42
CA LEU BE 104 89.95 86.77 34.75
C LEU BE 104 89.75 88.27 34.79
N ILE BE 105 90.02 88.90 35.93
CA ILE BE 105 89.96 90.36 35.99
C ILE BE 105 90.87 90.99 34.95
N ALA BE 106 92.11 90.49 34.88
CA ALA BE 106 93.09 91.00 33.92
C ALA BE 106 92.56 90.89 32.50
N TRP BE 107 92.03 89.71 32.15
CA TRP BE 107 91.48 89.51 30.81
C TRP BE 107 90.35 90.47 30.51
N LEU BE 108 89.43 90.63 31.47
CA LEU BE 108 88.30 91.54 31.28
C LEU BE 108 88.74 92.97 31.05
N GLY BE 109 89.94 93.33 31.52
CA GLY BE 109 90.50 94.64 31.24
C GLY BE 109 91.03 94.81 29.83
N GLN BE 110 91.42 93.71 29.18
CA GLN BE 110 92.16 93.77 27.93
C GLN BE 110 91.30 94.30 26.78
N GLN BE 111 91.99 94.83 25.77
CA GLN BE 111 91.27 95.37 24.62
C GLN BE 111 90.68 94.27 23.76
N CYS BE 112 91.35 93.12 23.63
CA CYS BE 112 90.80 92.02 22.85
C CYS BE 112 89.49 91.51 23.43
N VAL BE 113 89.24 91.78 24.71
CA VAL BE 113 87.97 91.43 25.33
C VAL BE 113 86.99 92.61 25.28
N SER BE 114 87.49 93.83 25.49
CA SER BE 114 86.59 94.98 25.55
C SER BE 114 86.00 95.31 24.18
N ASP BE 115 86.81 95.23 23.12
CA ASP BE 115 86.31 95.59 21.79
C ASP BE 115 85.10 94.79 21.37
N PRO BE 116 85.06 93.46 21.46
CA PRO BE 116 83.82 92.76 21.12
C PRO BE 116 82.69 92.99 22.12
N VAL BE 117 83.01 93.02 23.41
CA VAL BE 117 81.98 93.24 24.41
C VAL BE 117 81.39 94.64 24.28
N ASP BE 118 82.25 95.67 24.29
CA ASP BE 118 81.76 97.04 24.34
C ASP BE 118 81.15 97.47 23.02
N SER BE 119 81.83 97.19 21.89
CA SER BE 119 81.44 97.77 20.61
C SER BE 119 80.95 96.76 19.60
N GLY BE 120 81.01 95.46 19.91
CA GLY BE 120 80.56 94.45 18.96
C GLY BE 120 81.49 94.18 17.80
N LEU BE 121 82.71 94.69 17.83
CA LEU BE 121 83.69 94.41 16.79
C LEU BE 121 84.51 93.19 17.18
N ASN BE 122 84.65 92.26 16.23
CA ASN BE 122 85.48 91.10 16.49
C ASN BE 122 86.95 91.41 16.27
N ASN BE 123 87.81 90.53 16.76
CA ASN BE 123 89.24 90.70 16.62
C ASN BE 123 89.72 90.03 15.33
N TYR BE 124 90.94 90.39 14.92
CA TYR BE 124 91.52 89.91 13.68
C TYR BE 124 93.05 89.81 13.73
N MET CE 1 102.00 -68.10 52.63
CA MET CE 1 102.31 -69.38 53.25
C MET CE 1 101.46 -70.50 52.66
N ARG CE 2 102.08 -71.66 52.41
CA ARG CE 2 101.31 -72.83 52.01
C ARG CE 2 100.43 -73.27 53.15
N LEU CE 3 99.11 -73.18 52.95
CA LEU CE 3 98.17 -73.44 54.01
C LEU CE 3 98.22 -74.87 54.49
N THR CE 4 98.07 -75.05 55.80
CA THR CE 4 97.97 -76.36 56.41
C THR CE 4 96.96 -76.25 57.54
N ASP CE 5 96.37 -77.39 57.91
CA ASP CE 5 95.49 -77.43 59.07
C ASP CE 5 96.22 -76.80 60.26
N VAL CE 6 95.46 -76.20 61.17
CA VAL CE 6 96.04 -75.37 62.21
C VAL CE 6 95.56 -75.89 63.55
N ASP CE 7 96.47 -75.95 64.52
CA ASP CE 7 96.12 -76.31 65.88
C ASP CE 7 96.52 -75.16 66.78
N LEU CE 8 95.54 -74.61 67.50
CA LEU CE 8 95.71 -73.45 68.35
C LEU CE 8 95.66 -73.88 69.81
N THR CE 9 96.53 -73.31 70.62
CA THR CE 9 96.48 -73.48 72.06
C THR CE 9 95.65 -72.34 72.62
N VAL CE 10 94.53 -72.67 73.27
CA VAL CE 10 93.55 -71.69 73.72
C VAL CE 10 93.37 -71.87 75.22
N GLY CE 11 93.94 -70.95 76.01
CA GLY CE 11 93.89 -71.10 77.44
C GLY CE 11 94.50 -72.43 77.84
N GLU CE 12 93.67 -73.34 78.32
CA GLU CE 12 94.15 -74.63 78.76
C GLU CE 12 93.57 -75.77 77.94
N GLU CE 13 93.09 -75.47 76.74
CA GLU CE 13 92.56 -76.47 75.83
C GLU CE 13 93.26 -76.30 74.49
N THR CE 14 93.08 -77.27 73.60
CA THR CE 14 93.63 -77.19 72.25
C THR CE 14 92.51 -77.30 71.23
N ARG CE 15 92.47 -76.35 70.31
CA ARG CE 15 91.44 -76.23 69.30
C ARG CE 15 92.03 -76.54 67.93
N GLU CE 16 91.37 -77.40 67.17
CA GLU CE 16 91.89 -77.88 65.89
C GLU CE 16 90.99 -77.43 64.75
N TYR CE 17 91.58 -76.71 63.81
CA TYR CE 17 90.91 -76.21 62.62
C TYR CE 17 91.49 -76.88 61.38
N ALA CE 18 90.63 -77.01 60.37
CA ALA CE 18 91.01 -77.57 59.08
C ALA CE 18 90.65 -76.61 57.96
N VAL CE 19 91.48 -76.60 56.92
CA VAL CE 19 91.26 -75.71 55.78
C VAL CE 19 89.97 -76.10 55.08
N SER CE 20 89.07 -75.13 54.90
CA SER CE 20 87.82 -75.34 54.18
C SER CE 20 87.81 -74.76 52.78
N GLU CE 21 88.39 -73.58 52.56
CA GLU CE 21 88.58 -73.13 51.18
C GLU CE 21 89.68 -72.09 51.13
N GLN CE 22 90.34 -72.00 49.97
CA GLN CE 22 91.39 -71.01 49.76
C GLN CE 22 91.22 -70.40 48.38
N GLN CE 23 91.09 -69.07 48.34
CA GLN CE 23 91.02 -68.31 47.11
C GLN CE 23 92.30 -67.47 47.01
N GLY CE 24 92.32 -66.61 46.00
CA GLY CE 24 93.53 -65.81 45.77
C GLY CE 24 93.83 -64.91 46.96
N THR CE 25 92.81 -64.24 47.49
CA THR CE 25 92.99 -63.31 48.59
C THR CE 25 92.09 -63.65 49.78
N LEU CE 26 91.58 -64.87 49.84
CA LEU CE 26 90.65 -65.26 50.90
C LEU CE 26 90.90 -66.71 51.29
N PHE CE 27 90.74 -67.01 52.58
CA PHE CE 27 90.75 -68.39 53.05
C PHE CE 27 89.80 -68.56 54.22
N ARG CE 28 89.44 -69.81 54.46
CA ARG CE 28 88.48 -70.17 55.51
C ARG CE 28 88.86 -71.52 56.11
N PHE CE 29 88.94 -71.54 57.43
CA PHE CE 29 89.09 -72.72 58.27
C PHE CE 29 87.79 -73.03 59.00
N VAL CE 30 87.62 -74.31 59.33
CA VAL CE 30 86.48 -74.79 60.10
C VAL CE 30 87.01 -75.57 61.31
N ASP CE 31 86.31 -75.43 62.44
CA ASP CE 31 86.66 -76.18 63.66
C ASP CE 31 86.36 -77.66 63.44
N LYS CE 32 87.38 -78.50 63.63
CA LYS CE 32 87.23 -79.94 63.43
C LYS CE 32 86.23 -80.57 64.39
N SER CE 33 85.79 -79.84 65.42
CA SER CE 33 84.78 -80.35 66.35
C SER CE 33 83.42 -80.53 65.69
N GLY CE 34 83.20 -79.96 64.50
CA GLY CE 34 81.88 -79.82 63.96
C GLY CE 34 81.67 -80.51 62.62
N THR CE 35 80.39 -80.56 62.23
CA THR CE 35 79.91 -81.14 60.97
C THR CE 35 79.41 -80.01 60.08
N VAL CE 36 79.25 -80.32 58.79
CA VAL CE 36 78.41 -79.50 57.93
C VAL CE 36 77.09 -79.22 58.63
N ALA CE 37 76.46 -80.28 59.15
CA ALA CE 37 75.18 -80.14 59.84
C ALA CE 37 75.30 -79.23 61.06
N ASN CE 38 76.11 -79.64 62.02
CA ASN CE 38 76.30 -78.87 63.25
C ASN CE 38 77.71 -78.29 63.25
N ASN CE 39 77.80 -76.97 63.21
CA ASN CE 39 79.08 -76.27 63.16
C ASN CE 39 79.50 -75.77 64.53
N THR CE 40 80.79 -75.93 64.83
CA THR CE 40 81.34 -75.49 66.11
C THR CE 40 82.18 -74.23 66.03
N GLY CE 41 82.64 -73.85 64.84
CA GLY CE 41 83.47 -72.67 64.71
C GLY CE 41 83.96 -72.42 63.30
N VAL CE 42 84.14 -71.15 62.93
CA VAL CE 42 84.61 -70.80 61.61
C VAL CE 42 85.56 -69.61 61.71
N PHE CE 43 86.56 -69.60 60.85
CA PHE CE 43 87.47 -68.48 60.74
C PHE CE 43 87.71 -68.16 59.27
N SER CE 44 87.64 -66.88 58.94
CA SER CE 44 87.81 -66.45 57.55
C SER CE 44 88.68 -65.19 57.53
N LEU CE 45 89.51 -65.08 56.49
CA LEU CE 45 90.40 -63.94 56.33
C LEU CE 45 90.47 -63.55 54.86
N GLU CE 46 90.38 -62.24 54.58
CA GLU CE 46 90.42 -61.70 53.22
C GLU CE 46 91.24 -60.42 53.18
N GLN CE 47 92.08 -60.29 52.14
CA GLN CE 47 92.85 -59.08 51.92
C GLN CE 47 92.35 -58.35 50.68
N ARG CE 48 92.29 -57.02 50.78
CA ARG CE 48 91.85 -56.15 49.70
C ARG CE 48 92.95 -55.12 49.48
N PHE CE 49 93.75 -55.35 48.44
CA PHE CE 49 94.81 -54.45 48.01
C PHE CE 49 94.17 -53.34 47.17
N GLY CE 50 94.21 -52.10 47.67
CA GLY CE 50 93.61 -50.99 46.97
C GLY CE 50 94.54 -50.39 45.93
N ALA CE 51 94.17 -49.20 45.44
CA ALA CE 51 95.07 -48.47 44.57
C ALA CE 51 96.25 -47.89 45.38
N ALA CE 52 97.24 -47.36 44.66
CA ALA CE 52 98.46 -46.88 45.31
C ALA CE 52 98.20 -45.72 46.26
N ASN CE 53 97.09 -45.00 46.07
CA ASN CE 53 96.67 -43.98 47.04
C ASN CE 53 95.83 -44.57 48.17
N SER CE 54 95.34 -45.80 48.01
CA SER CE 54 94.49 -46.44 49.00
C SER CE 54 95.30 -47.32 49.95
N ASN CE 55 94.82 -47.43 51.18
CA ASN CE 55 95.40 -48.37 52.13
C ASN CE 55 94.90 -49.78 51.81
N ARG CE 56 95.81 -50.75 51.84
CA ARG CE 56 95.34 -52.12 51.76
C ARG CE 56 94.67 -52.50 53.07
N LYS CE 57 93.70 -53.39 52.98
CA LYS CE 57 92.87 -53.73 54.13
C LYS CE 57 92.83 -55.24 54.28
N VAL CE 58 92.78 -55.70 55.53
CA VAL CE 58 92.80 -57.12 55.84
C VAL CE 58 91.74 -57.38 56.91
N THR CE 59 90.81 -58.28 56.63
CA THR CE 59 89.69 -58.48 57.54
C THR CE 59 89.53 -59.95 57.92
N MET CE 60 89.26 -60.18 59.20
CA MET CE 60 89.09 -61.50 59.78
C MET CE 60 87.74 -61.58 60.47
N LEU CE 61 87.09 -62.72 60.31
CA LEU CE 61 85.85 -63.03 61.01
C LEU CE 61 85.98 -64.38 61.70
N LEU CE 62 85.78 -64.39 63.01
CA LEU CE 62 85.78 -65.59 63.84
C LEU CE 62 84.38 -65.75 64.40
N THR CE 63 83.75 -66.89 64.09
CA THR CE 63 82.39 -67.17 64.53
C THR CE 63 82.38 -68.42 65.40
N ASP CE 64 81.80 -68.30 66.60
CA ASP CE 64 81.66 -69.41 67.54
C ASP CE 64 80.20 -69.60 67.87
N PRO CE 65 79.56 -70.63 67.31
CA PRO CE 65 78.20 -70.96 67.68
C PRO CE 65 78.16 -71.96 68.84
N VAL CE 66 77.16 -71.79 69.70
CA VAL CE 66 76.93 -72.62 70.86
C VAL CE 66 75.45 -72.98 70.91
N VAL CE 67 75.15 -74.19 71.35
CA VAL CE 67 73.77 -74.59 71.57
C VAL CE 67 73.37 -74.22 72.99
N VAL CE 68 72.24 -73.54 73.12
CA VAL CE 68 71.72 -73.06 74.40
C VAL CE 68 70.30 -73.56 74.57
N LYS CE 69 69.90 -73.77 75.82
CA LYS CE 69 68.54 -74.15 76.14
C LYS CE 69 67.59 -72.97 75.93
N ASP CE 70 66.44 -73.26 75.33
CA ASP CE 70 65.40 -72.26 75.18
C ASP CE 70 64.71 -72.00 76.51
N ALA CE 71 64.01 -70.86 76.59
CA ALA CE 71 63.19 -70.60 77.77
C ALA CE 71 62.09 -71.65 77.90
N SER CE 72 61.61 -72.18 76.77
CA SER CE 72 60.71 -73.32 76.78
C SER CE 72 61.45 -74.62 77.01
N GLY CE 73 62.73 -74.68 76.63
CA GLY CE 73 63.53 -75.88 76.76
C GLY CE 73 64.08 -76.42 75.45
N ALA CE 74 63.62 -75.93 74.31
CA ALA CE 74 64.08 -76.40 73.01
C ALA CE 74 65.58 -76.12 72.84
N ASP CE 75 66.18 -76.86 71.92
CA ASP CE 75 67.58 -76.64 71.56
C ASP CE 75 67.67 -75.53 70.54
N MET CE 76 68.52 -74.54 70.81
CA MET CE 76 68.62 -73.37 69.95
C MET CE 76 70.09 -73.02 69.76
N THR CE 77 70.49 -72.69 68.53
CA THR CE 77 71.89 -72.38 68.25
C THR CE 77 72.08 -70.87 68.17
N ILE CE 78 73.10 -70.37 68.87
CA ILE CE 78 73.38 -68.94 69.02
C ILE CE 78 74.84 -68.71 68.66
N LYS CE 79 75.09 -67.75 67.78
CA LYS CE 79 76.44 -67.44 67.32
C LYS CE 79 76.95 -66.18 68.00
N ALA CE 80 78.25 -66.15 68.28
CA ALA CE 80 78.96 -64.96 68.74
C ALA CE 80 80.08 -64.66 67.75
N ASN CE 81 80.21 -63.39 67.38
CA ASN CE 81 81.11 -63.00 66.30
C ASN CE 81 82.21 -62.10 66.84
N ALA CE 82 83.40 -62.24 66.27
CA ALA CE 82 84.48 -61.29 66.50
C ALA CE 82 85.10 -60.98 65.15
N SER CE 83 85.35 -59.71 64.89
CA SER CE 83 85.87 -59.31 63.58
C SER CE 83 87.00 -58.31 63.77
N VAL CE 84 88.11 -58.54 63.08
CA VAL CE 84 89.26 -57.66 63.12
C VAL CE 84 89.48 -57.10 61.72
N THR CE 85 89.93 -55.84 61.66
CA THR CE 85 90.23 -55.18 60.40
C THR CE 85 91.51 -54.37 60.56
N PHE CE 86 92.51 -54.68 59.74
CA PHE CE 86 93.77 -53.97 59.68
C PHE CE 86 93.73 -53.04 58.48
N SER CE 87 93.82 -51.74 58.71
CA SER CE 87 93.97 -50.75 57.66
C SER CE 87 95.44 -50.33 57.64
N LEU CE 88 96.14 -50.72 56.58
CA LEU CE 88 97.58 -50.57 56.46
C LEU CE 88 97.90 -49.77 55.21
N PRO CE 89 98.35 -48.54 55.36
CA PRO CE 89 98.81 -47.77 54.19
C PRO CE 89 100.06 -48.38 53.58
N LYS CE 90 100.24 -48.11 52.30
CA LYS CE 90 101.32 -48.72 51.53
C LYS CE 90 102.64 -47.96 51.67
N THR CE 91 102.68 -46.90 52.46
CA THR CE 91 103.91 -46.24 52.85
C THR CE 91 104.33 -46.61 54.27
N TYR CE 92 103.52 -47.40 54.95
CA TYR CE 92 103.78 -47.85 56.31
C TYR CE 92 104.70 -49.07 56.28
N PRO CE 93 105.74 -49.11 57.13
CA PRO CE 93 106.70 -50.22 57.05
C PRO CE 93 106.20 -51.52 57.67
N ASN CE 94 106.60 -52.62 57.03
CA ASN CE 94 106.14 -53.94 57.44
C ASN CE 94 106.53 -54.24 58.89
N GLU CE 95 107.71 -53.78 59.31
CA GLU CE 95 108.11 -53.95 60.70
C GLU CE 95 107.06 -53.42 61.66
N HIS CE 96 106.65 -52.17 61.45
CA HIS CE 96 105.67 -51.58 62.35
C HIS CE 96 104.29 -52.22 62.19
N ILE CE 97 103.98 -52.80 61.04
CA ILE CE 97 102.75 -53.60 60.96
C ILE CE 97 102.83 -54.80 61.92
N THR CE 98 103.97 -55.49 61.91
CA THR CE 98 104.12 -56.61 62.86
C THR CE 98 104.02 -56.12 64.29
N LYS CE 99 104.67 -54.99 64.60
CA LYS CE 99 104.55 -54.38 65.92
C LYS CE 99 103.10 -54.14 66.29
N LEU CE 100 102.33 -53.60 65.35
CA LEU CE 100 100.91 -53.34 65.58
C LEU CE 100 100.15 -54.61 65.90
N ARG CE 101 100.35 -55.65 65.09
CA ARG CE 101 99.64 -56.91 65.33
C ARG CE 101 99.96 -57.48 66.71
N GLN CE 102 101.23 -57.42 67.10
CA GLN CE 102 101.60 -57.98 68.39
C GLN CE 102 101.04 -57.15 69.54
N THR CE 103 101.06 -55.81 69.43
CA THR CE 103 100.43 -54.99 70.47
C THR CE 103 98.94 -55.27 70.57
N LEU CE 104 98.29 -55.57 69.45
CA LEU CE 104 96.88 -55.93 69.50
C LEU CE 104 96.67 -57.23 70.25
N ILE CE 105 97.52 -58.22 70.00
CA ILE CE 105 97.44 -59.48 70.76
C ILE CE 105 97.59 -59.21 72.25
N ALA CE 106 98.59 -58.41 72.60
CA ALA CE 106 98.82 -58.08 74.01
C ALA CE 106 97.61 -57.39 74.62
N TRP CE 107 97.02 -56.44 73.90
CA TRP CE 107 95.84 -55.74 74.41
C TRP CE 107 94.67 -56.70 74.61
N LEU CE 108 94.45 -57.59 73.64
CA LEU CE 108 93.38 -58.58 73.77
C LEU CE 108 93.60 -59.49 74.96
N GLY CE 109 94.85 -59.62 75.41
CA GLY CE 109 95.13 -60.34 76.64
C GLY CE 109 94.74 -59.62 77.92
N GLN CE 110 94.72 -58.29 77.87
CA GLN CE 110 94.61 -57.48 79.08
C GLN CE 110 93.28 -57.66 79.79
N GLN CE 111 93.29 -57.42 81.10
CA GLN CE 111 92.05 -57.53 81.86
C GLN CE 111 91.09 -56.39 81.54
N CYS CE 112 91.62 -55.20 81.27
CA CYS CE 112 90.75 -54.07 80.94
C CYS CE 112 90.02 -54.27 79.62
N VAL CE 113 90.55 -55.12 78.75
CA VAL CE 113 89.81 -55.54 77.56
C VAL CE 113 88.94 -56.75 77.87
N SER CE 114 89.41 -57.64 78.75
CA SER CE 114 88.70 -58.88 79.03
C SER CE 114 87.36 -58.62 79.73
N ASP CE 115 87.35 -57.74 80.73
CA ASP CE 115 86.13 -57.54 81.53
C ASP CE 115 84.94 -57.10 80.69
N PRO CE 116 85.01 -56.06 79.85
CA PRO CE 116 83.84 -55.73 79.04
C PRO CE 116 83.49 -56.81 78.02
N VAL CE 117 84.48 -57.38 77.34
CA VAL CE 117 84.20 -58.41 76.35
C VAL CE 117 83.63 -59.66 77.02
N ASP CE 118 84.35 -60.23 77.97
CA ASP CE 118 83.97 -61.54 78.50
C ASP CE 118 82.70 -61.46 79.35
N SER CE 119 82.58 -60.43 80.19
CA SER CE 119 81.50 -60.38 81.17
C SER CE 119 80.58 -59.19 81.06
N GLY CE 120 80.93 -58.17 80.28
CA GLY CE 120 80.10 -57.00 80.14
C GLY CE 120 80.35 -55.90 81.15
N LEU CE 121 81.24 -56.10 82.10
CA LEU CE 121 81.56 -55.06 83.06
C LEU CE 121 82.44 -54.00 82.42
N ASN CE 122 82.07 -52.74 82.61
CA ASN CE 122 82.94 -51.65 82.17
C ASN CE 122 84.01 -51.36 83.22
N ASN CE 123 85.10 -50.76 82.76
CA ASN CE 123 86.16 -50.38 83.68
C ASN CE 123 85.87 -49.00 84.26
N TYR CE 124 86.53 -48.70 85.38
CA TYR CE 124 86.26 -47.46 86.09
C TYR CE 124 87.54 -46.80 86.61
N MET DE 1 102.99 -76.08 37.22
CA MET DE 1 103.99 -76.48 38.21
C MET DE 1 103.53 -76.15 39.61
N ARG DE 2 104.18 -76.75 40.61
CA ARG DE 2 103.91 -76.44 42.01
C ARG DE 2 104.74 -75.23 42.40
N LEU DE 3 104.07 -74.10 42.64
CA LEU DE 3 104.75 -72.84 42.91
C LEU DE 3 105.63 -72.93 44.14
N THR DE 4 106.87 -72.49 43.98
CA THR DE 4 107.84 -72.38 45.06
C THR DE 4 108.52 -71.03 44.93
N ASP DE 5 108.97 -70.49 46.06
CA ASP DE 5 109.70 -69.23 46.03
C ASP DE 5 110.86 -69.34 45.05
N VAL DE 6 111.17 -68.24 44.37
CA VAL DE 6 112.06 -68.29 43.22
C VAL DE 6 113.24 -67.37 43.50
N ASP DE 7 114.43 -67.79 43.07
CA ASP DE 7 115.62 -66.96 43.13
C ASP DE 7 116.22 -66.82 41.75
N LEU DE 8 116.32 -65.58 41.29
CA LEU DE 8 116.74 -65.24 39.95
C LEU DE 8 118.16 -64.69 40.01
N THR DE 9 118.99 -65.17 39.09
CA THR DE 9 120.33 -64.63 38.94
C THR DE 9 120.24 -63.49 37.93
N VAL DE 10 120.45 -62.27 38.40
CA VAL DE 10 120.26 -61.06 37.62
C VAL DE 10 121.61 -60.37 37.50
N GLY DE 11 122.26 -60.55 36.35
CA GLY DE 11 123.60 -60.03 36.19
C GLY DE 11 124.52 -60.64 37.23
N GLU DE 12 125.00 -59.82 38.16
CA GLU DE 12 125.88 -60.30 39.20
C GLU DE 12 125.22 -60.26 40.57
N GLU DE 13 123.90 -60.19 40.61
CA GLU DE 13 123.17 -60.11 41.86
C GLU DE 13 122.14 -61.25 41.87
N THR DE 14 121.54 -61.48 43.03
CA THR DE 14 120.48 -62.48 43.13
C THR DE 14 119.23 -61.84 43.72
N ARG DE 15 118.16 -61.86 42.95
CA ARG DE 15 116.84 -61.40 43.40
C ARG DE 15 116.07 -62.58 43.96
N GLU DE 16 115.33 -62.35 45.04
CA GLU DE 16 114.63 -63.42 45.75
C GLU DE 16 113.16 -63.08 45.93
N TYR DE 17 112.31 -63.79 45.22
CA TYR DE 17 110.87 -63.54 45.22
C TYR DE 17 110.16 -64.65 46.00
N ALA DE 18 109.08 -64.27 46.66
CA ALA DE 18 108.21 -65.16 47.41
C ALA DE 18 106.81 -65.13 46.84
N VAL DE 19 106.16 -66.30 46.83
CA VAL DE 19 104.79 -66.40 46.33
C VAL DE 19 103.88 -65.53 47.19
N SER DE 20 103.13 -64.65 46.51
CA SER DE 20 102.22 -63.75 47.20
C SER DE 20 100.75 -64.02 46.94
N GLU DE 21 100.38 -64.55 45.77
CA GLU DE 21 99.04 -65.10 45.64
C GLU DE 21 98.96 -66.08 44.48
N GLN DE 22 98.06 -67.05 44.62
CA GLN DE 22 97.80 -68.05 43.59
C GLN DE 22 96.30 -68.17 43.41
N GLN DE 23 95.80 -67.85 42.22
CA GLN DE 23 94.41 -68.02 41.87
C GLN DE 23 94.31 -69.18 40.88
N GLY DE 24 93.19 -69.26 40.18
CA GLY DE 24 93.03 -70.31 39.20
C GLY DE 24 94.04 -70.16 38.08
N THR DE 25 94.00 -69.02 37.39
CA THR DE 25 94.83 -68.77 36.23
C THR DE 25 95.85 -67.66 36.46
N LEU DE 26 95.97 -67.18 37.70
CA LEU DE 26 96.81 -66.04 38.02
C LEU DE 26 97.70 -66.35 39.21
N PHE DE 27 98.94 -65.84 39.17
CA PHE DE 27 99.83 -65.91 40.32
C PHE DE 27 100.63 -64.62 40.42
N ARG DE 28 101.20 -64.41 41.60
CA ARG DE 28 101.94 -63.20 41.90
C ARG DE 28 103.04 -63.50 42.91
N PHE DE 29 104.26 -63.14 42.55
CA PHE DE 29 105.46 -63.15 43.39
C PHE DE 29 105.81 -61.74 43.82
N VAL DE 30 106.61 -61.67 44.89
CA VAL DE 30 106.94 -60.40 45.53
C VAL DE 30 108.41 -60.43 45.95
N ASP DE 31 109.13 -59.33 45.72
CA ASP DE 31 110.54 -59.25 46.09
C ASP DE 31 110.70 -59.32 47.61
N LYS DE 32 111.39 -60.37 48.08
CA LYS DE 32 111.55 -60.57 49.52
C LYS DE 32 112.26 -59.39 50.17
N SER DE 33 113.15 -58.73 49.44
CA SER DE 33 113.96 -57.63 49.96
C SER DE 33 113.16 -56.36 50.20
N GLY DE 34 111.83 -56.40 50.06
CA GLY DE 34 111.04 -55.19 50.23
C GLY DE 34 110.78 -54.91 51.70
N THR DE 35 110.93 -53.64 52.07
CA THR DE 35 110.65 -53.21 53.44
C THR DE 35 109.25 -52.62 53.59
N VAL DE 36 108.77 -51.92 52.57
CA VAL DE 36 107.45 -51.31 52.58
C VAL DE 36 106.72 -51.81 51.34
N ALA DE 37 105.39 -51.69 51.37
CA ALA DE 37 104.58 -52.02 50.21
C ALA DE 37 105.07 -51.28 48.96
N ASN DE 38 105.24 -49.96 49.07
CA ASN DE 38 105.71 -49.17 47.93
C ASN DE 38 107.16 -49.48 47.59
N ASN DE 39 107.97 -49.82 48.59
CA ASN DE 39 109.34 -50.25 48.35
C ASN DE 39 109.39 -51.53 47.50
N THR DE 40 108.35 -52.35 47.58
CA THR DE 40 108.42 -53.76 47.18
C THR DE 40 108.13 -53.95 45.70
N GLY DE 41 109.07 -54.57 44.98
CA GLY DE 41 108.82 -54.97 43.61
C GLY DE 41 107.95 -56.20 43.53
N VAL DE 42 107.26 -56.36 42.40
CA VAL DE 42 106.32 -57.46 42.24
C VAL DE 42 106.36 -58.00 40.81
N PHE DE 43 105.87 -59.23 40.67
CA PHE DE 43 105.75 -59.87 39.37
C PHE DE 43 104.49 -60.71 39.35
N SER DE 44 103.68 -60.52 38.31
CA SER DE 44 102.40 -61.18 38.23
C SER DE 44 102.21 -61.76 36.83
N LEU DE 45 101.49 -62.89 36.75
CA LEU DE 45 101.21 -63.55 35.49
C LEU DE 45 99.81 -64.10 35.50
N GLU DE 46 99.12 -64.01 34.36
CA GLU DE 46 97.75 -64.46 34.22
C GLU DE 46 97.55 -65.03 32.82
N GLN DE 47 96.89 -66.18 32.74
CA GLN DE 47 96.52 -66.76 31.46
C GLN DE 47 95.02 -66.64 31.25
N ARG DE 48 94.64 -66.25 30.03
CA ARG DE 48 93.26 -66.13 29.61
C ARG DE 48 93.08 -67.06 28.43
N PHE DE 49 92.51 -68.23 28.70
CA PHE DE 49 92.22 -69.23 27.69
C PHE DE 49 90.91 -68.87 27.00
N GLY DE 50 90.93 -68.73 25.68
CA GLY DE 50 89.75 -68.31 24.94
C GLY DE 50 88.92 -69.49 24.46
N ALA DE 51 87.92 -69.17 23.63
CA ALA DE 51 87.18 -70.21 22.94
C ALA DE 51 88.07 -70.88 21.89
N ALA DE 52 87.54 -71.91 21.22
CA ALA DE 52 88.34 -72.65 20.26
C ALA DE 52 88.73 -71.82 19.05
N ASN DE 53 87.92 -70.80 18.71
CA ASN DE 53 88.29 -69.89 17.65
C ASN DE 53 89.23 -68.78 18.11
N SER DE 54 89.43 -68.66 19.42
CA SER DE 54 90.29 -67.62 19.97
C SER DE 54 91.71 -68.15 20.18
N ASN DE 55 92.62 -67.22 20.44
CA ASN DE 55 93.97 -67.54 20.88
C ASN DE 55 94.02 -67.39 22.39
N ARG DE 56 94.73 -68.29 23.06
CA ARG DE 56 94.96 -68.07 24.48
C ARG DE 56 96.01 -66.98 24.63
N LYS DE 57 95.88 -66.20 25.69
CA LYS DE 57 96.77 -65.08 25.93
C LYS DE 57 97.38 -65.21 27.33
N VAL DE 58 98.69 -64.99 27.42
CA VAL DE 58 99.37 -65.00 28.71
C VAL DE 58 100.01 -63.63 28.89
N THR DE 59 99.77 -63.01 30.04
CA THR DE 59 100.29 -61.68 30.31
C THR DE 59 101.08 -61.68 31.60
N MET DE 60 102.15 -60.90 31.61
CA MET DE 60 103.02 -60.74 32.76
C MET DE 60 103.28 -59.26 32.98
N LEU DE 61 103.30 -58.87 34.25
CA LEU DE 61 103.67 -57.53 34.67
C LEU DE 61 104.76 -57.60 35.72
N LEU DE 62 105.85 -56.87 35.47
CA LEU DE 62 106.98 -56.76 36.39
C LEU DE 62 107.09 -55.30 36.79
N THR DE 63 107.03 -55.04 38.10
CA THR DE 63 107.08 -53.69 38.65
C THR DE 63 108.27 -53.57 39.59
N ASP DE 64 109.14 -52.59 39.31
CA ASP DE 64 110.35 -52.36 40.11
C ASP DE 64 110.38 -50.91 40.57
N PRO DE 65 109.90 -50.62 41.77
CA PRO DE 65 110.00 -49.27 42.31
C PRO DE 65 111.36 -48.99 42.93
N VAL DE 66 111.73 -47.71 42.94
CA VAL DE 66 112.99 -47.22 43.51
C VAL DE 66 112.71 -45.92 44.26
N VAL DE 67 113.51 -45.64 45.29
CA VAL DE 67 113.35 -44.41 46.07
C VAL DE 67 114.29 -43.33 45.52
N VAL DE 68 113.72 -42.16 45.22
CA VAL DE 68 114.49 -41.01 44.74
C VAL DE 68 114.29 -39.83 45.69
N MET DE 76 110.46 -39.56 47.56
CA MET DE 76 109.51 -40.09 46.60
C MET DE 76 109.95 -41.45 46.03
N THR DE 77 109.00 -42.33 45.75
CA THR DE 77 109.26 -43.63 45.13
C THR DE 77 108.64 -43.67 43.74
N ILE DE 78 109.45 -44.08 42.76
CA ILE DE 78 109.11 -44.06 41.35
C ILE DE 78 109.08 -45.49 40.85
N LYS DE 79 108.03 -45.84 40.09
CA LYS DE 79 107.82 -47.21 39.63
C LYS DE 79 108.00 -47.31 38.12
N ALA DE 80 108.70 -48.35 37.69
CA ALA DE 80 108.87 -48.67 36.27
C ALA DE 80 108.33 -50.06 35.99
N ASN DE 81 107.68 -50.22 34.83
CA ASN DE 81 106.96 -51.44 34.51
C ASN DE 81 107.49 -52.08 33.24
N ALA DE 82 107.57 -53.40 33.24
CA ALA DE 82 107.73 -54.18 32.02
C ALA DE 82 106.53 -55.11 31.91
N SER DE 83 105.96 -55.20 30.72
CA SER DE 83 104.78 -56.06 30.53
C SER DE 83 104.98 -56.88 29.27
N VAL DE 84 104.84 -58.19 29.40
CA VAL DE 84 104.96 -59.11 28.28
C VAL DE 84 103.61 -59.75 28.05
N THR DE 85 103.27 -59.99 26.78
CA THR DE 85 102.02 -60.65 26.41
C THR DE 85 102.28 -61.60 25.26
N PHE DE 86 101.93 -62.87 25.47
CA PHE DE 86 102.06 -63.93 24.49
C PHE DE 86 100.68 -64.24 23.95
N SER DE 87 100.48 -64.02 22.64
CA SER DE 87 99.25 -64.41 21.97
C SER DE 87 99.55 -65.69 21.18
N LEU DE 88 98.94 -66.78 21.61
CA LEU DE 88 99.25 -68.12 21.12
C LEU DE 88 98.00 -68.78 20.59
N PRO DE 89 97.89 -69.02 19.29
CA PRO DE 89 96.78 -69.79 18.75
C PRO DE 89 96.87 -71.24 19.20
N LYS DE 90 95.72 -71.87 19.34
CA LYS DE 90 95.71 -73.22 19.90
C LYS DE 90 96.34 -74.23 18.95
N THR DE 91 96.08 -74.10 17.65
CA THR DE 91 96.66 -75.00 16.66
C THR DE 91 98.19 -74.87 16.58
N TYR DE 92 98.75 -73.77 17.09
CA TYR DE 92 100.19 -73.54 17.04
C TYR DE 92 100.92 -74.53 17.95
N PRO DE 93 102.04 -75.12 17.51
CA PRO DE 93 102.64 -76.24 18.27
C PRO DE 93 103.46 -75.78 19.48
N ASN DE 94 103.32 -76.54 20.56
CA ASN DE 94 103.96 -76.19 21.82
C ASN DE 94 105.48 -76.07 21.66
N GLU DE 95 106.07 -76.89 20.79
CA GLU DE 95 107.52 -76.79 20.58
C GLU DE 95 107.91 -75.42 20.04
N HIS DE 96 107.23 -74.96 19.00
CA HIS DE 96 107.52 -73.63 18.46
C HIS DE 96 107.20 -72.51 19.44
N ILE DE 97 106.27 -72.73 20.39
CA ILE DE 97 106.06 -71.75 21.44
C ILE DE 97 107.29 -71.64 22.34
N THR DE 98 107.82 -72.79 22.80
CA THR DE 98 109.05 -72.77 23.60
C THR DE 98 110.15 -72.03 22.85
N LYS DE 99 110.26 -72.28 21.54
CA LYS DE 99 111.20 -71.56 20.69
C LYS DE 99 110.97 -70.04 20.78
N LEU DE 100 109.72 -69.61 20.59
CA LEU DE 100 109.41 -68.18 20.62
C LEU DE 100 109.88 -67.55 21.93
N ARG DE 101 109.53 -68.18 23.06
CA ARG DE 101 109.91 -67.63 24.35
C ARG DE 101 111.44 -67.48 24.46
N GLN DE 102 112.16 -68.53 24.05
CA GLN DE 102 113.62 -68.48 24.18
C GLN DE 102 114.22 -67.37 23.31
N THR DE 103 113.70 -67.20 22.08
CA THR DE 103 114.22 -66.15 21.22
C THR DE 103 113.89 -64.76 21.76
N LEU DE 104 112.76 -64.60 22.44
CA LEU DE 104 112.50 -63.32 23.09
C LEU DE 104 113.53 -63.04 24.18
N ILE DE 105 113.86 -64.05 24.97
CA ILE DE 105 114.93 -63.90 25.96
C ILE DE 105 116.22 -63.44 25.29
N ALA DE 106 116.61 -64.13 24.20
CA ALA DE 106 117.82 -63.79 23.49
C ALA DE 106 117.79 -62.34 22.99
N TRP DE 107 116.65 -61.92 22.44
CA TRP DE 107 116.52 -60.56 21.96
C TRP DE 107 116.70 -59.54 23.07
N LEU DE 108 116.01 -59.77 24.20
CA LEU DE 108 116.14 -58.90 25.36
C LEU DE 108 117.57 -58.83 25.87
N GLY DE 109 118.41 -59.80 25.52
CA GLY DE 109 119.83 -59.72 25.80
C GLY DE 109 120.62 -58.71 24.99
N GLN DE 110 120.21 -58.47 23.74
CA GLN DE 110 121.04 -57.82 22.75
C GLN DE 110 121.20 -56.32 23.01
N GLN DE 111 122.27 -55.75 22.44
CA GLN DE 111 122.55 -54.33 22.61
C GLN DE 111 121.49 -53.47 21.94
N CYS DE 112 121.04 -53.87 20.75
CA CYS DE 112 120.05 -53.08 20.04
C CYS DE 112 118.77 -52.94 20.83
N VAL DE 113 118.54 -53.79 21.82
CA VAL DE 113 117.40 -53.69 22.72
C VAL DE 113 117.79 -52.97 24.01
N SER DE 114 118.98 -53.25 24.55
CA SER DE 114 119.36 -52.63 25.83
C SER DE 114 119.56 -51.13 25.68
N ASP DE 115 120.18 -50.69 24.58
CA ASP DE 115 120.47 -49.27 24.41
C ASP DE 115 119.20 -48.38 24.49
N PRO DE 116 118.12 -48.70 23.78
CA PRO DE 116 116.91 -47.87 23.99
C PRO DE 116 116.24 -48.10 25.32
N VAL DE 117 116.11 -49.35 25.77
CA VAL DE 117 115.46 -49.62 27.05
C VAL DE 117 116.26 -49.00 28.19
N ASP DE 118 117.53 -49.40 28.33
CA ASP DE 118 118.30 -48.99 29.50
C ASP DE 118 118.55 -47.48 29.52
N SER DE 119 119.11 -46.93 28.45
CA SER DE 119 119.56 -45.55 28.47
C SER DE 119 118.83 -44.63 27.48
N GLY DE 120 117.99 -45.17 26.61
CA GLY DE 120 117.26 -44.34 25.67
C GLY DE 120 117.96 -44.06 24.36
N LEU DE 121 119.10 -44.68 24.10
CA LEU DE 121 119.77 -44.53 22.82
C LEU DE 121 119.01 -45.33 21.76
N ASN DE 122 118.60 -44.65 20.69
CA ASN DE 122 118.05 -45.39 19.56
C ASN DE 122 119.18 -45.91 18.68
N ASN DE 123 118.84 -46.88 17.85
CA ASN DE 123 119.83 -47.46 16.97
C ASN DE 123 119.85 -46.72 15.65
N TYR DE 124 121.04 -46.63 15.07
CA TYR DE 124 121.24 -45.84 13.87
C TYR DE 124 122.15 -46.55 12.89
N MET EE 1 91.71 -81.22 51.09
CA MET EE 1 92.90 -81.91 50.61
C MET EE 1 93.83 -80.93 49.93
N ARG EE 2 95.13 -81.08 50.15
CA ARG EE 2 96.16 -80.33 49.41
C ARG EE 2 96.26 -80.90 48.00
N LEU EE 3 95.74 -80.16 47.03
CA LEU EE 3 95.64 -80.69 45.67
C LEU EE 3 97.03 -80.88 45.08
N THR EE 4 97.26 -82.07 44.54
CA THR EE 4 98.43 -82.36 43.73
C THR EE 4 98.03 -83.29 42.60
N ASP EE 5 98.92 -83.41 41.61
CA ASP EE 5 98.68 -84.27 40.47
C ASP EE 5 98.32 -85.67 40.95
N VAL EE 6 97.48 -86.37 40.19
CA VAL EE 6 97.09 -87.71 40.56
C VAL EE 6 97.26 -88.65 39.36
N ASP EE 7 97.42 -89.92 39.68
CA ASP EE 7 97.45 -90.99 38.69
C ASP EE 7 96.37 -91.99 39.05
N LEU EE 8 95.55 -92.35 38.07
CA LEU EE 8 94.42 -93.23 38.25
C LEU EE 8 94.70 -94.59 37.63
N THR EE 9 94.27 -95.63 38.32
CA THR EE 9 94.34 -96.98 37.80
C THR EE 9 93.03 -97.27 37.08
N VAL EE 10 93.11 -97.48 35.77
CA VAL EE 10 91.92 -97.62 34.93
C VAL EE 10 92.01 -98.96 34.22
N GLY EE 11 91.28 -99.95 34.73
CA GLY EE 11 91.39 -101.29 34.19
C GLY EE 11 92.82 -101.77 34.25
N GLU EE 12 93.43 -101.94 33.08
CA GLU EE 12 94.81 -102.42 33.00
C GLU EE 12 95.74 -101.37 32.41
N GLU EE 13 95.39 -100.10 32.55
CA GLU EE 13 96.25 -99.00 32.14
C GLU EE 13 96.33 -97.98 33.27
N THR EE 14 97.28 -97.07 33.15
CA THR EE 14 97.44 -96.00 34.12
C THR EE 14 97.25 -94.66 33.43
N ARG EE 15 96.38 -93.84 34.00
CA ARG EE 15 95.99 -92.55 33.45
C ARG EE 15 96.59 -91.45 34.33
N GLU EE 16 97.33 -90.53 33.74
CA GLU EE 16 98.06 -89.51 34.50
C GLU EE 16 97.44 -88.14 34.28
N TYR EE 17 96.91 -87.55 35.34
CA TYR EE 17 96.37 -86.20 35.27
C TYR EE 17 97.30 -85.24 36.00
N ALA EE 18 97.20 -83.96 35.64
CA ALA EE 18 97.95 -82.89 36.26
C ALA EE 18 97.01 -81.74 36.57
N VAL EE 19 97.25 -81.09 37.71
CA VAL EE 19 96.42 -79.97 38.11
C VAL EE 19 96.55 -78.86 37.09
N SER EE 20 95.41 -78.44 36.52
CA SER EE 20 95.38 -77.34 35.56
C SER EE 20 94.85 -76.04 36.14
N GLU EE 21 93.98 -76.09 37.15
CA GLU EE 21 93.68 -74.88 37.91
C GLU EE 21 93.03 -75.26 39.24
N GLN EE 22 93.23 -74.40 40.24
CA GLN EE 22 92.59 -74.58 41.54
C GLN EE 22 92.05 -73.25 42.01
N GLN EE 23 90.73 -73.17 42.21
CA GLN EE 23 90.05 -72.03 42.78
C GLN EE 23 89.44 -72.41 44.12
N GLY EE 24 88.71 -71.47 44.71
CA GLY EE 24 88.20 -71.67 46.06
C GLY EE 24 87.25 -72.85 46.13
N THR EE 25 86.29 -72.93 45.22
CA THR EE 25 85.29 -73.98 45.18
C THR EE 25 85.39 -74.86 43.95
N LEU EE 26 86.39 -74.65 43.10
CA LEU EE 26 86.50 -75.34 41.82
C LEU EE 26 87.95 -75.78 41.60
N PHE EE 27 88.10 -76.93 40.92
CA PHE EE 27 89.42 -77.35 40.46
C PHE EE 27 89.28 -78.12 39.15
N ARG EE 28 90.40 -78.19 38.43
CA ARG EE 28 90.46 -78.81 37.12
C ARG EE 28 91.78 -79.51 36.92
N PHE EE 29 91.70 -80.78 36.51
CA PHE EE 29 92.81 -81.61 36.07
C PHE EE 29 92.77 -81.81 34.56
N VAL EE 30 93.94 -82.05 33.97
CA VAL EE 30 94.09 -82.31 32.55
C VAL EE 30 94.94 -83.59 32.36
N ASP EE 31 94.55 -84.42 31.38
CA ASP EE 31 95.31 -85.63 31.07
C ASP EE 31 96.68 -85.27 30.53
N LYS EE 32 97.73 -85.80 31.17
CA LYS EE 32 99.10 -85.43 30.83
C LYS EE 32 99.50 -85.84 29.42
N SER EE 33 98.73 -86.72 28.78
CA SER EE 33 99.04 -87.17 27.43
C SER EE 33 98.59 -86.20 26.34
N GLY EE 34 98.19 -84.98 26.70
CA GLY EE 34 97.52 -84.08 25.78
C GLY EE 34 98.24 -82.75 25.57
N THR EE 35 97.75 -82.03 24.55
CA THR EE 35 98.22 -80.72 24.16
C THR EE 35 97.03 -79.77 24.13
N VAL EE 36 97.31 -78.45 24.15
CA VAL EE 36 96.25 -77.50 23.84
C VAL EE 36 95.66 -77.81 22.46
N ALA EE 37 96.51 -78.16 21.50
CA ALA EE 37 96.05 -78.47 20.15
C ALA EE 37 95.24 -79.75 20.14
N ASN EE 38 95.79 -80.82 20.70
CA ASN EE 38 95.09 -82.10 20.76
C ASN EE 38 94.89 -82.48 22.22
N ASN EE 39 93.71 -82.18 22.75
CA ASN EE 39 93.38 -82.52 24.12
C ASN EE 39 92.90 -83.96 24.20
N THR EE 40 93.19 -84.59 25.34
CA THR EE 40 92.92 -86.01 25.53
C THR EE 40 92.02 -86.32 26.71
N GLY EE 41 91.80 -85.36 27.61
CA GLY EE 41 90.95 -85.59 28.76
C GLY EE 41 90.99 -84.45 29.74
N VAL EE 42 89.85 -84.15 30.34
CA VAL EE 42 89.77 -83.12 31.37
C VAL EE 42 88.80 -83.60 32.44
N PHE EE 43 89.07 -83.18 33.68
CA PHE EE 43 88.17 -83.44 34.80
C PHE EE 43 88.05 -82.15 35.60
N SER EE 44 86.82 -81.83 36.00
CA SER EE 44 86.58 -80.60 36.74
C SER EE 44 85.53 -80.87 37.81
N LEU EE 45 85.67 -80.19 38.95
CA LEU EE 45 84.74 -80.35 40.06
C LEU EE 45 84.51 -79.00 40.73
N GLU EE 46 83.26 -78.75 41.10
CA GLU EE 46 82.86 -77.51 41.75
C GLU EE 46 81.84 -77.81 42.83
N GLN EE 47 81.97 -77.14 43.98
CA GLN EE 47 80.97 -77.22 45.03
C GLN EE 47 80.28 -75.88 45.16
N ARG EE 48 78.95 -75.89 45.09
CA ARG EE 48 78.10 -74.76 45.45
C ARG EE 48 77.51 -75.09 46.81
N PHE EE 49 78.17 -74.59 47.86
CA PHE EE 49 77.62 -74.68 49.20
C PHE EE 49 76.42 -73.76 49.28
N GLY EE 50 75.25 -74.34 49.50
CA GLY EE 50 74.02 -73.60 49.39
C GLY EE 50 73.74 -72.70 50.59
N ALA EE 51 72.66 -71.94 50.47
CA ALA EE 51 72.15 -71.18 51.60
C ALA EE 51 71.79 -72.13 52.74
N ALA EE 52 71.62 -71.56 53.94
CA ALA EE 52 71.42 -72.38 55.14
C ALA EE 52 70.19 -73.26 55.03
N ASN EE 53 69.21 -72.87 54.21
CA ASN EE 53 68.01 -73.68 54.01
C ASN EE 53 68.21 -74.74 52.93
N SER EE 54 69.05 -74.47 51.94
CA SER EE 54 69.19 -75.32 50.77
C SER EE 54 70.23 -76.42 51.01
N ASN EE 55 70.20 -77.40 50.11
CA ASN EE 55 71.23 -78.42 50.05
C ASN EE 55 72.48 -77.87 49.37
N ARG EE 56 73.63 -78.46 49.70
CA ARG EE 56 74.83 -78.13 48.95
C ARG EE 56 74.96 -79.09 47.78
N LYS EE 57 75.54 -78.59 46.70
CA LYS EE 57 75.68 -79.35 45.46
C LYS EE 57 77.14 -79.48 45.13
N VAL EE 58 77.53 -80.67 44.68
CA VAL EE 58 78.87 -80.90 44.14
C VAL EE 58 78.72 -81.49 42.75
N THR EE 59 79.38 -80.89 41.77
CA THR EE 59 79.25 -81.33 40.39
C THR EE 59 80.63 -81.62 39.80
N MET EE 60 80.68 -82.68 38.99
CA MET EE 60 81.90 -83.11 38.32
C MET EE 60 81.59 -83.33 36.85
N LEU EE 61 82.54 -82.93 36.02
CA LEU EE 61 82.49 -83.15 34.58
C LEU EE 61 83.79 -83.82 34.14
N LEU EE 62 83.66 -84.98 33.50
CA LEU EE 62 84.76 -85.71 32.89
C LEU EE 62 84.54 -85.71 31.39
N THR EE 63 85.53 -85.23 30.64
CA THR EE 63 85.43 -85.14 29.19
C THR EE 63 86.60 -85.87 28.55
N ASP EE 64 86.28 -86.84 27.70
CA ASP EE 64 87.29 -87.59 26.95
C ASP EE 64 87.04 -87.36 25.47
N PRO EE 65 87.92 -86.60 24.82
CA PRO EE 65 87.84 -86.44 23.37
C PRO EE 65 88.73 -87.44 22.64
N VAL EE 66 88.24 -87.85 21.47
CA VAL EE 66 88.92 -88.82 20.61
C VAL EE 66 88.85 -88.31 19.17
N VAL EE 67 89.92 -88.56 18.43
CA VAL EE 67 89.93 -88.24 17.00
C VAL EE 67 89.34 -89.42 16.24
N VAL EE 68 88.50 -89.10 15.24
CA VAL EE 68 87.82 -90.09 14.43
C VAL EE 68 87.88 -89.62 12.98
N LYS EE 69 88.18 -90.55 12.07
CA LYS EE 69 88.14 -90.23 10.66
C LYS EE 69 86.69 -90.02 10.23
N ASP EE 70 86.50 -89.10 9.29
CA ASP EE 70 85.18 -88.76 8.77
C ASP EE 70 84.88 -89.58 7.53
N ALA EE 71 83.60 -89.60 7.15
CA ALA EE 71 83.22 -90.20 5.87
C ALA EE 71 83.94 -89.52 4.72
N SER EE 72 84.17 -88.22 4.84
CA SER EE 72 84.98 -87.48 3.87
C SER EE 72 86.48 -87.72 4.03
N GLY EE 73 86.89 -88.51 5.02
CA GLY EE 73 88.28 -88.73 5.33
C GLY EE 73 88.88 -87.74 6.30
N ALA EE 74 88.32 -86.52 6.37
CA ALA EE 74 88.84 -85.48 7.24
C ALA EE 74 88.88 -85.96 8.69
N ASP EE 75 89.86 -85.45 9.44
CA ASP EE 75 89.99 -85.80 10.85
C ASP EE 75 89.06 -84.93 11.68
N MET EE 76 88.33 -85.55 12.60
CA MET EE 76 87.26 -84.90 13.35
C MET EE 76 87.39 -85.27 14.82
N THR EE 77 87.43 -84.28 15.69
CA THR EE 77 87.56 -84.53 17.13
C THR EE 77 86.19 -84.55 17.78
N ILE EE 78 85.92 -85.60 18.54
CA ILE EE 78 84.60 -85.88 19.12
C ILE EE 78 84.76 -86.08 20.61
N LYS EE 79 83.89 -85.44 21.39
CA LYS EE 79 83.96 -85.51 22.85
C LYS EE 79 82.81 -86.36 23.38
N ALA EE 80 83.11 -87.15 24.41
CA ALA EE 80 82.12 -87.86 25.21
C ALA EE 80 82.21 -87.35 26.65
N ASN EE 81 81.06 -87.16 27.28
CA ASN EE 81 81.03 -86.51 28.58
C ASN EE 81 80.35 -87.40 29.61
N ALA EE 82 80.84 -87.33 30.83
CA ALA EE 82 80.18 -87.90 31.99
C ALA EE 82 80.08 -86.81 33.04
N SER EE 83 78.91 -86.68 33.65
CA SER EE 83 78.70 -85.64 34.66
C SER EE 83 78.01 -86.25 35.87
N VAL EE 84 78.57 -85.99 37.05
CA VAL EE 84 78.03 -86.48 38.30
C VAL EE 84 77.65 -85.28 39.16
N THR EE 85 76.52 -85.39 39.86
CA THR EE 85 76.06 -84.33 40.76
C THR EE 85 75.55 -84.94 42.05
N PHE EE 86 76.11 -84.50 43.16
CA PHE EE 86 75.70 -84.89 44.50
C PHE EE 86 74.90 -83.75 45.10
N SER EE 87 73.63 -84.03 45.42
CA SER EE 87 72.79 -83.11 46.18
C SER EE 87 72.74 -83.63 47.60
N LEU EE 88 73.37 -82.89 48.51
CA LEU EE 88 73.56 -83.32 49.89
C LEU EE 88 72.96 -82.29 50.84
N PRO EE 89 71.85 -82.62 51.51
CA PRO EE 89 71.30 -81.71 52.52
C PRO EE 89 72.24 -81.57 53.70
N LYS EE 90 72.15 -80.42 54.36
CA LYS EE 90 73.06 -80.15 55.47
C LYS EE 90 72.87 -81.13 56.60
N THR EE 91 71.62 -81.43 56.96
CA THR EE 91 71.33 -82.32 58.09
C THR EE 91 71.73 -83.77 57.81
N TYR EE 92 72.03 -84.11 56.56
CA TYR EE 92 72.43 -85.47 56.23
C TYR EE 92 73.83 -85.75 56.78
N PRO EE 93 74.07 -86.90 57.41
CA PRO EE 93 75.36 -87.14 58.08
C PRO EE 93 76.48 -87.52 57.11
N ASN EE 94 77.67 -86.96 57.39
CA ASN EE 94 78.82 -87.19 56.53
C ASN EE 94 79.09 -88.68 56.31
N GLU EE 95 78.81 -89.49 57.32
CA GLU EE 95 79.01 -90.94 57.19
C GLU EE 95 78.18 -91.52 56.06
N HIS EE 96 76.86 -91.29 56.09
CA HIS EE 96 76.00 -91.82 55.03
C HIS EE 96 76.31 -91.17 53.69
N ILE EE 97 76.89 -89.97 53.66
CA ILE EE 97 77.36 -89.41 52.39
C ILE EE 97 78.46 -90.29 51.79
N THR EE 98 79.49 -90.62 52.60
CA THR EE 98 80.56 -91.49 52.09
C THR EE 98 79.97 -92.81 51.62
N LYS EE 99 78.99 -93.33 52.36
CA LYS EE 99 78.28 -94.54 51.94
C LYS EE 99 77.68 -94.38 50.54
N LEU EE 100 76.98 -93.26 50.32
CA LEU EE 100 76.37 -92.99 49.02
C LEU EE 100 77.43 -92.99 47.91
N ARG EE 101 78.54 -92.28 48.12
CA ARG EE 101 79.57 -92.20 47.10
C ARG EE 101 80.12 -93.59 46.76
N GLN EE 102 80.38 -94.39 47.78
CA GLN EE 102 80.95 -95.71 47.53
C GLN EE 102 79.96 -96.62 46.80
N THR EE 103 78.68 -96.58 47.20
CA THR EE 103 77.69 -97.38 46.48
C THR EE 103 77.57 -96.94 45.03
N LEU EE 104 77.76 -95.65 44.75
CA LEU EE 104 77.73 -95.20 43.36
C LEU EE 104 78.91 -95.78 42.57
N ILE EE 105 80.10 -95.79 43.18
CA ILE EE 105 81.24 -96.44 42.52
C ILE EE 105 80.92 -97.89 42.21
N ALA EE 106 80.38 -98.60 43.21
CA ALA EE 106 80.03 -100.00 43.02
C ALA EE 106 79.07 -100.18 41.86
N TRP EE 107 78.02 -99.36 41.83
CA TRP EE 107 77.04 -99.45 40.74
C TRP EE 107 77.69 -99.22 39.39
N LEU EE 108 78.54 -98.19 39.30
CA LEU EE 108 79.20 -97.87 38.04
C LEU EE 108 80.08 -99.01 37.56
N GLY EE 109 80.53 -99.87 38.48
CA GLY EE 109 81.26 -101.06 38.09
C GLY EE 109 80.42 -102.18 37.50
N GLN EE 110 79.13 -102.21 37.85
CA GLN EE 110 78.27 -103.35 37.55
C GLN EE 110 78.01 -103.49 36.05
N GLN EE 111 77.67 -104.71 35.64
CA GLN EE 111 77.40 -104.95 34.23
C GLN EE 111 76.06 -104.35 33.80
N CYS EE 112 75.07 -104.34 34.69
CA CYS EE 112 73.78 -103.74 34.32
C CYS EE 112 73.91 -102.25 34.04
N VAL EE 113 74.98 -101.62 34.53
CA VAL EE 113 75.26 -100.23 34.23
C VAL EE 113 76.21 -100.10 33.05
N SER EE 114 77.21 -100.98 32.96
CA SER EE 114 78.20 -100.85 31.89
C SER EE 114 77.61 -101.18 30.52
N ASP EE 115 76.78 -102.22 30.45
CA ASP EE 115 76.23 -102.63 29.16
C ASP EE 115 75.48 -101.51 28.44
N PRO EE 116 74.54 -100.79 29.07
CA PRO EE 116 73.92 -99.66 28.35
C PRO EE 116 74.88 -98.50 28.12
N VAL EE 117 75.71 -98.16 29.11
CA VAL EE 117 76.65 -97.05 28.94
C VAL EE 117 77.67 -97.38 27.85
N ASP EE 118 78.34 -98.52 27.98
CA ASP EE 118 79.46 -98.82 27.07
C ASP EE 118 78.98 -99.16 25.67
N SER EE 119 77.97 -100.02 25.55
CA SER EE 119 77.60 -100.59 24.27
C SER EE 119 76.22 -100.18 23.77
N GLY EE 120 75.45 -99.45 24.57
CA GLY EE 120 74.13 -99.02 24.14
C GLY EE 120 73.06 -100.09 24.17
N LEU EE 121 73.34 -101.25 24.76
CA LEU EE 121 72.35 -102.31 24.90
C LEU EE 121 71.60 -102.14 26.21
N ASN EE 122 70.27 -102.21 26.14
CA ASN EE 122 69.48 -102.14 27.35
C ASN EE 122 69.41 -103.49 28.04
N ASN EE 123 68.99 -103.47 29.30
CA ASN EE 123 68.88 -104.70 30.07
C ASN EE 123 67.47 -105.29 29.91
N TYR EE 124 67.36 -106.56 30.30
CA TYR EE 124 66.11 -107.31 30.14
C TYR EE 124 65.91 -108.38 31.22
N MET FE 1 123.04 -47.54 19.07
CA MET FE 1 123.99 -48.48 18.47
C MET FE 1 123.85 -48.53 16.96
N ARG FE 2 124.98 -48.55 16.24
CA ARG FE 2 124.95 -48.78 14.80
C ARG FE 2 124.45 -50.19 14.53
N LEU FE 3 123.29 -50.28 13.89
CA LEU FE 3 122.64 -51.56 13.69
C LEU FE 3 123.46 -52.47 12.80
N THR FE 4 123.45 -53.76 13.14
CA THR FE 4 124.07 -54.79 12.34
C THR FE 4 123.19 -56.03 12.42
N ASP FE 5 123.29 -56.89 11.41
CA ASP FE 5 122.59 -58.17 11.46
C ASP FE 5 122.90 -58.86 12.78
N VAL FE 6 121.95 -59.65 13.27
CA VAL FE 6 122.03 -60.18 14.63
C VAL FE 6 121.92 -61.70 14.56
N ASP FE 7 122.75 -62.37 15.35
CA ASP FE 7 122.67 -63.82 15.48
C ASP FE 7 122.41 -64.14 16.94
N LEU FE 8 121.30 -64.83 17.20
CA LEU FE 8 120.85 -65.16 18.53
C LEU FE 8 121.06 -66.64 18.79
N THR FE 9 121.52 -66.97 19.99
CA THR FE 9 121.59 -68.36 20.43
C THR FE 9 120.30 -68.66 21.16
N VAL FE 10 119.53 -69.64 20.65
CA VAL FE 10 118.20 -69.93 21.13
C VAL FE 10 118.16 -71.39 21.53
N GLY FE 11 118.18 -71.65 22.84
CA GLY FE 11 118.24 -73.02 23.31
C GLY FE 11 119.46 -73.70 22.73
N GLU FE 12 119.26 -74.66 21.84
CA GLU FE 12 120.36 -75.40 21.25
C GLU FE 12 120.46 -75.17 19.75
N GLU FE 13 119.87 -74.09 19.25
CA GLU FE 13 119.92 -73.73 17.84
C GLU FE 13 120.41 -72.30 17.75
N THR FE 14 120.75 -71.86 16.54
CA THR FE 14 121.14 -70.48 16.29
C THR FE 14 120.24 -69.86 15.25
N ARG FE 15 119.68 -68.71 15.58
CA ARG FE 15 118.72 -68.00 14.76
C ARG FE 15 119.35 -66.72 14.23
N GLU FE 16 119.24 -66.49 12.91
CA GLU FE 16 119.91 -65.37 12.27
C GLU FE 16 118.89 -64.39 11.71
N TYR FE 17 118.98 -63.14 12.15
CA TYR FE 17 118.13 -62.06 11.72
C TYR FE 17 118.95 -61.03 10.95
N ALA FE 18 118.27 -60.36 10.02
CA ALA FE 18 118.86 -59.29 9.22
C ALA FE 18 118.03 -58.03 9.33
N VAL FE 19 118.71 -56.88 9.29
CA VAL FE 19 118.02 -55.60 9.40
C VAL FE 19 117.12 -55.41 8.20
N SER FE 20 115.84 -55.11 8.44
CA SER FE 20 114.87 -54.83 7.39
C SER FE 20 114.54 -53.36 7.24
N GLU FE 21 114.40 -52.61 8.34
CA GLU FE 21 114.30 -51.17 8.19
C GLU FE 21 114.68 -50.49 9.50
N GLN FE 22 115.16 -49.26 9.40
CA GLN FE 22 115.52 -48.47 10.57
C GLN FE 22 115.03 -47.05 10.39
N GLN FE 23 114.21 -46.59 11.33
CA GLN FE 23 113.73 -45.22 11.38
C GLN FE 23 114.36 -44.53 12.58
N GLY FE 24 113.91 -43.31 12.85
CA GLY FE 24 114.50 -42.55 13.94
C GLY FE 24 114.32 -43.24 15.28
N THR FE 25 113.10 -43.72 15.53
CA THR FE 25 112.77 -44.37 16.80
C THR FE 25 112.22 -45.77 16.61
N LEU FE 26 112.43 -46.38 15.45
CA LEU FE 26 111.88 -47.69 15.15
C LEU FE 26 112.86 -48.49 14.31
N PHE FE 27 112.91 -49.80 14.54
CA PHE FE 27 113.66 -50.70 13.67
C PHE FE 27 112.96 -52.05 13.59
N ARG FE 28 113.33 -52.79 12.55
CA ARG FE 28 112.74 -54.09 12.25
C ARG FE 28 113.77 -55.01 11.64
N PHE FE 29 113.88 -56.20 12.22
CA PHE FE 29 114.64 -57.34 11.73
C PHE FE 29 113.72 -58.42 11.18
N VAL FE 30 114.26 -59.19 10.24
CA VAL FE 30 113.57 -60.34 9.65
C VAL FE 30 114.46 -61.58 9.81
N ASP FE 31 113.81 -62.72 10.07
CA ASP FE 31 114.53 -63.99 10.16
C ASP FE 31 115.06 -64.38 8.78
N LYS FE 32 116.37 -64.61 8.69
CA LYS FE 32 117.00 -64.96 7.42
C LYS FE 32 116.50 -66.28 6.86
N SER FE 33 115.76 -67.07 7.65
CA SER FE 33 115.20 -68.32 7.17
C SER FE 33 114.13 -68.13 6.11
N GLY FE 34 113.62 -66.90 5.95
CA GLY FE 34 112.40 -66.67 5.21
C GLY FE 34 112.57 -65.74 4.00
N THR FE 35 111.52 -65.70 3.20
CA THR FE 35 111.37 -64.88 2.00
C THR FE 35 110.34 -63.80 2.26
N VAL FE 36 110.35 -62.77 1.41
CA VAL FE 36 109.18 -61.91 1.28
C VAL FE 36 107.92 -62.76 1.16
N ALA FE 37 107.96 -63.75 0.27
CA ALA FE 37 106.81 -64.63 0.05
C ALA FE 37 106.46 -65.40 1.32
N ASN FE 38 107.38 -66.23 1.79
CA ASN FE 38 107.17 -67.03 2.99
C ASN FE 38 108.05 -66.49 4.11
N ASN FE 39 107.42 -65.98 5.17
CA ASN FE 39 108.14 -65.37 6.29
C ASN FE 39 108.26 -66.35 7.45
N THR FE 40 109.44 -66.38 8.07
CA THR FE 40 109.69 -67.25 9.20
C THR FE 40 109.74 -66.53 10.55
N GLY FE 41 109.91 -65.21 10.56
CA GLY FE 41 109.98 -64.50 11.81
C GLY FE 41 110.24 -63.02 11.65
N VAL FE 42 109.71 -62.20 12.55
CA VAL FE 42 109.91 -60.76 12.49
C VAL FE 42 110.08 -60.22 13.90
N PHE FE 43 110.90 -59.19 14.03
CA PHE FE 43 111.08 -58.49 15.29
C PHE FE 43 111.08 -56.99 15.02
N SER FE 44 110.35 -56.25 15.85
CA SER FE 44 110.23 -54.82 15.69
C SER FE 44 110.30 -54.15 17.06
N LEU FE 45 110.92 -52.97 17.10
CA LEU FE 45 111.08 -52.22 18.34
C LEU FE 45 110.88 -50.73 18.05
N GLU FE 46 110.11 -50.05 18.91
CA GLU FE 46 109.84 -48.62 18.78
C GLU FE 46 109.86 -47.94 20.14
N GLN FE 47 110.48 -46.76 20.20
CA GLN FE 47 110.49 -45.95 21.42
C GLN FE 47 109.65 -44.69 21.21
N ARG FE 48 108.90 -44.33 22.25
CA ARG FE 48 108.03 -43.17 22.27
C ARG FE 48 108.42 -42.34 23.50
N PHE FE 49 109.19 -41.29 23.26
CA PHE FE 49 109.61 -40.34 24.28
C PHE FE 49 108.48 -39.33 24.49
N GLY FE 50 107.85 -39.36 25.67
CA GLY FE 50 106.74 -38.47 25.96
C GLY FE 50 107.20 -37.10 26.42
N ALA FE 51 106.24 -36.34 26.96
CA ALA FE 51 106.60 -35.08 27.60
C ALA FE 51 107.32 -35.33 28.93
N ALA FE 52 107.85 -34.26 29.51
CA ALA FE 52 108.65 -34.39 30.73
C ALA FE 52 107.83 -34.92 31.90
N ASN FE 53 106.50 -34.77 31.87
CA ASN FE 53 105.64 -35.39 32.86
C ASN FE 53 105.25 -36.81 32.47
N SER FE 54 105.49 -37.21 31.23
CA SER FE 54 105.11 -38.54 30.75
C SER FE 54 106.29 -39.50 30.85
N ASN FE 55 105.97 -40.77 31.04
CA ASN FE 55 106.97 -41.82 30.99
C ASN FE 55 107.30 -42.14 29.54
N ARG FE 56 108.57 -42.29 29.22
CA ARG FE 56 108.90 -42.80 27.90
C ARG FE 56 108.56 -44.28 27.85
N LYS FE 57 108.21 -44.74 26.66
CA LYS FE 57 107.72 -46.09 26.49
C LYS FE 57 108.49 -46.77 25.36
N VAL FE 58 108.71 -48.08 25.51
CA VAL FE 58 109.49 -48.84 24.55
C VAL FE 58 108.75 -50.15 24.30
N THR FE 59 108.42 -50.44 23.03
CA THR FE 59 107.60 -51.59 22.74
C THR FE 59 108.25 -52.48 21.68
N MET FE 60 108.18 -53.79 21.91
CA MET FE 60 108.74 -54.82 21.05
C MET FE 60 107.65 -55.78 20.64
N LEU FE 61 107.70 -56.20 19.38
CA LEU FE 61 106.82 -57.23 18.85
C LEU FE 61 107.67 -58.30 18.15
N LEU FE 62 107.52 -59.54 18.60
CA LEU FE 62 108.17 -60.70 18.02
C LEU FE 62 107.08 -61.60 17.46
N THR FE 63 107.14 -61.86 16.16
CA THR FE 63 106.15 -62.68 15.48
C THR FE 63 106.83 -63.90 14.87
N ASP FE 64 106.29 -65.09 15.19
CA ASP FE 64 106.78 -66.36 14.67
C ASP FE 64 105.64 -67.07 13.95
N PRO FE 65 105.65 -67.08 12.63
CA PRO FE 65 104.67 -67.85 11.88
C PRO FE 65 105.19 -69.26 11.57
N VAL FE 66 104.27 -70.22 11.59
CA VAL FE 66 104.53 -71.62 11.33
C VAL FE 66 103.47 -72.14 10.37
N VAL FE 67 103.87 -73.03 9.48
CA VAL FE 67 102.91 -73.70 8.61
C VAL FE 67 102.41 -74.96 9.29
N VAL FE 68 101.08 -75.10 9.36
CA VAL FE 68 100.42 -76.22 10.01
C VAL FE 68 99.49 -76.88 9.02
N LYS FE 69 99.28 -78.18 9.19
CA LYS FE 69 98.33 -78.94 8.39
C LYS FE 69 96.90 -78.55 8.76
N ASP FE 70 96.07 -78.39 7.75
CA ASP FE 70 94.66 -78.15 7.96
C ASP FE 70 93.96 -79.43 8.40
N ALA FE 71 92.76 -79.28 8.98
CA ALA FE 71 91.95 -80.45 9.28
C ALA FE 71 91.59 -81.20 8.01
N SER FE 72 91.43 -80.47 6.90
CA SER FE 72 91.26 -81.09 5.59
C SER FE 72 92.60 -81.57 5.02
N GLY FE 73 93.70 -80.94 5.42
CA GLY FE 73 95.03 -81.29 4.93
C GLY FE 73 95.75 -80.16 4.23
N ALA FE 74 95.06 -79.06 3.91
CA ALA FE 74 95.69 -77.94 3.22
C ALA FE 74 96.80 -77.32 4.08
N ASP FE 75 97.69 -76.60 3.40
CA ASP FE 75 98.75 -75.87 4.07
C ASP FE 75 98.22 -74.53 4.56
N MET FE 76 98.42 -74.24 5.85
CA MET FE 76 97.88 -73.03 6.44
C MET FE 76 98.93 -72.38 7.32
N THR FE 77 99.08 -71.05 7.25
CA THR FE 77 100.08 -70.36 8.04
C THR FE 77 99.44 -69.72 9.27
N ILE FE 78 100.07 -69.94 10.43
CA ILE FE 78 99.54 -69.50 11.72
C ILE FE 78 100.65 -68.76 12.44
N LYS FE 79 100.34 -67.57 12.93
CA LYS FE 79 101.31 -66.74 13.62
C LYS FE 79 101.08 -66.78 15.13
N ALA FE 80 102.18 -66.72 15.88
CA ALA FE 80 102.16 -66.55 17.33
C ALA FE 80 102.93 -65.29 17.68
N ASN FE 81 102.36 -64.48 18.57
CA ASN FE 81 102.89 -63.15 18.85
C ASN FE 81 103.36 -63.07 20.29
N ALA FE 82 104.44 -62.32 20.51
CA ALA FE 82 104.84 -61.94 21.85
C ALA FE 82 105.19 -60.46 21.82
N SER FE 83 104.71 -59.72 22.81
CA SER FE 83 104.92 -58.27 22.82
C SER FE 83 105.35 -57.83 24.21
N VAL FE 84 106.40 -57.02 24.26
CA VAL FE 84 106.92 -56.48 25.51
C VAL FE 84 106.78 -54.97 25.47
N THR FE 85 106.49 -54.37 26.62
CA THR FE 85 106.37 -52.92 26.74
C THR FE 85 107.02 -52.48 28.04
N PHE FE 86 108.02 -51.61 27.93
CA PHE FE 86 108.71 -51.01 29.06
C PHE FE 86 108.16 -49.60 29.25
N SER FE 87 107.55 -49.34 30.40
CA SER FE 87 107.14 -48.00 30.80
C SER FE 87 108.16 -47.49 31.81
N LEU FE 88 108.94 -46.51 31.39
CA LEU FE 88 110.08 -46.00 32.15
C LEU FE 88 109.91 -44.51 32.38
N PRO FE 89 109.63 -44.11 33.61
CA PRO FE 89 109.59 -42.68 33.94
C PRO FE 89 110.96 -42.04 33.81
N LYS FE 90 110.95 -40.73 33.56
CA LYS FE 90 112.17 -40.00 33.29
C LYS FE 90 112.90 -39.54 34.54
N THR FE 91 112.38 -39.88 35.72
CA THR FE 91 113.08 -39.72 36.98
C THR FE 91 113.65 -41.03 37.49
N TYR FE 92 113.41 -42.11 36.77
CA TYR FE 92 113.89 -43.44 37.12
C TYR FE 92 115.32 -43.63 36.61
N PRO FE 93 116.24 -44.17 37.41
CA PRO FE 93 117.63 -44.25 36.98
C PRO FE 93 117.91 -45.37 36.00
N ASN FE 94 118.82 -45.07 35.07
CA ASN FE 94 119.14 -46.02 34.00
C ASN FE 94 119.66 -47.34 34.56
N GLU FE 95 120.42 -47.29 35.65
CA GLU FE 95 120.89 -48.52 36.29
C GLU FE 95 119.74 -49.44 36.61
N HIS FE 96 118.71 -48.92 37.29
CA HIS FE 96 117.58 -49.77 37.67
C HIS FE 96 116.75 -50.18 36.46
N ILE FE 97 116.78 -49.41 35.36
CA ILE FE 97 116.16 -49.90 34.14
C ILE FE 97 116.88 -51.17 33.64
N THR FE 98 118.21 -51.13 33.65
CA THR FE 98 118.95 -52.34 33.26
C THR FE 98 118.64 -53.50 34.19
N LYS FE 99 118.60 -53.23 35.49
CA LYS FE 99 118.20 -54.25 36.48
C LYS FE 99 116.85 -54.84 36.12
N LEU FE 100 115.89 -53.98 35.78
CA LEU FE 100 114.55 -54.43 35.42
C LEU FE 100 114.59 -55.35 34.19
N ARG FE 101 115.29 -54.93 33.14
CA ARG FE 101 115.35 -55.75 31.93
C ARG FE 101 115.96 -57.13 32.22
N GLN FE 102 117.01 -57.16 33.04
CA GLN FE 102 117.65 -58.44 33.32
C GLN FE 102 116.75 -59.33 34.18
N THR FE 103 116.06 -58.76 35.17
CA THR FE 103 115.12 -59.56 35.95
C THR FE 103 114.01 -60.11 35.07
N LEU FE 104 113.59 -59.34 34.05
CA LEU FE 104 112.58 -59.85 33.13
C LEU FE 104 113.11 -61.04 32.35
N ILE FE 105 114.36 -60.95 31.87
CA ILE FE 105 114.96 -62.09 31.18
C ILE FE 105 114.98 -63.32 32.08
N ALA FE 106 115.41 -63.12 33.33
CA ALA FE 106 115.46 -64.23 34.28
C ALA FE 106 114.08 -64.84 34.51
N TRP FE 107 113.06 -64.00 34.65
CA TRP FE 107 111.70 -64.49 34.85
C TRP FE 107 111.22 -65.27 33.64
N LEU FE 108 111.49 -64.77 32.44
CA LEU FE 108 111.10 -65.48 31.22
C LEU FE 108 111.80 -66.82 31.11
N GLY FE 109 112.94 -66.98 31.79
CA GLY FE 109 113.58 -68.27 31.87
C GLY FE 109 112.90 -69.28 32.80
N GLN FE 110 112.16 -68.78 33.79
CA GLN FE 110 111.68 -69.63 34.88
C GLN FE 110 110.66 -70.65 34.40
N GLN FE 111 110.55 -71.75 35.15
CA GLN FE 111 109.58 -72.77 34.80
C GLN FE 111 108.16 -72.32 35.09
N CYS FE 112 107.97 -71.53 36.16
CA CYS FE 112 106.62 -71.05 36.47
C CYS FE 112 106.09 -70.09 35.43
N VAL FE 113 106.97 -69.48 34.64
CA VAL FE 113 106.55 -68.71 33.48
C VAL FE 113 106.46 -69.61 32.24
N SER FE 114 107.34 -70.61 32.15
CA SER FE 114 107.40 -71.48 30.97
C SER FE 114 106.14 -72.33 30.84
N ASP FE 115 105.68 -72.94 31.93
CA ASP FE 115 104.56 -73.88 31.84
C ASP FE 115 103.30 -73.25 31.27
N PRO FE 116 102.80 -72.11 31.75
CA PRO FE 116 101.61 -71.53 31.10
C PRO FE 116 101.87 -71.07 29.68
N VAL FE 117 103.00 -70.43 29.43
CA VAL FE 117 103.29 -69.95 28.08
C VAL FE 117 103.46 -71.12 27.12
N ASP FE 118 104.41 -72.01 27.42
CA ASP FE 118 104.78 -73.03 26.45
C ASP FE 118 103.68 -74.07 26.27
N SER FE 119 103.05 -74.51 27.36
CA SER FE 119 102.13 -75.65 27.30
C SER FE 119 100.72 -75.35 27.74
N GLY FE 120 100.46 -74.20 28.38
CA GLY FE 120 99.13 -73.87 28.82
C GLY FE 120 98.78 -74.35 30.22
N LEU FE 121 99.67 -75.07 30.88
CA LEU FE 121 99.41 -75.51 32.24
C LEU FE 121 99.58 -74.35 33.21
N ASN FE 122 98.60 -74.16 34.09
CA ASN FE 122 98.75 -73.19 35.16
C ASN FE 122 99.53 -73.77 36.33
N ASN FE 123 100.12 -72.90 37.12
CA ASN FE 123 100.84 -73.34 38.30
C ASN FE 123 99.88 -73.45 39.48
N TYR FE 124 100.30 -74.22 40.49
CA TYR FE 124 99.42 -74.50 41.63
C TYR FE 124 100.17 -74.44 42.96
N MET GE 1 127.78 -36.10 6.88
CA MET GE 1 128.88 -36.88 7.45
C MET GE 1 128.33 -38.16 8.09
N ARG GE 2 129.23 -39.11 8.35
CA ARG GE 2 128.86 -40.34 9.05
C ARG GE 2 128.93 -40.08 10.55
N LEU GE 3 127.77 -40.06 11.20
CA LEU GE 3 127.69 -39.71 12.61
C LEU GE 3 128.51 -40.66 13.48
N THR GE 4 129.32 -40.06 14.34
CA THR GE 4 130.10 -40.77 15.33
C THR GE 4 129.97 -40.02 16.65
N ASP GE 5 130.08 -40.75 17.76
CA ASP GE 5 130.03 -40.11 19.06
C ASP GE 5 131.06 -39.00 19.12
N VAL GE 6 130.72 -37.92 19.82
CA VAL GE 6 131.49 -36.68 19.73
C VAL GE 6 132.00 -36.33 21.12
N ASP GE 7 133.22 -35.82 21.17
CA ASP GE 7 133.79 -35.30 22.41
C ASP GE 7 134.20 -33.85 22.21
N LEU GE 8 133.61 -32.99 23.04
CA LEU GE 8 133.77 -31.54 22.93
C LEU GE 8 134.68 -31.06 24.05
N THR GE 9 135.61 -30.20 23.70
CA THR GE 9 136.46 -29.56 24.68
C THR GE 9 135.78 -28.27 25.10
N VAL GE 10 135.31 -28.22 26.34
CA VAL GE 10 134.49 -27.14 26.86
C VAL GE 10 135.26 -26.47 27.98
N GLY GE 11 135.89 -25.34 27.67
CA GLY GE 11 136.76 -24.69 28.64
C GLY GE 11 137.87 -25.62 29.05
N GLU GE 12 137.86 -26.07 30.29
CA GLU GE 12 138.89 -26.98 30.77
C GLU GE 12 138.34 -28.37 31.07
N GLU GE 13 137.18 -28.69 30.51
CA GLU GE 13 136.54 -29.97 30.75
C GLU GE 13 136.27 -30.62 29.39
N THR GE 14 135.90 -31.89 29.41
CA THR GE 14 135.54 -32.59 28.18
C THR GE 14 134.15 -33.19 28.34
N ARG GE 15 133.23 -32.75 27.48
CA ARG GE 15 131.88 -33.31 27.41
C ARG GE 15 131.87 -34.42 26.36
N GLU GE 16 131.14 -35.50 26.65
CA GLU GE 16 131.13 -36.67 25.77
C GLU GE 16 129.71 -37.07 25.43
N TYR GE 17 129.34 -36.87 24.16
CA TYR GE 17 128.00 -37.14 23.68
C TYR GE 17 128.00 -38.39 22.82
N ALA GE 18 126.88 -39.12 22.87
CA ALA GE 18 126.65 -40.32 22.09
C ALA GE 18 125.43 -40.12 21.20
N VAL GE 19 125.49 -40.68 19.98
CA VAL GE 19 124.38 -40.58 19.06
C VAL GE 19 123.16 -41.26 19.65
N SER GE 20 122.04 -40.54 19.70
CA SER GE 20 120.81 -41.06 20.25
C SER GE 20 119.69 -41.26 19.23
N GLU GE 21 119.65 -40.47 18.16
CA GLU GE 21 118.80 -40.87 17.04
C GLU GE 21 119.23 -40.17 15.77
N GLN GE 22 118.98 -40.84 14.64
CA GLN GE 22 119.27 -40.32 13.31
C GLN GE 22 118.05 -40.56 12.43
N GLN GE 23 117.44 -39.49 11.95
CA GLN GE 23 116.35 -39.57 11.00
C GLN GE 23 116.85 -39.09 9.65
N GLY GE 24 115.93 -38.74 8.76
CA GLY GE 24 116.32 -38.25 7.47
C GLY GE 24 117.09 -36.96 7.59
N THR GE 25 116.43 -35.94 8.15
CA THR GE 25 116.99 -34.59 8.25
C THR GE 25 117.27 -34.19 9.70
N LEU GE 26 117.14 -35.11 10.65
CA LEU GE 26 117.25 -34.80 12.06
C LEU GE 26 118.20 -35.77 12.74
N PHE GE 27 118.97 -35.28 13.70
CA PHE GE 27 119.79 -36.13 14.56
C PHE GE 27 119.79 -35.58 15.98
N ARG GE 28 120.19 -36.45 16.91
CA ARG GE 28 120.18 -36.12 18.32
C ARG GE 28 121.29 -36.88 19.02
N PHE GE 29 122.12 -36.14 19.75
CA PHE GE 29 123.15 -36.62 20.64
C PHE GE 29 122.72 -36.45 22.09
N VAL GE 30 123.38 -37.19 22.97
CA VAL GE 30 123.00 -37.26 24.38
C VAL GE 30 124.27 -37.31 25.22
N ASP GE 31 124.29 -36.53 26.32
CA ASP GE 31 125.46 -36.52 27.21
C ASP GE 31 125.66 -37.88 27.86
N LYS GE 32 126.81 -38.50 27.58
CA LYS GE 32 127.08 -39.85 28.11
C LYS GE 32 127.07 -39.86 29.62
N SER GE 33 127.46 -38.75 30.26
CA SER GE 33 127.58 -38.64 31.70
C SER GE 33 126.23 -38.63 32.41
N GLY GE 34 125.12 -38.81 31.70
CA GLY GE 34 123.82 -38.74 32.32
C GLY GE 34 123.48 -40.05 33.04
N THR GE 35 122.94 -39.91 34.25
CA THR GE 35 122.50 -41.05 35.03
C THR GE 35 121.01 -41.33 34.88
N VAL GE 36 120.21 -40.28 34.76
CA VAL GE 36 118.77 -40.38 34.61
C VAL GE 36 118.38 -39.60 33.37
N ALA GE 37 117.19 -39.91 32.85
CA ALA GE 37 116.66 -39.17 31.71
C ALA GE 37 116.64 -37.67 32.00
N ASN GE 38 116.10 -37.26 33.14
CA ASN GE 38 116.06 -35.84 33.49
C ASN GE 38 117.45 -35.29 33.80
N ASN GE 39 118.33 -36.12 34.34
CA ASN GE 39 119.72 -35.72 34.56
C ASN GE 39 120.42 -35.40 33.24
N THR GE 40 119.98 -36.01 32.14
CA THR GE 40 120.78 -36.10 30.92
C THR GE 40 120.59 -34.90 30.01
N GLY GE 41 121.71 -34.24 29.67
CA GLY GE 41 121.68 -33.18 28.68
C GLY GE 41 121.60 -33.75 27.26
N VAL GE 42 121.08 -32.94 26.34
CA VAL GE 42 120.85 -33.40 24.98
C VAL GE 42 121.14 -32.29 23.99
N PHE GE 43 121.37 -32.70 22.74
CA PHE GE 43 121.59 -31.77 21.64
C PHE GE 43 120.96 -32.34 20.39
N SER GE 44 120.16 -31.53 19.71
CA SER GE 44 119.42 -31.98 18.56
C SER GE 44 119.55 -30.96 17.43
N LEU GE 45 119.53 -31.45 16.19
CA LEU GE 45 119.63 -30.59 15.01
C LEU GE 45 118.72 -31.15 13.92
N GLU GE 46 118.07 -30.24 13.19
CA GLU GE 46 117.14 -30.58 12.13
C GLU GE 46 117.24 -29.56 11.01
N GLN GE 47 117.29 -30.05 9.77
CA GLN GE 47 117.25 -29.18 8.61
C GLN GE 47 115.92 -29.30 7.91
N ARG GE 48 115.37 -28.15 7.52
CA ARG GE 48 114.11 -28.05 6.78
C ARG GE 48 114.45 -27.34 5.47
N PHE GE 49 114.58 -28.13 4.42
CA PHE GE 49 114.85 -27.62 3.08
C PHE GE 49 113.52 -27.19 2.46
N GLY GE 50 113.44 -25.94 2.01
CA GLY GE 50 112.21 -25.40 1.47
C GLY GE 50 112.12 -25.57 -0.04
N ALA GE 51 111.08 -24.95 -0.61
CA ALA GE 51 111.00 -24.86 -2.06
C ALA GE 51 112.08 -23.92 -2.60
N ALA GE 52 112.15 -23.80 -3.93
CA ALA GE 52 113.22 -23.00 -4.52
C ALA GE 52 113.08 -21.52 -4.20
N ASN GE 53 111.86 -21.06 -3.94
CA ASN GE 53 111.65 -19.67 -3.50
C ASN GE 53 111.89 -19.49 -2.01
N SER GE 54 112.01 -20.59 -1.27
CA SER GE 54 112.21 -20.52 0.17
C SER GE 54 113.69 -20.56 0.52
N ASN GE 55 113.97 -20.27 1.79
CA ASN GE 55 115.29 -20.45 2.37
C ASN GE 55 115.30 -21.75 3.14
N ARG GE 56 116.38 -22.51 3.05
CA ARG GE 56 116.49 -23.66 3.93
C ARG GE 56 116.81 -23.17 5.33
N LYS GE 57 116.30 -23.90 6.32
CA LYS GE 57 116.47 -23.52 7.72
C LYS GE 57 117.08 -24.68 8.48
N VAL GE 58 118.08 -24.38 9.32
CA VAL GE 58 118.68 -25.39 10.18
C VAL GE 58 118.51 -24.93 11.61
N THR GE 59 117.99 -25.81 12.46
CA THR GE 59 117.73 -25.47 13.85
C THR GE 59 118.43 -26.45 14.77
N MET GE 60 118.94 -25.94 15.89
CA MET GE 60 119.60 -26.73 16.91
C MET GE 60 119.05 -26.34 18.27
N LEU GE 61 118.89 -27.35 19.10
CA LEU GE 61 118.49 -27.18 20.50
C LEU GE 61 119.48 -27.91 21.40
N LEU GE 62 120.01 -27.17 22.37
CA LEU GE 62 120.93 -27.69 23.39
C LEU GE 62 120.26 -27.53 24.73
N THR GE 63 120.08 -28.65 25.45
CA THR GE 63 119.43 -28.66 26.75
C THR GE 63 120.40 -29.19 27.80
N ASP GE 64 120.61 -28.39 28.85
CA ASP GE 64 121.53 -28.74 29.95
C ASP GE 64 120.79 -28.65 31.28
N PRO GE 65 120.26 -29.76 31.78
CA PRO GE 65 119.63 -29.75 33.10
C PRO GE 65 120.67 -29.90 34.21
N VAL GE 66 120.29 -29.38 35.39
CA VAL GE 66 121.11 -29.43 36.60
C VAL GE 66 120.20 -29.71 37.79
N VAL GE 67 120.75 -30.36 38.82
CA VAL GE 67 119.98 -30.68 40.02
C VAL GE 67 120.19 -29.59 41.06
N VAL GE 68 119.09 -29.05 41.58
CA VAL GE 68 119.12 -28.03 42.64
C VAL GE 68 118.35 -28.53 43.86
N MET GE 76 114.99 -31.05 43.04
CA MET GE 76 114.44 -30.58 41.76
C MET GE 76 115.54 -30.42 40.69
N THR GE 77 115.18 -30.70 39.43
CA THR GE 77 116.08 -30.53 38.29
C THR GE 77 115.54 -29.43 37.39
N ILE GE 78 116.43 -28.50 37.04
CA ILE GE 78 116.11 -27.29 36.30
C ILE GE 78 116.83 -27.34 34.96
N LYS GE 79 116.11 -27.02 33.89
CA LYS GE 79 116.64 -27.13 32.53
C LYS GE 79 116.82 -25.74 31.91
N ALA GE 80 117.96 -25.55 31.25
CA ALA GE 80 118.25 -24.34 30.49
C ALA GE 80 118.52 -24.70 29.03
N ASN GE 81 118.03 -23.84 28.12
CA ASN GE 81 118.05 -24.16 26.70
C ASN GE 81 118.82 -23.09 25.92
N ALA GE 82 119.58 -23.54 24.94
CA ALA GE 82 120.10 -22.66 23.91
C ALA GE 82 119.58 -23.17 22.57
N SER GE 83 119.12 -22.25 21.72
CA SER GE 83 118.58 -22.65 20.42
C SER GE 83 119.14 -21.75 19.35
N VAL GE 84 119.73 -22.36 18.33
CA VAL GE 84 120.31 -21.63 17.20
C VAL GE 84 119.48 -21.96 15.96
N THR GE 85 119.30 -20.97 15.09
CA THR GE 85 118.58 -21.16 13.84
C THR GE 85 119.29 -20.39 12.73
N PHE GE 86 119.68 -21.10 11.68
CA PHE GE 86 120.32 -20.55 10.50
C PHE GE 86 119.30 -20.50 9.37
N SER GE 87 118.98 -19.28 8.91
CA SER GE 87 118.13 -19.09 7.74
C SER GE 87 119.05 -18.76 6.57
N LEU GE 88 119.12 -19.67 5.61
CA LEU GE 88 120.09 -19.61 4.52
C LEU GE 88 119.36 -19.65 3.19
N PRO GE 89 119.37 -18.58 2.42
CA PRO GE 89 118.83 -18.62 1.05
C PRO GE 89 119.68 -19.50 0.17
N LYS GE 90 119.04 -20.14 -0.82
CA LYS GE 90 119.76 -21.12 -1.62
C LYS GE 90 120.81 -20.45 -2.50
N THR GE 91 120.49 -19.28 -3.07
CA THR GE 91 121.45 -18.56 -3.91
C THR GE 91 122.67 -18.08 -3.12
N TYR GE 92 122.57 -18.04 -1.79
CA TYR GE 92 123.67 -17.57 -0.95
C TYR GE 92 124.83 -18.57 -0.99
N PRO GE 93 126.09 -18.10 -1.10
CA PRO GE 93 127.19 -19.03 -1.36
C PRO GE 93 127.69 -19.77 -0.11
N ASN GE 94 127.98 -21.06 -0.31
CA ASN GE 94 128.38 -21.93 0.80
C ASN GE 94 129.59 -21.38 1.54
N GLU GE 95 130.51 -20.73 0.83
CA GLU GE 95 131.68 -20.16 1.49
C GLU GE 95 131.27 -19.11 2.51
N HIS GE 96 130.43 -18.15 2.12
CA HIS GE 96 129.97 -17.14 3.05
C HIS GE 96 129.12 -17.73 4.17
N ILE GE 97 128.47 -18.88 3.96
CA ILE GE 97 127.79 -19.54 5.07
C ILE GE 97 128.80 -20.03 6.11
N THR GE 98 129.86 -20.71 5.65
CA THR GE 98 130.90 -21.13 6.60
C THR GE 98 131.43 -19.94 7.38
N LYS GE 99 131.64 -18.82 6.68
CA LYS GE 99 132.03 -17.57 7.34
C LYS GE 99 131.04 -17.18 8.44
N LEU GE 100 129.74 -17.15 8.10
CA LEU GE 100 128.73 -16.77 9.07
C LEU GE 100 128.80 -17.62 10.33
N ARG GE 101 128.86 -18.95 10.15
CA ARG GE 101 128.93 -19.85 11.31
C ARG GE 101 130.15 -19.52 12.18
N GLN GE 102 131.32 -19.34 11.55
CA GLN GE 102 132.52 -19.09 12.33
C GLN GE 102 132.43 -17.78 13.10
N THR GE 103 131.87 -16.73 12.48
CA THR GE 103 131.74 -15.45 13.18
C THR GE 103 130.74 -15.54 14.33
N LEU GE 104 129.70 -16.38 14.20
CA LEU GE 104 128.82 -16.59 15.34
C LEU GE 104 129.57 -17.24 16.49
N ILE GE 105 130.40 -18.23 16.20
CA ILE GE 105 131.24 -18.81 17.24
C ILE GE 105 132.08 -17.73 17.93
N ALA GE 106 132.75 -16.90 17.12
CA ALA GE 106 133.58 -15.84 17.66
C ALA GE 106 132.78 -14.90 18.55
N TRP GE 107 131.58 -14.53 18.12
CA TRP GE 107 130.74 -13.64 18.91
C TRP GE 107 130.38 -14.26 20.24
N LEU GE 108 129.93 -15.54 20.22
CA LEU GE 108 129.60 -16.25 21.44
C LEU GE 108 130.80 -16.35 22.38
N GLY GE 109 132.01 -16.17 21.87
CA GLY GE 109 133.18 -16.06 22.74
C GLY GE 109 133.29 -14.78 23.54
N GLN GE 110 132.80 -13.66 23.01
CA GLN GE 110 133.14 -12.34 23.50
C GLN GE 110 132.48 -12.02 24.85
N GLN GE 111 133.07 -11.05 25.54
CA GLN GE 111 132.56 -10.66 26.85
C GLN GE 111 131.20 -10.00 26.74
N CYS GE 112 131.01 -9.16 25.72
CA CYS GE 112 129.73 -8.47 25.56
C CYS GE 112 128.58 -9.45 25.39
N VAL GE 113 128.87 -10.69 25.04
CA VAL GE 113 127.86 -11.74 24.97
C VAL GE 113 127.84 -12.58 26.24
N SER GE 114 129.00 -12.88 26.81
CA SER GE 114 129.02 -13.73 28.00
C SER GE 114 128.40 -13.04 29.21
N ASP GE 115 128.67 -11.74 29.38
CA ASP GE 115 128.16 -11.03 30.54
C ASP GE 115 126.62 -11.08 30.66
N PRO GE 116 125.85 -10.81 29.61
CA PRO GE 116 124.39 -11.00 29.76
C PRO GE 116 123.96 -12.45 29.83
N VAL GE 117 124.53 -13.32 28.98
CA VAL GE 117 124.15 -14.73 29.00
C VAL GE 117 124.52 -15.35 30.34
N ASP GE 118 125.81 -15.32 30.69
CA ASP GE 118 126.28 -16.06 31.86
C ASP GE 118 125.68 -15.49 33.16
N SER GE 119 125.85 -14.20 33.41
CA SER GE 119 125.49 -13.62 34.69
C SER GE 119 124.37 -12.60 34.65
N GLY GE 120 123.92 -12.18 33.47
CA GLY GE 120 122.85 -11.21 33.37
C GLY GE 120 123.27 -9.77 33.37
N LEU GE 121 124.56 -9.48 33.32
CA LEU GE 121 125.02 -8.10 33.21
C LEU GE 121 124.79 -7.59 31.80
N ASN GE 122 124.05 -6.49 31.67
CA ASN GE 122 123.95 -5.86 30.36
C ASN GE 122 125.17 -4.97 30.13
N ASN GE 123 125.38 -4.63 28.87
CA ASN GE 123 126.51 -3.79 28.51
C ASN GE 123 126.10 -2.33 28.55
N TYR GE 124 127.06 -1.49 28.92
CA TYR GE 124 126.79 -0.08 29.14
C TYR GE 124 127.91 0.77 28.61
N MET HE 1 121.22 -53.14 3.38
CA MET HE 1 122.60 -52.66 3.21
C MET HE 1 122.85 -51.48 4.12
N ARG HE 2 124.04 -51.43 4.72
CA ARG HE 2 124.50 -50.25 5.47
C ARG HE 2 124.85 -49.14 4.49
N LEU HE 3 124.01 -48.13 4.40
CA LEU HE 3 124.18 -47.10 3.38
C LEU HE 3 125.44 -46.30 3.64
N THR HE 4 126.25 -46.16 2.60
CA THR HE 4 127.40 -45.25 2.60
C THR HE 4 127.52 -44.64 1.21
N ASP HE 5 128.31 -43.58 1.13
CA ASP HE 5 128.54 -42.90 -0.14
C ASP HE 5 128.99 -43.91 -1.19
N VAL HE 6 128.63 -43.66 -2.45
CA VAL HE 6 129.02 -44.56 -3.53
C VAL HE 6 129.63 -43.75 -4.66
N ASP HE 7 130.45 -44.44 -5.45
CA ASP HE 7 131.03 -43.91 -6.67
C ASP HE 7 130.65 -44.84 -7.81
N LEU HE 8 130.13 -44.26 -8.88
CA LEU HE 8 129.63 -45.00 -10.03
C LEU HE 8 130.58 -44.85 -11.20
N THR HE 9 130.77 -45.93 -11.92
CA THR HE 9 131.55 -45.92 -13.15
C THR HE 9 130.57 -45.68 -14.30
N VAL HE 10 130.72 -44.53 -14.98
CA VAL HE 10 129.78 -44.10 -16.00
C VAL HE 10 130.54 -43.91 -17.30
N GLY HE 11 130.46 -44.89 -18.18
CA GLY HE 11 131.25 -44.84 -19.40
C GLY HE 11 132.72 -44.72 -19.08
N GLU HE 12 133.31 -43.57 -19.41
CA GLU HE 12 134.73 -43.32 -19.16
C GLU HE 12 134.95 -42.22 -18.15
N GLU HE 13 133.98 -41.97 -17.27
CA GLU HE 13 134.12 -41.02 -16.19
C GLU HE 13 133.67 -41.68 -14.89
N THR HE 14 133.99 -41.02 -13.78
CA THR HE 14 133.58 -41.50 -12.47
C THR HE 14 132.69 -40.45 -11.82
N ARG HE 15 131.53 -40.89 -11.35
CA ARG HE 15 130.51 -40.03 -10.76
C ARG HE 15 130.46 -40.32 -9.27
N GLU HE 16 130.58 -39.28 -8.45
CA GLU HE 16 130.67 -39.46 -7.00
C GLU HE 16 129.42 -38.92 -6.32
N TYR HE 17 128.67 -39.80 -5.67
CA TYR HE 17 127.50 -39.40 -4.91
C TYR HE 17 127.80 -39.51 -3.42
N ALA HE 18 127.02 -38.77 -2.63
CA ALA HE 18 127.10 -38.78 -1.18
C ALA HE 18 125.71 -38.89 -0.60
N VAL HE 19 125.60 -39.63 0.50
CA VAL HE 19 124.29 -39.81 1.13
C VAL HE 19 123.80 -38.46 1.62
N SER HE 20 122.60 -38.08 1.17
CA SER HE 20 121.97 -36.84 1.60
C SER HE 20 120.84 -37.03 2.59
N GLU HE 21 120.16 -38.18 2.58
CA GLU HE 21 119.28 -38.51 3.69
C GLU HE 21 118.96 -40.00 3.65
N GLN HE 22 118.70 -40.58 4.82
CA GLN HE 22 118.27 -41.96 4.92
C GLN HE 22 117.11 -42.06 5.90
N GLN HE 23 115.96 -42.53 5.42
CA GLN HE 23 114.78 -42.81 6.22
C GLN HE 23 114.50 -44.31 6.19
N GLY HE 24 113.39 -44.68 6.83
CA GLY HE 24 113.09 -46.10 6.99
C GLY HE 24 112.92 -46.81 5.67
N THR HE 25 112.13 -46.22 4.77
CA THR HE 25 111.84 -46.80 3.46
C THR HE 25 112.36 -45.96 2.31
N LEU HE 26 113.08 -44.88 2.59
CA LEU HE 26 113.52 -43.94 1.58
C LEU HE 26 114.97 -43.54 1.82
N PHE HE 27 115.69 -43.28 0.73
CA PHE HE 27 117.03 -42.70 0.82
C PHE HE 27 117.29 -41.81 -0.37
N ARG HE 28 118.26 -40.91 -0.21
CA ARG HE 28 118.61 -39.93 -1.22
C ARG HE 28 120.11 -39.67 -1.21
N PHE HE 29 120.70 -39.75 -2.40
CA PHE HE 29 122.08 -39.38 -2.70
C PHE HE 29 122.11 -38.09 -3.51
N VAL HE 30 123.23 -37.37 -3.39
CA VAL HE 30 123.46 -36.12 -4.12
C VAL HE 30 124.85 -36.19 -4.79
N ASP HE 31 124.94 -35.68 -6.02
CA ASP HE 31 126.21 -35.64 -6.74
C ASP HE 31 127.18 -34.70 -6.03
N LYS HE 32 128.35 -35.21 -5.67
CA LYS HE 32 129.32 -34.45 -4.88
C LYS HE 32 129.84 -33.22 -5.60
N SER HE 33 129.65 -33.13 -6.91
CA SER HE 33 130.13 -31.98 -7.69
C SER HE 33 129.21 -30.78 -7.61
N GLY HE 34 128.22 -30.77 -6.70
CA GLY HE 34 127.17 -29.79 -6.71
C GLY HE 34 127.06 -28.96 -5.43
N THR HE 35 126.25 -27.91 -5.52
CA THR HE 35 125.94 -26.98 -4.44
C THR HE 35 124.44 -26.90 -4.29
N VAL HE 36 123.98 -26.40 -3.14
CA VAL HE 36 122.56 -26.03 -3.03
C VAL HE 36 122.20 -25.05 -4.14
N ALA HE 37 123.09 -24.09 -4.39
CA ALA HE 37 122.83 -23.08 -5.42
C ALA HE 37 122.83 -23.71 -6.81
N ASN HE 38 123.87 -24.46 -7.14
CA ASN HE 38 123.97 -25.11 -8.43
C ASN HE 38 124.02 -26.62 -8.21
N ASN HE 39 122.87 -27.27 -8.30
CA ASN HE 39 122.81 -28.71 -8.16
C ASN HE 39 123.15 -29.41 -9.46
N THR HE 40 123.76 -30.59 -9.34
CA THR HE 40 124.28 -31.31 -10.48
C THR HE 40 123.71 -32.71 -10.64
N GLY HE 41 123.03 -33.24 -9.64
CA GLY HE 41 122.46 -34.56 -9.74
C GLY HE 41 121.91 -35.06 -8.43
N VAL HE 42 120.78 -35.77 -8.48
CA VAL HE 42 120.20 -36.37 -7.29
C VAL HE 42 119.65 -37.73 -7.67
N PHE HE 43 119.69 -38.65 -6.70
CA PHE HE 43 119.08 -39.96 -6.85
C PHE HE 43 118.31 -40.27 -5.58
N SER HE 44 117.11 -40.81 -5.75
CA SER HE 44 116.26 -41.12 -4.60
C SER HE 44 115.55 -42.44 -4.86
N LEU HE 45 115.33 -43.20 -3.78
CA LEU HE 45 114.64 -44.49 -3.88
C LEU HE 45 113.75 -44.68 -2.67
N GLU HE 46 112.56 -45.23 -2.91
CA GLU HE 46 111.58 -45.48 -1.86
C GLU HE 46 110.89 -46.81 -2.12
N GLN HE 47 110.68 -47.59 -1.06
CA GLN HE 47 109.89 -48.81 -1.15
C GLN HE 47 108.58 -48.62 -0.39
N ARG HE 48 107.47 -48.88 -1.07
CA ARG HE 48 106.16 -49.02 -0.44
C ARG HE 48 105.86 -50.51 -0.39
N PHE HE 49 106.18 -51.13 0.74
CA PHE HE 49 105.78 -52.51 0.97
C PHE HE 49 104.28 -52.56 1.15
N GLY HE 50 103.60 -53.23 0.23
CA GLY HE 50 102.15 -53.16 0.19
C GLY HE 50 101.48 -54.01 1.25
N ALA HE 51 100.15 -53.89 1.28
CA ALA HE 51 99.34 -54.78 2.10
C ALA HE 51 99.56 -56.23 1.67
N ALA HE 52 99.13 -57.16 2.54
CA ALA HE 52 99.42 -58.57 2.32
C ALA HE 52 98.83 -59.08 1.00
N ASN HE 53 97.79 -58.43 0.49
CA ASN HE 53 97.20 -58.81 -0.79
C ASN HE 53 97.91 -58.15 -1.96
N SER HE 54 98.45 -56.96 -1.77
CA SER HE 54 99.01 -56.16 -2.86
C SER HE 54 100.46 -56.51 -3.12
N ASN HE 55 100.96 -56.04 -4.27
CA ASN HE 55 102.36 -56.10 -4.59
C ASN HE 55 103.12 -54.99 -3.86
N ARG HE 56 104.41 -55.23 -3.63
CA ARG HE 56 105.23 -54.14 -3.12
C ARG HE 56 105.83 -53.38 -4.30
N LYS HE 57 106.03 -52.09 -4.09
CA LYS HE 57 106.53 -51.20 -5.13
C LYS HE 57 107.85 -50.59 -4.69
N VAL HE 58 108.80 -50.50 -5.60
CA VAL HE 58 110.04 -49.78 -5.38
C VAL HE 58 110.18 -48.76 -6.49
N THR HE 59 110.41 -47.50 -6.12
CA THR HE 59 110.51 -46.44 -7.10
C THR HE 59 111.82 -45.68 -6.92
N MET HE 60 112.41 -45.29 -8.05
CA MET HE 60 113.65 -44.55 -8.10
C MET HE 60 113.49 -43.36 -9.03
N LEU HE 61 114.06 -42.24 -8.61
CA LEU HE 61 114.11 -41.02 -9.42
C LEU HE 61 115.55 -40.54 -9.50
N LEU HE 62 116.04 -40.39 -10.73
CA LEU HE 62 117.35 -39.83 -11.03
C LEU HE 62 117.14 -38.52 -11.75
N THR HE 63 117.70 -37.44 -11.23
CA THR HE 63 117.55 -36.12 -11.82
C THR HE 63 118.91 -35.52 -12.10
N ASP HE 64 119.13 -35.14 -13.36
CA ASP HE 64 120.37 -34.48 -13.79
C ASP HE 64 120.01 -33.12 -14.34
N PRO HE 65 120.33 -32.06 -13.60
CA PRO HE 65 120.16 -30.71 -14.14
C PRO HE 65 121.43 -30.19 -14.79
N VAL HE 66 121.21 -29.39 -15.83
CA VAL HE 66 122.28 -28.78 -16.62
C VAL HE 66 121.93 -27.31 -16.85
N VAL HE 67 122.95 -26.47 -16.86
CA VAL HE 67 122.76 -25.06 -17.21
C VAL HE 67 122.86 -24.92 -18.72
N VAL HE 68 121.97 -24.11 -19.28
CA VAL HE 68 121.89 -23.86 -20.71
C VAL HE 68 121.67 -22.38 -20.94
N LYS HE 69 122.40 -21.81 -21.90
CA LYS HE 69 122.17 -20.42 -22.26
C LYS HE 69 120.81 -20.30 -22.96
N ASP HE 70 120.15 -19.17 -22.74
CA ASP HE 70 118.85 -18.90 -23.30
C ASP HE 70 119.00 -18.13 -24.62
N ALA HE 71 117.91 -18.10 -25.40
CA ALA HE 71 117.88 -17.24 -26.58
C ALA HE 71 118.11 -15.79 -26.20
N SER HE 72 117.62 -15.38 -25.02
CA SER HE 72 117.89 -14.06 -24.47
C SER HE 72 119.30 -13.93 -23.89
N GLY HE 73 120.08 -15.02 -23.88
CA GLY HE 73 121.39 -15.04 -23.27
C GLY HE 73 121.39 -15.42 -21.80
N ALA HE 74 120.27 -15.21 -21.10
CA ALA HE 74 120.18 -15.51 -19.68
C ALA HE 74 120.50 -16.98 -19.41
N ASP HE 75 121.08 -17.25 -18.25
CA ASP HE 75 121.40 -18.62 -17.88
C ASP HE 75 120.16 -19.30 -17.28
N MET HE 76 119.89 -20.51 -17.73
CA MET HE 76 118.65 -21.22 -17.42
C MET HE 76 118.99 -22.65 -17.03
N THR HE 77 118.51 -23.10 -15.87
CA THR HE 77 118.78 -24.45 -15.40
C THR HE 77 117.64 -25.37 -15.80
N ILE HE 78 117.99 -26.50 -16.42
CA ILE HE 78 117.03 -27.43 -17.01
C ILE HE 78 117.30 -28.82 -16.46
N LYS HE 79 116.24 -29.51 -16.06
CA LYS HE 79 116.36 -30.84 -15.47
C LYS HE 79 115.86 -31.90 -16.43
N ALA HE 80 116.55 -33.03 -16.49
CA ALA HE 80 116.10 -34.23 -17.16
C ALA HE 80 115.93 -35.34 -16.13
N ASN HE 81 114.87 -36.12 -16.25
CA ASN HE 81 114.53 -37.09 -15.23
C ASN HE 81 114.44 -38.49 -15.81
N ALA HE 82 114.84 -39.46 -14.99
CA ALA HE 82 114.61 -40.86 -15.27
C ALA HE 82 113.97 -41.47 -14.04
N SER HE 83 112.92 -42.25 -14.23
CA SER HE 83 112.21 -42.85 -13.11
C SER HE 83 111.97 -44.33 -13.39
N VAL HE 84 112.34 -45.17 -12.43
CA VAL HE 84 112.16 -46.61 -12.55
C VAL HE 84 111.22 -47.06 -11.44
N THR HE 85 110.33 -48.01 -11.75
CA THR HE 85 109.40 -48.55 -10.78
C THR HE 85 109.31 -50.07 -10.96
N PHE HE 86 109.59 -50.79 -9.87
CA PHE HE 86 109.47 -52.24 -9.82
C PHE HE 86 108.20 -52.58 -9.06
N SER HE 87 107.28 -53.27 -9.74
CA SER HE 87 106.09 -53.83 -9.10
C SER HE 87 106.36 -55.32 -8.93
N LEU HE 88 106.51 -55.75 -7.68
CA LEU HE 88 106.92 -57.10 -7.34
C LEU HE 88 105.89 -57.74 -6.44
N PRO HE 89 105.15 -58.72 -6.94
CA PRO HE 89 104.21 -59.46 -6.07
C PRO HE 89 104.96 -60.25 -5.02
N LYS HE 90 104.28 -60.48 -3.90
CA LYS HE 90 104.93 -61.17 -2.79
C LYS HE 90 105.32 -62.60 -3.16
N THR HE 91 104.43 -63.31 -3.84
CA THR HE 91 104.67 -64.71 -4.19
C THR HE 91 105.77 -64.87 -5.24
N TYR HE 92 106.18 -63.79 -5.89
CA TYR HE 92 107.25 -63.86 -6.89
C TYR HE 92 108.58 -64.12 -6.20
N PRO HE 93 109.40 -65.05 -6.73
CA PRO HE 93 110.64 -65.42 -6.01
C PRO HE 93 111.77 -64.41 -6.18
N ASN HE 94 112.49 -64.18 -5.08
CA ASN HE 94 113.57 -63.21 -5.06
C ASN HE 94 114.58 -63.46 -6.18
N GLU HE 95 114.81 -64.73 -6.52
CA GLU HE 95 115.73 -65.06 -7.60
C GLU HE 95 115.31 -64.43 -8.92
N HIS HE 96 114.08 -64.70 -9.36
CA HIS HE 96 113.59 -64.12 -10.61
C HIS HE 96 113.50 -62.61 -10.54
N ILE HE 97 113.35 -62.02 -9.34
CA ILE HE 97 113.43 -60.57 -9.22
C ILE HE 97 114.83 -60.07 -9.62
N THR HE 98 115.88 -60.67 -9.05
CA THR HE 98 117.24 -60.25 -9.43
C THR HE 98 117.43 -60.42 -10.93
N LYS HE 99 116.89 -61.51 -11.49
CA LYS HE 99 116.91 -61.72 -12.94
C LYS HE 99 116.30 -60.54 -13.68
N LEU HE 100 115.10 -60.11 -13.24
CA LEU HE 100 114.42 -58.98 -13.87
C LEU HE 100 115.30 -57.73 -13.84
N ARG HE 101 115.85 -57.41 -12.67
CA ARG HE 101 116.68 -56.20 -12.55
C ARG HE 101 117.87 -56.25 -13.51
N GLN HE 102 118.54 -57.40 -13.57
CA GLN HE 102 119.72 -57.49 -14.43
C GLN HE 102 119.34 -57.39 -15.91
N THR HE 103 118.25 -58.03 -16.33
CA THR HE 103 117.82 -57.89 -17.71
C THR HE 103 117.44 -56.44 -18.03
N LEU HE 104 116.91 -55.70 -17.07
CA LEU HE 104 116.63 -54.29 -17.31
C LEU HE 104 117.91 -53.49 -17.53
N ILE HE 105 118.94 -53.76 -16.72
CA ILE HE 105 120.25 -53.13 -16.95
C ILE HE 105 120.74 -53.43 -18.36
N ALA HE 106 120.67 -54.70 -18.75
CA ALA HE 106 121.12 -55.11 -20.08
C ALA HE 106 120.37 -54.34 -21.17
N TRP HE 107 119.04 -54.27 -21.04
CA TRP HE 107 118.24 -53.56 -22.04
C TRP HE 107 118.64 -52.09 -22.11
N LEU HE 108 118.81 -51.45 -20.95
CA LEU HE 108 119.18 -50.04 -20.92
C LEU HE 108 120.52 -49.79 -21.58
N GLY HE 109 121.38 -50.81 -21.65
CA GLY HE 109 122.62 -50.70 -22.40
C GLY HE 109 122.49 -50.76 -23.90
N GLN HE 110 121.42 -51.39 -24.40
CA GLN HE 110 121.28 -51.71 -25.81
C GLN HE 110 121.10 -50.46 -26.66
N GLN HE 111 121.46 -50.60 -27.95
CA GLN HE 111 121.33 -49.46 -28.84
C GLN HE 111 119.87 -49.18 -29.19
N CYS HE 112 119.03 -50.22 -29.30
CA CYS HE 112 117.63 -49.99 -29.58
C CYS HE 112 116.94 -49.18 -28.48
N VAL HE 113 117.52 -49.17 -27.29
CA VAL HE 113 117.02 -48.33 -26.21
C VAL HE 113 117.73 -46.99 -26.16
N SER HE 114 119.04 -46.97 -26.39
CA SER HE 114 119.80 -45.73 -26.28
C SER HE 114 119.43 -44.75 -27.38
N ASP HE 115 119.28 -45.23 -28.62
CA ASP HE 115 119.01 -44.33 -29.74
C ASP HE 115 117.76 -43.48 -29.53
N PRO HE 116 116.60 -44.02 -29.15
CA PRO HE 116 115.47 -43.12 -28.87
C PRO HE 116 115.65 -42.28 -27.61
N VAL HE 117 116.19 -42.86 -26.54
CA VAL HE 117 116.40 -42.11 -25.31
C VAL HE 117 117.41 -40.99 -25.53
N ASP HE 118 118.60 -41.33 -26.05
CA ASP HE 118 119.69 -40.36 -26.12
C ASP HE 118 119.42 -39.31 -27.21
N SER HE 119 119.03 -39.74 -28.40
CA SER HE 119 118.99 -38.86 -29.56
C SER HE 119 117.59 -38.60 -30.10
N GLY HE 120 116.57 -39.26 -29.57
CA GLY HE 120 115.22 -39.04 -30.05
C GLY HE 120 114.88 -39.68 -31.37
N LEU HE 121 115.74 -40.55 -31.88
CA LEU HE 121 115.46 -41.28 -33.12
C LEU HE 121 114.77 -42.59 -32.80
N ASN HE 122 113.67 -42.87 -33.50
CA ASN HE 122 112.98 -44.13 -33.31
C ASN HE 122 113.66 -45.25 -34.10
N ASN HE 123 113.31 -46.48 -33.75
CA ASN HE 123 113.88 -47.63 -34.43
C ASN HE 123 113.01 -48.01 -35.62
N TYR HE 124 113.59 -48.84 -36.50
CA TYR HE 124 112.93 -49.25 -37.74
C TYR HE 124 113.35 -50.65 -38.21
N MET IE 1 -37.26 -59.30 112.84
CA MET IE 1 -38.44 -59.80 113.54
C MET IE 1 -39.47 -60.37 112.57
N ARG IE 2 -40.05 -61.51 112.90
CA ARG IE 2 -41.17 -62.03 112.13
C ARG IE 2 -42.36 -61.09 112.24
N LEU IE 3 -42.74 -60.48 111.13
CA LEU IE 3 -43.77 -59.45 111.14
C LEU IE 3 -45.11 -60.01 111.56
N THR IE 4 -45.84 -59.20 112.33
CA THR IE 4 -47.20 -59.51 112.72
C THR IE 4 -47.98 -58.21 112.73
N ASP IE 5 -49.30 -58.31 112.58
CA ASP IE 5 -50.15 -57.14 112.71
C ASP IE 5 -49.83 -56.43 114.00
N VAL IE 6 -50.00 -55.11 114.01
CA VAL IE 6 -49.51 -54.28 115.11
C VAL IE 6 -50.68 -53.48 115.67
N ASP IE 7 -50.74 -53.39 116.99
CA ASP IE 7 -51.72 -52.56 117.67
C ASP IE 7 -50.98 -51.55 118.50
N LEU IE 8 -51.22 -50.26 118.23
CA LEU IE 8 -50.54 -49.15 118.87
C LEU IE 8 -51.49 -48.45 119.83
N THR IE 9 -50.99 -48.08 120.99
CA THR IE 9 -51.74 -47.25 121.91
C THR IE 9 -51.37 -45.80 121.62
N VAL IE 10 -52.35 -45.00 121.23
CA VAL IE 10 -52.13 -43.64 120.76
C VAL IE 10 -52.95 -42.70 121.63
N GLY IE 11 -52.29 -41.99 122.54
CA GLY IE 11 -53.01 -41.14 123.46
C GLY IE 11 -54.00 -41.97 124.24
N GLU IE 12 -55.29 -41.75 123.99
CA GLU IE 12 -56.33 -42.46 124.70
C GLU IE 12 -57.17 -43.33 123.77
N GLU IE 13 -56.63 -43.66 122.60
CA GLU IE 13 -57.30 -44.51 121.63
C GLU IE 13 -56.34 -45.64 121.27
N THR IE 14 -56.85 -46.65 120.57
CA THR IE 14 -56.01 -47.75 120.09
C THR IE 14 -56.16 -47.86 118.58
N ARG IE 15 -55.02 -47.87 117.90
CA ARG IE 15 -54.94 -47.89 116.44
C ARG IE 15 -54.40 -49.24 115.98
N GLU IE 16 -55.08 -49.85 115.03
CA GLU IE 16 -54.74 -51.21 114.59
C GLU IE 16 -54.27 -51.19 113.14
N TYR IE 17 -53.06 -51.69 112.91
CA TYR IE 17 -52.46 -51.80 111.60
C TYR IE 17 -52.28 -53.26 111.23
N ALA IE 18 -52.32 -53.52 109.92
CA ALA IE 18 -52.12 -54.85 109.37
C ALA IE 18 -51.02 -54.81 108.32
N VAL IE 19 -50.24 -55.90 108.25
CA VAL IE 19 -49.16 -56.00 107.28
C VAL IE 19 -49.73 -55.97 105.87
N SER IE 20 -49.22 -55.06 105.05
CA SER IE 20 -49.62 -54.96 103.64
C SER IE 20 -48.58 -55.52 102.67
N GLU IE 21 -47.28 -55.28 102.91
CA GLU IE 21 -46.29 -55.99 102.10
C GLU IE 21 -44.96 -56.01 102.85
N GLN IE 22 -44.15 -57.03 102.56
CA GLN IE 22 -42.83 -57.15 103.15
C GLN IE 22 -41.84 -57.57 102.08
N GLN IE 23 -40.80 -56.78 101.90
CA GLN IE 23 -39.70 -57.08 101.00
C GLN IE 23 -38.46 -57.34 101.84
N GLY IE 24 -37.33 -57.50 101.15
CA GLY IE 24 -36.10 -57.82 101.86
C GLY IE 24 -35.71 -56.73 102.85
N THR IE 25 -35.78 -55.47 102.41
CA THR IE 25 -35.40 -54.33 103.23
C THR IE 25 -36.52 -53.31 103.37
N LEU IE 26 -37.75 -53.70 103.08
CA LEU IE 26 -38.88 -52.77 103.11
C LEU IE 26 -40.12 -53.49 103.63
N PHE IE 27 -40.95 -52.76 104.38
CA PHE IE 27 -42.26 -53.26 104.75
C PHE IE 27 -43.27 -52.11 104.84
N ARG IE 28 -44.54 -52.48 104.78
CA ARG IE 28 -45.64 -51.53 104.78
C ARG IE 28 -46.83 -52.12 105.52
N PHE IE 29 -47.35 -51.35 106.47
CA PHE IE 29 -48.59 -51.57 107.20
C PHE IE 29 -49.67 -50.60 106.73
N VAL IE 30 -50.92 -51.05 106.87
CA VAL IE 30 -52.09 -50.24 106.56
C VAL IE 30 -53.00 -50.19 107.79
N ASP IE 31 -53.63 -49.02 108.03
CA ASP IE 31 -54.59 -48.88 109.13
C ASP IE 31 -55.83 -49.70 108.82
N LYS IE 32 -56.18 -50.60 109.75
CA LYS IE 32 -57.34 -51.47 109.57
C LYS IE 32 -58.65 -50.70 109.49
N SER IE 33 -58.65 -49.40 109.81
CA SER IE 33 -59.85 -48.58 109.71
C SER IE 33 -60.30 -48.38 108.26
N GLY IE 34 -59.44 -48.68 107.28
CA GLY IE 34 -59.64 -48.24 105.92
C GLY IE 34 -59.76 -49.37 104.91
N THR IE 35 -60.16 -48.98 103.70
CA THR IE 35 -60.32 -49.83 102.54
C THR IE 35 -59.24 -49.49 101.52
N VAL IE 36 -59.04 -50.39 100.55
CA VAL IE 36 -58.37 -50.02 99.32
C VAL IE 36 -58.96 -48.72 98.79
N ALA IE 37 -60.30 -48.66 98.71
CA ALA IE 37 -60.99 -47.48 98.22
C ALA IE 37 -60.69 -46.26 99.08
N ASN IE 38 -61.08 -46.31 100.35
CA ASN IE 38 -60.86 -45.20 101.26
C ASN IE 38 -59.81 -45.62 102.29
N ASN IE 39 -58.67 -44.92 102.28
CA ASN IE 39 -57.55 -45.25 103.15
C ASN IE 39 -57.53 -44.32 104.36
N THR IE 40 -57.25 -44.89 105.53
CA THR IE 40 -57.18 -44.13 106.76
C THR IE 40 -55.77 -43.90 107.28
N GLY IE 41 -54.79 -44.69 106.82
CA GLY IE 41 -53.43 -44.52 107.30
C GLY IE 41 -52.46 -45.53 106.72
N VAL IE 42 -51.21 -45.12 106.55
CA VAL IE 42 -50.20 -46.01 106.00
C VAL IE 42 -48.88 -45.76 106.72
N PHE IE 43 -48.10 -46.84 106.89
CA PHE IE 43 -46.77 -46.74 107.45
C PHE IE 43 -45.83 -47.61 106.63
N SER IE 44 -44.66 -47.05 106.30
CA SER IE 44 -43.69 -47.76 105.50
C SER IE 44 -42.29 -47.52 106.06
N LEU IE 45 -41.44 -48.55 105.98
CA LEU IE 45 -40.07 -48.47 106.49
C LEU IE 45 -39.14 -49.20 105.54
N GLU IE 46 -37.99 -48.58 105.23
CA GLU IE 46 -36.99 -49.15 104.32
C GLU IE 46 -35.59 -48.88 104.86
N GLN IE 47 -34.72 -49.90 104.79
CA GLN IE 47 -33.32 -49.76 105.16
C GLN IE 47 -32.43 -49.85 103.93
N ARG IE 48 -31.41 -49.01 103.89
CA ARG IE 48 -30.44 -48.94 102.80
C ARG IE 48 -29.06 -49.08 103.43
N PHE IE 49 -28.51 -50.28 103.34
CA PHE IE 49 -27.16 -50.60 103.80
C PHE IE 49 -26.17 -50.17 102.73
N GLY IE 50 -25.35 -49.15 103.03
CA GLY IE 50 -24.39 -48.64 102.07
C GLY IE 50 -23.10 -49.45 102.04
N ALA IE 51 -22.09 -48.88 101.39
CA ALA IE 51 -20.76 -49.48 101.45
C ALA IE 51 -20.14 -49.28 102.84
N ALA IE 52 -19.01 -49.94 103.07
CA ALA IE 52 -18.38 -49.90 104.39
C ALA IE 52 -17.92 -48.50 104.78
N ASN IE 53 -17.70 -47.62 103.79
CA ASN IE 53 -17.43 -46.22 104.08
C ASN IE 53 -18.71 -45.40 104.22
N SER IE 54 -19.85 -45.95 103.82
CA SER IE 54 -21.13 -45.24 103.87
C SER IE 54 -21.88 -45.57 105.15
N ASN IE 55 -22.67 -44.62 105.61
CA ASN IE 55 -23.59 -44.86 106.71
C ASN IE 55 -24.81 -45.60 106.20
N ARG IE 56 -25.26 -46.61 106.94
CA ARG IE 56 -26.54 -47.20 106.59
C ARG IE 56 -27.65 -46.23 106.98
N LYS IE 57 -28.74 -46.29 106.24
CA LYS IE 57 -29.81 -45.33 106.41
C LYS IE 57 -31.14 -46.08 106.55
N VAL IE 58 -32.04 -45.52 107.36
CA VAL IE 58 -33.32 -46.15 107.64
C VAL IE 58 -34.38 -45.07 107.58
N THR IE 59 -35.39 -45.26 106.74
CA THR IE 59 -36.39 -44.22 106.52
C THR IE 59 -37.80 -44.73 106.72
N MET IE 60 -38.62 -43.92 107.39
CA MET IE 60 -40.00 -44.22 107.71
C MET IE 60 -40.90 -43.11 107.16
N LEU IE 61 -42.03 -43.53 106.62
CA LEU IE 61 -43.07 -42.60 106.18
C LEU IE 61 -44.40 -43.01 106.80
N LEU IE 62 -45.02 -42.08 107.51
CA LEU IE 62 -46.34 -42.25 108.12
C LEU IE 62 -47.27 -41.26 107.46
N THR IE 63 -48.33 -41.76 106.83
CA THR IE 63 -49.30 -40.93 106.13
C THR IE 63 -50.67 -41.09 106.76
N ASP IE 64 -51.29 -39.96 107.12
CA ASP IE 64 -52.64 -39.93 107.69
C ASP IE 64 -53.53 -39.07 106.83
N PRO IE 65 -54.40 -39.67 106.03
CA PRO IE 65 -55.39 -38.90 105.29
C PRO IE 65 -56.67 -38.73 106.07
N VAL IE 66 -57.29 -37.56 105.88
CA VAL IE 66 -58.54 -37.18 106.54
C VAL IE 66 -59.46 -36.57 105.47
N VAL IE 67 -60.75 -36.82 105.60
CA VAL IE 67 -61.72 -36.19 104.73
C VAL IE 67 -62.17 -34.88 105.36
N VAL IE 68 -62.11 -33.81 104.59
CA VAL IE 68 -62.44 -32.46 105.03
C VAL IE 68 -63.50 -31.89 104.10
N LYS IE 69 -64.34 -31.00 104.64
CA LYS IE 69 -65.34 -30.30 103.86
C LYS IE 69 -64.67 -29.27 102.97
N ASP IE 70 -65.14 -29.19 101.73
CA ASP IE 70 -64.68 -28.18 100.81
C ASP IE 70 -65.28 -26.82 101.18
N ALA IE 71 -64.66 -25.75 100.66
CA ALA IE 71 -65.27 -24.43 100.81
C ALA IE 71 -66.62 -24.36 100.13
N SER IE 72 -66.81 -25.12 99.04
CA SER IE 72 -68.11 -25.29 98.43
C SER IE 72 -68.97 -26.29 99.20
N GLY IE 73 -68.34 -27.23 99.89
CA GLY IE 73 -69.05 -28.27 100.63
C GLY IE 73 -68.75 -29.68 100.19
N ALA IE 74 -68.06 -29.86 99.06
CA ALA IE 74 -67.75 -31.19 98.58
C ALA IE 74 -66.83 -31.94 99.55
N ASP IE 75 -66.82 -33.26 99.41
CA ASP IE 75 -65.94 -34.10 100.21
C ASP IE 75 -64.57 -34.15 99.56
N MET IE 76 -63.52 -33.86 100.33
CA MET IE 76 -62.17 -33.79 99.77
C MET IE 76 -61.21 -34.49 100.72
N THR IE 77 -60.29 -35.29 100.19
CA THR IE 77 -59.34 -36.02 101.03
C THR IE 77 -58.00 -35.31 101.05
N ILE IE 78 -57.45 -35.12 102.26
CA ILE IE 78 -56.23 -34.36 102.49
C ILE IE 78 -55.30 -35.23 103.34
N LYS IE 79 -54.06 -35.37 102.89
CA LYS IE 79 -53.07 -36.19 103.58
C LYS IE 79 -52.10 -35.30 104.35
N ALA IE 80 -51.66 -35.81 105.51
CA ALA IE 80 -50.58 -35.21 106.29
C ALA IE 80 -49.47 -36.25 106.44
N ASN IE 81 -48.23 -35.83 106.24
CA ASN IE 81 -47.11 -36.76 106.18
C ASN IE 81 -46.15 -36.49 107.31
N ALA IE 82 -45.54 -37.56 107.83
CA ALA IE 82 -44.42 -37.44 108.74
C ALA IE 82 -43.37 -38.44 108.29
N SER IE 83 -42.11 -38.00 108.24
CA SER IE 83 -41.05 -38.87 107.75
C SER IE 83 -39.85 -38.78 108.67
N VAL IE 84 -39.30 -39.94 109.04
CA VAL IE 84 -38.13 -40.02 109.90
C VAL IE 84 -37.02 -40.69 109.10
N THR IE 85 -35.78 -40.23 109.34
CA THR IE 85 -34.61 -40.83 108.69
C THR IE 85 -33.48 -40.93 109.70
N PHE IE 86 -33.01 -42.15 109.92
CA PHE IE 86 -31.87 -42.45 110.79
C PHE IE 86 -30.65 -42.66 109.91
N SER IE 87 -29.64 -41.80 110.08
CA SER IE 87 -28.34 -41.98 109.45
C SER IE 87 -27.40 -42.53 110.51
N LEU IE 88 -27.01 -43.79 110.34
CA LEU IE 88 -26.25 -44.54 111.33
C LEU IE 88 -24.96 -45.04 110.69
N PRO IE 89 -23.82 -44.49 111.07
CA PRO IE 89 -22.53 -45.01 110.61
C PRO IE 89 -22.28 -46.41 111.15
N LYS IE 90 -21.46 -47.16 110.43
CA LYS IE 90 -21.21 -48.55 110.75
C LYS IE 90 -20.11 -48.74 111.78
N THR IE 91 -19.54 -47.65 112.29
CA THR IE 91 -18.66 -47.67 113.44
C THR IE 91 -19.36 -47.22 114.71
N TYR IE 92 -20.62 -46.82 114.60
CA TYR IE 92 -21.42 -46.36 115.73
C TYR IE 92 -22.03 -47.56 116.44
N PRO IE 93 -21.99 -47.60 117.77
CA PRO IE 93 -22.47 -48.79 118.49
C PRO IE 93 -23.99 -48.88 118.59
N ASN IE 94 -24.46 -50.13 118.51
CA ASN IE 94 -25.90 -50.38 118.50
C ASN IE 94 -26.57 -49.84 119.76
N GLU IE 95 -25.88 -49.93 120.90
CA GLU IE 95 -26.42 -49.38 122.14
C GLU IE 95 -26.80 -47.92 121.97
N HIS IE 96 -25.85 -47.10 121.47
CA HIS IE 96 -26.13 -45.69 121.32
C HIS IE 96 -27.15 -45.43 120.22
N ILE IE 97 -27.30 -46.32 119.24
CA ILE IE 97 -28.42 -46.18 118.31
C ILE IE 97 -29.75 -46.31 119.06
N THR IE 98 -29.85 -47.29 119.93
CA THR IE 98 -31.08 -47.43 120.73
C THR IE 98 -31.30 -46.20 121.59
N LYS IE 99 -30.25 -45.70 122.23
CA LYS IE 99 -30.32 -44.46 123.00
C LYS IE 99 -30.86 -43.33 122.14
N LEU IE 100 -30.37 -43.19 120.92
CA LEU IE 100 -30.80 -42.15 120.01
C LEU IE 100 -32.30 -42.27 119.71
N ARG IE 101 -32.74 -43.48 119.36
CA ARG IE 101 -34.16 -43.69 119.05
C ARG IE 101 -35.05 -43.31 120.23
N GLN IE 102 -34.64 -43.70 121.44
CA GLN IE 102 -35.46 -43.40 122.60
C GLN IE 102 -35.48 -41.90 122.91
N THR IE 103 -34.33 -41.23 122.79
CA THR IE 103 -34.32 -39.77 122.97
C THR IE 103 -35.21 -39.08 121.95
N LEU IE 104 -35.27 -39.61 120.73
CA LEU IE 104 -36.16 -39.04 119.73
C LEU IE 104 -37.62 -39.20 120.14
N ILE IE 105 -37.98 -40.38 120.65
CA ILE IE 105 -39.34 -40.57 121.14
C ILE IE 105 -39.66 -39.56 122.23
N ALA IE 106 -38.74 -39.41 123.18
CA ALA IE 106 -38.94 -38.46 124.28
C ALA IE 106 -39.12 -37.04 123.76
N TRP IE 107 -38.29 -36.64 122.79
CA TRP IE 107 -38.40 -35.30 122.22
C TRP IE 107 -39.74 -35.11 121.53
N LEU IE 108 -40.18 -36.10 120.76
CA LEU IE 108 -41.48 -36.02 120.10
C LEU IE 108 -42.62 -35.92 121.09
N GLY IE 109 -42.40 -36.36 122.32
CA GLY IE 109 -43.37 -36.16 123.38
C GLY IE 109 -43.44 -34.74 123.91
N GLN IE 110 -42.35 -33.99 123.81
CA GLN IE 110 -42.21 -32.71 124.50
C GLN IE 110 -43.19 -31.67 123.98
N GLN IE 111 -43.50 -30.71 124.85
CA GLN IE 111 -44.41 -29.64 124.45
C GLN IE 111 -43.74 -28.69 123.47
N CYS IE 112 -42.43 -28.45 123.63
CA CYS IE 112 -41.74 -27.55 122.71
C CYS IE 112 -41.66 -28.11 121.30
N VAL IE 113 -41.80 -29.43 121.15
CA VAL IE 113 -41.97 -30.02 119.82
C VAL IE 113 -43.44 -30.08 119.44
N SER IE 114 -44.33 -30.26 120.41
CA SER IE 114 -45.75 -30.42 120.12
C SER IE 114 -46.36 -29.13 119.58
N ASP IE 115 -46.05 -27.99 120.20
CA ASP IE 115 -46.70 -26.73 119.82
C ASP IE 115 -46.49 -26.37 118.35
N PRO IE 116 -45.27 -26.34 117.80
CA PRO IE 116 -45.15 -26.05 116.36
C PRO IE 116 -45.78 -27.11 115.48
N VAL IE 117 -45.57 -28.39 115.79
CA VAL IE 117 -46.12 -29.47 114.98
C VAL IE 117 -47.65 -29.44 115.04
N ASP IE 118 -48.21 -29.56 116.24
CA ASP IE 118 -49.64 -29.77 116.36
C ASP IE 118 -50.43 -28.52 115.98
N SER IE 119 -49.98 -27.34 116.40
CA SER IE 119 -50.78 -26.13 116.26
C SER IE 119 -50.13 -25.02 115.44
N GLY IE 120 -48.84 -25.12 115.14
CA GLY IE 120 -48.16 -24.10 114.37
C GLY IE 120 -47.57 -22.97 115.19
N LEU IE 121 -47.75 -22.97 116.49
CA LEU IE 121 -47.16 -21.93 117.33
C LEU IE 121 -45.66 -22.20 117.50
N ASN IE 122 -44.86 -21.16 117.29
CA ASN IE 122 -43.44 -21.27 117.61
C ASN IE 122 -43.18 -21.01 119.09
N ASN IE 123 -42.06 -21.55 119.57
CA ASN IE 123 -41.68 -21.30 120.96
C ASN IE 123 -40.91 -20.00 121.07
N TYR IE 124 -40.85 -19.47 122.29
CA TYR IE 124 -40.22 -18.17 122.51
C TYR IE 124 -39.36 -18.14 123.77
N MET JE 1 -37.21 -74.04 103.66
CA MET JE 1 -37.52 -74.20 105.08
C MET JE 1 -38.01 -72.88 105.66
N ARG JE 2 -38.63 -72.95 106.83
CA ARG JE 2 -39.05 -71.74 107.55
C ARG JE 2 -37.88 -71.24 108.38
N LEU JE 3 -37.32 -70.09 107.99
CA LEU JE 3 -36.13 -69.57 108.62
C LEU JE 3 -36.33 -69.30 110.11
N THR JE 4 -35.40 -69.80 110.91
CA THR JE 4 -35.35 -69.58 112.33
C THR JE 4 -33.91 -69.26 112.70
N ASP JE 5 -33.74 -68.47 113.76
CA ASP JE 5 -32.39 -68.16 114.23
C ASP JE 5 -31.62 -69.45 114.44
N VAL JE 6 -30.32 -69.42 114.17
CA VAL JE 6 -29.53 -70.64 114.08
C VAL JE 6 -28.41 -70.55 115.09
N ASP JE 7 -28.10 -71.69 115.72
CA ASP JE 7 -26.96 -71.80 116.61
C ASP JE 7 -26.04 -72.90 116.11
N LEU JE 8 -24.80 -72.54 115.83
CA LEU JE 8 -23.81 -73.42 115.24
C LEU JE 8 -22.80 -73.81 116.30
N THR JE 9 -22.48 -75.11 116.33
CA THR JE 9 -21.43 -75.60 117.20
C THR JE 9 -20.13 -75.53 116.42
N VAL JE 10 -19.23 -74.65 116.83
CA VAL JE 10 -18.01 -74.35 116.11
C VAL JE 10 -16.84 -74.74 117.01
N GLY JE 11 -16.26 -75.91 116.74
CA GLY JE 11 -15.22 -76.43 117.61
C GLY JE 11 -15.76 -76.61 119.01
N GLU JE 12 -15.28 -75.81 119.95
CA GLU JE 12 -15.73 -75.89 121.33
C GLU JE 12 -16.51 -74.67 121.75
N GLU JE 13 -17.01 -73.90 120.79
CA GLU JE 13 -17.75 -72.68 121.07
C GLU JE 13 -19.09 -72.78 120.36
N THR JE 14 -20.01 -71.87 120.68
CA THR JE 14 -21.30 -71.82 120.02
C THR JE 14 -21.51 -70.42 119.45
N ARG JE 15 -21.66 -70.34 118.14
CA ARG JE 15 -22.00 -69.11 117.45
C ARG JE 15 -23.51 -69.02 117.30
N GLU JE 16 -24.06 -67.81 117.45
CA GLU JE 16 -25.51 -67.62 117.46
C GLU JE 16 -25.90 -66.54 116.47
N TYR JE 17 -26.54 -66.94 115.38
CA TYR JE 17 -26.94 -66.04 114.31
C TYR JE 17 -28.44 -65.81 114.35
N ALA JE 18 -28.83 -64.59 113.96
CA ALA JE 18 -30.22 -64.17 113.86
C ALA JE 18 -30.55 -63.78 112.42
N VAL JE 19 -31.76 -64.11 112.00
CA VAL JE 19 -32.20 -63.76 110.65
C VAL JE 19 -32.20 -62.25 110.50
N SER JE 20 -31.52 -61.76 109.46
CA SER JE 20 -31.43 -60.33 109.19
C SER JE 20 -32.15 -59.88 107.93
N GLU JE 21 -32.26 -60.73 106.90
CA GLU JE 21 -33.21 -60.40 105.85
C GLU JE 21 -33.57 -61.65 105.06
N GLN JE 22 -34.80 -61.65 104.52
CA GLN JE 22 -35.30 -62.73 103.68
C GLN JE 22 -35.95 -62.11 102.45
N GLN JE 23 -35.40 -62.41 101.28
CA GLN JE 23 -35.99 -62.01 100.01
C GLN JE 23 -36.56 -63.23 99.33
N GLY JE 24 -36.82 -63.13 98.04
CA GLY JE 24 -37.34 -64.25 97.30
C GLY JE 24 -36.36 -65.40 97.32
N THR JE 25 -35.16 -65.17 96.77
CA THR JE 25 -34.16 -66.20 96.61
C THR JE 25 -32.92 -65.96 97.47
N LEU JE 26 -32.97 -64.97 98.36
CA LEU JE 26 -31.82 -64.56 99.15
C LEU JE 26 -32.19 -64.46 100.62
N PHE JE 27 -31.26 -64.84 101.49
CA PHE JE 27 -31.41 -64.64 102.92
C PHE JE 27 -30.07 -64.25 103.53
N ARG JE 28 -30.15 -63.70 104.73
CA ARG JE 28 -28.97 -63.21 105.43
C ARG JE 28 -29.17 -63.32 106.93
N PHE JE 29 -28.22 -63.99 107.59
CA PHE JE 29 -28.08 -64.10 109.03
C PHE JE 29 -26.96 -63.20 109.52
N VAL JE 30 -26.99 -62.92 110.82
CA VAL JE 30 -26.08 -61.97 111.45
C VAL JE 30 -25.68 -62.50 112.82
N ASP JE 31 -24.39 -62.40 113.15
CA ASP JE 31 -23.90 -62.86 114.45
C ASP JE 31 -24.51 -62.04 115.58
N LYS JE 32 -25.27 -62.69 116.45
CA LYS JE 32 -25.94 -61.99 117.54
C LYS JE 32 -24.95 -61.29 118.45
N SER JE 33 -23.75 -61.84 118.60
CA SER JE 33 -22.73 -61.31 119.49
C SER JE 33 -22.11 -60.01 119.00
N GLY JE 34 -22.63 -59.42 117.92
CA GLY JE 34 -22.03 -58.20 117.40
C GLY JE 34 -22.50 -56.98 118.17
N THR JE 35 -21.54 -56.11 118.47
CA THR JE 35 -21.85 -54.86 119.16
C THR JE 35 -22.00 -53.69 118.19
N VAL JE 36 -21.22 -53.67 117.12
CA VAL JE 36 -21.26 -52.62 116.13
C VAL JE 36 -21.47 -53.29 114.77
N ALA JE 37 -21.92 -52.50 113.80
CA ALA JE 37 -22.07 -52.99 112.44
C ALA JE 37 -20.76 -53.61 111.93
N ASN JE 38 -19.64 -52.88 112.07
CA ASN JE 38 -18.35 -53.40 111.64
C ASN JE 38 -17.87 -54.55 112.50
N ASN JE 39 -18.22 -54.55 113.78
CA ASN JE 39 -17.91 -55.67 114.66
C ASN JE 39 -18.61 -56.95 114.19
N THR JE 40 -19.74 -56.82 113.51
CA THR JE 40 -20.69 -57.92 113.35
C THR JE 40 -20.38 -58.80 112.15
N GLY JE 41 -20.21 -60.10 112.41
CA GLY JE 41 -20.09 -61.06 111.32
C GLY JE 41 -21.43 -61.37 110.68
N VAL JE 42 -21.39 -61.80 109.42
CA VAL JE 42 -22.61 -62.03 108.66
C VAL JE 42 -22.45 -63.25 107.76
N PHE JE 43 -23.61 -63.78 107.36
CA PHE JE 43 -23.66 -64.91 106.43
C PHE JE 43 -24.85 -64.73 105.51
N SER JE 44 -24.61 -64.86 104.22
CA SER JE 44 -25.65 -64.61 103.23
C SER JE 44 -25.64 -65.71 102.19
N LEU JE 45 -26.82 -66.03 101.66
CA LEU JE 45 -26.97 -67.05 100.63
C LEU JE 45 -28.01 -66.62 99.62
N GLU JE 46 -27.75 -66.92 98.35
CA GLU JE 46 -28.63 -66.54 97.24
C GLU JE 46 -28.61 -67.64 96.19
N GLN JE 47 -29.79 -67.99 95.70
CA GLN JE 47 -29.90 -68.94 94.60
C GLN JE 47 -30.33 -68.20 93.33
N ARG JE 48 -29.68 -68.54 92.22
CA ARG JE 48 -29.96 -68.01 90.90
C ARG JE 48 -30.34 -69.20 90.03
N PHE JE 49 -31.64 -69.38 89.83
CA PHE JE 49 -32.16 -70.44 88.98
C PHE JE 49 -32.13 -69.97 87.54
N GLY JE 50 -31.47 -70.72 86.67
CA GLY JE 50 -31.32 -70.35 85.28
C GLY JE 50 -32.42 -70.88 84.39
N ALA JE 51 -32.24 -70.69 83.09
CA ALA JE 51 -33.12 -71.32 82.12
C ALA JE 51 -32.88 -72.84 82.11
N ALA JE 52 -33.67 -73.56 81.31
CA ALA JE 52 -33.57 -75.01 81.31
C ALA JE 52 -32.24 -75.50 80.74
N ASN JE 53 -31.60 -74.71 79.88
CA ASN JE 53 -30.27 -75.05 79.40
C ASN JE 53 -29.18 -74.63 80.36
N SER JE 54 -29.51 -73.83 81.38
CA SER JE 54 -28.53 -73.35 82.34
C SER JE 54 -28.47 -74.27 83.56
N ASN JE 55 -27.44 -74.05 84.37
CA ASN JE 55 -27.33 -74.68 85.68
C ASN JE 55 -27.79 -73.67 86.73
N ARG JE 56 -28.51 -74.15 87.73
CA ARG JE 56 -28.81 -73.25 88.84
C ARG JE 56 -27.54 -73.09 89.68
N LYS JE 57 -27.39 -71.90 90.25
CA LYS JE 57 -26.20 -71.58 91.03
C LYS JE 57 -26.61 -71.10 92.41
N VAL JE 58 -25.95 -71.60 93.44
CA VAL JE 58 -26.18 -71.16 94.80
C VAL JE 58 -24.88 -70.60 95.35
N THR JE 59 -24.93 -69.40 95.90
CA THR JE 59 -23.74 -68.75 96.40
C THR JE 59 -23.93 -68.35 97.86
N MET JE 60 -22.86 -68.47 98.63
CA MET JE 60 -22.83 -68.11 100.04
C MET JE 60 -21.60 -67.27 100.32
N LEU JE 61 -21.79 -66.26 101.15
CA LEU JE 61 -20.71 -65.43 101.64
C LEU JE 61 -20.74 -65.39 103.17
N LEU JE 62 -19.60 -65.70 103.78
CA LEU JE 62 -19.41 -65.65 105.22
C LEU JE 62 -18.33 -64.62 105.52
N THR JE 63 -18.67 -63.62 106.32
CA THR JE 63 -17.76 -62.53 106.67
C THR JE 63 -17.56 -62.50 108.17
N ASP JE 64 -16.29 -62.58 108.59
CA ASP JE 64 -15.93 -62.58 110.02
C ASP JE 64 -14.91 -61.48 110.29
N PRO JE 65 -15.35 -60.31 110.70
CA PRO JE 65 -14.42 -59.25 111.08
C PRO JE 65 -13.89 -59.42 112.50
N VAL JE 66 -12.68 -58.88 112.73
CA VAL JE 66 -12.01 -58.90 114.02
C VAL JE 66 -11.34 -57.55 114.24
N VAL JE 67 -11.21 -57.16 115.52
CA VAL JE 67 -10.58 -55.89 115.86
C VAL JE 67 -9.09 -56.11 116.15
N VAL JE 68 -8.24 -55.33 115.48
CA VAL JE 68 -6.80 -55.37 115.68
C VAL JE 68 -6.28 -54.00 116.12
N MET JE 76 -8.38 -50.64 114.50
CA MET JE 76 -8.82 -51.05 113.16
C MET JE 76 -9.52 -52.42 113.19
N THR JE 77 -10.52 -52.60 112.32
CA THR JE 77 -11.23 -53.86 112.17
C THR JE 77 -10.95 -54.44 110.78
N ILE JE 78 -10.58 -55.71 110.74
CA ILE JE 78 -10.13 -56.41 109.55
C ILE JE 78 -11.11 -57.53 109.26
N LYS JE 79 -11.52 -57.64 107.99
CA LYS JE 79 -12.55 -58.59 107.58
C LYS JE 79 -11.94 -59.70 106.72
N ALA JE 80 -12.34 -60.95 107.00
CA ALA JE 80 -11.96 -62.11 106.20
C ALA JE 80 -13.22 -62.79 105.67
N ASN JE 81 -13.13 -63.27 104.42
CA ASN JE 81 -14.31 -63.78 103.72
C ASN JE 81 -14.10 -65.23 103.30
N ALA JE 82 -15.15 -66.02 103.42
CA ALA JE 82 -15.23 -67.31 102.76
C ALA JE 82 -16.45 -67.28 101.83
N SER JE 83 -16.28 -67.78 100.61
CA SER JE 83 -17.37 -67.77 99.65
C SER JE 83 -17.46 -69.13 98.99
N VAL JE 84 -18.65 -69.73 99.04
CA VAL JE 84 -18.91 -71.03 98.43
C VAL JE 84 -19.89 -70.82 97.28
N THR JE 85 -19.72 -71.57 96.21
CA THR JE 85 -20.61 -71.51 95.05
C THR JE 85 -20.83 -72.92 94.53
N PHE JE 86 -22.10 -73.34 94.47
CA PHE JE 86 -22.52 -74.63 93.95
C PHE JE 86 -23.12 -74.42 92.57
N SER JE 87 -22.50 -74.99 91.55
CA SER JE 87 -23.04 -75.00 90.19
C SER JE 87 -23.66 -76.38 89.96
N LEU JE 88 -24.98 -76.40 89.82
CA LEU JE 88 -25.74 -77.65 89.80
C LEU JE 88 -26.58 -77.70 88.55
N PRO JE 89 -26.29 -78.59 87.61
CA PRO JE 89 -27.17 -78.79 86.45
C PRO JE 89 -28.50 -79.39 86.88
N LYS JE 90 -29.55 -79.04 86.15
CA LYS JE 90 -30.88 -79.46 86.57
C LYS JE 90 -31.07 -80.96 86.46
N THR JE 91 -30.54 -81.57 85.39
CA THR JE 91 -30.65 -83.02 85.21
C THR JE 91 -29.88 -83.79 86.28
N TYR JE 92 -28.96 -83.14 86.99
CA TYR JE 92 -28.16 -83.80 88.01
C TYR JE 92 -29.04 -84.17 89.21
N PRO JE 93 -28.90 -85.38 89.77
CA PRO JE 93 -29.86 -85.86 90.78
C PRO JE 93 -29.64 -85.29 92.17
N ASN JE 94 -30.76 -84.95 92.82
CA ASN JE 94 -30.72 -84.31 94.13
C ASN JE 94 -29.93 -85.14 95.15
N GLU JE 95 -30.01 -86.46 95.05
CA GLU JE 95 -29.26 -87.31 95.97
C GLU JE 95 -27.76 -87.06 95.85
N HIS JE 96 -27.23 -87.10 94.63
CA HIS JE 96 -25.81 -86.84 94.42
C HIS JE 96 -25.43 -85.41 94.79
N ILE JE 97 -26.37 -84.45 94.73
CA ILE JE 97 -26.06 -83.11 95.24
C ILE JE 97 -25.83 -83.14 96.76
N THR JE 98 -26.75 -83.80 97.50
CA THR JE 98 -26.55 -83.92 98.95
C THR JE 98 -25.19 -84.55 99.23
N LYS JE 99 -24.83 -85.58 98.45
CA LYS JE 99 -23.51 -86.18 98.55
C LYS JE 99 -22.39 -85.15 98.38
N LEU JE 100 -22.47 -84.37 97.30
CA LEU JE 100 -21.45 -83.37 97.03
C LEU JE 100 -21.26 -82.42 98.21
N ARG JE 101 -22.37 -81.89 98.74
CA ARG JE 101 -22.29 -80.97 99.87
C ARG JE 101 -21.59 -81.63 101.07
N GLN JE 102 -21.98 -82.86 101.38
CA GLN JE 102 -21.39 -83.52 102.55
C GLN JE 102 -19.90 -83.75 102.36
N THR JE 103 -19.48 -84.15 101.15
CA THR JE 103 -18.05 -84.37 100.92
C THR JE 103 -17.27 -83.07 100.97
N LEU JE 104 -17.88 -81.95 100.58
CA LEU JE 104 -17.19 -80.67 100.76
C LEU JE 104 -16.98 -80.37 102.24
N ILE JE 105 -18.00 -80.63 103.07
CA ILE JE 105 -17.82 -80.49 104.51
C ILE JE 105 -16.65 -81.33 105.00
N ALA JE 106 -16.63 -82.60 104.60
CA ALA JE 106 -15.56 -83.50 105.01
C ALA JE 106 -14.19 -82.97 104.59
N TRP JE 107 -14.09 -82.47 103.36
CA TRP JE 107 -12.82 -81.93 102.87
C TRP JE 107 -12.38 -80.74 103.71
N LEU JE 108 -13.29 -79.80 103.96
CA LEU JE 108 -12.99 -78.64 104.79
C LEU JE 108 -12.56 -79.03 106.19
N GLY JE 109 -12.87 -80.26 106.62
CA GLY JE 109 -12.34 -80.78 107.86
C GLY JE 109 -10.86 -81.13 107.86
N GLN JE 110 -10.34 -81.56 106.72
CA GLN JE 110 -9.06 -82.25 106.65
C GLN JE 110 -7.86 -81.31 106.87
N GLN JE 111 -6.74 -81.92 107.26
CA GLN JE 111 -5.53 -81.14 107.52
C GLN JE 111 -4.98 -80.51 106.25
N CYS JE 112 -5.01 -81.26 105.14
CA CYS JE 112 -4.48 -80.72 103.90
C CYS JE 112 -5.21 -79.46 103.45
N VAL JE 113 -6.40 -79.22 104.00
CA VAL JE 113 -7.14 -77.99 103.74
C VAL JE 113 -6.91 -76.97 104.85
N SER JE 114 -6.88 -77.42 106.11
CA SER JE 114 -6.73 -76.47 107.21
C SER JE 114 -5.36 -75.81 107.21
N ASP JE 115 -4.30 -76.56 106.91
CA ASP JE 115 -2.95 -76.02 106.95
C ASP JE 115 -2.77 -74.80 106.03
N PRO JE 116 -3.19 -74.85 104.76
CA PRO JE 116 -3.09 -73.62 103.96
C PRO JE 116 -4.08 -72.55 104.36
N VAL JE 117 -5.35 -72.91 104.61
CA VAL JE 117 -6.35 -71.92 104.99
C VAL JE 117 -5.97 -71.27 106.32
N ASP JE 118 -5.83 -72.09 107.38
CA ASP JE 118 -5.65 -71.53 108.72
C ASP JE 118 -4.33 -70.78 108.85
N SER JE 119 -3.22 -71.44 108.52
CA SER JE 119 -1.90 -70.87 108.80
C SER JE 119 -1.05 -70.58 107.58
N GLY JE 120 -1.49 -71.00 106.39
CA GLY JE 120 -0.72 -70.72 105.18
C GLY JE 120 0.31 -71.75 104.81
N LEU JE 121 0.37 -72.87 105.52
CA LEU JE 121 1.29 -73.95 105.16
C LEU JE 121 0.76 -74.67 103.93
N ASN JE 122 1.57 -74.73 102.87
CA ASN JE 122 1.19 -75.57 101.75
C ASN JE 122 1.58 -77.02 102.02
N ASN JE 123 0.97 -77.92 101.26
CA ASN JE 123 1.26 -79.33 101.44
C ASN JE 123 2.42 -79.74 100.54
N TYR JE 124 3.19 -80.69 101.02
CA TYR JE 124 4.41 -81.09 100.35
C TYR JE 124 4.59 -82.59 100.41
N MET KE 1 -51.60 -62.32 104.72
CA MET KE 1 -51.49 -63.65 105.33
C MET KE 1 -50.03 -64.01 105.53
N ARG KE 2 -49.71 -64.64 106.66
CA ARG KE 2 -48.39 -65.21 106.88
C ARG KE 2 -48.24 -66.49 106.05
N LEU KE 3 -47.46 -66.41 104.98
CA LEU KE 3 -47.38 -67.50 104.03
C LEU KE 3 -46.74 -68.71 104.67
N THR KE 4 -47.40 -69.86 104.53
CA THR KE 4 -46.83 -71.15 104.88
C THR KE 4 -47.31 -72.18 103.87
N ASP KE 5 -46.64 -73.33 103.88
CA ASP KE 5 -47.00 -74.42 102.97
C ASP KE 5 -48.48 -74.73 103.10
N VAL KE 6 -49.09 -75.16 101.99
CA VAL KE 6 -50.51 -75.49 102.01
C VAL KE 6 -50.71 -76.85 101.38
N ASP KE 7 -51.82 -77.48 101.77
CA ASP KE 7 -52.29 -78.73 101.18
C ASP KE 7 -53.69 -78.49 100.66
N LEU KE 8 -53.92 -78.89 99.41
CA LEU KE 8 -55.19 -78.68 98.73
C LEU KE 8 -55.93 -79.99 98.57
N THR KE 9 -57.24 -79.92 98.77
CA THR KE 9 -58.11 -81.06 98.54
C THR KE 9 -58.59 -80.99 97.09
N VAL KE 10 -58.20 -81.97 96.28
CA VAL KE 10 -58.46 -81.96 94.85
C VAL KE 10 -59.24 -83.21 94.50
N GLY KE 11 -60.56 -83.07 94.35
CA GLY KE 11 -61.40 -84.22 94.13
C GLY KE 11 -61.23 -85.23 95.25
N GLU KE 12 -60.65 -86.38 94.93
CA GLU KE 12 -60.45 -87.43 95.92
C GLU KE 12 -58.97 -87.68 96.18
N GLU KE 13 -58.12 -86.69 95.95
CA GLU KE 13 -56.71 -86.78 96.27
C GLU KE 13 -56.29 -85.53 97.03
N THR KE 14 -55.11 -85.59 97.63
CA THR KE 14 -54.56 -84.45 98.35
C THR KE 14 -53.26 -84.02 97.69
N ARG KE 15 -53.17 -82.73 97.39
CA ARG KE 15 -52.05 -82.13 96.67
C ARG KE 15 -51.27 -81.28 97.65
N GLU KE 16 -49.96 -81.51 97.77
CA GLU KE 16 -49.15 -80.83 98.78
C GLU KE 16 -48.19 -79.86 98.10
N TYR KE 17 -48.34 -78.57 98.39
CA TYR KE 17 -47.43 -77.57 97.88
C TYR KE 17 -46.55 -77.06 99.02
N ALA KE 18 -45.40 -76.50 98.64
CA ALA KE 18 -44.46 -75.89 99.57
C ALA KE 18 -44.03 -74.53 99.03
N VAL KE 19 -43.85 -73.57 99.95
CA VAL KE 19 -43.44 -72.24 99.53
C VAL KE 19 -42.07 -72.32 98.91
N SER KE 20 -41.96 -71.84 97.66
CA SER KE 20 -40.69 -71.80 96.94
C SER KE 20 -40.07 -70.41 96.88
N GLU KE 21 -40.87 -69.34 96.91
CA GLU KE 21 -40.31 -68.02 97.14
C GLU KE 21 -41.41 -67.06 97.56
N GLN KE 22 -41.03 -66.05 98.34
CA GLN KE 22 -41.97 -65.00 98.73
C GLN KE 22 -41.28 -63.65 98.58
N GLN KE 23 -41.84 -62.79 97.74
CA GLN KE 23 -41.41 -61.41 97.55
C GLN KE 23 -42.51 -60.46 98.01
N GLY KE 24 -42.27 -59.17 97.82
CA GLY KE 24 -43.19 -58.18 98.34
C GLY KE 24 -44.57 -58.30 97.75
N THR KE 25 -44.66 -58.42 96.42
CA THR KE 25 -45.91 -58.51 95.70
C THR KE 25 -46.11 -59.83 94.98
N LEU KE 26 -45.18 -60.78 95.16
CA LEU KE 26 -45.18 -62.03 94.43
C LEU KE 26 -44.87 -63.19 95.37
N PHE KE 27 -45.47 -64.35 95.09
CA PHE KE 27 -45.10 -65.58 95.78
C PHE KE 27 -45.26 -66.76 94.84
N ARG KE 28 -44.57 -67.85 95.19
CA ARG KE 28 -44.53 -69.06 94.38
C ARG KE 28 -44.48 -70.29 95.27
N PHE KE 29 -45.39 -71.22 94.99
CA PHE KE 29 -45.44 -72.57 95.57
C PHE KE 29 -45.01 -73.60 94.54
N VAL KE 30 -44.50 -74.73 95.03
CA VAL KE 30 -44.07 -75.86 94.21
C VAL KE 30 -44.70 -77.14 94.76
N ASP KE 31 -45.15 -78.03 93.86
CA ASP KE 31 -45.70 -79.31 94.27
C ASP KE 31 -44.62 -80.18 94.91
N LYS KE 32 -44.89 -80.62 96.14
CA LYS KE 32 -43.90 -81.36 96.93
C LYS KE 32 -43.50 -82.69 96.29
N SER KE 33 -44.28 -83.19 95.33
CA SER KE 33 -43.98 -84.46 94.69
C SER KE 33 -42.94 -84.35 93.59
N GLY KE 34 -42.23 -83.21 93.47
CA GLY KE 34 -41.41 -82.93 92.32
C GLY KE 34 -39.94 -82.67 92.65
N THR KE 35 -39.14 -82.64 91.59
CA THR KE 35 -37.71 -82.39 91.62
C THR KE 35 -37.40 -81.24 90.67
N VAL KE 36 -36.22 -80.63 90.83
CA VAL KE 36 -35.75 -79.71 89.78
C VAL KE 36 -35.71 -80.45 88.45
N ALA KE 37 -35.24 -81.70 88.46
CA ALA KE 37 -35.15 -82.47 87.22
C ALA KE 37 -36.53 -82.78 86.68
N ASN KE 38 -37.40 -83.33 87.51
CA ASN KE 38 -38.76 -83.67 87.08
C ASN KE 38 -39.75 -82.86 87.92
N ASN KE 39 -40.18 -81.73 87.39
CA ASN KE 39 -41.15 -80.89 88.07
C ASN KE 39 -42.56 -81.40 87.83
N THR KE 40 -43.42 -81.20 88.83
CA THR KE 40 -44.76 -81.75 88.81
C THR KE 40 -45.85 -80.70 88.95
N GLY KE 41 -45.52 -79.49 89.34
CA GLY KE 41 -46.52 -78.45 89.48
C GLY KE 41 -45.97 -77.20 90.11
N VAL KE 42 -46.42 -76.04 89.65
CA VAL KE 42 -46.03 -74.77 90.24
C VAL KE 42 -47.25 -73.86 90.25
N PHE KE 43 -47.29 -72.98 91.25
CA PHE KE 43 -48.31 -71.96 91.34
C PHE KE 43 -47.63 -70.65 91.72
N SER KE 44 -48.03 -69.57 91.07
CA SER KE 44 -47.43 -68.27 91.33
C SER KE 44 -48.51 -67.21 91.27
N LEU KE 45 -48.34 -66.17 92.10
CA LEU KE 45 -49.31 -65.07 92.16
C LEU KE 45 -48.57 -63.76 92.38
N GLU KE 46 -49.02 -62.72 91.68
CA GLU KE 46 -48.42 -61.40 91.76
C GLU KE 46 -49.52 -60.34 91.74
N GLN KE 47 -49.38 -59.32 92.57
CA GLN KE 47 -50.27 -58.17 92.53
C GLN KE 47 -49.51 -56.96 92.03
N ARG KE 48 -50.04 -56.30 91.00
CA ARG KE 48 -49.59 -54.98 90.56
C ARG KE 48 -50.66 -54.00 91.05
N PHE KE 49 -50.40 -53.42 92.21
CA PHE KE 49 -51.24 -52.33 92.70
C PHE KE 49 -51.02 -51.12 91.82
N GLY KE 50 -52.06 -50.70 91.12
CA GLY KE 50 -51.90 -49.69 90.10
C GLY KE 50 -51.76 -48.28 90.66
N ALA KE 51 -51.52 -47.34 89.74
CA ALA KE 51 -51.58 -45.93 90.08
C ALA KE 51 -52.95 -45.57 90.61
N ALA KE 52 -53.03 -44.40 91.26
CA ALA KE 52 -54.27 -44.02 91.94
C ALA KE 52 -55.45 -43.93 90.99
N ASN KE 53 -55.20 -43.70 89.69
CA ASN KE 53 -56.28 -43.67 88.71
C ASN KE 53 -56.63 -45.05 88.18
N SER KE 54 -55.66 -45.95 88.13
CA SER KE 54 -55.84 -47.25 87.50
C SER KE 54 -56.41 -48.28 88.47
N ASN KE 55 -56.86 -49.39 87.90
CA ASN KE 55 -57.25 -50.56 88.68
C ASN KE 55 -56.02 -51.33 89.13
N ARG KE 56 -56.17 -52.06 90.23
CA ARG KE 56 -55.11 -52.98 90.62
C ARG KE 56 -55.37 -54.33 89.97
N LYS KE 57 -54.29 -55.03 89.66
CA LYS KE 57 -54.35 -56.31 88.97
C LYS KE 57 -53.73 -57.39 89.85
N VAL KE 58 -54.37 -58.55 89.89
CA VAL KE 58 -53.79 -59.72 90.53
C VAL KE 58 -53.78 -60.85 89.51
N THR KE 59 -52.62 -61.47 89.33
CA THR KE 59 -52.48 -62.52 88.33
C THR KE 59 -51.93 -63.78 88.98
N MET KE 60 -52.44 -64.92 88.53
CA MET KE 60 -52.04 -66.24 89.01
C MET KE 60 -51.75 -67.12 87.81
N LEU KE 61 -50.69 -67.92 87.94
CA LEU KE 61 -50.33 -68.93 86.95
C LEU KE 61 -50.16 -70.27 87.65
N LEU KE 62 -50.91 -71.26 87.19
CA LEU KE 62 -50.80 -72.64 87.64
C LEU KE 62 -50.29 -73.48 86.47
N THR KE 63 -49.19 -74.19 86.69
CA THR KE 63 -48.59 -75.00 85.64
C THR KE 63 -48.44 -76.43 86.12
N ASP KE 64 -49.03 -77.36 85.35
CA ASP KE 64 -48.93 -78.79 85.63
C ASP KE 64 -48.25 -79.46 84.45
N PRO KE 65 -47.00 -79.89 84.64
CA PRO KE 65 -46.32 -80.67 83.61
C PRO KE 65 -46.49 -82.17 83.83
N VAL KE 66 -46.56 -82.89 82.71
CA VAL KE 66 -46.73 -84.34 82.68
C VAL KE 66 -45.75 -84.91 81.66
N VAL KE 67 -45.22 -86.08 81.96
CA VAL KE 67 -44.39 -86.80 81.00
C VAL KE 67 -45.29 -87.64 80.11
N VAL KE 68 -44.97 -87.64 78.81
CA VAL KE 68 -45.73 -88.36 77.80
C VAL KE 68 -44.75 -89.04 76.86
N LYS KE 69 -45.02 -90.29 76.52
CA LYS KE 69 -44.21 -90.97 75.53
C LYS KE 69 -44.44 -90.36 74.16
N ASP KE 70 -43.39 -90.33 73.36
CA ASP KE 70 -43.44 -89.76 72.02
C ASP KE 70 -43.75 -90.85 70.99
N ALA KE 71 -44.13 -90.42 69.79
CA ALA KE 71 -44.27 -91.37 68.69
C ALA KE 71 -42.95 -92.08 68.42
N SER KE 72 -41.83 -91.39 68.62
CA SER KE 72 -40.50 -92.00 68.54
C SER KE 72 -40.17 -92.83 69.77
N GLY KE 73 -41.05 -92.87 70.77
CA GLY KE 73 -40.78 -93.54 72.02
C GLY KE 73 -40.10 -92.68 73.07
N ALA KE 74 -39.37 -91.65 72.65
CA ALA KE 74 -38.65 -90.78 73.58
C ALA KE 74 -39.60 -90.16 74.59
N ASP KE 75 -39.09 -89.92 75.80
CA ASP KE 75 -39.90 -89.31 76.84
C ASP KE 75 -39.89 -87.79 76.67
N MET KE 76 -41.07 -87.18 76.77
CA MET KE 76 -41.27 -85.78 76.44
C MET KE 76 -42.11 -85.14 77.52
N THR KE 77 -41.63 -84.04 78.10
CA THR KE 77 -42.36 -83.36 79.17
C THR KE 77 -43.21 -82.23 78.58
N ILE KE 78 -44.49 -82.21 78.93
CA ILE KE 78 -45.48 -81.32 78.34
C ILE KE 78 -46.17 -80.56 79.47
N LYS KE 79 -46.32 -79.26 79.31
CA LYS KE 79 -46.93 -78.41 80.33
C LYS KE 79 -48.31 -77.95 79.88
N ALA KE 80 -49.26 -77.93 80.83
CA ALA KE 80 -50.56 -77.30 80.65
C ALA KE 80 -50.69 -76.15 81.65
N ASN KE 81 -51.25 -75.04 81.20
CA ASN KE 81 -51.26 -73.84 82.02
C ASN KE 81 -52.68 -73.34 82.24
N ALA KE 82 -52.90 -72.79 83.43
CA ALA KE 82 -54.11 -72.04 83.72
C ALA KE 82 -53.69 -70.71 84.30
N SER KE 83 -54.30 -69.62 83.83
CA SER KE 83 -53.94 -68.30 84.29
C SER KE 83 -55.20 -67.52 84.62
N VAL KE 84 -55.23 -66.92 85.81
CA VAL KE 84 -56.37 -66.14 86.27
C VAL KE 84 -55.88 -64.71 86.49
N THR KE 85 -56.72 -63.73 86.13
CA THR KE 85 -56.38 -62.32 86.34
C THR KE 85 -57.62 -61.59 86.84
N PHE KE 86 -57.47 -60.93 87.99
CA PHE KE 86 -58.51 -60.11 88.59
C PHE KE 86 -58.15 -58.65 88.34
N SER KE 87 -59.01 -57.94 87.62
CA SER KE 87 -58.91 -56.48 87.47
C SER KE 87 -59.92 -55.87 88.41
N LEU KE 88 -59.42 -55.20 89.44
CA LEU KE 88 -60.26 -54.68 90.53
C LEU KE 88 -60.03 -53.18 90.65
N PRO KE 89 -61.03 -52.37 90.30
CA PRO KE 89 -60.92 -50.93 90.52
C PRO KE 89 -60.89 -50.60 92.00
N LYS KE 90 -60.25 -49.47 92.32
CA LYS KE 90 -60.09 -49.11 93.72
C LYS KE 90 -61.44 -48.85 94.39
N THR KE 91 -62.34 -48.14 93.70
CA THR KE 91 -63.64 -47.79 94.28
C THR KE 91 -64.55 -48.99 94.45
N TYR KE 92 -64.21 -50.14 93.86
CA TYR KE 92 -65.02 -51.35 94.00
C TYR KE 92 -64.90 -51.89 95.42
N PRO KE 93 -66.01 -52.27 96.07
CA PRO KE 93 -65.93 -52.66 97.48
C PRO KE 93 -65.41 -54.08 97.69
N ASN KE 94 -64.58 -54.22 98.73
CA ASN KE 94 -63.94 -55.50 99.03
C ASN KE 94 -64.97 -56.63 99.15
N GLU KE 95 -66.16 -56.32 99.65
CA GLU KE 95 -67.20 -57.33 99.78
C GLU KE 95 -67.56 -57.93 98.43
N HIS KE 96 -67.94 -57.09 97.46
CA HIS KE 96 -68.28 -57.60 96.13
C HIS KE 96 -67.10 -58.24 95.44
N ILE KE 97 -65.86 -57.87 95.80
CA ILE KE 97 -64.71 -58.60 95.29
C ILE KE 97 -64.72 -60.07 95.75
N THR KE 98 -64.90 -60.29 97.07
CA THR KE 98 -64.97 -61.67 97.55
C THR KE 98 -66.11 -62.41 96.86
N LYS KE 99 -67.24 -61.72 96.66
CA LYS KE 99 -68.35 -62.30 95.89
C LYS KE 99 -67.90 -62.77 94.51
N LEU KE 100 -67.18 -61.91 93.79
CA LEU KE 100 -66.69 -62.25 92.46
C LEU KE 100 -65.81 -63.50 92.50
N ARG KE 101 -64.86 -63.54 93.44
CA ARG KE 101 -63.96 -64.69 93.52
C ARG KE 101 -64.73 -65.98 93.77
N GLN KE 102 -65.70 -65.94 94.69
CA GLN KE 102 -66.45 -67.15 95.00
C GLN KE 102 -67.30 -67.61 93.82
N THR KE 103 -67.95 -66.66 93.12
CA THR KE 103 -68.73 -67.05 91.93
C THR KE 103 -67.82 -67.64 90.86
N LEU KE 104 -66.58 -67.18 90.77
CA LEU KE 104 -65.66 -67.78 89.79
C LEU KE 104 -65.35 -69.23 90.18
N ILE KE 105 -65.10 -69.48 91.46
CA ILE KE 105 -64.91 -70.86 91.91
C ILE KE 105 -66.11 -71.72 91.53
N ALA KE 106 -67.31 -71.22 91.81
CA ALA KE 106 -68.53 -71.94 91.50
C ALA KE 106 -68.60 -72.27 90.02
N TRP KE 107 -68.34 -71.27 89.17
CA TRP KE 107 -68.38 -71.49 87.72
C TRP KE 107 -67.38 -72.55 87.30
N LEU KE 108 -66.15 -72.46 87.82
CA LEU KE 108 -65.11 -73.43 87.47
C LEU KE 108 -65.50 -74.84 87.85
N GLY KE 109 -66.39 -74.99 88.83
CA GLY KE 109 -66.91 -76.30 89.17
C GLY KE 109 -67.94 -76.87 88.20
N GLN KE 110 -68.62 -75.99 87.47
CA GLN KE 110 -69.79 -76.36 86.68
C GLN KE 110 -69.40 -77.25 85.50
N GLN KE 111 -70.38 -78.02 85.03
CA GLN KE 111 -70.12 -78.90 83.90
C GLN KE 111 -70.00 -78.12 82.59
N CYS KE 112 -70.76 -77.04 82.43
CA CYS KE 112 -70.65 -76.25 81.22
C CYS KE 112 -69.26 -75.64 81.06
N VAL KE 113 -68.51 -75.53 82.16
CA VAL KE 113 -67.13 -75.08 82.11
C VAL KE 113 -66.16 -76.25 82.01
N SER KE 114 -66.43 -77.34 82.73
CA SER KE 114 -65.49 -78.46 82.76
C SER KE 114 -65.46 -79.19 81.42
N ASP KE 115 -66.62 -79.40 80.79
CA ASP KE 115 -66.66 -80.15 79.54
C ASP KE 115 -65.76 -79.56 78.46
N PRO KE 116 -65.80 -78.26 78.15
CA PRO KE 116 -64.84 -77.74 77.16
C PRO KE 116 -63.40 -77.73 77.66
N VAL KE 117 -63.19 -77.36 78.92
CA VAL KE 117 -61.84 -77.33 79.46
C VAL KE 117 -61.25 -78.73 79.52
N ASP KE 118 -61.95 -79.66 80.15
CA ASP KE 118 -61.38 -80.98 80.40
C ASP KE 118 -61.29 -81.81 79.12
N SER KE 119 -62.36 -81.84 78.33
CA SER KE 119 -62.46 -82.78 77.21
C SER KE 119 -62.49 -82.13 75.85
N GLY KE 120 -62.53 -80.80 75.76
CA GLY KE 120 -62.55 -80.13 74.48
C GLY KE 120 -63.88 -80.16 73.75
N LEU KE 121 -64.95 -80.60 74.40
CA LEU KE 121 -66.27 -80.60 73.81
C LEU KE 121 -66.97 -79.28 74.11
N ASN KE 122 -67.54 -78.66 73.08
CA ASN KE 122 -68.29 -77.44 73.30
C ASN KE 122 -69.71 -77.74 73.76
N ASN KE 123 -70.36 -76.72 74.30
CA ASN KE 123 -71.73 -76.86 74.77
C ASN KE 123 -72.72 -76.58 73.65
N TYR KE 124 -73.96 -76.99 73.87
CA TYR KE 124 -75.03 -76.86 72.87
C TYR KE 124 -76.42 -76.70 73.50
N MET LE 1 33.63 107.83 70.89
CA MET LE 1 33.84 109.26 70.73
C MET LE 1 32.90 109.85 69.69
N ARG LE 2 32.33 111.02 69.99
CA ARG LE 2 31.56 111.75 68.99
C ARG LE 2 32.48 112.20 67.87
N LEU LE 3 32.25 111.66 66.67
CA LEU LE 3 33.14 111.89 65.56
C LEU LE 3 33.15 113.35 65.15
N THR LE 4 34.34 113.82 64.78
CA THR LE 4 34.51 115.16 64.22
C THR LE 4 35.57 115.07 63.15
N ASP LE 5 35.54 116.03 62.22
CA ASP LE 5 36.60 116.11 61.22
C ASP LE 5 37.95 116.11 61.92
N VAL LE 6 38.96 115.57 61.25
CA VAL LE 6 40.24 115.29 61.89
C VAL LE 6 41.34 116.00 61.11
N ASP LE 7 42.28 116.60 61.83
CA ASP LE 7 43.45 117.20 61.21
C ASP LE 7 44.68 116.52 61.79
N LEU LE 8 45.48 115.93 60.91
CA LEU LE 8 46.66 115.16 61.29
C LEU LE 8 47.91 115.94 60.92
N THR LE 9 48.89 115.92 61.81
CA THR LE 9 50.21 116.47 61.50
C THR LE 9 51.06 115.33 60.96
N VAL LE 10 51.52 115.47 59.72
CA VAL LE 10 52.20 114.40 59.01
C VAL LE 10 53.56 114.92 58.58
N GLY LE 11 54.61 114.49 59.27
CA GLY LE 11 55.93 115.01 58.98
C GLY LE 11 55.93 116.51 59.14
N GLU LE 12 56.08 117.23 58.03
CA GLU LE 12 56.12 118.68 58.07
C GLU LE 12 54.96 119.30 57.31
N GLU LE 13 53.89 118.55 57.10
CA GLU LE 13 52.69 119.02 56.43
C GLU LE 13 51.50 118.73 57.33
N THR LE 14 50.35 119.30 57.01
CA THR LE 14 49.12 119.01 57.74
C THR LE 14 48.06 118.49 56.78
N ARG LE 15 47.48 117.36 57.14
CA ARG LE 15 46.51 116.64 56.31
C ARG LE 15 45.15 116.72 56.97
N GLU LE 16 44.13 117.10 56.21
CA GLU LE 16 42.79 117.34 56.75
C GLU LE 16 41.81 116.32 56.18
N TYR LE 17 41.15 115.58 57.06
CA TYR LE 17 40.15 114.59 56.72
C TYR LE 17 38.79 115.03 57.25
N ALA LE 18 37.75 114.60 56.55
CA ALA LE 18 36.37 114.87 56.92
C ALA LE 18 35.58 113.57 56.99
N VAL LE 19 34.63 113.53 57.93
CA VAL LE 19 33.81 112.34 58.12
C VAL LE 19 32.97 112.10 56.88
N SER LE 20 33.06 110.88 56.32
CA SER LE 20 32.26 110.49 55.17
C SER LE 20 31.10 109.57 55.51
N GLU LE 21 31.28 108.61 56.42
CA GLU LE 21 30.11 107.88 56.91
C GLU LE 21 30.44 107.25 58.26
N GLN LE 22 29.39 107.04 59.06
CA GLN LE 22 29.55 106.40 60.36
C GLN LE 22 28.42 105.42 60.56
N GLN LE 23 28.78 104.16 60.81
CA GLN LE 23 27.84 103.11 61.13
C GLN LE 23 28.05 102.70 62.59
N GLY LE 24 27.36 101.64 63.01
CA GLY LE 24 27.45 101.22 64.39
C GLY LE 24 28.86 100.84 64.78
N THR LE 25 29.53 100.06 63.93
CA THR LE 25 30.88 99.57 64.19
C THR LE 25 31.86 99.94 63.09
N LEU LE 26 31.51 100.91 62.25
CA LEU LE 26 32.36 101.27 61.12
C LEU LE 26 32.30 102.78 60.90
N PHE LE 27 33.43 103.36 60.49
CA PHE LE 27 33.44 104.75 60.05
C PHE LE 27 34.47 104.94 58.93
N ARG LE 28 34.30 106.04 58.21
CA ARG LE 28 35.13 106.36 57.06
C ARG LE 28 35.30 107.87 56.96
N PHE LE 29 36.57 108.29 56.86
CA PHE LE 29 37.01 109.64 56.56
C PHE LE 29 37.55 109.73 55.13
N VAL LE 30 37.45 110.93 54.57
CA VAL LE 30 37.98 111.25 53.25
C VAL LE 30 38.92 112.45 53.37
N ASP LE 31 40.01 112.42 52.59
CA ASP LE 31 40.95 113.55 52.56
C ASP LE 31 40.27 114.75 51.89
N LYS LE 32 40.25 115.87 52.59
CA LYS LE 32 39.60 117.08 52.08
C LYS LE 32 40.28 117.62 50.82
N SER LE 33 41.46 117.11 50.46
CA SER LE 33 42.14 117.51 49.24
C SER LE 33 41.40 117.08 47.98
N GLY LE 34 40.44 116.17 48.09
CA GLY LE 34 39.90 115.47 46.94
C GLY LE 34 38.40 115.67 46.74
N THR LE 35 37.96 115.22 45.57
CA THR LE 35 36.58 115.23 45.11
C THR LE 35 36.04 113.80 45.08
N VAL LE 36 34.72 113.68 45.01
CA VAL LE 36 34.11 112.43 44.55
C VAL LE 36 34.80 111.97 43.29
N ALA LE 37 34.95 112.88 42.32
CA ALA LE 37 35.59 112.56 41.04
C ALA LE 37 37.04 112.11 41.25
N ASN LE 38 37.87 113.00 41.78
CA ASN LE 38 39.27 112.71 42.00
C ASN LE 38 39.51 112.61 43.50
N ASN LE 39 39.90 111.43 43.97
CA ASN LE 39 40.11 111.16 45.39
C ASN LE 39 41.58 111.23 45.74
N THR LE 40 41.89 111.85 46.88
CA THR LE 40 43.26 111.97 47.35
C THR LE 40 43.60 111.06 48.52
N GLY LE 41 42.61 110.54 49.23
CA GLY LE 41 42.89 109.67 50.36
C GLY LE 41 41.65 109.21 51.08
N VAL LE 42 41.70 108.00 51.65
CA VAL LE 42 40.56 107.46 52.39
C VAL LE 42 41.08 106.70 53.60
N PHE LE 43 40.29 106.75 54.68
CA PHE LE 43 40.59 105.98 55.88
C PHE LE 43 39.30 105.35 56.38
N SER LE 44 39.37 104.07 56.73
CA SER LE 44 38.20 103.34 57.19
C SER LE 44 38.60 102.46 58.37
N LEU LE 45 37.69 102.32 59.33
CA LEU LE 45 37.92 101.51 60.52
C LEU LE 45 36.65 100.76 60.89
N GLU LE 46 36.78 99.47 61.20
CA GLU LE 46 35.65 98.61 61.58
C GLU LE 46 36.04 97.69 62.73
N GLN LE 47 35.14 97.55 63.70
CA GLN LE 47 35.33 96.61 64.81
C GLN LE 47 34.35 95.45 64.70
N ARG LE 48 34.86 94.25 65.00
CA ARG LE 48 34.09 93.02 64.96
C ARG LE 48 34.23 92.35 66.33
N PHE LE 49 33.21 92.52 67.16
CA PHE LE 49 33.12 91.91 68.49
C PHE LE 49 32.64 90.48 68.31
N GLY LE 50 33.49 89.50 68.61
CA GLY LE 50 33.15 88.10 68.46
C GLY LE 50 32.39 87.55 69.65
N ALA LE 51 32.27 86.22 69.69
CA ALA LE 51 31.71 85.58 70.87
C ALA LE 51 32.71 85.65 72.04
N ALA LE 52 32.23 85.27 73.24
CA ALA LE 52 33.05 85.39 74.43
C ALA LE 52 34.30 84.52 74.38
N ASN LE 53 34.29 83.47 73.55
CA ASN LE 53 35.50 82.69 73.31
C ASN LE 53 36.36 83.28 72.19
N SER LE 54 35.81 84.21 71.41
CA SER LE 54 36.52 84.80 70.28
C SER LE 54 37.18 86.11 70.68
N ASN LE 55 38.30 86.41 70.03
CA ASN LE 55 38.93 87.71 70.19
C ASN LE 55 38.17 88.75 69.37
N ARG LE 56 37.95 89.92 69.95
CA ARG LE 56 37.43 91.00 69.14
C ARG LE 56 38.53 91.51 68.22
N LYS LE 57 38.13 92.00 67.06
CA LYS LE 57 39.08 92.38 66.03
C LYS LE 57 38.76 93.79 65.53
N VAL LE 58 39.80 94.52 65.19
CA VAL LE 58 39.66 95.91 64.77
C VAL LE 58 40.55 96.12 63.56
N THR LE 59 39.97 96.57 62.44
CA THR LE 59 40.73 96.67 61.20
C THR LE 59 40.61 98.07 60.59
N MET LE 60 41.75 98.55 60.10
CA MET LE 60 41.89 99.86 59.50
C MET LE 60 42.45 99.71 58.10
N LEU LE 61 41.93 100.51 57.18
CA LEU LE 61 42.44 100.60 55.82
C LEU LE 61 42.69 102.07 55.47
N LEU LE 62 43.93 102.37 55.09
CA LEU LE 62 44.34 103.69 54.65
C LEU LE 62 44.75 103.58 53.19
N THR LE 63 44.09 104.32 52.32
CA THR LE 63 44.36 104.29 50.88
C THR LE 63 44.80 105.67 50.42
N ASP LE 64 45.95 105.71 49.74
CA ASP LE 64 46.50 106.94 49.17
C ASP LE 64 46.69 106.76 47.67
N PRO LE 65 45.81 107.35 46.87
CA PRO LE 65 46.01 107.34 45.43
C PRO LE 65 46.79 108.55 44.95
N VAL LE 66 47.61 108.32 43.93
CA VAL LE 66 48.46 109.34 43.33
C VAL LE 66 48.33 109.23 41.81
N VAL LE 67 48.37 110.36 41.13
CA VAL LE 67 48.38 110.36 39.67
C VAL LE 67 49.83 110.31 39.20
N VAL LE 68 50.12 109.36 38.30
CA VAL LE 68 51.45 109.13 37.78
C VAL LE 68 51.39 109.20 36.26
N LYS LE 69 52.49 109.61 35.65
CA LYS LE 69 52.63 109.63 34.21
C LYS LE 69 52.75 108.22 33.67
N ASP LE 70 52.04 107.95 32.57
CA ASP LE 70 52.15 106.68 31.89
C ASP LE 70 53.47 106.60 31.13
N ALA LE 71 53.88 105.37 30.76
CA ALA LE 71 55.03 105.21 29.89
C ALA LE 71 54.79 105.87 28.55
N SER LE 72 53.53 105.89 28.09
CA SER LE 72 53.15 106.65 26.90
C SER LE 72 53.00 108.14 27.22
N GLY LE 73 52.67 108.47 28.47
CA GLY LE 73 52.47 109.85 28.88
C GLY LE 73 51.08 110.14 29.43
N ALA LE 74 50.13 109.23 29.28
CA ALA LE 74 48.77 109.44 29.77
C ALA LE 74 48.76 109.59 31.28
N ASP LE 75 47.67 110.19 31.78
CA ASP LE 75 47.46 110.33 33.21
C ASP LE 75 46.85 109.05 33.76
N MET LE 76 47.45 108.49 34.81
CA MET LE 76 46.99 107.21 35.34
C MET LE 76 46.98 107.30 36.86
N THR LE 77 45.94 106.78 37.50
CA THR LE 77 45.83 106.84 38.96
C THR LE 77 46.23 105.50 39.57
N ILE LE 78 47.09 105.56 40.60
CA ILE LE 78 47.68 104.39 41.23
C ILE LE 78 47.48 104.53 42.73
N LYS LE 79 46.95 103.48 43.36
CA LYS LE 79 46.68 103.50 44.78
C LYS LE 79 47.72 102.68 45.53
N ALA LE 80 48.06 103.14 46.74
CA ALA LE 80 48.89 102.41 47.68
C ALA LE 80 48.09 102.20 48.96
N ASN LE 81 48.13 100.98 49.49
CA ASN LE 81 47.27 100.60 50.60
C ASN LE 81 48.11 100.27 51.83
N ALA LE 82 47.58 100.60 53.00
CA ALA LE 82 48.14 100.13 54.26
C ALA LE 82 46.98 99.68 55.12
N SER LE 83 47.12 98.51 55.74
CA SER LE 83 46.04 97.95 56.53
C SER LE 83 46.58 97.44 57.86
N VAL LE 84 45.89 97.79 58.94
CA VAL LE 84 46.26 97.36 60.27
C VAL LE 84 45.11 96.52 60.83
N THR LE 85 45.47 95.50 61.61
CA THR LE 85 44.47 94.64 62.25
C THR LE 85 44.93 94.34 63.67
N PHE LE 86 44.10 94.70 64.64
CA PHE LE 86 44.33 94.42 66.06
C PHE LE 86 43.46 93.23 66.44
N SER LE 87 44.10 92.13 66.85
CA SER LE 87 43.40 90.98 67.42
C SER LE 87 43.58 91.06 68.93
N LEU LE 88 42.48 91.33 69.63
CA LEU LE 88 42.47 91.60 71.06
C LEU LE 88 41.54 90.62 71.76
N PRO LE 89 42.09 89.68 72.51
CA PRO LE 89 41.23 88.79 73.32
C PRO LE 89 40.53 89.55 74.42
N LYS LE 90 39.39 89.01 74.85
CA LYS LE 90 38.54 89.68 75.80
C LYS LE 90 38.94 89.43 77.25
N THR LE 91 40.03 88.71 77.47
CA THR LE 91 40.67 88.60 78.78
C THR LE 91 41.91 89.45 78.88
N TYR LE 92 42.28 90.12 77.79
CA TYR LE 92 43.44 90.98 77.73
C TYR LE 92 43.09 92.37 78.28
N PRO LE 93 43.93 92.96 79.13
CA PRO LE 93 43.55 94.24 79.75
C PRO LE 93 43.72 95.45 78.83
N ASN LE 94 42.79 96.39 78.99
CA ASN LE 94 42.75 97.57 78.12
C ASN LE 94 44.06 98.36 78.22
N GLU LE 95 44.65 98.42 79.40
CA GLU LE 95 45.93 99.10 79.56
C GLU LE 95 46.96 98.56 78.58
N HIS LE 96 47.13 97.23 78.57
CA HIS LE 96 48.12 96.65 77.67
C HIS LE 96 47.73 96.76 76.21
N ILE LE 97 46.43 96.87 75.90
CA ILE LE 97 46.05 97.20 74.53
C ILE LE 97 46.60 98.58 74.13
N THR LE 98 46.43 99.56 75.02
CA THR LE 98 46.99 100.89 74.74
C THR LE 98 48.50 100.81 74.58
N LYS LE 99 49.17 100.08 75.47
CA LYS LE 99 50.61 99.86 75.35
C LYS LE 99 50.97 99.29 73.99
N LEU LE 100 50.21 98.30 73.53
CA LEU LE 100 50.44 97.69 72.23
C LEU LE 100 50.32 98.71 71.11
N ARG LE 101 49.25 99.49 71.11
CA ARG LE 101 49.05 100.48 70.05
C ARG LE 101 50.20 101.48 70.01
N GLN LE 102 50.64 101.92 71.18
CA GLN LE 102 51.71 102.91 71.20
C GLN LE 102 53.04 102.30 70.74
N THR LE 103 53.34 101.06 71.15
CA THR LE 103 54.56 100.41 70.64
C THR LE 103 54.51 100.24 69.14
N LEU LE 104 53.31 99.99 68.59
CA LEU LE 104 53.18 99.91 67.13
C LEU LE 104 53.50 101.24 66.48
N ILE LE 105 52.99 102.33 67.04
CA ILE LE 105 53.31 103.65 66.51
C ILE LE 105 54.82 103.88 66.53
N ALA LE 106 55.46 103.56 67.65
CA ALA LE 106 56.90 103.72 67.77
C ALA LE 106 57.65 102.89 66.73
N TRP LE 107 57.22 101.65 66.53
CA TRP LE 107 57.86 100.79 65.54
C TRP LE 107 57.71 101.36 64.14
N LEU LE 108 56.52 101.83 63.80
CA LEU LE 108 56.28 102.43 62.49
C LEU LE 108 57.14 103.67 62.30
N GLY LE 109 57.58 104.30 63.37
CA GLY LE 109 58.53 105.38 63.27
C GLY LE 109 59.96 104.97 62.94
N GLN LE 110 60.33 103.74 63.29
CA GLN LE 110 61.72 103.31 63.26
C GLN LE 110 62.27 103.26 61.84
N GLN LE 111 63.60 103.40 61.74
CA GLN LE 111 64.24 103.34 60.43
C GLN LE 111 64.24 101.92 59.88
N CYS LE 112 64.37 100.92 60.75
CA CYS LE 112 64.37 99.54 60.28
C CYS LE 112 63.02 99.12 59.72
N VAL LE 113 61.95 99.81 60.09
CA VAL LE 113 60.66 99.64 59.44
C VAL LE 113 60.53 100.56 58.24
N SER LE 114 61.12 101.76 58.31
CA SER LE 114 60.98 102.74 57.24
C SER LE 114 61.65 102.29 55.96
N ASP LE 115 62.88 101.77 56.05
CA ASP LE 115 63.65 101.44 54.85
C ASP LE 115 62.93 100.44 53.95
N PRO LE 116 62.46 99.28 54.42
CA PRO LE 116 61.73 98.39 53.51
C PRO LE 116 60.42 98.98 53.00
N VAL LE 117 59.65 99.62 53.89
CA VAL LE 117 58.37 100.19 53.48
C VAL LE 117 58.59 101.33 52.48
N ASP LE 118 59.36 102.35 52.88
CA ASP LE 118 59.44 103.57 52.08
C ASP LE 118 60.21 103.33 50.77
N SER LE 119 61.33 102.60 50.84
CA SER LE 119 62.22 102.50 49.70
C SER LE 119 62.45 101.10 49.17
N GLY LE 120 62.04 100.06 49.90
CA GLY LE 120 62.22 98.70 49.45
C GLY LE 120 63.54 98.07 49.85
N LEU LE 121 64.42 98.79 50.52
CA LEU LE 121 65.67 98.21 50.98
C LEU LE 121 65.42 97.33 52.21
N ASN LE 122 65.97 96.12 52.18
CA ASN LE 122 65.93 95.29 53.37
C ASN LE 122 67.06 95.64 54.33
N ASN LE 123 66.86 95.30 55.60
CA ASN LE 123 67.90 95.53 56.58
C ASN LE 123 68.86 94.36 56.63
N TYR LE 124 70.04 94.60 57.17
CA TYR LE 124 71.09 93.59 57.18
C TYR LE 124 71.85 93.52 58.50
N MET ME 1 16.59 111.07 71.67
CA MET ME 1 17.44 112.02 72.38
C MET ME 1 18.86 111.97 71.84
N ARG ME 2 19.64 113.00 72.16
CA ARG ME 2 21.06 113.02 71.81
C ARG ME 2 21.85 112.29 72.88
N LEU ME 3 22.39 111.12 72.52
CA LEU ME 3 23.07 110.26 73.48
C LEU ME 3 24.25 110.96 74.14
N THR ME 4 24.29 110.89 75.46
CA THR ME 4 25.39 111.40 76.27
C THR ME 4 25.71 110.35 77.30
N ASP ME 5 26.98 110.30 77.73
CA ASP ME 5 27.36 109.37 78.78
C ASP ME 5 26.45 109.55 79.99
N VAL ME 6 26.15 108.46 80.67
CA VAL ME 6 25.09 108.46 81.67
C VAL ME 6 25.68 108.06 83.01
N ASP ME 7 25.21 108.70 84.08
CA ASP ME 7 25.58 108.31 85.43
C ASP ME 7 24.32 107.98 86.22
N LEU ME 8 24.28 106.75 86.73
CA LEU ME 8 23.13 106.21 87.41
C LEU ME 8 23.41 106.15 88.90
N THR ME 9 22.43 106.58 89.68
CA THR ME 9 22.51 106.47 91.13
C THR ME 9 21.89 105.12 91.50
N VAL ME 10 22.73 104.21 91.97
CA VAL ME 10 22.36 102.82 92.23
C VAL ME 10 22.51 102.58 93.73
N GLY ME 11 21.40 102.63 94.45
CA GLY ME 11 21.46 102.52 95.90
C GLY ME 11 22.30 103.64 96.46
N GLU ME 12 23.46 103.31 97.01
CA GLU ME 12 24.34 104.32 97.58
C GLU ME 12 25.63 104.46 96.78
N GLU ME 13 25.63 104.00 95.54
CA GLU ME 13 26.80 104.05 94.69
C GLU ME 13 26.41 104.77 93.40
N THR ME 14 27.42 105.12 92.59
CA THR ME 14 27.16 105.73 91.30
C THR ME 14 27.87 104.93 90.22
N ARG ME 15 27.08 104.40 89.29
CA ARG ME 15 27.59 103.70 88.12
C ARG ME 15 27.73 104.69 86.98
N GLU ME 16 28.79 104.56 86.18
CA GLU ME 16 29.10 105.53 85.13
C GLU ME 16 29.31 104.82 83.81
N TYR ME 17 28.38 105.00 82.89
CA TYR ME 17 28.40 104.34 81.59
C TYR ME 17 28.76 105.34 80.50
N ALA ME 18 29.46 104.83 79.49
CA ALA ME 18 29.87 105.60 78.32
C ALA ME 18 29.26 104.99 77.06
N VAL ME 19 28.87 105.85 76.12
CA VAL ME 19 28.30 105.37 74.86
C VAL ME 19 29.33 104.54 74.13
N SER ME 20 28.94 103.32 73.74
CA SER ME 20 29.83 102.41 73.04
C SER ME 20 29.43 102.13 71.60
N GLU ME 21 28.14 102.18 71.27
CA GLU ME 21 27.79 102.23 69.85
C GLU ME 21 26.38 102.78 69.66
N GLN ME 22 26.17 103.42 68.51
CA GLN ME 22 24.88 103.95 68.12
C GLN ME 22 24.60 103.55 66.68
N GLN ME 23 23.55 102.78 66.47
CA GLN ME 23 23.09 102.42 65.14
C GLN ME 23 21.79 103.16 64.85
N GLY ME 24 21.06 102.69 63.86
CA GLY ME 24 19.80 103.31 63.55
C GLY ME 24 18.82 103.19 64.71
N THR ME 25 18.51 101.94 65.07
CA THR ME 25 17.52 101.64 66.10
C THR ME 25 18.13 101.02 67.34
N LEU ME 26 19.46 100.96 67.43
CA LEU ME 26 20.15 100.27 68.50
C LEU ME 26 21.23 101.17 69.09
N PHE ME 27 21.40 101.06 70.42
CA PHE ME 27 22.51 101.72 71.10
C PHE ME 27 23.04 100.82 72.20
N ARG ME 28 24.25 101.15 72.65
CA ARG ME 28 24.95 100.35 73.64
C ARG ME 28 25.87 101.24 74.46
N PHE ME 29 25.69 101.19 75.79
CA PHE ME 29 26.53 101.79 76.79
C PHE ME 29 27.40 100.75 77.46
N VAL ME 30 28.46 101.22 78.10
CA VAL ME 30 29.47 100.35 78.69
C VAL ME 30 29.93 100.95 80.01
N ASP ME 31 30.08 100.10 81.05
CA ASP ME 31 30.53 100.57 82.36
C ASP ME 31 31.95 101.11 82.28
N LYS ME 32 32.11 102.40 82.58
CA LYS ME 32 33.43 103.03 82.48
C LYS ME 32 34.44 102.37 83.40
N SER ME 33 33.99 101.83 84.53
CA SER ME 33 34.85 101.22 85.53
C SER ME 33 35.44 99.89 85.09
N GLY ME 34 35.24 99.48 83.85
CA GLY ME 34 35.73 98.19 83.40
C GLY ME 34 37.20 98.27 83.04
N THR ME 35 37.95 97.26 83.49
CA THR ME 35 39.37 97.16 83.16
C THR ME 35 39.63 96.25 81.98
N VAL ME 36 38.86 95.18 81.86
CA VAL ME 36 39.00 94.23 80.77
C VAL ME 36 37.64 94.10 80.10
N ALA ME 37 37.65 93.59 78.86
CA ALA ME 37 36.40 93.33 78.16
C ALA ME 37 35.47 92.45 79.00
N ASN ME 38 35.99 91.32 79.51
CA ASN ME 38 35.16 90.43 80.34
C ASN ME 38 34.80 91.06 81.67
N ASN ME 39 35.69 91.91 82.21
CA ASN ME 39 35.39 92.65 83.43
C ASN ME 39 34.20 93.59 83.23
N THR ME 40 33.97 94.05 82.00
CA THR ME 40 33.16 95.22 81.73
C THR ME 40 31.68 94.89 81.60
N GLY ME 41 30.85 95.55 82.42
CA GLY ME 41 29.41 95.45 82.25
C GLY ME 41 28.92 96.29 81.09
N VAL ME 42 27.76 95.90 80.55
CA VAL ME 42 27.23 96.57 79.36
C VAL ME 42 25.72 96.68 79.44
N PHE ME 43 25.17 97.59 78.65
CA PHE ME 43 23.74 97.78 78.54
C PHE ME 43 23.40 98.15 77.11
N SER ME 44 22.44 97.44 76.54
CA SER ME 44 22.09 97.63 75.13
C SER ME 44 20.58 97.71 75.00
N LEU ME 45 20.13 98.49 74.01
CA LEU ME 45 18.70 98.65 73.73
C LEU ME 45 18.49 98.73 72.22
N GLU ME 46 17.41 98.11 71.76
CA GLU ME 46 17.06 98.06 70.35
C GLU ME 46 15.56 98.13 70.19
N GLN ME 47 15.10 98.94 69.24
CA GLN ME 47 13.68 99.00 68.91
C GLN ME 47 13.46 98.37 67.54
N ARG ME 48 12.41 97.56 67.45
CA ARG ME 48 11.98 96.89 66.23
C ARG ME 48 10.55 97.37 65.96
N PHE ME 49 10.43 98.33 65.05
CA PHE ME 49 9.15 98.87 64.64
C PHE ME 49 8.56 97.94 63.58
N GLY ME 50 7.34 97.45 63.82
CA GLY ME 50 6.71 96.51 62.92
C GLY ME 50 5.84 97.19 61.87
N ALA ME 51 5.12 96.36 61.12
CA ALA ME 51 4.11 96.88 60.21
C ALA ME 51 2.94 97.47 61.02
N ALA ME 52 1.97 98.05 60.30
CA ALA ME 52 0.87 98.72 60.99
C ALA ME 52 -0.01 97.73 61.76
N ASN ME 53 -0.06 96.47 61.32
CA ASN ME 53 -0.77 95.44 62.07
C ASN ME 53 0.05 94.87 63.22
N SER ME 54 1.34 95.18 63.27
CA SER ME 54 2.23 94.65 64.30
C SER ME 54 2.32 95.63 65.47
N ASN ME 55 2.91 95.14 66.55
CA ASN ME 55 3.27 95.96 67.69
C ASN ME 55 4.76 96.26 67.59
N ARG ME 56 5.15 97.49 67.91
CA ARG ME 56 6.58 97.76 68.00
C ARG ME 56 7.11 97.13 69.29
N LYS ME 57 8.35 96.68 69.23
CA LYS ME 57 8.96 96.00 70.36
C LYS ME 57 10.27 96.69 70.72
N VAL ME 58 10.49 96.93 72.00
CA VAL ME 58 11.74 97.50 72.48
C VAL ME 58 12.37 96.50 73.44
N THR ME 59 13.64 96.19 73.24
CA THR ME 59 14.32 95.21 74.06
C THR ME 59 15.59 95.81 74.64
N MET ME 60 15.88 95.44 75.88
CA MET ME 60 17.07 95.88 76.59
C MET ME 60 17.74 94.68 77.23
N LEU ME 61 19.06 94.69 77.18
CA LEU ME 61 19.89 93.70 77.85
C LEU ME 61 20.93 94.39 78.72
N LEU ME 62 20.96 94.00 79.99
CA LEU ME 62 21.91 94.50 80.98
C LEU ME 62 22.76 93.32 81.45
N THR ME 63 24.08 93.43 81.27
CA THR ME 63 25.01 92.36 81.62
C THR ME 63 26.00 92.89 82.66
N ASP ME 64 26.07 92.19 83.80
CA ASP ME 64 26.95 92.57 84.91
C ASP ME 64 27.84 91.39 85.29
N PRO ME 65 29.04 91.32 84.74
CA PRO ME 65 29.98 90.26 85.15
C PRO ME 65 30.72 90.60 86.43
N VAL ME 66 31.14 89.56 87.14
CA VAL ME 66 31.89 89.67 88.40
C VAL ME 66 32.98 88.60 88.40
N VAL ME 67 34.08 88.87 89.08
CA VAL ME 67 35.19 87.93 89.18
C VAL ME 67 35.05 87.09 90.44
N VAL ME 68 35.10 85.77 90.28
CA VAL ME 68 35.04 84.81 91.39
C VAL ME 68 36.28 83.95 91.41
N MET ME 76 37.98 83.04 87.58
CA MET ME 76 36.85 82.97 86.66
C MET ME 76 35.92 84.18 86.78
N THR ME 77 35.34 84.61 85.66
CA THR ME 77 34.36 85.70 85.64
C THR ME 77 32.99 85.15 85.23
N ILE ME 78 31.98 85.51 86.01
CA ILE ME 78 30.63 84.99 85.88
C ILE ME 78 29.70 86.15 85.52
N LYS ME 79 28.84 85.93 84.53
CA LYS ME 79 27.98 86.97 84.00
C LYS ME 79 26.51 86.70 84.36
N ALA ME 80 25.81 87.74 84.79
CA ALA ME 80 24.38 87.68 85.05
C ALA ME 80 23.65 88.71 84.18
N ASN ME 81 22.48 88.33 83.69
CA ASN ME 81 21.76 89.12 82.70
C ASN ME 81 20.39 89.51 83.21
N ALA ME 82 19.98 90.74 82.90
CA ALA ME 82 18.59 91.15 83.00
C ALA ME 82 18.15 91.60 81.61
N SER ME 83 16.97 91.18 81.20
CA SER ME 83 16.46 91.54 79.88
C SER ME 83 15.01 92.00 80.00
N VAL ME 84 14.73 93.18 79.49
CA VAL ME 84 13.39 93.74 79.50
C VAL ME 84 12.92 93.84 78.06
N THR ME 85 11.62 93.60 77.85
CA THR ME 85 11.01 93.71 76.53
C THR ME 85 9.63 94.34 76.66
N PHE ME 86 9.43 95.45 75.95
CA PHE ME 86 8.17 96.18 75.90
C PHE ME 86 7.50 95.89 74.58
N SER ME 87 6.33 95.25 74.62
CA SER ME 87 5.50 95.04 73.44
C SER ME 87 4.39 96.08 73.48
N LEU ME 88 4.42 97.00 72.52
CA LEU ME 88 3.56 98.18 72.53
C LEU ME 88 2.80 98.24 71.21
N PRO ME 89 1.48 98.06 71.23
CA PRO ME 89 0.68 98.28 70.02
C PRO ME 89 0.66 99.75 69.65
N LYS ME 90 0.56 100.01 68.36
CA LYS ME 90 0.67 101.39 67.89
C LYS ME 90 -0.51 102.23 68.34
N THR ME 91 -1.72 101.67 68.30
CA THR ME 91 -2.91 102.39 68.75
C THR ME 91 -2.88 102.71 70.23
N TYR ME 92 -2.02 102.04 71.00
CA TYR ME 92 -1.94 102.25 72.45
C TYR ME 92 -1.35 103.64 72.74
N PRO ME 93 -1.90 104.39 73.70
CA PRO ME 93 -1.49 105.79 73.85
C PRO ME 93 -0.18 105.98 74.61
N ASN ME 94 0.62 106.93 74.10
CA ASN ME 94 1.95 107.16 74.65
C ASN ME 94 1.91 107.47 76.14
N GLU ME 95 0.86 108.16 76.60
CA GLU ME 95 0.74 108.46 78.02
C GLU ME 95 0.68 107.18 78.85
N HIS ME 96 -0.21 106.25 78.48
CA HIS ME 96 -0.30 104.99 79.21
C HIS ME 96 0.97 104.14 79.07
N ILE ME 97 1.76 104.33 78.00
CA ILE ME 97 3.06 103.66 77.94
C ILE ME 97 4.00 104.20 79.02
N THR ME 98 4.09 105.53 79.13
CA THR ME 98 4.92 106.11 80.19
C THR ME 98 4.48 105.56 81.55
N LYS ME 99 3.16 105.46 81.76
CA LYS ME 99 2.63 104.85 82.97
C LYS ME 99 3.17 103.44 83.17
N LEU ME 100 3.07 102.61 82.13
CA LEU ME 100 3.53 101.22 82.23
C LEU ME 100 4.99 101.15 82.66
N ARG ME 101 5.85 101.92 82.01
CA ARG ME 101 7.27 101.91 82.36
C ARG ME 101 7.48 102.29 83.83
N GLN ME 102 6.80 103.35 84.28
CA GLN ME 102 6.99 103.77 85.67
C GLN ME 102 6.53 102.70 86.66
N THR ME 103 5.41 102.06 86.38
CA THR ME 103 4.93 101.01 87.29
C THR ME 103 5.86 99.80 87.29
N LEU ME 104 6.51 99.50 86.16
CA LEU ME 104 7.50 98.43 86.19
C LEU ME 104 8.67 98.80 87.10
N ILE ME 105 9.12 100.05 87.02
CA ILE ME 105 10.16 100.51 87.96
C ILE ME 105 9.71 100.30 89.40
N ALA ME 106 8.50 100.75 89.71
CA ALA ME 106 7.97 100.60 91.07
C ALA ME 106 7.94 99.15 91.50
N TRP ME 107 7.50 98.25 90.62
CA TRP ME 107 7.45 96.83 90.94
C TRP ME 107 8.83 96.28 91.23
N LEU ME 108 9.81 96.59 90.37
CA LEU ME 108 11.19 96.16 90.59
C LEU ME 108 11.76 96.69 91.89
N GLY ME 109 11.16 97.73 92.45
CA GLY ME 109 11.52 98.17 93.79
C GLY ME 109 11.08 97.27 94.93
N GLN ME 110 9.96 96.58 94.78
CA GLN ME 110 9.25 95.95 95.90
C GLN ME 110 9.97 94.71 96.43
N GLN ME 111 9.65 94.37 97.67
CA GLN ME 111 10.27 93.21 98.31
C GLN ME 111 9.84 91.92 97.64
N CYS ME 112 8.56 91.81 97.27
CA CYS ME 112 8.09 90.58 96.64
C CYS ME 112 8.82 90.27 95.35
N VAL ME 113 9.50 91.27 94.77
CA VAL ME 113 10.33 91.07 93.59
C VAL ME 113 11.80 90.90 93.98
N SER ME 114 12.28 91.67 94.96
CA SER ME 114 13.69 91.59 95.32
C SER ME 114 14.03 90.25 95.95
N ASP ME 115 13.15 89.71 96.82
CA ASP ME 115 13.44 88.48 97.51
C ASP ME 115 13.73 87.30 96.55
N PRO ME 116 12.90 87.06 95.53
CA PRO ME 116 13.30 85.99 94.58
C PRO ME 116 14.47 86.36 93.69
N VAL ME 117 14.50 87.59 93.16
CA VAL ME 117 15.61 87.99 92.29
C VAL ME 117 16.92 87.99 93.08
N ASP ME 118 16.99 88.79 94.16
CA ASP ME 118 18.25 88.98 94.85
C ASP ME 118 18.76 87.69 95.50
N SER ME 119 17.93 87.06 96.33
CA SER ME 119 18.39 85.94 97.13
C SER ME 119 17.71 84.61 96.84
N GLY ME 120 16.67 84.60 96.01
CA GLY ME 120 16.01 83.35 95.67
C GLY ME 120 14.88 82.95 96.59
N LEU ME 121 14.49 83.79 97.53
CA LEU ME 121 13.34 83.50 98.39
C LEU ME 121 12.06 83.69 97.60
N ASN ME 122 11.23 82.65 97.53
CA ASN ME 122 9.91 82.85 96.95
C ASN ME 122 8.96 83.42 98.00
N ASN ME 123 7.87 83.96 97.52
CA ASN ME 123 6.89 84.55 98.42
C ASN ME 123 5.86 83.51 98.82
N TYR ME 124 5.39 83.64 100.06
CA TYR ME 124 4.51 82.63 100.63
C TYR ME 124 3.40 83.29 101.43
N MET NE 1 27.67 116.17 57.64
CA MET NE 1 27.08 117.02 58.65
C MET NE 1 26.76 116.23 59.90
N ARG NE 2 26.99 116.83 61.07
CA ARG NE 2 26.56 116.26 62.34
C ARG NE 2 25.04 116.41 62.47
N LEU NE 3 24.32 115.31 62.32
CA LEU NE 3 22.87 115.38 62.26
C LEU NE 3 22.31 115.82 63.60
N THR NE 4 21.44 116.81 63.57
CA THR NE 4 20.64 117.21 64.72
C THR NE 4 19.26 117.62 64.22
N ASP NE 5 18.32 117.71 65.17
CA ASP NE 5 16.95 118.11 64.84
C ASP NE 5 16.97 119.40 64.05
N VAL NE 6 16.00 119.58 63.16
CA VAL NE 6 15.92 120.78 62.36
C VAL NE 6 14.50 121.34 62.42
N ASP NE 7 14.41 122.64 62.18
CA ASP NE 7 13.15 123.35 62.05
C ASP NE 7 13.14 124.02 60.68
N LEU NE 8 12.04 123.83 59.95
CA LEU NE 8 11.90 124.33 58.60
C LEU NE 8 10.91 125.47 58.56
N THR NE 9 11.23 126.48 57.77
CA THR NE 9 10.32 127.59 57.53
C THR NE 9 9.49 127.26 56.30
N VAL NE 10 8.17 127.09 56.49
CA VAL NE 10 7.29 126.62 55.44
C VAL NE 10 6.20 127.67 55.25
N GLY NE 11 6.36 128.49 54.21
CA GLY NE 11 5.44 129.59 54.01
C GLY NE 11 5.40 130.49 55.22
N GLU NE 12 4.27 130.50 55.92
CA GLU NE 12 4.10 131.33 57.11
C GLU NE 12 3.91 130.50 58.37
N GLU NE 13 4.42 129.27 58.37
CA GLU NE 13 4.40 128.43 59.55
C GLU NE 13 5.79 127.84 59.76
N THR NE 14 6.00 127.27 60.94
CA THR NE 14 7.27 126.62 61.25
C THR NE 14 7.00 125.15 61.53
N ARG NE 15 7.77 124.29 60.86
CA ARG NE 15 7.63 122.85 60.93
C ARG NE 15 8.82 122.28 61.69
N GLU NE 16 8.57 121.50 62.74
CA GLU NE 16 9.65 121.02 63.60
C GLU NE 16 9.83 119.52 63.42
N TYR NE 17 11.00 119.11 62.94
CA TYR NE 17 11.31 117.70 62.81
C TYR NE 17 12.35 117.32 63.87
N ALA NE 18 12.40 116.02 64.17
CA ALA NE 18 13.36 115.45 65.12
C ALA NE 18 13.96 114.20 64.50
N VAL NE 19 15.26 114.00 64.76
CA VAL NE 19 15.94 112.84 64.21
C VAL NE 19 15.31 111.59 64.79
N SER NE 20 14.86 110.70 63.90
CA SER NE 20 14.28 109.42 64.31
C SER NE 20 15.20 108.23 64.09
N GLU NE 21 16.12 108.30 63.12
CA GLU NE 21 17.19 107.31 63.06
C GLU NE 21 18.31 107.83 62.16
N GLN NE 22 19.54 107.41 62.46
CA GLN NE 22 20.68 107.73 61.63
C GLN NE 22 21.52 106.48 61.42
N GLN NE 23 21.67 106.06 60.16
CA GLN NE 23 22.54 104.97 59.75
C GLN NE 23 23.67 105.51 58.88
N GLY NE 24 24.49 104.59 58.37
CA GLY NE 24 25.67 105.00 57.64
C GLY NE 24 25.35 105.80 56.42
N THR NE 25 24.40 105.32 55.60
CA THR NE 25 24.01 105.96 54.36
C THR NE 25 22.57 106.44 54.37
N LEU NE 26 21.88 106.32 55.50
CA LEU NE 26 20.45 106.63 55.59
C LEU NE 26 20.16 107.41 56.87
N PHE NE 27 19.18 108.31 56.78
CA PHE NE 27 18.67 108.97 57.98
C PHE NE 27 17.18 109.25 57.82
N ARG NE 28 16.53 109.47 58.95
CA ARG NE 28 15.09 109.68 59.01
C ARG NE 28 14.74 110.67 60.11
N PHE NE 29 13.96 111.69 59.73
CA PHE NE 29 13.34 112.66 60.61
C PHE NE 29 11.84 112.40 60.72
N VAL NE 30 11.26 112.82 61.84
CA VAL NE 30 9.82 112.71 62.11
C VAL NE 30 9.29 114.07 62.58
N ASP NE 31 8.09 114.43 62.12
CA ASP NE 31 7.46 115.68 62.53
C ASP NE 31 7.11 115.61 64.01
N LYS NE 32 7.60 116.60 64.78
CA LYS NE 32 7.46 116.60 66.23
C LYS NE 32 6.01 116.70 66.68
N SER NE 33 5.09 117.08 65.79
CA SER NE 33 3.68 117.21 66.14
C SER NE 33 2.93 115.89 66.13
N GLY NE 34 3.63 114.75 66.05
CA GLY NE 34 3.00 113.47 65.79
C GLY NE 34 3.24 112.42 66.86
N THR NE 35 2.48 111.34 66.73
CA THR NE 35 2.53 110.17 67.61
C THR NE 35 2.73 108.93 66.75
N VAL NE 36 3.17 107.83 67.38
CA VAL NE 36 3.11 106.55 66.68
C VAL NE 36 1.70 106.27 66.21
N ALA NE 37 0.71 106.57 67.06
CA ALA NE 37 -0.68 106.33 66.70
C ALA NE 37 -1.12 107.25 65.59
N ASN NE 38 -0.90 108.55 65.73
CA ASN NE 38 -1.27 109.52 64.71
C ASN NE 38 -0.01 110.21 64.20
N ASN NE 39 0.53 109.71 63.10
CA ASN NE 39 1.72 110.32 62.52
C ASN NE 39 1.34 111.50 61.65
N THR NE 40 2.24 112.48 61.59
CA THR NE 40 1.97 113.73 60.91
C THR NE 40 2.97 114.07 59.81
N GLY NE 41 4.09 113.39 59.74
CA GLY NE 41 5.07 113.66 58.72
C GLY NE 41 6.36 112.91 58.94
N VAL NE 42 6.98 112.44 57.85
CA VAL NE 42 8.27 111.78 57.93
C VAL NE 42 9.10 112.22 56.73
N PHE NE 43 10.41 112.26 56.93
CA PHE NE 43 11.35 112.54 55.87
C PHE NE 43 12.51 111.55 55.99
N SER NE 44 12.93 110.99 54.87
CA SER NE 44 14.00 110.01 54.88
C SER NE 44 14.89 110.23 53.66
N LEU NE 45 16.18 109.98 53.83
CA LEU NE 45 17.15 110.16 52.75
C LEU NE 45 18.20 109.05 52.81
N GLU NE 46 18.57 108.53 51.65
CA GLU NE 46 19.55 107.46 51.52
C GLU NE 46 20.44 107.72 50.33
N GLN NE 47 21.75 107.48 50.49
CA GLN NE 47 22.68 107.53 49.37
C GLN NE 47 23.17 106.13 49.07
N ARG NE 48 23.05 105.73 47.81
CA ARG NE 48 23.70 104.53 47.28
C ARG NE 48 24.88 105.03 46.44
N PHE NE 49 26.05 105.08 47.06
CA PHE NE 49 27.27 105.37 46.34
C PHE NE 49 27.57 104.19 45.43
N GLY NE 50 27.55 104.42 44.13
CA GLY NE 50 27.62 103.32 43.18
C GLY NE 50 29.02 102.76 43.01
N ALA NE 51 29.10 101.70 42.21
CA ALA NE 51 30.38 101.18 41.78
C ALA NE 51 31.16 102.25 41.03
N ALA NE 52 32.46 102.01 40.86
CA ALA NE 52 33.34 103.03 40.28
C ALA NE 52 32.91 103.42 38.87
N ASN NE 53 32.21 102.53 38.16
CA ASN NE 53 31.72 102.86 36.83
C ASN NE 53 30.38 103.57 36.87
N SER NE 54 29.56 103.30 37.87
CA SER NE 54 28.18 103.80 37.92
C SER NE 54 28.11 105.18 38.56
N ASN NE 55 26.96 105.82 38.40
CA ASN NE 55 26.65 107.05 39.10
C ASN NE 55 26.23 106.74 40.53
N ARG NE 56 26.41 107.71 41.42
CA ARG NE 56 25.85 107.57 42.75
C ARG NE 56 24.45 108.17 42.76
N LYS NE 57 23.60 107.58 43.60
CA LYS NE 57 22.20 107.96 43.68
C LYS NE 57 21.90 108.45 45.10
N VAL NE 58 21.12 109.52 45.19
CA VAL NE 58 20.60 110.00 46.47
C VAL NE 58 19.09 110.09 46.34
N THR NE 59 18.38 109.47 47.27
CA THR NE 59 16.92 109.44 47.21
C THR NE 59 16.34 109.97 48.51
N MET NE 60 15.25 110.72 48.39
CA MET NE 60 14.52 111.30 49.50
C MET NE 60 13.04 110.99 49.36
N LEU NE 61 12.42 110.69 50.49
CA LEU NE 61 10.98 110.47 50.56
C LEU NE 61 10.42 111.35 51.67
N LEU NE 62 9.45 112.19 51.31
CA LEU NE 62 8.70 113.01 52.24
C LEU NE 62 7.26 112.53 52.24
N THR NE 63 6.74 112.19 53.41
CA THR NE 63 5.39 111.67 53.53
C THR NE 63 4.61 112.52 54.53
N ASP NE 64 3.47 113.06 54.07
CA ASP NE 64 2.57 113.84 54.91
C ASP NE 64 1.23 113.15 54.95
N PRO NE 65 0.88 112.53 56.08
CA PRO NE 65 -0.45 111.96 56.25
C PRO NE 65 -1.41 112.94 56.91
N VAL NE 66 -2.67 112.85 56.49
CA VAL NE 66 -3.76 113.68 56.98
C VAL NE 66 -4.96 112.80 57.26
N VAL NE 67 -5.70 113.15 58.30
CA VAL NE 67 -6.96 112.46 58.59
C VAL NE 67 -8.06 113.13 57.80
N VAL NE 68 -8.96 112.32 57.24
CA VAL NE 68 -10.07 112.77 56.41
C VAL NE 68 -11.30 111.97 56.79
N LYS NE 69 -12.43 112.65 56.95
CA LYS NE 69 -13.68 111.95 57.19
C LYS NE 69 -14.09 111.19 55.93
N ASP NE 70 -14.70 110.03 56.13
CA ASP NE 70 -15.15 109.17 55.05
C ASP NE 70 -16.61 109.47 54.69
N ALA NE 71 -17.02 108.99 53.52
CA ALA NE 71 -18.44 109.06 53.16
C ALA NE 71 -19.29 108.35 54.20
N SER NE 72 -18.77 107.26 54.77
CA SER NE 72 -19.42 106.57 55.88
C SER NE 72 -19.28 107.30 57.20
N GLY NE 73 -18.56 108.42 57.23
CA GLY NE 73 -18.27 109.13 58.46
C GLY NE 73 -17.02 108.68 59.18
N ALA NE 74 -16.60 107.43 58.98
CA ALA NE 74 -15.42 106.89 59.64
C ALA NE 74 -14.20 107.73 59.36
N ASP NE 75 -13.29 107.79 60.32
CA ASP NE 75 -12.06 108.54 60.16
C ASP NE 75 -11.04 107.69 59.41
N MET NE 76 -10.38 108.29 58.41
CA MET NE 76 -9.52 107.57 57.48
C MET NE 76 -8.23 108.37 57.30
N THR NE 77 -7.09 107.73 57.50
CA THR NE 77 -5.80 108.40 57.36
C THR NE 77 -5.25 108.17 55.95
N ILE NE 78 -4.86 109.27 55.31
CA ILE NE 78 -4.46 109.28 53.90
C ILE NE 78 -3.09 109.91 53.79
N LYS NE 79 -2.19 109.29 53.04
CA LYS NE 79 -0.83 109.78 52.89
C LYS NE 79 -0.62 110.35 51.49
N ALA NE 80 0.11 111.46 51.42
CA ALA NE 80 0.62 112.02 50.17
C ALA NE 80 2.14 111.99 50.20
N ASN NE 81 2.74 111.63 49.07
CA ASN NE 81 4.19 111.39 49.05
C ASN NE 81 4.86 112.29 48.02
N ALA NE 82 6.06 112.70 48.34
CA ALA NE 82 6.96 113.36 47.39
C ALA NE 82 8.29 112.63 47.46
N SER NE 83 8.86 112.32 46.30
CA SER NE 83 10.12 111.59 46.26
C SER NE 83 11.05 112.28 45.27
N VAL NE 84 12.28 112.54 45.72
CA VAL NE 84 13.30 113.17 44.89
C VAL NE 84 14.46 112.21 44.75
N THR NE 85 15.05 112.16 43.55
CA THR NE 85 16.21 111.29 43.29
C THR NE 85 17.22 112.05 42.45
N PHE NE 86 18.44 112.13 42.97
CA PHE NE 86 19.57 112.75 42.29
C PHE NE 86 20.47 111.63 41.75
N SER NE 87 20.63 111.58 40.44
CA SER NE 87 21.59 110.70 39.80
C SER NE 87 22.78 111.56 39.41
N LEU NE 88 23.90 111.33 40.09
CA LEU NE 88 25.09 112.17 39.96
C LEU NE 88 26.27 111.31 39.55
N PRO NE 89 26.76 111.46 38.32
CA PRO NE 89 27.98 110.75 37.90
C PRO NE 89 29.18 111.24 38.68
N LYS NE 90 30.17 110.35 38.83
CA LYS NE 90 31.34 110.69 39.63
C LYS NE 90 32.11 111.85 39.02
N THR NE 91 32.30 111.83 37.69
CA THR NE 91 33.08 112.86 37.02
C THR NE 91 32.40 114.23 37.04
N TYR NE 92 31.12 114.28 37.38
CA TYR NE 92 30.40 115.55 37.44
C TYR NE 92 30.89 116.39 38.61
N PRO NE 93 31.15 117.69 38.43
CA PRO NE 93 31.77 118.48 39.50
C PRO NE 93 30.79 118.91 40.59
N ASN NE 94 31.27 118.84 41.84
CA ASN NE 94 30.44 119.16 42.99
C ASN NE 94 29.79 120.53 42.86
N GLU NE 95 30.48 121.48 42.23
CA GLU NE 95 29.93 122.81 42.03
C GLU NE 95 28.63 122.76 41.23
N HIS NE 96 28.67 122.17 40.03
CA HIS NE 96 27.47 122.08 39.22
C HIS NE 96 26.40 121.22 39.87
N ILE NE 97 26.77 120.29 40.76
CA ILE NE 97 25.75 119.58 41.53
C ILE NE 97 24.96 120.55 42.43
N THR NE 98 25.68 121.38 43.21
CA THR NE 98 24.97 122.36 44.04
C THR NE 98 24.10 123.26 43.17
N LYS NE 99 24.59 123.64 41.99
CA LYS NE 99 23.79 124.39 41.04
C LYS NE 99 22.49 123.67 40.70
N LEU NE 100 22.58 122.38 40.38
CA LEU NE 100 21.41 121.58 40.06
C LEU NE 100 20.40 121.60 41.20
N ARG NE 101 20.87 121.34 42.43
CA ARG NE 101 19.96 121.31 43.57
C ARG NE 101 19.25 122.65 43.76
N GLN NE 102 19.98 123.75 43.64
CA GLN NE 102 19.37 125.05 43.85
C GLN NE 102 18.34 125.37 42.75
N THR NE 103 18.67 125.06 41.48
CA THR NE 103 17.70 125.27 40.42
C THR NE 103 16.45 124.42 40.62
N LEU NE 104 16.59 123.23 41.21
CA LEU NE 104 15.40 122.43 41.49
C LEU NE 104 14.54 123.09 42.56
N ILE NE 105 15.16 123.63 43.60
CA ILE NE 105 14.39 124.39 44.60
C ILE NE 105 13.64 125.53 43.93
N ALA NE 106 14.34 126.29 43.08
CA ALA NE 106 13.72 127.41 42.38
C ALA NE 106 12.51 126.95 41.57
N TRP NE 107 12.68 125.87 40.80
CA TRP NE 107 11.59 125.35 40.00
C TRP NE 107 10.40 124.96 40.87
N LEU NE 108 10.67 124.26 41.97
CA LEU NE 108 9.60 123.82 42.86
C LEU NE 108 8.83 124.99 43.44
N GLY NE 109 9.46 126.16 43.51
CA GLY NE 109 8.75 127.37 43.92
C GLY NE 109 7.82 127.96 42.88
N GLN NE 110 8.07 127.69 41.60
CA GLN NE 110 7.40 128.38 40.51
C GLN NE 110 5.92 128.00 40.43
N GLN NE 111 5.15 128.89 39.81
CA GLN NE 111 3.72 128.64 39.68
C GLN NE 111 3.43 127.56 38.65
N CYS NE 112 4.23 127.49 37.57
CA CYS NE 112 4.02 126.45 36.58
C CYS NE 112 4.21 125.05 37.15
N VAL NE 113 4.93 124.95 38.27
CA VAL NE 113 5.08 123.68 38.97
C VAL NE 113 4.02 123.53 40.07
N SER NE 114 3.72 124.61 40.79
CA SER NE 114 2.79 124.51 41.92
C SER NE 114 1.36 124.24 41.44
N ASP NE 115 0.93 124.90 40.37
CA ASP NE 115 -0.45 124.74 39.90
C ASP NE 115 -0.82 123.30 39.60
N PRO NE 116 -0.03 122.53 38.83
CA PRO NE 116 -0.40 121.11 38.66
C PRO NE 116 -0.21 120.28 39.91
N VAL NE 117 0.86 120.50 40.67
CA VAL NE 117 1.09 119.74 41.88
C VAL NE 117 0.00 120.04 42.92
N ASP NE 118 -0.21 121.32 43.22
CA ASP NE 118 -1.10 121.69 44.32
C ASP NE 118 -2.57 121.45 43.96
N SER NE 119 -2.98 121.90 42.77
CA SER NE 119 -4.40 121.94 42.44
C SER NE 119 -4.81 121.00 41.31
N GLY NE 120 -3.86 120.32 40.67
CA GLY NE 120 -4.19 119.42 39.60
C GLY NE 120 -4.55 120.08 38.28
N LEU NE 121 -4.32 121.38 38.13
CA LEU NE 121 -4.57 122.07 36.88
C LEU NE 121 -3.30 122.06 36.03
N ASN NE 122 -3.45 121.69 34.77
CA ASN NE 122 -2.30 121.71 33.87
C ASN NE 122 -2.07 123.13 33.33
N ASN NE 123 -0.88 123.33 32.77
CA ASN NE 123 -0.54 124.62 32.21
C ASN NE 123 -0.94 124.68 30.74
N TYR NE 124 -0.96 125.92 30.21
CA TYR NE 124 -1.41 126.16 28.85
C TYR NE 124 -0.71 127.39 28.21
N MET OE 1 -122.46 -49.76 12.42
CA MET OE 1 -123.86 -49.35 12.27
C MET OE 1 -124.03 -48.32 11.17
N ARG OE 2 -125.07 -48.48 10.36
CA ARG OE 2 -125.41 -47.45 9.38
C ARG OE 2 -125.86 -46.19 10.11
N LEU OE 3 -125.08 -45.13 9.95
CA LEU OE 3 -125.31 -43.91 10.71
C LEU OE 3 -126.64 -43.27 10.35
N THR OE 4 -127.30 -42.72 11.37
CA THR OE 4 -128.51 -41.96 11.19
C THR OE 4 -128.48 -40.81 12.20
N ASP OE 5 -129.23 -39.75 11.90
CA ASP OE 5 -129.37 -38.67 12.85
C ASP OE 5 -129.80 -39.23 14.20
N VAL OE 6 -129.39 -38.57 15.27
CA VAL OE 6 -129.52 -39.12 16.61
C VAL OE 6 -130.30 -38.14 17.47
N ASP OE 7 -131.22 -38.68 18.27
CA ASP OE 7 -131.96 -37.86 19.23
C ASP OE 7 -131.68 -38.43 20.62
N LEU OE 8 -131.14 -37.60 21.49
CA LEU OE 8 -130.74 -37.97 22.83
C LEU OE 8 -131.70 -37.38 23.85
N THR OE 9 -132.06 -38.18 24.85
CA THR OE 9 -132.82 -37.67 25.98
C THR OE 9 -131.83 -37.24 27.04
N VAL OE 10 -131.85 -35.96 27.40
CA VAL OE 10 -130.85 -35.37 28.28
C VAL OE 10 -131.58 -34.73 29.46
N GLY OE 11 -131.53 -35.39 30.62
CA GLY OE 11 -132.28 -34.91 31.76
C GLY OE 11 -133.74 -34.83 31.41
N GLU OE 12 -134.27 -33.61 31.32
CA GLU OE 12 -135.67 -33.41 31.02
C GLU OE 12 -135.87 -32.66 29.71
N GLU OE 13 -134.87 -32.68 28.84
CA GLU OE 13 -134.95 -32.05 27.53
C GLU OE 13 -134.55 -33.10 26.49
N THR OE 14 -134.77 -32.79 25.23
CA THR OE 14 -134.36 -33.66 24.13
C THR OE 14 -133.45 -32.89 23.18
N ARG OE 15 -132.29 -33.48 22.91
CA ARG OE 15 -131.25 -32.87 22.10
C ARG OE 15 -131.13 -33.63 20.78
N GLU OE 16 -131.13 -32.91 19.67
CA GLU OE 16 -131.15 -33.52 18.35
C GLU OE 16 -129.85 -33.20 17.60
N TYR OE 17 -129.15 -34.26 17.18
CA TYR OE 17 -127.92 -34.17 16.42
C TYR OE 17 -128.14 -34.74 15.03
N ALA OE 18 -127.35 -34.21 14.09
CA ALA OE 18 -127.37 -34.65 12.70
C ALA OE 18 -125.96 -35.00 12.25
N VAL OE 19 -125.87 -36.02 11.39
CA VAL OE 19 -124.57 -36.47 10.89
C VAL OE 19 -123.94 -35.36 10.07
N SER OE 20 -122.70 -35.00 10.41
CA SER OE 20 -121.93 -33.99 9.68
C SER OE 20 -120.85 -34.59 8.78
N GLU OE 21 -120.14 -35.63 9.23
CA GLU OE 21 -119.26 -36.32 8.30
C GLU OE 21 -118.97 -37.72 8.83
N GLN OE 22 -118.68 -38.64 7.90
CA GLN OE 22 -118.32 -40.01 8.27
C GLN OE 22 -117.16 -40.45 7.41
N GLN OE 23 -116.08 -40.87 8.07
CA GLN OE 23 -114.91 -41.44 7.44
C GLN OE 23 -114.84 -42.91 7.81
N GLY OE 24 -113.74 -43.55 7.41
CA GLY OE 24 -113.59 -44.97 7.66
C GLY OE 24 -113.61 -45.30 9.15
N THR OE 25 -112.87 -44.52 9.93
CA THR OE 25 -112.75 -44.75 11.37
C THR OE 25 -113.13 -43.51 12.18
N LEU OE 26 -113.83 -42.56 11.58
CA LEU OE 26 -114.18 -41.31 12.25
C LEU OE 26 -115.57 -40.87 11.83
N PHE OE 27 -116.31 -40.26 12.76
CA PHE OE 27 -117.56 -39.60 12.43
C PHE OE 27 -117.78 -38.39 13.32
N ARG OE 28 -118.67 -37.52 12.86
CA ARG OE 28 -118.97 -36.27 13.53
C ARG OE 28 -120.43 -35.91 13.33
N PHE OE 29 -121.09 -35.62 14.46
CA PHE OE 29 -122.43 -35.08 14.55
C PHE OE 29 -122.39 -33.62 14.98
N VAL OE 30 -123.42 -32.88 14.57
CA VAL OE 30 -123.61 -31.48 14.95
C VAL OE 30 -125.00 -31.31 15.58
N ASP OE 31 -125.08 -30.47 16.62
CA ASP OE 31 -126.36 -30.15 17.25
C ASP OE 31 -127.24 -29.38 16.28
N LYS OE 32 -128.44 -29.89 16.01
CA LYS OE 32 -129.36 -29.25 15.08
C LYS OE 32 -129.80 -27.86 15.54
N SER OE 33 -129.52 -27.49 16.79
CA SER OE 33 -129.85 -26.16 17.30
C SER OE 33 -129.05 -25.06 16.63
N GLY OE 34 -127.97 -25.40 15.91
CA GLY OE 34 -126.99 -24.43 15.50
C GLY OE 34 -126.80 -24.33 13.99
N THR OE 35 -126.05 -23.30 13.61
CA THR OE 35 -125.68 -22.97 12.24
C THR OE 35 -124.19 -23.21 12.07
N VAL OE 36 -123.76 -23.29 10.80
CA VAL OE 36 -122.34 -23.09 10.49
C VAL OE 36 -121.82 -21.85 11.20
N ALA OE 37 -122.57 -20.75 11.08
CA ALA OE 37 -122.19 -19.49 11.72
C ALA OE 37 -122.12 -19.63 13.24
N ASN OE 38 -123.24 -19.93 13.86
CA ASN OE 38 -123.32 -20.08 15.30
C ASN OE 38 -123.55 -21.55 15.63
N ASN OE 39 -122.58 -22.15 16.31
CA ASN OE 39 -122.63 -23.58 16.64
C ASN OE 39 -123.08 -23.78 18.08
N THR OE 40 -123.95 -24.78 18.28
CA THR OE 40 -124.46 -25.09 19.60
C THR OE 40 -123.87 -26.36 20.21
N GLY OE 41 -123.27 -27.23 19.41
CA GLY OE 41 -122.70 -28.45 19.95
C GLY OE 41 -122.10 -29.35 18.89
N VAL OE 42 -121.06 -30.10 19.25
CA VAL OE 42 -120.41 -31.00 18.31
C VAL OE 42 -120.02 -32.27 19.05
N PHE OE 43 -120.08 -33.39 18.34
CA PHE OE 43 -119.62 -34.67 18.86
C PHE OE 43 -118.81 -35.38 17.78
N SER OE 44 -117.66 -35.92 18.17
CA SER OE 44 -116.78 -36.60 17.23
C SER OE 44 -116.24 -37.86 17.89
N LEU OE 45 -116.07 -38.91 17.08
CA LEU OE 45 -115.56 -40.20 17.56
C LEU OE 45 -114.61 -40.78 16.51
N GLU OE 46 -113.45 -41.29 16.97
CA GLU OE 46 -112.46 -41.91 16.10
C GLU OE 46 -111.86 -43.14 16.76
N GLN OE 47 -111.68 -44.21 15.96
CA GLN OE 47 -111.03 -45.42 16.43
C GLN OE 47 -109.68 -45.59 15.75
N ARG OE 48 -108.69 -46.03 16.53
CA ARG OE 48 -107.33 -46.26 16.07
C ARG OE 48 -106.97 -47.70 16.45
N PHE OE 49 -107.04 -48.58 15.46
CA PHE OE 49 -106.67 -49.98 15.59
C PHE OE 49 -105.16 -50.08 15.45
N GLY OE 50 -104.47 -50.46 16.52
CA GLY OE 50 -103.02 -50.56 16.51
C GLY OE 50 -102.54 -51.89 15.97
N ALA OE 51 -101.24 -52.16 16.17
CA ALA OE 51 -100.72 -53.47 15.84
C ALA OE 51 -101.21 -54.52 16.84
N ALA OE 52 -100.94 -55.80 16.53
CA ALA OE 52 -101.46 -56.88 17.36
C ALA OE 52 -100.90 -56.85 18.77
N ASN OE 53 -99.75 -56.21 18.97
CA ASN OE 53 -99.23 -55.99 20.31
C ASN OE 53 -99.79 -54.71 20.95
N SER OE 54 -100.41 -53.85 20.16
CA SER OE 54 -100.95 -52.59 20.65
C SER OE 54 -102.42 -52.72 21.00
N ASN OE 55 -102.85 -51.92 21.97
CA ASN OE 55 -104.26 -51.81 22.30
C ASN OE 55 -104.94 -50.91 21.27
N ARG OE 56 -106.11 -51.31 20.81
CA ARG OE 56 -106.89 -50.38 20.01
C ARG OE 56 -107.45 -49.30 20.91
N LYS OE 57 -107.63 -48.11 20.35
CA LYS OE 57 -108.03 -46.96 21.12
C LYS OE 57 -109.22 -46.28 20.45
N VAL OE 58 -110.11 -45.73 21.28
CA VAL OE 58 -111.33 -45.10 20.79
C VAL OE 58 -111.52 -43.80 21.53
N THR OE 59 -111.62 -42.69 20.81
CA THR OE 59 -111.67 -41.38 21.46
C THR OE 59 -112.87 -40.57 20.99
N MET OE 60 -113.51 -39.91 21.96
CA MET OE 60 -114.69 -39.08 21.75
C MET OE 60 -114.42 -37.69 22.27
N LEU OE 61 -114.91 -36.70 21.52
CA LEU OE 61 -114.87 -35.30 21.94
C LEU OE 61 -116.27 -34.71 21.80
N LEU OE 62 -116.78 -34.18 22.91
CA LEU OE 62 -118.06 -33.49 22.98
C LEU OE 62 -117.78 -32.05 23.34
N THR OE 63 -118.19 -31.12 22.48
CA THR OE 63 -117.96 -29.70 22.67
C THR OE 63 -119.31 -28.98 22.75
N ASP OE 64 -119.49 -28.20 23.82
CA ASP OE 64 -120.69 -27.40 24.03
C ASP OE 64 -120.29 -25.95 24.19
N PRO OE 65 -120.52 -25.14 23.16
CA PRO OE 65 -120.30 -23.69 23.28
C PRO OE 65 -121.55 -22.97 23.72
N VAL OE 66 -121.35 -21.93 24.53
CA VAL OE 66 -122.41 -21.10 25.08
C VAL OE 66 -121.99 -19.64 24.90
N VAL OE 67 -122.96 -18.78 24.64
CA VAL OE 67 -122.71 -17.35 24.59
C VAL OE 67 -122.91 -16.76 25.97
N VAL OE 68 -121.91 -16.01 26.44
CA VAL OE 68 -121.89 -15.41 27.76
C VAL OE 68 -121.68 -13.91 27.62
N LYS OE 69 -122.21 -13.14 28.55
CA LYS OE 69 -122.02 -11.71 28.60
C LYS OE 69 -120.59 -11.39 29.03
N ASP OE 70 -119.98 -10.42 28.36
CA ASP OE 70 -118.67 -9.95 28.73
C ASP OE 70 -118.75 -9.09 30.00
N ALA OE 71 -117.61 -8.90 30.65
CA ALA OE 71 -117.56 -7.95 31.77
C ALA OE 71 -117.90 -6.55 31.31
N SER OE 72 -117.55 -6.21 30.06
CA SER OE 72 -117.99 -4.97 29.45
C SER OE 72 -119.43 -5.05 28.97
N GLY OE 73 -119.90 -6.26 28.64
CA GLY OE 73 -121.24 -6.46 28.12
C GLY OE 73 -121.30 -7.07 26.74
N ALA OE 74 -120.19 -7.15 26.04
CA ALA OE 74 -120.18 -7.71 24.69
C ALA OE 74 -120.59 -9.19 24.71
N ASP OE 75 -121.00 -9.67 23.54
CA ASP OE 75 -121.34 -11.08 23.38
C ASP OE 75 -120.07 -11.88 23.11
N MET OE 76 -119.86 -12.94 23.89
CA MET OE 76 -118.63 -13.71 23.76
C MET OE 76 -118.97 -15.20 23.81
N THR OE 77 -118.35 -16.00 22.94
CA THR OE 77 -118.65 -17.43 22.91
C THR OE 77 -117.56 -18.22 23.63
N ILE OE 78 -117.99 -19.13 24.51
CA ILE OE 78 -117.11 -19.89 25.39
C ILE OE 78 -117.47 -21.36 25.24
N LYS OE 79 -116.45 -22.20 25.00
CA LYS OE 79 -116.65 -23.62 24.80
C LYS OE 79 -116.24 -24.39 26.06
N ALA OE 80 -116.97 -25.48 26.33
CA ALA OE 80 -116.62 -26.45 27.36
C ALA OE 80 -116.46 -27.81 26.70
N ASN OE 81 -115.40 -28.52 27.05
CA ASN OE 81 -115.04 -29.75 26.36
C ASN OE 81 -115.13 -30.93 27.31
N ALA OE 82 -115.53 -32.08 26.78
CA ALA OE 82 -115.44 -33.34 27.50
C ALA OE 82 -114.88 -34.37 26.52
N SER OE 83 -113.91 -35.15 26.97
CA SER OE 83 -113.26 -36.12 26.09
C SER OE 83 -113.12 -37.44 26.79
N VAL OE 84 -113.51 -38.51 26.09
CA VAL OE 84 -113.42 -39.87 26.62
C VAL OE 84 -112.46 -40.65 25.74
N THR OE 85 -111.68 -41.55 26.37
CA THR OE 85 -110.75 -42.41 25.63
C THR OE 85 -110.81 -43.81 26.22
N PHE OE 86 -111.15 -44.78 25.38
CA PHE OE 86 -111.17 -46.20 25.73
C PHE OE 86 -109.90 -46.83 25.19
N SER OE 87 -109.08 -47.36 26.09
CA SER OE 87 -107.92 -48.17 25.72
C SER OE 87 -108.29 -49.63 25.94
N LEU OE 88 -108.43 -50.37 24.85
CA LEU OE 88 -108.94 -51.73 24.85
C LEU OE 88 -107.92 -52.65 24.23
N PRO OE 89 -107.27 -53.51 25.00
CA PRO OE 89 -106.37 -54.51 24.43
C PRO OE 89 -107.14 -55.53 23.61
N LYS OE 90 -106.43 -56.14 22.67
CA LYS OE 90 -107.05 -57.05 21.72
C LYS OE 90 -107.16 -58.47 22.25
N THR OE 91 -106.75 -58.72 23.49
CA THR OE 91 -107.01 -59.96 24.20
C THR OE 91 -108.13 -59.81 25.20
N TYR OE 92 -108.67 -58.60 25.35
CA TYR OE 92 -109.75 -58.30 26.27
C TYR OE 92 -111.09 -58.65 25.62
N PRO OE 93 -112.00 -59.31 26.33
CA PRO OE 93 -113.25 -59.76 25.70
C PRO OE 93 -114.28 -58.64 25.53
N ASN OE 94 -115.00 -58.73 24.41
CA ASN OE 94 -115.97 -57.69 24.05
C ASN OE 94 -117.03 -57.54 25.13
N GLU OE 95 -117.44 -58.65 25.76
CA GLU OE 95 -118.41 -58.58 26.85
C GLU OE 95 -117.95 -57.61 27.92
N HIS OE 96 -116.71 -57.79 28.40
CA HIS OE 96 -116.21 -56.92 29.46
C HIS OE 96 -115.98 -55.50 28.97
N ILE OE 97 -115.74 -55.29 27.67
CA ILE OE 97 -115.72 -53.93 27.17
C ILE OE 97 -117.11 -53.26 27.34
N THR OE 98 -118.16 -54.00 27.00
CA THR OE 98 -119.51 -53.45 27.21
C THR OE 98 -119.75 -53.18 28.69
N LYS OE 99 -119.35 -54.11 29.55
CA LYS OE 99 -119.44 -53.91 31.00
C LYS OE 99 -118.74 -52.61 31.41
N LEU OE 100 -117.54 -52.39 30.89
CA LEU OE 100 -116.77 -51.20 31.20
C LEU OE 100 -117.52 -49.94 30.78
N ARG OE 101 -118.03 -49.91 29.55
CA ARG OE 101 -118.75 -48.73 29.07
C ARG OE 101 -119.96 -48.43 29.95
N GLN OE 102 -120.70 -49.48 30.33
CA GLN OE 102 -121.89 -49.24 31.14
C GLN OE 102 -121.52 -48.76 32.55
N THR OE 103 -120.48 -49.33 33.16
CA THR OE 103 -120.04 -48.84 34.46
C THR OE 103 -119.59 -47.39 34.38
N LEU OE 104 -119.00 -46.99 33.25
CA LEU OE 104 -118.62 -45.59 33.08
C LEU OE 104 -119.86 -44.70 33.04
N ILE OE 105 -120.88 -45.12 32.31
CA ILE OE 105 -122.13 -44.36 32.29
C ILE OE 105 -122.69 -44.21 33.70
N ALA OE 106 -122.72 -45.31 34.44
CA ALA OE 106 -123.23 -45.27 35.81
C ALA OE 106 -122.42 -44.31 36.67
N TRP OE 107 -121.09 -44.35 36.55
CA TRP OE 107 -120.25 -43.46 37.33
C TRP OE 107 -120.51 -42.01 36.97
N LEU OE 108 -120.63 -41.71 35.68
CA LEU OE 108 -120.93 -40.35 35.26
C LEU OE 108 -122.27 -39.87 35.78
N GLY OE 109 -123.16 -40.79 36.11
CA GLY OE 109 -124.40 -40.44 36.78
C GLY OE 109 -124.26 -40.05 38.24
N GLN OE 110 -123.23 -40.56 38.91
CA GLN OE 110 -123.12 -40.47 40.36
C GLN OE 110 -122.95 -39.03 40.84
N GLN OE 111 -123.37 -38.80 42.09
CA GLN OE 111 -123.22 -37.46 42.65
C GLN OE 111 -121.77 -37.15 42.96
N CYS OE 112 -120.98 -38.16 43.37
CA CYS OE 112 -119.59 -37.91 43.68
C CYS OE 112 -118.79 -37.54 42.44
N VAL OE 113 -119.27 -37.89 41.26
CA VAL OE 113 -118.70 -37.40 40.01
C VAL OE 113 -119.34 -36.08 39.60
N SER OE 114 -120.63 -35.91 39.90
CA SER OE 114 -121.36 -34.71 39.48
C SER OE 114 -120.85 -33.47 40.18
N ASP OE 115 -120.65 -33.53 41.50
CA ASP OE 115 -120.28 -32.33 42.25
C ASP OE 115 -119.00 -31.67 41.76
N PRO OE 116 -117.87 -32.36 41.59
CA PRO OE 116 -116.69 -31.67 41.05
C PRO OE 116 -116.87 -31.19 39.62
N VAL OE 117 -117.47 -32.04 38.76
CA VAL OE 117 -117.66 -31.65 37.36
C VAL OE 117 -118.62 -30.47 37.27
N ASP OE 118 -119.84 -30.64 37.78
CA ASP OE 118 -120.88 -29.64 37.54
C ASP OE 118 -120.61 -28.33 38.28
N SER OE 119 -120.17 -28.41 39.53
CA SER OE 119 -120.08 -27.22 40.37
C SER OE 119 -118.68 -26.91 40.89
N GLY OE 120 -117.72 -27.83 40.78
CA GLY OE 120 -116.39 -27.59 41.26
C GLY OE 120 -116.14 -27.97 42.70
N LEU OE 121 -117.16 -28.43 43.42
CA LEU OE 121 -116.97 -28.86 44.79
C LEU OE 121 -116.28 -30.22 44.82
N ASN OE 122 -115.25 -30.35 45.64
CA ASN OE 122 -114.63 -31.66 45.86
C ASN OE 122 -115.41 -32.44 46.91
N ASN OE 123 -115.25 -33.77 46.86
CA ASN OE 123 -115.90 -34.61 47.87
C ASN OE 123 -114.98 -34.74 49.08
N TYR OE 124 -115.59 -35.14 50.20
CA TYR OE 124 -114.84 -35.20 51.46
C TYR OE 124 -115.19 -36.45 52.28
N MET PE 1 -121.87 -51.52 -4.85
CA MET PE 1 -123.10 -51.99 -4.22
C MET PE 1 -123.28 -51.35 -2.85
N ARG PE 2 -124.49 -51.42 -2.31
CA ARG PE 2 -124.77 -50.95 -0.97
C ARG PE 2 -124.43 -52.05 0.03
N LEU PE 3 -123.38 -51.84 0.81
CA LEU PE 3 -122.87 -52.86 1.72
C LEU PE 3 -123.92 -53.28 2.73
N THR PE 4 -124.10 -54.59 2.85
CA THR PE 4 -124.98 -55.20 3.84
C THR PE 4 -124.22 -56.37 4.45
N ASP PE 5 -124.54 -56.68 5.70
CA ASP PE 5 -123.92 -57.83 6.36
C ASP PE 5 -124.10 -59.07 5.49
N VAL PE 6 -123.11 -59.94 5.49
CA VAL PE 6 -123.04 -61.01 4.50
C VAL PE 6 -123.03 -62.34 5.25
N ASP PE 7 -123.72 -63.33 4.68
CA ASP PE 7 -123.68 -64.69 5.20
C ASP PE 7 -123.22 -65.63 4.10
N LEU PE 8 -122.12 -66.34 4.38
CA LEU PE 8 -121.45 -67.20 3.42
C LEU PE 8 -121.73 -68.64 3.78
N THR PE 9 -122.06 -69.43 2.77
CA THR PE 9 -122.22 -70.86 2.95
C THR PE 9 -120.86 -71.50 2.69
N VAL PE 10 -120.25 -72.04 3.74
CA VAL PE 10 -118.89 -72.55 3.71
C VAL PE 10 -118.96 -74.04 3.99
N GLY PE 11 -118.87 -74.84 2.94
CA GLY PE 11 -119.04 -76.27 3.10
C GLY PE 11 -120.41 -76.58 3.68
N GLU PE 12 -120.45 -77.07 4.91
CA GLU PE 12 -121.71 -77.37 5.56
C GLU PE 12 -122.00 -76.46 6.73
N GLU PE 13 -121.34 -75.32 6.78
CA GLU PE 13 -121.50 -74.36 7.86
C GLU PE 13 -121.88 -73.02 7.26
N THR PE 14 -122.30 -72.08 8.10
CA THR PE 14 -122.60 -70.74 7.65
C THR PE 14 -121.80 -69.74 8.46
N ARG PE 15 -120.94 -68.98 7.78
CA ARG PE 15 -120.19 -67.89 8.38
C ARG PE 15 -120.97 -66.59 8.22
N GLU PE 16 -120.94 -65.75 9.25
CA GLU PE 16 -121.75 -64.53 9.27
C GLU PE 16 -120.88 -63.32 9.58
N TYR PE 17 -120.68 -62.47 8.59
CA TYR PE 17 -119.83 -61.30 8.69
C TYR PE 17 -120.68 -60.04 8.75
N ALA PE 18 -120.18 -59.05 9.50
CA ALA PE 18 -120.79 -57.75 9.65
C ALA PE 18 -119.84 -56.67 9.15
N VAL PE 19 -120.41 -55.64 8.52
CA VAL PE 19 -119.62 -54.53 8.02
C VAL PE 19 -118.92 -53.84 9.18
N SER PE 20 -117.60 -53.70 9.08
CA SER PE 20 -116.80 -53.07 10.11
C SER PE 20 -116.19 -51.74 9.73
N GLU PE 21 -115.88 -51.52 8.44
CA GLU PE 21 -115.60 -50.14 8.02
C GLU PE 21 -115.77 -50.00 6.52
N GLN PE 22 -116.14 -48.79 6.11
CA GLN PE 22 -116.29 -48.44 4.70
C GLN PE 22 -115.60 -47.11 4.46
N GLN PE 23 -114.57 -47.12 3.61
CA GLN PE 23 -113.89 -45.91 3.19
C GLN PE 23 -114.26 -45.63 1.74
N GLY PE 24 -113.47 -44.79 1.09
CA GLY PE 24 -113.72 -44.49 -0.30
C GLY PE 24 -113.59 -45.74 -1.15
N THR PE 25 -112.39 -46.33 -1.15
CA THR PE 25 -112.06 -47.47 -1.99
C THR PE 25 -111.82 -48.74 -1.18
N LEU PE 26 -112.08 -48.72 0.12
CA LEU PE 26 -111.76 -49.82 1.02
C LEU PE 26 -112.96 -50.17 1.88
N PHE PE 27 -113.14 -51.46 2.13
CA PHE PE 27 -114.14 -51.93 3.08
C PHE PE 27 -113.60 -53.11 3.86
N ARG PE 28 -114.26 -53.39 4.99
CA ARG PE 28 -113.83 -54.43 5.90
C ARG PE 28 -115.04 -55.02 6.61
N PHE PE 29 -115.17 -56.34 6.52
CA PHE PE 29 -116.13 -57.16 7.25
C PHE PE 29 -115.43 -57.91 8.38
N VAL PE 30 -116.24 -58.37 9.33
CA VAL PE 30 -115.74 -58.99 10.55
C VAL PE 30 -116.65 -60.16 10.92
N ASP PE 31 -116.05 -61.28 11.30
CA ASP PE 31 -116.83 -62.47 11.70
C ASP PE 31 -117.66 -62.18 12.94
N LYS PE 32 -118.99 -62.26 12.81
CA LYS PE 32 -119.86 -61.94 13.93
C LYS PE 32 -119.62 -62.86 15.12
N SER PE 33 -119.20 -64.09 14.85
CA SER PE 33 -119.00 -65.09 15.88
C SER PE 33 -117.78 -64.83 16.75
N GLY PE 34 -117.12 -63.69 16.59
CA GLY PE 34 -115.91 -63.41 17.35
C GLY PE 34 -116.25 -62.91 18.75
N THR PE 35 -115.54 -63.45 19.74
CA THR PE 35 -115.70 -63.02 21.12
C THR PE 35 -114.68 -61.98 21.54
N VAL PE 36 -113.45 -62.09 21.04
CA VAL PE 36 -112.38 -61.16 21.34
C VAL PE 36 -111.83 -60.65 20.02
N ALA PE 37 -111.13 -59.51 20.09
CA ALA PE 37 -110.48 -58.98 18.90
C ALA PE 37 -109.57 -60.02 18.25
N ASN PE 38 -108.70 -60.66 19.04
CA ASN PE 38 -107.81 -61.68 18.49
C ASN PE 38 -108.57 -62.93 18.07
N ASN PE 39 -109.67 -63.25 18.75
CA ASN PE 39 -110.53 -64.36 18.34
C ASN PE 39 -111.12 -64.12 16.95
N THR PE 40 -111.29 -62.85 16.57
CA THR PE 40 -112.20 -62.47 15.48
C THR PE 40 -111.52 -62.53 14.12
N GLY PE 41 -112.10 -63.30 13.20
CA GLY PE 41 -111.66 -63.28 11.82
C GLY PE 41 -112.15 -62.05 11.08
N VAL PE 42 -111.42 -61.68 10.02
CA VAL PE 42 -111.73 -60.46 9.30
C VAL PE 42 -111.50 -60.65 7.80
N PHE PE 43 -112.13 -59.78 7.02
CA PHE PE 43 -111.96 -59.77 5.58
C PHE PE 43 -111.98 -58.33 5.09
N SER PE 44 -110.99 -57.97 4.30
CA SER PE 44 -110.84 -56.59 3.85
C SER PE 44 -110.54 -56.57 2.35
N LEU PE 45 -111.03 -55.51 1.69
CA LEU PE 45 -110.80 -55.35 0.25
C LEU PE 45 -110.57 -53.88 -0.05
N GLU PE 46 -109.65 -53.61 -0.98
CA GLU PE 46 -109.28 -52.26 -1.36
C GLU PE 46 -108.97 -52.23 -2.86
N GLN PE 47 -109.48 -51.22 -3.54
CA GLN PE 47 -109.16 -51.00 -4.94
C GLN PE 47 -108.26 -49.77 -5.08
N ARG PE 48 -107.23 -49.91 -5.91
CA ARG PE 48 -106.28 -48.85 -6.23
C ARG PE 48 -106.37 -48.65 -7.74
N PHE PE 49 -107.10 -47.61 -8.13
CA PHE PE 49 -107.26 -47.23 -9.52
C PHE PE 49 -106.05 -46.39 -9.92
N GLY PE 50 -105.35 -46.81 -10.97
CA GLY PE 50 -104.14 -46.14 -11.41
C GLY PE 50 -104.42 -45.06 -12.46
N ALA PE 51 -103.33 -44.52 -13.01
CA ALA PE 51 -103.44 -43.64 -14.16
C ALA PE 51 -103.88 -44.44 -15.38
N ALA PE 52 -104.09 -43.74 -16.50
CA ALA PE 52 -104.61 -44.40 -17.70
C ALA PE 52 -103.60 -45.39 -18.28
N ASN PE 53 -102.30 -45.18 -18.05
CA ASN PE 53 -101.29 -46.13 -18.46
C ASN PE 53 -101.13 -47.28 -17.47
N SER PE 54 -101.72 -47.16 -16.29
CA SER PE 54 -101.60 -48.18 -15.26
C SER PE 54 -102.76 -49.17 -15.33
N ASN PE 55 -102.61 -50.27 -14.60
CA ASN PE 55 -103.68 -51.21 -14.38
C ASN PE 55 -104.29 -50.93 -13.01
N ARG PE 56 -105.61 -51.01 -12.92
CA ARG PE 56 -106.21 -50.94 -11.59
C ARG PE 56 -105.94 -52.25 -10.86
N LYS PE 57 -105.80 -52.17 -9.55
CA LYS PE 57 -105.48 -53.33 -8.73
C LYS PE 57 -106.50 -53.45 -7.61
N VAL PE 58 -107.00 -54.66 -7.40
CA VAL PE 58 -107.91 -54.92 -6.29
C VAL PE 58 -107.28 -55.98 -5.41
N THR PE 59 -107.22 -55.71 -4.10
CA THR PE 59 -106.58 -56.61 -3.17
C THR PE 59 -107.55 -56.97 -2.05
N MET PE 60 -107.47 -58.22 -1.62
CA MET PE 60 -108.29 -58.75 -0.53
C MET PE 60 -107.40 -59.51 0.43
N LEU PE 61 -107.70 -59.34 1.71
CA LEU PE 61 -107.05 -60.08 2.78
C LEU PE 61 -108.11 -60.74 3.66
N LEU PE 62 -107.97 -62.05 3.85
CA LEU PE 62 -108.82 -62.86 4.71
C LEU PE 62 -107.97 -63.42 5.83
N THR PE 63 -108.34 -63.11 7.08
CA THR PE 63 -107.60 -63.54 8.25
C THR PE 63 -108.50 -64.40 9.13
N ASP PE 64 -108.05 -65.62 9.43
CA ASP PE 64 -108.81 -66.57 10.25
C ASP PE 64 -107.95 -67.06 11.41
N PRO PE 65 -108.06 -66.42 12.57
CA PRO PE 65 -107.33 -66.90 13.74
C PRO PE 65 -108.05 -68.04 14.45
N VAL PE 66 -107.26 -68.88 15.14
CA VAL PE 66 -107.76 -70.03 15.90
C VAL PE 66 -106.98 -70.10 17.21
N VAL PE 67 -107.62 -70.64 18.25
CA VAL PE 67 -106.97 -70.78 19.56
C VAL PE 67 -106.36 -72.17 19.68
N VAL PE 68 -105.07 -72.21 20.04
CA VAL PE 68 -104.34 -73.46 20.25
C VAL PE 68 -103.80 -73.51 21.67
N MET PE 76 -102.64 -69.74 23.34
CA MET PE 76 -102.15 -68.95 22.22
C MET PE 76 -103.13 -68.96 21.03
N THR PE 77 -103.21 -67.84 20.32
CA THR PE 77 -104.02 -67.73 19.11
C THR PE 77 -103.13 -67.53 17.90
N ILE PE 78 -103.36 -68.33 16.86
CA ILE PE 78 -102.55 -68.41 15.66
C ILE PE 78 -103.38 -67.96 14.48
N LYS PE 79 -102.80 -67.10 13.64
CA LYS PE 79 -103.51 -66.49 12.53
C LYS PE 79 -102.99 -67.01 11.19
N ALA PE 80 -103.90 -67.33 10.28
CA ALA PE 80 -103.58 -67.73 8.91
C ALA PE 80 -104.24 -66.77 7.94
N ASN PE 81 -103.52 -66.45 6.86
CA ASN PE 81 -103.96 -65.42 5.92
C ASN PE 81 -104.10 -65.97 4.52
N ALA PE 82 -105.13 -65.51 3.82
CA ALA PE 82 -105.24 -65.67 2.38
C ALA PE 82 -105.31 -64.28 1.78
N SER PE 83 -104.57 -64.05 0.71
CA SER PE 83 -104.58 -62.73 0.07
C SER PE 83 -104.71 -62.90 -1.44
N VAL PE 84 -105.69 -62.24 -2.01
CA VAL PE 84 -105.92 -62.28 -3.46
C VAL PE 84 -105.66 -60.89 -4.01
N THR PE 85 -105.10 -60.83 -5.22
CA THR PE 85 -104.83 -59.57 -5.90
C THR PE 85 -105.15 -59.72 -7.38
N PHE PE 86 -106.05 -58.87 -7.87
CA PHE PE 86 -106.44 -58.82 -9.28
C PHE PE 86 -105.78 -57.62 -9.92
N SER PE 87 -104.92 -57.87 -10.90
CA SER PE 87 -104.32 -56.81 -11.71
C SER PE 87 -105.07 -56.79 -13.04
N LEU PE 88 -105.79 -55.70 -13.27
CA LEU PE 88 -106.73 -55.58 -14.39
C LEU PE 88 -106.39 -54.36 -15.21
N PRO PE 89 -105.91 -54.52 -16.44
CA PRO PE 89 -105.73 -53.37 -17.33
C PRO PE 89 -107.07 -52.77 -17.71
N LYS PE 90 -107.07 -51.46 -17.94
CA LYS PE 90 -108.34 -50.78 -18.18
C LYS PE 90 -108.96 -51.19 -19.51
N THR PE 91 -108.14 -51.35 -20.55
CA THR PE 91 -108.64 -51.77 -21.85
C THR PE 91 -109.22 -53.19 -21.83
N TYR PE 92 -108.90 -53.97 -20.80
CA TYR PE 92 -109.38 -55.35 -20.69
C TYR PE 92 -110.89 -55.37 -20.43
N PRO PE 93 -111.66 -56.24 -21.10
CA PRO PE 93 -113.12 -56.12 -21.03
C PRO PE 93 -113.73 -56.72 -19.76
N ASN PE 94 -114.72 -56.00 -19.23
CA ASN PE 94 -115.35 -56.39 -17.97
C ASN PE 94 -115.90 -57.81 -18.02
N GLU PE 95 -116.40 -58.24 -19.17
CA GLU PE 95 -116.91 -59.60 -19.28
C GLU PE 95 -115.82 -60.63 -19.01
N HIS PE 96 -114.67 -60.49 -19.66
CA HIS PE 96 -113.56 -61.41 -19.41
C HIS PE 96 -113.01 -61.30 -17.99
N ILE PE 97 -113.17 -60.14 -17.33
CA ILE PE 97 -112.82 -60.08 -15.91
C ILE PE 97 -113.74 -60.97 -15.06
N THR PE 98 -115.06 -60.86 -15.29
CA THR PE 98 -115.99 -61.74 -14.58
C THR PE 98 -115.60 -63.19 -14.80
N LYS PE 99 -115.24 -63.54 -16.05
CA LYS PE 99 -114.75 -64.88 -16.36
C LYS PE 99 -113.56 -65.25 -15.49
N LEU PE 100 -112.54 -64.37 -15.44
CA LEU PE 100 -111.34 -64.65 -14.67
C LEU PE 100 -111.68 -64.96 -13.22
N ARG PE 101 -112.51 -64.12 -12.59
CA ARG PE 101 -112.88 -64.33 -11.20
C ARG PE 101 -113.53 -65.70 -11.01
N GLN PE 102 -114.47 -66.04 -11.89
CA GLN PE 102 -115.18 -67.31 -11.73
C GLN PE 102 -114.23 -68.50 -11.88
N THR PE 103 -113.30 -68.42 -12.83
CA THR PE 103 -112.35 -69.53 -13.00
C THR PE 103 -111.40 -69.65 -11.82
N LEU PE 104 -111.06 -68.53 -11.17
CA LEU PE 104 -110.27 -68.63 -9.95
C LEU PE 104 -111.05 -69.36 -8.86
N ILE PE 105 -112.33 -69.05 -8.72
CA ILE PE 105 -113.18 -69.80 -7.77
C ILE PE 105 -113.12 -71.30 -8.08
N ALA PE 106 -113.33 -71.64 -9.35
CA ALA PE 106 -113.31 -73.04 -9.77
C ALA PE 106 -111.99 -73.71 -9.43
N TRP PE 107 -110.88 -73.01 -9.69
CA TRP PE 107 -109.56 -73.56 -9.38
C TRP PE 107 -109.40 -73.81 -7.89
N LEU PE 108 -109.76 -72.82 -7.07
CA LEU PE 108 -109.69 -72.99 -5.62
C LEU PE 108 -110.55 -74.13 -5.13
N GLY PE 109 -111.52 -74.58 -5.93
CA GLY PE 109 -112.26 -75.79 -5.62
C GLY PE 109 -111.50 -77.10 -5.77
N GLN PE 110 -110.56 -77.16 -6.70
CA GLN PE 110 -110.00 -78.41 -7.18
C GLN PE 110 -109.06 -79.06 -6.17
N GLN PE 111 -108.88 -80.38 -6.34
CA GLN PE 111 -108.02 -81.14 -5.44
C GLN PE 111 -106.57 -80.72 -5.56
N CYS PE 112 -106.11 -80.48 -6.80
CA CYS PE 112 -104.72 -80.11 -7.00
C CYS PE 112 -104.36 -78.82 -6.28
N VAL PE 113 -105.37 -78.03 -5.89
CA VAL PE 113 -105.16 -76.84 -5.09
C VAL PE 113 -105.39 -77.11 -3.61
N SER PE 114 -106.42 -77.91 -3.28
CA SER PE 114 -106.72 -78.15 -1.86
C SER PE 114 -105.62 -78.96 -1.19
N ASP PE 115 -105.06 -79.97 -1.88
CA ASP PE 115 -104.06 -80.82 -1.27
C ASP PE 115 -102.83 -80.04 -0.75
N PRO PE 116 -102.23 -79.15 -1.55
CA PRO PE 116 -101.13 -78.35 -0.95
C PRO PE 116 -101.59 -77.31 0.05
N VAL PE 117 -102.69 -76.59 -0.24
CA VAL PE 117 -103.17 -75.58 0.70
C VAL PE 117 -103.60 -76.23 2.00
N ASP PE 118 -104.56 -77.16 1.93
CA ASP PE 118 -105.16 -77.69 3.15
C ASP PE 118 -104.16 -78.49 3.97
N SER PE 119 -103.51 -79.48 3.37
CA SER PE 119 -102.69 -80.42 4.12
C SER PE 119 -101.21 -80.40 3.76
N GLY PE 120 -100.81 -79.67 2.72
CA GLY PE 120 -99.41 -79.60 2.35
C GLY PE 120 -98.92 -80.67 1.40
N LEU PE 121 -99.82 -81.50 0.87
CA LEU PE 121 -99.44 -82.49 -0.13
C LEU PE 121 -99.18 -81.79 -1.47
N ASN PE 122 -97.98 -81.97 -2.02
CA ASN PE 122 -97.77 -81.49 -3.38
C ASN PE 122 -98.29 -82.51 -4.38
N ASN PE 123 -98.48 -82.04 -5.61
CA ASN PE 123 -98.98 -82.93 -6.64
C ASN PE 123 -97.82 -83.58 -7.37
N TYR PE 124 -98.05 -84.82 -7.80
CA TYR PE 124 -97.01 -85.62 -8.39
C TYR PE 124 -97.52 -86.40 -9.58
N MET QE 1 -126.77 -35.93 4.00
CA MET QE 1 -127.64 -36.83 3.26
C MET QE 1 -127.03 -38.23 3.21
N ARG QE 2 -127.86 -39.26 3.34
CA ARG QE 2 -127.44 -40.63 3.13
C ARG QE 2 -127.27 -40.88 1.63
N LEU QE 3 -126.03 -40.96 1.19
CA LEU QE 3 -125.75 -41.02 -0.24
C LEU QE 3 -126.28 -42.33 -0.82
N THR QE 4 -127.03 -42.21 -1.91
CA THR QE 4 -127.44 -43.34 -2.72
C THR QE 4 -127.43 -42.91 -4.18
N ASP QE 5 -127.48 -43.91 -5.07
CA ASP QE 5 -127.48 -43.65 -6.51
C ASP QE 5 -128.60 -42.67 -6.83
N VAL QE 6 -128.38 -41.85 -7.87
CA VAL QE 6 -129.38 -40.88 -8.27
C VAL QE 6 -129.61 -40.98 -9.77
N ASP QE 7 -130.80 -40.54 -10.18
CA ASP QE 7 -131.16 -40.41 -11.58
C ASP QE 7 -131.56 -38.96 -11.82
N LEU QE 8 -131.00 -38.37 -12.86
CA LEU QE 8 -131.21 -36.97 -13.20
C LEU QE 8 -132.08 -36.84 -14.43
N THR QE 9 -132.98 -35.87 -14.40
CA THR QE 9 -133.80 -35.54 -15.55
C THR QE 9 -133.06 -34.46 -16.34
N VAL QE 10 -132.65 -34.80 -17.56
CA VAL QE 10 -131.81 -33.92 -18.38
C VAL QE 10 -132.53 -33.65 -19.68
N GLY QE 11 -133.18 -32.49 -19.78
CA GLY QE 11 -133.98 -32.20 -20.93
C GLY QE 11 -135.05 -33.25 -21.12
N GLU QE 12 -134.93 -34.03 -22.19
CA GLU QE 12 -135.90 -35.08 -22.49
C GLU QE 12 -135.28 -36.47 -22.41
N GLU QE 13 -134.22 -36.62 -21.64
CA GLU QE 13 -133.62 -37.92 -21.40
C GLU QE 13 -133.40 -38.09 -19.90
N THR QE 14 -133.12 -39.33 -19.50
CA THR QE 14 -132.83 -39.63 -18.11
C THR QE 14 -131.41 -40.16 -17.99
N ARG QE 15 -130.64 -39.57 -17.08
CA ARG QE 15 -129.24 -39.89 -16.88
C ARG QE 15 -129.10 -40.61 -15.54
N GLU QE 16 -128.47 -41.79 -15.54
CA GLU QE 16 -128.42 -42.62 -14.34
C GLU QE 16 -126.98 -42.67 -13.83
N TYR QE 17 -126.77 -42.16 -12.62
CA TYR QE 17 -125.47 -42.23 -11.97
C TYR QE 17 -125.53 -43.23 -10.83
N ALA QE 18 -124.35 -43.74 -10.47
CA ALA QE 18 -124.18 -44.66 -9.35
C ALA QE 18 -123.01 -44.21 -8.50
N VAL QE 19 -123.15 -44.38 -7.18
CA VAL QE 19 -122.10 -43.97 -6.27
C VAL QE 19 -120.86 -44.80 -6.55
N SER QE 20 -119.75 -44.10 -6.82
CA SER QE 20 -118.46 -44.75 -7.06
C SER QE 20 -117.50 -44.65 -5.89
N GLU QE 21 -117.59 -43.60 -5.07
CA GLU QE 21 -116.89 -43.61 -3.79
C GLU QE 21 -117.48 -42.54 -2.88
N GLN QE 22 -117.39 -42.79 -1.58
CA GLN QE 22 -117.82 -41.82 -0.58
C GLN QE 22 -116.77 -41.74 0.51
N GLN QE 23 -116.20 -40.55 0.71
CA GLN QE 23 -115.26 -40.25 1.78
C GLN QE 23 -115.88 -39.22 2.71
N GLY QE 24 -115.09 -38.78 3.69
CA GLY QE 24 -115.62 -37.90 4.71
C GLY QE 24 -116.11 -36.59 4.14
N THR QE 25 -115.29 -35.95 3.30
CA THR QE 25 -115.59 -34.67 2.71
C THR QE 25 -115.73 -34.72 1.19
N LEU QE 26 -115.66 -35.92 0.60
CA LEU QE 26 -115.64 -36.09 -0.84
C LEU QE 26 -116.55 -37.23 -1.25
N PHE QE 27 -117.18 -37.11 -2.42
CA PHE QE 27 -117.92 -38.21 -3.01
C PHE QE 27 -117.82 -38.14 -4.52
N ARG QE 28 -118.08 -39.28 -5.16
CA ARG QE 28 -117.96 -39.43 -6.60
C ARG QE 28 -119.03 -40.39 -7.12
N PHE QE 29 -119.75 -39.93 -8.14
CA PHE QE 29 -120.71 -40.69 -8.93
C PHE QE 29 -120.13 -40.97 -10.32
N VAL QE 30 -120.61 -42.06 -10.92
CA VAL QE 30 -120.23 -42.46 -12.27
C VAL QE 30 -121.48 -42.76 -13.09
N ASP QE 31 -121.49 -42.35 -14.37
CA ASP QE 31 -122.62 -42.62 -15.26
C ASP QE 31 -122.73 -44.12 -15.51
N LYS QE 32 -123.92 -44.66 -15.21
CA LYS QE 32 -124.14 -46.11 -15.29
C LYS QE 32 -123.99 -46.66 -16.70
N SER QE 33 -124.00 -45.81 -17.72
CA SER QE 33 -123.86 -46.26 -19.10
C SER QE 33 -122.43 -46.52 -19.52
N GLY QE 34 -121.48 -46.56 -18.57
CA GLY QE 34 -120.07 -46.56 -18.89
C GLY QE 34 -119.30 -47.77 -18.36
N THR QE 35 -118.06 -47.89 -18.85
CA THR QE 35 -117.12 -48.93 -18.47
C THR QE 35 -115.83 -48.27 -18.02
N VAL QE 36 -114.97 -49.03 -17.31
CA VAL QE 36 -113.61 -48.54 -17.09
C VAL QE 36 -112.96 -48.25 -18.43
N ALA QE 37 -113.16 -49.13 -19.42
CA ALA QE 37 -112.56 -48.94 -20.73
C ALA QE 37 -113.14 -47.73 -21.44
N ASN QE 38 -114.47 -47.66 -21.51
CA ASN QE 38 -115.12 -46.52 -22.15
C ASN QE 38 -115.99 -45.81 -21.12
N ASN QE 39 -115.44 -44.75 -20.52
CA ASN QE 39 -116.18 -43.97 -19.55
C ASN QE 39 -117.08 -42.96 -20.25
N THR QE 40 -118.21 -42.66 -19.61
CA THR QE 40 -119.23 -41.82 -20.20
C THR QE 40 -119.58 -40.60 -19.37
N GLY QE 41 -119.17 -40.55 -18.11
CA GLY QE 41 -119.47 -39.40 -17.28
C GLY QE 41 -119.08 -39.63 -15.84
N VAL QE 42 -118.58 -38.58 -15.19
CA VAL QE 42 -118.25 -38.65 -13.77
C VAL QE 42 -118.65 -37.33 -13.13
N PHE QE 43 -119.02 -37.40 -11.86
CA PHE QE 43 -119.31 -36.22 -11.06
C PHE QE 43 -118.64 -36.40 -9.71
N SER QE 44 -118.00 -35.35 -9.21
CA SER QE 44 -117.31 -35.41 -7.94
C SER QE 44 -117.51 -34.10 -7.19
N LEU QE 45 -117.58 -34.20 -5.86
CA LEU QE 45 -117.78 -33.02 -5.02
C LEU QE 45 -116.96 -33.17 -3.75
N GLU QE 46 -116.34 -32.07 -3.32
CA GLU QE 46 -115.53 -32.04 -2.11
C GLU QE 46 -115.77 -30.73 -1.37
N GLN QE 47 -115.86 -30.82 -0.04
CA GLN QE 47 -115.92 -29.63 0.79
C GLN QE 47 -114.64 -29.50 1.60
N ARG QE 48 -114.00 -28.35 1.51
CA ARG QE 48 -112.91 -27.95 2.40
C ARG QE 48 -113.50 -26.94 3.37
N PHE QE 49 -113.92 -27.45 4.53
CA PHE QE 49 -114.34 -26.57 5.61
C PHE QE 49 -113.12 -25.85 6.14
N GLY QE 50 -113.10 -24.54 6.00
CA GLY QE 50 -111.91 -23.77 6.28
C GLY QE 50 -111.66 -23.57 7.77
N ALA QE 51 -110.51 -22.95 8.06
CA ALA QE 51 -110.23 -22.49 9.40
C ALA QE 51 -111.29 -21.51 9.87
N ALA QE 52 -111.33 -21.27 11.18
CA ALA QE 52 -112.41 -20.46 11.76
C ALA QE 52 -112.43 -19.05 11.18
N ASN QE 53 -111.30 -18.56 10.68
CA ASN QE 53 -111.27 -17.24 10.05
C ASN QE 53 -111.66 -17.28 8.58
N SER QE 54 -111.39 -18.39 7.90
CA SER QE 54 -111.56 -18.48 6.46
C SER QE 54 -112.99 -18.90 6.10
N ASN QE 55 -113.31 -18.73 4.81
CA ASN QE 55 -114.54 -19.26 4.25
C ASN QE 55 -114.40 -20.75 3.98
N ARG QE 56 -115.54 -21.44 3.98
CA ARG QE 56 -115.51 -22.82 3.54
C ARG QE 56 -115.76 -22.87 2.04
N LYS QE 57 -115.16 -23.86 1.39
CA LYS QE 57 -115.22 -24.01 -0.05
C LYS QE 57 -115.87 -25.34 -0.40
N VAL QE 58 -116.73 -25.34 -1.40
CA VAL QE 58 -117.29 -26.56 -1.95
C VAL QE 58 -117.02 -26.56 -3.45
N THR QE 59 -116.43 -27.63 -3.94
CA THR QE 59 -116.08 -27.71 -5.34
C THR QE 59 -116.68 -28.96 -5.97
N MET QE 60 -117.13 -28.81 -7.22
CA MET QE 60 -117.71 -29.88 -8.01
C MET QE 60 -117.07 -29.92 -9.38
N LEU QE 61 -116.83 -31.13 -9.85
CA LEU QE 61 -116.32 -31.37 -11.19
C LEU QE 61 -117.22 -32.37 -11.90
N LEU QE 62 -117.74 -31.97 -13.05
CA LEU QE 62 -118.53 -32.82 -13.93
C LEU QE 62 -117.74 -33.02 -15.21
N THR QE 63 -117.49 -34.28 -15.58
CA THR QE 63 -116.72 -34.60 -16.77
C THR QE 63 -117.53 -35.51 -17.67
N ASP QE 64 -117.71 -35.07 -18.92
CA ASP QE 64 -118.41 -35.86 -19.93
C ASP QE 64 -117.44 -36.13 -21.07
N PRO QE 65 -116.98 -37.37 -21.21
CA PRO QE 65 -116.16 -37.74 -22.36
C PRO QE 65 -117.00 -38.32 -23.48
N VAL QE 66 -116.55 -38.04 -24.71
CA VAL QE 66 -117.20 -38.49 -25.93
C VAL QE 66 -116.12 -39.00 -26.88
N VAL QE 67 -116.48 -40.03 -27.63
CA VAL QE 67 -115.59 -40.54 -28.67
C VAL QE 67 -115.84 -39.76 -29.95
N VAL QE 68 -114.76 -39.41 -30.64
CA VAL QE 68 -114.80 -38.63 -31.87
C VAL QE 68 -113.83 -39.24 -32.85
N LYS QE 69 -114.24 -39.38 -34.10
CA LYS QE 69 -113.33 -39.84 -35.14
C LYS QE 69 -112.29 -38.77 -35.41
N ASP QE 70 -111.08 -39.21 -35.73
CA ASP QE 70 -109.97 -38.32 -36.01
C ASP QE 70 -109.87 -38.05 -37.51
N ALA QE 71 -109.10 -37.01 -37.87
CA ALA QE 71 -108.79 -36.77 -39.27
C ALA QE 71 -108.09 -37.98 -39.88
N SER QE 72 -107.27 -38.68 -39.08
CA SER QE 72 -106.65 -39.93 -39.49
C SER QE 72 -107.62 -41.11 -39.47
N GLY QE 73 -108.86 -40.89 -39.03
CA GLY QE 73 -109.82 -41.96 -38.87
C GLY QE 73 -109.79 -42.63 -37.51
N ALA QE 74 -108.66 -42.59 -36.82
CA ALA QE 74 -108.52 -43.23 -35.52
C ALA QE 74 -109.57 -42.70 -34.53
N ASP QE 75 -109.99 -43.56 -33.63
CA ASP QE 75 -110.96 -43.17 -32.61
C ASP QE 75 -110.24 -42.47 -31.45
N MET QE 76 -110.79 -41.34 -31.01
CA MET QE 76 -110.13 -40.47 -30.05
C MET QE 76 -111.15 -40.04 -29.00
N THR QE 77 -110.82 -40.24 -27.74
CA THR QE 77 -111.73 -39.89 -26.64
C THR QE 77 -111.40 -38.50 -26.13
N ILE QE 78 -112.42 -37.64 -26.04
CA ILE QE 78 -112.27 -36.22 -25.73
C ILE QE 78 -113.18 -35.89 -24.55
N LYS QE 79 -112.64 -35.17 -23.57
CA LYS QE 79 -113.39 -34.82 -22.37
C LYS QE 79 -113.74 -33.34 -22.37
N ALA QE 80 -114.95 -33.02 -21.93
CA ALA QE 80 -115.39 -31.66 -21.63
C ALA QE 80 -115.71 -31.56 -20.15
N ASN QE 81 -115.29 -30.46 -19.53
CA ASN QE 81 -115.40 -30.34 -18.08
C ASN QE 81 -116.22 -29.12 -17.69
N ALA QE 82 -116.96 -29.26 -16.60
CA ALA QE 82 -117.61 -28.15 -15.94
C ALA QE 82 -117.22 -28.22 -14.48
N SER QE 83 -116.84 -27.08 -13.90
CA SER QE 83 -116.43 -27.03 -12.51
C SER QE 83 -117.12 -25.87 -11.81
N VAL QE 84 -117.73 -26.16 -10.67
CA VAL QE 84 -118.42 -25.16 -9.87
C VAL QE 84 -117.73 -25.07 -8.51
N THR QE 85 -117.60 -23.85 -7.99
CA THR QE 85 -116.99 -23.63 -6.68
C THR QE 85 -117.80 -22.59 -5.91
N PHE QE 86 -118.25 -22.98 -4.73
CA PHE QE 86 -118.97 -22.10 -3.81
C PHE QE 86 -118.00 -21.68 -2.71
N SER QE 87 -117.76 -20.38 -2.60
CA SER QE 87 -117.02 -19.80 -1.49
C SER QE 87 -118.04 -19.18 -0.55
N LEU QE 88 -118.20 -19.78 0.63
CA LEU QE 88 -119.24 -19.42 1.57
C LEU QE 88 -118.62 -19.05 2.90
N PRO QE 89 -118.66 -17.77 3.27
CA PRO QE 89 -118.17 -17.37 4.60
C PRO QE 89 -119.05 -17.95 5.69
N LYS QE 90 -118.44 -18.14 6.86
CA LYS QE 90 -119.18 -18.77 7.96
C LYS QE 90 -120.36 -17.91 8.41
N THR QE 91 -120.16 -16.60 8.53
CA THR QE 91 -121.20 -15.71 9.01
C THR QE 91 -122.35 -15.56 8.02
N TYR QE 92 -122.18 -16.02 6.79
CA TYR QE 92 -123.24 -15.93 5.79
C TYR QE 92 -124.36 -16.90 6.13
N PRO QE 93 -125.64 -16.49 6.07
CA PRO QE 93 -126.72 -17.36 6.54
C PRO QE 93 -127.10 -18.45 5.54
N ASN QE 94 -127.36 -19.65 6.08
CA ASN QE 94 -127.69 -20.81 5.25
C ASN QE 94 -128.84 -20.51 4.29
N GLU QE 95 -129.78 -19.67 4.70
CA GLU QE 95 -130.90 -19.32 3.84
C GLU QE 95 -130.42 -18.66 2.55
N HIS QE 96 -129.65 -17.56 2.67
CA HIS QE 96 -129.15 -16.89 1.49
C HIS QE 96 -128.19 -17.76 0.69
N ILE QE 97 -127.56 -18.76 1.32
CA ILE QE 97 -126.78 -19.72 0.53
C ILE QE 97 -127.69 -20.51 -0.42
N THR QE 98 -128.78 -21.07 0.12
CA THR QE 98 -129.71 -21.81 -0.77
C THR QE 98 -130.21 -20.90 -1.87
N LYS QE 99 -130.48 -19.63 -1.52
CA LYS QE 99 -130.86 -18.64 -2.54
C LYS QE 99 -129.81 -18.54 -3.65
N LEU QE 100 -128.54 -18.42 -3.26
CA LEU QE 100 -127.45 -18.33 -4.24
C LEU QE 100 -127.44 -19.56 -5.16
N ARG QE 101 -127.53 -20.75 -4.58
CA ARG QE 101 -127.48 -21.97 -5.39
C ARG QE 101 -128.64 -22.00 -6.40
N GLN QE 102 -129.83 -21.64 -5.95
CA GLN QE 102 -130.98 -21.69 -6.86
C GLN QE 102 -130.87 -20.65 -7.97
N THR QE 103 -130.41 -19.43 -7.64
CA THR QE 103 -130.22 -18.43 -8.70
C THR QE 103 -129.16 -18.89 -9.69
N LEU QE 104 -128.15 -19.63 -9.24
CA LEU QE 104 -127.16 -20.15 -10.18
C LEU QE 104 -127.80 -21.16 -11.13
N ILE QE 105 -128.63 -22.05 -10.61
CA ILE QE 105 -129.36 -22.98 -11.49
C ILE QE 105 -130.17 -22.20 -12.52
N ALA QE 106 -130.90 -21.18 -12.06
CA ALA QE 106 -131.71 -20.36 -12.96
C ALA QE 106 -130.85 -19.75 -14.06
N TRP QE 107 -129.73 -19.16 -13.68
CA TRP QE 107 -128.84 -18.56 -14.66
C TRP QE 107 -128.35 -19.57 -15.68
N LEU QE 108 -127.93 -20.75 -15.20
CA LEU QE 108 -127.43 -21.79 -16.08
C LEU QE 108 -128.48 -22.24 -17.08
N GLY QE 109 -129.76 -22.06 -16.75
CA GLY QE 109 -130.82 -22.34 -17.69
C GLY QE 109 -131.00 -21.31 -18.80
N GLN QE 110 -130.57 -20.07 -18.55
CA GLN QE 110 -130.88 -18.94 -19.41
C GLN QE 110 -130.18 -19.06 -20.76
N GLN QE 111 -130.75 -18.38 -21.76
CA GLN QE 111 -130.16 -18.42 -23.09
C GLN QE 111 -128.88 -17.59 -23.16
N CYS QE 112 -128.81 -16.48 -22.42
CA CYS QE 112 -127.58 -15.69 -22.44
C CYS QE 112 -126.39 -16.46 -21.88
N VAL QE 113 -126.66 -17.51 -21.11
CA VAL QE 113 -125.60 -18.39 -20.63
C VAL QE 113 -125.40 -19.58 -21.55
N SER QE 114 -126.50 -20.15 -22.07
CA SER QE 114 -126.38 -21.35 -22.90
C SER QE 114 -125.72 -21.06 -24.23
N ASP QE 115 -126.08 -19.93 -24.87
CA ASP QE 115 -125.53 -19.63 -26.19
C ASP QE 115 -124.01 -19.59 -26.22
N PRO QE 116 -123.31 -18.89 -25.32
CA PRO QE 116 -121.84 -18.98 -25.35
C PRO QE 116 -121.30 -20.33 -24.92
N VAL QE 117 -121.90 -20.94 -23.89
CA VAL QE 117 -121.43 -22.24 -23.42
C VAL QE 117 -121.66 -23.31 -24.50
N ASP QE 118 -122.90 -23.42 -24.99
CA ASP QE 118 -123.23 -24.52 -25.89
C ASP QE 118 -122.62 -24.33 -27.27
N SER QE 119 -122.74 -23.13 -27.84
CA SER QE 119 -122.41 -22.92 -29.24
C SER QE 119 -121.21 -22.00 -29.47
N GLY QE 120 -120.67 -21.39 -28.41
CA GLY QE 120 -119.53 -20.51 -28.58
C GLY QE 120 -119.84 -19.14 -29.15
N LEU QE 121 -121.12 -18.77 -29.25
CA LEU QE 121 -121.50 -17.45 -29.71
C LEU QE 121 -121.63 -16.51 -28.52
N ASN QE 122 -121.03 -15.34 -28.64
CA ASN QE 122 -121.15 -14.35 -27.58
C ASN QE 122 -122.45 -13.56 -27.71
N ASN QE 123 -122.82 -12.88 -26.64
CA ASN QE 123 -124.03 -12.09 -26.63
C ASN QE 123 -123.75 -10.68 -27.11
N TYR QE 124 -124.82 -9.97 -27.45
CA TYR QE 124 -124.73 -8.62 -28.01
C TYR QE 124 -125.95 -7.73 -27.66
N MET RE 1 -15.02 121.36 -51.27
CA MET RE 1 -14.64 122.15 -52.43
C MET RE 1 -14.57 121.29 -53.69
N ARG RE 2 -15.09 121.81 -54.80
CA ARG RE 2 -14.92 121.14 -56.09
C ARG RE 2 -13.45 121.14 -56.47
N LEU RE 3 -12.86 119.95 -56.54
CA LEU RE 3 -11.43 119.83 -56.74
C LEU RE 3 -11.01 120.36 -58.10
N THR RE 4 -9.85 121.00 -58.13
CA THR RE 4 -9.24 121.46 -59.36
C THR RE 4 -7.75 121.28 -59.22
N ASP RE 5 -7.05 121.18 -60.35
CA ASP RE 5 -5.59 121.13 -60.32
C ASP RE 5 -5.07 122.31 -59.50
N VAL RE 6 -3.93 122.12 -58.87
CA VAL RE 6 -3.45 123.07 -57.87
C VAL RE 6 -2.05 123.52 -58.27
N ASP RE 7 -1.80 124.82 -58.12
CA ASP RE 7 -0.47 125.37 -58.34
C ASP RE 7 -0.02 126.03 -57.06
N LEU RE 8 1.10 125.57 -56.53
CA LEU RE 8 1.65 126.01 -55.26
C LEU RE 8 2.88 126.87 -55.51
N THR RE 9 3.00 127.96 -54.77
CA THR RE 9 4.22 128.75 -54.77
C THR RE 9 5.11 128.24 -53.65
N VAL RE 10 6.30 127.76 -54.01
CA VAL RE 10 7.18 127.08 -53.07
C VAL RE 10 8.52 127.81 -53.09
N GLY RE 11 8.79 128.58 -52.03
CA GLY RE 11 9.99 129.38 -52.01
C GLY RE 11 10.01 130.29 -53.22
N GLU RE 12 10.94 130.03 -54.15
CA GLU RE 12 11.07 130.87 -55.33
C GLU RE 12 10.79 130.09 -56.60
N GLU RE 13 10.07 128.99 -56.50
CA GLU RE 13 9.69 128.17 -57.64
C GLU RE 13 8.18 127.96 -57.57
N THR RE 14 7.60 127.44 -58.65
CA THR RE 14 6.18 127.11 -58.68
C THR RE 14 6.02 125.64 -59.03
N ARG RE 15 5.25 124.94 -58.20
CA ARG RE 15 5.03 123.51 -58.29
C ARG RE 15 3.58 123.26 -58.70
N GLU RE 16 3.39 122.42 -59.72
CA GLU RE 16 2.07 122.19 -60.30
C GLU RE 16 1.64 120.75 -60.07
N TYR RE 17 0.50 120.57 -59.41
CA TYR RE 17 -0.10 119.28 -59.14
C TYR RE 17 -1.41 119.14 -59.90
N ALA RE 18 -1.74 117.89 -60.22
CA ALA RE 18 -2.98 117.54 -60.89
C ALA RE 18 -3.72 116.47 -60.12
N VAL RE 19 -5.05 116.55 -60.15
CA VAL RE 19 -5.88 115.59 -59.44
C VAL RE 19 -5.68 114.20 -60.02
N SER RE 20 -5.35 113.24 -59.17
CA SER RE 20 -5.19 111.84 -59.58
C SER RE 20 -6.36 110.95 -59.18
N GLU RE 21 -6.93 111.12 -57.99
CA GLU RE 21 -8.18 110.42 -57.70
C GLU RE 21 -8.90 111.13 -56.56
N GLN RE 22 -10.22 110.98 -56.54
CA GLN RE 22 -11.06 111.57 -55.50
C GLN RE 22 -12.10 110.55 -55.07
N GLN RE 23 -12.12 110.23 -53.79
CA GLN RE 23 -13.12 109.37 -53.18
C GLN RE 23 -13.97 110.20 -52.24
N GLY RE 24 -14.86 109.54 -51.52
CA GLY RE 24 -15.75 110.25 -50.64
C GLY RE 24 -15.02 111.06 -49.58
N THR RE 25 -14.03 110.44 -48.95
CA THR RE 25 -13.26 111.07 -47.87
C THR RE 25 -11.76 111.07 -48.16
N LEU RE 26 -11.37 110.85 -49.41
CA LEU RE 26 -9.95 110.77 -49.76
C LEU RE 26 -9.71 111.41 -51.12
N PHE RE 27 -8.56 112.06 -51.27
CA PHE RE 27 -8.12 112.53 -52.58
C PHE RE 27 -6.61 112.47 -52.68
N ARG RE 28 -6.15 112.49 -53.94
CA ARG RE 28 -4.74 112.37 -54.25
C ARG RE 28 -4.41 113.21 -55.48
N PHE RE 29 -3.38 114.04 -55.33
CA PHE RE 29 -2.72 114.81 -56.38
C PHE RE 29 -1.36 114.23 -56.72
N VAL RE 30 -0.94 114.46 -57.96
CA VAL RE 30 0.36 114.05 -58.46
C VAL RE 30 1.08 115.28 -59.04
N ASP RE 31 2.40 115.35 -58.82
CA ASP RE 31 3.21 116.42 -59.38
C ASP RE 31 3.28 116.28 -60.90
N LYS RE 32 2.87 117.34 -61.61
CA LYS RE 32 2.86 117.32 -63.07
C LYS RE 32 4.25 117.14 -63.67
N SER RE 33 5.31 117.27 -62.87
CA SER RE 33 6.66 117.05 -63.35
C SER RE 33 6.94 115.61 -63.74
N GLY RE 34 6.07 114.67 -63.34
CA GLY RE 34 6.39 113.27 -63.39
C GLY RE 34 5.45 112.44 -64.26
N THR RE 35 5.87 111.20 -64.48
CA THR RE 35 5.17 110.17 -65.23
C THR RE 35 4.68 109.09 -64.28
N VAL RE 36 3.74 108.28 -64.76
CA VAL RE 36 3.49 106.98 -64.13
C VAL RE 36 4.81 106.27 -63.91
N ALA RE 37 5.66 106.21 -64.94
CA ALA RE 37 6.95 105.55 -64.84
C ALA RE 37 7.83 106.22 -63.79
N ASN RE 38 8.17 107.48 -64.00
CA ASN RE 38 9.02 108.22 -63.08
C ASN RE 38 8.18 109.27 -62.37
N ASN RE 39 8.03 109.14 -61.05
CA ASN RE 39 7.21 110.03 -60.25
C ASN RE 39 8.07 111.08 -59.56
N THR RE 40 7.57 112.32 -59.54
CA THR RE 40 8.27 113.42 -58.91
C THR RE 40 7.65 113.87 -57.59
N GLY RE 41 6.40 113.52 -57.32
CA GLY RE 41 5.77 113.94 -56.08
C GLY RE 41 4.33 113.49 -55.96
N VAL RE 42 3.87 113.24 -54.74
CA VAL RE 42 2.50 112.81 -54.51
C VAL RE 42 1.99 113.46 -53.23
N PHE RE 43 0.70 113.78 -53.23
CA PHE RE 43 0.03 114.30 -52.05
C PHE RE 43 -1.30 113.59 -51.89
N SER RE 44 -1.60 113.16 -50.67
CA SER RE 44 -2.84 112.45 -50.39
C SER RE 44 -3.42 112.95 -49.06
N LEU RE 45 -4.75 113.01 -49.01
CA LEU RE 45 -5.45 113.48 -47.81
C LEU RE 45 -6.70 112.62 -47.60
N GLU RE 46 -6.93 112.21 -46.34
CA GLU RE 46 -8.08 111.39 -45.98
C GLU RE 46 -8.65 111.84 -44.64
N GLN RE 47 -9.98 111.92 -44.56
CA GLN RE 47 -10.67 112.23 -43.30
C GLN RE 47 -11.42 111.01 -42.79
N ARG RE 48 -11.35 110.81 -41.47
CA ARG RE 48 -12.01 109.72 -40.78
C ARG RE 48 -12.88 110.34 -39.68
N PHE RE 49 -14.17 110.42 -39.96
CA PHE RE 49 -15.18 110.90 -39.02
C PHE RE 49 -15.55 109.74 -38.09
N GLY RE 50 -15.21 109.88 -36.81
CA GLY RE 50 -15.48 108.83 -35.84
C GLY RE 50 -16.89 108.91 -35.28
N ALA RE 51 -17.12 108.16 -34.21
CA ALA RE 51 -18.39 108.27 -33.49
C ALA RE 51 -18.44 109.60 -32.72
N ALA RE 52 -19.63 109.92 -32.19
CA ALA RE 52 -19.82 111.20 -31.53
C ALA RE 52 -18.95 111.35 -30.29
N ASN RE 53 -18.49 110.25 -29.69
CA ASN RE 53 -17.50 110.31 -28.63
C ASN RE 53 -16.07 110.35 -29.15
N SER RE 54 -15.87 110.06 -30.42
CA SER RE 54 -14.54 110.03 -31.01
C SER RE 54 -14.20 111.35 -31.69
N ASN RE 55 -12.92 111.68 -31.71
CA ASN RE 55 -12.45 112.82 -32.46
C ASN RE 55 -12.36 112.45 -33.93
N ARG RE 56 -12.81 113.35 -34.80
CA ARG RE 56 -12.55 113.12 -36.22
C ARG RE 56 -11.07 113.39 -36.49
N LYS RE 57 -10.54 112.68 -37.49
CA LYS RE 57 -9.12 112.72 -37.76
C LYS RE 57 -8.90 113.00 -39.24
N VAL RE 58 -7.84 113.73 -39.54
CA VAL RE 58 -7.54 114.13 -40.92
C VAL RE 58 -6.04 113.93 -41.13
N THR RE 59 -5.68 113.14 -42.15
CA THR RE 59 -4.28 112.79 -42.34
C THR RE 59 -3.82 113.09 -43.76
N MET RE 60 -2.62 113.64 -43.86
CA MET RE 60 -2.00 114.02 -45.11
C MET RE 60 -0.65 113.33 -45.24
N LEU RE 61 -0.34 112.89 -46.46
CA LEU RE 61 0.97 112.33 -46.78
C LEU RE 61 1.51 113.03 -48.02
N LEU RE 62 2.69 113.61 -47.89
CA LEU RE 62 3.41 114.26 -48.98
C LEU RE 62 4.69 113.48 -49.20
N THR RE 63 4.85 112.96 -50.42
CA THR RE 63 6.01 112.15 -50.78
C THR RE 63 6.78 112.82 -51.91
N ASP RE 64 8.09 113.01 -51.70
CA ASP RE 64 8.97 113.61 -52.70
C ASP RE 64 10.10 112.63 -52.98
N PRO RE 65 10.06 111.96 -54.13
CA PRO RE 65 11.18 111.12 -54.54
C PRO RE 65 12.17 111.89 -55.40
N VAL RE 66 13.45 111.54 -55.22
CA VAL RE 66 14.57 112.15 -55.92
C VAL RE 66 15.48 111.03 -56.41
N VAL RE 67 16.07 111.23 -57.58
CA VAL RE 67 17.07 110.29 -58.07
C VAL RE 67 18.43 110.72 -57.59
N VAL RE 68 19.17 109.78 -56.99
CA VAL RE 68 20.48 110.01 -56.41
C VAL RE 68 21.47 109.03 -57.03
N LYS RE 69 22.73 109.45 -57.12
CA LYS RE 69 23.80 108.60 -57.59
C LYS RE 69 24.13 107.54 -56.54
N ASP RE 70 24.32 106.31 -57.01
CA ASP RE 70 24.75 105.24 -56.13
C ASP RE 70 26.23 105.40 -55.77
N ALA RE 71 26.65 104.72 -54.71
CA ALA RE 71 28.08 104.68 -54.39
C ALA RE 71 28.87 104.03 -55.52
N SER RE 72 28.25 103.06 -56.22
CA SER RE 72 28.84 102.52 -57.43
C SER RE 72 28.64 103.43 -58.62
N GLY RE 73 27.59 104.25 -58.61
CA GLY RE 73 27.29 105.16 -59.71
C GLY RE 73 25.93 104.94 -60.34
N ALA RE 74 25.25 103.84 -60.03
CA ALA RE 74 23.95 103.55 -60.60
C ALA RE 74 22.92 104.61 -60.21
N ASP RE 75 21.85 104.68 -61.00
CA ASP RE 75 20.75 105.58 -60.70
C ASP RE 75 19.81 104.92 -59.70
N MET RE 76 19.50 105.61 -58.62
CA MET RE 76 18.68 105.03 -57.56
C MET RE 76 17.66 106.06 -57.09
N THR RE 77 16.41 105.63 -56.88
CA THR RE 77 15.36 106.55 -56.46
C THR RE 77 15.12 106.44 -54.97
N ILE RE 78 15.07 107.60 -54.30
CA ILE RE 78 14.97 107.68 -52.84
C ILE RE 78 13.83 108.63 -52.52
N LYS RE 79 12.92 108.19 -51.65
CA LYS RE 79 11.76 108.98 -51.27
C LYS RE 79 11.95 109.58 -49.89
N ALA RE 80 11.43 110.79 -49.71
CA ALA RE 80 11.33 111.46 -48.41
C ALA RE 80 9.86 111.74 -48.12
N ASN RE 81 9.43 111.45 -46.91
CA ASN RE 81 8.02 111.51 -46.56
C ASN RE 81 7.77 112.57 -45.51
N ALA RE 82 6.63 113.23 -45.60
CA ALA RE 82 6.14 114.10 -44.54
C ALA RE 82 4.68 113.79 -44.34
N SER RE 83 4.26 113.64 -43.08
CA SER RE 83 2.88 113.27 -42.80
C SER RE 83 2.34 114.14 -41.68
N VAL RE 84 1.13 114.68 -41.89
CA VAL RE 84 0.46 115.51 -40.90
C VAL RE 84 -0.82 114.81 -40.49
N THR RE 85 -1.18 114.94 -39.21
CA THR RE 85 -2.43 114.37 -38.69
C THR RE 85 -3.07 115.37 -37.74
N PHE RE 86 -4.30 115.76 -38.06
CA PHE RE 86 -5.11 116.65 -37.23
C PHE RE 86 -6.11 115.79 -36.47
N SER RE 87 -6.02 115.80 -35.15
CA SER RE 87 -7.01 115.18 -34.27
C SER RE 87 -7.90 116.29 -33.73
N LEU RE 88 -9.15 116.31 -34.18
CA LEU RE 88 -10.09 117.39 -33.91
C LEU RE 88 -11.33 116.82 -33.25
N PRO RE 89 -11.54 117.08 -31.96
CA PRO RE 89 -12.78 116.68 -31.29
C PRO RE 89 -13.97 117.43 -31.85
N LYS RE 90 -15.13 116.80 -31.73
CA LYS RE 90 -16.35 117.33 -32.31
C LYS RE 90 -17.05 118.35 -31.43
N THR RE 91 -16.47 118.68 -30.28
CA THR RE 91 -16.89 119.81 -29.45
C THR RE 91 -15.97 121.01 -29.62
N TYR RE 92 -14.92 120.86 -30.39
CA TYR RE 92 -13.94 121.91 -30.65
C TYR RE 92 -14.45 122.83 -31.77
N PRO RE 93 -14.35 124.14 -31.62
CA PRO RE 93 -14.93 125.04 -32.62
C PRO RE 93 -14.07 125.19 -33.88
N ASN RE 94 -14.79 125.30 -35.01
CA ASN RE 94 -14.12 125.36 -36.31
C ASN RE 94 -13.16 126.54 -36.39
N GLU RE 95 -13.52 127.66 -35.77
CA GLU RE 95 -12.63 128.82 -35.74
C GLU RE 95 -11.26 128.43 -35.20
N HIS RE 96 -11.24 127.80 -34.03
CA HIS RE 96 -9.97 127.42 -33.43
C HIS RE 96 -9.26 126.33 -34.20
N ILE RE 97 -9.99 125.50 -34.96
CA ILE RE 97 -9.31 124.58 -35.86
C ILE RE 97 -8.52 125.36 -36.93
N THR RE 98 -9.16 126.38 -37.50
CA THR RE 98 -8.44 127.21 -38.48
C THR RE 98 -7.22 127.88 -37.84
N LYS RE 99 -7.41 128.41 -36.63
CA LYS RE 99 -6.29 128.98 -35.87
C LYS RE 99 -5.16 127.98 -35.73
N LEU RE 100 -5.49 126.73 -35.38
CA LEU RE 100 -4.50 125.69 -35.21
C LEU RE 100 -3.73 125.44 -36.52
N ARG RE 101 -4.46 125.29 -37.63
CA ARG RE 101 -3.81 125.04 -38.91
C ARG RE 101 -2.85 126.17 -39.27
N GLN RE 102 -3.28 127.41 -39.05
CA GLN RE 102 -2.41 128.53 -39.41
C GLN RE 102 -1.18 128.60 -38.50
N THR RE 103 -1.35 128.36 -37.20
CA THR RE 103 -0.17 128.33 -36.31
C THR RE 103 0.79 127.22 -36.72
N LEU RE 104 0.27 126.10 -37.21
CA LEU RE 104 1.14 125.04 -37.69
C LEU RE 104 1.94 125.50 -38.91
N ILE RE 105 1.27 126.18 -39.84
CA ILE RE 105 1.99 126.72 -41.00
C ILE RE 105 3.11 127.67 -40.54
N ALA RE 106 2.78 128.56 -39.61
CA ALA RE 106 3.78 129.50 -39.10
C ALA RE 106 4.95 128.77 -38.45
N TRP RE 107 4.66 127.74 -37.65
CA TRP RE 107 5.73 126.97 -37.02
C TRP RE 107 6.60 126.29 -38.05
N LEU RE 108 6.00 125.68 -39.07
CA LEU RE 108 6.77 125.04 -40.13
C LEU RE 108 7.64 126.02 -40.87
N GLY RE 109 7.30 127.31 -40.83
CA GLY RE 109 8.15 128.34 -41.37
C GLY RE 109 9.38 128.66 -40.54
N GLN RE 110 9.31 128.41 -39.23
CA GLN RE 110 10.31 128.90 -38.29
C GLN RE 110 11.67 128.25 -38.51
N GLN RE 111 12.72 128.97 -38.11
CA GLN RE 111 14.07 128.43 -38.25
C GLN RE 111 14.32 127.30 -37.25
N CYS RE 112 13.73 127.39 -36.05
CA CYS RE 112 13.93 126.33 -35.06
C CYS RE 112 13.28 125.02 -35.48
N VAL RE 113 12.31 125.08 -36.38
CA VAL RE 113 11.78 123.87 -37.01
C VAL RE 113 12.58 123.52 -38.26
N SER RE 114 13.07 124.53 -38.99
CA SER RE 114 13.77 124.29 -40.23
C SER RE 114 15.09 123.57 -40.03
N ASP RE 115 15.89 124.01 -39.04
CA ASP RE 115 17.23 123.45 -38.86
C ASP RE 115 17.22 121.94 -38.64
N PRO RE 116 16.46 121.37 -37.70
CA PRO RE 116 16.46 119.90 -37.59
C PRO RE 116 15.89 119.20 -38.81
N VAL RE 117 14.79 119.70 -39.37
CA VAL RE 117 14.19 119.07 -40.53
C VAL RE 117 15.11 119.16 -41.73
N ASP RE 118 15.49 120.38 -42.12
CA ASP RE 118 16.20 120.55 -43.38
C ASP RE 118 17.62 120.00 -43.32
N SER RE 119 18.34 120.23 -42.22
CA SER RE 119 19.76 119.92 -42.15
C SER RE 119 20.15 118.93 -41.07
N GLY RE 120 19.27 118.63 -40.12
CA GLY RE 120 19.59 117.70 -39.06
C GLY RE 120 20.22 118.32 -37.83
N LEU RE 121 20.48 119.61 -37.83
CA LEU RE 121 21.04 120.26 -36.66
C LEU RE 121 19.95 120.45 -35.60
N ASN RE 122 20.26 120.07 -34.36
CA ASN RE 122 19.36 120.37 -33.26
C ASN RE 122 19.57 121.79 -32.75
N ASN RE 123 18.53 122.32 -32.11
CA ASN RE 123 18.65 123.65 -31.52
C ASN RE 123 19.23 123.54 -30.11
N TYR RE 124 19.76 124.66 -29.63
CA TYR RE 124 20.43 124.67 -28.34
C TYR RE 124 20.09 125.90 -27.49
N MET SE 1 -27.76 114.53 -60.92
CA MET SE 1 -27.54 115.97 -61.10
C MET SE 1 -26.13 116.35 -60.65
N ARG SE 2 -25.68 117.53 -61.06
CA ARG SE 2 -24.40 118.07 -60.61
C ARG SE 2 -24.60 118.80 -59.28
N LEU SE 3 -24.09 118.21 -58.21
CA LEU SE 3 -24.31 118.74 -56.87
C LEU SE 3 -23.81 120.17 -56.72
N THR SE 4 -24.68 121.01 -56.19
CA THR SE 4 -24.38 122.39 -55.86
C THR SE 4 -24.94 122.67 -54.49
N ASP SE 5 -24.29 123.60 -53.76
CA ASP SE 5 -24.80 123.98 -52.45
C ASP SE 5 -26.27 124.38 -52.57
N VAL SE 6 -27.06 124.08 -51.54
CA VAL SE 6 -28.50 124.16 -51.65
C VAL SE 6 -29.00 125.13 -50.59
N ASP SE 7 -30.02 125.91 -50.95
CA ASP SE 7 -30.69 126.79 -50.00
C ASP SE 7 -32.17 126.45 -49.97
N LEU SE 8 -32.66 126.10 -48.78
CA LEU SE 8 -34.01 125.63 -48.58
C LEU SE 8 -34.81 126.71 -47.89
N THR SE 9 -36.02 126.93 -48.39
CA THR SE 9 -36.95 127.86 -47.75
C THR SE 9 -37.76 127.04 -46.76
N VAL SE 10 -37.55 127.30 -45.47
CA VAL SE 10 -38.13 126.51 -44.39
C VAL SE 10 -39.04 127.44 -43.59
N GLY SE 11 -40.34 127.34 -43.85
CA GLY SE 11 -41.28 128.25 -43.23
C GLY SE 11 -40.94 129.67 -43.62
N GLU SE 12 -40.50 130.48 -42.65
CA GLU SE 12 -40.14 131.86 -42.92
C GLU SE 12 -38.64 132.10 -42.79
N GLU SE 13 -37.85 131.05 -42.83
CA GLU SE 13 -36.41 131.15 -42.68
C GLU SE 13 -35.77 130.50 -43.89
N THR SE 14 -34.46 130.69 -44.04
CA THR SE 14 -33.71 130.05 -45.12
C THR SE 14 -32.54 129.29 -44.52
N ARG SE 15 -32.54 127.97 -44.74
CA ARG SE 15 -31.44 127.11 -44.35
C ARG SE 15 -30.47 126.97 -45.52
N GLU SE 16 -29.17 126.95 -45.24
CA GLU SE 16 -28.16 126.96 -46.28
C GLU SE 16 -27.17 125.82 -46.06
N TYR SE 17 -27.21 124.82 -46.92
CA TYR SE 17 -26.38 123.64 -46.82
C TYR SE 17 -25.30 123.67 -47.89
N ALA SE 18 -24.14 123.10 -47.53
CA ALA SE 18 -22.99 122.97 -48.41
C ALA SE 18 -22.65 121.49 -48.59
N VAL SE 19 -22.22 121.15 -49.80
CA VAL SE 19 -21.83 119.78 -50.09
C VAL SE 19 -20.65 119.39 -49.21
N SER SE 20 -20.79 118.28 -48.49
CA SER SE 20 -19.74 117.79 -47.60
C SER SE 20 -19.09 116.50 -48.04
N GLU SE 21 -19.81 115.61 -48.75
CA GLU SE 21 -19.10 114.53 -49.43
C GLU SE 21 -19.96 113.96 -50.54
N GLN SE 22 -19.28 113.45 -51.58
CA GLN SE 22 -19.92 112.79 -52.71
C GLN SE 22 -19.19 111.50 -52.99
N GLN SE 23 -19.89 110.38 -52.87
CA GLN SE 23 -19.35 109.07 -53.22
C GLN SE 23 -20.05 108.60 -54.48
N GLY SE 24 -19.96 107.31 -54.75
CA GLY SE 24 -20.62 106.76 -55.91
C GLY SE 24 -22.12 106.93 -55.81
N THR SE 25 -22.71 106.33 -54.78
CA THR SE 25 -24.16 106.31 -54.60
C THR SE 25 -24.60 107.10 -53.37
N LEU SE 26 -23.69 107.83 -52.74
CA LEU SE 26 -23.97 108.52 -51.48
C LEU SE 26 -23.50 109.97 -51.57
N PHE SE 27 -24.27 110.87 -50.95
CA PHE SE 27 -23.86 112.26 -50.80
C PHE SE 27 -24.30 112.77 -49.43
N ARG SE 28 -23.68 113.88 -49.04
CA ARG SE 28 -23.91 114.46 -47.73
C ARG SE 28 -23.71 115.98 -47.80
N PHE SE 29 -24.73 116.70 -47.37
CA PHE SE 29 -24.75 118.15 -47.16
C PHE SE 29 -24.65 118.48 -45.68
N VAL SE 30 -24.26 119.71 -45.41
CA VAL SE 30 -23.99 120.17 -44.05
C VAL SE 30 -24.50 121.59 -43.90
N ASP SE 31 -25.15 121.88 -42.76
CA ASP SE 31 -25.68 123.22 -42.51
C ASP SE 31 -24.53 124.23 -42.38
N LYS SE 32 -24.51 125.21 -43.29
CA LYS SE 32 -23.41 126.19 -43.30
C LYS SE 32 -23.35 126.96 -41.99
N SER SE 33 -24.49 127.17 -41.34
CA SER SE 33 -24.58 127.95 -40.12
C SER SE 33 -23.98 127.26 -38.91
N GLY SE 34 -23.33 126.12 -39.09
CA GLY SE 34 -22.78 125.39 -37.96
C GLY SE 34 -21.45 125.98 -37.52
N THR SE 35 -21.29 126.12 -36.21
CA THR SE 35 -20.04 126.62 -35.63
C THR SE 35 -19.12 125.49 -35.18
N VAL SE 36 -19.70 124.42 -34.64
CA VAL SE 36 -18.96 123.27 -34.17
C VAL SE 36 -19.52 122.04 -34.87
N ALA SE 37 -18.71 120.97 -34.88
CA ALA SE 37 -19.18 119.70 -35.43
C ALA SE 37 -20.50 119.27 -34.80
N ASN SE 38 -20.58 119.28 -33.46
CA ASN SE 38 -21.82 118.89 -32.78
C ASN SE 38 -22.92 119.91 -32.98
N ASN SE 39 -22.56 121.19 -33.13
CA ASN SE 39 -23.54 122.23 -33.45
C ASN SE 39 -24.19 121.97 -34.82
N THR SE 40 -23.49 121.29 -35.72
CA THR SE 40 -23.80 121.33 -37.14
C THR SE 40 -24.82 120.27 -37.54
N GLY SE 41 -25.93 120.72 -38.16
CA GLY SE 41 -26.88 119.79 -38.73
C GLY SE 41 -26.39 119.23 -40.05
N VAL SE 42 -26.90 118.05 -40.41
CA VAL SE 42 -26.43 117.35 -41.60
C VAL SE 42 -27.58 116.66 -42.30
N PHE SE 43 -27.36 116.35 -43.58
CA PHE SE 43 -28.33 115.61 -44.38
C PHE SE 43 -27.57 114.70 -45.33
N SER SE 44 -27.96 113.43 -45.36
CA SER SE 44 -27.25 112.44 -46.14
C SER SE 44 -28.26 111.59 -46.90
N LEU SE 45 -27.85 111.13 -48.09
CA LEU SE 45 -28.69 110.28 -48.91
C LEU SE 45 -27.83 109.23 -49.60
N GLU SE 46 -28.37 108.02 -49.70
CA GLU SE 46 -27.67 106.89 -50.30
C GLU SE 46 -28.66 106.02 -51.05
N GLN SE 47 -28.29 105.60 -52.26
CA GLN SE 47 -29.09 104.65 -53.02
C GLN SE 47 -28.39 103.31 -53.07
N ARG SE 48 -29.18 102.25 -52.87
CA ARG SE 48 -28.72 100.87 -52.92
C ARG SE 48 -29.55 100.19 -54.01
N PHE SE 49 -28.94 100.06 -55.18
CA PHE SE 49 -29.55 99.40 -56.32
C PHE SE 49 -29.35 97.89 -56.17
N GLY SE 50 -30.45 97.13 -56.19
CA GLY SE 50 -30.39 95.70 -55.98
C GLY SE 50 -30.26 94.93 -57.28
N ALA SE 51 -30.35 93.60 -57.16
CA ALA SE 51 -30.44 92.75 -58.35
C ALA SE 51 -31.78 92.98 -59.05
N ALA SE 52 -31.97 92.30 -60.19
CA ALA SE 52 -33.19 92.53 -60.97
C ALA SE 52 -34.43 92.03 -60.25
N ASN SE 53 -34.29 91.04 -59.37
CA ASN SE 53 -35.40 90.59 -58.55
C ASN SE 53 -35.62 91.46 -57.33
N SER SE 54 -34.68 92.35 -57.01
CA SER SE 54 -34.77 93.20 -55.85
C SER SE 54 -35.41 94.54 -56.21
N ASN SE 55 -35.76 95.29 -55.17
CA ASN SE 55 -36.18 96.67 -55.31
C ASN SE 55 -34.99 97.57 -54.97
N ARG SE 56 -34.81 98.64 -55.72
CA ARG SE 56 -33.82 99.61 -55.31
C ARG SE 56 -34.34 100.38 -54.11
N LYS SE 57 -33.43 100.77 -53.23
CA LYS SE 57 -33.80 101.47 -52.00
C LYS SE 57 -33.02 102.77 -51.90
N VAL SE 58 -33.71 103.85 -51.56
CA VAL SE 58 -33.06 105.13 -51.33
C VAL SE 58 -33.34 105.55 -49.91
N THR SE 59 -32.30 105.92 -49.18
CA THR SE 59 -32.44 106.29 -47.78
C THR SE 59 -31.85 107.67 -47.55
N MET SE 60 -32.50 108.44 -46.68
CA MET SE 60 -32.07 109.77 -46.30
C MET SE 60 -32.12 109.89 -44.78
N LEU SE 61 -31.11 110.57 -44.24
CA LEU SE 61 -31.04 110.91 -42.83
C LEU SE 61 -30.82 112.41 -42.67
N LEU SE 62 -31.68 113.04 -41.89
CA LEU SE 62 -31.60 114.45 -41.56
C LEU SE 62 -31.39 114.57 -40.05
N THR SE 63 -30.30 115.21 -39.64
CA THR SE 63 -29.95 115.37 -38.24
C THR SE 63 -29.89 116.85 -37.89
N ASP SE 64 -30.66 117.24 -36.88
CA ASP SE 64 -30.73 118.64 -36.44
C ASP SE 64 -30.43 118.73 -34.95
N PRO SE 65 -29.19 118.98 -34.56
CA PRO SE 65 -28.87 119.17 -33.14
C PRO SE 65 -29.16 120.59 -32.67
N VAL SE 66 -29.43 120.70 -31.36
CA VAL SE 66 -29.72 121.97 -30.70
C VAL SE 66 -29.01 121.97 -29.35
N VAL SE 67 -28.64 123.17 -28.87
CA VAL SE 67 -27.97 123.30 -27.57
C VAL SE 67 -29.01 123.58 -26.50
N VAL SE 68 -28.97 122.79 -25.42
CA VAL SE 68 -29.85 122.97 -24.27
C VAL SE 68 -29.02 123.18 -23.01
N MET SE 76 -25.28 121.10 -22.87
CA MET SE 76 -25.50 119.86 -23.61
C MET SE 76 -26.16 120.10 -24.98
N THR SE 77 -25.79 119.30 -25.98
CA THR SE 77 -26.39 119.35 -27.30
C THR SE 77 -27.16 118.06 -27.56
N ILE SE 78 -28.40 118.21 -28.02
CA ILE SE 78 -29.36 117.13 -28.20
C ILE SE 78 -29.69 117.03 -29.69
N LYS SE 79 -29.67 115.81 -30.21
CA LYS SE 79 -29.87 115.58 -31.64
C LYS SE 79 -31.19 114.87 -31.91
N ALA SE 80 -31.91 115.35 -32.93
CA ALA SE 80 -33.14 114.72 -33.40
C ALA SE 80 -32.99 114.33 -34.86
N ASN SE 81 -33.56 113.18 -35.21
CA ASN SE 81 -33.34 112.59 -36.52
C ASN SE 81 -34.66 112.39 -37.25
N ALA SE 82 -34.65 112.64 -38.55
CA ALA SE 82 -35.69 112.19 -39.46
C ALA SE 82 -35.04 111.29 -40.49
N SER SE 83 -35.67 110.16 -40.80
CA SER SE 83 -35.13 109.24 -41.77
C SER SE 83 -36.21 108.79 -42.72
N VAL SE 84 -35.97 108.95 -44.01
CA VAL SE 84 -36.92 108.54 -45.05
C VAL SE 84 -36.29 107.40 -45.83
N THR SE 85 -37.12 106.45 -46.25
CA THR SE 85 -36.66 105.33 -47.06
C THR SE 85 -37.70 105.01 -48.12
N PHE SE 86 -37.27 105.06 -49.39
CA PHE SE 86 -38.10 104.75 -50.54
C PHE SE 86 -37.72 103.36 -51.04
N SER SE 87 -38.67 102.43 -51.00
CA SER SE 87 -38.49 101.11 -51.59
C SER SE 87 -39.25 101.09 -52.91
N LEU SE 88 -38.50 101.00 -53.99
CA LEU SE 88 -39.03 101.17 -55.35
C LEU SE 88 -38.69 99.96 -56.19
N PRO SE 89 -39.69 99.16 -56.58
CA PRO SE 89 -39.44 98.06 -57.52
C PRO SE 89 -39.08 98.61 -58.89
N LYS SE 90 -38.26 97.85 -59.61
CA LYS SE 90 -37.74 98.36 -60.87
C LYS SE 90 -38.84 98.48 -61.93
N THR SE 91 -39.74 97.50 -61.98
CA THR SE 91 -40.85 97.55 -62.93
C THR SE 91 -41.80 98.72 -62.66
N TYR SE 92 -41.75 99.30 -61.47
CA TYR SE 92 -42.65 100.40 -61.11
C TYR SE 92 -42.29 101.65 -61.91
N PRO SE 93 -43.27 102.39 -62.43
CA PRO SE 93 -42.95 103.47 -63.39
C PRO SE 93 -42.48 104.76 -62.72
N ASN SE 94 -41.46 105.37 -63.35
CA ASN SE 94 -40.84 106.57 -62.79
C ASN SE 94 -41.86 107.68 -62.55
N GLU SE 95 -42.87 107.79 -63.41
CA GLU SE 95 -43.89 108.82 -63.20
C GLU SE 95 -44.61 108.63 -61.87
N HIS SE 96 -45.10 107.41 -61.60
CA HIS SE 96 -45.75 107.16 -60.33
C HIS SE 96 -44.81 107.29 -59.14
N ILE SE 97 -43.50 107.10 -59.34
CA ILE SE 97 -42.56 107.39 -58.25
C ILE SE 97 -42.55 108.89 -57.92
N THR SE 98 -42.44 109.74 -58.96
CA THR SE 98 -42.50 111.19 -58.72
C THR SE 98 -43.79 111.53 -57.97
N LYS SE 99 -44.90 110.91 -58.37
CA LYS SE 99 -46.16 111.09 -57.65
C LYS SE 99 -46.03 110.73 -56.18
N LEU SE 100 -45.48 109.55 -55.89
CA LEU SE 100 -45.33 109.11 -54.51
C LEU SE 100 -44.56 110.13 -53.68
N ARG SE 101 -43.41 110.59 -54.19
CA ARG SE 101 -42.61 111.57 -53.46
C ARG SE 101 -43.42 112.83 -53.17
N GLN SE 102 -44.13 113.35 -54.17
CA GLN SE 102 -44.87 114.59 -53.97
C GLN SE 102 -45.98 114.40 -52.93
N THR SE 103 -46.67 113.26 -52.95
CA THR SE 103 -47.73 113.04 -51.97
C THR SE 103 -47.16 112.88 -50.57
N LEU SE 104 -45.95 112.32 -50.43
CA LEU SE 104 -45.33 112.29 -49.11
C LEU SE 104 -45.05 113.71 -48.60
N ILE SE 105 -44.56 114.59 -49.49
CA ILE SE 105 -44.39 115.98 -49.10
C ILE SE 105 -45.71 116.57 -48.61
N ALA SE 106 -46.77 116.37 -49.39
CA ALA SE 106 -48.09 116.90 -49.02
C ALA SE 106 -48.53 116.37 -47.66
N TRP SE 107 -48.32 115.08 -47.42
CA TRP SE 107 -48.71 114.50 -46.13
C TRP SE 107 -47.95 115.12 -44.98
N LEU SE 108 -46.62 115.25 -45.13
CA LEU SE 108 -45.79 115.89 -44.11
C LEU SE 108 -46.21 117.32 -43.86
N GLY SE 109 -46.94 117.94 -44.78
CA GLY SE 109 -47.54 119.24 -44.53
C GLY SE 109 -48.70 119.26 -43.56
N GLN SE 110 -49.49 118.18 -43.52
CA GLN SE 110 -50.81 118.20 -42.90
C GLN SE 110 -50.75 118.25 -41.38
N GLN SE 111 -51.86 118.71 -40.79
CA GLN SE 111 -51.94 118.83 -39.33
C GLN SE 111 -51.91 117.46 -38.67
N CYS SE 112 -52.61 116.48 -39.25
CA CYS SE 112 -52.64 115.16 -38.63
C CYS SE 112 -51.26 114.54 -38.53
N VAL SE 113 -50.29 115.05 -39.28
CA VAL SE 113 -48.90 114.63 -39.17
C VAL SE 113 -48.10 115.58 -38.28
N SER SE 114 -48.34 116.89 -38.37
CA SER SE 114 -47.56 117.83 -37.58
C SER SE 114 -47.85 117.69 -36.09
N ASP SE 115 -49.13 117.50 -35.72
CA ASP SE 115 -49.49 117.43 -34.32
C ASP SE 115 -48.73 116.32 -33.55
N PRO SE 116 -48.67 115.08 -34.06
CA PRO SE 116 -47.83 114.10 -33.33
C PRO SE 116 -46.35 114.35 -33.45
N VAL SE 117 -45.86 114.68 -34.65
CA VAL SE 117 -44.42 114.93 -34.82
C VAL SE 117 -43.99 116.14 -33.99
N ASP SE 118 -44.60 117.30 -34.25
CA ASP SE 118 -44.12 118.54 -33.64
C ASP SE 118 -44.30 118.52 -32.12
N SER SE 119 -45.53 118.28 -31.65
CA SER SE 119 -45.83 118.45 -30.24
C SER SE 119 -46.24 117.17 -29.51
N GLY SE 120 -46.45 116.07 -30.22
CA GLY SE 120 -46.83 114.83 -29.59
C GLY SE 120 -48.30 114.60 -29.41
N LEU SE 121 -49.15 115.47 -29.95
CA LEU SE 121 -50.59 115.25 -29.89
C LEU SE 121 -50.99 114.16 -30.87
N ASN SE 122 -51.63 113.11 -30.37
CA ASN SE 122 -52.20 112.14 -31.29
C ASN SE 122 -53.55 112.62 -31.81
N ASN SE 123 -53.98 112.01 -32.90
CA ASN SE 123 -55.26 112.40 -33.48
C ASN SE 123 -56.37 111.56 -32.90
N TYR SE 124 -57.54 112.17 -32.79
CA TYR SE 124 -58.66 111.53 -32.12
C TYR SE 124 -59.95 111.81 -32.86
N MET TE 1 -9.72 114.08 -65.40
CA MET TE 1 -10.77 114.88 -66.02
C MET TE 1 -11.91 115.10 -65.05
N ARG TE 2 -12.48 116.30 -65.05
CA ARG TE 2 -13.70 116.59 -64.30
C ARG TE 2 -14.89 115.95 -65.02
N LEU TE 3 -15.40 114.87 -64.46
CA LEU TE 3 -16.43 114.10 -65.15
C LEU TE 3 -17.71 114.91 -65.28
N THR TE 4 -18.24 114.96 -66.50
CA THR TE 4 -19.56 115.50 -66.77
C THR TE 4 -20.20 114.66 -67.86
N ASP TE 5 -21.52 114.83 -68.01
CA ASP TE 5 -22.27 114.10 -69.03
C ASP TE 5 -21.61 114.30 -70.39
N VAL TE 6 -21.70 113.29 -71.25
CA VAL TE 6 -21.11 113.39 -72.58
C VAL TE 6 -22.15 112.98 -73.62
N ASP TE 7 -21.93 113.48 -74.83
CA ASP TE 7 -22.71 113.10 -76.00
C ASP TE 7 -21.74 112.57 -77.05
N LEU TE 8 -22.05 111.41 -77.60
CA LEU TE 8 -21.20 110.72 -78.55
C LEU TE 8 -21.82 110.79 -79.95
N THR TE 9 -20.96 110.99 -80.93
CA THR TE 9 -21.35 110.96 -82.33
C THR TE 9 -21.17 109.53 -82.82
N VAL TE 10 -22.27 108.87 -83.18
CA VAL TE 10 -22.27 107.46 -83.53
C VAL TE 10 -22.83 107.31 -84.93
N GLY TE 11 -21.95 107.18 -85.91
CA GLY TE 11 -22.39 107.15 -87.29
C GLY TE 11 -23.15 108.40 -87.63
N GLU TE 12 -24.46 108.26 -87.88
CA GLU TE 12 -25.30 109.39 -88.23
C GLU TE 12 -26.36 109.67 -87.17
N GLU TE 13 -26.10 109.26 -85.94
CA GLU TE 13 -26.99 109.57 -84.82
C GLU TE 13 -26.16 110.13 -83.67
N THR TE 14 -26.85 110.70 -82.69
CA THR TE 14 -26.19 111.22 -81.50
C THR TE 14 -26.71 110.47 -80.28
N ARG TE 15 -25.77 109.98 -79.47
CA ARG TE 15 -26.05 109.16 -78.31
C ARG TE 15 -25.73 109.98 -77.07
N GLU TE 16 -26.69 110.10 -76.15
CA GLU TE 16 -26.53 110.98 -74.99
C GLU TE 16 -26.41 110.15 -73.73
N TYR TE 17 -25.26 110.24 -73.06
CA TYR TE 17 -25.06 109.56 -71.79
C TYR TE 17 -25.06 110.60 -70.66
N ALA TE 18 -25.34 110.12 -69.45
CA ALA TE 18 -25.31 110.92 -68.24
C ALA TE 18 -24.57 110.18 -67.16
N VAL TE 19 -23.81 110.93 -66.34
CA VAL TE 19 -23.05 110.31 -65.28
C VAL TE 19 -24.01 109.67 -64.29
N SER TE 20 -23.83 108.37 -64.05
CA SER TE 20 -24.64 107.63 -63.09
C SER TE 20 -23.91 107.34 -61.79
N GLU TE 21 -22.58 107.22 -61.79
CA GLU TE 21 -21.84 107.24 -60.53
C GLU TE 21 -20.37 107.52 -60.81
N GLN TE 22 -19.71 108.13 -59.83
CA GLN TE 22 -18.28 108.38 -59.91
C GLN TE 22 -17.63 108.01 -58.58
N GLN TE 23 -16.71 107.06 -58.62
CA GLN TE 23 -15.91 106.65 -57.47
C GLN TE 23 -14.44 106.99 -57.75
N GLY TE 24 -13.58 106.59 -56.81
CA GLY TE 24 -12.18 106.97 -56.90
C GLY TE 24 -11.52 106.43 -58.14
N THR TE 25 -11.70 105.14 -58.43
CA THR TE 25 -11.10 104.47 -59.56
C THR TE 25 -12.12 103.97 -60.58
N LEU TE 26 -13.40 104.27 -60.37
CA LEU TE 26 -14.48 103.73 -61.19
C LEU TE 26 -15.48 104.84 -61.53
N PHE TE 27 -16.07 104.75 -62.72
CA PHE TE 27 -17.19 105.61 -63.08
C PHE TE 27 -18.14 104.86 -64.00
N ARG TE 28 -19.37 105.37 -64.05
CA ARG TE 28 -20.45 104.75 -64.82
C ARG TE 28 -21.35 105.82 -65.40
N PHE TE 29 -21.58 105.71 -66.72
CA PHE TE 29 -22.55 106.48 -67.49
C PHE TE 29 -23.74 105.60 -67.87
N VAL TE 30 -24.88 106.26 -68.07
CA VAL TE 30 -26.12 105.60 -68.49
C VAL TE 30 -26.71 106.37 -69.68
N ASP TE 31 -27.24 105.61 -70.67
CA ASP TE 31 -27.89 106.23 -71.82
C ASP TE 31 -29.14 106.98 -71.40
N LYS TE 32 -29.20 108.27 -71.75
CA LYS TE 32 -30.29 109.14 -71.30
C LYS TE 32 -31.66 108.71 -71.84
N SER TE 33 -31.70 107.85 -72.86
CA SER TE 33 -32.95 107.40 -73.44
C SER TE 33 -33.61 106.27 -72.65
N GLY TE 34 -33.14 105.98 -71.44
CA GLY TE 34 -33.54 104.78 -70.73
C GLY TE 34 -34.18 105.03 -69.37
N THR TE 35 -34.75 103.96 -68.83
CA THR TE 35 -35.41 103.93 -67.53
C THR TE 35 -34.79 102.80 -66.70
N VAL TE 36 -34.99 102.85 -65.38
CA VAL TE 36 -34.67 101.67 -64.58
C VAL TE 36 -35.42 100.45 -65.11
N ALA TE 37 -36.69 100.65 -65.48
CA ALA TE 37 -37.49 99.55 -65.99
C ALA TE 37 -36.98 99.08 -67.34
N ASN TE 38 -36.80 100.00 -68.28
CA ASN TE 38 -36.30 99.66 -69.60
C ASN TE 38 -34.97 100.38 -69.83
N ASN TE 39 -33.88 99.69 -69.58
CA ASN TE 39 -32.55 100.26 -69.78
C ASN TE 39 -32.15 100.13 -71.24
N THR TE 40 -31.36 101.10 -71.69
CA THR TE 40 -30.99 101.19 -73.09
C THR TE 40 -29.49 101.19 -73.34
N GLY TE 41 -28.67 101.39 -72.31
CA GLY TE 41 -27.24 101.39 -72.49
C GLY TE 41 -26.50 101.81 -71.24
N VAL TE 42 -25.37 101.19 -70.96
CA VAL TE 42 -24.53 101.56 -69.84
C VAL TE 42 -23.08 101.46 -70.27
N PHE TE 43 -22.25 102.32 -69.68
CA PHE TE 43 -20.81 102.27 -69.88
C PHE TE 43 -20.14 102.43 -68.53
N SER TE 44 -19.12 101.61 -68.28
CA SER TE 44 -18.43 101.67 -67.01
C SER TE 44 -16.93 101.48 -67.25
N LEU TE 45 -16.13 102.14 -66.42
CA LEU TE 45 -14.68 102.03 -66.53
C LEU TE 45 -14.05 102.04 -65.15
N GLU TE 46 -13.03 101.20 -64.97
CA GLU TE 46 -12.33 101.06 -63.70
C GLU TE 46 -10.84 100.90 -63.96
N GLN TE 47 -10.01 101.57 -63.15
CA GLN TE 47 -8.57 101.37 -63.18
C GLN TE 47 -8.13 100.67 -61.91
N ARG TE 48 -7.41 99.57 -62.07
CA ARG TE 48 -6.67 98.93 -60.98
C ARG TE 48 -5.21 99.27 -61.20
N PHE TE 49 -4.77 100.32 -60.52
CA PHE TE 49 -3.35 100.66 -60.51
C PHE TE 49 -2.62 99.60 -59.70
N GLY TE 50 -1.75 98.86 -60.36
CA GLY TE 50 -1.15 97.70 -59.74
C GLY TE 50 -0.05 98.03 -58.75
N ALA TE 51 0.44 96.97 -58.10
CA ALA TE 51 1.63 97.09 -57.27
C ALA TE 51 2.81 97.59 -58.10
N ALA TE 52 3.85 98.06 -57.41
CA ALA TE 52 4.97 98.69 -58.09
C ALA TE 52 5.65 97.77 -59.10
N ASN TE 53 5.54 96.45 -58.90
CA ASN TE 53 6.10 95.49 -59.85
C ASN TE 53 5.16 95.19 -61.00
N SER TE 54 3.85 95.26 -60.77
CA SER TE 54 2.85 94.84 -61.75
C SER TE 54 2.49 95.97 -62.70
N ASN TE 55 1.82 95.59 -63.79
CA ASN TE 55 1.21 96.54 -64.70
C ASN TE 55 -0.09 97.08 -64.11
N ARG TE 56 -0.46 98.28 -64.55
CA ARG TE 56 -1.77 98.78 -64.20
C ARG TE 56 -2.76 98.36 -65.28
N LYS TE 57 -4.00 98.14 -64.86
CA LYS TE 57 -5.05 97.65 -65.75
C LYS TE 57 -6.18 98.67 -65.79
N VAL TE 58 -6.72 98.89 -66.97
CA VAL TE 58 -7.93 99.70 -67.14
C VAL TE 58 -8.93 98.86 -67.90
N THR TE 59 -10.14 98.76 -67.37
CA THR TE 59 -11.16 97.93 -67.98
C THR TE 59 -12.43 98.76 -68.21
N MET TE 60 -13.08 98.50 -69.34
CA MET TE 60 -14.31 99.15 -69.75
C MET TE 60 -15.32 98.10 -70.16
N LEU TE 61 -16.56 98.33 -69.77
CA LEU TE 61 -17.69 97.51 -70.17
C LEU TE 61 -18.78 98.40 -70.77
N LEU TE 62 -19.17 98.10 -72.00
CA LEU TE 62 -20.27 98.75 -72.68
C LEU TE 62 -21.37 97.72 -72.89
N THR TE 63 -22.57 98.02 -72.40
CA THR TE 63 -23.70 97.10 -72.51
C THR TE 63 -24.86 97.79 -73.19
N ASP TE 64 -25.34 97.18 -74.28
CA ASP TE 64 -26.50 97.68 -75.02
C ASP TE 64 -27.57 96.61 -75.00
N PRO TE 65 -28.64 96.83 -74.23
CA PRO TE 65 -29.77 95.92 -74.26
C PRO TE 65 -30.83 96.37 -75.25
N VAL TE 66 -31.49 95.38 -75.86
CA VAL TE 66 -32.54 95.57 -76.84
C VAL TE 66 -33.69 94.63 -76.52
N VAL TE 67 -34.90 95.10 -76.75
CA VAL TE 67 -36.08 94.24 -76.61
C VAL TE 67 -36.30 93.51 -77.92
N VAL TE 68 -36.65 92.22 -77.81
CA VAL TE 68 -36.86 91.34 -78.95
C VAL TE 68 -38.10 90.50 -78.67
N LYS TE 69 -38.97 90.36 -79.66
CA LYS TE 69 -40.10 89.47 -79.52
C LYS TE 69 -39.62 88.03 -79.49
N ASP TE 70 -40.32 87.20 -78.72
CA ASP TE 70 -39.99 85.80 -78.56
C ASP TE 70 -40.78 84.96 -79.56
N ALA TE 71 -40.35 83.70 -79.74
CA ALA TE 71 -41.14 82.76 -80.53
C ALA TE 71 -42.52 82.59 -79.93
N SER TE 72 -42.63 82.66 -78.59
CA SER TE 72 -43.91 82.65 -77.90
C SER TE 72 -44.64 83.99 -78.00
N GLY TE 73 -44.03 85.00 -78.62
CA GLY TE 73 -44.58 86.33 -78.66
C GLY TE 73 -44.19 87.23 -77.50
N ALA TE 74 -43.86 86.64 -76.34
CA ALA TE 74 -43.50 87.41 -75.17
C ALA TE 74 -42.32 88.33 -75.46
N ASP TE 75 -42.31 89.47 -74.78
CA ASP TE 75 -41.22 90.43 -74.94
C ASP TE 75 -40.04 90.03 -74.06
N MET TE 76 -38.84 90.05 -74.64
CA MET TE 76 -37.64 89.52 -74.00
C MET TE 76 -36.51 90.50 -74.18
N THR TE 77 -35.86 90.89 -73.09
CA THR TE 77 -34.76 91.86 -73.15
C THR TE 77 -33.44 91.12 -73.23
N ILE TE 78 -32.61 91.50 -74.20
CA ILE TE 78 -31.37 90.80 -74.52
C ILE TE 78 -30.24 91.81 -74.53
N LYS TE 79 -29.12 91.45 -73.88
CA LYS TE 79 -27.98 92.35 -73.77
C LYS TE 79 -26.84 91.86 -74.66
N ALA TE 80 -26.15 92.81 -75.29
CA ALA TE 80 -24.89 92.56 -75.98
C ALA TE 80 -23.80 93.37 -75.30
N ASN TE 81 -22.63 92.78 -75.14
CA ASN TE 81 -21.57 93.40 -74.35
C ASN TE 81 -20.31 93.57 -75.17
N ALA TE 82 -19.60 94.66 -74.90
CA ALA TE 82 -18.25 94.86 -75.40
C ALA TE 82 -17.38 95.23 -74.20
N SER TE 83 -16.21 94.60 -74.10
CA SER TE 83 -15.32 94.85 -72.98
C SER TE 83 -13.91 95.08 -73.50
N VAL TE 84 -13.29 96.16 -73.05
CA VAL TE 84 -11.93 96.51 -73.44
C VAL TE 84 -11.07 96.52 -72.18
N THR TE 85 -9.83 96.02 -72.31
CA THR TE 85 -8.89 96.01 -71.19
C THR TE 85 -7.51 96.41 -71.70
N PHE TE 86 -6.95 97.45 -71.07
CA PHE TE 86 -5.61 97.93 -71.34
C PHE TE 86 -4.71 97.45 -70.22
N SER TE 87 -3.70 96.66 -70.56
CA SER TE 87 -2.64 96.28 -69.65
C SER TE 87 -1.42 97.13 -70.00
N LEU TE 88 -1.08 98.04 -69.10
CA LEU TE 88 -0.04 99.04 -69.33
C LEU TE 88 1.02 98.94 -68.26
N PRO TE 89 2.21 98.48 -68.61
CA PRO TE 89 3.33 98.47 -67.65
C PRO TE 89 3.73 99.89 -67.28
N LYS TE 90 4.27 100.02 -66.07
CA LYS TE 90 4.62 101.35 -65.57
C LYS TE 90 5.71 101.99 -66.43
N THR TE 91 6.73 101.22 -66.81
CA THR TE 91 7.85 101.77 -67.57
C THR TE 91 7.47 102.14 -69.00
N TYR TE 92 6.29 101.73 -69.45
CA TYR TE 92 5.84 102.06 -70.81
C TYR TE 92 5.50 103.55 -70.88
N PRO TE 93 5.92 104.27 -71.92
CA PRO TE 93 5.72 105.72 -71.94
C PRO TE 93 4.30 106.14 -72.34
N ASN TE 94 3.81 107.17 -71.64
CA ASN TE 94 2.45 107.66 -71.86
C ASN TE 94 2.18 107.96 -73.33
N GLU TE 95 3.20 108.43 -74.05
CA GLU TE 95 3.05 108.73 -75.46
C GLU TE 95 2.62 107.49 -76.25
N HIS TE 96 3.42 106.42 -76.17
CA HIS TE 96 3.07 105.20 -76.87
C HIS TE 96 1.77 104.58 -76.38
N ILE TE 97 1.36 104.86 -75.14
CA ILE TE 97 0.04 104.44 -74.70
C ILE TE 97 -1.06 105.12 -75.54
N THR TE 98 -0.98 106.46 -75.65
CA THR TE 98 -1.99 107.15 -76.48
C THR TE 98 -1.96 106.61 -77.91
N LYS TE 99 -0.76 106.31 -78.42
CA LYS TE 99 -0.64 105.67 -79.73
C LYS TE 99 -1.44 104.37 -79.79
N LEU TE 100 -1.26 103.51 -78.78
CA LEU TE 100 -1.99 102.24 -78.74
C LEU TE 100 -3.49 102.47 -78.77
N ARG TE 101 -3.99 103.38 -77.93
CA ARG TE 101 -5.43 103.61 -77.89
C ARG TE 101 -5.97 104.07 -79.24
N GLN TE 102 -5.25 104.99 -79.89
CA GLN TE 102 -5.72 105.49 -81.17
C GLN TE 102 -5.70 104.42 -82.24
N THR TE 103 -4.64 103.60 -82.29
CA THR TE 103 -4.62 102.50 -83.26
C THR TE 103 -5.75 101.52 -83.01
N LEU TE 104 -6.15 101.32 -81.74
CA LEU TE 104 -7.28 100.44 -81.47
C LEU TE 104 -8.57 101.03 -82.02
N ILE TE 105 -8.77 102.33 -81.84
CA ILE TE 105 -9.94 102.97 -82.45
C ILE TE 105 -9.94 102.76 -83.96
N ALA TE 106 -8.79 102.99 -84.60
CA ALA TE 106 -8.66 102.81 -86.04
C ALA TE 106 -9.04 101.39 -86.45
N TRP TE 107 -8.50 100.40 -85.74
CA TRP TE 107 -8.81 99.01 -86.06
C TRP TE 107 -10.30 98.74 -85.93
N LEU TE 108 -10.91 99.21 -84.84
CA LEU TE 108 -12.33 98.99 -84.61
C LEU TE 108 -13.19 99.59 -85.72
N GLY TE 109 -12.67 100.60 -86.41
CA GLY TE 109 -13.35 101.15 -87.57
C GLY TE 109 -13.29 100.30 -88.82
N GLN TE 110 -12.26 99.46 -88.93
CA GLN TE 110 -11.95 98.76 -90.17
C GLN TE 110 -13.01 97.71 -90.51
N GLN TE 111 -13.09 97.39 -91.81
CA GLN TE 111 -14.07 96.40 -92.23
C GLN TE 111 -13.68 94.99 -91.82
N CYS TE 112 -12.38 94.68 -91.80
CA CYS TE 112 -11.95 93.35 -91.36
C CYS TE 112 -12.32 93.08 -89.92
N VAL TE 113 -12.56 94.13 -89.14
CA VAL TE 113 -13.03 93.98 -87.77
C VAL TE 113 -14.56 94.05 -87.71
N SER TE 114 -15.18 94.94 -88.49
CA SER TE 114 -16.62 95.12 -88.40
C SER TE 114 -17.37 93.90 -88.94
N ASP TE 115 -16.91 93.34 -90.05
CA ASP TE 115 -17.63 92.21 -90.67
C ASP TE 115 -17.81 91.04 -89.72
N PRO TE 116 -16.79 90.54 -89.02
CA PRO TE 116 -17.06 89.46 -88.04
C PRO TE 116 -17.86 89.93 -86.84
N VAL TE 117 -17.55 91.11 -86.31
CA VAL TE 117 -18.27 91.61 -85.15
C VAL TE 117 -19.74 91.87 -85.50
N ASP TE 118 -19.98 92.65 -86.55
CA ASP TE 118 -21.35 93.08 -86.84
C ASP TE 118 -22.20 91.95 -87.39
N SER TE 119 -21.66 91.19 -88.36
CA SER TE 119 -22.48 90.24 -89.11
C SER TE 119 -22.10 88.78 -88.89
N GLY TE 120 -21.03 88.51 -88.15
CA GLY TE 120 -20.63 87.14 -87.91
C GLY TE 120 -19.94 86.45 -89.06
N LEU TE 121 -19.57 87.18 -90.11
CA LEU TE 121 -18.85 86.61 -91.23
C LEU TE 121 -17.35 86.72 -90.98
N ASN TE 122 -16.63 85.62 -91.18
CA ASN TE 122 -15.18 85.66 -91.04
C ASN TE 122 -14.52 86.20 -92.30
N ASN TE 123 -13.25 86.58 -92.17
CA ASN TE 123 -12.50 87.09 -93.29
C ASN TE 123 -11.82 85.96 -94.03
N TYR TE 124 -11.36 86.27 -95.25
CA TYR TE 124 -10.74 85.28 -96.13
C TYR TE 124 -9.70 85.91 -97.09
N MET UE 1 59.16 -72.62 -94.42
CA MET UE 1 58.96 -73.81 -95.23
C MET UE 1 57.48 -73.99 -95.59
N ARG UE 2 57.20 -74.35 -96.84
CA ARG UE 2 55.85 -74.71 -97.23
C ARG UE 2 55.43 -75.98 -96.51
N LEU UE 3 54.44 -75.86 -95.64
CA LEU UE 3 54.05 -76.97 -94.78
C LEU UE 3 53.51 -78.14 -95.59
N THR UE 4 53.85 -79.33 -95.13
CA THR UE 4 53.32 -80.57 -95.69
C THR UE 4 53.11 -81.54 -94.54
N ASP UE 5 52.22 -82.50 -94.76
CA ASP UE 5 52.05 -83.56 -93.77
C ASP UE 5 53.40 -84.17 -93.45
N VAL UE 6 53.55 -84.66 -92.22
CA VAL UE 6 54.85 -85.05 -91.71
C VAL UE 6 54.79 -86.49 -91.25
N ASP UE 7 55.82 -87.27 -91.56
CA ASP UE 7 55.94 -88.64 -91.09
C ASP UE 7 57.22 -88.73 -90.29
N LEU UE 8 57.10 -89.12 -89.02
CA LEU UE 8 58.20 -89.20 -88.08
C LEU UE 8 58.54 -90.65 -87.81
N THR UE 9 59.83 -90.95 -87.75
CA THR UE 9 60.29 -92.26 -87.32
C THR UE 9 60.53 -92.18 -85.82
N VAL UE 10 59.81 -92.99 -85.06
CA VAL UE 10 59.82 -92.91 -83.60
C VAL UE 10 60.21 -94.28 -83.06
N GLY UE 11 61.44 -94.41 -82.58
CA GLY UE 11 61.92 -95.69 -82.13
C GLY UE 11 61.81 -96.69 -83.26
N GLU UE 12 60.92 -97.65 -83.12
CA GLU UE 12 60.76 -98.69 -84.14
C GLU UE 12 59.37 -98.65 -84.77
N GLU UE 13 58.69 -97.53 -84.67
CA GLU UE 13 57.38 -97.33 -85.27
C GLU UE 13 57.43 -96.07 -86.12
N THR UE 14 56.40 -95.86 -86.93
CA THR UE 14 56.29 -94.64 -87.72
C THR UE 14 54.99 -93.94 -87.40
N ARG UE 15 55.08 -92.65 -87.08
CA ARG UE 15 53.98 -91.82 -86.65
C ARG UE 15 53.67 -90.80 -87.74
N GLU UE 16 52.40 -90.69 -88.12
CA GLU UE 16 52.00 -89.82 -89.23
C GLU UE 16 51.12 -88.69 -88.74
N TYR UE 17 51.54 -87.46 -89.00
CA TYR UE 17 50.82 -86.25 -88.63
C TYR UE 17 50.36 -85.54 -89.90
N ALA UE 18 49.25 -84.81 -89.76
CA ALA UE 18 48.68 -84.01 -90.83
C ALA UE 18 48.47 -82.58 -90.37
N VAL UE 19 48.67 -81.63 -91.29
CA VAL UE 19 48.50 -80.21 -90.96
C VAL UE 19 47.06 -79.95 -90.58
N SER UE 20 46.85 -79.34 -89.41
CA SER UE 20 45.52 -78.95 -88.94
C SER UE 20 45.24 -77.47 -89.07
N GLU UE 21 46.22 -76.60 -88.77
CA GLU UE 21 46.02 -75.18 -89.09
C GLU UE 21 47.37 -74.50 -89.18
N GLN UE 22 47.41 -73.42 -89.97
CA GLN UE 22 48.63 -72.62 -90.12
C GLN UE 22 48.25 -71.15 -90.09
N GLN UE 23 48.86 -70.42 -89.16
CA GLN UE 23 48.72 -68.98 -89.06
C GLN UE 23 50.06 -68.34 -89.41
N GLY UE 24 50.13 -67.02 -89.24
CA GLY UE 24 51.34 -66.31 -89.60
C GLY UE 24 52.55 -66.79 -88.83
N THR UE 25 52.38 -66.96 -87.51
CA THR UE 25 53.47 -67.37 -86.63
C THR UE 25 53.12 -68.63 -85.83
N LEU UE 26 52.10 -69.37 -86.25
CA LEU UE 26 51.66 -70.54 -85.50
C LEU UE 26 51.22 -71.64 -86.47
N PHE UE 27 51.49 -72.89 -86.11
CA PHE UE 27 50.94 -74.02 -86.84
C PHE UE 27 50.65 -75.17 -85.89
N ARG UE 28 49.80 -76.09 -86.37
CA ARG UE 28 49.35 -77.23 -85.60
C ARG UE 28 49.13 -78.42 -86.50
N PHE UE 29 49.74 -79.55 -86.11
CA PHE UE 29 49.57 -80.87 -86.68
C PHE UE 29 48.75 -81.75 -85.74
N VAL UE 30 48.06 -82.73 -86.34
CA VAL UE 30 47.29 -83.73 -85.61
C VAL UE 30 47.75 -85.12 -86.04
N ASP UE 31 47.81 -86.05 -85.08
CA ASP UE 31 48.15 -87.44 -85.38
C ASP UE 31 47.05 -88.08 -86.21
N LYS UE 32 47.42 -88.61 -87.37
CA LYS UE 32 46.45 -89.24 -88.28
C LYS UE 32 45.78 -90.45 -87.66
N SER UE 33 46.28 -90.96 -86.54
CA SER UE 33 45.65 -92.09 -85.86
C SER UE 33 44.28 -91.76 -85.29
N GLY UE 34 43.94 -90.46 -85.19
CA GLY UE 34 42.81 -90.03 -84.39
C GLY UE 34 41.73 -89.30 -85.17
N THR UE 35 40.61 -89.10 -84.48
CA THR UE 35 39.43 -88.40 -84.96
C THR UE 35 39.30 -87.08 -84.21
N VAL UE 36 38.47 -86.18 -84.76
CA VAL UE 36 37.94 -85.08 -83.96
C VAL UE 36 37.41 -85.62 -82.64
N ALA UE 37 36.60 -86.67 -82.71
CA ALA UE 37 36.02 -87.29 -81.52
C ALA UE 37 37.11 -87.82 -80.58
N ASN UE 38 37.89 -88.78 -81.05
CA ASN UE 38 38.95 -89.37 -80.26
C ASN UE 38 40.30 -88.95 -80.83
N ASN UE 39 41.06 -88.20 -80.05
CA ASN UE 39 42.35 -87.67 -80.49
C ASN UE 39 43.49 -88.52 -79.96
N THR UE 40 44.49 -88.75 -80.83
CA THR UE 40 45.65 -89.55 -80.46
C THR UE 40 46.92 -88.73 -80.25
N GLY UE 41 46.97 -87.50 -80.74
CA GLY UE 41 48.16 -86.69 -80.57
C GLY UE 41 48.06 -85.34 -81.24
N VAL UE 42 48.72 -84.33 -80.68
CA VAL UE 42 48.71 -82.99 -81.24
C VAL UE 42 50.08 -82.36 -81.07
N PHE UE 43 50.47 -81.55 -82.05
CA PHE UE 43 51.70 -80.78 -81.97
C PHE UE 43 51.42 -79.36 -82.44
N SER UE 44 51.93 -78.39 -81.69
CA SER UE 44 51.72 -76.99 -82.00
C SER UE 44 53.02 -76.22 -81.79
N LEU UE 45 53.26 -75.22 -82.65
CA LEU UE 45 54.46 -74.40 -82.57
C LEU UE 45 54.10 -72.95 -82.87
N GLU UE 46 54.63 -72.02 -82.06
CA GLU UE 46 54.38 -70.59 -82.23
C GLU UE 46 55.66 -69.80 -81.97
N GLN UE 47 55.91 -68.80 -82.82
CA GLN UE 47 57.04 -67.90 -82.64
C GLN UE 47 56.55 -66.50 -82.27
N ARG UE 48 57.26 -65.87 -81.33
CA ARG UE 48 56.96 -64.54 -80.83
C ARG UE 48 58.23 -63.70 -80.99
N PHE UE 49 58.25 -62.89 -82.05
CA PHE UE 49 59.34 -61.96 -82.34
C PHE UE 49 59.13 -60.71 -81.49
N GLY UE 50 60.02 -60.47 -80.54
CA GLY UE 50 59.90 -59.32 -79.65
C GLY UE 50 60.48 -58.06 -80.27
N ALA UE 51 60.64 -57.04 -79.42
CA ALA UE 51 61.33 -55.83 -79.86
C ALA UE 51 62.84 -56.11 -80.01
N ALA UE 52 63.56 -55.14 -80.58
CA ALA UE 52 64.98 -55.33 -80.86
C ALA UE 52 65.80 -55.52 -79.60
N ASN UE 53 65.31 -55.07 -78.45
CA ASN UE 53 65.94 -55.37 -77.17
C ASN UE 53 65.47 -56.69 -76.58
N SER UE 54 64.40 -57.27 -77.11
CA SER UE 54 63.84 -58.51 -76.59
C SER UE 54 64.36 -59.70 -77.38
N ASN UE 55 64.45 -60.84 -76.69
CA ASN UE 55 64.76 -62.10 -77.36
C ASN UE 55 63.51 -62.62 -78.05
N ARG UE 56 63.66 -63.10 -79.27
CA ARG UE 56 62.54 -63.81 -79.88
C ARG UE 56 62.40 -65.16 -79.20
N LYS UE 57 61.16 -65.65 -79.15
CA LYS UE 57 60.86 -66.86 -78.42
C LYS UE 57 60.08 -67.82 -79.31
N VAL UE 58 60.31 -69.11 -79.13
CA VAL UE 58 59.69 -70.13 -79.96
C VAL UE 58 59.22 -71.25 -79.03
N THR UE 59 57.93 -71.57 -79.08
CA THR UE 59 57.38 -72.54 -78.12
C THR UE 59 56.63 -73.66 -78.84
N MET UE 60 56.84 -74.88 -78.36
CA MET UE 60 56.25 -76.09 -78.90
C MET UE 60 55.50 -76.81 -77.79
N LEU UE 61 54.34 -77.35 -78.14
CA LEU UE 61 53.56 -78.21 -77.25
C LEU UE 61 53.21 -79.50 -77.98
N LEU UE 62 53.60 -80.62 -77.38
CA LEU UE 62 53.30 -81.95 -77.86
C LEU UE 62 52.42 -82.63 -76.83
N THR UE 63 51.22 -83.03 -77.24
CA THR UE 63 50.25 -83.66 -76.35
C THR UE 63 49.94 -85.07 -76.85
N ASP UE 64 50.07 -86.05 -75.96
CA ASP UE 64 49.76 -87.44 -76.25
C ASP UE 64 48.72 -87.94 -75.27
N PRO UE 65 47.48 -88.08 -75.71
CA PRO UE 65 46.45 -88.68 -74.86
C PRO UE 65 46.37 -90.19 -75.08
N VAL UE 66 46.08 -90.89 -73.98
CA VAL UE 66 45.95 -92.35 -73.96
C VAL UE 66 44.69 -92.68 -73.17
N VAL UE 67 44.01 -93.74 -73.60
CA VAL UE 67 42.87 -94.24 -72.84
C VAL UE 67 43.36 -95.27 -71.84
N VAL UE 68 42.97 -95.10 -70.58
CA VAL UE 68 43.37 -95.95 -69.47
C VAL UE 68 42.14 -96.47 -68.77
N LYS UE 69 42.24 -97.67 -68.20
CA LYS UE 69 41.18 -98.25 -67.41
C LYS UE 69 41.04 -97.52 -66.08
N ASP UE 70 39.79 -97.26 -65.70
CA ASP UE 70 39.50 -96.67 -64.41
C ASP UE 70 39.70 -97.70 -63.30
N ALA UE 71 39.82 -97.22 -62.06
CA ALA UE 71 39.85 -98.13 -60.92
C ALA UE 71 38.55 -98.89 -60.81
N SER UE 72 37.44 -98.26 -61.23
CA SER UE 72 36.16 -98.96 -61.35
C SER UE 72 36.10 -99.80 -62.62
N GLY UE 73 36.84 -99.41 -63.65
CA GLY UE 73 36.84 -100.10 -64.93
C GLY UE 73 36.41 -99.26 -66.11
N ALA UE 74 35.85 -98.07 -65.87
CA ALA UE 74 35.41 -97.20 -66.94
C ALA UE 74 36.58 -96.78 -67.85
N ASP UE 75 36.23 -96.36 -69.06
CA ASP UE 75 37.22 -95.83 -69.99
C ASP UE 75 37.47 -94.36 -69.69
N MET UE 76 38.75 -94.00 -69.53
CA MET UE 76 39.09 -92.64 -69.14
C MET UE 76 40.27 -92.17 -69.98
N THR UE 77 40.23 -90.94 -70.47
CA THR UE 77 41.31 -90.41 -71.31
C THR UE 77 42.23 -89.52 -70.49
N ILE UE 78 43.54 -89.76 -70.61
CA ILE UE 78 44.57 -89.08 -69.83
C ILE UE 78 45.61 -88.55 -70.80
N LYS UE 79 45.96 -87.27 -70.65
CA LYS UE 79 46.91 -86.62 -71.52
C LYS UE 79 48.26 -86.47 -70.80
N ALA UE 80 49.33 -86.58 -71.57
CA ALA UE 80 50.69 -86.27 -71.13
C ALA UE 80 51.26 -85.19 -72.03
N ASN UE 81 51.88 -84.18 -71.43
CA ASN UE 81 52.30 -83.00 -72.16
C ASN UE 81 53.82 -82.88 -72.14
N ALA UE 82 54.38 -82.38 -73.23
CA ALA UE 82 55.78 -81.97 -73.27
C ALA UE 82 55.84 -80.63 -73.97
N SER UE 83 56.59 -79.70 -73.40
CA SER UE 83 56.66 -78.36 -73.96
C SER UE 83 58.10 -77.88 -74.01
N VAL UE 84 58.49 -77.33 -75.16
CA VAL UE 84 59.83 -76.82 -75.35
C VAL UE 84 59.72 -75.32 -75.63
N THR UE 85 60.69 -74.56 -75.13
CA THR UE 85 60.74 -73.11 -75.37
C THR UE 85 62.18 -72.70 -75.64
N PHE UE 86 62.41 -72.11 -76.81
CA PHE UE 86 63.70 -71.57 -77.22
C PHE UE 86 63.66 -70.07 -77.02
N SER UE 87 64.54 -69.56 -76.15
CA SER UE 87 64.74 -68.12 -75.99
C SER UE 87 66.03 -67.77 -76.72
N LEU UE 88 65.88 -67.04 -77.82
CA LEU UE 88 66.98 -66.75 -78.73
C LEU UE 88 67.12 -65.24 -78.88
N PRO UE 89 68.17 -64.65 -78.33
CA PRO UE 89 68.45 -63.23 -78.55
C PRO UE 89 68.78 -62.95 -80.01
N LYS UE 90 68.53 -61.71 -80.41
CA LYS UE 90 68.67 -61.32 -81.80
C LYS UE 90 70.09 -60.91 -82.16
N THR UE 91 71.03 -61.01 -81.22
CA THR UE 91 72.45 -60.88 -81.49
C THR UE 91 73.14 -62.23 -81.51
N TYR UE 92 72.40 -63.29 -81.23
CA TYR UE 92 72.91 -64.66 -81.23
C TYR UE 92 72.93 -65.22 -82.64
N PRO UE 93 74.00 -65.87 -83.07
CA PRO UE 93 74.09 -66.33 -84.47
C PRO UE 93 73.28 -67.59 -84.76
N ASN UE 94 72.71 -67.61 -85.96
CA ASN UE 94 71.83 -68.70 -86.36
C ASN UE 94 72.55 -70.04 -86.31
N GLU UE 95 73.84 -70.06 -86.65
CA GLU UE 95 74.63 -71.29 -86.56
C GLU UE 95 74.54 -71.88 -85.17
N HIS UE 96 74.83 -71.07 -84.15
CA HIS UE 96 74.81 -71.58 -82.78
C HIS UE 96 73.39 -71.91 -82.32
N ILE UE 97 72.36 -71.28 -82.90
CA ILE UE 97 71.00 -71.73 -82.61
C ILE UE 97 70.81 -73.19 -83.10
N THR UE 98 71.26 -73.46 -84.32
CA THR UE 98 71.17 -74.85 -84.82
C THR UE 98 71.96 -75.79 -83.93
N LYS UE 99 73.17 -75.39 -83.53
CA LYS UE 99 73.96 -76.17 -82.59
C LYS UE 99 73.18 -76.48 -81.32
N LEU UE 100 72.52 -75.46 -80.78
CA LEU UE 100 71.72 -75.61 -79.56
C LEU UE 100 70.61 -76.63 -79.77
N ARG UE 101 69.85 -76.50 -80.86
CA ARG UE 101 68.75 -77.43 -81.11
C ARG UE 101 69.25 -78.87 -81.20
N GLN UE 102 70.38 -79.06 -81.90
CA GLN UE 102 70.89 -80.42 -82.05
C GLN UE 102 71.39 -80.98 -80.72
N THR UE 103 72.09 -80.17 -79.92
CA THR UE 103 72.50 -80.64 -78.59
C THR UE 103 71.31 -81.00 -77.73
N LEU UE 104 70.20 -80.27 -77.88
CA LEU UE 104 68.99 -80.61 -77.14
C LEU UE 104 68.46 -81.98 -77.58
N ILE UE 105 68.43 -82.23 -78.88
CA ILE UE 105 68.01 -83.54 -79.37
C ILE UE 105 68.89 -84.64 -78.78
N ALA UE 106 70.20 -84.42 -78.80
CA ALA UE 106 71.13 -85.41 -78.25
C ALA UE 106 70.87 -85.65 -76.78
N TRP UE 107 70.66 -84.58 -76.01
CA TRP UE 107 70.38 -84.71 -74.59
C TRP UE 107 69.09 -85.49 -74.34
N LEU UE 108 68.04 -85.18 -75.12
CA LEU UE 108 66.78 -85.91 -74.97
C LEU UE 108 66.94 -87.38 -75.30
N GLY UE 109 67.97 -87.73 -76.08
CA GLY UE 109 68.30 -89.13 -76.30
C GLY UE 109 68.94 -89.84 -75.13
N GLN UE 110 69.62 -89.09 -74.26
CA GLN UE 110 70.49 -89.67 -73.24
C GLN UE 110 69.70 -90.47 -72.21
N GLN UE 111 70.39 -91.43 -71.59
CA GLN UE 111 69.73 -92.23 -70.56
C GLN UE 111 69.52 -91.43 -69.29
N CYS UE 112 70.44 -90.51 -68.96
CA CYS UE 112 70.27 -89.70 -67.76
C CYS UE 112 69.08 -88.75 -67.86
N VAL UE 113 68.64 -88.45 -69.08
CA VAL UE 113 67.39 -87.73 -69.27
C VAL UE 113 66.22 -88.71 -69.36
N SER UE 114 66.46 -89.89 -69.94
CA SER UE 114 65.38 -90.86 -70.15
C SER UE 114 64.83 -91.39 -68.84
N ASP UE 115 65.71 -91.77 -67.91
CA ASP UE 115 65.26 -92.42 -66.68
C ASP UE 115 64.28 -91.58 -65.88
N PRO UE 116 64.54 -90.31 -65.56
CA PRO UE 116 63.52 -89.53 -64.83
C PRO UE 116 62.25 -89.30 -65.64
N VAL UE 117 62.40 -88.97 -66.93
CA VAL UE 117 61.23 -88.70 -67.76
C VAL UE 117 60.41 -89.98 -67.93
N ASP UE 118 61.03 -91.04 -68.47
CA ASP UE 118 60.26 -92.22 -68.86
C ASP UE 118 59.72 -92.98 -67.65
N SER UE 119 60.54 -93.14 -66.61
CA SER UE 119 60.19 -94.03 -65.51
C SER UE 119 60.12 -93.36 -64.15
N GLY UE 120 60.60 -92.13 -64.00
CA GLY UE 120 60.56 -91.45 -62.73
C GLY UE 120 61.76 -91.69 -61.83
N LEU UE 121 62.69 -92.53 -62.24
CA LEU UE 121 63.89 -92.75 -61.43
C LEU UE 121 64.83 -91.56 -61.57
N ASN UE 122 65.33 -91.07 -60.44
CA ASN UE 122 66.37 -90.05 -60.48
C ASN UE 122 67.75 -90.68 -60.65
N ASN UE 123 68.69 -89.89 -61.17
CA ASN UE 123 70.04 -90.36 -61.31
C ASN UE 123 70.81 -90.13 -60.02
N TYR UE 124 71.92 -90.86 -59.87
CA TYR UE 124 72.69 -90.81 -58.63
C TYR UE 124 74.20 -90.79 -58.89
N MET VE 1 49.17 -63.93 -105.65
CA MET VE 1 50.10 -64.88 -106.25
C MET VE 1 50.53 -65.93 -105.23
N ARG VE 2 51.09 -67.03 -105.71
CA ARG VE 2 51.64 -68.06 -104.84
C ARG VE 2 53.07 -67.67 -104.47
N LEU VE 3 53.28 -67.31 -103.21
CA LEU VE 3 54.57 -66.81 -102.76
C LEU VE 3 55.69 -67.83 -102.98
N THR VE 4 56.76 -67.36 -103.59
CA THR VE 4 57.98 -68.12 -103.80
C THR VE 4 59.15 -67.24 -103.43
N ASP VE 5 60.25 -67.85 -102.98
CA ASP VE 5 61.45 -67.08 -102.67
C ASP VE 5 61.83 -66.24 -103.87
N VAL VE 6 62.36 -65.05 -103.61
CA VAL VE 6 62.51 -64.04 -104.66
C VAL VE 6 63.98 -63.68 -104.76
N ASP VE 7 64.45 -63.47 -105.99
CA ASP VE 7 65.80 -62.97 -106.22
C ASP VE 7 65.73 -61.69 -107.03
N LEU VE 8 66.29 -60.63 -106.46
CA LEU VE 8 66.22 -59.28 -107.00
C LEU VE 8 67.57 -58.91 -107.58
N THR VE 9 67.55 -58.34 -108.77
CA THR VE 9 68.76 -57.82 -109.39
C THR VE 9 68.89 -56.37 -108.95
N VAL VE 10 69.89 -56.09 -108.13
CA VAL VE 10 70.08 -54.80 -107.49
C VAL VE 10 71.39 -54.21 -107.99
N GLY VE 11 71.31 -53.30 -108.96
CA GLY VE 11 72.50 -52.78 -109.59
C GLY VE 11 73.27 -53.90 -110.24
N GLU VE 12 74.45 -54.20 -109.71
CA GLU VE 12 75.27 -55.28 -110.25
C GLU VE 12 75.38 -56.45 -109.30
N GLU VE 13 74.46 -56.55 -108.35
CA GLU VE 13 74.48 -57.61 -107.35
C GLU VE 13 73.13 -58.31 -107.39
N THR VE 14 73.03 -59.45 -106.73
CA THR VE 14 71.77 -60.17 -106.62
C THR VE 14 71.46 -60.41 -105.16
N ARG VE 15 70.33 -59.86 -104.71
CA ARG VE 15 69.81 -60.10 -103.37
C ARG VE 15 68.84 -61.26 -103.41
N GLU VE 16 68.86 -62.10 -102.37
CA GLU VE 16 68.07 -63.33 -102.36
C GLU VE 16 67.26 -63.42 -101.07
N TYR VE 17 65.94 -63.27 -101.20
CA TYR VE 17 65.03 -63.26 -100.07
C TYR VE 17 64.24 -64.56 -100.04
N ALA VE 18 63.93 -64.99 -98.81
CA ALA VE 18 63.13 -66.17 -98.54
C ALA VE 18 61.87 -65.80 -97.78
N VAL VE 19 60.76 -66.47 -98.10
CA VAL VE 19 59.50 -66.21 -97.41
C VAL VE 19 59.65 -66.53 -95.94
N SER VE 20 59.31 -65.55 -95.09
CA SER VE 20 59.41 -65.71 -93.64
C SER VE 20 58.08 -65.75 -92.93
N GLU VE 21 57.04 -65.09 -93.44
CA GLU VE 21 55.70 -65.38 -92.92
C GLU VE 21 54.64 -64.95 -93.91
N GLN VE 22 53.51 -65.66 -93.88
CA GLN VE 22 52.35 -65.35 -94.71
C GLN VE 22 51.11 -65.38 -93.84
N GLN VE 23 50.44 -64.25 -93.72
CA GLN VE 23 49.17 -64.17 -93.02
C GLN VE 23 48.07 -63.96 -94.04
N GLY VE 24 46.90 -63.51 -93.58
CA GLY VE 24 45.82 -63.26 -94.48
C GLY VE 24 46.17 -62.17 -95.47
N THR VE 25 46.47 -60.98 -94.96
CA THR VE 25 46.73 -59.79 -95.77
C THR VE 25 48.16 -59.32 -95.65
N LEU VE 26 49.03 -60.08 -94.99
CA LEU VE 26 50.40 -59.67 -94.71
C LEU VE 26 51.38 -60.76 -95.09
N PHE VE 27 52.54 -60.36 -95.61
CA PHE VE 27 53.63 -61.29 -95.86
C PHE VE 27 54.95 -60.62 -95.53
N ARG VE 28 55.98 -61.45 -95.38
CA ARG VE 28 57.30 -60.99 -94.97
C ARG VE 28 58.35 -61.91 -95.56
N PHE VE 29 59.31 -61.32 -96.29
CA PHE VE 29 60.51 -61.93 -96.80
C PHE VE 29 61.72 -61.51 -95.97
N VAL VE 30 62.78 -62.29 -96.08
CA VAL VE 30 63.98 -62.13 -95.27
C VAL VE 30 65.21 -62.38 -96.14
N ASP VE 31 66.23 -61.54 -96.00
CA ASP VE 31 67.46 -61.70 -96.77
C ASP VE 31 68.17 -63.00 -96.38
N LYS VE 32 68.32 -63.90 -97.37
CA LYS VE 32 68.92 -65.20 -97.09
C LYS VE 32 70.35 -65.06 -96.58
N SER VE 33 71.05 -64.02 -97.01
CA SER VE 33 72.45 -63.79 -96.67
C SER VE 33 72.65 -63.38 -95.22
N GLY VE 34 71.60 -63.38 -94.39
CA GLY VE 34 71.74 -62.95 -93.03
C GLY VE 34 72.31 -64.04 -92.15
N THR VE 35 73.27 -63.66 -91.30
CA THR VE 35 73.87 -64.59 -90.35
C THR VE 35 73.22 -64.52 -88.97
N VAL VE 36 72.82 -63.32 -88.55
CA VAL VE 36 72.19 -63.11 -87.26
C VAL VE 36 70.87 -62.39 -87.52
N ALA VE 37 69.98 -62.46 -86.53
CA ALA VE 37 68.72 -61.73 -86.61
C ALA VE 37 68.95 -60.24 -86.89
N ASN VE 38 69.84 -59.61 -86.12
CA ASN VE 38 70.14 -58.19 -86.34
C ASN VE 38 70.89 -57.95 -87.63
N ASN VE 39 71.71 -58.92 -88.04
CA ASN VE 39 72.38 -58.83 -89.34
C ASN VE 39 71.38 -58.81 -90.49
N THR VE 40 70.21 -59.41 -90.29
CA THR VE 40 69.34 -59.81 -91.40
C THR VE 40 68.40 -58.70 -91.84
N GLY VE 41 68.45 -58.35 -93.14
CA GLY VE 41 67.49 -57.44 -93.70
C GLY VE 41 66.15 -58.11 -93.94
N VAL VE 42 65.09 -57.30 -93.99
CA VAL VE 42 63.74 -57.84 -94.11
C VAL VE 42 62.89 -56.93 -94.98
N PHE VE 43 61.81 -57.51 -95.49
CA PHE VE 43 60.84 -56.78 -96.29
C PHE VE 43 59.45 -57.31 -95.98
N SER VE 44 58.53 -56.41 -95.69
CA SER VE 44 57.19 -56.79 -95.28
C SER VE 44 56.16 -55.94 -96.02
N LEU VE 45 55.00 -56.54 -96.29
CA LEU VE 45 53.91 -55.85 -96.98
C LEU VE 45 52.58 -56.29 -96.37
N GLU VE 46 51.66 -55.33 -96.25
CA GLU VE 46 50.35 -55.56 -95.66
C GLU VE 46 49.33 -54.71 -96.39
N GLN VE 47 48.18 -55.32 -96.70
CA GLN VE 47 47.06 -54.59 -97.29
C GLN VE 47 45.94 -54.46 -96.26
N ARG VE 48 45.37 -53.27 -96.19
CA ARG VE 48 44.25 -52.94 -95.31
C ARG VE 48 43.12 -52.48 -96.22
N PHE VE 49 42.19 -53.37 -96.48
CA PHE VE 49 41.02 -53.09 -97.30
C PHE VE 49 39.97 -52.43 -96.41
N GLY VE 50 39.51 -51.24 -96.80
CA GLY VE 50 38.56 -50.49 -96.00
C GLY VE 50 37.12 -50.78 -96.38
N ALA VE 51 36.21 -50.00 -95.78
CA ALA VE 51 34.82 -50.04 -96.19
C ALA VE 51 34.68 -49.45 -97.60
N ALA VE 52 33.45 -49.48 -98.13
CA ALA VE 52 33.24 -49.02 -99.51
C ALA VE 52 33.47 -47.52 -99.64
N ASN VE 53 33.29 -46.75 -98.57
CA ASN VE 53 33.60 -45.33 -98.59
C ASN VE 53 35.09 -45.06 -98.36
N SER VE 54 35.85 -46.07 -97.95
CA SER VE 54 37.26 -45.91 -97.67
C SER VE 54 38.10 -46.26 -98.90
N ASN VE 55 39.38 -45.90 -98.81
CA ASN VE 55 40.38 -46.33 -99.78
C ASN VE 55 41.14 -47.51 -99.19
N ARG VE 56 41.43 -48.50 -100.02
CA ARG VE 56 42.32 -49.55 -99.54
C ARG VE 56 43.73 -49.02 -99.48
N LYS VE 57 44.50 -49.50 -98.51
CA LYS VE 57 45.86 -49.03 -98.31
C LYS VE 57 46.81 -50.21 -98.32
N VAL VE 58 47.92 -50.08 -99.03
CA VAL VE 58 48.96 -51.10 -99.04
C VAL VE 58 50.25 -50.47 -98.52
N THR VE 59 50.88 -51.12 -97.55
CA THR VE 59 52.09 -50.58 -96.95
C THR VE 59 53.21 -51.60 -97.03
N MET VE 60 54.42 -51.11 -97.25
CA MET VE 60 55.62 -51.92 -97.33
C MET VE 60 56.70 -51.28 -96.47
N LEU VE 61 57.45 -52.14 -95.79
CA LEU VE 61 58.62 -51.73 -95.02
C LEU VE 61 59.82 -52.57 -95.43
N LEU VE 62 60.91 -51.89 -95.79
CA LEU VE 62 62.17 -52.50 -96.16
C LEU VE 62 63.22 -52.05 -95.15
N THR VE 63 63.84 -53.01 -94.47
CA THR VE 63 64.84 -52.74 -93.44
C THR VE 63 66.17 -53.36 -93.84
N ASP VE 64 67.21 -52.54 -93.90
CA ASP VE 64 68.56 -52.98 -94.28
C ASP VE 64 69.56 -52.58 -93.21
N PRO VE 65 69.85 -53.48 -92.27
CA PRO VE 65 70.89 -53.19 -91.27
C PRO VE 65 72.29 -53.46 -91.80
N VAL VE 66 73.27 -52.74 -91.21
CA VAL VE 66 74.68 -52.86 -91.55
C VAL VE 66 75.49 -52.80 -90.25
N VAL VE 67 76.65 -53.46 -90.25
CA VAL VE 67 77.53 -53.46 -89.07
C VAL VE 67 78.56 -52.34 -89.21
N VAL VE 68 78.66 -51.51 -88.17
CA VAL VE 68 79.64 -50.43 -88.11
C VAL VE 68 80.53 -50.60 -86.89
N MET VE 76 78.65 -52.32 -83.45
CA MET VE 76 77.26 -51.87 -83.50
C MET VE 76 76.62 -52.10 -84.88
N THR VE 77 75.33 -52.42 -84.90
CA THR VE 77 74.56 -52.58 -86.13
C THR VE 77 73.51 -51.48 -86.23
N ILE VE 78 73.47 -50.81 -87.38
CA ILE VE 78 72.65 -49.64 -87.64
C ILE VE 78 71.64 -50.00 -88.73
N LYS VE 79 70.38 -49.64 -88.51
CA LYS VE 79 69.29 -50.01 -89.40
C LYS VE 79 68.74 -48.78 -90.12
N ALA VE 80 68.51 -48.92 -91.43
CA ALA VE 80 67.87 -47.89 -92.25
C ALA VE 80 66.60 -48.45 -92.88
N ASN VE 81 65.57 -47.61 -92.95
CA ASN VE 81 64.24 -48.06 -93.37
C ASN VE 81 63.77 -47.29 -94.59
N ALA VE 82 63.11 -48.00 -95.49
CA ALA VE 82 62.30 -47.39 -96.53
C ALA VE 82 60.88 -47.89 -96.35
N SER VE 83 59.90 -46.99 -96.45
CA SER VE 83 58.51 -47.38 -96.28
C SER VE 83 57.68 -46.75 -97.39
N VAL VE 84 56.93 -47.57 -98.10
CA VAL VE 84 56.05 -47.13 -99.17
C VAL VE 84 54.62 -47.38 -98.75
N THR VE 85 53.72 -46.48 -99.12
CA THR VE 85 52.29 -46.62 -98.83
C THR VE 85 51.48 -46.15 -100.03
N PHE VE 86 50.65 -47.04 -100.54
CA PHE VE 86 49.75 -46.77 -101.66
C PHE VE 86 48.34 -46.60 -101.11
N SER VE 87 47.78 -45.40 -101.28
CA SER VE 87 46.38 -45.13 -100.95
C SER VE 87 45.59 -45.15 -102.25
N LEU VE 88 44.72 -46.14 -102.39
CA LEU VE 88 44.04 -46.43 -103.65
C LEU VE 88 42.54 -46.45 -103.41
N PRO VE 89 41.80 -45.48 -103.94
CA PRO VE 89 40.34 -45.54 -103.89
C PRO VE 89 39.81 -46.68 -104.74
N LYS VE 90 38.68 -47.24 -104.31
CA LYS VE 90 38.18 -48.43 -104.98
C LYS VE 90 37.70 -48.13 -106.39
N THR VE 91 37.04 -46.98 -106.59
CA THR VE 91 36.57 -46.59 -107.92
C THR VE 91 37.72 -46.34 -108.89
N TYR VE 92 38.94 -46.15 -108.37
CA TYR VE 92 40.10 -45.86 -109.22
C TYR VE 92 40.48 -47.09 -110.04
N PRO VE 93 40.80 -46.96 -111.32
CA PRO VE 93 40.95 -48.14 -112.19
C PRO VE 93 42.30 -48.84 -112.03
N ASN VE 94 42.24 -50.17 -112.03
CA ASN VE 94 43.42 -50.99 -111.82
C ASN VE 94 44.52 -50.67 -112.81
N GLU VE 95 44.16 -50.34 -114.05
CA GLU VE 95 45.18 -50.00 -115.04
C GLU VE 95 45.99 -48.78 -114.60
N HIS VE 96 45.30 -47.70 -114.22
CA HIS VE 96 46.01 -46.51 -113.74
C HIS VE 96 46.79 -46.77 -112.45
N ILE VE 97 46.38 -47.75 -111.64
CA ILE VE 97 47.20 -48.11 -110.48
C ILE VE 97 48.52 -48.72 -110.93
N THR VE 98 48.48 -49.67 -111.88
CA THR VE 98 49.72 -50.24 -112.41
C THR VE 98 50.61 -49.12 -112.93
N LYS VE 99 50.01 -48.15 -113.64
CA LYS VE 99 50.75 -46.97 -114.09
C LYS VE 99 51.43 -46.25 -112.95
N LEU VE 100 50.68 -45.96 -111.88
CA LEU VE 100 51.24 -45.24 -110.74
C LEU VE 100 52.46 -45.96 -110.18
N ARG VE 101 52.33 -47.27 -109.96
CA ARG VE 101 53.45 -48.04 -109.41
C ARG VE 101 54.68 -47.92 -110.31
N GLN VE 102 54.49 -48.09 -111.61
CA GLN VE 102 55.64 -48.05 -112.53
C GLN VE 102 56.30 -46.67 -112.52
N THR VE 103 55.51 -45.60 -112.49
CA THR VE 103 56.10 -44.27 -112.47
C THR VE 103 56.83 -43.99 -111.15
N LEU VE 104 56.38 -44.57 -110.04
CA LEU VE 104 57.14 -44.44 -108.81
C LEU VE 104 58.49 -45.13 -108.95
N ILE VE 105 58.53 -46.32 -109.55
CA ILE VE 105 59.81 -46.98 -109.82
C ILE VE 105 60.71 -46.05 -110.63
N ALA VE 106 60.17 -45.49 -111.72
CA ALA VE 106 60.96 -44.60 -112.58
C ALA VE 106 61.50 -43.42 -111.80
N TRP VE 107 60.66 -42.82 -110.94
CA TRP VE 107 61.11 -41.68 -110.15
C TRP VE 107 62.24 -42.06 -109.22
N LEU VE 108 62.09 -43.19 -108.50
CA LEU VE 108 63.15 -43.67 -107.61
C LEU VE 108 64.43 -43.96 -108.36
N GLY VE 109 64.37 -44.12 -109.68
CA GLY VE 109 65.57 -44.20 -110.49
C GLY VE 109 66.36 -42.91 -110.65
N GLN VE 110 65.66 -41.77 -110.66
CA GLN VE 110 66.22 -40.51 -111.15
C GLN VE 110 67.26 -39.92 -110.20
N GLN VE 111 68.10 -39.05 -110.76
CA GLN VE 111 69.14 -38.40 -109.97
C GLN VE 111 68.56 -37.47 -108.93
N CYS VE 112 67.52 -36.71 -109.31
CA CYS VE 112 66.93 -35.77 -108.37
C CYS VE 112 66.39 -36.46 -107.12
N VAL VE 113 66.18 -37.77 -107.19
CA VAL VE 113 65.78 -38.55 -106.03
C VAL VE 113 66.98 -39.23 -105.37
N SER VE 114 67.92 -39.73 -106.17
CA SER VE 114 69.06 -40.43 -105.58
C SER VE 114 69.96 -39.49 -104.80
N ASP VE 115 70.20 -38.28 -105.31
CA ASP VE 115 71.11 -37.36 -104.66
C ASP VE 115 70.69 -37.04 -103.20
N PRO VE 116 69.43 -36.70 -102.92
CA PRO VE 116 69.08 -36.52 -101.49
C PRO VE 116 69.02 -37.83 -100.71
N VAL VE 117 68.43 -38.88 -101.28
CA VAL VE 117 68.35 -40.15 -100.56
C VAL VE 117 69.74 -40.70 -100.30
N ASP VE 118 70.51 -40.93 -101.37
CA ASP VE 118 71.78 -41.64 -101.22
C ASP VE 118 72.78 -40.83 -100.41
N SER VE 119 73.05 -39.59 -100.80
CA SER VE 119 74.13 -38.81 -100.20
C SER VE 119 73.68 -37.56 -99.46
N GLY VE 120 72.42 -37.18 -99.55
CA GLY VE 120 71.95 -36.00 -98.85
C GLY VE 120 72.06 -34.69 -99.60
N LEU VE 121 72.45 -34.72 -100.87
CA LEU VE 121 72.49 -33.52 -101.68
C LEU VE 121 71.07 -33.12 -102.05
N ASN VE 122 70.69 -31.89 -101.71
CA ASN VE 122 69.41 -31.38 -102.21
C ASN VE 122 69.59 -30.83 -103.62
N ASN VE 123 68.47 -30.69 -104.32
CA ASN VE 123 68.52 -30.18 -105.67
C ASN VE 123 68.39 -28.68 -105.66
N TYR VE 124 69.05 -28.04 -106.63
CA TYR VE 124 69.14 -26.60 -106.67
C TYR VE 124 69.01 -26.09 -108.08
N MET WE 1 43.90 -79.22 -96.47
CA MET WE 1 44.22 -79.10 -97.90
C MET WE 1 45.14 -77.92 -98.14
N ARG WE 2 46.10 -78.09 -99.04
CA ARG WE 2 46.94 -76.99 -99.49
C ARG WE 2 46.12 -76.09 -100.43
N LEU WE 3 45.74 -74.92 -99.95
CA LEU WE 3 44.82 -74.08 -100.70
C LEU WE 3 45.48 -73.58 -101.98
N THR WE 4 44.78 -73.74 -103.09
CA THR WE 4 45.16 -73.13 -104.36
C THR WE 4 43.89 -72.71 -105.08
N ASP WE 5 44.07 -71.87 -106.11
CA ASP WE 5 42.94 -71.41 -106.90
C ASP WE 5 42.12 -72.59 -107.39
N VAL WE 6 40.82 -72.40 -107.54
CA VAL WE 6 39.96 -73.46 -108.02
C VAL WE 6 39.08 -72.95 -109.16
N ASP WE 7 38.64 -73.89 -109.99
CA ASP WE 7 37.68 -73.63 -111.04
C ASP WE 7 36.50 -74.56 -110.84
N LEU WE 8 35.30 -73.99 -110.87
CA LEU WE 8 34.07 -74.71 -110.60
C LEU WE 8 33.28 -74.90 -111.88
N THR WE 9 32.69 -76.08 -112.02
CA THR WE 9 31.81 -76.37 -113.12
C THR WE 9 30.39 -76.01 -112.68
N VAL WE 10 29.78 -75.03 -113.33
CA VAL WE 10 28.49 -74.48 -112.91
C VAL WE 10 27.54 -74.61 -114.09
N GLY WE 11 26.69 -75.64 -114.05
CA GLY WE 11 25.82 -75.90 -115.18
C GLY WE 11 26.62 -76.09 -116.45
N GLU WE 12 26.50 -75.15 -117.38
CA GLU WE 12 27.21 -75.22 -118.65
C GLU WE 12 28.22 -74.09 -118.80
N GLU WE 13 28.70 -73.55 -117.69
CA GLU WE 13 29.75 -72.55 -117.71
C GLU WE 13 30.83 -72.94 -116.72
N THR WE 14 31.97 -72.28 -116.81
CA THR WE 14 33.07 -72.50 -115.88
C THR WE 14 33.36 -71.21 -115.13
N ARG WE 15 33.42 -71.31 -113.81
CA ARG WE 15 33.60 -70.19 -112.90
C ARG WE 15 34.99 -70.29 -112.29
N GLU WE 16 35.78 -69.23 -112.40
CA GLU WE 16 37.18 -69.28 -111.97
C GLU WE 16 37.37 -68.40 -110.75
N TYR WE 17 37.74 -69.01 -109.63
CA TYR WE 17 38.05 -68.26 -108.41
C TYR WE 17 39.56 -68.29 -108.17
N ALA WE 18 40.01 -67.31 -107.40
CA ALA WE 18 41.41 -67.19 -106.99
C ALA WE 18 41.47 -66.91 -105.50
N VAL WE 19 42.47 -67.49 -104.84
CA VAL WE 19 42.63 -67.29 -103.41
C VAL WE 19 42.90 -65.83 -103.14
N SER WE 20 42.05 -65.21 -102.30
CA SER WE 20 42.23 -63.82 -101.91
C SER WE 20 42.78 -63.64 -100.50
N GLU WE 21 42.54 -64.59 -99.59
CA GLU WE 21 43.29 -64.60 -98.34
C GLU WE 21 43.16 -65.96 -97.69
N GLN WE 22 44.19 -66.33 -96.91
CA GLN WE 22 44.16 -67.56 -96.14
C GLN WE 22 44.68 -67.29 -94.74
N GLN WE 23 43.84 -67.52 -93.73
CA GLN WE 23 44.20 -67.42 -92.33
C GLN WE 23 44.10 -68.81 -91.69
N GLY WE 24 44.32 -68.85 -90.38
CA GLY WE 24 44.39 -70.13 -89.69
C GLY WE 24 43.10 -70.92 -89.79
N THR WE 25 41.97 -70.25 -89.52
CA THR WE 25 40.66 -70.87 -89.53
C THR WE 25 39.73 -70.31 -90.59
N LEU WE 26 40.25 -69.40 -91.44
CA LEU WE 26 39.42 -68.69 -92.41
C LEU WE 26 40.14 -68.64 -93.75
N PHE WE 27 39.35 -68.66 -94.83
CA PHE WE 27 39.90 -68.41 -96.17
C PHE WE 27 38.84 -67.73 -97.02
N ARG WE 28 39.33 -67.08 -98.09
CA ARG WE 28 38.48 -66.30 -98.98
C ARG WE 28 38.99 -66.40 -100.40
N PHE WE 29 38.08 -66.75 -101.31
CA PHE WE 29 38.26 -66.75 -102.76
C PHE WE 29 37.49 -65.59 -103.39
N VAL WE 30 37.98 -65.14 -104.55
CA VAL WE 30 37.35 -64.08 -105.32
C VAL WE 30 37.21 -64.53 -106.77
N ASP WE 31 36.07 -64.19 -107.40
CA ASP WE 31 35.84 -64.52 -108.80
C ASP WE 31 36.81 -63.76 -109.69
N LYS WE 32 37.56 -64.51 -110.51
CA LYS WE 32 38.62 -63.92 -111.33
C LYS WE 32 38.10 -62.92 -112.36
N SER WE 33 36.80 -62.92 -112.64
CA SER WE 33 36.22 -62.00 -113.61
C SER WE 33 35.96 -60.60 -113.06
N GLY WE 34 36.47 -60.28 -111.87
CA GLY WE 34 36.09 -59.08 -111.17
C GLY WE 34 37.25 -58.12 -110.86
N THR WE 35 36.85 -56.93 -110.42
CA THR WE 35 37.75 -55.85 -110.02
C THR WE 35 37.38 -55.40 -108.62
N VAL WE 36 38.29 -54.69 -107.95
CA VAL WE 36 37.90 -54.00 -106.72
C VAL WE 36 36.73 -53.07 -107.02
N ALA WE 37 36.78 -52.37 -108.16
CA ALA WE 37 35.69 -51.45 -108.50
C ALA WE 37 34.42 -52.20 -108.80
N ASN WE 38 34.47 -53.20 -109.67
CA ASN WE 38 33.29 -53.99 -110.01
C ASN WE 38 33.55 -55.44 -109.61
N ASN WE 39 33.06 -55.81 -108.42
CA ASN WE 39 33.21 -57.17 -107.94
C ASN WE 39 32.12 -58.06 -108.51
N THR WE 40 32.46 -59.33 -108.72
CA THR WE 40 31.58 -60.27 -109.38
C THR WE 40 31.26 -61.50 -108.56
N GLY WE 41 31.98 -61.75 -107.47
CA GLY WE 41 31.70 -62.91 -106.65
C GLY WE 41 32.76 -63.11 -105.59
N VAL WE 42 32.34 -63.54 -104.40
CA VAL WE 42 33.27 -63.86 -103.33
C VAL WE 42 32.74 -65.10 -102.61
N PHE WE 43 33.67 -65.88 -102.09
CA PHE WE 43 33.34 -67.03 -101.25
C PHE WE 43 34.28 -67.01 -100.05
N SER WE 44 33.72 -67.27 -98.88
CA SER WE 44 34.51 -67.26 -97.65
C SER WE 44 34.05 -68.38 -96.74
N LEU WE 45 34.99 -68.96 -96.00
CA LEU WE 45 34.68 -70.05 -95.08
C LEU WE 45 35.52 -69.91 -93.82
N GLU WE 46 34.90 -70.18 -92.68
CA GLU WE 46 35.55 -70.09 -91.38
C GLU WE 46 35.09 -71.24 -90.49
N GLN WE 47 36.02 -71.83 -89.76
CA GLN WE 47 35.68 -72.83 -88.76
C GLN WE 47 35.96 -72.27 -87.37
N ARG WE 48 34.94 -72.33 -86.50
CA ARG WE 48 35.09 -72.08 -85.08
C ARG WE 48 35.05 -73.46 -84.40
N PHE WE 49 36.23 -74.01 -84.16
CA PHE WE 49 36.34 -75.23 -83.39
C PHE WE 49 35.98 -74.90 -81.94
N GLY WE 50 34.90 -75.48 -81.45
CA GLY WE 50 34.37 -75.09 -80.17
C GLY WE 50 35.14 -75.64 -78.99
N ALA WE 51 34.72 -75.21 -77.79
CA ALA WE 51 35.21 -75.79 -76.57
C ALA WE 51 34.91 -77.29 -76.53
N ALA WE 52 35.60 -78.00 -75.63
CA ALA WE 52 35.51 -79.45 -75.60
C ALA WE 52 34.08 -79.94 -75.38
N ASN WE 53 33.25 -79.12 -74.75
CA ASN WE 53 31.85 -79.48 -74.55
C ASN WE 53 30.97 -79.13 -75.74
N SER WE 54 31.32 -78.08 -76.48
CA SER WE 54 30.47 -77.56 -77.53
C SER WE 54 30.73 -78.25 -78.87
N ASN WE 55 29.82 -78.04 -79.80
CA ASN WE 55 30.00 -78.46 -81.18
C ASN WE 55 30.93 -77.50 -81.90
N ARG WE 56 31.58 -78.00 -82.94
CA ARG WE 56 32.33 -77.11 -83.81
C ARG WE 56 31.42 -76.63 -84.92
N LYS WE 57 31.67 -75.40 -85.38
CA LYS WE 57 30.85 -74.77 -86.39
C LYS WE 57 31.70 -74.44 -87.60
N VAL WE 58 31.16 -74.66 -88.79
CA VAL WE 58 31.79 -74.23 -90.03
C VAL WE 58 30.78 -73.40 -90.79
N THR WE 59 31.18 -72.20 -91.20
CA THR WE 59 30.27 -71.29 -91.88
C THR WE 59 30.88 -70.85 -93.20
N MET WE 60 30.03 -70.74 -94.21
CA MET WE 60 30.39 -70.31 -95.55
C MET WE 60 29.44 -69.22 -96.00
N LEU WE 61 30.01 -68.23 -96.68
CA LEU WE 61 29.24 -67.16 -97.30
C LEU WE 61 29.65 -67.04 -98.76
N LEU WE 62 28.67 -67.13 -99.65
CA LEU WE 62 28.83 -66.93 -101.07
C LEU WE 62 28.05 -65.68 -101.45
N THR WE 63 28.72 -64.72 -102.08
CA THR WE 63 28.09 -63.46 -102.47
C THR WE 63 28.29 -63.23 -103.95
N ASP WE 64 27.17 -63.06 -104.67
CA ASP WE 64 27.19 -62.76 -106.10
C ASP WE 64 26.52 -61.41 -106.30
N PRO WE 65 27.31 -60.38 -106.63
CA PRO WE 65 26.73 -59.09 -106.98
C PRO WE 65 26.53 -58.95 -108.48
N VAL WE 66 25.48 -58.23 -108.84
CA VAL WE 66 25.09 -57.98 -110.22
C VAL WE 66 24.72 -56.49 -110.35
N VAL WE 67 25.05 -55.92 -111.50
CA VAL WE 67 24.64 -54.56 -111.80
C VAL WE 67 23.26 -54.59 -112.43
N VAL WE 68 22.41 -53.65 -112.01
CA VAL WE 68 21.03 -53.56 -112.47
C VAL WE 68 20.72 -52.10 -112.73
N LYS WE 69 20.06 -51.80 -113.84
CA LYS WE 69 19.62 -50.46 -114.11
C LYS WE 69 18.49 -50.09 -113.14
N ASP WE 70 18.46 -48.83 -112.75
CA ASP WE 70 17.47 -48.31 -111.82
C ASP WE 70 16.27 -47.73 -112.58
N ALA WE 71 15.17 -47.53 -111.87
CA ALA WE 71 14.04 -46.81 -112.44
C ALA WE 71 14.45 -45.41 -112.90
N SER WE 72 15.39 -44.79 -112.18
CA SER WE 72 15.98 -43.52 -112.57
C SER WE 72 16.99 -43.68 -113.70
N GLY WE 73 17.28 -44.90 -114.13
CA GLY WE 73 18.31 -45.16 -115.11
C GLY WE 73 19.70 -45.39 -114.54
N ALA WE 74 19.97 -44.84 -113.34
CA ALA WE 74 21.28 -44.98 -112.72
C ALA WE 74 21.65 -46.44 -112.54
N ASP WE 75 22.95 -46.72 -112.62
CA ASP WE 75 23.44 -48.07 -112.43
C ASP WE 75 23.58 -48.38 -110.95
N MET WE 76 23.09 -49.55 -110.52
CA MET WE 76 22.97 -49.90 -109.12
C MET WE 76 23.47 -51.33 -108.94
N THR WE 77 24.40 -51.52 -108.00
CA THR WE 77 24.96 -52.84 -107.76
C THR WE 77 24.21 -53.52 -106.61
N ILE WE 78 23.76 -54.75 -106.84
CA ILE WE 78 22.89 -55.47 -105.93
C ILE WE 78 23.52 -56.83 -105.63
N LYS WE 79 23.56 -57.21 -104.36
CA LYS WE 79 24.18 -58.45 -103.94
C LYS WE 79 23.10 -59.46 -103.52
N ALA WE 80 23.33 -60.73 -103.89
CA ALA WE 80 22.55 -61.86 -103.39
C ALA WE 80 23.48 -62.78 -102.61
N ASN WE 81 23.01 -63.30 -101.48
CA ASN WE 81 23.88 -64.04 -100.59
C ASN WE 81 23.32 -65.43 -100.35
N ALA WE 82 24.24 -66.38 -100.19
CA ALA WE 82 23.92 -67.72 -99.72
C ALA WE 82 24.87 -68.02 -98.58
N SER WE 83 24.34 -68.55 -97.48
CA SER WE 83 25.16 -68.85 -96.31
C SER WE 83 24.84 -70.25 -95.82
N VAL WE 84 25.88 -71.05 -95.62
CA VAL WE 84 25.74 -72.41 -95.12
C VAL WE 84 26.46 -72.51 -93.78
N THR WE 85 25.87 -73.26 -92.85
CA THR WE 85 26.48 -73.46 -91.54
C THR WE 85 26.30 -74.92 -91.12
N PHE WE 86 27.43 -75.57 -90.83
CA PHE WE 86 27.46 -76.94 -90.34
C PHE WE 86 27.74 -76.89 -88.84
N SER WE 87 26.80 -77.41 -88.06
CA SER WE 87 27.00 -77.62 -86.62
C SER WE 87 27.27 -79.10 -86.43
N LEU WE 88 28.51 -79.42 -86.05
CA LEU WE 88 28.99 -80.79 -85.97
C LEU WE 88 29.50 -81.07 -84.56
N PRO WE 89 28.79 -81.89 -83.80
CA PRO WE 89 29.29 -82.31 -82.48
C PRO WE 89 30.54 -83.14 -82.61
N LYS WE 90 31.38 -83.08 -81.58
CA LYS WE 90 32.66 -83.78 -81.63
C LYS WE 90 32.46 -85.30 -81.73
N THR WE 91 31.52 -85.85 -80.95
CA THR WE 91 31.31 -87.29 -80.94
C THR WE 91 30.70 -87.81 -82.23
N TYR WE 92 30.21 -86.93 -83.11
CA TYR WE 92 29.64 -87.34 -84.37
C TYR WE 92 30.74 -87.84 -85.30
N PRO WE 93 30.55 -88.99 -85.99
CA PRO WE 93 31.65 -89.56 -86.77
C PRO WE 93 31.87 -88.87 -88.12
N ASN WE 94 33.15 -88.71 -88.47
CA ASN WE 94 33.52 -88.02 -89.70
C ASN WE 94 32.82 -88.62 -90.92
N GLU WE 95 32.59 -89.93 -90.91
CA GLU WE 95 31.91 -90.58 -92.02
C GLU WE 95 30.51 -90.01 -92.23
N HIS WE 96 29.68 -90.03 -91.19
CA HIS WE 96 28.34 -89.48 -91.31
C HIS WE 96 28.34 -87.98 -91.58
N ILE WE 97 29.41 -87.26 -91.20
CA ILE WE 97 29.52 -85.87 -91.61
C ILE WE 97 29.61 -85.75 -93.14
N THR WE 98 30.53 -86.52 -93.76
CA THR WE 98 30.62 -86.47 -95.23
C THR WE 98 29.28 -86.84 -95.85
N LYS WE 99 28.59 -87.83 -95.25
CA LYS WE 99 27.23 -88.17 -95.71
C LYS WE 99 26.31 -86.96 -95.68
N LEU WE 100 26.31 -86.23 -94.57
CA LEU WE 100 25.47 -85.04 -94.44
C LEU WE 100 25.78 -84.03 -95.55
N ARG WE 101 27.06 -83.73 -95.75
CA ARG WE 101 27.44 -82.74 -96.77
C ARG WE 101 26.95 -83.17 -98.16
N GLN WE 102 27.13 -84.45 -98.50
CA GLN WE 102 26.74 -84.90 -99.82
C GLN WE 102 25.21 -84.86 -99.99
N THR WE 103 24.46 -85.27 -98.97
CA THR WE 103 23.00 -85.17 -99.07
C THR WE 103 22.55 -83.73 -99.21
N LEU WE 104 23.27 -82.78 -98.60
CA LEU WE 104 22.92 -81.38 -98.78
C LEU WE 104 23.13 -80.94 -100.23
N ILE WE 105 24.26 -81.35 -100.82
CA ILE WE 105 24.47 -81.06 -102.24
C ILE WE 105 23.32 -81.61 -103.08
N ALA WE 106 22.95 -82.87 -102.82
CA ALA WE 106 21.86 -83.51 -103.56
C ALA WE 106 20.58 -82.70 -103.43
N TRP WE 107 20.24 -82.31 -102.21
CA TRP WE 107 19.03 -81.53 -101.98
C TRP WE 107 19.06 -80.22 -102.75
N LEU WE 108 20.20 -79.51 -102.68
CA LEU WE 108 20.34 -78.24 -103.38
C LEU WE 108 20.17 -78.39 -104.88
N GLY WE 109 20.41 -79.58 -105.41
CA GLY WE 109 20.14 -79.85 -106.82
C GLY WE 109 18.67 -80.01 -107.17
N GLN WE 110 17.86 -80.42 -106.20
CA GLN WE 110 16.50 -80.85 -106.46
C GLN WE 110 15.61 -79.69 -106.90
N GLN WE 111 14.53 -80.04 -107.60
CA GLN WE 111 13.61 -79.00 -108.07
C GLN WE 111 12.78 -78.43 -106.94
N CYS WE 112 12.42 -79.24 -105.94
CA CYS WE 112 11.66 -78.72 -104.81
C CYS WE 112 12.44 -77.67 -104.03
N VAL WE 113 13.77 -77.66 -104.18
CA VAL WE 113 14.60 -76.62 -103.57
C VAL WE 113 14.87 -75.49 -104.55
N SER WE 114 15.09 -75.81 -105.83
CA SER WE 114 15.45 -74.76 -106.79
C SER WE 114 14.26 -73.84 -107.08
N ASP WE 115 13.06 -74.41 -107.22
CA ASP WE 115 11.90 -73.58 -107.57
C ASP WE 115 11.65 -72.44 -106.58
N PRO WE 116 11.62 -72.66 -105.27
CA PRO WE 116 11.49 -71.49 -104.37
C PRO WE 116 12.71 -70.60 -104.34
N VAL WE 117 13.90 -71.18 -104.34
CA VAL WE 117 15.12 -70.37 -104.32
C VAL WE 117 15.25 -69.55 -105.60
N ASP WE 118 15.17 -70.22 -106.75
CA ASP WE 118 15.47 -69.54 -108.02
C ASP WE 118 14.34 -68.57 -108.40
N SER WE 119 13.08 -69.03 -108.32
CA SER WE 119 11.97 -68.28 -108.89
C SER WE 119 10.98 -67.75 -107.86
N GLY WE 120 11.14 -68.09 -106.59
CA GLY WE 120 10.23 -67.61 -105.58
C GLY WE 120 8.87 -68.30 -105.54
N LEU WE 121 8.71 -69.40 -106.27
CA LEU WE 121 7.46 -70.15 -106.23
C LEU WE 121 7.55 -71.22 -105.16
N ASN WE 122 6.51 -71.31 -104.32
CA ASN WE 122 6.47 -72.35 -103.31
C ASN WE 122 5.98 -73.66 -103.90
N ASN WE 123 6.21 -74.74 -103.16
CA ASN WE 123 5.79 -76.06 -103.60
C ASN WE 123 4.37 -76.34 -103.10
N TYR WE 124 3.76 -77.37 -103.70
CA TYR WE 124 2.37 -77.73 -103.40
C TYR WE 124 2.11 -79.24 -103.58
N MET XE 1 87.97 74.34 -67.38
CA MET XE 1 88.42 74.63 -68.74
C MET XE 1 87.26 74.53 -69.73
N ARG XE 2 87.20 75.47 -70.67
CA ARG XE 2 86.23 75.37 -71.76
C ARG XE 2 86.57 74.18 -72.63
N LEU XE 3 85.68 73.19 -72.65
CA LEU XE 3 85.96 71.94 -73.32
C LEU XE 3 86.12 72.13 -74.82
N THR XE 4 87.06 71.39 -75.39
CA THR XE 4 87.25 71.33 -76.82
C THR XE 4 87.62 69.90 -77.19
N ASP XE 5 87.38 69.54 -78.45
CA ASP XE 5 87.82 68.25 -78.93
C ASP XE 5 89.29 68.06 -78.62
N VAL XE 6 89.70 66.82 -78.40
CA VAL XE 6 91.03 66.53 -77.87
C VAL XE 6 91.74 65.60 -78.82
N ASP XE 7 93.02 65.87 -79.06
CA ASP XE 7 93.87 64.98 -79.85
C ASP XE 7 95.03 64.53 -78.97
N LEU XE 8 95.15 63.22 -78.79
CA LEU XE 8 96.14 62.61 -77.93
C LEU XE 8 97.21 61.95 -78.77
N THR XE 9 98.46 62.10 -78.36
CA THR XE 9 99.55 61.36 -78.97
C THR XE 9 99.75 60.09 -78.16
N VAL XE 10 99.58 58.93 -78.80
CA VAL XE 10 99.58 57.64 -78.13
C VAL XE 10 100.64 56.77 -78.77
N GLY XE 11 101.76 56.59 -78.08
CA GLY XE 11 102.86 55.86 -78.65
C GLY XE 11 103.28 56.51 -79.95
N GLU XE 12 103.05 55.83 -81.05
CA GLU XE 12 103.45 56.34 -82.36
C GLU XE 12 102.24 56.60 -83.26
N GLU XE 13 101.06 56.74 -82.67
CA GLU XE 13 99.85 57.03 -83.40
C GLU XE 13 99.19 58.25 -82.76
N THR XE 14 98.20 58.82 -83.43
CA THR XE 14 97.44 59.93 -82.88
C THR XE 14 95.96 59.57 -82.83
N ARG XE 15 95.37 59.75 -81.66
CA ARG XE 15 94.00 59.38 -81.37
C ARG XE 15 93.17 60.65 -81.17
N GLU XE 16 92.02 60.73 -81.86
CA GLU XE 16 91.22 61.94 -81.86
C GLU XE 16 89.87 61.67 -81.19
N TYR XE 17 89.56 62.44 -80.16
CA TYR XE 17 88.31 62.36 -79.42
C TYR XE 17 87.51 63.64 -79.61
N ALA XE 18 86.20 63.50 -79.53
CA ALA XE 18 85.28 64.62 -79.64
C ALA XE 18 84.34 64.63 -78.44
N VAL XE 19 83.97 65.84 -78.01
CA VAL XE 19 83.09 66.00 -76.85
C VAL XE 19 81.74 65.41 -77.18
N SER XE 20 81.25 64.51 -76.32
CA SER XE 20 79.94 63.90 -76.45
C SER XE 20 78.90 64.47 -75.49
N GLU XE 21 79.26 64.73 -74.23
CA GLU XE 21 78.34 65.47 -73.38
C GLU XE 21 79.11 66.11 -72.23
N GLN XE 22 78.56 67.21 -71.73
CA GLN XE 22 79.16 67.91 -70.59
C GLN XE 22 78.06 68.32 -69.62
N GLN XE 23 78.19 67.87 -68.38
CA GLN XE 23 77.31 68.25 -67.29
C GLN XE 23 78.09 69.11 -66.30
N GLY XE 24 77.45 69.42 -65.19
CA GLY XE 24 78.08 70.30 -64.22
C GLY XE 24 79.38 69.71 -63.69
N THR XE 25 79.36 68.43 -63.34
CA THR XE 25 80.52 67.75 -62.76
C THR XE 25 80.90 66.51 -63.55
N LEU XE 26 80.44 66.38 -64.79
CA LEU XE 26 80.70 65.19 -65.59
C LEU XE 26 80.90 65.58 -67.05
N PHE XE 27 81.79 64.87 -67.73
CA PHE XE 27 81.92 65.01 -69.19
C PHE XE 27 82.31 63.68 -69.81
N ARG XE 28 82.07 63.59 -71.11
CA ARG XE 28 82.31 62.39 -71.89
C ARG XE 28 82.76 62.75 -73.29
N PHE XE 29 83.87 62.14 -73.70
CA PHE XE 29 84.42 62.16 -75.04
C PHE XE 29 84.22 60.81 -75.72
N VAL XE 30 84.14 60.84 -77.05
CA VAL XE 30 84.04 59.64 -77.88
C VAL XE 30 85.18 59.66 -78.91
N ASP XE 31 85.73 58.48 -79.20
CA ASP XE 31 86.76 58.35 -80.23
C ASP XE 31 86.16 58.62 -81.60
N LYS XE 32 86.73 59.58 -82.33
CA LYS XE 32 86.22 59.94 -83.65
C LYS XE 32 86.31 58.80 -84.65
N SER XE 33 87.03 57.72 -84.33
CA SER XE 33 87.12 56.57 -85.20
C SER XE 33 85.79 55.84 -85.36
N GLY XE 34 84.81 56.11 -84.49
CA GLY XE 34 83.65 55.27 -84.36
C GLY XE 34 82.33 55.97 -84.64
N THR XE 35 81.29 55.14 -84.73
CA THR XE 35 79.90 55.53 -84.96
C THR XE 35 79.10 55.28 -83.68
N VAL XE 36 77.92 55.90 -83.62
CA VAL XE 36 76.90 55.43 -82.68
C VAL XE 36 76.76 53.92 -82.79
N ALA XE 37 76.64 53.42 -84.03
CA ALA XE 37 76.51 51.98 -84.26
C ALA XE 37 77.72 51.22 -83.76
N ASN XE 38 78.88 51.49 -84.32
CA ASN XE 38 80.12 50.82 -83.94
C ASN XE 38 81.01 51.81 -83.22
N ASN XE 39 81.28 51.55 -81.94
CA ASN XE 39 82.07 52.44 -81.11
C ASN XE 39 83.50 51.94 -81.00
N THR XE 40 84.45 52.88 -81.07
CA THR XE 40 85.87 52.56 -80.97
C THR XE 40 86.50 52.96 -79.65
N GLY XE 41 85.88 53.85 -78.88
CA GLY XE 41 86.46 54.26 -77.61
C GLY XE 41 85.64 55.31 -76.90
N VAL XE 42 85.68 55.31 -75.58
CA VAL XE 42 84.93 56.28 -74.78
C VAL XE 42 85.77 56.68 -73.57
N PHE XE 43 85.63 57.94 -73.19
CA PHE XE 43 86.26 58.44 -71.97
C PHE XE 43 85.27 59.29 -71.20
N SER XE 44 85.20 59.07 -69.89
CA SER XE 44 84.26 59.79 -69.05
C SER XE 44 84.95 60.17 -67.74
N LEU XE 45 84.60 61.35 -67.23
CA LEU XE 45 85.18 61.87 -65.99
C LEU XE 45 84.10 62.56 -65.17
N GLU XE 46 84.06 62.27 -63.86
CA GLU XE 46 83.09 62.86 -62.94
C GLU XE 46 83.75 63.21 -61.62
N GLN XE 47 83.42 64.39 -61.08
CA GLN XE 47 83.89 64.81 -59.76
C GLN XE 47 82.73 64.84 -58.77
N ARG XE 48 83.01 64.38 -57.56
CA ARG XE 48 82.06 64.33 -56.46
C ARG XE 48 82.68 65.07 -55.28
N PHE XE 49 82.26 66.31 -55.09
CA PHE XE 49 82.67 67.15 -53.98
C PHE XE 49 81.84 66.77 -52.75
N GLY XE 50 82.48 66.20 -51.73
CA GLY XE 50 81.78 65.78 -50.54
C GLY XE 50 81.58 66.91 -49.55
N ALA XE 51 81.19 66.53 -48.33
CA ALA XE 51 81.13 67.51 -47.25
C ALA XE 51 82.54 67.92 -46.81
N ALA XE 52 82.63 68.95 -45.96
CA ALA XE 52 83.92 69.48 -45.56
C ALA XE 52 84.74 68.47 -44.78
N ASN XE 53 84.11 67.46 -44.17
CA ASN XE 53 84.83 66.36 -43.56
C ASN XE 53 85.16 65.25 -44.55
N SER XE 54 84.53 65.27 -45.73
CA SER XE 54 84.74 64.24 -46.73
C SER XE 54 85.80 64.65 -47.75
N ASN XE 55 86.50 63.66 -48.28
CA ASN XE 55 87.43 63.91 -49.39
C ASN XE 55 86.63 64.05 -50.67
N ARG XE 56 86.99 65.02 -51.50
CA ARG XE 56 86.41 65.06 -52.82
C ARG XE 56 87.02 63.93 -53.66
N LYS XE 57 86.24 63.42 -54.60
CA LYS XE 57 86.65 62.26 -55.37
C LYS XE 57 86.48 62.56 -56.86
N VAL XE 58 87.37 62.00 -57.66
CA VAL XE 58 87.37 62.24 -59.10
C VAL XE 58 87.59 60.90 -59.79
N THR XE 59 86.67 60.52 -60.68
CA THR XE 59 86.75 59.19 -61.28
C THR XE 59 86.69 59.26 -62.80
N MET XE 60 87.53 58.45 -63.44
CA MET XE 60 87.66 58.38 -64.88
C MET XE 60 87.44 56.94 -65.33
N LEU XE 61 86.74 56.80 -66.44
CA LEU XE 61 86.56 55.51 -67.10
C LEU XE 61 86.94 55.63 -68.56
N LEU XE 62 87.88 54.79 -68.99
CA LEU XE 62 88.33 54.69 -70.37
C LEU XE 62 87.96 53.30 -70.87
N THR XE 63 87.15 53.25 -71.93
CA THR XE 63 86.69 51.99 -72.49
C THR XE 63 87.17 51.88 -73.94
N ASP XE 64 87.82 50.76 -74.25
CA ASP XE 64 88.30 50.47 -75.61
C ASP XE 64 87.70 49.15 -76.06
N PRO XE 65 86.73 49.21 -76.96
CA PRO XE 65 86.19 47.98 -77.56
C PRO XE 65 86.92 47.64 -78.84
N VAL XE 66 87.08 46.32 -79.06
CA VAL XE 66 87.74 45.77 -80.23
C VAL XE 66 86.88 44.63 -80.75
N VAL XE 67 86.85 44.49 -82.08
CA VAL XE 67 86.17 43.34 -82.69
C VAL XE 67 87.16 42.21 -82.82
N VAL XE 68 86.76 41.02 -82.34
CA VAL XE 68 87.58 39.83 -82.35
C VAL XE 68 86.82 38.71 -83.05
N LYS XE 69 87.55 37.81 -83.67
CA LYS XE 69 86.99 36.63 -84.30
C LYS XE 69 86.50 35.65 -83.24
N ASP XE 70 85.32 35.09 -83.48
CA ASP XE 70 84.79 34.05 -82.61
C ASP XE 70 85.53 32.73 -82.84
N ALA XE 71 85.40 31.82 -81.88
CA ALA XE 71 85.93 30.47 -82.09
C ALA XE 71 85.23 29.80 -83.26
N SER XE 72 83.95 30.12 -83.47
CA SER XE 72 83.25 29.69 -84.67
C SER XE 72 83.62 30.52 -85.89
N GLY XE 73 84.02 31.78 -85.67
CA GLY XE 73 84.36 32.69 -86.75
C GLY XE 73 83.52 33.95 -86.80
N ALA XE 74 82.43 34.02 -86.03
CA ALA XE 74 81.56 35.18 -86.04
C ALA XE 74 82.30 36.43 -85.53
N ASP XE 75 81.77 37.59 -85.89
CA ASP XE 75 82.30 38.85 -85.41
C ASP XE 75 81.75 39.15 -84.03
N MET XE 76 82.62 39.44 -83.07
CA MET XE 76 82.19 39.65 -81.69
C MET XE 76 82.92 40.85 -81.12
N THR XE 77 82.22 41.72 -80.40
CA THR XE 77 82.84 42.92 -79.84
C THR XE 77 83.16 42.71 -78.36
N ILE XE 78 84.39 43.05 -77.98
CA ILE XE 78 84.91 42.83 -76.64
C ILE XE 78 85.49 44.13 -76.13
N LYS XE 79 85.10 44.53 -74.92
CA LYS XE 79 85.55 45.78 -74.34
C LYS XE 79 86.61 45.51 -73.27
N ALA XE 80 87.57 46.42 -73.17
CA ALA XE 80 88.56 46.46 -72.09
C ALA XE 80 88.44 47.79 -71.37
N ASN XE 81 88.44 47.74 -70.04
CA ASN XE 81 88.15 48.93 -69.24
C ASN XE 81 89.37 49.31 -68.42
N ALA XE 82 89.57 50.61 -68.23
CA ALA XE 82 90.52 51.12 -67.27
C ALA XE 82 89.85 52.24 -66.50
N SER XE 83 90.00 52.22 -65.18
CA SER XE 83 89.32 53.21 -64.35
C SER XE 83 90.28 53.77 -63.31
N VAL XE 84 90.31 55.09 -63.20
CA VAL XE 84 91.16 55.77 -62.24
C VAL XE 84 90.25 56.51 -61.25
N THR XE 85 90.68 56.57 -59.99
CA THR XE 85 89.95 57.30 -58.95
C THR XE 85 90.94 58.03 -58.06
N PHE XE 86 90.79 59.35 -58.00
CA PHE XE 86 91.58 60.22 -57.14
C PHE XE 86 90.75 60.55 -55.91
N SER XE 87 91.24 60.15 -54.73
CA SER XE 87 90.65 60.55 -53.47
C SER XE 87 91.53 61.65 -52.89
N LEU XE 88 91.00 62.87 -52.85
CA LEU XE 88 91.74 64.07 -52.50
C LEU XE 88 91.06 64.75 -51.32
N PRO XE 89 91.66 64.72 -50.13
CA PRO XE 89 91.11 65.47 -49.01
C PRO XE 89 91.21 66.97 -49.24
N LYS XE 90 90.34 67.70 -48.59
CA LYS XE 90 90.22 69.14 -48.80
C LYS XE 90 91.20 69.94 -47.96
N THR XE 91 92.06 69.28 -47.19
CA THR XE 91 93.19 69.91 -46.53
C THR XE 91 94.49 69.63 -47.24
N TYR XE 92 94.44 68.83 -48.30
CA TYR XE 92 95.60 68.48 -49.11
C TYR XE 92 95.88 69.57 -50.13
N PRO XE 93 97.14 69.99 -50.30
CA PRO XE 93 97.42 71.12 -51.21
C PRO XE 93 97.42 70.75 -52.69
N ASN XE 94 96.91 71.69 -53.48
CA ASN XE 94 96.75 71.47 -54.91
C ASN XE 94 98.08 71.12 -55.58
N GLU XE 95 99.17 71.74 -55.12
CA GLU XE 95 100.48 71.42 -55.65
C GLU XE 95 100.76 69.93 -55.56
N HIS XE 96 100.59 69.36 -54.37
CA HIS XE 96 100.86 67.94 -54.20
C HIS XE 96 99.86 67.06 -54.92
N ILE XE 97 98.64 67.55 -55.18
CA ILE XE 97 97.74 66.81 -56.05
C ILE XE 97 98.34 66.70 -57.48
N THR XE 98 98.85 67.82 -57.98
CA THR XE 98 99.50 67.77 -59.30
C THR XE 98 100.69 66.82 -59.29
N LYS XE 99 101.50 66.89 -58.23
CA LYS XE 99 102.62 65.95 -58.06
C LYS XE 99 102.14 64.51 -58.13
N LEU XE 100 101.04 64.22 -57.42
CA LEU XE 100 100.47 62.88 -57.42
C LEU XE 100 100.08 62.43 -58.82
N ARG XE 101 99.35 63.28 -59.54
CA ARG XE 101 98.90 62.92 -60.89
C ARG XE 101 100.10 62.64 -61.79
N GLN XE 102 101.14 63.46 -61.70
CA GLN XE 102 102.29 63.25 -62.57
C GLN XE 102 103.05 61.98 -62.20
N THR XE 103 103.21 61.69 -60.90
CA THR XE 103 103.85 60.43 -60.51
C THR XE 103 103.05 59.24 -60.99
N LEU XE 104 101.71 59.36 -61.02
CA LEU XE 104 100.89 58.28 -61.55
C LEU XE 104 101.16 58.07 -63.03
N ILE XE 105 101.25 59.16 -63.79
CA ILE XE 105 101.58 59.05 -65.21
C ILE XE 105 102.91 58.34 -65.39
N ALA XE 106 103.92 58.75 -64.61
CA ALA XE 106 105.23 58.13 -64.69
C ALA XE 106 105.17 56.65 -64.37
N TRP XE 107 104.42 56.29 -63.33
CA TRP XE 107 104.30 54.88 -62.97
C TRP XE 107 103.63 54.08 -64.08
N LEU XE 108 102.57 54.63 -64.66
CA LEU XE 108 101.89 53.95 -65.76
C LEU XE 108 102.81 53.77 -66.96
N GLY XE 109 103.85 54.60 -67.06
CA GLY XE 109 104.86 54.39 -68.09
C GLY XE 109 105.81 53.24 -67.83
N GLN XE 110 106.00 52.87 -66.56
CA GLN XE 110 107.07 51.95 -66.17
C GLN XE 110 106.85 50.55 -66.71
N GLN XE 111 107.96 49.82 -66.87
CA GLN XE 111 107.85 48.45 -67.36
C GLN XE 111 107.26 47.53 -66.31
N CYS XE 112 107.55 47.77 -65.03
CA CYS XE 112 107.00 46.93 -63.98
C CYS XE 112 105.50 47.07 -63.86
N VAL XE 113 104.94 48.17 -64.34
CA VAL XE 113 103.49 48.28 -64.47
C VAL XE 113 103.03 47.75 -65.82
N SER XE 114 103.84 47.91 -66.86
CA SER XE 114 103.44 47.52 -68.20
C SER XE 114 103.29 46.01 -68.34
N ASP XE 115 104.25 45.25 -67.81
CA ASP XE 115 104.24 43.80 -68.01
C ASP XE 115 102.98 43.13 -67.49
N PRO XE 116 102.54 43.33 -66.25
CA PRO XE 116 101.27 42.71 -65.83
C PRO XE 116 100.06 43.22 -66.59
N VAL XE 117 99.97 44.54 -66.81
CA VAL XE 117 98.83 45.10 -67.53
C VAL XE 117 98.82 44.61 -68.97
N ASP XE 118 99.89 44.88 -69.71
CA ASP XE 118 99.86 44.64 -71.15
C ASP XE 118 99.85 43.15 -71.48
N SER XE 119 100.64 42.34 -70.78
CA SER XE 119 100.84 40.95 -71.16
C SER XE 119 100.45 39.93 -70.11
N GLY XE 120 100.20 40.35 -68.87
CA GLY XE 120 99.83 39.43 -67.82
C GLY XE 120 100.98 38.82 -67.06
N LEU XE 121 102.22 39.12 -67.42
CA LEU XE 121 103.36 38.61 -66.69
C LEU XE 121 103.53 39.36 -65.38
N ASN XE 122 103.70 38.63 -64.29
CA ASN XE 122 104.04 39.27 -63.02
C ASN XE 122 105.54 39.54 -62.93
N ASN XE 123 105.89 40.50 -62.09
CA ASN XE 123 107.29 40.80 -61.87
C ASN XE 123 107.86 39.90 -60.77
N TYR XE 124 109.18 39.78 -60.75
CA TYR XE 124 109.83 38.86 -59.81
C TYR XE 124 111.08 39.46 -59.19
N MET YE 1 74.66 85.15 -70.20
CA MET YE 1 75.95 85.58 -70.74
C MET YE 1 76.88 84.39 -70.91
N ARG YE 2 77.94 84.58 -71.70
CA ARG YE 2 78.98 83.56 -71.86
C ARG YE 2 79.99 83.71 -70.72
N LEU YE 3 80.00 82.74 -69.81
CA LEU YE 3 80.83 82.81 -68.61
C LEU YE 3 82.31 82.94 -68.97
N THR YE 4 82.96 83.91 -68.34
CA THR YE 4 84.38 84.13 -68.45
C THR YE 4 84.91 84.39 -67.05
N ASP YE 5 86.18 84.02 -66.80
CA ASP YE 5 86.79 84.30 -65.51
C ASP YE 5 86.63 85.78 -65.19
N VAL YE 6 86.45 86.09 -63.91
CA VAL YE 6 86.03 87.42 -63.50
C VAL YE 6 87.07 87.99 -62.56
N ASP YE 7 87.32 89.29 -62.69
CA ASP YE 7 88.20 90.00 -61.77
C ASP YE 7 87.44 91.15 -61.15
N LEU YE 8 87.36 91.14 -59.82
CA LEU YE 8 86.58 92.09 -59.05
C LEU YE 8 87.50 93.06 -58.37
N THR YE 9 87.15 94.33 -58.44
CA THR YE 9 87.88 95.37 -57.72
C THR YE 9 87.23 95.51 -56.35
N VAL YE 10 87.94 95.11 -55.32
CA VAL YE 10 87.43 95.02 -53.95
C VAL YE 10 88.21 96.00 -53.11
N GLY YE 11 87.63 97.17 -52.85
CA GLY YE 11 88.35 98.21 -52.14
C GLY YE 11 89.59 98.59 -52.91
N GLU YE 12 90.76 98.28 -52.36
CA GLU YE 12 92.01 98.61 -53.03
C GLU YE 12 92.75 97.36 -53.48
N GLU YE 13 92.06 96.24 -53.59
CA GLU YE 13 92.65 94.98 -53.98
C GLU YE 13 91.88 94.45 -55.18
N THR YE 14 92.43 93.43 -55.82
CA THR YE 14 91.74 92.78 -56.93
C THR YE 14 91.63 91.29 -56.65
N ARG YE 15 90.40 90.80 -56.57
CA ARG YE 15 90.10 89.38 -56.43
C ARG YE 15 89.92 88.78 -57.81
N GLU YE 16 90.41 87.55 -58.01
CA GLU YE 16 90.38 86.92 -59.33
C GLU YE 16 89.76 85.53 -59.24
N TYR YE 17 88.58 85.38 -59.80
CA TYR YE 17 87.82 84.14 -59.75
C TYR YE 17 87.85 83.47 -61.12
N ALA YE 18 87.84 82.14 -61.08
CA ALA YE 18 87.80 81.29 -62.26
C ALA YE 18 86.55 80.43 -62.25
N VAL YE 19 85.97 80.21 -63.43
CA VAL YE 19 84.78 79.38 -63.54
C VAL YE 19 85.10 77.97 -63.09
N SER YE 20 84.31 77.46 -62.14
CA SER YE 20 84.50 76.12 -61.61
C SER YE 20 83.42 75.13 -61.98
N GLU YE 21 82.18 75.57 -62.17
CA GLU YE 21 81.22 74.68 -62.83
C GLU YE 21 80.06 75.47 -63.41
N GLN YE 22 79.49 74.93 -64.48
CA GLN YE 22 78.32 75.51 -65.15
C GLN YE 22 77.32 74.40 -65.40
N GLN YE 23 76.14 74.52 -64.80
CA GLN YE 23 75.04 73.61 -65.04
C GLN YE 23 73.97 74.34 -65.84
N GLY YE 24 72.77 73.81 -65.85
CA GLY YE 24 71.69 74.45 -66.56
C GLY YE 24 71.39 75.81 -65.97
N THR YE 25 71.02 75.83 -64.69
CA THR YE 25 70.59 77.04 -64.00
C THR YE 25 71.55 77.45 -62.90
N LEU YE 26 72.71 76.79 -62.79
CA LEU YE 26 73.64 77.01 -61.70
C LEU YE 26 75.05 77.21 -62.25
N PHE YE 27 75.80 78.10 -61.60
CA PHE YE 27 77.22 78.27 -61.89
C PHE YE 27 77.99 78.51 -60.60
N ARG YE 28 79.30 78.33 -60.70
CA ARG YE 28 80.18 78.45 -59.54
C ARG YE 28 81.56 78.91 -60.00
N PHE YE 29 82.02 80.00 -59.39
CA PHE YE 29 83.37 80.55 -59.50
C PHE YE 29 84.18 80.23 -58.26
N VAL YE 30 85.49 80.32 -58.40
CA VAL YE 30 86.42 79.93 -57.36
C VAL YE 30 87.59 80.93 -57.34
N ASP YE 31 88.00 81.33 -56.13
CA ASP YE 31 89.11 82.28 -55.99
C ASP YE 31 90.41 81.65 -56.50
N LYS YE 32 91.00 82.25 -57.54
CA LYS YE 32 92.21 81.70 -58.13
C LYS YE 32 93.35 81.63 -57.13
N SER YE 33 93.37 82.56 -56.17
CA SER YE 33 94.45 82.66 -55.19
C SER YE 33 94.42 81.54 -54.16
N GLY YE 34 93.56 80.54 -54.32
CA GLY YE 34 93.46 79.48 -53.34
C GLY YE 34 94.55 78.45 -53.53
N THR YE 35 95.17 78.04 -52.43
CA THR YE 35 96.19 76.99 -52.45
C THR YE 35 95.63 75.62 -52.12
N VAL YE 36 94.67 75.56 -51.21
CA VAL YE 36 94.04 74.32 -50.80
C VAL YE 36 92.54 74.48 -51.00
N ALA YE 37 91.84 73.34 -51.05
CA ALA YE 37 90.39 73.37 -51.13
C ALA YE 37 89.79 74.19 -49.99
N ASN YE 38 90.22 73.93 -48.75
CA ASN YE 38 89.70 74.69 -47.61
C ASN YE 38 90.19 76.12 -47.61
N ASN YE 39 91.39 76.37 -48.14
CA ASN YE 39 91.89 77.73 -48.30
C ASN YE 39 91.00 78.54 -49.25
N THR YE 40 90.33 77.87 -50.19
CA THR YE 40 89.79 78.52 -51.38
C THR YE 40 88.40 79.09 -51.16
N GLY YE 41 88.24 80.38 -51.41
CA GLY YE 41 86.92 80.99 -51.41
C GLY YE 41 86.15 80.65 -52.67
N VAL YE 42 84.81 80.71 -52.56
CA VAL YE 42 83.96 80.31 -53.67
C VAL YE 42 82.73 81.22 -53.75
N PHE YE 43 82.11 81.21 -54.93
CA PHE YE 43 80.89 81.96 -55.16
C PHE YE 43 80.00 81.17 -56.10
N SER YE 44 78.75 80.99 -55.72
CA SER YE 44 77.83 80.16 -56.48
C SER YE 44 76.50 80.88 -56.63
N LEU YE 45 75.83 80.63 -57.76
CA LEU YE 45 74.53 81.23 -58.04
C LEU YE 45 73.65 80.21 -58.76
N GLU YE 46 72.37 80.22 -58.41
CA GLU YE 46 71.39 79.29 -58.96
C GLU YE 46 70.05 79.99 -59.11
N GLN YE 47 69.41 79.80 -60.26
CA GLN YE 47 68.06 80.30 -60.46
C GLN YE 47 67.07 79.15 -60.48
N ARG YE 48 65.94 79.36 -59.78
CA ARG YE 48 64.85 78.41 -59.71
C ARG YE 48 63.62 79.13 -60.26
N PHE YE 49 63.31 78.84 -61.52
CA PHE YE 49 62.15 79.39 -62.21
C PHE YE 49 60.93 78.56 -61.81
N GLY YE 50 59.89 79.21 -61.29
CA GLY YE 50 58.72 78.52 -60.83
C GLY YE 50 57.64 78.41 -61.89
N ALA YE 51 56.48 77.92 -61.47
CA ALA YE 51 55.31 77.95 -62.34
C ALA YE 51 54.84 79.40 -62.55
N ALA YE 52 53.81 79.57 -63.38
CA ALA YE 52 53.36 80.92 -63.71
C ALA YE 52 52.75 81.63 -62.51
N ASN YE 53 52.21 80.87 -61.54
CA ASN YE 53 51.72 81.47 -60.31
C ASN YE 53 52.83 81.71 -59.29
N SER YE 54 54.02 81.17 -59.53
CA SER YE 54 55.14 81.31 -58.62
C SER YE 54 56.01 82.51 -59.00
N ASN YE 55 56.90 82.86 -58.08
CA ASN YE 55 57.95 83.83 -58.35
C ASN YE 55 59.23 83.07 -58.65
N ARG YE 56 60.00 83.54 -59.62
CA ARG YE 56 61.31 82.95 -59.81
C ARG YE 56 62.23 83.43 -58.69
N LYS YE 57 63.15 82.58 -58.28
CA LYS YE 57 64.05 82.88 -57.19
C LYS YE 57 65.49 82.70 -57.65
N VAL YE 58 66.34 83.66 -57.32
CA VAL YE 58 67.76 83.56 -57.61
C VAL YE 58 68.53 83.62 -56.30
N THR YE 59 69.43 82.67 -56.09
CA THR YE 59 70.18 82.60 -54.84
C THR YE 59 71.67 82.59 -55.13
N MET YE 60 72.42 83.26 -54.27
CA MET YE 60 73.86 83.33 -54.34
C MET YE 60 74.46 83.05 -52.98
N LEU YE 61 75.55 82.30 -52.99
CA LEU YE 61 76.35 82.03 -51.80
C LEU YE 61 77.80 82.41 -52.05
N LEU YE 62 78.35 83.23 -51.16
CA LEU YE 62 79.74 83.65 -51.18
C LEU YE 62 80.39 83.14 -49.90
N THR YE 63 81.45 82.34 -50.06
CA THR YE 63 82.17 81.75 -48.94
C THR YE 63 83.62 82.22 -48.96
N ASP YE 64 84.06 82.80 -47.84
CA ASP YE 64 85.42 83.32 -47.70
C ASP YE 64 86.08 82.73 -46.47
N PRO YE 65 86.83 81.64 -46.62
CA PRO YE 65 87.57 81.08 -45.49
C PRO YE 65 88.89 81.80 -45.25
N VAL YE 66 89.34 81.75 -43.99
CA VAL YE 66 90.59 82.36 -43.54
C VAL YE 66 91.27 81.41 -42.56
N VAL YE 67 92.61 81.45 -42.50
CA VAL YE 67 93.36 80.60 -41.60
C VAL YE 67 93.63 81.36 -40.30
N VAL YE 68 93.29 80.73 -39.17
CA VAL YE 68 93.56 81.29 -37.85
C VAL YE 68 94.42 80.33 -37.03
N MET YE 76 93.82 76.17 -37.81
CA MET YE 76 92.40 76.03 -38.14
C MET YE 76 91.96 77.05 -39.21
N THR YE 77 91.03 76.65 -40.07
CA THR YE 77 90.45 77.52 -41.08
C THR YE 77 88.97 77.74 -40.78
N ILE YE 78 88.56 79.01 -40.78
CA ILE YE 78 87.24 79.45 -40.38
C ILE YE 78 86.55 80.06 -41.59
N LYS YE 79 85.30 79.68 -41.82
CA LYS YE 79 84.56 80.10 -43.00
C LYS YE 79 83.42 81.07 -42.62
N ALA YE 80 83.27 82.14 -43.40
CA ALA YE 80 82.17 83.08 -43.25
C ALA YE 80 81.39 83.15 -44.56
N ASN YE 81 80.06 83.27 -44.43
CA ASN YE 81 79.17 83.16 -45.58
C ASN YE 81 78.34 84.42 -45.74
N ALA YE 82 78.14 84.84 -46.98
CA ALA YE 82 77.11 85.79 -47.34
C ALA YE 82 76.18 85.12 -48.32
N SER YE 83 74.87 85.29 -48.13
CA SER YE 83 73.91 84.66 -49.02
C SER YE 83 72.85 85.68 -49.41
N VAL YE 84 72.64 85.86 -50.71
CA VAL YE 84 71.63 86.77 -51.22
C VAL YE 84 70.57 85.96 -51.93
N THR YE 85 69.31 86.39 -51.81
CA THR YE 85 68.19 85.74 -52.48
C THR YE 85 67.24 86.79 -53.02
N PHE YE 86 67.00 86.74 -54.32
CA PHE YE 86 66.07 87.64 -55.02
C PHE YE 86 64.80 86.86 -55.32
N SER YE 87 63.68 87.29 -54.74
CA SER YE 87 62.36 86.75 -55.06
C SER YE 87 61.68 87.74 -56.00
N LEU YE 88 61.48 87.31 -57.24
CA LEU YE 88 61.02 88.19 -58.32
C LEU YE 88 59.76 87.60 -58.94
N PRO YE 89 58.62 88.24 -58.78
CA PRO YE 89 57.41 87.82 -59.50
C PRO YE 89 57.56 88.06 -60.98
N LYS YE 90 56.91 87.21 -61.78
CA LYS YE 90 57.12 87.28 -63.22
C LYS YE 90 56.52 88.55 -63.80
N THR YE 91 55.35 88.97 -63.33
CA THR YE 91 54.73 90.19 -63.81
C THR YE 91 55.54 91.44 -63.47
N TYR YE 92 56.47 91.34 -62.52
CA TYR YE 92 57.27 92.49 -62.11
C TYR YE 92 58.24 92.88 -63.23
N PRO YE 93 58.40 94.17 -63.51
CA PRO YE 93 59.16 94.57 -64.72
C PRO YE 93 60.68 94.52 -64.54
N ASN YE 94 61.33 94.04 -65.61
CA ASN YE 94 62.78 93.84 -65.58
C ASN YE 94 63.52 95.12 -65.22
N GLU YE 95 63.01 96.27 -65.66
CA GLU YE 95 63.67 97.54 -65.34
C GLU YE 95 63.70 97.76 -63.83
N HIS YE 96 62.56 97.62 -63.16
CA HIS YE 96 62.54 97.78 -61.70
C HIS YE 96 63.35 96.71 -60.99
N ILE YE 97 63.54 95.53 -61.59
CA ILE YE 97 64.46 94.55 -60.99
C ILE YE 97 65.90 95.07 -61.01
N THR YE 98 66.34 95.59 -62.17
CA THR YE 98 67.69 96.17 -62.23
C THR YE 98 67.83 97.25 -61.17
N LYS YE 99 66.80 98.08 -61.02
CA LYS YE 99 66.78 99.07 -59.95
C LYS YE 99 66.99 98.45 -58.58
N LEU YE 100 66.22 97.40 -58.26
CA LEU YE 100 66.33 96.76 -56.96
C LEU YE 100 67.75 96.29 -56.69
N ARG YE 101 68.36 95.60 -57.67
CA ARG YE 101 69.72 95.11 -57.49
C ARG YE 101 70.69 96.26 -57.20
N GLN YE 102 70.58 97.34 -57.97
CA GLN YE 102 71.51 98.46 -57.78
C GLN YE 102 71.34 99.09 -56.41
N THR YE 103 70.10 99.24 -55.94
CA THR YE 103 69.89 99.83 -54.62
C THR YE 103 70.39 98.92 -53.51
N LEU YE 104 70.33 97.59 -53.71
CA LEU YE 104 70.94 96.70 -52.72
C LEU YE 104 72.44 96.91 -52.65
N ILE YE 105 73.09 97.05 -53.81
CA ILE YE 105 74.52 97.39 -53.82
C ILE YE 105 74.78 98.66 -53.03
N ALA YE 106 74.00 99.71 -53.31
CA ALA YE 106 74.17 100.98 -52.61
C ALA YE 106 74.02 100.82 -51.11
N TRP YE 107 73.01 100.06 -50.68
CA TRP YE 107 72.79 99.83 -49.26
C TRP YE 107 73.97 99.13 -48.62
N LEU YE 108 74.45 98.06 -49.25
CA LEU YE 108 75.62 97.34 -48.76
C LEU YE 108 76.85 98.22 -48.67
N GLY YE 109 76.86 99.35 -49.39
CA GLY YE 109 77.90 100.34 -49.22
C GLY YE 109 77.87 101.14 -47.92
N GLN YE 110 76.68 101.37 -47.37
CA GLN YE 110 76.47 102.38 -46.35
C GLN YE 110 77.04 101.97 -44.99
N GLN YE 111 77.28 102.98 -44.15
CA GLN YE 111 77.84 102.75 -42.82
C GLN YE 111 76.85 101.99 -41.94
N CYS YE 112 75.57 102.35 -42.02
CA CYS YE 112 74.58 101.69 -41.17
C CYS YE 112 74.52 100.18 -41.44
N VAL YE 113 75.04 99.74 -42.58
CA VAL YE 113 75.15 98.32 -42.88
C VAL YE 113 76.52 97.78 -42.54
N SER YE 114 77.58 98.55 -42.82
CA SER YE 114 78.94 98.05 -42.57
C SER YE 114 79.21 97.88 -41.09
N ASP YE 115 78.75 98.83 -40.25
CA ASP YE 115 79.03 98.77 -38.83
C ASP YE 115 78.54 97.47 -38.17
N PRO YE 116 77.30 97.02 -38.39
CA PRO YE 116 76.94 95.70 -37.82
C PRO YE 116 77.59 94.53 -38.53
N VAL YE 117 77.65 94.54 -39.86
CA VAL YE 117 78.28 93.42 -40.58
C VAL YE 117 79.75 93.33 -40.22
N ASP YE 118 80.50 94.41 -40.49
CA ASP YE 118 81.96 94.33 -40.36
C ASP YE 118 82.39 94.11 -38.91
N SER YE 119 81.94 94.98 -38.00
CA SER YE 119 82.46 94.96 -36.64
C SER YE 119 81.43 94.62 -35.57
N GLY YE 120 80.14 94.52 -35.91
CA GLY YE 120 79.14 94.18 -34.94
C GLY YE 120 78.52 95.35 -34.20
N LEU YE 121 78.84 96.57 -34.57
CA LEU YE 121 78.21 97.74 -33.96
C LEU YE 121 76.78 97.88 -34.48
N ASN YE 122 75.81 97.90 -33.58
CA ASN YE 122 74.47 98.22 -34.01
C ASN YE 122 74.29 99.73 -34.09
N ASN YE 123 73.25 100.14 -34.82
CA ASN YE 123 72.99 101.56 -34.97
C ASN YE 123 72.08 102.05 -33.87
N TYR YE 124 72.29 103.30 -33.47
CA TYR YE 124 71.59 103.86 -32.33
C TYR YE 124 71.18 105.29 -32.60
N MET ZE 1 78.55 70.24 -80.61
CA MET ZE 1 78.72 71.65 -80.98
C MET ZE 1 78.87 72.49 -79.72
N ARG ZE 2 79.77 73.49 -79.78
CA ARG ZE 2 79.87 74.49 -78.72
C ARG ZE 2 78.69 75.45 -78.81
N LEU ZE 3 77.74 75.33 -77.90
CA LEU ZE 3 76.51 76.08 -78.00
C LEU ZE 3 76.78 77.56 -77.84
N THR ZE 4 76.25 78.36 -78.76
CA THR ZE 4 76.21 79.80 -78.65
C THR ZE 4 74.91 80.30 -79.24
N ASP ZE 5 74.59 81.55 -78.94
CA ASP ZE 5 73.37 82.18 -79.46
C ASP ZE 5 73.31 82.01 -80.97
N VAL ZE 6 72.10 81.90 -81.50
CA VAL ZE 6 71.92 81.75 -82.94
C VAL ZE 6 70.88 82.76 -83.44
N ASP ZE 7 71.00 83.06 -84.73
CA ASP ZE 7 70.03 83.89 -85.43
C ASP ZE 7 69.54 83.09 -86.62
N LEU ZE 8 68.21 83.03 -86.77
CA LEU ZE 8 67.56 82.24 -87.79
C LEU ZE 8 66.97 83.14 -88.86
N THR ZE 9 67.10 82.72 -90.11
CA THR ZE 9 66.49 83.40 -91.22
C THR ZE 9 65.11 82.79 -91.44
N VAL ZE 10 64.06 83.57 -91.24
CA VAL ZE 10 62.68 83.07 -91.26
C VAL ZE 10 61.92 83.86 -92.31
N GLY ZE 11 61.75 83.27 -93.48
CA GLY ZE 11 61.13 83.99 -94.58
C GLY ZE 11 61.89 85.26 -94.88
N GLU ZE 12 61.26 86.41 -94.61
CA GLU ZE 12 61.88 87.70 -94.87
C GLU ZE 12 62.13 88.48 -93.59
N GLU ZE 13 62.27 87.77 -92.46
CA GLU ZE 13 62.62 88.41 -91.19
C GLU ZE 13 63.76 87.61 -90.56
N THR ZE 14 64.37 88.21 -89.55
CA THR ZE 14 65.43 87.56 -88.80
C THR ZE 14 65.02 87.39 -87.35
N ARG ZE 15 65.14 86.17 -86.85
CA ARG ZE 15 64.71 85.79 -85.51
C ARG ZE 15 65.95 85.53 -84.67
N GLU ZE 16 66.05 86.19 -83.52
CA GLU ZE 16 67.26 86.12 -82.71
C GLU ZE 16 66.98 85.36 -81.43
N TYR ZE 17 67.65 84.22 -81.25
CA TYR ZE 17 67.53 83.46 -80.01
C TYR ZE 17 68.81 83.59 -79.21
N ALA ZE 18 68.70 83.34 -77.91
CA ALA ZE 18 69.82 83.36 -76.98
C ALA ZE 18 69.75 82.12 -76.10
N VAL ZE 19 70.93 81.56 -75.79
CA VAL ZE 19 70.98 80.37 -74.95
C VAL ZE 19 70.43 80.71 -73.59
N SER ZE 20 69.41 79.95 -73.17
CA SER ZE 20 68.81 80.12 -71.84
C SER ZE 20 69.21 79.04 -70.85
N GLU ZE 21 69.53 77.83 -71.30
CA GLU ZE 21 70.20 76.87 -70.43
C GLU ZE 21 70.83 75.77 -71.26
N GLN ZE 22 71.90 75.19 -70.73
CA GLN ZE 22 72.56 74.05 -71.36
C GLN ZE 22 72.88 73.01 -70.31
N GLN ZE 23 72.31 71.81 -70.47
CA GLN ZE 23 72.59 70.66 -69.64
C GLN ZE 23 73.27 69.58 -70.48
N GLY ZE 24 73.49 68.42 -69.85
CA GLY ZE 24 74.25 67.38 -70.51
C GLY ZE 24 73.58 66.88 -71.76
N THR ZE 25 72.27 66.59 -71.68
CA THR ZE 25 71.50 66.07 -72.80
C THR ZE 25 70.39 67.01 -73.24
N LEU ZE 26 70.32 68.21 -72.67
CA LEU ZE 26 69.23 69.15 -72.92
C LEU ZE 26 69.77 70.55 -73.10
N PHE ZE 27 69.11 71.33 -73.96
CA PHE ZE 27 69.41 72.75 -74.06
C PHE ZE 27 68.13 73.52 -74.40
N ARG ZE 28 68.17 74.82 -74.12
CA ARG ZE 28 67.03 75.70 -74.31
C ARG ZE 28 67.49 77.08 -74.74
N PHE ZE 29 66.88 77.56 -75.83
CA PHE ZE 29 67.01 78.92 -76.35
C PHE ZE 29 65.72 79.71 -76.09
N VAL ZE 30 65.87 81.02 -76.01
CA VAL ZE 30 64.76 81.95 -75.81
C VAL ZE 30 64.85 83.07 -76.84
N ASP ZE 31 63.69 83.48 -77.38
CA ASP ZE 31 63.64 84.58 -78.35
C ASP ZE 31 64.05 85.89 -77.67
N LYS ZE 32 65.06 86.55 -78.23
CA LYS ZE 32 65.64 87.75 -77.62
C LYS ZE 32 64.63 88.91 -77.54
N SER ZE 33 63.53 88.84 -78.27
CA SER ZE 33 62.54 89.91 -78.25
C SER ZE 33 61.59 89.84 -77.07
N GLY ZE 34 61.87 88.99 -76.07
CA GLY ZE 34 60.92 88.67 -75.03
C GLY ZE 34 61.38 89.01 -73.61
N THR ZE 35 60.42 88.94 -72.70
CA THR ZE 35 60.61 89.17 -71.27
C THR ZE 35 60.08 87.97 -70.51
N VAL ZE 36 60.49 87.83 -69.23
CA VAL ZE 36 59.81 86.87 -68.38
C VAL ZE 36 58.32 87.16 -68.34
N ALA ZE 37 57.97 88.45 -68.27
CA ALA ZE 37 56.56 88.83 -68.21
C ALA ZE 37 55.87 88.52 -69.53
N ASN ZE 38 56.43 88.97 -70.64
CA ASN ZE 38 55.85 88.73 -71.95
C ASN ZE 38 56.85 87.91 -72.78
N ASN ZE 39 56.66 86.60 -72.79
CA ASN ZE 39 57.53 85.73 -73.56
C ASN ZE 39 57.06 85.68 -75.01
N THR ZE 40 58.02 85.50 -75.92
CA THR ZE 40 57.76 85.56 -77.35
C THR ZE 40 58.17 84.31 -78.10
N GLY ZE 41 58.94 83.42 -77.49
CA GLY ZE 41 59.34 82.20 -78.16
C GLY ZE 41 60.35 81.42 -77.37
N VAL ZE 42 60.26 80.10 -77.41
CA VAL ZE 42 61.23 79.23 -76.75
C VAL ZE 42 61.46 78.02 -77.65
N PHE ZE 43 62.68 77.50 -77.58
CA PHE ZE 43 63.04 76.27 -78.27
C PHE ZE 43 63.84 75.40 -77.32
N SER ZE 44 63.53 74.13 -77.28
CA SER ZE 44 64.21 73.21 -76.38
C SER ZE 44 64.44 71.88 -77.08
N LEU ZE 45 65.56 71.23 -76.75
CA LEU ZE 45 65.90 69.95 -77.36
C LEU ZE 45 66.56 69.05 -76.31
N GLU ZE 46 66.20 67.78 -76.34
CA GLU ZE 46 66.72 66.78 -75.41
C GLU ZE 46 66.97 65.48 -76.14
N GLN ZE 47 68.09 64.82 -75.84
CA GLN ZE 47 68.36 63.49 -76.34
C GLN ZE 47 68.31 62.49 -75.20
N ARG ZE 48 67.50 61.45 -75.36
CA ARG ZE 48 67.52 60.27 -74.50
C ARG ZE 48 68.23 59.18 -75.30
N PHE ZE 49 69.54 59.05 -75.06
CA PHE ZE 49 70.29 57.94 -75.61
C PHE ZE 49 69.85 56.67 -74.92
N GLY ZE 50 69.25 55.76 -75.68
CA GLY ZE 50 68.61 54.61 -75.09
C GLY ZE 50 69.58 53.54 -74.64
N ALA ZE 51 69.02 52.50 -74.00
CA ALA ZE 51 69.78 51.30 -73.70
C ALA ZE 51 70.33 50.68 -74.98
N ALA ZE 52 71.30 49.78 -74.82
CA ALA ZE 52 72.00 49.23 -75.97
C ALA ZE 52 71.06 48.51 -76.94
N ASN ZE 53 69.92 48.02 -76.44
CA ASN ZE 53 68.94 47.37 -77.30
C ASN ZE 53 67.99 48.37 -77.96
N SER ZE 54 67.71 49.49 -77.29
CA SER ZE 54 66.69 50.42 -77.74
C SER ZE 54 67.27 51.45 -78.71
N ASN ZE 55 66.35 52.15 -79.38
CA ASN ZE 55 66.71 53.30 -80.20
C ASN ZE 55 66.96 54.52 -79.32
N ARG ZE 56 67.77 55.44 -79.83
CA ARG ZE 56 67.90 56.71 -79.15
C ARG ZE 56 66.85 57.67 -79.69
N LYS ZE 57 66.39 58.57 -78.82
CA LYS ZE 57 65.34 59.51 -79.15
C LYS ZE 57 65.87 60.93 -79.00
N VAL ZE 58 65.51 61.79 -79.93
CA VAL ZE 58 65.79 63.22 -79.83
C VAL ZE 58 64.47 63.95 -79.98
N THR ZE 59 64.16 64.83 -79.04
CA THR ZE 59 62.90 65.55 -79.06
C THR ZE 59 63.15 67.05 -78.99
N MET ZE 60 62.34 67.80 -79.74
CA MET ZE 60 62.40 69.24 -79.81
C MET ZE 60 61.00 69.81 -79.61
N LEU ZE 61 60.94 70.90 -78.86
CA LEU ZE 61 59.72 71.66 -78.66
C LEU ZE 61 59.96 73.12 -78.98
N LEU ZE 62 59.16 73.65 -79.91
CA LEU ZE 62 59.17 75.06 -80.27
C LEU ZE 62 57.83 75.65 -79.86
N THR ZE 63 57.88 76.71 -79.05
CA THR ZE 63 56.66 77.34 -78.55
C THR ZE 63 56.68 78.82 -78.91
N ASP ZE 64 55.63 79.26 -79.61
CA ASP ZE 64 55.45 80.66 -79.97
C ASP ZE 64 54.16 81.16 -79.33
N PRO ZE 65 54.27 81.99 -78.31
CA PRO ZE 65 53.08 82.63 -77.73
C PRO ZE 65 52.82 84.00 -78.35
N VAL ZE 66 51.53 84.32 -78.46
CA VAL ZE 66 51.04 85.56 -79.03
C VAL ZE 66 49.94 86.11 -78.12
N VAL ZE 67 49.90 87.42 -78.01
CA VAL ZE 67 48.81 88.07 -77.28
C VAL ZE 67 47.65 88.28 -78.24
N VAL ZE 68 46.44 88.04 -77.74
CA VAL ZE 68 45.20 88.16 -78.52
C VAL ZE 68 44.16 88.82 -77.65
N LYS ZE 69 43.43 89.78 -78.21
CA LYS ZE 69 42.32 90.38 -77.49
C LYS ZE 69 41.20 89.36 -77.34
N ASP ZE 70 40.50 89.44 -76.21
CA ASP ZE 70 39.41 88.53 -75.89
C ASP ZE 70 38.08 89.14 -76.34
N ALA ZE 71 37.05 88.28 -76.40
CA ALA ZE 71 35.70 88.79 -76.64
C ALA ZE 71 35.30 89.79 -75.55
N SER ZE 72 35.76 89.58 -74.32
CA SER ZE 72 35.57 90.52 -73.24
C SER ZE 72 36.50 91.74 -73.34
N GLY ZE 73 37.39 91.76 -74.33
CA GLY ZE 73 38.38 92.81 -74.46
C GLY ZE 73 39.68 92.54 -73.73
N ALA ZE 74 39.64 91.72 -72.67
CA ALA ZE 74 40.83 91.42 -71.88
C ALA ZE 74 41.93 90.85 -72.76
N ASP ZE 75 43.17 91.12 -72.39
CA ASP ZE 75 44.31 90.60 -73.13
C ASP ZE 75 44.63 89.18 -72.66
N MET ZE 76 44.85 88.29 -73.61
CA MET ZE 76 44.96 86.86 -73.35
C MET ZE 76 46.15 86.31 -74.13
N THR ZE 77 47.06 85.63 -73.44
CA THR ZE 77 48.25 85.08 -74.09
C THR ZE 77 47.99 83.63 -74.48
N ILE ZE 78 48.27 83.30 -75.75
CA ILE ZE 78 47.93 82.01 -76.34
C ILE ZE 78 49.20 81.43 -76.95
N LYS ZE 79 49.45 80.14 -76.70
CA LYS ZE 79 50.65 79.47 -77.18
C LYS ZE 79 50.28 78.50 -78.29
N ALA ZE 80 51.14 78.43 -79.31
CA ALA ZE 80 51.10 77.40 -80.34
C ALA ZE 80 52.40 76.60 -80.28
N ASN ZE 81 52.29 75.29 -80.43
CA ASN ZE 81 53.44 74.43 -80.21
C ASN ZE 81 53.73 73.58 -81.44
N ALA ZE 82 55.01 73.35 -81.67
CA ALA ZE 82 55.46 72.37 -82.65
C ALA ZE 82 56.45 71.45 -81.96
N SER ZE 83 56.30 70.14 -82.15
CA SER ZE 83 57.18 69.19 -81.49
C SER ZE 83 57.67 68.17 -82.52
N VAL ZE 84 58.98 67.96 -82.55
CA VAL ZE 84 59.60 67.01 -83.47
C VAL ZE 84 60.29 65.93 -82.63
N THR ZE 85 60.21 64.69 -83.08
CA THR ZE 85 60.86 63.57 -82.40
C THR ZE 85 61.49 62.66 -83.43
N PHE ZE 86 62.79 62.43 -83.28
CA PHE ZE 86 63.56 61.51 -84.10
C PHE ZE 86 63.81 60.24 -83.30
N SER ZE 87 63.30 59.12 -83.82
CA SER ZE 87 63.61 57.80 -83.27
C SER ZE 87 64.64 57.17 -84.20
N LEU ZE 88 65.86 57.02 -83.70
CA LEU ZE 88 67.00 56.59 -84.49
C LEU ZE 88 67.60 55.34 -83.88
N PRO ZE 89 67.46 54.19 -84.52
CA PRO ZE 89 68.13 52.98 -84.05
C PRO ZE 89 69.64 53.10 -84.14
N LYS ZE 90 70.33 52.38 -83.27
CA LYS ZE 90 71.79 52.49 -83.22
C LYS ZE 90 72.42 52.02 -84.52
N THR ZE 91 71.94 50.89 -85.07
CA THR ZE 91 72.53 50.32 -86.27
C THR ZE 91 72.27 51.17 -87.51
N TYR ZE 92 71.37 52.15 -87.43
CA TYR ZE 92 71.09 53.02 -88.56
C TYR ZE 92 72.26 53.95 -88.82
N PRO ZE 93 72.70 54.13 -90.07
CA PRO ZE 93 73.92 54.91 -90.33
C PRO ZE 93 73.71 56.42 -90.26
N ASN ZE 94 74.69 57.10 -89.67
CA ASN ZE 94 74.61 58.55 -89.49
C ASN ZE 94 74.31 59.27 -90.80
N GLU ZE 95 74.82 58.75 -91.91
CA GLU ZE 95 74.58 59.37 -93.21
C GLU ZE 95 73.09 59.42 -93.52
N HIS ZE 96 72.42 58.27 -93.50
CA HIS ZE 96 70.98 58.24 -93.76
C HIS ZE 96 70.18 59.01 -92.72
N ILE ZE 97 70.70 59.17 -91.49
CA ILE ZE 97 70.05 60.06 -90.53
C ILE ZE 97 70.03 61.51 -91.05
N THR ZE 98 71.20 62.02 -91.46
CA THR ZE 98 71.22 63.39 -92.01
C THR ZE 98 70.28 63.50 -93.20
N LYS ZE 99 70.23 62.46 -94.03
CA LYS ZE 99 69.27 62.42 -95.13
C LYS ZE 99 67.84 62.60 -94.64
N LEU ZE 100 67.46 61.84 -93.61
CA LEU ZE 100 66.13 61.94 -93.04
C LEU ZE 100 65.82 63.36 -92.57
N ARG ZE 101 66.75 63.97 -91.82
CA ARG ZE 101 66.52 65.32 -91.32
C ARG ZE 101 66.31 66.31 -92.46
N GLN ZE 102 67.14 66.22 -93.49
CA GLN ZE 102 67.01 67.17 -94.59
C GLN ZE 102 65.71 66.97 -95.37
N THR ZE 103 65.31 65.72 -95.60
CA THR ZE 103 64.02 65.48 -96.26
C THR ZE 103 62.86 66.01 -95.43
N LEU ZE 104 62.98 65.96 -94.10
CA LEU ZE 104 61.92 66.53 -93.26
C LEU ZE 104 61.85 68.04 -93.43
N ILE ZE 105 63.01 68.71 -93.46
CA ILE ZE 105 63.01 70.15 -93.74
C ILE ZE 105 62.32 70.44 -95.07
N ALA ZE 106 62.68 69.68 -96.10
CA ALA ZE 106 62.08 69.86 -97.42
C ALA ZE 106 60.57 69.71 -97.37
N TRP ZE 107 60.09 68.65 -96.71
CA TRP ZE 107 58.66 68.43 -96.59
C TRP ZE 107 57.98 69.60 -95.88
N LEU ZE 108 58.56 70.06 -94.77
CA LEU ZE 108 57.99 71.16 -94.02
C LEU ZE 108 57.89 72.43 -94.85
N GLY ZE 109 58.72 72.55 -95.87
CA GLY ZE 109 58.61 73.68 -96.80
C GLY ZE 109 57.46 73.59 -97.78
N GLN ZE 110 57.00 72.37 -98.07
CA GLN ZE 110 56.07 72.12 -99.16
C GLN ZE 110 54.69 72.71 -98.88
N GLN ZE 111 53.95 72.97 -99.96
CA GLN ZE 111 52.62 73.53 -99.79
C GLN ZE 111 51.63 72.50 -99.27
N CYS ZE 112 51.78 71.23 -99.65
CA CYS ZE 112 50.87 70.20 -99.13
C CYS ZE 112 50.99 70.06 -97.62
N VAL ZE 113 52.11 70.50 -97.04
CA VAL ZE 113 52.27 70.52 -95.59
C VAL ZE 113 51.87 71.87 -95.01
N SER ZE 114 52.20 72.96 -95.69
CA SER ZE 114 51.93 74.28 -95.12
C SER ZE 114 50.44 74.58 -95.10
N ASP ZE 115 49.71 74.22 -96.16
CA ASP ZE 115 48.28 74.54 -96.23
C ASP ZE 115 47.49 73.99 -95.05
N PRO ZE 116 47.60 72.72 -94.67
CA PRO ZE 116 46.88 72.27 -93.47
C PRO ZE 116 47.43 72.86 -92.18
N VAL ZE 117 48.76 72.94 -92.05
CA VAL ZE 117 49.36 73.50 -90.84
C VAL ZE 117 49.00 74.97 -90.69
N ASP ZE 118 49.27 75.77 -91.72
CA ASP ZE 118 49.13 77.22 -91.60
C ASP ZE 118 47.65 77.64 -91.56
N SER ZE 119 46.83 77.10 -92.47
CA SER ZE 119 45.49 77.61 -92.66
C SER ZE 119 44.38 76.63 -92.30
N GLY ZE 120 44.73 75.39 -91.95
CA GLY ZE 120 43.71 74.41 -91.58
C GLY ZE 120 42.94 73.82 -92.73
N LEU ZE 121 43.37 74.05 -93.97
CA LEU ZE 121 42.73 73.46 -95.14
C LEU ZE 121 43.38 72.13 -95.47
N ASN ZE 122 42.57 71.11 -95.68
CA ASN ZE 122 43.12 69.81 -96.06
C ASN ZE 122 43.40 69.76 -97.56
N ASN ZE 123 44.17 68.78 -97.97
CA ASN ZE 123 44.51 68.62 -99.37
C ASN ZE 123 43.48 67.72 -100.06
N TYR ZE 124 43.50 67.76 -101.39
CA TYR ZE 124 42.53 67.03 -102.21
C TYR ZE 124 43.10 66.61 -103.58
N MET AF 1 1.66 -131.36 -15.61
CA MET AF 1 0.93 -132.45 -16.25
C MET AF 1 0.35 -132.01 -17.60
N ARG AF 2 0.47 -132.86 -18.61
CA ARG AF 2 -0.21 -132.60 -19.89
C ARG AF 2 -1.72 -132.66 -19.68
N LEU AF 3 -2.37 -131.51 -19.87
CA LEU AF 3 -3.78 -131.40 -19.56
C LEU AF 3 -4.63 -132.29 -20.45
N THR AF 4 -5.67 -132.87 -19.86
CA THR AF 4 -6.66 -133.64 -20.58
C THR AF 4 -8.00 -133.36 -19.96
N ASP AF 5 -9.06 -133.57 -20.74
CA ASP AF 5 -10.40 -133.46 -20.19
C ASP AF 5 -10.51 -134.30 -18.93
N VAL AF 6 -11.35 -133.88 -18.00
CA VAL AF 6 -11.37 -134.47 -16.66
C VAL AF 6 -12.78 -134.96 -16.36
N ASP AF 7 -12.88 -136.13 -15.76
CA ASP AF 7 -14.15 -136.67 -15.31
C ASP AF 7 -14.05 -136.89 -13.81
N LEU AF 8 -14.93 -136.24 -13.07
CA LEU AF 8 -14.95 -136.27 -11.61
C LEU AF 8 -16.13 -137.11 -11.13
N THR AF 9 -15.88 -137.91 -10.11
CA THR AF 9 -16.96 -138.62 -9.44
C THR AF 9 -17.42 -137.74 -8.27
N VAL AF 10 -18.69 -137.34 -8.29
CA VAL AF 10 -19.22 -136.38 -7.34
C VAL AF 10 -20.41 -137.01 -6.65
N GLY AF 11 -20.23 -137.42 -5.40
CA GLY AF 11 -21.27 -138.12 -4.70
C GLY AF 11 -21.67 -139.35 -5.48
N GLU AF 12 -22.88 -139.35 -6.03
CA GLU AF 12 -23.38 -140.50 -6.77
C GLU AF 12 -23.63 -140.16 -8.24
N GLU AF 13 -23.01 -139.10 -8.73
CA GLU AF 13 -23.13 -138.68 -10.12
C GLU AF 13 -21.71 -138.53 -10.68
N THR AF 14 -21.60 -138.38 -12.00
CA THR AF 14 -20.33 -138.14 -12.65
C THR AF 14 -20.40 -136.85 -13.45
N ARG AF 15 -19.43 -135.97 -13.20
CA ARG AF 15 -19.37 -134.65 -13.79
C ARG AF 15 -18.19 -134.59 -14.76
N GLU AF 16 -18.44 -134.10 -15.98
CA GLU AF 16 -17.43 -134.11 -17.04
C GLU AF 16 -17.06 -132.69 -17.41
N TYR AF 17 -15.77 -132.37 -17.32
CA TYR AF 17 -15.21 -131.08 -17.67
C TYR AF 17 -14.28 -131.24 -18.86
N ALA AF 18 -14.18 -130.16 -19.64
CA ALA AF 18 -13.31 -130.08 -20.79
C ALA AF 18 -12.40 -128.86 -20.69
N VAL AF 19 -11.18 -129.01 -21.18
CA VAL AF 19 -10.22 -127.92 -21.14
C VAL AF 19 -10.71 -126.77 -22.00
N SER AF 20 -10.78 -125.57 -21.42
CA SER AF 20 -11.17 -124.36 -22.12
C SER AF 20 -10.01 -123.45 -22.47
N GLU AF 21 -9.04 -123.27 -21.57
CA GLU AF 21 -7.82 -122.57 -21.97
C GLU AF 21 -6.68 -122.94 -21.04
N GLN AF 22 -5.46 -122.86 -21.56
CA GLN AF 22 -4.26 -123.13 -20.76
C GLN AF 22 -3.21 -122.09 -21.07
N GLN AF 23 -2.75 -121.39 -20.04
CA GLN AF 23 -1.67 -120.44 -20.13
C GLN AF 23 -0.47 -121.00 -19.37
N GLY AF 24 0.57 -120.17 -19.25
CA GLY AF 24 1.77 -120.63 -18.59
C GLY AF 24 1.53 -121.05 -17.16
N THR AF 25 0.80 -120.22 -16.42
CA THR AF 25 0.52 -120.46 -15.00
C THR AF 25 -0.97 -120.48 -14.70
N LEU AF 26 -1.82 -120.64 -15.72
CA LEU AF 26 -3.26 -120.60 -15.53
C LEU AF 26 -3.93 -121.61 -16.45
N PHE AF 27 -5.02 -122.23 -15.97
CA PHE AF 27 -5.85 -123.05 -16.82
C PHE AF 27 -7.31 -122.95 -16.38
N ARG AF 28 -8.19 -123.32 -17.31
CA ARG AF 28 -9.63 -123.25 -17.11
C ARG AF 28 -10.32 -124.40 -17.81
N PHE AF 29 -11.16 -125.11 -17.06
CA PHE AF 29 -12.08 -126.13 -17.52
C PHE AF 29 -13.52 -125.61 -17.49
N VAL AF 30 -14.35 -126.19 -18.37
CA VAL AF 30 -15.77 -125.89 -18.45
C VAL AF 30 -16.56 -127.20 -18.33
N ASP AF 31 -17.70 -127.14 -17.63
CA ASP AF 31 -18.58 -128.30 -17.51
C ASP AF 31 -19.20 -128.61 -18.86
N LYS AF 32 -19.01 -129.85 -19.33
CA LYS AF 32 -19.53 -130.26 -20.63
C LYS AF 32 -21.05 -130.23 -20.70
N SER AF 33 -21.73 -130.05 -19.56
CA SER AF 33 -23.18 -129.94 -19.55
C SER AF 33 -23.68 -128.67 -20.23
N GLY AF 34 -22.80 -127.69 -20.46
CA GLY AF 34 -23.22 -126.36 -20.81
C GLY AF 34 -22.73 -125.86 -22.16
N THR AF 35 -23.28 -124.72 -22.56
CA THR AF 35 -22.98 -124.01 -23.79
C THR AF 35 -22.25 -122.72 -23.45
N VAL AF 36 -21.60 -122.12 -24.46
CA VAL AF 36 -21.24 -120.71 -24.38
C VAL AF 36 -22.44 -119.91 -23.91
N ALA AF 37 -23.60 -120.13 -24.52
CA ALA AF 37 -24.82 -119.41 -24.16
C ALA AF 37 -25.21 -119.69 -22.71
N ASN AF 38 -25.50 -120.94 -22.39
CA ASN AF 38 -25.91 -121.33 -21.05
C ASN AF 38 -24.79 -122.16 -20.43
N ASN AF 39 -24.19 -121.64 -19.36
CA ASN AF 39 -23.07 -122.28 -18.69
C ASN AF 39 -23.53 -123.04 -17.45
N THR AF 40 -22.99 -124.24 -17.26
CA THR AF 40 -23.32 -125.07 -16.11
C THR AF 40 -22.25 -125.12 -15.04
N GLY AF 41 -21.00 -124.77 -15.37
CA GLY AF 41 -19.94 -124.82 -14.39
C GLY AF 41 -18.59 -124.42 -14.95
N VAL AF 42 -17.73 -123.84 -14.11
CA VAL AF 42 -16.41 -123.43 -14.54
C VAL AF 42 -15.42 -123.68 -13.40
N PHE AF 43 -14.20 -124.04 -13.79
CA PHE AF 43 -13.11 -124.20 -12.83
C PHE AF 43 -11.86 -123.55 -13.39
N SER AF 44 -11.18 -122.79 -12.56
CA SER AF 44 -9.98 -122.08 -12.97
C SER AF 44 -8.92 -122.18 -11.88
N LEU AF 45 -7.66 -122.29 -12.30
CA LEU AF 45 -6.54 -122.40 -11.36
C LEU AF 45 -5.37 -121.59 -11.88
N GLU AF 46 -4.73 -120.81 -10.98
CA GLU AF 46 -3.58 -119.97 -11.33
C GLU AF 46 -2.53 -120.02 -10.22
N GLN AF 47 -1.26 -120.14 -10.62
CA GLN AF 47 -0.14 -120.09 -9.68
C GLN AF 47 0.65 -118.80 -9.85
N ARG AF 48 1.06 -118.22 -8.73
CA ARG AF 48 1.84 -117.00 -8.68
C ARG AF 48 3.09 -117.28 -7.85
N PHE AF 49 4.19 -117.50 -8.55
CA PHE AF 49 5.50 -117.73 -7.95
C PHE AF 49 6.10 -116.36 -7.60
N GLY AF 50 6.26 -116.09 -6.31
CA GLY AF 50 6.79 -114.82 -5.86
C GLY AF 50 8.31 -114.79 -5.87
N ALA AF 51 8.87 -113.75 -5.23
CA ALA AF 51 10.31 -113.72 -5.03
C ALA AF 51 10.74 -114.75 -3.98
N ALA AF 52 12.06 -114.94 -3.85
CA ALA AF 52 12.57 -115.97 -2.95
C ALA AF 52 12.22 -115.70 -1.50
N ASN AF 53 11.92 -114.45 -1.14
CA ASN AF 53 11.41 -114.16 0.19
C ASN AF 53 9.89 -114.29 0.27
N SER AF 54 9.21 -114.38 -0.87
CA SER AF 54 7.75 -114.47 -0.91
C SER AF 54 7.31 -115.92 -0.99
N ASN AF 55 6.12 -116.18 -0.43
CA ASN AF 55 5.49 -117.48 -0.59
C ASN AF 55 4.85 -117.56 -1.97
N ARG AF 56 5.01 -118.69 -2.64
CA ARG AF 56 4.24 -118.89 -3.85
C ARG AF 56 2.79 -119.16 -3.48
N LYS AF 57 1.88 -118.76 -4.36
CA LYS AF 57 0.47 -118.82 -4.07
C LYS AF 57 -0.26 -119.52 -5.21
N VAL AF 58 -1.30 -120.26 -4.86
CA VAL AF 58 -2.05 -121.04 -5.85
C VAL AF 58 -3.53 -120.85 -5.55
N THR AF 59 -4.29 -120.38 -6.55
CA THR AF 59 -5.69 -120.04 -6.31
C THR AF 59 -6.61 -120.74 -7.30
N MET AF 60 -7.73 -121.24 -6.79
CA MET AF 60 -8.73 -121.95 -7.54
C MET AF 60 -10.08 -121.28 -7.36
N LEU AF 61 -10.83 -121.20 -8.45
CA LEU AF 61 -12.21 -120.72 -8.43
C LEU AF 61 -13.11 -121.72 -9.12
N LEU AF 62 -14.13 -122.19 -8.40
CA LEU AF 62 -15.14 -123.10 -8.90
C LEU AF 62 -16.47 -122.36 -8.86
N THR AF 63 -17.10 -122.22 -10.02
CA THR AF 63 -18.36 -121.52 -10.15
C THR AF 63 -19.43 -122.46 -10.68
N ASP AF 64 -20.56 -122.53 -9.94
CA ASP AF 64 -21.71 -123.35 -10.33
C ASP AF 64 -22.92 -122.46 -10.45
N PRO AF 65 -23.36 -122.17 -11.67
CA PRO AF 65 -24.60 -121.44 -11.87
C PRO AF 65 -25.78 -122.38 -12.03
N VAL AF 66 -26.93 -121.94 -11.50
CA VAL AF 66 -28.17 -122.68 -11.54
C VAL AF 66 -29.28 -121.71 -11.96
N VAL AF 67 -30.24 -122.23 -12.72
CA VAL AF 67 -31.41 -121.44 -13.08
C VAL AF 67 -32.49 -121.65 -12.01
N VAL AF 68 -33.02 -120.54 -11.49
CA VAL AF 68 -34.01 -120.53 -10.43
C VAL AF 68 -35.21 -119.75 -10.89
N LYS AF 69 -36.39 -120.11 -10.40
CA LYS AF 69 -37.61 -119.39 -10.66
C LYS AF 69 -37.61 -118.05 -9.93
N ASP AF 70 -38.05 -117.02 -10.63
CA ASP AF 70 -38.21 -115.71 -10.03
C ASP AF 70 -39.44 -115.70 -9.12
N ALA AF 71 -39.49 -114.70 -8.22
CA ALA AF 71 -40.70 -114.51 -7.43
C ALA AF 71 -41.89 -114.18 -8.32
N SER AF 72 -41.64 -113.52 -9.45
CA SER AF 72 -42.66 -113.32 -10.47
C SER AF 72 -42.86 -114.57 -11.32
N GLY AF 73 -41.83 -115.39 -11.44
CA GLY AF 73 -41.86 -116.59 -12.26
C GLY AF 73 -40.86 -116.64 -13.38
N ALA AF 74 -40.19 -115.52 -13.68
CA ALA AF 74 -39.21 -115.48 -14.76
C ALA AF 74 -38.03 -116.42 -14.48
N ASP AF 75 -37.33 -116.77 -15.54
CA ASP AF 75 -36.12 -117.58 -15.43
C ASP AF 75 -34.94 -116.68 -15.08
N MET AF 76 -34.20 -117.04 -14.03
CA MET AF 76 -33.11 -116.20 -13.57
C MET AF 76 -31.91 -117.09 -13.24
N THR AF 77 -30.71 -116.68 -13.63
CA THR AF 77 -29.51 -117.47 -13.38
C THR AF 77 -28.76 -116.93 -12.18
N ILE AF 78 -28.38 -117.83 -11.27
CA ILE AF 78 -27.75 -117.49 -9.99
C ILE AF 78 -26.50 -118.34 -9.85
N LYS AF 79 -25.37 -117.70 -9.55
CA LYS AF 79 -24.10 -118.38 -9.41
C LYS AF 79 -23.74 -118.54 -7.94
N ALA AF 80 -23.10 -119.66 -7.62
CA ALA AF 80 -22.49 -119.91 -6.32
C ALA AF 80 -21.00 -120.16 -6.51
N ASN AF 81 -20.17 -119.54 -5.68
CA ASN AF 81 -18.74 -119.56 -5.89
C ASN AF 81 -18.05 -120.26 -4.73
N ALA AF 82 -16.98 -120.97 -5.04
CA ALA AF 82 -16.07 -121.49 -4.01
C ALA AF 82 -14.65 -121.21 -4.48
N SER AF 83 -13.82 -120.70 -3.57
CA SER AF 83 -12.47 -120.32 -3.93
C SER AF 83 -11.49 -120.85 -2.89
N VAL AF 84 -10.42 -121.46 -3.36
CA VAL AF 84 -9.38 -122.00 -2.49
C VAL AF 84 -8.08 -121.26 -2.81
N THR AF 85 -7.27 -121.02 -1.78
CA THR AF 85 -5.97 -120.37 -1.94
C THR AF 85 -4.96 -121.07 -1.04
N PHE AF 86 -3.90 -121.59 -1.66
CA PHE AF 86 -2.78 -122.23 -0.98
C PHE AF 86 -1.64 -121.22 -0.92
N SER AF 87 -1.24 -120.83 0.28
CA SER AF 87 -0.04 -120.02 0.50
C SER AF 87 1.05 -120.96 0.98
N LEU AF 88 2.05 -121.17 0.13
CA LEU AF 88 3.10 -122.16 0.35
C LEU AF 88 4.45 -121.47 0.31
N PRO AF 89 5.13 -121.34 1.45
CA PRO AF 89 6.49 -120.81 1.46
C PRO AF 89 7.45 -121.74 0.74
N LYS AF 90 8.54 -121.16 0.25
CA LYS AF 90 9.49 -121.90 -0.56
C LYS AF 90 10.53 -122.64 0.27
N THR AF 91 10.43 -122.58 1.58
CA THR AF 91 11.21 -123.43 2.49
C THR AF 91 10.38 -124.57 3.04
N TYR AF 92 9.10 -124.62 2.69
CA TYR AF 92 8.18 -125.66 3.14
C TYR AF 92 8.32 -126.88 2.24
N PRO AF 93 8.38 -128.09 2.80
CA PRO AF 93 8.61 -129.27 1.96
C PRO AF 93 7.37 -129.75 1.20
N ASN AF 94 7.63 -130.23 -0.02
CA ASN AF 94 6.54 -130.65 -0.90
C ASN AF 94 5.71 -131.75 -0.27
N GLU AF 95 6.34 -132.66 0.48
CA GLU AF 95 5.61 -133.71 1.17
C GLU AF 95 4.51 -133.12 2.04
N HIS AF 96 4.87 -132.15 2.90
CA HIS AF 96 3.88 -131.56 3.78
C HIS AF 96 2.86 -130.72 3.03
N ILE AF 97 3.21 -130.19 1.86
CA ILE AF 97 2.18 -129.55 1.03
C ILE AF 97 1.12 -130.59 0.62
N THR AF 98 1.57 -131.76 0.18
CA THR AF 98 0.61 -132.82 -0.18
C THR AF 98 -0.23 -133.20 1.03
N LYS AF 99 0.41 -133.35 2.19
CA LYS AF 99 -0.31 -133.62 3.44
C LYS AF 99 -1.39 -132.58 3.68
N LEU AF 100 -1.03 -131.30 3.50
CA LEU AF 100 -1.97 -130.20 3.70
C LEU AF 100 -3.17 -130.33 2.76
N ARG AF 101 -2.91 -130.55 1.47
CA ARG AF 101 -4.00 -130.66 0.50
C ARG AF 101 -4.95 -131.82 0.87
N GLN AF 102 -4.38 -132.94 1.28
CA GLN AF 102 -5.23 -134.07 1.61
C GLN AF 102 -6.04 -133.83 2.88
N THR AF 103 -5.43 -133.21 3.90
CA THR AF 103 -6.20 -132.86 5.10
C THR AF 103 -7.32 -131.89 4.77
N LEU AF 104 -7.09 -130.99 3.81
CA LEU AF 104 -8.16 -130.09 3.40
C LEU AF 104 -9.30 -130.85 2.75
N ILE AF 105 -8.98 -131.81 1.89
CA ILE AF 105 -10.04 -132.65 1.29
C ILE AF 105 -10.84 -133.35 2.38
N ALA AF 106 -10.14 -133.94 3.35
CA ALA AF 106 -10.79 -134.64 4.44
C ALA AF 106 -11.71 -133.70 5.23
N TRP AF 107 -11.23 -132.49 5.52
CA TRP AF 107 -12.03 -131.52 6.26
C TRP AF 107 -13.27 -131.13 5.46
N LEU AF 108 -13.12 -130.90 4.16
CA LEU AF 108 -14.26 -130.56 3.32
C LEU AF 108 -15.28 -131.69 3.28
N GLY AF 109 -14.85 -132.92 3.56
CA GLY AF 109 -15.77 -134.02 3.71
C GLY AF 109 -16.59 -134.02 4.99
N GLN AF 110 -16.07 -133.40 6.04
CA GLN AF 110 -16.63 -133.54 7.39
C GLN AF 110 -18.01 -132.93 7.49
N GLN AF 111 -18.79 -133.44 8.45
CA GLN AF 111 -20.13 -132.90 8.66
C GLN AF 111 -20.07 -131.52 9.29
N CYS AF 112 -19.09 -131.27 10.17
CA CYS AF 112 -18.99 -129.96 10.81
C CYS AF 112 -18.63 -128.88 9.81
N VAL AF 113 -18.05 -129.23 8.67
CA VAL AF 113 -17.88 -128.29 7.57
C VAL AF 113 -19.11 -128.30 6.66
N SER AF 114 -19.75 -129.46 6.50
CA SER AF 114 -20.87 -129.58 5.58
C SER AF 114 -22.08 -128.77 6.05
N ASP AF 115 -22.41 -128.85 7.33
CA ASP AF 115 -23.64 -128.21 7.82
C ASP AF 115 -23.66 -126.70 7.57
N PRO AF 116 -22.66 -125.91 7.94
CA PRO AF 116 -22.72 -124.48 7.61
C PRO AF 116 -22.69 -124.21 6.12
N VAL AF 117 -21.82 -124.90 5.38
CA VAL AF 117 -21.73 -124.67 3.94
C VAL AF 117 -23.02 -125.07 3.25
N ASP AF 118 -23.43 -126.33 3.40
CA ASP AF 118 -24.54 -126.85 2.60
C ASP AF 118 -25.87 -126.25 3.02
N SER AF 119 -26.12 -126.10 4.33
CA SER AF 119 -27.44 -125.72 4.80
C SER AF 119 -27.48 -124.44 5.62
N GLY AF 120 -26.33 -123.90 6.03
CA GLY AF 120 -26.31 -122.69 6.82
C GLY AF 120 -26.41 -122.87 8.32
N LEU AF 121 -26.56 -124.10 8.79
CA LEU AF 121 -26.61 -124.35 10.22
C LEU AF 121 -25.19 -124.25 10.80
N ASN AF 122 -25.07 -123.51 11.90
CA ASN AF 122 -23.80 -123.49 12.62
C ASN AF 122 -23.72 -124.69 13.58
N ASN AF 123 -22.48 -125.05 13.92
CA ASN AF 123 -22.27 -126.13 14.88
C ASN AF 123 -22.31 -125.58 16.29
N TYR AF 124 -22.54 -126.48 17.25
CA TYR AF 124 -22.70 -126.07 18.64
C TYR AF 124 -21.99 -127.01 19.61
N MET BF 1 9.49 -128.33 -30.81
CA MET BF 1 9.32 -129.74 -30.47
C MET BF 1 8.21 -129.91 -29.44
N ARG BF 2 7.72 -131.14 -29.29
CA ARG BF 2 6.73 -131.46 -28.26
C ARG BF 2 7.46 -131.76 -26.95
N LEU BF 3 7.32 -130.85 -25.98
CA LEU BF 3 8.06 -130.96 -24.73
C LEU BF 3 7.75 -132.26 -24.00
N THR BF 4 8.81 -132.94 -23.60
CA THR BF 4 8.75 -134.15 -22.79
C THR BF 4 9.79 -134.03 -21.70
N ASP BF 5 9.52 -134.65 -20.55
CA ASP BF 5 10.50 -134.65 -19.47
C ASP BF 5 11.85 -135.14 -20.00
N VAL BF 6 12.92 -134.57 -19.47
CA VAL BF 6 14.25 -134.75 -20.07
C VAL BF 6 15.16 -135.37 -19.04
N ASP BF 7 16.03 -136.27 -19.49
CA ASP BF 7 17.06 -136.85 -18.65
C ASP BF 7 18.42 -136.59 -19.27
N LEU BF 8 19.28 -135.91 -18.51
CA LEU BF 8 20.58 -135.46 -18.96
C LEU BF 8 21.65 -136.33 -18.32
N THR BF 9 22.60 -136.75 -19.15
CA THR BF 9 23.76 -137.47 -18.66
C THR BF 9 24.82 -136.43 -18.32
N VAL BF 10 25.11 -136.28 -17.03
CA VAL BF 10 25.98 -135.24 -16.52
C VAL BF 10 27.19 -135.91 -15.88
N GLY BF 11 28.30 -135.96 -16.61
CA GLY BF 11 29.46 -136.69 -16.14
C GLY BF 11 29.11 -138.14 -15.94
N GLU BF 12 29.10 -138.60 -14.69
CA GLU BF 12 28.77 -139.98 -14.39
C GLU BF 12 27.45 -140.10 -13.64
N GLU BF 13 26.62 -139.08 -13.70
CA GLU BF 13 25.35 -139.07 -13.00
C GLU BF 13 24.26 -138.78 -14.03
N THR BF 14 23.01 -138.95 -13.63
CA THR BF 14 21.88 -138.63 -14.49
C THR BF 14 20.95 -137.67 -13.76
N ARG BF 15 20.77 -136.49 -14.33
CA ARG BF 15 19.82 -135.49 -13.85
C ARG BF 15 18.49 -135.68 -14.57
N GLU BF 16 17.39 -135.51 -13.84
CA GLU BF 16 16.06 -135.79 -14.39
C GLU BF 16 15.15 -134.60 -14.16
N TYR BF 17 14.81 -133.90 -15.23
CA TYR BF 17 13.99 -132.71 -15.19
C TYR BF 17 12.59 -133.01 -15.73
N ALA BF 18 11.61 -132.32 -15.15
CA ALA BF 18 10.21 -132.40 -15.53
C ALA BF 18 9.72 -131.04 -16.01
N VAL BF 19 8.85 -131.04 -17.02
CA VAL BF 19 8.29 -129.81 -17.53
C VAL BF 19 7.49 -129.12 -16.44
N SER BF 20 7.81 -127.86 -16.18
CA SER BF 20 7.11 -127.08 -15.16
C SER BF 20 6.26 -125.94 -15.69
N GLU BF 21 6.61 -125.35 -16.83
CA GLU BF 21 5.63 -124.50 -17.49
C GLU BF 21 5.97 -124.32 -18.96
N GLN BF 22 4.93 -124.12 -19.77
CA GLN BF 22 5.07 -123.86 -21.21
C GLN BF 22 4.19 -122.67 -21.56
N GLN BF 23 4.80 -121.60 -22.04
CA GLN BF 23 4.09 -120.44 -22.55
C GLN BF 23 4.24 -120.41 -24.06
N GLY BF 24 3.97 -119.25 -24.64
CA GLY BF 24 4.12 -119.10 -26.07
C GLY BF 24 5.57 -119.30 -26.48
N THR BF 25 6.45 -118.45 -25.97
CA THR BF 25 7.85 -118.43 -26.34
C THR BF 25 8.77 -118.84 -25.19
N LEU BF 26 8.21 -119.30 -24.08
CA LEU BF 26 8.97 -119.60 -22.87
C LEU BF 26 8.61 -120.98 -22.35
N PHE BF 27 9.61 -121.69 -21.82
CA PHE BF 27 9.39 -122.95 -21.13
C PHE BF 27 10.32 -123.05 -19.93
N ARG BF 28 9.97 -123.95 -19.03
CA ARG BF 28 10.71 -124.14 -17.78
C ARG BF 28 10.61 -125.59 -17.33
N PHE BF 29 11.76 -126.20 -17.11
CA PHE BF 29 11.95 -127.51 -16.51
C PHE BF 29 12.42 -127.37 -15.07
N VAL BF 30 12.25 -128.44 -14.32
CA VAL BF 30 12.52 -128.47 -12.89
C VAL BF 30 13.15 -129.80 -12.52
N ASP BF 31 14.20 -129.76 -11.67
CA ASP BF 31 14.87 -130.99 -11.25
C ASP BF 31 13.92 -131.85 -10.42
N LYS BF 32 13.64 -133.06 -10.92
CA LYS BF 32 12.69 -133.95 -10.24
C LYS BF 32 13.16 -134.29 -8.83
N SER BF 33 14.48 -134.34 -8.61
CA SER BF 33 15.07 -134.73 -7.34
C SER BF 33 14.89 -133.67 -6.25
N GLY BF 34 14.14 -132.61 -6.52
CA GLY BF 34 13.99 -131.56 -5.53
C GLY BF 34 12.95 -131.93 -4.48
N THR BF 35 13.29 -131.67 -3.21
CA THR BF 35 12.37 -131.91 -2.11
C THR BF 35 11.61 -130.66 -1.70
N VAL BF 36 12.26 -129.50 -1.77
CA VAL BF 36 11.66 -128.23 -1.41
C VAL BF 36 11.84 -127.29 -2.60
N ALA BF 37 11.02 -126.24 -2.63
CA ALA BF 37 11.15 -125.22 -3.65
C ALA BF 37 12.59 -124.67 -3.72
N ASN BF 38 13.14 -124.28 -2.56
CA ASN BF 38 14.50 -123.77 -2.52
C ASN BF 38 15.54 -124.85 -2.81
N ASN BF 39 15.23 -126.09 -2.43
CA ASN BF 39 16.10 -127.22 -2.77
C ASN BF 39 16.21 -127.41 -4.29
N THR BF 40 15.17 -127.01 -5.02
CA THR BF 40 14.94 -127.49 -6.39
C THR BF 40 15.67 -126.65 -7.42
N GLY BF 41 16.51 -127.31 -8.24
CA GLY BF 41 17.12 -126.63 -9.38
C GLY BF 41 16.14 -126.47 -10.52
N VAL BF 42 16.39 -125.48 -11.37
CA VAL BF 42 15.48 -125.15 -12.45
C VAL BF 42 16.24 -124.75 -13.70
N PHE BF 43 15.56 -124.84 -14.84
CA PHE BF 43 16.11 -124.42 -16.12
C PHE BF 43 15.00 -123.80 -16.95
N SER BF 44 15.25 -122.61 -17.48
CA SER BF 44 14.24 -121.88 -18.21
C SER BF 44 14.84 -121.33 -19.50
N LEU BF 45 14.00 -121.24 -20.53
CA LEU BF 45 14.42 -120.71 -21.84
C LEU BF 45 13.29 -119.87 -22.43
N GLU BF 46 13.66 -118.78 -23.07
CA GLU BF 46 12.72 -117.84 -23.67
C GLU BF 46 13.31 -117.28 -24.96
N GLN BF 47 12.49 -117.23 -26.01
CA GLN BF 47 12.89 -116.60 -27.25
C GLN BF 47 12.14 -115.30 -27.43
N ARG BF 48 12.86 -114.27 -27.86
CA ARG BF 48 12.33 -112.95 -28.15
C ARG BF 48 12.65 -112.67 -29.61
N PHE BF 49 11.64 -112.86 -30.46
CA PHE BF 49 11.75 -112.60 -31.88
C PHE BF 49 11.52 -111.12 -32.12
N GLY BF 50 12.47 -110.45 -32.76
CA GLY BF 50 12.38 -109.02 -32.98
C GLY BF 50 11.73 -108.66 -34.31
N ALA BF 51 11.77 -107.37 -34.63
CA ALA BF 51 11.35 -106.92 -35.96
C ALA BF 51 12.37 -107.40 -37.00
N ALA BF 52 12.08 -107.12 -38.28
CA ALA BF 52 12.94 -107.62 -39.34
C ALA BF 52 14.32 -106.98 -39.32
N ASN BF 53 14.44 -105.77 -38.78
CA ASN BF 53 15.74 -105.14 -38.60
C ASN BF 53 16.45 -105.61 -37.34
N SER BF 54 15.75 -106.32 -36.46
CA SER BF 54 16.32 -106.78 -35.22
C SER BF 54 16.88 -108.20 -35.37
N ASN BF 55 17.64 -108.62 -34.37
CA ASN BF 55 18.07 -110.00 -34.23
C ASN BF 55 17.16 -110.70 -33.23
N ARG BF 56 16.80 -111.93 -33.51
CA ARG BF 56 16.08 -112.69 -32.50
C ARG BF 56 17.07 -113.09 -31.40
N LYS BF 57 16.58 -113.15 -30.17
CA LYS BF 57 17.41 -113.46 -29.02
C LYS BF 57 16.81 -114.64 -28.27
N VAL BF 58 17.66 -115.59 -27.90
CA VAL BF 58 17.22 -116.73 -27.09
C VAL BF 58 18.04 -116.72 -25.81
N THR BF 59 17.36 -116.80 -24.66
CA THR BF 59 18.02 -116.74 -23.38
C THR BF 59 17.65 -117.96 -22.55
N MET BF 60 18.64 -118.45 -21.79
CA MET BF 60 18.47 -119.59 -20.91
C MET BF 60 19.07 -119.26 -19.55
N LEU BF 61 18.38 -119.70 -18.51
CA LEU BF 61 18.85 -119.58 -17.14
C LEU BF 61 18.81 -120.95 -16.48
N LEU BF 62 19.94 -121.36 -15.91
CA LEU BF 62 20.09 -122.60 -15.17
C LEU BF 62 20.46 -122.25 -13.74
N THR BF 63 19.63 -122.69 -12.79
CA THR BF 63 19.83 -122.40 -11.37
C THR BF 63 20.00 -123.71 -10.60
N ASP BF 64 21.12 -123.82 -9.87
CA ASP BF 64 21.44 -125.02 -9.10
C ASP BF 64 21.72 -124.63 -7.66
N PRO BF 65 20.72 -124.71 -6.79
CA PRO BF 65 20.95 -124.45 -5.36
C PRO BF 65 21.49 -125.67 -4.63
N VAL BF 66 22.22 -125.40 -3.54
CA VAL BF 66 22.83 -126.43 -2.69
C VAL BF 66 22.66 -125.99 -1.24
N VAL BF 67 22.58 -126.96 -0.33
CA VAL BF 67 22.44 -126.67 1.10
C VAL BF 67 23.82 -126.67 1.76
N VAL BF 68 24.11 -125.59 2.48
CA VAL BF 68 25.36 -125.45 3.23
C VAL BF 68 25.07 -125.24 4.70
N MET BF 76 21.50 -123.05 5.59
CA MET BF 76 21.33 -122.10 4.49
C MET BF 76 21.46 -122.77 3.11
N THR BF 77 20.70 -122.28 2.14
CA THR BF 77 20.78 -122.76 0.76
C THR BF 77 21.31 -121.64 -0.14
N ILE BF 78 22.31 -121.99 -0.95
CA ILE BF 78 23.05 -121.05 -1.79
C ILE BF 78 22.81 -121.41 -3.24
N LYS BF 79 22.52 -120.41 -4.06
CA LYS BF 79 22.16 -120.62 -5.45
C LYS BF 79 23.26 -120.09 -6.39
N ALA BF 80 23.58 -120.88 -7.41
CA ALA BF 80 24.51 -120.49 -8.46
C ALA BF 80 23.81 -120.54 -9.82
N ASN BF 81 24.13 -119.57 -10.68
CA ASN BF 81 23.41 -119.40 -11.93
C ASN BF 81 24.35 -119.48 -13.12
N ALA BF 82 23.88 -120.12 -14.18
CA ALA BF 82 24.49 -120.00 -15.49
C ALA BF 82 23.46 -119.43 -16.44
N SER BF 83 23.85 -118.47 -17.27
CA SER BF 83 22.91 -117.86 -18.20
C SER BF 83 23.56 -117.77 -19.57
N VAL BF 84 22.87 -118.30 -20.58
CA VAL BF 84 23.34 -118.27 -21.95
C VAL BF 84 22.39 -117.39 -22.74
N THR BF 85 22.93 -116.63 -23.71
CA THR BF 85 22.13 -115.79 -24.58
C THR BF 85 22.69 -115.86 -26.00
N PHE BF 86 21.84 -116.25 -26.94
CA PHE BF 86 22.17 -116.34 -28.36
C PHE BF 86 21.54 -115.16 -29.07
N SER BF 87 22.37 -114.29 -29.65
CA SER BF 87 21.90 -113.20 -30.50
C SER BF 87 22.11 -113.62 -31.94
N LEU BF 88 21.01 -113.82 -32.65
CA LEU BF 88 21.03 -114.43 -33.99
C LEU BF 88 20.33 -113.50 -34.97
N PRO BF 89 21.05 -112.90 -35.90
CA PRO BF 89 20.40 -112.14 -36.97
C PRO BF 89 19.60 -113.05 -37.88
N LYS BF 90 18.52 -112.51 -38.44
CA LYS BF 90 17.62 -113.34 -39.22
C LYS BF 90 18.27 -113.82 -40.51
N THR BF 91 19.02 -112.95 -41.18
CA THR BF 91 19.71 -113.33 -42.41
C THR BF 91 20.77 -114.40 -42.19
N TYR BF 92 21.21 -114.60 -40.94
CA TYR BF 92 22.24 -115.57 -40.63
C TYR BF 92 21.71 -116.99 -40.83
N PRO BF 93 22.48 -117.90 -41.44
CA PRO BF 93 21.91 -119.21 -41.84
C PRO BF 93 21.81 -120.21 -40.70
N ASN BF 94 20.69 -120.93 -40.70
CA ASN BF 94 20.39 -121.87 -39.63
C ASN BF 94 21.51 -122.91 -39.46
N GLU BF 95 22.14 -123.32 -40.55
CA GLU BF 95 23.23 -124.28 -40.44
C GLU BF 95 24.37 -123.74 -39.59
N HIS BF 96 24.83 -122.52 -39.89
CA HIS BF 96 25.89 -121.92 -39.09
C HIS BF 96 25.46 -121.64 -37.65
N ILE BF 97 24.15 -121.47 -37.39
CA ILE BF 97 23.71 -121.38 -36.00
C ILE BF 97 23.91 -122.71 -35.28
N THR BF 98 23.50 -123.81 -35.89
CA THR BF 98 23.75 -125.12 -35.28
C THR BF 98 25.23 -125.30 -34.99
N LYS BF 99 26.08 -124.87 -35.94
CA LYS BF 99 27.52 -124.89 -35.73
C LYS BF 99 27.91 -124.09 -34.48
N LEU BF 100 27.42 -122.86 -34.37
CA LEU BF 100 27.76 -122.02 -33.23
C LEU BF 100 27.41 -122.70 -31.91
N ARG BF 101 26.20 -123.24 -31.81
CA ARG BF 101 25.78 -123.92 -30.58
C ARG BF 101 26.74 -125.07 -30.24
N GLN BF 102 27.06 -125.90 -31.24
CA GLN BF 102 27.91 -127.05 -30.96
C GLN BF 102 29.31 -126.61 -30.50
N THR BF 103 29.86 -125.57 -31.13
CA THR BF 103 31.18 -125.10 -30.71
C THR BF 103 31.15 -124.50 -29.31
N LEU BF 104 30.04 -123.89 -28.91
CA LEU BF 104 29.94 -123.43 -27.53
C LEU BF 104 29.97 -124.61 -26.56
N ILE BF 105 29.26 -125.68 -26.90
CA ILE BF 105 29.34 -126.90 -26.08
C ILE BF 105 30.79 -127.37 -25.96
N ALA BF 106 31.48 -127.45 -27.10
CA ALA BF 106 32.86 -127.90 -27.10
C ALA BF 106 33.73 -127.02 -26.21
N TRP BF 107 33.54 -125.71 -26.31
CA TRP BF 107 34.32 -124.78 -25.49
C TRP BF 107 34.07 -125.00 -24.01
N LEU BF 108 32.80 -125.10 -23.62
CA LEU BF 108 32.45 -125.37 -22.24
C LEU BF 108 33.03 -126.68 -21.73
N GLY BF 109 33.41 -127.57 -22.63
CA GLY BF 109 34.15 -128.76 -22.25
C GLY BF 109 35.60 -128.54 -21.82
N GLN BF 110 36.26 -127.54 -22.39
CA GLN BF 110 37.71 -127.43 -22.32
C GLN BF 110 38.22 -127.02 -20.94
N GLN BF 111 39.49 -127.32 -20.70
CA GLN BF 111 40.10 -127.00 -19.41
C GLN BF 111 40.22 -125.51 -19.22
N CYS BF 112 40.59 -124.78 -20.26
CA CYS BF 112 40.75 -123.33 -20.14
C CYS BF 112 39.45 -122.65 -19.71
N VAL BF 113 38.32 -123.33 -19.86
CA VAL BF 113 37.04 -122.82 -19.38
C VAL BF 113 36.69 -123.42 -18.01
N SER BF 114 36.97 -124.71 -17.81
CA SER BF 114 36.60 -125.33 -16.54
C SER BF 114 37.41 -124.77 -15.38
N ASP BF 115 38.71 -124.52 -15.57
CA ASP BF 115 39.56 -124.05 -14.50
C ASP BF 115 39.05 -122.74 -13.86
N PRO BF 116 38.72 -121.71 -14.65
CA PRO BF 116 38.14 -120.51 -13.98
C PRO BF 116 36.72 -120.73 -13.48
N VAL BF 117 35.86 -121.38 -14.25
CA VAL BF 117 34.49 -121.61 -13.80
C VAL BF 117 34.47 -122.49 -12.57
N ASP BF 118 35.03 -123.70 -12.67
CA ASP BF 118 34.90 -124.67 -11.59
C ASP BF 118 35.61 -124.21 -10.33
N SER BF 119 36.90 -123.90 -10.43
CA SER BF 119 37.71 -123.64 -9.24
C SER BF 119 38.27 -122.23 -9.15
N GLY BF 120 38.12 -121.41 -10.17
CA GLY BF 120 38.61 -120.04 -10.11
C GLY BF 120 40.03 -119.84 -10.56
N LEU BF 121 40.69 -120.86 -11.10
CA LEU BF 121 42.03 -120.71 -11.63
C LEU BF 121 41.95 -119.97 -12.97
N ASN BF 122 42.67 -118.86 -13.08
CA ASN BF 122 42.79 -118.23 -14.39
C ASN BF 122 43.89 -118.90 -15.19
N ASN BF 123 43.86 -118.67 -16.49
CA ASN BF 123 44.85 -119.27 -17.36
C ASN BF 123 46.04 -118.34 -17.51
N TYR BF 124 47.21 -118.95 -17.66
CA TYR BF 124 48.45 -118.19 -17.67
C TYR BF 124 49.40 -118.73 -18.71
N MET CF 1 -8.93 -128.44 -28.26
CA MET CF 1 -8.13 -129.44 -28.97
C MET CF 1 -6.69 -129.41 -28.46
N ARG CF 2 -6.08 -130.58 -28.31
CA ARG CF 2 -4.65 -130.68 -28.02
C ARG CF 2 -3.85 -130.34 -29.27
N LEU CF 3 -3.25 -129.17 -29.29
CA LEU CF 3 -2.61 -128.69 -30.51
C LEU CF 3 -1.41 -129.55 -30.85
N THR CF 4 -1.36 -129.99 -32.11
CA THR CF 4 -0.19 -130.64 -32.68
C THR CF 4 -0.05 -130.20 -34.12
N ASP CF 5 1.13 -130.47 -34.69
CA ASP CF 5 1.41 -130.12 -36.08
C ASP CF 5 0.31 -130.69 -36.97
N VAL CF 6 0.02 -129.99 -38.06
CA VAL CF 6 -1.01 -130.44 -38.99
C VAL CF 6 -0.45 -130.42 -40.41
N ASP CF 7 -1.06 -131.25 -41.25
CA ASP CF 7 -0.79 -131.26 -42.68
C ASP CF 7 -2.11 -131.04 -43.40
N LEU CF 8 -2.10 -130.11 -44.35
CA LEU CF 8 -3.28 -129.70 -45.08
C LEU CF 8 -3.22 -130.22 -46.51
N THR CF 9 -4.36 -130.67 -47.00
CA THR CF 9 -4.49 -131.07 -48.39
C THR CF 9 -4.94 -129.85 -49.19
N VAL CF 10 -4.10 -129.38 -50.10
CA VAL CF 10 -4.33 -128.13 -50.82
C VAL CF 10 -4.33 -128.44 -52.31
N GLY CF 11 -5.52 -128.57 -52.89
CA GLY CF 11 -5.62 -128.98 -54.27
C GLY CF 11 -4.93 -130.31 -54.49
N GLU CF 12 -3.83 -130.31 -55.23
CA GLU CF 12 -3.09 -131.52 -55.52
C GLU CF 12 -1.70 -131.51 -54.88
N GLU CF 13 -1.52 -130.75 -53.82
CA GLU CF 13 -0.26 -130.74 -53.07
C GLU CF 13 -0.58 -130.89 -51.59
N THR CF 14 0.45 -131.17 -50.81
CA THR CF 14 0.32 -131.29 -49.37
C THR CF 14 1.19 -130.23 -48.70
N ARG CF 15 0.58 -129.48 -47.80
CA ARG CF 15 1.20 -128.36 -47.10
C ARG CF 15 1.41 -128.75 -45.65
N GLU CF 16 2.64 -128.63 -45.15
CA GLU CF 16 2.98 -129.12 -43.81
C GLU CF 16 3.27 -127.94 -42.91
N TYR CF 17 2.45 -127.77 -41.86
CA TYR CF 17 2.68 -126.74 -40.88
C TYR CF 17 3.15 -127.38 -39.58
N ALA CF 18 3.83 -126.57 -38.75
CA ALA CF 18 4.31 -126.98 -37.44
C ALA CF 18 3.95 -125.91 -36.42
N VAL CF 19 3.60 -126.35 -35.22
CA VAL CF 19 3.23 -125.40 -34.17
C VAL CF 19 4.43 -124.54 -33.84
N SER CF 20 4.26 -123.22 -33.94
CA SER CF 20 5.30 -122.27 -33.62
C SER CF 20 5.09 -121.56 -32.29
N GLU CF 21 3.84 -121.39 -31.84
CA GLU CF 21 3.61 -121.00 -30.45
C GLU CF 21 2.17 -121.29 -30.07
N GLN CF 22 1.95 -121.55 -28.78
CA GLN CF 22 0.62 -121.74 -28.24
C GLN CF 22 0.48 -120.96 -26.96
N GLN CF 23 -0.47 -120.02 -26.92
CA GLN CF 23 -0.83 -119.26 -25.74
C GLN CF 23 -2.26 -119.59 -25.34
N GLY CF 24 -2.74 -118.90 -24.33
CA GLY CF 24 -4.06 -119.23 -23.77
C GLY CF 24 -5.17 -119.06 -24.78
N THR CF 25 -5.18 -117.92 -25.48
CA THR CF 25 -6.21 -117.59 -26.45
C THR CF 25 -5.66 -117.46 -27.88
N LEU CF 26 -4.38 -117.75 -28.08
CA LEU CF 26 -3.71 -117.53 -29.36
C LEU CF 26 -2.83 -118.73 -29.69
N PHE CF 27 -2.72 -119.03 -30.99
CA PHE CF 27 -1.75 -120.01 -31.47
C PHE CF 27 -1.25 -119.61 -32.85
N ARG CF 28 -0.09 -120.16 -33.20
CA ARG CF 28 0.59 -119.85 -34.45
C ARG CF 28 1.29 -121.09 -34.99
N PHE CF 29 1.01 -121.39 -36.25
CA PHE CF 29 1.68 -122.40 -37.07
C PHE CF 29 2.60 -121.73 -38.10
N VAL CF 30 3.63 -122.46 -38.51
CA VAL CF 30 4.58 -122.02 -39.53
C VAL CF 30 4.75 -123.13 -40.57
N ASP CF 31 4.84 -122.74 -41.85
CA ASP CF 31 5.05 -123.70 -42.93
C ASP CF 31 6.42 -124.34 -42.80
N LYS CF 32 6.44 -125.68 -42.74
CA LYS CF 32 7.69 -126.41 -42.49
C LYS CF 32 8.73 -126.23 -43.59
N SER CF 33 8.32 -125.72 -44.76
CA SER CF 33 9.25 -125.52 -45.86
C SER CF 33 10.07 -124.25 -45.75
N GLY CF 34 10.06 -123.57 -44.60
CA GLY CF 34 10.60 -122.23 -44.47
C GLY CF 34 11.71 -122.10 -43.42
N THR CF 35 12.36 -120.94 -43.48
CA THR CF 35 13.43 -120.54 -42.58
C THR CF 35 13.08 -119.20 -41.96
N VAL CF 36 13.75 -118.85 -40.86
CA VAL CF 36 13.66 -117.47 -40.37
C VAL CF 36 14.08 -116.52 -41.49
N ALA CF 37 15.14 -116.86 -42.22
CA ALA CF 37 15.62 -116.00 -43.29
C ALA CF 37 14.62 -115.94 -44.43
N ASN CF 38 14.17 -117.09 -44.92
CA ASN CF 38 13.20 -117.14 -46.00
C ASN CF 38 11.94 -117.84 -45.50
N ASN CF 39 10.96 -117.05 -45.07
CA ASN CF 39 9.71 -117.60 -44.60
C ASN CF 39 8.78 -117.90 -45.77
N THR CF 40 7.96 -118.92 -45.60
CA THR CF 40 7.11 -119.42 -46.68
C THR CF 40 5.63 -119.43 -46.34
N GLY CF 41 5.26 -119.26 -45.07
CA GLY CF 41 3.86 -119.25 -44.70
C GLY CF 41 3.68 -119.24 -43.21
N VAL CF 42 2.66 -118.52 -42.73
CA VAL CF 42 2.32 -118.50 -41.32
C VAL CF 42 0.81 -118.48 -41.20
N PHE CF 43 0.31 -119.07 -40.12
CA PHE CF 43 -1.10 -119.02 -39.78
C PHE CF 43 -1.22 -118.74 -38.29
N SER CF 44 -2.13 -117.86 -37.94
CA SER CF 44 -2.31 -117.48 -36.54
C SER CF 44 -3.80 -117.30 -36.26
N LEU CF 45 -4.20 -117.65 -35.04
CA LEU CF 45 -5.60 -117.53 -34.63
C LEU CF 45 -5.68 -117.08 -33.18
N GLU CF 46 -6.61 -116.18 -32.90
CA GLU CF 46 -6.81 -115.65 -31.56
C GLU CF 46 -8.30 -115.50 -31.30
N GLN CF 47 -8.73 -115.86 -30.08
CA GLN CF 47 -10.09 -115.61 -29.65
C GLN CF 47 -10.09 -114.55 -28.55
N ARG CF 48 -10.90 -113.52 -28.76
CA ARG CF 48 -11.23 -112.54 -27.73
C ARG CF 48 -12.65 -112.87 -27.26
N PHE CF 49 -12.74 -113.65 -26.20
CA PHE CF 49 -14.02 -113.91 -25.57
C PHE CF 49 -14.48 -112.62 -24.90
N GLY CF 50 -15.59 -112.08 -25.37
CA GLY CF 50 -16.00 -110.76 -24.95
C GLY CF 50 -16.64 -110.72 -23.58
N ALA CF 51 -16.93 -109.50 -23.13
CA ALA CF 51 -17.73 -109.31 -21.94
C ALA CF 51 -19.09 -109.99 -22.09
N ALA CF 52 -19.77 -110.18 -20.95
CA ALA CF 52 -21.01 -110.94 -20.95
C ALA CF 52 -22.07 -110.33 -21.87
N ASN CF 53 -21.99 -109.02 -22.12
CA ASN CF 53 -22.92 -108.37 -23.03
C ASN CF 53 -22.49 -108.47 -24.48
N SER CF 54 -21.19 -108.52 -24.74
CA SER CF 54 -20.65 -108.45 -26.10
C SER CF 54 -20.58 -109.83 -26.74
N ASN CF 55 -20.37 -109.82 -28.06
CA ASN CF 55 -20.08 -111.04 -28.80
C ASN CF 55 -18.62 -111.43 -28.61
N ARG CF 56 -18.35 -112.73 -28.77
CA ARG CF 56 -16.96 -113.14 -28.80
C ARG CF 56 -16.46 -113.12 -30.24
N LYS CF 57 -15.18 -112.84 -30.39
CA LYS CF 57 -14.56 -112.69 -31.69
C LYS CF 57 -13.46 -113.71 -31.84
N VAL CF 58 -13.37 -114.31 -33.03
CA VAL CF 58 -12.26 -115.19 -33.38
C VAL CF 58 -11.65 -114.66 -34.67
N THR CF 59 -10.35 -114.45 -34.67
CA THR CF 59 -9.68 -113.89 -35.83
C THR CF 59 -8.53 -114.81 -36.26
N MET CF 60 -8.36 -114.92 -37.57
CA MET CF 60 -7.32 -115.73 -38.18
C MET CF 60 -6.60 -114.90 -39.23
N LEU CF 61 -5.28 -115.06 -39.28
CA LEU CF 61 -4.44 -114.44 -40.30
C LEU CF 61 -3.58 -115.52 -40.95
N LEU CF 62 -3.69 -115.62 -42.28
CA LEU CF 62 -2.87 -116.50 -43.09
C LEU CF 62 -1.99 -115.62 -43.98
N THR CF 63 -0.68 -115.82 -43.90
CA THR CF 63 0.26 -115.02 -44.68
C THR CF 63 1.14 -115.94 -45.51
N ASP CF 64 1.14 -115.71 -46.82
CA ASP CF 64 1.98 -116.45 -47.75
C ASP CF 64 2.91 -115.47 -48.44
N PRO CF 65 4.20 -115.50 -48.09
CA PRO CF 65 5.18 -114.68 -48.82
C PRO CF 65 5.84 -115.46 -49.95
N VAL CF 66 6.15 -114.73 -51.01
CA VAL CF 66 6.79 -115.25 -52.21
C VAL CF 66 7.91 -114.31 -52.62
N VAL CF 67 8.98 -114.88 -53.13
CA VAL CF 67 10.07 -114.08 -53.70
C VAL CF 67 9.75 -113.77 -55.15
N VAL CF 68 10.01 -112.54 -55.56
CA VAL CF 68 9.74 -112.05 -56.90
C VAL CF 68 10.92 -111.21 -57.36
N LYS CF 69 11.36 -111.42 -58.60
CA LYS CF 69 12.41 -110.58 -59.15
C LYS CF 69 11.87 -109.18 -59.38
N ASP CF 70 12.73 -108.19 -59.19
CA ASP CF 70 12.38 -106.79 -59.35
C ASP CF 70 12.70 -106.33 -60.77
N ALA CF 71 12.14 -105.16 -61.13
CA ALA CF 71 12.52 -104.54 -62.40
C ALA CF 71 14.02 -104.25 -62.43
N SER CF 72 14.60 -103.92 -61.27
CA SER CF 72 16.04 -103.77 -61.14
C SER CF 72 16.78 -105.09 -61.09
N GLY CF 73 16.06 -106.22 -61.12
CA GLY CF 73 16.66 -107.53 -60.97
C GLY CF 73 16.78 -108.01 -59.53
N ALA CF 74 16.84 -107.09 -58.57
CA ALA CF 74 16.99 -107.45 -57.17
C ALA CF 74 15.86 -108.38 -56.72
N ASP CF 75 16.18 -109.26 -55.78
CA ASP CF 75 15.18 -110.17 -55.24
C ASP CF 75 14.38 -109.47 -54.15
N MET CF 76 13.05 -109.61 -54.20
CA MET CF 76 12.13 -108.86 -53.37
C MET CF 76 11.08 -109.81 -52.82
N THR CF 77 10.90 -109.81 -51.50
CA THR CF 77 9.94 -110.71 -50.87
C THR CF 77 8.62 -109.97 -50.66
N ILE CF 78 7.52 -110.58 -51.11
CA ILE CF 78 6.20 -109.97 -51.15
C ILE CF 78 5.22 -110.87 -50.43
N LYS CF 79 4.40 -110.30 -49.56
CA LYS CF 79 3.44 -111.06 -48.77
C LYS CF 79 2.02 -110.81 -49.28
N ALA CF 80 1.22 -111.87 -49.31
CA ALA CF 80 -0.22 -111.79 -49.52
C ALA CF 80 -0.93 -112.31 -48.28
N ASN CF 81 -2.00 -111.64 -47.89
CA ASN CF 81 -2.65 -111.95 -46.62
C ASN CF 81 -4.11 -112.30 -46.83
N ALA CF 82 -4.59 -113.23 -46.00
CA ALA CF 82 -6.00 -113.51 -45.89
C ALA CF 82 -6.35 -113.45 -44.41
N SER CF 83 -7.45 -112.78 -44.08
CA SER CF 83 -7.85 -112.65 -42.69
C SER CF 83 -9.33 -112.96 -42.55
N VAL CF 84 -9.67 -113.82 -41.60
CA VAL CF 84 -11.05 -114.22 -41.35
C VAL CF 84 -11.39 -113.81 -39.92
N THR CF 85 -12.62 -113.32 -39.73
CA THR CF 85 -13.09 -112.93 -38.40
C THR CF 85 -14.52 -113.40 -38.22
N PHE CF 86 -14.74 -114.17 -37.16
CA PHE CF 86 -16.06 -114.66 -36.75
C PHE CF 86 -16.53 -113.82 -35.57
N SER CF 87 -17.64 -113.13 -35.75
CA SER CF 87 -18.33 -112.44 -34.65
C SER CF 87 -19.51 -113.31 -34.27
N LEU CF 88 -19.44 -113.89 -33.07
CA LEU CF 88 -20.41 -114.87 -32.61
C LEU CF 88 -21.02 -114.40 -31.31
N PRO CF 89 -22.29 -114.02 -31.30
CA PRO CF 89 -22.98 -113.67 -30.06
C PRO CF 89 -23.11 -114.89 -29.15
N LYS CF 90 -23.17 -114.63 -27.85
CA LYS CF 90 -23.22 -115.73 -26.90
C LYS CF 90 -24.50 -116.55 -27.07
N THR CF 91 -25.64 -115.89 -27.24
CA THR CF 91 -26.92 -116.58 -27.35
C THR CF 91 -27.05 -117.39 -28.64
N TYR CF 92 -26.15 -117.18 -29.60
CA TYR CF 92 -26.20 -117.92 -30.85
C TYR CF 92 -25.80 -119.39 -30.61
N PRO CF 93 -26.53 -120.36 -31.16
CA PRO CF 93 -26.24 -121.77 -30.83
C PRO CF 93 -25.04 -122.34 -31.56
N ASN CF 94 -24.25 -123.14 -30.83
CA ASN CF 94 -23.04 -123.72 -31.39
C ASN CF 94 -23.30 -124.47 -32.69
N GLU CF 95 -24.47 -125.09 -32.80
CA GLU CF 95 -24.82 -125.81 -34.03
C GLU CF 95 -24.81 -124.88 -35.23
N HIS CF 96 -25.59 -123.80 -35.18
CA HIS CF 96 -25.62 -122.86 -36.30
C HIS CF 96 -24.28 -122.17 -36.52
N ILE CF 97 -23.41 -122.09 -35.49
CA ILE CF 97 -22.05 -121.61 -35.72
C ILE CF 97 -21.30 -122.56 -36.66
N THR CF 98 -21.31 -123.87 -36.34
CA THR CF 98 -20.63 -124.82 -37.23
C THR CF 98 -21.21 -124.74 -38.63
N LYS CF 99 -22.53 -124.56 -38.75
CA LYS CF 99 -23.16 -124.33 -40.04
C LYS CF 99 -22.54 -123.15 -40.78
N LEU CF 100 -22.40 -122.02 -40.08
CA LEU CF 100 -21.81 -120.83 -40.67
C LEU CF 100 -20.40 -121.11 -41.19
N ARG CF 101 -19.57 -121.75 -40.37
CA ARG CF 101 -18.19 -122.02 -40.79
C ARG CF 101 -18.16 -122.90 -42.04
N GLN CF 102 -18.99 -123.93 -42.08
CA GLN CF 102 -18.98 -124.82 -43.24
C GLN CF 102 -19.48 -124.11 -44.49
N THR CF 103 -20.53 -123.30 -44.38
CA THR CF 103 -20.98 -122.55 -45.55
C THR CF 103 -19.91 -121.58 -46.04
N LEU CF 104 -19.11 -121.04 -45.13
CA LEU CF 104 -18.01 -120.16 -45.56
C LEU CF 104 -16.97 -120.94 -46.35
N ILE CF 105 -16.63 -122.14 -45.89
CA ILE CF 105 -15.72 -123.00 -46.66
C ILE CF 105 -16.28 -123.24 -48.05
N ALA CF 106 -17.57 -123.60 -48.11
CA ALA CF 106 -18.22 -123.85 -49.40
C ALA CF 106 -18.11 -122.64 -50.31
N TRP CF 107 -18.42 -121.47 -49.79
CA TRP CF 107 -18.35 -120.25 -50.59
C TRP CF 107 -16.95 -120.01 -51.10
N LEU CF 108 -15.95 -120.16 -50.23
CA LEU CF 108 -14.56 -119.95 -50.62
C LEU CF 108 -14.12 -120.89 -51.72
N GLY CF 109 -14.79 -122.04 -51.85
CA GLY CF 109 -14.54 -122.94 -52.96
C GLY CF 109 -15.11 -122.50 -54.30
N GLN CF 110 -16.16 -121.69 -54.27
CA GLN CF 110 -16.95 -121.38 -55.44
C GLN CF 110 -16.17 -120.53 -56.45
N GLN CF 111 -16.58 -120.62 -57.71
CA GLN CF 111 -15.90 -119.85 -58.75
C GLN CF 111 -16.22 -118.36 -58.65
N CYS CF 112 -17.45 -118.00 -58.24
CA CYS CF 112 -17.77 -116.59 -58.10
C CYS CF 112 -16.93 -115.91 -57.04
N VAL CF 113 -16.34 -116.69 -56.13
CA VAL CF 113 -15.41 -116.16 -55.15
C VAL CF 113 -13.97 -116.27 -55.62
N SER CF 114 -13.62 -117.38 -56.28
CA SER CF 114 -12.23 -117.58 -56.67
C SER CF 114 -11.82 -116.63 -57.79
N ASP CF 115 -12.69 -116.40 -58.77
CA ASP CF 115 -12.33 -115.55 -59.90
C ASP CF 115 -11.90 -114.15 -59.49
N PRO CF 116 -12.63 -113.42 -58.64
CA PRO CF 116 -12.09 -112.11 -58.20
C PRO CF 116 -10.89 -112.23 -57.28
N VAL CF 117 -10.89 -113.19 -56.36
CA VAL CF 117 -9.76 -113.35 -55.45
C VAL CF 117 -8.51 -113.76 -56.22
N ASP CF 118 -8.60 -114.83 -57.01
CA ASP CF 118 -7.41 -115.39 -57.64
C ASP CF 118 -6.91 -114.51 -58.78
N SER CF 119 -7.81 -114.06 -59.65
CA SER CF 119 -7.40 -113.41 -60.89
C SER CF 119 -7.78 -111.94 -61.00
N GLY CF 120 -8.52 -111.41 -60.03
CA GLY CF 120 -8.90 -110.01 -60.08
C GLY CF 120 -10.01 -109.67 -61.04
N LEU CF 121 -10.68 -110.67 -61.62
CA LEU CF 121 -11.81 -110.43 -62.51
C LEU CF 121 -13.10 -110.40 -61.70
N ASN CF 122 -13.92 -109.38 -61.93
CA ASN CF 122 -15.20 -109.31 -61.26
C ASN CF 122 -16.24 -110.17 -61.98
N ASN CF 123 -17.34 -110.43 -61.28
CA ASN CF 123 -18.41 -111.24 -61.84
C ASN CF 123 -19.40 -110.35 -62.58
N TYR CF 124 -20.24 -110.98 -63.40
CA TYR CF 124 -21.21 -110.28 -64.24
C TYR CF 124 -22.48 -111.12 -64.51
N MET DF 1 -108.92 57.60 48.53
CA MET DF 1 -110.08 58.39 48.13
C MET DF 1 -110.56 58.02 46.73
N ARG DF 2 -111.87 57.90 46.56
CA ARG DF 2 -112.43 57.71 45.22
C ARG DF 2 -112.18 58.96 44.40
N LEU DF 3 -111.37 58.81 43.35
CA LEU DF 3 -110.93 59.96 42.57
C LEU DF 3 -112.10 60.64 41.87
N THR DF 4 -112.03 61.95 41.81
CA THR DF 4 -112.98 62.75 41.06
C THR DF 4 -112.22 63.91 40.44
N ASP DF 5 -112.78 64.47 39.36
CA ASP DF 5 -112.20 65.67 38.79
C ASP DF 5 -112.00 66.72 39.87
N VAL DF 6 -110.98 67.56 39.71
CA VAL DF 6 -110.55 68.45 40.78
C VAL DF 6 -110.58 69.88 40.26
N ASP DF 7 -111.07 70.79 41.10
CA ASP DF 7 -111.04 72.21 40.78
C ASP DF 7 -110.24 72.91 41.87
N LEU DF 8 -109.17 73.59 41.47
CA LEU DF 8 -108.25 74.25 42.37
C LEU DF 8 -108.44 75.76 42.27
N THR DF 9 -108.40 76.42 43.42
CA THR DF 9 -108.38 77.88 43.44
C THR DF 9 -106.92 78.31 43.49
N VAL DF 10 -106.50 79.05 42.47
CA VAL DF 10 -105.09 79.41 42.28
C VAL DF 10 -104.99 80.93 42.21
N GLY DF 11 -104.51 81.54 43.30
CA GLY DF 11 -104.47 82.98 43.35
C GLY DF 11 -105.87 83.53 43.15
N GLU DF 12 -106.09 84.19 42.03
CA GLU DF 12 -107.39 84.80 41.75
C GLU DF 12 -108.05 84.17 40.53
N GLU DF 13 -107.64 82.96 40.16
CA GLU DF 13 -108.22 82.25 39.04
C GLU DF 13 -108.62 80.86 39.54
N THR DF 14 -109.38 80.13 38.74
CA THR DF 14 -109.75 78.75 39.06
C THR DF 14 -109.29 77.82 37.95
N ARG DF 15 -108.58 76.78 38.35
CA ARG DF 15 -107.97 75.82 37.43
C ARG DF 15 -108.69 74.48 37.57
N GLU DF 16 -109.09 73.90 36.45
CA GLU DF 16 -109.89 72.68 36.45
C GLU DF 16 -109.10 71.53 35.83
N TYR DF 17 -108.94 70.45 36.59
CA TYR DF 17 -108.25 69.24 36.17
C TYR DF 17 -109.24 68.09 36.09
N ALA DF 18 -108.94 67.14 35.21
CA ALA DF 18 -109.74 65.94 35.03
C ALA DF 18 -108.85 64.71 35.13
N VAL DF 19 -109.41 63.64 35.70
CA VAL DF 19 -108.67 62.39 35.87
C VAL DF 19 -108.31 61.83 34.51
N SER DF 20 -107.01 61.56 34.30
CA SER DF 20 -106.52 60.95 33.07
C SER DF 20 -106.19 59.48 33.21
N GLU DF 21 -105.57 59.06 34.32
CA GLU DF 21 -105.44 57.62 34.55
C GLU DF 21 -105.23 57.36 36.02
N GLN DF 22 -105.63 56.17 36.47
CA GLN DF 22 -105.45 55.75 37.85
C GLN DF 22 -104.97 54.31 37.88
N GLN DF 23 -103.82 54.09 38.51
CA GLN DF 23 -103.28 52.76 38.74
C GLN DF 23 -103.34 52.47 40.23
N GLY DF 24 -102.74 51.35 40.62
CA GLY DF 24 -102.80 50.95 42.02
C GLY DF 24 -102.14 51.97 42.93
N THR DF 25 -100.97 52.45 42.54
CA THR DF 25 -100.20 53.40 43.35
C THR DF 25 -99.86 54.66 42.57
N LEU DF 26 -100.56 54.93 41.46
CA LEU DF 26 -100.24 56.08 40.62
C LEU DF 26 -101.54 56.67 40.06
N PHE DF 27 -101.57 57.99 39.92
CA PHE DF 27 -102.66 58.66 39.22
C PHE DF 27 -102.13 59.89 38.50
N ARG DF 28 -102.93 60.33 37.52
CA ARG DF 28 -102.59 61.46 36.68
C ARG DF 28 -103.84 62.23 36.31
N PHE DF 29 -103.78 63.54 36.53
CA PHE DF 29 -104.76 64.54 36.10
C PHE DF 29 -104.19 65.37 34.95
N VAL DF 30 -105.12 65.88 34.12
CA VAL DF 30 -104.79 66.78 33.02
C VAL DF 30 -105.62 68.06 33.17
N ASP DF 31 -105.00 69.20 32.82
CA ASP DF 31 -105.69 70.49 32.84
C ASP DF 31 -106.75 70.51 31.74
N LYS DF 32 -108.00 70.76 32.13
CA LYS DF 32 -109.11 70.79 31.16
C LYS DF 32 -108.96 71.87 30.11
N SER DF 33 -108.01 72.80 30.29
CA SER DF 33 -107.77 73.85 29.31
C SER DF 33 -107.20 73.31 28.00
N GLY DF 34 -106.71 72.06 27.99
CA GLY DF 34 -105.88 71.57 26.92
C GLY DF 34 -106.46 70.36 26.19
N THR DF 35 -105.80 70.05 25.08
CA THR DF 35 -106.10 68.92 24.20
C THR DF 35 -104.97 67.89 24.31
N VAL DF 36 -105.26 66.67 23.85
CA VAL DF 36 -104.18 65.74 23.51
C VAL DF 36 -103.13 66.46 22.67
N ALA DF 37 -103.58 67.17 21.63
CA ALA DF 37 -102.68 67.90 20.74
C ALA DF 37 -101.90 68.97 21.51
N ASN DF 38 -102.61 69.94 22.07
CA ASN DF 38 -101.99 71.03 22.81
C ASN DF 38 -102.32 70.86 24.29
N ASN DF 39 -101.30 70.64 25.11
CA ASN DF 39 -101.47 70.40 26.53
C ASN DF 39 -101.18 71.67 27.33
N THR DF 40 -102.01 71.92 28.34
CA THR DF 40 -101.86 73.09 29.19
C THR DF 40 -101.33 72.78 30.58
N GLY DF 41 -101.40 71.52 31.02
CA GLY DF 41 -100.91 71.19 32.35
C GLY DF 41 -101.13 69.73 32.71
N VAL DF 42 -100.23 69.17 33.52
CA VAL DF 42 -100.33 67.79 33.93
C VAL DF 42 -99.90 67.67 35.38
N PHE DF 43 -100.54 66.75 36.10
CA PHE DF 43 -100.16 66.44 37.47
C PHE DF 43 -100.17 64.93 37.65
N SER DF 44 -99.12 64.41 38.28
CA SER DF 44 -98.98 62.98 38.49
C SER DF 44 -98.46 62.72 39.90
N LEU DF 45 -98.94 61.64 40.50
CA LEU DF 45 -98.54 61.26 41.86
C LEU DF 45 -98.39 59.75 41.94
N GLU DF 46 -97.29 59.29 42.57
CA GLU DF 46 -97.00 57.86 42.74
C GLU DF 46 -96.44 57.59 44.12
N GLN DF 47 -96.91 56.51 44.75
CA GLN DF 47 -96.39 56.07 46.03
C GLN DF 47 -95.62 54.77 45.88
N ARG DF 48 -94.49 54.68 46.58
CA ARG DF 48 -93.61 53.51 46.58
C ARG DF 48 -93.43 53.07 48.03
N PHE DF 49 -94.17 52.04 48.42
CA PHE DF 49 -94.09 51.43 49.74
C PHE DF 49 -92.90 50.48 49.73
N GLY DF 50 -91.87 50.78 50.52
CA GLY DF 50 -90.68 49.96 50.58
C GLY DF 50 -90.82 48.79 51.54
N ALA DF 51 -89.68 48.17 51.84
CA ALA DF 51 -89.68 47.15 52.89
C ALA DF 51 -89.82 47.80 54.27
N ALA DF 52 -90.01 46.96 55.29
CA ALA DF 52 -90.27 47.47 56.64
C ALA DF 52 -89.08 48.25 57.19
N ASN DF 53 -87.87 48.02 56.67
CA ASN DF 53 -86.73 48.84 57.02
C ASN DF 53 -86.62 50.08 56.14
N SER DF 54 -87.36 50.14 55.04
CA SER DF 54 -87.30 51.25 54.10
C SER DF 54 -88.39 52.28 54.40
N ASN DF 55 -88.10 53.53 54.09
CA ASN DF 55 -89.11 54.58 54.16
C ASN DF 55 -90.00 54.48 52.93
N ARG DF 56 -91.30 54.62 53.12
CA ARG DF 56 -92.17 54.76 51.96
C ARG DF 56 -91.97 56.15 51.36
N LYS DF 57 -92.15 56.25 50.05
CA LYS DF 57 -91.86 57.46 49.34
C LYS DF 57 -93.05 57.85 48.47
N VAL DF 58 -93.27 59.15 48.33
CA VAL DF 58 -94.41 59.66 47.58
C VAL DF 58 -93.91 60.81 46.72
N THR DF 59 -94.14 60.71 45.41
CA THR DF 59 -93.58 61.71 44.49
C THR DF 59 -94.64 62.29 43.59
N MET DF 60 -94.57 63.61 43.40
CA MET DF 60 -95.49 64.38 42.60
C MET DF 60 -94.72 65.14 41.54
N LEU DF 61 -95.30 65.20 40.33
CA LEU DF 61 -94.77 66.00 39.24
C LEU DF 61 -95.88 66.86 38.68
N LEU DF 62 -95.65 68.18 38.66
CA LEU DF 62 -96.56 69.17 38.10
C LEU DF 62 -95.83 69.82 36.93
N THR DF 63 -96.42 69.71 35.74
CA THR DF 63 -95.83 70.26 34.52
C THR DF 63 -96.77 71.31 33.92
N ASP DF 64 -96.22 72.50 33.67
CA ASP DF 64 -96.97 73.60 33.06
C ASP DF 64 -96.26 74.02 31.79
N PRO DF 65 -96.79 73.66 30.63
CA PRO DF 65 -96.23 74.16 29.37
C PRO DF 65 -96.92 75.44 28.93
N VAL DF 66 -96.13 76.31 28.31
CA VAL DF 66 -96.57 77.61 27.80
C VAL DF 66 -96.01 77.78 26.39
N VAL DF 67 -96.78 78.41 25.54
CA VAL DF 67 -96.30 78.75 24.20
C VAL DF 67 -95.64 80.13 24.27
N VAL DF 68 -94.42 80.22 23.75
CA VAL DF 68 -93.61 81.43 23.75
C VAL DF 68 -93.20 81.75 22.33
N LYS DF 69 -93.03 83.03 22.04
CA LYS DF 69 -92.53 83.48 20.75
C LYS DF 69 -91.05 83.15 20.61
N ASP DF 70 -90.67 82.66 19.44
CA ASP DF 70 -89.28 82.41 19.13
C ASP DF 70 -88.54 83.74 18.89
N ALA DF 71 -87.21 83.69 18.97
CA ALA DF 71 -86.42 84.84 18.58
C ALA DF 71 -86.64 85.19 17.12
N SER DF 72 -86.89 84.18 16.28
CA SER DF 72 -87.30 84.40 14.91
C SER DF 72 -88.77 84.78 14.81
N GLY DF 73 -89.58 84.35 15.77
CA GLY DF 73 -91.01 84.61 15.77
C GLY DF 73 -91.88 83.37 15.75
N ALA DF 74 -91.31 82.20 15.50
CA ALA DF 74 -92.08 80.96 15.46
C ALA DF 74 -92.73 80.66 16.81
N ASP DF 75 -93.76 79.82 16.78
CA ASP DF 75 -94.42 79.37 17.98
C ASP DF 75 -93.65 78.20 18.57
N MET DF 76 -93.31 78.28 19.85
CA MET DF 76 -92.50 77.24 20.48
C MET DF 76 -93.07 76.92 21.85
N THR DF 77 -93.15 75.65 22.21
CA THR DF 77 -93.72 75.25 23.50
C THR DF 77 -92.60 74.94 24.49
N ILE DF 78 -92.72 75.50 25.69
CA ILE DF 78 -91.71 75.43 26.73
C ILE DF 78 -92.39 74.96 28.02
N LYS DF 79 -91.82 73.93 28.65
CA LYS DF 79 -92.39 73.37 29.87
C LYS DF 79 -91.58 73.84 31.08
N ALA DF 80 -92.29 74.04 32.19
CA ALA DF 80 -91.70 74.28 33.51
C ALA DF 80 -92.17 73.20 34.46
N ASN DF 81 -91.25 72.64 35.23
CA ASN DF 81 -91.54 71.47 36.05
C ASN DF 81 -91.40 71.81 37.53
N ALA DF 82 -92.25 71.21 38.35
CA ALA DF 82 -92.07 71.24 39.79
C ALA DF 82 -92.31 69.83 40.30
N SER DF 83 -91.42 69.37 41.19
CA SER DF 83 -91.52 68.00 41.67
C SER DF 83 -91.34 67.98 43.19
N VAL DF 84 -92.23 67.26 43.87
CA VAL DF 84 -92.18 67.12 45.32
C VAL DF 84 -91.96 65.66 45.63
N THR DF 85 -91.20 65.38 46.70
CA THR DF 85 -90.95 64.01 47.15
C THR DF 85 -91.00 63.98 48.68
N PHE DF 86 -91.91 63.17 49.21
CA PHE DF 86 -92.05 62.94 50.64
C PHE DF 86 -91.39 61.62 50.97
N SER DF 87 -90.35 61.67 51.81
CA SER DF 87 -89.73 60.46 52.36
C SER DF 87 -90.24 60.31 53.79
N LEU DF 88 -91.05 59.28 54.00
CA LEU DF 88 -91.77 59.07 55.25
C LEU DF 88 -91.42 57.70 55.80
N PRO DF 89 -90.65 57.64 56.89
CA PRO DF 89 -90.40 56.35 57.55
C PRO DF 89 -91.66 55.77 58.15
N LYS DF 90 -91.67 54.45 58.29
CA LYS DF 90 -92.85 53.74 58.73
C LYS DF 90 -92.97 53.68 60.24
N THR DF 91 -92.06 54.31 60.97
CA THR DF 91 -92.20 54.53 62.41
C THR DF 91 -92.60 55.97 62.72
N TYR DF 92 -92.74 56.80 61.69
CA TYR DF 92 -93.12 58.20 61.83
C TYR DF 92 -94.64 58.29 61.90
N PRO DF 93 -95.20 59.08 62.82
CA PRO DF 93 -96.66 59.12 62.98
C PRO DF 93 -97.38 59.95 61.92
N ASN DF 94 -98.56 59.45 61.54
CA ASN DF 94 -99.33 60.08 60.47
C ASN DF 94 -99.67 61.52 60.81
N GLU DF 95 -99.93 61.81 62.09
CA GLU DF 95 -100.18 63.19 62.49
C GLU DF 95 -99.06 64.11 62.06
N HIS DF 96 -97.82 63.75 62.40
CA HIS DF 96 -96.69 64.60 62.05
C HIS DF 96 -96.44 64.62 60.55
N ILE DF 97 -96.84 63.58 59.81
CA ILE DF 97 -96.79 63.68 58.36
C ILE DF 97 -97.73 64.80 57.85
N THR DF 98 -98.95 64.83 58.40
CA THR DF 98 -99.86 65.92 58.02
C THR DF 98 -99.28 67.28 58.39
N LYS DF 99 -98.71 67.37 59.60
CA LYS DF 99 -98.02 68.60 60.01
C LYS DF 99 -96.95 69.01 59.00
N LEU DF 100 -96.16 68.04 58.56
CA LEU DF 100 -95.11 68.30 57.58
C LEU DF 100 -95.68 68.84 56.27
N ARG DF 101 -96.71 68.19 55.75
CA ARG DF 101 -97.31 68.65 54.49
C ARG DF 101 -97.84 70.07 54.62
N GLN DF 102 -98.48 70.38 55.73
CA GLN DF 102 -99.03 71.72 55.89
C GLN DF 102 -97.93 72.76 56.03
N THR DF 103 -96.87 72.46 56.79
CA THR DF 103 -95.74 73.40 56.88
C THR DF 103 -95.11 73.62 55.51
N LEU DF 104 -95.08 72.59 54.67
CA LEU DF 104 -94.55 72.76 53.32
C LEU DF 104 -95.43 73.71 52.52
N ILE DF 105 -96.75 73.56 52.62
CA ILE DF 105 -97.65 74.49 51.94
C ILE DF 105 -97.39 75.92 52.40
N ALA DF 106 -97.27 76.11 53.72
CA ALA DF 106 -97.02 77.43 54.27
C ALA DF 106 -95.71 78.01 53.74
N TRP DF 107 -94.66 77.18 53.71
CA TRP DF 107 -93.37 77.64 53.20
C TRP DF 107 -93.45 78.04 51.73
N LEU DF 108 -94.14 77.23 50.92
CA LEU DF 108 -94.32 77.56 49.51
C LEU DF 108 -95.09 78.85 49.33
N GLY DF 109 -95.87 79.26 50.32
CA GLY DF 109 -96.51 80.55 50.31
C GLY DF 109 -95.59 81.73 50.57
N GLN DF 110 -94.48 81.50 51.28
CA GLN DF 110 -93.66 82.58 51.82
C GLN DF 110 -92.98 83.37 50.71
N GLN DF 111 -92.67 84.63 51.02
CA GLN DF 111 -91.98 85.47 50.04
C GLN DF 111 -90.54 85.04 49.86
N CYS DF 112 -89.88 84.56 50.93
CA CYS DF 112 -88.50 84.13 50.80
C CYS DF 112 -88.36 82.89 49.93
N VAL DF 113 -89.44 82.12 49.77
CA VAL DF 113 -89.46 81.05 48.79
C VAL DF 113 -89.93 81.56 47.43
N SER DF 114 -90.83 82.55 47.43
CA SER DF 114 -91.40 83.04 46.18
C SER DF 114 -90.37 83.76 45.32
N ASP DF 115 -89.55 84.63 45.93
CA ASP DF 115 -88.63 85.45 45.15
C ASP DF 115 -87.65 84.62 44.33
N PRO DF 116 -86.92 83.64 44.85
CA PRO DF 116 -86.06 82.84 43.98
C PRO DF 116 -86.82 82.02 42.95
N VAL DF 117 -87.92 81.38 43.36
CA VAL DF 117 -88.69 80.56 42.44
C VAL DF 117 -89.30 81.44 41.34
N ASP DF 118 -90.11 82.42 41.74
CA ASP DF 118 -90.90 83.16 40.75
C ASP DF 118 -90.03 84.05 39.87
N SER DF 119 -89.05 84.73 40.45
CA SER DF 119 -88.31 85.76 39.72
C SER DF 119 -86.82 85.52 39.63
N GLY DF 120 -86.26 84.59 40.40
CA GLY DF 120 -84.84 84.32 40.35
C GLY DF 120 -84.00 85.14 41.31
N LEU DF 121 -84.59 86.07 42.04
CA LEU DF 121 -83.84 86.86 43.00
C LEU DF 121 -83.54 86.01 44.24
N ASN DF 122 -82.28 86.03 44.68
CA ASN DF 122 -81.94 85.39 45.93
C ASN DF 122 -82.22 86.33 47.11
N ASN DF 123 -82.40 85.72 48.28
CA ASN DF 123 -82.61 86.53 49.48
C ASN DF 123 -81.27 86.91 50.09
N TYR DF 124 -81.31 87.95 50.93
CA TYR DF 124 -80.08 88.48 51.50
C TYR DF 124 -80.23 88.83 52.99
N MET EF 1 -117.35 43.50 42.89
CA MET EF 1 -118.17 44.47 43.62
C MET EF 1 -117.50 45.84 43.60
N ARG EF 2 -118.28 46.88 43.91
CA ARG EF 2 -117.75 48.23 44.05
C ARG EF 2 -117.20 48.40 45.47
N LEU EF 3 -115.88 48.50 45.58
CA LEU EF 3 -115.23 48.55 46.88
C LEU EF 3 -115.70 49.74 47.71
N THR EF 4 -116.06 49.45 48.95
CA THR EF 4 -116.43 50.44 49.93
C THR EF 4 -115.74 50.08 51.23
N ASP EF 5 -115.44 51.10 52.04
CA ASP EF 5 -114.84 50.84 53.35
C ASP EF 5 -115.69 49.83 54.11
N VAL EF 6 -115.04 48.98 54.89
CA VAL EF 6 -115.69 47.81 55.46
C VAL EF 6 -115.59 47.89 56.97
N ASP EF 7 -116.66 47.47 57.64
CA ASP EF 7 -116.65 47.35 59.09
C ASP EF 7 -117.00 45.92 59.48
N LEU EF 8 -116.09 45.28 60.21
CA LEU EF 8 -116.19 43.89 60.57
C LEU EF 8 -116.54 43.78 62.05
N THR EF 9 -117.49 42.91 62.34
CA THR EF 9 -117.84 42.61 63.72
C THR EF 9 -116.95 41.45 64.17
N VAL EF 10 -116.03 41.72 65.08
CA VAL EF 10 -115.01 40.79 65.50
C VAL EF 10 -115.23 40.49 66.98
N GLY EF 11 -115.85 39.36 67.27
CA GLY EF 11 -116.22 39.05 68.63
C GLY EF 11 -117.14 40.11 69.18
N GLU EF 12 -116.68 40.89 70.14
CA GLU EF 12 -117.48 41.95 70.73
C GLU EF 12 -116.95 43.33 70.38
N GLU EF 13 -116.13 43.43 69.35
CA GLU EF 13 -115.53 44.69 68.94
C GLU EF 13 -115.86 44.91 67.47
N THR EF 14 -115.60 46.13 66.99
CA THR EF 14 -115.80 46.43 65.58
C THR EF 14 -114.51 46.98 65.00
N ARG EF 15 -113.97 46.28 64.00
CA ARG EF 15 -112.80 46.73 63.26
C ARG EF 15 -113.27 47.50 62.03
N GLU EF 16 -112.55 48.57 61.69
CA GLU EF 16 -112.97 49.46 60.61
C GLU EF 16 -111.84 49.67 59.63
N TYR EF 17 -111.98 49.11 58.43
CA TYR EF 17 -110.96 49.16 57.40
C TYR EF 17 -111.39 50.12 56.30
N ALA EF 18 -110.38 50.78 55.72
CA ALA EF 18 -110.56 51.70 54.60
C ALA EF 18 -109.78 51.20 53.38
N VAL EF 19 -110.36 51.40 52.20
CA VAL EF 19 -109.70 50.99 50.96
C VAL EF 19 -108.39 51.74 50.82
N SER EF 20 -107.30 51.01 50.61
CA SER EF 20 -105.98 51.60 50.46
C SER EF 20 -105.38 51.45 49.07
N GLU EF 21 -105.71 50.39 48.33
CA GLU EF 21 -105.40 50.42 46.90
C GLU EF 21 -106.25 49.42 46.15
N GLN EF 22 -106.51 49.74 44.88
CA GLN EF 22 -107.27 48.89 43.98
C GLN EF 22 -106.52 48.81 42.65
N GLN EF 23 -106.08 47.61 42.29
CA GLN EF 23 -105.47 47.37 41.00
C GLN EF 23 -106.43 46.57 40.14
N GLY EF 24 -105.92 45.94 39.10
CA GLY EF 24 -106.76 45.13 38.24
C GLY EF 24 -107.33 43.96 39.02
N THR EF 25 -106.44 43.11 39.54
CA THR EF 25 -106.81 41.87 40.21
C THR EF 25 -106.48 41.89 41.70
N LEU EF 26 -106.04 43.04 42.22
CA LEU EF 26 -105.57 43.14 43.59
C LEU EF 26 -106.23 44.31 44.30
N PHE EF 27 -106.52 44.14 45.58
CA PHE EF 27 -106.99 45.23 46.43
C PHE EF 27 -106.39 45.11 47.82
N ARG EF 28 -106.45 46.21 48.55
CA ARG EF 28 -105.85 46.30 49.87
C ARG EF 28 -106.64 47.28 50.73
N PHE EF 29 -107.08 46.80 51.89
CA PHE EF 29 -107.70 47.57 52.95
C PHE EF 29 -106.70 47.78 54.10
N VAL EF 30 -107.01 48.77 54.92
CA VAL EF 30 -106.12 49.20 55.99
C VAL EF 30 -106.95 49.55 57.23
N ASP EF 31 -106.48 49.12 58.41
CA ASP EF 31 -107.20 49.41 59.65
C ASP EF 31 -107.21 50.91 59.93
N LYS EF 32 -108.42 51.49 59.97
CA LYS EF 32 -108.53 52.93 60.17
C LYS EF 32 -107.93 53.37 61.49
N SER EF 33 -107.97 52.50 62.50
CA SER EF 33 -107.50 52.80 63.84
C SER EF 33 -105.98 52.90 63.93
N GLY EF 34 -105.27 52.83 62.82
CA GLY EF 34 -103.82 52.87 62.86
C GLY EF 34 -103.30 54.30 63.00
N THR EF 35 -102.32 54.48 63.88
CA THR EF 35 -101.67 55.77 64.08
C THR EF 35 -100.40 55.91 63.28
N VAL EF 36 -99.64 54.83 63.15
CA VAL EF 36 -98.38 54.82 62.42
C VAL EF 36 -98.47 53.70 61.38
N ALA EF 37 -97.61 53.79 60.37
CA ALA EF 37 -97.52 52.74 59.37
C ALA EF 37 -97.31 51.37 60.02
N ASN EF 38 -96.32 51.27 60.93
CA ASN EF 38 -96.06 50.01 61.60
C ASN EF 38 -97.17 49.64 62.58
N ASN EF 39 -97.82 50.63 63.17
CA ASN EF 39 -98.98 50.38 64.02
C ASN EF 39 -100.13 49.74 63.23
N THR EF 40 -100.19 49.99 61.93
CA THR EF 40 -101.41 49.79 61.16
C THR EF 40 -101.53 48.37 60.61
N GLY EF 41 -102.64 47.70 60.94
CA GLY EF 41 -102.95 46.42 60.34
C GLY EF 41 -103.47 46.57 58.92
N VAL EF 42 -103.30 45.52 58.13
CA VAL EF 42 -103.66 45.56 56.72
C VAL EF 42 -104.25 44.23 56.27
N PHE EF 43 -104.98 44.30 55.16
CA PHE EF 43 -105.56 43.11 54.54
C PHE EF 43 -105.51 43.28 53.03
N SER EF 44 -105.00 42.27 52.35
CA SER EF 44 -104.81 42.34 50.91
C SER EF 44 -105.30 41.05 50.26
N LEU EF 45 -105.81 41.19 49.04
CA LEU EF 45 -106.30 40.05 48.27
C LEU EF 45 -105.94 40.23 46.80
N GLU EF 46 -105.58 39.12 46.16
CA GLU EF 46 -105.17 39.10 44.76
C GLU EF 46 -105.64 37.83 44.11
N GLN EF 47 -106.20 37.95 42.91
CA GLN EF 47 -106.57 36.79 42.11
C GLN EF 47 -105.64 36.64 40.93
N ARG EF 48 -105.22 35.41 40.69
CA ARG EF 48 -104.35 35.04 39.58
C ARG EF 48 -105.12 34.02 38.75
N PHE EF 49 -105.71 34.48 37.67
CA PHE EF 49 -106.45 33.65 36.74
C PHE EF 49 -105.47 32.99 35.78
N GLY EF 50 -105.48 31.66 35.71
CA GLY EF 50 -104.54 30.93 34.89
C GLY EF 50 -105.07 30.66 33.48
N ALA EF 51 -104.31 29.85 32.75
CA ALA EF 51 -104.79 29.36 31.46
C ALA EF 51 -105.93 28.38 31.69
N ALA EF 52 -106.52 27.89 30.58
CA ALA EF 52 -107.68 27.02 30.70
C ALA EF 52 -107.33 25.68 31.34
N ASN EF 53 -106.08 25.24 31.21
CA ASN EF 53 -105.63 24.02 31.88
C ASN EF 53 -105.24 24.28 33.34
N SER EF 54 -105.13 25.54 33.73
CA SER EF 54 -104.74 25.89 35.09
C SER EF 54 -105.96 26.10 35.98
N ASN EF 55 -105.70 26.18 37.27
CA ASN EF 55 -106.69 26.58 38.25
C ASN EF 55 -106.47 28.05 38.58
N ARG EF 56 -107.55 28.80 38.73
CA ARG EF 56 -107.37 30.16 39.22
C ARG EF 56 -107.07 30.09 40.72
N LYS EF 57 -106.27 31.04 41.18
CA LYS EF 57 -105.85 31.07 42.57
C LYS EF 57 -106.17 32.43 43.17
N VAL EF 58 -106.74 32.43 44.37
CA VAL EF 58 -107.02 33.67 45.09
C VAL EF 58 -106.26 33.61 46.40
N THR EF 59 -105.51 34.67 46.70
CA THR EF 59 -104.70 34.70 47.91
C THR EF 59 -105.04 35.95 48.72
N MET EF 60 -105.02 35.79 50.04
CA MET EF 60 -105.28 36.85 50.98
C MET EF 60 -104.22 36.83 52.06
N LEU EF 61 -103.80 38.03 52.44
CA LEU EF 61 -102.88 38.22 53.56
C LEU EF 61 -103.48 39.23 54.54
N LEU EF 62 -103.52 38.82 55.81
CA LEU EF 62 -104.00 39.64 56.92
C LEU EF 62 -102.84 39.83 57.88
N THR EF 63 -102.46 41.08 58.13
CA THR EF 63 -101.35 41.42 59.00
C THR EF 63 -101.86 42.28 60.16
N ASP EF 64 -101.58 41.82 61.39
CA ASP EF 64 -102.02 42.50 62.61
C ASP EF 64 -100.81 42.74 63.51
N PRO EF 65 -100.20 43.91 63.43
CA PRO EF 65 -99.10 44.25 64.34
C PRO EF 65 -99.60 44.75 65.69
N VAL EF 66 -98.77 44.55 66.72
CA VAL EF 66 -99.05 44.97 68.09
C VAL EF 66 -97.75 45.53 68.69
N VAL EF 67 -97.90 46.47 69.63
CA VAL EF 67 -96.73 47.06 70.29
C VAL EF 67 -96.44 46.32 71.59
N VAL EF 68 -95.19 45.89 71.75
CA VAL EF 68 -94.73 45.21 72.97
C VAL EF 68 -93.58 45.97 73.58
N MET EF 76 -90.98 47.99 70.84
CA MET EF 76 -90.97 47.15 69.65
C MET EF 76 -92.38 46.78 69.18
N THR EF 77 -92.57 46.68 67.86
CA THR EF 77 -93.83 46.24 67.27
C THR EF 77 -93.63 44.90 66.57
N ILE EF 78 -94.52 43.96 66.86
CA ILE EF 78 -94.44 42.57 66.43
C ILE EF 78 -95.63 42.29 65.53
N LYS EF 79 -95.38 41.66 64.38
CA LYS EF 79 -96.41 41.41 63.38
C LYS EF 79 -96.74 39.93 63.28
N ALA EF 80 -98.03 39.60 63.21
CA ALA EF 80 -98.51 38.25 62.99
C ALA EF 80 -99.35 38.20 61.73
N ASN EF 81 -99.22 37.12 60.97
CA ASN EF 81 -99.83 37.01 59.65
C ASN EF 81 -100.76 35.82 59.58
N ALA EF 82 -101.88 36.01 58.89
CA ALA EF 82 -102.72 34.92 58.42
C ALA EF 82 -102.79 35.01 56.91
N SER EF 83 -102.65 33.87 56.24
CA SER EF 83 -102.69 33.87 54.78
C SER EF 83 -103.58 32.73 54.31
N VAL EF 84 -104.56 33.06 53.48
CA VAL EF 84 -105.48 32.08 52.91
C VAL EF 84 -105.24 32.02 51.42
N THR EF 85 -105.36 30.81 50.85
CA THR EF 85 -105.21 30.61 49.41
C THR EF 85 -106.24 29.61 48.93
N PHE EF 86 -107.06 30.02 47.97
CA PHE EF 86 -108.09 29.19 47.36
C PHE EF 86 -107.59 28.78 45.98
N SER EF 87 -107.41 27.47 45.78
CA SER EF 87 -107.08 26.92 44.46
C SER EF 87 -108.36 26.32 43.90
N LEU EF 88 -108.86 26.94 42.83
CA LEU EF 88 -110.18 26.63 42.28
C LEU EF 88 -110.05 26.27 40.81
N PRO EF 89 -110.29 25.02 40.44
CA PRO EF 89 -110.33 24.66 39.02
C PRO EF 89 -111.52 25.30 38.34
N LYS EF 90 -111.37 25.60 37.05
CA LYS EF 90 -112.40 26.35 36.36
C LYS EF 90 -113.67 25.52 36.19
N THR EF 91 -113.53 24.24 35.88
CA THR EF 91 -114.69 23.36 35.74
C THR EF 91 -115.47 23.18 37.04
N TYR EF 92 -114.85 23.51 38.17
CA TYR EF 92 -115.49 23.33 39.48
C TYR EF 92 -116.64 24.34 39.63
N PRO EF 93 -117.80 23.94 40.15
CA PRO EF 93 -118.98 24.82 40.12
C PRO EF 93 -118.98 25.89 41.20
N ASN EF 94 -119.41 27.10 40.79
CA ASN EF 94 -119.39 28.25 41.68
C ASN EF 94 -120.17 27.99 42.96
N GLU EF 95 -121.25 27.23 42.89
CA GLU EF 95 -122.03 26.92 44.08
C GLU EF 95 -121.18 26.18 45.11
N HIS EF 96 -120.52 25.10 44.68
CA HIS EF 96 -119.64 24.37 45.60
C HIS EF 96 -118.46 25.20 46.09
N ILE EF 97 -118.03 26.21 45.32
CA ILE EF 97 -117.01 27.12 45.84
C ILE EF 97 -117.55 27.93 47.03
N THR EF 98 -118.75 28.51 46.86
CA THR EF 98 -119.36 29.23 47.98
C THR EF 98 -119.45 28.32 49.20
N LYS EF 99 -119.85 27.07 48.98
CA LYS EF 99 -119.86 26.07 50.06
C LYS EF 99 -118.51 25.95 50.73
N LEU EF 100 -117.45 25.76 49.93
CA LEU EF 100 -116.11 25.61 50.48
C LEU EF 100 -115.73 26.78 51.38
N ARG EF 101 -115.94 28.01 50.89
CA ARG EF 101 -115.61 29.19 51.67
C ARG EF 101 -116.35 29.19 53.01
N GLN EF 102 -117.66 28.91 52.98
CA GLN EF 102 -118.44 28.95 54.20
C GLN EF 102 -117.97 27.89 55.20
N THR EF 103 -117.63 26.69 54.72
CA THR EF 103 -117.16 25.65 55.64
C THR EF 103 -115.79 26.00 56.22
N LEU EF 104 -114.95 26.71 55.46
CA LEU EF 104 -113.70 27.18 56.06
C LEU EF 104 -113.96 28.15 57.19
N ILE EF 105 -114.92 29.07 56.99
CA ILE EF 105 -115.31 29.97 58.09
C ILE EF 105 -115.73 29.16 59.31
N ALA EF 106 -116.61 28.18 59.09
CA ALA EF 106 -117.10 27.35 60.19
C ALA EF 106 -115.95 26.65 60.91
N TRP EF 107 -115.00 26.12 60.15
CA TRP EF 107 -113.85 25.44 60.75
C TRP EF 107 -113.04 26.38 61.61
N LEU EF 108 -112.72 27.57 61.06
CA LEU EF 108 -111.98 28.58 61.81
C LEU EF 108 -112.70 29.00 63.07
N GLY EF 109 -114.01 28.75 63.17
CA GLY EF 109 -114.73 28.94 64.41
C GLY EF 109 -114.44 27.94 65.52
N GLN EF 110 -114.11 26.70 65.16
CA GLN EF 110 -114.15 25.58 66.09
C GLN EF 110 -113.00 25.62 67.09
N GLN EF 111 -113.20 24.91 68.21
CA GLN EF 111 -112.19 24.86 69.26
C GLN EF 111 -110.94 24.13 68.79
N CYS EF 112 -111.11 23.03 68.06
CA CYS EF 112 -109.96 22.26 67.60
C CYS EF 112 -109.04 23.09 66.72
N VAL EF 113 -109.52 24.21 66.18
CA VAL EF 113 -108.70 25.15 65.43
C VAL EF 113 -108.22 26.29 66.31
N SER EF 114 -109.09 26.81 67.20
CA SER EF 114 -108.69 27.95 68.00
C SER EF 114 -107.60 27.58 69.00
N ASP EF 115 -107.69 26.40 69.62
CA ASP EF 115 -106.72 26.01 70.63
C ASP EF 115 -105.26 26.02 70.11
N PRO EF 116 -104.96 25.42 68.95
CA PRO EF 116 -103.57 25.57 68.46
C PRO EF 116 -103.26 26.97 67.94
N VAL EF 117 -104.16 27.59 67.19
CA VAL EF 117 -103.89 28.93 66.68
C VAL EF 117 -103.74 29.92 67.82
N ASP EF 118 -104.78 30.05 68.66
CA ASP EF 118 -104.80 31.11 69.66
C ASP EF 118 -103.70 30.90 70.71
N SER EF 119 -103.67 29.73 71.34
CA SER EF 119 -102.80 29.51 72.49
C SER EF 119 -101.73 28.46 72.29
N GLY EF 120 -101.75 27.71 71.19
CA GLY EF 120 -100.74 26.70 70.94
C GLY EF 120 -101.03 25.33 71.50
N LEU EF 121 -102.22 25.10 72.06
CA LEU EF 121 -102.61 23.78 72.53
C LEU EF 121 -102.91 22.88 71.33
N ASN EF 122 -102.21 21.75 71.23
CA ASN EF 122 -102.60 20.78 70.22
C ASN EF 122 -103.75 19.92 70.74
N ASN EF 123 -104.42 19.27 69.81
CA ASN EF 123 -105.55 18.42 70.19
C ASN EF 123 -105.07 17.01 70.45
N TYR EF 124 -105.74 16.37 71.39
CA TYR EF 124 -105.31 15.05 71.86
C TYR EF 124 -106.49 14.14 72.07
N MET FF 1 -113.82 58.53 32.54
CA MET FF 1 -115.11 58.11 33.07
C MET FF 1 -114.91 57.24 34.29
N ARG FF 2 -115.77 57.42 35.30
CA ARG FF 2 -115.80 56.52 36.46
C ARG FF 2 -116.45 55.19 36.05
N LEU FF 3 -115.64 54.16 35.91
CA LEU FF 3 -116.14 52.91 35.38
C LEU FF 3 -117.14 52.27 36.32
N THR FF 4 -118.30 51.89 35.77
CA THR FF 4 -119.28 51.08 36.47
C THR FF 4 -119.90 50.13 35.47
N ASP FF 5 -120.58 49.11 36.01
CA ASP FF 5 -121.26 48.12 35.18
C ASP FF 5 -122.15 48.84 34.17
N VAL FF 6 -122.31 48.22 32.99
CA VAL FF 6 -123.15 48.80 31.95
C VAL FF 6 -124.11 47.75 31.42
N ASP FF 7 -125.21 48.24 30.87
CA ASP FF 7 -126.19 47.42 30.17
C ASP FF 7 -126.35 47.98 28.77
N LEU FF 8 -126.27 47.10 27.78
CA LEU FF 8 -126.31 47.46 26.38
C LEU FF 8 -127.63 47.04 25.77
N THR FF 9 -128.17 47.90 24.92
CA THR FF 9 -129.36 47.58 24.15
C THR FF 9 -128.90 46.98 22.83
N VAL FF 10 -129.24 45.70 22.60
CA VAL FF 10 -128.75 44.95 21.45
C VAL FF 10 -129.95 44.45 20.67
N GLY FF 11 -130.29 45.14 19.60
CA GLY FF 11 -131.49 44.80 18.87
C GLY FF 11 -132.70 44.85 19.76
N GLU FF 12 -133.30 43.68 20.02
CA GLU FF 12 -134.48 43.60 20.86
C GLU FF 12 -134.21 42.82 22.15
N GLU FF 13 -132.96 42.79 22.59
CA GLU FF 13 -132.61 42.17 23.86
C GLU FF 13 -131.72 43.14 24.64
N THR FF 14 -131.53 42.84 25.91
CA THR FF 14 -130.66 43.63 26.77
C THR FF 14 -129.53 42.77 27.28
N ARG FF 15 -128.31 43.26 27.11
CA ARG FF 15 -127.09 42.54 27.45
C ARG FF 15 -126.46 43.22 28.65
N GLU FF 16 -126.18 42.46 29.71
CA GLU FF 16 -125.71 43.03 30.96
C GLU FF 16 -124.26 42.64 31.20
N TYR FF 17 -123.37 43.63 31.24
CA TYR FF 17 -121.98 43.39 31.55
C TYR FF 17 -121.66 43.92 32.94
N ALA FF 18 -120.59 43.39 33.53
CA ALA FF 18 -120.09 43.81 34.83
C ALA FF 18 -118.59 44.00 34.75
N VAL FF 19 -118.10 45.02 35.46
CA VAL FF 19 -116.67 45.30 35.45
C VAL FF 19 -115.94 44.11 36.05
N SER FF 20 -114.99 43.56 35.28
CA SER FF 20 -114.17 42.45 35.75
C SER FF 20 -112.75 42.85 36.12
N GLU FF 21 -112.20 43.90 35.52
CA GLU FF 21 -110.98 44.50 36.05
C GLU FF 21 -110.80 45.90 35.47
N GLN FF 22 -110.12 46.75 36.24
CA GLN FF 22 -109.79 48.09 35.79
C GLN FF 22 -108.34 48.39 36.15
N GLN FF 23 -107.52 48.65 35.14
CA GLN FF 23 -106.13 49.08 35.30
C GLN FF 23 -105.98 50.49 34.76
N GLY FF 24 -104.74 50.97 34.77
CA GLY FF 24 -104.49 52.35 34.40
C GLY FF 24 -104.90 52.67 32.98
N THR FF 25 -104.49 51.81 32.04
CA THR FF 25 -104.78 52.00 30.62
C THR FF 25 -105.66 50.89 30.04
N LEU FF 26 -106.15 49.98 30.88
CA LEU FF 26 -106.89 48.81 30.43
C LEU FF 26 -108.09 48.57 31.32
N PHE FF 27 -109.17 48.06 30.72
CA PHE FF 27 -110.32 47.60 31.50
C PHE FF 27 -110.97 46.42 30.80
N ARG FF 28 -111.74 45.67 31.57
CA ARG FF 28 -112.39 44.45 31.11
C ARG FF 28 -113.75 44.29 31.78
N PHE FF 29 -114.78 44.08 30.94
CA PHE FF 29 -116.13 43.70 31.33
C PHE FF 29 -116.40 42.24 30.99
N VAL FF 30 -117.32 41.64 31.73
CA VAL FF 30 -117.75 40.26 31.53
C VAL FF 30 -119.28 40.22 31.48
N ASP FF 31 -119.83 39.39 30.58
CA ASP FF 31 -121.27 39.22 30.47
C ASP FF 31 -121.82 38.55 31.72
N LYS FF 32 -122.79 39.21 32.37
CA LYS FF 32 -123.31 38.76 33.65
C LYS FF 32 -124.00 37.39 33.56
N SER FF 33 -124.34 36.93 32.36
CA SER FF 33 -125.00 35.65 32.19
C SER FF 33 -124.05 34.46 32.23
N GLY FF 34 -122.79 34.66 32.64
CA GLY FF 34 -121.76 33.66 32.48
C GLY FF 34 -121.11 33.21 33.78
N THR FF 35 -120.33 32.13 33.66
CA THR FF 35 -119.57 31.53 34.75
C THR FF 35 -118.11 31.41 34.30
N VAL FF 36 -117.20 31.22 35.27
CA VAL FF 36 -115.85 30.83 34.90
C VAL FF 36 -115.88 29.56 34.05
N ALA FF 37 -116.74 28.61 34.45
CA ALA FF 37 -116.84 27.35 33.72
C ALA FF 37 -117.42 27.57 32.33
N ASN FF 38 -118.56 28.25 32.25
CA ASN FF 38 -119.21 28.53 30.98
C ASN FF 38 -119.27 30.04 30.78
N ASN FF 39 -118.30 30.58 30.05
CA ASN FF 39 -118.27 32.00 29.77
C ASN FF 39 -119.15 32.32 28.58
N THR FF 40 -119.73 33.52 28.60
CA THR FF 40 -120.71 33.92 27.60
C THR FF 40 -120.34 35.19 26.85
N GLY FF 41 -119.35 35.95 27.33
CA GLY FF 41 -118.96 37.16 26.64
C GLY FF 41 -117.96 37.96 27.44
N VAL FF 42 -117.00 38.57 26.75
CA VAL FF 42 -116.03 39.45 27.40
C VAL FF 42 -115.76 40.62 26.47
N PHE FF 43 -115.47 41.76 27.08
CA PHE FF 43 -115.06 42.96 26.35
C PHE FF 43 -113.87 43.56 27.07
N SER FF 44 -112.87 43.98 26.29
CA SER FF 44 -111.67 44.55 26.87
C SER FF 44 -111.19 45.70 26.01
N LEU FF 45 -110.61 46.71 26.65
CA LEU FF 45 -110.11 47.88 25.94
C LEU FF 45 -108.82 48.37 26.59
N GLU FF 46 -107.86 48.75 25.76
CA GLU FF 46 -106.57 49.24 26.22
C GLU FF 46 -106.13 50.41 25.36
N GLN FF 47 -105.56 51.44 25.98
CA GLN FF 47 -104.94 52.54 25.25
C GLN FF 47 -103.44 52.50 25.45
N ARG FF 48 -102.71 52.50 24.35
CA ARG FF 48 -101.26 52.75 24.35
C ARG FF 48 -101.07 54.17 23.85
N PHE FF 49 -100.95 55.10 24.79
CA PHE FF 49 -100.59 56.46 24.46
C PHE FF 49 -99.15 56.48 24.01
N GLY FF 50 -98.92 56.83 22.75
CA GLY FF 50 -97.62 56.68 22.16
C GLY FF 50 -96.63 57.75 22.59
N ALA FF 51 -95.39 57.58 22.12
CA ALA FF 51 -94.38 58.62 22.27
C ALA FF 51 -94.84 59.90 21.58
N ALA FF 52 -94.17 61.01 21.93
CA ALA FF 52 -94.63 62.31 21.45
C ALA FF 52 -94.64 62.41 19.93
N ASN FF 53 -93.83 61.59 19.25
CA ASN FF 53 -93.84 61.58 17.79
C ASN FF 53 -94.91 60.66 17.22
N SER FF 54 -95.25 59.59 17.94
CA SER FF 54 -96.13 58.56 17.41
C SER FF 54 -97.60 58.89 17.67
N ASN FF 55 -98.47 58.15 17.00
CA ASN FF 55 -99.89 58.19 17.26
C ASN FF 55 -100.22 57.37 18.50
N ARG FF 56 -101.33 57.73 19.15
CA ARG FF 56 -101.81 56.87 20.22
C ARG FF 56 -102.77 55.85 19.64
N LYS FF 57 -102.80 54.68 20.26
CA LYS FF 57 -103.60 53.57 19.79
C LYS FF 57 -104.60 53.17 20.87
N VAL FF 58 -105.83 52.87 20.46
CA VAL FF 58 -106.83 52.30 21.35
C VAL FF 58 -107.34 51.02 20.71
N THR FF 59 -107.32 49.93 21.47
CA THR FF 59 -107.72 48.65 20.94
C THR FF 59 -108.80 48.04 21.83
N MET FF 60 -109.76 47.39 21.18
CA MET FF 60 -110.88 46.72 21.84
C MET FF 60 -111.02 45.31 21.28
N LEU FF 61 -111.31 44.39 22.19
CA LEU FF 61 -111.60 43.00 21.83
C LEU FF 61 -112.92 42.59 22.46
N LEU FF 62 -113.84 42.14 21.62
CA LEU FF 62 -115.12 41.59 22.04
C LEU FF 62 -115.13 40.11 21.67
N THR FF 63 -115.37 39.25 22.66
CA THR FF 63 -115.37 37.81 22.43
C THR FF 63 -116.70 37.23 22.90
N ASP FF 64 -117.38 36.54 21.98
CA ASP FF 64 -118.64 35.85 22.29
C ASP FF 64 -118.44 34.37 22.04
N PRO FF 65 -118.38 33.58 23.09
CA PRO FF 65 -118.34 32.12 22.93
C PRO FF 65 -119.73 31.51 23.00
N VAL FF 66 -119.89 30.43 22.23
CA VAL FF 66 -121.14 29.68 22.13
C VAL FF 66 -120.82 28.19 22.19
N VAL FF 67 -121.70 27.44 22.81
CA VAL FF 67 -121.57 25.99 22.83
C VAL FF 67 -122.25 25.43 21.59
N VAL FF 68 -121.62 24.45 20.96
CA VAL FF 68 -122.10 23.83 19.73
C VAL FF 68 -121.89 22.33 19.86
N LYS FF 69 -122.89 21.55 19.47
CA LYS FF 69 -122.73 20.10 19.44
C LYS FF 69 -121.77 19.73 18.32
N ASP FF 70 -121.00 18.67 18.56
CA ASP FF 70 -120.01 18.18 17.61
C ASP FF 70 -120.62 17.09 16.74
N ALA FF 71 -119.93 16.78 15.64
CA ALA FF 71 -120.32 15.64 14.83
C ALA FF 71 -120.28 14.36 15.65
N SER FF 72 -119.34 14.26 16.60
CA SER FF 72 -119.29 13.17 17.55
C SER FF 72 -120.34 13.28 18.65
N GLY FF 73 -121.12 14.35 18.67
CA GLY FF 73 -122.07 14.62 19.72
C GLY FF 73 -121.52 15.39 20.90
N ALA FF 74 -120.20 15.32 21.13
CA ALA FF 74 -119.58 16.01 22.25
C ALA FF 74 -119.86 17.51 22.20
N ASP FF 75 -119.95 18.11 23.37
CA ASP FF 75 -120.18 19.55 23.46
C ASP FF 75 -118.86 20.29 23.31
N MET FF 76 -118.86 21.33 22.48
CA MET FF 76 -117.65 22.03 22.06
C MET FF 76 -117.89 23.53 22.14
N THR FF 77 -117.03 24.25 22.84
CA THR FF 77 -117.19 25.69 23.00
C THR FF 77 -116.35 26.41 21.94
N ILE FF 78 -116.99 27.33 21.23
CA ILE FF 78 -116.41 28.01 20.06
C ILE FF 78 -116.53 29.51 20.28
N LYS FF 79 -115.43 30.23 20.03
CA LYS FF 79 -115.40 31.67 20.22
C LYS FF 79 -115.38 32.39 18.88
N ALA FF 80 -116.12 33.51 18.81
CA ALA FF 80 -116.05 34.45 17.69
C ALA FF 80 -115.57 35.80 18.24
N ASN FF 81 -114.68 36.44 17.49
CA ASN FF 81 -114.03 37.64 17.99
C ASN FF 81 -114.26 38.82 17.07
N ALA FF 82 -114.37 40.00 17.67
CA ALA FF 82 -114.36 41.26 16.94
C ALA FF 82 -113.32 42.15 17.61
N SER FF 83 -112.48 42.79 16.81
CA SER FF 83 -111.44 43.64 17.34
C SER FF 83 -111.43 44.96 16.60
N VAL FF 84 -111.42 46.05 17.35
CA VAL FF 84 -111.41 47.40 16.79
C VAL FF 84 -110.13 48.09 17.26
N THR FF 85 -109.52 48.86 16.36
CA THR FF 85 -108.30 49.61 16.71
C THR FF 85 -108.38 51.00 16.10
N PHE FF 86 -108.25 52.01 16.96
CA PHE FF 86 -108.22 53.41 16.56
C PHE FF 86 -106.77 53.88 16.62
N SER FF 87 -106.24 54.31 15.48
CA SER FF 87 -104.94 54.97 15.41
C SER FF 87 -105.22 56.45 15.25
N LEU FF 88 -104.89 57.21 16.30
CA LEU FF 88 -105.23 58.62 16.38
C LEU FF 88 -103.95 59.43 16.59
N PRO FF 89 -103.54 60.20 15.58
CA PRO FF 89 -102.39 61.10 15.76
C PRO FF 89 -102.70 62.19 16.77
N LYS FF 90 -101.65 62.69 17.42
CA LYS FF 90 -101.85 63.69 18.47
C LYS FF 90 -102.45 64.97 17.90
N THR FF 91 -101.95 65.43 16.75
CA THR FF 91 -102.40 66.69 16.16
C THR FF 91 -103.83 66.61 15.63
N TYR FF 92 -104.39 65.41 15.53
CA TYR FF 92 -105.76 65.25 15.06
C TYR FF 92 -106.74 65.77 16.11
N PRO FF 93 -107.75 66.55 15.73
CA PRO FF 93 -108.63 67.17 16.75
C PRO FF 93 -109.68 66.22 17.32
N ASN FF 94 -109.87 66.34 18.64
CA ASN FF 94 -110.80 65.47 19.35
C ASN FF 94 -112.18 65.45 18.70
N GLU FF 95 -112.61 66.58 18.14
CA GLU FF 95 -113.91 66.66 17.48
C GLU FF 95 -114.00 65.67 16.33
N HIS FF 96 -113.06 65.74 15.38
CA HIS FF 96 -113.08 64.81 14.25
C HIS FF 96 -112.85 63.37 14.69
N ILE FF 97 -112.21 63.14 15.84
CA ILE FF 97 -112.14 61.78 16.38
C ILE FF 97 -113.55 61.25 16.71
N THR FF 98 -114.33 62.05 17.47
CA THR FF 98 -115.70 61.61 17.79
C THR FF 98 -116.48 61.37 16.50
N LYS FF 99 -116.27 62.24 15.50
CA LYS FF 99 -116.88 62.03 14.19
C LYS FF 99 -116.54 60.66 13.61
N LEU FF 100 -115.24 60.32 13.64
CA LEU FF 100 -114.79 59.02 13.13
C LEU FF 100 -115.49 57.87 13.85
N ARG FF 101 -115.53 57.92 15.19
CA ARG FF 101 -116.15 56.83 15.95
C ARG FF 101 -117.63 56.68 15.57
N GLN FF 102 -118.35 57.79 15.46
CA GLN FF 102 -119.77 57.71 15.16
C GLN FF 102 -120.01 57.18 13.74
N THR FF 103 -119.21 57.63 12.76
CA THR FF 103 -119.35 57.08 11.41
C THR FF 103 -119.05 55.59 11.38
N LEU FF 104 -118.13 55.12 12.23
CA LEU FF 104 -117.88 53.68 12.29
C LEU FF 104 -119.10 52.93 12.82
N ILE FF 105 -119.73 53.46 13.87
CA ILE FF 105 -120.97 52.85 14.35
C ILE FF 105 -122.00 52.78 13.23
N ALA FF 106 -122.17 53.89 12.51
CA ALA FF 106 -123.14 53.94 11.41
C ALA FF 106 -122.83 52.86 10.38
N TRP FF 107 -121.57 52.76 9.98
CA TRP FF 107 -121.18 51.76 9.00
C TRP FF 107 -121.48 50.36 9.49
N LEU FF 108 -121.14 50.06 10.75
CA LEU FF 108 -121.38 48.74 11.31
C LEU FF 108 -122.85 48.39 11.32
N GLY FF 109 -123.73 49.39 11.33
CA GLY FF 109 -125.14 49.14 11.20
C GLY FF 109 -125.63 48.78 9.81
N GLN FF 110 -124.88 49.19 8.78
CA GLN FF 110 -125.34 49.10 7.41
C GLN FF 110 -125.43 47.65 6.92
N GLN FF 111 -126.27 47.45 5.91
CA GLN FF 111 -126.44 46.10 5.38
C GLN FF 111 -125.23 45.67 4.57
N CYS FF 112 -124.56 46.59 3.87
CA CYS FF 112 -123.37 46.21 3.11
C CYS FF 112 -122.26 45.71 4.02
N VAL FF 113 -122.31 46.05 5.30
CA VAL FF 113 -121.37 45.53 6.28
C VAL FF 113 -121.92 44.29 6.98
N SER FF 114 -123.22 44.28 7.29
CA SER FF 114 -123.78 43.15 8.04
C SER FF 114 -123.82 41.88 7.19
N ASP FF 115 -124.20 42.00 5.92
CA ASP FF 115 -124.34 40.81 5.07
C ASP FF 115 -123.06 39.99 5.00
N PRO FF 116 -121.88 40.55 4.73
CA PRO FF 116 -120.67 39.71 4.77
C PRO FF 116 -120.29 39.26 6.16
N VAL FF 117 -120.40 40.14 7.16
CA VAL FF 117 -120.05 39.77 8.52
C VAL FF 117 -121.00 38.69 9.05
N ASP FF 118 -122.31 38.93 8.97
CA ASP FF 118 -123.28 38.04 9.60
C ASP FF 118 -123.40 36.72 8.84
N SER FF 119 -123.53 36.78 7.51
CA SER FF 119 -123.91 35.61 6.73
C SER FF 119 -122.82 35.14 5.77
N GLY FF 120 -121.71 35.86 5.64
CA GLY FF 120 -120.65 35.45 4.75
C GLY FF 120 -120.91 35.69 3.29
N LEU FF 121 -121.96 36.43 2.94
CA LEU FF 121 -122.23 36.76 1.55
C LEU FF 121 -121.54 38.07 1.20
N ASN FF 122 -120.85 38.09 0.06
CA ASN FF 122 -120.22 39.32 -0.39
C ASN FF 122 -121.23 40.21 -1.12
N ASN FF 123 -120.85 41.47 -1.29
CA ASN FF 123 -121.71 42.41 -1.98
C ASN FF 123 -121.42 42.40 -3.47
N TYR FF 124 -122.34 42.98 -4.24
CA TYR FF 124 -122.25 43.00 -5.70
C TYR FF 124 -122.92 44.25 -6.33
N MET GF 1 -40.63 -49.68 -116.62
CA MET GF 1 -41.07 -49.25 -117.95
C MET GF 1 -40.35 -47.98 -118.38
N ARG GF 2 -39.93 -47.93 -119.64
CA ARG GF 2 -39.39 -46.69 -120.20
C ARG GF 2 -40.50 -45.65 -120.27
N LEU GF 3 -40.33 -44.58 -119.49
CA LEU GF 3 -41.38 -43.58 -119.35
C LEU GF 3 -41.65 -42.87 -120.67
N THR GF 4 -42.93 -42.58 -120.90
CA THR GF 4 -43.36 -41.80 -122.03
C THR GF 4 -44.52 -40.93 -121.58
N ASP GF 5 -44.74 -39.82 -122.29
CA ASP GF 5 -45.91 -39.00 -122.01
C ASP GF 5 -47.16 -39.88 -122.01
N VAL GF 6 -48.15 -39.49 -121.22
CA VAL GF 6 -49.29 -40.36 -120.96
C VAL GF 6 -50.56 -39.62 -121.32
N ASP GF 7 -51.48 -40.32 -121.96
CA ASP GF 7 -52.79 -39.77 -122.27
C ASP GF 7 -53.84 -40.66 -121.60
N LEU GF 8 -54.64 -40.06 -120.73
CA LEU GF 8 -55.64 -40.76 -119.93
C LEU GF 8 -57.02 -40.43 -120.47
N THR GF 9 -57.88 -41.44 -120.53
CA THR GF 9 -59.28 -41.21 -120.83
C THR GF 9 -60.02 -41.07 -119.51
N VAL GF 10 -60.64 -39.90 -119.30
CA VAL GF 10 -61.24 -39.56 -118.02
C VAL GF 10 -62.70 -39.22 -118.26
N GLY GF 11 -63.59 -40.14 -117.89
CA GLY GF 11 -64.99 -39.95 -118.17
C GLY GF 11 -65.19 -39.78 -119.66
N GLU GF 12 -65.57 -38.57 -120.07
CA GLU GF 12 -65.83 -38.30 -121.48
C GLU GF 12 -64.87 -37.26 -122.04
N GLU GF 13 -63.74 -37.06 -121.38
CA GLU GF 13 -62.71 -36.14 -121.83
C GLU GF 13 -61.38 -36.90 -121.89
N THR GF 14 -60.37 -36.29 -122.50
CA THR GF 14 -59.04 -36.88 -122.54
C THR GF 14 -58.04 -35.90 -121.93
N ARG GF 15 -57.25 -36.41 -120.99
CA ARG GF 15 -56.30 -35.63 -120.22
C ARG GF 15 -54.89 -36.05 -120.61
N GLU GF 16 -54.04 -35.07 -120.91
CA GLU GF 16 -52.70 -35.34 -121.43
C GLU GF 16 -51.65 -34.87 -120.43
N TYR GF 17 -50.79 -35.77 -119.99
CA TYR GF 17 -49.70 -35.52 -119.08
C TYR GF 17 -48.36 -35.71 -119.79
N ALA GF 18 -47.36 -34.98 -119.32
CA ALA GF 18 -46.01 -35.08 -119.84
C ALA GF 18 -45.03 -35.32 -118.69
N VAL GF 19 -43.99 -36.09 -118.97
CA VAL GF 19 -42.98 -36.41 -117.96
C VAL GF 19 -42.27 -35.13 -117.54
N SER GF 20 -42.24 -34.87 -116.23
CA SER GF 20 -41.54 -33.73 -115.67
C SER GF 20 -40.22 -34.08 -115.00
N GLU GF 21 -40.15 -35.19 -114.27
CA GLU GF 21 -38.84 -35.66 -113.81
C GLU GF 21 -38.90 -37.13 -113.48
N GLN GF 22 -37.75 -37.80 -113.59
CA GLN GF 22 -37.65 -39.22 -113.26
C GLN GF 22 -36.37 -39.46 -112.49
N GLN GF 23 -36.51 -40.02 -111.29
CA GLN GF 23 -35.40 -40.42 -110.44
C GLN GF 23 -35.38 -41.94 -110.38
N GLY GF 24 -34.49 -42.46 -109.54
CA GLY GF 24 -34.36 -43.91 -109.44
C GLY GF 24 -35.63 -44.59 -109.00
N THR GF 25 -36.28 -44.02 -107.97
CA THR GF 25 -37.51 -44.59 -107.40
C THR GF 25 -38.65 -43.59 -107.39
N LEU GF 26 -38.56 -42.51 -108.17
CA LEU GF 26 -39.57 -41.47 -108.16
C LEU GF 26 -39.76 -40.93 -109.57
N PHE GF 27 -41.00 -40.57 -109.90
CA PHE GF 27 -41.28 -39.85 -111.14
C PHE GF 27 -42.44 -38.89 -110.94
N ARG GF 28 -42.52 -37.92 -111.86
CA ARG GF 28 -43.52 -36.87 -111.81
C ARG GF 28 -43.92 -36.47 -113.21
N PHE GF 29 -45.24 -36.47 -113.44
CA PHE GF 29 -45.91 -35.96 -114.63
C PHE GF 29 -46.62 -34.64 -114.32
N VAL GF 30 -46.77 -33.83 -115.35
CA VAL GF 30 -47.50 -32.57 -115.28
C VAL GF 30 -48.58 -32.55 -116.37
N ASP GF 31 -49.74 -31.98 -116.03
CA ASP GF 31 -50.82 -31.83 -117.00
C ASP GF 31 -50.42 -30.83 -118.08
N LYS GF 32 -50.48 -31.26 -119.34
CA LYS GF 32 -50.09 -30.41 -120.46
C LYS GF 32 -50.97 -29.18 -120.60
N SER GF 33 -52.10 -29.13 -119.89
CA SER GF 33 -52.97 -27.96 -119.92
C SER GF 33 -52.34 -26.72 -119.29
N GLY GF 34 -51.24 -26.88 -118.54
CA GLY GF 34 -50.74 -25.85 -117.66
C GLY GF 34 -49.33 -25.38 -117.99
N THR GF 35 -48.97 -24.29 -117.32
CA THR GF 35 -47.66 -23.64 -117.40
C THR GF 35 -46.94 -23.83 -116.07
N VAL GF 36 -45.62 -23.60 -116.09
CA VAL GF 36 -44.90 -23.34 -114.85
C VAL GF 36 -45.66 -22.31 -114.02
N ALA GF 37 -46.05 -21.21 -114.66
CA ALA GF 37 -46.78 -20.14 -113.98
C ALA GF 37 -48.11 -20.65 -113.43
N ASN GF 38 -48.99 -21.09 -114.32
CA ASN GF 38 -50.30 -21.58 -113.92
C ASN GF 38 -50.35 -23.09 -114.15
N ASN GF 39 -50.50 -23.85 -113.06
CA ASN GF 39 -50.49 -25.31 -113.12
C ASN GF 39 -51.92 -25.86 -113.09
N THR GF 40 -52.17 -26.87 -113.93
CA THR GF 40 -53.48 -27.50 -113.99
C THR GF 40 -53.55 -28.87 -113.34
N GLY GF 41 -52.41 -29.53 -113.12
CA GLY GF 41 -52.42 -30.84 -112.52
C GLY GF 41 -51.05 -31.46 -112.38
N VAL GF 42 -50.86 -32.28 -111.35
CA VAL GF 42 -49.57 -32.93 -111.13
C VAL GF 42 -49.82 -34.35 -110.62
N PHE GF 43 -48.94 -35.26 -111.01
CA PHE GF 43 -48.96 -36.61 -110.52
C PHE GF 43 -47.54 -37.05 -110.18
N SER GF 44 -47.39 -37.67 -109.02
CA SER GF 44 -46.07 -38.11 -108.56
C SER GF 44 -46.20 -39.49 -107.93
N LEU GF 45 -45.16 -40.31 -108.13
CA LEU GF 45 -45.14 -41.67 -107.60
C LEU GF 45 -43.73 -42.00 -107.11
N GLU GF 46 -43.64 -42.60 -105.92
CA GLU GF 46 -42.36 -42.98 -105.32
C GLU GF 46 -42.47 -44.35 -104.65
N GLN GF 47 -41.44 -45.19 -104.84
CA GLN GF 47 -41.36 -46.48 -104.17
C GLN GF 47 -40.25 -46.48 -103.14
N ARG GF 48 -40.53 -47.10 -102.00
CA ARG GF 48 -39.59 -47.22 -100.88
C ARG GF 48 -39.48 -48.71 -100.55
N PHE GF 49 -38.40 -49.32 -101.02
CA PHE GF 49 -38.08 -50.72 -100.75
C PHE GF 49 -37.41 -50.78 -99.38
N GLY GF 50 -38.06 -51.41 -98.41
CA GLY GF 50 -37.54 -51.51 -97.07
C GLY GF 50 -36.56 -52.67 -96.90
N ALA GF 51 -36.26 -52.98 -95.65
CA ALA GF 51 -35.47 -54.18 -95.37
C ALA GF 51 -36.31 -55.44 -95.60
N ALA GF 52 -35.65 -56.60 -95.56
CA ALA GF 52 -36.34 -57.85 -95.86
C ALA GF 52 -37.44 -58.17 -94.86
N ASN GF 53 -37.38 -57.61 -93.66
CA ASN GF 53 -38.48 -57.72 -92.71
C ASN GF 53 -39.53 -56.64 -92.91
N SER GF 54 -39.23 -55.60 -93.69
CA SER GF 54 -40.15 -54.50 -93.92
C SER GF 54 -40.94 -54.70 -95.20
N ASN GF 55 -42.16 -54.16 -95.21
CA ASN GF 55 -42.95 -54.13 -96.43
C ASN GF 55 -42.46 -53.00 -97.32
N ARG GF 56 -42.35 -53.28 -98.62
CA ARG GF 56 -42.08 -52.18 -99.53
C ARG GF 56 -43.35 -51.34 -99.67
N LYS GF 57 -43.16 -50.06 -99.92
CA LYS GF 57 -44.27 -49.13 -99.94
C LYS GF 57 -44.23 -48.31 -101.22
N VAL GF 58 -45.41 -47.97 -101.73
CA VAL GF 58 -45.51 -47.23 -102.99
C VAL GF 58 -46.57 -46.15 -102.80
N THR GF 59 -46.19 -44.90 -103.05
CA THR GF 59 -47.09 -43.79 -102.76
C THR GF 59 -47.27 -42.89 -103.97
N MET GF 60 -48.51 -42.48 -104.20
CA MET GF 60 -48.91 -41.62 -105.30
C MET GF 60 -49.62 -40.40 -104.77
N LEU GF 61 -49.32 -39.25 -105.38
CA LEU GF 61 -50.00 -38.00 -105.09
C LEU GF 61 -50.50 -37.39 -106.40
N LEU GF 62 -51.80 -37.14 -106.47
CA LEU GF 62 -52.46 -36.49 -107.58
C LEU GF 62 -53.03 -35.17 -107.07
N THR GF 63 -52.59 -34.06 -107.68
CA THR GF 63 -53.02 -32.73 -107.28
C THR GF 63 -53.71 -32.05 -108.45
N ASP GF 64 -54.92 -31.55 -108.19
CA ASP GF 64 -55.71 -30.82 -109.19
C ASP GF 64 -56.04 -29.45 -108.64
N PRO GF 65 -55.36 -28.41 -109.12
CA PRO GF 65 -55.73 -27.05 -108.75
C PRO GF 65 -56.73 -26.45 -109.72
N VAL GF 66 -57.62 -25.63 -109.17
CA VAL GF 66 -58.68 -24.95 -109.91
C VAL GF 66 -58.71 -23.50 -109.46
N VAL GF 67 -59.00 -22.60 -110.39
CA VAL GF 67 -59.19 -21.19 -110.04
C VAL GF 67 -60.65 -20.97 -109.72
N VAL GF 68 -60.91 -20.35 -108.56
CA VAL GF 68 -62.25 -20.09 -108.05
C VAL GF 68 -62.38 -18.61 -107.77
N LYS GF 69 -63.59 -18.09 -107.90
CA LYS GF 69 -63.90 -16.71 -107.58
C LYS GF 69 -63.87 -16.51 -106.06
N ASP GF 70 -63.26 -15.41 -105.63
CA ASP GF 70 -63.26 -15.04 -104.23
C ASP GF 70 -64.64 -14.52 -103.83
N ALA GF 71 -64.90 -14.49 -102.51
CA ALA GF 71 -66.12 -13.86 -102.01
C ALA GF 71 -66.13 -12.38 -102.36
N SER GF 72 -64.96 -11.76 -102.42
CA SER GF 72 -64.83 -10.39 -102.92
C SER GF 72 -64.87 -10.35 -104.45
N GLY GF 73 -64.44 -11.44 -105.10
CA GLY GF 73 -64.39 -11.51 -106.55
C GLY GF 73 -63.01 -11.76 -107.12
N ALA GF 74 -61.97 -11.68 -106.31
CA ALA GF 74 -60.61 -11.89 -106.79
C ALA GF 74 -60.43 -13.33 -107.30
N ASP GF 75 -59.40 -13.51 -108.11
CA ASP GF 75 -59.04 -14.84 -108.61
C ASP GF 75 -58.19 -15.55 -107.58
N MET GF 76 -58.57 -16.77 -107.21
CA MET GF 76 -57.87 -17.49 -106.17
C MET GF 76 -57.69 -18.94 -106.59
N THR GF 77 -56.51 -19.51 -106.37
CA THR GF 77 -56.24 -20.89 -106.78
C THR GF 77 -56.37 -21.83 -105.58
N ILE GF 78 -57.10 -22.93 -105.78
CA ILE GF 78 -57.42 -23.89 -104.73
C ILE GF 78 -57.07 -25.28 -105.23
N LYS GF 79 -56.32 -26.03 -104.44
CA LYS GF 79 -55.89 -27.36 -104.82
C LYS GF 79 -56.71 -28.40 -104.08
N ALA GF 80 -56.96 -29.53 -104.76
CA ALA GF 80 -57.56 -30.72 -104.19
C ALA GF 80 -56.59 -31.88 -104.37
N ASN GF 81 -56.40 -32.67 -103.31
CA ASN GF 81 -55.36 -33.69 -103.31
C ASN GF 81 -55.99 -35.06 -103.18
N ALA GF 82 -55.39 -36.05 -103.84
CA ALA GF 82 -55.71 -37.44 -103.61
C ALA GF 82 -54.41 -38.20 -103.51
N SER GF 83 -54.30 -39.08 -102.51
CA SER GF 83 -53.06 -39.80 -102.28
C SER GF 83 -53.35 -41.26 -102.03
N VAL GF 84 -52.61 -42.13 -102.71
CA VAL GF 84 -52.74 -43.57 -102.57
C VAL GF 84 -51.43 -44.11 -102.02
N THR GF 85 -51.53 -45.14 -101.17
CA THR GF 85 -50.35 -45.80 -100.61
C THR GF 85 -50.60 -47.31 -100.59
N PHE GF 86 -49.72 -48.04 -101.27
CA PHE GF 86 -49.73 -49.50 -101.30
C PHE GF 86 -48.66 -49.99 -100.35
N SER GF 87 -49.07 -50.73 -99.31
CA SER GF 87 -48.15 -51.42 -98.41
C SER GF 87 -48.16 -52.89 -98.81
N LEU GF 88 -47.04 -53.33 -99.37
CA LEU GF 88 -46.91 -54.67 -99.97
C LEU GF 88 -45.76 -55.41 -99.29
N PRO GF 89 -46.07 -56.43 -98.50
CA PRO GF 89 -45.00 -57.26 -97.93
C PRO GF 89 -44.28 -58.05 -99.01
N LYS GF 90 -43.05 -58.42 -98.71
CA LYS GF 90 -42.19 -59.06 -99.69
C LYS GF 90 -42.38 -60.57 -99.74
N THR GF 91 -43.32 -61.11 -98.96
CA THR GF 91 -43.77 -62.49 -99.08
C THR GF 91 -45.10 -62.58 -99.79
N TYR GF 92 -45.69 -61.45 -100.14
CA TYR GF 92 -46.97 -61.38 -100.83
C TYR GF 92 -46.76 -61.55 -102.32
N PRO GF 93 -47.57 -62.37 -103.00
CA PRO GF 93 -47.33 -62.63 -104.43
C PRO GF 93 -47.78 -61.51 -105.36
N ASN GF 94 -46.97 -61.32 -106.41
CA ASN GF 94 -47.21 -60.23 -107.35
C ASN GF 94 -48.60 -60.34 -107.98
N GLU GF 95 -49.06 -61.56 -108.25
CA GLU GF 95 -50.39 -61.75 -108.80
C GLU GF 95 -51.44 -61.08 -107.93
N HIS GF 96 -51.41 -61.38 -106.62
CA HIS GF 96 -52.41 -60.79 -105.72
C HIS GF 96 -52.21 -59.30 -105.55
N ILE GF 97 -50.99 -58.78 -105.72
CA ILE GF 97 -50.82 -57.33 -105.76
C ILE GF 97 -51.62 -56.73 -106.95
N THR GF 98 -51.49 -57.35 -108.12
CA THR GF 98 -52.27 -56.87 -109.27
C THR GF 98 -53.76 -56.96 -108.98
N LYS GF 99 -54.20 -58.08 -108.40
CA LYS GF 99 -55.60 -58.23 -107.99
C LYS GF 99 -56.03 -57.08 -107.09
N LEU GF 100 -55.19 -56.74 -106.12
CA LEU GF 100 -55.48 -55.66 -105.19
C LEU GF 100 -55.65 -54.33 -105.92
N ARG GF 101 -54.70 -54.01 -106.81
CA ARG GF 101 -54.78 -52.74 -107.54
C ARG GF 101 -56.07 -52.66 -108.36
N GLN GF 102 -56.43 -53.76 -109.01
CA GLN GF 102 -57.63 -53.73 -109.84
C GLN GF 102 -58.89 -53.61 -109.00
N THR GF 103 -58.96 -54.32 -107.86
CA THR GF 103 -60.11 -54.15 -106.97
C THR GF 103 -60.22 -52.72 -106.46
N LEU GF 104 -59.07 -52.07 -106.23
CA LEU GF 104 -59.11 -50.67 -105.81
C LEU GF 104 -59.69 -49.80 -106.91
N ILE GF 105 -59.28 -50.03 -108.16
CA ILE GF 105 -59.86 -49.28 -109.28
C ILE GF 105 -61.38 -49.47 -109.32
N ALA GF 106 -61.81 -50.72 -109.19
CA ALA GF 106 -63.25 -51.01 -109.22
C ALA GF 106 -63.98 -50.30 -108.09
N TRP GF 107 -63.40 -50.31 -106.89
CA TRP GF 107 -64.02 -49.64 -105.76
C TRP GF 107 -64.12 -48.14 -105.99
N LEU GF 108 -63.05 -47.54 -106.51
CA LEU GF 108 -63.07 -46.11 -106.81
C LEU GF 108 -64.12 -45.77 -107.86
N GLY GF 109 -64.52 -46.74 -108.67
CA GLY GF 109 -65.63 -46.56 -109.58
C GLY GF 109 -67.00 -46.54 -108.94
N GLN GF 110 -67.14 -47.19 -107.78
CA GLN GF 110 -68.45 -47.47 -107.21
C GLN GF 110 -69.16 -46.19 -106.76
N GLN GF 111 -70.49 -46.26 -106.72
CA GLN GF 111 -71.26 -45.11 -106.28
C GLN GF 111 -71.11 -44.88 -104.78
N CYS GF 112 -71.00 -45.96 -104.00
CA CYS GF 112 -70.85 -45.80 -102.56
C CYS GF 112 -69.53 -45.15 -102.18
N VAL GF 113 -68.53 -45.19 -103.07
CA VAL GF 113 -67.32 -44.41 -102.89
C VAL GF 113 -67.47 -43.04 -103.52
N SER GF 114 -68.22 -42.94 -104.62
CA SER GF 114 -68.34 -41.67 -105.34
C SER GF 114 -69.10 -40.63 -104.52
N ASP GF 115 -70.22 -41.02 -103.90
CA ASP GF 115 -71.06 -40.04 -103.20
C ASP GF 115 -70.32 -39.29 -102.11
N PRO GF 116 -69.63 -39.91 -101.16
CA PRO GF 116 -68.89 -39.12 -100.18
C PRO GF 116 -67.74 -38.31 -100.78
N VAL GF 117 -66.98 -38.91 -101.69
CA VAL GF 117 -65.86 -38.20 -102.30
C VAL GF 117 -66.36 -37.03 -103.14
N ASP GF 118 -67.22 -37.31 -104.13
CA ASP GF 118 -67.57 -36.28 -105.10
C ASP GF 118 -68.45 -35.20 -104.49
N SER GF 119 -69.42 -35.57 -103.66
CA SER GF 119 -70.43 -34.62 -103.19
C SER GF 119 -70.51 -34.45 -101.69
N GLY GF 120 -69.87 -35.32 -100.91
CA GLY GF 120 -69.90 -35.21 -99.46
C GLY GF 120 -71.05 -35.93 -98.80
N LEU GF 121 -71.94 -36.55 -99.55
CA LEU GF 121 -73.03 -37.31 -98.96
C LEU GF 121 -72.51 -38.64 -98.41
N ASN GF 122 -72.88 -38.96 -97.19
CA ASN GF 122 -72.57 -40.28 -96.65
C ASN GF 122 -73.62 -41.30 -97.10
N ASN GF 123 -73.22 -42.57 -97.09
CA ASN GF 123 -74.16 -43.63 -97.43
C ASN GF 123 -74.93 -44.06 -96.18
N TYR GF 124 -76.06 -44.71 -96.41
CA TYR GF 124 -76.94 -45.08 -95.30
C TYR GF 124 -77.52 -46.49 -95.46
N MET HF 1 -24.27 -47.19 -121.92
CA MET HF 1 -25.17 -47.80 -122.90
C MET HF 1 -26.62 -47.50 -122.57
N ARG HF 2 -27.50 -47.70 -123.54
CA ARG HF 2 -28.94 -47.57 -123.31
C ARG HF 2 -29.48 -48.88 -122.76
N LEU HF 3 -29.88 -48.87 -121.50
CA LEU HF 3 -30.31 -50.08 -120.80
C LEU HF 3 -31.50 -50.73 -121.50
N THR HF 4 -31.37 -52.03 -121.74
CA THR HF 4 -32.42 -52.87 -122.29
C THR HF 4 -32.46 -54.15 -121.48
N ASP HF 5 -33.65 -54.75 -121.38
CA ASP HF 5 -33.77 -56.02 -120.68
C ASP HF 5 -32.75 -57.01 -121.26
N VAL HF 6 -32.22 -57.87 -120.39
CA VAL HF 6 -31.05 -58.67 -120.75
C VAL HF 6 -31.42 -60.14 -120.61
N ASP HF 7 -30.92 -60.95 -121.53
CA ASP HF 7 -31.07 -62.41 -121.43
C ASP HF 7 -29.69 -63.05 -121.44
N LEU HF 8 -29.41 -63.80 -120.37
CA LEU HF 8 -28.11 -64.41 -120.15
C LEU HF 8 -28.21 -65.90 -120.41
N THR HF 9 -27.22 -66.41 -121.12
CA THR HF 9 -27.11 -67.84 -121.34
C THR HF 9 -26.27 -68.40 -120.19
N VAL HF 10 -26.89 -69.18 -119.33
CA VAL HF 10 -26.29 -69.67 -118.10
C VAL HF 10 -26.23 -71.19 -118.18
N GLY HF 11 -25.06 -71.72 -118.54
CA GLY HF 11 -24.93 -73.14 -118.77
C GLY HF 11 -25.85 -73.56 -119.88
N GLU HF 12 -26.88 -74.35 -119.55
CA GLU HF 12 -27.83 -74.81 -120.56
C GLU HF 12 -29.20 -74.19 -120.36
N GLU HF 13 -29.29 -73.09 -119.62
CA GLU HF 13 -30.55 -72.44 -119.34
C GLU HF 13 -30.42 -70.99 -119.77
N THR HF 14 -31.55 -70.28 -119.81
CA THR HF 14 -31.55 -68.86 -120.13
C THR HF 14 -32.25 -68.10 -119.02
N ARG HF 15 -31.51 -67.19 -118.38
CA ARG HF 15 -32.04 -66.29 -117.37
C ARG HF 15 -32.46 -65.00 -118.05
N GLU HF 16 -33.58 -64.42 -117.62
CA GLU HF 16 -34.16 -63.24 -118.27
C GLU HF 16 -34.41 -62.14 -117.24
N TYR HF 17 -33.63 -61.09 -117.30
CA TYR HF 17 -33.71 -59.98 -116.37
C TYR HF 17 -34.34 -58.76 -117.04
N ALA HF 18 -35.08 -58.00 -116.23
CA ALA HF 18 -35.72 -56.76 -116.64
C ALA HF 18 -35.18 -55.59 -115.83
N VAL HF 19 -35.04 -54.44 -116.49
CA VAL HF 19 -34.56 -53.25 -115.81
C VAL HF 19 -35.54 -52.87 -114.71
N SER HF 20 -35.02 -52.71 -113.49
CA SER HF 20 -35.84 -52.35 -112.34
C SER HF 20 -35.58 -50.97 -111.78
N GLU HF 21 -34.35 -50.44 -111.90
CA GLU HF 21 -34.19 -49.01 -111.66
C GLU HF 21 -32.91 -48.50 -112.30
N GLN HF 22 -32.94 -47.23 -112.68
CA GLN HF 22 -31.78 -46.54 -113.25
C GLN HF 22 -31.63 -45.19 -112.56
N GLN HF 23 -30.50 -45.00 -111.89
CA GLN HF 23 -30.17 -43.73 -111.29
C GLN HF 23 -29.04 -43.11 -112.08
N GLY HF 24 -28.36 -42.13 -111.48
CA GLY HF 24 -27.24 -41.50 -112.15
C GLY HF 24 -26.14 -42.51 -112.41
N THR HF 25 -25.60 -43.09 -111.35
CA THR HF 25 -24.46 -43.99 -111.41
C THR HF 25 -24.83 -45.42 -111.02
N LEU HF 26 -26.11 -45.70 -110.83
CA LEU HF 26 -26.55 -46.99 -110.33
C LEU HF 26 -27.68 -47.54 -111.21
N PHE HF 27 -27.68 -48.86 -111.40
CA PHE HF 27 -28.78 -49.54 -112.07
C PHE HF 27 -29.04 -50.88 -111.40
N ARG HF 28 -30.22 -51.42 -111.67
CA ARG HF 28 -30.67 -52.65 -111.06
C ARG HF 28 -31.61 -53.39 -112.01
N PHE HF 29 -31.27 -54.65 -112.28
CA PHE HF 29 -32.07 -55.62 -113.01
C PHE HF 29 -32.69 -56.63 -112.05
N VAL HF 30 -33.72 -57.29 -112.53
CA VAL HF 30 -34.53 -58.20 -111.72
C VAL HF 30 -34.91 -59.42 -112.55
N ASP HF 31 -34.81 -60.62 -111.95
CA ASP HF 31 -35.15 -61.85 -112.66
C ASP HF 31 -36.64 -61.86 -112.99
N LYS HF 32 -36.96 -61.91 -114.30
CA LYS HF 32 -38.35 -61.86 -114.72
C LYS HF 32 -39.14 -63.04 -114.19
N SER HF 33 -38.48 -64.18 -113.99
CA SER HF 33 -39.12 -65.42 -113.54
C SER HF 33 -39.55 -65.36 -112.08
N GLY HF 34 -39.44 -64.22 -111.41
CA GLY HF 34 -39.78 -64.14 -110.01
C GLY HF 34 -41.29 -64.00 -109.82
N THR HF 35 -41.82 -64.76 -108.87
CA THR HF 35 -43.24 -64.68 -108.53
C THR HF 35 -43.50 -63.77 -107.34
N VAL HF 36 -42.60 -63.77 -106.37
CA VAL HF 36 -42.72 -62.94 -105.18
C VAL HF 36 -41.45 -62.12 -105.06
N ALA HF 37 -41.53 -61.04 -104.27
CA ALA HF 37 -40.35 -60.24 -104.00
C ALA HF 37 -39.20 -61.09 -103.45
N ASN HF 38 -39.49 -61.91 -102.44
CA ASN HF 38 -38.45 -62.77 -101.86
C ASN HF 38 -38.04 -63.88 -102.82
N ASN HF 39 -38.96 -64.35 -103.66
CA ASN HF 39 -38.63 -65.32 -104.70
C ASN HF 39 -37.62 -64.74 -105.70
N THR HF 40 -37.62 -63.43 -105.88
CA THR HF 40 -37.02 -62.79 -107.04
C THR HF 40 -35.53 -62.51 -106.87
N GLY HF 41 -34.72 -63.04 -107.79
CA GLY HF 41 -33.31 -62.69 -107.83
C GLY HF 41 -33.09 -61.31 -108.42
N VAL HF 42 -31.96 -60.69 -108.06
CA VAL HF 42 -31.68 -59.33 -108.48
C VAL HF 42 -30.20 -59.16 -108.78
N PHE HF 43 -29.90 -58.12 -109.55
CA PHE HF 43 -28.53 -57.75 -109.87
C PHE HF 43 -28.42 -56.24 -109.93
N SER HF 44 -27.44 -55.70 -109.22
CA SER HF 44 -27.29 -54.26 -109.11
C SER HF 44 -25.83 -53.87 -109.32
N LEU HF 45 -25.62 -52.69 -109.91
CA LEU HF 45 -24.28 -52.18 -110.17
C LEU HF 45 -24.26 -50.68 -109.91
N GLU HF 46 -23.15 -50.20 -109.34
CA GLU HF 46 -22.99 -48.80 -108.99
C GLU HF 46 -21.53 -48.40 -109.20
N GLN HF 47 -21.31 -47.25 -109.81
CA GLN HF 47 -19.98 -46.70 -109.97
C GLN HF 47 -19.82 -45.48 -109.06
N ARG HF 48 -18.67 -45.41 -108.38
CA ARG HF 48 -18.31 -44.32 -107.50
C ARG HF 48 -17.00 -43.75 -108.06
N PHE HF 49 -17.14 -42.64 -108.79
CA PHE HF 49 -16.00 -41.93 -109.36
C PHE HF 49 -15.41 -41.03 -108.29
N GLY HF 50 -14.12 -41.18 -108.01
CA GLY HF 50 -13.47 -40.43 -106.96
C GLY HF 50 -12.84 -39.13 -107.47
N ALA HF 51 -12.10 -38.48 -106.59
CA ALA HF 51 -11.29 -37.34 -107.00
C ALA HF 51 -10.14 -37.82 -107.88
N ALA HF 52 -9.35 -36.86 -108.40
CA ALA HF 52 -8.28 -37.22 -109.32
C ALA HF 52 -7.19 -38.04 -108.66
N ASN HF 53 -7.00 -37.89 -107.35
CA ASN HF 53 -6.07 -38.72 -106.61
C ASN HF 53 -6.65 -40.08 -106.23
N SER HF 54 -7.96 -40.25 -106.38
CA SER HF 54 -8.62 -41.48 -106.02
C SER HF 54 -8.73 -42.41 -107.22
N ASN HF 55 -9.10 -43.66 -106.93
CA ASN HF 55 -9.45 -44.64 -107.95
C ASN HF 55 -10.97 -44.69 -108.05
N ARG HF 56 -11.48 -44.79 -109.27
CA ARG HF 56 -12.91 -45.04 -109.38
C ARG HF 56 -13.19 -46.49 -109.01
N LYS HF 57 -14.35 -46.72 -108.41
CA LYS HF 57 -14.73 -48.05 -107.95
C LYS HF 57 -16.07 -48.44 -108.55
N VAL HF 58 -16.17 -49.66 -109.05
CA VAL HF 58 -17.43 -50.18 -109.57
C VAL HF 58 -17.77 -51.42 -108.77
N THR HF 59 -19.00 -51.47 -108.26
CA THR HF 59 -19.43 -52.59 -107.43
C THR HF 59 -20.70 -53.20 -108.01
N MET HF 60 -20.78 -54.52 -107.90
CA MET HF 60 -21.93 -55.29 -108.35
C MET HF 60 -22.33 -56.27 -107.27
N LEU HF 61 -23.64 -56.42 -107.10
CA LEU HF 61 -24.23 -57.39 -106.20
C LEU HF 61 -25.24 -58.25 -106.97
N LEU HF 62 -25.06 -59.56 -106.89
CA LEU HF 62 -25.96 -60.55 -107.48
C LEU HF 62 -26.56 -61.38 -106.35
N THR HF 63 -27.90 -61.37 -106.26
CA THR HF 63 -28.61 -62.09 -105.22
C THR HF 63 -29.54 -63.13 -105.84
N ASP HF 64 -29.38 -64.38 -105.43
CA ASP HF 64 -30.16 -65.50 -105.94
C ASP HF 64 -30.81 -66.25 -104.80
N PRO HF 65 -32.05 -65.92 -104.45
CA PRO HF 65 -32.77 -66.68 -103.43
C PRO HF 65 -33.39 -67.96 -103.98
N VAL HF 66 -33.57 -68.94 -103.08
CA VAL HF 66 -34.17 -70.23 -103.38
C VAL HF 66 -35.08 -70.62 -102.23
N VAL HF 67 -36.13 -71.40 -102.53
CA VAL HF 67 -37.06 -71.85 -101.51
C VAL HF 67 -36.64 -73.23 -101.01
N VAL HF 68 -36.52 -73.37 -99.68
CA VAL HF 68 -36.19 -74.64 -99.04
C VAL HF 68 -37.29 -75.03 -98.07
N MET HF 76 -39.28 -71.78 -96.10
CA MET HF 76 -38.26 -70.75 -95.95
C MET HF 76 -37.51 -70.47 -97.25
N THR HF 77 -37.14 -69.20 -97.47
CA THR HF 77 -36.34 -68.79 -98.63
C THR HF 77 -34.97 -68.31 -98.16
N ILE HF 78 -33.93 -68.84 -98.80
CA ILE HF 78 -32.54 -68.63 -98.43
C ILE HF 78 -31.85 -67.89 -99.57
N LYS HF 79 -31.08 -66.86 -99.23
CA LYS HF 79 -30.45 -65.99 -100.22
C LYS HF 79 -28.93 -66.18 -100.20
N ALA HF 80 -28.34 -66.26 -101.40
CA ALA HF 80 -26.89 -66.31 -101.57
C ALA HF 80 -26.44 -65.15 -102.44
N ASN HF 81 -25.28 -64.57 -102.09
CA ASN HF 81 -24.82 -63.35 -102.71
C ASN HF 81 -23.47 -63.55 -103.36
N ALA HF 82 -23.29 -62.93 -104.52
CA ALA HF 82 -21.97 -62.72 -105.11
C ALA HF 82 -21.76 -61.23 -105.27
N SER HF 83 -20.58 -60.75 -104.91
CA SER HF 83 -20.30 -59.32 -105.00
C SER HF 83 -18.94 -59.12 -105.64
N VAL HF 84 -18.89 -58.33 -106.70
CA VAL HF 84 -17.66 -58.01 -107.40
C VAL HF 84 -17.38 -56.54 -107.21
N THR HF 85 -16.09 -56.18 -107.08
CA THR HF 85 -15.67 -54.79 -106.95
C THR HF 85 -14.39 -54.58 -107.75
N PHE HF 86 -14.45 -53.63 -108.68
CA PHE HF 86 -13.32 -53.25 -109.52
C PHE HF 86 -12.78 -51.92 -109.00
N SER HF 87 -11.52 -51.93 -108.54
CA SER HF 87 -10.82 -50.71 -108.15
C SER HF 87 -9.87 -50.36 -109.29
N LEU HF 88 -10.16 -49.24 -109.96
CA LEU HF 88 -9.49 -48.87 -111.19
C LEU HF 88 -8.90 -47.47 -111.04
N PRO HF 89 -7.59 -47.33 -111.01
CA PRO HF 89 -6.97 -46.01 -111.03
C PRO HF 89 -7.21 -45.32 -112.37
N LYS HF 90 -7.30 -43.99 -112.33
CA LYS HF 90 -7.67 -43.27 -113.54
C LYS HF 90 -6.58 -43.34 -114.61
N THR HF 91 -5.31 -43.25 -114.19
CA THR HF 91 -4.20 -43.34 -115.13
C THR HF 91 -4.10 -44.72 -115.79
N TYR HF 92 -4.75 -45.73 -115.21
CA TYR HF 92 -4.69 -47.09 -115.75
C TYR HF 92 -5.44 -47.16 -117.08
N PRO HF 93 -4.90 -47.84 -118.10
CA PRO HF 93 -5.49 -47.74 -119.45
C PRO HF 93 -6.72 -48.63 -119.65
N ASN HF 94 -7.71 -48.06 -120.35
CA ASN HF 94 -8.98 -48.74 -120.55
C ASN HF 94 -8.80 -50.10 -121.20
N GLU HF 95 -7.82 -50.24 -122.09
CA GLU HF 95 -7.58 -51.53 -122.73
C GLU HF 95 -7.23 -52.60 -121.70
N HIS HF 96 -6.27 -52.31 -120.82
CA HIS HF 96 -5.92 -53.27 -119.78
C HIS HF 96 -7.05 -53.50 -118.78
N ILE HF 97 -7.97 -52.55 -118.62
CA ILE HF 97 -9.15 -52.83 -117.81
C ILE HF 97 -10.04 -53.90 -118.47
N THR HF 98 -10.31 -53.73 -119.77
CA THR HF 98 -11.08 -54.76 -120.48
C THR HF 98 -10.41 -56.11 -120.32
N LYS HF 99 -9.07 -56.14 -120.43
CA LYS HF 99 -8.31 -57.37 -120.19
C LYS HF 99 -8.61 -57.95 -118.80
N LEU HF 100 -8.51 -57.10 -117.77
CA LEU HF 100 -8.74 -57.57 -116.40
C LEU HF 100 -10.12 -58.22 -116.26
N ARG HF 101 -11.15 -57.55 -116.76
CA ARG HF 101 -12.51 -58.10 -116.67
C ARG HF 101 -12.60 -59.47 -117.34
N GLN HF 102 -12.04 -59.58 -118.55
CA GLN HF 102 -12.12 -60.85 -119.27
C GLN HF 102 -11.40 -61.97 -118.52
N THR HF 103 -10.22 -61.67 -117.95
CA THR HF 103 -9.49 -62.70 -117.22
C THR HF 103 -10.23 -63.11 -115.94
N LEU HF 104 -10.95 -62.18 -115.31
CA LEU HF 104 -11.78 -62.58 -114.18
C LEU HF 104 -12.86 -63.55 -114.61
N ILE HF 105 -13.51 -63.28 -115.75
CA ILE HF 105 -14.48 -64.24 -116.28
C ILE HF 105 -13.84 -65.61 -116.47
N ALA HF 106 -12.67 -65.62 -117.12
CA ALA HF 106 -11.98 -66.89 -117.35
C ALA HF 106 -11.68 -67.62 -116.06
N TRP HF 107 -11.23 -66.89 -115.03
CA TRP HF 107 -10.92 -67.51 -113.75
C TRP HF 107 -12.17 -68.11 -113.13
N LEU HF 108 -13.27 -67.36 -113.11
CA LEU HF 108 -14.53 -67.86 -112.58
C LEU HF 108 -15.02 -69.09 -113.32
N GLY HF 109 -14.52 -69.33 -114.54
CA GLY HF 109 -14.78 -70.57 -115.23
C GLY HF 109 -14.08 -71.80 -114.67
N GLN HF 110 -12.89 -71.63 -114.11
CA GLN HF 110 -11.98 -72.74 -113.85
C GLN HF 110 -12.43 -73.63 -112.69
N GLN HF 111 -11.92 -74.86 -112.69
CA GLN HF 111 -12.28 -75.82 -111.65
C GLN HF 111 -11.76 -75.39 -110.29
N CYS HF 112 -10.53 -74.86 -110.25
CA CYS HF 112 -9.95 -74.45 -108.97
C CYS HF 112 -10.79 -73.38 -108.30
N VAL HF 113 -11.66 -72.70 -109.04
CA VAL HF 113 -12.60 -71.75 -108.47
C VAL HF 113 -13.96 -72.36 -108.22
N SER HF 114 -14.43 -73.22 -109.15
CA SER HF 114 -15.76 -73.79 -108.98
C SER HF 114 -15.82 -74.74 -107.80
N ASP HF 115 -14.78 -75.56 -107.59
CA ASP HF 115 -14.80 -76.54 -106.52
C ASP HF 115 -15.02 -75.91 -105.13
N PRO HF 116 -14.30 -74.85 -104.74
CA PRO HF 116 -14.64 -74.23 -103.45
C PRO HF 116 -15.95 -73.47 -103.47
N VAL HF 117 -16.23 -72.69 -104.53
CA VAL HF 117 -17.48 -71.93 -104.58
C VAL HF 117 -18.67 -72.89 -104.61
N ASP HF 118 -18.73 -73.76 -105.62
CA ASP HF 118 -19.92 -74.58 -105.83
C ASP HF 118 -20.14 -75.55 -104.67
N SER HF 119 -19.14 -76.37 -104.35
CA SER HF 119 -19.33 -77.46 -103.41
C SER HF 119 -18.50 -77.36 -102.14
N GLY HF 120 -17.58 -76.40 -102.04
CA GLY HF 120 -16.78 -76.26 -100.85
C GLY HF 120 -15.50 -77.06 -100.80
N LEU HF 121 -15.14 -77.72 -101.89
CA LEU HF 121 -13.87 -78.45 -101.94
C LEU HF 121 -12.73 -77.45 -102.09
N ASN HF 122 -11.77 -77.49 -101.16
CA ASN HF 122 -10.57 -76.69 -101.36
C ASN HF 122 -9.60 -77.44 -102.27
N ASN HF 123 -8.66 -76.68 -102.82
CA ASN HF 123 -7.68 -77.28 -103.71
C ASN HF 123 -6.47 -77.75 -102.91
N TYR HF 124 -5.87 -78.84 -103.38
CA TYR HF 124 -4.79 -79.48 -102.66
C TYR HF 124 -3.71 -79.94 -103.60
N MET IF 1 -37.57 -34.20 -122.26
CA MET IF 1 -36.99 -34.90 -123.41
C MET IF 1 -36.41 -36.24 -122.96
N ARG IF 2 -36.59 -37.26 -123.79
CA ARG IF 2 -35.93 -38.56 -123.58
C ARG IF 2 -34.45 -38.42 -123.93
N LEU IF 3 -33.60 -38.41 -122.92
CA LEU IF 3 -32.20 -38.12 -123.14
C LEU IF 3 -31.55 -39.23 -123.94
N THR IF 4 -30.84 -38.86 -125.00
CA THR IF 4 -29.97 -39.76 -125.75
C THR IF 4 -28.74 -38.99 -126.18
N ASP IF 5 -27.72 -39.74 -126.61
CA ASP IF 5 -26.48 -39.14 -127.08
C ASP IF 5 -26.79 -38.10 -128.14
N VAL IF 6 -25.95 -37.06 -128.20
CA VAL IF 6 -26.15 -36.01 -129.19
C VAL IF 6 -24.83 -35.74 -129.91
N ASP IF 7 -24.96 -35.21 -131.13
CA ASP IF 7 -23.85 -34.74 -131.92
C ASP IF 7 -24.09 -33.28 -132.26
N LEU IF 8 -23.09 -32.45 -132.02
CA LEU IF 8 -23.18 -31.01 -132.21
C LEU IF 8 -22.37 -30.59 -133.42
N THR IF 9 -22.92 -29.65 -134.16
CA THR IF 9 -22.23 -29.05 -135.29
C THR IF 9 -21.50 -27.81 -134.77
N VAL IF 10 -20.17 -27.84 -134.82
CA VAL IF 10 -19.35 -26.80 -134.22
C VAL IF 10 -18.47 -26.21 -135.31
N GLY IF 11 -18.86 -25.07 -135.84
CA GLY IF 11 -18.14 -24.49 -136.96
C GLY IF 11 -18.10 -25.47 -138.12
N GLU IF 12 -16.90 -25.96 -138.43
CA GLU IF 12 -16.72 -26.90 -139.53
C GLU IF 12 -16.26 -28.28 -139.04
N GLU IF 13 -16.57 -28.61 -137.79
CA GLU IF 13 -16.29 -29.93 -137.26
C GLU IF 13 -17.55 -30.47 -136.58
N THR IF 14 -17.54 -31.76 -136.28
CA THR IF 14 -18.64 -32.39 -135.58
C THR IF 14 -18.14 -32.95 -134.26
N ARG IF 15 -18.84 -32.61 -133.18
CA ARG IF 15 -18.48 -32.95 -131.82
C ARG IF 15 -19.48 -33.98 -131.31
N GLU IF 16 -19.00 -35.12 -130.83
CA GLU IF 16 -19.88 -36.22 -130.44
C GLU IF 16 -19.86 -36.40 -128.94
N TYR IF 17 -21.00 -36.20 -128.29
CA TYR IF 17 -21.12 -36.42 -126.86
C TYR IF 17 -21.95 -37.68 -126.62
N ALA IF 18 -21.78 -38.26 -125.43
CA ALA IF 18 -22.53 -39.43 -124.99
C ALA IF 18 -23.01 -39.20 -123.57
N VAL IF 19 -24.22 -39.70 -123.29
CA VAL IF 19 -24.79 -39.52 -121.96
C VAL IF 19 -23.92 -40.25 -120.95
N SER IF 20 -23.44 -39.52 -119.94
CA SER IF 20 -22.64 -40.10 -118.87
C SER IF 20 -23.39 -40.28 -117.56
N GLU IF 21 -24.41 -39.47 -117.29
CA GLU IF 21 -25.34 -39.79 -116.21
C GLU IF 21 -26.61 -38.98 -116.37
N GLN IF 22 -27.72 -39.53 -115.88
CA GLN IF 22 -29.00 -38.83 -115.86
C GLN IF 22 -29.66 -39.02 -114.51
N GLN IF 23 -29.90 -37.92 -113.81
CA GLN IF 23 -30.63 -37.89 -112.55
C GLN IF 23 -31.93 -37.11 -112.74
N GLY IF 24 -32.65 -36.94 -111.64
CA GLY IF 24 -33.96 -36.32 -111.72
C GLY IF 24 -33.91 -34.91 -112.25
N THR IF 25 -33.01 -34.10 -111.70
CA THR IF 25 -32.87 -32.70 -112.07
C THR IF 25 -31.51 -32.39 -112.71
N LEU IF 26 -30.68 -33.41 -112.94
CA LEU IF 26 -29.32 -33.21 -113.41
C LEU IF 26 -29.00 -34.23 -114.51
N PHE IF 27 -28.17 -33.81 -115.47
CA PHE IF 27 -27.63 -34.74 -116.45
C PHE IF 27 -26.23 -34.30 -116.86
N ARG IF 28 -25.49 -35.26 -117.41
CA ARG IF 28 -24.09 -35.05 -117.78
C ARG IF 28 -23.77 -35.84 -119.05
N PHE IF 29 -23.20 -35.15 -120.02
CA PHE IF 29 -22.62 -35.69 -121.25
C PHE IF 29 -21.10 -35.62 -121.19
N VAL IF 30 -20.46 -36.53 -121.93
CA VAL IF 30 -19.01 -36.61 -122.05
C VAL IF 30 -18.63 -36.68 -123.52
N ASP IF 31 -17.56 -35.98 -123.92
CA ASP IF 31 -17.07 -36.02 -125.29
C ASP IF 31 -16.55 -37.42 -125.62
N LYS IF 32 -17.08 -38.01 -126.69
CA LYS IF 32 -16.78 -39.39 -127.05
C LYS IF 32 -15.30 -39.58 -127.41
N SER IF 33 -14.57 -38.52 -127.68
CA SER IF 33 -13.16 -38.61 -128.06
C SER IF 33 -12.23 -38.77 -126.87
N GLY IF 34 -12.76 -39.05 -125.66
CA GLY IF 34 -11.99 -38.97 -124.45
C GLY IF 34 -11.94 -40.27 -123.65
N THR IF 35 -11.05 -40.28 -122.66
CA THR IF 35 -10.83 -41.38 -121.74
C THR IF 35 -10.94 -40.85 -120.32
N VAL IF 36 -11.12 -41.76 -119.34
CA VAL IF 36 -10.98 -41.34 -117.95
C VAL IF 36 -9.59 -40.74 -117.74
N ALA IF 37 -8.57 -41.36 -118.35
CA ALA IF 37 -7.20 -40.86 -118.19
C ALA IF 37 -7.04 -39.50 -118.87
N ASN IF 38 -7.44 -39.40 -120.13
CA ASN IF 38 -7.33 -38.15 -120.87
C ASN IF 38 -8.73 -37.71 -121.28
N ASN IF 39 -9.33 -36.83 -120.47
CA ASN IF 39 -10.64 -36.31 -120.79
C ASN IF 39 -10.55 -35.15 -121.77
N THR IF 40 -11.59 -35.02 -122.59
CA THR IF 40 -11.58 -34.05 -123.68
C THR IF 40 -12.74 -33.07 -123.63
N GLY IF 41 -13.77 -33.33 -122.82
CA GLY IF 41 -14.88 -32.42 -122.73
C GLY IF 41 -16.01 -32.98 -121.90
N VAL IF 42 -16.68 -32.13 -121.14
CA VAL IF 42 -17.84 -32.54 -120.36
C VAL IF 42 -18.85 -31.42 -120.40
N PHE IF 43 -20.13 -31.80 -120.34
CA PHE IF 43 -21.22 -30.85 -120.24
C PHE IF 43 -22.20 -31.35 -119.19
N SER IF 44 -22.66 -30.45 -118.34
CA SER IF 44 -23.57 -30.83 -117.27
C SER IF 44 -24.62 -29.73 -117.10
N LEU IF 45 -25.83 -30.16 -116.74
CA LEU IF 45 -26.94 -29.22 -116.54
C LEU IF 45 -27.78 -29.67 -115.37
N GLU IF 46 -28.22 -28.71 -114.56
CA GLU IF 46 -29.03 -28.98 -113.38
C GLU IF 46 -30.10 -27.90 -113.25
N GLN IF 47 -31.32 -28.29 -112.90
CA GLN IF 47 -32.38 -27.35 -112.58
C GLN IF 47 -32.70 -27.42 -111.10
N ARG IF 48 -32.65 -26.28 -110.43
CA ARG IF 48 -33.18 -26.11 -109.07
C ARG IF 48 -34.51 -25.38 -109.23
N PHE IF 49 -35.60 -26.15 -109.27
CA PHE IF 49 -36.93 -25.56 -109.25
C PHE IF 49 -37.15 -24.99 -107.86
N GLY IF 50 -37.32 -23.68 -107.78
CA GLY IF 50 -37.34 -23.02 -106.49
C GLY IF 50 -38.66 -23.18 -105.75
N ALA IF 51 -38.67 -22.65 -104.52
CA ALA IF 51 -39.91 -22.54 -103.77
C ALA IF 51 -40.92 -21.69 -104.53
N ALA IF 52 -42.18 -21.78 -104.11
CA ALA IF 52 -43.26 -21.13 -104.86
C ALA IF 52 -43.06 -19.62 -104.96
N ASN IF 53 -42.34 -19.03 -104.02
CA ASN IF 53 -42.05 -17.60 -104.08
C ASN IF 53 -40.84 -17.28 -104.94
N SER IF 54 -39.87 -18.19 -105.00
CA SER IF 54 -38.60 -17.92 -105.65
C SER IF 54 -38.65 -18.23 -107.15
N ASN IF 55 -37.63 -17.77 -107.86
CA ASN IF 55 -37.42 -18.13 -109.24
C ASN IF 55 -36.79 -19.52 -109.34
N ARG IF 56 -37.01 -20.18 -110.46
CA ARG IF 56 -36.29 -21.42 -110.70
C ARG IF 56 -34.99 -21.09 -111.43
N LYS IF 57 -33.98 -21.90 -111.17
CA LYS IF 57 -32.65 -21.69 -111.72
C LYS IF 57 -32.25 -22.90 -112.55
N VAL IF 58 -31.63 -22.65 -113.71
CA VAL IF 58 -31.04 -23.71 -114.51
C VAL IF 58 -29.59 -23.33 -114.75
N THR IF 59 -28.68 -24.26 -114.45
CA THR IF 59 -27.26 -23.99 -114.59
C THR IF 59 -26.62 -25.04 -115.47
N MET IF 60 -25.67 -24.60 -116.29
CA MET IF 60 -24.91 -25.44 -117.20
C MET IF 60 -23.43 -25.15 -117.04
N LEU IF 61 -22.63 -26.21 -117.08
CA LEU IF 61 -21.19 -26.12 -117.06
C LEU IF 61 -20.62 -26.92 -118.23
N LEU IF 62 -19.84 -26.24 -119.07
CA LEU IF 62 -19.11 -26.85 -120.18
C LEU IF 62 -17.63 -26.73 -119.87
N THR IF 63 -16.93 -27.87 -119.87
CA THR IF 63 -15.51 -27.89 -119.57
C THR IF 63 -14.76 -28.55 -120.70
N ASP IF 64 -13.77 -27.83 -121.25
CA ASP IF 64 -12.90 -28.34 -122.31
C ASP IF 64 -11.48 -28.33 -121.80
N PRO IF 65 -10.92 -29.50 -121.51
CA PRO IF 65 -9.51 -29.57 -121.16
C PRO IF 65 -8.63 -29.86 -122.37
N VAL IF 66 -7.43 -29.30 -122.32
CA VAL IF 66 -6.42 -29.43 -123.38
C VAL IF 66 -5.07 -29.70 -122.73
N VAL IF 67 -4.28 -30.53 -123.39
CA VAL IF 67 -2.91 -30.77 -122.95
C VAL IF 67 -2.01 -29.69 -123.54
N VAL IF 68 -1.09 -29.19 -122.72
CA VAL IF 68 -0.16 -28.14 -123.10
C VAL IF 68 1.21 -28.50 -122.56
N LYS IF 69 2.24 -28.32 -123.38
CA LYS IF 69 3.61 -28.52 -122.90
C LYS IF 69 3.97 -27.42 -121.92
N ASP IF 70 4.76 -27.77 -120.93
CA ASP IF 70 5.20 -26.85 -119.89
C ASP IF 70 6.54 -26.21 -120.28
N ALA IF 71 6.88 -25.12 -119.58
CA ALA IF 71 8.22 -24.55 -119.74
C ALA IF 71 9.29 -25.57 -119.38
N SER IF 72 9.00 -26.45 -118.41
CA SER IF 72 9.88 -27.57 -118.07
C SER IF 72 9.79 -28.71 -119.08
N GLY IF 73 8.92 -28.60 -120.08
CA GLY IF 73 8.68 -29.68 -121.02
C GLY IF 73 7.60 -30.65 -120.60
N ALA IF 74 7.36 -30.79 -119.30
CA ALA IF 74 6.35 -31.73 -118.80
C ALA IF 74 4.99 -31.45 -119.41
N ASP IF 75 4.21 -32.51 -119.58
CA ASP IF 75 2.86 -32.37 -120.12
C ASP IF 75 1.90 -31.98 -119.01
N MET IF 76 1.05 -30.99 -119.28
CA MET IF 76 0.20 -30.37 -118.27
C MET IF 76 -1.21 -30.21 -118.84
N THR IF 77 -2.21 -30.72 -118.13
CA THR IF 77 -3.59 -30.63 -118.59
C THR IF 77 -4.26 -29.41 -117.99
N ILE IF 78 -4.88 -28.59 -118.85
CA ILE IF 78 -5.45 -27.30 -118.48
C ILE IF 78 -6.90 -27.26 -118.92
N LYS IF 79 -7.78 -26.80 -118.03
CA LYS IF 79 -9.21 -26.76 -118.31
C LYS IF 79 -9.66 -25.31 -118.51
N ALA IF 80 -10.55 -25.12 -119.47
CA ALA IF 80 -11.28 -23.87 -119.66
C ALA IF 80 -12.76 -24.12 -119.47
N ASN IF 81 -13.44 -23.21 -118.78
CA ASN IF 81 -14.83 -23.45 -118.39
C ASN IF 81 -15.73 -22.36 -118.92
N ALA IF 82 -16.95 -22.77 -119.27
CA ALA IF 82 -18.03 -21.84 -119.57
C ALA IF 82 -19.22 -22.26 -118.72
N SER IF 83 -19.87 -21.29 -118.08
CA SER IF 83 -21.01 -21.60 -117.23
C SER IF 83 -22.14 -20.64 -117.55
N VAL IF 84 -23.33 -21.19 -117.77
CA VAL IF 84 -24.53 -20.41 -118.07
C VAL IF 84 -25.54 -20.65 -116.96
N THR IF 85 -26.26 -19.60 -116.56
CA THR IF 85 -27.29 -19.71 -115.54
C THR IF 85 -28.50 -18.88 -115.95
N PHE IF 86 -29.65 -19.54 -116.02
CA PHE IF 86 -30.93 -18.92 -116.32
C PHE IF 86 -31.70 -18.78 -115.01
N SER IF 87 -32.02 -17.54 -114.64
CA SER IF 87 -32.91 -17.26 -113.52
C SER IF 87 -34.26 -16.88 -114.12
N LEU IF 88 -35.24 -17.75 -113.93
CA LEU IF 88 -36.54 -17.62 -114.57
C LEU IF 88 -37.63 -17.58 -113.50
N PRO IF 89 -38.27 -16.44 -113.31
CA PRO IF 89 -39.40 -16.37 -112.39
C PRO IF 89 -40.58 -17.20 -112.90
N LYS IF 90 -41.39 -17.67 -111.96
CA LYS IF 90 -42.50 -18.55 -112.33
C LYS IF 90 -43.51 -17.82 -113.22
N THR IF 91 -43.83 -16.58 -112.88
CA THR IF 91 -44.84 -15.82 -113.62
C THR IF 91 -44.37 -15.44 -115.02
N TYR IF 92 -43.07 -15.58 -115.31
CA TYR IF 92 -42.55 -15.24 -116.62
C TYR IF 92 -43.03 -16.27 -117.65
N PRO IF 93 -43.49 -15.85 -118.83
CA PRO IF 93 -44.09 -16.81 -119.77
C PRO IF 93 -43.06 -17.62 -120.56
N ASN IF 94 -43.38 -18.90 -120.73
CA ASN IF 94 -42.46 -19.83 -121.41
C ASN IF 94 -42.05 -19.31 -122.78
N GLU IF 95 -42.94 -18.60 -123.46
CA GLU IF 95 -42.61 -18.04 -124.77
C GLU IF 95 -41.43 -17.08 -124.69
N HIS IF 96 -41.53 -16.06 -123.82
CA HIS IF 96 -40.42 -15.12 -123.69
C HIS IF 96 -39.17 -15.77 -123.13
N ILE IF 97 -39.30 -16.89 -122.41
CA ILE IF 97 -38.10 -17.64 -122.01
C ILE IF 97 -37.36 -18.17 -123.25
N THR IF 98 -38.10 -18.85 -124.16
CA THR IF 98 -37.44 -19.33 -125.38
C THR IF 98 -36.82 -18.18 -126.14
N LYS IF 99 -37.51 -17.03 -126.18
CA LYS IF 99 -36.94 -15.82 -126.77
C LYS IF 99 -35.59 -15.47 -126.15
N LEU IF 100 -35.54 -15.45 -124.81
CA LEU IF 100 -34.29 -15.13 -124.11
C LEU IF 100 -33.17 -16.09 -124.51
N ARG IF 101 -33.46 -17.39 -124.50
CA ARG IF 101 -32.42 -18.37 -124.84
C ARG IF 101 -31.89 -18.14 -126.25
N GLN IF 102 -32.80 -17.92 -127.20
CA GLN IF 102 -32.36 -17.74 -128.58
C GLN IF 102 -31.53 -16.46 -128.75
N THR IF 103 -31.96 -15.35 -128.11
CA THR IF 103 -31.16 -14.14 -128.19
C THR IF 103 -29.78 -14.33 -127.57
N LEU IF 104 -29.68 -15.16 -126.53
CA LEU IF 104 -28.35 -15.45 -125.96
C LEU IF 104 -27.48 -16.20 -126.96
N ILE IF 105 -28.04 -17.19 -127.65
CA ILE IF 105 -27.28 -17.86 -128.70
C ILE IF 105 -26.79 -16.86 -129.73
N ALA IF 106 -27.69 -15.98 -130.18
CA ALA IF 106 -27.33 -14.97 -131.17
C ALA IF 106 -26.17 -14.11 -130.68
N TRP IF 107 -26.27 -13.63 -129.44
CA TRP IF 107 -25.22 -12.80 -128.88
C TRP IF 107 -23.89 -13.55 -128.84
N LEU IF 108 -23.92 -14.80 -128.39
CA LEU IF 108 -22.70 -15.59 -128.30
C LEU IF 108 -22.05 -15.79 -129.65
N GLY IF 109 -22.82 -15.69 -130.73
CA GLY IF 109 -22.27 -15.72 -132.07
C GLY IF 109 -21.55 -14.46 -132.51
N GLN IF 110 -21.92 -13.33 -131.92
CA GLN IF 110 -21.50 -12.02 -132.40
C GLN IF 110 -20.00 -11.81 -132.20
N GLN IF 111 -19.44 -10.90 -133.00
CA GLN IF 111 -18.02 -10.62 -132.89
C GLN IF 111 -17.70 -9.80 -131.64
N CYS IF 112 -18.59 -8.90 -131.23
CA CYS IF 112 -18.35 -8.13 -130.02
C CYS IF 112 -18.28 -9.02 -128.78
N VAL IF 113 -18.82 -10.23 -128.86
CA VAL IF 113 -18.70 -11.20 -127.79
C VAL IF 113 -17.52 -12.14 -128.02
N SER IF 114 -17.29 -12.56 -129.26
CA SER IF 114 -16.24 -13.52 -129.53
C SER IF 114 -14.85 -12.91 -129.33
N ASP IF 115 -14.65 -11.66 -129.77
CA ASP IF 115 -13.32 -11.06 -129.67
C ASP IF 115 -12.79 -11.02 -128.25
N PRO IF 116 -13.53 -10.56 -127.24
CA PRO IF 116 -12.98 -10.64 -125.87
C PRO IF 116 -12.89 -12.06 -125.33
N VAL IF 117 -13.89 -12.90 -125.60
CA VAL IF 117 -13.86 -14.28 -125.12
C VAL IF 117 -12.71 -15.03 -125.79
N ASP IF 118 -12.66 -15.02 -127.12
CA ASP IF 118 -11.71 -15.88 -127.83
C ASP IF 118 -10.28 -15.36 -127.70
N SER IF 119 -10.07 -14.06 -127.89
CA SER IF 119 -8.72 -13.52 -128.02
C SER IF 119 -8.33 -12.57 -126.90
N GLY IF 120 -9.23 -12.24 -125.98
CA GLY IF 120 -8.90 -11.34 -124.89
C GLY IF 120 -8.81 -9.88 -125.26
N LEU IF 121 -9.23 -9.49 -126.46
CA LEU IF 121 -9.24 -8.09 -126.86
C LEU IF 121 -10.58 -7.47 -126.50
N ASN IF 122 -10.54 -6.31 -125.87
CA ASN IF 122 -11.76 -5.61 -125.55
C ASN IF 122 -12.27 -4.81 -126.76
N ASN IF 123 -13.53 -4.40 -126.68
CA ASN IF 123 -14.13 -3.64 -127.76
C ASN IF 123 -13.92 -2.15 -127.53
N TYR IF 124 -14.14 -1.37 -128.59
CA TYR IF 124 -13.90 0.08 -128.57
C TYR IF 124 -14.84 0.83 -129.52
N MET JF 1 -108.01 3.44 -76.59
CA MET JF 1 -108.51 2.96 -77.89
C MET JF 1 -107.91 1.59 -78.23
N ARG JF 2 -108.75 0.69 -78.75
CA ARG JF 2 -108.24 -0.57 -79.27
C ARG JF 2 -107.38 -0.31 -80.49
N LEU JF 3 -106.09 -0.61 -80.38
CA LEU JF 3 -105.14 -0.27 -81.42
C LEU JF 3 -105.44 -1.01 -82.71
N THR JF 4 -105.24 -0.30 -83.82
CA THR JF 4 -105.34 -0.89 -85.15
C THR JF 4 -104.28 -0.24 -86.01
N ASP JF 5 -103.88 -0.95 -87.07
CA ASP JF 5 -102.96 -0.37 -88.03
C ASP JF 5 -103.49 0.99 -88.47
N VAL JF 6 -102.57 1.89 -88.82
CA VAL JF 6 -102.92 3.28 -89.03
C VAL JF 6 -102.47 3.70 -90.42
N ASP JF 7 -103.32 4.45 -91.12
CA ASP JF 7 -102.96 5.01 -92.41
C ASP JF 7 -103.09 6.53 -92.30
N LEU JF 8 -101.98 7.21 -92.57
CA LEU JF 8 -101.89 8.66 -92.44
C LEU JF 8 -101.83 9.28 -93.82
N THR JF 9 -102.54 10.39 -93.99
CA THR JF 9 -102.42 11.19 -95.20
C THR JF 9 -101.37 12.26 -94.94
N VAL JF 10 -100.30 12.23 -95.73
CA VAL JF 10 -99.14 13.07 -95.50
C VAL JF 10 -98.89 13.89 -96.76
N GLY JF 11 -99.24 15.17 -96.72
CA GLY JF 11 -99.14 16.00 -97.91
C GLY JF 11 -99.95 15.39 -99.02
N GLU JF 12 -99.28 14.88 -100.05
CA GLU JF 12 -99.96 14.31 -101.19
C GLU JF 12 -99.65 12.83 -101.35
N GLU JF 13 -99.20 12.18 -100.28
CA GLU JF 13 -98.90 10.76 -100.28
C GLU JF 13 -99.66 10.13 -99.11
N THR JF 14 -99.71 8.80 -99.08
CA THR JF 14 -100.30 8.08 -97.97
C THR JF 14 -99.29 7.13 -97.37
N ARG JF 15 -99.13 7.22 -96.05
CA ARG JF 15 -98.15 6.48 -95.29
C ARG JF 15 -98.87 5.46 -94.41
N GLU JF 16 -98.42 4.20 -94.46
CA GLU JF 16 -99.11 3.11 -93.77
C GLU JF 16 -98.20 2.55 -92.68
N TYR JF 17 -98.70 2.56 -91.44
CA TYR JF 17 -98.02 2.03 -90.27
C TYR JF 17 -98.78 0.82 -89.74
N ALA JF 18 -98.03 -0.08 -89.11
CA ALA JF 18 -98.58 -1.27 -88.49
C ALA JF 18 -98.11 -1.36 -87.04
N VAL JF 19 -98.99 -1.88 -86.18
CA VAL JF 19 -98.68 -2.02 -84.76
C VAL JF 19 -97.52 -2.98 -84.59
N SER JF 20 -96.48 -2.53 -83.89
CA SER JF 20 -95.32 -3.38 -83.57
C SER JF 20 -95.31 -3.89 -82.14
N GLU JF 21 -95.67 -3.05 -81.16
CA GLU JF 21 -95.85 -3.59 -79.81
C GLU JF 21 -96.75 -2.66 -79.01
N GLN JF 22 -97.43 -3.23 -78.03
CA GLN JF 22 -98.30 -2.46 -77.14
C GLN JF 22 -98.09 -2.94 -75.72
N GLN JF 23 -97.73 -2.01 -74.84
CA GLN JF 23 -97.60 -2.26 -73.41
C GLN JF 23 -98.70 -1.49 -72.69
N GLY JF 24 -98.64 -1.51 -71.36
CA GLY JF 24 -99.67 -0.86 -70.59
C GLY JF 24 -99.75 0.63 -70.87
N THR JF 25 -98.59 1.29 -70.91
CA THR JF 25 -98.53 2.73 -71.12
C THR JF 25 -97.63 3.09 -72.31
N LEU JF 26 -97.35 2.14 -73.20
CA LEU JF 26 -96.45 2.38 -74.32
C LEU JF 26 -96.94 1.61 -75.54
N PHE JF 27 -96.76 2.21 -76.72
CA PHE JF 27 -96.99 1.50 -77.96
C PHE JF 27 -96.02 1.98 -79.04
N ARG JF 28 -95.89 1.15 -80.06
CA ARG JF 28 -94.95 1.40 -81.16
C ARG JF 28 -95.53 0.86 -82.46
N PHE JF 29 -95.54 1.74 -83.47
CA PHE JF 29 -95.85 1.44 -84.86
C PHE JF 29 -94.59 1.46 -85.71
N VAL JF 30 -94.64 0.69 -86.80
CA VAL JF 30 -93.57 0.64 -87.79
C VAL JF 30 -94.16 0.95 -89.18
N ASP JF 31 -93.38 1.68 -89.98
CA ASP JF 31 -93.79 1.97 -91.36
C ASP JF 31 -93.78 0.69 -92.18
N LYS JF 32 -94.93 0.38 -92.80
CA LYS JF 32 -95.05 -0.84 -93.60
C LYS JF 32 -94.12 -0.86 -94.81
N SER JF 33 -93.49 0.28 -95.15
CA SER JF 33 -92.55 0.33 -96.25
C SER JF 33 -91.29 -0.47 -95.98
N GLY JF 34 -91.03 -0.86 -94.73
CA GLY JF 34 -89.74 -1.36 -94.32
C GLY JF 34 -89.74 -2.77 -93.79
N THR JF 35 -88.53 -3.30 -93.62
CA THR JF 35 -88.23 -4.61 -93.08
C THR JF 35 -87.59 -4.46 -91.71
N VAL JF 36 -87.57 -5.56 -90.95
CA VAL JF 36 -86.64 -5.67 -89.84
C VAL JF 36 -85.25 -5.25 -90.28
N ALA JF 37 -84.79 -5.79 -91.42
CA ALA JF 37 -83.47 -5.47 -91.95
C ALA JF 37 -83.36 -3.98 -92.27
N ASN JF 38 -84.18 -3.51 -93.19
CA ASN JF 38 -84.14 -2.11 -93.61
C ASN JF 38 -85.42 -1.43 -93.12
N ASN JF 39 -85.27 -0.46 -92.23
CA ASN JF 39 -86.40 0.24 -91.62
C ASN JF 39 -86.63 1.57 -92.31
N THR JF 40 -87.91 1.89 -92.54
CA THR JF 40 -88.29 3.15 -93.18
C THR JF 40 -88.89 4.16 -92.22
N GLY JF 41 -89.35 3.75 -91.04
CA GLY JF 41 -89.95 4.69 -90.12
C GLY JF 41 -90.47 4.04 -88.86
N VAL JF 42 -90.43 4.76 -87.74
CA VAL JF 42 -90.91 4.23 -86.47
C VAL JF 42 -91.61 5.34 -85.71
N PHE JF 43 -92.65 4.97 -84.97
CA PHE JF 43 -93.35 5.88 -84.09
C PHE JF 43 -93.60 5.20 -82.75
N SER JF 44 -93.32 5.91 -81.67
CA SER JF 44 -93.49 5.37 -80.33
C SER JF 44 -94.11 6.43 -79.42
N LEU JF 45 -94.97 5.97 -78.50
CA LEU JF 45 -95.65 6.86 -77.57
C LEU JF 45 -95.72 6.20 -76.20
N GLU JF 46 -95.41 6.97 -75.15
CA GLU JF 46 -95.43 6.48 -73.76
C GLU JF 46 -96.02 7.54 -72.84
N GLN JF 47 -96.87 7.11 -71.91
CA GLN JF 47 -97.42 7.99 -70.89
C GLN JF 47 -96.87 7.63 -69.52
N ARG JF 48 -96.55 8.66 -68.73
CA ARG JF 48 -96.02 8.52 -67.38
C ARG JF 48 -96.93 9.33 -66.46
N PHE JF 49 -97.81 8.63 -65.77
CA PHE JF 49 -98.71 9.20 -64.78
C PHE JF 49 -97.94 9.35 -63.46
N GLY JF 50 -97.72 10.59 -63.03
CA GLY JF 50 -96.97 10.85 -61.82
C GLY JF 50 -97.83 10.78 -60.58
N ALA JF 51 -97.28 11.27 -59.47
CA ALA JF 51 -98.08 11.41 -58.26
C ALA JF 51 -99.08 12.55 -58.41
N ALA JF 52 -100.01 12.65 -57.44
CA ALA JF 52 -101.07 13.65 -57.53
C ALA JF 52 -100.54 15.08 -57.51
N ASN JF 53 -99.33 15.29 -56.98
CA ASN JF 53 -98.68 16.59 -57.08
C ASN JF 53 -97.89 16.75 -58.38
N SER JF 54 -97.65 15.65 -59.10
CA SER JF 54 -96.87 15.68 -60.33
C SER JF 54 -97.79 15.80 -61.54
N ASN JF 55 -97.26 16.43 -62.59
CA ASN JF 55 -97.94 16.46 -63.87
C ASN JF 55 -97.73 15.13 -64.58
N ARG JF 56 -98.79 14.59 -65.18
CA ARG JF 56 -98.60 13.45 -66.04
C ARG JF 56 -97.92 13.91 -67.33
N LYS JF 57 -97.13 13.02 -67.92
CA LYS JF 57 -96.33 13.37 -69.07
C LYS JF 57 -96.55 12.36 -70.19
N VAL JF 58 -96.51 12.83 -71.42
CA VAL JF 58 -96.78 11.98 -72.58
C VAL JF 58 -95.72 12.31 -73.63
N THR JF 59 -94.98 11.30 -74.08
CA THR JF 59 -93.88 11.55 -74.99
C THR JF 59 -93.97 10.68 -76.23
N MET JF 60 -93.66 11.30 -77.38
CA MET JF 60 -93.71 10.68 -78.69
C MET JF 60 -92.36 10.83 -79.36
N LEU JF 61 -91.93 9.77 -80.04
CA LEU JF 61 -90.74 9.78 -80.87
C LEU JF 61 -91.07 9.26 -82.25
N LEU JF 62 -90.79 10.08 -83.26
CA LEU JF 62 -90.96 9.73 -84.67
C LEU JF 62 -89.58 9.73 -85.30
N THR JF 63 -89.19 8.59 -85.86
CA THR JF 63 -87.89 8.42 -86.48
C THR JF 63 -88.06 8.07 -87.96
N ASP JF 64 -87.40 8.84 -88.82
CA ASP JF 64 -87.41 8.61 -90.27
C ASP JF 64 -85.99 8.42 -90.74
N PRO JF 65 -85.60 7.19 -91.05
CA PRO JF 65 -84.29 6.95 -91.66
C PRO JF 65 -84.36 6.96 -93.18
N VAL JF 66 -83.30 7.47 -93.79
CA VAL JF 66 -83.17 7.58 -95.23
C VAL JF 66 -81.77 7.08 -95.60
N VAL JF 67 -81.67 6.44 -96.76
CA VAL JF 67 -80.38 6.03 -97.29
C VAL JF 67 -79.84 7.16 -98.15
N VAL JF 68 -78.59 7.55 -97.89
CA VAL JF 68 -77.92 8.65 -98.58
C VAL JF 68 -76.61 8.13 -99.14
N LYS JF 69 -76.17 8.72 -100.26
CA LYS JF 69 -74.89 8.42 -100.85
C LYS JF 69 -73.77 8.98 -100.00
N ASP JF 70 -72.73 8.17 -99.83
CA ASP JF 70 -71.53 8.62 -99.13
C ASP JF 70 -70.72 9.57 -100.02
N ALA JF 71 -69.83 10.33 -99.39
CA ALA JF 71 -68.90 11.15 -100.18
C ALA JF 71 -68.01 10.27 -101.04
N SER JF 72 -67.70 9.06 -100.57
CA SER JF 72 -67.02 8.06 -101.39
C SER JF 72 -67.98 7.38 -102.36
N GLY JF 73 -69.26 7.31 -102.00
CA GLY JF 73 -70.26 6.66 -102.83
C GLY JF 73 -70.98 5.51 -102.16
N ALA JF 74 -70.50 5.04 -101.00
CA ALA JF 74 -71.13 3.94 -100.30
C ALA JF 74 -72.55 4.28 -99.87
N ASP JF 75 -73.33 3.24 -99.61
CA ASP JF 75 -74.68 3.42 -99.09
C ASP JF 75 -74.63 3.60 -97.59
N MET JF 76 -75.27 4.66 -97.09
CA MET JF 76 -75.21 4.96 -95.66
C MET JF 76 -76.59 5.36 -95.18
N THR JF 77 -77.00 4.86 -94.01
CA THR JF 77 -78.33 5.16 -93.48
C THR JF 77 -78.24 6.25 -92.43
N ILE JF 78 -79.11 7.26 -92.56
CA ILE JF 78 -79.12 8.45 -91.71
C ILE JF 78 -80.52 8.65 -91.18
N LYS JF 79 -80.65 8.82 -89.87
CA LYS JF 79 -81.94 9.00 -89.22
C LYS JF 79 -82.16 10.46 -88.87
N ALA JF 80 -83.42 10.89 -88.96
CA ALA JF 80 -83.88 12.19 -88.48
C ALA JF 80 -84.97 11.96 -87.45
N ASN JF 81 -84.88 12.68 -86.34
CA ASN JF 81 -85.77 12.43 -85.20
C ASN JF 81 -86.64 13.63 -84.94
N ALA JF 82 -87.88 13.37 -84.51
CA ALA JF 82 -88.74 14.41 -83.98
C ALA JF 82 -89.38 13.86 -82.72
N SER JF 83 -89.40 14.68 -81.66
CA SER JF 83 -89.92 14.21 -80.38
C SER JF 83 -90.83 15.26 -79.79
N VAL JF 84 -92.00 14.84 -79.33
CA VAL JF 84 -92.98 15.72 -78.71
C VAL JF 84 -93.16 15.27 -77.26
N THR JF 85 -93.38 16.22 -76.37
CA THR JF 85 -93.63 15.93 -74.95
C THR JF 85 -94.72 16.87 -74.44
N PHE JF 86 -95.81 16.28 -73.96
CA PHE JF 86 -96.92 16.99 -73.35
C PHE JF 86 -96.78 16.87 -71.84
N SER JF 87 -96.61 18.01 -71.16
CA SER JF 87 -96.65 18.08 -69.71
C SER JF 87 -98.01 18.62 -69.31
N LEU JF 88 -98.83 17.77 -68.72
CA LEU JF 88 -100.23 18.06 -68.42
C LEU JF 88 -100.46 17.89 -66.93
N PRO JF 89 -100.67 18.97 -66.19
CA PRO JF 89 -101.05 18.86 -64.78
C PRO JF 89 -102.43 18.22 -64.62
N LYS JF 90 -102.63 17.62 -63.46
CA LYS JF 90 -103.85 16.87 -63.21
C LYS JF 90 -104.99 17.74 -62.71
N THR JF 91 -104.79 19.05 -62.61
CA THR JF 91 -105.86 20.02 -62.38
C THR JF 91 -106.25 20.74 -63.66
N TYR JF 92 -105.56 20.46 -64.75
CA TYR JF 92 -105.82 21.06 -66.05
C TYR JF 92 -106.95 20.32 -66.76
N PRO JF 93 -107.91 21.01 -67.35
CA PRO JF 93 -109.07 20.32 -67.94
C PRO JF 93 -108.79 19.69 -69.29
N ASN JF 94 -109.42 18.52 -69.49
CA ASN JF 94 -109.19 17.74 -70.69
C ASN JF 94 -109.53 18.53 -71.95
N GLU JF 95 -110.58 19.36 -71.88
CA GLU JF 95 -110.94 20.20 -73.01
C GLU JF 95 -109.75 21.03 -73.47
N HIS JF 96 -109.12 21.75 -72.53
CA HIS JF 96 -108.00 22.60 -72.89
C HIS JF 96 -106.78 21.79 -73.30
N ILE JF 97 -106.64 20.54 -72.83
CA ILE JF 97 -105.59 19.69 -73.38
C ILE JF 97 -105.83 19.44 -74.89
N THR JF 98 -107.07 19.14 -75.24
CA THR JF 98 -107.38 18.95 -76.67
C THR JF 98 -107.11 20.23 -77.45
N LYS JF 99 -107.52 21.38 -76.90
CA LYS JF 99 -107.21 22.67 -77.50
C LYS JF 99 -105.72 22.83 -77.75
N LEU JF 100 -104.91 22.48 -76.73
CA LEU JF 100 -103.47 22.58 -76.83
C LEU JF 100 -102.93 21.70 -77.98
N ARG JF 101 -103.37 20.45 -78.03
CA ARG JF 101 -102.89 19.55 -79.08
C ARG JF 101 -103.22 20.09 -80.46
N GLN JF 102 -104.44 20.61 -80.62
CA GLN JF 102 -104.82 21.11 -81.94
C GLN JF 102 -104.05 22.37 -82.31
N THR JF 103 -103.83 23.29 -81.35
CA THR JF 103 -103.01 24.46 -81.65
C THR JF 103 -101.59 24.06 -82.02
N LEU JF 104 -101.08 22.99 -81.42
CA LEU JF 104 -99.75 22.51 -81.80
C LEU JF 104 -99.74 22.01 -83.24
N ILE JF 105 -100.77 21.26 -83.63
CA ILE JF 105 -100.88 20.81 -85.02
C ILE JF 105 -100.88 22.01 -85.96
N ALA JF 106 -101.69 23.02 -85.63
CA ALA JF 106 -101.78 24.22 -86.46
C ALA JF 106 -100.44 24.91 -86.57
N TRP JF 107 -99.72 25.03 -85.45
CA TRP JF 107 -98.41 25.67 -85.46
C TRP JF 107 -97.43 24.89 -86.32
N LEU JF 108 -97.43 23.57 -86.20
CA LEU JF 108 -96.55 22.73 -87.02
C LEU JF 108 -96.87 22.88 -88.50
N GLY JF 109 -98.08 23.29 -88.82
CA GLY JF 109 -98.42 23.61 -90.20
C GLY JF 109 -97.84 24.90 -90.72
N GLN JF 110 -97.57 25.86 -89.83
CA GLN JF 110 -97.25 27.23 -90.23
C GLN JF 110 -95.93 27.32 -90.98
N GLN JF 111 -95.82 28.36 -91.80
CA GLN JF 111 -94.58 28.55 -92.55
C GLN JF 111 -93.45 29.01 -91.63
N CYS JF 112 -93.76 29.81 -90.61
CA CYS JF 112 -92.72 30.27 -89.70
C CYS JF 112 -92.12 29.13 -88.88
N VAL JF 113 -92.85 28.02 -88.74
CA VAL JF 113 -92.27 26.81 -88.18
C VAL JF 113 -91.62 25.96 -89.26
N SER JF 114 -92.19 25.97 -90.47
CA SER JF 114 -91.70 25.11 -91.54
C SER JF 114 -90.30 25.52 -91.99
N ASP JF 115 -90.07 26.82 -92.18
CA ASP JF 115 -88.80 27.28 -92.75
C ASP JF 115 -87.59 26.84 -91.92
N PRO JF 116 -87.52 27.07 -90.60
CA PRO JF 116 -86.36 26.57 -89.86
C PRO JF 116 -86.27 25.06 -89.83
N VAL JF 117 -87.39 24.37 -89.62
CA VAL JF 117 -87.37 22.91 -89.56
C VAL JF 117 -86.98 22.33 -90.91
N ASP JF 118 -87.75 22.66 -91.95
CA ASP JF 118 -87.57 21.97 -93.24
C ASP JF 118 -86.27 22.37 -93.92
N SER JF 119 -85.91 23.65 -93.89
CA SER JF 119 -84.78 24.13 -94.69
C SER JF 119 -83.66 24.78 -93.90
N GLY JF 120 -83.88 25.09 -92.62
CA GLY JF 120 -82.85 25.71 -91.81
C GLY JF 120 -82.83 27.22 -91.84
N LEU JF 121 -83.70 27.85 -92.62
CA LEU JF 121 -83.76 29.30 -92.65
C LEU JF 121 -84.46 29.81 -91.40
N ASN JF 122 -83.86 30.80 -90.75
CA ASN JF 122 -84.54 31.46 -89.64
C ASN JF 122 -85.47 32.56 -90.16
N ASN JF 123 -86.46 32.89 -89.34
CA ASN JF 123 -87.38 33.96 -89.71
C ASN JF 123 -86.82 35.31 -89.27
N TYR JF 124 -87.33 36.37 -89.87
CA TYR JF 124 -86.80 37.70 -89.62
C TYR JF 124 -87.90 38.75 -89.49
N MET KF 1 -111.35 -12.32 -70.10
CA MET KF 1 -112.35 -11.80 -71.02
C MET KF 1 -111.75 -10.72 -71.91
N ARG KF 2 -112.44 -10.40 -73.00
CA ARG KF 2 -112.04 -9.30 -73.87
C ARG KF 2 -112.61 -8.00 -73.32
N LEU KF 3 -111.73 -7.14 -72.81
CA LEU KF 3 -112.14 -5.91 -72.15
C LEU KF 3 -112.96 -5.02 -73.06
N THR KF 4 -114.11 -4.58 -72.56
CA THR KF 4 -114.98 -3.63 -73.24
C THR KF 4 -115.40 -2.60 -72.20
N ASP KF 5 -115.67 -1.37 -72.67
CA ASP KF 5 -116.16 -0.34 -71.76
C ASP KF 5 -117.38 -0.86 -71.02
N VAL KF 6 -117.51 -0.45 -69.77
CA VAL KF 6 -118.48 -1.07 -68.86
C VAL KF 6 -119.44 0.00 -68.37
N ASP KF 7 -120.72 -0.38 -68.25
CA ASP KF 7 -121.72 0.49 -67.65
C ASP KF 7 -122.36 -0.21 -66.47
N LEU KF 8 -122.26 0.43 -65.30
CA LEU KF 8 -122.70 -0.13 -64.05
C LEU KF 8 -123.97 0.56 -63.62
N THR KF 9 -124.94 -0.24 -63.17
CA THR KF 9 -126.17 0.29 -62.60
C THR KF 9 -125.93 0.45 -61.11
N VAL KF 10 -125.88 1.70 -60.66
CA VAL KF 10 -125.52 2.05 -59.29
C VAL KF 10 -126.71 2.72 -58.65
N GLY KF 11 -127.46 1.95 -57.85
CA GLY KF 11 -128.69 2.46 -57.28
C GLY KF 11 -129.64 2.85 -58.39
N GLU KF 12 -129.91 4.15 -58.52
CA GLU KF 12 -130.81 4.63 -59.57
C GLU KF 12 -130.07 5.44 -60.63
N GLU KF 13 -128.76 5.28 -60.71
CA GLU KF 13 -127.94 6.03 -61.65
C GLU KF 13 -127.15 5.02 -62.48
N THR KF 14 -126.53 5.49 -63.55
CA THR KF 14 -125.67 4.64 -64.36
C THR KF 14 -124.30 5.28 -64.48
N ARG KF 15 -123.28 4.57 -63.99
CA ARG KF 15 -121.89 4.97 -64.13
C ARG KF 15 -121.31 4.33 -65.39
N GLU KF 16 -120.47 5.07 -66.11
CA GLU KF 16 -119.95 4.62 -67.40
C GLU KF 16 -118.44 4.73 -67.42
N TYR KF 17 -117.76 3.59 -67.40
CA TYR KF 17 -116.32 3.53 -67.38
C TYR KF 17 -115.78 3.09 -68.73
N ALA KF 18 -114.60 3.62 -69.06
CA ALA KF 18 -113.88 3.30 -70.27
C ALA KF 18 -112.52 2.68 -69.93
N VAL KF 19 -112.10 1.71 -70.74
CA VAL KF 19 -110.81 1.07 -70.53
C VAL KF 19 -109.71 2.10 -70.67
N SER KF 20 -108.85 2.19 -69.66
CA SER KF 20 -107.74 3.14 -69.65
C SER KF 20 -106.36 2.50 -69.75
N GLU KF 21 -106.17 1.28 -69.23
CA GLU KF 21 -104.96 0.55 -69.60
C GLU KF 21 -105.14 -0.93 -69.37
N GLN KF 22 -104.42 -1.72 -70.18
CA GLN KF 22 -104.41 -3.17 -70.06
C GLN KF 22 -102.96 -3.64 -70.12
N GLN KF 23 -102.49 -4.27 -69.06
CA GLN KF 23 -101.18 -4.88 -69.02
C GLN KF 23 -101.35 -6.40 -69.03
N GLY KF 24 -100.31 -7.11 -68.63
CA GLY KF 24 -100.40 -8.54 -68.58
C GLY KF 24 -101.44 -8.99 -67.58
N THR KF 25 -101.23 -8.62 -66.31
CA THR KF 25 -102.07 -9.05 -65.21
C THR KF 25 -102.85 -7.89 -64.59
N LEU KF 26 -102.81 -6.71 -65.19
CA LEU KF 26 -103.40 -5.51 -64.62
C LEU KF 26 -104.26 -4.80 -65.66
N PHE KF 27 -105.38 -4.24 -65.21
CA PHE KF 27 -106.21 -3.38 -66.05
C PHE KF 27 -106.74 -2.22 -65.22
N ARG KF 28 -107.20 -1.20 -65.94
CA ARG KF 28 -107.68 0.02 -65.32
C ARG KF 28 -108.75 0.65 -66.19
N PHE KF 29 -109.91 0.91 -65.58
CA PHE KF 29 -111.04 1.65 -66.14
C PHE KF 29 -111.09 3.04 -65.53
N VAL KF 30 -111.80 3.93 -66.22
CA VAL KF 30 -111.86 5.34 -65.85
C VAL KF 30 -113.28 5.86 -66.08
N ASP KF 31 -113.79 6.64 -65.13
CA ASP KF 31 -115.15 7.19 -65.25
C ASP KF 31 -115.22 8.16 -66.44
N LYS KF 32 -116.07 7.82 -67.42
CA LYS KF 32 -116.17 8.64 -68.62
C LYS KF 32 -116.62 10.06 -68.29
N SER KF 33 -117.42 10.23 -67.24
CA SER KF 33 -117.97 11.51 -66.85
C SER KF 33 -116.94 12.46 -66.27
N GLY KF 34 -115.66 12.11 -66.29
CA GLY KF 34 -114.65 12.97 -65.69
C GLY KF 34 -114.26 14.09 -66.63
N THR KF 35 -114.15 15.29 -66.08
CA THR KF 35 -113.71 16.46 -66.85
C THR KF 35 -112.23 16.74 -66.69
N VAL KF 36 -111.69 16.51 -65.50
CA VAL KF 36 -110.29 16.73 -65.21
C VAL KF 36 -109.73 15.43 -64.65
N ALA KF 37 -108.39 15.30 -64.70
CA ALA KF 37 -107.74 14.15 -64.11
C ALA KF 37 -108.15 13.97 -62.64
N ASN KF 38 -108.06 15.04 -61.85
CA ASN KF 38 -108.45 14.96 -60.44
C ASN KF 38 -109.95 14.76 -60.27
N ASN KF 39 -110.75 15.31 -61.19
CA ASN KF 39 -112.19 15.08 -61.18
C ASN KF 39 -112.51 13.60 -61.37
N THR KF 40 -111.65 12.86 -62.06
CA THR KF 40 -112.00 11.57 -62.65
C THR KF 40 -111.83 10.41 -61.68
N GLY KF 41 -112.91 9.65 -61.48
CA GLY KF 41 -112.82 8.42 -60.71
C GLY KF 41 -112.21 7.30 -61.53
N VAL KF 42 -111.63 6.33 -60.83
CA VAL KF 42 -110.90 5.24 -61.50
C VAL KF 42 -111.13 3.93 -60.77
N PHE KF 43 -110.87 2.84 -61.50
CA PHE KF 43 -110.96 1.50 -60.95
C PHE KF 43 -109.88 0.65 -61.57
N SER KF 44 -109.12 -0.04 -60.74
CA SER KF 44 -107.98 -0.81 -61.19
C SER KF 44 -107.98 -2.18 -60.54
N LEU KF 45 -107.49 -3.19 -61.27
CA LEU KF 45 -107.42 -4.55 -60.76
C LEU KF 45 -106.13 -5.20 -61.25
N GLU KF 46 -105.51 -6.00 -60.38
CA GLU KF 46 -104.25 -6.66 -60.66
C GLU KF 46 -104.25 -8.03 -60.00
N GLN KF 47 -103.81 -9.05 -60.73
CA GLN KF 47 -103.64 -10.38 -60.17
C GLN KF 47 -102.15 -10.70 -60.05
N ARG KF 48 -101.78 -11.26 -58.91
CA ARG KF 48 -100.42 -11.70 -58.60
C ARG KF 48 -100.50 -13.19 -58.34
N PHE KF 49 -100.13 -13.97 -59.35
CA PHE KF 49 -100.09 -15.42 -59.26
C PHE KF 49 -98.78 -15.83 -58.61
N GLY KF 50 -98.85 -16.58 -57.52
CA GLY KF 50 -97.66 -16.98 -56.78
C GLY KF 50 -97.10 -18.31 -57.24
N ALA KF 51 -96.10 -18.78 -56.49
CA ALA KF 51 -95.60 -20.14 -56.70
C ALA KF 51 -96.66 -21.16 -56.28
N ALA KF 52 -96.36 -22.44 -56.48
CA ALA KF 52 -97.36 -23.48 -56.19
C ALA KF 52 -97.65 -23.58 -54.70
N ASN KF 53 -96.70 -23.20 -53.84
CA ASN KF 53 -96.94 -23.16 -52.41
C ASN KF 53 -97.65 -21.89 -51.97
N SER KF 54 -97.74 -20.90 -52.86
CA SER KF 54 -98.36 -19.63 -52.54
C SER KF 54 -99.83 -19.62 -52.93
N ASN KF 55 -100.54 -18.60 -52.46
CA ASN KF 55 -101.89 -18.32 -52.88
C ASN KF 55 -101.84 -17.20 -53.92
N ARG KF 56 -102.65 -17.31 -54.96
CA ARG KF 56 -102.76 -16.18 -55.87
C ARG KF 56 -103.58 -15.09 -55.20
N LYS KF 57 -103.25 -13.84 -55.50
CA LYS KF 57 -103.90 -12.70 -54.89
C LYS KF 57 -104.44 -11.79 -55.97
N VAL KF 58 -105.68 -11.33 -55.81
CA VAL KF 58 -106.27 -10.37 -56.73
C VAL KF 58 -106.63 -9.14 -55.93
N THR KF 59 -106.22 -7.97 -56.40
CA THR KF 59 -106.46 -6.72 -55.70
C THR KF 59 -107.16 -5.74 -56.62
N MET KF 60 -108.08 -4.96 -56.03
CA MET KF 60 -108.83 -3.94 -56.73
C MET KF 60 -108.81 -2.66 -55.91
N LEU KF 61 -108.67 -1.55 -56.62
CA LEU KF 61 -108.77 -0.22 -56.03
C LEU KF 61 -109.79 0.61 -56.79
N LEU KF 62 -110.74 1.17 -56.05
CA LEU KF 62 -111.77 2.05 -56.57
C LEU KF 62 -111.60 3.42 -55.93
N THR KF 63 -111.39 4.45 -56.75
CA THR KF 63 -111.16 5.80 -56.28
C THR KF 63 -112.26 6.72 -56.82
N ASP KF 64 -112.95 7.42 -55.90
CA ASP KF 64 -114.05 8.32 -56.26
C ASP KF 64 -113.79 9.69 -55.66
N PRO KF 65 -113.20 10.61 -56.42
CA PRO KF 65 -113.01 11.97 -55.93
C PRO KF 65 -114.26 12.83 -56.12
N VAL KF 66 -114.39 13.85 -55.26
CA VAL KF 66 -115.49 14.80 -55.29
C VAL KF 66 -114.95 16.19 -55.01
N VAL KF 67 -115.61 17.21 -55.55
CA VAL KF 67 -115.18 18.60 -55.35
C VAL KF 67 -115.93 19.20 -54.17
N VAL KF 68 -115.19 19.76 -53.22
CA VAL KF 68 -115.75 20.43 -52.05
C VAL KF 68 -115.29 21.89 -52.01
N MET KF 76 -111.36 22.64 -53.54
CA MET KF 76 -110.58 21.44 -53.22
C MET KF 76 -111.31 20.15 -53.66
N THR KF 77 -110.55 19.15 -54.08
CA THR KF 77 -111.09 17.84 -54.45
C THR KF 77 -110.56 16.79 -53.47
N ILE KF 78 -111.48 16.00 -52.94
CA ILE KF 78 -111.23 15.02 -51.88
C ILE KF 78 -111.50 13.63 -52.44
N LYS KF 79 -110.58 12.70 -52.18
CA LYS KF 79 -110.65 11.36 -52.74
C LYS KF 79 -110.94 10.33 -51.65
N ALA KF 80 -111.84 9.39 -51.95
CA ALA KF 80 -112.15 8.27 -51.08
C ALA KF 80 -111.89 6.96 -51.81
N ASN KF 81 -111.36 5.98 -51.09
CA ASN KF 81 -110.89 4.74 -51.70
C ASN KF 81 -111.60 3.54 -51.11
N ALA KF 82 -111.92 2.58 -51.96
CA ALA KF 82 -112.28 1.24 -51.54
C ALA KF 82 -111.29 0.28 -52.16
N SER KF 83 -110.82 -0.68 -51.36
CA SER KF 83 -109.84 -1.64 -51.86
C SER KF 83 -110.25 -3.04 -51.43
N VAL KF 84 -110.35 -3.93 -52.40
CA VAL KF 84 -110.71 -5.33 -52.15
C VAL KF 84 -109.50 -6.19 -52.48
N THR KF 85 -109.29 -7.26 -51.71
CA THR KF 85 -108.21 -8.20 -51.95
C THR KF 85 -108.71 -9.61 -51.69
N PHE KF 86 -108.59 -10.47 -52.71
CA PHE KF 86 -108.97 -11.87 -52.64
C PHE KF 86 -107.70 -12.70 -52.54
N SER KF 87 -107.53 -13.41 -51.43
CA SER KF 87 -106.44 -14.37 -51.27
C SER KF 87 -107.01 -15.77 -51.48
N LEU KF 88 -106.58 -16.40 -52.56
CA LEU KF 88 -107.17 -17.65 -53.04
C LEU KF 88 -106.09 -18.71 -53.17
N PRO KF 89 -106.12 -19.74 -52.34
CA PRO KF 89 -105.19 -20.87 -52.53
C PRO KF 89 -105.53 -21.62 -53.80
N LYS KF 90 -104.51 -22.20 -54.42
CA LYS KF 90 -104.70 -22.83 -55.71
C LYS KF 90 -105.57 -24.08 -55.60
N THR KF 91 -105.36 -24.88 -54.56
CA THR KF 91 -106.17 -26.08 -54.35
C THR KF 91 -107.64 -25.77 -54.09
N TYR KF 92 -107.95 -24.53 -53.73
CA TYR KF 92 -109.33 -24.13 -53.42
C TYR KF 92 -110.17 -24.15 -54.70
N PRO KF 93 -111.41 -24.66 -54.67
CA PRO KF 93 -112.15 -24.88 -55.92
C PRO KF 93 -112.82 -23.62 -56.47
N ASN KF 94 -112.74 -23.49 -57.79
CA ASN KF 94 -113.24 -22.30 -58.47
C ASN KF 94 -114.71 -22.04 -58.15
N GLU KF 95 -115.50 -23.11 -57.98
CA GLU KF 95 -116.90 -22.92 -57.65
C GLU KF 95 -117.08 -22.20 -56.33
N HIS KF 96 -116.39 -22.66 -55.28
CA HIS KF 96 -116.47 -21.97 -53.99
C HIS KF 96 -115.88 -20.57 -54.03
N ILE KF 97 -114.95 -20.29 -54.96
CA ILE KF 97 -114.50 -18.90 -55.12
C ILE KF 97 -115.64 -18.02 -55.65
N THR KF 98 -116.35 -18.48 -56.69
CA THR KF 98 -117.50 -17.72 -57.19
C THR KF 98 -118.48 -17.47 -56.05
N LYS KF 99 -118.71 -18.50 -55.23
CA LYS KF 99 -119.55 -18.34 -54.05
C LYS KF 99 -119.05 -17.21 -53.14
N LEU KF 100 -117.76 -17.24 -52.80
CA LEU KF 100 -117.19 -16.22 -51.93
C LEU KF 100 -117.45 -14.82 -52.47
N ARG KF 101 -117.15 -14.60 -53.76
CA ARG KF 101 -117.36 -13.28 -54.36
C ARG KF 101 -118.82 -12.85 -54.22
N GLN KF 102 -119.75 -13.75 -54.54
CA GLN KF 102 -121.16 -13.37 -54.48
C GLN KF 102 -121.60 -13.02 -53.06
N THR KF 103 -121.12 -13.78 -52.07
CA THR KF 103 -121.50 -13.48 -50.69
C THR KF 103 -120.89 -12.17 -50.22
N LEU KF 104 -119.71 -11.80 -50.72
CA LEU KF 104 -119.18 -10.48 -50.39
C LEU KF 104 -120.07 -9.38 -50.95
N ILE KF 105 -120.54 -9.55 -52.19
CA ILE KF 105 -121.50 -8.60 -52.75
C ILE KF 105 -122.72 -8.48 -51.84
N ALA KF 106 -123.29 -9.62 -51.45
CA ALA KF 106 -124.47 -9.63 -50.59
C ALA KF 106 -124.19 -8.90 -49.27
N TRP KF 107 -123.03 -9.14 -48.68
CA TRP KF 107 -122.68 -8.48 -47.42
C TRP KF 107 -122.60 -6.97 -47.60
N LEU KF 108 -121.90 -6.51 -48.65
CA LEU KF 108 -121.81 -5.09 -48.94
C LEU KF 108 -123.17 -4.46 -49.18
N GLY KF 109 -124.18 -5.26 -49.48
CA GLY KF 109 -125.55 -4.76 -49.53
C GLY KF 109 -126.18 -4.42 -48.19
N GLN KF 110 -125.81 -5.13 -47.13
CA GLN KF 110 -126.57 -5.14 -45.89
C GLN KF 110 -126.43 -3.84 -45.10
N GLN KF 111 -127.41 -3.61 -44.23
CA GLN KF 111 -127.42 -2.40 -43.40
C GLN KF 111 -126.26 -2.39 -42.42
N CYS KF 112 -125.97 -3.54 -41.81
CA CYS KF 112 -124.88 -3.60 -40.83
C CYS KF 112 -123.54 -3.21 -41.43
N VAL KF 113 -123.44 -3.23 -42.76
CA VAL KF 113 -122.24 -2.76 -43.45
C VAL KF 113 -122.41 -1.32 -43.94
N SER KF 114 -123.60 -0.96 -44.43
CA SER KF 114 -123.78 0.38 -44.97
C SER KF 114 -123.72 1.43 -43.87
N ASP KF 115 -124.30 1.16 -42.70
CA ASP KF 115 -124.34 2.13 -41.62
C ASP KF 115 -122.93 2.62 -41.20
N PRO KF 116 -121.96 1.73 -40.95
CA PRO KF 116 -120.61 2.26 -40.66
C PRO KF 116 -119.92 2.84 -41.87
N VAL KF 117 -119.99 2.19 -43.04
CA VAL KF 117 -119.33 2.71 -44.23
C VAL KF 117 -119.94 4.05 -44.62
N ASP KF 118 -121.25 4.08 -44.89
CA ASP KF 118 -121.87 5.28 -45.45
C ASP KF 118 -121.83 6.44 -44.47
N SER KF 119 -122.34 6.25 -43.26
CA SER KF 119 -122.52 7.36 -42.33
C SER KF 119 -121.70 7.27 -41.06
N GLY KF 120 -121.03 6.15 -40.80
CA GLY KF 120 -120.22 6.02 -39.61
C GLY KF 120 -120.92 5.49 -38.39
N LEU KF 121 -122.18 5.06 -38.50
CA LEU KF 121 -122.88 4.45 -37.39
C LEU KF 121 -122.34 3.05 -37.16
N ASN KF 122 -121.88 2.77 -35.95
CA ASN KF 122 -121.54 1.40 -35.62
C ASN KF 122 -122.79 0.64 -35.20
N ASN KF 123 -122.69 -0.68 -35.24
CA ASN KF 123 -123.82 -1.51 -34.88
C ASN KF 123 -123.78 -1.82 -33.39
N TYR KF 124 -124.97 -1.93 -32.81
CA TYR KF 124 -125.10 -2.09 -31.37
C TYR KF 124 -126.17 -3.09 -31.02
N MET LF 1 -100.40 -9.06 -84.77
CA MET LF 1 -101.73 -9.66 -84.77
C MET LF 1 -102.51 -9.22 -83.54
N ARG LF 2 -103.80 -8.95 -83.72
CA ARG LF 2 -104.71 -8.70 -82.59
C ARG LF 2 -104.99 -10.03 -81.88
N LEU LF 3 -104.41 -10.22 -80.71
CA LEU LF 3 -104.49 -11.50 -80.04
C LEU LF 3 -105.92 -11.79 -79.61
N THR LF 4 -106.40 -12.98 -79.96
CA THR LF 4 -107.65 -13.50 -79.44
C THR LF 4 -107.50 -15.00 -79.23
N ASP LF 5 -108.45 -15.57 -78.49
CA ASP LF 5 -108.43 -17.00 -78.21
C ASP LF 5 -108.32 -17.78 -79.52
N VAL LF 6 -107.66 -18.94 -79.46
CA VAL LF 6 -107.50 -19.76 -80.65
C VAL LF 6 -107.91 -21.19 -80.33
N ASP LF 7 -108.29 -21.90 -81.40
CA ASP LF 7 -108.58 -23.32 -81.34
C ASP LF 7 -107.67 -24.01 -82.35
N LEU LF 8 -106.99 -25.07 -81.90
CA LEU LF 8 -106.03 -25.80 -82.70
C LEU LF 8 -106.59 -27.16 -83.09
N THR LF 9 -106.32 -27.55 -84.32
CA THR LF 9 -106.67 -28.86 -84.81
C THR LF 9 -105.48 -29.78 -84.55
N VAL LF 10 -105.67 -30.79 -83.69
CA VAL LF 10 -104.59 -31.64 -83.23
C VAL LF 10 -104.96 -33.08 -83.57
N GLY LF 11 -104.40 -33.59 -84.67
CA GLY LF 11 -104.77 -34.91 -85.12
C GLY LF 11 -106.26 -34.98 -85.37
N GLU LF 12 -106.97 -35.77 -84.55
CA GLU LF 12 -108.41 -35.93 -84.70
C GLU LF 12 -109.16 -35.36 -83.50
N GLU LF 13 -108.58 -34.40 -82.79
CA GLU LF 13 -109.25 -33.72 -81.71
C GLU LF 13 -109.07 -32.22 -81.89
N THR LF 14 -109.85 -31.45 -81.13
CA THR LF 14 -109.75 -30.00 -81.16
C THR LF 14 -109.36 -29.50 -79.77
N ARG LF 15 -108.32 -28.67 -79.73
CA ARG LF 15 -107.74 -28.15 -78.51
C ARG LF 15 -108.07 -26.66 -78.42
N GLU LF 16 -108.66 -26.23 -77.31
CA GLU LF 16 -109.14 -24.87 -77.17
C GLU LF 16 -108.29 -24.12 -76.16
N TYR LF 17 -107.60 -23.08 -76.61
CA TYR LF 17 -106.83 -22.23 -75.72
C TYR LF 17 -107.53 -20.88 -75.57
N ALA LF 18 -107.21 -20.19 -74.48
CA ALA LF 18 -107.71 -18.86 -74.19
C ALA LF 18 -106.56 -17.97 -73.75
N VAL LF 19 -106.62 -16.70 -74.16
CA VAL LF 19 -105.56 -15.77 -73.80
C VAL LF 19 -105.55 -15.60 -72.31
N SER LF 20 -104.39 -15.86 -71.69
CA SER LF 20 -104.21 -15.69 -70.25
C SER LF 20 -103.42 -14.45 -69.87
N GLU LF 21 -102.52 -13.97 -70.74
CA GLU LF 21 -101.96 -12.64 -70.55
C GLU LF 21 -101.31 -12.17 -71.84
N GLN LF 22 -101.29 -10.86 -72.03
CA GLN LF 22 -100.62 -10.25 -73.17
C GLN LF 22 -99.81 -9.05 -72.71
N GLN LF 23 -98.50 -9.10 -72.91
CA GLN LF 23 -97.58 -8.00 -72.64
C GLN LF 23 -96.97 -7.52 -73.96
N GLY LF 24 -96.05 -6.57 -73.84
CA GLY LF 24 -95.50 -5.94 -75.02
C GLY LF 24 -94.80 -6.91 -75.92
N THR LF 25 -93.92 -7.75 -75.35
CA THR LF 25 -93.13 -8.72 -76.09
C THR LF 25 -93.46 -10.15 -75.72
N LEU LF 26 -94.46 -10.38 -74.87
CA LEU LF 26 -94.77 -11.70 -74.34
C LEU LF 26 -96.28 -11.91 -74.36
N PHE LF 27 -96.68 -13.17 -74.58
CA PHE LF 27 -98.08 -13.55 -74.41
C PHE LF 27 -98.17 -15.00 -73.93
N ARG LF 28 -99.32 -15.32 -73.35
CA ARG LF 28 -99.56 -16.63 -72.76
C ARG LF 28 -101.00 -17.04 -72.96
N PHE LF 29 -101.18 -18.24 -73.48
CA PHE LF 29 -102.46 -18.96 -73.61
C PHE LF 29 -102.53 -20.10 -72.60
N VAL LF 30 -103.77 -20.45 -72.23
CA VAL LF 30 -104.05 -21.55 -71.31
C VAL LF 30 -105.12 -22.45 -71.93
N ASP LF 31 -104.94 -23.77 -71.77
CA ASP LF 31 -105.93 -24.74 -72.26
C ASP LF 31 -107.24 -24.58 -71.50
N LYS LF 32 -108.33 -24.37 -72.26
CA LYS LF 32 -109.64 -24.07 -71.67
C LYS LF 32 -110.18 -25.23 -70.83
N SER LF 33 -109.63 -26.43 -70.98
CA SER LF 33 -110.09 -27.59 -70.23
C SER LF 33 -109.54 -27.66 -68.81
N GLY LF 34 -108.90 -26.60 -68.32
CA GLY LF 34 -108.14 -26.66 -67.09
C GLY LF 34 -108.59 -25.69 -66.01
N THR LF 35 -108.05 -25.91 -64.81
CA THR LF 35 -108.30 -25.11 -63.62
C THR LF 35 -106.97 -24.65 -63.06
N VAL LF 36 -106.98 -23.63 -62.20
CA VAL LF 36 -105.79 -23.32 -61.43
C VAL LF 36 -105.35 -24.55 -60.65
N ALA LF 37 -106.31 -25.27 -60.08
CA ALA LF 37 -105.98 -26.47 -59.30
C ALA LF 37 -105.43 -27.56 -60.19
N ASN LF 38 -106.13 -27.89 -61.26
CA ASN LF 38 -105.69 -28.92 -62.20
C ASN LF 38 -105.46 -28.28 -63.56
N ASN LF 39 -104.22 -27.91 -63.85
CA ASN LF 39 -103.89 -27.33 -65.14
C ASN LF 39 -103.68 -28.41 -66.18
N THR LF 40 -104.00 -28.09 -67.42
CA THR LF 40 -103.98 -29.06 -68.50
C THR LF 40 -103.10 -28.66 -69.67
N GLY LF 41 -102.66 -27.42 -69.74
CA GLY LF 41 -101.79 -26.99 -70.82
C GLY LF 41 -101.56 -25.50 -70.81
N VAL LF 42 -100.34 -25.09 -71.16
CA VAL LF 42 -100.02 -23.67 -71.28
C VAL LF 42 -99.09 -23.50 -72.47
N PHE LF 43 -99.21 -22.34 -73.12
CA PHE LF 43 -98.31 -21.95 -74.19
C PHE LF 43 -97.90 -20.51 -73.97
N SER LF 44 -96.62 -20.23 -74.15
CA SER LF 44 -96.11 -18.88 -73.93
C SER LF 44 -95.06 -18.56 -75.00
N LEU LF 45 -95.01 -17.30 -75.41
CA LEU LF 45 -94.07 -16.85 -76.42
C LEU LF 45 -93.56 -15.46 -76.06
N GLU LF 46 -92.26 -15.26 -76.27
CA GLU LF 46 -91.60 -13.99 -75.98
C GLU LF 46 -90.58 -13.68 -77.08
N GLN LF 47 -90.53 -12.42 -77.50
CA GLN LF 47 -89.50 -11.96 -78.41
C GLN LF 47 -88.56 -11.01 -77.69
N ARG LF 48 -87.27 -11.31 -77.75
CA ARG LF 48 -86.21 -10.39 -77.35
C ARG LF 48 -85.61 -9.84 -78.64
N PHE LF 49 -86.10 -8.68 -79.06
CA PHE LF 49 -85.50 -7.97 -80.17
C PHE LF 49 -84.14 -7.45 -79.73
N GLY LF 50 -83.08 -7.95 -80.35
CA GLY LF 50 -81.75 -7.68 -79.88
C GLY LF 50 -81.24 -6.29 -80.22
N ALA LF 51 -80.05 -5.99 -79.71
CA ALA LF 51 -79.34 -4.79 -80.12
C ALA LF 51 -79.10 -4.81 -81.63
N ALA LF 52 -78.76 -3.64 -82.17
CA ALA LF 52 -78.65 -3.49 -83.62
C ALA LF 52 -77.59 -4.43 -84.21
N ASN LF 53 -76.61 -4.84 -83.42
CA ASN LF 53 -75.61 -5.79 -83.88
C ASN LF 53 -76.06 -7.24 -83.74
N SER LF 54 -76.88 -7.53 -82.75
CA SER LF 54 -77.25 -8.91 -82.42
C SER LF 54 -78.45 -9.38 -83.22
N ASN LF 55 -78.67 -10.69 -83.19
CA ASN LF 55 -79.87 -11.29 -83.73
C ASN LF 55 -81.03 -11.11 -82.77
N ARG LF 56 -82.24 -11.12 -83.31
CA ARG LF 56 -83.41 -11.15 -82.44
C ARG LF 56 -83.78 -12.61 -82.17
N LYS LF 57 -84.32 -12.84 -80.98
CA LYS LF 57 -84.67 -14.18 -80.53
C LYS LF 57 -86.16 -14.25 -80.26
N VAL LF 58 -86.78 -15.35 -80.66
CA VAL LF 58 -88.17 -15.63 -80.30
C VAL LF 58 -88.20 -17.00 -79.64
N THR LF 59 -88.81 -17.07 -78.47
CA THR LF 59 -88.83 -18.33 -77.73
C THR LF 59 -90.27 -18.68 -77.37
N MET LF 60 -90.57 -19.97 -77.44
CA MET LF 60 -91.88 -20.52 -77.13
C MET LF 60 -91.71 -21.70 -76.17
N LEU LF 61 -92.62 -21.77 -75.22
CA LEU LF 61 -92.70 -22.89 -74.29
C LEU LF 61 -94.11 -23.44 -74.28
N LEU LF 62 -94.24 -24.74 -74.56
CA LEU LF 62 -95.49 -25.47 -74.49
C LEU LF 62 -95.37 -26.49 -73.37
N THR LF 63 -96.29 -26.44 -72.42
CA THR LF 63 -96.26 -27.35 -71.28
C THR LF 63 -97.58 -28.10 -71.19
N ASP LF 64 -97.50 -29.43 -71.18
CA ASP LF 64 -98.66 -30.30 -71.04
C ASP LF 64 -98.47 -31.13 -69.79
N PRO LF 65 -99.22 -30.84 -68.73
CA PRO LF 65 -99.20 -31.69 -67.54
C PRO LF 65 -100.30 -32.74 -67.58
N VAL LF 66 -99.98 -33.90 -67.00
CA VAL LF 66 -100.86 -35.05 -66.93
C VAL LF 66 -100.80 -35.62 -65.52
N VAL LF 67 -101.93 -36.10 -65.04
CA VAL LF 67 -101.97 -36.80 -63.75
C VAL LF 67 -101.64 -38.27 -63.99
N VAL LF 68 -100.83 -38.83 -63.10
CA VAL LF 68 -100.38 -40.22 -63.18
C VAL LF 68 -100.45 -40.81 -61.78
N LYS LF 69 -100.96 -42.03 -61.67
CA LYS LF 69 -100.95 -42.73 -60.40
C LYS LF 69 -99.51 -43.11 -60.04
N ASP LF 70 -99.21 -43.08 -58.75
CA ASP LF 70 -97.89 -43.39 -58.24
C ASP LF 70 -97.81 -44.88 -57.86
N ALA LF 71 -96.58 -45.36 -57.69
CA ALA LF 71 -96.40 -46.70 -57.14
C ALA LF 71 -97.04 -46.83 -55.77
N SER LF 72 -97.03 -45.75 -54.99
CA SER LF 72 -97.75 -45.69 -53.72
C SER LF 72 -99.25 -45.50 -53.89
N GLY LF 73 -99.74 -45.36 -55.12
CA GLY LF 73 -101.12 -45.08 -55.39
C GLY LF 73 -101.48 -43.60 -55.43
N ALA LF 74 -100.70 -42.77 -54.74
CA ALA LF 74 -100.97 -41.33 -54.67
C ALA LF 74 -101.01 -40.73 -56.07
N ASP LF 75 -101.84 -39.70 -56.23
CA ASP LF 75 -101.94 -39.02 -57.52
C ASP LF 75 -100.82 -37.99 -57.65
N MET LF 76 -100.16 -37.98 -58.80
CA MET LF 76 -98.94 -37.20 -59.02
C MET LF 76 -99.05 -36.50 -60.36
N THR LF 77 -98.86 -35.18 -60.37
CA THR LF 77 -98.96 -34.40 -61.61
C THR LF 77 -97.57 -34.24 -62.22
N ILE LF 78 -97.45 -34.56 -63.51
CA ILE LF 78 -96.18 -34.63 -64.21
C ILE LF 78 -96.29 -33.76 -65.47
N LYS LF 79 -95.26 -32.93 -65.71
CA LYS LF 79 -95.25 -32.02 -66.84
C LYS LF 79 -94.26 -32.50 -67.89
N ALA LF 80 -94.65 -32.37 -69.16
CA ALA LF 80 -93.75 -32.54 -70.30
C ALA LF 80 -93.66 -31.22 -71.05
N ASN LF 81 -92.45 -30.86 -71.48
CA ASN LF 81 -92.24 -29.53 -72.05
C ASN LF 81 -91.67 -29.64 -73.45
N ALA LF 82 -92.07 -28.69 -74.29
CA ALA LF 82 -91.45 -28.48 -75.59
C ALA LF 82 -91.09 -27.01 -75.69
N SER LF 83 -89.88 -26.73 -76.14
CA SER LF 83 -89.42 -25.34 -76.24
C SER LF 83 -88.80 -25.12 -77.61
N VAL LF 84 -89.22 -24.06 -78.29
CA VAL LF 84 -88.71 -23.70 -79.60
C VAL LF 84 -88.06 -22.32 -79.49
N THR LF 85 -86.93 -22.15 -80.18
CA THR LF 85 -86.24 -20.85 -80.19
C THR LF 85 -85.77 -20.55 -81.61
N PHE LF 86 -86.18 -19.40 -82.13
CA PHE LF 86 -85.77 -18.89 -83.42
C PHE LF 86 -84.72 -17.80 -83.19
N SER LF 87 -83.52 -18.02 -83.70
CA SER LF 87 -82.49 -16.99 -83.74
C SER LF 87 -82.45 -16.46 -85.16
N LEU LF 88 -82.87 -15.21 -85.32
CA LEU LF 88 -83.05 -14.59 -86.63
C LEU LF 88 -82.22 -13.32 -86.72
N PRO LF 89 -81.17 -13.33 -87.52
CA PRO LF 89 -80.39 -12.10 -87.74
C PRO LF 89 -81.21 -11.05 -88.46
N LYS LF 90 -80.88 -9.79 -88.23
CA LYS LF 90 -81.66 -8.70 -88.81
C LYS LF 90 -81.59 -8.71 -90.33
N THR LF 91 -80.39 -8.93 -90.88
CA THR LF 91 -80.20 -8.90 -92.33
C THR LF 91 -80.88 -10.07 -93.04
N TYR LF 92 -81.31 -11.09 -92.29
CA TYR LF 92 -81.97 -12.24 -92.89
C TYR LF 92 -83.36 -11.83 -93.39
N PRO LF 93 -83.77 -12.23 -94.59
CA PRO LF 93 -85.04 -11.73 -95.16
C PRO LF 93 -86.26 -12.44 -94.59
N ASN LF 94 -87.31 -11.65 -94.34
CA ASN LF 94 -88.54 -12.17 -93.75
C ASN LF 94 -89.08 -13.36 -94.54
N GLU LF 95 -88.91 -13.36 -95.86
CA GLU LF 95 -89.37 -14.46 -96.68
C GLU LF 95 -88.73 -15.78 -96.26
N HIS LF 96 -87.39 -15.83 -96.25
CA HIS LF 96 -86.71 -17.05 -95.85
C HIS LF 96 -86.97 -17.41 -94.40
N ILE LF 97 -87.32 -16.43 -93.55
CA ILE LF 97 -87.75 -16.78 -92.19
C ILE LF 97 -89.04 -17.62 -92.23
N THR LF 98 -90.06 -17.14 -92.97
CA THR LF 98 -91.30 -17.93 -93.06
C THR LF 98 -90.99 -19.32 -93.63
N LYS LF 99 -90.08 -19.39 -94.61
CA LYS LF 99 -89.62 -20.67 -95.12
C LYS LF 99 -89.09 -21.57 -94.00
N LEU LF 100 -88.21 -21.03 -93.17
CA LEU LF 100 -87.65 -21.78 -92.05
C LEU LF 100 -88.74 -22.33 -91.14
N ARG LF 101 -89.69 -21.46 -90.75
CA ARG LF 101 -90.75 -21.90 -89.84
C ARG LF 101 -91.57 -23.03 -90.45
N GLN LF 102 -91.91 -22.91 -91.73
CA GLN LF 102 -92.72 -23.95 -92.35
C GLN LF 102 -91.97 -25.26 -92.48
N THR LF 103 -90.67 -25.21 -92.85
CA THR LF 103 -89.89 -26.45 -92.89
C THR LF 103 -89.78 -27.09 -91.51
N LEU LF 104 -89.74 -26.29 -90.45
CA LEU LF 104 -89.72 -26.87 -89.11
C LEU LF 104 -91.03 -27.59 -88.81
N ILE LF 105 -92.16 -26.99 -89.17
CA ILE LF 105 -93.44 -27.69 -89.02
C ILE LF 105 -93.41 -29.03 -89.76
N ALA LF 106 -92.94 -29.00 -91.02
CA ALA LF 106 -92.87 -30.21 -91.82
C ALA LF 106 -92.02 -31.28 -91.14
N TRP LF 107 -90.85 -30.88 -90.65
CA TRP LF 107 -89.97 -31.83 -89.96
C TRP LF 107 -90.65 -32.43 -88.74
N LEU LF 108 -91.29 -31.58 -87.93
CA LEU LF 108 -91.96 -32.05 -86.73
C LEU LF 108 -93.07 -33.04 -87.04
N GLY LF 109 -93.61 -33.00 -88.26
CA GLY LF 109 -94.57 -34.01 -88.69
C GLY LF 109 -93.98 -35.35 -89.03
N GLN LF 110 -92.70 -35.39 -89.41
CA GLN LF 110 -92.08 -36.57 -89.99
C GLN LF 110 -91.94 -37.69 -88.97
N GLN LF 111 -91.86 -38.92 -89.49
CA GLN LF 111 -91.72 -40.06 -88.60
C GLN LF 111 -90.32 -40.14 -87.99
N CYS LF 112 -89.29 -39.74 -88.73
CA CYS LF 112 -87.94 -39.75 -88.16
C CYS LF 112 -87.81 -38.81 -86.97
N VAL LF 113 -88.72 -37.84 -86.86
CA VAL LF 113 -88.75 -36.97 -85.69
C VAL LF 113 -89.74 -37.48 -84.64
N SER LF 114 -90.89 -38.01 -85.06
CA SER LF 114 -91.90 -38.44 -84.11
C SER LF 114 -91.45 -39.67 -83.34
N ASP LF 115 -90.84 -40.63 -84.02
CA ASP LF 115 -90.44 -41.88 -83.35
C ASP LF 115 -89.54 -41.65 -82.14
N PRO LF 116 -88.46 -40.88 -82.21
CA PRO LF 116 -87.69 -40.63 -80.99
C PRO LF 116 -88.42 -39.75 -79.98
N VAL LF 117 -89.12 -38.71 -80.44
CA VAL LF 117 -89.84 -37.84 -79.53
C VAL LF 117 -90.97 -38.61 -78.84
N ASP LF 118 -91.83 -39.26 -79.62
CA ASP LF 118 -93.04 -39.86 -79.05
C ASP LF 118 -92.72 -41.11 -78.25
N SER LF 119 -91.89 -42.00 -78.80
CA SER LF 119 -91.70 -43.33 -78.23
C SER LF 119 -90.31 -43.59 -77.68
N GLY LF 120 -89.37 -42.67 -77.88
CA GLY LF 120 -88.02 -42.87 -77.38
C GLY LF 120 -87.17 -43.84 -78.17
N LEU LF 121 -87.62 -44.24 -79.36
CA LEU LF 121 -86.84 -45.11 -80.22
C LEU LF 121 -85.99 -44.27 -81.16
N ASN LF 122 -84.70 -44.60 -81.26
CA ASN LF 122 -83.83 -43.89 -82.18
C ASN LF 122 -83.98 -44.45 -83.59
N ASN LF 123 -83.49 -43.68 -84.56
CA ASN LF 123 -83.55 -44.11 -85.95
C ASN LF 123 -82.30 -44.89 -86.32
N TYR LF 124 -82.39 -45.60 -87.45
CA TYR LF 124 -81.32 -46.48 -87.92
C TYR LF 124 -81.27 -46.59 -89.45
N MET MF 1 -35.08 44.68 -119.49
CA MET MF 1 -36.21 44.72 -120.41
C MET MF 1 -37.54 44.82 -119.67
N ARG MF 2 -38.44 45.67 -120.17
CA ARG MF 2 -39.79 45.72 -119.63
C ARG MF 2 -40.50 44.40 -119.92
N LEU MF 3 -40.82 43.65 -118.87
CA LEU MF 3 -41.36 42.32 -119.04
C LEU MF 3 -42.71 42.34 -119.73
N THR MF 4 -42.92 41.34 -120.58
CA THR MF 4 -44.21 41.13 -121.22
C THR MF 4 -44.42 39.63 -121.32
N ASP MF 5 -45.69 39.23 -121.42
CA ASP MF 5 -46.00 37.82 -121.65
C ASP MF 5 -45.19 37.32 -122.84
N VAL MF 6 -44.85 36.04 -122.82
CA VAL MF 6 -43.90 35.49 -123.77
C VAL MF 6 -44.55 34.33 -124.50
N ASP MF 7 -44.32 34.26 -125.81
CA ASP MF 7 -44.78 33.14 -126.61
C ASP MF 7 -43.56 32.50 -127.26
N LEU MF 8 -43.35 31.22 -126.97
CA LEU MF 8 -42.19 30.46 -127.43
C LEU MF 8 -42.62 29.49 -128.51
N THR MF 9 -41.80 29.37 -129.55
CA THR MF 9 -42.01 28.34 -130.56
C THR MF 9 -41.18 27.13 -130.14
N VAL MF 10 -41.84 26.01 -129.91
CA VAL MF 10 -41.22 24.82 -129.35
C VAL MF 10 -41.45 23.66 -130.30
N GLY MF 11 -40.41 23.28 -131.04
CA GLY MF 11 -40.57 22.26 -132.05
C GLY MF 11 -41.64 22.68 -133.03
N GLU MF 12 -42.77 21.97 -133.01
CA GLU MF 12 -43.85 22.27 -133.94
C GLU MF 12 -45.11 22.72 -133.21
N GLU MF 13 -44.97 23.20 -131.98
CA GLU MF 13 -46.07 23.70 -131.20
C GLU MF 13 -45.69 25.10 -130.71
N THR MF 14 -46.66 25.83 -130.16
CA THR MF 14 -46.40 27.14 -129.58
C THR MF 14 -46.87 27.15 -128.13
N ARG MF 15 -45.97 27.56 -127.25
CA ARG MF 15 -46.18 27.56 -125.81
C ARG MF 15 -46.28 29.00 -125.33
N GLU MF 16 -47.31 29.30 -124.53
CA GLU MF 16 -47.59 30.66 -124.10
C GLU MF 16 -47.43 30.77 -122.59
N TYR MF 17 -46.56 31.69 -122.16
CA TYR MF 17 -46.30 31.98 -120.76
C TYR MF 17 -46.75 33.39 -120.44
N ALA MF 18 -47.13 33.58 -119.17
CA ALA MF 18 -47.56 34.87 -118.65
C ALA MF 18 -46.74 35.21 -117.41
N VAL MF 19 -46.46 36.51 -117.24
CA VAL MF 19 -45.70 36.98 -116.09
C VAL MF 19 -46.46 36.70 -114.82
N SER MF 20 -45.81 36.02 -113.87
CA SER MF 20 -46.40 35.74 -112.56
C SER MF 20 -45.86 36.60 -111.44
N GLU MF 21 -44.55 36.89 -111.42
CA GLU MF 21 -44.06 37.90 -110.49
C GLU MF 21 -42.72 38.43 -110.96
N GLN MF 22 -42.43 39.68 -110.58
CA GLN MF 22 -41.16 40.31 -110.92
C GLN MF 22 -40.63 41.04 -109.70
N GLN MF 23 -39.42 40.69 -109.29
CA GLN MF 23 -38.69 41.36 -108.23
C GLN MF 23 -37.51 42.09 -108.82
N GLY MF 24 -36.67 42.64 -107.95
CA GLY MF 24 -35.54 43.41 -108.43
C GLY MF 24 -34.60 42.59 -109.28
N THR MF 25 -34.28 41.38 -108.80
CA THR MF 25 -33.34 40.49 -109.49
C THR MF 25 -33.95 39.13 -109.79
N LEU MF 26 -35.28 39.01 -109.75
CA LEU MF 26 -35.94 37.73 -109.95
C LEU MF 26 -37.23 37.94 -110.72
N PHE MF 27 -37.58 36.97 -111.58
CA PHE MF 27 -38.88 36.96 -112.22
C PHE MF 27 -39.34 35.53 -112.43
N ARG MF 28 -40.66 35.39 -112.63
CA ARG MF 28 -41.30 34.10 -112.80
C ARG MF 28 -42.46 34.22 -113.76
N PHE MF 29 -42.45 33.33 -114.76
CA PHE MF 29 -43.53 33.09 -115.71
C PHE MF 29 -44.24 31.77 -115.42
N VAL MF 30 -45.51 31.71 -115.80
CA VAL MF 30 -46.33 30.51 -115.68
C VAL MF 30 -46.91 30.17 -117.06
N ASP MF 31 -46.99 28.87 -117.35
CA ASP MF 31 -47.60 28.40 -118.60
C ASP MF 31 -49.09 28.68 -118.58
N LYS MF 32 -49.59 29.42 -119.58
CA LYS MF 32 -51.00 29.77 -119.66
C LYS MF 32 -51.91 28.56 -119.79
N SER MF 33 -51.36 27.37 -120.05
CA SER MF 33 -52.15 26.16 -120.14
C SER MF 33 -52.76 25.76 -118.80
N GLY MF 34 -52.28 26.33 -117.68
CA GLY MF 34 -52.55 25.81 -116.37
C GLY MF 34 -53.27 26.79 -115.45
N THR MF 35 -53.72 26.24 -114.32
CA THR MF 35 -54.41 26.92 -113.24
C THR MF 35 -53.49 26.98 -112.02
N VAL MF 36 -53.83 27.87 -111.08
CA VAL MF 36 -53.32 27.74 -109.72
C VAL MF 36 -53.47 26.30 -109.25
N ALA MF 37 -54.66 25.74 -109.43
CA ALA MF 37 -54.94 24.37 -109.02
C ALA MF 37 -54.05 23.37 -109.76
N ASN MF 38 -54.19 23.32 -111.07
CA ASN MF 38 -53.41 22.40 -111.89
C ASN MF 38 -52.40 23.21 -112.72
N ASN MF 39 -51.12 23.00 -112.47
CA ASN MF 39 -50.06 23.74 -113.13
C ASN MF 39 -49.47 22.92 -114.27
N THR MF 40 -49.21 23.60 -115.39
CA THR MF 40 -48.62 22.95 -116.56
C THR MF 40 -47.16 23.30 -116.79
N GLY MF 41 -46.65 24.37 -116.20
CA GLY MF 41 -45.27 24.74 -116.41
C GLY MF 41 -44.87 26.02 -115.70
N VAL MF 42 -43.62 26.12 -115.28
CA VAL MF 42 -43.12 27.31 -114.59
C VAL MF 42 -41.71 27.59 -115.04
N PHE MF 43 -41.38 28.88 -115.11
CA PHE MF 43 -40.02 29.32 -115.41
C PHE MF 43 -39.65 30.45 -114.47
N SER MF 44 -38.44 30.36 -113.90
CA SER MF 44 -37.97 31.36 -112.97
C SER MF 44 -36.51 31.67 -113.25
N LEU MF 45 -36.14 32.94 -113.06
CA LEU MF 45 -34.78 33.41 -113.30
C LEU MF 45 -34.38 34.40 -112.22
N GLU MF 46 -33.16 34.25 -111.68
CA GLU MF 46 -32.64 35.13 -110.64
C GLU MF 46 -31.16 35.42 -110.89
N GLN MF 47 -30.77 36.69 -110.70
CA GLN MF 47 -29.37 37.10 -110.80
C GLN MF 47 -28.85 37.49 -109.43
N ARG MF 48 -27.60 37.08 -109.16
CA ARG MF 48 -26.90 37.35 -107.91
C ARG MF 48 -25.57 38.02 -108.28
N PHE MF 49 -25.55 39.34 -108.13
CA PHE MF 49 -24.36 40.15 -108.36
C PHE MF 49 -23.50 40.09 -107.10
N GLY MF 50 -22.32 39.48 -107.19
CA GLY MF 50 -21.44 39.33 -106.06
C GLY MF 50 -20.57 40.56 -105.83
N ALA MF 51 -19.56 40.40 -104.98
CA ALA MF 51 -18.58 41.45 -104.81
C ALA MF 51 -17.68 41.54 -106.05
N ALA MF 52 -16.85 42.59 -106.10
CA ALA MF 52 -16.02 42.83 -107.28
C ALA MF 52 -15.00 41.72 -107.50
N ASN MF 53 -14.66 40.95 -106.46
CA ASN MF 53 -13.83 39.76 -106.63
C ASN MF 53 -14.66 38.53 -106.98
N SER MF 54 -15.98 38.59 -106.82
CA SER MF 54 -16.85 37.45 -107.07
C SER MF 54 -17.43 37.52 -108.48
N ASN MF 55 -17.70 36.35 -109.04
CA ASN MF 55 -18.41 36.26 -110.31
C ASN MF 55 -19.90 36.47 -110.06
N ARG MF 56 -20.54 37.26 -110.91
CA ARG MF 56 -21.99 37.33 -110.83
C ARG MF 56 -22.56 36.02 -111.38
N LYS MF 57 -23.72 35.64 -110.86
CA LYS MF 57 -24.30 34.35 -111.18
C LYS MF 57 -25.76 34.54 -111.60
N VAL MF 58 -26.21 33.72 -112.54
CA VAL MF 58 -27.55 33.83 -113.08
C VAL MF 58 -28.13 32.43 -113.18
N THR MF 59 -29.28 32.20 -112.54
CA THR MF 59 -29.82 30.85 -112.46
C THR MF 59 -31.27 30.80 -112.95
N MET MF 60 -31.58 29.76 -113.71
CA MET MF 60 -32.88 29.53 -114.30
C MET MF 60 -33.39 28.16 -113.88
N LEU MF 61 -34.68 28.09 -113.57
CA LEU MF 61 -35.36 26.83 -113.29
C LEU MF 61 -36.60 26.73 -114.17
N LEU MF 62 -36.68 25.66 -114.95
CA LEU MF 62 -37.82 25.34 -115.79
C LEU MF 62 -38.42 24.04 -115.27
N THR MF 63 -39.69 24.09 -114.89
CA THR MF 63 -40.39 22.93 -114.33
C THR MF 63 -41.58 22.59 -115.21
N ASP MF 64 -41.65 21.32 -115.63
CA ASP MF 64 -42.75 20.81 -116.44
C ASP MF 64 -43.39 19.65 -115.72
N PRO MF 65 -44.56 19.85 -115.13
CA PRO MF 65 -45.32 18.74 -114.55
C PRO MF 65 -46.27 18.12 -115.54
N VAL MF 66 -46.43 16.80 -115.42
CA VAL MF 66 -47.30 16.00 -116.28
C VAL MF 66 -48.10 15.06 -115.37
N VAL MF 67 -49.34 14.82 -115.75
CA VAL MF 67 -50.15 13.83 -115.06
C VAL MF 67 -49.95 12.47 -115.70
N VAL MF 68 -49.64 11.47 -114.88
CA VAL MF 68 -49.35 10.11 -115.31
C VAL MF 68 -50.27 9.16 -114.58
N LYS MF 69 -50.60 8.05 -115.22
CA LYS MF 69 -51.39 7.00 -114.63
C LYS MF 69 -50.58 6.26 -113.57
N ASP MF 70 -51.20 5.99 -112.43
CA ASP MF 70 -50.57 5.18 -111.40
C ASP MF 70 -50.55 3.71 -111.81
N ALA MF 71 -49.68 2.94 -111.15
CA ALA MF 71 -49.71 1.49 -111.35
C ALA MF 71 -51.04 0.90 -110.94
N SER MF 72 -51.69 1.50 -109.93
CA SER MF 72 -53.06 1.15 -109.57
C SER MF 72 -54.07 1.77 -110.53
N GLY MF 73 -53.72 2.90 -111.15
CA GLY MF 73 -54.61 3.61 -112.04
C GLY MF 73 -54.94 5.02 -111.62
N ALA MF 74 -54.61 5.42 -110.40
CA ALA MF 74 -54.91 6.75 -109.91
C ALA MF 74 -54.18 7.81 -110.73
N ASP MF 75 -54.69 9.05 -110.66
CA ASP MF 75 -54.05 10.18 -111.31
C ASP MF 75 -52.95 10.73 -110.41
N MET MF 76 -51.74 10.87 -110.97
CA MET MF 76 -50.60 11.30 -110.17
C MET MF 76 -49.81 12.33 -110.96
N THR MF 77 -49.37 13.40 -110.29
CA THR MF 77 -48.62 14.46 -110.97
C THR MF 77 -47.13 14.31 -110.72
N ILE MF 78 -46.34 14.38 -111.79
CA ILE MF 78 -44.90 14.15 -111.76
C ILE MF 78 -44.23 15.32 -112.45
N LYS MF 79 -43.23 15.90 -111.79
CA LYS MF 79 -42.52 17.05 -112.32
C LYS MF 79 -41.16 16.62 -112.86
N ALA MF 80 -40.73 17.28 -113.93
CA ALA MF 80 -39.38 17.17 -114.47
C ALA MF 80 -38.74 18.55 -114.46
N ASN MF 81 -37.49 18.62 -114.01
CA ASN MF 81 -36.83 19.90 -113.79
C ASN MF 81 -35.64 20.04 -114.71
N ALA MF 82 -35.39 21.28 -115.16
CA ALA MF 82 -34.15 21.62 -115.84
C ALA MF 82 -33.66 22.93 -115.25
N SER MF 83 -32.37 22.99 -114.94
CA SER MF 83 -31.83 24.19 -114.30
C SER MF 83 -30.53 24.58 -114.97
N VAL MF 84 -30.40 25.87 -115.29
CA VAL MF 84 -29.20 26.41 -115.92
C VAL MF 84 -28.59 27.42 -114.96
N THR MF 85 -27.25 27.48 -114.93
CA THR MF 85 -26.53 28.45 -114.11
C THR MF 85 -25.35 28.99 -114.90
N PHE MF 86 -25.35 30.31 -115.08
CA PHE MF 86 -24.27 31.03 -115.73
C PHE MF 86 -23.40 31.67 -114.66
N SER MF 87 -22.13 31.26 -114.59
CA SER MF 87 -21.14 31.89 -113.75
C SER MF 87 -20.29 32.80 -114.63
N LEU MF 88 -20.44 34.10 -114.45
CA LEU MF 88 -19.84 35.11 -115.31
C LEU MF 88 -18.97 36.04 -114.48
N PRO MF 89 -17.66 35.96 -114.61
CA PRO MF 89 -16.79 36.93 -113.93
C PRO MF 89 -16.97 38.33 -114.48
N LYS MF 90 -16.65 39.31 -113.65
CA LYS MF 90 -16.89 40.71 -113.99
C LYS MF 90 -15.76 41.32 -114.80
N THR MF 91 -14.74 40.54 -115.15
CA THR MF 91 -13.73 40.94 -116.12
C THR MF 91 -13.95 40.29 -117.47
N TYR MF 92 -14.96 39.44 -117.58
CA TYR MF 92 -15.31 38.74 -118.80
C TYR MF 92 -16.18 39.65 -119.69
N PRO MF 93 -15.90 39.74 -120.98
CA PRO MF 93 -16.65 40.68 -121.83
C PRO MF 93 -18.05 40.19 -122.22
N ASN MF 94 -18.96 41.16 -122.28
CA ASN MF 94 -20.36 40.85 -122.54
C ASN MF 94 -20.53 40.15 -123.89
N GLU MF 95 -19.72 40.52 -124.88
CA GLU MF 95 -19.77 39.86 -126.17
C GLU MF 95 -19.60 38.35 -126.01
N HIS MF 96 -18.54 37.94 -125.31
CA HIS MF 96 -18.28 36.52 -125.14
C HIS MF 96 -19.32 35.86 -124.25
N ILE MF 97 -19.97 36.59 -123.35
CA ILE MF 97 -21.10 36.02 -122.63
C ILE MF 97 -22.23 35.65 -123.63
N THR MF 98 -22.53 36.57 -124.55
CA THR MF 98 -23.55 36.25 -125.57
C THR MF 98 -23.12 35.04 -126.40
N LYS MF 99 -21.85 35.01 -126.80
CA LYS MF 99 -21.30 33.85 -127.51
C LYS MF 99 -21.54 32.56 -126.73
N LEU MF 100 -21.26 32.60 -125.43
CA LEU MF 100 -21.45 31.45 -124.57
C LEU MF 100 -22.90 30.99 -124.56
N ARG MF 101 -23.83 31.93 -124.36
CA ARG MF 101 -25.24 31.57 -124.32
C ARG MF 101 -25.69 30.93 -125.63
N GLN MF 102 -25.24 31.48 -126.76
CA GLN MF 102 -25.66 30.93 -128.03
C GLN MF 102 -25.06 29.55 -128.28
N THR MF 103 -23.77 29.34 -127.91
CA THR MF 103 -23.19 28.00 -128.04
C THR MF 103 -23.92 27.00 -127.17
N LEU MF 104 -24.41 27.43 -126.00
CA LEU MF 104 -25.19 26.54 -125.16
C LEU MF 104 -26.49 26.15 -125.84
N ILE MF 105 -27.17 27.12 -126.46
CA ILE MF 105 -28.40 26.81 -127.20
C ILE MF 105 -28.10 25.78 -128.28
N ALA MF 106 -27.03 26.01 -129.04
CA ALA MF 106 -26.64 25.09 -130.11
C ALA MF 106 -26.36 23.69 -129.57
N TRP MF 107 -25.65 23.61 -128.46
CA TRP MF 107 -25.35 22.31 -127.85
C TRP MF 107 -26.63 21.61 -127.41
N LEU MF 108 -27.55 22.33 -126.78
CA LEU MF 108 -28.81 21.75 -126.37
C LEU MF 108 -29.62 21.25 -127.56
N GLY MF 109 -29.36 21.79 -128.74
CA GLY MF 109 -29.96 21.27 -129.94
C GLY MF 109 -29.40 19.94 -130.44
N GLN MF 110 -28.15 19.65 -130.08
CA GLN MF 110 -27.41 18.55 -130.69
C GLN MF 110 -28.01 17.19 -130.31
N GLN MF 111 -27.77 16.21 -131.19
CA GLN MF 111 -28.27 14.87 -130.91
C GLN MF 111 -27.49 14.21 -129.78
N CYS MF 112 -26.18 14.49 -129.68
CA CYS MF 112 -25.39 13.88 -128.62
C CYS MF 112 -25.80 14.39 -127.24
N VAL MF 113 -26.44 15.56 -127.18
CA VAL MF 113 -27.06 16.00 -125.94
C VAL MF 113 -28.49 15.49 -125.83
N SER MF 114 -29.19 15.35 -126.96
CA SER MF 114 -30.59 14.96 -126.94
C SER MF 114 -30.76 13.52 -126.47
N ASP MF 115 -29.94 12.60 -126.97
CA ASP MF 115 -30.13 11.17 -126.66
C ASP MF 115 -30.08 10.88 -125.17
N PRO MF 116 -29.07 11.29 -124.40
CA PRO MF 116 -29.12 11.02 -122.96
C PRO MF 116 -30.25 11.75 -122.25
N VAL MF 117 -30.48 13.02 -122.58
CA VAL MF 117 -31.54 13.78 -121.92
C VAL MF 117 -32.91 13.19 -122.27
N ASP MF 118 -33.23 13.13 -123.55
CA ASP MF 118 -34.59 12.77 -123.95
C ASP MF 118 -34.91 11.31 -123.66
N SER MF 119 -33.98 10.40 -123.95
CA SER MF 119 -34.29 8.97 -123.90
C SER MF 119 -33.43 8.18 -122.94
N GLY MF 120 -32.34 8.74 -122.41
CA GLY MF 120 -31.49 8.02 -121.48
C GLY MF 120 -30.38 7.23 -122.12
N LEU MF 121 -30.30 7.19 -123.44
CA LEU MF 121 -29.22 6.48 -124.10
C LEU MF 121 -27.93 7.30 -124.00
N ASN MF 122 -26.84 6.63 -123.61
CA ASN MF 122 -25.54 7.29 -123.65
C ASN MF 122 -24.94 7.19 -125.05
N ASN MF 123 -24.02 8.11 -125.33
CA ASN MF 123 -23.32 8.07 -126.61
C ASN MF 123 -22.11 7.17 -126.52
N TYR MF 124 -21.63 6.73 -127.69
CA TYR MF 124 -20.54 5.77 -127.72
C TYR MF 124 -19.51 6.10 -128.81
N MET NF 1 -42.30 58.08 -111.11
CA MET NF 1 -42.37 58.15 -112.57
C MET NF 1 -42.20 56.76 -113.17
N ARG NF 2 -42.58 56.61 -114.44
CA ARG NF 2 -42.37 55.37 -115.18
C ARG NF 2 -40.95 55.37 -115.75
N LEU NF 3 -40.10 54.51 -115.20
CA LEU NF 3 -38.69 54.48 -115.58
C LEU NF 3 -38.50 54.21 -117.07
N THR NF 4 -37.69 55.05 -117.70
CA THR NF 4 -37.30 54.90 -119.09
C THR NF 4 -35.81 55.15 -119.16
N ASP NF 5 -35.15 54.52 -120.13
CA ASP NF 5 -33.72 54.75 -120.33
C ASP NF 5 -33.46 56.25 -120.46
N VAL NF 6 -32.33 56.70 -119.95
CA VAL NF 6 -32.09 58.12 -119.76
C VAL NF 6 -30.84 58.50 -120.55
N ASP NF 7 -30.87 59.68 -121.15
CA ASP NF 7 -29.71 60.25 -121.82
C ASP NF 7 -29.39 61.60 -121.21
N LEU NF 8 -28.17 61.72 -120.69
CA LEU NF 8 -27.71 62.89 -119.96
C LEU NF 8 -26.75 63.66 -120.83
N THR NF 9 -26.94 64.98 -120.87
CA THR NF 9 -26.01 65.86 -121.55
C THR NF 9 -24.95 66.27 -120.53
N VAL NF 10 -23.72 65.79 -120.74
CA VAL NF 10 -22.63 65.96 -119.79
C VAL NF 10 -21.55 66.78 -120.46
N GLY NF 11 -21.52 68.08 -120.15
CA GLY NF 11 -20.60 68.97 -120.83
C GLY NF 11 -20.90 68.98 -122.31
N GLU NF 12 -19.98 68.45 -123.11
CA GLU NF 12 -20.16 68.40 -124.55
C GLU NF 12 -20.34 66.98 -125.05
N GLU NF 13 -20.68 66.05 -124.17
CA GLU NF 13 -20.84 64.67 -124.52
C GLU NF 13 -22.24 64.23 -124.09
N THR NF 14 -22.66 63.05 -124.54
CA THR NF 14 -23.94 62.49 -124.12
C THR NF 14 -23.71 61.11 -123.55
N ARG NF 15 -24.07 60.93 -122.28
CA ARG NF 15 -24.04 59.64 -121.60
C ARG NF 15 -25.40 58.99 -121.74
N GLU NF 16 -25.43 57.66 -121.93
CA GLU NF 16 -26.67 56.95 -122.19
C GLU NF 16 -26.80 55.77 -121.25
N TYR NF 17 -27.74 55.87 -120.32
CA TYR NF 17 -27.96 54.84 -119.31
C TYR NF 17 -29.24 54.07 -119.61
N ALA NF 18 -29.20 52.79 -119.25
CA ALA NF 18 -30.33 51.87 -119.39
C ALA NF 18 -30.75 51.34 -118.03
N VAL NF 19 -32.06 51.17 -117.85
CA VAL NF 19 -32.58 50.65 -116.59
C VAL NF 19 -32.04 49.24 -116.37
N SER NF 20 -31.43 49.02 -115.21
CA SER NF 20 -30.87 47.72 -114.87
C SER NF 20 -31.59 46.99 -113.75
N GLU NF 21 -32.20 47.70 -112.80
CA GLU NF 21 -33.14 47.02 -111.92
C GLU NF 21 -34.09 48.02 -111.27
N GLN NF 22 -35.30 47.53 -110.97
CA GLN NF 22 -36.32 48.32 -110.28
C GLN NF 22 -36.91 47.47 -109.17
N GLN NF 23 -36.75 47.92 -107.93
CA GLN NF 23 -37.36 47.28 -106.79
C GLN NF 23 -38.48 48.18 -106.28
N GLY NF 24 -38.91 47.95 -105.04
CA GLY NF 24 -39.94 48.77 -104.46
C GLY NF 24 -39.48 50.21 -104.35
N THR NF 25 -38.42 50.42 -103.58
CA THR NF 25 -37.91 51.75 -103.28
C THR NF 25 -36.54 52.01 -103.88
N LEU NF 26 -36.05 51.11 -104.73
CA LEU NF 26 -34.70 51.18 -105.27
C LEU NF 26 -34.73 51.00 -106.78
N PHE NF 27 -33.85 51.73 -107.47
CA PHE NF 27 -33.64 51.53 -108.90
C PHE NF 27 -32.17 51.70 -109.23
N ARG NF 28 -31.80 51.20 -110.40
CA ARG NF 28 -30.42 51.20 -110.84
C ARG NF 28 -30.36 51.28 -112.36
N PHE NF 29 -29.63 52.27 -112.86
CA PHE NF 29 -29.27 52.46 -114.26
C PHE NF 29 -27.82 52.06 -114.49
N VAL NF 30 -27.50 51.83 -115.76
CA VAL NF 30 -26.20 51.32 -116.16
C VAL NF 30 -25.78 51.99 -117.46
N ASP NF 31 -24.51 52.40 -117.54
CA ASP NF 31 -23.99 53.06 -118.75
C ASP NF 31 -24.01 52.09 -119.92
N LYS NF 32 -24.79 52.45 -120.96
CA LYS NF 32 -24.93 51.56 -122.12
C LYS NF 32 -23.59 51.31 -122.80
N SER NF 33 -22.69 52.28 -122.74
CA SER NF 33 -21.40 52.20 -123.41
C SER NF 33 -20.44 51.22 -122.75
N GLY NF 34 -20.89 50.45 -121.77
CA GLY NF 34 -20.00 49.54 -121.09
C GLY NF 34 -19.81 48.26 -121.88
N THR NF 35 -18.55 47.80 -121.96
CA THR NF 35 -18.23 46.55 -122.63
C THR NF 35 -18.13 45.38 -121.67
N VAL NF 36 -17.60 45.63 -120.47
CA VAL NF 36 -17.44 44.61 -119.45
C VAL NF 36 -18.13 45.12 -118.19
N ALA NF 37 -18.43 44.18 -117.29
CA ALA NF 37 -19.00 44.55 -116.00
C ALA NF 37 -18.13 45.59 -115.28
N ASN NF 38 -16.83 45.34 -115.18
CA ASN NF 38 -15.93 46.29 -114.53
C ASN NF 38 -15.76 47.57 -115.34
N ASN NF 39 -15.84 47.46 -116.68
CA ASN NF 39 -15.82 48.65 -117.53
C ASN NF 39 -17.02 49.56 -117.25
N THR NF 40 -18.12 49.00 -116.78
CA THR NF 40 -19.43 49.65 -116.86
C THR NF 40 -19.70 50.55 -115.66
N GLY NF 41 -20.00 51.83 -115.94
CA GLY NF 41 -20.45 52.73 -114.89
C GLY NF 41 -21.90 52.48 -114.52
N VAL NF 42 -22.26 52.87 -113.29
CA VAL NF 42 -23.59 52.59 -112.79
C VAL NF 42 -24.09 53.75 -111.93
N PHE NF 43 -25.40 53.80 -111.76
CA PHE NF 43 -26.05 54.79 -110.92
C PHE NF 43 -27.24 54.16 -110.23
N SER NF 44 -27.31 54.32 -108.91
CA SER NF 44 -28.35 53.67 -108.13
C SER NF 44 -28.94 54.68 -107.15
N LEU NF 45 -30.24 54.50 -106.86
CA LEU NF 45 -30.95 55.37 -105.93
C LEU NF 45 -31.92 54.53 -105.11
N GLU NF 46 -32.04 54.88 -103.83
CA GLU NF 46 -32.89 54.17 -102.90
C GLU NF 46 -33.49 55.16 -101.91
N GLN NF 47 -34.79 55.03 -101.66
CA GLN NF 47 -35.46 55.83 -100.63
C GLN NF 47 -35.81 54.95 -99.44
N ARG NF 48 -35.55 55.48 -98.25
CA ARG NF 48 -35.86 54.83 -96.98
C ARG NF 48 -36.81 55.77 -96.24
N PHE NF 49 -38.08 55.45 -96.30
CA PHE NF 49 -39.13 56.20 -95.61
C PHE NF 49 -39.19 55.74 -94.17
N GLY NF 50 -39.05 56.66 -93.22
CA GLY NF 50 -39.02 56.32 -91.81
C GLY NF 50 -40.39 56.37 -91.17
N ALA NF 51 -40.40 56.22 -89.85
CA ALA NF 51 -41.62 56.45 -89.09
C ALA NF 51 -41.97 57.94 -89.10
N ALA NF 52 -43.11 58.29 -88.50
CA ALA NF 52 -43.57 59.67 -88.54
C ALA NF 52 -42.65 60.61 -87.76
N ASN NF 53 -41.94 60.10 -86.76
CA ASN NF 53 -40.95 60.89 -86.05
C ASN NF 53 -39.61 60.94 -86.78
N SER NF 54 -39.43 60.11 -87.81
CA SER NF 54 -38.18 60.07 -88.55
C SER NF 54 -38.23 60.97 -89.77
N ASN NF 55 -37.07 61.19 -90.36
CA ASN NF 55 -36.95 61.84 -91.66
C ASN NF 55 -36.79 60.78 -92.72
N ARG NF 56 -37.44 60.96 -93.86
CA ARG NF 56 -37.16 60.06 -94.97
C ARG NF 56 -35.80 60.41 -95.55
N LYS NF 57 -35.10 59.39 -96.03
CA LYS NF 57 -33.76 59.56 -96.56
C LYS NF 57 -33.69 59.00 -97.98
N VAL NF 58 -33.08 59.75 -98.88
CA VAL NF 58 -32.87 59.28 -100.25
C VAL NF 58 -31.38 59.28 -100.51
N THR NF 59 -30.87 58.16 -101.01
CA THR NF 59 -29.44 58.02 -101.25
C THR NF 59 -29.20 57.63 -102.70
N MET NF 60 -28.12 58.16 -103.27
CA MET NF 60 -27.70 57.88 -104.62
C MET NF 60 -26.22 57.58 -104.63
N LEU NF 61 -25.85 56.59 -105.45
CA LEU NF 61 -24.46 56.25 -105.69
C LEU NF 61 -24.19 56.24 -107.19
N LEU NF 62 -23.16 56.97 -107.59
CA LEU NF 62 -22.70 57.05 -108.97
C LEU NF 62 -21.28 56.51 -109.01
N THR NF 63 -21.06 55.47 -109.82
CA THR NF 63 -19.76 54.81 -109.95
C THR NF 63 -19.28 54.92 -111.39
N ASP NF 64 -18.08 55.47 -111.57
CA ASP NF 64 -17.48 55.66 -112.89
C ASP NF 64 -16.10 55.04 -112.92
N PRO NF 65 -15.98 53.79 -113.38
CA PRO NF 65 -14.65 53.17 -113.52
C PRO NF 65 -13.98 53.57 -114.82
N VAL NF 66 -12.63 53.52 -114.79
CA VAL NF 66 -11.79 53.85 -115.94
C VAL NF 66 -10.64 52.85 -115.98
N VAL NF 67 -10.12 52.58 -117.19
CA VAL NF 67 -9.01 51.65 -117.35
C VAL NF 67 -7.70 52.42 -117.37
N VAL NF 68 -6.76 51.99 -116.52
CA VAL NF 68 -5.43 52.59 -116.45
C VAL NF 68 -4.36 51.53 -116.72
N MET NF 76 -5.31 47.58 -115.37
CA MET NF 76 -6.11 47.76 -114.17
C MET NF 76 -7.26 48.76 -114.38
N THR NF 77 -8.40 48.52 -113.72
CA THR NF 77 -9.55 49.41 -113.75
C THR NF 77 -9.77 50.01 -112.37
N ILE NF 78 -9.91 51.33 -112.32
CA ILE NF 78 -9.98 52.11 -111.10
C ILE NF 78 -11.36 52.77 -111.04
N LYS NF 79 -12.01 52.69 -109.88
CA LYS NF 79 -13.38 53.17 -109.71
C LYS NF 79 -13.41 54.40 -108.80
N ALA NF 80 -14.18 55.41 -109.20
CA ALA NF 80 -14.42 56.60 -108.40
C ALA NF 80 -15.92 56.74 -108.13
N ASN NF 81 -16.27 57.18 -106.92
CA ASN NF 81 -17.64 57.20 -106.47
C ASN NF 81 -18.08 58.60 -106.08
N ALA NF 82 -19.31 58.94 -106.42
CA ALA NF 82 -19.99 60.09 -105.85
C ALA NF 82 -21.25 59.57 -105.17
N SER NF 83 -21.52 60.07 -103.96
CA SER NF 83 -22.70 59.62 -103.22
C SER NF 83 -23.41 60.82 -102.64
N VAL NF 84 -24.70 60.93 -102.94
CA VAL NF 84 -25.53 62.02 -102.44
C VAL NF 84 -26.56 61.42 -101.50
N THR NF 85 -26.89 62.15 -100.43
CA THR NF 85 -27.90 61.72 -99.48
C THR NF 85 -28.73 62.93 -99.05
N PHE NF 86 -30.04 62.83 -99.25
CA PHE NF 86 -31.01 63.85 -98.88
C PHE NF 86 -31.73 63.39 -97.63
N SER NF 87 -31.58 64.13 -96.53
CA SER NF 87 -32.33 63.89 -95.30
C SER NF 87 -33.45 64.92 -95.25
N LEU NF 88 -34.68 64.46 -95.37
CA LEU NF 88 -35.85 65.32 -95.53
C LEU NF 88 -36.87 65.01 -94.46
N PRO NF 89 -37.11 65.92 -93.52
CA PRO NF 89 -38.20 65.74 -92.57
C PRO NF 89 -39.55 65.81 -93.26
N LYS NF 90 -40.52 65.07 -92.71
CA LYS NF 90 -41.80 64.96 -93.40
C LYS NF 90 -42.55 66.29 -93.39
N THR NF 91 -42.51 67.01 -92.26
CA THR NF 91 -43.18 68.31 -92.17
C THR NF 91 -42.57 69.34 -93.11
N TYR NF 92 -41.36 69.10 -93.62
CA TYR NF 92 -40.69 70.05 -94.51
C TYR NF 92 -41.40 70.11 -95.86
N PRO NF 93 -41.61 71.29 -96.44
CA PRO NF 93 -42.49 71.40 -97.61
C PRO NF 93 -41.80 70.99 -98.93
N ASN NF 94 -42.57 70.28 -99.75
CA ASN NF 94 -42.04 69.74 -101.00
C ASN NF 94 -41.45 70.83 -101.88
N GLU NF 95 -42.03 72.03 -101.86
CA GLU NF 95 -41.50 73.13 -102.67
C GLU NF 95 -40.07 73.46 -102.26
N HIS NF 96 -39.84 73.65 -100.96
CA HIS NF 96 -38.48 73.94 -100.50
C HIS NF 96 -37.53 72.77 -100.72
N ILE NF 97 -38.03 71.53 -100.79
CA ILE NF 97 -37.16 70.41 -101.17
C ILE NF 97 -36.68 70.58 -102.63
N THR NF 98 -37.61 70.86 -103.55
CA THR NF 98 -37.21 71.10 -104.94
C THR NF 98 -36.16 72.20 -104.98
N LYS NF 99 -36.36 73.26 -104.20
CA LYS NF 99 -35.36 74.32 -104.09
C LYS NF 99 -34.01 73.79 -103.66
N LEU NF 100 -33.98 72.99 -102.59
CA LEU NF 100 -32.73 72.45 -102.09
C LEU NF 100 -31.98 71.67 -103.18
N ARG NF 101 -32.69 70.78 -103.87
CA ARG NF 101 -32.06 69.99 -104.93
C ARG NF 101 -31.45 70.90 -106.00
N GLN NF 102 -32.20 71.91 -106.43
CA GLN NF 102 -31.70 72.78 -107.50
C GLN NF 102 -30.47 73.55 -107.05
N THR NF 103 -30.46 74.03 -105.80
CA THR NF 103 -29.30 74.76 -105.32
C THR NF 103 -28.08 73.85 -105.18
N LEU NF 104 -28.28 72.58 -104.84
CA LEU NF 104 -27.15 71.65 -104.84
C LEU NF 104 -26.57 71.50 -106.24
N ILE NF 105 -27.43 71.39 -107.25
CA ILE NF 105 -26.95 71.36 -108.63
C ILE NF 105 -26.10 72.60 -108.93
N ALA NF 106 -26.64 73.77 -108.59
CA ALA NF 106 -25.93 75.03 -108.83
C ALA NF 106 -24.57 75.03 -108.14
N TRP NF 107 -24.52 74.57 -106.90
CA TRP NF 107 -23.26 74.53 -106.16
C TRP NF 107 -22.25 73.62 -106.85
N LEU NF 108 -22.68 72.41 -107.21
CA LEU NF 108 -21.81 71.48 -107.92
C LEU NF 108 -21.31 72.06 -109.24
N GLY NF 109 -21.98 73.07 -109.77
CA GLY NF 109 -21.45 73.79 -110.92
C GLY NF 109 -20.24 74.68 -110.65
N GLN NF 110 -20.14 75.24 -109.45
CA GLN NF 110 -19.25 76.36 -109.18
C GLN NF 110 -17.78 75.95 -109.14
N GLN NF 111 -16.91 76.94 -109.34
CA GLN NF 111 -15.47 76.68 -109.33
C GLN NF 111 -14.99 76.27 -107.96
N CYS NF 112 -15.49 76.91 -106.91
CA CYS NF 112 -15.04 76.59 -105.55
C CYS NF 112 -15.32 75.13 -105.21
N VAL NF 113 -16.21 74.47 -105.95
CA VAL NF 113 -16.46 73.05 -105.78
C VAL NF 113 -15.67 72.22 -106.79
N SER NF 114 -15.57 72.69 -108.03
CA SER NF 114 -14.87 71.90 -109.05
C SER NF 114 -13.38 71.80 -108.76
N ASP NF 115 -12.75 72.89 -108.31
CA ASP NF 115 -11.32 72.90 -108.07
C ASP NF 115 -10.87 71.80 -107.08
N PRO NF 116 -11.51 71.66 -105.91
CA PRO NF 116 -11.10 70.53 -105.05
C PRO NF 116 -11.54 69.17 -105.58
N VAL NF 117 -12.78 69.05 -106.08
CA VAL NF 117 -13.23 67.76 -106.60
C VAL NF 117 -12.39 67.34 -107.81
N ASP NF 118 -12.38 68.18 -108.84
CA ASP NF 118 -11.76 67.77 -110.11
C ASP NF 118 -10.24 67.58 -109.96
N SER NF 119 -9.54 68.60 -109.46
CA SER NF 119 -8.08 68.58 -109.47
C SER NF 119 -7.44 68.59 -108.09
N GLY NF 120 -8.20 68.77 -107.02
CA GLY NF 120 -7.65 68.77 -105.69
C GLY NF 120 -7.16 70.11 -105.18
N LEU NF 121 -7.39 71.19 -105.91
CA LEU NF 121 -7.03 72.52 -105.43
C LEU NF 121 -8.02 72.95 -104.36
N ASN NF 122 -7.50 73.28 -103.17
CA ASN NF 122 -8.37 73.89 -102.17
C ASN NF 122 -8.51 75.38 -102.44
N ASN NF 123 -9.54 75.96 -101.84
CA ASN NF 123 -9.77 77.38 -102.02
C ASN NF 123 -9.05 78.17 -100.94
N TYR NF 124 -8.60 79.36 -101.32
CA TYR NF 124 -7.77 80.16 -100.44
C TYR NF 124 -8.17 81.62 -100.53
N MET OF 1 -50.76 41.84 -114.31
CA MET OF 1 -51.05 43.12 -114.95
C MET OF 1 -49.81 44.01 -114.88
N ARG OF 2 -49.56 44.76 -115.97
CA ARG OF 2 -48.53 45.79 -115.97
C ARG OF 2 -49.02 46.99 -115.17
N LEU OF 3 -48.49 47.19 -113.98
CA LEU OF 3 -49.01 48.20 -113.08
C LEU OF 3 -48.76 49.59 -113.64
N THR OF 4 -49.81 50.39 -113.68
CA THR OF 4 -49.71 51.81 -113.98
C THR OF 4 -50.72 52.55 -113.12
N ASP OF 5 -50.54 53.88 -113.05
CA ASP OF 5 -51.45 54.72 -112.27
C ASP OF 5 -52.89 54.45 -112.68
N VAL OF 6 -53.81 54.59 -111.73
CA VAL OF 6 -55.22 54.36 -112.02
C VAL OF 6 -56.03 55.54 -111.51
N ASP OF 7 -57.20 55.70 -112.11
CA ASP OF 7 -58.20 56.67 -111.68
C ASP OF 7 -59.49 55.92 -111.42
N LEU OF 8 -60.08 56.16 -110.26
CA LEU OF 8 -61.27 55.46 -109.81
C LEU OF 8 -62.47 56.39 -109.86
N THR OF 9 -63.60 55.84 -110.29
CA THR OF 9 -64.86 56.56 -110.27
C THR OF 9 -65.54 56.26 -108.94
N VAL OF 10 -65.72 57.30 -108.11
CA VAL OF 10 -66.21 57.15 -106.76
C VAL OF 10 -67.45 58.01 -106.61
N GLY OF 11 -68.63 57.37 -106.71
CA GLY OF 11 -69.86 58.12 -106.69
C GLY OF 11 -69.88 59.15 -107.80
N GLU OF 12 -69.83 60.42 -107.44
CA GLU OF 12 -69.86 61.50 -108.41
C GLU OF 12 -68.56 62.30 -108.41
N GLU OF 13 -67.47 61.70 -107.98
CA GLU OF 13 -66.16 62.32 -108.03
C GLU OF 13 -65.17 61.34 -108.65
N THR OF 14 -64.01 61.85 -109.02
CA THR OF 14 -62.95 61.03 -109.58
C THR OF 14 -61.73 61.10 -108.66
N ARG OF 15 -61.22 59.93 -108.29
CA ARG OF 15 -60.11 59.78 -107.36
C ARG OF 15 -58.90 59.31 -108.15
N GLU OF 16 -57.78 60.02 -108.02
CA GLU OF 16 -56.60 59.73 -108.83
C GLU OF 16 -55.48 59.17 -107.95
N TYR OF 17 -55.09 57.93 -108.20
CA TYR OF 17 -53.98 57.32 -107.49
C TYR OF 17 -52.78 57.22 -108.42
N ALA OF 18 -51.59 57.11 -107.82
CA ALA OF 18 -50.34 56.93 -108.52
C ALA OF 18 -49.54 55.83 -107.86
N VAL OF 19 -48.84 55.03 -108.68
CA VAL OF 19 -48.05 53.94 -108.15
C VAL OF 19 -46.95 54.52 -107.27
N SER OF 20 -46.91 54.06 -106.01
CA SER OF 20 -45.88 54.49 -105.07
C SER OF 20 -44.81 53.44 -104.82
N GLU OF 21 -45.13 52.15 -104.96
CA GLU OF 21 -44.07 51.13 -105.02
C GLU OF 21 -44.65 49.84 -105.60
N GLN OF 22 -43.77 49.07 -106.25
CA GLN OF 22 -44.15 47.76 -106.76
C GLN OF 22 -43.05 46.76 -106.43
N GLN OF 23 -43.40 45.74 -105.67
CA GLN OF 23 -42.53 44.62 -105.34
C GLN OF 23 -43.08 43.34 -105.96
N GLY OF 24 -42.42 42.23 -105.67
CA GLY OF 24 -42.78 40.97 -106.30
C GLY OF 24 -44.19 40.54 -105.99
N THR OF 25 -44.56 40.59 -104.71
CA THR OF 25 -45.87 40.17 -104.24
C THR OF 25 -46.68 41.31 -103.62
N LEU OF 26 -46.16 42.54 -103.67
CA LEU OF 26 -46.76 43.68 -103.01
C LEU OF 26 -46.74 44.90 -103.92
N PHE OF 27 -47.77 45.73 -103.81
CA PHE OF 27 -47.78 47.04 -104.47
C PHE OF 27 -48.52 48.05 -103.63
N ARG OF 28 -48.25 49.32 -103.89
CA ARG OF 28 -48.81 50.43 -103.14
C ARG OF 28 -49.06 51.61 -104.07
N PHE OF 29 -50.29 52.13 -104.00
CA PHE OF 29 -50.74 53.37 -104.63
C PHE OF 29 -50.93 54.46 -103.58
N VAL OF 30 -50.79 55.71 -104.03
CA VAL OF 30 -50.99 56.89 -103.19
C VAL OF 30 -51.93 57.86 -103.90
N ASP OF 31 -52.84 58.49 -103.14
CA ASP OF 31 -53.76 59.48 -103.69
C ASP OF 31 -52.97 60.70 -104.17
N LYS OF 32 -53.15 61.05 -105.45
CA LYS OF 32 -52.37 62.13 -106.06
C LYS OF 32 -52.63 63.50 -105.43
N SER OF 33 -53.70 63.64 -104.65
CA SER OF 33 -54.04 64.91 -104.02
C SER OF 33 -53.26 65.17 -102.73
N GLY OF 34 -52.21 64.38 -102.44
CA GLY OF 34 -51.58 64.39 -101.15
C GLY OF 34 -50.08 64.71 -101.19
N THR OF 35 -49.55 64.95 -100.00
CA THR OF 35 -48.14 65.26 -99.75
C THR OF 35 -47.61 64.29 -98.71
N VAL OF 36 -46.28 64.16 -98.62
CA VAL OF 36 -45.70 63.46 -97.47
C VAL OF 36 -46.20 64.12 -96.18
N ALA OF 37 -46.24 65.45 -96.16
CA ALA OF 37 -46.67 66.17 -94.96
C ALA OF 37 -48.15 65.92 -94.69
N ASN OF 38 -49.00 66.13 -95.69
CA ASN OF 38 -50.43 65.91 -95.55
C ASN OF 38 -50.86 64.82 -96.51
N ASN OF 39 -50.94 63.59 -96.02
CA ASN OF 39 -51.38 62.47 -96.84
C ASN OF 39 -52.90 62.41 -96.89
N THR OF 40 -53.41 61.93 -98.02
CA THR OF 40 -54.83 61.93 -98.27
C THR OF 40 -55.41 60.55 -98.57
N GLY OF 41 -54.57 59.56 -98.84
CA GLY OF 41 -55.07 58.23 -99.12
C GLY OF 41 -53.98 57.30 -99.58
N VAL OF 42 -54.05 56.04 -99.16
CA VAL OF 42 -53.10 55.03 -99.61
C VAL OF 42 -53.86 53.72 -99.81
N PHE OF 43 -53.39 52.93 -100.75
CA PHE OF 43 -53.91 51.61 -100.99
C PHE OF 43 -52.74 50.66 -101.18
N SER OF 44 -52.81 49.49 -100.56
CA SER OF 44 -51.73 48.52 -100.65
C SER OF 44 -52.32 47.13 -100.75
N LEU OF 45 -51.63 46.26 -101.49
CA LEU OF 45 -52.08 44.88 -101.68
C LEU OF 45 -50.88 43.94 -101.69
N GLU OF 46 -51.03 42.79 -101.05
CA GLU OF 46 -49.97 41.79 -100.96
C GLU OF 46 -50.58 40.40 -101.09
N GLN OF 47 -49.91 39.53 -101.84
CA GLN OF 47 -50.30 38.13 -101.92
C GLN OF 47 -49.24 37.28 -101.23
N ARG OF 48 -49.67 36.45 -100.29
CA ARG OF 48 -48.86 35.38 -99.72
C ARG OF 48 -49.36 34.08 -100.36
N PHE OF 49 -48.69 33.66 -101.42
CA PHE OF 49 -48.96 32.37 -102.01
C PHE OF 49 -48.47 31.30 -101.05
N GLY OF 50 -49.38 30.50 -100.53
CA GLY OF 50 -49.05 29.59 -99.46
C GLY OF 50 -48.30 28.35 -99.92
N ALA OF 51 -47.91 27.55 -98.93
CA ALA OF 51 -47.35 26.23 -99.21
C ALA OF 51 -48.37 25.39 -99.97
N ALA OF 52 -47.88 24.30 -100.58
CA ALA OF 52 -48.73 23.50 -101.46
C ALA OF 52 -49.95 22.95 -100.74
N ASN OF 53 -49.88 22.79 -99.42
CA ASN OF 53 -51.03 22.33 -98.65
C ASN OF 53 -51.97 23.45 -98.26
N SER OF 54 -51.44 24.66 -98.07
CA SER OF 54 -52.21 25.78 -97.53
C SER OF 54 -52.93 26.54 -98.64
N ASN OF 55 -53.86 27.39 -98.22
CA ASN OF 55 -54.51 28.34 -99.10
C ASN OF 55 -53.59 29.54 -99.34
N ARG OF 56 -53.79 30.19 -100.49
CA ARG OF 56 -53.10 31.44 -100.71
C ARG OF 56 -53.96 32.58 -100.18
N LYS OF 57 -53.31 33.62 -99.71
CA LYS OF 57 -53.97 34.77 -99.11
C LYS OF 57 -53.66 36.02 -99.89
N VAL OF 58 -54.66 36.86 -100.10
CA VAL OF 58 -54.45 38.19 -100.68
C VAL OF 58 -55.06 39.20 -99.72
N THR OF 59 -54.27 40.21 -99.35
CA THR OF 59 -54.73 41.20 -98.40
C THR OF 59 -54.57 42.59 -98.99
N MET OF 60 -55.56 43.45 -98.69
CA MET OF 60 -55.59 44.83 -99.14
C MET OF 60 -55.88 45.72 -97.95
N LEU OF 61 -55.20 46.87 -97.92
CA LEU OF 61 -55.43 47.91 -96.93
C LEU OF 61 -55.65 49.23 -97.64
N LEU OF 62 -56.79 49.86 -97.36
CA LEU OF 62 -57.13 51.19 -97.84
C LEU OF 62 -57.19 52.12 -96.64
N THR OF 63 -56.43 53.20 -96.68
CA THR OF 63 -56.37 54.15 -95.58
C THR OF 63 -56.69 55.54 -96.08
N ASP OF 64 -57.71 56.16 -95.48
CA ASP OF 64 -58.11 57.52 -95.80
C ASP OF 64 -57.95 58.37 -94.55
N PRO OF 65 -56.95 59.24 -94.52
CA PRO OF 65 -56.83 60.18 -93.41
C PRO OF 65 -57.49 61.52 -93.72
N VAL OF 66 -58.04 62.12 -92.67
CA VAL OF 66 -58.74 63.41 -92.74
C VAL OF 66 -58.27 64.27 -91.58
N VAL OF 67 -58.17 65.56 -91.82
CA VAL OF 67 -57.86 66.52 -90.77
C VAL OF 67 -59.16 66.93 -90.09
N VAL OF 68 -59.12 67.01 -88.76
CA VAL OF 68 -60.27 67.36 -87.94
C VAL OF 68 -59.81 68.33 -86.86
N LYS OF 69 -60.59 69.37 -86.64
CA LYS OF 69 -60.29 70.28 -85.54
C LYS OF 69 -60.53 69.59 -84.22
N ASP OF 70 -59.72 69.92 -83.22
CA ASP OF 70 -59.81 69.34 -81.89
C ASP OF 70 -60.68 70.20 -81.00
N ALA OF 71 -61.10 69.63 -79.86
CA ALA OF 71 -61.78 70.42 -78.85
C ALA OF 71 -60.91 71.57 -78.37
N SER OF 72 -59.59 71.35 -78.33
CA SER OF 72 -58.63 72.42 -78.03
C SER OF 72 -58.40 73.35 -79.22
N GLY OF 73 -59.03 73.09 -80.36
CA GLY OF 73 -58.79 73.85 -81.57
C GLY OF 73 -57.66 73.33 -82.43
N ALA OF 74 -56.69 72.64 -81.84
CA ALA OF 74 -55.54 72.14 -82.59
C ALA OF 74 -55.99 71.24 -83.73
N ASP OF 75 -55.21 71.24 -84.80
CA ASP OF 75 -55.51 70.40 -85.96
C ASP OF 75 -54.96 69.00 -85.72
N MET OF 76 -55.79 67.99 -86.00
CA MET OF 76 -55.50 66.60 -85.66
C MET OF 76 -55.83 65.72 -86.85
N THR OF 77 -54.88 64.91 -87.28
CA THR OF 77 -55.07 64.04 -88.43
C THR OF 77 -55.53 62.66 -87.95
N ILE OF 78 -56.61 62.16 -88.55
CA ILE OF 78 -57.30 60.94 -88.11
C ILE OF 78 -57.44 60.02 -89.32
N LYS OF 79 -57.11 58.75 -89.14
CA LYS OF 79 -57.16 57.77 -90.21
C LYS OF 79 -58.32 56.81 -90.01
N ALA OF 80 -58.99 56.46 -91.10
CA ALA OF 80 -59.98 55.38 -91.15
C ALA OF 80 -59.47 54.30 -92.10
N ASN OF 81 -59.64 53.05 -91.72
CA ASN OF 81 -59.05 51.96 -92.47
C ASN OF 81 -60.10 50.97 -92.93
N ALA OF 82 -59.88 50.41 -94.11
CA ALA OF 82 -60.64 49.27 -94.59
C ALA OF 82 -59.65 48.21 -95.02
N SER OF 83 -59.88 46.96 -94.62
CA SER OF 83 -58.97 45.88 -94.95
C SER OF 83 -59.77 44.70 -95.48
N VAL OF 84 -59.35 44.18 -96.62
CA VAL OF 84 -60.00 43.02 -97.25
C VAL OF 84 -58.97 41.89 -97.32
N THR OF 85 -59.44 40.67 -97.07
CA THR OF 85 -58.57 39.49 -97.16
C THR OF 85 -59.32 38.36 -97.84
N PHE OF 86 -58.73 37.84 -98.92
CA PHE OF 86 -59.24 36.71 -99.66
C PHE OF 86 -58.41 35.48 -99.29
N SER OF 87 -59.06 34.47 -98.72
CA SER OF 87 -58.45 33.18 -98.48
C SER OF 87 -58.97 32.24 -99.56
N LEU OF 88 -58.07 31.84 -100.46
CA LEU OF 88 -58.42 31.08 -101.65
C LEU OF 88 -57.65 29.78 -101.66
N PRO OF 89 -58.30 28.65 -101.47
CA PRO OF 89 -57.63 27.36 -101.60
C PRO OF 89 -57.20 27.10 -103.03
N LYS OF 90 -56.13 26.32 -103.18
CA LYS OF 90 -55.59 26.08 -104.51
C LYS OF 90 -56.60 25.36 -105.41
N THR OF 91 -57.28 24.33 -104.87
CA THR OF 91 -58.20 23.54 -105.66
C THR OF 91 -59.46 24.32 -106.06
N TYR OF 92 -59.69 25.49 -105.46
CA TYR OF 92 -60.85 26.31 -105.80
C TYR OF 92 -60.68 26.89 -107.19
N PRO OF 93 -61.70 26.85 -108.05
CA PRO OF 93 -61.53 27.29 -109.44
C PRO OF 93 -61.53 28.81 -109.61
N ASN OF 94 -60.64 29.28 -110.49
CA ASN OF 94 -60.48 30.71 -110.72
C ASN OF 94 -61.81 31.37 -111.08
N GLU OF 95 -62.68 30.66 -111.78
CA GLU OF 95 -63.99 31.20 -112.14
C GLU OF 95 -64.79 31.58 -110.91
N HIS OF 96 -65.01 30.63 -109.99
CA HIS OF 96 -65.76 30.93 -108.77
C HIS OF 96 -65.04 31.96 -107.90
N ILE OF 97 -63.71 32.09 -108.02
CA ILE OF 97 -63.05 33.19 -107.32
C ILE OF 97 -63.53 34.54 -107.84
N THR OF 98 -63.51 34.72 -109.18
CA THR OF 98 -64.01 35.99 -109.73
C THR OF 98 -65.44 36.23 -109.30
N LYS OF 99 -66.25 35.16 -109.27
CA LYS OF 99 -67.62 35.26 -108.76
C LYS OF 99 -67.64 35.82 -107.33
N LEU OF 100 -66.80 35.27 -106.45
CA LEU OF 100 -66.74 35.73 -105.07
C LEU OF 100 -66.40 37.22 -105.01
N ARG OF 101 -65.37 37.65 -105.75
CA ARG OF 101 -64.98 39.05 -105.72
C ARG OF 101 -66.13 39.96 -106.17
N GLN OF 102 -66.81 39.58 -107.24
CA GLN OF 102 -67.88 40.43 -107.73
C GLN OF 102 -69.05 40.49 -106.75
N THR OF 103 -69.42 39.35 -106.16
CA THR OF 103 -70.48 39.39 -105.15
C THR OF 103 -70.09 40.25 -103.95
N LEU OF 104 -68.81 40.28 -103.60
CA LEU OF 104 -68.38 41.16 -102.52
C LEU OF 104 -68.57 42.63 -102.88
N ILE OF 105 -68.20 43.00 -104.12
CA ILE OF 105 -68.46 44.36 -104.58
C ILE OF 105 -69.94 44.69 -104.46
N ALA OF 106 -70.79 43.78 -104.95
CA ALA OF 106 -72.23 43.98 -104.90
C ALA OF 106 -72.70 44.22 -103.46
N TRP OF 107 -72.25 43.36 -102.54
CA TRP OF 107 -72.63 43.50 -101.15
C TRP OF 107 -72.20 44.85 -100.59
N LEU OF 108 -70.96 45.25 -100.87
CA LEU OF 108 -70.44 46.52 -100.37
C LEU OF 108 -71.25 47.70 -100.88
N GLY OF 109 -71.93 47.54 -102.02
CA GLY OF 109 -72.84 48.56 -102.51
C GLY OF 109 -74.16 48.66 -101.77
N GLN OF 110 -74.59 47.57 -101.14
CA GLN OF 110 -75.93 47.46 -100.60
C GLN OF 110 -76.14 48.40 -99.40
N GLN OF 111 -77.41 48.73 -99.16
CA GLN OF 111 -77.71 49.60 -98.03
C GLN OF 111 -77.56 48.90 -96.70
N CYS OF 112 -77.87 47.59 -96.63
CA CYS OF 112 -77.69 46.87 -95.38
C CYS OF 112 -76.24 46.82 -94.95
N VAL OF 113 -75.32 47.04 -95.88
CA VAL OF 113 -73.90 47.14 -95.55
C VAL OF 113 -73.48 48.59 -95.33
N SER OF 114 -74.00 49.51 -96.14
CA SER OF 114 -73.56 50.90 -96.04
C SER OF 114 -74.06 51.55 -94.76
N ASP OF 115 -75.31 51.29 -94.36
CA ASP OF 115 -75.86 51.93 -93.17
C ASP OF 115 -75.03 51.69 -91.92
N PRO OF 116 -74.63 50.46 -91.57
CA PRO OF 116 -73.76 50.31 -90.39
C PRO OF 116 -72.35 50.85 -90.62
N VAL OF 117 -71.78 50.63 -91.80
CA VAL OF 117 -70.44 51.12 -92.07
C VAL OF 117 -70.42 52.65 -92.08
N ASP OF 118 -71.29 53.27 -92.88
CA ASP OF 118 -71.22 54.72 -93.07
C ASP OF 118 -71.69 55.48 -91.83
N SER OF 119 -72.83 55.08 -91.25
CA SER OF 119 -73.48 55.88 -90.22
C SER OF 119 -73.52 55.22 -88.86
N GLY OF 120 -73.06 53.97 -88.73
CA GLY OF 120 -73.08 53.31 -87.44
C GLY OF 120 -74.43 52.82 -86.97
N LEU OF 121 -75.44 52.84 -87.83
CA LEU OF 121 -76.76 52.32 -87.48
C LEU OF 121 -76.84 50.85 -87.85
N ASN OF 122 -77.32 50.03 -86.93
CA ASN OF 122 -77.49 48.61 -87.22
C ASN OF 122 -78.81 48.38 -87.96
N ASN OF 123 -78.92 47.20 -88.55
CA ASN OF 123 -80.12 46.84 -89.29
C ASN OF 123 -81.13 46.17 -88.36
N TYR OF 124 -82.37 46.09 -88.82
CA TYR OF 124 -83.48 45.54 -88.04
C TYR OF 124 -84.56 44.88 -88.90
N MET PF 1 -55.47 116.42 -33.09
CA MET PF 1 -56.46 117.00 -34.00
C MET PF 1 -57.61 116.04 -34.24
N ARG PF 2 -58.84 116.57 -34.24
CA ARG PF 2 -59.99 115.76 -34.64
C ARG PF 2 -59.87 115.40 -36.11
N LEU PF 3 -59.72 114.11 -36.39
CA LEU PF 3 -59.45 113.66 -37.74
C LEU PF 3 -60.62 113.96 -38.67
N THR PF 4 -60.27 114.33 -39.90
CA THR PF 4 -61.24 114.52 -40.97
C THR PF 4 -60.61 114.03 -42.26
N ASP PF 5 -61.46 113.68 -43.22
CA ASP PF 5 -60.96 113.32 -44.54
C ASP PF 5 -60.02 114.41 -45.04
N VAL PF 6 -59.05 114.03 -45.85
CA VAL PF 6 -57.95 114.93 -46.21
C VAL PF 6 -57.88 115.02 -47.72
N ASP PF 7 -57.68 116.24 -48.22
CA ASP PF 7 -57.47 116.45 -49.64
C ASP PF 7 -56.10 117.12 -49.81
N LEU PF 8 -55.23 116.45 -50.56
CA LEU PF 8 -53.86 116.88 -50.77
C LEU PF 8 -53.71 117.42 -52.19
N THR PF 9 -52.97 118.51 -52.33
CA THR PF 9 -52.60 119.02 -53.64
C THR PF 9 -51.24 118.41 -53.97
N VAL PF 10 -51.19 117.65 -55.07
CA VAL PF 10 -50.00 116.87 -55.43
C VAL PF 10 -49.59 117.28 -56.83
N GLY PF 11 -48.52 118.06 -56.94
CA GLY PF 11 -48.12 118.58 -58.22
C GLY PF 11 -49.25 119.35 -58.84
N GLU PF 12 -49.82 118.81 -59.91
CA GLU PF 12 -50.91 119.49 -60.61
C GLU PF 12 -52.20 118.69 -60.57
N GLU PF 13 -52.31 117.78 -59.61
CA GLU PF 13 -53.51 116.97 -59.42
C GLU PF 13 -53.94 117.11 -57.97
N THR PF 14 -55.14 116.65 -57.65
CA THR PF 14 -55.63 116.63 -56.27
C THR PF 14 -56.00 115.22 -55.88
N ARG PF 15 -55.45 114.78 -54.74
CA ARG PF 15 -55.60 113.43 -54.23
C ARG PF 15 -56.46 113.47 -52.97
N GLU PF 16 -57.47 112.61 -52.91
CA GLU PF 16 -58.45 112.63 -51.82
C GLU PF 16 -58.35 111.34 -51.01
N TYR PF 17 -58.10 111.48 -49.71
CA TYR PF 17 -58.02 110.39 -48.77
C TYR PF 17 -59.17 110.47 -47.77
N ALA PF 18 -59.56 109.30 -47.27
CA ALA PF 18 -60.61 109.18 -46.27
C ALA PF 18 -60.10 108.37 -45.08
N VAL PF 19 -60.56 108.76 -43.89
CA VAL PF 19 -60.15 108.07 -42.66
C VAL PF 19 -60.63 106.62 -42.70
N SER PF 20 -59.70 105.69 -42.50
CA SER PF 20 -60.01 104.26 -42.44
C SER PF 20 -60.01 103.69 -41.04
N GLU PF 21 -59.07 104.09 -40.18
CA GLU PF 21 -59.19 103.71 -38.78
C GLU PF 21 -58.37 104.67 -37.93
N GLN PF 22 -58.78 104.82 -36.67
CA GLN PF 22 -58.06 105.66 -35.71
C GLN PF 22 -58.00 104.95 -34.38
N GLN PF 23 -56.78 104.74 -33.88
CA GLN PF 23 -56.52 104.19 -32.58
C GLN PF 23 -55.93 105.28 -31.70
N GLY PF 24 -55.52 104.89 -30.49
CA GLY PF 24 -54.99 105.87 -29.55
C GLY PF 24 -53.76 106.57 -30.10
N THR PF 25 -52.83 105.80 -30.67
CA THR PF 25 -51.57 106.34 -31.18
C THR PF 25 -51.35 105.98 -32.64
N LEU PF 26 -52.40 105.58 -33.35
CA LEU PF 26 -52.27 105.16 -34.74
C LEU PF 26 -53.49 105.60 -35.54
N PHE PF 27 -53.26 105.96 -36.80
CA PHE PF 27 -54.37 106.21 -37.72
C PHE PF 27 -53.97 105.79 -39.13
N ARG PF 28 -55.00 105.61 -39.96
CA ARG PF 28 -54.85 105.15 -41.33
C ARG PF 28 -55.90 105.78 -42.22
N PHE PF 29 -55.43 106.37 -43.32
CA PHE PF 29 -56.23 106.89 -44.42
C PHE PF 29 -56.10 105.98 -45.64
N VAL PF 30 -57.14 105.99 -46.47
CA VAL PF 30 -57.18 105.27 -47.74
C VAL PF 30 -57.49 106.25 -48.86
N ASP PF 31 -56.87 106.04 -50.03
CA ASP PF 31 -57.15 106.86 -51.21
C ASP PF 31 -58.56 106.57 -51.71
N LYS PF 32 -59.38 107.63 -51.81
CA LYS PF 32 -60.76 107.48 -52.25
C LYS PF 32 -60.87 106.95 -53.67
N SER PF 33 -59.77 106.90 -54.43
CA SER PF 33 -59.78 106.35 -55.78
C SER PF 33 -60.05 104.86 -55.81
N GLY PF 34 -59.94 104.17 -54.66
CA GLY PF 34 -59.87 102.73 -54.64
C GLY PF 34 -60.99 102.06 -53.85
N THR PF 35 -61.04 100.74 -54.00
CA THR PF 35 -61.97 99.84 -53.35
C THR PF 35 -61.22 98.98 -52.34
N VAL PF 36 -61.97 98.36 -51.42
CA VAL PF 36 -61.44 97.21 -50.70
C VAL PF 36 -60.78 96.24 -51.67
N ALA PF 37 -61.49 95.92 -52.76
CA ALA PF 37 -60.97 94.99 -53.76
C ALA PF 37 -59.69 95.53 -54.40
N ASN PF 38 -59.79 96.67 -55.07
CA ASN PF 38 -58.65 97.27 -55.74
C ASN PF 38 -58.27 98.55 -54.99
N ASN PF 39 -57.07 98.56 -54.42
CA ASN PF 39 -56.60 99.68 -53.63
C ASN PF 39 -55.66 100.57 -54.44
N THR PF 40 -55.83 101.88 -54.28
CA THR PF 40 -55.01 102.86 -54.98
C THR PF 40 -53.98 103.55 -54.12
N GLY PF 41 -54.12 103.51 -52.80
CA GLY PF 41 -53.16 104.16 -51.93
C GLY PF 41 -53.52 104.06 -50.46
N VAL PF 42 -52.50 104.03 -49.60
CA VAL PF 42 -52.73 103.94 -48.15
C VAL PF 42 -51.70 104.79 -47.45
N PHE PF 43 -52.12 105.39 -46.34
CA PHE PF 43 -51.22 106.15 -45.48
C PHE PF 43 -51.50 105.77 -44.03
N SER PF 44 -50.43 105.53 -43.27
CA SER PF 44 -50.57 105.15 -41.87
C SER PF 44 -49.51 105.87 -41.05
N LEU PF 45 -49.89 106.23 -39.82
CA LEU PF 45 -49.00 106.95 -38.91
C LEU PF 45 -49.19 106.42 -37.50
N GLU PF 46 -48.07 106.17 -36.79
CA GLU PF 46 -48.10 105.66 -35.42
C GLU PF 46 -47.02 106.35 -34.58
N GLN PF 47 -47.38 106.72 -33.35
CA GLN PF 47 -46.42 107.29 -32.41
C GLN PF 47 -46.16 106.32 -31.26
N ARG PF 48 -44.90 106.24 -30.86
CA ARG PF 48 -44.44 105.37 -29.77
C ARG PF 48 -43.69 106.26 -28.78
N PHE PF 49 -44.38 106.61 -27.70
CA PHE PF 49 -43.83 107.38 -26.59
C PHE PF 49 -43.06 106.43 -25.69
N GLY PF 50 -41.73 106.58 -25.62
CA GLY PF 50 -40.89 105.73 -24.82
C GLY PF 50 -40.83 106.16 -23.37
N ALA PF 51 -39.88 105.57 -22.64
CA ALA PF 51 -39.62 106.04 -21.28
C ALA PF 51 -38.93 107.41 -21.31
N ALA PF 52 -38.80 108.03 -20.13
CA ALA PF 52 -38.26 109.37 -20.05
C ALA PF 52 -36.80 109.43 -20.50
N ASN PF 53 -36.08 108.31 -20.48
CA ASN PF 53 -34.75 108.25 -21.06
C ASN PF 53 -34.78 107.93 -22.55
N SER PF 54 -35.91 107.48 -23.07
CA SER PF 54 -36.04 107.11 -24.47
C SER PF 54 -36.59 108.25 -25.30
N ASN PF 55 -36.18 108.29 -26.56
CA ASN PF 55 -36.76 109.22 -27.51
C ASN PF 55 -38.11 108.71 -27.96
N ARG PF 56 -39.10 109.60 -28.04
CA ARG PF 56 -40.35 109.20 -28.66
C ARG PF 56 -40.13 109.10 -30.17
N LYS PF 57 -40.88 108.21 -30.79
CA LYS PF 57 -40.69 107.91 -32.20
C LYS PF 57 -42.01 108.00 -32.94
N VAL PF 58 -41.96 108.45 -34.19
CA VAL PF 58 -43.16 108.65 -34.99
C VAL PF 58 -42.88 108.11 -36.38
N THR PF 59 -43.71 107.17 -36.84
CA THR PF 59 -43.43 106.50 -38.10
C THR PF 59 -44.64 106.56 -39.03
N MET PF 60 -44.35 106.81 -40.31
CA MET PF 60 -45.32 106.94 -41.38
C MET PF 60 -44.99 105.96 -42.48
N LEU PF 61 -46.04 105.35 -43.04
CA LEU PF 61 -45.92 104.50 -44.20
C LEU PF 61 -46.93 104.94 -45.26
N LEU PF 62 -46.43 105.25 -46.45
CA LEU PF 62 -47.22 105.63 -47.61
C LEU PF 62 -47.02 104.56 -48.66
N THR PF 63 -48.10 103.91 -49.08
CA THR PF 63 -48.05 102.84 -50.06
C THR PF 63 -48.88 103.22 -51.28
N ASP PF 64 -48.26 103.14 -52.46
CA ASP PF 64 -48.91 103.43 -53.73
C ASP PF 64 -48.81 102.20 -54.62
N PRO PF 65 -49.90 101.46 -54.78
CA PRO PF 65 -49.91 100.36 -55.74
C PRO PF 65 -50.41 100.82 -57.11
N VAL PF 66 -49.82 100.21 -58.13
CA VAL PF 66 -50.13 100.48 -59.53
C VAL PF 66 -50.27 99.15 -60.26
N VAL PF 67 -51.20 99.10 -61.21
CA VAL PF 67 -51.33 97.93 -62.06
C VAL PF 67 -50.43 98.09 -63.26
N VAL PF 68 -49.61 97.06 -63.53
CA VAL PF 68 -48.65 97.05 -64.62
C VAL PF 68 -48.89 95.82 -65.47
N LYS PF 69 -48.57 95.94 -66.76
CA LYS PF 69 -48.66 94.83 -67.69
C LYS PF 69 -47.55 93.83 -67.40
N ASP PF 70 -47.91 92.55 -67.44
CA ASP PF 70 -46.94 91.48 -67.30
C ASP PF 70 -46.12 91.34 -68.59
N ALA PF 71 -44.97 90.68 -68.48
CA ALA PF 71 -44.20 90.36 -69.68
C ALA PF 71 -44.99 89.44 -70.60
N SER PF 72 -45.85 88.58 -70.02
CA SER PF 72 -46.80 87.81 -70.80
C SER PF 72 -48.00 88.65 -71.23
N GLY PF 73 -48.34 89.69 -70.46
CA GLY PF 73 -49.48 90.53 -70.74
C GLY PF 73 -50.52 90.56 -69.64
N ALA PF 74 -50.44 89.68 -68.65
CA ALA PF 74 -51.41 89.63 -67.56
C ALA PF 74 -51.38 90.93 -66.75
N ASP PF 75 -52.47 91.17 -66.03
CA ASP PF 75 -52.56 92.30 -65.13
C ASP PF 75 -51.91 91.95 -63.80
N MET PF 76 -50.99 92.80 -63.34
CA MET PF 76 -50.26 92.50 -62.12
C MET PF 76 -50.16 93.77 -61.28
N THR PF 77 -50.36 93.66 -59.97
CA THR PF 77 -50.32 94.82 -59.10
C THR PF 77 -48.98 94.90 -58.37
N ILE PF 78 -48.37 96.09 -58.39
CA ILE PF 78 -47.04 96.33 -57.87
C ILE PF 78 -47.11 97.52 -56.93
N LYS PF 79 -46.59 97.38 -55.73
CA LYS PF 79 -46.61 98.43 -54.73
C LYS PF 79 -45.25 99.10 -54.62
N ALA PF 80 -45.27 100.41 -54.37
CA ALA PF 80 -44.08 101.19 -54.04
C ALA PF 80 -44.29 101.82 -52.67
N ASN PF 81 -43.27 101.75 -51.81
CA ASN PF 81 -43.41 102.15 -50.41
C ASN PF 81 -42.50 103.33 -50.13
N ALA PF 82 -42.97 104.22 -49.26
CA ALA PF 82 -42.12 105.25 -48.69
C ALA PF 82 -42.42 105.30 -47.19
N SER PF 83 -41.36 105.35 -46.39
CA SER PF 83 -41.53 105.33 -44.94
C SER PF 83 -40.67 106.40 -44.30
N VAL PF 84 -41.26 107.16 -43.39
CA VAL PF 84 -40.56 108.21 -42.67
C VAL PF 84 -40.58 107.85 -41.18
N THR PF 85 -39.49 108.17 -40.48
CA THR PF 85 -39.40 107.94 -39.04
C THR PF 85 -38.72 109.14 -38.40
N PHE PF 86 -39.43 109.76 -37.45
CA PHE PF 86 -38.93 110.87 -36.66
C PHE PF 86 -38.52 110.33 -35.29
N SER PF 87 -37.23 110.44 -34.97
CA SER PF 87 -36.72 110.14 -33.64
C SER PF 87 -36.51 111.46 -32.91
N LEU PF 88 -37.35 111.72 -31.91
CA LEU PF 88 -37.41 113.00 -31.22
C LEU PF 88 -37.18 112.78 -29.74
N PRO PF 89 -36.02 113.19 -29.21
CA PRO PF 89 -35.80 113.13 -27.76
C PRO PF 89 -36.73 114.08 -27.02
N LYS PF 90 -36.97 113.75 -25.76
CA LYS PF 90 -37.94 114.49 -24.95
C LYS PF 90 -37.33 115.71 -24.28
N THR PF 91 -36.06 116.00 -24.54
CA THR PF 91 -35.44 117.26 -24.15
C THR PF 91 -35.30 118.20 -25.34
N TYR PF 92 -35.69 117.75 -26.52
CA TYR PF 92 -35.63 118.53 -27.75
C TYR PF 92 -36.86 119.44 -27.85
N PRO PF 93 -36.70 120.71 -28.21
CA PRO PF 93 -37.85 121.62 -28.20
C PRO PF 93 -38.76 121.46 -29.41
N ASN PF 94 -40.06 121.64 -29.15
CA ASN PF 94 -41.07 121.43 -30.17
C ASN PF 94 -40.85 122.35 -31.37
N GLU PF 95 -40.40 123.58 -31.12
CA GLU PF 95 -40.09 124.50 -32.20
C GLU PF 95 -39.12 123.87 -33.20
N HIS PF 96 -38.00 123.35 -32.69
CA HIS PF 96 -37.01 122.76 -33.58
C HIS PF 96 -37.51 121.47 -34.21
N ILE PF 97 -38.45 120.76 -33.58
CA ILE PF 97 -39.08 119.63 -34.27
C ILE PF 97 -39.84 120.12 -35.52
N THR PF 98 -40.60 121.21 -35.36
CA THR PF 98 -41.30 121.77 -36.53
C THR PF 98 -40.30 122.20 -37.59
N LYS PF 99 -39.22 122.86 -37.18
CA LYS PF 99 -38.15 123.23 -38.10
C LYS PF 99 -37.64 122.02 -38.86
N LEU PF 100 -37.40 120.92 -38.14
CA LEU PF 100 -36.91 119.69 -38.75
C LEU PF 100 -37.89 119.17 -39.80
N ARG PF 101 -39.18 119.09 -39.45
CA ARG PF 101 -40.17 118.58 -40.39
C ARG PF 101 -40.21 119.44 -41.65
N GLN PF 102 -40.15 120.76 -41.49
CA GLN PF 102 -40.23 121.62 -42.67
C GLN PF 102 -38.97 121.49 -43.53
N THR PF 103 -37.78 121.41 -42.91
CA THR PF 103 -36.57 121.20 -43.70
C THR PF 103 -36.63 119.88 -44.45
N LEU PF 104 -37.26 118.86 -43.86
CA LEU PF 104 -37.42 117.59 -44.56
C LEU PF 104 -38.30 117.75 -45.78
N ILE PF 105 -39.42 118.49 -45.63
CA ILE PF 105 -40.28 118.76 -46.79
C ILE PF 105 -39.49 119.45 -47.89
N ALA PF 106 -38.72 120.47 -47.51
CA ALA PF 106 -37.93 121.21 -48.49
C ALA PF 106 -36.93 120.30 -49.19
N TRP PF 107 -36.26 119.44 -48.43
CA TRP PF 107 -35.30 118.51 -49.02
C TRP PF 107 -35.98 117.55 -49.99
N LEU PF 108 -37.14 117.02 -49.61
CA LEU PF 108 -37.88 116.12 -50.49
C LEU PF 108 -38.30 116.82 -51.77
N GLY PF 109 -38.39 118.15 -51.74
CA GLY PF 109 -38.64 118.91 -52.95
C GLY PF 109 -37.45 119.02 -53.89
N GLN PF 110 -36.23 118.91 -53.35
CA GLN PF 110 -35.03 119.24 -54.11
C GLN PF 110 -34.79 118.29 -55.26
N GLN PF 111 -34.07 118.79 -56.27
CA GLN PF 111 -33.76 117.95 -57.42
C GLN PF 111 -32.73 116.89 -57.06
N CYS PF 112 -31.78 117.21 -56.18
CA CYS PF 112 -30.77 116.24 -55.80
C CYS PF 112 -31.37 115.07 -55.02
N VAL PF 113 -32.53 115.26 -54.41
CA VAL PF 113 -33.28 114.15 -53.84
C VAL PF 113 -34.20 113.52 -54.89
N SER PF 114 -34.73 114.33 -55.81
CA SER PF 114 -35.69 113.83 -56.79
C SER PF 114 -35.05 112.85 -57.77
N ASP PF 115 -33.86 113.18 -58.28
CA ASP PF 115 -33.25 112.36 -59.33
C ASP PF 115 -33.02 110.92 -58.89
N PRO PF 116 -32.39 110.61 -57.76
CA PRO PF 116 -32.27 109.19 -57.37
C PRO PF 116 -33.60 108.54 -57.06
N VAL PF 117 -34.48 109.23 -56.35
CA VAL PF 117 -35.77 108.64 -56.00
C VAL PF 117 -36.60 108.42 -57.26
N ASP PF 118 -36.87 109.48 -58.03
CA ASP PF 118 -37.83 109.39 -59.11
C ASP PF 118 -37.30 108.53 -60.26
N SER PF 119 -36.03 108.70 -60.63
CA SER PF 119 -35.51 108.08 -61.84
C SER PF 119 -34.33 107.13 -61.62
N GLY PF 120 -33.73 107.12 -60.45
CA GLY PF 120 -32.62 106.24 -60.18
C GLY PF 120 -31.25 106.80 -60.52
N LEU PF 121 -31.19 108.00 -61.07
CA LEU PF 121 -29.90 108.61 -61.38
C LEU PF 121 -29.26 109.13 -60.09
N ASN PF 122 -27.98 108.81 -59.89
CA ASN PF 122 -27.24 109.38 -58.79
C ASN PF 122 -26.70 110.76 -59.16
N ASN PF 123 -26.43 111.57 -58.14
CA ASN PF 123 -25.85 112.88 -58.38
C ASN PF 123 -24.33 112.78 -58.43
N TYR PF 124 -23.72 113.80 -59.04
CA TYR PF 124 -22.27 113.76 -59.26
C TYR PF 124 -21.61 115.10 -58.97
N MET QF 1 -68.66 111.79 -22.78
CA MET QF 1 -68.78 113.12 -23.39
C MET QF 1 -67.90 113.21 -24.62
N ARG QF 2 -68.16 114.23 -25.45
CA ARG QF 2 -67.32 114.51 -26.62
C ARG QF 2 -66.14 115.37 -26.18
N LEU QF 3 -64.95 114.78 -26.19
CA LEU QF 3 -63.75 115.45 -25.69
C LEU QF 3 -63.48 116.74 -26.44
N THR QF 4 -63.26 117.81 -25.67
CA THR QF 4 -62.87 119.11 -26.18
C THR QF 4 -61.75 119.62 -25.30
N ASP QF 5 -60.87 120.44 -25.89
CA ASP QF 5 -59.80 121.05 -25.10
C ASP QF 5 -60.40 121.75 -23.89
N VAL QF 6 -59.68 121.72 -22.77
CA VAL QF 6 -60.25 122.12 -21.48
C VAL QF 6 -59.42 123.26 -20.93
N ASP QF 7 -60.10 124.21 -20.30
CA ASP QF 7 -59.43 125.29 -19.59
C ASP QF 7 -59.89 125.30 -18.14
N LEU QF 8 -58.92 125.17 -17.24
CA LEU QF 8 -59.15 125.03 -15.82
C LEU QF 8 -58.79 126.33 -15.13
N THR QF 9 -59.65 126.78 -14.23
CA THR QF 9 -59.36 127.93 -13.40
C THR QF 9 -58.68 127.41 -12.14
N VAL QF 10 -57.40 127.72 -11.99
CA VAL QF 10 -56.55 127.19 -10.94
C VAL QF 10 -56.11 128.36 -10.07
N GLY QF 11 -56.77 128.53 -8.92
CA GLY QF 11 -56.50 129.68 -8.09
C GLY QF 11 -56.77 130.96 -8.86
N GLU QF 12 -55.73 131.71 -9.17
CA GLU QF 12 -55.88 132.95 -9.91
C GLU QF 12 -55.26 132.87 -11.29
N GLU QF 13 -55.03 131.66 -11.78
CA GLU QF 13 -54.42 131.45 -13.08
C GLU QF 13 -55.35 130.57 -13.89
N THR QF 14 -55.07 130.45 -15.20
CA THR QF 14 -55.83 129.57 -16.06
C THR QF 14 -54.89 128.62 -16.77
N ARG QF 15 -55.07 127.33 -16.52
CA ARG QF 15 -54.33 126.27 -17.22
C ARG QF 15 -55.13 125.83 -18.44
N GLU QF 16 -54.43 125.54 -19.53
CA GLU QF 16 -55.10 125.23 -20.80
C GLU QF 16 -54.55 123.92 -21.36
N TYR QF 17 -55.37 122.89 -21.35
CA TYR QF 17 -54.99 121.56 -21.80
C TYR QF 17 -55.65 121.26 -23.14
N ALA QF 18 -54.93 120.48 -23.95
CA ALA QF 18 -55.37 120.02 -25.25
C ALA QF 18 -55.42 118.50 -25.27
N VAL QF 19 -56.42 117.95 -25.97
CA VAL QF 19 -56.55 116.51 -26.08
C VAL QF 19 -55.34 115.95 -26.81
N SER QF 20 -54.69 114.97 -26.18
CA SER QF 20 -53.50 114.34 -26.75
C SER QF 20 -53.70 112.89 -27.17
N GLU QF 21 -54.58 112.14 -26.52
CA GLU QF 21 -54.99 110.87 -27.13
C GLU QF 21 -56.31 110.40 -26.55
N GLN QF 22 -57.06 109.67 -27.37
CA GLN QF 22 -58.33 109.08 -26.98
C GLN QF 22 -58.35 107.63 -27.45
N GLN QF 23 -58.44 106.70 -26.49
CA GLN QF 23 -58.59 105.29 -26.79
C GLN QF 23 -60.01 104.88 -26.43
N GLY QF 24 -60.22 103.58 -26.28
CA GLY QF 24 -61.52 103.09 -25.90
C GLY QF 24 -61.92 103.60 -24.55
N THR QF 25 -61.13 103.25 -23.53
CA THR QF 25 -61.43 103.55 -22.14
C THR QF 25 -60.43 104.53 -21.54
N LEU QF 26 -59.53 105.10 -22.35
CA LEU QF 26 -58.45 105.93 -21.86
C LEU QF 26 -58.39 107.23 -22.67
N PHE QF 27 -58.07 108.33 -21.98
CA PHE QF 27 -57.80 109.61 -22.64
C PHE QF 27 -56.66 110.32 -21.94
N ARG QF 28 -56.10 111.30 -22.65
CA ARG QF 28 -54.94 112.03 -22.16
C ARG QF 28 -54.97 113.44 -22.73
N PHE QF 29 -54.90 114.41 -21.83
CA PHE QF 29 -54.73 115.84 -22.10
C PHE QF 29 -53.30 116.26 -21.79
N VAL QF 30 -52.92 117.40 -22.36
CA VAL QF 30 -51.56 117.91 -22.30
C VAL QF 30 -51.59 119.42 -22.13
N ASP QF 31 -50.74 119.95 -21.23
CA ASP QF 31 -50.67 121.39 -21.00
C ASP QF 31 -50.19 122.11 -22.25
N LYS QF 32 -51.06 122.98 -22.80
CA LYS QF 32 -50.72 123.68 -24.03
C LYS QF 32 -49.47 124.54 -23.87
N SER QF 33 -49.23 125.04 -22.66
CA SER QF 33 -48.12 125.94 -22.38
C SER QF 33 -46.76 125.24 -22.39
N GLY QF 34 -46.70 123.96 -22.78
CA GLY QF 34 -45.45 123.25 -22.75
C GLY QF 34 -44.61 123.55 -23.98
N THR QF 35 -43.32 123.78 -23.75
CA THR QF 35 -42.37 124.02 -24.83
C THR QF 35 -41.63 122.76 -25.26
N VAL QF 36 -41.31 121.90 -24.31
CA VAL QF 36 -40.61 120.66 -24.56
C VAL QF 36 -41.45 119.52 -23.98
N ALA QF 37 -41.18 118.31 -24.46
CA ALA QF 37 -41.83 117.14 -23.90
C ALA QF 37 -41.66 117.07 -22.39
N ASN QF 38 -40.42 117.20 -21.90
CA ASN QF 38 -40.17 117.17 -20.45
C ASN QF 38 -40.74 118.39 -19.75
N ASN QF 39 -40.77 119.53 -20.43
CA ASN QF 39 -41.41 120.73 -19.88
C ASN QF 39 -42.90 120.51 -19.64
N THR QF 40 -43.52 119.62 -20.41
CA THR QF 40 -44.98 119.60 -20.58
C THR QF 40 -45.67 118.77 -19.51
N GLY QF 41 -46.61 119.39 -18.80
CA GLY QF 41 -47.46 118.65 -17.88
C GLY QF 41 -48.54 117.88 -18.62
N VAL QF 42 -49.03 116.82 -17.97
CA VAL QF 42 -50.00 115.93 -18.62
C VAL QF 42 -51.03 115.45 -17.60
N PHE QF 43 -52.16 115.00 -18.13
CA PHE QF 43 -53.23 114.42 -17.33
C PHE QF 43 -53.87 113.28 -18.10
N SER QF 44 -54.00 112.14 -17.45
CA SER QF 44 -54.51 110.95 -18.10
C SER QF 44 -55.54 110.27 -17.22
N LEU QF 45 -56.52 109.63 -17.85
CA LEU QF 45 -57.58 108.92 -17.14
C LEU QF 45 -57.93 107.65 -17.90
N GLU QF 46 -58.19 106.58 -17.14
CA GLU QF 46 -58.51 105.27 -17.70
C GLU QF 46 -59.54 104.59 -16.82
N GLN QF 47 -60.55 104.00 -17.44
CA GLN QF 47 -61.53 103.19 -16.72
C GLN QF 47 -61.33 101.72 -17.04
N ARG QF 48 -61.39 100.88 -16.01
CA ARG QF 48 -61.27 99.44 -16.11
C ARG QF 48 -62.57 98.87 -15.54
N PHE QF 49 -63.47 98.50 -16.43
CA PHE QF 49 -64.74 97.89 -16.06
C PHE QF 49 -64.51 96.41 -15.84
N GLY QF 50 -64.88 95.91 -14.65
CA GLY QF 50 -64.65 94.52 -14.31
C GLY QF 50 -65.82 93.63 -14.66
N ALA QF 51 -65.73 92.37 -14.21
CA ALA QF 51 -66.87 91.48 -14.30
C ALA QF 51 -67.97 91.92 -13.33
N ALA QF 52 -69.11 91.22 -13.36
CA ALA QF 52 -70.24 91.63 -12.55
C ALA QF 52 -69.97 91.48 -11.06
N ASN QF 53 -69.07 90.57 -10.68
CA ASN QF 53 -68.66 90.45 -9.28
C ASN QF 53 -67.58 91.45 -8.91
N SER QF 54 -66.99 92.13 -9.89
CA SER QF 54 -65.93 93.08 -9.64
C SER QF 54 -66.49 94.50 -9.49
N ASN QF 55 -65.63 95.40 -9.02
CA ASN QF 55 -65.91 96.82 -9.01
C ASN QF 55 -65.21 97.45 -10.20
N ARG QF 56 -65.87 98.39 -10.87
CA ARG QF 56 -65.17 99.15 -11.88
C ARG QF 56 -64.22 100.12 -11.21
N LYS QF 57 -63.09 100.38 -11.86
CA LYS QF 57 -62.06 101.24 -11.30
C LYS QF 57 -61.73 102.33 -12.30
N VAL QF 58 -61.64 103.56 -11.82
CA VAL QF 58 -61.23 104.68 -12.65
C VAL QF 58 -59.97 105.29 -12.04
N THR QF 59 -58.95 105.47 -12.87
CA THR QF 59 -57.68 105.98 -12.39
C THR QF 59 -57.28 107.22 -13.19
N MET QF 60 -56.68 108.18 -12.49
CA MET QF 60 -56.19 109.41 -13.09
C MET QF 60 -54.78 109.67 -12.60
N LEU QF 61 -53.95 110.15 -13.52
CA LEU QF 61 -52.60 110.59 -13.22
C LEU QF 61 -52.40 112.01 -13.73
N LEU QF 62 -51.93 112.89 -12.85
CA LEU QF 62 -51.61 114.28 -13.15
C LEU QF 62 -50.12 114.47 -12.89
N THR QF 63 -49.39 114.88 -13.93
CA THR QF 63 -47.95 115.08 -13.85
C THR QF 63 -47.61 116.54 -14.15
N ASP QF 64 -46.91 117.18 -13.22
CA ASP QF 64 -46.53 118.59 -13.35
C ASP QF 64 -45.03 118.73 -13.17
N PRO QF 65 -44.26 118.74 -14.26
CA PRO QF 65 -42.82 118.98 -14.15
C PRO QF 65 -42.49 120.46 -14.07
N VAL QF 66 -41.34 120.75 -13.45
CA VAL QF 66 -40.82 122.11 -13.28
C VAL QF 66 -39.31 122.06 -13.50
N VAL QF 67 -38.74 123.18 -13.98
CA VAL QF 67 -37.31 123.29 -14.22
C VAL QF 67 -36.63 123.88 -12.99
N VAL QF 68 -35.60 123.20 -12.50
CA VAL QF 68 -34.79 123.67 -11.38
C VAL QF 68 -33.33 123.80 -11.79
N MET QF 76 -31.97 120.97 -14.68
CA MET QF 76 -32.72 119.74 -14.42
C MET QF 76 -34.23 120.01 -14.31
N THR QF 77 -35.05 119.05 -14.76
CA THR QF 77 -36.49 119.12 -14.64
C THR QF 77 -36.98 118.02 -13.71
N ILE QF 78 -37.81 118.40 -12.74
CA ILE QF 78 -38.29 117.54 -11.66
C ILE QF 78 -39.79 117.39 -11.80
N LYS QF 79 -40.28 116.16 -11.69
CA LYS QF 79 -41.69 115.84 -11.90
C LYS QF 79 -42.36 115.45 -10.60
N ALA QF 80 -43.57 115.97 -10.37
CA ALA QF 80 -44.40 115.60 -9.24
C ALA QF 80 -45.73 115.06 -9.74
N ASN QF 81 -46.23 114.03 -9.06
CA ASN QF 81 -47.40 113.28 -9.53
C ASN QF 81 -48.52 113.33 -8.49
N ALA QF 82 -49.74 113.45 -8.98
CA ALA QF 82 -50.93 113.17 -8.20
C ALA QF 82 -51.69 112.07 -8.90
N SER QF 83 -52.17 111.08 -8.15
CA SER QF 83 -52.90 109.96 -8.74
C SER QF 83 -54.15 109.70 -7.93
N VAL QF 84 -55.30 109.69 -8.59
CA VAL QF 84 -56.58 109.41 -7.95
C VAL QF 84 -57.10 108.10 -8.50
N THR QF 85 -57.76 107.32 -7.65
CA THR QF 85 -58.37 106.05 -8.05
C THR QF 85 -59.71 105.89 -7.36
N PHE QF 86 -60.77 105.72 -8.15
CA PHE QF 86 -62.12 105.50 -7.68
C PHE QF 86 -62.46 104.04 -7.85
N SER QF 87 -62.71 103.34 -6.74
CA SER QF 87 -63.20 101.96 -6.77
C SER QF 87 -64.69 102.00 -6.49
N LEU QF 88 -65.48 101.64 -7.50
CA LEU QF 88 -66.92 101.82 -7.48
C LEU QF 88 -67.60 100.49 -7.75
N PRO QF 89 -68.27 99.90 -6.78
CA PRO QF 89 -69.08 98.70 -7.04
C PRO QF 89 -70.27 99.03 -7.94
N LYS QF 90 -70.67 98.04 -8.73
CA LYS QF 90 -71.69 98.32 -9.73
C LYS QF 90 -73.05 98.58 -9.08
N THR QF 91 -73.38 97.84 -8.02
CA THR QF 91 -74.64 98.03 -7.32
C THR QF 91 -74.71 99.40 -6.64
N TYR QF 92 -73.58 100.07 -6.45
CA TYR QF 92 -73.54 101.37 -5.77
C TYR QF 92 -74.20 102.44 -6.66
N PRO QF 93 -75.02 103.33 -6.10
CA PRO QF 93 -75.83 104.22 -6.95
C PRO QF 93 -75.05 105.43 -7.49
N ASN QF 94 -75.33 105.74 -8.76
CA ASN QF 94 -74.62 106.80 -9.44
C ASN QF 94 -74.72 108.13 -8.70
N GLU QF 95 -75.87 108.40 -8.06
CA GLU QF 95 -76.03 109.63 -7.31
C GLU QF 95 -74.99 109.73 -6.18
N HIS QF 96 -74.88 108.68 -5.37
CA HIS QF 96 -73.90 108.69 -4.30
C HIS QF 96 -72.46 108.71 -4.82
N ILE QF 97 -72.22 108.23 -6.04
CA ILE QF 97 -70.88 108.38 -6.63
C ILE QF 97 -70.59 109.87 -6.90
N THR QF 98 -71.54 110.58 -7.52
CA THR QF 98 -71.35 112.02 -7.74
C THR QF 98 -71.06 112.71 -6.41
N LYS QF 99 -71.81 112.32 -5.36
CA LYS QF 99 -71.55 112.83 -4.03
C LYS QF 99 -70.10 112.59 -3.59
N LEU QF 100 -69.63 111.34 -3.72
CA LEU QF 100 -68.27 111.01 -3.32
C LEU QF 100 -67.25 111.90 -4.02
N ARG QF 101 -67.37 112.04 -5.34
CA ARG QF 101 -66.42 112.87 -6.08
C ARG QF 101 -66.42 114.30 -5.55
N GLN QF 102 -67.61 114.88 -5.35
CA GLN QF 102 -67.68 116.26 -4.88
C GLN QF 102 -67.05 116.42 -3.50
N THR QF 103 -67.29 115.47 -2.59
CA THR QF 103 -66.69 115.57 -1.26
C THR QF 103 -65.18 115.42 -1.30
N LEU QF 104 -64.66 114.62 -2.24
CA LEU QF 104 -63.20 114.57 -2.40
C LEU QF 104 -62.66 115.93 -2.83
N ILE QF 105 -63.34 116.58 -3.77
CA ILE QF 105 -62.93 117.94 -4.14
C ILE QF 105 -62.90 118.85 -2.92
N ALA QF 106 -63.98 118.82 -2.14
CA ALA QF 106 -64.07 119.66 -0.94
C ALA QF 106 -62.92 119.37 0.02
N TRP QF 107 -62.60 118.09 0.22
CA TRP QF 107 -61.52 117.72 1.12
C TRP QF 107 -60.18 118.26 0.62
N LEU QF 108 -59.89 118.07 -0.67
CA LEU QF 108 -58.67 118.60 -1.26
C LEU QF 108 -58.58 120.11 -1.14
N GLY QF 109 -59.69 120.79 -0.91
CA GLY QF 109 -59.67 122.20 -0.59
C GLY QF 109 -59.13 122.57 0.78
N GLN QF 110 -59.33 121.70 1.78
CA GLN QF 110 -59.18 122.07 3.17
C GLN QF 110 -57.72 122.25 3.58
N GLN QF 111 -57.53 122.98 4.68
CA GLN QF 111 -56.18 123.24 5.19
C GLN QF 111 -55.53 121.97 5.69
N CYS QF 112 -56.29 121.12 6.39
CA CYS QF 112 -55.72 119.89 6.93
C CYS QF 112 -55.16 119.00 5.84
N VAL QF 113 -55.55 119.22 4.59
CA VAL QF 113 -54.99 118.51 3.45
C VAL QF 113 -53.89 119.32 2.77
N SER QF 114 -54.08 120.64 2.64
CA SER QF 114 -53.08 121.45 1.94
C SER QF 114 -51.78 121.52 2.72
N ASP QF 115 -51.83 121.64 4.06
CA ASP QF 115 -50.63 121.78 4.84
C ASP QF 115 -49.64 120.61 4.65
N PRO QF 116 -50.08 119.35 4.73
CA PRO QF 116 -49.11 118.27 4.43
C PRO QF 116 -48.75 118.17 2.95
N VAL QF 117 -49.73 118.28 2.06
CA VAL QF 117 -49.42 118.19 0.62
C VAL QF 117 -48.52 119.33 0.21
N ASP QF 118 -48.96 120.57 0.40
CA ASP QF 118 -48.25 121.72 -0.15
C ASP QF 118 -46.87 121.88 0.50
N SER QF 119 -46.82 121.97 1.83
CA SER QF 119 -45.59 122.32 2.52
C SER QF 119 -45.03 121.24 3.43
N GLY QF 120 -45.76 120.15 3.66
CA GLY QF 120 -45.26 119.07 4.50
C GLY QF 120 -45.57 119.20 5.97
N LEU QF 121 -46.37 120.19 6.37
CA LEU QF 121 -46.78 120.31 7.77
C LEU QF 121 -47.82 119.24 8.08
N ASN QF 122 -47.56 118.41 9.08
CA ASN QF 122 -48.60 117.51 9.54
C ASN QF 122 -49.53 118.23 10.51
N ASN QF 123 -50.70 117.65 10.71
CA ASN QF 123 -51.67 118.26 11.60
C ASN QF 123 -51.47 117.74 13.01
N TYR QF 124 -51.74 118.60 13.97
CA TYR QF 124 -51.47 118.30 15.37
C TYR QF 124 -52.60 118.79 16.26
N MET RF 1 -67.02 106.93 -40.65
CA MET RF 1 -67.96 107.89 -40.08
C MET RF 1 -67.41 108.44 -38.77
N ARG RF 2 -67.61 109.74 -38.54
CA ARG RF 2 -67.31 110.36 -37.25
C ARG RF 2 -68.37 109.94 -36.23
N LEU RF 3 -68.00 109.05 -35.32
CA LEU RF 3 -68.97 108.47 -34.42
C LEU RF 3 -69.52 109.53 -33.48
N THR RF 4 -70.85 109.59 -33.39
CA THR RF 4 -71.54 110.38 -32.38
C THR RF 4 -72.77 109.62 -31.94
N ASP RF 5 -73.34 110.06 -30.81
CA ASP RF 5 -74.54 109.44 -30.27
C ASP RF 5 -75.61 109.37 -31.35
N VAL RF 6 -76.44 108.33 -31.29
CA VAL RF 6 -77.51 108.17 -32.27
C VAL RF 6 -78.83 107.90 -31.55
N ASP RF 7 -79.91 108.24 -32.25
CA ASP RF 7 -81.27 107.95 -31.81
C ASP RF 7 -81.93 107.12 -32.90
N LEU RF 8 -82.54 106.01 -32.50
CA LEU RF 8 -83.16 105.08 -33.42
C LEU RF 8 -84.68 105.16 -33.32
N THR RF 9 -85.33 105.07 -34.46
CA THR RF 9 -86.78 105.00 -34.53
C THR RF 9 -87.17 103.53 -34.51
N VAL RF 10 -87.87 103.11 -33.45
CA VAL RF 10 -88.18 101.70 -33.23
C VAL RF 10 -89.68 101.57 -33.12
N GLY RF 11 -90.33 101.15 -34.20
CA GLY RF 11 -91.77 101.10 -34.22
C GLY RF 11 -92.35 102.46 -33.93
N GLU RF 12 -93.01 102.59 -32.78
CA GLU RF 12 -93.63 103.85 -32.38
C GLU RF 12 -92.98 104.44 -31.14
N GLU RF 13 -91.71 104.10 -30.89
CA GLU RF 13 -90.96 104.69 -29.81
C GLU RF 13 -89.61 105.15 -30.34
N THR RF 14 -88.91 105.95 -29.54
CA THR RF 14 -87.58 106.41 -29.88
C THR RF 14 -86.58 105.91 -28.86
N ARG RF 15 -85.52 105.29 -29.34
CA ARG RF 15 -84.49 104.66 -28.52
C ARG RF 15 -83.22 105.49 -28.62
N GLU RF 16 -82.67 105.91 -27.49
CA GLU RF 16 -81.53 106.83 -27.48
C GLU RF 16 -80.28 106.10 -26.99
N TYR RF 17 -79.29 105.99 -27.86
CA TYR RF 17 -78.01 105.40 -27.48
C TYR RF 17 -76.96 106.50 -27.38
N ALA RF 18 -75.90 106.21 -26.62
CA ALA RF 18 -74.76 107.10 -26.46
C ALA RF 18 -73.48 106.30 -26.62
N VAL RF 19 -72.48 106.93 -27.25
CA VAL RF 19 -71.21 106.25 -27.46
C VAL RF 19 -70.58 105.93 -26.12
N SER RF 20 -70.28 104.65 -25.91
CA SER RF 20 -69.63 104.20 -24.68
C SER RF 20 -68.15 103.87 -24.85
N GLU RF 21 -67.73 103.46 -26.06
CA GLU RF 21 -66.30 103.42 -26.34
C GLU RF 21 -66.09 103.35 -27.85
N GLN RF 22 -64.95 103.88 -28.30
CA GLN RF 22 -64.55 103.78 -29.70
C GLN RF 22 -63.09 103.41 -29.79
N GLN RF 23 -62.81 102.27 -30.43
CA GLN RF 23 -61.46 101.79 -30.71
C GLN RF 23 -61.25 101.77 -32.22
N GLY RF 24 -60.08 101.27 -32.62
CA GLY RF 24 -59.72 101.33 -34.02
C GLY RF 24 -60.67 100.54 -34.90
N THR RF 25 -60.98 99.32 -34.50
CA THR RF 25 -61.85 98.42 -35.25
C THR RF 25 -63.13 98.07 -34.50
N LEU RF 26 -63.37 98.68 -33.34
CA LEU RF 26 -64.48 98.32 -32.48
C LEU RF 26 -65.13 99.58 -31.93
N PHE RF 27 -66.46 99.52 -31.75
CA PHE RF 27 -67.17 100.58 -31.03
C PHE RF 27 -68.34 99.99 -30.27
N ARG RF 28 -68.80 100.74 -29.28
CA ARG RF 28 -69.86 100.32 -28.38
C ARG RF 28 -70.72 101.50 -27.99
N PHE RF 29 -72.04 101.34 -28.16
CA PHE RF 29 -73.10 102.23 -27.70
C PHE RF 29 -73.83 101.61 -26.52
N VAL RF 30 -74.40 102.48 -25.69
CA VAL RF 30 -75.19 102.10 -24.52
C VAL RF 30 -76.52 102.85 -24.54
N ASP RF 31 -77.62 102.16 -24.18
CA ASP RF 31 -78.93 102.79 -24.10
C ASP RF 31 -78.95 103.84 -22.99
N LYS RF 32 -79.31 105.07 -23.35
CA LYS RF 32 -79.25 106.19 -22.42
C LYS RF 32 -80.19 106.03 -21.23
N SER RF 33 -81.17 105.13 -21.31
CA SER RF 33 -82.12 104.91 -20.23
C SER RF 33 -81.58 104.04 -19.11
N GLY RF 34 -80.27 103.75 -19.09
CA GLY RF 34 -79.72 102.74 -18.21
C GLY RF 34 -78.64 103.25 -17.26
N THR RF 35 -78.31 102.38 -16.31
CA THR RF 35 -77.30 102.62 -15.28
C THR RF 35 -76.29 101.46 -15.33
N VAL RF 36 -75.11 101.66 -14.74
CA VAL RF 36 -74.23 100.51 -14.50
C VAL RF 36 -74.98 99.46 -13.68
N ALA RF 37 -75.74 99.89 -12.68
CA ALA RF 37 -76.47 98.96 -11.84
C ALA RF 37 -77.57 98.28 -12.62
N ASN RF 38 -78.41 99.05 -13.31
CA ASN RF 38 -79.50 98.49 -14.10
C ASN RF 38 -79.28 98.87 -15.56
N ASN RF 39 -78.67 97.98 -16.32
CA ASN RF 39 -78.45 98.22 -17.74
C ASN RF 39 -79.69 97.88 -18.55
N THR RF 40 -79.88 98.60 -19.64
CA THR RF 40 -81.08 98.48 -20.44
C THR RF 40 -80.83 98.13 -21.90
N GLY RF 41 -79.58 98.23 -22.37
CA GLY RF 41 -79.29 97.90 -23.74
C GLY RF 41 -77.88 98.25 -24.11
N VAL RF 42 -77.24 97.41 -24.94
CA VAL RF 42 -75.91 97.69 -25.44
C VAL RF 42 -75.84 97.23 -26.89
N PHE RF 43 -75.02 97.92 -27.67
CA PHE RF 43 -74.75 97.54 -29.04
C PHE RF 43 -73.25 97.68 -29.27
N SER RF 44 -72.67 96.68 -29.93
CA SER RF 44 -71.24 96.68 -30.18
C SER RF 44 -70.97 96.14 -31.59
N LEU RF 45 -69.94 96.67 -32.22
CA LEU RF 45 -69.57 96.24 -33.58
C LEU RF 45 -68.06 96.22 -33.71
N GLU RF 46 -67.55 95.20 -34.39
CA GLU RF 46 -66.11 95.03 -34.60
C GLU RF 46 -65.88 94.51 -36.02
N GLN RF 47 -64.85 95.05 -36.68
CA GLN RF 47 -64.42 94.53 -37.97
C GLN RF 47 -63.06 93.87 -37.81
N ARG RF 48 -62.96 92.62 -38.26
CA ARG RF 48 -61.69 91.93 -38.44
C ARG RF 48 -61.42 91.92 -39.93
N PHE RF 49 -60.65 92.91 -40.38
CA PHE RF 49 -60.17 92.92 -41.76
C PHE RF 49 -59.17 91.80 -41.92
N GLY RF 50 -59.49 90.82 -42.76
CA GLY RF 50 -58.71 89.62 -42.83
C GLY RF 50 -57.41 89.77 -43.61
N ALA RF 51 -56.62 88.70 -43.60
CA ALA RF 51 -55.45 88.62 -44.47
C ALA RF 51 -55.87 88.77 -45.93
N ALA RF 52 -54.87 89.05 -46.78
CA ALA RF 52 -55.16 89.36 -48.18
C ALA RF 52 -55.87 88.22 -48.89
N ASN RF 53 -55.71 87.00 -48.41
CA ASN RF 53 -56.42 85.85 -48.99
C ASN RF 53 -57.82 85.67 -48.42
N SER RF 54 -58.02 86.05 -47.16
CA SER RF 54 -59.26 85.77 -46.45
C SER RF 54 -60.30 86.86 -46.68
N ASN RF 55 -61.54 86.55 -46.31
CA ASN RF 55 -62.61 87.53 -46.28
C ASN RF 55 -62.49 88.39 -45.03
N ARG RF 56 -63.03 89.60 -45.11
CA ARG RF 56 -63.13 90.41 -43.91
C ARG RF 56 -64.47 90.13 -43.25
N LYS RF 57 -64.47 90.22 -41.92
CA LYS RF 57 -65.65 89.91 -41.12
C LYS RF 57 -66.07 91.14 -40.34
N VAL RF 58 -67.37 91.38 -40.27
CA VAL RF 58 -67.92 92.43 -39.40
C VAL RF 58 -68.97 91.76 -38.52
N THR RF 59 -68.85 91.98 -37.22
CA THR RF 59 -69.75 91.35 -36.27
C THR RF 59 -70.39 92.41 -35.38
N MET RF 60 -71.67 92.20 -35.08
CA MET RF 60 -72.46 93.08 -34.23
C MET RF 60 -73.17 92.25 -33.19
N LEU RF 61 -73.21 92.79 -31.97
CA LEU RF 61 -73.95 92.20 -30.86
C LEU RF 61 -74.87 93.26 -30.26
N LEU RF 62 -76.16 92.95 -30.22
CA LEU RF 62 -77.17 93.76 -29.58
C LEU RF 62 -77.71 92.99 -28.38
N THR RF 63 -77.65 93.59 -27.20
CA THR RF 63 -78.10 92.94 -25.98
C THR RF 63 -79.14 93.81 -25.29
N ASP RF 64 -80.32 93.23 -25.05
CA ASP RF 64 -81.41 93.91 -24.34
C ASP RF 64 -81.71 93.10 -23.09
N PRO RF 65 -81.35 93.63 -21.92
CA PRO RF 65 -81.74 92.99 -20.66
C PRO RF 65 -83.03 93.58 -20.11
N VAL RF 66 -83.80 92.71 -19.45
CA VAL RF 66 -85.08 93.04 -18.85
C VAL RF 66 -85.13 92.41 -17.46
N VAL RF 67 -85.75 93.12 -16.54
CA VAL RF 67 -85.99 92.57 -15.21
C VAL RF 67 -87.29 91.78 -15.23
N VAL RF 68 -87.28 90.62 -14.58
CA VAL RF 68 -88.42 89.72 -14.52
C VAL RF 68 -88.55 89.20 -13.10
N LYS RF 69 -89.77 89.17 -12.58
CA LYS RF 69 -90.00 88.57 -11.27
C LYS RF 69 -89.81 87.07 -11.36
N ASP RF 70 -89.29 86.49 -10.28
CA ASP RF 70 -89.01 85.06 -10.19
C ASP RF 70 -90.21 84.34 -9.58
N ALA RF 71 -90.23 83.01 -9.75
CA ALA RF 71 -91.21 82.21 -9.04
C ALA RF 71 -91.10 82.39 -7.53
N SER RF 72 -89.87 82.60 -7.03
CA SER RF 72 -89.64 82.94 -5.64
C SER RF 72 -89.98 84.39 -5.32
N GLY RF 73 -90.38 85.18 -6.31
CA GLY RF 73 -90.61 86.60 -6.14
C GLY RF 73 -89.39 87.48 -6.35
N ALA RF 74 -88.20 86.94 -6.16
CA ALA RF 74 -86.97 87.71 -6.30
C ALA RF 74 -86.87 88.31 -7.69
N ASP RF 75 -86.24 89.48 -7.76
CA ASP RF 75 -86.05 90.15 -9.04
C ASP RF 75 -84.82 89.58 -9.76
N MET RF 76 -84.98 89.28 -11.05
CA MET RF 76 -83.98 88.55 -11.81
C MET RF 76 -83.80 89.25 -13.15
N THR RF 77 -82.56 89.58 -13.50
CA THR RF 77 -82.26 90.26 -14.75
C THR RF 77 -81.89 89.24 -15.82
N ILE RF 78 -82.56 89.34 -16.98
CA ILE RF 78 -82.45 88.35 -18.05
C ILE RF 78 -82.09 89.08 -19.34
N LYS RF 79 -81.12 88.55 -20.07
CA LYS RF 79 -80.65 89.17 -21.30
C LYS RF 79 -81.10 88.37 -22.51
N ALA RF 80 -81.49 89.07 -23.57
CA ALA RF 80 -81.73 88.50 -24.89
C ALA RF 80 -80.74 89.10 -25.87
N ASN RF 81 -80.20 88.27 -26.75
CA ASN RF 81 -79.12 88.71 -27.62
C ASN RF 81 -79.48 88.52 -29.08
N ALA RF 82 -79.01 89.44 -29.90
CA ALA RF 82 -79.05 89.30 -31.35
C ALA RF 82 -77.63 89.55 -31.86
N SER RF 83 -77.16 88.70 -32.76
CA SER RF 83 -75.80 88.85 -33.29
C SER RF 83 -75.84 88.71 -34.79
N VAL RF 84 -75.22 89.66 -35.49
CA VAL RF 84 -75.15 89.66 -36.94
C VAL RF 84 -73.68 89.58 -37.34
N THR RF 85 -73.40 88.82 -38.40
CA THR RF 85 -72.03 88.69 -38.91
C THR RF 85 -72.06 88.73 -40.43
N PHE RF 86 -71.30 89.67 -41.00
CA PHE RF 86 -71.12 89.82 -42.43
C PHE RF 86 -69.76 89.25 -42.80
N SER RF 87 -69.76 88.22 -43.64
CA SER RF 87 -68.53 87.70 -44.24
C SER RF 87 -68.48 88.22 -45.66
N LEU RF 88 -67.53 89.11 -45.91
CA LEU RF 88 -67.43 89.83 -47.17
C LEU RF 88 -66.07 89.58 -47.80
N PRO RF 89 -66.00 88.85 -48.89
CA PRO RF 89 -64.73 88.68 -49.61
C PRO RF 89 -64.26 89.99 -50.20
N LYS RF 90 -62.94 90.11 -50.35
CA LYS RF 90 -62.38 91.36 -50.84
C LYS RF 90 -62.84 91.67 -52.26
N THR RF 91 -62.85 90.66 -53.13
CA THR RF 91 -63.21 90.87 -54.54
C THR RF 91 -64.69 91.20 -54.71
N TYR RF 92 -65.51 91.01 -53.68
CA TYR RF 92 -66.93 91.32 -53.77
C TYR RF 92 -67.14 92.84 -53.83
N PRO RF 93 -67.99 93.34 -54.72
CA PRO RF 93 -68.09 94.81 -54.89
C PRO RF 93 -68.93 95.49 -53.81
N ASN RF 94 -68.44 96.66 -53.39
CA ASN RF 94 -69.10 97.41 -52.32
C ASN RF 94 -70.58 97.64 -52.62
N GLU RF 95 -70.93 97.81 -53.89
CA GLU RF 95 -72.33 98.02 -54.26
C GLU RF 95 -73.19 96.83 -53.83
N HIS RF 96 -72.83 95.62 -54.27
CA HIS RF 96 -73.61 94.45 -53.88
C HIS RF 96 -73.55 94.18 -52.38
N ILE RF 97 -72.51 94.66 -51.69
CA ILE RF 97 -72.52 94.58 -50.23
C ILE RF 97 -73.69 95.41 -49.65
N THR RF 98 -73.78 96.69 -50.07
CA THR RF 98 -74.90 97.51 -49.58
C THR RF 98 -76.23 96.85 -49.91
N LYS RF 99 -76.33 96.26 -51.11
CA LYS RF 99 -77.52 95.49 -51.48
C LYS RF 99 -77.82 94.39 -50.46
N LEU RF 100 -76.81 93.61 -50.09
CA LEU RF 100 -76.98 92.55 -49.11
C LEU RF 100 -77.50 93.09 -47.79
N ARG RF 101 -76.88 94.16 -47.29
CA ARG RF 101 -77.31 94.72 -46.00
C ARG RF 101 -78.77 95.16 -46.05
N GLN RF 102 -79.17 95.84 -47.14
CA GLN RF 102 -80.54 96.33 -47.22
C GLN RF 102 -81.53 95.17 -47.31
N THR RF 103 -81.21 94.14 -48.11
CA THR RF 103 -82.12 92.99 -48.18
C THR RF 103 -82.24 92.30 -46.82
N LEU RF 104 -81.17 92.30 -46.02
CA LEU RF 104 -81.27 91.73 -44.67
C LEU RF 104 -82.22 92.54 -43.81
N ILE RF 105 -82.13 93.87 -43.87
CA ILE RF 105 -83.09 94.70 -43.15
C ILE RF 105 -84.52 94.36 -43.57
N ALA RF 106 -84.74 94.27 -44.88
CA ALA RF 106 -86.07 93.94 -45.40
C ALA RF 106 -86.56 92.61 -44.84
N TRP RF 107 -85.71 91.59 -44.89
CA TRP RF 107 -86.09 90.29 -44.37
C TRP RF 107 -86.45 90.35 -42.89
N LEU RF 108 -85.62 91.06 -42.10
CA LEU RF 108 -85.88 91.17 -40.67
C LEU RF 108 -87.20 91.85 -40.38
N GLY RF 109 -87.70 92.65 -41.31
CA GLY RF 109 -89.02 93.23 -41.18
C GLY RF 109 -90.18 92.29 -41.43
N GLN RF 110 -89.94 91.23 -42.20
CA GLN RF 110 -91.00 90.37 -42.70
C GLN RF 110 -91.66 89.56 -41.59
N GLN RF 111 -92.90 89.16 -41.84
CA GLN RF 111 -93.62 88.38 -40.84
C GLN RF 111 -93.09 86.96 -40.74
N CYS RF 112 -92.63 86.36 -41.85
CA CYS RF 112 -92.07 85.02 -41.79
C CYS RF 112 -90.82 84.97 -40.93
N VAL RF 113 -90.17 86.10 -40.72
CA VAL RF 113 -89.03 86.19 -39.82
C VAL RF 113 -89.46 86.61 -38.42
N SER RF 114 -90.41 87.53 -38.30
CA SER RF 114 -90.80 88.04 -36.99
C SER RF 114 -91.54 86.98 -36.19
N ASP RF 115 -92.45 86.23 -36.82
CA ASP RF 115 -93.25 85.24 -36.08
C ASP RF 115 -92.40 84.23 -35.33
N PRO RF 116 -91.39 83.58 -35.93
CA PRO RF 116 -90.56 82.67 -35.12
C PRO RF 116 -89.67 83.42 -34.13
N VAL RF 117 -89.09 84.54 -34.52
CA VAL RF 117 -88.23 85.29 -33.60
C VAL RF 117 -89.04 85.83 -32.43
N ASP RF 118 -90.13 86.56 -32.72
CA ASP RF 118 -90.85 87.25 -31.67
C ASP RF 118 -91.64 86.28 -30.79
N SER RF 119 -92.37 85.35 -31.40
CA SER RF 119 -93.33 84.55 -30.66
C SER RF 119 -92.99 83.07 -30.60
N GLY RF 120 -91.93 82.62 -31.28
CA GLY RF 120 -91.56 81.23 -31.24
C GLY RF 120 -92.42 80.30 -32.07
N LEU RF 121 -93.30 80.84 -32.92
CA LEU RF 121 -94.12 80.02 -33.80
C LEU RF 121 -93.39 79.82 -35.13
N ASN RF 122 -93.34 78.58 -35.59
CA ASN RF 122 -92.73 78.31 -36.88
C ASN RF 122 -93.71 78.57 -38.01
N ASN RF 123 -93.18 78.67 -39.22
CA ASN RF 123 -94.00 78.90 -40.39
C ASN RF 123 -94.46 77.59 -40.99
N TYR RF 124 -95.48 77.68 -41.85
CA TYR RF 124 -96.10 76.50 -42.47
C TYR RF 124 -96.66 76.79 -43.87
N MET SF 1 71.79 -31.76 -107.25
CA MET SF 1 71.76 -31.72 -108.71
C MET SF 1 71.00 -30.49 -109.21
N ARG SF 2 71.53 -29.84 -110.24
CA ARG SF 2 70.80 -28.76 -110.89
C ARG SF 2 69.57 -29.32 -111.57
N LEU SF 3 68.40 -28.91 -111.08
CA LEU SF 3 67.15 -29.49 -111.56
C LEU SF 3 66.91 -29.19 -113.02
N THR SF 4 66.35 -30.18 -113.71
CA THR SF 4 65.93 -30.03 -115.09
C THR SF 4 64.65 -30.82 -115.27
N ASP SF 5 63.85 -30.44 -116.27
CA ASP SF 5 62.66 -31.22 -116.60
C ASP SF 5 63.06 -32.69 -116.77
N VAL SF 6 62.14 -33.58 -116.46
CA VAL SF 6 62.47 -35.00 -116.36
C VAL SF 6 61.54 -35.78 -117.29
N ASP SF 7 62.12 -36.75 -118.00
CA ASP SF 7 61.34 -37.65 -118.83
C ASP SF 7 61.57 -39.07 -118.32
N LEU SF 8 60.48 -39.73 -117.93
CA LEU SF 8 60.50 -41.06 -117.35
C LEU SF 8 59.99 -42.07 -118.36
N THR SF 9 60.63 -43.22 -118.44
CA THR SF 9 60.13 -44.33 -119.22
C THR SF 9 59.30 -45.20 -118.28
N VAL SF 10 58.01 -45.35 -118.59
CA VAL SF 10 57.06 -46.01 -117.70
C VAL SF 10 56.40 -47.14 -118.48
N GLY SF 11 56.81 -48.37 -118.18
CA GLY SF 11 56.32 -49.50 -118.94
C GLY SF 11 56.63 -49.31 -120.39
N GLU SF 12 55.59 -49.10 -121.21
CA GLU SF 12 55.78 -48.93 -122.63
C GLU SF 12 55.35 -47.55 -123.11
N GLU SF 13 55.30 -46.58 -122.20
CA GLU SF 13 54.95 -45.22 -122.52
C GLU SF 13 56.05 -44.31 -121.96
N THR SF 14 56.03 -43.05 -122.36
CA THR SF 14 56.97 -42.06 -121.81
C THR SF 14 56.20 -40.91 -121.19
N ARG SF 15 56.54 -40.60 -119.95
CA ARG SF 15 55.88 -39.59 -119.15
C ARG SF 15 56.81 -38.41 -118.95
N GLU SF 16 56.32 -37.20 -119.20
CA GLU SF 16 57.16 -36.00 -119.17
C GLU SF 16 56.70 -35.07 -118.05
N TYR SF 17 57.61 -34.75 -117.14
CA TYR SF 17 57.39 -33.85 -116.03
C TYR SF 17 58.23 -32.59 -116.20
N ALA SF 18 57.71 -31.49 -115.65
CA ALA SF 18 58.40 -30.21 -115.66
C ALA SF 18 58.50 -29.66 -114.24
N VAL SF 19 59.60 -28.97 -113.96
CA VAL SF 19 59.83 -28.40 -112.64
C VAL SF 19 58.78 -27.35 -112.36
N SER SF 20 58.08 -27.49 -111.22
CA SER SF 20 57.09 -26.52 -110.77
C SER SF 20 57.57 -25.61 -109.65
N GLU SF 21 58.31 -26.13 -108.68
CA GLU SF 21 58.95 -25.23 -107.72
C GLU SF 21 60.13 -25.94 -107.07
N GLN SF 22 61.10 -25.14 -106.63
CA GLN SF 22 62.27 -25.67 -105.93
C GLN SF 22 62.59 -24.77 -104.75
N GLN SF 23 62.62 -25.36 -103.56
CA GLN SF 23 63.02 -24.69 -102.34
C GLN SF 23 64.35 -25.29 -101.87
N GLY SF 24 64.78 -24.87 -100.69
CA GLY SF 24 66.06 -25.33 -100.19
C GLY SF 24 66.11 -26.83 -100.02
N THR SF 25 65.05 -27.40 -99.43
CA THR SF 25 64.98 -28.83 -99.15
C THR SF 25 63.73 -29.48 -99.77
N LEU SF 26 63.09 -28.81 -100.72
CA LEU SF 26 61.86 -29.31 -101.30
C LEU SF 26 61.81 -28.98 -102.80
N PHE SF 27 61.24 -29.90 -103.59
CA PHE SF 27 60.96 -29.60 -104.98
C PHE SF 27 59.69 -30.31 -105.42
N ARG SF 28 59.13 -29.82 -106.52
CA ARG SF 28 57.88 -30.32 -107.08
C ARG SF 28 57.91 -30.24 -108.59
N PHE SF 29 57.59 -31.37 -109.22
CA PHE SF 29 57.35 -31.52 -110.65
C PHE SF 29 55.86 -31.71 -110.93
N VAL SF 30 55.47 -31.31 -112.13
CA VAL SF 30 54.11 -31.49 -112.62
C VAL SF 30 54.15 -32.24 -113.96
N ASP SF 31 53.17 -33.12 -114.17
CA ASP SF 31 53.05 -33.85 -115.44
C ASP SF 31 52.67 -32.87 -116.55
N LYS SF 32 53.49 -32.83 -117.61
CA LYS SF 32 53.25 -31.91 -118.72
C LYS SF 32 51.94 -32.20 -119.46
N SER SF 33 51.30 -33.34 -119.18
CA SER SF 33 50.02 -33.66 -119.78
C SER SF 33 48.90 -32.73 -119.32
N GLY SF 34 49.10 -31.96 -118.25
CA GLY SF 34 48.03 -31.29 -117.57
C GLY SF 34 48.16 -29.77 -117.52
N THR SF 35 47.08 -29.15 -117.08
CA THR SF 35 46.92 -27.71 -116.90
C THR SF 35 46.84 -27.41 -115.41
N VAL SF 36 47.05 -26.13 -115.07
CA VAL SF 36 46.59 -25.63 -113.77
C VAL SF 36 45.16 -26.08 -113.53
N ALA SF 37 44.29 -25.87 -114.52
CA ALA SF 37 42.89 -26.25 -114.40
C ALA SF 37 42.74 -27.75 -114.19
N ASN SF 38 43.17 -28.53 -115.17
CA ASN SF 38 43.06 -29.99 -115.10
C ASN SF 38 44.46 -30.57 -114.94
N ASN SF 39 44.70 -31.23 -113.80
CA ASN SF 39 46.01 -31.78 -113.47
C ASN SF 39 46.05 -33.27 -113.76
N THR SF 40 47.16 -33.73 -114.34
CA THR SF 40 47.35 -35.13 -114.66
C THR SF 40 48.31 -35.86 -113.73
N GLY SF 41 49.15 -35.15 -112.99
CA GLY SF 41 50.09 -35.80 -112.12
C GLY SF 41 51.01 -34.84 -111.40
N VAL SF 42 51.43 -35.18 -110.18
CA VAL SF 42 52.32 -34.34 -109.40
C VAL SF 42 53.31 -35.21 -108.65
N PHE SF 43 54.52 -34.70 -108.50
CA PHE SF 43 55.54 -35.37 -107.69
C PHE SF 43 56.23 -34.33 -106.83
N SER SF 44 56.42 -34.66 -105.56
CA SER SF 44 57.04 -33.76 -104.61
C SER SF 44 58.00 -34.53 -103.72
N LEU SF 45 59.11 -33.89 -103.36
CA LEU SF 45 60.14 -34.50 -102.52
C LEU SF 45 60.67 -33.46 -101.54
N GLU SF 46 60.82 -33.86 -100.27
CA GLU SF 46 61.33 -32.99 -99.21
C GLU SF 46 62.26 -33.75 -98.29
N GLN SF 47 63.38 -33.13 -97.92
CA GLN SF 47 64.32 -33.70 -96.95
C GLN SF 47 64.29 -32.90 -95.66
N ARG SF 48 64.35 -33.63 -94.54
CA ARG SF 48 64.34 -33.06 -93.19
C ARG SF 48 65.57 -33.61 -92.47
N PHE SF 49 66.60 -32.79 -92.41
CA PHE SF 49 67.84 -33.10 -91.69
C PHE SF 49 67.62 -32.80 -90.21
N GLY SF 50 67.63 -33.84 -89.38
CA GLY SF 50 67.39 -33.67 -87.96
C GLY SF 50 68.66 -33.29 -87.21
N ALA SF 51 68.58 -33.39 -85.88
CA ALA SF 51 69.78 -33.21 -85.06
C ALA SF 51 70.72 -34.41 -85.22
N ALA SF 52 71.93 -34.28 -84.67
CA ALA SF 52 72.94 -35.33 -84.84
C ALA SF 52 72.52 -36.64 -84.20
N ASN SF 53 71.62 -36.61 -83.22
CA ASN SF 53 71.04 -37.83 -82.68
C ASN SF 53 69.84 -38.32 -83.48
N SER SF 54 69.29 -37.48 -84.36
CA SER SF 54 68.11 -37.82 -85.15
C SER SF 54 68.51 -38.36 -86.52
N ASN SF 55 67.67 -39.24 -87.06
CA ASN SF 55 67.83 -39.69 -88.41
C ASN SF 55 67.31 -38.63 -89.37
N ARG SF 56 68.04 -38.36 -90.45
CA ARG SF 56 67.48 -37.52 -91.48
C ARG SF 56 66.40 -38.30 -92.22
N LYS SF 57 65.41 -37.57 -92.72
CA LYS SF 57 64.25 -38.20 -93.33
C LYS SF 57 64.00 -37.58 -94.70
N VAL SF 58 63.52 -38.41 -95.63
CA VAL SF 58 63.30 -37.95 -97.00
C VAL SF 58 61.95 -38.51 -97.44
N THR SF 59 61.04 -37.64 -97.87
CA THR SF 59 59.69 -38.07 -98.18
C THR SF 59 59.27 -37.62 -99.58
N MET SF 60 58.60 -38.53 -100.29
CA MET SF 60 58.13 -38.33 -101.64
C MET SF 60 56.63 -38.59 -101.69
N LEU SF 61 55.94 -37.76 -102.45
CA LEU SF 61 54.51 -37.94 -102.73
C LEU SF 61 54.29 -37.87 -104.23
N LEU SF 62 53.69 -38.94 -104.78
CA LEU SF 62 53.32 -39.04 -106.18
C LEU SF 62 51.80 -39.13 -106.23
N THR SF 63 51.17 -38.19 -106.93
CA THR SF 63 49.72 -38.14 -107.03
C THR SF 63 49.32 -38.25 -108.50
N ASP SF 64 48.42 -39.19 -108.79
CA ASP SF 64 47.89 -39.41 -110.13
C ASP SF 64 46.38 -39.28 -110.09
N PRO SF 65 45.85 -38.17 -110.58
CA PRO SF 65 44.40 -38.04 -110.71
C PRO SF 65 43.91 -38.51 -112.06
N VAL SF 66 42.71 -39.11 -112.06
CA VAL SF 66 42.06 -39.64 -113.25
C VAL SF 66 40.60 -39.18 -113.21
N VAL SF 67 40.05 -38.90 -114.39
CA VAL SF 67 38.63 -38.59 -114.49
C VAL SF 67 37.87 -39.88 -114.72
N VAL SF 68 36.83 -40.10 -113.91
CA VAL SF 68 36.00 -41.30 -113.94
C VAL SF 68 34.56 -40.90 -114.10
N LYS SF 69 33.78 -41.76 -114.74
CA LYS SF 69 32.35 -41.56 -114.90
C LYS SF 69 31.65 -41.76 -113.55
N ASP SF 70 30.70 -40.88 -113.27
CA ASP SF 70 29.88 -41.02 -112.08
C ASP SF 70 28.85 -42.13 -112.28
N ALA SF 71 28.29 -42.61 -111.17
CA ALA SF 71 27.18 -43.56 -111.27
C ALA SF 71 25.99 -42.93 -111.97
N SER SF 72 25.82 -41.61 -111.81
CA SER SF 72 24.83 -40.86 -112.57
C SER SF 72 25.33 -40.57 -113.99
N GLY SF 73 26.64 -40.48 -114.18
CA GLY SF 73 27.23 -40.17 -115.47
C GLY SF 73 28.09 -38.93 -115.48
N ALA SF 74 28.05 -38.11 -114.43
CA ALA SF 74 28.82 -36.88 -114.38
C ALA SF 74 30.33 -37.18 -114.42
N ASP SF 75 31.09 -36.16 -114.79
CA ASP SF 75 32.54 -36.26 -114.78
C ASP SF 75 33.07 -35.98 -113.38
N MET SF 76 33.89 -36.88 -112.85
CA MET SF 76 34.38 -36.74 -111.48
C MET SF 76 35.87 -37.06 -111.46
N THR SF 77 36.65 -36.27 -110.73
CA THR SF 77 38.10 -36.48 -110.66
C THR SF 77 38.46 -37.21 -109.36
N ILE SF 78 39.28 -38.26 -109.50
CA ILE SF 78 39.65 -39.14 -108.39
C ILE SF 78 41.16 -39.26 -108.39
N LYS SF 79 41.77 -39.04 -107.23
CA LYS SF 79 43.22 -39.11 -107.08
C LYS SF 79 43.63 -40.41 -106.42
N ALA SF 80 44.79 -40.93 -106.83
CA ALA SF 80 45.45 -42.06 -106.18
C ALA SF 80 46.84 -41.60 -105.75
N ASN SF 81 47.22 -41.94 -104.51
CA ASN SF 81 48.44 -41.42 -103.92
C ASN SF 81 49.41 -42.55 -103.64
N ALA SF 82 50.70 -42.25 -103.80
CA ALA SF 82 51.75 -43.14 -103.34
C ALA SF 82 52.79 -42.29 -102.63
N SER SF 83 53.24 -42.74 -101.47
CA SER SF 83 54.17 -41.95 -100.68
C SER SF 83 55.29 -42.83 -100.16
N VAL SF 84 56.52 -42.38 -100.32
CA VAL SF 84 57.70 -43.09 -99.86
C VAL SF 84 58.39 -42.24 -98.80
N THR SF 85 58.96 -42.90 -97.80
CA THR SF 85 59.70 -42.22 -96.74
C THR SF 85 60.95 -43.03 -96.41
N PHE SF 86 62.11 -42.39 -96.57
CA PHE SF 86 63.40 -42.96 -96.22
C PHE SF 86 63.83 -42.39 -94.88
N SER SF 87 63.98 -43.25 -93.88
CA SER SF 87 64.56 -42.89 -92.59
C SER SF 87 65.99 -43.39 -92.58
N LEU SF 88 66.92 -42.44 -92.61
CA LEU SF 88 68.35 -42.73 -92.78
C LEU SF 88 69.12 -42.12 -91.61
N PRO SF 89 69.64 -42.96 -90.71
CA PRO SF 89 70.51 -42.46 -89.65
C PRO SF 89 71.81 -41.90 -90.20
N LYS SF 90 72.40 -40.98 -89.44
CA LYS SF 90 73.58 -40.27 -89.89
C LYS SF 90 74.88 -41.03 -89.60
N THR SF 91 74.79 -42.23 -89.05
CA THR SF 91 75.91 -43.15 -88.95
C THR SF 91 75.84 -44.25 -90.00
N TYR SF 92 74.78 -44.26 -90.79
CA TYR SF 92 74.57 -45.25 -91.86
C TYR SF 92 75.32 -44.82 -93.12
N PRO SF 93 76.03 -45.72 -93.78
CA PRO SF 93 76.85 -45.31 -94.92
C PRO SF 93 76.06 -45.10 -96.21
N ASN SF 94 76.50 -44.09 -96.96
CA ASN SF 94 75.80 -43.69 -98.17
C ASN SF 94 75.70 -44.84 -99.17
N GLU SF 95 76.75 -45.68 -99.24
CA GLU SF 95 76.70 -46.85 -100.11
C GLU SF 95 75.48 -47.70 -99.83
N HIS SF 96 75.27 -48.06 -98.56
CA HIS SF 96 74.14 -48.89 -98.20
C HIS SF 96 72.82 -48.17 -98.36
N ILE SF 97 72.79 -46.83 -98.28
CA ILE SF 97 71.58 -46.11 -98.62
C ILE SF 97 71.23 -46.35 -100.11
N THR SF 98 72.23 -46.25 -100.98
CA THR SF 98 71.98 -46.52 -102.41
C THR SF 98 71.50 -47.95 -102.60
N LYS SF 99 72.15 -48.90 -101.92
CA LYS SF 99 71.71 -50.30 -101.94
C LYS SF 99 70.24 -50.42 -101.57
N LEU SF 100 69.85 -49.73 -100.49
CA LEU SF 100 68.48 -49.75 -100.02
C LEU SF 100 67.51 -49.23 -101.08
N ARG SF 101 67.83 -48.08 -101.67
CA ARG SF 101 66.95 -47.51 -102.69
C ARG SF 101 66.78 -48.46 -103.86
N GLN SF 102 67.87 -49.08 -104.29
CA GLN SF 102 67.77 -49.98 -105.44
C GLN SF 102 66.98 -51.24 -105.10
N THR SF 103 67.18 -51.81 -103.90
CA THR SF 103 66.37 -52.96 -103.51
C THR SF 103 64.89 -52.59 -103.43
N LEU SF 104 64.58 -51.36 -103.03
CA LEU SF 104 63.19 -50.93 -103.03
C LEU SF 104 62.63 -50.88 -104.44
N ILE SF 105 63.39 -50.35 -105.39
CA ILE SF 105 62.95 -50.35 -106.79
C ILE SF 105 62.68 -51.78 -107.26
N ALA SF 106 63.60 -52.69 -106.96
CA ALA SF 106 63.44 -54.08 -107.36
C ALA SF 106 62.18 -54.69 -106.74
N TRP SF 107 61.94 -54.42 -105.46
CA TRP SF 107 60.75 -54.94 -104.80
C TRP SF 107 59.48 -54.40 -105.43
N LEU SF 108 59.46 -53.09 -105.73
CA LEU SF 108 58.30 -52.49 -106.37
C LEU SF 108 58.05 -53.09 -107.75
N GLY SF 109 59.08 -53.66 -108.36
CA GLY SF 109 58.90 -54.40 -109.60
C GLY SF 109 58.23 -55.75 -109.45
N GLN SF 110 58.36 -56.37 -108.28
CA GLN SF 110 57.99 -57.77 -108.09
C GLN SF 110 56.49 -57.99 -108.24
N GLN SF 111 56.13 -59.23 -108.61
CA GLN SF 111 54.72 -59.55 -108.76
C GLN SF 111 54.04 -59.64 -107.40
N CYS SF 112 54.74 -60.11 -106.37
CA CYS SF 112 54.14 -60.21 -105.05
C CYS SF 112 53.83 -58.84 -104.45
N VAL SF 113 54.49 -57.80 -104.93
CA VAL SF 113 54.11 -56.44 -104.58
C VAL SF 113 53.07 -55.90 -105.56
N SER SF 114 53.15 -56.31 -106.82
CA SER SF 114 52.24 -55.79 -107.85
C SER SF 114 50.81 -56.22 -107.61
N ASP SF 115 50.58 -57.50 -107.30
CA ASP SF 115 49.22 -58.02 -107.19
C ASP SF 115 48.39 -57.27 -106.15
N PRO SF 116 48.82 -57.10 -104.90
CA PRO SF 116 47.98 -56.32 -103.97
C PRO SF 116 47.84 -54.86 -104.37
N VAL SF 117 48.92 -54.22 -104.80
CA VAL SF 117 48.85 -52.81 -105.17
C VAL SF 117 47.96 -52.63 -106.41
N ASP SF 118 48.31 -53.31 -107.51
CA ASP SF 118 47.64 -53.03 -108.76
C ASP SF 118 46.19 -53.51 -108.77
N SER SF 119 45.93 -54.71 -108.23
CA SER SF 119 44.62 -55.33 -108.37
C SER SF 119 43.92 -55.64 -107.06
N GLY SF 120 44.60 -55.57 -105.93
CA GLY SF 120 43.97 -55.84 -104.66
C GLY SF 120 44.02 -57.29 -104.21
N LEU SF 121 44.56 -58.18 -105.04
CA LEU SF 121 44.69 -59.58 -104.65
C LEU SF 121 45.83 -59.74 -103.64
N ASN SF 122 45.57 -60.45 -102.55
CA ASN SF 122 46.64 -60.80 -101.63
C ASN SF 122 47.37 -62.05 -102.10
N ASN SF 123 48.61 -62.19 -101.64
CA ASN SF 123 49.38 -63.37 -101.98
C ASN SF 123 49.09 -64.48 -100.98
N TYR SF 124 49.39 -65.72 -101.38
CA TYR SF 124 49.06 -66.87 -100.56
C TYR SF 124 50.19 -67.90 -100.53
N MET TF 1 76.47 -15.03 -107.51
CA MET TF 1 77.09 -15.88 -108.54
C MET TF 1 76.26 -17.14 -108.78
N ARG TF 2 76.52 -17.81 -109.88
CA ARG TF 2 75.88 -19.09 -110.18
C ARG TF 2 76.67 -20.20 -109.51
N LEU TF 3 76.09 -20.81 -108.48
CA LEU TF 3 76.79 -21.80 -107.68
C LEU TF 3 77.25 -22.99 -108.52
N THR TF 4 78.52 -23.34 -108.36
CA THR TF 4 79.13 -24.49 -108.99
C THR TF 4 79.96 -25.20 -107.93
N ASP TF 5 80.10 -26.51 -108.06
CA ASP TF 5 80.94 -27.26 -107.14
C ASP TF 5 82.32 -26.63 -107.08
N VAL TF 6 82.94 -26.65 -105.91
CA VAL TF 6 84.13 -25.85 -105.65
C VAL TF 6 85.26 -26.79 -105.26
N ASP TF 7 86.47 -26.48 -105.73
CA ASP TF 7 87.66 -27.20 -105.32
C ASP TF 7 88.66 -26.21 -104.73
N LEU TF 8 89.03 -26.47 -103.47
CA LEU TF 8 89.88 -25.59 -102.69
C LEU TF 8 91.26 -26.20 -102.58
N THR TF 9 92.27 -25.37 -102.78
CA THR TF 9 93.65 -25.79 -102.57
C THR TF 9 93.99 -25.48 -101.12
N VAL TF 10 94.17 -26.53 -100.33
CA VAL TF 10 94.36 -26.43 -98.89
C VAL TF 10 95.74 -26.95 -98.56
N GLY TF 11 96.69 -26.04 -98.37
CA GLY TF 11 98.07 -26.44 -98.17
C GLY TF 11 98.56 -27.20 -99.37
N GLU TF 12 98.83 -28.49 -99.20
CA GLU TF 12 99.29 -29.32 -100.29
C GLU TF 12 98.26 -30.36 -100.71
N GLU TF 13 97.01 -30.15 -100.35
CA GLU TF 13 95.95 -31.08 -100.66
C GLU TF 13 94.85 -30.32 -101.39
N THR TF 14 93.90 -31.04 -101.96
CA THR TF 14 92.75 -30.42 -102.62
C THR TF 14 91.47 -30.98 -102.03
N ARG TF 15 90.68 -30.09 -101.44
CA ARG TF 15 89.36 -30.42 -100.93
C ARG TF 15 88.32 -30.15 -102.01
N GLU TF 16 87.32 -31.01 -102.12
CA GLU TF 16 86.34 -30.94 -103.19
C GLU TF 16 84.92 -30.95 -102.63
N TYR TF 17 84.24 -29.81 -102.71
CA TYR TF 17 82.91 -29.64 -102.17
C TYR TF 17 81.89 -29.59 -103.29
N ALA TF 18 80.70 -30.12 -102.99
CA ALA TF 18 79.56 -30.12 -103.89
C ALA TF 18 78.40 -29.35 -103.28
N VAL TF 19 77.66 -28.64 -104.13
CA VAL TF 19 76.51 -27.89 -103.66
C VAL TF 19 75.49 -28.84 -103.07
N SER TF 20 75.07 -28.55 -101.83
CA SER TF 20 74.10 -29.39 -101.13
C SER TF 20 72.75 -28.71 -100.89
N GLU TF 21 72.70 -27.39 -100.75
CA GLU TF 21 71.40 -26.73 -100.84
C GLU TF 21 71.57 -25.25 -101.16
N GLN TF 22 70.57 -24.70 -101.83
CA GLN TF 22 70.52 -23.28 -102.17
C GLN TF 22 69.13 -22.75 -101.84
N GLN TF 23 69.07 -21.81 -100.91
CA GLN TF 23 67.83 -21.13 -100.58
C GLN TF 23 67.91 -19.70 -101.11
N GLY TF 24 67.05 -18.83 -100.60
CA GLY TF 24 67.07 -17.45 -101.01
C GLY TF 24 68.38 -16.80 -100.65
N THR TF 25 68.67 -16.76 -99.35
CA THR TF 25 69.85 -16.08 -98.81
C THR TF 25 70.86 -17.05 -98.21
N LEU TF 26 70.65 -18.35 -98.37
CA LEU TF 26 71.49 -19.36 -97.72
C LEU TF 26 71.93 -20.40 -98.74
N PHE TF 27 73.17 -20.88 -98.58
CA PHE TF 27 73.67 -22.00 -99.36
C PHE TF 27 74.53 -22.89 -98.48
N ARG TF 28 74.75 -24.11 -98.98
CA ARG TF 28 75.49 -25.12 -98.24
C ARG TF 28 76.18 -26.05 -99.21
N PHE TF 29 77.50 -26.19 -99.03
CA PHE TF 29 78.37 -27.14 -99.70
C PHE TF 29 78.72 -28.29 -98.76
N VAL TF 30 79.17 -29.38 -99.36
CA VAL TF 30 79.44 -30.62 -98.64
C VAL TF 30 80.70 -31.27 -99.22
N ASP TF 31 81.57 -31.77 -98.32
CA ASP TF 31 82.80 -32.42 -98.76
C ASP TF 31 82.48 -33.69 -99.54
N LYS TF 32 82.89 -33.73 -100.81
CA LYS TF 32 82.59 -34.87 -101.66
C LYS TF 32 83.19 -36.16 -101.11
N SER TF 33 84.33 -36.05 -100.43
CA SER TF 33 85.05 -37.20 -99.91
C SER TF 33 84.36 -37.86 -98.72
N GLY TF 34 83.15 -37.44 -98.38
CA GLY TF 34 82.47 -38.02 -97.23
C GLY TF 34 81.82 -39.34 -97.58
N THR TF 35 81.99 -40.32 -96.68
CA THR TF 35 81.36 -41.63 -96.83
C THR TF 35 80.05 -41.75 -96.08
N VAL TF 36 79.98 -41.13 -94.90
CA VAL TF 36 78.80 -41.17 -94.06
C VAL TF 36 78.42 -39.72 -93.76
N ALA TF 37 77.16 -39.53 -93.35
CA ALA TF 37 76.71 -38.22 -92.94
C ALA TF 37 77.62 -37.63 -91.85
N ASN TF 38 77.90 -38.41 -90.80
CA ASN TF 38 78.78 -37.93 -89.73
C ASN TF 38 80.22 -37.80 -90.19
N ASN TF 39 80.64 -38.65 -91.12
CA ASN TF 39 81.97 -38.51 -91.71
C ASN TF 39 82.13 -37.18 -92.45
N THR TF 40 81.03 -36.62 -92.95
CA THR TF 40 81.07 -35.60 -93.99
C THR TF 40 81.21 -34.20 -93.43
N GLY TF 41 82.26 -33.48 -93.88
CA GLY TF 41 82.38 -32.08 -93.54
C GLY TF 41 81.45 -31.22 -94.37
N VAL TF 42 81.13 -30.04 -93.85
CA VAL TF 42 80.15 -29.16 -94.49
C VAL TF 42 80.56 -27.71 -94.33
N PHE TF 43 80.01 -26.88 -95.21
CA PHE TF 43 80.22 -25.44 -95.16
C PHE TF 43 78.94 -24.74 -95.56
N SER TF 44 78.51 -23.78 -94.75
CA SER TF 44 77.24 -23.11 -94.97
C SER TF 44 77.42 -21.61 -94.81
N LEU TF 45 76.65 -20.84 -95.58
CA LEU TF 45 76.69 -19.39 -95.51
C LEU TF 45 75.28 -18.83 -95.66
N GLU TF 46 75.00 -17.77 -94.90
CA GLU TF 46 73.68 -17.13 -94.90
C GLU TF 46 73.85 -15.64 -94.73
N GLN TF 47 73.12 -14.85 -95.52
CA GLN TF 47 73.09 -13.41 -95.37
C GLN TF 47 71.75 -12.98 -94.80
N ARG TF 48 71.80 -12.07 -93.83
CA ARG TF 48 70.62 -11.48 -93.20
C ARG TF 48 70.72 -9.98 -93.45
N PHE TF 49 69.97 -9.51 -94.43
CA PHE TF 49 69.89 -8.10 -94.78
C PHE TF 49 68.89 -7.43 -93.84
N GLY TF 50 69.32 -6.39 -93.14
CA GLY TF 50 68.47 -5.72 -92.17
C GLY TF 50 67.71 -4.55 -92.77
N ALA TF 51 67.04 -3.81 -91.89
CA ALA TF 51 66.43 -2.55 -92.31
C ALA TF 51 67.51 -1.52 -92.62
N ALA TF 52 67.10 -0.34 -93.07
CA ALA TF 52 68.07 0.67 -93.50
C ALA TF 52 68.89 1.20 -92.32
N ASN TF 53 68.34 1.15 -91.11
CA ASN TF 53 69.10 1.52 -89.93
C ASN TF 53 69.98 0.38 -89.42
N SER TF 54 69.79 -0.82 -89.94
CA SER TF 54 70.55 -1.98 -89.49
C SER TF 54 71.78 -2.20 -90.38
N ASN TF 55 72.66 -3.07 -89.91
CA ASN TF 55 73.77 -3.57 -90.70
C ASN TF 55 73.40 -4.93 -91.26
N ARG TF 56 73.76 -5.18 -92.51
CA ARG TF 56 73.58 -6.54 -93.01
C ARG TF 56 74.64 -7.44 -92.39
N LYS TF 57 74.29 -8.69 -92.16
CA LYS TF 57 75.18 -9.63 -91.51
C LYS TF 57 75.32 -10.87 -92.39
N VAL TF 58 76.56 -11.33 -92.56
CA VAL TF 58 76.81 -12.57 -93.30
C VAL TF 58 77.51 -13.52 -92.35
N THR TF 59 77.01 -14.75 -92.27
CA THR TF 59 77.56 -15.75 -91.36
C THR TF 59 77.92 -17.00 -92.14
N MET TF 60 79.03 -17.62 -91.72
CA MET TF 60 79.52 -18.86 -92.31
C MET TF 60 79.87 -19.83 -91.19
N LEU TF 61 79.55 -21.10 -91.42
CA LEU TF 61 79.92 -22.18 -90.54
C LEU TF 61 80.63 -23.27 -91.34
N LEU TF 62 81.81 -23.65 -90.87
CA LEU TF 62 82.62 -24.71 -91.43
C LEU TF 62 82.77 -25.81 -90.39
N THR TF 63 82.32 -27.02 -90.73
CA THR TF 63 82.36 -28.16 -89.82
C THR TF 63 83.23 -29.26 -90.42
N ASP TF 64 84.23 -29.69 -89.67
CA ASP TF 64 85.17 -30.73 -90.11
C ASP TF 64 85.22 -31.85 -89.07
N PRO TF 65 84.44 -32.90 -89.24
CA PRO TF 65 84.52 -34.05 -88.34
C PRO TF 65 85.65 -35.00 -88.71
N VAL TF 66 86.14 -35.72 -87.69
CA VAL TF 66 87.21 -36.70 -87.83
C VAL TF 66 86.86 -37.91 -86.96
N VAL TF 67 87.34 -39.09 -87.37
CA VAL TF 67 87.09 -40.32 -86.62
C VAL TF 67 88.26 -40.58 -85.68
N VAL TF 68 87.94 -40.80 -84.40
CA VAL TF 68 88.93 -41.13 -83.39
C VAL TF 68 88.60 -42.47 -82.73
N MET TF 76 84.43 -43.38 -82.41
CA MET TF 76 83.76 -42.09 -82.21
C MET TF 76 84.21 -41.04 -83.24
N THR TF 77 83.29 -40.17 -83.64
CA THR TF 77 83.58 -39.06 -84.55
C THR TF 77 83.41 -37.73 -83.81
N ILE TF 78 84.42 -36.87 -83.93
CA ILE TF 78 84.53 -35.62 -83.20
C ILE TF 78 84.50 -34.48 -84.21
N LYS TF 79 83.70 -33.46 -83.92
CA LYS TF 79 83.48 -32.35 -84.85
C LYS TF 79 84.09 -31.06 -84.31
N ALA TF 80 84.78 -30.32 -85.18
CA ALA TF 80 85.33 -29.01 -84.87
C ALA TF 80 84.74 -27.97 -85.82
N ASN TF 81 84.47 -26.78 -85.28
CA ASN TF 81 83.74 -25.75 -86.02
C ASN TF 81 84.57 -24.48 -86.13
N ALA TF 82 84.48 -23.85 -87.29
CA ALA TF 82 84.91 -22.47 -87.45
C ALA TF 82 83.71 -21.66 -87.91
N SER TF 83 83.52 -20.49 -87.33
CA SER TF 83 82.37 -19.66 -87.69
C SER TF 83 82.84 -18.22 -87.89
N VAL TF 84 82.53 -17.66 -89.06
CA VAL TF 84 82.89 -16.28 -89.38
C VAL TF 84 81.60 -15.49 -89.50
N THR TF 85 81.64 -14.24 -89.06
CA THR TF 85 80.49 -13.33 -89.16
C THR TF 85 80.98 -11.94 -89.54
N PHE TF 86 80.45 -11.43 -90.65
CA PHE TF 86 80.76 -10.09 -91.15
C PHE TF 86 79.57 -9.19 -90.85
N SER TF 87 79.80 -8.17 -90.03
CA SER TF 87 78.80 -7.14 -89.76
C SER TF 87 79.17 -5.92 -90.59
N LEU TF 88 78.34 -5.60 -91.58
CA LEU TF 88 78.64 -4.60 -92.58
C LEU TF 88 77.54 -3.56 -92.62
N PRO TF 89 77.81 -2.33 -92.21
CA PRO TF 89 76.84 -1.25 -92.38
C PRO TF 89 76.64 -0.93 -93.85
N LYS TF 90 75.42 -0.49 -94.18
CA LYS TF 90 75.10 -0.30 -95.59
C LYS TF 90 75.87 0.87 -96.20
N THR TF 91 76.03 1.95 -95.43
CA THR TF 91 76.78 3.11 -95.91
C THR TF 91 78.26 2.79 -96.14
N TYR TF 92 78.76 1.69 -95.55
CA TYR TF 92 80.17 1.33 -95.68
C TYR TF 92 80.47 0.89 -97.10
N PRO TF 93 81.60 1.32 -97.69
CA PRO TF 93 81.82 1.10 -99.13
C PRO TF 93 82.30 -0.31 -99.48
N ASN TF 94 81.74 -0.83 -100.58
CA ASN TF 94 82.02 -2.20 -100.99
C ASN TF 94 83.52 -2.44 -101.18
N GLU TF 95 84.25 -1.43 -101.64
CA GLU TF 95 85.69 -1.60 -101.82
C GLU TF 95 86.37 -1.91 -100.49
N HIS TF 96 86.10 -1.11 -99.46
CA HIS TF 96 86.68 -1.38 -98.14
C HIS TF 96 86.20 -2.68 -97.54
N ILE TF 97 85.00 -3.17 -97.93
CA ILE TF 97 84.61 -4.51 -97.49
C ILE TF 97 85.52 -5.58 -98.10
N THR TF 98 85.75 -5.50 -99.42
CA THR TF 98 86.67 -6.45 -100.05
C THR TF 98 88.02 -6.42 -99.34
N LYS TF 99 88.49 -5.21 -99.01
CA LYS TF 99 89.72 -5.05 -98.23
C LYS TF 99 89.65 -5.82 -96.91
N LEU TF 100 88.57 -5.62 -96.15
CA LEU TF 100 88.42 -6.28 -94.86
C LEU TF 100 88.52 -7.80 -95.01
N ARG TF 101 87.79 -8.37 -95.97
CA ARG TF 101 87.83 -9.82 -96.17
C ARG TF 101 89.26 -10.29 -96.46
N GLN TF 102 89.95 -9.59 -97.35
CA GLN TF 102 91.30 -10.02 -97.70
C GLN TF 102 92.25 -9.97 -96.51
N THR TF 103 92.14 -8.90 -95.69
CA THR TF 103 93.02 -8.80 -94.53
C THR TF 103 92.70 -9.87 -93.49
N LEU TF 104 91.43 -10.29 -93.39
CA LEU TF 104 91.13 -11.42 -92.51
C LEU TF 104 91.81 -12.69 -93.00
N ILE TF 105 91.78 -12.93 -94.31
CA ILE TF 105 92.51 -14.07 -94.86
C ILE TF 105 93.98 -14.00 -94.48
N ALA TF 106 94.60 -12.83 -94.69
CA ALA TF 106 96.00 -12.65 -94.36
C ALA TF 106 96.28 -12.93 -92.89
N TRP TF 107 95.41 -12.45 -92.01
CA TRP TF 107 95.58 -12.67 -90.58
C TRP TF 107 95.52 -14.15 -90.25
N LEU TF 108 94.51 -14.86 -90.78
CA LEU TF 108 94.38 -16.29 -90.58
C LEU TF 108 95.58 -17.05 -91.09
N GLY TF 109 96.38 -16.45 -91.98
CA GLY TF 109 97.64 -17.03 -92.37
C GLY TF 109 98.75 -17.00 -91.33
N GLN TF 110 98.76 -15.98 -90.47
CA GLN TF 110 99.93 -15.65 -89.66
C GLN TF 110 100.16 -16.65 -88.53
N GLN TF 111 101.40 -16.66 -88.04
CA GLN TF 111 101.77 -17.58 -86.95
C GLN TF 111 101.06 -17.22 -85.66
N CYS TF 112 100.96 -15.92 -85.37
CA CYS TF 112 100.32 -15.50 -84.12
C CYS TF 112 98.87 -15.96 -84.05
N VAL TF 113 98.27 -16.33 -85.18
CA VAL TF 113 96.94 -16.90 -85.20
C VAL TF 113 96.99 -18.42 -85.26
N SER TF 114 97.92 -18.99 -86.03
CA SER TF 114 97.97 -20.45 -86.16
C SER TF 114 98.37 -21.11 -84.84
N ASP TF 115 99.34 -20.54 -84.11
CA ASP TF 115 99.81 -21.15 -82.89
C ASP TF 115 98.69 -21.39 -81.86
N PRO TF 116 97.84 -20.41 -81.56
CA PRO TF 116 96.72 -20.74 -80.64
C PRO TF 116 95.66 -21.61 -81.27
N VAL TF 117 95.26 -21.33 -82.52
CA VAL TF 117 94.24 -22.15 -83.16
C VAL TF 117 94.73 -23.58 -83.33
N ASP TF 118 95.84 -23.78 -84.04
CA ASP TF 118 96.27 -25.12 -84.40
C ASP TF 118 96.66 -25.94 -83.17
N SER TF 119 97.57 -25.42 -82.34
CA SER TF 119 98.14 -26.22 -81.26
C SER TF 119 97.85 -25.69 -79.87
N GLY TF 120 97.25 -24.51 -79.73
CA GLY TF 120 96.93 -23.97 -78.42
C GLY TF 120 98.02 -23.15 -77.77
N LEU TF 121 99.12 -22.86 -78.47
CA LEU TF 121 100.14 -22.00 -77.92
C LEU TF 121 99.66 -20.56 -77.95
N ASN TF 122 99.66 -19.90 -76.80
CA ASN TF 122 99.40 -18.47 -76.81
C ASN TF 122 100.67 -17.70 -77.13
N ASN TF 123 100.51 -16.45 -77.52
CA ASN TF 123 101.65 -15.63 -77.86
C ASN TF 123 102.14 -14.90 -76.63
N TYR TF 124 103.44 -14.69 -76.59
CA TYR TF 124 104.09 -14.12 -75.43
C TYR TF 124 105.16 -13.14 -75.82
N MET UF 1 61.06 -21.81 -115.41
CA MET UF 1 62.26 -21.32 -116.08
C MET UF 1 63.46 -21.43 -115.16
N ARG UF 2 64.61 -21.82 -115.71
CA ARG UF 2 65.87 -21.78 -114.97
C ARG UF 2 66.34 -20.33 -114.86
N LEU UF 3 66.22 -19.76 -113.66
CA LEU UF 3 66.48 -18.34 -113.49
C LEU UF 3 67.95 -18.03 -113.73
N THR UF 4 68.21 -17.04 -114.56
CA THR UF 4 69.53 -16.47 -114.74
C THR UF 4 69.38 -14.97 -114.93
N ASP UF 5 70.51 -14.26 -114.81
CA ASP UF 5 70.53 -12.82 -114.99
C ASP UF 5 69.89 -12.46 -116.33
N VAL UF 6 69.24 -11.30 -116.40
CA VAL UF 6 68.62 -10.86 -117.63
C VAL UF 6 69.04 -9.43 -117.93
N ASP UF 7 68.96 -9.10 -119.21
CA ASP UF 7 69.17 -7.74 -119.71
C ASP UF 7 67.92 -7.33 -120.47
N LEU UF 8 67.41 -6.15 -120.15
CA LEU UF 8 66.18 -5.62 -120.70
C LEU UF 8 66.48 -4.48 -121.67
N THR UF 9 65.76 -4.47 -122.78
CA THR UF 9 65.83 -3.38 -123.73
C THR UF 9 64.78 -2.36 -123.34
N VAL UF 10 65.22 -1.16 -122.96
CA VAL UF 10 64.34 -0.13 -122.41
C VAL UF 10 64.48 1.11 -123.27
N GLY UF 11 63.54 1.31 -124.19
CA GLY UF 11 63.64 2.41 -125.13
C GLY UF 11 64.94 2.31 -125.91
N GLU UF 12 65.85 3.25 -125.69
CA GLU UF 12 67.13 3.26 -126.39
C GLU UF 12 68.30 3.04 -125.45
N GLU UF 13 68.06 2.37 -124.33
CA GLU UF 13 69.12 2.00 -123.41
C GLU UF 13 68.97 0.53 -123.06
N THR UF 14 70.01 -0.03 -122.45
CA THR UF 14 69.98 -1.41 -121.99
C THR UF 14 70.15 -1.45 -120.48
N ARG UF 15 69.26 -2.15 -119.81
CA ARG UF 15 69.19 -2.25 -118.36
C ARG UF 15 69.61 -3.66 -117.95
N GLU UF 16 70.59 -3.76 -117.07
CA GLU UF 16 71.16 -5.07 -116.72
C GLU UF 16 70.79 -5.42 -115.28
N TYR UF 17 70.03 -6.50 -115.12
CA TYR UF 17 69.69 -6.99 -113.79
C TYR UF 17 70.46 -8.27 -113.51
N ALA UF 18 70.60 -8.58 -112.23
CA ALA UF 18 71.25 -9.80 -111.75
C ALA UF 18 70.39 -10.43 -110.68
N VAL UF 19 70.35 -11.77 -110.68
CA VAL UF 19 69.56 -12.48 -109.68
C VAL UF 19 70.11 -12.19 -108.31
N SER UF 20 69.25 -11.69 -107.42
CA SER UF 20 69.62 -11.41 -106.04
C SER UF 20 69.09 -12.43 -105.04
N GLU UF 21 67.96 -13.08 -105.33
CA GLU UF 21 67.59 -14.25 -104.55
C GLU UF 21 66.53 -15.04 -105.32
N GLN UF 22 66.50 -16.35 -105.07
CA GLN UF 22 65.49 -17.23 -105.65
C GLN UF 22 64.98 -18.17 -104.57
N GLN UF 23 63.69 -18.10 -104.29
CA GLN UF 23 62.98 -18.99 -103.39
C GLN UF 23 61.97 -19.82 -104.18
N GLY UF 24 61.20 -20.62 -103.43
CA GLY UF 24 60.29 -21.55 -104.09
C GLY UF 24 59.24 -20.84 -104.91
N THR UF 25 58.60 -19.81 -104.34
CA THR UF 25 57.55 -19.06 -105.00
C THR UF 25 57.91 -17.59 -105.23
N LEU UF 26 59.14 -17.21 -104.92
CA LEU UF 26 59.56 -15.81 -104.96
C LEU UF 26 60.94 -15.70 -105.60
N PHE UF 27 61.17 -14.60 -106.31
CA PHE UF 27 62.51 -14.28 -106.80
C PHE UF 27 62.69 -12.77 -106.84
N ARG UF 28 63.96 -12.37 -106.85
CA ARG UF 28 64.34 -10.96 -106.82
C ARG UF 28 65.58 -10.72 -107.65
N PHE UF 29 65.49 -9.73 -108.54
CA PHE UF 29 66.58 -9.19 -109.34
C PHE UF 29 66.98 -7.80 -108.82
N VAL UF 30 68.23 -7.44 -109.06
CA VAL UF 30 68.78 -6.14 -108.68
C VAL UF 30 69.49 -5.53 -109.89
N ASP UF 31 69.33 -4.22 -110.08
CA ASP UF 31 70.00 -3.51 -111.17
C ASP UF 31 71.51 -3.51 -110.95
N LYS UF 32 72.25 -4.02 -111.94
CA LYS UF 32 73.70 -4.20 -111.81
C LYS UF 32 74.45 -2.89 -111.63
N SER UF 33 73.82 -1.76 -111.92
CA SER UF 33 74.47 -0.46 -111.78
C SER UF 33 74.47 0.07 -110.35
N GLY UF 34 74.13 -0.75 -109.36
CA GLY UF 34 73.87 -0.28 -108.02
C GLY UF 34 74.74 -0.91 -106.94
N THR UF 35 74.67 -0.31 -105.75
CA THR UF 35 75.38 -0.72 -104.56
C THR UF 35 74.37 -0.92 -103.43
N VAL UF 36 74.77 -1.64 -102.38
CA VAL UF 36 73.96 -1.62 -101.16
C VAL UF 36 73.78 -0.18 -100.69
N ALA UF 37 74.85 0.61 -100.75
CA ALA UF 37 74.77 2.01 -100.31
C ALA UF 37 73.86 2.82 -101.22
N ASN UF 38 74.10 2.76 -102.52
CA ASN UF 38 73.29 3.49 -103.50
C ASN UF 38 72.61 2.50 -104.42
N ASN UF 39 71.37 2.14 -104.11
CA ASN UF 39 70.62 1.22 -104.94
C ASN UF 39 69.97 1.96 -106.10
N THR UF 40 69.84 1.25 -107.22
CA THR UF 40 69.38 1.86 -108.46
C THR UF 40 68.14 1.19 -109.04
N GLY UF 41 67.76 0.01 -108.55
CA GLY UF 41 66.58 -0.66 -109.07
C GLY UF 41 66.44 -2.05 -108.53
N VAL UF 42 65.21 -2.47 -108.26
CA VAL UF 42 64.94 -3.84 -107.81
C VAL UF 42 63.65 -4.30 -108.47
N PHE UF 43 63.58 -5.60 -108.72
CA PHE UF 43 62.37 -6.23 -109.22
C PHE UF 43 62.15 -7.51 -108.44
N SER UF 44 60.90 -7.75 -108.04
CA SER UF 44 60.58 -8.93 -107.26
C SER UF 44 59.24 -9.49 -107.73
N LEU UF 45 59.11 -10.81 -107.67
CA LEU UF 45 57.87 -11.48 -108.08
C LEU UF 45 57.60 -12.66 -107.16
N GLU UF 46 56.33 -12.82 -106.81
CA GLU UF 46 55.89 -13.91 -105.93
C GLU UF 46 54.56 -14.46 -106.42
N GLN UF 47 54.42 -15.78 -106.40
CA GLN UF 47 53.15 -16.42 -106.69
C GLN UF 47 52.60 -17.05 -105.41
N ARG UF 48 51.36 -16.69 -105.08
CA ARG UF 48 50.57 -17.38 -104.06
C ARG UF 48 49.56 -18.25 -104.81
N PHE UF 49 49.93 -19.51 -105.01
CA PHE UF 49 49.00 -20.49 -105.55
C PHE UF 49 47.93 -20.75 -104.51
N GLY UF 50 46.69 -20.40 -104.82
CA GLY UF 50 45.65 -20.42 -103.83
C GLY UF 50 45.11 -21.82 -103.52
N ALA UF 51 44.21 -21.87 -102.55
CA ALA UF 51 43.47 -23.09 -102.28
C ALA UF 51 42.68 -23.51 -103.52
N ALA UF 52 42.22 -24.76 -103.52
CA ALA UF 52 41.59 -25.33 -104.71
C ALA UF 52 40.36 -24.54 -105.12
N ASN UF 53 39.71 -23.84 -104.19
CA ASN UF 53 38.57 -23.01 -104.52
C ASN UF 53 38.96 -21.63 -105.00
N SER UF 54 40.07 -21.09 -104.52
CA SER UF 54 40.47 -19.72 -104.77
C SER UF 54 41.26 -19.59 -106.07
N ASN UF 55 41.40 -18.34 -106.52
CA ASN UF 55 42.28 -18.01 -107.62
C ASN UF 55 43.73 -17.97 -107.14
N ARG UF 56 44.65 -18.20 -108.07
CA ARG UF 56 46.05 -17.99 -107.74
C ARG UF 56 46.42 -16.56 -108.08
N LYS UF 57 47.35 -16.02 -107.31
CA LYS UF 57 47.76 -14.63 -107.45
C LYS UF 57 49.25 -14.58 -107.77
N VAL UF 58 49.62 -13.69 -108.68
CA VAL UF 58 51.03 -13.40 -108.95
C VAL UF 58 51.23 -11.91 -108.81
N THR UF 59 52.21 -11.52 -108.02
CA THR UF 59 52.46 -10.12 -107.76
C THR UF 59 53.90 -9.77 -108.07
N MET UF 60 54.09 -8.57 -108.64
CA MET UF 60 55.39 -8.04 -109.01
C MET UF 60 55.52 -6.63 -108.46
N LEU UF 61 56.72 -6.33 -107.97
CA LEU UF 61 57.08 -4.99 -107.53
C LEU UF 61 58.37 -4.57 -108.21
N LEU UF 62 58.31 -3.42 -108.90
CA LEU UF 62 59.45 -2.79 -109.51
C LEU UF 62 59.70 -1.47 -108.79
N THR UF 63 60.92 -1.29 -108.28
CA THR UF 63 61.27 -0.08 -107.54
C THR UF 63 62.49 0.57 -108.17
N ASP UF 64 62.34 1.84 -108.54
CA ASP UF 64 63.43 2.63 -109.10
C ASP UF 64 63.67 3.81 -108.19
N PRO UF 65 64.78 3.80 -107.44
CA PRO UF 65 65.16 4.97 -106.65
C PRO UF 65 66.10 5.88 -107.40
N VAL UF 66 65.96 7.18 -107.12
CA VAL UF 66 66.75 8.24 -107.74
C VAL UF 66 67.19 9.21 -106.64
N VAL UF 67 68.38 9.73 -106.77
CA VAL UF 67 68.85 10.78 -105.88
C VAL UF 67 68.39 12.13 -106.40
N VAL UF 68 67.94 12.99 -105.49
CA VAL UF 68 67.43 14.31 -105.81
C VAL UF 68 67.97 15.29 -104.79
N LYS UF 69 68.42 16.44 -105.25
CA LYS UF 69 68.84 17.49 -104.34
C LYS UF 69 67.63 18.06 -103.60
N ASP UF 70 67.83 18.43 -102.36
CA ASP UF 70 66.78 18.98 -101.52
C ASP UF 70 66.77 20.50 -101.60
N ALA UF 71 65.66 21.10 -101.14
CA ALA UF 71 65.63 22.55 -101.00
C ALA UF 71 66.73 23.04 -100.06
N SER UF 72 67.06 22.24 -99.04
CA SER UF 72 68.19 22.52 -98.17
C SER UF 72 69.53 22.19 -98.82
N GLY UF 73 69.54 21.66 -100.04
CA GLY UF 73 70.74 21.21 -100.71
C GLY UF 73 71.13 19.78 -100.42
N ALA UF 74 70.72 19.23 -99.27
CA ALA UF 74 71.06 17.88 -98.89
C ALA UF 74 70.61 16.89 -99.96
N ASP UF 75 71.36 15.80 -100.09
CA ASP UF 75 71.03 14.76 -101.05
C ASP UF 75 70.00 13.82 -100.44
N MET UF 76 68.95 13.49 -101.21
CA MET UF 76 67.79 12.78 -100.72
C MET UF 76 67.43 11.70 -101.72
N THR UF 77 67.30 10.45 -101.27
CA THR UF 77 66.98 9.34 -102.15
C THR UF 77 65.48 9.09 -102.14
N ILE UF 78 64.88 9.02 -103.32
CA ILE UF 78 63.44 8.96 -103.50
C ILE UF 78 63.11 7.75 -104.37
N LYS UF 79 62.12 6.96 -103.96
CA LYS UF 79 61.74 5.76 -104.68
C LYS UF 79 60.40 5.97 -105.38
N ALA UF 80 60.30 5.43 -106.60
CA ALA UF 80 59.03 5.31 -107.32
C ALA UF 80 58.74 3.83 -107.54
N ASN UF 81 57.48 3.44 -107.37
CA ASN UF 81 57.12 2.03 -107.39
C ASN UF 81 56.09 1.75 -108.45
N ALA UF 82 56.19 0.57 -109.04
CA ALA UF 82 55.15 0.02 -109.91
C ALA UF 82 54.86 -1.39 -109.41
N SER UF 83 53.58 -1.71 -109.28
CA SER UF 83 53.19 -3.03 -108.78
C SER UF 83 52.12 -3.61 -109.68
N VAL UF 84 52.31 -4.85 -110.11
CA VAL UF 84 51.37 -5.55 -110.97
C VAL UF 84 50.89 -6.79 -110.22
N THR UF 85 49.59 -7.09 -110.37
CA THR UF 85 49.01 -8.27 -109.73
C THR UF 85 48.06 -8.94 -110.71
N PHE UF 86 48.31 -10.23 -110.97
CA PHE UF 86 47.47 -11.07 -111.80
C PHE UF 86 46.65 -11.97 -110.89
N SER UF 87 45.33 -11.84 -110.97
CA SER UF 87 44.41 -12.77 -110.31
C SER UF 87 43.88 -13.69 -111.38
N LEU UF 88 44.28 -14.96 -111.30
CA LEU UF 88 44.00 -15.95 -112.33
C LEU UF 88 43.25 -17.12 -111.71
N PRO UF 89 41.97 -17.29 -112.03
CA PRO UF 89 41.24 -18.48 -111.57
C PRO UF 89 41.80 -19.74 -112.20
N LYS UF 90 41.64 -20.85 -111.48
CA LYS UF 90 42.20 -22.11 -111.95
C LYS UF 90 41.57 -22.55 -113.27
N THR UF 91 40.25 -22.43 -113.38
CA THR UF 91 39.54 -22.88 -114.57
C THR UF 91 39.84 -22.02 -115.80
N TYR UF 92 40.45 -20.86 -115.62
CA TYR UF 92 40.79 -19.99 -116.73
C TYR UF 92 41.92 -20.61 -117.55
N PRO UF 93 41.83 -20.63 -118.89
CA PRO UF 93 42.83 -21.35 -119.69
C PRO UF 93 44.14 -20.59 -119.87
N ASN UF 94 45.24 -21.34 -119.79
CA ASN UF 94 46.58 -20.75 -119.88
C ASN UF 94 46.73 -19.88 -121.14
N GLU UF 95 46.07 -20.27 -122.22
CA GLU UF 95 46.14 -19.50 -123.46
C GLU UF 95 45.63 -18.07 -123.25
N HIS UF 96 44.39 -17.93 -122.77
CA HIS UF 96 43.84 -16.60 -122.53
C HIS UF 96 44.61 -15.85 -121.45
N ILE UF 97 45.30 -16.54 -120.54
CA ILE UF 97 46.19 -15.84 -119.61
C ILE UF 97 47.31 -15.14 -120.37
N THR UF 98 48.01 -15.88 -121.26
CA THR UF 98 49.08 -15.24 -122.04
C THR UF 98 48.52 -14.06 -122.83
N LYS UF 99 47.31 -14.23 -123.37
CA LYS UF 99 46.63 -13.13 -124.05
C LYS UF 99 46.51 -11.90 -123.15
N LEU UF 100 46.03 -12.11 -121.92
CA LEU UF 100 45.88 -11.02 -120.96
C LEU UF 100 47.20 -10.31 -120.72
N ARG UF 101 48.27 -11.08 -120.47
CA ARG UF 101 49.57 -10.46 -120.19
C ARG UF 101 50.04 -9.61 -121.37
N GLN UF 102 49.89 -10.15 -122.58
CA GLN UF 102 50.36 -9.39 -123.74
C GLN UF 102 49.54 -8.12 -123.96
N THR UF 103 48.21 -8.20 -123.81
CA THR UF 103 47.40 -6.99 -123.94
C THR UF 103 47.77 -5.96 -122.88
N LEU UF 104 48.19 -6.40 -121.68
CA LEU UF 104 48.62 -5.45 -120.68
C LEU UF 104 49.90 -4.74 -121.10
N ILE UF 105 50.86 -5.50 -121.66
CA ILE UF 105 52.06 -4.87 -122.21
C ILE UF 105 51.69 -3.83 -123.26
N ALA UF 106 50.80 -4.20 -124.17
CA ALA UF 106 50.37 -3.28 -125.22
C ALA UF 106 49.79 -2.00 -124.62
N TRP UF 107 48.89 -2.15 -123.65
CA TRP UF 107 48.28 -0.99 -123.01
C TRP UF 107 49.33 -0.11 -122.36
N LEU UF 108 50.27 -0.72 -121.64
CA LEU UF 108 51.32 0.05 -120.97
C LEU UF 108 52.18 0.83 -121.94
N GLY UF 109 52.23 0.39 -123.20
CA GLY UF 109 52.91 1.16 -124.23
C GLY UF 109 52.16 2.38 -124.73
N GLN UF 110 50.84 2.37 -124.60
CA GLN UF 110 49.98 3.37 -125.24
C GLN UF 110 50.18 4.75 -124.63
N GLN UF 111 49.85 5.77 -125.42
CA GLN UF 111 49.98 7.14 -124.94
C GLN UF 111 48.91 7.49 -123.91
N CYS UF 112 47.70 6.94 -124.05
CA CYS UF 112 46.66 7.23 -123.07
C CYS UF 112 47.03 6.70 -121.69
N VAL UF 113 47.97 5.74 -121.62
CA VAL UF 113 48.47 5.26 -120.36
C VAL UF 113 49.74 5.99 -119.95
N SER UF 114 50.62 6.30 -120.91
CA SER UF 114 51.90 6.92 -120.56
C SER UF 114 51.71 8.35 -120.09
N ASP UF 115 50.83 9.12 -120.76
CA ASP UF 115 50.66 10.53 -120.40
C ASP UF 115 50.27 10.73 -118.94
N PRO UF 116 49.29 10.04 -118.36
CA PRO UF 116 49.04 10.22 -116.92
C PRO UF 116 50.13 9.63 -116.05
N VAL UF 117 50.66 8.47 -116.39
CA VAL UF 117 51.72 7.87 -115.59
C VAL UF 117 52.98 8.72 -115.64
N ASP UF 118 53.46 9.04 -116.84
CA ASP UF 118 54.76 9.71 -116.96
C ASP UF 118 54.68 11.17 -116.51
N SER UF 119 53.67 11.90 -116.97
CA SER UF 119 53.64 13.35 -116.80
C SER UF 119 52.53 13.85 -115.88
N GLY UF 120 51.64 12.98 -115.43
CA GLY UF 120 50.56 13.41 -114.56
C GLY UF 120 49.43 14.14 -115.23
N LEU UF 121 49.39 14.16 -116.56
CA LEU UF 121 48.29 14.78 -117.29
C LEU UF 121 47.21 13.74 -117.56
N ASN UF 122 45.96 14.12 -117.27
CA ASN UF 122 44.86 13.22 -117.55
C ASN UF 122 44.43 13.32 -119.02
N ASN UF 123 43.66 12.33 -119.45
CA ASN UF 123 43.18 12.32 -120.82
C ASN UF 123 41.84 13.05 -120.93
N TYR UF 124 41.47 13.36 -122.16
CA TYR UF 124 40.26 14.14 -122.44
C TYR UF 124 39.63 13.80 -123.81
N MET VF 1 -101.86 -85.33 -4.77
CA MET VF 1 -102.78 -85.95 -5.73
C MET VF 1 -102.08 -86.23 -7.06
N ARG VF 2 -102.33 -87.41 -7.64
CA ARG VF 2 -101.86 -87.69 -8.99
C ARG VF 2 -102.56 -86.77 -9.98
N LEU VF 3 -101.78 -85.89 -10.61
CA LEU VF 3 -102.35 -84.86 -11.47
C LEU VF 3 -103.06 -85.46 -12.67
N THR VF 4 -104.17 -84.85 -13.04
CA THR VF 4 -104.90 -85.20 -14.25
C THR VF 4 -105.43 -83.91 -14.84
N ASP VF 5 -105.70 -83.94 -16.15
CA ASP VF 5 -106.34 -82.80 -16.79
C ASP VF 5 -107.59 -82.44 -16.02
N VAL VF 6 -107.95 -81.16 -16.04
CA VAL VF 6 -108.98 -80.64 -15.15
C VAL VF 6 -110.06 -79.96 -16.00
N ASP VF 7 -111.31 -80.20 -15.64
CA ASP VF 7 -112.43 -79.51 -16.28
C ASP VF 7 -113.19 -78.76 -15.21
N LEU VF 8 -113.29 -77.44 -15.39
CA LEU VF 8 -113.91 -76.54 -14.43
C LEU VF 8 -115.26 -76.07 -14.97
N THR VF 9 -116.25 -76.02 -14.10
CA THR VF 9 -117.52 -75.40 -14.45
C THR VF 9 -117.45 -73.94 -14.02
N VAL VF 10 -117.59 -73.03 -14.99
CA VAL VF 10 -117.38 -71.61 -14.77
C VAL VF 10 -118.65 -70.88 -15.19
N GLY VF 11 -119.43 -70.43 -14.21
CA GLY VF 11 -120.70 -69.82 -14.51
C GLY VF 11 -121.55 -70.78 -15.31
N GLU VF 12 -121.78 -70.47 -16.59
CA GLU VF 12 -122.62 -71.30 -17.42
C GLU VF 12 -121.83 -71.88 -18.60
N GLU VF 13 -120.51 -71.93 -18.48
CA GLU VF 13 -119.65 -72.51 -19.49
C GLU VF 13 -118.76 -73.54 -18.82
N THR VF 14 -118.05 -74.34 -19.62
CA THR VF 14 -117.10 -75.31 -19.10
C THR VF 14 -115.73 -75.05 -19.71
N ARG VF 15 -114.73 -74.92 -18.84
CA ARG VF 15 -113.37 -74.59 -19.19
C ARG VF 15 -112.48 -75.80 -18.98
N GLU VF 16 -111.67 -76.16 -19.98
CA GLU VF 16 -110.87 -77.38 -19.93
C GLU VF 16 -109.38 -77.01 -19.92
N TYR VF 17 -108.67 -77.47 -18.90
CA TYR VF 17 -107.25 -77.28 -18.74
C TYR VF 17 -106.53 -78.62 -18.84
N ALA VF 18 -105.28 -78.55 -19.29
CA ALA VF 18 -104.41 -79.71 -19.41
C ALA VF 18 -103.10 -79.46 -18.69
N VAL VF 19 -102.55 -80.52 -18.10
CA VAL VF 19 -101.28 -80.41 -17.37
C VAL VF 19 -100.17 -80.02 -18.33
N SER VF 20 -99.45 -78.95 -18.01
CA SER VF 20 -98.30 -78.50 -18.80
C SER VF 20 -96.96 -78.84 -18.17
N GLU VF 21 -96.81 -78.71 -16.85
CA GLU VF 21 -95.60 -79.24 -16.23
C GLU VF 21 -95.85 -79.48 -14.75
N GLN VF 22 -95.11 -80.42 -14.18
CA GLN VF 22 -95.20 -80.72 -12.75
C GLN VF 22 -93.81 -80.90 -12.20
N GLN VF 23 -93.48 -80.12 -11.18
CA GLN VF 23 -92.23 -80.23 -10.45
C GLN VF 23 -92.54 -80.72 -9.04
N GLY VF 24 -91.51 -80.75 -8.19
CA GLY VF 24 -91.71 -81.27 -6.85
C GLY VF 24 -92.73 -80.46 -6.07
N THR VF 25 -92.63 -79.13 -6.14
CA THR VF 25 -93.51 -78.24 -5.40
C THR VF 25 -94.22 -77.25 -6.31
N LEU VF 26 -94.27 -77.51 -7.61
CA LEU VF 26 -94.87 -76.58 -8.57
C LEU VF 26 -95.58 -77.37 -9.66
N PHE VF 27 -96.70 -76.82 -10.14
CA PHE VF 27 -97.35 -77.35 -11.32
C PHE VF 27 -98.01 -76.23 -12.12
N ARG VF 28 -98.28 -76.54 -13.38
CA ARG VF 28 -98.85 -75.59 -14.33
C ARG VF 28 -99.78 -76.30 -15.29
N PHE VF 29 -100.98 -75.76 -15.41
CA PHE VF 29 -102.01 -76.11 -16.39
C PHE VF 29 -102.14 -75.02 -17.45
N VAL VF 30 -102.56 -75.45 -18.64
CA VAL VF 30 -102.83 -74.56 -19.76
C VAL VF 30 -104.27 -74.78 -20.25
N ASP VF 31 -104.94 -73.69 -20.63
CA ASP VF 31 -106.29 -73.79 -21.19
C ASP VF 31 -106.24 -74.47 -22.55
N LYS VF 32 -107.00 -75.56 -22.70
CA LYS VF 32 -107.01 -76.32 -23.95
C LYS VF 32 -107.53 -75.51 -25.13
N SER VF 33 -108.11 -74.34 -24.89
CA SER VF 33 -108.58 -73.48 -25.96
C SER VF 33 -107.44 -72.91 -26.81
N GLY VF 34 -106.19 -72.99 -26.33
CA GLY VF 34 -105.10 -72.23 -26.89
C GLY VF 34 -103.96 -73.08 -27.42
N THR VF 35 -103.06 -72.39 -28.13
CA THR VF 35 -101.85 -72.93 -28.73
C THR VF 35 -100.64 -72.37 -27.97
N VAL VF 36 -99.49 -73.03 -28.18
CA VAL VF 36 -98.22 -72.39 -27.88
C VAL VF 36 -98.20 -70.98 -28.46
N ALA VF 37 -98.58 -70.86 -29.74
CA ALA VF 37 -98.60 -69.57 -30.41
C ALA VF 37 -99.57 -68.61 -29.74
N ASN VF 38 -100.84 -68.95 -29.73
CA ASN VF 38 -101.87 -68.11 -29.13
C ASN VF 38 -102.39 -68.80 -27.86
N ASN VF 39 -102.16 -68.16 -26.72
CA ASN VF 39 -102.54 -68.72 -25.42
C ASN VF 39 -103.85 -68.12 -24.94
N THR VF 40 -104.71 -68.96 -24.38
CA THR VF 40 -106.00 -68.52 -23.86
C THR VF 40 -106.06 -68.48 -22.34
N GLY VF 41 -105.16 -69.15 -21.64
CA GLY VF 41 -105.20 -69.15 -20.19
C GLY VF 41 -104.13 -70.02 -19.56
N VAL VF 42 -103.66 -69.62 -18.37
CA VAL VF 42 -102.64 -70.39 -17.67
C VAL VF 42 -102.93 -70.37 -16.19
N PHE VF 43 -102.61 -71.47 -15.52
CA PHE VF 43 -102.72 -71.55 -14.07
C PHE VF 43 -101.46 -72.21 -13.52
N SER VF 44 -100.92 -71.64 -12.46
CA SER VF 44 -99.71 -72.16 -11.85
C SER VF 44 -99.83 -72.10 -10.34
N LEU VF 45 -99.26 -73.11 -9.67
CA LEU VF 45 -99.31 -73.20 -8.21
C LEU VF 45 -97.96 -73.70 -7.69
N GLU VF 46 -97.46 -73.07 -6.63
CA GLU VF 46 -96.18 -73.44 -6.02
C GLU VF 46 -96.27 -73.35 -4.50
N GLN VF 47 -95.71 -74.34 -3.81
CA GLN VF 47 -95.63 -74.35 -2.36
C GLN VF 47 -94.20 -74.17 -1.90
N ARG VF 48 -94.01 -73.36 -0.85
CA ARG VF 48 -92.72 -73.07 -0.26
C ARG VF 48 -92.82 -73.39 1.23
N PHE VF 49 -92.29 -74.56 1.59
CA PHE VF 49 -92.23 -75.01 2.97
C PHE VF 49 -91.01 -74.36 3.63
N GLY VF 50 -91.25 -73.49 4.60
CA GLY VF 50 -90.17 -72.78 5.28
C GLY VF 50 -89.56 -73.60 6.41
N ALA VF 51 -88.75 -72.92 7.23
CA ALA VF 51 -88.26 -73.57 8.44
C ALA VF 51 -89.38 -73.72 9.46
N ALA VF 52 -89.08 -74.46 10.54
CA ALA VF 52 -90.11 -74.76 11.54
C ALA VF 52 -90.62 -73.51 12.24
N ASN VF 53 -89.84 -72.43 12.24
CA ASN VF 53 -90.33 -71.15 12.74
C ASN VF 53 -91.06 -70.35 11.66
N SER VF 54 -90.93 -70.74 10.40
CA SER VF 54 -91.53 -70.03 9.29
C SER VF 54 -92.88 -70.63 8.92
N ASN VF 55 -93.77 -69.79 8.41
CA ASN VF 55 -95.03 -70.27 7.85
C ASN VF 55 -94.78 -70.83 6.46
N ARG VF 56 -95.38 -71.97 6.15
CA ARG VF 56 -95.35 -72.42 4.78
C ARG VF 56 -96.28 -71.55 3.95
N LYS VF 57 -95.93 -71.38 2.68
CA LYS VF 57 -96.64 -70.46 1.81
C LYS VF 57 -97.03 -71.17 0.52
N VAL VF 58 -98.18 -70.81 -0.02
CA VAL VF 58 -98.72 -71.45 -1.21
C VAL VF 58 -99.24 -70.35 -2.12
N THR VF 59 -98.75 -70.29 -3.37
CA THR VF 59 -99.10 -69.20 -4.25
C THR VF 59 -99.62 -69.71 -5.59
N MET VF 60 -100.67 -69.05 -6.08
CA MET VF 60 -101.34 -69.39 -7.32
C MET VF 60 -101.36 -68.15 -8.21
N LEU VF 61 -101.15 -68.38 -9.50
CA LEU VF 61 -101.27 -67.35 -10.52
C LEU VF 61 -102.18 -67.85 -11.64
N LEU VF 62 -103.24 -67.11 -11.90
CA LEU VF 62 -104.19 -67.38 -12.98
C LEU VF 62 -104.09 -66.21 -13.96
N THR VF 63 -103.75 -66.51 -15.21
CA THR VF 63 -103.59 -65.52 -16.25
C THR VF 63 -104.58 -65.78 -17.37
N ASP VF 64 -105.35 -64.76 -17.73
CA ASP VF 64 -106.32 -64.82 -18.83
C ASP VF 64 -105.99 -63.75 -19.83
N PRO VF 65 -105.42 -64.12 -20.97
CA PRO VF 65 -105.21 -63.16 -22.05
C PRO VF 65 -106.38 -63.14 -23.02
N VAL VF 66 -106.67 -61.94 -23.53
CA VAL VF 66 -107.75 -61.69 -24.47
C VAL VF 66 -107.20 -60.82 -25.60
N VAL VF 67 -107.68 -61.05 -26.81
CA VAL VF 67 -107.33 -60.19 -27.93
C VAL VF 67 -108.35 -59.06 -28.02
N VAL VF 68 -107.85 -57.82 -28.09
CA VAL VF 68 -108.65 -56.62 -28.13
C VAL VF 68 -108.27 -55.81 -29.34
N LYS VF 69 -109.23 -55.07 -29.88
CA LYS VF 69 -108.99 -54.16 -30.98
C LYS VF 69 -108.18 -52.96 -30.52
N ASP VF 70 -107.20 -52.58 -31.33
CA ASP VF 70 -106.42 -51.37 -31.07
C ASP VF 70 -107.26 -50.13 -31.38
N ALA VF 71 -106.81 -48.99 -30.84
CA ALA VF 71 -107.44 -47.72 -31.22
C ALA VF 71 -107.27 -47.45 -32.71
N SER VF 72 -106.15 -47.91 -33.29
CA SER VF 72 -105.98 -47.89 -34.73
C SER VF 72 -106.73 -49.02 -35.41
N GLY VF 73 -106.97 -50.13 -34.71
CA GLY VF 73 -107.65 -51.27 -35.27
C GLY VF 73 -106.84 -52.56 -35.26
N ALA VF 74 -105.54 -52.48 -34.98
CA ALA VF 74 -104.69 -53.66 -34.97
C ALA VF 74 -105.14 -54.65 -33.89
N ASP VF 75 -104.71 -55.90 -34.06
CA ASP VF 75 -104.97 -56.94 -33.08
C ASP VF 75 -103.92 -56.86 -31.98
N MET VF 76 -104.36 -56.81 -30.72
CA MET VF 76 -103.43 -56.64 -29.61
C MET VF 76 -103.84 -57.58 -28.49
N THR VF 77 -102.88 -58.26 -27.85
CA THR VF 77 -103.19 -59.20 -26.78
C THR VF 77 -102.94 -58.56 -25.42
N ILE VF 78 -103.91 -58.69 -24.52
CA ILE VF 78 -103.91 -58.05 -23.22
C ILE VF 78 -104.19 -59.12 -22.17
N LYS VF 79 -103.35 -59.19 -21.14
CA LYS VF 79 -103.50 -60.17 -20.09
C LYS VF 79 -104.09 -59.53 -18.84
N ALA VF 80 -104.91 -60.31 -18.12
CA ALA VF 80 -105.41 -59.97 -16.80
C ALA VF 80 -104.97 -61.05 -15.82
N ASN VF 81 -104.47 -60.63 -14.66
CA ASN VF 81 -103.85 -61.55 -13.72
C ASN VF 81 -104.65 -61.60 -12.43
N ALA VF 82 -104.70 -62.77 -11.81
CA ALA VF 82 -105.20 -62.91 -10.46
C ALA VF 82 -104.23 -63.82 -9.71
N SER VF 83 -103.88 -63.42 -8.49
CA SER VF 83 -102.89 -64.17 -7.73
C SER VF 83 -103.37 -64.35 -6.30
N VAL VF 84 -103.30 -65.58 -5.80
CA VAL VF 84 -103.69 -65.90 -4.44
C VAL VF 84 -102.45 -66.38 -3.69
N THR VF 85 -102.37 -66.05 -2.41
CA THR VF 85 -101.27 -66.50 -1.55
C THR VF 85 -101.82 -66.88 -0.19
N PHE VF 86 -101.60 -68.13 0.20
CA PHE VF 86 -101.97 -68.67 1.50
C PHE VF 86 -100.72 -68.70 2.37
N SER VF 87 -100.75 -67.94 3.47
CA SER VF 87 -99.71 -68.01 4.49
C SER VF 87 -100.26 -68.82 5.64
N LEU VF 88 -99.70 -70.01 5.83
CA LEU VF 88 -100.20 -71.00 6.77
C LEU VF 88 -99.10 -71.38 7.74
N PRO VF 89 -99.20 -70.97 9.00
CA PRO VF 89 -98.24 -71.40 10.02
C PRO VF 89 -98.35 -72.90 10.28
N LYS VF 90 -97.26 -73.47 10.74
CA LYS VF 90 -97.18 -74.92 10.93
C LYS VF 90 -97.72 -75.38 12.27
N THR VF 91 -98.26 -74.46 13.07
CA THR VF 91 -99.03 -74.80 14.26
C THR VF 91 -100.52 -74.64 14.03
N TYR VF 92 -100.91 -74.19 12.84
CA TYR VF 92 -102.30 -73.99 12.48
C TYR VF 92 -102.90 -75.30 11.99
N PRO VF 93 -104.11 -75.67 12.43
CA PRO VF 93 -104.66 -76.98 12.07
C PRO VF 93 -105.21 -77.05 10.65
N ASN VF 94 -105.02 -78.22 10.04
CA ASN VF 94 -105.41 -78.41 8.64
C ASN VF 94 -106.91 -78.18 8.46
N GLU VF 95 -107.72 -78.57 9.44
CA GLU VF 95 -109.15 -78.32 9.38
C GLU VF 95 -109.44 -76.85 9.13
N HIS VF 96 -108.85 -75.97 9.94
CA HIS VF 96 -109.11 -74.55 9.79
C HIS VF 96 -108.49 -73.99 8.52
N ILE VF 97 -107.44 -74.62 7.99
CA ILE VF 97 -106.97 -74.22 6.66
C ILE VF 97 -108.06 -74.48 5.60
N THR VF 98 -108.67 -75.65 5.67
CA THR VF 98 -109.78 -75.94 4.73
C THR VF 98 -110.91 -74.93 4.92
N LYS VF 99 -111.27 -74.66 6.17
CA LYS VF 99 -112.27 -73.63 6.47
C LYS VF 99 -111.92 -72.31 5.81
N LEU VF 100 -110.65 -71.90 5.93
CA LEU VF 100 -110.18 -70.65 5.34
C LEU VF 100 -110.36 -70.66 3.83
N ARG VF 101 -109.92 -71.73 3.17
CA ARG VF 101 -110.04 -71.80 1.71
C ARG VF 101 -111.50 -71.70 1.28
N GLN VF 102 -112.39 -72.39 1.98
CA GLN VF 102 -113.79 -72.35 1.58
C GLN VF 102 -114.41 -70.97 1.83
N THR VF 103 -114.08 -70.32 2.94
CA THR VF 103 -114.58 -68.96 3.17
C THR VF 103 -114.06 -68.01 2.10
N LEU VF 104 -112.84 -68.23 1.61
CA LEU VF 104 -112.33 -67.40 0.52
C LEU VF 104 -113.14 -67.61 -0.74
N ILE VF 105 -113.46 -68.87 -1.07
CA ILE VF 105 -114.31 -69.13 -2.23
C ILE VF 105 -115.65 -68.41 -2.09
N ALA VF 106 -116.25 -68.51 -0.91
CA ALA VF 106 -117.54 -67.86 -0.68
C ALA VF 106 -117.43 -66.35 -0.84
N TRP VF 107 -116.36 -65.76 -0.31
CA TRP VF 107 -116.16 -64.32 -0.44
C TRP VF 107 -116.00 -63.91 -1.90
N LEU VF 108 -115.21 -64.68 -2.66
CA LEU VF 108 -115.03 -64.39 -4.08
C LEU VF 108 -116.34 -64.50 -4.84
N GLY VF 109 -117.31 -65.24 -4.31
CA GLY VF 109 -118.63 -65.27 -4.89
C GLY VF 109 -119.47 -64.02 -4.64
N GLN VF 110 -119.18 -63.30 -3.56
CA GLN VF 110 -120.06 -62.24 -3.08
C GLN VF 110 -120.13 -61.07 -4.05
N GLN VF 111 -121.24 -60.34 -3.99
CA GLN VF 111 -121.39 -59.18 -4.86
C GLN VF 111 -120.50 -58.03 -4.41
N CYS VF 112 -120.26 -57.88 -3.10
CA CYS VF 112 -119.40 -56.81 -2.63
C CYS VF 112 -117.95 -57.01 -3.05
N VAL VF 113 -117.56 -58.25 -3.37
CA VAL VF 113 -116.27 -58.49 -3.98
C VAL VF 113 -116.37 -58.40 -5.50
N SER VF 114 -117.51 -58.80 -6.07
CA SER VF 114 -117.66 -58.84 -7.52
C SER VF 114 -117.64 -57.43 -8.12
N ASP VF 115 -118.37 -56.49 -7.52
CA ASP VF 115 -118.50 -55.16 -8.12
C ASP VF 115 -117.16 -54.46 -8.33
N PRO VF 116 -116.27 -54.34 -7.34
CA PRO VF 116 -114.98 -53.71 -7.63
C PRO VF 116 -114.12 -54.51 -8.60
N VAL VF 117 -114.06 -55.83 -8.45
CA VAL VF 117 -113.26 -56.65 -9.34
C VAL VF 117 -113.80 -56.59 -10.75
N ASP VF 118 -115.07 -56.98 -10.93
CA ASP VF 118 -115.60 -57.17 -12.28
C ASP VF 118 -115.77 -55.85 -13.02
N SER VF 119 -116.28 -54.81 -12.33
CA SER VF 119 -116.67 -53.59 -13.00
C SER VF 119 -115.95 -52.34 -12.51
N GLY VF 120 -115.24 -52.40 -11.39
CA GLY VF 120 -114.54 -51.24 -10.87
C GLY VF 120 -115.34 -50.36 -9.94
N LEU VF 121 -116.62 -50.67 -9.72
CA LEU VF 121 -117.42 -49.88 -8.79
C LEU VF 121 -117.04 -50.23 -7.35
N ASN VF 122 -116.82 -49.20 -6.53
CA ASN VF 122 -116.63 -49.44 -5.12
C ASN VF 122 -117.97 -49.56 -4.40
N ASN VF 123 -117.93 -50.21 -3.24
CA ASN VF 123 -119.14 -50.33 -2.44
C ASN VF 123 -119.28 -49.12 -1.53
N TYR VF 124 -120.51 -48.91 -1.05
CA TYR VF 124 -120.79 -47.72 -0.25
C TYR VF 124 -121.69 -48.03 0.95
N MET WF 1 -90.14 -97.40 -9.10
CA MET WF 1 -91.52 -97.88 -8.97
C MET WF 1 -92.50 -96.73 -9.11
N ARG WF 2 -93.76 -97.06 -9.36
CA ARG WF 2 -94.83 -96.06 -9.41
C ARG WF 2 -95.33 -95.81 -7.98
N LEU WF 3 -95.04 -94.63 -7.46
CA LEU WF 3 -95.35 -94.29 -6.08
C LEU WF 3 -96.85 -94.40 -5.79
N THR WF 4 -97.17 -95.11 -4.72
CA THR WF 4 -98.52 -95.24 -4.22
C THR WF 4 -98.46 -95.06 -2.71
N ASP WF 5 -99.56 -94.55 -2.14
CA ASP WF 5 -99.63 -94.41 -0.69
C ASP WF 5 -99.30 -95.74 -0.03
N VAL WF 6 -98.63 -95.68 1.12
CA VAL WF 6 -98.02 -96.86 1.71
C VAL WF 6 -98.62 -97.07 3.09
N ASP WF 7 -98.85 -98.33 3.45
CA ASP WF 7 -99.28 -98.70 4.79
C ASP WF 7 -98.28 -99.68 5.39
N LEU WF 8 -97.71 -99.29 6.52
CA LEU WF 8 -96.65 -100.03 7.19
C LEU WF 8 -97.21 -100.70 8.42
N THR WF 9 -96.86 -101.97 8.59
CA THR WF 9 -97.22 -102.70 9.80
C THR WF 9 -96.10 -102.49 10.79
N VAL WF 10 -96.39 -101.76 11.87
CA VAL WF 10 -95.39 -101.32 12.84
C VAL WF 10 -95.76 -101.96 14.18
N GLY WF 11 -95.07 -103.05 14.51
CA GLY WF 11 -95.43 -103.79 15.71
C GLY WF 11 -96.84 -104.29 15.60
N GLU WF 12 -97.74 -103.76 16.44
CA GLU WF 12 -99.13 -104.16 16.41
C GLU WF 12 -100.04 -103.05 15.93
N GLU WF 13 -99.49 -102.06 15.25
CA GLU WF 13 -100.24 -100.92 14.77
C GLU WF 13 -100.00 -100.81 13.26
N THR WF 14 -100.79 -99.98 12.60
CA THR WF 14 -100.61 -99.71 11.18
C THR WF 14 -100.47 -98.22 10.96
N ARG WF 15 -99.31 -97.82 10.43
CA ARG WF 15 -99.06 -96.44 10.02
C ARG WF 15 -99.42 -96.28 8.56
N GLU WF 16 -100.01 -95.13 8.22
CA GLU WF 16 -100.52 -94.89 6.86
C GLU WF 16 -99.97 -93.59 6.31
N TYR WF 17 -99.09 -93.70 5.33
CA TYR WF 17 -98.43 -92.54 4.72
C TYR WF 17 -98.99 -92.29 3.34
N ALA WF 18 -99.03 -91.00 2.98
CA ALA WF 18 -99.47 -90.53 1.68
C ALA WF 18 -98.34 -89.79 0.98
N VAL WF 19 -98.27 -89.96 -0.35
CA VAL WF 19 -97.24 -89.28 -1.13
C VAL WF 19 -97.44 -87.78 -1.01
N SER WF 20 -96.36 -87.08 -0.63
CA SER WF 20 -96.41 -85.63 -0.47
C SER WF 20 -95.58 -84.87 -1.48
N GLU WF 21 -94.48 -85.43 -2.00
CA GLU WF 21 -93.88 -84.83 -3.18
C GLU WF 21 -93.00 -85.84 -3.90
N GLN WF 22 -92.89 -85.66 -5.21
CA GLN WF 22 -92.05 -86.49 -6.07
C GLN WF 22 -91.26 -85.58 -6.99
N GLN WF 23 -89.93 -85.60 -6.86
CA GLN WF 23 -89.05 -84.88 -7.75
C GLN WF 23 -88.33 -85.89 -8.65
N GLY WF 24 -87.25 -85.45 -9.26
CA GLY WF 24 -86.48 -86.35 -10.10
C GLY WF 24 -85.93 -87.51 -9.29
N THR WF 25 -85.10 -87.18 -8.30
CA THR WF 25 -84.40 -88.18 -7.49
C THR WF 25 -84.85 -88.19 -6.04
N LEU WF 26 -85.91 -87.44 -5.72
CA LEU WF 26 -86.35 -87.27 -4.35
C LEU WF 26 -87.85 -87.52 -4.24
N PHE WF 27 -88.27 -88.13 -3.13
CA PHE WF 27 -89.68 -88.28 -2.81
C PHE WF 27 -89.89 -88.10 -1.32
N ARG WF 28 -91.14 -87.86 -0.96
CA ARG WF 28 -91.52 -87.58 0.42
C ARG WF 28 -92.94 -88.06 0.66
N PHE WF 29 -93.10 -88.89 1.69
CA PHE WF 29 -94.36 -89.35 2.24
C PHE WF 29 -94.65 -88.63 3.56
N VAL WF 30 -95.92 -88.67 3.94
CA VAL WF 30 -96.41 -87.94 5.10
C VAL WF 30 -97.43 -88.79 5.84
N ASP WF 31 -97.34 -88.81 7.18
CA ASP WF 31 -98.28 -89.60 7.99
C ASP WF 31 -99.70 -89.05 7.84
N LYS WF 32 -100.60 -89.88 7.32
CA LYS WF 32 -101.98 -89.43 7.08
C LYS WF 32 -102.66 -89.01 8.37
N SER WF 33 -102.29 -89.62 9.49
CA SER WF 33 -102.90 -89.36 10.78
C SER WF 33 -102.54 -88.00 11.36
N GLY WF 34 -101.84 -87.15 10.61
CA GLY WF 34 -101.42 -85.86 11.14
C GLY WF 34 -102.56 -84.85 11.07
N THR WF 35 -102.73 -84.10 12.15
CA THR WF 35 -103.73 -83.04 12.22
C THR WF 35 -103.16 -81.68 11.90
N VAL WF 36 -101.92 -81.42 12.32
CA VAL WF 36 -101.24 -80.17 12.08
C VAL WF 36 -99.92 -80.47 11.40
N ALA WF 37 -99.34 -79.46 10.77
CA ALA WF 37 -98.02 -79.61 10.16
C ALA WF 37 -97.00 -80.11 11.19
N ASN WF 38 -96.94 -79.48 12.37
CA ASN WF 38 -96.00 -79.91 13.39
C ASN WF 38 -96.39 -81.26 13.99
N ASN WF 39 -97.68 -81.56 14.04
CA ASN WF 39 -98.15 -82.87 14.48
C ASN WF 39 -97.66 -83.98 13.55
N THR WF 40 -97.41 -83.65 12.28
CA THR WF 40 -97.34 -84.64 11.22
C THR WF 40 -95.94 -85.22 11.05
N GLY WF 41 -95.84 -86.55 11.14
CA GLY WF 41 -94.58 -87.21 10.83
C GLY WF 41 -94.36 -87.31 9.33
N VAL WF 42 -93.08 -87.43 8.95
CA VAL WF 42 -92.72 -87.42 7.54
C VAL WF 42 -91.58 -88.39 7.28
N PHE WF 43 -91.46 -88.78 6.00
CA PHE WF 43 -90.37 -89.64 5.56
C PHE WF 43 -89.94 -89.21 4.17
N SER WF 44 -88.64 -89.02 3.99
CA SER WF 44 -88.12 -88.51 2.73
C SER WF 44 -86.92 -89.33 2.31
N LEU WF 45 -86.74 -89.46 0.99
CA LEU WF 45 -85.61 -90.22 0.44
C LEU WF 45 -85.12 -89.50 -0.81
N GLU WF 46 -83.79 -89.50 -0.99
CA GLU WF 46 -83.13 -88.83 -2.11
C GLU WF 46 -81.91 -89.64 -2.53
N GLN WF 47 -81.76 -89.83 -3.83
CA GLN WF 47 -80.58 -90.47 -4.38
C GLN WF 47 -79.71 -89.44 -5.09
N ARG WF 48 -78.41 -89.53 -4.85
CA ARG WF 48 -77.40 -88.67 -5.46
C ARG WF 48 -76.45 -89.60 -6.20
N PHE WF 49 -76.64 -89.70 -7.51
CA PHE WF 49 -75.80 -90.50 -8.38
C PHE WF 49 -74.56 -89.69 -8.73
N GLY WF 50 -73.38 -90.23 -8.46
CA GLY WF 50 -72.13 -89.53 -8.69
C GLY WF 50 -71.55 -89.81 -10.07
N ALA WF 51 -70.34 -89.30 -10.27
CA ALA WF 51 -69.59 -89.65 -11.46
C ALA WF 51 -69.17 -91.13 -11.41
N ALA WF 52 -68.52 -91.60 -12.47
CA ALA WF 52 -68.17 -93.02 -12.54
C ALA WF 52 -67.12 -93.39 -11.49
N ASN WF 53 -66.29 -92.45 -11.07
CA ASN WF 53 -65.35 -92.70 -9.99
C ASN WF 53 -65.98 -92.56 -8.62
N SER WF 54 -67.20 -92.03 -8.54
CA SER WF 54 -67.87 -91.82 -7.27
C SER WF 54 -68.77 -93.01 -6.94
N ASN WF 55 -69.24 -93.03 -5.71
CA ASN WF 55 -70.27 -93.95 -5.26
C ASN WF 55 -71.60 -93.22 -5.27
N ARG WF 56 -72.66 -93.90 -5.71
CA ARG WF 56 -73.97 -93.29 -5.54
C ARG WF 56 -74.37 -93.37 -4.08
N LYS WF 57 -75.12 -92.37 -3.63
CA LYS WF 57 -75.52 -92.29 -2.23
C LYS WF 57 -77.03 -92.14 -2.15
N VAL WF 58 -77.66 -92.90 -1.26
CA VAL WF 58 -79.09 -92.79 -1.03
C VAL WF 58 -79.29 -92.43 0.43
N THR WF 59 -80.08 -91.39 0.68
CA THR WF 59 -80.31 -90.92 2.03
C THR WF 59 -81.80 -90.88 2.33
N MET WF 60 -82.14 -91.23 3.57
CA MET WF 60 -83.51 -91.22 4.05
C MET WF 60 -83.55 -90.51 5.40
N LEU WF 61 -84.61 -89.73 5.58
CA LEU WF 61 -84.90 -89.08 6.85
C LEU WF 61 -86.32 -89.40 7.28
N LEU WF 62 -86.46 -89.89 8.51
CA LEU WF 62 -87.73 -90.21 9.14
C LEU WF 62 -87.89 -89.31 10.35
N THR WF 63 -88.96 -88.51 10.39
CA THR WF 63 -89.23 -87.57 11.46
C THR WF 63 -90.55 -87.93 12.12
N ASP WF 64 -90.51 -88.13 13.44
CA ASP WF 64 -91.70 -88.50 14.22
C ASP WF 64 -91.87 -87.53 15.38
N PRO WF 65 -92.66 -86.49 15.21
CA PRO WF 65 -92.94 -85.57 16.33
C PRO WF 65 -94.05 -86.11 17.24
N VAL WF 66 -93.99 -85.67 18.50
CA VAL WF 66 -94.96 -86.04 19.54
C VAL WF 66 -95.25 -84.79 20.38
N VAL WF 67 -96.46 -84.73 20.94
CA VAL WF 67 -96.86 -83.59 21.77
C VAL WF 67 -96.60 -83.93 23.24
N VAL WF 68 -95.88 -83.04 23.92
CA VAL WF 68 -95.59 -83.17 25.35
C VAL WF 68 -96.13 -81.97 26.12
N MET WF 76 -96.06 -78.24 23.99
CA MET WF 76 -94.87 -78.32 23.13
C MET WF 76 -94.82 -79.63 22.33
N THR WF 77 -94.30 -79.54 21.10
CA THR WF 77 -94.10 -80.72 20.25
C THR WF 77 -92.61 -80.94 20.03
N ILE WF 78 -92.18 -82.18 20.24
CA ILE WF 78 -90.78 -82.59 20.22
C ILE WF 78 -90.59 -83.56 19.08
N LYS WF 79 -89.53 -83.36 18.30
CA LYS WF 79 -89.26 -84.16 17.11
C LYS WF 79 -88.03 -85.03 17.30
N ALA WF 80 -88.14 -86.30 16.87
CA ALA WF 80 -87.02 -87.24 16.85
C ALA WF 80 -86.79 -87.73 15.44
N ASN WF 81 -85.50 -87.89 15.08
CA ASN WF 81 -85.13 -88.19 13.71
C ASN WF 81 -84.36 -89.50 13.62
N ALA WF 82 -84.62 -90.26 12.58
CA ALA WF 82 -83.76 -91.34 12.17
C ALA WF 82 -83.30 -91.05 10.74
N SER WF 83 -82.01 -91.25 10.48
CA SER WF 83 -81.48 -90.97 9.15
C SER WF 83 -80.60 -92.12 8.71
N VAL WF 84 -80.89 -92.68 7.54
CA VAL WF 84 -80.12 -93.78 6.97
C VAL WF 84 -79.43 -93.26 5.72
N THR WF 85 -78.21 -93.74 5.48
CA THR WF 85 -77.45 -93.37 4.28
C THR WF 85 -76.73 -94.61 3.76
N PHE WF 86 -76.99 -94.95 2.50
CA PHE WF 86 -76.37 -96.07 1.81
C PHE WF 86 -75.34 -95.51 0.85
N SER WF 87 -74.06 -95.84 1.06
CA SER WF 87 -72.99 -95.50 0.13
C SER WF 87 -72.66 -96.75 -0.66
N LEU WF 88 -72.96 -96.71 -1.95
CA LEU WF 88 -72.90 -97.88 -2.82
C LEU WF 88 -72.01 -97.60 -4.01
N PRO WF 89 -70.85 -98.24 -4.11
CA PRO WF 89 -70.02 -98.13 -5.32
C PRO WF 89 -70.72 -98.78 -6.50
N LYS WF 90 -70.45 -98.23 -7.69
CA LYS WF 90 -71.18 -98.69 -8.86
C LYS WF 90 -70.80 -100.13 -9.23
N THR WF 91 -69.51 -100.46 -9.13
CA THR WF 91 -69.05 -101.82 -9.43
C THR WF 91 -69.63 -102.85 -8.47
N TYR WF 92 -70.14 -102.42 -7.32
CA TYR WF 92 -70.67 -103.34 -6.32
C TYR WF 92 -71.97 -103.98 -6.82
N PRO WF 93 -72.18 -105.28 -6.64
CA PRO WF 93 -73.32 -105.95 -7.31
C PRO WF 93 -74.66 -105.75 -6.61
N ASN WF 94 -75.68 -105.54 -7.43
CA ASN WF 94 -77.02 -105.24 -6.93
C ASN WF 94 -77.51 -106.31 -5.96
N GLU WF 95 -77.16 -107.57 -6.21
CA GLU WF 95 -77.59 -108.64 -5.32
C GLU WF 95 -77.05 -108.43 -3.90
N HIS WF 96 -75.74 -108.18 -3.78
CA HIS WF 96 -75.16 -107.92 -2.46
C HIS WF 96 -75.69 -106.62 -1.84
N ILE WF 97 -76.15 -105.66 -2.64
CA ILE WF 97 -76.82 -104.50 -2.06
C ILE WF 97 -78.14 -104.89 -1.38
N THR WF 98 -78.96 -105.69 -2.10
CA THR WF 98 -80.20 -106.17 -1.48
C THR WF 98 -79.89 -106.89 -0.18
N LYS WF 99 -78.83 -107.71 -0.18
CA LYS WF 99 -78.37 -108.36 1.04
C LYS WF 99 -78.08 -107.35 2.15
N LEU WF 100 -77.29 -106.32 1.83
CA LEU WF 100 -76.93 -105.32 2.83
C LEU WF 100 -78.17 -104.70 3.46
N ARG WF 101 -79.12 -104.28 2.63
CA ARG WF 101 -80.35 -103.66 3.15
C ARG WF 101 -81.07 -104.61 4.10
N GLN WF 102 -81.22 -105.87 3.70
CA GLN WF 102 -81.96 -106.82 4.54
C GLN WF 102 -81.25 -107.04 5.88
N THR WF 103 -79.92 -107.15 5.85
CA THR WF 103 -79.20 -107.35 7.12
C THR WF 103 -79.29 -106.12 8.02
N LEU WF 104 -79.37 -104.91 7.44
CA LEU WF 104 -79.59 -103.75 8.28
C LEU WF 104 -80.95 -103.82 8.96
N ILE WF 105 -81.98 -104.24 8.22
CA ILE WF 105 -83.29 -104.46 8.85
C ILE WF 105 -83.18 -105.43 10.01
N ALA WF 106 -82.52 -106.56 9.77
CA ALA WF 106 -82.36 -107.57 10.81
C ALA WF 106 -81.65 -107.00 12.04
N TRP WF 107 -80.60 -106.22 11.81
CA TRP WF 107 -79.87 -105.62 12.92
C TRP WF 107 -80.76 -104.69 13.73
N LEU WF 108 -81.49 -103.80 13.04
CA LEU WF 108 -82.41 -102.89 13.70
C LEU WF 108 -83.48 -103.63 14.49
N GLY WF 109 -83.70 -104.90 14.19
CA GLY WF 109 -84.57 -105.73 15.02
C GLY WF 109 -84.01 -106.12 16.38
N GLN WF 110 -82.69 -106.28 16.48
CA GLN WF 110 -82.07 -106.97 17.60
C GLN WF 110 -82.10 -106.15 18.90
N GLN WF 111 -81.96 -106.87 20.02
CA GLN WF 111 -81.98 -106.21 21.32
C GLN WF 111 -80.78 -105.31 21.52
N CYS WF 112 -79.60 -105.76 21.07
CA CYS WF 112 -78.40 -104.96 21.26
C CYS WF 112 -78.50 -103.61 20.57
N VAL WF 113 -79.43 -103.46 19.63
CA VAL WF 113 -79.71 -102.19 18.99
C VAL WF 113 -80.89 -101.48 19.64
N SER WF 114 -81.94 -102.22 20.01
CA SER WF 114 -83.11 -101.57 20.58
C SER WF 114 -82.81 -100.97 21.95
N ASP WF 115 -82.04 -101.67 22.79
CA ASP WF 115 -81.76 -101.19 24.14
C ASP WF 115 -81.12 -99.78 24.15
N PRO WF 116 -80.08 -99.52 23.36
CA PRO WF 116 -79.58 -98.13 23.35
C PRO WF 116 -80.51 -97.16 22.64
N VAL WF 117 -81.06 -97.53 21.49
CA VAL WF 117 -81.96 -96.63 20.77
C VAL WF 117 -83.20 -96.35 21.60
N ASP WF 118 -83.94 -97.38 21.96
CA ASP WF 118 -85.25 -97.18 22.60
C ASP WF 118 -85.11 -96.52 23.97
N SER WF 119 -84.30 -97.12 24.85
CA SER WF 119 -84.27 -96.68 26.25
C SER WF 119 -82.93 -96.13 26.70
N GLY WF 120 -81.88 -96.23 25.89
CA GLY WF 120 -80.59 -95.69 26.28
C GLY WF 120 -79.70 -96.64 27.04
N LEU WF 121 -80.07 -97.90 27.18
CA LEU WF 121 -79.21 -98.88 27.82
C LEU WF 121 -78.09 -99.26 26.88
N ASN WF 122 -76.84 -99.09 27.32
CA ASN WF 122 -75.74 -99.62 26.52
C ASN WF 122 -75.55 -101.11 26.82
N ASN WF 123 -74.85 -101.78 25.92
CA ASN WF 123 -74.61 -103.19 26.10
C ASN WF 123 -73.32 -103.41 26.87
N TYR WF 124 -73.31 -104.47 27.66
CA TYR WF 124 -72.20 -104.74 28.57
C TYR WF 124 -71.87 -106.20 28.59
N MET XF 1 -98.32 -85.84 -21.14
CA MET XF 1 -98.55 -87.28 -20.99
C MET XF 1 -98.18 -87.73 -19.59
N ARG XF 2 -98.98 -88.62 -19.02
CA ARG XF 2 -98.64 -89.27 -17.75
C ARG XF 2 -97.54 -90.30 -17.99
N LEU XF 3 -96.33 -89.99 -17.58
CA LEU XF 3 -95.19 -90.83 -17.91
C LEU XF 3 -95.31 -92.18 -17.24
N THR XF 4 -95.13 -93.23 -18.02
CA THR XF 4 -94.99 -94.59 -17.51
C THR XF 4 -93.98 -95.32 -18.38
N ASP XF 5 -93.52 -96.47 -17.87
CA ASP XF 5 -92.56 -97.28 -18.60
C ASP XF 5 -93.09 -97.57 -20.00
N VAL XF 6 -92.16 -97.70 -20.95
CA VAL XF 6 -92.55 -97.98 -22.33
C VAL XF 6 -91.74 -99.15 -22.86
N ASP XF 7 -92.32 -99.81 -23.87
CA ASP XF 7 -91.65 -100.86 -24.61
C ASP XF 7 -91.67 -100.47 -26.08
N LEU XF 8 -90.51 -100.55 -26.72
CA LEU XF 8 -90.33 -100.13 -28.10
C LEU XF 8 -90.14 -101.35 -28.99
N THR XF 9 -90.75 -101.28 -30.16
CA THR XF 9 -90.57 -102.30 -31.18
C THR XF 9 -89.41 -101.87 -32.07
N VAL XF 10 -88.32 -102.63 -32.05
CA VAL XF 10 -87.08 -102.26 -32.73
C VAL XF 10 -86.73 -103.37 -33.71
N GLY XF 11 -87.05 -103.15 -34.98
CA GLY XF 11 -86.86 -104.19 -35.96
C GLY XF 11 -87.62 -105.45 -35.58
N GLU XF 12 -86.89 -106.50 -35.24
CA GLU XF 12 -87.49 -107.76 -34.86
C GLU XF 12 -87.21 -108.13 -33.41
N GLU XF 13 -86.95 -107.14 -32.58
CA GLU XF 13 -86.77 -107.35 -31.15
C GLU XF 13 -87.62 -106.33 -30.39
N THR XF 14 -87.78 -106.57 -29.10
CA THR XF 14 -88.50 -105.65 -28.24
C THR XF 14 -87.58 -105.11 -27.16
N ARG XF 15 -87.55 -103.80 -27.03
CA ARG XF 15 -86.67 -103.08 -26.12
C ARG XF 15 -87.51 -102.51 -24.99
N GLU XF 16 -87.15 -102.80 -23.75
CA GLU XF 16 -87.96 -102.42 -22.60
C GLU XF 16 -87.25 -101.34 -21.79
N TYR XF 17 -87.85 -100.17 -21.71
CA TYR XF 17 -87.31 -99.09 -20.89
C TYR XF 17 -88.19 -98.90 -19.66
N ALA XF 18 -87.61 -98.29 -18.63
CA ALA XF 18 -88.29 -97.97 -17.40
C ALA XF 18 -87.95 -96.54 -17.01
N VAL XF 19 -88.95 -95.83 -16.45
CA VAL XF 19 -88.73 -94.46 -16.05
C VAL XF 19 -87.69 -94.42 -14.95
N SER XF 20 -86.63 -93.65 -15.17
CA SER XF 20 -85.57 -93.48 -14.18
C SER XF 20 -85.61 -92.14 -13.46
N GLU XF 21 -86.13 -91.09 -14.11
CA GLU XF 21 -86.46 -89.87 -13.35
C GLU XF 21 -87.41 -89.01 -14.18
N GLN XF 22 -88.23 -88.23 -13.47
CA GLN XF 22 -89.12 -87.28 -14.13
C GLN XF 22 -89.06 -85.96 -13.38
N GLN XF 23 -88.66 -84.90 -14.08
CA GLN XF 23 -88.64 -83.54 -13.57
C GLN XF 23 -89.63 -82.70 -14.38
N GLY XF 24 -89.65 -81.40 -14.07
CA GLY XF 24 -90.65 -80.53 -14.67
C GLY XF 24 -90.53 -80.47 -16.17
N THR XF 25 -89.30 -80.25 -16.67
CA THR XF 25 -89.03 -80.13 -18.09
C THR XF 25 -88.13 -81.23 -18.63
N LEU XF 26 -87.79 -82.23 -17.80
CA LEU XF 26 -86.84 -83.26 -18.16
C LEU XF 26 -87.35 -84.62 -17.71
N PHE XF 27 -87.02 -85.65 -18.47
CA PHE XF 27 -87.28 -87.03 -18.05
C PHE XF 27 -86.20 -87.94 -18.61
N ARG XF 28 -86.06 -89.11 -17.97
CA ARG XF 28 -85.04 -90.07 -18.30
C ARG XF 28 -85.57 -91.49 -18.12
N PHE XF 29 -85.40 -92.31 -19.15
CA PHE XF 29 -85.65 -93.74 -19.18
C PHE XF 29 -84.33 -94.51 -19.20
N VAL XF 30 -84.38 -95.74 -18.68
CA VAL XF 30 -83.23 -96.64 -18.66
C VAL XF 30 -83.66 -98.00 -19.20
N ASP XF 31 -82.77 -98.63 -20.00
CA ASP XF 31 -83.05 -99.96 -20.55
C ASP XF 31 -83.11 -100.98 -19.42
N LYS XF 32 -84.22 -101.72 -19.35
CA LYS XF 32 -84.46 -102.64 -18.24
C LYS XF 32 -83.46 -103.80 -18.20
N SER XF 33 -82.72 -104.02 -19.29
CA SER XF 33 -81.75 -105.11 -19.33
C SER XF 33 -80.43 -104.76 -18.67
N GLY XF 34 -80.34 -103.65 -17.92
CA GLY XF 34 -79.08 -103.13 -17.45
C GLY XF 34 -78.97 -103.00 -15.93
N THR XF 35 -77.74 -102.74 -15.51
CA THR XF 35 -77.37 -102.55 -14.11
C THR XF 35 -76.65 -101.21 -13.98
N VAL XF 36 -76.55 -100.70 -12.75
CA VAL XF 36 -75.64 -99.57 -12.52
C VAL XF 36 -74.23 -99.95 -12.96
N ALA XF 37 -73.82 -101.19 -12.65
CA ALA XF 37 -72.47 -101.64 -13.02
C ALA XF 37 -72.34 -101.76 -14.53
N ASN XF 38 -73.27 -102.47 -15.16
CA ASN XF 38 -73.24 -102.66 -16.61
C ASN XF 38 -74.50 -102.04 -17.20
N ASN XF 39 -74.40 -100.80 -17.66
CA ASN XF 39 -75.53 -100.13 -18.29
C ASN XF 39 -75.64 -100.52 -19.75
N THR XF 40 -76.89 -100.55 -20.23
CA THR XF 40 -77.18 -101.03 -21.57
C THR XF 40 -77.89 -100.01 -22.45
N GLY XF 41 -78.41 -98.93 -21.89
CA GLY XF 41 -79.09 -97.93 -22.67
C GLY XF 41 -79.77 -96.89 -21.83
N VAL XF 42 -79.75 -95.64 -22.28
CA VAL XF 42 -80.44 -94.56 -21.60
C VAL XF 42 -81.05 -93.64 -22.64
N PHE XF 43 -82.17 -93.04 -22.28
CA PHE XF 43 -82.81 -92.04 -23.12
C PHE XF 43 -83.23 -90.89 -22.22
N SER XF 44 -82.99 -89.66 -22.68
CA SER XF 44 -83.32 -88.49 -21.89
C SER XF 44 -83.85 -87.40 -22.82
N LEU XF 45 -84.79 -86.61 -22.30
CA LEU XF 45 -85.40 -85.53 -23.08
C LEU XF 45 -85.65 -84.33 -22.17
N GLU XF 46 -85.38 -83.14 -22.69
CA GLU XF 46 -85.56 -81.89 -21.97
C GLU XF 46 -86.13 -80.83 -22.90
N GLN XF 47 -87.07 -80.04 -22.40
CA GLN XF 47 -87.58 -78.89 -23.14
C GLN XF 47 -87.14 -77.61 -22.43
N ARG XF 48 -86.50 -76.72 -23.19
CA ARG XF 48 -86.25 -75.34 -22.76
C ARG XF 48 -87.24 -74.48 -23.51
N PHE XF 49 -88.37 -74.20 -22.85
CA PHE XF 49 -89.33 -73.25 -23.38
C PHE XF 49 -88.71 -71.86 -23.31
N GLY XF 50 -88.49 -71.25 -24.46
CA GLY XF 50 -87.72 -70.03 -24.51
C GLY XF 50 -88.50 -68.80 -24.06
N ALA XF 51 -87.79 -67.68 -24.01
CA ALA XF 51 -88.42 -66.39 -23.81
C ALA XF 51 -89.45 -66.12 -24.92
N ALA XF 52 -90.32 -65.14 -24.67
CA ALA XF 52 -91.43 -64.90 -25.59
C ALA XF 52 -90.95 -64.55 -26.99
N ASN XF 53 -89.73 -64.02 -27.12
CA ASN XF 53 -89.18 -63.72 -28.44
C ASN XF 53 -88.51 -64.91 -29.08
N SER XF 54 -87.94 -65.81 -28.27
CA SER XF 54 -87.13 -66.91 -28.78
C SER XF 54 -87.98 -68.13 -29.13
N ASN XF 55 -87.35 -69.06 -29.84
CA ASN XF 55 -87.94 -70.36 -30.11
C ASN XF 55 -87.79 -71.25 -28.88
N ARG XF 56 -88.69 -72.23 -28.77
CA ARG XF 56 -88.50 -73.24 -27.74
C ARG XF 56 -87.69 -74.39 -28.34
N LYS XF 57 -86.91 -75.03 -27.48
CA LYS XF 57 -86.01 -76.10 -27.89
C LYS XF 57 -86.38 -77.38 -27.14
N VAL XF 58 -86.36 -78.49 -27.85
CA VAL XF 58 -86.51 -79.81 -27.25
C VAL XF 58 -85.33 -80.65 -27.66
N THR XF 59 -84.65 -81.25 -26.69
CA THR XF 59 -83.46 -82.02 -26.97
C THR XF 59 -83.60 -83.42 -26.38
N MET XF 60 -83.10 -84.40 -27.13
CA MET XF 60 -83.10 -85.80 -26.74
C MET XF 60 -81.72 -86.38 -26.93
N LEU XF 61 -81.33 -87.22 -25.97
CA LEU XF 61 -80.08 -87.97 -26.03
C LEU XF 61 -80.38 -89.44 -25.81
N LEU XF 62 -79.96 -90.27 -26.76
CA LEU XF 62 -80.04 -91.72 -26.67
C LEU XF 62 -78.62 -92.26 -26.63
N THR XF 63 -78.31 -93.04 -25.59
CA THR XF 63 -76.97 -93.59 -25.43
C THR XF 63 -77.05 -95.10 -25.31
N ASP XF 64 -76.33 -95.79 -26.18
CA ASP XF 64 -76.25 -97.25 -26.16
C ASP XF 64 -74.78 -97.64 -25.94
N PRO XF 65 -74.46 -98.14 -24.76
CA PRO XF 65 -73.12 -98.66 -24.51
C PRO XF 65 -73.05 -100.17 -24.76
N VAL XF 66 -71.89 -100.59 -25.24
CA VAL XF 66 -71.59 -101.98 -25.56
C VAL XF 66 -70.21 -102.32 -25.01
N VAL XF 67 -70.06 -103.54 -24.55
CA VAL XF 67 -68.76 -104.03 -24.12
C VAL XF 67 -68.03 -104.60 -25.33
N VAL XF 68 -66.73 -104.30 -25.42
CA VAL XF 68 -65.89 -104.73 -26.53
C VAL XF 68 -64.57 -105.18 -25.96
N LYS XF 69 -64.05 -106.31 -26.46
CA LYS XF 69 -62.73 -106.75 -26.06
C LYS XF 69 -61.68 -105.82 -26.63
N ASP XF 70 -60.60 -105.62 -25.88
CA ASP XF 70 -59.52 -104.75 -26.27
C ASP XF 70 -58.43 -105.55 -26.99
N ALA XF 71 -57.53 -104.83 -27.68
CA ALA XF 71 -56.35 -105.47 -28.24
C ALA XF 71 -55.53 -106.15 -27.15
N SER XF 72 -55.51 -105.55 -25.94
CA SER XF 72 -54.88 -106.16 -24.79
C SER XF 72 -55.72 -107.28 -24.18
N GLY XF 73 -56.92 -107.54 -24.72
CA GLY XF 73 -57.84 -108.50 -24.15
C GLY XF 73 -58.77 -107.95 -23.10
N ALA XF 74 -58.38 -106.86 -22.42
CA ALA XF 74 -59.19 -106.27 -21.37
C ALA XF 74 -60.57 -105.89 -21.91
N ASP XF 75 -61.57 -105.96 -21.02
CA ASP XF 75 -62.92 -105.60 -21.41
C ASP XF 75 -63.10 -104.09 -21.29
N MET XF 76 -63.70 -103.47 -22.31
CA MET XF 76 -63.78 -102.03 -22.45
C MET XF 76 -65.18 -101.65 -22.85
N THR XF 77 -65.80 -100.73 -22.10
CA THR XF 77 -67.17 -100.31 -22.39
C THR XF 77 -67.15 -99.05 -23.25
N ILE XF 78 -67.89 -99.08 -24.36
CA ILE XF 78 -67.86 -98.03 -25.38
C ILE XF 78 -69.29 -97.56 -25.61
N LYS XF 79 -69.48 -96.25 -25.66
CA LYS XF 79 -70.80 -95.66 -25.84
C LYS XF 79 -70.92 -95.06 -27.24
N ALA XF 80 -72.10 -95.24 -27.84
CA ALA XF 80 -72.51 -94.54 -29.06
C ALA XF 80 -73.72 -93.68 -28.76
N ASN XF 81 -73.73 -92.47 -29.31
CA ASN XF 81 -74.75 -91.50 -28.94
C ASN XF 81 -75.51 -91.02 -30.16
N ALA XF 82 -76.80 -90.77 -29.96
CA ALA XF 82 -77.63 -90.08 -30.93
C ALA XF 82 -78.31 -88.94 -30.21
N SER XF 83 -78.32 -87.76 -30.81
CA SER XF 83 -78.93 -86.60 -30.19
C SER XF 83 -79.80 -85.89 -31.20
N VAL XF 84 -81.04 -85.59 -30.81
CA VAL XF 84 -81.99 -84.90 -31.66
C VAL XF 84 -82.37 -83.58 -30.98
N THR XF 85 -82.52 -82.53 -31.77
CA THR XF 85 -82.91 -81.22 -31.25
C THR XF 85 -83.93 -80.59 -32.18
N PHE XF 86 -85.08 -80.24 -31.63
CA PHE XF 86 -86.15 -79.54 -32.34
C PHE XF 86 -86.13 -78.08 -31.92
N SER XF 87 -85.91 -77.20 -32.88
CA SER XF 87 -86.05 -75.76 -32.66
C SER XF 87 -87.37 -75.35 -33.28
N LEU XF 88 -88.31 -74.98 -32.43
CA LEU XF 88 -89.68 -74.71 -32.83
C LEU XF 88 -90.06 -73.30 -32.42
N PRO XF 89 -90.24 -72.39 -33.38
CA PRO XF 89 -90.72 -71.05 -33.06
C PRO XF 89 -92.15 -71.09 -32.55
N LYS XF 90 -92.49 -70.10 -31.72
CA LYS XF 90 -93.81 -70.09 -31.12
C LYS XF 90 -94.92 -69.96 -32.16
N THR XF 91 -94.73 -69.08 -33.14
CA THR XF 91 -95.75 -68.84 -34.16
C THR XF 91 -95.94 -70.02 -35.09
N TYR XF 92 -95.04 -70.99 -35.08
CA TYR XF 92 -95.16 -72.16 -35.92
C TYR XF 92 -96.31 -73.05 -35.45
N PRO XF 93 -97.17 -73.55 -36.34
CA PRO XF 93 -98.36 -74.27 -35.87
C PRO XF 93 -98.08 -75.71 -35.47
N ASN XF 94 -98.73 -76.13 -34.38
CA ASN XF 94 -98.53 -77.47 -33.83
C ASN XF 94 -98.72 -78.55 -34.87
N GLU XF 95 -99.63 -78.34 -35.82
CA GLU XF 95 -99.86 -79.31 -36.88
C GLU XF 95 -98.60 -79.56 -37.70
N HIS XF 96 -98.01 -78.48 -38.26
CA HIS XF 96 -96.79 -78.65 -39.03
C HIS XF 96 -95.62 -79.13 -38.19
N ILE XF 97 -95.65 -78.91 -36.87
CA ILE XF 97 -94.64 -79.53 -36.02
C ILE XF 97 -94.75 -81.06 -36.05
N THR XF 98 -95.97 -81.59 -35.83
CA THR XF 98 -96.13 -83.05 -35.91
C THR XF 98 -95.70 -83.56 -37.27
N LYS XF 99 -96.02 -82.80 -38.33
CA LYS XF 99 -95.55 -83.15 -39.68
C LYS XF 99 -94.03 -83.28 -39.71
N LEU XF 100 -93.32 -82.29 -39.16
CA LEU XF 100 -91.87 -82.31 -39.13
C LEU XF 100 -91.34 -83.57 -38.43
N ARG XF 101 -91.90 -83.87 -37.25
CA ARG XF 101 -91.42 -85.03 -36.49
C ARG XF 101 -91.62 -86.32 -37.29
N GLN XF 102 -92.79 -86.47 -37.93
CA GLN XF 102 -93.05 -87.69 -38.66
C GLN XF 102 -92.13 -87.82 -39.88
N THR XF 103 -91.91 -86.71 -40.61
CA THR XF 103 -90.98 -86.78 -41.74
C THR XF 103 -89.57 -87.12 -41.28
N LEU XF 104 -89.17 -86.68 -40.07
CA LEU XF 104 -87.86 -87.06 -39.57
C LEU XF 104 -87.80 -88.56 -39.30
N ILE XF 105 -88.85 -89.13 -38.71
CA ILE XF 105 -88.88 -90.59 -38.53
C ILE XF 105 -88.73 -91.29 -39.88
N ALA XF 106 -89.49 -90.83 -40.87
CA ALA XF 106 -89.43 -91.42 -42.21
C ALA XF 106 -88.02 -91.37 -42.77
N TRP XF 107 -87.37 -90.21 -42.67
CA TRP XF 107 -86.01 -90.07 -43.17
C TRP XF 107 -85.06 -91.03 -42.46
N LEU XF 108 -85.17 -91.11 -41.14
CA LEU XF 108 -84.30 -91.99 -40.36
C LEU XF 108 -84.46 -93.44 -40.76
N GLY XF 109 -85.62 -93.80 -41.31
CA GLY XF 109 -85.81 -95.13 -41.85
C GLY XF 109 -85.12 -95.41 -43.17
N GLN XF 110 -84.86 -94.36 -43.96
CA GLN XF 110 -84.42 -94.50 -45.33
C GLN XF 110 -83.01 -95.09 -45.42
N GLN XF 111 -82.72 -95.69 -46.57
CA GLN XF 111 -81.41 -96.28 -46.77
C GLN XF 111 -80.33 -95.21 -46.97
N CYS XF 112 -80.67 -94.09 -47.61
CA CYS XF 112 -79.68 -93.02 -47.79
C CYS XF 112 -79.24 -92.45 -46.46
N VAL XF 113 -80.02 -92.63 -45.41
CA VAL XF 113 -79.63 -92.22 -44.06
C VAL XF 113 -78.98 -93.37 -43.31
N SER XF 114 -79.50 -94.59 -43.47
CA SER XF 114 -78.97 -95.71 -42.69
C SER XF 114 -77.56 -96.10 -43.14
N ASP XF 115 -77.32 -96.11 -44.45
CA ASP XF 115 -76.00 -96.54 -44.94
C ASP XF 115 -74.85 -95.72 -44.36
N PRO XF 116 -74.87 -94.39 -44.35
CA PRO XF 116 -73.76 -93.68 -43.70
C PRO XF 116 -73.76 -93.83 -42.18
N VAL XF 117 -74.94 -93.78 -41.55
CA VAL XF 117 -75.01 -93.92 -40.09
C VAL XF 117 -74.56 -95.32 -39.68
N ASP XF 118 -75.16 -96.35 -40.25
CA ASP XF 118 -74.92 -97.71 -39.78
C ASP XF 118 -73.53 -98.20 -40.17
N SER XF 119 -73.13 -98.02 -41.43
CA SER XF 119 -71.94 -98.65 -41.96
C SER XF 119 -70.83 -97.68 -42.33
N GLY XF 120 -71.06 -96.37 -42.25
CA GLY XF 120 -70.03 -95.41 -42.59
C GLY XF 120 -69.77 -95.23 -44.07
N LEU XF 121 -70.63 -95.77 -44.93
CA LEU XF 121 -70.50 -95.58 -46.37
C LEU XF 121 -71.30 -94.36 -46.79
N ASN XF 122 -70.66 -93.49 -47.58
CA ASN XF 122 -71.37 -92.33 -48.09
C ASN XF 122 -72.20 -92.70 -49.33
N ASN XF 123 -73.11 -91.81 -49.68
CA ASN XF 123 -73.96 -92.03 -50.84
C ASN XF 123 -73.31 -91.44 -52.09
N TYR XF 124 -73.82 -91.86 -53.24
CA TYR XF 124 -73.26 -91.46 -54.53
C TYR XF 124 -74.33 -91.41 -55.65
#